data_6QL5
#
_entry.id   6QL5
#
_cell.length_a   1.0
_cell.length_b   1.0
_cell.length_c   1.0
_cell.angle_alpha   90.0
_cell.angle_beta   90.0
_cell.angle_gamma   90.0
#
_symmetry.space_group_name_H-M   'P 1'
#
loop_
_entity.id
_entity.type
_entity.pdbx_description
1 polymer 'Fatty acid synthase subunit alpha'
2 polymer 'Fatty acid synthase subunit beta'
3 polymer 'Translation machinery-associated protein 17'
4 non-polymer "4'-PHOSPHOPANTETHEINE"
5 non-polymer 'FLAVIN MONONUCLEOTIDE'
#
loop_
_entity_poly.entity_id
_entity_poly.type
_entity_poly.pdbx_seq_one_letter_code
_entity_poly.pdbx_strand_id
1 'polypeptide(L)'
;MKPEVEQELAHILLTELLAYQFASPVRWIETQDVFLKDFNTERVVEIGPSPTLAGMAQRTLKNKYESYDAALSLHREILC
YSKDAKEIYYTPDPSELAAKEEPAKEEAPAPTPAASAPAPAAAAPAPVAAAAPAAAAAEIADEPVKASLLLHVLVAHKLK
KSLDSIPMSKTIKDLVGGKSTVQNEILGDLGKEFGTTPEKPEETPLEELAETFQDTFSGALGKQSSSLLSRLISSKMPGG
FTITVARKYLQTRWGLPSGRQDGVLLVALSNEPAARLGSEADAKAFLDSMAQKYASIVGVDLSSAASASGAAGAGAAAGA
AMIDAGALEEITKDHKVLARQQLQVLARYLKMDLDNGERKFLKEKDTVAELQAQLDYLNAELGEFFVNGVATSFSRKKAR
TFDSSWNWAKQSLLSLYFEIIHGVLKNVDREVVSEAINIMNRSNDALIKFMEYHISNTDETKGENYQLVKTLGEQLIENC
KQVLDVDPVYKDVAKPTGPKTAIDKNGNITYSEEPREKVRKLSQYVQEMALGGPITKESQPTIEEDLTRVYKAISAQADK
QDISSSTRVEFEKLYSDLMKFLESSKEIDPSQTTQLAGMDVEDALDKDSTKEVASLPNKSTISKTVSSTIPRETIPFLHL
RKKTPAGDWKYDRQLSSLFLDGLEKAAFNGVTFKDKYVLITGAGKGSIGAEVLQGLLQGGAKVVVTTSRFSKQVTDYYQS
IYAKYGAKGSTLIVVPFNQGSKQDVEALIEFIYDTEKNGGLGWDLDAIIPFAAIPEQGIELEHIDSKSEFAHRIMLTNIL
RMMGCVKKQKSARGIETRPAQVILPMSPNHGTFGGDGMYSESKLSLETLFNRWHSESWANQLTVCGAIIGWTRGTGLMSA
NNIIAEGIEKMGVRTFSQKEMAFNLLGLLTPEVVELCQKSPVMADLNGGLQFVPELKEFTAKLRKELVETSEVRKAVSIE
TALEHKVVNGNSADAAYAQVEIQPRANIQLDFPELKPYKQVKQIAPAELEGLLDLERVIVVTGFAEVGPWGSARTRWEME
AFGEFSLEGCVEMAWIMGFISYHNGNLKGRPYTGWVDSKTKEPVDDKDVKAKYETSILEHSGIRLIEPELFNGYNPEKKE
MIQEVIVEEDLEPFEASKETAEQFKHQHGDKVDIFEIPETGEYSVKLLKGATLYIPKALRFDRLVAGQIPTGWNAKTYGI
SDDIISQVDPITLFVLVSVVEAFIASGITDPYEMYKYVHVSEVGNCSGSGMGGVSALRGMFKDRFKDEPVQNDILQESFI
NTMSAWVNMLLISSSGPIKTPVGACATSVESVDIGVETILSGKARICIVGGYDDFQEEGSFEFGNMKATSNTLEEFEHGR
TPAEMSRPATTTRNGFMEAQGAGIQIIMQADLALKMGVPIYGIVAMAATATDKIGRSVPAPGKGILTTAREHHSSVKYAS
PNLNMKYRKRQLVTREAQIKDWVENELEALKLEAEEIPSEDQNEFLLERTREIHNEAESQLRAAQQQWGNDFYKRDPRIA
PLRGALATYGLTIDDLGVASFHGTSTKANDKNESATINEMMKHLGRSEGNPVIGVFQKFLTGHPKGAAGAWMMNGALQIL
NSGIIPGNRNADNVDKILEQFEYVLYPSKTLKTDGVRAVSITSFGFGQKGGQAIVVHPDYLYGAITEDRYNEYVAKVSAR
EKSAYKFFHNGMIYNKLFVSKEHAPYTDELEEDVYLDPLARVSKDKKSGSLTFNSKNIQSKDSYINANTIETAKMIENMT
KEKVSNGGVGVDVELITSINVENDTFIERNFTPQEIEYCSAQPSVQSSFAGTWSAKEAVFKSLGVKSLGGGAALKDIEIV
RVNKNAPAVELHGNAKKAAEEAGVTDVKVSISHDDLQAVAVAVSTKK
;
A,B,C,D,E,F
2 'polypeptide(L)'
;STRPLTLSHGSLEHVLLVPTASFFIASQLQEQFNKILPEPTEGFAADDEPTTPAELVGKFLGYVSSLVEPSKVGQFDQVL
NLCLTEFENCYLEGNDIHALAAKLLQENDTTLVKTKELIKNYITARIMAKRPFDKKSNSALFRAVGEGNAQLVAIFGGQG
NTDDYFEELRDLYQTYHVLVGDLIKFSAETLSELIRTTLDAEKVFTQGLNILEWLENPSNTPDKDYLLSIPISCPLIGVI
QLAHYVVTAKLLGFTPGELRSYLKGATGHSQGLVTAVAIAETDSWESFFVSVRKAITVLFFIGVRCYEAYPNTSLPPSIL
EDSLENNEGVPSPMLSISNLTQEQVQDYVNKTNSHLPAGKQVEISLVNGAKNLVVSGPPQSLYGLNLTLRKAKAPSGLDQ
SRIPFSERKLKFSNRFLPVASPFHSHLLVPASDLINKDLVKNNVSFNAKDIQIPVYDTFDGSDLRVLSGSISERIVDCII
RLPVKWETTTQFKATHILDFGPGGASGLGVLTHRNKDGTGVRVIVAGTLDINPDDDYGFKQEIFDVTSNGLKKNPNWLEE
YHPKLIKNKSGKIFVETKFSKLIGRPPLLVPGMTPCTVSPDFVAATTNAGYTIELAGGGYFSAAGMTAAIDSVVSQIEKG
STFGINLIYVNPFMLQWGIPLIKELRSKGYPIQFLTIGAGVPSLEVASEYIETLGLKYLGLKPGSIDAISQVINIAKAHP
NFPIALQWTGGRGGGHHSFEDAHTPMLQMYSKIRRHPNIMLIFGSGFGSADDTYPYLTGEWSTKFDYPPMPFDGFLFGSR
VMIAKEVKTSPDAKKCIAACTGVPDDKWEQTYKKPTGGIVTVRSEMGEPIHKIATRGVMLWKEFDETIFNLPKNKLVPTL
EAKRDYIISRLNADFQKPWFATVNGQARDLATMTYEEVAKRLVELMFIRSTNSWFDVTWRTFTGDFLRRVEERFTKSKTL
SLIQSYSLLDKPDEAIEKVFNAYPAAREQFLNAQDIDHFLSMCQNPMQKPVPFVPVLDRRFEIFFKKDSLWQSEHLEAVV
DQDVQRTCILHGPVAAQFTKVIDEPIKSIMDGIHDGHIKKLLHQYYGDDESKIPAVEYFGGESPVDVQSDSEDSAVFKAT
SSTDEESWFKALAGSEINWRHASFLCSFITQDKMFVSNPIRKVFKPSQGMVVEISNGNTSSKTVVTLSEPVQGELKPTVI
LKLLKENIIQMEMIENRTMDGKPVSLPLLYNFNPDNGFAPISEVMEDRNQRIKEMYWKLWIDEPFNLDFDPRDVIKGKDF
EITAKEVYDFTHAVGNNCEDFVSRPDRTMLAPMDFAIVVGWRAIIKAIFPNTVDGDLLKLVHLSNGYKMIPGAKPLQVGD
VVSTTAVIESVVNQPTGKIVDVVGTLSRNGKPVMEVTSSFFYRGNYTDFENTFQKTVEPVYQMHIKTSKDIAVLRSKEWF
QLDDEDFDLLNKTLTFETETEVTFKNANIFSSVKCFGPIKVELPTKETVEIGIVDYEAGASHGNPVVDFLKRNGSTLEQK
VNLENPIPIAVLDSYTPSTNEPYARVSGDLNPIHVSRHFASYANLPGTITHGMFSSASVRALIENWAADSVSSRVRGYTC
QFVDMVLPNTALKTSIQHVGMINGRKLIKFETRNEDDVVVLTGEAEIEQPVTTFVFTGQGSQEQGMGMDLYKTSKAAQDV
WNRADNHFKDTYGFSILDIVINNPVNLTIHFGGEKGKRIRENYSAMIFETIVDGKLKTEKIFKEINEHSTSYTFRSEKGL
LSATQFTQPALTLMEKAAFEDLKSKGLIPADATFAGHSLGEYAALASLADVMSIESLVEVVFYRGMTMQVAVPRDELGRS
NYGMIAINPGRVAASFSQEALQYVVERVGKRTGWLVEIVNYNVENQQYVAAGDLRALDTVTNVLNFIKLQKIDIIELQKS
LSLEEVEGHLFEIIDEASKKSAVKPRPLKLERGFACIPLVGISVPFHSTYLMNGVKPFKSFLKKNIIKENVKVARLAGKY
IPNLTAKPFQVTKEYFQDVYDLTGSEPIKEIIDNWEKYEQ
;
G,H,I,J,K,L
3 'polypeptide(L)'
;SAGGIRRPIQIEEFKTAISGMSDMELAQIKTEIENSINHLQRSNARLGKYIAKLEGADDRLEADDSDDLENIDSGDLALY
KDSVRENEIVLNNYNERVDALEQETVYRKTGHGKSKHEVEAKDNTNKGPDVDMDNSNVDVVTPNSIFI
;
M,N,O,P,Q,R
#
# COMPACT_ATOMS: atom_id res chain seq x y z
N MET A 1 61.01 -67.01 -90.83
CA MET A 1 59.97 -67.64 -89.95
C MET A 1 58.67 -66.84 -90.04
N LYS A 2 57.58 -67.50 -90.44
CA LYS A 2 56.20 -66.92 -90.51
C LYS A 2 55.81 -66.42 -89.13
N PRO A 3 55.17 -65.23 -88.98
CA PRO A 3 54.74 -64.75 -87.66
C PRO A 3 53.84 -65.73 -86.87
N GLU A 4 52.87 -66.36 -87.54
CA GLU A 4 51.93 -67.39 -86.95
C GLU A 4 52.71 -68.46 -86.17
N VAL A 5 53.86 -68.86 -86.70
CA VAL A 5 54.77 -69.90 -86.14
C VAL A 5 55.60 -69.31 -85.00
N GLU A 6 56.35 -68.23 -85.30
CA GLU A 6 57.15 -67.45 -84.32
C GLU A 6 56.33 -67.26 -83.02
N GLN A 7 55.02 -67.01 -83.17
CA GLN A 7 54.05 -66.83 -82.06
C GLN A 7 53.82 -68.15 -81.33
N GLU A 8 53.57 -69.23 -82.09
CA GLU A 8 53.41 -70.61 -81.56
C GLU A 8 54.58 -70.95 -80.63
N LEU A 9 55.79 -70.65 -81.07
CA LEU A 9 57.05 -71.09 -80.40
C LEU A 9 57.31 -70.21 -79.18
N ALA A 10 57.17 -68.89 -79.33
CA ALA A 10 57.26 -67.93 -78.20
C ALA A 10 56.31 -68.37 -77.08
N HIS A 11 55.08 -68.74 -77.43
CA HIS A 11 54.06 -69.32 -76.51
C HIS A 11 54.64 -70.53 -75.78
N ILE A 12 55.14 -71.52 -76.51
CA ILE A 12 55.78 -72.74 -75.92
C ILE A 12 56.87 -72.28 -74.95
N LEU A 13 57.87 -71.56 -75.44
CA LEU A 13 59.06 -71.18 -74.64
C LEU A 13 58.64 -70.44 -73.38
N LEU A 14 57.74 -69.46 -73.52
CA LEU A 14 57.29 -68.55 -72.42
C LEU A 14 56.64 -69.39 -71.31
N THR A 15 55.78 -70.35 -71.70
CA THR A 15 55.11 -71.35 -70.82
C THR A 15 56.17 -72.18 -70.07
N GLU A 16 57.20 -72.67 -70.76
CA GLU A 16 58.26 -73.53 -70.14
C GLU A 16 59.19 -72.71 -69.25
N LEU A 17 59.57 -71.50 -69.66
CA LEU A 17 60.38 -70.57 -68.82
C LEU A 17 59.70 -70.38 -67.46
N LEU A 18 58.38 -70.17 -67.44
CA LEU A 18 57.58 -69.87 -66.22
C LEU A 18 57.39 -71.13 -65.39
N ALA A 19 56.98 -72.23 -66.03
CA ALA A 19 56.75 -73.57 -65.44
C ALA A 19 57.93 -73.92 -64.52
N TYR A 20 59.13 -73.99 -65.10
CA TYR A 20 60.39 -74.49 -64.48
C TYR A 20 61.01 -73.43 -63.58
N GLN A 21 60.64 -72.17 -63.75
CA GLN A 21 61.22 -71.00 -63.02
C GLN A 21 61.40 -71.30 -61.51
N PHE A 22 60.48 -72.03 -60.88
CA PHE A 22 60.50 -72.23 -59.40
C PHE A 22 61.23 -73.54 -59.04
N ALA A 23 61.72 -74.24 -60.06
CA ALA A 23 62.42 -75.54 -59.97
C ALA A 23 63.86 -75.37 -60.48
N SER A 24 64.33 -74.14 -60.61
CA SER A 24 65.72 -73.78 -60.99
C SER A 24 66.13 -72.56 -60.20
N PRO A 25 67.42 -72.23 -60.11
CA PRO A 25 67.82 -71.10 -59.27
C PRO A 25 67.59 -69.80 -60.04
N VAL A 26 67.34 -68.72 -59.32
CA VAL A 26 67.09 -67.35 -59.84
C VAL A 26 68.46 -66.71 -60.12
N ARG A 27 68.79 -66.52 -61.39
CA ARG A 27 70.13 -66.03 -61.83
C ARG A 27 70.11 -64.49 -61.91
N TRP A 28 70.02 -63.83 -60.77
CA TRP A 28 69.87 -62.35 -60.68
C TRP A 28 71.24 -61.65 -60.81
N ILE A 29 72.36 -62.31 -60.50
CA ILE A 29 73.72 -61.79 -60.83
C ILE A 29 73.78 -61.57 -62.34
N GLU A 30 73.60 -62.64 -63.12
CA GLU A 30 73.77 -62.59 -64.59
C GLU A 30 72.75 -61.61 -65.16
N THR A 31 71.55 -61.55 -64.57
CA THR A 31 70.43 -60.68 -65.03
C THR A 31 70.88 -59.22 -64.90
N GLN A 32 71.21 -58.78 -63.70
CA GLN A 32 71.79 -57.44 -63.45
C GLN A 32 72.84 -57.13 -64.54
N ASP A 33 73.77 -58.06 -64.79
CA ASP A 33 74.92 -57.85 -65.71
C ASP A 33 74.46 -57.90 -67.18
N VAL A 34 73.18 -58.13 -67.45
CA VAL A 34 72.62 -58.06 -68.84
C VAL A 34 72.05 -56.67 -69.05
N PHE A 35 71.33 -56.14 -68.06
CA PHE A 35 70.61 -54.86 -68.20
C PHE A 35 71.54 -53.70 -67.77
N LEU A 36 72.51 -53.92 -66.88
CA LEU A 36 73.50 -52.88 -66.51
C LEU A 36 74.59 -52.76 -67.58
N LYS A 37 75.10 -53.87 -68.13
CA LYS A 37 76.19 -53.84 -69.14
C LYS A 37 75.63 -53.83 -70.56
N ASP A 38 74.99 -54.92 -71.00
CA ASP A 38 74.69 -55.20 -72.43
C ASP A 38 73.54 -54.31 -72.96
N PHE A 39 72.87 -53.52 -72.11
CA PHE A 39 71.87 -52.50 -72.51
C PHE A 39 72.24 -51.09 -72.03
N ASN A 40 73.23 -50.96 -71.14
CA ASN A 40 73.71 -49.67 -70.59
C ASN A 40 72.50 -48.87 -70.10
N THR A 41 71.67 -49.53 -69.30
CA THR A 41 70.48 -48.94 -68.66
C THR A 41 70.91 -47.73 -67.82
N GLU A 42 70.35 -46.55 -68.14
CA GLU A 42 70.69 -45.27 -67.49
C GLU A 42 69.73 -45.05 -66.31
N ARG A 43 68.74 -45.93 -66.12
CA ARG A 43 67.64 -45.74 -65.14
C ARG A 43 66.99 -47.10 -64.86
N VAL A 44 67.14 -47.65 -63.65
CA VAL A 44 66.39 -48.87 -63.22
C VAL A 44 65.26 -48.40 -62.30
N VAL A 45 64.04 -48.81 -62.62
CA VAL A 45 62.83 -48.50 -61.81
C VAL A 45 62.44 -49.80 -61.11
N GLU A 46 62.51 -49.85 -59.79
CA GLU A 46 62.07 -51.04 -59.03
C GLU A 46 60.58 -50.84 -58.72
N ILE A 47 59.70 -51.61 -59.36
CA ILE A 47 58.25 -51.66 -59.02
C ILE A 47 58.14 -52.67 -57.89
N GLY A 48 57.64 -52.25 -56.74
CA GLY A 48 57.53 -53.14 -55.58
C GLY A 48 57.30 -52.34 -54.30
N PRO A 49 56.77 -52.99 -53.26
CA PRO A 49 56.42 -52.30 -52.01
C PRO A 49 57.61 -51.81 -51.17
N SER A 50 58.71 -52.55 -51.14
CA SER A 50 59.98 -52.14 -50.47
C SER A 50 61.07 -52.01 -51.54
N PRO A 51 62.22 -51.38 -51.22
CA PRO A 51 63.33 -51.25 -52.18
C PRO A 51 64.43 -52.34 -52.11
N THR A 52 64.10 -53.62 -52.38
CA THR A 52 65.06 -54.75 -52.23
C THR A 52 66.04 -54.72 -53.41
N LEU A 53 65.52 -54.77 -54.64
CA LEU A 53 66.29 -54.88 -55.91
C LEU A 53 67.01 -53.58 -56.28
N ALA A 54 66.59 -52.45 -55.72
CA ALA A 54 67.25 -51.14 -55.84
C ALA A 54 68.48 -51.12 -54.93
N GLY A 55 68.36 -51.65 -53.71
CA GLY A 55 69.52 -51.96 -52.84
C GLY A 55 70.53 -52.84 -53.55
N MET A 56 70.09 -53.88 -54.26
CA MET A 56 70.96 -54.89 -54.90
C MET A 56 71.67 -54.28 -56.12
N ALA A 57 70.99 -53.43 -56.88
CA ALA A 57 71.56 -52.75 -58.08
C ALA A 57 72.60 -51.73 -57.60
N GLN A 58 72.31 -50.97 -56.55
CA GLN A 58 73.25 -49.99 -55.94
C GLN A 58 74.54 -50.72 -55.58
N ARG A 59 74.45 -51.84 -54.87
CA ARG A 59 75.62 -52.63 -54.41
C ARG A 59 76.34 -53.25 -55.61
N THR A 60 75.63 -53.80 -56.60
CA THR A 60 76.25 -54.40 -57.81
C THR A 60 76.97 -53.33 -58.63
N LEU A 61 76.46 -52.10 -58.68
CA LEU A 61 77.04 -51.01 -59.53
C LEU A 61 78.36 -50.58 -58.91
N LYS A 62 78.38 -50.44 -57.59
CA LYS A 62 79.56 -50.02 -56.80
C LYS A 62 80.67 -51.08 -56.85
N ASN A 63 80.31 -52.37 -56.81
CA ASN A 63 81.24 -53.52 -56.70
C ASN A 63 82.01 -53.72 -58.00
N LYS A 64 81.39 -53.60 -59.19
CA LYS A 64 82.10 -53.97 -60.44
C LYS A 64 81.76 -53.09 -61.64
N TYR A 65 81.14 -51.93 -61.45
CA TYR A 65 80.75 -51.05 -62.58
C TYR A 65 81.30 -49.61 -62.37
N GLU A 66 82.13 -49.36 -61.33
CA GLU A 66 82.77 -48.04 -61.09
C GLU A 66 83.62 -47.66 -62.30
N SER A 67 84.53 -48.53 -62.70
CA SER A 67 85.50 -48.30 -63.81
C SER A 67 84.81 -48.36 -65.19
N TYR A 68 83.75 -49.16 -65.34
CA TYR A 68 82.98 -49.30 -66.61
C TYR A 68 82.15 -48.03 -66.87
N ASP A 69 81.47 -47.51 -65.83
CA ASP A 69 80.56 -46.34 -65.93
C ASP A 69 81.38 -45.09 -66.25
N ALA A 70 82.44 -44.82 -65.46
CA ALA A 70 83.32 -43.63 -65.61
C ALA A 70 83.87 -43.57 -67.05
N ALA A 71 84.21 -44.72 -67.65
CA ALA A 71 84.82 -44.85 -68.99
C ALA A 71 83.80 -44.64 -70.12
N LEU A 72 82.49 -44.61 -69.84
CA LEU A 72 81.40 -44.28 -70.80
C LEU A 72 80.78 -42.91 -70.45
N SER A 73 81.19 -42.29 -69.32
CA SER A 73 80.59 -41.07 -68.71
C SER A 73 79.07 -41.29 -68.55
N LEU A 74 78.71 -42.45 -67.99
CA LEU A 74 77.34 -42.99 -67.92
C LEU A 74 76.80 -42.79 -66.49
N HIS A 75 76.07 -41.71 -66.28
CA HIS A 75 75.37 -41.42 -65.00
C HIS A 75 74.15 -42.34 -64.96
N ARG A 76 73.91 -43.01 -63.82
CA ARG A 76 72.89 -44.08 -63.65
C ARG A 76 71.97 -43.75 -62.47
N GLU A 77 70.68 -44.01 -62.64
CA GLU A 77 69.61 -43.64 -61.68
C GLU A 77 68.97 -44.95 -61.20
N ILE A 78 68.87 -45.16 -59.88
CA ILE A 78 68.23 -46.37 -59.29
C ILE A 78 67.04 -45.92 -58.45
N LEU A 79 65.83 -46.18 -58.92
CA LEU A 79 64.60 -45.59 -58.34
C LEU A 79 63.66 -46.71 -57.92
N CYS A 80 63.31 -46.75 -56.64
CA CYS A 80 62.18 -47.54 -56.11
C CYS A 80 60.86 -46.79 -56.33
N TYR A 81 59.78 -47.49 -56.68
CA TYR A 81 58.42 -46.93 -56.82
C TYR A 81 57.92 -46.40 -55.48
N SER A 82 58.20 -47.11 -54.39
CA SER A 82 57.67 -46.84 -53.03
C SER A 82 58.27 -45.56 -52.45
N LYS A 83 59.57 -45.34 -52.68
CA LYS A 83 60.42 -44.33 -51.98
C LYS A 83 60.63 -43.10 -52.85
N ASP A 84 60.69 -43.25 -54.18
CA ASP A 84 61.09 -42.19 -55.17
C ASP A 84 59.95 -41.91 -56.16
N ALA A 85 58.69 -41.87 -55.71
CA ALA A 85 57.50 -41.64 -56.57
C ALA A 85 57.61 -40.30 -57.30
N LYS A 86 58.01 -39.26 -56.58
CA LYS A 86 58.16 -37.87 -57.07
C LYS A 86 59.13 -37.79 -58.27
N GLU A 87 60.22 -38.54 -58.27
CA GLU A 87 61.16 -38.60 -59.42
C GLU A 87 60.52 -39.31 -60.61
N ILE A 88 59.69 -40.33 -60.37
CA ILE A 88 59.14 -41.25 -61.41
C ILE A 88 57.93 -40.57 -62.07
N TYR A 89 57.07 -39.95 -61.25
CA TYR A 89 55.77 -39.37 -61.67
C TYR A 89 55.96 -37.96 -62.21
N TYR A 90 57.15 -37.36 -62.02
CA TYR A 90 57.45 -35.93 -62.26
C TYR A 90 56.38 -35.08 -61.58
N THR A 91 56.44 -35.00 -60.23
CA THR A 91 55.51 -34.21 -59.38
C THR A 91 56.26 -33.71 -58.16
N PRO A 92 57.22 -32.76 -58.31
CA PRO A 92 57.90 -32.17 -57.15
C PRO A 92 56.95 -31.27 -56.35
N ASP A 93 57.28 -31.08 -55.07
CA ASP A 93 56.71 -30.01 -54.18
C ASP A 93 57.47 -28.70 -54.44
N PRO A 94 56.87 -27.51 -54.18
CA PRO A 94 57.57 -26.22 -54.33
C PRO A 94 58.60 -25.96 -53.21
N ILE A 140 58.05 4.17 -27.92
CA ILE A 140 58.61 2.78 -28.04
C ILE A 140 60.08 2.80 -27.56
N ALA A 141 60.46 1.76 -26.80
CA ALA A 141 61.73 1.62 -26.04
C ALA A 141 62.96 1.64 -26.98
N ASP A 142 64.01 2.37 -26.58
CA ASP A 142 65.29 2.54 -27.34
C ASP A 142 66.22 1.33 -27.07
N GLU A 143 66.83 0.78 -28.11
CA GLU A 143 67.73 -0.40 -28.06
C GLU A 143 68.89 -0.21 -29.06
N PRO A 144 70.17 -0.26 -28.62
CA PRO A 144 71.30 -0.21 -29.57
C PRO A 144 71.25 -1.40 -30.54
N VAL A 145 71.59 -1.15 -31.82
CA VAL A 145 71.59 -2.17 -32.92
C VAL A 145 72.45 -3.38 -32.49
N LYS A 146 71.99 -4.57 -32.87
CA LYS A 146 72.74 -5.84 -32.78
C LYS A 146 73.82 -5.87 -33.87
N ALA A 147 74.93 -6.58 -33.60
CA ALA A 147 75.98 -6.93 -34.58
C ALA A 147 75.39 -7.89 -35.63
N SER A 148 74.47 -8.77 -35.21
CA SER A 148 73.89 -9.87 -36.03
C SER A 148 73.08 -9.28 -37.21
N LEU A 149 72.44 -8.11 -37.01
CA LEU A 149 71.71 -7.34 -38.05
C LEU A 149 72.73 -6.62 -38.94
N LEU A 150 73.60 -5.79 -38.33
CA LEU A 150 74.59 -4.90 -38.99
C LEU A 150 75.50 -5.72 -39.93
N LEU A 151 76.04 -6.84 -39.45
CA LEU A 151 76.89 -7.79 -40.23
C LEU A 151 76.10 -8.29 -41.44
N HIS A 152 74.84 -8.72 -41.24
CA HIS A 152 73.93 -9.26 -42.29
C HIS A 152 73.78 -8.23 -43.43
N VAL A 153 73.60 -6.96 -43.05
CA VAL A 153 73.34 -5.78 -43.93
C VAL A 153 74.59 -5.43 -44.74
N LEU A 154 75.73 -5.28 -44.05
CA LEU A 154 77.07 -5.01 -44.66
C LEU A 154 77.40 -6.07 -45.72
N VAL A 155 77.18 -7.35 -45.42
CA VAL A 155 77.40 -8.48 -46.38
C VAL A 155 76.36 -8.38 -47.51
N ALA A 156 75.06 -8.28 -47.17
CA ALA A 156 73.93 -8.18 -48.12
C ALA A 156 74.19 -7.07 -49.15
N HIS A 157 74.62 -5.89 -48.68
CA HIS A 157 74.88 -4.70 -49.51
C HIS A 157 76.04 -4.97 -50.49
N LYS A 158 77.12 -5.65 -50.06
CA LYS A 158 78.32 -5.89 -50.90
C LYS A 158 78.06 -6.95 -51.98
N LEU A 159 77.06 -7.83 -51.78
CA LEU A 159 76.69 -8.92 -52.73
C LEU A 159 75.56 -8.48 -53.66
N LYS A 160 75.04 -7.26 -53.54
CA LYS A 160 73.90 -6.73 -54.34
C LYS A 160 72.74 -7.73 -54.22
N LYS A 161 72.36 -8.09 -52.99
CA LYS A 161 71.40 -9.18 -52.67
C LYS A 161 70.55 -8.81 -51.46
N SER A 162 69.37 -9.44 -51.38
CA SER A 162 68.29 -9.17 -50.40
C SER A 162 68.62 -9.78 -49.04
N LEU A 163 68.18 -9.11 -47.97
CA LEU A 163 68.52 -9.35 -46.53
C LEU A 163 68.05 -10.75 -46.07
N ASP A 164 67.30 -11.50 -46.90
CA ASP A 164 66.86 -12.90 -46.58
C ASP A 164 67.45 -13.93 -47.58
N SER A 165 67.92 -13.51 -48.75
CA SER A 165 68.62 -14.38 -49.73
C SER A 165 70.01 -14.82 -49.18
N ILE A 166 70.56 -14.10 -48.21
CA ILE A 166 71.74 -14.51 -47.39
C ILE A 166 71.24 -15.23 -46.14
N PRO A 167 71.46 -16.56 -46.01
CA PRO A 167 71.25 -17.25 -44.74
C PRO A 167 72.47 -17.04 -43.82
N MET A 168 72.23 -16.77 -42.54
CA MET A 168 73.29 -16.39 -41.56
C MET A 168 74.17 -17.61 -41.23
N SER A 169 73.68 -18.84 -41.47
CA SER A 169 74.36 -20.10 -41.07
C SER A 169 75.30 -20.57 -42.19
N LYS A 170 76.19 -19.68 -42.65
CA LYS A 170 76.97 -19.86 -43.90
C LYS A 170 78.19 -18.93 -43.92
N THR A 171 79.37 -19.46 -44.29
CA THR A 171 80.68 -18.77 -44.24
C THR A 171 80.76 -17.73 -45.36
N ILE A 172 81.57 -16.69 -45.19
CA ILE A 172 81.71 -15.59 -46.19
C ILE A 172 82.34 -16.14 -47.47
N LYS A 173 83.30 -17.07 -47.36
CA LYS A 173 83.99 -17.74 -48.50
C LYS A 173 83.02 -18.68 -49.25
N ASP A 174 81.89 -19.04 -48.64
CA ASP A 174 80.79 -19.83 -49.26
C ASP A 174 79.97 -18.89 -50.17
N LEU A 175 79.55 -17.72 -49.67
CA LEU A 175 78.63 -16.78 -50.38
C LEU A 175 79.27 -16.20 -51.64
N VAL A 176 80.58 -15.93 -51.63
CA VAL A 176 81.34 -15.32 -52.77
C VAL A 176 82.44 -16.29 -53.22
N GLY A 177 82.23 -17.61 -53.09
CA GLY A 177 83.26 -18.65 -53.31
C GLY A 177 84.10 -18.34 -54.54
N GLY A 178 83.41 -18.02 -55.66
CA GLY A 178 84.03 -17.67 -56.95
C GLY A 178 85.03 -16.54 -56.76
N LYS A 179 84.56 -15.29 -56.90
CA LYS A 179 85.40 -14.08 -56.89
C LYS A 179 86.02 -13.94 -55.49
N SER A 180 87.36 -13.95 -55.44
CA SER A 180 88.11 -13.77 -54.22
C SER A 180 88.28 -12.31 -53.83
N THR A 181 88.13 -11.39 -54.81
CA THR A 181 88.23 -9.95 -54.58
C THR A 181 87.15 -9.52 -53.59
N VAL A 182 85.89 -9.87 -53.88
CA VAL A 182 84.69 -9.44 -53.07
C VAL A 182 84.89 -9.97 -51.64
N GLN A 183 85.31 -11.24 -51.50
CA GLN A 183 85.60 -11.90 -50.20
C GLN A 183 86.46 -10.97 -49.34
N ASN A 184 87.68 -10.67 -49.78
CA ASN A 184 88.64 -9.82 -49.03
C ASN A 184 87.99 -8.44 -48.79
N GLU A 185 87.25 -7.91 -49.78
CA GLU A 185 86.61 -6.57 -49.75
C GLU A 185 85.56 -6.52 -48.64
N ILE A 186 84.85 -7.65 -48.41
CA ILE A 186 83.94 -7.85 -47.24
C ILE A 186 84.76 -7.84 -45.95
N LEU A 187 85.89 -8.57 -45.90
CA LEU A 187 86.79 -8.67 -44.71
C LEU A 187 87.40 -7.30 -44.39
N GLY A 188 87.78 -6.53 -45.41
CA GLY A 188 88.22 -5.11 -45.28
C GLY A 188 87.16 -4.24 -44.66
N ASP A 189 85.88 -4.46 -45.02
CA ASP A 189 84.69 -3.72 -44.52
C ASP A 189 84.40 -4.05 -43.06
N LEU A 190 84.42 -5.34 -42.69
CA LEU A 190 84.25 -5.80 -41.28
C LEU A 190 85.44 -5.33 -40.44
N GLY A 191 86.63 -5.25 -41.03
CA GLY A 191 87.84 -4.67 -40.39
C GLY A 191 87.61 -3.23 -39.94
N LYS A 192 87.16 -2.35 -40.85
CA LYS A 192 86.84 -0.92 -40.55
C LYS A 192 85.72 -0.84 -39.51
N GLU A 193 84.69 -1.66 -39.70
CA GLU A 193 83.37 -1.54 -39.04
C GLU A 193 83.46 -1.91 -37.56
N PHE A 194 83.97 -3.11 -37.24
CA PHE A 194 84.02 -3.71 -35.87
C PHE A 194 85.45 -3.70 -35.30
N GLY A 195 86.44 -3.20 -36.04
CA GLY A 195 87.86 -3.20 -35.63
C GLY A 195 88.49 -4.57 -35.72
N THR A 196 88.71 -5.22 -34.57
CA THR A 196 89.45 -6.50 -34.43
C THR A 196 88.56 -7.68 -34.88
N THR A 197 89.12 -8.55 -35.74
CA THR A 197 88.46 -9.78 -36.27
C THR A 197 89.10 -11.00 -35.61
N PRO A 198 88.40 -12.17 -35.59
CA PRO A 198 89.04 -13.47 -35.41
C PRO A 198 90.14 -13.78 -36.44
N GLU A 199 90.66 -15.02 -36.44
CA GLU A 199 91.64 -15.54 -37.44
C GLU A 199 90.94 -16.51 -38.38
N LYS A 200 91.05 -16.24 -39.68
CA LYS A 200 90.26 -16.85 -40.77
C LYS A 200 88.78 -16.59 -40.48
N PRO A 201 88.30 -15.33 -40.55
CA PRO A 201 86.88 -15.02 -40.37
C PRO A 201 85.99 -15.53 -41.51
N GLU A 202 86.56 -15.78 -42.69
CA GLU A 202 85.81 -16.26 -43.90
C GLU A 202 85.68 -17.79 -43.87
N GLU A 203 85.97 -18.43 -42.74
CA GLU A 203 85.82 -19.90 -42.52
C GLU A 203 84.79 -20.18 -41.41
N THR A 204 84.30 -19.16 -40.68
CA THR A 204 83.31 -19.29 -39.57
C THR A 204 81.99 -18.66 -40.03
N PRO A 205 80.84 -19.39 -39.92
CA PRO A 205 79.53 -18.86 -40.33
C PRO A 205 79.12 -17.51 -39.68
N LEU A 206 78.49 -16.62 -40.46
CA LEU A 206 78.10 -15.24 -40.05
C LEU A 206 77.37 -15.27 -38.70
N GLU A 207 76.42 -16.20 -38.56
CA GLU A 207 75.68 -16.54 -37.31
C GLU A 207 76.70 -16.61 -36.16
N GLU A 208 77.73 -17.45 -36.31
CA GLU A 208 78.78 -17.79 -35.30
C GLU A 208 79.69 -16.57 -35.06
N LEU A 209 80.05 -15.87 -36.15
CA LEU A 209 80.98 -14.71 -36.19
C LEU A 209 80.32 -13.44 -35.64
N ALA A 210 78.99 -13.32 -35.78
CA ALA A 210 78.17 -12.19 -35.28
C ALA A 210 78.34 -12.06 -33.76
N GLU A 211 78.34 -13.20 -33.04
CA GLU A 211 78.53 -13.29 -31.56
C GLU A 211 79.88 -12.69 -31.18
N THR A 212 80.96 -13.20 -31.79
CA THR A 212 82.37 -12.79 -31.53
C THR A 212 82.50 -11.25 -31.57
N PHE A 213 81.72 -10.59 -32.44
CA PHE A 213 81.65 -9.10 -32.54
C PHE A 213 80.75 -8.53 -31.44
N GLN A 214 79.57 -9.14 -31.22
CA GLN A 214 78.50 -8.67 -30.29
C GLN A 214 79.08 -8.29 -28.92
N ASP A 215 80.07 -9.08 -28.45
CA ASP A 215 80.81 -8.84 -27.18
C ASP A 215 81.41 -7.41 -27.18
N THR A 216 82.50 -7.18 -27.94
CA THR A 216 83.38 -5.98 -27.83
C THR A 216 82.82 -4.77 -28.60
N PHE A 217 81.62 -4.87 -29.21
CA PHE A 217 80.95 -3.75 -29.94
C PHE A 217 79.68 -3.37 -29.17
N SER A 218 79.31 -2.09 -29.24
CA SER A 218 78.16 -1.47 -28.50
C SER A 218 77.36 -0.54 -29.43
N GLY A 219 76.38 -1.11 -30.16
CA GLY A 219 75.44 -0.42 -31.07
C GLY A 219 76.01 0.85 -31.72
N ALA A 220 77.26 0.75 -32.23
CA ALA A 220 78.04 1.84 -32.86
C ALA A 220 78.07 1.60 -34.38
N LEU A 221 77.57 2.55 -35.18
CA LEU A 221 77.55 2.43 -36.67
C LEU A 221 78.99 2.53 -37.21
N GLY A 222 79.85 3.38 -36.63
CA GLY A 222 81.28 3.46 -36.99
C GLY A 222 81.52 3.89 -38.43
N LYS A 223 82.75 3.72 -38.91
CA LYS A 223 83.29 4.27 -40.18
C LYS A 223 82.42 3.85 -41.38
N GLN A 224 82.43 2.55 -41.70
CA GLN A 224 81.99 2.00 -43.02
C GLN A 224 80.48 2.20 -43.22
N SER A 225 79.67 1.79 -42.24
CA SER A 225 78.17 1.81 -42.30
C SER A 225 77.65 3.24 -42.43
N SER A 226 78.22 4.18 -41.66
CA SER A 226 77.90 5.65 -41.70
C SER A 226 78.09 6.19 -43.12
N SER A 227 79.25 5.89 -43.73
CA SER A 227 79.64 6.26 -45.12
C SER A 227 78.71 5.61 -46.17
N LEU A 228 78.13 4.43 -45.90
CA LEU A 228 77.19 3.73 -46.83
C LEU A 228 75.82 4.41 -46.78
N LEU A 229 75.40 4.86 -45.59
CA LEU A 229 74.11 5.60 -45.40
C LEU A 229 74.24 7.01 -46.01
N SER A 230 75.32 7.72 -45.74
CA SER A 230 75.65 9.04 -46.35
C SER A 230 75.48 8.96 -47.87
N ARG A 231 75.95 7.88 -48.51
CA ARG A 231 75.73 7.65 -49.96
C ARG A 231 74.24 7.34 -50.21
N LEU A 232 73.66 6.39 -49.47
CA LEU A 232 72.27 5.90 -49.73
C LEU A 232 71.33 7.09 -49.89
N ILE A 233 71.34 7.99 -48.91
CA ILE A 233 70.44 9.20 -48.85
C ILE A 233 70.81 10.13 -50.02
N SER A 234 71.98 10.77 -49.99
CA SER A 234 72.41 11.78 -50.99
C SER A 234 72.29 11.23 -52.42
N SER A 235 72.77 10.00 -52.69
CA SER A 235 72.85 9.41 -54.06
C SER A 235 71.46 9.00 -54.53
N LYS A 236 70.63 8.42 -53.64
CA LYS A 236 69.17 8.26 -53.88
C LYS A 236 68.52 9.64 -53.65
N MET A 237 67.19 9.73 -53.84
CA MET A 237 66.46 11.01 -54.11
C MET A 237 65.44 11.30 -53.00
N PRO A 238 65.80 11.13 -51.69
CA PRO A 238 65.36 12.10 -50.67
C PRO A 238 65.72 13.54 -51.12
N GLY A 239 65.10 13.99 -52.23
CA GLY A 239 65.57 15.07 -53.13
C GLY A 239 66.14 16.26 -52.37
N GLY A 240 65.49 16.66 -51.28
CA GLY A 240 65.90 17.78 -50.40
C GLY A 240 66.20 17.34 -48.97
N PHE A 241 65.45 16.35 -48.44
CA PHE A 241 65.52 15.92 -47.01
C PHE A 241 66.71 14.97 -46.81
N THR A 242 67.70 15.47 -46.05
CA THR A 242 68.97 14.79 -45.64
C THR A 242 68.69 13.97 -44.37
N ILE A 243 69.76 13.43 -43.74
CA ILE A 243 69.73 12.45 -42.61
C ILE A 243 68.85 12.99 -41.47
N THR A 244 69.20 14.16 -40.90
CA THR A 244 68.51 14.82 -39.75
C THR A 244 67.00 14.92 -40.02
N VAL A 245 66.61 15.30 -41.24
CA VAL A 245 65.18 15.47 -41.66
C VAL A 245 64.51 14.10 -41.82
N ALA A 246 65.27 13.07 -42.24
CA ALA A 246 64.81 11.67 -42.43
C ALA A 246 64.67 10.97 -41.08
N ARG A 247 65.63 11.19 -40.15
CA ARG A 247 65.64 10.62 -38.77
C ARG A 247 64.38 11.10 -38.02
N LYS A 248 64.23 12.44 -37.91
CA LYS A 248 63.11 13.13 -37.22
C LYS A 248 61.76 12.56 -37.66
N TYR A 249 61.58 12.28 -38.96
CA TYR A 249 60.33 11.68 -39.52
C TYR A 249 59.98 10.37 -38.80
N LEU A 250 60.95 9.45 -38.67
CA LEU A 250 60.80 8.14 -37.95
C LEU A 250 60.35 8.45 -36.51
N GLN A 251 61.17 9.23 -35.79
CA GLN A 251 61.08 9.59 -34.35
C GLN A 251 59.72 10.25 -34.02
N THR A 252 59.18 11.03 -34.98
CA THR A 252 57.87 11.76 -34.87
C THR A 252 56.71 10.79 -35.22
N ARG A 253 56.77 10.15 -36.39
CA ARG A 253 55.63 9.40 -36.99
C ARG A 253 55.45 8.01 -36.32
N TRP A 254 56.55 7.27 -36.15
CA TRP A 254 56.58 5.86 -35.65
C TRP A 254 57.01 5.78 -34.17
N GLY A 255 57.79 6.75 -33.68
CA GLY A 255 58.20 6.87 -32.26
C GLY A 255 59.50 6.10 -31.95
N LEU A 256 60.50 6.17 -32.84
CA LEU A 256 61.75 5.35 -32.81
C LEU A 256 62.97 6.24 -32.53
N PRO A 257 63.54 6.24 -31.30
CA PRO A 257 64.77 6.99 -31.00
C PRO A 257 66.06 6.42 -31.64
N SER A 258 67.21 7.08 -31.41
CA SER A 258 68.55 6.87 -32.05
C SER A 258 68.82 5.38 -32.40
N GLY A 259 68.94 4.51 -31.39
CA GLY A 259 69.25 3.08 -31.54
C GLY A 259 68.38 2.38 -32.58
N ARG A 260 67.06 2.41 -32.38
CA ARG A 260 66.03 1.79 -33.28
C ARG A 260 66.03 2.49 -34.65
N GLN A 261 66.33 3.80 -34.68
CA GLN A 261 66.40 4.68 -35.90
C GLN A 261 67.42 4.09 -36.89
N ASP A 262 68.66 3.90 -36.42
CA ASP A 262 69.80 3.30 -37.16
C ASP A 262 69.36 1.96 -37.77
N GLY A 263 68.76 1.10 -36.94
CA GLY A 263 68.23 -0.23 -37.32
C GLY A 263 67.36 -0.19 -38.57
N VAL A 264 66.54 0.85 -38.76
CA VAL A 264 65.59 0.99 -39.91
C VAL A 264 66.38 1.44 -41.15
N LEU A 265 67.29 2.40 -40.97
CA LEU A 265 68.17 2.93 -42.05
C LEU A 265 68.99 1.77 -42.63
N LEU A 266 69.53 0.89 -41.78
CA LEU A 266 70.38 -0.27 -42.21
C LEU A 266 69.54 -1.23 -43.08
N VAL A 267 68.26 -1.45 -42.75
CA VAL A 267 67.36 -2.31 -43.56
C VAL A 267 67.05 -1.61 -44.90
N ALA A 268 67.00 -0.28 -44.91
CA ALA A 268 66.82 0.55 -46.14
C ALA A 268 68.01 0.33 -47.08
N LEU A 269 69.24 0.28 -46.54
CA LEU A 269 70.50 0.06 -47.29
C LEU A 269 70.47 -1.30 -48.00
N SER A 270 69.90 -2.34 -47.37
CA SER A 270 69.80 -3.72 -47.90
C SER A 270 68.61 -3.85 -48.90
N ASN A 271 67.61 -2.96 -48.80
CA ASN A 271 66.48 -2.83 -49.76
C ASN A 271 66.61 -1.48 -50.49
N GLU A 272 67.76 -1.25 -51.12
CA GLU A 272 68.11 -0.05 -51.95
C GLU A 272 67.09 0.11 -53.09
N PRO A 273 66.40 1.29 -53.22
CA PRO A 273 65.37 1.46 -54.26
C PRO A 273 65.93 1.43 -55.70
N ALA A 274 67.16 1.92 -55.90
CA ALA A 274 67.97 1.89 -57.14
C ALA A 274 67.36 2.86 -58.18
N ALA A 275 66.17 2.51 -58.68
CA ALA A 275 65.30 3.36 -59.52
C ALA A 275 65.20 4.76 -58.90
N ARG A 276 65.19 5.79 -59.75
CA ARG A 276 64.80 7.19 -59.38
C ARG A 276 63.36 7.16 -58.81
N LEU A 277 63.14 7.87 -57.70
CA LEU A 277 61.81 8.07 -57.03
C LEU A 277 61.52 9.58 -57.00
N GLY A 278 60.28 9.97 -57.32
CA GLY A 278 59.87 11.37 -57.58
C GLY A 278 60.17 12.28 -56.40
N SER A 279 59.43 12.13 -55.30
CA SER A 279 59.27 13.16 -54.24
C SER A 279 59.34 12.52 -52.84
N GLU A 280 59.14 13.36 -51.81
CA GLU A 280 59.11 12.99 -50.36
C GLU A 280 57.92 12.05 -50.08
N ALA A 281 56.74 12.35 -50.63
CA ALA A 281 55.50 11.52 -50.55
C ALA A 281 55.84 10.03 -50.77
N ASP A 282 56.69 9.73 -51.77
CA ASP A 282 57.15 8.36 -52.11
C ASP A 282 58.26 7.90 -51.14
N ALA A 283 59.24 8.77 -50.86
CA ALA A 283 60.38 8.52 -49.94
C ALA A 283 59.92 8.38 -48.47
N LYS A 284 58.72 8.88 -48.11
CA LYS A 284 58.02 8.60 -46.82
C LYS A 284 57.45 7.18 -46.86
N ALA A 285 56.85 6.76 -47.99
CA ALA A 285 56.25 5.41 -48.21
C ALA A 285 57.32 4.32 -48.24
N PHE A 286 58.57 4.68 -48.61
CA PHE A 286 59.80 3.85 -48.51
C PHE A 286 60.10 3.56 -47.03
N LEU A 287 60.42 4.60 -46.25
CA LEU A 287 60.79 4.51 -44.79
C LEU A 287 59.69 3.80 -43.97
N ASP A 288 58.42 3.87 -44.40
CA ASP A 288 57.28 3.18 -43.74
C ASP A 288 57.44 1.66 -43.93
N SER A 289 57.66 1.17 -45.16
CA SER A 289 57.83 -0.28 -45.50
C SER A 289 59.09 -0.87 -44.81
N MET A 290 60.18 -0.09 -44.73
CA MET A 290 61.49 -0.46 -44.09
C MET A 290 61.31 -0.62 -42.56
N ALA A 291 60.56 0.28 -41.91
CA ALA A 291 60.24 0.22 -40.46
C ALA A 291 59.22 -0.90 -40.16
N GLN A 292 58.63 -1.53 -41.19
CA GLN A 292 57.75 -2.74 -41.09
C GLN A 292 58.57 -4.03 -41.35
N LYS A 293 59.67 -3.93 -42.13
CA LYS A 293 60.70 -5.01 -42.24
C LYS A 293 61.53 -5.05 -40.95
N TYR A 294 61.95 -3.89 -40.45
CA TYR A 294 62.74 -3.74 -39.20
C TYR A 294 61.99 -4.42 -38.05
N ALA A 295 60.75 -3.96 -37.79
CA ALA A 295 59.82 -4.46 -36.74
C ALA A 295 59.67 -5.99 -36.83
N SER A 296 59.59 -6.54 -38.06
CA SER A 296 59.36 -7.99 -38.32
C SER A 296 60.61 -8.81 -37.95
N ILE A 297 61.82 -8.23 -38.09
CA ILE A 297 63.13 -8.87 -37.76
C ILE A 297 63.36 -8.80 -36.24
N VAL A 298 63.39 -7.58 -35.67
CA VAL A 298 63.73 -7.35 -34.22
C VAL A 298 62.58 -7.84 -33.32
N GLY A 299 61.32 -7.79 -33.81
CA GLY A 299 60.12 -8.22 -33.06
C GLY A 299 59.54 -7.10 -32.21
N VAL A 300 59.48 -5.88 -32.76
CA VAL A 300 58.73 -4.70 -32.21
C VAL A 300 57.35 -4.66 -32.91
N ASP A 301 56.39 -3.91 -32.35
CA ASP A 301 55.01 -3.70 -32.89
C ASP A 301 54.73 -2.19 -33.08
N LEU A 302 53.94 -1.83 -34.11
CA LEU A 302 53.58 -0.43 -34.51
C LEU A 302 52.11 -0.37 -34.92
N LEU A 328 23.36 3.30 -10.77
CA LEU A 328 22.68 3.78 -12.00
C LEU A 328 21.24 3.19 -12.07
N GLU A 329 21.14 1.84 -12.11
CA GLU A 329 19.87 1.04 -12.24
C GLU A 329 19.77 0.00 -11.12
N GLU A 330 20.35 0.33 -9.96
CA GLU A 330 20.26 -0.46 -8.69
C GLU A 330 19.31 0.26 -7.74
N ILE A 331 18.54 1.23 -8.26
CA ILE A 331 17.44 1.95 -7.52
C ILE A 331 16.09 1.53 -8.13
N THR A 332 15.94 1.59 -9.46
CA THR A 332 14.78 1.04 -10.21
C THR A 332 14.55 -0.41 -9.79
N LYS A 333 15.63 -1.20 -9.62
CA LYS A 333 15.60 -2.59 -9.11
C LYS A 333 14.96 -2.65 -7.72
N ASP A 334 15.54 -1.90 -6.76
CA ASP A 334 15.23 -1.98 -5.31
C ASP A 334 13.76 -1.59 -5.05
N HIS A 335 13.22 -0.69 -5.86
CA HIS A 335 11.78 -0.33 -5.90
C HIS A 335 10.96 -1.55 -6.37
N LYS A 336 11.29 -2.10 -7.56
CA LYS A 336 10.56 -3.25 -8.15
C LYS A 336 10.61 -4.46 -7.23
N VAL A 337 11.64 -4.56 -6.40
CA VAL A 337 11.73 -5.62 -5.36
C VAL A 337 10.66 -5.37 -4.30
N LEU A 338 10.47 -4.12 -3.92
CA LEU A 338 9.44 -3.73 -2.91
C LEU A 338 8.05 -4.05 -3.48
N ALA A 339 7.79 -3.61 -4.71
CA ALA A 339 6.49 -3.80 -5.37
C ALA A 339 6.18 -5.29 -5.42
N ARG A 340 7.17 -6.08 -5.84
CA ARG A 340 7.06 -7.57 -5.95
C ARG A 340 6.67 -8.15 -4.59
N GLN A 341 7.32 -7.71 -3.51
CA GLN A 341 7.05 -8.22 -2.14
C GLN A 341 5.65 -7.82 -1.68
N GLN A 342 5.21 -6.61 -1.99
CA GLN A 342 3.85 -6.10 -1.64
C GLN A 342 2.81 -6.92 -2.37
N LEU A 343 3.01 -7.16 -3.68
CA LEU A 343 2.13 -8.01 -4.54
C LEU A 343 1.99 -9.38 -3.87
N GLN A 344 3.12 -10.01 -3.52
CA GLN A 344 3.18 -11.34 -2.87
C GLN A 344 2.30 -11.38 -1.60
N VAL A 345 2.33 -10.36 -0.73
CA VAL A 345 1.48 -10.38 0.50
C VAL A 345 -0.01 -10.16 0.14
N LEU A 346 -0.33 -9.36 -0.86
CA LEU A 346 -1.73 -9.23 -1.32
C LEU A 346 -2.25 -10.53 -1.90
N ALA A 347 -1.41 -11.25 -2.65
CA ALA A 347 -1.72 -12.58 -3.26
C ALA A 347 -2.00 -13.58 -2.15
N ARG A 348 -1.16 -13.58 -1.14
CA ARG A 348 -1.31 -14.50 0.02
C ARG A 348 -2.64 -14.22 0.70
N TYR A 349 -3.00 -12.94 0.84
CA TYR A 349 -4.20 -12.51 1.60
C TYR A 349 -5.44 -12.97 0.88
N LEU A 350 -5.41 -12.90 -0.45
CA LEU A 350 -6.55 -13.25 -1.34
C LEU A 350 -6.62 -14.75 -1.65
N LYS A 351 -5.63 -15.53 -1.19
CA LYS A 351 -5.62 -17.01 -1.25
C LYS A 351 -5.59 -17.39 -2.72
N MET A 352 -4.57 -16.88 -3.39
CA MET A 352 -4.52 -16.69 -4.85
C MET A 352 -3.14 -17.19 -5.32
N ASP A 353 -3.10 -18.43 -5.84
CA ASP A 353 -1.84 -19.03 -6.34
C ASP A 353 -1.53 -18.44 -7.71
N LEU A 354 -0.40 -17.75 -7.83
CA LEU A 354 0.05 -17.10 -9.07
C LEU A 354 0.69 -18.11 -10.03
N ASP A 355 1.10 -19.29 -9.56
CA ASP A 355 1.76 -20.33 -10.37
C ASP A 355 0.75 -21.38 -10.85
N ASN A 356 -0.38 -21.54 -10.15
CA ASN A 356 -1.46 -22.50 -10.53
C ASN A 356 -1.59 -22.62 -12.06
N GLY A 357 -1.50 -21.50 -12.79
CA GLY A 357 -1.51 -21.47 -14.25
C GLY A 357 -0.38 -22.26 -14.84
N GLU A 358 0.87 -21.89 -14.56
CA GLU A 358 2.07 -22.58 -15.13
C GLU A 358 2.14 -24.04 -14.64
N ARG A 359 1.63 -24.38 -13.46
CA ARG A 359 1.56 -25.79 -13.02
C ARG A 359 0.69 -26.58 -14.01
N LYS A 360 -0.62 -26.37 -13.97
CA LYS A 360 -1.60 -26.94 -14.92
C LYS A 360 -1.01 -27.10 -16.33
N PHE A 361 -0.29 -26.09 -16.82
CA PHE A 361 0.33 -26.09 -18.16
C PHE A 361 1.45 -27.14 -18.25
N LEU A 362 2.41 -27.17 -17.31
CA LEU A 362 3.55 -28.13 -17.36
C LEU A 362 3.01 -29.57 -17.37
N LYS A 363 1.95 -29.81 -16.59
CA LYS A 363 1.26 -31.10 -16.46
C LYS A 363 0.64 -31.53 -17.80
N GLU A 364 0.10 -30.58 -18.59
CA GLU A 364 -0.50 -30.83 -19.92
C GLU A 364 0.59 -31.09 -20.95
N LYS A 365 1.66 -30.30 -20.94
CA LYS A 365 2.83 -30.48 -21.84
C LYS A 365 3.39 -31.91 -21.68
N ASP A 366 3.25 -32.53 -20.50
CA ASP A 366 3.64 -33.94 -20.28
C ASP A 366 2.67 -34.88 -21.00
N THR A 367 1.36 -34.68 -20.88
CA THR A 367 0.37 -35.55 -21.57
C THR A 367 0.53 -35.41 -23.08
N VAL A 368 0.96 -34.25 -23.59
CA VAL A 368 1.23 -34.08 -25.04
C VAL A 368 2.41 -34.97 -25.42
N ALA A 369 3.54 -34.81 -24.75
CA ALA A 369 4.77 -35.62 -24.89
C ALA A 369 4.39 -37.10 -24.96
N GLU A 370 3.52 -37.55 -24.07
CA GLU A 370 3.09 -38.95 -23.89
C GLU A 370 2.31 -39.39 -25.15
N LEU A 371 1.23 -38.69 -25.52
CA LEU A 371 0.40 -38.95 -26.74
C LEU A 371 1.22 -38.82 -28.02
N GLN A 372 2.18 -37.92 -28.10
CA GLN A 372 3.05 -37.85 -29.30
C GLN A 372 3.92 -39.12 -29.36
N ALA A 373 4.33 -39.67 -28.23
CA ALA A 373 5.19 -40.87 -28.19
C ALA A 373 4.39 -42.10 -28.68
N GLN A 374 3.10 -42.20 -28.32
CA GLN A 374 2.18 -43.26 -28.76
C GLN A 374 2.01 -43.21 -30.28
N LEU A 375 1.86 -42.02 -30.82
CA LEU A 375 1.54 -41.71 -32.24
C LEU A 375 2.79 -41.83 -33.12
N ASP A 376 3.96 -41.50 -32.56
CA ASP A 376 5.26 -41.60 -33.24
C ASP A 376 5.63 -43.06 -33.38
N TYR A 377 5.10 -43.89 -32.50
CA TYR A 377 5.35 -45.34 -32.47
C TYR A 377 4.54 -45.99 -33.57
N LEU A 378 3.23 -45.75 -33.59
CA LEU A 378 2.34 -46.24 -34.67
C LEU A 378 2.86 -45.81 -36.05
N ASN A 379 3.47 -44.65 -36.19
CA ASN A 379 4.09 -44.23 -37.47
C ASN A 379 5.31 -45.07 -37.77
N ALA A 380 6.08 -45.41 -36.75
CA ALA A 380 7.29 -46.24 -36.87
C ALA A 380 6.88 -47.66 -37.28
N GLU A 381 5.79 -48.19 -36.73
CA GLU A 381 5.27 -49.54 -37.03
C GLU A 381 4.62 -49.62 -38.41
N LEU A 382 3.67 -48.75 -38.69
CA LEU A 382 2.80 -48.88 -39.88
C LEU A 382 3.42 -48.15 -41.04
N GLY A 383 4.16 -47.09 -40.76
CA GLY A 383 4.76 -46.27 -41.81
C GLY A 383 3.88 -45.08 -42.12
N GLU A 384 4.49 -44.02 -42.62
CA GLU A 384 3.78 -42.74 -42.86
C GLU A 384 2.79 -42.98 -44.00
N PHE A 385 3.15 -43.78 -45.00
CA PHE A 385 2.26 -44.06 -46.15
C PHE A 385 0.91 -44.64 -45.72
N PHE A 386 0.93 -45.65 -44.90
CA PHE A 386 -0.25 -46.37 -44.37
C PHE A 386 -1.05 -45.43 -43.49
N VAL A 387 -0.44 -44.62 -42.64
CA VAL A 387 -1.19 -43.80 -41.64
C VAL A 387 -1.93 -42.66 -42.37
N ASN A 388 -1.26 -41.97 -43.25
CA ASN A 388 -1.87 -40.96 -44.16
C ASN A 388 -2.91 -41.61 -45.08
N GLY A 389 -2.64 -42.83 -45.55
CA GLY A 389 -3.43 -43.53 -46.58
C GLY A 389 -4.81 -43.89 -46.08
N VAL A 390 -4.92 -44.15 -44.79
CA VAL A 390 -6.04 -44.86 -44.13
C VAL A 390 -7.04 -43.83 -43.64
N ALA A 391 -6.86 -42.57 -44.04
CA ALA A 391 -7.73 -41.42 -43.74
C ALA A 391 -9.08 -41.58 -44.43
N THR A 392 -10.14 -41.00 -43.86
CA THR A 392 -11.54 -41.16 -44.34
C THR A 392 -11.75 -40.18 -45.50
N SER A 393 -12.32 -40.66 -46.61
CA SER A 393 -12.80 -39.90 -47.79
C SER A 393 -14.32 -39.82 -47.83
N PHE A 394 -15.01 -40.85 -47.34
CA PHE A 394 -16.43 -41.11 -47.65
C PHE A 394 -17.30 -40.24 -46.77
N SER A 395 -18.19 -39.49 -47.39
CA SER A 395 -19.29 -38.77 -46.71
C SER A 395 -20.54 -39.04 -47.51
N ARG A 396 -21.69 -39.22 -46.86
CA ARG A 396 -22.95 -39.42 -47.61
C ARG A 396 -23.31 -38.15 -48.36
N LYS A 397 -22.95 -37.00 -47.80
CA LYS A 397 -23.37 -35.68 -48.32
C LYS A 397 -22.59 -35.36 -49.59
N LYS A 398 -21.46 -35.99 -49.82
CA LYS A 398 -20.67 -35.72 -51.04
C LYS A 398 -21.21 -36.54 -52.21
N ALA A 399 -22.15 -37.46 -52.01
CA ALA A 399 -22.65 -38.35 -53.09
C ALA A 399 -23.46 -37.59 -54.16
N ARG A 400 -23.04 -37.65 -55.42
CA ARG A 400 -23.74 -37.13 -56.62
C ARG A 400 -24.56 -38.23 -57.31
N THR A 401 -25.87 -38.09 -57.47
CA THR A 401 -26.65 -39.01 -58.33
C THR A 401 -26.90 -38.43 -59.70
N PHE A 402 -26.75 -39.29 -60.72
CA PHE A 402 -27.11 -39.05 -62.12
C PHE A 402 -28.22 -40.01 -62.51
N ASP A 403 -29.47 -39.52 -62.70
CA ASP A 403 -30.65 -40.35 -63.10
C ASP A 403 -31.51 -39.74 -64.20
N SER A 404 -31.13 -38.70 -64.92
CA SER A 404 -32.11 -37.97 -65.80
C SER A 404 -31.81 -38.26 -67.27
N SER A 405 -31.98 -39.53 -67.65
CA SER A 405 -31.72 -39.99 -69.03
C SER A 405 -32.88 -39.59 -69.92
N TRP A 406 -34.08 -39.41 -69.34
CA TRP A 406 -35.25 -38.86 -70.06
C TRP A 406 -34.97 -37.51 -70.71
N ASN A 407 -34.08 -36.71 -70.14
CA ASN A 407 -33.60 -35.43 -70.72
C ASN A 407 -32.40 -35.62 -71.64
N TRP A 408 -31.48 -36.51 -71.37
CA TRP A 408 -30.23 -36.59 -72.18
C TRP A 408 -30.51 -37.29 -73.51
N ALA A 409 -31.60 -38.05 -73.64
CA ALA A 409 -31.96 -38.71 -74.92
C ALA A 409 -32.28 -37.63 -75.96
N LYS A 410 -33.06 -36.65 -75.56
CA LYS A 410 -33.50 -35.54 -76.43
C LYS A 410 -32.27 -34.75 -76.83
N GLN A 411 -31.29 -34.58 -75.95
CA GLN A 411 -30.08 -33.75 -76.23
C GLN A 411 -29.14 -34.55 -77.12
N SER A 412 -29.14 -35.87 -76.99
CA SER A 412 -28.28 -36.82 -77.75
C SER A 412 -28.76 -36.89 -79.19
N LEU A 413 -30.07 -36.91 -79.35
CA LEU A 413 -30.75 -36.90 -80.67
C LEU A 413 -30.43 -35.58 -81.40
N LEU A 414 -30.75 -34.47 -80.76
CA LEU A 414 -30.59 -33.12 -81.36
C LEU A 414 -29.11 -32.81 -81.63
N SER A 415 -28.19 -33.31 -80.82
CA SER A 415 -26.74 -33.22 -81.08
C SER A 415 -26.35 -33.94 -82.39
N LEU A 416 -26.79 -35.20 -82.54
CA LEU A 416 -26.50 -36.04 -83.72
C LEU A 416 -27.18 -35.44 -84.93
N TYR A 417 -28.38 -34.85 -84.78
CA TYR A 417 -29.11 -34.20 -85.90
C TYR A 417 -28.27 -33.08 -86.52
N PHE A 418 -27.81 -32.14 -85.72
CA PHE A 418 -27.00 -31.01 -86.23
C PHE A 418 -25.59 -31.46 -86.62
N GLU A 419 -24.99 -32.44 -85.94
CA GLU A 419 -23.69 -33.03 -86.38
C GLU A 419 -23.78 -33.46 -87.86
N ILE A 420 -24.86 -34.12 -88.25
CA ILE A 420 -25.08 -34.69 -89.62
C ILE A 420 -25.45 -33.56 -90.60
N ILE A 421 -26.20 -32.56 -90.15
CA ILE A 421 -26.61 -31.39 -91.00
C ILE A 421 -25.42 -30.47 -91.29
N HIS A 422 -24.37 -30.46 -90.47
CA HIS A 422 -23.15 -29.64 -90.70
C HIS A 422 -22.00 -30.52 -91.21
N GLY A 423 -22.29 -31.78 -91.55
CA GLY A 423 -21.35 -32.72 -92.22
C GLY A 423 -20.23 -33.23 -91.33
N VAL A 424 -20.36 -33.11 -89.99
CA VAL A 424 -19.33 -33.54 -89.01
C VAL A 424 -19.34 -35.08 -88.91
N LEU A 425 -20.53 -35.69 -88.81
CA LEU A 425 -20.75 -37.16 -88.92
C LEU A 425 -21.37 -37.46 -90.29
N LYS A 426 -20.85 -38.48 -90.98
CA LYS A 426 -21.36 -38.98 -92.28
C LYS A 426 -22.14 -40.28 -92.05
N ASN A 427 -22.71 -40.82 -93.13
CA ASN A 427 -23.36 -42.16 -93.21
C ASN A 427 -22.32 -43.24 -92.88
N VAL A 428 -21.10 -43.13 -93.46
CA VAL A 428 -20.02 -44.16 -93.40
C VAL A 428 -19.55 -44.37 -91.93
N ASP A 429 -19.54 -43.30 -91.12
CA ASP A 429 -18.98 -43.27 -89.74
C ASP A 429 -19.70 -44.33 -88.88
N ARG A 430 -18.98 -44.84 -87.88
CA ARG A 430 -19.47 -45.88 -86.94
C ARG A 430 -20.05 -45.19 -85.71
N GLU A 431 -19.90 -43.86 -85.61
CA GLU A 431 -20.43 -43.03 -84.50
C GLU A 431 -21.96 -43.02 -84.61
N VAL A 432 -22.52 -42.71 -85.78
CA VAL A 432 -24.00 -42.68 -86.02
C VAL A 432 -24.67 -43.99 -85.55
N VAL A 433 -23.97 -45.13 -85.52
CA VAL A 433 -24.52 -46.43 -85.00
C VAL A 433 -24.40 -46.49 -83.46
N SER A 434 -23.20 -46.31 -82.90
CA SER A 434 -22.95 -46.37 -81.44
C SER A 434 -23.82 -45.33 -80.71
N GLU A 435 -24.08 -44.19 -81.37
CA GLU A 435 -25.02 -43.12 -80.94
C GLU A 435 -26.45 -43.64 -81.05
N ALA A 436 -26.85 -44.21 -82.20
CA ALA A 436 -28.21 -44.77 -82.43
C ALA A 436 -28.59 -45.74 -81.32
N ILE A 437 -27.69 -46.69 -81.00
CA ILE A 437 -27.90 -47.71 -79.93
C ILE A 437 -28.31 -47.00 -78.64
N ASN A 438 -27.61 -45.92 -78.32
CA ASN A 438 -27.80 -45.12 -77.08
C ASN A 438 -29.13 -44.38 -77.15
N ILE A 439 -29.58 -43.92 -78.32
CA ILE A 439 -30.91 -43.25 -78.47
C ILE A 439 -32.01 -44.30 -78.38
N MET A 440 -31.82 -45.50 -78.91
CA MET A 440 -32.82 -46.62 -78.83
C MET A 440 -32.94 -47.10 -77.37
N ASN A 441 -31.81 -47.26 -76.70
CA ASN A 441 -31.71 -47.64 -75.28
C ASN A 441 -32.46 -46.66 -74.38
N ARG A 442 -32.76 -45.45 -74.86
CA ARG A 442 -33.55 -44.47 -74.06
C ARG A 442 -34.91 -44.21 -74.71
N SER A 443 -35.38 -45.13 -75.55
CA SER A 443 -36.66 -44.99 -76.30
C SER A 443 -37.81 -44.90 -75.30
N ASN A 444 -38.60 -43.83 -75.38
CA ASN A 444 -39.91 -43.69 -74.71
C ASN A 444 -40.79 -42.80 -75.60
N ASP A 445 -42.07 -42.59 -75.26
CA ASP A 445 -43.06 -41.99 -76.20
C ASP A 445 -42.66 -40.54 -76.47
N ALA A 446 -42.37 -39.79 -75.42
CA ALA A 446 -41.78 -38.43 -75.46
C ALA A 446 -40.69 -38.33 -76.52
N LEU A 447 -39.76 -39.29 -76.54
CA LEU A 447 -38.54 -39.24 -77.40
C LEU A 447 -38.92 -39.57 -78.85
N ILE A 448 -40.02 -40.27 -79.10
CA ILE A 448 -40.48 -40.52 -80.51
C ILE A 448 -41.23 -39.29 -81.07
N LYS A 449 -42.13 -38.70 -80.29
CA LYS A 449 -42.79 -37.41 -80.60
C LYS A 449 -41.70 -36.37 -80.91
N PHE A 450 -40.59 -36.39 -80.19
CA PHE A 450 -39.46 -35.46 -80.40
C PHE A 450 -38.77 -35.77 -81.73
N MET A 451 -38.44 -37.03 -81.97
CA MET A 451 -37.72 -37.43 -83.19
C MET A 451 -38.62 -37.22 -84.40
N GLU A 452 -39.94 -37.40 -84.26
CA GLU A 452 -40.91 -37.30 -85.39
C GLU A 452 -40.92 -35.86 -85.94
N TYR A 453 -41.24 -34.91 -85.08
CA TYR A 453 -41.23 -33.46 -85.35
C TYR A 453 -39.91 -33.00 -85.97
N HIS A 454 -38.77 -33.52 -85.51
CA HIS A 454 -37.44 -33.00 -85.94
C HIS A 454 -37.04 -33.57 -87.31
N ILE A 455 -37.57 -34.72 -87.65
CA ILE A 455 -37.27 -35.46 -88.92
C ILE A 455 -38.36 -35.20 -89.94
N SER A 456 -39.59 -34.90 -89.51
CA SER A 456 -40.75 -34.57 -90.39
C SER A 456 -40.92 -33.05 -90.56
N ASN A 457 -39.85 -32.27 -90.39
CA ASN A 457 -39.81 -30.80 -90.64
C ASN A 457 -38.42 -30.42 -91.17
N THR A 458 -37.61 -31.38 -91.63
CA THR A 458 -36.35 -31.10 -92.36
C THR A 458 -36.75 -30.95 -93.82
N ASP A 459 -36.27 -29.90 -94.47
CA ASP A 459 -36.41 -29.69 -95.93
C ASP A 459 -35.28 -30.48 -96.60
N GLU A 460 -35.61 -31.58 -97.29
CA GLU A 460 -34.62 -32.50 -97.92
C GLU A 460 -33.96 -31.83 -99.14
N THR A 461 -34.48 -30.66 -99.57
CA THR A 461 -34.00 -29.89 -100.75
C THR A 461 -32.74 -29.07 -100.39
N LYS A 462 -32.70 -28.48 -99.19
CA LYS A 462 -31.72 -27.41 -98.81
C LYS A 462 -30.27 -27.90 -98.91
N GLY A 463 -30.05 -29.21 -99.04
CA GLY A 463 -28.72 -29.79 -99.26
C GLY A 463 -28.76 -31.31 -99.23
N GLU A 464 -27.67 -31.94 -99.66
CA GLU A 464 -27.49 -33.42 -99.56
C GLU A 464 -27.62 -33.82 -98.08
N ASN A 465 -26.93 -33.11 -97.18
CA ASN A 465 -26.86 -33.41 -95.72
C ASN A 465 -28.26 -33.41 -95.08
N TYR A 466 -29.24 -32.72 -95.66
CA TYR A 466 -30.65 -32.72 -95.18
C TYR A 466 -31.38 -33.96 -95.66
N GLN A 467 -31.02 -34.52 -96.83
CA GLN A 467 -31.59 -35.81 -97.29
C GLN A 467 -31.01 -36.92 -96.39
N LEU A 468 -29.70 -36.89 -96.17
CA LEU A 468 -28.99 -37.88 -95.33
C LEU A 468 -29.70 -37.96 -93.98
N VAL A 469 -29.88 -36.81 -93.30
CA VAL A 469 -30.42 -36.76 -91.91
C VAL A 469 -31.84 -37.31 -91.89
N LYS A 470 -32.61 -37.08 -92.96
CA LYS A 470 -34.05 -37.46 -93.02
C LYS A 470 -34.17 -38.95 -93.30
N THR A 471 -33.32 -39.53 -94.16
CA THR A 471 -33.23 -41.00 -94.42
C THR A 471 -32.89 -41.73 -93.11
N LEU A 472 -31.74 -41.40 -92.51
CA LEU A 472 -31.22 -41.95 -91.24
C LEU A 472 -32.32 -41.79 -90.18
N GLY A 473 -32.81 -40.57 -90.00
CA GLY A 473 -33.76 -40.18 -88.94
C GLY A 473 -35.05 -40.98 -88.99
N GLU A 474 -35.53 -41.32 -90.19
CA GLU A 474 -36.79 -42.10 -90.36
C GLU A 474 -36.49 -43.54 -89.94
N GLN A 475 -35.30 -44.03 -90.27
CA GLN A 475 -34.83 -45.39 -89.85
C GLN A 475 -34.84 -45.47 -88.32
N LEU A 476 -34.14 -44.54 -87.70
CA LEU A 476 -33.98 -44.37 -86.24
C LEU A 476 -35.34 -44.25 -85.53
N ILE A 477 -36.34 -43.62 -86.13
CA ILE A 477 -37.73 -43.61 -85.58
C ILE A 477 -38.34 -45.01 -85.68
N GLU A 478 -38.14 -45.73 -86.80
CA GLU A 478 -38.75 -47.07 -86.97
C GLU A 478 -38.23 -48.00 -85.87
N ASN A 479 -36.90 -48.08 -85.73
CA ASN A 479 -36.21 -48.86 -84.66
C ASN A 479 -36.81 -48.48 -83.30
N CYS A 480 -36.58 -47.25 -82.84
CA CYS A 480 -37.03 -46.69 -81.54
C CYS A 480 -38.45 -47.14 -81.16
N LYS A 481 -39.38 -47.27 -82.12
CA LYS A 481 -40.79 -47.68 -81.88
C LYS A 481 -40.88 -49.17 -81.52
N GLN A 482 -40.09 -50.04 -82.17
CA GLN A 482 -40.03 -51.51 -81.88
C GLN A 482 -39.54 -51.74 -80.43
N VAL A 483 -38.35 -51.22 -80.19
CA VAL A 483 -37.58 -51.25 -78.91
C VAL A 483 -38.34 -50.54 -77.77
N LEU A 484 -39.30 -49.67 -78.06
CA LEU A 484 -40.19 -49.09 -77.01
C LEU A 484 -40.83 -50.27 -76.26
N ASP A 485 -40.79 -50.27 -74.93
CA ASP A 485 -41.30 -51.38 -74.08
C ASP A 485 -40.43 -52.65 -74.22
N VAL A 486 -39.17 -52.50 -74.64
CA VAL A 486 -38.14 -53.58 -74.62
C VAL A 486 -36.97 -53.10 -73.75
N ASP A 487 -36.40 -53.99 -72.96
CA ASP A 487 -35.28 -53.69 -72.05
C ASP A 487 -34.02 -53.34 -72.83
N PRO A 488 -33.32 -52.28 -72.40
CA PRO A 488 -32.19 -51.76 -73.15
C PRO A 488 -31.01 -52.68 -72.99
N VAL A 489 -30.00 -52.43 -73.79
CA VAL A 489 -28.97 -53.47 -74.08
C VAL A 489 -27.55 -52.89 -74.09
N TYR A 490 -26.61 -53.56 -73.43
CA TYR A 490 -25.16 -53.41 -73.74
C TYR A 490 -24.93 -54.04 -75.13
N LYS A 491 -24.47 -53.25 -76.07
CA LYS A 491 -24.00 -53.76 -77.38
C LYS A 491 -22.74 -52.97 -77.73
N ASP A 492 -21.55 -53.59 -77.60
CA ASP A 492 -20.31 -53.02 -78.16
C ASP A 492 -20.41 -53.15 -79.69
N VAL A 493 -20.18 -52.04 -80.38
CA VAL A 493 -20.25 -51.98 -81.86
C VAL A 493 -18.97 -51.32 -82.40
N ALA A 494 -17.89 -51.36 -81.60
CA ALA A 494 -16.56 -50.79 -81.92
C ALA A 494 -15.84 -51.67 -82.95
N LYS A 495 -15.05 -51.06 -83.83
CA LYS A 495 -14.17 -51.76 -84.79
C LYS A 495 -13.07 -52.46 -84.01
N PRO A 496 -13.00 -53.81 -84.00
CA PRO A 496 -11.94 -54.52 -83.28
C PRO A 496 -10.54 -54.25 -83.86
N THR A 497 -9.65 -53.74 -83.01
CA THR A 497 -8.28 -53.33 -83.38
C THR A 497 -7.29 -54.31 -82.76
N GLY A 498 -6.19 -54.57 -83.46
CA GLY A 498 -5.01 -55.32 -82.98
C GLY A 498 -3.85 -54.36 -82.76
N PRO A 499 -2.78 -54.76 -82.04
CA PRO A 499 -1.58 -53.93 -81.93
C PRO A 499 -0.65 -53.99 -83.16
N LYS A 500 -0.02 -52.86 -83.47
CA LYS A 500 1.10 -52.69 -84.44
C LYS A 500 2.21 -51.84 -83.79
N THR A 501 3.42 -52.36 -83.70
CA THR A 501 4.66 -51.60 -83.36
C THR A 501 5.39 -51.32 -84.68
N ALA A 502 5.70 -50.05 -84.92
CA ALA A 502 6.51 -49.57 -86.05
C ALA A 502 7.83 -49.03 -85.52
N ILE A 503 8.95 -49.38 -86.17
CA ILE A 503 10.24 -48.62 -86.06
C ILE A 503 10.52 -48.06 -87.45
N ASP A 504 10.65 -46.73 -87.58
CA ASP A 504 10.86 -46.02 -88.87
C ASP A 504 12.33 -46.16 -89.32
N LYS A 505 12.84 -45.23 -90.13
CA LYS A 505 14.24 -45.19 -90.63
C LYS A 505 15.20 -44.69 -89.55
N ASN A 506 14.78 -43.71 -88.75
CA ASN A 506 15.65 -42.95 -87.81
C ASN A 506 15.58 -43.56 -86.40
N GLY A 507 14.84 -44.66 -86.23
CA GLY A 507 14.80 -45.47 -85.00
C GLY A 507 13.78 -44.99 -83.98
N ASN A 508 12.76 -44.24 -84.39
CA ASN A 508 11.60 -43.85 -83.53
C ASN A 508 10.63 -45.03 -83.44
N ILE A 509 10.24 -45.40 -82.22
CA ILE A 509 9.22 -46.47 -81.96
C ILE A 509 7.85 -45.80 -81.91
N THR A 510 6.97 -46.19 -82.84
CA THR A 510 5.53 -45.78 -82.89
C THR A 510 4.66 -47.00 -82.59
N TYR A 511 3.63 -46.83 -81.76
CA TYR A 511 2.55 -47.81 -81.51
C TYR A 511 1.23 -47.29 -82.08
N SER A 512 0.52 -48.13 -82.85
CA SER A 512 -0.82 -47.87 -83.43
C SER A 512 -1.73 -49.09 -83.33
N GLU A 513 -2.99 -48.90 -82.93
CA GLU A 513 -4.05 -49.96 -82.95
C GLU A 513 -4.59 -50.04 -84.39
N GLU A 514 -4.59 -51.24 -84.97
CA GLU A 514 -4.58 -51.47 -86.43
C GLU A 514 -5.70 -52.43 -86.83
N PRO A 515 -6.74 -51.99 -87.58
CA PRO A 515 -7.85 -52.87 -87.96
C PRO A 515 -7.41 -54.29 -88.33
N ARG A 516 -7.95 -55.28 -87.60
CA ARG A 516 -7.60 -56.71 -87.78
C ARG A 516 -8.17 -57.17 -89.13
N GLU A 517 -7.52 -58.15 -89.72
CA GLU A 517 -8.02 -58.87 -90.91
C GLU A 517 -8.92 -60.03 -90.40
N LYS A 518 -10.12 -60.18 -90.97
CA LYS A 518 -11.11 -61.28 -90.69
C LYS A 518 -11.81 -61.10 -89.32
N VAL A 519 -11.77 -59.93 -88.68
CA VAL A 519 -12.49 -59.62 -87.40
C VAL A 519 -12.95 -58.15 -87.42
N ARG A 520 -14.05 -57.85 -88.12
CA ARG A 520 -14.54 -56.47 -88.40
C ARG A 520 -15.78 -56.17 -87.53
N LYS A 521 -16.23 -57.16 -86.74
CA LYS A 521 -17.52 -57.18 -86.01
C LYS A 521 -17.25 -57.85 -84.64
N LEU A 522 -18.16 -57.70 -83.69
CA LEU A 522 -18.05 -58.32 -82.33
C LEU A 522 -18.44 -59.81 -82.41
N SER A 523 -19.41 -60.15 -83.26
CA SER A 523 -19.84 -61.55 -83.59
C SER A 523 -18.60 -62.41 -83.93
N GLN A 524 -17.83 -61.95 -84.93
CA GLN A 524 -16.57 -62.57 -85.42
C GLN A 524 -15.53 -62.74 -84.30
N TYR A 525 -15.53 -61.83 -83.31
CA TYR A 525 -14.61 -61.89 -82.15
C TYR A 525 -14.92 -63.13 -81.32
N VAL A 526 -16.19 -63.51 -81.11
CA VAL A 526 -16.54 -64.68 -80.23
C VAL A 526 -16.18 -66.01 -80.94
N GLN A 527 -16.31 -66.06 -82.28
CA GLN A 527 -15.85 -67.19 -83.12
C GLN A 527 -14.33 -67.39 -82.96
N GLU A 528 -13.54 -66.32 -83.11
CA GLU A 528 -12.05 -66.34 -82.97
C GLU A 528 -11.68 -66.92 -81.59
N MET A 529 -12.40 -66.52 -80.56
CA MET A 529 -12.12 -66.87 -79.14
C MET A 529 -12.39 -68.36 -78.91
N ALA A 530 -13.40 -68.92 -79.59
CA ALA A 530 -13.87 -70.31 -79.43
C ALA A 530 -12.92 -71.29 -80.10
N LEU A 531 -12.28 -70.91 -81.22
CA LEU A 531 -11.42 -71.80 -82.06
C LEU A 531 -10.04 -71.99 -81.42
N GLY A 532 -9.76 -71.31 -80.31
CA GLY A 532 -8.45 -71.27 -79.66
C GLY A 532 -7.39 -70.80 -80.63
N GLY A 533 -6.43 -71.66 -80.94
CA GLY A 533 -5.27 -71.37 -81.80
C GLY A 533 -4.21 -72.44 -81.60
N PRO A 534 -3.14 -72.45 -82.45
CA PRO A 534 -2.14 -73.53 -82.42
C PRO A 534 -1.43 -73.81 -81.08
N ILE A 535 -1.41 -72.83 -80.15
CA ILE A 535 -0.66 -72.91 -78.85
C ILE A 535 -1.56 -73.46 -77.74
N THR A 536 -2.89 -73.40 -77.93
CA THR A 536 -3.94 -73.87 -76.98
C THR A 536 -4.33 -75.33 -77.27
N LYS A 537 -3.34 -76.23 -77.45
CA LYS A 537 -3.54 -77.68 -77.77
C LYS A 537 -3.46 -78.53 -76.50
N GLU A 538 -3.96 -79.76 -76.59
CA GLU A 538 -4.15 -80.72 -75.46
C GLU A 538 -4.65 -82.08 -76.03
N SER A 539 -3.73 -83.02 -76.36
CA SER A 539 -3.96 -84.25 -77.19
C SER A 539 -5.07 -85.14 -76.57
N ALA A 604 -23.60 -53.94 -92.55
CA ALA A 604 -23.30 -52.85 -93.51
C ALA A 604 -22.51 -51.71 -92.82
N LEU A 605 -21.57 -52.05 -91.93
CA LEU A 605 -20.72 -51.09 -91.16
C LEU A 605 -19.56 -50.60 -92.05
N ASP A 606 -19.27 -49.30 -92.01
CA ASP A 606 -18.14 -48.64 -92.74
C ASP A 606 -18.40 -48.71 -94.27
N LYS A 607 -19.64 -48.40 -94.68
CA LYS A 607 -20.06 -48.18 -96.10
C LYS A 607 -21.43 -47.45 -96.13
N ASP A 608 -22.40 -47.93 -95.33
CA ASP A 608 -23.79 -47.40 -95.23
C ASP A 608 -24.36 -47.86 -93.88
N SER A 609 -24.10 -47.09 -92.81
CA SER A 609 -24.54 -47.34 -91.41
C SER A 609 -26.03 -46.97 -91.20
N THR A 610 -26.70 -46.28 -92.15
CA THR A 610 -28.19 -46.12 -92.20
C THR A 610 -28.87 -47.50 -92.33
N LYS A 611 -28.22 -48.44 -93.04
CA LYS A 611 -28.66 -49.86 -93.22
C LYS A 611 -28.42 -50.66 -91.93
N GLU A 612 -27.29 -50.46 -91.24
CA GLU A 612 -26.94 -51.19 -89.98
C GLU A 612 -27.80 -50.68 -88.81
N VAL A 613 -28.20 -49.41 -88.81
CA VAL A 613 -29.16 -48.83 -87.82
C VAL A 613 -30.50 -49.61 -87.89
N ALA A 614 -31.01 -49.91 -89.10
CA ALA A 614 -32.25 -50.70 -89.34
C ALA A 614 -32.17 -52.10 -88.70
N SER A 615 -30.97 -52.69 -88.60
CA SER A 615 -30.70 -54.08 -88.18
C SER A 615 -30.23 -54.19 -86.70
N LEU A 616 -30.52 -53.17 -85.87
CA LEU A 616 -30.22 -53.13 -84.41
C LEU A 616 -31.35 -53.74 -83.58
N PRO A 617 -32.66 -53.50 -83.84
CA PRO A 617 -33.74 -54.13 -83.07
C PRO A 617 -33.94 -55.62 -83.45
N ASN A 618 -33.79 -55.93 -84.75
CA ASN A 618 -34.01 -57.25 -85.39
C ASN A 618 -33.09 -58.28 -84.71
N LYS A 619 -33.63 -58.94 -83.69
CA LYS A 619 -32.97 -59.97 -82.85
C LYS A 619 -32.60 -61.18 -83.74
N SER A 620 -31.31 -61.57 -83.75
CA SER A 620 -30.71 -62.60 -84.66
C SER A 620 -30.61 -63.96 -83.94
N THR A 621 -31.45 -64.90 -84.38
CA THR A 621 -31.54 -66.33 -83.95
C THR A 621 -30.58 -67.17 -84.82
N ILE A 622 -29.76 -68.03 -84.19
CA ILE A 622 -28.72 -68.88 -84.86
C ILE A 622 -29.07 -70.37 -84.61
N SER A 623 -29.30 -71.13 -85.68
CA SER A 623 -29.71 -72.57 -85.67
C SER A 623 -28.71 -73.40 -84.84
N LYS A 624 -27.41 -73.21 -85.09
CA LYS A 624 -26.28 -73.90 -84.40
C LYS A 624 -25.53 -72.86 -83.54
N THR A 625 -25.22 -73.21 -82.28
CA THR A 625 -24.39 -72.39 -81.36
C THR A 625 -22.91 -72.62 -81.70
N VAL A 626 -22.04 -71.67 -81.35
CA VAL A 626 -20.57 -71.72 -81.58
C VAL A 626 -19.91 -72.79 -80.67
N SER A 627 -20.51 -73.17 -79.53
CA SER A 627 -20.02 -74.26 -78.64
C SER A 627 -19.60 -75.52 -79.42
N SER A 628 -20.35 -75.87 -80.47
CA SER A 628 -20.11 -77.01 -81.42
C SER A 628 -18.88 -76.74 -82.30
N THR A 629 -18.67 -75.47 -82.71
CA THR A 629 -17.50 -74.95 -83.47
C THR A 629 -16.19 -75.15 -82.68
N ILE A 630 -16.23 -75.27 -81.34
CA ILE A 630 -15.01 -75.46 -80.48
C ILE A 630 -14.36 -76.77 -80.90
N PRO A 631 -13.19 -76.75 -81.57
CA PRO A 631 -12.55 -78.00 -82.00
C PRO A 631 -12.06 -78.81 -80.79
N ARG A 632 -12.13 -80.14 -80.87
CA ARG A 632 -11.61 -81.05 -79.83
C ARG A 632 -10.08 -80.92 -79.80
N GLU A 633 -9.48 -81.20 -78.63
CA GLU A 633 -8.01 -81.14 -78.38
C GLU A 633 -7.55 -79.67 -78.26
N THR A 634 -8.44 -78.71 -78.54
CA THR A 634 -8.17 -77.24 -78.48
C THR A 634 -8.96 -76.64 -77.31
N ILE A 635 -8.25 -75.93 -76.43
CA ILE A 635 -8.83 -75.06 -75.37
C ILE A 635 -9.14 -73.70 -76.03
N PRO A 636 -10.36 -73.13 -75.90
CA PRO A 636 -10.62 -71.80 -76.45
C PRO A 636 -9.77 -70.75 -75.75
N PHE A 637 -9.84 -69.52 -76.20
CA PHE A 637 -9.06 -68.41 -75.60
C PHE A 637 -9.79 -67.90 -74.35
N LEU A 638 -11.11 -67.67 -74.43
CA LEU A 638 -12.00 -67.46 -73.25
C LEU A 638 -12.59 -68.81 -72.82
N HIS A 639 -12.43 -69.23 -71.57
CA HIS A 639 -13.07 -70.47 -71.06
C HIS A 639 -13.24 -70.50 -69.54
N LEU A 640 -14.27 -71.18 -69.07
CA LEU A 640 -14.49 -71.42 -67.62
C LEU A 640 -13.73 -72.69 -67.24
N ARG A 641 -13.45 -72.80 -65.95
CA ARG A 641 -12.74 -73.95 -65.35
C ARG A 641 -13.66 -74.62 -64.32
N LYS A 642 -13.28 -75.83 -63.93
CA LYS A 642 -13.97 -76.71 -62.96
C LYS A 642 -12.93 -77.33 -62.03
N LYS A 643 -13.28 -77.45 -60.74
CA LYS A 643 -12.37 -77.96 -59.70
C LYS A 643 -12.43 -79.49 -59.70
N THR A 644 -11.31 -80.15 -59.93
CA THR A 644 -11.14 -81.63 -59.92
C THR A 644 -10.98 -82.10 -58.47
N PRO A 645 -11.42 -83.34 -58.12
CA PRO A 645 -11.12 -83.96 -56.82
C PRO A 645 -9.72 -83.81 -56.20
N ALA A 646 -8.68 -83.65 -57.03
CA ALA A 646 -7.29 -83.32 -56.61
C ALA A 646 -7.21 -81.92 -56.00
N GLY A 647 -8.12 -81.00 -56.36
CA GLY A 647 -8.15 -79.62 -55.88
C GLY A 647 -7.81 -78.57 -56.95
N ASP A 648 -7.16 -78.98 -58.05
CA ASP A 648 -6.73 -78.10 -59.17
C ASP A 648 -7.96 -77.68 -59.99
N TRP A 649 -7.86 -76.57 -60.73
CA TRP A 649 -8.93 -76.09 -61.65
C TRP A 649 -8.51 -76.37 -63.11
N LYS A 650 -9.19 -77.29 -63.78
CA LYS A 650 -8.97 -77.63 -65.22
C LYS A 650 -10.00 -76.94 -66.12
N TYR A 651 -9.63 -76.68 -67.37
CA TYR A 651 -10.57 -76.45 -68.49
C TYR A 651 -11.72 -77.46 -68.40
N ASP A 652 -12.95 -76.96 -68.46
CA ASP A 652 -14.16 -77.81 -68.59
C ASP A 652 -14.89 -77.45 -69.89
N ARG A 653 -14.95 -78.39 -70.85
CA ARG A 653 -15.59 -78.25 -72.19
C ARG A 653 -17.01 -77.68 -72.01
N GLN A 654 -17.79 -78.32 -71.14
CA GLN A 654 -19.26 -78.13 -70.99
C GLN A 654 -19.53 -76.73 -70.43
N LEU A 655 -19.12 -76.41 -69.21
CA LEU A 655 -19.20 -75.05 -68.59
C LEU A 655 -18.78 -73.98 -69.63
N SER A 656 -17.60 -74.14 -70.20
CA SER A 656 -17.00 -73.21 -71.18
C SER A 656 -17.94 -72.97 -72.36
N SER A 657 -18.60 -74.02 -72.88
CA SER A 657 -19.58 -73.95 -74.00
C SER A 657 -20.69 -72.96 -73.62
N LEU A 658 -21.36 -73.25 -72.53
CA LEU A 658 -22.46 -72.43 -71.96
C LEU A 658 -22.08 -70.94 -71.92
N PHE A 659 -20.95 -70.61 -71.29
CA PHE A 659 -20.38 -69.23 -71.21
C PHE A 659 -20.25 -68.60 -72.60
N LEU A 660 -19.60 -69.30 -73.54
CA LEU A 660 -19.30 -68.82 -74.92
C LEU A 660 -20.59 -68.63 -75.73
N ASP A 661 -21.66 -69.38 -75.46
CA ASP A 661 -22.97 -69.22 -76.16
C ASP A 661 -23.66 -67.93 -75.67
N GLY A 662 -23.74 -67.71 -74.36
CA GLY A 662 -24.19 -66.44 -73.77
C GLY A 662 -23.40 -65.24 -74.30
N LEU A 663 -22.13 -65.46 -74.61
CA LEU A 663 -21.19 -64.42 -75.07
C LEU A 663 -21.44 -64.13 -76.55
N GLU A 664 -21.90 -65.15 -77.31
CA GLU A 664 -22.29 -65.05 -78.74
C GLU A 664 -23.59 -64.23 -78.88
N LYS A 665 -24.57 -64.49 -78.01
CA LYS A 665 -25.90 -63.83 -77.97
C LYS A 665 -25.73 -62.36 -77.61
N ALA A 666 -24.87 -62.09 -76.65
CA ALA A 666 -24.50 -60.72 -76.20
C ALA A 666 -23.94 -59.93 -77.39
N ALA A 667 -23.17 -60.60 -78.27
CA ALA A 667 -22.54 -59.97 -79.44
C ALA A 667 -23.59 -59.62 -80.50
N PHE A 668 -24.63 -60.46 -80.65
CA PHE A 668 -25.73 -60.25 -81.64
C PHE A 668 -26.81 -59.36 -81.01
N ASN A 669 -27.52 -59.92 -80.04
CA ASN A 669 -28.78 -59.37 -79.48
C ASN A 669 -28.45 -58.26 -78.45
N GLY A 670 -27.31 -58.43 -77.75
CA GLY A 670 -26.90 -57.59 -76.60
C GLY A 670 -27.45 -58.14 -75.30
N VAL A 671 -27.06 -57.56 -74.17
CA VAL A 671 -27.32 -58.11 -72.81
C VAL A 671 -28.12 -57.04 -72.09
N THR A 672 -29.10 -57.41 -71.28
CA THR A 672 -29.75 -56.42 -70.37
C THR A 672 -29.17 -56.63 -68.96
N PHE A 673 -29.14 -55.54 -68.21
CA PHE A 673 -28.83 -55.44 -66.77
C PHE A 673 -29.94 -54.62 -66.10
N LYS A 674 -31.10 -54.52 -66.69
CA LYS A 674 -32.31 -53.96 -66.04
C LYS A 674 -32.45 -54.67 -64.68
N ASP A 675 -32.58 -53.91 -63.62
CA ASP A 675 -32.89 -54.38 -62.24
C ASP A 675 -31.65 -54.93 -61.54
N LYS A 676 -30.49 -54.81 -62.17
CA LYS A 676 -29.18 -55.16 -61.58
C LYS A 676 -28.70 -53.95 -60.79
N TYR A 677 -28.32 -54.13 -59.50
CA TYR A 677 -27.71 -53.08 -58.64
C TYR A 677 -26.23 -53.39 -58.42
N VAL A 678 -25.33 -52.51 -58.82
CA VAL A 678 -23.89 -52.86 -58.87
C VAL A 678 -23.09 -51.85 -58.04
N LEU A 679 -22.23 -52.32 -57.13
CA LEU A 679 -21.08 -51.50 -56.61
C LEU A 679 -19.86 -51.81 -57.47
N ILE A 680 -19.10 -50.78 -57.89
CA ILE A 680 -17.84 -50.89 -58.68
C ILE A 680 -16.82 -49.92 -58.13
N THR A 681 -15.59 -50.37 -57.94
CA THR A 681 -14.48 -49.55 -57.40
C THR A 681 -13.36 -49.65 -58.41
N GLY A 682 -12.46 -48.66 -58.42
CA GLY A 682 -11.29 -48.77 -59.29
C GLY A 682 -11.72 -48.70 -60.73
N ALA A 683 -12.59 -47.76 -61.01
CA ALA A 683 -13.21 -47.54 -62.32
C ALA A 683 -13.06 -46.10 -62.77
N GLY A 684 -11.84 -45.57 -62.70
CA GLY A 684 -11.52 -44.19 -63.09
C GLY A 684 -11.33 -44.04 -64.57
N LYS A 685 -11.19 -42.82 -65.05
CA LYS A 685 -11.07 -42.49 -66.50
C LYS A 685 -9.90 -43.28 -67.09
N GLY A 686 -10.14 -43.96 -68.21
CA GLY A 686 -9.13 -44.75 -68.94
C GLY A 686 -8.70 -46.02 -68.22
N SER A 687 -9.66 -46.81 -67.70
CA SER A 687 -9.45 -48.14 -67.07
C SER A 687 -10.42 -49.15 -67.65
N ILE A 688 -10.16 -50.44 -67.48
CA ILE A 688 -11.19 -51.48 -67.75
C ILE A 688 -12.41 -51.21 -66.85
N GLY A 689 -12.17 -50.84 -65.60
CA GLY A 689 -13.26 -50.48 -64.66
C GLY A 689 -14.27 -49.53 -65.28
N ALA A 690 -13.83 -48.63 -66.14
CA ALA A 690 -14.65 -47.55 -66.72
C ALA A 690 -15.32 -48.01 -68.01
N GLU A 691 -14.76 -48.98 -68.74
CA GLU A 691 -15.44 -49.59 -69.91
C GLU A 691 -16.50 -50.60 -69.45
N VAL A 692 -16.37 -51.12 -68.24
CA VAL A 692 -17.39 -52.00 -67.63
C VAL A 692 -18.54 -51.10 -67.28
N LEU A 693 -18.26 -50.07 -66.51
CA LEU A 693 -19.23 -49.03 -66.10
C LEU A 693 -20.07 -48.57 -67.25
N GLN A 694 -19.52 -48.34 -68.45
CA GLN A 694 -20.29 -47.85 -69.63
C GLN A 694 -21.33 -48.90 -70.05
N GLY A 695 -20.88 -50.15 -70.16
CA GLY A 695 -21.74 -51.32 -70.40
C GLY A 695 -22.80 -51.53 -69.34
N LEU A 696 -22.48 -51.43 -68.07
CA LEU A 696 -23.56 -51.59 -67.07
C LEU A 696 -24.66 -50.56 -67.36
N LEU A 697 -24.26 -49.31 -67.54
CA LEU A 697 -25.19 -48.20 -67.65
C LEU A 697 -25.91 -48.39 -68.95
N GLN A 698 -25.21 -48.92 -69.96
CA GLN A 698 -25.79 -49.14 -71.31
C GLN A 698 -26.97 -50.08 -71.21
N GLY A 699 -26.95 -51.08 -70.32
CA GLY A 699 -28.03 -52.09 -70.18
C GLY A 699 -28.97 -51.74 -69.05
N GLY A 700 -29.03 -50.48 -68.62
CA GLY A 700 -29.97 -50.04 -67.56
C GLY A 700 -29.61 -50.48 -66.14
N ALA A 701 -28.36 -50.80 -65.81
CA ALA A 701 -28.01 -51.06 -64.41
C ALA A 701 -28.12 -49.80 -63.56
N LYS A 702 -28.29 -49.99 -62.26
CA LYS A 702 -28.15 -48.91 -61.25
C LYS A 702 -26.83 -49.16 -60.56
N VAL A 703 -25.94 -48.18 -60.55
CA VAL A 703 -24.50 -48.45 -60.25
C VAL A 703 -23.98 -47.46 -59.23
N VAL A 704 -23.34 -47.92 -58.14
CA VAL A 704 -22.48 -47.05 -57.28
C VAL A 704 -21.03 -47.14 -57.72
N VAL A 705 -20.39 -46.03 -58.06
CA VAL A 705 -18.99 -45.93 -58.54
C VAL A 705 -18.25 -45.12 -57.53
N THR A 706 -17.07 -45.55 -57.15
CA THR A 706 -16.34 -44.90 -56.06
C THR A 706 -15.09 -44.28 -56.65
N THR A 707 -14.81 -43.05 -56.23
CA THR A 707 -13.56 -42.35 -56.61
C THR A 707 -12.76 -42.11 -55.35
N SER A 708 -11.44 -42.18 -55.48
CA SER A 708 -10.45 -41.80 -54.45
C SER A 708 -10.05 -40.32 -54.64
N ARG A 709 -10.32 -39.75 -55.81
CA ARG A 709 -9.89 -38.39 -56.17
C ARG A 709 -11.12 -37.60 -56.60
N PHE A 710 -12.02 -37.29 -55.68
CA PHE A 710 -13.26 -36.52 -55.96
C PHE A 710 -12.95 -35.04 -56.15
N SER A 711 -13.58 -34.45 -57.14
CA SER A 711 -13.16 -33.18 -57.78
C SER A 711 -14.21 -32.84 -58.82
N LYS A 712 -14.27 -31.60 -59.27
CA LYS A 712 -15.14 -31.20 -60.41
C LYS A 712 -14.68 -32.00 -61.64
N GLN A 713 -13.39 -32.14 -61.88
CA GLN A 713 -12.88 -32.80 -63.10
C GLN A 713 -13.50 -34.18 -63.25
N VAL A 714 -13.70 -34.88 -62.14
CA VAL A 714 -14.04 -36.34 -62.07
C VAL A 714 -15.56 -36.48 -62.11
N THR A 715 -16.22 -35.67 -61.32
CA THR A 715 -17.68 -35.58 -61.27
C THR A 715 -18.21 -35.11 -62.63
N ASP A 716 -17.41 -34.45 -63.47
CA ASP A 716 -17.80 -34.05 -64.85
C ASP A 716 -17.54 -35.19 -65.81
N TYR A 717 -16.41 -35.85 -65.78
CA TYR A 717 -16.19 -37.12 -66.51
C TYR A 717 -17.43 -38.02 -66.37
N TYR A 718 -17.89 -38.28 -65.14
CA TYR A 718 -18.98 -39.24 -64.85
C TYR A 718 -20.32 -38.68 -65.29
N GLN A 719 -20.57 -37.39 -65.16
CA GLN A 719 -21.82 -36.78 -65.70
C GLN A 719 -21.87 -37.04 -67.21
N SER A 720 -20.70 -37.01 -67.85
CA SER A 720 -20.56 -37.06 -69.32
C SER A 720 -20.83 -38.48 -69.80
N ILE A 721 -20.62 -39.45 -68.96
CA ILE A 721 -20.75 -40.87 -69.33
C ILE A 721 -22.21 -41.24 -69.18
N TYR A 722 -22.80 -40.89 -68.05
CA TYR A 722 -24.22 -41.13 -67.84
C TYR A 722 -25.00 -40.45 -68.96
N ALA A 723 -24.69 -39.20 -69.31
CA ALA A 723 -25.48 -38.47 -70.34
C ALA A 723 -25.31 -39.05 -71.75
N LYS A 724 -24.27 -39.81 -72.02
CA LYS A 724 -24.05 -40.46 -73.34
C LYS A 724 -24.63 -41.87 -73.35
N TYR A 725 -24.61 -42.60 -72.22
CA TYR A 725 -24.69 -44.08 -72.16
C TYR A 725 -25.78 -44.60 -71.24
N GLY A 726 -26.16 -43.89 -70.21
CA GLY A 726 -27.20 -44.35 -69.28
C GLY A 726 -28.52 -44.56 -70.01
N ALA A 727 -28.91 -45.79 -70.24
CA ALA A 727 -30.21 -46.14 -70.84
C ALA A 727 -31.35 -45.93 -69.86
N LYS A 728 -32.57 -46.12 -70.31
CA LYS A 728 -33.79 -45.87 -69.50
C LYS A 728 -33.75 -46.77 -68.29
N GLY A 729 -33.78 -46.22 -67.08
CA GLY A 729 -33.83 -47.02 -65.84
C GLY A 729 -32.51 -47.10 -65.15
N SER A 730 -31.42 -46.88 -65.87
CA SER A 730 -30.05 -46.71 -65.31
C SER A 730 -30.02 -45.54 -64.31
N THR A 731 -29.22 -45.66 -63.24
CA THR A 731 -28.69 -44.50 -62.47
C THR A 731 -27.23 -44.73 -62.14
N LEU A 732 -26.52 -43.67 -61.88
CA LEU A 732 -25.11 -43.69 -61.48
C LEU A 732 -24.99 -42.82 -60.22
N ILE A 733 -24.56 -43.39 -59.09
CA ILE A 733 -24.17 -42.57 -57.91
C ILE A 733 -22.65 -42.56 -57.86
N VAL A 734 -22.05 -41.40 -57.72
CA VAL A 734 -20.57 -41.23 -57.61
C VAL A 734 -20.29 -40.77 -56.20
N VAL A 735 -19.53 -41.52 -55.42
CA VAL A 735 -19.23 -41.18 -54.01
C VAL A 735 -17.74 -41.14 -53.90
N PRO A 736 -17.18 -40.29 -53.05
CA PRO A 736 -15.78 -40.36 -52.71
C PRO A 736 -15.61 -41.52 -51.73
N PHE A 737 -14.48 -42.21 -51.79
CA PHE A 737 -14.28 -43.50 -51.09
C PHE A 737 -12.81 -43.87 -51.03
N ASN A 738 -12.32 -44.26 -49.85
CA ASN A 738 -10.97 -44.83 -49.65
C ASN A 738 -11.08 -46.33 -49.34
N GLN A 739 -10.86 -47.25 -50.28
CA GLN A 739 -11.02 -48.72 -50.04
C GLN A 739 -9.99 -49.16 -48.97
N GLY A 740 -8.88 -48.45 -48.85
CA GLY A 740 -7.91 -48.61 -47.75
C GLY A 740 -8.44 -48.33 -46.37
N SER A 741 -9.57 -47.66 -46.21
CA SER A 741 -10.13 -47.32 -44.88
C SER A 741 -11.22 -48.33 -44.53
N LYS A 742 -11.13 -48.95 -43.36
CA LYS A 742 -12.11 -49.92 -42.84
C LYS A 742 -13.41 -49.16 -42.61
N GLN A 743 -13.31 -47.91 -42.17
CA GLN A 743 -14.44 -47.11 -41.71
C GLN A 743 -15.22 -46.62 -42.91
N ASP A 744 -14.54 -46.32 -44.02
CA ASP A 744 -15.20 -45.98 -45.31
C ASP A 744 -15.97 -47.18 -45.88
N VAL A 745 -15.37 -48.35 -45.90
CA VAL A 745 -16.05 -49.60 -46.33
C VAL A 745 -17.31 -49.83 -45.49
N GLU A 746 -17.25 -49.78 -44.17
CA GLU A 746 -18.45 -50.04 -43.32
C GLU A 746 -19.54 -49.05 -43.72
N ALA A 747 -19.14 -47.78 -43.86
CA ALA A 747 -19.97 -46.60 -44.13
C ALA A 747 -20.62 -46.65 -45.50
N LEU A 748 -19.85 -47.00 -46.53
CA LEU A 748 -20.37 -47.15 -47.92
C LEU A 748 -21.51 -48.14 -47.91
N ILE A 749 -21.30 -49.31 -47.32
CA ILE A 749 -22.26 -50.43 -47.50
C ILE A 749 -23.50 -50.10 -46.69
N GLU A 750 -23.34 -49.33 -45.64
CA GLU A 750 -24.45 -48.89 -44.78
C GLU A 750 -25.26 -47.77 -45.48
N PHE A 751 -24.64 -46.98 -46.31
CA PHE A 751 -25.29 -45.91 -47.12
C PHE A 751 -26.09 -46.55 -48.25
N ILE A 752 -25.52 -47.57 -48.92
CA ILE A 752 -26.21 -48.29 -50.03
C ILE A 752 -27.46 -48.95 -49.48
N TYR A 753 -27.46 -49.52 -48.28
CA TYR A 753 -28.56 -50.39 -47.84
C TYR A 753 -29.51 -49.61 -46.97
N ASP A 754 -29.12 -48.47 -46.41
CA ASP A 754 -30.01 -47.67 -45.52
C ASP A 754 -31.21 -47.22 -46.34
N THR A 755 -32.27 -46.79 -45.68
CA THR A 755 -33.51 -46.31 -46.34
C THR A 755 -33.30 -44.84 -46.69
N GLU A 756 -33.96 -44.40 -47.75
CA GLU A 756 -33.90 -43.02 -48.27
C GLU A 756 -34.33 -42.07 -47.14
N LYS A 757 -35.25 -42.53 -46.30
CA LYS A 757 -35.71 -41.80 -45.08
C LYS A 757 -34.53 -41.55 -44.12
N ASN A 758 -33.63 -42.54 -43.91
CA ASN A 758 -32.41 -42.36 -43.05
C ASN A 758 -31.22 -41.82 -43.84
N GLY A 759 -31.39 -41.44 -45.10
CA GLY A 759 -30.37 -40.71 -45.89
C GLY A 759 -29.56 -41.61 -46.79
N GLY A 760 -29.99 -42.87 -46.96
CA GLY A 760 -29.31 -43.89 -47.78
C GLY A 760 -29.92 -44.00 -49.17
N LEU A 761 -29.79 -45.16 -49.79
CA LEU A 761 -30.25 -45.46 -51.18
C LEU A 761 -31.42 -46.45 -51.15
N GLY A 762 -31.45 -47.39 -50.22
CA GLY A 762 -32.51 -48.41 -50.13
C GLY A 762 -32.33 -49.47 -51.18
N TRP A 763 -31.11 -49.62 -51.64
CA TRP A 763 -30.75 -50.65 -52.63
C TRP A 763 -30.46 -51.96 -51.94
N ASP A 764 -30.17 -52.95 -52.76
CA ASP A 764 -29.72 -54.29 -52.35
C ASP A 764 -28.92 -54.85 -53.53
N LEU A 765 -27.60 -54.88 -53.40
CA LEU A 765 -26.63 -55.19 -54.45
C LEU A 765 -26.86 -56.58 -55.02
N ASP A 766 -26.69 -56.70 -56.31
CA ASP A 766 -26.66 -57.92 -57.13
C ASP A 766 -25.27 -58.18 -57.72
N ALA A 767 -24.31 -57.28 -57.55
CA ALA A 767 -22.91 -57.48 -57.99
C ALA A 767 -21.98 -56.50 -57.32
N ILE A 768 -20.86 -57.00 -56.83
CA ILE A 768 -19.73 -56.17 -56.34
C ILE A 768 -18.59 -56.42 -57.30
N ILE A 769 -17.96 -55.35 -57.75
CA ILE A 769 -16.79 -55.45 -58.65
C ILE A 769 -15.69 -54.59 -58.03
N PRO A 770 -14.86 -55.16 -57.13
CA PRO A 770 -13.86 -54.41 -56.39
C PRO A 770 -12.47 -54.43 -57.03
N PHE A 771 -12.27 -53.61 -58.04
CA PHE A 771 -11.09 -53.53 -58.92
C PHE A 771 -10.15 -52.43 -58.45
N ALA A 772 -10.41 -51.77 -57.32
CA ALA A 772 -9.50 -50.76 -56.72
C ALA A 772 -8.16 -51.39 -56.44
N ALA A 773 -7.13 -50.60 -56.56
CA ALA A 773 -5.75 -51.12 -56.57
C ALA A 773 -4.79 -49.95 -56.57
N ILE A 774 -3.63 -50.12 -55.96
CA ILE A 774 -2.50 -49.18 -56.17
C ILE A 774 -1.36 -49.96 -56.73
N PRO A 775 -0.61 -49.34 -57.66
CA PRO A 775 0.56 -49.96 -58.26
C PRO A 775 1.76 -49.97 -57.30
N GLU A 776 2.56 -51.04 -57.37
CA GLU A 776 3.83 -51.14 -56.62
C GLU A 776 4.83 -51.69 -57.63
N GLN A 777 5.82 -50.88 -57.99
CA GLN A 777 6.75 -51.15 -59.12
C GLN A 777 8.17 -51.19 -58.57
N GLY A 778 8.94 -52.20 -58.96
CA GLY A 778 10.31 -52.44 -58.46
C GLY A 778 10.37 -52.52 -56.96
N ILE A 779 9.29 -52.99 -56.35
CA ILE A 779 9.28 -53.39 -54.92
C ILE A 779 9.46 -54.89 -54.92
N GLU A 780 10.73 -55.30 -54.75
CA GLU A 780 11.16 -56.69 -54.47
C GLU A 780 11.02 -56.98 -52.96
N LEU A 781 11.26 -58.22 -52.57
CA LEU A 781 11.02 -58.70 -51.18
C LEU A 781 11.88 -58.00 -50.14
N GLU A 782 13.08 -57.55 -50.49
CA GLU A 782 13.94 -56.65 -49.68
C GLU A 782 13.14 -55.39 -49.26
N HIS A 783 12.26 -54.87 -50.10
CA HIS A 783 11.74 -53.49 -50.05
C HIS A 783 10.27 -53.43 -49.67
N ILE A 784 9.62 -54.56 -49.44
CA ILE A 784 8.23 -54.56 -48.94
C ILE A 784 8.23 -53.74 -47.67
N ASP A 785 7.53 -52.59 -47.70
CA ASP A 785 7.28 -51.73 -46.53
C ASP A 785 5.82 -51.26 -46.50
N SER A 786 5.60 -49.99 -46.22
CA SER A 786 4.33 -49.39 -45.79
C SER A 786 3.36 -49.38 -46.96
N LYS A 787 3.81 -48.93 -48.11
CA LYS A 787 3.00 -48.87 -49.33
C LYS A 787 2.48 -50.28 -49.66
N SER A 788 3.31 -51.29 -49.62
CA SER A 788 2.87 -52.66 -49.98
C SER A 788 1.90 -53.18 -48.93
N GLU A 789 2.15 -52.91 -47.65
CA GLU A 789 1.26 -53.35 -46.57
C GLU A 789 -0.10 -52.66 -46.70
N PHE A 790 -0.13 -51.40 -47.12
CA PHE A 790 -1.37 -50.65 -47.40
C PHE A 790 -2.05 -51.19 -48.64
N ALA A 791 -1.29 -51.38 -49.70
CA ALA A 791 -1.82 -51.98 -50.95
C ALA A 791 -2.49 -53.32 -50.64
N HIS A 792 -1.88 -54.18 -49.85
CA HIS A 792 -2.44 -55.50 -49.48
C HIS A 792 -3.79 -55.32 -48.80
N ARG A 793 -3.99 -54.26 -48.04
CA ARG A 793 -5.25 -53.97 -47.34
C ARG A 793 -6.29 -53.55 -48.37
N ILE A 794 -5.96 -52.65 -49.29
CA ILE A 794 -6.89 -52.25 -50.39
C ILE A 794 -7.35 -53.49 -51.17
N MET A 795 -6.42 -54.32 -51.57
CA MET A 795 -6.61 -55.35 -52.62
C MET A 795 -7.01 -56.70 -52.04
N LEU A 796 -6.96 -56.90 -50.71
CA LEU A 796 -7.37 -58.17 -50.09
C LEU A 796 -8.17 -57.93 -48.81
N THR A 797 -7.58 -57.56 -47.69
CA THR A 797 -8.34 -57.58 -46.39
C THR A 797 -9.61 -56.71 -46.47
N ASN A 798 -9.58 -55.55 -47.09
CA ASN A 798 -10.75 -54.67 -47.14
C ASN A 798 -11.67 -55.14 -48.26
N ILE A 799 -11.24 -56.02 -49.17
CA ILE A 799 -12.22 -56.70 -50.08
C ILE A 799 -13.07 -57.67 -49.25
N LEU A 800 -12.44 -58.38 -48.32
CA LEU A 800 -13.11 -59.39 -47.48
C LEU A 800 -14.08 -58.69 -46.54
N ARG A 801 -13.65 -57.57 -45.95
CA ARG A 801 -14.49 -56.70 -45.08
C ARG A 801 -15.69 -56.10 -45.82
N MET A 802 -15.62 -55.89 -47.11
CA MET A 802 -16.72 -55.30 -47.91
C MET A 802 -17.72 -56.41 -48.24
N MET A 803 -17.28 -57.61 -48.64
CA MET A 803 -18.20 -58.78 -48.74
C MET A 803 -18.69 -59.17 -47.31
N GLY A 804 -17.89 -58.98 -46.29
CA GLY A 804 -18.41 -59.26 -44.96
C GLY A 804 -19.57 -58.38 -44.65
N CYS A 805 -19.44 -57.09 -44.97
CA CYS A 805 -20.43 -56.02 -44.68
C CYS A 805 -21.68 -56.31 -45.49
N VAL A 806 -21.58 -56.73 -46.77
CA VAL A 806 -22.82 -56.91 -47.56
C VAL A 806 -23.54 -58.13 -47.05
N LYS A 807 -22.85 -59.11 -46.52
CA LYS A 807 -23.46 -60.30 -45.83
C LYS A 807 -24.20 -59.83 -44.58
N LYS A 808 -23.61 -59.01 -43.73
CA LYS A 808 -24.32 -58.55 -42.51
C LYS A 808 -25.56 -57.70 -42.85
N GLN A 809 -25.51 -56.82 -43.84
CA GLN A 809 -26.68 -56.02 -44.26
C GLN A 809 -27.76 -56.92 -44.90
N LYS A 810 -27.40 -57.94 -45.67
CA LYS A 810 -28.40 -58.79 -46.35
C LYS A 810 -29.08 -59.70 -45.36
N SER A 811 -28.42 -60.00 -44.25
CA SER A 811 -28.85 -61.01 -43.26
C SER A 811 -29.76 -60.31 -42.26
N ALA A 812 -29.34 -59.13 -41.82
CA ALA A 812 -30.15 -58.17 -41.04
C ALA A 812 -31.59 -58.13 -41.53
N ARG A 813 -31.79 -58.11 -42.84
CA ARG A 813 -33.10 -57.96 -43.53
C ARG A 813 -33.61 -59.32 -44.03
N GLY A 814 -32.96 -60.41 -43.63
CA GLY A 814 -33.37 -61.79 -43.96
C GLY A 814 -33.47 -62.03 -45.45
N ILE A 815 -32.64 -61.36 -46.23
CA ILE A 815 -32.58 -61.56 -47.70
C ILE A 815 -31.74 -62.81 -47.92
N GLU A 816 -32.38 -63.91 -48.28
CA GLU A 816 -31.69 -65.21 -48.45
C GLU A 816 -31.67 -65.63 -49.92
N THR A 817 -32.32 -64.89 -50.82
CA THR A 817 -32.57 -65.39 -52.20
C THR A 817 -32.15 -64.37 -53.24
N ARG A 818 -31.34 -63.37 -52.88
CA ARG A 818 -30.87 -62.34 -53.81
C ARG A 818 -29.37 -62.13 -53.61
N PRO A 819 -28.53 -63.11 -53.97
CA PRO A 819 -27.12 -63.04 -53.71
C PRO A 819 -26.42 -62.03 -54.59
N ALA A 820 -25.36 -61.40 -54.09
CA ALA A 820 -24.52 -60.48 -54.88
C ALA A 820 -23.37 -61.27 -55.49
N GLN A 821 -23.25 -61.28 -56.80
CA GLN A 821 -22.10 -61.95 -57.46
C GLN A 821 -20.89 -61.05 -57.31
N VAL A 822 -19.92 -61.44 -56.50
CA VAL A 822 -18.58 -60.80 -56.45
C VAL A 822 -17.76 -61.23 -57.66
N ILE A 823 -17.24 -60.28 -58.46
CA ILE A 823 -16.32 -60.55 -59.61
C ILE A 823 -14.91 -60.13 -59.18
N LEU A 824 -14.04 -61.06 -58.78
CA LEU A 824 -12.68 -60.76 -58.26
C LEU A 824 -11.75 -60.72 -59.45
N PRO A 825 -10.92 -59.69 -59.58
CA PRO A 825 -9.89 -59.71 -60.58
C PRO A 825 -8.76 -60.59 -60.05
N MET A 826 -8.54 -61.73 -60.71
CA MET A 826 -7.43 -62.63 -60.39
C MET A 826 -6.34 -62.33 -61.39
N SER A 827 -5.16 -62.89 -61.15
CA SER A 827 -4.03 -62.87 -62.10
C SER A 827 -3.78 -64.32 -62.43
N PRO A 828 -3.22 -64.65 -63.62
CA PRO A 828 -2.67 -65.99 -63.85
C PRO A 828 -1.19 -66.05 -63.41
N ASN A 829 -0.57 -64.87 -63.23
CA ASN A 829 0.89 -64.67 -63.04
C ASN A 829 1.13 -64.26 -61.58
N HIS A 830 1.21 -65.27 -60.68
CA HIS A 830 1.53 -65.16 -59.22
C HIS A 830 3.05 -65.32 -59.02
N GLY A 831 3.77 -64.21 -58.83
CA GLY A 831 5.22 -64.19 -58.56
C GLY A 831 6.13 -64.24 -59.80
N THR A 832 5.59 -64.44 -61.00
CA THR A 832 6.40 -64.80 -62.20
C THR A 832 7.09 -63.57 -62.85
N PHE A 833 6.92 -62.37 -62.34
CA PHE A 833 7.65 -61.15 -62.78
C PHE A 833 8.51 -60.52 -61.68
N GLY A 834 7.99 -60.47 -60.46
CA GLY A 834 8.63 -59.77 -59.36
C GLY A 834 8.47 -58.28 -59.47
N GLY A 835 8.95 -57.58 -58.45
CA GLY A 835 8.91 -56.11 -58.40
C GLY A 835 7.50 -55.62 -58.22
N ASP A 836 6.58 -56.50 -57.82
CA ASP A 836 5.13 -56.22 -57.74
C ASP A 836 4.73 -55.97 -56.27
N GLY A 837 5.67 -56.02 -55.30
CA GLY A 837 5.37 -55.77 -53.88
C GLY A 837 4.57 -56.93 -53.36
N MET A 838 3.45 -56.67 -52.72
CA MET A 838 2.59 -57.79 -52.24
C MET A 838 1.39 -58.03 -53.17
N TYR A 839 1.51 -57.71 -54.46
CA TYR A 839 0.40 -57.82 -55.46
C TYR A 839 0.02 -59.30 -55.63
N SER A 840 1.00 -60.12 -55.95
CA SER A 840 0.84 -61.59 -56.10
C SER A 840 0.24 -62.26 -54.85
N GLU A 841 0.58 -61.80 -53.63
CA GLU A 841 0.05 -62.37 -52.37
C GLU A 841 -1.42 -61.96 -52.28
N SER A 842 -1.72 -60.70 -52.60
CA SER A 842 -3.08 -60.15 -52.67
C SER A 842 -3.92 -61.03 -53.58
N LYS A 843 -3.45 -61.26 -54.79
CA LYS A 843 -4.26 -61.89 -55.87
C LYS A 843 -4.47 -63.36 -55.52
N LEU A 844 -3.45 -64.05 -55.09
CA LEU A 844 -3.54 -65.50 -54.85
C LEU A 844 -4.47 -65.85 -53.67
N SER A 845 -4.49 -65.01 -52.65
CA SER A 845 -5.30 -65.23 -51.43
C SER A 845 -6.79 -65.06 -51.70
N LEU A 846 -7.23 -64.47 -52.81
CA LEU A 846 -8.69 -64.41 -53.16
C LEU A 846 -9.18 -65.79 -53.64
N GLU A 847 -8.29 -66.64 -54.15
CA GLU A 847 -8.63 -68.04 -54.52
C GLU A 847 -9.07 -68.86 -53.29
N THR A 848 -8.82 -68.43 -52.05
CA THR A 848 -9.47 -69.01 -50.85
C THR A 848 -10.99 -68.82 -50.82
N LEU A 849 -11.55 -67.81 -51.50
CA LEU A 849 -13.02 -67.56 -51.50
C LEU A 849 -13.78 -68.61 -52.34
N PHE A 850 -13.13 -69.39 -53.20
CA PHE A 850 -13.80 -70.43 -54.00
C PHE A 850 -14.01 -71.65 -53.12
N ASN A 851 -13.27 -71.74 -52.01
CA ASN A 851 -13.40 -72.88 -51.09
C ASN A 851 -14.29 -72.49 -49.95
N ARG A 852 -14.06 -71.33 -49.36
CA ARG A 852 -14.84 -70.83 -48.21
C ARG A 852 -16.30 -70.63 -48.58
N TRP A 853 -16.67 -70.47 -49.83
CA TRP A 853 -18.09 -70.36 -50.25
C TRP A 853 -18.85 -71.63 -49.88
N HIS A 854 -18.21 -72.79 -49.94
CA HIS A 854 -18.77 -74.09 -49.50
C HIS A 854 -18.69 -74.29 -47.98
N SER A 855 -17.77 -73.65 -47.31
CA SER A 855 -17.35 -74.07 -45.98
C SER A 855 -17.87 -73.17 -44.89
N GLU A 856 -18.57 -72.09 -45.25
CA GLU A 856 -19.07 -71.06 -44.29
C GLU A 856 -20.54 -70.83 -44.56
N SER A 857 -21.09 -69.74 -44.06
CA SER A 857 -22.55 -69.52 -43.89
C SER A 857 -22.99 -68.30 -44.70
N TRP A 858 -22.26 -67.95 -45.76
CA TRP A 858 -22.52 -66.74 -46.55
C TRP A 858 -22.77 -67.05 -48.02
N ALA A 859 -22.96 -68.29 -48.43
CA ALA A 859 -23.25 -68.61 -49.83
C ALA A 859 -24.63 -68.10 -50.31
N ASN A 860 -25.61 -67.94 -49.46
CA ASN A 860 -26.93 -67.40 -49.90
C ASN A 860 -26.85 -65.88 -50.06
N GLN A 861 -25.85 -65.22 -49.49
CA GLN A 861 -25.73 -63.76 -49.59
C GLN A 861 -24.75 -63.33 -50.70
N LEU A 862 -23.93 -64.21 -51.26
CA LEU A 862 -22.69 -63.86 -51.99
C LEU A 862 -22.32 -65.03 -52.90
N THR A 863 -21.84 -64.76 -54.09
CA THR A 863 -21.39 -65.79 -55.04
C THR A 863 -20.06 -65.32 -55.59
N VAL A 864 -19.12 -66.20 -55.81
CA VAL A 864 -17.82 -65.72 -56.33
C VAL A 864 -17.74 -66.11 -57.80
N CYS A 865 -17.29 -65.16 -58.59
CA CYS A 865 -17.01 -65.30 -60.01
C CYS A 865 -15.64 -64.70 -60.22
N GLY A 866 -14.59 -65.51 -60.14
CA GLY A 866 -13.20 -65.04 -60.30
C GLY A 866 -12.87 -64.97 -61.76
N ALA A 867 -12.47 -63.79 -62.23
CA ALA A 867 -12.08 -63.52 -63.62
C ALA A 867 -10.56 -63.42 -63.69
N ILE A 868 -9.91 -64.38 -64.34
CA ILE A 868 -8.44 -64.36 -64.58
C ILE A 868 -8.22 -63.51 -65.82
N ILE A 869 -8.00 -62.22 -65.61
CA ILE A 869 -7.93 -61.17 -66.68
C ILE A 869 -6.57 -61.29 -67.30
N GLY A 870 -6.52 -61.25 -68.63
CA GLY A 870 -5.28 -61.42 -69.42
C GLY A 870 -4.87 -60.13 -70.09
N TRP A 871 -4.06 -60.23 -71.14
CA TRP A 871 -3.26 -59.08 -71.64
C TRP A 871 -4.18 -58.05 -72.31
N THR A 872 -4.37 -56.93 -71.63
CA THR A 872 -5.26 -55.82 -72.02
C THR A 872 -4.34 -54.65 -72.35
N ARG A 873 -4.38 -54.25 -73.61
CA ARG A 873 -3.62 -53.11 -74.16
C ARG A 873 -4.23 -51.83 -73.59
N GLY A 874 -3.41 -50.84 -73.24
CA GLY A 874 -3.87 -49.49 -72.84
C GLY A 874 -3.92 -48.55 -74.03
N THR A 875 -3.89 -47.24 -73.75
CA THR A 875 -3.94 -46.13 -74.73
C THR A 875 -2.84 -46.29 -75.81
N GLY A 876 -1.60 -45.86 -75.55
CA GLY A 876 -0.59 -45.72 -76.62
C GLY A 876 0.85 -45.70 -76.13
N LEU A 877 1.63 -46.73 -76.50
CA LEU A 877 3.11 -46.82 -76.51
C LEU A 877 3.63 -47.06 -75.08
N MET A 878 3.48 -46.07 -74.20
CA MET A 878 3.91 -46.14 -72.78
C MET A 878 2.93 -47.03 -72.01
N SER A 879 1.62 -46.79 -72.17
CA SER A 879 0.55 -47.50 -71.44
C SER A 879 0.79 -49.02 -71.55
N ALA A 880 0.68 -49.71 -70.42
CA ALA A 880 0.86 -51.18 -70.30
C ALA A 880 2.26 -51.52 -70.84
N ASN A 881 2.38 -52.56 -71.66
CA ASN A 881 3.62 -52.81 -72.44
C ASN A 881 3.20 -52.89 -73.90
N ASN A 882 2.56 -51.85 -74.44
CA ASN A 882 1.95 -51.89 -75.80
C ASN A 882 2.95 -52.26 -76.89
N ILE A 883 4.21 -51.83 -76.78
CA ILE A 883 5.24 -52.06 -77.83
C ILE A 883 5.54 -53.55 -78.03
N ILE A 884 5.43 -54.38 -76.99
CA ILE A 884 5.70 -55.83 -77.14
C ILE A 884 4.41 -56.67 -77.34
N ALA A 885 3.22 -56.06 -77.36
CA ALA A 885 1.95 -56.77 -77.63
C ALA A 885 2.05 -57.53 -78.95
N GLU A 886 2.41 -56.82 -80.03
CA GLU A 886 2.50 -57.42 -81.40
C GLU A 886 3.31 -58.71 -81.30
N GLY A 887 4.40 -58.68 -80.52
CA GLY A 887 5.40 -59.76 -80.46
C GLY A 887 4.89 -60.98 -79.72
N ILE A 888 4.18 -60.74 -78.62
CA ILE A 888 3.46 -61.76 -77.82
C ILE A 888 2.37 -62.40 -78.67
N GLU A 889 1.64 -61.62 -79.48
CA GLU A 889 0.59 -62.16 -80.37
C GLU A 889 1.19 -63.12 -81.42
N LYS A 890 2.43 -62.90 -81.85
CA LYS A 890 3.11 -63.78 -82.84
C LYS A 890 3.26 -65.19 -82.28
N MET A 891 3.36 -65.37 -80.95
CA MET A 891 3.44 -66.69 -80.27
C MET A 891 2.12 -67.49 -80.38
N GLY A 892 1.01 -66.87 -80.77
CA GLY A 892 -0.31 -67.54 -80.90
C GLY A 892 -1.25 -67.13 -79.78
N VAL A 893 -0.74 -66.36 -78.82
CA VAL A 893 -1.50 -65.66 -77.74
C VAL A 893 -2.39 -64.58 -78.36
N ARG A 894 -3.49 -64.25 -77.70
CA ARG A 894 -4.34 -63.11 -78.09
C ARG A 894 -4.29 -62.06 -76.99
N THR A 895 -4.09 -60.80 -77.37
CA THR A 895 -4.28 -59.65 -76.47
C THR A 895 -5.63 -59.01 -76.81
N PHE A 896 -6.05 -58.08 -75.97
CA PHE A 896 -7.41 -57.52 -75.98
C PHE A 896 -7.35 -56.00 -75.88
N SER A 897 -8.23 -55.31 -76.59
CA SER A 897 -8.53 -53.91 -76.28
C SER A 897 -9.19 -53.91 -74.91
N GLN A 898 -9.13 -52.80 -74.20
CA GLN A 898 -9.96 -52.52 -73.02
C GLN A 898 -11.43 -52.79 -73.34
N LYS A 899 -11.95 -52.43 -74.51
CA LYS A 899 -13.40 -52.65 -74.82
C LYS A 899 -13.74 -54.12 -74.99
N GLU A 900 -12.80 -54.96 -75.44
CA GLU A 900 -12.96 -56.44 -75.50
C GLU A 900 -12.87 -57.06 -74.09
N MET A 901 -11.89 -56.67 -73.27
CA MET A 901 -11.78 -57.13 -71.87
C MET A 901 -13.03 -56.71 -71.09
N ALA A 902 -13.67 -55.58 -71.45
CA ALA A 902 -14.88 -55.11 -70.76
C ALA A 902 -16.00 -56.08 -71.08
N PHE A 903 -16.02 -56.51 -72.34
CA PHE A 903 -17.03 -57.37 -72.95
C PHE A 903 -17.02 -58.69 -72.25
N ASN A 904 -15.82 -59.24 -72.09
CA ASN A 904 -15.52 -60.56 -71.48
C ASN A 904 -16.06 -60.58 -70.04
N LEU A 905 -15.77 -59.55 -69.27
CA LEU A 905 -16.20 -59.43 -67.85
C LEU A 905 -17.68 -59.16 -67.75
N LEU A 906 -18.31 -58.44 -68.70
CA LEU A 906 -19.81 -58.27 -68.73
C LEU A 906 -20.50 -59.60 -69.14
N GLY A 907 -19.82 -60.45 -69.89
CA GLY A 907 -20.15 -61.87 -70.02
C GLY A 907 -20.46 -62.51 -68.69
N LEU A 908 -19.66 -62.24 -67.65
CA LEU A 908 -19.80 -62.94 -66.34
C LEU A 908 -21.02 -62.45 -65.56
N LEU A 909 -21.75 -61.48 -66.09
CA LEU A 909 -22.95 -60.88 -65.48
C LEU A 909 -24.17 -61.20 -66.34
N THR A 910 -24.04 -62.11 -67.31
CA THR A 910 -25.16 -62.52 -68.18
C THR A 910 -26.00 -63.46 -67.34
N PRO A 911 -27.29 -63.71 -67.66
CA PRO A 911 -28.11 -64.58 -66.84
C PRO A 911 -27.63 -66.05 -66.78
N GLU A 912 -26.87 -66.55 -67.75
CA GLU A 912 -26.40 -67.98 -67.80
C GLU A 912 -25.27 -68.22 -66.77
N VAL A 913 -24.27 -67.35 -66.73
CA VAL A 913 -23.11 -67.47 -65.81
C VAL A 913 -23.44 -66.80 -64.48
N VAL A 914 -24.53 -66.05 -64.35
CA VAL A 914 -25.10 -65.71 -63.01
C VAL A 914 -25.70 -67.00 -62.45
N GLU A 915 -26.39 -67.78 -63.29
CA GLU A 915 -27.03 -69.06 -62.88
C GLU A 915 -25.98 -70.04 -62.34
N LEU A 916 -24.80 -70.24 -63.00
CA LEU A 916 -23.72 -71.18 -62.51
C LEU A 916 -23.17 -70.73 -61.14
N CYS A 917 -22.60 -69.54 -61.05
CA CYS A 917 -22.16 -68.83 -59.82
C CYS A 917 -23.00 -69.20 -58.58
N GLN A 918 -24.32 -69.29 -58.75
CA GLN A 918 -25.32 -69.54 -57.69
C GLN A 918 -25.36 -71.03 -57.38
N LYS A 919 -25.01 -71.91 -58.33
CA LYS A 919 -24.74 -73.35 -58.05
C LYS A 919 -23.43 -73.56 -57.27
N SER A 920 -22.33 -73.06 -57.81
CA SER A 920 -20.91 -73.31 -57.42
C SER A 920 -20.09 -72.10 -57.83
N PRO A 921 -18.95 -71.77 -57.20
CA PRO A 921 -18.08 -70.71 -57.69
C PRO A 921 -17.60 -70.86 -59.13
N VAL A 922 -17.60 -69.74 -59.89
CA VAL A 922 -17.16 -69.74 -61.31
C VAL A 922 -15.76 -69.16 -61.45
N MET A 923 -14.83 -69.91 -62.05
CA MET A 923 -13.49 -69.39 -62.36
C MET A 923 -13.37 -69.23 -63.88
N ALA A 924 -13.37 -67.98 -64.32
CA ALA A 924 -13.34 -67.57 -65.73
C ALA A 924 -11.91 -67.25 -66.17
N ASP A 925 -11.40 -67.92 -67.20
CA ASP A 925 -10.05 -67.67 -67.75
C ASP A 925 -10.15 -66.76 -68.98
N LEU A 926 -10.04 -65.45 -68.77
CA LEU A 926 -10.08 -64.42 -69.85
C LEU A 926 -8.65 -64.06 -70.25
N ASN A 927 -7.74 -65.01 -70.13
CA ASN A 927 -6.32 -64.89 -70.48
C ASN A 927 -6.21 -65.65 -71.79
N GLY A 928 -5.83 -65.00 -72.86
CA GLY A 928 -5.92 -65.63 -74.19
C GLY A 928 -4.67 -66.43 -74.49
N GLY A 929 -4.45 -67.53 -73.77
CA GLY A 929 -3.35 -68.47 -74.06
C GLY A 929 -1.99 -68.07 -73.49
N LEU A 930 -1.89 -67.02 -72.68
CA LEU A 930 -0.61 -66.70 -71.98
C LEU A 930 -0.24 -67.80 -70.97
N GLN A 931 -1.15 -68.67 -70.56
CA GLN A 931 -0.81 -69.85 -69.72
C GLN A 931 0.38 -70.58 -70.35
N PHE A 932 0.37 -70.71 -71.69
CA PHE A 932 1.12 -71.72 -72.49
C PHE A 932 2.40 -71.15 -73.14
N VAL A 933 2.59 -69.82 -73.18
CA VAL A 933 3.92 -69.22 -73.52
C VAL A 933 4.83 -69.44 -72.32
N PRO A 934 5.85 -70.33 -72.39
CA PRO A 934 6.64 -70.71 -71.21
C PRO A 934 7.80 -69.72 -70.97
N GLU A 935 8.18 -69.52 -69.70
CA GLU A 935 9.15 -68.48 -69.24
C GLU A 935 8.75 -67.13 -69.84
N LEU A 936 7.53 -66.68 -69.56
CA LEU A 936 7.00 -65.37 -70.00
C LEU A 936 7.83 -64.20 -69.47
N LYS A 937 8.52 -64.32 -68.35
CA LYS A 937 9.29 -63.16 -67.82
C LYS A 937 10.40 -62.85 -68.83
N GLU A 938 11.21 -63.88 -69.10
CA GLU A 938 12.44 -63.80 -69.91
C GLU A 938 12.04 -63.68 -71.39
N PHE A 939 10.84 -64.06 -71.77
CA PHE A 939 10.37 -63.92 -73.19
C PHE A 939 10.11 -62.44 -73.50
N THR A 940 9.10 -61.89 -72.84
CA THR A 940 8.75 -60.45 -72.78
C THR A 940 10.00 -59.56 -72.72
N ALA A 941 11.06 -60.00 -72.03
CA ALA A 941 12.33 -59.25 -71.80
C ALA A 941 13.21 -59.32 -73.06
N LYS A 942 13.29 -60.48 -73.67
CA LYS A 942 13.90 -60.70 -75.01
C LYS A 942 13.20 -59.80 -76.06
N LEU A 943 11.87 -59.72 -76.04
CA LEU A 943 11.15 -58.91 -77.04
C LEU A 943 11.49 -57.44 -76.88
N ARG A 944 11.73 -56.96 -75.67
CA ARG A 944 11.95 -55.50 -75.45
C ARG A 944 13.37 -55.16 -75.89
N LYS A 945 14.34 -56.00 -75.52
CA LYS A 945 15.72 -56.06 -76.09
C LYS A 945 15.67 -55.81 -77.62
N GLU A 946 15.08 -56.73 -78.39
CA GLU A 946 15.09 -56.72 -79.89
C GLU A 946 14.55 -55.40 -80.46
N LEU A 947 13.55 -54.78 -79.83
CA LEU A 947 12.97 -53.50 -80.31
C LEU A 947 13.96 -52.37 -80.03
N VAL A 948 14.59 -52.40 -78.85
CA VAL A 948 15.51 -51.34 -78.37
C VAL A 948 16.79 -51.43 -79.20
N GLU A 949 17.46 -52.58 -79.19
CA GLU A 949 18.60 -52.92 -80.06
C GLU A 949 18.35 -52.25 -81.42
N THR A 950 17.36 -52.71 -82.18
CA THR A 950 17.00 -52.18 -83.53
C THR A 950 16.85 -50.65 -83.53
N SER A 951 16.02 -50.08 -82.65
CA SER A 951 15.83 -48.62 -82.48
C SER A 951 17.16 -47.89 -82.23
N GLU A 952 18.05 -48.41 -81.36
CA GLU A 952 19.33 -47.75 -80.98
C GLU A 952 20.30 -47.75 -82.16
N VAL A 953 20.51 -48.89 -82.83
CA VAL A 953 21.46 -49.00 -83.99
C VAL A 953 21.00 -48.01 -85.05
N ARG A 954 19.69 -47.91 -85.24
CA ARG A 954 19.05 -47.13 -86.33
C ARG A 954 19.19 -45.64 -86.02
N LYS A 955 19.14 -45.28 -84.75
CA LYS A 955 19.18 -43.89 -84.25
C LYS A 955 20.63 -43.41 -84.22
N ALA A 956 21.59 -44.32 -84.02
CA ALA A 956 23.04 -44.04 -84.01
C ALA A 956 23.52 -43.78 -85.44
N VAL A 957 23.07 -44.60 -86.40
CA VAL A 957 23.30 -44.40 -87.87
C VAL A 957 22.68 -43.07 -88.30
N SER A 958 21.53 -42.70 -87.76
CA SER A 958 20.81 -41.46 -88.13
C SER A 958 21.56 -40.24 -87.59
N ILE A 959 22.19 -40.36 -86.41
CA ILE A 959 22.94 -39.23 -85.78
C ILE A 959 24.18 -38.94 -86.63
N GLU A 960 24.96 -39.98 -86.94
CA GLU A 960 26.22 -39.89 -87.72
C GLU A 960 25.93 -39.33 -89.13
N THR A 961 24.89 -39.79 -89.84
CA THR A 961 24.54 -39.29 -91.19
C THR A 961 24.18 -37.80 -91.15
N ALA A 962 23.72 -37.27 -90.01
CA ALA A 962 23.41 -35.84 -89.83
C ALA A 962 24.70 -35.06 -89.64
N LEU A 963 25.55 -35.48 -88.68
CA LEU A 963 26.92 -34.95 -88.45
C LEU A 963 27.75 -34.98 -89.75
N GLU A 964 27.74 -36.08 -90.50
CA GLU A 964 28.59 -36.31 -91.70
C GLU A 964 27.90 -35.78 -92.96
N HIS A 965 27.11 -34.71 -92.79
CA HIS A 965 26.29 -34.01 -93.81
C HIS A 965 26.29 -32.51 -93.45
N LYS A 966 26.06 -32.22 -92.18
CA LYS A 966 26.39 -30.93 -91.50
C LYS A 966 27.84 -30.54 -91.77
N VAL A 967 28.78 -31.50 -91.84
CA VAL A 967 30.23 -31.25 -92.06
C VAL A 967 30.48 -30.96 -93.54
N VAL A 968 29.82 -31.67 -94.45
CA VAL A 968 29.94 -31.50 -95.93
C VAL A 968 29.20 -30.23 -96.39
N ASN A 969 28.14 -29.80 -95.70
CA ASN A 969 27.29 -28.65 -96.09
C ASN A 969 27.25 -27.61 -94.96
N GLY A 970 28.24 -27.60 -94.06
CA GLY A 970 28.41 -26.60 -92.98
C GLY A 970 27.09 -26.18 -92.33
N ASN A 971 26.75 -24.89 -92.49
CA ASN A 971 25.42 -24.32 -92.12
C ASN A 971 24.96 -23.45 -93.30
N SER A 972 24.86 -24.07 -94.49
CA SER A 972 24.49 -23.49 -95.81
C SER A 972 23.22 -24.17 -96.38
N ALA A 973 23.24 -25.51 -96.47
CA ALA A 973 22.09 -26.40 -96.85
C ALA A 973 21.45 -27.04 -95.60
N ASP A 974 21.98 -26.78 -94.39
CA ASP A 974 21.42 -27.19 -93.05
C ASP A 974 20.98 -25.95 -92.22
N ALA A 975 20.92 -24.75 -92.82
CA ALA A 975 20.57 -23.45 -92.17
C ALA A 975 19.56 -22.60 -92.98
N ALA A 976 19.60 -22.66 -94.33
CA ALA A 976 18.62 -22.06 -95.29
C ALA A 976 17.43 -23.01 -95.55
N TYR A 977 17.50 -24.26 -95.02
CA TYR A 977 16.45 -25.31 -94.95
C TYR A 977 15.18 -24.79 -94.22
N ALA A 978 15.35 -23.88 -93.22
CA ALA A 978 14.34 -23.49 -92.19
C ALA A 978 13.53 -22.24 -92.60
N GLN A 979 12.18 -22.37 -92.53
CA GLN A 979 11.13 -21.43 -93.02
C GLN A 979 10.84 -20.35 -91.98
N VAL A 980 9.92 -19.42 -92.29
CA VAL A 980 9.50 -18.25 -91.45
C VAL A 980 8.03 -18.44 -91.06
N GLU A 981 7.71 -18.34 -89.77
CA GLU A 981 6.36 -18.60 -89.22
C GLU A 981 5.68 -17.29 -88.78
N ILE A 982 4.36 -17.27 -88.92
CA ILE A 982 3.47 -16.13 -88.62
C ILE A 982 2.67 -16.48 -87.36
N GLN A 983 3.02 -15.89 -86.23
CA GLN A 983 2.24 -15.96 -84.98
C GLN A 983 1.09 -14.96 -85.06
N PRO A 984 -0.18 -15.40 -84.93
CA PRO A 984 -1.33 -14.50 -85.05
C PRO A 984 -1.41 -13.46 -83.94
N ARG A 985 -1.82 -12.25 -84.27
CA ARG A 985 -2.16 -11.18 -83.29
C ARG A 985 -3.68 -11.12 -83.20
N ALA A 986 -4.18 -10.55 -82.10
CA ALA A 986 -5.62 -10.50 -81.78
C ALA A 986 -6.27 -9.38 -82.58
N ASN A 987 -7.14 -9.74 -83.52
CA ASN A 987 -7.94 -8.75 -84.30
C ASN A 987 -9.36 -8.76 -83.74
N ILE A 988 -9.56 -8.18 -82.57
CA ILE A 988 -10.88 -8.13 -81.86
C ILE A 988 -11.93 -7.45 -82.75
N GLN A 989 -13.05 -8.12 -83.02
CA GLN A 989 -14.14 -7.65 -83.91
C GLN A 989 -15.35 -7.22 -83.08
N LEU A 990 -16.15 -6.30 -83.60
CA LEU A 990 -17.41 -5.84 -82.94
C LEU A 990 -18.59 -6.80 -83.14
N ASP A 991 -18.54 -7.78 -84.04
CA ASP A 991 -19.60 -8.80 -84.21
C ASP A 991 -20.92 -8.09 -84.51
N PHE A 992 -20.92 -7.21 -85.51
CA PHE A 992 -22.14 -6.69 -86.15
C PHE A 992 -22.77 -7.85 -86.92
N PRO A 993 -24.11 -7.88 -87.07
CA PRO A 993 -24.79 -9.00 -87.70
C PRO A 993 -24.56 -9.07 -89.19
N GLU A 994 -24.32 -10.27 -89.73
CA GLU A 994 -24.08 -10.51 -91.18
C GLU A 994 -25.35 -10.17 -91.94
N LEU A 995 -25.27 -9.26 -92.92
CA LEU A 995 -26.39 -8.90 -93.82
C LEU A 995 -26.24 -9.66 -95.12
N LYS A 996 -27.23 -10.49 -95.40
CA LYS A 996 -27.33 -11.37 -96.59
C LYS A 996 -27.76 -10.50 -97.76
N PRO A 997 -27.58 -10.97 -99.01
CA PRO A 997 -28.13 -10.26 -100.17
C PRO A 997 -29.67 -10.29 -100.19
N TYR A 998 -30.31 -9.22 -100.68
CA TYR A 998 -31.79 -9.03 -100.61
C TYR A 998 -32.58 -10.24 -101.08
N LYS A 999 -32.12 -10.91 -102.14
CA LYS A 999 -32.85 -12.04 -102.77
C LYS A 999 -32.98 -13.19 -101.76
N GLN A 1000 -32.03 -13.33 -100.84
CA GLN A 1000 -31.95 -14.40 -99.81
C GLN A 1000 -32.79 -14.04 -98.57
N VAL A 1001 -32.95 -12.74 -98.33
CA VAL A 1001 -33.74 -12.16 -97.21
C VAL A 1001 -35.25 -12.30 -97.47
N LYS A 1002 -35.69 -12.22 -98.72
CA LYS A 1002 -37.12 -12.36 -99.14
C LYS A 1002 -37.60 -13.82 -99.13
N GLN A 1003 -36.73 -14.84 -99.18
CA GLN A 1003 -37.10 -16.25 -98.92
C GLN A 1003 -37.73 -16.37 -97.52
N ILE A 1004 -37.06 -15.83 -96.50
CA ILE A 1004 -37.27 -16.08 -95.04
C ILE A 1004 -38.69 -15.65 -94.63
N ALA A 1005 -39.09 -14.45 -95.03
CA ALA A 1005 -40.39 -13.83 -94.71
C ALA A 1005 -41.35 -14.08 -95.87
N PRO A 1006 -42.68 -14.01 -95.64
CA PRO A 1006 -43.66 -14.14 -96.73
C PRO A 1006 -43.85 -12.83 -97.51
N ALA A 1007 -44.06 -12.93 -98.83
CA ALA A 1007 -44.05 -11.83 -99.84
C ALA A 1007 -45.06 -10.72 -99.49
N GLU A 1008 -46.12 -11.09 -98.77
CA GLU A 1008 -47.25 -10.19 -98.39
C GLU A 1008 -46.77 -9.16 -97.39
N LEU A 1009 -45.60 -9.39 -96.78
CA LEU A 1009 -45.09 -8.56 -95.66
C LEU A 1009 -44.62 -7.20 -96.17
N GLU A 1010 -44.18 -7.09 -97.43
CA GLU A 1010 -43.69 -5.81 -98.01
C GLU A 1010 -44.81 -4.76 -97.96
N GLY A 1011 -44.55 -3.61 -97.35
CA GLY A 1011 -45.51 -2.48 -97.28
C GLY A 1011 -46.61 -2.68 -96.25
N LEU A 1012 -46.63 -3.83 -95.56
CA LEU A 1012 -47.69 -4.22 -94.60
C LEU A 1012 -47.38 -3.69 -93.19
N LEU A 1013 -46.13 -3.70 -92.72
CA LEU A 1013 -45.77 -3.22 -91.36
C LEU A 1013 -45.55 -1.71 -91.36
N ASP A 1014 -46.01 -1.02 -90.31
CA ASP A 1014 -45.57 0.36 -90.01
C ASP A 1014 -44.22 0.29 -89.26
N LEU A 1015 -43.14 0.51 -89.98
CA LEU A 1015 -41.79 0.49 -89.41
C LEU A 1015 -41.59 1.59 -88.36
N GLU A 1016 -42.44 2.61 -88.23
CA GLU A 1016 -42.30 3.64 -87.17
C GLU A 1016 -42.64 3.04 -85.80
N ARG A 1017 -43.13 1.82 -85.80
CA ARG A 1017 -43.82 1.25 -84.63
C ARG A 1017 -43.41 -0.22 -84.47
N VAL A 1018 -42.30 -0.60 -85.10
CA VAL A 1018 -41.50 -1.82 -84.86
C VAL A 1018 -40.24 -1.41 -84.08
N ILE A 1019 -40.08 -1.93 -82.87
CA ILE A 1019 -38.93 -1.67 -81.99
C ILE A 1019 -37.86 -2.70 -82.30
N VAL A 1020 -36.61 -2.27 -82.27
CA VAL A 1020 -35.45 -2.97 -82.86
C VAL A 1020 -34.32 -2.70 -81.88
N VAL A 1021 -33.51 -3.69 -81.58
CA VAL A 1021 -32.33 -3.49 -80.71
C VAL A 1021 -31.18 -3.25 -81.63
N THR A 1022 -30.43 -2.25 -81.32
CA THR A 1022 -29.48 -1.59 -82.22
C THR A 1022 -28.09 -1.68 -81.63
N GLY A 1023 -27.95 -2.00 -80.35
CA GLY A 1023 -26.66 -2.21 -79.67
C GLY A 1023 -26.87 -2.65 -78.24
N PHE A 1024 -25.90 -3.35 -77.70
CA PHE A 1024 -25.94 -3.83 -76.31
C PHE A 1024 -24.54 -4.03 -75.76
N ALA A 1025 -24.45 -4.09 -74.46
CA ALA A 1025 -23.20 -4.20 -73.70
C ALA A 1025 -23.49 -4.66 -72.29
N GLU A 1026 -22.44 -4.96 -71.57
CA GLU A 1026 -22.47 -5.37 -70.16
C GLU A 1026 -21.08 -5.35 -69.53
N VAL A 1027 -21.15 -5.24 -68.24
CA VAL A 1027 -20.06 -5.31 -67.27
C VAL A 1027 -20.60 -6.30 -66.28
N GLY A 1028 -19.96 -7.43 -66.20
CA GLY A 1028 -20.26 -8.40 -65.15
C GLY A 1028 -19.06 -9.26 -64.89
N PRO A 1029 -19.27 -10.35 -64.16
CA PRO A 1029 -18.23 -11.31 -63.85
C PRO A 1029 -17.29 -11.82 -64.96
N TRP A 1030 -17.67 -11.79 -66.22
CA TRP A 1030 -16.79 -12.31 -67.30
C TRP A 1030 -16.40 -11.19 -68.24
N GLY A 1031 -16.39 -9.98 -67.72
CA GLY A 1031 -15.95 -8.78 -68.43
C GLY A 1031 -17.10 -8.20 -69.20
N SER A 1032 -17.01 -8.28 -70.52
CA SER A 1032 -17.93 -7.67 -71.49
C SER A 1032 -18.89 -8.71 -72.11
N ALA A 1033 -19.90 -8.29 -72.86
CA ALA A 1033 -20.77 -9.20 -73.64
C ALA A 1033 -19.95 -10.07 -74.61
N ARG A 1034 -18.79 -9.58 -75.06
CA ARG A 1034 -17.94 -10.34 -75.99
C ARG A 1034 -17.34 -11.52 -75.24
N THR A 1035 -16.66 -11.23 -74.14
CA THR A 1035 -15.96 -12.25 -73.35
C THR A 1035 -16.95 -13.13 -72.60
N ARG A 1036 -18.12 -12.64 -72.20
CA ARG A 1036 -19.12 -13.50 -71.54
C ARG A 1036 -19.64 -14.54 -72.53
N TRP A 1037 -19.84 -14.15 -73.79
CA TRP A 1037 -20.34 -15.05 -74.84
C TRP A 1037 -19.35 -16.16 -75.08
N GLU A 1038 -18.05 -15.86 -75.12
CA GLU A 1038 -17.00 -16.87 -75.35
C GLU A 1038 -17.02 -17.88 -74.20
N MET A 1039 -17.07 -17.42 -72.98
CA MET A 1039 -17.12 -18.31 -71.81
C MET A 1039 -18.43 -19.11 -71.77
N GLU A 1040 -19.57 -18.49 -72.02
CA GLU A 1040 -20.93 -19.09 -71.97
C GLU A 1040 -21.05 -20.21 -73.01
N ALA A 1041 -20.59 -19.97 -74.22
CA ALA A 1041 -20.92 -20.76 -75.42
C ALA A 1041 -19.85 -21.82 -75.70
N PHE A 1042 -18.57 -21.45 -75.59
CA PHE A 1042 -17.41 -22.32 -75.91
C PHE A 1042 -16.68 -22.81 -74.66
N GLY A 1043 -16.98 -22.24 -73.50
CA GLY A 1043 -16.27 -22.58 -72.26
C GLY A 1043 -14.79 -22.26 -72.23
N GLU A 1044 -14.28 -21.47 -73.16
CA GLU A 1044 -12.83 -21.21 -73.31
C GLU A 1044 -12.63 -19.95 -74.12
N PHE A 1045 -11.65 -19.14 -73.77
CA PHE A 1045 -11.32 -17.91 -74.52
C PHE A 1045 -10.49 -18.24 -75.76
N SER A 1046 -10.72 -17.46 -76.80
CA SER A 1046 -9.96 -17.34 -78.05
C SER A 1046 -8.78 -16.39 -77.81
N LEU A 1047 -7.94 -16.15 -78.82
CA LEU A 1047 -6.82 -15.19 -78.70
C LEU A 1047 -7.39 -13.80 -78.40
N GLU A 1048 -8.46 -13.44 -79.09
CA GLU A 1048 -9.17 -12.14 -78.93
C GLU A 1048 -9.85 -12.07 -77.58
N GLY A 1049 -10.31 -13.20 -77.07
CA GLY A 1049 -10.93 -13.26 -75.73
C GLY A 1049 -9.94 -12.96 -74.64
N CYS A 1050 -8.81 -13.66 -74.67
CA CYS A 1050 -7.67 -13.50 -73.74
C CYS A 1050 -7.10 -12.07 -73.75
N VAL A 1051 -6.89 -11.49 -74.90
CA VAL A 1051 -6.38 -10.09 -74.96
C VAL A 1051 -7.44 -9.15 -74.38
N GLU A 1052 -8.72 -9.29 -74.72
CA GLU A 1052 -9.74 -8.38 -74.16
C GLU A 1052 -9.73 -8.57 -72.65
N MET A 1053 -9.65 -9.80 -72.14
CA MET A 1053 -9.75 -10.01 -70.67
C MET A 1053 -8.50 -9.47 -69.99
N ALA A 1054 -7.35 -9.57 -70.64
CA ALA A 1054 -6.07 -9.12 -70.07
C ALA A 1054 -6.04 -7.58 -70.03
N TRP A 1055 -6.62 -6.94 -71.02
CA TRP A 1055 -6.74 -5.47 -71.07
C TRP A 1055 -7.72 -5.01 -70.00
N ILE A 1056 -8.82 -5.73 -69.82
CA ILE A 1056 -9.89 -5.36 -68.85
C ILE A 1056 -9.34 -5.40 -67.45
N MET A 1057 -8.79 -6.53 -67.09
CA MET A 1057 -8.26 -6.88 -65.76
C MET A 1057 -6.96 -6.10 -65.49
N GLY A 1058 -6.40 -5.44 -66.50
CA GLY A 1058 -5.24 -4.55 -66.31
C GLY A 1058 -3.91 -5.28 -66.27
N PHE A 1059 -3.84 -6.51 -66.75
CA PHE A 1059 -2.59 -7.27 -66.89
C PHE A 1059 -1.69 -6.64 -67.96
N ILE A 1060 -2.28 -6.12 -69.03
CA ILE A 1060 -1.51 -5.57 -70.18
C ILE A 1060 -2.06 -4.19 -70.53
N SER A 1061 -1.17 -3.38 -71.04
CA SER A 1061 -1.45 -1.97 -71.34
C SER A 1061 -0.59 -1.62 -72.53
N TYR A 1062 -1.16 -1.05 -73.54
CA TYR A 1062 -0.45 -0.67 -74.77
C TYR A 1062 0.50 0.45 -74.41
N HIS A 1063 1.58 0.49 -75.14
CA HIS A 1063 2.70 1.43 -75.00
C HIS A 1063 3.04 1.88 -76.41
N ASN A 1064 3.29 3.15 -76.62
CA ASN A 1064 3.79 3.69 -77.92
C ASN A 1064 4.68 4.87 -77.58
N GLY A 1065 5.97 4.59 -77.36
CA GLY A 1065 6.93 5.58 -76.82
C GLY A 1065 8.31 5.00 -76.69
N ASN A 1066 9.08 5.50 -75.72
CA ASN A 1066 10.43 4.97 -75.38
C ASN A 1066 10.28 4.02 -74.20
N LEU A 1067 10.89 2.85 -74.34
CA LEU A 1067 10.74 1.69 -73.43
C LEU A 1067 12.14 1.10 -73.21
N LYS A 1068 12.71 1.43 -72.04
CA LYS A 1068 14.12 1.14 -71.66
C LYS A 1068 15.04 1.50 -72.84
N GLY A 1069 14.96 2.76 -73.26
CA GLY A 1069 15.94 3.42 -74.13
C GLY A 1069 15.50 3.51 -75.56
N ARG A 1070 15.19 2.36 -76.15
CA ARG A 1070 14.75 2.22 -77.55
C ARG A 1070 13.29 2.67 -77.65
N PRO A 1071 12.81 3.09 -78.85
CA PRO A 1071 11.38 3.27 -79.05
C PRO A 1071 10.65 1.95 -79.33
N TYR A 1072 9.43 1.82 -78.77
CA TYR A 1072 8.59 0.59 -78.77
C TYR A 1072 7.12 0.96 -78.98
N THR A 1073 6.39 0.03 -79.60
CA THR A 1073 4.95 0.13 -79.93
C THR A 1073 4.37 -1.27 -79.81
N GLY A 1074 3.48 -1.50 -78.83
CA GLY A 1074 2.90 -2.83 -78.61
C GLY A 1074 2.32 -2.93 -77.22
N TRP A 1075 1.96 -4.15 -76.80
CA TRP A 1075 1.53 -4.45 -75.41
C TRP A 1075 2.77 -4.60 -74.52
N VAL A 1076 2.50 -4.60 -73.23
CA VAL A 1076 3.47 -4.42 -72.14
C VAL A 1076 2.79 -4.91 -70.87
N ASP A 1077 3.41 -5.80 -70.09
CA ASP A 1077 2.89 -6.20 -68.77
C ASP A 1077 2.74 -4.91 -67.93
N SER A 1078 1.56 -4.62 -67.41
CA SER A 1078 1.25 -3.34 -66.73
C SER A 1078 2.05 -3.21 -65.45
N LYS A 1079 2.49 -4.33 -64.86
CA LYS A 1079 3.26 -4.36 -63.60
C LYS A 1079 4.72 -4.06 -63.89
N THR A 1080 5.40 -4.93 -64.65
CA THR A 1080 6.87 -4.93 -64.92
C THR A 1080 7.27 -3.98 -66.06
N LYS A 1081 6.33 -3.45 -66.83
CA LYS A 1081 6.49 -2.79 -68.17
C LYS A 1081 7.29 -3.63 -69.17
N GLU A 1082 7.45 -4.95 -69.00
CA GLU A 1082 8.16 -5.80 -69.99
C GLU A 1082 7.27 -6.02 -71.22
N PRO A 1083 7.79 -5.93 -72.46
CA PRO A 1083 7.06 -6.36 -73.65
C PRO A 1083 6.40 -7.73 -73.62
N VAL A 1084 5.20 -7.82 -74.18
CA VAL A 1084 4.36 -9.04 -74.32
C VAL A 1084 3.85 -9.07 -75.75
N ASP A 1085 3.82 -10.25 -76.35
CA ASP A 1085 3.18 -10.47 -77.66
C ASP A 1085 1.91 -11.25 -77.39
N ASP A 1086 0.90 -11.05 -78.23
CA ASP A 1086 -0.44 -11.67 -78.07
C ASP A 1086 -0.28 -13.19 -77.94
N LYS A 1087 0.61 -13.80 -78.71
CA LYS A 1087 0.90 -15.27 -78.66
C LYS A 1087 1.27 -15.73 -77.24
N ASP A 1088 1.89 -14.87 -76.44
CA ASP A 1088 2.38 -15.19 -75.06
C ASP A 1088 1.30 -14.97 -74.00
N VAL A 1089 0.20 -14.29 -74.32
CA VAL A 1089 -0.84 -13.79 -73.36
C VAL A 1089 -1.56 -14.98 -72.73
N LYS A 1090 -2.00 -15.95 -73.52
CA LYS A 1090 -2.67 -17.19 -73.01
C LYS A 1090 -1.76 -17.82 -71.94
N ALA A 1091 -0.49 -18.02 -72.26
CA ALA A 1091 0.49 -18.70 -71.39
C ALA A 1091 0.82 -17.83 -70.18
N LYS A 1092 0.94 -16.51 -70.36
CA LYS A 1092 1.30 -15.62 -69.23
C LYS A 1092 0.08 -15.42 -68.31
N TYR A 1093 -1.09 -15.15 -68.87
CA TYR A 1093 -2.22 -14.61 -68.08
C TYR A 1093 -3.47 -15.49 -68.09
N GLU A 1094 -3.69 -16.45 -69.00
CA GLU A 1094 -4.98 -17.20 -68.99
C GLU A 1094 -5.28 -17.79 -67.61
N THR A 1095 -4.30 -18.35 -66.93
CA THR A 1095 -4.55 -18.96 -65.61
C THR A 1095 -4.96 -17.86 -64.62
N SER A 1096 -4.26 -16.74 -64.61
CA SER A 1096 -4.55 -15.61 -63.67
C SER A 1096 -5.96 -15.08 -63.93
N ILE A 1097 -6.29 -14.87 -65.20
CA ILE A 1097 -7.60 -14.44 -65.73
C ILE A 1097 -8.71 -15.32 -65.14
N LEU A 1098 -8.60 -16.63 -65.24
CA LEU A 1098 -9.68 -17.56 -64.80
C LEU A 1098 -9.77 -17.65 -63.27
N GLU A 1099 -8.70 -17.52 -62.50
CA GLU A 1099 -8.77 -17.46 -61.00
C GLU A 1099 -9.58 -16.24 -60.54
N HIS A 1100 -9.47 -15.11 -61.23
CA HIS A 1100 -9.96 -13.79 -60.74
C HIS A 1100 -11.11 -13.29 -61.59
N SER A 1101 -11.80 -14.19 -62.26
CA SER A 1101 -13.04 -13.90 -63.01
C SER A 1101 -14.16 -14.77 -62.49
N GLY A 1102 -15.39 -14.44 -62.83
CA GLY A 1102 -16.51 -15.39 -62.65
C GLY A 1102 -16.88 -15.51 -61.22
N ILE A 1103 -17.61 -16.54 -60.88
CA ILE A 1103 -18.07 -16.82 -59.49
C ILE A 1103 -16.86 -17.39 -58.75
N ARG A 1104 -16.55 -16.87 -57.58
CA ARG A 1104 -15.32 -17.21 -56.85
C ARG A 1104 -15.41 -16.68 -55.41
N LEU A 1105 -14.45 -16.97 -54.56
CA LEU A 1105 -14.53 -16.46 -53.16
C LEU A 1105 -14.48 -14.94 -53.23
N ILE A 1106 -15.29 -14.30 -52.41
CA ILE A 1106 -15.37 -12.84 -52.24
C ILE A 1106 -13.95 -12.34 -51.97
N GLU A 1107 -13.58 -11.27 -52.67
CA GLU A 1107 -12.24 -10.68 -52.65
C GLU A 1107 -12.37 -9.38 -51.86
N PRO A 1108 -11.85 -9.27 -50.62
CA PRO A 1108 -12.12 -8.11 -49.77
C PRO A 1108 -11.64 -6.73 -50.27
N GLU A 1109 -10.63 -6.69 -51.12
CA GLU A 1109 -10.07 -5.47 -51.76
C GLU A 1109 -11.13 -4.87 -52.68
N LEU A 1110 -12.02 -5.70 -53.24
CA LEU A 1110 -13.12 -5.27 -54.14
C LEU A 1110 -14.29 -4.68 -53.35
N PHE A 1111 -14.54 -5.13 -52.12
CA PHE A 1111 -15.75 -4.80 -51.34
C PHE A 1111 -15.38 -3.99 -50.12
N ASN A 1112 -14.36 -3.12 -50.21
CA ASN A 1112 -14.13 -2.07 -49.18
C ASN A 1112 -13.67 -2.82 -47.90
N GLY A 1113 -12.98 -3.94 -48.10
CA GLY A 1113 -12.42 -4.76 -47.01
C GLY A 1113 -13.40 -5.71 -46.36
N TYR A 1114 -14.63 -5.81 -46.85
CA TYR A 1114 -15.62 -6.82 -46.40
C TYR A 1114 -14.96 -8.21 -46.43
N ASN A 1115 -14.91 -8.87 -45.28
CA ASN A 1115 -14.39 -10.25 -45.16
C ASN A 1115 -15.48 -11.09 -44.54
N PRO A 1116 -16.27 -11.87 -45.31
CA PRO A 1116 -17.46 -12.53 -44.76
C PRO A 1116 -17.13 -13.50 -43.62
N GLU A 1117 -15.90 -14.00 -43.59
CA GLU A 1117 -15.32 -14.78 -42.46
C GLU A 1117 -15.18 -13.92 -41.21
N LYS A 1118 -15.39 -12.58 -41.25
CA LYS A 1118 -15.08 -11.62 -40.15
C LYS A 1118 -15.91 -10.32 -40.26
N LYS A 1119 -17.16 -10.35 -39.83
CA LYS A 1119 -18.09 -9.21 -39.92
C LYS A 1119 -18.07 -8.31 -38.67
N GLU A 1120 -17.56 -7.06 -38.71
CA GLU A 1120 -17.62 -6.10 -37.57
C GLU A 1120 -19.12 -5.88 -37.27
N MET A 1121 -19.61 -6.42 -36.15
CA MET A 1121 -20.79 -5.94 -35.39
C MET A 1121 -20.32 -5.20 -34.13
N ILE A 1122 -21.23 -4.63 -33.34
CA ILE A 1122 -20.89 -3.96 -32.07
C ILE A 1122 -21.95 -4.30 -31.03
N GLN A 1123 -21.52 -4.60 -29.80
CA GLN A 1123 -22.41 -4.90 -28.65
C GLN A 1123 -22.39 -3.72 -27.69
N GLU A 1124 -23.54 -3.40 -27.10
CA GLU A 1124 -23.73 -2.30 -26.12
C GLU A 1124 -23.48 -2.84 -24.71
N VAL A 1125 -22.35 -2.49 -24.08
CA VAL A 1125 -22.01 -2.84 -22.68
C VAL A 1125 -22.24 -1.63 -21.78
N ILE A 1126 -22.61 -1.85 -20.51
CA ILE A 1126 -22.49 -0.83 -19.43
C ILE A 1126 -21.11 -0.97 -18.79
N VAL A 1127 -20.42 0.16 -18.61
CA VAL A 1127 -19.11 0.29 -17.92
C VAL A 1127 -19.39 0.04 -16.43
N GLU A 1128 -18.82 -1.03 -15.87
CA GLU A 1128 -18.88 -1.34 -14.42
C GLU A 1128 -17.97 -0.33 -13.70
N GLU A 1129 -16.73 -0.18 -14.18
CA GLU A 1129 -15.70 0.67 -13.52
C GLU A 1129 -15.15 1.72 -14.48
N ASP A 1130 -15.27 3.01 -14.09
CA ASP A 1130 -14.68 4.21 -14.72
C ASP A 1130 -13.43 3.88 -15.54
N LEU A 1131 -13.19 4.66 -16.59
CA LEU A 1131 -12.14 4.43 -17.61
C LEU A 1131 -10.97 5.37 -17.33
N GLU A 1132 -9.86 5.17 -18.05
CA GLU A 1132 -8.74 6.15 -18.03
C GLU A 1132 -9.13 7.33 -18.91
N PRO A 1133 -8.97 8.59 -18.42
CA PRO A 1133 -9.06 9.76 -19.27
C PRO A 1133 -8.37 9.62 -20.63
N PHE A 1134 -9.03 10.13 -21.68
CA PHE A 1134 -8.44 10.35 -23.02
C PHE A 1134 -8.66 11.82 -23.40
N GLU A 1135 -7.77 12.38 -24.20
CA GLU A 1135 -7.91 13.78 -24.67
C GLU A 1135 -8.91 13.82 -25.82
N ALA A 1136 -9.47 15.01 -26.05
CA ALA A 1136 -10.42 15.32 -27.13
C ALA A 1136 -10.48 16.84 -27.25
N SER A 1137 -10.76 17.37 -28.45
CA SER A 1137 -10.97 18.82 -28.66
C SER A 1137 -12.13 19.28 -27.80
N LYS A 1138 -12.30 20.59 -27.68
CA LYS A 1138 -13.35 21.20 -26.83
C LYS A 1138 -14.71 20.71 -27.34
N GLU A 1139 -14.91 20.72 -28.66
CA GLU A 1139 -16.22 20.47 -29.32
C GLU A 1139 -16.57 18.98 -29.20
N THR A 1140 -15.61 18.09 -29.37
CA THR A 1140 -15.81 16.63 -29.22
C THR A 1140 -16.13 16.25 -27.78
N ALA A 1141 -15.49 16.91 -26.82
CA ALA A 1141 -15.71 16.65 -25.39
C ALA A 1141 -17.15 17.05 -25.04
N GLU A 1142 -17.61 18.19 -25.55
CA GLU A 1142 -18.99 18.66 -25.30
C GLU A 1142 -20.02 17.71 -25.93
N GLN A 1143 -19.64 17.03 -27.01
CA GLN A 1143 -20.47 15.98 -27.66
C GLN A 1143 -20.56 14.77 -26.73
N PHE A 1144 -19.47 14.38 -26.05
CA PHE A 1144 -19.52 13.24 -25.09
C PHE A 1144 -20.39 13.60 -23.90
N LYS A 1145 -20.34 14.88 -23.49
CA LYS A 1145 -21.08 15.39 -22.31
C LYS A 1145 -22.58 15.35 -22.63
N HIS A 1146 -22.93 15.88 -23.80
CA HIS A 1146 -24.34 15.99 -24.30
C HIS A 1146 -25.02 14.61 -24.34
N GLN A 1147 -24.29 13.59 -24.78
CA GLN A 1147 -24.74 12.18 -24.81
C GLN A 1147 -24.85 11.58 -23.41
N HIS A 1148 -23.76 11.61 -22.64
CA HIS A 1148 -23.60 10.79 -21.40
C HIS A 1148 -24.12 11.52 -20.16
N GLY A 1149 -24.04 12.84 -20.11
CA GLY A 1149 -24.50 13.69 -18.98
C GLY A 1149 -23.69 13.44 -17.71
N ASP A 1150 -24.36 12.95 -16.66
CA ASP A 1150 -23.75 12.65 -15.32
C ASP A 1150 -22.63 11.62 -15.45
N LYS A 1151 -22.73 10.72 -16.43
CA LYS A 1151 -21.86 9.53 -16.57
C LYS A 1151 -20.53 9.87 -17.28
N VAL A 1152 -20.20 11.13 -17.48
CA VAL A 1152 -18.91 11.52 -18.10
C VAL A 1152 -18.44 12.78 -17.37
N ASP A 1153 -17.13 12.95 -17.20
CA ASP A 1153 -16.54 14.19 -16.64
C ASP A 1153 -15.59 14.75 -17.68
N ILE A 1154 -15.83 15.97 -18.10
CA ILE A 1154 -14.95 16.66 -19.07
C ILE A 1154 -14.41 17.88 -18.36
N PHE A 1155 -13.11 18.11 -18.53
CA PHE A 1155 -12.29 19.14 -17.85
C PHE A 1155 -11.27 19.68 -18.83
N GLU A 1156 -11.11 21.00 -18.89
CA GLU A 1156 -10.03 21.64 -19.69
C GLU A 1156 -8.67 21.23 -19.09
N ILE A 1157 -7.69 20.98 -19.98
CA ILE A 1157 -6.26 20.76 -19.64
C ILE A 1157 -5.57 22.09 -19.90
N PRO A 1158 -5.37 22.94 -18.85
CA PRO A 1158 -5.26 24.40 -19.05
C PRO A 1158 -4.15 24.89 -19.98
N GLU A 1159 -3.07 24.09 -20.13
CA GLU A 1159 -1.88 24.36 -20.98
C GLU A 1159 -2.29 24.32 -22.47
N THR A 1160 -2.82 23.17 -22.92
CA THR A 1160 -3.08 22.82 -24.35
C THR A 1160 -4.35 23.55 -24.85
N GLY A 1161 -5.48 23.43 -24.11
CA GLY A 1161 -6.83 23.83 -24.55
C GLY A 1161 -7.71 22.63 -24.82
N GLU A 1162 -7.10 21.44 -24.96
CA GLU A 1162 -7.77 20.11 -25.10
C GLU A 1162 -8.55 19.79 -23.82
N TYR A 1163 -9.31 18.70 -23.82
CA TYR A 1163 -10.18 18.30 -22.69
C TYR A 1163 -9.92 16.84 -22.33
N SER A 1164 -9.95 16.53 -21.04
CA SER A 1164 -9.99 15.14 -20.53
C SER A 1164 -11.43 14.66 -20.65
N VAL A 1165 -11.64 13.36 -20.91
CA VAL A 1165 -12.98 12.73 -20.93
C VAL A 1165 -12.91 11.49 -20.05
N LYS A 1166 -13.34 11.61 -18.80
CA LYS A 1166 -13.51 10.44 -17.91
C LYS A 1166 -14.90 9.90 -18.21
N LEU A 1167 -14.96 8.67 -18.69
CA LEU A 1167 -16.24 7.95 -18.79
C LEU A 1167 -16.42 7.20 -17.48
N LEU A 1168 -17.50 7.49 -16.77
CA LEU A 1168 -17.73 7.03 -15.38
C LEU A 1168 -18.56 5.74 -15.38
N LYS A 1169 -18.81 5.23 -14.18
CA LYS A 1169 -19.58 4.01 -13.90
C LYS A 1169 -21.01 4.24 -14.38
N GLY A 1170 -21.58 3.30 -15.14
CA GLY A 1170 -22.98 3.37 -15.62
C GLY A 1170 -23.09 3.88 -17.04
N ALA A 1171 -21.98 4.39 -17.60
CA ALA A 1171 -21.86 4.87 -19.00
C ALA A 1171 -22.02 3.70 -19.97
N THR A 1172 -22.61 3.92 -21.16
CA THR A 1172 -22.67 2.92 -22.25
C THR A 1172 -21.50 3.10 -23.20
N LEU A 1173 -20.94 1.98 -23.59
CA LEU A 1173 -19.90 1.82 -24.62
C LEU A 1173 -20.45 0.85 -25.65
N TYR A 1174 -19.84 0.87 -26.82
CA TYR A 1174 -20.06 -0.14 -27.86
C TYR A 1174 -18.71 -0.81 -28.02
N ILE A 1175 -18.70 -2.12 -27.88
CA ILE A 1175 -17.50 -2.97 -28.13
C ILE A 1175 -17.77 -3.75 -29.41
N PRO A 1176 -16.87 -3.67 -30.40
CA PRO A 1176 -16.88 -4.53 -31.56
C PRO A 1176 -16.80 -6.03 -31.30
N LYS A 1177 -17.32 -6.81 -32.24
CA LYS A 1177 -17.22 -8.28 -32.25
C LYS A 1177 -17.33 -8.77 -33.70
N ALA A 1178 -17.31 -10.08 -33.94
CA ALA A 1178 -17.16 -10.60 -35.31
C ALA A 1178 -17.89 -11.93 -35.45
N LEU A 1179 -19.01 -11.88 -36.18
CA LEU A 1179 -19.73 -13.03 -36.81
C LEU A 1179 -18.81 -13.65 -37.85
N ARG A 1180 -18.93 -14.96 -38.03
CA ARG A 1180 -18.43 -15.70 -39.19
C ARG A 1180 -19.67 -15.95 -40.05
N PHE A 1181 -19.70 -15.42 -41.25
CA PHE A 1181 -20.84 -15.49 -42.18
C PHE A 1181 -20.58 -16.62 -43.18
N ASP A 1182 -21.64 -17.27 -43.60
CA ASP A 1182 -21.61 -18.56 -44.32
C ASP A 1182 -21.87 -18.34 -45.82
N ARG A 1183 -21.95 -17.09 -46.32
CA ARG A 1183 -22.03 -16.79 -47.77
C ARG A 1183 -20.72 -16.14 -48.24
N LEU A 1184 -19.77 -17.00 -48.68
CA LEU A 1184 -18.32 -16.76 -48.93
C LEU A 1184 -18.03 -16.47 -50.39
N VAL A 1185 -19.00 -16.65 -51.29
CA VAL A 1185 -18.80 -16.72 -52.77
C VAL A 1185 -19.75 -15.76 -53.46
N ALA A 1186 -19.33 -15.17 -54.58
CA ALA A 1186 -20.18 -14.25 -55.38
C ALA A 1186 -19.61 -14.05 -56.78
N GLY A 1187 -20.46 -13.63 -57.70
CA GLY A 1187 -20.10 -13.36 -59.11
C GLY A 1187 -19.62 -11.95 -59.17
N GLN A 1188 -18.32 -11.75 -59.14
CA GLN A 1188 -17.73 -10.41 -58.90
C GLN A 1188 -17.13 -9.99 -60.22
N ILE A 1189 -17.09 -8.71 -60.47
CA ILE A 1189 -16.47 -8.18 -61.71
C ILE A 1189 -15.01 -8.63 -61.66
N PRO A 1190 -14.37 -8.95 -62.81
CA PRO A 1190 -13.05 -9.57 -62.82
C PRO A 1190 -12.05 -8.68 -62.11
N THR A 1191 -11.27 -9.23 -61.20
CA THR A 1191 -10.33 -8.43 -60.37
C THR A 1191 -9.40 -7.64 -61.29
N GLY A 1192 -9.33 -6.35 -61.11
CA GLY A 1192 -8.50 -5.52 -61.99
C GLY A 1192 -9.32 -4.47 -62.65
N TRP A 1193 -10.56 -4.81 -62.99
CA TRP A 1193 -11.54 -3.93 -63.66
C TRP A 1193 -11.44 -2.58 -63.00
N ASN A 1194 -11.29 -1.55 -63.79
CA ASN A 1194 -11.12 -0.16 -63.35
C ASN A 1194 -11.80 0.73 -64.38
N ALA A 1195 -12.59 1.68 -63.94
CA ALA A 1195 -13.24 2.66 -64.83
C ALA A 1195 -12.17 3.47 -65.55
N LYS A 1196 -10.96 3.64 -65.00
CA LYS A 1196 -9.85 4.36 -65.68
C LYS A 1196 -9.55 3.73 -67.04
N THR A 1197 -9.59 2.40 -67.19
CA THR A 1197 -9.07 1.77 -68.43
C THR A 1197 -10.02 2.14 -69.55
N TYR A 1198 -11.28 2.42 -69.28
CA TYR A 1198 -12.26 2.80 -70.32
C TYR A 1198 -12.13 4.29 -70.64
N GLY A 1199 -11.67 5.11 -69.71
CA GLY A 1199 -11.41 6.54 -69.97
C GLY A 1199 -12.15 7.46 -69.03
N ILE A 1200 -12.82 6.93 -68.05
CA ILE A 1200 -13.50 7.71 -66.98
C ILE A 1200 -12.41 8.27 -66.09
N SER A 1201 -12.60 9.52 -65.65
CA SER A 1201 -11.64 10.33 -64.87
C SER A 1201 -11.78 10.13 -63.35
N ASP A 1202 -10.74 10.49 -62.61
CA ASP A 1202 -10.67 10.35 -61.13
C ASP A 1202 -11.67 11.29 -60.44
N ASP A 1203 -11.96 12.46 -61.03
CA ASP A 1203 -12.96 13.42 -60.51
C ASP A 1203 -14.34 12.73 -60.50
N ILE A 1204 -14.72 12.08 -61.60
CA ILE A 1204 -16.02 11.37 -61.73
C ILE A 1204 -16.00 10.15 -60.83
N ILE A 1205 -14.87 9.45 -60.74
CA ILE A 1205 -14.79 8.18 -59.96
C ILE A 1205 -14.94 8.45 -58.46
N SER A 1206 -14.39 9.55 -57.97
CA SER A 1206 -14.50 9.97 -56.55
C SER A 1206 -15.94 10.42 -56.22
N GLN A 1207 -16.63 11.05 -57.16
CA GLN A 1207 -17.94 11.70 -56.92
C GLN A 1207 -19.03 10.63 -56.82
N VAL A 1208 -18.87 9.53 -57.52
CA VAL A 1208 -19.99 8.67 -57.98
C VAL A 1208 -19.93 7.32 -57.29
N ASP A 1209 -21.08 6.70 -57.05
CA ASP A 1209 -21.19 5.31 -56.51
C ASP A 1209 -20.63 4.34 -57.55
N PRO A 1210 -19.90 3.28 -57.17
CA PRO A 1210 -19.39 2.30 -58.14
C PRO A 1210 -20.39 1.68 -59.12
N ILE A 1211 -21.64 1.46 -58.74
CA ILE A 1211 -22.65 0.94 -59.71
C ILE A 1211 -22.75 1.91 -60.90
N THR A 1212 -22.63 3.22 -60.68
CA THR A 1212 -22.68 4.23 -61.75
C THR A 1212 -21.48 4.09 -62.68
N LEU A 1213 -20.37 3.48 -62.29
CA LEU A 1213 -19.22 3.28 -63.21
C LEU A 1213 -19.51 2.11 -64.14
N PHE A 1214 -20.05 1.05 -63.61
CA PHE A 1214 -20.55 -0.06 -64.42
C PHE A 1214 -21.51 0.50 -65.44
N VAL A 1215 -22.38 1.43 -65.08
CA VAL A 1215 -23.43 1.90 -66.04
C VAL A 1215 -22.79 2.72 -67.15
N LEU A 1216 -21.97 3.70 -66.84
CA LEU A 1216 -21.32 4.56 -67.86
C LEU A 1216 -20.58 3.68 -68.87
N VAL A 1217 -19.88 2.69 -68.41
CA VAL A 1217 -19.10 1.84 -69.33
C VAL A 1217 -20.03 1.01 -70.21
N SER A 1218 -21.09 0.46 -69.66
CA SER A 1218 -22.17 -0.24 -70.40
C SER A 1218 -22.87 0.68 -71.42
N VAL A 1219 -23.09 1.95 -71.15
CA VAL A 1219 -23.79 2.82 -72.12
C VAL A 1219 -22.84 3.16 -73.28
N VAL A 1220 -21.56 3.34 -73.05
CA VAL A 1220 -20.58 3.60 -74.13
C VAL A 1220 -20.44 2.35 -74.97
N GLU A 1221 -20.01 1.27 -74.37
CA GLU A 1221 -19.86 -0.03 -75.06
C GLU A 1221 -21.10 -0.35 -75.90
N ALA A 1222 -22.29 0.04 -75.49
CA ALA A 1222 -23.59 -0.24 -76.16
C ALA A 1222 -23.74 0.65 -77.39
N PHE A 1223 -23.46 1.94 -77.25
CA PHE A 1223 -23.38 2.88 -78.39
C PHE A 1223 -22.32 2.40 -79.41
N ILE A 1224 -21.17 1.87 -79.04
CA ILE A 1224 -20.19 1.27 -80.03
C ILE A 1224 -20.76 0.02 -80.72
N ALA A 1225 -21.39 -0.92 -80.03
CA ALA A 1225 -22.14 -2.03 -80.64
C ALA A 1225 -23.22 -1.51 -81.61
N SER A 1226 -23.59 -0.24 -81.52
CA SER A 1226 -24.61 0.39 -82.39
C SER A 1226 -23.93 1.29 -83.42
N GLY A 1227 -22.60 1.28 -83.51
CA GLY A 1227 -21.81 2.12 -84.41
C GLY A 1227 -21.98 3.60 -84.17
N ILE A 1228 -22.48 3.98 -83.01
CA ILE A 1228 -22.66 5.39 -82.62
C ILE A 1228 -21.52 5.65 -81.65
N THR A 1229 -20.43 6.17 -82.18
CA THR A 1229 -19.18 6.45 -81.47
C THR A 1229 -19.32 7.81 -80.77
N ASP A 1230 -20.08 8.74 -81.36
CA ASP A 1230 -20.40 10.08 -80.79
C ASP A 1230 -21.90 10.20 -80.57
N PRO A 1231 -22.40 10.05 -79.33
CA PRO A 1231 -23.84 10.00 -79.08
C PRO A 1231 -24.63 11.13 -79.74
N TYR A 1232 -24.05 12.32 -79.82
CA TYR A 1232 -24.62 13.52 -80.42
C TYR A 1232 -24.97 13.32 -81.90
N GLU A 1233 -24.45 12.29 -82.55
CA GLU A 1233 -24.86 11.96 -83.94
C GLU A 1233 -26.34 11.64 -83.99
N MET A 1234 -26.96 11.23 -82.88
CA MET A 1234 -28.40 10.89 -82.84
C MET A 1234 -29.18 12.11 -83.25
N TYR A 1235 -28.71 13.28 -82.85
CA TYR A 1235 -29.43 14.58 -83.01
C TYR A 1235 -29.26 15.17 -84.40
N LYS A 1236 -28.68 14.42 -85.35
CA LYS A 1236 -28.86 14.66 -86.81
C LYS A 1236 -30.21 14.14 -87.30
N TYR A 1237 -30.79 13.15 -86.63
CA TYR A 1237 -31.98 12.40 -87.12
C TYR A 1237 -33.22 12.58 -86.26
N VAL A 1238 -33.10 13.13 -85.06
CA VAL A 1238 -34.11 13.05 -83.97
C VAL A 1238 -34.00 14.32 -83.11
N HIS A 1239 -35.07 14.82 -82.55
CA HIS A 1239 -35.01 16.00 -81.65
C HIS A 1239 -34.33 15.59 -80.34
N VAL A 1240 -33.73 16.55 -79.66
CA VAL A 1240 -33.17 16.41 -78.29
C VAL A 1240 -34.25 15.86 -77.35
N SER A 1241 -35.54 16.06 -77.60
CA SER A 1241 -36.65 15.54 -76.76
C SER A 1241 -37.02 14.10 -77.12
N GLU A 1242 -36.30 13.40 -77.98
CA GLU A 1242 -36.75 12.08 -78.54
C GLU A 1242 -35.79 10.95 -78.12
N VAL A 1243 -34.78 11.24 -77.29
CA VAL A 1243 -33.91 10.21 -76.67
C VAL A 1243 -34.27 9.99 -75.20
N GLY A 1244 -34.53 8.76 -74.83
CA GLY A 1244 -35.02 8.40 -73.50
C GLY A 1244 -34.02 7.54 -72.75
N ASN A 1245 -34.18 7.48 -71.44
CA ASN A 1245 -33.48 6.54 -70.56
C ASN A 1245 -34.56 5.88 -69.74
N CYS A 1246 -34.79 4.60 -69.93
CA CYS A 1246 -35.83 3.84 -69.21
C CYS A 1246 -35.15 2.67 -68.49
N SER A 1247 -33.86 2.80 -68.16
CA SER A 1247 -33.08 1.78 -67.40
C SER A 1247 -33.33 1.95 -65.92
N GLY A 1248 -33.04 0.95 -65.10
CA GLY A 1248 -33.19 1.08 -63.64
C GLY A 1248 -32.43 0.03 -62.83
N SER A 1249 -32.66 0.03 -61.52
CA SER A 1249 -32.01 -0.83 -60.52
C SER A 1249 -33.06 -1.35 -59.58
N GLY A 1250 -32.84 -2.51 -58.99
CA GLY A 1250 -33.60 -3.01 -57.83
C GLY A 1250 -33.36 -2.25 -56.54
N MET A 1251 -32.12 -1.82 -56.26
CA MET A 1251 -31.72 -1.24 -54.95
C MET A 1251 -30.89 0.03 -55.11
N GLY A 1252 -30.11 0.17 -56.19
CA GLY A 1252 -29.45 1.43 -56.55
C GLY A 1252 -28.08 1.57 -55.90
N GLY A 1253 -27.71 2.81 -55.58
CA GLY A 1253 -26.39 3.17 -55.01
C GLY A 1253 -26.27 2.68 -53.58
N VAL A 1254 -25.81 1.46 -53.42
CA VAL A 1254 -25.99 0.68 -52.16
C VAL A 1254 -24.74 0.83 -51.26
N SER A 1255 -23.65 1.34 -51.82
CA SER A 1255 -22.43 1.86 -51.14
C SER A 1255 -22.70 3.27 -50.62
N ALA A 1256 -23.55 4.07 -51.29
CA ALA A 1256 -23.92 5.42 -50.81
C ALA A 1256 -24.85 5.30 -49.60
N LEU A 1257 -25.69 4.28 -49.56
CA LEU A 1257 -26.61 4.01 -48.43
C LEU A 1257 -25.80 3.61 -47.20
N ARG A 1258 -24.83 2.72 -47.37
CA ARG A 1258 -23.87 2.38 -46.31
C ARG A 1258 -23.24 3.66 -45.77
N GLY A 1259 -22.97 4.62 -46.65
CA GLY A 1259 -22.37 5.92 -46.28
C GLY A 1259 -23.24 6.72 -45.34
N MET A 1260 -24.54 6.75 -45.55
CA MET A 1260 -25.47 7.65 -44.81
C MET A 1260 -26.09 6.92 -43.61
N PHE A 1261 -26.07 5.59 -43.57
CA PHE A 1261 -26.69 4.78 -42.48
C PHE A 1261 -25.65 4.16 -41.55
N LYS A 1262 -24.38 4.13 -41.91
CA LYS A 1262 -23.32 3.48 -41.11
C LYS A 1262 -22.10 4.39 -40.98
N ASP A 1263 -21.57 4.91 -42.08
CA ASP A 1263 -20.27 5.61 -42.07
C ASP A 1263 -20.42 6.95 -41.34
N ARG A 1264 -21.55 7.63 -41.47
CA ARG A 1264 -21.84 8.86 -40.71
C ARG A 1264 -21.95 8.57 -39.22
N PHE A 1265 -22.71 7.55 -38.85
CA PHE A 1265 -22.87 7.07 -37.46
C PHE A 1265 -21.48 6.89 -36.80
N LYS A 1266 -20.53 6.32 -37.52
CA LYS A 1266 -19.15 6.10 -37.05
C LYS A 1266 -18.28 7.33 -37.27
N ASP A 1267 -18.86 8.49 -37.45
CA ASP A 1267 -18.16 9.77 -37.77
C ASP A 1267 -16.92 9.51 -38.64
N GLU A 1268 -17.02 8.60 -39.62
CA GLU A 1268 -16.04 8.49 -40.75
C GLU A 1268 -16.31 9.66 -41.70
N PRO A 1269 -15.34 10.07 -42.55
CA PRO A 1269 -15.59 11.07 -43.59
C PRO A 1269 -16.41 10.47 -44.76
N VAL A 1270 -17.48 11.17 -45.12
CA VAL A 1270 -18.46 10.83 -46.18
C VAL A 1270 -18.78 12.14 -46.92
N GLN A 1271 -18.66 12.15 -48.27
CA GLN A 1271 -19.03 13.30 -49.14
C GLN A 1271 -20.41 13.85 -48.74
N ASN A 1272 -20.57 15.18 -48.69
CA ASN A 1272 -21.84 15.86 -48.28
C ASN A 1272 -23.03 15.42 -49.15
N ASP A 1273 -22.80 15.26 -50.46
CA ASP A 1273 -23.84 14.88 -51.47
C ASP A 1273 -23.99 13.36 -51.59
N ILE A 1274 -23.67 12.57 -50.55
CA ILE A 1274 -23.73 11.10 -50.64
C ILE A 1274 -25.17 10.69 -50.98
N LEU A 1275 -26.19 11.38 -50.48
CA LEU A 1275 -27.60 10.94 -50.67
C LEU A 1275 -27.97 10.91 -52.15
N GLN A 1276 -27.57 11.94 -52.91
CA GLN A 1276 -27.86 12.02 -54.37
C GLN A 1276 -27.41 10.70 -55.00
N GLU A 1277 -26.22 10.22 -54.66
CA GLU A 1277 -25.60 9.01 -55.28
C GLU A 1277 -26.37 7.71 -54.99
N SER A 1278 -27.24 7.67 -54.01
CA SER A 1278 -27.93 6.44 -53.55
C SER A 1278 -29.19 6.20 -54.38
N PHE A 1279 -29.81 7.28 -54.86
CA PHE A 1279 -31.09 7.24 -55.61
C PHE A 1279 -30.94 6.34 -56.83
N ILE A 1280 -31.97 5.57 -57.13
CA ILE A 1280 -31.92 4.60 -58.26
C ILE A 1280 -31.91 5.37 -59.58
N ASN A 1281 -32.40 6.62 -59.57
CA ASN A 1281 -32.49 7.43 -60.81
C ASN A 1281 -31.21 8.24 -61.09
N THR A 1282 -30.17 8.17 -60.26
CA THR A 1282 -28.98 9.04 -60.46
C THR A 1282 -28.08 8.44 -61.52
N MET A 1283 -27.93 7.13 -61.52
CA MET A 1283 -27.16 6.48 -62.58
C MET A 1283 -27.58 7.09 -63.92
N SER A 1284 -28.87 7.13 -64.22
CA SER A 1284 -29.43 7.71 -65.48
C SER A 1284 -29.07 9.19 -65.60
N ALA A 1285 -29.25 9.94 -64.55
CA ALA A 1285 -28.82 11.35 -64.49
C ALA A 1285 -27.35 11.52 -64.93
N TRP A 1286 -26.40 10.78 -64.37
CA TRP A 1286 -24.98 10.76 -64.82
C TRP A 1286 -24.82 10.42 -66.30
N VAL A 1287 -25.58 9.45 -66.80
CA VAL A 1287 -25.48 9.06 -68.23
C VAL A 1287 -25.91 10.24 -69.11
N ASN A 1288 -26.96 10.96 -68.73
CA ASN A 1288 -27.44 12.16 -69.44
C ASN A 1288 -26.44 13.28 -69.28
N MET A 1289 -25.88 13.41 -68.08
CA MET A 1289 -25.05 14.57 -67.70
C MET A 1289 -23.66 14.44 -68.31
N LEU A 1290 -23.24 13.25 -68.72
CA LEU A 1290 -21.86 12.99 -69.20
C LEU A 1290 -21.83 12.52 -70.65
N LEU A 1291 -22.88 11.93 -71.22
CA LEU A 1291 -22.84 11.44 -72.61
C LEU A 1291 -23.94 12.04 -73.50
N ILE A 1292 -25.20 11.94 -73.12
CA ILE A 1292 -26.32 12.00 -74.09
C ILE A 1292 -26.77 13.45 -74.22
N SER A 1293 -26.99 14.14 -73.11
CA SER A 1293 -27.57 15.50 -73.07
C SER A 1293 -28.91 15.55 -73.78
N SER A 1294 -29.75 14.54 -73.61
CA SER A 1294 -31.14 14.57 -74.13
C SER A 1294 -32.00 15.38 -73.17
N SER A 1295 -33.15 15.83 -73.64
CA SER A 1295 -34.28 16.34 -72.82
C SER A 1295 -35.47 15.38 -73.02
N GLY A 1296 -35.16 14.15 -73.35
CA GLY A 1296 -36.19 13.14 -73.60
C GLY A 1296 -36.63 12.46 -72.32
N PRO A 1297 -37.59 11.54 -72.43
CA PRO A 1297 -38.18 10.93 -71.25
C PRO A 1297 -37.12 10.29 -70.34
N ILE A 1298 -37.50 10.05 -69.10
CA ILE A 1298 -36.69 9.32 -68.10
C ILE A 1298 -37.67 8.64 -67.16
N LYS A 1299 -37.84 7.35 -67.35
CA LYS A 1299 -38.80 6.58 -66.57
C LYS A 1299 -37.94 5.47 -65.97
N THR A 1300 -37.46 5.68 -64.76
CA THR A 1300 -36.60 4.76 -64.04
C THR A 1300 -37.45 3.71 -63.35
N PRO A 1301 -37.48 2.42 -63.77
CA PRO A 1301 -38.13 1.39 -62.95
C PRO A 1301 -37.33 0.72 -61.82
N VAL A 1302 -38.06 0.27 -60.81
CA VAL A 1302 -37.57 -0.64 -59.76
C VAL A 1302 -38.40 -1.91 -59.86
N GLY A 1303 -37.77 -3.03 -60.13
CA GLY A 1303 -38.52 -4.28 -60.30
C GLY A 1303 -37.80 -5.43 -59.67
N ALA A 1304 -37.01 -5.17 -58.63
CA ALA A 1304 -36.18 -6.18 -57.98
C ALA A 1304 -35.43 -6.94 -59.07
N CYS A 1305 -35.72 -8.21 -59.31
CA CYS A 1305 -34.92 -9.07 -60.22
C CYS A 1305 -35.49 -9.01 -61.64
N ALA A 1306 -36.61 -8.32 -61.85
CA ALA A 1306 -37.26 -8.13 -63.17
C ALA A 1306 -37.19 -6.67 -63.61
N THR A 1307 -36.20 -5.88 -63.18
CA THR A 1307 -36.20 -4.45 -63.54
C THR A 1307 -35.86 -4.32 -65.02
N SER A 1308 -35.03 -5.23 -65.51
CA SER A 1308 -34.52 -5.18 -66.90
C SER A 1308 -35.63 -5.43 -67.91
N VAL A 1309 -36.54 -6.38 -67.67
CA VAL A 1309 -37.72 -6.59 -68.56
C VAL A 1309 -38.73 -5.42 -68.41
N GLU A 1310 -39.09 -5.07 -67.20
CA GLU A 1310 -39.88 -3.85 -66.94
C GLU A 1310 -39.27 -2.67 -67.70
N SER A 1311 -37.96 -2.56 -67.76
CA SER A 1311 -37.25 -1.45 -68.42
C SER A 1311 -37.55 -1.51 -69.91
N VAL A 1312 -37.41 -2.70 -70.50
CA VAL A 1312 -37.73 -2.95 -71.94
C VAL A 1312 -39.18 -2.54 -72.22
N ASP A 1313 -40.13 -3.12 -71.49
CA ASP A 1313 -41.58 -2.80 -71.54
C ASP A 1313 -41.76 -1.28 -71.52
N ILE A 1314 -41.27 -0.59 -70.52
CA ILE A 1314 -41.41 0.89 -70.44
C ILE A 1314 -40.78 1.52 -71.68
N GLY A 1315 -39.62 1.05 -72.08
CA GLY A 1315 -38.87 1.58 -73.23
C GLY A 1315 -39.66 1.48 -74.53
N VAL A 1316 -40.25 0.32 -74.79
CA VAL A 1316 -41.14 0.08 -75.96
C VAL A 1316 -42.34 1.04 -75.90
N GLU A 1317 -43.15 0.99 -74.84
CA GLU A 1317 -44.36 1.84 -74.69
C GLU A 1317 -44.02 3.33 -74.81
N THR A 1318 -42.81 3.73 -74.45
CA THR A 1318 -42.38 5.14 -74.58
C THR A 1318 -42.17 5.45 -76.05
N ILE A 1319 -41.74 4.46 -76.82
CA ILE A 1319 -41.51 4.67 -78.27
C ILE A 1319 -42.82 4.61 -79.00
N LEU A 1320 -43.64 3.59 -78.78
CA LEU A 1320 -44.96 3.47 -79.46
C LEU A 1320 -45.96 4.55 -79.00
N SER A 1321 -45.70 5.37 -78.02
CA SER A 1321 -46.53 6.56 -77.68
C SER A 1321 -46.02 7.80 -78.44
N GLY A 1322 -44.94 7.64 -79.20
CA GLY A 1322 -44.27 8.77 -79.85
C GLY A 1322 -43.77 9.79 -78.86
N LYS A 1323 -43.32 9.36 -77.68
CA LYS A 1323 -42.62 10.28 -76.75
C LYS A 1323 -41.14 10.26 -77.08
N ALA A 1324 -40.61 9.10 -77.49
CA ALA A 1324 -39.19 8.90 -77.81
C ALA A 1324 -39.06 8.05 -79.05
N ARG A 1325 -38.00 8.30 -79.79
CA ARG A 1325 -37.65 7.55 -81.01
C ARG A 1325 -36.58 6.51 -80.66
N ILE A 1326 -35.65 6.87 -79.78
CA ILE A 1326 -34.56 6.02 -79.23
C ILE A 1326 -34.70 5.95 -77.72
N CYS A 1327 -34.26 4.87 -77.13
CA CYS A 1327 -34.33 4.63 -75.68
C CYS A 1327 -33.15 3.79 -75.23
N ILE A 1328 -32.50 4.17 -74.15
CA ILE A 1328 -31.56 3.30 -73.43
C ILE A 1328 -32.40 2.57 -72.38
N VAL A 1329 -32.07 1.32 -72.16
CA VAL A 1329 -32.96 0.31 -71.53
C VAL A 1329 -32.01 -0.66 -70.84
N GLY A 1330 -32.32 -1.18 -69.68
CA GLY A 1330 -31.47 -2.19 -69.03
C GLY A 1330 -31.55 -2.11 -67.52
N GLY A 1331 -30.48 -2.51 -66.87
CA GLY A 1331 -30.49 -2.80 -65.43
C GLY A 1331 -29.09 -2.89 -64.89
N TYR A 1332 -28.94 -2.65 -63.62
CA TYR A 1332 -27.66 -2.60 -62.89
C TYR A 1332 -27.93 -2.86 -61.42
N ASP A 1333 -27.04 -3.59 -60.76
CA ASP A 1333 -27.05 -3.76 -59.29
C ASP A 1333 -25.63 -4.06 -58.84
N ASP A 1334 -25.28 -3.58 -57.65
CA ASP A 1334 -23.98 -3.86 -56.99
C ASP A 1334 -24.19 -4.94 -55.95
N PHE A 1335 -23.08 -5.49 -55.47
CA PHE A 1335 -23.01 -6.50 -54.38
C PHE A 1335 -22.25 -5.83 -53.27
N GLN A 1336 -22.85 -5.72 -52.11
CA GLN A 1336 -22.20 -5.15 -50.91
C GLN A 1336 -22.49 -6.04 -49.71
N GLU A 1337 -21.85 -5.78 -48.57
CA GLU A 1337 -21.89 -6.60 -47.35
C GLU A 1337 -23.33 -6.68 -46.83
N GLU A 1338 -24.06 -5.58 -46.84
CA GLU A 1338 -25.37 -5.47 -46.14
C GLU A 1338 -26.40 -6.34 -46.86
N GLY A 1339 -26.47 -6.25 -48.18
CA GLY A 1339 -27.42 -7.04 -48.97
C GLY A 1339 -27.08 -8.52 -48.96
N SER A 1340 -25.79 -8.87 -49.02
CA SER A 1340 -25.33 -10.27 -48.89
C SER A 1340 -25.91 -10.87 -47.59
N PHE A 1341 -25.70 -10.19 -46.47
CA PHE A 1341 -26.18 -10.63 -45.13
C PHE A 1341 -27.70 -10.76 -45.14
N GLU A 1342 -28.43 -9.82 -45.73
CA GLU A 1342 -29.91 -9.79 -45.65
C GLU A 1342 -30.51 -10.89 -46.54
N PHE A 1343 -29.97 -11.13 -47.72
CA PHE A 1343 -30.35 -12.25 -48.60
C PHE A 1343 -30.07 -13.58 -47.91
N GLY A 1344 -29.10 -13.65 -46.97
CA GLY A 1344 -28.79 -14.81 -46.11
C GLY A 1344 -29.83 -15.02 -45.02
N ASN A 1345 -30.25 -13.96 -44.32
CA ASN A 1345 -31.34 -14.02 -43.30
C ASN A 1345 -32.68 -14.44 -43.94
N MET A 1346 -32.93 -14.11 -45.22
CA MET A 1346 -34.12 -14.54 -46.01
C MET A 1346 -33.97 -15.99 -46.53
N LYS A 1347 -32.80 -16.61 -46.37
CA LYS A 1347 -32.43 -17.97 -46.86
C LYS A 1347 -32.65 -18.09 -48.38
N ALA A 1348 -32.39 -17.03 -49.14
CA ALA A 1348 -32.55 -16.94 -50.61
C ALA A 1348 -31.28 -17.41 -51.34
N THR A 1349 -30.09 -17.00 -50.85
CA THR A 1349 -28.78 -17.36 -51.42
C THR A 1349 -28.40 -18.75 -50.96
N SER A 1350 -27.55 -19.47 -51.70
CA SER A 1350 -26.89 -20.74 -51.25
C SER A 1350 -25.96 -20.48 -50.04
N ASN A 1351 -26.14 -21.23 -48.96
CA ASN A 1351 -25.16 -21.34 -47.84
C ASN A 1351 -23.88 -21.99 -48.36
N THR A 1352 -22.79 -21.25 -48.42
CA THR A 1352 -21.51 -21.75 -49.00
C THR A 1352 -20.92 -22.88 -48.17
N LEU A 1353 -21.20 -22.96 -46.87
CA LEU A 1353 -20.61 -24.01 -46.00
C LEU A 1353 -21.29 -25.35 -46.29
N GLU A 1354 -22.62 -25.38 -46.33
CA GLU A 1354 -23.41 -26.53 -46.88
C GLU A 1354 -22.82 -26.98 -48.21
N GLU A 1355 -22.49 -26.06 -49.11
CA GLU A 1355 -22.02 -26.40 -50.47
C GLU A 1355 -20.69 -27.12 -50.42
N PHE A 1356 -19.83 -26.72 -49.48
CA PHE A 1356 -18.51 -27.31 -49.24
C PHE A 1356 -18.73 -28.71 -48.63
N GLU A 1357 -19.72 -28.90 -47.77
CA GLU A 1357 -20.03 -30.25 -47.22
C GLU A 1357 -20.32 -31.21 -48.37
N HIS A 1358 -21.17 -30.79 -49.29
CA HIS A 1358 -21.57 -31.54 -50.52
C HIS A 1358 -20.36 -31.73 -51.47
N GLY A 1359 -19.20 -31.22 -51.09
CA GLY A 1359 -18.02 -31.22 -51.97
C GLY A 1359 -18.21 -30.43 -53.25
N ARG A 1360 -19.01 -29.37 -53.26
CA ARG A 1360 -19.08 -28.46 -54.42
C ARG A 1360 -17.95 -27.44 -54.33
N THR A 1361 -17.49 -27.00 -55.49
CA THR A 1361 -16.57 -25.87 -55.71
C THR A 1361 -17.37 -24.65 -56.11
N PRO A 1362 -16.85 -23.43 -55.94
CA PRO A 1362 -17.53 -22.22 -56.41
C PRO A 1362 -18.15 -22.27 -57.82
N ALA A 1363 -17.45 -22.81 -58.82
CA ALA A 1363 -17.95 -22.85 -60.21
C ALA A 1363 -19.33 -23.51 -60.20
N GLU A 1364 -19.40 -24.71 -59.65
CA GLU A 1364 -20.59 -25.60 -59.71
C GLU A 1364 -21.58 -25.26 -58.58
N MET A 1365 -21.71 -24.00 -58.16
CA MET A 1365 -22.62 -23.61 -57.05
C MET A 1365 -23.93 -22.94 -57.55
N SER A 1366 -23.90 -22.26 -58.68
CA SER A 1366 -25.13 -21.87 -59.44
C SER A 1366 -25.47 -23.02 -60.40
N ARG A 1367 -26.52 -23.78 -60.08
CA ARG A 1367 -26.90 -25.00 -60.85
C ARG A 1367 -28.41 -25.02 -61.05
N PRO A 1368 -28.92 -24.15 -61.94
CA PRO A 1368 -30.35 -24.10 -62.19
C PRO A 1368 -30.92 -25.41 -62.74
N ALA A 1369 -32.18 -25.69 -62.43
CA ALA A 1369 -33.02 -26.80 -62.96
C ALA A 1369 -32.55 -28.17 -62.43
N THR A 1370 -31.67 -28.17 -61.45
CA THR A 1370 -30.90 -29.35 -60.98
C THR A 1370 -31.58 -29.86 -59.70
N THR A 1371 -31.46 -31.16 -59.43
CA THR A 1371 -32.08 -31.82 -58.25
C THR A 1371 -31.69 -31.12 -56.96
N THR A 1372 -30.42 -30.74 -56.87
CA THR A 1372 -29.68 -30.31 -55.67
C THR A 1372 -29.57 -28.79 -55.57
N ARG A 1373 -30.26 -28.03 -56.41
CA ARG A 1373 -30.24 -26.55 -56.33
C ARG A 1373 -30.74 -26.15 -54.95
N ASN A 1374 -30.06 -25.19 -54.31
CA ASN A 1374 -30.33 -24.78 -52.91
C ASN A 1374 -30.06 -23.28 -52.75
N GLY A 1375 -30.51 -22.45 -53.69
CA GLY A 1375 -30.48 -20.99 -53.54
C GLY A 1375 -29.56 -20.41 -54.58
N PHE A 1376 -29.59 -19.09 -54.71
CA PHE A 1376 -28.93 -18.36 -55.80
C PHE A 1376 -27.58 -17.76 -55.35
N MET A 1377 -26.87 -17.25 -56.34
CA MET A 1377 -25.48 -16.77 -56.26
C MET A 1377 -25.47 -15.29 -56.61
N GLU A 1378 -25.29 -14.43 -55.63
CA GLU A 1378 -25.37 -12.96 -55.82
C GLU A 1378 -24.23 -12.57 -56.74
N ALA A 1379 -24.47 -11.65 -57.66
CA ALA A 1379 -23.50 -11.11 -58.63
C ALA A 1379 -23.72 -9.60 -58.78
N GLN A 1380 -22.90 -8.94 -59.58
CA GLN A 1380 -22.97 -7.49 -59.73
C GLN A 1380 -22.69 -7.07 -61.17
N GLY A 1381 -23.29 -5.97 -61.59
CA GLY A 1381 -22.91 -5.26 -62.81
C GLY A 1381 -24.11 -4.67 -63.52
N ALA A 1382 -24.02 -4.53 -64.82
CA ALA A 1382 -25.00 -3.75 -65.59
C ALA A 1382 -25.17 -4.39 -66.94
N GLY A 1383 -26.32 -4.17 -67.54
CA GLY A 1383 -26.59 -4.53 -68.94
C GLY A 1383 -27.37 -3.42 -69.58
N ILE A 1384 -26.98 -3.02 -70.76
CA ILE A 1384 -27.65 -1.93 -71.49
C ILE A 1384 -27.98 -2.41 -72.88
N GLN A 1385 -29.14 -2.04 -73.37
CA GLN A 1385 -29.52 -2.15 -74.79
C GLN A 1385 -29.94 -0.77 -75.29
N ILE A 1386 -29.77 -0.54 -76.58
CA ILE A 1386 -30.30 0.68 -77.23
C ILE A 1386 -31.39 0.20 -78.17
N ILE A 1387 -32.61 0.67 -78.00
CA ILE A 1387 -33.75 0.31 -78.85
C ILE A 1387 -34.25 1.54 -79.61
N MET A 1388 -34.66 1.36 -80.86
CA MET A 1388 -35.20 2.44 -81.72
C MET A 1388 -36.39 1.92 -82.48
N GLN A 1389 -37.16 2.87 -83.00
CA GLN A 1389 -38.05 2.65 -84.17
C GLN A 1389 -37.23 2.00 -85.29
N ALA A 1390 -37.75 0.98 -85.97
CA ALA A 1390 -37.03 0.29 -87.07
C ALA A 1390 -36.76 1.27 -88.18
N ASP A 1391 -37.75 2.10 -88.49
CA ASP A 1391 -37.72 3.20 -89.47
C ASP A 1391 -36.40 3.94 -89.31
N LEU A 1392 -36.13 4.38 -88.09
CA LEU A 1392 -35.01 5.31 -87.73
C LEU A 1392 -33.72 4.53 -87.77
N ALA A 1393 -33.74 3.26 -87.45
CA ALA A 1393 -32.55 2.38 -87.54
C ALA A 1393 -32.12 2.27 -89.01
N LEU A 1394 -33.05 2.08 -89.93
CA LEU A 1394 -32.73 1.87 -91.36
C LEU A 1394 -32.22 3.19 -91.97
N LYS A 1395 -32.82 4.30 -91.56
CA LYS A 1395 -32.38 5.65 -91.96
C LYS A 1395 -30.97 5.94 -91.44
N MET A 1396 -30.61 5.56 -90.21
CA MET A 1396 -29.27 5.82 -89.59
C MET A 1396 -28.27 4.78 -90.08
N GLY A 1397 -28.73 3.70 -90.66
CA GLY A 1397 -27.82 2.59 -90.96
C GLY A 1397 -27.06 2.22 -89.72
N VAL A 1398 -27.79 1.89 -88.64
CA VAL A 1398 -27.21 1.24 -87.43
C VAL A 1398 -27.50 -0.24 -87.54
N PRO A 1399 -26.62 -1.11 -86.99
CA PRO A 1399 -26.88 -2.54 -86.95
C PRO A 1399 -28.13 -2.84 -86.14
N ILE A 1400 -28.79 -3.93 -86.47
CA ILE A 1400 -30.11 -4.29 -85.93
C ILE A 1400 -29.97 -5.73 -85.48
N TYR A 1401 -29.95 -5.93 -84.17
CA TYR A 1401 -29.57 -7.23 -83.60
C TYR A 1401 -30.81 -8.07 -83.35
N GLY A 1402 -31.96 -7.45 -83.27
CA GLY A 1402 -33.20 -8.21 -83.07
C GLY A 1402 -34.39 -7.29 -83.01
N ILE A 1403 -35.55 -7.88 -83.15
CA ILE A 1403 -36.83 -7.15 -83.09
C ILE A 1403 -37.43 -7.47 -81.74
N VAL A 1404 -37.84 -6.48 -80.97
CA VAL A 1404 -38.57 -6.70 -79.71
C VAL A 1404 -40.06 -6.78 -80.06
N ALA A 1405 -40.54 -7.99 -80.24
CA ALA A 1405 -41.91 -8.28 -80.68
C ALA A 1405 -42.87 -7.90 -79.58
N MET A 1406 -42.58 -8.32 -78.36
CA MET A 1406 -43.50 -8.23 -77.20
C MET A 1406 -42.66 -7.93 -75.98
N ALA A 1407 -43.22 -7.21 -75.01
CA ALA A 1407 -42.60 -7.06 -73.69
C ALA A 1407 -43.68 -6.74 -72.64
N ALA A 1408 -43.92 -7.63 -71.70
CA ALA A 1408 -45.03 -7.51 -70.73
C ALA A 1408 -44.52 -7.63 -69.28
N THR A 1409 -45.40 -7.30 -68.34
CA THR A 1409 -45.21 -7.40 -66.88
C THR A 1409 -46.54 -7.82 -66.27
N ALA A 1410 -46.48 -8.67 -65.28
CA ALA A 1410 -47.67 -9.18 -64.57
C ALA A 1410 -47.31 -9.25 -63.09
N THR A 1411 -48.28 -8.99 -62.23
CA THR A 1411 -48.30 -9.41 -60.81
C THR A 1411 -48.90 -10.81 -60.69
N ASP A 1412 -49.12 -11.29 -59.46
CA ASP A 1412 -49.73 -12.61 -59.14
C ASP A 1412 -51.00 -12.37 -58.33
N LYS A 1413 -51.37 -13.26 -57.42
CA LYS A 1413 -52.66 -13.23 -56.68
C LYS A 1413 -52.42 -12.66 -55.27
N ILE A 1414 -53.46 -12.75 -54.44
CA ILE A 1414 -53.45 -12.53 -52.96
C ILE A 1414 -52.44 -13.50 -52.33
N GLY A 1415 -51.53 -12.95 -51.52
CA GLY A 1415 -50.50 -13.72 -50.82
C GLY A 1415 -50.12 -13.03 -49.53
N ARG A 1416 -49.19 -13.64 -48.77
CA ARG A 1416 -48.49 -13.03 -47.60
C ARG A 1416 -46.97 -13.33 -47.70
N SER A 1417 -46.43 -13.53 -48.91
CA SER A 1417 -45.00 -13.85 -49.20
C SER A 1417 -44.49 -13.01 -50.39
N VAL A 1418 -43.72 -11.95 -50.10
CA VAL A 1418 -43.18 -10.99 -51.10
C VAL A 1418 -42.13 -11.67 -51.97
N PRO A 1419 -41.26 -12.59 -51.49
CA PRO A 1419 -40.32 -13.30 -52.38
C PRO A 1419 -40.85 -14.49 -53.19
N ALA A 1420 -42.11 -14.91 -52.97
CA ALA A 1420 -42.76 -16.08 -53.65
C ALA A 1420 -43.09 -15.76 -55.11
N PRO A 1421 -42.52 -16.49 -56.10
CA PRO A 1421 -42.88 -16.27 -57.51
C PRO A 1421 -44.27 -16.87 -57.84
N GLY A 1422 -44.95 -16.27 -58.83
CA GLY A 1422 -46.29 -16.70 -59.25
C GLY A 1422 -46.40 -16.92 -60.74
N LYS A 1423 -47.63 -17.16 -61.19
CA LYS A 1423 -47.97 -17.67 -62.53
C LYS A 1423 -48.53 -16.53 -63.39
N GLY A 1424 -48.55 -15.31 -62.87
CA GLY A 1424 -49.28 -14.15 -63.42
C GLY A 1424 -48.89 -13.76 -64.84
N ILE A 1425 -47.69 -14.13 -65.29
CA ILE A 1425 -47.22 -13.83 -66.67
C ILE A 1425 -47.86 -14.79 -67.67
N LEU A 1426 -48.51 -15.90 -67.24
CA LEU A 1426 -49.39 -16.76 -68.11
C LEU A 1426 -50.32 -15.93 -68.99
N THR A 1427 -50.76 -14.77 -68.51
CA THR A 1427 -51.71 -13.87 -69.21
C THR A 1427 -51.15 -13.36 -70.54
N THR A 1428 -49.92 -13.69 -70.93
CA THR A 1428 -49.37 -13.26 -72.25
C THR A 1428 -49.84 -14.26 -73.30
N ALA A 1429 -50.44 -15.37 -72.86
CA ALA A 1429 -50.91 -16.50 -73.70
C ALA A 1429 -52.42 -16.61 -73.51
N ARG A 1430 -53.04 -15.58 -72.94
CA ARG A 1430 -54.51 -15.60 -72.72
C ARG A 1430 -55.11 -15.51 -74.10
N GLU A 1431 -55.88 -16.53 -74.50
CA GLU A 1431 -56.87 -16.36 -75.59
C GLU A 1431 -58.08 -17.26 -75.36
N HIS A 1432 -59.18 -16.87 -76.02
CA HIS A 1432 -60.50 -17.54 -76.04
C HIS A 1432 -60.47 -18.73 -77.00
N HIS A 1433 -61.15 -19.82 -76.66
CA HIS A 1433 -61.13 -21.10 -77.41
C HIS A 1433 -62.54 -21.72 -77.48
N SER A 1434 -63.57 -21.01 -77.01
CA SER A 1434 -64.98 -21.46 -77.04
C SER A 1434 -65.37 -21.81 -78.48
N SER A 1435 -64.90 -20.99 -79.43
CA SER A 1435 -65.31 -20.93 -80.86
C SER A 1435 -64.09 -21.12 -81.77
N VAL A 1436 -63.50 -22.33 -81.80
CA VAL A 1436 -62.20 -22.66 -82.47
C VAL A 1436 -62.40 -23.73 -83.56
N LYS A 1437 -63.58 -23.78 -84.19
CA LYS A 1437 -63.91 -24.72 -85.30
C LYS A 1437 -63.21 -24.27 -86.58
N TYR A 1438 -63.44 -23.01 -87.02
CA TYR A 1438 -62.88 -22.43 -88.27
C TYR A 1438 -61.83 -21.36 -87.95
N ALA A 1439 -60.73 -21.34 -88.74
CA ALA A 1439 -59.59 -20.41 -88.64
C ALA A 1439 -60.05 -18.95 -88.85
N SER A 1440 -59.71 -18.07 -87.89
CA SER A 1440 -59.86 -16.59 -87.97
C SER A 1440 -59.06 -16.08 -89.16
N PRO A 1441 -59.66 -15.28 -90.08
CA PRO A 1441 -58.92 -14.75 -91.23
C PRO A 1441 -57.98 -13.58 -90.86
N ASN A 1442 -58.12 -13.01 -89.65
CA ASN A 1442 -57.24 -11.95 -89.08
C ASN A 1442 -55.80 -12.46 -88.92
N LEU A 1443 -55.58 -13.77 -88.77
CA LEU A 1443 -54.24 -14.41 -88.70
C LEU A 1443 -53.64 -14.59 -90.10
N ASN A 1444 -54.45 -14.86 -91.13
CA ASN A 1444 -53.94 -14.98 -92.53
C ASN A 1444 -53.40 -13.63 -92.98
N MET A 1445 -52.12 -13.57 -93.35
CA MET A 1445 -51.43 -12.33 -93.75
C MET A 1445 -51.95 -11.90 -95.14
N LYS A 1446 -52.23 -12.83 -96.05
CA LYS A 1446 -52.79 -12.51 -97.40
C LYS A 1446 -54.03 -11.62 -97.25
N TYR A 1447 -55.00 -12.09 -96.46
CA TYR A 1447 -56.23 -11.35 -96.10
C TYR A 1447 -55.85 -9.96 -95.63
N ARG A 1448 -55.07 -9.88 -94.56
CA ARG A 1448 -54.66 -8.62 -93.89
C ARG A 1448 -54.08 -7.66 -94.93
N LYS A 1449 -53.31 -8.18 -95.91
CA LYS A 1449 -52.62 -7.36 -96.94
C LYS A 1449 -53.62 -6.86 -97.98
N ARG A 1450 -54.55 -7.72 -98.41
CA ARG A 1450 -55.72 -7.34 -99.27
C ARG A 1450 -56.45 -6.13 -98.69
N GLN A 1451 -56.74 -6.12 -97.38
CA GLN A 1451 -57.51 -5.03 -96.74
C GLN A 1451 -56.69 -3.74 -96.79
N LEU A 1452 -55.36 -3.84 -96.76
CA LEU A 1452 -54.46 -2.65 -96.73
C LEU A 1452 -54.43 -2.02 -98.13
N VAL A 1453 -54.35 -2.86 -99.19
CA VAL A 1453 -54.28 -2.45 -100.62
C VAL A 1453 -55.55 -1.67 -100.98
N THR A 1454 -56.71 -2.18 -100.53
CA THR A 1454 -58.05 -1.52 -100.58
C THR A 1454 -57.96 -0.14 -99.94
N ARG A 1455 -57.59 -0.07 -98.66
CA ARG A 1455 -57.56 1.17 -97.86
C ARG A 1455 -56.51 2.14 -98.43
N GLU A 1456 -55.51 1.68 -99.19
CA GLU A 1456 -54.45 2.53 -99.80
C GLU A 1456 -55.02 3.26 -101.02
N ALA A 1457 -55.84 2.58 -101.82
CA ALA A 1457 -56.65 3.14 -102.91
C ALA A 1457 -57.52 4.29 -102.37
N GLN A 1458 -58.28 4.05 -101.30
CA GLN A 1458 -59.16 5.07 -100.65
C GLN A 1458 -58.35 6.32 -100.25
N ILE A 1459 -57.11 6.17 -99.79
CA ILE A 1459 -56.25 7.29 -99.33
C ILE A 1459 -55.74 8.07 -100.56
N LYS A 1460 -55.31 7.36 -101.61
CA LYS A 1460 -54.99 7.93 -102.95
C LYS A 1460 -56.14 8.85 -103.41
N ASP A 1461 -57.39 8.33 -103.44
CA ASP A 1461 -58.62 9.10 -103.75
C ASP A 1461 -58.74 10.32 -102.82
N TRP A 1462 -58.60 10.08 -101.52
CA TRP A 1462 -58.70 11.13 -100.47
C TRP A 1462 -57.73 12.29 -100.77
N VAL A 1463 -56.51 12.02 -101.25
CA VAL A 1463 -55.47 13.09 -101.50
C VAL A 1463 -55.91 13.92 -102.72
N GLU A 1464 -56.35 13.29 -103.81
CA GLU A 1464 -56.90 13.98 -105.01
C GLU A 1464 -57.94 15.03 -104.58
N ASN A 1465 -58.96 14.61 -103.81
CA ASN A 1465 -60.13 15.46 -103.46
C ASN A 1465 -59.74 16.65 -102.55
N GLU A 1466 -58.62 16.55 -101.83
CA GLU A 1466 -58.10 17.64 -100.94
C GLU A 1466 -57.14 18.55 -101.74
N LEU A 1467 -56.63 18.09 -102.89
CA LEU A 1467 -55.82 18.89 -103.86
C LEU A 1467 -56.73 19.60 -104.88
N GLU A 1468 -57.89 18.99 -105.23
CA GLU A 1468 -58.98 19.70 -105.95
C GLU A 1468 -59.46 20.87 -105.09
N ALA A 1469 -59.77 20.62 -103.81
CA ALA A 1469 -60.34 21.61 -102.86
C ALA A 1469 -59.31 22.67 -102.47
N LEU A 1470 -57.99 22.35 -102.54
CA LEU A 1470 -56.90 23.31 -102.22
C LEU A 1470 -56.66 24.26 -103.42
N LYS A 1471 -56.96 23.80 -104.64
CA LYS A 1471 -56.95 24.63 -105.87
C LYS A 1471 -58.10 25.66 -105.79
N LEU A 1472 -59.31 25.22 -105.36
CA LEU A 1472 -60.55 26.06 -105.26
C LEU A 1472 -60.50 27.00 -104.04
N GLU A 1473 -59.48 26.94 -103.18
CA GLU A 1473 -59.27 27.88 -102.05
C GLU A 1473 -58.10 28.83 -102.34
N ALA A 1474 -57.20 28.47 -103.27
CA ALA A 1474 -56.01 29.26 -103.69
C ALA A 1474 -56.40 30.44 -104.60
N GLU A 1475 -57.50 30.28 -105.37
CA GLU A 1475 -58.04 31.28 -106.34
C GLU A 1475 -58.44 32.56 -105.57
N GLU A 1476 -59.21 32.42 -104.48
CA GLU A 1476 -59.75 33.54 -103.64
C GLU A 1476 -58.59 34.33 -102.98
N ILE A 1477 -57.44 33.69 -102.77
CA ILE A 1477 -56.18 34.32 -102.27
C ILE A 1477 -55.58 35.15 -103.42
N PRO A 1478 -55.21 36.45 -103.20
CA PRO A 1478 -54.45 37.23 -104.18
C PRO A 1478 -53.19 36.48 -104.66
N SER A 1479 -52.95 36.43 -105.98
CA SER A 1479 -51.94 35.55 -106.62
C SER A 1479 -50.49 35.99 -106.29
N GLU A 1480 -50.31 37.15 -105.64
CA GLU A 1480 -49.00 37.67 -105.12
C GLU A 1480 -48.47 36.77 -103.98
N ASP A 1481 -49.33 36.35 -103.04
CA ASP A 1481 -48.99 35.63 -101.78
C ASP A 1481 -49.83 34.33 -101.62
N GLN A 1482 -50.15 33.65 -102.74
CA GLN A 1482 -50.80 32.31 -102.77
C GLN A 1482 -49.73 31.21 -102.85
N ASN A 1483 -48.47 31.55 -103.17
CA ASN A 1483 -47.33 30.60 -103.12
C ASN A 1483 -47.17 30.07 -101.69
N GLU A 1484 -47.18 30.96 -100.68
CA GLU A 1484 -46.95 30.64 -99.24
C GLU A 1484 -48.17 29.94 -98.63
N PHE A 1485 -49.36 30.09 -99.21
CA PHE A 1485 -50.58 29.33 -98.86
C PHE A 1485 -50.44 27.87 -99.32
N LEU A 1486 -49.96 27.66 -100.54
CA LEU A 1486 -49.83 26.33 -101.19
C LEU A 1486 -48.72 25.51 -100.51
N LEU A 1487 -47.56 26.16 -100.22
CA LEU A 1487 -46.41 25.54 -99.51
C LEU A 1487 -46.87 25.02 -98.14
N GLU A 1488 -47.52 25.88 -97.35
CA GLU A 1488 -48.06 25.56 -96.00
C GLU A 1488 -49.06 24.40 -96.08
N ARG A 1489 -49.93 24.40 -97.08
CA ARG A 1489 -51.19 23.61 -97.07
C ARG A 1489 -51.11 22.35 -97.96
N THR A 1490 -50.04 22.16 -98.76
CA THR A 1490 -49.72 20.88 -99.43
C THR A 1490 -48.92 19.98 -98.49
N ARG A 1491 -48.07 20.62 -97.69
CA ARG A 1491 -47.29 20.00 -96.59
C ARG A 1491 -48.28 19.41 -95.56
N GLU A 1492 -49.35 20.14 -95.22
CA GLU A 1492 -50.42 19.65 -94.29
C GLU A 1492 -51.15 18.43 -94.90
N ILE A 1493 -51.31 18.34 -96.22
CA ILE A 1493 -51.99 17.21 -96.92
C ILE A 1493 -51.01 16.04 -97.13
N HIS A 1494 -49.71 16.33 -97.19
CA HIS A 1494 -48.63 15.30 -97.17
C HIS A 1494 -48.72 14.52 -95.86
N ASN A 1495 -48.62 15.23 -94.73
CA ASN A 1495 -48.79 14.72 -93.34
C ASN A 1495 -50.04 13.85 -93.24
N GLU A 1496 -51.22 14.40 -93.56
CA GLU A 1496 -52.53 13.73 -93.31
C GLU A 1496 -52.62 12.47 -94.16
N ALA A 1497 -51.99 12.45 -95.34
CA ALA A 1497 -51.85 11.26 -96.22
C ALA A 1497 -50.91 10.23 -95.57
N GLU A 1498 -49.84 10.71 -94.91
CA GLU A 1498 -48.85 9.81 -94.26
C GLU A 1498 -49.50 9.15 -93.06
N SER A 1499 -50.07 9.94 -92.15
CA SER A 1499 -50.80 9.47 -90.94
C SER A 1499 -51.74 8.35 -91.36
N GLN A 1500 -52.54 8.55 -92.41
CA GLN A 1500 -53.63 7.60 -92.76
C GLN A 1500 -53.03 6.30 -93.30
N LEU A 1501 -51.89 6.36 -93.99
CA LEU A 1501 -51.21 5.15 -94.54
C LEU A 1501 -50.56 4.34 -93.38
N ARG A 1502 -49.95 5.06 -92.41
CA ARG A 1502 -49.36 4.50 -91.16
C ARG A 1502 -50.48 3.85 -90.33
N ALA A 1503 -51.56 4.59 -90.07
CA ALA A 1503 -52.72 4.14 -89.26
C ALA A 1503 -53.33 2.87 -89.86
N ALA A 1504 -53.29 2.74 -91.18
CA ALA A 1504 -53.86 1.59 -91.91
C ALA A 1504 -52.89 0.41 -91.79
N GLN A 1505 -51.58 0.70 -91.84
CA GLN A 1505 -50.47 -0.26 -91.63
C GLN A 1505 -50.52 -0.76 -90.19
N GLN A 1506 -50.68 0.16 -89.24
CA GLN A 1506 -50.81 -0.16 -87.80
C GLN A 1506 -51.97 -1.12 -87.60
N GLN A 1507 -53.06 -0.97 -88.36
CA GLN A 1507 -54.33 -1.72 -88.16
C GLN A 1507 -54.26 -3.15 -88.74
N TRP A 1508 -53.55 -3.35 -89.84
CA TRP A 1508 -53.53 -4.64 -90.56
C TRP A 1508 -52.19 -5.34 -90.40
N GLY A 1509 -51.14 -4.62 -90.00
CA GLY A 1509 -49.74 -5.10 -90.03
C GLY A 1509 -49.21 -5.37 -88.66
N ASN A 1510 -49.44 -4.44 -87.73
CA ASN A 1510 -48.83 -4.37 -86.38
C ASN A 1510 -49.83 -4.71 -85.26
N ASP A 1511 -51.02 -4.09 -85.25
CA ASP A 1511 -52.02 -4.15 -84.16
C ASP A 1511 -53.29 -4.87 -84.61
N PHE A 1512 -53.17 -5.84 -85.51
CA PHE A 1512 -54.35 -6.59 -86.02
C PHE A 1512 -55.04 -7.39 -84.91
N TYR A 1513 -54.35 -7.67 -83.80
CA TYR A 1513 -54.74 -8.68 -82.79
C TYR A 1513 -55.07 -8.03 -81.44
N LYS A 1514 -55.02 -6.71 -81.33
CA LYS A 1514 -55.10 -6.05 -80.00
C LYS A 1514 -56.53 -6.06 -79.45
N ARG A 1515 -57.53 -6.22 -80.32
CA ARG A 1515 -58.98 -6.21 -79.95
C ARG A 1515 -59.62 -7.53 -80.42
N ASP A 1516 -58.82 -8.58 -80.62
CA ASP A 1516 -59.30 -9.96 -80.93
C ASP A 1516 -58.97 -10.86 -79.73
N PRO A 1517 -59.97 -11.27 -78.91
CA PRO A 1517 -59.71 -12.18 -77.81
C PRO A 1517 -59.42 -13.63 -78.21
N ARG A 1518 -59.34 -13.96 -79.50
CA ARG A 1518 -59.01 -15.32 -79.97
C ARG A 1518 -57.54 -15.37 -80.38
N ILE A 1519 -56.81 -14.27 -80.21
CA ILE A 1519 -55.35 -14.18 -80.48
C ILE A 1519 -54.64 -13.69 -79.22
N ALA A 1520 -53.80 -14.55 -78.66
CA ALA A 1520 -52.92 -14.28 -77.51
C ALA A 1520 -51.93 -13.22 -77.91
N PRO A 1521 -51.61 -12.28 -77.01
CA PRO A 1521 -50.49 -11.36 -77.21
C PRO A 1521 -49.19 -11.99 -77.73
N LEU A 1522 -48.85 -13.18 -77.21
CA LEU A 1522 -47.64 -13.95 -77.56
C LEU A 1522 -47.74 -14.42 -79.01
N ARG A 1523 -48.92 -14.88 -79.42
CA ARG A 1523 -49.15 -15.43 -80.77
C ARG A 1523 -49.18 -14.31 -81.80
N GLY A 1524 -49.83 -13.20 -81.46
CA GLY A 1524 -49.98 -12.05 -82.36
C GLY A 1524 -48.63 -11.45 -82.66
N ALA A 1525 -47.83 -11.25 -81.63
CA ALA A 1525 -46.46 -10.73 -81.70
C ALA A 1525 -45.67 -11.46 -82.77
N LEU A 1526 -45.79 -12.77 -82.80
CA LEU A 1526 -45.00 -13.62 -83.71
C LEU A 1526 -45.68 -13.69 -85.07
N ALA A 1527 -47.01 -13.56 -85.13
CA ALA A 1527 -47.80 -13.62 -86.38
C ALA A 1527 -47.55 -12.36 -87.23
N THR A 1528 -47.15 -11.24 -86.63
CA THR A 1528 -46.80 -10.01 -87.37
C THR A 1528 -45.56 -10.18 -88.27
N TYR A 1529 -44.90 -11.32 -88.31
CA TYR A 1529 -43.75 -11.59 -89.23
C TYR A 1529 -43.94 -12.96 -89.88
N GLY A 1530 -45.13 -13.52 -89.80
CA GLY A 1530 -45.39 -14.85 -90.37
C GLY A 1530 -44.67 -15.94 -89.61
N LEU A 1531 -44.46 -15.76 -88.30
CA LEU A 1531 -43.95 -16.84 -87.45
C LEU A 1531 -45.12 -17.44 -86.68
N THR A 1532 -45.04 -18.74 -86.44
CA THR A 1532 -45.99 -19.51 -85.59
C THR A 1532 -45.36 -19.67 -84.22
N ILE A 1533 -46.18 -19.89 -83.22
CA ILE A 1533 -45.76 -20.35 -81.87
C ILE A 1533 -44.70 -21.47 -81.99
N ASP A 1534 -44.73 -22.32 -83.03
CA ASP A 1534 -43.75 -23.42 -83.25
C ASP A 1534 -42.37 -22.92 -83.69
N ASP A 1535 -42.11 -21.61 -83.71
CA ASP A 1535 -40.82 -21.02 -84.16
C ASP A 1535 -40.07 -20.39 -82.99
N LEU A 1536 -40.73 -20.16 -81.85
CA LEU A 1536 -40.10 -19.71 -80.58
C LEU A 1536 -39.08 -20.77 -80.16
N GLY A 1537 -37.83 -20.57 -80.54
CA GLY A 1537 -36.81 -21.64 -80.51
C GLY A 1537 -36.33 -21.96 -79.12
N VAL A 1538 -36.05 -20.94 -78.38
CA VAL A 1538 -35.22 -20.95 -77.16
C VAL A 1538 -35.92 -20.12 -76.10
N ALA A 1539 -35.94 -20.59 -74.86
CA ALA A 1539 -36.53 -19.85 -73.72
C ALA A 1539 -35.39 -19.64 -72.74
N SER A 1540 -35.14 -18.39 -72.40
CA SER A 1540 -34.03 -17.93 -71.56
C SER A 1540 -34.68 -17.78 -70.20
N PHE A 1541 -34.46 -18.78 -69.35
CA PHE A 1541 -35.07 -18.90 -68.02
C PHE A 1541 -34.30 -18.00 -67.05
N HIS A 1542 -35.01 -17.23 -66.26
CA HIS A 1542 -34.50 -16.54 -65.04
C HIS A 1542 -33.57 -17.49 -64.30
N GLY A 1543 -34.06 -18.70 -64.00
CA GLY A 1543 -33.24 -19.84 -63.55
C GLY A 1543 -32.21 -19.45 -62.51
N THR A 1544 -32.67 -19.22 -61.28
CA THR A 1544 -31.89 -18.59 -60.21
C THR A 1544 -31.11 -19.64 -59.42
N SER A 1545 -31.40 -20.94 -59.65
CA SER A 1545 -30.92 -22.09 -58.86
C SER A 1545 -31.64 -22.10 -57.49
N THR A 1546 -32.87 -21.57 -57.40
CA THR A 1546 -33.75 -21.72 -56.22
C THR A 1546 -34.77 -22.84 -56.50
N LYS A 1547 -35.30 -23.45 -55.44
CA LYS A 1547 -36.29 -24.56 -55.47
C LYS A 1547 -37.57 -24.06 -56.15
N ALA A 1548 -38.11 -22.95 -55.65
CA ALA A 1548 -39.44 -22.40 -56.00
C ALA A 1548 -39.44 -21.80 -57.39
N ASN A 1549 -38.38 -21.07 -57.75
CA ASN A 1549 -38.29 -20.28 -59.01
C ASN A 1549 -38.22 -21.22 -60.22
N ASP A 1550 -37.37 -22.24 -60.17
CA ASP A 1550 -36.99 -23.05 -61.34
C ASP A 1550 -38.07 -24.09 -61.64
N LYS A 1551 -38.94 -24.40 -60.67
CA LYS A 1551 -40.15 -25.23 -60.93
C LYS A 1551 -41.29 -24.35 -61.46
N ASN A 1552 -41.56 -23.23 -60.78
CA ASN A 1552 -42.59 -22.25 -61.17
C ASN A 1552 -42.39 -21.76 -62.60
N GLU A 1553 -41.15 -21.50 -63.02
CA GLU A 1553 -40.83 -20.96 -64.37
C GLU A 1553 -40.99 -22.03 -65.46
N SER A 1554 -40.47 -23.23 -65.25
CA SER A 1554 -40.65 -24.37 -66.18
C SER A 1554 -42.13 -24.69 -66.36
N ALA A 1555 -42.94 -24.52 -65.32
CA ALA A 1555 -44.38 -24.83 -65.33
C ALA A 1555 -45.14 -23.77 -66.14
N THR A 1556 -44.75 -22.50 -66.01
CA THR A 1556 -45.48 -21.37 -66.63
C THR A 1556 -45.10 -21.29 -68.12
N ILE A 1557 -43.94 -21.77 -68.53
CA ILE A 1557 -43.57 -21.85 -69.98
C ILE A 1557 -44.27 -23.07 -70.55
N ASN A 1558 -44.44 -24.13 -69.78
CA ASN A 1558 -45.07 -25.35 -70.30
C ASN A 1558 -46.55 -25.01 -70.49
N GLU A 1559 -47.15 -24.23 -69.62
CA GLU A 1559 -48.61 -23.98 -69.70
C GLU A 1559 -48.89 -22.91 -70.78
N MET A 1560 -47.97 -21.98 -71.03
CA MET A 1560 -48.05 -21.01 -72.17
C MET A 1560 -48.11 -21.77 -73.49
N MET A 1561 -47.24 -22.79 -73.63
CA MET A 1561 -46.98 -23.53 -74.89
C MET A 1561 -48.10 -24.53 -75.10
N LYS A 1562 -48.75 -24.98 -74.03
CA LYS A 1562 -49.80 -26.03 -74.15
C LYS A 1562 -51.06 -25.35 -74.68
N HIS A 1563 -51.29 -24.11 -74.22
CA HIS A 1563 -52.51 -23.33 -74.50
C HIS A 1563 -52.50 -22.80 -75.93
N LEU A 1564 -51.33 -22.54 -76.50
CA LEU A 1564 -51.18 -22.06 -77.90
C LEU A 1564 -50.78 -23.21 -78.84
N GLY A 1565 -51.07 -24.46 -78.49
CA GLY A 1565 -50.93 -25.60 -79.41
C GLY A 1565 -49.59 -25.62 -80.12
N ARG A 1566 -48.53 -25.51 -79.34
CA ARG A 1566 -47.15 -25.91 -79.69
C ARG A 1566 -47.14 -27.42 -80.01
N SER A 1567 -46.59 -27.81 -81.14
CA SER A 1567 -46.57 -29.23 -81.60
C SER A 1567 -45.99 -30.13 -80.51
N GLU A 1568 -46.63 -31.27 -80.22
CA GLU A 1568 -46.03 -32.32 -79.36
C GLU A 1568 -44.73 -32.74 -80.03
N GLY A 1569 -43.63 -32.68 -79.29
CA GLY A 1569 -42.30 -33.04 -79.79
C GLY A 1569 -41.47 -31.85 -80.17
N ASN A 1570 -42.00 -30.63 -80.05
CA ASN A 1570 -41.22 -29.40 -80.33
C ASN A 1570 -41.11 -28.61 -79.04
N PRO A 1571 -40.17 -28.95 -78.15
CA PRO A 1571 -40.05 -28.20 -76.90
C PRO A 1571 -39.15 -26.98 -77.06
N VAL A 1572 -39.43 -25.91 -76.33
CA VAL A 1572 -38.50 -24.76 -76.23
C VAL A 1572 -37.24 -25.26 -75.51
N ILE A 1573 -36.10 -24.84 -76.01
CA ILE A 1573 -34.79 -25.23 -75.46
C ILE A 1573 -34.48 -24.20 -74.40
N GLY A 1574 -34.38 -24.61 -73.14
CA GLY A 1574 -34.10 -23.70 -72.03
C GLY A 1574 -32.64 -23.27 -72.06
N VAL A 1575 -32.33 -22.04 -71.65
CA VAL A 1575 -30.94 -21.64 -71.40
C VAL A 1575 -30.87 -20.88 -70.11
N PHE A 1576 -29.97 -21.31 -69.24
CA PHE A 1576 -29.85 -20.80 -67.86
C PHE A 1576 -28.47 -20.14 -67.72
N GLN A 1577 -28.35 -18.93 -68.24
CA GLN A 1577 -27.11 -18.12 -68.28
C GLN A 1577 -26.47 -18.03 -66.88
N LYS A 1578 -27.29 -17.90 -65.84
CA LYS A 1578 -26.86 -17.66 -64.44
C LYS A 1578 -26.00 -18.80 -63.91
N PHE A 1579 -25.90 -19.95 -64.57
CA PHE A 1579 -24.93 -20.98 -64.11
C PHE A 1579 -23.52 -20.37 -64.02
N LEU A 1580 -23.27 -19.34 -64.83
CA LEU A 1580 -21.94 -18.83 -65.20
C LEU A 1580 -21.75 -17.42 -64.65
N THR A 1581 -22.81 -16.64 -64.53
CA THR A 1581 -22.76 -15.20 -64.16
C THR A 1581 -23.29 -15.01 -62.74
N GLY A 1582 -24.09 -15.94 -62.23
CA GLY A 1582 -24.88 -15.75 -61.01
C GLY A 1582 -25.93 -14.69 -61.21
N HIS A 1583 -26.64 -14.34 -60.15
CA HIS A 1583 -27.87 -13.53 -60.18
C HIS A 1583 -27.56 -12.09 -59.82
N PRO A 1584 -27.52 -11.17 -60.78
CA PRO A 1584 -27.20 -9.79 -60.47
C PRO A 1584 -28.38 -8.88 -60.14
N LYS A 1585 -29.50 -9.48 -59.73
CA LYS A 1585 -30.76 -8.81 -59.34
C LYS A 1585 -31.25 -7.94 -60.50
N GLY A 1586 -31.08 -6.64 -60.44
CA GLY A 1586 -31.68 -5.69 -61.37
C GLY A 1586 -31.19 -5.88 -62.78
N ALA A 1587 -30.03 -6.50 -62.96
CA ALA A 1587 -29.35 -6.62 -64.27
C ALA A 1587 -29.69 -7.95 -64.91
N ALA A 1588 -30.41 -8.82 -64.22
CA ALA A 1588 -30.49 -10.26 -64.59
C ALA A 1588 -31.01 -10.33 -66.02
N GLY A 1589 -32.07 -9.57 -66.30
CA GLY A 1589 -32.81 -9.55 -67.57
C GLY A 1589 -32.01 -8.96 -68.69
N ALA A 1590 -31.24 -7.92 -68.41
CA ALA A 1590 -30.36 -7.30 -69.42
C ALA A 1590 -29.33 -8.34 -69.86
N TRP A 1591 -28.73 -9.10 -68.96
CA TRP A 1591 -27.73 -10.11 -69.37
C TRP A 1591 -28.40 -11.20 -70.22
N MET A 1592 -29.55 -11.67 -69.79
CA MET A 1592 -30.35 -12.69 -70.49
C MET A 1592 -30.70 -12.20 -71.90
N MET A 1593 -30.94 -10.90 -72.04
CA MET A 1593 -31.35 -10.24 -73.30
C MET A 1593 -30.14 -10.20 -74.25
N ASN A 1594 -29.03 -9.62 -73.82
CA ASN A 1594 -27.73 -9.70 -74.52
C ASN A 1594 -27.51 -11.13 -74.99
N GLY A 1595 -27.62 -12.11 -74.12
CA GLY A 1595 -27.42 -13.52 -74.50
C GLY A 1595 -28.35 -13.94 -75.62
N ALA A 1596 -29.61 -13.56 -75.52
CA ALA A 1596 -30.69 -13.88 -76.47
C ALA A 1596 -30.40 -13.30 -77.86
N LEU A 1597 -29.81 -12.10 -77.91
CA LEU A 1597 -29.38 -11.49 -79.19
C LEU A 1597 -28.16 -12.21 -79.74
N GLN A 1598 -27.21 -12.56 -78.91
CA GLN A 1598 -26.04 -13.37 -79.30
C GLN A 1598 -26.52 -14.75 -79.81
N ILE A 1599 -27.48 -15.38 -79.15
CA ILE A 1599 -28.05 -16.67 -79.63
C ILE A 1599 -28.68 -16.43 -81.00
N LEU A 1600 -29.54 -15.41 -81.14
CA LEU A 1600 -30.29 -15.16 -82.39
C LEU A 1600 -29.33 -15.09 -83.57
N ASN A 1601 -28.24 -14.37 -83.40
CA ASN A 1601 -27.41 -13.92 -84.54
C ASN A 1601 -26.40 -15.01 -84.90
N SER A 1602 -25.99 -15.80 -83.96
CA SER A 1602 -25.02 -16.92 -84.13
C SER A 1602 -25.74 -18.23 -84.45
N GLY A 1603 -26.90 -18.44 -83.86
CA GLY A 1603 -27.67 -19.69 -83.97
C GLY A 1603 -27.08 -20.78 -83.12
N ILE A 1604 -26.21 -20.40 -82.19
CA ILE A 1604 -25.58 -21.30 -81.19
C ILE A 1604 -26.39 -21.16 -79.93
N ILE A 1605 -26.87 -22.26 -79.37
CA ILE A 1605 -27.58 -22.26 -78.08
C ILE A 1605 -26.61 -22.77 -77.05
N PRO A 1606 -26.12 -21.98 -76.07
CA PRO A 1606 -25.22 -22.47 -75.06
C PRO A 1606 -25.86 -23.38 -74.03
N GLY A 1607 -25.14 -24.40 -73.58
CA GLY A 1607 -25.59 -25.39 -72.57
C GLY A 1607 -25.26 -24.96 -71.16
N ASN A 1608 -26.14 -25.32 -70.21
CA ASN A 1608 -25.97 -25.19 -68.73
C ASN A 1608 -24.97 -26.23 -68.33
N ARG A 1609 -23.68 -25.89 -68.32
CA ARG A 1609 -22.57 -26.81 -68.01
C ARG A 1609 -22.67 -27.35 -66.58
N ASN A 1610 -23.35 -26.70 -65.67
CA ASN A 1610 -23.56 -27.19 -64.28
C ASN A 1610 -24.90 -27.92 -64.13
N ALA A 1611 -25.54 -28.36 -65.19
CA ALA A 1611 -26.74 -29.24 -65.06
C ALA A 1611 -26.20 -30.67 -65.00
N ASP A 1612 -25.72 -31.04 -63.82
CA ASP A 1612 -25.26 -32.41 -63.45
C ASP A 1612 -26.45 -33.31 -63.80
N ASN A 1613 -27.61 -32.97 -63.23
CA ASN A 1613 -28.78 -33.87 -63.14
C ASN A 1613 -30.04 -33.05 -63.09
N VAL A 1614 -30.88 -33.17 -64.10
CA VAL A 1614 -32.11 -32.33 -64.18
C VAL A 1614 -33.16 -32.98 -63.29
N ASP A 1615 -33.82 -32.16 -62.48
CA ASP A 1615 -34.73 -32.60 -61.40
C ASP A 1615 -35.81 -33.47 -62.03
N LYS A 1616 -36.22 -34.54 -61.36
CA LYS A 1616 -37.21 -35.52 -61.89
C LYS A 1616 -38.55 -34.81 -62.07
N ILE A 1617 -38.83 -33.84 -61.22
CA ILE A 1617 -40.09 -33.04 -61.18
C ILE A 1617 -40.26 -32.28 -62.50
N LEU A 1618 -39.18 -32.04 -63.23
CA LEU A 1618 -39.21 -31.29 -64.50
C LEU A 1618 -39.48 -32.19 -65.71
N GLU A 1619 -39.51 -33.50 -65.61
CA GLU A 1619 -39.89 -34.41 -66.73
C GLU A 1619 -41.37 -34.25 -67.07
N GLN A 1620 -42.21 -33.82 -66.13
CA GLN A 1620 -43.66 -33.64 -66.39
C GLN A 1620 -43.87 -32.52 -67.43
N PHE A 1621 -42.90 -31.65 -67.65
CA PHE A 1621 -42.96 -30.53 -68.61
C PHE A 1621 -42.39 -30.97 -69.97
N GLU A 1622 -43.22 -31.67 -70.73
CA GLU A 1622 -42.98 -32.17 -72.11
C GLU A 1622 -42.45 -31.04 -73.01
N TYR A 1623 -42.89 -29.79 -72.83
CA TYR A 1623 -42.56 -28.68 -73.75
C TYR A 1623 -41.28 -27.94 -73.37
N VAL A 1624 -40.49 -28.41 -72.41
CA VAL A 1624 -39.15 -27.81 -72.13
C VAL A 1624 -38.08 -28.86 -72.38
N LEU A 1625 -36.87 -28.44 -72.68
CA LEU A 1625 -35.69 -29.29 -72.94
C LEU A 1625 -34.49 -28.59 -72.29
N TYR A 1626 -33.76 -29.26 -71.43
CA TYR A 1626 -32.73 -28.66 -70.55
C TYR A 1626 -31.34 -29.15 -70.95
N PRO A 1627 -30.71 -28.58 -72.00
CA PRO A 1627 -29.43 -29.06 -72.48
C PRO A 1627 -28.27 -28.72 -71.55
N SER A 1628 -27.27 -29.60 -71.46
CA SER A 1628 -26.06 -29.45 -70.62
C SER A 1628 -24.84 -29.14 -71.48
N LYS A 1629 -24.94 -29.27 -72.81
CA LYS A 1629 -23.86 -28.92 -73.75
C LYS A 1629 -24.37 -28.00 -74.85
N THR A 1630 -23.49 -27.18 -75.41
CA THR A 1630 -23.78 -26.22 -76.51
C THR A 1630 -24.16 -26.93 -77.81
N LEU A 1631 -25.20 -26.40 -78.46
CA LEU A 1631 -25.85 -26.89 -79.69
C LEU A 1631 -25.63 -25.86 -80.76
N LYS A 1632 -24.92 -26.19 -81.83
CA LYS A 1632 -24.74 -25.28 -82.99
C LYS A 1632 -25.80 -25.66 -84.02
N THR A 1633 -26.93 -24.94 -84.03
CA THR A 1633 -28.12 -25.15 -84.87
C THR A 1633 -27.92 -24.48 -86.22
N ASP A 1634 -28.91 -24.62 -87.10
CA ASP A 1634 -29.03 -23.99 -88.44
C ASP A 1634 -29.70 -22.60 -88.33
N GLY A 1635 -30.40 -22.32 -87.24
CA GLY A 1635 -30.83 -20.95 -86.91
C GLY A 1635 -31.93 -20.92 -85.87
N VAL A 1636 -32.02 -19.81 -85.15
CA VAL A 1636 -33.04 -19.55 -84.09
C VAL A 1636 -33.81 -18.32 -84.58
N ARG A 1637 -35.13 -18.46 -84.75
CA ARG A 1637 -35.99 -17.39 -85.31
C ARG A 1637 -36.47 -16.45 -84.20
N ALA A 1638 -36.65 -16.93 -82.98
CA ALA A 1638 -37.15 -16.11 -81.86
C ALA A 1638 -36.72 -16.69 -80.50
N VAL A 1639 -36.66 -15.84 -79.48
CA VAL A 1639 -36.19 -16.20 -78.12
C VAL A 1639 -37.15 -15.58 -77.12
N SER A 1640 -37.64 -16.34 -76.15
CA SER A 1640 -38.40 -15.82 -75.00
C SER A 1640 -37.40 -15.47 -73.90
N ILE A 1641 -37.68 -14.45 -73.11
CA ILE A 1641 -36.88 -14.01 -71.94
C ILE A 1641 -37.86 -13.73 -70.80
N THR A 1642 -37.83 -14.50 -69.74
CA THR A 1642 -38.76 -14.45 -68.58
C THR A 1642 -37.96 -14.02 -67.35
N SER A 1643 -38.40 -12.99 -66.63
CA SER A 1643 -37.82 -12.60 -65.34
C SER A 1643 -38.92 -12.61 -64.28
N PHE A 1644 -38.61 -13.10 -63.06
CA PHE A 1644 -39.50 -13.20 -61.88
C PHE A 1644 -38.86 -12.50 -60.68
N GLY A 1645 -39.26 -11.25 -60.44
CA GLY A 1645 -38.83 -10.42 -59.30
C GLY A 1645 -39.48 -10.76 -57.97
N PHE A 1646 -38.86 -10.26 -56.90
CA PHE A 1646 -39.44 -10.12 -55.54
C PHE A 1646 -40.53 -9.05 -55.62
N GLY A 1647 -41.62 -9.30 -54.92
CA GLY A 1647 -42.77 -8.40 -54.87
C GLY A 1647 -43.57 -8.52 -56.13
N GLN A 1648 -43.72 -9.77 -56.60
CA GLN A 1648 -44.71 -10.19 -57.63
C GLN A 1648 -44.46 -9.40 -58.92
N LYS A 1649 -43.23 -9.40 -59.45
CA LYS A 1649 -42.95 -8.82 -60.79
C LYS A 1649 -42.60 -9.97 -61.73
N GLY A 1650 -43.50 -10.32 -62.62
CA GLY A 1650 -43.17 -11.12 -63.81
C GLY A 1650 -42.94 -10.21 -65.00
N GLY A 1651 -42.19 -10.75 -65.95
CA GLY A 1651 -41.86 -10.12 -67.23
C GLY A 1651 -41.71 -11.21 -68.27
N GLN A 1652 -42.16 -10.94 -69.49
CA GLN A 1652 -41.70 -11.71 -70.68
C GLN A 1652 -41.31 -10.70 -71.73
N ALA A 1653 -40.25 -10.98 -72.50
CA ALA A 1653 -39.94 -10.34 -73.79
C ALA A 1653 -39.74 -11.42 -74.85
N ILE A 1654 -40.15 -11.18 -76.07
CA ILE A 1654 -39.86 -12.06 -77.24
C ILE A 1654 -39.00 -11.22 -78.15
N VAL A 1655 -37.96 -11.82 -78.68
CA VAL A 1655 -37.04 -11.16 -79.63
C VAL A 1655 -36.98 -12.02 -80.87
N VAL A 1656 -37.26 -11.45 -82.03
CA VAL A 1656 -37.36 -12.16 -83.33
C VAL A 1656 -36.09 -11.89 -84.13
N HIS A 1657 -35.62 -12.87 -84.89
CA HIS A 1657 -34.40 -12.71 -85.71
C HIS A 1657 -34.55 -11.43 -86.49
N PRO A 1658 -33.52 -10.58 -86.60
CA PRO A 1658 -33.65 -9.33 -87.33
C PRO A 1658 -33.90 -9.43 -88.84
N ASP A 1659 -33.88 -10.62 -89.44
CA ASP A 1659 -34.02 -10.82 -90.90
C ASP A 1659 -35.50 -10.82 -91.31
N TYR A 1660 -36.42 -10.96 -90.36
CA TYR A 1660 -37.89 -10.85 -90.55
C TYR A 1660 -38.29 -9.38 -90.80
N LEU A 1661 -37.40 -8.43 -90.60
CA LEU A 1661 -37.72 -6.99 -90.79
C LEU A 1661 -37.49 -6.63 -92.24
N TYR A 1662 -36.47 -7.21 -92.87
CA TYR A 1662 -36.01 -6.82 -94.21
C TYR A 1662 -36.97 -7.34 -95.29
N GLY A 1663 -37.71 -8.40 -95.01
CA GLY A 1663 -38.92 -8.77 -95.78
C GLY A 1663 -39.88 -7.61 -96.00
N ALA A 1664 -40.01 -6.69 -95.05
CA ALA A 1664 -40.96 -5.55 -95.05
C ALA A 1664 -40.40 -4.34 -95.82
N ILE A 1665 -39.26 -4.43 -96.47
CA ILE A 1665 -38.75 -3.25 -97.22
C ILE A 1665 -38.37 -3.67 -98.64
N THR A 1666 -38.07 -2.68 -99.47
CA THR A 1666 -37.79 -2.80 -100.93
C THR A 1666 -36.32 -3.15 -101.12
N GLU A 1667 -35.99 -3.89 -102.17
CA GLU A 1667 -34.58 -4.18 -102.57
C GLU A 1667 -33.73 -2.89 -102.58
N ASP A 1668 -34.28 -1.73 -102.93
CA ASP A 1668 -33.51 -0.45 -102.96
C ASP A 1668 -33.20 0.02 -101.55
N ARG A 1669 -34.23 0.12 -100.71
CA ARG A 1669 -34.10 0.60 -99.31
C ARG A 1669 -33.11 -0.28 -98.54
N TYR A 1670 -33.23 -1.58 -98.68
CA TYR A 1670 -32.29 -2.55 -98.10
C TYR A 1670 -30.86 -2.28 -98.58
N ASN A 1671 -30.63 -2.22 -99.89
CA ASN A 1671 -29.28 -2.04 -100.46
C ASN A 1671 -28.70 -0.70 -99.99
N GLU A 1672 -29.53 0.31 -99.78
CA GLU A 1672 -29.08 1.63 -99.26
C GLU A 1672 -28.59 1.43 -97.82
N TYR A 1673 -29.41 0.77 -97.00
CA TYR A 1673 -29.17 0.40 -95.58
C TYR A 1673 -27.86 -0.38 -95.51
N VAL A 1674 -27.75 -1.48 -96.24
CA VAL A 1674 -26.55 -2.35 -96.18
C VAL A 1674 -25.27 -1.52 -96.34
N ALA A 1675 -25.28 -0.55 -97.23
CA ALA A 1675 -24.10 0.27 -97.51
C ALA A 1675 -23.84 1.20 -96.34
N LYS A 1676 -24.87 1.86 -95.80
CA LYS A 1676 -24.68 2.76 -94.62
C LYS A 1676 -24.06 1.96 -93.46
N VAL A 1677 -24.56 0.76 -93.21
CA VAL A 1677 -24.15 -0.07 -92.05
C VAL A 1677 -22.68 -0.40 -92.23
N SER A 1678 -22.36 -1.00 -93.37
CA SER A 1678 -21.00 -1.40 -93.78
C SER A 1678 -20.02 -0.26 -93.48
N ALA A 1679 -20.39 0.99 -93.77
CA ALA A 1679 -19.57 2.19 -93.52
C ALA A 1679 -19.38 2.42 -92.03
N ARG A 1680 -20.48 2.44 -91.27
CA ARG A 1680 -20.52 2.58 -89.81
C ARG A 1680 -19.69 1.53 -89.10
N GLU A 1681 -19.90 0.26 -89.43
CA GLU A 1681 -19.13 -0.85 -88.83
C GLU A 1681 -17.64 -0.51 -88.94
N LYS A 1682 -17.18 -0.10 -90.12
CA LYS A 1682 -15.77 0.20 -90.38
C LYS A 1682 -15.30 1.33 -89.45
N SER A 1683 -16.04 2.43 -89.38
CA SER A 1683 -15.73 3.57 -88.47
C SER A 1683 -15.71 3.10 -87.01
N ALA A 1684 -16.65 2.27 -86.63
CA ALA A 1684 -16.83 1.81 -85.25
C ALA A 1684 -15.61 1.00 -84.87
N TYR A 1685 -15.14 0.13 -85.76
CA TYR A 1685 -13.91 -0.69 -85.52
C TYR A 1685 -12.74 0.27 -85.30
N LYS A 1686 -12.54 1.20 -86.22
CA LYS A 1686 -11.55 2.27 -86.05
C LYS A 1686 -11.63 2.87 -84.65
N PHE A 1687 -12.80 3.27 -84.23
CA PHE A 1687 -13.02 4.01 -82.96
C PHE A 1687 -12.71 3.13 -81.75
N PHE A 1688 -13.14 1.89 -81.83
CA PHE A 1688 -13.03 0.91 -80.74
C PHE A 1688 -11.56 0.66 -80.46
N HIS A 1689 -10.82 0.28 -81.49
CA HIS A 1689 -9.41 -0.15 -81.36
C HIS A 1689 -8.56 1.02 -80.94
N ASN A 1690 -8.92 2.22 -81.38
CA ASN A 1690 -8.21 3.41 -80.92
C ASN A 1690 -8.48 3.66 -79.43
N GLY A 1691 -9.72 3.61 -78.97
CA GLY A 1691 -10.09 3.90 -77.57
C GLY A 1691 -9.59 2.84 -76.64
N MET A 1692 -9.64 1.57 -77.04
CA MET A 1692 -9.05 0.43 -76.29
C MET A 1692 -7.57 0.72 -75.99
N ILE A 1693 -6.74 1.04 -76.98
CA ILE A 1693 -5.29 1.10 -76.71
C ILE A 1693 -4.90 2.40 -76.03
N TYR A 1694 -5.64 3.49 -76.18
CA TYR A 1694 -5.31 4.79 -75.54
C TYR A 1694 -6.34 5.19 -74.48
N ASN A 1695 -6.93 4.22 -73.79
CA ASN A 1695 -7.89 4.39 -72.67
C ASN A 1695 -8.82 5.60 -72.83
N LYS A 1696 -9.62 5.59 -73.89
CA LYS A 1696 -10.50 6.68 -74.38
C LYS A 1696 -11.82 6.17 -74.97
N LEU A 1697 -12.26 4.95 -74.74
CA LEU A 1697 -13.62 4.56 -75.26
C LEU A 1697 -14.65 5.54 -74.73
N PHE A 1698 -14.54 5.89 -73.47
CA PHE A 1698 -15.46 6.80 -72.78
C PHE A 1698 -14.91 8.20 -72.93
N VAL A 1699 -15.71 9.13 -73.41
CA VAL A 1699 -15.30 10.55 -73.49
C VAL A 1699 -16.44 11.40 -72.98
N SER A 1700 -16.35 11.90 -71.76
CA SER A 1700 -17.33 12.86 -71.21
C SER A 1700 -17.43 14.05 -72.17
N LYS A 1701 -18.67 14.42 -72.45
CA LYS A 1701 -19.01 15.70 -73.06
C LYS A 1701 -18.80 16.75 -72.00
N GLU A 1702 -18.23 17.90 -72.38
CA GLU A 1702 -18.00 19.06 -71.46
C GLU A 1702 -19.13 20.07 -71.67
N HIS A 1703 -19.59 20.22 -72.91
CA HIS A 1703 -20.66 21.15 -73.34
C HIS A 1703 -21.79 20.36 -73.96
N ALA A 1704 -23.02 20.84 -73.82
CA ALA A 1704 -24.20 20.35 -74.56
C ALA A 1704 -24.04 20.62 -76.05
N PRO A 1705 -24.90 20.06 -76.92
CA PRO A 1705 -24.87 20.44 -78.34
C PRO A 1705 -25.41 21.86 -78.60
N TYR A 1706 -26.06 22.47 -77.62
CA TYR A 1706 -26.55 23.88 -77.72
C TYR A 1706 -25.81 24.70 -76.67
N THR A 1707 -25.66 26.00 -76.95
CA THR A 1707 -25.20 27.01 -75.96
C THR A 1707 -26.37 27.32 -75.02
N ASP A 1708 -26.11 27.98 -73.88
CA ASP A 1708 -27.15 28.41 -72.91
C ASP A 1708 -28.03 29.51 -73.52
N GLU A 1709 -27.63 30.12 -74.64
CA GLU A 1709 -28.41 31.14 -75.39
C GLU A 1709 -29.47 30.48 -76.29
N LEU A 1710 -29.13 29.35 -76.93
CA LEU A 1710 -30.02 28.57 -77.82
C LEU A 1710 -30.81 27.50 -77.06
N GLU A 1711 -30.48 27.23 -75.78
CA GLU A 1711 -31.09 26.14 -74.96
C GLU A 1711 -32.62 26.13 -75.15
N GLU A 1712 -33.29 27.26 -75.01
CA GLU A 1712 -34.78 27.36 -75.00
C GLU A 1712 -35.34 27.29 -76.43
N ASP A 1713 -34.64 27.89 -77.39
CA ASP A 1713 -35.05 27.97 -78.83
C ASP A 1713 -34.98 26.58 -79.43
N VAL A 1714 -34.01 25.76 -79.03
CA VAL A 1714 -33.87 24.34 -79.47
C VAL A 1714 -34.97 23.51 -78.82
N TYR A 1715 -35.20 23.62 -77.52
CA TYR A 1715 -36.25 22.84 -76.81
C TYR A 1715 -37.61 23.05 -77.49
N LEU A 1716 -37.83 24.21 -78.09
CA LEU A 1716 -39.16 24.66 -78.57
C LEU A 1716 -39.35 24.34 -80.07
N ASP A 1717 -38.28 24.04 -80.80
CA ASP A 1717 -38.39 23.67 -82.23
C ASP A 1717 -38.29 22.14 -82.36
N PRO A 1718 -39.39 21.41 -82.68
CA PRO A 1718 -39.29 19.98 -82.95
C PRO A 1718 -38.47 19.54 -84.15
N LEU A 1719 -38.06 20.49 -85.01
CA LEU A 1719 -37.40 20.15 -86.30
C LEU A 1719 -35.94 20.59 -86.27
N ALA A 1720 -35.51 21.23 -85.18
CA ALA A 1720 -34.11 21.66 -84.96
C ALA A 1720 -33.26 20.41 -84.91
N ARG A 1721 -32.27 20.32 -85.79
CA ARG A 1721 -31.29 19.20 -85.84
C ARG A 1721 -29.91 19.82 -85.70
N VAL A 1722 -28.89 18.98 -85.71
CA VAL A 1722 -27.48 19.32 -85.35
C VAL A 1722 -26.65 19.13 -86.62
N SER A 1723 -25.63 19.94 -86.80
CA SER A 1723 -24.78 20.03 -88.01
C SER A 1723 -23.32 20.09 -87.57
N LYS A 1724 -22.38 19.56 -88.36
CA LYS A 1724 -20.92 19.69 -88.09
C LYS A 1724 -20.56 21.18 -88.12
N ASP A 1725 -19.93 21.68 -87.05
CA ASP A 1725 -19.42 23.07 -86.93
C ASP A 1725 -18.07 23.11 -87.63
N LYS A 1726 -17.95 23.92 -88.69
CA LYS A 1726 -16.76 24.04 -89.59
C LYS A 1726 -15.47 24.12 -88.75
N LYS A 1727 -15.43 24.99 -87.73
CA LYS A 1727 -14.22 25.29 -86.90
C LYS A 1727 -13.90 24.11 -85.97
N SER A 1728 -14.70 23.90 -84.91
CA SER A 1728 -14.46 22.94 -83.82
C SER A 1728 -14.49 21.48 -84.33
N GLY A 1729 -15.28 21.18 -85.37
CA GLY A 1729 -15.40 19.84 -86.00
C GLY A 1729 -16.43 18.95 -85.30
N SER A 1730 -17.27 19.52 -84.42
CA SER A 1730 -18.20 18.81 -83.50
C SER A 1730 -19.65 19.23 -83.77
N LEU A 1731 -20.57 18.29 -83.61
CA LEU A 1731 -22.03 18.45 -83.88
C LEU A 1731 -22.63 19.43 -82.87
N THR A 1732 -23.14 20.57 -83.32
CA THR A 1732 -23.80 21.62 -82.51
C THR A 1732 -25.10 22.07 -83.20
N PHE A 1733 -26.00 22.71 -82.46
CA PHE A 1733 -27.17 23.46 -82.99
C PHE A 1733 -26.66 24.85 -83.38
N ASN A 1734 -26.82 25.18 -84.66
CA ASN A 1734 -26.55 26.51 -85.27
C ASN A 1734 -27.88 27.29 -85.28
N SER A 1735 -27.87 28.60 -84.97
CA SER A 1735 -29.09 29.45 -84.87
C SER A 1735 -29.85 29.57 -86.20
N LYS A 1736 -29.20 29.31 -87.36
CA LYS A 1736 -29.83 29.30 -88.71
C LYS A 1736 -30.80 28.14 -88.88
N ASN A 1737 -30.52 26.98 -88.26
CA ASN A 1737 -31.32 25.74 -88.35
C ASN A 1737 -32.43 25.69 -87.28
N ILE A 1738 -32.64 26.78 -86.52
CA ILE A 1738 -33.66 26.87 -85.44
C ILE A 1738 -34.77 27.82 -85.89
N GLN A 1739 -35.99 27.27 -86.04
CA GLN A 1739 -37.24 27.92 -86.52
C GLN A 1739 -37.02 28.34 -87.99
N SER A 1740 -36.52 27.38 -88.79
CA SER A 1740 -35.98 27.54 -90.16
C SER A 1740 -36.99 27.01 -91.18
N LYS A 1741 -37.30 27.83 -92.20
CA LYS A 1741 -38.26 27.52 -93.29
C LYS A 1741 -37.85 26.21 -94.01
N ASP A 1742 -36.55 25.93 -94.17
CA ASP A 1742 -36.03 24.78 -94.99
C ASP A 1742 -36.33 23.42 -94.31
N SER A 1743 -36.27 23.35 -92.97
CA SER A 1743 -36.66 22.18 -92.14
C SER A 1743 -38.07 21.72 -92.50
N TYR A 1744 -39.05 22.64 -92.40
CA TYR A 1744 -40.52 22.38 -92.54
C TYR A 1744 -40.90 22.21 -94.01
N ILE A 1745 -40.50 23.18 -94.85
CA ILE A 1745 -40.77 23.26 -96.32
C ILE A 1745 -39.62 22.56 -97.06
N ASN A 1746 -39.77 21.25 -97.31
CA ASN A 1746 -38.76 20.37 -97.96
C ASN A 1746 -38.90 20.50 -99.48
N ALA A 1747 -38.04 19.82 -100.27
CA ALA A 1747 -38.00 19.88 -101.76
C ALA A 1747 -39.34 19.45 -102.38
N ASN A 1748 -40.00 18.41 -101.84
CA ASN A 1748 -41.26 17.80 -102.37
C ASN A 1748 -42.45 18.79 -102.27
N THR A 1749 -42.51 19.60 -101.19
CA THR A 1749 -43.57 20.63 -100.94
C THR A 1749 -43.40 21.81 -101.92
N ILE A 1750 -42.19 22.12 -102.42
CA ILE A 1750 -41.95 23.23 -103.41
C ILE A 1750 -42.55 22.83 -104.77
N GLU A 1751 -42.34 21.56 -105.18
CA GLU A 1751 -42.74 20.99 -106.50
C GLU A 1751 -44.27 20.84 -106.54
N THR A 1752 -44.87 20.27 -105.48
CA THR A 1752 -46.34 20.05 -105.33
C THR A 1752 -47.07 21.41 -105.24
N ALA A 1753 -46.52 22.40 -104.52
CA ALA A 1753 -47.04 23.79 -104.43
C ALA A 1753 -46.93 24.48 -105.81
N LYS A 1754 -45.88 24.18 -106.60
CA LYS A 1754 -45.63 24.81 -107.95
C LYS A 1754 -46.51 24.17 -109.04
N MET A 1755 -46.85 22.89 -108.91
CA MET A 1755 -47.67 22.11 -109.88
C MET A 1755 -49.16 22.42 -109.75
N ILE A 1756 -49.63 22.84 -108.56
CA ILE A 1756 -51.04 23.30 -108.33
C ILE A 1756 -51.05 24.83 -108.12
N GLU A 1757 -49.98 25.52 -108.55
CA GLU A 1757 -49.90 26.99 -108.85
C GLU A 1757 -49.82 27.20 -110.39
N ASN A 1758 -49.70 26.12 -111.17
CA ASN A 1758 -49.72 26.11 -112.67
C ASN A 1758 -51.08 25.55 -113.17
N MET A 1759 -52.09 25.41 -112.28
CA MET A 1759 -53.49 25.06 -112.65
C MET A 1759 -54.49 25.75 -111.67
N THR A 1760 -54.21 27.01 -111.30
CA THR A 1760 -55.06 27.87 -110.40
C THR A 1760 -55.67 29.01 -111.24
N LYS A 1761 -56.22 28.68 -112.43
CA LYS A 1761 -56.86 29.60 -113.42
C LYS A 1761 -55.82 30.61 -113.97
N GLU A 1762 -54.81 30.09 -114.70
CA GLU A 1762 -53.81 30.88 -115.49
C GLU A 1762 -53.43 30.09 -116.74
N LYS A 1763 -52.97 28.83 -116.58
CA LYS A 1763 -52.61 27.89 -117.69
C LYS A 1763 -53.86 27.12 -118.18
N VAL A 1764 -54.93 27.06 -117.36
CA VAL A 1764 -56.14 26.18 -117.56
C VAL A 1764 -57.33 27.02 -118.11
N SER A 1765 -57.03 27.91 -119.08
CA SER A 1765 -58.01 28.81 -119.76
C SER A 1765 -58.98 27.98 -120.62
N ASN A 1766 -58.45 27.20 -121.59
CA ASN A 1766 -59.20 26.34 -122.55
C ASN A 1766 -58.47 24.98 -122.72
N GLY A 1767 -58.58 24.10 -121.70
CA GLY A 1767 -57.87 22.80 -121.64
C GLY A 1767 -58.37 21.92 -120.50
N GLY A 1768 -58.70 20.65 -120.80
CA GLY A 1768 -59.04 19.59 -119.83
C GLY A 1768 -57.81 19.20 -118.99
N VAL A 1769 -57.94 19.27 -117.64
CA VAL A 1769 -56.85 19.06 -116.64
C VAL A 1769 -57.00 17.65 -116.02
N GLY A 1770 -55.90 17.12 -115.46
CA GLY A 1770 -55.80 15.76 -114.90
C GLY A 1770 -54.82 15.69 -113.74
N VAL A 1771 -55.33 15.72 -112.49
CA VAL A 1771 -54.58 15.46 -111.22
C VAL A 1771 -54.70 13.96 -110.93
N ASP A 1772 -53.55 13.28 -110.75
CA ASP A 1772 -53.47 11.91 -110.18
C ASP A 1772 -52.30 11.83 -109.20
N VAL A 1773 -52.57 11.33 -107.98
CA VAL A 1773 -51.55 10.85 -106.99
C VAL A 1773 -51.58 9.32 -107.00
N GLU A 1774 -50.42 8.69 -106.77
CA GLU A 1774 -50.28 7.22 -106.50
C GLU A 1774 -49.27 7.07 -105.35
N LEU A 1775 -49.68 6.37 -104.28
CA LEU A 1775 -48.82 6.07 -103.10
C LEU A 1775 -47.74 5.08 -103.53
N ILE A 1776 -46.47 5.38 -103.20
CA ILE A 1776 -45.24 4.60 -103.55
C ILE A 1776 -45.45 3.10 -103.25
N THR A 1777 -46.00 2.77 -102.06
CA THR A 1777 -46.18 1.40 -101.49
C THR A 1777 -46.96 0.49 -102.46
N SER A 1778 -47.95 1.04 -103.18
CA SER A 1778 -48.88 0.28 -104.07
C SER A 1778 -48.18 -0.18 -105.37
N ILE A 1779 -46.99 0.35 -105.69
CA ILE A 1779 -46.10 -0.12 -106.81
C ILE A 1779 -45.30 -1.33 -106.33
N ASN A 1780 -45.43 -2.47 -107.03
CA ASN A 1780 -44.67 -3.74 -106.80
C ASN A 1780 -43.70 -3.95 -107.98
N VAL A 1781 -42.41 -3.58 -107.77
CA VAL A 1781 -41.31 -3.56 -108.79
C VAL A 1781 -40.97 -5.00 -109.23
N GLU A 1782 -40.79 -5.93 -108.25
CA GLU A 1782 -40.42 -7.36 -108.46
C GLU A 1782 -41.43 -8.06 -109.38
N ASN A 1783 -42.75 -7.73 -109.24
CA ASN A 1783 -43.87 -8.19 -110.11
C ASN A 1783 -43.65 -7.68 -111.55
N ASP A 1784 -43.51 -8.62 -112.51
CA ASP A 1784 -43.10 -8.36 -113.93
C ASP A 1784 -44.32 -8.37 -114.89
N THR A 1785 -45.52 -8.75 -114.43
CA THR A 1785 -46.80 -8.68 -115.20
C THR A 1785 -47.23 -7.21 -115.32
N PHE A 1786 -47.26 -6.49 -114.19
CA PHE A 1786 -47.68 -5.06 -114.09
C PHE A 1786 -46.69 -4.16 -114.85
N ILE A 1787 -45.38 -4.40 -114.73
CA ILE A 1787 -44.28 -3.50 -115.22
C ILE A 1787 -44.10 -3.66 -116.74
N GLU A 1788 -44.22 -4.88 -117.30
CA GLU A 1788 -44.07 -5.16 -118.76
C GLU A 1788 -45.26 -4.58 -119.57
N ARG A 1789 -46.50 -4.82 -119.08
CA ARG A 1789 -47.77 -4.51 -119.80
C ARG A 1789 -48.17 -3.01 -119.71
N ASN A 1790 -47.73 -2.29 -118.66
CA ASN A 1790 -48.08 -0.86 -118.41
C ASN A 1790 -46.85 0.08 -118.52
N PHE A 1791 -45.65 -0.42 -118.85
CA PHE A 1791 -44.44 0.40 -119.12
C PHE A 1791 -43.73 -0.06 -120.40
N THR A 1792 -43.15 0.91 -121.14
CA THR A 1792 -42.29 0.72 -122.34
C THR A 1792 -40.89 0.28 -121.89
N PRO A 1793 -40.03 -0.26 -122.80
CA PRO A 1793 -38.60 -0.47 -122.50
C PRO A 1793 -37.74 0.79 -122.24
N GLN A 1794 -38.23 2.00 -122.56
CA GLN A 1794 -37.54 3.31 -122.32
C GLN A 1794 -37.76 3.79 -120.87
N GLU A 1795 -38.90 3.48 -120.25
CA GLU A 1795 -39.30 3.90 -118.87
C GLU A 1795 -38.79 2.89 -117.82
N ILE A 1796 -38.66 1.60 -118.18
CA ILE A 1796 -38.05 0.53 -117.32
C ILE A 1796 -36.53 0.75 -117.24
N GLU A 1797 -35.88 1.10 -118.37
CA GLU A 1797 -34.43 1.43 -118.48
C GLU A 1797 -34.10 2.68 -117.63
N TYR A 1798 -34.99 3.68 -117.60
CA TYR A 1798 -34.81 4.96 -116.86
C TYR A 1798 -35.06 4.76 -115.35
N CYS A 1799 -36.25 4.24 -114.97
CA CYS A 1799 -36.72 4.11 -113.56
C CYS A 1799 -35.83 3.13 -112.75
N SER A 1800 -35.43 1.99 -113.35
CA SER A 1800 -34.54 0.94 -112.76
C SER A 1800 -33.17 1.51 -112.39
N ALA A 1801 -32.66 2.50 -113.14
CA ALA A 1801 -31.32 3.13 -113.00
C ALA A 1801 -31.32 4.29 -111.98
N GLN A 1802 -32.49 4.73 -111.49
CA GLN A 1802 -32.64 5.83 -110.48
C GLN A 1802 -32.27 5.32 -109.08
N PRO A 1803 -31.98 6.24 -108.10
CA PRO A 1803 -31.75 5.84 -106.70
C PRO A 1803 -32.96 5.12 -106.07
N SER A 1804 -34.13 5.79 -106.07
CA SER A 1804 -35.43 5.27 -105.56
C SER A 1804 -36.28 4.76 -106.73
N VAL A 1805 -36.13 3.47 -107.05
CA VAL A 1805 -36.72 2.77 -108.24
C VAL A 1805 -38.25 2.72 -108.09
N GLN A 1806 -38.75 2.57 -106.86
CA GLN A 1806 -40.20 2.41 -106.53
C GLN A 1806 -40.88 3.79 -106.53
N SER A 1807 -40.16 4.84 -106.13
CA SER A 1807 -40.63 6.26 -106.17
C SER A 1807 -40.66 6.79 -107.61
N SER A 1808 -39.76 6.32 -108.49
CA SER A 1808 -39.65 6.74 -109.90
C SER A 1808 -40.73 6.05 -110.77
N PHE A 1809 -41.02 4.76 -110.55
CA PHE A 1809 -42.15 4.03 -111.21
C PHE A 1809 -43.50 4.64 -110.81
N ALA A 1810 -43.65 5.11 -109.56
CA ALA A 1810 -44.88 5.74 -109.01
C ALA A 1810 -45.03 7.18 -109.52
N GLY A 1811 -43.91 7.86 -109.83
CA GLY A 1811 -43.87 9.17 -110.50
C GLY A 1811 -44.37 9.09 -111.94
N THR A 1812 -43.88 8.10 -112.71
CA THR A 1812 -44.24 7.81 -114.13
C THR A 1812 -45.70 7.32 -114.22
N TRP A 1813 -46.09 6.35 -113.36
CA TRP A 1813 -47.45 5.73 -113.29
C TRP A 1813 -48.52 6.79 -113.01
N SER A 1814 -48.17 7.84 -112.26
CA SER A 1814 -49.06 8.99 -111.92
C SER A 1814 -49.24 9.90 -113.14
N ALA A 1815 -48.19 10.12 -113.95
CA ALA A 1815 -48.19 10.90 -115.21
C ALA A 1815 -49.11 10.24 -116.26
N LYS A 1816 -49.10 8.90 -116.35
CA LYS A 1816 -49.95 8.09 -117.28
C LYS A 1816 -51.43 8.15 -116.89
N GLU A 1817 -51.74 8.29 -115.60
CA GLU A 1817 -53.13 8.44 -115.05
C GLU A 1817 -53.53 9.93 -114.99
N ALA A 1818 -52.57 10.86 -115.15
CA ALA A 1818 -52.81 12.33 -115.24
C ALA A 1818 -53.11 12.72 -116.69
N VAL A 1819 -52.37 12.17 -117.66
CA VAL A 1819 -52.61 12.30 -119.14
C VAL A 1819 -54.00 11.69 -119.46
N PHE A 1820 -54.24 10.43 -119.08
CA PHE A 1820 -55.46 9.63 -119.39
C PHE A 1820 -56.76 10.33 -118.92
N LYS A 1821 -56.70 11.13 -117.85
CA LYS A 1821 -57.82 11.97 -117.33
C LYS A 1821 -57.88 13.31 -118.09
N SER A 1822 -56.72 13.92 -118.40
CA SER A 1822 -56.58 15.26 -119.04
C SER A 1822 -57.17 15.27 -120.47
N LEU A 1823 -57.05 14.16 -121.23
CA LEU A 1823 -57.67 13.93 -122.58
C LEU A 1823 -59.20 14.09 -122.52
N GLY A 1824 -59.82 13.65 -121.40
CA GLY A 1824 -61.29 13.59 -121.20
C GLY A 1824 -61.85 12.17 -121.38
N VAL A 1825 -61.15 11.31 -122.14
CA VAL A 1825 -61.64 9.97 -122.61
C VAL A 1825 -61.80 9.03 -121.40
N LYS A 1826 -62.87 8.20 -121.41
CA LYS A 1826 -63.30 7.31 -120.30
C LYS A 1826 -62.54 5.97 -120.33
N SER A 1827 -62.42 5.34 -121.52
CA SER A 1827 -61.81 4.01 -121.76
C SER A 1827 -61.10 3.96 -123.13
N LEU A 1828 -60.02 3.15 -123.26
CA LEU A 1828 -59.24 2.90 -124.52
C LEU A 1828 -59.37 1.41 -124.94
N GLY A 1829 -60.55 0.79 -124.75
CA GLY A 1829 -60.93 -0.53 -125.29
C GLY A 1829 -60.52 -1.69 -124.38
N GLY A 1830 -61.45 -2.18 -123.54
CA GLY A 1830 -61.26 -3.33 -122.62
C GLY A 1830 -60.71 -2.91 -121.26
N GLY A 1831 -59.45 -3.26 -120.97
CA GLY A 1831 -58.71 -2.89 -119.74
C GLY A 1831 -57.82 -1.66 -119.93
N ALA A 1832 -57.00 -1.36 -118.92
CA ALA A 1832 -56.01 -0.24 -118.87
C ALA A 1832 -54.60 -0.78 -119.25
N ALA A 1833 -54.23 -0.66 -120.54
CA ALA A 1833 -52.85 -0.82 -121.07
C ALA A 1833 -52.27 0.58 -121.39
N LEU A 1834 -51.65 1.22 -120.38
CA LEU A 1834 -51.12 2.62 -120.43
C LEU A 1834 -49.64 2.63 -120.86
N LYS A 1835 -49.13 1.51 -121.40
CA LYS A 1835 -47.85 1.41 -122.18
C LYS A 1835 -47.86 2.43 -123.35
N ASP A 1836 -49.04 2.59 -123.99
CA ASP A 1836 -49.31 3.42 -125.19
C ASP A 1836 -48.94 4.89 -124.91
N ILE A 1837 -49.35 5.42 -123.73
CA ILE A 1837 -48.98 6.78 -123.21
C ILE A 1837 -47.57 6.69 -122.62
N GLU A 1838 -46.55 7.17 -123.35
CA GLU A 1838 -45.11 7.08 -122.94
C GLU A 1838 -44.66 8.45 -122.38
N ILE A 1839 -43.98 8.42 -121.21
CA ILE A 1839 -43.30 9.57 -120.54
C ILE A 1839 -41.77 9.41 -120.73
N VAL A 1840 -41.19 10.15 -121.69
CA VAL A 1840 -39.72 10.23 -121.97
C VAL A 1840 -39.11 11.25 -120.99
N ARG A 1841 -38.64 10.78 -119.84
CA ARG A 1841 -38.02 11.59 -118.74
C ARG A 1841 -36.51 11.69 -119.02
N VAL A 1842 -36.08 12.81 -119.61
CA VAL A 1842 -34.63 13.12 -119.82
C VAL A 1842 -34.06 13.52 -118.44
N ASN A 1843 -32.87 13.00 -118.08
CA ASN A 1843 -32.06 13.43 -116.88
C ASN A 1843 -31.86 14.96 -116.93
N LYS A 1844 -32.20 15.66 -115.84
CA LYS A 1844 -32.16 17.16 -115.70
C LYS A 1844 -32.82 17.80 -116.94
N ASN A 1845 -34.14 17.59 -117.10
CA ASN A 1845 -34.96 18.09 -118.22
C ASN A 1845 -36.45 17.83 -117.92
N ALA A 1846 -37.32 18.80 -118.25
CA ALA A 1846 -38.80 18.71 -118.15
C ALA A 1846 -39.29 17.45 -118.88
N PRO A 1847 -40.15 16.61 -118.25
CA PRO A 1847 -40.63 15.36 -118.88
C PRO A 1847 -41.60 15.56 -120.06
N ALA A 1848 -41.35 14.85 -121.17
CA ALA A 1848 -42.13 14.90 -122.43
C ALA A 1848 -43.14 13.75 -122.47
N VAL A 1849 -44.31 13.99 -123.08
CA VAL A 1849 -45.38 12.97 -123.38
C VAL A 1849 -45.46 12.76 -124.90
N GLU A 1850 -45.07 11.57 -125.37
CA GLU A 1850 -45.21 11.09 -126.78
C GLU A 1850 -46.12 9.85 -126.76
N LEU A 1851 -47.30 9.95 -127.39
CA LEU A 1851 -48.44 8.99 -127.21
C LEU A 1851 -48.74 8.28 -128.54
N HIS A 1852 -48.74 6.93 -128.52
CA HIS A 1852 -48.85 6.02 -129.70
C HIS A 1852 -50.12 5.14 -129.57
N GLY A 1853 -50.38 4.29 -130.58
CA GLY A 1853 -51.46 3.28 -130.59
C GLY A 1853 -52.85 3.93 -130.61
N ASN A 1854 -53.80 3.35 -129.87
CA ASN A 1854 -55.24 3.74 -129.83
C ASN A 1854 -55.46 5.00 -128.95
N ALA A 1855 -54.49 5.36 -128.10
CA ALA A 1855 -54.49 6.56 -127.23
C ALA A 1855 -54.20 7.83 -128.06
N LYS A 1856 -53.37 7.70 -129.11
CA LYS A 1856 -53.01 8.77 -130.08
C LYS A 1856 -54.24 9.17 -130.93
N LYS A 1857 -55.05 8.18 -131.35
CA LYS A 1857 -56.25 8.33 -132.23
C LYS A 1857 -57.35 9.14 -131.51
N ALA A 1858 -57.75 8.74 -130.29
CA ALA A 1858 -58.83 9.35 -129.47
C ALA A 1858 -58.42 10.73 -128.93
N ALA A 1859 -57.12 11.07 -128.98
CA ALA A 1859 -56.55 12.38 -128.55
C ALA A 1859 -56.66 13.40 -129.71
N GLU A 1860 -56.20 13.03 -130.93
CA GLU A 1860 -56.25 13.85 -132.17
C GLU A 1860 -57.71 14.03 -132.67
N GLU A 1861 -58.58 13.04 -132.37
CA GLU A 1861 -60.06 13.05 -132.61
C GLU A 1861 -60.77 14.02 -131.64
N ALA A 1862 -60.32 14.11 -130.38
CA ALA A 1862 -60.86 15.01 -129.31
C ALA A 1862 -60.42 16.48 -129.53
N GLY A 1863 -59.36 16.72 -130.33
CA GLY A 1863 -58.77 18.06 -130.57
C GLY A 1863 -57.65 18.37 -129.56
N VAL A 1864 -56.51 17.66 -129.68
CA VAL A 1864 -55.34 17.72 -128.74
C VAL A 1864 -54.03 17.73 -129.55
N THR A 1865 -53.35 18.90 -129.60
CA THR A 1865 -52.07 19.15 -130.34
C THR A 1865 -50.88 18.75 -129.44
N ASP A 1866 -50.77 19.37 -128.25
CA ASP A 1866 -49.68 19.16 -127.23
C ASP A 1866 -50.30 18.76 -125.87
N VAL A 1867 -49.58 17.92 -125.11
CA VAL A 1867 -49.96 17.42 -123.74
C VAL A 1867 -48.74 17.58 -122.81
N LYS A 1868 -48.74 18.65 -121.99
CA LYS A 1868 -47.74 18.89 -120.90
C LYS A 1868 -47.98 17.90 -119.75
N VAL A 1869 -46.98 17.72 -118.86
CA VAL A 1869 -47.15 16.96 -117.58
C VAL A 1869 -46.01 17.35 -116.60
N SER A 1870 -46.33 17.45 -115.30
CA SER A 1870 -45.38 17.69 -114.18
C SER A 1870 -45.44 16.52 -113.17
N ILE A 1871 -44.28 16.10 -112.64
CA ILE A 1871 -44.17 14.97 -111.65
C ILE A 1871 -43.27 15.41 -110.48
N SER A 1872 -43.81 15.33 -109.24
CA SER A 1872 -43.05 15.31 -107.96
C SER A 1872 -43.30 13.95 -107.29
N HIS A 1873 -42.22 13.30 -106.85
CA HIS A 1873 -42.22 11.98 -106.18
C HIS A 1873 -41.23 11.98 -105.01
N ASP A 1874 -41.56 11.27 -103.93
CA ASP A 1874 -40.75 11.15 -102.70
C ASP A 1874 -40.99 9.76 -102.09
N ASP A 1875 -40.91 9.61 -100.76
CA ASP A 1875 -41.01 8.29 -100.05
C ASP A 1875 -42.47 7.85 -99.91
N LEU A 1876 -43.47 8.76 -99.98
CA LEU A 1876 -44.92 8.48 -99.72
C LEU A 1876 -45.79 8.67 -100.98
N GLN A 1877 -46.05 9.91 -101.41
CA GLN A 1877 -46.99 10.25 -102.52
C GLN A 1877 -46.17 10.55 -103.79
N ALA A 1878 -46.78 10.37 -104.97
CA ALA A 1878 -46.22 10.71 -106.30
C ALA A 1878 -47.30 11.43 -107.11
N VAL A 1879 -47.36 12.76 -107.03
CA VAL A 1879 -48.43 13.60 -107.65
C VAL A 1879 -48.03 13.93 -109.10
N ALA A 1880 -49.03 13.96 -110.01
CA ALA A 1880 -48.88 14.23 -111.46
C ALA A 1880 -50.03 15.12 -111.94
N VAL A 1881 -49.71 16.33 -112.43
CA VAL A 1881 -50.65 17.28 -113.11
C VAL A 1881 -50.36 17.24 -114.62
N ALA A 1882 -51.41 17.12 -115.45
CA ALA A 1882 -51.36 17.20 -116.94
C ALA A 1882 -52.42 18.19 -117.46
N VAL A 1883 -52.05 19.00 -118.45
CA VAL A 1883 -52.99 19.85 -119.27
C VAL A 1883 -52.91 19.37 -120.74
N SER A 1884 -54.06 19.32 -121.42
CA SER A 1884 -54.22 18.97 -122.86
C SER A 1884 -55.00 20.09 -123.59
N THR A 1885 -54.29 20.93 -124.36
CA THR A 1885 -54.84 22.05 -125.19
C THR A 1885 -54.93 21.59 -126.66
N LYS A 1886 -55.71 22.33 -127.49
CA LYS A 1886 -55.87 22.12 -128.96
C LYS A 1886 -54.54 22.42 -129.67
N MET B 1 -2.70 106.84 -70.94
CA MET B 1 -3.96 106.22 -70.42
C MET B 1 -3.87 106.06 -68.89
N LYS B 2 -4.81 106.66 -68.15
CA LYS B 2 -4.92 106.54 -66.66
C LYS B 2 -5.08 105.07 -66.30
N PRO B 3 -4.41 104.55 -65.24
CA PRO B 3 -4.59 103.15 -64.84
C PRO B 3 -6.05 102.73 -64.58
N GLU B 4 -6.84 103.57 -63.88
CA GLU B 4 -8.29 103.35 -63.58
C GLU B 4 -9.06 102.94 -64.85
N VAL B 5 -8.73 103.57 -65.97
CA VAL B 5 -9.36 103.37 -67.32
C VAL B 5 -8.79 102.09 -67.95
N GLU B 6 -7.46 102.02 -68.11
CA GLU B 6 -6.73 100.84 -68.63
C GLU B 6 -7.31 99.56 -68.00
N GLN B 7 -7.65 99.62 -66.70
CA GLN B 7 -8.27 98.51 -65.92
C GLN B 7 -9.69 98.25 -66.39
N GLU B 8 -10.50 99.31 -66.52
CA GLU B 8 -11.89 99.26 -67.06
C GLU B 8 -11.90 98.48 -68.38
N LEU B 9 -10.97 98.78 -69.28
CA LEU B 9 -10.97 98.29 -70.67
C LEU B 9 -10.46 96.84 -70.69
N ALA B 10 -9.37 96.57 -69.99
CA ALA B 10 -8.84 95.20 -69.80
C ALA B 10 -9.97 94.28 -69.31
N HIS B 11 -10.74 94.73 -68.31
CA HIS B 11 -11.95 94.06 -67.78
C HIS B 11 -12.92 93.74 -68.92
N ILE B 12 -13.32 94.76 -69.70
CA ILE B 12 -14.23 94.57 -70.87
C ILE B 12 -13.63 93.50 -71.78
N LEU B 13 -12.43 93.73 -72.30
CA LEU B 13 -11.80 92.83 -73.30
C LEU B 13 -11.73 91.40 -72.78
N LEU B 14 -11.27 91.23 -71.54
CA LEU B 14 -11.02 89.90 -70.89
C LEU B 14 -12.35 89.13 -70.82
N THR B 15 -13.43 89.81 -70.42
CA THR B 15 -14.83 89.30 -70.37
C THR B 15 -15.27 88.85 -71.77
N GLU B 16 -15.02 89.64 -72.82
CA GLU B 16 -15.45 89.33 -74.21
C GLU B 16 -14.59 88.20 -74.80
N LEU B 17 -13.28 88.20 -74.58
CA LEU B 17 -12.38 87.10 -75.00
C LEU B 17 -12.91 85.76 -74.52
N LEU B 18 -13.33 85.69 -73.24
CA LEU B 18 -13.78 84.44 -72.56
C LEU B 18 -15.18 84.05 -73.06
N ALA B 19 -16.10 85.02 -73.07
CA ALA B 19 -17.51 84.89 -73.53
C ALA B 19 -17.55 84.11 -74.85
N TYR B 20 -16.90 84.68 -75.87
CA TYR B 20 -16.93 84.24 -77.29
C TYR B 20 -16.02 83.03 -77.52
N GLN B 21 -15.06 82.80 -76.63
CA GLN B 21 -14.03 81.74 -76.74
C GLN B 21 -14.62 80.40 -77.25
N PHE B 22 -15.84 80.03 -76.83
CA PHE B 22 -16.41 78.69 -77.13
C PHE B 22 -17.29 78.75 -78.38
N ALA B 23 -17.39 79.94 -78.99
CA ALA B 23 -18.18 80.26 -80.19
C ALA B 23 -17.25 80.69 -81.33
N SER B 24 -15.95 80.40 -81.20
CA SER B 24 -14.91 80.64 -82.24
C SER B 24 -13.94 79.49 -82.18
N PRO B 25 -13.09 79.27 -83.22
CA PRO B 25 -12.21 78.12 -83.19
C PRO B 25 -10.98 78.44 -82.32
N VAL B 26 -10.39 77.41 -81.74
CA VAL B 26 -9.20 77.48 -80.86
C VAL B 26 -7.95 77.53 -81.76
N ARG B 27 -7.28 78.67 -81.79
CA ARG B 27 -6.13 78.92 -82.70
C ARG B 27 -4.81 78.51 -82.01
N TRP B 28 -4.62 77.22 -81.81
CA TRP B 28 -3.48 76.66 -81.05
C TRP B 28 -2.22 76.56 -81.94
N ILE B 29 -2.35 76.47 -83.26
CA ILE B 29 -1.20 76.60 -84.22
C ILE B 29 -0.56 77.97 -83.96
N GLU B 30 -1.32 79.04 -84.14
CA GLU B 30 -0.79 80.43 -84.06
C GLU B 30 -0.26 80.66 -82.66
N THR B 31 -0.92 80.09 -81.64
CA THR B 31 -0.57 80.25 -80.21
C THR B 31 0.83 79.66 -80.00
N GLN B 32 1.01 78.38 -80.26
CA GLN B 32 2.35 77.72 -80.24
C GLN B 32 3.38 78.64 -80.90
N ASP B 33 3.09 79.18 -82.09
CA ASP B 33 4.05 79.98 -82.89
C ASP B 33 4.22 81.37 -82.29
N VAL B 34 3.53 81.72 -81.22
CA VAL B 34 3.72 83.02 -80.50
C VAL B 34 4.70 82.78 -79.35
N PHE B 35 4.54 81.68 -78.63
CA PHE B 35 5.34 81.41 -77.42
C PHE B 35 6.61 80.63 -77.80
N LEU B 36 6.61 79.84 -78.88
CA LEU B 36 7.83 79.16 -79.37
C LEU B 36 8.74 80.13 -80.13
N LYS B 37 8.19 81.00 -80.99
CA LYS B 37 9.01 81.93 -81.81
C LYS B 37 9.16 83.29 -81.09
N ASP B 38 8.08 84.05 -80.94
CA ASP B 38 8.11 85.51 -80.58
C ASP B 38 8.49 85.73 -79.10
N PHE B 39 8.61 84.68 -78.29
CA PHE B 39 9.13 84.74 -76.90
C PHE B 39 10.34 83.83 -76.68
N ASN B 40 10.64 82.93 -77.63
CA ASN B 40 11.81 82.00 -77.58
C ASN B 40 11.79 81.29 -76.23
N THR B 41 10.63 80.75 -75.89
CA THR B 41 10.40 79.96 -74.67
C THR B 41 11.38 78.79 -74.64
N GLU B 42 12.21 78.72 -73.59
CA GLU B 42 13.26 77.68 -73.42
C GLU B 42 12.67 76.50 -72.65
N ARG B 43 11.43 76.61 -72.17
CA ARG B 43 10.80 75.62 -71.24
C ARG B 43 9.28 75.80 -71.29
N VAL B 44 8.54 74.82 -71.83
CA VAL B 44 7.05 74.81 -71.76
C VAL B 44 6.65 73.81 -70.67
N VAL B 45 5.85 74.24 -69.72
CA VAL B 45 5.33 73.40 -68.62
C VAL B 45 3.85 73.15 -68.93
N GLU B 46 3.47 71.91 -69.20
CA GLU B 46 2.04 71.57 -69.41
C GLU B 46 1.44 71.22 -68.06
N ILE B 47 0.59 72.09 -67.52
CA ILE B 47 -0.21 71.81 -66.29
C ILE B 47 -1.44 71.06 -66.78
N GLY B 48 -1.65 69.84 -66.30
CA GLY B 48 -2.77 69.01 -66.76
C GLY B 48 -2.56 67.55 -66.39
N PRO B 49 -3.66 66.77 -66.34
CA PRO B 49 -3.59 65.38 -65.90
C PRO B 49 -2.88 64.42 -66.85
N SER B 50 -3.01 64.61 -68.17
CA SER B 50 -2.29 63.83 -69.20
C SER B 50 -1.37 64.79 -69.97
N PRO B 51 -0.39 64.27 -70.76
CA PRO B 51 0.48 65.13 -71.58
C PRO B 51 0.05 65.41 -73.03
N THR B 52 -1.10 66.05 -73.26
CA THR B 52 -1.67 66.27 -74.63
C THR B 52 -0.86 67.37 -75.32
N LEU B 53 -0.78 68.55 -74.71
CA LEU B 53 -0.17 69.80 -75.28
C LEU B 53 1.37 69.72 -75.31
N ALA B 54 1.96 68.83 -74.51
CA ALA B 54 3.40 68.53 -74.52
C ALA B 54 3.73 67.65 -75.73
N GLY B 55 2.87 66.66 -76.02
CA GLY B 55 2.89 65.92 -77.30
C GLY B 55 2.82 66.87 -78.50
N MET B 56 1.93 67.87 -78.44
CA MET B 56 1.67 68.81 -79.57
C MET B 56 2.86 69.76 -79.78
N ALA B 57 3.47 70.22 -78.70
CA ALA B 57 4.64 71.13 -78.74
C ALA B 57 5.84 70.36 -79.29
N GLN B 58 6.05 69.11 -78.84
CA GLN B 58 7.13 68.22 -79.34
C GLN B 58 7.01 68.11 -80.86
N ARG B 59 5.82 67.79 -81.37
CA ARG B 59 5.55 67.59 -82.81
C ARG B 59 5.70 68.92 -83.56
N THR B 60 5.20 70.04 -83.03
CA THR B 60 5.32 71.38 -83.66
C THR B 60 6.79 71.81 -83.74
N LEU B 61 7.60 71.48 -82.73
CA LEU B 61 9.02 71.93 -82.66
C LEU B 61 9.82 71.20 -83.73
N LYS B 62 9.57 69.91 -83.87
CA LYS B 62 10.25 69.02 -84.84
C LYS B 62 9.87 69.39 -86.28
N ASN B 63 8.61 69.75 -86.53
CA ASN B 63 8.05 70.01 -87.88
C ASN B 63 8.58 71.31 -88.47
N LYS B 64 8.74 72.40 -87.70
CA LYS B 64 9.12 73.70 -88.33
C LYS B 64 10.04 74.57 -87.47
N TYR B 65 10.69 74.01 -86.44
CA TYR B 65 11.58 74.81 -85.55
C TYR B 65 12.96 74.15 -85.45
N GLU B 66 13.26 73.09 -86.21
CA GLU B 66 14.60 72.43 -86.24
C GLU B 66 15.66 73.46 -86.66
N SER B 67 15.45 74.11 -87.81
CA SER B 67 16.42 75.08 -88.41
C SER B 67 16.43 76.40 -87.63
N TYR B 68 15.32 76.81 -87.01
CA TYR B 68 15.21 78.06 -86.22
C TYR B 68 15.97 77.92 -84.89
N ASP B 69 15.81 76.77 -84.20
CA ASP B 69 16.42 76.49 -82.87
C ASP B 69 17.94 76.40 -83.01
N ALA B 70 18.43 75.57 -83.94
CA ALA B 70 19.87 75.33 -84.19
C ALA B 70 20.58 76.67 -84.45
N ALA B 71 19.93 77.60 -85.17
CA ALA B 71 20.48 78.91 -85.58
C ALA B 71 20.51 79.93 -84.42
N LEU B 72 19.85 79.65 -83.28
CA LEU B 72 19.92 80.46 -82.02
C LEU B 72 20.69 79.69 -80.93
N SER B 73 21.08 78.43 -81.20
CA SER B 73 21.66 77.47 -80.22
C SER B 73 20.74 77.38 -78.98
N LEU B 74 19.45 77.22 -79.24
CA LEU B 74 18.33 77.33 -78.27
C LEU B 74 17.85 75.91 -77.91
N HIS B 75 18.37 75.37 -76.81
CA HIS B 75 17.92 74.07 -76.26
C HIS B 75 16.57 74.32 -75.57
N ARG B 76 15.58 73.46 -75.81
CA ARG B 76 14.17 73.64 -75.40
C ARG B 76 13.68 72.43 -74.61
N GLU B 77 12.94 72.68 -73.54
CA GLU B 77 12.48 71.66 -72.56
C GLU B 77 10.94 71.63 -72.62
N ILE B 78 10.34 70.45 -72.81
CA ILE B 78 8.86 70.27 -72.85
C ILE B 78 8.45 69.34 -71.71
N LEU B 79 7.82 69.88 -70.67
CA LEU B 79 7.59 69.17 -69.40
C LEU B 79 6.10 69.13 -69.10
N CYS B 80 5.54 67.94 -68.98
CA CYS B 80 4.20 67.69 -68.40
C CYS B 80 4.31 67.67 -66.86
N TYR B 81 3.33 68.25 -66.17
CA TYR B 81 3.22 68.22 -64.69
C TYR B 81 3.05 66.77 -64.19
N SER B 82 2.28 65.97 -64.89
CA SER B 82 1.87 64.60 -64.48
C SER B 82 3.06 63.64 -64.54
N LYS B 83 3.90 63.77 -65.57
CA LYS B 83 4.93 62.78 -65.99
C LYS B 83 6.32 63.21 -65.52
N ASP B 84 6.60 64.52 -65.47
CA ASP B 84 7.96 65.12 -65.22
C ASP B 84 7.96 65.98 -63.95
N ALA B 85 7.29 65.56 -62.88
CA ALA B 85 7.19 66.31 -61.60
C ALA B 85 8.59 66.57 -61.02
N LYS B 86 9.44 65.55 -61.02
CA LYS B 86 10.82 65.57 -60.49
C LYS B 86 11.67 66.68 -61.16
N GLU B 87 11.52 66.91 -62.45
CA GLU B 87 12.24 68.01 -63.17
C GLU B 87 11.69 69.37 -62.73
N ILE B 88 10.37 69.47 -62.46
CA ILE B 88 9.65 70.75 -62.22
C ILE B 88 9.85 71.17 -60.76
N TYR B 89 9.76 70.22 -59.84
CA TYR B 89 9.79 70.44 -58.38
C TYR B 89 11.22 70.50 -57.86
N TYR B 90 12.20 70.12 -58.69
CA TYR B 90 13.63 69.89 -58.32
C TYR B 90 13.67 68.99 -57.09
N THR B 91 13.37 67.69 -57.28
CA THR B 91 13.38 66.62 -56.24
C THR B 91 13.81 65.31 -56.86
N PRO B 92 15.08 65.16 -57.28
CA PRO B 92 15.57 63.86 -57.75
C PRO B 92 15.69 62.85 -56.60
N ASP B 93 15.65 61.56 -56.94
CA ASP B 93 16.06 60.41 -56.07
C ASP B 93 17.58 60.26 -56.14
N PRO B 94 18.24 59.67 -55.10
CA PRO B 94 19.69 59.38 -55.16
C PRO B 94 20.05 58.21 -56.10
N ILE B 140 38.00 24.61 -46.04
CA ILE B 140 37.11 25.17 -47.11
C ILE B 140 37.65 24.69 -48.48
N ALA B 141 36.72 24.31 -49.38
CA ALA B 141 36.97 23.62 -50.68
C ALA B 141 37.81 24.49 -51.62
N ASP B 142 38.78 23.88 -52.31
CA ASP B 142 39.74 24.54 -53.27
C ASP B 142 39.06 24.65 -54.65
N GLU B 143 39.18 25.82 -55.29
CA GLU B 143 38.58 26.13 -56.62
C GLU B 143 39.55 27.01 -57.43
N PRO B 144 39.96 26.60 -58.65
CA PRO B 144 40.78 27.47 -59.51
C PRO B 144 40.03 28.79 -59.85
N VAL B 145 40.76 29.91 -59.87
CA VAL B 145 40.21 31.27 -60.17
C VAL B 145 39.46 31.25 -61.51
N LYS B 146 38.35 31.98 -61.56
CA LYS B 146 37.59 32.28 -62.81
C LYS B 146 38.36 33.31 -63.63
N ALA B 147 38.19 33.27 -64.96
CA ALA B 147 38.64 34.30 -65.91
C ALA B 147 37.88 35.60 -65.67
N SER B 148 36.60 35.50 -65.28
CA SER B 148 35.65 36.64 -65.14
C SER B 148 36.11 37.57 -64.00
N LEU B 149 36.75 37.02 -62.95
CA LEU B 149 37.37 37.77 -61.82
C LEU B 149 38.69 38.37 -62.29
N LEU B 150 39.61 37.52 -62.79
CA LEU B 150 41.00 37.85 -63.21
C LEU B 150 41.00 38.99 -64.24
N LEU B 151 40.16 38.88 -65.28
CA LEU B 151 39.96 39.91 -66.33
C LEU B 151 39.53 41.24 -65.69
N HIS B 152 38.55 41.20 -64.78
CA HIS B 152 37.98 42.37 -64.06
C HIS B 152 39.10 43.12 -63.32
N VAL B 153 39.98 42.36 -62.66
CA VAL B 153 41.11 42.83 -61.80
C VAL B 153 42.21 43.47 -62.66
N LEU B 154 42.65 42.76 -63.70
CA LEU B 154 43.66 43.23 -64.70
C LEU B 154 43.23 44.57 -65.30
N VAL B 155 41.96 44.70 -65.71
CA VAL B 155 41.38 45.97 -66.25
C VAL B 155 41.32 47.01 -65.13
N ALA B 156 40.72 46.67 -63.98
CA ALA B 156 40.56 47.56 -62.79
C ALA B 156 41.91 48.17 -62.41
N HIS B 157 42.96 47.35 -62.35
CA HIS B 157 44.33 47.76 -61.96
C HIS B 157 44.90 48.77 -62.98
N LYS B 158 44.70 48.55 -64.28
CA LYS B 158 45.28 49.42 -65.35
C LYS B 158 44.56 50.79 -65.42
N LEU B 159 43.33 50.88 -64.94
CA LEU B 159 42.50 52.13 -64.96
C LEU B 159 42.63 52.89 -63.64
N LYS B 160 43.39 52.38 -62.65
CA LYS B 160 43.56 52.99 -61.31
C LYS B 160 42.15 53.21 -60.72
N LYS B 161 41.33 52.15 -60.69
CA LYS B 161 39.88 52.22 -60.36
C LYS B 161 39.45 50.95 -59.60
N SER B 162 38.37 51.09 -58.84
CA SER B 162 37.82 50.08 -57.88
C SER B 162 37.06 48.98 -58.64
N LEU B 163 37.13 47.75 -58.10
CA LEU B 163 36.66 46.47 -58.70
C LEU B 163 35.13 46.48 -58.95
N ASP B 164 34.39 47.51 -58.51
CA ASP B 164 32.92 47.66 -58.76
C ASP B 164 32.61 48.92 -59.59
N SER B 165 33.53 49.90 -59.66
CA SER B 165 33.39 51.10 -60.54
C SER B 165 33.48 50.71 -62.03
N ILE B 166 34.07 49.55 -62.35
CA ILE B 166 34.02 48.90 -63.69
C ILE B 166 32.82 47.95 -63.73
N PRO B 167 31.76 48.24 -64.53
CA PRO B 167 30.72 47.25 -64.80
C PRO B 167 31.18 46.32 -65.93
N MET B 168 30.94 45.01 -65.77
CA MET B 168 31.46 43.95 -66.68
C MET B 168 30.74 44.02 -68.03
N SER B 169 29.55 44.64 -68.11
CA SER B 169 28.68 44.64 -69.32
C SER B 169 29.03 45.84 -70.21
N LYS B 170 30.31 46.00 -70.55
CA LYS B 170 30.88 47.23 -71.15
C LYS B 170 32.23 46.93 -71.84
N THR B 171 32.40 47.46 -73.07
CA THR B 171 33.58 47.17 -73.95
C THR B 171 34.82 47.90 -73.40
N ILE B 172 36.00 47.40 -73.72
CA ILE B 172 37.29 47.99 -73.22
C ILE B 172 37.48 49.38 -73.85
N LYS B 173 37.09 49.55 -75.13
CA LYS B 173 37.15 50.85 -75.88
C LYS B 173 36.14 51.86 -75.31
N ASP B 174 35.15 51.41 -74.55
CA ASP B 174 34.17 52.26 -73.82
C ASP B 174 34.84 52.84 -72.56
N LEU B 175 35.51 52.00 -71.76
CA LEU B 175 36.08 52.38 -70.42
C LEU B 175 37.22 53.40 -70.57
N VAL B 176 38.05 53.27 -71.62
CA VAL B 176 39.22 54.16 -71.89
C VAL B 176 39.04 54.87 -73.22
N GLY B 177 37.80 55.17 -73.63
CA GLY B 177 37.45 55.70 -74.96
C GLY B 177 38.43 56.77 -75.40
N GLY B 178 38.70 57.73 -74.50
CA GLY B 178 39.66 58.84 -74.72
C GLY B 178 41.02 58.30 -75.15
N LYS B 179 41.89 58.04 -74.17
CA LYS B 179 43.31 57.63 -74.40
C LYS B 179 43.30 56.26 -75.07
N SER B 180 43.87 56.20 -76.28
CA SER B 180 44.02 54.97 -77.04
C SER B 180 45.22 54.14 -76.60
N THR B 181 46.20 54.79 -75.96
CA THR B 181 47.39 54.12 -75.45
C THR B 181 46.99 53.05 -74.44
N VAL B 182 46.21 53.44 -73.42
CA VAL B 182 45.79 52.57 -72.28
C VAL B 182 45.03 51.37 -72.88
N GLN B 183 44.11 51.63 -73.81
CA GLN B 183 43.31 50.60 -74.54
C GLN B 183 44.23 49.47 -75.01
N ASN B 184 45.17 49.80 -75.91
CA ASN B 184 46.12 48.80 -76.50
C ASN B 184 46.92 48.14 -75.35
N GLU B 185 47.30 48.92 -74.34
CA GLU B 185 48.13 48.49 -73.18
C GLU B 185 47.37 47.43 -72.36
N ILE B 186 46.05 47.56 -72.26
CA ILE B 186 45.11 46.53 -71.70
C ILE B 186 45.13 45.30 -72.60
N LEU B 187 45.02 45.46 -73.92
CA LEU B 187 45.01 44.36 -74.94
C LEU B 187 46.35 43.61 -74.91
N GLY B 188 47.47 44.33 -74.78
CA GLY B 188 48.82 43.77 -74.57
C GLY B 188 48.90 42.91 -73.31
N ASP B 189 48.22 43.34 -72.24
CA ASP B 189 48.17 42.65 -70.92
C ASP B 189 47.34 41.36 -71.01
N LEU B 190 46.15 41.42 -71.64
CA LEU B 190 45.28 40.24 -71.88
C LEU B 190 45.99 39.27 -72.84
N GLY B 191 46.76 39.79 -73.79
CA GLY B 191 47.63 39.00 -74.69
C GLY B 191 48.61 38.11 -73.92
N LYS B 192 49.40 38.71 -73.01
CA LYS B 192 50.37 37.98 -72.14
C LYS B 192 49.63 36.97 -71.25
N GLU B 193 48.51 37.42 -70.67
CA GLU B 193 47.82 36.78 -69.54
C GLU B 193 47.12 35.48 -69.97
N PHE B 194 46.27 35.56 -71.00
CA PHE B 194 45.40 34.44 -71.48
C PHE B 194 45.89 33.88 -72.83
N GLY B 195 46.98 34.42 -73.39
CA GLY B 195 47.53 34.01 -74.70
C GLY B 195 46.69 34.52 -75.86
N THR B 196 45.92 33.63 -76.50
CA THR B 196 45.14 33.90 -77.74
C THR B 196 43.87 34.70 -77.42
N THR B 197 43.64 35.78 -78.17
CA THR B 197 42.45 36.68 -78.06
C THR B 197 41.50 36.42 -79.25
N PRO B 198 40.20 36.75 -79.11
CA PRO B 198 39.33 36.99 -80.28
C PRO B 198 39.84 38.06 -81.26
N GLU B 199 39.02 38.44 -82.24
CA GLU B 199 39.30 39.53 -83.20
C GLU B 199 38.44 40.75 -82.87
N LYS B 200 39.11 41.90 -82.70
CA LYS B 200 38.55 43.14 -82.10
C LYS B 200 38.00 42.81 -80.72
N PRO B 201 38.88 42.50 -79.73
CA PRO B 201 38.45 42.24 -78.36
C PRO B 201 37.93 43.49 -77.64
N GLU B 202 38.34 44.69 -78.10
CA GLU B 202 37.93 45.98 -77.47
C GLU B 202 36.57 46.45 -78.02
N GLU B 203 35.84 45.57 -78.71
CA GLU B 203 34.47 45.84 -79.24
C GLU B 203 33.43 44.88 -78.60
N THR B 204 33.87 43.88 -77.82
CA THR B 204 32.99 42.88 -77.14
C THR B 204 33.05 43.13 -75.63
N PRO B 205 31.89 43.27 -74.93
CA PRO B 205 31.86 43.50 -73.48
C PRO B 205 32.63 42.46 -72.63
N LEU B 206 33.32 42.93 -71.57
CA LEU B 206 34.18 42.11 -70.67
C LEU B 206 33.45 40.85 -70.22
N GLU B 207 32.19 41.02 -69.79
CA GLU B 207 31.21 39.95 -69.46
C GLU B 207 31.28 38.87 -70.54
N GLU B 208 31.08 39.27 -71.81
CA GLU B 208 30.99 38.40 -73.03
C GLU B 208 32.36 37.78 -73.34
N LEU B 209 33.41 38.58 -73.22
CA LEU B 209 34.83 38.25 -73.54
C LEU B 209 35.44 37.32 -72.48
N ALA B 210 34.99 37.44 -71.21
CA ALA B 210 35.42 36.61 -70.06
C ALA B 210 35.17 35.13 -70.36
N GLU B 211 34.00 34.81 -70.95
CA GLU B 211 33.60 33.42 -71.35
C GLU B 211 34.60 32.86 -72.35
N THR B 212 34.84 33.58 -73.45
CA THR B 212 35.75 33.19 -74.57
C THR B 212 37.11 32.76 -74.01
N PHE B 213 37.57 33.37 -72.91
CA PHE B 213 38.83 33.00 -72.20
C PHE B 213 38.58 31.78 -71.29
N GLN B 214 37.47 31.78 -70.53
CA GLN B 214 37.11 30.76 -69.50
C GLN B 214 37.32 29.34 -70.05
N ASP B 215 36.97 29.13 -71.32
CA ASP B 215 37.16 27.84 -72.06
C ASP B 215 38.63 27.40 -71.96
N THR B 216 39.53 28.03 -72.73
CA THR B 216 40.92 27.55 -73.00
C THR B 216 41.90 27.89 -71.87
N PHE B 217 41.45 28.52 -70.77
CA PHE B 217 42.28 28.86 -69.59
C PHE B 217 41.80 28.02 -68.39
N SER B 218 42.75 27.69 -67.49
CA SER B 218 42.54 26.80 -66.31
C SER B 218 43.22 27.40 -65.06
N GLY B 219 42.50 28.27 -64.34
CA GLY B 219 42.92 28.94 -63.08
C GLY B 219 44.43 29.14 -62.95
N ALA B 220 45.06 29.64 -64.02
CA ALA B 220 46.52 29.91 -64.16
C ALA B 220 46.75 31.42 -64.08
N LEU B 221 47.55 31.89 -63.12
CA LEU B 221 47.88 33.34 -62.95
C LEU B 221 48.77 33.81 -64.12
N GLY B 222 49.71 32.99 -64.59
CA GLY B 222 50.53 33.28 -65.78
C GLY B 222 51.41 34.51 -65.61
N LYS B 223 51.97 35.01 -66.71
CA LYS B 223 53.05 36.03 -66.78
C LYS B 223 52.63 37.30 -66.03
N GLN B 224 51.63 38.03 -66.56
CA GLN B 224 51.34 39.46 -66.22
C GLN B 224 50.88 39.59 -64.76
N SER B 225 49.88 38.81 -64.34
CA SER B 225 49.23 38.86 -63.00
C SER B 225 50.25 38.55 -61.90
N SER B 226 51.08 37.51 -62.10
CA SER B 226 52.17 37.08 -61.19
C SER B 226 53.13 38.25 -60.91
N SER B 227 53.58 38.92 -61.99
CA SER B 227 54.46 40.12 -61.99
C SER B 227 53.79 41.33 -61.29
N LEU B 228 52.46 41.45 -61.33
CA LEU B 228 51.71 42.56 -60.67
C LEU B 228 51.63 42.31 -59.16
N LEU B 229 51.49 41.04 -58.74
CA LEU B 229 51.47 40.64 -57.31
C LEU B 229 52.89 40.77 -56.72
N SER B 230 53.91 40.27 -57.43
CA SER B 230 55.35 40.42 -57.06
C SER B 230 55.64 41.89 -56.73
N ARG B 231 55.12 42.85 -57.52
CA ARG B 231 55.24 44.31 -57.22
C ARG B 231 54.38 44.63 -56.00
N LEU B 232 53.10 44.25 -56.00
CA LEU B 232 52.13 44.65 -54.93
C LEU B 232 52.74 44.43 -53.55
N ILE B 233 53.24 43.21 -53.30
CA ILE B 233 53.84 42.77 -52.00
C ILE B 233 55.11 43.58 -51.75
N SER B 234 56.18 43.33 -52.52
CA SER B 234 57.52 43.97 -52.32
C SER B 234 57.41 45.50 -52.26
N SER B 235 56.66 46.14 -53.18
CA SER B 235 56.59 47.62 -53.32
C SER B 235 55.75 48.21 -52.18
N LYS B 236 54.64 47.56 -51.82
CA LYS B 236 53.92 47.84 -50.55
C LYS B 236 54.71 47.19 -49.40
N MET B 237 54.24 47.35 -48.16
CA MET B 237 55.06 47.22 -46.92
C MET B 237 54.54 46.07 -46.04
N PRO B 238 54.18 44.88 -46.61
CA PRO B 238 54.52 43.61 -45.96
C PRO B 238 56.03 43.58 -45.59
N GLY B 239 56.45 44.49 -44.71
CA GLY B 239 57.84 45.00 -44.56
C GLY B 239 58.88 43.90 -44.67
N GLY B 240 58.62 42.75 -44.04
CA GLY B 240 59.49 41.55 -44.05
C GLY B 240 58.82 40.33 -44.67
N PHE B 241 57.50 40.16 -44.50
CA PHE B 241 56.77 38.94 -44.94
C PHE B 241 56.44 39.03 -46.45
N THR B 242 57.10 38.15 -47.22
CA THR B 242 56.97 37.97 -48.68
C THR B 242 55.80 37.01 -48.97
N ILE B 243 55.65 36.59 -50.24
CA ILE B 243 54.48 35.82 -50.80
C ILE B 243 54.21 34.58 -49.93
N THR B 244 55.18 33.66 -49.81
CA THR B 244 55.09 32.36 -49.07
C THR B 244 54.57 32.60 -47.63
N VAL B 245 55.07 33.65 -46.96
CA VAL B 245 54.70 34.00 -45.56
C VAL B 245 53.27 34.60 -45.53
N ALA B 246 52.88 35.32 -46.60
CA ALA B 246 51.54 35.96 -46.78
C ALA B 246 50.49 34.88 -47.14
N ARG B 247 50.85 33.94 -48.03
CA ARG B 247 49.97 32.81 -48.47
C ARG B 247 49.60 31.94 -47.25
N LYS B 248 50.62 31.42 -46.55
CA LYS B 248 50.49 30.55 -45.34
C LYS B 248 49.52 31.16 -44.33
N TYR B 249 49.57 32.49 -44.11
CA TYR B 249 48.65 33.21 -43.18
C TYR B 249 47.19 32.95 -43.55
N LEU B 250 46.82 33.12 -44.83
CA LEU B 250 45.45 32.85 -45.36
C LEU B 250 45.08 31.39 -45.03
N GLN B 251 45.91 30.46 -45.53
CA GLN B 251 45.76 28.97 -45.48
C GLN B 251 45.61 28.47 -44.03
N THR B 252 46.28 29.12 -43.08
CA THR B 252 46.27 28.81 -41.61
C THR B 252 45.03 29.45 -40.96
N ARG B 253 44.85 30.77 -41.12
CA ARG B 253 43.86 31.58 -40.35
C ARG B 253 42.43 31.39 -40.88
N TRP B 254 42.26 31.46 -42.22
CA TRP B 254 40.94 31.43 -42.93
C TRP B 254 40.64 30.05 -43.55
N GLY B 255 41.67 29.27 -43.89
CA GLY B 255 41.56 27.89 -44.40
C GLY B 255 41.42 27.82 -45.92
N LEU B 256 42.18 28.64 -46.66
CA LEU B 256 42.06 28.86 -48.14
C LEU B 256 43.29 28.31 -48.87
N PRO B 257 43.19 27.13 -49.56
CA PRO B 257 44.30 26.60 -50.37
C PRO B 257 44.58 27.39 -51.67
N SER B 258 45.61 26.95 -52.44
CA SER B 258 46.21 27.62 -53.64
C SER B 258 45.19 28.41 -54.47
N GLY B 259 44.22 27.72 -55.09
CA GLY B 259 43.19 28.32 -55.99
C GLY B 259 42.51 29.53 -55.36
N ARG B 260 41.86 29.35 -54.20
CA ARG B 260 41.14 30.40 -53.43
C ARG B 260 42.12 31.49 -52.94
N GLN B 261 43.37 31.10 -52.63
CA GLN B 261 44.48 31.97 -52.14
C GLN B 261 44.73 33.09 -53.18
N ASP B 262 45.01 32.69 -54.43
CA ASP B 262 45.23 33.58 -55.61
C ASP B 262 44.08 34.58 -55.72
N GLY B 263 42.84 34.08 -55.66
CA GLY B 263 41.59 34.86 -55.71
C GLY B 263 41.58 36.04 -54.75
N VAL B 264 42.14 35.89 -53.55
CA VAL B 264 42.16 36.95 -52.49
C VAL B 264 43.24 37.97 -52.83
N LEU B 265 44.41 37.49 -53.24
CA LEU B 265 45.57 38.34 -53.65
C LEU B 265 45.13 39.26 -54.81
N LEU B 266 44.39 38.73 -55.79
CA LEU B 266 43.91 39.49 -56.98
C LEU B 266 42.97 40.63 -56.53
N VAL B 267 42.11 40.39 -55.54
CA VAL B 267 41.20 41.45 -54.99
C VAL B 267 42.04 42.50 -54.22
N ALA B 268 43.15 42.08 -53.60
CA ALA B 268 44.12 42.98 -52.92
C ALA B 268 44.75 43.94 -53.94
N LEU B 269 45.10 43.43 -55.13
CA LEU B 269 45.70 44.20 -56.25
C LEU B 269 44.74 45.31 -56.71
N SER B 270 43.43 45.05 -56.73
CA SER B 270 42.37 46.00 -57.16
C SER B 270 42.01 46.98 -56.03
N ASN B 271 42.29 46.62 -54.76
CA ASN B 271 42.15 47.49 -53.56
C ASN B 271 43.57 47.75 -52.99
N GLU B 272 44.46 48.27 -53.84
CA GLU B 272 45.87 48.67 -53.48
C GLU B 272 45.87 49.70 -52.35
N PRO B 273 46.57 49.46 -51.21
CA PRO B 273 46.57 50.39 -50.07
C PRO B 273 47.19 51.77 -50.37
N ALA B 274 48.23 51.79 -51.22
CA ALA B 274 48.93 52.98 -51.78
C ALA B 274 49.76 53.64 -50.66
N ALA B 275 49.06 54.23 -49.69
CA ALA B 275 49.63 54.77 -48.43
C ALA B 275 50.59 53.73 -47.82
N ARG B 276 51.69 54.22 -47.24
CA ARG B 276 52.59 53.43 -46.34
C ARG B 276 51.75 52.89 -45.15
N LEU B 277 51.94 51.62 -44.80
CA LEU B 277 51.32 50.93 -43.63
C LEU B 277 52.46 50.43 -42.72
N GLY B 278 52.31 50.62 -41.41
CA GLY B 278 53.38 50.42 -40.40
C GLY B 278 53.95 49.01 -40.43
N SER B 279 53.16 48.03 -39.99
CA SER B 279 53.65 46.69 -39.56
C SER B 279 52.75 45.57 -40.09
N GLU B 280 53.06 44.33 -39.70
CA GLU B 280 52.32 43.08 -40.04
C GLU B 280 50.91 43.12 -39.43
N ALA B 281 50.78 43.54 -38.17
CA ALA B 281 49.49 43.75 -37.44
C ALA B 281 48.45 44.42 -38.36
N ASP B 282 48.87 45.47 -39.09
CA ASP B 282 48.02 46.22 -40.06
C ASP B 282 47.87 45.44 -41.38
N ALA B 283 48.97 44.89 -41.92
CA ALA B 283 49.01 44.09 -43.17
C ALA B 283 48.27 42.75 -43.02
N LYS B 284 48.05 42.26 -41.79
CA LYS B 284 47.12 41.12 -41.47
C LYS B 284 45.67 41.62 -41.58
N ALA B 285 45.37 42.83 -41.07
CA ALA B 285 44.02 43.48 -41.08
C ALA B 285 43.60 43.85 -42.52
N PHE B 286 44.57 44.07 -43.40
CA PHE B 286 44.40 44.23 -44.88
C PHE B 286 43.87 42.92 -45.48
N LEU B 287 44.66 41.84 -45.42
CA LEU B 287 44.35 40.49 -45.98
C LEU B 287 43.02 39.94 -45.43
N ASP B 288 42.62 40.33 -44.22
CA ASP B 288 41.33 39.95 -43.59
C ASP B 288 40.17 40.60 -44.38
N SER B 289 40.21 41.92 -44.61
CA SER B 289 39.16 42.71 -45.34
C SER B 289 39.05 42.24 -46.81
N MET B 290 40.18 41.90 -47.46
CA MET B 290 40.27 41.40 -48.87
C MET B 290 39.62 40.01 -48.99
N ALA B 291 39.85 39.10 -48.03
CA ALA B 291 39.23 37.75 -47.97
C ALA B 291 37.74 37.83 -47.58
N GLN B 292 37.24 39.01 -47.19
CA GLN B 292 35.79 39.30 -46.94
C GLN B 292 35.16 39.96 -48.19
N LYS B 293 35.95 40.66 -49.02
CA LYS B 293 35.55 41.10 -50.39
C LYS B 293 35.52 39.89 -51.33
N TYR B 294 36.56 39.04 -51.27
CA TYR B 294 36.68 37.80 -52.08
C TYR B 294 35.43 36.93 -51.87
N ALA B 295 35.17 36.54 -50.61
CA ALA B 295 34.03 35.73 -50.13
C ALA B 295 32.70 36.30 -50.65
N SER B 296 32.56 37.63 -50.65
CA SER B 296 31.30 38.34 -51.04
C SER B 296 31.08 38.24 -52.55
N ILE B 297 32.15 38.18 -53.35
CA ILE B 297 32.11 38.07 -54.85
C ILE B 297 31.84 36.60 -55.24
N VAL B 298 32.72 35.67 -54.82
CA VAL B 298 32.65 34.22 -55.21
C VAL B 298 31.46 33.53 -54.52
N GLY B 299 31.07 33.99 -53.32
CA GLY B 299 29.95 33.41 -52.54
C GLY B 299 30.39 32.26 -51.65
N VAL B 300 31.56 32.40 -50.99
CA VAL B 300 32.04 31.51 -49.89
C VAL B 300 31.66 32.17 -48.54
N ASP B 301 31.68 31.42 -47.44
CA ASP B 301 31.38 31.88 -46.04
C ASP B 301 32.58 31.56 -45.13
N LEU B 302 32.82 32.42 -44.11
CA LEU B 302 33.96 32.36 -43.14
C LEU B 302 33.46 32.74 -41.74
N LEU B 328 16.54 8.95 -17.83
CA LEU B 328 16.98 9.97 -16.83
C LEU B 328 15.85 10.25 -15.82
N GLU B 329 14.67 10.71 -16.31
CA GLU B 329 13.46 11.10 -15.52
C GLU B 329 12.22 10.37 -16.04
N GLU B 330 12.42 9.15 -16.58
CA GLU B 330 11.36 8.21 -17.03
C GLU B 330 11.25 7.08 -15.99
N ILE B 331 11.85 7.27 -14.81
CA ILE B 331 11.75 6.37 -13.62
C ILE B 331 10.94 7.07 -12.53
N THR B 332 11.31 8.32 -12.18
CA THR B 332 10.53 9.21 -11.28
C THR B 332 9.07 9.29 -11.79
N LYS B 333 8.87 9.35 -13.10
CA LYS B 333 7.54 9.32 -13.76
C LYS B 333 6.80 8.02 -13.42
N ASP B 334 7.41 6.87 -13.73
CA ASP B 334 6.79 5.53 -13.70
C ASP B 334 6.36 5.18 -12.26
N HIS B 335 7.12 5.66 -11.27
CA HIS B 335 6.76 5.59 -9.84
C HIS B 335 5.50 6.43 -9.57
N LYS B 336 5.52 7.72 -9.94
CA LYS B 336 4.39 8.67 -9.70
C LYS B 336 3.12 8.17 -10.41
N VAL B 337 3.27 7.41 -11.48
CA VAL B 337 2.13 6.76 -12.17
C VAL B 337 1.54 5.68 -11.26
N LEU B 338 2.41 4.92 -10.60
CA LEU B 338 1.97 3.86 -9.66
C LEU B 338 1.22 4.49 -8.48
N ALA B 339 1.83 5.53 -7.89
CA ALA B 339 1.27 6.22 -6.72
C ALA B 339 -0.10 6.75 -7.08
N ARG B 340 -0.21 7.40 -8.25
CA ARG B 340 -1.48 7.98 -8.78
C ARG B 340 -2.53 6.88 -8.87
N GLN B 341 -2.18 5.71 -9.41
CA GLN B 341 -3.13 4.58 -9.58
C GLN B 341 -3.57 4.03 -8.23
N GLN B 342 -2.65 3.94 -7.26
CA GLN B 342 -2.94 3.45 -5.89
C GLN B 342 -3.90 4.42 -5.21
N LEU B 343 -3.62 5.73 -5.30
CA LEU B 343 -4.50 6.83 -4.78
C LEU B 343 -5.90 6.63 -5.33
N GLN B 344 -6.03 6.49 -6.66
CA GLN B 344 -7.31 6.29 -7.38
C GLN B 344 -8.11 5.11 -6.78
N VAL B 345 -7.50 3.96 -6.48
CA VAL B 345 -8.24 2.82 -5.90
C VAL B 345 -8.63 3.10 -4.43
N LEU B 346 -7.80 3.79 -3.67
CA LEU B 346 -8.20 4.20 -2.29
C LEU B 346 -9.37 5.16 -2.32
N ALA B 347 -9.38 6.11 -3.28
CA ALA B 347 -10.46 7.11 -3.49
C ALA B 347 -11.75 6.38 -3.83
N ARG B 348 -11.67 5.41 -4.71
CA ARG B 348 -12.84 4.61 -5.14
C ARG B 348 -13.41 3.89 -3.92
N TYR B 349 -12.53 3.36 -3.07
CA TYR B 349 -12.92 2.49 -1.92
C TYR B 349 -13.68 3.35 -0.91
N LEU B 350 -13.21 4.58 -0.72
CA LEU B 350 -13.77 5.56 0.27
C LEU B 350 -14.98 6.31 -0.28
N LYS B 351 -15.33 6.12 -1.55
CA LYS B 351 -16.55 6.65 -2.20
C LYS B 351 -16.43 8.17 -2.18
N MET B 352 -15.34 8.63 -2.78
CA MET B 352 -14.74 9.95 -2.56
C MET B 352 -14.40 10.54 -3.93
N ASP B 353 -15.27 11.42 -4.43
CA ASP B 353 -15.07 12.07 -5.75
C ASP B 353 -14.04 13.18 -5.59
N LEU B 354 -12.91 13.06 -6.28
CA LEU B 354 -11.80 14.04 -6.23
C LEU B 354 -12.08 15.26 -7.11
N ASP B 355 -13.03 15.18 -8.04
CA ASP B 355 -13.38 16.28 -8.98
C ASP B 355 -14.59 17.06 -8.46
N ASN B 356 -15.44 16.47 -7.63
CA ASN B 356 -16.63 17.15 -7.03
C ASN B 356 -16.34 18.64 -6.75
N GLY B 357 -15.16 18.97 -6.25
CA GLY B 357 -14.71 20.35 -6.03
C GLY B 357 -14.69 21.15 -7.30
N GLU B 358 -13.90 20.75 -8.29
CA GLU B 358 -13.78 21.48 -9.58
C GLU B 358 -15.12 21.50 -10.33
N ARG B 359 -15.97 20.48 -10.20
CA ARG B 359 -17.32 20.53 -10.81
C ARG B 359 -18.10 21.72 -10.23
N LYS B 360 -18.52 21.63 -8.99
CA LYS B 360 -19.18 22.72 -8.23
C LYS B 360 -18.63 24.10 -8.63
N PHE B 361 -17.31 24.24 -8.76
CA PHE B 361 -16.65 25.51 -9.14
C PHE B 361 -16.99 25.91 -10.58
N LEU B 362 -16.86 25.03 -11.57
CA LEU B 362 -17.14 25.37 -13.00
C LEU B 362 -18.61 25.83 -13.14
N LYS B 363 -19.50 25.18 -12.41
CA LYS B 363 -20.95 25.47 -12.37
C LYS B 363 -21.20 26.89 -11.81
N GLU B 364 -20.41 27.34 -10.82
CA GLU B 364 -20.52 28.70 -10.20
C GLU B 364 -19.94 29.73 -11.16
N LYS B 365 -18.79 29.46 -11.77
CA LYS B 365 -18.17 30.36 -12.76
C LYS B 365 -19.16 30.66 -13.90
N ASP B 366 -20.09 29.75 -14.20
CA ASP B 366 -21.17 29.98 -15.20
C ASP B 366 -22.19 30.98 -14.64
N THR B 367 -22.67 30.80 -13.41
CA THR B 367 -23.64 31.74 -12.80
C THR B 367 -23.01 33.13 -12.68
N VAL B 368 -21.70 33.24 -12.49
CA VAL B 368 -21.02 34.56 -12.46
C VAL B 368 -21.12 35.19 -13.85
N ALA B 369 -20.65 34.49 -14.88
CA ALA B 369 -20.75 34.87 -16.30
C ALA B 369 -22.16 35.42 -16.60
N GLU B 370 -23.18 34.71 -16.13
CA GLU B 370 -24.61 35.00 -16.39
C GLU B 370 -24.97 36.34 -15.71
N LEU B 371 -24.76 36.48 -14.38
CA LEU B 371 -25.01 37.72 -13.60
C LEU B 371 -24.16 38.88 -14.11
N GLN B 372 -22.94 38.67 -14.55
CA GLN B 372 -22.14 39.78 -15.13
C GLN B 372 -22.80 40.23 -16.45
N ALA B 373 -23.40 39.32 -17.21
CA ALA B 373 -24.05 39.66 -18.50
C ALA B 373 -25.30 40.52 -18.25
N GLN B 374 -26.07 40.22 -17.20
CA GLN B 374 -27.26 40.99 -16.77
C GLN B 374 -26.86 42.42 -16.40
N LEU B 375 -25.75 42.54 -15.68
CA LEU B 375 -25.24 43.80 -15.07
C LEU B 375 -24.52 44.65 -16.12
N ASP B 376 -23.87 44.01 -17.08
CA ASP B 376 -23.17 44.68 -18.19
C ASP B 376 -24.19 45.27 -19.13
N TYR B 377 -25.40 44.71 -19.14
CA TYR B 377 -26.51 45.13 -20.00
C TYR B 377 -27.11 46.39 -19.40
N LEU B 378 -27.50 46.34 -18.14
CA LEU B 378 -27.99 47.53 -17.41
C LEU B 378 -27.01 48.70 -17.49
N ASN B 379 -25.71 48.45 -17.52
CA ASN B 379 -24.71 49.54 -17.72
C ASN B 379 -24.78 50.08 -19.13
N ALA B 380 -25.00 49.20 -20.10
CA ALA B 380 -25.12 49.58 -21.52
C ALA B 380 -26.40 50.42 -21.73
N GLU B 381 -27.49 50.07 -21.04
CA GLU B 381 -28.78 50.79 -21.12
C GLU B 381 -28.76 52.13 -20.40
N LEU B 382 -28.37 52.12 -19.13
CA LEU B 382 -28.52 53.30 -18.26
C LEU B 382 -27.29 54.17 -18.33
N GLY B 383 -26.15 53.56 -18.58
CA GLY B 383 -24.88 54.29 -18.61
C GLY B 383 -24.19 54.22 -17.27
N GLU B 384 -22.87 54.35 -17.29
CA GLU B 384 -22.05 54.18 -16.08
C GLU B 384 -22.36 55.35 -15.13
N PHE B 385 -22.59 56.55 -15.67
CA PHE B 385 -22.90 57.74 -14.84
C PHE B 385 -24.12 57.52 -13.94
N PHE B 386 -25.20 57.05 -14.52
CA PHE B 386 -26.49 56.80 -13.84
C PHE B 386 -26.32 55.67 -12.84
N VAL B 387 -25.61 54.61 -13.15
CA VAL B 387 -25.54 53.41 -12.27
C VAL B 387 -24.71 53.74 -11.01
N ASN B 388 -23.56 54.35 -11.19
CA ASN B 388 -22.73 54.90 -10.10
C ASN B 388 -23.48 55.99 -9.32
N GLY B 389 -24.25 56.81 -10.02
CA GLY B 389 -24.91 58.02 -9.48
C GLY B 389 -25.98 57.68 -8.47
N VAL B 390 -26.61 56.54 -8.67
CA VAL B 390 -27.92 56.16 -8.06
C VAL B 390 -27.63 55.37 -6.79
N ALA B 391 -26.38 55.34 -6.35
CA ALA B 391 -25.89 54.72 -5.12
C ALA B 391 -26.45 55.43 -3.88
N THR B 392 -26.59 54.71 -2.78
CA THR B 392 -27.23 55.24 -1.53
C THR B 392 -26.15 56.03 -0.76
N SER B 393 -26.50 57.23 -0.31
CA SER B 393 -25.73 58.11 0.61
C SER B 393 -26.35 58.14 2.00
N PHE B 394 -27.67 58.01 2.10
CA PHE B 394 -28.44 58.41 3.30
C PHE B 394 -28.36 57.31 4.33
N SER B 395 -27.94 57.66 5.54
CA SER B 395 -28.04 56.80 6.73
C SER B 395 -28.60 57.66 7.84
N ARG B 396 -29.46 57.11 8.70
CA ARG B 396 -29.99 57.89 9.84
C ARG B 396 -28.86 58.22 10.82
N LYS B 397 -27.89 57.32 10.91
CA LYS B 397 -26.82 57.38 11.92
C LYS B 397 -25.83 58.48 11.54
N LYS B 398 -25.77 58.88 10.29
CA LYS B 398 -24.84 59.95 9.87
C LYS B 398 -25.45 61.31 10.16
N ALA B 399 -26.72 61.43 10.57
CA ALA B 399 -27.37 62.75 10.78
C ALA B 399 -26.79 63.52 11.98
N ARG B 400 -26.29 64.74 11.73
CA ARG B 400 -25.82 65.71 12.75
C ARG B 400 -26.92 66.73 13.10
N THR B 401 -27.35 66.86 14.35
CA THR B 401 -28.23 67.96 14.76
C THR B 401 -27.47 69.09 15.42
N PHE B 402 -27.83 70.33 15.04
CA PHE B 402 -27.38 71.58 15.67
C PHE B 402 -28.59 72.27 16.30
N ASP B 403 -28.69 72.29 17.65
CA ASP B 403 -29.80 72.95 18.40
C ASP B 403 -29.36 73.80 19.58
N SER B 404 -28.10 74.17 19.79
CA SER B 404 -27.68 74.76 21.10
C SER B 404 -27.36 76.25 20.89
N SER B 405 -28.40 77.02 20.56
CA SER B 405 -28.30 78.47 20.31
C SER B 405 -28.21 79.20 21.64
N TRP B 406 -28.77 78.61 22.70
CA TRP B 406 -28.63 79.13 24.08
C TRP B 406 -27.18 79.30 24.50
N ASN B 407 -26.25 78.50 23.98
CA ASN B 407 -24.79 78.64 24.18
C ASN B 407 -24.15 79.56 23.16
N TRP B 408 -24.56 79.58 21.91
CA TRP B 408 -23.83 80.36 20.88
C TRP B 408 -24.17 81.84 21.01
N ALA B 409 -25.26 82.23 21.67
CA ALA B 409 -25.62 83.64 21.88
C ALA B 409 -24.56 84.30 22.76
N LYS B 410 -24.20 83.60 23.84
CA LYS B 410 -23.20 84.09 24.82
C LYS B 410 -21.87 84.20 24.12
N GLN B 411 -21.54 83.31 23.20
CA GLN B 411 -20.20 83.30 22.53
C GLN B 411 -20.20 84.40 21.47
N SER B 412 -21.35 84.69 20.87
CA SER B 412 -21.53 85.71 19.79
C SER B 412 -21.40 87.10 20.39
N LEU B 413 -21.98 87.27 21.57
CA LEU B 413 -21.89 88.52 22.36
C LEU B 413 -20.43 88.78 22.75
N LEU B 414 -19.81 87.82 23.42
CA LEU B 414 -18.42 87.96 23.96
C LEU B 414 -17.42 88.11 22.80
N SER B 415 -17.66 87.49 21.65
CA SER B 415 -16.85 87.69 20.43
C SER B 415 -16.90 89.16 19.96
N LEU B 416 -18.11 89.70 19.83
CA LEU B 416 -18.36 91.09 19.37
C LEU B 416 -17.82 92.06 20.41
N TYR B 417 -17.91 91.74 21.70
CA TYR B 417 -17.37 92.59 22.80
C TYR B 417 -15.87 92.83 22.62
N PHE B 418 -15.09 91.76 22.50
CA PHE B 418 -13.62 91.88 22.34
C PHE B 418 -13.25 92.38 20.94
N GLU B 419 -14.01 92.05 19.89
CA GLU B 419 -13.78 92.64 18.54
C GLU B 419 -13.76 94.18 18.63
N ILE B 420 -14.70 94.77 19.36
CA ILE B 420 -14.89 96.24 19.51
C ILE B 420 -13.82 96.82 20.46
N ILE B 421 -13.45 96.08 21.50
CA ILE B 421 -12.40 96.52 22.48
C ILE B 421 -11.01 96.50 21.87
N HIS B 422 -10.75 95.71 20.83
CA HIS B 422 -9.44 95.65 20.12
C HIS B 422 -9.52 96.41 18.78
N GLY B 423 -10.62 97.14 18.54
CA GLY B 423 -10.79 98.07 17.40
C GLY B 423 -10.97 97.38 16.06
N VAL B 424 -11.30 96.08 16.03
CA VAL B 424 -11.49 95.27 14.79
C VAL B 424 -12.82 95.66 14.12
N LEU B 425 -13.90 95.76 14.90
CA LEU B 425 -15.21 96.34 14.49
C LEU B 425 -15.36 97.74 15.11
N LYS B 426 -15.79 98.71 14.30
CA LYS B 426 -16.07 100.12 14.72
C LYS B 426 -17.59 100.32 14.83
N ASN B 427 -17.99 101.52 15.25
CA ASN B 427 -19.40 102.02 15.26
C ASN B 427 -19.93 102.05 13.82
N VAL B 428 -19.13 102.55 12.87
CA VAL B 428 -19.53 102.80 11.45
C VAL B 428 -19.91 101.48 10.74
N ASP B 429 -19.23 100.37 11.08
CA ASP B 429 -19.35 99.05 10.41
C ASP B 429 -20.80 98.57 10.47
N ARG B 430 -21.19 97.78 9.46
CA ARG B 430 -22.55 97.22 9.31
C ARG B 430 -22.59 95.82 9.97
N GLU B 431 -21.43 95.32 10.39
CA GLU B 431 -21.29 94.00 11.07
C GLU B 431 -21.94 94.12 12.46
N VAL B 432 -21.59 95.13 13.25
CA VAL B 432 -22.18 95.37 14.61
C VAL B 432 -23.72 95.34 14.57
N VAL B 433 -24.38 95.67 13.45
CA VAL B 433 -25.88 95.59 13.30
C VAL B 433 -26.31 94.15 12.97
N SER B 434 -25.77 93.56 11.89
CA SER B 434 -26.13 92.18 11.44
C SER B 434 -25.85 91.17 12.57
N GLU B 435 -24.82 91.44 13.38
CA GLU B 435 -24.47 90.69 14.62
C GLU B 435 -25.52 90.97 15.69
N ALA B 436 -25.87 92.24 15.94
CA ALA B 436 -26.88 92.66 16.95
C ALA B 436 -28.20 91.91 16.73
N ILE B 437 -28.68 91.90 15.47
CA ILE B 437 -29.94 91.21 15.06
C ILE B 437 -29.90 89.77 15.55
N ASN B 438 -28.76 89.12 15.35
CA ASN B 438 -28.53 87.69 15.70
C ASN B 438 -28.49 87.53 17.21
N ILE B 439 -27.97 88.50 17.97
CA ILE B 439 -27.96 88.44 19.48
C ILE B 439 -29.38 88.70 19.99
N MET B 440 -30.14 89.59 19.36
CA MET B 440 -31.56 89.86 19.76
C MET B 440 -32.45 88.63 19.46
N ASN B 441 -32.26 88.04 18.29
CA ASN B 441 -32.94 86.82 17.85
C ASN B 441 -32.70 85.66 18.82
N ARG B 442 -31.69 85.73 19.67
CA ARG B 442 -31.45 84.68 20.70
C ARG B 442 -31.66 85.23 22.10
N SER B 443 -32.42 86.31 22.24
CA SER B 443 -32.65 86.98 23.54
C SER B 443 -33.39 86.02 24.47
N ASN B 444 -32.81 85.76 25.65
CA ASN B 444 -33.48 85.09 26.78
C ASN B 444 -32.88 85.65 28.07
N ASP B 445 -33.39 85.28 29.26
CA ASP B 445 -33.05 85.99 30.53
C ASP B 445 -31.58 85.79 30.85
N ALA B 446 -31.10 84.55 30.76
CA ALA B 446 -29.68 84.15 30.83
C ALA B 446 -28.80 85.13 30.04
N LEU B 447 -29.17 85.43 28.81
CA LEU B 447 -28.33 86.22 27.86
C LEU B 447 -28.37 87.70 28.24
N ILE B 448 -29.39 88.19 28.96
CA ILE B 448 -29.41 89.60 29.45
C ILE B 448 -28.54 89.74 30.73
N LYS B 449 -28.69 88.82 31.68
CA LYS B 449 -27.80 88.71 32.87
C LYS B 449 -26.34 88.67 32.40
N PHE B 450 -26.07 87.98 31.29
CA PHE B 450 -24.70 87.88 30.72
C PHE B 450 -24.27 89.22 30.15
N MET B 451 -25.12 89.85 29.35
CA MET B 451 -24.78 91.13 28.69
C MET B 451 -24.67 92.21 29.75
N GLU B 452 -25.45 92.16 30.83
CA GLU B 452 -25.48 93.21 31.89
C GLU B 452 -24.12 93.26 32.61
N TYR B 453 -23.71 92.14 33.19
CA TYR B 453 -22.40 91.96 33.84
C TYR B 453 -21.25 92.39 32.95
N HIS B 454 -21.29 92.11 31.65
CA HIS B 454 -20.13 92.33 30.74
C HIS B 454 -20.04 93.81 30.33
N ILE B 455 -21.16 94.51 30.35
CA ILE B 455 -21.26 95.93 29.93
C ILE B 455 -21.25 96.82 31.17
N SER B 456 -21.69 96.34 32.34
CA SER B 456 -21.68 97.07 33.63
C SER B 456 -20.43 96.75 34.46
N ASN B 457 -19.34 96.35 33.83
CA ASN B 457 -18.01 96.12 34.45
C ASN B 457 -16.91 96.46 33.45
N THR B 458 -17.22 97.21 32.38
CA THR B 458 -16.19 97.80 31.48
C THR B 458 -15.84 99.14 32.12
N ASP B 459 -14.54 99.42 32.22
CA ASP B 459 -14.03 100.74 32.65
C ASP B 459 -13.97 101.60 31.39
N GLU B 460 -14.85 102.61 31.30
CA GLU B 460 -15.00 103.49 30.11
C GLU B 460 -13.79 104.43 29.98
N THR B 461 -12.92 104.47 31.01
CA THR B 461 -11.71 105.34 31.07
C THR B 461 -10.55 104.74 30.27
N LYS B 462 -10.37 103.41 30.32
CA LYS B 462 -9.15 102.70 29.86
C LYS B 462 -8.86 102.94 28.37
N GLY B 463 -9.83 103.48 27.62
CA GLY B 463 -9.65 103.86 26.21
C GLY B 463 -10.95 104.31 25.59
N GLU B 464 -10.88 104.91 24.40
CA GLU B 464 -12.07 105.29 23.59
C GLU B 464 -12.89 104.01 23.32
N ASN B 465 -12.23 102.93 22.89
CA ASN B 465 -12.88 101.64 22.50
C ASN B 465 -13.70 101.05 23.65
N TYR B 466 -13.39 101.39 24.91
CA TYR B 466 -14.16 100.94 26.09
C TYR B 466 -15.42 101.80 26.27
N GLN B 467 -15.38 103.08 25.88
CA GLN B 467 -16.60 103.93 25.88
C GLN B 467 -17.54 103.43 24.77
N LEU B 468 -16.96 103.20 23.58
CA LEU B 468 -17.72 102.72 22.40
C LEU B 468 -18.49 101.45 22.81
N VAL B 469 -17.81 100.45 23.38
CA VAL B 469 -18.41 99.12 23.67
C VAL B 469 -19.52 99.28 24.71
N LYS B 470 -19.37 100.23 25.65
CA LYS B 470 -20.33 100.43 26.77
C LYS B 470 -21.57 101.16 26.27
N THR B 471 -21.42 102.15 25.38
CA THR B 471 -22.54 102.87 24.71
C THR B 471 -23.38 101.86 23.91
N LEU B 472 -22.74 101.18 22.95
CA LEU B 472 -23.35 100.14 22.07
C LEU B 472 -24.02 99.09 22.97
N GLY B 473 -23.26 98.54 23.90
CA GLY B 473 -23.67 97.42 24.78
C GLY B 473 -24.91 97.73 25.59
N GLU B 474 -25.07 98.99 26.04
CA GLU B 474 -26.24 99.40 26.85
C GLU B 474 -27.44 99.46 25.91
N GLN B 475 -27.23 99.92 24.67
CA GLN B 475 -28.29 99.94 23.62
C GLN B 475 -28.80 98.53 23.37
N LEU B 476 -27.87 97.63 23.07
CA LEU B 476 -28.07 96.19 22.79
C LEU B 476 -28.81 95.50 23.96
N ILE B 477 -28.54 95.87 25.22
CA ILE B 477 -29.32 95.35 26.39
C ILE B 477 -30.75 95.90 26.33
N GLU B 478 -30.94 97.19 26.00
CA GLU B 478 -32.31 97.78 25.98
C GLU B 478 -33.17 97.03 24.96
N ASN B 479 -32.68 96.91 23.72
CA ASN B 479 -33.33 96.14 22.64
C ASN B 479 -33.68 94.73 23.14
N CYS B 480 -32.66 93.91 23.40
CA CYS B 480 -32.76 92.50 23.86
C CYS B 480 -33.89 92.29 24.89
N LYS B 481 -34.15 93.25 25.80
CA LYS B 481 -35.21 93.16 26.84
C LYS B 481 -36.61 93.30 26.23
N GLN B 482 -36.79 94.17 25.24
CA GLN B 482 -38.09 94.37 24.51
C GLN B 482 -38.47 93.07 23.77
N VAL B 483 -37.58 92.65 22.90
CA VAL B 483 -37.61 91.46 22.03
C VAL B 483 -37.69 90.15 22.85
N LEU B 484 -37.30 90.16 24.13
CA LEU B 484 -37.52 88.98 25.02
C LEU B 484 -39.02 88.66 24.99
N ASP B 485 -39.38 87.40 24.77
CA ASP B 485 -40.79 86.94 24.61
C ASP B 485 -41.43 87.47 23.31
N VAL B 486 -40.61 87.81 22.31
CA VAL B 486 -41.06 88.13 20.92
C VAL B 486 -40.37 87.16 19.96
N ASP B 487 -41.10 86.68 18.97
CA ASP B 487 -40.59 85.70 17.97
C ASP B 487 -39.51 86.34 17.12
N PRO B 488 -38.42 85.58 16.88
CA PRO B 488 -37.24 86.10 16.21
C PRO B 488 -37.54 86.24 14.74
N VAL B 489 -36.64 86.91 14.05
CA VAL B 489 -36.96 87.50 12.72
C VAL B 489 -35.82 87.32 11.70
N TYR B 490 -36.15 86.90 10.49
CA TYR B 490 -35.28 87.14 9.30
C TYR B 490 -35.31 88.65 9.02
N LYS B 491 -34.17 89.29 9.08
CA LYS B 491 -34.01 90.69 8.62
C LYS B 491 -32.67 90.75 7.88
N ASP B 492 -32.69 90.81 6.56
CA ASP B 492 -31.48 91.16 5.76
C ASP B 492 -31.20 92.64 6.01
N VAL B 493 -29.96 92.95 6.37
CA VAL B 493 -29.51 94.33 6.66
C VAL B 493 -28.22 94.62 5.88
N ALA B 494 -27.99 93.87 4.80
CA ALA B 494 -26.81 93.98 3.91
C ALA B 494 -26.93 95.22 3.02
N LYS B 495 -25.81 95.86 2.71
CA LYS B 495 -25.73 96.99 1.77
C LYS B 495 -26.04 96.46 0.36
N PRO B 496 -27.15 96.88 -0.29
CA PRO B 496 -27.48 96.40 -1.63
C PRO B 496 -26.46 96.85 -2.69
N THR B 497 -25.86 95.87 -3.38
CA THR B 497 -24.78 96.08 -4.38
C THR B 497 -25.35 95.80 -5.77
N GLY B 498 -24.86 96.53 -6.77
CA GLY B 498 -25.09 96.30 -8.21
C GLY B 498 -23.81 95.79 -8.86
N PRO B 499 -23.88 95.22 -10.08
CA PRO B 499 -22.67 94.83 -10.81
C PRO B 499 -21.94 96.00 -11.50
N LYS B 500 -20.61 95.93 -11.52
CA LYS B 500 -19.67 96.78 -12.31
C LYS B 500 -18.64 95.89 -13.02
N THR B 501 -18.57 95.95 -14.34
CA THR B 501 -17.46 95.38 -15.16
C THR B 501 -16.51 96.53 -15.51
N ALA B 502 -15.23 96.35 -15.21
CA ALA B 502 -14.13 97.27 -15.56
C ALA B 502 -13.23 96.58 -16.58
N ILE B 503 -12.83 97.30 -17.64
CA ILE B 503 -11.63 96.94 -18.47
C ILE B 503 -10.62 98.09 -18.29
N ASP B 504 -9.42 97.78 -17.80
CA ASP B 504 -8.34 98.77 -17.51
C ASP B 504 -7.67 99.22 -18.83
N LYS B 505 -6.42 99.70 -18.76
CA LYS B 505 -5.61 100.15 -19.92
C LYS B 505 -5.06 98.95 -20.71
N ASN B 506 -4.65 97.89 -20.02
CA ASN B 506 -3.89 96.75 -20.59
C ASN B 506 -4.84 95.62 -20.99
N GLY B 507 -6.15 95.80 -20.82
CA GLY B 507 -7.21 94.89 -21.31
C GLY B 507 -7.56 93.78 -20.34
N ASN B 508 -7.27 93.94 -19.04
CA ASN B 508 -7.72 93.01 -17.97
C ASN B 508 -9.18 93.31 -17.62
N ILE B 509 -10.02 92.28 -17.60
CA ILE B 509 -11.46 92.38 -17.19
C ILE B 509 -11.53 92.14 -15.68
N THR B 510 -11.98 93.14 -14.93
CA THR B 510 -12.29 93.08 -13.48
C THR B 510 -13.81 93.19 -13.27
N TYR B 511 -14.36 92.35 -12.39
CA TYR B 511 -15.76 92.45 -11.89
C TYR B 511 -15.76 92.84 -10.42
N SER B 512 -16.57 93.84 -10.04
CA SER B 512 -16.78 94.32 -8.65
C SER B 512 -18.26 94.61 -8.39
N GLU B 513 -18.79 94.20 -7.23
CA GLU B 513 -20.15 94.55 -6.75
C GLU B 513 -20.05 95.95 -6.11
N GLU B 514 -20.90 96.88 -6.55
CA GLU B 514 -20.65 98.34 -6.45
C GLU B 514 -21.86 99.03 -5.81
N PRO B 515 -21.75 99.62 -4.60
CA PRO B 515 -22.88 100.26 -3.93
C PRO B 515 -23.78 101.06 -4.88
N ARG B 516 -25.06 100.69 -4.94
CA ARG B 516 -26.05 101.32 -5.83
C ARG B 516 -26.31 102.74 -5.32
N GLU B 517 -26.67 103.63 -6.24
CA GLU B 517 -27.17 104.99 -5.93
C GLU B 517 -28.69 104.87 -5.70
N LYS B 518 -29.21 105.49 -4.62
CA LYS B 518 -30.66 105.58 -4.26
C LYS B 518 -31.24 104.23 -3.76
N VAL B 519 -30.40 103.24 -3.39
CA VAL B 519 -30.85 101.93 -2.78
C VAL B 519 -29.81 101.49 -1.74
N ARG B 520 -29.85 102.07 -0.54
CA ARG B 520 -28.83 101.89 0.55
C ARG B 520 -29.39 100.99 1.66
N LYS B 521 -30.66 100.56 1.52
CA LYS B 521 -31.48 99.88 2.55
C LYS B 521 -32.31 98.80 1.84
N LEU B 522 -32.87 97.85 2.58
CA LEU B 522 -33.72 96.76 2.03
C LEU B 522 -35.13 97.31 1.74
N SER B 523 -35.64 98.24 2.58
CA SER B 523 -36.91 99.00 2.40
C SER B 523 -36.96 99.58 0.98
N GLN B 524 -35.95 100.38 0.61
CA GLN B 524 -35.76 101.03 -0.71
C GLN B 524 -35.75 100.01 -1.86
N TYR B 525 -35.25 98.79 -1.60
CA TYR B 525 -35.22 97.69 -2.61
C TYR B 525 -36.66 97.32 -2.99
N VAL B 526 -37.61 97.24 -2.05
CA VAL B 526 -39.01 96.78 -2.36
C VAL B 526 -39.76 97.87 -3.16
N GLN B 527 -39.49 99.15 -2.88
CA GLN B 527 -39.99 100.31 -3.67
C GLN B 527 -39.51 100.21 -5.12
N GLU B 528 -38.20 100.00 -5.34
CA GLU B 528 -37.59 99.87 -6.70
C GLU B 528 -38.30 98.74 -7.47
N MET B 529 -38.59 97.63 -6.80
CA MET B 529 -39.17 96.39 -7.39
C MET B 529 -40.62 96.66 -7.82
N ALA B 530 -41.34 97.50 -7.07
CA ALA B 530 -42.78 97.79 -7.28
C ALA B 530 -42.98 98.72 -8.46
N LEU B 531 -42.05 99.66 -8.70
CA LEU B 531 -42.17 100.73 -9.74
C LEU B 531 -41.89 100.18 -11.14
N GLY B 532 -41.51 98.90 -11.25
CA GLY B 532 -41.07 98.26 -12.49
C GLY B 532 -39.91 99.03 -13.09
N GLY B 533 -40.11 99.57 -14.28
CA GLY B 533 -39.09 100.28 -15.06
C GLY B 533 -39.56 100.43 -16.51
N PRO B 534 -38.85 101.22 -17.35
CA PRO B 534 -39.31 101.54 -18.70
C PRO B 534 -39.61 100.35 -19.65
N ILE B 535 -39.04 99.16 -19.38
CA ILE B 535 -39.14 97.94 -20.25
C ILE B 535 -40.34 97.07 -19.84
N THR B 536 -40.84 97.24 -18.60
CA THR B 536 -41.97 96.50 -18.00
C THR B 536 -43.30 97.25 -18.25
N LYS B 537 -43.56 97.70 -19.49
CA LYS B 537 -44.77 98.47 -19.89
C LYS B 537 -45.82 97.53 -20.51
N GLU B 538 -47.07 98.02 -20.58
CA GLU B 538 -48.30 97.25 -20.98
C GLU B 538 -49.50 98.22 -21.04
N SER B 539 -49.78 98.82 -22.22
CA SER B 539 -50.69 99.99 -22.44
C SER B 539 -52.12 99.71 -21.93
N ALA B 604 -29.65 105.12 10.29
CA ALA B 604 -28.31 105.68 10.62
C ALA B 604 -27.19 104.65 10.33
N LEU B 605 -27.31 103.90 9.21
CA LEU B 605 -26.32 102.87 8.77
C LEU B 605 -25.14 103.56 8.07
N ASP B 606 -23.91 103.11 8.36
CA ASP B 606 -22.64 103.59 7.75
C ASP B 606 -22.39 105.05 8.15
N LYS B 607 -22.57 105.36 9.45
CA LYS B 607 -22.17 106.64 10.11
C LYS B 607 -22.17 106.45 11.64
N ASP B 608 -23.23 105.86 12.20
CA ASP B 608 -23.45 105.60 13.66
C ASP B 608 -24.48 104.46 13.78
N SER B 609 -24.01 103.21 13.74
CA SER B 609 -24.82 101.96 13.83
C SER B 609 -25.25 101.65 15.28
N THR B 610 -24.70 102.34 16.31
CA THR B 610 -25.23 102.35 17.72
C THR B 610 -26.67 102.92 17.74
N LYS B 611 -26.96 103.88 16.85
CA LYS B 611 -28.29 104.51 16.66
C LYS B 611 -29.24 103.54 15.92
N GLU B 612 -28.74 102.81 14.90
CA GLU B 612 -29.57 101.85 14.10
C GLU B 612 -29.87 100.59 14.92
N VAL B 613 -28.97 100.18 15.83
CA VAL B 613 -29.20 99.06 16.80
C VAL B 613 -30.44 99.39 17.66
N ALA B 614 -30.59 100.63 18.15
CA ALA B 614 -31.75 101.13 18.96
C ALA B 614 -33.08 100.96 18.19
N SER B 615 -33.06 101.05 16.85
CA SER B 615 -34.23 101.08 15.94
C SER B 615 -34.53 99.72 15.28
N LEU B 616 -34.04 98.61 15.87
CA LEU B 616 -34.29 97.20 15.41
C LEU B 616 -35.56 96.61 16.04
N PRO B 617 -35.87 96.80 17.36
CA PRO B 617 -37.11 96.27 17.92
C PRO B 617 -38.34 97.10 17.53
N ASN B 618 -38.17 98.44 17.43
CA ASN B 618 -39.21 99.47 17.15
C ASN B 618 -39.84 99.13 15.79
N LYS B 619 -40.95 98.38 15.84
CA LYS B 619 -41.74 97.90 14.68
C LYS B 619 -42.35 99.12 13.96
N SER B 620 -42.10 99.26 12.64
CA SER B 620 -42.42 100.43 11.78
C SER B 620 -43.73 100.19 11.01
N THR B 621 -44.79 100.90 11.42
CA THR B 621 -46.17 100.94 10.82
C THR B 621 -46.19 102.03 9.73
N ILE B 622 -46.71 101.71 8.53
CA ILE B 622 -46.77 102.61 7.34
C ILE B 622 -48.25 102.84 6.96
N SER B 623 -48.70 104.11 6.99
CA SER B 623 -50.10 104.55 6.72
C SER B 623 -50.58 104.02 5.36
N LYS B 624 -49.74 104.19 4.31
CA LYS B 624 -50.01 103.73 2.91
C LYS B 624 -49.04 102.59 2.57
N THR B 625 -49.55 101.51 1.99
CA THR B 625 -48.76 100.36 1.47
C THR B 625 -48.17 100.75 0.10
N VAL B 626 -47.09 100.10 -0.32
CA VAL B 626 -46.39 100.33 -1.62
C VAL B 626 -47.26 99.80 -2.79
N SER B 627 -48.18 98.86 -2.58
CA SER B 627 -49.14 98.35 -3.61
C SER B 627 -49.79 99.49 -4.42
N SER B 628 -50.11 100.60 -3.75
CA SER B 628 -50.68 101.86 -4.33
C SER B 628 -49.64 102.60 -5.20
N THR B 629 -48.37 102.58 -4.78
CA THR B 629 -47.17 103.12 -5.49
C THR B 629 -46.98 102.43 -6.85
N ILE B 630 -47.49 101.20 -7.06
CA ILE B 630 -47.34 100.44 -8.33
C ILE B 630 -48.03 101.24 -9.43
N PRO B 631 -47.29 101.87 -10.37
CA PRO B 631 -47.92 102.66 -11.43
C PRO B 631 -48.74 101.76 -12.37
N ARG B 632 -49.87 102.27 -12.87
CA ARG B 632 -50.70 101.56 -13.88
C ARG B 632 -49.91 101.48 -15.18
N GLU B 633 -50.20 100.46 -16.01
CA GLU B 633 -49.55 100.18 -17.32
C GLU B 633 -48.14 99.61 -17.12
N THR B 634 -47.65 99.56 -15.86
CA THR B 634 -46.31 99.05 -15.47
C THR B 634 -46.49 97.75 -14.68
N ILE B 635 -45.83 96.68 -15.13
CA ILE B 635 -45.66 95.41 -14.37
C ILE B 635 -44.47 95.60 -13.42
N PRO B 636 -44.57 95.31 -12.11
CA PRO B 636 -43.43 95.40 -11.23
C PRO B 636 -42.35 94.40 -11.63
N PHE B 637 -41.21 94.44 -10.97
CA PHE B 637 -40.10 93.52 -11.27
C PHE B 637 -40.35 92.17 -10.57
N LEU B 638 -40.73 92.17 -9.29
CA LEU B 638 -41.31 91.00 -8.56
C LEU B 638 -42.83 91.03 -8.69
N HIS B 639 -43.48 89.98 -9.18
CA HIS B 639 -44.96 89.89 -9.22
C HIS B 639 -45.50 88.46 -9.29
N LEU B 640 -46.68 88.25 -8.72
CA LEU B 640 -47.40 86.96 -8.83
C LEU B 640 -48.23 86.98 -10.10
N ARG B 641 -48.58 85.80 -10.58
CA ARG B 641 -49.40 85.60 -11.79
C ARG B 641 -50.66 84.84 -11.41
N LYS B 642 -51.63 84.85 -12.32
CA LYS B 642 -52.97 84.21 -12.21
C LYS B 642 -53.28 83.51 -13.52
N LYS B 643 -53.91 82.35 -13.45
CA LYS B 643 -54.23 81.50 -14.63
C LYS B 643 -55.55 81.98 -15.22
N THR B 644 -55.52 82.40 -16.49
CA THR B 644 -56.70 82.86 -17.28
C THR B 644 -57.45 81.63 -17.83
N PRO B 645 -58.80 81.69 -18.01
CA PRO B 645 -59.56 80.64 -18.72
C PRO B 645 -58.97 80.00 -19.98
N ALA B 646 -58.12 80.72 -20.73
CA ALA B 646 -57.34 80.22 -21.88
C ALA B 646 -56.28 79.19 -21.43
N GLY B 647 -55.83 79.25 -20.17
CA GLY B 647 -54.81 78.35 -19.61
C GLY B 647 -53.47 79.04 -19.32
N ASP B 648 -53.21 80.20 -19.94
CA ASP B 648 -51.95 80.99 -19.78
C ASP B 648 -51.91 81.65 -18.40
N TRP B 649 -50.71 81.99 -17.90
CA TRP B 649 -50.52 82.72 -16.62
C TRP B 649 -50.17 84.19 -16.91
N LYS B 650 -51.06 85.13 -16.60
CA LYS B 650 -50.82 86.60 -16.77
C LYS B 650 -50.45 87.25 -15.42
N TYR B 651 -49.70 88.34 -15.47
CA TYR B 651 -49.61 89.34 -14.38
C TYR B 651 -51.00 89.59 -13.81
N ASP B 652 -51.14 89.50 -12.48
CA ASP B 652 -52.36 89.91 -11.75
C ASP B 652 -52.01 91.02 -10.77
N ARG B 653 -52.56 92.24 -10.99
CA ARG B 653 -52.34 93.46 -10.17
C ARG B 653 -52.56 93.13 -8.68
N GLN B 654 -53.69 92.51 -8.39
CA GLN B 654 -54.25 92.32 -7.02
C GLN B 654 -53.34 91.36 -6.24
N LEU B 655 -53.25 90.08 -6.65
CA LEU B 655 -52.31 89.08 -6.07
C LEU B 655 -50.93 89.70 -5.83
N SER B 656 -50.36 90.30 -6.88
CA SER B 656 -49.02 90.92 -6.89
C SER B 656 -48.91 91.97 -5.77
N SER B 657 -49.95 92.80 -5.58
CA SER B 657 -50.01 93.85 -4.51
C SER B 657 -49.77 93.18 -3.16
N LEU B 658 -50.64 92.25 -2.82
CA LEU B 658 -50.62 91.46 -1.57
C LEU B 658 -49.20 90.94 -1.27
N PHE B 659 -48.58 90.23 -2.21
CA PHE B 659 -47.18 89.72 -2.16
C PHE B 659 -46.20 90.83 -1.79
N LEU B 660 -46.23 91.93 -2.55
CA LEU B 660 -45.29 93.08 -2.41
C LEU B 660 -45.47 93.81 -1.08
N ASP B 661 -46.68 93.80 -0.48
CA ASP B 661 -46.93 94.41 0.86
C ASP B 661 -46.30 93.55 1.95
N GLY B 662 -46.52 92.24 1.94
CA GLY B 662 -45.82 91.28 2.82
C GLY B 662 -44.30 91.40 2.70
N LEU B 663 -43.83 91.74 1.50
CA LEU B 663 -42.39 91.84 1.18
C LEU B 663 -41.83 93.17 1.74
N GLU B 664 -42.68 94.19 1.82
CA GLU B 664 -42.37 95.54 2.40
C GLU B 664 -42.22 95.42 3.93
N LYS B 665 -43.14 94.70 4.58
CA LYS B 665 -43.20 94.46 6.04
C LYS B 665 -41.99 93.65 6.48
N ALA B 666 -41.64 92.63 5.69
CA ALA B 666 -40.44 91.78 5.89
C ALA B 666 -39.18 92.66 5.89
N ALA B 667 -39.14 93.68 5.05
CA ALA B 667 -37.98 94.59 4.92
C ALA B 667 -37.87 95.49 6.14
N PHE B 668 -39.00 95.91 6.74
CA PHE B 668 -39.05 96.78 7.94
C PHE B 668 -38.97 95.92 9.20
N ASN B 669 -40.04 95.18 9.46
CA ASN B 669 -40.30 94.49 10.75
C ASN B 669 -39.52 93.16 10.79
N GLY B 670 -39.35 92.54 9.61
CA GLY B 670 -38.78 91.18 9.44
C GLY B 670 -39.87 90.13 9.52
N VAL B 671 -39.52 88.88 9.25
CA VAL B 671 -40.50 87.76 9.06
C VAL B 671 -40.16 86.74 10.14
N THR B 672 -41.15 86.10 10.74
CA THR B 672 -40.87 84.93 11.62
C THR B 672 -41.19 83.66 10.83
N PHE B 673 -40.47 82.60 11.17
CA PHE B 673 -40.65 81.20 10.76
C PHE B 673 -40.67 80.32 11.99
N LYS B 674 -40.94 80.86 13.16
CA LYS B 674 -41.20 80.06 14.39
C LYS B 674 -42.25 79.02 14.02
N ASP B 675 -41.97 77.76 14.32
CA ASP B 675 -42.91 76.61 14.21
C ASP B 675 -43.01 76.12 12.76
N LYS B 676 -42.20 76.66 11.86
CA LYS B 676 -42.08 76.20 10.47
C LYS B 676 -41.06 75.06 10.46
N TYR B 677 -41.41 73.89 9.86
CA TYR B 677 -40.49 72.73 9.66
C TYR B 677 -40.15 72.61 8.18
N VAL B 678 -38.88 72.70 7.81
CA VAL B 678 -38.51 72.84 6.38
C VAL B 678 -37.54 71.73 5.99
N LEU B 679 -37.80 71.01 4.90
CA LEU B 679 -36.75 70.26 4.16
C LEU B 679 -36.20 71.15 3.06
N ILE B 680 -34.87 71.21 2.89
CA ILE B 680 -34.16 71.98 1.81
C ILE B 680 -33.04 71.15 1.25
N THR B 681 -32.92 71.10 -0.06
CA THR B 681 -31.88 70.31 -0.76
C THR B 681 -31.16 71.28 -1.68
N GLY B 682 -29.93 70.97 -2.05
CA GLY B 682 -29.23 71.82 -3.02
C GLY B 682 -28.95 73.17 -2.42
N ALA B 683 -28.48 73.15 -1.19
CA ALA B 683 -28.20 74.33 -0.36
C ALA B 683 -26.79 74.28 0.19
N GLY B 684 -25.81 74.05 -0.68
CA GLY B 684 -24.39 73.97 -0.31
C GLY B 684 -23.75 75.33 -0.22
N LYS B 685 -22.51 75.39 0.25
CA LYS B 685 -21.76 76.66 0.47
C LYS B 685 -21.72 77.46 -0.83
N GLY B 686 -22.09 78.73 -0.76
CA GLY B 686 -22.08 79.65 -1.91
C GLY B 686 -23.17 79.38 -2.93
N SER B 687 -24.42 79.16 -2.48
CA SER B 687 -25.63 78.98 -3.33
C SER B 687 -26.76 79.87 -2.83
N ILE B 688 -27.78 80.11 -3.64
CA ILE B 688 -29.04 80.71 -3.12
C ILE B 688 -29.62 79.78 -2.05
N GLY B 689 -29.56 78.48 -2.26
CA GLY B 689 -30.03 77.48 -1.28
C GLY B 689 -29.51 77.77 0.13
N ALA B 690 -28.29 78.30 0.23
CA ALA B 690 -27.59 78.51 1.51
C ALA B 690 -27.91 79.90 2.09
N GLU B 691 -28.26 80.88 1.26
CA GLU B 691 -28.75 82.19 1.76
C GLU B 691 -30.21 82.09 2.21
N VAL B 692 -30.94 81.11 1.71
CA VAL B 692 -32.34 80.82 2.15
C VAL B 692 -32.20 80.21 3.52
N LEU B 693 -31.42 79.15 3.61
CA LEU B 693 -31.08 78.44 4.87
C LEU B 693 -30.76 79.39 5.98
N GLN B 694 -29.98 80.45 5.75
CA GLN B 694 -29.56 81.42 6.81
C GLN B 694 -30.80 82.16 7.33
N GLY B 695 -31.62 82.66 6.41
CA GLY B 695 -32.93 83.28 6.69
C GLY B 695 -33.90 82.35 7.41
N LEU B 696 -34.02 81.10 6.99
CA LEU B 696 -34.93 80.22 7.75
C LEU B 696 -34.48 80.17 9.22
N LEU B 697 -33.19 79.96 9.42
CA LEU B 697 -32.64 79.70 10.74
C LEU B 697 -32.76 81.01 11.48
N GLN B 698 -32.60 82.12 10.77
CA GLN B 698 -32.66 83.48 11.37
C GLN B 698 -34.02 83.69 12.00
N GLY B 699 -35.11 83.17 11.45
CA GLY B 699 -36.49 83.37 11.95
C GLY B 699 -36.95 82.19 12.78
N GLY B 700 -36.04 81.39 13.33
CA GLY B 700 -36.39 80.25 14.20
C GLY B 700 -37.02 79.03 13.50
N ALA B 701 -36.81 78.81 12.20
CA ALA B 701 -37.26 77.57 11.58
C ALA B 701 -36.50 76.36 12.10
N LYS B 702 -37.12 75.19 12.00
CA LYS B 702 -36.44 73.88 12.21
C LYS B 702 -36.24 73.30 10.84
N VAL B 703 -35.01 72.98 10.46
CA VAL B 703 -34.67 72.76 9.02
C VAL B 703 -33.90 71.48 8.85
N VAL B 704 -34.31 70.57 7.93
CA VAL B 704 -33.43 69.48 7.42
C VAL B 704 -32.72 69.91 6.16
N VAL B 705 -31.40 69.87 6.11
CA VAL B 705 -30.54 70.29 4.97
C VAL B 705 -29.82 69.06 4.52
N THR B 706 -29.75 68.83 3.23
CA THR B 706 -29.18 67.58 2.72
C THR B 706 -27.92 67.92 1.95
N THR B 707 -26.88 67.14 2.18
CA THR B 707 -25.62 67.27 1.42
C THR B 707 -25.41 65.99 0.63
N SER B 708 -24.84 66.11 -0.55
CA SER B 708 -24.37 65.00 -1.41
C SER B 708 -22.87 64.71 -1.10
N ARG B 709 -22.18 65.64 -0.47
CA ARG B 709 -20.74 65.55 -0.20
C ARG B 709 -20.51 65.73 1.31
N PHE B 710 -20.91 64.76 2.11
CA PHE B 710 -20.75 64.79 3.59
C PHE B 710 -19.30 64.50 3.98
N SER B 711 -18.80 65.25 4.93
CA SER B 711 -17.36 65.45 5.19
C SER B 711 -17.26 66.35 6.42
N LYS B 712 -16.11 66.38 7.06
CA LYS B 712 -15.82 67.34 8.16
C LYS B 712 -15.93 68.76 7.59
N GLN B 713 -15.40 69.01 6.39
CA GLN B 713 -15.38 70.38 5.83
C GLN B 713 -16.79 70.97 5.80
N VAL B 714 -17.80 70.14 5.53
CA VAL B 714 -19.19 70.54 5.19
C VAL B 714 -19.99 70.64 6.48
N THR B 715 -19.83 69.63 7.32
CA THR B 715 -20.42 69.58 8.65
C THR B 715 -19.88 70.72 9.51
N ASP B 716 -18.72 71.29 9.19
CA ASP B 716 -18.17 72.48 9.91
C ASP B 716 -18.74 73.76 9.32
N TYR B 717 -18.78 73.92 8.01
CA TYR B 717 -19.55 75.02 7.38
C TYR B 717 -20.91 75.18 8.06
N TYR B 718 -21.69 74.10 8.19
CA TYR B 718 -23.07 74.15 8.72
C TYR B 718 -23.09 74.40 10.21
N GLN B 719 -22.15 73.87 10.97
CA GLN B 719 -22.04 74.19 12.42
C GLN B 719 -21.85 75.71 12.55
N SER B 720 -21.10 76.30 11.62
CA SER B 720 -20.67 77.71 11.66
C SER B 720 -21.85 78.62 11.35
N ILE B 721 -22.82 78.13 10.64
CA ILE B 721 -23.97 78.93 10.19
C ILE B 721 -24.99 78.91 11.30
N TYR B 722 -25.27 77.74 11.84
CA TYR B 722 -26.19 77.63 12.97
C TYR B 722 -25.64 78.49 14.11
N ALA B 723 -24.35 78.42 14.42
CA ALA B 723 -23.78 79.17 15.58
C ALA B 723 -23.80 80.69 15.37
N LYS B 724 -23.89 81.18 14.15
CA LYS B 724 -23.96 82.63 13.85
C LYS B 724 -25.41 83.10 13.76
N TYR B 725 -26.34 82.25 13.27
CA TYR B 725 -27.65 82.66 12.70
C TYR B 725 -28.85 81.97 13.33
N GLY B 726 -28.72 80.77 13.83
CA GLY B 726 -29.85 80.05 14.43
C GLY B 726 -30.41 80.82 15.62
N ALA B 727 -31.55 81.43 15.45
CA ALA B 727 -32.27 82.13 16.55
C ALA B 727 -32.89 81.13 17.52
N LYS B 728 -33.48 81.63 18.59
CA LYS B 728 -34.04 80.80 19.68
C LYS B 728 -35.14 79.93 19.08
N GLY B 729 -35.04 78.61 19.18
CA GLY B 729 -36.09 77.69 18.72
C GLY B 729 -35.75 77.05 17.41
N SER B 730 -34.86 77.65 16.64
CA SER B 730 -34.27 77.07 15.42
C SER B 730 -33.55 75.74 15.74
N THR B 731 -33.59 74.76 14.84
CA THR B 731 -32.60 73.66 14.77
C THR B 731 -32.22 73.40 13.32
N LEU B 732 -31.09 72.80 13.11
CA LEU B 732 -30.59 72.41 11.79
C LEU B 732 -30.16 70.96 11.88
N ILE B 733 -30.76 70.06 11.11
CA ILE B 733 -30.24 68.68 10.96
C ILE B 733 -29.55 68.61 9.61
N VAL B 734 -28.34 68.10 9.55
CA VAL B 734 -27.56 67.93 8.28
C VAL B 734 -27.44 66.44 8.05
N VAL B 735 -27.96 65.94 6.94
CA VAL B 735 -27.95 64.48 6.63
C VAL B 735 -27.27 64.35 5.30
N PRO B 736 -26.54 63.27 5.06
CA PRO B 736 -26.06 62.96 3.73
C PRO B 736 -27.24 62.40 2.95
N PHE B 737 -27.30 62.65 1.64
CA PHE B 737 -28.50 62.40 0.81
C PHE B 737 -28.16 62.44 -0.67
N ASN B 738 -28.61 61.45 -1.42
CA ASN B 738 -28.54 61.42 -2.91
C ASN B 738 -29.93 61.60 -3.49
N GLN B 739 -30.34 62.79 -3.97
CA GLN B 739 -31.72 63.03 -4.49
C GLN B 739 -31.94 62.15 -5.75
N GLY B 740 -30.88 61.80 -6.45
CA GLY B 740 -30.88 60.79 -7.53
C GLY B 740 -31.29 59.39 -7.13
N SER B 741 -31.28 59.05 -5.85
CA SER B 741 -31.63 57.69 -5.38
C SER B 741 -33.07 57.69 -4.89
N LYS B 742 -33.89 56.78 -5.40
CA LYS B 742 -35.30 56.59 -5.01
C LYS B 742 -35.32 56.16 -3.55
N GLN B 743 -34.35 55.34 -3.17
CA GLN B 743 -34.31 54.66 -1.87
C GLN B 743 -33.91 55.64 -0.81
N ASP B 744 -33.03 56.60 -1.13
CA ASP B 744 -32.67 57.72 -0.22
C ASP B 744 -33.87 58.65 0.02
N VAL B 745 -34.58 59.03 -1.02
CA VAL B 745 -35.82 59.85 -0.88
C VAL B 745 -36.83 59.13 0.02
N GLU B 746 -37.13 57.87 -0.19
CA GLU B 746 -38.14 57.16 0.65
C GLU B 746 -37.67 57.24 2.10
N ALA B 747 -36.39 56.95 2.31
CA ALA B 747 -35.69 56.85 3.61
C ALA B 747 -35.63 58.16 4.35
N LEU B 748 -35.28 59.25 3.65
CA LEU B 748 -35.25 60.62 4.24
C LEU B 748 -36.61 60.93 4.83
N ILE B 749 -37.67 60.74 4.05
CA ILE B 749 -38.99 61.28 4.44
C ILE B 749 -39.51 60.42 5.58
N GLU B 750 -39.08 59.17 5.63
CA GLU B 750 -39.47 58.23 6.69
C GLU B 750 -38.69 58.54 7.99
N PHE B 751 -37.50 59.08 7.90
CA PHE B 751 -36.67 59.52 9.05
C PHE B 751 -37.24 60.80 9.64
N ILE B 752 -37.65 61.75 8.78
CA ILE B 752 -38.24 63.04 9.23
C ILE B 752 -39.54 62.75 9.99
N TYR B 753 -40.36 61.78 9.58
CA TYR B 753 -41.73 61.65 10.13
C TYR B 753 -41.73 60.59 11.19
N ASP B 754 -40.76 59.69 11.26
CA ASP B 754 -40.75 58.61 12.28
C ASP B 754 -40.66 59.25 13.66
N THR B 755 -40.98 58.49 14.70
CA THR B 755 -40.94 58.99 16.10
C THR B 755 -39.52 58.85 16.59
N GLU B 756 -39.14 59.73 17.51
CA GLU B 756 -37.78 59.78 18.14
C GLU B 756 -37.50 58.41 18.76
N LYS B 757 -38.55 57.76 19.28
CA LYS B 757 -38.50 56.38 19.84
C LYS B 757 -38.03 55.38 18.77
N ASN B 758 -38.51 55.48 17.52
CA ASN B 758 -38.07 54.60 16.39
C ASN B 758 -36.84 55.17 15.65
N GLY B 759 -36.23 56.25 16.15
CA GLY B 759 -34.93 56.74 15.66
C GLY B 759 -35.06 57.88 14.67
N GLY B 760 -36.27 58.44 14.52
CA GLY B 760 -36.59 59.54 13.60
C GLY B 760 -36.55 60.89 14.28
N LEU B 761 -37.30 61.85 13.75
CA LEU B 761 -37.36 63.27 14.21
C LEU B 761 -38.73 63.57 14.82
N GLY B 762 -39.81 62.99 14.32
CA GLY B 762 -41.18 63.23 14.81
C GLY B 762 -41.69 64.56 14.33
N TRP B 763 -41.13 65.04 13.24
CA TRP B 763 -41.55 66.30 12.60
C TRP B 763 -42.72 66.05 11.69
N ASP B 764 -43.19 67.15 11.12
CA ASP B 764 -44.24 67.18 10.08
C ASP B 764 -44.00 68.47 9.28
N LEU B 765 -43.48 68.34 8.08
CA LEU B 765 -42.99 69.43 7.21
C LEU B 765 -44.11 70.41 6.90
N ASP B 766 -43.76 71.67 6.87
CA ASP B 766 -44.54 72.84 6.43
C ASP B 766 -43.96 73.45 5.17
N ALA B 767 -42.81 73.01 4.66
CA ALA B 767 -42.22 73.47 3.38
C ALA B 767 -41.17 72.52 2.89
N ILE B 768 -41.22 72.20 1.61
CA ILE B 768 -40.15 71.46 0.91
C ILE B 768 -39.57 72.44 -0.09
N ILE B 769 -38.25 72.52 -0.14
CA ILE B 769 -37.54 73.39 -1.10
C ILE B 769 -36.51 72.52 -1.78
N PRO B 770 -36.87 71.84 -2.89
CA PRO B 770 -35.99 70.88 -3.56
C PRO B 770 -35.19 71.49 -4.72
N PHE B 771 -34.12 72.19 -4.41
CA PHE B 771 -33.26 72.98 -5.31
C PHE B 771 -32.04 72.18 -5.74
N ALA B 772 -31.93 70.90 -5.37
CA ALA B 772 -30.84 70.00 -5.82
C ALA B 772 -30.86 69.92 -7.33
N ALA B 773 -29.68 69.77 -7.89
CA ALA B 773 -29.49 69.93 -9.35
C ALA B 773 -28.07 69.55 -9.69
N ILE B 774 -27.87 69.02 -10.89
CA ILE B 774 -26.49 68.90 -11.45
C ILE B 774 -26.47 69.68 -12.74
N PRO B 775 -25.34 70.35 -13.01
CA PRO B 775 -25.16 71.10 -14.24
C PRO B 775 -24.92 70.19 -15.44
N GLU B 776 -25.42 70.59 -16.60
CA GLU B 776 -25.16 69.89 -17.88
C GLU B 776 -24.87 71.01 -18.88
N GLN B 777 -23.63 71.08 -19.36
CA GLN B 777 -23.12 72.23 -20.14
C GLN B 777 -22.66 71.70 -21.51
N GLY B 778 -23.07 72.39 -22.58
CA GLY B 778 -22.78 71.98 -23.97
C GLY B 778 -23.26 70.58 -24.26
N ILE B 779 -24.31 70.16 -23.59
CA ILE B 779 -25.07 68.94 -23.94
C ILE B 779 -26.25 69.41 -24.76
N GLU B 780 -26.07 69.37 -26.08
CA GLU B 780 -27.13 69.54 -27.10
C GLU B 780 -27.86 68.20 -27.32
N LEU B 781 -28.92 68.21 -28.12
CA LEU B 781 -29.83 67.06 -28.30
C LEU B 781 -29.15 65.84 -28.90
N GLU B 782 -28.13 66.02 -29.74
CA GLU B 782 -27.21 64.95 -30.22
C GLU B 782 -26.63 64.16 -29.02
N HIS B 783 -26.36 64.81 -27.90
CA HIS B 783 -25.43 64.33 -26.85
C HIS B 783 -26.16 63.96 -25.56
N ILE B 784 -27.48 64.10 -25.50
CA ILE B 784 -28.26 63.65 -24.33
C ILE B 784 -27.93 62.18 -24.14
N ASP B 785 -27.26 61.85 -23.01
CA ASP B 785 -26.99 60.46 -22.59
C ASP B 785 -27.26 60.31 -21.08
N SER B 786 -26.37 59.64 -20.38
CA SER B 786 -26.57 59.06 -19.04
C SER B 786 -26.66 60.18 -18.01
N LYS B 787 -25.74 61.12 -18.07
CA LYS B 787 -25.70 62.27 -17.15
C LYS B 787 -27.03 63.03 -17.25
N SER B 788 -27.52 63.31 -18.43
CA SER B 788 -28.78 64.08 -18.59
C SER B 788 -29.96 63.26 -18.09
N GLU B 789 -29.99 61.97 -18.37
CA GLU B 789 -31.09 61.09 -17.91
C GLU B 789 -31.06 61.00 -16.37
N PHE B 790 -29.89 61.01 -15.76
CA PHE B 790 -29.74 61.04 -14.29
C PHE B 790 -30.15 62.40 -13.76
N ALA B 791 -29.66 63.46 -14.36
CA ALA B 791 -30.05 64.83 -13.98
C ALA B 791 -31.57 64.98 -14.00
N HIS B 792 -32.25 64.50 -15.03
CA HIS B 792 -33.72 64.56 -15.14
C HIS B 792 -34.38 63.88 -13.96
N ARG B 793 -33.79 62.83 -13.42
CA ARG B 793 -34.32 62.08 -12.27
C ARG B 793 -34.15 62.94 -11.02
N ILE B 794 -32.98 63.53 -10.80
CA ILE B 794 -32.74 64.44 -9.66
C ILE B 794 -33.76 65.58 -9.67
N MET B 795 -33.93 66.22 -10.81
CA MET B 795 -34.58 67.53 -10.94
C MET B 795 -36.07 67.43 -11.24
N LEU B 796 -36.59 66.23 -11.56
CA LEU B 796 -38.03 66.05 -11.83
C LEU B 796 -38.57 64.77 -11.18
N THR B 797 -38.31 63.56 -11.70
CA THR B 797 -39.04 62.36 -11.21
C THR B 797 -38.85 62.17 -9.69
N ASN B 798 -37.69 62.39 -9.13
CA ASN B 798 -37.46 62.16 -7.70
C ASN B 798 -37.96 63.39 -6.93
N ILE B 799 -38.24 64.53 -7.57
CA ILE B 799 -39.00 65.62 -6.87
C ILE B 799 -40.44 65.15 -6.65
N LEU B 800 -41.02 64.49 -7.64
CA LEU B 800 -42.41 64.01 -7.59
C LEU B 800 -42.53 62.91 -6.55
N ARG B 801 -41.57 62.00 -6.53
CA ARG B 801 -41.46 60.90 -5.53
C ARG B 801 -41.29 61.42 -4.10
N MET B 802 -40.70 62.58 -3.89
CA MET B 802 -40.47 63.16 -2.54
C MET B 802 -41.77 63.84 -2.09
N MET B 803 -42.47 64.59 -2.95
CA MET B 803 -43.84 65.06 -2.63
C MET B 803 -44.81 63.85 -2.55
N GLY B 804 -44.58 62.81 -3.32
CA GLY B 804 -45.44 61.64 -3.16
C GLY B 804 -45.30 61.07 -1.78
N CYS B 805 -44.06 60.97 -1.29
CA CYS B 805 -43.69 60.37 0.02
C CYS B 805 -44.26 61.24 1.11
N VAL B 806 -44.21 62.59 1.02
CA VAL B 806 -44.70 63.40 2.15
C VAL B 806 -46.21 63.31 2.19
N LYS B 807 -46.87 63.11 1.07
CA LYS B 807 -48.34 62.84 1.02
C LYS B 807 -48.64 61.52 1.71
N LYS B 808 -47.93 60.45 1.42
CA LYS B 808 -48.20 59.14 2.09
C LYS B 808 -47.95 59.21 3.61
N GLN B 809 -46.91 59.88 4.08
CA GLN B 809 -46.64 60.02 5.53
C GLN B 809 -47.71 60.92 6.19
N LYS B 810 -48.18 61.99 5.53
CA LYS B 810 -49.16 62.91 6.14
C LYS B 810 -50.52 62.27 6.22
N SER B 811 -50.80 61.30 5.36
CA SER B 811 -52.12 60.68 5.17
C SER B 811 -52.23 59.53 6.14
N ALA B 812 -51.18 58.73 6.22
CA ALA B 812 -50.95 57.69 7.25
C ALA B 812 -51.43 58.16 8.62
N ARG B 813 -51.13 59.40 8.99
CA ARG B 813 -51.40 60.01 10.30
C ARG B 813 -52.63 60.93 10.24
N GLY B 814 -53.38 60.89 9.15
CA GLY B 814 -54.62 61.65 8.97
C GLY B 814 -54.45 63.13 9.14
N ILE B 815 -53.28 63.66 8.80
CA ILE B 815 -52.99 65.11 8.86
C ILE B 815 -53.62 65.70 7.60
N GLU B 816 -54.73 66.41 7.74
CA GLU B 816 -55.46 66.97 6.59
C GLU B 816 -55.38 68.49 6.59
N THR B 817 -54.80 69.12 7.60
CA THR B 817 -54.94 70.58 7.81
C THR B 817 -53.58 71.24 8.01
N ARG B 818 -52.48 70.57 7.67
CA ARG B 818 -51.13 71.13 7.82
C ARG B 818 -50.33 70.85 6.55
N PRO B 819 -50.68 71.51 5.44
CA PRO B 819 -50.05 71.22 4.16
C PRO B 819 -48.62 71.73 4.10
N ALA B 820 -47.76 71.04 3.36
CA ALA B 820 -46.37 71.50 3.11
C ALA B 820 -46.34 72.30 1.82
N GLN B 821 -45.92 73.56 1.89
CA GLN B 821 -45.78 74.38 0.67
C GLN B 821 -44.51 73.94 -0.04
N VAL B 822 -44.64 73.29 -1.19
CA VAL B 822 -43.51 73.01 -2.10
C VAL B 822 -43.15 74.30 -2.86
N ILE B 823 -41.89 74.76 -2.80
CA ILE B 823 -41.36 75.91 -3.59
C ILE B 823 -40.50 75.35 -4.73
N LEU B 824 -41.00 75.26 -5.95
CA LEU B 824 -40.28 74.66 -7.12
C LEU B 824 -39.48 75.77 -7.76
N PRO B 825 -38.19 75.56 -8.04
CA PRO B 825 -37.45 76.51 -8.82
C PRO B 825 -37.84 76.27 -10.29
N MET B 826 -38.52 77.25 -10.88
CA MET B 826 -38.87 77.22 -12.31
C MET B 826 -37.84 78.08 -13.02
N SER B 827 -37.83 78.01 -14.33
CA SER B 827 -37.03 78.89 -15.21
C SER B 827 -38.04 79.67 -16.02
N PRO B 828 -37.73 80.89 -16.50
CA PRO B 828 -38.54 81.53 -17.53
C PRO B 828 -38.04 81.12 -18.93
N ASN B 829 -36.82 80.56 -19.01
CA ASN B 829 -36.05 80.31 -20.25
C ASN B 829 -36.01 78.79 -20.48
N HIS B 830 -37.09 78.25 -21.10
CA HIS B 830 -37.26 76.83 -21.55
C HIS B 830 -36.78 76.68 -22.99
N GLY B 831 -35.57 76.15 -23.18
CA GLY B 831 -34.98 75.86 -24.51
C GLY B 831 -34.24 77.04 -25.16
N THR B 832 -34.31 78.25 -24.62
CA THR B 832 -33.91 79.50 -25.33
C THR B 832 -32.38 79.71 -25.33
N PHE B 833 -31.58 78.84 -24.73
CA PHE B 833 -30.09 78.88 -24.80
C PHE B 833 -29.49 77.62 -25.43
N GLY B 834 -30.03 76.46 -25.10
CA GLY B 834 -29.47 75.17 -25.53
C GLY B 834 -28.25 74.81 -24.72
N GLY B 835 -27.74 73.61 -24.98
CA GLY B 835 -26.53 73.10 -24.32
C GLY B 835 -26.80 72.78 -22.87
N ASP B 836 -28.09 72.70 -22.49
CA ASP B 836 -28.53 72.55 -21.09
C ASP B 836 -28.92 71.09 -20.83
N GLY B 837 -28.82 70.17 -21.81
CA GLY B 837 -29.15 68.74 -21.64
C GLY B 837 -30.63 68.63 -21.48
N MET B 838 -31.12 67.95 -20.46
CA MET B 838 -32.59 67.86 -20.26
C MET B 838 -33.06 68.82 -19.16
N TYR B 839 -32.37 69.95 -18.95
CA TYR B 839 -32.67 70.94 -17.87
C TYR B 839 -34.04 71.58 -18.16
N SER B 840 -34.21 72.14 -19.34
CA SER B 840 -35.48 72.75 -19.80
C SER B 840 -36.67 71.77 -19.74
N GLU B 841 -36.48 70.49 -20.01
CA GLU B 841 -37.56 69.46 -19.95
C GLU B 841 -37.91 69.26 -18.48
N SER B 842 -36.89 69.17 -17.63
CA SER B 842 -37.02 69.08 -16.17
C SER B 842 -37.88 70.22 -15.66
N LYS B 843 -37.52 71.45 -16.01
CA LYS B 843 -38.11 72.68 -15.43
C LYS B 843 -39.54 72.81 -15.92
N LEU B 844 -39.78 72.61 -17.19
CA LEU B 844 -41.12 72.85 -17.76
C LEU B 844 -42.17 71.85 -17.25
N SER B 845 -41.77 70.63 -17.00
CA SER B 845 -42.68 69.55 -16.55
C SER B 845 -43.12 69.75 -15.10
N LEU B 846 -42.52 70.63 -14.31
CA LEU B 846 -43.02 70.95 -12.94
C LEU B 846 -44.26 71.85 -13.03
N GLU B 847 -44.43 72.59 -14.12
CA GLU B 847 -45.66 73.39 -14.38
C GLU B 847 -46.91 72.50 -14.50
N THR B 848 -46.79 71.18 -14.70
CA THR B 848 -47.92 70.23 -14.55
C THR B 848 -48.44 70.16 -13.11
N LEU B 849 -47.65 70.49 -12.08
CA LEU B 849 -48.11 70.43 -10.66
C LEU B 849 -49.11 71.55 -10.34
N PHE B 850 -49.22 72.62 -11.12
CA PHE B 850 -50.18 73.71 -10.87
C PHE B 850 -51.54 73.26 -11.33
N ASN B 851 -51.60 72.23 -12.17
CA ASN B 851 -52.89 71.73 -12.68
C ASN B 851 -53.29 70.53 -11.87
N ARG B 852 -52.38 69.60 -11.65
CA ARG B 852 -52.64 68.35 -10.89
C ARG B 852 -53.03 68.66 -9.45
N TRP B 853 -52.69 69.79 -8.90
CA TRP B 853 -53.13 70.17 -7.52
C TRP B 853 -54.65 70.24 -7.44
N HIS B 854 -55.33 70.66 -8.51
CA HIS B 854 -56.80 70.65 -8.63
C HIS B 854 -57.38 69.28 -8.99
N SER B 855 -56.60 68.44 -9.64
CA SER B 855 -57.16 67.29 -10.38
C SER B 855 -56.95 65.98 -9.66
N GLU B 856 -56.24 65.99 -8.52
CA GLU B 856 -55.89 64.76 -7.77
C GLU B 856 -56.28 64.96 -6.31
N SER B 857 -55.75 64.15 -5.42
CA SER B 857 -56.27 63.94 -4.05
C SER B 857 -55.21 64.31 -3.01
N TRP B 858 -54.29 65.20 -3.37
CA TRP B 858 -53.14 65.56 -2.50
C TRP B 858 -53.09 67.06 -2.22
N ALA B 859 -54.11 67.83 -2.53
CA ALA B 859 -54.11 69.28 -2.21
C ALA B 859 -54.17 69.57 -0.71
N ASN B 860 -54.73 68.73 0.13
CA ASN B 860 -54.72 68.99 1.59
C ASN B 860 -53.37 68.66 2.19
N GLN B 861 -52.54 67.91 1.52
CA GLN B 861 -51.21 67.53 2.04
C GLN B 861 -50.08 68.43 1.52
N LEU B 862 -50.30 69.24 0.48
CA LEU B 862 -49.23 69.81 -0.38
C LEU B 862 -49.79 71.04 -1.09
N THR B 863 -49.00 72.07 -1.24
CA THR B 863 -49.39 73.29 -1.95
C THR B 863 -48.23 73.66 -2.85
N VAL B 864 -48.49 74.13 -4.05
CA VAL B 864 -47.34 74.46 -4.93
C VAL B 864 -47.22 75.98 -4.98
N CYS B 865 -45.98 76.42 -4.85
CA CYS B 865 -45.57 77.81 -4.98
C CYS B 865 -44.38 77.80 -5.91
N GLY B 866 -44.61 77.98 -7.20
CA GLY B 866 -43.53 77.97 -8.21
C GLY B 866 -42.91 79.33 -8.29
N ALA B 867 -41.60 79.39 -8.07
CA ALA B 867 -40.79 80.61 -8.11
C ALA B 867 -40.00 80.63 -9.40
N ILE B 868 -40.32 81.55 -10.32
CA ILE B 868 -39.57 81.76 -11.58
C ILE B 868 -38.40 82.66 -11.23
N ILE B 869 -37.27 82.06 -10.90
CA ILE B 869 -36.05 82.72 -10.37
C ILE B 869 -35.35 83.35 -11.55
N GLY B 870 -34.92 84.60 -11.40
CA GLY B 870 -34.27 85.39 -12.46
C GLY B 870 -32.80 85.61 -12.18
N TRP B 871 -32.22 86.63 -12.81
CA TRP B 871 -30.74 86.74 -12.95
C TRP B 871 -30.10 87.05 -11.59
N THR B 872 -29.43 86.04 -11.04
CA THR B 872 -28.79 86.07 -9.71
C THR B 872 -27.29 86.01 -9.97
N ARG B 873 -26.61 87.07 -9.60
CA ARG B 873 -25.14 87.22 -9.70
C ARG B 873 -24.50 86.28 -8.68
N GLY B 874 -23.39 85.62 -9.02
CA GLY B 874 -22.58 84.82 -8.08
C GLY B 874 -21.47 85.64 -7.47
N THR B 875 -20.43 84.97 -6.96
CA THR B 875 -19.24 85.55 -6.30
C THR B 875 -18.56 86.62 -7.19
N GLY B 876 -17.71 86.22 -8.15
CA GLY B 876 -16.82 87.18 -8.85
C GLY B 876 -16.30 86.69 -10.19
N LEU B 877 -16.71 87.37 -11.28
CA LEU B 877 -16.09 87.38 -12.64
C LEU B 877 -16.47 86.10 -13.40
N MET B 878 -15.96 84.96 -12.95
CA MET B 878 -16.23 83.63 -13.56
C MET B 878 -17.65 83.18 -13.18
N SER B 879 -18.00 83.28 -11.89
CA SER B 879 -19.30 82.82 -11.36
C SER B 879 -20.42 83.40 -12.21
N ALA B 880 -21.39 82.56 -12.56
CA ALA B 880 -22.58 82.90 -13.38
C ALA B 880 -22.08 83.51 -14.69
N ASN B 881 -22.66 84.62 -15.14
CA ASN B 881 -22.09 85.42 -16.24
C ASN B 881 -21.92 86.84 -15.71
N ASN B 882 -21.18 87.02 -14.62
CA ASN B 882 -21.11 88.33 -13.90
C ASN B 882 -20.66 89.47 -14.82
N ILE B 883 -19.75 89.21 -15.76
CA ILE B 883 -19.17 90.28 -16.62
C ILE B 883 -20.24 90.93 -17.51
N ILE B 884 -21.28 90.21 -17.93
CA ILE B 884 -22.34 90.82 -18.76
C ILE B 884 -23.58 91.28 -17.95
N ALA B 885 -23.61 91.13 -16.62
CA ALA B 885 -24.71 91.62 -15.76
C ALA B 885 -24.91 93.11 -16.01
N GLU B 886 -23.84 93.90 -15.88
CA GLU B 886 -23.91 95.39 -16.03
C GLU B 886 -24.67 95.70 -17.32
N GLY B 887 -24.36 94.95 -18.39
CA GLY B 887 -24.83 95.22 -19.76
C GLY B 887 -26.31 94.90 -19.93
N ILE B 888 -26.74 93.80 -19.34
CA ILE B 888 -28.17 93.36 -19.25
C ILE B 888 -28.96 94.40 -18.44
N GLU B 889 -28.39 94.91 -17.34
CA GLU B 889 -29.07 95.95 -16.51
C GLU B 889 -29.31 97.24 -17.32
N LYS B 890 -28.44 97.56 -18.28
CA LYS B 890 -28.58 98.77 -19.13
C LYS B 890 -29.87 98.69 -19.96
N MET B 891 -30.34 97.49 -20.30
CA MET B 891 -31.63 97.25 -21.03
C MET B 891 -32.87 97.63 -20.20
N GLY B 892 -32.74 97.81 -18.88
CA GLY B 892 -33.86 98.16 -17.98
C GLY B 892 -34.27 96.99 -17.10
N VAL B 893 -33.67 95.83 -17.36
CA VAL B 893 -33.73 94.59 -16.53
C VAL B 893 -33.05 94.84 -15.19
N ARG B 894 -33.46 94.11 -14.15
CA ARG B 894 -32.76 94.14 -12.85
C ARG B 894 -32.18 92.77 -12.59
N THR B 895 -30.92 92.72 -12.17
CA THR B 895 -30.29 91.50 -11.62
C THR B 895 -30.27 91.63 -10.11
N PHE B 896 -29.91 90.55 -9.44
CA PHE B 896 -30.06 90.39 -7.98
C PHE B 896 -28.77 89.82 -7.40
N SER B 897 -28.39 90.27 -6.22
CA SER B 897 -27.43 89.54 -5.38
C SER B 897 -28.13 88.25 -4.98
N GLN B 898 -27.36 87.22 -4.66
CA GLN B 898 -27.85 86.02 -3.96
C GLN B 898 -28.65 86.41 -2.73
N LYS B 899 -28.24 87.42 -1.94
CA LYS B 899 -28.99 87.79 -0.70
C LYS B 899 -30.35 88.43 -1.01
N GLU B 900 -30.49 89.11 -2.15
CA GLU B 900 -31.80 89.64 -2.63
C GLU B 900 -32.69 88.50 -3.18
N MET B 901 -32.15 87.59 -3.99
CA MET B 901 -32.90 86.41 -4.49
C MET B 901 -33.33 85.55 -3.28
N ALA B 902 -32.57 85.54 -2.19
CA ALA B 902 -32.91 84.74 -1.00
C ALA B 902 -34.14 85.38 -0.38
N PHE B 903 -34.15 86.70 -0.38
CA PHE B 903 -35.17 87.56 0.23
C PHE B 903 -36.48 87.31 -0.45
N ASN B 904 -36.43 87.33 -1.77
CA ASN B 904 -37.59 87.17 -2.69
C ASN B 904 -38.27 85.82 -2.42
N LEU B 905 -37.50 84.75 -2.34
CA LEU B 905 -37.99 83.37 -2.09
C LEU B 905 -38.47 83.20 -0.66
N LEU B 906 -37.88 83.88 0.33
CA LEU B 906 -38.40 83.88 1.74
C LEU B 906 -39.70 84.69 1.84
N GLY B 907 -39.90 85.67 0.97
CA GLY B 907 -41.23 86.25 0.67
C GLY B 907 -42.28 85.18 0.48
N LEU B 908 -41.99 84.10 -0.25
CA LEU B 908 -43.01 83.09 -0.61
C LEU B 908 -43.38 82.21 0.60
N LEU B 909 -42.74 82.41 1.73
CA LEU B 909 -42.96 81.65 2.97
C LEU B 909 -43.53 82.58 4.04
N THR B 910 -43.95 83.79 3.66
CA THR B 910 -44.57 84.75 4.61
C THR B 910 -45.98 84.26 4.84
N PRO B 911 -46.68 84.66 5.92
CA PRO B 911 -48.03 84.16 6.16
C PRO B 911 -49.06 84.56 5.10
N GLU B 912 -48.87 85.64 4.32
CA GLU B 912 -49.84 86.13 3.31
C GLU B 912 -49.83 85.22 2.06
N VAL B 913 -48.65 84.91 1.53
CA VAL B 913 -48.49 84.06 0.31
C VAL B 913 -48.46 82.58 0.71
N VAL B 914 -48.37 82.24 1.99
CA VAL B 914 -48.72 80.87 2.47
C VAL B 914 -50.24 80.74 2.37
N GLU B 915 -50.97 81.80 2.76
CA GLU B 915 -52.44 81.82 2.72
C GLU B 915 -52.96 81.61 1.28
N LEU B 916 -52.41 82.27 0.24
CA LEU B 916 -52.85 82.11 -1.20
C LEU B 916 -52.61 80.67 -1.67
N CYS B 917 -51.37 80.20 -1.68
CA CYS B 917 -50.94 78.80 -1.94
C CYS B 917 -51.98 77.75 -1.51
N GLN B 918 -52.61 77.96 -0.36
CA GLN B 918 -53.57 77.04 0.29
C GLN B 918 -54.94 77.22 -0.37
N LYS B 919 -55.25 78.40 -0.94
CA LYS B 919 -56.44 78.59 -1.82
C LYS B 919 -56.23 77.90 -3.20
N SER B 920 -55.16 78.24 -3.89
CA SER B 920 -54.85 77.94 -5.31
C SER B 920 -53.34 77.93 -5.46
N PRO B 921 -52.72 77.22 -6.43
CA PRO B 921 -51.28 77.34 -6.67
C PRO B 921 -50.78 78.76 -6.97
N VAL B 922 -49.62 79.12 -6.39
CA VAL B 922 -49.01 80.46 -6.59
C VAL B 922 -47.84 80.40 -7.56
N MET B 923 -47.88 81.19 -8.63
CA MET B 923 -46.75 81.31 -9.56
C MET B 923 -46.12 82.70 -9.39
N ALA B 924 -44.94 82.72 -8.79
CA ALA B 924 -44.16 83.92 -8.44
C ALA B 924 -43.13 84.22 -9.52
N ASP B 925 -43.17 85.41 -10.13
CA ASP B 925 -42.18 85.84 -11.15
C ASP B 925 -41.11 86.72 -10.50
N LEU B 926 -40.01 86.10 -10.05
CA LEU B 926 -38.85 86.80 -9.43
C LEU B 926 -37.78 87.04 -10.50
N ASN B 927 -38.21 87.23 -11.72
CA ASN B 927 -37.37 87.51 -12.89
C ASN B 927 -37.58 88.99 -13.15
N GLY B 928 -36.55 89.79 -13.06
CA GLY B 928 -36.73 91.26 -13.06
C GLY B 928 -36.77 91.79 -14.48
N GLY B 929 -37.79 91.46 -15.25
CA GLY B 929 -38.00 92.01 -16.60
C GLY B 929 -37.21 91.33 -17.71
N LEU B 930 -36.52 90.22 -17.47
CA LEU B 930 -35.87 89.44 -18.56
C LEU B 930 -36.91 88.84 -19.51
N GLN B 931 -38.18 88.74 -19.12
CA GLN B 931 -39.26 88.32 -20.05
C GLN B 931 -39.16 89.14 -21.35
N PHE B 932 -38.88 90.44 -21.22
CA PHE B 932 -39.15 91.51 -22.20
C PHE B 932 -37.91 91.93 -23.00
N VAL B 933 -36.70 91.55 -22.60
CA VAL B 933 -35.48 91.67 -23.47
C VAL B 933 -35.60 90.59 -24.54
N PRO B 934 -35.87 90.93 -25.82
CA PRO B 934 -36.16 89.92 -26.85
C PRO B 934 -34.88 89.36 -27.49
N GLU B 935 -34.90 88.09 -27.91
CA GLU B 935 -33.73 87.31 -28.38
C GLU B 935 -32.58 87.46 -27.36
N LEU B 936 -32.84 87.07 -26.13
CA LEU B 936 -31.85 87.08 -25.02
C LEU B 936 -30.63 86.19 -25.33
N LYS B 937 -30.75 85.15 -26.16
CA LYS B 937 -29.58 84.29 -26.41
C LYS B 937 -28.52 85.12 -27.13
N GLU B 938 -28.95 85.71 -28.26
CA GLU B 938 -28.09 86.44 -29.21
C GLU B 938 -27.74 87.79 -28.60
N PHE B 939 -28.50 88.30 -27.64
CA PHE B 939 -28.18 89.60 -26.97
C PHE B 939 -26.96 89.42 -26.05
N THR B 940 -27.14 88.64 -25.01
CA THR B 940 -26.12 88.11 -24.09
C THR B 940 -24.81 87.76 -24.82
N ALA B 941 -24.89 87.23 -26.06
CA ALA B 941 -23.75 86.78 -26.89
C ALA B 941 -23.04 87.97 -27.53
N LYS B 942 -23.82 88.94 -28.03
CA LYS B 942 -23.33 90.26 -28.48
C LYS B 942 -22.60 90.98 -27.33
N LEU B 943 -23.13 90.94 -26.10
CA LEU B 943 -22.49 91.64 -24.97
C LEU B 943 -21.13 91.02 -24.67
N ARG B 944 -20.97 89.72 -24.84
CA ARG B 944 -19.72 89.04 -24.43
C ARG B 944 -18.65 89.34 -25.49
N LYS B 945 -19.02 89.25 -26.77
CA LYS B 945 -18.28 89.80 -27.94
C LYS B 945 -17.65 91.16 -27.58
N GLU B 946 -18.47 92.20 -27.34
CA GLU B 946 -18.03 93.61 -27.15
C GLU B 946 -17.01 93.75 -26.01
N LEU B 947 -17.12 92.96 -24.93
CA LEU B 947 -16.16 93.00 -23.80
C LEU B 947 -14.83 92.36 -24.22
N VAL B 948 -14.92 91.27 -24.97
CA VAL B 948 -13.75 90.46 -25.40
C VAL B 948 -13.00 91.28 -26.45
N GLU B 949 -13.68 91.61 -27.55
CA GLU B 949 -13.18 92.55 -28.61
C GLU B 949 -12.34 93.61 -27.91
N THR B 950 -12.96 94.50 -27.11
CA THR B 950 -12.29 95.61 -26.37
C THR B 950 -11.07 95.12 -25.58
N SER B 951 -11.22 94.12 -24.72
CA SER B 951 -10.11 93.49 -23.93
C SER B 951 -8.97 93.02 -24.84
N GLU B 952 -9.26 92.35 -25.97
CA GLU B 952 -8.22 91.76 -26.88
C GLU B 952 -7.44 92.87 -27.59
N VAL B 953 -8.12 93.88 -28.18
CA VAL B 953 -7.46 95.00 -28.91
C VAL B 953 -6.51 95.70 -27.92
N ARG B 954 -6.97 95.85 -26.69
CA ARG B 954 -6.29 96.64 -25.65
C ARG B 954 -5.06 95.88 -25.15
N LYS B 955 -5.15 94.56 -25.13
CA LYS B 955 -4.10 93.64 -24.63
C LYS B 955 -3.04 93.45 -25.72
N ALA B 956 -3.44 93.54 -27.00
CA ALA B 956 -2.54 93.44 -28.18
C ALA B 956 -1.69 94.71 -28.30
N VAL B 957 -2.31 95.88 -28.11
CA VAL B 957 -1.62 97.21 -28.02
C VAL B 957 -0.65 97.20 -26.84
N SER B 958 -1.02 96.58 -25.73
CA SER B 958 -0.19 96.53 -24.49
C SER B 958 1.02 95.63 -24.71
N ILE B 959 0.87 94.55 -25.50
CA ILE B 959 1.97 93.58 -25.76
C ILE B 959 3.03 94.29 -26.62
N GLU B 960 2.59 94.91 -27.71
CA GLU B 960 3.47 95.61 -28.68
C GLU B 960 4.22 96.76 -27.99
N THR B 961 3.56 97.60 -27.17
CA THR B 961 4.21 98.72 -26.44
C THR B 961 5.30 98.20 -25.49
N ALA B 962 5.20 96.95 -25.02
CA ALA B 962 6.22 96.33 -24.13
C ALA B 962 7.41 95.88 -24.98
N LEU B 963 7.16 95.11 -26.05
CA LEU B 963 8.17 94.72 -27.08
C LEU B 963 8.90 95.95 -27.64
N GLU B 964 8.18 97.01 -28.00
CA GLU B 964 8.72 98.21 -28.69
C GLU B 964 9.21 99.24 -27.66
N HIS B 965 9.70 98.74 -26.52
CA HIS B 965 10.22 99.49 -25.35
C HIS B 965 11.38 98.68 -24.75
N LYS B 966 11.15 97.38 -24.60
CA LYS B 966 12.19 96.33 -24.43
C LYS B 966 13.26 96.44 -25.51
N VAL B 967 12.89 96.79 -26.75
CA VAL B 967 13.84 96.90 -27.90
C VAL B 967 14.64 98.21 -27.79
N VAL B 968 13.99 99.31 -27.40
CA VAL B 968 14.61 100.66 -27.24
C VAL B 968 15.48 100.70 -25.96
N ASN B 969 15.14 99.93 -24.93
CA ASN B 969 15.85 99.95 -23.61
C ASN B 969 16.38 98.55 -23.26
N GLY B 970 16.57 97.67 -24.27
CA GLY B 970 17.18 96.33 -24.12
C GLY B 970 16.75 95.61 -22.84
N ASN B 971 17.71 95.36 -21.94
CA ASN B 971 17.48 94.85 -20.56
C ASN B 971 18.36 95.69 -19.63
N SER B 972 18.13 97.02 -19.66
CA SER B 972 18.84 98.10 -18.89
C SER B 972 17.84 98.86 -17.98
N ALA B 973 16.74 99.39 -18.56
CA ALA B 973 15.58 100.03 -17.88
C ALA B 973 14.40 99.05 -17.76
N ASP B 974 14.51 97.80 -18.27
CA ASP B 974 13.53 96.68 -18.13
C ASP B 974 14.13 95.51 -17.31
N ALA B 975 15.29 95.72 -16.64
CA ALA B 975 16.04 94.69 -15.85
C ALA B 975 16.52 95.21 -14.48
N ALA B 976 16.88 96.51 -14.37
CA ALA B 976 17.21 97.24 -13.11
C ALA B 976 15.94 97.79 -12.42
N TYR B 977 14.78 97.69 -13.09
CA TYR B 977 13.39 97.98 -12.61
C TYR B 977 13.04 97.11 -11.38
N ALA B 978 13.59 95.87 -11.29
CA ALA B 978 13.18 94.77 -10.38
C ALA B 978 13.99 94.74 -9.06
N GLN B 979 13.27 94.71 -7.93
CA GLN B 979 13.72 94.91 -6.52
C GLN B 979 14.24 93.58 -5.95
N VAL B 980 14.69 93.59 -4.68
CA VAL B 980 15.23 92.43 -3.92
C VAL B 980 14.27 92.14 -2.75
N GLU B 981 13.84 90.88 -2.61
CA GLU B 981 12.84 90.45 -1.59
C GLU B 981 13.51 89.62 -0.49
N ILE B 982 12.96 89.75 0.71
CA ILE B 982 13.42 89.11 1.97
C ILE B 982 12.39 88.04 2.33
N GLN B 983 12.72 86.77 2.11
CA GLN B 983 11.96 85.61 2.61
C GLN B 983 12.30 85.40 4.07
N PRO B 984 11.33 85.42 5.01
CA PRO B 984 11.60 85.25 6.43
C PRO B 984 12.13 83.87 6.79
N ARG B 985 13.06 83.81 7.73
CA ARG B 985 13.52 82.54 8.36
C ARG B 985 12.87 82.45 9.74
N ALA B 986 12.81 81.24 10.27
CA ALA B 986 12.11 80.93 11.53
C ALA B 986 12.99 81.34 12.71
N ASN B 987 12.56 82.35 13.46
CA ASN B 987 13.24 82.78 14.69
C ASN B 987 12.43 82.27 15.89
N ILE B 988 12.49 80.97 16.16
CA ILE B 988 11.73 80.31 17.25
C ILE B 988 12.09 80.94 18.61
N GLN B 989 11.09 81.42 19.34
CA GLN B 989 11.26 82.13 20.64
C GLN B 989 10.83 81.21 21.80
N LEU B 990 11.40 81.43 22.98
CA LEU B 990 11.03 80.67 24.20
C LEU B 990 9.73 81.17 24.88
N ASP B 991 9.19 82.33 24.53
CA ASP B 991 7.90 82.85 25.05
C ASP B 991 7.99 82.91 26.58
N PHE B 992 9.02 83.57 27.09
CA PHE B 992 9.08 84.03 28.49
C PHE B 992 8.05 85.14 28.64
N PRO B 993 7.45 85.31 29.85
CA PRO B 993 6.37 86.27 30.05
C PRO B 993 6.87 87.71 30.03
N GLU B 994 6.12 88.60 29.37
CA GLU B 994 6.45 90.05 29.25
C GLU B 994 6.36 90.67 30.63
N LEU B 995 7.44 91.31 31.09
CA LEU B 995 7.51 92.05 32.38
C LEU B 995 7.30 93.53 32.09
N LYS B 996 6.23 94.07 32.66
CA LYS B 996 5.79 95.47 32.53
C LYS B 996 6.66 96.31 33.45
N PRO B 997 6.71 97.65 33.27
CA PRO B 997 7.39 98.53 34.22
C PRO B 997 6.67 98.55 35.58
N TYR B 998 7.41 98.69 36.68
CA TYR B 998 6.91 98.58 38.08
C TYR B 998 5.66 99.42 38.32
N LYS B 999 5.60 100.63 37.77
CA LYS B 999 4.49 101.60 38.01
C LYS B 999 3.18 101.01 37.50
N GLN B 1000 3.23 100.17 36.46
CA GLN B 1000 2.05 99.53 35.79
C GLN B 1000 1.63 98.25 36.53
N VAL B 1001 2.57 97.62 37.20
CA VAL B 1001 2.39 96.37 38.00
C VAL B 1001 1.67 96.68 39.31
N LYS B 1002 1.89 97.85 39.92
CA LYS B 1002 1.25 98.29 41.18
C LYS B 1002 -0.22 98.76 40.98
N GLN B 1003 -0.65 99.12 39.77
CA GLN B 1003 -2.09 99.33 39.47
C GLN B 1003 -2.89 98.04 39.77
N ILE B 1004 -2.41 96.90 39.27
CA ILE B 1004 -3.14 95.59 39.15
C ILE B 1004 -3.54 95.08 40.54
N ALA B 1005 -2.59 95.09 41.47
CA ALA B 1005 -2.75 94.59 42.86
C ALA B 1005 -3.06 95.79 43.77
N PRO B 1006 -3.69 95.55 44.95
CA PRO B 1006 -3.92 96.64 45.91
C PRO B 1006 -2.67 96.96 46.77
N ALA B 1007 -2.47 98.25 47.08
CA ALA B 1007 -1.24 98.85 47.69
C ALA B 1007 -0.87 98.18 49.01
N GLU B 1008 -1.88 97.63 49.71
CA GLU B 1008 -1.73 96.99 51.05
C GLU B 1008 -0.93 95.70 50.93
N LEU B 1009 -0.78 95.19 49.70
CA LEU B 1009 -0.17 93.86 49.44
C LEU B 1009 1.34 93.91 49.68
N GLU B 1010 2.00 95.06 49.52
CA GLU B 1010 3.47 95.20 49.72
C GLU B 1010 3.83 94.82 51.16
N GLY B 1011 4.74 93.87 51.34
CA GLY B 1011 5.23 93.46 52.67
C GLY B 1011 4.26 92.56 53.43
N LEU B 1012 3.09 92.27 52.86
CA LEU B 1012 2.00 91.49 53.50
C LEU B 1012 2.18 89.99 53.26
N LEU B 1013 2.60 89.55 52.07
CA LEU B 1013 2.79 88.09 51.77
C LEU B 1013 4.17 87.62 52.22
N ASP B 1014 4.24 86.42 52.79
CA ASP B 1014 5.51 85.67 52.96
C ASP B 1014 5.86 84.98 51.63
N LEU B 1015 6.73 85.59 50.86
CA LEU B 1015 7.17 85.03 49.57
C LEU B 1015 7.89 83.68 49.71
N GLU B 1016 8.32 83.25 50.90
CA GLU B 1016 8.97 81.91 51.08
C GLU B 1016 7.91 80.82 50.93
N ARG B 1017 6.66 81.20 50.83
CA ARG B 1017 5.52 80.28 51.04
C ARG B 1017 4.43 80.59 50.02
N VAL B 1018 4.79 81.29 48.96
CA VAL B 1018 4.04 81.45 47.68
C VAL B 1018 4.74 80.57 46.62
N ILE B 1019 4.02 79.60 46.09
CA ILE B 1019 4.51 78.66 45.07
C ILE B 1019 4.23 79.27 43.71
N VAL B 1020 5.14 79.09 42.78
CA VAL B 1020 5.23 79.87 41.51
C VAL B 1020 5.70 78.84 40.49
N VAL B 1021 5.14 78.86 39.30
CA VAL B 1021 5.60 77.95 38.22
C VAL B 1021 6.59 78.75 37.43
N THR B 1022 7.68 78.13 37.15
CA THR B 1022 8.92 78.76 36.71
C THR B 1022 9.32 78.21 35.34
N GLY B 1023 8.74 77.11 34.90
CA GLY B 1023 8.95 76.51 33.58
C GLY B 1023 8.08 75.29 33.38
N PHE B 1024 7.77 74.99 32.14
CA PHE B 1024 6.94 73.83 31.77
C PHE B 1024 7.26 73.36 30.37
N ALA B 1025 6.88 72.14 30.08
CA ALA B 1025 7.13 71.45 28.83
C ALA B 1025 6.21 70.25 28.70
N GLU B 1026 6.22 69.67 27.51
CA GLU B 1026 5.45 68.45 27.18
C GLU B 1026 5.92 67.84 25.87
N VAL B 1027 5.61 66.58 25.80
CA VAL B 1027 5.76 65.67 24.68
C VAL B 1027 4.40 65.06 24.59
N GLY B 1028 3.71 65.33 23.52
CA GLY B 1028 2.46 64.64 23.23
C GLY B 1028 2.20 64.66 21.75
N PRO B 1029 0.97 64.32 21.37
CA PRO B 1029 0.54 64.32 19.97
C PRO B 1029 0.86 65.51 19.08
N TRP B 1030 1.07 66.71 19.61
CA TRP B 1030 1.34 67.89 18.74
C TRP B 1030 2.74 68.43 19.00
N GLY B 1031 3.61 67.55 19.45
CA GLY B 1031 5.03 67.83 19.67
C GLY B 1031 5.22 68.39 21.04
N SER B 1032 5.57 69.67 21.11
CA SER B 1032 5.95 70.41 22.33
C SER B 1032 4.82 71.33 22.81
N ALA B 1033 4.93 71.92 24.00
CA ALA B 1033 3.98 72.95 24.49
C ALA B 1033 3.91 74.14 23.51
N ARG B 1034 4.97 74.40 22.75
CA ARG B 1034 4.98 75.52 21.78
C ARG B 1034 4.05 75.17 20.63
N THR B 1035 4.29 74.03 20.01
CA THR B 1035 3.50 73.59 18.84
C THR B 1035 2.10 73.18 19.24
N ARG B 1036 1.88 72.66 20.44
CA ARG B 1036 0.50 72.31 20.86
C ARG B 1036 -0.33 73.59 21.02
N TRP B 1037 0.27 74.66 21.53
CA TRP B 1037 -0.41 75.95 21.73
C TRP B 1037 -0.84 76.52 20.40
N GLU B 1038 0.03 76.43 19.38
CA GLU B 1038 -0.28 76.98 18.03
C GLU B 1038 -1.48 76.21 17.46
N MET B 1039 -1.46 74.90 17.54
CA MET B 1039 -2.57 74.07 17.04
C MET B 1039 -3.86 74.30 17.86
N GLU B 1040 -3.78 74.36 19.18
CA GLU B 1040 -4.91 74.51 20.12
C GLU B 1040 -5.61 75.86 19.88
N ALA B 1041 -4.85 76.93 19.73
CA ALA B 1041 -5.32 78.32 19.86
C ALA B 1041 -5.65 78.91 18.48
N PHE B 1042 -4.80 78.68 17.49
CA PHE B 1042 -4.90 79.24 16.12
C PHE B 1042 -5.35 78.20 15.09
N GLY B 1043 -5.34 76.92 15.44
CA GLY B 1043 -5.66 75.84 14.50
C GLY B 1043 -4.73 75.71 13.32
N GLU B 1044 -3.57 76.34 13.33
CA GLU B 1044 -2.64 76.37 12.17
C GLU B 1044 -1.26 76.74 12.64
N PHE B 1045 -0.23 76.14 12.07
CA PHE B 1045 1.17 76.46 12.41
C PHE B 1045 1.62 77.72 11.70
N SER B 1046 2.47 78.47 12.38
CA SER B 1046 3.29 79.61 11.91
C SER B 1046 4.56 79.07 11.26
N LEU B 1047 5.42 79.93 10.74
CA LEU B 1047 6.71 79.51 10.14
C LEU B 1047 7.54 78.80 11.22
N GLU B 1048 7.56 79.34 12.42
CA GLU B 1048 8.28 78.79 13.59
C GLU B 1048 7.65 77.49 14.04
N GLY B 1049 6.33 77.36 13.89
CA GLY B 1049 5.62 76.13 14.24
C GLY B 1049 6.01 74.99 13.34
N CYS B 1050 5.94 75.23 12.03
CA CYS B 1050 6.33 74.29 10.96
C CYS B 1050 7.78 73.83 11.08
N VAL B 1051 8.71 74.74 11.30
CA VAL B 1051 10.14 74.34 11.45
C VAL B 1051 10.29 73.51 12.73
N GLU B 1052 9.69 73.89 13.85
CA GLU B 1052 9.83 73.08 15.08
C GLU B 1052 9.23 71.70 14.78
N MET B 1053 8.09 71.60 14.10
CA MET B 1053 7.44 70.29 13.91
C MET B 1053 8.27 69.46 12.94
N ALA B 1054 8.90 70.09 11.96
CA ALA B 1054 9.69 69.39 10.93
C ALA B 1054 10.99 68.88 11.56
N TRP B 1055 11.55 69.62 12.49
CA TRP B 1055 12.75 69.20 13.24
C TRP B 1055 12.38 68.04 14.16
N ILE B 1056 11.23 68.10 14.82
CA ILE B 1056 10.78 67.09 15.81
C ILE B 1056 10.59 65.76 15.10
N MET B 1057 9.78 65.78 14.08
CA MET B 1057 9.35 64.62 13.27
C MET B 1057 10.52 64.11 12.42
N GLY B 1058 11.61 64.84 12.33
CA GLY B 1058 12.83 64.37 11.66
C GLY B 1058 12.82 64.55 10.16
N PHE B 1059 11.95 65.40 9.62
CA PHE B 1059 11.91 65.76 8.19
C PHE B 1059 13.16 66.57 7.81
N ILE B 1060 13.64 67.42 8.71
CA ILE B 1060 14.78 68.33 8.43
C ILE B 1060 15.80 68.23 9.55
N SER B 1061 17.04 68.44 9.19
CA SER B 1061 18.19 68.27 10.07
C SER B 1061 19.21 69.28 9.62
N TYR B 1062 19.73 70.07 10.53
CA TYR B 1062 20.72 71.11 10.21
C TYR B 1062 21.99 70.40 9.80
N HIS B 1063 22.72 71.07 8.96
CA HIS B 1063 23.99 70.63 8.34
C HIS B 1063 24.93 71.81 8.42
N ASN B 1064 26.18 71.61 8.78
CA ASN B 1064 27.23 72.66 8.75
C ASN B 1064 28.53 71.95 8.42
N GLY B 1065 28.82 71.81 7.13
CA GLY B 1065 29.92 70.98 6.63
C GLY B 1065 30.04 71.04 5.12
N ASN B 1066 30.53 69.95 4.52
CA ASN B 1066 30.59 69.78 3.05
C ASN B 1066 29.38 68.97 2.61
N LEU B 1067 28.71 69.46 1.58
CA LEU B 1067 27.40 68.97 1.08
C LEU B 1067 27.48 68.93 -0.44
N LYS B 1068 27.67 67.72 -0.98
CA LYS B 1068 27.97 67.43 -2.41
C LYS B 1068 29.02 68.43 -2.90
N GLY B 1069 30.18 68.43 -2.24
CA GLY B 1069 31.44 69.04 -2.71
C GLY B 1069 31.71 70.37 -2.08
N ARG B 1070 30.77 71.30 -2.23
CA ARG B 1070 30.84 72.68 -1.70
C ARG B 1070 30.60 72.64 -0.20
N PRO B 1071 31.08 73.64 0.58
CA PRO B 1071 30.64 73.79 1.97
C PRO B 1071 29.28 74.48 2.07
N TYR B 1072 28.46 74.01 3.04
CA TYR B 1072 27.04 74.40 3.25
C TYR B 1072 26.74 74.50 4.74
N THR B 1073 25.81 75.39 5.07
CA THR B 1073 25.33 75.68 6.45
C THR B 1073 23.85 76.02 6.33
N GLY B 1074 22.98 75.18 6.90
CA GLY B 1074 21.52 75.39 6.81
C GLY B 1074 20.77 74.11 7.09
N TRP B 1075 19.46 74.11 6.83
CA TRP B 1075 18.62 72.90 6.90
C TRP B 1075 18.78 72.09 5.61
N VAL B 1076 18.30 70.87 5.68
CA VAL B 1076 18.58 69.76 4.74
C VAL B 1076 17.48 68.71 4.96
N ASP B 1077 16.79 68.26 3.92
CA ASP B 1077 15.84 67.14 4.04
C ASP B 1077 16.62 65.95 4.62
N SER B 1078 16.17 65.36 5.73
CA SER B 1078 16.93 64.32 6.46
C SER B 1078 17.03 63.04 5.64
N LYS B 1079 16.12 62.85 4.68
CA LYS B 1079 16.07 61.65 3.81
C LYS B 1079 17.08 61.82 2.67
N THR B 1080 16.86 62.80 1.79
CA THR B 1080 17.62 63.04 0.53
C THR B 1080 18.93 63.82 0.73
N LYS B 1081 19.17 64.39 1.91
CA LYS B 1081 20.18 65.44 2.23
C LYS B 1081 20.13 66.65 1.28
N GLU B 1082 19.04 66.91 0.55
CA GLU B 1082 18.92 68.12 -0.32
C GLU B 1082 18.68 69.35 0.53
N PRO B 1083 19.35 70.49 0.28
CA PRO B 1083 19.00 71.77 0.91
C PRO B 1083 17.53 72.18 0.89
N VAL B 1084 17.08 72.76 2.01
CA VAL B 1084 15.71 73.29 2.23
C VAL B 1084 15.86 74.65 2.88
N ASP B 1085 15.03 75.60 2.48
CA ASP B 1085 14.93 76.92 3.14
C ASP B 1085 13.61 76.93 3.90
N ASP B 1086 13.57 77.67 4.99
CA ASP B 1086 12.40 77.73 5.91
C ASP B 1086 11.15 78.08 5.08
N LYS B 1087 11.26 79.00 4.13
CA LYS B 1087 10.14 79.42 3.24
C LYS B 1087 9.50 78.21 2.52
N ASP B 1088 10.28 77.17 2.21
CA ASP B 1088 9.83 75.98 1.45
C ASP B 1088 9.23 74.90 2.37
N VAL B 1089 9.40 75.00 3.69
CA VAL B 1089 9.07 73.94 4.69
C VAL B 1089 7.55 73.73 4.73
N LYS B 1090 6.76 74.79 4.81
CA LYS B 1090 5.28 74.71 4.81
C LYS B 1090 4.84 73.89 3.58
N ALA B 1091 5.34 74.24 2.41
CA ALA B 1091 4.97 73.63 1.11
C ALA B 1091 5.50 72.20 1.04
N LYS B 1092 6.72 71.94 1.51
CA LYS B 1092 7.30 70.58 1.43
C LYS B 1092 6.66 69.66 2.48
N TYR B 1093 6.51 70.12 3.71
CA TYR B 1093 6.23 69.21 4.85
C TYR B 1093 4.92 69.51 5.59
N GLU B 1094 4.28 70.68 5.50
CA GLU B 1094 3.06 70.93 6.32
C GLU B 1094 2.02 69.81 6.14
N THR B 1095 1.80 69.33 4.94
CA THR B 1095 0.79 68.27 4.70
C THR B 1095 1.25 66.99 5.42
N SER B 1096 2.51 66.61 5.28
CA SER B 1096 3.06 65.38 5.90
C SER B 1096 2.94 65.47 7.42
N ILE B 1097 3.34 66.61 7.97
CA ILE B 1097 3.25 66.99 9.41
C ILE B 1097 1.85 66.72 9.94
N LEU B 1098 0.82 67.23 9.29
CA LEU B 1098 -0.58 67.11 9.79
C LEU B 1098 -1.14 65.70 9.62
N GLU B 1099 -0.77 64.91 8.62
CA GLU B 1099 -1.18 63.48 8.50
C GLU B 1099 -0.65 62.65 9.68
N HIS B 1100 0.56 62.94 10.17
CA HIS B 1100 1.30 62.08 11.11
C HIS B 1100 1.45 62.73 12.47
N SER B 1101 0.57 63.66 12.79
CA SER B 1101 0.47 64.29 14.13
C SER B 1101 -0.92 64.09 14.68
N GLY B 1102 -1.11 64.31 15.96
CA GLY B 1102 -2.46 64.45 16.52
C GLY B 1102 -3.14 63.14 16.61
N ILE B 1103 -4.45 63.15 16.78
CA ILE B 1103 -5.29 61.93 16.87
C ILE B 1103 -5.44 61.40 15.44
N ARG B 1104 -5.19 60.12 15.24
CA ARG B 1104 -5.13 59.53 13.88
C ARG B 1104 -5.14 58.00 14.01
N LEU B 1105 -5.19 57.27 12.91
CA LEU B 1105 -5.20 55.79 13.02
C LEU B 1105 -3.88 55.36 13.63
N ILE B 1106 -3.95 54.39 14.52
CA ILE B 1106 -2.78 53.76 15.19
C ILE B 1106 -1.80 53.34 14.12
N GLU B 1107 -0.53 53.65 14.34
CA GLU B 1107 0.57 53.43 13.39
C GLU B 1107 1.38 52.28 13.97
N PRO B 1108 1.35 51.06 13.39
CA PRO B 1108 1.97 49.89 14.02
C PRO B 1108 3.49 49.92 14.26
N GLU B 1109 4.22 50.70 13.47
CA GLU B 1109 5.69 50.92 13.60
C GLU B 1109 5.98 51.61 14.93
N LEU B 1110 5.03 52.40 15.43
CA LEU B 1110 5.15 53.14 16.72
C LEU B 1110 4.90 52.22 17.92
N PHE B 1111 4.05 51.20 17.78
CA PHE B 1111 3.56 50.37 18.90
C PHE B 1111 4.06 48.94 18.74
N ASN B 1112 5.29 48.75 18.23
CA ASN B 1112 5.97 47.43 18.34
C ASN B 1112 5.19 46.45 17.43
N GLY B 1113 4.61 46.99 16.35
CA GLY B 1113 3.86 46.21 15.36
C GLY B 1113 2.42 45.91 15.73
N TYR B 1114 1.93 46.42 16.86
CA TYR B 1114 0.50 46.33 17.23
C TYR B 1114 -0.37 46.79 16.05
N ASN B 1115 -1.23 45.90 15.57
CA ASN B 1115 -2.20 46.21 14.49
C ASN B 1115 -3.58 45.90 15.02
N PRO B 1116 -4.38 46.89 15.49
CA PRO B 1116 -5.62 46.59 16.19
C PRO B 1116 -6.63 45.82 15.33
N GLU B 1117 -6.49 45.93 14.00
CA GLU B 1117 -7.21 45.11 13.00
C GLU B 1117 -6.79 43.64 13.08
N LYS B 1118 -5.75 43.25 13.84
CA LYS B 1118 -5.11 41.90 13.84
C LYS B 1118 -4.36 41.61 15.16
N LYS B 1119 -5.07 41.22 16.20
CA LYS B 1119 -4.49 40.95 17.53
C LYS B 1119 -4.10 39.48 17.73
N GLU B 1120 -2.80 39.12 17.84
CA GLU B 1120 -2.33 37.73 18.14
C GLU B 1120 -2.93 37.39 19.53
N MET B 1121 -3.93 36.51 19.58
CA MET B 1121 -4.28 35.64 20.74
C MET B 1121 -3.79 34.21 20.47
N ILE B 1122 -3.95 33.29 21.42
CA ILE B 1122 -3.60 31.87 21.24
C ILE B 1122 -4.67 31.01 21.89
N GLN B 1123 -5.08 29.93 21.22
CA GLN B 1123 -6.07 28.94 21.73
C GLN B 1123 -5.34 27.66 22.08
N GLU B 1124 -5.76 27.00 23.16
CA GLU B 1124 -5.20 25.72 23.68
C GLU B 1124 -5.95 24.57 23.03
N VAL B 1125 -5.31 23.85 22.10
CA VAL B 1125 -5.86 22.62 21.44
C VAL B 1125 -5.21 21.39 22.06
N ILE B 1126 -5.93 20.26 22.12
CA ILE B 1126 -5.32 18.91 22.31
C ILE B 1126 -4.99 18.32 20.92
N VAL B 1127 -3.78 17.79 20.79
CA VAL B 1127 -3.28 17.08 19.57
C VAL B 1127 -4.04 15.75 19.51
N GLU B 1128 -4.86 15.56 18.48
CA GLU B 1128 -5.56 14.27 18.20
C GLU B 1128 -4.51 13.26 17.73
N GLU B 1129 -3.67 13.65 16.75
CA GLU B 1129 -2.68 12.75 16.12
C GLU B 1129 -1.27 13.33 16.21
N ASP B 1130 -0.35 12.55 16.81
CA ASP B 1130 1.13 12.75 16.90
C ASP B 1130 1.65 13.62 15.74
N LEU B 1131 2.71 14.37 16.01
CA LEU B 1131 3.28 15.41 15.11
C LEU B 1131 4.53 14.83 14.44
N GLU B 1132 5.08 15.56 13.47
CA GLU B 1132 6.40 15.23 12.90
C GLU B 1132 7.48 15.69 13.87
N PRO B 1133 8.46 14.82 14.20
CA PRO B 1133 9.66 15.25 14.90
C PRO B 1133 10.24 16.59 14.41
N PHE B 1134 10.67 17.42 15.36
CA PHE B 1134 11.52 18.61 15.11
C PHE B 1134 12.77 18.51 16.00
N GLU B 1135 13.87 19.09 15.56
CA GLU B 1135 15.13 19.08 16.36
C GLU B 1135 15.04 20.17 17.43
N ALA B 1136 15.86 20.01 18.45
CA ALA B 1136 16.00 20.94 19.59
C ALA B 1136 17.29 20.58 20.33
N SER B 1137 17.96 21.54 20.96
CA SER B 1137 19.15 21.29 21.81
C SER B 1137 18.75 20.33 22.93
N LYS B 1138 19.74 19.81 23.63
CA LYS B 1138 19.53 18.82 24.72
C LYS B 1138 18.66 19.47 25.79
N GLU B 1139 18.96 20.72 26.15
CA GLU B 1139 18.34 21.43 27.29
C GLU B 1139 16.89 21.81 26.95
N THR B 1140 16.62 22.24 25.72
CA THR B 1140 15.26 22.57 25.25
C THR B 1140 14.37 21.33 25.16
N ALA B 1141 14.95 20.20 24.76
CA ALA B 1141 14.22 18.94 24.64
C ALA B 1141 13.80 18.48 26.05
N GLU B 1142 14.70 18.62 27.03
CA GLU B 1142 14.39 18.24 28.43
C GLU B 1142 13.30 19.15 29.01
N GLN B 1143 13.22 20.38 28.53
CA GLN B 1143 12.14 21.34 28.89
C GLN B 1143 10.82 20.85 28.32
N PHE B 1144 10.78 20.33 27.09
CA PHE B 1144 9.53 19.76 26.51
C PHE B 1144 9.09 18.53 27.29
N LYS B 1145 10.07 17.74 27.75
CA LYS B 1145 9.82 16.47 28.48
C LYS B 1145 9.21 16.80 29.82
N HIS B 1146 9.82 17.75 30.54
CA HIS B 1146 9.42 18.21 31.90
C HIS B 1146 7.97 18.69 31.91
N GLN B 1147 7.56 19.42 30.88
CA GLN B 1147 6.19 19.90 30.66
C GLN B 1147 5.23 18.76 30.32
N HIS B 1148 5.51 18.00 29.24
CA HIS B 1148 4.55 17.09 28.58
C HIS B 1148 4.57 15.69 29.21
N GLY B 1149 5.71 15.22 29.70
CA GLY B 1149 5.88 13.89 30.31
C GLY B 1149 5.69 12.75 29.32
N ASP B 1150 4.66 11.93 29.55
CA ASP B 1150 4.31 10.75 28.71
C ASP B 1150 3.98 11.18 27.29
N LYS B 1151 3.45 12.40 27.12
CA LYS B 1151 2.88 12.90 25.84
C LYS B 1151 3.97 13.45 24.91
N VAL B 1152 5.25 13.24 25.19
CA VAL B 1152 6.34 13.68 24.28
C VAL B 1152 7.40 12.59 24.31
N ASP B 1153 8.10 12.35 23.20
CA ASP B 1153 9.24 11.43 23.12
C ASP B 1153 10.45 12.22 22.66
N ILE B 1154 11.49 12.23 23.47
CA ILE B 1154 12.76 12.93 23.11
C ILE B 1154 13.82 11.86 23.06
N PHE B 1155 14.65 11.93 22.02
CA PHE B 1155 15.70 10.95 21.64
C PHE B 1155 16.90 11.70 21.11
N GLU B 1156 18.10 11.34 21.54
CA GLU B 1156 19.37 11.87 20.98
C GLU B 1156 19.47 11.43 19.51
N ILE B 1157 19.95 12.34 18.66
CA ILE B 1157 20.33 12.07 17.23
C ILE B 1157 21.84 11.89 17.24
N PRO B 1158 22.35 10.63 17.30
CA PRO B 1158 23.67 10.34 17.88
C PRO B 1158 24.88 11.06 17.22
N GLU B 1159 24.75 11.44 15.95
CA GLU B 1159 25.77 12.16 15.12
C GLU B 1159 25.97 13.58 15.67
N THR B 1160 24.89 14.38 15.70
CA THR B 1160 24.87 15.85 15.98
C THR B 1160 25.04 16.10 17.49
N GLY B 1161 24.23 15.45 18.33
CA GLY B 1161 24.06 15.75 19.77
C GLY B 1161 22.72 16.42 20.06
N GLU B 1162 22.04 16.92 19.01
CA GLU B 1162 20.66 17.48 19.04
C GLU B 1162 19.67 16.37 19.42
N TYR B 1163 18.40 16.72 19.62
CA TYR B 1163 17.34 15.78 20.06
C TYR B 1163 16.12 15.91 19.15
N SER B 1164 15.47 14.78 18.86
CA SER B 1164 14.14 14.74 18.23
C SER B 1164 13.11 15.03 19.32
N VAL B 1165 12.01 15.69 18.98
CA VAL B 1165 10.87 15.92 19.90
C VAL B 1165 9.60 15.48 19.18
N LYS B 1166 9.14 14.26 19.46
CA LYS B 1166 7.82 13.80 18.97
C LYS B 1166 6.82 14.26 20.02
N LEU B 1167 5.89 15.10 19.61
CA LEU B 1167 4.74 15.44 20.45
C LEU B 1167 3.65 14.45 20.10
N LEU B 1168 3.19 13.68 21.10
CA LEU B 1168 2.30 12.52 20.92
C LEU B 1168 0.85 12.94 21.10
N LYS B 1169 -0.05 11.97 20.95
CA LYS B 1169 -1.51 12.10 21.07
C LYS B 1169 -1.82 12.48 22.51
N GLY B 1170 -2.65 13.51 22.71
CA GLY B 1170 -3.10 13.96 24.05
C GLY B 1170 -2.30 15.15 24.56
N ALA B 1171 -1.21 15.51 23.86
CA ALA B 1171 -0.35 16.68 24.15
C ALA B 1171 -1.13 17.97 23.92
N THR B 1172 -0.86 19.04 24.70
CA THR B 1172 -1.43 20.39 24.47
C THR B 1172 -0.46 21.22 23.64
N LEU B 1173 -1.05 21.95 22.71
CA LEU B 1173 -0.41 22.96 21.85
C LEU B 1173 -1.19 24.25 22.06
N TYR B 1174 -0.57 25.35 21.69
CA TYR B 1174 -1.21 26.66 21.58
C TYR B 1174 -1.11 27.01 20.11
N ILE B 1175 -2.26 27.28 19.50
CA ILE B 1175 -2.36 27.79 18.12
C ILE B 1175 -2.78 29.25 18.18
N PRO B 1176 -2.01 30.15 17.55
CA PRO B 1176 -2.42 31.52 17.34
C PRO B 1176 -3.72 31.75 16.59
N LYS B 1177 -4.34 32.90 16.85
CA LYS B 1177 -5.52 33.38 16.11
C LYS B 1177 -5.57 34.91 16.20
N ALA B 1178 -6.59 35.55 15.65
CA ALA B 1178 -6.58 37.02 15.47
C ALA B 1178 -7.99 37.58 15.58
N LEU B 1179 -8.25 38.27 16.70
CA LEU B 1179 -9.37 39.23 16.92
C LEU B 1179 -9.18 40.41 15.97
N ARG B 1180 -10.28 40.99 15.54
CA ARG B 1180 -10.34 42.33 14.93
C ARG B 1180 -10.87 43.23 16.05
N PHE B 1181 -10.08 44.21 16.46
CA PHE B 1181 -10.41 45.12 17.57
C PHE B 1181 -10.94 46.42 16.99
N ASP B 1182 -11.85 47.04 17.71
CA ASP B 1182 -12.72 48.14 17.22
C ASP B 1182 -12.22 49.49 17.76
N ARG B 1183 -11.06 49.56 18.43
CA ARG B 1183 -10.43 50.86 18.83
C ARG B 1183 -9.15 51.08 18.00
N LEU B 1184 -9.33 51.75 16.85
CA LEU B 1184 -8.39 51.89 15.70
C LEU B 1184 -7.60 53.20 15.76
N VAL B 1185 -7.92 54.12 16.65
CA VAL B 1185 -7.46 55.54 16.65
C VAL B 1185 -6.88 55.88 18.00
N ALA B 1186 -5.89 56.76 18.04
CA ALA B 1186 -5.26 57.24 19.30
C ALA B 1186 -4.43 58.49 19.07
N GLY B 1187 -4.19 59.24 20.12
CA GLY B 1187 -3.40 60.49 20.12
C GLY B 1187 -1.97 60.10 20.31
N GLN B 1188 -1.22 59.99 19.23
CA GLN B 1188 0.11 59.34 19.26
C GLN B 1188 1.11 60.44 19.07
N ILE B 1189 2.29 60.27 19.64
CA ILE B 1189 3.37 61.27 19.48
C ILE B 1189 3.64 61.36 17.98
N PRO B 1190 3.99 62.54 17.43
CA PRO B 1190 4.06 62.73 15.98
C PRO B 1190 5.06 61.77 15.37
N THR B 1191 4.69 61.06 14.31
CA THR B 1191 5.56 60.01 13.72
C THR B 1191 6.91 60.63 13.36
N GLY B 1192 7.98 60.06 13.82
CA GLY B 1192 9.30 60.61 13.56
C GLY B 1192 10.01 60.91 14.83
N TRP B 1193 9.26 61.36 15.84
CA TRP B 1193 9.75 61.72 17.18
C TRP B 1193 10.74 60.67 17.59
N ASN B 1194 11.91 61.09 18.01
CA ASN B 1194 13.03 60.22 18.40
C ASN B 1194 13.77 60.93 19.53
N ALA B 1195 14.09 60.22 20.59
CA ALA B 1195 14.88 60.76 21.70
C ALA B 1195 16.26 61.17 21.20
N LYS B 1196 16.79 60.58 20.13
CA LYS B 1196 18.09 60.99 19.54
C LYS B 1196 18.09 62.48 19.19
N THR B 1197 16.99 63.04 18.66
CA THR B 1197 17.05 64.41 18.10
C THR B 1197 17.26 65.36 19.26
N TYR B 1198 16.85 65.02 20.46
CA TYR B 1198 17.01 65.90 21.65
C TYR B 1198 18.42 65.75 22.21
N GLY B 1199 19.06 64.60 22.04
CA GLY B 1199 20.46 64.38 22.45
C GLY B 1199 20.63 63.20 23.38
N ILE B 1200 19.59 62.45 23.62
CA ILE B 1200 19.63 61.20 24.41
C ILE B 1200 20.35 60.15 23.56
N SER B 1201 21.19 59.35 24.22
CA SER B 1201 22.10 58.34 23.61
C SER B 1201 21.41 56.97 23.44
N ASP B 1202 21.98 56.13 22.57
CA ASP B 1202 21.47 54.78 22.24
C ASP B 1202 21.61 53.84 23.45
N ASP B 1203 22.64 54.03 24.30
CA ASP B 1203 22.84 53.24 25.54
C ASP B 1203 21.63 53.46 26.47
N ILE B 1204 21.23 54.72 26.67
CA ILE B 1204 20.08 55.08 27.53
C ILE B 1204 18.80 54.62 26.86
N ILE B 1205 18.69 54.74 25.55
CA ILE B 1205 17.43 54.40 24.82
C ILE B 1205 17.16 52.89 24.87
N SER B 1206 18.20 52.07 24.78
CA SER B 1206 18.10 50.59 24.87
C SER B 1206 17.72 50.16 26.31
N GLN B 1207 18.22 50.86 27.32
CA GLN B 1207 18.09 50.43 28.74
C GLN B 1207 16.68 50.68 29.24
N VAL B 1208 16.01 51.69 28.70
CA VAL B 1208 14.92 52.42 29.40
C VAL B 1208 13.61 52.19 28.66
N ASP B 1209 12.49 52.17 29.40
CA ASP B 1209 11.12 52.10 28.82
C ASP B 1209 10.85 53.40 28.04
N PRO B 1210 10.19 53.36 26.88
CA PRO B 1210 9.87 54.58 26.14
C PRO B 1210 9.16 55.73 26.88
N ILE B 1211 8.30 55.45 27.84
CA ILE B 1211 7.69 56.54 28.65
C ILE B 1211 8.81 57.37 29.33
N THR B 1212 9.90 56.75 29.76
CA THR B 1212 11.04 57.44 30.39
C THR B 1212 11.72 58.35 29.38
N LEU B 1213 11.61 58.16 28.08
CA LEU B 1213 12.23 59.10 27.10
C LEU B 1213 11.38 60.35 26.97
N PHE B 1214 10.07 60.18 26.93
CA PHE B 1214 9.15 61.32 26.99
C PHE B 1214 9.47 62.12 28.23
N VAL B 1215 9.75 61.47 29.36
CA VAL B 1215 9.96 62.24 30.63
C VAL B 1215 11.26 63.03 30.56
N LEU B 1216 12.37 62.43 30.21
CA LEU B 1216 13.69 63.11 30.14
C LEU B 1216 13.58 64.33 29.25
N VAL B 1217 12.93 64.21 28.12
CA VAL B 1217 12.82 65.36 27.19
C VAL B 1217 11.96 66.45 27.78
N SER B 1218 10.85 66.12 28.41
CA SER B 1218 9.99 67.05 29.17
C SER B 1218 10.74 67.73 30.33
N VAL B 1219 11.63 67.07 31.03
CA VAL B 1219 12.33 67.72 32.17
C VAL B 1219 13.39 68.71 31.63
N VAL B 1220 14.04 68.42 30.53
CA VAL B 1220 15.02 69.35 29.91
C VAL B 1220 14.27 70.55 29.37
N GLU B 1221 13.38 70.31 28.44
CA GLU B 1221 12.56 71.39 27.84
C GLU B 1221 11.96 72.29 28.91
N ALA B 1222 11.63 71.78 30.09
CA ALA B 1222 11.00 72.51 31.21
C ALA B 1222 12.04 73.40 31.89
N PHE B 1223 13.20 72.86 32.20
CA PHE B 1223 14.38 73.65 32.68
C PHE B 1223 14.75 74.75 31.67
N ILE B 1224 14.71 74.57 30.36
CA ILE B 1224 14.93 75.67 29.37
C ILE B 1224 13.81 76.74 29.43
N ALA B 1225 12.54 76.39 29.48
CA ALA B 1225 11.43 77.33 29.77
C ALA B 1225 11.66 78.10 31.08
N SER B 1226 12.54 77.61 31.95
CA SER B 1226 12.86 78.24 33.24
C SER B 1226 14.22 78.93 33.17
N GLY B 1227 14.84 79.01 32.00
CA GLY B 1227 16.17 79.59 31.78
C GLY B 1227 17.27 78.88 32.53
N ILE B 1228 17.04 77.68 32.98
CA ILE B 1228 18.03 76.86 33.71
C ILE B 1228 18.49 75.85 32.67
N THR B 1229 19.57 76.17 31.99
CA THR B 1229 20.17 75.39 30.89
C THR B 1229 21.05 74.29 31.53
N ASP B 1230 21.66 74.57 32.68
CA ASP B 1230 22.48 73.61 33.47
C ASP B 1230 21.84 73.38 34.83
N PRO B 1231 21.13 72.25 35.05
CA PRO B 1231 20.36 72.05 36.27
C PRO B 1231 21.15 72.32 37.56
N TYR B 1232 22.44 72.01 37.55
CA TYR B 1232 23.38 72.21 38.67
C TYR B 1232 23.46 73.68 39.09
N GLU B 1233 23.03 74.62 38.27
CA GLU B 1233 22.96 76.05 38.68
C GLU B 1233 22.03 76.21 39.86
N MET B 1234 21.09 75.29 40.09
CA MET B 1234 20.13 75.38 41.22
C MET B 1234 20.93 75.38 42.51
N TYR B 1235 22.01 74.62 42.55
CA TYR B 1235 22.82 74.36 43.76
C TYR B 1235 23.79 75.51 44.06
N LYS B 1236 23.71 76.64 43.36
CA LYS B 1236 24.25 77.94 43.81
C LYS B 1236 23.33 78.58 44.87
N TYR B 1237 22.03 78.27 44.86
CA TYR B 1237 20.99 78.98 45.65
C TYR B 1237 20.35 78.11 46.73
N VAL B 1238 20.52 76.81 46.68
CA VAL B 1238 19.68 75.82 47.41
C VAL B 1238 20.56 74.60 47.73
N HIS B 1239 20.33 73.90 48.83
CA HIS B 1239 21.11 72.68 49.17
C HIS B 1239 20.68 71.55 48.21
N VAL B 1240 21.58 70.61 47.99
CA VAL B 1240 21.32 69.35 47.25
C VAL B 1240 20.08 68.64 47.85
N SER B 1241 19.74 68.84 49.11
CA SER B 1241 18.56 68.21 49.76
C SER B 1241 17.28 69.01 49.52
N GLU B 1242 17.26 70.05 48.69
CA GLU B 1242 16.11 70.99 48.60
C GLU B 1242 15.48 70.95 47.20
N VAL B 1243 15.94 70.06 46.32
CA VAL B 1243 15.28 69.80 45.01
C VAL B 1243 14.52 68.47 45.03
N GLY B 1244 13.24 68.51 44.68
CA GLY B 1244 12.34 67.37 44.77
C GLY B 1244 11.86 66.92 43.41
N ASN B 1245 11.36 65.70 43.35
CA ASN B 1245 10.62 65.16 42.19
C ASN B 1245 9.34 64.60 42.77
N CYS B 1246 8.21 65.19 42.45
CA CYS B 1246 6.89 64.77 42.94
C CYS B 1246 6.02 64.45 41.74
N SER B 1247 6.61 64.07 40.60
CA SER B 1247 5.88 63.67 39.36
C SER B 1247 5.49 62.21 39.46
N GLY B 1248 4.54 61.76 38.65
CA GLY B 1248 4.17 60.34 38.65
C GLY B 1248 3.39 59.90 37.41
N SER B 1249 2.91 58.65 37.43
CA SER B 1249 2.19 57.97 36.35
C SER B 1249 0.99 57.25 36.93
N GLY B 1250 -0.05 57.06 36.14
CA GLY B 1250 -1.15 56.13 36.45
C GLY B 1250 -0.76 54.66 36.40
N MET B 1251 0.08 54.25 35.44
CA MET B 1251 0.38 52.81 35.15
C MET B 1251 1.87 52.55 34.99
N GLY B 1252 2.65 53.52 34.50
CA GLY B 1252 4.13 53.45 34.51
C GLY B 1252 4.67 52.78 33.26
N GLY B 1253 5.79 52.08 33.42
CA GLY B 1253 6.53 51.42 32.33
C GLY B 1253 5.76 50.22 31.82
N VAL B 1254 4.88 50.45 30.85
CA VAL B 1254 3.79 49.50 30.50
C VAL B 1254 4.21 48.59 29.33
N SER B 1255 5.31 48.94 28.66
CA SER B 1255 6.10 48.13 27.71
C SER B 1255 7.01 47.18 28.49
N ALA B 1256 7.50 47.58 29.68
CA ALA B 1256 8.33 46.70 30.53
C ALA B 1256 7.46 45.60 31.14
N LEU B 1257 6.20 45.88 31.44
CA LEU B 1257 5.24 44.92 31.99
C LEU B 1257 4.92 43.87 30.94
N ARG B 1258 4.66 44.31 29.71
CA ARG B 1258 4.49 43.38 28.56
C ARG B 1258 5.71 42.47 28.48
N GLY B 1259 6.90 42.98 28.77
CA GLY B 1259 8.15 42.22 28.75
C GLY B 1259 8.16 41.09 29.75
N MET B 1260 7.66 41.30 30.95
CA MET B 1260 7.79 40.32 32.06
C MET B 1260 6.55 39.42 32.13
N PHE B 1261 5.42 39.80 31.54
CA PHE B 1261 4.15 39.03 31.60
C PHE B 1261 3.83 38.32 30.28
N LYS B 1262 4.48 38.67 29.18
CA LYS B 1262 4.18 38.11 27.85
C LYS B 1262 5.45 37.68 27.14
N ASP B 1263 6.45 38.55 27.03
CA ASP B 1263 7.63 38.31 26.17
C ASP B 1263 8.48 37.19 26.80
N ARG B 1264 8.59 37.12 28.11
CA ARG B 1264 9.27 36.00 28.80
C ARG B 1264 8.55 34.68 28.56
N PHE B 1265 7.24 34.66 28.75
CA PHE B 1265 6.35 33.50 28.49
C PHE B 1265 6.65 32.92 27.10
N LYS B 1266 6.81 33.78 26.10
CA LYS B 1266 7.11 33.38 24.70
C LYS B 1266 8.60 33.19 24.50
N ASP B 1267 9.37 33.00 25.56
CA ASP B 1267 10.85 32.89 25.52
C ASP B 1267 11.46 33.79 24.42
N GLU B 1268 10.93 35.00 24.25
CA GLU B 1268 11.60 36.09 23.48
C GLU B 1268 12.74 36.63 24.34
N PRO B 1269 13.76 37.30 23.77
CA PRO B 1269 14.79 37.97 24.57
C PRO B 1269 14.26 39.28 25.19
N VAL B 1270 14.47 39.41 26.50
CA VAL B 1270 14.05 40.53 27.37
C VAL B 1270 15.22 40.82 28.31
N GLN B 1271 15.67 42.08 28.40
CA GLN B 1271 16.73 42.57 29.35
C GLN B 1271 16.45 42.02 30.77
N ASN B 1272 17.47 41.56 31.48
CA ASN B 1272 17.34 40.96 32.84
C ASN B 1272 16.71 41.94 33.84
N ASP B 1273 17.04 43.22 33.73
CA ASP B 1273 16.55 44.31 34.63
C ASP B 1273 15.23 44.91 34.12
N ILE B 1274 14.42 44.18 33.36
CA ILE B 1274 13.16 44.73 32.79
C ILE B 1274 12.26 45.19 33.95
N LEU B 1275 12.24 44.52 35.09
CA LEU B 1275 11.28 44.84 36.17
C LEU B 1275 11.52 46.26 36.69
N GLN B 1276 12.79 46.66 36.88
CA GLN B 1276 13.14 48.01 37.38
C GLN B 1276 12.42 49.02 36.48
N GLU B 1277 12.45 48.85 35.18
CA GLU B 1277 11.89 49.80 34.19
C GLU B 1277 10.36 49.95 34.26
N SER B 1278 9.64 49.05 34.90
CA SER B 1278 8.16 49.01 34.91
C SER B 1278 7.63 49.89 36.05
N PHE B 1279 8.39 50.00 37.14
CA PHE B 1279 8.00 50.74 38.35
C PHE B 1279 7.67 52.18 37.99
N ILE B 1280 6.64 52.73 38.62
CA ILE B 1280 6.16 54.09 38.31
C ILE B 1280 7.19 55.10 38.82
N ASN B 1281 8.03 54.71 39.79
CA ASN B 1281 9.03 55.63 40.39
C ASN B 1281 10.35 55.63 39.64
N THR B 1282 10.54 54.85 38.57
CA THR B 1282 11.87 54.75 37.90
C THR B 1282 12.08 55.94 36.99
N MET B 1283 11.04 56.34 36.28
CA MET B 1283 11.14 57.55 35.46
C MET B 1283 11.85 58.63 36.28
N SER B 1284 11.40 58.92 37.49
CA SER B 1284 11.98 59.94 38.41
C SER B 1284 13.43 59.57 38.74
N ALA B 1285 13.69 58.34 39.08
CA ALA B 1285 15.05 57.84 39.31
C ALA B 1285 15.99 58.18 38.13
N TRP B 1286 15.63 57.88 36.88
CA TRP B 1286 16.40 58.28 35.67
C TRP B 1286 16.60 59.80 35.59
N VAL B 1287 15.59 60.60 35.91
CA VAL B 1287 15.72 62.08 35.84
C VAL B 1287 16.77 62.53 36.86
N ASN B 1288 16.78 61.96 38.05
CA ASN B 1288 17.78 62.25 39.10
C ASN B 1288 19.13 61.74 38.66
N MET B 1289 19.16 60.55 38.07
CA MET B 1289 20.40 59.82 37.77
C MET B 1289 21.10 60.42 36.56
N LEU B 1290 20.40 61.18 35.73
CA LEU B 1290 20.94 61.70 34.46
C LEU B 1290 20.97 63.23 34.41
N LEU B 1291 20.17 63.96 35.18
CA LEU B 1291 20.17 65.45 35.11
C LEU B 1291 20.43 66.11 36.47
N ILE B 1292 19.67 65.80 37.50
CA ILE B 1292 19.50 66.70 38.66
C ILE B 1292 20.55 66.38 39.72
N SER B 1293 20.71 65.11 40.06
CA SER B 1293 21.59 64.64 41.15
C SER B 1293 21.22 65.30 42.46
N SER B 1294 19.94 65.48 42.75
CA SER B 1294 19.49 65.97 44.07
C SER B 1294 19.51 64.81 45.05
N SER B 1295 19.50 65.12 46.35
CA SER B 1295 19.17 64.20 47.46
C SER B 1295 17.89 64.70 48.14
N GLY B 1296 17.08 65.40 47.37
CA GLY B 1296 15.83 65.97 47.88
C GLY B 1296 14.69 64.97 47.80
N PRO B 1297 13.51 65.38 48.28
CA PRO B 1297 12.40 64.47 48.39
C PRO B 1297 12.08 63.80 47.05
N ILE B 1298 11.34 62.70 47.12
CA ILE B 1298 10.82 61.98 45.94
C ILE B 1298 9.52 61.30 46.39
N LYS B 1299 8.41 61.90 46.01
CA LYS B 1299 7.10 61.42 46.42
C LYS B 1299 6.39 61.20 45.10
N THR B 1300 6.44 59.97 44.60
CA THR B 1300 5.84 59.58 43.33
C THR B 1300 4.37 59.26 43.54
N PRO B 1301 3.39 60.07 43.08
CA PRO B 1301 2.00 59.62 43.09
C PRO B 1301 1.46 58.75 41.94
N VAL B 1302 0.47 57.95 42.25
CA VAL B 1302 -0.40 57.24 41.29
C VAL B 1302 -1.80 57.75 41.49
N GLY B 1303 -2.38 58.35 40.48
CA GLY B 1303 -3.73 58.91 40.62
C GLY B 1303 -4.55 58.68 39.40
N ALA B 1304 -4.28 57.60 38.67
CA ALA B 1304 -4.95 57.30 37.40
C ALA B 1304 -4.93 58.57 36.55
N CYS B 1305 -6.08 59.20 36.29
CA CYS B 1305 -6.17 60.34 35.34
C CYS B 1305 -5.97 61.66 36.05
N ALA B 1306 -5.83 61.64 37.39
CA ALA B 1306 -5.58 62.84 38.23
C ALA B 1306 -4.20 62.80 38.86
N THR B 1307 -3.22 62.14 38.26
CA THR B 1307 -1.91 62.03 38.93
C THR B 1307 -1.20 63.38 38.87
N SER B 1308 -1.46 64.14 37.81
CA SER B 1308 -0.79 65.42 37.56
C SER B 1308 -1.22 66.47 38.59
N VAL B 1309 -2.49 66.56 38.95
CA VAL B 1309 -2.95 67.49 40.03
C VAL B 1309 -2.47 66.97 41.42
N GLU B 1310 -2.67 65.73 41.73
CA GLU B 1310 -2.08 65.09 42.92
C GLU B 1310 -0.59 65.42 42.99
N SER B 1311 0.10 65.44 41.87
CA SER B 1311 1.56 65.71 41.82
C SER B 1311 1.79 67.15 42.26
N VAL B 1312 1.04 68.08 41.71
CA VAL B 1312 1.10 69.53 42.07
C VAL B 1312 0.86 69.67 43.58
N ASP B 1313 -0.27 69.17 44.08
CA ASP B 1313 -0.64 69.14 45.52
C ASP B 1313 0.56 68.64 46.33
N ILE B 1314 1.07 67.47 46.05
CA ILE B 1314 2.23 66.93 46.82
C ILE B 1314 3.40 67.89 46.70
N GLY B 1315 3.65 68.42 45.51
CA GLY B 1315 4.76 69.32 45.23
C GLY B 1315 4.70 70.59 46.05
N VAL B 1316 3.53 71.22 46.13
CA VAL B 1316 3.27 72.42 46.97
C VAL B 1316 3.49 72.06 48.45
N GLU B 1317 2.79 71.07 49.01
CA GLU B 1317 2.92 70.68 50.44
C GLU B 1317 4.36 70.32 50.78
N THR B 1318 5.15 69.84 49.83
CA THR B 1318 6.56 69.50 50.08
C THR B 1318 7.36 70.79 50.22
N ILE B 1319 6.93 71.84 49.52
CA ILE B 1319 7.63 73.14 49.59
C ILE B 1319 7.18 73.87 50.84
N LEU B 1320 5.90 73.99 51.10
CA LEU B 1320 5.40 74.68 52.32
C LEU B 1320 5.71 73.93 53.62
N SER B 1321 6.25 72.72 53.59
CA SER B 1321 6.78 72.04 54.80
C SER B 1321 8.27 72.36 54.98
N GLY B 1322 8.84 73.12 54.07
CA GLY B 1322 10.29 73.38 54.04
C GLY B 1322 11.09 72.10 53.90
N LYS B 1323 10.59 71.13 53.16
CA LYS B 1323 11.42 69.93 52.81
C LYS B 1323 12.17 70.23 51.51
N ALA B 1324 11.55 70.98 50.60
CA ALA B 1324 12.12 71.34 49.29
C ALA B 1324 11.82 72.78 48.98
N ARG B 1325 12.73 73.40 48.24
CA ARG B 1325 12.59 74.80 47.77
C ARG B 1325 12.09 74.79 46.32
N ILE B 1326 12.58 73.82 45.53
CA ILE B 1326 12.19 73.56 44.13
C ILE B 1326 11.64 72.15 44.01
N CYS B 1327 10.75 71.93 43.06
CA CYS B 1327 10.10 70.63 42.83
C CYS B 1327 9.80 70.45 41.34
N ILE B 1328 10.11 69.31 40.79
CA ILE B 1328 9.58 68.88 39.48
C ILE B 1328 8.30 68.14 39.77
N VAL B 1329 7.33 68.32 38.91
CA VAL B 1329 5.88 68.06 39.17
C VAL B 1329 5.30 67.71 37.82
N GLY B 1330 4.39 66.77 37.71
CA GLY B 1330 3.72 66.46 36.43
C GLY B 1330 3.34 65.01 36.33
N GLY B 1331 3.29 64.51 35.11
CA GLY B 1331 2.63 63.24 34.80
C GLY B 1331 3.03 62.75 33.45
N TYR B 1332 2.93 61.45 33.24
CA TYR B 1332 3.35 60.74 32.03
C TYR B 1332 2.58 59.43 31.96
N ASP B 1333 2.18 59.03 30.76
CA ASP B 1333 1.61 57.68 30.49
C ASP B 1333 1.87 57.34 29.04
N ASP B 1334 2.09 56.05 28.77
CA ASP B 1334 2.26 55.51 27.40
C ASP B 1334 0.95 54.86 26.98
N PHE B 1335 0.85 54.57 25.69
CA PHE B 1335 -0.28 53.86 25.05
C PHE B 1335 0.31 52.58 24.50
N GLN B 1336 -0.20 51.45 24.93
CA GLN B 1336 0.22 50.12 24.44
C GLN B 1336 -1.02 49.28 24.15
N GLU B 1337 -0.82 48.11 23.53
CA GLU B 1337 -1.89 47.20 23.06
C GLU B 1337 -2.76 46.76 24.22
N GLU B 1338 -2.15 46.43 25.35
CA GLU B 1338 -2.86 45.75 26.47
C GLU B 1338 -3.85 46.71 27.11
N GLY B 1339 -3.43 47.94 27.40
CA GLY B 1339 -4.30 48.94 28.02
C GLY B 1339 -5.39 49.40 27.06
N SER B 1340 -5.09 49.56 25.77
CA SER B 1340 -6.10 49.87 24.73
C SER B 1340 -7.24 48.85 24.82
N PHE B 1341 -6.89 47.56 24.77
CA PHE B 1341 -7.86 46.44 24.83
C PHE B 1341 -8.66 46.50 26.13
N GLU B 1342 -8.03 46.77 27.27
CA GLU B 1342 -8.70 46.70 28.59
C GLU B 1342 -9.65 47.90 28.77
N PHE B 1343 -9.26 49.09 28.33
CA PHE B 1343 -10.12 50.27 28.31
C PHE B 1343 -11.32 50.05 27.39
N GLY B 1344 -11.21 49.17 26.37
CA GLY B 1344 -12.30 48.73 25.48
C GLY B 1344 -13.26 47.75 26.16
N ASN B 1345 -12.76 46.76 26.90
CA ASN B 1345 -13.59 45.83 27.71
C ASN B 1345 -14.36 46.57 28.81
N MET B 1346 -13.84 47.68 29.35
CA MET B 1346 -14.52 48.59 30.33
C MET B 1346 -15.52 49.54 29.64
N LYS B 1347 -15.56 49.57 28.31
CA LYS B 1347 -16.39 50.47 27.46
C LYS B 1347 -16.16 51.94 27.80
N ALA B 1348 -14.92 52.32 28.14
CA ALA B 1348 -14.50 53.69 28.52
C ALA B 1348 -14.12 54.53 27.29
N THR B 1349 -13.38 53.92 26.34
CA THR B 1349 -12.91 54.55 25.09
C THR B 1349 -14.05 54.55 24.08
N SER B 1350 -14.06 55.48 23.12
CA SER B 1350 -14.97 55.45 21.93
C SER B 1350 -14.66 54.21 21.03
N ASN B 1351 -15.70 53.43 20.72
CA ASN B 1351 -15.66 52.39 19.66
C ASN B 1351 -15.49 53.08 18.31
N THR B 1352 -14.34 52.89 17.66
CA THR B 1352 -14.02 53.58 16.39
C THR B 1352 -14.94 53.14 15.25
N LEU B 1353 -15.51 51.94 15.30
CA LEU B 1353 -16.38 51.45 14.20
C LEU B 1353 -17.73 52.16 14.26
N GLU B 1354 -18.36 52.21 15.44
CA GLU B 1354 -19.52 53.11 15.73
C GLU B 1354 -19.26 54.52 15.18
N GLU B 1355 -18.07 55.07 15.40
CA GLU B 1355 -17.76 56.46 15.02
C GLU B 1355 -17.77 56.63 13.52
N PHE B 1356 -17.31 55.60 12.81
CA PHE B 1356 -17.29 55.55 11.33
C PHE B 1356 -18.74 55.42 10.84
N GLU B 1357 -19.60 54.67 11.53
CA GLU B 1357 -21.04 54.58 11.14
C GLU B 1357 -21.65 55.98 11.15
N HIS B 1358 -21.42 56.73 12.20
CA HIS B 1358 -21.87 58.13 12.40
C HIS B 1358 -21.21 59.08 11.38
N GLY B 1359 -20.36 58.56 10.51
CA GLY B 1359 -19.58 59.38 9.58
C GLY B 1359 -18.63 60.34 10.26
N ARG B 1360 -18.09 60.01 11.43
CA ARG B 1360 -17.02 60.83 12.05
C ARG B 1360 -15.67 60.41 11.47
N THR B 1361 -14.77 61.37 11.42
CA THR B 1361 -13.34 61.21 11.10
C THR B 1361 -12.55 61.20 12.41
N PRO B 1362 -11.33 60.65 12.44
CA PRO B 1362 -10.48 60.72 13.63
C PRO B 1362 -10.40 62.08 14.35
N ALA B 1363 -10.25 63.19 13.64
CA ALA B 1363 -10.11 64.53 14.25
C ALA B 1363 -11.29 64.74 15.19
N GLU B 1364 -12.50 64.61 14.66
CA GLU B 1364 -13.77 64.95 15.35
C GLU B 1364 -14.26 63.79 16.23
N MET B 1365 -13.39 62.99 16.83
CA MET B 1365 -13.78 61.81 17.66
C MET B 1365 -13.66 62.09 19.17
N SER B 1366 -12.74 62.94 19.61
CA SER B 1366 -12.76 63.56 20.97
C SER B 1366 -13.61 64.83 20.92
N ARG B 1367 -14.83 64.78 21.47
CA ARG B 1367 -15.80 65.90 21.39
C ARG B 1367 -16.44 66.12 22.75
N PRO B 1368 -15.69 66.70 23.71
CA PRO B 1368 -16.22 66.93 25.03
C PRO B 1368 -17.42 67.87 25.05
N ALA B 1369 -18.33 67.68 26.01
CA ALA B 1369 -19.48 68.53 26.35
C ALA B 1369 -20.58 68.48 25.27
N THR B 1370 -20.47 67.53 24.36
CA THR B 1370 -21.24 67.45 23.09
C THR B 1370 -22.35 66.41 23.30
N THR B 1371 -23.46 66.55 22.59
CA THR B 1371 -24.65 65.66 22.70
C THR B 1371 -24.25 64.21 22.48
N THR B 1372 -23.38 64.00 21.51
CA THR B 1372 -23.03 62.71 20.86
C THR B 1372 -21.73 62.12 21.42
N ARG B 1373 -21.15 62.70 22.47
CA ARG B 1373 -19.92 62.15 23.08
C ARG B 1373 -20.20 60.71 23.51
N ASN B 1374 -19.28 59.80 23.25
CA ASN B 1374 -19.45 58.35 23.47
C ASN B 1374 -18.11 57.71 23.85
N GLY B 1375 -17.35 58.34 24.74
CA GLY B 1375 -16.14 57.74 25.32
C GLY B 1375 -14.93 58.53 24.89
N PHE B 1376 -13.80 58.23 25.52
CA PHE B 1376 -12.56 59.03 25.38
C PHE B 1376 -11.58 58.40 24.38
N MET B 1377 -10.54 59.17 24.11
CA MET B 1377 -9.54 58.93 23.06
C MET B 1377 -8.17 58.79 23.73
N GLU B 1378 -7.64 57.58 23.81
CA GLU B 1378 -6.39 57.30 24.54
C GLU B 1378 -5.29 58.04 23.81
N ALA B 1379 -4.35 58.62 24.56
CA ALA B 1379 -3.17 59.35 24.06
C ALA B 1379 -1.95 59.02 24.93
N GLN B 1380 -0.80 59.56 24.59
CA GLN B 1380 0.44 59.25 25.30
C GLN B 1380 1.33 60.48 25.43
N GLY B 1381 2.11 60.53 26.49
CA GLY B 1381 3.23 61.45 26.63
C GLY B 1381 3.39 61.96 28.05
N ALA B 1382 3.93 63.15 28.21
CA ALA B 1382 4.35 63.63 29.51
C ALA B 1382 4.13 65.12 29.58
N GLY B 1383 3.97 65.63 30.78
CA GLY B 1383 3.94 67.06 31.05
C GLY B 1383 4.70 67.33 32.31
N ILE B 1384 5.57 68.32 32.30
CA ILE B 1384 6.39 68.68 33.47
C ILE B 1384 6.24 70.15 33.74
N GLN B 1385 6.16 70.51 35.01
CA GLN B 1385 6.30 71.90 35.49
C GLN B 1385 7.43 71.93 36.53
N ILE B 1386 8.07 73.08 36.64
CA ILE B 1386 9.03 73.31 37.74
C ILE B 1386 8.41 74.37 38.62
N ILE B 1387 8.21 74.06 39.90
CA ILE B 1387 7.63 75.00 40.87
C ILE B 1387 8.67 75.33 41.95
N MET B 1388 8.68 76.58 42.41
CA MET B 1388 9.58 77.06 43.47
C MET B 1388 8.84 77.97 44.42
N GLN B 1389 9.44 78.17 45.59
CA GLN B 1389 9.18 79.34 46.44
C GLN B 1389 9.33 80.60 45.58
N ALA B 1390 8.43 81.58 45.69
CA ALA B 1390 8.49 82.83 44.91
C ALA B 1390 9.76 83.57 45.24
N ASP B 1391 10.09 83.61 46.53
CA ASP B 1391 11.33 84.18 47.11
C ASP B 1391 12.49 83.80 46.23
N LEU B 1392 12.64 82.49 46.01
CA LEU B 1392 13.83 81.85 45.37
C LEU B 1392 13.77 82.12 43.88
N ALA B 1393 12.60 82.22 43.31
CA ALA B 1393 12.41 82.57 41.89
C ALA B 1393 12.94 83.99 41.65
N LEU B 1394 12.63 84.94 42.53
CA LEU B 1394 13.01 86.36 42.34
C LEU B 1394 14.52 86.51 42.54
N LYS B 1395 15.07 85.78 43.50
CA LYS B 1395 16.53 85.73 43.75
C LYS B 1395 17.26 85.12 42.54
N MET B 1396 16.75 84.08 41.89
CA MET B 1396 17.40 83.39 40.73
C MET B 1396 17.11 84.18 39.44
N GLY B 1397 16.16 85.08 39.47
CA GLY B 1397 15.72 85.70 38.22
C GLY B 1397 15.40 84.63 37.21
N VAL B 1398 14.48 83.73 37.57
CA VAL B 1398 13.84 82.79 36.62
C VAL B 1398 12.49 83.36 36.24
N PRO B 1399 12.01 83.10 35.01
CA PRO B 1399 10.68 83.52 34.62
C PRO B 1399 9.61 82.86 35.49
N ILE B 1400 8.50 83.52 35.66
CA ILE B 1400 7.43 83.15 36.61
C ILE B 1400 6.16 83.18 35.79
N TYR B 1401 5.62 81.99 35.50
CA TYR B 1401 4.52 81.86 34.53
C TYR B 1401 3.18 81.90 35.23
N GLY B 1402 3.16 81.64 36.52
CA GLY B 1402 1.91 81.71 37.27
C GLY B 1402 2.13 81.37 38.72
N ILE B 1403 1.15 81.69 39.52
CA ILE B 1403 1.17 81.42 40.96
C ILE B 1403 0.23 80.25 41.18
N VAL B 1404 0.67 79.21 41.87
CA VAL B 1404 -0.22 78.09 42.27
C VAL B 1404 -0.87 78.45 43.60
N ALA B 1405 -2.05 79.02 43.53
CA ALA B 1405 -2.78 79.55 44.67
C ALA B 1405 -3.22 78.41 45.55
N MET B 1406 -3.79 77.38 44.95
CA MET B 1406 -4.46 76.26 45.65
C MET B 1406 -4.19 74.98 44.87
N ALA B 1407 -4.10 73.85 45.55
CA ALA B 1407 -4.09 72.53 44.88
C ALA B 1407 -4.59 71.45 45.83
N ALA B 1408 -5.74 70.85 45.55
CA ALA B 1408 -6.42 69.89 46.44
C ALA B 1408 -6.69 68.56 45.75
N THR B 1409 -7.09 67.58 46.55
CA THR B 1409 -7.51 66.22 46.14
C THR B 1409 -8.64 65.79 47.06
N ALA B 1410 -9.62 65.12 46.51
CA ALA B 1410 -10.79 64.63 47.24
C ALA B 1410 -11.10 63.24 46.70
N THR B 1411 -11.59 62.34 47.56
CA THR B 1411 -12.35 61.13 47.19
C THR B 1411 -13.84 61.46 47.12
N ASP B 1412 -14.70 60.46 46.93
CA ASP B 1412 -16.18 60.58 46.86
C ASP B 1412 -16.78 59.75 48.00
N LYS B 1413 -17.97 59.18 47.81
CA LYS B 1413 -18.73 58.48 48.87
C LYS B 1413 -18.55 56.97 48.72
N ILE B 1414 -19.33 56.21 49.49
CA ILE B 1414 -19.58 54.74 49.38
C ILE B 1414 -20.13 54.45 47.98
N GLY B 1415 -19.49 53.49 47.30
CA GLY B 1415 -19.88 53.05 45.95
C GLY B 1415 -19.50 51.61 45.74
N ARG B 1416 -19.79 51.07 44.55
CA ARG B 1416 -19.29 49.76 44.03
C ARG B 1416 -18.82 49.92 42.57
N SER B 1417 -18.39 51.14 42.16
CA SER B 1417 -17.94 51.50 40.78
C SER B 1417 -16.66 52.36 40.86
N VAL B 1418 -15.50 51.73 40.58
CA VAL B 1418 -14.16 52.37 40.65
C VAL B 1418 -14.01 53.40 39.53
N PRO B 1419 -14.53 53.22 38.29
CA PRO B 1419 -14.44 54.28 37.27
C PRO B 1419 -15.47 55.44 37.33
N ALA B 1420 -16.45 55.39 38.25
CA ALA B 1420 -17.53 56.39 38.41
C ALA B 1420 -16.99 57.68 39.04
N PRO B 1421 -17.07 58.85 38.35
CA PRO B 1421 -16.64 60.12 38.95
C PRO B 1421 -17.68 60.64 39.97
N GLY B 1422 -17.20 61.39 40.97
CA GLY B 1422 -18.04 61.94 42.05
C GLY B 1422 -17.85 63.43 42.24
N LYS B 1423 -18.47 63.94 43.29
CA LYS B 1423 -18.67 65.38 43.56
C LYS B 1423 -17.72 65.84 44.66
N GLY B 1424 -16.84 64.96 45.15
CA GLY B 1424 -16.05 65.13 46.37
C GLY B 1424 -15.13 66.34 46.39
N ILE B 1425 -14.76 66.87 45.22
CA ILE B 1425 -13.90 68.08 45.11
C ILE B 1425 -14.72 69.34 45.40
N LEU B 1426 -16.07 69.30 45.45
CA LEU B 1426 -16.95 70.39 45.98
C LEU B 1426 -16.42 70.98 47.29
N THR B 1427 -15.77 70.16 48.12
CA THR B 1427 -15.25 70.55 49.44
C THR B 1427 -14.18 71.64 49.34
N THR B 1428 -13.79 72.10 48.16
CA THR B 1428 -12.80 73.21 48.03
C THR B 1428 -13.55 74.53 48.16
N ALA B 1429 -14.89 74.47 48.16
CA ALA B 1429 -15.81 75.62 48.21
C ALA B 1429 -16.65 75.50 49.49
N ARG B 1430 -16.23 74.64 50.41
CA ARG B 1430 -16.97 74.46 51.67
C ARG B 1430 -16.77 75.73 52.44
N GLU B 1431 -17.86 76.45 52.73
CA GLU B 1431 -17.86 77.43 53.84
C GLU B 1431 -19.22 77.51 54.50
N HIS B 1432 -19.22 78.02 55.73
CA HIS B 1432 -20.38 78.26 56.63
C HIS B 1432 -21.09 79.54 56.23
N HIS B 1433 -22.41 79.56 56.31
CA HIS B 1433 -23.28 80.69 55.85
C HIS B 1433 -24.42 80.95 56.85
N SER B 1434 -24.42 80.28 58.01
CA SER B 1434 -25.43 80.46 59.08
C SER B 1434 -25.49 81.94 59.48
N SER B 1435 -24.31 82.57 59.56
CA SER B 1435 -24.04 83.90 60.15
C SER B 1435 -23.38 84.83 59.12
N VAL B 1436 -24.13 85.23 58.08
CA VAL B 1436 -23.62 85.97 56.87
C VAL B 1436 -24.31 87.35 56.74
N LYS B 1437 -24.70 87.96 57.86
CA LYS B 1437 -25.34 89.30 57.90
C LYS B 1437 -24.27 90.39 57.66
N TYR B 1438 -23.19 90.41 58.47
CA TYR B 1438 -22.09 91.42 58.41
C TYR B 1438 -20.80 90.77 57.89
N ALA B 1439 -20.08 91.51 57.03
CA ALA B 1439 -18.81 91.10 56.37
C ALA B 1439 -17.70 90.84 57.40
N SER B 1440 -17.08 89.65 57.33
CA SER B 1440 -15.88 89.26 58.11
C SER B 1440 -14.74 90.22 57.77
N PRO B 1441 -14.06 90.84 58.77
CA PRO B 1441 -12.95 91.75 58.50
C PRO B 1441 -11.65 91.03 58.11
N ASN B 1442 -11.58 89.70 58.32
CA ASN B 1442 -10.43 88.81 57.92
C ASN B 1442 -10.27 88.82 56.38
N LEU B 1443 -11.32 89.08 55.61
CA LEU B 1443 -11.28 89.22 54.13
C LEU B 1443 -10.76 90.59 53.70
N ASN B 1444 -11.05 91.66 54.45
CA ASN B 1444 -10.52 93.02 54.14
C ASN B 1444 -9.00 93.01 54.30
N MET B 1445 -8.27 93.32 53.23
CA MET B 1445 -6.79 93.32 53.21
C MET B 1445 -6.26 94.49 54.04
N LYS B 1446 -6.91 95.66 54.01
CA LYS B 1446 -6.51 96.84 54.85
C LYS B 1446 -6.37 96.43 56.32
N TYR B 1447 -7.43 95.83 56.86
CA TYR B 1447 -7.47 95.27 58.24
C TYR B 1447 -6.25 94.38 58.44
N ARG B 1448 -6.15 93.33 57.62
CA ARG B 1448 -5.08 92.30 57.71
C ARG B 1448 -3.72 92.98 57.75
N LYS B 1449 -3.52 94.06 56.98
CA LYS B 1449 -2.22 94.77 56.85
C LYS B 1449 -1.97 95.60 58.11
N ARG B 1450 -2.99 96.29 58.63
CA ARG B 1450 -2.95 96.99 59.94
C ARG B 1450 -2.42 96.07 61.05
N GLN B 1451 -2.93 94.83 61.12
CA GLN B 1451 -2.54 93.88 62.19
C GLN B 1451 -1.06 93.51 62.03
N LEU B 1452 -0.55 93.50 60.80
CA LEU B 1452 0.85 93.09 60.51
C LEU B 1452 1.79 94.22 60.95
N VAL B 1453 1.42 95.48 60.66
CA VAL B 1453 2.22 96.70 60.99
C VAL B 1453 2.39 96.79 62.51
N THR B 1454 1.31 96.56 63.25
CA THR B 1454 1.26 96.39 64.73
C THR B 1454 2.28 95.34 65.17
N ARG B 1455 2.14 94.12 64.69
CA ARG B 1455 2.97 92.94 65.09
C ARG B 1455 4.43 93.16 64.66
N GLU B 1456 4.71 94.03 63.67
CA GLU B 1456 6.09 94.32 63.20
C GLU B 1456 6.80 95.26 64.19
N ALA B 1457 6.07 96.23 64.73
CA ALA B 1457 6.50 97.09 65.87
C ALA B 1457 6.89 96.21 67.06
N GLN B 1458 6.04 95.27 67.47
CA GLN B 1458 6.29 94.33 68.60
C GLN B 1458 7.60 93.56 68.38
N ILE B 1459 7.91 93.17 67.15
CA ILE B 1459 9.12 92.36 66.81
C ILE B 1459 10.36 93.27 66.88
N LYS B 1460 10.27 94.49 66.34
CA LYS B 1460 11.27 95.58 66.50
C LYS B 1460 11.64 95.72 67.99
N ASP B 1461 10.64 95.92 68.87
CA ASP B 1461 10.82 95.98 70.35
C ASP B 1461 11.52 94.72 70.85
N TRP B 1462 11.02 93.56 70.44
CA TRP B 1462 11.55 92.23 70.83
C TRP B 1462 13.06 92.15 70.53
N VAL B 1463 13.53 92.68 69.38
CA VAL B 1463 14.97 92.58 68.97
C VAL B 1463 15.82 93.47 69.90
N GLU B 1464 15.40 94.71 70.16
CA GLU B 1464 16.07 95.63 71.13
C GLU B 1464 16.35 94.88 72.45
N ASN B 1465 15.32 94.29 73.06
CA ASN B 1465 15.39 93.70 74.42
C ASN B 1465 16.30 92.47 74.46
N GLU B 1466 16.53 91.81 73.32
CA GLU B 1466 17.43 90.61 73.21
C GLU B 1466 18.87 91.08 72.87
N LEU B 1467 19.05 92.32 72.38
CA LEU B 1467 20.38 92.97 72.15
C LEU B 1467 20.83 93.72 73.42
N GLU B 1468 19.89 94.25 74.22
CA GLU B 1468 20.19 94.71 75.61
C GLU B 1468 20.70 93.52 76.43
N ALA B 1469 19.98 92.38 76.41
CA ALA B 1469 20.28 91.18 77.22
C ALA B 1469 21.53 90.46 76.70
N LEU B 1470 21.88 90.62 75.42
CA LEU B 1470 23.11 90.01 74.82
C LEU B 1470 24.36 90.83 75.19
N LYS B 1471 24.19 92.14 75.43
CA LYS B 1471 25.24 93.05 75.96
C LYS B 1471 25.54 92.64 77.42
N LEU B 1472 24.50 92.38 78.24
CA LEU B 1472 24.60 92.02 79.69
C LEU B 1472 25.05 90.57 79.90
N GLU B 1473 25.23 89.77 78.83
CA GLU B 1473 25.79 88.39 78.88
C GLU B 1473 27.22 88.37 78.32
N ALA B 1474 27.60 89.34 77.49
CA ALA B 1474 28.93 89.48 76.83
C ALA B 1474 30.00 89.99 77.83
N GLU B 1475 29.59 90.76 78.85
CA GLU B 1475 30.45 91.37 79.90
C GLU B 1475 31.13 90.23 80.71
N GLU B 1476 30.34 89.24 81.18
CA GLU B 1476 30.79 88.09 82.03
C GLU B 1476 31.79 87.21 81.25
N ILE B 1477 31.71 87.20 79.91
CA ILE B 1477 32.69 86.53 79.01
C ILE B 1477 33.99 87.34 79.00
N PRO B 1478 35.18 86.70 79.20
CA PRO B 1478 36.47 87.38 79.01
C PRO B 1478 36.57 88.07 77.64
N SER B 1479 37.00 89.34 77.58
CA SER B 1479 36.91 90.22 76.39
C SER B 1479 37.86 89.77 75.25
N GLU B 1480 38.73 88.77 75.50
CA GLU B 1480 39.61 88.11 74.50
C GLU B 1480 38.78 87.32 73.47
N ASP B 1481 37.76 86.56 73.92
CA ASP B 1481 36.94 85.59 73.11
C ASP B 1481 35.43 85.87 73.27
N GLN B 1482 35.04 87.14 73.42
CA GLN B 1482 33.62 87.62 73.41
C GLN B 1482 33.20 88.03 71.99
N ASN B 1483 34.17 88.22 71.06
CA ASN B 1483 33.88 88.48 69.62
C ASN B 1483 33.09 87.28 69.05
N GLU B 1484 33.56 86.05 69.30
CA GLU B 1484 32.99 84.79 68.75
C GLU B 1484 31.66 84.42 69.45
N PHE B 1485 31.41 84.93 70.65
CA PHE B 1485 30.10 84.85 71.36
C PHE B 1485 29.08 85.75 70.65
N LEU B 1486 29.47 86.97 70.32
CA LEU B 1486 28.59 88.02 69.70
C LEU B 1486 28.23 87.62 68.26
N LEU B 1487 29.21 87.14 67.47
CA LEU B 1487 29.02 86.65 66.07
C LEU B 1487 27.98 85.51 66.07
N GLU B 1488 28.18 84.50 66.91
CA GLU B 1488 27.28 83.33 67.06
C GLU B 1488 25.87 83.77 67.45
N ARG B 1489 25.75 84.73 68.37
CA ARG B 1489 24.50 84.98 69.14
C ARG B 1489 23.74 86.22 68.64
N THR B 1490 24.30 87.03 67.73
CA THR B 1490 23.56 88.09 66.97
C THR B 1490 22.91 87.46 65.74
N ARG B 1491 23.61 86.49 65.14
CA ARG B 1491 23.13 85.65 64.03
C ARG B 1491 21.89 84.86 64.50
N GLU B 1492 21.90 84.32 65.72
CA GLU B 1492 20.75 83.61 66.34
C GLU B 1492 19.55 84.57 66.53
N ILE B 1493 19.79 85.86 66.80
CA ILE B 1493 18.71 86.89 67.03
C ILE B 1493 18.26 87.45 65.67
N HIS B 1494 19.11 87.40 64.65
CA HIS B 1494 18.73 87.72 63.24
C HIS B 1494 17.66 86.72 62.79
N ASN B 1495 17.98 85.41 62.85
CA ASN B 1495 17.07 84.27 62.58
C ASN B 1495 15.74 84.46 63.30
N GLU B 1496 15.75 84.59 64.63
CA GLU B 1496 14.52 84.58 65.47
C GLU B 1496 13.66 85.81 65.11
N ALA B 1497 14.27 86.91 64.71
CA ALA B 1497 13.59 88.12 64.18
C ALA B 1497 12.98 87.83 62.81
N GLU B 1498 13.68 87.04 61.98
CA GLU B 1498 13.21 86.70 60.61
C GLU B 1498 11.99 85.78 60.73
N SER B 1499 12.14 84.67 61.46
CA SER B 1499 11.07 83.69 61.73
C SER B 1499 9.81 84.45 62.14
N GLN B 1500 9.92 85.39 63.08
CA GLN B 1500 8.73 86.04 63.67
C GLN B 1500 8.06 86.96 62.65
N LEU B 1501 8.83 87.58 61.75
CA LEU B 1501 8.28 88.49 60.70
C LEU B 1501 7.57 87.64 59.61
N ARG B 1502 8.17 86.49 59.25
CA ARG B 1502 7.61 85.49 58.31
C ARG B 1502 6.31 84.90 58.90
N ALA B 1503 6.36 84.43 60.15
CA ALA B 1503 5.22 83.83 60.86
C ALA B 1503 4.05 84.80 60.95
N ALA B 1504 4.33 86.10 61.04
CA ALA B 1504 3.32 87.17 61.13
C ALA B 1504 2.73 87.40 59.75
N GLN B 1505 3.59 87.35 58.72
CA GLN B 1505 3.22 87.46 57.29
C GLN B 1505 2.35 86.25 56.92
N GLN B 1506 2.79 85.05 57.32
CA GLN B 1506 2.05 83.79 57.10
C GLN B 1506 0.65 83.91 57.69
N GLN B 1507 0.50 84.60 58.84
CA GLN B 1507 -0.76 84.67 59.61
C GLN B 1507 -1.77 85.66 59.01
N TRP B 1508 -1.30 86.76 58.44
CA TRP B 1508 -2.17 87.86 57.96
C TRP B 1508 -2.20 87.92 56.45
N GLY B 1509 -1.22 87.31 55.77
CA GLY B 1509 -0.99 87.47 54.32
C GLY B 1509 -1.37 86.25 53.54
N ASN B 1510 -0.95 85.08 54.02
CA ASN B 1510 -1.00 83.76 53.33
C ASN B 1510 -2.06 82.83 53.91
N ASP B 1511 -2.08 82.63 55.24
CA ASP B 1511 -2.90 81.61 55.95
C ASP B 1511 -3.96 82.29 56.83
N PHE B 1512 -4.47 83.46 56.43
CA PHE B 1512 -5.49 84.19 57.23
C PHE B 1512 -6.80 83.39 57.35
N TYR B 1513 -7.03 82.42 56.46
CA TYR B 1513 -8.35 81.79 56.23
C TYR B 1513 -8.34 80.31 56.62
N LYS B 1514 -7.25 79.77 57.14
CA LYS B 1514 -7.10 78.31 57.32
C LYS B 1514 -7.91 77.82 58.52
N ARG B 1515 -8.25 78.69 59.47
CA ARG B 1515 -9.00 78.36 60.71
C ARG B 1515 -10.27 79.23 60.77
N ASP B 1516 -10.74 79.75 59.63
CA ASP B 1516 -12.03 80.48 59.50
C ASP B 1516 -12.99 79.63 58.66
N PRO B 1517 -14.00 78.99 59.25
CA PRO B 1517 -14.98 78.23 58.48
C PRO B 1517 -15.97 79.07 57.65
N ARG B 1518 -15.83 80.40 57.61
CA ARG B 1518 -16.69 81.28 56.79
C ARG B 1518 -15.95 81.66 55.52
N ILE B 1519 -14.74 81.16 55.32
CA ILE B 1519 -13.93 81.36 54.09
C ILE B 1519 -13.55 80.01 53.50
N ALA B 1520 -14.06 79.74 52.31
CA ALA B 1520 -13.77 78.56 51.47
C ALA B 1520 -12.31 78.58 51.11
N PRO B 1521 -11.62 77.43 51.10
CA PRO B 1521 -10.27 77.31 50.53
C PRO B 1521 -10.08 78.00 49.18
N LEU B 1522 -11.07 77.88 48.29
CA LEU B 1522 -11.08 78.44 46.92
C LEU B 1522 -11.11 79.97 47.01
N ARG B 1523 -11.90 80.52 47.91
CA ARG B 1523 -12.09 81.97 48.06
C ARG B 1523 -10.86 82.60 48.71
N GLY B 1524 -10.32 81.93 49.72
CA GLY B 1524 -9.16 82.42 50.47
C GLY B 1524 -7.94 82.50 49.57
N ALA B 1525 -7.71 81.45 48.81
CA ALA B 1525 -6.62 81.34 47.82
C ALA B 1525 -6.59 82.57 46.95
N LEU B 1526 -7.74 83.02 46.49
CA LEU B 1526 -7.83 84.14 45.54
C LEU B 1526 -7.81 85.46 46.31
N ALA B 1527 -8.29 85.48 47.55
CA ALA B 1527 -8.33 86.70 48.39
C ALA B 1527 -6.91 87.11 48.84
N THR B 1528 -5.96 86.17 48.89
CA THR B 1528 -4.55 86.49 49.21
C THR B 1528 -3.88 87.37 48.15
N TYR B 1529 -4.53 87.77 47.07
CA TYR B 1529 -3.96 88.72 46.06
C TYR B 1529 -5.01 89.78 45.73
N GLY B 1530 -6.05 89.90 46.54
CA GLY B 1530 -7.13 90.85 46.27
C GLY B 1530 -7.94 90.47 45.05
N LEU B 1531 -8.07 89.17 44.77
CA LEU B 1531 -8.99 88.70 43.72
C LEU B 1531 -10.26 88.17 44.40
N THR B 1532 -11.39 88.35 43.73
CA THR B 1532 -12.70 87.81 44.14
C THR B 1532 -12.95 86.55 43.31
N ILE B 1533 -13.80 85.67 43.83
CA ILE B 1533 -14.39 84.54 43.07
C ILE B 1533 -14.80 85.00 41.65
N ASP B 1534 -15.24 86.25 41.45
CA ASP B 1534 -15.66 86.80 40.13
C ASP B 1534 -14.49 87.05 39.18
N ASP B 1535 -13.25 86.65 39.52
CA ASP B 1535 -12.05 86.87 38.67
C ASP B 1535 -11.51 85.57 38.12
N LEU B 1536 -11.95 84.42 38.65
CA LEU B 1536 -11.65 83.06 38.12
C LEU B 1536 -12.20 82.99 36.69
N GLY B 1537 -11.35 83.28 35.71
CA GLY B 1537 -11.79 83.58 34.35
C GLY B 1537 -12.25 82.36 33.59
N VAL B 1538 -11.48 81.32 33.67
CA VAL B 1538 -11.46 80.17 32.76
C VAL B 1538 -11.39 78.90 33.61
N ALA B 1539 -12.14 77.89 33.25
CA ALA B 1539 -12.12 76.58 33.93
C ALA B 1539 -11.72 75.56 32.88
N SER B 1540 -10.63 74.84 33.15
CA SER B 1540 -9.99 73.88 32.26
C SER B 1540 -10.54 72.56 32.70
N PHE B 1541 -11.53 72.06 31.97
CA PHE B 1541 -12.30 70.84 32.27
C PHE B 1541 -11.46 69.65 31.85
N HIS B 1542 -11.36 68.65 32.71
CA HIS B 1542 -10.90 67.26 32.39
C HIS B 1542 -11.50 66.86 31.05
N GLY B 1543 -12.82 66.96 30.93
CA GLY B 1543 -13.54 66.89 29.64
C GLY B 1543 -13.04 65.76 28.74
N THR B 1544 -13.40 64.55 29.10
CA THR B 1544 -12.82 63.31 28.52
C THR B 1544 -13.60 62.89 27.26
N SER B 1545 -14.75 63.52 27.00
CA SER B 1545 -15.74 63.13 25.96
C SER B 1545 -16.47 61.85 26.42
N THR B 1546 -16.60 61.61 27.72
CA THR B 1546 -17.47 60.56 28.29
C THR B 1546 -18.79 61.17 28.74
N LYS B 1547 -19.86 60.36 28.81
CA LYS B 1547 -21.23 60.77 29.22
C LYS B 1547 -21.20 61.25 30.67
N ALA B 1548 -20.64 60.43 31.56
CA ALA B 1548 -20.69 60.60 33.03
C ALA B 1548 -19.78 61.74 33.48
N ASN B 1549 -18.58 61.83 32.91
CA ASN B 1549 -17.51 62.78 33.33
C ASN B 1549 -17.91 64.22 33.02
N ASP B 1550 -18.42 64.48 31.82
CA ASP B 1550 -18.58 65.86 31.29
C ASP B 1550 -19.87 66.47 31.85
N LYS B 1551 -20.80 65.67 32.36
CA LYS B 1551 -21.97 66.19 33.12
C LYS B 1551 -21.59 66.42 34.58
N ASN B 1552 -20.96 65.43 35.22
CA ASN B 1552 -20.49 65.49 36.62
C ASN B 1552 -19.57 66.69 36.83
N GLU B 1553 -18.67 67.00 35.90
CA GLU B 1553 -17.69 68.10 36.03
C GLU B 1553 -18.36 69.47 35.85
N SER B 1554 -19.19 69.66 34.84
CA SER B 1554 -19.96 70.90 34.64
C SER B 1554 -20.85 71.19 35.85
N ALA B 1555 -21.37 70.16 36.49
CA ALA B 1555 -22.29 70.27 37.64
C ALA B 1555 -21.51 70.70 38.89
N THR B 1556 -20.30 70.19 39.09
CA THR B 1556 -19.48 70.42 40.30
C THR B 1556 -18.83 71.80 40.21
N ILE B 1557 -18.60 72.34 39.01
CA ILE B 1557 -18.08 73.72 38.84
C ILE B 1557 -19.26 74.66 39.02
N ASN B 1558 -20.44 74.27 38.61
CA ASN B 1558 -21.61 75.15 38.72
C ASN B 1558 -21.95 75.25 40.20
N GLU B 1559 -21.81 74.18 40.96
CA GLU B 1559 -22.23 74.18 42.38
C GLU B 1559 -21.15 74.88 43.23
N MET B 1560 -19.87 74.81 42.86
CA MET B 1560 -18.77 75.59 43.49
C MET B 1560 -19.06 77.07 43.40
N MET B 1561 -19.47 77.52 42.21
CA MET B 1561 -19.63 78.94 41.83
C MET B 1561 -20.92 79.47 42.41
N LYS B 1562 -21.90 78.62 42.66
CA LYS B 1562 -23.22 79.07 43.16
C LYS B 1562 -23.07 79.36 44.66
N HIS B 1563 -22.26 78.54 45.34
CA HIS B 1563 -22.07 78.57 46.80
C HIS B 1563 -21.21 79.76 47.21
N LEU B 1564 -20.30 80.21 46.35
CA LEU B 1564 -19.42 81.38 46.61
C LEU B 1564 -19.95 82.63 45.89
N GLY B 1565 -21.23 82.69 45.56
CA GLY B 1565 -21.85 83.93 45.07
C GLY B 1565 -21.07 84.58 43.97
N ARG B 1566 -20.73 83.81 42.95
CA ARG B 1566 -20.34 84.25 41.60
C ARG B 1566 -21.51 85.03 40.99
N SER B 1567 -21.27 86.24 40.48
CA SER B 1567 -22.31 87.11 39.92
C SER B 1567 -23.13 86.36 38.86
N GLU B 1568 -24.47 86.46 38.90
CA GLU B 1568 -25.33 85.97 37.79
C GLU B 1568 -24.90 86.72 36.54
N GLY B 1569 -24.56 85.99 35.49
CA GLY B 1569 -24.12 86.56 34.22
C GLY B 1569 -22.63 86.53 34.04
N ASN B 1570 -21.87 86.04 35.01
CA ASN B 1570 -20.39 85.91 34.89
C ASN B 1570 -20.05 84.44 34.96
N PRO B 1571 -20.17 83.69 33.85
CA PRO B 1571 -19.85 82.27 33.89
C PRO B 1571 -18.36 82.03 33.64
N VAL B 1572 -17.80 81.00 34.26
CA VAL B 1572 -16.43 80.52 33.92
C VAL B 1572 -16.48 79.99 32.49
N ILE B 1573 -15.48 80.33 31.72
CA ILE B 1573 -15.37 79.91 30.30
C ILE B 1573 -14.65 78.58 30.33
N GLY B 1574 -15.33 77.51 29.89
CA GLY B 1574 -14.76 76.16 29.88
C GLY B 1574 -13.72 76.03 28.77
N VAL B 1575 -12.66 75.26 28.97
CA VAL B 1575 -11.75 74.89 27.86
C VAL B 1575 -11.46 73.42 27.97
N PHE B 1576 -11.66 72.72 26.85
CA PHE B 1576 -11.57 71.25 26.78
C PHE B 1576 -10.43 70.89 25.82
N GLN B 1577 -9.21 71.00 26.30
CA GLN B 1577 -7.95 70.76 25.56
C GLN B 1577 -7.99 69.40 24.84
N LYS B 1578 -8.55 68.38 25.48
CA LYS B 1578 -8.56 66.99 25.01
C LYS B 1578 -9.28 66.83 23.68
N PHE B 1579 -10.02 67.82 23.18
CA PHE B 1579 -10.58 67.71 21.81
C PHE B 1579 -9.45 67.41 20.80
N LEU B 1580 -8.24 67.85 21.13
CA LEU B 1580 -7.09 68.02 20.23
C LEU B 1580 -5.98 67.05 20.59
N THR B 1581 -5.83 66.71 21.85
CA THR B 1581 -4.70 65.89 22.38
C THR B 1581 -5.20 64.48 22.75
N GLY B 1582 -6.49 64.31 22.99
CA GLY B 1582 -7.04 63.10 23.60
C GLY B 1582 -6.55 62.97 25.03
N HIS B 1583 -6.88 61.85 25.67
CA HIS B 1583 -6.75 61.64 27.11
C HIS B 1583 -5.50 60.84 27.40
N PRO B 1584 -4.43 61.45 27.91
CA PRO B 1584 -3.20 60.71 28.17
C PRO B 1584 -3.07 60.13 29.58
N LYS B 1585 -4.20 59.94 30.26
CA LYS B 1585 -4.31 59.38 31.62
C LYS B 1585 -3.47 60.20 32.59
N GLY B 1586 -2.31 59.72 32.99
CA GLY B 1586 -1.51 60.31 34.07
C GLY B 1586 -1.05 61.71 33.74
N ALA B 1587 -0.99 62.07 32.46
CA ALA B 1587 -0.42 63.33 31.98
C ALA B 1587 -1.51 64.37 31.80
N ALA B 1588 -2.78 64.00 31.96
CA ALA B 1588 -3.91 64.81 31.47
C ALA B 1588 -3.79 66.19 32.09
N GLY B 1589 -3.56 66.23 33.41
CA GLY B 1589 -3.51 67.44 34.24
C GLY B 1589 -2.32 68.30 33.93
N ALA B 1590 -1.18 67.69 33.67
CA ALA B 1590 0.03 68.44 33.27
C ALA B 1590 -0.25 69.19 31.98
N TRP B 1591 -0.89 68.57 30.99
CA TRP B 1591 -1.16 69.27 29.72
C TRP B 1591 -2.14 70.42 29.95
N MET B 1592 -3.17 70.18 30.72
CA MET B 1592 -4.20 71.18 31.08
C MET B 1592 -3.55 72.35 31.80
N MET B 1593 -2.51 72.08 32.59
CA MET B 1593 -1.78 73.07 33.41
C MET B 1593 -0.92 73.95 32.48
N ASN B 1594 -0.06 73.34 31.68
CA ASN B 1594 0.67 74.02 30.60
C ASN B 1594 -0.30 74.92 29.84
N GLY B 1595 -1.43 74.41 29.40
CA GLY B 1595 -2.42 75.20 28.66
C GLY B 1595 -2.87 76.41 29.45
N ALA B 1596 -3.16 76.21 30.73
CA ALA B 1596 -3.64 77.22 31.68
C ALA B 1596 -2.61 78.35 31.86
N LEU B 1597 -1.33 78.02 31.87
CA LEU B 1597 -0.24 79.04 31.92
C LEU B 1597 -0.15 79.77 30.59
N GLN B 1598 -0.24 79.08 29.49
CA GLN B 1598 -0.29 79.70 28.15
C GLN B 1598 -1.52 80.63 28.04
N ILE B 1599 -2.68 80.21 28.55
CA ILE B 1599 -3.89 81.09 28.55
C ILE B 1599 -3.58 82.31 29.41
N LEU B 1600 -3.07 82.12 30.63
CA LEU B 1600 -2.84 83.24 31.58
C LEU B 1600 -2.00 84.33 30.92
N ASN B 1601 -0.95 83.94 30.24
CA ASN B 1601 0.14 84.86 29.85
C ASN B 1601 -0.22 85.54 28.53
N SER B 1602 -0.98 84.89 27.67
CA SER B 1602 -1.44 85.39 26.36
C SER B 1602 -2.78 86.12 26.46
N GLY B 1603 -3.65 85.64 27.33
CA GLY B 1603 -5.03 86.15 27.50
C GLY B 1603 -5.92 85.69 26.38
N ILE B 1604 -5.48 84.68 25.65
CA ILE B 1604 -6.22 83.99 24.56
C ILE B 1604 -6.84 82.77 25.17
N ILE B 1605 -8.14 82.60 25.06
CA ILE B 1605 -8.84 81.37 25.52
C ILE B 1605 -9.12 80.55 24.28
N PRO B 1606 -8.51 79.37 24.06
CA PRO B 1606 -8.82 78.56 22.90
C PRO B 1606 -10.17 77.86 22.95
N GLY B 1607 -10.83 77.77 21.80
CA GLY B 1607 -12.16 77.13 21.63
C GLY B 1607 -12.06 75.66 21.34
N ASN B 1608 -13.03 74.87 21.84
CA ASN B 1608 -13.27 73.43 21.54
C ASN B 1608 -13.81 73.37 20.14
N ARG B 1609 -12.94 73.24 19.15
CA ARG B 1609 -13.30 73.23 17.72
C ARG B 1609 -14.22 72.06 17.37
N ASN B 1610 -14.24 70.98 18.14
CA ASN B 1610 -15.16 69.83 17.93
C ASN B 1610 -16.41 69.92 18.79
N ALA B 1611 -16.77 71.08 19.32
CA ALA B 1611 -18.10 71.24 19.98
C ALA B 1611 -19.07 71.64 18.88
N ASP B 1612 -19.50 70.62 18.12
CA ASP B 1612 -20.55 70.72 17.08
C ASP B 1612 -21.75 71.33 17.79
N ASN B 1613 -22.17 70.70 18.89
CA ASN B 1613 -23.48 70.91 19.53
C ASN B 1613 -23.37 70.62 21.01
N VAL B 1614 -23.57 71.63 21.85
CA VAL B 1614 -23.40 71.45 23.31
C VAL B 1614 -24.66 70.82 23.85
N ASP B 1615 -24.51 69.79 24.67
CA ASP B 1615 -25.60 68.91 25.16
C ASP B 1615 -26.65 69.80 25.82
N LYS B 1616 -27.92 69.52 25.64
CA LYS B 1616 -29.04 70.34 26.17
C LYS B 1616 -29.00 70.30 27.69
N ILE B 1617 -28.56 69.18 28.25
CA ILE B 1617 -28.46 68.91 29.71
C ILE B 1617 -27.53 69.92 30.37
N LEU B 1618 -26.62 70.52 29.61
CA LEU B 1618 -25.63 71.49 30.13
C LEU B 1618 -26.15 72.93 30.15
N GLU B 1619 -27.32 73.25 29.59
CA GLU B 1619 -27.93 74.61 29.69
C GLU B 1619 -28.38 74.88 31.13
N GLN B 1620 -28.65 73.87 31.94
CA GLN B 1620 -29.09 74.07 33.34
C GLN B 1620 -27.94 74.71 34.16
N PHE B 1621 -26.70 74.62 33.68
CA PHE B 1621 -25.51 75.18 34.36
C PHE B 1621 -25.23 76.60 33.86
N GLU B 1622 -25.98 77.55 34.39
CA GLU B 1622 -25.89 79.02 34.15
C GLU B 1622 -24.45 79.51 34.29
N TYR B 1623 -23.64 78.94 35.18
CA TYR B 1623 -22.29 79.47 35.51
C TYR B 1623 -21.18 78.85 34.63
N VAL B 1624 -21.51 78.08 33.59
CA VAL B 1624 -20.48 77.62 32.62
C VAL B 1624 -20.81 78.17 31.25
N LEU B 1625 -19.81 78.32 30.39
CA LEU B 1625 -19.94 78.81 29.00
C LEU B 1625 -18.98 77.98 28.16
N TYR B 1626 -19.46 77.36 27.09
CA TYR B 1626 -18.74 76.33 26.33
C TYR B 1626 -18.41 76.84 24.92
N PRO B 1627 -17.34 77.66 24.75
CA PRO B 1627 -17.04 78.24 23.46
C PRO B 1627 -16.47 77.25 22.45
N SER B 1628 -16.80 77.43 21.17
CA SER B 1628 -16.36 76.58 20.03
C SER B 1628 -15.30 77.28 19.20
N LYS B 1629 -15.08 78.58 19.42
CA LYS B 1629 -14.02 79.35 18.72
C LYS B 1629 -13.16 80.11 19.73
N THR B 1630 -11.91 80.38 19.37
CA THR B 1630 -10.92 81.11 20.19
C THR B 1630 -11.32 82.57 20.41
N LEU B 1631 -11.15 83.03 21.66
CA LEU B 1631 -11.51 84.36 22.18
C LEU B 1631 -10.23 85.05 22.59
N LYS B 1632 -9.88 86.16 21.95
CA LYS B 1632 -8.70 86.97 22.35
C LYS B 1632 -9.20 88.07 23.27
N THR B 1633 -9.09 87.86 24.58
CA THR B 1633 -9.58 88.73 25.67
C THR B 1633 -8.52 89.80 25.97
N ASP B 1634 -8.86 90.69 26.91
CA ASP B 1634 -7.99 91.77 27.48
C ASP B 1634 -7.14 91.23 28.64
N GLY B 1635 -7.53 90.11 29.25
CA GLY B 1635 -6.67 89.36 30.17
C GLY B 1635 -7.44 88.38 31.04
N VAL B 1636 -6.75 87.34 31.49
CA VAL B 1636 -7.28 86.28 32.38
C VAL B 1636 -6.47 86.35 33.66
N ARG B 1637 -7.14 86.57 34.79
CA ARG B 1637 -6.46 86.76 36.09
C ARG B 1637 -6.20 85.42 36.78
N ALA B 1638 -7.05 84.43 36.57
CA ALA B 1638 -6.90 83.10 37.21
C ALA B 1638 -7.59 81.99 36.40
N VAL B 1639 -7.14 80.76 36.58
CA VAL B 1639 -7.62 79.57 35.82
C VAL B 1639 -7.81 78.44 36.79
N SER B 1640 -8.96 77.78 36.77
CA SER B 1640 -9.20 76.52 37.53
C SER B 1640 -8.76 75.35 36.64
N ILE B 1641 -8.25 74.29 37.22
CA ILE B 1641 -7.86 73.03 36.54
C ILE B 1641 -8.40 71.87 37.38
N THR B 1642 -9.35 71.10 36.87
CA THR B 1642 -10.05 70.00 37.57
C THR B 1642 -9.67 68.69 36.88
N SER B 1643 -9.22 67.69 37.62
CA SER B 1643 -9.00 66.33 37.09
C SER B 1643 -9.79 65.33 37.93
N PHE B 1644 -10.42 64.34 37.27
CA PHE B 1644 -11.26 63.25 37.87
C PHE B 1644 -10.72 61.89 37.44
N GLY B 1645 -9.92 61.27 38.30
CA GLY B 1645 -9.34 59.93 38.12
C GLY B 1645 -10.32 58.78 38.37
N PHE B 1646 -9.93 57.60 37.88
CA PHE B 1646 -10.46 56.27 38.28
C PHE B 1646 -10.02 56.02 39.72
N GLY B 1647 -10.93 55.44 40.49
CA GLY B 1647 -10.70 55.12 41.89
C GLY B 1647 -10.81 56.36 42.74
N GLN B 1648 -11.79 57.20 42.39
CA GLN B 1648 -12.30 58.32 43.23
C GLN B 1648 -11.16 59.30 43.52
N LYS B 1649 -10.44 59.79 42.51
CA LYS B 1649 -9.45 60.88 42.68
C LYS B 1649 -9.98 62.13 42.00
N GLY B 1650 -10.43 63.09 42.78
CA GLY B 1650 -10.60 64.46 42.29
C GLY B 1650 -9.40 65.31 42.64
N GLY B 1651 -9.22 66.36 41.87
CA GLY B 1651 -8.18 67.38 42.02
C GLY B 1651 -8.74 68.71 41.56
N GLN B 1652 -8.36 69.79 42.24
CA GLN B 1652 -8.47 71.15 41.65
C GLN B 1652 -7.13 71.83 41.89
N ALA B 1653 -6.66 72.63 40.93
CA ALA B 1653 -5.61 73.65 41.11
C ALA B 1653 -6.14 74.99 40.61
N ILE B 1654 -5.76 76.09 41.24
CA ILE B 1654 -6.04 77.47 40.75
C ILE B 1654 -4.68 78.06 40.47
N VAL B 1655 -4.56 78.74 39.36
CA VAL B 1655 -3.31 79.41 38.95
C VAL B 1655 -3.66 80.87 38.69
N VAL B 1656 -2.98 81.79 39.35
CA VAL B 1656 -3.24 83.24 39.30
C VAL B 1656 -2.21 83.90 38.39
N HIS B 1657 -2.61 84.93 37.66
CA HIS B 1657 -1.68 85.64 36.76
C HIS B 1657 -0.44 85.99 37.55
N PRO B 1658 0.77 85.81 37.02
CA PRO B 1658 1.99 86.11 37.77
C PRO B 1658 2.22 87.57 38.16
N ASP B 1659 1.40 88.51 37.71
CA ASP B 1659 1.58 89.98 37.94
C ASP B 1659 1.04 90.37 39.32
N TYR B 1660 0.22 89.52 39.95
CA TYR B 1660 -0.29 89.68 41.33
C TYR B 1660 0.83 89.45 42.36
N LEU B 1661 1.98 88.95 41.95
CA LEU B 1661 3.11 88.68 42.88
C LEU B 1661 3.94 89.93 43.04
N TYR B 1662 4.08 90.71 41.96
CA TYR B 1662 5.01 91.85 41.91
C TYR B 1662 4.44 93.05 42.69
N GLY B 1663 3.13 93.13 42.85
CA GLY B 1663 2.49 93.98 43.88
C GLY B 1663 3.11 93.84 45.27
N ALA B 1664 3.55 92.65 45.65
CA ALA B 1664 4.08 92.29 46.98
C ALA B 1664 5.56 92.63 47.13
N ILE B 1665 6.20 93.26 46.15
CA ILE B 1665 7.63 93.59 46.31
C ILE B 1665 7.87 95.08 45.98
N THR B 1666 9.08 95.54 46.28
CA THR B 1666 9.51 96.95 46.17
C THR B 1666 9.96 97.23 44.73
N GLU B 1667 9.78 98.46 44.25
CA GLU B 1667 10.28 98.93 42.93
C GLU B 1667 11.76 98.52 42.73
N ASP B 1668 12.58 98.49 43.78
CA ASP B 1668 14.02 98.11 43.65
C ASP B 1668 14.16 96.61 43.37
N ARG B 1669 13.53 95.79 44.21
CA ARG B 1669 13.60 94.31 44.11
C ARG B 1669 13.09 93.85 42.74
N TYR B 1670 11.98 94.40 42.30
CA TYR B 1670 11.41 94.17 40.96
C TYR B 1670 12.43 94.50 39.88
N ASN B 1671 12.96 95.73 39.88
CA ASN B 1671 13.88 96.20 38.83
C ASN B 1671 15.14 95.32 38.82
N GLU B 1672 15.57 94.83 39.97
CA GLU B 1672 16.73 93.90 40.06
C GLU B 1672 16.36 92.59 39.34
N TYR B 1673 15.20 92.02 39.68
CA TYR B 1673 14.59 90.79 39.10
C TYR B 1673 14.51 90.97 37.60
N VAL B 1674 13.84 92.00 37.13
CA VAL B 1674 13.63 92.21 35.67
C VAL B 1674 14.95 92.09 34.90
N ALA B 1675 16.03 92.62 35.46
CA ALA B 1675 17.33 92.63 34.80
C ALA B 1675 17.89 91.21 34.81
N LYS B 1676 17.83 90.50 35.93
CA LYS B 1676 18.35 89.09 35.99
C LYS B 1676 17.61 88.24 34.95
N VAL B 1677 16.31 88.38 34.83
CA VAL B 1677 15.45 87.55 33.95
C VAL B 1677 15.89 87.81 32.53
N SER B 1678 15.86 89.07 32.14
CA SER B 1678 16.26 89.58 30.80
C SER B 1678 17.58 88.92 30.39
N ALA B 1679 18.54 88.80 31.29
CA ALA B 1679 19.86 88.18 31.03
C ALA B 1679 19.72 86.68 30.77
N ARG B 1680 19.02 85.98 31.65
CA ARG B 1680 18.69 84.54 31.56
C ARG B 1680 17.99 84.20 30.26
N GLU B 1681 16.92 84.91 29.95
CA GLU B 1681 16.15 84.70 28.71
C GLU B 1681 17.14 84.68 27.53
N LYS B 1682 18.02 85.65 27.46
CA LYS B 1682 19.01 85.79 26.36
C LYS B 1682 19.90 84.56 26.31
N SER B 1683 20.48 84.15 27.44
CA SER B 1683 21.31 82.92 27.53
C SER B 1683 20.51 81.68 27.11
N ALA B 1684 19.27 81.59 27.54
CA ALA B 1684 18.40 80.43 27.32
C ALA B 1684 18.17 80.30 25.82
N TYR B 1685 17.90 81.42 25.14
CA TYR B 1685 17.69 81.44 23.68
C TYR B 1685 18.97 80.92 23.01
N LYS B 1686 20.10 81.49 23.35
CA LYS B 1686 21.42 80.98 22.91
C LYS B 1686 21.48 79.47 23.05
N PHE B 1687 21.17 78.95 24.22
CA PHE B 1687 21.33 77.52 24.56
C PHE B 1687 20.39 76.66 23.72
N PHE B 1688 19.16 77.12 23.59
CA PHE B 1688 18.08 76.39 22.92
C PHE B 1688 18.45 76.20 21.47
N HIS B 1689 18.76 77.30 20.78
CA HIS B 1689 19.00 77.29 19.32
C HIS B 1689 20.25 76.51 19.02
N ASN B 1690 21.21 76.55 19.91
CA ASN B 1690 22.41 75.73 19.73
C ASN B 1690 22.08 74.24 19.87
N GLY B 1691 21.34 73.83 20.89
CA GLY B 1691 21.01 72.42 21.17
C GLY B 1691 20.08 71.86 20.12
N MET B 1692 19.09 72.64 19.68
CA MET B 1692 18.20 72.29 18.57
C MET B 1692 19.02 71.90 17.33
N ILE B 1693 19.94 72.73 16.85
CA ILE B 1693 20.57 72.44 15.56
C ILE B 1693 21.65 71.37 15.68
N TYR B 1694 22.28 71.18 16.83
CA TYR B 1694 23.35 70.15 17.00
C TYR B 1694 22.91 69.03 17.96
N ASN B 1695 21.63 68.69 17.97
CA ASN B 1695 21.01 67.59 18.76
C ASN B 1695 21.66 67.37 20.12
N LYS B 1696 21.59 68.38 20.98
CA LYS B 1696 22.26 68.50 22.30
C LYS B 1696 21.40 69.25 23.34
N LEU B 1697 20.10 69.42 23.17
CA LEU B 1697 19.31 70.05 24.28
C LEU B 1697 19.52 69.25 25.56
N PHE B 1698 19.49 67.93 25.43
CA PHE B 1698 19.65 67.00 26.56
C PHE B 1698 21.12 66.69 26.68
N VAL B 1699 21.69 66.86 27.88
CA VAL B 1699 23.10 66.48 28.13
C VAL B 1699 23.15 65.75 29.45
N SER B 1700 23.26 64.42 29.41
CA SER B 1700 23.47 63.60 30.63
C SER B 1700 24.71 64.14 31.37
N LYS B 1701 24.54 64.30 32.67
CA LYS B 1701 25.63 64.48 33.62
C LYS B 1701 26.31 63.13 33.74
N GLU B 1702 27.65 63.13 33.78
CA GLU B 1702 28.46 61.89 33.96
C GLU B 1702 28.85 61.77 35.42
N HIS B 1703 29.14 62.90 36.07
CA HIS B 1703 29.56 63.02 37.49
C HIS B 1703 28.55 63.88 38.23
N ALA B 1704 28.37 63.60 39.51
CA ALA B 1704 27.62 64.48 40.45
C ALA B 1704 28.37 65.79 40.64
N PRO B 1705 27.75 66.81 41.28
CA PRO B 1705 28.50 68.04 41.61
C PRO B 1705 29.51 67.84 42.74
N TYR B 1706 29.46 66.72 43.46
CA TYR B 1706 30.45 66.37 44.51
C TYR B 1706 31.18 65.11 44.07
N THR B 1707 32.41 64.96 44.53
CA THR B 1707 33.19 63.69 44.44
C THR B 1707 32.65 62.71 45.48
N ASP B 1708 32.99 61.43 45.37
CA ASP B 1708 32.61 60.37 46.36
C ASP B 1708 33.31 60.61 47.71
N GLU B 1709 34.33 61.48 47.76
CA GLU B 1709 35.06 61.87 49.00
C GLU B 1709 34.27 62.94 49.78
N LEU B 1710 33.66 63.90 49.08
CA LEU B 1710 32.85 65.01 49.66
C LEU B 1710 31.37 64.63 49.79
N GLU B 1711 30.93 63.50 49.21
CA GLU B 1711 29.50 63.07 49.17
C GLU B 1711 28.85 63.29 50.54
N GLU B 1712 29.46 62.79 51.62
CA GLU B 1712 28.86 62.76 52.99
C GLU B 1712 28.96 64.14 53.66
N ASP B 1713 30.07 64.86 53.42
CA ASP B 1713 30.36 66.20 54.01
C ASP B 1713 29.39 67.22 53.43
N VAL B 1714 29.03 67.09 52.16
CA VAL B 1714 28.02 67.95 51.48
C VAL B 1714 26.62 67.61 52.00
N TYR B 1715 26.24 66.34 52.08
CA TYR B 1715 24.90 65.94 52.58
C TYR B 1715 24.66 66.52 53.98
N LEU B 1716 25.72 66.72 54.76
CA LEU B 1716 25.62 67.05 56.20
C LEU B 1716 25.70 68.57 56.44
N ASP B 1717 26.14 69.35 55.46
CA ASP B 1717 26.18 70.83 55.59
C ASP B 1717 24.97 71.42 54.87
N PRO B 1718 23.96 71.98 55.57
CA PRO B 1718 22.87 72.68 54.90
C PRO B 1718 23.22 73.96 54.13
N LEU B 1719 24.45 74.47 54.30
CA LEU B 1719 24.84 75.79 53.75
C LEU B 1719 25.86 75.62 52.64
N ALA B 1720 26.28 74.39 52.38
CA ALA B 1720 27.22 74.02 51.29
C ALA B 1720 26.54 74.36 49.98
N ARG B 1721 27.17 75.21 49.18
CA ARG B 1721 26.68 75.60 47.83
C ARG B 1721 27.79 75.26 46.85
N VAL B 1722 27.54 75.51 45.57
CA VAL B 1722 28.38 75.06 44.42
C VAL B 1722 28.94 76.32 43.78
N SER B 1723 30.15 76.21 43.25
CA SER B 1723 30.96 77.34 42.70
C SER B 1723 31.55 76.88 41.35
N LYS B 1724 31.73 77.79 40.39
CA LYS B 1724 32.44 77.48 39.12
C LYS B 1724 33.87 77.04 39.46
N ASP B 1725 34.28 75.87 38.97
CA ASP B 1725 35.65 75.30 39.11
C ASP B 1725 36.51 75.95 38.03
N LYS B 1726 37.54 76.69 38.44
CA LYS B 1726 38.46 77.49 37.57
C LYS B 1726 38.89 76.65 36.35
N LYS B 1727 39.35 75.41 36.57
CA LYS B 1727 39.92 74.49 35.53
C LYS B 1727 38.82 73.99 34.59
N SER B 1728 37.97 73.07 35.06
CA SER B 1728 36.94 72.33 34.26
C SER B 1728 35.87 73.28 33.70
N GLY B 1729 35.54 74.37 34.41
CA GLY B 1729 34.53 75.39 34.01
C GLY B 1729 33.12 75.01 34.42
N SER B 1730 32.96 74.01 35.30
CA SER B 1730 31.67 73.38 35.68
C SER B 1730 31.42 73.52 37.19
N LEU B 1731 30.15 73.67 37.58
CA LEU B 1731 29.71 73.89 38.98
C LEU B 1731 29.96 72.63 39.81
N THR B 1732 30.82 72.70 40.81
CA THR B 1732 31.16 71.59 41.76
C THR B 1732 31.16 72.13 43.20
N PHE B 1733 31.08 71.23 44.18
CA PHE B 1733 31.32 71.51 45.62
C PHE B 1733 32.83 71.44 45.83
N ASN B 1734 33.40 72.55 46.30
CA ASN B 1734 34.82 72.72 46.73
C ASN B 1734 34.86 72.48 48.25
N SER B 1735 35.89 71.77 48.77
CA SER B 1735 36.02 71.41 50.21
C SER B 1735 36.18 72.66 51.12
N LYS B 1736 36.57 73.81 50.59
CA LYS B 1736 36.67 75.11 51.32
C LYS B 1736 35.29 75.64 51.72
N ASN B 1737 34.27 75.42 50.87
CA ASN B 1737 32.88 75.91 51.06
C ASN B 1737 32.04 74.92 51.89
N ILE B 1738 32.64 73.85 52.44
CA ILE B 1738 31.94 72.81 53.24
C ILE B 1738 32.37 72.95 54.71
N GLN B 1739 31.39 73.28 55.57
CA GLN B 1739 31.51 73.54 57.03
C GLN B 1739 32.38 74.79 57.22
N SER B 1740 32.03 75.85 56.47
CA SER B 1740 32.80 77.10 56.25
C SER B 1740 32.19 78.23 57.08
N LYS B 1741 33.03 78.94 57.84
CA LYS B 1741 32.64 80.07 58.74
C LYS B 1741 31.93 81.17 57.92
N ASP B 1742 32.32 81.42 56.66
CA ASP B 1742 31.82 82.56 55.84
C ASP B 1742 30.35 82.35 55.41
N SER B 1743 29.93 81.11 55.13
CA SER B 1743 28.53 80.71 54.85
C SER B 1743 27.61 81.19 55.98
N TYR B 1744 27.90 80.81 57.24
CA TYR B 1744 27.06 81.02 58.44
C TYR B 1744 27.17 82.46 58.93
N ILE B 1745 28.41 82.95 59.12
CA ILE B 1745 28.77 84.31 59.60
C ILE B 1745 28.92 85.24 58.38
N ASN B 1746 27.82 85.89 57.98
CA ASN B 1746 27.71 86.79 56.80
C ASN B 1746 28.20 88.19 57.19
N ALA B 1747 28.23 89.15 56.25
CA ALA B 1747 28.72 90.54 56.44
C ALA B 1747 27.94 91.28 57.55
N ASN B 1748 26.61 91.10 57.60
CA ASN B 1748 25.67 91.80 58.54
C ASN B 1748 25.93 91.39 60.00
N THR B 1749 26.27 90.12 60.26
CA THR B 1749 26.59 89.56 61.61
C THR B 1749 27.93 90.11 62.12
N ILE B 1750 28.89 90.49 61.24
CA ILE B 1750 30.22 91.08 61.65
C ILE B 1750 29.99 92.49 62.21
N GLU B 1751 29.15 93.28 61.53
CA GLU B 1751 28.85 94.71 61.82
C GLU B 1751 28.04 94.81 63.12
N THR B 1752 26.98 93.98 63.26
CA THR B 1752 26.08 93.92 64.46
C THR B 1752 26.86 93.39 65.68
N ALA B 1753 27.74 92.40 65.51
CA ALA B 1753 28.65 91.88 66.57
C ALA B 1753 29.66 92.97 66.97
N LYS B 1754 30.13 93.81 66.02
CA LYS B 1754 31.16 94.88 66.27
C LYS B 1754 30.53 96.12 66.92
N MET B 1755 29.25 96.42 66.64
CA MET B 1755 28.50 97.59 67.17
C MET B 1755 28.03 97.37 68.61
N ILE B 1756 27.83 96.12 69.04
CA ILE B 1756 27.50 95.75 70.46
C ILE B 1756 28.73 95.06 71.11
N GLU B 1757 29.93 95.25 70.53
CA GLU B 1757 31.28 95.07 71.15
C GLU B 1757 31.94 96.45 71.38
N ASN B 1758 31.30 97.55 70.92
CA ASN B 1758 31.69 98.97 71.14
C ASN B 1758 30.75 99.62 72.17
N MET B 1759 29.93 98.83 72.89
CA MET B 1759 29.10 99.29 74.03
C MET B 1759 28.95 98.17 75.08
N THR B 1760 30.02 97.41 75.35
CA THR B 1760 30.09 96.29 76.34
C THR B 1760 31.02 96.72 77.50
N LYS B 1761 30.82 97.94 78.02
CA LYS B 1761 31.57 98.59 79.15
C LYS B 1761 33.05 98.79 78.75
N GLU B 1762 33.28 99.65 77.74
CA GLU B 1762 34.63 100.14 77.30
C GLU B 1762 34.48 101.58 76.78
N LYS B 1763 33.58 101.82 75.81
CA LYS B 1763 33.27 103.17 75.24
C LYS B 1763 32.19 103.88 76.09
N VAL B 1764 31.42 103.14 76.90
CA VAL B 1764 30.19 103.60 77.62
C VAL B 1764 30.51 103.86 79.12
N SER B 1765 31.67 104.49 79.38
CA SER B 1765 32.17 104.85 80.74
C SER B 1765 31.27 105.95 81.35
N ASN B 1766 31.14 107.11 80.67
CA ASN B 1766 30.35 108.31 81.08
C ASN B 1766 29.59 108.89 79.86
N GLY B 1767 28.51 108.22 79.43
CA GLY B 1767 27.73 108.57 78.23
C GLY B 1767 26.44 107.76 78.10
N GLY B 1768 25.30 108.45 77.90
CA GLY B 1768 23.99 107.86 77.58
C GLY B 1768 23.98 107.18 76.22
N VAL B 1769 23.60 105.90 76.16
CA VAL B 1769 23.63 105.01 74.95
C VAL B 1769 22.20 104.87 74.39
N GLY B 1770 22.10 104.50 73.11
CA GLY B 1770 20.84 104.39 72.34
C GLY B 1770 20.91 103.32 71.27
N VAL B 1771 20.35 102.14 71.56
CA VAL B 1771 20.10 101.01 70.60
C VAL B 1771 18.71 101.21 70.00
N ASP B 1772 18.61 101.26 68.67
CA ASP B 1772 17.33 101.14 67.92
C ASP B 1772 17.54 100.24 66.69
N VAL B 1773 16.64 99.25 66.54
CA VAL B 1773 16.43 98.45 65.30
C VAL B 1773 15.13 98.95 64.64
N GLU B 1774 15.06 98.92 63.31
CA GLU B 1774 13.82 99.12 62.51
C GLU B 1774 13.81 98.08 61.38
N LEU B 1775 12.73 97.29 61.29
CA LEU B 1775 12.54 96.26 60.23
C LEU B 1775 12.33 96.98 58.89
N ILE B 1776 13.06 96.55 57.85
CA ILE B 1776 13.07 97.13 56.46
C ILE B 1776 11.62 97.32 55.97
N THR B 1777 10.76 96.31 56.14
CA THR B 1777 9.36 96.20 55.61
C THR B 1777 8.51 97.41 56.05
N SER B 1778 8.71 97.90 57.27
CA SER B 1778 7.91 99.00 57.90
C SER B 1778 8.20 100.37 57.26
N ILE B 1779 9.28 100.50 56.48
CA ILE B 1779 9.60 101.72 55.64
C ILE B 1779 8.81 101.63 54.33
N ASN B 1780 7.98 102.65 54.05
CA ASN B 1780 7.19 102.83 52.81
C ASN B 1780 7.78 104.02 52.01
N VAL B 1781 8.61 103.71 51.00
CA VAL B 1781 9.42 104.67 50.18
C VAL B 1781 8.49 105.54 49.31
N GLU B 1782 7.52 104.90 48.62
CA GLU B 1782 6.53 105.56 47.69
C GLU B 1782 5.74 106.65 48.44
N ASN B 1783 5.38 106.40 49.71
CA ASN B 1783 4.72 107.37 50.65
C ASN B 1783 5.65 108.58 50.87
N ASP B 1784 5.21 109.79 50.49
CA ASP B 1784 6.00 111.06 50.44
C ASP B 1784 5.71 111.97 51.67
N THR B 1785 4.70 111.65 52.52
CA THR B 1785 4.40 112.36 53.79
C THR B 1785 5.48 112.01 54.83
N PHE B 1786 5.76 110.71 55.00
CA PHE B 1786 6.74 110.17 55.99
C PHE B 1786 8.17 110.61 55.61
N ILE B 1787 8.53 110.57 54.31
CA ILE B 1787 9.93 110.74 53.79
C ILE B 1787 10.30 112.24 53.77
N GLU B 1788 9.37 113.14 53.44
CA GLU B 1788 9.63 114.63 53.39
C GLU B 1788 9.80 115.21 54.81
N ARG B 1789 8.90 114.84 55.74
CA ARG B 1789 8.78 115.42 57.12
C ARG B 1789 9.84 114.87 58.09
N ASN B 1790 10.36 113.64 57.88
CA ASN B 1790 11.34 112.95 58.77
C ASN B 1790 12.72 112.75 58.10
N PHE B 1791 12.94 113.22 56.85
CA PHE B 1791 14.26 113.20 56.17
C PHE B 1791 14.55 114.57 55.52
N THR B 1792 15.84 114.95 55.52
CA THR B 1792 16.42 116.15 54.85
C THR B 1792 16.56 115.87 53.35
N PRO B 1793 16.76 116.89 52.47
CA PRO B 1793 17.16 116.66 51.06
C PRO B 1793 18.53 116.01 50.82
N GLN B 1794 19.41 115.93 51.82
CA GLN B 1794 20.77 115.30 51.74
C GLN B 1794 20.67 113.76 51.94
N GLU B 1795 19.70 113.28 52.74
CA GLU B 1795 19.49 111.83 53.08
C GLU B 1795 18.58 111.16 52.03
N ILE B 1796 17.65 111.90 51.41
CA ILE B 1796 16.78 111.43 50.28
C ILE B 1796 17.64 111.27 49.01
N GLU B 1797 18.54 112.23 48.75
CA GLU B 1797 19.52 112.22 47.60
C GLU B 1797 20.48 111.03 47.74
N TYR B 1798 20.91 110.68 48.97
CA TYR B 1798 21.87 109.57 49.24
C TYR B 1798 21.15 108.21 49.17
N CYS B 1799 20.07 108.02 49.94
CA CYS B 1799 19.34 106.71 50.11
C CYS B 1799 18.70 106.26 48.78
N SER B 1800 18.09 107.19 48.01
CA SER B 1800 17.43 106.96 46.68
C SER B 1800 18.45 106.42 45.65
N ALA B 1801 19.72 106.82 45.74
CA ALA B 1801 20.82 106.48 44.79
C ALA B 1801 21.52 105.16 45.15
N GLN B 1802 21.21 104.55 46.32
CA GLN B 1802 21.80 103.25 46.78
C GLN B 1802 21.14 102.08 46.04
N PRO B 1803 21.78 100.86 46.04
CA PRO B 1803 21.16 99.65 45.47
C PRO B 1803 19.82 99.27 46.14
N SER B 1804 19.84 99.08 47.47
CA SER B 1804 18.67 98.76 48.34
C SER B 1804 18.17 100.05 49.02
N VAL B 1805 17.24 100.75 48.37
CA VAL B 1805 16.72 102.10 48.75
C VAL B 1805 15.95 101.98 50.08
N GLN B 1806 15.24 100.87 50.29
CA GLN B 1806 14.36 100.62 51.46
C GLN B 1806 15.20 100.18 52.66
N SER B 1807 16.31 99.46 52.43
CA SER B 1807 17.31 99.06 53.46
C SER B 1807 18.13 100.27 53.93
N SER B 1808 18.40 101.24 53.04
CA SER B 1808 19.21 102.45 53.34
C SER B 1808 18.38 103.49 54.11
N PHE B 1809 17.08 103.69 53.78
CA PHE B 1809 16.14 104.55 54.57
C PHE B 1809 15.93 103.98 55.98
N ALA B 1810 15.91 102.65 56.14
CA ALA B 1810 15.73 101.93 57.43
C ALA B 1810 17.03 101.97 58.25
N GLY B 1811 18.19 102.05 57.59
CA GLY B 1811 19.51 102.27 58.24
C GLY B 1811 19.62 103.66 58.85
N THR B 1812 19.22 104.70 58.09
CA THR B 1812 19.21 106.14 58.48
C THR B 1812 18.14 106.39 59.57
N TRP B 1813 16.92 105.88 59.39
CA TRP B 1813 15.75 106.01 60.31
C TRP B 1813 16.08 105.42 61.69
N SER B 1814 16.91 104.38 61.74
CA SER B 1814 17.39 103.69 62.97
C SER B 1814 18.41 104.57 63.71
N ALA B 1815 19.31 105.26 62.97
CA ALA B 1815 20.32 106.21 63.51
C ALA B 1815 19.64 107.42 64.18
N LYS B 1816 18.54 107.93 63.61
CA LYS B 1816 17.72 109.07 64.14
C LYS B 1816 17.00 108.69 65.44
N GLU B 1817 16.61 107.41 65.59
CA GLU B 1817 15.94 106.85 66.80
C GLU B 1817 17.00 106.33 67.80
N ALA B 1818 18.26 106.17 67.37
CA ALA B 1818 19.42 105.79 68.23
C ALA B 1818 20.01 107.05 68.88
N VAL B 1819 20.16 108.15 68.13
CA VAL B 1819 20.57 109.50 68.60
C VAL B 1819 19.52 110.01 69.62
N PHE B 1820 18.24 110.05 69.25
CA PHE B 1820 17.08 110.60 70.02
C PHE B 1820 16.96 109.95 71.42
N LYS B 1821 17.37 108.67 71.55
CA LYS B 1821 17.41 107.92 72.84
C LYS B 1821 18.74 108.21 73.58
N SER B 1822 19.86 108.30 72.85
CA SER B 1822 21.24 108.49 73.42
C SER B 1822 21.38 109.84 74.15
N LEU B 1823 20.71 110.91 73.67
CA LEU B 1823 20.62 112.26 74.31
C LEU B 1823 20.03 112.16 75.74
N GLY B 1824 19.06 111.25 75.93
CA GLY B 1824 18.28 111.07 77.18
C GLY B 1824 16.88 111.68 77.10
N VAL B 1825 16.68 112.68 76.22
CA VAL B 1825 15.47 113.56 76.15
C VAL B 1825 14.26 112.70 75.71
N LYS B 1826 13.08 112.98 76.29
CA LYS B 1826 11.81 112.19 76.13
C LYS B 1826 11.05 112.68 74.88
N SER B 1827 10.91 114.00 74.70
CA SER B 1827 10.11 114.68 73.64
C SER B 1827 10.79 115.99 73.18
N LEU B 1828 10.62 116.35 71.89
CA LEU B 1828 11.12 117.63 71.26
C LEU B 1828 9.95 118.52 70.78
N GLY B 1829 8.83 118.53 71.54
CA GLY B 1829 7.68 119.46 71.38
C GLY B 1829 6.65 118.96 70.38
N GLY B 1830 5.58 118.31 70.87
CA GLY B 1830 4.43 117.79 70.08
C GLY B 1830 4.67 116.37 69.56
N GLY B 1831 4.84 116.22 68.24
CA GLY B 1831 5.14 114.94 67.56
C GLY B 1831 6.63 114.74 67.31
N ALA B 1832 6.98 113.67 66.56
CA ALA B 1832 8.35 113.25 66.18
C ALA B 1832 8.66 113.75 64.74
N ALA B 1833 9.31 114.93 64.64
CA ALA B 1833 9.94 115.48 63.41
C ALA B 1833 11.47 115.35 63.54
N LEU B 1834 12.02 114.19 63.11
CA LEU B 1834 13.45 113.77 63.26
C LEU B 1834 14.26 114.17 62.00
N LYS B 1835 13.71 115.03 61.15
CA LYS B 1835 14.42 115.80 60.07
C LYS B 1835 15.59 116.59 60.69
N ASP B 1836 15.38 117.15 61.90
CA ASP B 1836 16.30 118.04 62.68
C ASP B 1836 17.63 117.30 62.94
N ILE B 1837 17.56 116.02 63.37
CA ILE B 1837 18.72 115.09 63.57
C ILE B 1837 19.12 114.55 62.18
N GLU B 1838 20.21 115.08 61.59
CA GLU B 1838 20.66 114.74 60.22
C GLU B 1838 21.87 113.76 60.32
N ILE B 1839 21.82 112.67 59.54
CA ILE B 1839 22.91 111.66 59.34
C ILE B 1839 23.52 111.88 57.94
N VAL B 1840 24.68 112.56 57.87
CA VAL B 1840 25.50 112.78 56.63
C VAL B 1840 26.37 111.53 56.40
N ARG B 1841 25.85 110.60 55.60
CA ARG B 1841 26.51 109.30 55.26
C ARG B 1841 27.36 109.50 54.00
N VAL B 1842 28.67 109.70 54.19
CA VAL B 1842 29.67 109.77 53.07
C VAL B 1842 29.86 108.33 52.56
N ASN B 1843 29.86 108.12 51.23
CA ASN B 1843 30.21 106.83 50.55
C ASN B 1843 31.60 106.37 51.04
N LYS B 1844 31.72 105.11 51.51
CA LYS B 1844 32.96 104.50 52.09
C LYS B 1844 33.57 105.49 53.12
N ASN B 1845 32.84 105.72 54.22
CA ASN B 1845 33.23 106.65 55.33
C ASN B 1845 32.24 106.46 56.49
N ALA B 1846 32.76 106.50 57.73
CA ALA B 1846 31.97 106.46 59.00
C ALA B 1846 30.90 107.56 58.97
N PRO B 1847 29.62 107.24 59.29
CA PRO B 1847 28.52 108.23 59.24
C PRO B 1847 28.60 109.30 60.36
N ALA B 1848 28.43 110.57 59.98
CA ALA B 1848 28.49 111.76 60.87
C ALA B 1848 27.06 112.16 61.27
N VAL B 1849 26.89 112.68 62.51
CA VAL B 1849 25.64 113.28 63.05
C VAL B 1849 25.86 114.79 63.26
N GLU B 1850 25.16 115.62 62.46
CA GLU B 1850 25.08 117.11 62.59
C GLU B 1850 23.63 117.49 62.86
N LEU B 1851 23.34 118.05 64.04
CA LEU B 1851 21.97 118.18 64.62
C LEU B 1851 21.60 119.67 64.76
N HIS B 1852 20.45 120.07 64.18
CA HIS B 1852 19.95 121.48 64.06
C HIS B 1852 18.61 121.63 64.78
N GLY B 1853 18.05 122.86 64.78
CA GLY B 1853 16.71 123.19 65.32
C GLY B 1853 16.63 123.01 66.84
N ASN B 1854 15.50 122.50 67.34
CA ASN B 1854 15.18 122.34 68.79
C ASN B 1854 15.87 121.11 69.39
N ALA B 1855 16.39 120.18 68.56
CA ALA B 1855 17.17 118.98 68.97
C ALA B 1855 18.60 119.36 69.36
N LYS B 1856 19.16 120.40 68.71
CA LYS B 1856 20.50 120.99 69.01
C LYS B 1856 20.52 121.67 70.38
N LYS B 1857 19.43 122.38 70.73
CA LYS B 1857 19.26 123.17 71.99
C LYS B 1857 19.24 122.24 73.22
N ALA B 1858 18.38 121.20 73.23
CA ALA B 1858 18.18 120.24 74.35
C ALA B 1858 19.38 119.29 74.50
N ALA B 1859 20.28 119.22 73.50
CA ALA B 1859 21.52 118.42 73.50
C ALA B 1859 22.66 119.20 74.20
N GLU B 1860 22.89 120.46 73.80
CA GLU B 1860 23.92 121.38 74.38
C GLU B 1860 23.53 121.80 75.81
N GLU B 1861 22.22 121.83 76.13
CA GLU B 1861 21.62 122.06 77.49
C GLU B 1861 21.83 120.83 78.41
N ALA B 1862 21.77 119.60 77.86
CA ALA B 1862 21.99 118.31 78.58
C ALA B 1862 23.49 118.05 78.85
N GLY B 1863 24.40 118.73 78.13
CA GLY B 1863 25.87 118.53 78.22
C GLY B 1863 26.36 117.49 77.22
N VAL B 1864 26.32 117.82 75.92
CA VAL B 1864 26.63 116.91 74.76
C VAL B 1864 27.47 117.66 73.72
N THR B 1865 28.78 117.34 73.63
CA THR B 1865 29.78 117.95 72.71
C THR B 1865 29.74 117.22 71.35
N ASP B 1866 29.97 115.90 71.34
CA ASP B 1866 30.00 115.00 70.14
C ASP B 1866 29.00 113.84 70.32
N VAL B 1867 28.38 113.39 69.21
CA VAL B 1867 27.42 112.25 69.13
C VAL B 1867 27.83 111.30 67.98
N LYS B 1868 28.50 110.19 68.32
CA LYS B 1868 28.86 109.09 67.39
C LYS B 1868 27.58 108.31 67.00
N VAL B 1869 27.64 107.52 65.92
CA VAL B 1869 26.57 106.53 65.55
C VAL B 1869 27.15 105.48 64.58
N SER B 1870 26.72 104.21 64.73
CA SER B 1870 27.04 103.06 63.82
C SER B 1870 25.74 102.48 63.22
N ILE B 1871 25.76 102.11 61.93
CA ILE B 1871 24.59 101.53 61.19
C ILE B 1871 25.04 100.27 60.42
N SER B 1872 24.39 99.13 60.68
CA SER B 1872 24.33 97.92 59.82
C SER B 1872 22.90 97.71 59.35
N HIS B 1873 22.72 97.49 58.04
CA HIS B 1873 21.41 97.28 57.37
C HIS B 1873 21.54 96.16 56.33
N ASP B 1874 20.48 95.36 56.16
CA ASP B 1874 20.41 94.23 55.21
C ASP B 1874 18.95 94.09 54.73
N ASP B 1875 18.48 92.87 54.39
CA ASP B 1875 17.12 92.62 53.82
C ASP B 1875 16.03 92.63 54.91
N LEU B 1876 16.37 92.43 56.21
CA LEU B 1876 15.40 92.28 57.33
C LEU B 1876 15.52 93.42 58.37
N GLN B 1877 16.58 93.43 59.20
CA GLN B 1877 16.74 94.37 60.35
C GLN B 1877 17.73 95.48 59.93
N ALA B 1878 17.64 96.65 60.55
CA ALA B 1878 18.55 97.81 60.40
C ALA B 1878 18.90 98.36 61.78
N VAL B 1879 19.96 97.86 62.41
CA VAL B 1879 20.36 98.19 63.81
C VAL B 1879 21.22 99.48 63.80
N ALA B 1880 21.05 100.32 64.83
CA ALA B 1880 21.76 101.61 65.03
C ALA B 1880 22.12 101.78 66.51
N VAL B 1881 23.43 101.86 66.82
CA VAL B 1881 23.98 102.20 68.16
C VAL B 1881 24.50 103.64 68.11
N ALA B 1882 24.16 104.47 69.12
CA ALA B 1882 24.66 105.87 69.31
C ALA B 1882 25.17 106.04 70.75
N VAL B 1883 26.30 106.73 70.92
CA VAL B 1883 26.82 107.25 72.24
C VAL B 1883 26.86 108.78 72.18
N SER B 1884 26.48 109.45 73.27
CA SER B 1884 26.52 110.93 73.47
C SER B 1884 27.31 111.27 74.75
N THR B 1885 28.56 111.73 74.60
CA THR B 1885 29.49 112.16 75.69
C THR B 1885 29.48 113.70 75.79
N LYS B 1886 29.98 114.24 76.92
CA LYS B 1886 30.17 115.71 77.18
C LYS B 1886 31.23 116.28 76.22
N MET C 1 109.28 33.29 58.43
CA MET C 1 108.02 33.01 59.20
C MET C 1 107.49 31.61 58.84
N LYS C 2 107.34 30.72 59.83
CA LYS C 2 106.78 29.36 59.68
C LYS C 2 105.36 29.49 59.12
N PRO C 3 104.92 28.64 58.15
CA PRO C 3 103.55 28.71 57.63
C PRO C 3 102.45 28.61 58.70
N GLU C 4 102.59 27.69 59.68
CA GLU C 4 101.64 27.49 60.83
C GLU C 4 101.32 28.83 61.51
N VAL C 5 102.32 29.69 61.65
CA VAL C 5 102.24 31.03 62.31
C VAL C 5 101.62 32.03 61.34
N GLU C 6 102.22 32.19 60.16
CA GLU C 6 101.72 33.07 59.04
C GLU C 6 100.19 32.88 58.92
N GLN C 7 99.72 31.64 59.07
CA GLN C 7 98.28 31.27 59.01
C GLN C 7 97.54 31.80 60.24
N GLU C 8 98.09 31.59 61.43
CA GLU C 8 97.57 32.12 62.72
C GLU C 8 97.29 33.62 62.58
N LEU C 9 98.24 34.37 62.01
CA LEU C 9 98.22 35.85 61.98
C LEU C 9 97.25 36.33 60.90
N ALA C 10 97.30 35.74 59.71
CA ALA C 10 96.34 36.00 58.61
C ALA C 10 94.91 35.83 59.15
N HIS C 11 94.65 34.75 59.89
CA HIS C 11 93.37 34.48 60.61
C HIS C 11 93.00 35.66 61.49
N ILE C 12 93.89 36.09 62.40
CA ILE C 12 93.67 37.27 63.29
C ILE C 12 93.29 38.46 62.41
N LEU C 13 94.19 38.87 61.51
CA LEU C 13 94.02 40.10 60.70
C LEU C 13 92.70 40.06 59.94
N LEU C 14 92.40 38.94 59.29
CA LEU C 14 91.21 38.75 58.40
C LEU C 14 89.94 38.95 59.23
N THR C 15 89.90 38.36 60.43
CA THR C 15 88.82 38.49 61.44
C THR C 15 88.64 39.96 61.84
N GLU C 16 89.73 40.69 62.10
CA GLU C 16 89.67 42.13 62.53
C GLU C 16 89.29 43.04 61.37
N LEU C 17 89.82 42.81 60.17
CA LEU C 17 89.44 43.56 58.95
C LEU C 17 87.93 43.53 58.77
N LEU C 18 87.30 42.36 58.94
CA LEU C 18 85.84 42.11 58.71
C LEU C 18 85.03 42.73 59.85
N ALA C 19 85.43 42.43 61.10
CA ALA C 19 84.80 42.93 62.34
C ALA C 19 84.52 44.43 62.22
N TYR C 20 85.59 45.21 62.03
CA TYR C 20 85.61 46.70 62.06
C TYR C 20 85.08 47.28 60.76
N GLN C 21 85.07 46.50 59.68
CA GLN C 21 84.67 46.94 58.32
C GLN C 21 83.41 47.84 58.34
N PHE C 22 82.44 47.57 59.20
CA PHE C 22 81.12 48.28 59.19
C PHE C 22 81.14 49.46 60.15
N ALA C 23 82.26 49.67 60.84
CA ALA C 23 82.51 50.71 61.85
C ALA C 23 83.62 51.65 61.35
N SER C 24 83.93 51.61 60.06
CA SER C 24 84.91 52.50 59.39
C SER C 24 84.38 52.80 58.00
N PRO C 25 84.88 53.83 57.30
CA PRO C 25 84.30 54.19 56.01
C PRO C 25 84.88 53.25 54.94
N VAL C 26 84.11 53.02 53.88
CA VAL C 26 84.45 52.15 52.72
C VAL C 26 85.31 52.97 51.76
N ARG C 27 86.59 52.63 51.65
CA ARG C 27 87.58 53.40 50.86
C ARG C 27 87.64 52.87 49.42
N TRP C 28 86.57 53.09 48.67
CA TRP C 28 86.40 52.52 47.30
C TRP C 28 87.14 53.38 46.26
N ILE C 29 87.39 54.67 46.51
CA ILE C 29 88.29 55.52 45.68
C ILE C 29 89.66 54.83 45.66
N GLU C 30 90.28 54.68 46.82
CA GLU C 30 91.66 54.17 46.94
C GLU C 30 91.70 52.75 46.39
N THR C 31 90.63 51.97 46.59
CA THR C 31 90.51 50.56 46.16
C THR C 31 90.59 50.53 44.63
N GLN C 32 89.67 51.18 43.94
CA GLN C 32 89.71 51.36 42.47
C GLN C 32 91.15 51.68 42.02
N ASP C 33 91.80 52.63 42.67
CA ASP C 33 93.14 53.14 42.28
C ASP C 33 94.24 52.13 42.65
N VAL C 34 93.90 51.00 43.27
CA VAL C 34 94.87 49.91 43.56
C VAL C 34 94.79 48.89 42.44
N PHE C 35 93.58 48.55 42.01
CA PHE C 35 93.36 47.49 41.02
C PHE C 35 93.40 48.08 39.60
N LEU C 36 93.05 49.35 39.41
CA LEU C 36 93.16 50.02 38.08
C LEU C 36 94.62 50.42 37.80
N LYS C 37 95.35 50.96 38.77
CA LYS C 37 96.75 51.43 38.56
C LYS C 37 97.75 50.33 38.93
N ASP C 38 97.85 49.95 40.20
CA ASP C 38 99.00 49.15 40.75
C ASP C 38 98.92 47.67 40.31
N PHE C 39 97.85 47.24 39.63
CA PHE C 39 97.73 45.88 39.02
C PHE C 39 97.47 45.97 37.51
N ASN C 40 97.11 47.14 36.98
CA ASN C 40 96.85 47.38 35.53
C ASN C 40 95.85 46.32 35.06
N THR C 41 94.76 46.19 35.80
CA THR C 41 93.64 45.29 35.50
C THR C 41 93.09 45.63 34.11
N GLU C 42 93.10 44.65 33.20
CA GLU C 42 92.66 44.81 31.80
C GLU C 42 91.17 44.46 31.70
N ARG C 43 90.56 43.99 32.78
CA ARG C 43 89.18 43.44 32.78
C ARG C 43 88.64 43.43 34.22
N VAL C 44 87.64 44.26 34.53
CA VAL C 44 86.92 44.19 35.83
C VAL C 44 85.59 43.48 35.58
N VAL C 45 85.32 42.44 36.36
CA VAL C 45 84.05 41.68 36.31
C VAL C 45 83.27 42.07 37.56
N GLU C 46 82.12 42.72 37.41
CA GLU C 46 81.25 43.04 38.56
C GLU C 46 80.30 41.87 38.76
N ILE C 47 80.50 41.08 39.82
CA ILE C 47 79.54 40.03 40.24
C ILE C 47 78.49 40.75 41.09
N GLY C 48 77.23 40.68 40.69
CA GLY C 48 76.16 41.42 41.38
C GLY C 48 74.91 41.49 40.52
N PRO C 49 73.74 41.70 41.16
CA PRO C 49 72.47 41.73 40.44
C PRO C 49 72.25 42.94 39.52
N SER C 50 72.73 44.12 39.91
CA SER C 50 72.72 45.35 39.06
C SER C 50 74.15 45.76 38.77
N PRO C 51 74.39 46.67 37.79
CA PRO C 51 75.75 47.16 37.50
C PRO C 51 76.20 48.45 38.20
N THR C 52 76.29 48.47 39.54
CA THR C 52 76.62 49.70 40.31
C THR C 52 78.11 50.00 40.17
N LEU C 53 78.97 49.05 40.53
CA LEU C 53 80.46 49.19 40.60
C LEU C 53 81.10 49.22 39.21
N ALA C 54 80.40 48.75 38.19
CA ALA C 54 80.79 48.84 36.77
C ALA C 54 80.54 50.26 36.26
N GLY C 55 79.41 50.86 36.64
CA GLY C 55 79.16 52.31 36.48
C GLY C 55 80.27 53.14 37.12
N MET C 56 80.70 52.79 38.32
CA MET C 56 81.69 53.56 39.13
C MET C 56 83.08 53.44 38.50
N ALA C 57 83.45 52.26 38.00
CA ALA C 57 84.76 52.01 37.36
C ALA C 57 84.81 52.76 36.03
N GLN C 58 83.72 52.72 35.25
CA GLN C 58 83.60 53.47 33.97
C GLN C 58 83.90 54.95 34.23
N ARG C 59 83.22 55.54 35.22
CA ARG C 59 83.35 56.98 35.58
C ARG C 59 84.75 57.26 36.12
N THR C 60 85.32 56.41 36.98
CA THR C 60 86.68 56.59 37.54
C THR C 60 87.74 56.50 36.43
N LEU C 61 87.53 55.65 35.42
CA LEU C 61 88.54 55.43 34.34
C LEU C 61 88.60 56.68 33.47
N LYS C 62 87.43 57.21 33.15
CA LYS C 62 87.27 58.42 32.30
C LYS C 62 87.83 59.67 33.00
N ASN C 63 87.64 59.79 34.31
CA ASN C 63 87.97 60.99 35.12
C ASN C 63 89.48 61.14 35.27
N LYS C 64 90.25 60.06 35.49
CA LYS C 64 91.70 60.24 35.82
C LYS C 64 92.60 59.14 35.25
N TYR C 65 92.14 58.33 34.30
CA TYR C 65 92.96 57.23 33.73
C TYR C 65 93.02 57.33 32.18
N GLU C 66 92.48 58.41 31.57
CA GLU C 66 92.54 58.62 30.09
C GLU C 66 94.01 58.68 29.65
N SER C 67 94.80 59.57 30.27
CA SER C 67 96.22 59.82 29.91
C SER C 67 97.12 58.66 30.37
N TYR C 68 96.79 57.95 31.46
CA TYR C 68 97.57 56.80 31.98
C TYR C 68 97.40 55.58 31.06
N ASP C 69 96.16 55.30 30.62
CA ASP C 69 95.81 54.12 29.77
C ASP C 69 96.47 54.27 28.40
N ALA C 70 96.26 55.41 27.73
CA ALA C 70 96.79 55.70 26.38
C ALA C 70 98.31 55.52 26.36
N ALA C 71 99.00 55.91 27.43
CA ALA C 71 100.48 55.88 27.56
C ALA C 71 101.02 54.46 27.83
N LEU C 72 100.16 53.47 28.13
CA LEU C 72 100.51 52.03 28.27
C LEU C 72 99.90 51.22 27.10
N SER C 73 99.09 51.87 26.23
CA SER C 73 98.26 51.24 25.16
C SER C 73 97.42 50.11 25.78
N LEU C 74 96.76 50.43 26.90
CA LEU C 74 96.06 49.48 27.80
C LEU C 74 94.55 49.60 27.55
N HIS C 75 94.01 48.73 26.71
CA HIS C 75 92.55 48.61 26.47
C HIS C 75 91.96 47.90 27.69
N ARG C 76 90.85 48.41 28.23
CA ARG C 76 90.23 47.97 29.51
C ARG C 76 88.77 47.61 29.29
N GLU C 77 88.33 46.52 29.93
CA GLU C 77 86.99 45.93 29.75
C GLU C 77 86.27 46.00 31.11
N ILE C 78 85.05 46.55 31.15
CA ILE C 78 84.24 46.66 32.41
C ILE C 78 82.94 45.87 32.20
N LEU C 79 82.81 44.73 32.86
CA LEU C 79 81.73 43.76 32.58
C LEU C 79 80.94 43.50 33.84
N CYS C 80 79.65 43.77 33.81
CA CYS C 80 78.66 43.30 34.81
C CYS C 80 78.25 41.85 34.51
N TYR C 81 78.10 41.01 35.54
CA TYR C 81 77.59 39.62 35.41
C TYR C 81 76.16 39.61 34.87
N SER C 82 75.33 40.55 35.33
CA SER C 82 73.88 40.59 35.05
C SER C 82 73.61 40.95 33.57
N LYS C 83 74.40 41.87 33.02
CA LYS C 83 74.16 42.57 31.73
C LYS C 83 75.02 41.98 30.61
N ASP C 84 76.24 41.49 30.91
CA ASP C 84 77.27 41.06 29.93
C ASP C 84 77.64 39.59 30.14
N ALA C 85 76.67 38.71 30.38
CA ALA C 85 76.90 37.27 30.63
C ALA C 85 77.60 36.61 29.44
N LYS C 86 77.12 36.92 28.24
CA LYS C 86 77.62 36.39 26.94
C LYS C 86 79.12 36.67 26.75
N GLU C 87 79.61 37.84 27.16
CA GLU C 87 81.08 38.16 27.09
C GLU C 87 81.86 37.32 28.12
N ILE C 88 81.27 37.05 29.29
CA ILE C 88 81.96 36.43 30.45
C ILE C 88 81.99 34.91 30.26
N TYR C 89 80.87 34.34 29.81
CA TYR C 89 80.66 32.87 29.69
C TYR C 89 81.21 32.35 28.37
N TYR C 90 81.56 33.25 27.44
CA TYR C 90 81.91 32.94 26.03
C TYR C 90 80.80 32.05 25.44
N THR C 91 79.64 32.65 25.17
CA THR C 91 78.45 31.98 24.58
C THR C 91 77.69 32.99 23.72
N PRO C 92 78.25 33.42 22.55
CA PRO C 92 77.51 34.28 21.64
C PRO C 92 76.36 33.54 20.96
N ASP C 93 75.35 34.30 20.50
CA ASP C 93 74.30 33.84 19.55
C ASP C 93 74.86 33.95 18.11
N PRO C 94 74.35 33.14 17.14
CA PRO C 94 74.78 33.24 15.74
C PRO C 94 74.23 34.49 15.03
N ILE C 140 51.26 35.48 -16.72
CA ILE C 140 51.64 36.35 -15.56
C ILE C 140 51.87 37.79 -16.07
N ALA C 141 51.39 38.78 -15.29
CA ALA C 141 51.28 40.22 -15.64
C ALA C 141 52.68 40.83 -15.89
N ASP C 142 52.80 41.66 -16.93
CA ASP C 142 54.06 42.33 -17.36
C ASP C 142 54.25 43.63 -16.55
N GLU C 143 55.47 43.87 -16.04
CA GLU C 143 55.84 45.05 -15.20
C GLU C 143 57.25 45.51 -15.58
N PRO C 144 57.45 46.79 -15.97
CA PRO C 144 58.81 47.32 -16.21
C PRO C 144 59.67 47.24 -14.93
N VAL C 145 60.95 46.89 -15.08
CA VAL C 145 61.95 46.74 -13.97
C VAL C 145 61.96 48.04 -13.13
N LYS C 146 62.10 47.87 -11.81
CA LYS C 146 62.36 48.95 -10.84
C LYS C 146 63.83 49.40 -10.98
N ALA C 147 64.09 50.68 -10.66
CA ALA C 147 65.44 51.25 -10.49
C ALA C 147 66.11 50.60 -9.27
N SER C 148 65.33 50.30 -8.23
CA SER C 148 65.82 49.80 -6.91
C SER C 148 66.48 48.42 -7.07
N LEU C 149 66.01 47.61 -8.02
CA LEU C 149 66.59 46.28 -8.39
C LEU C 149 67.84 46.52 -9.24
N LEU C 150 67.68 47.25 -10.36
CA LEU C 150 68.73 47.53 -11.40
C LEU C 150 69.98 48.14 -10.76
N LEU C 151 69.80 49.17 -9.93
CA LEU C 151 70.89 49.84 -9.17
C LEU C 151 71.62 48.81 -8.28
N HIS C 152 70.87 47.98 -7.55
CA HIS C 152 71.39 46.94 -6.62
C HIS C 152 72.33 45.98 -7.39
N VAL C 153 71.90 45.59 -8.60
CA VAL C 153 72.55 44.60 -9.51
C VAL C 153 73.84 45.20 -10.09
N LEU C 154 73.75 46.40 -10.67
CA LEU C 154 74.89 47.18 -11.23
C LEU C 154 75.99 47.34 -10.17
N VAL C 155 75.65 47.70 -8.93
CA VAL C 155 76.61 47.83 -7.80
C VAL C 155 77.14 46.43 -7.44
N ALA C 156 76.24 45.46 -7.20
CA ALA C 156 76.57 44.06 -6.83
C ALA C 156 77.60 43.48 -7.81
N HIS C 157 77.36 43.66 -9.11
CA HIS C 157 78.22 43.14 -10.21
C HIS C 157 79.61 43.77 -10.14
N LYS C 158 79.73 45.08 -9.88
CA LYS C 158 81.03 45.81 -9.88
C LYS C 158 81.87 45.46 -8.65
N LEU C 159 81.25 44.98 -7.56
CA LEU C 159 81.93 44.62 -6.29
C LEU C 159 82.24 43.12 -6.24
N LYS C 160 81.89 42.35 -7.27
CA LYS C 160 82.08 40.86 -7.32
C LYS C 160 81.45 40.26 -6.07
N LYS C 161 80.19 40.59 -5.79
CA LYS C 161 79.48 40.27 -4.52
C LYS C 161 78.01 39.96 -4.79
N SER C 162 77.40 39.20 -3.87
CA SER C 162 76.02 38.63 -3.95
C SER C 162 74.97 39.71 -3.65
N LEU C 163 73.82 39.58 -4.31
CA LEU C 163 72.70 40.57 -4.37
C LEU C 163 72.08 40.82 -2.97
N ASP C 164 72.48 40.08 -1.92
CA ASP C 164 72.01 40.29 -0.52
C ASP C 164 73.17 40.68 0.42
N SER C 165 74.44 40.43 0.04
CA SER C 165 75.64 40.88 0.80
C SER C 165 75.78 42.42 0.75
N ILE C 166 75.16 43.08 -0.24
CA ILE C 166 74.99 44.56 -0.30
C ILE C 166 73.65 44.91 0.35
N PRO C 167 73.64 45.59 1.52
CA PRO C 167 72.41 46.18 2.06
C PRO C 167 72.17 47.53 1.39
N MET C 168 70.91 47.81 1.02
CA MET C 168 70.51 49.00 0.21
C MET C 168 70.63 50.27 1.06
N SER C 169 70.64 50.16 2.40
CA SER C 169 70.60 51.32 3.33
C SER C 169 72.02 51.78 3.67
N LYS C 170 72.83 52.03 2.63
CA LYS C 170 74.31 52.19 2.75
C LYS C 170 74.87 52.92 1.51
N THR C 171 75.74 53.92 1.74
CA THR C 171 76.29 54.83 0.68
C THR C 171 77.30 54.07 -0.17
N ILE C 172 77.52 54.51 -1.41
CA ILE C 172 78.46 53.84 -2.36
C ILE C 172 79.89 53.99 -1.84
N LYS C 173 80.23 55.15 -1.24
CA LYS C 173 81.56 55.45 -0.64
C LYS C 173 81.80 54.60 0.63
N ASP C 174 80.76 54.03 1.21
CA ASP C 174 80.81 53.09 2.35
C ASP C 174 81.25 51.70 1.83
N LEU C 175 80.60 51.19 0.77
CA LEU C 175 80.80 49.81 0.24
C LEU C 175 82.21 49.61 -0.31
N VAL C 176 82.79 50.64 -0.96
CA VAL C 176 84.15 50.58 -1.58
C VAL C 176 85.06 51.64 -0.94
N GLY C 177 84.85 51.94 0.36
CA GLY C 177 85.53 53.04 1.07
C GLY C 177 87.01 53.09 0.72
N GLY C 178 87.68 51.93 0.77
CA GLY C 178 89.11 51.78 0.43
C GLY C 178 89.40 52.34 -0.95
N LYS C 179 89.30 51.49 -1.97
CA LYS C 179 89.66 51.83 -3.38
C LYS C 179 88.70 52.91 -3.87
N SER C 180 89.26 54.05 -4.25
CA SER C 180 88.51 55.17 -4.81
C SER C 180 88.23 55.00 -6.30
N THR C 181 89.04 54.18 -6.99
CA THR C 181 88.86 53.90 -8.40
C THR C 181 87.49 53.27 -8.65
N VAL C 182 87.18 52.19 -7.92
CA VAL C 182 85.92 51.40 -8.09
C VAL C 182 84.73 52.34 -7.84
N GLN C 183 84.81 53.15 -6.78
CA GLN C 183 83.78 54.18 -6.42
C GLN C 183 83.39 54.97 -7.65
N ASN C 184 84.34 55.72 -8.24
CA ASN C 184 84.09 56.59 -9.43
C ASN C 184 83.58 55.70 -10.58
N GLU C 185 84.12 54.48 -10.72
CA GLU C 185 83.79 53.52 -11.81
C GLU C 185 82.33 53.09 -11.70
N ILE C 186 81.80 52.96 -10.47
CA ILE C 186 80.36 52.76 -10.17
C ILE C 186 79.57 54.01 -10.60
N LEU C 187 80.05 55.21 -10.24
CA LEU C 187 79.39 56.52 -10.57
C LEU C 187 79.37 56.72 -12.09
N GLY C 188 80.44 56.37 -12.79
CA GLY C 188 80.52 56.33 -14.27
C GLY C 188 79.48 55.41 -14.88
N ASP C 189 79.23 54.26 -14.24
CA ASP C 189 78.24 53.23 -14.68
C ASP C 189 76.80 53.72 -14.49
N LEU C 190 76.49 54.32 -13.32
CA LEU C 190 75.16 54.93 -13.02
C LEU C 190 74.95 56.14 -13.94
N GLY C 191 76.02 56.87 -14.28
CA GLY C 191 75.99 57.97 -15.27
C GLY C 191 75.49 57.51 -16.63
N LYS C 192 76.08 56.46 -17.20
CA LYS C 192 75.66 55.85 -18.50
C LYS C 192 74.23 55.34 -18.41
N GLU C 193 73.92 54.66 -17.29
CA GLU C 193 72.74 53.78 -17.12
C GLU C 193 71.45 54.61 -16.99
N PHE C 194 71.42 55.58 -16.06
CA PHE C 194 70.23 56.40 -15.71
C PHE C 194 70.36 57.85 -16.20
N GLY C 195 71.47 58.20 -16.86
CA GLY C 195 71.76 59.57 -17.33
C GLY C 195 72.13 60.52 -16.20
N THR C 196 71.22 61.41 -15.81
CA THR C 196 71.45 62.51 -14.84
C THR C 196 71.45 61.96 -13.40
N THR C 197 72.47 62.34 -12.62
CA THR C 197 72.65 61.97 -11.19
C THR C 197 72.36 63.18 -10.30
N PRO C 198 72.01 62.98 -9.02
CA PRO C 198 72.16 64.01 -7.99
C PRO C 198 73.58 64.59 -7.86
N GLU C 199 73.82 65.41 -6.82
CA GLU C 199 75.15 65.98 -6.48
C GLU C 199 75.69 65.29 -5.22
N LYS C 200 76.91 64.73 -5.35
CA LYS C 200 77.52 63.79 -4.38
C LYS C 200 76.59 62.58 -4.23
N PRO C 201 76.44 61.74 -5.28
CA PRO C 201 75.62 60.53 -5.20
C PRO C 201 76.24 59.45 -4.29
N GLU C 202 77.56 59.49 -4.06
CA GLU C 202 78.28 58.50 -3.23
C GLU C 202 78.22 58.90 -1.74
N GLU C 203 77.34 59.83 -1.37
CA GLU C 203 77.10 60.27 0.03
C GLU C 203 75.64 59.97 0.44
N THR C 204 74.77 59.55 -0.48
CA THR C 204 73.33 59.24 -0.23
C THR C 204 73.12 57.72 -0.37
N PRO C 205 72.51 57.04 0.63
CA PRO C 205 72.28 55.58 0.56
C PRO C 205 71.51 55.09 -0.68
N LEU C 206 71.91 53.94 -1.24
CA LEU C 206 71.35 53.33 -2.48
C LEU C 206 69.82 53.32 -2.43
N GLU C 207 69.28 52.87 -1.30
CA GLU C 207 67.83 52.90 -0.94
C GLU C 207 67.27 54.27 -1.32
N GLU C 208 67.88 55.35 -0.81
CA GLU C 208 67.45 56.78 -0.94
C GLU C 208 67.64 57.26 -2.39
N LEU C 209 68.76 56.86 -2.99
CA LEU C 209 69.22 57.27 -4.36
C LEU C 209 68.41 56.53 -5.44
N ALA C 210 67.95 55.32 -5.16
CA ALA C 210 67.12 54.48 -6.06
C ALA C 210 65.83 55.24 -6.44
N GLU C 211 65.20 55.92 -5.46
CA GLU C 211 63.97 56.74 -5.65
C GLU C 211 64.23 57.86 -6.65
N THR C 212 65.27 58.66 -6.40
CA THR C 212 65.68 59.84 -7.24
C THR C 212 65.77 59.43 -8.72
N PHE C 213 66.18 58.20 -9.00
CA PHE C 213 66.23 57.61 -10.38
C PHE C 213 64.83 57.15 -10.80
N GLN C 214 64.10 56.44 -9.91
CA GLN C 214 62.79 55.79 -10.19
C GLN C 214 61.84 56.75 -10.90
N ASP C 215 61.87 58.03 -10.52
CA ASP C 215 61.08 59.13 -11.14
C ASP C 215 61.34 59.17 -12.65
N THR C 216 62.50 59.69 -13.09
CA THR C 216 62.80 60.09 -14.49
C THR C 216 63.22 58.89 -15.37
N PHE C 217 63.22 57.66 -14.85
CA PHE C 217 63.54 56.41 -15.60
C PHE C 217 62.29 55.56 -15.70
N SER C 218 62.17 54.80 -16.80
CA SER C 218 61.00 53.95 -17.17
C SER C 218 61.46 52.58 -17.68
N GLY C 219 61.66 51.61 -16.76
CA GLY C 219 62.04 50.20 -17.01
C GLY C 219 62.87 50.01 -18.28
N ALA C 220 63.89 50.86 -18.48
CA ALA C 220 64.80 50.88 -19.65
C ALA C 220 66.17 50.33 -19.22
N LEU C 221 66.65 49.25 -19.86
CA LEU C 221 67.97 48.62 -19.53
C LEU C 221 69.11 49.57 -19.97
N GLY C 222 68.98 50.27 -21.10
CA GLY C 222 69.95 51.29 -21.54
C GLY C 222 71.34 50.71 -21.82
N LYS C 223 72.33 51.60 -21.95
CA LYS C 223 73.71 51.32 -22.45
C LYS C 223 74.37 50.21 -21.61
N GLN C 224 74.68 50.50 -20.35
CA GLN C 224 75.65 49.73 -19.50
C GLN C 224 75.13 48.31 -19.23
N SER C 225 73.89 48.18 -18.74
CA SER C 225 73.26 46.90 -18.31
C SER C 225 73.13 45.94 -19.50
N SER C 226 72.70 46.45 -20.66
CA SER C 226 72.58 45.69 -21.95
C SER C 226 73.92 45.06 -22.31
N SER C 227 74.99 45.85 -22.29
CA SER C 227 76.41 45.46 -22.55
C SER C 227 76.92 44.43 -21.52
N LEU C 228 76.43 44.45 -20.27
CA LEU C 228 76.84 43.48 -19.20
C LEU C 228 76.15 42.13 -19.44
N LEU C 229 74.90 42.14 -19.93
CA LEU C 229 74.15 40.91 -20.28
C LEU C 229 74.74 40.28 -21.55
N SER C 230 74.98 41.10 -22.59
CA SER C 230 75.66 40.67 -23.84
C SER C 230 76.94 39.89 -23.51
N ARG C 231 77.73 40.35 -22.52
CA ARG C 231 78.94 39.61 -22.03
C ARG C 231 78.47 38.36 -21.28
N LEU C 232 77.55 38.50 -20.31
CA LEU C 232 77.15 37.38 -19.40
C LEU C 232 76.85 36.12 -20.23
N ILE C 233 75.98 36.26 -21.23
CA ILE C 233 75.51 35.16 -22.13
C ILE C 233 76.71 34.65 -22.94
N SER C 234 77.20 35.44 -23.90
CA SER C 234 78.29 35.03 -24.84
C SER C 234 79.52 34.49 -24.07
N SER C 235 79.98 35.17 -23.01
CA SER C 235 81.23 34.84 -22.28
C SER C 235 81.02 33.59 -21.42
N LYS C 236 79.86 33.48 -20.76
CA LYS C 236 79.40 32.19 -20.16
C LYS C 236 78.89 31.29 -21.30
N MET C 237 78.44 30.07 -20.97
CA MET C 237 78.35 28.92 -21.92
C MET C 237 76.89 28.46 -22.07
N PRO C 238 75.89 29.39 -22.19
CA PRO C 238 74.78 29.16 -23.14
C PRO C 238 75.35 28.81 -24.54
N GLY C 239 76.04 27.66 -24.64
CA GLY C 239 77.05 27.33 -25.67
C GLY C 239 76.64 27.77 -27.06
N GLY C 240 75.36 27.55 -27.41
CA GLY C 240 74.76 27.92 -28.71
C GLY C 240 73.61 28.91 -28.57
N PHE C 241 72.81 28.83 -27.49
CA PHE C 241 71.57 29.65 -27.31
C PHE C 241 71.94 31.05 -26.78
N THR C 242 71.72 32.04 -27.65
CA THR C 242 71.93 33.50 -27.44
C THR C 242 70.68 34.10 -26.76
N ILE C 243 70.61 35.43 -26.66
CA ILE C 243 69.60 36.22 -25.88
C ILE C 243 68.18 35.80 -26.28
N THR C 244 67.82 35.97 -27.57
CA THR C 244 66.48 35.67 -28.16
C THR C 244 66.02 34.25 -27.78
N VAL C 245 66.93 33.26 -27.85
CA VAL C 245 66.66 31.83 -27.55
C VAL C 245 66.50 31.64 -26.03
N ALA C 246 67.23 32.43 -25.22
CA ALA C 246 67.21 32.41 -23.73
C ALA C 246 65.93 33.11 -23.23
N ARG C 247 65.55 34.25 -23.84
CA ARG C 247 64.33 35.04 -23.49
C ARG C 247 63.08 34.16 -23.70
N LYS C 248 62.90 33.64 -24.92
CA LYS C 248 61.77 32.78 -25.36
C LYS C 248 61.55 31.63 -24.36
N TYR C 249 62.63 31.00 -23.85
CA TYR C 249 62.56 29.90 -22.85
C TYR C 249 61.76 30.35 -21.61
N LEU C 250 62.10 31.53 -21.04
CA LEU C 250 61.41 32.14 -19.86
C LEU C 250 59.92 32.28 -20.22
N GLN C 251 59.65 33.04 -21.31
CA GLN C 251 58.31 33.47 -21.82
C GLN C 251 57.41 32.26 -22.10
N THR C 252 57.99 31.13 -22.55
CA THR C 252 57.29 29.85 -22.86
C THR C 252 57.09 29.04 -21.57
N ARG C 253 58.15 28.78 -20.80
CA ARG C 253 58.17 27.80 -19.68
C ARG C 253 57.51 28.39 -18.41
N TRP C 254 57.86 29.63 -18.06
CA TRP C 254 57.45 30.34 -16.80
C TRP C 254 56.32 31.36 -17.05
N GLY C 255 56.24 31.92 -18.27
CA GLY C 255 55.17 32.85 -18.71
C GLY C 255 55.49 34.31 -18.40
N LEU C 256 56.74 34.74 -18.62
CA LEU C 256 57.30 36.07 -18.23
C LEU C 256 57.59 36.93 -19.46
N PRO C 257 56.76 37.95 -19.79
CA PRO C 257 57.05 38.87 -20.91
C PRO C 257 58.21 39.87 -20.65
N SER C 258 58.53 40.71 -21.66
CA SER C 258 59.70 41.62 -21.75
C SER C 258 60.16 42.18 -20.37
N GLY C 259 59.32 43.01 -19.73
CA GLY C 259 59.61 43.68 -18.44
C GLY C 259 60.14 42.71 -17.38
N ARG C 260 59.35 41.67 -17.05
CA ARG C 260 59.69 40.62 -16.04
C ARG C 260 60.91 39.80 -16.50
N GLN C 261 61.06 39.61 -17.83
CA GLN C 261 62.16 38.85 -18.50
C GLN C 261 63.52 39.48 -18.11
N ASP C 262 63.67 40.79 -18.36
CA ASP C 262 64.86 41.62 -18.01
C ASP C 262 65.21 41.42 -16.54
N GLY C 263 64.20 41.54 -15.66
CA GLY C 263 64.31 41.37 -14.19
C GLY C 263 65.02 40.07 -13.80
N VAL C 264 64.80 38.97 -14.53
CA VAL C 264 65.39 37.63 -14.22
C VAL C 264 66.85 37.61 -14.70
N LEU C 265 67.10 38.14 -15.90
CA LEU C 265 68.45 38.24 -16.50
C LEU C 265 69.37 39.06 -15.56
N LEU C 266 68.87 40.17 -15.00
CA LEU C 266 69.63 41.05 -14.08
C LEU C 266 70.04 40.29 -12.82
N VAL C 267 69.16 39.43 -12.29
CA VAL C 267 69.47 38.60 -11.09
C VAL C 267 70.52 37.53 -11.48
N ALA C 268 70.49 37.05 -12.72
CA ALA C 268 71.49 36.10 -13.28
C ALA C 268 72.88 36.75 -13.30
N LEU C 269 72.95 38.03 -13.67
CA LEU C 269 74.21 38.85 -13.72
C LEU C 269 74.84 38.95 -12.33
N SER C 270 74.01 39.07 -11.27
CA SER C 270 74.46 39.19 -9.85
C SER C 270 74.80 37.82 -9.26
N ASN C 271 74.25 36.73 -9.82
CA ASN C 271 74.58 35.32 -9.47
C ASN C 271 75.28 34.67 -10.69
N GLU C 272 76.37 35.29 -11.15
CA GLU C 272 77.25 34.83 -12.27
C GLU C 272 77.79 33.42 -11.96
N PRO C 273 77.58 32.40 -12.85
CA PRO C 273 78.04 31.03 -12.58
C PRO C 273 79.56 30.87 -12.50
N ALA C 274 80.31 31.66 -13.29
CA ALA C 274 81.79 31.80 -13.31
C ALA C 274 82.40 30.53 -13.91
N ALA C 275 82.31 29.43 -13.15
CA ALA C 275 82.65 28.05 -13.58
C ALA C 275 82.04 27.78 -14.97
N ARG C 276 82.80 27.06 -15.82
CA ARG C 276 82.27 26.45 -17.08
C ARG C 276 81.10 25.50 -16.72
N LEU C 277 80.02 25.57 -17.50
CA LEU C 277 78.81 24.69 -17.40
C LEU C 277 78.65 23.97 -18.75
N GLY C 278 78.36 22.66 -18.72
CA GLY C 278 78.40 21.75 -19.87
C GLY C 278 77.49 22.21 -21.00
N SER C 279 76.16 22.12 -20.79
CA SER C 279 75.14 22.13 -21.87
C SER C 279 73.93 23.01 -21.48
N GLU C 280 72.92 23.01 -22.37
CA GLU C 280 71.63 23.74 -22.20
C GLU C 280 70.84 23.16 -21.01
N ALA C 281 70.78 21.83 -20.87
CA ALA C 281 70.15 21.10 -19.74
C ALA C 281 70.50 21.78 -18.40
N ASP C 282 71.79 22.14 -18.21
CA ASP C 282 72.31 22.83 -17.00
C ASP C 282 71.97 24.33 -17.03
N ALA C 283 72.15 24.99 -18.19
CA ALA C 283 71.86 26.44 -18.40
C ALA C 283 70.35 26.73 -18.35
N LYS C 284 69.48 25.72 -18.53
CA LYS C 284 68.01 25.79 -18.25
C LYS C 284 67.79 25.76 -16.72
N ALA C 285 68.52 24.90 -15.99
CA ALA C 285 68.46 24.73 -14.51
C ALA C 285 68.99 25.97 -13.78
N PHE C 286 69.88 26.74 -14.44
CA PHE C 286 70.37 28.09 -14.02
C PHE C 286 69.18 29.07 -14.04
N LEU C 287 68.63 29.35 -15.23
CA LEU C 287 67.51 30.32 -15.46
C LEU C 287 66.28 29.98 -14.60
N ASP C 288 66.08 28.71 -14.23
CA ASP C 288 64.97 28.26 -13.33
C ASP C 288 65.23 28.81 -11.91
N SER C 289 66.43 28.61 -11.33
CA SER C 289 66.83 29.08 -9.97
C SER C 289 66.80 30.62 -9.88
N MET C 290 67.21 31.33 -10.95
CA MET C 290 67.25 32.83 -11.07
C MET C 290 65.82 33.39 -11.07
N ALA C 291 64.88 32.75 -11.80
CA ALA C 291 63.43 33.14 -11.86
C ALA C 291 62.71 32.78 -10.55
N GLN C 292 63.36 32.03 -9.63
CA GLN C 292 62.88 31.73 -8.25
C GLN C 292 63.51 32.71 -7.23
N LYS C 293 64.70 33.27 -7.53
CA LYS C 293 65.28 34.44 -6.80
C LYS C 293 64.51 35.71 -7.17
N TYR C 294 64.25 35.90 -8.48
CA TYR C 294 63.50 37.07 -9.02
C TYR C 294 62.13 37.17 -8.32
N ALA C 295 61.34 36.08 -8.42
CA ALA C 295 59.99 35.91 -7.83
C ALA C 295 60.01 36.24 -6.32
N SER C 296 61.07 35.82 -5.61
CA SER C 296 61.21 35.98 -4.14
C SER C 296 61.46 37.46 -3.78
N ILE C 297 62.13 38.22 -4.66
CA ILE C 297 62.45 39.67 -4.47
C ILE C 297 61.20 40.51 -4.82
N VAL C 298 60.70 40.40 -6.06
CA VAL C 298 59.57 41.23 -6.59
C VAL C 298 58.24 40.82 -5.91
N GLY C 299 58.09 39.54 -5.52
CA GLY C 299 56.88 38.99 -4.88
C GLY C 299 55.84 38.51 -5.89
N VAL C 300 56.30 37.82 -6.95
CA VAL C 300 55.45 37.06 -7.92
C VAL C 300 55.45 35.58 -7.46
N ASP C 301 54.50 34.78 -7.98
CA ASP C 301 54.35 33.31 -7.71
C ASP C 301 54.37 32.53 -9.04
N LEU C 302 54.90 31.29 -9.01
CA LEU C 302 55.09 30.37 -10.18
C LEU C 302 54.76 28.93 -9.78
N LEU C 328 20.21 13.92 -8.35
CA LEU C 328 21.00 12.65 -8.44
C LEU C 328 20.41 11.60 -7.45
N GLU C 329 20.42 11.93 -6.14
CA GLU C 329 19.97 11.07 -5.00
C GLU C 329 18.92 11.80 -4.16
N GLU C 330 18.15 12.70 -4.79
CA GLU C 330 16.99 13.43 -4.19
C GLU C 330 15.69 12.81 -4.74
N ILE C 331 15.80 11.63 -5.37
CA ILE C 331 14.64 10.80 -5.83
C ILE C 331 14.55 9.53 -4.97
N THR C 332 15.67 8.80 -4.79
CA THR C 332 15.81 7.68 -3.82
C THR C 332 15.34 8.14 -2.45
N LYS C 333 15.69 9.37 -2.04
CA LYS C 333 15.24 10.01 -0.78
C LYS C 333 13.70 10.11 -0.74
N ASP C 334 13.11 10.77 -1.74
CA ASP C 334 11.67 11.17 -1.79
C ASP C 334 10.78 9.92 -1.77
N HIS C 335 11.25 8.83 -2.36
CA HIS C 335 10.61 7.49 -2.27
C HIS C 335 10.67 6.99 -0.82
N LYS C 336 11.87 6.91 -0.23
CA LYS C 336 12.08 6.40 1.16
C LYS C 336 11.29 7.24 2.17
N VAL C 337 11.03 8.50 1.85
CA VAL C 337 10.14 9.37 2.68
C VAL C 337 8.72 8.85 2.60
N LEU C 338 8.28 8.45 1.40
CA LEU C 338 6.91 7.90 1.20
C LEU C 338 6.78 6.59 1.99
N ALA C 339 7.76 5.70 1.82
CA ALA C 339 7.74 4.37 2.46
C ALA C 339 7.66 4.57 3.97
N ARG C 340 8.50 5.47 4.50
CA ARG C 340 8.57 5.80 5.95
C ARG C 340 7.19 6.25 6.42
N GLN C 341 6.52 7.13 5.67
CA GLN C 341 5.18 7.66 6.05
C GLN C 341 4.13 6.55 6.02
N GLN C 342 4.19 5.66 5.03
CA GLN C 342 3.25 4.51 4.89
C GLN C 342 3.44 3.57 6.07
N LEU C 343 4.70 3.24 6.42
CA LEU C 343 5.07 2.41 7.60
C LEU C 343 4.43 3.01 8.85
N GLN C 344 4.63 4.31 9.07
CA GLN C 344 4.09 5.06 10.23
C GLN C 344 2.57 4.89 10.35
N VAL C 345 1.79 4.96 9.26
CA VAL C 345 0.31 4.78 9.35
C VAL C 345 -0.04 3.30 9.63
N LEU C 346 0.70 2.35 9.08
CA LEU C 346 0.47 0.92 9.42
C LEU C 346 0.76 0.65 10.89
N ALA C 347 1.83 1.27 11.43
CA ALA C 347 2.23 1.15 12.86
C ALA C 347 1.14 1.72 13.74
N ARG C 348 0.62 2.86 13.36
CA ARG C 348 -0.47 3.53 14.13
C ARG C 348 -1.68 2.61 14.15
N TYR C 349 -1.99 1.96 13.03
CA TYR C 349 -3.22 1.15 12.84
C TYR C 349 -3.14 -0.08 13.75
N LEU C 350 -1.93 -0.66 13.85
CA LEU C 350 -1.64 -1.88 14.62
C LEU C 350 -1.39 -1.59 16.11
N LYS C 351 -1.35 -0.32 16.51
CA LYS C 351 -1.28 0.13 17.92
C LYS C 351 0.06 -0.36 18.47
N MET C 352 1.11 0.06 17.77
CA MET C 352 2.44 -0.59 17.78
C MET C 352 3.47 0.52 17.92
N ASP C 353 3.96 0.73 19.15
CA ASP C 353 4.99 1.77 19.43
C ASP C 353 6.34 1.26 18.97
N LEU C 354 6.95 1.94 18.00
CA LEU C 354 8.27 1.57 17.43
C LEU C 354 9.42 2.01 18.33
N ASP C 355 9.20 2.93 19.26
CA ASP C 355 10.24 3.48 20.18
C ASP C 355 10.20 2.75 21.53
N ASN C 356 9.07 2.14 21.92
CA ASN C 356 8.94 1.37 23.18
C ASN C 356 10.24 0.64 23.53
N GLY C 357 10.91 0.05 22.55
CA GLY C 357 12.22 -0.61 22.73
C GLY C 357 13.27 0.35 23.23
N GLU C 358 13.57 1.41 22.48
CA GLU C 358 14.62 2.39 22.86
C GLU C 358 14.25 3.11 24.17
N ARG C 359 12.96 3.32 24.47
CA ARG C 359 12.55 3.89 25.78
C ARG C 359 13.05 2.98 26.90
N LYS C 360 12.42 1.82 27.08
CA LYS C 360 12.83 0.76 28.02
C LYS C 360 14.35 0.71 28.19
N PHE C 361 15.10 0.77 27.10
CA PHE C 361 16.58 0.73 27.11
C PHE C 361 17.18 1.96 27.79
N LEU C 362 16.77 3.18 27.41
CA LEU C 362 17.35 4.43 28.01
C LEU C 362 17.11 4.43 29.54
N LYS C 363 15.95 3.96 29.95
CA LYS C 363 15.53 3.83 31.36
C LYS C 363 16.45 2.86 32.12
N GLU C 364 16.90 1.76 31.48
CA GLU C 364 17.82 0.76 32.08
C GLU C 364 19.23 1.33 32.15
N LYS C 365 19.70 1.98 31.09
CA LYS C 365 21.03 2.63 31.06
C LYS C 365 21.15 3.63 32.21
N ASP C 366 20.05 4.22 32.70
CA ASP C 366 20.04 5.10 33.89
C ASP C 366 20.26 4.26 35.15
N THR C 367 19.55 3.15 35.33
CA THR C 367 19.73 2.29 36.53
C THR C 367 21.14 1.72 36.55
N VAL C 368 21.79 1.50 35.40
CA VAL C 368 23.20 1.05 35.36
C VAL C 368 24.09 2.16 35.90
N ALA C 369 23.99 3.36 35.33
CA ALA C 369 24.69 4.59 35.78
C ALA C 369 24.60 4.70 37.31
N GLU C 370 23.40 4.50 37.85
CA GLU C 370 23.08 4.66 39.29
C GLU C 370 23.84 3.60 40.09
N LEU C 371 23.68 2.30 39.79
CA LEU C 371 24.39 1.16 40.43
C LEU C 371 25.90 1.26 40.25
N GLN C 372 26.40 1.74 39.13
CA GLN C 372 27.87 1.94 38.97
C GLN C 372 28.32 3.04 39.94
N ALA C 373 27.51 4.06 40.18
CA ALA C 373 27.87 5.19 41.07
C ALA C 373 27.96 4.68 42.53
N GLN C 374 27.06 3.79 42.95
CA GLN C 374 27.05 3.15 44.29
C GLN C 374 28.32 2.34 44.50
N LEU C 375 28.73 1.60 43.47
CA LEU C 375 29.84 0.62 43.47
C LEU C 375 31.19 1.34 43.34
N ASP C 376 31.22 2.46 42.61
CA ASP C 376 32.42 3.29 42.42
C ASP C 376 32.72 4.00 43.72
N TYR C 377 31.70 4.20 44.54
CA TYR C 377 31.81 4.90 45.84
C TYR C 377 32.43 3.94 46.84
N LEU C 378 31.85 2.75 46.99
CA LEU C 378 32.42 1.69 47.86
C LEU C 378 33.88 1.39 47.49
N ASN C 379 34.27 1.48 46.23
CA ASN C 379 35.69 1.30 45.83
C ASN C 379 36.52 2.48 46.32
N ALA C 380 35.96 3.67 46.27
CA ALA C 380 36.62 4.91 46.73
C ALA C 380 36.83 4.85 48.25
N GLU C 381 35.84 4.33 48.99
CA GLU C 381 35.89 4.19 50.46
C GLU C 381 36.82 3.07 50.92
N LEU C 382 36.62 1.87 50.40
CA LEU C 382 37.30 0.67 50.94
C LEU C 382 38.61 0.44 50.22
N GLY C 383 38.69 0.86 48.97
CA GLY C 383 39.88 0.64 48.15
C GLY C 383 39.75 -0.61 47.32
N GLU C 384 40.45 -0.65 46.21
CA GLU C 384 40.34 -1.76 45.24
C GLU C 384 40.91 -3.00 45.90
N PHE C 385 41.97 -2.88 46.70
CA PHE C 385 42.60 -4.05 47.38
C PHE C 385 41.61 -4.81 48.25
N PHE C 386 40.89 -4.11 49.09
CA PHE C 386 39.90 -4.65 50.04
C PHE C 386 38.74 -5.25 49.26
N VAL C 387 38.25 -4.62 48.20
CA VAL C 387 37.00 -5.09 47.50
C VAL C 387 37.31 -6.39 46.73
N ASN C 388 38.40 -6.42 46.00
CA ASN C 388 38.91 -7.65 45.35
C ASN C 388 39.28 -8.72 46.38
N GLY C 389 39.82 -8.30 47.53
CA GLY C 389 40.39 -9.19 48.56
C GLY C 389 39.32 -10.02 49.23
N VAL C 390 38.13 -9.48 49.33
CA VAL C 390 37.04 -9.92 50.25
C VAL C 390 36.13 -10.88 49.48
N ALA C 391 36.56 -11.29 48.29
CA ALA C 391 35.90 -12.27 47.42
C ALA C 391 35.90 -13.66 48.05
N THR C 392 34.91 -14.49 47.72
CA THR C 392 34.70 -15.82 48.34
C THR C 392 35.63 -16.80 47.63
N SER C 393 36.36 -17.61 48.39
CA SER C 393 37.19 -18.77 47.96
C SER C 393 36.53 -20.11 48.35
N PHE C 394 35.79 -20.14 49.45
CA PHE C 394 35.44 -21.39 50.15
C PHE C 394 34.25 -22.02 49.45
N SER C 395 34.40 -23.28 49.08
CA SER C 395 33.27 -24.14 48.62
C SER C 395 33.43 -25.46 49.33
N ARG C 396 32.33 -26.09 49.75
CA ARG C 396 32.42 -27.42 50.42
C ARG C 396 32.92 -28.45 49.42
N LYS C 397 32.58 -28.28 48.15
CA LYS C 397 32.83 -29.27 47.09
C LYS C 397 34.31 -29.27 46.74
N LYS C 398 35.04 -28.20 47.03
CA LYS C 398 36.48 -28.15 46.71
C LYS C 398 37.28 -28.85 47.81
N ALA C 399 36.69 -29.27 48.92
CA ALA C 399 37.44 -29.87 50.05
C ALA C 399 38.00 -31.26 49.71
N ARG C 400 39.33 -31.43 49.82
CA ARG C 400 40.07 -32.70 49.70
C ARG C 400 40.33 -33.34 51.07
N THR C 401 39.88 -34.57 51.33
CA THR C 401 40.30 -35.30 52.55
C THR C 401 41.42 -36.29 52.26
N PHE C 402 42.40 -36.33 53.16
CA PHE C 402 43.47 -37.32 53.21
C PHE C 402 43.32 -38.13 54.51
N ASP C 403 42.92 -39.41 54.43
CA ASP C 403 42.76 -40.31 55.60
C ASP C 403 43.34 -41.71 55.42
N SER C 404 44.15 -42.04 54.42
CA SER C 404 44.47 -43.47 54.13
C SER C 404 45.92 -43.77 54.52
N SER C 405 46.20 -43.67 55.82
CA SER C 405 47.54 -43.90 56.39
C SER C 405 47.80 -45.40 56.45
N TRP C 406 46.75 -46.20 56.55
CA TRP C 406 46.85 -47.69 56.46
C TRP C 406 47.55 -48.16 55.19
N ASN C 407 47.43 -47.41 54.08
CA ASN C 407 48.16 -47.67 52.82
C ASN C 407 49.52 -47.00 52.77
N TRP C 408 49.71 -45.81 53.32
CA TRP C 408 51.00 -45.09 53.15
C TRP C 408 52.05 -45.68 54.08
N ALA C 409 51.69 -46.41 55.13
CA ALA C 409 52.66 -47.06 56.03
C ALA C 409 53.44 -48.12 55.25
N LYS C 410 52.70 -48.92 54.48
CA LYS C 410 53.27 -50.01 53.67
C LYS C 410 54.19 -49.40 52.63
N GLN C 411 53.86 -48.25 52.08
CA GLN C 411 54.65 -47.62 50.97
C GLN C 411 55.88 -46.96 51.58
N SER C 412 55.78 -46.48 52.81
CA SER C 412 56.86 -45.79 53.57
C SER C 412 57.91 -46.79 53.97
N LEU C 413 57.46 -47.97 54.40
CA LEU C 413 58.33 -49.11 54.75
C LEU C 413 59.09 -49.57 53.52
N LEU C 414 58.38 -49.92 52.46
CA LEU C 414 58.98 -50.47 51.21
C LEU C 414 59.88 -49.44 50.54
N SER C 415 59.59 -48.15 50.64
CA SER C 415 60.48 -47.06 50.17
C SER C 415 61.83 -47.09 50.93
N LEU C 416 61.77 -47.12 52.26
CA LEU C 416 62.96 -47.13 53.16
C LEU C 416 63.72 -48.43 52.94
N TYR C 417 63.03 -49.55 52.70
CA TYR C 417 63.68 -50.87 52.45
C TYR C 417 64.61 -50.79 51.23
N PHE C 418 64.11 -50.34 50.09
CA PHE C 418 64.93 -50.24 48.87
C PHE C 418 65.92 -49.07 48.94
N GLU C 419 65.60 -47.97 49.62
CA GLU C 419 66.59 -46.87 49.88
C GLU C 419 67.87 -47.46 50.50
N ILE C 420 67.73 -48.34 51.49
CA ILE C 420 68.84 -48.93 52.28
C ILE C 420 69.53 -50.02 51.46
N ILE C 421 68.79 -50.78 50.65
CA ILE C 421 69.34 -51.86 49.78
C ILE C 421 70.13 -51.29 48.60
N HIS C 422 69.89 -50.05 48.19
CA HIS C 422 70.64 -49.38 47.09
C HIS C 422 71.62 -48.35 47.68
N GLY C 423 71.82 -48.35 49.01
CA GLY C 423 72.85 -47.58 49.72
C GLY C 423 72.58 -46.08 49.79
N VAL C 424 71.34 -45.63 49.52
CA VAL C 424 70.94 -44.19 49.52
C VAL C 424 70.87 -43.69 50.97
N LEU C 425 70.23 -44.45 51.86
CA LEU C 425 70.24 -44.23 53.34
C LEU C 425 71.16 -45.26 54.00
N LYS C 426 72.02 -44.81 54.92
CA LYS C 426 72.94 -45.65 55.72
C LYS C 426 72.39 -45.80 57.15
N ASN C 427 73.09 -46.58 57.98
CA ASN C 427 72.87 -46.73 59.44
C ASN C 427 73.07 -45.37 60.13
N VAL C 428 74.12 -44.64 59.76
CA VAL C 428 74.57 -43.37 60.43
C VAL C 428 73.48 -42.28 60.28
N ASP C 429 72.77 -42.25 59.14
CA ASP C 429 71.81 -41.18 58.77
C ASP C 429 70.71 -41.06 59.84
N ARG C 430 70.17 -39.85 59.98
CA ARG C 430 69.12 -39.51 60.96
C ARG C 430 67.74 -39.69 60.29
N GLU C 431 67.73 -39.94 58.97
CA GLU C 431 66.49 -40.16 58.19
C GLU C 431 65.87 -41.50 58.62
N VAL C 432 66.67 -42.59 58.65
CA VAL C 432 66.20 -43.95 59.08
C VAL C 432 65.49 -43.89 60.45
N VAL C 433 65.79 -42.92 61.33
CA VAL C 433 65.07 -42.74 62.64
C VAL C 433 63.76 -41.96 62.45
N SER C 434 63.81 -40.76 61.86
CA SER C 434 62.63 -39.88 61.62
C SER C 434 61.58 -40.64 60.79
N GLU C 435 62.04 -41.50 59.87
CA GLU C 435 61.23 -42.44 59.07
C GLU C 435 60.66 -43.54 59.98
N ALA C 436 61.50 -44.18 60.80
CA ALA C 436 61.09 -45.25 61.75
C ALA C 436 59.94 -44.78 62.63
N ILE C 437 60.07 -43.58 63.23
CA ILE C 437 59.03 -42.96 64.11
C ILE C 437 57.70 -42.97 63.36
N ASN C 438 57.73 -42.58 62.09
CA ASN C 438 56.54 -42.47 61.22
C ASN C 438 55.98 -43.84 60.91
N ILE C 439 56.82 -44.89 60.77
CA ILE C 439 56.33 -46.30 60.53
C ILE C 439 55.75 -46.85 61.82
N MET C 440 56.33 -46.53 62.99
CA MET C 440 55.81 -46.98 64.32
C MET C 440 54.46 -46.30 64.61
N ASN C 441 54.38 -45.00 64.34
CA ASN C 441 53.17 -44.18 64.48
C ASN C 441 52.02 -44.72 63.63
N ARG C 442 52.30 -45.57 62.64
CA ARG C 442 51.22 -46.21 61.83
C ARG C 442 51.18 -47.72 62.07
N SER C 443 51.71 -48.19 63.20
CA SER C 443 51.80 -49.63 63.52
C SER C 443 50.38 -50.20 63.63
N ASN C 444 50.08 -51.23 62.84
CA ASN C 444 48.88 -52.09 63.00
C ASN C 444 49.26 -53.50 62.53
N ASP C 445 48.38 -54.51 62.66
CA ASP C 445 48.77 -55.94 62.50
C ASP C 445 49.18 -56.18 61.05
N ALA C 446 48.37 -55.72 60.11
CA ALA C 446 48.66 -55.67 58.66
C ALA C 446 50.10 -55.23 58.40
N LEU C 447 50.56 -54.16 59.04
CA LEU C 447 51.87 -53.52 58.76
C LEU C 447 53.00 -54.36 59.38
N ILE C 448 52.73 -55.18 60.40
CA ILE C 448 53.77 -56.10 60.97
C ILE C 448 53.92 -57.36 60.08
N LYS C 449 52.81 -57.97 59.68
CA LYS C 449 52.77 -59.07 58.68
C LYS C 449 53.54 -58.62 57.44
N PHE C 450 53.40 -57.36 57.04
CA PHE C 450 54.09 -56.80 55.85
C PHE C 450 55.60 -56.69 56.13
N MET C 451 55.97 -56.12 57.27
CA MET C 451 57.39 -55.91 57.61
C MET C 451 58.05 -57.26 57.84
N GLU C 452 57.33 -58.26 58.36
CA GLU C 452 57.90 -59.61 58.71
C GLU C 452 58.36 -60.30 57.42
N TYR C 453 57.43 -60.51 56.49
CA TYR C 453 57.69 -61.08 55.15
C TYR C 453 58.83 -60.38 54.44
N HIS C 454 58.95 -59.06 54.52
CA HIS C 454 59.92 -58.28 53.71
C HIS C 454 61.33 -58.37 54.32
N ILE C 455 61.41 -58.60 55.62
CA ILE C 455 62.67 -58.64 56.40
C ILE C 455 63.08 -60.10 56.61
N SER C 456 62.13 -61.05 56.63
CA SER C 456 62.39 -62.51 56.77
C SER C 456 62.45 -63.21 55.40
N ASN C 457 62.78 -62.49 54.34
CA ASN C 457 63.02 -63.04 52.97
C ASN C 457 64.09 -62.20 52.28
N THR C 458 64.88 -61.42 53.02
CA THR C 458 66.11 -60.77 52.48
C THR C 458 67.22 -61.79 52.67
N ASP C 459 68.01 -62.01 51.63
CA ASP C 459 69.24 -62.84 51.69
C ASP C 459 70.35 -61.92 52.19
N GLU C 460 70.82 -62.14 53.43
CA GLU C 460 71.84 -61.29 54.10
C GLU C 460 73.22 -61.48 53.45
N THR C 461 73.37 -62.47 52.56
CA THR C 461 74.62 -62.84 51.86
C THR C 461 74.88 -61.89 50.67
N LYS C 462 73.83 -61.52 49.92
CA LYS C 462 73.92 -60.87 48.59
C LYS C 462 74.67 -59.53 48.64
N GLY C 463 74.90 -58.99 49.84
CA GLY C 463 75.71 -57.77 50.04
C GLY C 463 75.67 -57.32 51.48
N GLU C 464 76.55 -56.37 51.83
CA GLU C 464 76.56 -55.71 53.16
C GLU C 464 75.19 -55.04 53.38
N ASN C 465 74.70 -54.29 52.37
CA ASN C 465 73.44 -53.51 52.43
C ASN C 465 72.23 -54.40 52.75
N TYR C 466 72.30 -55.71 52.45
CA TYR C 466 71.23 -56.69 52.79
C TYR C 466 71.33 -57.11 54.25
N GLN C 467 72.53 -57.14 54.84
CA GLN C 467 72.69 -57.40 56.29
C GLN C 467 72.17 -56.17 57.05
N LEU C 468 72.57 -54.98 56.61
CA LEU C 468 72.15 -53.70 57.23
C LEU C 468 70.63 -53.68 57.31
N VAL C 469 69.94 -53.91 56.19
CA VAL C 469 68.45 -53.76 56.11
C VAL C 469 67.78 -54.78 57.02
N LYS C 470 68.39 -55.98 57.18
CA LYS C 470 67.79 -57.09 57.95
C LYS C 470 67.99 -56.85 59.45
N THR C 471 69.15 -56.32 59.87
CA THR C 471 69.43 -55.89 61.28
C THR C 471 68.42 -54.81 61.69
N LEU C 472 68.42 -53.69 60.96
CA LEU C 472 67.52 -52.52 61.18
C LEU C 472 66.08 -53.03 61.19
N GLY C 473 65.69 -53.75 60.14
CA GLY C 473 64.31 -54.22 59.90
C GLY C 473 63.78 -55.08 61.03
N GLU C 474 64.62 -55.90 61.65
CA GLU C 474 64.21 -56.79 62.77
C GLU C 474 63.98 -55.90 64.00
N GLN C 475 64.82 -54.88 64.17
CA GLN C 475 64.66 -53.88 65.27
C GLN C 475 63.30 -53.19 65.15
N LEU C 476 63.06 -52.63 63.97
CA LEU C 476 61.83 -51.90 63.57
C LEU C 476 60.59 -52.78 63.74
N ILE C 477 60.66 -54.10 63.51
CA ILE C 477 59.53 -55.04 63.81
C ILE C 477 59.36 -55.14 65.33
N GLU C 478 60.44 -55.23 66.11
CA GLU C 478 60.32 -55.40 67.58
C GLU C 478 59.59 -54.19 68.16
N ASN C 479 60.06 -52.98 67.84
CA ASN C 479 59.43 -51.70 68.24
C ASN C 479 57.95 -51.73 67.87
N CYS C 480 57.65 -51.71 66.56
CA CYS C 480 56.28 -51.70 65.98
C CYS C 480 55.29 -52.60 66.75
N LYS C 481 55.72 -53.76 67.27
CA LYS C 481 54.86 -54.71 68.03
C LYS C 481 54.52 -54.16 69.42
N GLN C 482 55.46 -53.49 70.11
CA GLN C 482 55.24 -52.86 71.45
C GLN C 482 54.19 -51.74 71.32
N VAL C 483 54.51 -50.79 70.46
CA VAL C 483 53.73 -49.58 70.09
C VAL C 483 52.36 -49.95 69.48
N LEU C 484 52.17 -51.16 68.96
CA LEU C 484 50.82 -51.62 68.53
C LEU C 484 49.87 -51.46 69.72
N ASP C 485 48.72 -50.85 69.53
CA ASP C 485 47.73 -50.55 70.61
C ASP C 485 48.27 -49.47 71.58
N VAL C 486 49.22 -48.64 71.14
CA VAL C 486 49.69 -47.43 71.87
C VAL C 486 49.47 -46.22 70.96
N ASP C 487 49.03 -45.11 71.54
CA ASP C 487 48.72 -43.86 70.80
C ASP C 487 49.99 -43.27 70.22
N PRO C 488 49.92 -42.81 68.96
CA PRO C 488 51.09 -42.35 68.23
C PRO C 488 51.50 -41.00 68.74
N VAL C 489 52.67 -40.57 68.34
CA VAL C 489 53.40 -39.50 69.06
C VAL C 489 54.06 -38.48 68.11
N TYR C 490 53.91 -37.20 68.38
CA TYR C 490 54.84 -36.15 67.87
C TYR C 490 56.18 -36.35 68.60
N LYS C 491 57.22 -36.64 67.85
CA LYS C 491 58.60 -36.65 68.37
C LYS C 491 59.48 -36.00 67.31
N ASP C 492 59.90 -34.75 67.54
CA ASP C 492 60.98 -34.12 66.72
C ASP C 492 62.29 -34.82 67.08
N VAL C 493 62.99 -35.29 66.06
CA VAL C 493 64.27 -36.01 66.23
C VAL C 493 65.33 -35.37 65.31
N ALA C 494 65.12 -34.11 64.93
CA ALA C 494 66.01 -33.31 64.05
C ALA C 494 67.25 -32.86 64.83
N LYS C 495 68.40 -32.79 64.14
CA LYS C 495 69.65 -32.26 64.70
C LYS C 495 69.48 -30.75 64.93
N PRO C 496 69.50 -30.25 66.19
CA PRO C 496 69.34 -28.82 66.46
C PRO C 496 70.48 -27.97 65.88
N THR C 497 70.13 -27.01 65.02
CA THR C 497 71.09 -26.14 64.28
C THR C 497 70.99 -24.72 64.85
N GLY C 498 72.12 -24.02 64.88
CA GLY C 498 72.23 -22.57 65.17
C GLY C 498 72.56 -21.80 63.90
N PRO C 499 72.41 -20.46 63.87
CA PRO C 499 72.83 -19.66 62.72
C PRO C 499 74.35 -19.39 62.68
N LYS C 500 74.91 -19.36 61.46
CA LYS C 500 76.28 -18.89 61.12
C LYS C 500 76.20 -17.94 59.91
N THR C 501 76.66 -16.72 60.05
CA THR C 501 76.92 -15.77 58.92
C THR C 501 78.42 -15.82 58.62
N ALA C 502 78.76 -16.05 57.36
CA ALA C 502 80.14 -16.02 56.83
C ALA C 502 80.25 -14.83 55.87
N ILE C 503 81.33 -14.06 55.96
CA ILE C 503 81.82 -13.18 54.87
C ILE C 503 83.20 -13.70 54.45
N ASP C 504 83.35 -14.07 53.17
CA ASP C 504 84.59 -14.69 52.62
C ASP C 504 85.66 -13.59 52.40
N LYS C 505 86.60 -13.81 51.48
CA LYS C 505 87.70 -12.86 51.12
C LYS C 505 87.16 -11.74 50.22
N ASN C 506 86.27 -12.06 49.29
CA ASN C 506 85.81 -11.16 48.19
C ASN C 506 84.53 -10.42 48.59
N GLY C 507 84.04 -10.63 49.82
CA GLY C 507 82.92 -9.87 50.43
C GLY C 507 81.55 -10.44 50.12
N ASN C 508 81.45 -11.72 49.76
CA ASN C 508 80.15 -12.44 49.61
C ASN C 508 79.64 -12.85 50.98
N ILE C 509 78.38 -12.53 51.28
CA ILE C 509 77.69 -12.95 52.55
C ILE C 509 77.02 -14.30 52.29
N THR C 510 77.45 -15.33 53.04
CA THR C 510 76.84 -16.68 53.08
C THR C 510 76.19 -16.89 54.45
N TYR C 511 74.98 -17.47 54.47
CA TYR C 511 74.28 -17.96 55.68
C TYR C 511 74.19 -19.49 55.65
N SER C 512 74.55 -20.15 56.76
CA SER C 512 74.45 -21.61 56.97
C SER C 512 73.97 -21.94 58.38
N GLU C 513 73.04 -22.90 58.51
CA GLU C 513 72.58 -23.46 59.82
C GLU C 513 73.62 -24.50 60.25
N GLU C 514 74.16 -24.37 61.47
CA GLU C 514 75.47 -24.94 61.88
C GLU C 514 75.32 -25.74 63.18
N PRO C 515 75.52 -27.09 63.17
CA PRO C 515 75.35 -27.91 64.37
C PRO C 515 75.89 -27.25 65.64
N ARG C 516 75.00 -27.07 66.63
CA ARG C 516 75.33 -26.41 67.91
C ARG C 516 76.27 -27.33 68.70
N GLU C 517 77.10 -26.73 69.54
CA GLU C 517 77.93 -27.46 70.54
C GLU C 517 77.07 -27.63 71.81
N LYS C 518 77.04 -28.85 72.38
CA LYS C 518 76.35 -29.21 73.67
C LYS C 518 74.81 -29.25 73.52
N VAL C 519 74.25 -29.30 72.30
CA VAL C 519 72.77 -29.45 72.03
C VAL C 519 72.58 -30.31 70.76
N ARG C 520 72.71 -31.63 70.89
CA ARG C 520 72.71 -32.61 69.76
C ARG C 520 71.39 -33.38 69.71
N LYS C 521 70.49 -33.11 70.66
CA LYS C 521 69.23 -33.85 70.96
C LYS C 521 68.16 -32.82 71.33
N LEU C 522 66.89 -33.22 71.32
CA LEU C 522 65.74 -32.34 71.68
C LEU C 522 65.65 -32.24 73.20
N SER C 523 65.96 -33.32 73.94
CA SER C 523 66.06 -33.37 75.43
C SER C 523 66.93 -32.21 75.93
N GLN C 524 68.17 -32.13 75.42
CA GLN C 524 69.19 -31.09 75.72
C GLN C 524 68.67 -29.68 75.42
N TYR C 525 67.79 -29.53 74.41
CA TYR C 525 67.17 -28.24 74.04
C TYR C 525 66.31 -27.73 75.20
N VAL C 526 65.53 -28.58 75.88
CA VAL C 526 64.61 -28.13 76.97
C VAL C 526 65.41 -27.72 78.22
N GLN C 527 66.54 -28.39 78.50
CA GLN C 527 67.51 -28.02 79.56
C GLN C 527 68.06 -26.61 79.28
N GLU C 528 68.56 -26.35 78.06
CA GLU C 528 69.11 -25.02 77.64
C GLU C 528 68.07 -23.92 77.90
N MET C 529 66.81 -24.20 77.57
CA MET C 529 65.68 -23.23 77.63
C MET C 529 65.36 -22.90 79.10
N ALA C 530 65.52 -23.87 80.01
CA ALA C 530 65.16 -23.75 81.44
C ALA C 530 66.20 -22.94 82.18
N LEU C 531 67.48 -23.01 81.80
CA LEU C 531 68.63 -22.37 82.51
C LEU C 531 68.69 -20.87 82.21
N GLY C 532 67.82 -20.37 81.34
CA GLY C 532 67.85 -18.98 80.85
C GLY C 532 69.19 -18.67 80.21
N GLY C 533 69.90 -17.72 80.81
CA GLY C 533 71.19 -17.21 80.32
C GLY C 533 71.52 -15.90 81.01
N PRO C 534 72.75 -15.36 80.84
CA PRO C 534 73.19 -14.16 81.59
C PRO C 534 72.32 -12.89 81.45
N ILE C 535 71.51 -12.77 80.39
CA ILE C 535 70.69 -11.56 80.06
C ILE C 535 69.29 -11.65 80.69
N THR C 536 68.85 -12.87 81.04
CA THR C 536 67.53 -13.20 81.65
C THR C 536 67.63 -13.19 83.19
N LYS C 537 68.24 -12.15 83.79
CA LYS C 537 68.44 -12.00 85.26
C LYS C 537 67.35 -11.12 85.88
N GLU C 538 67.20 -11.20 87.21
CA GLU C 538 66.11 -10.57 88.01
C GLU C 538 66.37 -10.83 89.52
N SER C 539 67.07 -9.90 90.21
CA SER C 539 67.63 -10.05 91.59
C SER C 539 66.53 -10.41 92.62
N ALA C 604 72.23 -42.88 70.60
CA ALA C 604 73.19 -43.40 69.60
C ALA C 604 72.92 -42.81 68.20
N LEU C 605 72.55 -41.52 68.12
CA LEU C 605 72.26 -40.77 66.85
C LEU C 605 73.60 -40.35 66.21
N ASP C 606 73.71 -40.50 64.88
CA ASP C 606 74.87 -40.08 64.05
C ASP C 606 76.10 -40.94 64.42
N LYS C 607 75.90 -42.26 64.54
CA LYS C 607 76.97 -43.30 64.66
C LYS C 607 76.37 -44.69 64.35
N ASP C 608 75.22 -45.02 64.96
CA ASP C 608 74.49 -46.31 64.83
C ASP C 608 73.02 -46.06 65.23
N SER C 609 72.20 -45.62 64.27
CA SER C 609 70.75 -45.30 64.44
C SER C 609 69.88 -46.57 64.48
N THR C 610 70.41 -47.77 64.16
CA THR C 610 69.77 -49.10 64.44
C THR C 610 69.59 -49.28 65.96
N LYS C 611 70.52 -48.75 66.77
CA LYS C 611 70.49 -48.76 68.26
C LYS C 611 69.46 -47.73 68.77
N GLU C 612 69.37 -46.54 68.15
CA GLU C 612 68.41 -45.47 68.58
C GLU C 612 66.97 -45.83 68.17
N VAL C 613 66.79 -46.57 67.08
CA VAL C 613 65.46 -47.13 66.67
C VAL C 613 64.92 -48.04 67.79
N ALA C 614 65.75 -48.91 68.40
CA ALA C 614 65.40 -49.81 69.53
C ALA C 614 64.88 -49.02 70.75
N SER C 615 65.35 -47.77 70.95
CA SER C 615 65.09 -46.91 72.14
C SER C 615 64.00 -45.84 71.88
N LEU C 616 63.13 -46.06 70.89
CA LEU C 616 61.96 -45.17 70.56
C LEU C 616 60.70 -45.56 71.34
N PRO C 617 60.34 -46.86 71.51
CA PRO C 617 59.17 -47.22 72.32
C PRO C 617 59.42 -47.09 73.83
N ASN C 618 60.65 -47.43 74.28
CA ASN C 618 61.12 -47.47 75.68
C ASN C 618 60.94 -46.07 76.29
N LYS C 619 59.79 -45.87 76.94
CA LYS C 619 59.35 -44.60 77.60
C LYS C 619 60.32 -44.31 78.77
N SER C 620 60.93 -43.11 78.78
CA SER C 620 62.01 -42.67 79.73
C SER C 620 61.42 -41.84 80.88
N THR C 621 61.40 -42.46 82.08
CA THR C 621 60.98 -41.88 83.40
C THR C 621 62.21 -41.21 84.05
N ILE C 622 62.04 -39.97 84.55
CA ILE C 622 63.12 -39.12 85.16
C ILE C 622 62.74 -38.84 86.63
N SER C 623 63.59 -39.26 87.59
CA SER C 623 63.38 -39.13 89.07
C SER C 623 63.10 -37.66 89.43
N LYS C 624 63.94 -36.74 88.92
CA LYS C 624 63.85 -35.26 89.15
C LYS C 624 63.45 -34.59 87.82
N THR C 625 62.48 -33.68 87.87
CA THR C 625 62.05 -32.83 86.72
C THR C 625 63.04 -31.67 86.57
N VAL C 626 63.12 -31.08 85.37
CA VAL C 626 64.02 -29.93 85.04
C VAL C 626 63.52 -28.64 85.73
N SER C 627 62.24 -28.52 86.10
CA SER C 627 61.67 -27.36 86.86
C SER C 627 62.57 -26.94 88.05
N SER C 628 63.15 -27.93 88.75
CA SER C 628 64.11 -27.77 89.88
C SER C 628 65.46 -27.21 89.40
N THR C 629 65.91 -27.62 88.20
CA THR C 629 67.13 -27.13 87.48
C THR C 629 67.02 -25.62 87.17
N ILE C 630 65.82 -25.04 87.11
CA ILE C 630 65.61 -23.58 86.80
C ILE C 630 66.29 -22.79 87.91
N PRO C 631 67.42 -22.10 87.66
CA PRO C 631 68.10 -21.34 88.71
C PRO C 631 67.26 -20.16 89.17
N ARG C 632 67.30 -19.83 90.48
CA ARG C 632 66.59 -18.66 91.04
C ARG C 632 67.26 -17.39 90.49
N GLU C 633 66.50 -16.29 90.41
CA GLU C 633 66.95 -14.96 89.90
C GLU C 633 67.06 -14.99 88.36
N THR C 634 66.89 -16.16 87.74
CA THR C 634 66.97 -16.38 86.27
C THR C 634 65.57 -16.71 85.75
N ILE C 635 65.10 -15.94 84.75
CA ILE C 635 63.89 -16.25 83.94
C ILE C 635 64.32 -17.22 82.84
N PRO C 636 63.64 -18.36 82.61
CA PRO C 636 64.01 -19.25 81.51
C PRO C 636 63.77 -18.56 80.17
N PHE C 637 64.14 -19.21 79.09
CA PHE C 637 63.95 -18.64 77.72
C PHE C 637 62.50 -18.86 77.29
N LEU C 638 61.96 -20.08 77.44
CA LEU C 638 60.50 -20.38 77.34
C LEU C 638 59.87 -20.26 78.74
N HIS C 639 58.83 -19.45 78.91
CA HIS C 639 58.10 -19.37 80.20
C HIS C 639 56.66 -18.84 80.08
N LEU C 640 55.78 -19.29 80.95
CA LEU C 640 54.40 -18.78 81.05
C LEU C 640 54.42 -17.57 81.97
N ARG C 641 53.40 -16.74 81.83
CA ARG C 641 53.19 -15.52 82.64
C ARG C 641 51.88 -15.64 83.39
N LYS C 642 51.70 -14.77 84.39
CA LYS C 642 50.53 -14.66 85.27
C LYS C 642 50.16 -13.18 85.44
N LYS C 643 48.87 -12.88 85.48
CA LYS C 643 48.35 -11.50 85.57
C LYS C 643 48.33 -11.08 87.03
N THR C 644 49.06 -10.01 87.37
CA THR C 644 49.13 -9.41 88.73
C THR C 644 47.91 -8.50 88.94
N PRO C 645 47.40 -8.34 90.19
CA PRO C 645 46.38 -7.34 90.52
C PRO C 645 46.47 -5.93 89.90
N ALA C 646 47.67 -5.45 89.56
CA ALA C 646 47.93 -4.20 88.81
C ALA C 646 47.41 -4.31 87.37
N GLY C 647 47.32 -5.52 86.81
CA GLY C 647 46.86 -5.77 85.43
C GLY C 647 47.97 -6.27 84.49
N ASP C 648 49.25 -6.06 84.84
CA ASP C 648 50.44 -6.47 84.04
C ASP C 648 50.62 -7.99 84.09
N TRP C 649 51.31 -8.57 83.11
CA TRP C 649 51.65 -10.01 83.08
C TRP C 649 53.13 -10.22 83.43
N LYS C 650 53.44 -10.79 84.59
CA LYS C 650 54.83 -11.11 85.03
C LYS C 650 55.15 -12.59 84.79
N TYR C 651 56.44 -12.91 84.60
CA TYR C 651 56.99 -14.26 84.81
C TYR C 651 56.42 -14.87 86.08
N ASP C 652 55.90 -16.09 85.98
CA ASP C 652 55.47 -16.90 87.14
C ASP C 652 56.29 -18.19 87.19
N ARG C 653 57.12 -18.36 88.23
CA ARG C 653 58.02 -19.53 88.46
C ARG C 653 57.20 -20.83 88.31
N GLN C 654 56.08 -20.90 89.02
CA GLN C 654 55.28 -22.13 89.24
C GLN C 654 54.65 -22.56 87.90
N LEU C 655 53.73 -21.78 87.32
CA LEU C 655 53.15 -22.02 85.96
C LEU C 655 54.24 -22.46 84.98
N SER C 656 55.30 -21.65 84.87
CA SER C 656 56.44 -21.87 83.95
C SER C 656 57.05 -23.26 84.16
N SER C 657 57.22 -23.70 85.42
CA SER C 657 57.77 -25.04 85.78
C SER C 657 56.92 -26.12 85.11
N LEU C 658 55.64 -26.13 85.43
CA LEU C 658 54.63 -27.07 84.89
C LEU C 658 54.75 -27.20 83.37
N PHE C 659 54.70 -26.08 82.63
CA PHE C 659 54.89 -26.00 81.16
C PHE C 659 56.17 -26.70 80.72
N LEU C 660 57.31 -26.34 81.32
CA LEU C 660 58.67 -26.85 80.97
C LEU C 660 58.81 -28.34 81.27
N ASP C 661 58.08 -28.89 82.26
CA ASP C 661 58.09 -30.35 82.57
C ASP C 661 57.34 -31.11 81.48
N GLY C 662 56.14 -30.68 81.11
CA GLY C 662 55.40 -31.21 79.94
C GLY C 662 56.22 -31.16 78.66
N LEU C 663 57.07 -30.14 78.55
CA LEU C 663 57.90 -29.89 77.36
C LEU C 663 59.10 -30.84 77.36
N GLU C 664 59.57 -31.24 78.55
CA GLU C 664 60.67 -32.22 78.78
C GLU C 664 60.19 -33.64 78.40
N LYS C 665 58.98 -34.00 78.80
CA LYS C 665 58.33 -35.31 78.55
C LYS C 665 58.07 -35.48 77.06
N ALA C 666 57.61 -34.41 76.42
CA ALA C 666 57.38 -34.34 74.96
C ALA C 666 58.69 -34.64 74.21
N ALA C 667 59.82 -34.17 74.75
CA ALA C 667 61.15 -34.36 74.13
C ALA C 667 61.60 -35.80 74.26
N PHE C 668 61.27 -36.49 75.36
CA PHE C 668 61.63 -37.91 75.62
C PHE C 668 60.57 -38.83 75.01
N ASN C 669 59.38 -38.82 75.60
CA ASN C 669 58.32 -39.82 75.36
C ASN C 669 57.55 -39.44 74.07
N GLY C 670 57.45 -38.12 73.80
CA GLY C 670 56.61 -37.55 72.73
C GLY C 670 55.21 -37.26 73.22
N VAL C 671 54.39 -36.61 72.40
CA VAL C 671 53.07 -36.07 72.81
C VAL C 671 52.04 -36.76 71.92
N THR C 672 50.88 -37.13 72.44
CA THR C 672 49.77 -37.59 71.58
C THR C 672 48.78 -36.45 71.41
N PHE C 673 48.13 -36.42 70.27
CA PHE C 673 46.99 -35.59 69.87
C PHE C 673 45.87 -36.48 69.34
N LYS C 674 45.87 -37.76 69.65
CA LYS C 674 44.73 -38.66 69.38
C LYS C 674 43.48 -37.97 69.92
N ASP C 675 42.45 -37.86 69.09
CA ASP C 675 41.09 -37.37 69.45
C ASP C 675 41.04 -35.84 69.52
N LYS C 676 42.13 -35.18 69.15
CA LYS C 676 42.20 -33.71 69.03
C LYS C 676 41.71 -33.35 67.63
N TYR C 677 40.73 -32.41 67.51
CA TYR C 677 40.24 -31.86 66.22
C TYR C 677 40.72 -30.42 66.07
N VAL C 678 41.46 -30.11 65.02
CA VAL C 678 42.16 -28.81 64.95
C VAL C 678 41.79 -28.09 63.65
N LEU C 679 41.38 -26.82 63.72
CA LEU C 679 41.43 -25.89 62.55
C LEU C 679 42.74 -25.13 62.60
N ILE C 680 43.45 -25.02 61.47
CA ILE C 680 44.74 -24.24 61.32
C ILE C 680 44.70 -23.45 60.04
N THR C 681 45.09 -22.19 60.09
CA THR C 681 45.10 -21.28 58.91
C THR C 681 46.51 -20.74 58.81
N GLY C 682 46.92 -20.30 57.63
CA GLY C 682 48.23 -19.66 57.51
C GLY C 682 49.31 -20.66 57.77
N ALA C 683 49.15 -21.83 57.16
CA ALA C 683 50.04 -22.99 57.31
C ALA C 683 50.48 -23.50 55.96
N GLY C 684 50.98 -22.61 55.10
CA GLY C 684 51.45 -22.96 53.75
C GLY C 684 52.87 -23.48 53.77
N LYS C 685 53.35 -23.96 52.62
CA LYS C 685 54.69 -24.57 52.47
C LYS C 685 55.76 -23.60 52.96
N GLY C 686 56.65 -24.07 53.82
CA GLY C 686 57.75 -23.28 54.39
C GLY C 686 57.32 -22.22 55.38
N SER C 687 56.44 -22.55 56.32
CA SER C 687 55.98 -21.67 57.45
C SER C 687 56.08 -22.43 58.77
N ILE C 688 56.05 -21.72 59.89
CA ILE C 688 55.84 -22.38 61.21
C ILE C 688 54.47 -23.11 61.17
N GLY C 689 53.46 -22.48 60.59
CA GLY C 689 52.13 -23.10 60.43
C GLY C 689 52.22 -24.53 59.91
N ALA C 690 53.17 -24.81 59.04
CA ALA C 690 53.32 -26.10 58.33
C ALA C 690 54.16 -27.09 59.13
N GLU C 691 55.07 -26.61 59.99
CA GLU C 691 55.82 -27.49 60.93
C GLU C 691 54.94 -27.87 62.13
N VAL C 692 53.92 -27.07 62.42
CA VAL C 692 52.91 -27.39 63.47
C VAL C 692 52.06 -28.50 62.90
N LEU C 693 51.50 -28.25 61.74
CA LEU C 693 50.70 -29.22 60.96
C LEU C 693 51.33 -30.58 60.93
N GLN C 694 52.64 -30.71 60.73
CA GLN C 694 53.34 -32.04 60.63
C GLN C 694 53.26 -32.75 61.98
N GLY C 695 53.57 -32.02 63.06
CA GLY C 695 53.41 -32.47 64.45
C GLY C 695 51.98 -32.84 64.80
N LEU C 696 51.00 -32.05 64.44
CA LEU C 696 49.62 -32.49 64.76
C LEU C 696 49.36 -33.86 64.14
N LEU C 697 49.71 -34.01 62.88
CA LEU C 697 49.36 -35.19 62.09
C LEU C 697 50.20 -36.30 62.66
N GLN C 698 51.41 -35.98 63.10
CA GLN C 698 52.35 -36.99 63.66
C GLN C 698 51.73 -37.63 64.88
N GLY C 699 50.96 -36.93 65.69
CA GLY C 699 50.35 -37.45 66.94
C GLY C 699 48.92 -37.86 66.73
N GLY C 700 48.49 -38.13 65.50
CA GLY C 700 47.12 -38.60 65.21
C GLY C 700 46.02 -37.53 65.33
N ALA C 701 46.30 -36.25 65.22
CA ALA C 701 45.22 -35.25 65.17
C ALA C 701 44.40 -35.37 63.90
N LYS C 702 43.17 -34.89 63.95
CA LYS C 702 42.31 -34.68 62.76
C LYS C 702 42.30 -33.20 62.51
N VAL C 703 42.69 -32.74 61.34
CA VAL C 703 43.08 -31.32 61.13
C VAL C 703 42.40 -30.76 59.91
N VAL C 704 41.71 -29.59 60.01
CA VAL C 704 41.34 -28.77 58.81
C VAL C 704 42.39 -27.71 58.55
N VAL C 705 42.97 -27.67 57.36
CA VAL C 705 44.04 -26.73 56.93
C VAL C 705 43.46 -25.92 55.81
N THR C 706 43.66 -24.63 55.82
CA THR C 706 43.00 -23.75 54.85
C THR C 706 44.09 -23.15 53.98
N THR C 707 43.84 -23.12 52.68
CA THR C 707 44.74 -22.45 51.72
C THR C 707 43.98 -21.30 51.08
N SER C 708 44.68 -20.22 50.78
CA SER C 708 44.20 -19.07 49.99
C SER C 708 44.54 -19.28 48.51
N ARG C 709 45.45 -20.19 48.20
CA ARG C 709 45.96 -20.42 46.85
C ARG C 709 45.78 -21.91 46.51
N PHE C 710 44.55 -22.36 46.33
CA PHE C 710 44.23 -23.78 46.01
C PHE C 710 44.52 -24.07 44.54
N SER C 711 45.12 -25.22 44.29
CA SER C 711 45.86 -25.55 43.06
C SER C 711 46.32 -26.99 43.19
N LYS C 712 46.68 -27.62 42.09
CA LYS C 712 47.30 -28.97 42.11
C LYS C 712 48.61 -28.87 42.90
N GLN C 713 49.40 -27.84 42.69
CA GLN C 713 50.74 -27.73 43.34
C GLN C 713 50.59 -27.87 44.86
N VAL C 714 49.52 -27.35 45.42
CA VAL C 714 49.32 -27.14 46.89
C VAL C 714 48.68 -28.38 47.47
N THR C 715 47.66 -28.86 46.79
CA THR C 715 46.96 -30.10 47.11
C THR C 715 47.92 -31.28 47.01
N ASP C 716 49.03 -31.18 46.26
CA ASP C 716 50.07 -32.24 46.18
C ASP C 716 51.06 -32.07 47.33
N TYR C 717 51.55 -30.89 47.60
CA TYR C 717 52.32 -30.63 48.86
C TYR C 717 51.64 -31.32 50.04
N TYR C 718 50.34 -31.09 50.26
CA TYR C 718 49.59 -31.58 51.44
C TYR C 718 49.38 -33.08 51.36
N GLN C 719 49.13 -33.65 50.19
CA GLN C 719 49.04 -35.12 50.03
C GLN C 719 50.37 -35.73 50.51
N SER C 720 51.46 -35.04 50.22
CA SER C 720 52.84 -35.53 50.44
C SER C 720 53.16 -35.52 51.93
N ILE C 721 52.52 -34.68 52.67
CA ILE C 721 52.80 -34.49 54.11
C ILE C 721 52.00 -35.54 54.85
N TYR C 722 50.73 -35.67 54.53
CA TYR C 722 49.90 -36.69 55.15
C TYR C 722 50.54 -38.05 54.87
N ALA C 723 50.98 -38.35 53.65
CA ALA C 723 51.53 -39.69 53.31
C ALA C 723 52.88 -39.97 54.02
N LYS C 724 53.59 -38.97 54.47
CA LYS C 724 54.87 -39.14 55.20
C LYS C 724 54.63 -39.20 56.71
N TYR C 725 53.64 -38.45 57.23
CA TYR C 725 53.56 -38.03 58.66
C TYR C 725 52.25 -38.39 59.35
N GLY C 726 51.15 -38.49 58.63
CA GLY C 726 49.86 -38.82 59.26
C GLY C 726 49.92 -40.19 59.92
N ALA C 727 49.96 -40.22 61.24
CA ALA C 727 49.90 -41.45 62.02
C ALA C 727 48.50 -42.06 62.01
N LYS C 728 48.34 -43.23 62.61
CA LYS C 728 47.07 -43.99 62.61
C LYS C 728 46.02 -43.13 63.29
N GLY C 729 44.92 -42.81 62.60
CA GLY C 729 43.80 -42.07 63.21
C GLY C 729 43.79 -40.62 62.82
N SER C 730 44.92 -40.09 62.38
CA SER C 730 45.05 -38.75 61.76
C SER C 730 44.16 -38.65 60.51
N THR C 731 43.58 -37.47 60.25
CA THR C 731 43.11 -37.07 58.90
C THR C 731 43.50 -35.62 58.64
N LEU C 732 43.56 -35.25 57.40
CA LEU C 732 43.84 -33.87 56.96
C LEU C 732 42.78 -33.50 55.93
N ILE C 733 41.98 -32.48 56.19
CA ILE C 733 41.10 -31.90 55.15
C ILE C 733 41.74 -30.61 54.69
N VAL C 734 41.86 -30.39 53.40
CA VAL C 734 42.43 -29.15 52.81
C VAL C 734 41.31 -28.46 52.09
N VAL C 735 40.97 -27.25 52.48
CA VAL C 735 39.84 -26.49 51.89
C VAL C 735 40.41 -25.20 51.40
N PRO C 736 39.89 -24.62 50.32
CA PRO C 736 40.24 -23.27 49.94
C PRO C 736 39.45 -22.35 50.85
N PHE C 737 40.01 -21.19 51.19
CA PHE C 737 39.49 -20.30 52.26
C PHE C 737 40.12 -18.92 52.18
N ASN C 738 39.29 -17.87 52.25
CA ASN C 738 39.73 -16.47 52.37
C ASN C 738 39.42 -15.95 53.78
N GLN C 739 40.36 -15.87 54.72
CA GLN C 739 40.10 -15.45 56.13
C GLN C 739 39.61 -13.97 56.11
N GLY C 740 40.00 -13.21 55.11
CA GLY C 740 39.46 -11.87 54.82
C GLY C 740 37.98 -11.80 54.53
N SER C 741 37.33 -12.90 54.20
CA SER C 741 35.89 -12.91 53.85
C SER C 741 35.10 -13.35 55.08
N LYS C 742 34.10 -12.58 55.48
CA LYS C 742 33.18 -12.87 56.61
C LYS C 742 32.39 -14.12 56.23
N GLN C 743 32.04 -14.22 54.96
CA GLN C 743 31.10 -15.25 54.46
C GLN C 743 31.81 -16.57 54.38
N ASP C 744 33.11 -16.58 54.05
CA ASP C 744 33.96 -17.80 54.09
C ASP C 744 34.13 -18.31 55.52
N VAL C 745 34.43 -17.44 56.48
CA VAL C 745 34.52 -17.81 57.91
C VAL C 745 33.20 -18.44 58.38
N GLU C 746 32.04 -17.83 58.13
CA GLU C 746 30.75 -18.39 58.61
C GLU C 746 30.61 -19.80 58.03
N ALA C 747 30.89 -19.92 56.74
CA ALA C 747 30.75 -21.12 55.89
C ALA C 747 31.68 -22.24 56.31
N LEU C 748 32.95 -21.94 56.57
CA LEU C 748 33.95 -22.91 57.04
C LEU C 748 33.43 -23.56 58.31
N ILE C 749 33.02 -22.76 59.28
CA ILE C 749 32.75 -23.29 60.64
C ILE C 749 31.46 -24.09 60.58
N GLU C 750 30.59 -23.74 59.64
CA GLU C 750 29.31 -24.45 59.44
C GLU C 750 29.56 -25.78 58.70
N PHE C 751 30.58 -25.88 57.89
CA PHE C 751 31.00 -27.11 57.17
C PHE C 751 31.66 -28.08 58.17
N ILE C 752 32.51 -27.57 59.06
CA ILE C 752 33.19 -28.40 60.08
C ILE C 752 32.15 -29.01 61.01
N TYR C 753 31.09 -28.30 61.37
CA TYR C 753 30.20 -28.76 62.46
C TYR C 753 28.98 -29.44 61.87
N ASP C 754 28.66 -29.23 60.60
CA ASP C 754 27.46 -29.85 59.98
C ASP C 754 27.64 -31.35 60.00
N THR C 755 26.55 -32.11 59.82
CA THR C 755 26.58 -33.59 59.81
C THR C 755 26.97 -34.03 58.41
N GLU C 756 27.62 -35.18 58.32
CA GLU C 756 28.09 -35.80 57.06
C GLU C 756 26.88 -35.97 56.14
N LYS C 757 25.71 -36.23 56.72
CA LYS C 757 24.41 -36.33 56.00
C LYS C 757 24.08 -35.00 55.31
N ASN C 758 24.32 -33.84 55.94
CA ASN C 758 24.10 -32.50 55.32
C ASN C 758 25.34 -31.99 54.56
N GLY C 759 26.38 -32.81 54.42
CA GLY C 759 27.53 -32.52 53.54
C GLY C 759 28.72 -31.94 54.28
N GLY C 760 28.68 -31.97 55.62
CA GLY C 760 29.74 -31.44 56.51
C GLY C 760 30.70 -32.51 56.97
N LEU C 761 31.33 -32.31 58.12
CA LEU C 761 32.36 -33.19 58.73
C LEU C 761 31.83 -33.85 60.00
N GLY C 762 30.98 -33.19 60.77
CA GLY C 762 30.42 -33.71 62.03
C GLY C 762 31.46 -33.67 63.13
N TRP C 763 32.43 -32.79 62.98
CA TRP C 763 33.48 -32.59 63.98
C TRP C 763 33.01 -31.63 65.05
N ASP C 764 33.89 -31.43 66.02
CA ASP C 764 33.74 -30.45 67.10
C ASP C 764 35.16 -30.12 67.56
N LEU C 765 35.63 -28.93 67.20
CA LEU C 765 37.03 -28.46 67.35
C LEU C 765 37.43 -28.46 68.82
N ASP C 766 38.67 -28.84 69.05
CA ASP C 766 39.42 -28.80 70.31
C ASP C 766 40.57 -27.79 70.23
N ALA C 767 40.86 -27.18 69.08
CA ALA C 767 41.88 -26.13 68.94
C ALA C 767 41.69 -25.36 67.65
N ILE C 768 41.77 -24.05 67.73
CA ILE C 768 41.83 -23.15 66.55
C ILE C 768 43.21 -22.52 66.60
N ILE C 769 43.88 -22.52 65.46
CA ILE C 769 45.23 -21.89 65.33
C ILE C 769 45.16 -20.98 64.12
N PRO C 770 44.74 -19.70 64.31
CA PRO C 770 44.52 -18.79 63.21
C PRO C 770 45.72 -17.87 62.91
N PHE C 771 46.71 -18.41 62.21
CA PHE C 771 48.03 -17.81 61.92
C PHE C 771 48.03 -17.17 60.54
N ALA C 772 46.89 -17.11 59.83
CA ALA C 772 46.76 -16.41 58.54
C ALA C 772 47.12 -14.96 58.72
N ALA C 773 47.69 -14.38 57.68
CA ALA C 773 48.33 -13.06 57.78
C ALA C 773 48.75 -12.62 56.40
N ILE C 774 48.74 -11.32 56.14
CA ILE C 774 49.42 -10.75 54.94
C ILE C 774 50.44 -9.79 55.44
N PRO C 775 51.60 -9.76 54.76
CA PRO C 775 52.69 -8.83 55.09
C PRO C 775 52.37 -7.40 54.64
N GLU C 776 52.81 -6.43 55.41
CA GLU C 776 52.71 -4.99 55.05
C GLU C 776 54.07 -4.41 55.43
N GLN C 777 54.84 -3.99 54.42
CA GLN C 777 56.26 -3.61 54.56
C GLN C 777 56.42 -2.17 54.11
N GLY C 778 57.12 -1.36 54.91
CA GLY C 778 57.31 0.09 54.67
C GLY C 778 55.98 0.81 54.53
N ILE C 779 54.96 0.32 55.20
CA ILE C 779 53.69 1.05 55.39
C ILE C 779 53.79 1.69 56.76
N GLU C 780 54.22 2.96 56.76
CA GLU C 780 54.17 3.88 57.92
C GLU C 780 52.77 4.52 58.02
N LEU C 781 52.52 5.28 59.07
CA LEU C 781 51.19 5.83 59.42
C LEU C 781 50.66 6.79 58.35
N GLU C 782 51.51 7.50 57.64
CA GLU C 782 51.16 8.29 56.43
C GLU C 782 50.42 7.41 55.40
N HIS C 783 50.77 6.13 55.28
CA HIS C 783 50.48 5.27 54.11
C HIS C 783 49.46 4.18 54.42
N ILE C 784 48.97 4.09 55.65
CA ILE C 784 47.90 3.13 55.99
C ILE C 784 46.75 3.42 55.03
N ASP C 785 46.44 2.45 54.16
CA ASP C 785 45.28 2.48 53.25
C ASP C 785 44.60 1.11 53.22
N SER C 786 44.23 0.64 52.03
CA SER C 786 43.26 -0.43 51.78
C SER C 786 43.87 -1.76 52.21
N LYS C 787 45.10 -2.02 51.80
CA LYS C 787 45.82 -3.26 52.15
C LYS C 787 45.89 -3.39 53.67
N SER C 788 46.25 -2.36 54.39
CA SER C 788 46.38 -2.44 55.86
C SER C 788 45.00 -2.65 56.49
N GLU C 789 43.98 -1.96 55.99
CA GLU C 789 42.60 -2.11 56.53
C GLU C 789 42.10 -3.54 56.28
N PHE C 790 42.45 -4.15 55.14
CA PHE C 790 42.13 -5.55 54.83
C PHE C 790 42.94 -6.48 55.71
N ALA C 791 44.23 -6.24 55.81
CA ALA C 791 45.09 -7.04 56.70
C ALA C 791 44.54 -7.05 58.11
N HIS C 792 44.12 -5.92 58.65
CA HIS C 792 43.55 -5.81 60.01
C HIS C 792 42.33 -6.72 60.15
N ARG C 793 41.56 -6.89 59.09
CA ARG C 793 40.36 -7.74 59.09
C ARG C 793 40.79 -9.20 59.14
N ILE C 794 41.76 -9.61 58.31
CA ILE C 794 42.32 -10.99 58.34
C ILE C 794 42.81 -11.32 59.74
N MET C 795 43.61 -10.45 60.33
CA MET C 795 44.45 -10.74 61.49
C MET C 795 43.78 -10.40 62.81
N LEU C 796 42.62 -9.70 62.80
CA LEU C 796 41.88 -9.39 64.05
C LEU C 796 40.38 -9.58 63.88
N THR C 797 39.64 -8.71 63.21
CA THR C 797 38.15 -8.79 63.28
C THR C 797 37.64 -10.17 62.82
N ASN C 798 38.19 -10.78 61.80
CA ASN C 798 37.68 -12.07 61.30
C ASN C 798 38.28 -13.18 62.16
N ILE C 799 39.29 -12.93 63.00
CA ILE C 799 39.66 -13.93 64.05
C ILE C 799 38.56 -13.99 65.10
N LEU C 800 38.02 -12.83 65.47
CA LEU C 800 36.97 -12.71 66.50
C LEU C 800 35.69 -13.35 65.98
N ARG C 801 35.35 -13.09 64.72
CA ARG C 801 34.18 -13.68 64.02
C ARG C 801 34.29 -15.21 63.90
N MET C 802 35.48 -15.78 63.86
CA MET C 802 35.68 -17.24 63.72
C MET C 802 35.53 -17.88 65.10
N MET C 803 36.10 -17.30 66.16
CA MET C 803 35.78 -17.73 67.55
C MET C 803 34.30 -17.41 67.87
N GLY C 804 33.75 -16.36 67.33
CA GLY C 804 32.33 -16.13 67.56
C GLY C 804 31.50 -17.26 67.01
N CYS C 805 31.84 -17.71 65.80
CA CYS C 805 31.13 -18.75 65.03
C CYS C 805 31.30 -20.06 65.77
N VAL C 806 32.48 -20.40 66.31
CA VAL C 806 32.62 -21.74 66.96
C VAL C 806 31.86 -21.73 68.25
N LYS C 807 31.69 -20.60 68.91
CA LYS C 807 30.83 -20.45 70.11
C LYS C 807 29.36 -20.68 69.72
N LYS C 808 28.87 -20.07 68.65
CA LYS C 808 27.45 -20.28 68.25
C LYS C 808 27.20 -21.75 67.85
N GLN C 809 28.09 -22.41 67.14
CA GLN C 809 27.92 -23.84 66.77
C GLN C 809 28.01 -24.74 68.02
N LYS C 810 28.87 -24.44 68.99
CA LYS C 810 29.04 -25.31 70.17
C LYS C 810 27.86 -25.17 71.10
N SER C 811 27.16 -24.04 71.05
CA SER C 811 26.10 -23.65 71.99
C SER C 811 24.78 -24.21 71.46
N ALA C 812 24.57 -24.04 70.17
CA ALA C 812 23.50 -24.69 69.37
C ALA C 812 23.29 -26.13 69.81
N ARG C 813 24.36 -26.87 70.02
CA ARG C 813 24.38 -28.32 70.37
C ARG C 813 24.61 -28.54 71.86
N GLY C 814 24.56 -27.48 72.66
CA GLY C 814 24.68 -27.53 74.12
C GLY C 814 25.96 -28.17 74.58
N ILE C 815 27.03 -28.02 73.82
CA ILE C 815 28.38 -28.54 74.18
C ILE C 815 28.95 -27.54 75.16
N GLU C 816 29.00 -27.89 76.44
CA GLU C 816 29.47 -26.96 77.50
C GLU C 816 30.80 -27.44 78.08
N THR C 817 31.30 -28.61 77.70
CA THR C 817 32.42 -29.27 78.43
C THR C 817 33.53 -29.69 77.48
N ARG C 818 33.55 -29.16 76.25
CA ARG C 818 34.59 -29.50 75.26
C ARG C 818 35.09 -28.20 74.60
N PRO C 819 35.81 -27.36 75.35
CA PRO C 819 36.21 -26.06 74.83
C PRO C 819 37.30 -26.18 73.79
N ALA C 820 37.33 -25.27 72.82
CA ALA C 820 38.41 -25.19 71.81
C ALA C 820 39.47 -24.23 72.31
N GLN C 821 40.71 -24.70 72.47
CA GLN C 821 41.81 -23.80 72.86
C GLN C 821 42.22 -23.00 71.63
N VAL C 822 41.94 -21.70 71.63
CA VAL C 822 42.49 -20.76 70.62
C VAL C 822 43.95 -20.46 70.96
N ILE C 823 44.90 -20.67 70.03
CA ILE C 823 46.33 -20.30 70.16
C ILE C 823 46.58 -19.05 69.30
N LEU C 824 46.63 -17.85 69.89
CA LEU C 824 46.77 -16.57 69.14
C LEU C 824 48.25 -16.31 69.00
N PRO C 825 48.75 -16.00 67.80
CA PRO C 825 50.12 -15.56 67.66
C PRO C 825 50.16 -14.10 68.10
N MET C 826 50.85 -13.84 69.21
CA MET C 826 51.08 -12.48 69.71
C MET C 826 52.47 -12.09 69.24
N SER C 827 52.80 -10.81 69.39
CA SER C 827 54.15 -10.27 69.18
C SER C 827 54.58 -9.74 70.53
N PRO C 828 55.89 -9.68 70.85
CA PRO C 828 56.35 -8.89 71.99
C PRO C 828 56.63 -7.44 71.56
N ASN C 829 56.74 -7.21 70.24
CA ASN C 829 57.24 -5.96 69.61
C ASN C 829 56.04 -5.24 68.95
N HIS C 830 55.28 -4.48 69.76
CA HIS C 830 54.13 -3.60 69.36
C HIS C 830 54.63 -2.20 69.05
N GLY C 831 54.78 -1.85 67.77
CA GLY C 831 55.19 -0.52 67.31
C GLY C 831 56.70 -0.27 67.24
N THR C 832 57.55 -1.17 67.76
CA THR C 832 58.98 -0.89 68.04
C THR C 832 59.85 -0.99 66.77
N PHE C 833 59.32 -1.29 65.59
CA PHE C 833 60.03 -1.26 64.29
C PHE C 833 59.43 -0.26 63.30
N GLY C 834 58.12 -0.19 63.23
CA GLY C 834 57.42 0.62 62.23
C GLY C 834 57.43 -0.03 60.87
N GLY C 835 56.73 0.58 59.93
CA GLY C 835 56.65 0.10 58.55
C GLY C 835 55.84 -1.16 58.46
N ASP C 836 55.09 -1.48 59.51
CA ASP C 836 54.36 -2.76 59.65
C ASP C 836 52.86 -2.55 59.33
N GLY C 837 52.43 -1.32 58.97
CA GLY C 837 51.02 -1.03 58.62
C GLY C 837 50.20 -1.13 59.88
N MET C 838 49.11 -1.87 59.88
CA MET C 838 48.31 -2.02 61.12
C MET C 838 48.61 -3.36 61.82
N TYR C 839 49.80 -3.93 61.66
CA TYR C 839 50.19 -5.26 62.21
C TYR C 839 50.19 -5.18 63.74
N SER C 840 50.92 -4.23 64.30
CA SER C 840 50.99 -3.98 65.75
C SER C 840 49.61 -3.72 66.39
N GLU C 841 48.69 -3.06 65.70
CA GLU C 841 47.32 -2.78 66.21
C GLU C 841 46.57 -4.10 66.23
N SER C 842 46.71 -4.89 65.17
CA SER C 842 46.15 -6.25 65.05
C SER C 842 46.58 -7.08 66.24
N LYS C 843 47.89 -7.13 66.49
CA LYS C 843 48.48 -8.07 67.47
C LYS C 843 48.10 -7.63 68.87
N LEU C 844 48.17 -6.37 69.17
CA LEU C 844 47.93 -5.89 70.55
C LEU C 844 46.47 -6.04 70.98
N SER C 845 45.54 -5.90 70.06
CA SER C 845 44.09 -5.98 70.34
C SER C 845 43.65 -7.41 70.64
N LEU C 846 44.44 -8.45 70.36
CA LEU C 846 44.08 -9.84 70.77
C LEU C 846 44.31 -10.02 72.28
N GLU C 847 45.16 -9.22 72.90
CA GLU C 847 45.36 -9.22 74.37
C GLU C 847 44.07 -8.81 75.11
N THR C 848 43.07 -8.20 74.46
CA THR C 848 41.72 -8.03 75.04
C THR C 848 41.01 -9.38 75.28
N LEU C 849 41.34 -10.46 74.58
CA LEU C 849 40.68 -11.78 74.77
C LEU C 849 41.09 -12.44 76.10
N PHE C 850 42.16 -12.03 76.76
CA PHE C 850 42.58 -12.61 78.06
C PHE C 850 41.71 -12.01 79.15
N ASN C 851 41.06 -10.89 78.87
CA ASN C 851 40.20 -10.22 79.87
C ASN C 851 38.76 -10.61 79.60
N ARG C 852 38.34 -10.53 78.35
CA ARG C 852 36.94 -10.85 77.94
C ARG C 852 36.62 -12.31 78.23
N TRP C 853 37.57 -13.21 78.34
CA TRP C 853 37.28 -14.63 78.70
C TRP C 853 36.64 -14.71 80.07
N HIS C 854 36.99 -13.82 81.01
CA HIS C 854 36.35 -13.68 82.35
C HIS C 854 35.03 -12.90 82.30
N SER C 855 34.85 -12.05 81.34
CA SER C 855 33.85 -10.97 81.45
C SER C 855 32.64 -11.23 80.58
N GLU C 856 32.64 -12.32 79.81
CA GLU C 856 31.54 -12.65 78.85
C GLU C 856 31.11 -14.08 79.10
N SER C 857 30.41 -14.67 78.14
CA SER C 857 29.60 -15.90 78.33
C SER C 857 30.11 -17.01 77.40
N TRP C 858 31.37 -16.97 77.02
CA TRP C 858 31.95 -17.91 76.04
C TRP C 858 33.15 -18.67 76.61
N ALA C 859 33.44 -18.61 77.90
CA ALA C 859 34.57 -19.35 78.48
C ALA C 859 34.36 -20.88 78.45
N ASN C 860 33.15 -21.40 78.47
CA ASN C 860 32.95 -22.87 78.39
C ASN C 860 33.11 -23.34 76.96
N GLN C 861 33.05 -22.48 75.97
CA GLN C 861 33.18 -22.88 74.56
C GLN C 861 34.61 -22.68 74.02
N LEU C 862 35.49 -21.95 74.70
CA LEU C 862 36.70 -21.33 74.11
C LEU C 862 37.69 -21.03 75.24
N THR C 863 38.96 -21.23 75.00
CA THR C 863 40.02 -20.93 75.97
C THR C 863 41.11 -20.21 75.22
N VAL C 864 41.73 -19.23 75.81
CA VAL C 864 42.78 -18.51 75.06
C VAL C 864 44.13 -18.95 75.61
N CYS C 865 45.03 -19.21 74.68
CA CYS C 865 46.43 -19.54 74.93
C CYS C 865 47.23 -18.67 73.99
N GLY C 866 47.64 -17.50 74.46
CA GLY C 866 48.40 -16.55 73.62
C GLY C 866 49.86 -16.91 73.66
N ALA C 867 50.44 -17.15 72.49
CA ALA C 867 51.86 -17.53 72.31
C ALA C 867 52.61 -16.30 71.79
N ILE C 868 53.49 -15.73 72.59
CA ILE C 868 54.37 -14.60 72.19
C ILE C 868 55.57 -15.22 71.49
N ILE C 869 55.48 -15.36 70.18
CA ILE C 869 56.43 -16.09 69.31
C ILE C 869 57.62 -15.18 69.11
N GLY C 870 58.83 -15.72 69.26
CA GLY C 870 60.09 -14.97 69.16
C GLY C 870 60.86 -15.33 67.92
N TRP C 871 62.17 -15.05 67.93
CA TRP C 871 62.97 -14.97 66.68
C TRP C 871 63.13 -16.37 66.06
N THR C 872 62.43 -16.59 64.95
CA THR C 872 62.36 -17.85 64.21
C THR C 872 63.06 -17.60 62.89
N ARG C 873 64.18 -18.30 62.69
CA ARG C 873 65.00 -18.28 61.46
C ARG C 873 64.19 -18.95 60.36
N GLY C 874 64.23 -18.41 59.13
CA GLY C 874 63.66 -19.06 57.93
C GLY C 874 64.68 -19.92 57.21
N THR C 875 64.43 -20.19 55.93
CA THR C 875 65.28 -21.02 55.02
C THR C 875 66.73 -20.53 55.00
N GLY C 876 67.06 -19.51 54.20
CA GLY C 876 68.47 -19.16 53.92
C GLY C 876 68.69 -17.74 53.42
N LEU C 877 69.39 -16.92 54.23
CA LEU C 877 70.06 -15.64 53.87
C LEU C 877 69.04 -14.50 53.76
N MET C 878 68.17 -14.57 52.75
CA MET C 878 67.10 -13.57 52.50
C MET C 878 65.97 -13.77 53.51
N SER C 879 65.53 -15.02 53.69
CA SER C 879 64.40 -15.37 54.57
C SER C 879 64.62 -14.73 55.94
N ALA C 880 63.57 -14.12 56.49
CA ALA C 880 63.55 -13.43 57.80
C ALA C 880 64.67 -12.39 57.80
N ASN C 881 65.47 -12.31 58.86
CA ASN C 881 66.73 -11.52 58.84
C ASN C 881 67.86 -12.48 59.23
N ASN C 882 68.02 -13.58 58.52
CA ASN C 882 68.96 -14.68 58.91
C ASN C 882 70.39 -14.18 59.14
N ILE C 883 70.86 -13.22 58.35
CA ILE C 883 72.27 -12.73 58.41
C ILE C 883 72.58 -12.08 59.77
N ILE C 884 71.63 -11.46 60.45
CA ILE C 884 71.90 -10.84 61.77
C ILE C 884 71.48 -11.75 62.95
N ALA C 885 70.96 -12.96 62.73
CA ALA C 885 70.64 -13.92 63.80
C ALA C 885 71.87 -14.16 64.67
N GLU C 886 72.99 -14.55 64.05
CA GLU C 886 74.25 -14.87 64.77
C GLU C 886 74.54 -13.73 65.75
N GLY C 887 74.35 -12.48 65.30
CA GLY C 887 74.74 -11.26 66.03
C GLY C 887 73.86 -10.98 67.22
N ILE C 888 72.56 -11.20 67.06
CA ILE C 888 71.53 -11.13 68.13
C ILE C 888 71.81 -12.22 69.17
N GLU C 889 72.20 -13.43 68.74
CA GLU C 889 72.52 -14.53 69.68
C GLU C 889 73.72 -14.17 70.56
N LYS C 890 74.67 -13.37 70.05
CA LYS C 890 75.86 -12.95 70.83
C LYS C 890 75.46 -12.13 72.05
N MET C 891 74.32 -11.42 72.01
CA MET C 891 73.73 -10.64 73.15
C MET C 891 73.26 -11.55 74.30
N GLY C 892 73.11 -12.86 74.08
CA GLY C 892 72.63 -13.81 75.11
C GLY C 892 71.21 -14.27 74.84
N VAL C 893 70.56 -13.66 73.85
CA VAL C 893 69.26 -14.05 73.25
C VAL C 893 69.40 -15.41 72.56
N ARG C 894 68.31 -16.15 72.47
CA ARG C 894 68.27 -17.40 71.69
C ARG C 894 67.29 -17.22 70.52
N THR C 895 67.71 -17.61 69.34
CA THR C 895 66.81 -17.75 68.17
C THR C 895 66.50 -19.24 68.00
N PHE C 896 65.55 -19.52 67.12
CA PHE C 896 64.93 -20.85 66.98
C PHE C 896 64.87 -21.24 65.51
N SER C 897 65.08 -22.50 65.20
CA SER C 897 64.65 -23.07 63.92
C SER C 897 63.13 -23.03 63.93
N GLN C 898 62.53 -23.02 62.75
CA GLN C 898 61.09 -23.30 62.56
C GLN C 898 60.71 -24.59 63.28
N LYS C 899 61.51 -25.65 63.25
CA LYS C 899 61.13 -26.94 63.91
C LYS C 899 61.15 -26.83 65.44
N GLU C 900 61.97 -25.97 66.02
CA GLU C 900 61.96 -25.66 67.48
C GLU C 900 60.76 -24.78 67.85
N MET C 901 60.48 -23.72 67.08
CA MET C 901 59.28 -22.87 67.30
C MET C 901 58.02 -23.73 67.15
N ALA C 902 58.04 -24.78 66.32
CA ALA C 902 56.86 -25.64 66.12
C ALA C 902 56.66 -26.42 67.41
N PHE C 903 57.77 -26.85 67.99
CA PHE C 903 57.87 -27.69 69.18
C PHE C 903 57.26 -26.95 70.34
N ASN C 904 57.67 -25.70 70.49
CA ASN C 904 57.27 -24.77 71.57
C ASN C 904 55.76 -24.59 71.55
N LEU C 905 55.18 -24.34 70.38
CA LEU C 905 53.72 -24.12 70.19
C LEU C 905 52.95 -25.42 70.36
N LEU C 906 53.51 -26.59 69.99
CA LEU C 906 52.85 -27.92 70.26
C LEU C 906 52.93 -28.26 71.76
N GLY C 907 53.90 -27.73 72.49
CA GLY C 907 53.89 -27.62 73.95
C GLY C 907 52.57 -27.10 74.46
N LEU C 908 52.00 -26.06 73.84
CA LEU C 908 50.78 -25.39 74.35
C LEU C 908 49.52 -26.25 74.13
N LEU C 909 49.66 -27.40 73.49
CA LEU C 909 48.56 -28.33 73.19
C LEU C 909 48.77 -29.63 73.95
N THR C 910 49.71 -29.65 74.91
CA THR C 910 49.97 -30.85 75.74
C THR C 910 48.84 -30.90 76.76
N PRO C 911 48.55 -32.04 77.40
CA PRO C 911 47.45 -32.11 78.36
C PRO C 911 47.62 -31.20 79.60
N GLU C 912 48.84 -30.82 79.99
CA GLU C 912 49.11 -30.00 81.21
C GLU C 912 48.71 -28.53 80.99
N VAL C 913 49.13 -27.94 79.87
CA VAL C 913 48.84 -26.52 79.53
C VAL C 913 47.50 -26.43 78.80
N VAL C 914 46.89 -27.54 78.39
CA VAL C 914 45.43 -27.54 78.05
C VAL C 914 44.66 -27.39 79.36
N GLU C 915 45.12 -28.09 80.41
CA GLU C 915 44.47 -28.05 81.75
C GLU C 915 44.48 -26.62 82.31
N LEU C 916 45.59 -25.85 82.24
CA LEU C 916 45.66 -24.42 82.76
C LEU C 916 44.70 -23.51 82.00
N CYS C 917 44.86 -23.36 80.69
CA CYS C 917 43.95 -22.69 79.73
C CYS C 917 42.47 -22.75 80.15
N GLN C 918 42.02 -23.90 80.64
CA GLN C 918 40.63 -24.20 81.01
C GLN C 918 40.35 -23.63 82.41
N LYS C 919 41.37 -23.47 83.26
CA LYS C 919 41.25 -22.66 84.52
C LYS C 919 41.15 -21.15 84.23
N SER C 920 42.14 -20.61 83.52
CA SER C 920 42.43 -19.17 83.30
C SER C 920 43.15 -19.04 81.97
N PRO C 921 43.11 -17.90 81.24
CA PRO C 921 43.93 -17.73 80.05
C PRO C 921 45.44 -17.90 80.25
N VAL C 922 46.09 -18.57 79.30
CA VAL C 922 47.56 -18.82 79.37
C VAL C 922 48.31 -17.89 78.43
N MET C 923 49.27 -17.13 78.95
CA MET C 923 50.15 -16.29 78.11
C MET C 923 51.56 -16.90 78.13
N ALA C 924 51.94 -17.49 77.01
CA ALA C 924 53.20 -18.21 76.80
C ALA C 924 54.24 -17.30 76.15
N ASP C 925 55.39 -17.11 76.78
CA ASP C 925 56.50 -16.28 76.23
C ASP C 925 57.54 -17.19 75.57
N LEU C 926 57.39 -17.42 74.27
CA LEU C 926 58.32 -18.25 73.45
C LEU C 926 59.33 -17.32 72.75
N ASN C 927 59.64 -16.22 73.37
CA ASN C 927 60.59 -15.20 72.90
C ASN C 927 61.81 -15.43 73.78
N GLY C 928 62.94 -15.78 73.19
CA GLY C 928 64.09 -16.24 73.99
C GLY C 928 64.93 -15.07 74.45
N GLY C 929 64.41 -14.22 75.32
CA GLY C 929 65.17 -13.12 75.95
C GLY C 929 65.27 -11.86 75.10
N LEU C 930 64.59 -11.75 73.96
CA LEU C 930 64.54 -10.47 73.19
C LEU C 930 63.83 -9.37 73.98
N GLN C 931 63.05 -9.69 75.02
CA GLN C 931 62.47 -8.65 75.93
C GLN C 931 63.59 -7.69 76.36
N PHE C 932 64.77 -8.24 76.67
CA PHE C 932 65.84 -7.64 77.52
C PHE C 932 66.99 -7.03 76.70
N VAL C 933 67.10 -7.31 75.39
CA VAL C 933 68.01 -6.53 74.50
C VAL C 933 67.34 -5.17 74.27
N PRO C 934 67.88 -4.05 74.84
CA PRO C 934 67.19 -2.76 74.80
C PRO C 934 67.49 -1.98 73.51
N GLU C 935 66.52 -1.19 73.04
CA GLU C 935 66.53 -0.50 71.72
C GLU C 935 66.89 -1.52 70.62
N LEU C 936 66.07 -2.56 70.51
CA LEU C 936 66.21 -3.62 69.49
C LEU C 936 66.10 -3.06 68.06
N LYS C 937 65.41 -1.94 67.83
CA LYS C 937 65.29 -1.43 66.44
C LYS C 937 66.68 -1.03 65.96
N GLU C 938 67.30 -0.15 66.75
CA GLU C 938 68.58 0.51 66.42
C GLU C 938 69.72 -0.49 66.62
N PHE C 939 69.52 -1.56 67.39
CA PHE C 939 70.56 -2.62 67.57
C PHE C 939 70.70 -3.44 66.29
N THR C 940 69.66 -4.17 65.96
CA THR C 940 69.42 -4.90 64.69
C THR C 940 69.92 -4.09 63.47
N ALA C 941 69.80 -2.77 63.49
CA ALA C 941 70.17 -1.83 62.38
C ALA C 941 71.69 -1.61 62.36
N LYS C 942 72.29 -1.44 63.54
CA LYS C 942 73.76 -1.44 63.74
C LYS C 942 74.35 -2.76 63.24
N LEU C 943 73.75 -3.91 63.54
CA LEU C 943 74.30 -5.22 63.12
C LEU C 943 74.30 -5.31 61.60
N ARG C 944 73.32 -4.74 60.91
CA ARG C 944 73.20 -4.93 59.44
C ARG C 944 74.24 -4.04 58.77
N LYS C 945 74.37 -2.78 59.23
CA LYS C 945 75.50 -1.85 58.97
C LYS C 945 76.83 -2.63 58.96
N GLU C 946 77.26 -3.18 60.10
CA GLU C 946 78.60 -3.81 60.29
C GLU C 946 78.85 -4.94 59.28
N LEU C 947 77.84 -5.71 58.89
CA LEU C 947 77.97 -6.81 57.90
C LEU C 947 78.16 -6.23 56.52
N VAL C 948 77.40 -5.17 56.20
CA VAL C 948 77.39 -4.52 54.87
C VAL C 948 78.70 -3.79 54.70
N GLU C 949 79.01 -2.84 55.60
CA GLU C 949 80.31 -2.14 55.71
C GLU C 949 81.40 -3.15 55.33
N THR C 950 81.63 -4.18 56.16
CA THR C 950 82.67 -5.23 55.95
C THR C 950 82.58 -5.84 54.54
N SER C 951 81.43 -6.35 54.13
CA SER C 951 81.17 -6.91 52.77
C SER C 951 81.55 -5.90 51.66
N GLU C 952 81.17 -4.62 51.78
CA GLU C 952 81.41 -3.58 50.73
C GLU C 952 82.90 -3.26 50.61
N VAL C 953 83.61 -3.01 51.72
CA VAL C 953 85.07 -2.69 51.71
C VAL C 953 85.81 -3.84 51.05
N ARG C 954 85.39 -5.06 51.36
CA ARG C 954 86.06 -6.31 50.96
C ARG C 954 85.84 -6.55 49.47
N LYS C 955 84.68 -6.16 48.97
CA LYS C 955 84.23 -6.35 47.57
C LYS C 955 84.86 -5.27 46.69
N ALA C 956 85.12 -4.08 47.24
CA ALA C 956 85.76 -2.94 46.56
C ALA C 956 87.25 -3.24 46.38
N VAL C 957 87.92 -3.77 47.40
CA VAL C 957 89.33 -4.26 47.37
C VAL C 957 89.43 -5.40 46.34
N SER C 958 88.43 -6.26 46.25
CA SER C 958 88.43 -7.42 45.34
C SER C 958 88.27 -6.95 43.89
N ILE C 959 87.50 -5.88 43.65
CA ILE C 959 87.26 -5.34 42.27
C ILE C 959 88.58 -4.75 41.76
N GLU C 960 89.22 -3.89 42.56
CA GLU C 960 90.47 -3.19 42.21
C GLU C 960 91.60 -4.21 41.97
N THR C 961 91.77 -5.24 42.81
CA THR C 961 92.82 -6.28 42.62
C THR C 961 92.62 -7.04 41.31
N ALA C 962 91.39 -7.11 40.79
CA ALA C 962 91.08 -7.78 39.49
C ALA C 962 91.48 -6.85 38.34
N LEU C 963 91.01 -5.58 38.37
CA LEU C 963 91.42 -4.50 37.44
C LEU C 963 92.95 -4.35 37.39
N GLU C 964 93.62 -4.31 38.54
CA GLU C 964 95.08 -4.04 38.68
C GLU C 964 95.89 -5.33 38.56
N HIS C 965 95.37 -6.27 37.76
CA HIS C 965 95.91 -7.62 37.48
C HIS C 965 95.58 -7.96 36.01
N LYS C 966 94.34 -7.71 35.62
CA LYS C 966 93.85 -7.57 34.23
C LYS C 966 94.74 -6.60 33.46
N VAL C 967 95.23 -5.51 34.09
CA VAL C 967 96.07 -4.46 33.43
C VAL C 967 97.51 -4.99 33.28
N VAL C 968 98.03 -5.69 34.28
CA VAL C 968 99.42 -6.27 34.29
C VAL C 968 99.48 -7.51 33.38
N ASN C 969 98.37 -8.25 33.21
CA ASN C 969 98.34 -9.52 32.43
C ASN C 969 97.29 -9.43 31.31
N GLY C 970 96.92 -8.22 30.88
CA GLY C 970 96.02 -7.96 29.74
C GLY C 970 94.85 -8.93 29.65
N ASN C 971 94.82 -9.73 28.58
CA ASN C 971 93.89 -10.87 28.40
C ASN C 971 94.70 -12.08 27.89
N SER C 972 95.72 -12.46 28.68
CA SER C 972 96.72 -13.54 28.44
C SER C 972 96.65 -14.60 29.57
N ALA C 973 96.75 -14.17 30.84
CA ALA C 973 96.57 -15.00 32.07
C ALA C 973 95.16 -14.81 32.68
N ASP C 974 94.31 -13.93 32.08
CA ASP C 974 92.89 -13.67 32.47
C ASP C 974 91.93 -14.09 31.32
N ALA C 975 92.42 -14.81 30.29
CA ALA C 975 91.67 -15.25 29.08
C ALA C 975 91.94 -16.72 28.70
N ALA C 976 93.16 -17.25 28.94
CA ALA C 976 93.56 -18.68 28.79
C ALA C 976 93.24 -19.49 30.08
N TYR C 977 92.81 -18.80 31.15
CA TYR C 977 92.28 -19.33 32.45
C TYR C 977 91.03 -20.22 32.21
N ALA C 978 90.22 -19.91 31.16
CA ALA C 978 88.85 -20.45 30.91
C ALA C 978 88.87 -21.68 29.96
N GLN C 979 88.21 -22.76 30.41
CA GLN C 979 88.18 -24.15 29.85
C GLN C 979 87.12 -24.24 28.74
N VAL C 980 86.95 -25.44 28.15
CA VAL C 980 86.01 -25.76 27.04
C VAL C 980 84.98 -26.78 27.55
N GLU C 981 83.68 -26.51 27.37
CA GLU C 981 82.58 -27.35 27.92
C GLU C 981 81.87 -28.13 26.81
N ILE C 982 81.39 -29.31 27.18
CA ILE C 982 80.70 -30.29 26.31
C ILE C 982 79.22 -30.30 26.71
N GLN C 983 78.37 -29.70 25.89
CA GLN C 983 76.90 -29.78 26.01
C GLN C 983 76.45 -31.11 25.40
N PRO C 984 75.76 -31.99 26.16
CA PRO C 984 75.34 -33.28 25.64
C PRO C 984 74.30 -33.21 24.51
N ARG C 985 74.41 -34.08 23.54
CA ARG C 985 73.36 -34.28 22.50
C ARG C 985 72.59 -35.55 22.85
N ALA C 986 71.39 -35.67 22.32
CA ALA C 986 70.44 -36.76 22.63
C ALA C 986 70.86 -38.02 21.87
N ASN C 987 71.30 -39.05 22.59
CA ASN C 987 71.62 -40.36 22.00
C ASN C 987 70.48 -41.33 22.33
N ILE C 988 69.33 -41.17 21.68
CA ILE C 988 68.11 -41.98 21.92
C ILE C 988 68.42 -43.47 21.69
N GLN C 989 68.16 -44.32 22.69
CA GLN C 989 68.45 -45.78 22.67
C GLN C 989 67.16 -46.57 22.49
N LEU C 990 67.25 -47.77 21.93
CA LEU C 990 66.09 -48.69 21.77
C LEU C 990 65.74 -49.46 23.04
N ASP C 991 66.58 -49.50 24.08
CA ASP C 991 66.27 -50.15 25.38
C ASP C 991 65.93 -51.61 25.12
N PHE C 992 66.80 -52.33 24.42
CA PHE C 992 66.82 -53.80 24.37
C PHE C 992 67.23 -54.30 25.75
N PRO C 993 66.76 -55.48 26.19
CA PRO C 993 67.04 -55.98 27.54
C PRO C 993 68.48 -56.40 27.72
N GLU C 994 69.08 -56.05 28.87
CA GLU C 994 70.48 -56.40 29.21
C GLU C 994 70.58 -57.90 29.38
N LEU C 995 71.46 -58.56 28.63
CA LEU C 995 71.75 -60.01 28.73
C LEU C 995 72.99 -60.21 29.60
N LYS C 996 72.80 -60.90 30.70
CA LYS C 996 73.82 -61.23 31.72
C LYS C 996 74.65 -62.38 31.19
N PRO C 997 75.86 -62.62 31.74
CA PRO C 997 76.63 -63.82 31.39
C PRO C 997 75.94 -65.10 31.86
N TYR C 998 76.08 -66.20 31.10
CA TYR C 998 75.35 -67.48 31.33
C TYR C 998 75.42 -67.97 32.77
N LYS C 999 76.57 -67.82 33.42
CA LYS C 999 76.81 -68.35 34.79
C LYS C 999 75.87 -67.66 35.78
N GLN C 1000 75.48 -66.41 35.51
CA GLN C 1000 74.61 -65.56 36.37
C GLN C 1000 73.13 -65.85 36.09
N VAL C 1001 72.83 -66.29 34.89
CA VAL C 1001 71.46 -66.65 34.40
C VAL C 1001 71.01 -68.00 35.01
N LYS C 1002 71.92 -68.94 35.22
CA LYS C 1002 71.65 -70.28 35.82
C LYS C 1002 71.44 -70.21 37.35
N GLN C 1003 71.88 -69.17 38.06
CA GLN C 1003 71.50 -68.93 39.48
C GLN C 1003 69.96 -68.82 39.59
N ILE C 1004 69.36 -67.99 38.74
CA ILE C 1004 67.96 -67.45 38.84
C ILE C 1004 66.94 -68.60 38.78
N ALA C 1005 67.11 -69.49 37.81
CA ALA C 1005 66.23 -70.66 37.57
C ALA C 1005 66.83 -71.89 38.23
N PRO C 1006 66.02 -72.93 38.52
CA PRO C 1006 66.56 -74.18 39.07
C PRO C 1006 67.15 -75.11 37.99
N ALA C 1007 68.24 -75.82 38.32
CA ALA C 1007 69.12 -76.60 37.41
C ALA C 1007 68.34 -77.64 36.61
N GLU C 1008 67.23 -78.12 37.17
CA GLU C 1008 66.37 -79.19 36.58
C GLU C 1008 65.67 -78.67 35.33
N LEU C 1009 65.66 -77.36 35.14
CA LEU C 1009 64.89 -76.69 34.06
C LEU C 1009 65.55 -76.95 32.69
N GLU C 1010 66.87 -77.16 32.64
CA GLU C 1010 67.59 -77.40 31.35
C GLU C 1010 67.02 -78.66 30.68
N GLY C 1011 66.58 -78.54 29.42
CA GLY C 1011 66.06 -79.67 28.63
C GLY C 1011 64.66 -80.11 29.01
N LEU C 1012 64.04 -79.45 30.01
CA LEU C 1012 62.70 -79.81 30.55
C LEU C 1012 61.60 -79.11 29.77
N LEU C 1013 61.75 -77.84 29.36
CA LEU C 1013 60.70 -77.10 28.59
C LEU C 1013 60.79 -77.39 27.11
N ASP C 1014 59.65 -77.53 26.44
CA ASP C 1014 59.56 -77.48 24.96
C ASP C 1014 59.50 -76.00 24.54
N LEU C 1015 60.64 -75.47 24.13
CA LEU C 1015 60.74 -74.09 23.66
C LEU C 1015 59.89 -73.80 22.41
N GLU C 1016 59.37 -74.80 21.69
CA GLU C 1016 58.48 -74.54 20.51
C GLU C 1016 57.13 -74.04 20.99
N ARG C 1017 56.90 -74.07 22.29
CA ARG C 1017 55.55 -73.96 22.88
C ARG C 1017 55.62 -73.07 24.12
N VAL C 1018 56.68 -72.28 24.25
CA VAL C 1018 56.84 -71.11 25.14
C VAL C 1018 56.72 -69.85 24.29
N ILE C 1019 55.72 -69.03 24.57
CA ILE C 1019 55.45 -67.76 23.87
C ILE C 1019 56.23 -66.66 24.57
N VAL C 1020 56.75 -65.73 23.81
CA VAL C 1020 57.82 -64.79 24.23
C VAL C 1020 57.45 -63.50 23.51
N VAL C 1021 57.56 -62.38 24.17
CA VAL C 1021 57.31 -61.06 23.53
C VAL C 1021 58.67 -60.57 23.10
N THR C 1022 58.71 -60.12 21.89
CA THR C 1022 59.94 -59.92 21.12
C THR C 1022 60.05 -58.45 20.71
N GLY C 1023 58.97 -57.69 20.82
CA GLY C 1023 58.95 -56.24 20.54
C GLY C 1023 57.59 -55.66 20.82
N PHE C 1024 57.55 -54.38 21.13
CA PHE C 1024 56.30 -53.65 21.42
C PHE C 1024 56.46 -52.17 21.13
N ALA C 1025 55.33 -51.52 20.97
CA ALA C 1025 55.22 -50.10 20.61
C ALA C 1025 53.84 -49.59 20.95
N GLU C 1026 53.67 -48.29 20.84
CA GLU C 1026 52.40 -47.59 21.04
C GLU C 1026 52.47 -46.15 20.55
N VAL C 1027 51.29 -45.67 20.28
CA VAL C 1027 50.92 -44.32 19.90
C VAL C 1027 49.80 -44.02 20.86
N GLY C 1028 50.03 -43.09 21.73
CA GLY C 1028 48.96 -42.58 22.60
C GLY C 1028 49.29 -41.18 23.04
N PRO C 1029 48.56 -40.71 24.04
CA PRO C 1029 48.76 -39.38 24.61
C PRO C 1029 50.18 -38.91 24.96
N TRP C 1030 51.13 -39.79 25.23
CA TRP C 1030 52.49 -39.35 25.61
C TRP C 1030 53.51 -39.78 24.55
N GLY C 1031 53.03 -39.93 23.33
CA GLY C 1031 53.85 -40.25 22.17
C GLY C 1031 54.02 -41.73 22.05
N SER C 1032 55.23 -42.21 22.28
CA SER C 1032 55.68 -43.60 22.09
C SER C 1032 55.80 -44.33 23.44
N ALA C 1033 56.01 -45.65 23.44
CA ALA C 1033 56.31 -46.43 24.66
C ALA C 1033 57.55 -45.87 25.38
N ARG C 1034 58.48 -45.26 24.64
CA ARG C 1034 59.70 -44.69 25.24
C ARG C 1034 59.32 -43.48 26.09
N THR C 1035 58.64 -42.53 25.47
CA THR C 1035 58.26 -41.28 26.13
C THR C 1035 57.16 -41.51 27.16
N ARG C 1036 56.28 -42.47 26.97
CA ARG C 1036 55.23 -42.77 27.99
C ARG C 1036 55.90 -43.31 29.25
N TRP C 1037 56.92 -44.13 29.10
CA TRP C 1037 57.64 -44.73 30.25
C TRP C 1037 58.31 -43.64 31.05
N GLU C 1038 58.93 -42.66 30.39
CA GLU C 1038 59.62 -41.55 31.08
C GLU C 1038 58.61 -40.75 31.90
N MET C 1039 57.48 -40.41 31.29
CA MET C 1039 56.42 -39.67 32.00
C MET C 1039 55.80 -40.50 33.13
N GLU C 1040 55.50 -41.77 32.91
CA GLU C 1040 54.84 -42.70 33.86
C GLU C 1040 55.74 -42.90 35.09
N ALA C 1041 57.03 -43.10 34.90
CA ALA C 1041 57.95 -43.66 35.90
C ALA C 1041 58.69 -42.54 36.64
N PHE C 1042 59.17 -41.53 35.91
CA PHE C 1042 60.00 -40.41 36.43
C PHE C 1042 59.21 -39.10 36.52
N GLY C 1043 58.04 -39.02 35.92
CA GLY C 1043 57.25 -37.79 35.86
C GLY C 1043 57.89 -36.63 35.14
N GLU C 1044 58.95 -36.85 34.37
CA GLU C 1044 59.73 -35.77 33.73
C GLU C 1044 60.54 -36.37 32.58
N PHE C 1045 60.66 -35.64 31.48
CA PHE C 1045 61.47 -36.08 30.33
C PHE C 1045 62.94 -35.80 30.56
N SER C 1046 63.76 -36.70 30.03
CA SER C 1046 65.23 -36.63 29.87
C SER C 1046 65.53 -35.84 28.59
N LEU C 1047 66.81 -35.64 28.26
CA LEU C 1047 67.21 -34.95 27.02
C LEU C 1047 66.67 -35.75 25.83
N GLU C 1048 66.79 -37.06 25.88
CA GLU C 1048 66.32 -38.00 24.83
C GLU C 1048 64.80 -38.01 24.77
N GLY C 1049 64.15 -37.81 25.91
CA GLY C 1049 62.69 -37.75 25.97
C GLY C 1049 62.16 -36.54 25.24
N CYS C 1050 62.70 -35.37 25.59
CA CYS C 1050 62.39 -34.05 24.98
C CYS C 1050 62.63 -34.03 23.48
N VAL C 1051 63.75 -34.55 23.01
CA VAL C 1051 64.02 -34.57 21.54
C VAL C 1051 63.02 -35.52 20.88
N GLU C 1052 62.75 -36.70 21.43
CA GLU C 1052 61.77 -37.62 20.79
C GLU C 1052 60.43 -36.88 20.76
N MET C 1053 60.02 -36.20 21.82
CA MET C 1053 58.67 -35.59 21.86
C MET C 1053 58.62 -34.42 20.90
N ALA C 1054 59.73 -33.70 20.74
CA ALA C 1054 59.80 -32.51 19.87
C ALA C 1054 59.75 -32.95 18.41
N TRP C 1055 60.38 -34.07 18.10
CA TRP C 1055 60.34 -34.67 16.75
C TRP C 1055 58.94 -35.17 16.45
N ILE C 1056 58.28 -35.80 17.42
CA ILE C 1056 56.94 -36.40 17.24
C ILE C 1056 55.94 -35.32 16.94
N MET C 1057 55.88 -34.34 17.81
CA MET C 1057 54.94 -33.20 17.79
C MET C 1057 55.27 -32.24 16.65
N GLY C 1058 56.42 -32.41 16.00
CA GLY C 1058 56.77 -31.64 14.80
C GLY C 1058 57.35 -30.27 15.10
N PHE C 1059 57.82 -30.02 16.31
CA PHE C 1059 58.52 -28.78 16.69
C PHE C 1059 59.87 -28.69 15.99
N ILE C 1060 60.55 -29.80 15.80
CA ILE C 1060 61.93 -29.84 15.22
C ILE C 1060 61.98 -30.88 14.12
N SER C 1061 62.81 -30.63 13.15
CA SER C 1061 62.94 -31.42 11.93
C SER C 1061 64.39 -31.32 11.52
N TYR C 1062 65.02 -32.43 11.28
CA TYR C 1062 66.45 -32.48 10.89
C TYR C 1062 66.54 -31.89 9.50
N HIS C 1063 67.68 -31.29 9.25
CA HIS C 1063 68.05 -30.58 8.03
C HIS C 1063 69.46 -31.04 7.69
N ASN C 1064 69.75 -31.33 6.43
CA ASN C 1064 71.12 -31.65 5.97
C ASN C 1064 71.22 -31.12 4.54
N GLY C 1065 71.61 -29.85 4.41
CA GLY C 1065 71.55 -29.12 3.12
C GLY C 1065 72.08 -27.71 3.26
N ASN C 1066 71.56 -26.80 2.44
CA ASN C 1066 71.88 -25.34 2.50
C ASN C 1066 70.77 -24.66 3.30
N LEU C 1067 71.17 -23.84 4.26
CA LEU C 1067 70.30 -23.21 5.27
C LEU C 1067 70.75 -21.75 5.40
N LYS C 1068 69.98 -20.85 4.78
CA LYS C 1068 70.27 -19.40 4.60
C LYS C 1068 71.74 -19.25 4.15
N GLY C 1069 72.07 -19.90 3.03
CA GLY C 1069 73.29 -19.66 2.24
C GLY C 1069 74.37 -20.68 2.49
N ARG C 1070 74.75 -20.83 3.75
CA ARG C 1070 75.80 -21.77 4.21
C ARG C 1070 75.22 -23.19 4.19
N PRO C 1071 76.05 -24.24 4.09
CA PRO C 1071 75.59 -25.60 4.34
C PRO C 1071 75.52 -25.91 5.85
N TYR C 1072 74.48 -26.66 6.24
CA TYR C 1072 74.10 -26.98 7.65
C TYR C 1072 73.61 -28.43 7.75
N THR C 1073 73.84 -29.02 8.92
CA THR C 1073 73.48 -30.41 9.28
C THR C 1073 73.12 -30.40 10.77
N GLY C 1074 71.85 -30.66 11.09
CA GLY C 1074 71.39 -30.63 12.50
C GLY C 1074 69.90 -30.47 12.57
N TRP C 1075 69.38 -30.22 13.77
CA TRP C 1075 67.95 -29.88 13.99
C TRP C 1075 67.72 -28.41 13.67
N VAL C 1076 66.45 -28.08 13.56
CA VAL C 1076 65.90 -26.84 12.96
C VAL C 1076 64.47 -26.71 13.45
N ASP C 1077 64.07 -25.58 14.02
CA ASP C 1077 62.66 -25.30 14.36
C ASP C 1077 61.84 -25.49 13.07
N SER C 1078 60.82 -26.34 13.07
CA SER C 1078 60.08 -26.72 11.84
C SER C 1078 59.29 -25.52 11.31
N LYS C 1079 58.99 -24.55 12.18
CA LYS C 1079 58.20 -23.35 11.82
C LYS C 1079 59.13 -22.32 11.15
N THR C 1080 60.12 -21.81 11.89
CA THR C 1080 61.03 -20.69 11.50
C THR C 1080 62.22 -21.14 10.63
N LYS C 1081 62.47 -22.44 10.50
CA LYS C 1081 63.73 -23.09 10.02
C LYS C 1081 65.00 -22.58 10.72
N GLU C 1082 64.92 -21.95 11.91
CA GLU C 1082 66.14 -21.52 12.65
C GLU C 1082 66.83 -22.73 13.27
N PRO C 1083 68.17 -22.86 13.22
CA PRO C 1083 68.91 -23.86 13.98
C PRO C 1083 68.59 -23.97 15.48
N VAL C 1084 68.54 -25.20 15.97
CA VAL C 1084 68.30 -25.57 17.39
C VAL C 1084 69.34 -26.62 17.77
N ASP C 1085 69.87 -26.52 18.97
CA ASP C 1085 70.76 -27.57 19.53
C ASP C 1085 69.96 -28.27 20.61
N ASP C 1086 70.23 -29.55 20.82
CA ASP C 1086 69.49 -30.43 21.77
C ASP C 1086 69.46 -29.74 23.14
N LYS C 1087 70.56 -29.13 23.58
CA LYS C 1087 70.67 -28.40 24.88
C LYS C 1087 69.57 -27.33 25.01
N ASP C 1088 69.12 -26.72 23.91
CA ASP C 1088 68.14 -25.61 23.89
C ASP C 1088 66.68 -26.13 23.85
N VAL C 1089 66.47 -27.41 23.55
CA VAL C 1089 65.13 -28.02 23.25
C VAL C 1089 64.26 -27.99 24.51
N LYS C 1090 64.78 -28.39 25.66
CA LYS C 1090 64.03 -28.35 26.96
C LYS C 1090 63.49 -26.92 27.16
N ALA C 1091 64.35 -25.92 27.02
CA ALA C 1091 64.04 -24.50 27.26
C ALA C 1091 63.10 -23.97 26.18
N LYS C 1092 63.30 -24.37 24.92
CA LYS C 1092 62.44 -23.86 23.81
C LYS C 1092 61.07 -24.55 23.85
N TYR C 1093 61.04 -25.87 24.01
CA TYR C 1093 59.81 -26.66 23.71
C TYR C 1093 59.26 -27.44 24.90
N GLU C 1094 59.99 -27.72 26.00
CA GLU C 1094 59.40 -28.57 27.08
C GLU C 1094 58.04 -28.02 27.55
N THR C 1095 57.87 -26.73 27.70
CA THR C 1095 56.60 -26.16 28.17
C THR C 1095 55.52 -26.43 27.11
N SER C 1096 55.82 -26.20 25.85
CA SER C 1096 54.84 -26.40 24.74
C SER C 1096 54.43 -27.86 24.67
N ILE C 1097 55.41 -28.76 24.74
CA ILE C 1097 55.28 -30.24 24.78
C ILE C 1097 54.26 -30.64 25.84
N LEU C 1098 54.41 -30.18 27.07
CA LEU C 1098 53.54 -30.59 28.20
C LEU C 1098 52.14 -29.99 28.11
N GLU C 1099 51.94 -28.78 27.56
CA GLU C 1099 50.57 -28.21 27.34
C GLU C 1099 49.77 -29.08 26.34
N HIS C 1100 50.42 -29.66 25.33
CA HIS C 1100 49.76 -30.27 24.16
C HIS C 1100 50.00 -31.76 24.13
N SER C 1101 50.28 -32.36 25.28
CA SER C 1101 50.38 -33.82 25.45
C SER C 1101 49.43 -34.26 26.52
N GLY C 1102 49.16 -35.55 26.62
CA GLY C 1102 48.51 -36.11 27.82
C GLY C 1102 47.06 -35.78 27.84
N ILE C 1103 46.44 -35.93 28.97
CA ILE C 1103 45.00 -35.61 29.19
C ILE C 1103 44.89 -34.09 29.29
N ARG C 1104 43.98 -33.50 28.54
CA ARG C 1104 43.90 -32.03 28.42
C ARG C 1104 42.58 -31.65 27.74
N LEU C 1105 42.25 -30.38 27.63
CA LEU C 1105 40.97 -30.01 26.97
C LEU C 1105 41.03 -30.48 25.53
N ILE C 1106 39.92 -31.01 25.06
CA ILE C 1106 39.72 -31.46 23.65
C ILE C 1106 40.12 -30.32 22.74
N GLU C 1107 40.89 -30.64 21.72
CA GLU C 1107 41.47 -29.68 20.76
C GLU C 1107 40.70 -29.87 19.46
N PRO C 1108 39.84 -28.93 19.05
CA PRO C 1108 38.95 -29.16 17.90
C PRO C 1108 39.59 -29.41 16.53
N GLU C 1109 40.81 -28.92 16.32
CA GLU C 1109 41.62 -29.12 15.08
C GLU C 1109 41.95 -30.60 14.94
N LEU C 1110 42.05 -31.33 16.07
CA LEU C 1110 42.36 -32.79 16.10
C LEU C 1110 41.12 -33.62 15.76
N PHE C 1111 39.91 -33.15 16.10
CA PHE C 1111 38.66 -33.96 16.02
C PHE C 1111 37.74 -33.36 14.99
N ASN C 1112 38.27 -32.82 13.87
CA ASN C 1112 37.43 -32.50 12.68
C ASN C 1112 36.52 -31.32 13.08
N GLY C 1113 37.01 -30.48 13.98
CA GLY C 1113 36.31 -29.27 14.45
C GLY C 1113 35.29 -29.52 15.54
N TYR C 1114 35.18 -30.75 16.06
CA TYR C 1114 34.35 -31.06 17.23
C TYR C 1114 34.68 -30.08 18.38
N ASN C 1115 33.68 -29.32 18.82
CA ASN C 1115 33.82 -28.40 19.96
C ASN C 1115 32.78 -28.79 20.99
N PRO C 1116 33.12 -29.54 22.06
CA PRO C 1116 32.10 -30.10 22.96
C PRO C 1116 31.24 -29.02 23.63
N GLU C 1117 31.78 -27.80 23.74
CA GLU C 1117 31.05 -26.58 24.17
C GLU C 1117 29.98 -26.19 23.14
N LYS C 1118 29.90 -26.81 21.94
CA LYS C 1118 29.06 -26.38 20.79
C LYS C 1118 28.77 -27.54 19.81
N LYS C 1119 27.81 -28.40 20.13
CA LYS C 1119 27.47 -29.58 19.33
C LYS C 1119 26.35 -29.32 18.31
N GLU C 1120 26.61 -29.31 16.99
CA GLU C 1120 25.56 -29.16 15.92
C GLU C 1120 24.60 -30.37 16.11
N MET C 1121 23.39 -30.12 16.62
CA MET C 1121 22.17 -30.94 16.40
C MET C 1121 21.26 -30.24 15.39
N ILE C 1122 20.13 -30.85 15.01
CA ILE C 1122 19.14 -30.22 14.11
C ILE C 1122 17.73 -30.56 14.60
N GLN C 1123 16.83 -29.57 14.59
CA GLN C 1123 15.42 -29.73 14.97
C GLN C 1123 14.56 -29.67 13.71
N GLU C 1124 13.51 -30.49 13.66
CA GLU C 1124 12.54 -30.58 12.54
C GLU C 1124 11.40 -29.59 12.80
N VAL C 1125 11.34 -28.48 12.04
CA VAL C 1125 10.25 -27.46 12.09
C VAL C 1125 9.33 -27.67 10.90
N ILE C 1126 8.04 -27.36 11.04
CA ILE C 1126 7.11 -27.12 9.88
C ILE C 1126 7.17 -25.62 9.53
N VAL C 1127 7.31 -25.33 8.25
CA VAL C 1127 7.29 -23.96 7.65
C VAL C 1127 5.84 -23.47 7.77
N GLU C 1128 5.60 -22.41 8.55
CA GLU C 1128 4.28 -21.75 8.65
C GLU C 1128 4.04 -20.98 7.35
N GLU C 1129 5.03 -20.19 6.90
CA GLU C 1129 4.91 -19.31 5.72
C GLU C 1129 6.01 -19.60 4.69
N ASP C 1130 5.58 -19.93 3.46
CA ASP C 1130 6.40 -20.08 2.22
C ASP C 1130 7.70 -19.27 2.29
N LEU C 1131 8.74 -19.78 1.62
CA LEU C 1131 10.13 -19.26 1.69
C LEU C 1131 10.40 -18.45 0.42
N GLU C 1132 11.54 -17.76 0.39
CA GLU C 1132 12.03 -17.12 -0.87
C GLU C 1132 12.63 -18.20 -1.75
N PRO C 1133 12.25 -18.26 -3.06
CA PRO C 1133 12.95 -19.07 -4.03
C PRO C 1133 14.48 -19.04 -3.90
N PHE C 1134 15.11 -20.20 -4.06
CA PHE C 1134 16.57 -20.35 -4.26
C PHE C 1134 16.80 -21.17 -5.53
N GLU C 1135 17.91 -20.95 -6.21
CA GLU C 1135 18.25 -21.71 -7.43
C GLU C 1135 18.82 -23.07 -7.03
N ALA C 1136 18.77 -24.01 -7.97
CA ALA C 1136 19.28 -25.38 -7.84
C ALA C 1136 19.35 -25.97 -9.25
N SER C 1137 20.29 -26.88 -9.51
CA SER C 1137 20.38 -27.62 -10.81
C SER C 1137 19.07 -28.37 -11.02
N LYS C 1138 18.87 -28.89 -12.23
CA LYS C 1138 17.64 -29.59 -12.62
C LYS C 1138 17.48 -30.81 -11.71
N GLU C 1139 18.56 -31.54 -11.49
CA GLU C 1139 18.55 -32.85 -10.78
C GLU C 1139 18.30 -32.64 -9.28
N THR C 1140 18.91 -31.61 -8.68
CA THR C 1140 18.69 -31.25 -7.26
C THR C 1140 17.26 -30.77 -7.00
N ALA C 1141 16.70 -30.03 -7.95
CA ALA C 1141 15.33 -29.51 -7.83
C ALA C 1141 14.36 -30.70 -7.85
N GLU C 1142 14.60 -31.67 -8.72
CA GLU C 1142 13.74 -32.89 -8.81
C GLU C 1142 13.84 -33.72 -7.53
N GLN C 1143 14.98 -33.65 -6.84
CA GLN C 1143 15.19 -34.29 -5.53
C GLN C 1143 14.34 -33.58 -4.48
N PHE C 1144 14.23 -32.25 -4.51
CA PHE C 1144 13.36 -31.51 -3.55
C PHE C 1144 11.91 -31.85 -3.81
N LYS C 1145 11.55 -32.04 -5.08
CA LYS C 1145 10.15 -32.32 -5.51
C LYS C 1145 9.77 -33.70 -5.01
N HIS C 1146 10.64 -34.68 -5.24
CA HIS C 1146 10.44 -36.11 -4.87
C HIS C 1146 10.18 -36.27 -3.37
N GLN C 1147 10.92 -35.52 -2.55
CA GLN C 1147 10.76 -35.45 -1.08
C GLN C 1147 9.47 -34.76 -0.67
N HIS C 1148 9.27 -33.50 -1.12
CA HIS C 1148 8.25 -32.58 -0.55
C HIS C 1148 6.90 -32.72 -1.26
N GLY C 1149 6.88 -33.05 -2.55
CA GLY C 1149 5.65 -33.21 -3.36
C GLY C 1149 4.89 -31.90 -3.54
N ASP C 1150 3.66 -31.85 -3.02
CA ASP C 1150 2.75 -30.67 -3.10
C ASP C 1150 3.38 -29.46 -2.43
N LYS C 1151 4.22 -29.68 -1.41
CA LYS C 1151 4.76 -28.63 -0.51
C LYS C 1151 5.99 -27.92 -1.11
N VAL C 1152 6.29 -28.13 -2.38
CA VAL C 1152 7.44 -27.42 -3.03
C VAL C 1152 6.98 -27.11 -4.46
N ASP C 1153 7.42 -25.99 -5.03
CA ASP C 1153 7.17 -25.65 -6.44
C ASP C 1153 8.53 -25.47 -7.11
N ILE C 1154 8.79 -26.25 -8.15
CA ILE C 1154 10.05 -26.14 -8.92
C ILE C 1154 9.65 -25.75 -10.32
N PHE C 1155 10.39 -24.81 -10.89
CA PHE C 1155 10.14 -24.15 -12.20
C PHE C 1155 11.48 -23.89 -12.86
N GLU C 1156 11.59 -24.18 -14.16
CA GLU C 1156 12.78 -23.83 -14.98
C GLU C 1156 12.89 -22.30 -15.04
N ILE C 1157 14.11 -21.78 -14.97
CA ILE C 1157 14.47 -20.36 -15.21
C ILE C 1157 15.00 -20.32 -16.65
N PRO C 1158 14.15 -19.97 -17.65
CA PRO C 1158 14.36 -20.43 -19.04
C PRO C 1158 15.69 -20.05 -19.70
N GLU C 1159 16.32 -18.95 -19.23
CA GLU C 1159 17.63 -18.41 -19.72
C GLU C 1159 18.76 -19.39 -19.36
N THR C 1160 18.94 -19.67 -18.06
CA THR C 1160 20.08 -20.39 -17.45
C THR C 1160 19.94 -21.91 -17.70
N GLY C 1161 18.78 -22.49 -17.37
CA GLY C 1161 18.54 -23.96 -17.30
C GLY C 1161 18.40 -24.44 -15.86
N GLU C 1162 18.82 -23.60 -14.89
CA GLU C 1162 18.64 -23.79 -13.42
C GLU C 1162 17.16 -23.79 -13.07
N TYR C 1163 16.81 -24.08 -11.82
CA TYR C 1163 15.41 -24.19 -11.34
C TYR C 1163 15.23 -23.36 -10.08
N SER C 1164 14.06 -22.72 -9.95
CA SER C 1164 13.61 -22.09 -8.70
C SER C 1164 13.07 -23.22 -7.80
N VAL C 1165 13.22 -23.10 -6.49
CA VAL C 1165 12.63 -24.03 -5.50
C VAL C 1165 11.89 -23.19 -4.47
N LYS C 1166 10.57 -23.07 -4.62
CA LYS C 1166 9.72 -22.45 -3.58
C LYS C 1166 9.36 -23.58 -2.64
N LEU C 1167 9.77 -23.45 -1.38
CA LEU C 1167 9.29 -24.34 -0.32
C LEU C 1167 8.05 -23.69 0.27
N LEU C 1168 6.92 -24.38 0.21
CA LEU C 1168 5.58 -23.84 0.52
C LEU C 1168 5.22 -24.13 1.98
N LYS C 1169 4.04 -23.67 2.37
CA LYS C 1169 3.45 -23.80 3.72
C LYS C 1169 3.23 -25.29 3.97
N GLY C 1170 3.66 -25.80 5.12
CA GLY C 1170 3.45 -27.20 5.53
C GLY C 1170 4.68 -28.08 5.27
N ALA C 1171 5.66 -27.54 4.54
CA ALA C 1171 6.96 -28.19 4.24
C ALA C 1171 7.77 -28.38 5.53
N THR C 1172 8.56 -29.46 5.64
CA THR C 1172 9.51 -29.67 6.77
C THR C 1172 10.88 -29.16 6.38
N LEU C 1173 11.51 -28.49 7.34
CA LEU C 1173 12.90 -28.01 7.33
C LEU C 1173 13.58 -28.61 8.55
N TYR C 1174 14.89 -28.61 8.51
CA TYR C 1174 15.73 -28.91 9.67
C TYR C 1174 16.48 -27.64 9.94
N ILE C 1175 16.37 -27.14 11.16
CA ILE C 1175 17.16 -25.98 11.65
C ILE C 1175 18.18 -26.50 12.65
N PRO C 1176 19.47 -26.20 12.44
CA PRO C 1176 20.51 -26.44 13.42
C PRO C 1176 20.32 -25.78 14.78
N LYS C 1177 20.94 -26.39 15.80
CA LYS C 1177 21.01 -25.83 17.16
C LYS C 1177 22.26 -26.41 17.86
N ALA C 1178 22.50 -26.07 19.13
CA ALA C 1178 23.79 -26.36 19.77
C ALA C 1178 23.60 -26.62 21.25
N LEU C 1179 23.75 -27.91 21.63
CA LEU C 1179 23.99 -28.41 23.01
C LEU C 1179 25.34 -27.89 23.47
N ARG C 1180 25.46 -27.65 24.78
CA ARG C 1180 26.73 -27.50 25.49
C ARG C 1180 26.92 -28.84 26.21
N PHE C 1181 27.99 -29.55 25.87
CA PHE C 1181 28.30 -30.89 26.39
C PHE C 1181 29.33 -30.74 27.51
N ASP C 1182 29.22 -31.62 28.49
CA ASP C 1182 29.88 -31.50 29.81
C ASP C 1182 31.10 -32.44 29.87
N ARG C 1183 31.50 -33.11 28.78
CA ARG C 1183 32.76 -33.90 28.72
C ARG C 1183 33.77 -33.20 27.78
N LEU C 1184 34.59 -32.32 28.40
CA LEU C 1184 35.46 -31.28 27.78
C LEU C 1184 36.91 -31.77 27.62
N VAL C 1185 37.27 -32.91 28.19
CA VAL C 1185 38.68 -33.35 28.40
C VAL C 1185 38.85 -34.75 27.84
N ALA C 1186 40.04 -35.09 27.33
CA ALA C 1186 40.36 -36.43 26.80
C ALA C 1186 41.85 -36.61 26.63
N GLY C 1187 42.29 -37.87 26.60
CA GLY C 1187 43.70 -38.26 26.45
C GLY C 1187 43.97 -38.33 24.97
N GLN C 1188 44.52 -37.27 24.40
CA GLN C 1188 44.57 -37.11 22.94
C GLN C 1188 46.01 -37.30 22.54
N ILE C 1189 46.23 -37.79 21.35
CA ILE C 1189 47.62 -37.96 20.85
C ILE C 1189 48.23 -36.57 20.84
N PRO C 1190 49.56 -36.43 21.11
CA PRO C 1190 50.17 -35.13 21.32
C PRO C 1190 49.99 -34.25 20.10
N THR C 1191 49.53 -33.02 20.27
CA THR C 1191 49.21 -32.12 19.13
C THR C 1191 50.45 -32.00 18.24
N GLY C 1192 50.30 -32.26 16.96
CA GLY C 1192 51.44 -32.20 16.07
C GLY C 1192 51.66 -33.52 15.38
N TRP C 1193 51.41 -34.61 16.12
CA TRP C 1193 51.55 -35.99 15.66
C TRP C 1193 50.99 -36.05 14.26
N ASN C 1194 51.76 -36.61 13.35
CA ASN C 1194 51.42 -36.71 11.92
C ASN C 1194 52.03 -38.01 11.41
N ALA C 1195 51.26 -38.80 10.67
CA ALA C 1195 51.76 -40.03 10.05
C ALA C 1195 52.88 -39.70 9.08
N LYS C 1196 52.92 -38.50 8.49
CA LYS C 1196 54.04 -38.09 7.58
C LYS C 1196 55.39 -38.22 8.28
N THR C 1197 55.51 -37.90 9.57
CA THR C 1197 56.85 -37.80 10.19
C THR C 1197 57.43 -39.19 10.26
N TYR C 1198 56.61 -40.22 10.31
CA TYR C 1198 57.08 -41.63 10.39
C TYR C 1198 57.42 -42.13 8.98
N GLY C 1199 56.80 -41.60 7.94
CA GLY C 1199 57.13 -41.95 6.54
C GLY C 1199 55.94 -42.45 5.76
N ILE C 1200 54.76 -42.43 6.33
CA ILE C 1200 53.51 -42.78 5.64
C ILE C 1200 53.18 -41.66 4.67
N SER C 1201 52.71 -42.03 3.48
CA SER C 1201 52.43 -41.14 2.32
C SER C 1201 51.02 -40.54 2.35
N ASP C 1202 50.82 -39.46 1.60
CA ASP C 1202 49.54 -38.70 1.52
C ASP C 1202 48.47 -39.56 0.83
N ASP C 1203 48.85 -40.43 -0.12
CA ASP C 1203 47.92 -41.37 -0.81
C ASP C 1203 47.29 -42.30 0.23
N ILE C 1204 48.11 -42.89 1.11
CA ILE C 1204 47.64 -43.81 2.17
C ILE C 1204 46.87 -43.01 3.20
N ILE C 1205 47.30 -41.80 3.54
CA ILE C 1205 46.65 -40.99 4.61
C ILE C 1205 45.25 -40.55 4.19
N SER C 1206 45.05 -40.23 2.93
CA SER C 1206 43.73 -39.83 2.36
C SER C 1206 42.78 -41.05 2.32
N GLN C 1207 43.30 -42.24 2.03
CA GLN C 1207 42.47 -43.45 1.77
C GLN C 1207 41.91 -43.98 3.07
N VAL C 1208 42.61 -43.80 4.18
CA VAL C 1208 42.52 -44.68 5.37
C VAL C 1208 41.95 -43.89 6.54
N ASP C 1209 41.21 -44.56 7.42
CA ASP C 1209 40.71 -43.99 8.70
C ASP C 1209 41.90 -43.66 9.60
N PRO C 1210 41.90 -42.53 10.34
CA PRO C 1210 43.01 -42.22 11.25
C PRO C 1210 43.44 -43.29 12.27
N ILE C 1211 42.53 -44.10 12.79
CA ILE C 1211 42.94 -45.21 13.70
C ILE C 1211 43.96 -46.12 12.97
N THR C 1212 43.80 -46.34 11.66
CA THR C 1212 44.72 -47.17 10.87
C THR C 1212 46.09 -46.51 10.78
N LEU C 1213 46.25 -45.22 10.97
CA LEU C 1213 47.60 -44.58 10.96
C LEU C 1213 48.30 -44.86 12.28
N PHE C 1214 47.59 -44.75 13.38
CA PHE C 1214 48.11 -45.17 14.68
C PHE C 1214 48.58 -46.59 14.57
N VAL C 1215 47.84 -47.46 13.89
CA VAL C 1215 48.21 -48.92 13.87
C VAL C 1215 49.49 -49.11 13.06
N LEU C 1216 49.58 -48.60 11.85
CA LEU C 1216 50.77 -48.76 10.99
C LEU C 1216 52.01 -48.30 11.74
N VAL C 1217 51.94 -47.19 12.42
CA VAL C 1217 53.13 -46.67 13.13
C VAL C 1217 53.49 -47.57 14.30
N SER C 1218 52.52 -48.06 15.04
CA SER C 1218 52.70 -49.06 16.13
C SER C 1218 53.29 -50.39 15.59
N VAL C 1219 52.93 -50.86 14.41
CA VAL C 1219 53.47 -52.14 13.91
C VAL C 1219 54.94 -51.95 13.48
N VAL C 1220 55.31 -50.83 12.92
CA VAL C 1220 56.71 -50.54 12.53
C VAL C 1220 57.54 -50.40 13.79
N GLU C 1221 57.21 -49.44 14.61
CA GLU C 1221 57.90 -49.20 15.89
C GLU C 1221 58.09 -50.50 16.68
N ALA C 1222 57.18 -51.45 16.58
CA ALA C 1222 57.19 -52.74 17.31
C ALA C 1222 58.22 -53.68 16.68
N PHE C 1223 58.20 -53.81 15.36
CA PHE C 1223 59.25 -54.53 14.59
C PHE C 1223 60.65 -53.93 14.88
N ILE C 1224 60.85 -52.62 15.01
CA ILE C 1224 62.17 -52.04 15.43
C ILE C 1224 62.54 -52.42 16.87
N ALA C 1225 61.65 -52.35 17.85
CA ALA C 1225 61.86 -52.90 19.21
C ALA C 1225 62.23 -54.40 19.15
N SER C 1226 61.97 -55.07 18.04
CA SER C 1226 62.27 -56.51 17.85
C SER C 1226 63.50 -56.67 16.95
N GLY C 1227 64.18 -55.58 16.59
CA GLY C 1227 65.34 -55.57 15.68
C GLY C 1227 65.03 -56.08 14.29
N ILE C 1228 63.78 -56.12 13.92
CA ILE C 1228 63.32 -56.56 12.58
C ILE C 1228 62.97 -55.26 11.88
N THR C 1229 63.93 -54.73 11.15
CA THR C 1229 63.87 -53.45 10.43
C THR C 1229 63.15 -53.70 9.09
N ASP C 1230 63.34 -54.90 8.50
CA ASP C 1230 62.67 -55.34 7.25
C ASP C 1230 61.79 -56.55 7.53
N PRO C 1231 60.45 -56.40 7.65
CA PRO C 1231 59.58 -57.48 8.09
C PRO C 1231 59.80 -58.80 7.33
N TYR C 1232 60.13 -58.71 6.04
CA TYR C 1232 60.40 -59.84 5.15
C TYR C 1232 61.55 -60.71 5.64
N GLU C 1233 62.39 -60.23 6.55
CA GLU C 1233 63.44 -61.07 7.18
C GLU C 1233 62.81 -62.24 7.91
N MET C 1234 61.54 -62.15 8.32
CA MET C 1234 60.85 -63.23 9.06
C MET C 1234 60.86 -64.46 8.18
N TYR C 1235 60.70 -64.27 6.88
CA TYR C 1235 60.50 -65.34 5.88
C TYR C 1235 61.81 -66.01 5.47
N LYS C 1236 62.93 -65.70 6.13
CA LYS C 1236 64.14 -66.55 6.15
C LYS C 1236 63.97 -67.74 7.10
N TYR C 1237 63.11 -67.62 8.12
CA TYR C 1237 63.01 -68.60 9.24
C TYR C 1237 61.68 -69.33 9.31
N VAL C 1238 60.67 -68.87 8.59
CA VAL C 1238 59.25 -69.23 8.82
C VAL C 1238 58.53 -69.16 7.45
N HIS C 1239 57.52 -69.99 7.21
CA HIS C 1239 56.75 -69.93 5.96
C HIS C 1239 55.88 -68.65 5.97
N VAL C 1240 55.55 -68.15 4.79
CA VAL C 1240 54.57 -67.05 4.58
C VAL C 1240 53.25 -67.37 5.29
N SER C 1241 52.90 -68.64 5.50
CA SER C 1241 51.65 -69.04 6.20
C SER C 1241 51.81 -69.06 7.72
N GLU C 1242 52.92 -68.60 8.30
CA GLU C 1242 53.22 -68.79 9.74
C GLU C 1242 53.30 -67.45 10.48
N VAL C 1243 53.01 -66.34 9.80
CA VAL C 1243 52.87 -65.01 10.46
C VAL C 1243 51.40 -64.60 10.56
N GLY C 1244 50.96 -64.26 11.76
CA GLY C 1244 49.55 -63.98 12.06
C GLY C 1244 49.35 -62.54 12.47
N ASN C 1245 48.12 -62.09 12.39
CA ASN C 1245 47.65 -60.81 12.98
C ASN C 1245 46.44 -61.18 13.79
N CYS C 1246 46.51 -61.04 15.11
CA CYS C 1246 45.42 -61.37 16.03
C CYS C 1246 45.09 -60.11 16.83
N SER C 1247 45.38 -58.91 16.30
CA SER C 1247 45.06 -57.61 16.94
C SER C 1247 43.63 -57.23 16.65
N GLY C 1248 43.05 -56.31 17.41
CA GLY C 1248 41.67 -55.85 17.12
C GLY C 1248 41.30 -54.54 17.79
N SER C 1249 40.04 -54.16 17.68
CA SER C 1249 39.44 -52.90 18.18
C SER C 1249 38.13 -53.22 18.86
N GLY C 1250 37.72 -52.40 19.81
CA GLY C 1250 36.35 -52.39 20.34
C GLY C 1250 35.29 -51.86 19.37
N MET C 1251 35.61 -50.84 18.57
CA MET C 1251 34.62 -50.11 17.73
C MET C 1251 35.12 -49.88 16.30
N GLY C 1252 36.43 -49.74 16.09
CA GLY C 1252 37.04 -49.74 14.75
C GLY C 1252 37.08 -48.36 14.15
N GLY C 1253 36.94 -48.29 12.81
CA GLY C 1253 37.04 -47.05 12.02
C GLY C 1253 35.83 -46.18 12.26
N VAL C 1254 35.90 -45.32 13.27
CA VAL C 1254 34.70 -44.67 13.88
C VAL C 1254 34.46 -43.29 13.27
N SER C 1255 35.45 -42.77 12.53
CA SER C 1255 35.40 -41.62 11.61
C SER C 1255 34.79 -42.08 10.28
N ALA C 1256 35.00 -43.33 9.85
CA ALA C 1256 34.38 -43.87 8.61
C ALA C 1256 32.89 -44.08 8.83
N LEU C 1257 32.48 -44.44 10.04
CA LEU C 1257 31.06 -44.65 10.40
C LEU C 1257 30.34 -43.32 10.38
N ARG C 1258 30.94 -42.29 10.97
CA ARG C 1258 30.43 -40.90 10.87
C ARG C 1258 30.23 -40.54 9.40
N GLY C 1259 31.12 -41.00 8.53
CA GLY C 1259 31.04 -40.75 7.08
C GLY C 1259 29.80 -41.33 6.45
N MET C 1260 29.40 -42.54 6.82
CA MET C 1260 28.32 -43.28 6.12
C MET C 1260 26.98 -43.05 6.84
N PHE C 1261 26.96 -42.60 8.09
CA PHE C 1261 25.72 -42.40 8.89
C PHE C 1261 25.35 -40.92 9.04
N LYS C 1262 26.25 -39.99 8.76
CA LYS C 1262 26.03 -38.55 8.97
C LYS C 1262 26.45 -37.75 7.74
N ASP C 1263 27.67 -37.93 7.25
CA ASP C 1263 28.24 -37.06 6.20
C ASP C 1263 27.50 -37.30 4.88
N ARG C 1264 27.11 -38.53 4.57
CA ARG C 1264 26.29 -38.83 3.39
C ARG C 1264 24.91 -38.18 3.49
N PHE C 1265 24.25 -38.34 4.63
CA PHE C 1265 22.94 -37.72 4.95
C PHE C 1265 22.98 -36.21 4.63
N LYS C 1266 24.07 -35.54 4.99
CA LYS C 1266 24.27 -34.09 4.74
C LYS C 1266 24.85 -33.84 3.35
N ASP C 1267 24.74 -34.80 2.44
CA ASP C 1267 25.33 -34.74 1.08
C ASP C 1267 26.67 -34.00 1.08
N GLU C 1268 27.51 -34.21 2.10
CA GLU C 1268 28.95 -33.84 2.08
C GLU C 1268 29.68 -34.84 1.19
N PRO C 1269 30.86 -34.51 0.63
CA PRO C 1269 31.66 -35.50 -0.11
C PRO C 1269 32.35 -36.51 0.85
N VAL C 1270 32.18 -37.79 0.53
CA VAL C 1270 32.67 -38.97 1.29
C VAL C 1270 33.19 -39.96 0.23
N GLN C 1271 34.43 -40.45 0.37
CA GLN C 1271 35.04 -41.51 -0.50
C GLN C 1271 34.05 -42.68 -0.68
N ASN C 1272 33.92 -43.23 -1.88
CA ASN C 1272 32.96 -44.33 -2.21
C ASN C 1272 33.21 -45.58 -1.36
N ASP C 1273 34.48 -45.89 -1.08
CA ASP C 1273 34.91 -47.08 -0.30
C ASP C 1273 34.97 -46.77 1.22
N ILE C 1274 34.20 -45.82 1.73
CA ILE C 1274 34.26 -45.44 3.15
C ILE C 1274 33.92 -46.66 4.00
N LEU C 1275 33.01 -47.54 3.57
CA LEU C 1275 32.53 -48.66 4.43
C LEU C 1275 33.69 -49.60 4.75
N GLN C 1276 34.54 -49.92 3.76
CA GLN C 1276 35.71 -50.82 3.97
C GLN C 1276 36.49 -50.29 5.17
N GLU C 1277 36.73 -48.99 5.24
CA GLU C 1277 37.57 -48.35 6.30
C GLU C 1277 36.99 -48.45 7.72
N SER C 1278 35.71 -48.76 7.88
CA SER C 1278 35.00 -48.75 9.16
C SER C 1278 35.17 -50.10 9.87
N PHE C 1279 35.30 -51.18 9.10
CA PHE C 1279 35.41 -52.57 9.59
C PHE C 1279 36.57 -52.68 10.57
N ILE C 1280 36.38 -53.43 11.64
CA ILE C 1280 37.41 -53.57 12.70
C ILE C 1280 38.58 -54.39 12.15
N ASN C 1281 38.35 -55.19 11.10
CA ASN C 1281 39.40 -56.06 10.52
C ASN C 1281 40.21 -55.36 9.43
N THR C 1282 39.96 -54.10 9.08
CA THR C 1282 40.67 -53.46 7.94
C THR C 1282 42.02 -52.95 8.40
N MET C 1283 42.10 -52.41 9.59
CA MET C 1283 43.40 -52.02 10.13
C MET C 1283 44.40 -53.14 9.85
N SER C 1284 44.09 -54.38 10.22
CA SER C 1284 44.95 -55.58 10.01
C SER C 1284 45.20 -55.79 8.52
N ALA C 1285 44.17 -55.73 7.72
CA ALA C 1285 44.31 -55.80 6.25
C ALA C 1285 45.36 -54.79 5.72
N TRP C 1286 45.31 -53.51 6.09
CA TRP C 1286 46.34 -52.50 5.74
C TRP C 1286 47.74 -52.91 6.23
N VAL C 1287 47.85 -53.46 7.43
CA VAL C 1287 49.18 -53.87 7.97
C VAL C 1287 49.75 -54.99 7.08
N ASN C 1288 48.92 -55.93 6.67
CA ASN C 1288 49.34 -57.03 5.76
C ASN C 1288 49.63 -56.46 4.38
N MET C 1289 48.82 -55.52 3.94
CA MET C 1289 48.84 -55.02 2.54
C MET C 1289 50.01 -54.07 2.35
N LEU C 1290 50.58 -53.52 3.42
CA LEU C 1290 51.63 -52.48 3.34
C LEU C 1290 52.95 -52.94 3.97
N LEU C 1291 52.99 -53.88 4.90
CA LEU C 1291 54.26 -54.29 5.55
C LEU C 1291 54.54 -55.79 5.41
N ILE C 1292 53.64 -56.66 5.83
CA ILE C 1292 53.99 -58.05 6.21
C ILE C 1292 53.89 -58.95 4.99
N SER C 1293 52.79 -58.87 4.25
CA SER C 1293 52.48 -59.77 3.12
C SER C 1293 52.51 -61.23 3.56
N SER C 1294 51.98 -61.54 4.74
CA SER C 1294 51.81 -62.95 5.17
C SER C 1294 50.57 -63.50 4.53
N SER C 1295 50.45 -64.83 4.49
CA SER C 1295 49.20 -65.59 4.23
C SER C 1295 48.85 -66.38 5.49
N GLY C 1296 49.29 -65.86 6.62
CA GLY C 1296 49.06 -66.52 7.91
C GLY C 1296 47.73 -66.12 8.51
N PRO C 1297 47.40 -66.70 9.68
CA PRO C 1297 46.10 -66.49 10.26
C PRO C 1297 45.77 -65.00 10.44
N ILE C 1298 44.49 -64.71 10.61
CA ILE C 1298 43.97 -63.35 10.93
C ILE C 1298 42.69 -63.55 11.72
N LYS C 1299 42.80 -63.37 13.02
CA LYS C 1299 41.68 -63.59 13.92
C LYS C 1299 41.55 -62.26 14.64
N THR C 1300 40.69 -61.40 14.14
CA THR C 1300 40.45 -60.07 14.68
C THR C 1300 39.45 -60.15 15.82
N PRO C 1301 39.82 -59.96 17.10
CA PRO C 1301 38.82 -59.82 18.16
C PRO C 1301 38.17 -58.44 18.41
N VAL C 1302 36.95 -58.48 18.91
CA VAL C 1302 36.24 -57.33 19.50
C VAL C 1302 35.97 -57.66 20.94
N GLY C 1303 36.51 -56.89 21.86
CA GLY C 1303 36.32 -57.19 23.28
C GLY C 1303 36.11 -55.95 24.09
N ALA C 1304 35.54 -54.93 23.47
CA ALA C 1304 35.33 -53.61 24.12
C ALA C 1304 36.66 -53.22 24.76
N CYS C 1305 36.75 -53.16 26.08
CA CYS C 1305 37.94 -52.61 26.79
C CYS C 1305 38.95 -53.72 27.09
N ALA C 1306 38.62 -54.97 26.78
CA ALA C 1306 39.49 -56.16 26.97
C ALA C 1306 39.91 -56.75 25.62
N THR C 1307 39.96 -55.99 24.54
CA THR C 1307 40.27 -56.59 23.23
C THR C 1307 41.75 -56.98 23.20
N SER C 1308 42.57 -56.21 23.90
CA SER C 1308 44.03 -56.39 23.90
C SER C 1308 44.43 -57.69 24.58
N VAL C 1309 43.81 -58.05 25.71
CA VAL C 1309 44.08 -59.37 26.37
C VAL C 1309 43.48 -60.52 25.54
N GLU C 1310 42.24 -60.41 25.13
CA GLU C 1310 41.62 -61.35 24.18
C GLU C 1310 42.57 -61.54 22.98
N SER C 1311 43.21 -60.50 22.51
CA SER C 1311 44.11 -60.54 21.34
C SER C 1311 45.31 -61.42 21.69
N VAL C 1312 45.92 -61.18 22.85
CA VAL C 1312 47.06 -61.99 23.37
C VAL C 1312 46.64 -63.47 23.44
N ASP C 1313 45.56 -63.77 24.16
CA ASP C 1313 44.95 -65.11 24.29
C ASP C 1313 44.83 -65.74 22.90
N ILE C 1314 44.16 -65.11 21.96
CA ILE C 1314 44.01 -65.67 20.60
C ILE C 1314 45.38 -65.88 19.98
N GLY C 1315 46.29 -64.92 20.15
CA GLY C 1315 47.63 -64.96 19.59
C GLY C 1315 48.44 -66.14 20.09
N VAL C 1316 48.42 -66.40 21.38
CA VAL C 1316 49.06 -67.57 22.03
C VAL C 1316 48.45 -68.86 21.46
N GLU C 1317 47.13 -69.07 21.59
CA GLU C 1317 46.45 -70.30 21.12
C GLU C 1317 46.70 -70.53 19.63
N THR C 1318 46.92 -69.49 18.85
CA THR C 1318 47.21 -69.62 17.41
C THR C 1318 48.61 -70.18 17.25
N ILE C 1319 49.51 -69.84 18.16
CA ILE C 1319 50.90 -70.33 18.11
C ILE C 1319 50.96 -71.75 18.64
N LEU C 1320 50.41 -72.02 19.81
CA LEU C 1320 50.40 -73.39 20.39
C LEU C 1320 49.54 -74.38 19.60
N SER C 1321 48.77 -73.99 18.61
CA SER C 1321 48.09 -74.92 17.68
C SER C 1321 48.98 -75.21 16.46
N GLY C 1322 50.15 -74.58 16.40
CA GLY C 1322 51.03 -74.65 15.23
C GLY C 1322 50.35 -74.13 13.98
N LYS C 1323 49.51 -73.11 14.10
CA LYS C 1323 48.99 -72.41 12.90
C LYS C 1323 49.96 -71.29 12.54
N ALA C 1324 50.57 -70.65 13.53
CA ALA C 1324 51.50 -69.52 13.35
C ALA C 1324 52.68 -69.69 14.29
N ARG C 1325 53.82 -69.19 13.86
CA ARG C 1325 55.08 -69.18 14.64
C ARG C 1325 55.26 -67.80 15.27
N ILE C 1326 54.88 -66.75 14.54
CA ILE C 1326 54.89 -65.33 14.96
C ILE C 1326 53.48 -64.77 14.85
N CYS C 1327 53.18 -63.79 15.67
CA CYS C 1327 51.85 -63.15 15.72
C CYS C 1327 51.99 -61.69 16.12
N ILE C 1328 51.33 -60.80 15.42
CA ILE C 1328 51.10 -59.42 15.89
C ILE C 1328 49.81 -59.43 16.66
N VAL C 1329 49.77 -58.67 17.73
CA VAL C 1329 48.82 -58.83 18.87
C VAL C 1329 48.65 -57.41 19.42
N GLY C 1330 47.47 -57.02 19.85
CA GLY C 1330 47.28 -55.70 20.47
C GLY C 1330 45.91 -55.13 20.20
N GLY C 1331 45.82 -53.82 20.19
CA GLY C 1331 44.52 -53.12 20.27
C GLY C 1331 44.69 -51.68 19.88
N TYR C 1332 43.62 -51.08 19.44
CA TYR C 1332 43.55 -49.69 18.93
C TYR C 1332 42.12 -49.20 19.05
N ASP C 1333 41.94 -47.94 19.40
CA ASP C 1333 40.62 -47.24 19.36
C ASP C 1333 40.87 -45.77 19.18
N ASP C 1334 39.96 -45.10 18.46
CA ASP C 1334 39.97 -43.63 18.26
C ASP C 1334 38.95 -43.02 19.21
N PHE C 1335 39.03 -41.71 19.34
CA PHE C 1335 38.11 -40.86 20.14
C PHE C 1335 37.46 -39.94 19.13
N GLN C 1336 36.14 -39.98 19.03
CA GLN C 1336 35.36 -39.10 18.15
C GLN C 1336 34.16 -38.54 18.93
N GLU C 1337 33.45 -37.59 18.32
CA GLU C 1337 32.34 -36.84 18.96
C GLU C 1337 31.24 -37.79 19.39
N GLU C 1338 30.90 -38.77 18.54
CA GLU C 1338 29.68 -39.61 18.73
C GLU C 1338 29.86 -40.52 19.95
N GLY C 1339 31.01 -41.18 20.05
CA GLY C 1339 31.28 -42.07 21.19
C GLY C 1339 31.44 -41.30 22.49
N SER C 1340 32.09 -40.13 22.46
CA SER C 1340 32.19 -39.23 23.64
C SER C 1340 30.79 -38.97 24.19
N PHE C 1341 29.88 -38.53 23.34
CA PHE C 1341 28.47 -38.21 23.71
C PHE C 1341 27.78 -39.46 24.27
N GLU C 1342 27.98 -40.63 23.67
CA GLU C 1342 27.23 -41.85 24.06
C GLU C 1342 27.76 -42.40 25.40
N PHE C 1343 29.06 -42.37 25.63
CA PHE C 1343 29.69 -42.71 26.91
C PHE C 1343 29.21 -41.76 28.01
N GLY C 1344 28.81 -40.51 27.66
CA GLY C 1344 28.19 -39.52 28.56
C GLY C 1344 26.75 -39.85 28.91
N ASN C 1345 25.93 -40.24 27.94
CA ASN C 1345 24.54 -40.70 28.16
C ASN C 1345 24.50 -41.97 29.03
N MET C 1346 25.52 -42.84 28.97
CA MET C 1346 25.68 -44.05 29.83
C MET C 1346 26.24 -43.69 31.22
N LYS C 1347 26.63 -42.43 31.45
CA LYS C 1347 27.25 -41.90 32.70
C LYS C 1347 28.51 -42.70 33.08
N ALA C 1348 29.29 -43.15 32.10
CA ALA C 1348 30.53 -43.95 32.26
C ALA C 1348 31.76 -43.05 32.45
N THR C 1349 31.86 -41.96 31.66
CA THR C 1349 32.96 -40.99 31.68
C THR C 1349 32.73 -40.02 32.84
N SER C 1350 33.80 -39.41 33.38
CA SER C 1350 33.69 -38.25 34.33
C SER C 1350 33.04 -37.02 33.65
N ASN C 1351 32.00 -36.47 34.26
CA ASN C 1351 31.45 -35.13 33.93
C ASN C 1351 32.50 -34.08 34.26
N THR C 1352 33.03 -33.40 33.25
CA THR C 1352 34.14 -32.42 33.43
C THR C 1352 33.67 -31.19 34.22
N LEU C 1353 32.38 -30.85 34.20
CA LEU C 1353 31.90 -29.64 34.91
C LEU C 1353 31.87 -29.92 36.42
N GLU C 1354 31.29 -31.05 36.84
CA GLU C 1354 31.44 -31.59 38.22
C GLU C 1354 32.90 -31.52 38.68
N GLU C 1355 33.83 -31.91 37.82
CA GLU C 1355 35.27 -32.01 38.19
C GLU C 1355 35.83 -30.63 38.49
N PHE C 1356 35.38 -29.63 37.72
CA PHE C 1356 35.77 -28.21 37.89
C PHE C 1356 35.14 -27.70 39.18
N GLU C 1357 33.92 -28.10 39.54
CA GLU C 1357 33.30 -27.70 40.84
C GLU C 1357 34.22 -28.14 41.98
N HIS C 1358 34.65 -29.38 41.95
CA HIS C 1358 35.57 -30.02 42.94
C HIS C 1358 36.95 -29.35 42.89
N GLY C 1359 37.15 -28.37 42.03
CA GLY C 1359 38.46 -27.75 41.82
C GLY C 1359 39.51 -28.71 41.29
N ARG C 1360 39.14 -29.73 40.52
CA ARG C 1360 40.14 -30.58 39.83
C ARG C 1360 40.56 -29.92 38.53
N THR C 1361 41.80 -30.18 38.14
CA THR C 1361 42.40 -29.84 36.84
C THR C 1361 42.38 -31.08 35.96
N PRO C 1362 42.46 -30.95 34.62
CA PRO C 1362 42.55 -32.11 33.74
C PRO C 1362 43.54 -33.22 34.15
N ALA C 1363 44.74 -32.90 34.60
CA ALA C 1363 45.76 -33.92 34.98
C ALA C 1363 45.13 -34.86 36.00
N GLU C 1364 44.62 -34.31 37.09
CA GLU C 1364 44.14 -35.05 38.26
C GLU C 1364 42.69 -35.51 38.09
N MET C 1365 42.23 -35.83 36.87
CA MET C 1365 40.82 -36.25 36.61
C MET C 1365 40.68 -37.77 36.42
N SER C 1366 41.68 -38.46 35.91
CA SER C 1366 41.82 -39.95 36.00
C SER C 1366 42.52 -40.28 37.32
N ARG C 1367 41.77 -40.79 38.31
CA ARG C 1367 42.29 -41.06 39.67
C ARG C 1367 41.79 -42.41 40.14
N PRO C 1368 42.35 -43.50 39.60
CA PRO C 1368 41.92 -44.83 39.99
C PRO C 1368 42.17 -45.14 41.47
N ALA C 1369 41.31 -45.97 42.06
CA ALA C 1369 41.42 -46.56 43.42
C ALA C 1369 41.17 -45.51 44.52
N THR C 1370 40.69 -44.33 44.13
CA THR C 1370 40.63 -43.10 44.96
C THR C 1370 39.20 -42.96 45.47
N THR C 1371 39.02 -42.32 46.62
CA THR C 1371 37.70 -42.13 47.27
C THR C 1371 36.72 -41.47 46.32
N THR C 1372 37.21 -40.48 45.58
CA THR C 1372 36.47 -39.47 44.81
C THR C 1372 36.41 -39.82 43.31
N ARG C 1373 36.85 -41.01 42.90
CA ARG C 1373 36.76 -41.43 41.49
C ARG C 1373 35.30 -41.37 41.06
N ASN C 1374 35.03 -40.84 39.88
CA ASN C 1374 33.67 -40.59 39.37
C ASN C 1374 33.62 -40.76 37.85
N GLY C 1375 34.25 -41.81 37.33
CA GLY C 1375 34.12 -42.19 35.91
C GLY C 1375 35.45 -42.04 35.23
N PHE C 1376 35.54 -42.55 34.01
CA PHE C 1376 36.81 -42.70 33.27
C PHE C 1376 37.02 -41.55 32.26
N MET C 1377 38.21 -41.55 31.70
CA MET C 1377 38.76 -40.49 30.84
C MET C 1377 39.07 -41.09 29.47
N GLU C 1378 38.27 -40.79 28.47
CA GLU C 1378 38.37 -41.40 27.14
C GLU C 1378 39.72 -40.96 26.56
N ALA C 1379 40.42 -41.86 25.88
CA ALA C 1379 41.72 -41.64 25.22
C ALA C 1379 41.73 -42.37 23.87
N GLN C 1380 42.82 -42.24 23.12
CA GLN C 1380 42.90 -42.82 21.78
C GLN C 1380 44.30 -43.34 21.50
N GLY C 1381 44.40 -44.38 20.69
CA GLY C 1381 45.65 -44.81 20.07
C GLY C 1381 45.74 -46.31 19.95
N ALA C 1382 46.93 -46.84 19.97
CA ALA C 1382 47.16 -48.24 19.61
C ALA C 1382 48.31 -48.78 20.46
N GLY C 1383 48.31 -50.07 20.66
CA GLY C 1383 49.44 -50.79 21.27
C GLY C 1383 49.65 -52.08 20.53
N ILE C 1384 50.88 -52.38 20.19
CA ILE C 1384 51.20 -53.62 19.46
C ILE C 1384 52.31 -54.34 20.19
N GLN C 1385 52.21 -55.65 20.23
CA GLN C 1385 53.31 -56.56 20.64
C GLN C 1385 53.55 -57.56 19.52
N ILE C 1386 54.78 -58.05 19.43
CA ILE C 1386 55.09 -59.16 18.52
C ILE C 1386 55.44 -60.34 19.42
N ILE C 1387 54.73 -61.44 19.29
CA ILE C 1387 54.99 -62.66 20.08
C ILE C 1387 55.42 -63.79 19.15
N MET C 1388 56.36 -64.62 19.62
CA MET C 1388 56.86 -65.81 18.88
C MET C 1388 57.01 -66.97 19.81
N GLN C 1389 57.12 -68.15 19.20
CA GLN C 1389 57.75 -69.33 19.82
C GLN C 1389 59.12 -68.93 20.35
N ALA C 1390 59.51 -69.32 21.57
CA ALA C 1390 60.82 -68.98 22.16
C ALA C 1390 61.92 -69.55 21.30
N ASP C 1391 61.74 -70.78 20.85
CA ASP C 1391 62.62 -71.53 19.92
C ASP C 1391 63.06 -70.59 18.82
N LEU C 1392 62.10 -69.97 18.15
CA LEU C 1392 62.27 -69.17 16.91
C LEU C 1392 62.91 -67.84 17.28
N ALA C 1393 62.62 -67.31 18.45
CA ALA C 1393 63.25 -66.07 18.96
C ALA C 1393 64.75 -66.30 19.13
N LEU C 1394 65.15 -67.44 19.70
CA LEU C 1394 66.58 -67.71 20.00
C LEU C 1394 67.33 -67.96 18.69
N LYS C 1395 66.70 -68.65 17.76
CA LYS C 1395 67.24 -68.88 16.40
C LYS C 1395 67.41 -67.55 15.65
N MET C 1396 66.48 -66.60 15.75
CA MET C 1396 66.53 -65.29 15.02
C MET C 1396 67.44 -64.32 15.79
N GLY C 1397 67.75 -64.61 17.04
CA GLY C 1397 68.44 -63.63 17.86
C GLY C 1397 67.69 -62.33 17.82
N VAL C 1398 66.39 -62.37 18.20
CA VAL C 1398 65.59 -61.15 18.49
C VAL C 1398 65.57 -60.97 19.99
N PRO C 1399 65.48 -59.72 20.48
CA PRO C 1399 65.34 -59.47 21.90
C PRO C 1399 64.06 -60.07 22.44
N ILE C 1400 64.07 -60.43 23.70
CA ILE C 1400 62.99 -61.19 24.36
C ILE C 1400 62.67 -60.42 25.62
N TYR C 1401 61.50 -59.77 25.62
CA TYR C 1401 61.19 -58.79 26.68
C TYR C 1401 60.40 -59.46 27.79
N GLY C 1402 59.81 -60.60 27.53
CA GLY C 1402 59.08 -61.32 28.57
C GLY C 1402 58.47 -62.59 28.03
N ILE C 1403 58.08 -63.44 28.95
CA ILE C 1403 57.44 -64.72 28.61
C ILE C 1403 55.96 -64.54 28.91
N VAL C 1404 55.08 -64.87 27.98
CA VAL C 1404 53.63 -64.88 28.23
C VAL C 1404 53.27 -66.26 28.79
N ALA C 1405 53.22 -66.36 30.10
CA ALA C 1405 53.01 -67.60 30.83
C ALA C 1405 51.58 -68.07 30.59
N MET C 1406 50.63 -67.17 30.74
CA MET C 1406 49.18 -67.46 30.76
C MET C 1406 48.46 -66.32 30.06
N ALA C 1407 47.34 -66.60 29.41
CA ALA C 1407 46.44 -65.56 28.91
C ALA C 1407 45.02 -66.11 28.77
N ALA C 1408 44.08 -65.63 29.57
CA ALA C 1408 42.71 -66.18 29.65
C ALA C 1408 41.66 -65.08 29.41
N THR C 1409 40.42 -65.52 29.23
CA THR C 1409 39.20 -64.71 29.07
C THR C 1409 38.06 -65.43 29.77
N ALA C 1410 37.21 -64.69 30.42
CA ALA C 1410 36.04 -65.21 31.15
C ALA C 1410 34.89 -64.25 30.90
N THR C 1411 33.67 -64.78 30.83
CA THR C 1411 32.40 -64.04 31.04
C THR C 1411 32.03 -64.06 32.52
N ASP C 1412 30.85 -63.55 32.87
CA ASP C 1412 30.30 -63.51 34.26
C ASP C 1412 29.00 -64.33 34.28
N LYS C 1413 28.03 -63.95 35.12
CA LYS C 1413 26.79 -64.72 35.35
C LYS C 1413 25.64 -64.10 34.56
N ILE C 1414 24.42 -64.60 34.83
CA ILE C 1414 23.11 -64.02 34.41
C ILE C 1414 23.01 -62.59 34.96
N GLY C 1415 22.69 -61.65 34.08
CA GLY C 1415 22.55 -60.23 34.40
C GLY C 1415 21.56 -59.56 33.47
N ARG C 1416 21.31 -58.27 33.68
CA ARG C 1416 20.58 -57.36 32.74
C ARG C 1416 21.35 -56.03 32.60
N SER C 1417 22.67 -56.02 32.78
CA SER C 1417 23.60 -54.84 32.72
C SER C 1417 24.87 -55.19 31.94
N VAL C 1418 24.95 -54.75 30.69
CA VAL C 1418 26.07 -55.03 29.75
C VAL C 1418 27.34 -54.30 30.21
N PRO C 1419 27.30 -53.06 30.77
CA PRO C 1419 28.53 -52.44 31.29
C PRO C 1419 29.03 -52.86 32.68
N ALA C 1420 28.27 -53.70 33.42
CA ALA C 1420 28.59 -54.16 34.79
C ALA C 1420 29.75 -55.17 34.79
N PRO C 1421 30.89 -54.89 35.46
CA PRO C 1421 31.98 -55.86 35.54
C PRO C 1421 31.65 -56.99 36.55
N GLY C 1422 32.22 -58.18 36.31
CA GLY C 1422 31.99 -59.37 37.16
C GLY C 1422 33.28 -60.02 37.60
N LYS C 1423 33.12 -61.18 38.24
CA LYS C 1423 34.18 -61.88 39.01
C LYS C 1423 34.68 -63.09 38.20
N GLY C 1424 34.19 -63.27 36.97
CA GLY C 1424 34.34 -64.49 36.17
C GLY C 1424 35.77 -64.90 35.88
N ILE C 1425 36.72 -63.98 35.94
CA ILE C 1425 38.17 -64.26 35.71
C ILE C 1425 38.78 -64.94 36.95
N LEU C 1426 38.11 -64.94 38.12
CA LEU C 1426 38.49 -65.79 39.31
C LEU C 1426 38.85 -67.22 38.91
N THR C 1427 38.20 -67.76 37.87
CA THR C 1427 38.39 -69.13 37.39
C THR C 1427 39.83 -69.41 36.92
N THR C 1428 40.74 -68.43 36.93
CA THR C 1428 42.15 -68.67 36.55
C THR C 1428 42.88 -69.21 37.78
N ALA C 1429 42.23 -69.17 38.95
CA ALA C 1429 42.77 -69.58 40.26
C ALA C 1429 41.93 -70.73 40.78
N ARG C 1430 41.12 -71.35 39.90
CA ARG C 1430 40.27 -72.47 40.31
C ARG C 1430 41.21 -73.62 40.59
N GLU C 1431 41.24 -74.10 41.82
CA GLU C 1431 41.75 -75.46 42.11
C GLU C 1431 41.00 -76.10 43.27
N HIS C 1432 41.08 -77.43 43.31
CA HIS C 1432 40.50 -78.35 44.33
C HIS C 1432 41.37 -78.37 45.58
N HIS C 1433 40.77 -78.45 46.75
CA HIS C 1433 41.46 -78.35 48.08
C HIS C 1433 40.87 -79.37 49.07
N SER C 1434 39.96 -80.25 48.62
CA SER C 1434 39.34 -81.31 49.46
C SER C 1434 40.45 -82.16 50.10
N SER C 1435 41.49 -82.45 49.31
CA SER C 1435 42.57 -83.45 49.57
C SER C 1435 43.95 -82.75 49.52
N VAL C 1436 44.25 -81.90 50.51
CA VAL C 1436 45.45 -80.99 50.53
C VAL C 1436 46.35 -81.30 51.76
N LYS C 1437 46.35 -82.56 52.22
CA LYS C 1437 47.18 -83.03 53.37
C LYS C 1437 48.64 -83.15 52.91
N TYR C 1438 48.91 -83.94 51.86
CA TYR C 1438 50.28 -84.23 51.33
C TYR C 1438 50.49 -83.54 49.97
N ALA C 1439 51.69 -82.97 49.77
CA ALA C 1439 52.11 -82.22 48.56
C ALA C 1439 52.10 -83.12 47.31
N SER C 1440 51.41 -82.68 46.25
CA SER C 1440 51.39 -83.30 44.90
C SER C 1440 52.81 -83.29 44.34
N PRO C 1441 53.36 -84.45 43.88
CA PRO C 1441 54.71 -84.48 43.31
C PRO C 1441 54.80 -83.89 41.90
N ASN C 1442 53.66 -83.67 41.23
CA ASN C 1442 53.54 -83.02 39.89
C ASN C 1442 54.06 -81.57 39.94
N LEU C 1443 54.03 -80.91 41.11
CA LEU C 1443 54.59 -79.55 41.33
C LEU C 1443 56.11 -79.58 41.51
N ASN C 1444 56.66 -80.63 42.12
CA ASN C 1444 58.14 -80.77 42.29
C ASN C 1444 58.77 -80.94 40.90
N MET C 1445 59.68 -80.02 40.54
CA MET C 1445 60.34 -80.02 39.22
C MET C 1445 61.33 -81.18 39.14
N LYS C 1446 62.04 -81.53 40.23
CA LYS C 1446 62.98 -82.69 40.27
C LYS C 1446 62.27 -83.95 39.78
N TYR C 1447 61.13 -84.28 40.38
CA TYR C 1447 60.24 -85.40 40.00
C TYR C 1447 59.99 -85.31 38.49
N ARG C 1448 59.39 -84.21 38.05
CA ARG C 1448 58.97 -83.98 36.65
C ARG C 1448 60.15 -84.25 35.71
N LYS C 1449 61.37 -83.86 36.11
CA LYS C 1449 62.60 -83.98 35.28
C LYS C 1449 63.05 -85.44 35.24
N ARG C 1450 63.02 -86.13 36.38
CA ARG C 1450 63.26 -87.61 36.48
C ARG C 1450 62.40 -88.36 35.46
N GLN C 1451 61.10 -88.04 35.37
CA GLN C 1451 60.16 -88.75 34.47
C GLN C 1451 60.57 -88.51 33.01
N LEU C 1452 61.14 -87.34 32.71
CA LEU C 1452 61.52 -86.95 31.33
C LEU C 1452 62.77 -87.74 30.92
N VAL C 1453 63.75 -87.85 31.83
CA VAL C 1453 65.05 -88.55 31.61
C VAL C 1453 64.77 -90.03 31.29
N THR C 1454 63.87 -90.65 32.06
CA THR C 1454 63.29 -92.01 31.83
C THR C 1454 62.74 -92.10 30.40
N ARG C 1455 61.76 -91.25 30.07
CA ARG C 1455 61.04 -91.26 28.77
C ARG C 1455 62.01 -90.95 27.62
N GLU C 1456 63.16 -90.30 27.88
CA GLU C 1456 64.17 -89.95 26.84
C GLU C 1456 64.99 -91.19 26.48
N ALA C 1457 65.33 -92.00 27.48
CA ALA C 1457 65.92 -93.35 27.33
C ALA C 1457 65.02 -94.22 26.43
N GLN C 1458 63.72 -94.30 26.73
CA GLN C 1458 62.71 -95.08 25.93
C GLN C 1458 62.72 -94.64 24.47
N ILE C 1459 62.89 -93.34 24.18
CA ILE C 1459 62.86 -92.77 22.80
C ILE C 1459 64.17 -93.14 22.09
N LYS C 1460 65.31 -93.02 22.77
CA LYS C 1460 66.64 -93.52 22.33
C LYS C 1460 66.51 -94.99 21.86
N ASP C 1461 65.96 -95.87 22.71
CA ASP C 1461 65.67 -97.29 22.39
C ASP C 1461 64.78 -97.38 21.16
N TRP C 1462 63.69 -96.62 21.15
CA TRP C 1462 62.71 -96.57 20.04
C TRP C 1462 63.42 -96.28 18.69
N VAL C 1463 64.40 -95.36 18.67
CA VAL C 1463 65.09 -94.95 17.40
C VAL C 1463 65.97 -96.12 16.91
N GLU C 1464 66.74 -96.76 17.78
CA GLU C 1464 67.55 -97.97 17.46
C GLU C 1464 66.67 -98.99 16.70
N ASN C 1465 65.53 -99.38 17.28
CA ASN C 1465 64.66 -100.48 16.78
C ASN C 1465 64.04 -100.13 15.42
N GLU C 1466 63.90 -98.85 15.08
CA GLU C 1466 63.35 -98.37 13.78
C GLU C 1466 64.48 -98.21 12.74
N LEU C 1467 65.75 -98.14 13.20
CA LEU C 1467 66.97 -98.14 12.33
C LEU C 1467 67.45 -99.58 12.08
N GLU C 1468 67.23 -100.51 13.03
CA GLU C 1468 67.36 -101.97 12.79
C GLU C 1468 66.36 -102.38 11.70
N ALA C 1469 65.09 -101.99 11.85
CA ALA C 1469 63.97 -102.37 10.94
C ALA C 1469 64.09 -101.67 9.59
N LEU C 1470 64.75 -100.50 9.52
CA LEU C 1470 64.96 -99.75 8.25
C LEU C 1470 66.11 -100.37 7.44
N LYS C 1471 67.07 -101.01 8.13
CA LYS C 1471 68.17 -101.82 7.51
C LYS C 1471 67.55 -103.08 6.88
N LEU C 1472 66.63 -103.77 7.58
CA LEU C 1472 65.95 -105.03 7.13
C LEU C 1472 64.87 -104.76 6.06
N GLU C 1473 64.59 -103.50 5.71
CA GLU C 1473 63.66 -103.13 4.60
C GLU C 1473 64.45 -102.59 3.39
N ALA C 1474 65.69 -102.12 3.60
CA ALA C 1474 66.60 -101.56 2.56
C ALA C 1474 67.23 -102.67 1.70
N GLU C 1475 67.40 -103.87 2.26
CA GLU C 1475 68.01 -105.08 1.60
C GLU C 1475 67.13 -105.49 0.41
N GLU C 1476 65.80 -105.62 0.61
CA GLU C 1476 64.80 -106.06 -0.41
C GLU C 1476 64.72 -105.05 -1.58
N ILE C 1477 65.07 -103.78 -1.34
CA ILE C 1477 65.20 -102.71 -2.36
C ILE C 1477 66.48 -102.97 -3.17
N PRO C 1478 66.43 -102.97 -4.53
CA PRO C 1478 67.64 -103.02 -5.36
C PRO C 1478 68.65 -101.93 -4.95
N SER C 1479 69.94 -102.29 -4.79
CA SER C 1479 71.00 -101.43 -4.16
C SER C 1479 71.36 -100.22 -5.04
N GLU C 1480 70.84 -100.15 -6.28
CA GLU C 1480 70.98 -98.99 -7.23
C GLU C 1480 70.23 -97.76 -6.68
N ASP C 1481 68.99 -97.93 -6.16
CA ASP C 1481 68.04 -96.86 -5.74
C ASP C 1481 67.53 -97.08 -4.31
N GLN C 1482 68.38 -97.62 -3.41
CA GLN C 1482 68.14 -97.76 -1.95
C GLN C 1482 68.71 -96.54 -1.21
N ASN C 1483 69.56 -95.73 -1.86
CA ASN C 1483 70.06 -94.44 -1.29
C ASN C 1483 68.87 -93.51 -1.04
N GLU C 1484 67.97 -93.37 -2.02
CA GLU C 1484 66.79 -92.44 -1.99
C GLU C 1484 65.69 -92.97 -1.07
N PHE C 1485 65.66 -94.27 -0.78
CA PHE C 1485 64.79 -94.90 0.25
C PHE C 1485 65.29 -94.50 1.66
N LEU C 1486 66.59 -94.58 1.89
CA LEU C 1486 67.24 -94.31 3.21
C LEU C 1486 67.15 -92.83 3.55
N LEU C 1487 67.42 -91.94 2.58
CA LEU C 1487 67.32 -90.45 2.72
C LEU C 1487 65.89 -90.07 3.15
N GLU C 1488 64.88 -90.56 2.42
CA GLU C 1488 63.44 -90.32 2.69
C GLU C 1488 63.06 -90.82 4.08
N ARG C 1489 63.55 -92.00 4.48
CA ARG C 1489 62.98 -92.80 5.59
C ARG C 1489 63.82 -92.70 6.88
N THR C 1490 65.02 -92.09 6.86
CA THR C 1490 65.78 -91.70 8.07
C THR C 1490 65.32 -90.34 8.55
N ARG C 1491 65.00 -89.47 7.59
CA ARG C 1491 64.37 -88.13 7.80
C ARG C 1491 63.01 -88.32 8.49
N GLU C 1492 62.21 -89.31 8.08
CA GLU C 1492 60.92 -89.66 8.72
C GLU C 1492 61.12 -90.14 10.18
N ILE C 1493 62.24 -90.82 10.49
CA ILE C 1493 62.56 -91.34 11.86
C ILE C 1493 63.21 -90.23 12.70
N HIS C 1494 63.85 -89.25 12.06
CA HIS C 1494 64.34 -88.01 12.72
C HIS C 1494 63.14 -87.26 13.29
N ASN C 1495 62.18 -86.91 12.43
CA ASN C 1495 60.87 -86.28 12.78
C ASN C 1495 60.22 -87.02 13.96
N GLU C 1496 59.95 -88.31 13.82
CA GLU C 1496 59.14 -89.09 14.80
C GLU C 1496 59.88 -89.13 16.14
N ALA C 1497 61.22 -89.11 16.13
CA ALA C 1497 62.08 -88.99 17.34
C ALA C 1497 61.95 -87.58 17.95
N GLU C 1498 61.84 -86.55 17.10
CA GLU C 1498 61.73 -85.14 17.56
C GLU C 1498 60.36 -84.96 18.22
N SER C 1499 59.29 -85.29 17.50
CA SER C 1499 57.89 -85.23 17.99
C SER C 1499 57.84 -85.85 19.38
N GLN C 1500 58.41 -87.03 19.57
CA GLN C 1500 58.25 -87.79 20.84
C GLN C 1500 59.01 -87.10 21.96
N LEU C 1501 60.15 -86.46 21.67
CA LEU C 1501 60.95 -85.74 22.70
C LEU C 1501 60.23 -84.43 23.10
N ARG C 1502 59.64 -83.73 22.12
CA ARG C 1502 58.80 -82.52 22.31
C ARG C 1502 57.56 -82.88 23.12
N ALA C 1503 56.83 -83.92 22.71
CA ALA C 1503 55.59 -84.40 23.37
C ALA C 1503 55.85 -84.77 24.82
N ALA C 1504 57.05 -85.27 25.12
CA ALA C 1504 57.46 -85.69 26.47
C ALA C 1504 57.81 -84.44 27.28
N GLN C 1505 58.44 -83.45 26.64
CA GLN C 1505 58.77 -82.12 27.20
C GLN C 1505 57.47 -81.39 27.50
N GLN C 1506 56.55 -81.40 26.53
CA GLN C 1506 55.20 -80.78 26.69
C GLN C 1506 54.50 -81.37 27.90
N GLN C 1507 54.69 -82.66 28.19
CA GLN C 1507 53.94 -83.41 29.23
C GLN C 1507 54.50 -83.14 30.63
N TRP C 1508 55.81 -82.96 30.78
CA TRP C 1508 56.48 -82.85 32.09
C TRP C 1508 56.95 -81.42 32.34
N GLY C 1509 57.07 -80.60 31.30
CA GLY C 1509 57.73 -79.28 31.36
C GLY C 1509 56.76 -78.14 31.28
N ASN C 1510 55.82 -78.23 30.33
CA ASN C 1510 54.89 -77.16 29.90
C ASN C 1510 53.45 -77.41 30.36
N ASP C 1511 52.88 -78.60 30.11
CA ASP C 1511 51.44 -78.95 30.31
C ASP C 1511 51.30 -79.99 31.43
N PHE C 1512 52.16 -79.97 32.43
CA PHE C 1512 52.09 -80.95 33.55
C PHE C 1512 50.79 -80.80 34.35
N TYR C 1513 50.11 -79.66 34.27
CA TYR C 1513 49.04 -79.22 35.21
C TYR C 1513 47.69 -79.13 34.49
N LYS C 1514 47.59 -79.46 33.22
CA LYS C 1514 46.37 -79.17 32.44
C LYS C 1514 45.24 -80.16 32.78
N ARG C 1515 45.56 -81.33 33.34
CA ARG C 1515 44.58 -82.38 33.71
C ARG C 1515 44.73 -82.71 35.20
N ASP C 1516 45.28 -81.77 36.00
CA ASP C 1516 45.34 -81.86 37.48
C ASP C 1516 44.43 -80.79 38.07
N PRO C 1517 43.26 -81.15 38.62
CA PRO C 1517 42.39 -80.15 39.26
C PRO C 1517 42.89 -79.61 40.62
N ARG C 1518 44.08 -80.00 41.07
CA ARG C 1518 44.67 -79.50 42.34
C ARG C 1518 45.70 -78.41 42.02
N ILE C 1519 45.88 -78.10 40.74
CA ILE C 1519 46.78 -77.00 40.27
C ILE C 1519 45.97 -76.00 39.43
N ALA C 1520 45.86 -74.78 39.93
CA ALA C 1520 45.23 -73.63 39.27
C ALA C 1520 46.02 -73.30 38.02
N PRO C 1521 45.36 -72.94 36.91
CA PRO C 1521 46.04 -72.37 35.74
C PRO C 1521 47.09 -71.30 36.05
N LEU C 1522 46.80 -70.41 37.00
CA LEU C 1522 47.67 -69.30 37.43
C LEU C 1522 48.91 -69.86 38.10
N ARG C 1523 48.75 -70.88 38.93
CA ARG C 1523 49.85 -71.48 39.72
C ARG C 1523 50.75 -72.32 38.80
N GLY C 1524 50.14 -73.06 37.89
CA GLY C 1524 50.87 -73.95 36.97
C GLY C 1524 51.74 -73.13 36.05
N ALA C 1525 51.18 -72.08 35.48
CA ALA C 1525 51.86 -71.12 34.60
C ALA C 1525 53.18 -70.68 35.22
N LEU C 1526 53.16 -70.38 36.49
CA LEU C 1526 54.34 -69.83 37.19
C LEU C 1526 55.25 -70.97 37.64
N ALA C 1527 54.69 -72.16 37.90
CA ALA C 1527 55.45 -73.35 38.36
C ALA C 1527 56.31 -73.90 37.21
N THR C 1528 55.94 -73.67 35.95
CA THR C 1528 56.75 -74.09 34.79
C THR C 1528 58.11 -73.37 34.71
N TYR C 1529 58.46 -72.47 35.61
CA TYR C 1529 59.81 -71.81 35.66
C TYR C 1529 60.33 -71.83 37.09
N GLY C 1530 59.71 -72.63 37.96
CA GLY C 1530 60.12 -72.66 39.37
C GLY C 1530 59.77 -71.37 40.09
N LEU C 1531 58.70 -70.69 39.69
CA LEU C 1531 58.18 -69.53 40.45
C LEU C 1531 56.97 -70.00 41.25
N THR C 1532 56.80 -69.42 42.43
CA THR C 1532 55.64 -69.61 43.31
C THR C 1532 54.70 -68.44 43.09
N ILE C 1533 53.42 -68.63 43.40
CA ILE C 1533 52.42 -67.55 43.55
C ILE C 1533 53.03 -66.35 44.30
N ASP C 1534 53.94 -66.55 45.27
CA ASP C 1534 54.59 -65.47 46.05
C ASP C 1534 55.61 -64.66 45.24
N ASP C 1535 55.74 -64.87 43.93
CA ASP C 1535 56.72 -64.14 43.06
C ASP C 1535 56.01 -63.21 42.10
N LEU C 1536 54.69 -63.35 41.91
CA LEU C 1536 53.84 -62.41 41.13
C LEU C 1536 53.94 -61.03 41.79
N GLY C 1537 54.85 -60.21 41.28
CA GLY C 1537 55.30 -59.00 41.99
C GLY C 1537 54.28 -57.89 41.98
N VAL C 1538 53.72 -57.65 40.82
CA VAL C 1538 53.03 -56.41 40.44
C VAL C 1538 51.75 -56.82 39.71
N ALA C 1539 50.65 -56.15 39.98
CA ALA C 1539 49.36 -56.37 39.30
C ALA C 1539 48.99 -55.07 38.65
N SER C 1540 48.80 -55.10 37.34
CA SER C 1540 48.53 -53.95 36.47
C SER C 1540 47.04 -53.95 36.33
N PHE C 1541 46.38 -53.08 37.09
CA PHE C 1541 44.92 -52.98 37.21
C PHE C 1541 44.40 -52.21 36.01
N HIS C 1542 43.37 -52.70 35.37
CA HIS C 1542 42.50 -51.97 34.40
C HIS C 1542 42.27 -50.57 34.95
N GLY C 1543 41.79 -50.46 36.18
CA GLY C 1543 41.77 -49.22 36.96
C GLY C 1543 41.30 -48.01 36.16
N THR C 1544 40.01 -47.96 35.90
CA THR C 1544 39.41 -47.02 34.93
C THR C 1544 39.06 -45.69 35.62
N SER C 1545 39.14 -45.63 36.95
CA SER C 1545 38.67 -44.51 37.80
C SER C 1545 37.12 -44.53 37.83
N THR C 1546 36.47 -45.69 37.66
CA THR C 1546 35.03 -45.88 37.91
C THR C 1546 34.83 -46.50 39.30
N LYS C 1547 33.64 -46.29 39.88
CA LYS C 1547 33.24 -46.80 41.22
C LYS C 1547 33.25 -48.33 41.22
N ALA C 1548 32.56 -48.91 40.24
CA ALA C 1548 32.25 -50.36 40.16
C ALA C 1548 33.50 -51.16 39.78
N ASN C 1549 34.28 -50.66 38.82
CA ASN C 1549 35.44 -51.37 38.23
C ASN C 1549 36.57 -51.53 39.25
N ASP C 1550 36.91 -50.47 39.98
CA ASP C 1550 38.14 -50.41 40.80
C ASP C 1550 37.92 -51.11 42.13
N LYS C 1551 36.67 -51.33 42.55
CA LYS C 1551 36.36 -52.20 43.71
C LYS C 1551 36.31 -53.67 43.28
N ASN C 1552 35.57 -53.96 42.20
CA ASN C 1552 35.43 -55.31 41.61
C ASN C 1552 36.79 -55.90 41.28
N GLU C 1553 37.73 -55.14 40.74
CA GLU C 1553 39.08 -55.62 40.32
C GLU C 1553 39.99 -55.88 41.53
N SER C 1554 40.05 -54.98 42.50
CA SER C 1554 40.81 -55.17 43.75
C SER C 1554 40.30 -56.39 44.50
N ALA C 1555 39.00 -56.68 44.43
CA ALA C 1555 38.36 -57.79 45.14
C ALA C 1555 38.73 -59.12 44.47
N THR C 1556 38.77 -59.15 43.13
CA THR C 1556 38.99 -60.39 42.35
C THR C 1556 40.48 -60.74 42.37
N ILE C 1557 41.37 -59.78 42.56
CA ILE C 1557 42.83 -60.07 42.72
C ILE C 1557 43.04 -60.52 44.16
N ASN C 1558 42.29 -59.99 45.09
CA ASN C 1558 42.48 -60.36 46.51
C ASN C 1558 41.98 -61.80 46.65
N GLU C 1559 40.92 -62.18 45.95
CA GLU C 1559 40.33 -63.53 46.14
C GLU C 1559 41.15 -64.56 45.36
N MET C 1560 41.79 -64.20 44.25
CA MET C 1560 42.75 -65.06 43.51
C MET C 1560 43.91 -65.45 44.43
N MET C 1561 44.44 -64.46 45.16
CA MET C 1561 45.68 -64.54 45.95
C MET C 1561 45.37 -65.25 47.26
N LYS C 1562 44.13 -65.20 47.73
CA LYS C 1562 43.77 -65.81 49.03
C LYS C 1562 43.66 -67.32 48.82
N HIS C 1563 43.14 -67.71 47.65
CA HIS C 1563 42.83 -69.11 47.30
C HIS C 1563 44.11 -69.88 46.99
N LEU C 1564 45.14 -69.22 46.49
CA LEU C 1564 46.45 -69.85 46.18
C LEU C 1564 47.47 -69.56 47.29
N GLY C 1565 47.04 -69.25 48.51
CA GLY C 1565 47.94 -69.18 49.67
C GLY C 1565 49.17 -68.35 49.39
N ARG C 1566 48.96 -67.15 48.89
CA ARG C 1566 49.90 -66.01 48.92
C ARG C 1566 50.20 -65.66 50.39
N SER C 1567 51.46 -65.57 50.76
CA SER C 1567 51.89 -65.30 52.15
C SER C 1567 51.20 -64.05 52.69
N GLU C 1568 50.66 -64.10 53.92
CA GLU C 1568 50.17 -62.89 54.62
C GLU C 1568 51.36 -61.95 54.73
N GLY C 1569 51.19 -60.72 54.26
CA GLY C 1569 52.24 -59.70 54.29
C GLY C 1569 52.95 -59.53 52.97
N ASN C 1570 52.60 -60.32 51.95
CA ASN C 1570 53.20 -60.17 50.60
C ASN C 1570 52.10 -59.77 49.65
N PRO C 1571 51.73 -58.48 49.58
CA PRO C 1571 50.67 -58.07 48.66
C PRO C 1571 51.21 -57.77 47.27
N VAL C 1572 50.41 -58.04 46.23
CA VAL C 1572 50.74 -57.58 44.86
C VAL C 1572 50.68 -56.04 44.87
N ILE C 1573 51.64 -55.43 44.22
CA ILE C 1573 51.74 -53.97 44.14
C ILE C 1573 50.93 -53.57 42.92
N GLY C 1574 49.86 -52.81 43.11
CA GLY C 1574 48.99 -52.37 42.03
C GLY C 1574 49.67 -51.29 41.20
N VAL C 1575 49.43 -51.25 39.89
CA VAL C 1575 49.84 -50.10 39.07
C VAL C 1575 48.71 -49.73 38.16
N PHE C 1576 48.34 -48.45 38.19
CA PHE C 1576 47.17 -47.90 37.49
C PHE C 1576 47.67 -46.90 36.44
N GLN C 1577 48.16 -47.40 35.33
CA GLN C 1577 48.76 -46.64 34.21
C GLN C 1577 47.79 -45.52 33.75
N LYS C 1578 46.49 -45.80 33.73
CA LYS C 1578 45.44 -44.91 33.20
C LYS C 1578 45.36 -43.60 33.95
N PHE C 1579 46.01 -43.43 35.09
CA PHE C 1579 46.06 -42.08 35.73
C PHE C 1579 46.61 -41.05 34.74
N LEU C 1580 47.43 -41.51 33.81
CA LEU C 1580 48.36 -40.71 32.98
C LEU C 1580 47.94 -40.77 31.52
N THR C 1581 47.35 -41.86 31.06
CA THR C 1581 47.02 -42.09 29.63
C THR C 1581 45.51 -42.00 29.42
N GLY C 1582 44.71 -42.16 30.47
CA GLY C 1582 43.26 -42.36 30.34
C GLY C 1582 42.96 -43.67 29.66
N HIS C 1583 41.69 -43.92 29.39
CA HIS C 1583 41.14 -45.22 28.98
C HIS C 1583 40.95 -45.26 27.48
N PRO C 1584 41.81 -45.94 26.73
CA PRO C 1584 41.67 -45.97 25.27
C PRO C 1584 40.83 -47.11 24.72
N LYS C 1585 39.96 -47.69 25.54
CA LYS C 1585 39.05 -48.80 25.22
C LYS C 1585 39.84 -49.99 24.69
N GLY C 1586 39.85 -50.23 23.40
CA GLY C 1586 40.40 -51.45 22.80
C GLY C 1586 41.88 -51.59 23.03
N ALA C 1587 42.58 -50.49 23.30
CA ALA C 1587 44.05 -50.44 23.41
C ALA C 1587 44.48 -50.58 24.85
N ALA C 1588 43.54 -50.61 25.79
CA ALA C 1588 43.86 -50.39 27.23
C ALA C 1588 44.90 -51.42 27.63
N GLY C 1589 44.65 -52.68 27.27
CA GLY C 1589 45.46 -53.86 27.63
C GLY C 1589 46.81 -53.84 26.99
N ALA C 1590 46.89 -53.41 25.74
CA ALA C 1590 48.18 -53.29 25.05
C ALA C 1590 49.06 -52.29 25.80
N TRP C 1591 48.54 -51.16 26.22
CA TRP C 1591 49.37 -50.16 26.95
C TRP C 1591 49.84 -50.76 28.28
N MET C 1592 48.94 -51.39 29.00
CA MET C 1592 49.21 -52.04 30.30
C MET C 1592 50.29 -53.10 30.12
N MET C 1593 50.31 -53.78 28.97
CA MET C 1593 51.24 -54.88 28.64
C MET C 1593 52.64 -54.28 28.39
N ASN C 1594 52.73 -53.35 27.46
CA ASN C 1594 53.95 -52.53 27.25
C ASN C 1594 54.48 -52.10 28.60
N GLY C 1595 53.67 -51.50 29.46
CA GLY C 1595 54.11 -51.04 30.78
C GLY C 1595 54.70 -52.17 31.60
N ALA C 1596 54.03 -53.31 31.59
CA ALA C 1596 54.39 -54.54 32.34
C ALA C 1596 55.75 -55.08 31.88
N LEU C 1597 56.05 -54.99 30.59
CA LEU C 1597 57.39 -55.38 30.06
C LEU C 1597 58.43 -54.35 30.47
N GLN C 1598 58.13 -53.07 30.40
CA GLN C 1598 59.01 -52.00 30.90
C GLN C 1598 59.27 -52.18 32.41
N ILE C 1599 58.25 -52.52 33.19
CA ILE C 1599 58.44 -52.79 34.65
C ILE C 1599 59.37 -53.99 34.79
N LEU C 1600 59.08 -55.10 34.09
CA LEU C 1600 59.86 -56.36 34.23
C LEU C 1600 61.34 -56.08 34.06
N ASN C 1601 61.70 -55.32 33.03
CA ASN C 1601 63.07 -55.26 32.52
C ASN C 1601 63.86 -54.22 33.32
N SER C 1602 63.21 -53.20 33.83
CA SER C 1602 63.81 -52.11 34.62
C SER C 1602 63.79 -52.43 36.12
N GLY C 1603 62.73 -53.08 36.57
CA GLY C 1603 62.50 -53.39 37.99
C GLY C 1603 62.02 -52.17 38.75
N ILE C 1604 61.59 -51.16 38.01
CA ILE C 1604 60.99 -49.91 38.54
C ILE C 1604 59.49 -50.10 38.48
N ILE C 1605 58.80 -49.92 39.57
CA ILE C 1605 57.31 -49.95 39.60
C ILE C 1605 56.85 -48.52 39.67
N PRO C 1606 56.19 -47.95 38.64
CA PRO C 1606 55.70 -46.58 38.71
C PRO C 1606 54.49 -46.39 39.62
N GLY C 1607 54.43 -45.27 40.32
CA GLY C 1607 53.34 -44.89 41.25
C GLY C 1607 52.22 -44.15 40.56
N ASN C 1608 50.98 -44.36 41.02
CA ASN C 1608 49.74 -43.63 40.65
C ASN C 1608 49.84 -42.26 41.30
N ARG C 1609 50.42 -41.29 40.60
CA ARG C 1609 50.66 -39.93 41.12
C ARG C 1609 49.34 -39.22 41.46
N ASN C 1610 48.21 -39.61 40.91
CA ASN C 1610 46.89 -39.04 41.25
C ASN C 1610 46.15 -39.86 42.30
N ALA C 1611 46.81 -40.73 43.05
CA ALA C 1611 46.16 -41.39 44.22
C ALA C 1611 46.37 -40.47 45.41
N ASP C 1612 45.53 -39.43 45.46
CA ASP C 1612 45.44 -38.45 46.57
C ASP C 1612 45.21 -39.31 47.82
N ASN C 1613 44.17 -40.15 47.76
CA ASN C 1613 43.57 -40.81 48.94
C ASN C 1613 42.95 -42.12 48.50
N VAL C 1614 43.46 -43.23 49.00
CA VAL C 1614 42.97 -44.57 48.58
C VAL C 1614 41.71 -44.86 49.37
N ASP C 1615 40.68 -45.32 48.68
CA ASP C 1615 39.32 -45.49 49.19
C ASP C 1615 39.39 -46.39 50.42
N LYS C 1616 38.62 -46.11 51.46
CA LYS C 1616 38.65 -46.86 52.75
C LYS C 1616 38.20 -48.30 52.48
N ILE C 1617 37.30 -48.47 51.53
CA ILE C 1617 36.69 -49.77 51.14
C ILE C 1617 37.78 -50.72 50.64
N LEU C 1618 38.91 -50.21 50.19
CA LEU C 1618 40.03 -51.02 49.67
C LEU C 1618 41.00 -51.49 50.76
N GLU C 1619 40.91 -51.06 52.01
CA GLU C 1619 41.75 -51.57 53.13
C GLU C 1619 41.37 -53.02 53.44
N GLN C 1620 40.15 -53.45 53.15
CA GLN C 1620 39.72 -54.84 53.44
C GLN C 1620 40.55 -55.83 52.57
N PHE C 1621 41.16 -55.38 51.50
CA PHE C 1621 41.98 -56.21 50.59
C PHE C 1621 43.46 -56.18 51.01
N GLU C 1622 43.77 -56.98 52.01
CA GLU C 1622 45.11 -57.23 52.61
C GLU C 1622 46.15 -57.51 51.52
N TYR C 1623 45.77 -58.20 50.43
CA TYR C 1623 46.74 -58.68 49.41
C TYR C 1623 46.97 -57.67 48.29
N VAL C 1624 46.47 -56.44 48.38
CA VAL C 1624 46.83 -55.38 47.39
C VAL C 1624 47.53 -54.25 48.11
N LEU C 1625 48.35 -53.50 47.39
CA LEU C 1625 49.13 -52.34 47.91
C LEU C 1625 49.09 -51.28 46.80
N TYR C 1626 48.65 -50.07 47.11
CA TYR C 1626 48.33 -49.01 46.13
C TYR C 1626 49.33 -47.86 46.24
N PRO C 1627 50.54 -47.96 45.67
CA PRO C 1627 51.55 -46.93 45.82
C PRO C 1627 51.24 -45.66 45.03
N SER C 1628 51.64 -44.50 45.57
CA SER C 1628 51.43 -43.16 44.97
C SER C 1628 52.74 -42.61 44.44
N LYS C 1629 53.89 -43.23 44.78
CA LYS C 1629 55.21 -42.82 44.26
C LYS C 1629 55.96 -44.02 43.69
N THR C 1630 56.84 -43.78 42.73
CA THR C 1630 57.68 -44.81 42.05
C THR C 1630 58.67 -45.47 43.02
N LEU C 1631 58.77 -46.80 42.89
CA LEU C 1631 59.58 -47.72 43.72
C LEU C 1631 60.62 -48.33 42.83
N LYS C 1632 61.91 -48.08 43.08
CA LYS C 1632 63.01 -48.73 42.33
C LYS C 1632 63.46 -49.95 43.12
N THR C 1633 62.94 -51.13 42.77
CA THR C 1633 63.14 -52.43 43.43
C THR C 1633 64.44 -53.06 42.92
N ASP C 1634 64.76 -54.24 43.46
CA ASP C 1634 65.91 -55.13 43.08
C ASP C 1634 65.50 -56.07 41.94
N GLY C 1635 64.21 -56.27 41.71
CA GLY C 1635 63.70 -56.92 40.49
C GLY C 1635 62.28 -57.42 40.64
N VAL C 1636 61.58 -57.53 39.51
CA VAL C 1636 60.19 -58.02 39.41
C VAL C 1636 60.25 -59.27 38.55
N ARG C 1637 59.81 -60.42 39.07
CA ARG C 1637 59.90 -61.71 38.39
C ARG C 1637 58.69 -61.94 37.48
N ALA C 1638 57.52 -61.42 37.83
CA ALA C 1638 56.29 -61.61 37.04
C ALA C 1638 55.28 -60.48 37.28
N VAL C 1639 54.39 -60.26 36.32
CA VAL C 1639 53.39 -59.16 36.34
C VAL C 1639 52.05 -59.72 35.89
N SER C 1640 50.98 -59.48 36.62
CA SER C 1640 49.60 -59.80 36.19
C SER C 1640 49.07 -58.59 35.43
N ILE C 1641 48.24 -58.81 34.43
CA ILE C 1641 47.54 -57.77 33.61
C ILE C 1641 46.08 -58.20 33.48
N THR C 1642 45.16 -57.45 34.07
CA THR C 1642 43.70 -57.76 34.12
C THR C 1642 42.97 -56.69 33.32
N SER C 1643 42.11 -57.08 32.38
CA SER C 1643 41.22 -56.15 31.66
C SER C 1643 39.78 -56.61 31.84
N PHE C 1644 38.84 -55.68 32.05
CA PHE C 1644 37.38 -55.88 32.24
C PHE C 1644 36.59 -55.05 31.24
N GLY C 1645 36.19 -55.68 30.14
CA GLY C 1645 35.36 -55.08 29.07
C GLY C 1645 33.88 -54.94 29.40
N PHE C 1646 33.21 -54.12 28.61
CA PHE C 1646 31.73 -54.06 28.46
C PHE C 1646 31.29 -55.36 27.77
N GLY C 1647 30.18 -55.89 28.22
CA GLY C 1647 29.60 -57.13 27.69
C GLY C 1647 30.36 -58.32 28.20
N GLN C 1648 30.73 -58.25 29.49
CA GLN C 1648 31.20 -59.39 30.31
C GLN C 1648 32.46 -59.99 29.68
N LYS C 1649 33.48 -59.19 29.39
CA LYS C 1649 34.80 -59.71 28.94
C LYS C 1649 35.82 -59.46 30.06
N GLY C 1650 36.20 -60.50 30.76
CA GLY C 1650 37.41 -60.47 31.59
C GLY C 1650 38.58 -61.09 30.83
N GLY C 1651 39.76 -60.69 31.24
CA GLY C 1651 41.05 -61.17 30.73
C GLY C 1651 42.06 -61.15 31.85
N GLN C 1652 42.94 -62.13 31.90
CA GLN C 1652 44.22 -62.01 32.66
C GLN C 1652 45.33 -62.46 31.72
N ALA C 1653 46.48 -61.82 31.79
CA ALA C 1653 47.77 -62.31 31.27
C ALA C 1653 48.81 -62.26 32.38
N ILE C 1654 49.72 -63.21 32.45
CA ILE C 1654 50.90 -63.18 33.34
C ILE C 1654 52.10 -63.12 32.43
N VAL C 1655 53.05 -62.29 32.76
CA VAL C 1655 54.30 -62.12 32.00
C VAL C 1655 55.44 -62.33 32.97
N VAL C 1656 56.34 -63.26 32.68
CA VAL C 1656 57.46 -63.68 33.54
C VAL C 1656 58.74 -63.05 33.04
N HIS C 1657 59.65 -62.67 33.93
CA HIS C 1657 60.93 -62.04 33.54
C HIS C 1657 61.55 -62.91 32.48
N PRO C 1658 62.10 -62.36 31.39
CA PRO C 1658 62.68 -63.19 30.34
C PRO C 1658 63.92 -64.03 30.71
N ASP C 1659 64.46 -63.88 31.91
CA ASP C 1659 65.71 -64.57 32.35
C ASP C 1659 65.40 -66.00 32.82
N TYR C 1660 64.14 -66.32 33.10
CA TYR C 1660 63.65 -67.68 33.43
C TYR C 1660 63.66 -68.59 32.20
N LEU C 1661 63.88 -68.05 31.01
CA LEU C 1661 63.89 -68.86 29.77
C LEU C 1661 65.28 -69.41 29.55
N TYR C 1662 66.31 -68.64 29.89
CA TYR C 1662 67.70 -68.96 29.57
C TYR C 1662 68.23 -70.07 30.49
N GLY C 1663 67.65 -70.24 31.68
CA GLY C 1663 67.80 -71.47 32.48
C GLY C 1663 67.56 -72.76 31.68
N ALA C 1664 66.64 -72.74 30.72
CA ALA C 1664 66.20 -73.91 29.92
C ALA C 1664 67.12 -74.16 28.72
N ILE C 1665 68.22 -73.45 28.57
CA ILE C 1665 69.11 -73.72 27.40
C ILE C 1665 70.55 -73.89 27.87
N THR C 1666 71.42 -74.32 26.96
CA THR C 1666 72.84 -74.66 27.21
C THR C 1666 73.68 -73.39 27.12
N GLU C 1667 74.77 -73.33 27.89
CA GLU C 1667 75.77 -72.23 27.81
C GLU C 1667 76.15 -71.92 26.35
N ASP C 1668 76.21 -72.90 25.46
CA ASP C 1668 76.57 -72.69 24.04
C ASP C 1668 75.46 -71.96 23.30
N ARG C 1669 74.24 -72.48 23.39
CA ARG C 1669 73.05 -71.92 22.69
C ARG C 1669 72.82 -70.47 23.13
N TYR C 1670 72.91 -70.22 24.42
CA TYR C 1670 72.84 -68.87 25.00
C TYR C 1670 73.89 -67.95 24.39
N ASN C 1671 75.17 -68.36 24.45
CA ASN C 1671 76.29 -67.51 23.97
C ASN C 1671 76.13 -67.24 22.47
N GLU C 1672 75.56 -68.17 21.72
CA GLU C 1672 75.29 -67.98 20.28
C GLU C 1672 74.22 -66.89 20.12
N TYR C 1673 73.12 -67.01 20.87
CA TYR C 1673 71.97 -66.06 20.95
C TYR C 1673 72.52 -64.69 21.30
N VAL C 1674 73.22 -64.57 22.43
CA VAL C 1674 73.72 -63.25 22.89
C VAL C 1674 74.44 -62.50 21.77
N ALA C 1675 75.20 -63.21 20.96
CA ALA C 1675 75.99 -62.60 19.89
C ALA C 1675 75.05 -62.16 18.78
N LYS C 1676 74.11 -63.01 18.37
CA LYS C 1676 73.13 -62.62 17.30
C LYS C 1676 72.38 -61.34 17.72
N VAL C 1677 71.94 -61.27 18.96
CA VAL C 1677 71.11 -60.16 19.47
C VAL C 1677 71.93 -58.90 19.39
N SER C 1678 73.10 -58.93 20.02
CA SER C 1678 74.09 -57.82 20.06
C SER C 1678 74.26 -57.23 18.66
N ALA C 1679 74.33 -58.07 17.62
CA ALA C 1679 74.46 -57.64 16.22
C ALA C 1679 73.22 -56.91 15.74
N ARG C 1680 72.05 -57.52 15.93
CA ARG C 1680 70.72 -56.98 15.60
C ARG C 1680 70.49 -55.62 16.26
N GLU C 1681 70.69 -55.55 17.57
CA GLU C 1681 70.52 -54.29 18.33
C GLU C 1681 71.29 -53.18 17.60
N LYS C 1682 72.54 -53.43 17.24
CA LYS C 1682 73.42 -52.44 16.58
C LYS C 1682 72.80 -52.01 15.25
N SER C 1683 72.38 -52.94 14.41
CA SER C 1683 71.69 -52.66 13.12
C SER C 1683 70.42 -51.86 13.35
N ALA C 1684 69.64 -52.23 14.36
CA ALA C 1684 68.34 -51.63 14.66
C ALA C 1684 68.56 -50.18 15.01
N TYR C 1685 69.58 -49.88 15.84
CA TYR C 1685 69.92 -48.50 16.23
C TYR C 1685 70.25 -47.72 14.96
N LYS C 1686 71.15 -48.23 14.14
CA LYS C 1686 71.45 -47.67 12.81
C LYS C 1686 70.15 -47.32 12.08
N PHE C 1687 69.24 -48.26 11.98
CA PHE C 1687 68.01 -48.13 11.17
C PHE C 1687 67.08 -47.05 11.75
N PHE C 1688 66.97 -47.06 13.07
CA PHE C 1688 66.05 -46.18 13.82
C PHE C 1688 66.48 -44.74 13.58
N HIS C 1689 67.73 -44.44 13.88
CA HIS C 1689 68.26 -43.06 13.86
C HIS C 1689 68.26 -42.53 12.44
N ASN C 1690 68.47 -43.41 11.48
CA ASN C 1690 68.38 -42.99 10.08
C ASN C 1690 66.92 -42.65 9.72
N GLY C 1691 65.96 -43.48 10.06
CA GLY C 1691 64.53 -43.28 9.70
C GLY C 1691 63.94 -42.11 10.44
N MET C 1692 64.28 -41.94 11.71
CA MET C 1692 63.90 -40.75 12.51
C MET C 1692 64.29 -39.47 11.77
N ILE C 1693 65.54 -39.29 11.38
CA ILE C 1693 65.96 -37.97 10.86
C ILE C 1693 65.52 -37.76 9.43
N TYR C 1694 65.31 -38.79 8.62
CA TYR C 1694 64.86 -38.65 7.20
C TYR C 1694 63.45 -39.18 6.98
N ASN C 1695 62.59 -39.08 7.97
CA ASN C 1695 61.14 -39.46 7.94
C ASN C 1695 60.86 -40.69 7.08
N LYS C 1696 61.44 -41.84 7.46
CA LYS C 1696 61.47 -43.13 6.74
C LYS C 1696 61.40 -44.34 7.69
N LEU C 1697 61.01 -44.23 8.96
CA LEU C 1697 60.87 -45.47 9.78
C LEU C 1697 59.91 -46.42 9.07
N PHE C 1698 58.84 -45.90 8.54
CA PHE C 1698 57.79 -46.67 7.83
C PHE C 1698 58.15 -46.70 6.38
N VAL C 1699 58.22 -47.89 5.79
CA VAL C 1699 58.47 -48.02 4.33
C VAL C 1699 57.48 -49.05 3.79
N SER C 1700 56.44 -48.59 3.12
CA SER C 1700 55.49 -49.48 2.42
C SER C 1700 56.29 -50.37 1.46
N LYS C 1701 55.98 -51.65 1.50
CA LYS C 1701 56.35 -52.62 0.48
C LYS C 1701 55.49 -52.31 -0.73
N GLU C 1702 56.09 -52.37 -1.94
CA GLU C 1702 55.36 -52.15 -3.22
C GLU C 1702 55.02 -53.50 -3.82
N HIS C 1703 55.91 -54.48 -3.67
CA HIS C 1703 55.79 -55.87 -4.19
C HIS C 1703 55.84 -56.83 -3.02
N ALA C 1704 55.15 -57.97 -3.15
CA ALA C 1704 55.28 -59.12 -2.24
C ALA C 1704 56.68 -59.72 -2.34
N PRO C 1705 57.08 -60.65 -1.45
CA PRO C 1705 58.35 -61.35 -1.62
C PRO C 1705 58.33 -62.37 -2.77
N TYR C 1706 57.16 -62.70 -3.29
CA TYR C 1706 57.01 -63.60 -4.48
C TYR C 1706 56.41 -62.79 -5.61
N THR C 1707 56.70 -63.19 -6.85
CA THR C 1707 56.02 -62.71 -8.08
C THR C 1707 54.65 -63.38 -8.16
N ASP C 1708 53.75 -62.88 -9.01
CA ASP C 1708 52.40 -63.47 -9.26
C ASP C 1708 52.54 -64.84 -9.96
N GLU C 1709 53.71 -65.17 -10.49
CA GLU C 1709 54.02 -66.48 -11.14
C GLU C 1709 54.34 -67.55 -10.08
N LEU C 1710 55.08 -67.17 -9.03
CA LEU C 1710 55.47 -68.07 -7.91
C LEU C 1710 54.44 -68.06 -6.77
N GLU C 1711 53.47 -67.14 -6.78
CA GLU C 1711 52.47 -66.96 -5.70
C GLU C 1711 51.94 -68.32 -5.21
N GLU C 1712 51.49 -69.20 -6.12
CA GLU C 1712 50.81 -70.49 -5.78
C GLU C 1712 51.83 -71.54 -5.36
N ASP C 1713 53.00 -71.57 -5.99
CA ASP C 1713 54.10 -72.55 -5.75
C ASP C 1713 54.69 -72.32 -4.37
N VAL C 1714 54.78 -71.06 -3.93
CA VAL C 1714 55.23 -70.69 -2.57
C VAL C 1714 54.16 -71.06 -1.54
N TYR C 1715 52.90 -70.72 -1.78
CA TYR C 1715 51.80 -71.06 -0.82
C TYR C 1715 51.77 -72.57 -0.54
N LEU C 1716 52.21 -73.38 -1.50
CA LEU C 1716 52.03 -74.85 -1.46
C LEU C 1716 53.27 -75.56 -0.90
N ASP C 1717 54.43 -74.89 -0.83
CA ASP C 1717 55.64 -75.48 -0.24
C ASP C 1717 55.80 -74.97 1.19
N PRO C 1718 55.61 -75.79 2.24
CA PRO C 1718 55.89 -75.38 3.61
C PRO C 1718 57.36 -75.06 3.95
N LEU C 1719 58.30 -75.40 3.06
CA LEU C 1719 59.74 -75.30 3.35
C LEU C 1719 60.38 -74.20 2.52
N ALA C 1720 59.61 -73.56 1.64
CA ALA C 1720 60.03 -72.42 0.80
C ALA C 1720 60.39 -71.28 1.72
N ARG C 1721 61.62 -70.80 1.65
CA ARG C 1721 62.12 -69.64 2.43
C ARG C 1721 62.62 -68.61 1.42
N VAL C 1722 63.10 -67.48 1.93
CA VAL C 1722 63.41 -66.26 1.14
C VAL C 1722 64.93 -66.06 1.28
N SER C 1723 65.54 -65.53 0.23
CA SER C 1723 67.01 -65.37 0.07
C SER C 1723 67.28 -63.95 -0.45
N LYS C 1724 68.41 -63.33 -0.09
CA LYS C 1724 68.84 -62.03 -0.67
C LYS C 1724 69.03 -62.22 -2.18
N ASP C 1725 68.36 -61.38 -2.98
CA ASP C 1725 68.46 -61.34 -4.47
C ASP C 1725 69.72 -60.54 -4.80
N LYS C 1726 70.71 -61.17 -5.45
CA LYS C 1726 72.04 -60.61 -5.78
C LYS C 1726 71.91 -59.18 -6.34
N LYS C 1727 71.01 -58.98 -7.33
CA LYS C 1727 70.83 -57.69 -8.08
C LYS C 1727 70.17 -56.64 -7.17
N SER C 1728 68.86 -56.78 -6.91
CA SER C 1728 68.00 -55.78 -6.21
C SER C 1728 68.45 -55.56 -4.75
N GLY C 1729 69.01 -56.59 -4.09
CA GLY C 1729 69.51 -56.55 -2.70
C GLY C 1729 68.42 -56.81 -1.66
N SER C 1730 67.25 -57.32 -2.09
CA SER C 1730 66.00 -57.45 -1.29
C SER C 1730 65.57 -58.93 -1.24
N LEU C 1731 65.01 -59.34 -0.10
CA LEU C 1731 64.60 -60.74 0.20
C LEU C 1731 63.40 -61.11 -0.68
N THR C 1732 63.58 -62.10 -1.56
CA THR C 1732 62.53 -62.65 -2.47
C THR C 1732 62.57 -64.18 -2.44
N PHE C 1733 61.49 -64.83 -2.89
CA PHE C 1733 61.42 -66.28 -3.18
C PHE C 1733 61.99 -66.48 -4.58
N ASN C 1734 63.06 -67.29 -4.66
CA ASN C 1734 63.71 -67.76 -5.91
C ASN C 1734 63.10 -69.12 -6.26
N SER C 1735 62.82 -69.42 -7.55
CA SER C 1735 62.17 -70.67 -8.02
C SER C 1735 63.03 -71.93 -7.74
N LYS C 1736 64.34 -71.79 -7.51
CA LYS C 1736 65.27 -72.89 -7.12
C LYS C 1736 64.98 -73.42 -5.71
N ASN C 1737 64.56 -72.54 -4.80
CA ASN C 1737 64.28 -72.86 -3.37
C ASN C 1737 62.83 -73.31 -3.16
N ILE C 1738 62.05 -73.51 -4.24
CA ILE C 1738 60.62 -73.93 -4.19
C ILE C 1738 60.51 -75.38 -4.71
N GLN C 1739 60.10 -76.29 -3.81
CA GLN C 1739 59.95 -77.76 -3.99
C GLN C 1739 61.36 -78.34 -4.24
N SER C 1740 62.30 -77.96 -3.36
CA SER C 1740 63.77 -78.15 -3.48
C SER C 1740 64.22 -79.29 -2.55
N LYS C 1741 64.98 -80.25 -3.09
CA LYS C 1741 65.50 -81.45 -2.37
C LYS C 1741 66.34 -81.01 -1.15
N ASP C 1742 67.08 -79.90 -1.22
CA ASP C 1742 68.05 -79.47 -0.17
C ASP C 1742 67.34 -78.99 1.12
N SER C 1743 66.18 -78.33 0.99
CA SER C 1743 65.27 -77.93 2.10
C SER C 1743 64.95 -79.13 2.97
N TYR C 1744 64.40 -80.20 2.37
CA TYR C 1744 63.84 -81.41 3.05
C TYR C 1744 64.98 -82.34 3.51
N ILE C 1745 65.90 -82.67 2.60
CA ILE C 1745 67.07 -83.57 2.81
C ILE C 1745 68.27 -82.70 3.25
N ASN C 1746 68.43 -82.52 4.56
CA ASN C 1746 69.49 -81.68 5.20
C ASN C 1746 70.78 -82.51 5.32
N ALA C 1747 71.87 -81.92 5.84
CA ALA C 1747 73.21 -82.55 5.99
C ALA C 1747 73.16 -83.81 6.85
N ASN C 1748 72.38 -83.80 7.95
CA ASN C 1748 72.28 -84.89 8.97
C ASN C 1748 71.64 -86.16 8.36
N THR C 1749 70.65 -86.00 7.47
CA THR C 1749 69.94 -87.11 6.76
C THR C 1749 70.87 -87.78 5.73
N ILE C 1750 71.88 -87.08 5.17
CA ILE C 1750 72.85 -87.66 4.18
C ILE C 1750 73.80 -88.63 4.92
N GLU C 1751 74.26 -88.23 6.12
CA GLU C 1751 75.25 -88.96 6.96
C GLU C 1751 74.60 -90.22 7.56
N THR C 1752 73.38 -90.08 8.11
CA THR C 1752 72.57 -91.18 8.72
C THR C 1752 72.14 -92.18 7.64
N ALA C 1753 71.75 -91.72 6.45
CA ALA C 1753 71.43 -92.57 5.27
C ALA C 1753 72.69 -93.30 4.78
N LYS C 1754 73.87 -92.67 4.87
CA LYS C 1754 75.17 -93.25 4.38
C LYS C 1754 75.75 -94.27 5.40
N MET C 1755 75.49 -94.08 6.70
CA MET C 1755 75.99 -94.95 7.80
C MET C 1755 75.18 -96.24 7.92
N ILE C 1756 73.90 -96.25 7.49
CA ILE C 1756 73.05 -97.48 7.44
C ILE C 1756 72.84 -97.89 5.96
N GLU C 1757 73.71 -97.40 5.06
CA GLU C 1757 74.00 -97.94 3.68
C GLU C 1757 75.40 -98.61 3.67
N ASN C 1758 76.16 -98.51 4.78
CA ASN C 1758 77.48 -99.17 5.00
C ASN C 1758 77.31 -100.35 5.99
N MET C 1759 76.06 -100.77 6.29
CA MET C 1759 75.74 -102.01 7.07
C MET C 1759 74.43 -102.63 6.58
N THR C 1760 74.21 -102.65 5.24
CA THR C 1760 73.00 -103.24 4.56
C THR C 1760 73.46 -104.48 3.77
N LYS C 1761 74.25 -105.37 4.41
CA LYS C 1761 74.82 -106.65 3.87
C LYS C 1761 75.79 -106.36 2.71
N GLU C 1762 76.90 -105.66 3.01
CA GLU C 1762 78.05 -105.41 2.09
C GLU C 1762 79.36 -105.38 2.92
N LYS C 1763 79.42 -104.53 3.96
CA LYS C 1763 80.57 -104.41 4.90
C LYS C 1763 80.44 -105.43 6.05
N VAL C 1764 79.23 -105.95 6.30
CA VAL C 1764 78.85 -106.77 7.50
C VAL C 1764 78.79 -108.28 7.13
N SER C 1765 79.79 -108.75 6.35
CA SER C 1765 79.93 -110.15 5.87
C SER C 1765 80.26 -111.08 7.05
N ASN C 1766 81.37 -110.81 7.77
CA ASN C 1766 81.89 -111.58 8.94
C ASN C 1766 82.39 -110.61 10.05
N GLY C 1767 81.45 -109.98 10.77
CA GLY C 1767 81.73 -108.95 11.78
C GLY C 1767 80.50 -108.55 12.59
N GLY C 1768 80.62 -108.56 13.93
CA GLY C 1768 79.60 -108.05 14.89
C GLY C 1768 79.43 -106.55 14.77
N VAL C 1769 78.18 -106.09 14.56
CA VAL C 1769 77.81 -104.65 14.31
C VAL C 1769 77.20 -104.06 15.59
N GLY C 1770 77.20 -102.72 15.70
CA GLY C 1770 76.76 -101.95 16.88
C GLY C 1770 76.20 -100.59 16.49
N VAL C 1771 74.86 -100.49 16.42
CA VAL C 1771 74.07 -99.21 16.28
C VAL C 1771 73.77 -98.70 17.70
N ASP C 1772 74.16 -97.45 17.99
CA ASP C 1772 73.69 -96.69 19.18
C ASP C 1772 73.37 -95.25 18.77
N VAL C 1773 72.17 -94.77 19.16
CA VAL C 1773 71.76 -93.34 19.17
C VAL C 1773 71.77 -92.87 20.63
N GLU C 1774 72.09 -91.59 20.86
CA GLU C 1774 71.93 -90.89 22.16
C GLU C 1774 71.37 -89.49 21.87
N LEU C 1775 70.24 -89.14 22.51
CA LEU C 1775 69.59 -87.81 22.37
C LEU C 1775 70.48 -86.77 23.05
N ILE C 1776 70.76 -85.65 22.36
CA ILE C 1776 71.65 -84.52 22.80
C ILE C 1776 71.31 -84.09 24.23
N THR C 1777 70.01 -83.93 24.54
CA THR C 1777 69.43 -83.37 25.80
C THR C 1777 69.93 -84.16 27.02
N SER C 1778 70.10 -85.49 26.90
CA SER C 1778 70.45 -86.42 28.01
C SER C 1778 71.93 -86.26 28.43
N ILE C 1779 72.76 -85.57 27.63
CA ILE C 1779 74.16 -85.17 27.99
C ILE C 1779 74.12 -83.88 28.84
N ASN C 1780 74.68 -83.94 30.05
CA ASN C 1780 74.81 -82.80 31.01
C ASN C 1780 76.32 -82.44 31.11
N VAL C 1781 76.72 -81.39 30.37
CA VAL C 1781 78.14 -80.93 30.18
C VAL C 1781 78.69 -80.37 31.50
N GLU C 1782 77.92 -79.50 32.19
CA GLU C 1782 78.28 -78.82 33.48
C GLU C 1782 78.62 -79.86 34.57
N ASN C 1783 77.89 -80.99 34.60
CA ASN C 1783 78.13 -82.18 35.48
C ASN C 1783 79.52 -82.78 35.14
N ASP C 1784 80.43 -82.80 36.12
CA ASP C 1784 81.88 -83.17 35.97
C ASP C 1784 82.16 -84.61 36.46
N THR C 1785 81.19 -85.29 37.11
CA THR C 1785 81.30 -86.73 37.52
C THR C 1785 81.18 -87.62 36.26
N PHE C 1786 80.17 -87.38 35.42
CA PHE C 1786 79.88 -88.15 34.18
C PHE C 1786 81.01 -87.95 33.15
N ILE C 1787 81.50 -86.70 32.99
CA ILE C 1787 82.44 -86.27 31.90
C ILE C 1787 83.88 -86.75 32.21
N GLU C 1788 84.32 -86.70 33.48
CA GLU C 1788 85.70 -87.13 33.91
C GLU C 1788 85.85 -88.66 33.82
N ARG C 1789 84.86 -89.42 34.32
CA ARG C 1789 84.91 -90.90 34.50
C ARG C 1789 84.64 -91.67 33.19
N ASN C 1790 83.91 -91.08 32.22
CA ASN C 1790 83.51 -91.72 30.92
C ASN C 1790 84.17 -91.03 29.71
N PHE C 1791 85.02 -90.00 29.89
CA PHE C 1791 85.82 -89.36 28.79
C PHE C 1791 87.28 -89.18 29.21
N THR C 1792 88.19 -89.32 28.24
CA THR C 1792 89.65 -89.08 28.34
C THR C 1792 89.92 -87.56 28.30
N PRO C 1793 91.12 -87.06 28.69
CA PRO C 1793 91.52 -85.66 28.43
C PRO C 1793 91.67 -85.23 26.95
N GLN C 1794 91.71 -86.16 26.00
CA GLN C 1794 91.81 -85.90 24.52
C GLN C 1794 90.43 -85.59 23.92
N GLU C 1795 89.34 -86.19 24.46
CA GLU C 1795 87.94 -86.05 23.98
C GLU C 1795 87.26 -84.83 24.62
N ILE C 1796 87.63 -84.47 25.87
CA ILE C 1796 87.15 -83.25 26.59
C ILE C 1796 87.79 -82.00 25.93
N GLU C 1797 89.08 -82.06 25.58
CA GLU C 1797 89.84 -80.99 24.87
C GLU C 1797 89.24 -80.74 23.48
N TYR C 1798 88.80 -81.80 22.77
CA TYR C 1798 88.23 -81.72 21.39
C TYR C 1798 86.78 -81.20 21.45
N CYS C 1799 85.89 -81.87 22.22
CA CYS C 1799 84.42 -81.61 22.28
C CYS C 1799 84.12 -80.19 22.83
N SER C 1800 84.84 -79.76 23.89
CA SER C 1800 84.73 -78.42 24.54
C SER C 1800 85.03 -77.27 23.55
N ALA C 1801 85.93 -77.50 22.58
CA ALA C 1801 86.43 -76.50 21.59
C ALA C 1801 85.52 -76.43 20.34
N GLN C 1802 84.55 -77.34 20.18
CA GLN C 1802 83.59 -77.37 19.02
C GLN C 1802 82.51 -76.30 19.18
N PRO C 1803 81.80 -75.92 18.09
CA PRO C 1803 80.66 -74.99 18.17
C PRO C 1803 79.53 -75.50 19.10
N SER C 1804 78.99 -76.70 18.82
CA SER C 1804 77.93 -77.40 19.61
C SER C 1804 78.59 -78.45 20.52
N VAL C 1805 78.94 -78.04 21.75
CA VAL C 1805 79.72 -78.82 22.76
C VAL C 1805 78.89 -80.04 23.21
N GLN C 1806 77.56 -79.87 23.32
CA GLN C 1806 76.61 -80.89 23.85
C GLN C 1806 76.29 -81.90 22.74
N SER C 1807 76.26 -81.46 21.48
CA SER C 1807 76.07 -82.33 20.28
C SER C 1807 77.34 -83.16 19.99
N SER C 1808 78.53 -82.64 20.30
CA SER C 1808 79.83 -83.31 20.07
C SER C 1808 80.11 -84.36 21.16
N PHE C 1809 79.78 -84.10 22.44
CA PHE C 1809 79.85 -85.10 23.55
C PHE C 1809 78.87 -86.26 23.30
N ALA C 1810 77.70 -85.99 22.71
CA ALA C 1810 76.63 -86.99 22.39
C ALA C 1810 77.01 -87.79 21.14
N GLY C 1811 77.80 -87.20 20.23
CA GLY C 1811 78.41 -87.89 19.07
C GLY C 1811 79.46 -88.91 19.49
N THR C 1812 80.36 -88.52 20.40
CA THR C 1812 81.45 -89.35 20.99
C THR C 1812 80.87 -90.46 21.89
N TRP C 1813 79.93 -90.11 22.79
CA TRP C 1813 79.25 -91.02 23.75
C TRP C 1813 78.50 -92.14 23.01
N SER C 1814 77.99 -91.85 21.81
CA SER C 1814 77.28 -92.81 20.92
C SER C 1814 78.27 -93.80 20.29
N ALA C 1815 79.47 -93.33 19.89
CA ALA C 1815 80.59 -94.14 19.34
C ALA C 1815 81.10 -95.17 20.38
N LYS C 1816 81.19 -94.78 21.66
CA LYS C 1816 81.63 -95.63 22.80
C LYS C 1816 80.60 -96.73 23.11
N GLU C 1817 79.31 -96.47 22.88
CA GLU C 1817 78.17 -97.43 23.06
C GLU C 1817 77.93 -98.22 21.75
N ALA C 1818 78.50 -97.79 20.62
CA ALA C 1818 78.47 -98.49 19.32
C ALA C 1818 79.61 -99.51 19.24
N VAL C 1819 80.82 -99.14 19.70
CA VAL C 1819 82.01 -100.04 19.85
C VAL C 1819 81.66 -101.15 20.87
N PHE C 1820 81.22 -100.78 22.08
CA PHE C 1820 80.92 -101.68 23.24
C PHE C 1820 79.93 -102.80 22.86
N LYS C 1821 79.00 -102.53 21.94
CA LYS C 1821 78.01 -103.52 21.39
C LYS C 1821 78.65 -104.32 20.25
N SER C 1822 79.46 -103.67 19.38
CA SER C 1822 80.07 -104.28 18.16
C SER C 1822 81.08 -105.41 18.53
N LEU C 1823 81.81 -105.28 19.66
CA LEU C 1823 82.72 -106.32 20.24
C LEU C 1823 81.96 -107.62 20.52
N GLY C 1824 80.69 -107.51 20.97
CA GLY C 1824 79.83 -108.63 21.42
C GLY C 1824 79.74 -108.73 22.93
N VAL C 1825 80.74 -108.20 23.67
CA VAL C 1825 80.94 -108.40 25.15
C VAL C 1825 79.80 -107.71 25.91
N LYS C 1826 79.33 -108.35 27.00
CA LYS C 1826 78.14 -107.95 27.82
C LYS C 1826 78.55 -106.90 28.87
N SER C 1827 79.66 -107.14 29.60
CA SER C 1827 80.16 -106.34 30.76
C SER C 1827 81.71 -106.32 30.79
N LEU C 1828 82.31 -105.21 31.26
CA LEU C 1828 83.78 -105.03 31.46
C LEU C 1828 84.14 -104.86 32.96
N GLY C 1829 83.42 -105.57 33.85
CA GLY C 1829 83.72 -105.70 35.30
C GLY C 1829 83.12 -104.58 36.14
N GLY C 1830 81.94 -104.83 36.75
CA GLY C 1830 81.21 -103.91 37.64
C GLY C 1830 80.28 -102.97 36.90
N GLY C 1831 80.61 -101.67 36.85
CA GLY C 1831 79.85 -100.61 36.14
C GLY C 1831 80.44 -100.32 34.75
N ALA C 1832 79.91 -99.27 34.09
CA ALA C 1832 80.28 -98.81 32.73
C ALA C 1832 81.25 -97.61 32.84
N ALA C 1833 82.58 -97.89 32.79
CA ALA C 1833 83.68 -96.90 32.63
C ALA C 1833 84.22 -97.00 31.20
N LEU C 1834 83.62 -96.24 30.27
CA LEU C 1834 83.89 -96.26 28.78
C LEU C 1834 84.95 -95.20 28.41
N LYS C 1835 85.67 -94.66 29.41
CA LYS C 1835 86.95 -93.89 29.24
C LYS C 1835 87.98 -94.74 28.45
N ASP C 1836 88.00 -96.06 28.73
CA ASP C 1836 88.95 -97.08 28.19
C ASP C 1836 88.85 -97.12 26.65
N ILE C 1837 87.62 -97.11 26.10
CA ILE C 1837 87.31 -97.02 24.64
C ILE C 1837 87.44 -95.55 24.23
N GLU C 1838 88.55 -95.16 23.59
CA GLU C 1838 88.86 -93.75 23.21
C GLU C 1838 88.56 -93.55 21.71
N ILE C 1839 87.84 -92.46 21.37
CA ILE C 1839 87.55 -91.97 19.99
C ILE C 1839 88.42 -90.71 19.72
N VAL C 1840 89.54 -90.88 19.00
CA VAL C 1840 90.46 -89.80 18.55
C VAL C 1840 89.87 -89.18 17.26
N ARG C 1841 89.07 -88.12 17.42
CA ARG C 1841 88.38 -87.38 16.32
C ARG C 1841 89.31 -86.27 15.82
N VAL C 1842 90.03 -86.52 14.72
CA VAL C 1842 90.86 -85.48 14.03
C VAL C 1842 89.88 -84.54 13.31
N ASN C 1843 90.09 -83.20 13.40
CA ASN C 1843 89.38 -82.15 12.62
C ASN C 1843 89.47 -82.48 11.12
N LYS C 1844 88.32 -82.52 10.40
CA LYS C 1844 88.20 -82.89 8.96
C LYS C 1844 89.01 -84.18 8.70
N ASN C 1845 88.56 -85.29 9.29
CA ASN C 1845 89.20 -86.64 9.19
C ASN C 1845 88.26 -87.68 9.84
N ALA C 1846 88.17 -88.87 9.21
CA ALA C 1846 87.41 -90.05 9.71
C ALA C 1846 87.86 -90.38 11.14
N PRO C 1847 86.91 -90.57 12.11
CA PRO C 1847 87.26 -90.84 13.51
C PRO C 1847 87.87 -92.23 13.75
N ALA C 1848 88.98 -92.29 14.51
CA ALA C 1848 89.74 -93.51 14.85
C ALA C 1848 89.31 -94.01 16.24
N VAL C 1849 89.32 -95.33 16.45
CA VAL C 1849 89.08 -96.03 17.76
C VAL C 1849 90.40 -96.70 18.19
N GLU C 1850 91.02 -96.20 19.28
CA GLU C 1850 92.19 -96.80 19.98
C GLU C 1850 91.76 -97.15 21.41
N LEU C 1851 91.78 -98.46 21.75
CA LEU C 1851 91.10 -99.02 22.95
C LEU C 1851 92.15 -99.63 23.91
N HIS C 1852 92.12 -99.19 25.18
CA HIS C 1852 93.12 -99.51 26.25
C HIS C 1852 92.43 -100.24 27.43
N GLY C 1853 93.21 -100.63 28.44
CA GLY C 1853 92.73 -101.22 29.71
C GLY C 1853 92.11 -102.61 29.49
N ASN C 1854 91.02 -102.91 30.22
CA ASN C 1854 90.32 -104.23 30.24
C ASN C 1854 89.43 -104.42 29.00
N ALA C 1855 89.12 -103.34 28.26
CA ALA C 1855 88.34 -103.36 26.99
C ALA C 1855 89.21 -103.87 25.82
N LYS C 1856 90.52 -103.59 25.87
CA LYS C 1856 91.55 -104.06 24.88
C LYS C 1856 91.72 -105.58 24.98
N LYS C 1857 91.73 -106.13 26.21
CA LYS C 1857 91.97 -107.57 26.53
C LYS C 1857 90.82 -108.45 25.97
N ALA C 1858 89.55 -108.12 26.29
CA ALA C 1858 88.32 -108.87 25.90
C ALA C 1858 88.03 -108.73 24.39
N ALA C 1859 88.67 -107.76 23.71
CA ALA C 1859 88.55 -107.51 22.24
C ALA C 1859 89.52 -108.43 21.48
N GLU C 1860 90.81 -108.46 21.88
CA GLU C 1860 91.90 -109.30 21.29
C GLU C 1860 91.67 -110.80 21.60
N GLU C 1861 91.00 -111.10 22.74
CA GLU C 1861 90.54 -112.45 23.20
C GLU C 1861 89.34 -112.93 22.34
N ALA C 1862 88.43 -112.03 21.94
CA ALA C 1862 87.23 -112.30 21.09
C ALA C 1862 87.62 -112.49 19.60
N GLY C 1863 88.81 -112.03 19.18
CA GLY C 1863 89.29 -112.07 17.78
C GLY C 1863 88.90 -110.78 17.03
N VAL C 1864 89.55 -109.66 17.38
CA VAL C 1864 89.24 -108.28 16.87
C VAL C 1864 90.56 -107.52 16.58
N THR C 1865 90.91 -107.37 15.30
CA THR C 1865 92.14 -106.70 14.79
C THR C 1865 91.91 -105.17 14.70
N ASP C 1866 90.90 -104.75 13.91
CA ASP C 1866 90.50 -103.34 13.66
C ASP C 1866 89.01 -103.12 14.03
N VAL C 1867 88.67 -101.91 14.51
CA VAL C 1867 87.29 -101.47 14.90
C VAL C 1867 87.02 -100.09 14.27
N LYS C 1868 86.28 -100.06 13.13
CA LYS C 1868 85.79 -98.82 12.46
C LYS C 1868 84.66 -98.20 13.31
N VAL C 1869 84.33 -96.93 13.07
CA VAL C 1869 83.12 -96.25 13.63
C VAL C 1869 82.77 -95.00 12.79
N SER C 1870 81.46 -94.73 12.60
CA SER C 1870 80.91 -93.51 11.94
C SER C 1870 80.00 -92.74 12.92
N ILE C 1871 80.06 -91.40 12.92
CA ILE C 1871 79.26 -90.51 13.81
C ILE C 1871 78.62 -89.37 12.97
N SER C 1872 77.29 -89.26 13.02
CA SER C 1872 76.49 -88.05 12.65
C SER C 1872 75.79 -87.53 13.91
N HIS C 1873 75.90 -86.22 14.15
CA HIS C 1873 75.31 -85.51 15.32
C HIS C 1873 74.73 -84.16 14.85
N ASP C 1874 73.63 -83.74 15.47
CA ASP C 1874 72.90 -82.47 15.18
C ASP C 1874 72.26 -81.97 16.48
N ASP C 1875 71.13 -81.26 16.41
CA ASP C 1875 70.46 -80.62 17.59
C ASP C 1875 69.65 -81.65 18.41
N LEU C 1876 69.27 -82.81 17.84
CA LEU C 1876 68.37 -83.82 18.48
C LEU C 1876 69.10 -85.16 18.74
N GLN C 1877 69.35 -85.96 17.69
CA GLN C 1877 69.88 -87.37 17.78
C GLN C 1877 71.39 -87.32 17.45
N ALA C 1878 72.15 -88.28 17.96
CA ALA C 1878 73.59 -88.51 17.68
C ALA C 1878 73.82 -90.01 17.42
N VAL C 1879 73.70 -90.45 16.16
CA VAL C 1879 73.76 -91.89 15.76
C VAL C 1879 75.23 -92.29 15.55
N ALA C 1880 75.58 -93.54 15.93
CA ALA C 1880 76.92 -94.14 15.84
C ALA C 1880 76.81 -95.61 15.39
N VAL C 1881 77.39 -95.94 14.22
CA VAL C 1881 77.54 -97.33 13.69
C VAL C 1881 79.01 -97.75 13.86
N ALA C 1882 79.27 -98.96 14.39
CA ALA C 1882 80.61 -99.58 14.54
C ALA C 1882 80.58 -101.02 13.97
N VAL C 1883 81.63 -101.40 13.23
CA VAL C 1883 81.91 -102.82 12.82
C VAL C 1883 83.25 -103.25 13.46
N SER C 1884 83.32 -104.50 13.94
CA SER C 1884 84.53 -105.15 14.51
C SER C 1884 84.81 -106.49 13.80
N THR C 1885 85.82 -106.50 12.90
CA THR C 1885 86.29 -107.69 12.12
C THR C 1885 87.55 -108.27 12.79
N LYS C 1886 87.93 -109.52 12.43
CA LYS C 1886 89.16 -110.23 12.88
C LYS C 1886 90.40 -109.52 12.31
N MET D 1 5.29 -41.83 121.16
CA MET D 1 6.54 -41.53 120.38
C MET D 1 6.48 -40.10 119.85
N LYS D 2 7.48 -39.27 120.21
CA LYS D 2 7.64 -37.87 119.72
C LYS D 2 7.73 -37.90 118.20
N PRO D 3 7.09 -36.96 117.45
CA PRO D 3 7.20 -36.93 115.99
C PRO D 3 8.65 -36.85 115.46
N GLU D 4 9.51 -36.01 116.07
CA GLU D 4 10.96 -35.84 115.72
C GLU D 4 11.66 -37.20 115.63
N VAL D 5 11.31 -38.12 116.53
CA VAL D 5 11.90 -39.49 116.64
C VAL D 5 11.24 -40.40 115.59
N GLU D 6 9.91 -40.51 115.62
CA GLU D 6 9.09 -41.27 114.62
C GLU D 6 9.64 -41.01 113.21
N GLN D 7 10.02 -39.75 112.94
CA GLN D 7 10.60 -39.30 111.64
C GLN D 7 12.01 -39.89 111.45
N GLU D 8 12.86 -39.79 112.48
CA GLU D 8 14.23 -40.38 112.50
C GLU D 8 14.15 -41.86 112.08
N LEU D 9 13.20 -42.60 112.64
CA LEU D 9 13.12 -44.07 112.51
C LEU D 9 12.55 -44.44 111.14
N ALA D 10 11.48 -43.77 110.73
CA ALA D 10 10.88 -43.90 109.39
C ALA D 10 11.97 -43.71 108.33
N HIS D 11 12.80 -42.67 108.49
CA HIS D 11 14.00 -42.38 107.65
C HIS D 11 14.92 -43.61 107.60
N ILE D 12 15.34 -44.14 108.76
CA ILE D 12 16.19 -45.36 108.85
C ILE D 12 15.50 -46.48 108.06
N LEU D 13 14.29 -46.87 108.46
CA LEU D 13 13.58 -48.03 107.87
C LEU D 13 13.46 -47.88 106.36
N LEU D 14 13.05 -46.70 105.90
CA LEU D 14 12.75 -46.39 104.46
C LEU D 14 14.04 -46.58 103.65
N THR D 15 15.16 -46.08 104.16
CA THR D 15 16.54 -46.23 103.61
C THR D 15 16.91 -47.72 103.50
N GLU D 16 16.65 -48.52 104.54
CA GLU D 16 17.00 -49.97 104.57
C GLU D 16 16.07 -50.79 103.67
N LEU D 17 14.78 -50.49 103.67
CA LEU D 17 13.81 -51.14 102.75
C LEU D 17 14.29 -51.02 101.30
N LEU D 18 14.77 -49.84 100.90
CA LEU D 18 15.17 -49.51 99.50
C LEU D 18 16.54 -50.16 99.20
N ALA D 19 17.51 -49.97 100.11
CA ALA D 19 18.88 -50.52 100.03
C ALA D 19 18.82 -52.00 99.62
N TYR D 20 18.16 -52.81 100.45
CA TYR D 20 18.12 -54.30 100.38
C TYR D 20 17.14 -54.76 99.31
N GLN D 21 16.21 -53.91 98.90
CA GLN D 21 15.12 -54.24 97.94
C GLN D 21 15.62 -55.09 96.75
N PHE D 22 16.83 -54.85 96.24
CA PHE D 22 17.34 -55.50 95.00
C PHE D 22 18.17 -56.75 95.35
N ALA D 23 18.29 -57.04 96.65
CA ALA D 23 19.06 -58.16 97.24
C ALA D 23 18.11 -59.10 97.97
N SER D 24 16.80 -58.98 97.71
CA SER D 24 15.73 -59.87 98.25
C SER D 24 14.69 -60.05 97.16
N PRO D 25 13.81 -61.05 97.25
CA PRO D 25 12.87 -61.29 96.17
C PRO D 25 11.69 -60.30 96.31
N VAL D 26 11.08 -59.96 95.19
CA VAL D 26 9.92 -59.04 95.07
C VAL D 26 8.66 -59.83 95.38
N ARG D 27 8.03 -59.54 96.52
CA ARG D 27 6.87 -60.31 97.04
C ARG D 27 5.56 -59.68 96.52
N TRP D 28 5.31 -59.80 95.22
CA TRP D 28 4.17 -59.15 94.53
C TRP D 28 2.88 -59.97 94.71
N ILE D 29 2.96 -61.28 94.96
CA ILE D 29 1.78 -62.11 95.36
C ILE D 29 1.22 -61.49 96.64
N GLU D 30 2.02 -61.44 97.71
CA GLU D 30 1.55 -60.99 99.04
C GLU D 30 1.10 -59.54 98.94
N THR D 31 1.76 -58.74 98.11
CA THR D 31 1.47 -57.29 97.91
C THR D 31 0.05 -57.17 97.35
N GLN D 32 -0.20 -57.74 96.18
CA GLN D 32 -1.56 -57.82 95.58
C GLN D 32 -2.57 -58.17 96.68
N ASP D 33 -2.30 -59.20 97.48
CA ASP D 33 -3.25 -59.73 98.49
C ASP D 33 -3.33 -58.80 99.71
N VAL D 34 -2.58 -57.70 99.74
CA VAL D 34 -2.69 -56.67 100.81
C VAL D 34 -3.63 -55.59 100.34
N PHE D 35 -3.50 -55.16 99.09
CA PHE D 35 -4.26 -54.03 98.54
C PHE D 35 -5.58 -54.52 97.94
N LEU D 36 -5.66 -55.76 97.45
CA LEU D 36 -6.93 -56.35 96.96
C LEU D 36 -7.82 -56.80 98.12
N LYS D 37 -7.26 -57.44 99.16
CA LYS D 37 -8.06 -57.95 100.30
C LYS D 37 -8.12 -56.92 101.44
N ASP D 38 -7.00 -56.63 102.09
CA ASP D 38 -6.95 -55.92 103.41
C ASP D 38 -7.26 -54.42 103.27
N PHE D 39 -7.39 -53.89 102.05
CA PHE D 39 -7.86 -52.49 101.78
C PHE D 39 -9.11 -52.47 100.90
N ASN D 40 -9.49 -53.59 100.27
CA ASN D 40 -10.69 -53.72 99.41
C ASN D 40 -10.66 -52.58 98.38
N THR D 41 -9.52 -52.45 97.72
CA THR D 41 -9.29 -51.48 96.64
C THR D 41 -10.32 -51.70 95.54
N GLU D 42 -11.10 -50.67 95.24
CA GLU D 42 -12.20 -50.71 94.23
C GLU D 42 -11.64 -50.28 92.87
N ARG D 43 -10.38 -49.85 92.81
CA ARG D 43 -9.76 -49.24 91.60
C ARG D 43 -8.23 -49.31 91.72
N VAL D 44 -7.57 -50.12 90.88
CA VAL D 44 -6.07 -50.11 90.81
C VAL D 44 -5.70 -49.34 89.54
N VAL D 45 -4.84 -48.35 89.70
CA VAL D 45 -4.31 -47.52 88.57
C VAL D 45 -2.87 -47.96 88.36
N GLU D 46 -2.56 -48.55 87.21
CA GLU D 46 -1.16 -48.91 86.88
C GLU D 46 -0.53 -47.72 86.18
N ILE D 47 0.39 -47.03 86.85
CA ILE D 47 1.22 -45.96 86.23
C ILE D 47 2.40 -46.68 85.58
N GLY D 48 2.56 -46.53 84.28
CA GLY D 48 3.62 -47.23 83.55
C GLY D 48 3.36 -47.23 82.06
N PRO D 49 4.41 -47.42 81.24
CA PRO D 49 4.30 -47.35 79.78
C PRO D 49 3.51 -48.48 79.12
N SER D 50 3.60 -49.71 79.64
CA SER D 50 2.79 -50.88 79.18
C SER D 50 1.90 -51.33 80.33
N PRO D 51 0.87 -52.18 80.07
CA PRO D 51 0.01 -52.70 81.15
C PRO D 51 0.40 -54.06 81.77
N THR D 52 1.57 -54.17 82.41
CA THR D 52 2.09 -55.47 82.94
C THR D 52 1.32 -55.83 84.22
N LEU D 53 1.31 -54.93 85.21
CA LEU D 53 0.74 -55.14 86.58
C LEU D 53 -0.79 -55.11 86.57
N ALA D 54 -1.40 -54.54 85.54
CA ALA D 54 -2.86 -54.54 85.29
C ALA D 54 -3.26 -55.93 84.76
N GLY D 55 -2.47 -56.50 83.85
CA GLY D 55 -2.58 -57.92 83.46
C GLY D 55 -2.50 -58.83 84.68
N MET D 56 -1.57 -58.58 85.60
CA MET D 56 -1.29 -59.44 86.77
C MET D 56 -2.43 -59.35 87.79
N ALA D 57 -3.00 -58.16 87.98
CA ALA D 57 -4.13 -57.92 88.92
C ALA D 57 -5.38 -58.58 88.36
N GLN D 58 -5.63 -58.45 87.05
CA GLN D 58 -6.77 -59.11 86.35
C GLN D 58 -6.71 -60.61 86.62
N ARG D 59 -5.56 -61.23 86.40
CA ARG D 59 -5.35 -62.70 86.57
C ARG D 59 -5.46 -63.07 88.05
N THR D 60 -4.89 -62.31 88.97
CA THR D 60 -4.97 -62.58 90.44
C THR D 60 -6.41 -62.46 90.92
N LEU D 61 -7.21 -61.54 90.37
CA LEU D 61 -8.60 -61.30 90.84
C LEU D 61 -9.47 -62.48 90.44
N LYS D 62 -9.29 -62.95 89.21
CA LYS D 62 -10.03 -64.09 88.62
C LYS D 62 -9.70 -65.41 89.35
N ASN D 63 -8.42 -65.60 89.71
CA ASN D 63 -7.89 -66.87 90.28
C ASN D 63 -8.39 -67.09 91.70
N LYS D 64 -8.47 -66.07 92.56
CA LYS D 64 -8.80 -66.33 93.99
C LYS D 64 -9.66 -65.24 94.65
N TYR D 65 -10.29 -64.35 93.88
CA TYR D 65 -11.11 -63.25 94.46
C TYR D 65 -12.52 -63.24 93.85
N GLU D 66 -12.90 -64.25 93.03
CA GLU D 66 -14.27 -64.37 92.45
C GLU D 66 -15.29 -64.47 93.58
N SER D 67 -15.09 -65.43 94.50
CA SER D 67 -16.03 -65.71 95.63
C SER D 67 -15.96 -64.63 96.71
N TYR D 68 -14.80 -63.98 96.90
CA TYR D 68 -14.61 -62.90 97.91
C TYR D 68 -15.32 -61.61 97.46
N ASP D 69 -15.19 -61.25 96.17
CA ASP D 69 -15.76 -60.00 95.58
C ASP D 69 -17.29 -60.09 95.60
N ALA D 70 -17.85 -61.17 95.04
CA ALA D 70 -19.31 -61.40 94.94
C ALA D 70 -19.96 -61.29 96.31
N ALA D 71 -19.30 -61.78 97.37
CA ALA D 71 -19.79 -61.82 98.77
C ALA D 71 -19.74 -60.45 99.46
N LEU D 72 -19.05 -59.45 98.88
CA LEU D 72 -19.04 -58.03 99.34
C LEU D 72 -19.80 -57.13 98.35
N SER D 73 -20.27 -57.68 97.22
CA SER D 73 -20.85 -56.95 96.06
C SER D 73 -19.89 -55.82 95.63
N LEU D 74 -18.61 -56.18 95.48
CA LEU D 74 -17.45 -55.25 95.31
C LEU D 74 -17.05 -55.28 93.84
N HIS D 75 -17.55 -54.33 93.05
CA HIS D 75 -17.14 -54.13 91.64
C HIS D 75 -15.76 -53.48 91.66
N ARG D 76 -14.81 -53.97 90.85
CA ARG D 76 -13.37 -53.59 90.87
C ARG D 76 -12.93 -53.15 89.48
N GLU D 77 -12.13 -52.09 89.42
CA GLU D 77 -11.69 -51.43 88.17
C GLU D 77 -10.15 -51.56 88.10
N ILE D 78 -9.62 -52.07 86.98
CA ILE D 78 -8.15 -52.23 86.76
C ILE D 78 -7.75 -51.37 85.56
N LEU D 79 -7.06 -50.28 85.80
CA LEU D 79 -6.82 -49.24 84.77
C LEU D 79 -5.32 -49.03 84.60
N CYS D 80 -4.82 -49.25 83.39
CA CYS D 80 -3.47 -48.81 82.96
C CYS D 80 -3.52 -47.33 82.55
N TYR D 81 -2.48 -46.56 82.89
CA TYR D 81 -2.31 -45.14 82.47
C TYR D 81 -2.20 -45.03 80.95
N SER D 82 -1.49 -45.96 80.33
CA SER D 82 -1.14 -45.92 78.89
C SER D 82 -2.38 -46.17 78.01
N LYS D 83 -3.26 -47.09 78.44
CA LYS D 83 -4.34 -47.70 77.63
C LYS D 83 -5.70 -47.07 77.98
N ASP D 84 -5.91 -46.65 79.24
CA ASP D 84 -7.22 -46.21 79.80
C ASP D 84 -7.13 -44.77 80.32
N ALA D 85 -6.45 -43.87 79.61
CA ALA D 85 -6.26 -42.45 80.00
C ALA D 85 -7.61 -41.76 80.18
N LYS D 86 -8.52 -41.97 79.21
CA LYS D 86 -9.88 -41.37 79.16
C LYS D 86 -10.69 -41.70 80.42
N GLU D 87 -10.59 -42.91 80.96
CA GLU D 87 -11.28 -43.28 82.24
C GLU D 87 -10.64 -42.54 83.43
N ILE D 88 -9.32 -42.33 83.41
CA ILE D 88 -8.52 -41.81 84.55
C ILE D 88 -8.65 -40.28 84.60
N TYR D 89 -8.56 -39.63 83.43
CA TYR D 89 -8.52 -38.16 83.28
C TYR D 89 -9.93 -37.58 83.26
N TYR D 90 -10.96 -38.42 83.15
CA TYR D 90 -12.37 -38.04 82.88
C TYR D 90 -12.41 -37.08 81.69
N THR D 91 -12.20 -37.62 80.48
CA THR D 91 -12.21 -36.87 79.18
C THR D 91 -12.72 -37.79 78.09
N PRO D 92 -14.02 -38.16 78.08
CA PRO D 92 -14.58 -38.94 76.98
C PRO D 92 -14.70 -38.10 75.71
N ASP D 93 -14.74 -38.78 74.56
CA ASP D 93 -15.15 -38.23 73.23
C ASP D 93 -16.68 -38.26 73.14
N PRO D 94 -17.33 -37.38 72.33
CA PRO D 94 -18.78 -37.45 72.11
C PRO D 94 -19.22 -38.64 71.23
N ILE D 140 -38.41 -36.47 36.91
CA ILE D 140 -37.54 -37.42 37.70
C ILE D 140 -38.15 -38.83 37.60
N ALA D 141 -37.27 -39.84 37.44
CA ALA D 141 -37.60 -41.26 37.10
C ALA D 141 -38.44 -41.91 38.22
N ASP D 142 -39.47 -42.69 37.84
CA ASP D 142 -40.41 -43.39 38.75
C ASP D 142 -39.79 -44.73 39.18
N GLU D 143 -39.87 -45.06 40.48
CA GLU D 143 -39.30 -46.30 41.09
C GLU D 143 -40.26 -46.80 42.18
N PRO D 144 -40.74 -48.07 42.12
CA PRO D 144 -41.55 -48.63 43.21
C PRO D 144 -40.76 -48.67 44.52
N VAL D 145 -41.43 -48.37 45.65
CA VAL D 145 -40.84 -48.34 47.02
C VAL D 145 -40.14 -49.67 47.31
N LYS D 146 -38.99 -49.59 48.00
CA LYS D 146 -38.27 -50.75 48.58
C LYS D 146 -39.02 -51.25 49.81
N ALA D 147 -38.90 -52.55 50.10
CA ALA D 147 -39.34 -53.18 51.37
C ALA D 147 -38.50 -52.65 52.53
N SER D 148 -37.21 -52.37 52.29
CA SER D 148 -36.20 -51.98 53.31
C SER D 148 -36.58 -50.63 53.94
N LEU D 149 -37.21 -49.72 53.16
CA LEU D 149 -37.75 -48.41 53.62
C LEU D 149 -39.06 -48.66 54.37
N LEU D 150 -40.03 -49.31 53.71
CA LEU D 150 -41.42 -49.56 54.19
C LEU D 150 -41.40 -50.26 55.56
N LEU D 151 -40.61 -51.33 55.68
CA LEU D 151 -40.39 -52.10 56.95
C LEU D 151 -39.88 -51.17 58.04
N HIS D 152 -38.86 -50.35 57.74
CA HIS D 152 -38.21 -49.38 58.66
C HIS D 152 -39.27 -48.43 59.24
N VAL D 153 -40.17 -47.94 58.38
CA VAL D 153 -41.24 -46.93 58.64
C VAL D 153 -42.34 -47.54 59.52
N LEU D 154 -42.86 -48.70 59.12
CA LEU D 154 -43.88 -49.50 59.86
C LEU D 154 -43.40 -49.76 61.30
N VAL D 155 -42.14 -50.18 61.48
CA VAL D 155 -41.52 -50.42 62.82
C VAL D 155 -41.37 -49.08 63.54
N ALA D 156 -40.75 -48.08 62.90
CA ALA D 156 -40.50 -46.72 63.44
C ALA D 156 -41.81 -46.13 63.99
N HIS D 157 -42.88 -46.23 63.22
CA HIS D 157 -44.22 -45.68 63.57
C HIS D 157 -44.77 -46.38 64.82
N LYS D 158 -44.63 -47.70 64.94
CA LYS D 158 -45.21 -48.48 66.07
C LYS D 158 -44.44 -48.25 67.38
N LEU D 159 -43.18 -47.82 67.31
CA LEU D 159 -42.30 -47.56 68.49
C LEU D 159 -42.33 -46.08 68.89
N LYS D 160 -43.09 -45.23 68.18
CA LYS D 160 -43.17 -43.76 68.43
C LYS D 160 -41.74 -43.20 68.44
N LYS D 161 -40.97 -43.49 67.38
CA LYS D 161 -39.50 -43.21 67.30
C LYS D 161 -39.12 -42.82 65.87
N SER D 162 -37.99 -42.10 65.76
CA SER D 162 -37.47 -41.47 64.53
C SER D 162 -36.79 -42.51 63.63
N LEU D 163 -36.89 -42.30 62.32
CA LEU D 163 -36.51 -43.22 61.21
C LEU D 163 -35.00 -43.53 61.22
N ASP D 164 -34.19 -42.87 62.08
CA ASP D 164 -32.72 -43.15 62.22
C ASP D 164 -32.38 -43.65 63.64
N SER D 165 -33.25 -43.43 64.65
CA SER D 165 -33.08 -43.98 66.03
C SER D 165 -33.25 -45.52 66.04
N ILE D 166 -33.90 -46.09 65.01
CA ILE D 166 -33.94 -47.55 64.73
C ILE D 166 -32.79 -47.89 63.77
N PRO D 167 -31.75 -48.63 64.22
CA PRO D 167 -30.77 -49.19 63.31
C PRO D 167 -31.31 -50.50 62.70
N MET D 168 -31.12 -50.70 61.38
CA MET D 168 -31.73 -51.82 60.62
C MET D 168 -31.05 -53.15 61.00
N SER D 169 -29.84 -53.12 61.57
CA SER D 169 -29.02 -54.32 61.85
C SER D 169 -29.35 -54.86 63.25
N LYS D 170 -30.63 -55.09 63.54
CA LYS D 170 -31.16 -55.33 64.91
C LYS D 170 -32.53 -56.01 64.85
N THR D 171 -32.75 -57.05 65.66
CA THR D 171 -33.96 -57.92 65.66
C THR D 171 -35.13 -57.14 66.27
N ILE D 172 -36.36 -57.52 65.92
CA ILE D 172 -37.59 -56.83 66.41
C ILE D 172 -37.74 -57.08 67.92
N LYS D 173 -37.39 -58.28 68.40
CA LYS D 173 -37.42 -58.67 69.84
C LYS D 173 -36.35 -57.92 70.63
N ASP D 174 -35.35 -57.35 69.96
CA ASP D 174 -34.30 -56.48 70.57
C ASP D 174 -34.90 -55.08 70.83
N LEU D 175 -35.57 -54.48 69.83
CA LEU D 175 -36.08 -53.08 69.88
C LEU D 175 -37.17 -52.91 70.94
N VAL D 176 -38.04 -53.91 71.13
CA VAL D 176 -39.19 -53.88 72.09
C VAL D 176 -39.02 -55.00 73.12
N GLY D 177 -37.76 -55.38 73.46
CA GLY D 177 -37.46 -56.55 74.30
C GLY D 177 -38.40 -56.66 75.48
N GLY D 178 -38.59 -55.53 76.19
CA GLY D 178 -39.50 -55.43 77.35
C GLY D 178 -40.89 -55.91 76.99
N LYS D 179 -41.74 -54.99 76.53
CA LYS D 179 -43.18 -55.24 76.24
C LYS D 179 -43.27 -56.25 75.08
N SER D 180 -43.90 -57.39 75.36
CA SER D 180 -44.12 -58.42 74.37
C SER D 180 -45.35 -58.16 73.50
N THR D 181 -46.27 -57.33 74.00
CA THR D 181 -47.47 -56.96 73.26
C THR D 181 -47.08 -56.26 71.95
N VAL D 182 -46.25 -55.22 72.05
CA VAL D 182 -45.83 -54.36 70.89
C VAL D 182 -45.14 -55.27 69.87
N GLN D 183 -44.25 -56.16 70.33
CA GLN D 183 -43.53 -57.16 69.47
C GLN D 183 -44.53 -57.86 68.56
N ASN D 184 -45.48 -58.60 69.12
CA ASN D 184 -46.49 -59.38 68.35
C ASN D 184 -47.27 -58.40 67.45
N GLU D 185 -47.59 -57.21 67.96
CA GLU D 185 -48.40 -56.16 67.26
C GLU D 185 -47.66 -55.67 66.01
N ILE D 186 -46.32 -55.60 66.07
CA ILE D 186 -45.43 -55.36 64.89
C ILE D 186 -45.54 -56.55 63.92
N LEU D 187 -45.46 -57.79 64.43
CA LEU D 187 -45.54 -59.05 63.62
C LEU D 187 -46.91 -59.15 62.94
N GLY D 188 -47.99 -58.79 63.65
CA GLY D 188 -49.36 -58.68 63.09
C GLY D 188 -49.43 -57.67 61.95
N ASP D 189 -48.69 -56.55 62.06
CA ASP D 189 -48.63 -55.46 61.05
C ASP D 189 -47.86 -55.91 59.80
N LEU D 190 -46.70 -56.56 59.97
CA LEU D 190 -45.90 -57.13 58.85
C LEU D 190 -46.68 -58.28 58.19
N GLY D 191 -47.47 -59.03 58.98
CA GLY D 191 -48.40 -60.06 58.47
C GLY D 191 -49.40 -59.50 57.46
N LYS D 192 -50.12 -58.44 57.82
CA LYS D 192 -51.10 -57.73 56.93
C LYS D 192 -50.37 -57.15 55.71
N GLU D 193 -49.21 -56.54 55.95
CA GLU D 193 -48.52 -55.62 55.01
C GLU D 193 -47.90 -56.41 53.85
N PHE D 194 -47.07 -57.42 54.15
CA PHE D 194 -46.28 -58.22 53.17
C PHE D 194 -46.84 -59.64 52.99
N GLY D 195 -47.93 -60.00 53.70
CA GLY D 195 -48.53 -61.34 53.65
C GLY D 195 -47.71 -62.38 54.40
N THR D 196 -47.00 -63.24 53.68
CA THR D 196 -46.25 -64.41 54.24
C THR D 196 -44.94 -63.94 54.88
N THR D 197 -44.68 -64.41 56.11
CA THR D 197 -43.45 -64.13 56.90
C THR D 197 -42.57 -65.38 56.93
N PRO D 198 -41.24 -65.24 57.17
CA PRO D 198 -40.41 -66.34 57.68
C PRO D 198 -40.93 -66.99 58.98
N GLU D 199 -40.12 -67.89 59.57
CA GLU D 199 -40.39 -68.53 60.88
C GLU D 199 -39.47 -67.94 61.94
N LYS D 200 -40.06 -67.44 63.02
CA LYS D 200 -39.42 -66.59 64.06
C LYS D 200 -38.84 -65.35 63.35
N PRO D 201 -39.68 -64.44 62.83
CA PRO D 201 -39.22 -63.20 62.21
C PRO D 201 -38.61 -62.21 63.22
N GLU D 202 -38.97 -62.32 64.50
CA GLU D 202 -38.48 -61.41 65.58
C GLU D 202 -37.13 -61.90 66.12
N GLU D 203 -36.46 -62.82 65.42
CA GLU D 203 -35.10 -63.33 65.76
C GLU D 203 -34.09 -62.99 64.63
N THR D 204 -34.55 -62.49 63.49
CA THR D 204 -33.70 -62.12 62.31
C THR D 204 -33.68 -60.60 62.17
N PRO D 205 -32.49 -59.94 62.08
CA PRO D 205 -32.41 -58.48 61.93
C PRO D 205 -33.18 -57.88 60.74
N LEU D 206 -33.82 -56.71 60.95
CA LEU D 206 -34.69 -56.01 59.96
C LEU D 206 -33.99 -55.93 58.59
N GLU D 207 -32.71 -55.53 58.61
CA GLU D 207 -31.77 -55.53 57.45
C GLU D 207 -31.93 -56.85 56.68
N GLU D 208 -31.76 -57.98 57.39
CA GLU D 208 -31.75 -59.38 56.86
C GLU D 208 -33.16 -59.78 56.39
N LEU D 209 -34.18 -59.39 57.17
CA LEU D 209 -35.62 -59.73 56.99
C LEU D 209 -36.23 -58.90 55.85
N ALA D 210 -35.73 -57.68 55.61
CA ALA D 210 -36.16 -56.75 54.53
C ALA D 210 -35.99 -57.43 53.17
N GLU D 211 -34.87 -58.14 52.97
CA GLU D 211 -34.53 -58.90 51.73
C GLU D 211 -35.60 -59.97 51.48
N THR D 212 -35.84 -60.83 52.47
CA THR D 212 -36.82 -61.96 52.41
C THR D 212 -38.18 -61.48 51.89
N PHE D 213 -38.57 -60.24 52.22
CA PHE D 213 -39.80 -59.57 51.72
C PHE D 213 -39.58 -59.03 50.30
N GLN D 214 -38.44 -58.34 50.06
CA GLN D 214 -38.11 -57.62 48.80
C GLN D 214 -38.38 -58.50 47.57
N ASP D 215 -38.10 -59.80 47.69
CA ASP D 215 -38.36 -60.83 46.64
C ASP D 215 -39.85 -60.79 46.24
N THR D 216 -40.75 -61.33 47.08
CA THR D 216 -42.17 -61.65 46.73
C THR D 216 -43.10 -60.42 46.81
N PHE D 217 -42.57 -59.22 47.10
CA PHE D 217 -43.35 -57.95 47.17
C PHE D 217 -42.87 -57.03 46.04
N SER D 218 -43.79 -56.21 45.53
CA SER D 218 -43.58 -55.30 44.36
C SER D 218 -44.20 -53.91 44.65
N GLY D 219 -43.41 -53.02 45.28
CA GLY D 219 -43.74 -51.61 45.61
C GLY D 219 -45.24 -51.38 45.83
N ALA D 220 -45.89 -52.25 46.61
CA ALA D 220 -47.33 -52.25 46.96
C ALA D 220 -47.50 -51.78 48.40
N LEU D 221 -48.25 -50.69 48.63
CA LEU D 221 -48.49 -50.14 50.00
C LEU D 221 -49.39 -51.11 50.80
N GLY D 222 -50.39 -51.74 50.14
CA GLY D 222 -51.24 -52.77 50.77
C GLY D 222 -52.06 -52.24 51.95
N LYS D 223 -52.63 -53.16 52.72
CA LYS D 223 -53.66 -52.92 53.77
C LYS D 223 -53.15 -51.89 54.80
N GLN D 224 -52.14 -52.26 55.60
CA GLN D 224 -51.79 -51.59 56.87
C GLN D 224 -51.26 -50.17 56.63
N SER D 225 -50.28 -50.02 55.71
CA SER D 225 -49.58 -48.73 55.41
C SER D 225 -50.57 -47.70 54.85
N SER D 226 -51.45 -48.11 53.93
CA SER D 226 -52.54 -47.29 53.33
C SER D 226 -53.42 -46.68 54.43
N SER D 227 -53.88 -47.53 55.36
CA SER D 227 -54.70 -47.19 56.55
C SER D 227 -53.95 -46.25 57.52
N LEU D 228 -52.62 -46.31 57.60
CA LEU D 228 -51.80 -45.42 58.48
C LEU D 228 -51.68 -44.04 57.85
N LEU D 229 -51.58 -43.96 56.52
CA LEU D 229 -51.54 -42.68 55.75
C LEU D 229 -52.91 -42.01 55.78
N SER D 230 -53.98 -42.78 55.52
CA SER D 230 -55.39 -42.31 55.62
C SER D 230 -55.61 -41.61 56.97
N ARG D 231 -55.08 -42.15 58.07
CA ARG D 231 -55.11 -41.49 59.41
C ARG D 231 -54.19 -40.27 59.39
N LEU D 232 -52.94 -40.41 58.96
CA LEU D 232 -51.91 -39.34 59.05
C LEU D 232 -52.48 -38.03 58.51
N ILE D 233 -53.03 -38.07 57.29
CA ILE D 233 -53.59 -36.90 56.56
C ILE D 233 -54.82 -36.40 57.32
N SER D 234 -55.92 -37.15 57.32
CA SER D 234 -57.22 -36.74 57.93
C SER D 234 -57.03 -36.30 59.39
N SER D 235 -56.30 -37.06 60.21
CA SER D 235 -56.16 -36.83 61.68
C SER D 235 -55.25 -35.62 61.94
N LYS D 236 -54.15 -35.49 61.17
CA LYS D 236 -53.37 -34.23 61.10
C LYS D 236 -54.15 -33.24 60.20
N MET D 237 -53.64 -32.02 60.01
CA MET D 237 -54.41 -30.82 59.61
C MET D 237 -53.91 -30.28 58.25
N PRO D 238 -53.63 -31.15 57.24
CA PRO D 238 -54.00 -30.82 55.85
C PRO D 238 -55.49 -30.40 55.79
N GLY D 239 -55.83 -29.28 56.45
CA GLY D 239 -57.18 -28.94 56.95
C GLY D 239 -58.29 -29.28 55.95
N GLY D 240 -58.06 -28.98 54.67
CA GLY D 240 -58.99 -29.25 53.55
C GLY D 240 -58.41 -30.20 52.51
N PHE D 241 -57.09 -30.15 52.25
CA PHE D 241 -56.43 -30.93 51.16
C PHE D 241 -56.16 -32.37 51.62
N THR D 242 -56.88 -33.30 50.99
CA THR D 242 -56.83 -34.77 51.19
C THR D 242 -55.70 -35.35 50.30
N ILE D 243 -55.62 -36.69 50.21
CA ILE D 243 -54.51 -37.48 49.56
C ILE D 243 -54.27 -36.97 48.13
N THR D 244 -55.29 -37.04 47.26
CA THR D 244 -55.24 -36.66 45.81
C THR D 244 -54.65 -35.24 45.65
N VAL D 245 -55.07 -34.30 46.50
CA VAL D 245 -54.63 -32.87 46.47
C VAL D 245 -53.17 -32.76 47.00
N ALA D 246 -52.78 -33.63 47.95
CA ALA D 246 -51.43 -33.70 48.55
C ALA D 246 -50.45 -34.38 47.57
N ARG D 247 -50.87 -35.45 46.90
CA ARG D 247 -50.07 -36.21 45.89
C ARG D 247 -49.70 -35.27 44.73
N LYS D 248 -50.72 -34.67 44.08
CA LYS D 248 -50.59 -33.73 42.92
C LYS D 248 -49.56 -32.64 43.23
N TYR D 249 -49.54 -32.09 44.46
CA TYR D 249 -48.57 -31.05 44.88
C TYR D 249 -47.12 -31.54 44.67
N LEU D 250 -46.78 -32.75 45.14
CA LEU D 250 -45.44 -33.40 44.96
C LEU D 250 -45.14 -33.46 43.46
N GLN D 251 -46.03 -34.14 42.72
CA GLN D 251 -45.95 -34.47 41.26
C GLN D 251 -45.76 -33.21 40.40
N THR D 252 -46.38 -32.10 40.82
CA THR D 252 -46.33 -30.76 40.13
C THR D 252 -45.04 -30.02 40.54
N ARG D 253 -44.80 -29.86 41.86
CA ARG D 253 -43.76 -28.94 42.41
C ARG D 253 -42.35 -29.58 42.31
N TRP D 254 -42.22 -30.86 42.70
CA TRP D 254 -40.94 -31.61 42.81
C TRP D 254 -40.72 -32.57 41.63
N GLY D 255 -41.81 -33.05 40.99
CA GLY D 255 -41.77 -33.90 39.78
C GLY D 255 -41.69 -35.40 40.09
N LEU D 256 -42.43 -35.87 41.11
CA LEU D 256 -42.35 -37.24 41.69
C LEU D 256 -43.63 -38.03 41.39
N PRO D 257 -43.61 -39.00 40.43
CA PRO D 257 -44.77 -39.86 40.16
C PRO D 257 -45.07 -40.92 41.25
N SER D 258 -46.14 -41.72 41.06
CA SER D 258 -46.75 -42.69 42.04
C SER D 258 -45.72 -43.33 42.99
N GLY D 259 -44.80 -44.16 42.45
CA GLY D 259 -43.79 -44.91 43.21
C GLY D 259 -43.02 -44.03 44.20
N ARG D 260 -42.35 -42.98 43.70
CA ARG D 260 -41.54 -42.00 44.49
C ARG D 260 -42.46 -41.22 45.46
N GLN D 261 -43.71 -40.96 45.05
CA GLN D 261 -44.76 -40.21 45.81
C GLN D 261 -45.00 -40.91 47.16
N ASP D 262 -45.35 -42.21 47.10
CA ASP D 262 -45.56 -43.11 48.27
C ASP D 262 -44.37 -43.02 49.23
N GLY D 263 -43.15 -43.15 48.69
CA GLY D 263 -41.86 -43.07 49.41
C GLY D 263 -41.77 -41.83 50.30
N VAL D 264 -42.29 -40.68 49.87
CA VAL D 264 -42.22 -39.39 50.62
C VAL D 264 -43.27 -39.40 51.74
N LEU D 265 -44.48 -39.87 51.42
CA LEU D 265 -45.61 -40.00 52.39
C LEU D 265 -45.17 -40.90 53.55
N LEU D 266 -44.49 -42.02 53.27
CA LEU D 266 -44.02 -43.00 54.29
C LEU D 266 -43.01 -42.32 55.24
N VAL D 267 -42.14 -41.46 54.73
CA VAL D 267 -41.15 -40.71 55.58
C VAL D 267 -41.91 -39.67 56.42
N ALA D 268 -43.02 -39.11 55.90
CA ALA D 268 -43.91 -38.18 56.64
C ALA D 268 -44.54 -38.89 57.85
N LEU D 269 -44.95 -40.16 57.67
CA LEU D 269 -45.56 -41.02 58.72
C LEU D 269 -44.56 -41.23 59.88
N SER D 270 -43.27 -41.38 59.57
CA SER D 270 -42.18 -41.60 60.56
C SER D 270 -41.74 -40.28 61.22
N ASN D 271 -41.99 -39.14 60.55
CA ASN D 271 -41.76 -37.75 61.09
C ASN D 271 -43.13 -37.08 61.25
N GLU D 272 -44.03 -37.72 62.00
CA GLU D 272 -45.41 -37.23 62.34
C GLU D 272 -45.32 -35.86 63.06
N PRO D 273 -46.00 -34.79 62.56
CA PRO D 273 -45.90 -33.45 63.17
C PRO D 273 -46.48 -33.37 64.61
N ALA D 274 -47.54 -34.15 64.87
CA ALA D 274 -48.21 -34.35 66.19
C ALA D 274 -48.96 -33.08 66.59
N ALA D 275 -48.21 -32.01 66.89
CA ALA D 275 -48.70 -30.63 67.10
C ALA D 275 -49.69 -30.26 65.98
N ARG D 276 -50.74 -29.52 66.34
CA ARG D 276 -51.64 -28.81 65.37
C ARG D 276 -50.78 -27.84 64.53
N LEU D 277 -51.01 -27.82 63.21
CA LEU D 277 -50.39 -26.89 62.23
C LEU D 277 -51.51 -26.08 61.55
N GLY D 278 -51.32 -24.76 61.40
CA GLY D 278 -52.35 -23.79 60.99
C GLY D 278 -52.99 -24.15 59.65
N SER D 279 -52.23 -24.01 58.56
CA SER D 279 -52.77 -23.92 57.18
C SER D 279 -51.94 -24.76 56.19
N GLU D 280 -52.30 -24.67 54.91
CA GLU D 280 -51.63 -25.35 53.76
C GLU D 280 -50.20 -24.82 53.59
N ALA D 281 -50.00 -23.48 53.67
CA ALA D 281 -48.68 -22.80 53.63
C ALA D 281 -47.65 -23.56 54.48
N ASP D 282 -48.04 -23.99 55.70
CA ASP D 282 -47.19 -24.77 56.64
C ASP D 282 -47.13 -26.25 56.22
N ALA D 283 -48.27 -26.85 55.86
CA ALA D 283 -48.39 -28.27 55.41
C ALA D 283 -47.71 -28.50 54.04
N LYS D 284 -47.46 -27.44 53.24
CA LYS D 284 -46.58 -27.46 52.04
C LYS D 284 -45.11 -27.51 52.49
N ALA D 285 -44.73 -26.72 53.52
CA ALA D 285 -43.35 -26.64 54.10
C ALA D 285 -42.97 -27.95 54.80
N PHE D 286 -43.96 -28.70 55.28
CA PHE D 286 -43.85 -30.09 55.81
C PHE D 286 -43.39 -31.03 54.67
N LEU D 287 -44.23 -31.21 53.64
CA LEU D 287 -44.00 -32.12 52.48
C LEU D 287 -42.68 -31.78 51.75
N ASP D 288 -42.23 -30.52 51.81
CA ASP D 288 -40.93 -30.08 51.22
C ASP D 288 -39.77 -30.73 52.01
N SER D 289 -39.76 -30.61 53.35
CA SER D 289 -38.70 -31.17 54.25
C SER D 289 -38.66 -32.71 54.17
N MET D 290 -39.82 -33.37 54.05
CA MET D 290 -40.00 -34.86 53.93
C MET D 290 -39.42 -35.36 52.60
N ALA D 291 -39.65 -34.65 51.49
CA ALA D 291 -39.10 -34.96 50.14
C ALA D 291 -37.59 -34.64 50.07
N GLN D 292 -37.02 -33.98 51.09
CA GLN D 292 -35.56 -33.75 51.25
C GLN D 292 -34.93 -34.81 52.18
N LYS D 293 -35.72 -35.39 53.10
CA LYS D 293 -35.35 -36.63 53.87
C LYS D 293 -35.41 -37.84 52.92
N TYR D 294 -36.49 -37.95 52.13
CA TYR D 294 -36.70 -39.04 51.14
C TYR D 294 -35.49 -39.13 50.20
N ALA D 295 -35.20 -38.01 49.50
CA ALA D 295 -34.08 -37.82 48.54
C ALA D 295 -32.75 -38.23 49.18
N SER D 296 -32.54 -37.89 50.46
CA SER D 296 -31.26 -38.15 51.20
C SER D 296 -31.10 -39.65 51.48
N ILE D 297 -32.21 -40.39 51.67
CA ILE D 297 -32.22 -41.87 51.94
C ILE D 297 -32.04 -42.63 50.61
N VAL D 298 -32.94 -42.42 49.64
CA VAL D 298 -32.97 -43.17 48.34
C VAL D 298 -31.78 -42.73 47.46
N GLY D 299 -31.32 -41.48 47.57
CA GLY D 299 -30.21 -40.92 46.78
C GLY D 299 -30.67 -40.33 45.45
N VAL D 300 -31.80 -39.60 45.46
CA VAL D 300 -32.28 -38.74 44.33
C VAL D 300 -31.81 -37.29 44.62
N ASP D 301 -31.83 -36.42 43.61
CA ASP D 301 -31.47 -34.97 43.69
C ASP D 301 -32.65 -34.09 43.20
N LEU D 302 -32.80 -32.89 43.80
CA LEU D 302 -33.90 -31.91 43.52
C LEU D 302 -33.32 -30.48 43.54
N LEU D 328 -16.70 -14.21 13.84
CA LEU D 328 -17.05 -12.98 14.59
C LEU D 328 -15.87 -11.98 14.55
N GLU D 329 -14.70 -12.39 15.08
CA GLU D 329 -13.44 -11.58 15.20
C GLU D 329 -12.25 -12.33 14.57
N GLU D 330 -12.54 -13.13 13.54
CA GLU D 330 -11.54 -13.85 12.70
C GLU D 330 -11.46 -13.14 11.33
N ILE D 331 -12.02 -11.93 11.26
CA ILE D 331 -11.92 -11.02 10.07
C ILE D 331 -11.04 -9.81 10.45
N THR D 332 -11.33 -9.14 11.58
CA THR D 332 -10.47 -8.09 12.19
C THR D 332 -9.05 -8.62 12.32
N LYS D 333 -8.87 -9.89 12.72
CA LYS D 333 -7.57 -10.59 12.79
C LYS D 333 -6.89 -10.61 11.41
N ASP D 334 -7.56 -11.19 10.42
CA ASP D 334 -7.01 -11.51 9.08
C ASP D 334 -6.56 -10.24 8.35
N HIS D 335 -7.25 -9.13 8.61
CA HIS D 335 -6.86 -7.76 8.16
C HIS D 335 -5.54 -7.36 8.85
N LYS D 336 -5.51 -7.38 10.19
CA LYS D 336 -4.33 -6.98 11.00
C LYS D 336 -3.11 -7.84 10.65
N VAL D 337 -3.34 -9.07 10.19
CA VAL D 337 -2.25 -9.95 9.68
C VAL D 337 -1.70 -9.36 8.40
N LEU D 338 -2.57 -8.87 7.53
CA LEU D 338 -2.16 -8.25 6.25
C LEU D 338 -1.34 -6.99 6.54
N ALA D 339 -1.87 -6.13 7.41
CA ALA D 339 -1.23 -4.85 7.76
C ALA D 339 0.16 -5.14 8.31
N ARG D 340 0.25 -6.10 9.23
CA ARG D 340 1.53 -6.53 9.87
C ARG D 340 2.52 -6.95 8.78
N GLN D 341 2.09 -7.74 7.81
CA GLN D 341 2.97 -8.24 6.71
C GLN D 341 3.44 -7.10 5.83
N GLN D 342 2.55 -6.14 5.54
CA GLN D 342 2.86 -4.95 4.71
C GLN D 342 3.89 -4.09 5.42
N LEU D 343 3.69 -3.84 6.73
CA LEU D 343 4.63 -3.11 7.62
C LEU D 343 6.01 -3.76 7.52
N GLN D 344 6.07 -5.09 7.71
CA GLN D 344 7.32 -5.90 7.65
C GLN D 344 8.08 -5.65 6.34
N VAL D 345 7.41 -5.63 5.17
CA VAL D 345 8.12 -5.39 3.88
C VAL D 345 8.59 -3.92 3.78
N LEU D 346 7.82 -2.97 4.29
CA LEU D 346 8.29 -1.55 4.31
C LEU D 346 9.50 -1.39 5.21
N ALA D 347 9.53 -2.08 6.36
CA ALA D 347 10.65 -2.09 7.33
C ALA D 347 11.88 -2.66 6.67
N ARG D 348 11.72 -3.76 5.96
CA ARG D 348 12.83 -4.43 5.26
C ARG D 348 13.41 -3.46 4.22
N TYR D 349 12.55 -2.73 3.52
CA TYR D 349 12.93 -1.86 2.39
C TYR D 349 13.77 -0.69 2.92
N LEU D 350 13.37 -0.18 4.09
CA LEU D 350 14.01 0.99 4.76
C LEU D 350 15.23 0.59 5.58
N LYS D 351 15.52 -0.71 5.70
CA LYS D 351 16.75 -1.25 6.33
C LYS D 351 16.71 -0.85 7.80
N MET D 352 15.61 -1.27 8.44
CA MET D 352 15.09 -0.69 9.69
C MET D 352 14.74 -1.84 10.62
N ASP D 353 15.63 -2.16 11.56
CA ASP D 353 15.41 -3.26 12.53
C ASP D 353 14.44 -2.76 13.60
N LEU D 354 13.28 -3.41 13.71
CA LEU D 354 12.23 -3.06 14.68
C LEU D 354 12.53 -3.61 16.08
N ASP D 355 13.45 -4.58 16.20
CA ASP D 355 13.80 -5.23 17.50
C ASP D 355 15.07 -4.60 18.07
N ASN D 356 15.93 -3.97 17.25
CA ASN D 356 17.16 -3.28 17.71
C ASN D 356 16.96 -2.63 19.09
N GLY D 357 15.82 -2.00 19.33
CA GLY D 357 15.45 -1.41 20.62
C GLY D 357 15.42 -2.44 21.72
N GLU D 358 14.57 -3.46 21.61
CA GLU D 358 14.44 -4.51 22.66
C GLU D 358 15.74 -5.31 22.81
N ARG D 359 16.55 -5.47 21.77
CA ARG D 359 17.87 -6.12 21.91
C ARG D 359 18.73 -5.30 22.89
N LYS D 360 19.20 -4.14 22.47
CA LYS D 360 19.94 -3.16 23.30
C LYS D 360 19.44 -3.17 24.76
N PHE D 361 18.14 -3.20 24.97
CA PHE D 361 17.52 -3.22 26.33
C PHE D 361 17.83 -4.52 27.07
N LEU D 362 17.61 -5.69 26.47
CA LEU D 362 17.85 -7.01 27.15
C LEU D 362 19.33 -7.09 27.57
N LYS D 363 20.22 -6.60 26.73
CA LYS D 363 21.69 -6.56 26.94
C LYS D 363 22.03 -5.68 28.16
N GLU D 364 21.31 -4.56 28.37
CA GLU D 364 21.50 -3.63 29.53
C GLU D 364 20.94 -4.26 30.79
N LYS D 365 19.76 -4.87 30.73
CA LYS D 365 19.14 -5.57 31.87
C LYS D 365 20.10 -6.65 32.41
N ASP D 366 20.97 -7.21 31.58
CA ASP D 366 22.02 -8.17 32.01
C ASP D 366 23.11 -7.43 32.79
N THR D 367 23.62 -6.30 32.29
CA THR D 367 24.66 -5.54 33.01
C THR D 367 24.11 -5.03 34.34
N VAL D 368 22.81 -4.76 34.46
CA VAL D 368 22.19 -4.36 35.75
C VAL D 368 22.28 -5.55 36.71
N ALA D 369 21.74 -6.69 36.30
CA ALA D 369 21.80 -7.98 37.04
C ALA D 369 23.22 -8.21 37.59
N GLU D 370 24.22 -7.98 36.75
CA GLU D 370 25.65 -8.22 37.04
C GLU D 370 26.11 -7.24 38.14
N LEU D 371 25.95 -5.93 37.94
CA LEU D 371 26.29 -4.87 38.94
C LEU D 371 25.48 -5.02 40.22
N GLN D 372 24.24 -5.45 40.18
CA GLN D 372 23.47 -5.69 41.43
C GLN D 372 24.11 -6.87 42.17
N ALA D 373 24.63 -7.87 41.47
CA ALA D 373 25.24 -9.06 42.09
C ALA D 373 26.54 -8.66 42.82
N GLN D 374 27.34 -7.76 42.23
CA GLN D 374 28.58 -7.22 42.83
C GLN D 374 28.28 -6.47 44.12
N LEU D 375 27.20 -5.69 44.10
CA LEU D 375 26.77 -4.75 45.18
C LEU D 375 26.06 -5.51 46.30
N ASP D 376 25.34 -6.58 45.95
CA ASP D 376 24.63 -7.45 46.91
C ASP D 376 25.65 -8.27 47.67
N TYR D 377 26.81 -8.48 47.08
CA TYR D 377 27.92 -9.25 47.67
C TYR D 377 28.60 -8.39 48.71
N LEU D 378 29.03 -7.19 48.33
CA LEU D 378 29.62 -6.21 49.28
C LEU D 378 28.69 -5.95 50.47
N ASN D 379 27.37 -5.97 50.29
CA ASN D 379 26.43 -5.83 51.42
C ASN D 379 26.47 -7.08 52.30
N ALA D 380 26.61 -8.24 51.69
CA ALA D 380 26.69 -9.53 52.41
C ALA D 380 27.99 -9.58 53.22
N GLU D 381 29.10 -9.06 52.67
CA GLU D 381 30.42 -9.02 53.34
C GLU D 381 30.48 -7.98 54.45
N LEU D 382 30.15 -6.73 54.13
CA LEU D 382 30.40 -5.61 55.05
C LEU D 382 29.21 -5.39 55.96
N GLY D 383 28.03 -5.72 55.47
CA GLY D 383 26.79 -5.50 56.23
C GLY D 383 26.15 -4.20 55.84
N GLU D 384 24.85 -4.11 56.02
CA GLU D 384 24.07 -2.95 55.58
C GLU D 384 24.47 -1.76 56.46
N PHE D 385 24.74 -1.99 57.75
CA PHE D 385 25.15 -0.90 58.68
C PHE D 385 26.38 -0.16 58.20
N PHE D 386 27.41 -0.87 57.85
CA PHE D 386 28.72 -0.35 57.39
C PHE D 386 28.52 0.34 56.04
N VAL D 387 27.75 -0.20 55.11
CA VAL D 387 27.66 0.36 53.73
C VAL D 387 26.89 1.70 53.77
N ASN D 388 25.76 1.73 54.45
CA ASN D 388 25.00 2.98 54.74
C ASN D 388 25.84 3.96 55.56
N GLY D 389 26.62 3.46 56.51
CA GLY D 389 27.36 4.25 57.52
C GLY D 389 28.45 5.08 56.88
N VAL D 390 29.03 4.58 55.80
CA VAL D 390 30.33 5.00 55.24
C VAL D 390 30.06 6.05 54.15
N ALA D 391 28.83 6.52 54.07
CA ALA D 391 28.35 7.58 53.17
C ALA D 391 28.98 8.93 53.53
N THR D 392 29.13 9.81 52.55
CA THR D 392 29.84 11.11 52.71
C THR D 392 28.84 12.10 53.31
N SER D 393 29.27 12.83 54.36
CA SER D 393 28.58 13.97 55.00
C SER D 393 29.26 15.31 54.65
N PHE D 394 30.56 15.29 54.44
CA PHE D 394 31.40 16.52 54.50
C PHE D 394 31.30 17.24 53.17
N SER D 395 30.95 18.51 53.23
CA SER D 395 31.05 19.45 52.08
C SER D 395 31.69 20.71 52.60
N ARG D 396 32.55 21.36 51.82
CA ARG D 396 33.18 22.63 52.27
C ARG D 396 32.10 23.71 52.38
N LYS D 397 31.08 23.63 51.52
CA LYS D 397 30.06 24.67 51.38
C LYS D 397 29.12 24.63 52.57
N LYS D 398 29.03 23.53 53.29
CA LYS D 398 28.14 23.43 54.45
C LYS D 398 28.82 24.03 55.68
N ALA D 399 30.11 24.40 55.63
CA ALA D 399 30.83 24.89 56.83
C ALA D 399 30.35 26.27 57.29
N ARG D 400 29.89 26.37 58.55
CA ARG D 400 29.53 27.63 59.25
C ARG D 400 30.68 28.17 60.10
N THR D 401 31.17 29.38 59.88
CA THR D 401 32.12 30.01 60.82
C THR D 401 31.43 30.98 61.78
N PHE D 402 31.84 30.91 63.05
CA PHE D 402 31.47 31.85 64.11
C PHE D 402 32.74 32.57 64.57
N ASP D 403 32.90 33.88 64.26
CA ASP D 403 34.07 34.71 64.66
C ASP D 403 33.72 36.09 65.20
N SER D 404 32.48 36.44 65.54
CA SER D 404 32.15 37.88 65.81
C SER D 404 31.90 38.08 67.30
N SER D 405 32.95 37.90 68.10
CA SER D 405 32.91 38.02 69.56
C SER D 405 32.92 39.50 69.93
N TRP D 406 33.49 40.34 69.07
CA TRP D 406 33.43 41.82 69.23
C TRP D 406 31.99 42.34 69.35
N ASN D 407 31.02 41.68 68.74
CA ASN D 407 29.57 42.00 68.88
C ASN D 407 28.94 41.27 70.05
N TRP D 408 29.31 40.03 70.37
CA TRP D 408 28.57 39.27 71.42
C TRP D 408 28.98 39.75 72.81
N ALA D 409 30.12 40.44 72.96
CA ALA D 409 30.56 40.98 74.28
C ALA D 409 29.56 42.05 74.72
N LYS D 410 29.21 42.93 73.79
CA LYS D 410 28.29 44.06 74.04
C LYS D 410 26.93 43.47 74.39
N GLN D 411 26.52 42.37 73.78
CA GLN D 411 25.16 41.79 73.99
C GLN D 411 25.16 41.03 75.30
N SER D 412 26.30 40.48 75.70
CA SER D 412 26.50 39.69 76.95
C SER D 412 26.46 40.62 78.15
N LEU D 413 27.09 41.78 77.99
CA LEU D 413 27.10 42.86 79.00
C LEU D 413 25.66 43.37 79.21
N LEU D 414 25.03 43.82 78.14
CA LEU D 414 23.67 44.43 78.20
C LEU D 414 22.63 43.40 78.67
N SER D 415 22.79 42.12 78.35
CA SER D 415 21.95 41.03 78.89
C SER D 415 22.07 40.95 80.43
N LEU D 416 23.29 40.89 80.94
CA LEU D 416 23.59 40.78 82.39
C LEU D 416 23.14 42.06 83.08
N TYR D 417 23.25 43.23 82.43
CA TYR D 417 22.81 44.52 83.00
C TYR D 417 21.31 44.49 83.33
N PHE D 418 20.48 44.14 82.36
CA PHE D 418 19.02 44.09 82.58
C PHE D 418 18.62 42.88 83.43
N GLU D 419 19.31 41.74 83.35
CA GLU D 419 19.07 40.59 84.27
C GLU D 419 19.13 41.07 85.74
N ILE D 420 20.11 41.89 86.09
CA ILE D 420 20.38 42.38 87.47
C ILE D 420 19.39 43.49 87.83
N ILE D 421 19.01 44.33 86.87
CA ILE D 421 18.04 45.44 87.08
C ILE D 421 16.61 44.92 87.25
N HIS D 422 16.27 43.72 86.77
CA HIS D 422 14.94 43.09 86.95
C HIS D 422 15.01 41.99 88.01
N GLY D 423 16.13 41.88 88.74
CA GLY D 423 16.31 41.00 89.92
C GLY D 423 16.40 39.52 89.58
N VAL D 424 16.67 39.15 88.32
CA VAL D 424 16.77 37.74 87.84
C VAL D 424 18.09 37.13 88.35
N LEU D 425 19.20 37.86 88.21
CA LEU D 425 20.53 37.54 88.83
C LEU D 425 20.76 38.47 90.01
N LYS D 426 21.21 37.91 91.14
CA LYS D 426 21.57 38.65 92.38
C LYS D 426 23.10 38.73 92.49
N ASN D 427 23.58 39.42 93.53
CA ASN D 427 25.01 39.49 93.96
C ASN D 427 25.48 38.07 94.33
N VAL D 428 24.66 37.32 95.09
CA VAL D 428 25.03 35.98 95.68
C VAL D 428 25.31 34.95 94.57
N ASP D 429 24.60 35.04 93.44
CA ASP D 429 24.62 34.04 92.32
C ASP D 429 26.05 33.91 91.79
N ARG D 430 26.37 32.73 91.27
CA ARG D 430 27.69 32.37 90.71
C ARG D 430 27.69 32.65 89.20
N GLU D 431 26.52 32.99 88.65
CA GLU D 431 26.34 33.33 87.21
C GLU D 431 27.05 34.66 86.94
N VAL D 432 26.78 35.71 87.73
CA VAL D 432 27.42 37.06 87.59
C VAL D 432 28.96 36.93 87.52
N VAL D 433 29.59 35.90 88.09
CA VAL D 433 31.08 35.67 87.99
C VAL D 433 31.43 34.95 86.67
N SER D 434 30.83 33.80 86.38
CA SER D 434 31.08 33.00 85.16
C SER D 434 30.82 33.85 83.91
N GLU D 435 29.83 34.75 84.00
CA GLU D 435 29.48 35.78 82.99
C GLU D 435 30.58 36.83 82.94
N ALA D 436 31.00 37.39 84.09
CA ALA D 436 32.07 38.41 84.20
C ALA D 436 33.34 37.94 83.48
N ILE D 437 33.77 36.69 83.77
CA ILE D 437 34.98 36.07 83.16
C ILE D 437 34.88 36.19 81.65
N ASN D 438 33.71 35.89 81.10
CA ASN D 438 33.42 35.88 79.66
C ASN D 438 33.43 37.30 79.11
N ILE D 439 33.00 38.31 79.88
CA ILE D 439 33.04 39.74 79.44
C ILE D 439 34.48 40.23 79.50
N MET D 440 35.26 39.81 80.49
CA MET D 440 36.71 40.19 80.61
C MET D 440 37.53 39.55 79.46
N ASN D 441 37.26 38.28 79.19
CA ASN D 441 37.86 37.51 78.08
C ASN D 441 37.61 38.17 76.73
N ARG D 442 36.63 39.06 76.63
CA ARG D 442 36.38 39.81 75.35
C ARG D 442 36.67 41.29 75.52
N SER D 443 37.49 41.66 76.51
CA SER D 443 37.80 43.07 76.82
C SER D 443 38.53 43.70 75.63
N ASN D 444 37.99 44.79 75.10
CA ASN D 444 38.67 45.69 74.13
C ASN D 444 38.14 47.11 74.38
N ASP D 445 38.67 48.14 73.70
CA ASP D 445 38.43 49.56 74.08
C ASP D 445 36.95 49.88 73.85
N ALA D 446 36.42 49.51 72.70
CA ALA D 446 34.99 49.54 72.34
C ALA D 446 34.12 49.07 73.52
N LEU D 447 34.46 47.94 74.11
CA LEU D 447 33.63 47.26 75.15
C LEU D 447 33.75 48.01 76.48
N ILE D 448 34.82 48.78 76.73
CA ILE D 448 34.93 49.60 77.97
C ILE D 448 34.12 50.92 77.82
N LYS D 449 34.25 51.61 76.67
CA LYS D 449 33.42 52.76 76.30
C LYS D 449 31.94 52.37 76.45
N PHE D 450 31.58 51.14 76.06
CA PHE D 450 30.20 50.64 76.16
C PHE D 450 29.81 50.44 77.62
N MET D 451 30.65 49.78 78.40
CA MET D 451 30.36 49.48 79.83
C MET D 451 30.33 50.78 80.60
N GLU D 452 31.16 51.78 80.24
CA GLU D 452 31.28 53.07 80.99
C GLU D 452 29.95 53.84 80.91
N TYR D 453 29.51 54.14 79.69
CA TYR D 453 28.21 54.79 79.40
C TYR D 453 27.05 54.09 80.09
N HIS D 454 27.03 52.76 80.15
CA HIS D 454 25.84 52.00 80.63
C HIS D 454 25.81 51.97 82.17
N ILE D 455 26.97 52.12 82.80
CA ILE D 455 27.14 52.06 84.27
C ILE D 455 27.22 53.48 84.83
N SER D 456 27.68 54.46 84.04
CA SER D 456 27.74 55.90 84.43
C SER D 456 26.50 56.68 83.95
N ASN D 457 25.37 56.01 83.77
CA ASN D 457 24.06 56.63 83.44
C ASN D 457 22.93 55.81 84.08
N THR D 458 23.25 54.95 85.05
CA THR D 458 22.22 54.28 85.89
C THR D 458 21.96 55.24 87.05
N ASP D 459 20.69 55.48 87.34
CA ASP D 459 20.25 56.25 88.53
C ASP D 459 20.20 55.26 89.70
N GLU D 460 21.12 55.37 90.65
CA GLU D 460 21.26 54.43 91.81
C GLU D 460 20.10 54.61 92.78
N THR D 461 19.27 55.65 92.60
CA THR D 461 18.11 56.00 93.47
C THR D 461 16.89 55.12 93.13
N LYS D 462 16.65 54.84 91.85
CA LYS D 462 15.37 54.28 91.32
C LYS D 462 15.05 52.91 91.94
N GLY D 463 16.01 52.29 92.62
CA GLY D 463 15.79 51.02 93.35
C GLY D 463 17.10 50.47 93.89
N GLU D 464 17.01 49.48 94.78
CA GLU D 464 18.18 48.72 95.29
C GLU D 464 18.92 48.11 94.10
N ASN D 465 18.19 47.46 93.18
CA ASN D 465 18.75 46.72 92.01
C ASN D 465 19.59 47.64 91.11
N TYR D 466 19.34 48.96 91.14
CA TYR D 466 20.14 49.96 90.38
C TYR D 466 21.44 50.28 91.12
N GLN D 467 21.46 50.22 92.45
CA GLN D 467 22.72 50.37 93.22
C GLN D 467 23.58 49.13 92.99
N LEU D 468 22.96 47.95 93.08
CA LEU D 468 23.64 46.64 92.88
C LEU D 468 24.37 46.70 91.54
N VAL D 469 23.66 47.02 90.45
CA VAL D 469 24.19 46.95 89.06
C VAL D 469 25.35 47.94 88.92
N LYS D 470 25.29 49.09 89.61
CA LYS D 470 26.29 50.18 89.46
C LYS D 470 27.55 49.82 90.26
N THR D 471 27.42 49.22 91.45
CA THR D 471 28.55 48.68 92.27
C THR D 471 29.30 47.62 91.46
N LEU D 472 28.60 46.55 91.07
CA LEU D 472 29.11 45.41 90.26
C LEU D 472 29.75 45.98 89.00
N GLY D 473 29.01 46.79 88.26
CA GLY D 473 29.40 47.33 86.94
C GLY D 473 30.69 48.13 86.99
N GLU D 474 30.92 48.87 88.07
CA GLU D 474 32.15 49.70 88.24
C GLU D 474 33.32 48.73 88.48
N GLN D 475 33.08 47.67 89.25
CA GLN D 475 34.08 46.61 89.49
C GLN D 475 34.52 45.99 88.16
N LEU D 476 33.54 45.51 87.42
CA LEU D 476 33.66 44.88 86.09
C LEU D 476 34.40 45.80 85.09
N ILE D 477 34.20 47.12 85.14
CA ILE D 477 35.00 48.09 84.32
C ILE D 477 36.45 48.09 84.82
N GLU D 478 36.70 48.08 86.13
CA GLU D 478 38.09 48.14 86.65
C GLU D 478 38.87 46.93 86.16
N ASN D 479 38.33 45.73 86.37
CA ASN D 479 38.89 44.45 85.87
C ASN D 479 39.19 44.57 84.38
N CYS D 480 38.15 44.67 83.55
CA CYS D 480 38.20 44.76 82.07
C CYS D 480 39.36 45.63 81.57
N LYS D 481 39.70 46.74 82.26
CA LYS D 481 40.79 47.67 81.86
C LYS D 481 42.17 47.05 82.11
N GLN D 482 42.37 46.30 83.19
CA GLN D 482 43.64 45.58 83.52
C GLN D 482 43.92 44.53 82.43
N VAL D 483 42.97 43.62 82.29
CA VAL D 483 42.92 42.48 81.34
C VAL D 483 42.96 42.94 79.88
N LEU D 484 42.62 44.20 79.57
CA LEU D 484 42.83 44.76 78.20
C LEU D 484 44.29 44.57 77.84
N ASP D 485 44.59 44.02 76.65
CA ASP D 485 45.97 43.69 76.21
C ASP D 485 46.58 42.53 77.02
N VAL D 486 45.75 41.69 77.63
CA VAL D 486 46.15 40.41 78.28
C VAL D 486 45.38 39.28 77.60
N ASP D 487 46.05 38.15 77.37
CA ASP D 487 45.45 36.97 76.70
C ASP D 487 44.36 36.35 77.56
N PRO D 488 43.23 36.00 76.94
CA PRO D 488 42.06 35.53 77.66
C PRO D 488 42.30 34.13 78.15
N VAL D 489 41.41 33.68 79.01
CA VAL D 489 41.72 32.54 79.90
C VAL D 489 40.53 31.55 80.02
N TYR D 490 40.80 30.25 79.92
CA TYR D 490 39.89 29.22 80.48
C TYR D 490 39.99 29.32 82.01
N LYS D 491 38.87 29.60 82.65
CA LYS D 491 38.77 29.51 84.12
C LYS D 491 37.40 28.88 84.43
N ASP D 492 37.38 27.60 84.83
CA ASP D 492 36.17 26.98 85.42
C ASP D 492 35.97 27.61 86.80
N VAL D 493 34.77 28.10 87.04
CA VAL D 493 34.41 28.76 88.33
C VAL D 493 33.10 28.13 88.86
N ALA D 494 32.79 26.91 88.42
CA ALA D 494 31.58 26.13 88.80
C ALA D 494 31.75 25.59 90.22
N LYS D 495 30.63 25.50 90.95
CA LYS D 495 30.57 24.87 92.29
C LYS D 495 30.81 23.37 92.12
N PRO D 496 31.90 22.78 92.65
CA PRO D 496 32.16 21.35 92.52
C PRO D 496 31.11 20.50 93.26
N THR D 497 30.45 19.61 92.52
CA THR D 497 29.33 18.76 93.01
C THR D 497 29.83 17.33 93.07
N GLY D 498 29.35 16.56 94.05
CA GLY D 498 29.51 15.09 94.18
C GLY D 498 28.19 14.41 93.89
N PRO D 499 28.18 13.07 93.65
CA PRO D 499 26.92 12.33 93.52
C PRO D 499 26.23 12.00 94.84
N LYS D 500 24.90 12.03 94.83
CA LYS D 500 23.97 11.52 95.90
C LYS D 500 22.88 10.67 95.26
N THR D 501 22.76 9.41 95.66
CA THR D 501 21.59 8.54 95.36
C THR D 501 20.68 8.54 96.60
N ALA D 502 19.40 8.84 96.39
CA ALA D 502 18.35 8.78 97.42
C ALA D 502 17.37 7.67 97.04
N ILE D 503 16.98 6.84 98.01
CA ILE D 503 15.73 6.02 97.93
C ILE D 503 14.79 6.52 99.03
N ASP D 504 13.58 6.97 98.66
CA ASP D 504 12.58 7.56 99.58
C ASP D 504 11.88 6.44 100.38
N LYS D 505 10.66 6.68 100.87
CA LYS D 505 9.83 5.72 101.64
C LYS D 505 9.19 4.67 100.70
N ASN D 506 8.75 5.10 99.52
CA ASN D 506 7.91 4.29 98.59
C ASN D 506 8.78 3.58 97.55
N GLY D 507 10.11 3.72 97.65
CA GLY D 507 11.10 2.97 96.85
C GLY D 507 11.43 3.61 95.50
N ASN D 508 11.20 4.92 95.35
CA ASN D 508 11.64 5.70 94.16
C ASN D 508 13.13 6.04 94.31
N ILE D 509 13.92 5.76 93.26
CA ILE D 509 15.37 6.11 93.21
C ILE D 509 15.49 7.50 92.58
N THR D 510 16.02 8.45 93.35
CA THR D 510 16.37 9.84 92.91
C THR D 510 17.90 9.98 92.90
N TYR D 511 18.45 10.60 91.86
CA TYR D 511 19.86 11.03 91.76
C TYR D 511 19.94 12.57 91.76
N SER D 512 20.81 13.13 92.60
CA SER D 512 21.09 14.59 92.70
C SER D 512 22.60 14.84 92.87
N GLU D 513 23.15 15.83 92.15
CA GLU D 513 24.55 16.32 92.31
C GLU D 513 24.54 17.29 93.50
N GLU D 514 25.42 17.06 94.49
CA GLU D 514 25.26 17.54 95.88
C GLU D 514 26.52 18.26 96.34
N PRO D 515 26.49 19.59 96.60
CA PRO D 515 27.68 20.34 97.01
C PRO D 515 28.57 19.58 97.99
N ARG D 516 29.84 19.37 97.60
CA ARG D 516 30.82 18.60 98.39
C ARG D 516 31.18 19.43 99.63
N GLU D 517 31.54 18.74 100.70
CA GLU D 517 32.12 19.35 101.93
C GLU D 517 33.63 19.47 101.70
N LYS D 518 34.22 20.65 102.00
CA LYS D 518 35.69 20.94 101.94
C LYS D 518 36.21 21.07 100.49
N VAL D 519 35.35 21.23 99.47
CA VAL D 519 35.75 21.45 98.04
C VAL D 519 34.73 22.41 97.38
N ARG D 520 34.85 23.72 97.64
CA ARG D 520 33.86 24.76 97.24
C ARG D 520 34.41 25.59 96.06
N LYS D 521 35.65 25.29 95.63
CA LYS D 521 36.48 26.07 94.68
C LYS D 521 37.22 25.07 93.78
N LEU D 522 37.77 25.53 92.65
CA LEU D 522 38.55 24.68 91.70
C LEU D 522 39.97 24.47 92.26
N SER D 523 40.55 25.49 92.92
CA SER D 523 41.85 25.43 93.64
C SER D 523 41.88 24.21 94.57
N GLN D 524 40.88 24.10 95.47
CA GLN D 524 40.68 22.99 96.44
C GLN D 524 40.57 21.64 95.74
N TYR D 525 40.04 21.60 94.52
CA TYR D 525 39.91 20.36 93.72
C TYR D 525 41.31 19.82 93.39
N VAL D 526 42.29 20.66 93.04
CA VAL D 526 43.65 20.18 92.62
C VAL D 526 44.43 19.65 93.85
N GLN D 527 44.22 20.25 95.03
CA GLN D 527 44.75 19.75 96.33
C GLN D 527 44.21 18.34 96.61
N GLU D 528 42.88 18.14 96.52
CA GLU D 528 42.22 16.82 96.76
C GLU D 528 42.84 15.75 95.85
N MET D 529 43.11 16.12 94.59
CA MET D 529 43.60 15.21 93.52
C MET D 529 45.04 14.79 93.83
N ALA D 530 45.83 15.68 94.43
CA ALA D 530 47.28 15.49 94.70
C ALA D 530 47.47 14.57 95.90
N LEU D 531 46.58 14.61 96.90
CA LEU D 531 46.71 13.87 98.19
C LEU D 531 46.35 12.39 98.03
N GLY D 532 45.91 11.98 96.83
CA GLY D 532 45.39 10.63 96.55
C GLY D 532 44.24 10.32 97.47
N GLY D 533 44.43 9.29 98.31
CA GLY D 533 43.42 8.77 99.23
C GLY D 533 43.85 7.39 99.73
N PRO D 534 43.13 6.81 100.73
CA PRO D 534 43.56 5.56 101.36
C PRO D 534 43.76 4.34 100.43
N ILE D 535 43.15 4.32 99.24
CA ILE D 535 43.15 3.17 98.28
C ILE D 535 44.32 3.28 97.29
N THR D 536 44.87 4.50 97.12
CA THR D 536 45.99 4.84 96.21
C THR D 536 47.35 4.72 96.95
N LYS D 537 47.58 3.62 97.69
CA LYS D 537 48.81 3.36 98.50
C LYS D 537 49.78 2.47 97.70
N GLU D 538 51.05 2.46 98.15
CA GLU D 538 52.21 1.80 97.47
C GLU D 538 53.45 1.93 98.38
N SER D 539 53.72 0.93 99.25
CA SER D 539 54.69 0.97 100.39
C SER D 539 56.13 1.30 99.91
N ALA D 604 35.18 34.94 97.88
CA ALA D 604 33.88 35.47 98.37
C ALA D 604 32.72 34.99 97.49
N LEU D 605 32.76 33.72 97.04
CA LEU D 605 31.70 33.08 96.18
C LEU D 605 30.52 32.63 97.07
N ASP D 606 29.29 32.86 96.60
CA ASP D 606 28.02 32.45 97.26
C ASP D 606 27.84 33.23 98.58
N LYS D 607 28.10 34.55 98.54
CA LYS D 607 27.79 35.53 99.62
C LYS D 607 27.84 36.97 99.06
N ASP D 608 28.91 37.29 98.31
CA ASP D 608 29.15 38.62 97.68
C ASP D 608 30.14 38.42 96.51
N SER D 609 29.60 38.08 95.32
CA SER D 609 30.36 37.81 94.07
C SER D 609 30.82 39.12 93.39
N THR D 610 30.35 40.32 93.82
CA THR D 610 30.93 41.65 93.44
C THR D 610 32.39 41.74 93.92
N LYS D 611 32.70 41.12 95.08
CA LYS D 611 34.06 41.02 95.69
C LYS D 611 34.92 40.02 94.89
N GLU D 612 34.36 38.87 94.47
CA GLU D 612 35.10 37.81 93.71
C GLU D 612 35.37 38.27 92.27
N VAL D 613 34.48 39.09 91.68
CA VAL D 613 34.70 39.74 90.35
C VAL D 613 35.99 40.60 90.40
N ALA D 614 36.21 41.38 91.47
CA ALA D 614 37.43 42.22 91.70
C ALA D 614 38.72 41.37 91.68
N SER D 615 38.64 40.10 92.10
CA SER D 615 39.79 39.17 92.32
C SER D 615 39.98 38.17 91.15
N LEU D 616 39.46 38.49 89.96
CA LEU D 616 39.63 37.68 88.70
C LEU D 616 40.90 38.08 87.93
N PRO D 617 41.25 39.38 87.76
CA PRO D 617 42.50 39.74 87.06
C PRO D 617 43.76 39.49 87.93
N ASN D 618 43.64 39.76 89.25
CA ASN D 618 44.71 39.68 90.28
C ASN D 618 45.29 38.25 90.28
N LYS D 619 46.35 38.07 89.50
CA LYS D 619 47.09 36.78 89.30
C LYS D 619 47.72 36.37 90.65
N SER D 620 47.42 35.14 91.12
CA SER D 620 47.77 34.58 92.47
C SER D 620 49.04 33.71 92.36
N THR D 621 50.16 34.23 92.91
CA THR D 621 51.49 33.58 93.06
C THR D 621 51.51 32.80 94.40
N ILE D 622 51.97 31.55 94.37
CA ILE D 622 52.03 30.60 95.55
C ILE D 622 53.51 30.24 95.81
N SER D 623 54.02 30.55 97.02
CA SER D 623 55.43 30.34 97.46
C SER D 623 55.82 28.87 97.27
N LYS D 624 54.97 27.93 97.72
CA LYS D 624 55.17 26.46 97.62
C LYS D 624 54.13 25.89 96.64
N THR D 625 54.56 25.03 95.71
CA THR D 625 53.69 24.28 94.77
C THR D 625 53.09 23.08 95.51
N VAL D 626 51.94 22.58 95.02
CA VAL D 626 51.22 21.40 95.59
C VAL D 626 52.00 20.09 95.35
N SER D 627 52.89 20.02 94.34
CA SER D 627 53.78 18.85 94.07
C SER D 627 54.45 18.32 95.36
N SER D 628 54.86 19.22 96.26
CA SER D 628 55.47 18.95 97.59
C SER D 628 54.44 18.35 98.57
N THR D 629 53.18 18.82 98.49
CA THR D 629 51.98 18.32 99.24
C THR D 629 51.70 16.84 98.92
N ILE D 630 52.14 16.31 97.77
CA ILE D 630 51.91 14.89 97.36
C ILE D 630 52.61 14.00 98.38
N PRO D 631 51.85 13.28 99.26
CA PRO D 631 52.48 12.43 100.26
C PRO D 631 53.21 11.25 99.61
N ARG D 632 54.35 10.84 100.19
CA ARG D 632 55.11 9.64 99.72
C ARG D 632 54.26 8.40 100.01
N GLU D 633 54.48 7.33 99.22
CA GLU D 633 53.76 6.02 99.30
C GLU D 633 52.33 6.15 98.75
N THR D 634 51.90 7.38 98.40
CA THR D 634 50.55 7.69 97.86
C THR D 634 50.70 8.12 96.40
N ILE D 635 49.97 7.46 95.50
CA ILE D 635 49.76 7.89 94.09
C ILE D 635 48.62 8.91 94.08
N PRO D 636 48.75 10.10 93.46
CA PRO D 636 47.64 11.03 93.38
C PRO D 636 46.51 10.45 92.54
N PHE D 637 45.40 11.16 92.45
CA PHE D 637 44.23 10.70 91.68
C PHE D 637 44.45 11.01 90.19
N LEU D 638 44.87 12.24 89.87
CA LEU D 638 45.41 12.62 88.52
C LEU D 638 46.94 12.44 88.52
N HIS D 639 47.51 11.66 87.60
CA HIS D 639 48.98 11.53 87.47
C HIS D 639 49.44 11.07 86.09
N LEU D 640 50.64 11.51 85.69
CA LEU D 640 51.28 11.05 84.45
C LEU D 640 52.07 9.78 84.76
N ARG D 641 52.33 9.00 83.72
CA ARG D 641 53.09 7.74 83.79
C ARG D 641 54.33 7.85 82.92
N LYS D 642 55.26 6.94 83.13
CA LYS D 642 56.57 6.81 82.43
C LYS D 642 56.80 5.34 82.07
N LYS D 643 57.37 5.09 80.90
CA LYS D 643 57.60 3.72 80.38
C LYS D 643 58.92 3.20 80.94
N THR D 644 58.87 2.08 81.67
CA THR D 644 60.03 1.38 82.26
C THR D 644 60.69 0.51 81.20
N PRO D 645 62.04 0.28 81.25
CA PRO D 645 62.71 -0.72 80.41
C PRO D 645 62.05 -2.08 80.13
N ALA D 646 61.21 -2.57 81.04
CA ALA D 646 60.35 -3.78 80.87
C ALA D 646 59.27 -3.54 79.80
N GLY D 647 58.87 -2.28 79.56
CA GLY D 647 57.83 -1.92 78.59
C GLY D 647 56.54 -1.40 79.22
N ASP D 648 56.30 -1.69 80.51
CA ASP D 648 55.09 -1.27 81.28
C ASP D 648 55.14 0.24 81.56
N TRP D 649 53.99 0.87 81.82
CA TRP D 649 53.89 2.29 82.21
C TRP D 649 53.59 2.40 83.71
N LYS D 650 54.54 2.88 84.52
CA LYS D 650 54.37 3.10 85.97
C LYS D 650 54.08 4.59 86.27
N TYR D 651 53.39 4.86 87.37
CA TYR D 651 53.39 6.17 88.06
C TYR D 651 54.82 6.72 88.11
N ASP D 652 55.00 7.96 87.67
CA ASP D 652 56.27 8.71 87.84
C ASP D 652 56.01 9.95 88.69
N ARG D 653 56.61 10.03 89.89
CA ARG D 653 56.50 11.13 90.88
C ARG D 653 56.75 12.48 90.18
N GLN D 654 57.87 12.55 89.46
CA GLN D 654 58.45 13.79 88.91
C GLN D 654 57.53 14.35 87.81
N LEU D 655 57.36 13.65 86.68
CA LEU D 655 56.40 14.00 85.60
C LEU D 655 55.06 14.45 86.21
N SER D 656 54.48 13.61 87.06
CA SER D 656 53.17 13.83 87.72
C SER D 656 53.16 15.19 88.45
N SER D 657 54.24 15.53 89.18
CA SER D 657 54.40 16.82 89.91
C SER D 657 54.18 17.98 88.94
N LEU D 658 55.01 18.01 87.91
CA LEU D 658 55.00 19.03 86.84
C LEU D 658 53.58 19.26 86.31
N PHE D 659 52.88 18.20 85.89
CA PHE D 659 51.47 18.21 85.42
C PHE D 659 50.55 18.88 86.44
N LEU D 660 50.60 18.42 87.71
CA LEU D 660 49.73 18.89 88.82
C LEU D 660 50.00 20.35 89.18
N ASP D 661 51.22 20.86 88.97
CA ASP D 661 51.56 22.30 89.22
C ASP D 661 50.92 23.17 88.14
N GLY D 662 51.09 22.82 86.87
CA GLY D 662 50.38 23.46 85.74
C GLY D 662 48.86 23.45 85.94
N LEU D 663 48.35 22.42 86.59
CA LEU D 663 46.91 22.21 86.83
C LEU D 663 46.45 23.09 87.98
N GLU D 664 47.34 23.39 88.93
CA GLU D 664 47.12 24.30 90.09
C GLU D 664 47.03 25.76 89.59
N LYS D 665 47.93 26.16 88.70
CA LYS D 665 48.03 27.50 88.09
C LYS D 665 46.79 27.79 87.24
N ALA D 666 46.37 26.79 86.47
CA ALA D 666 45.14 26.83 85.64
C ALA D 666 43.93 27.11 86.53
N ALA D 667 43.91 26.56 87.74
CA ALA D 667 42.79 26.71 88.69
C ALA D 667 42.76 28.13 89.26
N PHE D 668 43.94 28.76 89.48
CA PHE D 668 44.07 30.13 90.02
C PHE D 668 44.00 31.14 88.86
N ASN D 669 45.05 31.16 88.04
CA ASN D 669 45.33 32.21 87.04
C ASN D 669 44.48 31.96 85.78
N GLY D 670 44.23 30.66 85.48
CA GLY D 670 43.58 30.20 84.23
C GLY D 670 44.63 29.96 83.15
N VAL D 671 44.20 29.40 82.02
CA VAL D 671 45.11 28.90 80.95
C VAL D 671 44.77 29.69 79.70
N THR D 672 45.75 30.06 78.88
CA THR D 672 45.45 30.63 77.55
C THR D 672 45.67 29.53 76.50
N PHE D 673 44.92 29.62 75.43
CA PHE D 673 45.01 28.86 74.17
C PHE D 673 45.02 29.84 72.99
N LYS D 674 45.37 31.09 73.21
CA LYS D 674 45.64 32.06 72.12
C LYS D 674 46.63 31.39 71.16
N ASP D 675 46.30 31.38 69.89
CA ASP D 675 47.18 30.94 68.77
C ASP D 675 47.20 29.40 68.65
N LYS D 676 46.37 28.72 69.43
CA LYS D 676 46.18 27.26 69.35
C LYS D 676 45.11 27.01 68.28
N TYR D 677 45.37 26.13 67.29
CA TYR D 677 44.39 25.69 66.27
C TYR D 677 43.99 24.23 66.54
N VAL D 678 42.71 23.97 66.75
CA VAL D 678 42.29 22.64 67.28
C VAL D 678 41.25 22.03 66.34
N LEU D 679 41.43 20.78 65.91
CA LEU D 679 40.31 19.93 65.41
C LEU D 679 39.77 19.11 66.56
N ILE D 680 38.44 19.03 66.73
CA ILE D 680 37.73 18.22 67.77
C ILE D 680 36.55 17.52 67.16
N THR D 681 36.37 16.25 67.45
CA THR D 681 35.27 15.42 66.90
C THR D 681 34.56 14.82 68.10
N GLY D 682 33.31 14.44 67.95
CA GLY D 682 32.61 13.76 69.04
C GLY D 682 32.43 14.70 70.19
N ALA D 683 32.00 15.90 69.88
CA ALA D 683 31.82 17.01 70.82
C ALA D 683 30.42 17.60 70.69
N GLY D 684 29.40 16.75 70.73
CA GLY D 684 27.98 17.16 70.61
C GLY D 684 27.42 17.62 71.94
N LYS D 685 26.21 18.16 71.92
CA LYS D 685 25.53 18.72 73.11
C LYS D 685 25.49 17.67 74.22
N GLY D 686 25.91 18.04 75.41
CA GLY D 686 25.92 17.17 76.61
C GLY D 686 26.96 16.06 76.55
N SER D 687 28.19 16.36 76.17
CA SER D 687 29.37 15.44 76.17
C SER D 687 30.56 16.10 76.86
N ILE D 688 31.56 15.32 77.26
CA ILE D 688 32.87 15.90 77.66
C ILE D 688 33.44 16.68 76.47
N GLY D 689 33.31 16.14 75.26
CA GLY D 689 33.75 16.83 74.03
C GLY D 689 33.31 18.28 73.99
N ALA D 690 32.13 18.58 74.51
CA ALA D 690 31.48 19.91 74.41
C ALA D 690 31.89 20.80 75.59
N GLU D 691 32.27 20.22 76.75
CA GLU D 691 32.84 21.01 77.87
C GLU D 691 34.31 21.35 77.59
N VAL D 692 34.98 20.58 76.75
CA VAL D 692 36.35 20.86 76.30
C VAL D 692 36.25 22.04 75.36
N LEU D 693 35.42 21.90 74.35
CA LEU D 693 35.10 22.95 73.36
C LEU D 693 34.86 24.28 74.01
N GLN D 694 34.12 24.37 75.12
CA GLN D 694 33.80 25.65 75.80
C GLN D 694 35.09 26.29 76.33
N GLY D 695 35.91 25.48 77.02
CA GLY D 695 37.25 25.84 77.49
C GLY D 695 38.19 26.25 76.38
N LEU D 696 38.25 25.54 75.28
CA LEU D 696 39.14 26.00 74.20
C LEU D 696 38.74 27.43 73.79
N LEU D 697 37.46 27.64 73.58
CA LEU D 697 36.94 28.88 73.02
C LEU D 697 37.15 29.92 74.09
N GLN D 698 37.02 29.52 75.36
CA GLN D 698 37.17 30.44 76.51
C GLN D 698 38.57 31.04 76.51
N GLY D 699 39.60 30.30 76.10
CA GLY D 699 41.00 30.77 76.12
C GLY D 699 41.44 31.26 74.76
N GLY D 700 40.52 31.63 73.87
CA GLY D 700 40.84 32.18 72.53
C GLY D 700 41.38 31.15 71.51
N ALA D 701 41.11 29.86 71.64
CA ALA D 701 41.48 28.91 70.57
C ALA D 701 40.68 29.16 69.30
N LYS D 702 41.23 28.73 68.17
CA LYS D 702 40.49 28.64 66.89
C LYS D 702 40.22 27.18 66.67
N VAL D 703 38.96 26.79 66.50
CA VAL D 703 38.56 25.36 66.66
C VAL D 703 37.72 24.91 65.50
N VAL D 704 38.05 23.78 64.85
CA VAL D 704 37.08 23.05 63.95
C VAL D 704 36.35 21.96 64.72
N VAL D 705 35.03 21.98 64.75
CA VAL D 705 34.16 21.03 65.48
C VAL D 705 33.35 20.32 64.43
N THR D 706 33.22 19.02 64.53
CA THR D 706 32.58 18.24 63.47
C THR D 706 31.31 17.65 64.05
N THR D 707 30.23 17.71 63.28
CA THR D 707 28.96 17.07 63.65
C THR D 707 28.65 16.00 62.62
N SER D 708 28.04 14.92 63.06
CA SER D 708 27.48 13.84 62.21
C SER D 708 26.00 14.13 61.92
N ARG D 709 25.37 15.02 62.69
CA ARG D 709 23.94 15.32 62.58
C ARG D 709 23.77 16.83 62.38
N PHE D 710 24.15 17.35 61.22
CA PHE D 710 24.06 18.79 60.88
C PHE D 710 22.61 19.17 60.56
N SER D 711 22.19 20.30 61.07
CA SER D 711 20.77 20.68 61.25
C SER D 711 20.76 22.09 61.81
N LYS D 712 19.63 22.79 61.72
CA LYS D 712 19.44 24.10 62.38
C LYS D 712 19.60 23.90 63.89
N GLN D 713 19.04 22.84 64.46
CA GLN D 713 19.07 22.63 65.93
C GLN D 713 20.49 22.68 66.45
N VAL D 714 21.45 22.16 65.67
CA VAL D 714 22.84 21.86 66.09
C VAL D 714 23.70 23.09 65.83
N THR D 715 23.53 23.66 64.66
CA THR D 715 24.17 24.91 64.24
C THR D 715 23.71 26.05 65.14
N ASP D 716 22.57 25.95 65.83
CA ASP D 716 22.11 26.97 66.81
C ASP D 716 22.72 26.68 68.17
N TYR D 717 22.72 25.47 68.66
CA TYR D 717 23.52 25.09 69.86
C TYR D 717 24.90 25.73 69.78
N TYR D 718 25.64 25.54 68.68
CA TYR D 718 27.04 25.98 68.53
C TYR D 718 27.12 27.50 68.40
N GLN D 719 26.18 28.15 67.72
CA GLN D 719 26.15 29.64 67.68
C GLN D 719 26.05 30.15 69.11
N SER D 720 25.30 29.44 69.95
CA SER D 720 24.93 29.86 71.32
C SER D 720 26.15 29.73 72.24
N ILE D 721 27.06 28.87 71.90
CA ILE D 721 28.22 28.58 72.74
C ILE D 721 29.29 29.60 72.41
N TYR D 722 29.53 29.81 71.13
CA TYR D 722 30.49 30.83 70.70
C TYR D 722 30.03 32.17 71.26
N ALA D 723 28.75 32.52 71.17
CA ALA D 723 28.27 33.86 71.61
C ALA D 723 28.35 34.03 73.14
N LYS D 724 28.42 32.98 73.92
CA LYS D 724 28.54 33.05 75.40
C LYS D 724 30.01 33.01 75.81
N TYR D 725 30.87 32.28 75.08
CA TYR D 725 32.17 31.76 75.58
C TYR D 725 33.37 32.13 74.70
N GLY D 726 33.19 32.32 73.43
CA GLY D 726 34.32 32.67 72.53
C GLY D 726 34.95 33.98 72.95
N ALA D 727 36.12 33.92 73.54
CA ALA D 727 36.91 35.11 73.91
C ALA D 727 37.51 35.78 72.68
N LYS D 728 38.18 36.91 72.87
CA LYS D 728 38.74 37.72 71.76
C LYS D 728 39.76 36.86 71.03
N GLY D 729 39.60 36.64 69.73
CA GLY D 729 40.59 35.91 68.92
C GLY D 729 40.17 34.49 68.65
N SER D 730 39.28 33.94 69.47
CA SER D 730 38.61 32.65 69.22
C SER D 730 37.85 32.66 67.89
N THR D 731 37.81 31.54 67.17
CA THR D 731 36.76 31.24 66.16
C THR D 731 36.31 29.80 66.29
N LEU D 732 35.13 29.50 65.81
CA LEU D 732 34.57 28.16 65.79
C LEU D 732 34.07 27.90 64.37
N ILE D 733 34.60 26.88 63.68
CA ILE D 733 34.00 26.43 62.41
C ILE D 733 33.26 25.14 62.71
N VAL D 734 32.02 25.00 62.28
CA VAL D 734 31.19 23.78 62.47
C VAL D 734 30.99 23.19 61.09
N VAL D 735 31.44 21.96 60.87
CA VAL D 735 31.34 21.30 59.54
C VAL D 735 30.61 20.01 59.77
N PRO D 736 29.82 19.53 58.82
CA PRO D 736 29.27 18.19 58.88
C PRO D 736 30.40 17.25 58.49
N PHE D 737 30.42 16.05 59.07
CA PHE D 737 31.57 15.12 58.98
C PHE D 737 31.17 13.72 59.42
N ASN D 738 31.54 12.71 58.63
CA ASN D 738 31.41 11.27 58.99
C ASN D 738 32.79 10.69 59.26
N GLN D 739 33.24 10.50 60.50
CA GLN D 739 34.61 9.99 60.82
C GLN D 739 34.73 8.55 60.28
N GLY D 740 33.63 7.84 60.16
CA GLY D 740 33.54 6.53 59.46
C GLY D 740 33.90 6.56 58.00
N SER D 741 33.91 7.70 57.34
CA SER D 741 34.21 7.80 55.89
C SER D 741 35.67 8.19 55.71
N LYS D 742 36.43 7.42 54.92
CA LYS D 742 37.84 7.69 54.59
C LYS D 742 37.89 8.99 53.80
N GLN D 743 36.89 9.19 52.95
CA GLN D 743 36.87 10.28 51.97
C GLN D 743 36.56 11.58 52.66
N ASP D 744 35.72 11.55 53.69
CA ASP D 744 35.45 12.73 54.56
C ASP D 744 36.70 13.14 55.35
N VAL D 745 37.40 12.20 55.96
CA VAL D 745 38.67 12.47 56.67
C VAL D 745 39.67 13.12 55.70
N GLU D 746 39.90 12.58 54.52
CA GLU D 746 40.92 13.16 53.59
C GLU D 746 40.52 14.61 53.31
N ALA D 747 39.23 14.81 53.03
CA ALA D 747 38.57 16.05 52.63
C ALA D 747 38.61 17.11 53.72
N LEU D 748 38.29 16.73 54.96
CA LEU D 748 38.33 17.64 56.13
C LEU D 748 39.74 18.21 56.22
N ILE D 749 40.76 17.37 56.21
CA ILE D 749 42.13 17.82 56.56
C ILE D 749 42.64 18.68 55.43
N GLU D 750 42.15 18.43 54.23
CA GLU D 750 42.53 19.20 53.04
C GLU D 750 41.82 20.58 53.04
N PHE D 751 40.65 20.68 53.63
CA PHE D 751 39.88 21.95 53.78
C PHE D 751 40.55 22.81 54.86
N ILE D 752 40.97 22.20 55.97
CA ILE D 752 41.64 22.94 57.08
C ILE D 752 42.95 23.53 56.56
N TYR D 753 43.70 22.84 55.70
CA TYR D 753 45.08 23.27 55.38
C TYR D 753 45.09 24.04 54.08
N ASP D 754 44.06 23.92 53.24
CA ASP D 754 44.04 24.63 51.93
C ASP D 754 44.04 26.13 52.20
N THR D 755 44.36 26.93 51.20
CA THR D 755 44.40 28.41 51.32
C THR D 755 43.00 28.92 51.11
N GLU D 756 42.69 30.06 51.74
CA GLU D 756 41.36 30.73 51.68
C GLU D 756 41.05 31.01 50.21
N LYS D 757 42.07 31.29 49.41
CA LYS D 757 41.98 31.48 47.95
C LYS D 757 41.43 30.22 47.27
N ASN D 758 41.86 29.01 47.68
CA ASN D 758 41.33 27.73 47.12
C ASN D 758 40.10 27.22 47.89
N GLY D 759 39.57 28.00 48.83
CA GLY D 759 38.27 27.72 49.49
C GLY D 759 38.42 27.05 50.83
N GLY D 760 39.65 26.98 51.37
CA GLY D 760 39.98 26.35 52.66
C GLY D 760 40.04 27.35 53.79
N LEU D 761 40.82 27.04 54.82
CA LEU D 761 40.97 27.84 56.07
C LEU D 761 42.38 28.44 56.16
N GLY D 762 43.40 27.75 55.69
CA GLY D 762 44.79 28.22 55.74
C GLY D 762 45.36 28.07 57.13
N TRP D 763 44.78 27.16 57.89
CA TRP D 763 45.23 26.85 59.25
C TRP D 763 46.36 25.84 59.20
N ASP D 764 46.86 25.54 60.39
CA ASP D 764 47.87 24.49 60.64
C ASP D 764 47.66 24.06 62.10
N LEU D 765 47.09 22.90 62.30
CA LEU D 765 46.62 22.36 63.60
C LEU D 765 47.78 22.25 64.57
N ASP D 766 47.49 22.55 65.82
CA ASP D 766 48.31 22.38 67.02
C ASP D 766 47.72 21.34 67.97
N ALA D 767 46.52 20.81 67.71
CA ALA D 767 45.91 19.71 68.51
C ALA D 767 44.79 19.05 67.75
N ILE D 768 44.78 17.73 67.76
CA ILE D 768 43.66 16.92 67.27
C ILE D 768 43.08 16.23 68.50
N ILE D 769 41.77 16.27 68.63
CA ILE D 769 41.06 15.59 69.74
C ILE D 769 39.95 14.76 69.12
N PRO D 770 40.25 13.51 68.73
CA PRO D 770 39.30 12.66 68.01
C PRO D 770 38.48 11.73 68.92
N PHE D 771 37.46 12.26 69.55
CA PHE D 771 36.61 11.63 70.59
C PHE D 771 35.33 11.09 69.96
N ALA D 772 35.17 11.12 68.64
CA ALA D 772 34.02 10.50 67.94
C ALA D 772 33.98 9.03 68.24
N ALA D 773 32.77 8.51 68.28
CA ALA D 773 32.54 7.15 68.81
C ALA D 773 31.09 6.80 68.59
N ILE D 774 30.80 5.52 68.38
CA ILE D 774 29.41 5.00 68.46
C ILE D 774 29.38 3.95 69.54
N PRO D 775 28.28 3.92 70.30
CA PRO D 775 28.09 2.93 71.35
C PRO D 775 27.74 1.56 70.78
N GLU D 776 28.22 0.51 71.43
CA GLU D 776 27.87 -0.89 71.11
C GLU D 776 27.61 -1.55 72.45
N GLN D 777 26.36 -1.94 72.70
CA GLN D 777 25.88 -2.39 74.02
C GLN D 777 25.34 -3.81 73.88
N GLY D 778 25.74 -4.70 74.80
CA GLY D 778 25.38 -6.13 74.77
C GLY D 778 25.77 -6.79 73.47
N ILE D 779 26.84 -6.29 72.86
CA ILE D 779 27.52 -6.97 71.74
C ILE D 779 28.69 -7.71 72.36
N GLU D 780 28.46 -9.00 72.66
CA GLU D 780 29.48 -9.98 73.05
C GLU D 780 30.13 -10.57 71.78
N LEU D 781 31.16 -11.39 71.95
CA LEU D 781 32.01 -11.91 70.85
C LEU D 781 31.24 -12.77 69.84
N GLU D 782 30.20 -13.47 70.28
CA GLU D 782 29.21 -14.16 69.39
C GLU D 782 28.63 -13.17 68.35
N HIS D 783 28.43 -11.90 68.70
CA HIS D 783 27.53 -10.97 68.00
C HIS D 783 28.28 -9.85 67.29
N ILE D 784 29.62 -9.83 67.37
CA ILE D 784 30.41 -8.84 66.59
C ILE D 784 30.02 -9.02 65.14
N ASP D 785 29.39 -7.99 64.57
CA ASP D 785 29.05 -7.90 63.12
C ASP D 785 29.37 -6.50 62.58
N SER D 786 28.48 -5.95 61.79
CA SER D 786 28.70 -4.81 60.88
C SER D 786 28.89 -3.54 61.70
N LYS D 787 28.01 -3.31 62.66
CA LYS D 787 28.08 -2.13 63.54
C LYS D 787 29.43 -2.10 64.25
N SER D 788 29.90 -3.20 64.80
CA SER D 788 31.17 -3.22 65.54
C SER D 788 32.34 -3.00 64.57
N GLU D 789 32.28 -3.60 63.39
CA GLU D 789 33.34 -3.43 62.38
C GLU D 789 33.39 -1.97 61.91
N PHE D 790 32.25 -1.31 61.79
CA PHE D 790 32.16 0.13 61.47
C PHE D 790 32.65 0.96 62.63
N ALA D 791 32.19 0.67 63.82
CA ALA D 791 32.66 1.36 65.04
C ALA D 791 34.18 1.31 65.12
N HIS D 792 34.79 0.15 64.89
CA HIS D 792 36.27 -0.01 64.94
C HIS D 792 36.94 0.94 63.94
N ARG D 793 36.31 1.21 62.82
CA ARG D 793 36.85 2.11 61.79
C ARG D 793 36.77 3.54 62.30
N ILE D 794 35.64 3.95 62.85
CA ILE D 794 35.49 5.32 63.46
C ILE D 794 36.57 5.53 64.52
N MET D 795 36.72 4.59 65.42
CA MET D 795 37.43 4.76 66.70
C MET D 795 38.90 4.37 66.62
N LEU D 796 39.35 3.72 65.52
CA LEU D 796 40.77 3.35 65.36
C LEU D 796 41.26 3.63 63.94
N THR D 797 40.93 2.84 62.92
CA THR D 797 41.63 2.97 61.60
C THR D 797 41.49 4.39 61.04
N ASN D 798 40.35 5.05 61.15
CA ASN D 798 40.16 6.39 60.58
C ASN D 798 40.75 7.41 61.54
N ILE D 799 41.06 7.07 62.80
CA ILE D 799 41.91 7.99 63.64
C ILE D 799 43.33 8.01 63.08
N LEU D 800 43.84 6.86 62.67
CA LEU D 800 45.20 6.72 62.14
C LEU D 800 45.30 7.44 60.81
N ARG D 801 44.30 7.28 59.96
CA ARG D 801 44.18 7.97 58.65
C ARG D 801 44.09 9.49 58.79
N MET D 802 43.57 10.01 59.89
CA MET D 802 43.42 11.47 60.11
C MET D 802 44.76 12.01 60.59
N MET D 803 45.46 11.35 61.52
CA MET D 803 46.87 11.71 61.84
C MET D 803 47.78 11.43 60.61
N GLY D 804 47.47 10.43 59.81
CA GLY D 804 48.27 10.26 58.61
C GLY D 804 48.16 11.45 57.72
N CYS D 805 46.94 11.96 57.54
CA CYS D 805 46.59 13.09 56.64
C CYS D 805 47.25 14.34 57.19
N VAL D 806 47.25 14.58 58.51
CA VAL D 806 47.83 15.86 58.99
C VAL D 806 49.33 15.80 58.84
N LYS D 807 49.95 14.64 58.90
CA LYS D 807 51.39 14.45 58.60
C LYS D 807 51.65 14.76 57.13
N LYS D 808 50.88 14.24 56.20
CA LYS D 808 51.11 14.55 54.76
C LYS D 808 50.92 16.05 54.45
N GLN D 809 49.93 16.72 55.00
CA GLN D 809 49.73 18.18 54.80
C GLN D 809 50.86 18.99 55.45
N LYS D 810 51.37 18.59 56.62
CA LYS D 810 52.41 19.37 57.33
C LYS D 810 53.74 19.22 56.64
N SER D 811 53.94 18.12 55.91
CA SER D 811 55.22 17.72 55.32
C SER D 811 55.32 18.36 53.94
N ALA D 812 54.22 18.29 53.19
CA ALA D 812 53.99 19.03 51.94
C ALA D 812 54.54 20.45 52.02
N ARG D 813 54.31 21.13 53.14
CA ARG D 813 54.68 22.56 53.39
C ARG D 813 55.95 22.67 54.24
N GLY D 814 56.64 21.55 54.45
CA GLY D 814 57.92 21.51 55.19
C GLY D 814 57.82 22.06 56.58
N ILE D 815 56.67 21.92 57.21
CA ILE D 815 56.46 22.36 58.62
C ILE D 815 57.06 21.26 59.49
N GLU D 816 58.21 21.52 60.09
CA GLU D 816 58.92 20.51 60.90
C GLU D 816 58.93 20.90 62.37
N THR D 817 58.41 22.06 62.75
CA THR D 817 58.64 22.62 64.10
C THR D 817 57.31 23.06 64.74
N ARG D 818 56.18 22.61 64.22
CA ARG D 818 54.85 22.97 64.77
C ARG D 818 54.00 21.71 64.85
N PRO D 819 54.32 20.78 65.76
CA PRO D 819 53.64 19.51 65.83
C PRO D 819 52.24 19.65 66.40
N ALA D 820 51.32 18.81 65.95
CA ALA D 820 49.95 18.75 66.50
C ALA D 820 49.91 17.71 67.61
N GLN D 821 49.54 18.11 68.82
CA GLN D 821 49.40 17.14 69.94
C GLN D 821 48.08 16.41 69.74
N VAL D 822 48.15 15.13 69.39
CA VAL D 822 46.96 14.24 69.40
C VAL D 822 46.63 13.84 70.85
N ILE D 823 45.41 14.08 71.33
CA ILE D 823 44.90 13.64 72.67
C ILE D 823 43.97 12.45 72.45
N LEU D 824 44.42 11.21 72.65
CA LEU D 824 43.64 9.97 72.40
C LEU D 824 42.86 9.66 73.66
N PRO D 825 41.55 9.40 73.58
CA PRO D 825 40.83 8.92 74.73
C PRO D 825 41.16 7.43 74.86
N MET D 826 41.86 7.06 75.93
CA MET D 826 42.16 5.67 76.25
C MET D 826 41.13 5.25 77.29
N SER D 827 41.07 3.95 77.56
CA SER D 827 40.29 3.37 78.67
C SER D 827 41.31 2.74 79.59
N PRO D 828 41.03 2.59 80.90
CA PRO D 828 41.84 1.71 81.74
C PRO D 828 41.27 0.28 81.72
N ASN D 829 40.02 0.14 81.26
CA ASN D 829 39.18 -1.09 81.35
C ASN D 829 39.07 -1.70 79.95
N HIS D 830 40.09 -2.49 79.55
CA HIS D 830 40.17 -3.29 78.29
C HIS D 830 39.61 -4.70 78.52
N GLY D 831 38.39 -4.96 78.10
CA GLY D 831 37.73 -6.28 78.19
C GLY D 831 37.02 -6.57 79.52
N THR D 832 37.18 -5.75 80.55
CA THR D 832 36.81 -6.09 81.95
C THR D 832 35.30 -5.96 82.22
N PHE D 833 34.48 -5.56 81.25
CA PHE D 833 32.99 -5.54 81.36
C PHE D 833 32.31 -6.44 80.33
N GLY D 834 32.80 -6.44 79.10
CA GLY D 834 32.16 -7.16 78.00
C GLY D 834 30.95 -6.41 77.48
N GLY D 835 30.37 -6.93 76.41
CA GLY D 835 29.16 -6.36 75.80
C GLY D 835 29.48 -5.06 75.11
N ASP D 836 30.76 -4.78 74.88
CA ASP D 836 31.26 -3.48 74.37
C ASP D 836 31.58 -3.62 72.86
N GLY D 837 31.40 -4.80 72.24
CA GLY D 837 31.67 -5.01 70.81
C GLY D 837 33.15 -4.96 70.60
N MET D 838 33.63 -4.16 69.66
CA MET D 838 35.10 -4.07 69.46
C MET D 838 35.66 -2.79 70.10
N TYR D 839 35.05 -2.25 71.16
CA TYR D 839 35.44 -0.99 71.82
C TYR D 839 36.83 -1.17 72.47
N SER D 840 36.97 -2.18 73.31
CA SER D 840 38.25 -2.55 73.96
C SER D 840 39.39 -2.78 72.95
N GLU D 841 39.13 -3.36 71.79
CA GLU D 841 40.16 -3.62 70.74
C GLU D 841 40.55 -2.26 70.16
N SER D 842 39.57 -1.40 69.89
CA SER D 842 39.75 -0.02 69.43
C SER D 842 40.68 0.71 70.37
N LYS D 843 40.37 0.69 71.66
CA LYS D 843 41.04 1.54 72.68
C LYS D 843 42.46 1.02 72.88
N LEU D 844 42.63 -0.26 73.00
CA LEU D 844 43.96 -0.82 73.32
C LEU D 844 44.98 -0.63 72.18
N SER D 845 44.53 -0.69 70.95
CA SER D 845 45.39 -0.56 69.76
C SER D 845 45.91 0.86 69.58
N LEU D 846 45.38 1.88 70.24
CA LEU D 846 45.95 3.27 70.19
C LEU D 846 47.23 3.34 71.03
N GLU D 847 47.40 2.47 72.02
CA GLU D 847 48.65 2.36 72.81
C GLU D 847 49.85 1.95 71.92
N THR D 848 49.65 1.43 70.71
CA THR D 848 50.75 1.29 69.71
C THR D 848 51.33 2.64 69.26
N LEU D 849 50.59 3.75 69.35
CA LEU D 849 51.10 5.08 68.91
C LEU D 849 52.16 5.63 69.88
N PHE D 850 52.29 5.13 71.10
CA PHE D 850 53.31 5.60 72.05
C PHE D 850 54.64 4.97 71.68
N ASN D 851 54.61 3.90 70.90
CA ASN D 851 55.85 3.22 70.50
C ASN D 851 56.22 3.68 69.11
N ARG D 852 55.27 3.70 68.20
CA ARG D 852 55.51 4.11 66.79
C ARG D 852 55.96 5.55 66.70
N TRP D 853 55.71 6.41 67.67
CA TRP D 853 56.21 7.80 67.67
C TRP D 853 57.73 7.82 67.64
N HIS D 854 58.39 6.86 68.30
CA HIS D 854 59.87 6.66 68.27
C HIS D 854 60.35 5.94 67.02
N SER D 855 59.51 5.16 66.39
CA SER D 855 59.98 4.12 65.45
C SER D 855 59.73 4.49 64.02
N GLU D 856 59.07 5.62 63.75
CA GLU D 856 58.68 6.06 62.39
C GLU D 856 59.14 7.50 62.19
N SER D 857 58.60 8.18 61.21
CA SER D 857 59.16 9.43 60.63
C SER D 857 58.16 10.57 60.78
N TRP D 858 57.27 10.50 61.76
CA TRP D 858 56.19 11.48 61.94
C TRP D 858 56.23 12.14 63.31
N ALA D 859 57.27 11.99 64.11
CA ALA D 859 57.35 12.65 65.42
C ALA D 859 57.48 14.18 65.32
N ASN D 860 58.04 14.75 64.27
CA ASN D 860 58.10 16.23 64.15
C ASN D 860 56.76 16.79 63.72
N GLN D 861 55.85 15.99 63.21
CA GLN D 861 54.54 16.47 62.76
C GLN D 861 53.44 16.26 63.80
N LEU D 862 53.66 15.45 64.85
CA LEU D 862 52.58 14.80 65.66
C LEU D 862 53.16 14.40 67.00
N THR D 863 52.43 14.56 68.07
CA THR D 863 52.85 14.15 69.41
C THR D 863 51.68 13.43 70.04
N VAL D 864 51.91 12.39 70.80
CA VAL D 864 50.76 11.68 71.37
C VAL D 864 50.71 12.02 72.86
N CYS D 865 49.49 12.31 73.30
CA CYS D 865 49.14 12.56 74.70
C CYS D 865 47.93 11.71 74.97
N GLY D 866 48.11 10.51 75.46
CA GLY D 866 47.01 9.59 75.75
C GLY D 866 46.44 9.88 77.11
N ALA D 867 45.14 10.17 77.17
CA ALA D 867 44.39 10.49 78.39
C ALA D 867 43.56 9.27 78.76
N ILE D 868 43.89 8.61 79.87
CA ILE D 868 43.11 7.47 80.42
C ILE D 868 41.99 8.09 81.25
N ILE D 869 40.84 8.32 80.62
CA ILE D 869 39.68 9.06 81.18
C ILE D 869 38.96 8.11 82.11
N GLY D 870 38.61 8.59 83.30
CA GLY D 870 37.96 7.80 84.35
C GLY D 870 36.52 8.19 84.56
N TRP D 871 35.96 7.87 85.72
CA TRP D 871 34.48 7.85 85.91
C TRP D 871 33.91 9.26 85.89
N THR D 872 33.22 9.58 84.82
CA THR D 872 32.62 10.90 84.52
C THR D 872 31.12 10.71 84.59
N ARG D 873 30.51 11.37 85.55
CA ARG D 873 29.04 11.39 85.79
C ARG D 873 28.39 12.16 84.64
N GLY D 874 27.25 11.71 84.13
CA GLY D 874 26.43 12.46 83.15
C GLY D 874 25.39 13.31 83.83
N THR D 875 24.34 13.68 83.09
CA THR D 875 23.19 14.52 83.53
C THR D 875 22.55 13.96 84.81
N GLY D 876 21.63 12.98 84.71
CA GLY D 876 20.77 12.59 85.84
C GLY D 876 20.17 11.19 85.73
N LEU D 877 20.58 10.29 86.66
CA LEU D 877 19.91 9.01 87.03
C LEU D 877 20.20 7.94 85.98
N MET D 878 19.66 8.10 84.78
CA MET D 878 19.83 7.16 83.64
C MET D 878 21.24 7.35 83.06
N SER D 879 21.64 8.60 82.81
CA SER D 879 22.94 8.95 82.18
C SER D 879 24.06 8.21 82.92
N ALA D 880 24.97 7.62 82.15
CA ALA D 880 26.13 6.85 82.64
C ALA D 880 25.62 5.76 83.58
N ASN D 881 26.25 5.58 84.75
CA ASN D 881 25.66 4.74 85.82
C ASN D 881 25.60 5.62 87.07
N ASN D 882 24.91 6.77 86.99
CA ASN D 882 24.92 7.80 88.08
C ASN D 882 24.49 7.22 89.43
N ILE D 883 23.54 6.29 89.46
CA ILE D 883 22.98 5.74 90.73
C ILE D 883 24.05 5.00 91.55
N ILE D 884 25.04 4.37 90.92
CA ILE D 884 26.10 3.66 91.68
C ILE D 884 27.38 4.49 91.86
N ALA D 885 27.45 5.74 91.38
CA ALA D 885 28.61 6.63 91.59
C ALA D 885 28.88 6.78 93.09
N GLU D 886 27.85 7.15 93.87
CA GLU D 886 27.99 7.38 95.33
C GLU D 886 28.71 6.17 95.94
N GLY D 887 28.33 4.96 95.49
CA GLY D 887 28.77 3.69 96.08
C GLY D 887 30.21 3.36 95.76
N ILE D 888 30.62 3.63 94.53
CA ILE D 888 32.02 3.54 94.03
C ILE D 888 32.88 4.55 94.78
N GLU D 889 32.39 5.76 95.04
CA GLU D 889 33.16 6.79 95.80
C GLU D 889 33.42 6.33 97.23
N LYS D 890 32.53 5.52 97.82
CA LYS D 890 32.71 5.00 99.20
C LYS D 890 33.94 4.12 99.30
N MET D 891 34.35 3.46 98.20
CA MET D 891 35.60 2.63 98.10
C MET D 891 36.88 3.47 98.21
N GLY D 892 36.81 4.79 98.06
CA GLY D 892 37.98 5.70 98.12
C GLY D 892 38.37 6.23 96.75
N VAL D 893 37.70 5.71 95.71
CA VAL D 893 37.74 6.20 94.30
C VAL D 893 37.11 7.60 94.23
N ARG D 894 37.53 8.40 93.25
CA ARG D 894 36.89 9.69 92.97
C ARG D 894 36.24 9.64 91.60
N THR D 895 35.00 10.09 91.49
CA THR D 895 34.33 10.34 90.20
C THR D 895 34.37 11.85 89.94
N PHE D 896 33.99 12.24 88.75
CA PHE D 896 34.17 13.59 88.22
C PHE D 896 32.89 14.07 87.55
N SER D 897 32.58 15.36 87.72
CA SER D 897 31.62 16.02 86.83
C SER D 897 32.27 16.05 85.45
N GLN D 898 31.46 16.14 84.41
CA GLN D 898 31.91 16.50 83.04
C GLN D 898 32.78 17.74 83.09
N LYS D 899 32.45 18.78 83.87
CA LYS D 899 33.26 20.04 83.90
C LYS D 899 34.64 19.82 84.54
N GLU D 900 34.78 18.88 85.48
CA GLU D 900 36.09 18.49 86.06
C GLU D 900 36.90 17.63 85.06
N MET D 901 36.28 16.64 84.41
CA MET D 901 36.94 15.83 83.37
C MET D 901 37.38 16.75 82.22
N ALA D 902 36.66 17.85 81.97
CA ALA D 902 37.01 18.78 80.86
C ALA D 902 38.30 19.47 81.28
N PHE D 903 38.38 19.81 82.56
CA PHE D 903 39.45 20.57 83.20
C PHE D 903 40.73 19.79 83.08
N ASN D 904 40.63 18.51 83.43
CA ASN D 904 41.74 17.53 83.46
C ASN D 904 42.36 17.41 82.07
N LEU D 905 41.53 17.26 81.04
CA LEU D 905 41.97 17.12 79.63
C LEU D 905 42.49 18.44 79.09
N LEU D 906 41.97 19.61 79.52
CA LEU D 906 42.55 20.94 79.13
C LEU D 906 43.90 21.18 79.84
N GLY D 907 44.12 20.56 80.99
CA GLY D 907 45.44 20.35 81.58
C GLY D 907 46.44 19.86 80.56
N LEU D 908 46.07 18.90 79.71
CA LEU D 908 47.03 18.24 78.78
C LEU D 908 47.39 19.16 77.61
N LEU D 909 46.81 20.34 77.54
CA LEU D 909 47.03 21.34 76.48
C LEU D 909 47.70 22.58 77.09
N THR D 910 48.17 22.50 78.34
CA THR D 910 48.86 23.62 79.01
C THR D 910 50.25 23.64 78.42
N PRO D 911 51.01 24.77 78.50
CA PRO D 911 52.34 24.80 77.92
C PRO D 911 53.36 23.82 78.54
N GLU D 912 53.18 23.35 79.77
CA GLU D 912 54.14 22.44 80.47
C GLU D 912 54.03 21.01 79.91
N VAL D 913 52.83 20.48 79.79
CA VAL D 913 52.58 19.11 79.28
C VAL D 913 52.50 19.12 77.75
N VAL D 914 52.43 20.27 77.10
CA VAL D 914 52.73 20.38 75.63
C VAL D 914 54.23 20.17 75.48
N GLU D 915 55.02 20.78 76.38
CA GLU D 915 56.51 20.67 76.36
C GLU D 915 56.95 19.21 76.49
N LEU D 916 56.39 18.39 77.43
CA LEU D 916 56.77 16.94 77.61
C LEU D 916 56.44 16.12 76.34
N CYS D 917 55.18 16.06 75.94
CA CYS D 917 54.67 15.48 74.68
C CYS D 917 55.67 15.58 73.51
N GLN D 918 56.36 16.72 73.39
CA GLN D 918 57.29 17.05 72.30
C GLN D 918 58.65 16.40 72.59
N LYS D 919 59.00 16.14 73.87
CA LYS D 919 60.15 15.26 74.23
C LYS D 919 59.86 13.78 73.92
N SER D 920 58.78 13.25 74.47
CA SER D 920 58.40 11.81 74.54
C SER D 920 56.87 11.74 74.64
N PRO D 921 56.19 10.66 74.21
CA PRO D 921 54.75 10.52 74.45
C PRO D 921 54.31 10.61 75.91
N VAL D 922 53.20 11.32 76.16
CA VAL D 922 52.65 11.50 77.52
C VAL D 922 51.45 10.61 77.77
N MET D 923 51.48 9.77 78.80
CA MET D 923 50.32 8.96 79.20
C MET D 923 49.77 9.49 80.51
N ALA D 924 48.61 10.15 80.42
CA ALA D 924 47.92 10.82 81.54
C ALA D 924 46.86 9.91 82.13
N ASP D 925 46.93 9.61 83.43
CA ASP D 925 45.93 8.79 84.15
C ASP D 925 44.93 9.68 84.88
N LEU D 926 43.82 10.02 84.21
CA LEU D 926 42.73 10.86 84.78
C LEU D 926 41.62 9.94 85.32
N ASN D 927 42.01 8.78 85.80
CA ASN D 927 41.14 7.75 86.39
C ASN D 927 41.42 7.87 87.88
N GLY D 928 40.44 8.22 88.68
CA GLY D 928 40.69 8.56 90.08
C GLY D 928 40.69 7.33 90.96
N GLY D 929 41.67 6.44 90.79
CA GLY D 929 41.87 5.28 91.67
C GLY D 929 41.00 4.06 91.31
N LEU D 930 40.26 4.06 90.22
CA LEU D 930 39.52 2.84 89.76
C LEU D 930 40.50 1.72 89.37
N GLN D 931 41.78 2.00 89.13
CA GLN D 931 42.80 0.94 88.92
C GLN D 931 42.69 -0.10 90.05
N PHE D 932 42.48 0.38 91.29
CA PHE D 932 42.77 -0.33 92.56
C PHE D 932 41.52 -0.93 93.21
N VAL D 933 40.30 -0.57 92.80
CA VAL D 933 39.07 -1.33 93.18
C VAL D 933 39.10 -2.64 92.40
N PRO D 934 39.33 -3.81 93.04
CA PRO D 934 39.52 -5.08 92.33
C PRO D 934 38.20 -5.77 92.00
N GLU D 935 38.15 -6.49 90.88
CA GLU D 935 36.91 -7.10 90.29
C GLU D 935 35.82 -6.02 90.22
N LEU D 936 36.10 -4.93 89.51
CA LEU D 936 35.17 -3.82 89.28
C LEU D 936 33.90 -4.27 88.55
N LYS D 937 33.93 -5.34 87.75
CA LYS D 937 32.69 -5.74 87.02
C LYS D 937 31.65 -6.18 88.05
N GLU D 938 32.07 -7.13 88.89
CA GLU D 938 31.21 -7.82 89.86
C GLU D 938 30.95 -6.88 91.04
N PHE D 939 31.77 -5.87 91.26
CA PHE D 939 31.55 -4.86 92.35
C PHE D 939 30.36 -3.97 91.99
N THR D 940 30.53 -3.16 90.96
CA THR D 940 29.52 -2.36 90.27
C THR D 940 28.17 -3.09 90.16
N ALA D 941 28.19 -4.42 89.96
CA ALA D 941 26.99 -5.28 89.78
C ALA D 941 26.32 -5.57 91.13
N LYS D 942 27.12 -5.84 92.15
CA LYS D 942 26.69 -5.92 93.57
C LYS D 942 26.04 -4.59 93.99
N LEU D 943 26.61 -3.44 93.63
CA LEU D 943 26.06 -2.14 94.05
C LEU D 943 24.68 -1.94 93.42
N ARG D 944 24.44 -2.42 92.21
CA ARG D 944 23.17 -2.13 91.50
C ARG D 944 22.08 -3.03 92.10
N LYS D 945 22.40 -4.30 92.32
CA LYS D 945 21.65 -5.27 93.18
C LYS D 945 21.11 -4.54 94.43
N GLU D 946 21.98 -4.10 95.34
CA GLU D 946 21.62 -3.53 96.68
C GLU D 946 20.64 -2.35 96.55
N LEU D 947 20.76 -1.52 95.52
CA LEU D 947 19.84 -0.36 95.30
C LEU D 947 18.47 -0.86 94.84
N VAL D 948 18.48 -1.85 93.96
CA VAL D 948 17.25 -2.42 93.34
C VAL D 948 16.50 -3.20 94.43
N GLU D 949 17.16 -4.21 95.02
CA GLU D 949 16.67 -4.97 96.20
C GLU D 949 15.91 -3.98 97.10
N THR D 950 16.61 -3.03 97.72
CA THR D 950 16.02 -2.00 98.63
C THR D 950 14.81 -1.30 98.00
N SER D 951 14.94 -0.71 96.81
CA SER D 951 13.84 -0.07 96.05
C SER D 951 12.63 -1.01 95.86
N GLU D 952 12.84 -2.28 95.49
CA GLU D 952 11.76 -3.25 95.19
C GLU D 952 11.00 -3.63 96.48
N VAL D 953 11.70 -3.98 97.57
CA VAL D 953 11.06 -4.36 98.86
C VAL D 953 10.20 -3.19 99.32
N ARG D 954 10.71 -1.98 99.15
CA ARG D 954 10.10 -0.74 99.67
C ARG D 954 8.86 -0.39 98.86
N LYS D 955 8.89 -0.71 97.57
CA LYS D 955 7.81 -0.40 96.59
C LYS D 955 6.71 -1.45 96.72
N ALA D 956 7.05 -2.68 97.12
CA ALA D 956 6.12 -3.81 97.35
C ALA D 956 5.33 -3.56 98.64
N VAL D 957 6.00 -3.11 99.70
CA VAL D 957 5.39 -2.66 100.99
C VAL D 957 4.46 -1.47 100.73
N SER D 958 4.85 -0.57 99.83
CA SER D 958 4.07 0.65 99.51
C SER D 958 2.80 0.27 98.74
N ILE D 959 2.86 -0.76 97.88
CA ILE D 959 1.70 -1.21 97.05
C ILE D 959 0.65 -1.81 97.99
N GLU D 960 1.07 -2.73 98.86
CA GLU D 960 0.20 -3.46 99.81
C GLU D 960 -0.46 -2.46 100.79
N THR D 961 0.27 -1.49 101.35
CA THR D 961 -0.30 -0.48 102.29
C THR D 961 -1.37 0.37 101.58
N ALA D 962 -1.32 0.51 100.26
CA ALA D 962 -2.34 1.26 99.48
C ALA D 962 -3.58 0.38 99.30
N LEU D 963 -3.40 -0.85 98.81
CA LEU D 963 -4.46 -1.90 98.73
C LEU D 963 -5.15 -2.10 100.09
N GLU D 964 -4.40 -2.22 101.18
CA GLU D 964 -4.90 -2.56 102.54
C GLU D 964 -5.30 -1.29 103.30
N HIS D 965 -5.77 -0.28 102.55
CA HIS D 965 -6.21 1.07 103.00
C HIS D 965 -7.38 1.50 102.11
N LYS D 966 -7.22 1.32 100.80
CA LYS D 966 -8.30 1.26 99.77
C LYS D 966 -9.41 0.29 100.21
N VAL D 967 -9.07 -0.83 100.86
CA VAL D 967 -10.05 -1.87 101.29
C VAL D 967 -10.76 -1.40 102.56
N VAL D 968 -10.05 -0.77 103.50
CA VAL D 968 -10.59 -0.24 104.78
C VAL D 968 -11.41 1.04 104.53
N ASN D 969 -11.09 1.84 103.50
CA ASN D 969 -11.74 3.15 103.21
C ASN D 969 -12.32 3.14 101.79
N GLY D 970 -12.60 1.96 101.21
CA GLY D 970 -13.27 1.78 99.91
C GLY D 970 -12.84 2.81 98.86
N ASN D 971 -13.78 3.66 98.43
CA ASN D 971 -13.52 4.85 97.57
C ASN D 971 -14.31 6.02 98.18
N SER D 972 -14.03 6.32 99.46
CA SER D 972 -14.65 7.37 100.34
C SER D 972 -13.59 8.39 100.81
N ALA D 973 -12.49 7.91 101.41
CA ALA D 973 -11.26 8.67 101.82
C ALA D 973 -10.12 8.49 100.80
N ASP D 974 -10.33 7.68 99.74
CA ASP D 974 -9.39 7.48 98.57
C ASP D 974 -10.02 8.01 97.26
N ALA D 975 -11.15 8.75 97.32
CA ALA D 975 -11.92 9.28 96.15
C ALA D 975 -12.33 10.77 96.31
N ALA D 976 -12.61 11.23 97.55
CA ALA D 976 -12.87 12.65 97.95
C ALA D 976 -11.55 13.39 98.27
N TYR D 977 -10.42 12.66 98.30
CA TYR D 977 -9.00 13.12 98.40
C TYR D 977 -8.66 14.10 97.24
N ALA D 978 -9.26 13.91 96.03
CA ALA D 978 -8.84 14.50 94.73
C ALA D 978 -9.60 15.81 94.41
N GLN D 979 -8.82 16.86 94.07
CA GLN D 979 -9.22 18.30 93.91
C GLN D 979 -9.75 18.54 92.49
N VAL D 980 -10.15 19.78 92.19
CA VAL D 980 -10.72 20.26 90.89
C VAL D 980 -9.75 21.27 90.27
N GLU D 981 -9.38 21.06 89.00
CA GLU D 981 -8.37 21.90 88.29
C GLU D 981 -9.05 22.79 87.24
N ILE D 982 -8.45 23.96 87.04
CA ILE D 982 -8.90 25.04 86.12
C ILE D 982 -7.92 25.09 84.95
N GLN D 983 -8.33 24.57 83.80
CA GLN D 983 -7.59 24.72 82.52
C GLN D 983 -7.89 26.10 81.95
N PRO D 984 -6.88 26.95 81.70
CA PRO D 984 -7.11 28.31 81.19
C PRO D 984 -7.68 28.34 79.77
N ARG D 985 -8.58 29.28 79.51
CA ARG D 985 -9.08 29.59 78.16
C ARG D 985 -8.38 30.85 77.69
N ALA D 986 -8.36 31.07 76.38
CA ALA D 986 -7.62 32.18 75.73
C ALA D 986 -8.44 33.45 75.86
N ASN D 987 -7.93 34.42 76.64
CA ASN D 987 -8.54 35.77 76.76
C ASN D 987 -7.72 36.74 75.94
N ILE D 988 -7.83 36.68 74.62
CA ILE D 988 -7.06 37.53 73.66
C ILE D 988 -7.33 39.01 73.94
N GLN D 989 -6.28 39.80 74.19
CA GLN D 989 -6.36 41.25 74.53
C GLN D 989 -5.94 42.10 73.34
N LEU D 990 -6.45 43.34 73.27
CA LEU D 990 -6.07 44.31 72.22
C LEU D 990 -4.73 45.02 72.48
N ASP D 991 -4.15 44.94 73.67
CA ASP D 991 -2.80 45.52 73.98
C ASP D 991 -2.84 47.01 73.65
N PHE D 992 -3.81 47.73 74.21
CA PHE D 992 -3.80 49.20 74.30
C PHE D 992 -2.70 49.58 75.28
N PRO D 993 -2.05 50.76 75.11
CA PRO D 993 -0.93 51.15 75.95
C PRO D 993 -1.34 51.50 77.36
N GLU D 994 -0.57 51.05 78.37
CA GLU D 994 -0.84 51.31 79.81
C GLU D 994 -0.66 52.80 80.06
N LEU D 995 -1.70 53.46 80.60
CA LEU D 995 -1.67 54.89 80.99
C LEU D 995 -1.41 54.97 82.49
N LYS D 996 -0.28 55.60 82.83
CA LYS D 996 0.22 55.81 84.20
C LYS D 996 -0.56 56.96 84.81
N PRO D 997 -0.56 57.10 86.16
CA PRO D 997 -1.16 58.29 86.78
C PRO D 997 -0.38 59.57 86.45
N TYR D 998 -1.08 60.70 86.32
CA TYR D 998 -0.52 61.99 85.84
C TYR D 998 0.78 62.38 86.54
N LYS D 999 0.87 62.16 87.85
CA LYS D 999 2.03 62.58 88.68
C LYS D 999 3.31 61.86 88.19
N GLN D 1000 3.17 60.66 87.64
CA GLN D 1000 4.28 59.78 87.15
C GLN D 1000 4.67 60.15 85.71
N VAL D 1001 3.71 60.70 84.96
CA VAL D 1001 3.86 61.14 83.55
C VAL D 1001 4.66 62.45 83.48
N LYS D 1002 4.51 63.34 84.47
CA LYS D 1002 5.24 64.64 84.55
C LYS D 1002 6.71 64.49 85.00
N GLN D 1003 7.11 63.39 85.64
CA GLN D 1003 8.55 63.08 85.87
C GLN D 1003 9.29 63.01 84.51
N ILE D 1004 8.73 62.26 83.55
CA ILE D 1004 9.40 61.79 82.29
C ILE D 1004 9.82 62.98 81.43
N ALA D 1005 8.90 63.93 81.24
CA ALA D 1005 9.11 65.13 80.41
C ALA D 1005 9.51 66.30 81.31
N PRO D 1006 10.15 67.35 80.77
CA PRO D 1006 10.47 68.54 81.56
C PRO D 1006 9.29 69.51 81.71
N ALA D 1007 9.16 70.15 82.89
CA ALA D 1007 8.00 70.95 83.36
C ALA D 1007 7.64 72.08 82.38
N GLU D 1008 8.63 72.57 81.64
CA GLU D 1008 8.51 73.71 80.69
C GLU D 1008 7.65 73.30 79.50
N LEU D 1009 7.42 72.01 79.32
CA LEU D 1009 6.74 71.46 78.13
C LEU D 1009 5.24 71.77 78.16
N GLU D 1010 4.64 71.93 79.36
CA GLU D 1010 3.18 72.23 79.49
C GLU D 1010 2.86 73.55 78.78
N GLY D 1011 1.91 73.53 77.86
CA GLY D 1011 1.46 74.74 77.13
C GLY D 1011 2.40 75.19 76.04
N LEU D 1012 3.54 74.51 75.85
CA LEU D 1012 4.61 74.89 74.89
C LEU D 1012 4.35 74.29 73.51
N LEU D 1013 3.86 73.04 73.39
CA LEU D 1013 3.58 72.40 72.07
C LEU D 1013 2.21 72.79 71.55
N ASP D 1014 2.10 73.03 70.24
CA ASP D 1014 0.79 73.07 69.53
C ASP D 1014 0.36 71.63 69.22
N LEU D 1015 -0.51 71.08 70.04
CA LEU D 1015 -1.02 69.72 69.84
C LEU D 1015 -1.81 69.55 68.52
N GLU D 1016 -2.21 70.62 67.82
CA GLU D 1016 -2.91 70.48 66.51
C GLU D 1016 -1.93 70.01 65.44
N ARG D 1017 -0.65 69.95 65.79
CA ARG D 1017 0.44 69.88 64.81
C ARG D 1017 1.51 68.90 65.32
N VAL D 1018 1.14 68.07 66.28
CA VAL D 1018 1.83 66.83 66.73
C VAL D 1018 1.06 65.64 66.18
N ILE D 1019 1.71 64.84 65.33
CA ILE D 1019 1.13 63.64 64.71
C ILE D 1019 1.39 62.46 65.64
N VAL D 1020 0.44 61.56 65.73
CA VAL D 1020 0.33 60.54 66.81
C VAL D 1020 -0.22 59.32 66.09
N VAL D 1021 0.29 58.15 66.39
CA VAL D 1021 -0.25 56.90 65.81
C VAL D 1021 -1.23 56.39 66.82
N THR D 1022 -2.36 56.01 66.33
CA THR D 1022 -3.59 55.80 67.10
C THR D 1022 -4.06 54.36 66.94
N GLY D 1023 -3.55 53.64 65.95
CA GLY D 1023 -3.85 52.21 65.73
C GLY D 1023 -3.04 51.67 64.57
N PHE D 1024 -2.79 50.38 64.58
CA PHE D 1024 -2.05 49.69 63.51
C PHE D 1024 -2.44 48.23 63.43
N ALA D 1025 -2.12 47.63 62.31
CA ALA D 1025 -2.47 46.26 61.97
C ALA D 1025 -1.61 45.78 60.83
N GLU D 1026 -1.69 44.50 60.55
CA GLU D 1026 -1.00 43.83 59.43
C GLU D 1026 -1.55 42.44 59.18
N VAL D 1027 -1.30 42.03 57.97
CA VAL D 1027 -1.55 40.72 57.39
C VAL D 1027 -0.21 40.41 56.76
N GLY D 1028 0.43 39.40 57.28
CA GLY D 1028 1.64 38.89 56.64
C GLY D 1028 1.84 37.45 57.02
N PRO D 1029 3.04 36.94 56.74
CA PRO D 1029 3.41 35.58 57.08
C PRO D 1029 3.13 35.02 58.47
N TRP D 1030 3.00 35.84 59.51
CA TRP D 1030 2.75 35.32 60.88
C TRP D 1030 1.38 35.78 61.38
N GLY D 1031 0.48 36.03 60.45
CA GLY D 1031 -0.89 36.39 60.73
C GLY D 1031 -1.01 37.87 60.93
N SER D 1032 -1.30 38.27 62.15
CA SER D 1032 -1.59 39.65 62.57
C SER D 1032 -0.39 40.30 63.30
N ALA D 1033 -0.43 41.60 63.57
CA ALA D 1033 0.59 42.28 64.40
C ALA D 1033 0.69 41.63 65.79
N ARG D 1034 -0.39 41.02 66.29
CA ARG D 1034 -0.39 40.36 67.61
C ARG D 1034 0.48 39.12 67.54
N THR D 1035 0.16 38.24 66.60
CA THR D 1035 0.88 36.96 66.45
C THR D 1035 2.27 37.18 65.89
N ARG D 1036 2.51 38.19 65.07
CA ARG D 1036 3.89 38.45 64.58
C ARG D 1036 4.78 38.88 65.74
N TRP D 1037 4.25 39.67 66.67
CA TRP D 1037 5.01 40.16 67.83
C TRP D 1037 5.41 39.00 68.71
N GLU D 1038 4.51 38.03 68.92
CA GLU D 1038 4.80 36.85 69.77
C GLU D 1038 5.92 36.05 69.14
N MET D 1039 5.84 35.79 67.85
CA MET D 1039 6.90 35.04 67.13
C MET D 1039 8.22 35.83 67.10
N GLU D 1040 8.20 37.13 66.82
CA GLU D 1040 9.37 38.02 66.68
C GLU D 1040 10.12 38.10 68.02
N ALA D 1041 9.42 38.25 69.12
CA ALA D 1041 9.96 38.70 70.41
C ALA D 1041 10.26 37.50 71.32
N PHE D 1042 9.36 36.53 71.38
CA PHE D 1042 9.44 35.34 72.27
C PHE D 1042 9.80 34.06 71.50
N GLY D 1043 9.74 34.08 70.19
CA GLY D 1043 9.97 32.89 69.37
C GLY D 1043 8.98 31.75 69.58
N GLU D 1044 7.85 31.98 70.23
CA GLU D 1044 6.90 30.91 70.60
C GLU D 1044 5.55 31.55 70.89
N PHE D 1045 4.47 30.88 70.49
CA PHE D 1045 3.11 31.36 70.76
C PHE D 1045 2.68 31.01 72.18
N SER D 1046 1.90 31.91 72.76
CA SER D 1046 1.13 31.78 74.02
C SER D 1046 -0.19 31.06 73.71
N LEU D 1047 -1.03 30.84 74.71
CA LEU D 1047 -2.36 30.21 74.51
C LEU D 1047 -3.18 31.11 73.58
N GLU D 1048 -3.13 32.41 73.79
CA GLU D 1048 -3.84 33.44 72.99
C GLU D 1048 -3.25 33.51 71.59
N GLY D 1049 -1.95 33.28 71.46
CA GLY D 1049 -1.29 33.26 70.15
C GLY D 1049 -1.77 32.13 69.30
N CYS D 1050 -1.74 30.92 69.85
CA CYS D 1050 -2.21 29.66 69.24
C CYS D 1050 -3.68 29.73 68.82
N VAL D 1051 -4.56 30.23 69.67
CA VAL D 1051 -5.99 30.34 69.31
C VAL D 1051 -6.13 31.37 68.19
N GLU D 1052 -5.47 32.53 68.25
CA GLU D 1052 -5.61 33.51 67.15
C GLU D 1052 -5.10 32.85 65.87
N MET D 1053 -3.99 32.12 65.91
CA MET D 1053 -3.40 31.56 64.66
C MET D 1053 -4.30 30.45 64.14
N ALA D 1054 -4.94 29.70 65.02
CA ALA D 1054 -5.81 28.57 64.64
C ALA D 1054 -7.10 29.12 64.02
N TRP D 1055 -7.60 30.22 64.53
CA TRP D 1055 -8.79 30.91 63.97
C TRP D 1055 -8.45 31.49 62.62
N ILE D 1056 -7.25 32.07 62.46
CA ILE D 1056 -6.82 32.75 61.21
C ILE D 1056 -6.73 31.73 60.11
N MET D 1057 -5.96 30.71 60.35
CA MET D 1057 -5.63 29.61 59.42
C MET D 1057 -6.84 28.71 59.18
N GLY D 1058 -7.90 28.87 59.96
CA GLY D 1058 -9.17 28.17 59.72
C GLY D 1058 -9.20 26.76 60.28
N PHE D 1059 -8.32 26.41 61.20
CA PHE D 1059 -8.32 25.12 61.92
C PHE D 1059 -9.52 25.02 62.84
N ILE D 1060 -9.94 26.11 63.45
CA ILE D 1060 -11.05 26.13 64.44
C ILE D 1060 -12.02 27.24 64.10
N SER D 1061 -13.25 27.01 64.45
CA SER D 1061 -14.38 27.88 64.10
C SER D 1061 -15.36 27.75 65.24
N TYR D 1062 -15.81 28.85 65.78
CA TYR D 1062 -16.76 28.86 66.91
C TYR D 1062 -18.08 28.35 66.37
N HIS D 1063 -18.81 27.73 67.26
CA HIS D 1063 -20.11 27.09 67.04
C HIS D 1063 -20.99 27.52 68.20
N ASN D 1064 -22.23 27.87 67.95
CA ASN D 1064 -23.22 28.16 69.03
C ASN D 1064 -24.58 27.73 68.49
N GLY D 1065 -24.92 26.45 68.69
CA GLY D 1065 -26.09 25.82 68.06
C GLY D 1065 -26.26 24.39 68.49
N ASN D 1066 -26.81 23.55 67.62
CA ASN D 1066 -26.95 22.08 67.83
C ASN D 1066 -25.79 21.40 67.11
N LEU D 1067 -25.13 20.49 67.82
CA LEU D 1067 -23.87 19.82 67.42
C LEU D 1067 -24.01 18.35 67.78
N LYS D 1068 -24.28 17.53 66.75
CA LYS D 1068 -24.65 16.09 66.85
C LYS D 1068 -25.67 15.91 67.98
N GLY D 1069 -26.80 16.61 67.86
CA GLY D 1069 -28.04 16.37 68.61
C GLY D 1069 -28.23 17.33 69.75
N ARG D 1070 -27.24 17.38 70.64
CA ARG D 1070 -27.23 18.23 71.84
C ARG D 1070 -26.94 19.67 71.42
N PRO D 1071 -27.33 20.69 72.21
CA PRO D 1071 -26.84 22.05 71.98
C PRO D 1071 -25.43 22.26 72.57
N TYR D 1072 -24.61 23.04 71.84
CA TYR D 1072 -23.16 23.27 72.11
C TYR D 1072 -22.81 24.73 71.81
N THR D 1073 -21.81 25.23 72.55
CA THR D 1073 -21.27 26.60 72.47
C THR D 1073 -19.77 26.51 72.77
N GLY D 1074 -18.94 26.80 71.77
CA GLY D 1074 -17.47 26.70 71.95
C GLY D 1074 -16.78 26.60 70.61
N TRP D 1075 -15.48 26.29 70.63
CA TRP D 1075 -14.70 26.00 69.40
C TRP D 1075 -14.95 24.57 68.95
N VAL D 1076 -14.53 24.29 67.74
CA VAL D 1076 -14.90 23.12 66.91
C VAL D 1076 -13.85 23.02 65.80
N ASP D 1077 -13.22 21.87 65.61
CA ASP D 1077 -12.32 21.64 64.46
C ASP D 1077 -13.13 21.94 63.18
N SER D 1078 -12.68 22.84 62.32
CA SER D 1078 -13.45 23.33 61.16
C SER D 1078 -13.65 22.20 60.13
N LYS D 1079 -12.79 21.19 60.16
CA LYS D 1079 -12.83 20.04 59.22
C LYS D 1079 -13.88 19.03 59.71
N THR D 1080 -13.64 18.42 60.88
CA THR D 1080 -14.42 17.30 61.46
C THR D 1080 -15.69 17.75 62.22
N LYS D 1081 -15.86 19.04 62.48
CA LYS D 1081 -16.80 19.67 63.45
C LYS D 1081 -16.72 19.07 64.86
N GLU D 1082 -15.65 18.37 65.26
CA GLU D 1082 -15.51 17.83 66.63
C GLU D 1082 -15.18 18.96 67.60
N PRO D 1083 -15.80 19.04 68.80
CA PRO D 1083 -15.36 19.95 69.86
C PRO D 1083 -13.88 19.97 70.19
N VAL D 1084 -13.35 21.17 70.45
CA VAL D 1084 -11.95 21.46 70.85
C VAL D 1084 -12.01 22.43 72.01
N ASP D 1085 -11.14 22.24 72.99
CA ASP D 1085 -10.97 23.20 74.10
C ASP D 1085 -9.62 23.87 73.87
N ASP D 1086 -9.49 25.12 74.30
CA ASP D 1086 -8.28 25.95 74.08
C ASP D 1086 -7.06 25.18 74.58
N LYS D 1087 -7.15 24.50 75.73
CA LYS D 1087 -6.04 23.68 76.31
C LYS D 1087 -5.51 22.65 75.30
N ASP D 1088 -6.34 22.14 74.40
CA ASP D 1088 -5.99 21.07 73.42
C ASP D 1088 -5.39 21.66 72.12
N VAL D 1089 -5.52 22.97 71.89
CA VAL D 1089 -5.20 23.65 70.60
C VAL D 1089 -3.69 23.57 70.33
N LYS D 1090 -2.85 23.88 71.30
CA LYS D 1090 -1.37 23.78 71.17
C LYS D 1090 -1.02 22.36 70.66
N ALA D 1091 -1.55 21.34 71.32
CA ALA D 1091 -1.26 19.92 71.05
C ALA D 1091 -1.87 19.51 69.71
N LYS D 1092 -3.07 19.97 69.38
CA LYS D 1092 -3.73 19.58 68.11
C LYS D 1092 -3.09 20.32 66.93
N TYR D 1093 -2.87 21.63 67.05
CA TYR D 1093 -2.60 22.48 65.88
C TYR D 1093 -1.24 23.20 65.93
N GLU D 1094 -0.55 23.38 67.06
CA GLU D 1094 0.71 24.17 67.04
C GLU D 1094 1.68 23.66 65.96
N THR D 1095 1.83 22.37 65.79
CA THR D 1095 2.78 21.83 64.80
C THR D 1095 2.28 22.22 63.40
N SER D 1096 1.00 22.06 63.11
CA SER D 1096 0.41 22.37 61.78
C SER D 1096 0.59 23.85 61.48
N ILE D 1097 0.27 24.70 62.46
CA ILE D 1097 0.43 26.18 62.45
C ILE D 1097 1.84 26.55 62.00
N LEU D 1098 2.88 26.00 62.62
CA LEU D 1098 4.28 26.37 62.33
C LEU D 1098 4.77 25.83 60.98
N GLU D 1099 4.31 24.68 60.49
CA GLU D 1099 4.65 24.19 59.12
C GLU D 1099 4.12 25.15 58.05
N HIS D 1100 2.96 25.76 58.24
CA HIS D 1100 2.20 26.47 57.20
C HIS D 1100 2.13 27.96 57.50
N SER D 1101 3.08 28.47 58.27
CA SER D 1101 3.26 29.91 58.53
C SER D 1101 4.66 30.33 58.14
N GLY D 1102 4.91 31.61 58.03
CA GLY D 1102 6.29 32.12 57.98
C GLY D 1102 6.90 31.84 56.65
N ILE D 1103 8.21 31.93 56.57
CA ILE D 1103 8.99 31.67 55.34
C ILE D 1103 9.06 30.16 55.18
N ARG D 1104 8.74 29.66 54.01
CA ARG D 1104 8.59 28.21 53.77
C ARG D 1104 8.53 27.93 52.28
N LEU D 1105 8.51 26.68 51.85
CA LEU D 1105 8.44 26.40 50.39
C LEU D 1105 7.13 26.96 49.88
N ILE D 1106 7.19 27.58 48.70
CA ILE D 1106 6.02 28.13 47.97
C ILE D 1106 4.97 27.03 47.87
N GLU D 1107 3.74 27.39 48.17
CA GLU D 1107 2.58 26.47 48.24
C GLU D 1107 1.74 26.78 47.00
N PRO D 1108 1.69 25.90 45.97
CA PRO D 1108 1.04 26.24 44.71
C PRO D 1108 -0.46 26.56 44.73
N GLU D 1109 -1.19 26.04 45.71
CA GLU D 1109 -2.64 26.28 45.95
C GLU D 1109 -2.84 27.76 46.29
N LEU D 1110 -1.85 28.40 46.89
CA LEU D 1110 -1.88 29.84 47.28
C LEU D 1110 -1.62 30.75 46.07
N PHE D 1111 -0.83 30.31 45.09
CA PHE D 1111 -0.35 31.17 43.98
C PHE D 1111 -0.92 30.67 42.67
N ASN D 1112 -2.17 30.19 42.66
CA ASN D 1112 -2.91 29.99 41.38
C ASN D 1112 -2.22 28.83 40.64
N GLY D 1113 -1.64 27.90 41.40
CA GLY D 1113 -0.98 26.70 40.88
C GLY D 1113 0.45 26.92 40.43
N TYR D 1114 1.01 28.11 40.62
CA TYR D 1114 2.45 28.37 40.39
C TYR D 1114 3.31 27.31 41.10
N ASN D 1115 4.10 26.57 40.34
CA ASN D 1115 5.03 25.57 40.88
C ASN D 1115 6.42 25.93 40.39
N PRO D 1116 7.28 26.60 41.19
CA PRO D 1116 8.53 27.14 40.69
C PRO D 1116 9.47 26.05 40.11
N GLU D 1117 9.29 24.81 40.57
CA GLU D 1117 9.93 23.59 40.01
C GLU D 1117 9.44 23.31 38.58
N LYS D 1118 8.40 24.02 38.05
CA LYS D 1118 7.70 23.71 36.77
C LYS D 1118 6.98 24.94 36.18
N LYS D 1119 7.72 25.81 35.51
CA LYS D 1119 7.18 27.06 34.94
C LYS D 1119 6.72 26.90 33.47
N GLU D 1120 5.41 26.98 33.16
CA GLU D 1120 4.89 26.94 31.75
C GLU D 1120 5.52 28.18 31.05
N MET D 1121 6.47 27.95 30.14
CA MET D 1121 6.83 28.83 29.01
C MET D 1121 6.26 28.23 27.70
N ILE D 1122 6.41 28.92 26.57
CA ILE D 1122 5.98 28.39 25.25
C ILE D 1122 7.03 28.75 24.21
N GLN D 1123 7.36 27.81 23.33
CA GLN D 1123 8.31 28.01 22.20
C GLN D 1123 7.54 28.07 20.90
N GLU D 1124 7.97 28.92 19.98
CA GLU D 1124 7.36 29.13 18.64
C GLU D 1124 8.03 28.18 17.65
N VAL D 1125 7.33 27.12 17.21
CA VAL D 1125 7.79 26.16 16.18
C VAL D 1125 7.10 26.47 14.86
N ILE D 1126 7.77 26.21 13.72
CA ILE D 1126 7.10 26.08 12.39
C ILE D 1126 6.69 24.61 12.20
N VAL D 1127 5.45 24.40 11.77
CA VAL D 1127 4.88 23.08 11.40
C VAL D 1127 5.57 22.64 10.10
N GLU D 1128 6.33 21.54 10.15
CA GLU D 1128 6.96 20.93 8.95
C GLU D 1128 5.85 20.27 8.14
N GLU D 1129 4.99 19.46 8.79
CA GLU D 1129 3.92 18.66 8.12
C GLU D 1129 2.55 18.98 8.71
N ASP D 1130 1.63 19.40 7.83
CA ASP D 1130 0.17 19.60 8.07
C ASP D 1130 -0.36 18.74 9.22
N LEU D 1131 -1.38 19.24 9.92
CA LEU D 1131 -1.92 18.66 11.16
C LEU D 1131 -3.22 17.92 10.83
N GLU D 1132 -3.76 17.20 11.80
CA GLU D 1132 -5.12 16.62 11.68
C GLU D 1132 -6.14 17.73 11.92
N PRO D 1133 -7.16 17.88 11.03
CA PRO D 1133 -8.31 18.73 11.32
C PRO D 1133 -8.84 18.63 12.75
N PHE D 1134 -9.19 19.77 13.33
CA PHE D 1134 -9.98 19.87 14.58
C PHE D 1134 -11.20 20.77 14.30
N GLU D 1135 -12.29 20.54 15.01
CA GLU D 1135 -13.51 21.37 14.86
C GLU D 1135 -13.33 22.67 15.63
N ALA D 1136 -14.12 23.67 15.26
CA ALA D 1136 -14.17 25.01 15.87
C ALA D 1136 -15.45 25.69 15.39
N SER D 1137 -16.04 26.58 16.18
CA SER D 1137 -17.21 27.39 15.77
C SER D 1137 -16.83 28.20 14.54
N LYS D 1138 -17.82 28.81 13.90
CA LYS D 1138 -17.62 29.60 12.66
C LYS D 1138 -16.68 30.75 12.97
N GLU D 1139 -16.90 31.42 14.11
CA GLU D 1139 -16.20 32.68 14.48
C GLU D 1139 -14.75 32.38 14.87
N THR D 1140 -14.50 31.29 15.59
CA THR D 1140 -13.13 30.85 15.97
C THR D 1140 -12.33 30.41 14.75
N ALA D 1141 -12.98 29.76 13.79
CA ALA D 1141 -12.30 29.31 12.57
C ALA D 1141 -11.87 30.52 11.76
N GLU D 1142 -12.72 31.55 11.68
CA GLU D 1142 -12.39 32.79 10.95
C GLU D 1142 -11.23 33.53 11.63
N GLN D 1143 -11.09 33.37 12.95
CA GLN D 1143 -9.97 33.92 13.73
C GLN D 1143 -8.68 33.17 13.35
N PHE D 1144 -8.73 31.85 13.16
CA PHE D 1144 -7.52 31.09 12.71
C PHE D 1144 -7.12 31.50 11.31
N LYS D 1145 -8.11 31.79 10.47
CA LYS D 1145 -7.90 32.16 9.05
C LYS D 1145 -7.23 33.53 9.00
N HIS D 1146 -7.77 34.48 9.76
CA HIS D 1146 -7.29 35.89 9.83
C HIS D 1146 -5.82 35.96 10.23
N GLN D 1147 -5.42 35.12 11.18
CA GLN D 1147 -4.02 34.97 11.65
C GLN D 1147 -3.13 34.30 10.60
N HIS D 1148 -3.50 33.09 10.16
CA HIS D 1148 -2.61 32.17 9.40
C HIS D 1148 -2.67 32.42 7.90
N GLY D 1149 -3.82 32.83 7.36
CA GLY D 1149 -4.02 33.10 5.92
C GLY D 1149 -3.93 31.84 5.07
N ASP D 1150 -2.93 31.80 4.17
CA ASP D 1150 -2.67 30.68 3.24
C ASP D 1150 -2.38 29.40 4.01
N LYS D 1151 -1.79 29.51 5.21
CA LYS D 1151 -1.25 28.38 6.00
C LYS D 1151 -2.34 27.67 6.82
N VAL D 1152 -3.62 27.95 6.58
CA VAL D 1152 -4.72 27.23 7.28
C VAL D 1152 -5.84 27.04 6.25
N ASP D 1153 -6.57 25.94 6.35
CA ASP D 1153 -7.78 25.69 5.51
C ASP D 1153 -8.95 25.51 6.44
N ILE D 1154 -9.97 26.34 6.30
CA ILE D 1154 -11.20 26.23 7.10
C ILE D 1154 -12.33 25.97 6.13
N PHE D 1155 -13.19 25.02 6.50
CA PHE D 1155 -14.30 24.46 5.69
C PHE D 1155 -15.48 24.19 6.59
N GLU D 1156 -16.68 24.57 6.18
CA GLU D 1156 -17.93 24.22 6.89
C GLU D 1156 -18.11 22.70 6.84
N ILE D 1157 -18.58 22.12 7.95
CA ILE D 1157 -19.01 20.69 8.07
C ILE D 1157 -20.53 20.73 7.95
N PRO D 1158 -21.10 20.48 6.73
CA PRO D 1158 -22.43 21.02 6.37
C PRO D 1158 -23.60 20.62 7.28
N GLU D 1159 -23.49 19.48 7.96
CA GLU D 1159 -24.50 18.92 8.91
C GLU D 1159 -24.62 19.82 10.15
N THR D 1160 -23.50 19.99 10.88
CA THR D 1160 -23.41 20.64 12.22
C THR D 1160 -23.50 22.17 12.09
N GLY D 1161 -22.70 22.78 11.21
CA GLY D 1161 -22.47 24.24 11.13
C GLY D 1161 -21.09 24.63 11.64
N GLU D 1162 -20.42 23.72 12.37
CA GLU D 1162 -19.01 23.82 12.85
C GLU D 1162 -18.06 23.86 11.64
N TYR D 1163 -16.77 24.08 11.88
CA TYR D 1163 -15.75 24.22 10.82
C TYR D 1163 -14.56 23.31 11.12
N SER D 1164 -13.98 22.72 10.08
CA SER D 1164 -12.67 22.03 10.15
C SER D 1164 -11.59 23.11 10.12
N VAL D 1165 -10.47 22.90 10.79
CA VAL D 1165 -9.28 23.79 10.74
C VAL D 1165 -8.08 22.92 10.44
N LYS D 1166 -7.67 22.86 9.18
CA LYS D 1166 -6.39 22.21 8.79
C LYS D 1166 -5.33 23.29 8.95
N LEU D 1167 -4.38 23.06 9.83
CA LEU D 1167 -3.18 23.91 9.90
C LEU D 1167 -2.15 23.26 8.97
N LEU D 1168 -1.70 24.01 7.98
CA LEU D 1168 -0.88 23.50 6.86
C LEU D 1168 0.62 23.71 7.17
N LYS D 1169 1.45 23.27 6.23
CA LYS D 1169 2.92 23.34 6.27
C LYS D 1169 3.30 24.82 6.27
N GLY D 1170 4.19 25.23 7.17
CA GLY D 1170 4.70 26.62 7.26
C GLY D 1170 3.99 27.45 8.31
N ALA D 1171 2.89 26.92 8.86
CA ALA D 1171 2.09 27.53 9.95
C ALA D 1171 2.94 27.60 11.24
N THR D 1172 2.75 28.64 12.08
CA THR D 1172 3.38 28.73 13.42
C THR D 1172 2.42 28.19 14.47
N LEU D 1173 3.00 27.44 15.39
CA LEU D 1173 2.39 26.90 16.61
C LEU D 1173 3.23 27.39 17.78
N TYR D 1174 2.64 27.34 18.95
CA TYR D 1174 3.35 27.53 20.22
C TYR D 1174 3.22 26.20 20.93
N ILE D 1175 4.36 25.64 21.31
CA ILE D 1175 4.42 24.41 22.15
C ILE D 1175 4.91 24.82 23.52
N PRO D 1176 4.17 24.48 24.59
CA PRO D 1176 4.63 24.60 25.95
C PRO D 1176 5.92 23.87 26.32
N LYS D 1177 6.60 24.38 27.34
CA LYS D 1177 7.78 23.73 27.94
C LYS D 1177 7.91 24.20 29.39
N ALA D 1178 8.95 23.78 30.12
CA ALA D 1178 9.00 23.98 31.57
C ALA D 1178 10.42 24.15 32.04
N LEU D 1179 10.76 25.39 32.41
CA LEU D 1179 11.93 25.79 33.24
C LEU D 1179 11.76 25.18 34.63
N ARG D 1180 12.88 24.86 35.26
CA ARG D 1180 12.98 24.61 36.70
C ARG D 1180 13.60 25.89 37.27
N PHE D 1181 12.88 26.56 38.14
CA PHE D 1181 13.29 27.86 38.72
C PHE D 1181 13.86 27.59 40.12
N ASP D 1182 14.83 28.40 40.48
CA ASP D 1182 15.74 28.17 41.63
C ASP D 1182 15.32 29.04 42.83
N ARG D 1183 14.20 29.78 42.77
CA ARG D 1183 13.65 30.51 43.94
C ARG D 1183 12.34 29.84 44.41
N LEU D 1184 12.52 28.89 45.36
CA LEU D 1184 11.55 27.85 45.82
C LEU D 1184 10.82 28.28 47.10
N VAL D 1185 11.23 29.37 47.74
CA VAL D 1185 10.84 29.74 49.13
C VAL D 1185 10.32 31.17 49.15
N ALA D 1186 9.38 31.48 50.03
CA ALA D 1186 8.82 32.85 50.19
C ALA D 1186 8.04 32.98 51.49
N GLY D 1187 7.88 34.20 51.95
CA GLY D 1187 7.16 34.56 53.19
C GLY D 1187 5.72 34.71 52.81
N GLN D 1188 4.92 33.67 53.01
CA GLN D 1188 3.56 33.60 52.43
C GLN D 1188 2.62 33.75 53.59
N ILE D 1189 1.45 34.32 53.32
CA ILE D 1189 0.43 34.46 54.38
C ILE D 1189 0.10 33.05 54.84
N PRO D 1190 -0.21 32.83 56.15
CA PRO D 1190 -0.34 31.49 56.70
C PRO D 1190 -1.39 30.71 55.96
N THR D 1191 -1.11 29.48 55.54
CA THR D 1191 -2.05 28.68 54.71
C THR D 1191 -3.38 28.57 55.46
N GLY D 1192 -4.46 28.92 54.81
CA GLY D 1192 -5.75 28.87 55.47
C GLY D 1192 -6.41 30.22 55.46
N TRP D 1193 -5.59 31.26 55.61
CA TRP D 1193 -6.01 32.68 55.64
C TRP D 1193 -7.04 32.85 54.55
N ASN D 1194 -8.17 33.42 54.91
CA ASN D 1194 -9.32 33.64 54.01
C ASN D 1194 -9.98 34.95 54.43
N ALA D 1195 -10.29 35.81 53.49
CA ALA D 1195 -11.01 37.07 53.76
C ALA D 1195 -12.38 36.74 54.34
N LYS D 1196 -12.98 35.59 54.05
CA LYS D 1196 -14.28 35.19 54.64
C LYS D 1196 -14.22 35.22 56.18
N THR D 1197 -13.11 34.80 56.81
CA THR D 1197 -13.12 34.61 58.28
C THR D 1197 -13.25 35.97 58.92
N TYR D 1198 -12.81 37.03 58.27
CA TYR D 1198 -12.88 38.41 58.83
C TYR D 1198 -14.27 38.99 58.58
N GLY D 1199 -14.98 38.56 57.54
CA GLY D 1199 -16.37 38.98 57.28
C GLY D 1199 -16.56 39.58 55.91
N ILE D 1200 -15.54 39.57 55.08
CA ILE D 1200 -15.63 40.03 53.68
C ILE D 1200 -16.42 38.98 52.91
N SER D 1201 -17.28 39.45 51.99
CA SER D 1201 -18.25 38.65 51.20
C SER D 1201 -17.65 38.11 49.90
N ASP D 1202 -18.28 37.08 49.33
CA ASP D 1202 -17.86 36.40 48.09
C ASP D 1202 -17.99 37.34 46.88
N ASP D 1203 -18.97 38.25 46.89
CA ASP D 1203 -19.18 39.27 45.82
C ASP D 1203 -17.92 40.15 45.75
N ILE D 1204 -17.46 40.65 46.90
CA ILE D 1204 -16.26 41.52 46.99
C ILE D 1204 -15.02 40.69 46.65
N ILE D 1205 -14.96 39.44 47.10
CA ILE D 1205 -13.75 38.58 46.92
C ILE D 1205 -13.56 38.24 45.44
N SER D 1206 -14.62 38.01 44.71
CA SER D 1206 -14.59 37.72 43.25
C SER D 1206 -14.19 38.96 42.45
N GLN D 1207 -14.61 40.16 42.88
CA GLN D 1207 -14.46 41.41 42.11
C GLN D 1207 -13.01 41.88 42.17
N VAL D 1208 -12.33 41.59 43.25
CA VAL D 1208 -11.17 42.40 43.74
C VAL D 1208 -9.89 41.56 43.65
N ASP D 1209 -8.76 42.20 43.40
CA ASP D 1209 -7.41 41.57 43.44
C ASP D 1209 -7.10 41.12 44.87
N PRO D 1210 -6.49 39.95 45.11
CA PRO D 1210 -6.14 39.53 46.47
C PRO D 1210 -5.35 40.51 47.35
N ILE D 1211 -4.48 41.33 46.81
CA ILE D 1211 -3.76 42.35 47.63
C ILE D 1211 -4.82 43.27 48.31
N THR D 1212 -5.92 43.59 47.63
CA THR D 1212 -7.00 44.42 48.19
C THR D 1212 -7.69 43.72 49.35
N LEU D 1213 -7.63 42.41 49.49
CA LEU D 1213 -8.24 41.71 50.67
C LEU D 1213 -7.33 41.88 51.88
N PHE D 1214 -6.04 41.72 51.68
CA PHE D 1214 -5.06 42.03 52.73
C PHE D 1214 -5.30 43.43 53.19
N VAL D 1215 -5.56 44.38 52.30
CA VAL D 1215 -5.68 45.81 52.72
C VAL D 1215 -6.94 46.02 53.56
N LEU D 1216 -8.10 45.58 53.10
CA LEU D 1216 -9.38 45.74 53.83
C LEU D 1216 -9.24 45.18 55.24
N VAL D 1217 -8.64 44.04 55.38
CA VAL D 1217 -8.52 43.42 56.72
C VAL D 1217 -7.56 44.23 57.60
N SER D 1218 -6.47 44.69 57.06
CA SER D 1218 -5.52 45.62 57.75
C SER D 1218 -6.20 46.95 58.14
N VAL D 1219 -7.10 47.51 57.35
CA VAL D 1219 -7.72 48.81 57.72
C VAL D 1219 -8.73 48.58 58.86
N VAL D 1220 -9.44 47.48 58.88
CA VAL D 1220 -10.40 47.17 59.96
C VAL D 1220 -9.62 46.91 61.24
N GLU D 1221 -8.78 45.91 61.22
CA GLU D 1221 -7.92 45.55 62.36
C GLU D 1221 -7.23 46.79 62.95
N ALA D 1222 -6.89 47.79 62.15
CA ALA D 1222 -6.19 49.03 62.55
C ALA D 1222 -7.14 49.95 63.28
N PHE D 1223 -8.32 50.17 62.72
CA PHE D 1223 -9.43 50.90 63.39
C PHE D 1223 -9.79 50.21 64.74
N ILE D 1224 -9.81 48.90 64.90
CA ILE D 1224 -10.02 48.23 66.22
C ILE D 1224 -8.84 48.50 67.19
N ALA D 1225 -7.59 48.41 66.78
CA ALA D 1225 -6.42 48.86 67.59
C ALA D 1225 -6.57 50.33 68.00
N SER D 1226 -7.44 51.10 67.34
CA SER D 1226 -7.68 52.52 67.63
C SER D 1226 -9.00 52.69 68.38
N GLY D 1227 -9.67 51.60 68.77
CA GLY D 1227 -10.96 51.60 69.43
C GLY D 1227 -12.07 52.21 68.61
N ILE D 1228 -11.88 52.33 67.32
CA ILE D 1228 -12.89 52.87 66.38
C ILE D 1228 -13.43 51.64 65.69
N THR D 1229 -14.52 51.12 66.22
CA THR D 1229 -15.20 49.89 65.76
C THR D 1229 -16.10 50.27 64.57
N ASP D 1230 -16.66 51.49 64.57
CA ASP D 1230 -17.49 52.04 63.48
C ASP D 1230 -16.82 53.27 62.88
N PRO D 1231 -16.16 53.16 61.70
CA PRO D 1231 -15.35 54.26 61.17
C PRO D 1231 -16.07 55.60 61.14
N TYR D 1232 -17.38 55.59 60.89
CA TYR D 1232 -18.26 56.76 60.84
C TYR D 1232 -18.26 57.55 62.14
N GLU D 1233 -17.81 56.97 63.26
CA GLU D 1233 -17.64 57.73 64.53
C GLU D 1233 -16.66 58.87 64.34
N MET D 1234 -15.77 58.80 63.36
CA MET D 1234 -14.75 59.86 63.11
C MET D 1234 -15.51 61.16 62.84
N TYR D 1235 -16.63 61.05 62.12
CA TYR D 1235 -17.40 62.21 61.60
C TYR D 1235 -18.31 62.82 62.67
N LYS D 1236 -18.19 62.42 63.93
CA LYS D 1236 -18.64 63.22 65.10
C LYS D 1236 -17.66 64.36 65.42
N TYR D 1237 -16.38 64.21 65.06
CA TYR D 1237 -15.28 65.11 65.51
C TYR D 1237 -14.63 65.88 64.37
N VAL D 1238 -14.88 65.53 63.14
CA VAL D 1238 -14.05 65.93 61.96
C VAL D 1238 -14.98 65.99 60.73
N HIS D 1239 -14.74 66.86 59.77
CA HIS D 1239 -15.57 66.92 58.54
C HIS D 1239 -15.24 65.69 57.68
N VAL D 1240 -16.19 65.29 56.85
CA VAL D 1240 -16.01 64.24 55.81
C VAL D 1240 -14.80 64.57 54.93
N SER D 1241 -14.40 65.83 54.78
CA SER D 1241 -13.23 66.24 53.97
C SER D 1241 -11.92 66.14 54.74
N GLU D 1242 -11.88 65.60 55.95
CA GLU D 1242 -10.69 65.70 56.85
C GLU D 1242 -10.11 64.30 57.15
N VAL D 1243 -10.65 63.24 56.53
CA VAL D 1243 -10.05 61.88 56.58
C VAL D 1243 -9.36 61.53 55.27
N GLY D 1244 -8.10 61.14 55.35
CA GLY D 1244 -7.25 60.89 54.17
C GLY D 1244 -6.85 59.44 54.08
N ASN D 1245 -6.42 59.04 52.89
CA ASN D 1245 -5.75 57.76 52.63
C ASN D 1245 -4.48 58.11 51.90
N CYS D 1246 -3.33 57.89 52.50
CA CYS D 1246 -2.02 58.20 51.92
C CYS D 1246 -1.21 56.91 51.87
N SER D 1247 -1.86 55.75 51.82
CA SER D 1247 -1.21 54.41 51.73
C SER D 1247 -0.88 54.12 50.29
N GLY D 1248 0.02 53.17 50.02
CA GLY D 1248 0.32 52.79 48.61
C GLY D 1248 1.02 51.45 48.47
N SER D 1249 1.44 51.13 47.25
CA SER D 1249 2.08 49.88 46.84
C SER D 1249 3.26 50.20 45.96
N GLY D 1250 4.26 49.34 45.93
CA GLY D 1250 5.33 49.36 44.91
C GLY D 1250 4.86 48.94 43.51
N MET D 1251 3.97 47.95 43.40
CA MET D 1251 3.59 47.32 42.10
C MET D 1251 2.08 47.17 41.95
N GLY D 1252 1.33 46.99 43.03
CA GLY D 1252 -0.15 47.05 43.03
C GLY D 1252 -0.76 45.70 42.72
N GLY D 1253 -1.92 45.74 42.03
CA GLY D 1253 -2.73 44.56 41.70
C GLY D 1253 -2.04 43.71 40.65
N VAL D 1254 -1.19 42.80 41.09
CA VAL D 1254 -0.16 42.16 40.21
C VAL D 1254 -0.67 40.83 39.64
N SER D 1255 -1.78 40.32 40.19
CA SER D 1255 -2.65 39.24 39.69
C SER D 1255 -3.57 39.80 38.61
N ALA D 1256 -3.99 41.07 38.70
CA ALA D 1256 -4.83 41.72 37.66
C ALA D 1256 -3.99 41.98 36.41
N LEU D 1257 -2.72 42.27 36.57
CA LEU D 1257 -1.78 42.52 35.45
C LEU D 1257 -1.55 41.22 34.70
N ARG D 1258 -1.32 40.12 35.43
CA ARG D 1258 -1.24 38.78 34.83
C ARG D 1258 -2.50 38.53 34.01
N GLY D 1259 -3.65 39.01 34.48
CA GLY D 1259 -4.95 38.85 33.79
C GLY D 1259 -4.97 39.53 32.45
N MET D 1260 -4.42 40.72 32.32
CA MET D 1260 -4.56 41.55 31.09
C MET D 1260 -3.36 41.32 30.16
N PHE D 1261 -2.23 40.80 30.64
CA PHE D 1261 -1.00 40.61 29.83
C PHE D 1261 -0.76 39.12 29.47
N LYS D 1262 -1.44 38.18 30.10
CA LYS D 1262 -1.21 36.74 29.89
C LYS D 1262 -2.54 36.01 29.71
N ASP D 1263 -3.49 36.18 30.62
CA ASP D 1263 -4.72 35.34 30.64
C ASP D 1263 -5.60 35.71 29.44
N ARG D 1264 -5.66 36.97 29.04
CA ARG D 1264 -6.37 37.38 27.81
C ARG D 1264 -5.72 36.78 26.57
N PHE D 1265 -4.41 36.91 26.45
CA PHE D 1265 -3.60 36.32 25.36
C PHE D 1265 -3.97 34.83 25.16
N LYS D 1266 -4.13 34.09 26.25
CA LYS D 1266 -4.50 32.66 26.24
C LYS D 1266 -6.01 32.48 26.17
N ASP D 1267 -6.75 33.48 25.75
CA ASP D 1267 -8.24 33.50 25.70
C ASP D 1267 -8.83 32.70 26.87
N GLU D 1268 -8.25 32.82 28.08
CA GLU D 1268 -8.89 32.38 29.36
C GLU D 1268 -9.97 33.41 29.69
N PRO D 1269 -10.98 33.07 30.52
CA PRO D 1269 -11.94 34.08 30.99
C PRO D 1269 -11.32 34.98 32.09
N VAL D 1270 -11.48 36.29 31.88
CA VAL D 1270 -10.96 37.39 32.73
C VAL D 1270 -12.08 38.44 32.81
N GLN D 1271 -12.47 38.86 34.03
CA GLN D 1271 -13.46 39.95 34.29
C GLN D 1271 -13.16 41.17 33.39
N ASN D 1272 -14.18 41.79 32.81
CA ASN D 1272 -14.03 42.95 31.89
C ASN D 1272 -13.29 44.12 32.54
N ASP D 1273 -13.57 44.37 33.83
CA ASP D 1273 -12.99 45.49 34.63
C ASP D 1273 -11.66 45.08 35.29
N ILE D 1274 -10.91 44.12 34.75
CA ILE D 1274 -9.66 43.65 35.38
C ILE D 1274 -8.70 44.83 35.50
N LEU D 1275 -8.67 45.77 34.55
CA LEU D 1275 -7.64 46.85 34.56
C LEU D 1275 -7.80 47.71 35.80
N GLN D 1276 -9.04 48.06 36.18
CA GLN D 1276 -9.30 48.90 37.39
C GLN D 1276 -8.57 48.26 38.56
N GLU D 1277 -8.66 46.95 38.73
CA GLU D 1277 -8.09 46.21 39.88
C GLU D 1277 -6.55 46.24 39.95
N SER D 1278 -5.86 46.59 38.89
CA SER D 1278 -4.38 46.53 38.77
C SER D 1278 -3.77 47.82 39.32
N PHE D 1279 -4.48 48.93 39.19
CA PHE D 1279 -4.01 50.27 39.58
C PHE D 1279 -3.61 50.27 41.04
N ILE D 1280 -2.52 50.97 41.37
CA ILE D 1280 -2.00 50.99 42.76
C ILE D 1280 -2.95 51.79 43.64
N ASN D 1281 -3.77 52.67 43.04
CA ASN D 1281 -4.70 53.53 43.82
C ASN D 1281 -6.06 52.87 44.05
N THR D 1282 -6.32 51.64 43.59
CA THR D 1282 -7.68 51.05 43.71
C THR D 1282 -7.86 50.47 45.10
N MET D 1283 -6.84 49.84 45.63
CA MET D 1283 -6.91 49.36 47.01
C MET D 1283 -7.54 50.46 47.87
N SER D 1284 -7.02 51.68 47.83
CA SER D 1284 -7.52 52.85 48.59
C SER D 1284 -8.97 53.15 48.21
N ALA D 1285 -9.26 53.18 46.94
CA ALA D 1285 -10.65 53.35 46.46
C ALA D 1285 -11.62 52.33 47.12
N TRP D 1286 -11.31 51.04 47.14
CA TRP D 1286 -12.10 50.01 47.86
C TRP D 1286 -12.24 50.32 49.36
N VAL D 1287 -11.17 50.78 50.01
CA VAL D 1287 -11.23 51.10 51.46
C VAL D 1287 -12.22 52.24 51.69
N ASN D 1288 -12.21 53.26 50.82
CA ASN D 1288 -13.16 54.39 50.89
C ASN D 1288 -14.55 53.91 50.55
N MET D 1289 -14.65 53.03 49.56
CA MET D 1289 -15.96 52.63 48.96
C MET D 1289 -16.65 51.65 49.88
N LEU D 1290 -15.95 51.00 50.80
CA LEU D 1290 -16.51 49.92 51.66
C LEU D 1290 -16.48 50.27 53.14
N LEU D 1291 -15.61 51.16 53.63
CA LEU D 1291 -15.54 51.46 55.08
C LEU D 1291 -15.71 52.95 55.38
N ILE D 1292 -14.92 53.84 54.78
CA ILE D 1292 -14.67 55.18 55.36
C ILE D 1292 -15.69 56.16 54.82
N SER D 1293 -15.90 56.19 53.51
CA SER D 1293 -16.76 57.17 52.81
C SER D 1293 -16.31 58.59 53.11
N SER D 1294 -15.01 58.85 53.16
CA SER D 1294 -14.48 60.22 53.28
C SER D 1294 -14.51 60.88 51.92
N SER D 1295 -14.45 62.21 51.88
CA SER D 1295 -14.13 63.03 50.69
C SER D 1295 -12.80 63.76 50.96
N GLY D 1296 -11.99 63.15 51.80
CA GLY D 1296 -10.69 63.73 52.17
C GLY D 1296 -9.60 63.35 51.19
N PRO D 1297 -8.39 63.84 51.41
CA PRO D 1297 -7.32 63.66 50.46
C PRO D 1297 -7.08 62.17 50.14
N ILE D 1298 -6.40 61.94 49.04
CA ILE D 1298 -5.95 60.59 48.61
C ILE D 1298 -4.68 60.78 47.80
N LYS D 1299 -3.56 60.52 48.43
CA LYS D 1299 -2.26 60.73 47.80
C LYS D 1299 -1.61 59.35 47.90
N THR D 1300 -1.74 58.57 46.85
CA THR D 1300 -1.20 57.21 46.76
C THR D 1300 0.25 57.26 46.35
N PRO D 1301 1.25 56.96 47.21
CA PRO D 1301 2.63 56.80 46.72
C PRO D 1301 3.06 55.44 46.16
N VAL D 1302 4.04 55.50 45.26
CA VAL D 1302 4.82 54.33 44.78
C VAL D 1302 6.26 54.59 45.17
N GLY D 1303 6.83 53.74 45.99
CA GLY D 1303 8.20 53.95 46.44
C GLY D 1303 8.98 52.67 46.50
N ALA D 1304 8.61 51.70 45.65
CA ALA D 1304 9.22 50.37 45.65
C ALA D 1304 9.23 49.87 47.10
N CYS D 1305 10.39 49.72 47.73
CA CYS D 1305 10.51 49.08 49.07
C CYS D 1305 10.40 50.11 50.17
N ALA D 1306 10.31 51.41 49.83
CA ALA D 1306 10.16 52.53 50.78
C ALA D 1306 8.79 53.20 50.63
N THR D 1307 7.76 52.51 50.18
CA THR D 1307 6.47 53.19 49.95
C THR D 1307 5.84 53.51 51.30
N SER D 1308 6.09 52.67 52.29
CA SER D 1308 5.48 52.78 53.62
C SER D 1308 5.99 54.01 54.36
N VAL D 1309 7.28 54.32 54.30
CA VAL D 1309 7.83 55.58 54.90
C VAL D 1309 7.38 56.81 54.08
N GLU D 1310 7.53 56.79 52.78
CA GLU D 1310 6.96 57.81 51.89
C GLU D 1310 5.49 58.04 52.26
N SER D 1311 4.75 56.99 52.57
CA SER D 1311 3.31 57.08 52.91
C SER D 1311 3.16 57.88 54.19
N VAL D 1312 3.94 57.55 55.21
CA VAL D 1312 3.97 58.27 56.52
C VAL D 1312 4.26 59.76 56.27
N ASP D 1313 5.39 60.05 55.62
CA ASP D 1313 5.82 61.41 55.20
C ASP D 1313 4.63 62.14 54.55
N ILE D 1314 4.04 61.60 53.51
CA ILE D 1314 2.90 62.25 52.84
C ILE D 1314 1.77 62.45 53.84
N GLY D 1315 1.50 61.43 54.66
CA GLY D 1315 0.42 61.46 55.65
C GLY D 1315 0.59 62.56 56.67
N VAL D 1316 1.78 62.73 57.21
CA VAL D 1316 2.14 63.83 58.15
C VAL D 1316 1.95 65.19 57.44
N GLU D 1317 2.62 65.44 56.31
CA GLU D 1317 2.53 66.73 55.57
C GLU D 1317 1.09 67.05 55.19
N THR D 1318 0.25 66.06 54.99
CA THR D 1318 -1.18 66.27 54.67
C THR D 1318 -1.89 66.78 55.91
N ILE D 1319 -1.45 66.34 57.08
CA ILE D 1319 -2.08 66.77 58.35
C ILE D 1319 -1.55 68.14 58.72
N LEU D 1320 -0.24 68.36 58.73
CA LEU D 1320 0.34 69.68 59.06
C LEU D 1320 0.03 70.77 58.01
N SER D 1321 -0.57 70.47 56.87
CA SER D 1321 -1.08 71.49 55.93
C SER D 1321 -2.55 71.82 56.24
N GLY D 1322 -3.12 71.16 57.24
CA GLY D 1322 -4.55 71.26 57.55
C GLY D 1322 -5.41 70.86 56.38
N LYS D 1323 -5.00 69.87 55.60
CA LYS D 1323 -5.89 69.26 54.58
C LYS D 1323 -6.68 68.13 55.23
N ALA D 1324 -6.06 67.41 56.16
CA ALA D 1324 -6.67 66.26 56.86
C ALA D 1324 -6.30 66.31 58.32
N ARG D 1325 -7.20 65.79 59.14
CA ARG D 1325 -7.02 65.68 60.61
C ARG D 1325 -6.58 64.25 60.93
N ILE D 1326 -7.13 63.27 60.23
CA ILE D 1326 -6.82 61.83 60.32
C ILE D 1326 -6.35 61.33 58.96
N CYS D 1327 -5.51 60.30 58.96
CA CYS D 1327 -4.93 59.73 57.73
C CYS D 1327 -4.69 58.23 57.93
N ILE D 1328 -5.09 57.43 56.98
CA ILE D 1328 -4.63 56.03 56.88
C ILE D 1328 -3.38 56.05 56.03
N VAL D 1329 -2.42 55.22 56.38
CA VAL D 1329 -0.99 55.34 56.02
C VAL D 1329 -0.47 53.91 56.00
N GLY D 1330 0.39 53.53 55.09
CA GLY D 1330 0.98 52.18 55.09
C GLY D 1330 1.29 51.69 53.70
N GLY D 1331 1.26 50.39 53.52
CA GLY D 1331 1.85 49.74 52.34
C GLY D 1331 1.36 48.32 52.23
N TYR D 1332 1.40 47.80 51.03
CA TYR D 1332 0.91 46.46 50.66
C TYR D 1332 1.59 46.01 49.39
N ASP D 1333 1.93 44.73 49.29
CA ASP D 1333 2.42 44.11 48.03
C ASP D 1333 2.08 42.64 48.07
N ASP D 1334 1.79 42.06 46.91
CA ASP D 1334 1.54 40.61 46.74
C ASP D 1334 2.81 39.98 46.17
N PHE D 1335 2.84 38.65 46.21
CA PHE D 1335 3.91 37.79 45.66
C PHE D 1335 3.24 36.98 44.59
N GLN D 1336 3.70 37.08 43.36
CA GLN D 1336 3.20 36.29 42.22
C GLN D 1336 4.38 35.73 41.43
N GLU D 1337 4.09 34.85 40.46
CA GLU D 1337 5.11 34.11 39.67
C GLU D 1337 6.00 35.09 38.90
N GLU D 1338 5.41 36.12 38.32
CA GLU D 1338 6.13 37.00 37.35
C GLU D 1338 7.20 37.81 38.08
N GLY D 1339 6.84 38.42 39.21
CA GLY D 1339 7.79 39.21 39.99
C GLY D 1339 8.87 38.36 40.63
N SER D 1340 8.52 37.17 41.13
CA SER D 1340 9.51 36.20 41.65
C SER D 1340 10.59 35.96 40.59
N PHE D 1341 10.19 35.61 39.38
CA PHE D 1341 11.10 35.34 38.24
C PHE D 1341 11.95 36.57 37.93
N GLU D 1342 11.37 37.76 37.93
CA GLU D 1342 12.09 38.98 37.51
C GLU D 1342 13.10 39.42 38.59
N PHE D 1343 12.76 39.32 39.86
CA PHE D 1343 13.68 39.55 40.98
C PHE D 1343 14.83 38.54 40.95
N GLY D 1344 14.63 37.35 40.36
CA GLY D 1344 15.66 36.32 40.11
C GLY D 1344 16.60 36.69 38.97
N ASN D 1345 16.08 37.18 37.84
CA ASN D 1345 16.89 37.68 36.71
C ASN D 1345 17.75 38.89 37.12
N MET D 1346 17.30 39.71 38.07
CA MET D 1346 18.06 40.87 38.66
C MET D 1346 19.07 40.39 39.73
N LYS D 1347 19.07 39.10 40.10
CA LYS D 1347 19.92 38.47 41.14
C LYS D 1347 19.76 39.18 42.49
N ALA D 1348 18.56 39.66 42.82
CA ALA D 1348 18.22 40.40 44.06
C ALA D 1348 17.84 39.43 45.20
N THR D 1349 17.03 38.40 44.88
CA THR D 1349 16.55 37.37 45.83
C THR D 1349 17.65 36.35 46.04
N SER D 1350 17.66 35.65 47.19
CA SER D 1350 18.52 34.45 47.41
C SER D 1350 18.12 33.28 46.46
N ASN D 1351 19.10 32.73 45.74
CA ASN D 1351 18.97 31.46 45.01
C ASN D 1351 18.78 30.33 46.03
N THR D 1352 17.61 29.71 46.05
CA THR D 1352 17.27 28.68 47.06
C THR D 1352 18.12 27.41 46.89
N LEU D 1353 18.63 27.13 45.69
CA LEU D 1353 19.43 25.90 45.47
C LEU D 1353 20.83 26.08 46.08
N GLU D 1354 21.50 27.19 45.81
CA GLU D 1354 22.71 27.63 46.55
C GLU D 1354 22.50 27.48 48.07
N GLU D 1355 21.35 27.89 48.59
CA GLU D 1355 21.09 27.89 50.05
C GLU D 1355 21.07 26.48 50.59
N PHE D 1356 20.52 25.55 49.79
CA PHE D 1356 20.44 24.11 50.12
C PHE D 1356 21.85 23.54 50.06
N GLU D 1357 22.71 23.96 49.13
CA GLU D 1357 24.13 23.50 49.09
C GLU D 1357 24.81 23.83 50.42
N HIS D 1358 24.65 25.05 50.88
CA HIS D 1358 25.18 25.58 52.17
C HIS D 1358 24.53 24.86 53.36
N GLY D 1359 23.62 23.93 53.12
CA GLY D 1359 22.85 23.28 54.17
C GLY D 1359 21.97 24.22 54.97
N ARG D 1360 21.47 25.30 54.38
CA ARG D 1360 20.46 26.16 55.05
C ARG D 1360 19.08 25.57 54.85
N THR D 1361 18.22 25.79 55.82
CA THR D 1361 16.77 25.52 55.80
C THR D 1361 16.04 26.82 55.50
N PRO D 1362 14.79 26.77 55.00
CA PRO D 1362 14.00 27.99 54.79
C PRO D 1362 14.00 29.03 55.93
N ALA D 1363 13.89 28.63 57.19
CA ALA D 1363 13.84 29.56 58.33
C ALA D 1363 15.07 30.47 58.26
N GLU D 1364 16.25 29.87 58.21
CA GLU D 1364 17.55 30.55 58.31
C GLU D 1364 18.03 31.08 56.95
N MET D 1365 17.12 31.50 56.06
CA MET D 1365 17.49 31.99 54.70
C MET D 1365 17.45 33.52 54.59
N SER D 1366 16.59 34.21 55.33
CA SER D 1366 16.69 35.67 55.59
C SER D 1366 17.60 35.90 56.80
N ARG D 1367 18.84 36.36 56.56
CA ARG D 1367 19.86 36.52 57.62
C ARG D 1367 20.55 37.86 57.46
N PRO D 1368 19.87 38.96 57.80
CA PRO D 1368 20.46 40.29 57.67
C PRO D 1368 21.71 40.47 58.54
N ALA D 1369 22.64 41.31 58.07
CA ALA D 1369 23.86 41.79 58.77
C ALA D 1369 24.90 40.68 58.94
N THR D 1370 24.71 39.56 58.26
CA THR D 1370 25.43 38.28 58.48
C THR D 1370 26.49 38.17 57.38
N THR D 1371 27.58 37.46 57.65
CA THR D 1371 28.73 37.29 56.72
C THR D 1371 28.25 36.72 55.39
N THR D 1372 27.33 35.78 55.47
CA THR D 1372 26.89 34.85 54.40
C THR D 1372 25.58 35.30 53.74
N ARG D 1373 25.08 36.48 54.04
CA ARG D 1373 23.85 37.00 53.40
C ARG D 1373 24.07 37.04 51.90
N ASN D 1374 23.09 36.61 51.12
CA ASN D 1374 23.20 36.44 49.66
C ASN D 1374 21.85 36.72 48.99
N GLY D 1375 21.16 37.77 49.41
CA GLY D 1375 19.94 38.25 48.73
C GLY D 1375 18.76 38.09 49.64
N PHE D 1376 17.64 38.67 49.24
CA PHE D 1376 16.43 38.81 50.09
C PHE D 1376 15.39 37.73 49.78
N MET D 1377 14.38 37.70 50.63
CA MET D 1377 13.32 36.69 50.70
C MET D 1377 11.99 37.37 50.44
N GLU D 1378 11.39 37.17 49.28
CA GLU D 1378 10.16 37.87 48.86
C GLU D 1378 9.06 37.41 49.81
N ALA D 1379 8.19 38.31 50.22
CA ALA D 1379 7.03 38.09 51.10
C ALA D 1379 5.83 38.90 50.60
N GLN D 1380 4.69 38.77 51.26
CA GLN D 1380 3.46 39.43 50.82
C GLN D 1380 2.64 39.92 52.01
N GLY D 1381 1.91 40.99 51.82
CA GLY D 1381 0.84 41.42 52.73
C GLY D 1381 0.76 42.93 52.85
N ALA D 1382 0.29 43.40 53.98
CA ALA D 1382 -0.06 44.81 54.13
C ALA D 1382 0.24 45.24 55.56
N GLY D 1383 0.48 46.52 55.73
CA GLY D 1383 0.58 47.15 57.06
C GLY D 1383 -0.12 48.47 57.02
N ILE D 1384 -0.93 48.74 58.01
CA ILE D 1384 -1.68 50.01 58.08
C ILE D 1384 -1.45 50.63 59.44
N GLN D 1385 -1.31 51.95 59.45
CA GLN D 1385 -1.36 52.77 60.68
C GLN D 1385 -2.44 53.84 60.49
N ILE D 1386 -3.01 54.27 61.59
CA ILE D 1386 -3.93 55.43 61.58
C ILE D 1386 -3.22 56.53 62.36
N ILE D 1387 -2.98 57.66 61.73
CA ILE D 1387 -2.33 58.82 62.37
C ILE D 1387 -3.30 60.00 62.45
N MET D 1388 -3.23 60.75 63.55
CA MET D 1388 -4.07 61.95 63.77
C MET D 1388 -3.24 63.06 64.37
N GLN D 1389 -3.79 64.26 64.29
CA GLN D 1389 -3.44 65.38 65.20
C GLN D 1389 -3.56 64.87 66.64
N ALA D 1390 -2.61 65.17 67.52
CA ALA D 1390 -2.64 64.73 68.94
C ALA D 1390 -3.85 65.30 69.62
N ASP D 1391 -4.13 66.58 69.35
CA ASP D 1391 -5.31 67.34 69.80
C ASP D 1391 -6.53 66.46 69.69
N LEU D 1392 -6.75 65.92 68.49
CA LEU D 1392 -7.99 65.20 68.08
C LEU D 1392 -7.98 63.82 68.72
N ALA D 1393 -6.82 63.23 68.91
CA ALA D 1393 -6.68 61.95 69.61
C ALA D 1393 -7.14 62.10 71.06
N LEU D 1394 -6.75 63.17 71.74
CA LEU D 1394 -7.06 63.36 73.17
C LEU D 1394 -8.56 63.67 73.32
N LYS D 1395 -9.11 64.45 72.40
CA LYS D 1395 -10.55 64.74 72.34
C LYS D 1395 -11.37 63.45 72.09
N MET D 1396 -10.93 62.54 71.23
CA MET D 1396 -11.66 61.29 70.89
C MET D 1396 -11.39 60.23 71.96
N GLY D 1397 -10.39 60.43 72.79
CA GLY D 1397 -9.97 59.36 73.69
C GLY D 1397 -9.73 58.09 72.91
N VAL D 1398 -8.85 58.17 71.90
CA VAL D 1398 -8.29 56.98 71.21
C VAL D 1398 -6.94 56.69 71.81
N PRO D 1399 -6.50 55.42 71.85
CA PRO D 1399 -5.17 55.07 72.30
C PRO D 1399 -4.11 55.70 71.41
N ILE D 1400 -2.97 55.97 71.96
CA ILE D 1400 -1.88 56.74 71.31
C ILE D 1400 -0.63 55.90 71.50
N TYR D 1401 -0.17 55.30 70.40
CA TYR D 1401 0.88 54.27 70.49
C TYR D 1401 2.24 54.89 70.29
N GLY D 1402 2.30 56.07 69.73
CA GLY D 1402 3.59 56.75 69.54
C GLY D 1402 3.41 58.07 68.84
N ILE D 1403 4.44 58.88 68.93
CA ILE D 1403 4.46 60.21 68.29
C ILE D 1403 5.34 60.07 67.07
N VAL D 1404 4.89 60.50 65.90
CA VAL D 1404 5.72 60.55 64.70
C VAL D 1404 6.44 61.90 64.68
N ALA D 1405 7.65 61.91 65.20
CA ALA D 1405 8.45 63.12 65.39
C ALA D 1405 8.86 63.66 64.04
N MET D 1406 9.35 62.78 63.18
CA MET D 1406 10.00 63.15 61.89
C MET D 1406 9.62 62.08 60.87
N ALA D 1407 9.52 62.45 59.60
CA ALA D 1407 9.41 61.48 58.51
C ALA D 1407 9.89 62.11 57.21
N ALA D 1408 10.99 61.62 56.65
CA ALA D 1408 11.66 62.22 55.48
C ALA D 1408 11.84 61.18 54.35
N THR D 1409 12.22 61.69 53.19
CA THR D 1409 12.56 60.93 51.96
C THR D 1409 13.70 61.66 51.26
N ALA D 1410 14.62 60.91 50.71
CA ALA D 1410 15.78 61.43 50.01
C ALA D 1410 16.01 60.54 48.79
N THR D 1411 16.48 61.12 47.69
CA THR D 1411 17.17 60.43 46.58
C THR D 1411 18.68 60.37 46.87
N ASP D 1412 19.47 59.88 45.90
CA ASP D 1412 20.95 59.77 45.99
C ASP D 1412 21.56 60.63 44.86
N LYS D 1413 22.71 60.25 44.33
CA LYS D 1413 23.47 61.06 43.35
C LYS D 1413 23.21 60.53 41.93
N ILE D 1414 23.99 61.05 40.96
CA ILE D 1414 24.15 60.56 39.57
C ILE D 1414 24.62 59.11 39.62
N GLY D 1415 23.91 58.24 38.90
CA GLY D 1415 24.22 56.80 38.81
C GLY D 1415 23.76 56.25 37.48
N ARG D 1416 23.99 54.94 37.25
CA ARG D 1416 23.40 54.14 36.14
C ARG D 1416 22.90 52.79 36.70
N SER D 1417 22.51 52.72 37.97
CA SER D 1417 22.02 51.51 38.70
C SER D 1417 20.79 51.86 39.55
N VAL D 1418 19.60 51.49 39.07
CA VAL D 1418 18.29 51.79 39.71
C VAL D 1418 18.15 50.99 41.01
N PRO D 1419 18.61 49.71 41.13
CA PRO D 1419 18.53 49.00 42.42
C PRO D 1419 19.61 49.30 43.48
N ALA D 1420 20.63 50.12 43.16
CA ALA D 1420 21.76 50.48 44.05
C ALA D 1420 21.30 51.44 45.16
N PRO D 1421 21.42 51.07 46.46
CA PRO D 1421 21.08 52.00 47.54
C PRO D 1421 22.18 53.06 47.75
N GLY D 1422 21.78 54.24 48.23
CA GLY D 1422 22.70 55.37 48.46
C GLY D 1422 22.59 55.96 49.86
N LYS D 1423 23.28 57.07 50.06
CA LYS D 1423 23.56 57.68 51.37
C LYS D 1423 22.67 58.91 51.58
N GLY D 1424 21.77 59.20 50.64
CA GLY D 1424 21.03 60.46 50.52
C GLY D 1424 20.18 60.83 51.72
N ILE D 1425 19.80 59.85 52.54
CA ILE D 1425 18.99 60.09 53.77
C ILE D 1425 19.88 60.65 54.88
N LEU D 1426 21.22 60.62 54.77
CA LEU D 1426 22.17 61.36 55.67
C LEU D 1426 21.73 62.80 55.92
N THR D 1427 21.08 63.43 54.95
CA THR D 1427 20.62 64.83 55.00
C THR D 1427 19.61 65.06 56.13
N THR D 1428 19.19 64.06 56.89
CA THR D 1428 18.25 64.27 58.03
C THR D 1428 19.08 64.68 59.24
N ALA D 1429 20.41 64.61 59.14
CA ALA D 1429 21.39 64.89 60.20
C ALA D 1429 22.26 66.05 59.73
N ARG D 1430 21.84 66.75 58.67
CA ARG D 1430 22.62 67.88 58.14
C ARG D 1430 22.52 68.96 59.20
N GLU D 1431 23.65 69.36 59.77
CA GLU D 1431 23.74 70.68 60.45
C GLU D 1431 25.13 71.27 60.30
N HIS D 1432 25.20 72.59 60.48
CA HIS D 1432 26.40 73.46 60.44
C HIS D 1432 27.17 73.35 61.77
N HIS D 1433 28.49 73.37 61.72
CA HIS D 1433 29.40 73.16 62.89
C HIS D 1433 30.57 74.13 62.86
N SER D 1434 30.59 75.09 61.92
CA SER D 1434 31.65 76.13 61.79
C SER D 1434 31.80 76.87 63.13
N SER D 1435 30.66 77.16 63.76
CA SER D 1435 30.48 78.08 64.93
C SER D 1435 29.82 77.32 66.10
N VAL D 1436 30.56 76.39 66.72
CA VAL D 1436 30.04 75.42 67.76
C VAL D 1436 30.79 75.59 69.09
N LYS D 1437 31.26 76.82 69.40
CA LYS D 1437 31.95 77.17 70.67
C LYS D 1437 30.93 77.25 71.80
N TYR D 1438 29.89 78.08 71.66
CA TYR D 1438 28.84 78.34 72.68
C TYR D 1438 27.49 77.73 72.24
N ALA D 1439 26.76 77.14 73.20
CA ALA D 1439 25.44 76.48 73.03
C ALA D 1439 24.38 77.48 72.54
N SER D 1440 23.71 77.15 71.44
CA SER D 1440 22.52 77.85 70.90
C SER D 1440 21.41 77.85 71.95
N PRO D 1441 20.82 79.00 72.31
CA PRO D 1441 19.73 79.03 73.30
C PRO D 1441 18.38 78.53 72.75
N ASN D 1442 18.25 78.40 71.42
CA ASN D 1442 17.06 77.86 70.71
C ASN D 1442 16.83 76.39 71.10
N LEU D 1443 17.87 75.65 71.52
CA LEU D 1443 17.77 74.25 72.02
C LEU D 1443 17.30 74.20 73.48
N ASN D 1444 17.66 75.18 74.31
CA ASN D 1444 17.20 75.25 75.73
C ASN D 1444 15.69 75.48 75.73
N MET D 1445 14.93 74.56 76.34
CA MET D 1445 13.46 74.62 76.38
C MET D 1445 13.02 75.74 77.33
N LYS D 1446 13.73 75.98 78.45
CA LYS D 1446 13.42 77.10 79.40
C LYS D 1446 13.31 78.42 78.63
N TYR D 1447 14.36 78.76 77.87
CA TYR D 1447 14.43 79.93 76.98
C TYR D 1447 13.17 79.96 76.11
N ARG D 1448 12.99 78.92 75.32
CA ARG D 1448 11.88 78.80 74.33
C ARG D 1448 10.55 79.07 75.03
N LYS D 1449 10.38 78.61 76.28
CA LYS D 1449 9.11 78.73 77.04
C LYS D 1449 8.95 80.16 77.54
N ARG D 1450 10.02 80.79 78.03
CA ARG D 1450 10.06 82.24 78.40
C ARG D 1450 9.54 83.10 77.23
N GLN D 1451 9.99 82.84 76.00
CA GLN D 1451 9.59 83.65 74.82
C GLN D 1451 8.09 83.48 74.56
N LEU D 1452 7.53 82.31 74.88
CA LEU D 1452 6.10 82.00 74.61
C LEU D 1452 5.24 82.75 75.64
N VAL D 1453 5.65 82.76 76.90
CA VAL D 1453 4.94 83.42 78.04
C VAL D 1453 4.83 84.93 77.76
N THR D 1454 5.93 85.53 77.30
CA THR D 1454 6.02 86.92 76.77
C THR D 1454 4.96 87.13 75.69
N ARG D 1455 5.03 86.36 74.61
CA ARG D 1455 4.16 86.50 73.41
C ARG D 1455 2.69 86.20 73.79
N GLU D 1456 2.42 85.48 74.88
CA GLU D 1456 1.03 85.15 75.35
C GLU D 1456 0.41 86.38 76.03
N ALA D 1457 1.21 87.11 76.81
CA ALA D 1457 0.87 88.44 77.37
C ALA D 1457 0.47 89.40 76.25
N GLN D 1458 1.29 89.52 75.20
CA GLN D 1458 1.03 90.39 74.02
C GLN D 1458 -0.33 90.04 73.38
N ILE D 1459 -0.70 88.77 73.32
CA ILE D 1459 -1.97 88.29 72.67
C ILE D 1459 -3.14 88.64 73.58
N LYS D 1460 -3.02 88.42 74.89
CA LYS D 1460 -3.95 88.89 75.95
C LYS D 1460 -4.27 90.39 75.73
N ASP D 1461 -3.24 91.24 75.66
CA ASP D 1461 -3.35 92.70 75.35
C ASP D 1461 -4.09 92.90 74.04
N TRP D 1462 -3.66 92.19 73.00
CA TRP D 1462 -4.25 92.27 71.63
C TRP D 1462 -5.77 92.02 71.69
N VAL D 1463 -6.26 91.07 72.51
CA VAL D 1463 -7.71 90.72 72.57
C VAL D 1463 -8.48 91.86 73.23
N GLU D 1464 -7.99 92.41 74.35
CA GLU D 1464 -8.58 93.61 75.02
C GLU D 1464 -8.85 94.71 73.98
N ASN D 1465 -7.83 95.11 73.22
CA ASN D 1465 -7.87 96.28 72.31
C ASN D 1465 -8.86 96.05 71.14
N GLU D 1466 -9.16 94.80 70.79
CA GLU D 1466 -10.12 94.44 69.71
C GLU D 1466 -11.53 94.30 70.29
N LEU D 1467 -11.68 94.13 71.62
CA LEU D 1467 -12.97 94.13 72.36
C LEU D 1467 -13.34 95.56 72.78
N GLU D 1468 -12.35 96.44 73.06
CA GLU D 1468 -12.57 97.91 73.18
C GLU D 1468 -13.12 98.42 71.84
N ALA D 1469 -12.46 98.09 70.71
CA ALA D 1469 -12.79 98.59 69.36
C ALA D 1469 -14.09 97.96 68.84
N LEU D 1470 -14.48 96.77 69.33
CA LEU D 1470 -15.76 96.09 68.94
C LEU D 1470 -16.94 96.73 69.69
N LYS D 1471 -16.70 97.27 70.89
CA LYS D 1471 -17.69 98.06 71.67
C LYS D 1471 -17.96 99.38 70.93
N LEU D 1472 -16.91 100.06 70.44
CA LEU D 1472 -16.97 101.39 69.72
C LEU D 1472 -17.49 101.24 68.28
N GLU D 1473 -17.75 100.02 67.79
CA GLU D 1473 -18.37 99.76 66.45
C GLU D 1473 -19.82 99.27 66.63
N ALA D 1474 -20.18 98.73 67.81
CA ALA D 1474 -21.53 98.19 68.15
C ALA D 1474 -22.53 99.32 68.43
N GLU D 1475 -22.04 100.49 68.91
CA GLU D 1475 -22.84 101.70 69.26
C GLU D 1475 -23.53 102.24 67.99
N GLU D 1476 -22.79 102.41 66.88
CA GLU D 1476 -23.27 102.96 65.58
C GLU D 1476 -24.34 102.04 64.96
N ILE D 1477 -24.31 100.73 65.29
CA ILE D 1477 -25.35 99.73 64.89
C ILE D 1477 -26.60 99.99 65.74
N PRO D 1478 -27.82 100.08 65.12
CA PRO D 1478 -29.08 100.13 65.87
C PRO D 1478 -29.18 98.98 66.89
N SER D 1479 -29.57 99.25 68.14
CA SER D 1479 -29.47 98.32 69.29
C SER D 1479 -30.48 97.15 69.17
N GLU D 1480 -31.38 97.19 68.18
CA GLU D 1480 -32.34 96.08 67.82
C GLU D 1480 -31.58 94.85 67.28
N ASP D 1481 -30.58 95.05 66.40
CA ASP D 1481 -29.85 94.00 65.63
C ASP D 1481 -28.32 94.15 65.80
N GLN D 1482 -27.85 94.59 66.99
CA GLN D 1482 -26.42 94.64 67.39
C GLN D 1482 -26.03 93.35 68.13
N ASN D 1483 -27.01 92.54 68.58
CA ASN D 1483 -26.77 91.20 69.18
C ASN D 1483 -26.07 90.31 68.14
N GLU D 1484 -26.58 90.27 66.90
CA GLU D 1484 -26.09 89.39 65.80
C GLU D 1484 -24.76 89.92 65.22
N PHE D 1485 -24.45 91.20 65.40
CA PHE D 1485 -23.12 91.80 65.09
C PHE D 1485 -22.07 91.29 66.10
N LEU D 1486 -22.42 91.28 67.39
CA LEU D 1486 -21.51 90.91 68.51
C LEU D 1486 -21.22 89.40 68.47
N LEU D 1487 -22.25 88.58 68.25
CA LEU D 1487 -22.13 87.10 68.11
C LEU D 1487 -21.16 86.75 66.99
N GLU D 1488 -21.38 87.32 65.80
CA GLU D 1488 -20.53 87.13 64.58
C GLU D 1488 -19.08 87.55 64.87
N ARG D 1489 -18.89 88.68 65.55
CA ARG D 1489 -17.60 89.42 65.56
C ARG D 1489 -16.79 89.21 66.86
N THR D 1490 -17.35 88.56 67.89
CA THR D 1490 -16.58 88.06 69.07
C THR D 1490 -16.01 86.68 68.75
N ARG D 1491 -16.77 85.89 68.00
CA ARG D 1491 -16.38 84.58 67.43
C ARG D 1491 -15.16 84.78 66.51
N GLU D 1492 -15.16 85.83 65.68
CA GLU D 1492 -14.02 86.19 64.79
C GLU D 1492 -12.77 86.56 65.62
N ILE D 1493 -12.93 87.17 66.81
CA ILE D 1493 -11.81 87.59 67.70
C ILE D 1493 -11.37 86.39 68.57
N HIS D 1494 -12.26 85.43 68.82
CA HIS D 1494 -11.91 84.14 69.46
C HIS D 1494 -10.91 83.40 68.56
N ASN D 1495 -11.30 83.15 67.30
CA ASN D 1495 -10.45 82.56 66.22
C ASN D 1495 -9.09 83.24 66.18
N GLU D 1496 -9.04 84.56 65.96
CA GLU D 1496 -7.79 85.30 65.69
C GLU D 1496 -6.88 85.23 66.93
N ALA D 1497 -7.46 85.15 68.13
CA ALA D 1497 -6.73 84.92 69.41
C ALA D 1497 -6.19 83.49 69.45
N GLU D 1498 -6.95 82.51 68.93
CA GLU D 1498 -6.53 81.08 68.92
C GLU D 1498 -5.37 80.92 67.95
N SER D 1499 -5.55 81.35 66.70
CA SER D 1499 -4.51 81.31 65.63
C SER D 1499 -3.21 81.85 66.22
N GLN D 1500 -3.24 83.00 66.88
CA GLN D 1500 -1.99 83.67 67.33
C GLN D 1500 -1.32 82.88 68.44
N LEU D 1501 -2.09 82.20 69.29
CA LEU D 1501 -1.52 81.39 70.42
C LEU D 1501 -0.91 80.08 69.84
N ARG D 1502 -1.58 79.48 68.84
CA ARG D 1502 -1.10 78.29 68.08
C ARG D 1502 0.18 78.65 67.32
N ALA D 1503 0.16 79.75 66.56
CA ALA D 1503 1.29 80.24 65.74
C ALA D 1503 2.52 80.50 66.61
N ALA D 1504 2.30 80.93 67.86
CA ALA D 1504 3.37 81.24 68.83
C ALA D 1504 3.92 79.94 69.39
N GLN D 1505 3.02 78.96 69.63
CA GLN D 1505 3.34 77.59 70.08
C GLN D 1505 4.12 76.89 68.97
N GLN D 1506 3.64 77.00 67.73
CA GLN D 1506 4.31 76.44 66.53
C GLN D 1506 5.73 76.97 66.45
N GLN D 1507 5.97 78.23 66.82
CA GLN D 1507 7.26 78.94 66.64
C GLN D 1507 8.28 78.55 67.71
N TRP D 1508 7.86 78.31 68.94
CA TRP D 1508 8.76 78.08 70.09
C TRP D 1508 8.73 76.62 70.53
N GLY D 1509 7.70 75.86 70.14
CA GLY D 1509 7.42 74.52 70.67
C GLY D 1509 7.71 73.44 69.68
N ASN D 1510 7.25 73.62 68.45
CA ASN D 1510 7.21 72.63 67.36
C ASN D 1510 8.24 72.91 66.26
N ASP D 1511 8.31 74.13 65.72
CA ASP D 1511 9.11 74.53 64.52
C ASP D 1511 10.23 75.50 64.92
N PHE D 1512 10.77 75.38 66.13
CA PHE D 1512 11.86 76.28 66.59
C PHE D 1512 13.13 76.14 65.75
N TYR D 1513 13.29 75.02 65.02
CA TYR D 1513 14.57 74.57 64.41
C TYR D 1513 14.50 74.58 62.89
N LYS D 1514 13.39 75.00 62.29
CA LYS D 1514 13.19 74.81 60.83
C LYS D 1514 14.02 75.81 60.02
N ARG D 1515 14.44 76.93 60.61
CA ARG D 1515 15.23 78.01 59.96
C ARG D 1515 16.54 78.23 60.73
N ASP D 1516 16.98 77.23 61.51
CA ASP D 1516 18.30 77.21 62.19
C ASP D 1516 19.17 76.14 61.54
N PRO D 1517 20.19 76.51 60.73
CA PRO D 1517 21.09 75.51 60.15
C PRO D 1517 22.09 74.87 61.14
N ARG D 1518 22.01 75.18 62.44
CA ARG D 1518 22.89 74.55 63.47
C ARG D 1518 22.12 73.46 64.19
N ILE D 1519 20.87 73.21 63.79
CA ILE D 1519 20.03 72.11 64.34
C ILE D 1519 19.56 71.22 63.18
N ALA D 1520 20.01 69.98 63.21
CA ALA D 1520 19.62 68.88 62.29
C ALA D 1520 18.15 68.61 62.46
N PRO D 1521 17.42 68.35 61.38
CA PRO D 1521 16.04 67.84 61.46
C PRO D 1521 15.82 66.71 62.47
N LEU D 1522 16.77 65.78 62.55
CA LEU D 1522 16.75 64.59 63.44
C LEU D 1522 16.85 65.05 64.88
N ARG D 1523 17.72 66.03 65.16
CA ARG D 1523 17.99 66.53 66.52
C ARG D 1523 16.81 67.38 67.00
N GLY D 1524 16.28 68.22 66.12
CA GLY D 1524 15.18 69.13 66.45
C GLY D 1524 13.93 68.34 66.81
N ALA D 1525 13.61 67.35 65.99
CA ALA D 1525 12.49 66.41 66.18
C ALA D 1525 12.48 65.89 67.60
N LEU D 1526 13.63 65.49 68.09
CA LEU D 1526 13.75 64.85 69.42
C LEU D 1526 13.82 65.94 70.50
N ALA D 1527 14.34 67.12 70.20
CA ALA D 1527 14.48 68.24 71.15
C ALA D 1527 13.10 68.83 71.48
N THR D 1528 12.11 68.69 70.60
CA THR D 1528 10.73 69.16 70.89
C THR D 1528 10.07 68.40 72.04
N TYR D 1529 10.69 67.41 72.67
CA TYR D 1529 10.14 66.71 73.87
C TYR D 1529 11.22 66.60 74.93
N GLY D 1530 12.30 67.36 74.80
CA GLY D 1530 13.42 67.28 75.76
C GLY D 1530 14.16 65.96 75.66
N LEU D 1531 14.21 65.37 74.47
CA LEU D 1531 15.06 64.19 74.24
C LEU D 1531 16.32 64.65 73.50
N THR D 1532 17.44 63.99 73.80
CA THR D 1532 18.73 64.19 73.13
C THR D 1532 18.89 63.06 72.12
N ILE D 1533 19.72 63.28 71.10
CA ILE D 1533 20.22 62.24 70.19
C ILE D 1533 20.60 60.97 70.97
N ASP D 1534 21.10 61.07 72.21
CA ASP D 1534 21.49 59.90 73.07
C ASP D 1534 20.29 59.11 73.60
N ASP D 1535 19.05 59.40 73.17
CA ASP D 1535 17.83 58.70 73.64
C ASP D 1535 17.21 57.86 72.54
N LEU D 1536 17.61 58.06 71.28
CA LEU D 1536 17.22 57.22 70.12
C LEU D 1536 17.71 55.80 70.39
N GLY D 1537 16.84 54.97 70.95
CA GLY D 1537 17.24 53.70 71.56
C GLY D 1537 17.61 52.63 70.57
N VAL D 1538 16.78 52.50 69.57
CA VAL D 1538 16.67 51.32 68.69
C VAL D 1538 16.57 51.83 67.26
N ALA D 1539 17.26 51.19 66.34
CA ALA D 1539 17.19 51.52 64.89
C ALA D 1539 16.70 50.27 64.19
N SER D 1540 15.60 50.40 63.48
CA SER D 1540 14.88 49.33 62.80
C SER D 1540 15.38 49.39 61.39
N PHE D 1541 16.31 48.51 61.05
CA PHE D 1541 17.03 48.46 59.77
C PHE D 1541 16.12 47.79 58.75
N HIS D 1542 16.00 48.37 57.57
CA HIS D 1542 15.46 47.74 56.33
C HIS D 1542 15.99 46.31 56.26
N GLY D 1543 17.31 46.16 56.33
CA GLY D 1543 17.97 44.85 56.57
C GLY D 1543 17.38 43.73 55.73
N THR D 1544 17.70 43.74 54.44
CA THR D 1544 17.03 42.90 53.43
C THR D 1544 17.74 41.54 53.31
N SER D 1545 18.90 41.39 53.94
CA SER D 1545 19.84 40.24 53.79
C SER D 1545 20.51 40.32 52.40
N THR D 1546 20.68 41.52 51.84
CA THR D 1546 21.53 41.75 50.63
C THR D 1546 22.88 42.29 51.07
N LYS D 1547 23.91 42.10 50.23
CA LYS D 1547 25.32 42.53 50.47
C LYS D 1547 25.37 44.05 50.56
N ALA D 1548 24.81 44.73 49.56
CA ALA D 1548 24.91 46.19 49.35
C ALA D 1548 24.08 46.96 50.37
N ASN D 1549 22.87 46.49 50.66
CA ASN D 1549 21.87 47.19 51.51
C ASN D 1549 22.33 47.24 52.96
N ASP D 1550 22.80 46.12 53.50
CA ASP D 1550 23.01 45.94 54.96
C ASP D 1550 24.36 46.57 55.37
N LYS D 1551 25.26 46.81 54.42
CA LYS D 1551 26.49 47.62 54.68
C LYS D 1551 26.17 49.11 54.55
N ASN D 1552 25.52 49.50 53.45
CA ASN D 1552 25.11 50.89 53.17
C ASN D 1552 24.26 51.45 54.32
N GLU D 1553 23.34 50.68 54.88
CA GLU D 1553 22.41 51.13 55.96
C GLU D 1553 23.15 51.27 57.31
N SER D 1554 23.94 50.30 57.70
CA SER D 1554 24.77 50.37 58.93
C SER D 1554 25.72 51.57 58.86
N ALA D 1555 26.21 51.92 57.68
CA ALA D 1555 27.18 53.01 57.46
C ALA D 1555 26.47 54.36 57.60
N THR D 1556 25.24 54.47 57.09
CA THR D 1556 24.49 55.75 57.05
C THR D 1556 23.90 56.04 58.43
N ILE D 1557 23.65 55.04 59.25
CA ILE D 1557 23.19 55.25 60.66
C ILE D 1557 24.43 55.60 61.48
N ASN D 1558 25.57 55.04 61.16
CA ASN D 1558 26.78 55.31 61.94
C ASN D 1558 27.19 56.76 61.65
N GLU D 1559 27.01 57.22 60.41
CA GLU D 1559 27.49 58.57 60.05
C GLU D 1559 26.49 59.63 60.54
N MET D 1560 25.19 59.30 60.62
CA MET D 1560 24.15 60.18 61.25
C MET D 1560 24.52 60.45 62.70
N MET D 1561 24.91 59.39 63.42
CA MET D 1561 25.11 59.36 64.89
C MET D 1561 26.45 60.00 65.20
N LYS D 1562 27.39 59.97 64.28
CA LYS D 1562 28.76 60.50 64.53
C LYS D 1562 28.68 62.04 64.44
N HIS D 1563 27.85 62.53 63.51
CA HIS D 1563 27.73 63.95 63.17
C HIS D 1563 26.95 64.68 64.25
N LEU D 1564 26.03 64.03 64.94
CA LEU D 1564 25.22 64.63 66.04
C LEU D 1564 25.77 64.21 67.41
N GLY D 1565 27.05 63.85 67.50
CA GLY D 1565 27.72 63.64 68.80
C GLY D 1565 26.91 62.78 69.75
N ARG D 1566 26.49 61.63 69.26
CA ARG D 1566 26.08 60.46 70.06
C ARG D 1566 27.27 60.00 70.91
N SER D 1567 27.07 59.82 72.22
CA SER D 1567 28.13 59.44 73.17
C SER D 1567 28.87 58.19 72.68
N GLU D 1568 30.21 58.19 72.70
CA GLU D 1568 31.00 56.94 72.48
C GLU D 1568 30.56 55.95 73.55
N GLY D 1569 30.14 54.77 73.12
CA GLY D 1569 29.68 53.70 74.01
C GLY D 1569 28.19 53.60 74.10
N ASN D 1570 27.45 54.46 73.39
CA ASN D 1570 25.97 54.39 73.36
C ASN D 1570 25.55 54.09 71.94
N PRO D 1571 25.59 52.84 71.48
CA PRO D 1571 25.20 52.53 70.11
C PRO D 1571 23.69 52.30 69.99
N VAL D 1572 23.10 52.68 68.87
CA VAL D 1572 21.69 52.28 68.55
C VAL D 1572 21.67 50.77 68.39
N ILE D 1573 20.64 50.15 68.95
CA ILE D 1573 20.47 48.69 68.91
C ILE D 1573 19.69 48.41 67.65
N GLY D 1574 20.30 47.68 66.71
CA GLY D 1574 19.65 47.37 65.43
C GLY D 1574 18.57 46.31 65.63
N VAL D 1575 17.48 46.36 64.85
CA VAL D 1575 16.51 45.25 64.82
C VAL D 1575 16.15 44.99 63.38
N PHE D 1576 16.28 43.72 62.99
CA PHE D 1576 16.11 43.29 61.58
C PHE D 1576 14.92 42.33 61.53
N GLN D 1577 13.72 42.89 61.55
CA GLN D 1577 12.42 42.17 61.56
C GLN D 1577 12.37 41.13 60.43
N LYS D 1578 12.90 41.47 59.26
CA LYS D 1578 12.82 40.66 58.03
C LYS D 1578 13.49 39.30 58.18
N PHE D 1579 14.25 39.03 59.24
CA PHE D 1579 14.75 37.64 59.46
C PHE D 1579 13.57 36.65 59.48
N LEU D 1580 12.39 37.14 59.86
CA LEU D 1580 11.22 36.37 60.30
C LEU D 1580 10.09 36.53 59.31
N THR D 1581 9.96 37.67 58.66
CA THR D 1581 8.81 38.02 57.78
C THR D 1581 9.25 38.01 56.32
N GLY D 1582 10.54 38.13 56.05
CA GLY D 1582 11.05 38.39 54.68
C GLY D 1582 10.62 39.76 54.22
N HIS D 1583 10.92 40.08 52.97
CA HIS D 1583 10.83 41.43 52.39
C HIS D 1583 9.56 41.58 51.60
N PRO D 1584 8.54 42.26 52.10
CA PRO D 1584 7.28 42.40 51.36
C PRO D 1584 7.18 43.61 50.46
N LYS D 1585 8.32 44.16 50.05
CA LYS D 1585 8.46 45.34 49.16
C LYS D 1585 7.70 46.53 49.74
N GLY D 1586 6.53 46.85 49.22
CA GLY D 1586 5.81 48.08 49.55
C GLY D 1586 5.40 48.14 51.00
N ALA D 1587 5.31 46.99 51.67
CA ALA D 1587 4.78 46.87 53.04
C ALA D 1587 5.91 46.91 54.04
N ALA D 1588 7.16 46.91 53.59
CA ALA D 1588 8.32 46.58 54.46
C ALA D 1588 8.29 47.53 55.64
N GLY D 1589 8.11 48.83 55.35
CA GLY D 1589 8.17 49.95 56.31
C GLY D 1589 7.00 49.92 57.26
N ALA D 1590 5.82 49.56 56.79
CA ALA D 1590 4.65 49.44 57.66
C ALA D 1590 4.91 48.36 58.70
N TRP D 1591 5.47 47.22 58.33
CA TRP D 1591 5.74 46.15 59.32
C TRP D 1591 6.78 46.63 60.34
N MET D 1592 7.83 47.25 59.88
CA MET D 1592 8.92 47.79 60.70
C MET D 1592 8.34 48.82 61.68
N MET D 1593 7.33 49.57 61.26
CA MET D 1593 6.69 50.65 62.04
C MET D 1593 5.84 50.01 63.15
N ASN D 1594 4.92 49.14 62.80
CA ASN D 1594 4.18 48.29 63.75
C ASN D 1594 5.16 47.74 64.77
N GLY D 1595 6.25 47.13 64.36
CA GLY D 1595 7.24 46.56 65.28
C GLY D 1595 7.79 47.61 66.23
N ALA D 1596 8.11 48.78 65.69
CA ALA D 1596 8.69 49.94 66.41
C ALA D 1596 7.73 50.44 67.49
N LEU D 1597 6.42 50.43 67.22
CA LEU D 1597 5.40 50.79 68.23
C LEU D 1597 5.29 49.70 69.29
N GLN D 1598 5.30 48.45 68.90
CA GLN D 1598 5.33 47.31 69.84
C GLN D 1598 6.59 47.38 70.71
N ILE D 1599 7.75 47.70 70.14
CA ILE D 1599 9.00 47.87 70.94
C ILE D 1599 8.79 49.02 71.91
N LEU D 1600 8.32 50.18 71.43
CA LEU D 1600 8.18 51.40 72.28
C LEU D 1600 7.38 51.07 73.54
N ASN D 1601 6.27 50.36 73.37
CA ASN D 1601 5.23 50.28 74.40
C ASN D 1601 5.57 49.16 75.39
N SER D 1602 6.26 48.13 74.95
CA SER D 1602 6.68 46.96 75.75
C SER D 1602 8.07 47.18 76.37
N GLY D 1603 8.95 47.86 75.65
CA GLY D 1603 10.35 48.07 76.05
C GLY D 1603 11.17 46.83 75.86
N ILE D 1604 10.65 45.89 75.08
CA ILE D 1604 11.32 44.63 74.67
C ILE D 1604 11.91 44.89 73.30
N ILE D 1605 13.19 44.66 73.12
CA ILE D 1605 13.84 44.76 71.80
C ILE D 1605 14.04 43.35 71.31
N PRO D 1606 13.36 42.87 70.25
CA PRO D 1606 13.57 41.52 69.74
C PRO D 1606 14.90 41.33 69.00
N GLY D 1607 15.51 40.16 69.18
CA GLY D 1607 16.79 39.77 68.55
C GLY D 1607 16.61 39.13 67.20
N ASN D 1608 17.55 39.36 66.29
CA ASN D 1608 17.72 38.71 64.95
C ASN D 1608 18.20 37.30 65.24
N ARG D 1609 17.28 36.35 65.40
CA ARG D 1609 17.60 34.96 65.73
C ARG D 1609 18.43 34.28 64.65
N ASN D 1610 18.42 34.75 63.42
CA ASN D 1610 19.27 34.21 62.31
C ASN D 1610 20.57 34.99 62.14
N ALA D 1611 21.01 35.78 63.11
CA ALA D 1611 22.36 36.39 63.05
C ALA D 1611 23.31 35.38 63.68
N ASP D 1612 23.67 34.38 62.87
CA ASP D 1612 24.67 33.33 63.19
C ASP D 1612 25.94 34.12 63.56
N ASN D 1613 26.36 35.00 62.65
CA ASN D 1613 27.70 35.60 62.65
C ASN D 1613 27.63 36.97 61.98
N VAL D 1614 27.91 38.02 62.75
CA VAL D 1614 27.79 39.41 62.21
C VAL D 1614 29.04 39.70 61.41
N ASP D 1615 28.87 40.24 60.21
CA ASP D 1615 29.93 40.43 59.20
C ASP D 1615 31.05 41.24 59.84
N LYS D 1616 32.30 40.93 59.58
CA LYS D 1616 33.48 41.60 60.18
C LYS D 1616 33.49 43.07 59.77
N ILE D 1617 33.01 43.34 58.56
CA ILE D 1617 32.96 44.69 57.93
C ILE D 1617 32.11 45.63 58.78
N LEU D 1618 31.20 45.09 59.58
CA LEU D 1618 30.28 45.88 60.42
C LEU D 1618 30.88 46.24 61.79
N GLU D 1619 32.04 45.72 62.20
CA GLU D 1619 32.72 46.13 63.46
C GLU D 1619 33.23 47.58 63.35
N GLN D 1620 33.49 48.08 62.15
CA GLN D 1620 33.99 49.47 61.97
C GLN D 1620 32.90 50.47 62.43
N PHE D 1621 31.65 50.07 62.51
CA PHE D 1621 30.52 50.92 62.93
C PHE D 1621 30.28 50.79 64.44
N GLU D 1622 31.10 51.51 65.19
CA GLU D 1622 31.08 51.66 66.67
C GLU D 1622 29.66 51.98 67.18
N TYR D 1623 28.87 52.76 66.43
CA TYR D 1623 27.55 53.25 66.90
C TYR D 1623 26.39 52.31 66.57
N VAL D 1624 26.64 51.10 66.07
CA VAL D 1624 25.55 50.10 65.91
C VAL D 1624 25.85 48.88 66.79
N LEU D 1625 24.83 48.15 67.18
CA LEU D 1625 24.91 46.92 68.02
C LEU D 1625 23.90 45.95 67.45
N TYR D 1626 24.30 44.74 67.11
CA TYR D 1626 23.50 43.76 66.33
C TYR D 1626 23.14 42.57 67.19
N PRO D 1627 22.11 42.65 68.07
CA PRO D 1627 21.78 41.57 68.98
C PRO D 1627 21.13 40.37 68.29
N SER D 1628 21.42 39.16 68.79
CA SER D 1628 20.90 37.87 68.26
C SER D 1628 19.85 37.31 69.19
N LYS D 1629 19.70 37.85 70.41
CA LYS D 1629 18.64 37.43 71.37
C LYS D 1629 17.86 38.64 71.88
N THR D 1630 16.61 38.41 72.27
CA THR D 1630 15.69 39.45 72.81
C THR D 1630 16.18 40.01 74.16
N LEU D 1631 16.07 41.33 74.29
CA LEU D 1631 16.51 42.16 75.42
C LEU D 1631 15.30 42.79 76.04
N LYS D 1632 14.97 42.46 77.29
CA LYS D 1632 13.85 43.11 78.01
C LYS D 1632 14.44 44.25 78.83
N THR D 1633 14.38 45.47 78.29
CA THR D 1633 14.95 46.73 78.85
C THR D 1633 13.97 47.34 79.84
N ASP D 1634 14.37 48.46 80.46
CA ASP D 1634 13.58 49.31 81.38
C ASP D 1634 12.76 50.36 80.59
N GLY D 1635 13.12 50.63 79.34
CA GLY D 1635 12.26 51.38 78.42
C GLY D 1635 13.01 51.93 77.22
N VAL D 1636 12.29 52.15 76.13
CA VAL D 1636 12.80 52.69 74.85
C VAL D 1636 12.05 54.00 74.63
N ARG D 1637 12.76 55.12 74.53
CA ARG D 1637 12.14 56.46 74.41
C ARG D 1637 11.85 56.79 72.94
N ALA D 1638 12.64 56.30 72.00
CA ALA D 1638 12.45 56.60 70.57
C ALA D 1638 13.04 55.50 69.67
N VAL D 1639 12.54 55.37 68.45
CA VAL D 1639 12.93 54.31 67.48
C VAL D 1639 13.11 54.97 66.13
N SER D 1640 14.21 54.73 65.45
CA SER D 1640 14.42 55.13 64.03
C SER D 1640 13.90 54.00 63.16
N ILE D 1641 13.35 54.31 62.00
CA ILE D 1641 12.87 53.36 60.97
C ILE D 1641 13.39 53.85 59.62
N THR D 1642 14.27 53.12 58.97
CA THR D 1642 14.95 53.49 57.70
C THR D 1642 14.47 52.50 56.62
N SER D 1643 14.00 52.98 55.47
CA SER D 1643 13.70 52.14 54.30
C SER D 1643 14.47 52.66 53.11
N PHE D 1644 15.03 51.74 52.29
CA PHE D 1644 15.82 52.00 51.05
C PHE D 1644 15.21 51.26 49.86
N GLY D 1645 14.41 51.99 49.08
CA GLY D 1645 13.76 51.50 47.85
C GLY D 1645 14.68 51.40 46.63
N PHE D 1646 14.22 50.66 45.63
CA PHE D 1646 14.70 50.68 44.24
C PHE D 1646 14.31 52.04 43.63
N GLY D 1647 15.22 52.58 42.85
CA GLY D 1647 15.03 53.87 42.18
C GLY D 1647 15.23 54.99 43.17
N GLN D 1648 16.24 54.82 44.04
CA GLN D 1648 16.83 55.89 44.88
C GLN D 1648 15.75 56.47 45.79
N LYS D 1649 15.02 55.65 46.55
CA LYS D 1649 14.08 56.15 47.59
C LYS D 1649 14.65 55.77 48.97
N GLY D 1650 15.18 56.74 49.67
CA GLY D 1650 15.40 56.62 51.12
C GLY D 1650 14.26 57.23 51.89
N GLY D 1651 14.11 56.76 53.11
CA GLY D 1651 13.13 57.21 54.10
C GLY D 1651 13.73 57.07 55.49
N GLN D 1652 13.43 58.02 56.36
CA GLN D 1652 13.58 57.80 57.82
C GLN D 1652 12.29 58.26 58.48
N ALA D 1653 11.83 57.56 59.51
CA ALA D 1653 10.84 58.04 60.49
C ALA D 1653 11.41 57.87 61.90
N ILE D 1654 11.11 58.77 62.81
CA ILE D 1654 11.44 58.64 64.25
C ILE D 1654 10.10 58.58 64.94
N VAL D 1655 9.97 57.69 65.89
CA VAL D 1655 8.75 57.52 66.69
C VAL D 1655 9.16 57.62 68.16
N VAL D 1656 8.55 58.52 68.90
CA VAL D 1656 8.88 58.83 70.31
C VAL D 1656 7.85 58.18 71.22
N HIS D 1657 8.27 57.71 72.38
CA HIS D 1657 7.35 57.07 73.34
C HIS D 1657 6.15 57.98 73.51
N PRO D 1658 4.91 57.47 73.52
CA PRO D 1658 3.75 58.34 73.67
C PRO D 1658 3.61 59.10 74.99
N ASP D 1659 4.45 58.86 75.99
CA ASP D 1659 4.35 59.45 77.35
C ASP D 1659 4.96 60.85 77.36
N TYR D 1660 5.77 61.21 76.35
CA TYR D 1660 6.33 62.57 76.13
C TYR D 1660 5.24 63.56 75.69
N LEU D 1661 4.05 63.08 75.36
CA LEU D 1661 2.96 63.97 74.90
C LEU D 1661 2.20 64.48 76.11
N TYR D 1662 2.05 63.64 77.13
CA TYR D 1662 1.17 63.93 78.28
C TYR D 1662 1.84 64.95 79.21
N GLY D 1663 3.16 65.06 79.20
CA GLY D 1663 3.88 66.23 79.75
C GLY D 1663 3.31 67.57 79.29
N ALA D 1664 2.82 67.66 78.06
CA ALA D 1664 2.33 68.89 77.40
C ALA D 1664 0.86 69.19 77.74
N ILE D 1665 0.24 68.44 78.63
CA ILE D 1665 -1.18 68.75 78.97
C ILE D 1665 -1.36 68.81 80.49
N THR D 1666 -2.53 69.27 80.91
CA THR D 1666 -2.90 69.53 82.32
C THR D 1666 -3.38 68.24 82.97
N GLU D 1667 -3.15 68.08 84.28
CA GLU D 1667 -3.69 66.95 85.08
C GLU D 1667 -5.19 66.73 84.79
N ASP D 1668 -5.98 67.76 84.53
CA ASP D 1668 -7.44 67.62 84.24
C ASP D 1668 -7.65 66.99 82.88
N ARG D 1669 -7.04 67.56 81.84
CA ARG D 1669 -7.19 67.11 80.43
C ARG D 1669 -6.75 65.64 80.32
N TYR D 1670 -5.63 65.29 80.92
CA TYR D 1670 -5.14 63.92 81.01
C TYR D 1670 -6.17 62.99 81.66
N ASN D 1671 -6.64 63.34 82.85
CA ASN D 1671 -7.58 62.48 83.62
C ASN D 1671 -8.88 62.31 82.82
N GLU D 1672 -9.28 63.33 82.06
CA GLU D 1672 -10.49 63.24 81.19
C GLU D 1672 -10.21 62.20 80.08
N TYR D 1673 -9.07 62.32 79.40
CA TYR D 1673 -8.54 61.43 78.35
C TYR D 1673 -8.52 60.02 78.89
N VAL D 1674 -7.81 59.79 79.99
CA VAL D 1674 -7.65 58.42 80.55
C VAL D 1674 -9.01 57.72 80.68
N ALA D 1675 -10.03 58.44 81.09
CA ALA D 1675 -11.36 57.87 81.31
C ALA D 1675 -11.99 57.55 79.97
N LYS D 1676 -11.92 58.45 78.99
CA LYS D 1676 -12.49 58.19 77.64
C LYS D 1676 -11.85 56.92 77.05
N VAL D 1677 -10.55 56.78 77.17
CA VAL D 1677 -9.77 55.68 76.55
C VAL D 1677 -10.25 54.39 77.18
N SER D 1678 -10.17 54.33 78.50
CA SER D 1678 -10.59 53.19 79.35
C SER D 1678 -11.97 52.68 78.87
N ALA D 1679 -12.89 53.58 78.56
CA ALA D 1679 -14.24 53.24 78.06
C ALA D 1679 -14.19 52.60 76.69
N ARG D 1680 -13.48 53.24 75.76
CA ARG D 1680 -13.25 52.78 74.37
C ARG D 1680 -12.60 51.39 74.35
N GLU D 1681 -11.51 51.23 75.07
CA GLU D 1681 -10.80 49.93 75.15
C GLU D 1681 -11.84 48.84 75.46
N LYS D 1682 -12.68 49.06 76.47
CA LYS D 1682 -13.69 48.08 76.92
C LYS D 1682 -14.65 47.76 75.77
N SER D 1683 -15.21 48.78 75.11
CA SER D 1683 -16.09 48.60 73.92
C SER D 1683 -15.38 47.84 72.81
N ALA D 1684 -14.12 48.17 72.57
CA ALA D 1684 -13.33 47.62 71.47
C ALA D 1684 -13.15 46.14 71.72
N TYR D 1685 -12.86 45.74 72.97
CA TYR D 1685 -12.70 44.32 73.35
C TYR D 1685 -14.03 43.61 73.06
N LYS D 1686 -15.12 44.14 73.57
CA LYS D 1686 -16.47 43.65 73.25
C LYS D 1686 -16.61 43.42 71.75
N PHE D 1687 -16.28 44.39 70.94
CA PHE D 1687 -16.50 44.37 69.48
C PHE D 1687 -15.62 43.29 68.81
N PHE D 1688 -14.39 43.22 69.25
CA PHE D 1688 -13.36 42.34 68.68
C PHE D 1688 -13.81 40.90 68.87
N HIS D 1689 -14.09 40.53 70.11
CA HIS D 1689 -14.38 39.13 70.50
C HIS D 1689 -15.69 38.70 69.86
N ASN D 1690 -16.61 39.62 69.72
CA ASN D 1690 -17.85 39.30 69.02
C ASN D 1690 -17.59 39.06 67.53
N GLY D 1691 -16.83 39.90 66.85
CA GLY D 1691 -16.57 39.79 65.39
C GLY D 1691 -15.70 38.59 65.08
N MET D 1692 -14.70 38.32 65.92
CA MET D 1692 -13.86 37.10 65.82
C MET D 1692 -14.74 35.85 65.79
N ILE D 1693 -15.64 35.65 66.75
CA ILE D 1693 -16.34 34.35 66.82
C ILE D 1693 -17.47 34.25 65.80
N TYR D 1694 -18.07 35.35 65.35
CA TYR D 1694 -19.16 35.31 64.35
C TYR D 1694 -18.75 35.93 63.01
N ASN D 1695 -17.49 35.80 62.63
CA ASN D 1695 -16.90 36.24 61.34
C ASN D 1695 -17.51 37.53 60.80
N LYS D 1696 -17.35 38.62 61.56
CA LYS D 1696 -17.96 39.96 61.37
C LYS D 1696 -17.03 41.11 61.79
N LEU D 1697 -15.72 40.93 61.96
CA LEU D 1697 -14.86 42.11 62.25
C LEU D 1697 -15.07 43.15 61.16
N PHE D 1698 -15.11 42.70 59.92
CA PHE D 1698 -15.28 43.56 58.73
C PHE D 1698 -16.75 43.69 58.45
N VAL D 1699 -17.25 44.90 58.35
CA VAL D 1699 -18.67 45.13 57.96
C VAL D 1699 -18.71 46.21 56.92
N SER D 1700 -18.88 45.85 55.66
CA SER D 1700 -19.10 46.83 54.57
C SER D 1700 -20.26 47.74 54.94
N LYS D 1701 -20.04 49.03 54.76
CA LYS D 1701 -21.08 50.05 54.74
C LYS D 1701 -21.84 49.85 53.43
N GLU D 1702 -23.16 49.97 53.48
CA GLU D 1702 -24.03 49.85 52.27
C GLU D 1702 -24.38 51.26 51.79
N HIS D 1703 -24.58 52.19 52.73
CA HIS D 1703 -24.94 53.61 52.49
C HIS D 1703 -23.86 54.50 53.10
N ALA D 1704 -23.64 55.66 52.49
CA ALA D 1704 -22.82 56.75 53.07
C ALA D 1704 -23.48 57.30 54.33
N PRO D 1705 -22.80 58.15 55.12
CA PRO D 1705 -23.46 58.80 56.25
C PRO D 1705 -24.45 59.89 55.82
N TYR D 1706 -24.42 60.31 54.56
CA TYR D 1706 -25.38 61.29 53.98
C TYR D 1706 -26.20 60.58 52.91
N THR D 1707 -27.42 61.05 52.69
CA THR D 1707 -28.26 60.68 51.52
C THR D 1707 -27.73 61.41 50.29
N ASP D 1708 -28.14 61.00 49.09
CA ASP D 1708 -27.78 61.67 47.80
C ASP D 1708 -28.41 63.07 47.73
N GLU D 1709 -29.38 63.38 48.59
CA GLU D 1709 -30.04 64.72 48.67
C GLU D 1709 -29.17 65.70 49.49
N LEU D 1710 -28.54 65.24 50.57
CA LEU D 1710 -27.66 66.04 51.46
C LEU D 1710 -26.20 66.00 51.00
N GLU D 1711 -25.83 65.13 50.05
CA GLU D 1711 -24.43 64.90 49.58
C GLU D 1711 -23.72 66.26 49.41
N GLU D 1712 -24.31 67.21 48.68
CA GLU D 1712 -23.66 68.49 48.28
C GLU D 1712 -23.68 69.49 49.45
N ASP D 1713 -24.74 69.50 50.26
CA ASP D 1713 -24.96 70.42 51.41
C ASP D 1713 -23.95 70.07 52.51
N VAL D 1714 -23.64 68.79 52.68
CA VAL D 1714 -22.62 68.30 53.65
C VAL D 1714 -21.22 68.65 53.13
N TYR D 1715 -20.91 68.39 51.87
CA TYR D 1715 -19.57 68.71 51.30
C TYR D 1715 -19.24 70.19 51.50
N LEU D 1716 -20.26 71.05 51.54
CA LEU D 1716 -20.09 72.52 51.49
C LEU D 1716 -20.08 73.13 52.90
N ASP D 1717 -20.52 72.41 53.92
CA ASP D 1717 -20.49 72.91 55.32
C ASP D 1717 -19.28 72.29 56.03
N PRO D 1718 -18.21 73.07 56.34
CA PRO D 1718 -17.11 72.55 57.16
C PRO D 1718 -17.43 72.14 58.59
N LEU D 1719 -18.62 72.49 59.10
CA LEU D 1719 -18.97 72.31 60.52
C LEU D 1719 -20.03 71.23 60.68
N ALA D 1720 -20.53 70.71 59.57
CA ALA D 1720 -21.52 69.60 59.52
C ALA D 1720 -20.88 68.39 60.16
N ARG D 1721 -21.50 67.86 61.22
CA ARG D 1721 -21.04 66.63 61.92
C ARG D 1721 -22.20 65.65 61.88
N VAL D 1722 -21.99 64.48 62.44
CA VAL D 1722 -22.89 63.28 62.32
C VAL D 1722 -23.41 63.01 63.74
N SER D 1723 -24.65 62.52 63.82
CA SER D 1723 -25.42 62.31 65.07
C SER D 1723 -26.08 60.93 65.00
N LYS D 1724 -26.25 60.23 66.12
CA LYS D 1724 -27.02 58.96 66.17
C LYS D 1724 -28.46 59.24 65.73
N ASP D 1725 -28.93 58.50 64.72
CA ASP D 1725 -30.32 58.54 64.19
C ASP D 1725 -31.19 57.71 65.13
N LYS D 1726 -32.18 58.33 65.78
CA LYS D 1726 -33.08 57.73 66.81
C LYS D 1726 -33.58 56.35 66.34
N LYS D 1727 -34.09 56.26 65.10
CA LYS D 1727 -34.74 55.04 64.52
C LYS D 1727 -33.69 53.96 64.24
N SER D 1728 -32.88 54.14 63.19
CA SER D 1728 -31.92 53.14 62.64
C SER D 1728 -30.82 52.80 63.65
N GLY D 1729 -30.41 53.75 64.51
CA GLY D 1729 -29.37 53.59 65.55
C GLY D 1729 -27.96 53.83 65.02
N SER D 1730 -27.83 54.42 63.83
CA SER D 1730 -26.57 54.57 63.05
C SER D 1730 -26.26 56.06 62.79
N LEU D 1731 -24.98 56.41 62.79
CA LEU D 1731 -24.46 57.79 62.63
C LEU D 1731 -24.76 58.29 61.20
N THR D 1732 -25.59 59.32 61.06
CA THR D 1732 -25.94 59.96 59.77
C THR D 1732 -25.85 61.49 59.91
N PHE D 1733 -25.79 62.21 58.79
CA PHE D 1733 -25.96 63.68 58.71
C PHE D 1733 -27.47 63.94 58.64
N ASN D 1734 -27.96 64.70 59.62
CA ASN D 1734 -29.36 65.22 59.73
C ASN D 1734 -29.36 66.63 59.12
N SER D 1735 -30.39 67.01 58.35
CA SER D 1735 -30.49 68.32 57.64
C SER D 1735 -30.54 69.52 58.60
N LYS D 1736 -30.89 69.31 59.89
CA LYS D 1736 -30.91 70.36 60.96
C LYS D 1736 -29.48 70.80 61.32
N ASN D 1737 -28.51 69.89 61.28
CA ASN D 1737 -27.09 70.12 61.65
C ASN D 1737 -26.26 70.63 60.44
N ILE D 1738 -26.91 70.93 59.31
CA ILE D 1738 -26.22 71.40 58.06
C ILE D 1738 -26.59 72.88 57.84
N GLN D 1739 -25.57 73.74 57.90
CA GLN D 1739 -25.61 75.23 57.79
C GLN D 1739 -26.42 75.77 58.99
N SER D 1740 -26.04 75.29 60.19
CA SER D 1740 -26.75 75.43 61.48
C SER D 1740 -26.05 76.48 62.36
N LYS D 1741 -26.83 77.44 62.88
CA LYS D 1741 -26.35 78.56 63.73
C LYS D 1741 -25.61 78.00 64.97
N ASP D 1742 -26.05 76.86 65.54
CA ASP D 1742 -25.51 76.32 66.83
C ASP D 1742 -24.07 75.79 66.69
N SER D 1743 -23.73 75.18 65.54
CA SER D 1743 -22.36 74.75 65.15
C SER D 1743 -21.37 75.92 65.31
N TYR D 1744 -21.64 77.04 64.64
CA TYR D 1744 -20.74 78.22 64.51
C TYR D 1744 -20.76 79.06 65.78
N ILE D 1745 -21.96 79.41 66.26
CA ILE D 1745 -22.24 80.24 67.47
C ILE D 1745 -22.39 79.30 68.67
N ASN D 1746 -21.27 79.02 69.37
CA ASN D 1746 -21.18 78.09 70.53
C ASN D 1746 -21.57 78.85 71.80
N ALA D 1747 -21.60 78.17 72.97
CA ALA D 1747 -22.01 78.74 74.28
C ALA D 1747 -21.14 79.94 74.69
N ASN D 1748 -19.83 79.89 74.45
CA ASN D 1748 -18.82 80.92 74.86
C ASN D 1748 -19.05 82.25 74.11
N THR D 1749 -19.44 82.19 72.83
CA THR D 1749 -19.73 83.38 71.96
C THR D 1749 -21.03 84.07 72.41
N ILE D 1750 -22.00 83.37 73.03
CA ILE D 1750 -23.27 83.97 73.55
C ILE D 1750 -22.96 84.85 74.77
N GLU D 1751 -22.11 84.34 75.68
CA GLU D 1751 -21.73 84.97 76.97
C GLU D 1751 -20.87 86.21 76.72
N THR D 1752 -19.85 86.10 75.84
CA THR D 1752 -18.91 87.18 75.44
C THR D 1752 -19.66 88.28 74.67
N ALA D 1753 -20.60 87.91 73.78
CA ALA D 1753 -21.49 88.85 73.05
C ALA D 1753 -22.44 89.56 74.03
N LYS D 1754 -22.89 88.87 75.10
CA LYS D 1754 -23.86 89.42 76.11
C LYS D 1754 -23.14 90.33 77.13
N MET D 1755 -21.86 90.08 77.43
CA MET D 1755 -21.04 90.85 78.41
C MET D 1755 -20.53 92.16 77.81
N ILE D 1756 -20.38 92.25 76.48
CA ILE D 1756 -20.03 93.53 75.76
C ILE D 1756 -21.25 94.04 74.98
N GLU D 1757 -22.47 93.58 75.36
CA GLU D 1757 -23.80 94.19 75.08
C GLU D 1757 -24.38 94.80 76.38
N ASN D 1758 -23.71 94.59 77.53
CA ASN D 1758 -24.03 95.18 78.86
C ASN D 1758 -23.02 96.30 79.21
N MET D 1759 -22.20 96.75 78.23
CA MET D 1759 -21.31 97.94 78.35
C MET D 1759 -21.17 98.65 76.99
N THR D 1760 -22.28 98.77 76.23
CA THR D 1760 -22.36 99.46 74.91
C THR D 1760 -23.23 100.73 75.07
N LYS D 1761 -22.95 101.53 76.11
CA LYS D 1761 -23.63 102.81 76.50
C LYS D 1761 -25.11 102.55 76.86
N GLU D 1762 -25.34 101.79 77.95
CA GLU D 1762 -26.67 101.55 78.58
C GLU D 1762 -26.48 101.40 80.11
N LYS D 1763 -25.61 100.48 80.54
CA LYS D 1763 -25.24 100.24 81.97
C LYS D 1763 -24.11 101.20 82.41
N VAL D 1764 -23.34 101.76 81.46
CA VAL D 1764 -22.06 102.51 81.67
C VAL D 1764 -22.31 104.04 81.57
N SER D 1765 -23.42 104.51 82.16
CA SER D 1765 -23.86 105.93 82.19
C SER D 1765 -22.89 106.77 83.04
N ASN D 1766 -22.72 106.39 84.33
CA ASN D 1766 -21.85 107.07 85.35
C ASN D 1766 -21.11 106.00 86.19
N GLY D 1767 -20.08 105.37 85.61
CA GLY D 1767 -19.32 104.25 86.23
C GLY D 1767 -18.08 103.87 85.43
N GLY D 1768 -16.92 103.78 86.10
CA GLY D 1768 -15.65 103.27 85.56
C GLY D 1768 -15.73 101.79 85.24
N VAL D 1769 -15.41 101.39 84.00
CA VAL D 1769 -15.53 100.00 83.44
C VAL D 1769 -14.14 99.35 83.40
N GLY D 1770 -14.10 98.01 83.36
CA GLY D 1770 -12.88 97.19 83.40
C GLY D 1770 -13.03 95.88 82.63
N VAL D 1771 -12.52 95.85 81.38
CA VAL D 1771 -12.37 94.62 80.53
C VAL D 1771 -10.99 94.03 80.82
N ASP D 1772 -10.94 92.75 81.19
CA ASP D 1772 -9.70 91.93 81.23
C ASP D 1772 -9.98 90.54 80.65
N VAL D 1773 -9.14 90.10 79.70
CA VAL D 1773 -9.02 88.68 79.24
C VAL D 1773 -7.71 88.12 79.84
N GLU D 1774 -7.70 86.82 80.14
CA GLU D 1774 -6.48 86.04 80.50
C GLU D 1774 -6.56 84.69 79.78
N LEU D 1775 -5.53 84.34 78.99
CA LEU D 1775 -5.43 83.06 78.25
C LEU D 1775 -5.23 81.94 79.28
N ILE D 1776 -6.02 80.86 79.16
CA ILE D 1776 -6.06 79.66 80.06
C ILE D 1776 -4.62 79.16 80.33
N THR D 1777 -3.80 79.03 79.27
CA THR D 1777 -2.42 78.43 79.25
C THR D 1777 -1.50 79.12 80.27
N SER D 1778 -1.64 80.44 80.46
CA SER D 1778 -0.75 81.27 81.33
C SER D 1778 -1.01 81.01 82.82
N ILE D 1779 -2.12 80.33 83.19
CA ILE D 1779 -2.41 79.86 84.58
C ILE D 1779 -1.67 78.53 84.81
N ASN D 1780 -0.81 78.47 85.83
CA ASN D 1780 -0.06 77.26 86.29
C ASN D 1780 -0.63 76.82 87.66
N VAL D 1781 -1.51 75.81 87.64
CA VAL D 1781 -2.31 75.28 88.80
C VAL D 1781 -1.36 74.62 89.83
N GLU D 1782 -0.45 73.74 89.36
CA GLU D 1782 0.53 72.96 90.18
C GLU D 1782 1.41 73.91 91.02
N ASN D 1783 1.80 75.07 90.47
CA ASN D 1783 2.53 76.18 91.14
C ASN D 1783 1.66 76.74 92.28
N ASP D 1784 2.16 76.65 93.54
CA ASP D 1784 1.41 76.95 94.80
C ASP D 1784 1.80 78.34 95.37
N THR D 1785 2.81 79.03 94.83
CA THR D 1785 3.20 80.43 95.19
C THR D 1785 2.15 81.40 94.61
N PHE D 1786 1.81 81.26 93.33
CA PHE D 1786 0.85 82.12 92.59
C PHE D 1786 -0.57 81.94 93.16
N ILE D 1787 -0.98 80.69 93.46
CA ILE D 1787 -2.39 80.29 93.80
C ILE D 1787 -2.69 80.67 95.27
N GLU D 1788 -1.74 80.53 96.21
CA GLU D 1788 -1.93 80.86 97.66
C GLU D 1788 -2.00 82.39 97.87
N ARG D 1789 -1.10 83.16 97.24
CA ARG D 1789 -0.89 84.62 97.45
C ARG D 1789 -1.94 85.48 96.71
N ASN D 1790 -2.52 84.99 95.60
CA ASN D 1790 -3.50 85.74 94.74
C ASN D 1790 -4.91 85.11 94.77
N PHE D 1791 -5.15 84.02 95.54
CA PHE D 1791 -6.51 83.43 95.75
C PHE D 1791 -6.75 83.16 97.25
N THR D 1792 -8.02 83.32 97.66
CA THR D 1792 -8.56 82.99 99.01
C THR D 1792 -8.77 81.47 99.12
N PRO D 1793 -8.96 80.90 100.34
CA PRO D 1793 -9.41 79.50 100.49
C PRO D 1793 -10.83 79.16 99.98
N GLN D 1794 -11.67 80.16 99.67
CA GLN D 1794 -13.06 79.98 99.13
C GLN D 1794 -13.03 79.78 97.60
N GLU D 1795 -12.05 80.39 96.89
CA GLU D 1795 -11.90 80.35 95.40
C GLU D 1795 -11.06 79.12 94.98
N ILE D 1796 -10.12 78.67 95.82
CA ILE D 1796 -9.31 77.42 95.61
C ILE D 1796 -10.23 76.19 95.81
N GLU D 1797 -11.10 76.21 96.84
CA GLU D 1797 -12.11 75.16 97.15
C GLU D 1797 -13.12 75.04 96.00
N TYR D 1798 -13.52 76.16 95.37
CA TYR D 1798 -14.52 76.20 94.26
C TYR D 1798 -13.87 75.75 92.93
N CYS D 1799 -12.77 76.40 92.51
CA CYS D 1799 -12.10 76.20 91.19
C CYS D 1799 -11.54 74.78 91.05
N SER D 1800 -10.91 74.23 92.12
CA SER D 1800 -10.32 72.85 92.21
C SER D 1800 -11.39 71.77 91.98
N ALA D 1801 -12.64 72.02 92.40
CA ALA D 1801 -13.79 71.07 92.35
C ALA D 1801 -14.53 71.12 91.00
N GLN D 1802 -14.22 72.09 90.11
CA GLN D 1802 -14.84 72.24 88.76
C GLN D 1802 -14.28 71.20 87.78
N PRO D 1803 -14.97 70.93 86.64
CA PRO D 1803 -14.43 70.04 85.59
C PRO D 1803 -13.08 70.54 85.00
N SER D 1804 -13.06 71.78 84.48
CA SER D 1804 -11.88 72.48 83.91
C SER D 1804 -11.30 73.44 84.96
N VAL D 1805 -10.36 72.94 85.77
CA VAL D 1805 -9.76 73.63 86.97
C VAL D 1805 -8.93 74.84 86.48
N GLN D 1806 -8.28 74.72 85.32
CA GLN D 1806 -7.37 75.75 84.75
C GLN D 1806 -8.19 76.85 84.06
N SER D 1807 -9.33 76.49 83.46
CA SER D 1807 -10.30 77.44 82.85
C SER D 1807 -11.06 78.22 83.93
N SER D 1808 -11.31 77.63 85.10
CA SER D 1808 -12.05 78.25 86.23
C SER D 1808 -11.14 79.22 87.01
N PHE D 1809 -9.86 78.89 87.24
CA PHE D 1809 -8.85 79.82 87.85
C PHE D 1809 -8.60 81.03 86.93
N ALA D 1810 -8.65 80.86 85.61
CA ALA D 1810 -8.45 81.91 84.58
C ALA D 1810 -9.70 82.78 84.45
N GLY D 1811 -10.89 82.22 84.73
CA GLY D 1811 -12.16 82.96 84.83
C GLY D 1811 -12.19 83.91 86.03
N THR D 1812 -11.77 83.40 87.21
CA THR D 1812 -11.68 84.14 88.50
C THR D 1812 -10.57 85.21 88.43
N TRP D 1813 -9.37 84.85 87.94
CA TRP D 1813 -8.16 85.72 87.79
C TRP D 1813 -8.47 86.92 86.88
N SER D 1814 -9.35 86.74 85.89
CA SER D 1814 -9.80 87.80 84.95
C SER D 1814 -10.77 88.77 85.64
N ALA D 1815 -11.65 88.28 86.52
CA ALA D 1815 -12.60 89.07 87.35
C ALA D 1815 -11.82 89.99 88.33
N LYS D 1816 -10.73 89.51 88.92
CA LYS D 1816 -9.85 90.27 89.87
C LYS D 1816 -9.08 91.39 89.14
N GLU D 1817 -8.75 91.20 87.86
CA GLU D 1817 -8.08 92.20 86.98
C GLU D 1817 -9.12 93.09 86.27
N ALA D 1818 -10.40 92.70 86.27
CA ALA D 1818 -11.54 93.49 85.73
C ALA D 1818 -12.05 94.47 86.80
N VAL D 1819 -12.18 94.01 88.06
CA VAL D 1819 -12.51 94.84 89.26
C VAL D 1819 -11.39 95.90 89.47
N PHE D 1820 -10.13 95.47 89.55
CA PHE D 1820 -8.92 96.31 89.84
C PHE D 1820 -8.78 97.48 88.85
N LYS D 1821 -9.23 97.32 87.60
CA LYS D 1821 -9.26 98.39 86.56
C LYS D 1821 -10.54 99.23 86.70
N SER D 1822 -11.69 98.61 87.01
CA SER D 1822 -13.03 99.27 87.11
C SER D 1822 -13.08 100.31 88.23
N LEU D 1823 -12.38 100.08 89.37
CA LEU D 1823 -12.21 101.04 90.52
C LEU D 1823 -11.57 102.35 90.03
N GLY D 1824 -10.63 102.28 89.07
CA GLY D 1824 -9.82 103.40 88.56
C GLY D 1824 -8.40 103.40 89.13
N VAL D 1825 -8.18 102.78 90.31
CA VAL D 1825 -6.93 102.87 91.13
C VAL D 1825 -5.78 102.18 90.37
N LYS D 1826 -4.56 102.76 90.46
CA LYS D 1826 -3.34 102.36 89.69
C LYS D 1826 -2.60 101.22 90.44
N SER D 1827 -2.41 101.36 91.77
CA SER D 1827 -1.62 100.44 92.65
C SER D 1827 -2.26 100.36 94.06
N LEU D 1828 -2.13 99.19 94.72
CA LEU D 1828 -2.59 98.92 96.13
C LEU D 1828 -1.39 98.63 97.07
N GLY D 1829 -0.24 99.31 96.84
CA GLY D 1829 0.93 99.34 97.75
C GLY D 1829 1.91 98.20 97.50
N GLY D 1830 2.98 98.46 96.71
CA GLY D 1830 4.07 97.52 96.37
C GLY D 1830 3.75 96.68 95.13
N GLY D 1831 3.52 95.37 95.33
CA GLY D 1831 3.13 94.40 94.27
C GLY D 1831 1.62 94.18 94.18
N ALA D 1832 1.21 93.22 93.34
CA ALA D 1832 -0.20 92.82 93.09
C ALA D 1832 -0.56 91.58 93.93
N ALA D 1833 -1.15 91.78 95.12
CA ALA D 1833 -1.81 90.77 95.98
C ALA D 1833 -3.34 90.95 95.87
N LEU D 1834 -3.95 90.28 94.86
CA LEU D 1834 -5.40 90.38 94.49
C LEU D 1834 -6.23 89.31 95.22
N LYS D 1835 -5.67 88.67 96.26
CA LYS D 1835 -6.39 87.86 97.28
C LYS D 1835 -7.50 88.71 97.94
N ASP D 1836 -7.21 90.00 98.17
CA ASP D 1836 -8.06 91.02 98.87
C ASP D 1836 -9.42 91.16 98.13
N ILE D 1837 -9.38 91.24 96.79
CA ILE D 1837 -10.58 91.26 95.88
C ILE D 1837 -11.06 89.81 95.72
N GLU D 1838 -12.14 89.42 96.42
CA GLU D 1838 -12.67 88.03 96.44
C GLU D 1838 -13.91 87.95 95.52
N ILE D 1839 -13.95 86.92 94.66
CA ILE D 1839 -15.09 86.52 93.78
C ILE D 1839 -15.75 85.25 94.37
N VAL D 1840 -16.87 85.42 95.08
CA VAL D 1840 -17.73 84.32 95.64
C VAL D 1840 -18.66 83.82 94.52
N ARG D 1841 -18.22 82.79 93.78
CA ARG D 1841 -18.94 82.15 92.65
C ARG D 1841 -19.84 81.04 93.21
N VAL D 1842 -21.14 81.33 93.41
CA VAL D 1842 -22.15 80.31 93.82
C VAL D 1842 -22.44 79.46 92.56
N ASN D 1843 -22.50 78.12 92.71
CA ASN D 1843 -22.96 77.15 91.66
C ASN D 1843 -24.36 77.59 91.16
N LYS D 1844 -24.52 77.72 89.82
CA LYS D 1844 -25.77 78.19 89.13
C LYS D 1844 -26.28 79.48 89.85
N ASN D 1845 -25.49 80.56 89.76
CA ASN D 1845 -25.78 81.88 90.38
C ASN D 1845 -24.76 82.91 89.86
N ALA D 1846 -25.23 84.14 89.59
CA ALA D 1846 -24.42 85.31 89.18
C ALA D 1846 -23.29 85.52 90.20
N PRO D 1847 -22.01 85.69 89.76
CA PRO D 1847 -20.88 85.85 90.70
C PRO D 1847 -20.85 87.20 91.45
N ALA D 1848 -20.64 87.14 92.77
CA ALA D 1848 -20.59 88.31 93.68
C ALA D 1848 -19.14 88.73 93.92
N VAL D 1849 -18.90 90.04 94.10
CA VAL D 1849 -17.59 90.66 94.50
C VAL D 1849 -17.73 91.24 95.92
N GLU D 1850 -17.03 90.64 96.90
CA GLU D 1850 -16.88 91.13 98.29
C GLU D 1850 -15.39 91.41 98.55
N LEU D 1851 -15.04 92.68 98.78
CA LEU D 1851 -13.64 93.20 98.72
C LEU D 1851 -13.20 93.69 100.11
N HIS D 1852 -12.06 93.17 100.61
CA HIS D 1852 -11.50 93.37 101.98
C HIS D 1852 -10.13 94.05 101.91
N GLY D 1853 -9.52 94.33 103.07
CA GLY D 1853 -8.14 94.87 103.22
C GLY D 1853 -8.01 96.29 102.67
N ASN D 1854 -6.88 96.58 102.01
CA ASN D 1854 -6.51 97.93 101.48
C ASN D 1854 -7.24 98.24 100.15
N ALA D 1855 -7.82 97.24 99.49
CA ALA D 1855 -8.64 97.36 98.25
C ALA D 1855 -10.03 97.91 98.57
N LYS D 1856 -10.57 97.58 99.75
CA LYS D 1856 -11.88 98.07 100.29
C LYS D 1856 -11.81 99.58 100.60
N LYS D 1857 -10.68 100.03 101.17
CA LYS D 1857 -10.42 101.45 101.61
C LYS D 1857 -10.40 102.40 100.40
N ALA D 1858 -9.58 102.11 99.37
CA ALA D 1858 -9.38 102.94 98.15
C ALA D 1858 -10.61 102.92 97.23
N ALA D 1859 -11.55 101.97 97.45
CA ALA D 1859 -12.83 101.82 96.71
C ALA D 1859 -13.90 102.75 97.32
N GLU D 1860 -14.10 102.68 98.66
CA GLU D 1860 -15.06 103.52 99.44
C GLU D 1860 -14.61 105.00 99.47
N GLU D 1861 -13.28 105.25 99.38
CA GLU D 1861 -12.62 106.60 99.25
C GLU D 1861 -12.86 107.19 97.84
N ALA D 1862 -12.87 106.35 96.79
CA ALA D 1862 -13.11 106.74 95.35
C ALA D 1862 -14.61 107.01 95.09
N GLY D 1863 -15.52 106.53 95.96
CA GLY D 1863 -16.99 106.63 95.80
C GLY D 1863 -17.55 105.42 95.05
N VAL D 1864 -17.55 104.24 95.69
CA VAL D 1864 -17.95 102.92 95.11
C VAL D 1864 -18.79 102.13 96.13
N THR D 1865 -20.11 102.04 95.89
CA THR D 1865 -21.12 101.35 96.76
C THR D 1865 -21.17 99.85 96.39
N ASP D 1866 -21.47 99.53 95.11
CA ASP D 1866 -21.59 98.14 94.55
C ASP D 1866 -20.63 97.98 93.34
N VAL D 1867 -20.09 96.76 93.16
CA VAL D 1867 -19.18 96.36 92.04
C VAL D 1867 -19.70 95.02 91.43
N LYS D 1868 -20.40 95.12 90.29
CA LYS D 1868 -20.84 93.95 89.47
C LYS D 1868 -19.62 93.33 88.77
N VAL D 1869 -19.76 92.08 88.28
CA VAL D 1869 -18.75 91.42 87.38
C VAL D 1869 -19.41 90.25 86.63
N SER D 1870 -19.04 90.05 85.35
CA SER D 1870 -19.44 88.91 84.48
C SER D 1870 -18.20 88.12 84.02
N ILE D 1871 -18.28 86.78 83.99
CA ILE D 1871 -17.17 85.87 83.57
C ILE D 1871 -17.71 84.82 82.56
N SER D 1872 -17.09 84.77 81.37
CA SER D 1872 -17.14 83.63 80.40
C SER D 1872 -15.73 83.05 80.27
N HIS D 1873 -15.61 81.73 80.38
CA HIS D 1873 -14.32 80.97 80.30
C HIS D 1873 -14.55 79.68 79.48
N ASP D 1874 -13.55 79.27 78.71
CA ASP D 1874 -13.56 78.06 77.84
C ASP D 1874 -12.12 77.51 77.78
N ASP D 1875 -11.73 76.85 76.67
CA ASP D 1875 -10.41 76.18 76.52
C ASP D 1875 -9.28 77.18 76.21
N LEU D 1876 -9.59 78.39 75.70
CA LEU D 1876 -8.58 79.40 75.23
C LEU D 1876 -8.61 80.69 76.09
N GLN D 1877 -9.63 81.55 75.93
CA GLN D 1877 -9.72 82.91 76.55
C GLN D 1877 -10.65 82.81 77.78
N ALA D 1878 -10.48 83.71 78.75
CA ALA D 1878 -11.34 83.88 79.94
C ALA D 1878 -11.61 85.38 80.14
N VAL D 1879 -12.68 85.91 79.54
CA VAL D 1879 -13.00 87.37 79.51
C VAL D 1879 -13.81 87.72 80.79
N ALA D 1880 -13.55 88.92 81.34
CA ALA D 1880 -14.20 89.47 82.56
C ALA D 1880 -14.49 90.97 82.38
N VAL D 1881 -15.77 91.34 82.43
CA VAL D 1881 -16.27 92.75 82.44
C VAL D 1881 -16.72 93.09 83.88
N ALA D 1882 -16.31 94.25 84.41
CA ALA D 1882 -16.73 94.80 85.72
C ALA D 1882 -17.18 96.27 85.55
N VAL D 1883 -18.27 96.66 86.22
CA VAL D 1883 -18.71 98.08 86.40
C VAL D 1883 -18.68 98.41 87.91
N SER D 1884 -18.23 99.62 88.26
CA SER D 1884 -18.20 100.17 89.64
C SER D 1884 -18.91 101.55 89.69
N THR D 1885 -20.15 101.57 90.22
CA THR D 1885 -21.01 102.78 90.40
C THR D 1885 -20.92 103.26 91.86
N LYS D 1886 -21.35 104.51 92.13
CA LYS D 1886 -21.44 105.14 93.49
C LYS D 1886 -22.51 104.41 94.32
N MET E 1 -105.16 70.27 21.53
CA MET E 1 -103.91 70.88 21.01
C MET E 1 -103.46 70.15 19.74
N LYS E 2 -103.31 70.87 18.62
CA LYS E 2 -102.81 70.35 17.32
C LYS E 2 -101.41 69.77 17.54
N PRO E 3 -101.05 68.60 16.94
CA PRO E 3 -99.70 68.06 17.09
C PRO E 3 -98.57 69.02 16.68
N GLU E 4 -98.72 69.74 15.55
CA GLU E 4 -97.75 70.75 15.03
C GLU E 4 -97.33 71.74 16.14
N VAL E 5 -98.29 72.13 16.98
CA VAL E 5 -98.12 73.10 18.10
C VAL E 5 -97.48 72.39 19.29
N GLU E 6 -98.11 71.31 19.77
CA GLU E 6 -97.60 70.43 20.87
C GLU E 6 -96.10 70.20 20.66
N GLN E 7 -95.68 70.00 19.41
CA GLN E 7 -94.27 69.79 19.01
C GLN E 7 -93.46 71.07 19.18
N GLU E 8 -93.98 72.20 18.70
CA GLU E 8 -93.38 73.56 18.87
C GLU E 8 -93.04 73.78 20.35
N LEU E 9 -93.96 73.45 21.25
CA LEU E 9 -93.87 73.79 22.68
C LEU E 9 -92.92 72.83 23.38
N ALA E 10 -93.05 71.53 23.11
CA ALA E 10 -92.11 70.50 23.60
C ALA E 10 -90.68 70.90 23.25
N HIS E 11 -90.45 71.35 22.01
CA HIS E 11 -89.15 71.90 21.51
C HIS E 11 -88.68 73.04 22.42
N ILE E 12 -89.53 74.06 22.64
CA ILE E 12 -89.21 75.20 23.55
C ILE E 12 -88.81 74.64 24.91
N LEU E 13 -89.72 73.91 25.57
CA LEU E 13 -89.51 73.42 26.95
C LEU E 13 -88.22 72.62 27.06
N LEU E 14 -88.01 71.70 26.12
CA LEU E 14 -86.87 70.73 26.12
C LEU E 14 -85.55 71.52 26.05
N THR E 15 -85.50 72.54 25.17
CA THR E 15 -84.38 73.50 25.00
C THR E 15 -84.10 74.25 26.32
N GLU E 16 -85.14 74.73 27.01
CA GLU E 16 -85.00 75.50 28.27
C GLU E 16 -84.62 74.58 29.44
N LEU E 17 -85.20 73.40 29.54
CA LEU E 17 -84.83 72.38 30.56
C LEU E 17 -83.32 72.13 30.51
N LEU E 18 -82.75 71.97 29.30
CA LEU E 18 -81.32 71.62 29.07
C LEU E 18 -80.43 72.83 29.35
N ALA E 19 -80.80 73.98 28.76
CA ALA E 19 -80.11 75.29 28.90
C ALA E 19 -79.76 75.53 30.37
N TYR E 20 -80.80 75.60 31.22
CA TYR E 20 -80.74 75.99 32.65
C TYR E 20 -80.23 74.86 33.53
N GLN E 21 -80.29 73.62 33.04
CA GLN E 21 -79.92 72.39 33.80
C GLN E 21 -78.62 72.57 34.60
N PHE E 22 -77.62 73.29 34.09
CA PHE E 22 -76.28 73.39 34.73
C PHE E 22 -76.20 74.64 35.63
N ALA E 23 -77.29 75.40 35.69
CA ALA E 23 -77.45 76.65 36.46
C ALA E 23 -78.53 76.47 37.53
N SER E 24 -78.89 75.22 37.83
CA SER E 24 -79.85 74.83 38.91
C SER E 24 -79.35 73.54 39.53
N PRO E 25 -79.82 73.16 40.73
CA PRO E 25 -79.28 71.97 41.37
C PRO E 25 -79.94 70.72 40.75
N VAL E 26 -79.22 69.61 40.76
CA VAL E 26 -79.66 68.29 40.23
C VAL E 26 -80.50 67.61 41.30
N ARG E 27 -81.81 67.49 41.05
CA ARG E 27 -82.79 66.97 42.04
C ARG E 27 -82.92 65.44 41.90
N TRP E 28 -81.88 64.71 42.26
CA TRP E 28 -81.80 63.24 42.06
C TRP E 28 -82.53 62.49 43.18
N ILE E 29 -82.71 63.08 44.37
CA ILE E 29 -83.60 62.52 45.44
C ILE E 29 -84.99 62.40 44.84
N GLU E 30 -85.58 63.53 44.41
CA GLU E 30 -86.98 63.57 43.94
C GLU E 30 -87.12 62.67 42.71
N THR E 31 -86.08 62.63 41.87
CA THR E 31 -86.03 61.84 40.61
C THR E 31 -86.18 60.37 40.97
N GLN E 32 -85.25 59.82 41.74
CA GLN E 32 -85.34 58.45 42.30
C GLN E 32 -86.77 58.17 42.76
N ASP E 33 -87.35 59.07 43.55
CA ASP E 33 -88.68 58.88 44.19
C ASP E 33 -89.81 59.04 43.16
N VAL E 34 -89.51 59.33 41.90
CA VAL E 34 -90.52 59.39 40.81
C VAL E 34 -90.53 58.04 40.11
N PHE E 35 -89.36 57.48 39.84
CA PHE E 35 -89.23 56.24 39.05
C PHE E 35 -89.29 55.02 39.99
N LEU E 36 -88.88 55.14 41.26
CA LEU E 36 -89.01 54.03 42.24
C LEU E 36 -90.45 53.93 42.76
N LYS E 37 -91.12 55.06 43.06
CA LYS E 37 -92.50 55.04 43.63
C LYS E 37 -93.54 55.16 42.50
N ASP E 38 -93.63 56.29 41.81
CA ASP E 38 -94.78 56.68 40.95
C ASP E 38 -94.80 55.88 39.64
N PHE E 39 -93.78 55.06 39.34
CA PHE E 39 -93.75 54.12 38.18
C PHE E 39 -93.54 52.67 38.64
N ASN E 40 -93.15 52.44 39.89
CA ASN E 40 -92.92 51.09 40.48
C ASN E 40 -92.00 50.31 39.55
N THR E 41 -90.90 50.95 39.18
CA THR E 41 -89.82 50.37 38.34
C THR E 41 -89.32 49.09 39.00
N GLU E 42 -89.41 47.97 38.28
CA GLU E 42 -89.02 46.62 38.78
C GLU E 42 -87.55 46.37 38.41
N ARG E 43 -86.92 47.27 37.65
CA ARG E 43 -85.58 47.07 37.05
C ARG E 43 -84.99 48.44 36.68
N VAL E 44 -83.93 48.89 37.35
CA VAL E 44 -83.18 50.10 36.93
C VAL E 44 -81.89 49.62 36.26
N VAL E 45 -81.64 50.10 35.05
CA VAL E 45 -80.42 49.80 34.27
C VAL E 45 -79.57 51.07 34.30
N GLU E 46 -78.39 51.02 34.92
CA GLU E 46 -77.47 52.17 34.91
C GLU E 46 -76.57 52.03 33.68
N ILE E 47 -76.76 52.87 32.67
CA ILE E 47 -75.84 52.96 31.50
C ILE E 47 -74.73 53.90 31.94
N GLY E 48 -73.48 53.44 31.93
CA GLY E 48 -72.36 54.24 32.42
C GLY E 48 -71.14 53.37 32.68
N PRO E 49 -69.93 53.97 32.67
CA PRO E 49 -68.69 53.22 32.83
C PRO E 49 -68.45 52.62 34.22
N SER E 50 -68.85 53.31 35.29
CA SER E 50 -68.80 52.81 36.68
C SER E 50 -70.24 52.70 37.21
N PRO E 51 -70.47 52.00 38.35
CA PRO E 51 -71.81 51.89 38.95
C PRO E 51 -72.17 52.93 40.04
N THR E 52 -72.21 54.23 39.72
CA THR E 52 -72.44 55.31 40.72
C THR E 52 -73.92 55.31 41.11
N LEU E 53 -74.81 55.47 40.13
CA LEU E 53 -76.28 55.64 40.31
C LEU E 53 -76.98 54.33 40.72
N ALA E 54 -76.34 53.19 40.49
CA ALA E 54 -76.78 51.86 40.95
C ALA E 54 -76.48 51.72 42.45
N GLY E 55 -75.30 52.18 42.89
CA GLY E 55 -74.99 52.37 44.32
C GLY E 55 -76.03 53.25 45.00
N MET E 56 -76.43 54.36 44.37
CA MET E 56 -77.35 55.37 44.94
C MET E 56 -78.77 54.81 45.05
N ALA E 57 -79.21 54.05 44.06
CA ALA E 57 -80.56 53.43 44.02
C ALA E 57 -80.62 52.34 45.09
N GLN E 58 -79.57 51.52 45.21
CA GLN E 58 -79.46 50.45 46.25
C GLN E 58 -79.66 51.10 47.62
N ARG E 59 -78.93 52.18 47.92
CA ARG E 59 -78.98 52.88 49.23
C ARG E 59 -80.35 53.54 49.41
N THR E 60 -80.91 54.19 48.40
CA THR E 60 -82.25 54.85 48.48
C THR E 60 -83.34 53.80 48.71
N LEU E 61 -83.22 52.61 48.14
CA LEU E 61 -84.28 51.56 48.24
C LEU E 61 -84.31 51.02 49.66
N LYS E 62 -83.12 50.79 50.22
CA LYS E 62 -82.93 50.27 51.60
C LYS E 62 -83.40 51.27 52.65
N ASN E 63 -83.15 52.57 52.43
CA ASN E 63 -83.40 53.66 53.40
C ASN E 63 -84.90 53.93 53.56
N LYS E 64 -85.71 53.91 52.50
CA LYS E 64 -87.14 54.33 52.65
C LYS E 64 -88.11 53.56 51.76
N TYR E 65 -87.73 52.42 51.20
CA TYR E 65 -88.62 51.63 50.31
C TYR E 65 -88.73 50.17 50.80
N GLU E 66 -88.16 49.81 51.96
CA GLU E 66 -88.26 48.44 52.56
C GLU E 66 -89.74 48.10 52.79
N SER E 67 -90.46 48.96 53.51
CA SER E 67 -91.88 48.75 53.90
C SER E 67 -92.83 48.95 52.70
N TYR E 68 -92.48 49.79 51.73
CA TYR E 68 -93.30 50.05 50.51
C TYR E 68 -93.23 48.85 49.56
N ASP E 69 -92.03 48.29 49.35
CA ASP E 69 -91.77 47.17 48.41
C ASP E 69 -92.47 45.90 48.93
N ALA E 70 -92.22 45.53 50.19
CA ALA E 70 -92.79 44.32 50.84
C ALA E 70 -94.32 44.33 50.74
N ALA E 71 -94.95 45.51 50.86
CA ALA E 71 -96.43 45.70 50.85
C ALA E 71 -97.02 45.62 49.42
N LEU E 72 -96.19 45.62 48.37
CA LEU E 72 -96.61 45.40 46.95
C LEU E 72 -96.09 44.04 46.45
N SER E 73 -95.28 43.33 47.27
CA SER E 73 -94.53 42.10 46.89
C SER E 73 -93.72 42.37 45.62
N LEU E 74 -92.99 43.50 45.61
CA LEU E 74 -92.32 44.10 44.44
C LEU E 74 -90.82 43.82 44.55
N HIS E 75 -90.35 42.75 43.91
CA HIS E 75 -88.91 42.42 43.79
C HIS E 75 -88.31 43.40 42.77
N ARG E 76 -87.16 43.98 43.08
CA ARG E 76 -86.52 45.09 42.31
C ARG E 76 -85.08 44.73 41.95
N GLU E 77 -84.68 45.04 40.73
CA GLU E 77 -83.37 44.65 40.14
C GLU E 77 -82.61 45.96 39.85
N ILE E 78 -81.36 46.08 40.32
CA ILE E 78 -80.50 47.27 40.09
C ILE E 78 -79.25 46.83 39.31
N LEU E 79 -79.16 47.16 38.04
CA LEU E 79 -78.14 46.60 37.13
C LEU E 79 -77.31 47.72 36.53
N CYS E 80 -76.01 47.68 36.75
CA CYS E 80 -75.02 48.49 36.00
C CYS E 80 -74.69 47.81 34.66
N TYR E 81 -74.54 48.58 33.59
CA TYR E 81 -74.11 48.09 32.26
C TYR E 81 -72.70 47.50 32.33
N SER E 82 -71.81 48.12 33.09
CA SER E 82 -70.36 47.79 33.15
C SER E 82 -70.14 46.45 33.86
N LYS E 83 -70.91 46.18 34.92
CA LYS E 83 -70.68 45.10 35.92
C LYS E 83 -71.61 43.91 35.66
N ASP E 84 -72.83 44.15 35.16
CA ASP E 84 -73.92 43.14 35.04
C ASP E 84 -74.37 42.98 33.58
N ALA E 85 -73.43 42.95 32.62
CA ALA E 85 -73.71 42.85 31.17
C ALA E 85 -74.49 41.56 30.87
N LYS E 86 -74.04 40.44 31.46
CA LYS E 86 -74.61 39.08 31.30
C LYS E 86 -76.10 39.04 31.68
N GLU E 87 -76.53 39.75 32.72
CA GLU E 87 -77.97 39.85 33.10
C GLU E 87 -78.76 40.66 32.06
N ILE E 88 -78.14 41.69 31.48
CA ILE E 88 -78.82 42.69 30.60
C ILE E 88 -78.93 42.12 29.19
N TYR E 89 -77.86 41.49 28.71
CA TYR E 89 -77.71 41.00 27.32
C TYR E 89 -78.35 39.62 27.16
N TYR E 90 -78.69 38.96 28.29
CA TYR E 90 -79.10 37.54 28.37
C TYR E 90 -78.07 36.69 27.62
N THR E 91 -76.88 36.51 28.22
CA THR E 91 -75.74 35.71 27.68
C THR E 91 -74.97 35.09 28.85
N PRO E 92 -75.55 34.11 29.56
CA PRO E 92 -74.81 33.41 30.61
C PRO E 92 -73.72 32.50 30.01
N ASP E 93 -72.71 32.19 30.83
CA ASP E 93 -71.71 31.11 30.59
C ASP E 93 -72.31 29.77 31.07
N PRO E 94 -71.88 28.61 30.51
CA PRO E 94 -72.37 27.29 30.99
C PRO E 94 -71.78 26.89 32.36
N ILE E 140 -50.00 -4.75 40.50
CA ILE E 140 -50.29 -3.38 41.04
C ILE E 140 -50.47 -3.48 42.58
N ALA E 141 -49.92 -2.50 43.32
CA ALA E 141 -49.75 -2.48 44.79
C ALA E 141 -51.12 -2.49 45.50
N ASP E 142 -51.24 -3.28 46.57
CA ASP E 142 -52.48 -3.46 47.39
C ASP E 142 -52.57 -2.32 48.43
N GLU E 143 -53.76 -1.73 48.58
CA GLU E 143 -54.04 -0.60 49.52
C GLU E 143 -55.44 -0.77 50.12
N PRO E 144 -55.59 -0.80 51.47
CA PRO E 144 -56.91 -0.83 52.09
C PRO E 144 -57.73 0.41 51.72
N VAL E 145 -59.05 0.23 51.48
CA VAL E 145 -60.00 1.33 51.09
C VAL E 145 -59.92 2.46 52.13
N LYS E 146 -60.02 3.70 51.63
CA LYS E 146 -60.19 4.93 52.43
C LYS E 146 -61.63 4.98 52.96
N ALA E 147 -61.82 5.62 54.13
CA ALA E 147 -63.14 6.00 54.68
C ALA E 147 -63.80 7.05 53.78
N SER E 148 -63.00 7.94 53.18
CA SER E 148 -63.46 9.11 52.38
C SER E 148 -64.20 8.63 51.12
N LEU E 149 -63.80 7.48 50.55
CA LEU E 149 -64.47 6.81 49.39
C LEU E 149 -65.73 6.11 49.90
N LEU E 150 -65.58 5.21 50.88
CA LEU E 150 -66.64 4.33 51.46
C LEU E 150 -67.84 5.15 51.94
N LEU E 151 -67.58 6.21 52.70
CA LEU E 151 -68.60 7.18 53.21
C LEU E 151 -69.35 7.80 52.02
N HIS E 152 -68.63 8.26 51.00
CA HIS E 152 -69.17 8.90 49.77
C HIS E 152 -70.17 7.97 49.09
N VAL E 153 -69.81 6.67 49.00
CA VAL E 153 -70.55 5.57 48.31
C VAL E 153 -71.82 5.22 49.08
N LEU E 154 -71.68 4.98 50.40
CA LEU E 154 -72.80 4.69 51.34
C LEU E 154 -73.86 5.80 51.26
N VAL E 155 -73.44 7.07 51.28
CA VAL E 155 -74.36 8.25 51.15
C VAL E 155 -74.95 8.27 49.72
N ALA E 156 -74.11 8.20 48.69
CA ALA E 156 -74.48 8.21 47.26
C ALA E 156 -75.57 7.17 46.99
N HIS E 157 -75.38 5.94 47.49
CA HIS E 157 -76.30 4.80 47.31
C HIS E 157 -77.66 5.09 47.96
N LYS E 158 -77.69 5.67 49.16
CA LYS E 158 -78.95 5.93 49.92
C LYS E 158 -79.76 7.08 49.29
N LEU E 159 -79.14 7.97 48.53
CA LEU E 159 -79.79 9.14 47.88
C LEU E 159 -80.18 8.82 46.43
N LYS E 160 -79.89 7.61 45.93
CA LYS E 160 -80.17 7.18 44.54
C LYS E 160 -79.53 8.21 43.59
N LYS E 161 -78.24 8.50 43.79
CA LYS E 161 -77.50 9.61 43.12
C LYS E 161 -76.05 9.20 42.83
N SER E 162 -75.46 9.87 41.84
CA SER E 162 -74.13 9.58 41.26
C SER E 162 -73.01 10.10 42.17
N LEU E 163 -71.88 9.37 42.18
CA LEU E 163 -70.72 9.51 43.09
C LEU E 163 -70.04 10.89 42.95
N ASP E 164 -70.43 11.74 41.98
CA ASP E 164 -69.91 13.12 41.80
C ASP E 164 -71.02 14.18 41.99
N SER E 165 -72.30 13.82 41.89
CA SER E 165 -73.45 14.73 42.18
C SER E 165 -73.52 15.07 43.69
N ILE E 166 -72.90 14.26 44.56
CA ILE E 166 -72.66 14.57 45.99
C ILE E 166 -71.27 15.23 46.11
N PRO E 167 -71.19 16.54 46.46
CA PRO E 167 -69.92 17.15 46.84
C PRO E 167 -69.62 16.84 48.32
N MET E 168 -68.36 16.49 48.62
CA MET E 168 -67.95 16.00 49.96
C MET E 168 -67.96 17.15 50.98
N SER E 169 -67.93 18.41 50.53
CA SER E 169 -67.79 19.62 51.40
C SER E 169 -69.18 20.11 51.82
N LYS E 170 -70.01 19.22 52.36
CA LYS E 170 -71.47 19.44 52.55
C LYS E 170 -72.04 18.47 53.59
N THR E 171 -72.85 18.98 54.54
CA THR E 171 -73.38 18.23 55.71
C THR E 171 -74.47 17.25 55.24
N ILE E 172 -74.71 16.19 55.99
CA ILE E 172 -75.71 15.14 55.62
C ILE E 172 -77.12 15.74 55.69
N LYS E 173 -77.37 16.62 56.67
CA LYS E 173 -78.66 17.35 56.86
C LYS E 173 -78.91 18.37 55.72
N ASP E 174 -77.86 18.73 54.99
CA ASP E 174 -77.93 19.60 53.78
C ASP E 174 -78.45 18.77 52.59
N LEU E 175 -77.87 17.58 52.35
CA LEU E 175 -78.16 16.72 51.15
C LEU E 175 -79.60 16.21 51.17
N VAL E 176 -80.14 15.87 52.35
CA VAL E 176 -81.52 15.32 52.51
C VAL E 176 -82.36 16.26 53.39
N GLY E 177 -82.10 17.58 53.34
CA GLY E 177 -82.69 18.58 54.25
C GLY E 177 -84.16 18.32 54.46
N GLY E 178 -84.90 18.12 53.35
CA GLY E 178 -86.34 17.83 53.35
C GLY E 178 -86.65 16.64 54.25
N LYS E 179 -86.64 15.43 53.68
CA LYS E 179 -87.02 14.17 54.38
C LYS E 179 -86.03 13.92 55.52
N SER E 180 -86.55 13.88 56.75
CA SER E 180 -85.76 13.58 57.93
C SER E 180 -85.54 12.09 58.15
N THR E 181 -86.42 11.26 57.56
CA THR E 181 -86.31 9.81 57.64
C THR E 181 -84.97 9.35 57.05
N VAL E 182 -84.69 9.76 55.81
CA VAL E 182 -83.48 9.34 55.03
C VAL E 182 -82.25 9.77 55.83
N GLN E 183 -82.24 11.00 56.35
CA GLN E 183 -81.15 11.56 57.21
C GLN E 183 -80.77 10.54 58.28
N ASN E 184 -81.69 10.22 59.19
CA ASN E 184 -81.46 9.28 60.31
C ASN E 184 -81.02 7.92 59.73
N GLU E 185 -81.63 7.49 58.62
CA GLU E 185 -81.39 6.18 57.95
C GLU E 185 -79.94 6.10 57.45
N ILE E 186 -79.39 7.23 56.99
CA ILE E 186 -77.94 7.41 56.67
C ILE E 186 -77.11 7.27 57.95
N LEU E 187 -77.51 7.95 59.03
CA LEU E 187 -76.81 7.92 60.37
C LEU E 187 -76.82 6.51 60.95
N GLY E 188 -77.94 5.79 60.83
CA GLY E 188 -78.08 4.35 61.18
C GLY E 188 -77.10 3.49 60.39
N ASP E 189 -76.88 3.80 59.11
CA ASP E 189 -75.96 3.07 58.19
C ASP E 189 -74.50 3.32 58.57
N LEU E 190 -74.12 4.58 58.83
CA LEU E 190 -72.76 4.95 59.29
C LEU E 190 -72.50 4.37 60.68
N GLY E 191 -73.55 4.28 61.52
CA GLY E 191 -73.51 3.61 62.83
C GLY E 191 -73.07 2.15 62.72
N LYS E 192 -73.73 1.36 61.87
CA LYS E 192 -73.39 -0.08 61.61
C LYS E 192 -71.97 -0.18 61.02
N GLU E 193 -71.68 0.71 60.06
CA GLU E 193 -70.53 0.60 59.12
C GLU E 193 -69.20 0.88 59.86
N PHE E 194 -69.08 2.01 60.53
CA PHE E 194 -67.84 2.51 61.20
C PHE E 194 -67.92 2.41 62.73
N GLY E 195 -69.04 1.91 63.28
CA GLY E 195 -69.26 1.81 64.74
C GLY E 195 -69.56 3.16 65.38
N THR E 196 -68.58 3.72 66.10
CA THR E 196 -68.72 4.95 66.92
C THR E 196 -68.70 6.20 66.03
N THR E 197 -69.67 7.10 66.23
CA THR E 197 -69.82 8.40 65.51
C THR E 197 -69.43 9.54 66.44
N PRO E 198 -69.05 10.72 65.91
CA PRO E 198 -69.11 11.98 66.65
C PRO E 198 -70.50 12.33 67.22
N GLU E 199 -70.65 13.54 67.76
CA GLU E 199 -71.94 14.08 68.27
C GLU E 199 -72.47 15.15 67.30
N LYS E 200 -73.71 14.95 66.85
CA LYS E 200 -74.34 15.67 65.71
C LYS E 200 -73.45 15.47 64.48
N PRO E 201 -73.39 14.22 63.93
CA PRO E 201 -72.63 13.97 62.70
C PRO E 201 -73.28 14.59 61.45
N GLU E 202 -74.58 14.89 61.48
CA GLU E 202 -75.33 15.48 60.33
C GLU E 202 -75.19 17.02 60.34
N GLU E 203 -74.25 17.56 61.12
CA GLU E 203 -73.93 19.02 61.16
C GLU E 203 -72.48 19.27 60.71
N THR E 204 -71.66 18.22 60.50
CA THR E 204 -70.23 18.32 60.08
C THR E 204 -70.12 17.79 58.65
N PRO E 205 -69.50 18.55 57.70
CA PRO E 205 -69.34 18.10 56.31
C PRO E 205 -68.66 16.73 56.11
N LEU E 206 -69.13 15.92 55.16
CA LEU E 206 -68.65 14.54 54.88
C LEU E 206 -67.13 14.51 54.78
N GLU E 207 -66.56 15.47 54.04
CA GLU E 207 -65.11 15.75 53.92
C GLU E 207 -64.48 15.71 55.32
N GLU E 208 -65.02 16.52 56.25
CA GLU E 208 -64.53 16.74 57.64
C GLU E 208 -64.74 15.47 58.49
N LEU E 209 -65.91 14.83 58.32
CA LEU E 209 -66.38 13.64 59.08
C LEU E 209 -65.65 12.37 58.61
N ALA E 210 -65.24 12.31 57.35
CA ALA E 210 -64.48 11.18 56.74
C ALA E 210 -63.18 10.95 57.51
N GLU E 211 -62.48 12.04 57.89
CA GLU E 211 -61.21 12.01 58.68
C GLU E 211 -61.47 11.33 60.02
N THR E 212 -62.44 11.84 60.79
CA THR E 212 -62.81 11.35 62.14
C THR E 212 -62.98 9.82 62.14
N PHE E 213 -63.46 9.24 61.03
CA PHE E 213 -63.59 7.78 60.83
C PHE E 213 -62.23 7.18 60.44
N GLN E 214 -61.51 7.82 59.49
CA GLN E 214 -60.25 7.33 58.88
C GLN E 214 -59.27 6.84 59.95
N ASP E 215 -59.22 7.54 61.09
CA ASP E 215 -58.39 7.18 62.28
C ASP E 215 -58.70 5.74 62.72
N THR E 216 -59.85 5.51 63.39
CA THR E 216 -60.18 4.27 64.14
C THR E 216 -60.69 3.13 63.23
N PHE E 217 -60.74 3.32 61.90
CA PHE E 217 -61.17 2.30 60.91
C PHE E 217 -59.95 1.92 60.05
N SER E 218 -59.92 0.65 59.60
CA SER E 218 -58.79 0.04 58.83
C SER E 218 -59.35 -0.79 57.65
N GLY E 219 -59.56 -0.13 56.50
CA GLY E 219 -60.03 -0.73 55.22
C GLY E 219 -60.90 -1.96 55.38
N ALA E 220 -61.89 -1.89 56.30
CA ALA E 220 -62.85 -2.97 56.66
C ALA E 220 -64.22 -2.62 56.07
N LEU E 221 -64.78 -3.49 55.22
CA LEU E 221 -66.11 -3.28 54.59
C LEU E 221 -67.22 -3.40 55.66
N GLY E 222 -67.09 -4.32 56.62
CA GLY E 222 -68.02 -4.45 57.75
C GLY E 222 -69.45 -4.79 57.33
N LYS E 223 -70.38 -4.64 58.26
CA LYS E 223 -71.80 -5.13 58.18
C LYS E 223 -72.50 -4.58 56.92
N GLN E 224 -72.74 -3.26 56.87
CA GLN E 224 -73.72 -2.61 55.97
C GLN E 224 -73.27 -2.74 54.51
N SER E 225 -72.02 -2.35 54.20
CA SER E 225 -71.43 -2.30 52.83
C SER E 225 -71.40 -3.70 52.20
N SER E 226 -70.99 -4.71 52.98
CA SER E 226 -70.94 -6.16 52.58
C SER E 226 -72.33 -6.61 52.11
N SER E 227 -73.37 -6.33 52.92
CA SER E 227 -74.81 -6.61 52.66
C SER E 227 -75.33 -5.86 51.42
N LEU E 228 -74.79 -4.67 51.10
CA LEU E 228 -75.21 -3.88 49.90
C LEU E 228 -74.60 -4.49 48.63
N LEU E 229 -73.38 -5.01 48.72
CA LEU E 229 -72.70 -5.71 47.59
C LEU E 229 -73.36 -7.07 47.34
N SER E 230 -73.60 -7.85 48.41
CA SER E 230 -74.33 -9.13 48.36
C SER E 230 -75.64 -8.95 47.56
N ARG E 231 -76.38 -7.85 47.79
CA ARG E 231 -77.59 -7.51 46.99
C ARG E 231 -77.17 -7.13 45.56
N LEU E 232 -76.21 -6.20 45.41
CA LEU E 232 -75.84 -5.63 44.08
C LEU E 232 -75.63 -6.77 43.07
N ILE E 233 -74.78 -7.75 43.44
CA ILE E 233 -74.40 -8.91 42.58
C ILE E 233 -75.65 -9.78 42.35
N SER E 234 -76.14 -10.46 43.38
CA SER E 234 -77.27 -11.43 43.28
C SER E 234 -78.50 -10.77 42.61
N SER E 235 -78.89 -9.56 43.01
CA SER E 235 -80.14 -8.87 42.54
C SER E 235 -79.95 -8.38 41.11
N LYS E 236 -78.78 -7.83 40.77
CA LYS E 236 -78.37 -7.60 39.36
C LYS E 236 -77.95 -8.95 38.77
N MET E 237 -77.56 -8.99 37.49
CA MET E 237 -77.54 -10.20 36.63
C MET E 237 -76.12 -10.53 36.16
N PRO E 238 -75.08 -10.46 37.04
CA PRO E 238 -74.02 -11.48 37.03
C PRO E 238 -74.65 -12.90 37.08
N GLY E 239 -75.41 -13.26 36.02
CA GLY E 239 -76.47 -14.28 36.01
C GLY E 239 -76.08 -15.54 36.78
N GLY E 240 -74.83 -15.99 36.61
CA GLY E 240 -74.26 -17.18 37.28
C GLY E 240 -73.05 -16.84 38.15
N PHE E 241 -72.22 -15.86 37.76
CA PHE E 241 -70.94 -15.53 38.45
C PHE E 241 -71.22 -14.65 39.68
N THR E 242 -70.97 -15.24 40.86
CA THR E 242 -71.10 -14.64 42.21
C THR E 242 -69.79 -13.90 42.56
N ILE E 243 -69.66 -13.45 43.82
CA ILE E 243 -68.58 -12.54 44.33
C ILE E 243 -67.20 -13.11 43.98
N THR E 244 -66.87 -14.33 44.45
CA THR E 244 -65.57 -15.04 44.26
C THR E 244 -65.17 -15.05 42.77
N VAL E 245 -66.14 -15.33 41.89
CA VAL E 245 -65.92 -15.42 40.41
C VAL E 245 -65.73 -14.00 39.83
N ALA E 246 -66.40 -12.99 40.41
CA ALA E 246 -66.31 -11.57 40.01
C ALA E 246 -64.99 -10.95 40.50
N ARG E 247 -64.58 -11.26 41.74
CA ARG E 247 -63.30 -10.79 42.36
C ARG E 247 -62.10 -11.26 41.51
N LYS E 248 -62.00 -12.59 41.33
CA LYS E 248 -60.92 -13.29 40.56
C LYS E 248 -60.73 -12.62 39.18
N TYR E 249 -61.82 -12.25 38.50
CA TYR E 249 -61.77 -11.57 37.17
C TYR E 249 -60.92 -10.28 37.25
N LEU E 250 -61.17 -9.42 38.25
CA LEU E 250 -60.41 -8.16 38.50
C LEU E 250 -58.92 -8.54 38.68
N GLN E 251 -58.66 -9.40 39.67
CA GLN E 251 -57.32 -9.85 40.17
C GLN E 251 -56.48 -10.47 39.04
N THR E 252 -57.14 -11.16 38.09
CA THR E 252 -56.52 -11.83 36.91
C THR E 252 -56.31 -10.80 35.77
N ARG E 253 -57.37 -10.08 35.37
CA ARG E 253 -57.40 -9.24 34.14
C ARG E 253 -56.67 -7.91 34.36
N TRP E 254 -56.95 -7.22 35.47
CA TRP E 254 -56.45 -5.85 35.81
C TRP E 254 -55.29 -5.87 36.81
N GLY E 255 -55.22 -6.91 37.67
CA GLY E 255 -54.11 -7.14 38.63
C GLY E 255 -54.34 -6.46 39.98
N LEU E 256 -55.57 -6.51 40.51
CA LEU E 256 -56.05 -5.76 41.70
C LEU E 256 -56.35 -6.71 42.86
N PRO E 257 -55.48 -6.81 43.90
CA PRO E 257 -55.75 -7.64 45.09
C PRO E 257 -56.85 -7.08 46.03
N SER E 258 -57.16 -7.81 47.12
CA SER E 258 -58.30 -7.61 48.08
C SER E 258 -58.67 -6.13 48.28
N GLY E 259 -57.77 -5.33 48.87
CA GLY E 259 -57.98 -3.90 49.20
C GLY E 259 -58.51 -3.10 48.01
N ARG E 260 -57.78 -3.08 46.90
CA ARG E 260 -58.13 -2.36 45.63
C ARG E 260 -59.41 -2.96 45.00
N GLN E 261 -59.62 -4.28 45.17
CA GLN E 261 -60.78 -5.08 44.66
C GLN E 261 -62.08 -4.48 45.21
N ASP E 262 -62.18 -4.38 46.55
CA ASP E 262 -63.31 -3.77 47.31
C ASP E 262 -63.61 -2.38 46.75
N GLY E 263 -62.58 -1.54 46.61
CA GLY E 263 -62.65 -0.17 46.06
C GLY E 263 -63.40 -0.09 44.74
N VAL E 264 -63.26 -1.09 43.86
CA VAL E 264 -63.92 -1.10 42.50
C VAL E 264 -65.40 -1.50 42.67
N LEU E 265 -65.65 -2.52 43.50
CA LEU E 265 -67.03 -3.00 43.82
C LEU E 265 -67.86 -1.84 44.39
N LEU E 266 -67.27 -1.04 45.29
CA LEU E 266 -67.97 0.11 45.95
C LEU E 266 -68.37 1.15 44.89
N VAL E 267 -67.51 1.41 43.90
CA VAL E 267 -67.84 2.36 42.79
C VAL E 267 -68.94 1.75 41.90
N ALA E 268 -68.99 0.43 41.75
CA ALA E 268 -70.05 -0.30 41.04
C ALA E 268 -71.41 -0.08 41.72
N LEU E 269 -71.43 -0.12 43.06
CA LEU E 269 -72.63 0.10 43.90
C LEU E 269 -73.21 1.51 43.67
N SER E 270 -72.35 2.52 43.48
CA SER E 270 -72.74 3.94 43.25
C SER E 270 -73.13 4.17 41.78
N ASN E 271 -72.65 3.32 40.86
CA ASN E 271 -73.04 3.31 39.41
C ASN E 271 -73.82 2.01 39.14
N GLU E 272 -74.89 1.77 39.90
CA GLU E 272 -75.82 0.61 39.78
C GLU E 272 -76.43 0.56 38.36
N PRO E 273 -76.31 -0.56 37.60
CA PRO E 273 -76.81 -0.64 36.22
C PRO E 273 -78.35 -0.53 36.11
N ALA E 274 -79.08 -1.07 37.11
CA ALA E 274 -80.54 -0.99 37.31
C ALA E 274 -81.25 -1.86 36.26
N ALA E 275 -81.18 -1.42 34.99
CA ALA E 275 -81.61 -2.17 33.79
C ALA E 275 -81.05 -3.61 33.87
N ARG E 276 -81.87 -4.58 33.42
CA ARG E 276 -81.42 -5.98 33.14
C ARG E 276 -80.30 -5.93 32.09
N LEU E 277 -79.23 -6.72 32.31
CA LEU E 277 -78.08 -6.91 31.39
C LEU E 277 -78.00 -8.41 31.04
N GLY E 278 -77.78 -8.73 29.76
CA GLY E 278 -77.90 -10.08 29.18
C GLY E 278 -77.00 -11.08 29.90
N SER E 279 -75.68 -10.97 29.69
CA SER E 279 -74.69 -12.05 29.94
C SER E 279 -73.43 -11.51 30.63
N GLU E 280 -72.45 -12.40 30.82
CA GLU E 280 -71.12 -12.11 31.44
C GLU E 280 -70.32 -11.15 30.54
N ALA E 281 -70.32 -11.36 29.22
CA ALA E 281 -69.69 -10.49 28.19
C ALA E 281 -69.97 -9.00 28.51
N ASP E 282 -71.23 -8.67 28.86
CA ASP E 282 -71.68 -7.30 29.23
C ASP E 282 -71.26 -6.96 30.67
N ALA E 283 -71.45 -7.89 31.62
CA ALA E 283 -71.08 -7.74 33.06
C ALA E 283 -69.56 -7.69 33.27
N LYS E 284 -68.75 -8.15 32.30
CA LYS E 284 -67.27 -7.93 32.23
C LYS E 284 -67.01 -6.48 31.79
N ALA E 285 -67.76 -5.96 30.80
CA ALA E 285 -67.65 -4.58 30.25
C ALA E 285 -68.09 -3.53 31.30
N PHE E 286 -68.97 -3.93 32.23
CA PHE E 286 -69.36 -3.15 33.44
C PHE E 286 -68.14 -2.98 34.35
N LEU E 287 -67.60 -4.08 34.91
CA LEU E 287 -66.45 -4.10 35.86
C LEU E 287 -65.20 -3.41 35.26
N ASP E 288 -65.06 -3.39 33.92
CA ASP E 288 -63.95 -2.69 33.21
C ASP E 288 -64.13 -1.17 33.39
N SER E 289 -65.32 -0.61 33.10
CA SER E 289 -65.64 0.84 33.21
C SER E 289 -65.53 1.33 34.67
N MET E 290 -65.95 0.50 35.65
CA MET E 290 -65.90 0.78 37.12
C MET E 290 -64.45 0.85 37.61
N ALA E 291 -63.57 -0.06 37.15
CA ALA E 291 -62.12 -0.07 37.48
C ALA E 291 -61.36 1.05 36.76
N GLN E 292 -62.02 1.78 35.82
CA GLN E 292 -61.51 3.02 35.16
C GLN E 292 -62.04 4.28 35.87
N LYS E 293 -63.22 4.19 36.53
CA LYS E 293 -63.72 5.22 37.48
C LYS E 293 -62.89 5.15 38.78
N TYR E 294 -62.67 3.94 39.30
CA TYR E 294 -61.87 3.67 40.53
C TYR E 294 -60.49 4.30 40.39
N ALA E 295 -59.75 3.90 39.34
CA ALA E 295 -58.39 4.36 38.97
C ALA E 295 -58.34 5.90 38.89
N SER E 296 -59.40 6.53 38.35
CA SER E 296 -59.48 8.00 38.12
C SER E 296 -59.64 8.74 39.46
N ILE E 297 -60.30 8.11 40.45
CA ILE E 297 -60.54 8.68 41.82
C ILE E 297 -59.26 8.50 42.66
N VAL E 298 -58.80 7.26 42.85
CA VAL E 298 -57.65 6.91 43.76
C VAL E 298 -56.33 7.38 43.12
N GLY E 299 -56.24 7.42 41.78
CA GLY E 299 -55.03 7.85 41.04
C GLY E 299 -54.06 6.70 40.79
N VAL E 300 -54.58 5.53 40.42
CA VAL E 300 -53.81 4.35 39.90
C VAL E 300 -53.86 4.41 38.36
N ASP E 301 -52.98 3.68 37.66
CA ASP E 301 -52.89 3.56 36.18
C ASP E 301 -53.00 2.07 35.76
N LEU E 302 -53.60 1.80 34.59
CA LEU E 302 -53.88 0.45 34.01
C LEU E 302 -53.60 0.47 32.50
N LEU E 328 -19.78 -3.60 16.37
CA LEU E 328 -20.62 -3.95 15.19
C LEU E 328 -20.05 -3.28 13.91
N GLU E 329 -19.99 -1.94 13.90
CA GLU E 329 -19.54 -1.08 12.76
C GLU E 329 -18.43 -0.12 13.21
N GLU E 330 -17.63 -0.54 14.20
CA GLU E 330 -16.42 0.16 14.71
C GLU E 330 -15.18 -0.58 14.20
N ILE E 331 -15.36 -1.47 13.22
CA ILE E 331 -14.28 -2.20 12.48
C ILE E 331 -14.23 -1.68 11.04
N THR E 332 -15.37 -1.63 10.34
CA THR E 332 -15.54 -0.99 9.01
C THR E 332 -15.00 0.45 9.08
N LYS E 333 -15.26 1.17 10.19
CA LYS E 333 -14.73 2.53 10.47
C LYS E 333 -13.20 2.51 10.49
N ASP E 334 -12.60 1.68 11.35
CA ASP E 334 -11.16 1.67 11.69
C ASP E 334 -10.32 1.34 10.45
N HIS E 335 -10.87 0.51 9.55
CA HIS E 335 -10.31 0.23 8.22
C HIS E 335 -10.34 1.51 7.37
N LYS E 336 -11.51 2.12 7.19
CA LYS E 336 -11.70 3.34 6.36
C LYS E 336 -10.83 4.49 6.87
N VAL E 337 -10.52 4.48 8.17
CA VAL E 337 -9.56 5.46 8.77
C VAL E 337 -8.16 5.19 8.22
N LEU E 338 -7.80 3.92 8.11
CA LEU E 338 -6.47 3.52 7.58
C LEU E 338 -6.37 3.93 6.11
N ALA E 339 -7.39 3.60 5.34
CA ALA E 339 -7.44 3.87 3.89
C ALA E 339 -7.29 5.38 3.69
N ARG E 340 -8.06 6.16 4.46
CA ARG E 340 -8.05 7.65 4.41
C ARG E 340 -6.63 8.15 4.67
N GLN E 341 -5.95 7.62 5.68
CA GLN E 341 -4.57 8.04 6.04
C GLN E 341 -3.58 7.68 4.94
N GLN E 342 -3.72 6.51 4.32
CA GLN E 342 -2.86 6.04 3.22
C GLN E 342 -3.05 6.95 2.01
N LEU E 343 -4.30 7.27 1.67
CA LEU E 343 -4.68 8.21 0.57
C LEU E 343 -3.95 9.55 0.81
N GLN E 344 -4.08 10.10 2.02
CA GLN E 344 -3.46 11.38 2.43
C GLN E 344 -1.94 11.36 2.17
N VAL E 345 -1.20 10.30 2.49
CA VAL E 345 0.27 10.27 2.23
C VAL E 345 0.55 10.13 0.73
N LEU E 346 -0.25 9.41 -0.03
CA LEU E 346 -0.08 9.37 -1.50
C LEU E 346 -0.33 10.74 -2.13
N ALA E 347 -1.34 11.47 -1.63
CA ALA E 347 -1.70 12.85 -2.09
C ALA E 347 -0.54 13.78 -1.80
N ARG E 348 0.03 13.67 -0.63
CA ARG E 348 1.17 14.52 -0.21
C ARG E 348 2.34 14.25 -1.16
N TYR E 349 2.57 12.99 -1.51
CA TYR E 349 3.75 12.55 -2.29
C TYR E 349 3.64 13.11 -3.71
N LEU E 350 2.42 13.12 -4.24
CA LEU E 350 2.10 13.58 -5.62
C LEU E 350 1.93 15.10 -5.70
N LYS E 351 1.95 15.81 -4.57
CA LYS E 351 1.97 17.29 -4.49
C LYS E 351 0.62 17.76 -5.05
N MET E 352 -0.43 17.25 -4.44
CA MET E 352 -1.79 17.17 -5.01
C MET E 352 -2.76 17.64 -3.94
N ASP E 353 -3.19 18.90 -4.03
CA ASP E 353 -4.15 19.49 -3.06
C ASP E 353 -5.54 18.96 -3.38
N LEU E 354 -6.16 18.25 -2.46
CA LEU E 354 -7.51 17.66 -2.62
C LEU E 354 -8.61 18.69 -2.37
N ASP E 355 -8.30 19.83 -1.73
CA ASP E 355 -9.27 20.90 -1.40
C ASP E 355 -9.23 22.01 -2.44
N ASN E 356 -8.12 22.18 -3.17
CA ASN E 356 -7.97 23.20 -4.23
C ASN E 356 -9.29 23.43 -4.99
N GLY E 357 -10.04 22.36 -5.28
CA GLY E 357 -11.36 22.43 -5.91
C GLY E 357 -12.35 23.21 -5.07
N GLU E 358 -12.62 22.77 -3.85
CA GLU E 358 -13.61 23.43 -2.96
C GLU E 358 -13.14 24.85 -2.60
N ARG E 359 -11.84 25.14 -2.53
CA ARG E 359 -11.36 26.53 -2.32
C ARG E 359 -11.85 27.41 -3.47
N LYS E 360 -11.27 27.26 -4.66
CA LYS E 360 -11.70 27.93 -5.91
C LYS E 360 -13.22 28.16 -5.95
N PHE E 361 -14.01 27.15 -5.58
CA PHE E 361 -15.49 27.22 -5.56
C PHE E 361 -16.00 28.21 -4.52
N LEU E 362 -15.54 28.14 -3.27
CA LEU E 362 -16.04 29.05 -2.18
C LEU E 362 -15.75 30.52 -2.58
N LYS E 363 -14.59 30.75 -3.18
CA LYS E 363 -14.11 32.06 -3.68
C LYS E 363 -15.05 32.59 -4.78
N GLU E 364 -15.58 31.72 -5.66
CA GLU E 364 -16.53 32.09 -6.75
C GLU E 364 -17.91 32.36 -6.16
N LYS E 365 -18.39 31.53 -5.24
CA LYS E 365 -19.68 31.73 -4.55
C LYS E 365 -19.71 33.11 -3.87
N ASP E 366 -18.56 33.66 -3.48
CA ASP E 366 -18.47 35.04 -2.94
C ASP E 366 -18.68 36.07 -4.05
N THR E 367 -18.01 35.92 -5.21
CA THR E 367 -18.19 36.87 -6.32
C THR E 367 -19.63 36.82 -6.83
N VAL E 368 -20.32 35.69 -6.73
CA VAL E 368 -21.76 35.59 -7.10
C VAL E 368 -22.57 36.45 -6.13
N ALA E 369 -22.44 36.19 -4.83
CA ALA E 369 -23.05 36.96 -3.73
C ALA E 369 -22.90 38.47 -4.00
N GLU E 370 -21.70 38.88 -4.39
CA GLU E 370 -21.31 40.29 -4.61
C GLU E 370 -22.10 40.85 -5.81
N LEU E 371 -22.00 40.21 -6.99
CA LEU E 371 -22.75 40.59 -8.23
C LEU E 371 -24.26 40.51 -8.03
N GLN E 372 -24.78 39.58 -7.25
CA GLN E 372 -26.23 39.55 -6.98
C GLN E 372 -26.60 40.78 -6.13
N ALA E 373 -25.73 41.23 -5.24
CA ALA E 373 -26.00 42.39 -4.37
C ALA E 373 -26.06 43.68 -5.22
N GLN E 374 -25.19 43.82 -6.23
CA GLN E 374 -25.15 44.94 -7.18
C GLN E 374 -26.46 45.01 -7.97
N LEU E 375 -26.94 43.85 -8.41
CA LEU E 375 -28.10 43.66 -9.31
C LEU E 375 -29.41 43.78 -8.54
N ASP E 376 -29.42 43.36 -7.27
CA ASP E 376 -30.58 43.45 -6.37
C ASP E 376 -30.80 44.90 -6.00
N TYR E 377 -29.74 45.69 -6.06
CA TYR E 377 -29.76 47.12 -5.71
C TYR E 377 -30.39 47.88 -6.87
N LEU E 378 -29.86 47.70 -8.08
CA LEU E 378 -30.45 48.29 -9.30
C LEU E 378 -31.94 47.94 -9.44
N ASN E 379 -32.37 46.76 -9.02
CA ASN E 379 -33.81 46.40 -9.03
C ASN E 379 -34.56 47.21 -7.99
N ALA E 380 -33.95 47.44 -6.84
CA ALA E 380 -34.53 48.23 -5.74
C ALA E 380 -34.68 49.69 -6.18
N GLU E 381 -33.69 50.22 -6.91
CA GLU E 381 -33.69 51.62 -7.42
C GLU E 381 -34.66 51.81 -8.58
N LEU E 382 -34.54 51.00 -9.61
CA LEU E 382 -35.26 51.26 -10.88
C LEU E 382 -36.60 50.57 -10.86
N GLY E 383 -36.70 49.47 -10.14
CA GLY E 383 -37.94 48.69 -10.10
C GLY E 383 -37.90 47.57 -11.10
N GLU E 384 -38.65 46.52 -10.84
CA GLU E 384 -38.63 45.30 -11.66
C GLU E 384 -39.23 45.64 -13.01
N PHE E 385 -40.25 46.49 -13.06
CA PHE E 385 -40.91 46.90 -14.33
C PHE E 385 -39.93 47.49 -15.33
N PHE E 386 -39.15 48.44 -14.90
CA PHE E 386 -38.15 49.18 -15.70
C PHE E 386 -37.04 48.21 -16.12
N VAL E 387 -36.57 47.33 -15.27
CA VAL E 387 -35.38 46.47 -15.58
C VAL E 387 -35.77 45.42 -16.63
N ASN E 388 -36.89 44.76 -16.44
CA ASN E 388 -37.50 43.85 -17.43
C ASN E 388 -37.87 44.60 -18.72
N GLY E 389 -38.35 45.82 -18.59
CA GLY E 389 -38.92 46.63 -19.69
C GLY E 389 -37.88 47.01 -20.71
N VAL E 390 -36.65 47.19 -20.25
CA VAL E 390 -35.55 47.91 -20.95
C VAL E 390 -34.72 46.88 -21.71
N ALA E 391 -35.22 45.65 -21.80
CA ALA E 391 -34.63 44.52 -22.55
C ALA E 391 -34.69 44.79 -24.04
N THR E 392 -33.75 44.21 -24.80
CA THR E 392 -33.58 44.46 -26.26
C THR E 392 -34.59 43.57 -27.00
N SER E 393 -35.33 44.15 -27.95
CA SER E 393 -36.24 43.48 -28.92
C SER E 393 -35.63 43.47 -30.33
N PHE E 394 -34.85 44.50 -30.68
CA PHE E 394 -34.52 44.84 -32.08
C PHE E 394 -33.40 43.95 -32.55
N SER E 395 -33.62 43.27 -33.66
CA SER E 395 -32.57 42.57 -34.43
C SER E 395 -32.75 42.93 -35.88
N ARG E 396 -31.68 43.12 -36.64
CA ARG E 396 -31.81 43.42 -38.08
C ARG E 396 -32.40 42.23 -38.81
N LYS E 397 -32.09 41.03 -38.33
CA LYS E 397 -32.44 39.77 -39.00
C LYS E 397 -33.93 39.50 -38.86
N LYS E 398 -34.59 40.08 -37.88
CA LYS E 398 -36.04 39.86 -37.70
C LYS E 398 -36.83 40.78 -38.62
N ALA E 399 -36.22 41.73 -39.33
CA ALA E 399 -36.95 42.70 -40.17
C ALA E 399 -37.61 42.06 -41.40
N ARG E 400 -38.92 42.18 -41.54
CA ARG E 400 -39.74 41.78 -42.71
C ARG E 400 -39.98 42.96 -43.67
N THR E 401 -39.58 42.88 -44.94
CA THR E 401 -39.98 43.88 -45.94
C THR E 401 -41.16 43.41 -46.78
N PHE E 402 -42.10 44.33 -47.01
CA PHE E 402 -43.22 44.19 -47.94
C PHE E 402 -43.07 45.22 -49.05
N ASP E 403 -42.74 44.81 -50.29
CA ASP E 403 -42.57 45.70 -51.47
C ASP E 403 -43.22 45.20 -52.75
N SER E 404 -44.08 44.19 -52.78
CA SER E 404 -44.50 43.56 -54.08
C SER E 404 -45.94 43.94 -54.40
N SER E 405 -46.16 45.23 -54.63
CA SER E 405 -47.49 45.79 -54.95
C SER E 405 -47.83 45.49 -56.40
N TRP E 406 -46.81 45.32 -57.24
CA TRP E 406 -46.99 44.88 -58.65
C TRP E 406 -47.75 43.55 -58.76
N ASN E 407 -47.65 42.68 -57.76
CA ASN E 407 -48.43 41.42 -57.66
C ASN E 407 -49.76 41.62 -56.94
N TRP E 408 -49.87 42.47 -55.92
CA TRP E 408 -51.12 42.54 -55.14
C TRP E 408 -52.17 43.34 -55.91
N ALA E 409 -51.80 44.15 -56.89
CA ALA E 409 -52.77 44.91 -57.72
C ALA E 409 -53.63 43.92 -58.51
N LYS E 410 -52.96 42.95 -59.11
CA LYS E 410 -53.62 41.91 -59.95
C LYS E 410 -54.54 41.10 -59.06
N GLN E 411 -54.17 40.84 -57.81
CA GLN E 411 -54.98 39.98 -56.90
C GLN E 411 -56.14 40.79 -56.36
N SER E 412 -55.97 42.09 -56.22
CA SER E 412 -56.98 43.05 -55.70
C SER E 412 -58.08 43.25 -56.73
N LEU E 413 -57.66 43.34 -57.99
CA LEU E 413 -58.57 43.44 -59.15
C LEU E 413 -59.41 42.16 -59.26
N LEU E 414 -58.75 41.02 -59.35
CA LEU E 414 -59.42 39.70 -59.55
C LEU E 414 -60.30 39.36 -58.34
N SER E 415 -59.93 39.77 -57.13
CA SER E 415 -60.80 39.63 -55.93
C SER E 415 -62.10 40.43 -56.10
N LEU E 416 -62.00 41.70 -56.46
CA LEU E 416 -63.16 42.62 -56.65
C LEU E 416 -63.98 42.12 -57.82
N TYR E 417 -63.37 41.57 -58.87
CA TYR E 417 -64.09 41.03 -60.06
C TYR E 417 -65.06 39.92 -59.64
N PHE E 418 -64.59 38.91 -58.93
CA PHE E 418 -65.44 37.79 -58.49
C PHE E 418 -66.37 38.21 -57.35
N GLU E 419 -65.98 39.12 -56.46
CA GLU E 419 -66.89 39.69 -55.43
C GLU E 419 -68.17 40.21 -56.10
N ILE E 420 -68.04 40.95 -57.21
CA ILE E 420 -69.15 41.62 -57.94
C ILE E 420 -69.93 40.58 -58.76
N ILE E 421 -69.25 39.57 -59.31
CA ILE E 421 -69.89 38.48 -60.12
C ILE E 421 -70.69 37.53 -59.24
N HIS E 422 -70.41 37.42 -57.95
CA HIS E 422 -71.17 36.58 -56.99
C HIS E 422 -72.09 37.45 -56.10
N GLY E 423 -72.22 38.74 -56.44
CA GLY E 423 -73.18 39.69 -55.83
C GLY E 423 -72.83 40.11 -54.40
N VAL E 424 -71.58 39.90 -53.95
CA VAL E 424 -71.11 40.24 -52.57
C VAL E 424 -70.95 41.76 -52.45
N LEU E 425 -70.32 42.40 -53.44
CA LEU E 425 -70.25 43.89 -53.60
C LEU E 425 -71.20 44.31 -54.73
N LYS E 426 -72.00 45.35 -54.48
CA LYS E 426 -72.93 45.96 -55.47
C LYS E 426 -72.33 47.28 -56.00
N ASN E 427 -73.04 47.92 -56.94
CA ASN E 427 -72.77 49.29 -57.47
C ASN E 427 -72.88 50.29 -56.32
N VAL E 428 -73.91 50.17 -55.47
CA VAL E 428 -74.27 51.16 -54.40
C VAL E 428 -73.14 51.25 -53.34
N ASP E 429 -72.47 50.12 -53.06
CA ASP E 429 -71.46 49.97 -51.96
C ASP E 429 -70.33 50.99 -52.17
N ARG E 430 -69.72 51.40 -51.06
CA ARG E 430 -68.60 52.37 -51.02
C ARG E 430 -67.28 51.62 -51.07
N GLU E 431 -67.32 50.29 -50.99
CA GLU E 431 -66.12 49.40 -51.06
C GLU E 431 -65.57 49.46 -52.49
N VAL E 432 -66.41 49.25 -53.51
CA VAL E 432 -66.00 49.30 -54.95
C VAL E 432 -65.23 50.60 -55.26
N VAL E 433 -65.45 51.72 -54.54
CA VAL E 433 -64.68 52.99 -54.72
C VAL E 433 -63.33 52.94 -53.98
N SER E 434 -63.34 52.68 -52.67
CA SER E 434 -62.13 52.62 -51.81
C SER E 434 -61.16 51.57 -52.37
N GLU E 435 -61.69 50.49 -52.94
CA GLU E 435 -60.96 49.43 -53.69
C GLU E 435 -60.42 50.01 -55.00
N ALA E 436 -61.26 50.69 -55.79
CA ALA E 436 -60.88 51.30 -57.10
C ALA E 436 -59.66 52.22 -56.91
N ILE E 437 -59.71 53.10 -55.90
CA ILE E 437 -58.61 54.06 -55.56
C ILE E 437 -57.31 53.27 -55.44
N ASN E 438 -57.36 52.14 -54.73
CA ASN E 438 -56.20 51.27 -54.45
C ASN E 438 -55.73 50.59 -55.72
N ILE E 439 -56.62 50.24 -56.66
CA ILE E 439 -56.22 49.63 -57.98
C ILE E 439 -55.62 50.72 -58.86
N MET E 440 -56.13 51.95 -58.83
CA MET E 440 -55.58 53.09 -59.62
C MET E 440 -54.19 53.48 -59.08
N ASN E 441 -54.06 53.54 -57.77
CA ASN E 441 -52.80 53.82 -57.06
C ASN E 441 -51.72 52.80 -57.42
N ARG E 442 -52.07 51.65 -57.97
CA ARG E 442 -51.07 50.65 -58.42
C ARG E 442 -51.10 50.50 -59.94
N SER E 443 -51.60 51.50 -60.66
CA SER E 443 -51.74 51.45 -62.13
C SER E 443 -50.35 51.34 -62.76
N ASN E 444 -50.14 50.31 -63.58
CA ASN E 444 -48.98 50.18 -64.49
C ASN E 444 -49.44 49.39 -65.72
N ASP E 445 -48.61 49.22 -66.76
CA ASP E 445 -49.07 48.72 -68.08
C ASP E 445 -49.54 47.28 -67.94
N ALA E 446 -48.76 46.45 -67.28
CA ALA E 446 -49.10 45.08 -66.85
C ALA E 446 -50.53 45.01 -66.32
N LEU E 447 -50.90 45.92 -65.42
CA LEU E 447 -52.20 45.88 -64.68
C LEU E 447 -53.33 46.32 -65.61
N ILE E 448 -53.06 47.09 -66.67
CA ILE E 448 -54.13 47.45 -67.66
C ILE E 448 -54.38 46.29 -68.65
N LYS E 449 -53.30 45.69 -69.18
CA LYS E 449 -53.37 44.45 -70.00
C LYS E 449 -54.16 43.40 -69.21
N PHE E 450 -53.97 43.33 -67.89
CA PHE E 450 -54.69 42.35 -67.03
C PHE E 450 -56.16 42.73 -66.94
N MET E 451 -56.47 43.99 -66.66
CA MET E 451 -57.86 44.44 -66.48
C MET E 451 -58.58 44.35 -67.82
N GLU E 452 -57.89 44.57 -68.95
CA GLU E 452 -58.51 44.59 -70.32
C GLU E 452 -59.06 43.19 -70.64
N TYR E 453 -58.18 42.20 -70.63
CA TYR E 453 -58.52 40.77 -70.84
C TYR E 453 -59.65 40.31 -69.94
N HIS E 454 -59.69 40.74 -68.68
CA HIS E 454 -60.66 40.20 -67.68
C HIS E 454 -62.04 40.84 -67.87
N ILE E 455 -62.08 42.04 -68.41
CA ILE E 455 -63.31 42.84 -68.62
C ILE E 455 -63.79 42.70 -70.06
N SER E 456 -62.89 42.44 -71.01
CA SER E 456 -63.21 42.21 -72.45
C SER E 456 -63.36 40.72 -72.79
N ASN E 457 -63.71 39.88 -71.81
CA ASN E 457 -64.01 38.44 -71.98
C ASN E 457 -65.07 38.02 -70.94
N THR E 458 -65.79 38.97 -70.35
CA THR E 458 -67.00 38.69 -69.54
C THR E 458 -68.15 38.67 -70.54
N ASP E 459 -68.99 37.65 -70.45
CA ASP E 459 -70.26 37.55 -71.21
C ASP E 459 -71.30 38.33 -70.42
N GLU E 460 -71.73 39.49 -70.93
CA GLU E 460 -72.68 40.40 -70.24
C GLU E 460 -74.10 39.80 -70.21
N THR E 461 -74.32 38.70 -70.93
CA THR E 461 -75.62 37.99 -71.05
C THR E 461 -75.88 37.10 -69.83
N LYS E 462 -74.84 36.41 -69.32
CA LYS E 462 -74.95 35.29 -68.34
C LYS E 462 -75.63 35.72 -67.04
N GLY E 463 -75.80 37.02 -66.82
CA GLY E 463 -76.53 37.55 -65.65
C GLY E 463 -76.41 39.06 -65.57
N GLU E 464 -77.23 39.68 -64.72
CA GLU E 464 -77.16 41.14 -64.42
C GLU E 464 -75.74 41.45 -63.88
N ASN E 465 -75.26 40.64 -62.93
CA ASN E 465 -73.95 40.83 -62.23
C ASN E 465 -72.78 40.86 -63.22
N TYR E 466 -72.92 40.24 -64.41
CA TYR E 466 -71.89 40.27 -65.47
C TYR E 466 -71.96 41.58 -66.24
N GLN E 467 -73.14 42.20 -66.38
CA GLN E 467 -73.25 43.55 -67.00
C GLN E 467 -72.64 44.57 -66.03
N LEU E 468 -72.99 44.45 -64.75
CA LEU E 468 -72.50 45.35 -63.68
C LEU E 468 -70.97 45.36 -63.74
N VAL E 469 -70.34 44.20 -63.70
CA VAL E 469 -68.85 44.06 -63.60
C VAL E 469 -68.20 44.67 -64.84
N LYS E 470 -68.85 44.55 -66.01
CA LYS E 470 -68.27 44.99 -67.31
C LYS E 470 -68.41 46.51 -67.44
N THR E 471 -69.52 47.11 -67.00
CA THR E 471 -69.73 48.59 -66.92
C THR E 471 -68.66 49.21 -66.02
N LEU E 472 -68.62 48.79 -64.75
CA LEU E 472 -67.66 49.23 -63.72
C LEU E 472 -66.24 49.05 -64.26
N GLY E 473 -65.93 47.84 -64.72
CA GLY E 473 -64.59 47.42 -65.15
C GLY E 473 -64.06 48.28 -66.30
N GLU E 474 -64.92 48.71 -67.21
CA GLU E 474 -64.51 49.54 -68.37
C GLU E 474 -64.19 50.94 -67.84
N GLN E 475 -64.97 51.42 -66.86
CA GLN E 475 -64.72 52.72 -66.18
C GLN E 475 -63.33 52.70 -65.53
N LEU E 476 -63.11 51.69 -64.70
CA LEU E 476 -61.86 51.42 -63.96
C LEU E 476 -60.66 51.31 -64.90
N ILE E 477 -60.80 50.75 -66.10
CA ILE E 477 -59.71 50.76 -67.13
C ILE E 477 -59.49 52.19 -67.63
N GLU E 478 -60.55 52.97 -67.87
CA GLU E 478 -60.38 54.35 -68.41
C GLU E 478 -59.56 55.18 -67.41
N ASN E 479 -59.99 55.20 -66.15
CA ASN E 479 -59.27 55.87 -65.04
C ASN E 479 -57.82 55.43 -65.03
N CYS E 480 -57.56 54.16 -64.70
CA CYS E 480 -56.22 53.52 -64.59
C CYS E 480 -55.25 54.00 -65.70
N LYS E 481 -55.72 54.23 -66.93
CA LYS E 481 -54.88 54.69 -68.08
C LYS E 481 -54.44 56.15 -67.91
N GLN E 482 -55.33 57.03 -67.40
CA GLN E 482 -55.03 58.47 -67.13
C GLN E 482 -53.93 58.58 -66.07
N VAL E 483 -54.23 58.00 -64.92
CA VAL E 483 -53.41 57.90 -63.68
C VAL E 483 -52.08 57.15 -63.93
N LEU E 484 -51.97 56.35 -64.98
CA LEU E 484 -50.67 55.74 -65.38
C LEU E 484 -49.67 56.88 -65.55
N ASP E 485 -48.48 56.79 -64.95
CA ASP E 485 -47.45 57.87 -64.98
C ASP E 485 -47.90 59.11 -64.17
N VAL E 486 -48.82 58.94 -63.22
CA VAL E 486 -49.21 59.98 -62.21
C VAL E 486 -48.96 59.39 -60.82
N ASP E 487 -48.45 60.21 -59.91
CA ASP E 487 -48.10 59.79 -58.52
C ASP E 487 -49.37 59.44 -57.76
N PRO E 488 -49.33 58.33 -57.00
CA PRO E 488 -50.49 57.81 -56.33
C PRO E 488 -50.82 58.67 -55.13
N VAL E 489 -51.98 58.43 -54.56
CA VAL E 489 -52.62 59.44 -53.69
C VAL E 489 -53.27 58.81 -52.44
N TYR E 490 -53.04 59.39 -51.26
CA TYR E 490 -53.95 59.21 -50.10
C TYR E 490 -55.26 59.92 -50.43
N LYS E 491 -56.34 59.18 -50.47
CA LYS E 491 -57.70 59.76 -50.56
C LYS E 491 -58.59 58.94 -49.62
N ASP E 492 -58.94 59.50 -48.45
CA ASP E 492 -60.00 58.92 -47.59
C ASP E 492 -61.33 59.15 -48.32
N VAL E 493 -62.10 58.08 -48.48
CA VAL E 493 -63.42 58.13 -49.17
C VAL E 493 -64.47 57.44 -48.27
N ALA E 494 -64.21 57.38 -46.97
CA ALA E 494 -65.08 56.78 -45.94
C ALA E 494 -66.28 57.71 -45.65
N LYS E 495 -67.43 57.12 -45.36
CA LYS E 495 -68.64 57.86 -44.93
C LYS E 495 -68.38 58.45 -43.55
N PRO E 496 -68.33 59.79 -43.39
CA PRO E 496 -68.09 60.40 -42.08
C PRO E 496 -69.22 60.12 -41.06
N THR E 497 -68.86 59.51 -39.93
CA THR E 497 -69.79 59.07 -38.88
C THR E 497 -69.61 59.97 -37.66
N GLY E 498 -70.70 60.22 -36.93
CA GLY E 498 -70.73 60.89 -35.61
C GLY E 498 -71.06 59.87 -34.53
N PRO E 499 -70.85 60.17 -33.23
CA PRO E 499 -71.27 59.29 -32.15
C PRO E 499 -72.78 59.38 -31.82
N LYS E 500 -73.37 58.25 -31.45
CA LYS E 500 -74.73 58.09 -30.86
C LYS E 500 -74.65 57.15 -29.64
N THR E 501 -75.05 57.62 -28.47
CA THR E 501 -75.30 56.79 -27.26
C THR E 501 -76.81 56.56 -27.17
N ALA E 502 -77.21 55.30 -27.06
CA ALA E 502 -78.60 54.86 -26.84
C ALA E 502 -78.69 54.24 -25.45
N ILE E 503 -79.72 54.58 -24.68
CA ILE E 503 -80.21 53.76 -23.53
C ILE E 503 -81.62 53.28 -23.88
N ASP E 504 -81.84 51.96 -23.91
CA ASP E 504 -83.14 51.33 -24.31
C ASP E 504 -84.15 51.45 -23.15
N LYS E 505 -85.14 50.55 -23.10
CA LYS E 505 -86.19 50.49 -22.04
C LYS E 505 -85.64 49.88 -20.75
N ASN E 506 -84.79 48.86 -20.87
CA ASN E 506 -84.33 48.01 -19.74
C ASN E 506 -83.00 48.51 -19.16
N GLY E 507 -82.48 49.63 -19.69
CA GLY E 507 -81.31 50.35 -19.16
C GLY E 507 -79.98 49.84 -19.69
N ASN E 508 -79.95 49.17 -20.84
CA ASN E 508 -78.70 48.78 -21.55
C ASN E 508 -78.16 49.99 -22.32
N ILE E 509 -76.88 50.29 -22.14
CA ILE E 509 -76.16 51.38 -22.87
C ILE E 509 -75.57 50.76 -24.15
N THR E 510 -76.02 51.24 -25.31
CA THR E 510 -75.48 50.91 -26.66
C THR E 510 -74.79 52.15 -27.24
N TYR E 511 -73.62 51.96 -27.84
CA TYR E 511 -72.90 52.98 -28.65
C TYR E 511 -72.89 52.56 -30.13
N SER E 512 -73.23 53.48 -31.03
CA SER E 512 -73.22 53.31 -32.51
C SER E 512 -72.68 54.57 -33.20
N GLU E 513 -71.81 54.40 -34.20
CA GLU E 513 -71.33 55.51 -35.08
C GLU E 513 -72.39 55.71 -36.17
N GLU E 514 -72.87 56.95 -36.33
CA GLU E 514 -74.20 57.27 -36.93
C GLU E 514 -74.04 58.31 -38.04
N PRO E 515 -74.30 57.97 -39.33
CA PRO E 515 -74.12 58.91 -40.43
C PRO E 515 -74.58 60.33 -40.10
N ARG E 516 -73.66 61.29 -40.21
CA ARG E 516 -73.91 62.71 -39.89
C ARG E 516 -74.86 63.29 -40.94
N GLU E 517 -75.63 64.28 -40.55
CA GLU E 517 -76.45 65.12 -41.46
C GLU E 517 -75.54 66.26 -41.99
N LYS E 518 -75.54 66.50 -43.30
CA LYS E 518 -74.82 67.62 -44.00
C LYS E 518 -73.30 67.38 -44.08
N VAL E 519 -72.79 66.16 -43.84
CA VAL E 519 -71.33 65.81 -43.97
C VAL E 519 -71.24 64.36 -44.49
N ARG E 520 -71.42 64.15 -45.79
CA ARG E 520 -71.52 62.81 -46.46
C ARG E 520 -70.23 62.49 -47.24
N LYS E 521 -69.28 63.45 -47.24
CA LYS E 521 -68.06 63.48 -48.09
C LYS E 521 -66.93 64.05 -47.23
N LEU E 522 -65.68 63.87 -47.66
CA LEU E 522 -64.48 64.38 -46.95
C LEU E 522 -64.31 65.89 -47.24
N SER E 523 -64.65 66.34 -48.46
CA SER E 523 -64.71 67.76 -48.88
C SER E 523 -65.50 68.59 -47.86
N GLN E 524 -66.75 68.17 -47.61
CA GLN E 524 -67.71 68.77 -46.63
C GLN E 524 -67.13 68.82 -45.22
N TYR E 525 -66.29 67.84 -44.85
CA TYR E 525 -65.62 67.78 -43.53
C TYR E 525 -64.69 68.99 -43.37
N VAL E 526 -63.93 69.40 -44.40
CA VAL E 526 -62.94 70.52 -44.28
C VAL E 526 -63.67 71.88 -44.16
N GLN E 527 -64.82 72.03 -44.84
CA GLN E 527 -65.73 73.20 -44.71
C GLN E 527 -66.23 73.31 -43.26
N GLU E 528 -66.75 72.22 -42.68
CA GLU E 528 -67.26 72.18 -41.27
C GLU E 528 -66.15 72.64 -40.30
N MET E 529 -64.91 72.20 -40.54
CA MET E 529 -63.73 72.44 -39.67
C MET E 529 -63.34 73.93 -39.73
N ALA E 530 -63.51 74.56 -40.89
CA ALA E 530 -63.10 75.96 -41.16
C ALA E 530 -64.07 76.94 -40.51
N LEU E 531 -65.37 76.61 -40.43
CA LEU E 531 -66.45 77.52 -39.96
C LEU E 531 -66.46 77.62 -38.42
N GLY E 532 -65.59 76.85 -37.75
CA GLY E 532 -65.56 76.72 -36.29
C GLY E 532 -66.91 76.26 -35.77
N GLY E 533 -67.56 77.11 -34.98
CA GLY E 533 -68.83 76.83 -34.30
C GLY E 533 -69.07 77.83 -33.19
N PRO E 534 -70.27 77.87 -32.59
CA PRO E 534 -70.63 78.90 -31.60
C PRO E 534 -69.71 79.06 -30.36
N ILE E 535 -68.93 78.02 -30.02
CA ILE E 535 -68.06 77.98 -28.79
C ILE E 535 -66.65 78.49 -29.10
N THR E 536 -66.25 78.50 -30.39
CA THR E 536 -64.93 78.93 -30.91
C THR E 536 -64.96 80.42 -31.28
N LYS E 537 -65.49 81.30 -30.40
CA LYS E 537 -65.64 82.77 -30.63
C LYS E 537 -64.47 83.53 -29.97
N GLU E 538 -64.28 84.80 -30.39
CA GLU E 538 -63.13 85.68 -30.03
C GLU E 538 -63.36 87.08 -30.65
N SER E 539 -63.98 88.01 -29.89
CA SER E 539 -64.53 89.32 -30.37
C SER E 539 -63.43 90.19 -31.04
N ALA E 604 -71.47 61.00 -56.60
CA ALA E 604 -72.52 59.96 -56.81
C ALA E 604 -72.29 58.74 -55.90
N LEU E 605 -71.86 58.97 -54.64
CA LEU E 605 -71.58 57.92 -53.62
C LEU E 605 -72.92 57.46 -52.98
N ASP E 606 -73.08 56.15 -52.79
CA ASP E 606 -74.26 55.51 -52.13
C ASP E 606 -75.52 55.71 -53.00
N LYS E 607 -75.37 55.49 -54.32
CA LYS E 607 -76.49 55.40 -55.32
C LYS E 607 -75.97 54.72 -56.61
N ASP E 608 -74.82 55.16 -57.12
CA ASP E 608 -74.15 54.68 -58.36
C ASP E 608 -72.67 55.06 -58.27
N SER E 609 -71.86 54.20 -57.64
CA SER E 609 -70.39 54.36 -57.43
C SER E 609 -69.59 54.04 -58.71
N THR E 610 -70.20 53.46 -59.76
CA THR E 610 -69.60 53.36 -61.14
C THR E 610 -69.37 54.78 -61.71
N LYS E 611 -70.24 55.74 -61.37
CA LYS E 611 -70.16 57.18 -61.75
C LYS E 611 -69.06 57.88 -60.93
N GLU E 612 -68.93 57.58 -59.63
CA GLU E 612 -67.90 58.22 -58.74
C GLU E 612 -66.50 57.67 -59.05
N VAL E 613 -66.39 56.40 -59.49
CA VAL E 613 -65.12 55.79 -59.99
C VAL E 613 -64.59 56.63 -61.17
N ALA E 614 -65.43 57.04 -62.13
CA ALA E 614 -65.09 57.90 -63.30
C ALA E 614 -64.48 59.24 -62.86
N SER E 615 -64.88 59.77 -61.69
CA SER E 615 -64.53 61.13 -61.17
C SER E 615 -63.41 61.10 -60.12
N LEU E 616 -62.58 60.03 -60.10
CA LEU E 616 -61.38 59.87 -59.21
C LEU E 616 -60.12 60.48 -59.84
N PRO E 617 -59.81 60.30 -61.16
CA PRO E 617 -58.63 60.92 -61.76
C PRO E 617 -58.82 62.44 -61.99
N ASN E 618 -60.04 62.84 -62.39
CA ASN E 618 -60.47 64.22 -62.77
C ASN E 618 -60.19 65.14 -61.57
N LYS E 619 -59.00 65.76 -61.59
CA LYS E 619 -58.49 66.71 -60.55
C LYS E 619 -59.39 67.96 -60.54
N SER E 620 -59.94 68.31 -59.35
CA SER E 620 -60.96 69.38 -59.13
C SER E 620 -60.28 70.68 -58.64
N THR E 621 -60.24 71.68 -59.54
CA THR E 621 -59.74 73.07 -59.33
C THR E 621 -60.88 73.95 -58.79
N ILE E 622 -60.63 74.72 -57.72
CA ILE E 622 -61.64 75.58 -57.01
C ILE E 622 -61.19 77.05 -57.12
N SER E 623 -62.03 77.91 -57.74
CA SER E 623 -61.76 79.36 -58.01
C SER E 623 -61.41 80.08 -56.70
N LYS E 624 -62.22 79.85 -55.64
CA LYS E 624 -62.05 80.45 -54.29
C LYS E 624 -61.69 79.32 -53.32
N THR E 625 -60.67 79.54 -52.47
CA THR E 625 -60.24 78.64 -51.37
C THR E 625 -61.19 78.83 -50.18
N VAL E 626 -61.29 77.82 -49.30
CA VAL E 626 -62.13 77.83 -48.07
C VAL E 626 -61.54 78.80 -47.02
N SER E 627 -60.24 79.13 -47.05
CA SER E 627 -59.59 80.12 -46.15
C SER E 627 -60.41 81.42 -46.01
N SER E 628 -61.03 81.88 -47.12
CA SER E 628 -61.93 83.06 -47.21
C SER E 628 -63.27 82.80 -46.50
N THR E 629 -63.78 81.57 -46.57
CA THR E 629 -65.00 81.05 -45.87
C THR E 629 -64.83 81.12 -44.33
N ILE E 630 -63.60 81.15 -43.80
CA ILE E 630 -63.34 81.22 -42.32
C ILE E 630 -63.92 82.53 -41.81
N PRO E 631 -65.03 82.50 -41.04
CA PRO E 631 -65.64 83.75 -40.55
C PRO E 631 -64.71 84.45 -39.55
N ARG E 632 -64.69 85.79 -39.56
CA ARG E 632 -63.90 86.60 -38.59
C ARG E 632 -64.54 86.41 -37.21
N GLU E 633 -63.73 86.58 -36.15
CA GLU E 633 -64.12 86.44 -34.72
C GLU E 633 -64.30 84.96 -34.35
N THR E 634 -64.21 84.05 -35.33
CA THR E 634 -64.35 82.58 -35.16
C THR E 634 -62.99 81.92 -35.41
N ILE E 635 -62.52 81.13 -34.44
CA ILE E 635 -61.36 80.20 -34.58
C ILE E 635 -61.89 78.92 -35.22
N PRO E 636 -61.28 78.38 -36.30
CA PRO E 636 -61.72 77.11 -36.86
C PRO E 636 -61.50 75.98 -35.86
N PHE E 637 -61.94 74.78 -36.20
CA PHE E 637 -61.78 73.61 -35.32
C PHE E 637 -60.36 73.04 -35.47
N LEU E 638 -59.88 72.87 -36.72
CA LEU E 638 -58.44 72.62 -37.04
C LEU E 638 -57.75 73.96 -37.31
N HIS E 639 -56.66 74.29 -36.60
CA HIS E 639 -55.89 75.52 -36.89
C HIS E 639 -54.43 75.46 -36.40
N LEU E 640 -53.54 76.15 -37.09
CA LEU E 640 -52.13 76.30 -36.67
C LEU E 640 -52.05 77.50 -35.73
N ARG E 641 -51.00 77.53 -34.93
CA ARG E 641 -50.71 78.61 -33.98
C ARG E 641 -49.36 79.23 -34.32
N LYS E 642 -49.10 80.41 -33.74
CA LYS E 642 -47.90 81.24 -33.90
C LYS E 642 -47.46 81.74 -32.53
N LYS E 643 -46.14 81.80 -32.30
CA LYS E 643 -45.56 82.20 -31.00
C LYS E 643 -45.46 83.72 -30.97
N THR E 644 -46.12 84.35 -30.00
CA THR E 644 -46.10 85.82 -29.75
C THR E 644 -44.83 86.20 -28.98
N PRO E 645 -44.27 87.42 -29.15
CA PRO E 645 -43.19 87.94 -28.29
C PRO E 645 -43.24 87.70 -26.77
N ALA E 646 -44.43 87.54 -26.19
CA ALA E 646 -44.65 87.15 -24.78
C ALA E 646 -44.19 85.70 -24.54
N GLY E 647 -44.18 84.84 -25.57
CA GLY E 647 -43.79 83.42 -25.48
C GLY E 647 -44.95 82.46 -25.69
N ASP E 648 -46.21 82.91 -25.53
CA ASP E 648 -47.44 82.09 -25.67
C ASP E 648 -47.69 81.77 -27.15
N TRP E 649 -48.46 80.71 -27.44
CA TRP E 649 -48.86 80.32 -28.81
C TRP E 649 -50.34 80.69 -29.04
N LYS E 650 -50.63 81.69 -29.88
CA LYS E 650 -52.01 82.11 -30.25
C LYS E 650 -52.42 81.52 -31.60
N TYR E 651 -53.73 81.32 -31.81
CA TYR E 651 -54.35 81.21 -33.16
C TYR E 651 -53.75 82.25 -34.08
N ASP E 652 -53.29 81.82 -35.26
CA ASP E 652 -52.86 82.72 -36.35
C ASP E 652 -53.74 82.47 -37.58
N ARG E 653 -54.55 83.47 -37.98
CA ARG E 653 -55.49 83.45 -39.14
C ARG E 653 -54.75 82.95 -40.39
N GLN E 654 -53.60 83.56 -40.68
CA GLN E 654 -52.86 83.42 -41.95
C GLN E 654 -52.31 81.98 -42.06
N LEU E 655 -51.37 81.58 -41.19
CA LEU E 655 -50.85 80.18 -41.10
C LEU E 655 -52.00 79.18 -41.22
N SER E 656 -53.02 79.32 -40.38
CA SER E 656 -54.21 78.43 -40.32
C SER E 656 -54.87 78.32 -41.69
N SER E 657 -55.03 79.44 -42.42
CA SER E 657 -55.62 79.47 -43.79
C SER E 657 -54.86 78.50 -44.70
N LEU E 658 -53.58 78.75 -44.83
CA LEU E 658 -52.63 77.94 -45.64
C LEU E 658 -52.81 76.44 -45.38
N PHE E 659 -52.74 76.01 -44.11
CA PHE E 659 -52.98 74.62 -43.65
C PHE E 659 -54.31 74.07 -44.16
N LEU E 660 -55.40 74.81 -43.93
CA LEU E 660 -56.80 74.41 -44.28
C LEU E 660 -57.00 74.34 -45.79
N ASP E 661 -56.26 75.10 -46.60
CA ASP E 661 -56.33 75.05 -48.09
C ASP E 661 -55.66 73.76 -48.59
N GLY E 662 -54.46 73.45 -48.12
CA GLY E 662 -53.79 72.15 -48.36
C GLY E 662 -54.65 70.97 -47.95
N LEU E 663 -55.46 71.16 -46.91
CA LEU E 663 -56.33 70.11 -46.34
C LEU E 663 -57.57 69.94 -47.20
N GLU E 664 -58.01 71.01 -47.87
CA GLU E 664 -59.15 71.05 -48.84
C GLU E 664 -58.75 70.28 -50.13
N LYS E 665 -57.54 70.53 -50.64
CA LYS E 665 -56.97 69.92 -51.85
C LYS E 665 -56.78 68.42 -51.65
N ALA E 666 -56.29 68.05 -50.47
CA ALA E 666 -56.11 66.63 -50.05
C ALA E 666 -57.45 65.92 -50.09
N ALA E 667 -58.54 66.60 -49.73
CA ALA E 667 -59.89 66.02 -49.70
C ALA E 667 -60.42 65.80 -51.12
N PHE E 668 -60.08 66.69 -52.07
CA PHE E 668 -60.50 66.60 -53.50
C PHE E 668 -59.53 65.72 -54.27
N ASN E 669 -58.31 66.24 -54.46
CA ASN E 669 -57.30 65.70 -55.40
C ASN E 669 -56.57 64.51 -54.74
N GLY E 670 -56.41 64.58 -53.40
CA GLY E 670 -55.59 63.64 -52.60
C GLY E 670 -54.16 64.13 -52.51
N VAL E 671 -53.34 63.45 -51.71
CA VAL E 671 -51.97 63.91 -51.33
C VAL E 671 -51.03 62.84 -51.83
N THR E 672 -49.86 63.18 -52.36
CA THR E 672 -48.81 62.18 -52.63
C THR E 672 -47.77 62.26 -51.52
N PHE E 673 -47.17 61.12 -51.23
CA PHE E 673 -45.99 60.89 -50.37
C PHE E 673 -44.96 60.10 -51.14
N LYS E 674 -45.00 60.07 -52.45
CA LYS E 674 -43.93 59.53 -53.31
C LYS E 674 -42.61 60.16 -52.82
N ASP E 675 -41.62 59.33 -52.53
CA ASP E 675 -40.23 59.73 -52.21
C ASP E 675 -40.10 60.19 -50.75
N LYS E 676 -41.17 60.05 -49.97
CA LYS E 676 -41.17 60.30 -48.52
C LYS E 676 -40.70 59.03 -47.84
N TYR E 677 -39.70 59.10 -46.93
CA TYR E 677 -39.22 57.97 -46.09
C TYR E 677 -39.64 58.21 -44.65
N VAL E 678 -40.41 57.31 -44.05
CA VAL E 678 -41.05 57.61 -42.74
C VAL E 678 -40.69 56.52 -41.74
N LEU E 679 -40.21 56.88 -40.54
CA LEU E 679 -40.25 55.99 -39.35
C LEU E 679 -41.53 56.29 -38.57
N ILE E 680 -42.27 55.27 -38.14
CA ILE E 680 -43.52 55.38 -37.31
C ILE E 680 -43.50 54.33 -36.22
N THR E 681 -43.81 54.72 -35.00
CA THR E 681 -43.83 53.82 -33.84
C THR E 681 -45.21 53.92 -33.22
N GLY E 682 -45.64 52.92 -32.49
CA GLY E 682 -46.91 53.02 -31.78
C GLY E 682 -48.05 53.07 -32.77
N ALA E 683 -47.97 52.19 -33.75
CA ALA E 683 -48.91 52.09 -34.88
C ALA E 683 -49.43 50.67 -35.01
N GLY E 684 -49.92 50.09 -33.92
CA GLY E 684 -50.45 48.73 -33.88
C GLY E 684 -51.89 48.68 -34.34
N LYS E 685 -52.44 47.48 -34.50
CA LYS E 685 -53.81 47.24 -35.00
C LYS E 685 -54.81 48.01 -34.14
N GLY E 686 -55.68 48.77 -34.79
CA GLY E 686 -56.73 49.57 -34.12
C GLY E 686 -56.21 50.77 -33.36
N SER E 687 -55.31 51.56 -33.96
CA SER E 687 -54.77 52.84 -33.41
C SER E 687 -54.84 53.93 -34.47
N ILE E 688 -54.74 55.20 -34.08
CA ILE E 688 -54.50 56.30 -35.06
C ILE E 688 -53.19 56.00 -35.81
N GLY E 689 -52.17 55.54 -35.09
CA GLY E 689 -50.88 55.18 -35.70
C GLY E 689 -51.05 54.32 -36.94
N ALA E 690 -52.06 53.45 -36.96
CA ALA E 690 -52.28 52.45 -38.01
C ALA E 690 -53.16 53.02 -39.14
N GLU E 691 -54.01 54.02 -38.86
CA GLU E 691 -54.76 54.73 -39.92
C GLU E 691 -53.85 55.75 -40.63
N VAL E 692 -52.78 56.18 -39.98
CA VAL E 692 -51.75 57.07 -40.58
C VAL E 692 -50.99 56.19 -41.54
N LEU E 693 -50.46 55.10 -41.04
CA LEU E 693 -49.73 54.07 -41.80
C LEU E 693 -50.44 53.73 -43.09
N GLN E 694 -51.76 53.57 -43.10
CA GLN E 694 -52.52 53.18 -44.33
C GLN E 694 -52.42 54.30 -45.38
N GLY E 695 -52.66 55.53 -44.93
CA GLY E 695 -52.47 56.76 -45.72
C GLY E 695 -51.04 56.94 -46.23
N LEU E 696 -50.03 56.74 -45.41
CA LEU E 696 -48.67 56.87 -45.97
C LEU E 696 -48.50 55.91 -47.16
N LEU E 697 -48.90 54.66 -46.94
CA LEU E 697 -48.66 53.60 -47.90
C LEU E 697 -49.52 53.90 -49.09
N GLN E 698 -50.70 54.47 -48.85
CA GLN E 698 -51.67 54.81 -49.92
C GLN E 698 -51.03 55.79 -50.90
N GLY E 699 -50.20 56.72 -50.44
CA GLY E 699 -49.57 57.75 -51.29
C GLY E 699 -48.17 57.38 -51.69
N GLY E 700 -47.81 56.10 -51.65
CA GLY E 700 -46.48 55.63 -52.09
C GLY E 700 -45.31 55.96 -51.13
N ALA E 701 -45.53 56.19 -49.84
CA ALA E 701 -44.41 56.35 -48.91
C ALA E 701 -43.65 55.05 -48.74
N LYS E 702 -42.38 55.16 -48.33
CA LYS E 702 -41.56 54.01 -47.86
C LYS E 702 -41.49 54.15 -46.36
N VAL E 703 -41.91 53.15 -45.61
CA VAL E 703 -42.23 53.33 -44.17
C VAL E 703 -41.57 52.26 -43.33
N VAL E 704 -40.82 52.61 -42.26
CA VAL E 704 -40.45 51.64 -41.18
C VAL E 704 -41.46 51.72 -40.06
N VAL E 705 -42.08 50.61 -39.69
CA VAL E 705 -43.11 50.48 -38.63
C VAL E 705 -42.55 49.57 -37.59
N THR E 706 -42.68 49.92 -36.33
CA THR E 706 -42.02 49.17 -35.26
C THR E 706 -43.10 48.53 -34.42
N THR E 707 -42.91 47.26 -34.07
CA THR E 707 -43.80 46.55 -33.14
C THR E 707 -43.02 46.19 -31.90
N SER E 708 -43.67 46.21 -30.75
CA SER E 708 -43.17 45.72 -29.46
C SER E 708 -43.57 44.24 -29.27
N ARG E 709 -44.54 43.76 -30.04
CA ARG E 709 -45.11 42.42 -29.89
C ARG E 709 -45.02 41.70 -31.25
N PHE E 710 -43.83 41.37 -31.69
CA PHE E 710 -43.58 40.69 -32.98
C PHE E 710 -43.95 39.20 -32.89
N SER E 711 -44.61 38.70 -33.90
CA SER E 711 -45.41 37.47 -33.89
C SER E 711 -45.94 37.25 -35.29
N LYS E 712 -46.37 36.04 -35.61
CA LYS E 712 -47.05 35.75 -36.90
C LYS E 712 -48.33 36.60 -36.96
N GLN E 713 -49.08 36.71 -35.87
CA GLN E 713 -50.38 37.43 -35.88
C GLN E 713 -50.18 38.85 -36.40
N VAL E 714 -49.06 39.47 -36.08
CA VAL E 714 -48.80 40.94 -36.26
C VAL E 714 -48.19 41.15 -37.64
N THR E 715 -47.23 40.32 -37.96
CA THR E 715 -46.57 40.27 -39.27
C THR E 715 -47.60 39.93 -40.35
N ASP E 716 -48.72 39.29 -40.02
CA ASP E 716 -49.83 38.99 -40.98
C ASP E 716 -50.76 40.19 -41.07
N TYR E 717 -51.19 40.79 -39.98
CA TYR E 717 -51.89 42.11 -40.02
C TYR E 717 -51.19 43.04 -41.01
N TYR E 718 -49.88 43.24 -40.89
CA TYR E 718 -49.11 44.22 -41.70
C TYR E 718 -48.97 43.76 -43.15
N GLN E 719 -48.80 42.46 -43.40
CA GLN E 719 -48.80 41.94 -44.79
C GLN E 719 -50.13 42.31 -45.44
N SER E 720 -51.20 42.26 -44.66
CA SER E 720 -52.60 42.41 -45.14
C SER E 720 -52.86 43.87 -45.50
N ILE E 721 -52.14 44.78 -44.90
CA ILE E 721 -52.36 46.22 -45.07
C ILE E 721 -51.59 46.64 -46.30
N TYR E 722 -50.34 46.23 -46.40
CA TYR E 722 -49.53 46.52 -47.58
C TYR E 722 -50.25 45.95 -48.79
N ALA E 723 -50.75 44.72 -48.75
CA ALA E 723 -51.39 44.08 -49.94
C ALA E 723 -52.70 44.76 -50.33
N LYS E 724 -53.37 45.49 -49.46
CA LYS E 724 -54.61 46.22 -49.77
C LYS E 724 -54.32 47.64 -50.21
N TYR E 725 -53.27 48.29 -49.66
CA TYR E 725 -53.12 49.77 -49.62
C TYR E 725 -51.80 50.28 -50.19
N GLY E 726 -50.74 49.51 -50.15
CA GLY E 726 -49.44 49.96 -50.68
C GLY E 726 -49.54 50.27 -52.16
N ALA E 727 -49.53 51.53 -52.52
CA ALA E 727 -49.50 51.97 -53.93
C ALA E 727 -48.14 51.73 -54.57
N LYS E 728 -48.01 52.02 -55.85
CA LYS E 728 -46.79 51.76 -56.63
C LYS E 728 -45.66 52.58 -56.01
N GLY E 729 -44.58 51.94 -55.58
CA GLY E 729 -43.40 52.67 -55.05
C GLY E 729 -43.34 52.64 -53.55
N SER E 730 -44.46 52.42 -52.89
CA SER E 730 -44.54 52.16 -51.44
C SER E 730 -43.70 50.93 -51.05
N THR E 731 -43.07 50.94 -49.87
CA THR E 731 -42.64 49.72 -49.16
C THR E 731 -42.95 49.86 -47.68
N LEU E 732 -43.05 48.75 -46.99
CA LEU E 732 -43.28 48.69 -45.54
C LEU E 732 -42.25 47.74 -44.97
N ILE E 733 -41.38 48.22 -44.07
CA ILE E 733 -40.51 47.30 -43.28
C ILE E 733 -41.11 47.22 -41.89
N VAL E 734 -41.27 46.03 -41.36
CA VAL E 734 -41.80 45.80 -39.98
C VAL E 734 -40.67 45.23 -39.17
N VAL E 735 -40.25 45.89 -38.11
CA VAL E 735 -39.11 45.44 -37.28
C VAL E 735 -39.64 45.34 -35.88
N PRO E 736 -39.13 44.41 -35.07
CA PRO E 736 -39.43 44.39 -33.65
C PRO E 736 -38.55 45.47 -33.01
N PHE E 737 -39.04 46.12 -31.97
CA PHE E 737 -38.44 47.35 -31.41
C PHE E 737 -38.99 47.66 -30.03
N ASN E 738 -38.12 47.95 -29.07
CA ASN E 738 -38.48 48.44 -27.72
C ASN E 738 -38.09 49.91 -27.58
N GLN E 739 -39.00 50.89 -27.71
CA GLN E 739 -38.65 52.35 -27.66
C GLN E 739 -38.09 52.68 -26.26
N GLY E 740 -38.49 51.92 -25.25
CA GLY E 740 -37.88 51.95 -23.90
C GLY E 740 -36.42 51.62 -23.83
N SER E 741 -35.84 50.99 -24.82
CA SER E 741 -34.41 50.58 -24.80
C SER E 741 -33.59 51.62 -25.58
N LYS E 742 -32.54 52.15 -24.96
CA LYS E 742 -31.61 53.12 -25.57
C LYS E 742 -30.90 52.40 -26.71
N GLN E 743 -30.59 51.13 -26.51
CA GLN E 743 -29.73 50.34 -27.39
C GLN E 743 -30.52 49.96 -28.63
N ASP E 744 -31.81 49.71 -28.50
CA ASP E 744 -32.71 49.48 -29.67
C ASP E 744 -32.86 50.74 -30.51
N VAL E 745 -33.08 51.90 -29.90
CA VAL E 745 -33.13 53.20 -30.62
C VAL E 745 -31.82 53.42 -31.40
N GLU E 746 -30.66 53.28 -30.79
CA GLU E 746 -29.38 53.54 -31.50
C GLU E 746 -29.33 52.62 -32.73
N ALA E 747 -29.67 51.35 -32.50
CA ALA E 747 -29.62 50.22 -33.44
C ALA E 747 -30.58 50.39 -34.60
N LEU E 748 -31.82 50.78 -34.32
CA LEU E 748 -32.86 51.04 -35.36
C LEU E 748 -32.32 52.08 -36.32
N ILE E 749 -31.83 53.20 -35.81
CA ILE E 749 -31.54 54.37 -36.68
C ILE E 749 -30.30 54.04 -37.48
N GLU E 750 -29.45 53.18 -36.95
CA GLU E 750 -28.21 52.74 -37.63
C GLU E 750 -28.55 51.71 -38.72
N PHE E 751 -29.61 50.94 -38.57
CA PHE E 751 -30.11 49.97 -39.57
C PHE E 751 -30.78 50.71 -40.72
N ILE E 752 -31.58 51.75 -40.42
CA ILE E 752 -32.26 52.56 -41.46
C ILE E 752 -31.21 53.25 -42.32
N TYR E 753 -30.09 53.73 -41.78
CA TYR E 753 -29.19 54.62 -42.53
C TYR E 753 -28.04 53.81 -43.08
N ASP E 754 -27.75 52.63 -42.57
CA ASP E 754 -26.60 51.81 -43.06
C ASP E 754 -26.85 51.46 -44.51
N THR E 755 -25.82 51.04 -45.22
CA THR E 755 -25.92 50.65 -46.65
C THR E 755 -26.38 49.22 -46.71
N GLU E 756 -27.09 48.87 -47.78
CA GLU E 756 -27.64 47.52 -48.04
C GLU E 756 -26.47 46.53 -48.01
N LYS E 757 -25.29 46.96 -48.46
CA LYS E 757 -24.04 46.18 -48.42
C LYS E 757 -23.66 45.82 -46.97
N ASN E 758 -23.82 46.75 -46.00
CA ASN E 758 -23.57 46.47 -44.55
C ASN E 758 -24.81 45.94 -43.83
N GLY E 759 -25.89 45.64 -44.54
CA GLY E 759 -27.06 44.91 -43.99
C GLY E 759 -28.19 45.83 -43.59
N GLY E 760 -28.11 47.13 -43.94
CA GLY E 760 -29.10 48.17 -43.62
C GLY E 760 -30.09 48.39 -44.73
N LEU E 761 -30.67 49.58 -44.81
CA LEU E 761 -31.71 50.00 -45.77
C LEU E 761 -31.16 51.03 -46.76
N GLY E 762 -30.27 51.91 -46.34
CA GLY E 762 -29.69 52.96 -47.20
C GLY E 762 -30.67 54.07 -47.40
N TRP E 763 -31.60 54.21 -46.48
CA TRP E 763 -32.60 55.28 -46.50
C TRP E 763 -32.04 56.53 -45.86
N ASP E 764 -32.87 57.57 -45.88
CA ASP E 764 -32.63 58.86 -45.20
C ASP E 764 -34.01 59.45 -44.94
N LEU E 765 -34.45 59.42 -43.69
CA LEU E 765 -35.80 59.76 -43.23
C LEU E 765 -36.15 61.19 -43.58
N ASP E 766 -37.40 61.39 -43.96
CA ASP E 766 -38.10 62.65 -44.20
C ASP E 766 -39.20 62.89 -43.17
N ALA E 767 -39.50 61.95 -42.28
CA ALA E 767 -40.47 62.12 -41.18
C ALA E 767 -40.30 61.06 -40.13
N ILE E 768 -40.31 61.47 -38.88
CA ILE E 768 -40.37 60.56 -37.71
C ILE E 768 -41.72 60.84 -37.06
N ILE E 769 -42.43 59.77 -36.73
CA ILE E 769 -43.74 59.87 -36.05
C ILE E 769 -43.67 58.93 -34.85
N PRO E 770 -43.18 59.41 -33.68
CA PRO E 770 -42.96 58.57 -32.52
C PRO E 770 -44.13 58.57 -31.52
N PHE E 771 -45.16 57.81 -31.83
CA PHE E 771 -46.46 57.74 -31.13
C PHE E 771 -46.48 56.57 -30.15
N ALA E 772 -45.37 55.86 -29.96
CA ALA E 772 -45.26 54.77 -28.95
C ALA E 772 -45.54 55.33 -27.58
N ALA E 773 -46.11 54.50 -26.74
CA ALA E 773 -46.68 54.96 -25.47
C ALA E 773 -47.14 53.75 -24.67
N ILE E 774 -47.06 53.84 -23.35
CA ILE E 774 -47.76 52.85 -22.48
C ILE E 774 -48.73 53.63 -21.63
N PRO E 775 -49.91 53.04 -21.38
CA PRO E 775 -50.92 53.65 -20.53
C PRO E 775 -50.56 53.55 -19.05
N GLU E 776 -50.92 54.57 -18.29
CA GLU E 776 -50.76 54.58 -16.81
C GLU E 776 -52.07 55.15 -16.29
N GLN E 777 -52.85 54.32 -15.59
CA GLN E 777 -54.25 54.62 -15.21
C GLN E 777 -54.35 54.56 -13.69
N GLY E 778 -54.99 55.58 -13.09
CA GLY E 778 -55.11 55.71 -11.63
C GLY E 778 -53.76 55.70 -10.93
N ILE E 779 -52.73 56.17 -11.62
CA ILE E 779 -51.43 56.48 -11.02
C ILE E 779 -51.44 57.96 -10.74
N GLU E 780 -51.79 58.30 -9.50
CA GLU E 780 -51.66 59.65 -8.91
C GLU E 780 -50.23 59.85 -8.37
N LEU E 781 -49.91 61.05 -7.92
CA LEU E 781 -48.54 61.45 -7.52
C LEU E 781 -47.99 60.63 -6.35
N GLU E 782 -48.84 60.17 -5.44
CA GLU E 782 -48.49 59.17 -4.39
C GLU E 782 -47.83 57.92 -5.01
N HIS E 783 -48.25 57.51 -6.20
CA HIS E 783 -48.04 56.15 -6.74
C HIS E 783 -47.08 56.12 -7.91
N ILE E 784 -46.55 57.26 -8.33
CA ILE E 784 -45.51 57.30 -9.39
C ILE E 784 -44.38 56.38 -8.91
N ASP E 785 -44.17 55.28 -9.63
CA ASP E 785 -43.04 54.34 -9.42
C ASP E 785 -42.42 53.94 -10.77
N SER E 786 -42.13 52.65 -10.93
CA SER E 786 -41.23 52.10 -11.95
C SER E 786 -41.88 52.21 -13.31
N LYS E 787 -43.14 51.81 -13.41
CA LYS E 787 -43.91 51.86 -14.66
C LYS E 787 -43.92 53.31 -15.18
N SER E 788 -44.19 54.28 -14.34
CA SER E 788 -44.28 55.68 -14.79
C SER E 788 -42.89 56.18 -15.21
N GLU E 789 -41.86 55.81 -14.46
CA GLU E 789 -40.48 56.23 -14.79
C GLU E 789 -40.05 55.59 -16.12
N PHE E 790 -40.47 54.37 -16.41
CA PHE E 790 -40.24 53.69 -17.69
C PHE E 790 -41.06 54.35 -18.79
N ALA E 791 -42.33 54.58 -18.54
CA ALA E 791 -43.20 55.28 -19.50
C ALA E 791 -42.59 56.61 -19.89
N HIS E 792 -42.10 57.39 -18.94
CA HIS E 792 -41.47 58.70 -19.21
C HIS E 792 -40.29 58.54 -20.17
N ARG E 793 -39.57 57.45 -20.10
CA ARG E 793 -38.41 57.16 -20.97
C ARG E 793 -38.92 56.87 -22.37
N ILE E 794 -39.93 56.02 -22.52
CA ILE E 794 -40.55 55.73 -23.85
C ILE E 794 -41.02 57.02 -24.50
N MET E 795 -41.74 57.84 -23.77
CA MET E 795 -42.55 58.94 -24.32
C MET E 795 -41.81 60.27 -24.35
N LEU E 796 -40.63 60.38 -23.72
CA LEU E 796 -39.83 61.63 -23.76
C LEU E 796 -38.34 61.34 -23.97
N THR E 797 -37.59 60.86 -22.98
CA THR E 797 -36.10 60.84 -23.13
C THR E 797 -35.68 60.02 -24.36
N ASN E 798 -36.29 58.90 -24.67
CA ASN E 798 -35.88 58.08 -25.82
C ASN E 798 -36.48 58.66 -27.09
N ILE E 799 -37.46 59.59 -27.02
CA ILE E 799 -37.84 60.36 -28.25
C ILE E 799 -36.70 61.31 -28.60
N LEU E 800 -36.08 61.93 -27.60
CA LEU E 800 -34.99 62.91 -27.79
C LEU E 800 -33.76 62.18 -28.32
N ARG E 801 -33.46 61.02 -27.76
CA ARG E 801 -32.36 60.13 -28.21
C ARG E 801 -32.54 59.64 -29.65
N MET E 802 -33.75 59.50 -30.14
CA MET E 802 -34.04 59.01 -31.51
C MET E 802 -33.87 60.19 -32.48
N MET E 803 -34.36 61.39 -32.17
CA MET E 803 -34.01 62.60 -32.95
C MET E 803 -32.51 62.92 -32.79
N GLY E 804 -31.93 62.63 -31.65
CA GLY E 804 -30.48 62.84 -31.54
C GLY E 804 -29.75 61.99 -32.52
N CYS E 805 -30.16 60.72 -32.63
CA CYS E 805 -29.52 59.68 -33.48
C CYS E 805 -29.72 60.07 -34.92
N VAL E 806 -30.90 60.56 -35.35
CA VAL E 806 -31.08 60.86 -36.79
C VAL E 806 -30.27 62.08 -37.14
N LYS E 807 -30.03 62.99 -36.22
CA LYS E 807 -29.10 64.14 -36.42
C LYS E 807 -27.68 63.62 -36.60
N LYS E 808 -27.19 62.73 -35.75
CA LYS E 808 -25.81 62.21 -35.92
C LYS E 808 -25.64 61.45 -37.24
N GLN E 809 -26.59 60.64 -37.67
CA GLN E 809 -26.50 59.91 -38.96
C GLN E 809 -26.59 60.90 -40.14
N LYS E 810 -27.40 61.94 -40.07
CA LYS E 810 -27.56 62.89 -41.21
C LYS E 810 -26.34 63.76 -41.35
N SER E 811 -25.60 63.95 -40.28
CA SER E 811 -24.47 64.91 -40.18
C SER E 811 -23.22 64.19 -40.63
N ALA E 812 -23.04 62.97 -40.15
CA ALA E 812 -22.04 61.98 -40.61
C ALA E 812 -21.87 62.03 -42.13
N ARG E 813 -22.98 62.12 -42.85
CA ARG E 813 -23.07 62.08 -44.34
C ARG E 813 -23.25 63.48 -44.92
N GLY E 814 -23.10 64.51 -44.10
CA GLY E 814 -23.17 65.92 -44.52
C GLY E 814 -24.47 66.27 -45.21
N ILE E 815 -25.56 65.63 -44.83
CA ILE E 815 -26.91 65.91 -45.38
C ILE E 815 -27.40 67.14 -44.63
N GLU E 816 -27.42 68.29 -45.29
CA GLU E 816 -27.81 69.57 -44.65
C GLU E 816 -29.12 70.08 -45.22
N THR E 817 -29.70 69.44 -46.22
CA THR E 817 -30.81 70.04 -47.00
C THR E 817 -31.98 69.06 -47.11
N ARG E 818 -32.03 68.01 -46.29
CA ARG E 818 -33.13 67.02 -46.33
C ARG E 818 -33.59 66.73 -44.90
N PRO E 819 -34.22 67.70 -44.23
CA PRO E 819 -34.58 67.55 -42.85
C PRO E 819 -35.72 66.57 -42.64
N ALA E 820 -35.74 65.86 -41.52
CA ALA E 820 -36.85 64.97 -41.15
C ALA E 820 -37.85 65.74 -40.30
N GLN E 821 -39.09 65.83 -40.74
CA GLN E 821 -40.14 66.50 -39.94
C GLN E 821 -40.56 65.54 -38.84
N VAL E 822 -40.21 65.85 -37.59
CA VAL E 822 -40.75 65.14 -36.41
C VAL E 822 -42.18 65.61 -36.13
N ILE E 823 -43.16 64.71 -36.07
CA ILE E 823 -44.59 65.00 -35.69
C ILE E 823 -44.80 64.50 -34.26
N LEU E 824 -44.76 65.36 -33.25
CA LEU E 824 -44.88 64.98 -31.82
C LEU E 824 -46.35 64.98 -31.47
N PRO E 825 -46.86 63.92 -30.85
CA PRO E 825 -48.21 63.96 -30.32
C PRO E 825 -48.17 64.76 -29.02
N MET E 826 -48.80 65.92 -29.03
CA MET E 826 -48.94 66.77 -27.83
C MET E 826 -50.33 66.49 -27.28
N SER E 827 -50.58 66.97 -26.08
CA SER E 827 -51.92 66.97 -25.44
C SER E 827 -52.26 68.43 -25.26
N PRO E 828 -53.55 68.81 -25.23
CA PRO E 828 -53.93 70.13 -24.74
C PRO E 828 -54.15 70.11 -23.21
N ASN E 829 -54.31 68.90 -22.66
CA ASN E 829 -54.76 68.62 -21.27
C ASN E 829 -53.56 68.11 -20.46
N HIS E 830 -52.73 69.05 -19.95
CA HIS E 830 -51.55 68.83 -19.04
C HIS E 830 -52.00 68.91 -17.59
N GLY E 831 -52.18 67.76 -16.93
CA GLY E 831 -52.53 67.67 -15.50
C GLY E 831 -54.03 67.74 -15.19
N THR E 832 -54.89 68.06 -16.16
CA THR E 832 -56.31 68.46 -15.91
C THR E 832 -57.23 67.25 -15.64
N PHE E 833 -56.75 66.02 -15.66
CA PHE E 833 -57.52 64.81 -15.26
C PHE E 833 -56.91 64.08 -14.07
N GLY E 834 -55.60 63.96 -14.03
CA GLY E 834 -54.89 63.16 -13.03
C GLY E 834 -54.99 61.69 -13.32
N GLY E 835 -54.31 60.90 -12.51
CA GLY E 835 -54.30 59.43 -12.62
C GLY E 835 -53.56 58.99 -13.85
N ASP E 836 -52.79 59.89 -14.46
CA ASP E 836 -52.11 59.66 -15.76
C ASP E 836 -50.62 59.33 -15.52
N GLY E 837 -50.13 59.28 -14.27
CA GLY E 837 -48.73 58.95 -13.96
C GLY E 837 -47.88 60.09 -14.40
N MET E 838 -46.83 59.85 -15.16
CA MET E 838 -45.98 60.97 -15.65
C MET E 838 -46.31 61.32 -17.11
N TYR E 839 -47.55 61.08 -17.58
CA TYR E 839 -47.98 61.31 -18.98
C TYR E 839 -47.91 62.81 -19.30
N SER E 840 -48.58 63.61 -18.49
CA SER E 840 -48.58 65.09 -18.61
C SER E 840 -47.17 65.69 -18.59
N GLU E 841 -46.24 65.15 -17.79
CA GLU E 841 -44.84 65.65 -17.71
C GLU E 841 -44.16 65.30 -19.03
N SER E 842 -44.38 64.08 -19.52
CA SER E 842 -43.89 63.59 -20.81
C SER E 842 -44.32 64.55 -21.91
N LYS E 843 -45.61 64.85 -21.97
CA LYS E 843 -46.21 65.58 -23.11
C LYS E 843 -45.76 67.04 -23.06
N LEU E 844 -45.76 67.65 -21.91
CA LEU E 844 -45.44 69.09 -21.80
C LEU E 844 -43.97 69.39 -22.12
N SER E 845 -43.07 68.50 -21.77
CA SER E 845 -41.62 68.67 -21.98
C SER E 845 -41.24 68.57 -23.45
N LEU E 846 -42.09 68.09 -24.36
CA LEU E 846 -41.79 68.10 -25.83
C LEU E 846 -41.96 69.53 -26.38
N GLU E 847 -42.75 70.38 -25.73
CA GLU E 847 -42.89 71.80 -26.09
C GLU E 847 -41.55 72.56 -25.93
N THR E 848 -40.56 72.04 -25.22
CA THR E 848 -39.17 72.58 -25.25
C THR E 848 -38.52 72.43 -26.65
N LEU E 849 -38.93 71.50 -27.50
CA LEU E 849 -38.33 71.32 -28.85
C LEU E 849 -38.72 72.46 -29.80
N PHE E 850 -39.75 73.25 -29.54
CA PHE E 850 -40.13 74.38 -30.40
C PHE E 850 -39.20 75.54 -30.14
N ASN E 851 -38.51 75.52 -29.02
CA ASN E 851 -37.58 76.62 -28.66
C ASN E 851 -36.18 76.17 -29.02
N ARG E 852 -35.79 74.97 -28.65
CA ARG E 852 -34.44 74.43 -28.91
C ARG E 852 -34.17 74.32 -30.40
N TRP E 853 -35.15 74.25 -31.26
CA TRP E 853 -34.93 74.23 -32.73
C TRP E 853 -34.23 75.51 -33.19
N HIS E 854 -34.50 76.65 -32.56
CA HIS E 854 -33.81 77.94 -32.78
C HIS E 854 -32.46 78.03 -32.07
N SER E 855 -32.28 77.31 -31.00
CA SER E 855 -31.22 77.63 -30.02
C SER E 855 -30.05 76.67 -30.11
N GLU E 856 -30.13 75.65 -30.95
CA GLU E 856 -29.10 74.59 -31.08
C GLU E 856 -28.74 74.44 -32.54
N SER E 857 -28.10 73.34 -32.90
CA SER E 857 -27.34 73.17 -34.17
C SER E 857 -27.94 72.02 -34.98
N TRP E 858 -29.22 71.72 -34.80
CA TRP E 858 -29.88 70.57 -35.44
C TRP E 858 -31.09 70.98 -36.26
N ALA E 859 -31.33 72.26 -36.52
CA ALA E 859 -32.48 72.69 -37.35
C ALA E 859 -32.34 72.26 -38.82
N ASN E 860 -31.16 72.10 -39.38
CA ASN E 860 -31.04 71.63 -40.79
C ASN E 860 -31.27 70.14 -40.87
N GLN E 861 -31.20 69.40 -39.79
CA GLN E 861 -31.41 67.95 -39.81
C GLN E 861 -32.84 67.53 -39.42
N LEU E 862 -33.66 68.42 -38.86
CA LEU E 862 -34.86 68.08 -38.06
C LEU E 862 -35.79 69.28 -38.02
N THR E 863 -37.08 69.07 -38.10
CA THR E 863 -38.08 70.14 -38.02
C THR E 863 -39.16 69.65 -37.09
N VAL E 864 -39.71 70.50 -36.27
CA VAL E 864 -40.74 70.00 -35.34
C VAL E 864 -42.10 70.49 -35.85
N CYS E 865 -43.05 69.57 -35.83
CA CYS E 865 -44.45 69.81 -36.17
C CYS E 865 -45.25 69.16 -35.05
N GLY E 866 -45.58 69.91 -34.02
CA GLY E 866 -46.32 69.39 -32.86
C GLY E 866 -47.79 69.42 -33.17
N ALA E 867 -48.43 68.25 -33.08
CA ALA E 867 -49.87 68.05 -33.34
C ALA E 867 -50.57 67.89 -31.99
N ILE E 868 -51.40 68.86 -31.61
CA ILE E 868 -52.23 68.80 -30.38
C ILE E 868 -53.49 68.02 -30.77
N ILE E 869 -53.45 66.71 -30.57
CA ILE E 869 -54.47 65.74 -31.02
C ILE E 869 -55.61 65.84 -30.03
N GLY E 870 -56.85 65.90 -30.55
CA GLY E 870 -58.07 66.07 -29.75
C GLY E 870 -58.91 64.81 -29.74
N TRP E 871 -60.20 64.95 -29.43
CA TRP E 871 -61.04 63.80 -29.01
C TRP E 871 -61.31 62.85 -30.19
N THR E 872 -60.66 61.71 -30.15
CA THR E 872 -60.68 60.66 -31.18
C THR E 872 -61.41 59.48 -30.58
N ARG E 873 -62.57 59.17 -31.16
CA ARG E 873 -63.44 58.03 -30.79
C ARG E 873 -62.70 56.74 -31.19
N GLY E 874 -62.76 55.70 -30.37
CA GLY E 874 -62.27 54.35 -30.71
C GLY E 874 -63.35 53.49 -31.32
N THR E 875 -63.17 52.17 -31.27
CA THR E 875 -64.09 51.13 -31.80
C THR E 875 -65.52 51.31 -31.26
N GLY E 876 -65.83 50.81 -30.05
CA GLY E 876 -67.23 50.68 -29.59
C GLY E 876 -67.39 50.57 -28.08
N LEU E 877 -68.02 51.59 -27.47
CA LEU E 877 -68.65 51.61 -26.11
C LEU E 877 -67.55 51.73 -25.03
N MET E 878 -66.74 50.70 -24.88
CA MET E 878 -65.63 50.65 -23.89
C MET E 878 -64.48 51.53 -24.38
N SER E 879 -64.09 51.37 -25.65
CA SER E 879 -62.94 52.08 -26.25
C SER E 879 -63.09 53.57 -25.98
N ALA E 880 -61.98 54.21 -25.57
CA ALA E 880 -61.88 55.64 -25.25
C ALA E 880 -62.95 55.96 -24.19
N ASN E 881 -63.70 57.05 -24.36
CA ASN E 881 -64.92 57.29 -23.54
C ASN E 881 -66.07 57.48 -24.51
N ASN E 882 -66.33 56.51 -25.39
CA ASN E 882 -67.30 56.67 -26.52
C ASN E 882 -68.70 57.08 -26.04
N ILE E 883 -69.14 56.59 -24.89
CA ILE E 883 -70.53 56.84 -24.38
C ILE E 883 -70.76 58.33 -24.09
N ILE E 884 -69.74 59.09 -23.69
CA ILE E 884 -69.93 60.54 -23.42
C ILE E 884 -69.53 61.44 -24.61
N ALA E 885 -69.07 60.88 -25.74
CA ALA E 885 -68.75 61.67 -26.96
C ALA E 885 -69.96 62.51 -27.37
N GLU E 886 -71.12 61.87 -27.54
CA GLU E 886 -72.37 62.55 -27.99
C GLU E 886 -72.57 63.79 -27.12
N GLY E 887 -72.33 63.66 -25.81
CA GLY E 887 -72.64 64.69 -24.80
C GLY E 887 -71.70 65.88 -24.87
N ILE E 888 -70.42 65.59 -25.08
CA ILE E 888 -69.35 66.59 -25.33
C ILE E 888 -69.64 67.33 -26.63
N GLU E 889 -70.09 66.63 -27.68
CA GLU E 889 -70.44 67.28 -28.97
C GLU E 889 -71.59 68.28 -28.80
N LYS E 890 -72.52 68.04 -27.87
CA LYS E 890 -73.65 68.96 -27.60
C LYS E 890 -73.16 70.33 -27.14
N MET E 891 -71.99 70.40 -26.48
CA MET E 891 -71.33 71.68 -26.05
C MET E 891 -70.86 72.54 -27.24
N GLY E 892 -70.76 71.99 -28.45
CA GLY E 892 -70.31 72.72 -29.65
C GLY E 892 -68.91 72.28 -30.07
N VAL E 893 -68.28 71.44 -29.25
CA VAL E 893 -67.03 70.69 -29.53
C VAL E 893 -67.25 69.69 -30.67
N ARG E 894 -66.20 69.36 -31.42
CA ARG E 894 -66.25 68.29 -32.42
C ARG E 894 -65.32 67.17 -31.99
N THR E 895 -65.80 65.93 -32.06
CA THR E 895 -64.96 64.73 -31.93
C THR E 895 -64.73 64.18 -33.32
N PHE E 896 -63.84 63.21 -33.42
CA PHE E 896 -63.29 62.71 -34.69
C PHE E 896 -63.30 61.18 -34.69
N SER E 897 -63.59 60.59 -35.83
CA SER E 897 -63.23 59.18 -36.07
C SER E 897 -61.72 59.12 -36.09
N GLN E 898 -61.15 57.95 -35.80
CA GLN E 898 -59.74 57.63 -36.08
C GLN E 898 -59.40 57.98 -37.53
N LYS E 899 -60.26 57.72 -38.51
CA LYS E 899 -59.92 58.02 -39.94
C LYS E 899 -59.87 59.52 -40.22
N GLU E 900 -60.63 60.35 -39.51
CA GLU E 900 -60.55 61.83 -39.58
C GLU E 900 -59.28 62.35 -38.87
N MET E 901 -58.98 61.86 -37.67
CA MET E 901 -57.74 62.23 -36.95
C MET E 901 -56.52 61.80 -37.79
N ALA E 902 -56.63 60.74 -38.59
CA ALA E 902 -55.51 60.27 -39.41
C ALA E 902 -55.30 61.31 -40.51
N PHE E 903 -56.40 61.81 -41.02
CA PHE E 903 -56.50 62.76 -42.13
C PHE E 903 -55.80 64.04 -41.74
N ASN E 904 -56.15 64.51 -40.55
CA ASN E 904 -55.66 65.78 -39.95
C ASN E 904 -54.14 65.73 -39.83
N LEU E 905 -53.60 64.63 -39.30
CA LEU E 905 -52.13 64.43 -39.11
C LEU E 905 -51.43 64.22 -40.43
N LEU E 906 -52.06 63.60 -41.45
CA LEU E 906 -51.47 63.50 -42.83
C LEU E 906 -51.49 64.86 -43.53
N GLY E 907 -52.41 65.75 -43.17
CA GLY E 907 -52.34 67.19 -43.43
C GLY E 907 -50.97 67.75 -43.11
N LEU E 908 -50.38 67.38 -41.98
CA LEU E 908 -49.11 67.98 -41.50
C LEU E 908 -47.91 67.50 -42.32
N LEU E 909 -48.11 66.59 -43.27
CA LEU E 909 -47.08 66.00 -44.13
C LEU E 909 -47.33 66.43 -45.57
N THR E 910 -48.23 67.40 -45.81
CA THR E 910 -48.52 67.92 -47.17
C THR E 910 -47.36 68.83 -47.51
N PRO E 911 -47.10 69.15 -48.79
CA PRO E 911 -45.97 70.01 -49.14
C PRO E 911 -46.05 71.44 -48.58
N GLU E 912 -47.23 71.98 -48.25
CA GLU E 912 -47.41 73.38 -47.76
C GLU E 912 -46.95 73.50 -46.29
N VAL E 913 -47.38 72.60 -45.43
CA VAL E 913 -47.03 72.61 -43.98
C VAL E 913 -45.71 71.86 -43.76
N VAL E 914 -45.16 71.15 -44.75
CA VAL E 914 -43.73 70.75 -44.73
C VAL E 914 -42.90 72.02 -44.94
N GLU E 915 -43.35 72.88 -45.87
CA GLU E 915 -42.66 74.16 -46.20
C GLU E 915 -42.58 75.05 -44.95
N LEU E 916 -43.65 75.25 -44.15
CA LEU E 916 -43.63 76.10 -42.90
C LEU E 916 -42.64 75.54 -41.86
N CYS E 917 -42.85 74.32 -41.39
CA CYS E 917 -41.95 73.53 -40.52
C CYS E 917 -40.46 73.85 -40.74
N GLN E 918 -40.05 74.00 -42.00
CA GLN E 918 -38.66 74.21 -42.44
C GLN E 918 -38.30 75.70 -42.25
N LYS E 919 -39.28 76.62 -42.27
CA LYS E 919 -39.07 78.03 -41.82
C LYS E 919 -38.91 78.13 -40.29
N SER E 920 -39.89 77.62 -39.54
CA SER E 920 -40.11 77.78 -38.09
C SER E 920 -40.89 76.56 -37.60
N PRO E 921 -40.82 76.15 -36.32
CA PRO E 921 -41.66 75.08 -35.81
C PRO E 921 -43.18 75.31 -35.97
N VAL E 922 -43.90 74.25 -36.36
CA VAL E 922 -45.37 74.32 -36.55
C VAL E 922 -46.12 73.69 -35.39
N MET E 923 -47.01 74.44 -34.75
CA MET E 923 -47.89 73.88 -33.69
C MET E 923 -49.31 73.82 -34.22
N ALA E 924 -49.76 72.60 -34.49
CA ALA E 924 -51.07 72.28 -35.09
C ALA E 924 -52.09 71.93 -34.01
N ASP E 925 -53.20 72.65 -33.93
CA ASP E 925 -54.28 72.38 -32.95
C ASP E 925 -55.40 71.57 -33.62
N LEU E 926 -55.31 70.24 -33.53
CA LEU E 926 -56.32 69.29 -34.08
C LEU E 926 -57.30 68.89 -32.97
N ASN E 927 -57.53 69.80 -32.05
CA ASN E 927 -58.45 69.64 -30.91
C ASN E 927 -59.64 70.49 -31.30
N GLY E 928 -60.81 69.89 -31.45
CA GLY E 928 -61.95 70.61 -32.05
C GLY E 928 -62.71 71.38 -31.00
N GLY E 929 -62.11 72.41 -30.42
CA GLY E 929 -62.79 73.33 -29.49
C GLY E 929 -62.86 72.83 -28.04
N LEU E 930 -62.22 71.73 -27.68
CA LEU E 930 -62.13 71.31 -26.25
C LEU E 930 -61.34 72.32 -25.41
N GLN E 931 -60.54 73.21 -26.02
CA GLN E 931 -59.87 74.31 -25.28
C GLN E 931 -60.92 75.03 -24.41
N PHE E 932 -62.12 75.24 -24.97
CA PHE E 932 -63.12 76.27 -24.56
C PHE E 932 -64.26 75.69 -23.72
N VAL E 933 -64.44 74.36 -23.65
CA VAL E 933 -65.34 73.73 -22.63
C VAL E 933 -64.63 73.83 -21.29
N PRO E 934 -65.08 74.68 -20.33
CA PRO E 934 -64.34 74.94 -19.09
C PRO E 934 -64.64 73.89 -18.01
N GLU E 935 -63.65 73.60 -17.16
CA GLU E 935 -63.69 72.49 -16.15
C GLU E 935 -64.14 71.20 -16.86
N LEU E 936 -63.38 70.78 -17.87
CA LEU E 936 -63.61 69.52 -18.63
C LEU E 936 -63.53 68.29 -17.72
N LYS E 937 -62.80 68.31 -16.61
CA LYS E 937 -62.69 67.08 -15.77
C LYS E 937 -64.08 66.80 -15.21
N GLU E 938 -64.63 67.82 -14.53
CA GLU E 938 -65.88 67.73 -13.75
C GLU E 938 -67.06 67.72 -14.73
N PHE E 939 -66.89 68.18 -15.97
CA PHE E 939 -67.97 68.15 -16.99
C PHE E 939 -68.20 66.71 -17.46
N THR E 940 -67.21 66.15 -18.13
CA THR E 940 -67.07 64.74 -18.52
C THR E 940 -67.57 63.79 -17.42
N ALA E 941 -67.37 64.12 -16.14
CA ALA E 941 -67.74 63.31 -14.95
C ALA E 941 -69.24 63.42 -14.66
N LYS E 942 -69.79 64.63 -14.77
CA LYS E 942 -71.24 64.90 -14.77
C LYS E 942 -71.94 64.12 -15.89
N LEU E 943 -71.37 64.07 -17.10
CA LEU E 943 -72.00 63.37 -18.23
C LEU E 943 -72.06 61.88 -17.94
N ARG E 944 -71.08 61.31 -17.25
CA ARG E 944 -71.02 59.84 -17.06
C ARG E 944 -72.05 59.46 -15.98
N LYS E 945 -72.09 60.23 -14.89
CA LYS E 945 -73.18 60.27 -13.88
C LYS E 945 -74.54 60.12 -14.58
N GLU E 946 -74.97 61.11 -15.38
CA GLU E 946 -76.33 61.21 -15.99
C GLU E 946 -76.67 59.96 -16.82
N LEU E 947 -75.71 59.34 -17.50
CA LEU E 947 -75.95 58.12 -18.30
C LEU E 947 -76.15 56.92 -17.37
N VAL E 948 -75.36 56.86 -16.32
CA VAL E 948 -75.36 55.73 -15.35
C VAL E 948 -76.64 55.81 -14.53
N GLU E 949 -76.85 56.93 -13.84
CA GLU E 949 -78.13 57.27 -13.14
C GLU E 949 -79.28 56.71 -13.97
N THR E 950 -79.53 57.27 -15.16
CA THR E 950 -80.62 56.85 -16.09
C THR E 950 -80.62 55.32 -16.33
N SER E 951 -79.51 54.73 -16.76
CA SER E 951 -79.32 53.28 -16.97
C SER E 951 -79.69 52.48 -15.70
N GLU E 952 -79.26 52.89 -14.51
CA GLU E 952 -79.48 52.15 -13.22
C GLU E 952 -80.95 52.19 -12.83
N VAL E 953 -81.60 53.37 -12.84
CA VAL E 953 -83.05 53.51 -12.46
C VAL E 953 -83.86 52.61 -13.39
N ARG E 954 -83.49 52.59 -14.66
CA ARG E 954 -84.24 51.91 -15.74
C ARG E 954 -84.08 50.40 -15.60
N LYS E 955 -82.93 49.96 -15.14
CA LYS E 955 -82.54 48.54 -14.99
C LYS E 955 -83.15 47.99 -13.69
N ALA E 956 -83.33 48.84 -12.68
CA ALA E 956 -83.94 48.50 -11.38
C ALA E 956 -85.45 48.33 -11.55
N VAL E 957 -86.11 49.21 -12.31
CA VAL E 957 -87.54 49.12 -12.72
C VAL E 957 -87.73 47.84 -13.56
N SER E 958 -86.78 47.50 -14.41
CA SER E 958 -86.86 46.31 -15.30
C SER E 958 -86.75 45.03 -14.47
N ILE E 959 -85.93 45.03 -13.40
CA ILE E 959 -85.73 43.83 -12.54
C ILE E 959 -87.02 43.55 -11.79
N GLU E 960 -87.58 44.57 -11.14
CA GLU E 960 -88.82 44.47 -10.33
C GLU E 960 -90.01 44.02 -11.21
N THR E 961 -90.20 44.59 -12.42
CA THR E 961 -91.30 44.19 -13.34
C THR E 961 -91.17 42.72 -13.75
N ALA E 962 -89.98 42.14 -13.73
CA ALA E 962 -89.74 40.71 -14.04
C ALA E 962 -90.14 39.85 -12.84
N LEU E 963 -89.61 40.18 -11.64
CA LEU E 963 -90.00 39.57 -10.34
C LEU E 963 -91.52 39.64 -10.13
N GLU E 964 -92.15 40.79 -10.37
CA GLU E 964 -93.60 41.06 -10.08
C GLU E 964 -94.47 40.66 -11.27
N HIS E 965 -94.02 39.62 -11.99
CA HIS E 965 -94.64 39.03 -13.21
C HIS E 965 -94.38 37.52 -13.18
N LYS E 966 -93.13 37.14 -12.87
CA LYS E 966 -92.70 35.81 -12.39
C LYS E 966 -93.58 35.35 -11.22
N VAL E 967 -93.98 36.26 -10.33
CA VAL E 967 -94.80 35.93 -9.12
C VAL E 967 -96.26 35.73 -9.53
N VAL E 968 -96.79 36.54 -10.45
CA VAL E 968 -98.19 36.46 -10.96
C VAL E 968 -98.34 35.27 -11.91
N ASN E 969 -97.29 34.86 -12.63
CA ASN E 969 -97.33 33.79 -13.66
C ASN E 969 -96.33 32.68 -13.32
N GLY E 970 -95.92 32.55 -12.04
CA GLY E 970 -95.04 31.47 -11.54
C GLY E 970 -93.93 31.09 -12.50
N ASN E 971 -93.97 29.84 -13.00
CA ASN E 971 -93.10 29.34 -14.09
C ASN E 971 -94.00 28.57 -15.08
N SER E 972 -95.01 29.29 -15.62
CA SER E 972 -96.07 28.82 -16.56
C SER E 972 -96.01 29.63 -17.88
N ALA E 973 -96.05 30.97 -17.79
CA ALA E 973 -95.86 31.95 -18.91
C ALA E 973 -94.42 32.52 -18.93
N ASP E 974 -93.56 32.13 -17.96
CA ASP E 974 -92.11 32.49 -17.86
C ASP E 974 -91.21 31.22 -18.00
N ALA E 975 -91.77 30.08 -18.43
CA ALA E 975 -91.09 28.75 -18.57
C ALA E 975 -91.46 28.03 -19.89
N ALA E 976 -92.68 28.20 -20.42
CA ALA E 976 -93.16 27.72 -21.75
C ALA E 976 -92.83 28.74 -22.87
N TYR E 977 -92.34 29.93 -22.48
CA TYR E 977 -91.78 31.02 -23.35
C TYR E 977 -90.57 30.52 -24.19
N ALA E 978 -89.80 29.54 -23.66
CA ALA E 978 -88.47 29.08 -24.15
C ALA E 978 -88.59 27.86 -25.11
N GLN E 979 -87.96 27.99 -26.30
CA GLN E 979 -88.05 27.11 -27.51
C GLN E 979 -87.05 25.95 -27.36
N VAL E 980 -86.99 25.07 -28.39
CA VAL E 980 -86.10 23.87 -28.49
C VAL E 980 -85.11 24.09 -29.64
N GLU E 981 -83.81 23.92 -29.39
CA GLU E 981 -82.72 24.20 -30.37
C GLU E 981 -82.11 22.89 -30.87
N ILE E 982 -81.66 22.93 -32.13
CA ILE E 982 -81.06 21.82 -32.88
C ILE E 982 -79.57 22.13 -33.04
N GLN E 983 -78.71 21.45 -32.27
CA GLN E 983 -77.25 21.46 -32.45
C GLN E 983 -76.89 20.52 -33.59
N PRO E 984 -76.21 20.99 -34.66
CA PRO E 984 -75.88 20.15 -35.80
C PRO E 984 -74.89 19.03 -35.47
N ARG E 985 -75.07 17.86 -36.07
CA ARG E 985 -74.09 16.76 -36.04
C ARG E 985 -73.37 16.74 -37.38
N ALA E 986 -72.19 16.13 -37.41
CA ALA E 986 -71.29 16.12 -38.57
C ALA E 986 -71.80 15.08 -39.58
N ASN E 987 -72.26 15.54 -40.73
CA ASN E 987 -72.68 14.64 -41.85
C ASN E 987 -71.57 14.67 -42.91
N ILE E 988 -70.45 14.03 -42.64
CA ILE E 988 -69.25 14.00 -43.53
C ILE E 988 -69.65 13.41 -44.90
N GLN E 989 -69.39 14.15 -45.98
CA GLN E 989 -69.76 13.78 -47.38
C GLN E 989 -68.51 13.35 -48.15
N LEU E 990 -68.69 12.50 -49.16
CA LEU E 990 -67.58 12.05 -50.05
C LEU E 990 -67.22 13.07 -51.15
N ASP E 991 -68.02 14.11 -51.41
CA ASP E 991 -67.69 15.19 -52.37
C ASP E 991 -67.44 14.54 -53.74
N PHE E 992 -68.38 13.74 -54.21
CA PHE E 992 -68.47 13.32 -55.62
C PHE E 992 -68.85 14.55 -56.44
N PRO E 993 -68.42 14.65 -57.72
CA PRO E 993 -68.66 15.84 -58.52
C PRO E 993 -70.11 15.99 -58.93
N GLU E 994 -70.65 17.22 -58.86
CA GLU E 994 -72.05 17.53 -59.24
C GLU E 994 -72.21 17.31 -60.73
N LEU E 995 -73.17 16.46 -61.13
CA LEU E 995 -73.52 16.21 -62.54
C LEU E 995 -74.73 17.05 -62.91
N LYS E 996 -74.53 17.94 -63.87
CA LYS E 996 -75.53 18.89 -64.40
C LYS E 996 -76.45 18.12 -65.35
N PRO E 997 -77.64 18.66 -65.68
CA PRO E 997 -78.48 18.06 -66.71
C PRO E 997 -77.83 18.16 -68.11
N TYR E 998 -78.05 17.15 -68.97
CA TYR E 998 -77.38 17.01 -70.29
C TYR E 998 -77.42 18.29 -71.12
N LYS E 999 -78.54 19.01 -71.11
CA LYS E 999 -78.75 20.21 -71.95
C LYS E 999 -77.74 21.29 -71.57
N GLN E 1000 -77.30 21.33 -70.31
CA GLN E 1000 -76.35 22.33 -69.74
C GLN E 1000 -74.89 21.92 -70.00
N VAL E 1001 -74.66 20.62 -70.15
CA VAL E 1001 -73.34 19.99 -70.42
C VAL E 1001 -72.93 20.22 -71.88
N LYS E 1002 -73.88 20.24 -72.82
CA LYS E 1002 -73.65 20.47 -74.27
C LYS E 1002 -73.38 21.95 -74.61
N GLN E 1003 -73.75 22.92 -73.77
CA GLN E 1003 -73.29 24.34 -73.92
C GLN E 1003 -71.75 24.39 -73.89
N ILE E 1004 -71.14 23.75 -72.89
CA ILE E 1004 -69.72 23.91 -72.46
C ILE E 1004 -68.76 23.52 -73.58
N ALA E 1005 -69.01 22.36 -74.20
CA ALA E 1005 -68.20 21.78 -75.29
C ALA E 1005 -68.83 22.15 -76.63
N PRO E 1006 -68.06 22.13 -77.74
CA PRO E 1006 -68.63 22.36 -79.08
C PRO E 1006 -69.32 21.11 -79.67
N ALA E 1007 -70.42 21.31 -80.40
CA ALA E 1007 -71.37 20.28 -80.89
C ALA E 1007 -70.68 19.20 -81.74
N GLU E 1008 -69.57 19.57 -82.37
CA GLU E 1008 -68.79 18.70 -83.28
C GLU E 1008 -68.12 17.57 -82.50
N LEU E 1009 -68.05 17.71 -81.17
CA LEU E 1009 -67.29 16.80 -80.29
C LEU E 1009 -68.01 15.46 -80.16
N GLU E 1010 -69.34 15.41 -80.30
CA GLU E 1010 -70.11 14.15 -80.19
C GLU E 1010 -69.65 13.14 -81.26
N GLY E 1011 -69.25 11.94 -80.83
CA GLY E 1011 -68.82 10.86 -81.75
C GLY E 1011 -67.42 11.05 -82.32
N LEU E 1012 -66.74 12.15 -81.96
CA LEU E 1012 -65.40 12.52 -82.49
C LEU E 1012 -64.28 11.89 -81.66
N LEU E 1013 -64.38 11.82 -80.32
CA LEU E 1013 -63.33 11.22 -79.45
C LEU E 1013 -63.50 9.70 -79.36
N ASP E 1014 -62.39 8.98 -79.38
CA ASP E 1014 -62.36 7.55 -78.94
C ASP E 1014 -62.25 7.51 -77.41
N LEU E 1015 -63.37 7.30 -76.75
CA LEU E 1015 -63.42 7.21 -75.29
C LEU E 1015 -62.61 6.03 -74.73
N GLU E 1016 -62.17 5.05 -75.52
CA GLU E 1016 -61.32 3.94 -75.01
C GLU E 1016 -59.91 4.47 -74.70
N ARG E 1017 -59.65 5.71 -75.06
CA ARG E 1017 -58.27 6.23 -75.16
C ARG E 1017 -58.24 7.66 -74.62
N VAL E 1018 -59.27 8.03 -73.85
CA VAL E 1018 -59.34 9.20 -72.94
C VAL E 1018 -59.18 8.69 -71.50
N ILE E 1019 -58.13 9.12 -70.82
CA ILE E 1019 -57.82 8.75 -69.43
C ILE E 1019 -58.52 9.74 -68.52
N VAL E 1020 -59.03 9.27 -67.41
CA VAL E 1020 -60.04 9.96 -66.56
C VAL E 1020 -59.64 9.57 -65.15
N VAL E 1021 -59.66 10.50 -64.22
CA VAL E 1021 -59.37 10.19 -62.79
C VAL E 1021 -60.71 9.97 -62.16
N THR E 1022 -60.78 8.92 -61.41
CA THR E 1022 -62.02 8.28 -60.97
C THR E 1022 -62.07 8.28 -59.45
N GLY E 1023 -60.96 8.51 -58.77
CA GLY E 1023 -60.88 8.61 -57.31
C GLY E 1023 -59.48 8.96 -56.87
N PHE E 1024 -59.36 9.59 -55.72
CA PHE E 1024 -58.07 9.98 -55.13
C PHE E 1024 -58.16 10.08 -53.62
N ALA E 1025 -57.01 10.05 -52.99
CA ALA E 1025 -56.85 10.04 -51.54
C ALA E 1025 -55.42 10.42 -51.19
N GLU E 1026 -55.20 10.64 -49.90
CA GLU E 1026 -53.89 10.95 -49.32
C GLU E 1026 -53.90 10.83 -47.80
N VAL E 1027 -52.71 10.64 -47.33
CA VAL E 1027 -52.28 10.60 -45.94
C VAL E 1027 -51.12 11.55 -45.95
N GLY E 1028 -51.27 12.65 -45.25
CA GLY E 1028 -50.15 13.54 -45.02
C GLY E 1028 -50.39 14.34 -43.77
N PRO E 1029 -49.60 15.39 -43.58
CA PRO E 1029 -49.71 16.28 -42.45
C PRO E 1029 -51.08 16.82 -42.03
N TRP E 1030 -52.07 16.90 -42.91
CA TRP E 1030 -53.39 17.45 -42.52
C TRP E 1030 -54.47 16.37 -42.63
N GLY E 1031 -54.05 15.13 -42.49
CA GLY E 1031 -54.92 13.96 -42.47
C GLY E 1031 -55.17 13.49 -43.86
N SER E 1032 -56.40 13.65 -44.33
CA SER E 1032 -56.92 13.13 -45.62
C SER E 1032 -57.02 14.27 -46.67
N ALA E 1033 -57.30 13.93 -47.92
CA ALA E 1033 -57.59 14.94 -48.98
C ALA E 1033 -58.78 15.82 -48.59
N ARG E 1034 -59.70 15.33 -47.76
CA ARG E 1034 -60.87 16.11 -47.32
C ARG E 1034 -60.40 17.20 -46.38
N THR E 1035 -59.69 16.81 -45.33
CA THR E 1035 -59.23 17.75 -44.30
C THR E 1035 -58.10 18.62 -44.83
N ARG E 1036 -57.27 18.15 -45.75
CA ARG E 1036 -56.21 19.02 -46.33
C ARG E 1036 -56.84 20.13 -47.15
N TRP E 1037 -57.92 19.84 -47.87
CA TRP E 1037 -58.62 20.83 -48.70
C TRP E 1037 -59.21 21.91 -47.84
N GLU E 1038 -59.80 21.55 -46.69
CA GLU E 1038 -60.41 22.54 -45.77
C GLU E 1038 -59.32 23.47 -45.25
N MET E 1039 -58.21 22.92 -44.81
CA MET E 1039 -57.09 23.74 -44.31
C MET E 1039 -56.46 24.60 -45.43
N GLU E 1040 -56.24 24.04 -46.61
CA GLU E 1040 -55.59 24.69 -47.77
C GLU E 1040 -56.44 25.88 -48.25
N ALA E 1041 -57.75 25.70 -48.34
CA ALA E 1041 -58.66 26.58 -49.10
C ALA E 1041 -59.32 27.62 -48.18
N PHE E 1042 -59.77 27.18 -46.99
CA PHE E 1042 -60.51 28.02 -46.02
C PHE E 1042 -59.66 28.40 -44.80
N GLY E 1043 -58.51 27.77 -44.62
CA GLY E 1043 -57.67 27.98 -43.44
C GLY E 1043 -58.29 27.61 -42.12
N GLU E 1044 -59.38 26.86 -42.10
CA GLU E 1044 -60.13 26.55 -40.86
C GLU E 1044 -61.01 25.34 -41.10
N PHE E 1045 -61.13 24.46 -40.11
CA PHE E 1045 -62.00 23.28 -40.22
C PHE E 1045 -63.45 23.65 -39.96
N SER E 1046 -64.33 22.96 -40.66
CA SER E 1046 -65.80 22.88 -40.49
C SER E 1046 -66.12 21.86 -39.39
N LEU E 1047 -67.39 21.66 -39.07
CA LEU E 1047 -67.81 20.65 -38.07
C LEU E 1047 -67.35 19.27 -38.55
N GLU E 1048 -67.53 19.00 -39.83
CA GLU E 1048 -67.15 17.73 -40.50
C GLU E 1048 -65.64 17.59 -40.54
N GLY E 1049 -64.94 18.70 -40.67
CA GLY E 1049 -63.46 18.71 -40.67
C GLY E 1049 -62.90 18.28 -39.34
N CYS E 1050 -63.37 18.93 -38.28
CA CYS E 1050 -63.03 18.67 -36.87
C CYS E 1050 -63.33 17.23 -36.46
N VAL E 1051 -64.48 16.70 -36.79
CA VAL E 1051 -64.81 15.30 -36.44
C VAL E 1051 -63.89 14.36 -37.22
N GLU E 1052 -63.65 14.58 -38.51
CA GLU E 1052 -62.75 13.68 -39.26
C GLU E 1052 -61.38 13.77 -38.60
N MET E 1053 -60.90 14.96 -38.23
CA MET E 1053 -59.51 15.08 -37.70
C MET E 1053 -59.45 14.45 -36.32
N ALA E 1054 -60.51 14.53 -35.55
CA ALA E 1054 -60.56 13.99 -34.18
C ALA E 1054 -60.60 12.46 -34.23
N TRP E 1055 -61.28 11.91 -35.21
CA TRP E 1055 -61.33 10.45 -35.45
C TRP E 1055 -59.97 9.97 -35.91
N ILE E 1056 -59.31 10.72 -36.79
CA ILE E 1056 -58.00 10.32 -37.38
C ILE E 1056 -56.96 10.25 -36.29
N MET E 1057 -56.82 11.34 -35.58
CA MET E 1057 -55.82 11.57 -34.51
C MET E 1057 -56.16 10.72 -33.28
N GLY E 1058 -57.34 10.10 -33.23
CA GLY E 1058 -57.69 9.16 -32.16
C GLY E 1058 -58.18 9.82 -30.89
N PHE E 1059 -58.60 11.08 -30.94
CA PHE E 1059 -59.22 11.81 -29.81
C PHE E 1059 -60.59 11.20 -29.50
N ILE E 1060 -61.33 10.77 -30.51
CA ILE E 1060 -62.72 10.27 -30.33
C ILE E 1060 -62.87 8.95 -31.06
N SER E 1061 -63.73 8.12 -30.53
CA SER E 1061 -63.94 6.76 -30.98
C SER E 1061 -65.40 6.45 -30.73
N TYR E 1062 -66.10 5.97 -31.72
CA TYR E 1062 -67.54 5.65 -31.61
C TYR E 1062 -67.66 4.46 -30.68
N HIS E 1063 -68.78 4.43 -30.00
CA HIS E 1063 -69.16 3.44 -28.98
C HIS E 1063 -70.60 3.07 -29.30
N ASN E 1064 -70.94 1.80 -29.23
CA ASN E 1064 -72.35 1.33 -29.37
C ASN E 1064 -72.48 0.09 -28.50
N GLY E 1065 -72.80 0.31 -27.23
CA GLY E 1065 -72.76 -0.76 -26.20
C GLY E 1065 -73.20 -0.25 -24.85
N ASN E 1066 -72.67 -0.85 -23.78
CA ASN E 1066 -72.91 -0.39 -22.38
C ASN E 1066 -71.74 0.48 -21.96
N LEU E 1067 -72.06 1.65 -21.39
CA LEU E 1067 -71.12 2.74 -21.07
C LEU E 1067 -71.49 3.25 -19.68
N LYS E 1068 -70.70 2.83 -18.68
CA LYS E 1068 -70.93 3.03 -17.23
C LYS E 1068 -72.40 2.72 -16.92
N GLY E 1069 -72.81 1.49 -17.24
CA GLY E 1069 -74.05 0.84 -16.75
C GLY E 1069 -75.16 0.89 -17.77
N ARG E 1070 -75.51 2.08 -18.22
CA ARG E 1070 -76.57 2.34 -19.20
C ARG E 1070 -76.07 1.95 -20.58
N PRO E 1071 -76.97 1.62 -21.55
CA PRO E 1071 -76.56 1.50 -22.95
C PRO E 1071 -76.45 2.88 -23.64
N TYR E 1072 -75.43 3.01 -24.50
CA TYR E 1072 -75.02 4.27 -25.17
C TYR E 1072 -74.61 3.98 -26.62
N THR E 1073 -74.82 4.99 -27.48
CA THR E 1073 -74.51 4.97 -28.93
C THR E 1073 -74.10 6.39 -29.31
N GLY E 1074 -72.84 6.57 -29.69
CA GLY E 1074 -72.32 7.92 -30.04
C GLY E 1074 -70.82 7.94 -29.96
N TRP E 1075 -70.24 9.15 -30.04
CA TRP E 1075 -68.79 9.37 -29.83
C TRP E 1075 -68.49 9.42 -28.33
N VAL E 1076 -67.22 9.34 -28.04
CA VAL E 1076 -66.64 9.04 -26.71
C VAL E 1076 -65.18 9.48 -26.77
N ASP E 1077 -64.71 10.29 -25.82
CA ASP E 1077 -63.26 10.62 -25.70
C ASP E 1077 -62.50 9.29 -25.58
N SER E 1078 -61.53 9.02 -26.46
CA SER E 1078 -60.86 7.71 -26.53
C SER E 1078 -60.03 7.45 -25.28
N LYS E 1079 -59.64 8.51 -24.57
CA LYS E 1079 -58.81 8.44 -23.34
C LYS E 1079 -59.72 8.09 -22.15
N THR E 1080 -60.64 8.98 -21.80
CA THR E 1080 -61.50 8.94 -20.59
C THR E 1080 -62.76 8.04 -20.75
N LYS E 1081 -63.08 7.60 -21.96
CA LYS E 1081 -64.38 7.03 -22.43
C LYS E 1081 -65.60 7.90 -22.06
N GLU E 1082 -65.45 9.20 -21.75
CA GLU E 1082 -66.61 10.09 -21.48
C GLU E 1082 -67.34 10.42 -22.78
N PRO E 1083 -68.69 10.39 -22.83
CA PRO E 1083 -69.43 10.93 -23.97
C PRO E 1083 -69.07 12.33 -24.46
N VAL E 1084 -69.07 12.50 -25.78
CA VAL E 1084 -68.80 13.76 -26.51
C VAL E 1084 -69.87 13.91 -27.57
N ASP E 1085 -70.35 15.13 -27.77
CA ASP E 1085 -71.26 15.46 -28.89
C ASP E 1085 -70.45 16.28 -29.88
N ASP E 1086 -70.79 16.17 -31.16
CA ASP E 1086 -70.06 16.83 -32.27
C ASP E 1086 -69.93 18.32 -31.96
N LYS E 1087 -70.99 18.96 -31.43
CA LYS E 1087 -71.01 20.39 -31.06
C LYS E 1087 -69.85 20.74 -30.11
N ASP E 1088 -69.42 19.81 -29.25
CA ASP E 1088 -68.38 20.02 -28.21
C ASP E 1088 -66.96 19.78 -28.76
N VAL E 1089 -66.83 19.16 -29.93
CA VAL E 1089 -65.54 18.65 -30.50
C VAL E 1089 -64.61 19.84 -30.82
N LYS E 1090 -65.10 20.88 -31.49
CA LYS E 1090 -64.30 22.09 -31.79
C LYS E 1090 -63.69 22.63 -30.49
N ALA E 1091 -64.51 22.78 -29.45
CA ALA E 1091 -64.11 23.37 -28.15
C ALA E 1091 -63.19 22.39 -27.40
N LYS E 1092 -63.45 21.09 -27.46
CA LYS E 1092 -62.62 20.11 -26.72
C LYS E 1092 -61.28 19.90 -27.45
N TYR E 1093 -61.31 19.73 -28.76
CA TYR E 1093 -60.14 19.17 -29.50
C TYR E 1093 -59.58 20.11 -30.57
N GLU E 1094 -60.27 21.13 -31.09
CA GLU E 1094 -59.69 21.94 -32.21
C GLU E 1094 -58.29 22.45 -31.86
N THR E 1095 -58.05 22.92 -30.66
CA THR E 1095 -56.74 23.45 -30.28
C THR E 1095 -55.72 22.30 -30.31
N SER E 1096 -56.05 21.16 -29.75
CA SER E 1096 -55.12 19.98 -29.70
C SER E 1096 -54.79 19.53 -31.12
N ILE E 1097 -55.81 19.42 -31.96
CA ILE E 1097 -55.75 19.08 -33.41
C ILE E 1097 -54.71 19.96 -34.10
N LEU E 1098 -54.79 21.27 -33.96
CA LEU E 1098 -53.90 22.21 -34.68
C LEU E 1098 -52.47 22.21 -34.12
N GLU E 1099 -52.22 21.97 -32.83
CA GLU E 1099 -50.85 21.83 -32.28
C GLU E 1099 -50.14 20.61 -32.90
N HIS E 1100 -50.86 19.52 -33.17
CA HIS E 1100 -50.27 18.20 -33.48
C HIS E 1100 -50.59 17.80 -34.92
N SER E 1101 -50.85 18.78 -35.77
CA SER E 1101 -51.03 18.59 -37.22
C SER E 1101 -50.04 19.47 -37.97
N GLY E 1102 -49.84 19.21 -39.25
CA GLY E 1102 -49.17 20.19 -40.11
C GLY E 1102 -47.71 20.23 -39.85
N ILE E 1103 -47.05 21.27 -40.30
CA ILE E 1103 -45.59 21.48 -40.11
C ILE E 1103 -45.40 21.95 -38.68
N ARG E 1104 -44.49 21.34 -37.94
CA ARG E 1104 -44.34 21.57 -36.50
C ARG E 1104 -43.02 20.96 -36.02
N LEU E 1105 -42.64 21.15 -34.76
CA LEU E 1105 -41.37 20.55 -34.29
C LEU E 1105 -41.51 19.04 -34.38
N ILE E 1106 -40.45 18.39 -34.81
CA ILE E 1106 -40.32 16.91 -34.90
C ILE E 1106 -40.71 16.34 -33.55
N GLU E 1107 -41.53 15.30 -33.57
CA GLU E 1107 -42.11 14.65 -32.38
C GLU E 1107 -41.39 13.32 -32.26
N PRO E 1108 -40.49 13.10 -31.28
CA PRO E 1108 -39.66 11.90 -31.24
C PRO E 1108 -40.36 10.54 -31.11
N GLU E 1109 -41.56 10.51 -30.54
CA GLU E 1109 -42.43 9.32 -30.39
C GLU E 1109 -42.84 8.82 -31.78
N LEU E 1110 -42.94 9.72 -32.76
CA LEU E 1110 -43.32 9.41 -34.16
C LEU E 1110 -42.13 8.81 -34.93
N PHE E 1111 -40.90 9.19 -34.61
CA PHE E 1111 -39.69 8.86 -35.41
C PHE E 1111 -38.77 7.96 -34.61
N ASN E 1112 -39.33 7.05 -33.79
CA ASN E 1112 -38.51 5.93 -33.21
C ASN E 1112 -37.54 6.57 -32.21
N GLY E 1113 -37.95 7.68 -31.59
CA GLY E 1113 -37.16 8.40 -30.58
C GLY E 1113 -36.12 9.34 -31.13
N TYR E 1114 -36.05 9.52 -32.45
CA TYR E 1114 -35.19 10.55 -33.09
C TYR E 1114 -35.43 11.91 -32.42
N ASN E 1115 -34.38 12.49 -31.84
CA ASN E 1115 -34.42 13.83 -31.24
C ASN E 1115 -33.37 14.67 -31.91
N PRO E 1116 -33.70 15.53 -32.89
CA PRO E 1116 -32.68 16.20 -33.69
C PRO E 1116 -31.74 17.09 -32.86
N GLU E 1117 -32.21 17.53 -31.69
CA GLU E 1117 -31.41 18.20 -30.65
C GLU E 1117 -30.35 17.25 -30.04
N LYS E 1118 -30.36 15.94 -30.34
CA LYS E 1118 -29.53 14.88 -29.68
C LYS E 1118 -29.35 13.64 -30.56
N LYS E 1119 -28.43 13.68 -31.51
CA LYS E 1119 -28.16 12.59 -32.47
C LYS E 1119 -27.08 11.62 -31.99
N GLU E 1120 -27.38 10.36 -31.63
CA GLU E 1120 -26.36 9.32 -31.27
C GLU E 1120 -25.46 9.14 -32.51
N MET E 1121 -24.22 9.64 -32.45
CA MET E 1121 -23.06 9.16 -33.23
C MET E 1121 -22.15 8.31 -32.33
N ILE E 1122 -21.08 7.74 -32.87
CA ILE E 1122 -20.09 6.96 -32.07
C ILE E 1122 -18.68 7.29 -32.58
N GLN E 1123 -17.73 7.49 -31.65
CA GLN E 1123 -16.31 7.73 -31.96
C GLN E 1123 -15.50 6.50 -31.62
N GLU E 1124 -14.50 6.19 -32.43
CA GLU E 1124 -13.58 5.03 -32.27
C GLU E 1124 -12.38 5.48 -31.42
N VAL E 1125 -12.30 5.03 -30.17
CA VAL E 1125 -11.16 5.27 -29.24
C VAL E 1125 -10.30 4.01 -29.17
N ILE E 1126 -8.98 4.18 -28.95
CA ILE E 1126 -8.09 3.07 -28.46
C ILE E 1126 -8.08 3.11 -26.92
N VAL E 1127 -8.26 1.94 -26.30
CA VAL E 1127 -8.18 1.72 -24.83
C VAL E 1127 -6.71 1.88 -24.45
N GLU E 1128 -6.39 2.89 -23.64
CA GLU E 1128 -5.03 3.10 -23.06
C GLU E 1128 -4.81 2.02 -22.01
N GLU E 1129 -5.76 1.83 -21.09
CA GLU E 1129 -5.63 0.89 -19.94
C GLU E 1129 -6.79 -0.10 -19.91
N ASP E 1130 -6.43 -1.40 -19.94
CA ASP E 1130 -7.30 -2.60 -19.75
C ASP E 1130 -8.56 -2.26 -18.92
N LEU E 1131 -9.64 -2.97 -19.20
CA LEU E 1131 -11.00 -2.72 -18.66
C LEU E 1131 -11.29 -3.72 -17.55
N GLU E 1132 -12.39 -3.53 -16.83
CA GLU E 1132 -12.89 -4.55 -15.88
C GLU E 1132 -13.57 -5.65 -16.67
N PRO E 1133 -13.25 -6.94 -16.40
CA PRO E 1133 -14.03 -8.06 -16.91
C PRO E 1133 -15.55 -7.84 -16.86
N PHE E 1134 -16.25 -8.26 -17.92
CA PHE E 1134 -17.72 -8.43 -17.95
C PHE E 1134 -18.04 -9.84 -18.42
N GLU E 1135 -19.16 -10.39 -17.98
CA GLU E 1135 -19.59 -11.75 -18.40
C GLU E 1135 -20.20 -11.68 -19.79
N ALA E 1136 -20.24 -12.83 -20.45
CA ALA E 1136 -20.81 -13.03 -21.79
C ALA E 1136 -20.97 -14.53 -22.00
N SER E 1137 -21.96 -14.97 -22.79
CA SER E 1137 -22.13 -16.39 -23.16
C SER E 1137 -20.87 -16.86 -23.88
N LYS E 1138 -20.75 -18.16 -24.08
CA LYS E 1138 -19.56 -18.78 -24.73
C LYS E 1138 -19.44 -18.22 -26.14
N GLU E 1139 -20.55 -18.12 -26.85
CA GLU E 1139 -20.58 -17.78 -28.30
C GLU E 1139 -20.27 -16.28 -28.48
N THR E 1140 -20.79 -15.42 -27.62
CA THR E 1140 -20.51 -13.96 -27.65
C THR E 1140 -19.05 -13.67 -27.30
N ALA E 1141 -18.48 -14.41 -26.37
CA ALA E 1141 -17.09 -14.24 -25.95
C ALA E 1141 -16.18 -14.61 -27.13
N GLU E 1142 -16.50 -15.69 -27.85
CA GLU E 1142 -15.71 -16.12 -29.03
C GLU E 1142 -15.81 -15.07 -30.16
N GLN E 1143 -16.91 -14.35 -30.21
CA GLN E 1143 -17.11 -13.22 -31.15
C GLN E 1143 -16.19 -12.07 -30.77
N PHE E 1144 -16.01 -11.78 -29.49
CA PHE E 1144 -15.06 -10.70 -29.06
C PHE E 1144 -13.63 -11.11 -29.37
N LYS E 1145 -13.34 -12.40 -29.24
CA LYS E 1145 -11.98 -12.95 -29.46
C LYS E 1145 -11.64 -12.84 -30.95
N HIS E 1146 -12.58 -13.27 -31.79
CA HIS E 1146 -12.44 -13.28 -33.27
C HIS E 1146 -12.13 -11.88 -33.82
N GLN E 1147 -12.79 -10.87 -33.27
CA GLN E 1147 -12.58 -9.44 -33.59
C GLN E 1147 -11.24 -8.93 -33.07
N HIS E 1148 -10.99 -9.05 -31.76
CA HIS E 1148 -9.91 -8.33 -31.04
C HIS E 1148 -8.60 -9.11 -31.06
N GLY E 1149 -8.63 -10.45 -31.05
CA GLY E 1149 -7.46 -11.33 -31.04
C GLY E 1149 -6.63 -11.22 -29.76
N ASP E 1150 -5.38 -10.76 -29.90
CA ASP E 1150 -4.41 -10.59 -28.78
C ASP E 1150 -4.95 -9.60 -27.74
N LYS E 1151 -5.76 -8.63 -28.19
CA LYS E 1151 -6.20 -7.46 -27.38
C LYS E 1151 -7.42 -7.81 -26.50
N VAL E 1152 -7.79 -9.07 -26.37
CA VAL E 1152 -8.91 -9.46 -25.47
C VAL E 1152 -8.50 -10.79 -24.82
N ASP E 1153 -8.90 -11.03 -23.58
CA ASP E 1153 -8.70 -12.33 -22.89
C ASP E 1153 -10.06 -12.85 -22.50
N ILE E 1154 -10.39 -14.04 -22.98
CA ILE E 1154 -11.68 -14.70 -22.63
C ILE E 1154 -11.31 -15.98 -21.92
N PHE E 1155 -12.01 -16.25 -20.82
CA PHE E 1155 -11.79 -17.36 -19.86
C PHE E 1155 -13.13 -17.87 -19.40
N GLU E 1156 -13.30 -19.20 -19.35
CA GLU E 1156 -14.50 -19.84 -18.76
C GLU E 1156 -14.53 -19.52 -17.25
N ILE E 1157 -15.72 -19.26 -16.73
CA ILE E 1157 -16.01 -19.12 -15.27
C ILE E 1157 -16.58 -20.47 -14.84
N PRO E 1158 -15.76 -21.40 -14.29
CA PRO E 1158 -16.03 -22.84 -14.37
C PRO E 1158 -17.38 -23.32 -13.78
N GLU E 1159 -17.92 -22.57 -12.81
CA GLU E 1159 -19.22 -22.84 -12.12
C GLU E 1159 -20.39 -22.68 -13.11
N THR E 1160 -20.53 -21.48 -13.69
CA THR E 1160 -21.69 -21.02 -14.50
C THR E 1160 -21.65 -21.65 -15.91
N GLY E 1161 -20.50 -21.54 -16.61
CA GLY E 1161 -20.33 -21.85 -18.05
C GLY E 1161 -20.17 -20.58 -18.89
N GLU E 1162 -20.50 -19.41 -18.30
CA GLU E 1162 -20.30 -18.04 -18.87
C GLU E 1162 -18.80 -17.78 -19.02
N TYR E 1163 -18.43 -16.66 -19.63
CA TYR E 1163 -17.02 -16.29 -19.93
C TYR E 1163 -16.74 -14.87 -19.43
N SER E 1164 -15.55 -14.64 -18.90
CA SER E 1164 -15.02 -13.30 -18.63
C SER E 1164 -14.50 -12.74 -19.97
N VAL E 1165 -14.59 -11.42 -20.17
CA VAL E 1165 -14.02 -10.73 -21.36
C VAL E 1165 -13.20 -9.57 -20.83
N LYS E 1166 -11.89 -9.75 -20.73
CA LYS E 1166 -10.96 -8.64 -20.43
C LYS E 1166 -10.63 -8.01 -21.77
N LEU E 1167 -10.98 -6.76 -21.95
CA LEU E 1167 -10.50 -5.99 -23.10
C LEU E 1167 -9.21 -5.31 -22.67
N LEU E 1168 -8.12 -5.60 -23.37
CA LEU E 1168 -6.74 -5.22 -22.97
C LEU E 1168 -6.35 -3.91 -23.64
N LYS E 1169 -5.13 -3.47 -23.34
CA LYS E 1169 -4.50 -2.23 -23.84
C LYS E 1169 -4.34 -2.37 -25.35
N GLY E 1170 -4.75 -1.37 -26.12
CA GLY E 1170 -4.61 -1.33 -27.59
C GLY E 1170 -5.88 -1.75 -28.31
N ALA E 1171 -6.87 -2.26 -27.58
CA ALA E 1171 -8.20 -2.67 -28.07
C ALA E 1171 -8.97 -1.41 -28.55
N THR E 1172 -9.81 -1.54 -29.59
CA THR E 1172 -10.73 -0.46 -30.04
C THR E 1172 -12.09 -0.63 -29.39
N LEU E 1173 -12.64 0.49 -28.98
CA LEU E 1173 -14.00 0.67 -28.45
C LEU E 1173 -14.66 1.74 -29.32
N TYR E 1174 -15.98 1.75 -29.26
CA TYR E 1174 -16.78 2.84 -29.81
C TYR E 1174 -17.47 3.46 -28.61
N ILE E 1175 -17.28 4.76 -28.46
CA ILE E 1175 -17.99 5.57 -27.42
C ILE E 1175 -18.99 6.45 -28.14
N PRO E 1176 -20.28 6.39 -27.75
CA PRO E 1176 -21.29 7.33 -28.19
C PRO E 1176 -21.02 8.80 -27.91
N LYS E 1177 -21.62 9.66 -28.72
CA LYS E 1177 -21.63 11.13 -28.53
C LYS E 1177 -22.87 11.71 -29.20
N ALA E 1178 -23.05 13.04 -29.20
CA ALA E 1178 -24.32 13.64 -29.59
C ALA E 1178 -24.09 14.99 -30.23
N LEU E 1179 -24.27 15.05 -31.56
CA LEU E 1179 -24.50 16.26 -32.38
C LEU E 1179 -25.80 16.92 -31.96
N ARG E 1180 -25.85 18.24 -32.06
CA ARG E 1180 -27.09 19.03 -32.03
C ARG E 1180 -27.33 19.40 -33.51
N PHE E 1181 -28.44 18.95 -34.06
CA PHE E 1181 -28.78 19.13 -35.49
C PHE E 1181 -29.76 20.30 -35.58
N ASP E 1182 -29.67 21.03 -36.68
CA ASP E 1182 -30.28 22.36 -36.87
C ASP E 1182 -31.53 22.24 -37.75
N ARG E 1183 -32.00 21.04 -38.12
CA ARG E 1183 -33.31 20.85 -38.81
C ARG E 1183 -34.31 20.17 -37.86
N LEU E 1184 -35.07 21.02 -37.13
CA LEU E 1184 -35.91 20.73 -35.94
C LEU E 1184 -37.38 20.53 -36.30
N VAL E 1185 -37.78 20.81 -37.54
CA VAL E 1185 -39.20 20.96 -37.97
C VAL E 1185 -39.47 20.08 -39.18
N ALA E 1186 -40.68 19.56 -39.32
CA ALA E 1186 -41.09 18.73 -40.48
C ALA E 1186 -42.59 18.61 -40.56
N GLY E 1187 -43.10 18.28 -41.75
CA GLY E 1187 -44.53 18.09 -42.03
C GLY E 1187 -44.85 16.67 -41.71
N GLN E 1188 -45.38 16.41 -40.53
CA GLN E 1188 -45.47 15.04 -39.99
C GLN E 1188 -46.94 14.68 -40.02
N ILE E 1189 -47.22 13.41 -40.18
CA ILE E 1189 -48.64 12.94 -40.16
C ILE E 1189 -49.19 13.33 -38.79
N PRO E 1190 -50.49 13.69 -38.68
CA PRO E 1190 -51.02 14.26 -37.44
C PRO E 1190 -50.85 13.29 -36.30
N THR E 1191 -50.33 13.74 -35.16
CA THR E 1191 -50.01 12.84 -34.02
C THR E 1191 -51.26 12.08 -33.63
N GLY E 1192 -51.18 10.78 -33.57
CA GLY E 1192 -52.36 9.97 -33.24
C GLY E 1192 -52.66 9.01 -34.33
N TRP E 1193 -52.44 9.42 -35.56
CA TRP E 1193 -52.67 8.63 -36.80
C TRP E 1193 -52.16 7.24 -36.52
N ASN E 1194 -53.00 6.25 -36.78
CA ASN E 1194 -52.72 4.84 -36.53
C ASN E 1194 -53.41 4.04 -37.64
N ALA E 1195 -52.71 3.10 -38.24
CA ALA E 1195 -53.29 2.21 -39.26
C ALA E 1195 -54.43 1.40 -38.65
N LYS E 1196 -54.44 1.14 -37.33
CA LYS E 1196 -55.56 0.43 -36.66
C LYS E 1196 -56.89 1.13 -36.92
N THR E 1197 -56.95 2.47 -36.92
CA THR E 1197 -58.26 3.16 -36.93
C THR E 1197 -58.89 2.89 -38.29
N TYR E 1198 -58.14 2.64 -39.33
CA TYR E 1198 -58.67 2.39 -40.68
C TYR E 1198 -59.09 0.92 -40.79
N GLY E 1199 -58.48 0.02 -40.04
CA GLY E 1199 -58.89 -1.40 -40.01
C GLY E 1199 -57.76 -2.36 -40.35
N ILE E 1200 -56.55 -1.85 -40.51
CA ILE E 1200 -55.34 -2.67 -40.73
C ILE E 1200 -55.01 -3.34 -39.41
N SER E 1201 -54.59 -4.60 -39.49
CA SER E 1201 -54.32 -5.52 -38.34
C SER E 1201 -52.87 -5.39 -37.82
N ASP E 1202 -52.65 -5.85 -36.59
CA ASP E 1202 -51.34 -5.81 -35.90
C ASP E 1202 -50.33 -6.75 -36.58
N ASP E 1203 -50.80 -7.87 -37.17
CA ASP E 1203 -49.95 -8.82 -37.92
C ASP E 1203 -49.32 -8.07 -39.12
N ILE E 1204 -50.13 -7.35 -39.88
CA ILE E 1204 -49.68 -6.56 -41.06
C ILE E 1204 -48.82 -5.41 -40.59
N ILE E 1205 -49.18 -4.76 -39.48
CA ILE E 1205 -48.45 -3.55 -38.99
C ILE E 1205 -47.05 -3.91 -38.52
N SER E 1206 -46.88 -5.06 -37.89
CA SER E 1206 -45.56 -5.58 -37.43
C SER E 1206 -44.67 -5.98 -38.62
N GLN E 1207 -45.26 -6.52 -39.68
CA GLN E 1207 -44.51 -7.12 -40.82
C GLN E 1207 -43.92 -6.02 -41.69
N VAL E 1208 -44.58 -4.89 -41.75
CA VAL E 1208 -44.49 -3.95 -42.92
C VAL E 1208 -43.83 -2.65 -42.48
N ASP E 1209 -43.10 -2.00 -43.38
CA ASP E 1209 -42.51 -0.65 -43.17
C ASP E 1209 -43.65 0.36 -43.03
N PRO E 1210 -43.56 1.36 -42.13
CA PRO E 1210 -44.62 2.38 -42.02
C PRO E 1210 -45.06 3.12 -43.29
N ILE E 1211 -44.19 3.36 -44.24
CA ILE E 1211 -44.60 3.99 -45.52
C ILE E 1211 -45.70 3.09 -46.18
N THR E 1212 -45.60 1.77 -46.07
CA THR E 1212 -46.59 0.85 -46.64
C THR E 1212 -47.93 0.99 -45.92
N LEU E 1213 -48.02 1.52 -44.72
CA LEU E 1213 -49.34 1.73 -44.04
C LEU E 1213 -50.00 2.97 -44.62
N PHE E 1214 -49.24 4.01 -44.82
CA PHE E 1214 -49.73 5.20 -45.53
C PHE E 1214 -50.27 4.75 -46.87
N VAL E 1215 -49.61 3.84 -47.57
CA VAL E 1215 -50.05 3.47 -48.95
C VAL E 1215 -51.37 2.71 -48.89
N LEU E 1216 -51.48 1.67 -48.08
CA LEU E 1216 -52.71 0.86 -47.97
C LEU E 1216 -53.90 1.75 -47.67
N VAL E 1217 -53.74 2.69 -46.78
CA VAL E 1217 -54.88 3.57 -46.40
C VAL E 1217 -55.23 4.50 -47.56
N SER E 1218 -54.26 5.05 -48.25
CA SER E 1218 -54.45 5.84 -49.49
C SER E 1218 -55.12 5.02 -50.61
N VAL E 1219 -54.84 3.75 -50.78
CA VAL E 1219 -55.46 2.96 -51.88
C VAL E 1219 -56.92 2.67 -51.53
N VAL E 1220 -57.26 2.43 -50.28
CA VAL E 1220 -58.66 2.20 -49.86
C VAL E 1220 -59.44 3.49 -50.00
N GLU E 1221 -59.02 4.51 -49.29
CA GLU E 1221 -59.66 5.84 -49.37
C GLU E 1221 -59.89 6.28 -50.82
N ALA E 1222 -59.02 5.91 -51.75
CA ALA E 1222 -59.07 6.28 -53.18
C ALA E 1222 -60.17 5.48 -53.88
N PHE E 1223 -60.21 4.18 -53.68
CA PHE E 1223 -61.31 3.31 -54.13
C PHE E 1223 -62.67 3.80 -53.58
N ILE E 1224 -62.80 4.27 -52.34
CA ILE E 1224 -64.07 4.88 -51.82
C ILE E 1224 -64.41 6.20 -52.54
N ALA E 1225 -63.47 7.12 -52.76
CA ALA E 1225 -63.67 8.31 -53.63
C ALA E 1225 -64.11 7.90 -55.05
N SER E 1226 -63.92 6.64 -55.43
CA SER E 1226 -64.31 6.11 -56.75
C SER E 1226 -65.57 5.26 -56.64
N GLY E 1227 -66.21 5.22 -55.47
CA GLY E 1227 -67.40 4.40 -55.19
C GLY E 1227 -67.17 2.92 -55.34
N ILE E 1228 -65.93 2.49 -55.33
CA ILE E 1228 -65.56 1.05 -55.43
C ILE E 1228 -65.17 0.69 -54.01
N THR E 1229 -66.13 0.16 -53.28
CA THR E 1229 -66.03 -0.22 -51.85
C THR E 1229 -65.38 -1.62 -51.78
N ASP E 1230 -65.64 -2.47 -52.79
CA ASP E 1230 -65.05 -3.83 -52.92
C ASP E 1230 -64.22 -3.90 -54.20
N PRO E 1231 -62.87 -3.82 -54.13
CA PRO E 1231 -62.04 -3.72 -55.33
C PRO E 1231 -62.35 -4.77 -56.40
N TYR E 1232 -62.73 -5.97 -55.96
CA TYR E 1232 -63.08 -7.11 -56.82
C TYR E 1232 -64.26 -6.79 -57.74
N GLU E 1233 -65.04 -5.75 -57.47
CA GLU E 1233 -66.10 -5.30 -58.41
C GLU E 1233 -65.50 -4.92 -59.75
N MET E 1234 -64.23 -4.57 -59.81
CA MET E 1234 -63.56 -4.15 -61.08
C MET E 1234 -63.66 -5.32 -62.05
N TYR E 1235 -63.54 -6.54 -61.53
CA TYR E 1235 -63.44 -7.79 -62.33
C TYR E 1235 -64.79 -8.29 -62.81
N LYS E 1236 -65.87 -7.51 -62.63
CA LYS E 1236 -67.12 -7.64 -63.41
C LYS E 1236 -66.97 -7.03 -64.82
N TYR E 1237 -66.07 -6.06 -65.00
CA TYR E 1237 -65.98 -5.22 -66.23
C TYR E 1237 -64.68 -5.41 -67.00
N VAL E 1238 -63.68 -6.05 -66.43
CA VAL E 1238 -62.27 -5.99 -66.88
C VAL E 1238 -61.60 -7.32 -66.50
N HIS E 1239 -60.64 -7.81 -67.26
CA HIS E 1239 -59.92 -9.06 -66.92
C HIS E 1239 -58.99 -8.77 -65.73
N VAL E 1240 -58.67 -9.79 -64.96
CA VAL E 1240 -57.66 -9.76 -63.87
C VAL E 1240 -56.32 -9.22 -64.41
N SER E 1241 -56.03 -9.36 -65.71
CA SER E 1241 -54.78 -8.84 -66.32
C SER E 1241 -54.88 -7.36 -66.71
N GLU E 1242 -55.94 -6.64 -66.38
CA GLU E 1242 -56.20 -5.28 -66.92
C GLU E 1242 -56.18 -4.22 -65.80
N VAL E 1243 -55.87 -4.61 -64.57
CA VAL E 1243 -55.62 -3.65 -63.45
C VAL E 1243 -54.14 -3.52 -63.14
N GLY E 1244 -53.63 -2.29 -63.14
CA GLY E 1244 -52.21 -2.01 -62.99
C GLY E 1244 -51.93 -1.26 -61.72
N ASN E 1245 -50.67 -1.28 -61.30
CA ASN E 1245 -50.12 -0.42 -60.25
C ASN E 1245 -48.89 0.23 -60.85
N CYS E 1246 -48.91 1.53 -61.04
CA CYS E 1246 -47.79 2.28 -61.64
C CYS E 1246 -47.37 3.36 -60.65
N SER E 1247 -47.62 3.16 -59.34
CA SER E 1247 -47.23 4.09 -58.25
C SER E 1247 -45.78 3.83 -57.86
N GLY E 1248 -45.13 4.77 -57.20
CA GLY E 1248 -43.74 4.55 -56.74
C GLY E 1248 -43.29 5.51 -55.64
N SER E 1249 -42.00 5.43 -55.30
CA SER E 1249 -41.34 6.20 -54.23
C SER E 1249 -40.02 6.70 -54.77
N GLY E 1250 -39.52 7.81 -54.22
CA GLY E 1250 -38.13 8.26 -54.41
C GLY E 1250 -37.10 7.40 -53.69
N MET E 1251 -37.38 6.91 -52.49
CA MET E 1251 -36.39 6.23 -51.62
C MET E 1251 -36.94 4.93 -51.01
N GLY E 1252 -38.25 4.83 -50.77
CA GLY E 1252 -38.90 3.57 -50.40
C GLY E 1252 -38.90 3.33 -48.90
N GLY E 1253 -38.82 2.05 -48.51
CA GLY E 1253 -38.87 1.59 -47.11
C GLY E 1253 -37.61 1.99 -46.37
N VAL E 1254 -37.60 3.19 -45.81
CA VAL E 1254 -36.35 3.88 -45.38
C VAL E 1254 -36.07 3.63 -43.89
N SER E 1255 -37.06 3.09 -43.17
CA SER E 1255 -36.98 2.49 -41.82
C SER E 1255 -36.45 1.06 -41.94
N ALA E 1256 -36.73 0.34 -43.04
CA ALA E 1256 -36.20 -1.02 -43.27
C ALA E 1256 -34.71 -0.94 -43.60
N LEU E 1257 -34.28 0.12 -44.26
CA LEU E 1257 -32.85 0.34 -44.62
C LEU E 1257 -32.06 0.62 -43.35
N ARG E 1258 -32.59 1.48 -42.47
CA ARG E 1258 -32.01 1.71 -41.13
C ARG E 1258 -31.85 0.38 -40.42
N GLY E 1259 -32.79 -0.55 -40.61
CA GLY E 1259 -32.76 -1.88 -40.00
C GLY E 1259 -31.58 -2.70 -40.45
N MET E 1260 -31.22 -2.67 -41.72
CA MET E 1260 -30.21 -3.57 -42.31
C MET E 1260 -28.83 -2.90 -42.31
N PHE E 1261 -28.74 -1.57 -42.20
CA PHE E 1261 -27.46 -0.81 -42.26
C PHE E 1261 -27.02 -0.31 -40.88
N LYS E 1262 -27.88 -0.31 -39.88
CA LYS E 1262 -27.57 0.25 -38.54
C LYS E 1262 -28.01 -0.72 -37.45
N ASP E 1263 -29.25 -1.18 -37.45
CA ASP E 1263 -29.82 -1.93 -36.32
C ASP E 1263 -29.15 -3.31 -36.24
N ARG E 1264 -28.83 -3.94 -37.37
CA ARG E 1264 -28.06 -5.20 -37.39
C ARG E 1264 -26.66 -5.00 -36.84
N PHE E 1265 -25.96 -3.97 -37.31
CA PHE E 1265 -24.61 -3.58 -36.85
C PHE E 1265 -24.59 -3.51 -35.30
N LYS E 1266 -25.62 -2.94 -34.70
CA LYS E 1266 -25.77 -2.80 -33.23
C LYS E 1266 -26.38 -4.05 -32.63
N ASP E 1267 -26.34 -5.17 -33.31
CA ASP E 1267 -26.98 -6.45 -32.89
C ASP E 1267 -28.29 -6.19 -32.11
N GLU E 1268 -29.10 -5.23 -32.55
CA GLU E 1268 -30.52 -5.08 -32.13
C GLU E 1268 -31.32 -6.16 -32.85
N PRO E 1269 -32.51 -6.56 -32.34
CA PRO E 1269 -33.38 -7.47 -33.07
C PRO E 1269 -34.10 -6.77 -34.26
N VAL E 1270 -34.00 -7.40 -35.42
CA VAL E 1270 -34.52 -6.95 -36.74
C VAL E 1270 -35.12 -8.19 -37.41
N GLN E 1271 -36.39 -8.13 -37.87
CA GLN E 1271 -37.08 -9.19 -38.65
C GLN E 1271 -36.16 -9.71 -39.78
N ASN E 1272 -36.10 -11.03 -40.00
CA ASN E 1272 -35.22 -11.66 -41.02
C ASN E 1272 -35.50 -11.14 -42.43
N ASP E 1273 -36.77 -10.90 -42.76
CA ASP E 1273 -37.23 -10.41 -44.08
C ASP E 1273 -37.21 -8.87 -44.17
N ILE E 1274 -36.38 -8.18 -43.40
CA ILE E 1274 -36.37 -6.70 -43.40
C ILE E 1274 -36.06 -6.20 -44.81
N LEU E 1275 -35.20 -6.89 -45.58
CA LEU E 1275 -34.75 -6.37 -46.90
C LEU E 1275 -35.95 -6.23 -47.84
N GLN E 1276 -36.84 -7.22 -47.88
CA GLN E 1276 -38.05 -7.20 -48.76
C GLN E 1276 -38.76 -5.86 -48.51
N GLU E 1277 -38.93 -5.45 -47.28
CA GLU E 1277 -39.70 -4.24 -46.90
C GLU E 1277 -39.06 -2.92 -47.37
N SER E 1278 -37.80 -2.91 -47.76
CA SER E 1278 -37.03 -1.68 -48.11
C SER E 1278 -37.25 -1.34 -49.58
N PHE E 1279 -37.47 -2.36 -50.42
CA PHE E 1279 -37.61 -2.21 -51.88
C PHE E 1279 -38.74 -1.24 -52.19
N ILE E 1280 -38.55 -0.41 -53.20
CA ILE E 1280 -39.55 0.63 -53.56
C ILE E 1280 -40.78 -0.05 -54.17
N ASN E 1281 -40.62 -1.28 -54.68
CA ASN E 1281 -41.74 -2.00 -55.34
C ASN E 1281 -42.57 -2.84 -54.35
N THR E 1282 -42.26 -2.87 -53.05
CA THR E 1282 -42.97 -3.77 -52.12
C THR E 1282 -44.28 -3.15 -51.71
N MET E 1283 -44.29 -1.85 -51.48
CA MET E 1283 -45.55 -1.16 -51.18
C MET E 1283 -46.62 -1.66 -52.16
N SER E 1284 -46.35 -1.63 -53.46
CA SER E 1284 -47.27 -2.10 -54.53
C SER E 1284 -47.59 -3.58 -54.36
N ALA E 1285 -46.60 -4.39 -54.12
CA ALA E 1285 -46.79 -5.82 -53.82
C ALA E 1285 -47.81 -6.02 -52.67
N TRP E 1286 -47.67 -5.35 -51.53
CA TRP E 1286 -48.67 -5.38 -50.43
C TRP E 1286 -50.06 -4.93 -50.88
N VAL E 1287 -50.17 -3.92 -51.71
CA VAL E 1287 -51.49 -3.43 -52.19
C VAL E 1287 -52.16 -4.53 -53.03
N ASN E 1288 -51.39 -5.22 -53.88
CA ASN E 1288 -51.89 -6.36 -54.68
C ASN E 1288 -52.21 -7.53 -53.78
N MET E 1289 -51.37 -7.77 -52.78
CA MET E 1289 -51.42 -8.98 -51.95
C MET E 1289 -52.55 -8.86 -50.94
N LEU E 1290 -53.04 -7.67 -50.65
CA LEU E 1290 -54.05 -7.43 -49.58
C LEU E 1290 -55.36 -6.88 -50.13
N LEU E 1291 -55.40 -6.21 -51.29
CA LEU E 1291 -56.68 -5.62 -51.80
C LEU E 1291 -57.04 -6.12 -53.19
N ILE E 1292 -56.16 -5.98 -54.18
CA ILE E 1292 -56.56 -5.94 -55.60
C ILE E 1292 -56.56 -7.35 -56.17
N SER E 1293 -55.49 -8.10 -55.95
CA SER E 1293 -55.26 -9.44 -56.54
C SER E 1293 -55.34 -9.38 -58.06
N SER E 1294 -54.79 -8.35 -58.69
CA SER E 1294 -54.67 -8.29 -60.16
C SER E 1294 -53.48 -9.12 -60.59
N SER E 1295 -53.43 -9.49 -61.87
CA SER E 1295 -52.23 -10.00 -62.57
C SER E 1295 -51.88 -8.99 -63.68
N GLY E 1296 -52.25 -7.75 -63.45
CA GLY E 1296 -52.00 -6.68 -64.42
C GLY E 1296 -50.63 -6.07 -64.24
N PRO E 1297 -50.29 -5.11 -65.10
CA PRO E 1297 -48.95 -4.55 -65.10
C PRO E 1297 -48.55 -4.01 -63.71
N ILE E 1298 -47.25 -3.85 -63.52
CA ILE E 1298 -46.66 -3.22 -62.32
C ILE E 1298 -45.36 -2.57 -62.76
N LYS E 1299 -45.41 -1.26 -62.91
CA LYS E 1299 -44.26 -0.50 -63.40
C LYS E 1299 -44.04 0.52 -62.30
N THR E 1300 -43.15 0.22 -61.38
CA THR E 1300 -42.82 1.06 -60.23
C THR E 1300 -41.79 2.09 -60.65
N PRO E 1301 -42.10 3.40 -60.76
CA PRO E 1301 -41.05 4.40 -60.94
C PRO E 1301 -40.32 4.96 -59.70
N VAL E 1302 -39.09 5.37 -59.91
CA VAL E 1302 -38.31 6.20 -58.97
C VAL E 1302 -38.00 7.50 -59.68
N GLY E 1303 -38.46 8.60 -59.15
CA GLY E 1303 -38.23 9.89 -59.81
C GLY E 1303 -37.93 10.97 -58.82
N ALA E 1304 -37.33 10.60 -57.69
CA ALA E 1304 -37.04 11.54 -56.59
C ALA E 1304 -38.32 12.34 -56.33
N CYS E 1305 -38.36 13.64 -56.59
CA CYS E 1305 -39.48 14.52 -56.20
C CYS E 1305 -40.53 14.58 -57.31
N ALA E 1306 -40.27 13.94 -58.46
CA ALA E 1306 -41.21 13.87 -59.61
C ALA E 1306 -41.70 12.44 -59.84
N THR E 1307 -41.76 11.59 -58.82
CA THR E 1307 -42.15 10.19 -59.06
C THR E 1307 -43.63 10.13 -59.36
N SER E 1308 -44.39 11.04 -58.77
CA SER E 1308 -45.87 11.07 -58.89
C SER E 1308 -46.30 11.43 -60.30
N VAL E 1309 -45.66 12.40 -60.96
CA VAL E 1309 -45.97 12.71 -62.39
C VAL E 1309 -45.44 11.58 -63.31
N GLU E 1310 -44.23 11.17 -63.16
CA GLU E 1310 -43.70 9.97 -63.85
C GLU E 1310 -44.69 8.82 -63.69
N SER E 1311 -45.31 8.65 -62.53
CA SER E 1311 -46.26 7.56 -62.24
C SER E 1311 -47.48 7.73 -63.13
N VAL E 1312 -48.03 8.94 -63.18
CA VAL E 1312 -49.18 9.30 -64.05
C VAL E 1312 -48.84 8.98 -65.51
N ASP E 1313 -47.75 9.55 -66.02
CA ASP E 1313 -47.20 9.30 -67.38
C ASP E 1313 -47.17 7.78 -67.64
N ILE E 1314 -46.50 7.01 -66.82
CA ILE E 1314 -46.43 5.54 -67.02
C ILE E 1314 -47.84 4.96 -67.01
N GLY E 1315 -48.68 5.41 -66.09
CA GLY E 1315 -50.06 4.93 -65.93
C GLY E 1315 -50.90 5.15 -67.16
N VAL E 1316 -50.84 6.34 -67.75
CA VAL E 1316 -51.52 6.70 -69.02
C VAL E 1316 -50.98 5.79 -70.15
N GLU E 1317 -49.69 5.80 -70.43
CA GLU E 1317 -49.07 5.00 -71.53
C GLU E 1317 -49.39 3.51 -71.36
N THR E 1318 -49.59 3.03 -70.15
CA THR E 1318 -49.94 1.62 -69.91
C THR E 1318 -51.39 1.40 -70.35
N ILE E 1319 -52.23 2.41 -70.22
CA ILE E 1319 -53.65 2.30 -70.62
C ILE E 1319 -53.74 2.47 -72.12
N LEU E 1320 -53.16 3.50 -72.70
CA LEU E 1320 -53.21 3.72 -74.17
C LEU E 1320 -52.42 2.66 -74.96
N SER E 1321 -51.68 1.76 -74.36
CA SER E 1321 -51.08 0.59 -75.05
C SER E 1321 -52.02 -0.61 -74.99
N GLY E 1322 -53.16 -0.45 -74.32
CA GLY E 1322 -54.09 -1.56 -74.06
C GLY E 1322 -53.44 -2.67 -73.26
N LYS E 1323 -52.55 -2.35 -72.34
CA LYS E 1323 -52.03 -3.35 -71.38
C LYS E 1323 -52.96 -3.37 -70.16
N ALA E 1324 -53.49 -2.22 -69.78
CA ALA E 1324 -54.38 -2.06 -68.61
C ALA E 1324 -55.52 -1.13 -68.96
N ARG E 1325 -56.65 -1.37 -68.32
CA ARG E 1325 -57.87 -0.56 -68.47
C ARG E 1325 -57.97 0.41 -67.28
N ILE E 1326 -57.57 -0.05 -66.10
CA ILE E 1326 -57.50 0.72 -64.83
C ILE E 1326 -56.06 0.69 -64.32
N CYS E 1327 -55.68 1.71 -63.59
CA CYS E 1327 -54.32 1.85 -63.04
C CYS E 1327 -54.37 2.62 -61.72
N ILE E 1328 -53.69 2.13 -60.71
CA ILE E 1328 -53.38 2.91 -59.50
C ILE E 1328 -52.06 3.61 -59.77
N VAL E 1329 -51.94 4.82 -59.30
CA VAL E 1329 -50.95 5.83 -59.78
C VAL E 1329 -50.69 6.72 -58.56
N GLY E 1330 -49.48 7.16 -58.33
CA GLY E 1330 -49.20 8.10 -57.21
C GLY E 1330 -47.82 7.91 -56.66
N GLY E 1331 -47.66 8.22 -55.39
CA GLY E 1331 -46.34 8.42 -54.78
C GLY E 1331 -46.44 8.41 -53.28
N TYR E 1332 -45.35 8.09 -52.63
CA TYR E 1332 -45.23 7.93 -51.17
C TYR E 1332 -43.77 8.11 -50.78
N ASP E 1333 -43.53 8.76 -49.65
CA ASP E 1333 -42.19 8.82 -49.03
C ASP E 1333 -42.36 9.03 -47.54
N ASP E 1334 -41.44 8.46 -46.76
CA ASP E 1334 -41.39 8.64 -45.28
C ASP E 1334 -40.31 9.66 -44.97
N PHE E 1335 -40.31 10.13 -43.73
CA PHE E 1335 -39.32 11.07 -43.15
C PHE E 1335 -38.66 10.29 -42.03
N GLN E 1336 -37.36 10.12 -42.10
CA GLN E 1336 -36.57 9.45 -41.05
C GLN E 1336 -35.32 10.28 -40.75
N GLU E 1337 -34.58 9.91 -39.71
CA GLU E 1337 -33.40 10.65 -39.19
C GLU E 1337 -32.34 10.76 -40.27
N GLU E 1338 -32.08 9.69 -41.00
CA GLU E 1338 -30.90 9.60 -41.90
C GLU E 1338 -31.08 10.55 -43.08
N GLY E 1339 -32.25 10.55 -43.71
CA GLY E 1339 -32.54 11.43 -44.85
C GLY E 1339 -32.60 12.89 -44.43
N SER E 1340 -33.19 13.20 -43.26
CA SER E 1340 -33.20 14.56 -42.70
C SER E 1340 -31.76 15.09 -42.64
N PHE E 1341 -30.86 14.34 -42.03
CA PHE E 1341 -29.43 14.70 -41.87
C PHE E 1341 -28.79 14.90 -43.25
N GLU E 1342 -29.06 14.03 -44.22
CA GLU E 1342 -28.36 14.06 -45.53
C GLU E 1342 -28.86 15.24 -46.37
N PHE E 1343 -30.16 15.53 -46.35
CA PHE E 1343 -30.75 16.73 -46.99
C PHE E 1343 -30.19 18.00 -46.36
N GLY E 1344 -29.73 17.96 -45.09
CA GLY E 1344 -29.04 19.05 -44.37
C GLY E 1344 -27.60 19.23 -44.84
N ASN E 1345 -26.84 18.14 -45.00
CA ASN E 1345 -25.45 18.18 -45.56
C ASN E 1345 -25.45 18.70 -47.02
N MET E 1346 -26.51 18.47 -47.80
CA MET E 1346 -26.71 19.01 -49.18
C MET E 1346 -27.19 20.47 -49.16
N LYS E 1347 -27.50 21.03 -48.00
CA LYS E 1347 -28.05 22.40 -47.77
C LYS E 1347 -29.33 22.63 -48.60
N ALA E 1348 -30.17 21.61 -48.75
CA ALA E 1348 -31.45 21.62 -49.51
C ALA E 1348 -32.62 22.09 -48.64
N THR E 1349 -32.69 21.60 -47.39
CA THR E 1349 -33.75 21.93 -46.41
C THR E 1349 -33.43 23.27 -45.78
N SER E 1350 -34.43 24.01 -45.27
CA SER E 1350 -34.24 25.21 -44.41
C SER E 1350 -33.55 24.84 -43.07
N ASN E 1351 -32.47 25.52 -42.74
CA ASN E 1351 -31.85 25.50 -41.37
C ASN E 1351 -32.83 26.14 -40.40
N THR E 1352 -33.39 25.37 -39.47
CA THR E 1352 -34.42 25.84 -38.53
C THR E 1352 -33.87 26.88 -37.56
N LEU E 1353 -32.57 26.90 -37.27
CA LEU E 1353 -31.99 27.86 -36.30
C LEU E 1353 -31.91 29.24 -36.96
N GLU E 1354 -31.38 29.34 -38.18
CA GLU E 1354 -31.50 30.54 -39.05
C GLU E 1354 -32.94 31.07 -39.04
N GLU E 1355 -33.94 30.20 -39.17
CA GLU E 1355 -35.34 30.60 -39.30
C GLU E 1355 -35.82 31.27 -38.02
N PHE E 1356 -35.36 30.75 -36.88
CA PHE E 1356 -35.67 31.29 -35.54
C PHE E 1356 -34.96 32.64 -35.39
N GLU E 1357 -33.75 32.82 -35.92
CA GLU E 1357 -33.07 34.15 -35.88
C GLU E 1357 -33.95 35.19 -36.56
N HIS E 1358 -34.45 34.87 -37.74
CA HIS E 1358 -35.37 35.70 -38.57
C HIS E 1358 -36.71 35.90 -37.87
N GLY E 1359 -36.89 35.32 -36.68
CA GLY E 1359 -38.18 35.33 -35.99
C GLY E 1359 -39.30 34.63 -36.74
N ARG E 1360 -39.01 33.61 -37.54
CA ARG E 1360 -40.08 32.78 -38.14
C ARG E 1360 -40.51 31.72 -37.15
N THR E 1361 -41.77 31.34 -37.26
CA THR E 1361 -42.42 30.19 -36.58
C THR E 1361 -42.49 29.02 -37.56
N PRO E 1362 -42.61 27.78 -37.09
CA PRO E 1362 -42.80 26.63 -37.99
C PRO E 1362 -43.82 26.80 -39.13
N ALA E 1363 -44.99 27.38 -38.88
CA ALA E 1363 -46.04 27.53 -39.91
C ALA E 1363 -45.42 28.24 -41.12
N GLU E 1364 -44.84 29.41 -40.87
CA GLU E 1364 -44.35 30.34 -41.91
C GLU E 1364 -42.94 29.99 -42.37
N MET E 1365 -42.54 28.71 -42.39
CA MET E 1365 -41.17 28.27 -42.77
C MET E 1365 -41.10 27.71 -44.21
N SER E 1366 -42.17 27.08 -44.71
CA SER E 1366 -42.36 26.81 -46.16
C SER E 1366 -43.03 28.02 -46.80
N ARG E 1367 -42.27 28.82 -47.56
CA ARG E 1367 -42.75 30.09 -48.15
C ARG E 1367 -42.30 30.19 -49.60
N PRO E 1368 -42.94 29.41 -50.49
CA PRO E 1368 -42.55 29.43 -51.90
C PRO E 1368 -42.76 30.80 -52.55
N ALA E 1369 -41.94 31.11 -53.55
CA ALA E 1369 -42.01 32.29 -54.46
C ALA E 1369 -41.68 33.60 -53.72
N THR E 1370 -41.15 33.50 -52.50
CA THR E 1370 -41.00 34.61 -51.54
C THR E 1370 -39.54 35.07 -51.58
N THR E 1371 -39.28 36.33 -51.26
CA THR E 1371 -37.93 36.95 -51.30
C THR E 1371 -36.95 36.14 -50.46
N THR E 1372 -37.43 35.71 -49.30
CA THR E 1372 -36.67 35.17 -48.15
C THR E 1372 -36.69 33.63 -48.11
N ARG E 1373 -37.20 32.96 -49.13
CA ARG E 1373 -37.19 31.48 -49.18
C ARG E 1373 -35.74 31.01 -49.08
N ASN E 1374 -35.49 29.99 -48.27
CA ASN E 1374 -34.13 29.50 -47.95
C ASN E 1374 -34.16 27.98 -47.73
N GLY E 1375 -34.85 27.24 -48.59
CA GLY E 1375 -34.80 25.77 -48.60
C GLY E 1375 -36.14 25.22 -48.23
N PHE E 1376 -36.31 23.92 -48.41
CA PHE E 1376 -37.61 23.23 -48.31
C PHE E 1376 -37.79 22.54 -46.94
N MET E 1377 -39.01 22.07 -46.74
CA MET E 1377 -39.55 21.53 -45.49
C MET E 1377 -39.92 20.07 -45.71
N GLU E 1378 -39.16 19.14 -45.20
CA GLU E 1378 -39.35 17.70 -45.44
C GLU E 1378 -40.69 17.32 -44.82
N ALA E 1379 -41.46 16.47 -45.49
CA ALA E 1379 -42.77 15.95 -45.06
C ALA E 1379 -42.87 14.46 -45.42
N GLN E 1380 -43.97 13.83 -45.06
CA GLN E 1380 -44.15 12.39 -45.27
C GLN E 1380 -45.58 12.07 -45.65
N GLY E 1381 -45.75 11.02 -46.45
CA GLY E 1381 -47.05 10.37 -46.66
C GLY E 1381 -47.22 9.88 -48.08
N ALA E 1382 -48.44 9.83 -48.55
CA ALA E 1382 -48.75 9.14 -49.80
C ALA E 1382 -49.89 9.88 -50.48
N GLY E 1383 -49.95 9.75 -51.79
CA GLY E 1383 -51.08 10.21 -52.61
C GLY E 1383 -51.39 9.18 -53.64
N ILE E 1384 -52.63 8.84 -53.81
CA ILE E 1384 -53.06 7.83 -54.81
C ILE E 1384 -54.17 8.42 -55.64
N GLN E 1385 -54.13 8.12 -56.93
CA GLN E 1385 -55.26 8.34 -57.86
C GLN E 1385 -55.59 7.02 -58.54
N ILE E 1386 -56.84 6.87 -58.94
CA ILE E 1386 -57.25 5.73 -59.77
C ILE E 1386 -57.63 6.32 -61.12
N ILE E 1387 -56.98 5.88 -62.18
CA ILE E 1387 -57.25 6.34 -63.55
C ILE E 1387 -57.78 5.19 -64.40
N MET E 1388 -58.73 5.47 -65.29
CA MET E 1388 -59.32 4.48 -66.21
C MET E 1388 -59.50 5.10 -67.58
N GLN E 1389 -59.69 4.22 -68.56
CA GLN E 1389 -60.36 4.56 -69.84
C GLN E 1389 -61.68 5.23 -69.52
N ALA E 1390 -62.04 6.32 -70.20
CA ALA E 1390 -63.31 7.05 -69.96
C ALA E 1390 -64.47 6.14 -70.24
N ASP E 1391 -64.37 5.38 -71.34
CA ASP E 1391 -65.31 4.33 -71.79
C ASP E 1391 -65.76 3.54 -70.58
N LEU E 1392 -64.79 3.00 -69.85
CA LEU E 1392 -64.98 2.01 -68.75
C LEU E 1392 -65.53 2.73 -67.54
N ALA E 1393 -65.17 3.98 -67.34
CA ALA E 1393 -65.71 4.82 -66.25
C ALA E 1393 -67.22 5.00 -66.46
N LEU E 1394 -67.66 5.29 -67.68
CA LEU E 1394 -69.08 5.58 -67.96
C LEU E 1394 -69.89 4.28 -67.86
N LYS E 1395 -69.33 3.17 -68.30
CA LYS E 1395 -69.93 1.83 -68.16
C LYS E 1395 -70.06 1.44 -66.68
N MET E 1396 -69.09 1.73 -65.81
CA MET E 1396 -69.10 1.37 -64.36
C MET E 1396 -69.92 2.40 -63.59
N GLY E 1397 -70.21 3.54 -64.17
CA GLY E 1397 -70.82 4.62 -63.40
C GLY E 1397 -70.00 4.88 -62.16
N VAL E 1398 -68.70 5.17 -62.35
CA VAL E 1398 -67.82 5.72 -61.29
C VAL E 1398 -67.75 7.21 -61.49
N PRO E 1399 -67.57 8.00 -60.41
CA PRO E 1399 -67.36 9.42 -60.52
C PRO E 1399 -66.10 9.73 -61.30
N ILE E 1400 -66.06 10.87 -61.97
CA ILE E 1400 -65.00 11.25 -62.92
C ILE E 1400 -64.61 12.65 -62.51
N TYR E 1401 -63.41 12.76 -61.91
CA TYR E 1401 -63.00 14.00 -61.26
C TYR E 1401 -62.21 14.87 -62.22
N GLY E 1402 -61.69 14.30 -63.27
CA GLY E 1402 -60.95 15.10 -64.25
C GLY E 1402 -60.43 14.22 -65.36
N ILE E 1403 -60.04 14.86 -66.44
CA ILE E 1403 -59.48 14.19 -67.62
C ILE E 1403 -57.99 14.45 -67.58
N VAL E 1404 -57.16 13.42 -67.69
CA VAL E 1404 -55.70 13.59 -67.83
C VAL E 1404 -55.38 13.77 -69.31
N ALA E 1405 -55.29 15.01 -69.74
CA ALA E 1405 -55.12 15.37 -71.14
C ALA E 1405 -53.73 14.97 -71.58
N MET E 1406 -52.72 15.29 -70.78
CA MET E 1406 -51.30 15.17 -71.13
C MET E 1406 -50.54 14.74 -69.88
N ALA E 1407 -49.47 13.98 -70.03
CA ALA E 1407 -48.52 13.72 -68.93
C ALA E 1407 -47.15 13.38 -69.48
N ALA E 1408 -46.15 14.22 -69.26
CA ALA E 1408 -44.80 14.09 -69.85
C ALA E 1408 -43.71 14.08 -68.78
N THR E 1409 -42.50 13.74 -69.20
CA THR E 1409 -41.25 13.73 -68.42
C THR E 1409 -40.12 14.16 -69.35
N ALA E 1410 -39.21 14.94 -68.83
CA ALA E 1410 -38.06 15.45 -69.56
C ALA E 1410 -36.86 15.40 -68.62
N THR E 1411 -35.67 15.14 -69.16
CA THR E 1411 -34.36 15.45 -68.54
C THR E 1411 -33.93 16.88 -68.95
N ASP E 1412 -32.71 17.28 -68.60
CA ASP E 1412 -32.11 18.60 -68.93
C ASP E 1412 -30.85 18.35 -69.77
N LYS E 1413 -29.84 19.21 -69.67
CA LYS E 1413 -28.63 19.17 -70.51
C LYS E 1413 -27.48 18.51 -69.76
N ILE E 1414 -26.28 18.58 -70.34
CA ILE E 1414 -24.95 18.26 -69.73
C ILE E 1414 -24.76 19.14 -68.50
N GLY E 1415 -24.44 18.50 -67.38
CA GLY E 1415 -24.20 19.18 -66.09
C GLY E 1415 -23.21 18.40 -65.25
N ARG E 1416 -22.89 18.91 -64.06
CA ARG E 1416 -22.15 18.19 -62.97
C ARG E 1416 -22.86 18.43 -61.62
N SER E 1417 -24.18 18.68 -61.62
CA SER E 1417 -25.04 18.96 -60.42
C SER E 1417 -26.37 18.19 -60.52
N VAL E 1418 -26.47 17.09 -59.77
CA VAL E 1418 -27.64 16.16 -59.76
C VAL E 1418 -28.85 16.86 -59.12
N PRO E 1419 -28.73 17.72 -58.06
CA PRO E 1419 -29.90 18.43 -57.55
C PRO E 1419 -30.36 19.70 -58.28
N ALA E 1420 -29.63 20.16 -59.30
CA ALA E 1420 -29.91 21.39 -60.09
C ALA E 1420 -31.11 21.19 -61.01
N PRO E 1421 -32.23 21.96 -60.87
CA PRO E 1421 -33.35 21.85 -61.80
C PRO E 1421 -33.05 22.52 -63.15
N GLY E 1422 -33.67 22.02 -64.22
CA GLY E 1422 -33.48 22.54 -65.59
C GLY E 1422 -34.78 22.86 -66.30
N LYS E 1423 -34.66 23.18 -67.57
CA LYS E 1423 -35.71 23.79 -68.42
C LYS E 1423 -36.30 22.74 -69.35
N GLY E 1424 -35.88 21.48 -69.24
CA GLY E 1424 -36.11 20.40 -70.21
C GLY E 1424 -37.57 20.09 -70.48
N ILE E 1425 -38.49 20.43 -69.56
CA ILE E 1425 -39.94 20.20 -69.72
C ILE E 1425 -40.55 21.26 -70.66
N LEU E 1426 -39.83 22.36 -71.00
CA LEU E 1426 -40.20 23.31 -72.10
C LEU E 1426 -40.64 22.58 -73.37
N THR E 1427 -40.07 21.42 -73.65
CA THR E 1427 -40.34 20.61 -74.85
C THR E 1427 -41.81 20.16 -74.94
N THR E 1428 -42.67 20.46 -73.96
CA THR E 1428 -44.10 20.10 -74.05
C THR E 1428 -44.82 21.19 -74.84
N ALA E 1429 -44.12 22.28 -75.13
CA ALA E 1429 -44.62 23.49 -75.84
C ALA E 1429 -43.82 23.66 -77.11
N ARG E 1430 -43.08 22.61 -77.52
CA ARG E 1430 -42.27 22.69 -78.74
C ARG E 1430 -43.27 22.71 -79.87
N GLU E 1431 -43.25 23.79 -80.67
CA GLU E 1431 -43.82 23.74 -82.04
C GLU E 1431 -43.07 24.66 -82.98
N HIS E 1432 -43.21 24.37 -84.27
CA HIS E 1432 -42.64 25.09 -85.44
C HIS E 1432 -43.46 26.33 -85.74
N HIS E 1433 -42.81 27.43 -86.13
CA HIS E 1433 -43.44 28.76 -86.36
C HIS E 1433 -42.86 29.43 -87.61
N SER E 1434 -42.01 28.73 -88.38
CA SER E 1434 -41.40 29.24 -89.64
C SER E 1434 -42.51 29.71 -90.58
N SER E 1435 -43.61 28.93 -90.64
CA SER E 1435 -44.72 28.98 -91.61
C SER E 1435 -46.07 29.18 -90.88
N VAL E 1436 -46.29 30.36 -90.30
CA VAL E 1436 -47.43 30.67 -89.38
C VAL E 1436 -48.29 31.82 -89.96
N LYS E 1437 -48.35 31.95 -91.28
CA LYS E 1437 -49.16 32.98 -91.99
C LYS E 1437 -50.64 32.59 -91.95
N TYR E 1438 -50.99 31.39 -92.43
CA TYR E 1438 -52.39 30.87 -92.52
C TYR E 1438 -52.61 29.73 -91.52
N ALA E 1439 -53.78 29.74 -90.87
CA ALA E 1439 -54.23 28.79 -89.81
C ALA E 1439 -54.31 27.36 -90.36
N SER E 1440 -53.64 26.41 -89.70
CA SER E 1440 -53.71 24.95 -89.95
C SER E 1440 -55.15 24.48 -89.74
N PRO E 1441 -55.77 23.77 -90.72
CA PRO E 1441 -57.14 23.28 -90.56
C PRO E 1441 -57.26 22.07 -89.63
N ASN E 1442 -56.14 21.42 -89.29
CA ASN E 1442 -56.05 20.27 -88.33
C ASN E 1442 -56.49 20.72 -86.92
N LEU E 1443 -56.38 22.02 -86.57
CA LEU E 1443 -56.86 22.59 -85.29
C LEU E 1443 -58.37 22.84 -85.31
N ASN E 1444 -58.96 23.20 -86.45
CA ASN E 1444 -60.44 23.40 -86.58
C ASN E 1444 -61.13 22.05 -86.36
N MET E 1445 -61.99 21.97 -85.36
CA MET E 1445 -62.72 20.73 -85.00
C MET E 1445 -63.77 20.41 -86.06
N LYS E 1446 -64.44 21.42 -86.64
CA LYS E 1446 -65.44 21.21 -87.74
C LYS E 1446 -64.82 20.37 -88.86
N TYR E 1447 -63.66 20.83 -89.38
CA TYR E 1447 -62.85 20.12 -90.39
C TYR E 1447 -62.64 18.68 -89.94
N ARG E 1448 -62.01 18.51 -88.79
CA ARG E 1448 -61.64 17.18 -88.22
C ARG E 1448 -62.87 16.27 -88.19
N LYS E 1449 -64.05 16.81 -87.88
CA LYS E 1449 -65.31 16.04 -87.74
C LYS E 1449 -65.84 15.66 -89.11
N ARG E 1450 -65.81 16.59 -90.08
CA ARG E 1450 -66.12 16.31 -91.52
C ARG E 1450 -65.32 15.10 -92.03
N GLN E 1451 -64.02 15.03 -91.74
CA GLN E 1451 -63.15 13.93 -92.24
C GLN E 1451 -63.60 12.61 -91.61
N LEU E 1452 -64.13 12.64 -90.38
CA LEU E 1452 -64.53 11.42 -89.64
C LEU E 1452 -65.84 10.88 -90.25
N VAL E 1453 -66.79 11.78 -90.56
CA VAL E 1453 -68.13 11.45 -91.13
C VAL E 1453 -67.92 10.75 -92.49
N THR E 1454 -67.02 11.31 -93.33
CA THR E 1454 -66.52 10.72 -94.59
C THR E 1454 -66.02 9.28 -94.33
N ARG E 1455 -65.03 9.13 -93.47
CA ARG E 1455 -64.35 7.84 -93.19
C ARG E 1455 -65.35 6.85 -92.55
N GLU E 1456 -66.45 7.32 -91.95
CA GLU E 1456 -67.47 6.44 -91.31
C GLU E 1456 -68.37 5.82 -92.38
N ALA E 1457 -68.71 6.61 -93.42
CA ALA E 1457 -69.37 6.14 -94.66
C ALA E 1457 -68.54 5.01 -95.30
N GLN E 1458 -67.23 5.22 -95.50
CA GLN E 1458 -66.29 4.21 -96.08
C GLN E 1458 -66.33 2.90 -95.29
N ILE E 1459 -66.45 2.97 -93.95
CA ILE E 1459 -66.44 1.77 -93.06
C ILE E 1459 -67.78 1.05 -93.19
N LYS E 1460 -68.89 1.79 -93.19
CA LYS E 1460 -70.27 1.30 -93.52
C LYS E 1460 -70.22 0.48 -94.82
N ASP E 1461 -69.69 1.05 -95.91
CA ASP E 1461 -69.48 0.36 -97.22
C ASP E 1461 -68.64 -0.90 -97.02
N TRP E 1462 -67.51 -0.76 -96.32
CA TRP E 1462 -66.57 -1.87 -96.03
C TRP E 1462 -67.32 -3.06 -95.38
N VAL E 1463 -68.26 -2.81 -94.45
CA VAL E 1463 -68.97 -3.90 -93.71
C VAL E 1463 -69.92 -4.62 -94.68
N GLU E 1464 -70.69 -3.90 -95.49
CA GLU E 1464 -71.57 -4.49 -96.55
C GLU E 1464 -70.77 -5.51 -97.38
N ASN E 1465 -69.63 -5.11 -97.94
CA ASN E 1465 -68.85 -5.91 -98.92
C ASN E 1465 -68.25 -7.16 -98.25
N GLU E 1466 -68.06 -7.17 -96.93
CA GLU E 1466 -67.54 -8.34 -96.16
C GLU E 1466 -68.70 -9.24 -95.70
N LEU E 1467 -69.95 -8.73 -95.69
CA LEU E 1467 -71.19 -9.51 -95.43
C LEU E 1467 -71.75 -10.09 -96.74
N GLU E 1468 -71.54 -9.42 -97.89
CA GLU E 1468 -71.74 -10.02 -99.24
C GLU E 1468 -70.80 -11.22 -99.39
N ALA E 1469 -69.50 -11.04 -99.10
CA ALA E 1469 -68.44 -12.06 -99.30
C ALA E 1469 -68.57 -13.18 -98.26
N LEU E 1470 -69.17 -12.93 -97.09
CA LEU E 1470 -69.40 -13.96 -96.03
C LEU E 1470 -70.61 -14.84 -96.39
N LYS E 1471 -71.57 -14.29 -97.14
CA LYS E 1471 -72.72 -15.05 -97.72
C LYS E 1471 -72.18 -16.00 -98.81
N LEU E 1472 -71.27 -15.54 -99.68
CA LEU E 1472 -70.66 -16.32 -100.82
C LEU E 1472 -69.61 -17.33 -100.32
N GLU E 1473 -69.29 -17.37 -99.03
CA GLU E 1473 -68.38 -18.39 -98.41
C GLU E 1473 -69.19 -19.39 -97.57
N ALA E 1474 -70.39 -19.01 -97.11
CA ALA E 1474 -71.31 -19.83 -96.28
C ALA E 1474 -72.02 -20.92 -97.10
N GLU E 1475 -72.24 -20.66 -98.40
CA GLU E 1475 -72.92 -21.57 -99.37
C GLU E 1475 -72.10 -22.88 -99.51
N GLU E 1476 -70.78 -22.77 -99.72
CA GLU E 1476 -69.83 -23.92 -99.93
C GLU E 1476 -69.75 -24.79 -98.66
N ILE E 1477 -70.03 -24.21 -97.48
CA ILE E 1477 -70.15 -24.94 -96.18
C ILE E 1477 -71.47 -25.73 -96.19
N PRO E 1478 -71.47 -27.05 -95.85
CA PRO E 1478 -72.71 -27.80 -95.64
C PRO E 1478 -73.66 -27.09 -94.66
N SER E 1479 -74.96 -26.96 -95.01
CA SER E 1479 -75.94 -26.08 -94.30
C SER E 1479 -76.29 -26.62 -92.89
N GLU E 1480 -75.82 -27.82 -92.54
CA GLU E 1480 -75.94 -28.43 -91.17
C GLU E 1480 -75.12 -27.63 -90.14
N ASP E 1481 -73.87 -27.23 -90.48
CA ASP E 1481 -72.86 -26.61 -89.57
C ASP E 1481 -72.31 -25.30 -90.17
N GLN E 1482 -73.15 -24.53 -90.89
CA GLN E 1482 -72.86 -23.17 -91.40
C GLN E 1482 -73.34 -22.11 -90.39
N ASN E 1483 -74.18 -22.49 -89.41
CA ASN E 1483 -74.60 -21.60 -88.30
C ASN E 1483 -73.35 -21.18 -87.50
N GLU E 1484 -72.48 -22.14 -87.15
CA GLU E 1484 -71.27 -21.93 -86.30
C GLU E 1484 -70.15 -21.21 -87.08
N PHE E 1485 -70.17 -21.27 -88.42
CA PHE E 1485 -69.30 -20.47 -89.32
C PHE E 1485 -69.72 -18.99 -89.28
N LEU E 1486 -71.03 -18.73 -89.36
CA LEU E 1486 -71.61 -17.36 -89.41
C LEU E 1486 -71.44 -16.66 -88.05
N LEU E 1487 -71.70 -17.36 -86.94
CA LEU E 1487 -71.53 -16.85 -85.55
C LEU E 1487 -70.07 -16.41 -85.34
N GLU E 1488 -69.11 -17.29 -85.67
CA GLU E 1488 -67.65 -17.04 -85.54
C GLU E 1488 -67.24 -15.83 -86.40
N ARG E 1489 -67.78 -15.73 -87.62
CA ARG E 1489 -67.20 -14.88 -88.70
C ARG E 1489 -67.99 -13.57 -88.91
N THR E 1490 -69.14 -13.38 -88.27
CA THR E 1490 -69.85 -12.06 -88.18
C THR E 1490 -69.31 -11.29 -86.98
N ARG E 1491 -68.97 -12.01 -85.91
CA ARG E 1491 -68.28 -11.51 -84.70
C ARG E 1491 -66.91 -10.94 -85.11
N GLU E 1492 -66.18 -11.63 -85.98
CA GLU E 1492 -64.87 -11.15 -86.54
C GLU E 1492 -65.06 -9.86 -87.37
N ILE E 1493 -66.19 -9.68 -88.06
CA ILE E 1493 -66.48 -8.47 -88.89
C ILE E 1493 -67.05 -7.36 -88.01
N HIS E 1494 -67.67 -7.70 -86.88
CA HIS E 1494 -68.08 -6.72 -85.83
C HIS E 1494 -66.82 -6.03 -85.30
N ASN E 1495 -65.87 -6.82 -84.78
CA ASN E 1495 -64.52 -6.38 -84.31
C ASN E 1495 -63.86 -5.46 -85.34
N GLU E 1496 -63.66 -5.93 -86.58
CA GLU E 1496 -62.86 -5.23 -87.60
C GLU E 1496 -63.55 -3.90 -87.96
N ALA E 1497 -64.89 -3.84 -87.89
CA ALA E 1497 -65.69 -2.61 -88.03
C ALA E 1497 -65.48 -1.67 -86.84
N GLU E 1498 -65.35 -2.24 -85.63
CA GLU E 1498 -65.15 -1.45 -84.38
C GLU E 1498 -63.75 -0.82 -84.43
N SER E 1499 -62.72 -1.65 -84.62
CA SER E 1499 -61.31 -1.22 -84.74
C SER E 1499 -61.25 -0.03 -85.68
N GLN E 1500 -61.86 -0.13 -86.86
CA GLN E 1500 -61.70 0.90 -87.92
C GLN E 1500 -62.39 2.20 -87.51
N LEU E 1501 -63.50 2.13 -86.77
CA LEU E 1501 -64.24 3.34 -86.30
C LEU E 1501 -63.43 4.02 -85.17
N ARG E 1502 -62.85 3.22 -84.26
CA ARG E 1502 -61.94 3.67 -83.17
C ARG E 1502 -60.69 4.32 -83.77
N ALA E 1503 -60.03 3.62 -84.70
CA ALA E 1503 -58.79 4.07 -85.37
C ALA E 1503 -59.02 5.40 -86.09
N ALA E 1504 -60.23 5.62 -86.60
CA ALA E 1504 -60.61 6.84 -87.33
C ALA E 1504 -60.86 7.96 -86.33
N GLN E 1505 -61.47 7.61 -85.20
CA GLN E 1505 -61.71 8.51 -84.04
C GLN E 1505 -60.36 8.91 -83.44
N GLN E 1506 -59.49 7.93 -83.24
CA GLN E 1506 -58.10 8.17 -82.74
C GLN E 1506 -57.39 9.16 -83.64
N GLN E 1507 -57.63 9.11 -84.96
CA GLN E 1507 -56.89 9.91 -85.97
C GLN E 1507 -57.38 11.35 -86.06
N TRP E 1508 -58.66 11.61 -85.86
CA TRP E 1508 -59.28 12.93 -86.06
C TRP E 1508 -59.67 13.57 -84.73
N GLY E 1509 -59.78 12.76 -83.66
CA GLY E 1509 -60.37 13.19 -82.38
C GLY E 1509 -59.35 13.35 -81.30
N ASN E 1510 -58.46 12.37 -81.18
CA ASN E 1510 -57.50 12.17 -80.07
C ASN E 1510 -56.05 12.48 -80.49
N ASP E 1511 -55.55 11.91 -81.59
CA ASP E 1511 -54.13 11.95 -82.04
C ASP E 1511 -53.98 12.76 -83.33
N PHE E 1512 -54.81 13.77 -83.54
CA PHE E 1512 -54.74 14.60 -84.76
C PHE E 1512 -53.41 15.35 -84.88
N TYR E 1513 -52.68 15.53 -83.77
CA TYR E 1513 -51.55 16.48 -83.64
C TYR E 1513 -50.23 15.76 -83.41
N LYS E 1514 -50.19 14.43 -83.41
CA LYS E 1514 -48.99 13.68 -82.98
C LYS E 1514 -47.91 13.71 -84.07
N ARG E 1515 -48.25 13.97 -85.31
CA ARG E 1515 -47.31 14.02 -86.47
C ARG E 1515 -47.42 15.38 -87.16
N ASP E 1516 -47.89 16.41 -86.44
CA ASP E 1516 -47.90 17.83 -86.90
C ASP E 1516 -46.92 18.62 -86.04
N PRO E 1517 -45.74 19.00 -86.57
CA PRO E 1517 -44.80 19.84 -85.81
C PRO E 1517 -45.23 21.30 -85.62
N ARG E 1518 -46.41 21.71 -86.07
CA ARG E 1518 -46.93 23.09 -85.88
C ARG E 1518 -47.93 23.10 -84.72
N ILE E 1519 -48.13 21.96 -84.07
CA ILE E 1519 -48.99 21.83 -82.86
C ILE E 1519 -48.17 21.23 -81.71
N ALA E 1520 -47.99 22.02 -80.67
CA ALA E 1520 -47.32 21.63 -79.40
C ALA E 1520 -48.14 20.55 -78.74
N PRO E 1521 -47.50 19.54 -78.14
CA PRO E 1521 -48.20 18.58 -77.27
C PRO E 1521 -49.19 19.19 -76.26
N LEU E 1522 -48.82 20.33 -75.67
CA LEU E 1522 -49.61 21.07 -74.66
C LEU E 1522 -50.86 21.64 -75.32
N ARG E 1523 -50.71 22.17 -76.53
CA ARG E 1523 -51.81 22.83 -77.27
C ARG E 1523 -52.78 21.78 -77.80
N GLY E 1524 -52.25 20.68 -78.33
CA GLY E 1524 -53.06 19.61 -78.92
C GLY E 1524 -53.92 18.96 -77.86
N ALA E 1525 -53.33 18.65 -76.72
CA ALA E 1525 -53.99 18.08 -75.54
C ALA E 1525 -55.27 18.86 -75.23
N LEU E 1526 -55.18 20.16 -75.26
CA LEU E 1526 -56.30 21.04 -74.85
C LEU E 1526 -57.25 21.22 -76.05
N ALA E 1527 -56.74 21.16 -77.28
CA ALA E 1527 -57.54 21.33 -78.51
C ALA E 1527 -58.47 20.13 -78.72
N THR E 1528 -58.13 18.96 -78.19
CA THR E 1528 -59.02 17.76 -78.27
C THR E 1528 -60.34 17.93 -77.51
N TYR E 1529 -60.60 19.05 -76.84
CA TYR E 1529 -61.92 19.32 -76.18
C TYR E 1529 -62.38 20.73 -76.53
N GLY E 1530 -61.78 21.34 -77.55
CA GLY E 1530 -62.13 22.72 -77.91
C GLY E 1530 -61.70 23.73 -76.87
N LEU E 1531 -60.61 23.44 -76.16
CA LEU E 1531 -60.00 24.44 -75.25
C LEU E 1531 -58.79 25.04 -75.96
N THR E 1532 -58.54 26.32 -75.70
CA THR E 1532 -57.35 27.06 -76.16
C THR E 1532 -56.36 27.11 -74.99
N ILE E 1533 -55.09 27.30 -75.31
CA ILE E 1533 -54.04 27.65 -74.34
C ILE E 1533 -54.55 28.72 -73.35
N ASP E 1534 -55.43 29.65 -73.76
CA ASP E 1534 -56.00 30.72 -72.89
C ASP E 1534 -57.01 30.18 -71.86
N ASP E 1535 -57.19 28.87 -71.72
CA ASP E 1535 -58.17 28.27 -70.77
C ASP E 1535 -57.45 27.53 -69.65
N LEU E 1536 -56.15 27.26 -69.78
CA LEU E 1536 -55.29 26.69 -68.71
C LEU E 1536 -55.30 27.67 -67.54
N GLY E 1537 -56.17 27.44 -66.58
CA GLY E 1537 -56.54 28.46 -65.58
C GLY E 1537 -55.47 28.68 -64.54
N VAL E 1538 -54.95 27.59 -64.03
CA VAL E 1538 -54.21 27.49 -62.77
C VAL E 1538 -52.97 26.62 -63.03
N ALA E 1539 -51.83 27.01 -62.49
CA ALA E 1539 -50.58 26.23 -62.59
C ALA E 1539 -50.17 25.91 -61.17
N SER E 1540 -50.04 24.62 -60.87
CA SER E 1540 -49.75 24.06 -59.55
C SER E 1540 -48.26 23.85 -59.57
N PHE E 1541 -47.54 24.77 -58.96
CA PHE E 1541 -46.06 24.84 -58.94
C PHE E 1541 -45.56 23.85 -57.91
N HIS E 1542 -44.57 23.05 -58.27
CA HIS E 1542 -43.71 22.26 -57.34
C HIS E 1542 -43.39 23.13 -56.13
N GLY E 1543 -42.86 24.32 -56.37
CA GLY E 1543 -42.75 25.40 -55.36
C GLY E 1543 -42.26 24.90 -54.02
N THR E 1544 -40.96 24.60 -53.94
CA THR E 1544 -40.35 23.87 -52.82
C THR E 1544 -39.92 24.84 -51.71
N SER E 1545 -39.94 26.15 -51.99
CA SER E 1545 -39.38 27.24 -51.15
C SER E 1545 -37.84 27.19 -51.24
N THR E 1546 -37.26 26.69 -52.34
CA THR E 1546 -35.82 26.81 -52.64
C THR E 1546 -35.60 27.98 -53.60
N LYS E 1547 -34.38 28.55 -53.59
CA LYS E 1547 -33.95 29.69 -54.44
C LYS E 1547 -34.03 29.30 -55.91
N ALA E 1548 -33.41 28.17 -56.25
CA ALA E 1548 -33.18 27.71 -57.64
C ALA E 1548 -34.48 27.20 -58.27
N ASN E 1549 -35.28 26.46 -57.51
CA ASN E 1549 -36.49 25.76 -58.01
C ASN E 1549 -37.58 26.76 -58.38
N ASP E 1550 -37.84 27.74 -57.53
CA ASP E 1550 -39.04 28.62 -57.62
C ASP E 1550 -38.80 29.72 -58.65
N LYS E 1551 -37.55 30.00 -59.02
CA LYS E 1551 -37.24 30.89 -60.17
C LYS E 1551 -37.28 30.09 -61.48
N ASN E 1552 -36.60 28.94 -61.52
CA ASN E 1552 -36.55 28.03 -62.67
C ASN E 1552 -37.95 27.62 -63.12
N GLU E 1553 -38.86 27.34 -62.20
CA GLU E 1553 -40.25 26.88 -62.51
C GLU E 1553 -41.12 28.04 -63.03
N SER E 1554 -41.10 29.19 -62.40
CA SER E 1554 -41.82 30.40 -62.87
C SER E 1554 -41.34 30.79 -64.28
N ALA E 1555 -40.07 30.58 -64.58
CA ALA E 1555 -39.45 30.96 -65.86
C ALA E 1555 -39.90 29.99 -66.96
N THR E 1556 -40.02 28.70 -66.65
CA THR E 1556 -40.32 27.64 -67.63
C THR E 1556 -41.82 27.65 -67.92
N ILE E 1557 -42.67 28.11 -67.01
CA ILE E 1557 -44.12 28.26 -67.27
C ILE E 1557 -44.30 29.55 -68.07
N ASN E 1558 -43.49 30.55 -67.83
CA ASN E 1558 -43.63 31.83 -68.54
C ASN E 1558 -43.21 31.59 -69.98
N GLU E 1559 -42.19 30.76 -70.21
CA GLU E 1559 -41.66 30.58 -71.58
C GLU E 1559 -42.57 29.60 -72.35
N MET E 1560 -43.23 28.65 -71.69
CA MET E 1560 -44.27 27.77 -72.30
C MET E 1560 -45.40 28.61 -72.86
N MET E 1561 -45.85 29.60 -72.07
CA MET E 1561 -47.06 30.41 -72.31
C MET E 1561 -46.74 31.47 -73.34
N LYS E 1562 -45.49 31.88 -73.45
CA LYS E 1562 -45.10 32.97 -74.39
C LYS E 1562 -45.08 32.38 -75.80
N HIS E 1563 -44.63 31.12 -75.90
CA HIS E 1563 -44.39 30.41 -77.17
C HIS E 1563 -45.72 29.99 -77.79
N LEU E 1564 -46.73 29.72 -76.99
CA LEU E 1564 -48.08 29.32 -77.47
C LEU E 1564 -49.06 30.52 -77.43
N GLY E 1565 -48.55 31.75 -77.46
CA GLY E 1565 -49.41 32.94 -77.64
C GLY E 1565 -50.61 32.94 -76.72
N ARG E 1566 -50.36 32.75 -75.44
CA ARG E 1566 -51.24 33.11 -74.32
C ARG E 1566 -51.46 34.62 -74.35
N SER E 1567 -52.71 35.08 -74.30
CA SER E 1567 -53.07 36.51 -74.38
C SER E 1567 -52.29 37.32 -73.34
N GLU E 1568 -51.70 38.46 -73.73
CA GLU E 1568 -51.13 39.42 -72.75
C GLU E 1568 -52.27 39.83 -71.83
N GLY E 1569 -52.06 39.67 -70.53
CA GLY E 1569 -53.05 40.01 -69.50
C GLY E 1569 -53.80 38.82 -68.98
N ASN E 1570 -53.52 37.61 -69.49
CA ASN E 1570 -54.16 36.38 -68.98
C ASN E 1570 -53.09 35.50 -68.39
N PRO E 1571 -52.66 35.74 -67.15
CA PRO E 1571 -51.62 34.90 -66.56
C PRO E 1571 -52.19 33.66 -65.89
N VAL E 1572 -51.46 32.56 -65.91
CA VAL E 1572 -51.80 31.36 -65.11
C VAL E 1572 -51.67 31.76 -63.63
N ILE E 1573 -52.62 31.34 -62.84
CA ILE E 1573 -52.66 31.62 -61.39
C ILE E 1573 -51.87 30.51 -60.73
N GLY E 1574 -50.76 30.84 -60.09
CA GLY E 1574 -49.91 29.85 -59.43
C GLY E 1574 -50.57 29.35 -58.14
N VAL E 1575 -50.37 28.09 -57.78
CA VAL E 1575 -50.76 27.61 -56.44
C VAL E 1575 -49.65 26.76 -55.89
N PHE E 1576 -49.22 27.10 -54.68
CA PHE E 1576 -48.04 26.50 -54.02
C PHE E 1576 -48.52 25.77 -52.76
N GLN E 1577 -49.10 24.59 -52.95
CA GLN E 1577 -49.69 23.73 -51.90
C GLN E 1577 -48.70 23.52 -50.74
N LYS E 1578 -47.41 23.36 -51.06
CA LYS E 1578 -46.34 23.02 -50.10
C LYS E 1578 -46.17 24.07 -49.03
N PHE E 1579 -46.76 25.27 -49.13
CA PHE E 1579 -46.71 26.22 -48.00
C PHE E 1579 -47.25 25.55 -46.71
N LEU E 1580 -48.13 24.57 -46.89
CA LEU E 1580 -49.05 24.02 -45.88
C LEU E 1580 -48.69 22.58 -45.57
N THR E 1581 -48.17 21.83 -46.53
CA THR E 1581 -47.91 20.37 -46.42
C THR E 1581 -46.41 20.11 -46.33
N GLY E 1582 -45.58 21.04 -46.78
CA GLY E 1582 -44.15 20.80 -46.99
C GLY E 1582 -43.94 19.80 -48.10
N HIS E 1583 -42.69 19.40 -48.32
CA HIS E 1583 -42.24 18.66 -49.50
C HIS E 1583 -42.09 17.19 -49.16
N PRO E 1584 -43.02 16.33 -49.58
CA PRO E 1584 -42.93 14.92 -49.27
C PRO E 1584 -42.18 14.05 -50.25
N LYS E 1585 -41.30 14.66 -51.05
CA LYS E 1585 -40.45 14.02 -52.08
C LYS E 1585 -41.34 13.25 -53.07
N GLY E 1586 -41.40 11.93 -52.97
CA GLY E 1586 -42.03 11.07 -53.98
C GLY E 1586 -43.52 11.34 -54.11
N ALA E 1587 -44.13 11.92 -53.09
CA ALA E 1587 -45.61 12.11 -53.01
C ALA E 1587 -45.99 13.49 -53.50
N ALA E 1588 -45.02 14.34 -53.80
CA ALA E 1588 -45.26 15.79 -53.94
C ALA E 1588 -46.34 15.98 -55.00
N GLY E 1589 -46.18 15.30 -56.13
CA GLY E 1589 -47.01 15.40 -57.34
C GLY E 1589 -48.39 14.84 -57.10
N ALA E 1590 -48.49 13.74 -56.37
CA ALA E 1590 -49.81 13.17 -56.03
C ALA E 1590 -50.61 14.19 -55.21
N TRP E 1591 -50.01 14.86 -54.24
CA TRP E 1591 -50.77 15.85 -53.44
C TRP E 1591 -51.20 17.02 -54.33
N MET E 1592 -50.31 17.51 -55.17
CA MET E 1592 -50.57 18.61 -56.10
C MET E 1592 -51.71 18.22 -57.04
N MET E 1593 -51.80 16.95 -57.41
CA MET E 1593 -52.79 16.40 -58.36
C MET E 1593 -54.17 16.37 -57.66
N ASN E 1594 -54.26 15.72 -56.51
CA ASN E 1594 -55.44 15.78 -55.63
C ASN E 1594 -55.90 17.22 -55.53
N GLY E 1595 -55.03 18.15 -55.20
CA GLY E 1595 -55.39 19.57 -55.08
C GLY E 1595 -56.00 20.11 -56.36
N ALA E 1596 -55.40 19.78 -57.49
CA ALA E 1596 -55.79 20.21 -58.85
C ALA E 1596 -57.19 19.71 -59.20
N LEU E 1597 -57.54 18.49 -58.77
CA LEU E 1597 -58.90 17.94 -58.95
C LEU E 1597 -59.89 18.66 -58.03
N GLN E 1598 -59.53 18.90 -56.79
CA GLN E 1598 -60.33 19.69 -55.85
C GLN E 1598 -60.53 21.12 -56.40
N ILE E 1599 -59.50 21.74 -56.96
CA ILE E 1599 -59.64 23.09 -57.59
C ILE E 1599 -60.62 22.96 -58.75
N LEU E 1600 -60.43 21.99 -59.65
CA LEU E 1600 -61.26 21.85 -60.87
C LEU E 1600 -62.74 21.82 -60.50
N ASN E 1601 -63.09 21.05 -59.49
CA ASN E 1601 -64.48 20.64 -59.25
C ASN E 1601 -65.19 21.71 -58.42
N SER E 1602 -64.47 22.42 -57.59
CA SER E 1602 -64.98 23.51 -56.71
C SER E 1602 -64.91 24.87 -57.40
N GLY E 1603 -63.88 25.09 -58.20
CA GLY E 1603 -63.60 26.37 -58.86
C GLY E 1603 -63.04 27.38 -57.90
N ILE E 1604 -62.57 26.90 -56.75
CA ILE E 1604 -61.90 27.70 -55.70
C ILE E 1604 -60.42 27.51 -55.92
N ILE E 1605 -59.67 28.59 -56.05
CA ILE E 1605 -58.19 28.54 -56.15
C ILE E 1605 -57.65 28.93 -54.80
N PRO E 1606 -57.01 28.05 -54.02
CA PRO E 1606 -56.46 28.45 -52.72
C PRO E 1606 -55.20 29.31 -52.82
N GLY E 1607 -55.06 30.26 -51.92
CA GLY E 1607 -53.91 31.20 -51.83
C GLY E 1607 -52.79 30.67 -50.98
N ASN E 1608 -51.54 31.00 -51.35
CA ASN E 1608 -50.28 30.76 -50.59
C ASN E 1608 -50.30 31.74 -49.44
N ARG E 1609 -50.84 31.33 -48.30
CA ARG E 1609 -51.00 32.19 -47.11
C ARG E 1609 -49.64 32.64 -46.56
N ASN E 1610 -48.54 31.96 -46.83
CA ASN E 1610 -47.18 32.36 -46.42
C ASN E 1610 -46.45 33.13 -47.51
N ALA E 1611 -47.11 33.67 -48.52
CA ALA E 1611 -46.46 34.60 -49.48
C ALA E 1611 -46.57 35.98 -48.88
N ASP E 1612 -45.69 36.26 -47.92
CA ASP E 1612 -45.50 37.58 -47.27
C ASP E 1612 -45.27 38.56 -48.42
N ASN E 1613 -44.27 38.23 -49.26
CA ASN E 1613 -43.67 39.18 -50.22
C ASN E 1613 -43.13 38.39 -51.40
N VAL E 1614 -43.68 38.62 -52.58
CA VAL E 1614 -43.26 37.85 -53.78
C VAL E 1614 -41.99 38.47 -54.31
N ASP E 1615 -41.01 37.64 -54.62
CA ASP E 1615 -39.63 38.03 -54.97
C ASP E 1615 -39.70 38.99 -56.15
N LYS E 1616 -38.89 40.03 -56.17
CA LYS E 1616 -38.91 41.08 -57.22
C LYS E 1616 -38.54 40.44 -58.56
N ILE E 1617 -37.68 39.43 -58.52
CA ILE E 1617 -37.16 38.69 -59.70
C ILE E 1617 -38.31 38.03 -60.45
N LEU E 1618 -39.43 37.79 -59.79
CA LEU E 1618 -40.61 37.12 -60.40
C LEU E 1618 -41.56 38.10 -61.10
N GLU E 1619 -41.39 39.42 -60.99
CA GLU E 1619 -42.22 40.41 -61.75
C GLU E 1619 -41.90 40.34 -63.25
N GLN E 1620 -40.71 39.88 -63.64
CA GLN E 1620 -40.34 39.78 -65.08
C GLN E 1620 -41.24 38.74 -65.78
N PHE E 1621 -41.89 37.84 -65.04
CA PHE E 1621 -42.78 36.80 -65.57
C PHE E 1621 -44.24 37.30 -65.61
N GLU E 1622 -44.54 38.08 -66.62
CA GLU E 1622 -45.86 38.66 -66.95
C GLU E 1622 -46.97 37.58 -66.92
N TYR E 1623 -46.67 36.34 -67.32
CA TYR E 1623 -47.69 35.28 -67.49
C TYR E 1623 -47.91 34.46 -66.22
N VAL E 1624 -47.35 34.83 -65.06
CA VAL E 1624 -47.69 34.16 -63.78
C VAL E 1624 -48.32 35.18 -62.84
N LEU E 1625 -49.13 34.72 -61.90
CA LEU E 1625 -49.82 35.55 -60.88
C LEU E 1625 -49.77 34.75 -59.58
N TYR E 1626 -49.27 35.33 -58.50
CA TYR E 1626 -48.93 34.64 -57.25
C TYR E 1626 -49.86 35.08 -56.12
N PRO E 1627 -51.10 34.56 -56.03
CA PRO E 1627 -52.04 35.02 -55.04
C PRO E 1627 -51.72 34.56 -53.61
N SER E 1628 -52.02 35.39 -52.62
CA SER E 1628 -51.78 35.15 -51.17
C SER E 1628 -53.08 34.83 -50.46
N LYS E 1629 -54.23 35.06 -51.10
CA LYS E 1629 -55.56 34.73 -50.52
C LYS E 1629 -56.38 33.91 -51.52
N THR E 1630 -57.29 33.10 -51.01
CA THR E 1630 -58.21 32.22 -51.79
C THR E 1630 -59.19 33.03 -52.64
N LEU E 1631 -59.37 32.58 -53.88
CA LEU E 1631 -60.18 33.18 -54.95
C LEU E 1631 -61.29 32.22 -55.28
N LYS E 1632 -62.55 32.59 -55.05
CA LYS E 1632 -63.70 31.76 -55.44
C LYS E 1632 -64.18 32.24 -56.80
N THR E 1633 -63.74 31.57 -57.86
CA THR E 1633 -63.99 31.90 -59.29
C THR E 1633 -65.33 31.31 -59.72
N ASP E 1634 -65.69 31.56 -60.99
CA ASP E 1634 -66.89 31.03 -61.70
C ASP E 1634 -66.58 29.65 -62.34
N GLY E 1635 -65.30 29.31 -62.53
CA GLY E 1635 -64.88 27.96 -62.87
C GLY E 1635 -63.48 27.89 -63.45
N VAL E 1636 -62.83 26.75 -63.30
CA VAL E 1636 -61.47 26.45 -63.80
C VAL E 1636 -61.63 25.31 -64.77
N ARG E 1637 -61.22 25.51 -66.03
CA ARG E 1637 -61.41 24.52 -67.10
C ARG E 1637 -60.24 23.52 -67.14
N ALA E 1638 -59.04 23.94 -66.77
CA ALA E 1638 -57.85 23.07 -66.81
C ALA E 1638 -56.78 23.52 -65.81
N VAL E 1639 -55.91 22.62 -65.39
CA VAL E 1639 -54.85 22.86 -64.36
C VAL E 1639 -53.58 22.21 -64.85
N SER E 1640 -52.46 22.94 -64.84
CA SER E 1640 -51.12 22.36 -65.09
C SER E 1640 -50.55 21.90 -63.75
N ILE E 1641 -49.77 20.84 -63.74
CA ILE E 1641 -49.07 20.29 -62.55
C ILE E 1641 -47.63 19.98 -62.98
N THR E 1642 -46.64 20.69 -62.46
CA THR E 1642 -45.21 20.59 -62.83
C THR E 1642 -44.46 20.04 -61.62
N SER E 1643 -43.66 19.00 -61.78
CA SER E 1643 -42.74 18.49 -60.73
C SER E 1643 -41.32 18.47 -61.29
N PHE E 1644 -40.34 18.87 -60.47
CA PHE E 1644 -38.88 18.92 -60.77
C PHE E 1644 -38.09 18.12 -59.74
N GLY E 1645 -37.76 16.88 -60.08
CA GLY E 1645 -36.94 15.97 -59.27
C GLY E 1645 -35.44 16.25 -59.28
N PHE E 1646 -34.76 15.66 -58.30
CA PHE E 1646 -33.29 15.45 -58.27
C PHE E 1646 -32.95 14.42 -59.36
N GLY E 1647 -31.84 14.68 -60.04
CA GLY E 1647 -31.35 13.82 -61.11
C GLY E 1647 -32.15 14.06 -62.37
N GLN E 1648 -32.46 15.35 -62.61
CA GLN E 1648 -32.95 15.87 -63.91
C GLN E 1648 -34.27 15.17 -64.28
N LYS E 1649 -35.27 15.14 -63.39
CA LYS E 1649 -36.63 14.65 -63.73
C LYS E 1649 -37.58 15.84 -63.73
N GLY E 1650 -37.99 16.28 -64.90
CA GLY E 1650 -39.17 17.13 -65.04
C GLY E 1650 -40.39 16.30 -65.39
N GLY E 1651 -41.54 16.86 -65.07
CA GLY E 1651 -42.87 16.32 -65.36
C GLY E 1651 -43.83 17.47 -65.58
N GLN E 1652 -44.76 17.30 -66.52
CA GLN E 1652 -45.98 18.12 -66.54
C GLN E 1652 -47.16 17.17 -66.70
N ALA E 1653 -48.28 17.45 -66.04
CA ALA E 1653 -49.61 16.88 -66.34
C ALA E 1653 -50.60 18.02 -66.53
N ILE E 1654 -51.55 17.88 -67.43
CA ILE E 1654 -52.69 18.83 -67.60
C ILE E 1654 -53.92 18.02 -67.25
N VAL E 1655 -54.81 18.60 -66.49
CA VAL E 1655 -56.08 17.97 -66.09
C VAL E 1655 -57.20 18.91 -66.51
N VAL E 1656 -58.14 18.43 -67.28
CA VAL E 1656 -59.26 19.23 -67.87
C VAL E 1656 -60.53 18.96 -67.07
N HIS E 1657 -61.37 19.97 -66.90
CA HIS E 1657 -62.63 19.81 -66.15
C HIS E 1657 -63.34 18.59 -66.71
N PRO E 1658 -63.91 17.71 -65.87
CA PRO E 1658 -64.58 16.51 -66.38
C PRO E 1658 -65.83 16.72 -67.24
N ASP E 1659 -66.32 17.94 -67.38
CA ASP E 1659 -67.58 18.26 -68.11
C ASP E 1659 -67.33 18.33 -69.62
N TYR E 1660 -66.08 18.46 -70.05
CA TYR E 1660 -65.64 18.42 -71.47
C TYR E 1660 -65.74 16.99 -72.03
N LEU E 1661 -65.98 15.99 -71.20
CA LEU E 1661 -66.08 14.58 -71.67
C LEU E 1661 -67.50 14.31 -72.08
N TYR E 1662 -68.47 14.89 -71.39
CA TYR E 1662 -69.90 14.55 -71.56
C TYR E 1662 -70.44 15.19 -72.86
N GLY E 1663 -69.83 16.27 -73.34
CA GLY E 1663 -70.00 16.74 -74.73
C GLY E 1663 -69.85 15.63 -75.79
N ALA E 1664 -68.97 14.66 -75.55
CA ALA E 1664 -68.62 13.57 -76.49
C ALA E 1664 -69.58 12.39 -76.39
N ILE E 1665 -70.66 12.47 -75.63
CA ILE E 1665 -71.61 11.33 -75.56
C ILE E 1665 -73.04 11.82 -75.78
N THR E 1666 -73.96 10.87 -75.94
CA THR E 1666 -75.38 11.09 -76.28
C THR E 1666 -76.16 11.37 -74.99
N GLU E 1667 -77.22 12.18 -75.08
CA GLU E 1667 -78.17 12.43 -73.96
C GLU E 1667 -78.59 11.12 -73.29
N ASP E 1668 -78.72 10.01 -74.00
CA ASP E 1668 -79.14 8.70 -73.42
C ASP E 1668 -78.02 8.13 -72.56
N ARG E 1669 -76.82 8.01 -73.14
CA ARG E 1669 -75.64 7.42 -72.47
C ARG E 1669 -75.32 8.21 -71.19
N TYR E 1670 -75.34 9.52 -71.26
CA TYR E 1670 -75.18 10.41 -70.11
C TYR E 1670 -76.23 10.11 -69.03
N ASN E 1671 -77.51 10.13 -69.39
CA ASN E 1671 -78.61 9.94 -68.41
C ASN E 1671 -78.49 8.55 -67.78
N GLU E 1672 -78.00 7.56 -68.51
CA GLU E 1672 -77.77 6.20 -67.96
C GLU E 1672 -76.66 6.27 -66.91
N TYR E 1673 -75.54 6.91 -67.26
CA TYR E 1673 -74.34 7.18 -66.42
C TYR E 1673 -74.80 7.88 -65.16
N VAL E 1674 -75.46 9.02 -65.29
CA VAL E 1674 -75.88 9.84 -64.12
C VAL E 1674 -76.59 8.98 -63.08
N ALA E 1675 -77.43 8.05 -63.53
CA ALA E 1675 -78.23 7.22 -62.63
C ALA E 1675 -77.31 6.21 -61.97
N LYS E 1676 -76.42 5.54 -62.71
CA LYS E 1676 -75.47 4.56 -62.10
C LYS E 1676 -74.64 5.26 -61.01
N VAL E 1677 -74.15 6.45 -61.27
CA VAL E 1677 -73.24 7.19 -60.37
C VAL E 1677 -74.00 7.47 -59.09
N SER E 1678 -75.15 8.13 -59.24
CA SER E 1678 -76.08 8.50 -58.15
C SER E 1678 -76.27 7.30 -57.20
N ALA E 1679 -76.42 6.09 -57.74
CA ALA E 1679 -76.60 4.84 -56.97
C ALA E 1679 -75.33 4.50 -56.19
N ARG E 1680 -74.19 4.49 -56.87
CA ARG E 1680 -72.85 4.24 -56.31
C ARG E 1680 -72.52 5.21 -55.19
N GLU E 1681 -72.67 6.50 -55.43
CA GLU E 1681 -72.41 7.53 -54.42
C GLU E 1681 -73.15 7.15 -53.12
N LYS E 1682 -74.42 6.80 -53.23
CA LYS E 1682 -75.27 6.46 -52.08
C LYS E 1682 -74.68 5.25 -51.35
N SER E 1683 -74.35 4.17 -52.05
CA SER E 1683 -73.70 2.97 -51.48
C SER E 1683 -72.37 3.34 -50.80
N ALA E 1684 -71.59 4.18 -51.45
CA ALA E 1684 -70.24 4.55 -51.00
C ALA E 1684 -70.38 5.28 -49.68
N TYR E 1685 -71.35 6.20 -49.57
CA TYR E 1685 -71.61 6.94 -48.31
C TYR E 1685 -71.94 5.92 -47.22
N LYS E 1686 -72.90 5.05 -47.48
CA LYS E 1686 -73.22 3.93 -46.58
C LYS E 1686 -71.93 3.24 -46.11
N PHE E 1687 -71.07 2.87 -47.02
CA PHE E 1687 -69.87 2.05 -46.74
C PHE E 1687 -68.88 2.84 -45.89
N PHE E 1688 -68.70 4.10 -46.23
CA PHE E 1688 -67.72 5.00 -45.61
C PHE E 1688 -68.08 5.16 -44.15
N HIS E 1689 -69.31 5.57 -43.88
CA HIS E 1689 -69.77 5.94 -42.51
C HIS E 1689 -69.79 4.70 -41.65
N ASN E 1690 -70.08 3.57 -42.25
CA ASN E 1690 -70.03 2.31 -41.48
C ASN E 1690 -68.57 1.97 -41.12
N GLY E 1691 -67.62 2.05 -42.05
CA GLY E 1691 -66.21 1.69 -41.82
C GLY E 1691 -65.54 2.66 -40.89
N MET E 1692 -65.83 3.95 -41.04
CA MET E 1692 -65.34 5.01 -40.11
C MET E 1692 -65.71 4.64 -38.67
N ILE E 1693 -66.96 4.36 -38.35
CA ILE E 1693 -67.33 4.21 -36.92
C ILE E 1693 -66.93 2.86 -36.37
N TYR E 1694 -66.81 1.81 -37.18
CA TYR E 1694 -66.42 0.46 -36.69
C TYR E 1694 -65.04 0.03 -37.21
N ASN E 1695 -64.13 0.97 -37.40
CA ASN E 1695 -62.72 0.78 -37.82
C ASN E 1695 -62.53 -0.38 -38.79
N LYS E 1696 -63.14 -0.26 -39.97
CA LYS E 1696 -63.27 -1.29 -41.03
C LYS E 1696 -63.22 -0.69 -42.46
N LEU E 1697 -62.78 0.54 -42.68
CA LEU E 1697 -62.66 1.02 -44.10
C LEU E 1697 -61.79 0.05 -44.87
N PHE E 1698 -60.71 -0.38 -44.26
CA PHE E 1698 -59.74 -1.31 -44.88
C PHE E 1698 -60.15 -2.71 -44.53
N VAL E 1699 -60.31 -3.57 -45.52
CA VAL E 1699 -60.60 -5.01 -45.27
C VAL E 1699 -59.70 -5.84 -46.16
N SER E 1700 -58.65 -6.41 -45.59
CA SER E 1700 -57.78 -7.38 -46.31
C SER E 1700 -58.66 -8.48 -46.89
N LYS E 1701 -58.41 -8.79 -48.15
CA LYS E 1701 -58.87 -10.00 -48.81
C LYS E 1701 -58.04 -11.14 -48.24
N GLU E 1702 -58.68 -12.27 -47.96
CA GLU E 1702 -57.99 -13.51 -47.45
C GLU E 1702 -57.74 -14.45 -48.63
N HIS E 1703 -58.68 -14.50 -49.57
CA HIS E 1703 -58.64 -15.35 -50.78
C HIS E 1703 -58.70 -14.46 -52.01
N ALA E 1704 -58.07 -14.91 -53.10
CA ALA E 1704 -58.23 -14.31 -54.44
C ALA E 1704 -59.66 -14.49 -54.95
N PRO E 1705 -60.06 -13.84 -56.05
CA PRO E 1705 -61.37 -14.13 -56.64
C PRO E 1705 -61.44 -15.49 -57.34
N TYR E 1706 -60.31 -16.15 -57.57
CA TYR E 1706 -60.25 -17.52 -58.13
C TYR E 1706 -59.65 -18.44 -57.09
N THR E 1707 -60.01 -19.72 -57.15
CA THR E 1707 -59.35 -20.82 -56.40
C THR E 1707 -58.02 -21.14 -57.08
N ASP E 1708 -57.13 -21.88 -56.40
CA ASP E 1708 -55.82 -22.34 -56.97
C ASP E 1708 -56.05 -23.35 -58.11
N GLU E 1709 -57.27 -23.89 -58.25
CA GLU E 1709 -57.65 -24.84 -59.34
C GLU E 1709 -57.99 -24.06 -60.63
N LEU E 1710 -58.67 -22.91 -60.51
CA LEU E 1710 -59.06 -22.04 -61.65
C LEU E 1710 -57.99 -21.00 -61.96
N GLU E 1711 -56.97 -20.82 -61.12
CA GLU E 1711 -55.92 -19.77 -61.24
C GLU E 1711 -55.46 -19.67 -62.71
N GLU E 1712 -55.09 -20.79 -63.34
CA GLU E 1712 -54.45 -20.83 -64.69
C GLU E 1712 -55.50 -20.64 -65.79
N ASP E 1713 -56.71 -21.20 -65.60
CA ASP E 1713 -57.84 -21.16 -66.57
C ASP E 1713 -58.36 -19.74 -66.68
N VAL E 1714 -58.37 -18.99 -65.58
CA VAL E 1714 -58.76 -17.56 -65.53
C VAL E 1714 -57.67 -16.72 -66.20
N TYR E 1715 -56.40 -16.91 -65.87
CA TYR E 1715 -55.29 -16.13 -66.48
C TYR E 1715 -55.33 -16.24 -68.01
N LEU E 1716 -55.83 -17.34 -68.54
CA LEU E 1716 -55.73 -17.70 -69.96
C LEU E 1716 -56.99 -17.28 -70.74
N ASP E 1717 -58.09 -16.97 -70.07
CA ASP E 1717 -59.32 -16.50 -70.74
C ASP E 1717 -59.40 -14.98 -70.61
N PRO E 1718 -59.21 -14.17 -71.69
CA PRO E 1718 -59.43 -12.74 -71.62
C PRO E 1718 -60.85 -12.26 -71.34
N LEU E 1719 -61.84 -13.16 -71.40
CA LEU E 1719 -63.27 -12.78 -71.33
C LEU E 1719 -63.88 -13.26 -70.02
N ALA E 1720 -63.11 -14.00 -69.23
CA ALA E 1720 -63.51 -14.51 -67.89
C ALA E 1720 -63.78 -13.31 -67.01
N ARG E 1721 -64.99 -13.20 -66.48
CA ARG E 1721 -65.39 -12.12 -65.53
C ARG E 1721 -65.88 -12.81 -64.27
N VAL E 1722 -66.28 -12.02 -63.29
CA VAL E 1722 -66.56 -12.45 -61.88
C VAL E 1722 -68.06 -12.19 -61.66
N SER E 1723 -68.68 -13.04 -60.86
CA SER E 1723 -70.15 -13.08 -60.62
C SER E 1723 -70.37 -13.22 -59.10
N LYS E 1724 -71.45 -12.66 -58.54
CA LYS E 1724 -71.83 -12.88 -57.12
C LYS E 1724 -72.09 -14.37 -56.92
N ASP E 1725 -71.40 -14.98 -55.94
CA ASP E 1725 -71.56 -16.40 -55.52
C ASP E 1725 -72.78 -16.45 -54.60
N LYS E 1726 -73.82 -17.20 -55.00
CA LYS E 1726 -75.14 -17.32 -54.32
C LYS E 1726 -74.93 -17.52 -52.80
N LYS E 1727 -74.05 -18.47 -52.41
CA LYS E 1727 -73.83 -18.88 -50.99
C LYS E 1727 -73.09 -17.78 -50.23
N SER E 1728 -71.78 -17.61 -50.48
CA SER E 1728 -70.84 -16.72 -49.74
C SER E 1728 -71.25 -15.25 -49.86
N GLY E 1729 -71.84 -14.83 -51.00
CA GLY E 1729 -72.28 -13.45 -51.26
C GLY E 1729 -71.17 -12.56 -51.83
N SER E 1730 -70.06 -13.15 -52.27
CA SER E 1730 -68.79 -12.47 -52.66
C SER E 1730 -68.44 -12.79 -54.12
N LEU E 1731 -67.86 -11.82 -54.82
CA LEU E 1731 -67.50 -11.90 -56.27
C LEU E 1731 -66.37 -12.92 -56.46
N THR E 1732 -66.62 -14.01 -57.18
CA THR E 1732 -65.64 -15.08 -57.52
C THR E 1732 -65.75 -15.42 -59.01
N PHE E 1733 -64.72 -16.08 -59.56
CA PHE E 1733 -64.74 -16.73 -60.89
C PHE E 1733 -65.37 -18.11 -60.71
N ASN E 1734 -66.47 -18.34 -61.42
CA ASN E 1734 -67.19 -19.64 -61.53
C ASN E 1734 -66.67 -20.35 -62.79
N SER E 1735 -66.45 -21.68 -62.75
CA SER E 1735 -65.88 -22.48 -63.87
C SER E 1735 -66.78 -22.49 -65.12
N LYS E 1736 -68.07 -22.17 -65.00
CA LYS E 1736 -69.04 -22.04 -66.13
C LYS E 1736 -68.72 -20.82 -67.01
N ASN E 1737 -68.24 -19.73 -66.41
CA ASN E 1737 -67.93 -18.44 -67.09
C ASN E 1737 -66.49 -18.43 -67.65
N ILE E 1738 -65.75 -19.56 -67.59
CA ILE E 1738 -64.35 -19.68 -68.06
C ILE E 1738 -64.34 -20.55 -69.32
N GLN E 1739 -63.94 -19.94 -70.45
CA GLN E 1739 -63.87 -20.49 -71.83
C GLN E 1739 -65.31 -20.82 -72.28
N SER E 1740 -66.19 -19.83 -72.09
CA SER E 1740 -67.68 -19.91 -72.20
C SER E 1740 -68.13 -19.28 -73.52
N LYS E 1741 -68.95 -20.01 -74.28
CA LYS E 1741 -69.50 -19.58 -75.61
C LYS E 1741 -70.26 -18.26 -75.48
N ASP E 1742 -70.97 -18.01 -74.35
CA ASP E 1742 -71.87 -16.83 -74.17
C ASP E 1742 -71.08 -15.51 -74.06
N SER E 1743 -69.90 -15.52 -73.43
CA SER E 1743 -68.93 -14.39 -73.35
C SER E 1743 -68.63 -13.87 -74.76
N TYR E 1744 -68.15 -14.76 -75.65
CA TYR E 1744 -67.63 -14.43 -77.01
C TYR E 1744 -68.78 -14.15 -77.99
N ILE E 1745 -69.75 -15.07 -78.04
CA ILE E 1745 -70.96 -15.04 -78.92
C ILE E 1745 -72.09 -14.34 -78.15
N ASN E 1746 -72.20 -13.01 -78.31
CA ASN E 1746 -73.18 -12.13 -77.62
C ASN E 1746 -74.51 -12.15 -78.40
N ALA E 1747 -75.54 -11.46 -77.92
CA ALA E 1747 -76.91 -11.41 -78.52
C ALA E 1747 -76.89 -10.89 -79.96
N ASN E 1748 -76.06 -9.87 -80.26
CA ASN E 1748 -75.99 -9.16 -81.58
C ASN E 1748 -75.42 -10.10 -82.67
N THR E 1749 -74.46 -10.98 -82.33
CA THR E 1749 -73.83 -11.96 -83.25
C THR E 1749 -74.83 -13.08 -83.60
N ILE E 1750 -75.82 -13.41 -82.74
CA ILE E 1750 -76.87 -14.46 -83.02
C ILE E 1750 -77.82 -13.94 -84.11
N GLU E 1751 -78.23 -12.67 -84.01
CA GLU E 1751 -79.21 -11.98 -84.89
C GLU E 1751 -78.59 -11.75 -86.28
N THR E 1752 -77.35 -11.24 -86.33
CA THR E 1752 -76.57 -10.96 -87.58
C THR E 1752 -76.23 -12.29 -88.30
N ALA E 1753 -75.87 -13.35 -87.56
CA ALA E 1753 -75.63 -14.71 -88.09
C ALA E 1753 -76.94 -15.31 -88.63
N LYS E 1754 -78.09 -15.01 -88.01
CA LYS E 1754 -79.43 -15.56 -88.39
C LYS E 1754 -80.01 -14.81 -89.61
N MET E 1755 -79.70 -13.51 -89.77
CA MET E 1755 -80.20 -12.63 -90.87
C MET E 1755 -79.44 -12.88 -92.17
N ILE E 1756 -78.19 -13.35 -92.12
CA ILE E 1756 -77.39 -13.77 -93.32
C ILE E 1756 -77.25 -15.30 -93.35
N GLU E 1757 -78.14 -16.02 -92.63
CA GLU E 1757 -78.51 -17.47 -92.79
C GLU E 1757 -79.92 -17.58 -93.39
N ASN E 1758 -80.65 -16.45 -93.54
CA ASN E 1758 -81.98 -16.33 -94.19
C ASN E 1758 -81.83 -15.68 -95.59
N MET E 1759 -80.59 -15.56 -96.11
CA MET E 1759 -80.30 -15.13 -97.52
C MET E 1759 -79.03 -15.83 -98.04
N THR E 1760 -78.86 -17.13 -97.73
CA THR E 1760 -77.72 -18.00 -98.17
C THR E 1760 -78.25 -19.05 -99.16
N LYS E 1761 -79.06 -18.61 -100.14
CA LYS E 1761 -79.70 -19.43 -101.23
C LYS E 1761 -80.70 -20.44 -100.63
N GLU E 1762 -81.77 -19.93 -100.01
CA GLU E 1762 -82.94 -20.69 -99.48
C GLU E 1762 -84.20 -19.82 -99.61
N LYS E 1763 -84.19 -18.60 -99.05
CA LYS E 1763 -85.30 -17.60 -99.14
C LYS E 1763 -85.16 -16.76 -100.42
N VAL E 1764 -83.96 -16.70 -101.02
CA VAL E 1764 -83.57 -15.76 -102.14
C VAL E 1764 -83.59 -16.49 -103.50
N SER E 1765 -84.62 -17.33 -103.71
CA SER E 1765 -84.85 -18.15 -104.95
C SER E 1765 -85.20 -17.20 -106.13
N ASN E 1766 -86.27 -16.40 -105.99
CA ASN E 1766 -86.79 -15.42 -107.02
C ASN E 1766 -87.21 -14.11 -106.32
N GLY E 1767 -86.22 -13.29 -105.91
CA GLY E 1767 -86.42 -12.02 -105.17
C GLY E 1767 -85.15 -11.21 -105.04
N GLY E 1768 -85.22 -9.91 -105.39
CA GLY E 1768 -84.15 -8.91 -105.18
C GLY E 1768 -83.91 -8.64 -103.71
N VAL E 1769 -82.64 -8.79 -103.25
CA VAL E 1769 -82.20 -8.69 -101.82
C VAL E 1769 -81.52 -7.32 -101.60
N GLY E 1770 -81.46 -6.89 -100.33
CA GLY E 1770 -80.93 -5.58 -99.90
C GLY E 1770 -80.33 -5.64 -98.50
N VAL E 1771 -78.99 -5.74 -98.44
CA VAL E 1771 -78.16 -5.59 -97.19
C VAL E 1771 -77.78 -4.11 -97.07
N ASP E 1772 -78.10 -3.50 -95.92
CA ASP E 1772 -77.56 -2.18 -95.50
C ASP E 1772 -77.17 -2.23 -94.02
N VAL E 1773 -75.94 -1.80 -93.70
CA VAL E 1773 -75.46 -1.45 -92.33
C VAL E 1773 -75.40 0.08 -92.25
N GLU E 1774 -75.65 0.64 -91.07
CA GLU E 1774 -75.41 2.07 -90.72
C GLU E 1774 -74.80 2.11 -89.31
N LEU E 1775 -73.63 2.75 -89.17
CA LEU E 1775 -72.91 2.93 -87.88
C LEU E 1775 -73.73 3.90 -87.01
N ILE E 1776 -73.98 3.52 -85.74
CA ILE E 1776 -74.79 4.26 -84.73
C ILE E 1776 -74.39 5.75 -84.70
N THR E 1777 -73.07 6.02 -84.66
CA THR E 1777 -72.41 7.35 -84.47
C THR E 1777 -72.90 8.35 -85.53
N SER E 1778 -73.14 7.91 -86.77
CA SER E 1778 -73.49 8.77 -87.93
C SER E 1778 -74.95 9.29 -87.82
N ILE E 1779 -75.78 8.73 -86.93
CA ILE E 1779 -77.14 9.25 -86.58
C ILE E 1779 -76.98 10.39 -85.56
N ASN E 1780 -77.49 11.59 -85.89
CA ASN E 1780 -77.54 12.80 -85.03
C ASN E 1780 -79.01 13.06 -84.65
N VAL E 1781 -79.41 12.64 -83.44
CA VAL E 1781 -80.80 12.64 -82.89
C VAL E 1781 -81.29 14.09 -82.67
N GLU E 1782 -80.45 14.94 -82.04
CA GLU E 1782 -80.73 16.36 -81.69
C GLU E 1782 -81.07 17.17 -82.96
N ASN E 1783 -80.39 16.89 -84.09
CA ASN E 1783 -80.64 17.44 -85.45
C ASN E 1783 -82.07 17.04 -85.90
N ASP E 1784 -82.95 18.04 -86.14
CA ASP E 1784 -84.40 17.88 -86.41
C ASP E 1784 -84.73 17.99 -87.92
N THR E 1785 -83.77 18.39 -88.78
CA THR E 1785 -83.92 18.43 -90.26
C THR E 1785 -83.91 16.99 -90.80
N PHE E 1786 -82.91 16.18 -90.38
CA PHE E 1786 -82.71 14.77 -90.82
C PHE E 1786 -83.87 13.89 -90.33
N ILE E 1787 -84.32 14.07 -89.07
CA ILE E 1787 -85.27 13.16 -88.35
C ILE E 1787 -86.72 13.43 -88.82
N GLU E 1788 -87.11 14.69 -89.09
CA GLU E 1788 -88.49 15.06 -89.56
C GLU E 1788 -88.71 14.59 -91.01
N ARG E 1789 -87.74 14.84 -91.91
CA ARG E 1789 -87.85 14.64 -93.39
C ARG E 1789 -87.68 13.17 -93.81
N ASN E 1790 -86.95 12.34 -93.01
CA ASN E 1790 -86.65 10.91 -93.32
C ASN E 1790 -87.32 9.94 -92.32
N PHE E 1791 -88.10 10.42 -91.34
CA PHE E 1791 -88.91 9.56 -90.41
C PHE E 1791 -90.35 10.09 -90.30
N THR E 1792 -91.30 9.15 -90.15
CA THR E 1792 -92.75 9.39 -89.87
C THR E 1792 -92.93 9.73 -88.39
N PRO E 1793 -94.10 10.29 -87.96
CA PRO E 1793 -94.43 10.41 -86.53
C PRO E 1793 -94.62 9.11 -85.73
N GLN E 1794 -94.75 7.94 -86.40
CA GLN E 1794 -94.90 6.59 -85.77
C GLN E 1794 -93.52 6.01 -85.36
N GLU E 1795 -92.45 6.33 -86.12
CA GLU E 1795 -91.06 5.84 -85.91
C GLU E 1795 -90.29 6.74 -84.92
N ILE E 1796 -90.60 8.04 -84.87
CA ILE E 1796 -90.05 9.02 -83.89
C ILE E 1796 -90.64 8.74 -82.50
N GLU E 1797 -91.96 8.44 -82.42
CA GLU E 1797 -92.69 8.06 -81.17
C GLU E 1797 -92.14 6.75 -80.60
N TYR E 1798 -91.77 5.77 -81.47
CA TYR E 1798 -91.25 4.43 -81.07
C TYR E 1798 -89.77 4.55 -80.63
N CYS E 1799 -88.89 5.09 -81.50
CA CYS E 1799 -87.40 5.13 -81.31
C CYS E 1799 -87.02 6.00 -80.10
N SER E 1800 -87.69 7.16 -79.91
CA SER E 1800 -87.49 8.13 -78.78
C SER E 1800 -87.78 7.48 -77.42
N ALA E 1801 -88.72 6.53 -77.36
CA ALA E 1801 -89.20 5.84 -76.13
C ALA E 1801 -88.34 4.61 -75.78
N GLN E 1802 -87.41 4.19 -76.65
CA GLN E 1802 -86.51 3.01 -76.43
C GLN E 1802 -85.37 3.38 -75.47
N PRO E 1803 -84.67 2.39 -74.84
CA PRO E 1803 -83.49 2.65 -74.02
C PRO E 1803 -82.35 3.36 -74.78
N SER E 1804 -81.89 2.76 -75.89
CA SER E 1804 -80.84 3.29 -76.81
C SER E 1804 -81.51 3.95 -78.04
N VAL E 1805 -81.80 5.25 -77.93
CA VAL E 1805 -82.57 6.07 -78.92
C VAL E 1805 -81.78 6.16 -80.24
N GLN E 1806 -80.45 6.24 -80.15
CA GLN E 1806 -79.53 6.45 -81.31
C GLN E 1806 -79.29 5.10 -82.01
N SER E 1807 -79.29 3.99 -81.27
CA SER E 1807 -79.19 2.61 -81.81
C SER E 1807 -80.50 2.18 -82.50
N SER E 1808 -81.65 2.67 -82.03
CA SER E 1808 -83.00 2.35 -82.57
C SER E 1808 -83.28 3.15 -83.86
N PHE E 1809 -82.89 4.44 -83.94
CA PHE E 1809 -82.96 5.26 -85.18
C PHE E 1809 -82.05 4.67 -86.28
N ALA E 1810 -80.90 4.11 -85.91
CA ALA E 1810 -79.90 3.50 -86.83
C ALA E 1810 -80.36 2.11 -87.28
N GLY E 1811 -81.15 1.41 -86.45
CA GLY E 1811 -81.84 0.15 -86.79
C GLY E 1811 -82.92 0.36 -87.86
N THR E 1812 -83.76 1.38 -87.68
CA THR E 1812 -84.87 1.79 -88.59
C THR E 1812 -84.31 2.35 -89.90
N TRP E 1813 -83.32 3.26 -89.83
CA TRP E 1813 -82.65 3.94 -90.98
C TRP E 1813 -81.99 2.90 -91.90
N SER E 1814 -81.50 1.79 -91.34
CA SER E 1814 -80.88 0.66 -92.07
C SER E 1814 -81.94 -0.16 -92.82
N ALA E 1815 -83.13 -0.36 -92.22
CA ALA E 1815 -84.30 -1.04 -92.84
C ALA E 1815 -84.82 -0.28 -94.06
N LYS E 1816 -84.85 1.07 -94.01
CA LYS E 1816 -85.28 1.98 -95.11
C LYS E 1816 -84.29 1.95 -96.29
N GLU E 1817 -82.99 1.73 -96.02
CA GLU E 1817 -81.91 1.60 -97.03
C GLU E 1817 -81.76 0.13 -97.49
N ALA E 1818 -82.34 -0.82 -96.75
CA ALA E 1818 -82.39 -2.27 -97.10
C ALA E 1818 -83.58 -2.54 -98.04
N VAL E 1819 -84.75 -1.95 -97.75
CA VAL E 1819 -85.98 -1.97 -98.61
C VAL E 1819 -85.64 -1.28 -99.95
N PHE E 1820 -85.13 -0.03 -99.92
CA PHE E 1820 -84.85 0.85 -101.10
C PHE E 1820 -83.91 0.15 -102.12
N LYS E 1821 -83.00 -0.72 -101.66
CA LYS E 1821 -82.09 -1.54 -102.51
C LYS E 1821 -82.80 -2.83 -102.97
N SER E 1822 -83.62 -3.46 -102.10
CA SER E 1822 -84.31 -4.76 -102.35
C SER E 1822 -85.34 -4.64 -103.50
N LEU E 1823 -86.02 -3.48 -103.64
CA LEU E 1823 -86.96 -3.13 -104.76
C LEU E 1823 -86.24 -3.23 -106.12
N GLY E 1824 -84.96 -2.84 -106.17
CA GLY E 1824 -84.13 -2.72 -107.40
C GLY E 1824 -83.98 -1.29 -107.88
N VAL E 1825 -84.93 -0.40 -107.53
CA VAL E 1825 -85.07 1.00 -108.09
C VAL E 1825 -83.86 1.84 -107.64
N LYS E 1826 -83.38 2.72 -108.55
CA LYS E 1826 -82.14 3.54 -108.40
C LYS E 1826 -82.44 4.85 -107.64
N SER E 1827 -83.53 5.55 -108.02
CA SER E 1827 -83.95 6.89 -107.50
C SER E 1827 -85.49 7.00 -107.45
N LEU E 1828 -86.02 7.77 -106.48
CA LEU E 1828 -87.49 8.09 -106.30
C LEU E 1828 -87.76 9.61 -106.51
N GLY E 1829 -87.04 10.25 -107.44
CA GLY E 1829 -87.29 11.63 -107.93
C GLY E 1829 -86.60 12.70 -107.08
N GLY E 1830 -85.41 13.16 -107.51
CA GLY E 1830 -84.60 14.22 -106.86
C GLY E 1830 -83.64 13.67 -105.80
N GLY E 1831 -83.92 13.97 -104.53
CA GLY E 1831 -83.16 13.48 -103.35
C GLY E 1831 -83.78 12.25 -102.71
N ALA E 1832 -83.23 11.83 -101.56
CA ALA E 1832 -83.67 10.66 -100.73
C ALA E 1832 -84.58 11.14 -99.57
N ALA E 1833 -85.91 11.09 -99.79
CA ALA E 1833 -86.98 11.25 -98.77
C ALA E 1833 -87.59 9.87 -98.47
N LEU E 1834 -86.98 9.13 -97.52
CA LEU E 1834 -87.31 7.73 -97.16
C LEU E 1834 -88.33 7.68 -96.00
N LYS E 1835 -88.99 8.81 -95.70
CA LYS E 1835 -90.24 8.91 -94.87
C LYS E 1835 -91.33 7.99 -95.46
N ASP E 1836 -91.41 7.92 -96.79
CA ASP E 1836 -92.42 7.19 -97.61
C ASP E 1836 -92.39 5.69 -97.26
N ILE E 1837 -91.18 5.10 -97.16
CA ILE E 1837 -90.93 3.69 -96.71
C ILE E 1837 -91.00 3.67 -95.17
N GLU E 1838 -92.12 3.20 -94.60
CA GLU E 1838 -92.38 3.21 -93.13
C GLU E 1838 -92.13 1.79 -92.56
N ILE E 1839 -91.38 1.71 -91.45
CA ILE E 1839 -91.11 0.48 -90.64
C ILE E 1839 -91.92 0.58 -89.32
N VAL E 1840 -93.08 -0.10 -89.25
CA VAL E 1840 -93.96 -0.23 -88.05
C VAL E 1840 -93.39 -1.35 -87.16
N ARG E 1841 -92.53 -0.96 -86.21
CA ARG E 1841 -91.85 -1.88 -85.25
C ARG E 1841 -92.75 -2.03 -84.01
N VAL E 1842 -93.51 -3.14 -83.94
CA VAL E 1842 -94.31 -3.52 -82.73
C VAL E 1842 -93.28 -4.01 -81.67
N ASN E 1843 -93.45 -3.57 -80.40
CA ASN E 1843 -92.68 -4.07 -79.22
C ASN E 1843 -92.84 -5.61 -79.14
N LYS E 1844 -91.71 -6.35 -79.04
CA LYS E 1844 -91.64 -7.85 -79.03
C LYS E 1844 -92.53 -8.41 -80.18
N ASN E 1845 -92.13 -8.14 -81.42
CA ASN E 1845 -92.84 -8.54 -82.67
C ASN E 1845 -91.94 -8.23 -83.88
N ALA E 1846 -91.93 -9.13 -84.88
CA ALA E 1846 -91.22 -8.98 -86.18
C ALA E 1846 -91.64 -7.65 -86.83
N PRO E 1847 -90.68 -6.81 -87.31
CA PRO E 1847 -91.01 -5.50 -87.91
C PRO E 1847 -91.69 -5.60 -89.29
N ALA E 1848 -92.76 -4.84 -89.48
CA ALA E 1848 -93.56 -4.76 -90.74
C ALA E 1848 -93.10 -3.57 -91.59
N VAL E 1849 -93.17 -3.70 -92.93
CA VAL E 1849 -92.92 -2.63 -93.94
C VAL E 1849 -94.25 -2.31 -94.65
N GLU E 1850 -94.79 -1.10 -94.43
CA GLU E 1850 -95.98 -0.52 -95.13
C GLU E 1850 -95.51 0.75 -95.87
N LEU E 1851 -95.57 0.75 -97.21
CA LEU E 1851 -94.86 1.74 -98.09
C LEU E 1851 -95.90 2.56 -98.87
N HIS E 1852 -95.81 3.91 -98.77
CA HIS E 1852 -96.78 4.91 -99.33
C HIS E 1852 -96.08 5.82 -100.35
N GLY E 1853 -96.83 6.76 -100.96
CA GLY E 1853 -96.32 7.80 -101.87
C GLY E 1853 -95.77 7.22 -103.16
N ASN E 1854 -94.67 7.79 -103.68
CA ASN E 1854 -94.03 7.45 -104.99
C ASN E 1854 -93.20 6.15 -104.89
N ALA E 1855 -92.88 5.68 -103.67
CA ALA E 1855 -92.14 4.42 -103.39
C ALA E 1855 -93.08 3.21 -103.56
N LYS E 1856 -94.38 3.39 -103.26
CA LYS E 1856 -95.46 2.36 -103.42
C LYS E 1856 -95.71 2.08 -104.91
N LYS E 1857 -95.70 3.14 -105.75
CA LYS E 1857 -95.98 3.09 -107.23
C LYS E 1857 -94.90 2.27 -107.97
N ALA E 1858 -93.61 2.61 -107.78
CA ALA E 1858 -92.43 1.97 -108.44
C ALA E 1858 -92.19 0.54 -107.93
N ALA E 1859 -92.80 0.15 -106.81
CA ALA E 1859 -92.74 -1.20 -106.20
C ALA E 1859 -93.79 -2.13 -106.87
N GLU E 1860 -95.05 -1.68 -106.94
CA GLU E 1860 -96.19 -2.41 -107.57
C GLU E 1860 -96.02 -2.49 -109.11
N GLU E 1861 -95.33 -1.50 -109.71
CA GLU E 1861 -94.91 -1.43 -111.14
C GLU E 1861 -93.76 -2.44 -111.43
N ALA E 1862 -92.83 -2.64 -110.49
CA ALA E 1862 -91.68 -3.59 -110.58
C ALA E 1862 -92.14 -5.06 -110.37
N GLY E 1863 -93.33 -5.29 -109.78
CA GLY E 1863 -93.86 -6.62 -109.44
C GLY E 1863 -93.45 -7.06 -108.03
N VAL E 1864 -94.03 -6.40 -107.01
CA VAL E 1864 -93.68 -6.56 -105.55
C VAL E 1864 -94.99 -6.58 -104.71
N THR E 1865 -95.37 -7.76 -104.22
CA THR E 1865 -96.59 -8.02 -103.40
C THR E 1865 -96.29 -7.74 -101.92
N ASP E 1866 -95.29 -8.46 -101.34
CA ASP E 1866 -94.84 -8.36 -99.91
C ASP E 1866 -93.33 -8.03 -99.85
N VAL E 1867 -92.91 -7.27 -98.83
CA VAL E 1867 -91.50 -6.86 -98.54
C VAL E 1867 -91.19 -7.13 -97.06
N LYS E 1868 -90.51 -8.25 -96.77
CA LYS E 1868 -89.97 -8.62 -95.43
C LYS E 1868 -88.78 -7.70 -95.09
N VAL E 1869 -88.41 -7.62 -93.80
CA VAL E 1869 -87.15 -6.97 -93.33
C VAL E 1869 -86.77 -7.49 -91.93
N SER E 1870 -85.47 -7.67 -91.66
CA SER E 1870 -84.88 -8.03 -90.33
C SER E 1870 -83.89 -6.93 -89.87
N ILE E 1871 -83.90 -6.60 -88.57
CA ILE E 1871 -83.01 -5.55 -87.96
C ILE E 1871 -82.36 -6.11 -86.68
N SER E 1872 -81.02 -6.10 -86.64
CA SER E 1872 -80.18 -6.20 -85.40
C SER E 1872 -79.40 -4.88 -85.23
N HIS E 1873 -79.45 -4.31 -84.03
CA HIS E 1873 -78.78 -3.03 -83.65
C HIS E 1873 -78.16 -3.17 -82.26
N ASP E 1874 -77.01 -2.52 -82.05
CA ASP E 1874 -76.24 -2.53 -80.77
C ASP E 1874 -75.53 -1.16 -80.64
N ASP E 1875 -74.36 -1.12 -79.98
CA ASP E 1875 -73.62 0.15 -79.68
C ASP E 1875 -72.84 0.65 -80.92
N LEU E 1876 -72.52 -0.21 -81.91
CA LEU E 1876 -71.66 0.11 -83.08
C LEU E 1876 -72.44 0.05 -84.42
N GLN E 1877 -72.77 -1.15 -84.93
CA GLN E 1877 -73.37 -1.38 -86.27
C GLN E 1877 -74.87 -1.61 -86.09
N ALA E 1878 -75.67 -1.32 -87.12
CA ALA E 1878 -77.12 -1.59 -87.21
C ALA E 1878 -77.43 -2.20 -88.59
N VAL E 1879 -77.38 -3.54 -88.71
CA VAL E 1879 -77.52 -4.28 -90.00
C VAL E 1879 -79.02 -4.51 -90.28
N ALA E 1880 -79.40 -4.44 -91.57
CA ALA E 1880 -80.78 -4.62 -92.08
C ALA E 1880 -80.76 -5.42 -93.38
N VAL E 1881 -81.39 -6.60 -93.38
CA VAL E 1881 -81.63 -7.47 -94.58
C VAL E 1881 -83.11 -7.32 -94.99
N ALA E 1882 -83.39 -7.10 -96.28
CA ALA E 1882 -84.76 -7.07 -96.88
C ALA E 1882 -84.82 -7.97 -98.12
N VAL E 1883 -85.92 -8.73 -98.27
CA VAL E 1883 -86.28 -9.47 -99.52
C VAL E 1883 -87.60 -8.89 -100.05
N SER E 1884 -87.72 -8.74 -101.38
CA SER E 1884 -88.93 -8.28 -102.12
C SER E 1884 -89.30 -9.31 -103.21
N THR E 1885 -90.35 -10.12 -102.96
CA THR E 1885 -90.91 -11.16 -103.89
C THR E 1885 -92.16 -10.60 -104.57
N LYS E 1886 -92.60 -11.24 -105.67
CA LYS E 1886 -93.85 -10.92 -106.44
C LYS E 1886 -95.09 -11.22 -105.57
N MET F 1 -67.63 -101.69 -39.35
CA MET F 1 -66.59 -101.04 -40.22
C MET F 1 -65.25 -100.99 -39.49
N LYS F 2 -64.20 -101.59 -40.07
CA LYS F 2 -62.80 -101.57 -39.54
C LYS F 2 -62.34 -100.12 -39.42
N PRO F 3 -61.64 -99.71 -38.34
CA PRO F 3 -61.15 -98.34 -38.22
C PRO F 3 -60.27 -97.86 -39.40
N GLU F 4 -59.35 -98.71 -39.88
CA GLU F 4 -58.45 -98.44 -41.05
C GLU F 4 -59.26 -97.92 -42.26
N VAL F 5 -60.44 -98.48 -42.46
CA VAL F 5 -61.38 -98.15 -43.58
C VAL F 5 -62.14 -96.87 -43.25
N GLU F 6 -62.85 -96.85 -42.11
CA GLU F 6 -63.57 -95.66 -41.58
C GLU F 6 -62.70 -94.41 -41.76
N GLN F 7 -61.39 -94.55 -41.52
CA GLN F 7 -60.39 -93.46 -41.67
C GLN F 7 -60.19 -93.11 -43.15
N GLU F 8 -60.00 -94.12 -44.00
CA GLU F 8 -59.90 -93.97 -45.47
C GLU F 8 -61.06 -93.11 -45.99
N LEU F 9 -62.28 -93.40 -45.54
CA LEU F 9 -63.52 -92.80 -46.09
C LEU F 9 -63.71 -91.38 -45.54
N ALA F 10 -63.50 -91.20 -44.24
CA ALA F 10 -63.51 -89.87 -43.58
C ALA F 10 -62.54 -88.94 -44.34
N HIS F 11 -61.33 -89.43 -44.64
CA HIS F 11 -60.31 -88.74 -45.48
C HIS F 11 -60.92 -88.30 -46.81
N ILE F 12 -61.51 -89.24 -47.57
CA ILE F 12 -62.19 -88.94 -48.88
C ILE F 12 -63.21 -87.83 -48.63
N LEU F 13 -64.20 -88.09 -47.78
CA LEU F 13 -65.34 -87.16 -47.56
C LEU F 13 -64.83 -85.77 -47.18
N LEU F 14 -63.89 -85.70 -46.24
CA LEU F 14 -63.37 -84.43 -45.65
C LEU F 14 -62.71 -83.61 -46.77
N THR F 15 -61.92 -84.26 -47.63
CA THR F 15 -61.27 -83.69 -48.84
C THR F 15 -62.33 -83.13 -49.79
N GLU F 16 -63.42 -83.86 -50.06
CA GLU F 16 -64.49 -83.44 -51.01
C GLU F 16 -65.34 -82.32 -50.40
N LEU F 17 -65.68 -82.40 -49.11
CA LEU F 17 -66.41 -81.32 -48.40
C LEU F 17 -65.68 -79.98 -48.59
N LEU F 18 -64.35 -79.98 -48.44
CA LEU F 18 -63.49 -78.76 -48.48
C LEU F 18 -63.35 -78.28 -49.93
N ALA F 19 -63.01 -79.21 -50.84
CA ALA F 19 -62.84 -78.98 -52.29
C ALA F 19 -63.99 -78.12 -52.82
N TYR F 20 -65.21 -78.65 -52.70
CA TYR F 20 -66.46 -78.11 -53.28
C TYR F 20 -67.00 -76.94 -52.47
N GLN F 21 -66.58 -76.80 -51.21
CA GLN F 21 -67.08 -75.78 -50.26
C GLN F 21 -67.21 -74.39 -50.91
N PHE F 22 -66.31 -74.00 -51.81
CA PHE F 22 -66.28 -72.61 -52.39
C PHE F 22 -67.05 -72.57 -53.71
N ALA F 23 -67.61 -73.70 -54.11
CA ALA F 23 -68.38 -73.90 -55.37
C ALA F 23 -69.82 -74.30 -55.02
N SER F 24 -70.24 -74.07 -53.77
CA SER F 24 -71.62 -74.29 -53.28
C SER F 24 -71.94 -73.18 -52.29
N PRO F 25 -73.21 -72.94 -51.95
CA PRO F 25 -73.53 -71.83 -51.07
C PRO F 25 -73.27 -72.27 -49.61
N VAL F 26 -72.95 -71.30 -48.76
CA VAL F 26 -72.65 -71.48 -47.31
C VAL F 26 -73.98 -71.52 -46.57
N ARG F 27 -74.35 -72.68 -46.05
CA ARG F 27 -75.67 -72.92 -45.41
C ARG F 27 -75.59 -72.60 -43.91
N TRP F 28 -75.43 -71.34 -43.56
CA TRP F 28 -75.20 -70.89 -42.16
C TRP F 28 -76.52 -70.78 -41.39
N ILE F 29 -77.66 -70.59 -42.06
CA ILE F 29 -79.02 -70.70 -41.43
C ILE F 29 -79.12 -72.11 -40.83
N GLU F 30 -79.02 -73.14 -41.67
CA GLU F 30 -79.24 -74.54 -41.24
C GLU F 30 -78.20 -74.90 -40.19
N THR F 31 -76.97 -74.38 -40.33
CA THR F 31 -75.82 -74.65 -39.42
C THR F 31 -76.20 -74.14 -38.03
N GLN F 32 -76.46 -72.84 -37.89
CA GLN F 32 -76.97 -72.24 -36.63
C GLN F 32 -78.04 -73.16 -36.03
N ASP F 33 -79.02 -73.60 -36.82
CA ASP F 33 -80.18 -74.37 -36.34
C ASP F 33 -79.79 -75.82 -36.03
N VAL F 34 -78.53 -76.21 -36.22
CA VAL F 34 -78.02 -77.56 -35.84
C VAL F 34 -77.39 -77.44 -34.46
N PHE F 35 -76.61 -76.39 -34.23
CA PHE F 35 -75.84 -76.23 -32.98
C PHE F 35 -76.69 -75.49 -31.94
N LEU F 36 -77.62 -74.63 -32.34
CA LEU F 36 -78.56 -73.96 -31.39
C LEU F 36 -79.68 -74.92 -30.95
N LYS F 37 -80.26 -75.71 -31.86
CA LYS F 37 -81.39 -76.62 -31.53
C LYS F 37 -80.87 -78.02 -31.19
N ASP F 38 -80.30 -78.75 -32.15
CA ASP F 38 -80.06 -80.22 -32.06
C ASP F 38 -78.89 -80.56 -31.12
N PHE F 39 -78.16 -79.57 -30.61
CA PHE F 39 -77.11 -79.75 -29.55
C PHE F 39 -77.40 -78.90 -28.31
N ASN F 40 -78.34 -77.96 -28.36
CA ASN F 40 -78.74 -77.08 -27.23
C ASN F 40 -77.48 -76.47 -26.63
N THR F 41 -76.65 -75.89 -27.50
CA THR F 41 -75.41 -75.18 -27.14
C THR F 41 -75.76 -74.06 -26.17
N GLU F 42 -75.15 -74.09 -24.98
CA GLU F 42 -75.39 -73.11 -23.89
C GLU F 42 -74.39 -71.97 -24.01
N ARG F 43 -73.44 -72.06 -24.94
CA ARG F 43 -72.30 -71.11 -25.06
C ARG F 43 -71.70 -71.21 -26.47
N VAL F 44 -71.83 -70.16 -27.30
CA VAL F 44 -71.12 -70.11 -28.61
C VAL F 44 -69.93 -69.16 -28.43
N VAL F 45 -68.75 -69.63 -28.79
CA VAL F 45 -67.51 -68.82 -28.75
C VAL F 45 -67.16 -68.50 -30.21
N GLU F 46 -67.18 -67.23 -30.59
CA GLU F 46 -66.75 -66.82 -31.94
C GLU F 46 -65.25 -66.54 -31.89
N ILE F 47 -64.45 -67.40 -32.50
CA ILE F 47 -62.99 -67.17 -32.69
C ILE F 47 -62.89 -66.34 -33.97
N GLY F 48 -62.31 -65.14 -33.87
CA GLY F 48 -62.24 -64.24 -35.03
C GLY F 48 -61.90 -62.83 -34.59
N PRO F 49 -61.35 -62.01 -35.50
CA PRO F 49 -60.91 -60.65 -35.17
C PRO F 49 -62.04 -59.65 -34.86
N SER F 50 -63.18 -59.75 -35.55
CA SER F 50 -64.41 -58.95 -35.27
C SER F 50 -65.52 -59.89 -34.83
N PRO F 51 -66.63 -59.37 -34.25
CA PRO F 51 -67.77 -60.20 -33.86
C PRO F 51 -68.92 -60.36 -34.88
N THR F 52 -68.66 -60.95 -36.06
CA THR F 52 -69.68 -61.05 -37.15
C THR F 52 -70.70 -62.13 -36.78
N LEU F 53 -70.22 -63.36 -36.54
CA LEU F 53 -71.05 -64.57 -36.30
C LEU F 53 -71.73 -64.57 -34.92
N ALA F 54 -71.21 -63.76 -33.99
CA ALA F 54 -71.82 -63.51 -32.66
C ALA F 54 -73.01 -62.57 -32.82
N GLY F 55 -72.87 -61.53 -33.65
CA GLY F 55 -74.01 -60.72 -34.12
C GLY F 55 -75.09 -61.57 -34.75
N MET F 56 -74.72 -62.53 -35.61
CA MET F 56 -75.67 -63.38 -36.37
C MET F 56 -76.40 -64.36 -35.45
N ALA F 57 -75.71 -64.91 -34.46
CA ALA F 57 -76.28 -65.87 -33.48
C ALA F 57 -77.25 -65.11 -32.58
N GLN F 58 -76.87 -63.91 -32.12
CA GLN F 58 -77.74 -63.02 -31.29
C GLN F 58 -79.06 -62.80 -32.03
N ARG F 59 -79.00 -62.40 -33.30
CA ARG F 59 -80.19 -62.10 -34.14
C ARG F 59 -80.98 -63.38 -34.40
N THR F 60 -80.34 -64.51 -34.71
CA THR F 60 -81.03 -65.80 -34.96
C THR F 60 -81.74 -66.29 -33.68
N LEU F 61 -81.16 -66.06 -32.50
CA LEU F 61 -81.71 -66.57 -31.22
C LEU F 61 -82.99 -65.81 -30.90
N LYS F 62 -82.95 -64.49 -31.10
CA LYS F 62 -84.09 -63.56 -30.85
C LYS F 62 -85.24 -63.83 -31.82
N ASN F 63 -84.94 -64.12 -33.08
CA ASN F 63 -85.93 -64.26 -34.18
C ASN F 63 -86.76 -65.54 -34.03
N LYS F 64 -86.18 -66.67 -33.63
CA LYS F 64 -86.96 -67.94 -33.64
C LYS F 64 -86.61 -68.91 -32.50
N TYR F 65 -85.93 -68.46 -31.45
CA TYR F 65 -85.54 -69.35 -30.33
C TYR F 65 -86.01 -68.75 -28.98
N GLU F 66 -86.78 -67.66 -28.96
CA GLU F 66 -87.33 -67.06 -27.71
C GLU F 66 -88.22 -68.09 -26.99
N SER F 67 -89.20 -68.65 -27.71
CA SER F 67 -90.19 -69.61 -27.16
C SER F 67 -89.55 -70.99 -26.90
N TYR F 68 -88.54 -71.39 -27.68
CA TYR F 68 -87.84 -72.69 -27.52
C TYR F 68 -86.94 -72.67 -26.26
N ASP F 69 -86.20 -71.57 -26.05
CA ASP F 69 -85.24 -71.41 -24.93
C ASP F 69 -86.00 -71.37 -23.61
N ALA F 70 -87.01 -70.49 -23.49
CA ALA F 70 -87.84 -70.30 -22.28
C ALA F 70 -88.44 -71.64 -21.83
N ALA F 71 -88.85 -72.49 -22.78
CA ALA F 71 -89.52 -73.79 -22.54
C ALA F 71 -88.54 -74.89 -22.10
N LEU F 72 -87.21 -74.66 -22.21
CA LEU F 72 -86.14 -75.56 -21.67
C LEU F 72 -85.44 -74.91 -20.47
N SER F 73 -85.78 -73.66 -20.14
CA SER F 73 -85.10 -72.80 -19.13
C SER F 73 -83.59 -72.75 -19.44
N LEU F 74 -83.27 -72.51 -20.72
CA LEU F 74 -81.92 -72.63 -21.32
C LEU F 74 -81.34 -71.24 -21.50
N HIS F 75 -80.54 -70.79 -20.54
CA HIS F 75 -79.77 -69.52 -20.62
C HIS F 75 -78.60 -69.77 -21.58
N ARG F 76 -78.35 -68.85 -22.51
CA ARG F 76 -77.39 -68.99 -23.63
C ARG F 76 -76.42 -67.82 -23.65
N GLU F 77 -75.15 -68.11 -23.89
CA GLU F 77 -74.03 -67.14 -23.83
C GLU F 77 -73.43 -67.04 -25.24
N ILE F 78 -73.29 -65.83 -25.78
CA ILE F 78 -72.69 -65.57 -27.13
C ILE F 78 -71.44 -64.72 -26.95
N LEU F 79 -70.26 -65.29 -27.12
CA LEU F 79 -68.99 -64.65 -26.76
C LEU F 79 -68.09 -64.57 -27.98
N CYS F 80 -67.69 -63.36 -28.36
CA CYS F 80 -66.58 -63.11 -29.30
C CYS F 80 -65.24 -63.19 -28.56
N TYR F 81 -64.21 -63.78 -29.20
CA TYR F 81 -62.83 -63.83 -28.67
C TYR F 81 -62.24 -62.43 -28.52
N SER F 82 -62.52 -61.55 -29.48
CA SER F 82 -61.92 -60.19 -29.58
C SER F 82 -62.43 -59.28 -28.46
N LYS F 83 -63.73 -59.38 -28.15
CA LYS F 83 -64.50 -58.41 -27.33
C LYS F 83 -64.68 -58.93 -25.89
N ASP F 84 -64.80 -60.25 -25.70
CA ASP F 84 -65.17 -60.90 -24.41
C ASP F 84 -64.07 -61.85 -23.93
N ALA F 85 -62.80 -61.47 -24.06
CA ALA F 85 -61.63 -62.31 -23.67
C ALA F 85 -61.71 -62.68 -22.18
N LYS F 86 -62.02 -61.70 -21.33
CA LYS F 86 -62.12 -61.82 -19.86
C LYS F 86 -63.13 -62.89 -19.45
N GLU F 87 -64.26 -63.02 -20.13
CA GLU F 87 -65.25 -64.10 -19.86
C GLU F 87 -64.69 -65.48 -20.27
N ILE F 88 -63.90 -65.53 -21.34
CA ILE F 88 -63.44 -66.80 -21.98
C ILE F 88 -62.23 -67.33 -21.21
N TYR F 89 -61.31 -66.44 -20.86
CA TYR F 89 -59.99 -66.77 -20.24
C TYR F 89 -60.14 -66.92 -18.73
N TYR F 90 -61.29 -66.51 -18.16
CA TYR F 90 -61.52 -66.37 -16.69
C TYR F 90 -60.38 -65.54 -16.10
N THR F 91 -60.38 -64.23 -16.36
CA THR F 91 -59.37 -63.25 -15.85
C THR F 91 -60.04 -61.90 -15.64
N PRO F 92 -60.95 -61.75 -14.66
CA PRO F 92 -61.54 -60.46 -14.35
C PRO F 92 -60.52 -59.50 -13.72
N ASP F 93 -60.78 -58.20 -13.85
CA ASP F 93 -60.11 -57.10 -13.07
C ASP F 93 -60.81 -56.99 -11.71
N PRO F 94 -60.11 -56.48 -10.64
CA PRO F 94 -60.74 -56.27 -9.33
C PRO F 94 -61.71 -55.07 -9.30
N ILE F 140 -58.72 -23.08 13.29
CA ILE F 140 -59.37 -23.51 12.01
C ILE F 140 -60.80 -22.97 11.95
N ALA F 141 -61.22 -22.50 10.77
CA ALA F 141 -62.46 -21.72 10.50
C ALA F 141 -63.71 -22.57 10.81
N ASP F 142 -64.72 -21.95 11.45
CA ASP F 142 -66.01 -22.58 11.86
C ASP F 142 -66.99 -22.57 10.67
N GLU F 143 -67.67 -23.69 10.43
CA GLU F 143 -68.64 -23.89 9.30
C GLU F 143 -69.80 -24.75 9.79
N PRO F 144 -71.08 -24.28 9.68
CA PRO F 144 -72.23 -25.12 10.02
C PRO F 144 -72.29 -26.37 9.11
N VAL F 145 -72.67 -27.52 9.69
CA VAL F 145 -72.76 -28.85 8.99
C VAL F 145 -73.66 -28.69 7.74
N LYS F 146 -73.28 -29.38 6.67
CA LYS F 146 -74.09 -29.57 5.44
C LYS F 146 -75.21 -30.57 5.73
N ALA F 147 -76.35 -30.44 5.03
CA ALA F 147 -77.44 -31.42 4.98
C ALA F 147 -76.95 -32.71 4.30
N SER F 148 -76.06 -32.57 3.31
CA SER F 148 -75.57 -33.68 2.43
C SER F 148 -74.78 -34.70 3.26
N LEU F 149 -74.07 -34.24 4.31
CA LEU F 149 -73.34 -35.09 5.30
C LEU F 149 -74.35 -35.72 6.26
N LEU F 150 -75.16 -34.89 6.93
CA LEU F 150 -76.13 -35.25 8.00
C LEU F 150 -77.12 -36.32 7.49
N LEU F 151 -77.70 -36.10 6.30
CA LEU F 151 -78.61 -37.05 5.62
C LEU F 151 -77.90 -38.40 5.40
N HIS F 152 -76.66 -38.36 4.90
CA HIS F 152 -75.82 -39.56 4.60
C HIS F 152 -75.65 -40.41 5.88
N VAL F 153 -75.40 -39.74 7.01
CA VAL F 153 -75.11 -40.31 8.35
C VAL F 153 -76.37 -40.93 8.95
N LEU F 154 -77.47 -40.18 8.97
CA LEU F 154 -78.82 -40.62 9.43
C LEU F 154 -79.24 -41.91 8.69
N VAL F 155 -79.08 -41.94 7.37
CA VAL F 155 -79.39 -43.15 6.54
C VAL F 155 -78.39 -44.27 6.88
N ALA F 156 -77.09 -43.98 6.83
CA ALA F 156 -75.98 -44.92 7.12
C ALA F 156 -76.23 -45.63 8.46
N HIS F 157 -76.56 -44.86 9.49
CA HIS F 157 -76.81 -45.36 10.87
C HIS F 157 -78.01 -46.31 10.90
N LYS F 158 -79.10 -46.01 10.19
CA LYS F 158 -80.35 -46.83 10.21
C LYS F 158 -80.18 -48.14 9.44
N LEU F 159 -79.22 -48.22 8.52
CA LEU F 159 -78.94 -49.43 7.67
C LEU F 159 -77.82 -50.28 8.29
N LYS F 160 -77.24 -49.86 9.42
CA LYS F 160 -76.10 -50.57 10.09
C LYS F 160 -74.99 -50.76 9.06
N LYS F 161 -74.59 -49.68 8.38
CA LYS F 161 -73.67 -49.70 7.20
C LYS F 161 -72.75 -48.47 7.22
N SER F 162 -71.60 -48.61 6.54
CA SER F 162 -70.47 -47.64 6.52
C SER F 162 -70.80 -46.47 5.58
N LEU F 163 -70.28 -45.29 5.96
CA LEU F 163 -70.58 -43.95 5.35
C LEU F 163 -70.15 -43.88 3.88
N ASP F 164 -69.49 -44.90 3.32
CA ASP F 164 -69.10 -44.96 1.87
C ASP F 164 -69.77 -46.15 1.16
N SER F 165 -70.27 -47.16 1.90
CA SER F 165 -71.05 -48.30 1.32
C SER F 165 -72.43 -47.82 0.81
N ILE F 166 -72.92 -46.67 1.29
CA ILE F 166 -74.09 -45.93 0.73
C ILE F 166 -73.58 -44.92 -0.30
N PRO F 167 -73.86 -45.11 -1.61
CA PRO F 167 -73.64 -44.06 -2.61
C PRO F 167 -74.81 -43.07 -2.60
N MET F 168 -74.52 -41.78 -2.67
CA MET F 168 -75.51 -40.69 -2.50
C MET F 168 -76.44 -40.63 -3.73
N SER F 169 -76.04 -41.19 -4.87
CA SER F 169 -76.76 -41.08 -6.17
C SER F 169 -77.77 -42.23 -6.30
N LYS F 170 -78.62 -42.42 -5.29
CA LYS F 170 -79.45 -43.64 -5.11
C LYS F 170 -80.63 -43.36 -4.16
N THR F 171 -81.84 -43.79 -4.54
CA THR F 171 -83.12 -43.50 -3.83
C THR F 171 -83.17 -44.31 -2.53
N ILE F 172 -83.94 -43.85 -1.54
CA ILE F 172 -84.06 -44.52 -0.22
C ILE F 172 -84.77 -45.88 -0.39
N LYS F 173 -85.76 -45.96 -1.29
CA LYS F 173 -86.52 -47.19 -1.63
C LYS F 173 -85.64 -48.20 -2.37
N ASP F 174 -84.51 -47.76 -2.93
CA ASP F 174 -83.47 -48.61 -3.57
C ASP F 174 -82.64 -49.31 -2.47
N LEU F 175 -82.15 -48.55 -1.48
CA LEU F 175 -81.21 -49.03 -0.42
C LEU F 175 -81.87 -50.08 0.48
N VAL F 176 -83.17 -49.92 0.79
CA VAL F 176 -83.93 -50.84 1.69
C VAL F 176 -85.10 -51.46 0.92
N GLY F 177 -84.94 -51.67 -0.40
CA GLY F 177 -86.05 -52.10 -1.31
C GLY F 177 -86.90 -53.17 -0.67
N GLY F 178 -86.24 -54.21 -0.11
CA GLY F 178 -86.89 -55.33 0.59
C GLY F 178 -87.83 -54.83 1.68
N LYS F 179 -87.30 -54.68 2.89
CA LYS F 179 -88.09 -54.31 4.10
C LYS F 179 -88.64 -52.89 3.90
N SER F 180 -89.97 -52.78 3.94
CA SER F 180 -90.67 -51.52 3.83
C SER F 180 -90.74 -50.77 5.15
N THR F 181 -90.59 -51.50 6.27
CA THR F 181 -90.61 -50.91 7.61
C THR F 181 -89.47 -49.89 7.74
N VAL F 182 -88.24 -50.32 7.44
CA VAL F 182 -87.00 -49.51 7.59
C VAL F 182 -87.15 -48.25 6.73
N GLN F 183 -87.63 -48.41 5.48
CA GLN F 183 -87.90 -47.29 4.53
C GLN F 183 -88.68 -46.18 5.24
N ASN F 184 -89.90 -46.47 5.69
CA ASN F 184 -90.79 -45.49 6.36
C ASN F 184 -90.06 -44.94 7.61
N GLU F 185 -89.34 -45.80 8.33
CA GLU F 185 -88.63 -45.47 9.60
C GLU F 185 -87.53 -44.45 9.32
N ILE F 186 -86.87 -44.53 8.15
CA ILE F 186 -85.93 -43.51 7.62
C ILE F 186 -86.70 -42.20 7.34
N LEU F 187 -87.86 -42.29 6.66
CA LEU F 187 -88.71 -41.12 6.30
C LEU F 187 -89.24 -40.43 7.57
N GLY F 188 -89.62 -41.21 8.59
CA GLY F 188 -89.98 -40.71 9.94
C GLY F 188 -88.84 -39.94 10.59
N ASP F 189 -87.59 -40.41 10.41
CA ASP F 189 -86.35 -39.81 10.96
C ASP F 189 -86.02 -38.48 10.25
N LEU F 190 -86.10 -38.45 8.91
CA LEU F 190 -85.89 -37.21 8.10
C LEU F 190 -87.02 -36.21 8.40
N GLY F 191 -88.24 -36.71 8.67
CA GLY F 191 -89.38 -35.89 9.12
C GLY F 191 -89.07 -35.10 10.39
N LYS F 192 -88.61 -35.78 11.45
CA LYS F 192 -88.20 -35.16 12.74
C LYS F 192 -87.04 -34.19 12.52
N GLU F 193 -86.06 -34.63 11.72
CA GLU F 193 -84.71 -34.02 11.62
C GLU F 193 -84.75 -32.68 10.89
N PHE F 194 -85.32 -32.65 9.67
CA PHE F 194 -85.35 -31.47 8.75
C PHE F 194 -86.75 -30.84 8.66
N GLY F 195 -87.74 -31.39 9.38
CA GLY F 195 -89.14 -30.92 9.34
C GLY F 195 -89.86 -31.32 8.06
N THR F 196 -90.06 -30.36 7.15
CA THR F 196 -90.87 -30.51 5.91
C THR F 196 -90.07 -31.28 4.85
N THR F 197 -90.69 -32.30 4.25
CA THR F 197 -90.13 -33.15 3.15
C THR F 197 -90.81 -32.80 1.83
N PRO F 198 -90.16 -33.09 0.68
CA PRO F 198 -90.86 -33.22 -0.60
C PRO F 198 -92.02 -34.24 -0.60
N GLU F 199 -92.59 -34.52 -1.78
CA GLU F 199 -93.63 -35.56 -1.99
C GLU F 199 -93.01 -36.76 -2.72
N LYS F 200 -93.17 -37.95 -2.12
CA LYS F 200 -92.43 -39.19 -2.46
C LYS F 200 -90.95 -38.91 -2.36
N PRO F 201 -90.41 -38.69 -1.13
CA PRO F 201 -88.96 -38.51 -0.93
C PRO F 201 -88.15 -39.78 -1.18
N GLU F 202 -88.77 -40.96 -1.09
CA GLU F 202 -88.10 -42.28 -1.28
C GLU F 202 -88.06 -42.64 -2.77
N GLU F 203 -88.32 -41.70 -3.67
CA GLU F 203 -88.24 -41.86 -5.15
C GLU F 203 -87.18 -40.91 -5.75
N THR F 204 -86.61 -39.98 -4.96
CA THR F 204 -85.59 -38.99 -5.40
C THR F 204 -84.26 -39.34 -4.74
N PRO F 205 -83.14 -39.47 -5.51
CA PRO F 205 -81.82 -39.80 -4.94
C PRO F 205 -81.33 -38.86 -3.82
N LEU F 206 -80.68 -39.42 -2.79
CA LEU F 206 -80.19 -38.70 -1.57
C LEU F 206 -79.42 -37.43 -1.98
N GLU F 207 -78.51 -37.58 -2.95
CA GLU F 207 -77.75 -36.50 -3.62
C GLU F 207 -78.72 -35.35 -3.95
N GLU F 208 -79.81 -35.66 -4.68
CA GLU F 208 -80.83 -34.71 -5.22
C GLU F 208 -81.66 -34.12 -4.06
N LEU F 209 -82.02 -34.98 -3.10
CA LEU F 209 -82.91 -34.69 -1.93
C LEU F 209 -82.15 -33.87 -0.88
N ALA F 210 -80.83 -34.05 -0.77
CA ALA F 210 -79.93 -33.31 0.17
C ALA F 210 -80.03 -31.81 -0.09
N GLU F 211 -80.06 -31.39 -1.37
CA GLU F 211 -80.20 -29.98 -1.82
C GLU F 211 -81.51 -29.40 -1.29
N THR F 212 -82.64 -30.06 -1.59
CA THR F 212 -84.01 -29.63 -1.19
C THR F 212 -84.07 -29.29 0.30
N PHE F 213 -83.28 -29.98 1.13
CA PHE F 213 -83.15 -29.72 2.59
C PHE F 213 -82.18 -28.55 2.82
N GLN F 214 -81.02 -28.55 2.14
CA GLN F 214 -79.89 -27.59 2.32
C GLN F 214 -80.40 -26.15 2.36
N ASP F 215 -81.40 -25.84 1.51
CA ASP F 215 -82.09 -24.51 1.46
C ASP F 215 -82.60 -24.13 2.86
N THR F 216 -83.71 -24.74 3.31
CA THR F 216 -84.53 -24.30 4.49
C THR F 216 -83.93 -24.76 5.83
N PHE F 217 -82.78 -25.44 5.84
CA PHE F 217 -82.06 -25.89 7.08
C PHE F 217 -80.75 -25.12 7.20
N SER F 218 -80.31 -24.89 8.45
CA SER F 218 -79.12 -24.08 8.81
C SER F 218 -78.31 -24.78 9.91
N GLY F 219 -77.38 -25.67 9.51
CA GLY F 219 -76.44 -26.43 10.37
C GLY F 219 -76.97 -26.70 11.78
N ALA F 220 -78.23 -27.16 11.86
CA ALA F 220 -78.98 -27.48 13.12
C ALA F 220 -79.07 -29.00 13.26
N LEU F 221 -78.55 -29.55 14.36
CA LEU F 221 -78.61 -31.03 14.63
C LEU F 221 -80.05 -31.46 14.92
N GLY F 222 -80.84 -30.64 15.63
CA GLY F 222 -82.27 -30.90 15.86
C GLY F 222 -82.54 -32.17 16.65
N LYS F 223 -83.80 -32.61 16.65
CA LYS F 223 -84.36 -33.67 17.54
C LYS F 223 -83.56 -34.99 17.39
N GLN F 224 -83.66 -35.63 16.22
CA GLN F 224 -83.29 -37.06 16.00
C GLN F 224 -81.78 -37.28 16.17
N SER F 225 -80.95 -36.47 15.50
CA SER F 225 -79.46 -36.59 15.46
C SER F 225 -78.88 -36.40 16.87
N SER F 226 -79.36 -35.39 17.60
CA SER F 226 -78.97 -35.07 19.01
C SER F 226 -79.18 -36.30 19.91
N SER F 227 -80.37 -36.91 19.83
CA SER F 227 -80.80 -38.14 20.54
C SER F 227 -79.94 -39.36 20.14
N LEU F 228 -79.42 -39.43 18.91
CA LEU F 228 -78.55 -40.54 18.44
C LEU F 228 -77.14 -40.39 19.01
N LEU F 229 -76.65 -39.16 19.14
CA LEU F 229 -75.33 -38.85 19.76
C LEU F 229 -75.40 -39.09 21.28
N SER F 230 -76.45 -38.58 21.93
CA SER F 230 -76.72 -38.83 23.38
C SER F 230 -76.60 -40.33 23.69
N ARG F 231 -77.16 -41.19 22.82
CA ARG F 231 -77.00 -42.67 22.95
C ARG F 231 -75.55 -43.05 22.66
N LEU F 232 -74.98 -42.61 21.53
CA LEU F 232 -73.64 -43.05 21.06
C LEU F 232 -72.63 -42.95 22.20
N ILE F 233 -72.56 -41.77 22.84
CA ILE F 233 -71.60 -41.45 23.95
C ILE F 233 -71.96 -42.33 25.16
N SER F 234 -73.09 -42.08 25.83
CA SER F 234 -73.50 -42.78 27.08
C SER F 234 -73.47 -44.31 26.89
N SER F 235 -74.02 -44.85 25.79
CA SER F 235 -74.18 -46.31 25.56
C SER F 235 -72.82 -46.95 25.24
N LYS F 236 -72.00 -46.27 24.42
CA LYS F 236 -70.56 -46.61 24.27
C LYS F 236 -69.82 -46.08 25.51
N MET F 237 -68.51 -46.29 25.60
CA MET F 237 -67.72 -46.28 26.86
C MET F 237 -66.65 -45.17 26.82
N PRO F 238 -66.97 -43.94 26.34
CA PRO F 238 -66.45 -42.73 27.02
C PRO F 238 -66.76 -42.78 28.53
N GLY F 239 -66.16 -43.77 29.23
CA GLY F 239 -66.62 -44.35 30.51
C GLY F 239 -67.12 -43.29 31.49
N GLY F 240 -66.39 -42.17 31.57
CA GLY F 240 -66.71 -41.02 32.45
C GLY F 240 -66.95 -39.73 31.68
N PHE F 241 -66.24 -39.51 30.56
CA PHE F 241 -66.27 -38.23 29.78
C PHE F 241 -67.51 -38.21 28.85
N THR F 242 -68.44 -37.30 29.19
CA THR F 242 -69.71 -37.02 28.49
C THR F 242 -69.44 -36.00 27.36
N ILE F 243 -70.51 -35.48 26.73
CA ILE F 243 -70.49 -34.63 25.49
C ILE F 243 -69.54 -33.44 25.68
N THR F 244 -69.80 -32.57 26.68
CA THR F 244 -69.04 -31.34 27.00
C THR F 244 -67.53 -31.65 27.11
N VAL F 245 -67.17 -32.75 27.76
CA VAL F 245 -65.75 -33.18 27.99
C VAL F 245 -65.15 -33.72 26.67
N ALA F 246 -65.99 -34.34 25.82
CA ALA F 246 -65.62 -34.90 24.49
C ALA F 246 -65.46 -33.77 23.46
N ARG F 247 -66.37 -32.78 23.47
CA ARG F 247 -66.35 -31.58 22.58
C ARG F 247 -65.05 -30.79 22.80
N LYS F 248 -64.82 -30.36 24.06
CA LYS F 248 -63.64 -29.57 24.51
C LYS F 248 -62.33 -30.21 24.02
N TYR F 249 -62.22 -31.56 24.06
CA TYR F 249 -61.02 -32.30 23.58
C TYR F 249 -60.72 -31.95 22.11
N LEU F 250 -61.73 -32.00 21.22
CA LEU F 250 -61.63 -31.64 19.78
C LEU F 250 -61.11 -30.20 19.69
N GLN F 251 -61.86 -29.27 20.31
CA GLN F 251 -61.69 -27.78 20.28
C GLN F 251 -60.29 -27.37 20.78
N THR F 252 -59.74 -28.12 21.75
CA THR F 252 -58.40 -27.91 22.36
C THR F 252 -57.31 -28.54 21.48
N ARG F 253 -57.44 -29.84 21.15
CA ARG F 253 -56.36 -30.66 20.53
C ARG F 253 -56.23 -30.37 19.02
N TRP F 254 -57.37 -30.34 18.30
CA TRP F 254 -57.45 -30.21 16.81
C TRP F 254 -57.83 -28.78 16.37
N GLY F 255 -58.54 -28.01 17.22
CA GLY F 255 -58.89 -26.60 17.00
C GLY F 255 -60.21 -26.42 16.24
N LEU F 256 -61.23 -27.22 16.57
CA LEU F 256 -62.53 -27.34 15.82
C LEU F 256 -63.69 -26.79 16.66
N PRO F 257 -64.22 -25.57 16.36
CA PRO F 257 -65.40 -25.02 17.07
C PRO F 257 -66.73 -25.72 16.73
N SER F 258 -67.84 -25.28 17.36
CA SER F 258 -69.21 -25.89 17.37
C SER F 258 -69.58 -26.58 16.05
N GLY F 259 -69.70 -25.82 14.95
CA GLY F 259 -70.10 -26.31 13.61
C GLY F 259 -69.29 -27.52 13.16
N ARG F 260 -67.97 -27.39 13.08
CA ARG F 260 -67.01 -28.47 12.68
C ARG F 260 -67.03 -29.62 13.70
N GLN F 261 -67.26 -29.32 14.98
CA GLN F 261 -67.32 -30.27 16.13
C GLN F 261 -68.41 -31.31 15.87
N ASP F 262 -69.64 -30.85 15.62
CA ASP F 262 -70.85 -31.66 15.27
C ASP F 262 -70.50 -32.60 14.11
N GLY F 263 -69.90 -32.05 13.05
CA GLY F 263 -69.46 -32.79 11.84
C GLY F 263 -68.63 -34.02 12.15
N VAL F 264 -67.77 -33.97 13.17
CA VAL F 264 -66.86 -35.10 13.56
C VAL F 264 -67.68 -36.15 14.34
N LEU F 265 -68.52 -35.69 15.27
CA LEU F 265 -69.42 -36.56 16.08
C LEU F 265 -70.32 -37.37 15.14
N LEU F 266 -70.87 -36.75 14.10
CA LEU F 266 -71.78 -37.41 13.12
C LEU F 266 -71.04 -38.53 12.37
N VAL F 267 -69.76 -38.33 12.03
CA VAL F 267 -68.94 -39.37 11.36
C VAL F 267 -68.64 -40.50 12.36
N ALA F 268 -68.51 -40.18 13.66
CA ALA F 268 -68.34 -41.17 14.76
C ALA F 268 -69.57 -42.08 14.85
N LEU F 269 -70.77 -41.52 14.70
CA LEU F 269 -72.09 -42.23 14.74
C LEU F 269 -72.15 -43.26 13.59
N SER F 270 -71.60 -42.93 12.41
CA SER F 270 -71.58 -43.81 11.21
C SER F 270 -70.46 -44.85 11.28
N ASN F 271 -69.41 -44.59 12.08
CA ASN F 271 -68.30 -45.54 12.40
C ASN F 271 -68.39 -45.89 13.89
N GLU F 272 -69.55 -46.40 14.32
CA GLU F 272 -69.85 -46.87 15.71
C GLU F 272 -68.87 -47.98 16.11
N PRO F 273 -68.12 -47.86 17.24
CA PRO F 273 -67.13 -48.87 17.65
C PRO F 273 -67.73 -50.24 17.99
N ALA F 274 -68.94 -50.25 18.57
CA ALA F 274 -69.80 -51.42 18.89
C ALA F 274 -69.17 -52.20 20.05
N ALA F 275 -68.02 -52.83 19.79
CA ALA F 275 -67.13 -53.48 20.79
C ALA F 275 -66.95 -52.52 21.99
N ARG F 276 -66.90 -53.09 23.21
CA ARG F 276 -66.42 -52.41 24.44
C ARG F 276 -64.97 -51.93 24.20
N LEU F 277 -64.69 -50.68 24.61
CA LEU F 277 -63.33 -50.04 24.58
C LEU F 277 -62.96 -49.65 26.03
N GLY F 278 -61.71 -49.92 26.43
CA GLY F 278 -61.24 -49.85 27.83
C GLY F 278 -61.45 -48.47 28.43
N SER F 279 -60.67 -47.48 27.98
CA SER F 279 -60.43 -46.20 28.70
C SER F 279 -60.49 -45.00 27.73
N GLU F 280 -60.20 -43.80 28.27
CA GLU F 280 -60.15 -42.50 27.53
C GLU F 280 -59.00 -42.54 26.50
N ALA F 281 -57.82 -43.04 26.89
CA ALA F 281 -56.62 -43.23 26.02
C ALA F 281 -57.05 -43.80 24.65
N ASP F 282 -57.94 -44.80 24.65
CA ASP F 282 -58.49 -45.46 23.43
C ASP F 282 -59.59 -44.58 22.78
N ALA F 283 -60.51 -44.04 23.60
CA ALA F 283 -61.62 -43.16 23.16
C ALA F 283 -61.11 -41.79 22.64
N LYS F 284 -59.88 -41.39 22.99
CA LYS F 284 -59.16 -40.24 22.36
C LYS F 284 -58.67 -40.66 20.96
N ALA F 285 -58.13 -41.89 20.82
CA ALA F 285 -57.60 -42.48 19.56
C ALA F 285 -58.74 -42.72 18.54
N PHE F 286 -59.97 -42.92 19.04
CA PHE F 286 -61.24 -42.99 18.27
C PHE F 286 -61.50 -41.61 17.63
N LEU F 287 -61.73 -40.56 18.44
CA LEU F 287 -62.05 -39.18 18.00
C LEU F 287 -60.97 -38.61 17.07
N ASP F 288 -59.72 -39.06 17.19
CA ASP F 288 -58.59 -38.66 16.30
C ASP F 288 -58.83 -39.22 14.89
N SER F 289 -59.12 -40.52 14.74
CA SER F 289 -59.39 -41.19 13.43
C SER F 289 -60.64 -40.62 12.75
N MET F 290 -61.69 -40.29 13.52
CA MET F 290 -62.99 -39.71 13.06
C MET F 290 -62.77 -38.29 12.51
N ALA F 291 -61.95 -37.46 13.18
CA ALA F 291 -61.58 -36.09 12.74
C ALA F 291 -60.61 -36.12 11.54
N GLN F 292 -60.08 -37.31 11.17
CA GLN F 292 -59.28 -37.56 9.93
C GLN F 292 -60.17 -38.10 8.80
N LYS F 293 -61.28 -38.78 9.12
CA LYS F 293 -62.38 -39.11 8.16
C LYS F 293 -63.15 -37.82 7.82
N TYR F 294 -63.50 -37.03 8.84
CA TYR F 294 -64.23 -35.74 8.70
C TYR F 294 -63.48 -34.83 7.72
N ALA F 295 -62.22 -34.54 8.04
CA ALA F 295 -61.27 -33.69 7.25
C ALA F 295 -61.19 -34.18 5.79
N SER F 296 -61.20 -35.50 5.58
CA SER F 296 -61.05 -36.13 4.23
C SER F 296 -62.33 -35.92 3.39
N ILE F 297 -63.51 -35.84 4.04
CA ILE F 297 -64.84 -35.63 3.38
C ILE F 297 -65.00 -34.12 3.08
N VAL F 298 -64.95 -33.27 4.11
CA VAL F 298 -65.23 -31.79 3.99
C VAL F 298 -64.06 -31.11 3.24
N GLY F 299 -62.83 -31.61 3.36
CA GLY F 299 -61.63 -31.06 2.71
C GLY F 299 -60.95 -29.99 3.55
N VAL F 300 -60.84 -30.22 4.87
CA VAL F 300 -60.02 -29.43 5.83
C VAL F 300 -58.67 -30.17 5.99
N ASP F 301 -57.65 -29.48 6.53
CA ASP F 301 -56.28 -30.02 6.82
C ASP F 301 -55.93 -29.82 8.31
N LEU F 302 -55.15 -30.76 8.89
CA LEU F 302 -54.76 -30.80 10.34
C LEU F 302 -53.28 -31.24 10.46
N LEU F 328 -23.53 -8.45 6.85
CA LEU F 328 -22.86 -9.55 7.61
C LEU F 328 -21.46 -9.84 6.99
N GLU F 329 -21.43 -10.23 5.70
CA GLU F 329 -20.22 -10.62 4.91
C GLU F 329 -20.13 -9.79 3.61
N GLU F 330 -20.65 -8.56 3.66
CA GLU F 330 -20.56 -7.54 2.57
C GLU F 330 -19.54 -6.48 2.99
N ILE F 331 -18.74 -6.77 4.02
CA ILE F 331 -17.59 -5.94 4.49
C ILE F 331 -16.28 -6.69 4.18
N THR F 332 -16.17 -7.96 4.57
CA THR F 332 -15.07 -8.88 4.18
C THR F 332 -14.90 -8.85 2.64
N LYS F 333 -16.01 -8.83 1.90
CA LYS F 333 -16.05 -8.69 0.42
C LYS F 333 -15.37 -7.38 -0.01
N ASP F 334 -15.86 -6.24 0.49
CA ASP F 334 -15.51 -4.87 0.04
C ASP F 334 -14.02 -4.60 0.28
N HIS F 335 -13.46 -5.19 1.34
CA HIS F 335 -12.01 -5.20 1.63
C HIS F 335 -11.27 -5.99 0.54
N LYS F 336 -11.65 -7.26 0.32
CA LYS F 336 -11.02 -8.17 -0.68
C LYS F 336 -11.10 -7.57 -2.08
N VAL F 337 -12.10 -6.75 -2.34
CA VAL F 337 -12.21 -6.00 -3.63
C VAL F 337 -11.09 -4.97 -3.70
N LEU F 338 -10.82 -4.29 -2.58
CA LEU F 338 -9.74 -3.28 -2.51
C LEU F 338 -8.39 -3.96 -2.74
N ALA F 339 -8.15 -5.06 -2.02
CA ALA F 339 -6.89 -5.80 -2.08
C ALA F 339 -6.65 -6.24 -3.52
N ARG F 340 -7.69 -6.81 -4.14
CA ARG F 340 -7.68 -7.30 -5.55
C ARG F 340 -7.26 -6.15 -6.46
N GLN F 341 -7.84 -4.96 -6.30
CA GLN F 341 -7.54 -3.78 -7.15
C GLN F 341 -6.12 -3.30 -6.94
N GLN F 342 -5.62 -3.32 -5.70
CA GLN F 342 -4.24 -2.92 -5.36
C GLN F 342 -3.27 -3.88 -6.00
N LEU F 343 -3.52 -5.20 -5.89
CA LEU F 343 -2.73 -6.29 -6.54
C LEU F 343 -2.62 -5.99 -8.03
N GLN F 344 -3.77 -5.76 -8.69
CA GLN F 344 -3.87 -5.45 -10.13
C GLN F 344 -2.95 -4.29 -10.52
N VAL F 345 -2.88 -3.19 -9.76
CA VAL F 345 -1.99 -2.04 -10.12
C VAL F 345 -0.51 -2.41 -9.88
N LEU F 346 -0.20 -3.20 -8.86
CA LEU F 346 1.19 -3.67 -8.66
C LEU F 346 1.63 -4.59 -9.80
N ALA F 347 0.72 -5.46 -10.27
CA ALA F 347 0.95 -6.39 -11.41
C ALA F 347 1.21 -5.59 -12.67
N ARG F 348 0.42 -4.57 -12.90
CA ARG F 348 0.56 -3.70 -14.09
C ARG F 348 1.94 -3.04 -14.04
N TYR F 349 2.36 -2.59 -12.86
CA TYR F 349 3.60 -1.79 -12.68
C TYR F 349 4.81 -2.68 -12.99
N LEU F 350 4.73 -3.94 -12.57
CA LEU F 350 5.81 -4.96 -12.73
C LEU F 350 5.79 -5.64 -14.10
N LYS F 351 4.79 -5.34 -14.94
CA LYS F 351 4.70 -5.77 -16.36
C LYS F 351 4.60 -7.29 -16.34
N MET F 352 3.58 -7.75 -15.64
CA MET F 352 3.48 -9.12 -15.09
C MET F 352 2.07 -9.63 -15.40
N ASP F 353 1.93 -10.42 -16.46
CA ASP F 353 0.64 -11.00 -16.88
C ASP F 353 0.30 -12.15 -15.94
N LEU F 354 -0.80 -12.04 -15.20
CA LEU F 354 -1.27 -13.07 -14.24
C LEU F 354 -1.99 -14.22 -14.94
N ASP F 355 -2.43 -14.04 -16.19
CA ASP F 355 -3.18 -15.06 -16.97
C ASP F 355 -2.23 -15.82 -17.90
N ASN F 356 -1.09 -15.25 -18.28
CA ASN F 356 -0.07 -15.91 -19.14
C ASN F 356 0.00 -17.43 -18.87
N GLY F 357 -0.07 -17.84 -17.61
CA GLY F 357 -0.12 -19.25 -17.20
C GLY F 357 -1.31 -19.97 -17.77
N GLU F 358 -2.53 -19.54 -17.44
CA GLU F 358 -3.78 -20.19 -17.92
C GLU F 358 -3.90 -20.10 -19.44
N ARG F 359 -3.37 -19.06 -20.10
CA ARG F 359 -3.35 -19.01 -21.58
C ARG F 359 -2.56 -20.20 -22.12
N LYS F 360 -1.24 -20.17 -21.97
CA LYS F 360 -0.32 -21.29 -22.32
C LYS F 360 -0.98 -22.66 -22.09
N PHE F 361 -1.66 -22.84 -20.96
CA PHE F 361 -2.35 -24.11 -20.61
C PHE F 361 -3.50 -24.40 -21.54
N LEU F 362 -4.43 -23.45 -21.78
CA LEU F 362 -5.62 -23.69 -22.65
C LEU F 362 -5.14 -24.07 -24.07
N LYS F 363 -4.08 -23.44 -24.54
CA LYS F 363 -3.45 -23.67 -25.85
C LYS F 363 -2.89 -25.12 -25.93
N GLU F 364 -2.34 -25.66 -24.84
CA GLU F 364 -1.80 -27.05 -24.76
C GLU F 364 -2.96 -28.05 -24.71
N LYS F 365 -3.98 -27.78 -23.91
CA LYS F 365 -5.19 -28.64 -23.81
C LYS F 365 -5.82 -28.81 -25.20
N ASP F 366 -5.66 -27.85 -26.11
CA ASP F 366 -6.12 -27.97 -27.52
C ASP F 366 -5.23 -28.96 -28.28
N THR F 367 -3.90 -28.85 -28.19
CA THR F 367 -2.98 -29.78 -28.87
C THR F 367 -3.19 -31.21 -28.34
N VAL F 368 -3.58 -31.38 -27.09
CA VAL F 368 -3.90 -32.72 -26.53
C VAL F 368 -5.14 -33.26 -27.25
N ALA F 369 -6.24 -32.50 -27.22
CA ALA F 369 -7.51 -32.79 -27.93
C ALA F 369 -7.21 -33.26 -29.35
N GLU F 370 -6.33 -32.54 -30.04
CA GLU F 370 -5.96 -32.76 -31.47
C GLU F 370 -5.25 -34.13 -31.59
N LEU F 371 -4.15 -34.36 -30.86
CA LEU F 371 -3.38 -35.64 -30.84
C LEU F 371 -4.26 -36.79 -30.36
N GLN F 372 -5.17 -36.61 -29.42
CA GLN F 372 -6.07 -37.70 -29.02
C GLN F 372 -7.00 -38.04 -30.19
N ALA F 373 -7.40 -37.05 -31.00
CA ALA F 373 -8.32 -37.28 -32.14
C ALA F 373 -7.60 -38.12 -33.22
N GLN F 374 -6.31 -37.85 -33.47
CA GLN F 374 -5.46 -38.60 -34.42
C GLN F 374 -5.35 -40.05 -33.99
N LEU F 375 -5.16 -40.28 -32.70
CA LEU F 375 -4.88 -41.60 -32.06
C LEU F 375 -6.17 -42.40 -31.91
N ASP F 376 -7.30 -41.73 -31.68
CA ASP F 376 -8.62 -42.35 -31.54
C ASP F 376 -9.07 -42.83 -32.91
N TYR F 377 -8.55 -42.22 -33.96
CA TYR F 377 -8.87 -42.54 -35.36
C TYR F 377 -8.13 -43.81 -35.74
N LEU F 378 -6.82 -43.83 -35.56
CA LEU F 378 -6.00 -45.05 -35.78
C LEU F 378 -6.55 -46.25 -35.00
N ASN F 379 -7.10 -46.06 -33.82
CA ASN F 379 -7.75 -47.16 -33.06
C ASN F 379 -9.03 -47.59 -33.75
N ALA F 380 -9.77 -46.66 -34.31
CA ALA F 380 -11.03 -46.93 -35.03
C ALA F 380 -10.71 -47.70 -36.33
N GLU F 381 -9.62 -47.36 -37.01
CA GLU F 381 -9.17 -48.01 -38.26
C GLU F 381 -8.59 -49.40 -38.02
N LEU F 382 -7.61 -49.49 -37.14
CA LEU F 382 -6.80 -50.72 -37.01
C LEU F 382 -7.42 -51.64 -35.96
N GLY F 383 -8.09 -51.06 -35.00
CA GLY F 383 -8.69 -51.83 -33.91
C GLY F 383 -7.77 -51.88 -32.72
N GLU F 384 -8.34 -52.05 -31.54
CA GLU F 384 -7.58 -52.00 -30.27
C GLU F 384 -6.64 -53.22 -30.24
N PHE F 385 -7.08 -54.37 -30.75
CA PHE F 385 -6.25 -55.60 -30.77
C PHE F 385 -4.92 -55.39 -31.48
N PHE F 386 -4.96 -54.85 -32.67
CA PHE F 386 -3.80 -54.58 -33.53
C PHE F 386 -2.92 -53.53 -32.88
N VAL F 387 -3.45 -52.47 -32.31
CA VAL F 387 -2.63 -51.34 -31.79
C VAL F 387 -1.86 -51.79 -30.53
N ASN F 388 -2.54 -52.44 -29.61
CA ASN F 388 -1.91 -53.08 -28.44
C ASN F 388 -0.93 -54.19 -28.86
N GLY F 389 -1.28 -54.95 -29.91
CA GLY F 389 -0.57 -56.15 -30.37
C GLY F 389 0.82 -55.84 -30.89
N VAL F 390 0.96 -54.66 -31.47
CA VAL F 390 2.07 -54.26 -32.38
C VAL F 390 3.14 -53.56 -31.53
N ALA F 391 3.00 -53.62 -30.21
CA ALA F 391 3.95 -53.10 -29.21
C ALA F 391 5.26 -53.88 -29.24
N THR F 392 6.36 -53.23 -28.87
CA THR F 392 7.73 -53.81 -28.95
C THR F 392 7.94 -54.68 -27.72
N SER F 393 8.45 -55.91 -27.92
CA SER F 393 8.91 -56.88 -26.89
C SER F 393 10.44 -56.98 -26.88
N PHE F 394 11.09 -56.79 -28.02
CA PHE F 394 12.48 -57.23 -28.25
C PHE F 394 13.43 -56.21 -27.67
N SER F 395 14.33 -56.66 -26.81
CA SER F 395 15.49 -55.88 -26.35
C SER F 395 16.70 -56.77 -26.44
N ARG F 396 17.86 -56.26 -26.82
CA ARG F 396 19.08 -57.08 -26.88
C ARG F 396 19.48 -57.52 -25.47
N LYS F 397 19.19 -56.67 -24.49
CA LYS F 397 19.66 -56.85 -23.11
C LYS F 397 18.85 -57.96 -22.44
N LYS F 398 17.67 -58.29 -22.94
CA LYS F 398 16.85 -59.35 -22.34
C LYS F 398 17.32 -60.72 -22.86
N ALA F 399 18.21 -60.80 -23.84
CA ALA F 399 18.62 -62.11 -24.43
C ALA F 399 19.44 -62.98 -23.47
N ARG F 400 18.95 -64.19 -23.19
CA ARG F 400 19.64 -65.26 -22.41
C ARG F 400 20.37 -66.24 -23.32
N THR F 401 21.69 -66.43 -23.20
CA THR F 401 22.38 -67.53 -23.91
C THR F 401 22.60 -68.74 -23.00
N PHE F 402 22.37 -69.92 -23.56
CA PHE F 402 22.69 -71.23 -22.98
C PHE F 402 23.74 -71.90 -23.87
N ASP F 403 25.00 -72.02 -23.39
CA ASP F 403 26.12 -72.68 -24.13
C ASP F 403 26.97 -73.63 -23.29
N SER F 404 26.61 -74.05 -22.08
CA SER F 404 27.59 -74.76 -21.20
C SER F 404 27.22 -76.24 -21.10
N SER F 405 27.32 -76.94 -22.23
CA SER F 405 26.98 -78.37 -22.33
C SER F 405 28.13 -79.18 -21.75
N TRP F 406 29.34 -78.64 -21.77
CA TRP F 406 30.52 -79.25 -21.11
C TRP F 406 30.28 -79.53 -19.62
N ASN F 407 29.46 -78.73 -18.95
CA ASN F 407 29.02 -78.95 -17.56
C ASN F 407 27.77 -79.82 -17.45
N TRP F 408 26.81 -79.74 -18.36
CA TRP F 408 25.54 -80.49 -18.17
C TRP F 408 25.74 -81.95 -18.52
N ALA F 409 26.78 -82.33 -19.26
CA ALA F 409 27.06 -83.75 -19.59
C ALA F 409 27.39 -84.50 -18.30
N LYS F 410 28.24 -83.89 -17.49
CA LYS F 410 28.69 -84.48 -16.22
C LYS F 410 27.49 -84.61 -15.30
N GLN F 411 26.55 -83.68 -15.32
CA GLN F 411 25.38 -83.68 -14.39
C GLN F 411 24.36 -84.69 -14.91
N SER F 412 24.30 -84.90 -16.21
CA SER F 412 23.37 -85.83 -16.90
C SER F 412 23.79 -87.27 -16.62
N LEU F 413 25.10 -87.50 -16.66
CA LEU F 413 25.72 -88.79 -16.34
C LEU F 413 25.44 -89.14 -14.87
N LEU F 414 25.84 -88.26 -13.97
CA LEU F 414 25.72 -88.49 -12.50
C LEU F 414 24.26 -88.60 -12.08
N SER F 415 23.34 -87.90 -12.74
CA SER F 415 21.88 -88.06 -12.53
C SER F 415 21.42 -89.49 -12.87
N LEU F 416 21.79 -89.97 -14.07
CA LEU F 416 21.42 -91.31 -14.57
C LEU F 416 22.09 -92.37 -13.71
N TYR F 417 23.31 -92.13 -13.23
CA TYR F 417 24.05 -93.07 -12.34
C TYR F 417 23.24 -93.35 -11.07
N PHE F 418 22.85 -92.32 -10.34
CA PHE F 418 22.07 -92.50 -9.08
C PHE F 418 20.62 -92.92 -9.37
N GLU F 419 20.02 -92.49 -10.48
CA GLU F 419 18.67 -92.99 -10.88
C GLU F 419 18.68 -94.54 -10.92
N ILE F 420 19.71 -95.14 -11.50
CA ILE F 420 19.86 -96.61 -11.72
C ILE F 420 20.25 -97.29 -10.39
N ILE F 421 21.05 -96.64 -9.56
CA ILE F 421 21.49 -97.18 -8.24
C ILE F 421 20.35 -97.17 -7.22
N HIS F 422 19.34 -96.34 -7.38
CA HIS F 422 18.14 -96.30 -6.49
C HIS F 422 16.94 -96.95 -7.17
N GLY F 423 17.15 -97.62 -8.31
CA GLY F 423 16.15 -98.46 -9.01
C GLY F 423 15.04 -97.68 -9.70
N VAL F 424 15.21 -96.37 -9.91
CA VAL F 424 14.19 -95.48 -10.56
C VAL F 424 14.14 -95.77 -12.07
N LEU F 425 15.30 -95.89 -12.73
CA LEU F 425 15.45 -96.37 -14.13
C LEU F 425 16.03 -97.80 -14.10
N LYS F 426 15.43 -98.70 -14.89
CA LYS F 426 15.87 -100.11 -15.06
C LYS F 426 16.60 -100.25 -16.41
N ASN F 427 17.10 -101.46 -16.68
CA ASN F 427 17.69 -101.91 -17.98
C ASN F 427 16.60 -101.81 -19.07
N VAL F 428 15.38 -102.28 -18.77
CA VAL F 428 14.26 -102.42 -19.75
C VAL F 428 13.83 -101.04 -20.29
N ASP F 429 13.90 -100.00 -19.47
CA ASP F 429 13.39 -98.62 -19.77
C ASP F 429 14.08 -98.08 -21.03
N ARG F 430 13.37 -97.22 -21.74
CA ARG F 430 13.82 -96.59 -23.00
C ARG F 430 14.48 -95.24 -22.67
N GLU F 431 14.40 -94.82 -21.40
CA GLU F 431 15.02 -93.55 -20.91
C GLU F 431 16.54 -93.72 -20.92
N VAL F 432 17.07 -94.81 -20.34
CA VAL F 432 18.54 -95.11 -20.32
C VAL F 432 19.15 -95.00 -21.73
N VAL F 433 18.40 -95.24 -22.81
CA VAL F 433 18.90 -95.07 -24.22
C VAL F 433 18.85 -93.59 -24.66
N SER F 434 17.68 -92.96 -24.59
CA SER F 434 17.47 -91.54 -25.00
C SER F 434 18.42 -90.62 -24.21
N GLU F 435 18.70 -90.98 -22.96
CA GLU F 435 19.70 -90.34 -22.06
C GLU F 435 21.11 -90.65 -22.60
N ALA F 436 21.44 -91.92 -22.89
CA ALA F 436 22.76 -92.35 -23.40
C ALA F 436 23.14 -91.53 -24.65
N ILE F 437 22.20 -91.42 -25.61
CA ILE F 437 22.39 -90.65 -26.87
C ILE F 437 22.88 -89.25 -26.52
N ASN F 438 22.24 -88.63 -25.53
CA ASN F 438 22.52 -87.25 -25.09
C ASN F 438 23.88 -87.18 -24.41
N ILE F 439 24.31 -88.23 -23.68
CA ILE F 439 25.68 -88.27 -23.04
C ILE F 439 26.72 -88.49 -24.12
N MET F 440 26.45 -89.30 -25.15
CA MET F 440 27.39 -89.55 -26.29
C MET F 440 27.54 -88.26 -27.13
N ASN F 441 26.43 -87.61 -27.41
CA ASN F 441 26.36 -86.32 -28.13
C ASN F 441 27.19 -85.24 -27.43
N ARG F 442 27.53 -85.42 -26.16
CA ARG F 442 28.41 -84.44 -25.44
C ARG F 442 29.75 -85.07 -25.08
N SER F 443 30.15 -86.14 -25.79
CA SER F 443 31.40 -86.89 -25.49
C SER F 443 32.59 -85.94 -25.70
N ASN F 444 33.42 -85.79 -24.68
CA ASN F 444 34.77 -85.17 -24.76
C ASN F 444 35.66 -85.84 -23.71
N ASP F 445 36.95 -85.53 -23.65
CA ASP F 445 37.93 -86.34 -22.86
C ASP F 445 37.60 -86.22 -21.38
N ALA F 446 37.38 -85.01 -20.91
CA ALA F 446 36.87 -84.67 -19.57
C ALA F 446 35.74 -85.62 -19.17
N LEU F 447 34.76 -85.83 -20.04
CA LEU F 447 33.52 -86.60 -19.73
C LEU F 447 33.82 -88.10 -19.70
N ILE F 448 34.88 -88.57 -20.35
CA ILE F 448 35.27 -90.02 -20.25
C ILE F 448 36.06 -90.29 -18.95
N LYS F 449 37.02 -89.42 -18.62
CA LYS F 449 37.73 -89.43 -17.32
C LYS F 449 36.69 -89.43 -16.18
N PHE F 450 35.60 -88.67 -16.36
CA PHE F 450 34.51 -88.58 -15.35
C PHE F 450 33.75 -89.91 -15.28
N MET F 451 33.35 -90.45 -16.44
CA MET F 451 32.56 -91.69 -16.48
C MET F 451 33.43 -92.86 -16.01
N GLU F 452 34.75 -92.82 -16.27
CA GLU F 452 35.68 -93.95 -15.92
C GLU F 452 35.74 -94.10 -14.39
N TYR F 453 36.14 -93.05 -13.70
CA TYR F 453 36.19 -92.96 -12.22
C TYR F 453 34.88 -93.38 -11.58
N HIS F 454 33.73 -93.01 -12.15
CA HIS F 454 32.41 -93.23 -11.49
C HIS F 454 31.93 -94.67 -11.67
N ILE F 455 32.39 -95.32 -12.73
CA ILE F 455 32.00 -96.71 -13.10
C ILE F 455 33.08 -97.68 -12.64
N SER F 456 34.34 -97.26 -12.51
CA SER F 456 35.48 -98.08 -12.01
C SER F 456 35.71 -97.87 -10.51
N ASN F 457 34.69 -97.46 -9.75
CA ASN F 457 34.71 -97.34 -8.28
C ASN F 457 33.32 -97.67 -7.72
N THR F 458 32.46 -98.32 -8.50
CA THR F 458 31.19 -98.90 -7.98
C THR F 458 31.55 -100.28 -7.50
N ASP F 459 31.10 -100.64 -6.30
CA ASP F 459 31.21 -102.00 -5.74
C ASP F 459 30.01 -102.79 -6.29
N GLU F 460 30.26 -103.74 -7.19
CA GLU F 460 29.21 -104.54 -7.87
C GLU F 460 28.54 -105.52 -6.88
N THR F 461 29.09 -105.67 -5.68
CA THR F 461 28.61 -106.59 -4.62
C THR F 461 27.42 -105.99 -3.86
N LYS F 462 27.45 -104.67 -3.59
CA LYS F 462 26.54 -103.98 -2.62
C LYS F 462 25.06 -104.13 -3.01
N GLY F 463 24.77 -104.58 -4.23
CA GLY F 463 23.40 -104.88 -4.69
C GLY F 463 23.37 -105.23 -6.16
N GLU F 464 22.23 -105.75 -6.63
CA GLU F 464 21.97 -106.01 -8.07
C GLU F 464 22.14 -104.69 -8.84
N ASN F 465 21.52 -103.61 -8.34
CA ASN F 465 21.49 -102.27 -9.00
C ASN F 465 22.91 -101.72 -9.23
N TYR F 466 23.90 -102.16 -8.44
CA TYR F 466 25.32 -101.76 -8.62
C TYR F 466 25.96 -102.57 -9.73
N GLN F 467 25.54 -103.82 -9.96
CA GLN F 467 26.02 -104.61 -11.12
C GLN F 467 25.43 -104.01 -12.40
N LEU F 468 24.13 -103.71 -12.37
CA LEU F 468 23.40 -103.11 -13.51
C LEU F 468 24.15 -101.86 -13.95
N VAL F 469 24.42 -100.93 -13.03
CA VAL F 469 25.00 -99.60 -13.35
C VAL F 469 26.40 -99.78 -13.93
N LYS F 470 27.14 -100.80 -13.48
CA LYS F 470 28.56 -101.03 -13.87
C LYS F 470 28.60 -101.67 -15.26
N THR F 471 27.69 -102.60 -15.57
CA THR F 471 27.51 -103.23 -16.92
C THR F 471 27.19 -102.13 -17.94
N LEU F 472 26.09 -101.42 -17.73
CA LEU F 472 25.59 -100.30 -18.57
C LEU F 472 26.72 -99.29 -18.72
N GLY F 473 27.28 -98.83 -17.61
CA GLY F 473 28.29 -97.75 -17.54
C GLY F 473 29.53 -98.06 -18.35
N GLU F 474 29.96 -99.33 -18.38
CA GLU F 474 31.17 -99.76 -19.14
C GLU F 474 30.82 -99.70 -20.62
N GLN F 475 29.58 -100.08 -20.98
CA GLN F 475 29.08 -100.00 -22.38
C GLN F 475 29.14 -98.54 -22.84
N LEU F 476 28.50 -97.67 -22.08
CA LEU F 476 28.41 -96.20 -22.28
C LEU F 476 29.79 -95.56 -22.40
N ILE F 477 30.82 -96.03 -21.66
CA ILE F 477 32.21 -95.55 -21.84
C ILE F 477 32.75 -96.04 -23.21
N GLU F 478 32.48 -97.29 -23.60
CA GLU F 478 33.02 -97.82 -24.89
C GLU F 478 32.49 -96.96 -26.04
N ASN F 479 31.17 -96.78 -26.11
CA ASN F 479 30.49 -95.91 -27.10
C ASN F 479 31.14 -94.53 -27.11
N CYS F 480 30.98 -93.77 -26.02
CA CYS F 480 31.50 -92.39 -25.83
C CYS F 480 32.92 -92.21 -26.40
N LYS F 481 33.81 -93.20 -26.33
CA LYS F 481 35.21 -93.14 -26.84
C LYS F 481 35.24 -93.18 -28.37
N GLN F 482 34.38 -93.98 -29.02
CA GLN F 482 34.26 -94.07 -30.51
C GLN F 482 33.81 -92.71 -31.07
N VAL F 483 32.66 -92.29 -30.60
CA VAL F 483 31.93 -91.02 -30.92
C VAL F 483 32.76 -89.78 -30.56
N LEU F 484 33.75 -89.87 -29.68
CA LEU F 484 34.71 -88.76 -29.42
C LEU F 484 35.31 -88.36 -30.77
N ASP F 485 35.32 -87.07 -31.11
CA ASP F 485 35.80 -86.55 -32.42
C ASP F 485 34.87 -86.97 -33.57
N VAL F 486 33.61 -87.28 -33.27
CA VAL F 486 32.51 -87.49 -34.28
C VAL F 486 31.40 -86.49 -33.99
N ASP F 487 30.82 -85.92 -35.04
CA ASP F 487 29.74 -84.90 -34.93
C ASP F 487 28.48 -85.52 -34.35
N PRO F 488 27.85 -84.79 -33.41
CA PRO F 488 26.72 -85.32 -32.66
C PRO F 488 25.50 -85.35 -33.55
N VAL F 489 24.47 -86.01 -33.07
CA VAL F 489 23.38 -86.50 -33.96
C VAL F 489 21.99 -86.29 -33.35
N TYR F 490 21.04 -85.79 -34.12
CA TYR F 490 19.59 -85.99 -33.84
C TYR F 490 19.28 -87.46 -34.09
N LYS F 491 18.84 -88.16 -33.07
CA LYS F 491 18.30 -89.54 -33.22
C LYS F 491 17.06 -89.61 -32.31
N ASP F 492 15.86 -89.58 -32.90
CA ASP F 492 14.62 -89.92 -32.15
C ASP F 492 14.66 -91.43 -31.90
N VAL F 493 14.46 -91.82 -30.65
CA VAL F 493 14.48 -93.23 -30.21
C VAL F 493 13.21 -93.52 -29.38
N ALA F 494 12.16 -92.72 -29.58
CA ALA F 494 10.86 -92.82 -28.90
C ALA F 494 10.06 -93.99 -29.46
N LYS F 495 9.28 -94.65 -28.62
CA LYS F 495 8.33 -95.73 -29.02
C LYS F 495 7.21 -95.10 -29.85
N PRO F 496 7.08 -95.42 -31.15
CA PRO F 496 6.02 -94.83 -31.98
C PRO F 496 4.61 -95.25 -31.53
N THR F 497 3.77 -94.27 -31.22
CA THR F 497 2.40 -94.46 -30.67
C THR F 497 1.40 -94.05 -31.74
N GLY F 498 0.25 -94.74 -31.77
CA GLY F 498 -0.94 -94.40 -32.56
C GLY F 498 -2.05 -93.90 -31.65
N PRO F 499 -3.11 -93.25 -32.18
CA PRO F 499 -4.25 -92.87 -31.36
C PRO F 499 -5.24 -94.02 -31.07
N LYS F 500 -5.82 -94.00 -29.87
CA LYS F 500 -6.97 -94.84 -29.41
C LYS F 500 -8.00 -93.95 -28.71
N THR F 501 -9.24 -93.94 -29.20
CA THR F 501 -10.42 -93.35 -28.50
C THR F 501 -11.18 -94.52 -27.87
N ALA F 502 -11.44 -94.41 -26.57
CA ALA F 502 -12.27 -95.34 -25.79
C ALA F 502 -13.55 -94.62 -25.35
N ILE F 503 -14.70 -95.28 -25.49
CA ILE F 503 -15.94 -94.93 -24.73
C ILE F 503 -16.26 -96.13 -23.82
N ASP F 504 -16.32 -95.90 -22.51
CA ASP F 504 -16.55 -96.96 -21.48
C ASP F 504 -18.04 -97.35 -21.45
N LYS F 505 -18.53 -97.89 -20.32
CA LYS F 505 -19.95 -98.30 -20.11
C LYS F 505 -20.84 -97.07 -19.87
N ASN F 506 -20.35 -96.08 -19.13
CA ASN F 506 -21.14 -94.93 -18.60
C ASN F 506 -21.04 -93.73 -19.55
N GLY F 507 -20.34 -93.87 -20.68
CA GLY F 507 -20.30 -92.89 -21.78
C GLY F 507 -19.22 -91.83 -21.61
N ASN F 508 -18.18 -92.09 -20.83
CA ASN F 508 -16.97 -91.22 -20.70
C ASN F 508 -16.05 -91.47 -21.91
N ILE F 509 -15.63 -90.41 -22.59
CA ILE F 509 -14.66 -90.47 -23.72
C ILE F 509 -13.25 -90.34 -23.13
N THR F 510 -12.42 -91.37 -23.30
CA THR F 510 -10.97 -91.38 -22.96
C THR F 510 -10.16 -91.44 -24.26
N TYR F 511 -9.09 -90.65 -24.33
CA TYR F 511 -8.05 -90.71 -25.39
C TYR F 511 -6.73 -91.21 -24.80
N SER F 512 -6.09 -92.18 -25.45
CA SER F 512 -4.76 -92.74 -25.08
C SER F 512 -3.91 -93.00 -26.34
N GLU F 513 -2.63 -92.64 -26.30
CA GLU F 513 -1.64 -92.97 -27.36
C GLU F 513 -1.15 -94.41 -27.10
N GLU F 514 -1.23 -95.27 -28.11
CA GLU F 514 -1.30 -96.75 -27.95
C GLU F 514 -0.26 -97.43 -28.83
N PRO F 515 0.78 -98.10 -28.26
CA PRO F 515 1.84 -98.74 -29.05
C PRO F 515 1.31 -99.43 -30.32
N ARG F 516 1.83 -99.01 -31.47
CA ARG F 516 1.41 -99.52 -32.80
C ARG F 516 1.91 -100.96 -32.92
N GLU F 517 1.20 -101.77 -33.69
CA GLU F 517 1.63 -103.12 -34.11
C GLU F 517 2.49 -102.95 -35.38
N LYS F 518 3.67 -103.61 -35.44
CA LYS F 518 4.60 -103.66 -36.61
C LYS F 518 5.36 -102.33 -36.82
N VAL F 519 5.39 -101.40 -35.84
CA VAL F 519 6.17 -100.12 -35.90
C VAL F 519 6.69 -99.79 -34.49
N ARG F 520 7.78 -100.46 -34.07
CA ARG F 520 8.34 -100.40 -32.68
C ARG F 520 9.61 -99.55 -32.65
N LYS F 521 10.04 -99.05 -33.82
CA LYS F 521 11.36 -98.40 -34.09
C LYS F 521 11.10 -97.24 -35.07
N LEU F 522 12.04 -96.33 -35.20
CA LEU F 522 11.96 -95.16 -36.13
C LEU F 522 12.28 -95.63 -37.56
N SER F 523 13.21 -96.59 -37.73
CA SER F 523 13.54 -97.27 -39.01
C SER F 523 12.26 -97.76 -39.70
N GLN F 524 11.47 -98.58 -38.98
CA GLN F 524 10.17 -99.15 -39.41
C GLN F 524 9.16 -98.06 -39.81
N TYR F 525 9.24 -96.88 -39.18
CA TYR F 525 8.35 -95.72 -39.49
C TYR F 525 8.63 -95.25 -40.93
N VAL F 526 9.88 -95.19 -41.39
CA VAL F 526 10.21 -94.65 -42.75
C VAL F 526 9.77 -95.66 -43.85
N GLN F 527 9.84 -96.97 -43.56
CA GLN F 527 9.30 -98.05 -44.43
C GLN F 527 7.78 -97.87 -44.59
N GLU F 528 7.03 -97.72 -43.48
CA GLU F 528 5.56 -97.52 -43.49
C GLU F 528 5.19 -96.32 -44.39
N MET F 529 5.97 -95.24 -44.29
CA MET F 529 5.73 -93.95 -44.98
C MET F 529 5.94 -94.11 -46.48
N ALA F 530 6.90 -94.97 -46.89
CA ALA F 530 7.31 -95.18 -48.30
C ALA F 530 6.28 -96.02 -49.03
N LEU F 531 5.63 -96.98 -48.35
CA LEU F 531 4.69 -97.98 -48.97
C LEU F 531 3.33 -97.34 -49.26
N GLY F 532 3.13 -96.08 -48.88
CA GLY F 532 1.84 -95.38 -48.97
C GLY F 532 0.78 -96.15 -48.21
N GLY F 533 -0.23 -96.61 -48.94
CA GLY F 533 -1.40 -97.32 -48.39
C GLY F 533 -2.51 -97.35 -49.44
N PRO F 534 -3.61 -98.12 -49.20
CA PRO F 534 -4.65 -98.32 -50.21
C PRO F 534 -5.34 -97.06 -50.79
N ILE F 535 -5.28 -95.91 -50.09
CA ILE F 535 -5.98 -94.64 -50.46
C ILE F 535 -5.06 -93.75 -51.31
N THR F 536 -3.74 -93.97 -51.25
CA THR F 536 -2.68 -93.22 -51.98
C THR F 536 -2.38 -93.90 -53.34
N LYS F 537 -3.41 -94.24 -54.13
CA LYS F 537 -3.29 -94.92 -55.45
C LYS F 537 -3.35 -93.90 -56.59
N GLU F 538 -2.90 -94.32 -57.79
CA GLU F 538 -2.71 -93.48 -59.01
C GLU F 538 -2.29 -94.38 -60.19
N SER F 539 -3.26 -94.89 -61.00
CA SER F 539 -3.10 -95.97 -62.02
C SER F 539 -2.02 -95.61 -63.07
N ALA F 604 17.40 -104.20 -29.56
CA ALA F 604 17.11 -104.84 -28.25
C ALA F 604 16.40 -103.85 -27.29
N LEU F 605 15.48 -103.02 -27.81
CA LEU F 605 14.69 -102.01 -27.03
C LEU F 605 13.53 -102.70 -26.30
N ASP F 606 13.30 -102.34 -25.04
CA ASP F 606 12.19 -102.84 -24.18
C ASP F 606 12.39 -104.33 -23.87
N LYS F 607 13.63 -104.71 -23.53
CA LYS F 607 14.02 -106.05 -22.97
C LYS F 607 15.40 -105.96 -22.31
N ASP F 608 16.38 -105.35 -23.00
CA ASP F 608 17.79 -105.18 -22.56
C ASP F 608 18.39 -104.02 -23.37
N SER F 609 18.21 -102.79 -22.87
CA SER F 609 18.68 -101.51 -23.49
C SER F 609 20.19 -101.28 -23.24
N THR F 610 20.86 -102.07 -22.36
CA THR F 610 22.36 -102.13 -22.25
C THR F 610 22.95 -102.64 -23.58
N LYS F 611 22.24 -103.53 -24.29
CA LYS F 611 22.61 -104.08 -25.62
C LYS F 611 22.37 -103.03 -26.71
N GLU F 612 21.27 -102.26 -26.65
CA GLU F 612 20.94 -101.21 -27.67
C GLU F 612 21.85 -99.98 -27.51
N VAL F 613 22.31 -99.69 -26.29
CA VAL F 613 23.33 -98.63 -26.01
C VAL F 613 24.63 -98.95 -26.80
N ALA F 614 25.09 -100.22 -26.81
CA ALA F 614 26.28 -100.72 -27.55
C ALA F 614 26.16 -100.44 -29.07
N SER F 615 24.93 -100.44 -29.61
CA SER F 615 24.61 -100.35 -31.07
C SER F 615 24.18 -98.94 -31.51
N LEU F 616 24.56 -97.90 -30.75
CA LEU F 616 24.30 -96.46 -31.07
C LEU F 616 25.43 -95.84 -31.92
N PRO F 617 26.75 -96.11 -31.66
CA PRO F 617 27.81 -95.57 -32.51
C PRO F 617 27.93 -96.32 -33.86
N ASN F 618 27.72 -97.66 -33.82
CA ASN F 618 27.85 -98.61 -34.96
C ASN F 618 26.91 -98.16 -36.08
N LYS F 619 27.46 -97.36 -37.00
CA LYS F 619 26.76 -96.77 -38.18
C LYS F 619 26.32 -97.92 -39.11
N SER F 620 25.01 -97.98 -39.44
CA SER F 620 24.32 -99.09 -40.18
C SER F 620 24.19 -98.72 -41.68
N THR F 621 24.99 -99.41 -42.52
CA THR F 621 25.02 -99.34 -44.01
C THR F 621 24.01 -100.37 -44.57
N ILE F 622 23.15 -99.94 -45.52
CA ILE F 622 22.07 -100.77 -46.14
C ILE F 622 22.35 -100.90 -47.65
N SER F 623 22.51 -102.15 -48.14
CA SER F 623 22.84 -102.50 -49.55
C SER F 623 21.83 -101.84 -50.52
N LYS F 624 20.53 -101.99 -50.21
CA LYS F 624 19.39 -101.44 -51.01
C LYS F 624 18.72 -100.33 -50.19
N THR F 625 18.44 -99.19 -50.82
CA THR F 625 17.67 -98.05 -50.23
C THR F 625 16.17 -98.38 -50.31
N VAL F 626 15.36 -97.76 -49.46
CA VAL F 626 13.88 -97.93 -49.38
C VAL F 626 13.20 -97.30 -50.62
N SER F 627 13.82 -96.32 -51.30
CA SER F 627 13.30 -95.71 -52.55
C SER F 627 12.79 -96.76 -53.56
N SER F 628 13.50 -97.90 -53.66
CA SER F 628 13.16 -99.08 -54.51
C SER F 628 11.92 -99.81 -53.98
N THR F 629 11.76 -99.88 -52.64
CA THR F 629 10.58 -100.43 -51.91
C THR F 629 9.29 -99.66 -52.23
N ILE F 630 9.37 -98.39 -52.70
CA ILE F 630 8.18 -97.55 -53.04
C ILE F 630 7.45 -98.24 -54.19
N PRO F 631 6.25 -98.84 -53.95
CA PRO F 631 5.53 -99.54 -55.02
C PRO F 631 5.06 -98.55 -56.09
N ARG F 632 5.06 -98.97 -57.36
CA ARG F 632 4.54 -98.14 -58.49
C ARG F 632 3.03 -98.01 -58.32
N GLU F 633 2.46 -96.93 -58.86
CA GLU F 633 1.00 -96.60 -58.80
C GLU F 633 0.61 -96.11 -57.40
N THR F 634 1.53 -96.16 -56.44
CA THR F 634 1.34 -95.74 -55.02
C THR F 634 2.18 -94.49 -54.76
N ILE F 635 1.54 -93.43 -54.28
CA ILE F 635 2.20 -92.21 -53.71
C ILE F 635 2.54 -92.52 -52.25
N PRO F 636 3.79 -92.31 -51.77
CA PRO F 636 4.10 -92.52 -50.36
C PRO F 636 3.32 -91.54 -49.50
N PHE F 637 3.43 -91.67 -48.19
CA PHE F 637 2.73 -90.77 -47.25
C PHE F 637 3.52 -89.47 -47.10
N LEU F 638 4.84 -89.54 -46.90
CA LEU F 638 5.79 -88.39 -47.04
C LEU F 638 6.32 -88.36 -48.47
N HIS F 639 6.19 -87.23 -49.19
CA HIS F 639 6.78 -87.09 -50.54
C HIS F 639 7.01 -85.64 -50.96
N LEU F 640 8.03 -85.41 -51.78
CA LEU F 640 8.29 -84.09 -52.40
C LEU F 640 7.48 -83.99 -53.69
N ARG F 641 7.24 -82.76 -54.11
CA ARG F 641 6.51 -82.44 -55.35
C ARG F 641 7.42 -81.66 -56.29
N LYS F 642 7.01 -81.57 -57.55
CA LYS F 642 7.69 -80.88 -58.66
C LYS F 642 6.67 -80.08 -59.46
N LYS F 643 7.05 -78.90 -59.92
CA LYS F 643 6.16 -77.96 -60.65
C LYS F 643 6.16 -78.35 -62.13
N THR F 644 5.00 -78.69 -62.66
CA THR F 644 4.77 -79.04 -64.09
C THR F 644 4.64 -77.74 -64.91
N PRO F 645 5.05 -77.74 -66.21
CA PRO F 645 4.78 -76.62 -67.13
C PRO F 645 3.40 -75.92 -67.09
N ALA F 646 2.34 -76.62 -66.69
CA ALA F 646 0.98 -76.08 -66.44
C ALA F 646 0.99 -75.13 -65.23
N GLY F 647 1.92 -75.30 -64.28
CA GLY F 647 2.03 -74.49 -63.06
C GLY F 647 1.70 -75.25 -61.78
N ASP F 648 0.98 -76.37 -61.87
CA ASP F 648 0.55 -77.22 -60.72
C ASP F 648 1.76 -77.97 -60.14
N TRP F 649 1.69 -78.39 -58.88
CA TRP F 649 2.73 -79.22 -58.22
C TRP F 649 2.26 -80.67 -58.10
N LYS F 650 2.87 -81.60 -58.85
CA LYS F 650 2.56 -83.05 -58.80
C LYS F 650 3.59 -83.80 -57.94
N TYR F 651 3.19 -84.92 -57.35
CA TYR F 651 4.10 -85.99 -56.88
C TYR F 651 5.19 -86.23 -57.92
N ASP F 652 6.45 -86.21 -57.48
CA ASP F 652 7.62 -86.62 -58.31
C ASP F 652 8.31 -87.81 -57.65
N ARG F 653 8.29 -88.98 -58.32
CA ARG F 653 8.89 -90.27 -57.87
C ARG F 653 10.35 -90.02 -57.42
N GLN F 654 11.12 -89.37 -58.29
CA GLN F 654 12.59 -89.25 -58.20
C GLN F 654 12.95 -88.37 -56.99
N LEU F 655 12.60 -87.09 -56.99
CA LEU F 655 12.78 -86.15 -55.83
C LEU F 655 12.38 -86.87 -54.52
N SER F 656 11.16 -87.41 -54.48
CA SER F 656 10.57 -88.10 -53.31
C SER F 656 11.49 -89.21 -52.82
N SER F 657 12.07 -90.01 -53.74
CA SER F 657 13.02 -91.12 -53.41
C SER F 657 14.17 -90.56 -52.59
N LEU F 658 14.88 -89.61 -53.17
CA LEU F 658 16.04 -88.91 -52.58
C LEU F 658 15.74 -88.47 -51.14
N PHE F 659 14.65 -87.73 -50.92
CA PHE F 659 14.13 -87.28 -49.59
C PHE F 659 14.00 -88.45 -48.63
N LEU F 660 13.29 -89.50 -49.04
CA LEU F 660 12.96 -90.71 -48.21
C LEU F 660 14.22 -91.51 -47.87
N ASP F 661 15.27 -91.48 -48.71
CA ASP F 661 16.57 -92.17 -48.42
C ASP F 661 17.32 -91.41 -47.34
N GLY F 662 17.46 -90.09 -47.45
CA GLY F 662 18.00 -89.23 -46.38
C GLY F 662 17.24 -89.40 -45.07
N LEU F 663 15.96 -89.69 -45.16
CA LEU F 663 15.05 -89.84 -43.99
C LEU F 663 15.26 -91.20 -43.35
N GLU F 664 15.65 -92.21 -44.15
CA GLU F 664 15.99 -93.60 -43.73
C GLU F 664 17.33 -93.58 -42.94
N LYS F 665 18.32 -92.86 -43.45
CA LYS F 665 19.68 -92.71 -42.87
C LYS F 665 19.59 -92.00 -41.54
N ALA F 666 18.78 -90.94 -41.48
CA ALA F 666 18.49 -90.16 -40.26
C ALA F 666 17.92 -91.08 -39.18
N ALA F 667 17.11 -92.06 -39.56
CA ALA F 667 16.46 -93.00 -38.63
C ALA F 667 17.49 -94.00 -38.08
N PHE F 668 18.48 -94.39 -38.88
CA PHE F 668 19.56 -95.35 -38.48
C PHE F 668 20.70 -94.58 -37.82
N ASN F 669 21.43 -93.80 -38.63
CA ASN F 669 22.73 -93.18 -38.28
C ASN F 669 22.47 -91.91 -37.47
N GLY F 670 21.36 -91.21 -37.76
CA GLY F 670 21.03 -89.87 -37.22
C GLY F 670 21.60 -88.78 -38.11
N VAL F 671 21.27 -87.53 -37.82
CA VAL F 671 21.54 -86.36 -38.70
C VAL F 671 22.43 -85.43 -37.89
N THR F 672 23.42 -84.79 -38.49
CA THR F 672 24.14 -83.69 -37.79
C THR F 672 23.62 -82.36 -38.32
N PHE F 673 23.66 -81.37 -37.46
CA PHE F 673 23.42 -79.93 -37.71
C PHE F 673 24.59 -79.13 -37.13
N LYS F 674 25.74 -79.74 -36.92
CA LYS F 674 26.99 -79.01 -36.60
C LYS F 674 27.14 -77.90 -37.64
N ASP F 675 27.36 -76.68 -37.18
CA ASP F 675 27.69 -75.49 -38.01
C ASP F 675 26.45 -74.90 -38.67
N LYS F 676 25.27 -75.41 -38.34
CA LYS F 676 23.97 -74.87 -38.78
C LYS F 676 23.58 -73.77 -37.80
N TYR F 677 23.24 -72.55 -38.28
CA TYR F 677 22.72 -71.42 -37.45
C TYR F 677 21.24 -71.23 -37.76
N VAL F 678 20.37 -71.33 -36.77
CA VAL F 678 18.91 -71.41 -37.04
C VAL F 678 18.19 -70.32 -36.25
N LEU F 679 17.34 -69.51 -36.89
CA LEU F 679 16.27 -68.75 -36.20
C LEU F 679 14.98 -69.59 -36.23
N ILE F 680 14.28 -69.70 -35.09
CA ILE F 680 12.98 -70.43 -34.96
C ILE F 680 12.02 -69.60 -34.11
N THR F 681 10.79 -69.48 -34.55
CA THR F 681 9.75 -68.69 -33.85
C THR F 681 8.57 -69.62 -33.64
N GLY F 682 7.74 -69.35 -32.66
CA GLY F 682 6.53 -70.16 -32.49
C GLY F 682 6.89 -71.55 -32.07
N ALA F 683 7.81 -71.63 -31.13
CA ALA F 683 8.39 -72.87 -30.61
C ALA F 683 8.30 -72.92 -29.09
N GLY F 684 7.11 -72.68 -28.56
CA GLY F 684 6.85 -72.68 -27.11
C GLY F 684 6.60 -74.08 -26.59
N LYS F 685 6.51 -74.22 -25.28
CA LYS F 685 6.33 -75.53 -24.58
C LYS F 685 5.11 -76.25 -25.14
N GLY F 686 5.27 -77.51 -25.53
CA GLY F 686 4.20 -78.35 -26.07
C GLY F 686 3.74 -77.96 -27.46
N SER F 687 4.67 -77.72 -28.39
CA SER F 687 4.42 -77.43 -29.84
C SER F 687 5.32 -78.30 -30.71
N ILE F 688 5.01 -78.44 -31.99
CA ILE F 688 5.97 -79.02 -32.96
C ILE F 688 7.24 -78.14 -32.97
N GLY F 689 7.07 -76.82 -32.92
CA GLY F 689 8.20 -75.88 -32.86
C GLY F 689 9.24 -76.29 -31.82
N ALA F 690 8.81 -76.87 -30.72
CA ALA F 690 9.65 -77.21 -29.55
C ALA F 690 10.26 -78.60 -29.69
N GLU F 691 9.61 -79.52 -30.43
CA GLU F 691 10.22 -80.84 -30.75
C GLU F 691 11.24 -80.70 -31.88
N VAL F 692 11.14 -79.66 -32.68
CA VAL F 692 12.13 -79.33 -33.74
C VAL F 692 13.34 -78.82 -33.00
N LEU F 693 13.14 -77.81 -32.19
CA LEU F 693 14.18 -77.20 -31.31
C LEU F 693 15.00 -78.24 -30.62
N GLN F 694 14.41 -79.31 -30.07
CA GLN F 694 15.17 -80.37 -29.32
C GLN F 694 16.13 -81.09 -30.27
N GLY F 695 15.62 -81.49 -31.44
CA GLY F 695 16.39 -82.06 -32.54
C GLY F 695 17.49 -81.14 -33.06
N LEU F 696 17.22 -79.87 -33.27
CA LEU F 696 18.33 -79.00 -33.71
C LEU F 696 19.48 -79.06 -32.69
N LEU F 697 19.13 -78.92 -31.42
CA LEU F 697 20.10 -78.79 -30.35
C LEU F 697 20.77 -80.12 -30.23
N GLN F 698 20.00 -81.20 -30.46
CA GLN F 698 20.52 -82.58 -30.36
C GLN F 698 21.66 -82.79 -31.34
N GLY F 699 21.63 -82.18 -32.52
CA GLY F 699 22.66 -82.35 -33.58
C GLY F 699 23.66 -81.21 -33.57
N GLY F 700 23.80 -80.49 -32.46
CA GLY F 700 24.79 -79.39 -32.33
C GLY F 700 24.46 -78.11 -33.12
N ALA F 701 23.22 -77.81 -33.45
CA ALA F 701 22.89 -76.51 -34.04
C ALA F 701 23.10 -75.37 -33.06
N LYS F 702 23.31 -74.18 -33.58
CA LYS F 702 23.27 -72.92 -32.79
C LYS F 702 21.97 -72.25 -33.14
N VAL F 703 21.12 -71.96 -32.17
CA VAL F 703 19.69 -71.65 -32.45
C VAL F 703 19.26 -70.40 -31.74
N VAL F 704 18.64 -69.43 -32.44
CA VAL F 704 17.84 -68.34 -31.77
C VAL F 704 16.39 -68.71 -31.69
N VAL F 705 15.79 -68.72 -30.51
CA VAL F 705 14.39 -69.10 -30.24
C VAL F 705 13.72 -67.88 -29.68
N THR F 706 12.54 -67.56 -30.15
CA THR F 706 11.88 -66.30 -29.77
C THR F 706 10.65 -66.65 -28.97
N THR F 707 10.43 -65.93 -27.87
CA THR F 707 9.21 -66.06 -27.06
C THR F 707 8.46 -64.74 -27.12
N SER F 708 7.15 -64.81 -27.10
CA SER F 708 6.22 -63.67 -26.96
C SER F 708 5.89 -63.47 -25.47
N ARG F 709 6.14 -64.46 -24.63
CA ARG F 709 5.77 -64.45 -23.21
C ARG F 709 7.03 -64.73 -22.38
N PHE F 710 7.96 -63.81 -22.34
CA PHE F 710 9.24 -63.94 -21.59
C PHE F 710 9.00 -63.74 -20.09
N SER F 711 9.61 -64.58 -19.28
CA SER F 711 9.24 -64.86 -17.88
C SER F 711 10.26 -65.84 -17.33
N LYS F 712 10.36 -65.96 -16.02
CA LYS F 712 11.20 -66.99 -15.38
C LYS F 712 10.66 -68.36 -15.82
N GLN F 713 9.35 -68.57 -15.85
CA GLN F 713 8.77 -69.90 -16.15
C GLN F 713 9.31 -70.41 -17.48
N VAL F 714 9.52 -69.52 -18.44
CA VAL F 714 9.79 -69.85 -19.88
C VAL F 714 11.29 -69.99 -20.07
N THR F 715 12.02 -69.07 -19.51
CA THR F 715 13.49 -69.07 -19.49
C THR F 715 13.99 -70.29 -18.71
N ASP F 716 13.19 -70.89 -17.84
CA ASP F 716 13.55 -72.14 -17.10
C ASP F 716 13.20 -73.34 -17.96
N TYR F 717 12.02 -73.42 -18.55
CA TYR F 717 11.72 -74.44 -19.60
C TYR F 717 12.91 -74.60 -20.54
N TYR F 718 13.41 -73.49 -21.13
CA TYR F 718 14.47 -73.51 -22.17
C TYR F 718 15.82 -73.86 -21.57
N GLN F 719 16.13 -73.42 -20.35
CA GLN F 719 17.39 -73.85 -19.68
C GLN F 719 17.36 -75.38 -19.56
N SER F 720 16.18 -75.94 -19.31
CA SER F 720 15.97 -77.36 -18.99
C SER F 720 16.16 -78.20 -20.25
N ILE F 721 15.93 -77.62 -21.39
CA ILE F 721 15.98 -78.34 -22.67
C ILE F 721 17.42 -78.35 -23.13
N TYR F 722 18.07 -77.21 -23.09
CA TYR F 722 19.49 -77.13 -23.43
C TYR F 722 20.26 -78.09 -22.52
N ALA F 723 20.00 -78.10 -21.22
CA ALA F 723 20.78 -78.94 -20.27
C ALA F 723 20.52 -80.45 -20.47
N LYS F 724 19.44 -80.86 -21.09
CA LYS F 724 19.14 -82.27 -21.38
C LYS F 724 19.65 -82.67 -22.76
N TYR F 725 19.63 -81.76 -23.75
CA TYR F 725 19.64 -82.08 -25.20
C TYR F 725 20.75 -81.38 -25.99
N GLY F 726 21.19 -80.21 -25.57
CA GLY F 726 22.25 -79.49 -26.31
C GLY F 726 23.52 -80.31 -26.36
N ALA F 727 23.84 -80.86 -27.52
CA ALA F 727 25.10 -81.59 -27.75
C ALA F 727 26.29 -80.64 -27.84
N LYS F 728 27.48 -81.19 -27.96
CA LYS F 728 28.74 -80.40 -27.96
C LYS F 728 28.69 -79.45 -29.14
N GLY F 729 28.81 -78.14 -28.91
CA GLY F 729 28.87 -77.15 -30.00
C GLY F 729 27.55 -76.44 -30.21
N SER F 730 26.46 -77.03 -29.76
CA SER F 730 25.14 -76.39 -29.69
C SER F 730 25.18 -75.11 -28.83
N THR F 731 24.42 -74.08 -29.18
CA THR F 731 23.99 -73.02 -28.23
C THR F 731 22.52 -72.68 -28.48
N LEU F 732 21.88 -72.12 -27.50
CA LEU F 732 20.49 -71.67 -27.56
C LEU F 732 20.45 -70.24 -27.04
N ILE F 733 20.05 -69.26 -27.85
CA ILE F 733 19.74 -67.91 -27.35
C ILE F 733 18.23 -67.78 -27.29
N VAL F 734 17.69 -67.32 -26.19
CA VAL F 734 16.23 -67.10 -26.00
C VAL F 734 16.02 -65.60 -25.89
N VAL F 735 15.27 -65.00 -26.79
CA VAL F 735 15.04 -63.54 -26.81
C VAL F 735 13.55 -63.35 -26.74
N PRO F 736 13.07 -62.27 -26.11
CA PRO F 736 11.67 -61.90 -26.21
C PRO F 736 11.49 -61.24 -27.57
N PHE F 737 10.33 -61.41 -28.19
CA PHE F 737 10.09 -61.05 -29.60
C PHE F 737 8.61 -61.01 -29.92
N ASN F 738 8.14 -59.95 -30.57
CA ASN F 738 6.77 -59.83 -31.13
C ASN F 738 6.82 -59.91 -32.65
N GLN F 739 6.51 -61.04 -33.30
CA GLN F 739 6.61 -61.20 -34.78
C GLN F 739 5.60 -60.22 -35.44
N GLY F 740 4.53 -59.87 -34.75
CA GLY F 740 3.60 -58.79 -35.15
C GLY F 740 4.20 -57.41 -35.25
N SER F 741 5.37 -57.15 -34.68
CA SER F 741 6.00 -55.82 -34.71
C SER F 741 7.05 -55.78 -35.82
N LYS F 742 6.97 -54.80 -36.72
CA LYS F 742 7.93 -54.59 -37.82
C LYS F 742 9.27 -54.25 -37.19
N GLN F 743 9.23 -53.50 -36.10
CA GLN F 743 10.43 -52.91 -35.48
C GLN F 743 11.18 -53.99 -34.73
N ASP F 744 10.48 -54.94 -34.14
CA ASP F 744 11.10 -56.14 -33.50
C ASP F 744 11.78 -57.02 -34.54
N VAL F 745 11.14 -57.32 -35.65
CA VAL F 745 11.74 -58.09 -36.77
C VAL F 745 13.01 -57.39 -37.26
N GLU F 746 13.01 -56.09 -37.54
CA GLU F 746 14.22 -55.40 -38.06
C GLU F 746 15.34 -55.59 -37.03
N ALA F 747 15.00 -55.38 -35.76
CA ALA F 747 15.88 -55.39 -34.58
C ALA F 747 16.47 -56.76 -34.31
N LEU F 748 15.66 -57.81 -34.36
CA LEU F 748 16.10 -59.21 -34.16
C LEU F 748 17.20 -59.50 -35.17
N ILE F 749 16.95 -59.22 -36.44
CA ILE F 749 17.85 -59.72 -37.52
C ILE F 749 19.13 -58.92 -37.46
N GLU F 750 19.04 -57.71 -36.96
CA GLU F 750 20.21 -56.81 -36.81
C GLU F 750 21.04 -57.25 -35.58
N PHE F 751 20.43 -57.83 -34.57
CA PHE F 751 21.11 -58.37 -33.37
C PHE F 751 21.83 -59.68 -33.73
N ILE F 752 21.19 -60.54 -34.52
CA ILE F 752 21.80 -61.82 -34.96
C ILE F 752 23.03 -61.53 -35.79
N TYR F 753 23.04 -60.51 -36.64
CA TYR F 753 24.12 -60.36 -37.64
C TYR F 753 25.15 -59.37 -37.14
N ASP F 754 24.82 -58.52 -36.16
CA ASP F 754 25.79 -57.51 -35.65
C ASP F 754 26.98 -58.25 -35.05
N THR F 755 28.10 -57.55 -34.85
CA THR F 755 29.33 -58.13 -34.26
C THR F 755 29.17 -58.08 -32.76
N GLU F 756 29.81 -59.04 -32.08
CA GLU F 756 29.80 -59.19 -30.60
C GLU F 756 30.31 -57.87 -30.00
N LYS F 757 31.25 -57.23 -30.68
CA LYS F 757 31.79 -55.90 -30.30
C LYS F 757 30.67 -54.84 -30.28
N ASN F 758 29.74 -54.84 -31.23
CA ASN F 758 28.56 -53.91 -31.25
C ASN F 758 27.36 -54.47 -30.48
N GLY F 759 27.50 -55.60 -29.79
CA GLY F 759 26.49 -56.12 -28.85
C GLY F 759 25.60 -57.18 -29.46
N GLY F 760 25.94 -57.68 -30.65
CA GLY F 760 25.20 -58.70 -31.40
C GLY F 760 25.74 -60.09 -31.17
N LEU F 761 25.53 -60.98 -32.14
CA LEU F 761 25.92 -62.42 -32.10
C LEU F 761 27.04 -62.71 -33.10
N GLY F 762 27.06 -62.05 -34.25
CA GLY F 762 28.08 -62.27 -35.30
C GLY F 762 27.80 -63.54 -36.04
N TRP F 763 26.55 -63.97 -36.03
CA TRP F 763 26.10 -65.16 -36.75
C TRP F 763 25.77 -64.81 -38.18
N ASP F 764 25.40 -65.84 -38.92
CA ASP F 764 24.90 -65.76 -40.31
C ASP F 764 24.04 -67.00 -40.51
N LEU F 765 22.73 -66.82 -40.52
CA LEU F 765 21.69 -67.87 -40.52
C LEU F 765 21.84 -68.77 -41.73
N ASP F 766 21.61 -70.05 -41.50
CA ASP F 766 21.50 -71.15 -42.48
C ASP F 766 20.07 -71.70 -42.52
N ALA F 767 19.16 -71.27 -41.67
CA ALA F 767 17.73 -71.68 -41.70
C ALA F 767 16.88 -70.73 -40.89
N ILE F 768 15.76 -70.33 -41.45
CA ILE F 768 14.70 -69.59 -40.72
C ILE F 768 13.51 -70.54 -40.68
N ILE F 769 12.91 -70.67 -39.51
CA ILE F 769 11.70 -71.49 -39.32
C ILE F 769 10.68 -70.62 -38.61
N PRO F 770 9.85 -69.86 -39.36
CA PRO F 770 8.93 -68.91 -38.78
C PRO F 770 7.51 -69.45 -38.58
N PHE F 771 7.31 -70.22 -37.53
CA PHE F 771 6.10 -70.99 -37.18
C PHE F 771 5.23 -70.21 -36.20
N ALA F 772 5.58 -68.97 -35.86
CA ALA F 772 4.74 -68.09 -35.00
C ALA F 772 3.39 -67.91 -35.64
N ALA F 773 2.39 -67.77 -34.80
CA ALA F 773 0.98 -67.84 -35.25
C ALA F 773 0.08 -67.50 -34.08
N ILE F 774 -1.06 -66.89 -34.35
CA ILE F 774 -2.14 -66.80 -33.35
C ILE F 774 -3.35 -67.49 -33.91
N PRO F 775 -4.10 -68.19 -33.05
CA PRO F 775 -5.32 -68.87 -33.45
C PRO F 775 -6.48 -67.89 -33.66
N GLU F 776 -7.34 -68.19 -34.63
CA GLU F 776 -8.58 -67.43 -34.88
C GLU F 776 -9.64 -68.48 -35.12
N GLN F 777 -10.60 -68.58 -34.20
CA GLN F 777 -11.59 -69.69 -34.14
C GLN F 777 -12.98 -69.10 -34.26
N GLY F 778 -13.82 -69.68 -35.12
CA GLY F 778 -15.18 -69.20 -35.41
C GLY F 778 -15.18 -67.76 -35.88
N ILE F 779 -14.11 -67.35 -36.52
CA ILE F 779 -14.06 -66.08 -37.28
C ILE F 779 -14.32 -66.45 -38.72
N GLU F 780 -15.59 -66.32 -39.11
CA GLU F 780 -16.08 -66.38 -40.51
C GLU F 780 -15.92 -65.00 -41.18
N LEU F 781 -16.19 -64.91 -42.47
CA LEU F 781 -15.92 -63.71 -43.29
C LEU F 781 -16.71 -62.48 -42.84
N GLU F 782 -17.90 -62.66 -42.28
CA GLU F 782 -18.67 -61.60 -41.58
C GLU F 782 -17.80 -60.91 -40.50
N HIS F 783 -16.92 -61.64 -39.82
CA HIS F 783 -16.34 -61.28 -38.52
C HIS F 783 -14.85 -60.96 -38.61
N ILE F 784 -14.25 -61.05 -39.79
CA ILE F 784 -12.84 -60.64 -39.98
C ILE F 784 -12.75 -59.20 -39.50
N ASP F 785 -12.00 -58.97 -38.42
CA ASP F 785 -11.67 -57.63 -37.89
C ASP F 785 -10.18 -57.57 -37.50
N SER F 786 -9.89 -56.99 -36.34
CA SER F 786 -8.57 -56.48 -35.93
C SER F 786 -7.65 -57.66 -35.66
N LYS F 787 -8.12 -58.64 -34.91
CA LYS F 787 -7.36 -59.85 -34.57
C LYS F 787 -6.92 -60.55 -35.87
N SER F 788 -7.80 -60.72 -36.83
CA SER F 788 -7.46 -61.43 -38.07
C SER F 788 -6.46 -60.59 -38.89
N GLU F 789 -6.65 -59.28 -38.94
CA GLU F 789 -5.74 -58.39 -39.68
C GLU F 789 -4.34 -58.40 -39.02
N PHE F 790 -4.28 -58.50 -37.70
CA PHE F 790 -3.01 -58.64 -36.95
C PHE F 790 -2.42 -60.01 -37.19
N ALA F 791 -3.21 -61.05 -37.07
CA ALA F 791 -2.76 -62.43 -37.36
C ALA F 791 -2.15 -62.51 -38.74
N HIS F 792 -2.78 -61.93 -39.75
CA HIS F 792 -2.27 -61.94 -41.15
C HIS F 792 -0.88 -61.30 -41.20
N ARG F 793 -0.60 -60.31 -40.37
CA ARG F 793 0.70 -59.62 -40.33
C ARG F 793 1.72 -60.56 -39.70
N ILE F 794 1.40 -61.21 -38.59
CA ILE F 794 2.30 -62.22 -37.95
C ILE F 794 2.66 -63.31 -38.96
N MET F 795 1.68 -63.87 -39.63
CA MET F 795 1.78 -65.13 -40.36
C MET F 795 2.14 -64.94 -41.83
N LEU F 796 2.12 -63.70 -42.36
CA LEU F 796 2.50 -63.44 -43.77
C LEU F 796 3.36 -62.19 -43.89
N THR F 797 2.83 -60.97 -43.79
CA THR F 797 3.64 -59.77 -44.18
C THR F 797 4.94 -59.69 -43.36
N ASN F 798 4.94 -59.99 -42.08
CA ASN F 798 6.16 -59.87 -41.26
C ASN F 798 7.02 -61.12 -41.47
N ILE F 799 6.50 -62.20 -42.08
CA ILE F 799 7.41 -63.30 -42.54
C ILE F 799 8.23 -62.80 -43.72
N LEU F 800 7.62 -62.04 -44.62
CA LEU F 800 8.26 -61.51 -45.83
C LEU F 800 9.30 -60.47 -45.42
N ARG F 801 8.95 -59.61 -44.48
CA ARG F 801 9.86 -58.58 -43.90
C ARG F 801 11.07 -59.20 -43.18
N MET F 802 10.95 -60.41 -42.64
CA MET F 802 12.06 -61.07 -41.91
C MET F 802 12.99 -61.73 -42.94
N MET F 803 12.47 -62.40 -43.97
CA MET F 803 13.32 -62.83 -45.12
C MET F 803 13.84 -61.58 -45.88
N GLY F 804 13.10 -60.50 -45.93
CA GLY F 804 13.65 -59.31 -46.55
C GLY F 804 14.88 -58.84 -45.82
N CYS F 805 14.80 -58.83 -44.49
CA CYS F 805 15.84 -58.33 -43.57
C CYS F 805 17.04 -59.25 -43.68
N VAL F 806 16.88 -60.59 -43.76
CA VAL F 806 18.08 -61.44 -43.79
C VAL F 806 18.75 -61.30 -45.14
N LYS F 807 18.03 -60.99 -46.19
CA LYS F 807 18.61 -60.66 -47.52
C LYS F 807 19.42 -59.37 -47.42
N LYS F 808 18.89 -58.32 -46.82
CA LYS F 808 19.68 -57.06 -46.71
C LYS F 808 20.94 -57.24 -45.85
N GLN F 809 20.90 -57.97 -44.75
CA GLN F 809 22.11 -58.23 -43.92
C GLN F 809 23.11 -59.12 -44.66
N LYS F 810 22.66 -60.11 -45.44
CA LYS F 810 23.59 -61.04 -46.12
C LYS F 810 24.27 -60.34 -47.29
N SER F 811 23.64 -59.31 -47.84
CA SER F 811 24.06 -58.63 -49.08
C SER F 811 25.04 -57.54 -48.69
N ALA F 812 24.70 -56.79 -47.65
CA ALA F 812 25.58 -55.83 -46.94
C ALA F 812 27.00 -56.36 -46.84
N ARG F 813 27.15 -57.64 -46.48
CA ARG F 813 28.44 -58.33 -46.22
C ARG F 813 28.86 -59.19 -47.43
N GLY F 814 28.17 -59.04 -48.56
CA GLY F 814 28.50 -59.73 -49.81
C GLY F 814 28.54 -61.23 -49.69
N ILE F 815 27.71 -61.78 -48.80
CA ILE F 815 27.58 -63.25 -48.61
C ILE F 815 26.67 -63.73 -49.74
N GLU F 816 27.25 -64.40 -50.74
CA GLU F 816 26.47 -64.85 -51.92
C GLU F 816 26.39 -66.38 -51.95
N THR F 817 27.02 -67.09 -51.03
CA THR F 817 27.21 -68.56 -51.18
C THR F 817 26.80 -69.28 -49.91
N ARG F 818 26.06 -68.64 -49.01
CA ARG F 818 25.59 -69.26 -47.75
C ARG F 818 24.12 -68.93 -47.54
N PRO F 819 23.23 -69.49 -48.37
CA PRO F 819 21.82 -69.15 -48.31
C PRO F 819 21.14 -69.71 -47.08
N ALA F 820 20.14 -69.02 -46.56
CA ALA F 820 19.31 -69.51 -45.44
C ALA F 820 18.10 -70.22 -46.00
N GLN F 821 17.92 -71.51 -45.67
CA GLN F 821 16.73 -72.25 -46.11
C GLN F 821 15.57 -71.82 -45.23
N VAL F 822 14.62 -71.08 -45.79
CA VAL F 822 13.31 -70.81 -45.12
C VAL F 822 12.42 -72.04 -45.20
N ILE F 823 11.92 -72.56 -44.06
CA ILE F 823 10.95 -73.69 -43.99
C ILE F 823 9.57 -73.09 -43.64
N LEU F 824 8.68 -72.89 -44.61
CA LEU F 824 7.35 -72.25 -44.41
C LEU F 824 6.38 -73.35 -44.03
N PRO F 825 5.60 -73.17 -42.96
CA PRO F 825 4.53 -74.10 -42.69
C PRO F 825 3.38 -73.75 -43.63
N MET F 826 3.09 -74.65 -44.56
CA MET F 826 1.95 -74.52 -45.48
C MET F 826 0.83 -75.37 -44.89
N SER F 827 -0.36 -75.22 -45.42
CA SER F 827 -1.53 -76.07 -45.13
C SER F 827 -1.86 -76.75 -46.44
N PRO F 828 -2.48 -77.94 -46.44
CA PRO F 828 -3.11 -78.48 -47.65
C PRO F 828 -4.57 -78.00 -47.76
N ASN F 829 -5.13 -77.49 -46.64
CA ASN F 829 -6.57 -77.19 -46.44
C ASN F 829 -6.73 -75.67 -46.41
N HIS F 830 -6.81 -75.04 -47.61
CA HIS F 830 -7.08 -73.59 -47.86
C HIS F 830 -8.59 -73.35 -48.01
N GLY F 831 -9.25 -72.86 -46.96
CA GLY F 831 -10.69 -72.51 -46.96
C GLY F 831 -11.64 -73.68 -46.65
N THR F 832 -11.17 -74.92 -46.57
CA THR F 832 -12.03 -76.13 -46.57
C THR F 832 -12.67 -76.41 -45.20
N PHE F 833 -12.44 -75.62 -44.16
CA PHE F 833 -13.12 -75.71 -42.85
C PHE F 833 -13.90 -74.45 -42.49
N GLY F 834 -13.33 -73.29 -42.76
CA GLY F 834 -13.91 -72.00 -42.35
C GLY F 834 -13.67 -71.74 -40.88
N GLY F 835 -14.08 -70.56 -40.43
CA GLY F 835 -13.96 -70.14 -39.04
C GLY F 835 -12.53 -69.91 -38.66
N ASP F 836 -11.63 -69.80 -39.65
CA ASP F 836 -10.17 -69.73 -39.46
C ASP F 836 -9.71 -68.25 -39.60
N GLY F 837 -10.60 -67.29 -39.86
CA GLY F 837 -10.25 -65.86 -40.00
C GLY F 837 -9.47 -65.69 -41.27
N MET F 838 -8.32 -65.06 -41.23
CA MET F 838 -7.51 -64.92 -42.48
C MET F 838 -6.36 -65.94 -42.51
N TYR F 839 -6.50 -67.11 -41.87
CA TYR F 839 -5.44 -68.15 -41.76
C TYR F 839 -5.15 -68.71 -43.17
N SER F 840 -6.18 -69.18 -43.85
CA SER F 840 -6.08 -69.70 -45.23
C SER F 840 -5.48 -68.68 -46.22
N GLU F 841 -5.76 -67.39 -46.08
CA GLU F 841 -5.20 -66.33 -46.96
C GLU F 841 -3.71 -66.21 -46.64
N SER F 842 -3.37 -66.22 -45.36
CA SER F 842 -1.99 -66.21 -44.87
C SER F 842 -1.22 -67.36 -45.51
N LYS F 843 -1.74 -68.57 -45.41
CA LYS F 843 -1.01 -69.81 -45.78
C LYS F 843 -0.86 -69.86 -47.29
N LEU F 844 -1.90 -69.56 -48.03
CA LEU F 844 -1.86 -69.70 -49.50
C LEU F 844 -0.92 -68.69 -50.17
N SER F 845 -0.81 -67.50 -49.62
CA SER F 845 0.03 -66.42 -50.17
C SER F 845 1.52 -66.70 -49.99
N LEU F 846 1.94 -67.66 -49.17
CA LEU F 846 3.39 -68.05 -49.08
C LEU F 846 3.79 -68.88 -50.30
N GLU F 847 2.84 -69.54 -50.96
CA GLU F 847 3.09 -70.27 -52.23
C GLU F 847 3.54 -69.32 -53.36
N THR F 848 3.36 -68.00 -53.24
CA THR F 848 4.01 -67.01 -54.14
C THR F 848 5.55 -67.03 -54.01
N LEU F 849 6.13 -67.44 -52.88
CA LEU F 849 7.61 -67.46 -52.70
C LEU F 849 8.28 -68.57 -53.55
N PHE F 850 7.57 -69.57 -54.04
CA PHE F 850 8.16 -70.63 -54.88
C PHE F 850 8.34 -70.09 -56.28
N ASN F 851 7.64 -69.01 -56.61
CA ASN F 851 7.74 -68.42 -57.97
C ASN F 851 8.70 -67.26 -57.91
N ARG F 852 8.55 -66.39 -56.93
CA ARG F 852 9.40 -65.19 -56.77
C ARG F 852 10.85 -65.57 -56.53
N TRP F 853 11.17 -66.76 -56.07
CA TRP F 853 12.58 -67.19 -55.92
C TRP F 853 13.30 -67.20 -57.27
N HIS F 854 12.59 -67.53 -58.35
CA HIS F 854 13.10 -67.45 -59.74
C HIS F 854 13.07 -66.03 -60.33
N SER F 855 12.21 -65.18 -59.83
CA SER F 855 11.82 -63.97 -60.58
C SER F 855 12.44 -62.72 -59.99
N GLU F 856 13.16 -62.83 -58.88
CA GLU F 856 13.75 -61.67 -58.16
C GLU F 856 15.22 -61.95 -57.92
N SER F 857 15.84 -61.22 -57.01
CA SER F 857 17.31 -61.08 -56.89
C SER F 857 17.78 -61.57 -55.52
N TRP F 858 17.04 -62.46 -54.90
CA TRP F 858 17.32 -62.94 -53.52
C TRP F 858 17.50 -64.45 -53.46
N ALA F 859 17.62 -65.17 -54.57
CA ALA F 859 17.84 -66.62 -54.52
C ALA F 859 19.21 -67.02 -53.97
N ASN F 860 20.24 -66.20 -54.07
CA ASN F 860 21.55 -66.56 -53.48
C ASN F 860 21.54 -66.32 -51.97
N GLN F 861 20.62 -65.56 -51.45
CA GLN F 861 20.55 -65.29 -50.01
C GLN F 861 19.56 -66.19 -49.26
N LEU F 862 18.68 -66.92 -49.95
CA LEU F 862 17.42 -67.48 -49.37
C LEU F 862 16.97 -68.63 -50.25
N THR F 863 16.46 -69.69 -49.68
CA THR F 863 15.92 -70.84 -50.41
C THR F 863 14.60 -71.19 -49.76
N VAL F 864 13.61 -71.58 -50.52
CA VAL F 864 12.31 -71.89 -49.88
C VAL F 864 12.15 -73.41 -49.89
N CYS F 865 11.73 -73.91 -48.74
CA CYS F 865 11.38 -75.31 -48.51
C CYS F 865 10.04 -75.29 -47.83
N GLY F 866 8.96 -75.37 -48.58
CA GLY F 866 7.60 -75.33 -48.03
C GLY F 866 7.20 -76.71 -47.59
N ALA F 867 6.84 -76.83 -46.31
CA ALA F 867 6.42 -78.10 -45.67
C ALA F 867 4.90 -78.06 -45.51
N ILE F 868 4.17 -78.90 -46.24
CA ILE F 868 2.70 -79.05 -46.11
C ILE F 868 2.49 -80.02 -44.96
N ILE F 869 2.34 -79.50 -43.75
CA ILE F 869 2.28 -80.25 -42.48
C ILE F 869 0.89 -80.82 -42.37
N GLY F 870 0.79 -82.10 -42.00
CA GLY F 870 -0.48 -82.84 -41.92
C GLY F 870 -0.85 -83.15 -40.48
N TRP F 871 -1.71 -84.14 -40.29
CA TRP F 871 -2.45 -84.30 -39.02
C TRP F 871 -1.51 -84.73 -37.89
N THR F 872 -1.24 -83.81 -36.98
CA THR F 872 -0.32 -83.94 -35.85
C THR F 872 -1.19 -83.93 -34.60
N ARG F 873 -1.18 -85.05 -33.89
CA ARG F 873 -1.90 -85.25 -32.62
C ARG F 873 -1.19 -84.41 -31.55
N GLY F 874 -1.95 -83.77 -30.65
CA GLY F 874 -1.41 -83.07 -29.47
C GLY F 874 -1.36 -83.98 -28.26
N THR F 875 -1.30 -83.39 -27.07
CA THR F 875 -1.23 -84.06 -25.74
C THR F 875 -2.37 -85.09 -25.58
N GLY F 876 -3.59 -84.67 -25.17
CA GLY F 876 -4.63 -85.61 -24.73
C GLY F 876 -6.04 -85.06 -24.77
N LEU F 877 -6.88 -85.65 -25.65
CA LEU F 877 -8.38 -85.59 -25.67
C LEU F 877 -8.85 -84.25 -26.24
N MET F 878 -8.61 -83.16 -25.52
CA MET F 878 -8.99 -81.79 -25.93
C MET F 878 -8.03 -81.31 -27.02
N SER F 879 -6.72 -81.48 -26.81
CA SER F 879 -5.66 -81.00 -27.72
C SER F 879 -5.99 -81.47 -29.15
N ALA F 880 -5.87 -80.56 -30.11
CA ALA F 880 -6.12 -80.80 -31.55
C ALA F 880 -7.54 -81.34 -31.69
N ASN F 881 -7.76 -82.40 -32.48
CA ASN F 881 -9.03 -83.15 -32.47
C ASN F 881 -8.69 -84.60 -32.19
N ASN F 882 -8.01 -84.89 -31.08
CA ASN F 882 -7.44 -86.24 -30.80
C ASN F 882 -8.51 -87.35 -30.85
N ILE F 883 -9.74 -87.06 -30.40
CA ILE F 883 -10.82 -88.09 -30.32
C ILE F 883 -11.20 -88.64 -31.70
N ILE F 884 -11.10 -87.85 -32.77
CA ILE F 884 -11.44 -88.36 -34.13
C ILE F 884 -10.21 -88.81 -34.93
N ALA F 885 -8.98 -88.74 -34.38
CA ALA F 885 -7.76 -89.25 -35.06
C ALA F 885 -7.95 -90.71 -35.44
N GLU F 886 -8.32 -91.57 -34.48
CA GLU F 886 -8.49 -93.03 -34.71
C GLU F 886 -9.36 -93.22 -35.95
N GLY F 887 -10.42 -92.41 -36.08
CA GLY F 887 -11.47 -92.55 -37.09
C GLY F 887 -11.00 -92.17 -38.48
N ILE F 888 -10.23 -91.09 -38.55
CA ILE F 888 -9.53 -90.61 -39.77
C ILE F 888 -8.50 -91.66 -40.22
N GLU F 889 -7.77 -92.27 -39.29
CA GLU F 889 -6.78 -93.33 -39.63
C GLU F 889 -7.47 -94.55 -40.25
N LYS F 890 -8.72 -94.84 -39.89
CA LYS F 890 -9.48 -95.98 -40.47
C LYS F 890 -9.68 -95.80 -41.97
N MET F 891 -9.74 -94.56 -42.47
CA MET F 891 -9.83 -94.21 -43.93
C MET F 891 -8.58 -94.60 -44.71
N GLY F 892 -7.44 -94.87 -44.06
CA GLY F 892 -6.18 -95.23 -44.72
C GLY F 892 -5.15 -94.11 -44.64
N VAL F 893 -5.60 -92.95 -44.14
CA VAL F 893 -4.76 -91.77 -43.76
C VAL F 893 -3.85 -92.14 -42.58
N ARG F 894 -2.71 -91.47 -42.47
CA ARG F 894 -1.83 -91.60 -41.31
C ARG F 894 -1.77 -90.28 -40.57
N THR F 895 -1.92 -90.32 -39.25
CA THR F 895 -1.64 -89.17 -38.38
C THR F 895 -0.28 -89.41 -37.73
N PHE F 896 0.21 -88.38 -37.06
CA PHE F 896 1.60 -88.31 -36.56
C PHE F 896 1.60 -87.83 -35.12
N SER F 897 2.50 -88.39 -34.31
CA SER F 897 2.88 -87.74 -33.05
C SER F 897 3.60 -86.46 -33.42
N GLN F 898 3.61 -85.48 -32.51
CA GLN F 898 4.49 -84.31 -32.58
C GLN F 898 5.94 -84.76 -32.82
N LYS F 899 6.43 -85.82 -32.18
CA LYS F 899 7.85 -86.24 -32.38
C LYS F 899 8.11 -86.80 -33.78
N GLU F 900 7.12 -87.40 -34.43
CA GLU F 900 7.21 -87.84 -35.85
C GLU F 900 7.14 -86.63 -36.80
N MET F 901 6.21 -85.69 -36.59
CA MET F 901 6.13 -84.45 -37.40
C MET F 901 7.43 -83.65 -37.23
N ALA F 902 8.11 -83.75 -36.08
CA ALA F 902 9.36 -83.01 -35.85
C ALA F 902 10.42 -83.64 -36.74
N PHE F 903 10.37 -84.95 -36.85
CA PHE F 903 11.31 -85.82 -37.56
C PHE F 903 11.26 -85.47 -39.02
N ASN F 904 10.04 -85.39 -39.53
CA ASN F 904 9.71 -85.12 -40.95
C ASN F 904 10.29 -83.77 -41.37
N LEU F 905 10.08 -82.74 -40.56
CA LEU F 905 10.57 -81.35 -40.81
C LEU F 905 12.07 -81.27 -40.64
N LEU F 906 12.70 -82.04 -39.73
CA LEU F 906 14.20 -82.11 -39.61
C LEU F 906 14.80 -82.87 -40.80
N GLY F 907 14.06 -83.77 -41.42
CA GLY F 907 14.31 -84.27 -42.77
C GLY F 907 14.64 -83.16 -43.74
N LEU F 908 13.90 -82.05 -43.71
CA LEU F 908 14.04 -80.97 -44.72
C LEU F 908 15.33 -80.14 -44.49
N LEU F 909 16.08 -80.46 -43.46
CA LEU F 909 17.33 -79.76 -43.08
C LEU F 909 18.49 -80.74 -43.20
N THR F 910 18.28 -81.90 -43.84
CA THR F 910 19.35 -82.89 -44.05
C THR F 910 20.18 -82.36 -45.21
N PRO F 911 21.44 -82.80 -45.42
CA PRO F 911 22.25 -82.26 -46.51
C PRO F 911 21.70 -82.55 -47.92
N GLU F 912 20.88 -83.58 -48.13
CA GLU F 912 20.34 -83.95 -49.47
C GLU F 912 19.24 -82.97 -49.93
N VAL F 913 18.28 -82.68 -49.06
CA VAL F 913 17.15 -81.76 -49.37
C VAL F 913 17.55 -80.31 -49.07
N VAL F 914 18.69 -80.06 -48.43
CA VAL F 914 19.32 -78.70 -48.45
C VAL F 914 19.88 -78.51 -49.87
N GLU F 915 20.49 -79.55 -50.43
CA GLU F 915 21.09 -79.52 -51.79
C GLU F 915 20.00 -79.20 -52.84
N LEU F 916 18.80 -79.81 -52.82
CA LEU F 916 17.70 -79.53 -53.81
C LEU F 916 17.22 -78.07 -53.70
N CYS F 917 16.71 -77.65 -52.55
CA CYS F 917 16.36 -76.26 -52.18
C CYS F 917 17.23 -75.20 -52.87
N GLN F 918 18.52 -75.46 -52.97
CA GLN F 918 19.56 -74.54 -53.51
C GLN F 918 19.53 -74.62 -55.04
N LYS F 919 19.10 -75.74 -55.63
CA LYS F 919 18.78 -75.83 -57.09
C LYS F 919 17.49 -75.05 -57.44
N SER F 920 16.39 -75.41 -56.77
CA SER F 920 14.98 -75.01 -57.07
C SER F 920 14.21 -75.06 -55.76
N PRO F 921 13.10 -74.32 -55.55
CA PRO F 921 12.28 -74.48 -54.37
C PRO F 921 11.72 -75.89 -54.13
N VAL F 922 11.76 -76.34 -52.87
CA VAL F 922 11.27 -77.68 -52.48
C VAL F 922 9.90 -77.61 -51.83
N MET F 923 8.91 -78.33 -52.36
CA MET F 923 7.57 -78.44 -51.73
C MET F 923 7.41 -79.85 -51.18
N ALA F 924 7.46 -79.96 -49.86
CA ALA F 924 7.39 -81.22 -49.10
C ALA F 924 5.98 -81.49 -48.63
N ASP F 925 5.39 -82.63 -48.99
CA ASP F 925 4.03 -83.04 -48.56
C ASP F 925 4.13 -84.00 -47.37
N LEU F 926 4.10 -83.47 -46.16
CA LEU F 926 4.15 -84.25 -44.89
C LEU F 926 2.71 -84.47 -44.39
N ASN F 927 1.79 -84.56 -45.30
CA ASN F 927 0.35 -84.80 -45.04
C ASN F 927 0.15 -86.24 -45.45
N GLY F 928 -0.24 -87.10 -44.52
CA GLY F 928 -0.22 -88.55 -44.79
C GLY F 928 -1.52 -88.99 -45.45
N GLY F 929 -1.77 -88.56 -46.68
CA GLY F 929 -2.92 -89.02 -47.48
C GLY F 929 -4.23 -88.30 -47.18
N LEU F 930 -4.26 -87.24 -46.38
CA LEU F 930 -5.49 -86.42 -46.20
C LEU F 930 -5.88 -85.71 -47.49
N GLN F 931 -5.00 -85.58 -48.48
CA GLN F 931 -5.36 -85.05 -49.83
C GLN F 931 -6.62 -85.79 -50.32
N PHE F 932 -6.66 -87.11 -50.10
CA PHE F 932 -7.49 -88.10 -50.84
C PHE F 932 -8.75 -88.52 -50.08
N VAL F 933 -8.88 -88.22 -48.78
CA VAL F 933 -10.19 -88.33 -48.06
C VAL F 933 -11.06 -87.17 -48.54
N PRO F 934 -12.13 -87.41 -49.34
CA PRO F 934 -12.89 -86.34 -49.98
C PRO F 934 -14.00 -85.79 -49.04
N GLU F 935 -14.30 -84.49 -49.16
CA GLU F 935 -15.20 -83.73 -48.24
C GLU F 935 -14.76 -84.00 -46.79
N LEU F 936 -13.51 -83.68 -46.46
CA LEU F 936 -12.94 -83.80 -45.12
C LEU F 936 -13.68 -82.95 -44.09
N LYS F 937 -14.35 -81.85 -44.47
CA LYS F 937 -15.03 -81.02 -43.45
C LYS F 937 -16.16 -81.85 -42.86
N GLU F 938 -17.03 -82.34 -43.75
CA GLU F 938 -18.28 -83.04 -43.42
C GLU F 938 -17.94 -84.45 -42.93
N PHE F 939 -16.78 -84.99 -43.25
CA PHE F 939 -16.35 -86.34 -42.78
C PHE F 939 -16.03 -86.28 -41.28
N THR F 940 -14.98 -85.55 -40.95
CA THR F 940 -14.55 -85.15 -39.60
C THR F 940 -15.75 -84.79 -38.70
N ALA F 941 -16.81 -84.18 -39.25
CA ALA F 941 -18.03 -83.72 -38.54
C ALA F 941 -18.97 -84.90 -38.25
N LYS F 942 -19.13 -85.79 -39.22
CA LYS F 942 -19.79 -87.11 -39.06
C LYS F 942 -19.10 -87.92 -37.96
N LEU F 943 -17.76 -87.95 -37.93
CA LEU F 943 -17.03 -88.75 -36.92
C LEU F 943 -17.30 -88.21 -35.53
N ARG F 944 -17.47 -86.91 -35.36
CA ARG F 944 -17.59 -86.30 -34.00
C ARG F 944 -19.01 -86.58 -33.51
N LYS F 945 -20.02 -86.39 -34.37
CA LYS F 945 -21.42 -86.89 -34.23
C LYS F 945 -21.41 -88.30 -33.61
N GLU F 946 -20.90 -89.31 -34.31
CA GLU F 946 -20.97 -90.75 -33.93
C GLU F 946 -20.38 -91.00 -32.54
N LEU F 947 -19.32 -90.29 -32.13
CA LEU F 947 -18.70 -90.45 -30.79
C LEU F 947 -19.61 -89.84 -29.73
N VAL F 948 -20.19 -88.69 -30.04
CA VAL F 948 -21.05 -87.91 -29.10
C VAL F 948 -22.36 -88.68 -28.92
N GLU F 949 -23.08 -88.91 -30.02
CA GLU F 949 -24.29 -89.79 -30.08
C GLU F 949 -24.05 -90.95 -29.10
N THR F 950 -23.12 -91.85 -29.39
CA THR F 950 -22.78 -93.04 -28.55
C THR F 950 -22.55 -92.66 -27.08
N SER F 951 -21.67 -91.71 -26.79
CA SER F 951 -21.39 -91.19 -25.42
C SER F 951 -22.67 -90.70 -24.73
N GLU F 952 -23.54 -89.94 -25.41
CA GLU F 952 -24.77 -89.34 -24.82
C GLU F 952 -25.80 -90.43 -24.49
N VAL F 953 -26.09 -91.35 -25.41
CA VAL F 953 -27.08 -92.46 -25.19
C VAL F 953 -26.62 -93.26 -23.98
N ARG F 954 -25.32 -93.48 -23.88
CA ARG F 954 -24.70 -94.37 -22.88
C ARG F 954 -24.73 -93.70 -21.51
N LYS F 955 -24.61 -92.38 -21.49
CA LYS F 955 -24.56 -91.54 -20.27
C LYS F 955 -25.98 -91.32 -19.76
N ALA F 956 -26.98 -91.30 -20.65
CA ALA F 956 -28.42 -91.16 -20.33
C ALA F 956 -28.94 -92.44 -19.70
N VAL F 957 -28.57 -93.60 -20.26
CA VAL F 957 -28.84 -94.97 -19.70
C VAL F 957 -28.19 -95.09 -18.32
N SER F 958 -26.99 -94.53 -18.15
CA SER F 958 -26.22 -94.61 -16.88
C SER F 958 -26.89 -93.75 -15.81
N ILE F 959 -27.48 -92.60 -16.20
CA ILE F 959 -28.14 -91.67 -15.24
C ILE F 959 -29.39 -92.36 -14.69
N GLU F 960 -30.24 -92.88 -15.59
CA GLU F 960 -31.52 -93.53 -15.25
C GLU F 960 -31.27 -94.76 -14.37
N THR F 961 -30.28 -95.62 -14.68
CA THR F 961 -29.96 -96.83 -13.86
C THR F 961 -29.53 -96.44 -12.44
N ALA F 962 -29.00 -95.23 -12.24
CA ALA F 962 -28.60 -94.72 -10.92
C ALA F 962 -29.85 -94.26 -10.16
N LEU F 963 -30.67 -93.39 -10.78
CA LEU F 963 -32.01 -92.97 -10.26
C LEU F 963 -32.88 -94.18 -9.92
N GLU F 964 -32.97 -95.19 -10.81
CA GLU F 964 -33.87 -96.36 -10.69
C GLU F 964 -33.21 -97.48 -9.89
N HIS F 965 -32.36 -97.09 -8.93
CA HIS F 965 -31.56 -97.96 -8.03
C HIS F 965 -31.45 -97.24 -6.67
N LYS F 966 -31.15 -95.94 -6.72
CA LYS F 966 -31.38 -94.95 -5.64
C LYS F 966 -32.82 -95.03 -5.12
N VAL F 967 -33.80 -95.28 -5.99
CA VAL F 967 -35.25 -95.34 -5.62
C VAL F 967 -35.54 -96.68 -4.95
N VAL F 968 -34.97 -97.77 -5.44
CA VAL F 968 -35.15 -99.16 -4.89
C VAL F 968 -34.36 -99.32 -3.59
N ASN F 969 -33.24 -98.61 -3.40
CA ASN F 969 -32.34 -98.75 -2.22
C ASN F 969 -32.18 -97.40 -1.51
N GLY F 970 -33.14 -96.47 -1.69
CA GLY F 970 -33.20 -95.17 -0.98
C GLY F 970 -31.83 -94.51 -0.80
N ASN F 971 -31.40 -94.36 0.46
CA ASN F 971 -30.03 -93.95 0.86
C ASN F 971 -29.55 -94.89 1.98
N SER F 972 -29.54 -96.20 1.66
CA SER F 972 -29.18 -97.36 2.54
C SER F 972 -27.99 -98.13 1.95
N ALA F 973 -28.09 -98.57 0.68
CA ALA F 973 -27.01 -99.20 -0.14
C ALA F 973 -26.34 -98.18 -1.09
N ASP F 974 -26.81 -96.91 -1.12
CA ASP F 974 -26.24 -95.75 -1.88
C ASP F 974 -25.71 -94.66 -0.92
N ALA F 975 -25.58 -94.95 0.40
CA ALA F 975 -25.14 -94.01 1.47
C ALA F 975 -24.10 -94.65 2.44
N ALA F 976 -24.21 -95.98 2.72
CA ALA F 976 -23.23 -96.79 3.49
C ALA F 976 -22.10 -97.34 2.59
N TYR F 977 -22.22 -97.13 1.26
CA TYR F 977 -21.21 -97.38 0.18
C TYR F 977 -19.90 -96.59 0.45
N ALA F 978 -20.00 -95.39 1.08
CA ALA F 978 -18.94 -94.34 1.18
C ALA F 978 -18.11 -94.47 2.49
N GLN F 979 -16.78 -94.50 2.32
CA GLN F 979 -15.71 -94.79 3.34
C GLN F 979 -15.36 -93.52 4.11
N VAL F 980 -14.42 -93.62 5.06
CA VAL F 980 -13.92 -92.52 5.96
C VAL F 980 -12.43 -92.26 5.63
N GLU F 981 -12.07 -90.99 5.38
CA GLU F 981 -10.70 -90.60 4.94
C GLU F 981 -9.96 -89.87 6.07
N ILE F 982 -8.65 -90.06 6.08
CA ILE F 982 -7.68 -89.53 7.06
C ILE F 982 -6.86 -88.44 6.38
N GLN F 983 -7.14 -87.18 6.67
CA GLN F 983 -6.32 -86.02 6.25
C GLN F 983 -5.12 -85.91 7.20
N PRO F 984 -3.87 -85.95 6.70
CA PRO F 984 -2.69 -85.91 7.56
C PRO F 984 -2.52 -84.57 8.28
N ARG F 985 -2.06 -84.61 9.52
CA ARG F 985 -1.62 -83.41 10.28
C ARG F 985 -0.11 -83.38 10.27
N ALA F 986 0.46 -82.20 10.52
CA ALA F 986 1.92 -81.95 10.43
C ALA F 986 2.59 -82.48 11.69
N ASN F 987 3.41 -83.52 11.55
CA ASN F 987 4.22 -84.05 12.67
C ASN F 987 5.67 -83.59 12.47
N ILE F 988 5.93 -82.32 12.72
CA ILE F 988 7.28 -81.69 12.53
C ILE F 988 8.33 -82.43 13.38
N GLN F 989 9.40 -82.92 12.75
CA GLN F 989 10.48 -83.71 13.39
C GLN F 989 11.74 -82.86 13.55
N LEU F 990 12.56 -83.17 14.55
CA LEU F 990 13.86 -82.48 14.77
C LEU F 990 14.99 -82.97 13.85
N ASP F 991 14.85 -84.09 13.13
CA ASP F 991 15.86 -84.57 12.15
C ASP F 991 17.19 -84.74 12.87
N PHE F 992 17.20 -85.49 13.97
CA PHE F 992 18.42 -86.04 14.59
C PHE F 992 18.96 -87.10 13.64
N PRO F 993 20.29 -87.32 13.58
CA PRO F 993 20.88 -88.25 12.64
C PRO F 993 20.59 -89.70 12.97
N GLU F 994 20.28 -90.51 11.95
CA GLU F 994 19.96 -91.97 12.11
C GLU F 994 21.23 -92.67 12.57
N LEU F 995 21.16 -93.39 13.69
CA LEU F 995 22.27 -94.22 14.24
C LEU F 995 22.02 -95.66 13.83
N LYS F 996 22.97 -96.19 13.06
CA LYS F 996 22.97 -97.57 12.52
C LYS F 996 23.41 -98.50 13.63
N PRO F 997 23.16 -99.83 13.52
CA PRO F 997 23.70 -100.79 14.47
C PRO F 997 25.24 -100.88 14.38
N TYR F 998 25.91 -101.12 15.51
CA TYR F 998 27.39 -101.08 15.63
C TYR F 998 28.11 -101.89 14.56
N LYS F 999 27.58 -103.05 14.20
CA LYS F 999 28.22 -103.98 13.24
C LYS F 999 28.34 -103.31 11.86
N GLN F 1000 27.41 -102.40 11.53
CA GLN F 1000 27.32 -101.68 10.22
C GLN F 1000 28.22 -100.43 10.23
N VAL F 1001 28.46 -99.89 11.42
CA VAL F 1001 29.31 -98.68 11.67
C VAL F 1001 30.81 -99.05 11.54
N LYS F 1002 31.21 -100.26 11.92
CA LYS F 1002 32.60 -100.76 11.83
C LYS F 1002 33.01 -101.15 10.40
N GLN F 1003 32.09 -101.41 9.47
CA GLN F 1003 32.42 -101.53 8.02
C GLN F 1003 33.09 -100.25 7.52
N ILE F 1004 32.47 -99.09 7.81
CA ILE F 1004 32.73 -97.76 7.19
C ILE F 1004 34.18 -97.31 7.45
N ALA F 1005 34.63 -97.43 8.70
CA ALA F 1005 35.97 -97.02 9.15
C ALA F 1005 36.87 -98.25 9.17
N PRO F 1006 38.21 -98.08 9.12
CA PRO F 1006 39.14 -99.21 9.25
C PRO F 1006 39.36 -99.65 10.71
N ALA F 1007 39.52 -100.96 10.94
CA ALA F 1007 39.53 -101.65 12.26
C ALA F 1007 40.60 -101.09 13.21
N GLU F 1008 41.67 -100.54 12.63
CA GLU F 1008 42.85 -100.00 13.35
C GLU F 1008 42.46 -98.74 14.11
N LEU F 1009 41.31 -98.15 13.78
CA LEU F 1009 40.88 -96.84 14.30
C LEU F 1009 40.45 -96.97 15.77
N GLU F 1010 39.97 -98.13 16.21
CA GLU F 1010 39.53 -98.34 17.62
C GLU F 1010 40.70 -98.08 18.58
N GLY F 1011 40.52 -97.19 19.55
CA GLY F 1011 41.54 -96.89 20.58
C GLY F 1011 42.67 -96.00 20.08
N LEU F 1012 42.66 -95.62 18.79
CA LEU F 1012 43.73 -94.84 18.13
C LEU F 1012 43.52 -93.34 18.29
N LEU F 1013 42.27 -92.83 18.21
CA LEU F 1013 41.99 -91.37 18.35
C LEU F 1013 41.84 -90.98 19.82
N ASP F 1014 42.36 -89.83 20.19
CA ASP F 1014 42.01 -89.15 21.47
C ASP F 1014 40.69 -88.39 21.27
N LEU F 1015 39.60 -88.97 21.70
CA LEU F 1015 38.27 -88.35 21.59
C LEU F 1015 38.15 -87.05 22.39
N GLU F 1016 39.07 -86.72 23.31
CA GLU F 1016 39.01 -85.42 24.06
C GLU F 1016 39.37 -84.27 23.12
N ARG F 1017 39.81 -84.59 21.91
CA ARG F 1017 40.52 -83.64 21.03
C ARG F 1017 40.03 -83.83 19.59
N VAL F 1018 38.88 -84.48 19.42
CA VAL F 1018 38.02 -84.52 18.21
C VAL F 1018 36.83 -83.60 18.46
N ILE F 1019 36.69 -82.57 17.65
CA ILE F 1019 35.59 -81.58 17.73
C ILE F 1019 34.45 -82.10 16.87
N VAL F 1020 33.23 -81.89 17.31
CA VAL F 1020 32.02 -82.59 16.82
C VAL F 1020 30.94 -81.51 16.88
N VAL F 1021 30.10 -81.42 15.88
CA VAL F 1021 28.95 -80.48 15.89
C VAL F 1021 27.78 -81.25 16.42
N THR F 1022 27.11 -80.66 17.33
CA THR F 1022 26.16 -81.31 18.23
C THR F 1022 24.77 -80.69 18.05
N GLY F 1023 24.67 -79.54 17.42
CA GLY F 1023 23.40 -78.86 17.09
C GLY F 1023 23.65 -77.61 16.30
N PHE F 1024 22.67 -77.20 15.51
CA PHE F 1024 22.72 -75.99 14.69
C PHE F 1024 21.33 -75.44 14.42
N ALA F 1025 21.30 -74.19 14.03
CA ALA F 1025 20.08 -73.42 13.80
C ALA F 1025 20.40 -72.20 12.98
N GLU F 1026 19.36 -71.53 12.53
CA GLU F 1026 19.43 -70.27 11.78
C GLU F 1026 18.07 -69.58 11.70
N VAL F 1027 18.18 -68.31 11.47
CA VAL F 1027 17.14 -67.34 11.20
C VAL F 1027 17.67 -66.66 9.96
N GLY F 1028 16.97 -66.83 8.88
CA GLY F 1028 17.27 -66.08 7.67
C GLY F 1028 16.03 -65.98 6.81
N PRO F 1029 16.22 -65.57 5.57
CA PRO F 1029 15.14 -65.46 4.59
C PRO F 1029 14.15 -66.61 4.42
N TRP F 1030 14.48 -67.84 4.76
CA TRP F 1030 13.54 -68.97 4.56
C TRP F 1030 13.15 -69.58 5.91
N GLY F 1031 13.23 -68.77 6.94
CA GLY F 1031 12.83 -69.13 8.30
C GLY F 1031 13.96 -69.79 9.00
N SER F 1032 13.82 -71.08 9.27
CA SER F 1032 14.74 -71.91 10.08
C SER F 1032 15.61 -72.81 9.18
N ALA F 1033 16.61 -73.48 9.75
CA ALA F 1033 17.41 -74.51 9.02
C ALA F 1033 16.51 -75.62 8.47
N ARG F 1034 15.36 -75.88 9.10
CA ARG F 1034 14.43 -76.92 8.62
C ARG F 1034 13.80 -76.47 7.32
N THR F 1035 13.19 -75.30 7.35
CA THR F 1035 12.46 -74.75 6.19
C THR F 1035 13.44 -74.31 5.11
N ARG F 1036 14.64 -73.86 5.45
CA ARG F 1036 15.63 -73.49 4.39
C ARG F 1036 16.07 -74.73 3.63
N TRP F 1037 16.22 -75.85 4.32
CA TRP F 1037 16.64 -77.12 3.69
C TRP F 1037 15.59 -77.59 2.72
N GLU F 1038 14.31 -77.48 3.08
CA GLU F 1038 13.20 -77.92 2.19
C GLU F 1038 13.22 -77.06 0.92
N MET F 1039 13.33 -75.76 1.07
CA MET F 1039 13.39 -74.86 -0.11
C MET F 1039 14.65 -75.08 -0.94
N GLU F 1040 15.81 -75.23 -0.32
CA GLU F 1040 17.14 -75.39 -0.96
C GLU F 1040 17.16 -76.69 -1.78
N ALA F 1041 16.66 -77.78 -1.23
CA ALA F 1041 16.91 -79.15 -1.70
C ALA F 1041 15.79 -79.64 -2.61
N PHE F 1042 14.52 -79.38 -2.23
CA PHE F 1042 13.31 -79.84 -2.94
C PHE F 1042 12.61 -78.72 -3.71
N GLY F 1043 12.97 -77.47 -3.46
CA GLY F 1043 12.31 -76.32 -4.08
C GLY F 1043 10.85 -76.14 -3.72
N GLU F 1044 10.34 -76.82 -2.71
CA GLU F 1044 8.90 -76.82 -2.36
C GLU F 1044 8.73 -77.29 -0.93
N PHE F 1045 7.80 -76.68 -0.20
CA PHE F 1045 7.51 -77.09 1.19
C PHE F 1045 6.61 -78.32 1.22
N SER F 1046 6.85 -79.14 2.23
CA SER F 1046 6.04 -80.29 2.69
C SER F 1046 4.92 -79.75 3.60
N LEU F 1047 4.06 -80.63 4.12
CA LEU F 1047 2.99 -80.22 5.06
C LEU F 1047 3.65 -79.61 6.30
N GLU F 1048 4.71 -80.23 6.79
CA GLU F 1048 5.48 -79.80 7.98
C GLU F 1048 6.22 -78.49 7.68
N GLY F 1049 6.63 -78.30 6.44
CA GLY F 1049 7.30 -77.07 6.02
C GLY F 1049 6.37 -75.89 6.07
N CYS F 1050 5.21 -76.03 5.44
CA CYS F 1050 4.11 -75.04 5.41
C CYS F 1050 3.62 -74.66 6.80
N VAL F 1051 3.40 -75.62 7.67
CA VAL F 1051 2.95 -75.29 9.06
C VAL F 1051 4.08 -74.56 9.79
N GLU F 1052 5.33 -74.98 9.68
CA GLU F 1052 6.41 -74.26 10.39
C GLU F 1052 6.45 -72.84 9.81
N MET F 1053 6.33 -72.66 8.50
CA MET F 1053 6.48 -71.30 7.92
C MET F 1053 5.29 -70.45 8.30
N ALA F 1054 4.11 -71.04 8.42
CA ALA F 1054 2.87 -70.31 8.77
C ALA F 1054 2.93 -69.88 10.24
N TRP F 1055 3.49 -70.71 11.09
CA TRP F 1055 3.69 -70.38 12.52
C TRP F 1055 4.72 -69.28 12.65
N ILE F 1056 5.81 -69.34 11.86
CA ILE F 1056 6.92 -68.37 11.94
C ILE F 1056 6.43 -67.00 11.56
N MET F 1057 5.84 -66.92 10.39
CA MET F 1057 5.34 -65.69 9.75
C MET F 1057 4.10 -65.16 10.47
N GLY F 1058 3.53 -65.94 11.39
CA GLY F 1058 2.43 -65.48 12.25
C GLY F 1058 1.07 -65.55 11.58
N PHE F 1059 0.91 -66.32 10.53
CA PHE F 1059 -0.39 -66.59 9.88
C PHE F 1059 -1.28 -67.43 10.79
N ILE F 1060 -0.72 -68.35 11.55
CA ILE F 1060 -1.50 -69.29 12.40
C ILE F 1060 -0.90 -69.31 13.80
N SER F 1061 -1.76 -69.54 14.75
CA SER F 1061 -1.43 -69.48 16.18
C SER F 1061 -2.32 -70.51 16.84
N TYR F 1062 -1.75 -71.38 17.64
CA TYR F 1062 -2.49 -72.44 18.35
C TYR F 1062 -3.36 -71.76 19.36
N HIS F 1063 -4.48 -72.40 19.63
CA HIS F 1063 -5.55 -71.97 20.55
C HIS F 1063 -5.92 -73.20 21.35
N ASN F 1064 -6.12 -73.06 22.65
CA ASN F 1064 -6.63 -74.16 23.51
C ASN F 1064 -7.45 -73.49 24.61
N GLY F 1065 -8.74 -73.28 24.33
CA GLY F 1065 -9.62 -72.47 25.18
C GLY F 1065 -11.03 -72.43 24.65
N ASN F 1066 -11.74 -71.32 24.91
CA ASN F 1066 -13.09 -71.06 24.37
C ASN F 1066 -12.95 -70.18 23.14
N LEU F 1067 -13.61 -70.57 22.06
CA LEU F 1067 -13.49 -69.98 20.70
C LEU F 1067 -14.90 -69.86 20.13
N LYS F 1068 -15.43 -68.63 20.16
CA LYS F 1068 -16.83 -68.26 19.85
C LYS F 1068 -17.77 -69.26 20.53
N GLY F 1069 -17.65 -69.36 21.86
CA GLY F 1069 -18.64 -69.98 22.76
C GLY F 1069 -18.23 -71.37 23.18
N ARG F 1070 -18.01 -72.24 22.20
CA ARG F 1070 -17.62 -73.65 22.40
C ARG F 1070 -16.16 -73.70 22.82
N PRO F 1071 -15.69 -74.77 23.50
CA PRO F 1071 -14.26 -75.00 23.69
C PRO F 1071 -13.62 -75.63 22.44
N TYR F 1072 -12.39 -75.20 22.14
CA TYR F 1072 -11.60 -75.53 20.92
C TYR F 1072 -10.13 -75.71 21.28
N THR F 1073 -9.47 -76.59 20.51
CA THR F 1073 -8.04 -76.94 20.63
C THR F 1073 -7.53 -77.21 19.22
N GLY F 1074 -6.61 -76.38 18.72
CA GLY F 1074 -6.09 -76.52 17.35
C GLY F 1074 -5.47 -75.23 16.89
N TRP F 1075 -5.14 -75.15 15.59
CA TRP F 1075 -4.69 -73.91 14.93
C TRP F 1075 -5.88 -73.03 14.59
N VAL F 1076 -5.57 -71.80 14.26
CA VAL F 1076 -6.49 -70.64 14.20
C VAL F 1076 -5.78 -69.57 13.37
N ASP F 1077 -6.41 -69.02 12.34
CA ASP F 1077 -5.87 -67.86 11.60
C ASP F 1077 -5.62 -66.75 12.62
N SER F 1078 -4.40 -66.21 12.72
CA SER F 1078 -4.01 -65.26 13.79
C SER F 1078 -4.75 -63.93 13.61
N LYS F 1079 -5.22 -63.65 12.40
CA LYS F 1079 -5.94 -62.38 12.07
C LYS F 1079 -7.41 -62.52 12.50
N THR F 1080 -8.16 -63.44 11.86
CA THR F 1080 -9.63 -63.63 12.00
C THR F 1080 -10.03 -64.48 13.23
N LYS F 1081 -9.09 -65.13 13.90
CA LYS F 1081 -9.26 -66.25 14.87
C LYS F 1081 -10.15 -67.39 14.36
N GLU F 1082 -10.36 -67.54 13.04
CA GLU F 1082 -11.15 -68.69 12.49
C GLU F 1082 -10.33 -69.97 12.55
N PRO F 1083 -10.88 -71.12 12.97
CA PRO F 1083 -10.22 -72.42 12.84
C PRO F 1083 -9.63 -72.76 11.48
N VAL F 1084 -8.46 -73.38 11.50
CA VAL F 1084 -7.68 -73.87 10.31
C VAL F 1084 -7.23 -75.29 10.64
N ASP F 1085 -7.29 -76.16 9.64
CA ASP F 1085 -6.70 -77.52 9.74
C ASP F 1085 -5.47 -77.52 8.87
N ASP F 1086 -4.48 -78.34 9.23
CA ASP F 1086 -3.16 -78.41 8.56
C ASP F 1086 -3.40 -78.64 7.06
N LYS F 1087 -4.35 -79.50 6.69
CA LYS F 1087 -4.71 -79.81 5.28
C LYS F 1087 -5.04 -78.54 4.48
N ASP F 1088 -5.60 -77.51 5.13
CA ASP F 1088 -6.05 -76.24 4.48
C ASP F 1088 -4.92 -75.20 4.39
N VAL F 1089 -3.80 -75.40 5.09
CA VAL F 1089 -2.71 -74.40 5.28
C VAL F 1089 -2.02 -74.13 3.94
N LYS F 1090 -1.66 -75.16 3.19
CA LYS F 1090 -1.03 -75.02 1.84
C LYS F 1090 -1.93 -74.10 0.99
N ALA F 1091 -3.22 -74.39 0.93
CA ALA F 1091 -4.20 -73.68 0.10
C ALA F 1091 -4.44 -72.27 0.63
N LYS F 1092 -4.51 -72.10 1.96
CA LYS F 1092 -4.77 -70.76 2.55
C LYS F 1092 -3.51 -69.89 2.46
N TYR F 1093 -2.34 -70.42 2.81
CA TYR F 1093 -1.16 -69.57 3.09
C TYR F 1093 0.04 -69.86 2.19
N GLU F 1094 0.19 -71.00 1.50
CA GLU F 1094 1.43 -71.25 0.73
C GLU F 1094 1.74 -70.07 -0.21
N THR F 1095 0.77 -69.50 -0.89
CA THR F 1095 1.04 -68.40 -1.83
C THR F 1095 1.53 -67.20 -1.03
N SER F 1096 0.91 -66.86 0.08
CA SER F 1096 1.28 -65.69 0.92
C SER F 1096 2.70 -65.88 1.44
N ILE F 1097 2.99 -67.07 1.96
CA ILE F 1097 4.31 -67.53 2.46
C ILE F 1097 5.39 -67.24 1.42
N LEU F 1098 5.22 -67.66 0.18
CA LEU F 1098 6.26 -67.53 -0.87
C LEU F 1098 6.41 -66.08 -1.36
N GLU F 1099 5.37 -65.24 -1.38
CA GLU F 1099 5.50 -63.78 -1.71
C GLU F 1099 6.39 -63.06 -0.68
N HIS F 1100 6.32 -63.44 0.60
CA HIS F 1100 6.88 -62.67 1.72
C HIS F 1100 8.02 -63.42 2.39
N SER F 1101 8.65 -64.33 1.65
CA SER F 1101 9.87 -65.04 2.09
C SER F 1101 10.97 -64.81 1.06
N GLY F 1102 12.20 -65.12 1.42
CA GLY F 1102 13.27 -65.24 0.42
C GLY F 1102 13.69 -63.89 -0.07
N ILE F 1103 14.39 -63.87 -1.18
CA ILE F 1103 14.87 -62.62 -1.83
C ILE F 1103 13.67 -61.99 -2.53
N ARG F 1104 13.44 -60.72 -2.31
CA ARG F 1104 12.21 -60.03 -2.77
C ARG F 1104 12.39 -58.52 -2.62
N LEU F 1105 11.44 -57.72 -3.09
CA LEU F 1105 11.61 -56.25 -2.95
C LEU F 1105 11.63 -55.92 -1.48
N ILE F 1106 12.51 -55.01 -1.10
CA ILE F 1106 12.66 -54.47 0.28
C ILE F 1106 11.28 -54.03 0.75
N GLU F 1107 10.94 -54.41 1.97
CA GLU F 1107 9.63 -54.17 2.58
C GLU F 1107 9.86 -53.10 3.64
N PRO F 1108 9.39 -51.84 3.45
CA PRO F 1108 9.75 -50.74 4.35
C PRO F 1108 9.33 -50.85 5.83
N GLU F 1109 8.27 -51.60 6.11
CA GLU F 1109 7.76 -51.89 7.48
C GLU F 1109 8.82 -52.68 8.25
N LEU F 1110 9.63 -53.47 7.55
CA LEU F 1110 10.72 -54.29 8.15
C LEU F 1110 11.95 -53.44 8.48
N PHE F 1111 12.22 -52.38 7.72
CA PHE F 1111 13.48 -51.61 7.81
C PHE F 1111 13.19 -50.20 8.29
N ASN F 1112 12.22 -50.02 9.20
CA ASN F 1112 12.08 -48.74 9.94
C ASN F 1112 11.63 -47.68 8.92
N GLY F 1113 10.88 -48.11 7.91
CA GLY F 1113 10.32 -47.24 6.87
C GLY F 1113 11.28 -46.90 5.74
N TYR F 1114 12.49 -47.46 5.73
CA TYR F 1114 13.43 -47.34 4.60
C TYR F 1114 12.71 -47.68 3.28
N ASN F 1115 12.67 -46.73 2.36
CA ASN F 1115 12.09 -46.93 1.01
C ASN F 1115 13.16 -46.60 0.00
N PRO F 1116 13.88 -47.57 -0.58
CA PRO F 1116 15.06 -47.27 -1.41
C PRO F 1116 14.73 -46.40 -2.62
N GLU F 1117 13.47 -46.44 -3.06
CA GLU F 1117 12.90 -45.52 -4.08
C GLU F 1117 12.85 -44.07 -3.56
N LYS F 1118 13.12 -43.79 -2.28
CA LYS F 1118 12.91 -42.47 -1.60
C LYS F 1118 13.79 -42.29 -0.35
N LYS F 1119 15.05 -41.94 -0.54
CA LYS F 1119 16.04 -41.79 0.55
C LYS F 1119 16.11 -40.35 1.09
N GLU F 1120 15.67 -40.05 2.34
CA GLU F 1120 15.81 -38.71 2.97
C GLU F 1120 17.34 -38.44 3.05
N MET F 1121 17.84 -37.52 2.22
CA MET F 1121 19.07 -36.72 2.45
C MET F 1121 18.68 -35.29 2.87
N ILE F 1122 19.65 -34.44 3.18
CA ILE F 1122 19.40 -33.02 3.52
C ILE F 1122 20.48 -32.15 2.88
N GLN F 1123 20.08 -31.02 2.29
CA GLN F 1123 21.00 -30.03 1.68
C GLN F 1123 21.07 -28.80 2.58
N GLU F 1124 22.26 -28.20 2.69
CA GLU F 1124 22.55 -26.99 3.51
C GLU F 1124 22.33 -25.76 2.62
N VAL F 1125 21.24 -25.00 2.86
CA VAL F 1125 20.93 -23.71 2.16
C VAL F 1125 21.27 -22.57 3.11
N ILE F 1126 21.68 -21.41 2.54
CA ILE F 1126 21.64 -20.10 3.27
C ILE F 1126 20.28 -19.44 3.03
N VAL F 1127 19.66 -18.95 4.10
CA VAL F 1127 18.38 -18.18 4.08
C VAL F 1127 18.71 -16.82 3.46
N GLU F 1128 18.11 -16.52 2.30
CA GLU F 1128 18.21 -15.19 1.64
C GLU F 1128 17.39 -14.21 2.46
N GLU F 1129 16.13 -14.56 2.78
CA GLU F 1129 15.18 -13.66 3.48
C GLU F 1129 14.65 -14.31 4.75
N ASP F 1130 14.84 -13.61 5.88
CA ASP F 1130 14.28 -13.87 7.24
C ASP F 1130 12.98 -14.69 7.18
N LEU F 1131 12.75 -15.50 8.20
CA LEU F 1131 11.65 -16.50 8.28
C LEU F 1131 10.54 -15.93 9.15
N GLU F 1132 9.40 -16.62 9.20
CA GLU F 1132 8.33 -16.30 10.18
C GLU F 1132 8.73 -16.87 11.53
N PRO F 1133 8.65 -16.07 12.62
CA PRO F 1133 8.77 -16.60 13.98
C PRO F 1133 8.03 -17.92 14.22
N PHE F 1134 8.66 -18.83 14.94
CA PHE F 1134 8.04 -20.04 15.53
C PHE F 1134 8.32 -20.05 17.03
N GLU F 1135 7.43 -20.65 17.81
CA GLU F 1135 7.62 -20.75 19.27
C GLU F 1135 8.59 -21.89 19.57
N ALA F 1136 9.18 -21.85 20.76
CA ALA F 1136 10.11 -22.84 21.30
C ALA F 1136 10.24 -22.60 22.80
N SER F 1137 10.50 -23.63 23.60
CA SER F 1137 10.77 -23.49 25.05
C SER F 1137 11.99 -22.58 25.23
N LYS F 1138 12.24 -22.16 26.46
CA LYS F 1138 13.34 -21.22 26.78
C LYS F 1138 14.66 -21.90 26.40
N GLU F 1139 14.80 -23.19 26.73
CA GLU F 1139 16.07 -23.95 26.61
C GLU F 1139 16.36 -24.24 25.12
N THR F 1140 15.34 -24.58 24.34
CA THR F 1140 15.47 -24.81 22.88
C THR F 1140 15.83 -23.53 22.14
N ALA F 1141 15.26 -22.41 22.56
CA ALA F 1141 15.52 -21.10 21.94
C ALA F 1141 16.98 -20.73 22.18
N GLU F 1142 17.49 -20.97 23.40
CA GLU F 1142 18.90 -20.68 23.73
C GLU F 1142 19.86 -21.58 22.92
N GLN F 1143 19.40 -22.77 22.56
CA GLN F 1143 20.14 -23.69 21.68
C GLN F 1143 20.20 -23.11 20.27
N PHE F 1144 19.12 -22.51 19.76
CA PHE F 1144 19.16 -21.86 18.41
C PHE F 1144 20.09 -20.66 18.43
N LYS F 1145 20.12 -19.94 19.55
CA LYS F 1145 20.94 -18.72 19.72
C LYS F 1145 22.41 -19.12 19.71
N HIS F 1146 22.76 -20.13 20.51
CA HIS F 1146 24.15 -20.65 20.68
C HIS F 1146 24.74 -21.07 19.34
N GLN F 1147 23.96 -21.71 18.48
CA GLN F 1147 24.32 -22.12 17.12
C GLN F 1147 24.46 -20.93 16.18
N HIS F 1148 23.39 -20.11 16.04
CA HIS F 1148 23.24 -19.12 14.95
C HIS F 1148 23.86 -17.76 15.32
N GLY F 1149 23.84 -17.37 16.60
CA GLY F 1149 24.39 -16.09 17.09
C GLY F 1149 23.61 -14.88 16.57
N ASP F 1150 24.29 -14.03 15.80
CA ASP F 1150 23.72 -12.79 15.21
C ASP F 1150 22.56 -13.11 14.29
N LYS F 1151 22.57 -14.29 13.66
CA LYS F 1151 21.63 -14.69 12.57
C LYS F 1151 20.31 -15.23 13.13
N VAL F 1152 20.03 -15.08 14.43
CA VAL F 1152 18.73 -15.52 15.00
C VAL F 1152 18.35 -14.46 16.05
N ASP F 1153 17.06 -14.20 16.22
CA ASP F 1153 16.56 -13.30 17.29
C ASP F 1153 15.60 -14.12 18.14
N ILE F 1154 15.88 -14.24 19.43
CA ILE F 1154 14.99 -14.96 20.37
C ILE F 1154 14.54 -13.94 21.39
N PHE F 1155 13.24 -13.98 21.70
CA PHE F 1155 12.50 -13.02 22.56
C PHE F 1155 11.48 -13.80 23.36
N GLU F 1156 11.38 -13.50 24.67
CA GLU F 1156 10.32 -14.06 25.53
C GLU F 1156 8.96 -13.53 25.04
N ILE F 1157 7.95 -14.39 25.06
CA ILE F 1157 6.51 -14.05 24.82
C ILE F 1157 5.88 -13.93 26.20
N PRO F 1158 5.77 -12.70 26.78
CA PRO F 1158 5.73 -12.52 28.24
C PRO F 1158 4.61 -13.25 28.99
N GLU F 1159 3.49 -13.53 28.30
CA GLU F 1159 2.29 -14.23 28.85
C GLU F 1159 2.64 -15.71 29.15
N THR F 1160 3.09 -16.45 28.14
CA THR F 1160 3.29 -17.93 28.15
C THR F 1160 4.56 -18.29 28.92
N GLY F 1161 5.71 -17.66 28.57
CA GLY F 1161 7.06 -18.04 29.02
C GLY F 1161 7.88 -18.67 27.88
N GLU F 1162 7.20 -19.06 26.79
CA GLU F 1162 7.79 -19.57 25.52
C GLU F 1162 8.59 -18.45 24.85
N TYR F 1163 9.29 -18.76 23.76
CA TYR F 1163 10.18 -17.81 23.05
C TYR F 1163 9.86 -17.81 21.55
N SER F 1164 9.93 -16.65 20.92
CA SER F 1164 9.91 -16.50 19.46
C SER F 1164 11.33 -16.82 18.97
N VAL F 1165 11.46 -17.41 17.77
CA VAL F 1165 12.77 -17.65 17.12
C VAL F 1165 12.67 -17.10 15.70
N LYS F 1166 13.15 -15.89 15.48
CA LYS F 1166 13.30 -15.33 14.12
C LYS F 1166 14.65 -15.83 13.61
N LEU F 1167 14.63 -16.60 12.54
CA LEU F 1167 15.86 -16.95 11.83
C LEU F 1167 16.05 -15.88 10.76
N LEU F 1168 17.17 -15.18 10.82
CA LEU F 1168 17.44 -13.96 10.01
C LEU F 1168 18.20 -14.33 8.74
N LYS F 1169 18.48 -13.32 7.93
CA LYS F 1169 19.20 -13.39 6.64
C LYS F 1169 20.62 -13.86 6.94
N GLY F 1170 21.10 -14.86 6.20
CA GLY F 1170 22.49 -15.38 6.34
C GLY F 1170 22.56 -16.63 7.19
N ALA F 1171 21.46 -16.99 7.87
CA ALA F 1171 21.31 -18.21 8.69
C ALA F 1171 21.38 -19.45 7.80
N THR F 1172 21.92 -20.57 8.29
CA THR F 1172 21.90 -21.88 7.59
C THR F 1172 20.71 -22.70 8.06
N LEU F 1173 20.07 -23.34 7.10
CA LEU F 1173 18.99 -24.32 7.25
C LEU F 1173 19.45 -25.59 6.55
N TYR F 1174 18.80 -26.68 6.89
CA TYR F 1174 18.92 -27.95 6.17
C TYR F 1174 17.54 -28.19 5.61
N ILE F 1175 17.47 -28.39 4.30
CA ILE F 1175 16.22 -28.79 3.60
C ILE F 1175 16.40 -30.24 3.15
N PRO F 1176 15.46 -31.12 3.53
CA PRO F 1176 15.38 -32.46 2.98
C PRO F 1176 15.24 -32.59 1.47
N LYS F 1177 15.69 -33.72 0.95
CA LYS F 1177 15.50 -34.11 -0.47
C LYS F 1177 15.55 -35.64 -0.58
N ALA F 1178 15.44 -36.20 -1.79
CA ALA F 1178 15.22 -37.64 -1.94
C ALA F 1178 15.88 -38.15 -3.20
N LEU F 1179 16.97 -38.90 -3.02
CA LEU F 1179 17.60 -39.83 -4.00
C LEU F 1179 16.61 -40.95 -4.30
N ARG F 1180 16.66 -41.45 -5.52
CA ARG F 1180 16.08 -42.74 -5.92
C ARG F 1180 17.28 -43.69 -6.01
N PHE F 1181 17.27 -44.72 -5.19
CA PHE F 1181 18.38 -45.70 -5.06
C PHE F 1181 18.03 -46.94 -5.88
N ASP F 1182 19.04 -47.55 -6.45
CA ASP F 1182 18.92 -48.58 -7.51
C ASP F 1182 19.13 -49.98 -6.92
N ARG F 1183 19.25 -50.15 -5.59
CA ARG F 1183 19.29 -51.50 -4.94
C ARG F 1183 17.98 -51.71 -4.14
N LEU F 1184 16.99 -52.31 -4.83
CA LEU F 1184 15.55 -52.41 -4.47
C LEU F 1184 15.21 -53.74 -3.80
N VAL F 1185 16.13 -54.71 -3.79
CA VAL F 1185 15.87 -56.14 -3.47
C VAL F 1185 16.83 -56.61 -2.40
N ALA F 1186 16.41 -57.53 -1.54
CA ALA F 1186 17.27 -58.11 -0.48
C ALA F 1186 16.66 -59.38 0.09
N GLY F 1187 17.48 -60.21 0.70
CA GLY F 1187 17.09 -61.48 1.33
C GLY F 1187 16.68 -61.17 2.74
N GLN F 1188 15.39 -61.01 2.98
CA GLN F 1188 14.88 -60.43 4.23
C GLN F 1188 14.25 -61.56 4.99
N ILE F 1189 14.27 -61.47 6.31
CA ILE F 1189 13.62 -62.50 7.15
C ILE F 1189 12.15 -62.50 6.76
N PRO F 1190 11.45 -63.66 6.77
CA PRO F 1190 10.10 -63.76 6.22
C PRO F 1190 9.18 -62.80 6.93
N THR F 1191 8.40 -62.02 6.20
CA THR F 1191 7.53 -60.96 6.80
C THR F 1191 6.62 -61.62 7.84
N GLY F 1192 6.61 -61.11 9.04
CA GLY F 1192 5.79 -61.70 10.08
C GLY F 1192 6.63 -62.12 11.25
N TRP F 1193 7.84 -62.60 10.96
CA TRP F 1193 8.84 -63.08 11.94
C TRP F 1193 8.83 -62.09 13.08
N ASN F 1194 8.71 -62.60 14.28
CA ASN F 1194 8.62 -61.80 15.52
C ASN F 1194 9.31 -62.62 16.62
N ALA F 1195 10.16 -61.99 17.39
CA ALA F 1195 10.82 -62.64 18.54
C ALA F 1195 9.76 -63.07 19.55
N LYS F 1196 8.60 -62.43 19.62
CA LYS F 1196 7.49 -62.85 20.53
C LYS F 1196 7.10 -64.31 20.28
N THR F 1197 7.07 -64.79 19.03
CA THR F 1197 6.48 -66.11 18.75
C THR F 1197 7.40 -67.16 19.36
N TYR F 1198 8.68 -66.89 19.52
CA TYR F 1198 9.65 -67.84 20.10
C TYR F 1198 9.57 -67.78 21.63
N GLY F 1199 9.19 -66.65 22.21
CA GLY F 1199 8.99 -66.53 23.67
C GLY F 1199 9.81 -65.42 24.29
N ILE F 1200 10.50 -64.63 23.49
CA ILE F 1200 11.25 -63.45 23.95
C ILE F 1200 10.23 -62.39 24.31
N SER F 1201 10.49 -61.66 25.40
CA SER F 1201 9.61 -60.64 26.02
C SER F 1201 9.79 -59.24 25.43
N ASP F 1202 8.82 -58.38 25.64
CA ASP F 1202 8.78 -56.98 25.13
C ASP F 1202 9.86 -56.13 25.83
N ASP F 1203 10.18 -56.43 27.09
CA ASP F 1203 11.26 -55.73 27.85
C ASP F 1203 12.59 -55.95 27.13
N ILE F 1204 12.90 -57.20 26.78
CA ILE F 1204 14.15 -57.58 26.07
C ILE F 1204 14.10 -57.02 24.65
N ILE F 1205 12.95 -57.04 24.00
CA ILE F 1205 12.83 -56.60 22.57
C ILE F 1205 13.05 -55.10 22.44
N SER F 1206 12.58 -54.32 23.41
CA SER F 1206 12.76 -52.85 23.45
C SER F 1206 14.23 -52.49 23.73
N GLN F 1207 14.91 -53.27 24.57
CA GLN F 1207 16.28 -52.93 25.08
C GLN F 1207 17.31 -53.17 23.98
N VAL F 1208 17.07 -54.11 23.09
CA VAL F 1208 18.13 -54.83 22.35
C VAL F 1208 18.02 -54.49 20.87
N ASP F 1209 19.15 -54.47 20.16
CA ASP F 1209 19.21 -54.32 18.68
C ASP F 1209 18.56 -55.54 18.02
N PRO F 1210 17.79 -55.40 16.93
CA PRO F 1210 17.20 -56.56 16.26
C PRO F 1210 18.13 -57.72 15.86
N ILE F 1211 19.37 -57.47 15.50
CA ILE F 1211 20.32 -58.58 15.21
C ILE F 1211 20.43 -59.51 16.45
N THR F 1212 20.38 -58.95 17.66
CA THR F 1212 20.45 -59.73 18.90
C THR F 1212 19.20 -60.61 19.05
N LEU F 1213 18.07 -60.32 18.42
CA LEU F 1213 16.88 -61.21 18.50
C LEU F 1213 17.09 -62.42 17.60
N PHE F 1214 17.60 -62.19 16.41
CA PHE F 1214 18.00 -63.29 15.53
C PHE F 1214 18.94 -64.18 16.28
N VAL F 1215 19.88 -63.63 17.05
CA VAL F 1215 20.91 -64.49 17.72
C VAL F 1215 20.27 -65.33 18.81
N LEU F 1216 19.51 -64.75 19.72
CA LEU F 1216 18.86 -65.48 20.83
C LEU F 1216 18.04 -66.63 20.28
N VAL F 1217 17.31 -66.41 19.23
CA VAL F 1217 16.46 -67.49 18.67
C VAL F 1217 17.31 -68.58 18.04
N SER F 1218 18.36 -68.24 17.34
CA SER F 1218 19.38 -69.19 16.82
C SER F 1218 20.08 -69.97 17.94
N VAL F 1219 20.37 -69.40 19.08
CA VAL F 1219 21.08 -70.16 20.15
C VAL F 1219 20.10 -71.15 20.81
N VAL F 1220 18.84 -70.82 20.96
CA VAL F 1220 17.83 -71.74 21.53
C VAL F 1220 17.60 -72.87 20.55
N GLU F 1221 17.14 -72.53 19.37
CA GLU F 1221 16.90 -73.53 18.30
C GLU F 1221 18.09 -74.48 18.14
N ALA F 1222 19.32 -74.04 18.37
CA ALA F 1222 20.57 -74.82 18.23
C ALA F 1222 20.71 -75.80 19.39
N PHE F 1223 20.52 -75.33 20.61
CA PHE F 1223 20.43 -76.18 21.81
C PHE F 1223 19.31 -77.24 21.66
N ILE F 1224 18.15 -76.97 21.09
CA ILE F 1224 17.11 -78.01 20.80
C ILE F 1224 17.58 -79.02 19.74
N ALA F 1225 18.20 -78.62 18.64
CA ALA F 1225 18.87 -79.53 17.68
C ALA F 1225 19.93 -80.40 18.40
N SER F 1226 20.37 -80.00 19.59
CA SER F 1226 21.38 -80.73 20.38
C SER F 1226 20.71 -81.48 21.53
N GLY F 1227 19.38 -81.50 21.60
CA GLY F 1227 18.60 -82.12 22.67
C GLY F 1227 18.85 -81.52 24.04
N ILE F 1228 19.41 -80.33 24.09
CA ILE F 1228 19.68 -79.61 25.34
C ILE F 1228 18.59 -78.55 25.39
N THR F 1229 17.51 -78.87 26.07
CA THR F 1229 16.30 -78.05 26.21
C THR F 1229 16.55 -77.04 27.33
N ASP F 1230 17.33 -77.42 28.36
CA ASP F 1230 17.73 -76.54 29.49
C ASP F 1230 19.24 -76.38 29.49
N PRO F 1231 19.78 -75.23 29.02
CA PRO F 1231 21.23 -75.08 28.84
C PRO F 1231 22.05 -75.48 30.08
N TYR F 1232 21.51 -75.22 31.27
CA TYR F 1232 22.13 -75.54 32.57
C TYR F 1232 22.41 -77.03 32.72
N GLU F 1233 21.81 -77.89 31.92
CA GLU F 1233 22.15 -79.34 31.93
C GLU F 1233 23.62 -79.54 31.58
N MET F 1234 24.25 -78.59 30.89
CA MET F 1234 25.67 -78.71 30.47
C MET F 1234 26.49 -78.85 31.75
N TYR F 1235 26.10 -78.13 32.80
CA TYR F 1235 26.88 -77.99 34.05
C TYR F 1235 26.68 -79.19 34.98
N LYS F 1236 26.04 -80.26 34.54
CA LYS F 1236 26.17 -81.62 35.13
C LYS F 1236 27.49 -82.29 34.69
N TYR F 1237 28.05 -81.92 33.54
CA TYR F 1237 29.17 -82.64 32.89
C TYR F 1237 30.45 -81.82 32.80
N VAL F 1238 30.40 -80.53 33.04
CA VAL F 1238 31.44 -79.54 32.63
C VAL F 1238 31.42 -78.40 33.65
N HIS F 1239 32.54 -77.77 33.95
CA HIS F 1239 32.57 -76.60 34.87
C HIS F 1239 31.92 -75.40 34.16
N VAL F 1240 31.39 -74.48 34.94
CA VAL F 1240 30.89 -73.16 34.48
C VAL F 1240 31.97 -72.44 33.66
N SER F 1241 33.25 -72.71 33.88
CA SER F 1241 34.36 -72.08 33.11
C SER F 1241 34.66 -72.80 31.80
N GLU F 1242 33.87 -73.78 31.36
CA GLU F 1242 34.23 -74.66 30.23
C GLU F 1242 33.23 -74.50 29.07
N VAL F 1243 32.28 -73.58 29.17
CA VAL F 1243 31.38 -73.20 28.04
C VAL F 1243 31.77 -71.85 27.45
N GLY F 1244 31.99 -71.81 26.15
CA GLY F 1244 32.51 -70.64 25.45
C GLY F 1244 31.50 -70.09 24.47
N ASN F 1245 31.70 -68.85 24.08
CA ASN F 1245 30.98 -68.19 22.96
C ASN F 1245 32.07 -67.62 22.08
N CYS F 1246 32.24 -68.14 20.88
CA CYS F 1246 33.25 -67.70 19.92
C CYS F 1246 32.55 -67.25 18.64
N SER F 1247 31.28 -66.84 18.73
CA SER F 1247 30.48 -66.32 17.58
C SER F 1247 30.79 -64.86 17.36
N GLY F 1248 30.49 -64.32 16.19
CA GLY F 1248 30.70 -62.87 15.95
C GLY F 1248 29.92 -62.32 14.76
N SER F 1249 30.20 -61.07 14.41
CA SER F 1249 29.55 -60.28 13.35
C SER F 1249 30.61 -59.55 12.56
N GLY F 1250 30.34 -59.26 11.30
CA GLY F 1250 31.13 -58.31 10.49
C GLY F 1250 30.97 -56.85 10.92
N MET F 1251 29.77 -56.42 11.31
CA MET F 1251 29.44 -54.99 11.55
C MET F 1251 28.67 -54.78 12.84
N GLY F 1252 27.87 -55.74 13.29
CA GLY F 1252 27.25 -55.75 14.63
C GLY F 1252 25.93 -55.02 14.65
N GLY F 1253 25.63 -54.37 15.78
CA GLY F 1253 24.35 -53.67 16.04
C GLY F 1253 24.26 -52.41 15.19
N VAL F 1254 23.75 -52.53 13.99
CA VAL F 1254 23.93 -51.51 12.92
C VAL F 1254 22.74 -50.56 12.87
N SER F 1255 21.65 -50.90 13.56
CA SER F 1255 20.49 -50.07 13.94
C SER F 1255 20.85 -49.21 15.15
N ALA F 1256 21.71 -49.71 16.06
CA ALA F 1256 22.17 -48.91 17.23
C ALA F 1256 23.13 -47.83 16.77
N LEU F 1257 23.92 -48.08 15.73
CA LEU F 1257 24.87 -47.11 15.16
C LEU F 1257 24.09 -45.98 14.50
N ARG F 1258 23.06 -46.32 13.71
CA ARG F 1258 22.14 -45.33 13.15
C ARG F 1258 21.58 -44.46 14.27
N GLY F 1259 21.33 -45.05 15.44
CA GLY F 1259 20.82 -44.34 16.62
C GLY F 1259 21.76 -43.28 17.12
N MET F 1260 23.06 -43.53 17.16
CA MET F 1260 24.05 -42.64 17.80
C MET F 1260 24.67 -41.69 16.77
N PHE F 1261 24.60 -41.99 15.47
CA PHE F 1261 25.22 -41.17 14.39
C PHE F 1261 24.19 -40.36 13.60
N LYS F 1262 22.90 -40.66 13.71
CA LYS F 1262 21.84 -40.00 12.91
C LYS F 1262 20.69 -39.59 13.80
N ASP F 1263 20.13 -40.48 14.60
CA ASP F 1263 18.87 -40.24 15.32
C ASP F 1263 19.12 -39.21 16.43
N ARG F 1264 20.27 -39.22 17.08
CA ARG F 1264 20.65 -38.18 18.07
C ARG F 1264 20.80 -36.82 17.40
N PHE F 1265 21.52 -36.76 16.29
CA PHE F 1265 21.71 -35.55 15.46
C PHE F 1265 20.35 -34.88 15.18
N LYS F 1266 19.34 -35.68 14.85
CA LYS F 1266 17.97 -35.21 14.56
C LYS F 1266 17.15 -35.07 15.85
N ASP F 1267 17.79 -34.98 17.00
CA ASP F 1267 17.14 -34.94 18.33
C ASP F 1267 15.86 -35.78 18.37
N GLU F 1268 15.87 -36.96 17.73
CA GLU F 1268 14.85 -38.02 17.94
C GLU F 1268 15.13 -38.67 19.29
N PRO F 1269 14.14 -39.33 19.94
CA PRO F 1269 14.41 -40.09 21.17
C PRO F 1269 15.15 -41.43 20.86
N VAL F 1270 16.23 -41.65 21.59
CA VAL F 1270 17.16 -42.80 21.50
C VAL F 1270 17.51 -43.21 22.93
N GLN F 1271 17.34 -44.50 23.29
CA GLN F 1271 17.74 -45.07 24.62
C GLN F 1271 19.16 -44.62 24.99
N ASN F 1272 19.39 -44.24 26.25
CA ASN F 1272 20.70 -43.74 26.74
C ASN F 1272 21.84 -44.74 26.52
N ASP F 1273 21.55 -46.04 26.69
CA ASP F 1273 22.52 -47.16 26.55
C ASP F 1273 22.59 -47.67 25.09
N ILE F 1274 22.28 -46.86 24.09
CA ILE F 1274 22.26 -47.32 22.68
C ILE F 1274 23.66 -47.82 22.31
N LEU F 1275 24.74 -47.22 22.82
CA LEU F 1275 26.11 -47.57 22.38
C LEU F 1275 26.42 -49.03 22.72
N GLN F 1276 26.05 -49.48 23.93
CA GLN F 1276 26.29 -50.89 24.36
C GLN F 1276 25.74 -51.80 23.27
N GLU F 1277 24.54 -51.54 22.76
CA GLU F 1277 23.85 -52.41 21.77
C GLU F 1277 24.55 -52.50 20.40
N SER F 1278 25.47 -51.61 20.09
CA SER F 1278 26.11 -51.50 18.76
C SER F 1278 27.33 -52.43 18.69
N PHE F 1279 27.98 -52.66 19.82
CA PHE F 1279 29.22 -53.45 19.93
C PHE F 1279 28.97 -54.85 19.38
N ILE F 1280 29.95 -55.39 18.67
CA ILE F 1280 29.81 -56.72 18.02
C ILE F 1280 29.80 -57.80 19.11
N ASN F 1281 30.34 -57.50 20.29
CA ASN F 1281 30.43 -58.50 21.39
C ASN F 1281 29.19 -58.51 22.28
N THR F 1282 28.17 -57.67 22.06
CA THR F 1282 27.02 -57.59 22.99
C THR F 1282 26.05 -58.71 22.71
N MET F 1283 25.83 -59.03 21.45
CA MET F 1283 24.99 -60.18 21.12
C MET F 1283 25.39 -61.34 22.04
N SER F 1284 26.66 -61.69 22.11
CA SER F 1284 27.20 -62.79 22.96
C SER F 1284 26.91 -62.51 24.43
N ALA F 1285 27.16 -61.31 24.89
CA ALA F 1285 26.82 -60.89 26.25
C ALA F 1285 25.34 -61.19 26.59
N TRP F 1286 24.37 -60.80 25.75
CA TRP F 1286 22.94 -61.15 25.91
C TRP F 1286 22.71 -62.67 25.96
N VAL F 1287 23.40 -63.44 25.13
CA VAL F 1287 23.22 -64.91 25.12
C VAL F 1287 23.68 -65.49 26.47
N ASN F 1288 24.79 -64.98 27.01
CA ASN F 1288 25.29 -65.39 28.35
C ASN F 1288 24.35 -64.90 29.42
N MET F 1289 23.85 -63.69 29.27
CA MET F 1289 23.09 -62.98 30.33
C MET F 1289 21.68 -63.53 30.41
N LEU F 1290 21.18 -64.22 29.37
CA LEU F 1290 19.78 -64.67 29.29
C LEU F 1290 19.66 -66.19 29.21
N LEU F 1291 20.67 -66.95 28.76
CA LEU F 1291 20.54 -68.42 28.63
C LEU F 1291 21.63 -69.17 29.39
N ILE F 1292 22.90 -68.91 29.15
CA ILE F 1292 23.99 -69.87 29.42
C ILE F 1292 24.51 -69.66 30.83
N SER F 1293 24.81 -68.42 31.21
CA SER F 1293 25.45 -68.06 32.49
C SER F 1293 26.76 -68.81 32.66
N SER F 1294 27.56 -68.94 31.61
CA SER F 1294 28.93 -69.50 31.72
C SER F 1294 29.85 -68.42 32.22
N SER F 1295 31.01 -68.81 32.75
CA SER F 1295 32.20 -67.94 32.97
C SER F 1295 33.33 -68.44 32.05
N GLY F 1296 32.95 -69.05 30.95
CA GLY F 1296 33.91 -69.60 30.00
C GLY F 1296 34.36 -68.56 29.01
N PRO F 1297 35.28 -68.94 28.11
CA PRO F 1297 35.88 -67.99 27.20
C PRO F 1297 34.83 -67.22 26.39
N ILE F 1298 35.25 -66.10 25.83
CA ILE F 1298 34.44 -65.28 24.90
C ILE F 1298 35.41 -64.58 23.97
N LYS F 1299 35.51 -65.11 22.76
CA LYS F 1299 36.46 -64.59 21.79
C LYS F 1299 35.57 -64.26 20.59
N THR F 1300 35.15 -63.00 20.52
CA THR F 1300 34.27 -62.50 19.46
C THR F 1300 35.09 -62.14 18.24
N PRO F 1301 35.05 -62.86 17.11
CA PRO F 1301 35.67 -62.37 15.88
C PRO F 1301 34.89 -61.41 14.98
N VAL F 1302 35.63 -60.59 14.26
CA VAL F 1302 35.14 -59.77 13.12
C VAL F 1302 35.89 -60.23 11.90
N GLY F 1303 35.20 -60.74 10.91
CA GLY F 1303 35.88 -61.25 9.71
C GLY F 1303 35.13 -60.90 8.47
N ALA F 1304 34.39 -59.80 8.48
CA ALA F 1304 33.54 -59.37 7.36
C ALA F 1304 32.71 -60.60 6.94
N CYS F 1305 32.92 -61.15 5.76
CA CYS F 1305 32.06 -62.21 5.19
C CYS F 1305 32.57 -63.60 5.58
N ALA F 1306 33.71 -63.68 6.28
CA ALA F 1306 34.32 -64.94 6.77
C ALA F 1306 34.30 -64.99 8.29
N THR F 1307 33.38 -64.33 8.97
CA THR F 1307 33.43 -64.32 10.45
C THR F 1307 33.03 -65.69 10.97
N SER F 1308 32.15 -66.37 10.25
CA SER F 1308 31.59 -67.67 10.66
C SER F 1308 32.65 -68.76 10.64
N VAL F 1309 33.51 -68.82 9.63
CA VAL F 1309 34.64 -69.79 9.61
C VAL F 1309 35.72 -69.40 10.65
N GLU F 1310 36.15 -68.16 10.67
CA GLU F 1310 37.01 -67.64 11.75
C GLU F 1310 36.42 -68.04 13.12
N SER F 1311 35.11 -68.00 13.28
CA SER F 1311 34.44 -68.33 14.56
C SER F 1311 34.68 -69.80 14.86
N VAL F 1312 34.46 -70.67 13.88
CA VAL F 1312 34.70 -72.14 13.99
C VAL F 1312 36.16 -72.38 14.40
N ASP F 1313 37.11 -71.86 13.61
CA ASP F 1313 38.57 -71.90 13.88
C ASP F 1313 38.83 -71.51 15.33
N ILE F 1314 38.41 -70.34 15.77
CA ILE F 1314 38.64 -69.90 17.17
C ILE F 1314 38.00 -70.91 18.12
N GLY F 1315 36.79 -71.36 17.81
CA GLY F 1315 36.03 -72.30 18.64
C GLY F 1315 36.76 -73.61 18.84
N VAL F 1316 37.28 -74.19 17.78
CA VAL F 1316 38.11 -75.43 17.81
C VAL F 1316 39.36 -75.18 18.66
N GLU F 1317 40.20 -74.21 18.33
CA GLU F 1317 41.47 -73.91 19.06
C GLU F 1317 41.19 -73.63 20.53
N THR F 1318 40.02 -73.13 20.89
CA THR F 1318 39.65 -72.87 22.29
C THR F 1318 39.40 -74.21 22.98
N ILE F 1319 38.89 -75.19 22.24
CA ILE F 1319 38.61 -76.52 22.81
C ILE F 1319 39.90 -77.31 22.89
N LEU F 1320 40.68 -77.39 21.81
CA LEU F 1320 41.96 -78.14 21.82
C LEU F 1320 43.03 -77.49 22.70
N SER F 1321 42.84 -76.31 23.26
CA SER F 1321 43.74 -75.72 24.29
C SER F 1321 43.26 -76.11 25.70
N GLY F 1322 42.15 -76.84 25.79
CA GLY F 1322 41.51 -77.16 27.06
C GLY F 1322 41.11 -75.92 27.82
N LYS F 1323 40.68 -74.86 27.12
CA LYS F 1323 40.07 -73.70 27.80
C LYS F 1323 38.56 -73.94 27.92
N ALA F 1324 37.97 -74.60 26.93
CA ALA F 1324 36.53 -74.89 26.87
C ALA F 1324 36.32 -76.30 26.37
N ARG F 1325 35.23 -76.91 26.85
CA ARG F 1325 34.80 -78.25 26.44
C ARG F 1325 33.70 -78.12 25.38
N ILE F 1326 32.82 -77.13 25.55
CA ILE F 1326 31.72 -76.76 24.62
C ILE F 1326 31.91 -75.32 24.18
N CYS F 1327 31.43 -75.01 22.99
CA CYS F 1327 31.55 -73.67 22.39
C CYS F 1327 30.35 -73.38 21.50
N ILE F 1328 29.76 -72.22 21.63
CA ILE F 1328 28.82 -71.68 20.63
C ILE F 1328 29.64 -70.90 19.64
N VAL F 1329 29.28 -70.98 18.39
CA VAL F 1329 30.12 -70.68 17.21
C VAL F 1329 29.16 -70.21 16.14
N GLY F 1330 29.49 -69.24 15.32
CA GLY F 1330 28.62 -68.82 14.21
C GLY F 1330 28.75 -67.35 13.92
N GLY F 1331 27.69 -66.77 13.40
CA GLY F 1331 27.75 -65.45 12.75
C GLY F 1331 26.36 -64.88 12.59
N TYR F 1332 26.28 -63.58 12.49
CA TYR F 1332 25.03 -62.81 12.41
C TYR F 1332 25.34 -61.46 11.78
N ASP F 1333 24.44 -60.96 10.94
CA ASP F 1333 24.49 -59.58 10.40
C ASP F 1333 23.08 -59.15 10.05
N ASP F 1334 22.81 -57.87 10.22
CA ASP F 1334 21.51 -57.24 9.83
C ASP F 1334 21.72 -56.51 8.51
N PHE F 1335 20.60 -56.13 7.90
CA PHE F 1335 20.52 -55.34 6.66
C PHE F 1335 19.84 -54.05 7.05
N GLN F 1336 20.49 -52.92 6.84
CA GLN F 1336 19.91 -51.59 7.11
C GLN F 1336 20.21 -50.67 5.92
N GLU F 1337 19.62 -49.49 5.92
CA GLU F 1337 19.68 -48.50 4.81
C GLU F 1337 21.12 -48.09 4.54
N GLU F 1338 21.90 -47.86 5.58
CA GLU F 1338 23.24 -47.22 5.45
C GLU F 1338 24.20 -48.18 4.76
N GLY F 1339 24.23 -49.45 5.19
CA GLY F 1339 25.11 -50.46 4.58
C GLY F 1339 24.69 -50.79 3.16
N SER F 1340 23.38 -50.89 2.89
CA SER F 1340 22.86 -51.08 1.52
C SER F 1340 23.45 -50.02 0.59
N PHE F 1341 23.33 -48.76 0.97
CA PHE F 1341 23.84 -47.59 0.19
C PHE F 1341 25.35 -47.70 0.00
N GLU F 1342 26.09 -48.08 1.04
CA GLU F 1342 27.57 -48.07 0.98
C GLU F 1342 28.09 -49.24 0.12
N PHE F 1343 27.49 -50.41 0.21
CA PHE F 1343 27.77 -51.56 -0.66
C PHE F 1343 27.45 -51.22 -2.11
N GLY F 1344 26.52 -50.28 -2.38
CA GLY F 1344 26.20 -49.73 -3.71
C GLY F 1344 27.26 -48.77 -4.23
N ASN F 1345 27.76 -47.85 -3.40
CA ASN F 1345 28.88 -46.94 -3.75
C ASN F 1345 30.18 -47.72 -4.05
N MET F 1346 30.39 -48.89 -3.42
CA MET F 1346 31.53 -49.82 -3.68
C MET F 1346 31.29 -50.68 -4.94
N LYS F 1347 30.09 -50.63 -5.53
CA LYS F 1347 29.64 -51.43 -6.70
C LYS F 1347 29.78 -52.94 -6.45
N ALA F 1348 29.55 -53.38 -5.21
CA ALA F 1348 29.66 -54.79 -4.76
C ALA F 1348 28.35 -55.56 -4.98
N THR F 1349 27.21 -54.92 -4.67
CA THR F 1349 25.84 -55.50 -4.81
C THR F 1349 25.42 -55.37 -6.27
N SER F 1350 24.50 -56.24 -6.73
CA SER F 1350 23.81 -56.09 -8.05
C SER F 1350 22.93 -54.81 -8.08
N ASN F 1351 23.12 -53.96 -9.09
CA ASN F 1351 22.18 -52.86 -9.43
C ASN F 1351 20.86 -53.47 -9.88
N THR F 1352 19.79 -53.28 -9.11
CA THR F 1352 18.47 -53.90 -9.39
C THR F 1352 17.85 -53.35 -10.68
N LEU F 1353 18.19 -52.13 -11.09
CA LEU F 1353 17.57 -51.54 -12.30
C LEU F 1353 18.18 -52.18 -13.55
N GLU F 1354 19.50 -52.30 -13.63
CA GLU F 1354 20.21 -53.15 -14.62
C GLU F 1354 19.55 -54.53 -14.70
N GLU F 1355 19.23 -55.14 -13.57
CA GLU F 1355 18.69 -56.53 -13.54
C GLU F 1355 17.33 -56.59 -14.20
N PHE F 1356 16.53 -55.54 -14.00
CA PHE F 1356 15.19 -55.38 -14.60
C PHE F 1356 15.35 -55.16 -16.10
N GLU F 1357 16.38 -54.43 -16.55
CA GLU F 1357 16.64 -54.24 -18.02
C GLU F 1357 16.84 -55.62 -18.65
N HIS F 1358 17.66 -56.46 -18.05
CA HIS F 1358 17.98 -57.85 -18.47
C HIS F 1358 16.74 -58.75 -18.36
N GLY F 1359 15.61 -58.20 -17.92
CA GLY F 1359 14.41 -58.99 -17.66
C GLY F 1359 14.57 -60.04 -16.57
N ARG F 1360 15.43 -59.81 -15.58
CA ARG F 1360 15.51 -60.71 -14.40
C ARG F 1360 14.43 -60.32 -13.40
N THR F 1361 13.95 -61.30 -12.66
CA THR F 1361 13.07 -61.18 -11.49
C THR F 1361 13.93 -61.30 -10.23
N PRO F 1362 13.46 -60.80 -9.07
CA PRO F 1362 14.19 -60.99 -7.81
C PRO F 1362 14.74 -62.39 -7.52
N ALA F 1363 13.99 -63.46 -7.76
CA ALA F 1363 14.44 -64.84 -7.47
C ALA F 1363 15.78 -65.07 -8.16
N GLU F 1364 15.81 -64.84 -9.47
CA GLU F 1364 16.95 -65.17 -10.35
C GLU F 1364 18.00 -64.06 -10.36
N MET F 1365 18.21 -63.33 -9.25
CA MET F 1365 19.17 -62.21 -9.19
C MET F 1365 20.49 -62.59 -8.47
N SER F 1366 20.46 -63.50 -7.51
CA SER F 1366 21.68 -64.21 -7.00
C SER F 1366 21.93 -65.44 -7.87
N ARG F 1367 22.94 -65.37 -8.74
CA ARG F 1367 23.24 -66.44 -9.72
C ARG F 1367 24.72 -66.72 -9.75
N PRO F 1368 25.25 -67.39 -8.70
CA PRO F 1368 26.67 -67.68 -8.65
C PRO F 1368 27.14 -68.59 -9.79
N ALA F 1369 28.41 -68.41 -10.20
CA ALA F 1369 29.17 -69.24 -11.16
C ALA F 1369 28.65 -69.06 -12.60
N THR F 1370 27.81 -68.06 -12.82
CA THR F 1370 27.01 -67.87 -14.05
C THR F 1370 27.70 -66.79 -14.90
N THR F 1371 27.52 -66.85 -16.21
CA THR F 1371 28.16 -65.91 -17.18
C THR F 1371 27.85 -64.46 -16.81
N THR F 1372 26.61 -64.22 -16.42
CA THR F 1372 25.94 -62.91 -16.29
C THR F 1372 25.91 -62.43 -14.83
N ARG F 1373 26.59 -63.09 -13.91
CA ARG F 1373 26.66 -62.63 -12.51
C ARG F 1373 27.23 -61.23 -12.48
N ASN F 1374 26.64 -60.33 -11.70
CA ASN F 1374 26.98 -58.89 -11.67
C ASN F 1374 26.78 -58.33 -10.25
N GLY F 1375 27.24 -59.06 -9.23
CA GLY F 1375 27.29 -58.55 -7.85
C GLY F 1375 26.35 -59.35 -6.99
N PHE F 1376 26.45 -59.16 -5.68
CA PHE F 1376 25.78 -59.99 -4.67
C PHE F 1376 24.48 -59.34 -4.16
N MET F 1377 23.76 -60.13 -3.38
CA MET F 1377 22.41 -59.86 -2.89
C MET F 1377 22.45 -59.82 -1.37
N GLU F 1378 22.34 -58.65 -0.77
CA GLU F 1378 22.50 -58.46 0.68
C GLU F 1378 21.33 -59.20 1.33
N ALA F 1379 21.59 -59.87 2.46
CA ALA F 1379 20.61 -60.62 3.27
C ALA F 1379 20.90 -60.39 4.75
N GLN F 1380 20.09 -60.97 5.62
CA GLN F 1380 20.22 -60.75 7.06
C GLN F 1380 19.91 -62.02 7.84
N GLY F 1381 20.54 -62.18 8.99
CA GLY F 1381 20.15 -63.16 10.00
C GLY F 1381 21.36 -63.75 10.71
N ALA F 1382 21.22 -64.97 11.18
CA ALA F 1382 22.20 -65.56 12.08
C ALA F 1382 22.30 -67.06 11.81
N GLY F 1383 23.43 -67.62 12.13
CA GLY F 1383 23.63 -69.08 12.12
C GLY F 1383 24.44 -69.46 13.32
N ILE F 1384 24.02 -70.48 14.04
CA ILE F 1384 24.73 -70.94 15.24
C ILE F 1384 24.96 -72.43 15.11
N GLN F 1385 26.13 -72.86 15.56
CA GLN F 1385 26.45 -74.28 15.80
C GLN F 1385 26.92 -74.44 17.24
N ILE F 1386 26.71 -75.61 17.79
CA ILE F 1386 27.27 -75.96 19.11
C ILE F 1386 28.29 -77.05 18.85
N ILE F 1387 29.55 -76.81 19.22
CA ILE F 1387 30.63 -77.80 19.04
C ILE F 1387 31.16 -78.24 20.41
N MET F 1388 31.52 -79.52 20.54
CA MET F 1388 32.08 -80.10 21.76
C MET F 1388 33.21 -81.04 21.43
N GLN F 1389 34.01 -81.34 22.44
CA GLN F 1389 34.84 -82.56 22.49
C GLN F 1389 33.94 -83.77 22.18
N ALA F 1390 34.37 -84.70 21.34
CA ALA F 1390 33.59 -85.90 20.99
C ALA F 1390 33.33 -86.71 22.23
N ASP F 1391 34.35 -86.85 23.07
CA ASP F 1391 34.33 -87.52 24.39
C ASP F 1391 33.07 -87.12 25.11
N LEU F 1392 32.86 -85.81 25.24
CA LEU F 1392 31.81 -85.18 26.09
C LEU F 1392 30.46 -85.35 25.39
N ALA F 1393 30.44 -85.36 24.07
CA ALA F 1393 29.21 -85.61 23.29
C ALA F 1393 28.71 -87.03 23.58
N LEU F 1394 29.61 -88.02 23.61
CA LEU F 1394 29.20 -89.43 23.77
C LEU F 1394 28.75 -89.66 25.22
N LYS F 1395 29.42 -89.02 26.17
CA LYS F 1395 29.04 -89.05 27.59
C LYS F 1395 27.65 -88.40 27.80
N MET F 1396 27.33 -87.29 27.13
CA MET F 1396 26.03 -86.56 27.28
C MET F 1396 24.96 -87.25 26.43
N GLY F 1397 25.34 -88.10 25.51
CA GLY F 1397 24.37 -88.63 24.56
C GLY F 1397 23.63 -87.49 23.91
N VAL F 1398 24.38 -86.56 23.29
CA VAL F 1398 23.83 -85.53 22.37
C VAL F 1398 24.04 -86.03 20.96
N PRO F 1399 23.14 -85.67 20.02
CA PRO F 1399 23.33 -86.00 18.61
C PRO F 1399 24.59 -85.35 18.07
N ILE F 1400 25.18 -85.98 17.08
CA ILE F 1400 26.50 -85.62 16.53
C ILE F 1400 26.31 -85.54 15.03
N TYR F 1401 26.32 -84.31 14.52
CA TYR F 1401 25.91 -84.08 13.13
C TYR F 1401 27.10 -84.11 12.20
N GLY F 1402 28.29 -83.94 12.74
CA GLY F 1402 29.49 -84.00 11.90
C GLY F 1402 30.73 -83.76 12.73
N ILE F 1403 31.86 -84.10 12.16
CA ILE F 1403 33.17 -83.93 12.80
C ILE F 1403 33.80 -82.74 12.12
N VAL F 1404 34.29 -81.75 12.87
CA VAL F 1404 35.07 -80.64 12.31
C VAL F 1404 36.54 -81.06 12.25
N ALA F 1405 36.94 -81.56 11.11
CA ALA F 1405 38.28 -82.14 10.89
C ALA F 1405 39.30 -81.03 10.95
N MET F 1406 39.04 -79.94 10.25
CA MET F 1406 40.00 -78.84 9.99
C MET F 1406 39.23 -77.54 10.01
N ALA F 1407 39.86 -76.45 10.45
CA ALA F 1407 39.30 -75.10 10.27
C ALA F 1407 40.43 -74.07 10.28
N ALA F 1408 40.67 -73.39 9.16
CA ALA F 1408 41.81 -72.48 8.98
C ALA F 1408 41.35 -71.09 8.53
N THR F 1409 42.28 -70.14 8.57
CA THR F 1409 42.15 -68.75 8.10
C THR F 1409 43.48 -68.34 7.50
N ALA F 1410 43.43 -67.59 6.43
CA ALA F 1410 44.60 -67.09 5.71
C ALA F 1410 44.30 -65.66 5.28
N THR F 1411 45.32 -64.80 5.27
CA THR F 1411 45.36 -63.53 4.51
C THR F 1411 45.91 -63.80 3.10
N ASP F 1412 46.14 -62.74 2.31
CA ASP F 1412 46.69 -62.81 0.93
C ASP F 1412 48.01 -62.02 0.92
N LYS F 1413 48.38 -61.40 -0.20
CA LYS F 1413 49.68 -60.73 -0.41
C LYS F 1413 49.53 -59.22 -0.20
N ILE F 1414 50.61 -58.49 -0.54
CA ILE F 1414 50.66 -57.00 -0.70
C ILE F 1414 49.64 -56.59 -1.76
N GLY F 1415 48.79 -55.63 -1.42
CA GLY F 1415 47.75 -55.09 -2.31
C GLY F 1415 47.46 -53.64 -1.94
N ARG F 1416 46.53 -53.03 -2.69
CA ARG F 1416 45.90 -51.71 -2.36
C ARG F 1416 44.37 -51.79 -2.56
N SER F 1417 43.76 -52.98 -2.42
CA SER F 1417 42.31 -53.28 -2.61
C SER F 1417 41.80 -54.18 -1.48
N VAL F 1418 41.09 -53.60 -0.50
CA VAL F 1418 40.57 -54.28 0.70
C VAL F 1418 39.44 -55.26 0.31
N PRO F 1419 38.55 -54.98 -0.68
CA PRO F 1419 37.54 -55.97 -1.08
C PRO F 1419 37.98 -57.07 -2.07
N ALA F 1420 39.23 -57.05 -2.57
CA ALA F 1420 39.79 -58.02 -3.54
C ALA F 1420 40.06 -59.37 -2.88
N PRO F 1421 39.43 -60.49 -3.31
CA PRO F 1421 39.75 -61.81 -2.76
C PRO F 1421 41.08 -62.35 -3.30
N GLY F 1422 41.76 -63.18 -2.51
CA GLY F 1422 43.06 -63.76 -2.86
C GLY F 1422 43.10 -65.27 -2.69
N LYS F 1423 44.30 -65.82 -2.86
CA LYS F 1423 44.55 -67.27 -3.03
C LYS F 1423 45.13 -67.84 -1.73
N GLY F 1424 45.24 -67.03 -0.68
CA GLY F 1424 46.01 -67.31 0.55
C GLY F 1424 45.58 -68.56 1.30
N ILE F 1425 44.36 -69.03 1.11
CA ILE F 1425 43.84 -70.27 1.77
C ILE F 1425 44.39 -71.51 1.07
N LEU F 1426 45.00 -71.40 -0.14
CA LEU F 1426 45.81 -72.50 -0.79
C LEU F 1426 46.75 -73.19 0.21
N THR F 1427 47.26 -72.46 1.19
CA THR F 1427 48.21 -72.95 2.19
C THR F 1427 47.64 -74.09 3.06
N THR F 1428 46.38 -74.48 2.88
CA THR F 1428 45.80 -75.62 3.65
C THR F 1428 46.18 -76.91 2.93
N ALA F 1429 46.74 -76.79 1.72
CA ALA F 1429 47.13 -77.90 0.83
C ALA F 1429 48.64 -77.83 0.61
N ARG F 1430 49.34 -77.05 1.44
CA ARG F 1430 50.80 -76.92 1.30
C ARG F 1430 51.36 -78.26 1.72
N GLU F 1431 52.05 -78.94 0.82
CA GLU F 1431 53.01 -80.00 1.21
C GLU F 1431 54.18 -80.06 0.25
N HIS F 1432 55.28 -80.66 0.74
CA HIS F 1432 56.56 -80.91 0.05
C HIS F 1432 56.44 -82.13 -0.85
N HIS F 1433 57.09 -82.11 -2.02
CA HIS F 1433 56.98 -83.16 -3.06
C HIS F 1433 58.35 -83.45 -3.69
N SER F 1434 59.43 -82.86 -3.17
CA SER F 1434 60.82 -83.06 -3.65
C SER F 1434 61.14 -84.56 -3.64
N SER F 1435 60.69 -85.25 -2.58
CA SER F 1435 61.06 -86.63 -2.17
C SER F 1435 59.79 -87.51 -2.07
N VAL F 1436 59.16 -87.82 -3.22
CA VAL F 1436 57.82 -88.48 -3.30
C VAL F 1436 57.92 -89.83 -4.07
N LYS F 1437 59.08 -90.49 -3.99
CA LYS F 1437 59.33 -91.82 -4.64
C LYS F 1437 58.60 -92.92 -3.85
N TYR F 1438 58.89 -93.03 -2.54
CA TYR F 1438 58.32 -94.07 -1.63
C TYR F 1438 57.33 -93.44 -0.64
N ALA F 1439 56.21 -94.15 -0.39
CA ALA F 1439 55.10 -93.77 0.52
C ALA F 1439 55.59 -93.62 1.96
N SER F 1440 55.33 -92.45 2.58
CA SER F 1440 55.54 -92.16 4.02
C SER F 1440 54.71 -93.14 4.85
N PRO F 1441 55.32 -93.86 5.83
CA PRO F 1441 54.56 -94.80 6.67
C PRO F 1441 53.69 -94.11 7.73
N ASN F 1442 53.90 -92.80 7.98
CA ASN F 1442 53.10 -91.94 8.90
C ASN F 1442 51.64 -91.84 8.41
N LEU F 1443 51.37 -92.01 7.10
CA LEU F 1443 50.00 -92.05 6.52
C LEU F 1443 49.34 -93.41 6.72
N ASN F 1444 50.08 -94.52 6.70
CA ASN F 1444 49.53 -95.88 6.96
C ASN F 1444 49.03 -95.94 8.40
N MET F 1445 47.74 -96.21 8.59
CA MET F 1445 47.10 -96.26 9.93
C MET F 1445 47.58 -97.50 10.68
N LYS F 1446 47.78 -98.65 10.00
CA LYS F 1446 48.30 -99.89 10.63
C LYS F 1446 49.60 -99.59 11.40
N TYR F 1447 50.58 -98.99 10.70
CA TYR F 1447 51.86 -98.52 11.28
C TYR F 1447 51.56 -97.69 12.54
N ARG F 1448 50.82 -96.60 12.36
CA ARG F 1448 50.50 -95.62 13.43
C ARG F 1448 49.93 -96.35 14.64
N LYS F 1449 49.10 -97.39 14.42
CA LYS F 1449 48.40 -98.14 15.49
C LYS F 1449 49.40 -99.07 16.20
N ARG F 1450 50.28 -99.75 15.44
CA ARG F 1450 51.41 -100.55 15.99
C ARG F 1450 52.23 -99.71 16.98
N GLN F 1451 52.57 -98.46 16.64
CA GLN F 1451 53.42 -97.60 17.50
C GLN F 1451 52.66 -97.28 18.80
N LEU F 1452 51.33 -97.21 18.75
CA LEU F 1452 50.49 -96.85 19.93
C LEU F 1452 50.44 -98.05 20.88
N VAL F 1453 50.28 -99.26 20.34
CA VAL F 1453 50.18 -100.55 21.11
C VAL F 1453 51.49 -100.74 21.91
N THR F 1454 52.63 -100.51 21.24
CA THR F 1454 53.99 -100.45 21.84
C THR F 1454 54.00 -99.48 23.03
N ARG F 1455 53.68 -98.21 22.77
CA ARG F 1455 53.74 -97.12 23.78
C ARG F 1455 52.73 -97.37 24.90
N GLU F 1456 51.68 -98.18 24.68
CA GLU F 1456 50.64 -98.49 25.71
C GLU F 1456 51.20 -99.53 26.71
N ALA F 1457 51.96 -100.51 26.20
CA ALA F 1457 52.76 -101.47 27.00
C ALA F 1457 53.71 -100.70 27.93
N GLN F 1458 54.49 -99.75 27.39
CA GLN F 1458 55.44 -98.90 28.17
C GLN F 1458 54.71 -98.17 29.31
N ILE F 1459 53.49 -97.71 29.09
CA ILE F 1459 52.70 -96.94 30.11
C ILE F 1459 52.20 -97.90 31.19
N LYS F 1460 51.69 -99.08 30.80
CA LYS F 1460 51.37 -100.22 31.70
C LYS F 1460 52.55 -100.48 32.65
N ASP F 1461 53.75 -100.69 32.11
CA ASP F 1461 55.01 -100.86 32.88
C ASP F 1461 55.23 -99.68 33.81
N TRP F 1462 55.13 -98.46 33.26
CA TRP F 1462 55.31 -97.19 34.01
C TRP F 1462 54.40 -97.15 35.25
N VAL F 1463 53.14 -97.62 35.15
CA VAL F 1463 52.16 -97.55 36.29
C VAL F 1463 52.59 -98.54 37.38
N GLU F 1464 52.96 -99.78 37.03
CA GLU F 1464 53.51 -100.79 37.98
C GLU F 1464 54.61 -100.15 38.84
N ASN F 1465 55.63 -99.56 38.21
CA ASN F 1465 56.86 -99.06 38.89
C ASN F 1465 56.56 -97.88 39.82
N GLU F 1466 55.47 -97.14 39.59
CA GLU F 1466 55.03 -95.99 40.43
C GLU F 1466 54.10 -96.49 41.56
N LEU F 1467 53.52 -97.70 41.42
CA LEU F 1467 52.72 -98.39 42.48
C LEU F 1467 53.63 -99.24 43.37
N GLU F 1468 54.73 -99.79 42.84
CA GLU F 1468 55.84 -100.37 43.65
C GLU F 1468 56.41 -99.26 44.55
N ALA F 1469 56.75 -98.09 43.97
CA ALA F 1469 57.41 -96.96 44.67
C ALA F 1469 56.44 -96.27 45.63
N LEU F 1470 55.12 -96.35 45.39
CA LEU F 1470 54.08 -95.75 46.29
C LEU F 1470 53.86 -96.65 47.52
N LYS F 1471 54.08 -97.96 47.37
CA LYS F 1471 54.07 -98.95 48.48
C LYS F 1471 55.28 -98.67 49.41
N LEU F 1472 56.48 -98.42 48.84
CA LEU F 1472 57.76 -98.17 49.56
C LEU F 1472 57.81 -96.75 50.16
N GLU F 1473 56.80 -95.89 49.93
CA GLU F 1473 56.69 -94.55 50.56
C GLU F 1473 55.57 -94.54 51.61
N ALA F 1474 54.61 -95.48 51.53
CA ALA F 1474 53.45 -95.63 52.45
C ALA F 1474 53.87 -96.25 53.80
N GLU F 1475 54.93 -97.07 53.80
CA GLU F 1475 55.48 -97.78 54.99
C GLU F 1475 55.99 -96.75 56.02
N GLU F 1476 56.78 -95.76 55.59
CA GLU F 1476 57.40 -94.70 56.43
C GLU F 1476 56.31 -93.81 57.07
N ILE F 1477 55.14 -93.70 56.43
CA ILE F 1477 53.93 -93.01 56.97
C ILE F 1477 53.34 -93.88 58.09
N PRO F 1478 53.04 -93.31 59.30
CA PRO F 1478 52.28 -94.03 60.33
C PRO F 1478 50.98 -94.63 59.78
N SER F 1479 50.68 -95.89 60.07
CA SER F 1479 49.60 -96.70 59.42
C SER F 1479 48.19 -96.20 59.82
N GLU F 1480 48.09 -95.26 60.78
CA GLU F 1480 46.83 -94.57 61.20
C GLU F 1480 46.29 -93.67 60.07
N ASP F 1481 47.17 -92.91 59.39
CA ASP F 1481 46.85 -91.85 58.38
C ASP F 1481 47.62 -92.06 57.07
N GLN F 1482 47.86 -93.32 56.68
CA GLN F 1482 48.44 -93.73 55.37
C GLN F 1482 47.32 -94.02 54.36
N ASN F 1483 46.06 -94.18 54.82
CA ASN F 1483 44.87 -94.33 53.94
C ASN F 1483 44.74 -93.07 53.07
N GLU F 1484 44.83 -91.87 53.69
CA GLU F 1484 44.63 -90.55 53.02
C GLU F 1484 45.84 -90.18 52.13
N PHE F 1485 47.02 -90.76 52.39
CA PHE F 1485 48.22 -90.67 51.51
C PHE F 1485 47.97 -91.48 50.22
N LEU F 1486 47.44 -92.70 50.34
CA LEU F 1486 47.22 -93.65 49.23
C LEU F 1486 46.09 -93.14 48.32
N LEU F 1487 44.98 -92.64 48.91
CA LEU F 1487 43.83 -92.05 48.17
C LEU F 1487 44.30 -90.88 47.31
N GLU F 1488 45.04 -89.94 47.92
CA GLU F 1488 45.61 -88.73 47.24
C GLU F 1488 46.54 -89.15 46.10
N ARG F 1489 47.38 -90.16 46.32
CA ARG F 1489 48.59 -90.42 45.51
C ARG F 1489 48.41 -91.58 44.51
N THR F 1490 47.30 -92.34 44.58
CA THR F 1490 46.89 -93.31 43.52
C THR F 1490 46.08 -92.57 42.45
N ARG F 1491 45.29 -91.61 42.89
CA ARG F 1491 44.53 -90.66 42.05
C ARG F 1491 45.51 -89.86 41.18
N GLU F 1492 46.63 -89.40 41.75
CA GLU F 1492 47.71 -88.68 41.01
C GLU F 1492 48.36 -89.60 39.94
N ILE F 1493 48.45 -90.92 40.19
CA ILE F 1493 49.06 -91.91 39.24
C ILE F 1493 48.01 -92.36 38.21
N HIS F 1494 46.72 -92.28 38.56
CA HIS F 1494 45.60 -92.48 37.61
C HIS F 1494 45.68 -91.40 36.51
N ASN F 1495 45.67 -90.12 36.93
CA ASN F 1495 45.86 -88.91 36.06
C ASN F 1495 47.07 -89.10 35.14
N GLU F 1496 48.26 -89.32 35.71
CA GLU F 1496 49.54 -89.31 34.94
C GLU F 1496 49.54 -90.47 33.94
N ALA F 1497 48.86 -91.57 34.25
CA ALA F 1497 48.63 -92.72 33.32
C ALA F 1497 47.65 -92.31 32.22
N GLU F 1498 46.63 -91.50 32.54
CA GLU F 1498 45.62 -91.05 31.55
C GLU F 1498 46.29 -90.08 30.58
N SER F 1499 46.93 -89.02 31.10
CA SER F 1499 47.67 -88.01 30.30
C SER F 1499 48.55 -88.74 29.29
N GLN F 1500 49.31 -89.74 29.72
CA GLN F 1500 50.33 -90.38 28.84
C GLN F 1500 49.64 -91.21 27.76
N LEU F 1501 48.48 -91.79 28.03
CA LEU F 1501 47.72 -92.60 27.02
C LEU F 1501 47.07 -91.65 25.98
N ARG F 1502 46.55 -90.50 26.45
CA ARG F 1502 45.98 -89.41 25.62
C ARG F 1502 47.08 -88.81 24.73
N ALA F 1503 48.20 -88.44 25.34
CA ALA F 1503 49.37 -87.84 24.65
C ALA F 1503 49.90 -88.76 23.55
N ALA F 1504 49.81 -90.06 23.76
CA ALA F 1504 50.27 -91.09 22.81
C ALA F 1504 49.26 -91.22 21.68
N GLN F 1505 47.97 -91.12 22.03
CA GLN F 1505 46.82 -91.12 21.08
C GLN F 1505 46.90 -89.85 20.23
N GLN F 1506 47.13 -88.71 20.88
CA GLN F 1506 47.30 -87.40 20.20
C GLN F 1506 48.43 -87.51 19.18
N GLN F 1507 49.49 -88.26 19.46
CA GLN F 1507 50.72 -88.33 18.64
C GLN F 1507 50.56 -89.23 17.42
N TRP F 1508 49.80 -90.32 17.53
CA TRP F 1508 49.70 -91.33 16.46
C TRP F 1508 48.32 -91.30 15.80
N GLY F 1509 47.32 -90.67 16.44
CA GLY F 1509 45.91 -90.75 16.04
C GLY F 1509 45.42 -89.47 15.44
N ASN F 1510 45.73 -88.36 16.10
CA ASN F 1510 45.18 -87.00 15.85
C ASN F 1510 46.19 -86.05 15.20
N ASP F 1511 47.41 -85.94 15.75
CA ASP F 1511 48.45 -84.94 15.38
C ASP F 1511 49.66 -85.63 14.74
N PHE F 1512 49.46 -86.75 14.03
CA PHE F 1512 50.58 -87.48 13.40
C PHE F 1512 51.28 -86.65 12.31
N TYR F 1513 50.61 -85.61 11.79
CA TYR F 1513 50.99 -84.91 10.54
C TYR F 1513 51.40 -83.46 10.81
N LYS F 1514 51.43 -83.00 12.05
CA LYS F 1514 51.59 -81.57 12.35
C LYS F 1514 53.04 -81.11 12.16
N ARG F 1515 54.00 -82.03 12.18
CA ARG F 1515 55.46 -81.75 12.05
C ARG F 1515 56.02 -82.57 10.87
N ASP F 1516 55.16 -83.00 9.93
CA ASP F 1516 55.55 -83.65 8.66
C ASP F 1516 55.23 -82.72 7.50
N PRO F 1517 56.24 -82.07 6.87
CA PRO F 1517 55.97 -81.23 5.71
C PRO F 1517 55.59 -81.96 4.41
N ARG F 1518 55.45 -83.29 4.43
CA ARG F 1518 55.02 -84.08 3.25
C ARG F 1518 53.54 -84.41 3.36
N ILE F 1519 52.88 -83.93 4.41
CA ILE F 1519 51.41 -84.10 4.62
C ILE F 1519 50.78 -82.72 4.80
N ALA F 1520 49.93 -82.35 3.85
CA ALA F 1520 49.10 -81.13 3.86
C ALA F 1520 48.15 -81.19 5.02
N PRO F 1521 47.91 -80.08 5.71
CA PRO F 1521 46.83 -79.98 6.71
C PRO F 1521 45.48 -80.58 6.28
N LEU F 1522 45.11 -80.37 5.01
CA LEU F 1522 43.84 -80.83 4.40
C LEU F 1522 43.86 -82.35 4.31
N ARG F 1523 45.00 -82.93 3.92
CA ARG F 1523 45.16 -84.38 3.72
C ARG F 1523 45.19 -85.10 5.07
N GLY F 1524 45.92 -84.52 6.02
CA GLY F 1524 46.08 -85.12 7.36
C GLY F 1524 44.76 -85.19 8.07
N ALA F 1525 44.01 -84.10 8.04
CA ALA F 1525 42.66 -83.97 8.61
C ALA F 1525 41.80 -85.15 8.21
N LEU F 1526 41.85 -85.51 6.94
CA LEU F 1526 40.99 -86.56 6.38
C LEU F 1526 41.61 -87.92 6.64
N ALA F 1527 42.94 -88.02 6.73
CA ALA F 1527 43.67 -89.29 6.96
C ALA F 1527 43.45 -89.77 8.40
N THR F 1528 43.14 -88.89 9.34
CA THR F 1528 42.82 -89.29 10.73
C THR F 1528 41.54 -90.12 10.84
N TYR F 1529 40.82 -90.42 9.77
CA TYR F 1529 39.64 -91.32 9.80
C TYR F 1529 39.73 -92.32 8.64
N GLY F 1530 40.90 -92.44 8.02
CA GLY F 1530 41.06 -93.33 6.87
C GLY F 1530 40.32 -92.84 5.65
N LEU F 1531 40.18 -91.52 5.50
CA LEU F 1531 39.63 -90.93 4.26
C LEU F 1531 40.81 -90.39 3.44
N THR F 1532 40.67 -90.49 2.12
CA THR F 1532 41.61 -89.92 1.14
C THR F 1532 41.02 -88.60 0.66
N ILE F 1533 41.88 -87.72 0.16
CA ILE F 1533 41.49 -86.51 -0.62
C ILE F 1533 40.36 -86.86 -1.62
N ASP F 1534 40.32 -88.08 -2.18
CA ASP F 1534 39.27 -88.52 -3.15
C ASP F 1534 37.90 -88.75 -2.50
N ASP F 1535 37.71 -88.44 -1.22
CA ASP F 1535 36.42 -88.65 -0.49
C ASP F 1535 35.76 -87.34 -0.15
N LEU F 1536 36.46 -86.20 -0.25
CA LEU F 1536 35.91 -84.83 -0.11
C LEU F 1536 34.85 -84.64 -1.20
N GLY F 1537 33.59 -84.90 -0.86
CA GLY F 1537 32.54 -85.09 -1.86
C GLY F 1537 32.10 -83.81 -2.52
N VAL F 1538 31.89 -82.81 -1.70
CA VAL F 1538 31.10 -81.60 -1.99
C VAL F 1538 31.90 -80.40 -1.48
N ALA F 1539 31.93 -79.33 -2.25
CA ALA F 1539 32.59 -78.07 -1.85
C ALA F 1539 31.52 -77.01 -1.86
N SER F 1540 31.34 -76.36 -0.72
CA SER F 1540 30.30 -75.37 -0.45
C SER F 1540 30.98 -74.05 -0.67
N PHE F 1541 30.76 -73.46 -1.84
CA PHE F 1541 31.41 -72.23 -2.33
C PHE F 1541 30.73 -71.04 -1.68
N HIS F 1542 31.50 -70.11 -1.15
CA HIS F 1542 31.08 -68.74 -0.78
C HIS F 1542 30.14 -68.22 -1.86
N GLY F 1543 30.58 -68.25 -3.11
CA GLY F 1543 29.72 -68.07 -4.30
C GLY F 1543 28.75 -66.90 -4.15
N THR F 1544 29.26 -65.70 -4.24
CA THR F 1544 28.55 -64.46 -3.88
C THR F 1544 27.75 -63.92 -5.08
N SER F 1545 27.98 -64.48 -6.27
CA SER F 1545 27.47 -63.98 -7.58
C SER F 1545 28.24 -62.70 -7.96
N THR F 1546 29.50 -62.54 -7.52
CA THR F 1546 30.42 -61.49 -8.00
C THR F 1546 31.36 -62.09 -9.05
N LYS F 1547 31.90 -61.23 -9.93
CA LYS F 1547 32.83 -61.61 -11.04
C LYS F 1547 34.11 -62.19 -10.43
N ALA F 1548 34.72 -61.46 -9.50
CA ALA F 1548 36.06 -61.72 -8.94
C ALA F 1548 36.04 -62.92 -8.00
N ASN F 1549 35.01 -63.02 -7.16
CA ASN F 1549 34.90 -64.04 -6.08
C ASN F 1549 34.73 -65.45 -6.67
N ASP F 1550 33.85 -65.61 -7.64
CA ASP F 1550 33.39 -66.94 -8.11
C ASP F 1550 34.40 -67.53 -9.08
N LYS F 1551 35.29 -66.72 -9.66
CA LYS F 1551 36.45 -67.24 -10.44
C LYS F 1551 37.61 -67.59 -9.50
N ASN F 1552 37.96 -66.66 -8.60
CA ASN F 1552 39.02 -66.83 -7.59
C ASN F 1552 38.78 -68.08 -6.74
N GLU F 1553 37.55 -68.36 -6.34
CA GLU F 1553 37.20 -69.53 -5.46
C GLU F 1553 37.26 -70.85 -6.23
N SER F 1554 36.69 -70.94 -7.42
CA SER F 1554 36.79 -72.13 -8.29
C SER F 1554 38.24 -72.45 -8.61
N ALA F 1555 39.09 -71.44 -8.75
CA ALA F 1555 40.51 -71.59 -9.09
C ALA F 1555 41.29 -72.15 -7.90
N THR F 1556 40.98 -71.69 -6.69
CA THR F 1556 41.73 -72.04 -5.47
C THR F 1556 41.30 -73.43 -4.99
N ILE F 1557 40.10 -73.90 -5.32
CA ILE F 1557 39.69 -75.29 -5.01
C ILE F 1557 40.30 -76.20 -6.07
N ASN F 1558 40.44 -75.72 -7.29
CA ASN F 1558 40.99 -76.56 -8.36
C ASN F 1558 42.47 -76.74 -8.05
N GLU F 1559 43.14 -75.73 -7.54
CA GLU F 1559 44.61 -75.82 -7.32
C GLU F 1559 44.89 -76.60 -6.03
N MET F 1560 44.02 -76.57 -5.03
CA MET F 1560 44.09 -77.43 -3.82
C MET F 1560 44.08 -78.90 -4.22
N MET F 1561 43.16 -79.24 -5.12
CA MET F 1561 42.82 -80.63 -5.51
C MET F 1561 43.87 -81.15 -6.47
N LYS F 1562 44.54 -80.27 -7.20
CA LYS F 1562 45.52 -80.69 -8.22
C LYS F 1562 46.81 -81.10 -7.48
N HIS F 1563 47.11 -80.36 -6.40
CA HIS F 1563 48.35 -80.49 -5.62
C HIS F 1563 48.31 -81.73 -4.75
N LEU F 1564 47.14 -82.17 -4.31
CA LEU F 1564 46.96 -83.39 -3.49
C LEU F 1564 46.47 -84.56 -4.35
N GLY F 1565 46.71 -84.55 -5.65
CA GLY F 1565 46.48 -85.72 -6.51
C GLY F 1565 45.12 -86.34 -6.30
N ARG F 1566 44.09 -85.51 -6.36
CA ARG F 1566 42.68 -85.88 -6.61
C ARG F 1566 42.59 -86.56 -7.97
N SER F 1567 41.97 -87.74 -8.05
CA SER F 1567 41.87 -88.54 -9.29
C SER F 1567 41.28 -87.69 -10.42
N GLU F 1568 41.88 -87.72 -11.62
CA GLU F 1568 41.25 -87.12 -12.83
C GLU F 1568 39.91 -87.81 -13.02
N GLY F 1569 38.85 -87.02 -13.10
CA GLY F 1569 37.48 -87.52 -13.27
C GLY F 1569 36.69 -87.56 -11.99
N ASN F 1570 37.28 -87.16 -10.87
CA ASN F 1570 36.55 -87.09 -9.58
C ASN F 1570 36.53 -85.64 -9.13
N PRO F 1571 35.61 -84.82 -9.65
CA PRO F 1571 35.57 -83.42 -9.25
C PRO F 1571 34.72 -83.22 -7.99
N VAL F 1572 35.10 -82.26 -7.15
CA VAL F 1572 34.23 -81.82 -6.03
C VAL F 1572 32.98 -81.19 -6.64
N ILE F 1573 31.84 -81.51 -6.07
CA ILE F 1573 30.53 -81.01 -6.54
C ILE F 1573 30.30 -79.71 -5.80
N GLY F 1574 30.24 -78.60 -6.52
CA GLY F 1574 30.05 -77.27 -5.91
C GLY F 1574 28.61 -77.12 -5.43
N VAL F 1575 28.38 -76.40 -4.33
CA VAL F 1575 27.01 -75.99 -3.95
C VAL F 1575 27.05 -74.55 -3.54
N PHE F 1576 26.16 -73.77 -4.14
CA PHE F 1576 26.11 -72.30 -4.00
C PHE F 1576 24.78 -71.94 -3.34
N GLN F 1577 24.70 -72.13 -2.04
CA GLN F 1577 23.50 -71.90 -1.19
C GLN F 1577 22.92 -70.48 -1.43
N LYS F 1578 23.78 -69.49 -1.62
CA LYS F 1578 23.42 -68.06 -1.73
C LYS F 1578 22.53 -67.79 -2.92
N PHE F 1579 22.34 -68.71 -3.86
CA PHE F 1579 21.34 -68.49 -4.94
C PHE F 1579 19.96 -68.18 -4.33
N LEU F 1580 19.74 -68.67 -3.12
CA LEU F 1580 18.42 -68.84 -2.47
C LEU F 1580 18.33 -67.94 -1.24
N THR F 1581 19.43 -67.69 -0.56
CA THR F 1581 19.46 -66.95 0.74
C THR F 1581 20.06 -65.56 0.54
N GLY F 1582 20.83 -65.35 -0.52
CA GLY F 1582 21.66 -64.16 -0.68
C GLY F 1582 22.76 -64.15 0.37
N HIS F 1583 23.53 -63.07 0.41
CA HIS F 1583 24.78 -62.95 1.15
C HIS F 1583 24.56 -62.22 2.45
N PRO F 1584 24.54 -62.92 3.59
CA PRO F 1584 24.30 -62.25 4.86
C PRO F 1584 25.54 -61.77 5.61
N LYS F 1585 26.63 -61.57 4.89
CA LYS F 1585 27.94 -61.09 5.39
C LYS F 1585 28.43 -62.02 6.51
N GLY F 1586 28.33 -61.61 7.76
CA GLY F 1586 28.94 -62.31 8.89
C GLY F 1586 28.39 -63.70 9.08
N ALA F 1587 27.19 -63.97 8.57
CA ALA F 1587 26.46 -65.23 8.81
C ALA F 1587 26.71 -66.21 7.67
N ALA F 1588 27.41 -65.79 6.62
CA ALA F 1588 27.41 -66.51 5.34
C ALA F 1588 27.86 -67.94 5.61
N GLY F 1589 28.95 -68.08 6.37
CA GLY F 1589 29.64 -69.35 6.68
C GLY F 1589 28.81 -70.22 7.57
N ALA F 1590 28.12 -69.65 8.54
CA ALA F 1590 27.23 -70.43 9.41
C ALA F 1590 26.14 -71.07 8.56
N TRP F 1591 25.54 -70.36 7.62
CA TRP F 1591 24.47 -70.96 6.79
C TRP F 1591 25.05 -72.10 5.93
N MET F 1592 26.19 -71.86 5.33
CA MET F 1592 26.90 -72.83 4.48
C MET F 1592 27.23 -74.08 5.30
N MET F 1593 27.52 -73.90 6.59
CA MET F 1593 27.92 -74.98 7.52
C MET F 1593 26.68 -75.83 7.86
N ASN F 1594 25.62 -75.20 8.34
CA ASN F 1594 24.30 -75.83 8.51
C ASN F 1594 23.98 -76.64 7.26
N GLY F 1595 24.08 -76.05 6.08
CA GLY F 1595 23.79 -76.76 4.82
C GLY F 1595 24.65 -77.99 4.67
N ALA F 1596 25.94 -77.86 4.95
CA ALA F 1596 26.96 -78.91 4.84
C ALA F 1596 26.65 -80.10 5.77
N LEU F 1597 26.12 -79.82 6.96
CA LEU F 1597 25.67 -80.89 7.90
C LEU F 1597 24.40 -81.53 7.38
N GLN F 1598 23.45 -80.77 6.88
CA GLN F 1598 22.24 -81.30 6.23
C GLN F 1598 22.62 -82.16 5.02
N ILE F 1599 23.58 -81.73 4.20
CA ILE F 1599 24.06 -82.55 3.06
C ILE F 1599 24.66 -83.84 3.61
N LEU F 1600 25.56 -83.76 4.60
CA LEU F 1600 26.27 -84.94 5.13
C LEU F 1600 25.28 -86.02 5.53
N ASN F 1601 24.22 -85.63 6.23
CA ASN F 1601 23.38 -86.56 6.99
C ASN F 1601 22.30 -87.14 6.07
N SER F 1602 21.88 -86.42 5.07
CA SER F 1602 20.86 -86.80 4.07
C SER F 1602 21.49 -87.49 2.85
N GLY F 1603 22.67 -87.01 2.45
CA GLY F 1603 23.37 -87.49 1.25
C GLY F 1603 22.76 -86.91 0.00
N ILE F 1604 21.95 -85.88 0.17
CA ILE F 1604 21.31 -85.10 -0.92
C ILE F 1604 22.19 -83.89 -1.15
N ILE F 1605 22.62 -83.65 -2.37
CA ILE F 1605 23.38 -82.43 -2.73
C ILE F 1605 22.42 -81.52 -3.44
N PRO F 1606 22.02 -80.36 -2.90
CA PRO F 1606 21.12 -79.45 -3.60
C PRO F 1606 21.77 -78.71 -4.77
N GLY F 1607 21.02 -78.50 -5.84
CA GLY F 1607 21.44 -77.80 -7.07
C GLY F 1607 21.21 -76.31 -7.00
N ASN F 1608 22.09 -75.54 -7.63
CA ASN F 1608 22.00 -74.07 -7.88
C ASN F 1608 20.95 -73.89 -8.95
N ARG F 1609 19.69 -73.73 -8.56
CA ARG F 1609 18.55 -73.61 -9.49
C ARG F 1609 18.67 -72.37 -10.39
N ASN F 1610 19.42 -71.35 -10.01
CA ASN F 1610 19.66 -70.15 -10.84
C ASN F 1610 20.96 -70.24 -11.63
N ALA F 1611 21.55 -71.42 -11.81
CA ALA F 1611 22.70 -71.58 -12.75
C ALA F 1611 22.09 -71.85 -14.11
N ASP F 1612 21.64 -70.78 -14.76
CA ASP F 1612 21.12 -70.75 -16.15
C ASP F 1612 22.26 -71.37 -16.99
N ASN F 1613 23.45 -70.78 -16.86
CA ASN F 1613 24.57 -70.98 -17.80
C ASN F 1613 25.88 -70.79 -17.06
N VAL F 1614 26.68 -71.84 -16.95
CA VAL F 1614 27.94 -71.77 -16.18
C VAL F 1614 29.00 -71.13 -17.06
N ASP F 1615 29.71 -70.17 -16.51
CA ASP F 1615 30.64 -69.28 -17.23
C ASP F 1615 31.65 -70.15 -17.96
N LYS F 1616 32.04 -69.82 -19.18
CA LYS F 1616 32.96 -70.61 -20.03
C LYS F 1616 34.32 -70.68 -19.35
N ILE F 1617 34.68 -69.62 -18.63
CA ILE F 1617 35.98 -69.45 -17.91
C ILE F 1617 36.13 -70.54 -16.86
N LEU F 1618 35.05 -71.12 -16.40
CA LEU F 1618 35.05 -72.17 -15.35
C LEU F 1618 35.23 -73.59 -15.91
N GLU F 1619 35.21 -73.82 -17.22
CA GLU F 1619 35.50 -75.15 -17.83
C GLU F 1619 36.97 -75.51 -17.64
N GLN F 1620 37.87 -74.53 -17.49
CA GLN F 1620 39.31 -74.82 -17.31
C GLN F 1620 39.54 -75.55 -15.97
N PHE F 1621 38.59 -75.49 -15.04
CA PHE F 1621 38.69 -76.14 -13.72
C PHE F 1621 38.05 -77.53 -13.77
N GLU F 1622 38.81 -78.48 -14.29
CA GLU F 1622 38.49 -79.93 -14.40
C GLU F 1622 37.98 -80.49 -13.07
N TYR F 1623 38.48 -80.03 -11.93
CA TYR F 1623 38.18 -80.62 -10.60
C TYR F 1623 36.96 -80.00 -9.93
N VAL F 1624 36.18 -79.14 -10.61
CA VAL F 1624 34.89 -78.67 -10.04
C VAL F 1624 33.75 -79.11 -10.96
N LEU F 1625 32.56 -79.24 -10.42
CA LEU F 1625 31.32 -79.65 -11.15
C LEU F 1625 30.19 -78.79 -10.58
N TYR F 1626 29.46 -78.08 -11.43
CA TYR F 1626 28.50 -77.03 -11.02
C TYR F 1626 27.07 -77.47 -11.33
N PRO F 1627 26.43 -78.31 -10.50
CA PRO F 1627 25.11 -78.83 -10.80
C PRO F 1627 23.99 -77.79 -10.64
N SER F 1628 22.96 -77.87 -11.48
CA SER F 1628 21.78 -76.97 -11.51
C SER F 1628 20.57 -77.65 -10.94
N LYS F 1629 20.61 -78.98 -10.73
CA LYS F 1629 19.50 -79.75 -10.12
C LYS F 1629 20.02 -80.60 -8.97
N THR F 1630 19.16 -80.90 -8.01
CA THR F 1630 19.45 -81.73 -6.81
C THR F 1630 19.75 -83.18 -7.18
N LEU F 1631 20.79 -83.72 -6.53
CA LEU F 1631 21.36 -85.07 -6.72
C LEU F 1631 21.16 -85.84 -5.45
N LYS F 1632 20.39 -86.93 -5.47
CA LYS F 1632 20.22 -87.80 -4.29
C LYS F 1632 21.22 -88.95 -4.43
N THR F 1633 22.37 -88.83 -3.78
CA THR F 1633 23.52 -89.75 -3.82
C THR F 1633 23.31 -90.88 -2.81
N ASP F 1634 24.26 -91.82 -2.78
CA ASP F 1634 24.36 -92.96 -1.82
C ASP F 1634 25.08 -92.54 -0.53
N GLY F 1635 25.84 -91.44 -0.56
CA GLY F 1635 26.35 -90.79 0.66
C GLY F 1635 27.50 -89.85 0.39
N VAL F 1636 27.67 -88.87 1.27
CA VAL F 1636 28.73 -87.84 1.23
C VAL F 1636 29.55 -88.03 2.49
N ARG F 1637 30.85 -88.30 2.36
CA ARG F 1637 31.74 -88.61 3.49
C ARG F 1637 32.30 -87.32 4.10
N ALA F 1638 32.52 -86.29 3.31
CA ALA F 1638 33.10 -85.02 3.81
C ALA F 1638 32.69 -83.83 2.92
N VAL F 1639 32.71 -82.63 3.48
CA VAL F 1639 32.27 -81.37 2.80
C VAL F 1639 33.30 -80.29 3.12
N SER F 1640 33.79 -79.58 2.11
CA SER F 1640 34.63 -78.37 2.30
C SER F 1640 33.69 -77.18 2.39
N ILE F 1641 34.04 -76.17 3.18
CA ILE F 1641 33.32 -74.89 3.33
C ILE F 1641 34.35 -73.77 3.27
N THR F 1642 34.32 -72.92 2.25
CA THR F 1642 35.30 -71.84 1.98
C THR F 1642 34.57 -70.51 2.12
N SER F 1643 35.09 -69.58 2.90
CA SER F 1643 34.58 -68.19 2.97
C SER F 1643 35.71 -67.23 2.67
N PHE F 1644 35.43 -66.17 1.88
CA PHE F 1644 36.36 -65.08 1.45
C PHE F 1644 35.81 -63.72 1.85
N GLY F 1645 36.27 -63.19 2.97
CA GLY F 1645 35.92 -61.86 3.51
C GLY F 1645 36.60 -60.69 2.81
N PHE F 1646 36.06 -59.50 3.05
CA PHE F 1646 36.69 -58.19 2.81
C PHE F 1646 37.83 -58.05 3.82
N GLY F 1647 38.93 -57.49 3.36
CA GLY F 1647 40.13 -57.26 4.17
C GLY F 1647 40.87 -58.55 4.35
N GLN F 1648 40.94 -59.33 3.26
CA GLN F 1648 41.87 -60.48 3.07
C GLN F 1648 41.61 -61.52 4.17
N LYS F 1649 40.37 -61.97 4.36
CA LYS F 1649 40.06 -63.10 5.26
C LYS F 1649 39.61 -64.29 4.41
N GLY F 1650 40.47 -65.28 4.27
CA GLY F 1650 40.04 -66.60 3.82
C GLY F 1650 39.82 -67.52 5.00
N GLY F 1651 39.01 -68.53 4.75
CA GLY F 1651 38.66 -69.61 5.70
C GLY F 1651 38.41 -70.87 4.92
N GLN F 1652 38.82 -72.01 5.47
CA GLN F 1652 38.28 -73.32 5.04
C GLN F 1652 37.90 -74.08 6.31
N ALA F 1653 36.80 -74.83 6.27
CA ALA F 1653 36.48 -75.90 7.23
C ALA F 1653 36.19 -77.18 6.46
N ILE F 1654 36.56 -78.33 6.99
CA ILE F 1654 36.18 -79.66 6.45
C ILE F 1654 35.32 -80.29 7.52
N VAL F 1655 34.24 -80.90 7.12
CA VAL F 1655 33.31 -81.59 8.03
C VAL F 1655 33.16 -83.01 7.51
N VAL F 1656 33.43 -84.00 8.35
CA VAL F 1656 33.44 -85.44 8.00
C VAL F 1656 32.16 -86.09 8.50
N HIS F 1657 31.62 -87.05 7.77
CA HIS F 1657 30.38 -87.73 8.18
C HIS F 1657 30.56 -88.18 9.62
N PRO F 1658 29.57 -88.02 10.50
CA PRO F 1658 29.74 -88.42 11.89
C PRO F 1658 29.93 -89.92 12.17
N ASP F 1659 29.82 -90.79 11.17
CA ASP F 1659 29.89 -92.27 11.34
C ASP F 1659 31.34 -92.73 11.40
N TYR F 1660 32.30 -91.90 10.98
CA TYR F 1660 33.76 -92.13 11.09
C TYR F 1660 34.23 -92.01 12.54
N LEU F 1661 33.39 -91.53 13.45
CA LEU F 1661 33.77 -91.37 14.87
C LEU F 1661 33.52 -92.67 15.60
N TYR F 1662 32.44 -93.37 15.24
CA TYR F 1662 31.95 -94.55 15.98
C TYR F 1662 32.85 -95.76 15.71
N GLY F 1663 33.55 -95.79 14.58
CA GLY F 1663 34.70 -96.70 14.39
C GLY F 1663 35.71 -96.68 15.53
N ALA F 1664 35.92 -95.53 16.17
CA ALA F 1664 36.92 -95.29 17.23
C ALA F 1664 36.41 -95.70 18.61
N ILE F 1665 35.24 -96.29 18.73
CA ILE F 1665 34.76 -96.69 20.08
C ILE F 1665 34.30 -98.16 20.06
N THR F 1666 34.03 -98.69 21.24
CA THR F 1666 33.68 -100.12 21.49
C THR F 1666 32.19 -100.31 21.28
N GLU F 1667 31.78 -101.50 20.83
CA GLU F 1667 30.35 -101.89 20.71
C GLU F 1667 29.57 -101.53 21.98
N ASP F 1668 30.16 -101.61 23.18
CA ASP F 1668 29.46 -101.29 24.45
C ASP F 1668 29.22 -99.78 24.55
N ARG F 1669 30.27 -99.00 24.40
CA ARG F 1669 30.23 -97.51 24.52
C ARG F 1669 29.23 -96.94 23.52
N TYR F 1670 29.27 -97.41 22.28
CA TYR F 1670 28.31 -97.06 21.23
C TYR F 1670 26.87 -97.38 21.67
N ASN F 1671 26.61 -98.62 22.07
CA ASN F 1671 25.24 -99.06 22.44
C ASN F 1671 24.74 -98.24 23.64
N GLU F 1672 25.62 -97.82 24.53
CA GLU F 1672 25.26 -96.96 25.68
C GLU F 1672 24.82 -95.60 25.15
N TYR F 1673 25.63 -95.01 24.26
CA TYR F 1673 25.43 -93.71 23.55
C TYR F 1673 24.09 -93.78 22.85
N VAL F 1674 23.90 -94.76 21.97
CA VAL F 1674 22.66 -94.86 21.16
C VAL F 1674 21.41 -94.74 22.05
N ALA F 1675 21.44 -95.35 23.21
CA ALA F 1675 20.29 -95.37 24.12
C ALA F 1675 20.13 -93.99 24.73
N LYS F 1676 21.20 -93.35 25.19
CA LYS F 1676 21.10 -91.98 25.77
C LYS F 1676 20.50 -91.02 24.73
N VAL F 1677 20.93 -91.10 23.49
CA VAL F 1677 20.54 -90.17 22.41
C VAL F 1677 19.05 -90.35 22.19
N SER F 1678 18.65 -91.59 21.91
CA SER F 1678 17.26 -92.02 21.68
C SER F 1678 16.35 -91.39 22.75
N ALA F 1679 16.77 -91.38 24.01
CA ALA F 1679 16.01 -90.78 25.13
C ALA F 1679 15.90 -89.28 24.99
N ARG F 1680 17.01 -88.60 24.77
CA ARG F 1680 17.13 -87.15 24.54
C ARG F 1680 16.27 -86.69 23.38
N GLU F 1681 16.40 -87.33 22.23
CA GLU F 1681 15.61 -87.01 21.03
C GLU F 1681 14.13 -86.95 21.43
N LYS F 1682 13.65 -87.96 22.14
CA LYS F 1682 12.24 -88.07 22.56
C LYS F 1682 11.87 -86.87 23.44
N SER F 1683 12.66 -86.56 24.46
CA SER F 1683 12.45 -85.37 25.33
C SER F 1683 12.46 -84.08 24.52
N ALA F 1684 13.37 -83.97 23.58
CA ALA F 1684 13.58 -82.75 22.77
C ALA F 1684 12.34 -82.53 21.94
N TYR F 1685 11.78 -83.59 21.34
CA TYR F 1685 10.54 -83.50 20.54
C TYR F 1685 9.42 -82.98 21.45
N LYS F 1686 9.23 -83.62 22.59
CA LYS F 1686 8.30 -83.16 23.62
C LYS F 1686 8.47 -81.65 23.85
N PHE F 1687 9.67 -81.20 24.08
CA PHE F 1687 9.97 -79.80 24.47
C PHE F 1687 9.66 -78.84 23.31
N PHE F 1688 10.03 -79.25 22.12
CA PHE F 1688 9.92 -78.43 20.90
C PHE F 1688 8.44 -78.16 20.66
N HIS F 1689 7.65 -79.22 20.58
CA HIS F 1689 6.22 -79.12 20.18
C HIS F 1689 5.45 -78.38 21.24
N ASN F 1690 5.85 -78.52 22.48
CA ASN F 1690 5.22 -77.75 23.55
C ASN F 1690 5.56 -76.25 23.41
N GLY F 1691 6.80 -75.89 23.18
CA GLY F 1691 7.25 -74.48 23.10
C GLY F 1691 6.73 -73.81 21.86
N MET F 1692 6.71 -74.53 20.73
CA MET F 1692 6.08 -74.05 19.47
C MET F 1692 4.64 -73.62 19.72
N ILE F 1693 3.79 -74.46 20.30
CA ILE F 1693 2.35 -74.10 20.35
C ILE F 1693 2.06 -73.10 21.45
N TYR F 1694 2.83 -73.01 22.52
CA TYR F 1694 2.61 -72.04 23.62
C TYR F 1694 3.69 -70.96 23.71
N ASN F 1695 4.26 -70.58 22.58
CA ASN F 1695 5.27 -69.50 22.41
C ASN F 1695 6.24 -69.39 23.58
N LYS F 1696 7.01 -70.46 23.82
CA LYS F 1696 7.92 -70.70 24.96
C LYS F 1696 9.19 -71.47 24.57
N LEU F 1697 9.59 -71.59 23.30
CA LEU F 1697 10.89 -72.26 23.01
C LEU F 1697 11.99 -71.54 23.79
N PHE F 1698 11.95 -70.23 23.80
CA PHE F 1698 12.94 -69.37 24.48
C PHE F 1698 12.46 -69.14 25.88
N VAL F 1699 13.28 -69.42 26.88
CA VAL F 1699 12.94 -69.11 28.28
C VAL F 1699 14.14 -68.46 28.94
N SER F 1700 14.12 -67.15 29.11
CA SER F 1700 15.16 -66.42 29.86
C SER F 1700 15.29 -67.07 31.25
N LYS F 1701 16.54 -67.30 31.63
CA LYS F 1701 16.92 -67.58 33.01
C LYS F 1701 16.80 -66.28 33.77
N GLU F 1702 16.28 -66.34 35.00
CA GLU F 1702 16.14 -65.16 35.89
C GLU F 1702 17.31 -65.15 36.87
N HIS F 1703 17.72 -66.33 37.32
CA HIS F 1703 18.83 -66.56 38.29
C HIS F 1703 19.89 -67.42 37.63
N ALA F 1704 21.15 -67.22 38.02
CA ALA F 1704 22.28 -68.11 37.67
C ALA F 1704 22.07 -69.48 38.34
N PRO F 1705 22.86 -70.51 37.98
CA PRO F 1705 22.80 -71.79 38.71
C PRO F 1705 23.40 -71.71 40.12
N TYR F 1706 24.12 -70.64 40.45
CA TYR F 1706 24.68 -70.40 41.80
C TYR F 1706 24.01 -69.15 42.37
N THR F 1707 23.92 -69.08 43.69
CA THR F 1707 23.56 -67.84 44.44
C THR F 1707 24.78 -66.91 44.46
N ASP F 1708 24.59 -65.64 44.81
CA ASP F 1708 25.69 -64.64 44.94
C ASP F 1708 26.61 -65.01 46.12
N GLU F 1709 26.19 -65.91 47.01
CA GLU F 1709 26.98 -66.42 48.17
C GLU F 1709 27.98 -67.51 47.71
N LEU F 1710 27.55 -68.39 46.80
CA LEU F 1710 28.37 -69.49 46.23
C LEU F 1710 29.14 -69.06 44.98
N GLU F 1711 28.85 -67.89 44.40
CA GLU F 1711 29.42 -67.39 43.12
C GLU F 1711 30.94 -67.66 43.10
N GLU F 1712 31.68 -67.26 44.14
CA GLU F 1712 33.18 -67.30 44.17
C GLU F 1712 33.67 -68.73 44.45
N ASP F 1713 32.97 -69.47 45.30
CA ASP F 1713 33.32 -70.86 45.72
C ASP F 1713 33.16 -71.80 44.53
N VAL F 1714 32.17 -71.57 43.67
CA VAL F 1714 31.94 -72.34 42.42
C VAL F 1714 33.02 -71.98 41.40
N TYR F 1715 33.30 -70.70 41.17
CA TYR F 1715 34.34 -70.27 40.20
C TYR F 1715 35.68 -70.94 40.52
N LEU F 1716 35.94 -71.24 41.79
CA LEU F 1716 37.27 -71.66 42.29
C LEU F 1716 37.39 -73.18 42.35
N ASP F 1717 36.28 -73.92 42.29
CA ASP F 1717 36.32 -75.40 42.28
C ASP F 1717 36.15 -75.90 40.85
N PRO F 1718 37.18 -76.45 40.18
CA PRO F 1718 37.00 -77.06 38.87
C PRO F 1718 36.11 -78.30 38.79
N LEU F 1719 35.73 -78.87 39.93
CA LEU F 1719 35.00 -80.17 39.97
C LEU F 1719 33.57 -79.96 40.42
N ALA F 1720 33.22 -78.73 40.79
CA ALA F 1720 31.85 -78.33 41.21
C ALA F 1720 30.93 -78.56 40.03
N ARG F 1721 29.91 -79.39 40.19
CA ARG F 1721 28.88 -79.66 39.16
C ARG F 1721 27.53 -79.30 39.78
N VAL F 1722 26.47 -79.47 39.02
CA VAL F 1722 25.10 -78.97 39.31
C VAL F 1722 24.21 -80.21 39.47
N SER F 1723 23.22 -80.13 40.34
CA SER F 1723 22.34 -81.24 40.77
C SER F 1723 20.90 -80.73 40.77
N LYS F 1724 19.91 -81.58 40.47
CA LYS F 1724 18.47 -81.22 40.60
C LYS F 1724 18.18 -80.86 42.06
N ASP F 1725 17.62 -79.67 42.29
CA ASP F 1725 17.19 -79.17 43.63
C ASP F 1725 15.81 -79.80 43.91
N LYS F 1726 15.70 -80.60 44.96
CA LYS F 1726 14.49 -81.39 45.35
C LYS F 1726 13.24 -80.50 45.27
N LYS F 1727 13.27 -79.31 45.86
CA LYS F 1727 12.11 -78.36 46.00
C LYS F 1727 11.77 -77.76 44.63
N SER F 1728 12.59 -76.81 44.13
CA SER F 1728 12.34 -75.98 42.92
C SER F 1728 12.27 -76.85 41.64
N GLY F 1729 13.02 -77.96 41.59
CA GLY F 1729 13.05 -78.90 40.44
C GLY F 1729 14.04 -78.49 39.36
N SER F 1730 14.95 -77.54 39.67
CA SER F 1730 15.87 -76.86 38.71
C SER F 1730 17.33 -77.08 39.12
N LEU F 1731 18.21 -77.21 38.14
CA LEU F 1731 19.66 -77.50 38.30
C LEU F 1731 20.35 -76.30 38.96
N THR F 1732 20.89 -76.48 40.17
CA THR F 1732 21.65 -75.46 40.95
C THR F 1732 22.93 -76.09 41.51
N PHE F 1733 23.89 -75.25 41.91
CA PHE F 1733 25.07 -75.64 42.72
C PHE F 1733 24.63 -75.64 44.18
N ASN F 1734 24.77 -76.81 44.82
CA ASN F 1734 24.54 -77.05 46.27
C ASN F 1734 25.91 -76.93 46.96
N SER F 1735 25.98 -76.31 48.15
CA SER F 1735 27.25 -76.05 48.90
C SER F 1735 27.95 -77.36 49.34
N LYS F 1736 27.25 -78.49 49.39
CA LYS F 1736 27.82 -79.84 49.70
C LYS F 1736 28.74 -80.34 48.58
N ASN F 1737 28.42 -80.02 47.32
CA ASN F 1737 29.15 -80.46 46.10
C ASN F 1737 30.30 -79.48 45.75
N ILE F 1738 30.58 -78.49 46.61
CA ILE F 1738 31.65 -77.47 46.38
C ILE F 1738 32.79 -77.72 47.37
N GLN F 1739 33.97 -78.07 46.83
CA GLN F 1739 35.24 -78.44 47.52
C GLN F 1739 34.98 -79.74 48.30
N SER F 1740 34.41 -80.73 47.60
CA SER F 1740 33.82 -82.00 48.12
C SER F 1740 34.77 -83.16 47.84
N LYS F 1741 35.09 -83.95 48.87
CA LYS F 1741 36.00 -85.13 48.81
C LYS F 1741 35.49 -86.14 47.76
N ASP F 1742 34.18 -86.31 47.57
CA ASP F 1742 33.58 -87.36 46.69
C ASP F 1742 33.84 -87.07 45.19
N SER F 1743 33.82 -85.79 44.78
CA SER F 1743 34.18 -85.31 43.42
C SER F 1743 35.56 -85.84 43.03
N TYR F 1744 36.58 -85.56 43.85
CA TYR F 1744 38.03 -85.82 43.58
C TYR F 1744 38.36 -87.30 43.78
N ILE F 1745 37.97 -87.84 44.94
CA ILE F 1745 38.19 -89.26 45.39
C ILE F 1745 36.98 -90.09 44.93
N ASN F 1746 37.06 -90.68 43.73
CA ASN F 1746 35.98 -91.48 43.09
C ASN F 1746 36.08 -92.93 43.60
N ALA F 1747 35.16 -93.82 43.17
CA ALA F 1747 35.07 -95.24 43.60
C ALA F 1747 36.37 -96.02 43.29
N ASN F 1748 36.99 -95.79 42.13
CA ASN F 1748 38.20 -96.52 41.63
C ASN F 1748 39.43 -96.22 42.50
N THR F 1749 39.58 -94.98 43.01
CA THR F 1749 40.69 -94.53 43.89
C THR F 1749 40.55 -95.18 45.29
N ILE F 1750 39.34 -95.53 45.77
CA ILE F 1750 39.11 -96.20 47.10
C ILE F 1750 39.65 -97.64 47.03
N GLU F 1751 39.35 -98.35 45.93
CA GLU F 1751 39.68 -99.79 45.69
C GLU F 1751 41.19 -99.94 45.49
N THR F 1752 41.81 -99.08 44.66
CA THR F 1752 43.28 -99.06 44.34
C THR F 1752 44.08 -98.66 45.60
N ALA F 1753 43.60 -97.70 46.40
CA ALA F 1753 44.19 -97.29 47.70
C ALA F 1753 44.06 -98.44 48.71
N LYS F 1754 42.98 -99.23 48.67
CA LYS F 1754 42.71 -100.36 49.63
C LYS F 1754 43.51 -101.62 49.25
N MET F 1755 43.80 -101.84 47.97
CA MET F 1755 44.53 -103.01 47.43
C MET F 1755 46.05 -102.87 47.63
N ILE F 1756 46.58 -101.65 47.72
CA ILE F 1756 48.02 -101.37 48.05
C ILE F 1756 48.11 -100.78 49.47
N GLU F 1757 47.06 -100.98 50.30
CA GLU F 1757 47.05 -100.90 51.80
C GLU F 1757 46.93 -102.32 52.39
N ASN F 1758 46.72 -103.35 51.55
CA ASN F 1758 46.69 -104.80 51.91
C ASN F 1758 48.00 -105.49 51.44
N MET F 1759 49.03 -104.71 51.05
CA MET F 1759 50.40 -105.22 50.75
C MET F 1759 51.46 -104.17 51.13
N THR F 1760 51.27 -103.47 52.27
CA THR F 1760 52.19 -102.43 52.83
C THR F 1760 52.83 -102.98 54.12
N LYS F 1761 53.32 -104.24 54.08
CA LYS F 1761 53.98 -105.00 55.20
C LYS F 1761 52.97 -105.23 56.35
N GLU F 1762 51.92 -106.02 56.07
CA GLU F 1762 50.93 -106.52 57.07
C GLU F 1762 50.45 -107.93 56.64
N LYS F 1763 49.95 -108.06 55.40
CA LYS F 1763 49.49 -109.36 54.78
C LYS F 1763 50.69 -110.08 54.12
N VAL F 1764 51.79 -109.36 53.80
CA VAL F 1764 52.94 -109.82 52.96
C VAL F 1764 54.14 -110.21 53.86
N SER F 1765 53.87 -110.91 54.98
CA SER F 1765 54.86 -111.38 55.99
C SER F 1765 55.76 -112.47 55.36
N ASN F 1766 55.14 -113.58 54.88
CA ASN F 1766 55.81 -114.76 54.26
C ASN F 1766 55.01 -115.23 53.02
N GLY F 1767 55.11 -114.48 51.90
CA GLY F 1767 54.34 -114.71 50.66
C GLY F 1767 54.83 -113.85 49.50
N GLY F 1768 55.10 -114.47 48.34
CA GLY F 1768 55.41 -113.81 47.06
C GLY F 1768 54.20 -113.03 46.52
N VAL F 1769 54.38 -111.73 46.24
CA VAL F 1769 53.31 -110.76 45.82
C VAL F 1769 53.41 -110.52 44.31
N GLY F 1770 52.31 -110.05 43.70
CA GLY F 1770 52.17 -109.84 42.23
C GLY F 1770 51.22 -108.69 41.92
N VAL F 1771 51.77 -107.51 41.62
CA VAL F 1771 51.06 -106.32 41.06
C VAL F 1771 51.11 -106.41 39.54
N ASP F 1772 49.94 -106.35 38.89
CA ASP F 1772 49.81 -106.14 37.41
C ASP F 1772 48.67 -105.15 37.15
N VAL F 1773 48.95 -104.12 36.33
CA VAL F 1773 47.95 -103.23 35.67
C VAL F 1773 47.90 -103.63 34.18
N GLU F 1774 46.72 -103.50 33.56
CA GLU F 1774 46.51 -103.60 32.09
C GLU F 1774 45.54 -102.48 31.68
N LEU F 1775 45.95 -101.65 30.72
CA LEU F 1775 45.13 -100.53 30.17
C LEU F 1775 43.97 -101.15 29.36
N ILE F 1776 42.73 -100.69 29.62
CA ILE F 1776 41.44 -101.17 29.00
C ILE F 1776 41.61 -101.26 27.47
N THR F 1777 42.18 -100.23 26.83
CA THR F 1777 42.30 -100.02 25.35
C THR F 1777 42.99 -101.22 24.69
N SER F 1778 43.99 -101.82 25.36
CA SER F 1778 44.86 -102.91 24.80
C SER F 1778 44.09 -104.25 24.72
N ILE F 1779 42.91 -104.37 25.36
CA ILE F 1779 41.98 -105.54 25.23
C ILE F 1779 41.13 -105.34 23.96
N ASN F 1780 41.18 -106.31 23.03
CA ASN F 1780 40.38 -106.37 21.77
C ASN F 1780 39.35 -107.51 21.90
N VAL F 1781 38.10 -107.17 22.25
CA VAL F 1781 36.96 -108.10 22.58
C VAL F 1781 36.53 -108.87 21.29
N GLU F 1782 36.35 -108.16 20.17
CA GLU F 1782 35.89 -108.69 18.85
C GLU F 1782 36.86 -109.80 18.36
N ASN F 1783 38.17 -109.64 18.60
CA ASN F 1783 39.25 -110.65 18.33
C ASN F 1783 38.99 -111.91 19.19
N ASP F 1784 38.79 -113.06 18.54
CA ASP F 1784 38.34 -114.35 19.16
C ASP F 1784 39.53 -115.33 19.35
N THR F 1785 40.72 -115.04 18.82
CA THR F 1785 41.98 -115.83 19.02
C THR F 1785 42.48 -115.59 20.46
N PHE F 1786 42.57 -114.33 20.87
CA PHE F 1786 43.09 -113.89 22.22
C PHE F 1786 42.12 -114.36 23.31
N ILE F 1787 40.79 -114.24 23.10
CA ILE F 1787 39.72 -114.43 24.14
C ILE F 1787 39.49 -115.94 24.37
N GLU F 1788 39.53 -116.79 23.33
CA GLU F 1788 39.30 -118.27 23.45
C GLU F 1788 40.50 -118.95 24.14
N ARG F 1789 41.73 -118.61 23.76
CA ARG F 1789 43.00 -119.29 24.18
C ARG F 1789 43.46 -118.84 25.58
N ASN F 1790 43.10 -117.63 26.05
CA ASN F 1790 43.53 -117.04 27.36
C ASN F 1790 42.35 -116.85 28.33
N PHE F 1791 41.10 -117.25 27.97
CA PHE F 1791 39.93 -117.24 28.89
C PHE F 1791 39.16 -118.56 28.78
N THR F 1792 38.59 -119.00 29.93
CA THR F 1792 37.69 -120.18 30.09
C THR F 1792 36.29 -119.79 29.60
N PRO F 1793 35.36 -120.77 29.35
CA PRO F 1793 33.94 -120.46 29.13
C PRO F 1793 33.15 -119.85 30.31
N GLN F 1794 33.69 -119.87 31.54
CA GLN F 1794 33.07 -119.28 32.77
C GLN F 1794 33.37 -117.76 32.87
N GLU F 1795 34.52 -117.30 32.36
CA GLU F 1795 34.98 -115.88 32.40
C GLU F 1795 34.45 -115.09 31.19
N ILE F 1796 34.25 -115.75 30.03
CA ILE F 1796 33.62 -115.17 28.80
C ILE F 1796 32.12 -114.96 29.06
N GLU F 1797 31.45 -115.93 29.70
CA GLU F 1797 30.01 -115.89 30.10
C GLU F 1797 29.76 -114.74 31.10
N TYR F 1798 30.71 -114.50 32.03
CA TYR F 1798 30.61 -113.46 33.10
C TYR F 1798 30.90 -112.07 32.50
N CYS F 1799 32.07 -111.89 31.87
CA CYS F 1799 32.60 -110.57 31.36
C CYS F 1799 31.69 -109.99 30.26
N SER F 1800 31.21 -110.84 29.32
CA SER F 1800 30.30 -110.49 28.18
C SER F 1800 28.96 -109.92 28.70
N ALA F 1801 28.48 -110.39 29.86
CA ALA F 1801 27.17 -110.03 30.47
C ALA F 1801 27.26 -108.75 31.35
N GLN F 1802 28.47 -108.23 31.61
CA GLN F 1802 28.70 -106.99 32.42
C GLN F 1802 28.36 -105.73 31.60
N PRO F 1803 28.15 -104.55 32.26
CA PRO F 1803 27.95 -103.28 31.54
C PRO F 1803 29.15 -102.90 30.64
N SER F 1804 30.35 -102.79 31.23
CA SER F 1804 31.64 -102.48 30.55
C SER F 1804 32.42 -103.79 30.30
N VAL F 1805 32.18 -104.41 29.14
CA VAL F 1805 32.70 -105.76 28.73
C VAL F 1805 34.23 -105.70 28.60
N GLN F 1806 34.76 -104.57 28.13
CA GLN F 1806 36.21 -104.36 27.83
C GLN F 1806 36.96 -104.05 29.13
N SER F 1807 36.31 -103.36 30.08
CA SER F 1807 36.85 -103.07 31.44
C SER F 1807 36.86 -104.34 32.32
N SER F 1808 35.90 -105.26 32.12
CA SER F 1808 35.77 -106.52 32.89
C SER F 1808 36.78 -107.58 32.40
N PHE F 1809 37.02 -107.70 31.08
CA PHE F 1809 38.08 -108.58 30.49
C PHE F 1809 39.47 -108.09 30.94
N ALA F 1810 39.69 -106.78 31.07
CA ALA F 1810 40.97 -106.14 31.50
C ALA F 1810 41.17 -106.29 33.01
N GLY F 1811 40.07 -106.36 33.78
CA GLY F 1811 40.08 -106.69 35.22
C GLY F 1811 40.52 -108.12 35.49
N THR F 1812 39.96 -109.09 34.75
CA THR F 1812 40.25 -110.55 34.80
C THR F 1812 41.68 -110.83 34.29
N TRP F 1813 42.06 -110.26 33.14
CA TRP F 1813 43.39 -110.41 32.46
C TRP F 1813 44.52 -109.92 33.38
N SER F 1814 44.25 -108.92 34.21
CA SER F 1814 45.20 -108.34 35.21
C SER F 1814 45.39 -109.31 36.39
N ALA F 1815 44.31 -109.98 36.84
CA ALA F 1815 44.32 -111.02 37.92
C ALA F 1815 45.16 -112.23 37.50
N LYS F 1816 45.09 -112.66 36.23
CA LYS F 1816 45.86 -113.80 35.65
C LYS F 1816 47.35 -113.47 35.55
N GLU F 1817 47.72 -112.20 35.36
CA GLU F 1817 49.12 -111.69 35.31
C GLU F 1817 49.60 -111.29 36.71
N ALA F 1818 48.69 -111.16 37.69
CA ALA F 1818 48.99 -110.89 39.12
C ALA F 1818 49.27 -112.21 39.85
N VAL F 1819 48.47 -113.26 39.59
CA VAL F 1819 48.66 -114.66 40.08
C VAL F 1819 50.01 -115.19 39.52
N PHE F 1820 50.20 -115.15 38.20
CA PHE F 1820 51.37 -115.71 37.44
C PHE F 1820 52.71 -115.14 37.97
N LYS F 1821 52.72 -113.91 38.47
CA LYS F 1821 53.91 -113.25 39.11
C LYS F 1821 54.00 -113.65 40.60
N SER F 1822 52.86 -113.74 41.31
CA SER F 1822 52.77 -114.01 42.78
C SER F 1822 53.31 -115.43 43.12
N LEU F 1823 53.11 -116.43 42.24
CA LEU F 1823 53.67 -117.82 42.34
C LEU F 1823 55.21 -117.80 42.41
N GLY F 1824 55.84 -116.86 41.67
CA GLY F 1824 57.31 -116.75 41.51
C GLY F 1824 57.80 -117.29 40.16
N VAL F 1825 57.04 -118.23 39.55
CA VAL F 1825 57.46 -119.04 38.36
C VAL F 1825 57.60 -118.11 37.14
N LYS F 1826 58.62 -118.38 36.30
CA LYS F 1826 59.06 -117.54 35.14
C LYS F 1826 58.23 -117.89 33.89
N SER F 1827 58.05 -119.20 33.59
CA SER F 1827 57.39 -119.76 32.38
C SER F 1827 56.63 -121.06 32.71
N LEU F 1828 55.51 -121.33 32.00
CA LEU F 1828 54.67 -122.57 32.11
C LEU F 1828 54.70 -123.38 30.78
N GLY F 1829 55.87 -123.39 30.09
CA GLY F 1829 56.16 -124.26 28.92
C GLY F 1829 55.73 -123.65 27.59
N GLY F 1830 56.65 -123.00 26.88
CA GLY F 1830 56.45 -122.38 25.54
C GLY F 1830 55.96 -120.94 25.62
N GLY F 1831 54.69 -120.70 25.24
CA GLY F 1831 54.00 -119.39 25.30
C GLY F 1831 53.16 -119.23 26.57
N ALA F 1832 52.39 -118.13 26.63
CA ALA F 1832 51.47 -117.74 27.73
C ALA F 1832 50.02 -118.15 27.39
N ALA F 1833 49.60 -119.35 27.85
CA ALA F 1833 48.19 -119.84 27.87
C ALA F 1833 47.68 -119.77 29.33
N LEU F 1834 47.12 -118.61 29.72
CA LEU F 1834 46.66 -118.27 31.11
C LEU F 1834 45.17 -118.61 31.29
N LYS F 1835 44.58 -119.38 30.35
CA LYS F 1835 43.28 -120.11 30.51
C LYS F 1835 43.29 -120.98 31.78
N ASP F 1836 44.46 -121.62 32.05
CA ASP F 1836 44.72 -122.60 33.14
C ASP F 1836 44.43 -121.92 34.51
N ILE F 1837 44.91 -120.68 34.72
CA ILE F 1837 44.64 -119.82 35.91
C ILE F 1837 43.24 -119.19 35.73
N GLU F 1838 42.22 -119.73 36.42
CA GLU F 1838 40.80 -119.30 36.29
C GLU F 1838 40.44 -118.40 37.48
N ILE F 1839 39.79 -117.25 37.18
CA ILE F 1839 39.20 -116.28 38.15
C ILE F 1839 37.66 -116.43 38.11
N VAL F 1840 37.08 -117.15 39.08
CA VAL F 1840 35.60 -117.32 39.29
C VAL F 1840 35.08 -116.09 40.06
N ARG F 1841 34.62 -115.07 39.32
CA ARG F 1841 34.08 -113.79 39.85
C ARG F 1841 32.57 -113.96 40.07
N VAL F 1842 32.18 -114.24 41.32
CA VAL F 1842 30.73 -114.29 41.73
C VAL F 1842 30.24 -112.82 41.79
N ASN F 1843 29.04 -112.53 41.24
CA ASN F 1843 28.31 -111.23 41.38
C ASN F 1843 28.18 -110.88 42.88
N LYS F 1844 28.61 -109.66 43.27
CA LYS F 1844 28.64 -109.15 44.68
C LYS F 1844 29.28 -110.23 45.59
N ASN F 1845 30.58 -110.50 45.38
CA ASN F 1845 31.37 -111.51 46.13
C ASN F 1845 32.85 -111.35 45.74
N ALA F 1846 33.76 -111.48 46.72
CA ALA F 1846 35.23 -111.47 46.56
C ALA F 1846 35.64 -112.51 45.51
N PRO F 1847 36.48 -112.16 44.50
CA PRO F 1847 36.87 -113.09 43.42
C PRO F 1847 37.81 -114.22 43.89
N ALA F 1848 37.48 -115.47 43.49
CA ALA F 1848 38.21 -116.71 43.83
C ALA F 1848 39.17 -117.08 42.68
N VAL F 1849 40.33 -117.67 43.03
CA VAL F 1849 41.34 -118.26 42.07
C VAL F 1849 41.35 -119.79 42.25
N GLU F 1850 40.88 -120.53 41.24
CA GLU F 1850 40.96 -122.02 41.12
C GLU F 1850 41.80 -122.35 39.89
N LEU F 1851 42.96 -123.00 40.09
CA LEU F 1851 44.05 -123.11 39.08
C LEU F 1851 44.28 -124.58 38.70
N HIS F 1852 44.21 -124.90 37.40
CA HIS F 1852 44.25 -126.28 36.81
C HIS F 1852 45.47 -126.43 35.88
N GLY F 1853 45.65 -127.63 35.31
CA GLY F 1853 46.68 -127.94 34.30
C GLY F 1853 48.10 -127.87 34.87
N ASN F 1854 49.05 -127.34 34.09
CA ASN F 1854 50.51 -127.28 34.41
C ASN F 1854 50.82 -126.11 35.39
N ALA F 1855 49.88 -125.15 35.56
CA ALA F 1855 49.98 -124.01 36.51
C ALA F 1855 49.72 -124.49 37.95
N LYS F 1856 48.84 -125.50 38.12
CA LYS F 1856 48.51 -126.16 39.41
C LYS F 1856 49.73 -126.93 39.96
N LYS F 1857 50.47 -127.62 39.08
CA LYS F 1857 51.64 -128.49 39.41
C LYS F 1857 52.81 -127.65 39.97
N ALA F 1858 53.23 -126.59 39.25
CA ALA F 1858 54.38 -125.69 39.61
C ALA F 1858 54.05 -124.80 40.82
N ALA F 1859 52.76 -124.71 41.21
CA ALA F 1859 52.26 -123.94 42.39
C ALA F 1859 52.39 -124.82 43.66
N GLU F 1860 51.86 -126.05 43.62
CA GLU F 1860 51.90 -127.06 44.73
C GLU F 1860 53.35 -127.57 44.97
N GLU F 1861 54.19 -127.57 43.91
CA GLU F 1861 55.66 -127.86 43.92
C GLU F 1861 56.45 -126.71 44.59
N ALA F 1862 56.05 -125.45 44.38
CA ALA F 1862 56.67 -124.21 44.96
C ALA F 1862 56.28 -124.03 46.46
N GLY F 1863 55.22 -124.70 46.94
CA GLY F 1863 54.68 -124.57 48.31
C GLY F 1863 53.62 -123.46 48.40
N VAL F 1864 52.45 -123.71 47.78
CA VAL F 1864 51.31 -122.72 47.64
C VAL F 1864 49.97 -123.44 47.91
N THR F 1865 49.36 -123.17 49.07
CA THR F 1865 48.06 -123.76 49.55
C THR F 1865 46.89 -122.93 48.98
N ASP F 1866 46.85 -121.63 49.29
CA ASP F 1866 45.79 -120.64 48.87
C ASP F 1866 46.43 -119.46 48.12
N VAL F 1867 45.70 -118.90 47.13
CA VAL F 1867 46.11 -117.72 46.30
C VAL F 1867 44.93 -116.71 46.26
N LYS F 1868 45.00 -115.65 47.09
CA LYS F 1868 44.06 -114.50 47.09
C LYS F 1868 44.29 -113.65 45.83
N VAL F 1869 43.33 -112.79 45.47
CA VAL F 1869 43.49 -111.73 44.41
C VAL F 1869 42.42 -110.64 44.59
N SER F 1870 42.78 -109.37 44.34
CA SER F 1870 41.89 -108.18 44.33
C SER F 1870 41.92 -107.49 42.95
N ILE F 1871 40.76 -107.04 42.44
CA ILE F 1871 40.62 -106.36 41.12
C ILE F 1871 39.78 -105.07 41.28
N SER F 1872 40.36 -103.93 40.87
CA SER F 1872 39.65 -102.65 40.55
C SER F 1872 39.85 -102.35 39.06
N HIS F 1873 38.76 -102.04 38.37
CA HIS F 1873 38.73 -101.73 36.91
C HIS F 1873 37.78 -100.55 36.67
N ASP F 1874 38.11 -99.70 35.69
CA ASP F 1874 37.33 -98.49 35.29
C ASP F 1874 37.53 -98.27 33.79
N ASP F 1875 37.48 -97.02 33.31
CA ASP F 1875 37.54 -96.67 31.86
C ASP F 1875 38.99 -96.71 31.34
N LEU F 1876 40.02 -96.59 32.19
CA LEU F 1876 41.46 -96.49 31.80
C LEU F 1876 42.30 -97.70 32.27
N GLN F 1877 42.60 -97.82 33.56
CA GLN F 1877 43.53 -98.83 34.14
C GLN F 1877 42.68 -99.96 34.78
N ALA F 1878 43.23 -101.16 34.88
CA ALA F 1878 42.64 -102.34 35.57
C ALA F 1878 43.73 -103.00 36.42
N VAL F 1879 43.85 -102.59 37.69
CA VAL F 1879 44.94 -103.03 38.61
C VAL F 1879 44.52 -104.34 39.31
N ALA F 1880 45.48 -105.26 39.53
CA ALA F 1880 45.30 -106.58 40.17
C ALA F 1880 46.47 -106.88 41.10
N VAL F 1881 46.19 -107.03 42.41
CA VAL F 1881 47.15 -107.49 43.46
C VAL F 1881 46.82 -108.95 43.80
N ALA F 1882 47.83 -109.83 43.87
CA ALA F 1882 47.74 -111.26 44.31
C ALA F 1882 48.81 -111.56 45.37
N VAL F 1883 48.44 -112.30 46.42
CA VAL F 1883 49.39 -112.93 47.40
C VAL F 1883 49.25 -114.46 47.31
N SER F 1884 50.37 -115.19 47.39
CA SER F 1884 50.46 -116.67 47.41
C SER F 1884 51.27 -117.14 48.64
N THR F 1885 50.57 -117.64 49.68
CA THR F 1885 51.15 -118.18 50.95
C THR F 1885 51.17 -119.73 50.88
N LYS F 1886 51.95 -120.37 51.77
CA LYS F 1886 52.05 -121.86 51.94
C LYS F 1886 50.70 -122.40 52.45
N SER G 1 98.59 47.74 -61.68
CA SER G 1 98.32 47.46 -60.21
C SER G 1 96.86 47.82 -59.86
N THR G 2 95.98 46.81 -59.69
CA THR G 2 94.49 46.94 -59.57
C THR G 2 94.00 46.44 -58.20
N ARG G 3 92.67 46.26 -58.02
CA ARG G 3 92.04 45.78 -56.75
C ARG G 3 90.52 45.56 -56.93
N PRO G 4 89.95 44.38 -56.55
CA PRO G 4 88.49 44.15 -56.64
C PRO G 4 87.56 44.88 -55.66
N LEU G 5 86.42 45.38 -56.18
CA LEU G 5 85.25 45.91 -55.42
C LEU G 5 83.95 45.30 -56.00
N THR G 6 83.00 44.92 -55.14
CA THR G 6 81.74 44.19 -55.50
C THR G 6 80.50 45.02 -55.12
N LEU G 7 80.03 45.86 -56.05
CA LEU G 7 78.65 46.42 -56.06
C LEU G 7 77.66 45.24 -56.07
N SER G 8 76.84 45.10 -55.03
CA SER G 8 75.79 44.04 -54.91
C SER G 8 74.53 44.59 -54.25
N HIS G 9 73.39 43.99 -54.64
CA HIS G 9 72.03 44.16 -54.07
C HIS G 9 71.39 42.78 -54.00
N GLY G 10 71.06 42.31 -52.79
CA GLY G 10 70.59 40.93 -52.55
C GLY G 10 71.45 39.92 -53.29
N SER G 11 70.84 39.13 -54.17
CA SER G 11 71.37 37.88 -54.77
C SER G 11 72.35 38.13 -55.93
N LEU G 12 72.46 39.37 -56.45
CA LEU G 12 73.21 39.66 -57.70
C LEU G 12 74.28 40.73 -57.43
N GLU G 13 75.37 40.67 -58.20
CA GLU G 13 76.55 41.56 -58.05
C GLU G 13 77.21 41.84 -59.41
N HIS G 14 77.91 42.97 -59.48
CA HIS G 14 78.97 43.25 -60.47
C HIS G 14 80.29 43.46 -59.71
N VAL G 15 81.32 42.71 -60.10
CA VAL G 15 82.73 42.80 -59.59
C VAL G 15 83.45 43.84 -60.45
N LEU G 16 84.11 44.80 -59.80
CA LEU G 16 84.56 46.07 -60.42
C LEU G 16 86.05 46.27 -60.12
N LEU G 17 86.88 46.42 -61.16
CA LEU G 17 88.37 46.45 -61.04
C LEU G 17 88.88 47.89 -60.99
N VAL G 18 89.01 48.42 -59.77
CA VAL G 18 89.44 49.82 -59.47
C VAL G 18 90.98 49.82 -59.35
N PRO G 19 91.72 50.65 -60.14
CA PRO G 19 93.13 50.95 -59.82
C PRO G 19 93.27 51.39 -58.36
N THR G 20 94.15 50.75 -57.59
CA THR G 20 94.35 50.96 -56.11
C THR G 20 94.70 52.44 -55.83
N ALA G 21 95.35 53.12 -56.79
CA ALA G 21 95.59 54.58 -56.84
C ALA G 21 94.36 55.39 -56.35
N SER G 22 93.16 55.01 -56.79
CA SER G 22 91.86 55.69 -56.48
C SER G 22 90.84 54.67 -55.95
N PHE G 23 91.16 53.98 -54.85
CA PHE G 23 90.27 53.00 -54.18
C PHE G 23 89.55 53.63 -52.97
N PHE G 24 90.23 54.44 -52.14
CA PHE G 24 89.70 55.02 -50.87
C PHE G 24 88.56 56.01 -51.18
N ILE G 25 88.54 56.55 -52.41
CA ILE G 25 87.37 57.27 -53.01
C ILE G 25 86.23 56.25 -53.19
N ALA G 26 86.43 55.23 -54.04
CA ALA G 26 85.41 54.32 -54.63
C ALA G 26 84.65 53.53 -53.56
N SER G 27 85.37 52.98 -52.56
CA SER G 27 84.83 52.20 -51.41
C SER G 27 83.96 53.08 -50.49
N GLN G 28 84.20 54.40 -50.49
CA GLN G 28 83.41 55.42 -49.74
C GLN G 28 82.08 55.68 -50.47
N LEU G 29 82.10 55.73 -51.82
CA LEU G 29 80.89 55.76 -52.69
C LEU G 29 80.12 54.44 -52.55
N GLN G 30 80.81 53.31 -52.53
CA GLN G 30 80.18 51.96 -52.49
C GLN G 30 79.25 51.88 -51.27
N GLU G 31 79.73 52.24 -50.07
CA GLU G 31 78.94 52.13 -48.80
C GLU G 31 77.80 53.17 -48.82
N GLN G 32 78.06 54.39 -49.30
CA GLN G 32 77.07 55.52 -49.42
C GLN G 32 75.93 55.12 -50.37
N PHE G 33 76.27 54.45 -51.48
CA PHE G 33 75.33 53.89 -52.49
C PHE G 33 74.53 52.72 -51.88
N ASN G 34 75.22 51.81 -51.18
CA ASN G 34 74.67 50.50 -50.71
C ASN G 34 73.65 50.69 -49.58
N LYS G 35 73.41 51.93 -49.13
CA LYS G 35 72.43 52.26 -48.05
C LYS G 35 71.18 52.97 -48.63
N ILE G 36 71.31 53.72 -49.74
CA ILE G 36 70.15 54.49 -50.33
C ILE G 36 69.18 53.47 -50.97
N LEU G 37 69.68 52.55 -51.80
CA LEU G 37 68.84 51.58 -52.55
C LEU G 37 68.27 50.57 -51.56
N PRO G 38 67.01 50.13 -51.72
CA PRO G 38 66.24 49.53 -50.62
C PRO G 38 66.56 48.06 -50.28
N GLU G 39 65.76 47.48 -49.38
CA GLU G 39 65.90 46.09 -48.87
C GLU G 39 65.53 45.12 -49.99
N PRO G 40 66.48 44.25 -50.46
CA PRO G 40 66.15 43.21 -51.42
C PRO G 40 64.89 42.41 -51.04
N THR G 41 63.96 42.31 -51.99
CA THR G 41 62.69 41.53 -51.91
C THR G 41 62.64 40.60 -53.13
N GLU G 42 62.08 39.40 -52.96
CA GLU G 42 62.07 38.32 -54.00
C GLU G 42 61.51 38.88 -55.31
N GLY G 43 62.08 38.45 -56.45
CA GLY G 43 61.73 38.91 -57.80
C GLY G 43 62.41 40.23 -58.17
N PHE G 44 62.78 41.04 -57.18
CA PHE G 44 63.28 42.44 -57.31
C PHE G 44 62.20 43.30 -57.99
N ALA G 45 60.95 43.13 -57.58
CA ALA G 45 59.76 43.63 -58.31
C ALA G 45 59.55 45.13 -58.04
N ALA G 46 59.77 45.62 -56.81
CA ALA G 46 59.65 47.06 -56.42
C ALA G 46 60.45 47.93 -57.39
N ASP G 47 59.94 49.12 -57.72
CA ASP G 47 60.35 49.96 -58.89
C ASP G 47 61.80 50.46 -58.75
N ASP G 48 62.26 50.74 -57.51
CA ASP G 48 63.60 51.33 -57.20
C ASP G 48 64.69 50.26 -57.37
N GLU G 49 64.50 49.09 -56.75
CA GLU G 49 65.51 47.99 -56.72
C GLU G 49 65.77 47.46 -58.13
N PRO G 50 67.03 47.34 -58.59
CA PRO G 50 67.35 46.79 -59.91
C PRO G 50 67.25 45.26 -59.97
N THR G 51 66.94 44.72 -61.14
CA THR G 51 66.52 43.31 -61.38
C THR G 51 67.65 42.46 -62.00
N THR G 52 68.57 43.07 -62.74
CA THR G 52 69.75 42.39 -63.36
C THR G 52 71.04 43.05 -62.91
N PRO G 53 72.20 42.38 -63.08
CA PRO G 53 73.51 43.02 -62.99
C PRO G 53 73.62 44.33 -63.77
N ALA G 54 73.11 44.37 -65.00
CA ALA G 54 73.19 45.53 -65.92
C ALA G 54 72.50 46.75 -65.30
N GLU G 55 71.36 46.58 -64.63
CA GLU G 55 70.58 47.71 -64.02
C GLU G 55 71.36 48.25 -62.82
N LEU G 56 71.86 47.36 -61.97
CA LEU G 56 72.63 47.69 -60.72
C LEU G 56 73.81 48.59 -61.06
N VAL G 57 74.56 48.28 -62.12
CA VAL G 57 75.73 49.10 -62.58
C VAL G 57 75.20 50.48 -63.01
N GLY G 58 74.08 50.51 -63.75
CA GLY G 58 73.40 51.74 -64.21
C GLY G 58 72.97 52.62 -63.05
N LYS G 59 72.32 52.04 -62.03
CA LYS G 59 71.89 52.74 -60.80
C LYS G 59 73.09 53.45 -60.17
N PHE G 60 74.25 52.78 -60.13
CA PHE G 60 75.55 53.31 -59.64
C PHE G 60 75.97 54.50 -60.51
N LEU G 61 76.18 54.28 -61.82
CA LEU G 61 76.58 55.32 -62.81
C LEU G 61 75.80 56.62 -62.58
N GLY G 62 74.49 56.52 -62.32
CA GLY G 62 73.60 57.64 -61.97
C GLY G 62 74.03 58.33 -60.68
N TYR G 63 74.16 57.55 -59.59
CA TYR G 63 74.53 58.04 -58.23
C TYR G 63 75.91 58.72 -58.24
N VAL G 64 76.85 58.21 -59.02
CA VAL G 64 78.20 58.83 -59.20
C VAL G 64 78.03 60.11 -60.04
N SER G 65 77.32 60.02 -61.19
CA SER G 65 77.08 61.14 -62.13
C SER G 65 76.42 62.34 -61.43
N SER G 66 75.73 62.10 -60.30
CA SER G 66 75.03 63.12 -59.46
C SER G 66 75.99 63.82 -58.48
N LEU G 67 77.29 63.52 -58.51
CA LEU G 67 78.32 64.09 -57.58
C LEU G 67 79.46 64.76 -58.37
N VAL G 68 79.52 64.59 -59.69
CA VAL G 68 80.56 65.21 -60.58
C VAL G 68 80.14 66.66 -60.87
N GLU G 69 81.11 67.52 -61.24
CA GLU G 69 80.88 68.86 -61.87
C GLU G 69 81.32 68.78 -63.34
N PRO G 70 80.55 69.39 -64.28
CA PRO G 70 80.86 69.29 -65.72
C PRO G 70 82.11 70.07 -66.18
N SER G 71 82.52 71.12 -65.43
CA SER G 71 83.78 71.90 -65.64
C SER G 71 84.89 71.41 -64.68
N LYS G 72 84.70 71.58 -63.36
CA LYS G 72 85.72 71.32 -62.29
C LYS G 72 86.12 69.83 -62.27
N VAL G 73 87.39 69.51 -62.59
CA VAL G 73 87.95 68.13 -62.50
C VAL G 73 88.03 67.75 -61.00
N GLY G 74 87.01 67.02 -60.50
CA GLY G 74 86.96 66.52 -59.11
C GLY G 74 87.69 65.18 -58.96
N GLN G 75 87.32 64.43 -57.92
CA GLN G 75 87.96 63.13 -57.53
C GLN G 75 87.27 61.97 -58.28
N PHE G 76 85.99 62.16 -58.66
CA PHE G 76 85.06 61.08 -59.11
C PHE G 76 85.14 60.88 -60.63
N ASP G 77 85.96 61.65 -61.35
CA ASP G 77 85.97 61.66 -62.84
C ASP G 77 86.51 60.31 -63.34
N GLN G 78 87.67 59.88 -62.80
CA GLN G 78 88.38 58.62 -63.18
C GLN G 78 87.63 57.39 -62.61
N VAL G 79 86.89 57.54 -61.49
CA VAL G 79 86.02 56.49 -60.89
C VAL G 79 84.92 56.13 -61.88
N LEU G 80 84.18 57.16 -62.32
CA LEU G 80 83.04 57.09 -63.29
C LEU G 80 83.56 56.54 -64.62
N ASN G 81 84.71 57.03 -65.12
CA ASN G 81 85.29 56.62 -66.44
C ASN G 81 85.66 55.12 -66.46
N LEU G 82 85.78 54.46 -65.29
CA LEU G 82 86.10 53.00 -65.15
C LEU G 82 84.91 52.21 -64.57
N CYS G 83 83.74 52.84 -64.40
CA CYS G 83 82.41 52.16 -64.33
C CYS G 83 81.84 52.06 -65.75
N LEU G 84 81.86 53.16 -66.51
CA LEU G 84 81.43 53.22 -67.94
C LEU G 84 82.13 52.13 -68.75
N THR G 85 83.46 52.15 -68.79
CA THR G 85 84.27 51.27 -69.69
C THR G 85 84.02 49.80 -69.33
N GLU G 86 83.66 49.50 -68.08
CA GLU G 86 83.18 48.15 -67.65
C GLU G 86 81.80 47.85 -68.25
N PHE G 87 80.82 48.71 -67.95
CA PHE G 87 79.39 48.63 -68.40
C PHE G 87 79.31 48.50 -69.93
N GLU G 88 80.12 49.25 -70.68
CA GLU G 88 80.14 49.25 -72.16
C GLU G 88 80.72 47.94 -72.72
N ASN G 89 81.60 47.25 -71.99
CA ASN G 89 82.35 46.05 -72.48
C ASN G 89 81.68 44.76 -72.00
N CYS G 90 81.03 44.78 -70.83
CA CYS G 90 80.21 43.64 -70.34
C CYS G 90 78.90 43.57 -71.15
N TYR G 91 78.06 44.61 -71.04
CA TYR G 91 76.59 44.54 -71.24
C TYR G 91 76.11 45.24 -72.52
N LEU G 92 76.94 46.02 -73.21
CA LEU G 92 76.54 46.67 -74.49
C LEU G 92 77.13 45.95 -75.71
N GLU G 93 78.19 45.15 -75.55
CA GLU G 93 78.87 44.41 -76.65
C GLU G 93 78.81 45.23 -77.95
N GLY G 94 79.20 46.51 -77.88
CA GLY G 94 79.26 47.43 -79.02
C GLY G 94 77.92 47.54 -79.77
N ASN G 95 76.81 47.52 -79.03
CA ASN G 95 75.43 47.84 -79.52
C ASN G 95 75.09 49.25 -78.99
N ASP G 96 73.84 49.70 -79.11
CA ASP G 96 73.35 50.94 -78.42
C ASP G 96 72.65 50.54 -77.12
N ILE G 97 72.57 51.50 -76.18
CA ILE G 97 71.91 51.33 -74.86
C ILE G 97 70.46 50.90 -75.07
N HIS G 98 69.80 51.42 -76.09
CA HIS G 98 68.38 51.13 -76.41
C HIS G 98 68.22 49.65 -76.76
N ALA G 99 69.11 49.11 -77.59
CA ALA G 99 69.15 47.69 -77.96
C ALA G 99 69.28 46.80 -76.71
N LEU G 100 69.98 47.28 -75.67
CA LEU G 100 70.10 46.55 -74.39
C LEU G 100 68.78 46.65 -73.62
N ALA G 101 68.22 47.85 -73.48
CA ALA G 101 66.97 48.13 -72.74
C ALA G 101 65.84 47.22 -73.23
N ALA G 102 65.74 47.05 -74.56
CA ALA G 102 64.86 46.06 -75.24
C ALA G 102 65.11 44.65 -74.69
N LYS G 103 66.34 44.13 -74.80
CA LYS G 103 66.67 42.74 -74.42
C LYS G 103 66.14 42.45 -73.01
N LEU G 104 66.50 43.29 -72.03
CA LEU G 104 66.13 43.12 -70.61
C LEU G 104 64.59 43.01 -70.48
N LEU G 105 63.86 43.76 -71.31
CA LEU G 105 62.39 43.93 -71.22
C LEU G 105 61.65 42.67 -71.69
N GLN G 106 62.19 41.91 -72.66
CA GLN G 106 61.53 40.67 -73.20
C GLN G 106 62.17 39.39 -72.62
N GLU G 107 63.41 39.43 -72.12
CA GLU G 107 64.05 38.32 -71.35
C GLU G 107 63.61 38.38 -69.89
N ASN G 108 64.15 39.36 -69.15
CA ASN G 108 64.07 39.45 -67.67
C ASN G 108 62.73 40.09 -67.28
N ASP G 109 62.39 40.08 -65.99
CA ASP G 109 61.14 40.66 -65.44
C ASP G 109 61.41 42.11 -64.97
N THR G 110 61.98 42.92 -65.86
CA THR G 110 62.06 44.40 -65.74
C THR G 110 60.70 44.96 -66.17
N THR G 111 60.50 46.27 -65.97
CA THR G 111 59.32 47.04 -66.44
C THR G 111 59.84 48.15 -67.36
N LEU G 112 58.98 49.11 -67.73
CA LEU G 112 59.34 50.28 -68.57
C LEU G 112 60.04 51.34 -67.71
N VAL G 113 59.43 51.72 -66.58
CA VAL G 113 59.99 52.71 -65.61
C VAL G 113 61.41 52.28 -65.23
N LYS G 114 61.60 50.98 -65.06
CA LYS G 114 62.89 50.34 -64.67
C LYS G 114 63.95 50.54 -65.77
N THR G 115 63.55 50.48 -67.03
CA THR G 115 64.47 50.50 -68.21
C THR G 115 64.62 51.93 -68.73
N LYS G 116 63.68 52.84 -68.43
CA LYS G 116 63.77 54.28 -68.78
C LYS G 116 64.92 54.91 -68.00
N GLU G 117 65.06 54.56 -66.71
CA GLU G 117 66.09 55.15 -65.80
C GLU G 117 67.48 54.67 -66.23
N LEU G 118 67.61 53.41 -66.63
CA LEU G 118 68.88 52.83 -67.13
C LEU G 118 69.40 53.65 -68.33
N ILE G 119 68.51 54.11 -69.19
CA ILE G 119 68.86 54.93 -70.39
C ILE G 119 69.23 56.34 -69.92
N LYS G 120 68.54 56.87 -68.90
CA LYS G 120 68.84 58.19 -68.28
C LYS G 120 70.24 58.13 -67.71
N ASN G 121 70.47 57.16 -66.83
CA ASN G 121 71.74 56.99 -66.08
C ASN G 121 72.89 56.95 -67.09
N TYR G 122 72.89 55.97 -68.00
CA TYR G 122 74.00 55.74 -68.97
C TYR G 122 74.29 57.02 -69.77
N ILE G 123 73.26 57.70 -70.26
CA ILE G 123 73.43 58.86 -71.20
C ILE G 123 73.84 60.10 -70.40
N THR G 124 73.36 60.24 -69.17
CA THR G 124 73.85 61.27 -68.20
C THR G 124 75.36 61.05 -67.99
N ALA G 125 75.74 59.85 -67.55
CA ALA G 125 77.13 59.44 -67.26
C ALA G 125 78.05 59.76 -68.44
N ARG G 126 77.68 59.33 -69.65
CA ARG G 126 78.47 59.54 -70.90
C ARG G 126 78.83 61.02 -71.07
N ILE G 127 77.99 61.95 -70.61
CA ILE G 127 78.18 63.41 -70.80
C ILE G 127 78.83 64.03 -69.57
N MET G 128 78.52 63.58 -68.34
CA MET G 128 79.14 64.09 -67.09
C MET G 128 80.63 63.72 -67.04
N ALA G 129 81.03 62.63 -67.70
CA ALA G 129 82.44 62.17 -67.81
C ALA G 129 82.97 62.43 -69.23
N LYS G 130 82.77 63.65 -69.75
CA LYS G 130 83.28 64.18 -71.06
C LYS G 130 83.60 63.02 -72.02
N ARG G 131 82.58 62.27 -72.46
CA ARG G 131 82.67 61.26 -73.56
C ARG G 131 81.49 61.48 -74.52
N PRO G 132 81.47 62.62 -75.25
CA PRO G 132 80.34 62.96 -76.10
C PRO G 132 80.22 61.99 -77.29
N PHE G 133 78.98 61.62 -77.65
CA PHE G 133 78.64 60.78 -78.83
C PHE G 133 79.18 61.47 -80.09
N ASP G 134 80.28 60.96 -80.66
CA ASP G 134 80.90 61.51 -81.91
C ASP G 134 81.07 60.43 -82.98
N LYS G 135 81.16 59.15 -82.62
CA LYS G 135 81.29 58.01 -83.59
C LYS G 135 80.00 57.88 -84.42
N LYS G 136 80.13 57.87 -85.76
CA LYS G 136 79.05 57.50 -86.71
C LYS G 136 78.69 56.03 -86.45
N SER G 137 77.72 55.78 -85.56
CA SER G 137 77.28 54.44 -85.11
C SER G 137 76.97 53.52 -86.31
N ASN G 138 77.21 52.22 -86.16
CA ASN G 138 76.90 51.17 -87.17
C ASN G 138 75.44 50.72 -86.99
N SER G 139 74.49 51.64 -87.17
CA SER G 139 73.03 51.33 -87.16
C SER G 139 72.71 50.53 -88.43
N ALA G 140 72.17 49.32 -88.27
CA ALA G 140 71.85 48.40 -89.38
C ALA G 140 71.02 49.13 -90.43
N LEU G 141 70.00 49.87 -89.97
CA LEU G 141 69.05 50.63 -90.79
C LEU G 141 69.78 51.63 -91.70
N PHE G 142 70.80 52.32 -91.19
CA PHE G 142 71.49 53.40 -91.95
C PHE G 142 72.66 52.85 -92.77
N ARG G 143 73.29 51.73 -92.37
CA ARG G 143 74.16 50.94 -93.28
C ARG G 143 73.32 50.53 -94.50
N ALA G 144 72.06 50.15 -94.27
CA ALA G 144 71.12 49.67 -95.30
C ALA G 144 70.64 50.80 -96.23
N VAL G 145 70.65 52.07 -95.78
CA VAL G 145 70.20 53.22 -96.63
C VAL G 145 71.36 53.70 -97.51
N GLY G 146 72.60 53.64 -96.98
CA GLY G 146 73.83 53.92 -97.75
C GLY G 146 73.97 52.94 -98.90
N GLU G 147 73.87 51.64 -98.61
CA GLU G 147 73.91 50.53 -99.60
C GLU G 147 72.82 50.72 -100.67
N GLY G 148 71.68 51.32 -100.30
CA GLY G 148 70.55 51.61 -101.20
C GLY G 148 69.48 50.52 -101.17
N ASN G 149 69.40 49.74 -100.07
CA ASN G 149 68.30 48.78 -99.82
C ASN G 149 67.07 49.58 -99.35
N ALA G 150 67.17 50.21 -98.18
CA ALA G 150 66.08 50.91 -97.46
C ALA G 150 65.98 52.36 -97.92
N GLN G 151 64.76 52.81 -98.23
CA GLN G 151 64.36 54.24 -98.34
C GLN G 151 63.67 54.60 -97.03
N LEU G 152 63.99 55.76 -96.44
CA LEU G 152 63.37 56.25 -95.19
C LEU G 152 62.57 57.51 -95.50
N VAL G 153 61.46 57.69 -94.80
CA VAL G 153 60.68 58.95 -94.77
C VAL G 153 60.40 59.28 -93.31
N ALA G 154 60.56 60.56 -92.94
CA ALA G 154 60.22 61.10 -91.62
C ALA G 154 58.79 61.64 -91.69
N ILE G 155 58.01 61.42 -90.64
CA ILE G 155 56.66 62.05 -90.50
C ILE G 155 56.54 62.61 -89.08
N PHE G 156 55.85 63.73 -88.97
CA PHE G 156 55.60 64.41 -87.69
C PHE G 156 54.08 64.48 -87.48
N GLY G 157 53.65 64.23 -86.25
CA GLY G 157 52.23 64.27 -85.84
C GLY G 157 51.73 65.67 -85.60
N GLY G 158 50.63 65.78 -84.85
CA GLY G 158 49.92 67.04 -84.54
C GLY G 158 49.09 66.93 -83.27
N GLN G 159 48.14 67.84 -83.10
CA GLN G 159 47.21 67.79 -81.95
C GLN G 159 46.26 66.60 -82.15
N GLY G 160 45.74 66.01 -81.06
CA GLY G 160 44.66 65.02 -81.08
C GLY G 160 45.12 63.61 -80.68
N ASN G 161 46.43 63.40 -80.66
CA ASN G 161 47.02 62.04 -80.52
C ASN G 161 47.04 61.66 -79.03
N THR G 162 46.83 62.60 -78.10
CA THR G 162 46.87 62.34 -76.64
C THR G 162 46.14 63.44 -75.85
N ASP G 163 45.58 63.05 -74.70
CA ASP G 163 44.96 63.94 -73.69
C ASP G 163 46.05 64.90 -73.16
N ASP G 164 47.15 64.35 -72.61
CA ASP G 164 48.31 65.15 -72.11
C ASP G 164 49.57 64.79 -72.91
N TYR G 165 49.85 65.60 -73.94
CA TYR G 165 51.13 65.63 -74.70
C TYR G 165 52.28 65.99 -73.75
N PHE G 166 52.03 66.89 -72.79
CA PHE G 166 53.07 67.50 -71.92
C PHE G 166 53.78 66.44 -71.06
N GLU G 167 53.14 65.30 -70.75
CA GLU G 167 53.83 64.15 -70.09
C GLU G 167 54.90 63.57 -71.02
N GLU G 168 54.76 63.73 -72.33
CA GLU G 168 55.78 63.27 -73.32
C GLU G 168 57.01 64.18 -73.24
N LEU G 169 56.82 65.48 -72.96
CA LEU G 169 57.92 66.49 -72.92
C LEU G 169 58.66 66.32 -71.59
N ARG G 170 57.90 66.07 -70.53
CA ARG G 170 58.41 65.78 -69.16
C ARG G 170 59.24 64.50 -69.16
N ASP G 171 58.72 63.42 -69.74
CA ASP G 171 59.42 62.09 -69.73
C ASP G 171 60.65 62.16 -70.64
N LEU G 172 60.57 62.94 -71.72
CA LEU G 172 61.68 63.13 -72.68
C LEU G 172 62.80 63.93 -72.00
N TYR G 173 62.45 65.00 -71.27
CA TYR G 173 63.40 65.89 -70.56
C TYR G 173 63.99 65.17 -69.33
N GLN G 174 63.20 64.37 -68.61
CA GLN G 174 63.67 63.58 -67.44
C GLN G 174 64.80 62.65 -67.88
N THR G 175 64.69 62.04 -69.07
CA THR G 175 65.56 60.92 -69.53
C THR G 175 66.73 61.44 -70.38
N TYR G 176 66.50 62.39 -71.30
CA TYR G 176 67.55 62.96 -72.20
C TYR G 176 67.78 64.43 -71.87
N HIS G 177 67.59 64.79 -70.59
CA HIS G 177 68.04 66.05 -69.91
C HIS G 177 69.32 66.60 -70.56
N VAL G 178 70.34 65.76 -70.68
CA VAL G 178 71.75 66.14 -70.99
C VAL G 178 71.96 66.30 -72.50
N LEU G 179 70.94 66.02 -73.32
CA LEU G 179 71.00 66.15 -74.79
C LEU G 179 70.05 67.26 -75.29
N VAL G 180 68.97 67.50 -74.56
CA VAL G 180 67.84 68.36 -75.03
C VAL G 180 67.79 69.65 -74.21
N GLY G 181 68.20 69.61 -72.93
CA GLY G 181 68.44 70.78 -72.05
C GLY G 181 68.75 72.07 -72.80
N ASP G 182 69.62 72.03 -73.82
CA ASP G 182 70.03 73.23 -74.59
C ASP G 182 68.91 73.68 -75.56
N LEU G 183 68.24 72.75 -76.25
CA LEU G 183 67.11 73.03 -77.19
C LEU G 183 65.90 73.54 -76.40
N ILE G 184 65.53 72.87 -75.31
CA ILE G 184 64.43 73.32 -74.42
C ILE G 184 64.72 74.78 -74.05
N LYS G 185 65.88 75.01 -73.41
CA LYS G 185 66.32 76.34 -72.93
C LYS G 185 66.14 77.37 -74.07
N PHE G 186 66.54 77.02 -75.29
CA PHE G 186 66.51 77.95 -76.46
C PHE G 186 65.07 78.33 -76.80
N SER G 187 64.17 77.35 -76.83
CA SER G 187 62.72 77.52 -77.10
C SER G 187 62.09 78.43 -76.03
N ALA G 188 62.33 78.15 -74.74
CA ALA G 188 61.84 78.92 -73.58
C ALA G 188 62.22 80.41 -73.72
N GLU G 189 63.45 80.69 -74.14
CA GLU G 189 63.96 82.06 -74.37
C GLU G 189 63.24 82.67 -75.59
N THR G 190 63.14 81.90 -76.67
CA THR G 190 62.66 82.33 -78.01
C THR G 190 61.14 82.57 -78.00
N LEU G 191 60.40 81.91 -77.11
CA LEU G 191 58.93 82.08 -76.95
C LEU G 191 58.68 83.26 -76.00
N SER G 192 59.33 83.25 -74.82
CA SER G 192 59.33 84.33 -73.80
C SER G 192 59.60 85.68 -74.48
N GLU G 193 60.63 85.76 -75.33
CA GLU G 193 60.98 87.01 -76.06
C GLU G 193 59.81 87.35 -77.01
N LEU G 194 59.22 86.34 -77.65
CA LEU G 194 58.18 86.45 -78.73
C LEU G 194 56.85 86.90 -78.13
N ILE G 195 56.65 86.72 -76.81
CA ILE G 195 55.48 87.26 -76.07
C ILE G 195 55.63 88.77 -75.91
N ARG G 196 56.84 89.25 -75.56
CA ARG G 196 57.12 90.69 -75.36
C ARG G 196 56.99 91.45 -76.69
N THR G 197 57.54 90.90 -77.78
CA THR G 197 57.58 91.54 -79.13
C THR G 197 56.18 91.61 -79.74
N THR G 198 55.33 90.61 -79.50
CA THR G 198 53.92 90.57 -79.99
C THR G 198 53.11 91.59 -79.18
N LEU G 199 52.25 92.37 -79.85
CA LEU G 199 51.53 93.53 -79.30
C LEU G 199 50.82 93.15 -77.99
N ASP G 200 49.88 92.18 -78.02
CA ASP G 200 49.05 91.82 -76.83
C ASP G 200 49.10 90.30 -76.57
N ALA G 201 50.27 89.69 -76.66
CA ALA G 201 50.44 88.26 -76.32
C ALA G 201 50.15 88.06 -74.85
N GLU G 202 50.75 88.89 -73.97
CA GLU G 202 50.76 88.67 -72.50
C GLU G 202 49.33 88.47 -71.95
N LYS G 203 48.30 88.95 -72.66
CA LYS G 203 46.87 88.82 -72.27
C LYS G 203 46.33 87.42 -72.61
N VAL G 204 46.89 86.76 -73.63
CA VAL G 204 46.63 85.34 -73.99
C VAL G 204 47.45 84.43 -73.06
N PHE G 205 48.75 84.65 -72.97
CA PHE G 205 49.71 83.79 -72.22
C PHE G 205 49.80 84.28 -70.77
N THR G 206 48.69 84.17 -70.05
CA THR G 206 48.54 84.68 -68.67
C THR G 206 49.68 84.13 -67.81
N GLN G 207 49.88 82.81 -67.84
CA GLN G 207 50.86 82.09 -66.97
C GLN G 207 52.19 81.89 -67.72
N GLY G 208 52.46 82.67 -68.78
CA GLY G 208 53.75 82.75 -69.50
C GLY G 208 54.06 81.49 -70.31
N LEU G 209 55.35 81.27 -70.63
CA LEU G 209 55.87 80.13 -71.44
C LEU G 209 57.23 79.62 -70.94
N ASN G 210 57.57 79.85 -69.66
CA ASN G 210 58.90 79.44 -69.10
C ASN G 210 58.84 77.93 -68.84
N ILE G 211 59.11 77.15 -69.89
CA ILE G 211 58.95 75.66 -69.88
C ILE G 211 60.12 75.01 -69.14
N LEU G 212 61.25 75.71 -69.00
CA LEU G 212 62.35 75.32 -68.07
C LEU G 212 61.77 75.14 -66.66
N GLU G 213 61.08 76.15 -66.16
CA GLU G 213 60.56 76.17 -64.76
C GLU G 213 59.61 74.99 -64.55
N TRP G 214 58.77 74.71 -65.55
CA TRP G 214 57.67 73.72 -65.46
C TRP G 214 58.22 72.29 -65.39
N LEU G 215 59.38 72.07 -66.00
CA LEU G 215 60.04 70.75 -66.10
C LEU G 215 60.96 70.57 -64.91
N GLU G 216 61.71 71.64 -64.57
CA GLU G 216 62.63 71.68 -63.40
C GLU G 216 61.81 71.51 -62.11
N ASN G 217 60.77 72.33 -61.93
CA ASN G 217 59.90 72.33 -60.73
C ASN G 217 58.47 71.97 -61.12
N PRO G 218 58.08 70.68 -61.08
CA PRO G 218 56.77 70.22 -61.54
C PRO G 218 55.53 70.93 -60.95
N SER G 219 55.67 71.57 -59.78
CA SER G 219 54.54 72.08 -58.96
C SER G 219 54.18 73.53 -59.36
N ASN G 220 55.16 74.32 -59.82
CA ASN G 220 54.94 75.69 -60.40
C ASN G 220 54.40 75.59 -61.84
N THR G 221 54.33 74.36 -62.41
CA THR G 221 53.69 74.07 -63.72
C THR G 221 52.24 74.56 -63.70
N PRO G 222 51.71 75.17 -64.78
CA PRO G 222 50.28 75.46 -64.86
C PRO G 222 49.45 74.18 -64.91
N ASP G 223 48.12 74.34 -65.00
CA ASP G 223 47.13 73.22 -64.98
C ASP G 223 46.94 72.65 -66.40
N LYS G 224 46.52 71.38 -66.47
CA LYS G 224 46.39 70.61 -67.74
C LYS G 224 45.34 71.22 -68.68
N ASP G 225 44.66 72.29 -68.27
CA ASP G 225 43.52 72.91 -69.01
C ASP G 225 44.02 74.15 -69.77
N TYR G 226 45.01 74.87 -69.21
CA TYR G 226 45.81 75.93 -69.87
C TYR G 226 46.71 75.31 -70.95
N LEU G 227 47.44 74.23 -70.60
CA LEU G 227 48.48 73.58 -71.45
C LEU G 227 47.87 73.03 -72.72
N LEU G 228 46.63 72.57 -72.68
CA LEU G 228 45.97 71.97 -73.87
C LEU G 228 45.53 73.06 -74.86
N SER G 229 45.28 74.29 -74.39
CA SER G 229 44.94 75.48 -75.24
C SER G 229 45.93 75.57 -76.41
N ILE G 230 45.45 75.91 -77.61
CA ILE G 230 46.30 75.85 -78.83
C ILE G 230 47.41 76.90 -78.82
N PRO G 231 47.31 78.06 -78.12
CA PRO G 231 48.40 79.03 -78.12
C PRO G 231 49.68 78.47 -77.51
N ILE G 232 49.52 77.58 -76.55
CA ILE G 232 50.63 77.04 -75.74
C ILE G 232 50.93 75.58 -76.09
N SER G 233 50.04 74.91 -76.85
CA SER G 233 50.15 73.47 -77.21
C SER G 233 50.75 73.32 -78.61
N CYS G 234 50.35 74.18 -79.56
CA CYS G 234 50.98 74.24 -80.91
C CYS G 234 52.50 74.32 -80.77
N PRO G 235 53.10 75.39 -80.20
CA PRO G 235 54.55 75.53 -80.20
C PRO G 235 55.25 74.41 -79.42
N LEU G 236 54.66 73.97 -78.31
CA LEU G 236 55.25 72.92 -77.44
C LEU G 236 55.23 71.56 -78.10
N ILE G 237 54.32 71.31 -79.05
CA ILE G 237 54.25 70.02 -79.80
C ILE G 237 55.33 70.06 -80.88
N GLY G 238 55.62 71.24 -81.44
CA GLY G 238 56.85 71.52 -82.21
C GLY G 238 58.11 71.12 -81.47
N VAL G 239 58.23 71.54 -80.21
CA VAL G 239 59.42 71.29 -79.34
C VAL G 239 59.62 69.77 -79.21
N ILE G 240 58.57 69.01 -78.89
CA ILE G 240 58.63 67.56 -78.60
C ILE G 240 59.10 66.77 -79.83
N GLN G 241 58.71 67.22 -81.03
CA GLN G 241 59.16 66.64 -82.33
C GLN G 241 60.65 66.94 -82.51
N LEU G 242 61.02 68.22 -82.66
CA LEU G 242 62.45 68.67 -82.79
C LEU G 242 63.32 67.96 -81.75
N ALA G 243 62.83 67.81 -80.52
CA ALA G 243 63.50 67.13 -79.40
C ALA G 243 63.78 65.67 -79.75
N HIS G 244 62.81 64.95 -80.32
CA HIS G 244 62.96 63.52 -80.71
C HIS G 244 63.98 63.42 -81.85
N TYR G 245 63.95 64.37 -82.78
CA TYR G 245 64.89 64.44 -83.94
C TYR G 245 66.31 64.74 -83.44
N VAL G 246 66.43 65.45 -82.31
CA VAL G 246 67.73 65.68 -81.61
C VAL G 246 68.19 64.34 -81.00
N VAL G 247 67.56 63.84 -79.94
CA VAL G 247 68.00 62.58 -79.26
C VAL G 247 68.21 61.48 -80.29
N THR G 248 67.55 61.52 -81.44
CA THR G 248 67.83 60.59 -82.57
C THR G 248 69.23 60.91 -83.11
N ALA G 249 69.44 62.12 -83.63
CA ALA G 249 70.69 62.55 -84.31
C ALA G 249 71.90 62.35 -83.39
N LYS G 250 71.80 62.76 -82.12
CA LYS G 250 72.94 62.72 -81.16
C LYS G 250 73.35 61.26 -80.90
N LEU G 251 72.43 60.39 -80.54
CA LEU G 251 72.75 58.96 -80.21
C LEU G 251 73.29 58.20 -81.44
N LEU G 252 73.04 58.68 -82.66
CA LEU G 252 73.67 58.13 -83.90
C LEU G 252 74.99 58.83 -84.22
N GLY G 253 75.42 59.81 -83.41
CA GLY G 253 76.62 60.62 -83.65
C GLY G 253 76.57 61.36 -84.97
N PHE G 254 75.37 61.83 -85.36
CA PHE G 254 75.14 62.62 -86.58
C PHE G 254 74.94 64.10 -86.22
N THR G 255 75.29 64.97 -87.16
CA THR G 255 74.81 66.38 -87.24
C THR G 255 73.48 66.33 -87.99
N PRO G 256 72.50 67.22 -87.67
CA PRO G 256 71.17 67.16 -88.30
C PRO G 256 71.14 67.10 -89.84
N GLY G 257 72.09 67.73 -90.53
CA GLY G 257 72.23 67.66 -91.99
C GLY G 257 72.44 66.24 -92.50
N GLU G 258 73.22 65.44 -91.78
CA GLU G 258 73.58 64.04 -92.16
C GLU G 258 72.37 63.10 -92.01
N LEU G 259 71.56 63.31 -90.97
CA LEU G 259 70.30 62.55 -90.72
C LEU G 259 69.29 62.86 -91.85
N ARG G 260 69.15 64.11 -92.28
CA ARG G 260 68.21 64.48 -93.37
C ARG G 260 68.77 64.03 -94.73
N SER G 261 70.07 63.75 -94.86
CA SER G 261 70.65 63.24 -96.13
C SER G 261 70.13 61.82 -96.40
N TYR G 262 69.96 61.01 -95.34
CA TYR G 262 69.49 59.60 -95.41
C TYR G 262 67.97 59.53 -95.63
N LEU G 263 67.22 60.47 -95.06
CA LEU G 263 65.78 60.69 -95.39
C LEU G 263 65.63 60.89 -96.91
N LYS G 264 64.68 60.17 -97.52
CA LYS G 264 64.36 60.25 -98.96
C LYS G 264 63.36 61.38 -99.18
N GLY G 265 62.50 61.60 -98.18
CA GLY G 265 61.62 62.78 -98.03
C GLY G 265 61.18 62.94 -96.58
N ALA G 266 60.36 63.95 -96.31
CA ALA G 266 59.65 64.05 -95.00
C ALA G 266 58.28 64.69 -95.23
N THR G 267 57.39 64.51 -94.26
CA THR G 267 56.06 65.16 -94.23
C THR G 267 55.48 65.16 -92.82
N GLY G 268 54.26 65.71 -92.71
CA GLY G 268 53.62 65.96 -91.42
C GLY G 268 52.13 66.02 -91.59
N HIS G 269 51.44 65.56 -90.55
CA HIS G 269 49.96 65.55 -90.43
C HIS G 269 49.53 66.83 -89.73
N SER G 270 48.67 67.62 -90.36
CA SER G 270 48.19 68.90 -89.79
C SER G 270 49.43 69.76 -89.52
N GLN G 271 49.72 70.11 -88.27
CA GLN G 271 50.73 71.14 -87.87
C GLN G 271 52.16 70.58 -87.87
N GLY G 272 52.34 69.28 -88.13
CA GLY G 272 53.66 68.62 -88.24
C GLY G 272 54.37 69.00 -89.53
N LEU G 273 53.65 69.50 -90.54
CA LEU G 273 54.21 70.02 -91.81
C LEU G 273 55.21 71.19 -91.55
N VAL G 274 55.13 71.84 -90.38
CA VAL G 274 56.03 72.95 -89.95
C VAL G 274 57.35 72.37 -89.43
N THR G 275 57.32 71.34 -88.59
CA THR G 275 58.56 70.72 -88.06
C THR G 275 59.11 69.71 -89.06
N ALA G 276 58.44 69.52 -90.21
CA ALA G 276 58.95 68.72 -91.34
C ALA G 276 59.82 69.63 -92.20
N VAL G 277 59.28 70.79 -92.61
CA VAL G 277 59.96 71.73 -93.55
C VAL G 277 61.22 72.29 -92.88
N ALA G 278 61.22 72.44 -91.54
CA ALA G 278 62.37 72.94 -90.75
C ALA G 278 63.54 71.95 -90.78
N ILE G 279 63.24 70.65 -90.60
CA ILE G 279 64.18 69.50 -90.72
C ILE G 279 64.78 69.40 -92.13
N ALA G 280 64.07 69.82 -93.18
CA ALA G 280 64.58 69.78 -94.56
C ALA G 280 65.59 70.91 -94.81
N GLU G 281 65.72 71.89 -93.91
CA GLU G 281 66.67 73.02 -94.02
C GLU G 281 68.00 72.71 -93.32
N THR G 282 67.94 71.97 -92.22
CA THR G 282 69.04 71.87 -91.22
C THR G 282 70.30 71.29 -91.86
N ASP G 283 71.46 71.51 -91.24
CA ASP G 283 72.80 71.38 -91.88
C ASP G 283 73.86 71.00 -90.81
N SER G 284 74.11 71.89 -89.84
CA SER G 284 75.11 71.72 -88.74
C SER G 284 74.50 72.22 -87.41
N TRP G 285 75.00 71.74 -86.27
CA TRP G 285 74.46 72.05 -84.90
C TRP G 285 74.29 73.56 -84.66
N GLU G 286 75.13 74.39 -85.29
CA GLU G 286 75.15 75.86 -85.11
C GLU G 286 73.95 76.45 -85.86
N SER G 287 73.82 76.13 -87.17
CA SER G 287 72.72 76.56 -88.07
C SER G 287 71.49 75.65 -87.91
N PHE G 288 71.34 74.97 -86.76
CA PHE G 288 70.16 74.13 -86.40
C PHE G 288 69.17 74.98 -85.64
N PHE G 289 69.67 75.74 -84.66
CA PHE G 289 68.85 76.61 -83.79
C PHE G 289 68.21 77.73 -84.64
N VAL G 290 68.72 78.04 -85.85
CA VAL G 290 68.08 79.05 -86.74
C VAL G 290 66.86 78.42 -87.43
N SER G 291 66.89 77.11 -87.72
CA SER G 291 65.74 76.34 -88.26
C SER G 291 64.66 76.24 -87.17
N VAL G 292 65.03 75.65 -86.02
CA VAL G 292 64.18 75.53 -84.81
C VAL G 292 63.45 76.85 -84.51
N ARG G 293 64.17 77.98 -84.47
CA ARG G 293 63.62 79.33 -84.17
C ARG G 293 62.50 79.63 -85.19
N LYS G 294 62.74 79.27 -86.45
CA LYS G 294 61.82 79.51 -87.59
C LYS G 294 60.55 78.65 -87.40
N ALA G 295 60.72 77.39 -87.04
CA ALA G 295 59.63 76.42 -86.80
C ALA G 295 58.70 76.94 -85.71
N ILE G 296 59.26 77.13 -84.51
CA ILE G 296 58.56 77.60 -83.28
C ILE G 296 57.81 78.90 -83.55
N THR G 297 58.41 79.89 -84.21
CA THR G 297 57.76 81.21 -84.43
C THR G 297 56.54 81.00 -85.35
N VAL G 298 56.65 80.21 -86.44
CA VAL G 298 55.48 79.91 -87.35
C VAL G 298 54.39 79.22 -86.53
N LEU G 299 54.79 78.30 -85.64
CA LEU G 299 53.88 77.45 -84.84
C LEU G 299 53.25 78.25 -83.69
N PHE G 300 53.84 79.39 -83.34
CA PHE G 300 53.41 80.30 -82.25
C PHE G 300 52.35 81.24 -82.81
N PHE G 301 52.51 81.72 -84.06
CA PHE G 301 51.53 82.66 -84.66
C PHE G 301 50.25 81.91 -85.05
N ILE G 302 50.39 80.70 -85.60
CA ILE G 302 49.25 79.76 -85.82
C ILE G 302 48.44 79.63 -84.51
N GLY G 303 49.12 79.33 -83.40
CA GLY G 303 48.50 79.07 -82.09
C GLY G 303 47.82 80.31 -81.54
N VAL G 304 48.45 81.48 -81.70
CA VAL G 304 47.93 82.77 -81.19
C VAL G 304 46.76 83.18 -82.08
N ARG G 305 46.98 83.36 -83.38
CA ARG G 305 46.01 84.05 -84.28
C ARG G 305 44.74 83.21 -84.44
N CYS G 306 44.81 81.88 -84.30
CA CYS G 306 43.64 80.97 -84.46
C CYS G 306 42.73 81.00 -83.24
N TYR G 307 43.32 81.04 -82.04
CA TYR G 307 42.60 81.27 -80.76
C TYR G 307 41.69 82.50 -80.94
N GLU G 308 42.28 83.62 -81.34
CA GLU G 308 41.59 84.94 -81.48
C GLU G 308 40.47 84.84 -82.52
N ALA G 309 40.65 84.04 -83.58
CA ALA G 309 39.67 83.85 -84.67
C ALA G 309 38.41 83.15 -84.14
N TYR G 310 38.55 81.95 -83.59
CA TYR G 310 37.44 81.10 -83.07
C TYR G 310 37.85 80.48 -81.73
N PRO G 311 37.46 81.08 -80.57
CA PRO G 311 37.82 80.56 -79.25
C PRO G 311 36.80 79.56 -78.69
N ASN G 312 37.27 78.56 -77.95
CA ASN G 312 36.40 77.46 -77.44
C ASN G 312 35.63 77.97 -76.22
N THR G 313 34.30 77.97 -76.32
CA THR G 313 33.37 78.44 -75.27
C THR G 313 32.83 77.25 -74.48
N SER G 314 32.16 77.55 -73.36
CA SER G 314 31.59 76.55 -72.44
C SER G 314 30.31 75.98 -73.06
N LEU G 315 30.21 74.65 -73.16
CA LEU G 315 28.98 73.92 -73.53
C LEU G 315 28.06 73.86 -72.32
N PRO G 316 26.73 74.02 -72.50
CA PRO G 316 25.76 73.64 -71.48
C PRO G 316 26.07 72.27 -70.87
N PRO G 317 25.97 72.09 -69.53
CA PRO G 317 26.35 70.82 -68.92
C PRO G 317 25.46 69.63 -69.27
N SER G 318 24.25 69.89 -69.78
CA SER G 318 23.31 68.87 -70.32
C SER G 318 23.99 68.12 -71.47
N ILE G 319 24.52 68.87 -72.44
CA ILE G 319 25.30 68.34 -73.60
C ILE G 319 26.50 67.53 -73.10
N LEU G 320 27.21 68.03 -72.09
CA LEU G 320 28.50 67.42 -71.65
C LEU G 320 28.22 66.06 -71.02
N GLU G 321 27.23 65.99 -70.13
CA GLU G 321 26.91 64.75 -69.37
C GLU G 321 26.28 63.73 -70.32
N ASP G 322 25.63 64.18 -71.39
CA ASP G 322 25.05 63.30 -72.44
C ASP G 322 26.16 62.65 -73.27
N SER G 323 27.16 63.43 -73.69
CA SER G 323 28.34 62.92 -74.44
C SER G 323 29.12 61.90 -73.61
N LEU G 324 29.27 62.10 -72.31
CA LEU G 324 30.12 61.21 -71.47
C LEU G 324 29.44 59.86 -71.26
N GLU G 325 28.12 59.82 -71.10
CA GLU G 325 27.38 58.56 -70.83
C GLU G 325 27.28 57.74 -72.12
N ASN G 326 27.10 58.38 -73.28
CA ASN G 326 27.03 57.71 -74.61
C ASN G 326 28.42 57.49 -75.22
N ASN G 327 29.50 57.73 -74.46
CA ASN G 327 30.90 57.31 -74.76
C ASN G 327 31.46 58.02 -76.00
N GLU G 328 30.89 59.16 -76.38
CA GLU G 328 31.59 60.23 -77.12
C GLU G 328 32.43 60.93 -76.05
N GLY G 329 33.36 61.79 -76.42
CA GLY G 329 34.27 62.35 -75.41
C GLY G 329 33.63 63.49 -74.65
N VAL G 330 34.48 64.39 -74.15
CA VAL G 330 34.11 65.80 -73.88
C VAL G 330 33.94 66.48 -75.22
N PRO G 331 32.82 67.15 -75.51
CA PRO G 331 32.67 67.92 -76.74
C PRO G 331 33.87 68.85 -77.00
N SER G 332 34.20 69.02 -78.27
CA SER G 332 35.37 69.76 -78.77
C SER G 332 35.07 70.09 -80.22
N PRO G 333 35.88 70.90 -80.91
CA PRO G 333 35.60 71.24 -82.30
C PRO G 333 36.01 70.20 -83.34
N MET G 334 36.29 68.97 -82.91
CA MET G 334 36.96 67.93 -83.72
C MET G 334 36.38 66.55 -83.36
N LEU G 335 35.69 65.89 -84.27
CA LEU G 335 34.96 64.63 -84.04
C LEU G 335 35.58 63.54 -84.92
N SER G 336 36.15 62.51 -84.30
CA SER G 336 36.77 61.37 -85.01
C SER G 336 35.71 60.29 -85.19
N ILE G 337 35.34 59.98 -86.44
CA ILE G 337 34.39 58.89 -86.82
C ILE G 337 35.19 57.74 -87.44
N SER G 338 35.39 56.67 -86.68
CA SER G 338 36.08 55.42 -87.09
C SER G 338 35.08 54.45 -87.75
N ASN G 339 35.49 53.77 -88.83
CA ASN G 339 34.88 52.54 -89.39
C ASN G 339 33.71 52.86 -90.34
N LEU G 340 33.71 54.03 -90.97
CA LEU G 340 32.68 54.44 -91.98
C LEU G 340 33.40 55.05 -93.20
N THR G 341 33.02 54.64 -94.41
CA THR G 341 33.54 55.17 -95.70
C THR G 341 33.35 56.68 -95.74
N GLN G 342 34.32 57.43 -96.29
CA GLN G 342 34.23 58.89 -96.52
C GLN G 342 32.85 59.27 -97.09
N GLU G 343 32.31 58.45 -98.00
CA GLU G 343 30.98 58.63 -98.65
C GLU G 343 29.87 58.60 -97.57
N GLN G 344 29.82 57.53 -96.75
CA GLN G 344 28.83 57.33 -95.66
C GLN G 344 28.82 58.51 -94.68
N VAL G 345 29.99 58.99 -94.27
CA VAL G 345 30.14 60.13 -93.32
C VAL G 345 29.60 61.40 -94.01
N GLN G 346 29.98 61.66 -95.26
CA GLN G 346 29.54 62.87 -96.02
C GLN G 346 28.01 62.93 -96.15
N ASP G 347 27.28 61.81 -96.10
CA ASP G 347 25.78 61.84 -96.06
C ASP G 347 25.35 62.47 -94.74
N TYR G 348 25.71 61.82 -93.63
CA TYR G 348 25.37 62.24 -92.24
C TYR G 348 25.77 63.70 -91.97
N VAL G 349 26.69 64.31 -92.73
CA VAL G 349 27.06 65.74 -92.53
C VAL G 349 26.15 66.62 -93.39
N ASN G 350 25.69 66.13 -94.55
CA ASN G 350 24.75 66.87 -95.43
C ASN G 350 23.39 66.98 -94.73
N LYS G 351 22.88 65.85 -94.22
CA LYS G 351 21.72 65.78 -93.30
C LYS G 351 21.85 66.90 -92.26
N THR G 352 22.94 66.83 -91.48
CA THR G 352 23.25 67.72 -90.33
C THR G 352 23.35 69.18 -90.80
N ASN G 353 23.99 69.45 -91.94
CA ASN G 353 24.27 70.82 -92.45
C ASN G 353 23.01 71.43 -93.09
N SER G 354 21.98 70.62 -93.40
CA SER G 354 20.69 71.09 -93.97
C SER G 354 20.01 72.08 -93.02
N HIS G 355 20.00 71.76 -91.72
CA HIS G 355 19.34 72.54 -90.63
C HIS G 355 20.21 73.71 -90.15
N LEU G 356 21.51 73.72 -90.43
CA LEU G 356 22.46 74.70 -89.83
C LEU G 356 22.72 75.84 -90.80
N PRO G 357 22.86 77.10 -90.32
CA PRO G 357 23.29 78.22 -91.17
C PRO G 357 24.79 78.17 -91.47
N ALA G 358 25.26 78.89 -92.49
CA ALA G 358 26.63 78.84 -93.06
C ALA G 358 27.71 78.65 -91.97
N GLY G 359 27.88 79.64 -91.09
CA GLY G 359 29.02 79.73 -90.16
C GLY G 359 28.92 78.78 -88.98
N LYS G 360 27.95 77.86 -88.97
CA LYS G 360 27.87 76.76 -87.97
C LYS G 360 27.99 75.39 -88.65
N GLN G 361 28.20 75.36 -89.97
CA GLN G 361 28.18 74.11 -90.77
C GLN G 361 29.49 73.34 -90.53
N VAL G 362 29.38 72.02 -90.36
CA VAL G 362 30.52 71.10 -90.15
C VAL G 362 31.04 70.68 -91.52
N GLU G 363 32.29 70.18 -91.57
CA GLU G 363 32.92 69.63 -92.81
C GLU G 363 33.95 68.56 -92.43
N ILE G 364 34.07 67.51 -93.27
CA ILE G 364 35.19 66.51 -93.22
C ILE G 364 36.49 67.32 -93.35
N SER G 365 37.39 67.17 -92.39
CA SER G 365 38.58 68.02 -92.19
C SER G 365 39.84 67.20 -92.44
N LEU G 366 39.94 66.03 -91.81
CA LEU G 366 40.99 65.04 -92.10
C LEU G 366 40.35 63.79 -92.67
N VAL G 367 40.94 63.25 -93.74
CA VAL G 367 40.66 61.91 -94.31
C VAL G 367 41.88 61.01 -94.08
N ASN G 368 42.02 60.56 -92.83
CA ASN G 368 43.17 59.78 -92.32
C ASN G 368 43.29 58.42 -93.02
N GLY G 369 42.20 57.64 -93.05
CA GLY G 369 42.10 56.34 -93.72
C GLY G 369 40.98 56.35 -94.75
N ALA G 370 40.68 55.19 -95.32
CA ALA G 370 39.44 54.91 -96.08
C ALA G 370 38.25 54.95 -95.11
N LYS G 371 38.44 54.37 -93.91
CA LYS G 371 37.42 54.25 -92.85
C LYS G 371 37.87 54.96 -91.55
N ASN G 372 38.67 56.01 -91.63
CA ASN G 372 39.09 56.88 -90.48
C ASN G 372 38.92 58.33 -90.89
N LEU G 373 38.01 59.06 -90.24
CA LEU G 373 37.69 60.46 -90.60
C LEU G 373 37.60 61.31 -89.35
N VAL G 374 37.85 62.61 -89.54
CA VAL G 374 37.76 63.65 -88.47
C VAL G 374 36.92 64.76 -89.05
N VAL G 375 35.82 65.10 -88.37
CA VAL G 375 34.91 66.21 -88.80
C VAL G 375 35.14 67.39 -87.86
N SER G 376 35.38 68.57 -88.42
CA SER G 376 35.64 69.82 -87.67
C SER G 376 34.38 70.67 -87.73
N GLY G 377 34.28 71.60 -86.80
CA GLY G 377 33.17 72.57 -86.76
C GLY G 377 32.83 72.90 -85.32
N PRO G 378 31.78 73.71 -85.09
CA PRO G 378 31.42 74.14 -83.75
C PRO G 378 30.92 72.98 -82.92
N PRO G 379 31.37 72.84 -81.66
CA PRO G 379 31.00 71.68 -80.83
C PRO G 379 29.49 71.46 -80.62
N GLN G 380 28.65 72.50 -80.60
CA GLN G 380 27.17 72.34 -80.66
C GLN G 380 26.83 71.52 -81.91
N SER G 381 27.23 72.03 -83.08
CA SER G 381 26.93 71.47 -84.43
C SER G 381 27.37 70.00 -84.51
N LEU G 382 28.53 69.66 -83.95
CA LEU G 382 29.04 68.26 -83.94
C LEU G 382 28.21 67.41 -82.98
N TYR G 383 27.70 67.96 -81.89
CA TYR G 383 26.80 67.22 -80.97
C TYR G 383 25.52 66.85 -81.75
N GLY G 384 25.00 67.78 -82.55
CA GLY G 384 23.98 67.53 -83.58
C GLY G 384 24.27 66.25 -84.37
N LEU G 385 25.45 66.17 -84.97
CA LEU G 385 25.88 65.04 -85.83
C LEU G 385 25.91 63.74 -85.01
N ASN G 386 26.44 63.75 -83.79
CA ASN G 386 26.46 62.56 -82.91
C ASN G 386 25.05 62.03 -82.60
N LEU G 387 24.02 62.86 -82.65
CA LEU G 387 22.61 62.41 -82.42
C LEU G 387 22.20 61.57 -83.63
N THR G 388 22.30 62.14 -84.84
CA THR G 388 22.12 61.43 -86.13
C THR G 388 22.84 60.09 -86.13
N LEU G 389 24.06 59.98 -85.59
CA LEU G 389 24.88 58.74 -85.61
C LEU G 389 24.45 57.77 -84.50
N ARG G 390 23.84 58.24 -83.41
CA ARG G 390 23.38 57.33 -82.32
C ARG G 390 22.25 56.46 -82.87
N LYS G 391 21.34 57.07 -83.64
CA LYS G 391 20.27 56.36 -84.40
C LYS G 391 20.89 55.13 -85.07
N ALA G 392 21.89 55.37 -85.91
CA ALA G 392 22.33 54.43 -86.98
C ALA G 392 23.26 53.33 -86.46
N LYS G 393 23.76 53.43 -85.23
CA LYS G 393 24.77 52.44 -84.74
C LYS G 393 24.07 51.34 -83.96
N ALA G 394 24.71 50.17 -83.92
CA ALA G 394 24.23 48.93 -83.29
C ALA G 394 24.68 48.88 -81.83
N PRO G 395 23.80 48.49 -80.88
CA PRO G 395 24.20 48.16 -79.52
C PRO G 395 25.30 47.08 -79.46
N SER G 396 26.41 47.33 -78.73
CA SER G 396 27.67 46.55 -78.81
C SER G 396 27.44 45.07 -78.41
N GLY G 397 26.64 44.83 -77.35
CA GLY G 397 26.18 43.49 -76.94
C GLY G 397 24.83 43.15 -77.57
N LEU G 398 24.83 42.91 -78.89
CA LEU G 398 23.62 42.54 -79.67
C LEU G 398 23.81 41.13 -80.25
N ASP G 399 24.87 40.91 -81.02
CA ASP G 399 25.13 39.68 -81.81
C ASP G 399 24.30 39.71 -83.10
N GLN G 400 24.92 40.08 -84.22
CA GLN G 400 24.27 40.29 -85.53
C GLN G 400 24.65 39.15 -86.49
N SER G 401 25.08 38.00 -85.94
CA SER G 401 25.70 36.87 -86.68
C SER G 401 24.68 36.12 -87.53
N ARG G 402 23.39 36.34 -87.26
CA ARG G 402 22.25 35.53 -87.76
C ARG G 402 21.31 36.40 -88.60
N ILE G 403 21.64 37.68 -88.75
CA ILE G 403 20.93 38.67 -89.62
C ILE G 403 21.66 38.67 -90.96
N PRO G 404 20.95 38.73 -92.11
CA PRO G 404 21.61 38.95 -93.39
C PRO G 404 22.49 40.20 -93.33
N PHE G 405 23.70 40.14 -93.90
CA PHE G 405 24.75 41.20 -93.85
C PHE G 405 24.18 42.58 -94.21
N SER G 406 23.48 42.70 -95.33
CA SER G 406 23.03 43.99 -95.91
C SER G 406 21.82 44.55 -95.15
N GLU G 407 21.43 43.93 -94.03
CA GLU G 407 20.38 44.41 -93.09
C GLU G 407 20.96 44.72 -91.70
N ARG G 408 22.26 44.55 -91.51
CA ARG G 408 22.91 44.78 -90.19
C ARG G 408 23.06 46.28 -89.97
N LYS G 409 22.80 46.73 -88.75
CA LYS G 409 23.24 48.05 -88.24
C LYS G 409 24.77 48.08 -88.33
N LEU G 410 25.33 49.19 -88.82
CA LEU G 410 26.79 49.40 -88.93
C LEU G 410 27.39 49.54 -87.53
N LYS G 411 28.55 48.92 -87.30
CA LYS G 411 29.23 48.88 -85.99
C LYS G 411 30.45 49.82 -86.06
N PHE G 412 30.36 51.03 -85.47
CA PHE G 412 31.41 52.09 -85.59
C PHE G 412 31.56 52.92 -84.32
N SER G 413 32.71 53.61 -84.25
CA SER G 413 33.12 54.52 -83.14
C SER G 413 33.03 55.97 -83.62
N ASN G 414 32.45 56.83 -82.79
CA ASN G 414 32.56 58.31 -82.93
C ASN G 414 32.95 58.83 -81.56
N ARG G 415 33.86 59.79 -81.54
CA ARG G 415 34.62 60.20 -80.33
C ARG G 415 35.19 61.59 -80.64
N PHE G 416 34.90 62.57 -79.78
CA PHE G 416 35.54 63.90 -79.80
C PHE G 416 37.01 63.75 -79.47
N LEU G 417 37.85 64.45 -80.24
CA LEU G 417 39.31 64.52 -80.02
C LEU G 417 39.62 65.49 -78.90
N PRO G 418 40.73 65.26 -78.17
CA PRO G 418 41.25 66.19 -77.18
C PRO G 418 42.10 67.31 -77.80
N VAL G 419 41.45 68.20 -78.56
CA VAL G 419 42.04 69.46 -79.08
C VAL G 419 41.12 70.57 -78.59
N ALA G 420 41.46 71.82 -78.91
CA ALA G 420 40.73 73.02 -78.42
C ALA G 420 40.38 73.97 -79.57
N SER G 421 40.82 73.71 -80.81
CA SER G 421 40.50 74.52 -82.00
C SER G 421 40.03 73.63 -83.14
N PRO G 422 39.24 74.14 -84.09
CA PRO G 422 38.93 73.40 -85.31
C PRO G 422 39.93 73.72 -86.42
N PHE G 423 41.02 72.95 -86.48
CA PHE G 423 41.98 73.00 -87.62
C PHE G 423 41.33 72.47 -88.90
N HIS G 424 41.77 73.00 -90.03
CA HIS G 424 41.38 72.56 -91.39
C HIS G 424 39.91 72.87 -91.62
N SER G 425 39.40 73.95 -91.03
CA SER G 425 37.99 74.37 -91.18
C SER G 425 37.91 75.83 -91.64
N HIS G 426 36.81 76.19 -92.30
CA HIS G 426 36.50 77.57 -92.76
C HIS G 426 36.43 78.52 -91.57
N LEU G 427 36.14 78.01 -90.36
CA LEU G 427 36.06 78.79 -89.09
C LEU G 427 37.31 79.65 -88.88
N LEU G 428 38.49 79.16 -89.29
CA LEU G 428 39.83 79.74 -88.99
C LEU G 428 40.35 80.63 -90.14
N VAL G 429 39.58 80.84 -91.21
CA VAL G 429 39.99 81.65 -92.40
C VAL G 429 40.37 83.08 -92.00
N PRO G 430 39.66 83.77 -91.06
CA PRO G 430 40.11 85.08 -90.57
C PRO G 430 41.60 85.16 -90.20
N ALA G 431 42.11 84.15 -89.48
CA ALA G 431 43.51 84.06 -88.99
C ALA G 431 44.48 84.05 -90.18
N SER G 432 44.21 83.26 -91.22
CA SER G 432 45.09 83.08 -92.42
C SER G 432 45.90 84.35 -92.67
N ASP G 433 45.18 85.45 -92.94
CA ASP G 433 45.72 86.76 -93.40
C ASP G 433 46.66 87.34 -92.35
N LEU G 434 46.28 87.24 -91.06
CA LEU G 434 47.02 87.84 -89.91
C LEU G 434 48.31 87.07 -89.59
N ILE G 435 48.42 85.78 -89.96
CA ILE G 435 49.65 84.97 -89.71
C ILE G 435 50.65 85.30 -90.82
N ASN G 436 50.19 85.37 -92.08
CA ASN G 436 51.00 85.79 -93.25
C ASN G 436 51.70 87.15 -92.99
N LYS G 437 51.07 88.05 -92.23
CA LYS G 437 51.60 89.42 -91.94
C LYS G 437 52.64 89.37 -90.81
N ASP G 438 52.50 88.44 -89.85
CA ASP G 438 53.30 88.38 -88.60
C ASP G 438 54.42 87.33 -88.76
N LEU G 439 54.68 86.90 -89.99
CA LEU G 439 55.88 86.13 -90.39
C LEU G 439 56.82 87.05 -91.18
N VAL G 440 56.26 87.94 -92.01
CA VAL G 440 57.00 89.01 -92.75
C VAL G 440 57.63 89.97 -91.73
N LYS G 441 56.95 90.22 -90.61
CA LYS G 441 57.43 91.11 -89.51
C LYS G 441 58.56 90.44 -88.72
N ASN G 442 58.48 89.12 -88.46
CA ASN G 442 59.53 88.33 -87.77
C ASN G 442 60.57 87.79 -88.77
N ASN G 443 60.53 88.23 -90.04
CA ASN G 443 61.53 87.90 -91.10
C ASN G 443 61.73 86.38 -91.10
N VAL G 444 60.67 85.66 -91.50
CA VAL G 444 60.59 84.17 -91.53
C VAL G 444 59.96 83.74 -92.86
N SER G 445 60.80 83.21 -93.74
CA SER G 445 60.44 82.63 -95.06
C SER G 445 61.23 81.34 -95.24
N PHE G 446 60.57 80.30 -95.76
CA PHE G 446 61.20 79.05 -96.26
C PHE G 446 61.37 79.21 -97.78
N ASN G 447 62.57 78.95 -98.30
CA ASN G 447 62.92 79.13 -99.73
C ASN G 447 63.32 77.79 -100.34
N ALA G 448 62.85 77.52 -101.57
CA ALA G 448 63.00 76.25 -102.34
C ALA G 448 64.44 75.72 -102.26
N LYS G 449 65.44 76.57 -102.54
CA LYS G 449 66.88 76.18 -102.65
C LYS G 449 67.46 75.75 -101.28
N ASP G 450 66.88 76.16 -100.15
CA ASP G 450 67.39 75.83 -98.79
C ASP G 450 66.93 74.43 -98.36
N ILE G 451 65.75 73.97 -98.82
CA ILE G 451 65.12 72.69 -98.35
C ILE G 451 65.52 71.57 -99.31
N GLN G 452 66.26 70.59 -98.78
CA GLN G 452 67.20 69.71 -99.55
C GLN G 452 66.72 68.25 -99.57
N ILE G 453 65.50 67.99 -99.12
CA ILE G 453 64.70 66.77 -99.44
C ILE G 453 63.32 67.21 -99.87
N PRO G 454 62.54 66.38 -100.59
CA PRO G 454 61.14 66.67 -100.83
C PRO G 454 60.33 66.70 -99.52
N VAL G 455 59.47 67.70 -99.37
CA VAL G 455 58.49 67.85 -98.26
C VAL G 455 57.09 67.74 -98.87
N TYR G 456 56.27 66.80 -98.41
CA TYR G 456 55.00 66.40 -99.06
C TYR G 456 53.84 67.20 -98.45
N ASP G 457 53.39 68.22 -99.19
CA ASP G 457 52.10 68.96 -99.04
C ASP G 457 50.99 67.98 -98.68
N THR G 458 50.14 68.33 -97.72
CA THR G 458 49.29 67.38 -96.99
C THR G 458 47.88 67.38 -97.61
N PHE G 459 47.66 68.14 -98.68
CA PHE G 459 46.38 68.23 -99.44
C PHE G 459 46.51 67.56 -100.80
N ASP G 460 47.44 68.06 -101.62
CA ASP G 460 47.74 67.55 -102.99
C ASP G 460 48.50 66.23 -102.88
N GLY G 461 49.53 66.20 -102.04
CA GLY G 461 50.53 65.12 -101.95
C GLY G 461 51.82 65.50 -102.66
N SER G 462 51.81 66.60 -103.44
CA SER G 462 52.95 67.10 -104.25
C SER G 462 54.10 67.56 -103.35
N ASP G 463 55.21 67.96 -103.96
CA ASP G 463 56.40 68.52 -103.27
C ASP G 463 56.21 70.04 -103.09
N LEU G 464 56.52 70.57 -101.90
CA LEU G 464 56.48 72.03 -101.59
C LEU G 464 57.59 72.77 -102.36
N ARG G 465 58.77 72.15 -102.48
CA ARG G 465 59.96 72.71 -103.18
C ARG G 465 59.59 73.24 -104.59
N VAL G 466 58.58 72.63 -105.22
CA VAL G 466 57.96 73.09 -106.50
C VAL G 466 56.72 73.96 -106.19
N LEU G 467 56.89 75.28 -106.10
CA LEU G 467 55.77 76.27 -105.92
C LEU G 467 56.17 77.62 -106.53
N SER G 468 55.20 78.32 -107.11
CA SER G 468 55.33 79.74 -107.54
C SER G 468 55.31 80.65 -106.30
N GLY G 469 54.25 80.54 -105.48
CA GLY G 469 54.02 81.40 -104.29
C GLY G 469 54.88 81.01 -103.09
N SER G 470 54.68 81.73 -101.99
CA SER G 470 55.39 81.56 -100.69
C SER G 470 55.11 80.17 -100.14
N ILE G 471 56.16 79.48 -99.69
CA ILE G 471 56.08 78.13 -99.08
C ILE G 471 55.43 78.28 -97.70
N SER G 472 55.76 79.35 -96.97
CA SER G 472 55.24 79.63 -95.60
C SER G 472 53.72 79.84 -95.66
N GLU G 473 53.24 80.62 -96.64
CA GLU G 473 51.80 80.93 -96.85
C GLU G 473 51.01 79.62 -97.11
N ARG G 474 51.59 78.70 -97.89
CA ARG G 474 50.95 77.41 -98.25
C ARG G 474 50.83 76.50 -97.02
N ILE G 475 51.89 76.41 -96.22
CA ILE G 475 51.98 75.58 -94.98
C ILE G 475 50.98 76.10 -93.94
N VAL G 476 50.63 77.39 -94.00
CA VAL G 476 49.55 77.98 -93.16
C VAL G 476 48.18 77.55 -93.72
N ASP G 477 47.92 77.74 -95.02
CA ASP G 477 46.67 77.28 -95.68
C ASP G 477 46.41 75.83 -95.27
N CYS G 478 47.43 74.97 -95.33
CA CYS G 478 47.31 73.50 -95.16
C CYS G 478 46.89 73.13 -93.73
N ILE G 479 47.17 73.97 -92.74
CA ILE G 479 46.84 73.73 -91.29
C ILE G 479 45.52 74.44 -90.94
N ILE G 480 45.31 75.65 -91.48
CA ILE G 480 44.15 76.54 -91.19
C ILE G 480 42.96 76.11 -92.05
N ARG G 481 43.10 76.21 -93.37
CA ARG G 481 41.97 76.23 -94.34
C ARG G 481 41.72 74.82 -94.86
N LEU G 482 42.68 74.26 -95.61
CA LEU G 482 42.54 73.05 -96.47
C LEU G 482 42.42 71.80 -95.60
N PRO G 483 41.70 70.77 -96.10
CA PRO G 483 41.66 69.47 -95.42
C PRO G 483 42.97 68.68 -95.57
N VAL G 484 43.05 67.50 -94.96
CA VAL G 484 44.24 66.61 -94.98
C VAL G 484 43.85 65.27 -95.60
N LYS G 485 44.11 65.13 -96.90
CA LYS G 485 44.01 63.83 -97.56
C LYS G 485 45.34 63.10 -97.32
N TRP G 486 45.38 62.32 -96.24
CA TRP G 486 46.59 61.59 -95.75
C TRP G 486 46.98 60.46 -96.69
N GLU G 487 46.03 59.83 -97.40
CA GLU G 487 46.33 58.75 -98.37
C GLU G 487 47.11 59.34 -99.55
N THR G 488 46.62 60.40 -100.18
CA THR G 488 47.31 61.05 -101.34
C THR G 488 48.65 61.66 -100.91
N THR G 489 48.78 62.06 -99.65
CA THR G 489 50.04 62.59 -99.04
C THR G 489 51.08 61.47 -99.00
N THR G 490 50.71 60.35 -98.39
CA THR G 490 51.62 59.26 -97.97
C THR G 490 51.60 58.21 -99.09
N GLN G 491 51.70 58.69 -100.34
CA GLN G 491 51.59 57.94 -101.62
C GLN G 491 52.99 57.76 -102.23
N PHE G 492 54.00 58.35 -101.60
CA PHE G 492 55.45 58.06 -101.80
C PHE G 492 55.68 56.57 -101.53
N LYS G 493 56.71 55.97 -102.15
CA LYS G 493 57.13 54.56 -101.85
C LYS G 493 58.45 54.60 -101.09
N ALA G 494 58.62 53.64 -100.19
CA ALA G 494 59.56 53.73 -99.05
C ALA G 494 59.48 52.43 -98.25
N THR G 495 60.61 51.86 -97.87
CA THR G 495 60.65 50.59 -97.10
C THR G 495 60.37 50.89 -95.63
N HIS G 496 60.78 52.08 -95.17
CA HIS G 496 60.69 52.47 -93.73
C HIS G 496 60.09 53.87 -93.60
N ILE G 497 59.50 54.13 -92.44
CA ILE G 497 58.87 55.42 -92.05
C ILE G 497 59.19 55.68 -90.59
N LEU G 498 59.76 56.84 -90.27
CA LEU G 498 60.11 57.27 -88.89
C LEU G 498 59.03 58.25 -88.39
N ASP G 499 58.31 57.88 -87.33
CA ASP G 499 57.31 58.75 -86.68
C ASP G 499 57.96 59.40 -85.45
N PHE G 500 58.36 60.67 -85.57
CA PHE G 500 58.91 61.48 -84.46
C PHE G 500 57.78 62.05 -83.61
N GLY G 501 56.54 62.01 -84.13
CA GLY G 501 55.37 62.71 -83.58
C GLY G 501 55.16 62.41 -82.11
N PRO G 502 54.24 63.15 -81.46
CA PRO G 502 53.81 62.81 -80.10
C PRO G 502 52.81 61.64 -80.15
N GLY G 503 52.71 60.90 -79.04
CA GLY G 503 51.72 59.82 -78.82
C GLY G 503 52.36 58.44 -78.78
N GLY G 504 53.38 58.20 -79.61
CA GLY G 504 54.04 56.90 -79.72
C GLY G 504 53.14 55.88 -80.40
N ALA G 505 52.76 54.84 -79.66
CA ALA G 505 51.82 53.78 -80.11
C ALA G 505 50.50 54.41 -80.57
N SER G 506 50.00 55.38 -79.80
CA SER G 506 48.72 56.09 -80.06
C SER G 506 48.87 57.08 -81.22
N GLY G 507 50.11 57.37 -81.64
CA GLY G 507 50.41 58.45 -82.59
C GLY G 507 50.06 58.11 -84.02
N LEU G 508 50.58 58.91 -84.92
CA LEU G 508 50.31 58.91 -86.38
C LEU G 508 51.05 57.76 -87.06
N GLY G 509 52.12 57.26 -86.42
CA GLY G 509 52.90 56.12 -86.94
C GLY G 509 52.00 54.92 -87.13
N VAL G 510 51.39 54.45 -86.04
CA VAL G 510 50.52 53.25 -86.04
C VAL G 510 49.30 53.47 -86.95
N LEU G 511 48.73 54.68 -86.99
CA LEU G 511 47.63 55.00 -87.93
C LEU G 511 48.09 54.79 -89.36
N THR G 512 49.29 55.25 -89.71
CA THR G 512 49.85 55.11 -91.09
C THR G 512 50.11 53.62 -91.34
N HIS G 513 50.65 52.89 -90.37
CA HIS G 513 50.89 51.43 -90.48
C HIS G 513 49.63 50.71 -91.01
N ARG G 514 48.50 50.92 -90.34
CA ARG G 514 47.20 50.26 -90.64
C ARG G 514 46.71 50.68 -92.02
N ASN G 515 46.98 51.91 -92.46
CA ASN G 515 46.58 52.38 -93.81
C ASN G 515 47.33 51.56 -94.85
N LYS G 516 48.56 51.11 -94.55
CA LYS G 516 49.40 50.46 -95.60
C LYS G 516 50.14 49.25 -95.03
N ASP G 517 49.41 48.44 -94.26
CA ASP G 517 49.72 47.01 -94.05
C ASP G 517 49.61 46.29 -95.39
N GLY G 518 50.67 45.62 -95.81
CA GLY G 518 50.72 44.78 -97.03
C GLY G 518 51.14 45.52 -98.28
N THR G 519 51.87 46.63 -98.17
CA THR G 519 52.51 47.37 -99.31
C THR G 519 54.04 47.23 -99.27
N GLY G 520 54.60 46.79 -98.14
CA GLY G 520 56.04 46.50 -97.98
C GLY G 520 56.75 47.64 -97.27
N VAL G 521 56.10 48.19 -96.25
CA VAL G 521 56.52 49.44 -95.54
C VAL G 521 56.52 49.15 -94.04
N ARG G 522 57.61 49.46 -93.37
CA ARG G 522 57.77 49.26 -91.92
C ARG G 522 57.68 50.66 -91.28
N VAL G 523 56.81 50.84 -90.31
CA VAL G 523 56.79 52.09 -89.54
C VAL G 523 57.65 51.85 -88.31
N ILE G 524 58.46 52.85 -87.95
CA ILE G 524 59.21 52.89 -86.67
C ILE G 524 58.73 54.10 -85.88
N VAL G 525 58.23 53.86 -84.69
CA VAL G 525 57.80 54.91 -83.75
C VAL G 525 59.06 55.41 -83.07
N ALA G 526 59.65 56.48 -83.61
CA ALA G 526 60.98 57.00 -83.22
C ALA G 526 60.97 57.62 -81.81
N GLY G 527 59.79 57.80 -81.22
CA GLY G 527 59.60 58.57 -79.98
C GLY G 527 59.57 57.73 -78.72
N THR G 528 59.22 56.44 -78.80
CA THR G 528 58.99 55.58 -77.61
C THR G 528 59.84 54.31 -77.72
N LEU G 529 60.31 53.82 -76.57
CA LEU G 529 60.90 52.46 -76.45
C LEU G 529 59.85 51.59 -75.75
N ASP G 530 59.36 50.57 -76.47
CA ASP G 530 58.52 49.47 -75.93
C ASP G 530 58.79 48.22 -76.78
N ILE G 531 57.96 47.18 -76.64
CA ILE G 531 58.06 45.92 -77.44
C ILE G 531 56.70 45.58 -78.03
N ASN G 532 56.65 45.49 -79.36
CA ASN G 532 55.46 45.04 -80.12
C ASN G 532 55.42 43.52 -80.08
N PRO G 533 54.41 42.88 -79.45
CA PRO G 533 54.28 41.42 -79.52
C PRO G 533 54.12 40.92 -80.97
N ASP G 534 53.16 41.48 -81.72
CA ASP G 534 52.89 41.16 -83.16
C ASP G 534 54.17 41.38 -84.01
N ASP G 535 54.99 42.37 -83.66
CA ASP G 535 56.17 42.84 -84.44
C ASP G 535 55.73 43.30 -85.84
N ASP G 536 54.57 43.97 -85.94
CA ASP G 536 54.04 44.63 -87.16
C ASP G 536 54.87 45.87 -87.51
N TYR G 537 55.14 46.70 -86.50
CA TYR G 537 55.84 48.01 -86.60
C TYR G 537 56.89 48.07 -85.48
N GLY G 538 57.90 48.92 -85.65
CA GLY G 538 59.07 49.03 -84.75
C GLY G 538 58.92 50.09 -83.68
N PHE G 539 59.80 50.04 -82.67
CA PHE G 539 60.04 51.13 -81.70
C PHE G 539 61.47 51.68 -81.89
N LYS G 540 61.88 52.67 -81.07
CA LYS G 540 63.21 53.39 -81.15
C LYS G 540 64.37 52.43 -81.46
N GLN G 541 64.48 51.30 -80.74
CA GLN G 541 65.57 50.30 -80.90
C GLN G 541 65.98 50.18 -82.38
N GLU G 542 65.03 49.84 -83.25
CA GLU G 542 65.25 49.54 -84.68
C GLU G 542 66.14 50.60 -85.33
N ILE G 543 66.08 51.84 -84.85
CA ILE G 543 66.94 52.94 -85.36
C ILE G 543 68.38 52.59 -85.00
N PHE G 544 68.64 52.32 -83.73
CA PHE G 544 69.99 52.28 -83.12
C PHE G 544 70.65 50.90 -83.30
N ASP G 545 69.87 49.82 -83.24
CA ASP G 545 70.36 48.42 -83.24
C ASP G 545 71.32 48.21 -84.42
N VAL G 546 72.39 47.44 -84.17
CA VAL G 546 73.61 47.26 -85.02
C VAL G 546 73.55 45.90 -85.73
N THR G 547 72.91 44.90 -85.11
CA THR G 547 72.67 43.53 -85.63
C THR G 547 71.67 43.60 -86.80
N SER G 548 71.22 42.45 -87.34
CA SER G 548 70.19 42.38 -88.42
C SER G 548 68.79 42.67 -87.87
N ASN G 549 68.62 42.83 -86.55
CA ASN G 549 67.34 43.19 -85.88
C ASN G 549 67.01 44.68 -85.97
N GLY G 550 67.74 45.46 -86.79
CA GLY G 550 67.41 46.86 -87.12
C GLY G 550 66.79 46.98 -88.50
N LEU G 551 67.32 46.22 -89.46
CA LEU G 551 66.74 46.09 -90.83
C LEU G 551 65.80 44.89 -90.84
N LYS G 552 64.52 45.14 -90.57
CA LYS G 552 63.38 44.22 -90.81
C LYS G 552 62.50 44.83 -91.88
N LYS G 553 62.00 44.02 -92.81
CA LYS G 553 61.03 44.47 -93.84
C LYS G 553 59.66 43.85 -93.56
N ASN G 554 58.60 44.53 -93.96
CA ASN G 554 57.19 44.07 -93.85
C ASN G 554 56.76 43.51 -95.20
N PRO G 555 55.80 42.55 -95.22
CA PRO G 555 55.43 41.83 -96.43
C PRO G 555 54.81 42.74 -97.49
N ASN G 556 55.04 42.45 -98.77
CA ASN G 556 54.41 43.15 -99.92
C ASN G 556 53.53 42.15 -100.67
N TRP G 557 52.35 41.86 -100.11
CA TRP G 557 51.43 40.80 -100.59
C TRP G 557 51.39 40.70 -102.12
N LEU G 558 51.42 41.81 -102.86
CA LEU G 558 51.36 41.82 -104.35
C LEU G 558 52.59 41.13 -104.92
N GLU G 559 53.74 41.15 -104.22
CA GLU G 559 55.01 40.53 -104.67
C GLU G 559 55.22 39.15 -104.06
N GLU G 560 54.84 38.93 -102.80
CA GLU G 560 54.93 37.61 -102.14
C GLU G 560 54.10 36.57 -102.91
N TYR G 561 52.89 36.97 -103.29
CA TYR G 561 51.80 36.09 -103.75
C TYR G 561 51.38 36.44 -105.17
N HIS G 562 52.20 37.19 -105.89
CA HIS G 562 52.05 37.45 -107.34
C HIS G 562 51.79 36.13 -108.05
N PRO G 563 50.69 35.94 -108.81
CA PRO G 563 50.54 34.76 -109.66
C PRO G 563 51.52 34.78 -110.85
N LYS G 564 52.17 33.65 -111.12
CA LYS G 564 53.16 33.46 -112.20
C LYS G 564 52.64 32.43 -113.19
N LEU G 565 53.37 32.21 -114.28
CA LEU G 565 53.21 31.04 -115.16
C LEU G 565 54.50 30.22 -115.09
N ILE G 566 54.46 29.01 -115.63
CA ILE G 566 55.55 27.99 -115.56
C ILE G 566 55.14 26.80 -116.43
N LYS G 567 56.13 26.11 -117.02
CA LYS G 567 55.94 25.04 -118.03
C LYS G 567 56.54 23.70 -117.54
N ASN G 568 55.95 22.60 -118.02
CA ASN G 568 56.50 21.21 -118.02
C ASN G 568 57.61 21.07 -119.07
N LYS G 569 58.39 19.99 -118.95
CA LYS G 569 59.16 19.35 -120.04
C LYS G 569 58.27 19.09 -121.27
N SER G 570 57.02 18.67 -121.05
CA SER G 570 55.95 18.49 -122.08
C SER G 570 55.60 19.81 -122.74
N GLY G 571 55.73 20.93 -122.00
CA GLY G 571 55.34 22.27 -122.46
C GLY G 571 53.83 22.45 -122.31
N LYS G 572 53.38 22.51 -121.06
CA LYS G 572 51.96 22.68 -120.66
C LYS G 572 51.94 23.69 -119.51
N ILE G 573 51.29 24.83 -119.72
CA ILE G 573 51.42 26.03 -118.84
C ILE G 573 50.46 25.86 -117.66
N PHE G 574 50.90 26.37 -116.51
CA PHE G 574 50.18 26.34 -115.22
C PHE G 574 50.20 27.74 -114.61
N VAL G 575 49.07 28.20 -114.12
CA VAL G 575 49.05 29.29 -113.13
C VAL G 575 49.76 28.77 -111.87
N GLU G 576 50.93 29.32 -111.56
CA GLU G 576 51.73 28.93 -110.37
C GLU G 576 51.24 29.77 -109.18
N THR G 577 50.78 29.11 -108.12
CA THR G 577 50.42 29.75 -106.82
C THR G 577 50.82 28.85 -105.67
N LYS G 578 50.77 29.39 -104.46
CA LYS G 578 51.04 28.64 -103.23
C LYS G 578 50.37 27.27 -103.35
N PHE G 579 49.13 27.23 -103.80
CA PHE G 579 48.27 26.01 -103.78
C PHE G 579 48.61 25.11 -104.94
N SER G 580 48.75 25.60 -106.17
CA SER G 580 49.03 24.76 -107.37
C SER G 580 50.44 24.15 -107.27
N LYS G 581 51.38 24.86 -106.65
CA LYS G 581 52.76 24.39 -106.42
C LYS G 581 52.76 23.14 -105.55
N LEU G 582 51.79 23.00 -104.64
CA LEU G 582 51.71 21.84 -103.73
C LEU G 582 51.14 20.65 -104.47
N ILE G 583 50.13 20.85 -105.30
CA ILE G 583 49.33 19.73 -105.89
C ILE G 583 49.76 19.43 -107.34
N GLY G 584 50.52 20.29 -107.99
CA GLY G 584 50.98 19.99 -109.36
C GLY G 584 49.89 20.07 -110.40
N ARG G 585 48.74 20.59 -110.04
CA ARG G 585 47.56 20.74 -110.91
C ARG G 585 47.11 22.18 -110.81
N PRO G 586 46.34 22.71 -111.79
CA PRO G 586 45.80 24.07 -111.75
C PRO G 586 45.08 24.43 -110.45
N PRO G 587 45.08 25.71 -110.05
CA PRO G 587 44.57 26.08 -108.73
C PRO G 587 43.05 26.22 -108.69
N LEU G 588 42.34 25.24 -109.27
CA LEU G 588 40.87 25.18 -109.40
C LEU G 588 40.37 23.89 -108.77
N LEU G 589 39.51 23.93 -107.75
CA LEU G 589 38.89 22.71 -107.19
C LEU G 589 37.38 22.79 -107.26
N VAL G 590 36.76 21.76 -107.87
CA VAL G 590 35.32 21.41 -107.71
C VAL G 590 35.18 20.89 -106.30
N PRO G 591 34.42 21.54 -105.40
CA PRO G 591 34.36 21.11 -104.01
C PRO G 591 33.33 20.00 -103.73
N GLY G 592 33.25 19.54 -102.49
CA GLY G 592 32.31 18.49 -102.06
C GLY G 592 30.89 19.00 -102.09
N MET G 593 30.08 18.53 -103.03
CA MET G 593 28.63 18.84 -103.12
C MET G 593 27.85 17.53 -102.95
N THR G 594 26.82 17.48 -102.09
CA THR G 594 26.18 16.22 -101.63
C THR G 594 25.58 15.42 -102.77
N PRO G 595 24.64 15.96 -103.57
CA PRO G 595 24.19 15.21 -104.72
C PRO G 595 25.33 15.10 -105.75
N CYS G 596 26.08 16.17 -106.03
CA CYS G 596 26.78 16.36 -107.34
C CYS G 596 28.08 15.59 -107.44
N THR G 597 28.87 15.57 -106.36
CA THR G 597 30.21 14.89 -106.28
C THR G 597 30.09 13.65 -105.39
N VAL G 598 28.88 13.13 -105.24
CA VAL G 598 28.64 11.82 -104.56
C VAL G 598 28.97 10.72 -105.57
N SER G 599 28.72 10.99 -106.85
CA SER G 599 28.91 10.01 -107.93
C SER G 599 30.41 9.78 -108.06
N PRO G 600 30.91 8.54 -107.95
CA PRO G 600 32.28 8.26 -108.37
C PRO G 600 32.54 8.38 -109.90
N ASP G 601 31.49 8.46 -110.72
CA ASP G 601 31.65 8.62 -112.19
C ASP G 601 31.96 10.09 -112.51
N PHE G 602 31.53 11.01 -111.66
CA PHE G 602 31.85 12.46 -111.79
C PHE G 602 33.23 12.72 -111.21
N VAL G 603 33.50 12.23 -109.99
CA VAL G 603 34.82 12.37 -109.33
C VAL G 603 35.91 11.90 -110.28
N ALA G 604 35.70 10.79 -110.96
CA ALA G 604 36.70 10.19 -111.88
C ALA G 604 36.91 11.10 -113.09
N ALA G 605 35.85 11.56 -113.71
CA ALA G 605 35.89 12.40 -114.95
C ALA G 605 36.64 13.71 -114.69
N THR G 606 36.36 14.37 -113.57
CA THR G 606 36.99 15.64 -113.12
C THR G 606 38.48 15.41 -112.77
N THR G 607 38.80 14.30 -112.11
CA THR G 607 40.20 13.93 -111.78
C THR G 607 40.97 13.61 -113.06
N ASN G 608 40.34 12.83 -113.96
CA ASN G 608 40.94 12.46 -115.27
C ASN G 608 41.32 13.74 -115.98
N ALA G 609 40.38 14.67 -116.07
CA ALA G 609 40.49 15.96 -116.82
C ALA G 609 41.79 16.65 -116.42
N GLY G 610 41.99 16.82 -115.12
CA GLY G 610 43.23 17.34 -114.49
C GLY G 610 42.94 18.39 -113.45
N TYR G 611 41.93 18.20 -112.60
CA TYR G 611 41.40 19.19 -111.64
C TYR G 611 40.99 18.46 -110.36
N THR G 612 41.15 19.11 -109.22
CA THR G 612 41.03 18.54 -107.84
C THR G 612 39.55 18.50 -107.51
N ILE G 613 39.10 17.49 -106.79
CA ILE G 613 37.64 17.27 -106.52
C ILE G 613 37.50 16.46 -105.23
N GLU G 614 36.48 16.78 -104.44
CA GLU G 614 36.16 16.09 -103.17
C GLU G 614 35.04 15.08 -103.46
N LEU G 615 35.19 13.82 -103.04
CA LEU G 615 34.07 12.87 -102.91
C LEU G 615 33.27 13.30 -101.69
N ALA G 616 31.95 13.22 -101.74
CA ALA G 616 31.05 13.82 -100.72
C ALA G 616 30.58 12.76 -99.75
N GLY G 617 31.05 12.81 -98.50
CA GLY G 617 30.57 11.95 -97.40
C GLY G 617 29.04 12.01 -97.28
N GLY G 618 28.48 13.20 -97.44
CA GLY G 618 27.06 13.51 -97.20
C GLY G 618 26.09 12.62 -97.95
N GLY G 619 26.51 11.93 -99.02
CA GLY G 619 25.61 10.99 -99.72
C GLY G 619 25.90 9.53 -99.41
N TYR G 620 26.65 9.24 -98.35
CA TYR G 620 27.07 7.89 -97.92
C TYR G 620 26.71 7.73 -96.45
N PHE G 621 26.35 6.51 -96.02
CA PHE G 621 25.70 6.23 -94.71
C PHE G 621 26.46 5.20 -93.86
N SER G 622 27.67 4.82 -94.27
CA SER G 622 28.43 3.68 -93.69
C SER G 622 29.80 3.53 -94.38
N ALA G 623 30.82 3.05 -93.68
CA ALA G 623 32.15 2.77 -94.26
C ALA G 623 32.00 1.87 -95.49
N ALA G 624 31.21 0.81 -95.36
CA ALA G 624 31.02 -0.19 -96.43
C ALA G 624 30.60 0.54 -97.69
N GLY G 625 29.59 1.41 -97.57
CA GLY G 625 28.97 2.13 -98.70
C GLY G 625 29.95 3.08 -99.37
N MET G 626 30.69 3.84 -98.56
CA MET G 626 31.72 4.78 -99.03
C MET G 626 32.89 4.00 -99.63
N THR G 627 33.47 3.04 -98.91
CA THR G 627 34.56 2.16 -99.45
C THR G 627 34.23 1.65 -100.87
N ALA G 628 33.00 1.21 -101.13
CA ALA G 628 32.56 0.76 -102.46
C ALA G 628 32.68 1.89 -103.47
N ALA G 629 32.40 3.12 -103.03
CA ALA G 629 32.42 4.37 -103.84
C ALA G 629 33.87 4.73 -104.18
N ILE G 630 34.70 4.89 -103.14
CA ILE G 630 36.16 5.17 -103.24
C ILE G 630 36.82 4.13 -104.14
N ASP G 631 36.43 2.85 -104.04
CA ASP G 631 37.01 1.76 -104.87
C ASP G 631 36.60 1.96 -106.33
N SER G 632 35.35 2.35 -106.57
CA SER G 632 34.83 2.65 -107.93
C SER G 632 35.58 3.84 -108.55
N VAL G 633 36.01 4.83 -107.73
CA VAL G 633 36.84 5.99 -108.18
C VAL G 633 38.22 5.45 -108.58
N VAL G 634 38.96 4.86 -107.64
CA VAL G 634 40.33 4.28 -107.86
C VAL G 634 40.37 3.41 -109.12
N SER G 635 39.30 2.67 -109.43
CA SER G 635 39.21 1.79 -110.63
C SER G 635 39.20 2.60 -111.93
N GLN G 636 38.79 3.88 -111.90
CA GLN G 636 38.47 4.68 -113.12
C GLN G 636 39.56 5.72 -113.40
N ILE G 637 40.16 6.30 -112.36
CA ILE G 637 41.24 7.34 -112.47
C ILE G 637 42.51 6.67 -112.98
N GLU G 638 43.48 7.48 -113.44
CA GLU G 638 44.80 7.01 -113.94
C GLU G 638 45.76 6.77 -112.78
N LYS G 639 46.63 5.76 -112.93
CA LYS G 639 47.83 5.54 -112.08
C LYS G 639 48.46 6.89 -111.74
N GLY G 640 48.53 7.23 -110.45
CA GLY G 640 49.19 8.47 -109.97
C GLY G 640 48.20 9.53 -109.56
N SER G 641 46.98 9.52 -110.12
CA SER G 641 45.90 10.48 -109.77
C SER G 641 45.59 10.40 -108.27
N THR G 642 44.98 11.46 -107.75
CA THR G 642 44.41 11.52 -106.39
C THR G 642 43.01 12.10 -106.44
N PHE G 643 42.40 12.29 -105.28
CA PHE G 643 41.15 13.04 -105.06
C PHE G 643 41.01 13.24 -103.56
N GLY G 644 39.94 13.89 -103.09
CA GLY G 644 39.77 14.11 -101.64
C GLY G 644 38.39 13.70 -101.18
N ILE G 645 38.05 14.13 -99.97
CA ILE G 645 36.83 13.69 -99.23
C ILE G 645 36.33 14.87 -98.39
N ASN G 646 35.04 15.19 -98.54
CA ASN G 646 34.30 16.19 -97.74
C ASN G 646 33.55 15.41 -96.66
N LEU G 647 33.60 15.86 -95.41
CA LEU G 647 32.87 15.26 -94.28
C LEU G 647 32.18 16.41 -93.54
N ILE G 648 30.88 16.31 -93.37
CA ILE G 648 30.08 17.40 -92.79
C ILE G 648 30.30 17.34 -91.28
N TYR G 649 30.77 18.44 -90.66
CA TYR G 649 31.24 18.49 -89.26
C TYR G 649 30.06 18.40 -88.28
N VAL G 650 28.92 18.88 -88.75
CA VAL G 650 27.65 18.96 -87.98
C VAL G 650 26.89 17.63 -88.07
N ASN G 651 27.53 16.55 -88.53
CA ASN G 651 26.95 15.17 -88.67
C ASN G 651 27.88 14.22 -87.93
N PRO G 652 27.66 14.04 -86.61
CA PRO G 652 28.60 13.33 -85.76
C PRO G 652 28.78 11.87 -86.13
N PHE G 653 27.78 11.31 -86.80
CA PHE G 653 27.77 9.88 -87.21
C PHE G 653 28.77 9.68 -88.36
N MET G 654 28.69 10.49 -89.41
CA MET G 654 29.64 10.40 -90.56
C MET G 654 31.10 10.57 -90.10
N LEU G 655 31.35 11.48 -89.17
CA LEU G 655 32.68 11.66 -88.51
C LEU G 655 33.09 10.39 -87.78
N GLN G 656 32.15 9.68 -87.17
CA GLN G 656 32.49 8.52 -86.29
C GLN G 656 32.93 7.33 -87.15
N TRP G 657 32.35 7.12 -88.34
CA TRP G 657 32.74 5.99 -89.22
C TRP G 657 33.76 6.42 -90.26
N GLY G 658 33.82 7.71 -90.59
CA GLY G 658 34.49 8.23 -91.80
C GLY G 658 35.92 8.63 -91.52
N ILE G 659 36.20 9.23 -90.38
CA ILE G 659 37.59 9.52 -89.95
C ILE G 659 38.36 8.20 -89.85
N PRO G 660 37.92 7.20 -89.05
CA PRO G 660 38.57 5.88 -89.06
C PRO G 660 38.74 5.23 -90.43
N LEU G 661 37.79 5.43 -91.34
CA LEU G 661 37.81 4.87 -92.72
C LEU G 661 38.96 5.48 -93.52
N ILE G 662 39.27 6.75 -93.29
CA ILE G 662 40.35 7.45 -94.04
C ILE G 662 41.67 6.90 -93.51
N LYS G 663 41.88 7.04 -92.20
CA LYS G 663 43.04 6.51 -91.46
C LYS G 663 43.35 5.09 -91.93
N GLU G 664 42.32 4.26 -92.15
CA GLU G 664 42.49 2.85 -92.61
C GLU G 664 42.97 2.82 -94.06
N LEU G 665 42.25 3.48 -94.95
CA LEU G 665 42.50 3.48 -96.42
C LEU G 665 43.81 4.20 -96.72
N ARG G 666 44.17 5.17 -95.90
CA ARG G 666 45.39 5.99 -96.07
C ARG G 666 46.61 5.19 -95.59
N SER G 667 46.44 4.32 -94.59
CA SER G 667 47.46 3.34 -94.12
C SER G 667 47.63 2.17 -95.10
N LYS G 668 46.68 1.93 -96.02
CA LYS G 668 46.84 0.92 -97.12
C LYS G 668 47.34 1.60 -98.39
N GLY G 669 47.60 2.90 -98.30
CA GLY G 669 48.06 3.75 -99.42
C GLY G 669 47.02 3.96 -100.50
N TYR G 670 45.76 4.24 -100.15
CA TYR G 670 44.74 4.69 -101.14
C TYR G 670 45.07 6.14 -101.51
N PRO G 671 44.85 6.55 -102.78
CA PRO G 671 45.23 7.88 -103.24
C PRO G 671 44.28 9.00 -102.79
N ILE G 672 44.18 9.21 -101.48
CA ILE G 672 43.34 10.28 -100.87
C ILE G 672 44.30 11.39 -100.46
N GLN G 673 44.36 12.42 -101.30
CA GLN G 673 45.35 13.52 -101.18
C GLN G 673 44.99 14.39 -99.98
N PHE G 674 43.71 14.57 -99.68
CA PHE G 674 43.28 15.56 -98.67
C PHE G 674 41.85 15.30 -98.19
N LEU G 675 41.48 15.98 -97.13
CA LEU G 675 40.18 15.87 -96.44
C LEU G 675 39.73 17.28 -96.14
N THR G 676 38.63 17.69 -96.74
CA THR G 676 37.93 18.95 -96.42
C THR G 676 36.86 18.67 -95.39
N ILE G 677 36.92 19.34 -94.24
CA ILE G 677 35.81 19.30 -93.25
C ILE G 677 34.91 20.50 -93.52
N GLY G 678 33.71 20.22 -94.05
CA GLY G 678 32.64 21.18 -94.33
C GLY G 678 31.74 21.44 -93.13
N ALA G 679 30.91 22.46 -93.21
CA ALA G 679 29.79 22.76 -92.29
C ALA G 679 30.26 23.14 -90.89
N GLY G 680 31.52 23.54 -90.72
CA GLY G 680 32.12 23.80 -89.41
C GLY G 680 33.62 23.81 -89.47
N VAL G 681 34.26 24.26 -88.40
CA VAL G 681 35.73 24.10 -88.19
C VAL G 681 35.91 23.33 -86.89
N PRO G 682 36.65 22.20 -86.90
CA PRO G 682 36.90 21.44 -85.68
C PRO G 682 37.67 22.22 -84.62
N SER G 683 37.71 21.71 -83.40
CA SER G 683 38.48 22.28 -82.26
C SER G 683 39.97 21.99 -82.49
N LEU G 684 40.87 22.65 -81.77
CA LEU G 684 42.33 22.41 -81.91
C LEU G 684 42.62 20.93 -81.66
N GLU G 685 42.09 20.37 -80.57
CA GLU G 685 42.45 18.99 -80.12
C GLU G 685 41.97 17.99 -81.18
N VAL G 686 40.81 18.21 -81.79
CA VAL G 686 40.30 17.32 -82.88
C VAL G 686 41.24 17.48 -84.07
N ALA G 687 41.27 18.66 -84.70
CA ALA G 687 42.04 19.00 -85.93
C ALA G 687 43.48 18.47 -85.81
N SER G 688 44.10 18.61 -84.63
CA SER G 688 45.41 18.03 -84.27
C SER G 688 45.44 16.53 -84.55
N GLU G 689 44.37 15.80 -84.23
CA GLU G 689 44.25 14.33 -84.48
C GLU G 689 44.10 14.07 -85.99
N TYR G 690 43.36 14.89 -86.73
CA TYR G 690 43.22 14.77 -88.21
C TYR G 690 44.58 15.03 -88.86
N ILE G 691 45.31 16.02 -88.34
CA ILE G 691 46.57 16.52 -88.96
C ILE G 691 47.69 15.50 -88.80
N GLU G 692 47.76 14.82 -87.65
CA GLU G 692 48.87 13.89 -87.29
C GLU G 692 48.54 12.47 -87.77
N THR G 693 47.30 12.01 -87.59
CA THR G 693 46.91 10.57 -87.53
C THR G 693 46.52 10.00 -88.90
N LEU G 694 45.86 10.78 -89.75
CA LEU G 694 45.49 10.45 -91.14
C LEU G 694 46.65 10.95 -92.00
N GLY G 695 47.27 10.10 -92.79
CA GLY G 695 48.49 10.49 -93.53
C GLY G 695 48.11 11.35 -94.72
N LEU G 696 47.68 12.59 -94.46
CA LEU G 696 47.13 13.47 -95.51
C LEU G 696 48.18 14.49 -95.93
N LYS G 697 48.08 14.95 -97.17
CA LYS G 697 48.95 16.03 -97.72
C LYS G 697 48.48 17.38 -97.17
N TYR G 698 47.19 17.66 -97.16
CA TYR G 698 46.62 18.91 -96.61
C TYR G 698 45.19 18.73 -96.08
N LEU G 699 44.78 19.61 -95.17
CA LEU G 699 43.42 19.65 -94.59
C LEU G 699 42.69 20.87 -95.12
N GLY G 700 41.53 20.69 -95.73
CA GLY G 700 40.59 21.76 -96.12
C GLY G 700 39.71 22.19 -94.94
N LEU G 701 39.53 23.48 -94.74
CA LEU G 701 38.60 23.98 -93.72
C LEU G 701 37.76 25.10 -94.32
N LYS G 702 36.43 25.06 -94.14
CA LYS G 702 35.47 26.07 -94.68
C LYS G 702 34.87 26.86 -93.51
N PRO G 703 35.52 27.94 -93.04
CA PRO G 703 34.93 28.79 -92.03
C PRO G 703 33.85 29.70 -92.60
N GLY G 704 32.79 29.92 -91.83
CA GLY G 704 31.64 30.74 -92.26
C GLY G 704 31.90 32.20 -92.00
N SER G 705 32.40 32.49 -90.81
CA SER G 705 32.43 33.83 -90.16
C SER G 705 33.88 34.22 -89.89
N ILE G 706 34.12 35.40 -89.28
CA ILE G 706 35.44 35.87 -88.78
C ILE G 706 35.91 34.94 -87.64
N ASP G 707 35.06 34.60 -86.70
CA ASP G 707 35.44 33.80 -85.49
C ASP G 707 35.98 32.44 -85.92
N ALA G 708 35.45 31.91 -87.03
CA ALA G 708 35.88 30.62 -87.61
C ALA G 708 37.23 30.77 -88.33
N ILE G 709 37.43 31.86 -89.08
CA ILE G 709 38.74 32.17 -89.72
C ILE G 709 39.81 32.22 -88.63
N SER G 710 39.52 32.88 -87.51
CA SER G 710 40.38 32.91 -86.29
C SER G 710 40.69 31.50 -85.81
N GLN G 711 39.71 30.61 -85.81
CA GLN G 711 39.88 29.19 -85.36
C GLN G 711 40.80 28.45 -86.33
N VAL G 712 40.74 28.74 -87.63
CA VAL G 712 41.64 28.11 -88.66
C VAL G 712 43.08 28.55 -88.42
N ILE G 713 43.34 29.85 -88.45
CA ILE G 713 44.64 30.48 -88.05
C ILE G 713 45.26 29.76 -86.84
N ASN G 714 44.49 29.56 -85.76
CA ASN G 714 44.96 28.89 -84.52
C ASN G 714 45.37 27.44 -84.80
N ILE G 715 44.73 26.75 -85.75
CA ILE G 715 45.07 25.34 -86.13
C ILE G 715 46.36 25.32 -86.95
N ALA G 716 46.55 26.28 -87.86
CA ALA G 716 47.75 26.45 -88.69
C ALA G 716 48.94 26.99 -87.87
N LYS G 717 48.69 27.57 -86.70
CA LYS G 717 49.76 28.04 -85.77
C LYS G 717 50.30 26.81 -85.04
N ALA G 718 49.39 25.94 -84.61
CA ALA G 718 49.64 24.70 -83.86
C ALA G 718 50.42 23.69 -84.70
N HIS G 719 50.31 23.73 -86.03
CA HIS G 719 50.97 22.78 -86.97
C HIS G 719 51.57 23.57 -88.12
N PRO G 720 52.69 24.29 -87.86
CA PRO G 720 53.15 25.31 -88.78
C PRO G 720 53.71 24.76 -90.09
N ASN G 721 54.01 23.47 -90.15
CA ASN G 721 54.56 22.83 -91.38
C ASN G 721 53.43 22.24 -92.22
N PHE G 722 52.33 21.84 -91.58
CA PHE G 722 51.20 21.16 -92.26
C PHE G 722 50.42 22.15 -93.12
N PRO G 723 50.25 21.89 -94.43
CA PRO G 723 49.44 22.75 -95.27
C PRO G 723 47.94 22.71 -94.95
N ILE G 724 47.27 23.85 -95.08
CA ILE G 724 45.87 24.04 -94.61
C ILE G 724 45.12 24.90 -95.61
N ALA G 725 44.27 24.32 -96.46
CA ALA G 725 43.53 25.05 -97.51
C ALA G 725 42.31 25.71 -96.86
N LEU G 726 42.30 27.03 -96.79
CA LEU G 726 41.24 27.78 -96.07
C LEU G 726 40.28 28.15 -97.17
N GLN G 727 39.16 27.43 -97.28
CA GLN G 727 38.20 27.60 -98.40
C GLN G 727 37.17 28.61 -97.91
N TRP G 728 37.41 29.87 -98.27
CA TRP G 728 36.53 30.99 -97.89
C TRP G 728 35.42 31.08 -98.92
N THR G 729 34.22 31.24 -98.41
CA THR G 729 32.94 31.15 -99.14
C THR G 729 32.04 32.22 -98.53
N GLY G 730 31.36 33.00 -99.34
CA GLY G 730 30.38 33.96 -98.82
C GLY G 730 28.96 33.38 -98.87
N GLY G 731 28.05 34.01 -98.14
CA GLY G 731 26.63 33.63 -98.11
C GLY G 731 26.04 33.51 -99.50
N ARG G 732 26.63 34.13 -100.51
CA ARG G 732 26.07 34.16 -101.89
C ARG G 732 26.25 32.82 -102.58
N GLY G 733 26.84 31.83 -101.88
CA GLY G 733 27.13 30.52 -102.46
C GLY G 733 25.92 29.63 -102.45
N GLY G 734 25.81 28.75 -103.45
CA GLY G 734 24.79 27.70 -103.52
C GLY G 734 24.93 26.69 -102.40
N GLY G 735 23.82 26.07 -102.02
CA GLY G 735 23.78 25.04 -100.96
C GLY G 735 23.53 25.68 -99.62
N HIS G 736 23.96 25.03 -98.54
CA HIS G 736 23.92 25.61 -97.17
C HIS G 736 24.83 26.82 -97.16
N HIS G 737 24.36 27.98 -96.73
CA HIS G 737 25.16 29.22 -96.76
C HIS G 737 25.06 30.03 -95.46
N SER G 738 26.05 30.89 -95.27
CA SER G 738 26.15 31.84 -94.14
C SER G 738 25.37 33.10 -94.48
N PHE G 739 25.33 34.04 -93.54
CA PHE G 739 24.75 35.38 -93.74
C PHE G 739 25.83 36.42 -94.06
N GLU G 740 27.02 35.98 -94.49
CA GLU G 740 28.23 36.80 -94.59
C GLU G 740 28.43 37.31 -96.02
N ASP G 741 28.96 38.54 -96.12
CA ASP G 741 29.50 39.14 -97.38
C ASP G 741 30.75 38.37 -97.79
N ALA G 742 31.03 38.30 -99.09
CA ALA G 742 32.22 37.58 -99.65
C ALA G 742 33.48 38.40 -99.36
N HIS G 743 33.40 39.73 -99.32
CA HIS G 743 34.59 40.62 -99.34
C HIS G 743 34.94 41.08 -97.92
N THR G 744 34.04 41.74 -97.23
CA THR G 744 34.26 42.37 -95.91
C THR G 744 35.10 41.47 -94.99
N PRO G 745 34.76 40.19 -94.75
CA PRO G 745 35.53 39.39 -93.80
C PRO G 745 36.95 39.07 -94.29
N MET G 746 37.17 39.03 -95.61
CA MET G 746 38.52 38.79 -96.16
C MET G 746 39.39 40.02 -95.93
N LEU G 747 38.86 41.21 -96.19
CA LEU G 747 39.57 42.49 -95.98
C LEU G 747 39.98 42.60 -94.52
N GLN G 748 39.17 42.13 -93.59
CA GLN G 748 39.46 42.24 -92.12
C GLN G 748 40.52 41.22 -91.68
N MET G 749 40.62 40.05 -92.32
CA MET G 749 41.39 38.87 -91.84
C MET G 749 42.56 38.50 -92.76
N TYR G 750 42.61 39.00 -94.00
CA TYR G 750 43.64 38.60 -94.98
C TYR G 750 45.04 38.77 -94.36
N SER G 751 45.34 39.97 -93.87
CA SER G 751 46.60 40.33 -93.19
C SER G 751 46.98 39.25 -92.17
N LYS G 752 46.05 38.89 -91.29
CA LYS G 752 46.29 37.89 -90.21
C LYS G 752 46.53 36.51 -90.84
N ILE G 753 45.82 36.17 -91.91
CA ILE G 753 45.91 34.84 -92.57
C ILE G 753 47.30 34.70 -93.17
N ARG G 754 47.76 35.69 -93.93
CA ARG G 754 49.06 35.66 -94.65
C ARG G 754 50.27 35.64 -93.70
N ARG G 755 50.10 35.92 -92.40
CA ARG G 755 51.16 35.76 -91.36
C ARG G 755 51.55 34.28 -91.23
N HIS G 756 50.73 33.36 -91.73
CA HIS G 756 50.95 31.90 -91.62
C HIS G 756 51.17 31.31 -93.00
N PRO G 757 52.41 30.95 -93.38
CA PRO G 757 52.70 30.55 -94.76
C PRO G 757 52.09 29.20 -95.12
N ASN G 758 51.76 28.36 -94.14
CA ASN G 758 51.17 27.03 -94.39
C ASN G 758 49.69 27.17 -94.79
N ILE G 759 49.03 28.29 -94.53
CA ILE G 759 47.64 28.54 -95.00
C ILE G 759 47.66 28.93 -96.47
N MET G 760 47.07 28.10 -97.31
CA MET G 760 46.84 28.34 -98.75
C MET G 760 45.38 28.77 -98.87
N LEU G 761 45.14 29.97 -99.40
CA LEU G 761 43.87 30.72 -99.23
C LEU G 761 43.05 30.66 -100.53
N ILE G 762 41.93 29.95 -100.49
CA ILE G 762 41.10 29.62 -101.68
C ILE G 762 39.76 30.34 -101.60
N PHE G 763 39.43 31.11 -102.61
CA PHE G 763 38.19 31.92 -102.71
C PHE G 763 37.18 31.15 -103.57
N GLY G 764 35.98 30.96 -103.03
CA GLY G 764 34.84 30.50 -103.82
C GLY G 764 33.58 31.25 -103.48
N SER G 765 32.51 30.92 -104.21
CA SER G 765 31.13 31.49 -104.12
C SER G 765 30.99 32.53 -105.22
N GLY G 766 30.25 32.19 -106.25
CA GLY G 766 29.82 33.12 -107.29
C GLY G 766 30.87 33.31 -108.33
N PHE G 767 31.42 32.21 -108.85
CA PHE G 767 32.42 32.22 -109.93
C PHE G 767 32.00 31.29 -111.05
N GLY G 768 32.37 31.61 -112.28
CA GLY G 768 31.94 30.86 -113.47
C GLY G 768 32.91 30.92 -114.63
N SER G 769 33.70 31.99 -114.73
CA SER G 769 34.67 32.20 -115.84
C SER G 769 35.97 32.75 -115.27
N ALA G 770 36.98 32.88 -116.13
CA ALA G 770 38.27 33.54 -115.82
C ALA G 770 38.03 34.99 -115.46
N ASP G 771 37.06 35.62 -116.11
CA ASP G 771 36.91 37.10 -116.21
C ASP G 771 36.52 37.65 -114.83
N ASP G 772 35.60 36.98 -114.14
CA ASP G 772 35.11 37.41 -112.80
C ASP G 772 36.07 36.92 -111.71
N THR G 773 36.88 35.91 -112.01
CA THR G 773 37.76 35.26 -111.02
C THR G 773 39.19 35.78 -111.18
N TYR G 774 39.52 36.50 -112.26
CA TYR G 774 40.87 37.08 -112.52
C TYR G 774 41.22 38.20 -111.53
N PRO G 775 40.32 39.15 -111.22
CA PRO G 775 40.61 40.14 -110.20
C PRO G 775 41.05 39.58 -108.84
N TYR G 776 40.71 38.33 -108.52
CA TYR G 776 41.06 37.70 -107.21
C TYR G 776 42.43 37.01 -107.34
N LEU G 777 42.79 36.58 -108.54
CA LEU G 777 44.11 35.97 -108.79
C LEU G 777 45.18 37.04 -108.64
N THR G 778 44.89 38.22 -109.20
CA THR G 778 45.84 39.34 -109.41
C THR G 778 45.94 40.22 -108.17
N GLY G 779 44.95 40.16 -107.27
CA GLY G 779 44.91 40.97 -106.03
C GLY G 779 44.10 42.26 -106.21
N GLU G 780 43.73 42.63 -107.44
CA GLU G 780 43.17 43.96 -107.76
C GLU G 780 41.71 44.08 -107.29
N TRP G 781 41.01 42.99 -106.95
CA TRP G 781 39.65 43.06 -106.36
C TRP G 781 39.62 44.01 -105.16
N SER G 782 40.64 44.01 -104.32
CA SER G 782 40.65 44.72 -103.01
C SER G 782 41.02 46.19 -103.20
N THR G 783 41.48 46.57 -104.40
CA THR G 783 41.75 47.98 -104.80
C THR G 783 40.42 48.75 -104.76
N LYS G 784 39.33 48.16 -105.29
CA LYS G 784 37.96 48.76 -105.36
C LYS G 784 37.49 49.29 -103.99
N PHE G 785 37.98 48.71 -102.89
CA PHE G 785 37.56 49.06 -101.51
C PHE G 785 38.64 49.89 -100.81
N ASP G 786 39.59 50.48 -101.57
CA ASP G 786 40.69 51.35 -101.04
C ASP G 786 41.63 50.58 -100.12
N TYR G 787 41.79 49.27 -100.32
CA TYR G 787 42.85 48.46 -99.67
C TYR G 787 43.98 48.24 -100.66
N PRO G 788 45.17 47.78 -100.21
CA PRO G 788 46.23 47.40 -101.15
C PRO G 788 45.89 46.06 -101.79
N PRO G 789 46.54 45.69 -102.91
CA PRO G 789 46.30 44.39 -103.54
C PRO G 789 46.50 43.20 -102.58
N MET G 790 45.73 42.13 -102.81
CA MET G 790 45.39 41.11 -101.79
C MET G 790 45.10 39.78 -102.48
N PRO G 791 46.07 39.15 -103.16
CA PRO G 791 45.74 38.05 -104.08
C PRO G 791 45.58 36.68 -103.40
N PHE G 792 44.78 35.84 -104.06
CA PHE G 792 44.25 34.54 -103.60
C PHE G 792 44.96 33.41 -104.35
N ASP G 793 45.17 32.27 -103.68
CA ASP G 793 46.00 31.15 -104.18
C ASP G 793 45.19 30.16 -105.03
N GLY G 794 43.87 30.29 -105.14
CA GLY G 794 43.06 29.48 -106.08
C GLY G 794 41.59 29.57 -105.76
N PHE G 795 40.75 28.90 -106.55
CA PHE G 795 39.27 29.11 -106.58
C PHE G 795 38.53 27.80 -106.49
N LEU G 796 37.28 27.85 -106.01
CA LEU G 796 36.34 26.70 -106.08
C LEU G 796 35.03 27.10 -106.74
N PHE G 797 34.54 26.20 -107.59
CA PHE G 797 33.36 26.34 -108.45
C PHE G 797 32.40 25.20 -108.16
N GLY G 798 31.39 25.42 -107.33
CA GLY G 798 30.32 24.44 -107.09
C GLY G 798 29.23 24.56 -108.12
N SER G 799 28.28 25.47 -107.84
CA SER G 799 27.12 25.85 -108.68
C SER G 799 27.46 25.79 -110.17
N ARG G 800 28.62 26.32 -110.57
CA ARG G 800 29.04 26.41 -111.99
C ARG G 800 28.89 25.08 -112.71
N VAL G 801 29.15 23.97 -112.01
CA VAL G 801 29.67 22.72 -112.61
C VAL G 801 28.55 21.67 -112.56
N MET G 802 27.34 22.11 -112.18
CA MET G 802 26.16 21.26 -111.89
C MET G 802 25.45 20.84 -113.18
N ILE G 803 25.85 21.38 -114.32
CA ILE G 803 25.20 21.08 -115.64
C ILE G 803 26.22 20.43 -116.57
N ALA G 804 27.42 20.15 -116.08
CA ALA G 804 28.47 19.47 -116.87
C ALA G 804 27.90 18.17 -117.45
N LYS G 805 28.36 17.78 -118.64
CA LYS G 805 27.99 16.53 -119.39
C LYS G 805 27.84 15.34 -118.45
N GLU G 806 28.76 15.15 -117.48
CA GLU G 806 28.93 13.88 -116.73
C GLU G 806 28.73 14.08 -115.24
N VAL G 807 27.74 14.88 -114.85
CA VAL G 807 27.09 14.76 -113.50
C VAL G 807 25.77 14.02 -113.71
N LYS G 808 25.13 13.67 -112.59
CA LYS G 808 23.98 12.75 -112.55
C LYS G 808 22.67 13.53 -112.39
N THR G 809 22.74 14.82 -112.06
CA THR G 809 21.61 15.81 -112.15
C THR G 809 20.74 15.46 -113.38
N SER G 810 19.47 15.14 -113.17
CA SER G 810 18.54 14.63 -114.21
C SER G 810 18.38 15.69 -115.29
N PRO G 811 18.26 15.31 -116.59
CA PRO G 811 18.18 16.29 -117.67
C PRO G 811 17.23 17.47 -117.41
N ASP G 812 16.02 17.20 -116.92
CA ASP G 812 14.95 18.21 -116.67
C ASP G 812 15.44 19.24 -115.64
N ALA G 813 16.27 18.81 -114.69
CA ALA G 813 16.82 19.64 -113.59
C ALA G 813 17.88 20.59 -114.15
N LYS G 814 18.73 20.07 -115.04
CA LYS G 814 19.74 20.87 -115.78
C LYS G 814 19.04 21.98 -116.57
N LYS G 815 17.97 21.66 -117.33
CA LYS G 815 17.12 22.66 -118.05
C LYS G 815 16.64 23.75 -117.07
N CYS G 816 16.15 23.30 -115.92
CA CYS G 816 15.69 24.16 -114.81
C CYS G 816 16.83 25.05 -114.30
N ILE G 817 18.07 24.52 -114.20
CA ILE G 817 19.29 25.29 -113.76
C ILE G 817 19.67 26.32 -114.84
N ALA G 818 19.72 25.92 -116.10
CA ALA G 818 20.08 26.78 -117.24
C ALA G 818 19.10 27.95 -117.36
N ALA G 819 17.85 27.78 -116.90
CA ALA G 819 16.76 28.78 -116.98
C ALA G 819 16.94 29.88 -115.92
N CYS G 820 17.42 29.55 -114.72
CA CYS G 820 17.74 30.52 -113.65
C CYS G 820 18.70 31.57 -114.19
N THR G 821 18.23 32.81 -114.29
CA THR G 821 19.00 33.93 -114.89
C THR G 821 20.12 34.27 -113.93
N GLY G 822 19.80 34.23 -112.64
CA GLY G 822 20.68 34.72 -111.56
C GLY G 822 20.65 36.22 -111.45
N VAL G 823 21.63 36.76 -110.75
CA VAL G 823 21.65 38.16 -110.27
C VAL G 823 23.10 38.47 -109.85
N PRO G 824 23.64 39.69 -110.03
CA PRO G 824 25.00 39.98 -109.54
C PRO G 824 25.11 40.04 -108.00
N ASP G 825 26.33 40.18 -107.47
CA ASP G 825 26.61 40.13 -106.01
C ASP G 825 25.88 41.27 -105.27
N ASP G 826 25.60 42.41 -105.91
CA ASP G 826 24.93 43.57 -105.26
C ASP G 826 23.57 43.15 -104.68
N LYS G 827 22.87 42.20 -105.32
CA LYS G 827 21.43 41.94 -105.12
C LYS G 827 21.14 40.57 -104.49
N TRP G 828 22.14 39.69 -104.34
CA TRP G 828 21.92 38.27 -104.00
C TRP G 828 21.14 38.14 -102.68
N GLU G 829 21.20 39.09 -101.76
CA GLU G 829 20.55 38.93 -100.43
C GLU G 829 19.03 39.06 -100.57
N GLN G 830 18.53 39.43 -101.75
CA GLN G 830 17.07 39.46 -101.99
C GLN G 830 16.50 38.07 -101.75
N THR G 831 17.30 37.01 -101.94
CA THR G 831 16.89 35.58 -101.85
C THR G 831 16.22 35.24 -100.52
N TYR G 832 16.54 35.95 -99.45
CA TYR G 832 15.93 35.70 -98.12
C TYR G 832 14.44 36.09 -98.12
N LYS G 833 13.97 36.89 -99.08
CA LYS G 833 12.57 37.39 -99.18
C LYS G 833 11.79 36.64 -100.26
N LYS G 834 12.31 36.61 -101.49
CA LYS G 834 11.52 36.22 -102.69
C LYS G 834 12.43 35.71 -103.80
N PRO G 835 11.91 34.91 -104.75
CA PRO G 835 12.70 34.38 -105.85
C PRO G 835 13.49 35.45 -106.63
N THR G 836 14.81 35.32 -106.60
CA THR G 836 15.80 36.32 -107.07
C THR G 836 16.72 35.62 -108.07
N GLY G 837 16.49 35.82 -109.36
CA GLY G 837 17.24 35.11 -110.42
C GLY G 837 16.78 33.67 -110.55
N GLY G 838 15.58 33.35 -110.06
CA GLY G 838 15.02 31.99 -110.06
C GLY G 838 15.46 31.17 -108.86
N ILE G 839 15.80 31.81 -107.73
CA ILE G 839 16.49 31.17 -106.56
C ILE G 839 16.01 31.79 -105.25
N VAL G 840 15.78 30.98 -104.22
CA VAL G 840 15.36 31.47 -102.88
C VAL G 840 16.23 30.80 -101.83
N THR G 841 16.24 31.36 -100.62
CA THR G 841 16.73 30.67 -99.42
C THR G 841 15.53 30.13 -98.65
N VAL G 842 15.69 28.90 -98.16
CA VAL G 842 14.76 28.20 -97.25
C VAL G 842 15.59 27.63 -96.11
N ARG G 843 15.01 27.52 -94.92
CA ARG G 843 15.71 27.00 -93.73
C ARG G 843 15.72 25.47 -93.79
N SER G 844 16.78 24.81 -93.33
CA SER G 844 16.86 23.34 -93.12
C SER G 844 16.02 22.98 -91.89
N GLU G 845 16.02 21.71 -91.48
CA GLU G 845 15.36 21.30 -90.22
C GLU G 845 16.06 21.97 -89.02
N MET G 846 17.32 22.39 -89.18
CA MET G 846 18.17 23.01 -88.12
C MET G 846 17.99 24.54 -88.06
N GLY G 847 17.56 25.16 -89.16
CA GLY G 847 17.45 26.62 -89.30
C GLY G 847 18.60 27.23 -90.10
N GLU G 848 19.49 26.40 -90.65
CA GLU G 848 20.57 26.83 -91.55
C GLU G 848 19.92 27.26 -92.85
N PRO G 849 20.30 28.41 -93.46
CA PRO G 849 19.86 28.71 -94.82
C PRO G 849 20.32 27.68 -95.83
N ILE G 850 19.54 27.47 -96.90
CA ILE G 850 19.97 26.73 -98.12
C ILE G 850 19.50 27.55 -99.31
N HIS G 851 20.36 27.69 -100.31
CA HIS G 851 20.05 28.36 -101.59
C HIS G 851 19.58 27.28 -102.55
N LYS G 852 18.31 27.31 -102.92
CA LYS G 852 17.63 26.34 -103.80
C LYS G 852 16.97 27.12 -104.94
N ILE G 853 16.94 26.53 -106.13
CA ILE G 853 16.08 26.99 -107.25
C ILE G 853 14.66 27.00 -106.76
N ALA G 854 13.89 28.02 -107.11
CA ALA G 854 12.52 28.28 -106.61
C ALA G 854 11.51 27.58 -107.54
N THR G 855 11.57 26.24 -107.51
CA THR G 855 10.57 25.27 -107.98
C THR G 855 9.29 25.41 -107.15
N ARG G 856 8.16 24.82 -107.60
CA ARG G 856 6.89 24.81 -106.85
C ARG G 856 7.14 24.21 -105.47
N GLY G 857 7.86 23.07 -105.46
CA GLY G 857 8.26 22.35 -104.24
C GLY G 857 8.85 23.29 -103.21
N VAL G 858 9.85 24.05 -103.63
CA VAL G 858 10.65 24.88 -102.71
C VAL G 858 9.80 26.08 -102.30
N MET G 859 9.00 26.64 -103.20
CA MET G 859 8.07 27.72 -102.81
C MET G 859 7.12 27.23 -101.72
N LEU G 860 6.66 25.97 -101.81
CA LEU G 860 5.81 25.38 -100.74
C LEU G 860 6.60 25.27 -99.43
N TRP G 861 7.81 24.74 -99.49
CA TRP G 861 8.76 24.70 -98.35
C TRP G 861 8.89 26.09 -97.72
N LYS G 862 9.13 27.12 -98.54
CA LYS G 862 9.28 28.53 -98.12
C LYS G 862 8.00 29.04 -97.44
N GLU G 863 6.83 28.70 -97.97
CA GLU G 863 5.51 29.08 -97.40
C GLU G 863 5.38 28.48 -95.99
N PHE G 864 5.73 27.22 -95.82
CA PHE G 864 5.59 26.49 -94.54
C PHE G 864 6.62 26.97 -93.51
N ASP G 865 7.75 27.54 -93.92
CA ASP G 865 8.75 28.17 -93.00
C ASP G 865 8.18 29.47 -92.42
N GLU G 866 7.43 30.23 -93.22
CA GLU G 866 6.85 31.55 -92.87
C GLU G 866 5.57 31.40 -92.05
N THR G 867 4.96 30.21 -92.01
CA THR G 867 3.57 29.98 -91.53
C THR G 867 3.51 28.96 -90.39
N ILE G 868 4.13 27.79 -90.55
CA ILE G 868 3.93 26.58 -89.69
C ILE G 868 5.17 26.34 -88.83
N PHE G 869 6.36 26.31 -89.42
CA PHE G 869 7.61 25.89 -88.74
C PHE G 869 8.22 27.00 -87.88
N ASN G 870 7.82 28.26 -88.09
CA ASN G 870 8.25 29.41 -87.23
C ASN G 870 7.37 29.54 -86.00
N LEU G 871 6.25 28.81 -85.90
CA LEU G 871 5.36 28.83 -84.71
C LEU G 871 6.06 28.22 -83.50
N PRO G 872 5.69 28.61 -82.26
CA PRO G 872 6.11 27.86 -81.07
C PRO G 872 5.38 26.51 -80.99
N LYS G 873 5.94 25.54 -80.27
CA LYS G 873 5.46 24.13 -80.23
C LYS G 873 3.97 24.05 -79.86
N ASN G 874 3.50 24.87 -78.91
CA ASN G 874 2.12 24.82 -78.37
C ASN G 874 1.08 25.29 -79.43
N LYS G 875 1.48 26.08 -80.44
CA LYS G 875 0.61 26.53 -81.57
C LYS G 875 0.70 25.57 -82.77
N LEU G 876 1.65 24.64 -82.80
CA LEU G 876 2.07 23.86 -84.00
C LEU G 876 0.96 22.85 -84.37
N VAL G 877 0.57 22.00 -83.42
CA VAL G 877 -0.45 20.92 -83.61
C VAL G 877 -1.83 21.53 -83.88
N PRO G 878 -2.32 22.50 -83.07
CA PRO G 878 -3.57 23.20 -83.39
C PRO G 878 -3.68 23.77 -84.81
N THR G 879 -2.57 24.30 -85.33
CA THR G 879 -2.49 24.95 -86.67
C THR G 879 -2.54 23.90 -87.77
N LEU G 880 -2.00 22.72 -87.50
CA LEU G 880 -1.95 21.61 -88.49
C LEU G 880 -3.35 21.01 -88.67
N GLU G 881 -4.13 20.89 -87.58
CA GLU G 881 -5.54 20.44 -87.64
C GLU G 881 -6.36 21.41 -88.50
N ALA G 882 -6.21 22.72 -88.25
CA ALA G 882 -6.93 23.80 -88.95
C ALA G 882 -6.58 23.80 -90.44
N LYS G 883 -5.28 23.76 -90.78
CA LYS G 883 -4.80 23.92 -92.18
C LYS G 883 -4.69 22.56 -92.88
N ARG G 884 -5.09 21.47 -92.21
CA ARG G 884 -4.94 20.08 -92.67
C ARG G 884 -5.27 19.91 -94.17
N ASP G 885 -6.44 20.30 -94.61
CA ASP G 885 -6.91 19.99 -95.99
C ASP G 885 -6.09 20.84 -96.97
N TYR G 886 -5.70 22.05 -96.56
CA TYR G 886 -4.80 22.94 -97.33
C TYR G 886 -3.46 22.21 -97.49
N ILE G 887 -2.80 21.90 -96.36
CA ILE G 887 -1.48 21.21 -96.31
C ILE G 887 -1.45 19.98 -97.22
N ILE G 888 -2.51 19.17 -97.23
CA ILE G 888 -2.56 17.91 -98.02
C ILE G 888 -2.71 18.24 -99.51
N SER G 889 -3.59 19.17 -99.88
CA SER G 889 -3.74 19.61 -101.28
C SER G 889 -2.36 19.95 -101.86
N ARG G 890 -1.56 20.68 -101.06
CA ARG G 890 -0.27 21.30 -101.46
C ARG G 890 0.86 20.26 -101.50
N LEU G 891 0.97 19.39 -100.50
CA LEU G 891 1.87 18.22 -100.57
C LEU G 891 1.63 17.42 -101.84
N ASN G 892 0.37 17.15 -102.21
CA ASN G 892 0.05 16.23 -103.33
C ASN G 892 0.31 16.92 -104.68
N ALA G 893 0.09 18.24 -104.74
CA ALA G 893 0.15 19.08 -105.95
C ALA G 893 1.61 19.37 -106.33
N ASP G 894 2.42 19.71 -105.33
CA ASP G 894 3.70 20.46 -105.44
C ASP G 894 4.90 19.64 -105.01
N PHE G 895 4.90 19.08 -103.80
CA PHE G 895 6.12 18.65 -103.07
C PHE G 895 6.62 17.27 -103.49
N GLN G 896 7.90 17.00 -103.27
CA GLN G 896 8.59 15.74 -103.67
C GLN G 896 8.13 14.56 -102.80
N LYS G 897 7.79 14.81 -101.54
CA LYS G 897 7.14 13.85 -100.63
C LYS G 897 5.62 14.09 -100.61
N PRO G 898 4.80 13.29 -101.32
CA PRO G 898 3.34 13.45 -101.27
C PRO G 898 2.72 12.92 -99.98
N TRP G 899 1.45 13.25 -99.74
CA TRP G 899 0.65 12.77 -98.58
C TRP G 899 0.38 11.30 -98.82
N PHE G 900 0.73 10.47 -97.84
CA PHE G 900 0.80 9.02 -98.06
C PHE G 900 -0.58 8.46 -98.38
N ALA G 901 -1.52 8.81 -97.50
CA ALA G 901 -2.91 8.31 -97.49
C ALA G 901 -3.79 9.11 -98.46
N THR G 902 -3.51 9.03 -99.75
CA THR G 902 -4.47 9.33 -100.83
C THR G 902 -4.65 8.07 -101.67
N VAL G 903 -5.91 7.67 -101.88
CA VAL G 903 -6.27 6.56 -102.81
C VAL G 903 -7.16 7.17 -103.90
N ASN G 904 -6.78 7.00 -105.17
CA ASN G 904 -7.43 7.55 -106.40
C ASN G 904 -7.66 9.06 -106.23
N GLY G 905 -6.62 9.79 -105.82
CA GLY G 905 -6.60 11.26 -105.75
C GLY G 905 -7.44 11.83 -104.62
N GLN G 906 -7.93 10.98 -103.72
CA GLN G 906 -8.91 11.35 -102.66
C GLN G 906 -8.17 11.29 -101.30
N ALA G 907 -7.95 12.44 -100.67
CA ALA G 907 -7.15 12.63 -99.44
C ALA G 907 -7.81 11.99 -98.22
N ARG G 908 -7.33 10.83 -97.81
CA ARG G 908 -7.82 10.11 -96.60
C ARG G 908 -6.98 10.51 -95.39
N ASP G 909 -7.07 9.70 -94.34
CA ASP G 909 -6.06 9.54 -93.28
C ASP G 909 -5.67 8.08 -93.25
N LEU G 910 -4.56 7.75 -92.61
CA LEU G 910 -3.95 6.40 -92.56
C LEU G 910 -4.86 5.44 -91.80
N ALA G 911 -5.67 5.95 -90.88
CA ALA G 911 -6.69 5.20 -90.11
C ALA G 911 -7.97 4.96 -90.90
N THR G 912 -8.14 5.57 -92.09
CA THR G 912 -9.33 5.41 -92.96
C THR G 912 -8.89 4.78 -94.28
N MET G 913 -7.83 3.99 -94.25
CA MET G 913 -7.27 3.27 -95.41
C MET G 913 -7.30 1.79 -95.07
N THR G 914 -7.62 0.92 -96.02
CA THR G 914 -7.64 -0.55 -95.79
C THR G 914 -6.20 -1.06 -95.93
N TYR G 915 -5.89 -2.18 -95.30
CA TYR G 915 -4.56 -2.84 -95.41
C TYR G 915 -4.19 -3.00 -96.89
N GLU G 916 -5.13 -3.32 -97.77
CA GLU G 916 -4.82 -3.43 -99.22
C GLU G 916 -4.43 -2.05 -99.76
N GLU G 917 -5.26 -1.05 -99.57
CA GLU G 917 -5.02 0.34 -100.05
C GLU G 917 -3.63 0.85 -99.63
N VAL G 918 -3.06 0.29 -98.56
CA VAL G 918 -1.74 0.70 -98.01
C VAL G 918 -0.65 0.01 -98.82
N ALA G 919 -0.70 -1.30 -98.87
CA ALA G 919 0.19 -2.15 -99.68
C ALA G 919 0.29 -1.64 -101.13
N LYS G 920 -0.84 -1.33 -101.74
CA LYS G 920 -0.90 -0.89 -103.16
C LYS G 920 -0.23 0.48 -103.34
N ARG G 921 -0.27 1.30 -102.31
CA ARG G 921 0.22 2.70 -102.32
C ARG G 921 1.70 2.71 -101.98
N LEU G 922 2.16 1.80 -101.11
CA LEU G 922 3.61 1.62 -100.82
C LEU G 922 4.30 1.25 -102.13
N VAL G 923 3.75 0.30 -102.89
CA VAL G 923 4.28 -0.10 -104.22
C VAL G 923 4.25 1.10 -105.18
N GLU G 924 3.23 1.94 -105.15
CA GLU G 924 3.06 3.08 -106.11
C GLU G 924 4.23 4.07 -105.94
N LEU G 925 4.62 4.33 -104.70
CA LEU G 925 5.58 5.39 -104.33
C LEU G 925 7.02 4.89 -104.21
N MET G 926 7.24 3.59 -104.01
CA MET G 926 8.57 3.03 -103.69
C MET G 926 9.10 2.11 -104.78
N PHE G 927 8.26 1.61 -105.70
CA PHE G 927 8.64 0.65 -106.77
C PHE G 927 8.50 1.33 -108.12
N ILE G 928 9.54 1.24 -108.95
CA ILE G 928 9.65 2.03 -110.21
C ILE G 928 9.27 1.10 -111.35
N ARG G 929 8.26 1.47 -112.14
CA ARG G 929 7.72 0.62 -113.24
C ARG G 929 8.67 0.69 -114.43
N SER G 930 9.26 1.87 -114.72
CA SER G 930 10.19 2.09 -115.85
C SER G 930 11.38 1.11 -115.76
N THR G 931 12.06 1.05 -114.61
CA THR G 931 13.25 0.19 -114.37
C THR G 931 12.83 -1.19 -113.82
N ASN G 932 11.57 -1.34 -113.39
CA ASN G 932 10.98 -2.60 -112.85
C ASN G 932 11.80 -3.10 -111.65
N SER G 933 11.93 -2.26 -110.61
CA SER G 933 12.77 -2.51 -109.41
C SER G 933 12.39 -1.59 -108.26
N TRP G 934 12.69 -2.01 -107.04
CA TRP G 934 12.55 -1.16 -105.84
C TRP G 934 13.67 -0.13 -105.81
N PHE G 935 13.33 1.14 -105.68
CA PHE G 935 14.32 2.24 -105.71
C PHE G 935 15.44 2.00 -104.70
N ASP G 936 15.10 1.55 -103.49
CA ASP G 936 16.05 1.18 -102.40
C ASP G 936 15.61 -0.14 -101.77
N VAL G 937 16.54 -1.05 -101.52
CA VAL G 937 16.21 -2.38 -100.94
C VAL G 937 15.50 -2.17 -99.59
N THR G 938 15.94 -1.20 -98.78
CA THR G 938 15.35 -0.96 -97.43
C THR G 938 13.85 -0.65 -97.53
N TRP G 939 13.43 -0.03 -98.64
CA TRP G 939 12.01 0.25 -98.96
C TRP G 939 11.27 -1.04 -99.20
N ARG G 940 11.88 -1.99 -99.91
CA ARG G 940 11.30 -3.34 -100.16
C ARG G 940 11.12 -4.06 -98.82
N THR G 941 12.09 -3.99 -97.92
CA THR G 941 12.00 -4.59 -96.56
C THR G 941 10.86 -3.93 -95.77
N PHE G 942 10.65 -2.61 -95.91
CA PHE G 942 9.54 -1.84 -95.30
C PHE G 942 8.20 -2.43 -95.79
N THR G 943 7.98 -2.58 -97.10
CA THR G 943 6.69 -3.12 -97.60
C THR G 943 6.51 -4.59 -97.23
N GLY G 944 7.61 -5.34 -97.19
CA GLY G 944 7.56 -6.79 -96.90
C GLY G 944 7.17 -7.01 -95.47
N ASP G 945 7.74 -6.22 -94.56
CA ASP G 945 7.41 -6.20 -93.12
C ASP G 945 5.92 -5.90 -92.92
N PHE G 946 5.38 -4.95 -93.68
CA PHE G 946 3.96 -4.57 -93.63
C PHE G 946 3.09 -5.76 -94.08
N LEU G 947 3.37 -6.40 -95.22
CA LEU G 947 2.61 -7.61 -95.65
C LEU G 947 2.68 -8.71 -94.57
N ARG G 948 3.81 -8.88 -93.89
CA ARG G 948 3.94 -9.88 -92.81
C ARG G 948 3.04 -9.48 -91.62
N ARG G 949 2.86 -8.20 -91.35
CA ARG G 949 1.88 -7.73 -90.36
C ARG G 949 0.46 -8.13 -90.79
N VAL G 950 0.13 -8.00 -92.06
CA VAL G 950 -1.24 -8.33 -92.53
C VAL G 950 -1.48 -9.80 -92.20
N GLU G 951 -0.53 -10.67 -92.48
CA GLU G 951 -0.70 -12.11 -92.18
C GLU G 951 -0.85 -12.29 -90.67
N GLU G 952 0.01 -11.70 -89.86
CA GLU G 952 -0.06 -11.79 -88.37
C GLU G 952 -1.44 -11.35 -87.86
N ARG G 953 -1.95 -10.21 -88.32
CA ARG G 953 -3.24 -9.61 -87.89
C ARG G 953 -4.42 -10.50 -88.30
N PHE G 954 -4.47 -11.00 -89.54
CA PHE G 954 -5.68 -11.65 -90.08
C PHE G 954 -5.63 -13.18 -90.06
N THR G 955 -4.52 -13.81 -89.70
CA THR G 955 -4.51 -15.28 -89.53
C THR G 955 -5.09 -15.61 -88.16
N LYS G 956 -5.79 -16.73 -88.07
CA LYS G 956 -6.40 -17.28 -86.83
C LYS G 956 -5.36 -18.14 -86.12
N SER G 957 -4.60 -18.90 -86.90
CA SER G 957 -3.68 -19.98 -86.45
C SER G 957 -2.24 -19.61 -86.80
N LYS G 958 -1.30 -20.45 -86.36
CA LYS G 958 0.16 -20.27 -86.53
C LYS G 958 0.57 -20.95 -87.83
N THR G 959 0.33 -20.29 -88.96
CA THR G 959 0.71 -20.73 -90.34
C THR G 959 2.16 -20.32 -90.60
N LEU G 960 2.61 -20.54 -91.84
CA LEU G 960 3.93 -20.10 -92.35
C LEU G 960 3.71 -19.12 -93.50
N SER G 961 4.60 -18.13 -93.60
CA SER G 961 4.40 -16.89 -94.39
C SER G 961 4.32 -17.19 -95.88
N LEU G 962 3.42 -16.49 -96.56
CA LEU G 962 3.27 -16.46 -98.03
C LEU G 962 4.46 -15.75 -98.67
N ILE G 963 4.96 -14.70 -97.99
CA ILE G 963 6.22 -13.98 -98.32
C ILE G 963 7.36 -14.62 -97.49
N GLN G 964 8.03 -15.66 -98.03
CA GLN G 964 9.16 -16.33 -97.35
C GLN G 964 10.43 -15.48 -97.44
N SER G 965 10.79 -15.08 -98.65
CA SER G 965 11.92 -14.16 -98.95
C SER G 965 11.33 -12.89 -99.55
N TYR G 966 11.85 -11.72 -99.16
CA TYR G 966 11.44 -10.42 -99.75
C TYR G 966 11.98 -10.28 -101.18
N SER G 967 12.76 -11.26 -101.68
CA SER G 967 13.06 -11.45 -103.13
C SER G 967 11.76 -11.56 -103.93
N LEU G 968 10.72 -12.14 -103.35
CA LEU G 968 9.46 -12.47 -104.07
C LEU G 968 8.70 -11.18 -104.38
N LEU G 969 9.05 -10.08 -103.69
CA LEU G 969 8.42 -8.75 -103.91
C LEU G 969 8.86 -8.13 -105.24
N ASP G 970 9.80 -8.73 -105.98
CA ASP G 970 10.37 -8.15 -107.24
C ASP G 970 9.42 -8.31 -108.45
N LYS G 971 8.20 -8.86 -108.28
CA LYS G 971 7.04 -8.73 -109.23
C LYS G 971 5.80 -8.33 -108.45
N PRO G 972 5.82 -7.15 -107.80
CA PRO G 972 5.11 -6.93 -106.53
C PRO G 972 3.59 -7.10 -106.54
N ASP G 973 2.94 -6.85 -107.68
CA ASP G 973 1.47 -6.95 -107.79
C ASP G 973 1.05 -8.39 -107.48
N GLU G 974 1.84 -9.36 -107.96
CA GLU G 974 1.60 -10.82 -107.77
C GLU G 974 1.65 -11.16 -106.28
N ALA G 975 2.63 -10.65 -105.55
CA ALA G 975 2.87 -10.90 -104.12
C ALA G 975 1.80 -10.23 -103.25
N ILE G 976 1.26 -9.09 -103.68
CA ILE G 976 0.10 -8.43 -103.00
C ILE G 976 -1.16 -9.28 -103.28
N GLU G 977 -1.46 -9.62 -104.53
CA GLU G 977 -2.59 -10.54 -104.85
C GLU G 977 -2.53 -11.77 -103.94
N LYS G 978 -1.35 -12.38 -103.86
CA LYS G 978 -1.14 -13.62 -103.09
C LYS G 978 -1.59 -13.38 -101.66
N VAL G 979 -1.14 -12.32 -101.01
CA VAL G 979 -1.34 -12.08 -99.53
C VAL G 979 -2.81 -11.77 -99.27
N PHE G 980 -3.43 -10.92 -100.09
CA PHE G 980 -4.83 -10.49 -99.94
C PHE G 980 -5.83 -11.48 -100.56
N ASN G 981 -5.38 -12.56 -101.21
CA ASN G 981 -6.28 -13.70 -101.57
C ASN G 981 -6.45 -14.58 -100.34
N ALA G 982 -5.37 -14.81 -99.60
CA ALA G 982 -5.33 -15.67 -98.40
C ALA G 982 -5.96 -14.98 -97.18
N TYR G 983 -6.13 -13.65 -97.23
CA TYR G 983 -6.66 -12.84 -96.10
C TYR G 983 -7.58 -11.73 -96.63
N PRO G 984 -8.75 -12.09 -97.21
CA PRO G 984 -9.61 -11.11 -97.89
C PRO G 984 -10.27 -10.08 -96.98
N ALA G 985 -10.42 -10.39 -95.69
CA ALA G 985 -10.85 -9.44 -94.63
C ALA G 985 -10.09 -8.14 -94.81
N ALA G 986 -8.77 -8.26 -94.97
CA ALA G 986 -7.77 -7.17 -95.04
C ALA G 986 -8.13 -6.19 -96.15
N ARG G 987 -8.89 -6.59 -97.18
CA ARG G 987 -9.34 -5.65 -98.23
C ARG G 987 -10.46 -4.73 -97.71
N GLU G 988 -11.14 -5.15 -96.64
CA GLU G 988 -12.44 -4.56 -96.21
C GLU G 988 -12.34 -4.22 -94.73
N GLN G 989 -11.21 -3.65 -94.32
CA GLN G 989 -10.99 -3.28 -92.90
C GLN G 989 -9.97 -2.15 -92.85
N PHE G 990 -10.31 -1.04 -92.22
CA PHE G 990 -9.30 0.01 -91.96
C PHE G 990 -8.22 -0.53 -91.03
N LEU G 991 -7.00 -0.15 -91.29
CA LEU G 991 -5.84 -0.33 -90.38
C LEU G 991 -6.29 -0.27 -88.92
N ASN G 992 -6.02 -1.34 -88.17
CA ASN G 992 -6.10 -1.40 -86.69
C ASN G 992 -5.24 -0.27 -86.14
N ALA G 993 -5.60 0.35 -85.03
CA ALA G 993 -4.88 1.51 -84.43
C ALA G 993 -3.47 1.13 -83.96
N GLN G 994 -3.23 -0.15 -83.64
CA GLN G 994 -1.90 -0.69 -83.30
C GLN G 994 -1.04 -0.85 -84.55
N ASP G 995 -1.65 -0.89 -85.73
CA ASP G 995 -0.94 -1.11 -87.01
C ASP G 995 -0.65 0.25 -87.62
N ILE G 996 -1.38 1.27 -87.26
CA ILE G 996 -1.02 2.67 -87.61
C ILE G 996 0.28 3.00 -86.87
N ASP G 997 0.33 2.72 -85.59
CA ASP G 997 1.49 3.01 -84.73
C ASP G 997 2.72 2.26 -85.27
N HIS G 998 2.61 0.95 -85.50
CA HIS G 998 3.69 0.14 -86.10
C HIS G 998 4.16 0.73 -87.43
N PHE G 999 3.24 1.21 -88.26
CA PHE G 999 3.58 1.75 -89.60
C PHE G 999 4.40 3.03 -89.44
N LEU G 1000 3.98 3.92 -88.55
CA LEU G 1000 4.71 5.17 -88.26
C LEU G 1000 5.99 4.88 -87.48
N SER G 1001 6.10 3.76 -86.77
CA SER G 1001 7.35 3.39 -86.06
C SER G 1001 8.40 2.95 -87.09
N MET G 1002 7.98 2.31 -88.18
CA MET G 1002 8.86 1.89 -89.30
C MET G 1002 9.30 3.12 -90.10
N CYS G 1003 8.49 4.17 -90.14
CA CYS G 1003 8.78 5.40 -90.93
C CYS G 1003 9.90 6.20 -90.25
N GLN G 1004 10.15 5.94 -88.97
CA GLN G 1004 11.16 6.60 -88.11
C GLN G 1004 12.42 5.73 -87.99
N ASN G 1005 12.38 4.48 -88.43
CA ASN G 1005 13.53 3.52 -88.35
C ASN G 1005 14.76 4.17 -88.97
N PRO G 1006 15.85 4.37 -88.21
CA PRO G 1006 17.02 5.10 -88.73
C PRO G 1006 17.95 4.31 -89.66
N MET G 1007 17.86 2.97 -89.70
CA MET G 1007 18.72 2.06 -90.50
C MET G 1007 18.03 1.69 -91.82
N GLN G 1008 17.57 2.70 -92.54
CA GLN G 1008 16.60 2.59 -93.66
C GLN G 1008 16.58 3.93 -94.37
N LYS G 1009 16.52 3.95 -95.70
CA LYS G 1009 16.37 5.23 -96.44
C LYS G 1009 15.03 5.83 -96.07
N PRO G 1010 14.92 7.13 -95.76
CA PRO G 1010 13.63 7.70 -95.41
C PRO G 1010 12.55 7.48 -96.49
N VAL G 1011 11.34 7.29 -96.01
CA VAL G 1011 10.16 6.95 -96.86
C VAL G 1011 9.81 8.20 -97.66
N PRO G 1012 9.54 8.07 -98.95
CA PRO G 1012 9.30 9.21 -99.82
C PRO G 1012 7.83 9.62 -99.80
N PHE G 1013 7.36 10.03 -98.61
CA PHE G 1013 5.96 10.47 -98.35
C PHE G 1013 5.79 10.96 -96.92
N VAL G 1014 4.86 11.88 -96.73
CA VAL G 1014 4.48 12.39 -95.39
C VAL G 1014 3.34 11.53 -94.89
N PRO G 1015 3.53 10.63 -93.88
CA PRO G 1015 2.49 9.72 -93.41
C PRO G 1015 1.58 10.18 -92.27
N VAL G 1016 1.73 11.40 -91.75
CA VAL G 1016 0.91 11.94 -90.63
C VAL G 1016 1.27 13.40 -90.42
N LEU G 1017 0.29 14.24 -90.02
CA LEU G 1017 0.54 15.59 -89.46
C LEU G 1017 0.49 15.55 -87.93
N ASP G 1018 1.65 15.62 -87.28
CA ASP G 1018 1.78 15.70 -85.81
C ASP G 1018 2.93 16.68 -85.49
N ARG G 1019 3.53 16.58 -84.31
CA ARG G 1019 4.64 17.47 -83.89
C ARG G 1019 5.86 17.21 -84.78
N ARG G 1020 6.00 16.00 -85.34
CA ARG G 1020 7.14 15.57 -86.18
C ARG G 1020 6.97 15.97 -87.66
N PHE G 1021 6.07 16.87 -88.01
CA PHE G 1021 5.75 17.19 -89.44
C PHE G 1021 6.98 17.76 -90.10
N GLU G 1022 7.68 18.69 -89.43
CA GLU G 1022 8.84 19.44 -90.01
C GLU G 1022 9.94 18.47 -90.42
N ILE G 1023 10.20 17.42 -89.63
CA ILE G 1023 11.24 16.40 -89.95
C ILE G 1023 10.76 15.62 -91.18
N PHE G 1024 9.59 15.00 -91.12
CA PHE G 1024 9.02 14.19 -92.23
C PHE G 1024 9.08 14.96 -93.56
N PHE G 1025 8.77 16.25 -93.51
CA PHE G 1025 8.72 17.16 -94.67
C PHE G 1025 10.12 17.39 -95.26
N LYS G 1026 11.14 17.54 -94.41
CA LYS G 1026 12.49 18.07 -94.75
C LYS G 1026 13.54 16.95 -94.85
N LYS G 1027 13.52 15.97 -93.96
CA LYS G 1027 14.28 14.68 -94.04
C LYS G 1027 14.54 14.30 -95.51
N ASP G 1028 15.81 14.15 -95.89
CA ASP G 1028 16.29 13.49 -97.12
C ASP G 1028 15.69 14.19 -98.34
N SER G 1029 16.14 15.41 -98.60
CA SER G 1029 15.53 16.34 -99.58
C SER G 1029 16.35 16.51 -100.86
N LEU G 1030 17.49 15.81 -101.06
CA LEU G 1030 18.52 16.22 -102.07
C LEU G 1030 18.81 15.18 -103.15
N TRP G 1031 18.42 13.93 -102.99
CA TRP G 1031 18.63 12.87 -104.01
C TRP G 1031 17.65 13.00 -105.17
N GLN G 1032 16.44 13.52 -104.91
CA GLN G 1032 15.27 13.41 -105.82
C GLN G 1032 15.62 14.03 -107.17
N SER G 1033 16.33 15.17 -107.19
CA SER G 1033 16.71 15.93 -108.41
C SER G 1033 17.58 15.08 -109.34
N GLU G 1034 18.30 14.07 -108.82
CA GLU G 1034 19.17 13.17 -109.63
C GLU G 1034 18.40 11.94 -110.12
N HIS G 1035 17.19 11.69 -109.60
CA HIS G 1035 16.45 10.40 -109.79
C HIS G 1035 14.95 10.68 -109.95
N LEU G 1036 14.56 11.35 -111.02
CA LEU G 1036 13.14 11.78 -111.23
C LEU G 1036 12.25 10.55 -111.44
N GLU G 1037 12.79 9.42 -111.92
CA GLU G 1037 12.04 8.14 -112.03
C GLU G 1037 11.25 7.86 -110.75
N ALA G 1038 11.81 8.16 -109.57
CA ALA G 1038 11.30 7.81 -108.23
C ALA G 1038 10.60 9.00 -107.57
N VAL G 1039 10.12 9.95 -108.37
CA VAL G 1039 9.34 11.14 -107.90
C VAL G 1039 8.00 11.06 -108.62
N VAL G 1040 6.94 11.57 -108.00
CA VAL G 1040 5.57 11.44 -108.56
C VAL G 1040 5.51 12.28 -109.84
N ASP G 1041 5.29 11.63 -110.99
CA ASP G 1041 5.07 12.24 -112.33
C ASP G 1041 6.39 12.53 -113.04
N GLN G 1042 7.54 12.14 -112.48
CA GLN G 1042 8.91 12.51 -112.98
C GLN G 1042 8.99 14.04 -113.15
N ASP G 1043 8.53 14.80 -112.15
CA ASP G 1043 8.31 16.26 -112.23
C ASP G 1043 9.42 16.98 -111.47
N VAL G 1044 10.30 17.73 -112.15
CA VAL G 1044 11.35 18.57 -111.49
C VAL G 1044 10.70 19.52 -110.51
N GLN G 1045 9.57 20.12 -110.87
CA GLN G 1045 9.05 21.29 -110.13
C GLN G 1045 8.68 20.89 -108.70
N ARG G 1046 8.75 19.59 -108.36
CA ARG G 1046 8.45 19.06 -107.01
C ARG G 1046 9.68 19.14 -106.11
N THR G 1047 10.86 19.39 -106.68
CA THR G 1047 12.16 18.88 -106.19
C THR G 1047 13.04 20.03 -105.68
N CYS G 1048 13.92 19.74 -104.70
CA CYS G 1048 14.98 20.67 -104.21
C CYS G 1048 16.23 20.52 -105.07
N ILE G 1049 16.58 21.58 -105.80
CA ILE G 1049 17.88 21.70 -106.51
C ILE G 1049 18.71 22.81 -105.86
N LEU G 1050 19.92 22.47 -105.43
CA LEU G 1050 20.82 23.41 -104.73
C LEU G 1050 21.57 24.23 -105.78
N HIS G 1051 21.66 25.54 -105.58
CA HIS G 1051 22.27 26.47 -106.56
C HIS G 1051 22.42 27.88 -105.99
N GLY G 1052 23.49 28.56 -106.39
CA GLY G 1052 23.87 29.89 -105.88
C GLY G 1052 23.30 31.00 -106.76
N PRO G 1053 22.81 32.10 -106.16
CA PRO G 1053 22.26 33.21 -106.91
C PRO G 1053 23.24 33.75 -107.95
N VAL G 1054 24.42 34.13 -107.47
CA VAL G 1054 25.45 34.85 -108.25
C VAL G 1054 26.01 33.89 -109.29
N ALA G 1055 26.41 32.69 -108.87
CA ALA G 1055 27.00 31.65 -109.75
C ALA G 1055 26.04 31.20 -110.86
N ALA G 1056 24.72 31.36 -110.66
CA ALA G 1056 23.66 30.98 -111.61
C ALA G 1056 23.75 31.77 -112.92
N GLN G 1057 24.39 32.94 -112.89
CA GLN G 1057 24.44 33.86 -114.04
C GLN G 1057 25.62 33.52 -114.95
N PHE G 1058 26.22 32.33 -114.79
CA PHE G 1058 27.24 31.78 -115.71
C PHE G 1058 26.85 30.37 -116.21
N THR G 1059 25.92 29.69 -115.54
CA THR G 1059 25.40 28.33 -115.87
C THR G 1059 24.34 28.41 -116.98
N LYS G 1060 24.77 28.39 -118.24
CA LYS G 1060 23.90 28.65 -119.41
C LYS G 1060 23.83 27.44 -120.35
N VAL G 1061 24.96 26.74 -120.53
CA VAL G 1061 25.13 25.70 -121.59
C VAL G 1061 25.03 24.30 -120.96
N ILE G 1062 23.97 23.57 -121.28
CA ILE G 1062 23.71 22.20 -120.75
C ILE G 1062 24.66 21.20 -121.44
N ASP G 1063 25.23 20.28 -120.66
CA ASP G 1063 26.02 19.09 -121.10
C ASP G 1063 27.30 19.55 -121.82
N GLU G 1064 28.03 20.46 -121.18
CA GLU G 1064 29.42 20.87 -121.52
C GLU G 1064 30.36 19.88 -120.85
N PRO G 1065 31.32 19.22 -121.54
CA PRO G 1065 32.27 18.32 -120.85
C PRO G 1065 33.05 19.06 -119.75
N ILE G 1066 33.10 18.53 -118.53
CA ILE G 1066 33.77 19.13 -117.32
C ILE G 1066 35.19 19.63 -117.66
N LYS G 1067 35.90 18.96 -118.56
CA LYS G 1067 37.26 19.37 -118.99
C LYS G 1067 37.12 20.72 -119.72
N SER G 1068 36.21 20.82 -120.69
CA SER G 1068 35.89 22.06 -121.46
C SER G 1068 35.68 23.26 -120.51
N ILE G 1069 34.88 23.08 -119.46
CA ILE G 1069 34.55 24.10 -118.43
C ILE G 1069 35.83 24.51 -117.69
N MET G 1070 36.44 23.56 -116.99
CA MET G 1070 37.58 23.80 -116.06
C MET G 1070 38.80 24.31 -116.85
N ASP G 1071 39.05 23.80 -118.05
CA ASP G 1071 40.14 24.29 -118.94
C ASP G 1071 39.79 25.73 -119.33
N GLY G 1072 38.59 25.97 -119.83
CA GLY G 1072 38.08 27.31 -120.16
C GLY G 1072 38.61 28.33 -119.16
N ILE G 1073 38.32 28.10 -117.88
CA ILE G 1073 38.63 29.01 -116.76
C ILE G 1073 40.15 29.12 -116.59
N HIS G 1074 40.87 28.01 -116.73
CA HIS G 1074 42.35 27.95 -116.58
C HIS G 1074 43.01 28.64 -117.79
N ASP G 1075 42.62 28.28 -119.02
CA ASP G 1075 43.22 28.83 -120.26
C ASP G 1075 42.89 30.32 -120.34
N GLY G 1076 41.77 30.73 -119.75
CA GLY G 1076 41.36 32.14 -119.63
C GLY G 1076 42.36 32.90 -118.78
N HIS G 1077 42.73 32.37 -117.62
CA HIS G 1077 43.71 32.97 -116.68
C HIS G 1077 45.09 33.15 -117.34
N ILE G 1078 45.52 32.19 -118.14
CA ILE G 1078 46.84 32.20 -118.81
C ILE G 1078 46.81 33.31 -119.84
N LYS G 1079 45.91 33.20 -120.83
CA LYS G 1079 45.64 34.21 -121.89
C LYS G 1079 45.81 35.62 -121.32
N LYS G 1080 45.25 35.88 -120.14
CA LYS G 1080 45.28 37.19 -119.45
C LYS G 1080 46.63 37.40 -118.78
N LEU G 1081 47.03 36.51 -117.88
CA LEU G 1081 48.28 36.62 -117.07
C LEU G 1081 49.44 36.84 -118.02
N LEU G 1082 49.43 36.14 -119.17
CA LEU G 1082 50.42 36.24 -120.26
C LEU G 1082 50.49 37.69 -120.76
N HIS G 1083 49.32 38.27 -121.09
CA HIS G 1083 49.15 39.68 -121.56
C HIS G 1083 49.79 40.68 -120.59
N GLN G 1084 49.38 40.68 -119.31
CA GLN G 1084 49.86 41.64 -118.27
C GLN G 1084 51.36 41.48 -118.02
N TYR G 1085 51.84 40.29 -117.68
CA TYR G 1085 53.13 40.08 -116.94
C TYR G 1085 54.22 39.38 -117.77
N TYR G 1086 53.95 38.98 -119.01
CA TYR G 1086 54.92 38.24 -119.87
C TYR G 1086 54.88 38.80 -121.31
N GLY G 1087 54.41 40.05 -121.48
CA GLY G 1087 54.25 40.74 -122.78
C GLY G 1087 53.88 39.80 -123.92
N ASP G 1088 52.82 39.00 -123.75
CA ASP G 1088 52.21 38.10 -124.78
C ASP G 1088 53.31 37.27 -125.47
N ASP G 1089 54.17 36.61 -124.68
CA ASP G 1089 55.38 35.86 -125.17
C ASP G 1089 55.58 34.59 -124.32
N GLU G 1090 55.24 33.41 -124.84
CA GLU G 1090 55.40 32.09 -124.13
C GLU G 1090 56.86 31.75 -123.87
N SER G 1091 57.78 32.33 -124.66
CA SER G 1091 59.24 32.11 -124.55
C SER G 1091 59.81 32.66 -123.23
N LYS G 1092 59.09 33.56 -122.55
CA LYS G 1092 59.53 34.17 -121.26
C LYS G 1092 59.03 33.36 -120.05
N ILE G 1093 58.32 32.26 -120.28
CA ILE G 1093 57.76 31.38 -119.20
C ILE G 1093 58.84 30.43 -118.73
N PRO G 1094 59.28 30.49 -117.45
CA PRO G 1094 60.26 29.54 -116.92
C PRO G 1094 59.82 28.09 -117.15
N ALA G 1095 60.69 27.26 -117.74
CA ALA G 1095 60.46 25.81 -117.97
C ALA G 1095 61.09 25.03 -116.81
N VAL G 1096 60.38 24.01 -116.34
CA VAL G 1096 60.77 23.12 -115.21
C VAL G 1096 60.48 21.71 -115.69
N GLU G 1097 61.15 20.67 -115.17
CA GLU G 1097 60.89 19.28 -115.63
C GLU G 1097 59.45 18.94 -115.27
N TYR G 1098 59.10 19.10 -114.00
CA TYR G 1098 57.79 18.68 -113.45
C TYR G 1098 57.35 19.71 -112.42
N PHE G 1099 56.08 20.07 -112.48
CA PHE G 1099 55.46 21.10 -111.61
C PHE G 1099 54.73 20.37 -110.50
N GLY G 1100 55.11 20.60 -109.23
CA GLY G 1100 54.37 20.05 -108.08
C GLY G 1100 55.24 19.56 -106.92
N GLY G 1101 54.57 19.26 -105.82
CA GLY G 1101 55.15 18.79 -104.55
C GLY G 1101 56.12 19.80 -103.99
N GLU G 1102 55.64 21.00 -103.71
CA GLU G 1102 56.40 22.07 -103.01
C GLU G 1102 55.56 22.51 -101.82
N SER G 1103 55.97 22.13 -100.62
CA SER G 1103 55.34 22.58 -99.35
C SER G 1103 55.35 24.10 -99.39
N PRO G 1104 54.25 24.76 -98.98
CA PRO G 1104 54.17 26.20 -99.10
C PRO G 1104 54.86 26.89 -97.92
N VAL G 1105 55.94 26.31 -97.39
CA VAL G 1105 56.60 26.76 -96.13
C VAL G 1105 58.03 27.31 -96.37
N ASP G 1106 58.72 26.98 -97.48
CA ASP G 1106 60.20 27.15 -97.61
C ASP G 1106 60.58 28.09 -98.78
N SER G 1111 76.28 23.98 -107.68
CA SER G 1111 76.48 23.26 -108.96
C SER G 1111 77.87 22.63 -109.00
N GLU G 1112 77.97 21.31 -108.74
CA GLU G 1112 79.23 20.50 -108.78
C GLU G 1112 78.96 19.14 -109.45
N ASP G 1113 79.90 18.67 -110.28
CA ASP G 1113 79.69 17.65 -111.34
C ASP G 1113 80.16 16.24 -110.87
N SER G 1114 80.95 16.13 -109.79
CA SER G 1114 81.59 14.85 -109.36
C SER G 1114 81.88 14.87 -107.84
N ALA G 1115 80.82 14.87 -107.02
CA ALA G 1115 80.88 15.09 -105.56
C ALA G 1115 81.01 13.75 -104.81
N VAL G 1116 81.18 13.84 -103.48
CA VAL G 1116 81.37 12.70 -102.52
C VAL G 1116 80.86 13.16 -101.15
N PHE G 1117 79.87 12.46 -100.60
CA PHE G 1117 79.27 12.74 -99.28
C PHE G 1117 79.64 11.58 -98.35
N LYS G 1118 79.57 11.82 -97.04
CA LYS G 1118 80.07 10.89 -96.01
C LYS G 1118 79.16 11.05 -94.80
N ALA G 1119 78.30 10.07 -94.58
CA ALA G 1119 77.33 10.08 -93.47
C ALA G 1119 78.08 9.79 -92.17
N THR G 1120 77.68 10.48 -91.10
CA THR G 1120 78.18 10.29 -89.72
C THR G 1120 76.99 9.79 -88.88
N SER G 1121 77.08 9.90 -87.56
CA SER G 1121 75.92 9.68 -86.64
C SER G 1121 75.20 11.02 -86.39
N SER G 1122 75.81 12.14 -86.81
CA SER G 1122 75.27 13.51 -86.64
C SER G 1122 74.43 13.94 -87.85
N THR G 1123 74.86 13.64 -89.09
CA THR G 1123 74.29 14.18 -90.38
C THR G 1123 72.76 14.21 -90.32
N ASP G 1124 72.19 15.41 -90.37
CA ASP G 1124 70.72 15.66 -90.39
C ASP G 1124 70.14 15.07 -91.69
N GLU G 1125 68.98 14.40 -91.61
CA GLU G 1125 68.32 13.72 -92.76
C GLU G 1125 67.94 14.73 -93.85
N GLU G 1126 67.32 15.85 -93.49
CA GLU G 1126 66.80 16.87 -94.44
C GLU G 1126 67.96 17.50 -95.22
N SER G 1127 69.08 17.84 -94.54
CA SER G 1127 70.31 18.38 -95.16
C SER G 1127 70.87 17.37 -96.18
N TRP G 1128 70.99 16.11 -95.73
CA TRP G 1128 71.60 14.97 -96.46
C TRP G 1128 70.90 14.76 -97.81
N PHE G 1129 69.57 14.87 -97.85
CA PHE G 1129 68.74 14.60 -99.04
C PHE G 1129 68.66 15.83 -99.96
N LYS G 1130 68.78 17.07 -99.42
CA LYS G 1130 68.98 18.29 -100.25
C LYS G 1130 70.17 18.05 -101.15
N ALA G 1131 71.26 17.57 -100.55
CA ALA G 1131 72.60 17.44 -101.16
C ALA G 1131 72.55 16.47 -102.34
N LEU G 1132 71.91 15.32 -102.14
CA LEU G 1132 71.93 14.20 -103.12
C LEU G 1132 71.07 14.59 -104.32
N ALA G 1133 69.85 15.05 -104.03
CA ALA G 1133 68.90 15.69 -104.97
C ALA G 1133 69.63 16.69 -105.87
N GLY G 1134 70.34 17.65 -105.26
CA GLY G 1134 70.95 18.78 -105.95
C GLY G 1134 69.95 19.89 -106.23
N SER G 1135 70.36 20.88 -107.01
CA SER G 1135 69.65 22.17 -107.23
C SER G 1135 68.57 21.99 -108.32
N GLU G 1136 68.98 21.56 -109.51
CA GLU G 1136 68.09 21.38 -110.69
C GLU G 1136 66.93 20.47 -110.30
N ILE G 1137 65.75 20.74 -110.85
CA ILE G 1137 64.56 19.87 -110.76
C ILE G 1137 64.62 18.88 -111.92
N ASN G 1138 64.95 17.61 -111.61
CA ASN G 1138 65.00 16.45 -112.54
C ASN G 1138 64.65 15.17 -111.78
N TRP G 1139 64.84 14.02 -112.43
CA TRP G 1139 64.60 12.66 -111.86
C TRP G 1139 65.35 12.51 -110.55
N ARG G 1140 66.59 12.99 -110.46
CA ARG G 1140 67.38 12.87 -109.20
C ARG G 1140 66.66 13.65 -108.10
N HIS G 1141 66.15 14.84 -108.40
CA HIS G 1141 65.51 15.75 -107.42
C HIS G 1141 64.28 15.07 -106.83
N ALA G 1142 63.47 14.46 -107.70
CA ALA G 1142 62.24 13.69 -107.35
C ALA G 1142 62.64 12.54 -106.43
N SER G 1143 63.49 11.65 -106.96
CA SER G 1143 64.01 10.42 -106.31
C SER G 1143 64.31 10.67 -104.86
N PHE G 1144 64.95 11.79 -104.48
CA PHE G 1144 65.42 11.98 -103.08
C PHE G 1144 64.48 12.83 -102.23
N LEU G 1145 63.50 13.55 -102.81
CA LEU G 1145 62.64 14.48 -102.04
C LEU G 1145 61.16 14.14 -102.17
N CYS G 1146 60.72 13.52 -103.27
CA CYS G 1146 59.41 12.82 -103.32
C CYS G 1146 59.30 11.99 -102.03
N SER G 1147 58.34 12.31 -101.18
CA SER G 1147 58.11 11.56 -99.92
C SER G 1147 57.43 10.23 -100.25
N PHE G 1148 56.60 10.20 -101.30
CA PHE G 1148 55.81 9.03 -101.74
C PHE G 1148 56.11 8.68 -103.20
N ILE G 1149 55.82 7.44 -103.57
CA ILE G 1149 55.77 6.94 -104.98
C ILE G 1149 54.54 6.06 -105.12
N THR G 1150 54.18 5.69 -106.34
CA THR G 1150 52.95 4.94 -106.67
C THR G 1150 53.34 3.52 -107.12
N GLN G 1151 52.95 2.48 -106.37
CA GLN G 1151 52.81 1.09 -106.90
C GLN G 1151 51.39 0.92 -107.43
N ASP G 1152 51.24 0.74 -108.75
CA ASP G 1152 49.93 0.66 -109.43
C ASP G 1152 49.13 1.93 -109.10
N LYS G 1153 48.04 1.84 -108.34
CA LYS G 1153 47.23 3.03 -107.94
C LYS G 1153 47.62 3.48 -106.53
N MET G 1154 48.23 2.62 -105.72
CA MET G 1154 48.49 2.90 -104.27
C MET G 1154 49.72 3.77 -104.12
N PHE G 1155 49.81 4.50 -102.99
CA PHE G 1155 50.91 5.41 -102.58
C PHE G 1155 51.72 4.80 -101.43
N VAL G 1156 52.87 4.23 -101.74
CA VAL G 1156 53.84 3.63 -100.78
C VAL G 1156 54.90 4.68 -100.47
N SER G 1157 55.49 4.65 -99.28
CA SER G 1157 56.62 5.54 -98.88
C SER G 1157 57.80 5.33 -99.82
N ASN G 1158 58.58 6.38 -100.04
CA ASN G 1158 59.67 6.41 -101.06
C ASN G 1158 60.78 5.48 -100.62
N PRO G 1159 61.01 4.37 -101.33
CA PRO G 1159 62.01 3.38 -100.92
C PRO G 1159 63.45 3.88 -101.09
N ILE G 1160 63.65 4.77 -102.07
CA ILE G 1160 64.97 5.35 -102.40
C ILE G 1160 65.46 6.22 -101.21
N ARG G 1161 64.58 6.89 -100.47
CA ARG G 1161 64.99 7.63 -99.23
C ARG G 1161 65.20 6.67 -98.07
N LYS G 1162 64.48 5.54 -98.02
CA LYS G 1162 64.71 4.48 -97.00
C LYS G 1162 66.15 3.99 -97.16
N VAL G 1163 66.51 3.61 -98.38
CA VAL G 1163 67.83 3.04 -98.71
C VAL G 1163 68.93 4.03 -98.32
N PHE G 1164 68.84 5.28 -98.73
CA PHE G 1164 69.93 6.29 -98.55
C PHE G 1164 69.81 7.05 -97.22
N LYS G 1165 68.85 6.74 -96.35
CA LYS G 1165 68.82 7.30 -94.97
C LYS G 1165 70.20 7.14 -94.33
N PRO G 1166 70.83 8.24 -93.85
CA PRO G 1166 72.25 8.21 -93.52
C PRO G 1166 72.56 7.58 -92.16
N SER G 1167 73.67 6.86 -92.07
CA SER G 1167 74.19 6.17 -90.85
C SER G 1167 75.71 6.02 -90.95
N GLN G 1168 76.41 5.77 -89.84
CA GLN G 1168 77.90 5.78 -89.82
C GLN G 1168 78.41 4.74 -90.84
N GLY G 1169 79.25 5.19 -91.78
CA GLY G 1169 80.04 4.33 -92.67
C GLY G 1169 79.65 4.46 -94.13
N MET G 1170 78.40 4.84 -94.40
CA MET G 1170 77.85 4.87 -95.79
C MET G 1170 78.30 6.16 -96.52
N VAL G 1171 78.71 6.00 -97.78
CA VAL G 1171 79.55 6.95 -98.56
C VAL G 1171 78.95 7.05 -99.97
N VAL G 1172 78.33 8.17 -100.27
CA VAL G 1172 77.64 8.40 -101.58
C VAL G 1172 78.63 9.07 -102.51
N GLU G 1173 78.61 8.70 -103.80
CA GLU G 1173 79.50 9.25 -104.83
C GLU G 1173 78.65 9.54 -106.07
N ILE G 1174 78.56 10.81 -106.46
CA ILE G 1174 77.78 11.30 -107.63
C ILE G 1174 78.76 11.55 -108.79
N SER G 1175 78.34 11.32 -110.03
CA SER G 1175 79.21 11.39 -111.22
C SER G 1175 78.40 11.82 -112.44
N ASN G 1176 78.83 12.90 -113.11
CA ASN G 1176 78.07 13.67 -114.14
C ASN G 1176 76.87 14.35 -113.47
N GLY G 1177 77.10 14.99 -112.32
CA GLY G 1177 76.06 15.62 -111.48
C GLY G 1177 75.27 16.71 -112.19
N ASN G 1178 75.88 17.40 -113.17
CA ASN G 1178 75.33 18.60 -113.87
C ASN G 1178 74.92 18.26 -115.30
N THR G 1179 74.48 17.02 -115.57
CA THR G 1179 73.79 16.61 -116.82
C THR G 1179 72.94 15.37 -116.50
N SER G 1180 71.68 15.60 -116.09
CA SER G 1180 70.74 14.58 -115.54
C SER G 1180 70.82 13.26 -116.30
N SER G 1181 70.79 13.30 -117.64
CA SER G 1181 70.61 12.12 -118.55
C SER G 1181 71.65 11.00 -118.28
N LYS G 1182 72.82 11.33 -117.72
CA LYS G 1182 73.93 10.38 -117.45
C LYS G 1182 74.36 10.35 -115.98
N THR G 1183 73.77 11.19 -115.14
CA THR G 1183 74.10 11.22 -113.70
C THR G 1183 74.01 9.79 -113.15
N VAL G 1184 74.98 9.41 -112.31
CA VAL G 1184 74.98 8.12 -111.56
C VAL G 1184 75.33 8.43 -110.11
N VAL G 1185 74.51 7.95 -109.18
CA VAL G 1185 74.73 8.10 -107.71
C VAL G 1185 74.92 6.70 -107.14
N THR G 1186 76.05 6.48 -106.46
CA THR G 1186 76.65 5.15 -106.18
C THR G 1186 76.98 5.07 -104.68
N LEU G 1187 76.11 4.43 -103.91
CA LEU G 1187 76.27 4.28 -102.44
C LEU G 1187 77.24 3.12 -102.17
N SER G 1188 78.12 3.30 -101.20
CA SER G 1188 79.15 2.30 -100.80
C SER G 1188 79.18 2.27 -99.27
N GLU G 1189 79.33 1.07 -98.70
CA GLU G 1189 79.32 0.82 -97.23
C GLU G 1189 80.48 -0.11 -96.87
N PRO G 1190 80.77 -0.28 -95.56
CA PRO G 1190 81.60 -1.39 -95.09
C PRO G 1190 80.97 -2.76 -95.36
N VAL G 1191 81.73 -3.66 -95.99
CA VAL G 1191 81.33 -5.07 -96.30
C VAL G 1191 82.54 -5.98 -96.03
N GLN G 1192 82.53 -6.66 -94.87
CA GLN G 1192 83.58 -7.62 -94.45
C GLN G 1192 84.91 -6.86 -94.32
N GLY G 1193 84.87 -5.69 -93.67
CA GLY G 1193 86.04 -4.81 -93.44
C GLY G 1193 86.15 -3.70 -94.47
N GLU G 1194 86.45 -4.04 -95.73
CA GLU G 1194 86.67 -3.08 -96.86
C GLU G 1194 85.37 -2.31 -97.18
N LEU G 1195 85.40 -1.41 -98.18
CA LEU G 1195 84.25 -0.54 -98.56
C LEU G 1195 83.88 -0.74 -100.04
N LYS G 1196 82.72 -1.38 -100.29
CA LYS G 1196 82.28 -1.84 -101.63
C LYS G 1196 80.99 -1.13 -102.06
N PRO G 1197 80.71 -1.01 -103.38
CA PRO G 1197 79.44 -0.47 -103.86
C PRO G 1197 78.24 -1.38 -103.52
N THR G 1198 77.18 -0.80 -102.93
CA THR G 1198 75.97 -1.53 -102.46
C THR G 1198 74.70 -1.08 -103.17
N VAL G 1199 74.65 0.13 -103.73
CA VAL G 1199 73.51 0.64 -104.59
C VAL G 1199 74.08 1.46 -105.76
N ILE G 1200 73.40 1.45 -106.90
CA ILE G 1200 73.75 2.24 -108.11
C ILE G 1200 72.45 2.78 -108.70
N LEU G 1201 72.07 3.98 -108.26
CA LEU G 1201 70.81 4.67 -108.64
C LEU G 1201 71.07 5.54 -109.87
N LYS G 1202 70.45 5.24 -111.00
CA LYS G 1202 70.69 5.94 -112.29
C LYS G 1202 69.50 5.81 -113.24
N LEU G 1203 69.57 6.50 -114.38
CA LEU G 1203 68.66 6.37 -115.56
C LEU G 1203 69.10 5.17 -116.42
N LEU G 1204 68.15 4.36 -116.90
CA LEU G 1204 68.38 3.49 -118.09
C LEU G 1204 68.00 4.32 -119.31
N LYS G 1205 67.42 3.69 -120.34
CA LYS G 1205 66.51 4.31 -121.33
C LYS G 1205 65.70 5.44 -120.64
N GLU G 1206 65.27 6.43 -121.44
CA GLU G 1206 65.01 7.86 -121.09
C GLU G 1206 64.13 8.05 -119.84
N ASN G 1207 63.07 7.27 -119.66
CA ASN G 1207 62.05 7.56 -118.61
C ASN G 1207 61.98 6.45 -117.55
N ILE G 1208 63.09 5.72 -117.31
CA ILE G 1208 63.16 4.59 -116.33
C ILE G 1208 64.33 4.81 -115.37
N ILE G 1209 64.03 4.96 -114.07
CA ILE G 1209 65.04 5.06 -112.98
C ILE G 1209 65.32 3.64 -112.48
N GLN G 1210 66.52 3.10 -112.75
CA GLN G 1210 66.97 1.80 -112.22
C GLN G 1210 67.69 2.07 -110.91
N MET G 1211 67.37 1.30 -109.87
CA MET G 1211 68.07 1.31 -108.57
C MET G 1211 68.77 -0.04 -108.36
N GLU G 1212 69.82 -0.32 -109.14
CA GLU G 1212 70.58 -1.60 -109.12
C GLU G 1212 71.13 -1.79 -107.72
N MET G 1213 70.72 -2.86 -107.04
CA MET G 1213 70.81 -3.00 -105.57
C MET G 1213 71.55 -4.28 -105.20
N ILE G 1214 72.76 -4.16 -104.67
CA ILE G 1214 73.84 -5.18 -104.86
C ILE G 1214 74.01 -5.98 -103.56
N GLU G 1215 74.12 -7.30 -103.71
CA GLU G 1215 74.56 -8.21 -102.63
C GLU G 1215 76.00 -8.64 -102.92
N ASN G 1216 76.90 -8.43 -101.95
CA ASN G 1216 78.34 -8.80 -102.05
C ASN G 1216 78.59 -10.18 -101.42
N ARG G 1217 77.76 -10.56 -100.45
CA ARG G 1217 77.85 -11.83 -99.67
C ARG G 1217 77.07 -12.94 -100.38
N THR G 1218 77.65 -13.50 -101.44
CA THR G 1218 77.01 -14.49 -102.34
C THR G 1218 77.80 -15.81 -102.30
N MET G 1219 77.35 -16.82 -103.07
CA MET G 1219 77.86 -18.22 -103.05
C MET G 1219 79.30 -18.29 -103.55
N ASP G 1220 79.63 -17.58 -104.64
CA ASP G 1220 80.93 -17.66 -105.35
C ASP G 1220 81.59 -16.28 -105.48
N GLY G 1221 81.26 -15.32 -104.59
CA GLY G 1221 81.94 -14.01 -104.52
C GLY G 1221 81.45 -13.00 -105.56
N LYS G 1222 81.34 -13.41 -106.83
CA LYS G 1222 80.76 -12.61 -107.95
C LYS G 1222 79.49 -11.92 -107.46
N PRO G 1223 79.48 -10.60 -107.19
CA PRO G 1223 78.32 -9.97 -106.55
C PRO G 1223 77.05 -10.07 -107.42
N VAL G 1224 75.89 -10.02 -106.76
CA VAL G 1224 74.53 -10.27 -107.34
C VAL G 1224 73.74 -8.97 -107.28
N SER G 1225 73.03 -8.64 -108.37
CA SER G 1225 72.36 -7.34 -108.62
C SER G 1225 70.87 -7.55 -108.81
N LEU G 1226 70.05 -6.91 -107.97
CA LEU G 1226 68.57 -6.84 -108.08
C LEU G 1226 68.21 -5.54 -108.82
N PRO G 1227 67.85 -5.55 -110.13
CA PRO G 1227 67.40 -4.34 -110.81
C PRO G 1227 65.97 -3.92 -110.41
N LEU G 1228 65.81 -3.00 -109.46
CA LEU G 1228 64.49 -2.41 -109.09
C LEU G 1228 64.20 -1.22 -110.03
N LEU G 1229 63.15 -1.31 -110.86
CA LEU G 1229 62.82 -0.29 -111.88
C LEU G 1229 61.69 0.63 -111.39
N TYR G 1230 61.66 1.84 -111.92
CA TYR G 1230 60.72 2.92 -111.52
C TYR G 1230 60.47 3.86 -112.71
N ASN G 1231 59.21 3.99 -113.14
CA ASN G 1231 58.77 4.97 -114.17
C ASN G 1231 58.84 6.39 -113.59
N PHE G 1232 59.54 7.30 -114.27
CA PHE G 1232 59.58 8.74 -113.95
C PHE G 1232 58.73 9.49 -114.96
N ASN G 1233 57.57 9.96 -114.52
CA ASN G 1233 56.57 10.65 -115.37
C ASN G 1233 56.53 12.11 -114.92
N PRO G 1234 57.09 13.06 -115.70
CA PRO G 1234 57.08 14.47 -115.29
C PRO G 1234 55.72 15.17 -115.48
N ASP G 1235 54.79 14.58 -116.25
CA ASP G 1235 53.44 15.14 -116.52
C ASP G 1235 52.58 15.13 -115.25
N ASN G 1236 52.65 14.05 -114.48
CA ASN G 1236 52.08 13.95 -113.11
C ASN G 1236 53.18 14.38 -112.16
N GLY G 1237 53.07 15.53 -111.52
CA GLY G 1237 54.17 16.18 -110.80
C GLY G 1237 54.03 16.11 -109.30
N PHE G 1238 52.88 15.72 -108.78
CA PHE G 1238 52.70 15.46 -107.32
C PHE G 1238 53.41 14.15 -106.96
N ALA G 1239 53.26 13.16 -107.83
CA ALA G 1239 53.81 11.80 -107.74
C ALA G 1239 54.39 11.43 -109.10
N PRO G 1240 55.60 11.93 -109.42
CA PRO G 1240 56.25 11.61 -110.68
C PRO G 1240 56.90 10.21 -110.75
N ILE G 1241 57.24 9.61 -109.60
CA ILE G 1241 57.88 8.25 -109.56
C ILE G 1241 56.82 7.20 -109.23
N SER G 1242 56.75 6.13 -110.03
CA SER G 1242 55.84 4.96 -109.89
C SER G 1242 56.63 3.66 -110.14
N GLU G 1243 56.59 2.70 -109.23
CA GLU G 1243 57.31 1.40 -109.40
C GLU G 1243 56.71 0.64 -110.59
N VAL G 1244 57.56 0.11 -111.46
CA VAL G 1244 57.18 -0.89 -112.50
C VAL G 1244 56.87 -2.20 -111.77
N MET G 1245 55.64 -2.71 -111.89
CA MET G 1245 55.16 -3.90 -111.16
C MET G 1245 55.16 -5.14 -112.07
N GLU G 1246 55.27 -4.96 -113.39
CA GLU G 1246 55.21 -6.06 -114.40
C GLU G 1246 56.53 -6.83 -114.36
N ASP G 1247 56.51 -8.07 -113.88
CA ASP G 1247 57.70 -8.95 -113.68
C ASP G 1247 58.60 -8.37 -112.59
N ARG G 1248 58.03 -7.73 -111.57
CA ARG G 1248 58.79 -7.33 -110.36
C ARG G 1248 59.08 -8.57 -109.50
N ASN G 1249 58.07 -9.40 -109.26
CA ASN G 1249 58.20 -10.62 -108.43
C ASN G 1249 59.17 -11.62 -109.08
N GLN G 1250 59.36 -11.58 -110.41
CA GLN G 1250 60.31 -12.49 -111.11
C GLN G 1250 61.71 -11.87 -111.32
N ARG G 1251 61.95 -10.65 -110.86
CA ARG G 1251 63.32 -10.10 -110.73
C ARG G 1251 63.81 -10.53 -109.35
N ILE G 1252 63.00 -10.22 -108.34
CA ILE G 1252 63.28 -10.54 -106.92
C ILE G 1252 63.57 -12.04 -106.78
N LYS G 1253 62.87 -12.90 -107.51
CA LYS G 1253 63.10 -14.36 -107.45
C LYS G 1253 64.45 -14.69 -108.06
N GLU G 1254 64.72 -14.22 -109.29
CA GLU G 1254 66.01 -14.45 -109.98
C GLU G 1254 67.18 -14.19 -109.05
N MET G 1255 67.11 -13.11 -108.29
CA MET G 1255 68.20 -12.68 -107.36
C MET G 1255 68.38 -13.72 -106.26
N TYR G 1256 67.30 -14.05 -105.57
CA TYR G 1256 67.25 -15.05 -104.48
C TYR G 1256 67.67 -16.42 -105.00
N TRP G 1257 67.33 -16.75 -106.25
CA TRP G 1257 67.77 -18.01 -106.88
C TRP G 1257 69.29 -18.07 -106.97
N LYS G 1258 69.96 -17.01 -107.45
CA LYS G 1258 71.45 -16.93 -107.51
C LYS G 1258 72.01 -17.20 -106.11
N LEU G 1259 71.36 -16.66 -105.08
CA LEU G 1259 71.88 -16.69 -103.68
C LEU G 1259 71.65 -18.04 -102.99
N TRP G 1260 70.60 -18.78 -103.36
CA TRP G 1260 70.10 -19.97 -102.62
C TRP G 1260 70.32 -21.24 -103.44
N ILE G 1261 69.74 -21.31 -104.64
CA ILE G 1261 69.72 -22.53 -105.49
C ILE G 1261 71.00 -22.54 -106.34
N ASP G 1262 71.48 -23.73 -106.71
CA ASP G 1262 72.73 -23.96 -107.47
C ASP G 1262 72.43 -24.62 -108.82
N GLU G 1263 71.32 -24.25 -109.46
CA GLU G 1263 70.79 -24.89 -110.70
C GLU G 1263 70.56 -23.83 -111.77
N PRO G 1264 70.27 -24.21 -113.04
CA PRO G 1264 69.82 -23.25 -114.06
C PRO G 1264 68.42 -22.70 -113.74
N PHE G 1265 68.30 -21.36 -113.65
CA PHE G 1265 67.08 -20.62 -113.26
C PHE G 1265 65.91 -20.99 -114.17
N ASN G 1266 64.77 -21.32 -113.56
CA ASN G 1266 63.52 -21.75 -114.24
C ASN G 1266 62.39 -21.84 -113.22
N LEU G 1267 61.35 -21.01 -113.36
CA LEU G 1267 60.18 -20.92 -112.43
C LEU G 1267 58.94 -21.57 -113.07
N ASP G 1268 59.13 -22.35 -114.14
CA ASP G 1268 58.05 -23.17 -114.77
C ASP G 1268 58.25 -24.63 -114.35
N PHE G 1269 57.80 -24.97 -113.15
CA PHE G 1269 57.73 -26.37 -112.62
C PHE G 1269 56.59 -26.44 -111.60
N ASP G 1270 55.75 -27.48 -111.70
CA ASP G 1270 54.47 -27.62 -110.95
C ASP G 1270 54.77 -27.67 -109.45
N PRO G 1271 54.05 -26.92 -108.59
CA PRO G 1271 54.16 -27.10 -107.15
C PRO G 1271 53.81 -28.51 -106.66
N ARG G 1272 52.73 -29.12 -107.18
CA ARG G 1272 52.28 -30.50 -106.79
C ARG G 1272 53.40 -31.53 -106.94
N ASP G 1273 54.32 -31.37 -107.92
CA ASP G 1273 55.42 -32.33 -108.16
C ASP G 1273 56.41 -32.32 -106.99
N VAL G 1274 57.15 -33.42 -106.84
CA VAL G 1274 58.23 -33.62 -105.83
C VAL G 1274 59.47 -32.85 -106.28
N ILE G 1275 60.18 -32.25 -105.31
CA ILE G 1275 61.48 -31.56 -105.48
C ILE G 1275 62.53 -32.44 -104.84
N LYS G 1276 63.64 -32.73 -105.52
CA LYS G 1276 64.74 -33.59 -104.97
C LYS G 1276 66.07 -32.84 -105.03
N GLY G 1277 66.68 -32.62 -103.85
CA GLY G 1277 68.01 -32.00 -103.70
C GLY G 1277 69.14 -32.97 -103.97
N LYS G 1278 70.37 -32.46 -104.12
CA LYS G 1278 71.62 -33.24 -104.27
C LYS G 1278 71.82 -34.14 -103.04
N ASP G 1279 72.43 -35.31 -103.22
CA ASP G 1279 72.98 -36.14 -102.12
C ASP G 1279 74.04 -35.31 -101.40
N PHE G 1280 73.97 -35.29 -100.07
CA PHE G 1280 74.80 -34.44 -99.19
C PHE G 1280 75.59 -35.34 -98.25
N GLU G 1281 76.90 -35.50 -98.48
CA GLU G 1281 77.81 -36.22 -97.57
C GLU G 1281 78.06 -35.32 -96.36
N ILE G 1282 77.69 -35.77 -95.16
CA ILE G 1282 78.06 -35.09 -93.88
C ILE G 1282 79.56 -35.30 -93.67
N THR G 1283 80.26 -34.26 -93.18
CA THR G 1283 81.72 -34.27 -92.88
C THR G 1283 81.93 -33.60 -91.53
N ALA G 1284 82.98 -34.00 -90.79
CA ALA G 1284 83.30 -33.47 -89.45
C ALA G 1284 83.49 -31.94 -89.56
N LYS G 1285 84.13 -31.52 -90.65
CA LYS G 1285 84.35 -30.12 -91.04
C LYS G 1285 83.03 -29.35 -90.91
N GLU G 1286 82.02 -29.73 -91.69
CA GLU G 1286 80.70 -29.04 -91.76
C GLU G 1286 80.06 -28.97 -90.38
N VAL G 1287 79.95 -30.11 -89.70
CA VAL G 1287 79.28 -30.26 -88.36
C VAL G 1287 80.00 -29.40 -87.32
N TYR G 1288 81.33 -29.44 -87.30
CA TYR G 1288 82.20 -28.64 -86.41
C TYR G 1288 81.83 -27.15 -86.55
N ASP G 1289 81.81 -26.65 -87.79
CA ASP G 1289 81.53 -25.23 -88.14
C ASP G 1289 80.13 -24.87 -87.63
N PHE G 1290 79.14 -25.66 -88.06
CA PHE G 1290 77.71 -25.47 -87.75
C PHE G 1290 77.51 -25.30 -86.24
N THR G 1291 78.15 -26.14 -85.41
CA THR G 1291 77.96 -26.14 -83.94
C THR G 1291 78.50 -24.85 -83.33
N HIS G 1292 79.60 -24.31 -83.85
CA HIS G 1292 80.21 -23.04 -83.37
C HIS G 1292 79.30 -21.85 -83.72
N ALA G 1293 78.73 -21.86 -84.93
CA ALA G 1293 77.81 -20.81 -85.41
C ALA G 1293 76.62 -20.68 -84.45
N VAL G 1294 75.96 -21.79 -84.12
CA VAL G 1294 74.69 -21.78 -83.32
C VAL G 1294 74.96 -21.75 -81.81
N GLY G 1295 76.12 -22.24 -81.36
CA GLY G 1295 76.51 -22.25 -79.94
C GLY G 1295 76.10 -23.52 -79.22
N ASN G 1296 76.20 -24.66 -79.91
CA ASN G 1296 75.83 -26.03 -79.44
C ASN G 1296 77.10 -26.75 -78.99
N ASN G 1297 77.33 -26.83 -77.68
CA ASN G 1297 78.60 -27.34 -77.10
C ASN G 1297 78.54 -28.87 -76.93
N CYS G 1298 77.35 -29.44 -76.80
CA CYS G 1298 77.06 -30.89 -76.56
C CYS G 1298 78.17 -31.82 -77.09
N GLU G 1299 78.65 -32.72 -76.22
CA GLU G 1299 79.80 -33.64 -76.42
C GLU G 1299 79.61 -34.51 -77.66
N ASP G 1300 78.36 -34.87 -78.00
CA ASP G 1300 78.06 -35.86 -79.07
C ASP G 1300 78.58 -35.40 -80.43
N PHE G 1301 78.85 -34.10 -80.59
CA PHE G 1301 79.19 -33.44 -81.87
C PHE G 1301 80.70 -33.22 -82.00
N VAL G 1302 81.41 -33.28 -80.87
CA VAL G 1302 82.91 -33.22 -80.83
C VAL G 1302 83.46 -34.57 -81.29
N SER G 1303 84.56 -34.53 -82.04
CA SER G 1303 85.34 -35.73 -82.49
C SER G 1303 86.23 -36.21 -81.34
N ARG G 1304 85.81 -37.28 -80.66
CA ARG G 1304 86.62 -38.06 -79.68
C ARG G 1304 86.99 -39.40 -80.33
N PRO G 1305 87.94 -40.20 -79.76
CA PRO G 1305 88.25 -41.52 -80.31
C PRO G 1305 87.21 -42.59 -79.92
N ASP G 1306 87.16 -43.68 -80.70
CA ASP G 1306 86.16 -44.79 -80.63
C ASP G 1306 84.82 -44.29 -81.20
N ARG G 1307 83.95 -43.72 -80.37
CA ARG G 1307 82.55 -43.29 -80.71
C ARG G 1307 82.60 -42.40 -81.96
N THR G 1308 81.61 -42.52 -82.86
CA THR G 1308 81.48 -41.72 -84.11
C THR G 1308 80.82 -40.36 -83.81
N MET G 1309 81.23 -39.33 -84.55
CA MET G 1309 80.68 -37.95 -84.42
C MET G 1309 79.24 -37.93 -84.95
N LEU G 1310 78.31 -37.42 -84.14
CA LEU G 1310 76.89 -37.20 -84.53
C LEU G 1310 76.75 -35.79 -85.11
N ALA G 1311 75.74 -35.57 -85.96
CA ALA G 1311 75.28 -34.22 -86.37
C ALA G 1311 74.04 -33.88 -85.54
N PRO G 1312 73.86 -32.59 -85.17
CA PRO G 1312 72.63 -32.16 -84.50
C PRO G 1312 71.45 -32.27 -85.48
N MET G 1313 70.21 -32.33 -85.01
CA MET G 1313 69.03 -32.48 -85.91
C MET G 1313 68.80 -31.17 -86.66
N ASP G 1314 69.08 -30.02 -86.01
CA ASP G 1314 69.20 -28.68 -86.62
C ASP G 1314 69.91 -28.74 -87.99
N PHE G 1315 70.95 -29.56 -88.08
CA PHE G 1315 71.79 -29.77 -89.28
C PHE G 1315 70.92 -30.21 -90.47
N ALA G 1316 69.72 -30.74 -90.25
CA ALA G 1316 68.78 -31.17 -91.30
C ALA G 1316 68.46 -30.01 -92.24
N ILE G 1317 68.31 -28.80 -91.71
CA ILE G 1317 67.96 -27.60 -92.52
C ILE G 1317 69.11 -27.28 -93.48
N VAL G 1318 70.36 -27.57 -93.10
CA VAL G 1318 71.57 -27.36 -93.96
C VAL G 1318 71.52 -28.35 -95.14
N VAL G 1319 70.97 -29.52 -94.92
CA VAL G 1319 70.86 -30.60 -95.94
C VAL G 1319 69.63 -30.29 -96.79
N GLY G 1320 68.55 -29.91 -96.11
CA GLY G 1320 67.21 -29.72 -96.68
C GLY G 1320 67.07 -28.47 -97.51
N TRP G 1321 67.59 -27.33 -97.02
CA TRP G 1321 67.31 -25.94 -97.51
C TRP G 1321 67.16 -25.86 -99.03
N ARG G 1322 68.18 -26.22 -99.81
CA ARG G 1322 68.14 -26.08 -101.30
C ARG G 1322 66.85 -26.72 -101.83
N ALA G 1323 66.38 -27.82 -101.24
CA ALA G 1323 65.13 -28.50 -101.66
C ALA G 1323 63.92 -27.77 -101.08
N ILE G 1324 63.92 -27.57 -99.76
CA ILE G 1324 62.75 -27.00 -99.04
C ILE G 1324 62.40 -25.65 -99.69
N ILE G 1325 63.35 -24.73 -99.75
CA ILE G 1325 63.08 -23.32 -100.18
C ILE G 1325 62.64 -23.30 -101.64
N LYS G 1326 63.12 -24.21 -102.48
CA LYS G 1326 62.76 -24.24 -103.91
C LYS G 1326 61.24 -24.34 -104.07
N ALA G 1327 60.50 -24.79 -103.05
CA ALA G 1327 59.04 -25.03 -103.15
C ALA G 1327 58.26 -23.72 -103.23
N ILE G 1328 58.81 -22.60 -102.80
CA ILE G 1328 58.11 -21.28 -102.82
C ILE G 1328 58.47 -20.48 -104.08
N PHE G 1329 59.21 -21.05 -105.03
CA PHE G 1329 59.71 -20.34 -106.24
C PHE G 1329 58.76 -20.39 -107.42
N PRO G 1330 57.94 -21.43 -107.65
CA PRO G 1330 57.15 -21.53 -108.88
C PRO G 1330 56.30 -20.31 -109.28
N ASN G 1331 56.04 -20.14 -110.58
CA ASN G 1331 55.21 -19.04 -111.14
C ASN G 1331 53.83 -19.04 -110.47
N THR G 1332 53.27 -20.23 -110.25
CA THR G 1332 51.89 -20.45 -109.73
C THR G 1332 51.78 -20.10 -108.24
N VAL G 1333 52.89 -20.05 -107.49
CA VAL G 1333 52.92 -19.60 -106.07
C VAL G 1333 53.69 -18.28 -106.01
N ASP G 1334 53.07 -17.21 -106.52
CA ASP G 1334 53.70 -15.90 -106.85
C ASP G 1334 53.72 -15.01 -105.60
N GLY G 1335 54.89 -14.47 -105.23
CA GLY G 1335 55.01 -13.61 -104.03
C GLY G 1335 56.24 -12.72 -104.02
N ASP G 1336 56.16 -11.64 -103.25
CA ASP G 1336 57.26 -10.68 -103.02
C ASP G 1336 58.20 -11.33 -102.00
N LEU G 1337 59.29 -11.92 -102.49
CA LEU G 1337 60.23 -12.66 -101.63
C LEU G 1337 60.85 -11.73 -100.56
N LEU G 1338 60.78 -10.40 -100.74
CA LEU G 1338 61.40 -9.43 -99.80
C LEU G 1338 60.47 -9.27 -98.59
N LYS G 1339 59.19 -9.57 -98.76
CA LYS G 1339 58.18 -9.55 -97.67
C LYS G 1339 57.82 -10.98 -97.22
N LEU G 1340 58.70 -11.96 -97.42
CA LEU G 1340 58.47 -13.37 -96.99
C LEU G 1340 58.75 -13.49 -95.50
N VAL G 1341 57.83 -14.11 -94.77
CA VAL G 1341 58.01 -14.46 -93.33
C VAL G 1341 58.11 -15.98 -93.22
N HIS G 1342 59.20 -16.47 -92.62
CA HIS G 1342 59.31 -17.84 -92.04
C HIS G 1342 58.44 -17.81 -90.78
N LEU G 1343 57.32 -18.51 -90.76
CA LEU G 1343 56.39 -18.49 -89.60
C LEU G 1343 56.83 -19.49 -88.53
N SER G 1344 57.19 -20.69 -88.96
CA SER G 1344 57.35 -21.86 -88.07
C SER G 1344 58.20 -22.89 -88.78
N ASN G 1345 59.15 -23.50 -88.06
CA ASN G 1345 59.96 -24.65 -88.54
C ASN G 1345 59.86 -25.78 -87.53
N GLY G 1346 59.88 -27.02 -88.00
CA GLY G 1346 59.80 -28.22 -87.12
C GLY G 1346 60.64 -29.37 -87.63
N TYR G 1347 61.15 -30.18 -86.71
CA TYR G 1347 61.81 -31.48 -87.01
C TYR G 1347 61.09 -32.59 -86.26
N LYS G 1348 61.08 -33.78 -86.86
CA LYS G 1348 60.34 -34.97 -86.36
C LYS G 1348 61.13 -36.16 -86.88
N MET G 1349 61.83 -36.85 -85.97
CA MET G 1349 62.60 -38.09 -86.25
C MET G 1349 61.59 -39.20 -86.51
N ILE G 1350 61.77 -40.00 -87.58
CA ILE G 1350 60.82 -41.10 -87.87
C ILE G 1350 61.18 -42.23 -86.91
N PRO G 1351 60.20 -42.84 -86.21
CA PRO G 1351 60.50 -43.68 -85.05
C PRO G 1351 61.43 -44.87 -85.35
N GLY G 1352 62.37 -45.13 -84.44
CA GLY G 1352 63.43 -46.15 -84.59
C GLY G 1352 64.72 -45.57 -85.14
N ALA G 1353 64.65 -44.68 -86.14
CA ALA G 1353 65.80 -44.13 -86.89
C ALA G 1353 66.80 -43.45 -85.94
N LYS G 1354 68.07 -43.87 -86.04
CA LYS G 1354 69.21 -43.27 -85.31
C LYS G 1354 69.49 -41.91 -85.90
N PRO G 1355 70.01 -40.95 -85.11
CA PRO G 1355 70.30 -39.60 -85.61
C PRO G 1355 71.50 -39.58 -86.58
N LEU G 1356 71.65 -38.48 -87.33
CA LEU G 1356 72.62 -38.32 -88.44
C LEU G 1356 74.06 -38.41 -87.89
N GLN G 1357 74.85 -39.35 -88.40
CA GLN G 1357 76.30 -39.52 -88.11
C GLN G 1357 77.12 -38.64 -89.07
N VAL G 1358 78.42 -38.89 -89.21
CA VAL G 1358 79.40 -37.98 -89.89
C VAL G 1358 79.92 -38.58 -91.19
N GLY G 1359 79.68 -39.87 -91.47
CA GLY G 1359 80.06 -40.47 -92.76
C GLY G 1359 78.88 -40.52 -93.72
N ASP G 1360 77.68 -40.27 -93.21
CA ASP G 1360 76.37 -40.59 -93.86
C ASP G 1360 76.22 -39.80 -95.15
N VAL G 1361 75.61 -40.43 -96.17
CA VAL G 1361 75.17 -39.78 -97.44
C VAL G 1361 73.64 -39.66 -97.39
N VAL G 1362 73.11 -38.43 -97.43
CA VAL G 1362 71.71 -38.12 -97.04
C VAL G 1362 70.97 -37.50 -98.22
N SER G 1363 70.12 -38.29 -98.88
CA SER G 1363 69.15 -37.82 -99.91
C SER G 1363 68.10 -36.92 -99.25
N THR G 1364 67.69 -35.86 -99.96
CA THR G 1364 66.55 -34.98 -99.59
C THR G 1364 65.51 -35.02 -100.71
N THR G 1365 64.27 -34.73 -100.33
CA THR G 1365 63.07 -34.71 -101.19
C THR G 1365 62.04 -33.90 -100.41
N ALA G 1366 61.53 -32.82 -101.00
CA ALA G 1366 60.58 -31.91 -100.33
C ALA G 1366 59.32 -31.79 -101.16
N VAL G 1367 58.22 -31.59 -100.48
CA VAL G 1367 56.85 -31.68 -101.04
C VAL G 1367 56.06 -30.54 -100.40
N ILE G 1368 55.42 -29.78 -101.24
CA ILE G 1368 54.50 -28.69 -100.81
C ILE G 1368 53.22 -29.38 -100.35
N GLU G 1369 52.78 -29.05 -99.15
CA GLU G 1369 51.75 -29.78 -98.37
C GLU G 1369 50.44 -29.00 -98.51
N SER G 1370 50.46 -27.74 -98.09
CA SER G 1370 49.39 -26.72 -98.29
C SER G 1370 49.95 -25.50 -99.02
N VAL G 1371 49.21 -24.99 -100.01
CA VAL G 1371 49.22 -23.57 -100.44
C VAL G 1371 47.79 -23.06 -100.25
N VAL G 1372 47.57 -22.10 -99.38
CA VAL G 1372 46.20 -21.67 -99.01
C VAL G 1372 46.23 -20.14 -98.89
N ASN G 1373 45.37 -19.45 -99.67
CA ASN G 1373 45.20 -17.97 -99.58
C ASN G 1373 44.37 -17.67 -98.34
N GLN G 1374 44.87 -16.79 -97.49
CA GLN G 1374 44.16 -16.25 -96.32
C GLN G 1374 43.88 -14.78 -96.62
N PRO G 1375 43.00 -14.10 -95.87
CA PRO G 1375 42.81 -12.66 -96.06
C PRO G 1375 44.16 -11.93 -96.16
N THR G 1376 44.96 -12.06 -95.11
CA THR G 1376 46.18 -11.26 -94.82
C THR G 1376 47.32 -11.66 -95.78
N GLY G 1377 47.28 -12.87 -96.38
CA GLY G 1377 48.33 -13.35 -97.31
C GLY G 1377 48.20 -14.82 -97.70
N LYS G 1378 49.26 -15.40 -98.28
CA LYS G 1378 49.34 -16.79 -98.79
C LYS G 1378 50.31 -17.60 -97.93
N ILE G 1379 49.87 -18.75 -97.37
CA ILE G 1379 50.69 -19.59 -96.44
C ILE G 1379 51.08 -20.86 -97.17
N VAL G 1380 52.37 -21.00 -97.46
CA VAL G 1380 52.99 -22.23 -98.04
C VAL G 1380 53.57 -23.09 -96.91
N ASP G 1381 53.25 -24.38 -96.92
CA ASP G 1381 53.63 -25.40 -95.90
C ASP G 1381 54.42 -26.52 -96.61
N VAL G 1382 55.70 -26.68 -96.30
CA VAL G 1382 56.59 -27.61 -97.02
C VAL G 1382 56.99 -28.72 -96.05
N VAL G 1383 57.17 -29.94 -96.58
CA VAL G 1383 57.57 -31.15 -95.82
C VAL G 1383 58.79 -31.79 -96.50
N GLY G 1384 59.96 -31.52 -95.95
CA GLY G 1384 61.22 -32.12 -96.39
C GLY G 1384 61.42 -33.47 -95.72
N THR G 1385 61.93 -34.45 -96.45
CA THR G 1385 62.17 -35.82 -95.97
C THR G 1385 63.64 -36.15 -96.24
N LEU G 1386 64.44 -36.19 -95.18
CA LEU G 1386 65.84 -36.68 -95.19
C LEU G 1386 65.81 -38.22 -95.21
N SER G 1387 66.63 -38.83 -96.06
CA SER G 1387 66.81 -40.30 -96.17
C SER G 1387 68.28 -40.70 -96.14
N ARG G 1388 68.61 -41.81 -95.48
CA ARG G 1388 69.96 -42.42 -95.31
C ARG G 1388 69.84 -43.91 -95.69
N ASN G 1389 70.63 -44.39 -96.67
CA ASN G 1389 70.60 -45.80 -97.13
C ASN G 1389 69.15 -46.22 -97.44
N GLY G 1390 68.42 -45.43 -98.24
CA GLY G 1390 67.10 -45.81 -98.78
C GLY G 1390 65.93 -45.54 -97.84
N LYS G 1391 66.16 -45.36 -96.53
CA LYS G 1391 65.08 -45.23 -95.51
C LYS G 1391 64.90 -43.77 -95.09
N PRO G 1392 63.66 -43.30 -94.82
CA PRO G 1392 63.46 -42.03 -94.11
C PRO G 1392 64.19 -41.99 -92.76
N VAL G 1393 64.80 -40.85 -92.44
CA VAL G 1393 65.43 -40.54 -91.13
C VAL G 1393 64.55 -39.54 -90.40
N MET G 1394 64.33 -38.36 -90.98
CA MET G 1394 63.44 -37.35 -90.36
C MET G 1394 62.72 -36.51 -91.41
N GLU G 1395 61.62 -35.89 -90.96
CA GLU G 1395 60.79 -34.89 -91.68
C GLU G 1395 61.09 -33.50 -91.13
N VAL G 1396 61.47 -32.59 -92.02
CA VAL G 1396 61.56 -31.12 -91.77
C VAL G 1396 60.25 -30.50 -92.28
N THR G 1397 59.58 -29.69 -91.46
CA THR G 1397 58.32 -28.96 -91.78
C THR G 1397 58.56 -27.46 -91.59
N SER G 1398 58.42 -26.68 -92.67
CA SER G 1398 58.57 -25.20 -92.69
C SER G 1398 57.26 -24.60 -93.19
N SER G 1399 56.74 -23.58 -92.51
CA SER G 1399 55.60 -22.77 -93.00
C SER G 1399 56.10 -21.35 -93.32
N PHE G 1400 55.98 -20.97 -94.58
CA PHE G 1400 56.30 -19.63 -95.13
C PHE G 1400 55.02 -18.84 -95.38
N PHE G 1401 55.08 -17.53 -95.22
CA PHE G 1401 53.95 -16.59 -95.42
C PHE G 1401 54.37 -15.47 -96.38
N TYR G 1402 53.71 -15.37 -97.54
CA TYR G 1402 53.77 -14.18 -98.44
C TYR G 1402 52.69 -13.18 -98.06
N ARG G 1403 53.04 -12.03 -97.43
CA ARG G 1403 52.05 -10.95 -97.11
C ARG G 1403 51.53 -10.37 -98.42
N GLY G 1404 50.21 -10.28 -98.56
CA GLY G 1404 49.59 -9.63 -99.72
C GLY G 1404 48.12 -9.96 -99.84
N ASN G 1405 47.57 -9.67 -101.02
CA ASN G 1405 46.16 -9.97 -101.37
C ASN G 1405 46.19 -10.88 -102.61
N TYR G 1406 45.96 -12.18 -102.39
CA TYR G 1406 45.97 -13.22 -103.46
C TYR G 1406 44.52 -13.68 -103.63
N THR G 1407 44.10 -13.85 -104.88
CA THR G 1407 42.77 -14.38 -105.31
C THR G 1407 43.05 -15.42 -106.38
N ASP G 1408 44.01 -16.30 -106.07
CA ASP G 1408 44.76 -17.18 -107.01
C ASP G 1408 44.26 -18.60 -106.76
N PHE G 1409 42.95 -18.77 -106.54
CA PHE G 1409 42.37 -19.99 -105.92
C PHE G 1409 42.56 -21.22 -106.82
N GLU G 1410 42.75 -21.02 -108.13
CA GLU G 1410 43.13 -22.05 -109.13
C GLU G 1410 44.40 -22.80 -108.70
N ASN G 1411 45.35 -22.12 -108.06
CA ASN G 1411 46.73 -22.58 -107.77
C ASN G 1411 46.90 -22.73 -106.26
N THR G 1412 45.85 -23.19 -105.60
CA THR G 1412 45.75 -23.26 -104.12
C THR G 1412 45.18 -24.65 -103.81
N PHE G 1413 45.80 -25.35 -102.88
CA PHE G 1413 45.50 -26.76 -102.56
C PHE G 1413 46.12 -27.16 -101.23
N GLN G 1414 45.83 -28.38 -100.82
CA GLN G 1414 46.14 -28.94 -99.49
C GLN G 1414 46.17 -30.44 -99.70
N LYS G 1415 47.29 -31.09 -99.38
CA LYS G 1415 47.58 -32.48 -99.81
C LYS G 1415 48.29 -33.15 -98.65
N THR G 1416 47.62 -33.18 -97.49
CA THR G 1416 48.12 -33.72 -96.20
C THR G 1416 48.08 -35.26 -96.21
N VAL G 1417 48.89 -35.85 -95.32
CA VAL G 1417 48.87 -37.28 -94.90
C VAL G 1417 48.41 -37.27 -93.45
N GLU G 1418 47.17 -37.74 -93.19
CA GLU G 1418 46.50 -37.58 -91.88
C GLU G 1418 47.15 -38.54 -90.89
N PRO G 1419 47.00 -38.32 -89.57
CA PRO G 1419 47.59 -39.23 -88.59
C PRO G 1419 46.80 -40.54 -88.56
N VAL G 1420 47.46 -41.68 -88.40
CA VAL G 1420 46.79 -43.01 -88.37
C VAL G 1420 45.81 -43.01 -87.19
N TYR G 1421 44.58 -43.43 -87.46
CA TYR G 1421 43.44 -43.49 -86.50
C TYR G 1421 43.01 -44.96 -86.39
N GLN G 1422 42.80 -45.44 -85.17
CA GLN G 1422 42.33 -46.83 -84.93
C GLN G 1422 40.96 -46.80 -84.25
N MET G 1423 40.13 -47.79 -84.60
CA MET G 1423 38.82 -48.08 -83.97
C MET G 1423 38.85 -49.52 -83.46
N HIS G 1424 38.54 -49.71 -82.18
CA HIS G 1424 38.15 -51.01 -81.60
C HIS G 1424 36.65 -51.15 -81.83
N ILE G 1425 36.22 -52.02 -82.75
CA ILE G 1425 34.77 -52.32 -82.95
C ILE G 1425 34.35 -53.31 -81.86
N LYS G 1426 33.71 -52.82 -80.79
CA LYS G 1426 33.27 -53.61 -79.60
C LYS G 1426 31.82 -54.11 -79.79
N THR G 1427 30.92 -53.21 -80.19
CA THR G 1427 29.45 -53.44 -80.20
C THR G 1427 29.00 -53.80 -81.63
N SER G 1428 27.68 -53.85 -81.86
CA SER G 1428 27.05 -54.09 -83.19
C SER G 1428 26.48 -52.78 -83.76
N LYS G 1429 26.31 -51.74 -82.95
CA LYS G 1429 25.89 -50.39 -83.44
C LYS G 1429 27.14 -49.52 -83.65
N ASP G 1430 28.35 -50.11 -83.61
CA ASP G 1430 29.60 -49.54 -84.17
C ASP G 1430 29.78 -50.07 -85.59
N ILE G 1431 29.60 -51.38 -85.80
CA ILE G 1431 29.73 -52.04 -87.13
C ILE G 1431 28.60 -51.52 -88.04
N ALA G 1432 27.41 -51.24 -87.50
CA ALA G 1432 26.24 -50.83 -88.33
C ALA G 1432 26.44 -49.42 -88.84
N VAL G 1433 27.17 -48.58 -88.09
CA VAL G 1433 27.55 -47.18 -88.48
C VAL G 1433 28.52 -47.23 -89.65
N LEU G 1434 29.64 -47.95 -89.49
CA LEU G 1434 30.69 -48.09 -90.55
C LEU G 1434 30.07 -48.60 -91.85
N ARG G 1435 29.12 -49.51 -91.79
CA ARG G 1435 28.44 -50.07 -93.00
C ARG G 1435 27.52 -49.02 -93.64
N SER G 1436 27.14 -47.96 -92.92
CA SER G 1436 26.27 -46.87 -93.45
C SER G 1436 27.08 -46.01 -94.42
N LYS G 1437 28.38 -45.89 -94.15
CA LYS G 1437 29.30 -44.93 -94.82
C LYS G 1437 29.71 -45.47 -96.18
N GLU G 1438 29.36 -44.72 -97.24
CA GLU G 1438 29.70 -45.01 -98.66
C GLU G 1438 31.20 -45.23 -98.76
N TRP G 1439 31.97 -44.46 -98.00
CA TRP G 1439 33.44 -44.35 -98.13
C TRP G 1439 34.19 -45.54 -97.51
N PHE G 1440 33.52 -46.48 -96.85
CA PHE G 1440 34.13 -47.67 -96.20
C PHE G 1440 33.92 -48.89 -97.11
N GLN G 1441 34.71 -48.98 -98.20
CA GLN G 1441 34.73 -50.15 -99.10
C GLN G 1441 35.50 -51.29 -98.42
N LEU G 1442 34.92 -52.48 -98.31
CA LEU G 1442 35.66 -53.72 -97.92
C LEU G 1442 35.83 -54.63 -99.15
N ASP G 1443 36.96 -55.35 -99.22
CA ASP G 1443 37.31 -56.29 -100.31
C ASP G 1443 36.35 -57.48 -100.26
N ASP G 1444 36.11 -58.01 -99.04
CA ASP G 1444 35.18 -59.11 -98.70
C ASP G 1444 34.05 -58.50 -97.86
N GLU G 1445 32.88 -58.25 -98.45
CA GLU G 1445 31.75 -57.48 -97.82
C GLU G 1445 31.25 -58.19 -96.56
N ASP G 1446 31.29 -59.53 -96.54
CA ASP G 1446 30.83 -60.42 -95.44
C ASP G 1446 31.80 -60.43 -94.24
N PHE G 1447 33.01 -59.88 -94.38
CA PHE G 1447 34.10 -59.86 -93.35
C PHE G 1447 33.55 -59.46 -91.98
N ASP G 1448 33.92 -60.22 -90.94
CA ASP G 1448 33.42 -60.04 -89.53
C ASP G 1448 34.31 -59.01 -88.81
N LEU G 1449 33.73 -57.88 -88.40
CA LEU G 1449 34.47 -56.75 -87.77
C LEU G 1449 34.42 -56.81 -86.24
N LEU G 1450 33.64 -57.71 -85.65
CA LEU G 1450 33.34 -57.67 -84.19
C LEU G 1450 34.58 -58.07 -83.39
N ASN G 1451 34.95 -57.24 -82.41
CA ASN G 1451 36.14 -57.37 -81.53
C ASN G 1451 37.43 -57.29 -82.35
N LYS G 1452 37.39 -56.65 -83.52
CA LYS G 1452 38.60 -56.36 -84.34
C LYS G 1452 39.06 -54.93 -84.06
N THR G 1453 40.34 -54.67 -84.29
CA THR G 1453 40.97 -53.34 -84.19
C THR G 1453 41.35 -52.89 -85.60
N LEU G 1454 40.53 -52.02 -86.21
CA LEU G 1454 40.79 -51.41 -87.54
C LEU G 1454 41.68 -50.17 -87.38
N THR G 1455 42.72 -50.02 -88.21
CA THR G 1455 43.54 -48.77 -88.35
C THR G 1455 43.31 -48.20 -89.76
N PHE G 1456 43.07 -46.89 -89.85
CA PHE G 1456 42.76 -46.17 -91.11
C PHE G 1456 43.95 -45.29 -91.47
N GLU G 1457 44.75 -45.70 -92.46
CA GLU G 1457 45.93 -44.94 -92.96
C GLU G 1457 45.47 -44.11 -94.17
N THR G 1458 45.16 -42.84 -93.94
CA THR G 1458 44.32 -41.97 -94.82
C THR G 1458 45.11 -40.73 -95.24
N GLU G 1459 45.02 -40.31 -96.50
CA GLU G 1459 45.53 -39.00 -96.98
C GLU G 1459 44.43 -38.25 -97.75
N THR G 1460 44.40 -36.91 -97.63
CA THR G 1460 43.29 -36.04 -98.10
C THR G 1460 43.84 -34.90 -98.96
N GLU G 1461 43.80 -35.08 -100.29
CA GLU G 1461 43.82 -34.03 -101.34
C GLU G 1461 42.56 -33.14 -101.21
N VAL G 1462 42.75 -31.83 -101.26
CA VAL G 1462 41.67 -30.81 -101.21
C VAL G 1462 42.09 -29.65 -102.10
N THR G 1463 41.26 -29.30 -103.10
CA THR G 1463 41.36 -28.08 -103.93
C THR G 1463 40.35 -27.06 -103.41
N PHE G 1464 40.60 -25.78 -103.62
CA PHE G 1464 39.74 -24.65 -103.15
C PHE G 1464 39.08 -23.96 -104.35
N LYS G 1465 37.90 -23.34 -104.11
CA LYS G 1465 37.22 -22.38 -105.03
C LYS G 1465 37.07 -21.00 -104.35
N ASN G 1466 37.31 -20.91 -103.04
CA ASN G 1466 37.02 -19.73 -102.18
C ASN G 1466 37.88 -19.84 -100.92
N ALA G 1467 37.84 -18.80 -100.08
CA ALA G 1467 38.56 -18.75 -98.78
C ALA G 1467 38.17 -19.94 -97.88
N ASN G 1468 36.89 -20.32 -97.87
CA ASN G 1468 36.28 -21.27 -96.89
C ASN G 1468 35.71 -22.53 -97.60
N ILE G 1469 35.04 -22.39 -98.74
CA ILE G 1469 34.37 -23.52 -99.46
C ILE G 1469 35.43 -24.26 -100.30
N PHE G 1470 35.44 -25.60 -100.28
CA PHE G 1470 36.39 -26.45 -101.04
C PHE G 1470 35.78 -26.81 -102.39
N SER G 1471 36.58 -26.73 -103.45
CA SER G 1471 36.19 -27.03 -104.86
C SER G 1471 35.97 -28.53 -104.98
N SER G 1472 36.76 -29.31 -104.26
CA SER G 1472 36.83 -30.79 -104.35
C SER G 1472 37.54 -31.34 -103.11
N VAL G 1473 36.95 -32.35 -102.46
CA VAL G 1473 37.56 -33.07 -101.30
C VAL G 1473 37.77 -34.52 -101.70
N LYS G 1474 38.84 -35.11 -101.21
CA LYS G 1474 39.29 -36.47 -101.60
C LYS G 1474 40.04 -37.05 -100.41
N CYS G 1475 39.50 -38.11 -99.82
CA CYS G 1475 40.11 -38.88 -98.71
C CYS G 1475 40.24 -40.30 -99.22
N PHE G 1476 41.38 -40.94 -98.97
CA PHE G 1476 41.65 -42.30 -99.51
C PHE G 1476 42.88 -42.88 -98.81
N GLY G 1477 42.93 -44.21 -98.75
CA GLY G 1477 43.96 -44.93 -98.01
C GLY G 1477 43.51 -46.34 -97.63
N PRO G 1478 44.45 -47.23 -97.28
CA PRO G 1478 44.09 -48.58 -96.82
C PRO G 1478 43.43 -48.60 -95.43
N ILE G 1479 42.44 -49.49 -95.26
CA ILE G 1479 41.89 -49.92 -93.95
C ILE G 1479 42.55 -51.25 -93.61
N LYS G 1480 43.19 -51.33 -92.45
CA LYS G 1480 43.95 -52.51 -91.99
C LYS G 1480 43.29 -53.07 -90.72
N VAL G 1481 43.35 -54.39 -90.55
CA VAL G 1481 42.88 -55.11 -89.34
C VAL G 1481 44.11 -55.73 -88.66
N GLU G 1482 44.19 -55.64 -87.34
CA GLU G 1482 45.24 -56.32 -86.52
C GLU G 1482 44.81 -57.78 -86.40
N LEU G 1483 45.67 -58.70 -86.84
CA LEU G 1483 45.43 -60.17 -86.79
C LEU G 1483 45.76 -60.72 -85.41
N PRO G 1484 45.37 -61.98 -85.07
CA PRO G 1484 45.75 -62.59 -83.80
C PRO G 1484 47.25 -62.45 -83.47
N THR G 1485 48.10 -62.47 -84.50
CA THR G 1485 49.59 -62.46 -84.41
C THR G 1485 50.12 -61.02 -84.26
N LYS G 1486 49.27 -60.01 -84.47
CA LYS G 1486 49.61 -58.55 -84.45
C LYS G 1486 50.37 -58.11 -85.72
N GLU G 1487 50.32 -58.88 -86.81
CA GLU G 1487 50.65 -58.36 -88.17
C GLU G 1487 49.35 -57.69 -88.66
N THR G 1488 49.46 -56.63 -89.45
CA THR G 1488 48.31 -55.94 -90.10
C THR G 1488 48.08 -56.52 -91.50
N VAL G 1489 46.84 -56.47 -92.00
CA VAL G 1489 46.45 -56.85 -93.40
C VAL G 1489 45.45 -55.82 -93.94
N GLU G 1490 45.61 -55.43 -95.21
CA GLU G 1490 44.62 -54.60 -95.94
C GLU G 1490 43.36 -55.43 -96.14
N ILE G 1491 42.21 -54.92 -95.68
CA ILE G 1491 40.88 -55.55 -95.93
C ILE G 1491 39.87 -54.51 -96.43
N GLY G 1492 40.33 -53.32 -96.83
CA GLY G 1492 39.42 -52.24 -97.24
C GLY G 1492 40.16 -51.03 -97.75
N ILE G 1493 39.41 -50.10 -98.35
CA ILE G 1493 39.91 -48.82 -98.87
C ILE G 1493 38.90 -47.73 -98.49
N VAL G 1494 39.39 -46.57 -98.09
CA VAL G 1494 38.58 -45.32 -98.00
C VAL G 1494 38.57 -44.73 -99.41
N ASP G 1495 37.40 -44.35 -99.93
CA ASP G 1495 37.25 -43.72 -101.27
C ASP G 1495 36.13 -42.69 -101.18
N TYR G 1496 36.38 -41.59 -100.47
CA TYR G 1496 35.46 -40.43 -100.41
C TYR G 1496 35.90 -39.39 -101.43
N GLU G 1497 34.95 -38.91 -102.24
CA GLU G 1497 35.08 -37.84 -103.27
C GLU G 1497 33.89 -36.90 -103.10
N ALA G 1498 34.11 -35.60 -103.29
CA ALA G 1498 33.07 -34.56 -103.16
C ALA G 1498 33.36 -33.40 -104.13
N GLY G 1499 32.31 -32.63 -104.46
CA GLY G 1499 32.45 -31.30 -105.06
C GLY G 1499 32.45 -30.23 -103.98
N ALA G 1500 31.64 -29.19 -104.13
CA ALA G 1500 31.69 -27.96 -103.30
C ALA G 1500 31.27 -28.29 -101.86
N SER G 1501 32.23 -28.56 -100.98
CA SER G 1501 32.04 -29.02 -99.59
C SER G 1501 32.64 -28.02 -98.61
N HIS G 1502 32.28 -28.08 -97.34
CA HIS G 1502 32.86 -27.24 -96.25
C HIS G 1502 33.74 -28.08 -95.32
N GLY G 1503 33.99 -29.36 -95.65
CA GLY G 1503 34.63 -30.30 -94.70
C GLY G 1503 35.01 -31.65 -95.33
N ASN G 1504 35.93 -32.34 -94.65
CA ASN G 1504 36.26 -33.77 -94.86
C ASN G 1504 35.53 -34.55 -93.79
N PRO G 1505 34.41 -35.22 -94.12
CA PRO G 1505 33.66 -35.97 -93.13
C PRO G 1505 34.45 -37.19 -92.61
N VAL G 1506 35.23 -37.86 -93.46
CA VAL G 1506 35.98 -39.10 -93.08
C VAL G 1506 36.83 -38.84 -91.83
N VAL G 1507 37.63 -37.80 -91.83
CA VAL G 1507 38.54 -37.45 -90.70
C VAL G 1507 37.72 -36.98 -89.50
N ASP G 1508 36.64 -36.23 -89.73
CA ASP G 1508 35.72 -35.76 -88.65
C ASP G 1508 35.12 -36.98 -87.94
N PHE G 1509 34.80 -38.04 -88.69
CA PHE G 1509 34.27 -39.32 -88.14
C PHE G 1509 35.31 -39.96 -87.24
N LEU G 1510 36.47 -40.27 -87.82
CA LEU G 1510 37.56 -41.03 -87.17
C LEU G 1510 38.08 -40.30 -85.92
N LYS G 1511 38.02 -38.96 -85.88
CA LYS G 1511 38.45 -38.15 -84.71
C LYS G 1511 37.58 -38.50 -83.50
N ARG G 1512 36.26 -38.44 -83.66
CA ARG G 1512 35.26 -38.72 -82.61
C ARG G 1512 35.24 -40.23 -82.31
N ASN G 1513 34.90 -41.06 -83.30
CA ASN G 1513 34.57 -42.50 -83.09
C ASN G 1513 35.83 -43.37 -82.99
N GLY G 1514 37.00 -42.83 -83.32
CA GLY G 1514 38.30 -43.54 -83.19
C GLY G 1514 39.23 -42.81 -82.24
N SER G 1515 40.51 -43.11 -82.33
CA SER G 1515 41.61 -42.51 -81.51
C SER G 1515 42.89 -42.56 -82.32
N THR G 1516 43.90 -41.75 -81.94
CA THR G 1516 45.27 -41.84 -82.49
C THR G 1516 46.03 -42.93 -81.72
N LEU G 1517 47.16 -43.39 -82.24
CA LEU G 1517 47.98 -44.47 -81.64
C LEU G 1517 48.64 -43.98 -80.35
N GLU G 1518 49.02 -42.70 -80.29
CA GLU G 1518 49.64 -42.03 -79.12
C GLU G 1518 48.65 -41.03 -78.55
N GLN G 1519 48.70 -40.77 -77.24
CA GLN G 1519 47.81 -39.81 -76.53
C GLN G 1519 48.64 -38.99 -75.56
N LYS G 1520 48.73 -37.67 -75.74
CA LYS G 1520 49.48 -36.85 -74.76
C LYS G 1520 48.64 -36.80 -73.49
N VAL G 1521 49.28 -36.82 -72.32
CA VAL G 1521 48.59 -36.65 -71.02
C VAL G 1521 49.39 -35.62 -70.25
N ASN G 1522 48.72 -34.54 -69.83
CA ASN G 1522 49.37 -33.42 -69.13
C ASN G 1522 49.65 -33.83 -67.70
N LEU G 1523 50.84 -33.52 -67.22
CA LEU G 1523 51.16 -33.49 -65.77
C LEU G 1523 50.10 -32.66 -65.07
N GLU G 1524 49.87 -32.92 -63.79
CA GLU G 1524 48.96 -32.11 -62.92
C GLU G 1524 49.44 -30.66 -62.93
N ASN G 1525 50.72 -30.45 -62.62
CA ASN G 1525 51.38 -29.12 -62.56
C ASN G 1525 52.55 -29.11 -63.53
N PRO G 1526 52.63 -28.11 -64.44
CA PRO G 1526 53.84 -27.89 -65.23
C PRO G 1526 55.04 -27.71 -64.28
N ILE G 1527 56.17 -28.34 -64.61
CA ILE G 1527 57.43 -28.25 -63.83
C ILE G 1527 58.36 -27.28 -64.56
N PRO G 1528 58.74 -26.14 -63.94
CA PRO G 1528 59.85 -25.33 -64.46
C PRO G 1528 61.19 -26.09 -64.47
N ILE G 1529 61.79 -26.29 -65.65
CA ILE G 1529 63.10 -26.96 -65.86
C ILE G 1529 64.23 -25.95 -65.64
N ALA G 1530 64.13 -24.78 -66.26
CA ALA G 1530 65.15 -23.70 -66.20
C ALA G 1530 64.59 -22.38 -66.75
N VAL G 1531 65.32 -21.28 -66.53
CA VAL G 1531 65.13 -19.97 -67.21
C VAL G 1531 66.51 -19.46 -67.65
N LEU G 1532 66.82 -19.58 -68.94
CA LEU G 1532 68.19 -19.49 -69.47
C LEU G 1532 68.33 -18.27 -70.38
N ASP G 1533 69.54 -17.74 -70.50
CA ASP G 1533 69.88 -16.54 -71.29
C ASP G 1533 70.84 -16.94 -72.41
N SER G 1534 70.31 -17.18 -73.61
CA SER G 1534 71.08 -17.16 -74.88
C SER G 1534 71.24 -15.69 -75.30
N TYR G 1535 72.20 -15.42 -76.20
CA TYR G 1535 72.51 -14.10 -76.79
C TYR G 1535 72.71 -14.26 -78.30
N THR G 1536 71.99 -13.47 -79.08
CA THR G 1536 72.15 -13.43 -80.56
C THR G 1536 73.48 -12.78 -80.89
N PRO G 1537 74.21 -13.25 -81.92
CA PRO G 1537 75.56 -12.78 -82.18
C PRO G 1537 75.51 -11.37 -82.80
N SER G 1538 76.65 -10.67 -82.86
CA SER G 1538 76.76 -9.26 -83.34
C SER G 1538 76.42 -9.18 -84.82
N THR G 1539 76.76 -10.23 -85.58
CA THR G 1539 76.58 -10.33 -87.04
C THR G 1539 75.89 -11.66 -87.36
N ASN G 1540 75.14 -11.68 -88.45
CA ASN G 1540 74.48 -12.90 -88.96
C ASN G 1540 75.26 -13.42 -90.17
N GLU G 1541 76.54 -13.11 -90.32
CA GLU G 1541 77.37 -13.67 -91.43
C GLU G 1541 77.77 -15.12 -91.16
N PRO G 1542 78.24 -15.54 -89.94
CA PRO G 1542 78.70 -16.90 -89.74
C PRO G 1542 77.57 -17.95 -89.81
N TYR G 1543 76.36 -17.66 -89.29
CA TYR G 1543 75.21 -18.59 -89.43
C TYR G 1543 74.87 -18.77 -90.90
N ALA G 1544 74.91 -17.67 -91.65
CA ALA G 1544 74.59 -17.64 -93.10
C ALA G 1544 75.61 -18.46 -93.89
N ARG G 1545 76.87 -18.54 -93.43
CA ARG G 1545 77.96 -19.24 -94.16
C ARG G 1545 77.71 -20.75 -94.17
N VAL G 1546 77.35 -21.31 -93.00
CA VAL G 1546 77.15 -22.77 -92.79
C VAL G 1546 75.78 -23.20 -93.33
N SER G 1547 74.73 -22.40 -93.11
CA SER G 1547 73.32 -22.71 -93.49
C SER G 1547 73.12 -22.63 -95.00
N GLY G 1548 73.67 -21.61 -95.66
CA GLY G 1548 73.34 -21.26 -97.06
C GLY G 1548 72.07 -20.41 -97.17
N ASP G 1549 71.57 -19.88 -96.03
CA ASP G 1549 70.53 -18.80 -95.95
C ASP G 1549 71.25 -17.45 -96.09
N LEU G 1550 71.66 -17.15 -97.32
CA LEU G 1550 72.32 -15.88 -97.69
C LEU G 1550 71.29 -14.74 -97.87
N ASN G 1551 70.03 -14.91 -97.46
CA ASN G 1551 68.96 -13.89 -97.50
C ASN G 1551 69.56 -12.55 -97.10
N PRO G 1552 69.66 -11.59 -98.04
CA PRO G 1552 70.20 -10.25 -97.79
C PRO G 1552 69.61 -9.43 -96.64
N ILE G 1553 68.38 -9.71 -96.23
CA ILE G 1553 67.73 -8.96 -95.13
C ILE G 1553 68.41 -9.25 -93.80
N HIS G 1554 69.35 -10.19 -93.74
CA HIS G 1554 70.02 -10.62 -92.47
C HIS G 1554 71.42 -10.01 -92.37
N VAL G 1555 72.01 -9.60 -93.50
CA VAL G 1555 73.44 -9.17 -93.54
C VAL G 1555 73.60 -7.73 -94.05
N SER G 1556 72.74 -7.27 -94.96
CA SER G 1556 72.86 -5.99 -95.70
C SER G 1556 71.87 -4.97 -95.13
N ARG G 1557 72.39 -3.86 -94.58
CA ARG G 1557 71.58 -2.75 -93.98
C ARG G 1557 70.58 -2.21 -95.01
N HIS G 1558 70.95 -2.17 -96.30
CA HIS G 1558 70.11 -1.51 -97.35
C HIS G 1558 68.88 -2.36 -97.67
N PHE G 1559 69.04 -3.66 -97.92
CA PHE G 1559 67.91 -4.59 -98.15
C PHE G 1559 66.98 -4.65 -96.94
N ALA G 1560 67.53 -4.66 -95.74
CA ALA G 1560 66.72 -4.65 -94.50
C ALA G 1560 65.80 -3.42 -94.52
N SER G 1561 66.39 -2.26 -94.84
CA SER G 1561 65.72 -0.93 -94.89
C SER G 1561 64.66 -0.93 -96.01
N TYR G 1562 64.91 -1.62 -97.12
CA TYR G 1562 63.97 -1.74 -98.26
C TYR G 1562 62.80 -2.68 -97.94
N ALA G 1563 62.90 -3.51 -96.92
CA ALA G 1563 61.85 -4.46 -96.48
C ALA G 1563 61.13 -3.92 -95.24
N ASN G 1564 61.43 -2.69 -94.85
CA ASN G 1564 60.79 -1.99 -93.71
C ASN G 1564 61.09 -2.71 -92.39
N LEU G 1565 62.20 -3.46 -92.29
CA LEU G 1565 62.55 -4.21 -91.05
C LEU G 1565 63.30 -3.27 -90.11
N PRO G 1566 63.30 -3.54 -88.79
CA PRO G 1566 63.99 -2.66 -87.85
C PRO G 1566 65.53 -2.70 -87.82
N GLY G 1567 66.17 -3.38 -88.77
CA GLY G 1567 67.63 -3.62 -88.77
C GLY G 1567 67.94 -4.92 -89.48
N THR G 1568 69.22 -5.25 -89.69
CA THR G 1568 69.61 -6.59 -90.21
C THR G 1568 69.25 -7.61 -89.13
N ILE G 1569 68.08 -8.23 -89.26
CA ILE G 1569 67.49 -9.14 -88.24
C ILE G 1569 68.25 -10.46 -88.20
N THR G 1570 68.38 -11.05 -87.01
CA THR G 1570 68.88 -12.42 -86.76
C THR G 1570 68.00 -13.40 -87.54
N HIS G 1571 68.61 -14.35 -88.27
CA HIS G 1571 67.88 -15.50 -88.89
C HIS G 1571 67.03 -16.17 -87.83
N GLY G 1572 65.78 -16.49 -88.13
CA GLY G 1572 64.92 -17.27 -87.20
C GLY G 1572 65.56 -18.62 -86.90
N MET G 1573 66.04 -19.31 -87.94
CA MET G 1573 66.70 -20.63 -87.80
C MET G 1573 67.87 -20.56 -86.81
N PHE G 1574 68.61 -19.45 -86.74
CA PHE G 1574 69.67 -19.28 -85.72
C PHE G 1574 69.03 -19.32 -84.32
N SER G 1575 68.00 -18.52 -84.08
CA SER G 1575 67.27 -18.51 -82.79
C SER G 1575 66.76 -19.94 -82.44
N SER G 1576 66.14 -20.62 -83.40
CA SER G 1576 65.62 -22.01 -83.27
C SER G 1576 66.74 -22.94 -82.80
N ALA G 1577 67.85 -23.01 -83.53
CA ALA G 1577 68.99 -23.90 -83.22
C ALA G 1577 69.53 -23.61 -81.83
N SER G 1578 69.81 -22.34 -81.56
CA SER G 1578 70.29 -21.79 -80.27
C SER G 1578 69.47 -22.38 -79.15
N VAL G 1579 68.17 -22.14 -79.15
CA VAL G 1579 67.24 -22.55 -78.04
C VAL G 1579 67.19 -24.09 -77.98
N ARG G 1580 67.13 -24.78 -79.12
CA ARG G 1580 67.08 -26.28 -79.18
C ARG G 1580 68.34 -26.86 -78.50
N ALA G 1581 69.47 -26.18 -78.59
CA ALA G 1581 70.72 -26.52 -77.88
C ALA G 1581 70.54 -26.41 -76.36
N LEU G 1582 69.71 -25.49 -75.86
CA LEU G 1582 69.43 -25.39 -74.40
C LEU G 1582 68.47 -26.51 -73.95
N ILE G 1583 67.42 -26.79 -74.72
CA ILE G 1583 66.45 -27.91 -74.48
C ILE G 1583 67.26 -29.21 -74.35
N GLU G 1584 68.18 -29.43 -75.29
CA GLU G 1584 69.07 -30.62 -75.38
C GLU G 1584 70.00 -30.72 -74.17
N ASN G 1585 70.31 -29.60 -73.52
CA ASN G 1585 71.25 -29.57 -72.38
C ASN G 1585 70.45 -29.74 -71.08
N TRP G 1586 69.27 -29.11 -70.94
CA TRP G 1586 68.50 -29.10 -69.66
C TRP G 1586 67.39 -30.15 -69.57
N ALA G 1587 66.96 -30.76 -70.68
CA ALA G 1587 65.84 -31.73 -70.69
C ALA G 1587 66.29 -33.10 -71.24
N ALA G 1588 67.37 -33.18 -71.99
CA ALA G 1588 67.90 -34.46 -72.51
C ALA G 1588 69.21 -34.80 -71.80
N ASP G 1589 69.50 -34.17 -70.66
CA ASP G 1589 70.75 -34.43 -69.91
C ASP G 1589 71.94 -34.47 -70.91
N SER G 1590 71.98 -33.51 -71.84
CA SER G 1590 72.99 -33.37 -72.92
C SER G 1590 73.24 -34.68 -73.66
N VAL G 1591 72.19 -35.38 -74.08
CA VAL G 1591 72.27 -36.58 -74.98
C VAL G 1591 71.51 -36.24 -76.28
N SER G 1592 72.21 -36.04 -77.39
CA SER G 1592 71.60 -35.67 -78.68
C SER G 1592 70.39 -36.55 -78.96
N SER G 1593 70.58 -37.88 -78.98
CA SER G 1593 69.65 -38.88 -79.56
C SER G 1593 68.25 -38.81 -78.95
N ARG G 1594 68.14 -38.38 -77.69
CA ARG G 1594 66.85 -38.33 -76.95
C ARG G 1594 65.89 -37.31 -77.56
N VAL G 1595 66.37 -36.22 -78.12
CA VAL G 1595 65.45 -35.14 -78.61
C VAL G 1595 65.01 -35.57 -80.00
N ARG G 1596 63.71 -35.70 -80.15
CA ARG G 1596 63.04 -36.74 -80.97
C ARG G 1596 62.05 -36.08 -81.92
N GLY G 1597 61.41 -35.00 -81.47
CA GLY G 1597 60.85 -33.95 -82.32
C GLY G 1597 61.02 -32.58 -81.67
N TYR G 1598 60.99 -31.53 -82.48
CA TYR G 1598 61.19 -30.12 -82.06
C TYR G 1598 60.47 -29.21 -83.04
N THR G 1599 59.65 -28.30 -82.56
CA THR G 1599 58.79 -27.45 -83.42
C THR G 1599 58.81 -26.03 -82.85
N CYS G 1600 59.14 -25.05 -83.70
CA CYS G 1600 59.39 -23.62 -83.36
C CYS G 1600 58.36 -22.71 -84.05
N GLN G 1601 57.71 -21.82 -83.32
CA GLN G 1601 56.95 -20.68 -83.88
C GLN G 1601 57.82 -19.42 -83.78
N PHE G 1602 58.08 -18.74 -84.91
CA PHE G 1602 58.73 -17.40 -84.95
C PHE G 1602 57.66 -16.32 -84.83
N VAL G 1603 57.66 -15.58 -83.73
CA VAL G 1603 56.53 -14.71 -83.31
C VAL G 1603 56.89 -13.27 -83.71
N ASP G 1604 57.98 -12.76 -83.13
CA ASP G 1604 58.55 -11.42 -83.42
C ASP G 1604 60.01 -11.60 -83.85
N MET G 1605 60.58 -10.58 -84.47
CA MET G 1605 61.95 -10.61 -85.04
C MET G 1605 62.95 -10.12 -83.99
N VAL G 1606 64.19 -10.56 -84.11
CA VAL G 1606 65.27 -10.36 -83.10
C VAL G 1606 66.45 -9.69 -83.79
N LEU G 1607 66.98 -8.65 -83.15
CA LEU G 1607 68.12 -7.87 -83.68
C LEU G 1607 69.40 -8.39 -83.06
N PRO G 1608 70.55 -8.29 -83.76
CA PRO G 1608 71.84 -8.66 -83.18
C PRO G 1608 72.13 -8.03 -81.81
N ASN G 1609 72.93 -8.73 -81.01
CA ASN G 1609 73.34 -8.32 -79.64
C ASN G 1609 72.10 -8.17 -78.76
N THR G 1610 71.15 -9.11 -78.79
CA THR G 1610 69.99 -9.14 -77.85
C THR G 1610 70.21 -10.22 -76.79
N ALA G 1611 69.57 -10.03 -75.64
CA ALA G 1611 69.61 -10.89 -74.45
C ALA G 1611 68.26 -11.61 -74.34
N LEU G 1612 68.18 -12.77 -74.99
CA LEU G 1612 66.98 -13.65 -75.02
C LEU G 1612 66.90 -14.42 -73.71
N LYS G 1613 65.71 -14.48 -73.11
CA LYS G 1613 65.43 -15.14 -71.82
C LYS G 1613 64.34 -16.21 -72.04
N THR G 1614 64.75 -17.46 -72.29
CA THR G 1614 63.86 -18.60 -72.64
C THR G 1614 63.50 -19.36 -71.37
N SER G 1615 62.20 -19.61 -71.14
CA SER G 1615 61.67 -20.39 -70.00
C SER G 1615 61.17 -21.72 -70.54
N ILE G 1616 61.72 -22.83 -70.04
CA ILE G 1616 61.47 -24.23 -70.47
C ILE G 1616 60.61 -24.91 -69.40
N GLN G 1617 59.58 -25.66 -69.80
CA GLN G 1617 58.68 -26.35 -68.86
C GLN G 1617 58.41 -27.77 -69.36
N HIS G 1618 58.53 -28.75 -68.48
CA HIS G 1618 58.01 -30.14 -68.67
C HIS G 1618 56.54 -30.05 -68.37
N VAL G 1619 55.72 -30.42 -69.32
CA VAL G 1619 54.29 -29.99 -69.34
C VAL G 1619 53.34 -31.20 -69.44
N GLY G 1620 53.86 -32.38 -69.75
CA GLY G 1620 53.06 -33.54 -70.19
C GLY G 1620 53.92 -34.71 -70.61
N MET G 1621 53.31 -35.82 -71.00
CA MET G 1621 54.03 -37.03 -71.45
C MET G 1621 53.27 -37.60 -72.63
N ILE G 1622 53.93 -38.29 -73.53
CA ILE G 1622 53.27 -39.03 -74.64
C ILE G 1622 54.00 -40.35 -74.89
N ASN G 1623 53.50 -41.46 -74.34
CA ASN G 1623 54.01 -42.82 -74.56
C ASN G 1623 55.49 -42.91 -74.17
N GLY G 1624 55.87 -42.29 -73.05
CA GLY G 1624 57.22 -42.40 -72.48
C GLY G 1624 58.14 -41.27 -72.87
N ARG G 1625 57.68 -40.39 -73.76
CA ARG G 1625 58.45 -39.22 -74.24
C ARG G 1625 57.98 -38.00 -73.47
N LYS G 1626 58.91 -37.21 -72.94
CA LYS G 1626 58.57 -35.95 -72.22
C LYS G 1626 58.12 -34.94 -73.28
N LEU G 1627 57.21 -34.07 -72.88
CA LEU G 1627 56.50 -33.09 -73.74
C LEU G 1627 56.90 -31.72 -73.19
N ILE G 1628 57.95 -31.15 -73.77
CA ILE G 1628 58.62 -29.92 -73.29
C ILE G 1628 57.99 -28.77 -74.05
N LYS G 1629 57.77 -27.65 -73.40
CA LYS G 1629 57.14 -26.46 -74.03
C LYS G 1629 57.89 -25.23 -73.51
N PHE G 1630 58.44 -24.41 -74.42
CA PHE G 1630 59.25 -23.22 -74.07
C PHE G 1630 58.64 -21.97 -74.69
N GLU G 1631 59.00 -20.82 -74.13
CA GLU G 1631 58.85 -19.50 -74.79
C GLU G 1631 60.11 -18.70 -74.51
N THR G 1632 60.49 -17.84 -75.46
CA THR G 1632 61.67 -16.94 -75.37
C THR G 1632 61.22 -15.49 -75.48
N ARG G 1633 61.69 -14.65 -74.55
CA ARG G 1633 61.40 -13.20 -74.47
C ARG G 1633 62.69 -12.41 -74.61
N ASN G 1634 62.62 -11.21 -75.21
CA ASN G 1634 63.72 -10.21 -75.26
C ASN G 1634 63.70 -9.35 -73.99
N GLU G 1635 64.64 -8.40 -73.86
CA GLU G 1635 64.80 -7.49 -72.70
C GLU G 1635 63.51 -6.67 -72.46
N ASP G 1636 62.80 -6.28 -73.53
CA ASP G 1636 61.53 -5.51 -73.48
C ASP G 1636 60.37 -6.37 -72.93
N ASP G 1637 60.59 -7.67 -72.74
CA ASP G 1637 59.60 -8.67 -72.22
C ASP G 1637 58.52 -8.89 -73.29
N VAL G 1638 58.94 -9.26 -74.50
CA VAL G 1638 58.06 -9.55 -75.68
C VAL G 1638 58.38 -10.97 -76.16
N VAL G 1639 57.38 -11.82 -76.34
CA VAL G 1639 57.57 -13.20 -76.85
C VAL G 1639 58.07 -13.12 -78.29
N VAL G 1640 59.13 -13.85 -78.60
CA VAL G 1640 59.91 -13.86 -79.87
C VAL G 1640 59.85 -15.27 -80.51
N LEU G 1641 60.10 -16.29 -79.70
CA LEU G 1641 59.96 -17.73 -80.02
C LEU G 1641 58.96 -18.38 -79.07
N THR G 1642 58.28 -19.42 -79.56
CA THR G 1642 57.57 -20.43 -78.75
C THR G 1642 57.75 -21.77 -79.45
N GLY G 1643 57.52 -22.86 -78.73
CA GLY G 1643 57.73 -24.19 -79.29
C GLY G 1643 57.53 -25.30 -78.31
N GLU G 1644 57.64 -26.53 -78.83
CA GLU G 1644 57.44 -27.81 -78.15
C GLU G 1644 58.68 -28.66 -78.44
N ALA G 1645 58.98 -29.62 -77.58
CA ALA G 1645 59.95 -30.70 -77.87
C ALA G 1645 59.44 -32.02 -77.29
N GLU G 1646 59.53 -33.12 -78.03
CA GLU G 1646 59.40 -34.52 -77.53
C GLU G 1646 60.81 -35.03 -77.21
N ILE G 1647 61.02 -35.50 -75.98
CA ILE G 1647 62.34 -35.94 -75.48
C ILE G 1647 62.18 -37.30 -74.81
N GLU G 1648 62.81 -38.34 -75.38
CA GLU G 1648 62.89 -39.69 -74.77
C GLU G 1648 63.33 -39.55 -73.31
N GLN G 1649 62.78 -40.37 -72.42
CA GLN G 1649 63.36 -40.64 -71.08
C GLN G 1649 64.65 -41.45 -71.29
N PRO G 1650 65.55 -41.47 -70.29
CA PRO G 1650 66.77 -42.28 -70.37
C PRO G 1650 66.43 -43.77 -70.52
N VAL G 1651 67.27 -44.55 -71.21
CA VAL G 1651 67.09 -46.02 -71.47
C VAL G 1651 66.75 -46.68 -70.14
N THR G 1652 65.60 -47.36 -70.06
CA THR G 1652 64.93 -47.74 -68.80
C THR G 1652 64.80 -49.27 -68.73
N THR G 1653 64.96 -49.81 -67.52
CA THR G 1653 64.67 -51.22 -67.18
C THR G 1653 63.69 -51.17 -66.00
N PHE G 1654 62.59 -51.94 -66.06
CA PHE G 1654 61.70 -52.13 -64.88
C PHE G 1654 62.03 -53.48 -64.26
N VAL G 1655 62.16 -53.51 -62.94
CA VAL G 1655 62.47 -54.77 -62.20
C VAL G 1655 61.41 -54.97 -61.13
N PHE G 1656 60.64 -56.06 -61.23
CA PHE G 1656 59.52 -56.36 -60.32
C PHE G 1656 60.04 -57.22 -59.15
N THR G 1657 59.94 -56.70 -57.93
CA THR G 1657 60.26 -57.38 -56.64
C THR G 1657 59.47 -58.69 -56.53
N GLY G 1658 59.99 -59.64 -55.75
CA GLY G 1658 59.31 -60.88 -55.36
C GLY G 1658 58.77 -60.80 -53.94
N GLN G 1659 58.55 -61.96 -53.31
CA GLN G 1659 58.02 -62.08 -51.93
C GLN G 1659 58.95 -61.39 -50.92
N GLY G 1660 58.38 -60.85 -49.84
CA GLY G 1660 59.12 -60.45 -48.63
C GLY G 1660 58.32 -59.46 -47.80
N SER G 1661 58.29 -58.21 -48.26
CA SER G 1661 57.42 -57.11 -47.75
C SER G 1661 55.98 -57.40 -48.18
N GLN G 1662 55.13 -57.78 -47.23
CA GLN G 1662 53.67 -58.00 -47.45
C GLN G 1662 52.96 -57.46 -46.21
N GLU G 1663 52.63 -56.17 -46.24
CA GLU G 1663 52.07 -55.40 -45.10
C GLU G 1663 50.58 -55.21 -45.33
N GLN G 1664 49.81 -55.04 -44.25
CA GLN G 1664 48.36 -54.77 -44.33
C GLN G 1664 48.20 -53.43 -45.05
N GLY G 1665 47.19 -53.33 -45.90
CA GLY G 1665 46.86 -52.12 -46.68
C GLY G 1665 47.84 -51.84 -47.82
N MET G 1666 48.72 -52.78 -48.20
CA MET G 1666 49.72 -52.54 -49.27
C MET G 1666 48.97 -52.19 -50.55
N GLY G 1667 49.37 -51.11 -51.22
CA GLY G 1667 48.79 -50.72 -52.51
C GLY G 1667 47.43 -50.04 -52.40
N MET G 1668 46.92 -49.80 -51.18
CA MET G 1668 45.56 -49.26 -50.94
C MET G 1668 45.54 -47.74 -50.99
N ASP G 1669 46.66 -47.08 -50.73
CA ASP G 1669 46.84 -45.61 -50.96
C ASP G 1669 46.59 -45.32 -52.44
N LEU G 1670 47.25 -46.08 -53.31
CA LEU G 1670 47.19 -45.95 -54.79
C LEU G 1670 45.84 -46.44 -55.33
N TYR G 1671 45.04 -47.15 -54.52
CA TYR G 1671 43.69 -47.65 -54.92
C TYR G 1671 42.61 -46.59 -54.64
N LYS G 1672 42.83 -45.70 -53.66
CA LYS G 1672 41.93 -44.54 -53.38
C LYS G 1672 41.98 -43.58 -54.57
N THR G 1673 43.19 -43.20 -55.00
CA THR G 1673 43.43 -42.10 -55.96
C THR G 1673 43.23 -42.60 -57.40
N SER G 1674 43.90 -43.69 -57.77
CA SER G 1674 44.12 -44.04 -59.20
C SER G 1674 42.93 -44.79 -59.77
N LYS G 1675 42.42 -44.33 -60.89
CA LYS G 1675 41.38 -45.01 -61.70
C LYS G 1675 41.96 -46.31 -62.27
N ALA G 1676 43.24 -46.32 -62.60
CA ALA G 1676 43.93 -47.44 -63.29
C ALA G 1676 44.24 -48.56 -62.30
N ALA G 1677 44.61 -48.23 -61.06
CA ALA G 1677 44.75 -49.20 -59.97
C ALA G 1677 43.38 -49.84 -59.71
N GLN G 1678 42.38 -49.03 -59.39
CA GLN G 1678 40.99 -49.47 -59.16
C GLN G 1678 40.56 -50.49 -60.21
N ASP G 1679 40.85 -50.30 -61.50
CA ASP G 1679 40.44 -51.31 -62.49
C ASP G 1679 41.06 -52.65 -62.11
N VAL G 1680 42.37 -52.65 -61.83
CA VAL G 1680 43.19 -53.86 -61.56
C VAL G 1680 42.64 -54.56 -60.32
N TRP G 1681 42.47 -53.85 -59.21
CA TRP G 1681 41.98 -54.50 -57.97
C TRP G 1681 40.52 -54.95 -58.14
N ASN G 1682 39.64 -54.13 -58.71
CA ASN G 1682 38.19 -54.44 -58.80
C ASN G 1682 38.01 -55.63 -59.74
N ARG G 1683 38.78 -55.71 -60.81
CA ARG G 1683 38.71 -56.84 -61.75
C ARG G 1683 39.13 -58.12 -61.06
N ALA G 1684 40.23 -58.08 -60.33
CA ALA G 1684 40.85 -59.23 -59.64
C ALA G 1684 39.91 -59.70 -58.52
N ASP G 1685 39.50 -58.78 -57.66
CA ASP G 1685 38.58 -59.03 -56.53
C ASP G 1685 37.30 -59.69 -57.02
N ASN G 1686 36.76 -59.30 -58.18
CA ASN G 1686 35.50 -59.88 -58.69
C ASN G 1686 35.78 -61.27 -59.23
N HIS G 1687 36.98 -61.53 -59.71
CA HIS G 1687 37.33 -62.86 -60.28
C HIS G 1687 37.50 -63.83 -59.14
N PHE G 1688 38.23 -63.42 -58.10
CA PHE G 1688 38.45 -64.26 -56.90
C PHE G 1688 37.13 -64.55 -56.20
N LYS G 1689 36.19 -63.60 -56.17
CA LYS G 1689 34.85 -63.77 -55.52
C LYS G 1689 34.02 -64.79 -56.28
N ASP G 1690 34.11 -64.82 -57.59
CA ASP G 1690 33.26 -65.69 -58.45
C ASP G 1690 33.96 -67.02 -58.70
N THR G 1691 35.21 -67.18 -58.33
CA THR G 1691 35.98 -68.41 -58.64
C THR G 1691 36.36 -69.14 -57.36
N TYR G 1692 36.82 -68.44 -56.33
CA TYR G 1692 37.35 -69.05 -55.11
C TYR G 1692 36.58 -68.55 -53.90
N GLY G 1693 35.51 -67.80 -54.08
CA GLY G 1693 34.64 -67.30 -53.01
C GLY G 1693 35.36 -66.52 -51.94
N PHE G 1694 36.30 -65.66 -52.27
CA PHE G 1694 36.80 -64.65 -51.33
C PHE G 1694 37.20 -63.39 -52.11
N SER G 1695 37.12 -62.24 -51.47
CA SER G 1695 37.73 -60.97 -51.89
C SER G 1695 39.19 -60.94 -51.43
N ILE G 1696 40.12 -60.79 -52.39
CA ILE G 1696 41.54 -60.45 -52.12
C ILE G 1696 41.66 -59.06 -51.47
N LEU G 1697 40.72 -58.13 -51.73
CA LEU G 1697 40.78 -56.75 -51.14
C LEU G 1697 40.55 -56.83 -49.64
N ASP G 1698 39.50 -57.53 -49.21
CA ASP G 1698 39.25 -57.84 -47.77
C ASP G 1698 40.55 -58.37 -47.17
N ILE G 1699 41.15 -59.41 -47.76
CA ILE G 1699 42.41 -60.00 -47.21
C ILE G 1699 43.43 -58.87 -47.04
N VAL G 1700 43.67 -58.05 -48.08
CA VAL G 1700 44.77 -57.06 -48.05
C VAL G 1700 44.47 -55.95 -47.03
N ILE G 1701 43.21 -55.56 -46.88
CA ILE G 1701 42.79 -54.36 -46.11
C ILE G 1701 42.70 -54.72 -44.62
N ASN G 1702 42.13 -55.89 -44.30
CA ASN G 1702 41.72 -56.31 -42.92
C ASN G 1702 42.65 -57.37 -42.33
N ASN G 1703 43.33 -58.16 -43.16
CA ASN G 1703 44.29 -59.22 -42.77
C ASN G 1703 43.67 -60.13 -41.69
N PRO G 1704 42.56 -60.84 -42.01
CA PRO G 1704 41.90 -61.71 -41.05
C PRO G 1704 42.77 -62.92 -40.71
N VAL G 1705 42.48 -63.59 -39.60
CA VAL G 1705 43.30 -64.72 -39.05
C VAL G 1705 42.75 -66.02 -39.64
N ASN G 1706 41.45 -66.06 -39.93
CA ASN G 1706 40.71 -67.22 -40.45
C ASN G 1706 39.83 -66.74 -41.60
N LEU G 1707 39.47 -67.62 -42.54
CA LEU G 1707 38.62 -67.24 -43.69
C LEU G 1707 37.87 -68.45 -44.20
N THR G 1708 36.57 -68.56 -43.91
CA THR G 1708 35.78 -69.74 -44.35
C THR G 1708 35.17 -69.38 -45.68
N ILE G 1709 35.42 -70.19 -46.68
CA ILE G 1709 34.72 -70.19 -47.97
C ILE G 1709 33.48 -71.03 -47.70
N HIS G 1710 32.32 -70.69 -48.28
CA HIS G 1710 31.11 -71.52 -48.22
C HIS G 1710 30.69 -71.95 -49.61
N PHE G 1711 30.24 -73.21 -49.76
CA PHE G 1711 29.97 -73.81 -51.08
C PHE G 1711 28.47 -74.02 -51.27
N GLY G 1712 27.70 -73.06 -50.77
CA GLY G 1712 26.24 -73.08 -50.78
C GLY G 1712 25.72 -72.41 -52.01
N GLY G 1713 24.72 -72.99 -52.66
CA GLY G 1713 24.02 -72.36 -53.79
C GLY G 1713 24.66 -72.71 -55.10
N GLU G 1714 24.00 -72.38 -56.21
CA GLU G 1714 24.48 -72.62 -57.60
C GLU G 1714 25.93 -72.13 -57.75
N LYS G 1715 26.16 -70.88 -57.36
CA LYS G 1715 27.46 -70.16 -57.44
C LYS G 1715 28.48 -70.80 -56.49
N GLY G 1716 28.05 -71.37 -55.37
CA GLY G 1716 28.92 -72.10 -54.44
C GLY G 1716 29.37 -73.46 -54.94
N LYS G 1717 28.50 -74.23 -55.60
CA LYS G 1717 28.89 -75.56 -56.17
C LYS G 1717 29.95 -75.33 -57.24
N ARG G 1718 29.86 -74.23 -57.98
CA ARG G 1718 30.80 -73.88 -59.06
C ARG G 1718 32.15 -73.59 -58.42
N ILE G 1719 32.15 -72.73 -57.40
CA ILE G 1719 33.35 -72.40 -56.61
C ILE G 1719 33.95 -73.65 -56.00
N ARG G 1720 33.15 -74.63 -55.57
CA ARG G 1720 33.70 -75.88 -54.96
C ARG G 1720 34.39 -76.74 -56.01
N GLU G 1721 33.87 -76.82 -57.23
CA GLU G 1721 34.49 -77.55 -58.36
C GLU G 1721 35.86 -76.94 -58.70
N ASN G 1722 36.11 -75.65 -58.41
CA ASN G 1722 37.40 -74.97 -58.72
C ASN G 1722 38.49 -75.42 -57.74
N TYR G 1723 38.14 -75.69 -56.49
CA TYR G 1723 39.08 -76.13 -55.43
C TYR G 1723 39.39 -77.60 -55.59
N SER G 1724 38.42 -78.41 -56.03
CA SER G 1724 38.56 -79.89 -56.20
C SER G 1724 39.42 -80.22 -57.42
N ALA G 1725 39.53 -79.31 -58.39
CA ALA G 1725 40.26 -79.50 -59.67
C ALA G 1725 41.76 -79.32 -59.45
N MET G 1726 42.13 -78.54 -58.43
CA MET G 1726 43.54 -78.14 -58.16
C MET G 1726 44.27 -79.37 -57.62
N ILE G 1727 45.30 -79.81 -58.34
CA ILE G 1727 46.13 -81.02 -58.01
C ILE G 1727 47.60 -80.60 -57.84
N PHE G 1728 48.40 -81.40 -57.12
CA PHE G 1728 49.89 -81.33 -57.12
C PHE G 1728 50.46 -82.71 -57.40
N GLU G 1729 51.77 -82.80 -57.61
CA GLU G 1729 52.55 -84.08 -57.70
C GLU G 1729 53.77 -83.96 -56.78
N THR G 1730 53.94 -84.92 -55.88
CA THR G 1730 55.12 -85.07 -54.99
C THR G 1730 55.72 -86.44 -55.28
N ILE G 1731 56.95 -86.67 -54.82
CA ILE G 1731 57.59 -88.02 -54.75
C ILE G 1731 57.23 -88.63 -53.39
N VAL G 1732 56.40 -89.69 -53.39
CA VAL G 1732 55.95 -90.47 -52.19
C VAL G 1732 56.63 -91.85 -52.25
N ASP G 1733 57.82 -91.96 -51.65
CA ASP G 1733 58.76 -93.12 -51.73
C ASP G 1733 58.98 -93.49 -53.21
N GLY G 1734 58.17 -94.41 -53.74
CA GLY G 1734 58.37 -95.05 -55.06
C GLY G 1734 58.32 -94.02 -56.18
N LYS G 1735 57.11 -93.50 -56.46
CA LYS G 1735 56.76 -92.81 -57.73
C LYS G 1735 56.29 -91.38 -57.47
N LEU G 1736 56.07 -90.64 -58.58
CA LEU G 1736 55.17 -89.45 -58.70
C LEU G 1736 53.77 -89.85 -58.23
N LYS G 1737 53.04 -88.91 -57.65
CA LYS G 1737 51.77 -89.13 -56.92
C LYS G 1737 50.86 -87.92 -57.13
N THR G 1738 49.92 -87.98 -58.09
CA THR G 1738 48.88 -86.92 -58.30
C THR G 1738 47.91 -86.95 -57.11
N GLU G 1739 47.57 -85.78 -56.60
CA GLU G 1739 46.72 -85.59 -55.39
C GLU G 1739 45.87 -84.35 -55.59
N LYS G 1740 44.71 -84.25 -54.96
CA LYS G 1740 44.06 -82.93 -54.85
C LYS G 1740 44.72 -82.22 -53.65
N ILE G 1741 45.27 -81.02 -53.87
CA ILE G 1741 45.35 -79.95 -52.82
C ILE G 1741 43.93 -79.74 -52.29
N PHE G 1742 43.79 -79.40 -51.01
CA PHE G 1742 42.44 -79.33 -50.37
C PHE G 1742 41.81 -80.72 -50.48
N LYS G 1743 42.27 -81.66 -49.67
CA LYS G 1743 41.85 -83.08 -49.77
C LYS G 1743 40.50 -83.21 -49.06
N GLU G 1744 40.37 -82.46 -47.95
CA GLU G 1744 39.14 -82.27 -47.16
C GLU G 1744 37.96 -81.95 -48.08
N ILE G 1745 38.15 -81.01 -49.00
CA ILE G 1745 37.11 -80.52 -49.93
C ILE G 1745 36.74 -81.66 -50.89
N ASN G 1746 35.51 -82.15 -50.77
CA ASN G 1746 34.85 -83.13 -51.66
C ASN G 1746 33.40 -82.68 -51.89
N GLU G 1747 32.62 -83.37 -52.73
CA GLU G 1747 31.30 -82.90 -53.26
C GLU G 1747 30.25 -82.81 -52.15
N HIS G 1748 30.43 -83.50 -51.02
CA HIS G 1748 29.55 -83.39 -49.84
C HIS G 1748 29.99 -82.24 -48.92
N SER G 1749 31.03 -81.49 -49.28
CA SER G 1749 31.56 -80.37 -48.45
C SER G 1749 30.76 -79.08 -48.72
N THR G 1750 30.53 -78.31 -47.67
CA THR G 1750 29.67 -77.11 -47.64
C THR G 1750 30.49 -75.89 -47.21
N SER G 1751 31.67 -76.09 -46.63
CA SER G 1751 32.60 -74.99 -46.31
C SER G 1751 34.04 -75.48 -46.41
N TYR G 1752 34.97 -74.54 -46.38
CA TYR G 1752 36.40 -74.82 -46.15
C TYR G 1752 37.00 -73.63 -45.44
N THR G 1753 37.76 -73.84 -44.35
CA THR G 1753 38.43 -72.75 -43.60
C THR G 1753 39.94 -72.71 -43.85
N PHE G 1754 40.46 -71.53 -44.17
CA PHE G 1754 41.90 -71.18 -44.26
C PHE G 1754 42.29 -70.63 -42.90
N ARG G 1755 43.32 -71.18 -42.26
CA ARG G 1755 43.81 -70.71 -40.94
C ARG G 1755 45.24 -70.19 -41.08
N SER G 1756 45.59 -69.24 -40.23
CA SER G 1756 46.96 -68.79 -39.92
C SER G 1756 47.03 -68.50 -38.41
N GLU G 1757 48.12 -67.89 -37.93
CA GLU G 1757 48.24 -67.43 -36.52
C GLU G 1757 48.21 -65.90 -36.50
N LYS G 1758 49.14 -65.29 -37.26
CA LYS G 1758 49.36 -63.83 -37.33
C LYS G 1758 48.24 -63.19 -38.18
N GLY G 1759 48.10 -63.65 -39.42
CA GLY G 1759 47.10 -63.18 -40.42
C GLY G 1759 47.29 -63.84 -41.78
N LEU G 1760 46.21 -63.96 -42.55
CA LEU G 1760 46.18 -64.69 -43.85
C LEU G 1760 47.04 -63.96 -44.87
N LEU G 1761 47.31 -62.69 -44.67
CA LEU G 1761 48.13 -61.91 -45.64
C LEU G 1761 49.58 -62.40 -45.63
N SER G 1762 50.01 -63.15 -44.61
CA SER G 1762 51.35 -63.77 -44.53
C SER G 1762 51.26 -65.29 -44.67
N ALA G 1763 50.61 -65.77 -45.74
CA ALA G 1763 50.29 -67.20 -45.98
C ALA G 1763 50.49 -67.58 -47.46
N THR G 1764 51.47 -66.98 -48.11
CA THR G 1764 51.99 -67.28 -49.47
C THR G 1764 50.86 -67.27 -50.52
N GLN G 1765 49.76 -67.99 -50.37
CA GLN G 1765 48.74 -68.14 -51.46
C GLN G 1765 47.93 -66.85 -51.58
N PHE G 1766 47.84 -66.08 -50.51
CA PHE G 1766 47.20 -64.75 -50.47
C PHE G 1766 48.28 -63.68 -50.72
N THR G 1767 49.47 -63.87 -50.16
CA THR G 1767 50.64 -62.97 -50.34
C THR G 1767 51.06 -62.93 -51.81
N GLN G 1768 51.12 -64.09 -52.45
CA GLN G 1768 51.61 -64.20 -53.84
C GLN G 1768 50.75 -63.29 -54.74
N PRO G 1769 49.40 -63.40 -54.78
CA PRO G 1769 48.57 -62.53 -55.60
C PRO G 1769 48.41 -61.09 -55.11
N ALA G 1770 48.39 -60.84 -53.82
CA ALA G 1770 48.38 -59.46 -53.30
C ALA G 1770 49.60 -58.74 -53.90
N LEU G 1771 50.79 -59.25 -53.62
CA LEU G 1771 52.08 -58.65 -54.07
C LEU G 1771 52.03 -58.43 -55.58
N THR G 1772 51.62 -59.42 -56.35
CA THR G 1772 51.56 -59.35 -57.84
C THR G 1772 50.62 -58.23 -58.31
N LEU G 1773 49.45 -58.06 -57.68
CA LEU G 1773 48.45 -56.99 -58.00
C LEU G 1773 49.03 -55.62 -57.65
N MET G 1774 49.39 -55.36 -56.40
CA MET G 1774 50.13 -54.15 -55.97
C MET G 1774 51.00 -53.62 -57.12
N GLU G 1775 51.82 -54.51 -57.69
CA GLU G 1775 52.81 -54.22 -58.74
C GLU G 1775 52.09 -53.91 -60.04
N LYS G 1776 51.21 -54.79 -60.49
CA LYS G 1776 50.42 -54.59 -61.73
C LYS G 1776 49.64 -53.27 -61.67
N ALA G 1777 49.16 -52.85 -60.51
CA ALA G 1777 48.34 -51.63 -60.33
C ALA G 1777 49.23 -50.39 -60.28
N ALA G 1778 50.35 -50.44 -59.57
CA ALA G 1778 51.42 -49.42 -59.64
C ALA G 1778 51.76 -49.18 -61.09
N PHE G 1779 52.01 -50.24 -61.82
CA PHE G 1779 52.48 -50.11 -63.21
C PHE G 1779 51.38 -49.52 -64.09
N GLU G 1780 50.14 -50.03 -64.00
CA GLU G 1780 49.04 -49.55 -64.86
C GLU G 1780 48.77 -48.06 -64.55
N ASP G 1781 49.01 -47.61 -63.33
CA ASP G 1781 48.92 -46.15 -62.99
C ASP G 1781 49.97 -45.38 -63.82
N LEU G 1782 51.26 -45.72 -63.70
CA LEU G 1782 52.37 -45.23 -64.56
C LEU G 1782 51.93 -45.18 -66.03
N LYS G 1783 51.51 -46.30 -66.62
CA LYS G 1783 51.18 -46.38 -68.06
C LYS G 1783 50.06 -45.38 -68.44
N SER G 1784 49.14 -45.12 -67.51
CA SER G 1784 47.96 -44.26 -67.74
C SER G 1784 48.37 -42.79 -67.76
N LYS G 1785 49.45 -42.46 -67.05
CA LYS G 1785 50.12 -41.15 -66.97
C LYS G 1785 51.16 -40.98 -68.10
N GLY G 1786 51.28 -41.94 -69.01
CA GLY G 1786 52.14 -41.85 -70.19
C GLY G 1786 53.61 -42.09 -69.92
N LEU G 1787 53.98 -42.60 -68.73
CA LEU G 1787 55.38 -42.63 -68.22
C LEU G 1787 56.17 -43.88 -68.63
N ILE G 1788 55.65 -44.75 -69.47
CA ILE G 1788 56.32 -46.03 -69.85
C ILE G 1788 56.86 -45.91 -71.27
N PRO G 1789 58.20 -45.92 -71.44
CA PRO G 1789 58.82 -46.12 -72.75
C PRO G 1789 58.29 -47.35 -73.51
N ALA G 1790 58.36 -47.28 -74.85
CA ALA G 1790 57.96 -48.37 -75.76
C ALA G 1790 59.03 -49.47 -75.79
N ASP G 1791 60.31 -49.14 -75.52
CA ASP G 1791 61.48 -50.04 -75.70
C ASP G 1791 62.03 -50.57 -74.37
N ALA G 1792 61.37 -50.32 -73.24
CA ALA G 1792 61.87 -50.68 -71.89
C ALA G 1792 62.16 -52.18 -71.83
N THR G 1793 63.30 -52.54 -71.24
CA THR G 1793 63.62 -53.92 -70.83
C THR G 1793 63.06 -54.17 -69.43
N PHE G 1794 62.70 -55.41 -69.14
CA PHE G 1794 62.10 -55.76 -67.83
C PHE G 1794 62.54 -57.14 -67.36
N ALA G 1795 62.57 -57.30 -66.06
CA ALA G 1795 62.79 -58.59 -65.37
C ALA G 1795 62.10 -58.56 -64.02
N GLY G 1796 61.63 -59.72 -63.55
CA GLY G 1796 61.23 -59.87 -62.15
C GLY G 1796 62.09 -60.88 -61.42
N HIS G 1797 62.26 -60.68 -60.13
CA HIS G 1797 62.86 -61.62 -59.17
C HIS G 1797 61.80 -62.59 -58.67
N SER G 1798 61.86 -63.84 -59.13
CA SER G 1798 61.00 -64.99 -58.74
C SER G 1798 59.54 -64.70 -59.16
N LEU G 1799 58.67 -64.40 -58.21
CA LEU G 1799 57.23 -64.11 -58.42
C LEU G 1799 57.10 -62.82 -59.23
N GLY G 1800 58.00 -61.87 -58.99
CA GLY G 1800 58.22 -60.68 -59.82
C GLY G 1800 57.97 -60.94 -61.30
N GLU G 1801 58.44 -62.05 -61.86
CA GLU G 1801 58.40 -62.33 -63.32
C GLU G 1801 56.98 -62.29 -63.86
N TYR G 1802 55.98 -62.60 -63.03
CA TYR G 1802 54.56 -62.72 -63.45
C TYR G 1802 53.96 -61.32 -63.57
N ALA G 1803 54.14 -60.49 -62.54
CA ALA G 1803 53.75 -59.07 -62.55
C ALA G 1803 54.31 -58.39 -63.79
N ALA G 1804 55.60 -58.60 -64.03
CA ALA G 1804 56.40 -58.03 -65.13
C ALA G 1804 55.80 -58.42 -66.49
N LEU G 1805 55.40 -59.68 -66.69
CA LEU G 1805 54.90 -60.15 -68.01
C LEU G 1805 53.45 -59.72 -68.23
N ALA G 1806 52.63 -59.72 -67.18
CA ALA G 1806 51.26 -59.17 -67.24
C ALA G 1806 51.32 -57.68 -67.63
N SER G 1807 52.24 -56.95 -67.02
CA SER G 1807 52.45 -55.48 -67.18
C SER G 1807 52.98 -55.12 -68.57
N LEU G 1808 54.16 -55.58 -68.94
CA LEU G 1808 54.92 -55.01 -70.09
C LEU G 1808 54.66 -55.79 -71.38
N ALA G 1809 54.03 -56.95 -71.32
CA ALA G 1809 53.81 -57.81 -72.52
C ALA G 1809 52.36 -58.32 -72.66
N ASP G 1810 51.40 -57.83 -71.85
CA ASP G 1810 49.98 -58.27 -71.76
C ASP G 1810 49.84 -59.76 -72.15
N VAL G 1811 50.61 -60.64 -71.50
CA VAL G 1811 50.63 -62.10 -71.85
C VAL G 1811 49.37 -62.73 -71.26
N MET G 1812 49.09 -62.42 -70.00
CA MET G 1812 47.88 -62.85 -69.26
C MET G 1812 46.92 -61.67 -69.16
N SER G 1813 45.61 -61.94 -69.09
CA SER G 1813 44.61 -61.03 -68.48
C SER G 1813 44.90 -60.91 -66.98
N ILE G 1814 44.43 -59.85 -66.34
CA ILE G 1814 44.41 -59.70 -64.85
C ILE G 1814 43.82 -60.96 -64.24
N GLU G 1815 42.69 -61.45 -64.76
CA GLU G 1815 41.91 -62.55 -64.12
C GLU G 1815 42.82 -63.79 -64.12
N SER G 1816 43.40 -64.12 -65.27
CA SER G 1816 44.37 -65.25 -65.43
C SER G 1816 45.63 -65.08 -64.56
N LEU G 1817 46.18 -63.87 -64.47
CA LEU G 1817 47.42 -63.62 -63.68
C LEU G 1817 47.19 -64.05 -62.23
N VAL G 1818 46.08 -63.62 -61.63
CA VAL G 1818 45.87 -63.86 -60.17
C VAL G 1818 45.48 -65.33 -59.95
N GLU G 1819 44.84 -66.00 -60.92
CA GLU G 1819 44.62 -67.46 -60.86
C GLU G 1819 45.97 -68.15 -60.71
N VAL G 1820 46.86 -67.97 -61.70
CA VAL G 1820 48.18 -68.67 -61.78
C VAL G 1820 48.95 -68.51 -60.45
N VAL G 1821 49.12 -67.28 -60.03
CA VAL G 1821 49.92 -66.93 -58.84
C VAL G 1821 49.22 -67.46 -57.58
N PHE G 1822 47.92 -67.71 -57.60
CA PHE G 1822 47.22 -68.32 -56.43
C PHE G 1822 47.63 -69.81 -56.38
N TYR G 1823 47.52 -70.47 -57.52
CA TYR G 1823 47.91 -71.88 -57.74
C TYR G 1823 49.40 -72.08 -57.43
N ARG G 1824 50.24 -71.10 -57.79
CA ARG G 1824 51.69 -71.11 -57.47
C ARG G 1824 51.83 -71.15 -55.95
N GLY G 1825 51.36 -70.13 -55.26
CA GLY G 1825 51.35 -70.07 -53.78
C GLY G 1825 50.82 -71.36 -53.17
N MET G 1826 49.85 -72.00 -53.82
CA MET G 1826 49.22 -73.25 -53.32
C MET G 1826 50.18 -74.43 -53.52
N THR G 1827 50.72 -74.60 -54.73
CA THR G 1827 51.72 -75.65 -55.07
C THR G 1827 52.99 -75.51 -54.18
N MET G 1828 53.40 -74.32 -53.80
CA MET G 1828 54.59 -74.07 -52.92
C MET G 1828 54.18 -74.05 -51.44
N GLN G 1829 53.05 -74.67 -51.09
CA GLN G 1829 52.59 -74.82 -49.68
C GLN G 1829 52.62 -76.32 -49.34
N VAL G 1830 52.38 -77.15 -50.37
CA VAL G 1830 51.97 -78.56 -50.26
C VAL G 1830 53.08 -79.49 -50.77
N ALA G 1831 54.08 -78.95 -51.48
CA ALA G 1831 55.19 -79.71 -52.11
C ALA G 1831 56.05 -80.40 -51.03
N VAL G 1832 56.24 -79.75 -49.89
CA VAL G 1832 56.95 -80.33 -48.71
C VAL G 1832 55.93 -81.06 -47.83
N PRO G 1833 56.22 -82.29 -47.31
CA PRO G 1833 55.46 -82.88 -46.21
C PRO G 1833 55.74 -82.12 -44.91
N ARG G 1834 54.67 -81.70 -44.21
CA ARG G 1834 54.74 -80.86 -42.98
C ARG G 1834 53.85 -81.44 -41.86
N ASP G 1835 53.60 -82.74 -41.90
CA ASP G 1835 52.89 -83.56 -40.87
C ASP G 1835 52.47 -82.74 -39.62
N GLU G 1836 53.46 -82.30 -38.81
CA GLU G 1836 53.31 -81.95 -37.36
C GLU G 1836 52.08 -81.03 -37.15
N LEU G 1837 52.28 -79.77 -37.54
CA LEU G 1837 51.27 -78.69 -37.70
C LEU G 1837 51.84 -77.84 -38.87
N GLY G 1838 51.79 -76.51 -38.85
CA GLY G 1838 52.39 -75.70 -39.94
C GLY G 1838 53.92 -75.65 -39.88
N ARG G 1839 54.60 -76.82 -39.76
CA ARG G 1839 56.09 -76.93 -39.59
C ARG G 1839 56.62 -78.07 -40.44
N SER G 1840 57.65 -77.74 -41.22
CA SER G 1840 58.40 -78.67 -42.11
C SER G 1840 59.85 -78.81 -41.61
N ASN G 1841 60.60 -79.66 -42.31
CA ASN G 1841 62.03 -79.99 -42.02
C ASN G 1841 62.93 -79.23 -43.00
N TYR G 1842 62.36 -78.49 -43.98
CA TYR G 1842 63.11 -77.64 -44.95
C TYR G 1842 62.97 -76.17 -44.58
N GLY G 1843 63.89 -75.35 -45.09
CA GLY G 1843 63.99 -73.90 -44.83
C GLY G 1843 64.90 -73.24 -45.85
N MET G 1844 65.40 -72.03 -45.56
CA MET G 1844 66.50 -71.42 -46.39
C MET G 1844 67.13 -70.24 -45.66
N ILE G 1845 68.45 -70.14 -45.84
CA ILE G 1845 69.36 -69.15 -45.19
C ILE G 1845 69.95 -68.25 -46.29
N ALA G 1846 70.24 -67.00 -45.93
CA ALA G 1846 70.94 -65.99 -46.76
C ALA G 1846 72.41 -65.94 -46.34
N ILE G 1847 73.32 -66.13 -47.29
CA ILE G 1847 74.81 -66.17 -47.07
C ILE G 1847 75.43 -64.90 -47.63
N ASN G 1848 76.39 -64.31 -46.89
CA ASN G 1848 77.26 -63.19 -47.31
C ASN G 1848 78.71 -63.70 -47.38
N PRO G 1849 79.16 -64.28 -48.52
CA PRO G 1849 80.50 -64.88 -48.61
C PRO G 1849 81.69 -63.92 -48.44
N GLY G 1850 81.46 -62.61 -48.53
CA GLY G 1850 82.45 -61.57 -48.19
C GLY G 1850 82.78 -61.57 -46.70
N ARG G 1851 81.80 -61.85 -45.84
CA ARG G 1851 81.91 -61.71 -44.36
C ARG G 1851 82.70 -62.85 -43.73
N VAL G 1852 82.66 -64.04 -44.34
CA VAL G 1852 83.33 -65.25 -43.79
C VAL G 1852 84.85 -65.13 -43.99
N ALA G 1853 85.30 -64.67 -45.16
CA ALA G 1853 86.73 -64.36 -45.44
C ALA G 1853 86.85 -63.61 -46.78
N ALA G 1854 87.66 -62.56 -46.81
CA ALA G 1854 87.84 -61.62 -47.94
C ALA G 1854 88.19 -62.35 -49.27
N SER G 1855 88.76 -63.56 -49.21
CA SER G 1855 89.14 -64.39 -50.40
C SER G 1855 88.06 -65.44 -50.73
N PHE G 1856 87.07 -65.62 -49.86
CA PHE G 1856 85.96 -66.60 -50.00
C PHE G 1856 84.95 -66.06 -51.03
N SER G 1857 84.82 -66.76 -52.15
CA SER G 1857 84.16 -66.28 -53.40
C SER G 1857 82.91 -67.11 -53.70
N GLN G 1858 82.32 -66.92 -54.89
CA GLN G 1858 81.20 -67.73 -55.47
C GLN G 1858 81.75 -69.03 -56.09
N GLU G 1859 83.06 -69.28 -56.02
CA GLU G 1859 83.65 -70.61 -56.36
C GLU G 1859 83.76 -71.45 -55.08
N ALA G 1860 84.04 -70.80 -53.95
CA ALA G 1860 84.13 -71.42 -52.61
C ALA G 1860 82.77 -72.00 -52.22
N LEU G 1861 81.71 -71.19 -52.24
CA LEU G 1861 80.32 -71.60 -51.85
C LEU G 1861 79.82 -72.72 -52.76
N GLN G 1862 80.00 -72.58 -54.07
CA GLN G 1862 79.54 -73.57 -55.08
C GLN G 1862 80.18 -74.95 -54.82
N TYR G 1863 81.37 -75.00 -54.20
CA TYR G 1863 82.02 -76.26 -53.71
C TYR G 1863 81.46 -76.66 -52.33
N VAL G 1864 81.82 -75.97 -51.25
CA VAL G 1864 81.34 -76.25 -49.85
C VAL G 1864 79.95 -76.93 -49.92
N VAL G 1865 78.97 -76.22 -50.49
CA VAL G 1865 77.52 -76.58 -50.51
C VAL G 1865 77.30 -77.82 -51.39
N GLU G 1866 77.98 -77.92 -52.54
CA GLU G 1866 77.87 -79.11 -53.46
C GLU G 1866 78.43 -80.36 -52.76
N ARG G 1867 79.48 -80.20 -51.93
CA ARG G 1867 80.15 -81.29 -51.17
C ARG G 1867 79.26 -81.70 -50.00
N VAL G 1868 78.79 -80.73 -49.18
CA VAL G 1868 77.86 -81.00 -48.03
C VAL G 1868 76.67 -81.83 -48.52
N GLY G 1869 76.20 -81.63 -49.75
CA GLY G 1869 75.11 -82.40 -50.35
C GLY G 1869 75.56 -83.81 -50.72
N LYS G 1870 76.64 -83.92 -51.50
CA LYS G 1870 77.25 -85.18 -52.00
C LYS G 1870 77.70 -86.05 -50.80
N ARG G 1871 78.21 -85.42 -49.73
CA ARG G 1871 78.64 -86.09 -48.47
C ARG G 1871 77.43 -86.63 -47.70
N THR G 1872 76.63 -85.75 -47.07
CA THR G 1872 75.59 -86.10 -46.06
C THR G 1872 74.35 -86.70 -46.75
N GLY G 1873 74.28 -86.69 -48.09
CA GLY G 1873 73.12 -87.16 -48.88
C GLY G 1873 71.83 -86.39 -48.59
N TRP G 1874 71.94 -85.23 -47.94
CA TRP G 1874 70.83 -84.29 -47.59
C TRP G 1874 70.77 -83.18 -48.64
N LEU G 1875 69.59 -82.88 -49.17
CA LEU G 1875 69.39 -81.85 -50.23
C LEU G 1875 69.71 -80.46 -49.66
N VAL G 1876 70.74 -79.81 -50.20
CA VAL G 1876 71.03 -78.36 -50.03
C VAL G 1876 71.54 -77.82 -51.38
N GLU G 1877 71.09 -76.61 -51.77
CA GLU G 1877 71.45 -75.93 -53.04
C GLU G 1877 71.49 -74.40 -52.84
N ILE G 1878 72.20 -73.70 -53.73
CA ILE G 1878 72.14 -72.22 -53.88
C ILE G 1878 70.97 -71.95 -54.84
N VAL G 1879 69.99 -71.16 -54.41
CA VAL G 1879 68.70 -70.95 -55.15
C VAL G 1879 68.65 -69.52 -55.72
N ASN G 1880 69.04 -68.51 -54.93
CA ASN G 1880 69.15 -67.10 -55.39
C ASN G 1880 70.63 -66.73 -55.49
N TYR G 1881 71.10 -66.37 -56.69
CA TYR G 1881 72.35 -65.62 -56.95
C TYR G 1881 72.04 -64.10 -57.01
N ASN G 1882 72.03 -63.40 -55.89
CA ASN G 1882 71.54 -61.99 -55.81
C ASN G 1882 72.65 -60.99 -56.21
N VAL G 1883 73.58 -60.70 -55.30
CA VAL G 1883 74.66 -59.68 -55.43
C VAL G 1883 76.00 -60.40 -55.31
N GLU G 1884 76.92 -60.24 -56.28
CA GLU G 1884 78.13 -61.11 -56.44
C GLU G 1884 79.04 -60.94 -55.22
N ASN G 1885 79.43 -62.07 -54.62
CA ASN G 1885 80.32 -62.16 -53.43
C ASN G 1885 79.74 -61.33 -52.29
N GLN G 1886 78.40 -61.31 -52.12
CA GLN G 1886 77.76 -60.44 -51.10
C GLN G 1886 76.35 -60.92 -50.67
N GLN G 1887 75.54 -61.48 -51.57
CA GLN G 1887 74.16 -61.97 -51.23
C GLN G 1887 73.83 -63.21 -52.07
N TYR G 1888 73.80 -64.37 -51.43
CA TYR G 1888 73.25 -65.63 -51.98
C TYR G 1888 72.18 -66.13 -51.01
N VAL G 1889 71.38 -67.07 -51.49
CA VAL G 1889 70.36 -67.75 -50.65
C VAL G 1889 70.51 -69.25 -50.90
N ALA G 1890 70.68 -70.00 -49.83
CA ALA G 1890 70.77 -71.48 -49.86
C ALA G 1890 69.49 -72.02 -49.23
N ALA G 1891 68.92 -73.04 -49.88
CA ALA G 1891 67.67 -73.71 -49.47
C ALA G 1891 67.88 -75.22 -49.52
N GLY G 1892 67.38 -75.93 -48.51
CA GLY G 1892 67.25 -77.41 -48.55
C GLY G 1892 66.76 -77.97 -47.23
N ASP G 1893 67.41 -79.04 -46.75
CA ASP G 1893 67.08 -79.74 -45.49
C ASP G 1893 67.64 -78.90 -44.33
N LEU G 1894 66.80 -78.56 -43.34
CA LEU G 1894 67.16 -77.67 -42.20
C LEU G 1894 68.45 -78.16 -41.54
N ARG G 1895 68.68 -79.48 -41.51
CA ARG G 1895 69.92 -80.10 -40.97
C ARG G 1895 71.11 -79.65 -41.82
N ALA G 1896 71.03 -79.85 -43.16
CA ALA G 1896 72.06 -79.49 -44.17
C ALA G 1896 72.33 -77.98 -44.20
N LEU G 1897 71.40 -77.16 -43.71
CA LEU G 1897 71.55 -75.68 -43.54
C LEU G 1897 72.26 -75.39 -42.22
N ASP G 1898 72.17 -76.31 -41.25
CA ASP G 1898 72.80 -76.17 -39.92
C ASP G 1898 74.27 -76.63 -40.00
N THR G 1899 74.61 -77.52 -40.93
CA THR G 1899 76.03 -77.89 -41.24
C THR G 1899 76.71 -76.66 -41.88
N VAL G 1900 76.07 -76.11 -42.92
CA VAL G 1900 76.63 -75.00 -43.77
C VAL G 1900 76.85 -73.75 -42.89
N THR G 1901 75.99 -73.45 -41.91
CA THR G 1901 76.20 -72.28 -40.99
C THR G 1901 77.31 -72.58 -39.98
N ASN G 1902 77.63 -73.87 -39.73
CA ASN G 1902 78.73 -74.31 -38.82
C ASN G 1902 80.05 -74.40 -39.60
N VAL G 1903 80.06 -75.02 -40.79
CA VAL G 1903 81.24 -75.09 -41.70
C VAL G 1903 81.76 -73.67 -42.00
N LEU G 1904 80.86 -72.70 -42.16
CA LEU G 1904 81.19 -71.27 -42.44
C LEU G 1904 81.52 -70.58 -41.11
N ASN G 1905 80.89 -70.97 -40.00
CA ASN G 1905 81.27 -70.51 -38.63
C ASN G 1905 82.70 -71.00 -38.33
N PHE G 1906 83.08 -72.18 -38.82
CA PHE G 1906 84.43 -72.79 -38.68
C PHE G 1906 85.43 -71.92 -39.46
N ILE G 1907 85.31 -71.87 -40.79
CA ILE G 1907 86.29 -71.22 -41.73
C ILE G 1907 86.52 -69.75 -41.35
N LYS G 1908 85.53 -69.05 -40.77
CA LYS G 1908 85.68 -67.68 -40.23
C LYS G 1908 86.75 -67.69 -39.13
N LEU G 1909 86.52 -68.48 -38.07
CA LEU G 1909 87.39 -68.58 -36.85
C LEU G 1909 88.75 -69.21 -37.23
N GLN G 1910 88.75 -70.32 -37.98
CA GLN G 1910 89.97 -71.10 -38.38
C GLN G 1910 90.83 -70.35 -39.42
N LYS G 1911 90.21 -69.47 -40.22
CA LYS G 1911 90.89 -68.58 -41.21
C LYS G 1911 91.54 -69.41 -42.34
N ILE G 1912 91.13 -70.68 -42.50
CA ILE G 1912 91.70 -71.60 -43.53
C ILE G 1912 91.11 -71.20 -44.89
N ASP G 1913 91.97 -70.70 -45.79
CA ASP G 1913 91.57 -70.05 -47.07
C ASP G 1913 91.53 -71.14 -48.15
N ILE G 1914 90.32 -71.54 -48.60
CA ILE G 1914 90.11 -72.71 -49.52
C ILE G 1914 91.02 -72.56 -50.75
N ILE G 1915 90.97 -71.43 -51.48
CA ILE G 1915 91.71 -71.22 -52.76
C ILE G 1915 93.25 -71.31 -52.55
N GLU G 1916 93.77 -70.76 -51.43
CA GLU G 1916 95.21 -70.82 -51.05
C GLU G 1916 95.63 -72.29 -50.86
N LEU G 1917 94.84 -73.07 -50.09
CA LEU G 1917 95.11 -74.51 -49.76
C LEU G 1917 94.35 -75.46 -50.72
N GLN G 1918 93.94 -74.98 -51.90
CA GLN G 1918 93.06 -75.73 -52.86
C GLN G 1918 93.96 -76.42 -53.89
N LYS G 1919 93.95 -75.96 -55.15
CA LYS G 1919 94.72 -76.49 -56.30
C LYS G 1919 96.23 -76.18 -56.14
N SER G 1920 96.57 -75.09 -55.44
CA SER G 1920 97.97 -74.62 -55.23
C SER G 1920 98.73 -75.68 -54.40
N LEU G 1921 98.26 -75.99 -53.18
CA LEU G 1921 98.90 -76.92 -52.21
C LEU G 1921 98.53 -78.38 -52.53
N SER G 1922 97.33 -78.84 -52.12
CA SER G 1922 96.95 -80.28 -52.01
C SER G 1922 95.81 -80.61 -53.00
N LEU G 1923 96.10 -81.47 -53.99
CA LEU G 1923 95.19 -81.86 -55.11
C LEU G 1923 94.29 -83.06 -54.68
N GLU G 1924 92.97 -82.84 -54.55
CA GLU G 1924 91.96 -83.90 -54.20
C GLU G 1924 92.13 -84.36 -52.73
N GLU G 1925 92.92 -83.62 -51.93
CA GLU G 1925 93.01 -83.71 -50.44
C GLU G 1925 92.13 -82.60 -49.82
N VAL G 1926 91.84 -81.52 -50.57
CA VAL G 1926 90.72 -80.55 -50.29
C VAL G 1926 89.47 -81.34 -49.85
N GLU G 1927 89.07 -82.38 -50.59
CA GLU G 1927 87.93 -83.30 -50.25
C GLU G 1927 88.23 -83.99 -48.90
N GLY G 1928 89.47 -84.45 -48.70
CA GLY G 1928 89.98 -84.97 -47.41
C GLY G 1928 89.84 -83.96 -46.26
N HIS G 1929 90.40 -82.75 -46.43
CA HIS G 1929 90.34 -81.60 -45.48
C HIS G 1929 88.88 -81.33 -45.08
N LEU G 1930 88.01 -81.20 -46.09
CA LEU G 1930 86.63 -80.64 -46.01
C LEU G 1930 85.69 -81.67 -45.36
N PHE G 1931 85.67 -82.91 -45.87
CA PHE G 1931 84.86 -84.05 -45.35
C PHE G 1931 85.07 -84.18 -43.83
N GLU G 1932 86.30 -83.96 -43.35
CA GLU G 1932 86.68 -83.89 -41.90
C GLU G 1932 85.89 -82.78 -41.18
N ILE G 1933 85.84 -81.58 -41.77
CA ILE G 1933 85.16 -80.36 -41.21
C ILE G 1933 83.64 -80.56 -41.22
N ILE G 1934 83.11 -81.16 -42.30
CA ILE G 1934 81.66 -81.50 -42.50
C ILE G 1934 81.22 -82.47 -41.37
N ASP G 1935 81.94 -83.58 -41.19
CA ASP G 1935 81.50 -84.78 -40.41
C ASP G 1935 81.47 -84.49 -38.89
N GLU G 1936 82.16 -83.45 -38.40
CA GLU G 1936 82.14 -83.05 -36.96
C GLU G 1936 80.99 -82.04 -36.69
N ALA G 1937 80.46 -81.39 -37.74
CA ALA G 1937 79.27 -80.52 -37.73
C ALA G 1937 78.02 -81.30 -38.18
N SER G 1938 78.13 -82.08 -39.25
CA SER G 1938 77.07 -82.91 -39.88
C SER G 1938 76.41 -83.84 -38.84
N LYS G 1939 77.22 -84.66 -38.16
CA LYS G 1939 76.74 -85.69 -37.18
C LYS G 1939 76.52 -85.04 -35.79
N LYS G 1940 76.82 -83.74 -35.65
CA LYS G 1940 76.40 -82.90 -34.49
C LYS G 1940 75.02 -82.25 -34.75
N SER G 1941 74.62 -82.10 -36.02
CA SER G 1941 73.34 -81.46 -36.47
C SER G 1941 72.25 -82.50 -36.79
N ALA G 1942 72.56 -83.81 -36.74
CA ALA G 1942 71.61 -84.94 -36.94
C ALA G 1942 70.90 -85.30 -35.62
N VAL G 1943 71.30 -84.73 -34.48
CA VAL G 1943 70.81 -85.07 -33.10
C VAL G 1943 69.89 -83.95 -32.55
N LYS G 1944 69.44 -83.00 -33.38
CA LYS G 1944 68.56 -81.88 -32.94
C LYS G 1944 67.13 -82.39 -32.78
N PRO G 1945 66.22 -81.61 -32.13
CA PRO G 1945 64.78 -81.92 -32.14
C PRO G 1945 64.25 -81.95 -33.59
N ARG G 1946 63.32 -82.87 -33.90
CA ARG G 1946 62.93 -83.26 -35.31
C ARG G 1946 62.75 -82.02 -36.19
N PRO G 1947 61.91 -81.02 -35.82
CA PRO G 1947 61.81 -79.75 -36.59
C PRO G 1947 62.78 -78.68 -36.04
N LEU G 1948 64.03 -78.65 -36.53
CA LEU G 1948 65.15 -77.99 -35.80
C LEU G 1948 65.13 -76.46 -36.00
N LYS G 1949 64.86 -75.74 -34.91
CA LYS G 1949 65.13 -74.28 -34.77
C LYS G 1949 66.54 -74.01 -35.33
N LEU G 1950 66.61 -73.20 -36.39
CA LEU G 1950 67.86 -72.86 -37.13
C LEU G 1950 68.32 -71.47 -36.69
N GLU G 1951 69.61 -71.35 -36.33
CA GLU G 1951 70.21 -70.14 -35.72
C GLU G 1951 71.32 -69.62 -36.65
N ARG G 1952 71.81 -68.41 -36.36
CA ARG G 1952 72.57 -67.53 -37.29
C ARG G 1952 74.05 -67.47 -36.88
N GLY G 1953 74.95 -67.37 -37.86
CA GLY G 1953 76.41 -67.53 -37.65
C GLY G 1953 77.28 -66.72 -38.59
N PHE G 1954 77.61 -65.48 -38.19
CA PHE G 1954 78.66 -64.58 -38.77
C PHE G 1954 78.36 -64.28 -40.24
N ALA G 1955 78.37 -65.30 -41.11
CA ALA G 1955 78.06 -65.20 -42.58
C ALA G 1955 76.57 -65.39 -42.86
N CYS G 1956 75.90 -66.37 -42.22
CA CYS G 1956 74.59 -66.94 -42.65
C CYS G 1956 73.45 -66.55 -41.69
N ILE G 1957 72.39 -65.95 -42.24
CA ILE G 1957 71.13 -65.54 -41.53
C ILE G 1957 69.99 -66.41 -42.06
N PRO G 1958 69.11 -66.94 -41.19
CA PRO G 1958 67.92 -67.67 -41.64
C PRO G 1958 66.78 -66.71 -42.03
N LEU G 1959 66.19 -66.96 -43.20
CA LEU G 1959 65.00 -66.23 -43.72
C LEU G 1959 63.76 -66.74 -42.97
N VAL G 1960 63.24 -65.93 -42.05
CA VAL G 1960 62.03 -66.26 -41.23
C VAL G 1960 60.82 -66.40 -42.16
N GLY G 1961 59.95 -67.37 -41.88
CA GLY G 1961 58.67 -67.59 -42.61
C GLY G 1961 58.81 -68.62 -43.73
N ILE G 1962 59.94 -68.65 -44.44
CA ILE G 1962 60.14 -69.52 -45.63
C ILE G 1962 60.37 -70.96 -45.16
N SER G 1963 59.47 -71.85 -45.56
CA SER G 1963 59.28 -73.23 -45.06
C SER G 1963 59.44 -74.24 -46.20
N VAL G 1964 59.83 -73.79 -47.40
CA VAL G 1964 59.87 -74.63 -48.64
C VAL G 1964 61.12 -74.28 -49.43
N PRO G 1965 61.80 -75.27 -50.07
CA PRO G 1965 62.95 -74.98 -50.92
C PRO G 1965 62.52 -74.73 -52.36
N PHE G 1966 61.87 -73.60 -52.63
CA PHE G 1966 61.52 -73.17 -54.02
C PHE G 1966 62.83 -72.70 -54.66
N HIS G 1967 62.94 -72.96 -55.96
CA HIS G 1967 64.09 -72.62 -56.85
C HIS G 1967 65.17 -73.70 -56.76
N SER G 1968 64.90 -74.79 -56.04
CA SER G 1968 65.78 -75.99 -55.96
C SER G 1968 65.25 -77.05 -56.91
N THR G 1969 65.90 -78.22 -56.96
CA THR G 1969 65.50 -79.38 -57.80
C THR G 1969 64.43 -80.17 -57.02
N TYR G 1970 64.27 -79.90 -55.72
CA TYR G 1970 63.31 -80.61 -54.83
C TYR G 1970 61.92 -80.64 -55.45
N LEU G 1971 61.50 -79.54 -56.07
CA LEU G 1971 60.15 -79.41 -56.67
C LEU G 1971 60.28 -79.22 -58.18
N MET G 1972 61.22 -79.95 -58.80
CA MET G 1972 61.23 -80.30 -60.24
C MET G 1972 60.15 -81.36 -60.49
N ASN G 1973 59.67 -82.02 -59.44
CA ASN G 1973 58.61 -83.07 -59.47
C ASN G 1973 57.23 -82.40 -59.64
N GLY G 1974 56.96 -81.36 -58.85
CA GLY G 1974 55.69 -80.60 -58.88
C GLY G 1974 55.67 -79.53 -59.96
N VAL G 1975 55.86 -79.91 -61.23
CA VAL G 1975 55.99 -78.99 -62.39
C VAL G 1975 54.95 -79.35 -63.46
N LYS G 1976 54.76 -80.62 -63.77
CA LYS G 1976 53.76 -81.10 -64.76
C LYS G 1976 52.38 -80.48 -64.48
N PRO G 1977 51.82 -80.54 -63.25
CA PRO G 1977 50.51 -79.94 -62.97
C PRO G 1977 50.50 -78.41 -63.16
N PHE G 1978 51.50 -77.71 -62.62
CA PHE G 1978 51.69 -76.25 -62.77
C PHE G 1978 51.89 -75.87 -64.24
N LYS G 1979 52.61 -76.68 -65.02
CA LYS G 1979 52.77 -76.45 -66.48
C LYS G 1979 51.39 -76.49 -67.15
N SER G 1980 50.61 -77.56 -66.92
CA SER G 1980 49.29 -77.79 -67.55
C SER G 1980 48.32 -76.65 -67.17
N PHE G 1981 48.48 -76.05 -65.98
CA PHE G 1981 47.63 -74.93 -65.49
C PHE G 1981 47.97 -73.63 -66.23
N LEU G 1982 49.27 -73.33 -66.44
CA LEU G 1982 49.72 -72.18 -67.27
C LEU G 1982 49.18 -72.29 -68.70
N LYS G 1983 49.03 -73.49 -69.25
CA LYS G 1983 48.64 -73.65 -70.69
C LYS G 1983 47.15 -73.33 -70.88
N LYS G 1984 46.33 -73.48 -69.85
CA LYS G 1984 44.91 -73.05 -69.86
C LYS G 1984 44.84 -71.51 -69.85
N ASN G 1985 45.67 -70.90 -69.00
CA ASN G 1985 45.55 -69.50 -68.54
C ASN G 1985 46.41 -68.54 -69.40
N ILE G 1986 47.48 -69.03 -70.03
CA ILE G 1986 48.32 -68.29 -71.02
C ILE G 1986 47.97 -68.82 -72.41
N ILE G 1987 47.19 -68.07 -73.17
CA ILE G 1987 46.70 -68.44 -74.52
C ILE G 1987 47.79 -68.07 -75.54
N LYS G 1988 47.84 -68.74 -76.69
CA LYS G 1988 48.87 -68.46 -77.74
C LYS G 1988 48.63 -67.06 -78.34
N GLU G 1989 47.37 -66.78 -78.67
CA GLU G 1989 46.89 -65.53 -79.35
C GLU G 1989 47.29 -64.27 -78.56
N ASN G 1990 47.43 -64.36 -77.24
CA ASN G 1990 47.74 -63.18 -76.37
C ASN G 1990 49.26 -62.93 -76.26
N VAL G 1991 50.10 -63.67 -77.00
CA VAL G 1991 51.59 -63.54 -76.94
C VAL G 1991 52.05 -62.80 -78.19
N LYS G 1992 52.43 -61.53 -78.03
CA LYS G 1992 52.99 -60.67 -79.10
C LYS G 1992 54.50 -60.75 -78.94
N VAL G 1993 55.19 -61.33 -79.92
CA VAL G 1993 56.64 -61.71 -79.81
C VAL G 1993 57.48 -60.43 -79.74
N ALA G 1994 57.12 -59.46 -80.60
CA ALA G 1994 57.61 -58.06 -80.62
C ALA G 1994 57.75 -57.48 -79.22
N ARG G 1995 56.93 -57.93 -78.27
CA ARG G 1995 56.78 -57.28 -76.94
C ARG G 1995 57.67 -57.94 -75.88
N LEU G 1996 58.30 -59.06 -76.23
CA LEU G 1996 59.15 -59.90 -75.33
C LEU G 1996 60.58 -59.91 -75.86
N ALA G 1997 60.75 -60.26 -77.15
CA ALA G 1997 62.05 -60.36 -77.86
C ALA G 1997 63.00 -59.24 -77.41
N GLY G 1998 64.15 -59.63 -76.86
CA GLY G 1998 65.24 -58.72 -76.47
C GLY G 1998 64.87 -57.74 -75.35
N LYS G 1999 63.73 -57.93 -74.69
CA LYS G 1999 63.26 -57.02 -73.61
C LYS G 1999 63.09 -57.78 -72.30
N TYR G 2000 62.55 -59.00 -72.37
CA TYR G 2000 62.24 -59.83 -71.19
C TYR G 2000 63.48 -60.65 -70.87
N ILE G 2001 64.02 -60.46 -69.66
CA ILE G 2001 65.18 -61.24 -69.14
C ILE G 2001 64.65 -62.23 -68.11
N PRO G 2002 64.35 -63.51 -68.47
CA PRO G 2002 63.91 -64.51 -67.51
C PRO G 2002 64.90 -64.79 -66.36
N ASN G 2003 64.44 -65.52 -65.35
CA ASN G 2003 65.25 -65.92 -64.17
C ASN G 2003 65.96 -67.24 -64.48
N LEU G 2004 65.30 -68.11 -65.25
CA LEU G 2004 65.80 -69.47 -65.60
C LEU G 2004 67.13 -69.27 -66.33
N THR G 2005 67.05 -68.62 -67.49
CA THR G 2005 68.16 -68.19 -68.36
C THR G 2005 68.31 -66.68 -68.20
N ALA G 2006 69.38 -66.15 -67.63
CA ALA G 2006 69.56 -64.68 -67.58
C ALA G 2006 70.08 -64.20 -68.95
N LYS G 2007 69.23 -64.31 -69.96
CA LYS G 2007 69.54 -63.99 -71.37
C LYS G 2007 68.29 -63.37 -71.99
N PRO G 2008 68.38 -62.15 -72.59
CA PRO G 2008 67.21 -61.52 -73.16
C PRO G 2008 66.44 -62.55 -73.99
N PHE G 2009 65.14 -62.67 -73.75
CA PHE G 2009 64.23 -63.63 -74.42
C PHE G 2009 64.44 -63.52 -75.92
N GLN G 2010 64.58 -64.64 -76.62
CA GLN G 2010 64.66 -64.69 -78.11
C GLN G 2010 64.04 -65.99 -78.59
N VAL G 2011 63.44 -65.99 -79.78
CA VAL G 2011 62.83 -67.19 -80.42
C VAL G 2011 63.81 -67.64 -81.52
N THR G 2012 64.94 -68.19 -81.09
CA THR G 2012 66.03 -68.79 -81.91
C THR G 2012 66.43 -70.14 -81.30
N LYS G 2013 66.97 -71.04 -82.12
CA LYS G 2013 67.40 -72.42 -81.75
C LYS G 2013 68.33 -72.41 -80.53
N GLU G 2014 69.32 -71.51 -80.49
CA GLU G 2014 70.38 -71.48 -79.44
C GLU G 2014 69.75 -71.21 -78.07
N TYR G 2015 68.61 -70.52 -78.03
CA TYR G 2015 67.88 -70.17 -76.80
C TYR G 2015 67.14 -71.42 -76.30
N PHE G 2016 66.34 -72.05 -77.17
CA PHE G 2016 65.64 -73.33 -76.90
C PHE G 2016 66.65 -74.37 -76.40
N GLN G 2017 67.76 -74.55 -77.13
CA GLN G 2017 68.88 -75.45 -76.74
C GLN G 2017 69.31 -75.14 -75.30
N ASP G 2018 69.59 -73.88 -75.01
CA ASP G 2018 70.10 -73.41 -73.69
C ASP G 2018 69.08 -73.72 -72.58
N VAL G 2019 67.77 -73.69 -72.88
CA VAL G 2019 66.67 -73.93 -71.90
C VAL G 2019 66.66 -75.42 -71.56
N TYR G 2020 66.62 -76.27 -72.60
CA TYR G 2020 66.67 -77.76 -72.51
C TYR G 2020 67.79 -78.22 -71.56
N ASP G 2021 68.95 -77.56 -71.59
CA ASP G 2021 70.13 -77.91 -70.77
C ASP G 2021 69.88 -77.62 -69.28
N LEU G 2022 68.84 -76.84 -68.92
CA LEU G 2022 68.56 -76.40 -67.54
C LEU G 2022 67.28 -77.04 -66.98
N THR G 2023 66.57 -77.79 -67.81
CA THR G 2023 65.12 -78.07 -67.64
C THR G 2023 64.84 -79.55 -67.99
N GLY G 2024 65.28 -79.98 -69.18
CA GLY G 2024 65.06 -81.36 -69.65
C GLY G 2024 63.61 -81.58 -70.01
N SER G 2025 63.04 -80.66 -70.79
CA SER G 2025 61.62 -80.61 -71.21
C SER G 2025 61.51 -81.31 -72.58
N GLU G 2026 60.51 -82.17 -72.75
CA GLU G 2026 60.28 -82.93 -74.01
C GLU G 2026 59.59 -82.06 -75.06
N PRO G 2027 58.58 -81.23 -74.71
CA PRO G 2027 57.98 -80.27 -75.66
C PRO G 2027 58.96 -79.25 -76.25
N ILE G 2028 60.09 -78.99 -75.57
CA ILE G 2028 61.21 -78.15 -76.09
C ILE G 2028 62.10 -79.00 -77.00
N LYS G 2029 62.52 -80.18 -76.53
CA LYS G 2029 63.50 -81.03 -77.25
C LYS G 2029 62.92 -81.47 -78.60
N GLU G 2030 61.60 -81.63 -78.69
CA GLU G 2030 60.90 -82.08 -79.92
C GLU G 2030 60.85 -80.92 -80.95
N ILE G 2031 61.02 -79.66 -80.52
CA ILE G 2031 61.14 -78.46 -81.40
C ILE G 2031 62.54 -78.39 -82.00
N ILE G 2032 63.59 -78.49 -81.17
CA ILE G 2032 65.02 -78.46 -81.60
C ILE G 2032 65.24 -79.53 -82.69
N ASP G 2033 64.67 -80.72 -82.49
CA ASP G 2033 64.86 -81.90 -83.37
C ASP G 2033 64.38 -81.58 -84.78
N ASN G 2034 63.23 -80.89 -84.91
CA ASN G 2034 62.62 -80.51 -86.21
C ASN G 2034 62.52 -78.98 -86.28
N TRP G 2035 63.64 -78.28 -86.06
CA TRP G 2035 63.77 -76.80 -86.11
C TRP G 2035 63.55 -76.27 -87.55
N GLU G 2036 63.38 -77.15 -88.55
CA GLU G 2036 62.88 -76.80 -89.91
C GLU G 2036 61.35 -76.78 -89.89
N LYS G 2037 60.82 -75.84 -89.11
CA LYS G 2037 59.54 -75.11 -89.31
C LYS G 2037 59.88 -73.65 -89.64
N TYR G 2038 60.90 -73.46 -90.50
CA TYR G 2038 61.17 -72.27 -91.35
C TYR G 2038 60.38 -72.36 -92.66
N GLU G 2039 60.18 -73.60 -93.14
CA GLU G 2039 59.12 -73.95 -94.13
C GLU G 2039 57.80 -74.12 -93.34
N GLN G 2040 57.18 -72.99 -92.96
CA GLN G 2040 55.88 -72.86 -92.23
C GLN G 2040 55.64 -74.08 -91.31
N SER H 1 102.80 42.39 -58.67
CA SER H 1 102.01 41.09 -58.71
C SER H 1 101.56 40.69 -57.29
N THR H 2 100.26 40.85 -56.96
CA THR H 2 99.65 40.72 -55.60
C THR H 2 98.62 39.58 -55.57
N ARG H 3 97.82 39.46 -54.49
CA ARG H 3 96.76 38.41 -54.30
C ARG H 3 95.95 38.65 -53.02
N PRO H 4 94.59 38.66 -53.06
CA PRO H 4 93.75 38.82 -51.86
C PRO H 4 93.68 37.67 -50.85
N LEU H 5 93.73 38.01 -49.55
CA LEU H 5 93.42 37.14 -48.36
C LEU H 5 92.48 37.90 -47.41
N THR H 6 91.47 37.20 -46.84
CA THR H 6 90.38 37.77 -46.00
C THR H 6 90.40 37.18 -44.58
N LEU H 7 91.16 37.81 -43.67
CA LEU H 7 91.00 37.66 -42.20
C LEU H 7 89.56 38.04 -41.84
N SER H 8 88.77 37.10 -41.31
CA SER H 8 87.38 37.34 -40.86
C SER H 8 87.08 36.55 -39.57
N HIS H 9 86.17 37.11 -38.76
CA HIS H 9 85.54 36.52 -37.56
C HIS H 9 84.06 36.90 -37.59
N GLY H 10 83.16 35.91 -37.67
CA GLY H 10 81.71 36.11 -37.87
C GLY H 10 81.46 37.14 -38.97
N SER H 11 80.77 38.23 -38.65
CA SER H 11 80.13 39.19 -39.58
C SER H 11 81.12 40.20 -40.19
N LEU H 12 82.36 40.30 -39.68
CA LEU H 12 83.30 41.39 -40.06
C LEU H 12 84.61 40.79 -40.59
N GLU H 13 85.28 41.53 -41.48
CA GLU H 13 86.52 41.10 -42.17
C GLU H 13 87.44 42.29 -42.46
N HIS H 14 88.73 41.99 -42.58
CA HIS H 14 89.74 42.83 -43.28
C HIS H 14 90.28 42.03 -44.47
N VAL H 15 90.24 42.63 -45.67
CA VAL H 15 90.82 42.10 -46.93
C VAL H 15 92.27 42.59 -47.01
N LEU H 16 93.21 41.67 -47.24
CA LEU H 16 94.66 41.85 -47.01
C LEU H 16 95.43 41.49 -48.30
N LEU H 17 96.22 42.43 -48.82
CA LEU H 17 96.88 42.29 -50.17
C LEU H 17 98.32 41.79 -50.00
N VAL H 18 98.48 40.46 -50.06
CA VAL H 18 99.77 39.73 -49.88
C VAL H 18 100.44 39.62 -51.25
N PRO H 19 101.70 40.10 -51.45
CA PRO H 19 102.51 39.70 -52.61
C PRO H 19 102.54 38.16 -52.73
N THR H 20 102.19 37.62 -53.91
CA THR H 20 102.04 36.16 -54.19
C THR H 20 103.37 35.42 -53.90
N ALA H 21 104.52 36.12 -54.03
CA ALA H 21 105.89 35.69 -53.60
C ALA H 21 105.85 34.99 -52.23
N SER H 22 105.10 35.53 -51.25
CA SER H 22 104.99 35.04 -49.86
C SER H 22 103.51 34.87 -49.46
N PHE H 23 102.77 34.04 -50.20
CA PHE H 23 101.34 33.72 -49.93
C PHE H 23 101.20 32.37 -49.18
N PHE H 24 101.97 31.33 -49.56
CA PHE H 24 101.86 29.94 -48.99
C PHE H 24 102.25 29.93 -47.51
N ILE H 25 103.05 30.92 -47.08
CA ILE H 25 103.29 31.27 -45.65
C ILE H 25 101.96 31.78 -45.04
N ALA H 26 101.44 32.90 -45.57
CA ALA H 26 100.37 33.75 -44.97
C ALA H 26 99.05 32.99 -44.78
N SER H 27 98.64 32.22 -45.79
CA SER H 27 97.40 31.37 -45.82
C SER H 27 97.49 30.22 -44.78
N GLN H 28 98.71 29.80 -44.42
CA GLN H 28 99.00 28.78 -43.37
C GLN H 28 98.82 29.40 -41.98
N LEU H 29 99.25 30.66 -41.80
CA LEU H 29 98.98 31.49 -40.58
C LEU H 29 97.47 31.78 -40.49
N GLN H 30 96.82 32.12 -41.61
CA GLN H 30 95.39 32.50 -41.64
C GLN H 30 94.55 31.37 -41.00
N GLU H 31 94.73 30.12 -41.44
CA GLU H 31 93.92 28.97 -40.96
C GLU H 31 94.28 28.66 -39.49
N GLN H 32 95.57 28.73 -39.12
CA GLN H 32 96.10 28.50 -37.73
C GLN H 32 95.51 29.53 -36.76
N PHE H 33 95.42 30.80 -37.21
CA PHE H 33 94.80 31.94 -36.48
C PHE H 33 93.29 31.74 -36.37
N ASN H 34 92.63 31.34 -37.46
CA ASN H 34 91.14 31.32 -37.61
C ASN H 34 90.51 30.19 -36.77
N LYS H 35 91.32 29.38 -36.08
CA LYS H 35 90.85 28.27 -35.21
C LYS H 35 91.04 28.60 -33.71
N ILE H 36 92.05 29.41 -33.33
CA ILE H 36 92.33 29.76 -31.90
C ILE H 36 91.21 30.68 -31.39
N LEU H 37 90.90 31.75 -32.12
CA LEU H 37 89.91 32.79 -31.70
C LEU H 37 88.52 32.16 -31.77
N PRO H 38 87.62 32.47 -30.81
CA PRO H 38 86.45 31.62 -30.53
C PRO H 38 85.26 31.75 -31.50
N GLU H 39 84.15 31.10 -31.15
CA GLU H 39 82.89 31.06 -31.95
C GLU H 39 82.22 32.42 -31.89
N PRO H 40 82.06 33.12 -33.03
CA PRO H 40 81.30 34.38 -33.07
C PRO H 40 79.94 34.29 -32.34
N THR H 41 79.71 35.23 -31.42
CA THR H 41 78.47 35.42 -30.64
C THR H 41 78.00 36.87 -30.84
N GLU H 42 76.69 37.10 -30.89
CA GLU H 42 76.08 38.41 -31.21
C GLU H 42 76.67 39.49 -30.29
N GLY H 43 76.89 40.70 -30.83
CA GLY H 43 77.50 41.85 -30.13
C GLY H 43 79.02 41.77 -30.10
N PHE H 44 79.60 40.57 -30.22
CA PHE H 44 81.03 40.24 -30.04
C PHE H 44 81.48 40.63 -28.62
N ALA H 45 80.64 40.30 -27.64
CA ALA H 45 80.74 40.84 -26.25
C ALA H 45 81.84 40.12 -25.45
N ALA H 46 82.01 38.79 -25.61
CA ALA H 46 83.05 37.96 -24.94
C ALA H 46 84.44 38.60 -25.15
N ASP H 47 85.30 38.55 -24.13
CA ASP H 47 86.52 39.40 -23.99
C ASP H 47 87.56 39.08 -25.09
N ASP H 48 87.66 37.83 -25.53
CA ASP H 48 88.67 37.33 -26.51
C ASP H 48 88.29 37.82 -27.93
N GLU H 49 87.04 37.59 -28.35
CA GLU H 49 86.57 37.89 -29.73
C GLU H 49 86.65 39.41 -30.00
N PRO H 50 87.25 39.86 -31.12
CA PRO H 50 87.30 41.29 -31.46
C PRO H 50 85.97 41.82 -32.03
N THR H 51 85.71 43.12 -31.83
CA THR H 51 84.40 43.79 -32.04
C THR H 51 84.37 44.63 -33.32
N THR H 52 85.52 45.13 -33.78
CA THR H 52 85.65 45.92 -35.04
C THR H 52 86.67 45.27 -35.96
N PRO H 53 86.67 45.64 -37.26
CA PRO H 53 87.79 45.34 -38.17
C PRO H 53 89.18 45.66 -37.60
N ALA H 54 89.33 46.83 -36.96
CA ALA H 54 90.61 47.33 -36.40
C ALA H 54 91.16 46.37 -35.34
N GLU H 55 90.29 45.79 -34.50
CA GLU H 55 90.73 44.88 -33.40
C GLU H 55 91.19 43.54 -34.01
N LEU H 56 90.42 43.02 -34.96
CA LEU H 56 90.68 41.74 -35.67
C LEU H 56 92.09 41.74 -36.30
N VAL H 57 92.47 42.84 -36.95
CA VAL H 57 93.82 42.99 -37.58
C VAL H 57 94.87 42.99 -36.46
N GLY H 58 94.60 43.68 -35.35
CA GLY H 58 95.47 43.73 -34.16
C GLY H 58 95.67 42.36 -33.54
N LYS H 59 94.60 41.59 -33.35
CA LYS H 59 94.64 40.20 -32.82
C LYS H 59 95.61 39.37 -33.67
N PHE H 60 95.55 39.53 -35.00
CA PHE H 60 96.44 38.90 -36.00
C PHE H 60 97.90 39.33 -35.74
N LEU H 61 98.18 40.64 -35.85
CA LEU H 61 99.53 41.24 -35.64
C LEU H 61 100.20 40.62 -34.40
N GLY H 62 99.44 40.42 -33.32
CA GLY H 62 99.90 39.75 -32.08
C GLY H 62 100.30 38.30 -32.33
N TYR H 63 99.39 37.52 -32.93
CA TYR H 63 99.58 36.07 -33.23
C TYR H 63 100.79 35.84 -34.16
N VAL H 64 101.01 36.74 -35.12
CA VAL H 64 102.20 36.69 -36.02
C VAL H 64 103.43 37.09 -35.20
N SER H 65 103.37 38.20 -34.46
CA SER H 65 104.48 38.76 -33.63
C SER H 65 104.98 37.72 -32.61
N SER H 66 104.14 36.74 -32.25
CA SER H 66 104.44 35.63 -31.29
C SER H 66 105.18 34.46 -31.96
N LEU H 67 105.53 34.57 -33.25
CA LEU H 67 106.22 33.51 -34.04
C LEU H 67 107.54 34.01 -34.65
N VAL H 68 107.80 35.33 -34.60
CA VAL H 68 109.06 35.95 -35.11
C VAL H 68 110.16 35.79 -34.05
N GLU H 69 111.43 35.86 -34.45
CA GLU H 69 112.62 36.07 -33.57
C GLU H 69 113.16 37.48 -33.78
N PRO H 70 113.57 38.20 -32.69
CA PRO H 70 114.03 39.60 -32.82
C PRO H 70 115.41 39.78 -33.51
N SER H 71 116.27 38.74 -33.51
CA SER H 71 117.56 38.68 -34.25
C SER H 71 117.40 37.91 -35.59
N LYS H 72 117.09 36.60 -35.53
CA LYS H 72 117.04 35.66 -36.69
C LYS H 72 115.96 36.09 -37.70
N VAL H 73 116.36 36.48 -38.93
CA VAL H 73 115.44 36.83 -40.06
C VAL H 73 114.72 35.53 -40.50
N GLY H 74 113.51 35.29 -40.00
CA GLY H 74 112.67 34.14 -40.37
C GLY H 74 111.85 34.39 -41.63
N GLN H 75 110.76 33.65 -41.80
CA GLN H 75 109.86 33.67 -42.99
C GLN H 75 108.77 34.75 -42.81
N PHE H 76 108.43 35.06 -41.54
CA PHE H 76 107.23 35.84 -41.15
C PHE H 76 107.51 37.35 -41.11
N ASP H 77 108.74 37.78 -41.40
CA ASP H 77 109.17 39.19 -41.20
C ASP H 77 108.42 40.09 -42.20
N GLN H 78 108.44 39.72 -43.48
CA GLN H 78 107.82 40.46 -44.61
C GLN H 78 106.28 40.31 -44.58
N VAL H 79 105.75 39.22 -44.00
CA VAL H 79 104.29 38.96 -43.77
C VAL H 79 103.75 40.03 -42.82
N LEU H 80 104.40 40.13 -41.65
CA LEU H 80 104.11 41.08 -40.53
C LEU H 80 104.27 42.52 -41.05
N ASN H 81 105.34 42.82 -41.79
CA ASN H 81 105.64 44.20 -42.30
C ASN H 81 104.55 44.69 -43.28
N LEU H 82 103.71 43.79 -43.83
CA LEU H 82 102.59 44.12 -44.77
C LEU H 82 101.21 43.83 -44.15
N CYS H 83 101.16 43.47 -42.86
CA CYS H 83 99.96 43.63 -41.97
C CYS H 83 100.01 45.02 -41.31
N LEU H 84 101.17 45.38 -40.74
CA LEU H 84 101.44 46.72 -40.15
C LEU H 84 101.06 47.82 -41.14
N THR H 85 101.69 47.85 -42.32
CA THR H 85 101.57 48.96 -43.30
C THR H 85 100.11 49.09 -43.77
N GLU H 86 99.33 48.00 -43.73
CA GLU H 86 97.86 48.03 -43.97
C GLU H 86 97.15 48.71 -42.78
N PHE H 87 97.34 48.16 -41.58
CA PHE H 87 96.76 48.63 -40.28
C PHE H 87 97.05 50.12 -40.06
N GLU H 88 98.27 50.58 -40.36
CA GLU H 88 98.70 52.00 -40.18
C GLU H 88 98.01 52.94 -41.20
N ASN H 89 97.62 52.45 -42.38
CA ASN H 89 97.09 53.29 -43.49
C ASN H 89 95.57 53.24 -43.52
N CYS H 90 94.95 52.14 -43.09
CA CYS H 90 93.47 52.04 -42.91
C CYS H 90 93.04 52.84 -41.67
N TYR H 91 93.51 52.42 -40.48
CA TYR H 91 92.85 52.66 -39.17
C TYR H 91 93.60 53.67 -38.28
N LEU H 92 94.84 54.07 -38.59
CA LEU H 92 95.57 55.08 -37.78
C LEU H 92 95.58 56.45 -38.46
N GLU H 93 95.34 56.54 -39.77
CA GLU H 93 95.35 57.81 -40.56
C GLU H 93 96.39 58.78 -39.98
N GLY H 94 97.62 58.29 -39.77
CA GLY H 94 98.76 59.08 -39.27
C GLY H 94 98.46 59.77 -37.95
N ASN H 95 97.72 59.09 -37.06
CA ASN H 95 97.51 59.46 -35.62
C ASN H 95 98.38 58.53 -34.77
N ASP H 96 98.22 58.51 -33.45
CA ASP H 96 98.84 57.47 -32.58
C ASP H 96 97.81 56.36 -32.30
N ILE H 97 98.31 55.17 -31.95
CA ILE H 97 97.49 53.97 -31.61
C ILE H 97 96.51 54.33 -30.49
N HIS H 98 96.96 55.14 -29.52
CA HIS H 98 96.17 55.54 -28.34
C HIS H 98 94.94 56.35 -28.80
N ALA H 99 95.13 57.30 -29.71
CA ALA H 99 94.05 58.11 -30.33
C ALA H 99 93.01 57.20 -30.98
N LEU H 100 93.42 56.05 -31.54
CA LEU H 100 92.49 55.06 -32.13
C LEU H 100 91.75 54.32 -31.02
N ALA H 101 92.48 53.81 -30.01
CA ALA H 101 91.94 53.03 -28.87
C ALA H 101 90.79 53.81 -28.20
N ALA H 102 90.99 55.12 -28.01
CA ALA H 102 89.95 56.09 -27.55
C ALA H 102 88.72 56.01 -28.45
N LYS H 103 88.86 56.27 -29.77
CA LYS H 103 87.71 56.33 -30.71
C LYS H 103 86.82 55.09 -30.54
N LEU H 104 87.42 53.90 -30.63
CA LEU H 104 86.70 52.60 -30.55
C LEU H 104 85.89 52.54 -29.25
N LEU H 105 86.43 53.11 -28.16
CA LEU H 105 85.89 52.98 -26.79
C LEU H 105 84.61 53.83 -26.61
N GLN H 106 84.49 54.98 -27.29
CA GLN H 106 83.31 55.89 -27.16
C GLN H 106 82.34 55.74 -28.36
N GLU H 107 82.79 55.23 -29.52
CA GLU H 107 81.92 54.86 -30.67
C GLU H 107 81.35 53.45 -30.45
N ASN H 108 82.21 52.43 -30.60
CA ASN H 108 81.82 51.00 -30.68
C ASN H 108 81.65 50.45 -29.26
N ASP H 109 81.12 49.23 -29.13
CA ASP H 109 80.89 48.54 -27.83
C ASP H 109 82.09 47.63 -27.52
N THR H 110 83.31 48.22 -27.56
CA THR H 110 84.54 47.63 -27.01
C THR H 110 84.54 47.88 -25.50
N THR H 111 85.49 47.27 -24.78
CA THR H 111 85.75 47.49 -23.33
C THR H 111 87.19 48.01 -23.19
N LEU H 112 87.71 48.05 -21.97
CA LEU H 112 89.11 48.50 -21.68
C LEU H 112 90.07 47.34 -21.95
N VAL H 113 89.79 46.15 -21.40
CA VAL H 113 90.61 44.90 -21.59
C VAL H 113 90.78 44.67 -23.10
N LYS H 114 89.72 44.91 -23.86
CA LYS H 114 89.64 44.73 -25.33
C LYS H 114 90.61 45.69 -26.05
N THR H 115 90.73 46.92 -25.54
CA THR H 115 91.50 48.01 -26.21
C THR H 115 92.92 48.05 -25.66
N LYS H 116 93.17 47.50 -24.47
CA LYS H 116 94.55 47.38 -23.88
C LYS H 116 95.37 46.43 -24.74
N GLU H 117 94.77 45.31 -25.18
CA GLU H 117 95.47 44.24 -25.96
C GLU H 117 95.81 44.78 -27.36
N LEU H 118 94.93 45.56 -27.97
CA LEU H 118 95.16 46.20 -29.28
C LEU H 118 96.42 47.07 -29.24
N ILE H 119 96.66 47.75 -28.13
CA ILE H 119 97.85 48.62 -27.92
C ILE H 119 99.09 47.73 -27.71
N LYS H 120 98.92 46.60 -26.99
CA LYS H 120 99.99 45.60 -26.76
C LYS H 120 100.42 45.07 -28.13
N ASN H 121 99.46 44.53 -28.87
CA ASN H 121 99.67 43.86 -30.17
C ASN H 121 100.45 44.82 -31.07
N TYR H 122 99.89 45.99 -31.38
CA TYR H 122 100.48 46.97 -32.33
C TYR H 122 101.91 47.32 -31.93
N ILE H 123 102.16 47.58 -30.65
CA ILE H 123 103.48 48.11 -30.17
C ILE H 123 104.49 46.96 -30.10
N THR H 124 104.04 45.74 -29.78
CA THR H 124 104.85 44.50 -29.89
C THR H 124 105.29 44.36 -31.36
N ALA H 125 104.33 44.31 -32.28
CA ALA H 125 104.54 44.15 -33.74
C ALA H 125 105.57 45.17 -34.24
N ARG H 126 105.38 46.46 -33.95
CA ARG H 126 106.28 47.56 -34.39
C ARG H 126 107.74 47.26 -34.05
N ILE H 127 107.99 46.54 -32.95
CA ILE H 127 109.37 46.26 -32.44
C ILE H 127 109.85 44.88 -32.93
N MET H 128 108.97 43.87 -33.01
CA MET H 128 109.33 42.50 -33.51
C MET H 128 109.69 42.56 -35.00
N ALA H 129 109.13 43.53 -35.75
CA ALA H 129 109.42 43.76 -37.19
C ALA H 129 110.29 45.02 -37.35
N LYS H 130 111.38 45.12 -36.57
CA LYS H 130 112.43 46.20 -36.61
C LYS H 130 111.88 47.48 -37.29
N ARG H 131 110.91 48.13 -36.65
CA ARG H 131 110.41 49.50 -37.01
C ARG H 131 110.33 50.34 -35.73
N PRO H 132 111.49 50.68 -35.13
CA PRO H 132 111.50 51.42 -33.85
C PRO H 132 110.97 52.84 -34.03
N PHE H 133 110.18 53.32 -33.06
CA PHE H 133 109.65 54.71 -32.97
C PHE H 133 110.84 55.68 -32.96
N ASP H 134 111.09 56.36 -34.09
CA ASP H 134 112.20 57.35 -34.22
C ASP H 134 111.70 58.72 -34.69
N LYS H 135 110.56 58.80 -35.39
CA LYS H 135 109.94 60.08 -35.86
C LYS H 135 109.49 60.92 -34.66
N LYS H 136 109.93 62.19 -34.59
CA LYS H 136 109.39 63.22 -33.67
C LYS H 136 107.92 63.45 -34.02
N SER H 137 107.00 62.69 -33.39
CA SER H 137 105.54 62.68 -33.64
C SER H 137 104.97 64.11 -33.61
N ASN H 138 103.93 64.37 -34.41
CA ASN H 138 103.19 65.67 -34.45
C ASN H 138 102.09 65.64 -33.38
N SER H 139 102.47 65.54 -32.11
CA SER H 139 101.55 65.65 -30.94
C SER H 139 101.11 67.11 -30.83
N ALA H 140 99.79 67.34 -30.89
CA ALA H 140 99.19 68.70 -30.87
C ALA H 140 99.73 69.47 -29.67
N LEU H 141 99.75 68.79 -28.52
CA LEU H 141 100.19 69.34 -27.21
C LEU H 141 101.63 69.88 -27.30
N PHE H 142 102.53 69.18 -27.99
CA PHE H 142 103.98 69.53 -28.03
C PHE H 142 104.28 70.49 -29.20
N ARG H 143 103.51 70.45 -30.29
CA ARG H 143 103.51 71.55 -31.28
C ARG H 143 103.14 72.86 -30.55
N ALA H 144 102.17 72.77 -29.62
CA ALA H 144 101.63 73.92 -28.85
C ALA H 144 102.64 74.43 -27.81
N VAL H 145 103.58 73.61 -27.32
CA VAL H 145 104.58 74.04 -26.30
C VAL H 145 105.76 74.71 -27.00
N GLY H 146 106.13 74.22 -28.20
CA GLY H 146 107.16 74.84 -29.06
C GLY H 146 106.74 76.25 -29.46
N GLU H 147 105.51 76.39 -29.98
CA GLU H 147 104.89 77.69 -30.36
C GLU H 147 104.87 78.66 -29.17
N GLY H 148 104.73 78.12 -27.94
CA GLY H 148 104.71 78.89 -26.68
C GLY H 148 103.29 79.22 -26.22
N ASN H 149 102.29 78.45 -26.65
CA ASN H 149 100.90 78.51 -26.11
C ASN H 149 100.87 77.82 -24.75
N ALA H 150 101.11 76.51 -24.73
CA ALA H 150 101.00 75.61 -23.54
C ALA H 150 102.30 75.60 -22.76
N GLN H 151 102.22 75.76 -21.44
CA GLN H 151 103.28 75.41 -20.45
C GLN H 151 102.87 74.05 -19.87
N LEU H 152 103.83 73.12 -19.73
CA LEU H 152 103.61 71.79 -19.12
C LEU H 152 104.39 71.69 -17.82
N VAL H 153 103.83 70.98 -16.86
CA VAL H 153 104.53 70.55 -15.63
C VAL H 153 104.26 69.06 -15.44
N ALA H 154 105.31 68.30 -15.07
CA ALA H 154 105.22 66.88 -14.71
C ALA H 154 105.04 66.80 -13.20
N ILE H 155 104.20 65.87 -12.73
CA ILE H 155 104.07 65.55 -11.29
C ILE H 155 104.10 64.03 -11.14
N PHE H 156 104.68 63.58 -10.05
CA PHE H 156 104.78 62.14 -9.70
C PHE H 156 104.07 61.95 -8.36
N GLY H 157 103.31 60.86 -8.24
CA GLY H 157 102.58 60.47 -7.02
C GLY H 157 103.47 59.80 -6.00
N GLY H 158 102.86 59.05 -5.07
CA GLY H 158 103.52 58.36 -3.94
C GLY H 158 102.68 57.19 -3.44
N GLN H 159 102.97 56.75 -2.22
CA GLN H 159 102.16 55.69 -1.56
C GLN H 159 100.79 56.27 -1.21
N GLY H 160 99.74 55.44 -1.16
CA GLY H 160 98.41 55.78 -0.62
C GLY H 160 97.33 55.84 -1.69
N ASN H 161 97.73 55.89 -2.96
CA ASN H 161 96.83 56.17 -4.09
C ASN H 161 96.08 54.88 -4.48
N THR H 162 96.51 53.70 -4.00
CA THR H 162 95.89 52.39 -4.35
C THR H 162 96.26 51.30 -3.33
N ASP H 163 95.33 50.35 -3.16
CA ASP H 163 95.53 49.12 -2.34
C ASP H 163 96.67 48.29 -2.96
N ASP H 164 96.56 47.92 -4.24
CA ASP H 164 97.63 47.20 -4.99
C ASP H 164 98.13 48.06 -6.16
N TYR H 165 99.24 48.78 -5.91
CA TYR H 165 100.06 49.47 -6.93
C TYR H 165 100.62 48.45 -7.92
N PHE H 166 100.99 47.26 -7.44
CA PHE H 166 101.73 46.23 -8.22
C PHE H 166 100.90 45.74 -9.43
N GLU H 167 99.57 45.81 -9.39
CA GLU H 167 98.72 45.54 -10.60
C GLU H 167 98.99 46.59 -11.68
N GLU H 168 99.43 47.80 -11.31
CA GLU H 168 99.77 48.86 -12.29
C GLU H 168 101.09 48.49 -12.99
N LEU H 169 102.02 47.83 -12.30
CA LEU H 169 103.36 47.45 -12.84
C LEU H 169 103.18 46.24 -13.75
N ARG H 170 102.32 45.31 -13.34
CA ARG H 170 101.93 44.10 -14.09
C ARG H 170 101.23 44.50 -15.39
N ASP H 171 100.23 45.39 -15.32
CA ASP H 171 99.43 45.80 -16.51
C ASP H 171 100.31 46.63 -17.46
N LEU H 172 101.23 47.41 -16.91
CA LEU H 172 102.17 48.25 -17.69
C LEU H 172 103.16 47.35 -18.42
N TYR H 173 103.69 46.33 -17.74
CA TYR H 173 104.68 45.35 -18.31
C TYR H 173 104.00 44.40 -19.30
N GLN H 174 102.76 43.99 -19.04
CA GLN H 174 101.98 43.12 -19.96
C GLN H 174 101.82 43.83 -21.32
N THR H 175 101.60 45.15 -21.33
CA THR H 175 101.18 45.93 -22.52
C THR H 175 102.39 46.56 -23.23
N TYR H 176 103.35 47.14 -22.49
CA TYR H 176 104.57 47.81 -23.04
C TYR H 176 105.83 47.00 -22.66
N HIS H 177 105.67 45.68 -22.50
CA HIS H 177 106.75 44.65 -22.45
C HIS H 177 107.99 45.07 -23.24
N VAL H 178 107.78 45.43 -24.50
CA VAL H 178 108.82 45.61 -25.56
C VAL H 178 109.49 46.99 -25.47
N LEU H 179 109.02 47.86 -24.57
CA LEU H 179 109.58 49.22 -24.35
C LEU H 179 110.23 49.34 -22.97
N VAL H 180 109.73 48.59 -21.99
CA VAL H 180 110.07 48.77 -20.55
C VAL H 180 110.91 47.58 -20.06
N GLY H 181 110.70 46.38 -20.62
CA GLY H 181 111.55 45.18 -20.44
C GLY H 181 112.99 45.48 -20.06
N ASP H 182 113.65 46.46 -20.71
CA ASP H 182 115.07 46.80 -20.44
C ASP H 182 115.20 47.59 -19.12
N LEU H 183 114.30 48.55 -18.83
CA LEU H 183 114.30 49.35 -17.57
C LEU H 183 113.95 48.46 -16.38
N ILE H 184 112.91 47.64 -16.50
CA ILE H 184 112.53 46.64 -15.44
C ILE H 184 113.80 45.84 -15.12
N LYS H 185 114.34 45.16 -16.13
CA LYS H 185 115.54 44.28 -16.01
C LYS H 185 116.63 45.03 -15.26
N PHE H 186 116.87 46.31 -15.59
CA PHE H 186 117.97 47.12 -15.01
C PHE H 186 117.73 47.33 -13.51
N SER H 187 116.51 47.68 -13.13
CA SER H 187 116.07 47.88 -11.73
C SER H 187 116.24 46.59 -10.91
N ALA H 188 115.76 45.46 -11.43
CA ALA H 188 115.85 44.11 -10.81
C ALA H 188 117.31 43.77 -10.48
N GLU H 189 118.23 44.07 -11.40
CA GLU H 189 119.70 43.85 -11.22
C GLU H 189 120.23 44.82 -10.16
N THR H 190 119.83 46.10 -10.25
CA THR H 190 120.36 47.23 -9.45
C THR H 190 119.87 47.16 -8.00
N LEU H 191 118.72 46.53 -7.75
CA LEU H 191 118.15 46.33 -6.40
C LEU H 191 118.76 45.06 -5.78
N SER H 192 118.72 43.94 -6.52
CA SER H 192 119.33 42.63 -6.19
C SER H 192 120.79 42.84 -5.75
N GLU H 193 121.57 43.62 -6.52
CA GLU H 193 122.99 43.92 -6.18
C GLU H 193 123.02 44.72 -4.87
N LEU H 194 122.07 45.65 -4.69
CA LEU H 194 122.00 46.65 -3.58
C LEU H 194 121.61 45.95 -2.27
N ILE H 195 120.98 44.77 -2.35
CA ILE H 195 120.69 43.89 -1.18
C ILE H 195 121.99 43.27 -0.68
N ARG H 196 122.84 42.77 -1.59
CA ARG H 196 124.14 42.12 -1.24
C ARG H 196 125.09 43.15 -0.61
N THR H 197 125.19 44.35 -1.19
CA THR H 197 126.12 45.43 -0.76
C THR H 197 125.71 46.00 0.61
N THR H 198 124.41 46.09 0.90
CA THR H 198 123.88 46.56 2.20
C THR H 198 124.14 45.49 3.25
N LEU H 199 124.59 45.88 4.45
CA LEU H 199 125.10 44.97 5.52
C LEU H 199 124.08 43.86 5.80
N ASP H 200 122.85 44.19 6.22
CA ASP H 200 121.82 43.19 6.62
C ASP H 200 120.50 43.43 5.89
N ALA H 201 120.53 43.71 4.60
CA ALA H 201 119.30 43.85 3.77
C ALA H 201 118.57 42.52 3.74
N GLU H 202 119.30 41.42 3.45
CA GLU H 202 118.69 40.10 3.13
C GLU H 202 117.71 39.66 4.24
N LYS H 203 117.85 40.18 5.47
CA LYS H 203 116.98 39.87 6.63
C LYS H 203 115.65 40.65 6.56
N VAL H 204 115.65 41.82 5.90
CA VAL H 204 114.44 42.63 5.57
C VAL H 204 113.77 42.03 4.33
N PHE H 205 114.53 41.85 3.24
CA PHE H 205 114.03 41.39 1.92
C PHE H 205 114.05 39.87 1.86
N THR H 206 113.25 39.23 2.71
CA THR H 206 113.21 37.76 2.88
C THR H 206 113.03 37.11 1.50
N GLN H 207 112.01 37.54 0.75
CA GLN H 207 111.61 36.94 -0.55
C GLN H 207 112.26 37.70 -1.72
N GLY H 208 113.34 38.46 -1.48
CA GLY H 208 114.21 39.10 -2.49
C GLY H 208 113.53 40.27 -3.20
N LEU H 209 114.02 40.64 -4.40
CA LEU H 209 113.52 41.77 -5.25
C LEU H 209 113.57 41.43 -6.75
N ASN H 210 113.54 40.14 -7.13
CA ASN H 210 113.65 39.73 -8.55
C ASN H 210 112.27 39.96 -9.21
N ILE H 211 112.04 41.20 -9.64
CA ILE H 211 110.72 41.67 -10.15
C ILE H 211 110.48 41.15 -11.58
N LEU H 212 111.54 40.78 -12.30
CA LEU H 212 111.46 40.00 -13.57
C LEU H 212 110.63 38.74 -13.33
N GLU H 213 111.02 37.94 -12.33
CA GLU H 213 110.42 36.62 -12.04
C GLU H 213 108.92 36.81 -11.74
N TRP H 214 108.58 37.86 -10.98
CA TRP H 214 107.22 38.10 -10.45
C TRP H 214 106.25 38.47 -11.57
N LEU H 215 106.77 39.11 -12.62
CA LEU H 215 105.98 39.61 -13.77
C LEU H 215 105.91 38.51 -14.83
N GLU H 216 107.05 37.85 -15.07
CA GLU H 216 107.17 36.71 -16.02
C GLU H 216 106.29 35.55 -15.53
N ASN H 217 106.45 35.14 -14.28
CA ASN H 217 105.72 34.01 -13.65
C ASN H 217 104.88 34.52 -12.48
N PRO H 218 103.59 34.89 -12.71
CA PRO H 218 102.75 35.49 -11.68
C PRO H 218 102.60 34.72 -10.35
N SER H 219 102.88 33.41 -10.35
CA SER H 219 102.57 32.48 -9.23
C SER H 219 103.74 32.41 -8.23
N ASN H 220 104.98 32.59 -8.69
CA ASN H 220 106.19 32.71 -7.83
C ASN H 220 106.27 34.11 -7.20
N THR H 221 105.37 35.04 -7.59
CA THR H 221 105.21 36.40 -6.98
C THR H 221 104.95 36.23 -5.50
N PRO H 222 105.53 37.08 -4.60
CA PRO H 222 105.15 37.08 -3.20
C PRO H 222 103.69 37.53 -2.99
N ASP H 223 103.25 37.57 -1.74
CA ASP H 223 101.85 37.92 -1.34
C ASP H 223 101.69 39.44 -1.23
N LYS H 224 100.45 39.92 -1.39
CA LYS H 224 100.10 41.37 -1.44
C LYS H 224 100.40 42.08 -0.11
N ASP H 225 100.89 41.35 0.90
CA ASP H 225 101.11 41.87 2.29
C ASP H 225 102.60 42.20 2.46
N TYR H 226 103.48 41.43 1.82
CA TYR H 226 104.94 41.71 1.65
C TYR H 226 105.14 42.92 0.72
N LEU H 227 104.45 42.91 -0.44
CA LEU H 227 104.62 43.90 -1.55
C LEU H 227 104.24 45.31 -1.08
N LEU H 228 103.28 45.43 -0.16
CA LEU H 228 102.82 46.75 0.31
C LEU H 228 103.82 47.35 1.30
N SER H 229 104.62 46.52 2.00
CA SER H 229 105.70 46.96 2.93
C SER H 229 106.56 48.02 2.24
N ILE H 230 106.98 49.06 2.97
CA ILE H 230 107.68 50.22 2.35
C ILE H 230 109.06 49.85 1.82
N PRO H 231 109.79 48.82 2.33
CA PRO H 231 111.11 48.50 1.78
C PRO H 231 111.04 48.08 0.31
N ILE H 232 109.93 47.46 -0.07
CA ILE H 232 109.75 46.86 -1.41
C ILE H 232 108.75 47.65 -2.24
N SER H 233 108.01 48.58 -1.64
CA SER H 233 106.95 49.38 -2.33
C SER H 233 107.49 50.76 -2.73
N CYS H 234 108.31 51.38 -1.88
CA CYS H 234 109.03 52.65 -2.23
C CYS H 234 109.75 52.47 -3.57
N PRO H 235 110.76 51.58 -3.71
CA PRO H 235 111.55 51.52 -4.94
C PRO H 235 110.69 51.13 -6.16
N LEU H 236 109.73 50.24 -5.97
CA LEU H 236 108.88 49.73 -7.08
C LEU H 236 107.89 50.79 -7.56
N ILE H 237 107.54 51.77 -6.72
CA ILE H 237 106.65 52.89 -7.12
C ILE H 237 107.48 53.90 -7.93
N GLY H 238 108.77 54.05 -7.59
CA GLY H 238 109.79 54.69 -8.45
C GLY H 238 109.79 54.10 -9.85
N VAL H 239 109.86 52.77 -9.94
CA VAL H 239 109.93 52.02 -11.24
C VAL H 239 108.71 52.36 -12.09
N ILE H 240 107.50 52.31 -11.53
CA ILE H 240 106.21 52.49 -12.26
C ILE H 240 106.12 53.91 -12.84
N GLN H 241 106.65 54.91 -12.14
CA GLN H 241 106.74 56.32 -12.62
C GLN H 241 107.72 56.39 -13.79
N LEU H 242 109.03 56.11 -13.54
CA LEU H 242 110.09 56.08 -14.59
C LEU H 242 109.59 55.32 -15.83
N ALA H 243 108.89 54.20 -15.61
CA ALA H 243 108.30 53.34 -16.66
C ALA H 243 107.30 54.14 -17.50
N HIS H 244 106.41 54.92 -16.87
CA HIS H 244 105.39 55.73 -17.59
C HIS H 244 106.09 56.84 -18.36
N TYR H 245 107.14 57.43 -17.80
CA TYR H 245 107.96 58.50 -18.45
C TYR H 245 108.71 57.92 -19.65
N VAL H 246 109.06 56.62 -19.60
CA VAL H 246 109.64 55.87 -20.75
C VAL H 246 108.56 55.73 -21.83
N VAL H 247 107.54 54.86 -21.63
CA VAL H 247 106.50 54.60 -22.67
C VAL H 247 105.95 55.93 -23.20
N THR H 248 106.01 57.02 -22.42
CA THR H 248 105.67 58.37 -22.93
C THR H 248 106.73 58.79 -23.96
N ALA H 249 107.99 58.89 -23.55
CA ALA H 249 109.13 59.39 -24.38
C ALA H 249 109.24 58.57 -25.67
N LYS H 250 109.19 57.25 -25.58
CA LYS H 250 109.40 56.34 -26.74
C LYS H 250 108.29 56.54 -27.77
N LEU H 251 107.02 56.49 -27.38
CA LEU H 251 105.88 56.63 -28.34
C LEU H 251 105.83 58.03 -28.97
N LEU H 252 106.47 59.04 -28.38
CA LEU H 252 106.65 60.39 -29.01
C LEU H 252 107.93 60.46 -29.84
N GLY H 253 108.72 59.39 -29.89
CA GLY H 253 110.03 59.35 -30.59
C GLY H 253 111.01 60.35 -30.01
N PHE H 254 110.97 60.58 -28.70
CA PHE H 254 111.88 61.49 -27.96
C PHE H 254 112.93 60.68 -27.21
N THR H 255 114.09 61.29 -27.00
CA THR H 255 115.09 60.93 -25.95
C THR H 255 114.65 61.66 -24.69
N PRO H 256 114.86 61.09 -23.47
CA PRO H 256 114.38 61.72 -22.23
C PRO H 256 114.75 63.20 -22.02
N GLY H 257 115.92 63.64 -22.50
CA GLY H 257 116.35 65.05 -22.46
C GLY H 257 115.40 65.99 -23.19
N GLU H 258 114.87 65.55 -24.34
CA GLU H 258 113.95 66.35 -25.21
C GLU H 258 112.58 66.51 -24.57
N LEU H 259 112.08 65.47 -23.89
CA LEU H 259 110.79 65.49 -23.14
C LEU H 259 110.91 66.46 -21.96
N ARG H 260 112.03 66.48 -21.23
CA ARG H 260 112.22 67.41 -20.08
C ARG H 260 112.49 68.83 -20.59
N SER H 261 112.88 69.03 -21.85
CA SER H 261 113.08 70.40 -22.41
C SER H 261 111.73 71.11 -22.54
N TYR H 262 110.67 70.36 -22.88
CA TYR H 262 109.27 70.88 -23.07
C TYR H 262 108.59 71.12 -21.72
N LEU H 263 108.88 70.29 -20.71
CA LEU H 263 108.50 70.55 -19.29
C LEU H 263 109.03 71.93 -18.88
N LYS H 264 108.17 72.74 -18.25
CA LYS H 264 108.50 74.09 -17.74
C LYS H 264 109.07 73.94 -16.32
N GLY H 265 108.57 72.93 -15.60
CA GLY H 265 109.13 72.42 -14.33
C GLY H 265 108.64 71.00 -14.07
N ALA H 266 109.04 70.42 -12.94
CA ALA H 266 108.43 69.16 -12.44
C ALA H 266 108.39 69.19 -10.92
N THR H 267 107.55 68.34 -10.34
CA THR H 267 107.48 68.11 -8.88
C THR H 267 106.82 66.78 -8.56
N GLY H 268 106.70 66.51 -7.26
CA GLY H 268 106.24 65.21 -6.75
C GLY H 268 105.66 65.37 -5.38
N HIS H 269 104.66 64.54 -5.11
CA HIS H 269 103.96 64.44 -3.82
C HIS H 269 104.64 63.37 -2.97
N SER H 270 105.09 63.72 -1.77
CA SER H 270 105.78 62.78 -0.87
C SER H 270 107.00 62.25 -1.63
N GLN H 271 107.06 60.94 -1.91
CA GLN H 271 108.28 60.23 -2.41
C GLN H 271 108.46 60.40 -3.93
N GLY H 272 107.52 61.04 -4.62
CA GLY H 272 107.60 61.35 -6.06
C GLY H 272 108.61 62.45 -6.35
N LEU H 273 108.98 63.25 -5.35
CA LEU H 273 110.05 64.29 -5.47
C LEU H 273 111.41 63.66 -5.87
N VAL H 274 111.59 62.35 -5.67
CA VAL H 274 112.81 61.58 -6.05
C VAL H 274 112.79 61.25 -7.56
N THR H 275 111.66 60.78 -8.08
CA THR H 275 111.55 60.46 -9.53
C THR H 275 111.25 61.73 -10.31
N ALA H 276 111.09 62.88 -9.65
CA ALA H 276 110.99 64.22 -10.30
C ALA H 276 112.40 64.73 -10.55
N VAL H 277 113.23 64.75 -9.51
CA VAL H 277 114.61 65.34 -9.57
C VAL H 277 115.47 64.52 -10.53
N ALA H 278 115.21 63.21 -10.67
CA ALA H 278 115.94 62.28 -11.58
C ALA H 278 115.64 62.62 -13.05
N ILE H 279 114.37 62.85 -13.36
CA ILE H 279 113.86 63.33 -14.69
C ILE H 279 114.45 64.70 -15.06
N ALA H 280 114.78 65.56 -14.11
CA ALA H 280 115.38 66.90 -14.39
C ALA H 280 116.87 66.77 -14.75
N GLU H 281 117.48 65.60 -14.56
CA GLU H 281 118.91 65.34 -14.89
C GLU H 281 119.05 64.76 -16.30
N THR H 282 118.09 63.96 -16.73
CA THR H 282 118.22 63.01 -17.88
C THR H 282 118.48 63.81 -19.18
N ASP H 283 119.02 63.14 -20.19
CA ASP H 283 119.71 63.77 -21.36
C ASP H 283 119.57 62.88 -22.60
N SER H 284 120.16 61.68 -22.58
CA SER H 284 120.16 60.67 -23.68
C SER H 284 119.92 59.27 -23.11
N TRP H 285 119.41 58.31 -23.91
CA TRP H 285 119.04 56.93 -23.49
C TRP H 285 120.17 56.24 -22.71
N GLU H 286 121.43 56.56 -23.00
CA GLU H 286 122.63 55.92 -22.41
C GLU H 286 122.79 56.47 -20.98
N SER H 287 122.84 57.81 -20.83
CA SER H 287 122.95 58.53 -19.54
C SER H 287 121.58 58.67 -18.86
N PHE H 288 120.61 57.80 -19.19
CA PHE H 288 119.26 57.74 -18.56
C PHE H 288 119.30 56.75 -17.41
N PHE H 289 119.90 55.58 -17.66
CA PHE H 289 120.03 54.48 -16.67
C PHE H 289 120.91 54.94 -15.50
N VAL H 290 121.74 55.98 -15.65
CA VAL H 290 122.56 56.52 -14.51
C VAL H 290 121.67 57.39 -13.61
N SER H 291 120.66 58.06 -14.17
CA SER H 291 119.65 58.83 -13.41
C SER H 291 118.76 57.84 -12.65
N VAL H 292 118.10 56.93 -13.38
CA VAL H 292 117.27 55.81 -12.84
C VAL H 292 117.97 55.12 -11.65
N ARG H 293 119.23 54.73 -11.81
CA ARG H 293 120.04 54.03 -10.77
C ARG H 293 120.06 54.89 -9.52
N LYS H 294 120.24 56.21 -9.70
CA LYS H 294 120.34 57.22 -8.63
C LYS H 294 118.99 57.32 -7.90
N ALA H 295 117.89 57.38 -8.66
CA ALA H 295 116.51 57.47 -8.14
C ALA H 295 116.20 56.27 -7.24
N ILE H 296 116.29 55.08 -7.82
CA ILE H 296 116.02 53.77 -7.16
C ILE H 296 116.86 53.60 -5.88
N THR H 297 118.15 53.92 -5.90
CA THR H 297 119.03 53.72 -4.71
C THR H 297 118.55 54.68 -3.60
N VAL H 298 118.24 55.96 -3.88
CA VAL H 298 117.71 56.92 -2.85
C VAL H 298 116.39 56.37 -2.31
N LEU H 299 115.56 55.81 -3.18
CA LEU H 299 114.18 55.32 -2.86
C LEU H 299 114.26 53.99 -2.10
N PHE H 300 115.39 53.29 -2.18
CA PHE H 300 115.65 51.97 -1.55
C PHE H 300 116.11 52.22 -0.13
N PHE H 301 116.94 53.24 0.11
CA PHE H 301 117.46 53.54 1.48
C PHE H 301 116.36 54.15 2.35
N ILE H 302 115.55 55.05 1.78
CA ILE H 302 114.29 55.57 2.39
C ILE H 302 113.45 54.37 2.86
N GLY H 303 113.19 53.41 1.99
CA GLY H 303 112.31 52.24 2.24
C GLY H 303 112.89 51.34 3.31
N VAL H 304 114.22 51.13 3.29
CA VAL H 304 114.92 50.24 4.26
C VAL H 304 114.99 50.96 5.59
N ARG H 305 115.61 52.15 5.64
CA ARG H 305 116.00 52.79 6.93
C ARG H 305 114.76 53.22 7.71
N CYS H 306 113.64 53.49 7.05
CA CYS H 306 112.38 53.96 7.70
C CYS H 306 111.65 52.79 8.37
N TYR H 307 111.60 51.63 7.71
CA TYR H 307 111.10 50.36 8.28
C TYR H 307 111.77 50.14 9.64
N GLU H 308 113.11 50.17 9.67
CA GLU H 308 113.93 49.90 10.88
C GLU H 308 113.64 50.92 11.97
N ALA H 309 113.35 52.18 11.60
CA ALA H 309 113.04 53.29 12.54
C ALA H 309 111.73 53.01 13.28
N TYR H 310 110.62 52.87 12.54
CA TYR H 310 109.26 52.65 13.09
C TYR H 310 108.55 51.56 12.27
N PRO H 311 108.55 50.28 12.73
CA PRO H 311 107.90 49.20 12.00
C PRO H 311 106.43 48.99 12.38
N ASN H 312 105.59 48.59 11.41
CA ASN H 312 104.13 48.47 11.63
C ASN H 312 103.85 47.16 12.36
N THR H 313 103.27 47.26 13.56
CA THR H 313 102.95 46.12 14.45
C THR H 313 101.46 45.76 14.30
N SER H 314 101.09 44.61 14.88
CA SER H 314 99.71 44.07 14.82
C SER H 314 98.84 44.84 15.81
N LEU H 315 97.70 45.36 15.33
CA LEU H 315 96.64 45.96 16.18
C LEU H 315 95.83 44.83 16.81
N PRO H 316 95.42 44.97 18.09
CA PRO H 316 94.36 44.13 18.66
C PRO H 316 93.17 43.99 17.71
N PRO H 317 92.59 42.79 17.54
CA PRO H 317 91.51 42.60 16.57
C PRO H 317 90.20 43.33 16.90
N SER H 318 90.01 43.73 18.16
CA SER H 318 88.89 44.57 18.64
C SER H 318 88.89 45.91 17.86
N ILE H 319 90.05 46.59 17.84
CA ILE H 319 90.30 47.84 17.08
C ILE H 319 90.01 47.61 15.59
N LEU H 320 90.45 46.50 15.03
CA LEU H 320 90.41 46.26 13.56
C LEU H 320 88.94 46.09 13.15
N GLU H 321 88.18 45.28 13.87
CA GLU H 321 86.77 44.96 13.52
C GLU H 321 85.90 46.19 13.77
N ASP H 322 86.30 47.08 14.70
CA ASP H 322 85.59 48.35 14.98
C ASP H 322 85.79 49.32 13.82
N SER H 323 87.02 49.47 13.31
CA SER H 323 87.34 50.34 12.15
C SER H 323 86.59 49.86 10.89
N LEU H 324 86.43 48.56 10.67
CA LEU H 324 85.83 48.04 9.42
C LEU H 324 84.32 48.28 9.41
N GLU H 325 83.66 48.15 10.56
CA GLU H 325 82.18 48.30 10.65
C GLU H 325 81.80 49.79 10.55
N ASN H 326 82.60 50.69 11.14
CA ASN H 326 82.39 52.17 11.09
C ASN H 326 83.01 52.79 9.84
N ASN H 327 83.47 51.99 8.88
CA ASN H 327 83.84 52.39 7.49
C ASN H 327 85.05 53.33 7.45
N GLU H 328 85.86 53.34 8.50
CA GLU H 328 87.30 53.68 8.44
C GLU H 328 87.96 52.45 7.84
N GLY H 329 89.21 52.51 7.43
CA GLY H 329 89.80 51.36 6.73
C GLY H 329 90.27 50.29 7.69
N VAL H 330 91.26 49.52 7.25
CA VAL H 330 92.21 48.82 8.15
C VAL H 330 93.09 49.89 8.76
N PRO H 331 93.24 49.95 10.11
CA PRO H 331 94.18 50.88 10.72
C PRO H 331 95.57 50.82 10.08
N SER H 332 96.23 51.96 10.04
CA SER H 332 97.53 52.19 9.38
C SER H 332 98.09 53.46 9.98
N PRO H 333 99.35 53.85 9.70
CA PRO H 333 99.91 55.06 10.29
C PRO H 333 99.50 56.37 9.62
N MET H 334 98.48 56.35 8.78
CA MET H 334 98.13 57.45 7.84
C MET H 334 96.60 57.54 7.71
N LEU H 335 96.01 58.63 8.16
CA LEU H 335 94.53 58.81 8.24
C LEU H 335 94.15 59.99 7.34
N SER H 336 93.36 59.72 6.30
CA SER H 336 92.90 60.75 5.34
C SER H 336 91.55 61.29 5.85
N ILE H 337 91.48 62.57 6.21
CA ILE H 337 90.25 63.28 6.64
C ILE H 337 89.81 64.23 5.52
N SER H 338 88.77 63.84 4.77
CA SER H 338 88.15 64.64 3.67
C SER H 338 87.08 65.59 4.24
N ASN H 339 87.01 66.81 3.74
CA ASN H 339 85.85 67.75 3.82
C ASN H 339 85.88 68.56 5.13
N LEU H 340 87.04 68.78 5.73
CA LEU H 340 87.22 69.62 6.95
C LEU H 340 88.40 70.57 6.74
N THR H 341 88.23 71.84 7.07
CA THR H 341 89.28 72.90 7.02
C THR H 341 90.50 72.45 7.84
N GLN H 342 91.71 72.72 7.37
CA GLN H 342 92.98 72.47 8.13
C GLN H 342 92.84 72.92 9.59
N GLU H 343 92.16 74.04 9.84
CA GLU H 343 91.89 74.60 11.20
C GLU H 343 91.05 73.61 12.03
N GLN H 344 89.90 73.16 11.49
CA GLN H 344 88.96 72.21 12.14
C GLN H 344 89.68 70.90 12.53
N VAL H 345 90.49 70.36 11.63
CA VAL H 345 91.26 69.09 11.88
C VAL H 345 92.26 69.35 12.99
N GLN H 346 93.02 70.45 12.94
CA GLN H 346 94.06 70.78 13.96
C GLN H 346 93.44 70.90 15.37
N ASP H 347 92.15 71.21 15.53
CA ASP H 347 91.48 71.19 16.86
C ASP H 347 91.44 69.74 17.35
N TYR H 348 90.75 68.89 16.59
CA TYR H 348 90.55 67.44 16.87
C TYR H 348 91.88 66.71 17.12
N VAL H 349 93.03 67.23 16.67
CA VAL H 349 94.36 66.59 16.94
C VAL H 349 94.92 67.13 18.25
N ASN H 350 94.63 68.38 18.61
CA ASN H 350 95.07 68.99 19.88
C ASN H 350 94.35 68.30 21.04
N LYS H 351 93.02 68.18 20.93
CA LYS H 351 92.16 67.33 21.81
C LYS H 351 92.87 66.01 22.03
N THR H 352 93.09 65.27 20.93
CA THR H 352 93.65 63.90 20.88
C THR H 352 95.06 63.87 21.48
N ASN H 353 95.90 64.87 21.19
CA ASN H 353 97.33 64.91 21.61
C ASN H 353 97.45 65.34 23.09
N SER H 354 96.39 65.89 23.69
CA SER H 354 96.36 66.29 25.13
C SER H 354 96.61 65.08 26.03
N HIS H 355 95.97 63.95 25.71
CA HIS H 355 96.01 62.67 26.50
C HIS H 355 97.24 61.83 26.15
N LEU H 356 97.93 62.09 25.04
CA LEU H 356 99.01 61.20 24.53
C LEU H 356 100.38 61.75 24.93
N PRO H 357 101.35 60.88 25.29
CA PRO H 357 102.73 61.32 25.52
C PRO H 357 103.46 61.62 24.19
N ALA H 358 104.58 62.36 24.24
CA ALA H 358 105.33 62.92 23.08
C ALA H 358 105.34 61.94 21.89
N GLY H 359 106.01 60.78 22.04
CA GLY H 359 106.34 59.87 20.93
C GLY H 359 105.16 59.07 20.43
N LYS H 360 103.94 59.34 20.90
CA LYS H 360 102.69 58.75 20.35
C LYS H 360 101.78 59.82 19.74
N GLN H 361 102.23 61.08 19.73
CA GLN H 361 101.40 62.23 19.31
C GLN H 361 101.27 62.25 17.79
N VAL H 362 100.06 62.50 17.29
CA VAL H 362 99.74 62.59 15.84
C VAL H 362 100.00 64.02 15.37
N GLU H 363 100.17 64.22 14.05
CA GLU H 363 100.33 65.55 13.43
C GLU H 363 99.80 65.53 12.00
N ILE H 364 99.20 66.65 11.54
CA ILE H 364 98.85 66.92 10.11
C ILE H 364 100.16 66.79 9.32
N SER H 365 100.17 65.90 8.33
CA SER H 365 101.38 65.44 7.60
C SER H 365 101.32 65.91 6.16
N LEU H 366 100.21 65.68 5.48
CA LEU H 366 99.94 66.27 4.14
C LEU H 366 98.74 67.21 4.25
N VAL H 367 98.87 68.39 3.64
CA VAL H 367 97.77 69.36 3.39
C VAL H 367 97.52 69.42 1.88
N ASN H 368 96.84 68.39 1.38
CA ASN H 368 96.56 68.15 -0.05
C ASN H 368 95.66 69.23 -0.64
N GLY H 369 94.52 69.52 -0.01
CA GLY H 369 93.57 70.58 -0.40
C GLY H 369 93.36 71.55 0.75
N ALA H 370 92.40 72.47 0.59
CA ALA H 370 91.82 73.29 1.68
C ALA H 370 91.05 72.36 2.62
N LYS H 371 90.31 71.41 2.04
CA LYS H 371 89.43 70.45 2.76
C LYS H 371 89.85 69.00 2.48
N ASN H 372 91.13 68.73 2.23
CA ASN H 372 91.73 67.36 2.08
C ASN H 372 93.00 67.28 2.92
N LEU H 373 93.01 66.45 3.96
CA LEU H 373 94.15 66.34 4.88
C LEU H 373 94.48 64.88 5.16
N VAL H 374 95.72 64.63 5.54
CA VAL H 374 96.25 63.31 5.92
C VAL H 374 96.98 63.50 7.23
N VAL H 375 96.58 62.77 8.28
CA VAL H 375 97.21 62.83 9.62
C VAL H 375 98.05 61.55 9.80
N SER H 376 99.30 61.71 10.18
CA SER H 376 100.26 60.60 10.38
C SER H 376 100.43 60.40 11.88
N GLY H 377 100.88 59.22 12.25
CA GLY H 377 101.20 58.89 13.64
C GLY H 377 100.91 57.42 13.90
N PRO H 378 101.05 56.96 15.16
CA PRO H 378 100.87 55.55 15.47
C PRO H 378 99.42 55.14 15.28
N PRO H 379 99.14 53.99 14.66
CA PRO H 379 97.76 53.57 14.38
C PRO H 379 96.83 53.45 15.60
N GLN H 380 97.33 53.10 16.80
CA GLN H 380 96.55 53.22 18.05
C GLN H 380 96.07 54.68 18.18
N SER H 381 97.01 55.63 18.20
CA SER H 381 96.78 57.08 18.40
C SER H 381 95.77 57.62 17.40
N LEU H 382 95.84 57.19 16.13
CA LEU H 382 94.89 57.61 15.08
C LEU H 382 93.53 57.00 15.31
N TYR H 383 93.45 55.78 15.86
CA TYR H 383 92.14 55.16 16.23
C TYR H 383 91.48 56.02 17.31
N GLY H 384 92.26 56.50 18.28
CA GLY H 384 91.89 57.57 19.22
C GLY H 384 91.17 58.72 18.52
N LEU H 385 91.81 59.30 17.51
CA LEU H 385 91.30 60.47 16.76
C LEU H 385 89.98 60.12 16.06
N ASN H 386 89.87 58.94 15.43
CA ASN H 386 88.62 58.49 14.78
C ASN H 386 87.45 58.38 15.77
N LEU H 387 87.70 58.17 17.06
CA LEU H 387 86.62 58.13 18.09
C LEU H 387 86.08 59.54 18.27
N THR H 388 86.95 60.49 18.57
CA THR H 388 86.66 61.96 18.61
C THR H 388 85.84 62.37 17.39
N LEU H 389 86.15 61.88 16.19
CA LEU H 389 85.48 62.29 14.92
C LEU H 389 84.13 61.55 14.74
N ARG H 390 83.93 60.38 15.34
CA ARG H 390 82.65 59.64 15.22
C ARG H 390 81.56 60.45 15.93
N LYS H 391 81.89 60.99 17.10
CA LYS H 391 81.04 61.96 17.86
C LYS H 391 80.47 62.97 16.87
N ALA H 392 81.37 63.69 16.19
CA ALA H 392 81.09 64.99 15.53
C ALA H 392 80.44 64.84 14.16
N LYS H 393 80.38 63.64 13.58
CA LYS H 393 79.86 63.48 12.20
C LYS H 393 78.38 63.09 12.26
N ALA H 394 77.67 63.42 11.17
CA ALA H 394 76.22 63.22 10.98
C ALA H 394 75.94 61.84 10.40
N PRO H 395 74.93 61.11 10.93
CA PRO H 395 74.44 59.89 10.27
C PRO H 395 74.01 60.14 8.81
N SER H 396 74.50 59.33 7.85
CA SER H 396 74.43 59.60 6.39
C SER H 396 72.96 59.68 5.91
N GLY H 397 72.10 58.79 6.39
CA GLY H 397 70.63 58.84 6.17
C GLY H 397 69.92 59.60 7.28
N LEU H 398 70.11 60.91 7.34
CA LEU H 398 69.48 61.81 8.34
C LEU H 398 68.55 62.80 7.62
N ASP H 399 69.09 63.57 6.67
CA ASP H 399 68.40 64.70 5.98
C ASP H 399 68.42 65.93 6.90
N GLN H 400 69.34 66.86 6.63
CA GLN H 400 69.60 68.05 7.47
C GLN H 400 69.09 69.31 6.74
N SER H 401 68.16 69.15 5.79
CA SER H 401 67.70 70.20 4.84
C SER H 401 66.85 71.25 5.54
N ARG H 402 66.36 70.95 6.74
CA ARG H 402 65.31 71.69 7.47
C ARG H 402 65.86 72.23 8.80
N ILE H 403 67.13 71.96 9.08
CA ILE H 403 67.90 72.49 10.25
C ILE H 403 68.60 73.76 9.78
N PRO H 404 68.66 74.84 10.58
CA PRO H 404 69.52 75.97 10.26
C PRO H 404 70.96 75.51 10.00
N PHE H 405 71.61 76.06 8.98
CA PHE H 405 72.97 75.66 8.49
C PHE H 405 73.98 75.57 9.66
N SER H 406 74.07 76.62 10.47
CA SER H 406 75.14 76.76 11.51
C SER H 406 74.84 75.89 12.74
N GLU H 407 73.82 75.02 12.66
CA GLU H 407 73.48 74.00 13.68
C GLU H 407 73.61 72.58 13.13
N ARG H 408 73.98 72.43 11.87
CA ARG H 408 74.10 71.09 11.22
C ARG H 408 75.38 70.42 11.71
N LYS H 409 75.29 69.12 12.00
CA LYS H 409 76.46 68.22 12.12
C LYS H 409 77.20 68.25 10.79
N LEU H 410 78.54 68.37 10.84
CA LEU H 410 79.42 68.40 9.65
C LEU H 410 79.40 67.02 8.97
N LYS H 411 79.34 66.99 7.65
CA LYS H 411 79.24 65.75 6.83
C LYS H 411 80.60 65.51 6.17
N PHE H 412 81.40 64.57 6.68
CA PHE H 412 82.80 64.33 6.23
C PHE H 412 83.21 62.86 6.27
N SER H 413 84.28 62.55 5.53
CA SER H 413 84.92 61.21 5.40
C SER H 413 86.24 61.20 6.18
N ASN H 414 86.47 60.14 6.94
CA ASN H 414 87.80 59.80 7.50
C ASN H 414 88.02 58.33 7.18
N ARG H 415 89.24 58.00 6.78
CA ARG H 415 89.58 56.72 6.12
C ARG H 415 91.09 56.55 6.25
N PHE H 416 91.53 55.43 6.82
CA PHE H 416 92.97 55.02 6.84
C PHE H 416 93.41 54.74 5.41
N LEU H 417 94.60 55.24 5.07
CA LEU H 417 95.26 55.01 3.77
C LEU H 417 95.90 53.63 3.77
N PRO H 418 96.00 52.99 2.58
CA PRO H 418 96.75 51.75 2.40
C PRO H 418 98.26 51.98 2.21
N VAL H 419 98.92 52.43 3.27
CA VAL H 419 100.40 52.50 3.37
C VAL H 419 100.80 51.71 4.60
N ALA H 420 102.09 51.61 4.88
CA ALA H 420 102.63 50.79 5.97
C ALA H 420 103.61 51.58 6.85
N SER H 421 103.94 52.83 6.52
CA SER H 421 104.81 53.71 7.33
C SER H 421 104.18 55.08 7.50
N PRO H 422 104.52 55.82 8.58
CA PRO H 422 104.10 57.20 8.70
C PRO H 422 105.14 58.15 8.10
N PHE H 423 105.01 58.46 6.81
CA PHE H 423 105.81 59.50 6.13
C PHE H 423 105.43 60.89 6.66
N HIS H 424 106.40 61.79 6.66
CA HIS H 424 106.24 63.22 7.00
C HIS H 424 105.90 63.36 8.48
N SER H 425 106.41 62.47 9.32
CA SER H 425 106.16 62.47 10.78
C SER H 425 107.49 62.46 11.54
N HIS H 426 107.48 62.97 12.77
CA HIS H 426 108.64 62.97 13.70
C HIS H 426 109.06 61.54 14.02
N LEU H 427 108.15 60.56 13.89
CA LEU H 427 108.40 59.11 14.12
C LEU H 427 109.63 58.62 13.35
N LEU H 428 109.88 59.17 12.16
CA LEU H 428 110.90 58.68 11.18
C LEU H 428 112.21 59.48 11.27
N VAL H 429 112.34 60.45 12.19
CA VAL H 429 113.56 61.30 12.34
C VAL H 429 114.82 60.46 12.59
N PRO H 430 114.79 59.36 13.39
CA PRO H 430 115.96 58.46 13.51
C PRO H 430 116.60 58.07 12.16
N ALA H 431 115.78 57.71 11.17
CA ALA H 431 116.21 57.26 9.82
C ALA H 431 116.98 58.38 9.10
N SER H 432 116.50 59.63 9.15
CA SER H 432 117.08 60.81 8.46
C SER H 432 118.60 60.65 8.33
N ASP H 433 119.26 60.56 9.48
CA ASP H 433 120.74 60.59 9.64
C ASP H 433 121.37 59.39 8.93
N LEU H 434 120.74 58.21 9.04
CA LEU H 434 121.26 56.92 8.49
C LEU H 434 121.10 56.84 6.97
N ILE H 435 120.18 57.59 6.36
CA ILE H 435 119.99 57.61 4.86
C ILE H 435 121.05 58.55 4.28
N ASN H 436 121.26 59.72 4.89
CA ASN H 436 122.32 60.69 4.51
C ASN H 436 123.69 60.02 4.45
N LYS H 437 123.96 59.01 5.31
CA LYS H 437 125.26 58.29 5.39
C LYS H 437 125.38 57.24 4.29
N ASP H 438 124.27 56.62 3.89
CA ASP H 438 124.22 55.44 2.97
C ASP H 438 123.88 55.90 1.54
N LEU H 439 124.00 57.21 1.29
CA LEU H 439 124.02 57.81 -0.07
C LEU H 439 125.45 58.28 -0.39
N VAL H 440 126.18 58.78 0.61
CA VAL H 440 127.61 59.15 0.52
C VAL H 440 128.43 57.86 0.25
N LYS H 441 128.01 56.72 0.81
CA LYS H 441 128.66 55.39 0.61
C LYS H 441 128.38 54.84 -0.79
N ASN H 442 127.17 55.03 -1.32
CA ASN H 442 126.79 54.61 -2.70
C ASN H 442 127.09 55.71 -3.72
N ASN H 443 127.80 56.78 -3.32
CA ASN H 443 128.29 57.88 -4.21
C ASN H 443 127.10 58.35 -5.05
N VAL H 444 126.12 58.98 -4.38
CA VAL H 444 124.84 59.49 -4.95
C VAL H 444 124.57 60.89 -4.40
N SER H 445 124.76 61.88 -5.26
CA SER H 445 124.47 63.32 -5.01
C SER H 445 123.79 63.89 -6.26
N PHE H 446 122.77 64.71 -6.05
CA PHE H 446 122.15 65.57 -7.08
C PHE H 446 122.77 66.97 -6.96
N ASN H 447 123.27 67.54 -8.07
CA ASN H 447 123.99 68.83 -8.09
C ASN H 447 123.21 69.83 -8.96
N ALA H 448 123.12 71.10 -8.49
CA ALA H 448 122.33 72.21 -9.06
C ALA H 448 122.51 72.31 -10.58
N LYS H 449 123.76 72.30 -11.06
CA LYS H 449 124.13 72.52 -12.49
C LYS H 449 123.65 71.36 -13.40
N ASP H 450 123.40 70.16 -12.86
CA ASP H 450 122.98 68.97 -13.64
C ASP H 450 121.46 69.00 -13.90
N ILE H 451 120.67 69.58 -12.99
CA ILE H 451 119.17 69.55 -13.05
C ILE H 451 118.68 70.82 -13.78
N GLN H 452 118.04 70.62 -14.93
CA GLN H 452 117.96 71.62 -16.04
C GLN H 452 116.51 72.11 -16.26
N ILE H 453 115.60 71.76 -15.35
CA ILE H 453 114.30 72.46 -15.14
C ILE H 453 114.16 72.74 -13.64
N PRO H 454 113.31 73.70 -13.22
CA PRO H 454 112.98 73.84 -11.81
C PRO H 454 112.27 72.59 -11.27
N VAL H 455 112.67 72.15 -10.08
CA VAL H 455 112.03 71.06 -9.30
C VAL H 455 111.47 71.69 -8.02
N TYR H 456 110.17 71.55 -7.78
CA TYR H 456 109.46 72.31 -6.72
C TYR H 456 109.43 71.49 -5.43
N ASP H 457 110.28 71.88 -4.48
CA ASP H 457 110.28 71.51 -3.04
C ASP H 457 108.84 71.50 -2.53
N THR H 458 108.48 70.48 -1.75
CA THR H 458 107.07 70.10 -1.51
C THR H 458 106.61 70.70 -0.17
N PHE H 459 107.46 71.49 0.50
CA PHE H 459 107.17 72.18 1.79
C PHE H 459 107.07 73.69 1.56
N ASP H 460 108.14 74.30 1.07
CA ASP H 460 108.24 75.75 0.78
C ASP H 460 107.43 76.06 -0.49
N GLY H 461 107.64 75.25 -1.54
CA GLY H 461 107.17 75.51 -2.91
C GLY H 461 108.27 76.05 -3.80
N SER H 462 109.41 76.43 -3.21
CA SER H 462 110.59 77.04 -3.90
C SER H 462 111.24 76.02 -4.83
N ASP H 463 112.27 76.46 -5.55
CA ASP H 463 113.08 75.62 -6.46
C ASP H 463 114.22 74.97 -5.65
N LEU H 464 114.46 73.67 -5.86
CA LEU H 464 115.59 72.91 -5.23
C LEU H 464 116.94 73.40 -5.78
N ARG H 465 117.01 73.71 -7.08
CA ARG H 465 118.22 74.20 -7.80
C ARG H 465 118.89 75.36 -7.04
N VAL H 466 118.10 76.16 -6.31
CA VAL H 466 118.58 77.23 -5.38
C VAL H 466 118.64 76.66 -3.95
N LEU H 467 119.80 76.14 -3.53
CA LEU H 467 120.08 75.67 -2.14
C LEU H 467 121.57 75.82 -1.81
N SER H 468 121.88 76.16 -0.56
CA SER H 468 123.24 76.11 0.03
C SER H 468 123.66 74.64 0.26
N GLY H 469 122.85 73.89 1.01
CA GLY H 469 123.14 72.50 1.43
C GLY H 469 122.88 71.49 0.32
N SER H 470 123.08 70.21 0.65
CA SER H 470 122.89 69.03 -0.24
C SER H 470 121.43 68.95 -0.68
N ILE H 471 121.21 68.73 -1.96
CA ILE H 471 119.85 68.58 -2.56
C ILE H 471 119.29 67.24 -2.12
N SER H 472 120.13 66.20 -2.04
CA SER H 472 119.75 64.82 -1.63
C SER H 472 119.25 64.82 -0.19
N GLU H 473 119.95 65.51 0.71
CA GLU H 473 119.62 65.63 2.16
C GLU H 473 118.24 66.29 2.32
N ARG H 474 117.94 67.31 1.51
CA ARG H 474 116.67 68.08 1.56
C ARG H 474 115.49 67.20 1.10
N ILE H 475 115.67 66.46 0.00
CA ILE H 475 114.66 65.54 -0.61
C ILE H 475 114.35 64.39 0.37
N VAL H 476 115.28 64.06 1.25
CA VAL H 476 115.05 63.09 2.37
C VAL H 476 114.22 63.77 3.45
N ASP H 477 114.64 64.94 3.95
CA ASP H 477 113.86 65.72 4.95
C ASP H 477 112.40 65.80 4.49
N CYS H 478 112.18 66.13 3.22
CA CYS H 478 110.83 66.42 2.65
C CYS H 478 109.91 65.20 2.67
N ILE H 479 110.46 63.99 2.64
CA ILE H 479 109.70 62.70 2.65
C ILE H 479 109.58 62.15 4.08
N ILE H 480 110.66 62.27 4.87
CA ILE H 480 110.80 61.74 6.25
C ILE H 480 110.14 62.71 7.23
N ARG H 481 110.66 63.93 7.33
CA ARG H 481 110.45 64.85 8.49
C ARG H 481 109.29 65.79 8.15
N LEU H 482 109.48 66.67 7.16
CA LEU H 482 108.64 67.87 6.87
C LEU H 482 107.29 67.45 6.32
N PRO H 483 106.22 68.24 6.57
CA PRO H 483 104.93 68.01 5.95
C PRO H 483 104.90 68.39 4.46
N VAL H 484 103.77 68.18 3.79
CA VAL H 484 103.56 68.47 2.35
C VAL H 484 102.43 69.50 2.20
N LYS H 485 102.81 70.77 2.10
CA LYS H 485 101.86 71.82 1.71
C LYS H 485 101.77 71.80 0.18
N TRP H 486 100.83 71.03 -0.36
CA TRP H 486 100.63 70.80 -1.81
C TRP H 486 100.11 72.04 -2.52
N GLU H 487 99.35 72.91 -1.85
CA GLU H 487 98.86 74.17 -2.46
C GLU H 487 100.04 75.10 -2.73
N THR H 488 100.89 75.38 -1.75
CA THR H 488 102.08 76.26 -1.92
C THR H 488 103.09 75.65 -2.90
N THR H 489 103.13 74.31 -3.02
CA THR H 489 103.98 73.56 -3.99
C THR H 489 103.49 73.86 -5.41
N THR H 490 102.20 73.65 -5.66
CA THR H 490 101.58 73.58 -7.00
C THR H 490 101.01 74.97 -7.29
N GLN H 491 101.81 76.00 -6.99
CA GLN H 491 101.50 77.46 -7.04
C GLN H 491 102.16 78.08 -8.28
N PHE H 492 102.94 77.29 -9.02
CA PHE H 492 103.41 77.56 -10.40
C PHE H 492 102.18 77.77 -11.29
N LYS H 493 102.32 78.53 -12.39
CA LYS H 493 101.24 78.70 -13.41
C LYS H 493 101.65 77.96 -14.67
N ALA H 494 100.67 77.40 -15.37
CA ALA H 494 100.84 76.29 -16.31
C ALA H 494 99.48 75.94 -16.92
N THR H 495 99.41 75.74 -18.23
CA THR H 495 98.15 75.42 -18.92
C THR H 495 97.85 73.93 -18.75
N HIS H 496 98.89 73.11 -18.66
CA HIS H 496 98.78 71.62 -18.61
C HIS H 496 99.65 71.07 -17.48
N ILE H 497 99.26 69.88 -17.00
CA ILE H 497 99.94 69.11 -15.93
C ILE H 497 99.88 67.63 -16.30
N LEU H 498 101.03 66.96 -16.36
CA LEU H 498 101.15 65.52 -16.66
C LEU H 498 101.34 64.74 -15.35
N ASP H 499 100.40 63.85 -15.01
CA ASP H 499 100.50 62.96 -13.83
C ASP H 499 100.99 61.60 -14.30
N PHE H 500 102.27 61.31 -14.08
CA PHE H 500 102.88 59.99 -14.36
C PHE H 500 102.60 59.01 -13.22
N GLY H 501 102.16 59.53 -12.07
CA GLY H 501 102.07 58.79 -10.80
C GLY H 501 101.30 57.48 -10.95
N PRO H 502 101.31 56.64 -9.89
CA PRO H 502 100.44 55.48 -9.84
C PRO H 502 99.01 55.90 -9.46
N GLY H 503 98.02 55.09 -9.85
CA GLY H 503 96.59 55.24 -9.46
C GLY H 503 95.71 55.62 -10.63
N GLY H 504 96.21 56.47 -11.52
CA GLY H 504 95.44 57.00 -12.67
C GLY H 504 94.38 57.98 -12.22
N ALA H 505 93.11 57.61 -12.42
CA ALA H 505 91.92 58.37 -11.98
C ALA H 505 91.99 58.63 -10.47
N SER H 506 92.35 57.59 -9.70
CA SER H 506 92.45 57.63 -8.22
C SER H 506 93.68 58.42 -7.79
N GLY H 507 94.61 58.71 -8.70
CA GLY H 507 95.94 59.27 -8.38
C GLY H 507 95.89 60.74 -8.03
N LEU H 508 97.09 61.33 -8.02
CA LEU H 508 97.37 62.72 -7.59
C LEU H 508 96.93 63.72 -8.65
N GLY H 509 96.80 63.27 -9.89
CA GLY H 509 96.34 64.10 -11.02
C GLY H 509 94.98 64.68 -10.72
N VAL H 510 94.00 63.80 -10.53
CA VAL H 510 92.58 64.18 -10.27
C VAL H 510 92.48 64.99 -8.97
N LEU H 511 93.25 64.65 -7.93
CA LEU H 511 93.29 65.45 -6.67
C LEU H 511 93.73 66.88 -7.00
N THR H 512 94.77 67.05 -7.82
CA THR H 512 95.30 68.39 -8.19
C THR H 512 94.25 69.11 -9.04
N HIS H 513 93.60 68.41 -9.96
CA HIS H 513 92.50 68.97 -10.80
C HIS H 513 91.48 69.71 -9.92
N ARG H 514 90.94 69.02 -8.90
CA ARG H 514 89.88 69.54 -8.00
C ARG H 514 90.41 70.73 -7.19
N ASN H 515 91.70 70.75 -6.84
CA ASN H 515 92.30 71.88 -6.11
C ASN H 515 92.24 73.12 -7.00
N LYS H 516 92.33 72.97 -8.32
CA LYS H 516 92.46 74.16 -9.20
C LYS H 516 91.62 73.98 -10.47
N ASP H 517 90.39 73.52 -10.29
CA ASP H 517 89.26 73.76 -11.21
C ASP H 517 88.99 75.25 -11.24
N GLY H 518 89.02 75.86 -12.43
CA GLY H 518 88.67 77.27 -12.68
C GLY H 518 89.85 78.24 -12.56
N THR H 519 91.09 77.76 -12.73
CA THR H 519 92.31 78.61 -12.82
C THR H 519 92.89 78.60 -14.25
N GLY H 520 92.44 77.68 -15.10
CA GLY H 520 92.83 77.60 -16.52
C GLY H 520 93.91 76.56 -16.74
N VAL H 521 93.79 75.42 -16.06
CA VAL H 521 94.83 74.35 -15.99
C VAL H 521 94.15 73.02 -16.31
N ARG H 522 94.71 72.28 -17.24
CA ARG H 522 94.21 70.96 -17.67
C ARG H 522 95.16 69.91 -17.07
N VAL H 523 94.64 68.95 -16.35
CA VAL H 523 95.46 67.81 -15.88
C VAL H 523 95.30 66.72 -16.93
N ILE H 524 96.40 66.05 -17.24
CA ILE H 524 96.41 64.81 -18.08
C ILE H 524 96.99 63.68 -17.23
N VAL H 525 96.21 62.63 -17.05
CA VAL H 525 96.63 61.41 -16.32
C VAL H 525 97.43 60.60 -17.32
N ALA H 526 98.76 60.76 -17.32
CA ALA H 526 99.70 60.22 -18.33
C ALA H 526 99.81 58.69 -18.24
N GLY H 527 99.25 58.07 -17.19
CA GLY H 527 99.49 56.66 -16.85
C GLY H 527 98.40 55.73 -17.36
N THR H 528 97.17 56.21 -17.58
CA THR H 528 96.00 55.37 -17.91
C THR H 528 95.33 55.87 -19.20
N LEU H 529 94.81 54.94 -19.99
CA LEU H 529 93.89 55.23 -21.11
C LEU H 529 92.48 54.87 -20.66
N ASP H 530 91.60 55.87 -20.57
CA ASP H 530 90.13 55.72 -20.37
C ASP H 530 89.44 56.91 -21.02
N ILE H 531 88.15 57.12 -20.75
CA ILE H 531 87.37 58.28 -21.28
C ILE H 531 86.63 58.97 -20.13
N ASN H 532 86.91 60.26 -19.95
CA ASN H 532 86.21 61.14 -18.99
C ASN H 532 84.89 61.58 -19.63
N PRO H 533 83.71 61.19 -19.08
CA PRO H 533 82.44 61.72 -19.59
C PRO H 533 82.37 63.25 -19.48
N ASP H 534 82.61 63.81 -18.27
CA ASP H 534 82.64 65.28 -18.00
C ASP H 534 83.65 66.00 -18.92
N ASP H 535 84.76 65.34 -19.28
CA ASP H 535 85.90 65.92 -20.02
C ASP H 535 86.50 67.10 -19.24
N ASP H 536 86.58 67.00 -17.92
CA ASP H 536 87.24 67.96 -16.99
C ASP H 536 88.76 67.89 -17.13
N TYR H 537 89.29 66.66 -17.15
CA TYR H 537 90.74 66.32 -17.20
C TYR H 537 90.94 65.24 -18.27
N GLY H 538 92.17 65.11 -18.77
CA GLY H 538 92.53 64.21 -19.88
C GLY H 538 93.06 62.86 -19.43
N PHE H 539 93.13 61.92 -20.36
CA PHE H 539 93.89 60.64 -20.23
C PHE H 539 95.05 60.62 -21.24
N LYS H 540 95.84 59.53 -21.29
CA LYS H 540 97.06 59.36 -22.15
C LYS H 540 96.88 59.95 -23.56
N GLN H 541 95.77 59.63 -24.24
CA GLN H 541 95.47 60.10 -25.63
C GLN H 541 95.99 61.53 -25.84
N GLU H 542 95.51 62.48 -25.02
CA GLU H 542 95.77 63.93 -25.17
C GLU H 542 97.26 64.20 -25.38
N ILE H 543 98.14 63.34 -24.87
CA ILE H 543 99.61 63.48 -25.08
C ILE H 543 99.87 63.24 -26.56
N PHE H 544 99.39 62.11 -27.08
CA PHE H 544 99.81 61.53 -28.38
C PHE H 544 99.00 62.14 -29.54
N ASP H 545 97.71 62.43 -29.33
CA ASP H 545 96.75 62.88 -30.37
C ASP H 545 97.36 64.05 -31.15
N VAL H 546 97.13 64.05 -32.48
CA VAL H 546 97.78 64.89 -33.53
C VAL H 546 96.82 66.01 -33.97
N THR H 547 95.50 65.74 -33.91
CA THR H 547 94.38 66.68 -34.24
C THR H 547 94.31 67.77 -33.16
N SER H 548 93.30 68.64 -33.18
CA SER H 548 93.08 69.70 -32.16
C SER H 548 92.52 69.11 -30.85
N ASN H 549 92.21 67.80 -30.81
CA ASN H 549 91.73 67.05 -29.60
C ASN H 549 92.88 66.68 -28.66
N GLY H 550 94.09 67.21 -28.86
CA GLY H 550 95.23 67.07 -27.92
C GLY H 550 95.44 68.35 -27.13
N LEU H 551 95.31 69.50 -27.79
CA LEU H 551 95.33 70.84 -27.15
C LEU H 551 93.89 71.25 -26.84
N LYS H 552 93.44 70.92 -25.63
CA LYS H 552 92.21 71.47 -25.00
C LYS H 552 92.63 72.31 -23.81
N LYS H 553 91.97 73.45 -23.59
CA LYS H 553 92.20 74.29 -22.39
C LYS H 553 90.96 74.20 -21.50
N ASN H 554 91.16 74.37 -20.19
CA ASN H 554 90.11 74.44 -19.15
C ASN H 554 89.83 75.91 -18.84
N PRO H 555 88.58 76.23 -18.41
CA PRO H 555 88.15 77.63 -18.24
C PRO H 555 88.95 78.34 -17.13
N ASN H 556 89.18 79.64 -17.30
CA ASN H 556 89.81 80.52 -16.28
C ASN H 556 88.77 81.55 -15.82
N TRP H 557 87.84 81.13 -14.97
CA TRP H 557 86.65 81.91 -14.56
C TRP H 557 86.99 83.40 -14.35
N LEU H 558 88.15 83.75 -13.79
CA LEU H 558 88.56 85.16 -13.53
C LEU H 558 88.70 85.91 -14.85
N GLU H 559 89.03 85.22 -15.95
CA GLU H 559 89.23 85.84 -17.30
C GLU H 559 87.99 85.70 -18.17
N GLU H 560 87.27 84.59 -18.09
CA GLU H 560 86.00 84.36 -18.84
C GLU H 560 84.98 85.43 -18.44
N TYR H 561 84.87 85.68 -17.15
CA TYR H 561 83.75 86.40 -16.50
C TYR H 561 84.27 87.65 -15.77
N HIS H 562 85.48 88.08 -16.08
CA HIS H 562 86.04 89.38 -15.64
C HIS H 562 85.02 90.48 -15.88
N PRO H 563 84.57 91.26 -14.87
CA PRO H 563 83.76 92.43 -15.14
C PRO H 563 84.55 93.56 -15.83
N LYS H 564 83.97 94.16 -16.87
CA LYS H 564 84.58 95.24 -17.68
C LYS H 564 83.75 96.51 -17.52
N LEU H 565 84.22 97.61 -18.09
CA LEU H 565 83.41 98.82 -18.35
C LEU H 565 83.28 99.01 -19.86
N ILE H 566 82.39 99.90 -20.28
CA ILE H 566 82.02 100.15 -21.70
C ILE H 566 81.08 101.35 -21.74
N LYS H 567 81.12 102.13 -22.83
CA LYS H 567 80.41 103.42 -22.99
C LYS H 567 79.41 103.38 -24.17
N ASN H 568 78.35 104.18 -24.05
CA ASN H 568 77.43 104.62 -25.14
C ASN H 568 78.12 105.65 -26.05
N LYS H 569 77.52 105.87 -27.22
CA LYS H 569 77.64 107.11 -28.04
C LYS H 569 77.37 108.36 -27.18
N SER H 570 76.37 108.30 -26.28
CA SER H 570 76.04 109.34 -25.26
C SER H 570 77.18 109.55 -24.29
N GLY H 571 77.97 108.51 -24.03
CA GLY H 571 79.06 108.51 -23.03
C GLY H 571 78.49 108.31 -21.64
N LYS H 572 77.97 107.12 -21.39
CA LYS H 572 77.34 106.69 -20.11
C LYS H 572 77.86 105.29 -19.81
N ILE H 573 78.59 105.13 -18.71
CA ILE H 573 79.40 103.91 -18.44
C ILE H 573 78.50 102.84 -17.82
N PHE H 574 78.80 101.60 -18.15
CA PHE H 574 78.09 100.38 -17.69
C PHE H 574 79.09 99.36 -17.19
N VAL H 575 78.82 98.75 -16.05
CA VAL H 575 79.45 97.47 -15.70
C VAL H 575 78.98 96.45 -16.73
N GLU H 576 79.88 95.96 -17.58
CA GLU H 576 79.57 94.95 -18.62
C GLU H 576 79.72 93.55 -17.99
N THR H 577 78.65 92.76 -18.01
CA THR H 577 78.67 91.34 -17.59
C THR H 577 77.75 90.52 -18.50
N LYS H 578 77.83 89.21 -18.39
CA LYS H 578 76.97 88.27 -19.12
C LYS H 578 75.55 88.82 -19.10
N PHE H 579 75.08 89.28 -17.95
CA PHE H 579 73.66 89.65 -17.71
C PHE H 579 73.38 91.04 -18.25
N SER H 580 74.22 92.05 -17.99
CA SER H 580 73.97 93.45 -18.45
C SER H 580 74.07 93.54 -19.97
N LYS H 581 74.92 92.72 -20.58
CA LYS H 581 75.08 92.63 -22.06
C LYS H 581 73.78 92.20 -22.72
N LEU H 582 72.96 91.39 -22.05
CA LEU H 582 71.69 90.89 -22.60
C LEU H 582 70.64 91.98 -22.51
N ILE H 583 70.57 92.71 -21.39
CA ILE H 583 69.45 93.64 -21.09
C ILE H 583 69.80 95.11 -21.41
N GLY H 584 71.05 95.45 -21.62
CA GLY H 584 71.41 96.83 -21.97
C GLY H 584 71.28 97.80 -20.84
N ARG H 585 71.09 97.31 -19.63
CA ARG H 585 70.93 98.10 -18.39
C ARG H 585 71.92 97.54 -17.38
N PRO H 586 72.29 98.32 -16.33
CA PRO H 586 73.18 97.85 -15.27
C PRO H 586 72.79 96.51 -14.65
N PRO H 587 73.75 95.71 -14.15
CA PRO H 587 73.46 94.35 -13.72
C PRO H 587 72.87 94.30 -12.30
N LEU H 588 71.89 95.15 -12.02
CA LEU H 588 71.20 95.31 -10.71
C LEU H 588 69.70 95.14 -10.92
N LEU H 589 69.06 94.16 -10.28
CA LEU H 589 67.59 94.02 -10.33
C LEU H 589 66.98 94.07 -8.94
N VAL H 590 66.02 94.99 -8.75
CA VAL H 590 65.02 94.97 -7.64
C VAL H 590 64.11 93.80 -7.93
N PRO H 591 64.06 92.74 -7.09
CA PRO H 591 63.27 91.56 -7.41
C PRO H 591 61.79 91.66 -7.01
N GLY H 592 61.01 90.63 -7.31
CA GLY H 592 59.57 90.57 -6.98
C GLY H 592 59.37 90.45 -5.48
N MET H 593 58.87 91.50 -4.85
CA MET H 593 58.50 91.50 -3.41
C MET H 593 57.00 91.76 -3.30
N THR H 594 56.24 90.98 -2.52
CA THR H 594 54.75 90.94 -2.56
C THR H 594 54.14 92.28 -2.21
N PRO H 595 54.40 92.87 -1.03
CA PRO H 595 53.90 94.21 -0.79
C PRO H 595 54.60 95.21 -1.71
N CYS H 596 55.93 95.13 -1.90
CA CYS H 596 56.79 96.30 -2.25
C CYS H 596 56.76 96.63 -3.74
N THR H 597 56.79 95.62 -4.60
CA THR H 597 56.80 95.74 -6.09
C THR H 597 55.45 95.28 -6.64
N VAL H 598 54.40 95.32 -5.81
CA VAL H 598 53.00 95.09 -6.25
C VAL H 598 52.52 96.39 -6.88
N SER H 599 52.99 97.53 -6.36
CA SER H 599 52.57 98.87 -6.81
C SER H 599 53.09 99.05 -8.23
N PRO H 600 52.24 99.33 -9.23
CA PRO H 600 52.74 99.81 -10.52
C PRO H 600 53.39 101.21 -10.48
N ASP H 601 53.23 101.98 -9.41
CA ASP H 601 53.86 103.31 -9.27
C ASP H 601 55.33 103.15 -8.88
N PHE H 602 55.68 102.05 -8.20
CA PHE H 602 57.08 101.71 -7.85
C PHE H 602 57.75 101.06 -9.05
N VAL H 603 57.11 100.06 -9.67
CA VAL H 603 57.64 99.37 -10.87
C VAL H 603 58.01 100.42 -11.91
N ALA H 604 57.17 101.41 -12.12
CA ALA H 604 57.38 102.46 -13.14
C ALA H 604 58.59 103.33 -12.78
N ALA H 605 58.69 103.78 -11.53
CA ALA H 605 59.77 104.69 -11.05
C ALA H 605 61.14 104.01 -11.18
N THR H 606 61.24 102.73 -10.79
CA THR H 606 62.47 101.91 -10.88
C THR H 606 62.84 101.63 -12.35
N THR H 607 61.87 101.37 -13.21
CA THR H 607 62.08 101.16 -14.66
C THR H 607 62.53 102.46 -15.31
N ASN H 608 61.87 103.57 -14.97
CA ASN H 608 62.20 104.92 -15.48
C ASN H 608 63.66 105.19 -15.17
N ALA H 609 64.04 104.99 -13.92
CA ALA H 609 65.39 105.28 -13.36
C ALA H 609 66.44 104.67 -14.28
N GLY H 610 66.31 103.38 -14.56
CA GLY H 610 67.12 102.61 -15.52
C GLY H 610 67.59 101.29 -14.95
N TYR H 611 66.72 100.56 -14.26
CA TYR H 611 67.04 99.33 -13.48
C TYR H 611 65.86 98.36 -13.61
N THR H 612 66.16 97.07 -13.62
CA THR H 612 65.22 95.96 -13.95
C THR H 612 64.43 95.65 -12.69
N ILE H 613 63.16 95.30 -12.82
CA ILE H 613 62.24 95.12 -11.66
C ILE H 613 61.13 94.17 -12.06
N GLU H 614 60.70 93.32 -11.13
CA GLU H 614 59.61 92.34 -11.31
C GLU H 614 58.35 92.95 -10.71
N LEU H 615 57.22 92.94 -11.44
CA LEU H 615 55.87 93.14 -10.86
C LEU H 615 55.53 91.86 -10.13
N ALA H 616 54.87 91.94 -8.98
CA ALA H 616 54.69 90.80 -8.06
C ALA H 616 53.28 90.21 -8.23
N GLY H 617 53.18 89.01 -8.80
CA GLY H 617 51.92 88.25 -8.88
C GLY H 617 51.26 88.13 -7.52
N GLY H 618 52.05 87.91 -6.48
CA GLY H 618 51.60 87.60 -5.11
C GLY H 618 50.63 88.61 -4.53
N GLY H 619 50.54 89.82 -5.06
CA GLY H 619 49.54 90.80 -4.58
C GLY H 619 48.36 90.98 -5.51
N TYR H 620 48.14 90.04 -6.44
CA TYR H 620 47.07 90.07 -7.46
C TYR H 620 46.35 88.72 -7.41
N PHE H 621 45.04 88.72 -7.67
CA PHE H 621 44.13 87.56 -7.38
C PHE H 621 43.36 87.07 -8.62
N SER H 622 43.70 87.58 -9.81
CA SER H 622 42.92 87.38 -11.06
C SER H 622 43.62 88.07 -12.25
N ALA H 623 43.46 87.55 -13.46
CA ALA H 623 44.01 88.17 -14.69
C ALA H 623 43.53 89.62 -14.78
N ALA H 624 42.24 89.84 -14.56
CA ALA H 624 41.61 91.18 -14.68
C ALA H 624 42.39 92.15 -13.82
N GLY H 625 42.64 91.77 -12.55
CA GLY H 625 43.29 92.61 -11.53
C GLY H 625 44.72 92.94 -11.91
N MET H 626 45.46 91.92 -12.35
CA MET H 626 46.87 92.06 -12.80
C MET H 626 46.92 92.86 -14.10
N THR H 627 46.16 92.49 -15.13
CA THR H 627 46.07 93.26 -16.40
C THR H 627 45.89 94.78 -16.13
N ALA H 628 45.05 95.17 -15.20
CA ALA H 628 44.84 96.58 -14.80
C ALA H 628 46.14 97.18 -14.29
N ALA H 629 46.93 96.38 -13.58
CA ALA H 629 48.22 96.74 -12.94
C ALA H 629 49.27 96.93 -14.02
N ILE H 630 49.49 95.89 -14.84
CA ILE H 630 50.41 95.88 -16.00
C ILE H 630 50.09 97.07 -16.92
N ASP H 631 48.82 97.39 -17.15
CA ASP H 631 48.40 98.52 -18.02
C ASP H 631 48.80 99.83 -17.36
N SER H 632 48.63 99.95 -16.05
CA SER H 632 49.04 101.14 -15.26
C SER H 632 50.56 101.35 -15.33
N VAL H 633 51.36 100.25 -15.40
CA VAL H 633 52.83 100.29 -15.58
C VAL H 633 53.13 100.84 -16.98
N VAL H 634 52.69 100.14 -18.03
CA VAL H 634 52.88 100.51 -19.47
C VAL H 634 52.53 101.99 -19.70
N SER H 635 51.50 102.52 -19.04
CA SER H 635 51.07 103.95 -19.17
C SER H 635 52.13 104.92 -18.64
N GLN H 636 53.01 104.50 -17.72
CA GLN H 636 53.89 105.39 -16.92
C GLN H 636 55.35 105.31 -17.40
N ILE H 637 55.80 104.13 -17.82
CA ILE H 637 57.20 103.90 -18.32
C ILE H 637 57.37 104.58 -19.68
N GLU H 638 58.61 104.74 -20.14
CA GLU H 638 58.96 105.37 -21.44
C GLU H 638 58.86 104.34 -22.56
N LYS H 639 58.46 104.79 -23.75
CA LYS H 639 58.57 104.05 -25.03
C LYS H 639 59.88 103.29 -25.04
N GLY H 640 59.84 101.96 -25.15
CA GLY H 640 61.04 101.10 -25.27
C GLY H 640 61.37 100.37 -23.98
N SER H 641 60.96 100.93 -22.83
CA SER H 641 61.18 100.29 -21.49
C SER H 641 60.55 98.91 -21.46
N THR H 642 61.02 98.09 -20.52
CA THR H 642 60.43 96.77 -20.20
C THR H 642 60.30 96.64 -18.67
N PHE H 643 59.84 95.48 -18.22
CA PHE H 643 59.83 95.05 -16.80
C PHE H 643 59.51 93.57 -16.79
N GLY H 644 59.45 92.93 -15.63
CA GLY H 644 59.13 91.49 -15.59
C GLY H 644 58.04 91.19 -14.61
N ILE H 645 57.89 89.91 -14.26
CA ILE H 645 56.76 89.36 -13.47
C ILE H 645 57.29 88.19 -12.62
N ASN H 646 57.02 88.25 -11.31
CA ASN H 646 57.29 87.18 -10.33
C ASN H 646 55.99 86.42 -10.16
N LEU H 647 56.03 85.09 -10.17
CA LEU H 647 54.87 84.20 -9.93
C LEU H 647 55.32 83.15 -8.92
N ILE H 648 54.60 83.04 -7.83
CA ILE H 648 54.97 82.14 -6.72
C ILE H 648 54.59 80.73 -7.14
N TYR H 649 55.55 79.79 -7.16
CA TYR H 649 55.41 78.44 -7.75
C TYR H 649 54.52 77.56 -6.88
N VAL H 650 54.54 77.86 -5.59
CA VAL H 650 53.81 77.12 -4.53
C VAL H 650 52.37 77.63 -4.41
N ASN H 651 51.88 78.41 -5.39
CA ASN H 651 50.50 78.99 -5.45
C ASN H 651 49.91 78.57 -6.78
N PRO H 652 49.26 77.38 -6.84
CA PRO H 652 48.86 76.78 -8.11
C PRO H 652 47.81 77.60 -8.85
N PHE H 653 47.08 78.43 -8.12
CA PHE H 653 46.00 79.27 -8.67
C PHE H 653 46.61 80.41 -9.49
N MET H 654 47.56 81.14 -8.93
CA MET H 654 48.24 82.26 -9.66
C MET H 654 48.92 81.75 -10.94
N LEU H 655 49.53 80.58 -10.90
CA LEU H 655 50.09 79.89 -12.10
C LEU H 655 48.99 79.59 -13.11
N GLN H 656 47.79 79.24 -12.67
CA GLN H 656 46.72 78.79 -13.58
C GLN H 656 46.17 79.98 -14.38
N TRP H 657 46.06 81.17 -13.79
CA TRP H 657 45.53 82.36 -14.51
C TRP H 657 46.66 83.20 -15.10
N GLY H 658 47.88 83.10 -14.54
CA GLY H 658 48.96 84.08 -14.75
C GLY H 658 49.86 83.67 -15.90
N ILE H 659 50.18 82.39 -16.03
CA ILE H 659 50.93 81.89 -17.21
C ILE H 659 50.14 82.21 -18.47
N PRO H 660 48.87 81.76 -18.63
CA PRO H 660 48.04 82.18 -19.77
C PRO H 660 47.96 83.68 -20.03
N LEU H 661 47.96 84.49 -18.96
CA LEU H 661 47.89 85.98 -19.04
C LEU H 661 49.16 86.54 -19.69
N ILE H 662 50.31 85.91 -19.45
CA ILE H 662 51.61 86.40 -20.01
C ILE H 662 51.58 86.06 -21.49
N LYS H 663 51.42 84.77 -21.78
CA LYS H 663 51.29 84.23 -23.16
C LYS H 663 50.36 85.12 -23.99
N GLU H 664 49.26 85.60 -23.41
CA GLU H 664 48.28 86.47 -24.09
C GLU H 664 48.89 87.86 -24.34
N LEU H 665 49.37 88.51 -23.29
CA LEU H 665 49.90 89.89 -23.32
C LEU H 665 51.19 89.94 -24.12
N ARG H 666 51.94 88.84 -24.15
CA ARG H 666 53.24 88.74 -24.85
C ARG H 666 52.96 88.53 -26.35
N SER H 667 51.88 87.86 -26.71
CA SER H 667 51.37 87.71 -28.11
C SER H 667 50.74 89.02 -28.62
N LYS H 668 50.37 89.98 -27.77
CA LYS H 668 49.91 91.33 -28.20
C LYS H 668 51.07 92.32 -28.18
N GLY H 669 52.27 91.83 -27.85
CA GLY H 669 53.51 92.61 -27.74
C GLY H 669 53.53 93.57 -26.58
N TYR H 670 53.09 93.16 -25.38
CA TYR H 670 53.30 93.96 -24.13
C TYR H 670 54.78 93.86 -23.77
N PRO H 671 55.39 94.92 -23.22
CA PRO H 671 56.82 94.93 -22.92
C PRO H 671 57.21 94.15 -21.66
N ILE H 672 56.97 92.85 -21.65
CA ILE H 672 57.30 91.94 -20.53
C ILE H 672 58.56 91.20 -20.95
N GLN H 673 59.70 91.65 -20.45
CA GLN H 673 61.03 91.18 -20.88
C GLN H 673 61.27 89.77 -20.34
N PHE H 674 60.76 89.44 -19.17
CA PHE H 674 61.09 88.17 -18.48
C PHE H 674 60.09 87.81 -17.38
N LEU H 675 60.20 86.59 -16.91
CA LEU H 675 59.31 86.00 -15.89
C LEU H 675 60.21 85.26 -14.92
N THR H 676 60.23 85.71 -13.67
CA THR H 676 60.89 85.02 -12.56
C THR H 676 59.88 84.13 -11.87
N ILE H 677 60.14 82.83 -11.78
CA ILE H 677 59.32 81.93 -10.94
C ILE H 677 59.99 81.80 -9.57
N GLY H 678 59.37 82.42 -8.56
CA GLY H 678 59.77 82.38 -7.15
C GLY H 678 59.23 81.17 -6.41
N ALA H 679 59.74 80.93 -5.20
CA ALA H 679 59.22 79.98 -4.19
C ALA H 679 59.35 78.53 -4.64
N GLY H 680 60.22 78.23 -5.62
CA GLY H 680 60.32 76.89 -6.21
C GLY H 680 61.03 76.94 -7.54
N VAL H 681 61.41 75.78 -8.06
CA VAL H 681 61.88 75.59 -9.46
C VAL H 681 60.94 74.61 -10.15
N PRO H 682 60.33 74.98 -11.28
CA PRO H 682 59.44 74.06 -12.01
C PRO H 682 60.15 72.79 -12.48
N SER H 683 59.38 71.79 -12.90
CA SER H 683 59.89 70.53 -13.49
C SER H 683 60.39 70.82 -14.92
N LEU H 684 61.15 69.91 -15.53
CA LEU H 684 61.65 70.11 -16.91
C LEU H 684 60.46 70.33 -17.85
N GLU H 685 59.43 69.49 -17.77
CA GLU H 685 58.31 69.50 -18.75
C GLU H 685 57.54 70.82 -18.61
N VAL H 686 57.37 71.34 -17.40
CA VAL H 686 56.71 72.67 -17.18
C VAL H 686 57.61 73.74 -17.80
N ALA H 687 58.80 73.96 -17.22
CA ALA H 687 59.79 75.00 -17.60
C ALA H 687 59.96 75.05 -19.12
N SER H 688 60.02 73.88 -19.77
CA SER H 688 60.02 73.70 -21.24
C SER H 688 58.85 74.45 -21.87
N GLU H 689 57.66 74.39 -21.29
CA GLU H 689 56.44 75.10 -21.79
C GLU H 689 56.57 76.61 -21.56
N TYR H 690 57.14 77.06 -20.44
CA TYR H 690 57.41 78.50 -20.18
C TYR H 690 58.43 79.02 -21.19
N ILE H 691 59.45 78.21 -21.47
CA ILE H 691 60.63 78.62 -22.30
C ILE H 691 60.22 78.77 -23.77
N GLU H 692 59.35 77.90 -24.27
CA GLU H 692 58.96 77.84 -25.70
C GLU H 692 57.75 78.74 -25.97
N THR H 693 56.76 78.74 -25.08
CA THR H 693 55.34 79.14 -25.37
C THR H 693 55.08 80.63 -25.10
N LEU H 694 55.68 81.19 -24.04
CA LEU H 694 55.63 82.63 -23.68
C LEU H 694 56.82 83.27 -24.38
N GLY H 695 56.61 84.29 -25.19
CA GLY H 695 57.71 84.86 -26.00
C GLY H 695 58.60 85.71 -25.14
N LEU H 696 59.38 85.08 -24.26
CA LEU H 696 60.17 85.81 -23.24
C LEU H 696 61.63 85.87 -23.68
N LYS H 697 62.34 86.90 -23.22
CA LYS H 697 63.78 87.07 -23.46
C LYS H 697 64.56 86.12 -22.54
N TYR H 698 64.20 86.04 -21.26
CA TYR H 698 64.84 85.12 -20.28
C TYR H 698 63.91 84.69 -19.16
N LEU H 699 64.19 83.55 -18.54
CA LEU H 699 63.45 83.00 -17.39
C LEU H 699 64.30 83.13 -16.14
N GLY H 700 63.80 83.78 -15.09
CA GLY H 700 64.38 83.81 -13.74
C GLY H 700 64.01 82.57 -12.94
N LEU H 701 64.96 81.97 -12.24
CA LEU H 701 64.68 80.85 -11.34
C LEU H 701 65.41 81.06 -10.02
N LYS H 702 64.72 80.91 -8.88
CA LYS H 702 65.28 81.12 -7.52
C LYS H 702 65.35 79.78 -6.80
N PRO H 703 66.42 78.99 -6.97
CA PRO H 703 66.57 77.75 -6.21
C PRO H 703 67.02 78.02 -4.78
N GLY H 704 66.51 77.23 -3.83
CA GLY H 704 66.80 77.39 -2.40
C GLY H 704 68.08 76.68 -2.03
N SER H 705 68.21 75.45 -2.51
CA SER H 705 69.17 74.41 -2.05
C SER H 705 70.09 74.03 -3.22
N ILE H 706 71.00 73.07 -2.99
CA ILE H 706 71.86 72.43 -4.04
C ILE H 706 70.97 71.65 -5.02
N ASP H 707 70.01 70.86 -4.53
CA ASP H 707 69.17 69.97 -5.37
C ASP H 707 68.39 70.80 -6.38
N ALA H 708 68.02 72.02 -6.00
CA ALA H 708 67.29 72.98 -6.86
C ALA H 708 68.24 73.60 -7.90
N ILE H 709 69.46 73.96 -7.51
CA ILE H 709 70.50 74.46 -8.46
C ILE H 709 70.71 73.40 -9.52
N SER H 710 70.82 72.13 -9.13
CA SER H 710 70.90 70.96 -10.05
C SER H 710 69.70 70.94 -11.01
N GLN H 711 68.49 71.24 -10.52
CA GLN H 711 67.25 71.25 -11.34
C GLN H 711 67.32 72.40 -12.35
N VAL H 712 67.91 73.55 -12.00
CA VAL H 712 68.07 74.71 -12.93
C VAL H 712 69.04 74.34 -14.06
N ILE H 713 70.26 73.94 -13.73
CA ILE H 713 71.27 73.36 -14.68
C ILE H 713 70.59 72.42 -15.69
N ASN H 714 69.78 71.48 -15.24
CA ASN H 714 69.07 70.51 -16.11
C ASN H 714 68.10 71.23 -17.08
N ILE H 715 67.50 72.35 -16.68
CA ILE H 715 66.57 73.15 -17.53
C ILE H 715 67.38 73.93 -18.58
N ALA H 716 68.53 74.48 -18.21
CA ALA H 716 69.46 75.21 -19.10
C ALA H 716 70.21 74.25 -20.04
N LYS H 717 70.26 72.96 -19.73
CA LYS H 717 70.87 71.92 -20.60
C LYS H 717 69.87 71.61 -21.72
N ALA H 718 68.60 71.48 -21.33
CA ALA H 718 67.44 71.17 -22.19
C ALA H 718 67.19 72.27 -23.22
N HIS H 719 67.56 73.52 -22.92
CA HIS H 719 67.33 74.71 -23.79
C HIS H 719 68.59 75.55 -23.84
N PRO H 720 69.63 75.06 -24.55
CA PRO H 720 70.96 75.60 -24.40
C PRO H 720 71.13 77.01 -24.96
N ASN H 721 70.19 77.48 -25.78
CA ASN H 721 70.25 78.85 -26.37
C ASN H 721 69.48 79.84 -25.52
N PHE H 722 68.47 79.37 -24.78
CA PHE H 722 67.57 80.24 -23.99
C PHE H 722 68.30 80.75 -22.75
N PRO H 723 68.38 82.08 -22.53
CA PRO H 723 68.99 82.61 -21.32
C PRO H 723 68.18 82.32 -20.04
N ILE H 724 68.88 82.10 -18.93
CA ILE H 724 68.27 81.60 -17.67
C ILE H 724 68.94 82.29 -16.49
N ALA H 725 68.31 83.29 -15.87
CA ALA H 725 68.88 84.06 -14.74
C ALA H 725 68.70 83.24 -13.47
N LEU H 726 69.79 82.75 -12.90
CA LEU H 726 69.75 81.85 -11.74
C LEU H 726 69.95 82.78 -10.56
N GLN H 727 68.86 83.12 -9.85
CA GLN H 727 68.88 84.14 -8.77
C GLN H 727 69.14 83.37 -7.50
N TRP H 728 70.40 83.29 -7.11
CA TRP H 728 70.85 82.60 -5.90
C TRP H 728 70.71 83.56 -4.72
N THR H 729 70.15 83.03 -3.65
CA THR H 729 69.71 83.76 -2.46
C THR H 729 70.03 82.85 -1.29
N GLY H 730 70.62 83.38 -0.23
CA GLY H 730 70.82 82.59 1.00
C GLY H 730 69.71 82.84 2.02
N GLY H 731 69.62 81.95 3.01
CA GLY H 731 68.66 82.07 4.11
C GLY H 731 68.66 83.44 4.76
N ARG H 732 69.76 84.19 4.64
CA ARG H 732 69.92 85.49 5.33
C ARG H 732 69.07 86.57 4.67
N GLY H 733 68.30 86.21 3.65
CA GLY H 733 67.49 87.17 2.89
C GLY H 733 66.19 87.46 3.59
N GLY H 734 65.69 88.69 3.43
CA GLY H 734 64.35 89.11 3.90
C GLY H 734 63.25 88.36 3.18
N GLY H 735 62.10 88.19 3.84
CA GLY H 735 60.92 87.53 3.29
C GLY H 735 60.96 86.05 3.62
N HIS H 736 60.31 85.23 2.81
CA HIS H 736 60.38 83.75 2.91
C HIS H 736 61.82 83.34 2.61
N HIS H 737 62.45 82.57 3.48
CA HIS H 737 63.87 82.20 3.31
C HIS H 737 64.14 80.71 3.57
N SER H 738 65.26 80.24 3.04
CA SER H 738 65.79 78.86 3.23
C SER H 738 66.59 78.80 4.52
N PHE H 739 67.10 77.62 4.82
CA PHE H 739 68.02 77.38 5.96
C PHE H 739 69.47 77.35 5.48
N GLU H 740 69.76 77.89 4.29
CA GLU H 740 71.04 77.70 3.58
C GLU H 740 71.97 78.89 3.81
N ASP H 741 73.28 78.60 3.88
CA ASP H 741 74.38 79.59 3.82
C ASP H 741 74.42 80.23 2.44
N ALA H 742 74.85 81.47 2.33
CA ALA H 742 74.95 82.21 1.04
C ALA H 742 76.13 81.67 0.23
N HIS H 743 77.20 81.22 0.88
CA HIS H 743 78.50 80.94 0.21
C HIS H 743 78.64 79.46 -0.11
N THR H 744 78.60 78.60 0.89
CA THR H 744 78.85 77.14 0.78
C THR H 744 78.21 76.54 -0.47
N PRO H 745 76.91 76.72 -0.75
CA PRO H 745 76.31 76.07 -1.92
C PRO H 745 76.82 76.63 -3.25
N MET H 746 77.26 77.89 -3.30
CA MET H 746 77.83 78.47 -4.54
C MET H 746 79.20 77.86 -4.80
N LEU H 747 80.04 77.73 -3.78
CA LEU H 747 81.38 77.12 -3.89
C LEU H 747 81.24 75.69 -4.41
N GLN H 748 80.21 74.96 -4.01
CA GLN H 748 80.01 73.54 -4.41
C GLN H 748 79.50 73.43 -5.86
N MET H 749 78.75 74.41 -6.37
CA MET H 749 77.97 74.31 -7.64
C MET H 749 78.45 75.29 -8.71
N TYR H 750 79.24 76.31 -8.37
CA TYR H 750 79.65 77.35 -9.34
C TYR H 750 80.25 76.71 -10.58
N SER H 751 81.26 75.86 -10.40
CA SER H 751 81.95 75.09 -11.47
C SER H 751 80.91 74.46 -12.41
N LYS H 752 79.93 73.74 -11.86
CA LYS H 752 78.89 73.04 -12.64
C LYS H 752 78.02 74.07 -13.37
N ILE H 753 77.71 75.20 -12.74
CA ILE H 753 76.81 76.24 -13.31
C ILE H 753 77.50 76.85 -14.53
N ARG H 754 78.77 77.24 -14.41
CA ARG H 754 79.53 77.94 -15.48
C ARG H 754 79.79 77.03 -16.71
N ARG H 755 79.59 75.71 -16.59
CA ARG H 755 79.63 74.76 -17.74
C ARG H 755 78.52 75.10 -18.76
N HIS H 756 77.51 75.86 -18.36
CA HIS H 756 76.34 76.22 -19.20
C HIS H 756 76.34 77.71 -19.47
N PRO H 757 76.71 78.19 -20.68
CA PRO H 757 76.90 79.62 -20.92
C PRO H 757 75.59 80.39 -20.92
N ASN H 758 74.45 79.72 -21.12
CA ASN H 758 73.12 80.39 -21.13
C ASN H 758 72.69 80.74 -19.70
N ILE H 759 73.27 80.15 -18.66
CA ILE H 759 72.98 80.53 -17.25
C ILE H 759 73.75 81.81 -16.89
N MET H 760 73.01 82.87 -16.62
CA MET H 760 73.53 84.16 -16.11
C MET H 760 73.27 84.15 -14.61
N LEU H 761 74.31 84.26 -13.81
CA LEU H 761 74.33 83.88 -12.38
C LEU H 761 74.28 85.15 -11.50
N ILE H 762 73.15 85.35 -10.81
CA ILE H 762 72.84 86.58 -10.05
C ILE H 762 72.82 86.28 -8.56
N PHE H 763 73.62 87.01 -7.79
CA PHE H 763 73.76 86.86 -6.32
C PHE H 763 72.89 87.92 -5.63
N GLY H 764 72.03 87.49 -4.73
CA GLY H 764 71.35 88.39 -3.79
C GLY H 764 71.33 87.84 -2.40
N SER H 765 70.77 88.65 -1.49
CA SER H 765 70.60 88.39 -0.04
C SER H 765 71.73 89.11 0.69
N GLY H 766 71.41 90.22 1.35
CA GLY H 766 72.29 90.90 2.29
C GLY H 766 73.22 91.82 1.57
N PHE H 767 72.69 92.65 0.67
CA PHE H 767 73.46 93.67 -0.07
C PHE H 767 72.80 95.02 0.06
N GLY H 768 73.59 96.08 0.03
CA GLY H 768 73.10 97.45 0.25
C GLY H 768 73.93 98.53 -0.43
N SER H 769 75.22 98.27 -0.65
CA SER H 769 76.16 99.25 -1.26
C SER H 769 77.05 98.52 -2.27
N ALA H 770 77.86 99.28 -2.99
CA ALA H 770 78.92 98.77 -3.90
C ALA H 770 79.93 97.96 -3.09
N ASP H 771 80.21 98.40 -1.87
CA ASP H 771 81.40 98.02 -1.08
C ASP H 771 81.30 96.54 -0.69
N ASP H 772 80.13 96.10 -0.25
CA ASP H 772 79.88 94.70 0.19
C ASP H 772 79.60 93.81 -1.03
N THR H 773 79.19 94.42 -2.14
CA THR H 773 78.75 93.68 -3.36
C THR H 773 79.89 93.65 -4.38
N TYR H 774 80.97 94.45 -4.21
CA TYR H 774 82.14 94.49 -5.13
C TYR H 774 82.96 93.20 -5.08
N PRO H 775 83.26 92.61 -3.91
CA PRO H 775 83.94 91.32 -3.89
C PRO H 775 83.28 90.21 -4.70
N TYR H 776 81.98 90.30 -5.00
CA TYR H 776 81.22 89.26 -5.76
C TYR H 776 81.30 89.58 -7.25
N LEU H 777 81.44 90.86 -7.60
CA LEU H 777 81.60 91.28 -9.01
C LEU H 777 82.95 90.79 -9.51
N THR H 778 83.97 90.95 -8.67
CA THR H 778 85.42 90.78 -9.01
C THR H 778 85.83 89.33 -8.89
N GLY H 779 85.08 88.50 -8.16
CA GLY H 779 85.40 87.08 -7.94
C GLY H 779 86.16 86.84 -6.64
N GLU H 780 86.67 87.89 -5.98
CA GLU H 780 87.63 87.79 -4.85
C GLU H 780 86.93 87.29 -3.56
N TRP H 781 85.60 87.34 -3.47
CA TRP H 781 84.87 86.77 -2.30
C TRP H 781 85.31 85.33 -2.02
N SER H 782 85.52 84.52 -3.05
CA SER H 782 85.76 83.06 -2.94
C SER H 782 87.22 82.77 -2.59
N THR H 783 88.09 83.78 -2.67
CA THR H 783 89.50 83.71 -2.24
C THR H 783 89.55 83.46 -0.72
N LYS H 784 88.71 84.15 0.06
CA LYS H 784 88.60 84.03 1.55
C LYS H 784 88.44 82.58 2.01
N PHE H 785 87.85 81.71 1.18
CA PHE H 785 87.57 80.29 1.51
C PHE H 785 88.57 79.36 0.82
N ASP H 786 89.70 79.89 0.33
CA ASP H 786 90.80 79.11 -0.34
C ASP H 786 90.31 78.46 -1.64
N TYR H 787 89.34 79.06 -2.33
CA TYR H 787 88.95 78.68 -3.71
C TYR H 787 89.56 79.69 -4.68
N PRO H 788 89.58 79.40 -5.99
CA PRO H 788 90.01 80.39 -6.98
C PRO H 788 88.92 81.42 -7.18
N PRO H 789 89.22 82.59 -7.76
CA PRO H 789 88.20 83.60 -8.02
C PRO H 789 87.01 83.07 -8.85
N MET H 790 85.83 83.64 -8.60
CA MET H 790 84.51 82.99 -8.89
C MET H 790 83.46 84.08 -9.09
N PRO H 791 83.56 84.92 -10.14
CA PRO H 791 82.75 86.13 -10.21
C PRO H 791 81.32 85.94 -10.74
N PHE H 792 80.44 86.83 -10.31
CA PHE H 792 78.97 86.81 -10.47
C PHE H 792 78.56 87.88 -11.49
N ASP H 793 77.50 87.60 -12.25
CA ASP H 793 77.07 88.43 -13.41
C ASP H 793 76.12 89.55 -13.02
N GLY H 794 75.66 89.63 -11.76
CA GLY H 794 74.86 90.78 -11.26
C GLY H 794 74.19 90.46 -9.94
N PHE H 795 73.47 91.43 -9.38
CA PHE H 795 72.99 91.41 -7.98
C PHE H 795 71.52 91.74 -7.90
N LEU H 796 70.86 91.29 -6.82
CA LEU H 796 69.48 91.73 -6.48
C LEU H 796 69.42 92.24 -5.05
N PHE H 797 68.68 93.33 -4.89
CA PHE H 797 68.50 94.13 -3.65
C PHE H 797 67.02 94.21 -3.34
N GLY H 798 66.52 93.37 -2.45
CA GLY H 798 65.13 93.47 -1.95
C GLY H 798 65.03 94.41 -0.79
N SER H 799 65.30 93.88 0.42
CA SER H 799 65.33 94.56 1.73
C SER H 799 65.86 95.99 1.60
N ARG H 800 66.95 96.19 0.86
CA ARG H 800 67.62 97.50 0.71
C ARG H 800 66.64 98.61 0.36
N VAL H 801 65.62 98.29 -0.44
CA VAL H 801 64.97 99.25 -1.37
C VAL H 801 63.57 99.55 -0.83
N MET H 802 63.28 99.06 0.39
CA MET H 802 61.94 99.07 1.04
C MET H 802 61.64 100.44 1.67
N ILE H 803 62.61 101.35 1.71
CA ILE H 803 62.44 102.69 2.33
C ILE H 803 62.61 103.75 1.27
N ALA H 804 62.79 103.37 0.01
CA ALA H 804 62.92 104.33 -1.10
C ALA H 804 61.72 105.29 -1.08
N LYS H 805 61.95 106.54 -1.50
CA LYS H 805 60.95 107.65 -1.60
C LYS H 805 59.59 107.14 -2.12
N GLU H 806 59.58 106.28 -3.14
CA GLU H 806 58.37 105.97 -3.95
C GLU H 806 58.02 104.49 -3.89
N VAL H 807 58.12 103.87 -2.72
CA VAL H 807 57.35 102.65 -2.37
C VAL H 807 56.17 103.08 -1.50
N LYS H 808 55.28 102.14 -1.22
CA LYS H 808 53.97 102.41 -0.59
C LYS H 808 53.98 102.02 0.89
N THR H 809 55.02 101.31 1.35
CA THR H 809 55.36 101.10 2.79
C THR H 809 55.03 102.38 3.58
N SER H 810 54.12 102.30 4.55
CA SER H 810 53.57 103.46 5.29
C SER H 810 54.70 104.14 6.05
N PRO H 811 54.70 105.49 6.16
CA PRO H 811 55.81 106.20 6.79
C PRO H 811 56.30 105.60 8.12
N ASP H 812 55.38 105.23 9.02
CA ASP H 812 55.69 104.68 10.37
C ASP H 812 56.48 103.38 10.24
N ALA H 813 56.20 102.60 9.19
CA ALA H 813 56.84 101.29 8.91
C ALA H 813 58.28 101.51 8.45
N LYS H 814 58.49 102.50 7.59
CA LYS H 814 59.84 102.95 7.13
C LYS H 814 60.68 103.35 8.35
N LYS H 815 60.14 104.17 9.26
CA LYS H 815 60.81 104.55 10.55
C LYS H 815 61.22 103.28 11.31
N CYS H 816 60.30 102.34 11.40
CA CYS H 816 60.49 101.01 12.03
C CYS H 816 61.61 100.23 11.32
N ILE H 817 61.71 100.30 9.98
CA ILE H 817 62.78 99.64 9.17
C ILE H 817 64.12 100.32 9.42
N ALA H 818 64.17 101.64 9.37
CA ALA H 818 65.39 102.46 9.58
C ALA H 818 65.97 102.21 10.98
N ALA H 819 65.13 101.83 11.95
CA ALA H 819 65.49 101.60 13.37
C ALA H 819 66.20 100.24 13.54
N CYS H 820 65.80 99.21 12.80
CA CYS H 820 66.45 97.87 12.79
C CYS H 820 67.93 98.06 12.46
N THR H 821 68.80 97.76 13.43
CA THR H 821 70.26 97.97 13.32
C THR H 821 70.79 96.93 12.32
N GLY H 822 70.24 95.74 12.42
CA GLY H 822 70.73 94.55 11.69
C GLY H 822 71.95 93.97 12.35
N VAL H 823 72.64 93.11 11.61
CA VAL H 823 73.70 92.21 12.15
C VAL H 823 74.49 91.70 10.95
N PRO H 824 75.82 91.48 11.01
CA PRO H 824 76.55 90.92 9.87
C PRO H 824 76.21 89.44 9.58
N ASP H 825 76.73 88.88 8.48
CA ASP H 825 76.40 87.50 8.01
C ASP H 825 76.81 86.45 9.05
N ASP H 826 77.83 86.70 9.88
CA ASP H 826 78.31 85.71 10.90
C ASP H 826 77.18 85.32 11.84
N LYS H 827 76.25 86.24 12.15
CA LYS H 827 75.31 86.14 13.30
C LYS H 827 73.84 85.97 12.87
N TRP H 828 73.52 86.11 11.58
CA TRP H 828 72.12 86.23 11.11
C TRP H 828 71.27 85.04 11.57
N GLU H 829 71.83 83.86 11.81
CA GLU H 829 71.02 82.66 12.13
C GLU H 829 70.48 82.77 13.56
N GLN H 830 70.91 83.77 14.33
CA GLN H 830 70.35 84.00 15.67
C GLN H 830 68.83 84.21 15.54
N THR H 831 68.36 84.73 14.40
CA THR H 831 66.94 85.10 14.13
C THR H 831 65.98 83.95 14.40
N TYR H 832 66.39 82.72 14.28
CA TYR H 832 65.54 81.53 14.54
C TYR H 832 65.20 81.42 16.03
N LYS H 833 65.94 82.09 16.93
CA LYS H 833 65.75 82.04 18.40
C LYS H 833 65.07 83.31 18.92
N LYS H 834 65.62 84.48 18.62
CA LYS H 834 65.29 85.75 19.29
C LYS H 834 65.60 86.95 18.42
N PRO H 835 64.95 88.11 18.67
CA PRO H 835 65.19 89.32 17.89
C PRO H 835 66.67 89.70 17.75
N THR H 836 67.14 89.70 16.51
CA THR H 836 68.57 89.82 16.13
C THR H 836 68.70 90.97 15.14
N GLY H 837 69.13 92.14 15.61
CA GLY H 837 69.17 93.36 14.77
C GLY H 837 67.79 93.95 14.57
N GLY H 838 66.84 93.61 15.44
CA GLY H 838 65.43 94.05 15.35
C GLY H 838 64.59 93.16 14.43
N ILE H 839 64.97 91.88 14.25
CA ILE H 839 64.40 90.97 13.20
C ILE H 839 64.34 89.53 13.72
N VAL H 840 63.24 88.82 13.45
CA VAL H 840 63.09 87.39 13.84
C VAL H 840 62.60 86.60 12.64
N THR H 841 62.74 85.28 12.72
CA THR H 841 62.04 84.35 11.82
C THR H 841 60.81 83.80 12.54
N VAL H 842 59.70 83.74 11.81
CA VAL H 842 58.43 83.11 12.21
C VAL H 842 58.01 82.19 11.07
N ARG H 843 57.31 81.11 11.37
CA ARG H 843 56.85 80.13 10.37
C ARG H 843 55.58 80.68 9.71
N SER H 844 55.37 80.43 8.41
CA SER H 844 54.10 80.70 7.68
C SER H 844 53.07 79.66 8.10
N GLU H 845 51.88 79.67 7.50
CA GLU H 845 50.87 78.60 7.75
C GLU H 845 51.41 77.24 7.25
N MET H 846 52.38 77.25 6.34
CA MET H 846 52.99 76.05 5.70
C MET H 846 54.18 75.51 6.52
N GLY H 847 54.83 76.37 7.31
CA GLY H 847 56.06 76.03 8.06
C GLY H 847 57.31 76.58 7.41
N GLU H 848 57.17 77.36 6.33
CA GLU H 848 58.29 78.05 5.66
C GLU H 848 58.73 79.17 6.61
N PRO H 849 60.03 79.38 6.84
CA PRO H 849 60.48 80.57 7.55
C PRO H 849 60.11 81.86 6.84
N ILE H 850 59.89 82.94 7.58
CA ILE H 850 59.81 84.34 7.04
C ILE H 850 60.63 85.21 7.97
N HIS H 851 61.42 86.11 7.41
CA HIS H 851 62.22 87.11 8.14
C HIS H 851 61.36 88.37 8.22
N LYS H 852 60.92 88.72 9.42
CA LYS H 852 60.05 89.88 9.72
C LYS H 852 60.73 90.71 10.80
N ILE H 853 60.58 92.03 10.74
CA ILE H 853 60.89 92.96 11.87
C ILE H 853 60.11 92.49 13.07
N ALA H 854 60.73 92.50 14.24
CA ALA H 854 60.17 91.98 15.51
C ALA H 854 59.39 93.09 16.23
N THR H 855 58.29 93.48 15.60
CA THR H 855 57.14 94.25 16.13
C THR H 855 56.44 93.42 17.22
N ARG H 856 55.57 94.06 18.02
CA ARG H 856 54.77 93.36 19.07
C ARG H 856 53.98 92.23 18.39
N GLY H 857 53.34 92.57 17.26
CA GLY H 857 52.57 91.66 16.42
C GLY H 857 53.33 90.37 16.15
N VAL H 858 54.54 90.52 15.66
CA VAL H 858 55.34 89.37 15.18
C VAL H 858 55.85 88.60 16.40
N MET H 859 56.21 89.29 17.47
CA MET H 859 56.60 88.59 18.72
C MET H 859 55.43 87.72 19.20
N LEU H 860 54.19 88.21 19.08
CA LEU H 860 53.00 87.40 19.44
C LEU H 860 52.88 86.18 18.51
N TRP H 861 53.01 86.40 17.21
CA TRP H 861 53.08 85.31 16.19
C TRP H 861 54.14 84.28 16.60
N LYS H 862 55.35 84.73 16.93
CA LYS H 862 56.49 83.88 17.36
C LYS H 862 56.13 83.07 18.62
N GLU H 863 55.46 83.71 19.60
CA GLU H 863 55.02 83.06 20.86
C GLU H 863 54.06 81.92 20.53
N PHE H 864 53.10 82.15 19.64
CA PHE H 864 52.05 81.17 19.27
C PHE H 864 52.63 80.02 18.42
N ASP H 865 53.75 80.23 17.73
CA ASP H 865 54.46 79.15 16.98
C ASP H 865 55.14 78.18 17.98
N GLU H 866 55.67 78.72 19.09
CA GLU H 866 56.42 77.96 20.12
C GLU H 866 55.47 77.26 21.10
N THR H 867 54.18 77.61 21.12
CA THR H 867 53.22 77.23 22.19
C THR H 867 52.00 76.48 21.65
N ILE H 868 51.34 77.00 20.61
CA ILE H 868 49.99 76.56 20.15
C ILE H 868 50.10 75.80 18.82
N PHE H 869 50.78 76.36 17.83
CA PHE H 869 50.79 75.83 16.45
C PHE H 869 51.76 74.65 16.28
N ASN H 870 52.71 74.46 17.20
CA ASN H 870 53.62 73.29 17.20
C ASN H 870 52.97 72.07 17.89
N LEU H 871 51.82 72.23 18.55
CA LEU H 871 51.10 71.11 19.21
C LEU H 871 50.57 70.14 18.16
N PRO H 872 50.37 68.84 18.51
CA PRO H 872 49.59 67.94 17.66
C PRO H 872 48.09 68.29 17.73
N LYS H 873 47.31 67.88 16.73
CA LYS H 873 45.90 68.29 16.53
C LYS H 873 45.05 67.99 17.79
N ASN H 874 45.26 66.84 18.44
CA ASN H 874 44.45 66.38 19.59
C ASN H 874 44.68 67.25 20.84
N LYS H 875 45.82 67.97 20.95
CA LYS H 875 46.12 68.92 22.06
C LYS H 875 45.69 70.35 21.73
N LEU H 876 45.33 70.65 20.47
CA LEU H 876 45.20 72.03 19.91
C LEU H 876 43.96 72.71 20.50
N VAL H 877 42.79 72.07 20.36
CA VAL H 877 41.48 72.62 20.83
C VAL H 877 41.44 72.70 22.36
N PRO H 878 41.81 71.64 23.12
CA PRO H 878 41.94 71.74 24.57
C PRO H 878 42.77 72.92 25.09
N THR H 879 43.87 73.23 24.41
CA THR H 879 44.84 74.29 24.78
C THR H 879 44.24 75.67 24.52
N LEU H 880 43.40 75.77 23.49
CA LEU H 880 42.77 77.05 23.09
C LEU H 880 41.68 77.42 24.11
N GLU H 881 40.93 76.44 24.60
CA GLU H 881 39.91 76.66 25.68
C GLU H 881 40.62 77.20 26.94
N ALA H 882 41.72 76.54 27.33
CA ALA H 882 42.51 76.87 28.54
C ALA H 882 43.09 78.29 28.43
N LYS H 883 43.74 78.60 27.30
CA LYS H 883 44.49 79.87 27.12
C LYS H 883 43.60 80.95 26.52
N ARG H 884 42.31 80.67 26.32
CA ARG H 884 41.32 81.55 25.63
C ARG H 884 41.46 83.02 26.05
N ASP H 885 41.39 83.33 27.34
CA ASP H 885 41.32 84.74 27.79
C ASP H 885 42.68 85.40 27.57
N TYR H 886 43.76 84.61 27.71
CA TYR H 886 45.14 85.06 27.37
C TYR H 886 45.19 85.41 25.89
N ILE H 887 44.90 84.44 25.02
CA ILE H 887 44.91 84.59 23.53
C ILE H 887 44.14 85.85 23.11
N ILE H 888 42.97 86.13 23.69
CA ILE H 888 42.11 87.27 23.29
C ILE H 888 42.75 88.59 23.78
N SER H 889 43.25 88.65 25.00
CA SER H 889 43.95 89.84 25.53
C SER H 889 45.03 90.27 24.52
N ARG H 890 45.78 89.27 24.01
CA ARG H 890 47.00 89.43 23.19
C ARG H 890 46.66 89.79 21.74
N LEU H 891 45.69 89.13 21.13
CA LEU H 891 45.13 89.54 19.82
C LEU H 891 44.71 91.01 19.87
N ASN H 892 44.02 91.46 20.93
CA ASN H 892 43.42 92.81 20.96
C ASN H 892 44.51 93.86 21.22
N ALA H 893 45.53 93.50 21.98
CA ALA H 893 46.63 94.39 22.46
C ALA H 893 47.63 94.64 21.35
N ASP H 894 48.00 93.57 20.63
CA ASP H 894 49.25 93.43 19.84
C ASP H 894 48.96 93.28 18.34
N PHE H 895 48.14 92.31 17.94
CA PHE H 895 48.14 91.73 16.57
C PHE H 895 47.31 92.56 15.59
N GLN H 896 47.62 92.43 14.29
CA GLN H 896 46.97 93.21 13.19
C GLN H 896 45.52 92.76 12.96
N LYS H 897 45.22 91.49 13.20
CA LYS H 897 43.85 90.94 13.25
C LYS H 897 43.36 90.87 14.70
N PRO H 898 42.51 91.80 15.18
CA PRO H 898 41.97 91.71 16.54
C PRO H 898 40.87 90.65 16.69
N TRP H 899 40.51 90.34 17.93
CA TRP H 899 39.40 89.40 18.28
C TRP H 899 38.11 90.09 17.92
N PHE H 900 37.29 89.43 17.10
CA PHE H 900 36.16 90.09 16.45
C PHE H 900 35.15 90.59 17.48
N ALA H 901 34.78 89.67 18.36
CA ALA H 901 33.72 89.82 19.37
C ALA H 901 34.27 90.49 20.63
N THR H 902 34.69 91.75 20.52
CA THR H 902 34.83 92.69 21.66
C THR H 902 33.92 93.88 21.41
N VAL H 903 33.08 94.22 22.37
CA VAL H 903 32.26 95.46 22.35
C VAL H 903 32.69 96.31 23.56
N ASN H 904 33.08 97.57 23.31
CA ASN H 904 33.61 98.56 24.30
C ASN H 904 34.73 97.91 25.13
N GLY H 905 35.69 97.27 24.46
CA GLY H 905 36.93 96.74 25.07
C GLY H 905 36.70 95.49 25.90
N GLN H 906 35.49 94.92 25.86
CA GLN H 906 35.07 93.80 26.74
C GLN H 906 34.95 92.54 25.87
N ALA H 907 35.83 91.57 26.09
CA ALA H 907 36.00 90.34 25.29
C ALA H 907 34.81 89.40 25.44
N ARG H 908 33.94 89.36 24.45
CA ARG H 908 32.77 88.46 24.42
C ARG H 908 33.13 87.17 23.68
N ASP H 909 32.10 86.43 23.26
CA ASP H 909 32.12 85.47 22.15
C ASP H 909 31.05 85.91 21.17
N LEU H 910 31.10 85.39 19.95
CA LEU H 910 30.22 85.77 18.82
C LEU H 910 28.78 85.36 19.10
N ALA H 911 28.58 84.33 19.93
CA ALA H 911 27.26 83.85 20.40
C ALA H 911 26.69 84.69 21.54
N THR H 912 27.47 85.61 22.12
CA THR H 912 27.06 86.51 23.23
C THR H 912 27.10 87.96 22.75
N MET H 913 26.91 88.17 21.46
CA MET H 913 26.90 89.50 20.79
C MET H 913 25.53 89.65 20.14
N THR H 914 24.92 90.83 20.18
CA THR H 914 23.62 91.07 19.53
C THR H 914 23.87 91.35 18.05
N TYR H 915 22.88 91.11 17.20
CA TYR H 915 22.96 91.40 15.75
C TYR H 915 23.42 92.86 15.55
N GLU H 916 22.98 93.81 16.37
CA GLU H 916 23.44 95.20 16.24
C GLU H 916 24.94 95.27 16.55
N GLU H 917 25.36 94.79 17.71
CA GLU H 917 26.77 94.80 18.17
C GLU H 917 27.70 94.23 17.08
N VAL H 918 27.19 93.39 16.18
CA VAL H 918 27.97 92.71 15.11
C VAL H 918 28.11 93.70 13.96
N ALA H 919 27.00 94.16 13.44
CA ALA H 919 26.92 95.20 12.39
C ALA H 919 27.82 96.39 12.71
N LYS H 920 27.75 96.90 13.94
CA LYS H 920 28.49 98.10 14.38
C LYS H 920 30.00 97.82 14.40
N ARG H 921 30.38 96.58 14.64
CA ARG H 921 31.78 96.14 14.81
C ARG H 921 32.37 95.80 13.45
N LEU H 922 31.57 95.27 12.52
CA LEU H 922 31.98 95.03 11.12
C LEU H 922 32.36 96.39 10.52
N VAL H 923 31.53 97.41 10.71
CA VAL H 923 31.81 98.80 10.25
C VAL H 923 33.09 99.33 10.92
N GLU H 924 33.33 99.05 12.19
CA GLU H 924 34.49 99.59 12.96
C GLU H 924 35.80 99.11 12.32
N LEU H 925 35.85 97.84 11.92
CA LEU H 925 37.07 97.15 11.48
C LEU H 925 37.26 97.17 9.96
N MET H 926 36.20 97.40 9.17
CA MET H 926 36.24 97.26 7.69
C MET H 926 36.03 98.59 6.97
N PHE H 927 35.49 99.61 7.63
CA PHE H 927 35.15 100.93 7.04
C PHE H 927 36.05 102.00 7.64
N ILE H 928 36.69 102.82 6.79
CA ILE H 928 37.76 103.75 7.20
C ILE H 928 37.14 105.12 7.31
N ARG H 929 37.21 105.76 8.48
CA ARG H 929 36.57 107.08 8.74
C ARG H 929 37.40 108.19 8.10
N SER H 930 38.74 108.07 8.12
CA SER H 930 39.68 109.07 7.54
C SER H 930 39.36 109.29 6.06
N THR H 931 39.30 108.22 5.26
CA THR H 931 39.03 108.26 3.78
C THR H 931 37.53 108.18 3.48
N ASN H 932 36.70 107.83 4.48
CA ASN H 932 35.21 107.73 4.39
C ASN H 932 34.82 106.73 3.28
N SER H 933 35.29 105.48 3.37
CA SER H 933 35.11 104.42 2.36
C SER H 933 35.39 103.03 2.93
N TRP H 934 34.82 102.01 2.31
CA TRP H 934 35.13 100.61 2.64
C TRP H 934 36.50 100.24 2.08
N PHE H 935 37.37 99.71 2.91
CA PHE H 935 38.76 99.38 2.51
C PHE H 935 38.77 98.48 1.27
N ASP H 936 37.89 97.49 1.22
CA ASP H 936 37.70 96.57 0.06
C ASP H 936 36.20 96.39 -0.20
N VAL H 937 35.79 96.43 -1.47
CA VAL H 937 34.34 96.30 -1.81
C VAL H 937 33.83 94.97 -1.28
N THR H 938 34.60 93.88 -1.37
CA THR H 938 34.15 92.52 -0.92
C THR H 938 33.77 92.55 0.57
N TRP H 939 34.42 93.39 1.36
CA TRP H 939 34.10 93.63 2.78
C TRP H 939 32.75 94.28 2.92
N ARG H 940 32.42 95.25 2.07
CA ARG H 940 31.09 95.92 2.03
C ARG H 940 30.01 94.88 1.70
N THR H 941 30.26 93.99 0.74
CA THR H 941 29.32 92.89 0.39
C THR H 941 29.12 91.95 1.58
N PHE H 942 30.19 91.67 2.34
CA PHE H 942 30.15 90.85 3.58
C PHE H 942 29.21 91.51 4.59
N THR H 943 29.34 92.80 4.91
CA THR H 943 28.44 93.46 5.89
C THR H 943 27.03 93.58 5.35
N GLY H 944 26.87 93.76 4.05
CA GLY H 944 25.56 93.96 3.44
C GLY H 944 24.78 92.68 3.49
N ASP H 945 25.44 91.56 3.21
CA ASP H 945 24.89 90.19 3.31
C ASP H 945 24.41 89.92 4.73
N PHE H 946 25.17 90.34 5.72
CA PHE H 946 24.85 90.19 7.16
C PHE H 946 23.59 90.99 7.48
N LEU H 947 23.49 92.28 7.11
CA LEU H 947 22.25 93.08 7.32
C LEU H 947 21.05 92.41 6.64
N ARG H 948 21.22 91.79 5.47
CA ARG H 948 20.12 91.09 4.78
C ARG H 948 19.70 89.86 5.58
N ARG H 949 20.64 89.19 6.25
CA ARG H 949 20.30 88.11 7.21
C ARG H 949 19.44 88.65 8.36
N VAL H 950 19.76 89.82 8.88
CA VAL H 950 19.01 90.38 10.02
C VAL H 950 17.57 90.55 9.57
N GLU H 951 17.34 91.08 8.38
CA GLU H 951 15.96 91.26 7.85
C GLU H 951 15.30 89.88 7.71
N GLU H 952 15.96 88.91 7.09
CA GLU H 952 15.42 87.54 6.91
C GLU H 952 15.02 86.92 8.26
N ARG H 953 15.88 87.00 9.27
CA ARG H 953 15.68 86.42 10.62
C ARG H 953 14.53 87.10 11.35
N PHE H 954 14.44 88.44 11.34
CA PHE H 954 13.49 89.16 12.22
C PHE H 954 12.22 89.63 11.51
N THR H 955 12.08 89.49 10.20
CA THR H 955 10.79 89.79 9.54
C THR H 955 9.86 88.59 9.73
N LYS H 956 8.57 88.88 9.86
CA LYS H 956 7.49 87.88 10.01
C LYS H 956 7.01 87.48 8.61
N SER H 957 6.94 88.46 7.71
CA SER H 957 6.31 88.37 6.38
C SER H 957 7.37 88.56 5.28
N LYS H 958 6.96 88.41 4.03
CA LYS H 958 7.82 88.50 2.83
C LYS H 958 7.81 89.95 2.35
N THR H 959 8.59 90.81 3.00
CA THR H 959 8.78 92.25 2.66
C THR H 959 9.87 92.36 1.57
N LEU H 960 10.25 93.59 1.25
CA LEU H 960 11.36 93.93 0.33
C LEU H 960 12.42 94.71 1.11
N SER H 961 13.68 94.48 0.75
CA SER H 961 14.87 94.83 1.57
C SER H 961 15.01 96.35 1.72
N LEU H 962 15.39 96.77 2.91
CA LEU H 962 15.77 98.16 3.26
C LEU H 962 17.10 98.51 2.58
N ILE H 963 18.01 97.55 2.52
CA ILE H 963 19.28 97.60 1.74
C ILE H 963 19.01 97.01 0.34
N GLN H 964 18.60 97.85 -0.63
CA GLN H 964 18.34 97.40 -2.03
C GLN H 964 19.66 97.22 -2.79
N SER H 965 20.52 98.24 -2.77
CA SER H 965 21.88 98.22 -3.34
C SER H 965 22.86 98.39 -2.19
N TYR H 966 23.97 97.65 -2.19
CA TYR H 966 25.05 97.78 -1.19
C TYR H 966 25.82 99.10 -1.42
N SER H 967 25.49 99.87 -2.46
CA SER H 967 25.88 101.30 -2.61
C SER H 967 25.43 102.11 -1.38
N LEU H 968 24.30 101.75 -0.79
CA LEU H 968 23.66 102.54 0.30
C LEU H 968 24.51 102.44 1.57
N LEU H 969 25.39 101.44 1.63
CA LEU H 969 26.29 101.22 2.79
C LEU H 969 27.40 102.28 2.85
N ASP H 970 27.53 103.17 1.86
CA ASP H 970 28.63 104.18 1.77
C ASP H 970 28.41 105.38 2.71
N LYS H 971 27.35 105.41 3.55
CA LYS H 971 27.22 106.28 4.77
C LYS H 971 26.76 105.42 5.95
N PRO H 972 27.58 104.42 6.34
CA PRO H 972 27.09 103.16 6.89
C PRO H 972 26.26 103.23 8.18
N ASP H 973 26.51 104.24 9.02
CA ASP H 973 25.79 104.38 10.32
C ASP H 973 24.30 104.55 10.02
N GLU H 974 23.97 105.31 8.97
CA GLU H 974 22.59 105.60 8.52
C GLU H 974 21.88 104.31 8.12
N ALA H 975 22.55 103.44 7.37
CA ALA H 975 22.04 102.15 6.85
C ALA H 975 21.88 101.12 7.97
N ILE H 976 22.71 101.18 9.02
CA ILE H 976 22.54 100.34 10.24
C ILE H 976 21.33 100.88 11.02
N GLU H 977 21.27 102.18 11.31
CA GLU H 977 20.07 102.79 11.97
C GLU H 977 18.81 102.31 11.26
N LYS H 978 18.79 102.43 9.94
CA LYS H 978 17.63 102.09 9.10
C LYS H 978 17.21 100.66 9.41
N VAL H 979 18.13 99.70 9.37
CA VAL H 979 17.81 98.24 9.46
C VAL H 979 17.33 97.89 10.87
N PHE H 980 18.01 98.41 11.90
CA PHE H 980 17.69 98.14 13.32
C PHE H 980 16.58 99.06 13.87
N ASN H 981 16.05 100.01 13.08
CA ASN H 981 14.80 100.72 13.44
C ASN H 981 13.61 99.83 13.05
N ALA H 982 13.69 99.20 11.88
CA ALA H 982 12.64 98.33 11.31
C ALA H 982 12.60 96.96 12.00
N TYR H 983 13.65 96.58 12.75
CA TYR H 983 13.78 95.27 13.41
C TYR H 983 14.45 95.43 14.77
N PRO H 984 13.78 96.10 15.75
CA PRO H 984 14.42 96.45 17.03
C PRO H 984 14.72 95.25 17.94
N ALA H 985 14.02 94.13 17.75
CA ALA H 985 14.31 92.83 18.40
C ALA H 985 15.82 92.57 18.31
N ALA H 986 16.35 92.76 17.10
CA ALA H 986 17.74 92.45 16.70
C ALA H 986 18.74 93.20 17.58
N ARG H 987 18.34 94.31 18.23
CA ARG H 987 19.24 95.03 19.18
C ARG H 987 19.36 94.25 20.50
N GLU H 988 18.40 93.38 20.80
CA GLU H 988 18.18 92.78 22.14
C GLU H 988 18.09 91.26 21.99
N GLN H 989 18.95 90.69 21.19
CA GLN H 989 18.96 89.23 20.95
C GLN H 989 20.36 88.82 20.52
N PHE H 990 20.96 87.87 21.21
CA PHE H 990 22.23 87.27 20.74
C PHE H 990 21.99 86.56 19.41
N LEU H 991 22.95 86.67 18.51
CA LEU H 991 23.06 85.86 17.28
C LEU H 991 22.48 84.46 17.51
N ASN H 992 21.50 84.09 16.71
CA ASN H 992 20.97 82.70 16.55
C ASN H 992 22.17 81.81 16.20
N ALA H 993 22.19 80.56 16.64
CA ALA H 993 23.32 79.62 16.42
C ALA H 993 23.51 79.29 14.93
N GLN H 994 22.45 79.38 14.13
CA GLN H 994 22.50 79.21 12.65
C GLN H 994 23.12 80.44 11.99
N ASP H 995 23.14 81.58 12.67
CA ASP H 995 23.64 82.86 12.13
C ASP H 995 25.09 83.00 12.53
N ILE H 996 25.53 82.34 13.58
CA ILE H 996 26.97 82.23 13.90
C ILE H 996 27.63 81.41 12.79
N ASP H 997 27.04 80.28 12.46
CA ASP H 997 27.57 79.37 11.43
C ASP H 997 27.65 80.10 10.09
N HIS H 998 26.57 80.74 9.65
CA HIS H 998 26.54 81.55 8.41
C HIS H 998 27.63 82.62 8.43
N PHE H 999 27.86 83.26 9.56
CA PHE H 999 28.86 84.36 9.68
C PHE H 999 30.26 83.80 9.47
N LEU H 1000 30.56 82.68 10.13
CA LEU H 1000 31.87 81.99 9.99
C LEU H 1000 31.99 81.34 8.61
N SER H 1001 30.88 81.01 7.92
CA SER H 1001 30.92 80.45 6.55
C SER H 1001 31.33 81.54 5.57
N MET H 1002 30.91 82.80 5.81
CA MET H 1002 31.29 83.98 5.00
C MET H 1002 32.75 84.34 5.25
N CYS H 1003 33.28 84.06 6.44
CA CYS H 1003 34.67 84.41 6.82
C CYS H 1003 35.67 83.50 6.07
N GLN H 1004 35.20 82.37 5.56
CA GLN H 1004 35.96 81.33 4.84
C GLN H 1004 35.77 81.48 3.31
N ASN H 1005 34.82 82.30 2.87
CA ASN H 1005 34.51 82.51 1.42
C ASN H 1005 35.79 82.88 0.69
N PRO H 1006 36.24 82.08 -0.30
CA PRO H 1006 37.53 82.34 -0.95
C PRO H 1006 37.56 83.46 -2.00
N MET H 1007 36.40 83.92 -2.49
CA MET H 1007 36.25 84.95 -3.55
C MET H 1007 36.00 86.33 -2.93
N GLN H 1008 36.85 86.70 -1.97
CA GLN H 1008 36.63 87.82 -1.01
C GLN H 1008 37.95 88.07 -0.32
N LYS H 1009 38.33 89.32 -0.08
CA LYS H 1009 39.55 89.62 0.71
C LYS H 1009 39.35 89.10 2.12
N PRO H 1010 40.31 88.38 2.74
CA PRO H 1010 40.10 87.89 4.09
C PRO H 1010 39.74 88.97 5.10
N VAL H 1011 38.87 88.60 6.03
CA VAL H 1011 38.32 89.53 7.05
C VAL H 1011 39.43 89.89 8.01
N PRO H 1012 39.58 91.18 8.37
CA PRO H 1012 40.68 91.63 9.19
C PRO H 1012 40.36 91.48 10.68
N PHE H 1013 40.15 90.24 11.11
CA PHE H 1013 39.81 89.87 12.51
C PHE H 1013 39.74 88.35 12.69
N VAL H 1014 40.05 87.89 13.90
CA VAL H 1014 39.90 86.46 14.27
C VAL H 1014 38.52 86.27 14.84
N PRO H 1015 37.57 85.60 14.15
CA PRO H 1015 36.18 85.45 14.61
C PRO H 1015 35.83 84.23 15.46
N VAL H 1016 36.78 83.35 15.79
CA VAL H 1016 36.54 82.12 16.60
C VAL H 1016 37.88 81.46 16.90
N LEU H 1017 38.02 80.83 18.08
CA LEU H 1017 39.12 79.87 18.38
C LEU H 1017 38.62 78.43 18.20
N ASP H 1018 39.02 77.78 17.12
CA ASP H 1018 38.72 76.35 16.83
C ASP H 1018 39.98 75.74 16.20
N ARG H 1019 39.82 74.64 15.46
CA ARG H 1019 40.96 73.94 14.81
C ARG H 1019 41.56 74.85 13.72
N ARG H 1020 40.75 75.76 13.15
CA ARG H 1020 41.15 76.68 12.06
C ARG H 1020 41.84 77.95 12.57
N PHE H 1021 42.29 78.02 13.82
CA PHE H 1021 42.81 79.27 14.42
C PHE H 1021 44.06 79.71 13.66
N GLU H 1022 44.96 78.77 13.35
CA GLU H 1022 46.29 79.06 12.73
C GLU H 1022 46.09 79.75 11.38
N ILE H 1023 45.10 79.33 10.58
CA ILE H 1023 44.79 79.95 9.26
C ILE H 1023 44.27 81.37 9.50
N PHE H 1024 43.20 81.53 10.28
CA PHE H 1024 42.58 82.85 10.58
C PHE H 1024 43.63 83.85 11.03
N PHE H 1025 44.57 83.40 11.87
CA PHE H 1025 45.65 84.22 12.46
C PHE H 1025 46.64 84.69 11.40
N LYS H 1026 46.99 83.82 10.43
CA LYS H 1026 48.14 83.97 9.51
C LYS H 1026 47.72 84.41 8.10
N LYS H 1027 46.62 83.88 7.57
CA LYS H 1027 45.90 84.35 6.36
C LYS H 1027 46.11 85.85 6.16
N ASP H 1028 46.67 86.25 5.01
CA ASP H 1028 46.68 87.64 4.47
C ASP H 1028 47.35 88.58 5.46
N SER H 1029 48.66 88.43 5.63
CA SER H 1029 49.45 89.07 6.71
C SER H 1029 50.34 90.22 6.22
N LEU H 1030 50.31 90.62 4.94
CA LEU H 1030 51.41 91.43 4.33
C LEU H 1030 50.97 92.79 3.76
N TRP H 1031 49.69 93.04 3.56
CA TRP H 1031 49.19 94.34 3.04
C TRP H 1031 49.19 95.41 4.14
N GLN H 1032 49.00 95.00 5.39
CA GLN H 1032 48.65 95.92 6.52
C GLN H 1032 49.72 97.00 6.67
N SER H 1033 51.01 96.65 6.53
CA SER H 1033 52.17 97.56 6.68
C SER H 1033 52.12 98.70 5.67
N GLU H 1034 51.44 98.53 4.52
CA GLU H 1034 51.31 99.57 3.47
C GLU H 1034 50.06 100.43 3.69
N HIS H 1035 49.15 100.04 4.59
CA HIS H 1035 47.79 100.64 4.72
C HIS H 1035 47.39 100.71 6.20
N LEU H 1036 48.09 101.51 6.98
CA LEU H 1036 47.86 101.59 8.45
C LEU H 1036 46.48 102.18 8.75
N GLU H 1037 45.91 102.99 7.85
CA GLU H 1037 44.53 103.52 7.97
C GLU H 1037 43.55 102.39 8.38
N ALA H 1038 43.73 101.18 7.85
CA ALA H 1038 42.82 100.01 7.97
C ALA H 1038 43.33 99.02 9.02
N VAL H 1039 44.13 99.48 9.97
CA VAL H 1039 44.64 98.67 11.10
C VAL H 1039 44.18 99.39 12.38
N VAL H 1040 43.95 98.65 13.45
CA VAL H 1040 43.37 99.23 14.69
C VAL H 1040 44.42 100.18 15.28
N ASP H 1041 44.11 101.48 15.37
CA ASP H 1041 44.91 102.56 16.01
C ASP H 1041 45.96 103.13 15.05
N GLN H 1042 45.99 102.71 13.78
CA GLN H 1042 47.05 103.06 12.79
C GLN H 1042 48.43 102.73 13.39
N ASP H 1043 48.58 101.55 14.00
CA ASP H 1043 49.74 101.16 14.83
C ASP H 1043 50.63 100.19 14.05
N VAL H 1044 51.85 100.61 13.68
CA VAL H 1044 52.86 99.70 13.02
C VAL H 1044 53.08 98.47 13.87
N GLN H 1045 53.18 98.64 15.18
CA GLN H 1045 53.72 97.56 16.06
C GLN H 1045 52.80 96.34 16.02
N ARG H 1046 51.64 96.43 15.35
CA ARG H 1046 50.66 95.32 15.20
C ARG H 1046 51.02 94.43 14.02
N THR H 1047 51.94 94.88 13.16
CA THR H 1047 51.96 94.56 11.70
C THR H 1047 53.18 93.72 11.34
N CYS H 1048 53.06 92.86 10.31
CA CYS H 1048 54.17 92.08 9.70
C CYS H 1048 54.87 92.94 8.64
N ILE H 1049 56.13 93.30 8.88
CA ILE H 1049 57.02 93.91 7.87
C ILE H 1049 58.15 92.93 7.53
N LEU H 1050 58.28 92.62 6.24
CA LEU H 1050 59.28 91.65 5.75
C LEU H 1050 60.62 92.38 5.58
N HIS H 1051 61.71 91.77 6.04
CA HIS H 1051 63.05 92.40 6.02
C HIS H 1051 64.14 91.40 6.42
N GLY H 1052 65.32 91.57 5.82
CA GLY H 1052 66.47 90.66 5.99
C GLY H 1052 67.40 91.14 7.09
N PRO H 1053 67.93 90.23 7.92
CA PRO H 1053 68.84 90.58 9.00
C PRO H 1053 70.03 91.40 8.50
N VAL H 1054 70.75 90.82 7.55
CA VAL H 1054 72.06 91.31 7.06
C VAL H 1054 71.79 92.59 6.28
N ALA H 1055 70.85 92.58 5.35
CA ALA H 1055 70.49 93.74 4.49
C ALA H 1055 69.99 94.93 5.30
N ALA H 1056 69.48 94.70 6.52
CA ALA H 1056 68.93 95.74 7.43
C ALA H 1056 70.02 96.73 7.86
N GLN H 1057 71.29 96.32 7.80
CA GLN H 1057 72.43 97.12 8.31
C GLN H 1057 72.92 98.08 7.24
N PHE H 1058 72.14 98.31 6.18
CA PHE H 1058 72.41 99.35 5.14
C PHE H 1058 71.19 100.27 4.95
N THR H 1059 70.00 99.86 5.40
CA THR H 1059 68.71 100.61 5.32
C THR H 1059 68.62 101.63 6.45
N LYS H 1060 69.15 102.83 6.23
CA LYS H 1060 69.33 103.87 7.28
C LYS H 1060 68.55 105.14 6.95
N VAL H 1061 68.51 105.53 5.68
CA VAL H 1061 68.03 106.86 5.21
C VAL H 1061 66.62 106.71 4.61
N ILE H 1062 65.61 107.26 5.28
CA ILE H 1062 64.18 107.19 4.85
C ILE H 1062 63.96 108.15 3.67
N ASP H 1063 63.22 107.69 2.65
CA ASP H 1063 62.70 108.48 1.50
C ASP H 1063 63.87 109.01 0.66
N GLU H 1064 64.79 108.11 0.31
CA GLU H 1064 65.86 108.29 -0.71
C GLU H 1064 65.26 107.96 -2.08
N PRO H 1065 65.35 108.81 -3.12
CA PRO H 1065 64.81 108.43 -4.44
C PRO H 1065 65.47 107.16 -4.98
N ILE H 1066 64.68 106.17 -5.41
CA ILE H 1066 65.15 104.83 -5.93
C ILE H 1066 66.32 104.97 -6.93
N LYS H 1067 66.32 106.04 -7.72
CA LYS H 1067 67.41 106.29 -8.70
C LYS H 1067 68.70 106.56 -7.90
N SER H 1068 68.65 107.46 -6.91
CA SER H 1068 69.78 107.79 -5.98
C SER H 1068 70.42 106.51 -5.41
N ILE H 1069 69.60 105.58 -4.92
CA ILE H 1069 70.02 104.28 -4.33
C ILE H 1069 70.73 103.45 -5.39
N MET H 1070 70.01 103.08 -6.44
CA MET H 1070 70.45 102.10 -7.48
C MET H 1070 71.66 102.67 -8.23
N ASP H 1071 71.69 103.98 -8.51
CA ASP H 1071 72.86 104.65 -9.14
C ASP H 1071 74.03 104.56 -8.17
N GLY H 1072 73.82 104.97 -6.91
CA GLY H 1072 74.82 104.87 -5.83
C GLY H 1072 75.63 103.59 -5.99
N ILE H 1073 74.94 102.46 -6.02
CA ILE H 1073 75.52 101.10 -6.05
C ILE H 1073 76.27 100.90 -7.37
N HIS H 1074 75.69 101.36 -8.49
CA HIS H 1074 76.27 101.24 -9.84
C HIS H 1074 77.50 102.16 -9.96
N ASP H 1075 77.36 103.44 -9.62
CA ASP H 1075 78.46 104.43 -9.74
C ASP H 1075 79.59 104.04 -8.78
N GLY H 1076 79.26 103.36 -7.68
CA GLY H 1076 80.22 102.79 -6.73
C GLY H 1076 81.08 101.75 -7.40
N HIS H 1077 80.46 100.81 -8.12
CA HIS H 1077 81.15 99.72 -8.86
C HIS H 1077 82.11 100.28 -9.91
N ILE H 1078 81.74 101.33 -10.61
CA ILE H 1078 82.54 101.96 -11.69
C ILE H 1078 83.76 102.59 -11.02
N LYS H 1079 83.53 103.57 -10.14
CA LYS H 1079 84.56 104.25 -9.31
C LYS H 1079 85.67 103.25 -8.92
N LYS H 1080 85.28 102.06 -8.48
CA LYS H 1080 86.22 100.99 -8.04
C LYS H 1080 86.82 100.27 -9.24
N LEU H 1081 85.98 99.71 -10.11
CA LEU H 1081 86.42 98.89 -11.28
C LEU H 1081 87.40 99.72 -12.08
N LEU H 1082 87.14 101.02 -12.21
CA LEU H 1082 88.00 102.02 -12.89
C LEU H 1082 89.39 102.03 -12.25
N HIS H 1083 89.44 102.15 -10.91
CA HIS H 1083 90.68 102.15 -10.08
C HIS H 1083 91.53 100.91 -10.35
N GLN H 1084 90.99 99.70 -10.17
CA GLN H 1084 91.71 98.41 -10.34
C GLN H 1084 92.20 98.22 -11.77
N TYR H 1085 91.31 98.27 -12.77
CA TYR H 1085 91.52 97.64 -14.11
C TYR H 1085 91.64 98.64 -15.26
N TYR H 1086 91.56 99.95 -15.02
CA TYR H 1086 91.62 101.00 -16.07
C TYR H 1086 92.48 102.18 -15.60
N GLY H 1087 93.38 101.94 -14.62
CA GLY H 1087 94.25 102.95 -13.99
C GLY H 1087 93.62 104.33 -13.89
N ASP H 1088 92.42 104.43 -13.32
CA ASP H 1088 91.68 105.69 -13.02
C ASP H 1088 91.67 106.61 -14.25
N ASP H 1089 91.28 106.08 -15.42
CA ASP H 1089 91.34 106.77 -16.74
C ASP H 1089 90.11 106.38 -17.59
N GLU H 1090 89.09 107.24 -17.72
CA GLU H 1090 87.85 106.99 -18.51
C GLU H 1090 88.16 106.86 -20.01
N SER H 1091 89.27 107.44 -20.47
CA SER H 1091 89.71 107.40 -21.88
C SER H 1091 90.07 105.98 -22.34
N LYS H 1092 90.31 105.05 -21.42
CA LYS H 1092 90.65 103.63 -21.75
C LYS H 1092 89.41 102.74 -21.82
N ILE H 1093 88.21 103.31 -21.63
CA ILE H 1093 86.91 102.55 -21.66
C ILE H 1093 86.48 102.40 -23.12
N PRO H 1094 86.38 101.16 -23.65
CA PRO H 1094 85.88 100.95 -25.02
C PRO H 1094 84.51 101.61 -25.22
N ALA H 1095 84.37 102.42 -26.28
CA ALA H 1095 83.10 103.10 -26.67
C ALA H 1095 82.40 102.23 -27.73
N VAL H 1096 81.08 102.11 -27.61
CA VAL H 1096 80.19 101.33 -28.50
C VAL H 1096 78.99 102.24 -28.80
N GLU H 1097 78.28 102.06 -29.91
CA GLU H 1097 77.12 102.94 -30.22
C GLU H 1097 76.06 102.71 -29.14
N TYR H 1098 75.68 101.45 -28.93
CA TYR H 1098 74.58 101.08 -28.03
C TYR H 1098 74.95 99.77 -27.33
N PHE H 1099 74.70 99.73 -26.03
CA PHE H 1099 75.03 98.58 -25.17
C PHE H 1099 73.75 97.76 -24.99
N GLY H 1100 73.76 96.49 -25.39
CA GLY H 1100 72.63 95.57 -25.14
C GLY H 1100 72.29 94.62 -26.29
N GLY H 1101 71.41 93.67 -25.97
CA GLY H 1101 70.91 92.61 -26.86
C GLY H 1101 72.04 91.75 -27.36
N GLU H 1102 72.76 91.11 -26.45
CA GLU H 1102 73.80 90.10 -26.77
C GLU H 1102 73.46 88.84 -25.99
N SER H 1103 72.97 87.82 -26.68
CA SER H 1103 72.70 86.48 -26.10
C SER H 1103 73.99 86.03 -25.43
N PRO H 1104 73.93 85.44 -24.23
CA PRO H 1104 75.14 85.10 -23.51
C PRO H 1104 75.70 83.76 -23.99
N VAL H 1105 75.55 83.43 -25.28
CA VAL H 1105 75.87 82.08 -25.84
C VAL H 1105 77.05 82.11 -26.83
N ASP H 1106 77.42 83.25 -27.43
CA ASP H 1106 78.29 83.31 -28.64
C ASP H 1106 79.58 84.13 -28.39
N SER H 1111 85.74 93.81 -42.77
CA SER H 1111 85.59 95.26 -43.09
C SER H 1111 85.73 95.46 -44.62
N GLU H 1112 84.59 95.62 -45.32
CA GLU H 1112 84.50 95.89 -46.80
C GLU H 1112 83.43 96.96 -47.07
N ASP H 1113 83.70 97.87 -48.01
CA ASP H 1113 83.03 99.20 -48.15
C ASP H 1113 81.94 99.19 -49.24
N SER H 1114 81.89 98.19 -50.13
CA SER H 1114 80.99 98.19 -51.32
C SER H 1114 80.69 96.76 -51.79
N ALA H 1115 79.97 95.99 -50.98
CA ALA H 1115 79.76 94.53 -51.13
C ALA H 1115 78.48 94.24 -51.94
N VAL H 1116 78.25 92.96 -52.24
CA VAL H 1116 77.10 92.41 -53.03
C VAL H 1116 76.86 90.97 -52.57
N PHE H 1117 75.66 90.68 -52.06
CA PHE H 1117 75.23 89.34 -51.59
C PHE H 1117 74.17 88.83 -52.56
N LYS H 1118 73.96 87.51 -52.57
CA LYS H 1118 73.10 86.82 -53.56
C LYS H 1118 72.49 85.63 -52.84
N ALA H 1119 71.21 85.73 -52.54
CA ALA H 1119 70.45 84.69 -51.81
C ALA H 1119 70.18 83.55 -52.78
N THR H 1120 70.29 82.32 -52.27
CA THR H 1120 69.96 81.05 -52.99
C THR H 1120 68.75 80.42 -52.27
N SER H 1121 68.52 79.13 -52.46
CA SER H 1121 67.56 78.34 -51.66
C SER H 1121 68.28 77.70 -50.46
N SER H 1122 69.62 77.73 -50.46
CA SER H 1122 70.48 77.14 -49.40
C SER H 1122 70.82 78.17 -48.30
N THR H 1123 71.10 79.44 -48.64
CA THR H 1123 71.66 80.48 -47.73
C THR H 1123 70.96 80.44 -46.36
N ASP H 1124 71.73 80.10 -45.32
CA ASP H 1124 71.27 80.05 -43.90
C ASP H 1124 70.87 81.48 -43.47
N GLU H 1125 69.77 81.62 -42.74
CA GLU H 1125 69.21 82.94 -42.30
C GLU H 1125 70.21 83.67 -41.38
N GLU H 1126 70.76 82.98 -40.38
CA GLU H 1126 71.67 83.57 -39.35
C GLU H 1126 72.94 84.09 -40.02
N SER H 1127 73.54 83.32 -40.95
CA SER H 1127 74.74 83.72 -41.73
C SER H 1127 74.42 84.99 -42.53
N TRP H 1128 73.30 84.97 -43.25
CA TRP H 1128 72.82 86.01 -44.19
C TRP H 1128 72.71 87.37 -43.49
N PHE H 1129 72.22 87.38 -42.25
CA PHE H 1129 71.95 88.62 -41.47
C PHE H 1129 73.22 89.10 -40.75
N LYS H 1130 74.15 88.20 -40.38
CA LYS H 1130 75.51 88.59 -39.91
C LYS H 1130 76.11 89.51 -40.96
N ALA H 1131 76.03 89.07 -42.21
CA ALA H 1131 76.70 89.67 -43.39
C ALA H 1131 76.21 91.10 -43.61
N LEU H 1132 74.90 91.30 -43.57
CA LEU H 1132 74.23 92.58 -43.94
C LEU H 1132 74.53 93.60 -42.85
N ALA H 1133 74.27 93.19 -41.60
CA ALA H 1133 74.65 93.90 -40.35
C ALA H 1133 76.08 94.41 -40.44
N GLY H 1134 77.03 93.52 -40.74
CA GLY H 1134 78.47 93.82 -40.70
C GLY H 1134 79.03 93.74 -39.29
N SER H 1135 80.28 94.15 -39.12
CA SER H 1135 81.10 93.97 -37.90
C SER H 1135 80.78 95.06 -36.88
N GLU H 1136 80.94 96.33 -37.27
CA GLU H 1136 80.71 97.52 -36.40
C GLU H 1136 79.30 97.45 -35.81
N ILE H 1137 79.17 97.88 -34.57
CA ILE H 1137 77.85 98.08 -33.89
C ILE H 1137 77.38 99.51 -34.21
N ASN H 1138 76.38 99.61 -35.10
CA ASN H 1138 75.68 100.86 -35.52
C ASN H 1138 74.22 100.55 -35.87
N TRP H 1139 73.52 101.53 -36.44
CA TRP H 1139 72.12 101.42 -36.91
C TRP H 1139 71.95 100.21 -37.81
N ARG H 1140 72.89 99.97 -38.72
CA ARG H 1140 72.77 98.81 -39.65
C ARG H 1140 72.80 97.52 -38.83
N HIS H 1141 73.65 97.44 -37.81
CA HIS H 1141 73.86 96.21 -36.99
C HIS H 1141 72.54 95.88 -36.27
N ALA H 1142 71.91 96.92 -35.69
CA ALA H 1142 70.61 96.83 -34.98
C ALA H 1142 69.55 96.33 -35.95
N SER H 1143 69.34 97.11 -37.03
CA SER H 1143 68.36 96.89 -38.11
C SER H 1143 68.28 95.41 -38.48
N PHE H 1144 69.41 94.69 -38.61
CA PHE H 1144 69.39 93.30 -39.14
C PHE H 1144 69.43 92.24 -38.04
N LEU H 1145 69.76 92.57 -36.78
CA LEU H 1145 69.93 91.55 -35.70
C LEU H 1145 69.00 91.79 -34.52
N CYS H 1146 68.60 93.04 -34.25
CA CYS H 1146 67.42 93.32 -33.38
C CYS H 1146 66.31 92.36 -33.82
N SER H 1147 65.89 91.45 -32.95
CA SER H 1147 64.79 90.51 -33.24
C SER H 1147 63.46 91.25 -33.17
N PHE H 1148 63.37 92.27 -32.30
CA PHE H 1148 62.13 93.07 -32.04
C PHE H 1148 62.39 94.55 -32.28
N ILE H 1149 61.33 95.30 -32.49
CA ILE H 1149 61.29 96.79 -32.47
C ILE H 1149 60.03 97.21 -31.73
N THR H 1150 59.92 98.49 -31.41
CA THR H 1150 58.82 99.06 -30.58
C THR H 1150 57.92 99.93 -31.48
N GLN H 1151 56.66 99.57 -31.69
CA GLN H 1151 55.57 100.50 -32.10
C GLN H 1151 54.93 101.09 -30.83
N ASP H 1152 55.10 102.38 -30.59
CA ASP H 1152 54.63 103.08 -29.37
C ASP H 1152 55.25 102.36 -28.15
N LYS H 1153 54.46 101.67 -27.32
CA LYS H 1153 54.98 100.93 -26.14
C LYS H 1153 55.13 99.44 -26.49
N MET H 1154 54.45 98.94 -27.51
CA MET H 1154 54.39 97.49 -27.81
C MET H 1154 55.64 97.03 -28.56
N PHE H 1155 55.96 95.74 -28.48
CA PHE H 1155 57.12 95.06 -29.13
C PHE H 1155 56.63 94.14 -30.26
N VAL H 1156 56.76 94.61 -31.50
CA VAL H 1156 56.42 93.88 -32.75
C VAL H 1156 57.70 93.25 -33.28
N SER H 1157 57.60 92.13 -33.99
CA SER H 1157 58.74 91.45 -34.65
C SER H 1157 59.37 92.40 -35.67
N ASN H 1158 60.68 92.28 -35.89
CA ASN H 1158 61.49 93.22 -36.69
C ASN H 1158 61.07 93.08 -38.15
N PRO H 1159 60.44 94.11 -38.74
CA PRO H 1159 59.96 94.03 -40.12
C PRO H 1159 61.09 94.01 -41.15
N ILE H 1160 62.21 94.66 -40.82
CA ILE H 1160 63.39 94.77 -41.70
C ILE H 1160 64.00 93.37 -41.93
N ARG H 1161 63.95 92.46 -40.95
CA ARG H 1161 64.42 91.05 -41.16
C ARG H 1161 63.36 90.24 -41.91
N LYS H 1162 62.07 90.57 -41.76
CA LYS H 1162 60.98 89.93 -42.57
C LYS H 1162 61.28 90.22 -44.04
N VAL H 1163 61.46 91.50 -44.36
CA VAL H 1163 61.67 91.96 -45.76
C VAL H 1163 62.89 91.28 -46.34
N PHE H 1164 64.03 91.26 -45.67
CA PHE H 1164 65.32 90.77 -46.23
C PHE H 1164 65.53 89.26 -45.96
N LYS H 1165 64.58 88.55 -45.36
CA LYS H 1165 64.66 87.07 -45.26
C LYS H 1165 64.96 86.49 -46.65
N PRO H 1166 66.03 85.68 -46.79
CA PRO H 1166 66.57 85.36 -48.11
C PRO H 1166 65.79 84.27 -48.85
N SER H 1167 65.67 84.40 -50.17
CA SER H 1167 64.98 83.46 -51.09
C SER H 1167 65.58 83.60 -52.49
N GLN H 1168 65.39 82.61 -53.36
CA GLN H 1168 66.05 82.58 -54.69
C GLN H 1168 65.71 83.86 -55.47
N GLY H 1169 66.74 84.61 -55.89
CA GLY H 1169 66.61 85.72 -56.85
C GLY H 1169 66.97 87.07 -56.24
N MET H 1170 66.80 87.22 -54.93
CA MET H 1170 66.96 88.53 -54.24
C MET H 1170 68.46 88.81 -53.98
N VAL H 1171 68.88 90.05 -54.25
CA VAL H 1171 70.28 90.49 -54.47
C VAL H 1171 70.50 91.80 -53.71
N VAL H 1172 71.25 91.75 -52.62
CA VAL H 1172 71.50 92.91 -51.74
C VAL H 1172 72.78 93.58 -52.19
N GLU H 1173 72.83 94.91 -52.16
CA GLU H 1173 74.01 95.71 -52.57
C GLU H 1173 74.21 96.80 -51.52
N ILE H 1174 75.35 96.77 -50.83
CA ILE H 1174 75.75 97.74 -49.77
C ILE H 1174 76.73 98.73 -50.37
N SER H 1175 76.71 99.99 -49.93
CA SER H 1175 77.52 101.08 -50.50
C SER H 1175 77.86 102.12 -49.42
N ASN H 1176 79.15 102.40 -49.24
CA ASN H 1176 79.75 103.14 -48.10
C ASN H 1176 79.58 102.31 -46.82
N GLY H 1177 79.89 101.02 -46.89
CA GLY H 1177 79.71 100.04 -45.80
C GLY H 1177 80.46 100.39 -44.52
N ASN H 1178 81.60 101.08 -44.63
CA ASN H 1178 82.56 101.38 -43.53
C ASN H 1178 82.50 102.87 -43.12
N THR H 1179 81.34 103.51 -43.24
CA THR H 1179 81.03 104.84 -42.65
C THR H 1179 79.51 104.93 -42.47
N SER H 1180 79.01 104.48 -41.32
CA SER H 1180 77.56 104.28 -41.00
C SER H 1180 76.70 105.42 -41.54
N SER H 1181 77.10 106.69 -41.31
CA SER H 1181 76.30 107.92 -41.55
C SER H 1181 75.75 108.00 -42.99
N LYS H 1182 76.40 107.35 -43.97
CA LYS H 1182 76.03 107.39 -45.42
C LYS H 1182 75.78 106.00 -46.00
N THR H 1183 75.98 104.93 -45.23
CA THR H 1183 75.74 103.55 -45.70
C THR H 1183 74.35 103.49 -46.32
N VAL H 1184 74.22 102.80 -47.46
CA VAL H 1184 72.92 102.50 -48.13
C VAL H 1184 72.92 101.03 -48.50
N VAL H 1185 71.88 100.30 -48.11
CA VAL H 1185 71.69 98.86 -48.45
C VAL H 1185 70.43 98.76 -49.30
N THR H 1186 70.56 98.17 -50.49
CA THR H 1186 69.63 98.31 -51.63
C THR H 1186 69.29 96.93 -52.17
N LEU H 1187 68.12 96.40 -51.79
CA LEU H 1187 67.65 95.05 -52.18
C LEU H 1187 67.04 95.16 -53.58
N SER H 1188 67.31 94.17 -54.43
CA SER H 1188 66.83 94.10 -55.83
C SER H 1188 66.37 92.66 -56.09
N GLU H 1189 65.26 92.49 -56.81
CA GLU H 1189 64.64 91.18 -57.10
C GLU H 1189 64.27 91.12 -58.58
N PRO H 1190 63.88 89.92 -59.10
CA PRO H 1190 63.19 89.82 -60.39
C PRO H 1190 61.82 90.52 -60.37
N VAL H 1191 61.58 91.39 -61.35
CA VAL H 1191 60.31 92.14 -61.57
C VAL H 1191 60.01 92.16 -63.08
N GLN H 1192 59.11 91.28 -63.52
CA GLN H 1192 58.65 91.17 -64.93
C GLN H 1192 59.86 90.80 -65.80
N GLY H 1193 60.65 89.81 -65.34
CA GLY H 1193 61.85 89.31 -66.04
C GLY H 1193 63.14 89.93 -65.51
N GLU H 1194 63.34 91.24 -65.76
CA GLU H 1194 64.58 91.99 -65.38
C GLU H 1194 64.73 92.07 -63.85
N LEU H 1195 65.78 92.73 -63.34
CA LEU H 1195 66.11 92.83 -61.90
C LEU H 1195 66.19 94.29 -61.45
N LYS H 1196 65.20 94.75 -60.67
CA LYS H 1196 64.99 96.17 -60.29
C LYS H 1196 65.12 96.36 -58.78
N PRO H 1197 65.47 97.59 -58.30
CA PRO H 1197 65.48 97.88 -56.87
C PRO H 1197 64.08 97.85 -56.24
N THR H 1198 63.91 97.10 -55.14
CA THR H 1198 62.61 96.91 -54.43
C THR H 1198 62.62 97.45 -53.01
N VAL H 1199 63.77 97.60 -52.37
CA VAL H 1199 63.94 98.27 -51.03
C VAL H 1199 65.22 99.11 -51.01
N ILE H 1200 65.23 100.21 -50.27
CA ILE H 1200 66.40 101.10 -50.07
C ILE H 1200 66.44 101.49 -48.59
N LEU H 1201 67.15 100.71 -47.79
CA LEU H 1201 67.27 100.85 -46.32
C LEU H 1201 68.48 101.76 -46.02
N LYS H 1202 68.25 102.93 -45.43
CA LYS H 1202 69.33 103.92 -45.16
C LYS H 1202 68.96 104.87 -44.03
N LEU H 1203 69.90 105.74 -43.62
CA LEU H 1203 69.71 106.91 -42.71
C LEU H 1203 69.16 108.10 -43.50
N LEU H 1204 68.19 108.83 -42.95
CA LEU H 1204 67.89 110.22 -43.35
C LEU H 1204 68.77 111.13 -42.49
N LYS H 1205 68.27 112.30 -42.09
CA LYS H 1205 68.67 113.04 -40.86
C LYS H 1205 69.07 112.03 -39.76
N GLU H 1206 69.96 112.47 -38.85
CA GLU H 1206 70.94 111.67 -38.03
C GLU H 1206 70.33 110.44 -37.36
N ASN H 1207 69.13 110.53 -36.78
CA ASN H 1207 68.60 109.46 -35.89
C ASN H 1207 67.33 108.81 -36.46
N ILE H 1208 67.15 108.81 -37.79
CA ILE H 1208 65.95 108.25 -38.49
C ILE H 1208 66.38 107.25 -39.57
N ILE H 1209 66.00 105.99 -39.42
CA ILE H 1209 66.22 104.91 -40.43
C ILE H 1209 65.01 104.89 -41.36
N GLN H 1210 65.19 105.29 -42.62
CA GLN H 1210 64.14 105.19 -43.66
C GLN H 1210 64.31 103.87 -44.37
N MET H 1211 63.22 103.12 -44.55
CA MET H 1211 63.19 101.88 -45.36
C MET H 1211 62.29 102.10 -46.59
N GLU H 1212 62.75 102.92 -47.54
CA GLU H 1212 62.01 103.30 -48.77
C GLU H 1212 61.71 102.03 -49.54
N MET H 1213 60.42 101.73 -49.72
CA MET H 1213 59.92 100.37 -50.06
C MET H 1213 59.06 100.42 -51.33
N ILE H 1214 59.56 99.86 -52.43
CA ILE H 1214 59.24 100.36 -53.80
C ILE H 1214 58.28 99.38 -54.47
N GLU H 1215 57.27 99.93 -55.13
CA GLU H 1215 56.38 99.18 -56.06
C GLU H 1215 56.76 99.59 -57.50
N ASN H 1216 57.06 98.60 -58.34
CA ASN H 1216 57.44 98.81 -59.76
C ASN H 1216 56.21 98.64 -60.67
N ARG H 1217 55.23 97.85 -60.23
CA ARG H 1217 53.99 97.51 -60.99
C ARG H 1217 52.90 98.54 -60.67
N THR H 1218 52.98 99.72 -61.28
CA THR H 1218 52.12 100.90 -61.01
C THR H 1218 51.34 101.27 -62.28
N MET H 1219 50.51 102.32 -62.21
CA MET H 1219 49.55 102.75 -63.28
C MET H 1219 50.31 103.25 -64.52
N ASP H 1220 51.36 104.04 -64.35
CA ASP H 1220 52.10 104.74 -65.45
C ASP H 1220 53.59 104.41 -65.43
N GLY H 1221 54.00 103.27 -64.84
CA GLY H 1221 55.40 102.78 -64.89
C GLY H 1221 56.32 103.45 -63.86
N LYS H 1222 56.29 104.78 -63.76
CA LYS H 1222 57.02 105.59 -62.74
C LYS H 1222 56.88 104.91 -61.39
N PRO H 1223 57.91 104.23 -60.84
CA PRO H 1223 57.73 103.43 -59.62
C PRO H 1223 57.31 104.30 -58.42
N VAL H 1224 56.63 103.67 -57.46
CA VAL H 1224 55.97 104.32 -56.27
C VAL H 1224 56.69 103.84 -55.01
N SER H 1225 56.96 104.78 -54.11
CA SER H 1225 57.83 104.62 -52.91
C SER H 1225 57.03 104.88 -51.64
N LEU H 1226 56.96 103.89 -50.75
CA LEU H 1226 56.39 103.99 -49.38
C LEU H 1226 57.53 104.29 -48.41
N PRO H 1227 57.72 105.53 -47.91
CA PRO H 1227 58.74 105.78 -46.89
C PRO H 1227 58.34 105.30 -45.49
N LEU H 1228 58.77 104.10 -45.08
CA LEU H 1228 58.56 103.59 -43.70
C LEU H 1228 59.69 104.10 -42.80
N LEU H 1229 59.38 104.92 -41.80
CA LEU H 1229 60.39 105.57 -40.91
C LEU H 1229 60.50 104.83 -39.58
N TYR H 1230 61.67 104.95 -38.96
CA TYR H 1230 62.04 104.24 -37.71
C TYR H 1230 63.05 105.07 -36.92
N ASN H 1231 62.72 105.44 -35.67
CA ASN H 1231 63.64 106.11 -34.71
C ASN H 1231 64.70 105.11 -34.25
N PHE H 1232 65.97 105.45 -34.38
CA PHE H 1232 67.13 104.69 -33.84
C PHE H 1232 67.66 105.42 -32.61
N ASN H 1233 67.40 104.86 -31.44
CA ASN H 1233 67.78 105.45 -30.13
C ASN H 1233 68.86 104.56 -29.52
N PRO H 1234 70.15 104.99 -29.52
CA PRO H 1234 71.21 104.15 -28.95
C PRO H 1234 71.25 104.13 -27.41
N ASP H 1235 70.53 105.04 -26.73
CA ASP H 1235 70.48 105.13 -25.25
C ASP H 1235 69.72 103.94 -24.67
N ASN H 1236 68.61 103.55 -25.30
CA ASN H 1236 67.88 102.28 -25.02
C ASN H 1236 68.46 101.24 -25.96
N GLY H 1237 69.21 100.27 -25.45
CA GLY H 1237 70.04 99.38 -26.25
C GLY H 1237 69.50 97.97 -26.36
N PHE H 1238 68.48 97.61 -25.58
CA PHE H 1238 67.78 96.32 -25.73
C PHE H 1238 66.88 96.38 -26.99
N ALA H 1239 66.24 97.53 -27.16
CA ALA H 1239 65.30 97.87 -28.25
C ALA H 1239 65.64 99.27 -28.74
N PRO H 1240 66.71 99.41 -29.55
CA PRO H 1240 67.09 100.70 -30.09
C PRO H 1240 66.23 101.21 -31.26
N ILE H 1241 65.54 100.32 -31.99
CA ILE H 1241 64.67 100.71 -33.14
C ILE H 1241 63.20 100.73 -32.70
N SER H 1242 62.52 101.84 -32.99
CA SER H 1242 61.08 102.08 -32.72
C SER H 1242 60.41 102.72 -33.93
N GLU H 1243 59.32 102.16 -34.45
CA GLU H 1243 58.59 102.73 -35.62
C GLU H 1243 58.02 104.10 -35.25
N VAL H 1244 58.21 105.10 -36.12
CA VAL H 1244 57.48 106.40 -36.07
C VAL H 1244 56.03 106.12 -36.47
N MET H 1245 55.08 106.42 -35.58
CA MET H 1245 53.64 106.10 -35.76
C MET H 1245 52.86 107.37 -36.17
N GLU H 1246 53.45 108.56 -36.01
CA GLU H 1246 52.79 109.85 -36.30
C GLU H 1246 52.72 110.05 -37.82
N ASP H 1247 51.51 109.99 -38.40
CA ASP H 1247 51.27 110.07 -39.86
C ASP H 1247 51.84 108.84 -40.56
N ARG H 1248 51.84 107.68 -39.92
CA ARG H 1248 52.16 106.39 -40.58
C ARG H 1248 51.02 105.97 -41.50
N ASN H 1249 49.79 106.01 -40.98
CA ASN H 1249 48.58 105.60 -41.75
C ASN H 1249 48.37 106.53 -42.95
N GLN H 1250 48.86 107.76 -42.93
CA GLN H 1250 48.72 108.72 -44.07
C GLN H 1250 49.94 108.71 -45.02
N ARG H 1251 50.94 107.88 -44.77
CA ARG H 1251 52.00 107.57 -45.78
C ARG H 1251 51.47 106.39 -46.58
N ILE H 1252 51.07 105.34 -45.87
CA ILE H 1252 50.52 104.09 -46.45
C ILE H 1252 49.36 104.44 -47.37
N LYS H 1253 48.51 105.40 -47.01
CA LYS H 1253 47.36 105.80 -47.86
C LYS H 1253 47.88 106.48 -49.13
N GLU H 1254 48.74 107.49 -48.99
CA GLU H 1254 49.33 108.22 -50.14
C GLU H 1254 49.81 107.24 -51.20
N MET H 1255 50.48 106.17 -50.78
CA MET H 1255 51.07 105.15 -51.69
C MET H 1255 49.96 104.44 -52.46
N TYR H 1256 48.99 103.89 -51.72
CA TYR H 1256 47.82 103.17 -52.28
C TYR H 1256 47.00 104.11 -53.16
N TRP H 1257 46.92 105.40 -52.83
CA TRP H 1257 46.24 106.39 -53.67
C TRP H 1257 46.91 106.49 -55.05
N LYS H 1258 48.24 106.60 -55.11
CA LYS H 1258 48.99 106.62 -56.41
C LYS H 1258 48.63 105.37 -57.21
N LEU H 1259 48.49 104.23 -56.55
CA LEU H 1259 48.31 102.91 -57.21
C LEU H 1259 46.86 102.68 -57.69
N TRP H 1260 45.87 103.28 -57.02
CA TRP H 1260 44.43 102.95 -57.19
C TRP H 1260 43.69 104.14 -57.82
N ILE H 1261 43.70 105.30 -57.16
CA ILE H 1261 42.92 106.50 -57.57
C ILE H 1261 43.73 107.30 -58.58
N ASP H 1262 43.05 108.04 -59.47
CA ASP H 1262 43.65 108.83 -60.58
C ASP H 1262 43.34 110.32 -60.39
N GLU H 1263 43.34 110.81 -59.15
CA GLU H 1263 42.91 112.19 -58.78
C GLU H 1263 44.02 112.89 -57.98
N PRO H 1264 43.93 114.21 -57.71
CA PRO H 1264 44.83 114.86 -56.75
C PRO H 1264 44.56 114.39 -55.32
N PHE H 1265 45.61 113.88 -54.65
CA PHE H 1265 45.56 113.28 -53.29
C PHE H 1265 44.98 114.27 -52.28
N ASN H 1266 44.01 113.81 -51.49
CA ASN H 1266 43.27 114.61 -50.47
C ASN H 1266 42.38 113.66 -49.66
N LEU H 1267 42.64 113.54 -48.35
CA LEU H 1267 41.93 112.64 -47.40
C LEU H 1267 41.00 113.46 -46.49
N ASP H 1268 40.73 114.73 -46.83
CA ASP H 1268 39.75 115.60 -46.15
C ASP H 1268 38.48 115.66 -47.02
N PHE H 1269 37.64 114.63 -46.93
CA PHE H 1269 36.29 114.58 -47.54
C PHE H 1269 35.42 113.64 -46.68
N ASP H 1270 34.19 114.07 -46.39
CA ASP H 1270 33.27 113.42 -45.41
C ASP H 1270 32.93 112.01 -45.90
N PRO H 1271 33.01 110.96 -45.04
CA PRO H 1271 32.49 109.65 -45.41
C PRO H 1271 31.00 109.62 -45.77
N ARG H 1272 30.14 110.32 -45.00
CA ARG H 1272 28.67 110.39 -45.23
C ARG H 1272 28.34 110.86 -46.66
N ASP H 1273 29.17 111.72 -47.28
CA ASP H 1273 28.92 112.26 -48.64
C ASP H 1273 29.04 111.14 -49.68
N VAL H 1274 28.41 111.35 -50.84
CA VAL H 1274 28.43 110.43 -52.01
C VAL H 1274 29.77 110.60 -52.74
N ILE H 1275 30.31 109.49 -53.24
CA ILE H 1275 31.54 109.43 -54.08
C ILE H 1275 31.08 109.09 -55.49
N LYS H 1276 31.53 109.83 -56.52
CA LYS H 1276 31.16 109.57 -57.94
C LYS H 1276 32.41 109.38 -58.79
N GLY H 1277 32.54 108.19 -59.40
CA GLY H 1277 33.63 107.83 -60.32
C GLY H 1277 33.40 108.36 -61.72
N LYS H 1278 34.44 108.35 -62.55
CA LYS H 1278 34.39 108.73 -63.99
C LYS H 1278 33.38 107.84 -64.74
N ASP H 1279 32.73 108.39 -65.77
CA ASP H 1279 31.96 107.60 -66.77
C ASP H 1279 32.94 106.64 -67.45
N PHE H 1280 32.54 105.38 -67.57
CA PHE H 1280 33.38 104.26 -68.06
C PHE H 1280 32.70 103.66 -69.29
N GLU H 1281 33.24 103.93 -70.48
CA GLU H 1281 32.78 103.27 -71.74
C GLU H 1281 33.30 101.84 -71.75
N ILE H 1282 32.40 100.86 -71.79
CA ILE H 1282 32.78 99.43 -71.99
C ILE H 1282 33.22 99.27 -73.44
N THR H 1283 34.28 98.48 -73.69
CA THR H 1283 34.84 98.18 -75.04
C THR H 1283 35.12 96.68 -75.12
N ALA H 1284 35.05 96.11 -76.33
CA ALA H 1284 35.26 94.67 -76.57
C ALA H 1284 36.66 94.29 -76.07
N LYS H 1285 37.62 95.18 -76.31
CA LYS H 1285 39.02 95.10 -75.85
C LYS H 1285 39.03 94.73 -74.35
N GLU H 1286 38.47 95.60 -73.50
CA GLU H 1286 38.47 95.46 -72.02
C GLU H 1286 37.83 94.12 -71.62
N VAL H 1287 36.62 93.85 -72.10
CA VAL H 1287 35.82 92.64 -71.77
C VAL H 1287 36.56 91.37 -72.18
N TYR H 1288 37.13 91.36 -73.39
CA TYR H 1288 37.94 90.24 -73.94
C TYR H 1288 39.06 89.91 -72.95
N ASP H 1289 39.84 90.93 -72.52
CA ASP H 1289 41.01 90.79 -71.61
C ASP H 1289 40.53 90.21 -70.28
N PHE H 1290 39.54 90.88 -69.69
CA PHE H 1290 38.95 90.53 -68.37
C PHE H 1290 38.58 89.05 -68.34
N THR H 1291 37.93 88.54 -69.39
CA THR H 1291 37.42 87.13 -69.42
C THR H 1291 38.58 86.14 -69.42
N HIS H 1292 39.68 86.45 -70.10
CA HIS H 1292 40.89 85.58 -70.14
C HIS H 1292 41.58 85.56 -68.80
N ALA H 1293 41.65 86.71 -68.11
CA ALA H 1293 42.26 86.83 -66.77
C ALA H 1293 41.56 85.90 -65.80
N VAL H 1294 40.23 85.94 -65.73
CA VAL H 1294 39.43 85.19 -64.70
C VAL H 1294 39.14 83.74 -65.15
N GLY H 1295 39.12 83.46 -66.44
CA GLY H 1295 38.89 82.10 -66.99
C GLY H 1295 37.42 81.84 -67.28
N ASN H 1296 36.70 82.87 -67.78
CA ASN H 1296 35.25 82.84 -68.09
C ASN H 1296 35.09 82.64 -69.59
N ASN H 1297 34.75 81.42 -70.01
CA ASN H 1297 34.73 81.02 -71.44
C ASN H 1297 33.36 81.35 -72.08
N CYS H 1298 32.30 81.41 -71.28
CA CYS H 1298 30.88 81.65 -71.68
C CYS H 1298 30.75 82.44 -72.99
N GLU H 1299 29.96 81.90 -73.93
CA GLU H 1299 29.76 82.37 -75.32
C GLU H 1299 29.31 83.83 -75.36
N ASP H 1300 28.53 84.29 -74.36
CA ASP H 1300 27.86 85.62 -74.37
C ASP H 1300 28.89 86.75 -74.45
N PHE H 1301 30.15 86.48 -74.11
CA PHE H 1301 31.23 87.50 -73.94
C PHE H 1301 32.14 87.53 -75.16
N VAL H 1302 32.09 86.48 -75.98
CA VAL H 1302 32.82 86.40 -77.28
C VAL H 1302 32.08 87.26 -78.30
N SER H 1303 32.84 87.95 -79.17
CA SER H 1303 32.32 88.75 -80.31
C SER H 1303 32.00 87.81 -81.48
N ARG H 1304 30.71 87.51 -81.66
CA ARG H 1304 30.14 86.83 -82.85
C ARG H 1304 29.35 87.87 -83.67
N PRO H 1305 28.96 87.58 -84.93
CA PRO H 1305 28.14 88.51 -85.71
C PRO H 1305 26.65 88.51 -85.31
N ASP H 1306 25.94 89.59 -85.63
CA ASP H 1306 24.52 89.89 -85.24
C ASP H 1306 24.49 90.29 -83.76
N ARG H 1307 24.33 89.31 -82.83
CA ARG H 1307 24.15 89.52 -81.37
C ARG H 1307 25.29 90.43 -80.84
N THR H 1308 24.98 91.32 -79.89
CA THR H 1308 25.95 92.26 -79.26
C THR H 1308 26.71 91.55 -78.14
N MET H 1309 27.97 91.91 -77.93
CA MET H 1309 28.85 91.34 -76.87
C MET H 1309 28.36 91.84 -75.51
N LEU H 1310 28.13 90.93 -74.57
CA LEU H 1310 27.78 91.22 -73.16
C LEU H 1310 29.07 91.32 -72.34
N ALA H 1311 29.04 92.06 -71.23
CA ALA H 1311 30.08 92.02 -70.17
C ALA H 1311 29.57 91.15 -69.04
N PRO H 1312 30.46 90.37 -68.38
CA PRO H 1312 30.07 89.62 -67.19
C PRO H 1312 29.74 90.60 -66.06
N MET H 1313 28.98 90.17 -65.03
CA MET H 1313 28.57 91.09 -63.93
C MET H 1313 29.80 91.38 -63.05
N ASP H 1314 30.70 90.41 -62.89
CA ASP H 1314 32.08 90.56 -62.35
C ASP H 1314 32.72 91.87 -62.81
N PHE H 1315 32.54 92.20 -64.07
CA PHE H 1315 33.09 93.41 -64.74
C PHE H 1315 32.66 94.68 -64.00
N ALA H 1316 31.60 94.64 -63.19
CA ALA H 1316 31.12 95.79 -62.39
C ALA H 1316 32.22 96.31 -61.48
N ILE H 1317 33.02 95.42 -60.89
CA ILE H 1317 34.11 95.81 -59.95
C ILE H 1317 35.17 96.61 -60.71
N VAL H 1318 35.39 96.35 -61.99
CA VAL H 1318 36.36 97.08 -62.87
C VAL H 1318 35.85 98.51 -63.08
N VAL H 1319 34.54 98.68 -63.14
CA VAL H 1319 33.87 99.99 -63.36
C VAL H 1319 33.83 100.70 -62.02
N GLY H 1320 33.46 99.95 -60.97
CA GLY H 1320 33.17 100.44 -59.62
C GLY H 1320 34.40 100.83 -58.85
N TRP H 1321 35.46 100.00 -58.89
CA TRP H 1321 36.64 100.03 -57.98
C TRP H 1321 37.08 101.45 -57.60
N ARG H 1322 37.47 102.29 -58.56
CA ARG H 1322 37.98 103.67 -58.26
C ARG H 1322 37.01 104.38 -57.31
N ALA H 1323 35.70 104.18 -57.45
CA ALA H 1323 34.68 104.79 -56.57
C ALA H 1323 34.59 104.02 -55.26
N ILE H 1324 34.37 102.71 -55.35
CA ILE H 1324 34.13 101.85 -54.15
C ILE H 1324 35.29 102.04 -53.17
N ILE H 1325 36.52 101.80 -53.61
CA ILE H 1325 37.72 101.77 -52.71
C ILE H 1325 37.96 103.15 -52.11
N LYS H 1326 37.63 104.23 -52.81
CA LYS H 1326 37.86 105.60 -52.31
C LYS H 1326 37.13 105.79 -50.98
N ALA H 1327 36.13 104.98 -50.65
CA ALA H 1327 35.29 105.15 -49.45
C ALA H 1327 36.07 104.82 -48.16
N ILE H 1328 37.15 104.06 -48.24
CA ILE H 1328 37.94 103.67 -47.04
C ILE H 1328 39.15 104.60 -46.84
N PHE H 1329 39.27 105.68 -47.62
CA PHE H 1329 40.45 106.58 -47.59
C PHE H 1329 40.30 107.74 -46.60
N PRO H 1330 39.12 108.29 -46.28
CA PRO H 1330 39.03 109.50 -45.46
C PRO H 1330 39.79 109.49 -44.11
N ASN H 1331 40.19 110.66 -43.63
CA ASN H 1331 40.91 110.85 -42.33
C ASN H 1331 40.09 110.23 -41.20
N THR H 1332 38.76 110.40 -41.24
CA THR H 1332 37.81 110.00 -40.19
C THR H 1332 37.63 108.48 -40.14
N VAL H 1333 37.96 107.75 -41.22
CA VAL H 1333 37.94 106.24 -41.24
C VAL H 1333 39.40 105.77 -41.36
N ASP H 1334 40.16 105.92 -40.27
CA ASP H 1334 41.65 105.81 -40.23
C ASP H 1334 42.03 104.34 -40.04
N GLY H 1335 42.92 103.81 -40.89
CA GLY H 1335 43.35 102.40 -40.80
C GLY H 1335 44.65 102.10 -41.52
N ASP H 1336 45.30 101.02 -41.07
CA ASP H 1336 46.55 100.48 -41.68
C ASP H 1336 46.14 99.72 -42.93
N LEU H 1337 46.28 100.36 -44.09
CA LEU H 1337 45.83 99.77 -45.36
C LEU H 1337 46.58 98.47 -45.66
N LEU H 1338 47.73 98.21 -45.01
CA LEU H 1338 48.56 97.01 -45.26
C LEU H 1338 47.93 95.82 -44.52
N LYS H 1339 47.13 96.08 -43.49
CA LYS H 1339 46.39 95.04 -42.73
C LYS H 1339 44.89 95.08 -43.10
N LEU H 1340 44.51 95.57 -44.28
CA LEU H 1340 43.11 95.61 -44.74
C LEU H 1340 42.71 94.23 -45.24
N VAL H 1341 41.55 93.74 -44.80
CA VAL H 1341 40.93 92.49 -45.30
C VAL H 1341 39.66 92.86 -46.07
N HIS H 1342 39.56 92.45 -47.34
CA HIS H 1342 38.29 92.32 -48.09
C HIS H 1342 37.56 91.13 -47.48
N LEU H 1343 36.45 91.34 -46.79
CA LEU H 1343 35.70 90.25 -46.11
C LEU H 1343 34.76 89.55 -47.09
N SER H 1344 34.03 90.34 -47.87
CA SER H 1344 32.87 89.86 -48.64
C SER H 1344 32.58 90.86 -49.74
N ASN H 1345 32.29 90.36 -50.95
CA ASN H 1345 31.84 91.17 -52.11
C ASN H 1345 30.55 90.57 -52.64
N GLY H 1346 29.64 91.41 -53.14
CA GLY H 1346 28.35 90.96 -53.70
C GLY H 1346 27.90 91.81 -54.88
N TYR H 1347 27.18 91.18 -55.81
CA TYR H 1347 26.46 91.87 -56.93
C TYR H 1347 24.99 91.52 -56.87
N LYS H 1348 24.15 92.47 -57.28
CA LYS H 1348 22.68 92.38 -57.21
C LYS H 1348 22.17 93.25 -58.35
N MET H 1349 21.64 92.60 -59.40
CA MET H 1349 21.03 93.25 -60.58
C MET H 1349 19.72 93.87 -60.13
N ILE H 1350 19.43 95.12 -60.49
CA ILE H 1350 18.15 95.76 -60.07
C ILE H 1350 17.08 95.21 -61.01
N PRO H 1351 15.92 94.76 -60.50
CA PRO H 1351 15.01 93.92 -61.27
C PRO H 1351 14.53 94.57 -62.59
N GLY H 1352 14.47 93.78 -63.65
CA GLY H 1352 14.14 94.24 -65.02
C GLY H 1352 15.37 94.56 -65.84
N ALA H 1353 16.37 95.22 -65.25
CA ALA H 1353 17.58 95.75 -65.94
C ALA H 1353 18.33 94.64 -66.68
N LYS H 1354 18.58 94.85 -67.97
CA LYS H 1354 19.39 93.96 -68.83
C LYS H 1354 20.85 94.09 -68.41
N PRO H 1355 21.66 93.03 -68.57
CA PRO H 1355 23.07 93.09 -68.18
C PRO H 1355 23.91 93.98 -69.11
N LEU H 1356 25.12 94.32 -68.66
CA LEU H 1356 26.03 95.33 -69.30
C LEU H 1356 26.45 94.82 -70.69
N GLN H 1357 26.16 95.61 -71.74
CA GLN H 1357 26.58 95.38 -73.15
C GLN H 1357 27.98 95.99 -73.35
N VAL H 1358 28.40 96.20 -74.60
CA VAL H 1358 29.80 96.54 -74.98
C VAL H 1358 29.91 97.97 -75.53
N GLY H 1359 28.80 98.64 -75.84
CA GLY H 1359 28.83 100.06 -76.25
C GLY H 1359 28.52 100.99 -75.10
N ASP H 1360 28.05 100.44 -73.98
CA ASP H 1360 27.37 101.18 -72.87
C ASP H 1360 28.34 102.15 -72.22
N VAL H 1361 27.83 103.33 -71.81
CA VAL H 1361 28.54 104.32 -70.95
C VAL H 1361 27.93 104.24 -69.54
N VAL H 1362 28.73 103.87 -68.54
CA VAL H 1362 28.25 103.42 -67.21
C VAL H 1362 28.77 104.36 -66.12
N SER H 1363 27.91 105.23 -65.60
CA SER H 1363 28.16 106.07 -64.39
C SER H 1363 28.25 105.17 -63.17
N THR H 1364 29.16 105.50 -62.24
CA THR H 1364 29.28 104.88 -60.90
C THR H 1364 29.09 105.97 -59.84
N THR H 1365 28.66 105.53 -58.67
CA THR H 1365 28.38 106.35 -57.47
C THR H 1365 28.37 105.35 -56.31
N ALA H 1366 29.22 105.57 -55.31
CA ALA H 1366 29.37 104.65 -54.16
C ALA H 1366 29.12 105.43 -52.86
N VAL H 1367 28.60 104.71 -51.90
CA VAL H 1367 28.06 105.28 -50.64
C VAL H 1367 28.50 104.32 -49.54
N ILE H 1368 29.10 104.88 -48.52
CA ILE H 1368 29.48 104.13 -47.30
C ILE H 1368 28.19 103.93 -46.51
N GLU H 1369 27.91 102.69 -46.14
CA GLU H 1369 26.60 102.20 -45.65
C GLU H 1369 26.72 102.09 -44.12
N SER H 1370 27.67 101.30 -43.64
CA SER H 1370 28.10 101.17 -42.23
C SER H 1370 29.60 101.47 -42.11
N VAL H 1371 29.98 102.25 -41.09
CA VAL H 1371 31.32 102.21 -40.43
C VAL H 1371 31.03 101.88 -38.97
N VAL H 1372 31.50 100.75 -38.47
CA VAL H 1372 31.13 100.27 -37.12
C VAL H 1372 32.39 99.68 -36.48
N ASN H 1373 32.81 100.21 -35.31
CA ASN H 1373 33.96 99.66 -34.54
C ASN H 1373 33.47 98.39 -33.85
N GLN H 1374 34.21 97.30 -34.04
CA GLN H 1374 34.01 96.03 -33.31
C GLN H 1374 35.21 95.86 -32.39
N PRO H 1375 35.16 94.94 -31.41
CA PRO H 1375 36.34 94.65 -30.60
C PRO H 1375 37.60 94.51 -31.48
N THR H 1376 37.55 93.54 -32.38
CA THR H 1376 38.70 93.00 -33.16
C THR H 1376 39.14 94.02 -34.22
N GLY H 1377 38.28 94.97 -34.63
CA GLY H 1377 38.62 96.00 -35.66
C GLY H 1377 37.43 96.83 -36.12
N LYS H 1378 37.59 97.57 -37.23
CA LYS H 1378 36.60 98.49 -37.84
C LYS H 1378 36.10 97.91 -39.17
N ILE H 1379 34.78 97.75 -39.34
CA ILE H 1379 34.18 97.13 -40.56
C ILE H 1379 33.47 98.23 -41.36
N VAL H 1380 34.03 98.53 -42.54
CA VAL H 1380 33.44 99.46 -43.54
C VAL H 1380 32.66 98.67 -44.59
N ASP H 1381 31.42 99.09 -44.86
CA ASP H 1381 30.44 98.44 -45.77
C ASP H 1381 30.05 99.46 -46.85
N VAL H 1382 30.41 99.19 -48.10
CA VAL H 1382 30.23 100.18 -49.21
C VAL H 1382 29.20 99.61 -50.18
N VAL H 1383 28.42 100.50 -50.79
CA VAL H 1383 27.35 100.15 -51.78
C VAL H 1383 27.55 100.99 -53.04
N GLY H 1384 28.15 100.38 -54.05
CA GLY H 1384 28.35 100.97 -55.37
C GLY H 1384 27.11 100.76 -56.22
N THR H 1385 26.73 101.77 -56.99
CA THR H 1385 25.54 101.75 -57.87
C THR H 1385 26.00 102.11 -59.29
N LEU H 1386 26.02 101.09 -60.16
CA LEU H 1386 26.25 101.26 -61.62
C LEU H 1386 24.96 101.76 -62.25
N SER H 1387 25.05 102.76 -63.14
CA SER H 1387 23.92 103.34 -63.91
C SER H 1387 24.26 103.43 -65.40
N ARG H 1388 23.26 103.14 -66.26
CA ARG H 1388 23.31 103.19 -67.75
C ARG H 1388 22.12 104.03 -68.23
N ASN H 1389 22.36 105.11 -68.97
CA ASN H 1389 21.29 106.02 -69.50
C ASN H 1389 20.37 106.44 -68.33
N GLY H 1390 20.94 106.94 -67.23
CA GLY H 1390 20.18 107.59 -66.13
C GLY H 1390 19.59 106.60 -65.12
N LYS H 1391 19.47 105.32 -65.43
CA LYS H 1391 18.79 104.30 -64.57
C LYS H 1391 19.82 103.43 -63.85
N PRO H 1392 19.59 103.02 -62.57
CA PRO H 1392 20.35 101.95 -61.96
C PRO H 1392 20.33 100.65 -62.78
N VAL H 1393 21.48 99.99 -62.88
CA VAL H 1393 21.64 98.64 -63.48
C VAL H 1393 21.89 97.64 -62.37
N MET H 1394 22.95 97.81 -61.58
CA MET H 1394 23.21 96.91 -60.45
C MET H 1394 23.90 97.63 -59.29
N GLU H 1395 23.79 97.02 -58.11
CA GLU H 1395 24.46 97.39 -56.84
C GLU H 1395 25.61 96.43 -56.58
N VAL H 1396 26.81 96.97 -56.40
CA VAL H 1396 28.02 96.27 -55.88
C VAL H 1396 28.10 96.58 -54.38
N THR H 1397 28.24 95.54 -53.55
CA THR H 1397 28.38 95.63 -52.06
C THR H 1397 29.70 94.98 -51.65
N SER H 1398 30.60 95.75 -51.04
CA SER H 1398 31.92 95.30 -50.53
C SER H 1398 31.98 95.58 -49.04
N SER H 1399 32.41 94.62 -48.23
CA SER H 1399 32.72 94.83 -46.79
C SER H 1399 34.23 94.69 -46.57
N PHE H 1400 34.86 95.76 -46.13
CA PHE H 1400 36.30 95.84 -45.76
C PHE H 1400 36.44 95.84 -44.25
N PHE H 1401 37.54 95.29 -43.76
CA PHE H 1401 37.89 95.17 -42.31
C PHE H 1401 39.29 95.74 -42.07
N TYR H 1402 39.42 96.81 -41.29
CA TYR H 1402 40.70 97.27 -40.72
C TYR H 1402 40.95 96.61 -39.36
N ARG H 1403 41.89 95.65 -39.25
CA ARG H 1403 42.27 95.02 -37.95
C ARG H 1403 42.90 96.08 -37.07
N GLY H 1404 42.41 96.21 -35.83
CA GLY H 1404 43.01 97.10 -34.84
C GLY H 1404 42.11 97.33 -33.66
N ASN H 1405 42.45 98.36 -32.87
CA ASN H 1405 41.66 98.80 -31.70
C ASN H 1405 41.26 100.26 -31.94
N TYR H 1406 40.00 100.48 -32.33
CA TYR H 1406 39.42 101.81 -32.63
C TYR H 1406 38.43 102.13 -31.52
N THR H 1407 38.47 103.37 -31.05
CA THR H 1407 37.55 103.97 -30.03
C THR H 1407 37.10 105.31 -30.58
N ASP H 1408 36.71 105.29 -31.85
CA ASP H 1408 36.57 106.44 -32.78
C ASP H 1408 35.08 106.66 -32.99
N PHE H 1409 34.28 106.52 -31.93
CA PHE H 1409 32.81 106.33 -32.01
C PHE H 1409 32.12 107.58 -32.59
N GLU H 1410 32.76 108.74 -32.49
CA GLU H 1410 32.35 110.03 -33.13
C GLU H 1410 32.16 109.85 -34.64
N ASN H 1411 32.97 109.02 -35.29
CA ASN H 1411 33.13 108.88 -36.76
C ASN H 1411 32.64 107.49 -37.19
N THR H 1412 31.59 107.02 -36.54
CA THR H 1412 31.06 105.65 -36.68
C THR H 1412 29.55 105.80 -36.82
N PHE H 1413 28.97 105.12 -37.81
CA PHE H 1413 27.55 105.27 -38.20
C PHE H 1413 27.11 104.13 -39.10
N GLN H 1414 25.82 104.13 -39.42
CA GLN H 1414 25.12 103.05 -40.12
C GLN H 1414 23.91 103.72 -40.77
N LYS H 1415 23.79 103.63 -42.08
CA LYS H 1415 22.87 104.48 -42.88
C LYS H 1415 22.29 103.58 -43.98
N THR H 1416 21.63 102.50 -43.53
CA THR H 1416 21.04 101.45 -44.40
C THR H 1416 19.74 101.94 -45.02
N VAL H 1417 19.34 101.27 -46.12
CA VAL H 1417 18.00 101.34 -46.78
C VAL H 1417 17.37 99.97 -46.57
N GLU H 1418 16.36 99.88 -45.70
CA GLU H 1418 15.80 98.60 -45.22
C GLU H 1418 15.00 97.96 -46.35
N PRO H 1419 14.73 96.64 -46.31
CA PRO H 1419 13.96 96.00 -47.36
C PRO H 1419 12.48 96.39 -47.23
N VAL H 1420 11.78 96.59 -48.34
CA VAL H 1420 10.34 96.99 -48.32
C VAL H 1420 9.55 95.87 -47.61
N TYR H 1421 8.72 96.27 -46.66
CA TYR H 1421 7.88 95.40 -45.79
C TYR H 1421 6.42 95.77 -46.05
N GLN H 1422 5.55 94.77 -46.25
CA GLN H 1422 4.11 94.99 -46.46
C GLN H 1422 3.31 94.36 -45.32
N MET H 1423 2.21 95.01 -44.96
CA MET H 1423 1.18 94.51 -44.01
C MET H 1423 -0.16 94.49 -44.72
N HIS H 1424 -0.83 93.34 -44.69
CA HIS H 1424 -2.28 93.21 -44.99
C HIS H 1424 -3.02 93.50 -43.68
N ILE H 1425 -3.68 94.65 -43.55
CA ILE H 1425 -4.52 94.95 -42.36
C ILE H 1425 -5.87 94.23 -42.56
N LYS H 1426 -6.06 93.07 -41.91
CA LYS H 1426 -7.26 92.20 -42.04
C LYS H 1426 -8.28 92.55 -40.93
N THR H 1427 -7.83 92.66 -39.68
CA THR H 1427 -8.67 92.76 -38.46
C THR H 1427 -8.77 94.21 -38.02
N SER H 1428 -9.35 94.48 -36.84
CA SER H 1428 -9.45 95.81 -36.20
C SER H 1428 -8.44 95.94 -35.04
N LYS H 1429 -7.87 94.83 -34.56
CA LYS H 1429 -6.78 94.87 -33.54
C LYS H 1429 -5.41 94.79 -34.25
N ASP H 1430 -5.38 94.93 -35.58
CA ASP H 1430 -4.18 95.26 -36.38
C ASP H 1430 -4.13 96.77 -36.57
N ILE H 1431 -5.26 97.39 -36.95
CA ILE H 1431 -5.37 98.87 -37.16
C ILE H 1431 -5.19 99.57 -35.80
N ALA H 1432 -5.64 98.99 -34.69
CA ALA H 1432 -5.58 99.64 -33.37
C ALA H 1432 -4.14 99.67 -32.86
N VAL H 1433 -3.33 98.69 -33.25
CA VAL H 1433 -1.87 98.61 -32.94
C VAL H 1433 -1.12 99.72 -33.68
N LEU H 1434 -1.28 99.79 -35.00
CA LEU H 1434 -0.61 100.83 -35.85
C LEU H 1434 -0.94 102.23 -35.33
N ARG H 1435 -2.17 102.48 -34.89
CA ARG H 1435 -2.60 103.80 -34.35
C ARG H 1435 -1.93 104.09 -32.99
N SER H 1436 -1.42 103.07 -32.29
CA SER H 1436 -0.74 103.22 -30.99
C SER H 1436 0.62 103.86 -31.20
N LYS H 1437 1.24 103.56 -32.34
CA LYS H 1437 2.66 103.87 -32.67
C LYS H 1437 2.79 105.34 -33.07
N GLU H 1438 3.56 106.10 -32.29
CA GLU H 1438 3.88 107.53 -32.51
C GLU H 1438 4.39 107.70 -33.94
N TRP H 1439 5.18 106.72 -34.39
CA TRP H 1439 5.98 106.80 -35.64
C TRP H 1439 5.14 106.58 -36.90
N PHE H 1440 3.85 106.26 -36.81
CA PHE H 1440 2.93 106.02 -37.95
C PHE H 1440 2.08 107.27 -38.18
N GLN H 1441 2.66 108.32 -38.77
CA GLN H 1441 1.95 109.55 -39.17
C GLN H 1441 1.15 109.27 -40.44
N LEU H 1442 -0.16 109.54 -40.45
CA LEU H 1442 -0.99 109.56 -41.70
C LEU H 1442 -1.30 111.02 -42.07
N ASP H 1443 -1.39 111.30 -43.37
CA ASP H 1443 -1.71 112.64 -43.94
C ASP H 1443 -3.17 112.98 -43.60
N ASP H 1444 -4.06 112.00 -43.78
CA ASP H 1444 -5.52 112.04 -43.46
C ASP H 1444 -5.76 111.05 -42.31
N GLU H 1445 -5.89 111.54 -41.07
CA GLU H 1445 -5.94 110.72 -39.82
C GLU H 1445 -7.13 109.75 -39.85
N ASP H 1446 -8.26 110.17 -40.47
CA ASP H 1446 -9.53 109.40 -40.60
C ASP H 1446 -9.44 108.25 -41.63
N PHE H 1447 -8.39 108.21 -42.45
CA PHE H 1447 -8.18 107.23 -43.56
C PHE H 1447 -8.49 105.80 -43.09
N ASP H 1448 -9.27 105.04 -43.90
CA ASP H 1448 -9.74 103.67 -43.58
C ASP H 1448 -8.69 102.65 -44.03
N LEU H 1449 -8.11 101.89 -43.08
CA LEU H 1449 -7.00 100.93 -43.34
C LEU H 1449 -7.52 99.50 -43.53
N LEU H 1450 -8.81 99.23 -43.31
CA LEU H 1450 -9.32 97.84 -43.22
C LEU H 1450 -9.32 97.21 -44.61
N ASN H 1451 -8.75 96.00 -44.71
CA ASN H 1451 -8.58 95.20 -45.96
C ASN H 1451 -7.69 95.94 -46.96
N LYS H 1452 -6.82 96.84 -46.50
CA LYS H 1452 -5.80 97.52 -47.33
C LYS H 1452 -4.47 96.78 -47.16
N THR H 1453 -3.60 96.90 -48.16
CA THR H 1453 -2.21 96.38 -48.16
C THR H 1453 -1.26 97.58 -48.10
N LEU H 1454 -0.72 97.88 -46.91
CA LEU H 1454 0.30 98.94 -46.70
C LEU H 1454 1.71 98.39 -46.98
N THR H 1455 2.55 99.12 -47.73
CA THR H 1455 4.00 98.85 -47.91
C THR H 1455 4.78 99.99 -47.27
N PHE H 1456 5.81 99.66 -46.47
CA PHE H 1456 6.65 100.63 -45.71
C PHE H 1456 8.04 100.68 -46.35
N GLU H 1457 8.33 101.75 -47.09
CA GLU H 1457 9.65 101.97 -47.74
C GLU H 1457 10.48 102.86 -46.80
N THR H 1458 11.36 102.24 -46.01
CA THR H 1458 11.95 102.80 -44.76
C THR H 1458 13.49 102.78 -44.88
N GLU H 1459 14.16 103.86 -44.45
CA GLU H 1459 15.65 103.89 -44.25
C GLU H 1459 15.99 104.39 -42.85
N THR H 1460 17.06 103.85 -42.25
CA THR H 1460 17.44 104.02 -40.83
C THR H 1460 18.92 104.47 -40.71
N GLU H 1461 19.12 105.79 -40.58
CA GLU H 1461 20.32 106.44 -39.99
C GLU H 1461 20.45 106.06 -38.51
N VAL H 1462 21.66 105.68 -38.10
CA VAL H 1462 22.02 105.31 -36.70
C VAL H 1462 23.44 105.79 -36.45
N THR H 1463 23.64 106.64 -35.43
CA THR H 1463 24.96 107.04 -34.88
C THR H 1463 25.21 106.24 -33.60
N PHE H 1464 26.47 106.02 -33.24
CA PHE H 1464 26.89 105.24 -32.06
C PHE H 1464 27.52 106.16 -31.00
N LYS H 1465 27.44 105.75 -29.72
CA LYS H 1465 28.21 106.33 -28.58
C LYS H 1465 29.11 105.26 -27.94
N ASN H 1466 28.92 103.98 -28.28
CA ASN H 1466 29.55 102.79 -27.63
C ASN H 1466 29.47 101.61 -28.60
N ALA H 1467 30.08 100.49 -28.22
CA ALA H 1467 30.08 99.23 -29.00
C ALA H 1467 28.64 98.76 -29.29
N ASN H 1468 27.73 98.89 -28.32
CA ASN H 1468 26.37 98.27 -28.30
C ASN H 1468 25.27 99.35 -28.26
N ILE H 1469 25.40 100.40 -27.44
CA ILE H 1469 24.35 101.44 -27.26
C ILE H 1469 24.44 102.45 -28.41
N PHE H 1470 23.32 102.86 -29.01
CA PHE H 1470 23.25 103.84 -30.13
C PHE H 1470 23.05 105.24 -29.56
N SER H 1471 23.79 106.21 -30.09
CA SER H 1471 23.77 107.64 -29.70
C SER H 1471 22.43 108.24 -30.12
N SER H 1472 21.93 107.80 -31.26
CA SER H 1472 20.74 108.35 -31.96
C SER H 1472 20.24 107.34 -32.99
N VAL H 1473 18.94 107.04 -32.99
CA VAL H 1473 18.27 106.16 -34.00
C VAL H 1473 17.26 107.00 -34.75
N LYS H 1474 17.11 106.72 -36.03
CA LYS H 1474 16.27 107.52 -36.97
C LYS H 1474 15.79 106.57 -38.06
N CYS H 1475 14.48 106.35 -38.12
CA CYS H 1475 13.79 105.54 -39.14
C CYS H 1475 12.78 106.47 -39.80
N PHE H 1476 12.69 106.43 -41.12
CA PHE H 1476 11.83 107.37 -41.88
C PHE H 1476 11.69 106.89 -43.32
N GLY H 1477 10.58 107.26 -43.95
CA GLY H 1477 10.22 106.76 -45.28
C GLY H 1477 8.73 106.87 -45.55
N PRO H 1478 8.29 106.80 -46.82
CA PRO H 1478 6.87 106.80 -47.14
C PRO H 1478 6.14 105.50 -46.75
N ILE H 1479 4.90 105.64 -46.28
CA ILE H 1479 3.90 104.54 -46.15
C ILE H 1479 2.99 104.63 -47.37
N LYS H 1480 2.87 103.54 -48.13
CA LYS H 1480 2.08 103.49 -49.38
C LYS H 1480 0.96 102.47 -49.21
N VAL H 1481 -0.18 102.73 -49.85
CA VAL H 1481 -1.36 101.81 -49.91
C VAL H 1481 -1.52 101.36 -51.36
N GLU H 1482 -1.78 100.07 -51.58
CA GLU H 1482 -2.12 99.50 -52.92
C GLU H 1482 -3.57 99.85 -53.20
N LEU H 1483 -3.84 100.56 -54.30
CA LEU H 1483 -5.21 100.98 -54.71
C LEU H 1483 -5.92 99.83 -55.44
N PRO H 1484 -7.25 99.92 -55.68
CA PRO H 1484 -7.95 98.89 -56.46
C PRO H 1484 -7.24 98.52 -57.78
N THR H 1485 -6.58 99.49 -58.41
CA THR H 1485 -5.92 99.40 -59.74
C THR H 1485 -4.52 98.81 -59.61
N LYS H 1486 -3.98 98.69 -58.39
CA LYS H 1486 -2.60 98.21 -58.07
C LYS H 1486 -1.53 99.28 -58.39
N GLU H 1487 -1.89 100.55 -58.51
CA GLU H 1487 -0.92 101.67 -58.39
C GLU H 1487 -0.80 101.93 -56.89
N THR H 1488 0.38 102.36 -56.41
CA THR H 1488 0.61 102.76 -55.00
C THR H 1488 0.41 104.28 -54.86
N VAL H 1489 0.05 104.75 -53.65
CA VAL H 1489 -0.05 106.19 -53.28
C VAL H 1489 0.52 106.38 -51.87
N GLU H 1490 1.30 107.45 -51.68
CA GLU H 1490 1.77 107.89 -50.33
C GLU H 1490 0.55 108.36 -49.54
N ILE H 1491 0.33 107.78 -48.36
CA ILE H 1491 -0.73 108.20 -47.40
C ILE H 1491 -0.15 108.35 -45.99
N GLY H 1492 1.16 108.37 -45.84
CA GLY H 1492 1.79 108.41 -44.50
C GLY H 1492 3.29 108.52 -44.57
N ILE H 1493 3.90 108.78 -43.42
CA ILE H 1493 5.37 108.87 -43.24
C ILE H 1493 5.70 108.16 -41.92
N VAL H 1494 6.79 107.41 -41.90
CA VAL H 1494 7.46 106.93 -40.67
C VAL H 1494 8.35 108.09 -40.20
N ASP H 1495 8.29 108.47 -38.91
CA ASP H 1495 9.15 109.53 -38.33
C ASP H 1495 9.47 109.13 -36.90
N TYR H 1496 10.31 108.10 -36.74
CA TYR H 1496 10.85 107.68 -35.43
C TYR H 1496 12.23 108.31 -35.23
N GLU H 1497 12.42 108.94 -34.07
CA GLU H 1497 13.67 109.58 -33.58
C GLU H 1497 13.90 109.12 -32.15
N ALA H 1498 15.14 108.88 -31.75
CA ALA H 1498 15.51 108.45 -30.38
C ALA H 1498 16.90 109.00 -30.01
N GLY H 1499 17.17 109.08 -28.72
CA GLY H 1499 18.52 109.23 -28.16
C GLY H 1499 19.12 107.87 -27.86
N ALA H 1500 19.67 107.68 -26.66
CA ALA H 1500 20.49 106.50 -26.29
C ALA H 1500 19.62 105.25 -26.24
N SER H 1501 19.58 104.50 -27.35
CA SER H 1501 18.69 103.33 -27.57
C SER H 1501 19.53 102.07 -27.80
N HIS H 1502 18.95 100.89 -27.68
CA HIS H 1502 19.61 99.59 -27.97
C HIS H 1502 19.02 98.96 -29.24
N GLY H 1503 18.16 99.68 -29.99
CA GLY H 1503 17.39 99.07 -31.09
C GLY H 1503 16.60 100.07 -31.93
N ASN H 1504 16.24 99.64 -33.14
CA ASN H 1504 15.25 100.29 -34.03
C ASN H 1504 13.94 99.53 -33.85
N PRO H 1505 12.96 100.07 -33.11
CA PRO H 1505 11.70 99.37 -32.90
C PRO H 1505 10.89 99.26 -34.21
N VAL H 1506 10.92 100.28 -35.08
CA VAL H 1506 10.10 100.31 -36.34
C VAL H 1506 10.34 99.03 -37.16
N VAL H 1507 11.59 98.69 -37.42
CA VAL H 1507 11.97 97.51 -38.25
C VAL H 1507 11.65 96.23 -37.46
N ASP H 1508 11.86 96.22 -36.14
CA ASP H 1508 11.53 95.05 -35.28
C ASP H 1508 10.02 94.76 -35.38
N PHE H 1509 9.19 95.82 -35.45
CA PHE H 1509 7.72 95.72 -35.59
C PHE H 1509 7.38 95.06 -36.93
N LEU H 1510 7.82 95.70 -38.01
CA LEU H 1510 7.48 95.31 -39.40
C LEU H 1510 7.99 93.89 -39.71
N LYS H 1511 9.07 93.42 -39.08
CA LYS H 1511 9.61 92.05 -39.29
C LYS H 1511 8.57 91.02 -38.83
N ARG H 1512 8.07 91.18 -37.60
CA ARG H 1512 7.08 90.27 -36.97
C ARG H 1512 5.71 90.46 -37.64
N ASN H 1513 5.14 91.67 -37.57
CA ASN H 1513 3.71 91.93 -37.93
C ASN H 1513 3.52 92.10 -39.43
N GLY H 1514 4.61 92.24 -40.20
CA GLY H 1514 4.56 92.33 -41.68
C GLY H 1514 5.32 91.19 -42.33
N SER H 1515 5.67 91.35 -43.59
CA SER H 1515 6.43 90.38 -44.41
C SER H 1515 7.21 91.15 -45.48
N THR H 1516 8.24 90.52 -46.07
CA THR H 1516 8.94 91.05 -47.26
C THR H 1516 8.14 90.67 -48.52
N LEU H 1517 8.43 91.29 -49.65
CA LEU H 1517 7.70 91.07 -50.93
C LEU H 1517 8.04 89.67 -51.49
N GLU H 1518 9.27 89.20 -51.27
CA GLU H 1518 9.77 87.88 -51.70
C GLU H 1518 10.02 87.02 -50.46
N GLN H 1519 9.87 85.70 -50.58
CA GLN H 1519 10.08 84.74 -49.46
C GLN H 1519 10.87 83.54 -50.00
N LYS H 1520 12.06 83.29 -49.48
CA LYS H 1520 12.81 82.10 -49.93
C LYS H 1520 12.12 80.88 -49.32
N VAL H 1521 12.05 79.79 -50.07
CA VAL H 1521 11.50 78.50 -49.56
C VAL H 1521 12.51 77.42 -49.93
N ASN H 1522 13.01 76.71 -48.92
CA ASN H 1522 14.05 75.68 -49.10
C ASN H 1522 13.41 74.44 -49.72
N LEU H 1523 14.08 73.87 -50.71
CA LEU H 1523 13.83 72.49 -51.18
C LEU H 1523 13.87 71.58 -49.96
N GLU H 1524 13.18 70.43 -50.02
CA GLU H 1524 13.21 69.38 -48.97
C GLU H 1524 14.65 68.93 -48.78
N ASN H 1525 15.32 68.55 -49.87
CA ASN H 1525 16.72 68.06 -49.90
C ASN H 1525 17.55 68.96 -50.82
N PRO H 1526 18.69 69.51 -50.34
CA PRO H 1526 19.64 70.17 -51.22
C PRO H 1526 20.06 69.20 -52.34
N ILE H 1527 20.12 69.69 -53.57
CA ILE H 1527 20.55 68.91 -54.76
C ILE H 1527 22.00 69.29 -55.07
N PRO H 1528 22.95 68.34 -55.01
CA PRO H 1528 24.29 68.55 -55.58
C PRO H 1528 24.26 68.79 -57.10
N ILE H 1529 24.69 69.97 -57.56
CA ILE H 1529 24.79 70.37 -58.99
C ILE H 1529 26.09 69.83 -59.59
N ALA H 1530 27.21 70.06 -58.90
CA ALA H 1530 28.56 69.64 -59.36
C ALA H 1530 29.58 69.75 -58.20
N VAL H 1531 30.78 69.18 -58.42
CA VAL H 1531 31.99 69.42 -57.59
C VAL H 1531 33.17 69.67 -58.54
N LEU H 1532 33.58 70.92 -58.69
CA LEU H 1532 34.45 71.38 -59.80
C LEU H 1532 35.80 71.84 -59.27
N ASP H 1533 36.82 71.78 -60.11
CA ASP H 1533 38.22 72.14 -59.78
C ASP H 1533 38.63 73.32 -60.65
N SER H 1534 38.54 74.54 -60.12
CA SER H 1534 39.28 75.73 -60.62
C SER H 1534 40.70 75.66 -60.07
N TYR H 1535 41.62 76.41 -60.69
CA TYR H 1535 43.06 76.56 -60.31
C TYR H 1535 43.44 78.04 -60.36
N THR H 1536 44.01 78.55 -59.26
CA THR H 1536 44.52 79.93 -59.19
C THR H 1536 45.77 80.03 -60.05
N PRO H 1537 46.00 81.14 -60.77
CA PRO H 1537 47.09 81.22 -61.74
C PRO H 1537 48.43 81.38 -61.00
N SER H 1538 49.55 81.20 -61.71
CA SER H 1538 50.93 81.20 -61.12
C SER H 1538 51.27 82.60 -60.59
N THR H 1539 50.75 83.64 -61.24
CA THR H 1539 51.01 85.06 -60.92
C THR H 1539 49.66 85.79 -60.85
N ASN H 1540 49.62 86.84 -60.05
CA ASN H 1540 48.44 87.71 -59.91
C ASN H 1540 48.70 89.02 -60.67
N GLU H 1541 49.60 89.06 -61.65
CA GLU H 1541 49.82 90.28 -62.49
C GLU H 1541 48.70 90.47 -63.51
N PRO H 1542 48.21 89.46 -64.25
CA PRO H 1542 47.21 89.70 -65.30
C PRO H 1542 45.84 90.11 -64.74
N TYR H 1543 45.39 89.53 -63.61
CA TYR H 1543 44.11 89.97 -62.96
C TYR H 1543 44.23 91.42 -62.53
N ALA H 1544 45.38 91.79 -61.99
CA ALA H 1544 45.69 93.15 -61.49
C ALA H 1544 45.69 94.15 -62.65
N ARG H 1545 46.06 93.73 -63.87
CA ARG H 1545 46.18 94.63 -65.04
C ARG H 1545 44.78 95.13 -65.47
N VAL H 1546 43.82 94.21 -65.55
CA VAL H 1546 42.43 94.47 -66.03
C VAL H 1546 41.60 95.13 -64.92
N SER H 1547 41.74 94.67 -63.67
CA SER H 1547 40.96 95.14 -62.50
C SER H 1547 41.36 96.55 -62.07
N GLY H 1548 42.66 96.84 -62.03
CA GLY H 1548 43.21 98.06 -61.40
C GLY H 1548 43.38 97.91 -59.89
N ASP H 1549 43.27 96.68 -59.37
CA ASP H 1549 43.69 96.26 -57.99
C ASP H 1549 45.20 95.95 -58.03
N LEU H 1550 45.99 97.02 -58.08
CA LEU H 1550 47.47 96.96 -58.08
C LEU H 1550 48.02 96.77 -56.65
N ASN H 1551 47.17 96.46 -55.66
CA ASN H 1551 47.57 96.17 -54.25
C ASN H 1551 48.85 95.36 -54.27
N PRO H 1552 49.98 95.96 -53.81
CA PRO H 1552 51.28 95.28 -53.74
C PRO H 1552 51.36 93.94 -53.02
N ILE H 1553 50.46 93.65 -52.10
CA ILE H 1553 50.47 92.37 -51.35
C ILE H 1553 50.15 91.20 -52.26
N HIS H 1554 49.77 91.43 -53.52
CA HIS H 1554 49.36 90.36 -54.47
C HIS H 1554 50.47 90.07 -55.47
N VAL H 1555 51.42 91.00 -55.66
CA VAL H 1555 52.44 90.88 -56.75
C VAL H 1555 53.87 90.91 -56.20
N SER H 1556 54.14 91.63 -55.10
CA SER H 1556 55.49 91.93 -54.55
C SER H 1556 55.73 91.07 -53.30
N ARG H 1557 56.74 90.19 -53.34
CA ARG H 1557 57.13 89.28 -52.23
C ARG H 1557 57.44 90.10 -50.98
N HIS H 1558 58.00 91.30 -51.10
CA HIS H 1558 58.48 92.10 -49.93
C HIS H 1558 57.30 92.68 -49.16
N PHE H 1559 56.35 93.32 -49.83
CA PHE H 1559 55.12 93.86 -49.20
C PHE H 1559 54.30 92.74 -48.57
N ALA H 1560 54.19 91.59 -49.21
CA ALA H 1560 53.48 90.43 -48.65
C ALA H 1560 54.11 90.06 -47.30
N SER H 1561 55.44 90.00 -47.28
CA SER H 1561 56.27 89.64 -46.10
C SER H 1561 56.12 90.70 -45.00
N TYR H 1562 55.96 91.98 -45.38
CA TYR H 1562 55.76 93.11 -44.45
C TYR H 1562 54.34 93.12 -43.85
N ALA H 1563 53.39 92.40 -44.43
CA ALA H 1563 51.99 92.30 -43.97
C ALA H 1563 51.77 90.96 -43.27
N ASN H 1564 52.83 90.19 -43.05
CA ASN H 1564 52.80 88.89 -42.33
C ASN H 1564 51.95 87.87 -43.09
N LEU H 1565 51.80 88.01 -44.42
CA LEU H 1565 50.96 87.07 -45.22
C LEU H 1565 51.82 85.87 -45.62
N PRO H 1566 51.21 84.71 -45.92
CA PRO H 1566 51.99 83.52 -46.27
C PRO H 1566 52.65 83.49 -47.66
N GLY H 1567 52.63 84.60 -48.40
CA GLY H 1567 53.10 84.65 -49.80
C GLY H 1567 52.35 85.74 -50.54
N THR H 1568 52.71 86.03 -51.80
CA THR H 1568 51.91 86.95 -52.66
C THR H 1568 50.58 86.25 -52.92
N ILE H 1569 49.56 86.57 -52.14
CA ILE H 1569 48.23 85.91 -52.15
C ILE H 1569 47.46 86.28 -53.41
N THR H 1570 46.68 85.33 -53.94
CA THR H 1570 45.68 85.53 -55.01
C THR H 1570 44.68 86.59 -54.55
N HIS H 1571 44.36 87.57 -55.40
CA HIS H 1571 43.25 88.53 -55.17
C HIS H 1571 41.99 87.75 -54.85
N GLY H 1572 41.22 88.15 -53.83
CA GLY H 1572 39.93 87.53 -53.53
C GLY H 1572 38.99 87.66 -54.71
N MET H 1573 38.91 88.86 -55.31
CA MET H 1573 38.06 89.13 -56.49
C MET H 1573 38.37 88.16 -57.63
N PHE H 1574 39.61 87.73 -57.82
CA PHE H 1574 39.95 86.70 -58.83
C PHE H 1574 39.23 85.40 -58.47
N SER H 1575 39.36 84.93 -57.24
CA SER H 1575 38.67 83.70 -56.75
C SER H 1575 37.14 83.84 -56.97
N SER H 1576 36.54 84.96 -56.57
CA SER H 1576 35.10 85.28 -56.72
C SER H 1576 34.70 85.12 -58.20
N ALA H 1577 35.35 85.83 -59.12
CA ALA H 1577 35.02 85.81 -60.56
C ALA H 1577 35.12 84.40 -61.10
N SER H 1578 36.24 83.73 -60.83
CA SER H 1578 36.54 82.34 -61.20
C SER H 1578 35.35 81.46 -60.88
N VAL H 1579 34.96 81.40 -59.62
CA VAL H 1579 33.88 80.49 -59.13
C VAL H 1579 32.55 80.92 -59.75
N ARG H 1580 32.25 82.21 -59.83
CA ARG H 1580 31.00 82.75 -60.43
C ARG H 1580 30.88 82.27 -61.89
N ALA H 1581 32.00 82.13 -62.59
CA ALA H 1581 32.07 81.57 -63.95
C ALA H 1581 31.64 80.10 -63.96
N LEU H 1582 31.90 79.32 -62.89
CA LEU H 1582 31.43 77.92 -62.80
C LEU H 1582 29.93 77.85 -62.48
N ILE H 1583 29.43 78.69 -61.56
CA ILE H 1583 27.98 78.82 -61.21
C ILE H 1583 27.21 79.10 -62.52
N GLU H 1584 27.71 80.05 -63.30
CA GLU H 1584 27.14 80.52 -64.59
C GLU H 1584 27.13 79.39 -65.62
N ASN H 1585 28.03 78.42 -65.52
CA ASN H 1585 28.14 77.32 -66.50
C ASN H 1585 27.27 76.14 -66.03
N TRP H 1586 27.23 75.81 -64.73
CA TRP H 1586 26.52 74.61 -64.21
C TRP H 1586 25.10 74.87 -63.69
N ALA H 1587 24.71 76.11 -63.41
CA ALA H 1587 23.39 76.45 -62.85
C ALA H 1587 22.59 77.40 -63.75
N ALA H 1588 23.24 78.13 -64.66
CA ALA H 1588 22.55 79.02 -65.61
C ALA H 1588 22.65 78.44 -67.02
N ASP H 1589 22.99 77.17 -67.16
CA ASP H 1589 23.12 76.53 -68.49
C ASP H 1589 23.91 77.46 -69.42
N SER H 1590 25.00 78.05 -68.93
CA SER H 1590 25.89 79.02 -69.62
C SER H 1590 25.11 80.14 -70.31
N VAL H 1591 24.16 80.78 -69.61
CA VAL H 1591 23.45 82.00 -70.09
C VAL H 1591 23.76 83.13 -69.09
N SER H 1592 24.56 84.12 -69.47
CA SER H 1592 24.97 85.24 -68.59
C SER H 1592 23.75 85.78 -67.85
N SER H 1593 22.73 86.22 -68.60
CA SER H 1593 21.62 87.11 -68.12
C SER H 1593 20.87 86.51 -66.92
N ARG H 1594 20.82 85.18 -66.82
CA ARG H 1594 20.08 84.48 -65.75
C ARG H 1594 20.67 84.73 -64.37
N VAL H 1595 21.98 84.92 -64.25
CA VAL H 1595 22.60 85.04 -62.89
C VAL H 1595 22.44 86.50 -62.51
N ARG H 1596 21.79 86.70 -61.37
CA ARG H 1596 20.83 87.81 -61.11
C ARG H 1596 21.23 88.52 -59.81
N GLY H 1597 21.71 87.75 -58.83
CA GLY H 1597 22.61 88.22 -57.77
C GLY H 1597 23.64 87.17 -57.43
N TYR H 1598 24.75 87.60 -56.84
CA TYR H 1598 25.91 86.75 -56.46
C TYR H 1598 26.63 87.40 -55.30
N THR H 1599 26.89 86.67 -54.22
CA THR H 1599 27.47 87.21 -52.98
C THR H 1599 28.51 86.23 -52.47
N CYS H 1600 29.73 86.72 -52.21
CA CYS H 1600 30.95 85.94 -51.86
C CYS H 1600 31.45 86.32 -50.47
N GLN H 1601 31.70 85.34 -49.59
CA GLN H 1601 32.48 85.52 -48.35
C GLN H 1601 33.90 85.02 -48.59
N PHE H 1602 34.92 85.86 -48.38
CA PHE H 1602 36.36 85.48 -48.37
C PHE H 1602 36.74 85.04 -46.96
N VAL H 1603 37.05 83.75 -46.79
CA VAL H 1603 37.16 83.09 -45.46
C VAL H 1603 38.64 83.01 -45.11
N ASP H 1604 39.40 82.30 -45.93
CA ASP H 1604 40.87 82.13 -45.82
C ASP H 1604 41.51 82.59 -47.14
N MET H 1605 42.81 82.86 -47.12
CA MET H 1605 43.56 83.39 -48.28
C MET H 1605 44.14 82.24 -49.10
N VAL H 1606 44.35 82.48 -50.38
CA VAL H 1606 44.72 81.44 -51.38
C VAL H 1606 46.02 81.87 -52.06
N LEU H 1607 46.96 80.93 -52.18
CA LEU H 1607 48.29 81.17 -52.77
C LEU H 1607 48.25 80.74 -54.23
N PRO H 1608 49.06 81.37 -55.11
CA PRO H 1608 49.16 80.92 -56.49
C PRO H 1608 49.44 79.42 -56.67
N ASN H 1609 48.99 78.88 -57.79
CA ASN H 1609 49.11 77.44 -58.17
C ASN H 1609 48.43 76.57 -57.11
N THR H 1610 47.21 76.91 -56.67
CA THR H 1610 46.39 76.03 -55.77
C THR H 1610 45.28 75.36 -56.58
N ALA H 1611 44.82 74.22 -56.08
CA ALA H 1611 43.77 73.35 -56.64
C ALA H 1611 42.52 73.50 -55.77
N LEU H 1612 41.69 74.47 -56.12
CA LEU H 1612 40.41 74.80 -55.43
C LEU H 1612 39.35 73.80 -55.87
N LYS H 1613 38.58 73.27 -54.91
CA LYS H 1613 37.53 72.25 -55.13
C LYS H 1613 36.19 72.81 -54.59
N THR H 1614 35.40 73.44 -55.47
CA THR H 1614 34.13 74.15 -55.12
C THR H 1614 32.97 73.18 -55.31
N SER H 1615 32.10 73.06 -54.30
CA SER H 1615 30.88 72.23 -54.31
C SER H 1615 29.68 73.17 -54.37
N ILE H 1616 28.85 73.04 -55.41
CA ILE H 1616 27.68 73.89 -55.73
C ILE H 1616 26.41 73.10 -55.40
N GLN H 1617 25.43 73.72 -54.76
CA GLN H 1617 24.15 73.07 -54.38
C GLN H 1617 22.98 73.99 -54.68
N HIS H 1618 21.94 73.47 -55.34
CA HIS H 1618 20.61 74.10 -55.45
C HIS H 1618 19.93 73.80 -54.15
N VAL H 1619 19.50 74.83 -53.44
CA VAL H 1619 19.22 74.73 -51.97
C VAL H 1619 17.80 75.21 -51.64
N GLY H 1620 17.12 75.87 -52.58
CA GLY H 1620 15.91 76.66 -52.31
C GLY H 1620 15.45 77.42 -53.52
N MET H 1621 14.35 78.15 -53.40
CA MET H 1621 13.77 78.96 -54.52
C MET H 1621 13.29 80.27 -53.92
N ILE H 1622 13.27 81.34 -54.69
CA ILE H 1622 12.66 82.63 -54.25
C ILE H 1622 11.96 83.28 -55.45
N ASN H 1623 10.64 83.11 -55.55
CA ASN H 1623 9.77 83.76 -56.57
C ASN H 1623 10.26 83.40 -57.99
N GLY H 1624 10.63 82.13 -58.20
CA GLY H 1624 10.98 81.62 -59.54
C GLY H 1624 12.46 81.62 -59.82
N ARG H 1625 13.26 82.19 -58.90
CA ARG H 1625 14.74 82.26 -59.02
C ARG H 1625 15.33 81.14 -58.18
N LYS H 1626 16.26 80.38 -58.73
CA LYS H 1626 16.97 79.30 -57.98
C LYS H 1626 17.92 79.99 -57.00
N LEU H 1627 18.12 79.34 -55.87
CA LEU H 1627 18.87 79.84 -54.69
C LEU H 1627 20.06 78.89 -54.54
N ILE H 1628 21.18 79.25 -55.15
CA ILE H 1628 22.39 78.40 -55.27
C ILE H 1628 23.29 78.77 -54.11
N LYS H 1629 23.95 77.79 -53.51
CA LYS H 1629 24.85 78.01 -52.35
C LYS H 1629 26.08 77.13 -52.56
N PHE H 1630 27.28 77.73 -52.57
CA PHE H 1630 28.56 77.01 -52.82
C PHE H 1630 29.50 77.20 -51.66
N GLU H 1631 30.48 76.31 -51.56
CA GLU H 1631 31.71 76.51 -50.77
C GLU H 1631 32.89 75.98 -51.57
N THR H 1632 34.05 76.60 -51.42
CA THR H 1632 35.32 76.22 -52.09
C THR H 1632 36.37 75.88 -51.04
N ARG H 1633 37.03 74.72 -51.22
CA ARG H 1633 38.09 74.19 -50.34
C ARG H 1633 39.39 74.05 -51.12
N ASN H 1634 40.54 74.25 -50.45
CA ASN H 1634 41.89 73.98 -51.00
C ASN H 1634 42.25 72.49 -50.77
N GLU H 1635 43.44 72.07 -51.21
CA GLU H 1635 43.96 70.67 -51.11
C GLU H 1635 43.99 70.20 -49.64
N ASP H 1636 44.31 71.10 -48.69
CA ASP H 1636 44.36 70.81 -47.23
C ASP H 1636 42.95 70.58 -46.65
N ASP H 1637 41.90 70.80 -47.44
CA ASP H 1637 40.46 70.64 -47.06
C ASP H 1637 40.08 71.74 -46.05
N VAL H 1638 40.30 73.00 -46.42
CA VAL H 1638 39.99 74.22 -45.61
C VAL H 1638 39.08 75.12 -46.45
N VAL H 1639 37.96 75.56 -45.90
CA VAL H 1639 37.03 76.49 -46.61
C VAL H 1639 37.75 77.82 -46.81
N VAL H 1640 37.69 78.34 -48.04
CA VAL H 1640 38.41 79.53 -48.57
C VAL H 1640 37.38 80.58 -49.04
N LEU H 1641 36.40 80.13 -49.83
CA LEU H 1641 35.21 80.89 -50.28
C LEU H 1641 33.93 80.22 -49.80
N THR H 1642 32.90 81.01 -49.58
CA THR H 1642 31.49 80.58 -49.48
C THR H 1642 30.65 81.66 -50.14
N GLY H 1643 29.42 81.32 -50.51
CA GLY H 1643 28.55 82.28 -51.19
C GLY H 1643 27.23 81.70 -51.62
N GLU H 1644 26.41 82.59 -52.17
CA GLU H 1644 25.03 82.35 -52.65
C GLU H 1644 24.94 82.88 -54.07
N ALA H 1645 24.03 82.37 -54.88
CA ALA H 1645 23.65 82.98 -56.16
C ALA H 1645 22.13 82.84 -56.38
N GLU H 1646 21.46 83.90 -56.82
CA GLU H 1646 20.08 83.88 -57.38
C GLU H 1646 20.19 83.72 -58.90
N ILE H 1647 19.54 82.71 -59.45
CA ILE H 1647 19.63 82.36 -60.89
C ILE H 1647 18.20 82.16 -61.43
N GLU H 1648 17.78 83.01 -62.36
CA GLU H 1648 16.50 82.86 -63.10
C GLU H 1648 16.40 81.43 -63.63
N GLN H 1649 15.20 80.86 -63.61
CA GLN H 1649 14.85 79.68 -64.44
C GLN H 1649 14.81 80.12 -65.90
N PRO H 1650 14.92 79.16 -66.85
CA PRO H 1650 14.81 79.47 -68.27
C PRO H 1650 13.46 80.10 -68.60
N VAL H 1651 13.39 80.99 -69.59
CA VAL H 1651 12.14 81.71 -70.02
C VAL H 1651 11.03 80.67 -70.20
N THR H 1652 9.92 80.83 -69.47
CA THR H 1652 8.93 79.76 -69.21
C THR H 1652 7.57 80.18 -69.77
N THR H 1653 6.83 79.22 -70.30
CA THR H 1653 5.41 79.33 -70.71
C THR H 1653 4.66 78.22 -69.98
N PHE H 1654 3.54 78.53 -69.32
CA PHE H 1654 2.64 77.48 -68.77
C PHE H 1654 1.48 77.31 -69.73
N VAL H 1655 1.11 76.07 -70.04
CA VAL H 1655 -0.02 75.77 -70.97
C VAL H 1655 -0.98 74.83 -70.25
N PHE H 1656 -2.21 75.29 -70.02
CA PHE H 1656 -3.25 74.52 -69.28
C PHE H 1656 -4.07 73.69 -70.26
N THR H 1657 -4.02 72.36 -70.12
CA THR H 1657 -4.82 71.36 -70.87
C THR H 1657 -6.32 71.67 -70.75
N GLY H 1658 -7.10 71.23 -71.73
CA GLY H 1658 -8.58 71.25 -71.71
C GLY H 1658 -9.15 69.88 -71.40
N GLN H 1659 -10.41 69.66 -71.78
CA GLN H 1659 -11.15 68.39 -71.54
C GLN H 1659 -10.44 67.21 -72.22
N GLY H 1660 -10.55 66.02 -71.62
CA GLY H 1660 -10.23 64.73 -72.26
C GLY H 1660 -9.99 63.64 -71.24
N SER H 1661 -8.81 63.68 -70.61
CA SER H 1661 -8.43 62.85 -69.43
C SER H 1661 -9.19 63.37 -68.21
N GLN H 1662 -10.18 62.60 -67.74
CA GLN H 1662 -10.96 62.88 -66.52
C GLN H 1662 -11.18 61.55 -65.81
N GLU H 1663 -10.23 61.17 -64.95
CA GLU H 1663 -10.18 59.85 -64.27
C GLU H 1663 -10.62 60.01 -62.83
N GLN H 1664 -11.14 58.96 -62.23
CA GLN H 1664 -11.54 58.95 -60.81
C GLN H 1664 -10.28 59.21 -59.98
N GLY H 1665 -10.41 60.00 -58.92
CA GLY H 1665 -9.31 60.35 -58.00
C GLY H 1665 -8.31 61.34 -58.60
N MET H 1666 -8.59 61.98 -59.74
CA MET H 1666 -7.63 62.91 -60.38
C MET H 1666 -7.30 64.03 -59.38
N GLY H 1667 -6.03 64.31 -59.19
CA GLY H 1667 -5.59 65.42 -58.32
C GLY H 1667 -5.67 65.10 -56.83
N MET H 1668 -6.04 63.89 -56.45
CA MET H 1668 -6.28 63.50 -55.03
C MET H 1668 -4.99 63.05 -54.34
N ASP H 1669 -3.99 62.59 -55.09
CA ASP H 1669 -2.61 62.35 -54.59
C ASP H 1669 -2.05 63.66 -54.04
N LEU H 1670 -2.15 64.72 -54.84
CA LEU H 1670 -1.64 66.07 -54.52
C LEU H 1670 -2.52 66.75 -53.46
N TYR H 1671 -3.70 66.23 -53.16
CA TYR H 1671 -4.62 66.78 -52.13
C TYR H 1671 -4.29 66.19 -50.74
N LYS H 1672 -3.72 64.97 -50.68
CA LYS H 1672 -3.23 64.35 -49.42
C LYS H 1672 -2.06 65.17 -48.88
N THR H 1673 -1.08 65.45 -49.73
CA THR H 1673 0.25 66.00 -49.35
C THR H 1673 0.13 67.53 -49.20
N SER H 1674 -0.37 68.23 -50.21
CA SER H 1674 -0.15 69.68 -50.38
C SER H 1674 -1.17 70.48 -49.56
N LYS H 1675 -0.67 71.40 -48.74
CA LYS H 1675 -1.49 72.39 -48.01
C LYS H 1675 -2.17 73.33 -49.00
N ALA H 1676 -1.50 73.64 -50.12
CA ALA H 1676 -1.94 74.65 -51.11
C ALA H 1676 -3.02 74.06 -52.01
N ALA H 1677 -2.92 72.78 -52.36
CA ALA H 1677 -4.00 72.06 -53.06
C ALA H 1677 -5.23 72.02 -52.15
N GLN H 1678 -5.09 71.46 -50.95
CA GLN H 1678 -6.17 71.39 -49.93
C GLN H 1678 -6.92 72.72 -49.86
N ASP H 1679 -6.26 73.87 -49.84
CA ASP H 1679 -7.01 75.15 -49.78
C ASP H 1679 -7.96 75.20 -50.97
N VAL H 1680 -7.45 74.93 -52.16
CA VAL H 1680 -8.18 75.05 -53.47
C VAL H 1680 -9.38 74.10 -53.45
N TRP H 1681 -9.17 72.83 -53.15
CA TRP H 1681 -10.30 71.86 -53.15
C TRP H 1681 -11.30 72.18 -52.03
N ASN H 1682 -10.84 72.46 -50.82
CA ASN H 1682 -11.72 72.66 -49.64
C ASN H 1682 -12.55 73.92 -49.87
N ARG H 1683 -11.95 74.96 -50.44
CA ARG H 1683 -12.67 76.23 -50.74
C ARG H 1683 -13.77 75.96 -51.76
N ALA H 1684 -13.43 75.24 -52.83
CA ALA H 1684 -14.33 74.96 -53.97
C ALA H 1684 -15.47 74.05 -53.49
N ASP H 1685 -15.12 72.95 -52.84
CA ASP H 1685 -16.08 71.96 -52.29
C ASP H 1685 -17.08 72.64 -51.36
N ASN H 1686 -16.66 73.62 -50.55
CA ASN H 1686 -17.57 74.31 -49.60
C ASN H 1686 -18.47 75.26 -50.39
N HIS H 1687 -18.00 75.79 -51.51
CA HIS H 1687 -18.80 76.74 -52.30
C HIS H 1687 -19.87 75.98 -53.04
N PHE H 1688 -19.50 74.86 -53.65
CA PHE H 1688 -20.43 73.97 -54.38
C PHE H 1688 -21.49 73.41 -53.42
N LYS H 1689 -21.12 73.09 -52.17
CA LYS H 1689 -22.05 72.55 -51.14
C LYS H 1689 -23.09 73.59 -50.74
N ASP H 1690 -22.69 74.85 -50.65
CA ASP H 1690 -23.57 75.94 -50.16
C ASP H 1690 -24.30 76.61 -51.31
N THR H 1691 -23.96 76.28 -52.55
CA THR H 1691 -24.56 76.97 -53.73
C THR H 1691 -25.38 75.97 -54.55
N TYR H 1692 -24.87 74.78 -54.79
CA TYR H 1692 -25.49 73.81 -55.71
C TYR H 1692 -25.78 72.50 -54.97
N GLY H 1693 -25.57 72.45 -53.67
CA GLY H 1693 -25.85 71.29 -52.82
C GLY H 1693 -25.17 70.01 -53.28
N PHE H 1694 -23.94 70.05 -53.70
CA PHE H 1694 -23.12 68.83 -53.83
C PHE H 1694 -21.66 69.18 -53.54
N SER H 1695 -20.91 68.20 -53.06
CA SER H 1695 -19.43 68.18 -53.00
C SER H 1695 -18.88 67.73 -54.34
N ILE H 1696 -18.06 68.58 -54.97
CA ILE H 1696 -17.20 68.19 -56.13
C ILE H 1696 -16.16 67.15 -55.72
N LEU H 1697 -15.71 67.11 -54.46
CA LEU H 1697 -14.70 66.11 -54.00
C LEU H 1697 -15.30 64.71 -54.02
N ASP H 1698 -16.49 64.53 -53.44
CA ASP H 1698 -17.29 63.28 -53.55
C ASP H 1698 -17.32 62.86 -55.02
N ILE H 1699 -17.74 63.75 -55.92
CA ILE H 1699 -17.83 63.40 -57.38
C ILE H 1699 -16.46 62.87 -57.81
N VAL H 1700 -15.37 63.59 -57.55
CA VAL H 1700 -14.04 63.24 -58.10
C VAL H 1700 -13.52 61.93 -57.48
N ILE H 1701 -13.82 61.67 -56.22
CA ILE H 1701 -13.22 60.56 -55.42
C ILE H 1701 -13.99 59.27 -55.69
N ASN H 1702 -15.33 59.34 -55.74
CA ASN H 1702 -16.25 58.17 -55.73
C ASN H 1702 -16.90 57.94 -57.10
N ASN H 1703 -17.02 58.96 -57.94
CA ASN H 1703 -17.60 58.92 -59.32
C ASN H 1703 -18.95 58.20 -59.30
N PRO H 1704 -19.97 58.74 -58.57
CA PRO H 1704 -21.27 58.11 -58.49
C PRO H 1704 -22.00 58.17 -59.84
N VAL H 1705 -23.00 57.32 -60.02
CA VAL H 1705 -23.75 57.16 -61.31
C VAL H 1705 -24.92 58.13 -61.31
N ASN H 1706 -25.47 58.42 -60.13
CA ASN H 1706 -26.63 59.31 -59.90
C ASN H 1706 -26.30 60.25 -58.75
N LEU H 1707 -26.94 61.41 -58.70
CA LEU H 1707 -26.68 62.40 -57.61
C LEU H 1707 -27.90 63.27 -57.40
N THR H 1708 -28.66 63.05 -56.34
CA THR H 1708 -29.88 63.85 -56.08
C THR H 1708 -29.47 64.99 -55.20
N ILE H 1709 -29.77 66.19 -55.64
CA ILE H 1709 -29.71 67.43 -54.83
C ILE H 1709 -31.06 67.44 -54.14
N HIS H 1710 -31.13 67.90 -52.87
CA HIS H 1710 -32.41 68.12 -52.15
C HIS H 1710 -32.56 69.58 -51.77
N PHE H 1711 -33.77 70.13 -51.90
CA PHE H 1711 -34.03 71.57 -51.75
C PHE H 1711 -34.83 71.83 -50.47
N GLY H 1712 -34.51 71.05 -49.44
CA GLY H 1712 -35.18 71.08 -48.14
C GLY H 1712 -34.50 72.05 -47.22
N GLY H 1713 -35.27 72.85 -46.50
CA GLY H 1713 -34.75 73.74 -45.44
C GLY H 1713 -34.37 75.09 -45.99
N GLU H 1714 -34.06 76.04 -45.11
CA GLU H 1714 -33.64 77.44 -45.45
C GLU H 1714 -32.53 77.40 -46.50
N LYS H 1715 -31.48 76.63 -46.22
CA LYS H 1715 -30.26 76.46 -47.06
C LYS H 1715 -30.61 75.75 -48.37
N GLY H 1716 -31.60 74.87 -48.39
CA GLY H 1716 -32.10 74.21 -49.60
C GLY H 1716 -32.90 75.12 -50.53
N LYS H 1717 -33.75 76.01 -50.00
CA LYS H 1717 -34.52 76.96 -50.84
C LYS H 1717 -33.54 77.89 -51.54
N ARG H 1718 -32.45 78.24 -50.88
CA ARG H 1718 -31.42 79.15 -51.42
C ARG H 1718 -30.74 78.44 -52.58
N ILE H 1719 -30.30 77.20 -52.35
CA ILE H 1719 -29.70 76.33 -53.39
C ILE H 1719 -30.67 76.15 -54.54
N ARG H 1720 -31.98 76.07 -54.32
CA ARG H 1720 -32.95 75.87 -55.42
C ARG H 1720 -33.07 77.13 -56.28
N GLU H 1721 -33.03 78.32 -55.68
CA GLU H 1721 -33.02 79.62 -56.39
C GLU H 1721 -31.79 79.74 -57.30
N ASN H 1722 -30.69 79.06 -57.01
CA ASN H 1722 -29.43 79.11 -57.81
C ASN H 1722 -29.60 78.32 -59.12
N TYR H 1723 -30.34 77.21 -59.09
CA TYR H 1723 -30.58 76.35 -60.26
C TYR H 1723 -31.65 76.97 -61.16
N SER H 1724 -32.65 77.65 -60.58
CA SER H 1724 -33.77 78.28 -61.32
C SER H 1724 -33.32 79.55 -62.07
N ALA H 1725 -32.23 80.18 -61.63
CA ALA H 1725 -31.68 81.44 -62.19
C ALA H 1725 -30.90 81.16 -63.48
N MET H 1726 -30.38 79.94 -63.61
CA MET H 1726 -29.48 79.54 -64.72
C MET H 1726 -30.33 79.41 -65.98
N ILE H 1727 -30.04 80.24 -66.99
CA ILE H 1727 -30.76 80.30 -68.29
C ILE H 1727 -29.79 80.00 -69.45
N PHE H 1728 -30.31 79.56 -70.61
CA PHE H 1728 -29.57 79.51 -71.90
C PHE H 1728 -30.41 80.23 -72.96
N GLU H 1729 -29.81 80.44 -74.15
CA GLU H 1729 -30.49 80.93 -75.38
C GLU H 1729 -30.09 80.02 -76.54
N THR H 1730 -31.08 79.47 -77.23
CA THR H 1730 -30.92 78.67 -78.47
C THR H 1730 -31.72 79.38 -79.56
N ILE H 1731 -31.47 79.01 -80.82
CA ILE H 1731 -32.33 79.38 -81.99
C ILE H 1731 -33.41 78.28 -82.13
N VAL H 1732 -34.68 78.65 -81.85
CA VAL H 1732 -35.89 77.77 -81.95
C VAL H 1732 -36.73 78.27 -83.14
N ASP H 1733 -36.45 77.73 -84.34
CA ASP H 1733 -36.97 78.17 -85.66
C ASP H 1733 -36.75 79.68 -85.81
N GLY H 1734 -37.73 80.50 -85.42
CA GLY H 1734 -37.78 81.94 -85.69
C GLY H 1734 -36.62 82.68 -85.04
N LYS H 1735 -36.65 82.78 -83.70
CA LYS H 1735 -35.86 83.76 -82.91
C LYS H 1735 -34.95 83.05 -81.90
N LEU H 1736 -34.10 83.86 -81.23
CA LEU H 1736 -33.48 83.59 -79.90
C LEU H 1736 -34.61 83.29 -78.90
N LYS H 1737 -34.33 82.44 -77.92
CA LYS H 1737 -35.32 81.84 -76.99
C LYS H 1737 -34.65 81.65 -75.62
N THR H 1738 -34.85 82.58 -74.68
CA THR H 1738 -34.39 82.45 -73.27
C THR H 1738 -35.20 81.34 -72.59
N GLU H 1739 -34.52 80.48 -71.84
CA GLU H 1739 -35.09 79.28 -71.18
C GLU H 1739 -34.38 79.08 -69.85
N LYS H 1740 -35.00 78.45 -68.86
CA LYS H 1740 -34.22 77.93 -67.72
C LYS H 1740 -33.68 76.56 -68.17
N ILE H 1741 -32.35 76.38 -68.11
CA ILE H 1741 -31.71 75.05 -67.86
C ILE H 1741 -32.34 74.48 -66.59
N PHE H 1742 -32.48 73.17 -66.49
CA PHE H 1742 -33.21 72.55 -65.35
C PHE H 1742 -34.64 73.10 -65.36
N LYS H 1743 -35.45 72.63 -66.30
CA LYS H 1743 -36.81 73.19 -66.52
C LYS H 1743 -37.74 72.57 -65.48
N GLU H 1744 -37.49 71.29 -65.19
CA GLU H 1744 -38.13 70.48 -64.11
C GLU H 1744 -38.12 71.26 -62.80
N ILE H 1745 -36.98 71.82 -62.44
CA ILE H 1745 -36.78 72.57 -61.16
C ILE H 1745 -37.62 73.84 -61.19
N ASN H 1746 -38.63 73.89 -60.32
CA ASN H 1746 -39.51 75.06 -60.04
C ASN H 1746 -39.71 75.15 -58.52
N GLU H 1747 -40.41 76.17 -58.01
CA GLU H 1747 -40.46 76.53 -56.56
C GLU H 1747 -41.17 75.46 -55.73
N HIS H 1748 -42.00 74.61 -56.35
CA HIS H 1748 -42.65 73.45 -55.68
C HIS H 1748 -41.74 72.22 -55.70
N SER H 1749 -40.53 72.31 -56.26
CA SER H 1749 -39.58 71.15 -56.36
C SER H 1749 -38.80 71.00 -55.05
N THR H 1750 -38.55 69.77 -54.66
CA THR H 1750 -37.93 69.36 -53.37
C THR H 1750 -36.66 68.57 -53.63
N SER H 1751 -36.46 68.06 -54.85
CA SER H 1751 -35.20 67.40 -55.26
C SER H 1751 -34.93 67.63 -56.73
N TYR H 1752 -33.72 67.29 -57.16
CA TYR H 1752 -33.37 67.16 -58.59
C TYR H 1752 -32.31 66.09 -58.71
N THR H 1753 -32.45 65.12 -59.63
CA THR H 1753 -31.44 64.06 -59.84
C THR H 1753 -30.65 64.27 -61.14
N PHE H 1754 -29.32 64.19 -61.05
CA PHE H 1754 -28.35 64.15 -62.17
C PHE H 1754 -28.10 62.68 -62.46
N ARG H 1755 -28.28 62.25 -63.70
CA ARG H 1755 -28.04 60.84 -64.11
C ARG H 1755 -26.90 60.80 -65.14
N SER H 1756 -26.18 59.68 -65.16
CA SER H 1756 -25.26 59.22 -66.22
C SER H 1756 -25.42 57.71 -66.37
N GLU H 1757 -24.54 57.04 -67.13
CA GLU H 1757 -24.49 55.56 -67.23
C GLU H 1757 -23.22 55.06 -66.55
N LYS H 1758 -22.08 55.57 -67.00
CA LYS H 1758 -20.73 55.18 -66.55
C LYS H 1758 -20.47 55.80 -65.17
N GLY H 1759 -20.56 57.14 -65.07
CA GLY H 1759 -20.33 57.92 -63.85
C GLY H 1759 -20.41 59.43 -64.11
N LEU H 1760 -20.78 60.22 -63.10
CA LEU H 1760 -21.04 61.68 -63.22
C LEU H 1760 -19.75 62.40 -63.54
N LEU H 1761 -18.59 61.80 -63.25
CA LEU H 1761 -17.30 62.47 -63.51
C LEU H 1761 -17.06 62.61 -65.01
N SER H 1762 -17.79 61.87 -65.86
CA SER H 1762 -17.72 61.97 -67.35
C SER H 1762 -19.02 62.58 -67.89
N ALA H 1763 -19.40 63.76 -67.39
CA ALA H 1763 -20.69 64.45 -67.69
C ALA H 1763 -20.50 65.97 -67.83
N THR H 1764 -19.35 66.38 -68.35
CA THR H 1764 -19.00 67.77 -68.77
C THR H 1764 -19.19 68.77 -67.62
N GLN H 1765 -20.34 68.87 -66.97
CA GLN H 1765 -20.61 69.95 -65.95
C GLN H 1765 -19.85 69.67 -64.67
N PHE H 1766 -19.55 68.41 -64.40
CA PHE H 1766 -18.73 67.96 -63.26
C PHE H 1766 -17.27 67.83 -63.73
N THR H 1767 -17.05 67.36 -64.94
CA THR H 1767 -15.71 67.24 -65.57
C THR H 1767 -15.07 68.62 -65.74
N GLN H 1768 -15.82 69.59 -66.20
CA GLN H 1768 -15.30 70.95 -66.49
C GLN H 1768 -14.67 71.51 -65.21
N PRO H 1769 -15.37 71.60 -64.05
CA PRO H 1769 -14.77 72.09 -62.81
C PRO H 1769 -13.76 71.18 -62.12
N ALA H 1770 -13.94 69.89 -62.16
CA ALA H 1770 -12.92 68.95 -61.64
C ALA H 1770 -11.59 69.28 -62.34
N LEU H 1771 -11.56 69.17 -63.66
CA LEU H 1771 -10.35 69.39 -64.49
C LEU H 1771 -9.75 70.75 -64.14
N THR H 1772 -10.55 71.80 -64.10
CA THR H 1772 -10.08 73.18 -63.81
C THR H 1772 -9.44 73.28 -62.42
N LEU H 1773 -10.00 72.64 -61.39
CA LEU H 1773 -9.46 72.62 -60.00
C LEU H 1773 -8.15 71.85 -59.96
N MET H 1774 -8.13 70.58 -60.35
CA MET H 1774 -6.88 69.77 -60.54
C MET H 1774 -5.71 70.69 -60.94
N GLU H 1775 -5.92 71.50 -61.96
CA GLU H 1775 -4.92 72.40 -62.58
C GLU H 1775 -4.63 73.53 -61.62
N LYS H 1776 -5.63 74.25 -61.16
CA LYS H 1776 -5.47 75.38 -60.20
C LYS H 1776 -4.73 74.91 -58.94
N ALA H 1777 -4.92 73.68 -58.50
CA ALA H 1777 -4.32 73.13 -57.26
C ALA H 1777 -2.88 72.67 -57.52
N ALA H 1778 -2.62 72.00 -58.64
CA ALA H 1778 -1.25 71.73 -59.15
C ALA H 1778 -0.48 73.04 -59.16
N PHE H 1779 -1.05 74.06 -59.73
CA PHE H 1779 -0.34 75.34 -59.90
C PHE H 1779 -0.09 75.99 -58.54
N GLU H 1780 -1.10 76.08 -57.68
CA GLU H 1780 -0.94 76.76 -56.36
C GLU H 1780 0.09 75.99 -55.52
N ASP H 1781 0.24 74.67 -55.70
CA ASP H 1781 1.34 73.90 -55.05
C ASP H 1781 2.70 74.43 -55.54
N LEU H 1782 2.96 74.40 -56.85
CA LEU H 1782 4.13 75.06 -57.50
C LEU H 1782 4.39 76.45 -56.89
N LYS H 1783 3.42 77.35 -56.92
CA LYS H 1783 3.62 78.76 -56.47
C LYS H 1783 4.06 78.80 -54.98
N SER H 1784 3.60 77.87 -54.18
CA SER H 1784 3.85 77.81 -52.72
C SER H 1784 5.30 77.35 -52.45
N LYS H 1785 5.85 76.58 -53.38
CA LYS H 1785 7.24 76.07 -53.41
C LYS H 1785 8.18 77.08 -54.11
N GLY H 1786 7.68 78.24 -54.51
CA GLY H 1786 8.48 79.32 -55.08
C GLY H 1786 8.87 79.13 -56.53
N LEU H 1787 8.28 78.17 -57.24
CA LEU H 1787 8.73 77.67 -58.58
C LEU H 1787 8.15 78.44 -59.76
N ILE H 1788 7.42 79.52 -59.55
CA ILE H 1788 6.76 80.29 -60.65
C ILE H 1788 7.50 81.60 -60.87
N PRO H 1789 8.16 81.75 -62.06
CA PRO H 1789 8.63 83.04 -62.53
C PRO H 1789 7.59 84.17 -62.48
N ALA H 1790 8.05 85.41 -62.32
CA ALA H 1790 7.23 86.63 -62.32
C ALA H 1790 6.79 86.99 -63.74
N ASP H 1791 7.58 86.62 -64.76
CA ASP H 1791 7.41 87.07 -66.18
C ASP H 1791 6.83 85.98 -67.08
N ALA H 1792 6.39 84.84 -66.54
CA ALA H 1792 5.94 83.66 -67.32
C ALA H 1792 4.80 84.07 -68.24
N THR H 1793 4.84 83.63 -69.50
CA THR H 1793 3.71 83.67 -70.43
C THR H 1793 2.85 82.43 -70.24
N PHE H 1794 1.55 82.55 -70.49
CA PHE H 1794 0.61 81.43 -70.29
C PHE H 1794 -0.49 81.43 -71.34
N ALA H 1795 -0.99 80.23 -71.62
CA ALA H 1795 -2.17 79.99 -72.46
C ALA H 1795 -2.86 78.70 -72.02
N GLY H 1796 -4.18 78.64 -72.17
CA GLY H 1796 -4.91 77.37 -72.06
C GLY H 1796 -5.58 76.98 -73.36
N HIS H 1797 -5.69 75.69 -73.60
CA HIS H 1797 -6.49 75.07 -74.68
C HIS H 1797 -7.94 74.91 -74.22
N SER H 1798 -8.82 75.75 -74.75
CA SER H 1798 -10.29 75.75 -74.53
C SER H 1798 -10.59 76.07 -73.05
N LEU H 1799 -11.02 75.08 -72.28
CA LEU H 1799 -11.35 75.20 -70.85
C LEU H 1799 -10.10 75.57 -70.05
N GLY H 1800 -8.96 75.03 -70.47
CA GLY H 1800 -7.62 75.44 -70.04
C GLY H 1800 -7.52 76.93 -69.74
N GLU H 1801 -8.08 77.80 -70.56
CA GLU H 1801 -7.93 79.27 -70.45
C GLU H 1801 -8.37 79.79 -69.08
N TYR H 1802 -9.34 79.12 -68.44
CA TYR H 1802 -9.96 79.55 -67.16
C TYR H 1802 -9.01 79.24 -66.02
N ALA H 1803 -8.52 78.00 -65.96
CA ALA H 1803 -7.50 77.55 -64.99
C ALA H 1803 -6.31 78.50 -65.03
N ALA H 1804 -5.84 78.79 -66.24
CA ALA H 1804 -4.69 79.64 -66.55
C ALA H 1804 -4.90 81.06 -66.01
N LEU H 1805 -6.08 81.65 -66.16
CA LEU H 1805 -6.33 83.07 -65.74
C LEU H 1805 -6.56 83.15 -64.23
N ALA H 1806 -7.23 82.16 -63.64
CA ALA H 1806 -7.37 82.05 -62.18
C ALA H 1806 -5.97 81.95 -61.54
N SER H 1807 -5.11 81.12 -62.13
CA SER H 1807 -3.73 80.82 -61.65
C SER H 1807 -2.78 82.01 -61.78
N LEU H 1808 -2.54 82.51 -62.99
CA LEU H 1808 -1.38 83.40 -63.25
C LEU H 1808 -1.78 84.87 -63.19
N ALA H 1809 -3.06 85.20 -63.14
CA ALA H 1809 -3.55 86.59 -63.14
C ALA H 1809 -4.59 86.91 -62.05
N ASP H 1810 -4.84 85.99 -61.09
CA ASP H 1810 -5.89 86.05 -60.03
C ASP H 1810 -7.09 86.90 -60.49
N VAL H 1811 -7.68 86.57 -61.63
CA VAL H 1811 -8.79 87.35 -62.24
C VAL H 1811 -10.06 87.02 -61.46
N MET H 1812 -10.30 85.72 -61.26
CA MET H 1812 -11.41 85.17 -60.47
C MET H 1812 -10.90 84.70 -59.12
N SER H 1813 -11.74 84.74 -58.08
CA SER H 1813 -11.60 83.87 -56.88
C SER H 1813 -11.79 82.41 -57.29
N ILE H 1814 -11.31 81.48 -56.50
CA ILE H 1814 -11.60 80.02 -56.63
C ILE H 1814 -13.12 79.83 -56.71
N GLU H 1815 -13.88 80.49 -55.85
CA GLU H 1815 -15.35 80.25 -55.72
C GLU H 1815 -15.99 80.63 -57.06
N SER H 1816 -15.67 81.83 -57.58
CA SER H 1816 -16.14 82.33 -58.90
C SER H 1816 -15.67 81.44 -60.07
N LEU H 1817 -14.43 80.95 -60.05
CA LEU H 1817 -13.89 80.12 -61.15
C LEU H 1817 -14.77 78.89 -61.33
N VAL H 1818 -15.08 78.18 -60.25
CA VAL H 1818 -15.80 76.89 -60.36
C VAL H 1818 -17.28 77.15 -60.68
N GLU H 1819 -17.85 78.28 -60.26
CA GLU H 1819 -19.21 78.69 -60.71
C GLU H 1819 -19.22 78.77 -62.23
N VAL H 1820 -18.38 79.62 -62.81
CA VAL H 1820 -18.35 79.92 -64.28
C VAL H 1820 -18.24 78.61 -65.08
N VAL H 1821 -17.26 77.81 -64.76
CA VAL H 1821 -16.94 76.57 -65.48
C VAL H 1821 -18.06 75.54 -65.27
N PHE H 1822 -18.86 75.65 -64.20
CA PHE H 1822 -20.02 74.75 -64.01
C PHE H 1822 -21.11 75.16 -65.01
N TYR H 1823 -21.38 76.47 -65.06
CA TYR H 1823 -22.33 77.11 -65.98
C TYR H 1823 -21.91 76.88 -67.43
N ARG H 1824 -20.61 76.90 -67.72
CA ARG H 1824 -20.06 76.58 -69.06
C ARG H 1824 -20.46 75.15 -69.40
N GLY H 1825 -20.01 74.17 -68.64
CA GLY H 1825 -20.40 72.76 -68.80
C GLY H 1825 -21.89 72.60 -68.97
N MET H 1826 -22.69 73.42 -68.29
CA MET H 1826 -24.17 73.34 -68.35
C MET H 1826 -24.67 73.91 -69.68
N THR H 1827 -24.22 75.11 -70.08
CA THR H 1827 -24.56 75.75 -71.37
C THR H 1827 -24.12 74.87 -72.56
N MET H 1828 -23.03 74.11 -72.46
CA MET H 1828 -22.53 73.19 -73.54
C MET H 1828 -23.13 71.79 -73.37
N GLN H 1829 -24.26 71.65 -72.68
CA GLN H 1829 -25.00 70.37 -72.54
C GLN H 1829 -26.35 70.54 -73.25
N VAL H 1830 -26.86 71.77 -73.25
CA VAL H 1830 -28.28 72.12 -73.51
C VAL H 1830 -28.40 72.90 -74.84
N ALA H 1831 -27.28 73.39 -75.40
CA ALA H 1831 -27.23 74.21 -76.63
C ALA H 1831 -27.73 73.41 -77.84
N VAL H 1832 -27.42 72.11 -77.89
CA VAL H 1832 -27.91 71.17 -78.93
C VAL H 1832 -29.23 70.58 -78.46
N PRO H 1833 -30.29 70.48 -79.33
CA PRO H 1833 -31.45 69.62 -79.05
C PRO H 1833 -31.05 68.14 -79.15
N ARG H 1834 -31.38 67.35 -78.12
CA ARG H 1834 -30.98 65.93 -77.98
C ARG H 1834 -32.18 65.06 -77.56
N ASP H 1835 -33.39 65.50 -77.89
CA ASP H 1835 -34.70 64.77 -77.74
C ASP H 1835 -34.54 63.33 -77.19
N GLU H 1836 -33.94 62.41 -77.98
CA GLU H 1836 -34.09 60.92 -77.90
C GLU H 1836 -33.94 60.47 -76.43
N LEU H 1837 -32.68 60.43 -76.00
CA LEU H 1837 -32.17 60.28 -74.61
C LEU H 1837 -30.88 61.13 -74.60
N GLY H 1838 -29.76 60.70 -73.99
CA GLY H 1838 -28.50 61.48 -74.04
C GLY H 1838 -27.80 61.38 -75.40
N ARG H 1839 -28.52 61.62 -76.51
CA ARG H 1839 -28.01 61.47 -77.91
C ARG H 1839 -28.49 62.62 -78.79
N SER H 1840 -27.54 63.24 -79.47
CA SER H 1840 -27.73 64.37 -80.41
C SER H 1840 -27.34 63.92 -81.84
N ASN H 1841 -27.50 64.84 -82.78
CA ASN H 1841 -27.22 64.66 -84.23
C ASN H 1841 -25.88 65.35 -84.57
N TYR H 1842 -25.23 66.04 -83.60
CA TYR H 1842 -23.91 66.70 -83.77
C TYR H 1842 -22.84 65.87 -83.05
N GLY H 1843 -21.57 66.09 -83.45
CA GLY H 1843 -20.37 65.39 -82.94
C GLY H 1843 -19.12 66.14 -83.32
N MET H 1844 -17.95 65.47 -83.31
CA MET H 1844 -16.72 66.05 -83.90
C MET H 1844 -15.64 64.98 -84.06
N ILE H 1845 -14.89 65.09 -85.16
CA ILE H 1845 -13.83 64.16 -85.62
C ILE H 1845 -12.49 64.91 -85.62
N ALA H 1846 -11.40 64.18 -85.38
CA ALA H 1846 -10.00 64.65 -85.46
C ALA H 1846 -9.41 64.22 -86.79
N ILE H 1847 -8.89 65.16 -87.57
CA ILE H 1847 -8.32 64.95 -88.93
C ILE H 1847 -6.79 65.08 -88.87
N ASN H 1848 -6.07 64.19 -89.56
CA ASN H 1848 -4.61 64.22 -89.79
C ASN H 1848 -4.35 64.45 -91.29
N PRO H 1849 -4.30 65.70 -91.79
CA PRO H 1849 -4.17 65.97 -93.23
C PRO H 1849 -2.86 65.50 -93.88
N GLY H 1850 -1.83 65.19 -93.09
CA GLY H 1850 -0.60 64.51 -93.56
C GLY H 1850 -0.88 63.11 -94.07
N ARG H 1851 -1.80 62.37 -93.43
CA ARG H 1851 -2.05 60.92 -93.67
C ARG H 1851 -2.83 60.69 -94.96
N VAL H 1852 -3.67 61.64 -95.36
CA VAL H 1852 -4.54 61.51 -96.57
C VAL H 1852 -3.68 61.64 -97.83
N ALA H 1853 -2.75 62.61 -97.88
CA ALA H 1853 -1.75 62.76 -98.95
C ALA H 1853 -0.70 63.80 -98.56
N ALA H 1854 0.58 63.49 -98.80
CA ALA H 1854 1.77 64.26 -98.38
C ALA H 1854 1.69 65.75 -98.79
N SER H 1855 0.94 66.09 -99.85
CA SER H 1855 0.77 67.48 -100.38
C SER H 1855 -0.53 68.12 -99.86
N PHE H 1856 -1.40 67.35 -99.20
CA PHE H 1856 -2.70 67.81 -98.62
C PHE H 1856 -2.42 68.62 -97.35
N SER H 1857 -2.76 69.91 -97.38
CA SER H 1857 -2.30 70.94 -96.42
C SER H 1857 -3.49 71.51 -95.62
N GLN H 1858 -3.25 72.57 -94.85
CA GLN H 1858 -4.27 73.40 -94.14
C GLN H 1858 -4.93 74.40 -95.10
N GLU H 1859 -4.57 74.40 -96.39
CA GLU H 1859 -5.33 75.13 -97.44
C GLU H 1859 -6.36 74.18 -98.08
N ALA H 1860 -6.01 72.90 -98.19
CA ALA H 1860 -6.87 71.82 -98.73
C ALA H 1860 -8.09 71.66 -97.82
N LEU H 1861 -7.88 71.42 -96.52
CA LEU H 1861 -8.96 71.18 -95.53
C LEU H 1861 -9.87 72.42 -95.44
N GLN H 1862 -9.29 73.61 -95.34
CA GLN H 1862 -10.05 74.88 -95.21
C GLN H 1862 -10.99 75.08 -96.41
N TYR H 1863 -10.68 74.49 -97.59
CA TYR H 1863 -11.59 74.44 -98.78
C TYR H 1863 -12.58 73.27 -98.64
N VAL H 1864 -12.14 72.01 -98.82
CA VAL H 1864 -13.01 70.79 -98.71
C VAL H 1864 -14.18 71.08 -97.77
N VAL H 1865 -13.87 71.37 -96.49
CA VAL H 1865 -14.83 71.52 -95.35
C VAL H 1865 -15.72 72.76 -95.57
N GLU H 1866 -15.16 73.88 -96.05
CA GLU H 1866 -15.95 75.13 -96.33
C GLU H 1866 -16.95 74.86 -97.46
N ARG H 1867 -16.58 74.03 -98.45
CA ARG H 1867 -17.41 73.66 -99.62
C ARG H 1867 -18.50 72.68 -99.18
N VAL H 1868 -18.14 71.60 -98.46
CA VAL H 1868 -19.11 70.59 -97.92
C VAL H 1868 -20.22 71.32 -97.15
N GLY H 1869 -19.89 72.43 -96.47
CA GLY H 1869 -20.88 73.26 -95.74
C GLY H 1869 -21.76 74.05 -96.70
N LYS H 1870 -21.13 74.81 -97.60
CA LYS H 1870 -21.78 75.69 -98.61
C LYS H 1870 -22.64 74.83 -99.56
N ARG H 1871 -22.19 73.61 -99.90
CA ARG H 1871 -22.91 72.63 -100.76
C ARG H 1871 -24.14 72.08 -100.02
N THR H 1872 -23.93 71.21 -99.02
CA THR H 1872 -24.99 70.37 -98.39
C THR H 1872 -25.88 71.21 -97.46
N GLY H 1873 -25.52 72.48 -97.19
CA GLY H 1873 -26.23 73.39 -96.26
C GLY H 1873 -26.26 72.87 -94.83
N TRP H 1874 -25.41 71.88 -94.50
CA TRP H 1874 -25.24 71.26 -93.16
C TRP H 1874 -24.02 71.89 -92.48
N LEU H 1875 -24.16 72.31 -91.21
CA LEU H 1875 -23.08 73.00 -90.45
C LEU H 1875 -21.93 72.01 -90.21
N VAL H 1876 -20.75 72.30 -90.77
CA VAL H 1876 -19.45 71.69 -90.42
C VAL H 1876 -18.38 72.78 -90.45
N GLU H 1877 -17.45 72.78 -89.48
CA GLU H 1877 -16.35 73.76 -89.34
C GLU H 1877 -15.11 73.08 -88.75
N ILE H 1878 -13.93 73.69 -88.96
CA ILE H 1878 -12.67 73.37 -88.23
C ILE H 1878 -12.71 74.20 -86.95
N VAL H 1879 -12.61 73.56 -85.79
CA VAL H 1879 -12.81 74.19 -84.45
C VAL H 1879 -11.47 74.27 -83.72
N ASN H 1880 -10.67 73.20 -83.73
CA ASN H 1880 -9.30 73.18 -83.16
C ASN H 1880 -8.28 73.14 -84.31
N TYR H 1881 -7.42 74.16 -84.39
CA TYR H 1881 -6.14 74.17 -85.14
C TYR H 1881 -4.99 73.75 -84.19
N ASN H 1882 -4.72 72.46 -84.04
CA ASN H 1882 -3.78 71.93 -83.01
C ASN H 1882 -2.33 71.99 -83.50
N VAL H 1883 -1.92 71.02 -84.33
CA VAL H 1883 -0.53 70.81 -84.83
C VAL H 1883 -0.56 70.92 -86.35
N GLU H 1884 0.26 71.80 -86.95
CA GLU H 1884 0.13 72.22 -88.38
C GLU H 1884 0.35 71.01 -89.29
N ASN H 1885 -0.59 70.80 -90.22
CA ASN H 1885 -0.60 69.69 -91.21
C ASN H 1885 -0.49 68.35 -90.48
N GLN H 1886 -1.13 68.19 -89.32
CA GLN H 1886 -0.98 66.94 -88.52
C GLN H 1886 -2.15 66.70 -87.53
N GLN H 1887 -2.74 67.73 -86.92
CA GLN H 1887 -3.89 67.58 -85.97
C GLN H 1887 -4.84 68.77 -86.10
N TYR H 1888 -6.01 68.54 -86.67
CA TYR H 1888 -7.17 69.45 -86.65
C TYR H 1888 -8.36 68.71 -86.06
N VAL H 1889 -9.38 69.46 -85.68
CA VAL H 1889 -10.65 68.89 -85.17
C VAL H 1889 -11.78 69.61 -85.92
N ALA H 1890 -12.64 68.83 -86.56
CA ALA H 1890 -13.84 69.31 -87.27
C ALA H 1890 -15.05 68.90 -86.45
N ALA H 1891 -15.97 69.84 -86.29
CA ALA H 1891 -17.22 69.69 -85.51
C ALA H 1891 -18.39 70.23 -86.33
N GLY H 1892 -19.50 69.49 -86.34
CA GLY H 1892 -20.79 70.00 -86.85
C GLY H 1892 -21.86 68.93 -86.84
N ASP H 1893 -22.60 68.82 -87.95
CA ASP H 1893 -23.71 67.83 -88.14
C ASP H 1893 -23.06 66.48 -88.43
N LEU H 1894 -23.46 65.44 -87.67
CA LEU H 1894 -22.86 64.08 -87.77
C LEU H 1894 -22.86 63.59 -89.22
N ARG H 1895 -23.87 63.98 -90.00
CA ARG H 1895 -23.98 63.65 -91.45
C ARG H 1895 -22.81 64.31 -92.19
N ALA H 1896 -22.64 65.63 -92.01
CA ALA H 1896 -21.58 66.48 -92.64
C ALA H 1896 -20.17 66.02 -92.23
N LEU H 1897 -20.06 65.31 -91.10
CA LEU H 1897 -18.79 64.69 -90.63
C LEU H 1897 -18.59 63.32 -91.31
N ASP H 1898 -19.69 62.70 -91.76
CA ASP H 1898 -19.66 61.39 -92.45
C ASP H 1898 -19.35 61.60 -93.95
N THR H 1899 -19.69 62.77 -94.51
CA THR H 1899 -19.25 63.16 -95.89
C THR H 1899 -17.73 63.38 -95.87
N VAL H 1900 -17.24 64.19 -94.91
CA VAL H 1900 -15.82 64.63 -94.80
C VAL H 1900 -14.92 63.40 -94.59
N THR H 1901 -15.34 62.39 -93.82
CA THR H 1901 -14.53 61.14 -93.63
C THR H 1901 -14.56 60.27 -94.90
N ASN H 1902 -15.56 60.44 -95.78
CA ASN H 1902 -15.70 59.71 -97.07
C ASN H 1902 -14.95 60.46 -98.18
N VAL H 1903 -15.12 61.80 -98.28
CA VAL H 1903 -14.38 62.67 -99.25
C VAL H 1903 -12.86 62.50 -99.05
N LEU H 1904 -12.41 62.35 -97.80
CA LEU H 1904 -10.98 62.16 -97.43
C LEU H 1904 -10.62 60.67 -97.61
N ASN H 1905 -11.56 59.74 -97.37
CA ASN H 1905 -11.39 58.30 -97.71
C ASN H 1905 -11.22 58.16 -99.23
N PHE H 1906 -11.92 59.00 -100.01
CA PHE H 1906 -11.84 59.05 -101.50
C PHE H 1906 -10.43 59.52 -101.91
N ILE H 1907 -10.06 60.76 -101.59
CA ILE H 1907 -8.81 61.44 -102.06
C ILE H 1907 -7.56 60.61 -101.67
N LYS H 1908 -7.60 59.84 -100.57
CA LYS H 1908 -6.53 58.89 -100.16
C LYS H 1908 -6.36 57.85 -101.29
N LEU H 1909 -7.43 57.09 -101.57
CA LEU H 1909 -7.47 55.97 -102.57
C LEU H 1909 -7.27 56.52 -104.00
N GLN H 1910 -7.98 57.60 -104.37
CA GLN H 1910 -7.95 58.22 -105.73
C GLN H 1910 -6.63 58.96 -106.02
N LYS H 1911 -5.95 59.44 -104.98
CA LYS H 1911 -4.60 60.08 -105.05
C LYS H 1911 -4.67 61.42 -105.82
N ILE H 1912 -5.87 61.98 -106.00
CA ILE H 1912 -6.09 63.25 -106.77
C ILE H 1912 -5.62 64.42 -105.87
N ASP H 1913 -4.54 65.10 -106.29
CA ASP H 1913 -3.81 66.11 -105.47
C ASP H 1913 -4.44 67.49 -105.74
N ILE H 1914 -5.20 68.04 -104.78
CA ILE H 1914 -6.01 69.29 -104.97
C ILE H 1914 -5.12 70.40 -105.54
N ILE H 1915 -3.99 70.73 -104.90
CA ILE H 1915 -3.09 71.88 -105.28
C ILE H 1915 -2.54 71.70 -106.71
N GLU H 1916 -2.15 70.46 -107.10
CA GLU H 1916 -1.65 70.12 -108.47
C GLU H 1916 -2.75 70.41 -109.50
N LEU H 1917 -3.99 69.92 -109.25
CA LEU H 1917 -5.17 70.08 -110.15
C LEU H 1917 -6.04 71.29 -109.77
N GLN H 1918 -5.49 72.26 -109.02
CA GLN H 1918 -6.24 73.42 -108.42
C GLN H 1918 -6.13 74.62 -109.38
N LYS H 1919 -5.38 75.66 -108.99
CA LYS H 1919 -5.15 76.92 -109.74
C LYS H 1919 -4.23 76.66 -110.96
N SER H 1920 -3.36 75.65 -110.89
CA SER H 1920 -2.40 75.29 -111.97
C SER H 1920 -3.17 74.84 -113.22
N LEU H 1921 -3.99 73.78 -113.10
CA LEU H 1921 -4.75 73.15 -114.22
C LEU H 1921 -6.06 73.92 -114.48
N SER H 1922 -7.12 73.67 -113.68
CA SER H 1922 -8.54 74.03 -113.97
C SER H 1922 -9.06 75.09 -112.98
N LEU H 1923 -9.38 76.30 -113.47
CA LEU H 1923 -9.80 77.49 -112.67
C LEU H 1923 -11.33 77.46 -112.46
N GLU H 1924 -11.80 77.28 -111.21
CA GLU H 1924 -13.25 77.30 -110.82
C GLU H 1924 -13.97 76.05 -111.38
N GLU H 1925 -13.23 75.05 -111.85
CA GLU H 1925 -13.68 73.66 -112.19
C GLU H 1925 -13.33 72.73 -111.00
N VAL H 1926 -12.35 73.10 -110.17
CA VAL H 1926 -12.13 72.54 -108.79
C VAL H 1926 -13.50 72.38 -108.08
N GLU H 1927 -14.35 73.42 -108.09
CA GLU H 1927 -15.73 73.39 -107.53
C GLU H 1927 -16.56 72.33 -108.28
N GLY H 1928 -16.43 72.27 -109.61
CA GLY H 1928 -17.00 71.21 -110.47
C GLY H 1928 -16.54 69.80 -110.07
N HIS H 1929 -15.21 69.58 -110.01
CA HIS H 1929 -14.56 68.32 -109.58
C HIS H 1929 -15.12 67.86 -108.23
N LEU H 1930 -15.12 68.78 -107.25
CA LEU H 1930 -15.31 68.53 -105.79
C LEU H 1930 -16.80 68.25 -105.51
N PHE H 1931 -17.71 69.13 -105.96
CA PHE H 1931 -19.19 69.00 -105.81
C PHE H 1931 -19.64 67.60 -106.29
N GLU H 1932 -19.00 67.06 -107.35
CA GLU H 1932 -19.19 65.67 -107.86
C GLU H 1932 -18.83 64.64 -106.78
N ILE H 1933 -17.68 64.82 -106.11
CA ILE H 1933 -17.12 63.89 -105.06
C ILE H 1933 -18.00 63.98 -103.80
N ILE H 1934 -18.43 65.20 -103.43
CA ILE H 1934 -19.34 65.50 -102.27
C ILE H 1934 -20.67 64.73 -102.46
N ASP H 1935 -21.32 64.91 -103.63
CA ASP H 1935 -22.76 64.56 -103.87
C ASP H 1935 -22.97 63.03 -103.93
N GLU H 1936 -21.91 62.23 -104.16
CA GLU H 1936 -21.99 60.73 -104.17
C GLU H 1936 -21.76 60.17 -102.75
N ALA H 1937 -21.15 60.96 -101.84
CA ALA H 1937 -20.96 60.66 -100.40
C ALA H 1937 -22.07 61.34 -99.56
N SER H 1938 -22.38 62.61 -99.86
CA SER H 1938 -23.38 63.49 -99.18
C SER H 1938 -24.75 62.78 -99.15
N LYS H 1939 -25.28 62.39 -100.31
CA LYS H 1939 -26.63 61.80 -100.49
C LYS H 1939 -26.59 60.28 -100.19
N LYS H 1940 -25.40 59.73 -99.91
CA LYS H 1940 -25.21 58.36 -99.34
C LYS H 1940 -25.23 58.41 -97.80
N SER H 1941 -24.91 59.57 -97.19
CA SER H 1941 -24.84 59.79 -95.72
C SER H 1941 -26.12 60.45 -95.15
N ALA H 1942 -27.09 60.81 -96.01
CA ALA H 1942 -28.42 61.37 -95.62
C ALA H 1942 -29.44 60.26 -95.31
N VAL H 1943 -29.11 58.98 -95.57
CA VAL H 1943 -30.01 57.79 -95.46
C VAL H 1943 -29.65 56.93 -94.22
N LYS H 1944 -28.83 57.43 -93.29
CA LYS H 1944 -28.41 56.64 -92.10
C LYS H 1944 -29.54 56.67 -91.06
N PRO H 1945 -29.48 55.80 -90.00
CA PRO H 1945 -30.38 55.94 -88.85
C PRO H 1945 -30.23 57.33 -88.19
N ARG H 1946 -31.33 57.93 -87.70
CA ARG H 1946 -31.43 59.38 -87.33
C ARG H 1946 -30.21 59.82 -86.51
N PRO H 1947 -29.84 59.15 -85.39
CA PRO H 1947 -28.61 59.45 -84.65
C PRO H 1947 -27.43 58.58 -85.14
N LEU H 1948 -26.70 59.02 -86.17
CA LEU H 1948 -25.84 58.12 -86.98
C LEU H 1948 -24.51 57.81 -86.28
N LYS H 1949 -24.33 56.55 -85.89
CA LYS H 1949 -23.01 55.95 -85.51
C LYS H 1949 -21.99 56.39 -86.56
N LEU H 1950 -20.97 57.14 -86.13
CA LEU H 1950 -19.91 57.72 -87.00
C LEU H 1950 -18.65 56.87 -86.86
N GLU H 1951 -18.06 56.48 -88.01
CA GLU H 1951 -16.94 55.51 -88.10
C GLU H 1951 -15.73 56.22 -88.72
N ARG H 1952 -14.57 55.54 -88.66
CA ARG H 1952 -13.22 56.13 -88.85
C ARG H 1952 -12.62 55.71 -90.20
N GLY H 1953 -11.85 56.60 -90.83
CA GLY H 1953 -11.40 56.45 -92.22
C GLY H 1953 -10.04 57.08 -92.51
N PHE H 1954 -8.97 56.30 -92.33
CA PHE H 1954 -7.57 56.55 -92.78
C PHE H 1954 -7.02 57.86 -92.19
N ALA H 1955 -7.62 59.01 -92.53
CA ALA H 1955 -7.27 60.37 -92.01
C ALA H 1955 -8.04 60.71 -90.72
N CYS H 1956 -9.34 60.41 -90.64
CA CYS H 1956 -10.30 61.01 -89.67
C CYS H 1956 -10.76 59.99 -88.61
N ILE H 1957 -10.58 60.33 -87.32
CA ILE H 1957 -11.00 59.54 -86.12
C ILE H 1957 -12.10 60.32 -85.41
N PRO H 1958 -13.20 59.66 -84.97
CA PRO H 1958 -14.24 60.32 -84.17
C PRO H 1958 -13.84 60.42 -82.69
N LEU H 1959 -13.99 61.62 -82.11
CA LEU H 1959 -13.77 61.90 -80.67
C LEU H 1959 -14.97 61.36 -79.89
N VAL H 1960 -14.79 60.24 -79.20
CA VAL H 1960 -15.85 59.57 -78.38
C VAL H 1960 -16.26 60.50 -77.23
N GLY H 1961 -17.56 60.55 -76.92
CA GLY H 1961 -18.11 61.32 -75.80
C GLY H 1961 -18.60 62.70 -76.19
N ILE H 1962 -17.91 63.38 -77.13
CA ILE H 1962 -18.22 64.79 -77.51
C ILE H 1962 -19.46 64.78 -78.41
N SER H 1963 -20.50 65.47 -77.94
CA SER H 1963 -21.90 65.43 -78.44
C SER H 1963 -22.35 66.83 -78.85
N VAL H 1964 -21.45 67.83 -78.85
CA VAL H 1964 -21.79 69.27 -79.08
C VAL H 1964 -20.70 69.89 -79.94
N PRO H 1965 -21.04 70.80 -80.88
CA PRO H 1965 -20.03 71.51 -81.66
C PRO H 1965 -19.61 72.81 -80.97
N PHE H 1966 -18.87 72.71 -79.85
CA PHE H 1966 -18.28 73.90 -79.18
C PHE H 1966 -17.10 74.35 -80.05
N HIS H 1967 -16.90 75.65 -80.09
CA HIS H 1967 -15.84 76.38 -80.84
C HIS H 1967 -16.27 76.62 -82.28
N SER H 1968 -17.53 76.30 -82.61
CA SER H 1968 -18.16 76.59 -83.93
C SER H 1968 -19.02 77.84 -83.78
N THR H 1969 -19.69 78.25 -84.85
CA THR H 1969 -20.62 79.40 -84.88
C THR H 1969 -21.99 78.94 -84.39
N TYR H 1970 -22.22 77.62 -84.29
CA TYR H 1970 -23.51 77.01 -83.87
C TYR H 1970 -23.99 77.62 -82.55
N LEU H 1971 -23.07 77.87 -81.62
CA LEU H 1971 -23.40 78.42 -80.28
C LEU H 1971 -22.75 79.79 -80.11
N MET H 1972 -22.76 80.59 -81.18
CA MET H 1972 -22.63 82.07 -81.14
C MET H 1972 -23.95 82.66 -80.61
N ASN H 1973 -25.02 81.87 -80.61
CA ASN H 1973 -26.39 82.23 -80.11
C ASN H 1973 -26.40 82.18 -78.58
N GLY H 1974 -25.87 81.11 -77.98
CA GLY H 1974 -25.79 80.91 -76.52
C GLY H 1974 -24.59 81.60 -75.89
N VAL H 1975 -24.48 82.93 -76.06
CA VAL H 1975 -23.31 83.74 -75.61
C VAL H 1975 -23.78 84.86 -74.69
N LYS H 1976 -24.86 85.57 -75.03
CA LYS H 1976 -25.44 86.67 -74.21
C LYS H 1976 -25.61 86.21 -72.75
N PRO H 1977 -26.27 85.06 -72.45
CA PRO H 1977 -26.44 84.63 -71.07
C PRO H 1977 -25.11 84.31 -70.35
N PHE H 1978 -24.21 83.58 -71.03
CA PHE H 1978 -22.85 83.25 -70.54
C PHE H 1978 -22.01 84.52 -70.36
N LYS H 1979 -22.15 85.51 -71.23
CA LYS H 1979 -21.47 86.83 -71.07
C LYS H 1979 -21.95 87.49 -69.78
N SER H 1980 -23.26 87.61 -69.57
CA SER H 1980 -23.87 88.29 -68.40
C SER H 1980 -23.47 87.57 -67.10
N PHE H 1981 -23.23 86.26 -67.15
CA PHE H 1981 -22.79 85.44 -65.98
C PHE H 1981 -21.33 85.72 -65.62
N LEU H 1982 -20.44 85.82 -66.61
CA LEU H 1982 -19.02 86.24 -66.41
C LEU H 1982 -18.95 87.63 -65.78
N LYS H 1983 -19.87 88.54 -66.09
CA LYS H 1983 -19.79 89.95 -65.61
C LYS H 1983 -20.12 90.05 -64.12
N LYS H 1984 -20.92 89.12 -63.59
CA LYS H 1984 -21.19 89.00 -62.13
C LYS H 1984 -19.93 88.50 -61.42
N ASN H 1985 -19.29 87.50 -62.00
CA ASN H 1985 -18.27 86.62 -61.37
C ASN H 1985 -16.84 87.12 -61.60
N ILE H 1986 -16.60 87.87 -62.68
CA ILE H 1986 -15.30 88.57 -62.97
C ILE H 1986 -15.51 90.06 -62.70
N ILE H 1987 -15.00 90.55 -61.58
CA ILE H 1987 -15.15 91.96 -61.11
C ILE H 1987 -14.05 92.79 -61.78
N LYS H 1988 -14.26 94.09 -61.96
CA LYS H 1988 -13.25 94.99 -62.61
C LYS H 1988 -12.02 95.12 -61.71
N GLU H 1989 -12.24 95.35 -60.42
CA GLU H 1989 -11.21 95.60 -59.37
C GLU H 1989 -10.20 94.45 -59.29
N ASN H 1990 -10.59 93.21 -59.64
CA ASN H 1990 -9.71 92.02 -59.51
C ASN H 1990 -8.85 91.82 -60.77
N VAL H 1991 -8.87 92.74 -61.74
CA VAL H 1991 -8.11 92.63 -63.02
C VAL H 1991 -6.91 93.57 -62.93
N LYS H 1992 -5.72 93.01 -62.75
CA LYS H 1992 -4.43 93.74 -62.73
C LYS H 1992 -3.85 93.60 -64.13
N VAL H 1993 -3.75 94.71 -64.87
CA VAL H 1993 -3.45 94.72 -66.33
C VAL H 1993 -2.01 94.24 -66.54
N ALA H 1994 -1.10 94.74 -65.69
CA ALA H 1994 0.31 94.32 -65.53
C ALA H 1994 0.46 92.80 -65.59
N ARG H 1995 -0.57 92.05 -65.19
CA ARG H 1995 -0.47 90.59 -64.96
C ARG H 1995 -0.93 89.79 -66.18
N LEU H 1996 -1.50 90.46 -67.18
CA LEU H 1996 -2.07 89.88 -68.42
C LEU H 1996 -1.29 90.37 -69.62
N ALA H 1997 -1.12 91.70 -69.75
CA ALA H 1997 -0.41 92.40 -70.86
C ALA H 1997 0.84 91.61 -71.28
N GLY H 1998 0.87 91.21 -72.54
CA GLY H 1998 2.03 90.53 -73.18
C GLY H 1998 2.36 89.17 -72.58
N LYS H 1999 1.49 88.60 -71.74
CA LYS H 1999 1.73 87.30 -71.08
C LYS H 1999 0.63 86.29 -71.43
N TYR H 2000 -0.61 86.76 -71.47
CA TYR H 2000 -1.79 85.91 -71.72
C TYR H 2000 -2.01 85.84 -73.22
N ILE H 2001 -1.96 84.64 -73.79
CA ILE H 2001 -2.24 84.37 -75.22
C ILE H 2001 -3.61 83.72 -75.34
N PRO H 2002 -4.71 84.48 -75.56
CA PRO H 2002 -6.04 83.89 -75.73
C PRO H 2002 -6.15 82.88 -76.89
N ASN H 2003 -7.27 82.16 -76.94
CA ASN H 2003 -7.59 81.16 -77.99
C ASN H 2003 -8.28 81.86 -79.16
N LEU H 2004 -9.10 82.87 -78.84
CA LEU H 2004 -9.90 83.65 -79.83
C LEU H 2004 -8.92 84.25 -80.83
N THR H 2005 -8.07 85.14 -80.32
CA THR H 2005 -6.95 85.82 -81.01
C THR H 2005 -5.67 85.19 -80.50
N ALA H 2006 -4.88 84.47 -81.29
CA ALA H 2006 -3.58 83.96 -80.82
C ALA H 2006 -2.56 85.11 -80.91
N LYS H 2007 -2.75 86.11 -80.05
CA LYS H 2007 -1.93 87.34 -79.99
C LYS H 2007 -1.79 87.74 -78.52
N PRO H 2008 -0.56 87.90 -77.99
CA PRO H 2008 -0.39 88.27 -76.59
C PRO H 2008 -1.37 89.39 -76.26
N PHE H 2009 -2.14 89.21 -75.18
CA PHE H 2009 -3.17 90.16 -74.69
C PHE H 2009 -2.54 91.55 -74.62
N GLN H 2010 -3.22 92.57 -75.14
CA GLN H 2010 -2.79 93.98 -75.03
C GLN H 2010 -4.04 94.87 -74.96
N VAL H 2011 -3.96 95.99 -74.24
CA VAL H 2011 -5.06 97.00 -74.15
C VAL H 2011 -4.65 98.18 -75.04
N THR H 2012 -4.72 97.93 -76.35
CA THR H 2012 -4.49 98.91 -77.45
C THR H 2012 -5.63 98.76 -78.48
N LYS H 2013 -5.91 99.83 -79.23
CA LYS H 2013 -6.99 99.92 -80.26
C LYS H 2013 -6.92 98.76 -81.26
N GLU H 2014 -5.73 98.42 -81.77
CA GLU H 2014 -5.51 97.41 -82.84
C GLU H 2014 -5.97 96.03 -82.37
N TYR H 2015 -5.92 95.78 -81.06
CA TYR H 2015 -6.31 94.50 -80.41
C TYR H 2015 -7.84 94.43 -80.37
N PHE H 2016 -8.47 95.47 -79.81
CA PHE H 2016 -9.95 95.63 -79.76
C PHE H 2016 -10.52 95.47 -81.18
N GLN H 2017 -9.97 96.21 -82.14
CA GLN H 2017 -10.33 96.13 -83.59
C GLN H 2017 -10.30 94.67 -84.03
N ASP H 2018 -9.18 93.99 -83.78
CA ASP H 2018 -8.93 92.58 -84.22
C ASP H 2018 -9.98 91.63 -83.60
N VAL H 2019 -10.46 91.92 -82.39
CA VAL H 2019 -11.44 91.07 -81.64
C VAL H 2019 -12.80 91.24 -82.32
N TYR H 2020 -13.23 92.49 -82.50
CA TYR H 2020 -14.49 92.87 -83.20
C TYR H 2020 -14.66 92.12 -84.52
N ASP H 2021 -13.57 91.92 -85.26
CA ASP H 2021 -13.56 91.26 -86.59
C ASP H 2021 -13.86 89.76 -86.45
N LEU H 2022 -13.77 89.18 -85.24
CA LEU H 2022 -13.93 87.72 -84.98
C LEU H 2022 -15.21 87.41 -84.21
N THR H 2023 -15.93 88.44 -83.77
CA THR H 2023 -16.88 88.36 -82.62
C THR H 2023 -18.13 89.18 -82.95
N GLY H 2024 -17.96 90.44 -83.36
CA GLY H 2024 -19.09 91.34 -83.69
C GLY H 2024 -19.82 91.75 -82.42
N SER H 2025 -19.06 92.19 -81.42
CA SER H 2025 -19.54 92.60 -80.08
C SER H 2025 -19.78 94.11 -80.07
N GLU H 2026 -20.91 94.56 -79.53
CA GLU H 2026 -21.29 96.00 -79.47
C GLU H 2026 -20.56 96.72 -78.33
N PRO H 2027 -20.41 96.13 -77.12
CA PRO H 2027 -19.60 96.73 -76.06
C PRO H 2027 -18.12 96.94 -76.41
N ILE H 2028 -17.59 96.20 -77.40
CA ILE H 2028 -16.23 96.43 -77.98
C ILE H 2028 -16.29 97.56 -79.02
N LYS H 2029 -17.24 97.49 -79.95
CA LYS H 2029 -17.30 98.44 -81.09
C LYS H 2029 -17.54 99.86 -80.57
N GLU H 2030 -18.25 100.00 -79.44
CA GLU H 2030 -18.58 101.31 -78.85
C GLU H 2030 -17.33 101.92 -78.17
N ILE H 2031 -16.31 101.10 -77.83
CA ILE H 2031 -14.99 101.55 -77.30
C ILE H 2031 -14.11 102.09 -78.45
N ILE H 2032 -13.98 101.34 -79.54
CA ILE H 2032 -13.19 101.73 -80.75
C ILE H 2032 -13.68 103.10 -81.25
N ASP H 2033 -15.00 103.29 -81.28
CA ASP H 2033 -15.66 104.51 -81.83
C ASP H 2033 -15.19 105.75 -81.07
N ASN H 2034 -15.09 105.65 -79.74
CA ASN H 2034 -14.66 106.76 -78.85
C ASN H 2034 -13.40 106.34 -78.09
N TRP H 2035 -12.37 105.90 -78.82
CA TRP H 2035 -11.04 105.49 -78.29
C TRP H 2035 -10.28 106.67 -77.67
N GLU H 2036 -10.81 107.91 -77.77
CA GLU H 2036 -10.35 109.10 -76.98
C GLU H 2036 -11.04 109.09 -75.61
N LYS H 2037 -10.70 108.05 -74.84
CA LYS H 2037 -10.61 108.02 -73.35
C LYS H 2037 -9.12 107.86 -72.98
N TYR H 2038 -8.26 108.61 -73.70
CA TYR H 2038 -6.88 109.03 -73.32
C TYR H 2038 -6.93 110.30 -72.46
N GLU H 2039 -7.93 111.16 -72.74
CA GLU H 2039 -8.39 112.22 -71.81
C GLU H 2039 -9.36 111.56 -70.79
N GLN H 2040 -8.77 110.86 -69.80
CA GLN H 2040 -9.44 110.16 -68.65
C GLN H 2040 -10.84 109.67 -69.05
N SER I 1 99.42 41.19 -65.06
CA SER I 1 97.97 41.65 -64.91
C SER I 1 97.03 40.43 -64.87
N THR I 2 96.47 40.09 -63.69
CA THR I 2 95.68 38.85 -63.40
C THR I 2 94.24 39.20 -62.97
N ARG I 3 93.47 38.23 -62.45
CA ARG I 3 92.05 38.40 -62.00
C ARG I 3 91.50 37.13 -61.34
N PRO I 4 90.91 37.18 -60.11
CA PRO I 4 90.32 36.00 -59.46
C PRO I 4 89.02 35.41 -60.04
N LEU I 5 88.95 34.07 -60.10
CA LEU I 5 87.75 33.24 -60.37
C LEU I 5 87.67 32.09 -59.33
N THR I 6 86.46 31.78 -58.82
CA THR I 6 86.21 30.81 -57.72
C THR I 6 85.31 29.65 -58.20
N LEU I 7 85.91 28.59 -58.73
CA LEU I 7 85.29 27.23 -58.87
C LEU I 7 84.86 26.78 -57.47
N SER I 8 83.55 26.59 -57.25
CA SER I 8 83.00 26.09 -55.96
C SER I 8 81.81 25.13 -56.20
N HIS I 9 81.65 24.21 -55.25
CA HIS I 9 80.51 23.26 -55.11
C HIS I 9 80.18 23.19 -53.62
N GLY I 10 78.96 23.58 -53.23
CA GLY I 10 78.54 23.72 -51.83
C GLY I 10 79.61 24.44 -51.01
N SER I 11 80.12 23.77 -49.96
CA SER I 11 80.92 24.37 -48.85
C SER I 11 82.39 24.61 -49.23
N LEU I 12 82.89 24.08 -50.35
CA LEU I 12 84.35 24.08 -50.68
C LEU I 12 84.58 24.77 -52.03
N GLU I 13 85.76 25.37 -52.19
CA GLU I 13 86.15 26.15 -53.39
C GLU I 13 87.66 26.02 -53.67
N HIS I 14 88.03 26.22 -54.93
CA HIS I 14 89.39 26.60 -55.36
C HIS I 14 89.30 27.98 -56.03
N VAL I 15 90.13 28.92 -55.55
CA VAL I 15 90.31 30.29 -56.11
C VAL I 15 91.41 30.20 -57.18
N LEU I 16 91.12 30.72 -58.37
CA LEU I 16 91.87 30.42 -59.62
C LEU I 16 92.29 31.75 -60.28
N LEU I 17 93.60 31.95 -60.51
CA LEU I 17 94.17 33.25 -60.97
C LEU I 17 94.36 33.23 -62.50
N VAL I 18 93.32 33.71 -63.21
CA VAL I 18 93.24 33.75 -64.70
C VAL I 18 93.85 35.08 -65.16
N PRO I 19 94.88 35.10 -66.05
CA PRO I 19 95.25 36.32 -66.79
C PRO I 19 94.00 36.94 -67.45
N THR I 20 93.73 38.23 -67.20
CA THR I 20 92.51 38.98 -67.65
C THR I 20 92.40 38.93 -69.20
N ALA I 21 93.56 38.84 -69.89
CA ALA I 21 93.69 38.56 -71.35
C ALA I 21 92.68 37.49 -71.83
N SER I 22 92.52 36.40 -71.06
CA SER I 22 91.65 35.22 -71.38
C SER I 22 90.72 34.92 -70.19
N PHE I 23 89.90 35.88 -69.78
CA PHE I 23 88.90 35.73 -68.68
C PHE I 23 87.49 35.46 -69.25
N PHE I 24 87.07 36.13 -70.32
CA PHE I 24 85.69 36.05 -70.89
C PHE I 24 85.42 34.66 -71.46
N ILE I 25 86.49 33.93 -71.82
CA ILE I 25 86.49 32.45 -72.08
C ILE I 25 86.14 31.73 -70.77
N ALA I 26 86.99 31.86 -69.74
CA ALA I 26 87.07 31.03 -68.50
C ALA I 26 85.76 31.11 -67.68
N SER I 27 85.22 32.31 -67.50
CA SER I 27 83.94 32.61 -66.77
C SER I 27 82.73 32.00 -67.48
N GLN I 28 82.82 31.79 -68.80
CA GLN I 28 81.78 31.13 -69.65
C GLN I 28 81.83 29.59 -69.42
N LEU I 29 83.05 29.02 -69.28
CA LEU I 29 83.26 27.60 -68.84
C LEU I 29 82.79 27.43 -67.39
N GLN I 30 83.10 28.39 -66.51
CA GLN I 30 82.78 28.31 -65.06
C GLN I 30 81.28 28.08 -64.90
N GLU I 31 80.43 28.88 -65.53
CA GLU I 31 78.95 28.81 -65.37
C GLU I 31 78.43 27.52 -66.03
N GLN I 32 78.96 27.13 -67.20
CA GLN I 32 78.61 25.89 -67.96
C GLN I 32 78.93 24.64 -67.12
N PHE I 33 80.09 24.66 -66.44
CA PHE I 33 80.55 23.60 -65.50
C PHE I 33 79.66 23.57 -64.24
N ASN I 34 79.36 24.75 -63.68
CA ASN I 34 78.71 24.92 -62.34
C ASN I 34 77.22 24.49 -62.39
N LYS I 35 76.71 24.07 -63.55
CA LYS I 35 75.31 23.61 -63.74
C LYS I 35 75.24 22.09 -63.97
N ILE I 36 76.28 21.46 -64.56
CA ILE I 36 76.28 19.99 -64.86
C ILE I 36 76.40 19.22 -63.53
N LEU I 37 77.38 19.57 -62.69
CA LEU I 37 77.67 18.86 -61.42
C LEU I 37 76.53 19.14 -60.44
N PRO I 38 76.10 18.13 -59.64
CA PRO I 38 74.78 18.16 -59.00
C PRO I 38 74.62 19.05 -57.75
N GLU I 39 73.47 18.93 -57.08
CA GLU I 39 73.10 19.71 -55.87
C GLU I 39 73.94 19.23 -54.69
N PRO I 40 74.78 20.09 -54.08
CA PRO I 40 75.51 19.73 -52.86
C PRO I 40 74.60 19.07 -51.80
N THR I 41 75.03 17.91 -51.31
CA THR I 41 74.40 17.12 -50.22
C THR I 41 75.47 16.84 -49.16
N GLU I 42 75.07 16.83 -47.88
CA GLU I 42 75.99 16.70 -46.72
C GLU I 42 76.91 15.48 -46.91
N GLY I 43 78.19 15.61 -46.51
CA GLY I 43 79.23 14.57 -46.66
C GLY I 43 79.86 14.57 -48.06
N PHE I 44 79.13 15.07 -49.07
CA PHE I 44 79.46 14.99 -50.52
C PHE I 44 79.57 13.52 -50.94
N ALA I 45 78.63 12.68 -50.47
CA ALA I 45 78.73 11.21 -50.52
C ALA I 45 78.40 10.68 -51.92
N ALA I 46 77.39 11.24 -52.62
CA ALA I 46 76.97 10.86 -53.99
C ALA I 46 78.19 10.85 -54.93
N ASP I 47 78.25 9.89 -55.86
CA ASP I 47 79.47 9.47 -56.62
C ASP I 47 80.00 10.60 -57.52
N ASP I 48 79.11 11.43 -58.09
CA ASP I 48 79.42 12.51 -59.07
C ASP I 48 80.07 13.69 -58.34
N GLU I 49 79.44 14.17 -57.26
CA GLU I 49 79.88 15.39 -56.51
C GLU I 49 81.27 15.16 -55.90
N PRO I 50 82.24 16.08 -56.08
CA PRO I 50 83.57 15.94 -55.47
C PRO I 50 83.59 16.32 -53.98
N THR I 51 84.51 15.72 -53.22
CA THR I 51 84.54 15.71 -51.72
C THR I 51 85.62 16.65 -51.16
N THR I 52 86.70 16.92 -51.92
CA THR I 52 87.78 17.86 -51.51
C THR I 52 87.95 18.94 -52.59
N PRO I 53 88.63 20.05 -52.25
CA PRO I 53 89.13 21.00 -53.25
C PRO I 53 89.88 20.34 -54.43
N ALA I 54 90.74 19.35 -54.14
CA ALA I 54 91.59 18.65 -55.13
C ALA I 54 90.73 17.96 -56.19
N GLU I 55 89.60 17.34 -55.79
CA GLU I 55 88.71 16.59 -56.72
C GLU I 55 87.97 17.58 -57.62
N LEU I 56 87.46 18.67 -57.03
CA LEU I 56 86.70 19.74 -57.73
C LEU I 56 87.52 20.32 -58.89
N VAL I 57 88.81 20.59 -58.66
CA VAL I 57 89.74 21.13 -59.71
C VAL I 57 89.88 20.05 -60.80
N GLY I 58 90.03 18.78 -60.41
CA GLY I 58 90.12 17.61 -61.32
C GLY I 58 88.88 17.47 -62.20
N LYS I 59 87.69 17.54 -61.60
CA LYS I 59 86.38 17.49 -62.31
C LYS I 59 86.37 18.56 -63.42
N PHE I 60 86.87 19.77 -63.10
CA PHE I 60 87.02 20.91 -64.04
C PHE I 60 87.97 20.51 -65.18
N LEU I 61 89.23 20.20 -64.85
CA LEU I 61 90.29 19.79 -65.83
C LEU I 61 89.72 18.81 -66.86
N GLY I 62 88.89 17.86 -66.43
CA GLY I 62 88.18 16.90 -67.30
C GLY I 62 87.22 17.60 -68.23
N TYR I 63 86.31 18.42 -67.68
CA TYR I 63 85.27 19.17 -68.44
C TYR I 63 85.88 20.10 -69.48
N VAL I 64 87.02 20.74 -69.16
CA VAL I 64 87.78 21.60 -70.12
C VAL I 64 88.45 20.68 -71.15
N SER I 65 89.13 19.62 -70.72
CA SER I 65 89.87 18.65 -71.59
C SER I 65 88.93 18.01 -72.62
N SER I 66 87.62 17.99 -72.35
CA SER I 66 86.55 17.45 -73.23
C SER I 66 86.10 18.44 -74.30
N LEU I 67 86.72 19.63 -74.39
CA LEU I 67 86.36 20.71 -75.35
C LEU I 67 87.58 21.13 -76.22
N VAL I 68 88.78 20.66 -75.88
CA VAL I 68 90.04 20.92 -76.65
C VAL I 68 90.11 19.96 -77.84
N GLU I 69 90.87 20.32 -78.88
CA GLU I 69 91.34 19.40 -79.97
C GLU I 69 92.84 19.15 -79.80
N PRO I 70 93.32 17.89 -80.00
CA PRO I 70 94.73 17.56 -79.79
C PRO I 70 95.71 18.14 -80.84
N SER I 71 95.23 18.47 -82.05
CA SER I 71 96.00 19.18 -83.14
C SER I 71 95.66 20.69 -83.13
N LYS I 72 94.41 21.07 -83.43
CA LYS I 72 93.93 22.47 -83.64
C LYS I 72 94.11 23.30 -82.34
N VAL I 73 94.97 24.34 -82.37
CA VAL I 73 95.14 25.31 -81.25
C VAL I 73 93.84 26.14 -81.14
N GLY I 74 92.93 25.76 -80.23
CA GLY I 74 91.68 26.48 -79.93
C GLY I 74 91.88 27.60 -78.92
N GLN I 75 90.80 27.99 -78.24
CA GLN I 75 90.76 29.12 -77.26
C GLN I 75 91.11 28.59 -75.86
N PHE I 76 90.86 27.30 -75.59
CA PHE I 76 90.85 26.69 -74.24
C PHE I 76 92.24 26.17 -73.84
N ASP I 77 93.25 26.29 -74.71
CA ASP I 77 94.58 25.65 -74.50
C ASP I 77 95.28 26.33 -73.31
N GLN I 78 95.34 27.66 -73.32
CA GLN I 78 96.01 28.50 -72.27
C GLN I 78 95.17 28.51 -70.97
N VAL I 79 93.84 28.33 -71.06
CA VAL I 79 92.90 28.19 -69.90
C VAL I 79 93.28 26.94 -69.10
N LEU I 80 93.33 25.81 -69.80
CA LEU I 80 93.67 24.45 -69.29
C LEU I 80 95.10 24.48 -68.73
N ASN I 81 96.05 25.07 -69.44
CA ASN I 81 97.50 25.11 -69.05
C ASN I 81 97.69 25.88 -67.72
N LEU I 82 96.72 26.71 -67.29
CA LEU I 82 96.75 27.50 -66.02
C LEU I 82 95.69 27.01 -65.00
N CYS I 83 94.99 25.90 -65.29
CA CYS I 83 94.33 25.02 -64.29
C CYS I 83 95.33 23.95 -63.83
N LEU I 84 96.01 23.29 -64.79
CA LEU I 84 97.10 22.29 -64.53
C LEU I 84 98.13 22.89 -63.57
N THR I 85 98.78 23.99 -63.95
CA THR I 85 99.96 24.56 -63.23
C THR I 85 99.53 24.97 -61.81
N GLU I 86 98.24 25.30 -61.60
CA GLU I 86 97.66 25.52 -60.25
C GLU I 86 97.57 24.18 -59.48
N PHE I 87 96.85 23.22 -60.05
CA PHE I 87 96.60 21.84 -59.52
C PHE I 87 97.93 21.15 -59.15
N GLU I 88 98.96 21.28 -60.00
CA GLU I 88 100.30 20.65 -59.80
C GLU I 88 101.08 21.32 -58.65
N ASN I 89 100.82 22.60 -58.34
CA ASN I 89 101.61 23.39 -57.36
C ASN I 89 100.88 23.44 -56.00
N CYS I 90 99.55 23.39 -56.00
CA CYS I 90 98.74 23.27 -54.75
C CYS I 90 98.86 21.84 -54.20
N TYR I 91 98.38 20.85 -54.96
CA TYR I 91 97.90 19.53 -54.45
C TYR I 91 98.82 18.36 -54.80
N LEU I 92 99.80 18.51 -55.69
CA LEU I 92 100.75 17.42 -56.02
C LEU I 92 102.11 17.62 -55.35
N GLU I 93 102.45 18.83 -54.90
CA GLU I 93 103.74 19.18 -54.24
C GLU I 93 104.87 18.31 -54.83
N GLY I 94 104.96 18.27 -56.18
CA GLY I 94 106.00 17.53 -56.93
C GLY I 94 106.06 16.05 -56.56
N ASN I 95 104.90 15.43 -56.32
CA ASN I 95 104.70 13.96 -56.18
C ASN I 95 104.07 13.46 -57.48
N ASP I 96 103.59 12.20 -57.53
CA ASP I 96 102.74 11.72 -58.66
C ASP I 96 101.27 11.81 -58.26
N ILE I 97 100.39 11.85 -59.27
CA ILE I 97 98.91 11.91 -59.10
C ILE I 97 98.45 10.73 -58.23
N HIS I 98 99.06 9.56 -58.42
CA HIS I 98 98.69 8.32 -57.70
C HIS I 98 98.94 8.50 -56.19
N ALA I 99 100.10 9.06 -55.83
CA ALA I 99 100.47 9.39 -54.43
C ALA I 99 99.42 10.31 -53.80
N LEU I 100 98.81 11.20 -54.58
CA LEU I 100 97.72 12.09 -54.10
C LEU I 100 96.43 11.28 -53.92
N ALA I 101 96.04 10.48 -54.93
CA ALA I 101 94.80 9.66 -54.93
C ALA I 101 94.75 8.78 -53.68
N ALA I 102 95.89 8.18 -53.30
CA ALA I 102 96.11 7.45 -52.04
C ALA I 102 95.75 8.34 -50.84
N LYS I 103 96.41 9.49 -50.67
CA LYS I 103 96.23 10.38 -49.49
C LYS I 103 94.73 10.62 -49.26
N LEU I 104 94.03 11.08 -50.28
CA LEU I 104 92.57 11.44 -50.21
C LEU I 104 91.78 10.23 -49.69
N LEU I 105 92.18 9.02 -50.08
CA LEU I 105 91.44 7.77 -49.83
C LEU I 105 91.53 7.34 -48.35
N GLN I 106 92.65 7.61 -47.67
CA GLN I 106 92.85 7.20 -46.23
C GLN I 106 92.64 8.39 -45.27
N GLU I 107 92.75 9.65 -45.73
CA GLU I 107 92.37 10.87 -44.95
C GLU I 107 90.86 11.12 -45.09
N ASN I 108 90.43 11.58 -46.27
CA ASN I 108 89.08 12.13 -46.51
C ASN I 108 88.12 10.96 -46.80
N ASP I 109 86.82 11.25 -46.87
CA ASP I 109 85.74 10.24 -47.13
C ASP I 109 85.43 10.22 -48.64
N THR I 110 86.48 10.06 -49.46
CA THR I 110 86.38 9.72 -50.91
C THR I 110 86.14 8.21 -51.01
N THR I 111 85.86 7.72 -52.22
CA THR I 111 85.74 6.28 -52.55
C THR I 111 86.78 5.96 -53.63
N LEU I 112 86.70 4.78 -54.25
CA LEU I 112 87.62 4.34 -55.34
C LEU I 112 87.16 4.98 -56.66
N VAL I 113 85.87 4.83 -57.00
CA VAL I 113 85.24 5.40 -58.24
C VAL I 113 85.56 6.90 -58.29
N LYS I 114 85.50 7.56 -57.13
CA LYS I 114 85.75 9.01 -56.95
C LYS I 114 87.20 9.37 -57.30
N THR I 115 88.15 8.50 -56.95
CA THR I 115 89.61 8.77 -57.07
C THR I 115 90.13 8.21 -58.41
N LYS I 116 89.44 7.26 -59.03
CA LYS I 116 89.78 6.72 -60.38
C LYS I 116 89.60 7.83 -61.41
N GLU I 117 88.52 8.62 -61.30
CA GLU I 117 88.17 9.69 -62.28
C GLU I 117 89.18 10.84 -62.16
N LEU I 118 89.61 11.17 -60.95
CA LEU I 118 90.64 12.21 -60.70
C LEU I 118 91.93 11.88 -61.46
N ILE I 119 92.29 10.61 -61.52
CA ILE I 119 93.50 10.11 -62.24
C ILE I 119 93.25 10.19 -63.75
N LYS I 120 92.01 9.88 -64.19
CA LYS I 120 91.59 9.97 -65.61
C LYS I 120 91.73 11.43 -66.03
N ASN I 121 91.06 12.31 -65.30
CA ASN I 121 90.98 13.76 -65.61
C ASN I 121 92.40 14.30 -65.76
N TYR I 122 93.22 14.23 -64.70
CA TYR I 122 94.58 14.80 -64.68
C TYR I 122 95.41 14.29 -65.85
N ILE I 123 95.38 12.99 -66.14
CA ILE I 123 96.28 12.36 -67.15
C ILE I 123 95.76 12.66 -68.56
N THR I 124 94.43 12.75 -68.74
CA THR I 124 93.79 13.26 -69.98
C THR I 124 94.31 14.68 -70.22
N ALA I 125 94.08 15.58 -69.27
CA ALA I 125 94.47 17.01 -69.30
C ALA I 125 95.94 17.16 -69.72
N ARG I 126 96.86 16.46 -69.03
CA ARG I 126 98.32 16.52 -69.29
C ARG I 126 98.64 16.28 -70.77
N ILE I 127 97.83 15.47 -71.47
CA ILE I 127 98.08 15.09 -72.89
C ILE I 127 97.27 15.98 -73.84
N MET I 128 96.05 16.39 -73.48
CA MET I 128 95.22 17.31 -74.32
C MET I 128 95.86 18.70 -74.40
N ALA I 129 96.63 19.09 -73.38
CA ALA I 129 97.38 20.38 -73.34
C ALA I 129 98.88 20.13 -73.54
N LYS I 130 99.24 19.34 -74.56
CA LYS I 130 100.64 19.04 -75.02
C LYS I 130 101.66 19.26 -73.89
N ARG I 131 101.58 18.45 -72.82
CA ARG I 131 102.61 18.35 -71.73
C ARG I 131 102.91 16.88 -71.48
N PRO I 132 103.53 16.18 -72.46
CA PRO I 132 103.80 14.74 -72.34
C PRO I 132 104.82 14.45 -71.23
N PHE I 133 104.57 13.38 -70.47
CA PHE I 133 105.47 12.85 -69.41
C PHE I 133 106.83 12.53 -70.05
N ASP I 134 107.85 13.37 -69.82
CA ASP I 134 109.22 13.18 -70.36
C ASP I 134 110.29 13.19 -69.25
N LYS I 135 110.04 13.82 -68.09
CA LYS I 135 110.97 13.87 -66.93
C LYS I 135 111.11 12.46 -66.34
N LYS I 136 112.36 11.99 -66.19
CA LYS I 136 112.71 10.77 -65.38
C LYS I 136 112.33 11.05 -63.93
N SER I 137 111.10 10.70 -63.54
CA SER I 137 110.49 10.97 -62.20
C SER I 137 111.43 10.50 -61.08
N ASN I 138 111.40 11.19 -59.93
CA ASN I 138 112.17 10.82 -58.70
C ASN I 138 111.33 9.83 -57.88
N SER I 139 111.04 8.66 -58.45
CA SER I 139 110.38 7.53 -57.75
C SER I 139 111.37 6.95 -56.74
N ALA I 140 110.99 6.93 -55.46
CA ALA I 140 111.85 6.48 -54.35
C ALA I 140 112.40 5.09 -54.67
N LEU I 141 111.51 4.21 -55.15
CA LEU I 141 111.80 2.80 -55.50
C LEU I 141 112.94 2.71 -56.53
N PHE I 142 112.95 3.59 -57.54
CA PHE I 142 113.93 3.51 -58.67
C PHE I 142 115.20 4.30 -58.35
N ARG I 143 115.13 5.36 -57.52
CA ARG I 143 116.35 5.94 -56.89
C ARG I 143 117.06 4.83 -56.10
N ALA I 144 116.28 3.99 -55.42
CA ALA I 144 116.78 2.88 -54.55
C ALA I 144 117.37 1.73 -55.38
N VAL I 145 116.97 1.54 -56.64
CA VAL I 145 117.50 0.43 -57.49
C VAL I 145 118.81 0.88 -58.15
N GLY I 146 118.91 2.17 -58.52
CA GLY I 146 120.15 2.79 -59.02
C GLY I 146 121.26 2.72 -57.97
N GLU I 147 120.97 3.16 -56.75
CA GLU I 147 121.88 3.11 -55.58
C GLU I 147 122.34 1.67 -55.31
N GLY I 148 121.48 0.68 -55.60
CA GLY I 148 121.75 -0.76 -55.43
C GLY I 148 121.25 -1.31 -54.10
N ASN I 149 120.25 -0.65 -53.49
CA ASN I 149 119.52 -1.17 -52.30
C ASN I 149 118.54 -2.25 -52.78
N ALA I 150 117.54 -1.85 -53.56
CA ALA I 150 116.39 -2.67 -54.02
C ALA I 150 116.74 -3.41 -55.31
N GLN I 151 116.46 -4.72 -55.36
CA GLN I 151 116.36 -5.55 -56.59
C GLN I 151 114.86 -5.67 -56.90
N LEU I 152 114.48 -5.52 -58.17
CA LEU I 152 113.07 -5.66 -58.63
C LEU I 152 112.97 -6.87 -59.55
N VAL I 153 111.84 -7.55 -59.50
CA VAL I 153 111.44 -8.59 -60.48
C VAL I 153 110.01 -8.30 -60.91
N ALA I 154 109.75 -8.43 -62.21
CA ALA I 154 108.41 -8.31 -62.81
C ALA I 154 107.82 -9.71 -62.89
N ILE I 155 106.53 -9.84 -62.61
CA ILE I 155 105.78 -11.11 -62.83
C ILE I 155 104.46 -10.78 -63.53
N PHE I 156 104.03 -11.67 -64.40
CA PHE I 156 102.77 -11.54 -65.16
C PHE I 156 101.90 -12.75 -64.80
N GLY I 157 100.60 -12.50 -64.61
CA GLY I 157 99.59 -13.52 -64.29
C GLY I 157 99.13 -14.30 -65.51
N GLY I 158 97.95 -14.92 -65.41
CA GLY I 158 97.34 -15.78 -66.44
C GLY I 158 95.84 -15.88 -66.28
N GLN I 159 95.25 -16.91 -66.88
CA GLN I 159 93.80 -17.19 -66.72
C GLN I 159 93.55 -17.69 -65.29
N GLY I 160 92.37 -17.47 -64.74
CA GLY I 160 91.89 -18.08 -63.47
C GLY I 160 91.76 -17.07 -62.34
N ASN I 161 92.34 -15.89 -62.49
CA ASN I 161 92.50 -14.91 -61.41
C ASN I 161 91.19 -14.12 -61.24
N THR I 162 90.25 -14.19 -62.19
CA THR I 162 88.96 -13.45 -62.15
C THR I 162 87.92 -14.07 -63.08
N ASP I 163 86.64 -13.92 -62.71
CA ASP I 163 85.45 -14.28 -63.52
C ASP I 163 85.46 -13.46 -64.81
N ASP I 164 85.47 -12.11 -64.69
CA ASP I 164 85.57 -11.19 -65.84
C ASP I 164 86.86 -10.36 -65.77
N TYR I 165 87.90 -10.83 -66.48
CA TYR I 165 89.15 -10.08 -66.77
C TYR I 165 88.83 -8.83 -67.56
N PHE I 166 87.85 -8.90 -68.47
CA PHE I 166 87.54 -7.84 -69.46
C PHE I 166 87.10 -6.53 -68.78
N GLU I 167 86.56 -6.58 -67.56
CA GLU I 167 86.29 -5.35 -66.76
C GLU I 167 87.61 -4.65 -66.39
N GLU I 168 88.72 -5.39 -66.31
CA GLU I 168 90.06 -4.81 -66.03
C GLU I 168 90.54 -4.04 -67.26
N LEU I 169 90.20 -4.49 -68.47
CA LEU I 169 90.65 -3.86 -69.76
C LEU I 169 89.81 -2.60 -69.98
N ARG I 170 88.52 -2.70 -69.68
CA ARG I 170 87.54 -1.58 -69.75
C ARG I 170 87.94 -0.48 -68.76
N ASP I 171 88.22 -0.82 -67.50
CA ASP I 171 88.54 0.18 -66.45
C ASP I 171 89.91 0.80 -66.74
N LEU I 172 90.83 0.02 -67.31
CA LEU I 172 92.18 0.48 -67.68
C LEU I 172 92.09 1.46 -68.84
N TYR I 173 91.27 1.14 -69.86
CA TYR I 173 91.05 1.98 -71.06
C TYR I 173 90.24 3.23 -70.74
N GLN I 174 89.25 3.13 -69.85
CA GLN I 174 88.43 4.29 -69.40
C GLN I 174 89.35 5.35 -68.77
N THR I 175 90.37 4.94 -68.01
CA THR I 175 91.18 5.82 -67.12
C THR I 175 92.46 6.27 -67.84
N TYR I 176 93.18 5.38 -68.55
CA TYR I 176 94.45 5.69 -69.26
C TYR I 176 94.24 5.56 -70.78
N HIS I 177 93.01 5.84 -71.23
CA HIS I 177 92.60 6.11 -72.65
C HIS I 177 93.77 6.73 -73.46
N VAL I 178 94.33 7.81 -72.93
CA VAL I 178 95.25 8.74 -73.65
C VAL I 178 96.69 8.22 -73.65
N LEU I 179 96.96 7.09 -72.99
CA LEU I 179 98.30 6.45 -72.94
C LEU I 179 98.29 5.10 -73.66
N VAL I 180 97.16 4.41 -73.68
CA VAL I 180 97.05 2.98 -74.09
C VAL I 180 96.28 2.88 -75.42
N GLY I 181 95.33 3.80 -75.67
CA GLY I 181 94.65 4.00 -76.96
C GLY I 181 95.45 3.53 -78.19
N ASP I 182 96.76 3.83 -78.26
CA ASP I 182 97.61 3.46 -79.40
C ASP I 182 97.96 1.96 -79.38
N LEU I 183 98.28 1.38 -78.20
CA LEU I 183 98.59 -0.06 -78.02
C LEU I 183 97.34 -0.91 -78.27
N ILE I 184 96.20 -0.53 -77.67
CA ILE I 184 94.90 -1.21 -77.90
C ILE I 184 94.70 -1.27 -79.41
N LYS I 185 94.66 -0.10 -80.06
CA LYS I 185 94.42 0.06 -81.51
C LYS I 185 95.33 -0.91 -82.28
N PHE I 186 96.61 -1.00 -81.91
CA PHE I 186 97.62 -1.82 -82.61
C PHE I 186 97.27 -3.31 -82.52
N SER I 187 96.90 -3.76 -81.33
CA SER I 187 96.47 -5.16 -81.04
C SER I 187 95.23 -5.52 -81.86
N ALA I 188 94.20 -4.67 -81.83
CA ALA I 188 92.92 -4.83 -82.59
C ALA I 188 93.21 -5.04 -84.08
N GLU I 189 94.14 -4.28 -84.65
CA GLU I 189 94.56 -4.38 -86.07
C GLU I 189 95.32 -5.70 -86.27
N THR I 190 96.24 -6.02 -85.36
CA THR I 190 97.21 -7.15 -85.45
C THR I 190 96.51 -8.49 -85.25
N LEU I 191 95.39 -8.51 -84.53
CA LEU I 191 94.57 -9.74 -84.30
C LEU I 191 93.60 -9.92 -85.47
N SER I 192 92.85 -8.85 -85.81
CA SER I 192 91.93 -8.76 -86.99
C SER I 192 92.65 -9.25 -88.25
N GLU I 193 93.88 -8.78 -88.50
CA GLU I 193 94.67 -9.21 -89.68
C GLU I 193 94.99 -10.70 -89.54
N LEU I 194 95.29 -11.16 -88.32
CA LEU I 194 95.78 -12.54 -87.98
C LEU I 194 94.64 -13.55 -88.11
N ILE I 195 93.39 -13.08 -88.06
CA ILE I 195 92.18 -13.92 -88.33
C ILE I 195 92.09 -14.21 -89.84
N ARG I 196 92.31 -13.19 -90.68
CA ARG I 196 92.26 -13.33 -92.16
C ARG I 196 93.38 -14.25 -92.65
N THR I 197 94.60 -14.10 -92.15
CA THR I 197 95.82 -14.85 -92.58
C THR I 197 95.72 -16.32 -92.16
N THR I 198 95.12 -16.61 -90.99
CA THR I 198 94.91 -17.99 -90.48
C THR I 198 93.82 -18.65 -91.32
N LEU I 199 94.02 -19.92 -91.71
CA LEU I 199 93.17 -20.66 -92.69
C LEU I 199 91.69 -20.56 -92.30
N ASP I 200 91.29 -21.05 -91.12
CA ASP I 200 89.86 -21.12 -90.69
C ASP I 200 89.67 -20.48 -89.32
N ALA I 201 90.30 -19.34 -89.05
CA ALA I 201 90.09 -18.58 -87.79
C ALA I 201 88.63 -18.12 -87.72
N GLU I 202 88.14 -17.51 -88.80
CA GLU I 202 86.83 -16.78 -88.82
C GLU I 202 85.69 -17.67 -88.28
N LYS I 203 85.84 -19.00 -88.34
CA LYS I 203 84.84 -20.00 -87.86
C LYS I 203 84.91 -20.15 -86.33
N VAL I 204 86.08 -19.92 -85.73
CA VAL I 204 86.29 -19.85 -84.26
C VAL I 204 85.85 -18.46 -83.75
N PHE I 205 86.36 -17.39 -84.35
CA PHE I 205 86.13 -15.99 -83.92
C PHE I 205 84.87 -15.44 -84.60
N THR I 206 83.73 -16.03 -84.29
CA THR I 206 82.42 -15.72 -84.93
C THR I 206 82.19 -14.21 -84.86
N GLN I 207 82.29 -13.63 -83.67
CA GLN I 207 81.98 -12.19 -83.39
C GLN I 207 83.26 -11.33 -83.47
N GLY I 208 84.32 -11.83 -84.13
CA GLY I 208 85.56 -11.08 -84.47
C GLY I 208 86.43 -10.76 -83.25
N LEU I 209 87.31 -9.75 -83.36
CA LEU I 209 88.27 -9.31 -82.31
C LEU I 209 88.44 -7.77 -82.28
N ASN I 210 87.45 -7.00 -82.76
CA ASN I 210 87.56 -5.52 -82.83
C ASN I 210 87.32 -4.97 -81.42
N ILE I 211 88.39 -4.95 -80.61
CA ILE I 211 88.33 -4.62 -79.16
C ILE I 211 88.21 -3.11 -78.97
N LEU I 212 88.59 -2.31 -79.99
CA LEU I 212 88.26 -0.85 -80.05
C LEU I 212 86.74 -0.67 -79.90
N GLU I 213 85.97 -1.36 -80.73
CA GLU I 213 84.49 -1.20 -80.79
C GLU I 213 83.89 -1.53 -79.42
N TRP I 214 84.40 -2.59 -78.78
CA TRP I 214 83.82 -3.16 -77.54
C TRP I 214 84.03 -2.22 -76.35
N LEU I 215 85.12 -1.43 -76.40
CA LEU I 215 85.51 -0.50 -75.31
C LEU I 215 84.86 0.85 -75.57
N GLU I 216 84.89 1.28 -76.84
CA GLU I 216 84.27 2.57 -77.30
C GLU I 216 82.75 2.48 -77.08
N ASN I 217 82.10 1.42 -77.58
CA ASN I 217 80.64 1.20 -77.50
C ASN I 217 80.34 -0.07 -76.69
N PRO I 218 80.14 0.04 -75.36
CA PRO I 218 79.96 -1.13 -74.49
C PRO I 218 78.86 -2.13 -74.88
N SER I 219 77.88 -1.71 -75.68
CA SER I 219 76.63 -2.48 -75.97
C SER I 219 76.81 -3.40 -77.18
N ASN I 220 77.65 -3.03 -78.15
CA ASN I 220 78.06 -3.90 -79.30
C ASN I 220 79.10 -4.95 -78.86
N THR I 221 79.59 -4.87 -77.61
CA THR I 221 80.48 -5.88 -76.97
C THR I 221 79.78 -7.24 -77.01
N PRO I 222 80.50 -8.35 -77.29
CA PRO I 222 79.91 -9.69 -77.16
C PRO I 222 79.58 -10.02 -75.70
N ASP I 223 79.06 -11.22 -75.45
CA ASP I 223 78.60 -11.70 -74.11
C ASP I 223 79.78 -12.29 -73.33
N LYS I 224 79.68 -12.29 -71.99
CA LYS I 224 80.75 -12.69 -71.05
C LYS I 224 81.11 -14.19 -71.21
N ASP I 225 80.43 -14.92 -72.09
CA ASP I 225 80.56 -16.40 -72.26
C ASP I 225 81.46 -16.68 -73.48
N TYR I 226 81.39 -15.83 -74.51
CA TYR I 226 82.33 -15.77 -75.66
C TYR I 226 83.72 -15.28 -75.19
N LEU I 227 83.74 -14.17 -74.41
CA LEU I 227 84.97 -13.45 -73.98
C LEU I 227 85.85 -14.34 -73.11
N LEU I 228 85.25 -15.24 -72.32
CA LEU I 228 86.02 -16.11 -71.40
C LEU I 228 86.69 -17.25 -72.18
N SER I 229 86.15 -17.65 -73.34
CA SER I 229 86.74 -18.67 -74.25
C SER I 229 88.22 -18.38 -74.47
N ILE I 230 89.07 -19.40 -74.49
CA ILE I 230 90.55 -19.20 -74.51
C ILE I 230 91.04 -18.59 -75.83
N PRO I 231 90.35 -18.75 -77.00
CA PRO I 231 90.83 -18.12 -78.24
C PRO I 231 90.87 -16.60 -78.15
N ILE I 232 89.96 -16.04 -77.38
CA ILE I 232 89.74 -14.57 -77.30
C ILE I 232 90.20 -14.02 -75.96
N SER I 233 90.48 -14.89 -74.97
CA SER I 233 90.86 -14.48 -73.58
C SER I 233 92.39 -14.54 -73.42
N CYS I 234 93.05 -15.56 -73.99
CA CYS I 234 94.54 -15.63 -74.04
C CYS I 234 95.10 -14.31 -74.58
N PRO I 235 94.86 -13.91 -75.84
CA PRO I 235 95.51 -12.72 -76.39
C PRO I 235 95.14 -11.43 -75.64
N LEU I 236 93.90 -11.32 -75.19
CA LEU I 236 93.39 -10.11 -74.49
C LEU I 236 93.98 -9.98 -73.09
N ILE I 237 94.42 -11.08 -72.47
CA ILE I 237 95.08 -11.05 -71.13
C ILE I 237 96.53 -10.62 -71.33
N GLY I 238 97.14 -10.99 -72.46
CA GLY I 238 98.39 -10.39 -72.98
C GLY I 238 98.30 -8.87 -73.06
N VAL I 239 97.23 -8.36 -73.66
CA VAL I 239 97.00 -6.90 -73.88
C VAL I 239 96.99 -6.18 -72.52
N ILE I 240 96.25 -6.70 -71.54
CA ILE I 240 96.02 -6.04 -70.21
C ILE I 240 97.35 -5.95 -69.44
N GLN I 241 98.24 -6.94 -69.59
CA GLN I 241 99.59 -6.94 -68.99
C GLN I 241 100.44 -5.85 -69.68
N LEU I 242 100.72 -6.01 -70.99
CA LEU I 242 101.48 -5.02 -71.79
C LEU I 242 100.96 -3.59 -71.52
N ALA I 243 99.64 -3.44 -71.40
CA ALA I 243 98.96 -2.16 -71.10
C ALA I 243 99.42 -1.62 -69.74
N HIS I 244 99.49 -2.46 -68.71
CA HIS I 244 99.92 -2.03 -67.35
C HIS I 244 101.41 -1.65 -67.39
N TYR I 245 102.22 -2.38 -68.16
CA TYR I 245 103.67 -2.12 -68.33
C TYR I 245 103.87 -0.80 -69.09
N VAL I 246 102.92 -0.43 -69.95
CA VAL I 246 102.89 0.90 -70.64
C VAL I 246 102.58 1.98 -69.58
N VAL I 247 101.33 2.08 -69.08
CA VAL I 247 100.95 3.15 -68.11
C VAL I 247 101.98 3.23 -66.98
N THR I 248 102.69 2.15 -66.67
CA THR I 248 103.83 2.19 -65.71
C THR I 248 104.96 3.02 -66.34
N ALA I 249 105.50 2.59 -67.48
CA ALA I 249 106.67 3.21 -68.14
C ALA I 249 106.41 4.69 -68.43
N LYS I 250 105.24 5.04 -68.96
CA LYS I 250 104.91 6.43 -69.38
C LYS I 250 104.88 7.35 -68.15
N LEU I 251 104.14 7.01 -67.10
CA LEU I 251 104.02 7.87 -65.89
C LEU I 251 105.36 8.03 -65.15
N LEU I 252 106.33 7.14 -65.36
CA LEU I 252 107.71 7.29 -64.85
C LEU I 252 108.61 8.05 -65.84
N GLY I 253 108.08 8.45 -67.00
CA GLY I 253 108.84 9.10 -68.08
C GLY I 253 109.97 8.24 -68.60
N PHE I 254 109.77 6.92 -68.65
CA PHE I 254 110.73 5.93 -69.17
C PHE I 254 110.30 5.46 -70.57
N THR I 255 111.29 5.06 -71.37
CA THR I 255 111.12 4.18 -72.55
C THR I 255 111.18 2.75 -72.03
N PRO I 256 110.45 1.77 -72.63
CA PRO I 256 110.41 0.40 -72.10
C PRO I 256 111.76 -0.27 -71.83
N GLY I 257 112.80 0.03 -72.61
CA GLY I 257 114.17 -0.47 -72.39
C GLY I 257 114.74 -0.07 -71.03
N GLU I 258 114.46 1.17 -70.58
CA GLU I 258 114.98 1.75 -69.32
C GLU I 258 114.30 1.10 -68.11
N LEU I 259 113.00 0.79 -68.21
CA LEU I 259 112.21 0.08 -67.17
C LEU I 259 112.74 -1.35 -67.00
N ARG I 260 113.07 -2.05 -68.10
CA ARG I 260 113.60 -3.44 -68.03
C ARG I 260 115.07 -3.41 -67.58
N SER I 261 115.77 -2.29 -67.67
CA SER I 261 117.18 -2.19 -67.17
C SER I 261 117.20 -2.29 -65.64
N TYR I 262 116.19 -1.72 -64.97
CA TYR I 262 116.04 -1.70 -63.49
C TYR I 262 115.55 -3.05 -62.96
N LEU I 263 114.69 -3.73 -63.72
CA LEU I 263 114.33 -5.16 -63.47
C LEU I 263 115.60 -6.01 -63.41
N LYS I 264 115.71 -6.84 -62.38
CA LYS I 264 116.84 -7.77 -62.16
C LYS I 264 116.57 -9.07 -62.92
N GLY I 265 115.29 -9.42 -63.02
CA GLY I 265 114.75 -10.45 -63.93
C GLY I 265 113.25 -10.25 -64.16
N ALA I 266 112.61 -11.13 -64.92
CA ALA I 266 111.13 -11.19 -64.99
C ALA I 266 110.69 -12.65 -65.17
N THR I 267 109.43 -12.92 -64.87
CA THR I 267 108.79 -14.24 -65.09
C THR I 267 107.26 -14.12 -65.12
N GLY I 268 106.62 -15.26 -65.31
CA GLY I 268 105.16 -15.32 -65.53
C GLY I 268 104.63 -16.67 -65.14
N HIS I 269 103.40 -16.65 -64.66
CA HIS I 269 102.61 -17.84 -64.23
C HIS I 269 101.79 -18.31 -65.41
N SER I 270 101.95 -19.56 -65.82
CA SER I 270 101.21 -20.14 -66.97
C SER I 270 101.54 -19.26 -68.19
N GLN I 271 100.55 -18.58 -68.78
CA GLN I 271 100.65 -17.88 -70.09
C GLN I 271 101.31 -16.49 -69.98
N GLY I 272 101.62 -16.03 -68.76
CA GLY I 272 102.33 -14.77 -68.51
C GLY I 272 103.80 -14.84 -68.89
N LEU I 273 104.37 -16.05 -69.01
CA LEU I 273 105.75 -16.29 -69.50
C LEU I 273 105.96 -15.72 -70.92
N VAL I 274 104.88 -15.49 -71.68
CA VAL I 274 104.89 -14.89 -73.05
C VAL I 274 105.04 -13.36 -72.96
N THR I 275 104.28 -12.69 -72.09
CA THR I 275 104.39 -11.22 -71.94
C THR I 275 105.54 -10.88 -71.01
N ALA I 276 106.24 -11.88 -70.46
CA ALA I 276 107.51 -11.69 -69.70
C ALA I 276 108.66 -11.62 -70.69
N VAL I 277 108.76 -12.63 -71.56
CA VAL I 277 109.90 -12.76 -72.52
C VAL I 277 109.88 -11.60 -73.51
N ALA I 278 108.69 -11.05 -73.84
CA ALA I 278 108.51 -9.89 -74.76
C ALA I 278 109.09 -8.61 -74.13
N ILE I 279 108.79 -8.37 -72.86
CA ILE I 279 109.35 -7.27 -72.01
C ILE I 279 110.88 -7.35 -71.89
N ALA I 280 111.48 -8.54 -71.95
CA ALA I 280 112.95 -8.71 -71.86
C ALA I 280 113.63 -8.32 -73.18
N GLU I 281 112.87 -8.13 -74.27
CA GLU I 281 113.39 -7.74 -75.60
C GLU I 281 113.38 -6.22 -75.79
N THR I 282 112.38 -5.56 -75.21
CA THR I 282 111.98 -4.17 -75.58
C THR I 282 113.13 -3.19 -75.29
N ASP I 283 113.12 -2.01 -75.92
CA ASP I 283 114.30 -1.12 -76.09
C ASP I 283 113.84 0.34 -76.18
N SER I 284 113.08 0.70 -77.22
CA SER I 284 112.55 2.06 -77.50
C SER I 284 111.09 1.97 -77.97
N TRP I 285 110.30 3.05 -77.81
CA TRP I 285 108.83 3.08 -78.15
C TRP I 285 108.53 2.57 -79.56
N GLU I 286 109.47 2.74 -80.50
CA GLU I 286 109.31 2.37 -81.93
C GLU I 286 109.43 0.83 -82.04
N SER I 287 110.53 0.27 -81.53
CA SER I 287 110.82 -1.19 -81.50
C SER I 287 110.13 -1.87 -80.31
N PHE I 288 109.05 -1.28 -79.77
CA PHE I 288 108.19 -1.85 -78.69
C PHE I 288 107.05 -2.62 -79.32
N PHE I 289 106.41 -2.01 -80.31
CA PHE I 289 105.26 -2.61 -81.03
C PHE I 289 105.70 -3.87 -81.79
N VAL I 290 107.00 -4.07 -82.06
CA VAL I 290 107.50 -5.32 -82.71
C VAL I 290 107.56 -6.44 -81.68
N SER I 291 107.84 -6.11 -80.40
CA SER I 291 107.81 -7.09 -79.27
C SER I 291 106.35 -7.48 -79.01
N VAL I 292 105.50 -6.48 -78.72
CA VAL I 292 104.03 -6.64 -78.53
C VAL I 292 103.41 -7.55 -79.62
N ARG I 293 103.70 -7.28 -80.90
CA ARG I 293 103.17 -8.04 -82.06
C ARG I 293 103.57 -9.52 -81.88
N LYS I 294 104.80 -9.76 -81.45
CA LYS I 294 105.39 -11.10 -81.24
C LYS I 294 104.66 -11.81 -80.09
N ALA I 295 104.42 -11.11 -78.99
CA ALA I 295 103.72 -11.61 -77.78
C ALA I 295 102.31 -12.09 -78.17
N ILE I 296 101.51 -11.16 -78.68
CA ILE I 296 100.09 -11.37 -79.10
C ILE I 296 99.96 -12.53 -80.08
N THR I 297 100.83 -12.62 -81.09
CA THR I 297 100.71 -13.69 -82.12
C THR I 297 100.98 -15.05 -81.43
N VAL I 298 102.01 -15.18 -80.58
CA VAL I 298 102.27 -16.46 -79.83
C VAL I 298 101.05 -16.80 -78.96
N LEU I 299 100.45 -15.79 -78.35
CA LEU I 299 99.32 -15.92 -77.39
C LEU I 299 98.01 -16.22 -78.13
N PHE I 300 97.96 -15.94 -79.43
CA PHE I 300 96.79 -16.11 -80.31
C PHE I 300 96.81 -17.55 -80.82
N PHE I 301 97.97 -18.11 -81.15
CA PHE I 301 98.06 -19.50 -81.67
C PHE I 301 97.82 -20.50 -80.54
N ILE I 302 98.38 -20.24 -79.35
CA ILE I 302 98.06 -20.99 -78.10
C ILE I 302 96.54 -21.05 -77.93
N GLY I 303 95.86 -19.91 -77.99
CA GLY I 303 94.41 -19.77 -77.75
C GLY I 303 93.61 -20.51 -78.81
N VAL I 304 94.03 -20.42 -80.07
CA VAL I 304 93.33 -21.06 -81.22
C VAL I 304 93.58 -22.56 -81.15
N ARG I 305 94.84 -22.99 -81.20
CA ARG I 305 95.19 -24.43 -81.45
C ARG I 305 94.75 -25.29 -80.26
N CYS I 306 94.67 -24.75 -79.06
CA CYS I 306 94.30 -25.51 -77.83
C CYS I 306 92.79 -25.75 -77.77
N TYR I 307 91.99 -24.76 -78.14
CA TYR I 307 90.53 -24.88 -78.33
C TYR I 307 90.26 -26.11 -79.21
N GLU I 308 90.87 -26.14 -80.39
CA GLU I 308 90.67 -27.21 -81.41
C GLU I 308 91.09 -28.58 -80.85
N ALA I 309 92.12 -28.63 -80.01
CA ALA I 309 92.64 -29.87 -79.38
C ALA I 309 91.59 -30.48 -78.44
N TYR I 310 91.17 -29.73 -77.41
CA TYR I 310 90.21 -30.17 -76.36
C TYR I 310 89.21 -29.04 -76.08
N PRO I 311 88.00 -29.06 -76.70
CA PRO I 311 86.99 -28.01 -76.51
C PRO I 311 86.03 -28.31 -75.35
N ASN I 312 85.59 -27.27 -74.64
CA ASN I 312 84.76 -27.43 -73.41
C ASN I 312 83.32 -27.71 -73.83
N THR I 313 82.80 -28.87 -73.43
CA THR I 313 81.43 -29.34 -73.76
C THR I 313 80.50 -29.08 -72.59
N SER I 314 79.20 -29.26 -72.81
CA SER I 314 78.13 -29.02 -71.82
C SER I 314 78.10 -30.20 -70.84
N LEU I 315 78.17 -29.90 -69.53
CA LEU I 315 77.94 -30.88 -68.44
C LEU I 315 76.45 -31.11 -68.28
N PRO I 316 76.01 -32.37 -68.03
CA PRO I 316 74.66 -32.62 -67.54
C PRO I 316 74.27 -31.66 -66.40
N PRO I 317 73.05 -31.11 -66.38
CA PRO I 317 72.67 -30.13 -65.36
C PRO I 317 72.59 -30.66 -63.93
N SER I 318 72.50 -31.99 -63.76
CA SER I 318 72.57 -32.69 -62.45
C SER I 318 73.91 -32.38 -61.78
N ILE I 319 75.01 -32.58 -62.51
CA ILE I 319 76.40 -32.25 -62.09
C ILE I 319 76.51 -30.77 -61.73
N LEU I 320 75.92 -29.89 -62.53
CA LEU I 320 76.11 -28.42 -62.39
C LEU I 320 75.44 -27.96 -61.11
N GLU I 321 74.20 -28.39 -60.87
CA GLU I 321 73.39 -27.94 -59.70
C GLU I 321 73.96 -28.56 -58.42
N ASP I 322 74.62 -29.72 -58.53
CA ASP I 322 75.30 -30.37 -57.38
C ASP I 322 76.55 -29.58 -56.98
N SER I 323 77.36 -29.17 -57.94
CA SER I 323 78.58 -28.34 -57.70
C SER I 323 78.20 -26.99 -57.08
N LEU I 324 77.09 -26.37 -57.47
CA LEU I 324 76.75 -25.00 -56.98
C LEU I 324 76.27 -25.07 -55.53
N GLU I 325 75.52 -26.10 -55.15
CA GLU I 325 74.96 -26.22 -53.77
C GLU I 325 76.08 -26.60 -52.78
N ASN I 326 77.03 -27.44 -53.19
CA ASN I 326 78.19 -27.87 -52.35
C ASN I 326 79.37 -26.88 -52.48
N ASN I 327 79.17 -25.71 -53.10
CA ASN I 327 80.07 -24.53 -53.06
C ASN I 327 81.42 -24.80 -53.74
N GLU I 328 81.49 -25.82 -54.60
CA GLU I 328 82.46 -25.88 -55.72
C GLU I 328 81.88 -24.94 -56.77
N GLY I 329 82.62 -24.59 -57.81
CA GLY I 329 82.12 -23.56 -58.73
C GLY I 329 81.15 -24.13 -59.74
N VAL I 330 81.07 -23.49 -60.89
CA VAL I 330 80.65 -24.12 -62.17
C VAL I 330 81.77 -25.06 -62.58
N PRO I 331 81.50 -26.35 -62.86
CA PRO I 331 82.53 -27.24 -63.39
C PRO I 331 83.30 -26.63 -64.57
N SER I 332 84.58 -26.96 -64.66
CA SER I 332 85.55 -26.43 -65.63
C SER I 332 86.70 -27.40 -65.65
N PRO I 333 87.69 -27.27 -66.56
CA PRO I 333 88.80 -28.23 -66.62
C PRO I 333 89.91 -28.00 -65.59
N MET I 334 89.67 -27.19 -64.58
CA MET I 334 90.70 -26.64 -63.67
C MET I 334 90.13 -26.53 -62.25
N LEU I 335 90.64 -27.31 -61.30
CA LEU I 335 90.11 -27.41 -59.92
C LEU I 335 91.19 -26.93 -58.95
N SER I 336 90.90 -25.84 -58.22
CA SER I 336 91.83 -25.26 -57.23
C SER I 336 91.52 -25.90 -55.86
N ILE I 337 92.48 -26.65 -55.30
CA ILE I 337 92.39 -27.26 -53.94
C ILE I 337 93.31 -26.49 -53.00
N SER I 338 92.73 -25.65 -52.13
CA SER I 338 93.43 -24.86 -51.08
C SER I 338 93.57 -25.69 -49.80
N ASN I 339 94.73 -25.60 -49.13
CA ASN I 339 94.96 -25.96 -47.71
C ASN I 339 95.27 -27.45 -47.55
N LEU I 340 95.83 -28.11 -48.56
CA LEU I 340 96.26 -29.53 -48.52
C LEU I 340 97.66 -29.65 -49.14
N THR I 341 98.57 -30.36 -48.48
CA THR I 341 99.95 -30.66 -48.95
C THR I 341 99.89 -31.31 -50.33
N GLN I 342 100.81 -30.97 -51.24
CA GLN I 342 100.95 -31.61 -52.58
C GLN I 342 100.85 -33.14 -52.46
N GLU I 343 101.42 -33.73 -51.40
CA GLU I 343 101.38 -35.20 -51.10
C GLU I 343 99.93 -35.65 -50.89
N GLN I 344 99.18 -34.99 -49.98
CA GLN I 344 97.76 -35.30 -49.65
C GLN I 344 96.87 -35.26 -50.91
N VAL I 345 97.04 -34.23 -51.74
CA VAL I 345 96.25 -34.08 -53.01
C VAL I 345 96.60 -35.23 -53.95
N GLN I 346 97.88 -35.54 -54.14
CA GLN I 346 98.35 -36.61 -55.06
C GLN I 346 97.77 -37.99 -54.66
N ASP I 347 97.40 -38.23 -53.39
CA ASP I 347 96.69 -39.47 -52.98
C ASP I 347 95.31 -39.47 -53.63
N TYR I 348 94.49 -38.48 -53.29
CA TYR I 348 93.11 -38.30 -53.77
C TYR I 348 93.02 -38.31 -55.30
N VAL I 349 94.11 -38.05 -56.04
CA VAL I 349 94.08 -38.11 -57.53
C VAL I 349 94.43 -39.54 -57.99
N ASN I 350 95.25 -40.27 -57.23
CA ASN I 350 95.60 -41.68 -57.54
C ASN I 350 94.37 -42.55 -57.34
N LYS I 351 93.69 -42.40 -56.20
CA LYS I 351 92.34 -42.95 -55.92
C LYS I 351 91.47 -42.75 -57.16
N THR I 352 91.27 -41.47 -57.52
CA THR I 352 90.38 -41.00 -58.61
C THR I 352 90.82 -41.58 -59.95
N ASN I 353 92.12 -41.62 -60.24
CA ASN I 353 92.68 -42.05 -61.55
C ASN I 353 92.68 -43.58 -61.67
N SER I 354 92.49 -44.32 -60.56
CA SER I 354 92.42 -45.82 -60.56
C SER I 354 91.24 -46.29 -61.42
N HIS I 355 90.09 -45.63 -61.30
CA HIS I 355 88.81 -45.96 -62.00
C HIS I 355 88.76 -45.38 -63.41
N LEU I 356 89.60 -44.42 -63.76
CA LEU I 356 89.49 -43.66 -65.05
C LEU I 356 90.46 -44.24 -66.08
N PRO I 357 90.08 -44.31 -67.38
CA PRO I 357 91.01 -44.68 -68.45
C PRO I 357 91.98 -43.53 -68.79
N ALA I 358 93.10 -43.83 -69.46
CA ALA I 358 94.24 -42.89 -69.73
C ALA I 358 93.76 -41.46 -70.01
N GLY I 359 93.05 -41.25 -71.12
CA GLY I 359 92.75 -39.92 -71.68
C GLY I 359 91.67 -39.18 -70.92
N LYS I 360 91.21 -39.69 -69.76
CA LYS I 360 90.30 -38.96 -68.85
C LYS I 360 90.97 -38.72 -67.48
N GLN I 361 92.24 -39.11 -67.33
CA GLN I 361 92.95 -39.07 -66.03
C GLN I 361 93.33 -37.62 -65.71
N VAL I 362 93.14 -37.22 -64.45
CA VAL I 362 93.48 -35.87 -63.93
C VAL I 362 94.94 -35.88 -63.49
N GLU I 363 95.56 -34.69 -63.38
CA GLU I 363 96.94 -34.53 -62.85
C GLU I 363 97.10 -33.15 -62.20
N ILE I 364 97.91 -33.07 -61.12
CA ILE I 364 98.38 -31.79 -60.51
C ILE I 364 99.08 -31.02 -61.62
N SER I 365 98.62 -29.79 -61.88
CA SER I 365 98.99 -28.97 -63.06
C SER I 365 99.77 -27.75 -62.61
N LEU I 366 99.28 -27.02 -61.62
CA LEU I 366 100.03 -25.94 -60.94
C LEU I 366 100.25 -26.33 -59.50
N VAL I 367 101.48 -26.13 -59.01
CA VAL I 367 101.87 -26.19 -57.57
C VAL I 367 102.24 -24.77 -57.11
N ASN I 368 101.20 -23.97 -56.90
CA ASN I 368 101.28 -22.54 -56.55
C ASN I 368 101.96 -22.31 -55.20
N GLY I 369 101.51 -22.99 -54.15
CA GLY I 369 102.07 -22.96 -52.79
C GLY I 369 102.47 -24.35 -52.33
N ALA I 370 102.86 -24.48 -51.07
CA ALA I 370 102.97 -25.77 -50.34
C ALA I 370 101.57 -26.35 -50.18
N LYS I 371 100.59 -25.49 -49.85
CA LYS I 371 99.17 -25.86 -49.59
C LYS I 371 98.23 -25.14 -50.55
N ASN I 372 98.66 -24.82 -51.78
CA ASN I 372 97.81 -24.25 -52.88
C ASN I 372 98.08 -25.03 -54.16
N LEU I 373 97.09 -25.75 -54.67
CA LEU I 373 97.25 -26.62 -55.86
C LEU I 373 96.08 -26.41 -56.81
N VAL I 374 96.34 -26.71 -58.08
CA VAL I 374 95.34 -26.65 -59.18
C VAL I 374 95.46 -27.96 -59.93
N VAL I 375 94.36 -28.71 -60.03
CA VAL I 375 94.32 -30.02 -60.75
C VAL I 375 93.57 -29.79 -62.06
N SER I 376 94.16 -30.21 -63.18
CA SER I 376 93.60 -30.07 -64.53
C SER I 376 93.08 -31.42 -64.98
N GLY I 377 92.18 -31.41 -65.95
CA GLY I 377 91.65 -32.63 -66.55
C GLY I 377 90.21 -32.39 -66.98
N PRO I 378 89.53 -33.45 -67.47
CA PRO I 378 88.17 -33.31 -67.96
C PRO I 378 87.21 -32.99 -66.82
N PRO I 379 86.29 -32.02 -66.99
CA PRO I 379 85.39 -31.62 -65.90
C PRO I 379 84.52 -32.72 -65.29
N GLN I 380 84.12 -33.76 -66.04
CA GLN I 380 83.50 -34.98 -65.46
C GLN I 380 84.47 -35.55 -64.41
N SER I 381 85.69 -35.88 -64.84
CA SER I 381 86.75 -36.53 -64.05
C SER I 381 87.04 -35.73 -62.77
N LEU I 382 87.07 -34.40 -62.86
CA LEU I 382 87.30 -33.51 -61.69
C LEU I 382 86.09 -33.54 -60.76
N TYR I 383 84.87 -33.66 -61.29
CA TYR I 383 83.65 -33.80 -60.45
C TYR I 383 83.77 -35.10 -59.63
N GLY I 384 84.24 -36.17 -60.25
CA GLY I 384 84.71 -37.40 -59.57
C GLY I 384 85.55 -37.10 -58.34
N LEU I 385 86.62 -36.33 -58.52
CA LEU I 385 87.59 -35.97 -57.45
C LEU I 385 86.89 -35.19 -56.34
N ASN I 386 86.04 -34.22 -56.68
CA ASN I 386 85.28 -33.44 -55.67
C ASN I 386 84.37 -34.32 -54.81
N LEU I 387 83.94 -35.49 -55.29
CA LEU I 387 83.11 -36.44 -54.48
C LEU I 387 84.00 -37.05 -53.41
N THR I 388 85.12 -37.66 -53.82
CA THR I 388 86.21 -38.15 -52.93
C THR I 388 86.54 -37.11 -51.85
N LEU I 389 86.62 -35.82 -52.18
CA LEU I 389 87.01 -34.74 -51.23
C LEU I 389 85.84 -34.33 -50.33
N ARG I 390 84.59 -34.53 -50.74
CA ARG I 390 83.41 -34.16 -49.90
C ARG I 390 83.40 -35.07 -48.68
N LYS I 391 83.68 -36.37 -48.89
CA LYS I 391 83.88 -37.37 -47.81
C LYS I 391 84.77 -36.75 -46.73
N ALA I 392 85.97 -36.33 -47.12
CA ALA I 392 87.13 -36.13 -46.23
C ALA I 392 87.08 -34.77 -45.52
N LYS I 393 86.22 -33.84 -45.92
CA LYS I 393 86.24 -32.47 -45.34
C LYS I 393 85.23 -32.37 -44.20
N ALA I 394 85.50 -31.44 -43.28
CA ALA I 394 84.73 -31.20 -42.04
C ALA I 394 83.61 -30.20 -42.30
N PRO I 395 82.39 -30.44 -41.79
CA PRO I 395 81.33 -29.41 -41.77
C PRO I 395 81.79 -28.11 -41.07
N SER I 396 81.61 -26.95 -41.71
CA SER I 396 82.26 -25.65 -41.32
C SER I 396 81.81 -25.23 -39.91
N GLY I 397 80.51 -25.37 -39.60
CA GLY I 397 79.95 -25.17 -38.25
C GLY I 397 79.91 -26.46 -37.46
N LEU I 398 81.09 -26.96 -37.06
CA LEU I 398 81.27 -28.19 -36.25
C LEU I 398 81.89 -27.82 -34.89
N ASP I 399 83.06 -27.17 -34.91
CA ASP I 399 83.90 -26.86 -33.72
C ASP I 399 84.69 -28.13 -33.34
N GLN I 400 85.96 -28.18 -33.73
CA GLN I 400 86.84 -29.36 -33.57
C GLN I 400 87.89 -29.06 -32.48
N SER I 401 87.61 -28.10 -31.59
CA SER I 401 88.56 -27.54 -30.60
C SER I 401 88.86 -28.54 -29.47
N ARG I 402 88.03 -29.57 -29.35
CA ARG I 402 87.95 -30.49 -28.19
C ARG I 402 88.27 -31.93 -28.63
N ILE I 403 88.54 -32.12 -29.93
CA ILE I 403 88.99 -33.41 -30.53
C ILE I 403 90.51 -33.38 -30.55
N PRO I 404 91.22 -34.49 -30.25
CA PRO I 404 92.67 -34.56 -30.48
C PRO I 404 93.00 -34.19 -31.93
N PHE I 405 94.06 -33.40 -32.13
CA PHE I 405 94.47 -32.82 -33.45
C PHE I 405 94.52 -33.90 -34.55
N SER I 406 95.20 -35.01 -34.31
CA SER I 406 95.51 -36.05 -35.32
C SER I 406 94.27 -36.93 -35.60
N GLU I 407 93.10 -36.57 -35.05
CA GLU I 407 91.79 -37.20 -35.33
C GLU I 407 90.82 -36.23 -35.99
N ARG I 408 91.23 -34.98 -36.21
CA ARG I 408 90.34 -33.95 -36.80
C ARG I 408 90.20 -34.20 -38.29
N LYS I 409 88.99 -34.04 -38.80
CA LYS I 409 88.72 -33.89 -40.25
C LYS I 409 89.48 -32.64 -40.73
N LEU I 410 90.16 -32.73 -41.86
CA LEU I 410 90.93 -31.61 -42.47
C LEU I 410 89.95 -30.54 -42.97
N LYS I 411 90.27 -29.27 -42.74
CA LYS I 411 89.42 -28.11 -43.08
C LYS I 411 90.02 -27.41 -44.31
N PHE I 412 89.44 -27.61 -45.50
CA PHE I 412 90.01 -27.12 -46.79
C PHE I 412 88.94 -26.71 -47.80
N SER I 413 89.38 -25.91 -48.79
CA SER I 413 88.57 -25.38 -49.92
C SER I 413 88.94 -26.12 -51.20
N ASN I 414 87.94 -26.51 -51.98
CA ASN I 414 88.10 -26.94 -53.38
C ASN I 414 87.05 -26.19 -54.18
N ARG I 415 87.43 -25.72 -55.35
CA ARG I 415 86.70 -24.69 -56.13
C ARG I 415 87.21 -24.78 -57.57
N PHE I 416 86.30 -24.97 -58.53
CA PHE I 416 86.59 -24.87 -59.98
C PHE I 416 86.97 -23.43 -60.31
N LEU I 417 88.04 -23.28 -61.10
CA LEU I 417 88.52 -21.97 -61.61
C LEU I 417 87.65 -21.55 -62.78
N PRO I 418 87.50 -20.21 -62.98
CA PRO I 418 86.85 -19.65 -64.15
C PRO I 418 87.77 -19.56 -65.38
N VAL I 419 88.15 -20.71 -65.91
CA VAL I 419 88.86 -20.83 -67.22
C VAL I 419 88.01 -21.76 -68.08
N ALA I 420 88.44 -22.00 -69.32
CA ALA I 420 87.68 -22.78 -70.30
C ALA I 420 88.53 -23.88 -70.96
N SER I 421 89.82 -23.97 -70.66
CA SER I 421 90.73 -25.04 -71.17
C SER I 421 91.55 -25.63 -70.03
N PRO I 422 92.03 -26.88 -70.16
CA PRO I 422 92.97 -27.43 -69.20
C PRO I 422 94.41 -27.17 -69.64
N PHE I 423 94.98 -26.04 -69.22
CA PHE I 423 96.42 -25.74 -69.39
C PHE I 423 97.27 -26.67 -68.51
N HIS I 424 98.47 -26.96 -68.99
CA HIS I 424 99.50 -27.74 -68.27
C HIS I 424 99.04 -29.18 -68.11
N SER I 425 98.28 -29.70 -69.07
CA SER I 425 97.75 -31.08 -69.04
C SER I 425 98.12 -31.82 -70.32
N HIS I 426 98.21 -33.14 -70.26
CA HIS I 426 98.45 -34.05 -71.41
C HIS I 426 97.35 -33.90 -72.45
N LEU I 427 96.16 -33.45 -72.05
CA LEU I 427 94.98 -33.22 -72.95
C LEU I 427 95.36 -32.35 -74.15
N LEU I 428 96.27 -31.38 -73.97
CA LEU I 428 96.60 -30.31 -74.95
C LEU I 428 97.85 -30.66 -75.77
N VAL I 429 98.46 -31.84 -75.60
CA VAL I 429 99.71 -32.27 -76.32
C VAL I 429 99.51 -32.23 -77.84
N PRO I 430 98.34 -32.64 -78.42
CA PRO I 430 98.10 -32.48 -79.85
C PRO I 430 98.45 -31.08 -80.41
N ALA I 431 98.04 -30.02 -79.71
CA ALA I 431 98.24 -28.60 -80.09
C ALA I 431 99.75 -28.28 -80.18
N SER I 432 100.55 -28.71 -79.21
CA SER I 432 102.01 -28.43 -79.11
C SER I 432 102.62 -28.27 -80.51
N ASP I 433 102.52 -29.34 -81.29
CA ASP I 433 103.17 -29.51 -82.62
C ASP I 433 102.66 -28.45 -83.59
N LEU I 434 101.35 -28.18 -83.59
CA LEU I 434 100.65 -27.25 -84.53
C LEU I 434 100.96 -25.78 -84.21
N ILE I 435 101.34 -25.44 -82.98
CA ILE I 435 101.69 -24.03 -82.59
C ILE I 435 103.14 -23.78 -83.04
N ASN I 436 104.04 -24.73 -82.80
CA ASN I 436 105.46 -24.69 -83.26
C ASN I 436 105.54 -24.42 -84.77
N LYS I 437 104.56 -24.92 -85.56
CA LYS I 437 104.54 -24.78 -87.05
C LYS I 437 104.02 -23.40 -87.46
N ASP I 438 103.10 -22.82 -86.68
CA ASP I 438 102.36 -21.56 -87.03
C ASP I 438 103.00 -20.35 -86.33
N LEU I 439 104.22 -20.53 -85.83
CA LEU I 439 105.13 -19.44 -85.39
C LEU I 439 106.26 -19.29 -86.42
N VAL I 440 106.73 -20.41 -86.98
CA VAL I 440 107.73 -20.46 -88.09
C VAL I 440 107.11 -19.79 -89.34
N LYS I 441 105.80 -19.96 -89.54
CA LYS I 441 105.04 -19.36 -90.68
C LYS I 441 104.85 -17.85 -90.48
N ASN I 442 104.60 -17.39 -89.25
CA ASN I 442 104.46 -15.94 -88.90
C ASN I 442 105.82 -15.33 -88.54
N ASN I 443 106.94 -16.06 -88.77
CA ASN I 443 108.33 -15.56 -88.59
C ASN I 443 108.43 -14.91 -87.21
N VAL I 444 108.31 -15.74 -86.16
CA VAL I 444 108.32 -15.35 -84.73
C VAL I 444 109.23 -16.32 -83.96
N SER I 445 110.40 -15.82 -83.58
CA SER I 445 111.41 -16.52 -82.76
C SER I 445 111.95 -15.51 -81.74
N PHE I 446 112.12 -15.95 -80.51
CA PHE I 446 112.87 -15.25 -79.43
C PHE I 446 114.28 -15.82 -79.41
N ASN I 447 115.31 -14.96 -79.44
CA ASN I 447 116.74 -15.35 -79.52
C ASN I 447 117.47 -14.84 -78.26
N ALA I 448 118.35 -15.69 -77.71
CA ALA I 448 119.10 -15.49 -76.44
C ALA I 448 119.69 -14.07 -76.35
N LYS I 449 120.39 -13.62 -77.39
CA LYS I 449 121.15 -12.34 -77.43
C LYS I 449 120.22 -11.12 -77.39
N ASP I 450 118.94 -11.25 -77.78
CA ASP I 450 117.96 -10.12 -77.81
C ASP I 450 117.36 -9.87 -76.41
N ILE I 451 117.23 -10.92 -75.58
CA ILE I 451 116.54 -10.83 -74.25
C ILE I 451 117.59 -10.54 -73.18
N GLN I 452 117.47 -9.37 -72.52
CA GLN I 452 118.58 -8.65 -71.86
C GLN I 452 118.41 -8.59 -70.33
N ILE I 453 117.43 -9.34 -69.80
CA ILE I 453 117.37 -9.75 -68.37
C ILE I 453 117.11 -11.26 -68.33
N PRO I 454 117.41 -11.95 -67.22
CA PRO I 454 116.97 -13.34 -67.06
C PRO I 454 115.44 -13.45 -67.05
N VAL I 455 114.91 -14.44 -67.77
CA VAL I 455 113.47 -14.82 -67.79
C VAL I 455 113.37 -16.23 -67.20
N TYR I 456 112.59 -16.41 -66.14
CA TYR I 456 112.60 -17.64 -65.31
C TYR I 456 111.52 -18.60 -65.81
N ASP I 457 111.96 -19.63 -66.55
CA ASP I 457 111.23 -20.89 -66.90
C ASP I 457 110.42 -21.35 -65.70
N THR I 458 109.18 -21.76 -65.93
CA THR I 458 108.14 -21.85 -64.87
C THR I 458 108.05 -23.31 -64.39
N PHE I 459 108.91 -24.21 -64.90
CA PHE I 459 108.98 -25.64 -64.50
C PHE I 459 110.27 -25.92 -63.72
N ASP I 460 111.42 -25.65 -64.35
CA ASP I 460 112.77 -25.84 -63.75
C ASP I 460 113.03 -24.73 -62.73
N GLY I 461 112.75 -23.48 -63.14
CA GLY I 461 113.14 -22.25 -62.40
C GLY I 461 114.36 -21.59 -63.03
N SER I 462 115.03 -22.29 -63.96
CA SER I 462 116.27 -21.85 -64.65
C SER I 462 115.99 -20.64 -65.52
N ASP I 463 117.04 -20.10 -66.15
CA ASP I 463 116.97 -18.97 -67.12
C ASP I 463 116.72 -19.54 -68.52
N LEU I 464 115.80 -18.94 -69.28
CA LEU I 464 115.51 -19.31 -70.70
C LEU I 464 116.69 -18.95 -71.61
N ARG I 465 117.34 -17.81 -71.35
CA ARG I 465 118.52 -17.29 -72.13
C ARG I 465 119.59 -18.38 -72.30
N VAL I 466 119.70 -19.31 -71.35
CA VAL I 466 120.55 -20.54 -71.42
C VAL I 466 119.71 -21.72 -71.92
N LEU I 467 119.68 -21.97 -73.23
CA LEU I 467 119.00 -23.15 -73.86
C LEU I 467 119.72 -23.51 -75.18
N SER I 468 119.79 -24.81 -75.47
CA SER I 468 120.19 -25.37 -76.79
C SER I 468 119.07 -25.11 -77.82
N GLY I 469 117.86 -25.60 -77.53
CA GLY I 469 116.69 -25.55 -78.43
C GLY I 469 116.03 -24.18 -78.49
N SER I 470 114.95 -24.09 -79.29
CA SER I 470 114.13 -22.88 -79.51
C SER I 470 113.52 -22.41 -78.19
N ILE I 471 113.61 -21.12 -77.92
CA ILE I 471 113.03 -20.48 -76.70
C ILE I 471 111.50 -20.48 -76.84
N SER I 472 111.00 -20.24 -78.05
CA SER I 472 109.55 -20.17 -78.37
C SER I 472 108.89 -21.54 -78.14
N GLU I 473 109.55 -22.62 -78.58
CA GLU I 473 109.07 -24.01 -78.42
C GLU I 473 108.96 -24.37 -76.93
N ARG I 474 109.91 -23.92 -76.12
CA ARG I 474 109.96 -24.21 -74.65
C ARG I 474 108.81 -23.49 -73.93
N ILE I 475 108.58 -22.20 -74.26
CA ILE I 475 107.52 -21.33 -73.68
C ILE I 475 106.13 -21.90 -74.03
N VAL I 476 106.02 -22.63 -75.14
CA VAL I 476 104.78 -23.37 -75.52
C VAL I 476 104.65 -24.61 -74.63
N ASP I 477 105.69 -25.46 -74.56
CA ASP I 477 105.70 -26.66 -73.67
C ASP I 477 105.23 -26.24 -72.27
N CYS I 478 105.76 -25.13 -71.75
CA CYS I 478 105.55 -24.68 -70.35
C CYS I 478 104.10 -24.30 -70.07
N ILE I 479 103.34 -23.91 -71.09
CA ILE I 479 101.91 -23.49 -70.97
C ILE I 479 100.98 -24.67 -71.31
N ILE I 480 101.35 -25.46 -72.33
CA ILE I 480 100.57 -26.61 -72.87
C ILE I 480 100.79 -27.83 -71.99
N ARG I 481 102.03 -28.33 -71.94
CA ARG I 481 102.37 -29.71 -71.51
C ARG I 481 102.73 -29.68 -70.02
N LEU I 482 103.85 -29.02 -69.68
CA LEU I 482 104.55 -29.12 -68.36
C LEU I 482 103.75 -28.45 -67.27
N PRO I 483 103.86 -28.92 -66.01
CA PRO I 483 103.24 -28.25 -64.87
C PRO I 483 103.98 -26.96 -64.49
N VAL I 484 103.47 -26.25 -63.48
CA VAL I 484 104.05 -24.98 -62.97
C VAL I 484 104.45 -25.15 -61.51
N LYS I 485 105.72 -25.45 -61.28
CA LYS I 485 106.29 -25.41 -59.92
C LYS I 485 106.67 -23.95 -59.64
N TRP I 486 105.75 -23.19 -59.06
CA TRP I 486 105.87 -21.74 -58.79
C TRP I 486 106.90 -21.45 -57.70
N GLU I 487 107.09 -22.36 -56.73
CA GLU I 487 108.10 -22.19 -55.65
C GLU I 487 109.50 -22.23 -56.27
N THR I 488 109.83 -23.27 -57.05
CA THR I 488 111.17 -23.39 -57.69
C THR I 488 111.39 -22.28 -58.72
N THR I 489 110.33 -21.74 -59.32
CA THR I 489 110.36 -20.59 -60.27
C THR I 489 110.80 -19.33 -59.52
N THR I 490 110.11 -19.02 -58.43
CA THR I 490 110.16 -17.72 -57.72
C THR I 490 111.16 -17.89 -56.56
N GLN I 491 112.30 -18.51 -56.87
CA GLN I 491 113.41 -18.93 -55.96
C GLN I 491 114.58 -17.95 -56.10
N PHE I 492 114.49 -17.00 -57.04
CA PHE I 492 115.34 -15.79 -57.14
C PHE I 492 115.21 -15.01 -55.82
N LYS I 493 116.23 -14.22 -55.46
CA LYS I 493 116.16 -13.28 -54.30
C LYS I 493 116.11 -11.85 -54.83
N ALA I 494 115.39 -11.01 -54.11
CA ALA I 494 114.82 -9.74 -54.62
C ALA I 494 114.07 -9.05 -53.48
N THR I 495 114.24 -7.76 -53.32
CA THR I 495 113.59 -6.98 -52.24
C THR I 495 112.16 -6.66 -52.63
N HIS I 496 111.91 -6.49 -53.93
CA HIS I 496 110.59 -6.07 -54.49
C HIS I 496 110.20 -6.96 -55.65
N ILE I 497 108.89 -7.04 -55.89
CA ILE I 497 108.24 -7.83 -56.98
C ILE I 497 107.07 -6.99 -57.50
N LEU I 498 107.04 -6.73 -58.82
CA LEU I 498 105.96 -5.98 -59.51
C LEU I 498 105.02 -6.98 -60.19
N ASP I 499 103.76 -7.01 -59.78
CA ASP I 499 102.70 -7.85 -60.42
C ASP I 499 101.91 -6.98 -61.38
N PHE I 500 102.18 -7.11 -62.68
CA PHE I 500 101.42 -6.42 -63.76
C PHE I 500 100.15 -7.19 -64.09
N GLY I 501 100.06 -8.44 -63.62
CA GLY I 501 99.03 -9.41 -64.03
C GLY I 501 97.62 -8.85 -63.88
N PRO I 502 96.61 -9.58 -64.41
CA PRO I 502 95.22 -9.25 -64.13
C PRO I 502 94.82 -9.75 -62.74
N GLY I 503 93.79 -9.11 -62.14
CA GLY I 503 93.16 -9.51 -60.87
C GLY I 503 93.42 -8.51 -59.76
N GLY I 504 94.63 -7.93 -59.71
CA GLY I 504 95.04 -7.01 -58.65
C GLY I 504 95.25 -7.74 -57.34
N ALA I 505 94.42 -7.41 -56.34
CA ALA I 505 94.40 -8.06 -55.00
C ALA I 505 94.20 -9.57 -55.16
N SER I 506 93.28 -9.96 -56.04
CA SER I 506 92.92 -11.38 -56.31
C SER I 506 94.02 -12.06 -57.13
N GLY I 507 94.95 -11.30 -57.70
CA GLY I 507 95.92 -11.80 -58.69
C GLY I 507 97.04 -12.61 -58.08
N LEU I 508 98.08 -12.80 -58.88
CA LEU I 508 99.26 -13.66 -58.59
C LEU I 508 100.20 -12.98 -57.62
N GLY I 509 100.12 -11.64 -57.53
CA GLY I 509 100.95 -10.84 -56.61
C GLY I 509 100.72 -11.30 -55.18
N VAL I 510 99.49 -11.20 -54.72
CA VAL I 510 99.09 -11.56 -53.33
C VAL I 510 99.35 -13.04 -53.06
N LEU I 511 99.12 -13.93 -54.04
CA LEU I 511 99.45 -15.37 -53.91
C LEU I 511 100.95 -15.53 -53.63
N THR I 512 101.79 -14.82 -54.38
CA THR I 512 103.27 -14.88 -54.22
C THR I 512 103.64 -14.31 -52.85
N HIS I 513 103.03 -13.20 -52.45
CA HIS I 513 103.25 -12.58 -51.12
C HIS I 513 103.16 -13.64 -50.00
N ARG I 514 102.04 -14.38 -49.96
CA ARG I 514 101.73 -15.39 -48.91
C ARG I 514 102.75 -16.54 -48.99
N ASN I 515 103.24 -16.88 -50.17
CA ASN I 515 104.26 -17.95 -50.32
C ASN I 515 105.54 -17.51 -49.62
N LYS I 516 105.83 -16.20 -49.59
CA LYS I 516 107.15 -15.74 -49.08
C LYS I 516 106.99 -14.48 -48.23
N ASP I 517 105.99 -14.50 -47.35
CA ASP I 517 105.95 -13.67 -46.12
C ASP I 517 107.10 -14.12 -45.23
N GLY I 518 107.97 -13.20 -44.83
CA GLY I 518 109.08 -13.42 -43.88
C GLY I 518 110.38 -13.86 -44.54
N THR I 519 110.60 -13.56 -45.82
CA THR I 519 111.89 -13.75 -46.54
C THR I 519 112.56 -12.40 -46.86
N GLY I 520 111.83 -11.30 -46.74
CA GLY I 520 112.33 -9.92 -46.92
C GLY I 520 112.01 -9.38 -48.29
N VAL I 521 110.80 -9.66 -48.77
CA VAL I 521 110.34 -9.40 -50.16
C VAL I 521 109.02 -8.68 -50.08
N ARG I 522 108.91 -7.55 -50.78
CA ARG I 522 107.68 -6.72 -50.84
C ARG I 522 107.06 -6.97 -52.22
N VAL I 523 105.80 -7.35 -52.27
CA VAL I 523 105.09 -7.43 -53.56
C VAL I 523 104.39 -6.09 -53.74
N ILE I 524 104.42 -5.57 -54.97
CA ILE I 524 103.63 -4.39 -55.38
C ILE I 524 102.70 -4.83 -56.52
N VAL I 525 101.41 -4.66 -56.29
CA VAL I 525 100.36 -4.97 -57.30
C VAL I 525 100.32 -3.76 -58.22
N ALA I 526 101.07 -3.84 -59.33
CA ALA I 526 101.32 -2.70 -60.27
C ALA I 526 100.06 -2.30 -61.03
N GLY I 527 98.98 -3.09 -60.95
CA GLY I 527 97.80 -2.96 -61.80
C GLY I 527 96.67 -2.17 -61.16
N THR I 528 96.59 -2.11 -59.83
CA THR I 528 95.43 -1.50 -59.10
C THR I 528 95.93 -0.43 -58.13
N LEU I 529 95.14 0.61 -57.94
CA LEU I 529 95.29 1.58 -56.84
C LEU I 529 94.21 1.29 -55.80
N ASP I 530 94.63 0.89 -54.60
CA ASP I 530 93.78 0.76 -53.39
C ASP I 530 94.67 1.00 -52.16
N ILE I 531 94.17 0.68 -50.96
CA ILE I 531 94.95 0.81 -49.69
C ILE I 531 94.85 -0.49 -48.89
N ASN I 532 96.01 -1.07 -48.61
CA ASN I 532 96.17 -2.27 -47.74
C ASN I 532 96.12 -1.79 -46.28
N PRO I 533 95.10 -2.17 -45.48
CA PRO I 533 95.13 -1.85 -44.05
C PRO I 533 96.35 -2.45 -43.34
N ASP I 534 96.59 -3.77 -43.48
CA ASP I 534 97.76 -4.51 -42.92
C ASP I 534 99.08 -3.87 -43.38
N ASP I 535 99.13 -3.33 -44.60
CA ASP I 535 100.36 -2.82 -45.28
C ASP I 535 101.41 -3.95 -45.41
N ASP I 536 100.96 -5.17 -45.71
CA ASP I 536 101.80 -6.36 -46.00
C ASP I 536 102.47 -6.22 -47.38
N TYR I 537 101.68 -5.81 -48.37
CA TYR I 537 102.07 -5.66 -49.81
C TYR I 537 101.55 -4.32 -50.30
N GLY I 538 102.16 -3.81 -51.39
CA GLY I 538 101.89 -2.46 -51.94
C GLY I 538 100.85 -2.46 -53.06
N PHE I 539 100.35 -1.28 -53.40
CA PHE I 539 99.59 -0.99 -54.64
C PHE I 539 100.40 -0.04 -55.53
N LYS I 540 99.86 0.35 -56.70
CA LYS I 540 100.52 1.22 -57.74
C LYS I 540 101.33 2.36 -57.13
N GLN I 541 100.75 3.12 -56.19
CA GLN I 541 101.41 4.29 -55.51
C GLN I 541 102.91 4.03 -55.33
N GLU I 542 103.25 2.95 -54.61
CA GLU I 542 104.63 2.62 -54.19
C GLU I 542 105.61 2.74 -55.37
N ILE I 543 105.14 2.51 -56.59
CA ILE I 543 105.98 2.67 -57.82
C ILE I 543 106.32 4.16 -57.93
N PHE I 544 105.31 5.01 -57.93
CA PHE I 544 105.39 6.43 -58.36
C PHE I 544 105.86 7.33 -57.20
N ASP I 545 105.46 7.04 -55.97
CA ASP I 545 105.70 7.89 -54.77
C ASP I 545 107.19 8.26 -54.68
N VAL I 546 107.47 9.50 -54.29
CA VAL I 546 108.78 10.22 -54.35
C VAL I 546 109.40 10.29 -52.95
N THR I 547 108.56 10.33 -51.90
CA THR I 547 108.93 10.34 -50.46
C THR I 547 109.51 8.97 -50.07
N SER I 548 109.79 8.72 -48.80
CA SER I 548 110.28 7.40 -48.29
C SER I 548 109.15 6.36 -48.23
N ASN I 549 107.90 6.75 -48.53
CA ASN I 549 106.71 5.85 -48.60
C ASN I 549 106.64 5.07 -49.92
N GLY I 550 107.69 5.08 -50.75
CA GLY I 550 107.82 4.23 -51.95
C GLY I 550 108.77 3.08 -51.70
N LEU I 551 109.88 3.34 -50.99
CA LEU I 551 110.83 2.30 -50.53
C LEU I 551 110.42 1.88 -49.11
N LYS I 552 109.59 0.84 -49.03
CA LYS I 552 109.30 0.08 -47.80
C LYS I 552 109.86 -1.33 -47.99
N LYS I 553 110.46 -1.90 -46.95
CA LYS I 553 110.94 -3.31 -46.95
C LYS I 553 110.04 -4.12 -46.01
N ASN I 554 109.90 -5.41 -46.32
CA ASN I 554 109.19 -6.41 -45.49
C ASN I 554 110.21 -7.16 -44.65
N PRO I 555 109.80 -7.67 -43.45
CA PRO I 555 110.74 -8.27 -42.51
C PRO I 555 111.38 -9.54 -43.06
N ASN I 556 112.63 -9.81 -42.68
CA ASN I 556 113.36 -11.07 -43.01
C ASN I 556 113.64 -11.81 -41.70
N TRP I 557 112.61 -12.47 -41.17
CA TRP I 557 112.62 -13.11 -39.83
C TRP I 557 113.97 -13.78 -39.52
N LEU I 558 114.63 -14.43 -40.47
CA LEU I 558 115.93 -15.12 -40.27
C LEU I 558 117.01 -14.10 -39.89
N GLU I 559 116.89 -12.85 -40.32
CA GLU I 559 117.88 -11.77 -40.05
C GLU I 559 117.44 -10.89 -38.87
N GLU I 560 116.16 -10.60 -38.74
CA GLU I 560 115.62 -9.81 -37.60
C GLU I 560 115.94 -10.51 -36.28
N TYR I 561 115.71 -11.82 -36.24
CA TYR I 561 115.64 -12.66 -35.04
C TYR I 561 116.71 -13.75 -35.06
N HIS I 562 117.72 -13.61 -35.91
CA HIS I 562 118.94 -14.44 -35.90
C HIS I 562 119.48 -14.55 -34.48
N PRO I 563 119.64 -15.74 -33.89
CA PRO I 563 120.35 -15.85 -32.60
C PRO I 563 121.85 -15.57 -32.73
N LYS I 564 122.39 -14.77 -31.81
CA LYS I 564 123.82 -14.35 -31.78
C LYS I 564 124.47 -14.88 -30.51
N LEU I 565 125.77 -14.68 -30.37
CA LEU I 565 126.49 -14.82 -29.09
C LEU I 565 127.02 -13.44 -28.69
N ILE I 566 127.49 -13.33 -27.44
CA ILE I 566 127.95 -12.07 -26.80
C ILE I 566 128.53 -12.40 -25.44
N LYS I 567 129.52 -11.61 -24.99
CA LYS I 567 130.34 -11.86 -23.77
C LYS I 567 130.19 -10.73 -22.74
N ASN I 568 130.35 -11.08 -21.47
CA ASN I 568 130.61 -10.18 -20.31
C ASN I 568 132.06 -9.65 -20.34
N LYS I 569 132.31 -8.61 -19.55
CA LYS I 569 133.65 -8.23 -19.01
C LYS I 569 134.33 -9.44 -18.35
N SER I 570 133.56 -10.27 -17.61
CA SER I 570 133.99 -11.56 -17.01
C SER I 570 134.41 -12.56 -18.07
N GLY I 571 133.81 -12.48 -19.26
CA GLY I 571 134.03 -13.44 -20.36
C GLY I 571 133.20 -14.69 -20.13
N LYS I 572 131.88 -14.54 -20.23
CA LYS I 572 130.87 -15.61 -20.02
C LYS I 572 129.83 -15.44 -21.15
N ILE I 573 129.71 -16.44 -22.01
CA ILE I 573 128.98 -16.32 -23.30
C ILE I 573 127.50 -16.56 -23.04
N PHE I 574 126.68 -15.85 -23.81
CA PHE I 574 125.20 -15.89 -23.75
C PHE I 574 124.65 -16.05 -25.18
N VAL I 575 123.68 -16.93 -25.35
CA VAL I 575 122.78 -16.87 -26.52
C VAL I 575 122.01 -15.57 -26.40
N GLU I 576 122.25 -14.63 -27.30
CA GLU I 576 121.55 -13.31 -27.33
C GLU I 576 120.27 -13.47 -28.14
N THR I 577 119.11 -13.18 -27.53
CA THR I 577 117.80 -13.13 -28.22
C THR I 577 116.96 -11.99 -27.63
N LYS I 578 115.87 -11.68 -28.29
CA LYS I 578 114.88 -10.69 -27.82
C LYS I 578 114.70 -10.87 -26.32
N PHE I 579 114.54 -12.10 -25.87
CA PHE I 579 114.14 -12.43 -24.48
C PHE I 579 115.34 -12.35 -23.55
N SER I 580 116.49 -12.93 -23.89
CA SER I 580 117.69 -12.95 -23.01
C SER I 580 118.25 -11.52 -22.85
N LYS I 581 118.12 -10.70 -23.87
CA LYS I 581 118.55 -9.27 -23.85
C LYS I 581 117.78 -8.50 -22.79
N LEU I 582 116.53 -8.87 -22.51
CA LEU I 582 115.69 -8.17 -21.51
C LEU I 582 116.11 -8.60 -20.11
N ILE I 583 116.38 -9.88 -19.90
CA ILE I 583 116.56 -10.45 -18.53
C ILE I 583 118.05 -10.62 -18.17
N GLY I 584 118.97 -10.54 -19.11
CA GLY I 584 120.40 -10.65 -18.78
C GLY I 584 120.83 -12.04 -18.40
N ARG I 585 119.97 -13.02 -18.61
CA ARG I 585 120.21 -14.43 -18.29
C ARG I 585 119.91 -15.23 -19.55
N PRO I 586 120.42 -16.48 -19.68
CA PRO I 586 120.13 -17.35 -20.83
C PRO I 586 118.65 -17.50 -21.14
N PRO I 587 118.28 -17.74 -22.41
CA PRO I 587 116.87 -17.70 -22.80
C PRO I 587 116.14 -19.02 -22.49
N LEU I 588 116.33 -19.56 -21.29
CA LEU I 588 115.79 -20.84 -20.78
C LEU I 588 115.01 -20.58 -19.50
N LEU I 589 113.70 -20.86 -19.44
CA LEU I 589 112.94 -20.77 -18.18
C LEU I 589 112.32 -22.09 -17.81
N VAL I 590 112.59 -22.56 -16.58
CA VAL I 590 111.80 -23.59 -15.85
C VAL I 590 110.48 -22.92 -15.51
N PRO I 591 109.33 -23.39 -16.03
CA PRO I 591 108.07 -22.70 -15.80
C PRO I 591 107.36 -23.10 -14.49
N GLY I 592 106.22 -22.48 -14.20
CA GLY I 592 105.42 -22.75 -12.99
C GLY I 592 104.80 -24.13 -13.06
N MET I 593 105.28 -25.07 -12.25
CA MET I 593 104.69 -26.42 -12.12
C MET I 593 104.21 -26.59 -10.67
N THR I 594 102.98 -27.08 -10.45
CA THR I 594 102.29 -27.01 -9.12
C THR I 594 103.03 -27.76 -8.04
N PRO I 595 103.32 -29.08 -8.18
CA PRO I 595 104.15 -29.72 -7.18
C PRO I 595 105.58 -29.17 -7.25
N CYS I 596 106.16 -28.98 -8.45
CA CYS I 596 107.64 -29.03 -8.65
C CYS I 596 108.33 -27.72 -8.29
N THR I 597 107.73 -26.59 -8.64
CA THR I 597 108.27 -25.22 -8.39
C THR I 597 107.43 -24.53 -7.32
N VAL I 598 106.75 -25.31 -6.48
CA VAL I 598 106.05 -24.81 -5.27
C VAL I 598 107.12 -24.63 -4.19
N SER I 599 108.14 -25.48 -4.19
CA SER I 599 109.21 -25.47 -3.18
C SER I 599 110.00 -24.19 -3.37
N PRO I 600 110.13 -23.32 -2.35
CA PRO I 600 111.14 -22.27 -2.42
C PRO I 600 112.61 -22.75 -2.40
N ASP I 601 112.87 -24.01 -2.06
CA ASP I 601 114.25 -24.58 -2.07
C ASP I 601 114.67 -24.91 -3.50
N PHE I 602 113.70 -25.20 -4.37
CA PHE I 602 113.94 -25.43 -5.82
C PHE I 602 114.05 -24.10 -6.54
N VAL I 603 113.10 -23.19 -6.31
CA VAL I 603 113.10 -21.84 -6.93
C VAL I 603 114.45 -21.18 -6.66
N ALA I 604 114.96 -21.30 -5.45
CA ALA I 604 116.24 -20.67 -5.05
C ALA I 604 117.41 -21.29 -5.80
N ALA I 605 117.48 -22.62 -5.86
CA ALA I 605 118.60 -23.38 -6.49
C ALA I 605 118.69 -23.06 -7.98
N THR I 606 117.55 -23.01 -8.68
CA THR I 606 117.43 -22.69 -10.12
C THR I 606 117.80 -21.22 -10.38
N THR I 607 117.38 -20.30 -9.51
CA THR I 607 117.71 -18.86 -9.60
C THR I 607 119.20 -18.67 -9.34
N ASN I 608 119.74 -19.34 -8.32
CA ASN I 608 121.18 -19.28 -7.95
C ASN I 608 121.97 -19.68 -9.18
N ALA I 609 121.61 -20.81 -9.78
CA ALA I 609 122.31 -21.45 -10.92
C ALA I 609 122.55 -20.39 -12.01
N GLY I 610 121.47 -19.71 -12.40
CA GLY I 610 121.47 -18.57 -13.33
C GLY I 610 120.40 -18.69 -14.40
N TYR I 611 119.19 -19.11 -14.04
CA TYR I 611 118.08 -19.45 -14.96
C TYR I 611 116.76 -19.01 -14.32
N THR I 612 115.81 -18.59 -15.14
CA THR I 612 114.54 -17.92 -14.75
C THR I 612 113.57 -19.01 -14.34
N ILE I 613 112.73 -18.75 -13.34
CA ILE I 613 111.82 -19.80 -12.76
C ILE I 613 110.63 -19.10 -12.13
N GLU I 614 109.45 -19.71 -12.23
CA GLU I 614 108.19 -19.22 -11.66
C GLU I 614 107.96 -19.96 -10.35
N LEU I 615 107.65 -19.25 -9.27
CA LEU I 615 107.04 -19.85 -8.05
C LEU I 615 105.59 -20.12 -8.39
N ALA I 616 105.03 -21.25 -7.93
CA ALA I 616 103.72 -21.75 -8.39
C ALA I 616 102.63 -21.39 -7.37
N GLY I 617 101.75 -20.46 -7.72
CA GLY I 617 100.55 -20.13 -6.92
C GLY I 617 99.75 -21.37 -6.56
N GLY I 618 99.63 -22.30 -7.50
CA GLY I 618 98.77 -23.50 -7.42
C GLY I 618 99.01 -24.36 -6.19
N GLY I 619 100.15 -24.25 -5.51
CA GLY I 619 100.37 -25.00 -4.27
C GLY I 619 100.25 -24.16 -3.01
N TYR I 620 99.65 -22.98 -3.10
CA TYR I 620 99.48 -22.01 -2.00
C TYR I 620 97.99 -21.62 -1.95
N PHE I 621 97.47 -21.36 -0.75
CA PHE I 621 96.00 -21.24 -0.48
C PHE I 621 95.60 -19.91 0.16
N SER I 622 96.52 -18.95 0.25
CA SER I 622 96.36 -17.70 1.02
C SER I 622 97.61 -16.79 0.86
N ALA I 623 97.44 -15.48 0.93
CA ALA I 623 98.58 -14.52 0.90
C ALA I 623 99.61 -14.88 1.96
N ALA I 624 99.15 -15.16 3.17
CA ALA I 624 100.01 -15.47 4.33
C ALA I 624 100.94 -16.60 3.93
N GLY I 625 100.37 -17.67 3.38
CA GLY I 625 101.08 -18.92 3.02
C GLY I 625 102.12 -18.69 1.94
N MET I 626 101.73 -17.96 0.90
CA MET I 626 102.61 -17.58 -0.23
C MET I 626 103.68 -16.61 0.26
N THR I 627 103.32 -15.51 0.90
CA THR I 627 104.29 -14.55 1.49
C THR I 627 105.42 -15.27 2.26
N ALA I 628 105.09 -16.28 3.07
CA ALA I 628 106.08 -17.10 3.81
C ALA I 628 107.02 -17.79 2.84
N ALA I 629 106.49 -18.22 1.70
CA ALA I 629 107.21 -18.95 0.62
C ALA I 629 108.17 -18.00 -0.10
N ILE I 630 107.61 -16.90 -0.63
CA ILE I 630 108.36 -15.80 -1.29
C ILE I 630 109.48 -15.29 -0.37
N ASP I 631 109.23 -15.18 0.94
CA ASP I 631 110.25 -14.71 1.92
C ASP I 631 111.36 -15.76 2.04
N SER I 632 111.00 -17.03 2.06
CA SER I 632 111.96 -18.16 2.10
C SER I 632 112.85 -18.18 0.85
N VAL I 633 112.31 -17.77 -0.32
CA VAL I 633 113.06 -17.62 -1.60
C VAL I 633 114.06 -16.47 -1.44
N VAL I 634 113.57 -15.25 -1.21
CA VAL I 634 114.38 -14.01 -1.02
C VAL I 634 115.54 -14.26 -0.04
N SER I 635 115.34 -15.05 1.02
CA SER I 635 116.37 -15.38 2.04
C SER I 635 117.52 -16.20 1.44
N GLN I 636 117.29 -16.94 0.35
CA GLN I 636 118.22 -17.99 -0.15
C GLN I 636 118.95 -17.53 -1.42
N ILE I 637 118.29 -16.75 -2.29
CA ILE I 637 118.87 -16.22 -3.55
C ILE I 637 119.91 -15.15 -3.22
N GLU I 638 120.75 -14.78 -4.20
CA GLU I 638 121.81 -13.75 -4.07
C GLU I 638 121.22 -12.35 -4.27
N LYS I 639 121.77 -11.37 -3.55
CA LYS I 639 121.55 -9.92 -3.78
C LYS I 639 121.51 -9.67 -5.29
N GLY I 640 120.39 -9.16 -5.81
CA GLY I 640 120.25 -8.78 -7.22
C GLY I 640 119.42 -9.76 -8.02
N SER I 641 119.36 -11.03 -7.58
CA SER I 641 118.56 -12.10 -8.23
C SER I 641 117.09 -11.68 -8.28
N THR I 642 116.33 -12.31 -9.18
CA THR I 642 114.86 -12.20 -9.27
C THR I 642 114.25 -13.61 -9.41
N PHE I 643 112.95 -13.67 -9.57
CA PHE I 643 112.16 -14.87 -9.95
C PHE I 643 110.77 -14.40 -10.31
N GLY I 644 109.86 -15.30 -10.69
CA GLY I 644 108.49 -14.89 -11.03
C GLY I 644 107.46 -15.71 -10.32
N ILE I 645 106.21 -15.62 -10.79
CA ILE I 645 105.01 -16.18 -10.12
C ILE I 645 104.02 -16.62 -11.21
N ASN I 646 103.56 -17.88 -11.13
CA ASN I 646 102.50 -18.47 -11.96
C ASN I 646 101.22 -18.37 -11.16
N LEU I 647 100.12 -17.95 -11.77
CA LEU I 647 98.78 -17.88 -11.14
C LEU I 647 97.80 -18.50 -12.14
N ILE I 648 97.07 -19.50 -11.70
CA ILE I 648 96.16 -20.27 -12.58
C ILE I 648 94.92 -19.42 -12.78
N TYR I 649 94.57 -19.11 -14.05
CA TYR I 649 93.53 -18.12 -14.42
C TYR I 649 92.14 -18.66 -14.13
N VAL I 650 92.03 -19.97 -14.19
CA VAL I 650 90.76 -20.74 -14.02
C VAL I 650 90.51 -20.99 -12.51
N ASN I 651 91.22 -20.31 -11.61
CA ASN I 651 91.11 -20.42 -10.13
C ASN I 651 90.87 -19.01 -9.59
N PRO I 652 89.60 -18.57 -9.53
CA PRO I 652 89.27 -17.18 -9.25
C PRO I 652 89.70 -16.73 -7.86
N PHE I 653 89.86 -17.69 -6.95
CA PHE I 653 90.23 -17.41 -5.55
C PHE I 653 91.69 -17.01 -5.49
N MET I 654 92.59 -17.78 -6.10
CA MET I 654 94.05 -17.46 -6.12
C MET I 654 94.31 -16.07 -6.77
N LEU I 655 93.57 -15.74 -7.83
CA LEU I 655 93.59 -14.41 -8.45
C LEU I 655 93.13 -13.33 -7.47
N GLN I 656 92.17 -13.63 -6.61
CA GLN I 656 91.57 -12.60 -5.72
C GLN I 656 92.55 -12.24 -4.61
N TRP I 657 93.33 -13.17 -4.08
CA TRP I 657 94.31 -12.86 -3.01
C TRP I 657 95.70 -12.58 -3.57
N GLY I 658 96.01 -13.09 -4.77
CA GLY I 658 97.38 -13.21 -5.29
C GLY I 658 97.78 -12.01 -6.10
N ILE I 659 96.88 -11.49 -6.91
CA ILE I 659 97.13 -10.20 -7.64
C ILE I 659 97.40 -9.10 -6.63
N PRO I 660 96.51 -8.79 -5.66
CA PRO I 660 96.82 -7.84 -4.59
C PRO I 660 98.13 -8.08 -3.84
N LEU I 661 98.50 -9.34 -3.63
CA LEU I 661 99.74 -9.74 -2.92
C LEU I 661 100.97 -9.33 -3.72
N ILE I 662 100.90 -9.36 -5.05
CA ILE I 662 102.05 -9.00 -5.91
C ILE I 662 102.19 -7.48 -5.84
N LYS I 663 101.11 -6.78 -6.21
CA LYS I 663 101.00 -5.31 -6.13
C LYS I 663 101.57 -4.81 -4.81
N GLU I 664 101.30 -5.50 -3.71
CA GLU I 664 101.79 -5.11 -2.35
C GLU I 664 103.31 -5.33 -2.27
N LEU I 665 103.77 -6.54 -2.56
CA LEU I 665 105.19 -6.96 -2.43
C LEU I 665 106.04 -6.22 -3.45
N ARG I 666 105.47 -5.86 -4.59
CA ARG I 666 106.16 -5.18 -5.70
C ARG I 666 106.30 -3.68 -5.34
N SER I 667 105.34 -3.11 -4.61
CA SER I 667 105.40 -1.74 -4.03
C SER I 667 106.36 -1.66 -2.83
N LYS I 668 106.75 -2.77 -2.21
CA LYS I 668 107.81 -2.79 -1.16
C LYS I 668 109.16 -3.14 -1.76
N GLY I 669 109.20 -3.29 -3.09
CA GLY I 669 110.39 -3.66 -3.87
C GLY I 669 110.87 -5.08 -3.63
N TYR I 670 109.99 -6.08 -3.57
CA TYR I 670 110.39 -7.52 -3.58
C TYR I 670 110.86 -7.84 -5.00
N PRO I 671 111.89 -8.71 -5.16
CA PRO I 671 112.46 -9.00 -6.47
C PRO I 671 111.61 -9.96 -7.32
N ILE I 672 110.40 -9.55 -7.68
CA ILE I 672 109.47 -10.32 -8.53
C ILE I 672 109.52 -9.70 -9.91
N GLN I 673 110.29 -10.32 -10.80
CA GLN I 673 110.62 -9.79 -12.13
C GLN I 673 109.38 -9.86 -13.02
N PHE I 674 108.53 -10.86 -12.87
CA PHE I 674 107.41 -11.09 -13.82
C PHE I 674 106.34 -12.02 -13.22
N LEU I 675 105.23 -12.08 -13.91
CA LEU I 675 104.02 -12.85 -13.52
C LEU I 675 103.53 -13.54 -14.77
N THR I 676 103.56 -14.87 -14.76
CA THR I 676 102.96 -15.71 -15.81
C THR I 676 101.55 -16.07 -15.38
N ILE I 677 100.54 -15.75 -16.19
CA ILE I 677 99.17 -16.24 -15.96
C ILE I 677 98.97 -17.50 -16.80
N GLY I 678 98.91 -18.65 -16.13
CA GLY I 678 98.66 -19.99 -16.69
C GLY I 678 97.19 -20.30 -16.84
N ALA I 679 96.87 -21.36 -17.56
CA ALA I 679 95.54 -22.01 -17.64
C ALA I 679 94.50 -21.13 -18.33
N GLY I 680 94.92 -20.13 -19.08
CA GLY I 680 94.01 -19.14 -19.69
C GLY I 680 94.76 -17.90 -20.11
N VAL I 681 94.09 -17.04 -20.88
CA VAL I 681 94.55 -15.65 -21.18
C VAL I 681 93.50 -14.68 -20.68
N PRO I 682 93.87 -13.71 -19.82
CA PRO I 682 92.90 -12.73 -19.32
C PRO I 682 92.28 -11.88 -20.44
N SER I 683 91.21 -11.15 -20.13
CA SER I 683 90.55 -10.19 -21.05
C SER I 683 91.43 -8.94 -21.16
N LEU I 684 91.18 -8.08 -22.15
CA LEU I 684 91.98 -6.83 -22.32
C LEU I 684 91.90 -6.00 -21.03
N GLU I 685 90.70 -5.81 -20.49
CA GLU I 685 90.48 -4.87 -19.35
C GLU I 685 91.21 -5.41 -18.11
N VAL I 686 91.23 -6.72 -17.91
CA VAL I 686 91.97 -7.35 -16.78
C VAL I 686 93.47 -7.12 -17.04
N ALA I 687 94.02 -7.75 -18.07
CA ALA I 687 95.47 -7.73 -18.46
C ALA I 687 96.02 -6.30 -18.38
N SER I 688 95.25 -5.31 -18.85
CA SER I 688 95.52 -3.86 -18.73
C SER I 688 95.81 -3.48 -17.28
N GLU I 689 95.04 -4.01 -16.32
CA GLU I 689 95.23 -3.75 -14.86
C GLU I 689 96.50 -4.45 -14.35
N TYR I 690 96.82 -5.66 -14.82
CA TYR I 690 98.08 -6.38 -14.47
C TYR I 690 99.27 -5.60 -15.02
N ILE I 691 99.13 -5.07 -16.24
CA ILE I 691 100.24 -4.42 -17.00
C ILE I 691 100.61 -3.08 -16.37
N GLU I 692 99.63 -2.32 -15.90
CA GLU I 692 99.82 -0.94 -15.38
C GLU I 692 100.11 -0.97 -13.88
N THR I 693 99.40 -1.79 -13.12
CA THR I 693 99.19 -1.63 -11.65
C THR I 693 100.25 -2.37 -10.80
N LEU I 694 100.69 -3.55 -11.24
CA LEU I 694 101.77 -4.35 -10.63
C LEU I 694 103.05 -3.90 -11.32
N GLY I 695 104.05 -3.46 -10.59
CA GLY I 695 105.25 -2.88 -11.21
C GLY I 695 106.13 -3.98 -11.75
N LEU I 696 105.70 -4.63 -12.82
CA LEU I 696 106.37 -5.83 -13.37
C LEU I 696 107.21 -5.45 -14.59
N LYS I 697 108.27 -6.21 -14.83
CA LYS I 697 109.14 -6.07 -16.01
C LYS I 697 108.43 -6.64 -17.24
N TYR I 698 107.82 -7.82 -17.13
CA TYR I 698 107.05 -8.45 -18.24
C TYR I 698 105.95 -9.38 -17.73
N LEU I 699 104.93 -9.60 -18.56
CA LEU I 699 103.80 -10.51 -18.30
C LEU I 699 103.93 -11.75 -19.18
N GLY I 700 103.95 -12.93 -18.58
CA GLY I 700 103.86 -14.24 -19.28
C GLY I 700 102.41 -14.60 -19.60
N LEU I 701 102.14 -15.08 -20.78
CA LEU I 701 100.81 -15.58 -21.15
C LEU I 701 100.94 -16.91 -21.89
N LYS I 702 100.18 -17.93 -21.48
CA LYS I 702 100.21 -19.29 -22.09
C LYS I 702 98.90 -19.55 -22.82
N PRO I 703 98.76 -19.14 -24.10
CA PRO I 703 97.58 -19.47 -24.87
C PRO I 703 97.59 -20.92 -25.35
N GLY I 704 96.42 -21.55 -25.37
CA GLY I 704 96.27 -22.97 -25.74
C GLY I 704 96.15 -23.10 -27.24
N SER I 705 95.30 -22.26 -27.83
CA SER I 705 94.73 -22.38 -29.20
C SER I 705 95.15 -21.16 -30.03
N ILE I 706 94.70 -21.08 -31.28
CA ILE I 706 94.85 -19.89 -32.17
C ILE I 706 94.06 -18.70 -31.59
N ASP I 707 92.83 -18.90 -31.15
CA ASP I 707 91.94 -17.80 -30.66
C ASP I 707 92.59 -17.11 -29.47
N ALA I 708 93.33 -17.85 -28.66
CA ALA I 708 94.05 -17.34 -27.48
C ALA I 708 95.31 -16.57 -27.92
N ILE I 709 96.05 -17.06 -28.90
CA ILE I 709 97.23 -16.34 -29.49
C ILE I 709 96.73 -14.98 -29.99
N SER I 710 95.59 -14.95 -30.68
CA SER I 710 94.91 -13.70 -31.13
C SER I 710 94.63 -12.78 -29.94
N GLN I 711 94.20 -13.32 -28.81
CA GLN I 711 93.88 -12.54 -27.59
C GLN I 711 95.18 -11.95 -27.01
N VAL I 712 96.31 -12.66 -27.09
CA VAL I 712 97.63 -12.15 -26.61
C VAL I 712 98.07 -10.96 -27.47
N ILE I 713 98.20 -11.17 -28.77
CA ILE I 713 98.43 -10.10 -29.80
C ILE I 713 97.63 -8.82 -29.47
N ASN I 714 96.33 -8.94 -29.20
CA ASN I 714 95.45 -7.79 -28.87
C ASN I 714 95.89 -7.11 -27.58
N ILE I 715 96.46 -7.84 -26.61
CA ILE I 715 96.96 -7.28 -25.32
C ILE I 715 98.28 -6.53 -25.56
N ALA I 716 99.16 -7.08 -26.40
CA ALA I 716 100.45 -6.47 -26.79
C ALA I 716 100.25 -5.29 -27.74
N LYS I 717 99.10 -5.17 -28.39
CA LYS I 717 98.74 -4.02 -29.26
C LYS I 717 98.35 -2.85 -28.35
N ALA I 718 97.57 -3.16 -27.33
CA ALA I 718 97.02 -2.23 -26.32
C ALA I 718 98.13 -1.61 -25.48
N HIS I 719 99.26 -2.30 -25.30
CA HIS I 719 100.41 -1.84 -24.47
C HIS I 719 101.70 -2.09 -25.23
N PRO I 720 101.96 -1.26 -26.27
CA PRO I 720 102.99 -1.59 -27.25
C PRO I 720 104.41 -1.51 -26.70
N ASN I 721 104.61 -0.88 -25.54
CA ASN I 721 105.96 -0.74 -24.93
C ASN I 721 106.21 -1.87 -23.93
N PHE I 722 105.14 -2.40 -23.33
CA PHE I 722 105.24 -3.43 -22.27
C PHE I 722 105.65 -4.77 -22.87
N PRO I 723 106.73 -5.40 -22.39
CA PRO I 723 107.12 -6.72 -22.87
C PRO I 723 106.14 -7.83 -22.45
N ILE I 724 105.95 -8.82 -23.32
CA ILE I 724 104.90 -9.86 -23.16
C ILE I 724 105.43 -11.20 -23.63
N ALA I 725 105.81 -12.09 -22.72
CA ALA I 725 106.40 -13.40 -23.05
C ALA I 725 105.26 -14.36 -23.41
N LEU I 726 105.17 -14.75 -24.67
CA LEU I 726 104.06 -15.58 -25.19
C LEU I 726 104.60 -16.99 -25.11
N GLN I 727 104.19 -17.75 -24.09
CA GLN I 727 104.75 -19.10 -23.82
C GLN I 727 103.84 -20.07 -24.56
N TRP I 728 104.24 -20.42 -25.76
CA TRP I 728 103.51 -21.35 -26.63
C TRP I 728 103.92 -22.77 -26.25
N THR I 729 102.91 -23.61 -26.13
CA THR I 729 102.98 -24.97 -25.59
C THR I 729 102.02 -25.81 -26.43
N GLY I 730 102.43 -26.98 -26.86
CA GLY I 730 101.51 -27.90 -27.54
C GLY I 730 100.92 -28.93 -26.58
N GLY I 731 99.85 -29.59 -27.02
CA GLY I 731 99.18 -30.66 -26.25
C GLY I 731 100.16 -31.71 -25.76
N ARG I 732 101.33 -31.86 -26.39
CA ARG I 732 102.30 -32.92 -26.08
C ARG I 732 103.02 -32.63 -24.76
N GLY I 733 102.66 -31.53 -24.10
CA GLY I 733 103.32 -31.11 -22.85
C GLY I 733 102.78 -31.86 -21.66
N GLY I 734 103.62 -32.08 -20.65
CA GLY I 734 103.23 -32.65 -19.35
C GLY I 734 102.31 -31.73 -18.59
N GLY I 735 101.46 -32.29 -17.74
CA GLY I 735 100.52 -31.55 -16.90
C GLY I 735 99.21 -31.38 -17.61
N HIS I 736 98.44 -30.35 -17.27
CA HIS I 736 97.20 -29.98 -17.98
C HIS I 736 97.59 -29.59 -19.40
N HIS I 737 96.98 -30.17 -20.42
CA HIS I 737 97.36 -29.90 -21.82
C HIS I 737 96.16 -29.67 -22.73
N SER I 738 96.42 -29.03 -23.88
CA SER I 738 95.45 -28.77 -24.95
C SER I 738 95.38 -29.98 -25.87
N PHE I 739 94.52 -29.90 -26.88
CA PHE I 739 94.42 -30.92 -27.96
C PHE I 739 95.18 -30.45 -29.21
N GLU I 740 96.11 -29.51 -29.07
CA GLU I 740 96.74 -28.79 -30.20
C GLU I 740 98.10 -29.40 -30.55
N ASP I 741 98.41 -29.37 -31.84
CA ASP I 741 99.77 -29.66 -32.40
C ASP I 741 100.72 -28.54 -31.96
N ALA I 742 102.01 -28.84 -31.81
CA ALA I 742 103.04 -27.86 -31.40
C ALA I 742 103.36 -26.92 -32.57
N HIS I 743 103.28 -27.40 -33.81
CA HIS I 743 103.83 -26.70 -35.00
C HIS I 743 102.73 -25.92 -35.73
N THR I 744 101.70 -26.60 -36.20
CA THR I 744 100.62 -26.04 -37.04
C THR I 744 100.18 -24.65 -36.55
N PRO I 745 99.82 -24.42 -35.28
CA PRO I 745 99.34 -23.11 -34.87
C PRO I 745 100.42 -22.03 -34.91
N MET I 746 101.69 -22.39 -34.75
CA MET I 746 102.80 -21.41 -34.83
C MET I 746 102.98 -20.98 -36.28
N LEU I 747 102.97 -21.91 -37.22
CA LEU I 747 103.09 -21.63 -38.66
C LEU I 747 101.97 -20.68 -39.09
N GLN I 748 100.77 -20.82 -38.54
CA GLN I 748 99.61 -19.97 -38.92
C GLN I 748 99.70 -18.57 -38.32
N MET I 749 100.34 -18.39 -37.15
CA MET I 749 100.25 -17.14 -36.33
C MET I 749 101.61 -16.44 -36.19
N TYR I 750 102.73 -17.09 -36.51
CA TYR I 750 104.07 -16.51 -36.28
C TYR I 750 104.17 -15.13 -36.92
N SER I 751 103.85 -15.05 -38.21
CA SER I 751 103.82 -13.79 -39.01
C SER I 751 103.09 -12.69 -38.23
N LYS I 752 101.89 -12.98 -37.75
CA LYS I 752 101.05 -12.00 -37.02
C LYS I 752 101.72 -11.63 -35.69
N ILE I 753 102.36 -12.59 -35.02
CA ILE I 753 103.00 -12.37 -33.69
C ILE I 753 104.17 -11.41 -33.87
N ARG I 754 105.05 -11.67 -34.85
CA ARG I 754 106.29 -10.88 -35.08
C ARG I 754 105.98 -9.43 -35.54
N ARG I 755 104.75 -9.11 -35.94
CA ARG I 755 104.30 -7.71 -36.23
C ARG I 755 104.39 -6.85 -34.96
N HIS I 756 104.46 -7.47 -33.78
CA HIS I 756 104.47 -6.77 -32.48
C HIS I 756 105.80 -6.99 -31.79
N PRO I 757 106.72 -5.99 -31.74
CA PRO I 757 108.08 -6.23 -31.27
C PRO I 757 108.14 -6.47 -29.76
N ASN I 758 107.10 -6.05 -29.01
CA ASN I 758 107.07 -6.24 -27.54
C ASN I 758 106.76 -7.69 -27.20
N ILE I 759 106.22 -8.50 -28.11
CA ILE I 759 106.00 -9.96 -27.87
C ILE I 759 107.32 -10.71 -28.06
N MET I 760 107.81 -11.30 -26.98
CA MET I 760 108.98 -12.20 -26.95
C MET I 760 108.42 -13.61 -26.93
N LEU I 761 108.77 -14.42 -27.91
CA LEU I 761 108.03 -15.66 -28.30
C LEU I 761 108.83 -16.89 -27.83
N ILE I 762 108.28 -17.60 -26.83
CA ILE I 762 108.97 -18.70 -26.12
C ILE I 762 108.29 -20.03 -26.43
N PHE I 763 109.04 -20.99 -26.93
CA PHE I 763 108.56 -22.34 -27.33
C PHE I 763 108.85 -23.33 -26.19
N GLY I 764 107.83 -24.03 -25.73
CA GLY I 764 108.02 -25.19 -24.86
C GLY I 764 107.15 -26.35 -25.26
N SER I 765 107.31 -27.46 -24.55
CA SER I 765 106.61 -28.76 -24.70
C SER I 765 107.51 -29.69 -25.49
N GLY I 766 108.09 -30.66 -24.81
CA GLY I 766 108.82 -31.78 -25.43
C GLY I 766 110.22 -31.40 -25.76
N PHE I 767 110.94 -30.81 -24.82
CA PHE I 767 112.37 -30.43 -24.96
C PHE I 767 113.17 -30.97 -23.79
N GLY I 768 114.43 -31.30 -24.04
CA GLY I 768 115.30 -31.94 -23.03
C GLY I 768 116.77 -31.64 -23.22
N SER I 769 117.21 -31.37 -24.44
CA SER I 769 118.63 -31.10 -24.77
C SER I 769 118.71 -29.92 -25.74
N ALA I 770 119.94 -29.49 -26.04
CA ALA I 770 120.25 -28.47 -27.08
C ALA I 770 119.80 -28.99 -28.44
N ASP I 771 119.94 -30.30 -28.67
CA ASP I 771 119.93 -30.92 -30.01
C ASP I 771 118.53 -30.84 -30.62
N ASP I 772 117.50 -31.10 -29.81
CA ASP I 772 116.08 -31.06 -30.26
C ASP I 772 115.55 -29.63 -30.22
N THR I 773 116.20 -28.75 -29.45
CA THR I 773 115.72 -27.38 -29.22
C THR I 773 116.52 -26.40 -30.11
N TYR I 774 117.61 -26.82 -30.74
CA TYR I 774 118.45 -25.98 -31.63
C TYR I 774 117.72 -25.62 -32.94
N PRO I 775 117.03 -26.55 -33.62
CA PRO I 775 116.24 -26.17 -34.78
C PRO I 775 115.24 -25.04 -34.57
N TYR I 776 114.81 -24.77 -33.34
CA TYR I 776 113.81 -23.72 -33.01
C TYR I 776 114.54 -22.39 -32.74
N LEU I 777 115.79 -22.48 -32.26
CA LEU I 777 116.62 -21.28 -32.02
C LEU I 777 116.96 -20.66 -33.37
N THR I 778 117.32 -21.51 -34.33
CA THR I 778 117.94 -21.16 -35.63
C THR I 778 116.86 -20.82 -36.66
N GLY I 779 115.62 -21.23 -36.44
CA GLY I 779 114.49 -20.99 -37.38
C GLY I 779 114.26 -22.16 -38.34
N GLU I 780 115.18 -23.12 -38.42
CA GLU I 780 115.21 -24.17 -39.48
C GLU I 780 114.11 -25.23 -39.24
N TRP I 781 113.51 -25.32 -38.05
CA TRP I 781 112.37 -26.23 -37.81
C TRP I 781 111.28 -26.05 -38.86
N SER I 782 110.98 -24.81 -39.27
CA SER I 782 109.83 -24.47 -40.13
C SER I 782 110.15 -24.71 -41.60
N THR I 783 111.42 -24.97 -41.92
CA THR I 783 111.88 -25.37 -43.28
C THR I 783 111.25 -26.72 -43.64
N LYS I 784 111.22 -27.68 -42.69
CA LYS I 784 110.65 -29.06 -42.84
C LYS I 784 109.23 -29.03 -43.39
N PHE I 785 108.47 -27.96 -43.13
CA PHE I 785 107.04 -27.82 -43.53
C PHE I 785 106.91 -26.87 -44.73
N ASP I 786 108.01 -26.60 -45.46
CA ASP I 786 108.03 -25.73 -46.68
C ASP I 786 107.64 -24.28 -46.34
N TYR I 787 107.91 -23.81 -45.13
CA TYR I 787 107.81 -22.37 -44.76
C TYR I 787 109.22 -21.78 -44.74
N PRO I 788 109.36 -20.44 -44.70
CA PRO I 788 110.67 -19.83 -44.52
C PRO I 788 111.11 -19.96 -43.08
N PRO I 789 112.40 -19.78 -42.75
CA PRO I 789 112.86 -19.83 -41.36
C PRO I 789 112.10 -18.88 -40.42
N MET I 790 111.97 -19.28 -39.16
CA MET I 790 110.92 -18.78 -38.23
C MET I 790 111.41 -18.92 -36.80
N PRO I 791 112.46 -18.20 -36.38
CA PRO I 791 113.14 -18.52 -35.13
C PRO I 791 112.49 -17.94 -33.86
N PHE I 792 112.70 -18.63 -32.74
CA PHE I 792 112.06 -18.45 -31.42
C PHE I 792 113.07 -17.81 -30.45
N ASP I 793 112.57 -17.00 -29.53
CA ASP I 793 113.42 -16.15 -28.62
C ASP I 793 113.82 -16.88 -27.35
N GLY I 794 113.32 -18.08 -27.08
CA GLY I 794 113.79 -18.92 -25.95
C GLY I 794 112.82 -20.06 -25.66
N PHE I 795 113.15 -20.89 -24.67
CA PHE I 795 112.51 -22.21 -24.43
C PHE I 795 112.09 -22.38 -23.00
N LEU I 796 111.10 -23.24 -22.75
CA LEU I 796 110.76 -23.70 -21.39
C LEU I 796 110.75 -25.22 -21.30
N PHE I 797 111.29 -25.71 -20.18
CA PHE I 797 111.52 -27.13 -19.85
C PHE I 797 110.84 -27.44 -18.54
N GLY I 798 109.64 -28.00 -18.57
CA GLY I 798 108.94 -28.49 -17.36
C GLY I 798 109.38 -29.90 -17.02
N SER I 799 108.70 -30.87 -17.65
CA SER I 799 108.91 -32.34 -17.57
C SER I 799 110.40 -32.68 -17.41
N ARG I 800 111.27 -32.04 -18.18
CA ARG I 800 112.73 -32.32 -18.19
C ARG I 800 113.31 -32.33 -16.78
N VAL I 801 112.82 -31.46 -15.92
CA VAL I 801 113.60 -30.88 -14.79
C VAL I 801 113.05 -31.48 -13.48
N MET I 802 112.16 -32.48 -13.60
CA MET I 802 111.38 -33.08 -12.49
C MET I 802 112.21 -34.10 -11.71
N ILE I 803 113.41 -34.44 -12.19
CA ILE I 803 114.28 -35.44 -11.54
C ILE I 803 115.57 -34.79 -11.08
N ALA I 804 115.68 -33.47 -11.23
CA ALA I 804 116.88 -32.73 -10.78
C ALA I 804 117.14 -33.04 -9.30
N LYS I 805 118.42 -33.04 -8.89
CA LYS I 805 118.93 -33.28 -7.51
C LYS I 805 118.03 -32.61 -6.45
N GLU I 806 117.59 -31.37 -6.68
CA GLU I 806 117.01 -30.49 -5.63
C GLU I 806 115.58 -30.08 -5.97
N VAL I 807 114.78 -31.00 -6.49
CA VAL I 807 113.29 -30.93 -6.38
C VAL I 807 112.88 -31.88 -5.26
N LYS I 808 111.58 -31.84 -4.91
CA LYS I 808 111.04 -32.50 -3.72
C LYS I 808 110.30 -33.78 -4.10
N THR I 809 110.03 -34.00 -5.40
CA THR I 809 109.60 -35.31 -5.97
C THR I 809 110.30 -36.45 -5.23
N SER I 810 109.54 -37.35 -4.59
CA SER I 810 110.06 -38.41 -3.69
C SER I 810 110.93 -39.35 -4.50
N PRO I 811 112.03 -39.89 -3.93
CA PRO I 811 112.96 -40.73 -4.69
C PRO I 811 112.29 -41.80 -5.58
N ASP I 812 111.31 -42.52 -5.03
CA ASP I 812 110.59 -43.64 -5.73
C ASP I 812 109.88 -43.10 -6.98
N ALA I 813 109.41 -41.86 -6.93
CA ALA I 813 108.67 -41.18 -8.03
C ALA I 813 109.65 -40.83 -9.15
N LYS I 814 110.83 -40.33 -8.80
CA LYS I 814 111.94 -40.06 -9.75
C LYS I 814 112.31 -41.35 -10.48
N LYS I 815 112.51 -42.47 -9.77
CA LYS I 815 112.76 -43.82 -10.39
C LYS I 815 111.65 -44.15 -11.39
N CYS I 816 110.42 -43.92 -11.00
CA CYS I 816 109.20 -44.10 -11.82
C CYS I 816 109.26 -43.19 -13.06
N ILE I 817 109.74 -41.93 -12.94
CA ILE I 817 109.90 -40.97 -14.08
C ILE I 817 111.00 -41.44 -15.02
N ALA I 818 112.17 -41.82 -14.47
CA ALA I 818 113.34 -42.28 -15.23
C ALA I 818 113.00 -43.54 -16.05
N ALA I 819 112.02 -44.33 -15.59
CA ALA I 819 111.58 -45.61 -16.21
C ALA I 819 110.71 -45.35 -17.45
N CYS I 820 109.87 -44.32 -17.44
CA CYS I 820 109.04 -43.88 -18.60
C CYS I 820 109.96 -43.65 -19.80
N THR I 821 109.83 -44.49 -20.83
CA THR I 821 110.69 -44.45 -22.03
C THR I 821 110.35 -43.19 -22.81
N GLY I 822 109.06 -42.89 -22.85
CA GLY I 822 108.49 -41.83 -23.71
C GLY I 822 108.37 -42.30 -25.13
N VAL I 823 108.17 -41.33 -26.02
CA VAL I 823 107.74 -41.56 -27.43
C VAL I 823 108.01 -40.26 -28.20
N PRO I 824 108.41 -40.27 -29.49
CA PRO I 824 108.60 -39.01 -30.22
C PRO I 824 107.28 -38.28 -30.52
N ASP I 825 107.36 -37.06 -31.07
CA ASP I 825 106.18 -36.17 -31.32
C ASP I 825 105.18 -36.83 -32.28
N ASP I 826 105.62 -37.70 -33.20
CA ASP I 826 104.72 -38.36 -34.19
C ASP I 826 103.59 -39.13 -33.48
N LYS I 827 103.86 -39.69 -32.30
CA LYS I 827 103.02 -40.75 -31.65
C LYS I 827 102.33 -40.26 -30.36
N TRP I 828 102.66 -39.07 -29.84
CA TRP I 828 102.27 -38.65 -28.48
C TRP I 828 100.75 -38.70 -28.30
N GLU I 829 99.95 -38.56 -29.35
CA GLU I 829 98.47 -38.49 -29.20
C GLU I 829 97.90 -39.86 -28.87
N GLN I 830 98.71 -40.92 -28.91
CA GLN I 830 98.28 -42.27 -28.48
C GLN I 830 97.81 -42.18 -27.03
N THR I 831 98.35 -41.25 -26.24
CA THR I 831 98.10 -41.11 -24.78
C THR I 831 96.62 -40.99 -24.44
N TYR I 832 95.80 -40.49 -25.35
CA TYR I 832 94.34 -40.36 -25.13
C TYR I 832 93.66 -41.73 -25.07
N LYS I 833 94.30 -42.79 -25.55
CA LYS I 833 93.75 -44.18 -25.61
C LYS I 833 94.37 -45.07 -24.51
N LYS I 834 95.69 -45.15 -24.47
CA LYS I 834 96.40 -46.20 -23.70
C LYS I 834 97.83 -45.76 -23.35
N PRO I 835 98.43 -46.35 -22.30
CA PRO I 835 99.79 -45.98 -21.88
C PRO I 835 100.82 -46.00 -23.02
N THR I 836 101.39 -44.84 -23.28
CA THR I 836 102.25 -44.51 -24.44
C THR I 836 103.57 -43.95 -23.92
N GLY I 837 104.61 -44.76 -23.86
CA GLY I 837 105.90 -44.37 -23.25
C GLY I 837 105.83 -44.35 -21.74
N GLY I 838 104.85 -45.05 -21.16
CA GLY I 838 104.60 -45.09 -19.71
C GLY I 838 103.74 -43.93 -19.23
N ILE I 839 102.88 -43.35 -20.09
CA ILE I 839 102.16 -42.07 -19.84
C ILE I 839 100.77 -42.10 -20.47
N VAL I 840 99.76 -41.61 -19.77
CA VAL I 840 98.36 -41.53 -20.31
C VAL I 840 97.83 -40.13 -20.06
N THR I 841 96.75 -39.78 -20.76
CA THR I 841 95.90 -38.62 -20.42
C THR I 841 94.67 -39.13 -19.66
N VAL I 842 94.33 -38.40 -18.61
CA VAL I 842 93.10 -38.57 -17.79
C VAL I 842 92.46 -37.19 -17.65
N ARG I 843 91.14 -37.12 -17.54
CA ARG I 843 90.40 -35.85 -17.41
C ARG I 843 90.47 -35.39 -15.96
N SER I 844 90.55 -34.08 -15.70
CA SER I 844 90.42 -33.46 -14.36
C SER I 844 88.95 -33.52 -13.94
N GLU I 845 88.59 -32.94 -12.78
CA GLU I 845 87.16 -32.82 -12.38
C GLU I 845 86.41 -31.92 -13.38
N MET I 846 87.12 -31.07 -14.12
CA MET I 846 86.56 -30.09 -15.09
C MET I 846 86.42 -30.70 -16.49
N GLY I 847 87.19 -31.73 -16.81
CA GLY I 847 87.24 -32.34 -18.15
C GLY I 847 88.47 -31.91 -18.95
N GLU I 848 89.37 -31.14 -18.34
CA GLU I 848 90.65 -30.75 -18.95
C GLU I 848 91.53 -32.01 -18.99
N PRO I 849 92.22 -32.32 -20.10
CA PRO I 849 93.23 -33.36 -20.08
C PRO I 849 94.36 -33.10 -19.09
N ILE I 850 94.96 -34.14 -18.53
CA ILE I 850 96.24 -34.08 -17.79
C ILE I 850 97.08 -35.23 -18.26
N HIS I 851 98.37 -35.00 -18.51
CA HIS I 851 99.37 -36.02 -18.88
C HIS I 851 100.02 -36.49 -17.59
N LYS I 852 99.77 -37.73 -17.21
CA LYS I 852 100.25 -38.38 -15.97
C LYS I 852 100.97 -39.66 -16.37
N ILE I 853 102.02 -40.03 -15.64
CA ILE I 853 102.63 -41.39 -15.68
C ILE I 853 101.54 -42.38 -15.34
N ALA I 854 101.50 -43.51 -16.04
CA ALA I 854 100.42 -44.53 -15.95
C ALA I 854 100.81 -45.55 -14.87
N THR I 855 100.81 -45.06 -13.63
CA THR I 855 100.80 -45.80 -12.35
C THR I 855 99.47 -46.57 -12.22
N ARG I 856 99.37 -47.53 -11.28
CA ARG I 856 98.12 -48.29 -11.01
C ARG I 856 97.01 -47.28 -10.71
N GLY I 857 97.33 -46.32 -9.84
CA GLY I 857 96.44 -45.21 -9.43
C GLY I 857 95.78 -44.55 -10.63
N VAL I 858 96.61 -44.14 -11.58
CA VAL I 858 96.13 -43.34 -12.73
C VAL I 858 95.37 -44.25 -13.68
N MET I 859 95.81 -45.49 -13.85
CA MET I 859 95.04 -46.46 -14.66
C MET I 859 93.63 -46.63 -14.07
N LEU I 860 93.51 -46.65 -12.73
CA LEU I 860 92.19 -46.73 -12.07
C LEU I 860 91.38 -45.46 -12.37
N TRP I 861 91.98 -44.30 -12.22
CA TRP I 861 91.39 -42.99 -12.61
C TRP I 861 90.88 -43.06 -14.04
N LYS I 862 91.71 -43.52 -14.98
CA LYS I 862 91.39 -43.67 -16.41
C LYS I 862 90.19 -44.61 -16.62
N GLU I 863 90.15 -45.72 -15.88
CA GLU I 863 89.03 -46.71 -15.94
C GLU I 863 87.72 -46.02 -15.54
N PHE I 864 87.75 -45.25 -14.46
CA PHE I 864 86.54 -44.59 -13.89
C PHE I 864 86.08 -43.43 -14.78
N ASP I 865 86.96 -42.84 -15.60
CA ASP I 865 86.58 -41.79 -16.61
C ASP I 865 85.79 -42.44 -17.77
N GLU I 866 86.16 -43.66 -18.15
CA GLU I 866 85.57 -44.41 -19.29
C GLU I 866 84.27 -45.10 -18.88
N THR I 867 83.97 -45.21 -17.58
CA THR I 867 82.92 -46.11 -17.03
C THR I 867 81.87 -45.35 -16.20
N ILE I 868 82.31 -44.53 -15.24
CA ILE I 868 81.47 -43.94 -14.16
C ILE I 868 81.26 -42.43 -14.41
N PHE I 869 82.33 -41.68 -14.64
CA PHE I 869 82.28 -40.20 -14.69
C PHE I 869 81.77 -39.67 -16.05
N ASN I 870 81.77 -40.49 -17.10
CA ASN I 870 81.19 -40.13 -18.41
C ASN I 870 79.68 -40.38 -18.45
N LEU I 871 79.11 -41.05 -17.45
CA LEU I 871 77.63 -41.31 -17.37
C LEU I 871 76.88 -40.00 -17.17
N PRO I 872 75.60 -39.91 -17.59
CA PRO I 872 74.73 -38.80 -17.16
C PRO I 872 74.35 -38.96 -15.68
N LYS I 873 73.96 -37.86 -15.02
CA LYS I 873 73.72 -37.80 -13.55
C LYS I 873 72.71 -38.87 -13.09
N ASN I 874 71.65 -39.12 -13.87
CA ASN I 874 70.55 -40.05 -13.49
C ASN I 874 71.03 -41.52 -13.50
N LYS I 875 72.11 -41.87 -14.23
CA LYS I 875 72.71 -43.24 -14.24
C LYS I 875 73.83 -43.39 -13.20
N LEU I 876 74.29 -42.28 -12.59
CA LEU I 876 75.56 -42.20 -11.80
C LEU I 876 75.39 -42.97 -10.48
N VAL I 877 74.38 -42.62 -9.69
CA VAL I 877 74.11 -43.22 -8.35
C VAL I 877 73.72 -44.69 -8.49
N PRO I 878 72.76 -45.07 -9.38
CA PRO I 878 72.47 -46.49 -9.64
C PRO I 878 73.70 -47.36 -9.96
N THR I 879 74.66 -46.82 -10.71
CA THR I 879 75.88 -47.54 -11.17
C THR I 879 76.84 -47.73 -10.01
N LEU I 880 76.86 -46.77 -9.07
CA LEU I 880 77.77 -46.80 -7.91
C LEU I 880 77.30 -47.88 -6.91
N GLU I 881 75.99 -48.03 -6.72
CA GLU I 881 75.40 -49.10 -5.88
C GLU I 881 75.80 -50.47 -6.45
N ALA I 882 75.63 -50.64 -7.76
CA ALA I 882 75.92 -51.89 -8.50
C ALA I 882 77.41 -52.25 -8.39
N LYS I 883 78.29 -51.29 -8.69
CA LYS I 883 79.76 -51.53 -8.78
C LYS I 883 80.45 -51.31 -7.43
N ARG I 884 79.68 -51.01 -6.38
CA ARG I 884 80.18 -50.64 -5.03
C ARG I 884 81.35 -51.51 -4.57
N ASP I 885 81.22 -52.82 -4.56
CA ASP I 885 82.25 -53.70 -3.94
C ASP I 885 83.48 -53.71 -4.85
N TYR I 886 83.27 -53.59 -6.17
CA TYR I 886 84.36 -53.43 -7.16
C TYR I 886 85.11 -52.13 -6.84
N ILE I 887 84.41 -51.00 -6.88
CA ILE I 887 84.97 -49.65 -6.63
C ILE I 887 85.80 -49.63 -5.34
N ILE I 888 85.34 -50.26 -4.26
CA ILE I 888 86.04 -50.24 -2.95
C ILE I 888 87.30 -51.12 -3.01
N SER I 889 87.22 -52.31 -3.59
CA SER I 889 88.40 -53.19 -3.77
C SER I 889 89.52 -52.38 -4.42
N ARG I 890 89.17 -51.60 -5.44
CA ARG I 890 90.10 -50.88 -6.36
C ARG I 890 90.67 -49.61 -5.70
N LEU I 891 89.84 -48.81 -5.03
CA LEU I 891 90.32 -47.69 -4.18
C LEU I 891 91.35 -48.20 -3.18
N ASN I 892 91.11 -49.34 -2.51
CA ASN I 892 91.98 -49.80 -1.39
C ASN I 892 93.28 -50.38 -1.94
N ALA I 893 93.22 -51.01 -3.12
CA ALA I 893 94.32 -51.75 -3.78
C ALA I 893 95.31 -50.78 -4.41
N ASP I 894 94.78 -49.77 -5.10
CA ASP I 894 95.46 -48.98 -6.17
C ASP I 894 95.63 -47.51 -5.79
N PHE I 895 94.55 -46.82 -5.41
CA PHE I 895 94.46 -45.34 -5.47
C PHE I 895 95.07 -44.66 -4.25
N GLN I 896 95.46 -43.39 -4.40
CA GLN I 896 96.15 -42.59 -3.34
C GLN I 896 95.17 -42.22 -2.21
N LYS I 897 93.90 -42.04 -2.53
CA LYS I 897 92.79 -41.89 -1.55
C LYS I 897 92.09 -43.24 -1.35
N PRO I 898 92.35 -43.98 -0.24
CA PRO I 898 91.65 -45.23 0.02
C PRO I 898 90.22 -45.04 0.52
N TRP I 899 89.43 -46.11 0.54
CA TRP I 899 88.04 -46.13 1.07
C TRP I 899 88.13 -45.99 2.56
N PHE I 900 87.43 -45.01 3.12
CA PHE I 900 87.68 -44.57 4.51
C PHE I 900 87.34 -45.70 5.48
N ALA I 901 86.14 -46.24 5.29
CA ALA I 901 85.50 -47.24 6.16
C ALA I 901 85.95 -48.65 5.79
N THR I 902 87.24 -48.95 5.98
CA THR I 902 87.77 -50.33 6.12
C THR I 902 88.44 -50.45 7.48
N VAL I 903 88.07 -51.46 8.25
CA VAL I 903 88.74 -51.81 9.53
C VAL I 903 89.30 -53.23 9.37
N ASN I 904 90.61 -53.39 9.61
CA ASN I 904 91.41 -54.66 9.44
C ASN I 904 91.14 -55.26 8.05
N GLY I 905 91.24 -54.43 7.01
CA GLY I 905 91.18 -54.85 5.60
C GLY I 905 89.79 -55.25 5.14
N GLN I 906 88.77 -55.02 5.96
CA GLN I 906 87.38 -55.50 5.74
C GLN I 906 86.50 -54.28 5.40
N ALA I 907 86.04 -54.20 4.16
CA ALA I 907 85.30 -53.04 3.58
C ALA I 907 83.92 -52.87 4.20
N ARG I 908 83.77 -51.92 5.10
CA ARG I 908 82.48 -51.58 5.75
C ARG I 908 81.77 -50.48 4.96
N ASP I 909 80.81 -49.84 5.62
CA ASP I 909 80.31 -48.48 5.32
C ASP I 909 80.47 -47.67 6.61
N LEU I 910 80.40 -46.35 6.50
CA LEU I 910 80.66 -45.39 7.59
C LEU I 910 79.58 -45.52 8.67
N ALA I 911 78.37 -45.98 8.29
CA ALA I 911 77.24 -46.26 9.19
C ALA I 911 77.36 -47.60 9.91
N THR I 912 78.32 -48.45 9.52
CA THR I 912 78.58 -49.79 10.13
C THR I 912 79.96 -49.78 10.79
N MET I 913 80.42 -48.62 11.23
CA MET I 913 81.72 -48.42 11.91
C MET I 913 81.42 -47.83 13.28
N THR I 914 82.13 -48.23 14.32
CA THR I 914 81.93 -47.68 15.69
C THR I 914 82.70 -46.37 15.78
N TYR I 915 82.28 -45.48 16.67
CA TYR I 915 82.99 -44.20 16.92
C TYR I 915 84.49 -44.47 17.17
N GLU I 916 84.85 -45.55 17.86
CA GLU I 916 86.28 -45.87 18.08
C GLU I 916 86.93 -46.21 16.73
N GLU I 917 86.37 -47.16 15.99
CA GLU I 917 86.89 -47.60 14.67
C GLU I 917 87.15 -46.41 13.74
N VAL I 918 86.47 -45.29 13.96
CA VAL I 918 86.57 -44.07 13.11
C VAL I 918 87.78 -43.28 13.57
N ALA I 919 87.83 -42.93 14.84
CA ALA I 919 88.96 -42.26 15.50
C ALA I 919 90.28 -42.95 15.17
N LYS I 920 90.31 -44.28 15.28
CA LYS I 920 91.54 -45.09 15.08
C LYS I 920 92.00 -45.03 13.61
N ARG I 921 91.05 -44.88 12.71
CA ARG I 921 91.27 -44.90 11.25
C ARG I 921 91.64 -43.52 10.76
N LEU I 922 91.09 -42.46 11.38
CA LEU I 922 91.48 -41.06 11.09
C LEU I 922 92.97 -40.92 11.42
N VAL I 923 93.40 -41.41 12.58
CA VAL I 923 94.83 -41.42 13.00
C VAL I 923 95.66 -42.23 11.99
N GLU I 924 95.17 -43.36 11.48
CA GLU I 924 95.94 -44.27 10.58
C GLU I 924 96.31 -43.52 9.28
N LEU I 925 95.37 -42.74 8.75
CA LEU I 925 95.48 -42.10 7.42
C LEU I 925 96.02 -40.67 7.47
N MET I 926 95.96 -40.00 8.61
CA MET I 926 96.27 -38.56 8.73
C MET I 926 97.51 -38.30 9.58
N PHE I 927 97.94 -39.23 10.43
CA PHE I 927 99.07 -39.08 11.38
C PHE I 927 100.21 -40.00 10.96
N ILE I 928 101.42 -39.47 10.86
CA ILE I 928 102.59 -40.17 10.25
C ILE I 928 103.43 -40.70 11.40
N ARG I 929 103.66 -42.02 11.44
CA ARG I 929 104.39 -42.68 12.55
C ARG I 929 105.90 -42.43 12.38
N SER I 930 106.41 -42.43 11.13
CA SER I 930 107.84 -42.21 10.81
C SER I 930 108.31 -40.87 11.40
N THR I 931 107.62 -39.77 11.09
CA THR I 931 107.94 -38.38 11.54
C THR I 931 107.28 -38.06 12.90
N ASN I 932 106.32 -38.88 13.34
CA ASN I 932 105.58 -38.75 14.64
C ASN I 932 104.90 -37.37 14.70
N SER I 933 104.03 -37.07 13.72
CA SER I 933 103.34 -35.76 13.56
C SER I 933 102.14 -35.87 12.64
N TRP I 934 101.19 -34.94 12.78
CA TRP I 934 100.05 -34.82 11.85
C TRP I 934 100.52 -34.19 10.55
N PHE I 935 100.23 -34.83 9.43
CA PHE I 935 100.69 -34.35 8.11
C PHE I 935 100.30 -32.90 7.87
N ASP I 936 99.08 -32.50 8.24
CA ASP I 936 98.55 -31.11 8.16
C ASP I 936 97.79 -30.79 9.45
N VAL I 937 98.00 -29.61 10.01
CA VAL I 937 97.35 -29.23 11.29
C VAL I 937 95.82 -29.30 11.10
N THR I 938 95.29 -28.88 9.96
CA THR I 938 93.82 -28.88 9.70
C THR I 938 93.23 -30.28 9.86
N TRP I 939 94.02 -31.31 9.54
CA TRP I 939 93.65 -32.73 9.73
C TRP I 939 93.54 -33.06 11.21
N ARG I 940 94.47 -32.55 12.02
CA ARG I 940 94.44 -32.71 13.50
C ARG I 940 93.16 -32.05 14.05
N THR I 941 92.81 -30.87 13.58
CA THR I 941 91.55 -30.18 13.99
C THR I 941 90.33 -31.01 13.59
N PHE I 942 90.35 -31.65 12.42
CA PHE I 942 89.28 -32.57 11.92
C PHE I 942 89.12 -33.72 12.92
N THR I 943 90.18 -34.44 13.31
CA THR I 943 90.05 -35.56 14.27
C THR I 943 89.66 -35.09 15.66
N GLY I 944 90.12 -33.90 16.05
CA GLY I 944 89.87 -33.37 17.39
C GLY I 944 88.41 -33.00 17.53
N ASP I 945 87.86 -32.39 16.48
CA ASP I 945 86.42 -32.05 16.36
C ASP I 945 85.56 -33.31 16.48
N PHE I 946 85.98 -34.38 15.85
CA PHE I 946 85.29 -35.69 15.88
C PHE I 946 85.31 -36.23 17.31
N LEU I 947 86.45 -36.29 18.00
CA LEU I 947 86.50 -36.74 19.43
C LEU I 947 85.58 -35.86 20.30
N ARG I 948 85.49 -34.56 20.04
CA ARG I 948 84.59 -33.67 20.80
C ARG I 948 83.13 -34.04 20.53
N ARG I 949 82.80 -34.47 19.32
CA ARG I 949 81.46 -35.03 19.03
C ARG I 949 81.20 -36.28 19.87
N VAL I 950 82.19 -37.16 20.02
CA VAL I 950 81.98 -38.40 20.78
C VAL I 950 81.60 -38.01 22.19
N GLU I 951 82.29 -37.05 22.80
CA GLU I 951 81.96 -36.60 24.17
C GLU I 951 80.53 -36.02 24.18
N GLU I 952 80.20 -35.13 23.26
CA GLU I 952 78.85 -34.51 23.17
C GLU I 952 77.76 -35.60 23.07
N ARG I 953 77.93 -36.59 22.20
CA ARG I 953 76.96 -37.68 21.95
C ARG I 953 76.81 -38.58 23.18
N PHE I 954 77.88 -38.99 23.83
CA PHE I 954 77.82 -40.04 24.87
C PHE I 954 77.84 -39.51 26.30
N THR I 955 78.03 -38.23 26.53
CA THR I 955 77.89 -37.67 27.91
C THR I 955 76.40 -37.47 28.20
N LYS I 956 76.02 -37.67 29.45
CA LYS I 956 74.64 -37.49 29.96
C LYS I 956 74.49 -36.02 30.40
N SER I 957 75.54 -35.47 31.01
CA SER I 957 75.56 -34.18 31.72
C SER I 957 76.52 -33.22 31.01
N LYS I 958 76.57 -31.98 31.47
CA LYS I 958 77.39 -30.87 30.91
C LYS I 958 78.74 -30.87 31.61
N THR I 959 79.63 -31.78 31.20
CA THR I 959 81.03 -31.91 31.70
C THR I 959 81.92 -30.93 30.94
N LEU I 960 83.23 -31.02 31.18
CA LEU I 960 84.28 -30.26 30.45
C LEU I 960 85.20 -31.26 29.75
N SER I 961 85.67 -30.87 28.57
CA SER I 961 86.28 -31.76 27.55
C SER I 961 87.58 -32.39 28.06
N LEU I 962 87.76 -33.66 27.73
CA LEU I 962 89.01 -34.43 27.97
C LEU I 962 90.10 -33.92 27.02
N ILE I 963 89.72 -33.55 25.80
CA ILE I 963 90.57 -32.84 24.80
C ILE I 963 90.36 -31.33 24.97
N GLN I 964 91.15 -30.67 25.84
CA GLN I 964 91.07 -29.20 26.06
C GLN I 964 91.72 -28.44 24.90
N SER I 965 92.97 -28.79 24.59
CA SER I 965 93.73 -28.26 23.44
C SER I 965 93.99 -29.41 22.48
N TYR I 966 93.88 -29.18 21.17
CA TYR I 966 94.19 -30.19 20.14
C TYR I 966 95.72 -30.40 20.05
N SER I 967 96.51 -29.66 20.82
CA SER I 967 97.94 -29.96 21.11
C SER I 967 98.07 -31.38 21.70
N LEU I 968 97.08 -31.83 22.47
CA LEU I 968 97.15 -33.09 23.23
C LEU I 968 97.08 -34.28 22.26
N LEU I 969 96.62 -34.03 21.03
CA LEU I 969 96.50 -35.06 19.98
C LEU I 969 97.89 -35.47 19.44
N ASP I 970 98.99 -34.81 19.84
CA ASP I 970 100.36 -35.06 19.32
C ASP I 970 101.01 -36.34 19.90
N LYS I 971 100.31 -37.13 20.74
CA LYS I 971 100.63 -38.56 21.08
C LYS I 971 99.36 -39.39 20.95
N PRO I 972 98.77 -39.46 19.74
CA PRO I 972 97.33 -39.57 19.55
C PRO I 972 96.65 -40.82 20.14
N ASP I 973 97.36 -41.93 20.25
CA ASP I 973 96.79 -43.20 20.77
C ASP I 973 96.35 -42.96 22.22
N GLU I 974 97.14 -42.19 22.99
CA GLU I 974 96.87 -41.84 24.41
C GLU I 974 95.57 -41.05 24.52
N ALA I 975 95.37 -40.07 23.66
CA ALA I 975 94.19 -39.16 23.62
C ALA I 975 92.92 -39.90 23.17
N ILE I 976 93.06 -40.92 22.31
CA ILE I 976 91.92 -41.80 21.93
C ILE I 976 91.61 -42.71 23.13
N GLU I 977 92.59 -43.39 23.72
CA GLU I 977 92.37 -44.21 24.95
C GLU I 977 91.59 -43.36 25.97
N LYS I 978 92.06 -42.15 26.21
CA LYS I 978 91.49 -41.22 27.22
C LYS I 978 90.01 -41.07 26.93
N VAL I 979 89.62 -40.74 25.68
CA VAL I 979 88.22 -40.35 25.32
C VAL I 979 87.30 -41.58 25.41
N PHE I 980 87.76 -42.72 24.89
CA PHE I 980 86.98 -43.98 24.87
C PHE I 980 87.09 -44.77 26.18
N ASN I 981 87.88 -44.33 27.17
CA ASN I 981 87.80 -44.88 28.56
C ASN I 981 86.62 -44.22 29.28
N ALA I 982 86.47 -42.91 29.09
CA ALA I 982 85.43 -42.09 29.72
C ALA I 982 84.05 -42.31 29.07
N TYR I 983 84.00 -42.90 27.88
CA TYR I 983 82.75 -43.12 27.10
C TYR I 983 82.80 -44.46 26.39
N PRO I 984 82.79 -45.59 27.14
CA PRO I 984 82.99 -46.92 26.55
C PRO I 984 81.87 -47.41 25.63
N ALA I 985 80.65 -46.88 25.80
CA ALA I 985 79.51 -47.07 24.89
C ALA I 985 80.00 -46.92 23.45
N ALA I 986 80.75 -45.85 23.21
CA ALA I 986 81.24 -45.39 21.90
C ALA I 986 82.06 -46.46 21.22
N ARG I 987 82.63 -47.43 21.96
CA ARG I 987 83.38 -48.57 21.34
C ARG I 987 82.39 -49.57 20.72
N GLU I 988 81.14 -49.56 21.16
CA GLU I 988 80.15 -50.64 20.93
C GLU I 988 78.88 -50.03 20.36
N GLN I 989 79.01 -49.09 19.45
CA GLN I 989 77.86 -48.41 18.84
C GLN I 989 78.26 -47.88 17.47
N PHE I 990 77.53 -48.24 16.43
CA PHE I 990 77.75 -47.61 15.11
C PHE I 990 77.41 -46.12 15.19
N LEU I 991 78.19 -45.33 14.50
CA LEU I 991 77.91 -43.90 14.22
C LEU I 991 76.40 -43.67 14.10
N ASN I 992 75.87 -42.78 14.93
CA ASN I 992 74.52 -42.18 14.81
C ASN I 992 74.41 -41.57 13.42
N ALA I 993 73.24 -41.59 12.78
CA ALA I 993 73.03 -41.09 11.41
C ALA I 993 73.25 -39.57 11.29
N GLN I 994 73.08 -38.83 12.39
CA GLN I 994 73.38 -37.39 12.48
C GLN I 994 74.90 -37.15 12.55
N ASP I 995 75.67 -38.16 12.92
CA ASP I 995 77.14 -38.06 13.11
C ASP I 995 77.80 -38.50 11.82
N ILE I 996 77.13 -39.29 11.00
CA ILE I 996 77.60 -39.57 9.62
C ILE I 996 77.52 -38.27 8.84
N ASP I 997 76.41 -37.58 8.92
CA ASP I 997 76.17 -36.32 8.19
C ASP I 997 77.21 -35.29 8.62
N HIS I 998 77.39 -35.06 9.91
CA HIS I 998 78.42 -34.14 10.46
C HIS I 998 79.80 -34.52 9.94
N PHE I 999 80.13 -35.80 9.87
CA PHE I 999 81.47 -36.27 9.43
C PHE I 999 81.69 -35.90 7.98
N LEU I 1000 80.69 -36.17 7.13
CA LEU I 1000 80.75 -35.83 5.69
C LEU I 1000 80.65 -34.31 5.49
N SER I 1001 80.07 -33.56 6.43
CA SER I 1001 80.01 -32.08 6.32
C SER I 1001 81.40 -31.51 6.58
N MET I 1002 82.19 -32.12 7.46
CA MET I 1002 83.59 -31.73 7.76
C MET I 1002 84.50 -32.10 6.57
N CYS I 1003 84.16 -33.13 5.81
CA CYS I 1003 84.97 -33.62 4.67
C CYS I 1003 84.88 -32.63 3.50
N GLN I 1004 83.86 -31.79 3.50
CA GLN I 1004 83.54 -30.76 2.47
C GLN I 1004 84.01 -29.37 2.92
N ASN I 1005 84.40 -29.20 4.19
CA ASN I 1005 84.86 -27.91 4.75
C ASN I 1005 85.96 -27.34 3.87
N PRO I 1006 85.78 -26.14 3.26
CA PRO I 1006 86.76 -25.61 2.32
C PRO I 1006 88.03 -24.97 2.93
N MET I 1007 88.03 -24.66 4.23
CA MET I 1007 89.14 -23.98 4.97
C MET I 1007 90.01 -25.02 5.68
N GLN I 1008 90.43 -26.05 4.94
CA GLN I 1008 90.99 -27.32 5.48
C GLN I 1008 91.61 -28.06 4.30
N LYS I 1009 92.76 -28.68 4.49
CA LYS I 1009 93.34 -29.53 3.41
C LYS I 1009 92.39 -30.71 3.18
N PRO I 1010 92.05 -31.07 1.93
CA PRO I 1010 91.15 -32.19 1.72
C PRO I 1010 91.62 -33.50 2.37
N VAL I 1011 90.64 -34.26 2.85
CA VAL I 1011 90.89 -35.51 3.61
C VAL I 1011 91.42 -36.55 2.64
N PRO I 1012 92.46 -37.29 3.02
CA PRO I 1012 93.11 -38.23 2.12
C PRO I 1012 92.41 -39.60 2.13
N PHE I 1013 91.14 -39.61 1.73
CA PHE I 1013 90.27 -40.81 1.69
C PHE I 1013 88.91 -40.50 1.06
N VAL I 1014 88.32 -41.50 0.43
CA VAL I 1014 86.93 -41.39 -0.10
C VAL I 1014 85.98 -41.88 0.97
N PRO I 1015 85.19 -40.99 1.61
CA PRO I 1015 84.30 -41.36 2.72
C PRO I 1015 82.86 -41.78 2.40
N VAL I 1016 82.46 -41.84 1.13
CA VAL I 1016 81.08 -42.21 0.70
C VAL I 1016 81.04 -42.29 -0.82
N LEU I 1017 80.24 -43.21 -1.38
CA LEU I 1017 79.84 -43.19 -2.81
C LEU I 1017 78.45 -42.56 -2.96
N ASP I 1018 78.40 -41.33 -3.46
CA ASP I 1018 77.14 -40.60 -3.77
C ASP I 1018 77.36 -39.81 -5.07
N ARG I 1019 76.58 -38.77 -5.30
CA ARG I 1019 76.69 -37.94 -6.53
C ARG I 1019 78.05 -37.20 -6.52
N ARG I 1020 78.62 -36.94 -5.33
CA ARG I 1020 79.90 -36.20 -5.15
C ARG I 1020 81.13 -37.10 -5.28
N PHE I 1021 81.03 -38.30 -5.82
CA PHE I 1021 82.15 -39.28 -5.83
C PHE I 1021 83.30 -38.72 -6.64
N GLU I 1022 83.01 -38.13 -7.81
CA GLU I 1022 84.04 -37.64 -8.78
C GLU I 1022 84.92 -36.59 -8.12
N ILE I 1023 84.34 -35.68 -7.31
CA ILE I 1023 85.10 -34.62 -6.60
C ILE I 1023 86.00 -35.30 -5.55
N PHE I 1024 85.42 -36.08 -4.63
CA PHE I 1024 86.15 -36.78 -3.56
C PHE I 1024 87.36 -37.54 -4.12
N PHE I 1025 87.17 -38.20 -5.26
CA PHE I 1025 88.17 -39.04 -5.95
C PHE I 1025 89.33 -38.17 -6.49
N LYS I 1026 89.03 -37.00 -7.04
CA LYS I 1026 89.94 -36.18 -7.87
C LYS I 1026 90.52 -34.97 -7.12
N LYS I 1027 89.73 -34.29 -6.30
CA LYS I 1027 90.15 -33.28 -5.28
C LYS I 1027 91.58 -33.56 -4.81
N ASP I 1028 92.49 -32.62 -4.98
CA ASP I 1028 93.82 -32.54 -4.31
C ASP I 1028 94.63 -33.79 -4.64
N SER I 1029 95.06 -33.92 -5.88
CA SER I 1029 95.64 -35.15 -6.46
C SER I 1029 97.15 -35.06 -6.68
N LEU I 1030 97.85 -33.98 -6.32
CA LEU I 1030 99.21 -33.67 -6.86
C LEU I 1030 100.31 -33.55 -5.80
N TRP I 1031 100.00 -33.42 -4.53
CA TRP I 1031 101.02 -33.34 -3.46
C TRP I 1031 101.60 -34.72 -3.13
N GLN I 1032 100.82 -35.80 -3.31
CA GLN I 1032 101.10 -37.14 -2.75
C GLN I 1032 102.47 -37.63 -3.26
N SER I 1033 102.79 -37.40 -4.53
CA SER I 1033 104.05 -37.85 -5.21
C SER I 1033 105.29 -37.25 -4.52
N GLU I 1034 105.15 -36.11 -3.83
CA GLU I 1034 106.27 -35.43 -3.13
C GLU I 1034 106.37 -35.90 -1.67
N HIS I 1035 105.37 -36.62 -1.15
CA HIS I 1035 105.22 -36.93 0.30
C HIS I 1035 104.67 -38.34 0.49
N LEU I 1036 105.43 -39.35 0.11
CA LEU I 1036 104.98 -40.76 0.14
C LEU I 1036 104.77 -41.22 1.60
N GLU I 1037 105.45 -40.61 2.57
CA GLU I 1037 105.23 -40.89 4.03
C GLU I 1037 103.72 -40.90 4.35
N ALA I 1038 102.93 -40.02 3.73
CA ALA I 1038 101.50 -39.76 4.03
C ALA I 1038 100.58 -40.44 3.00
N VAL I 1039 101.07 -41.49 2.36
CA VAL I 1039 100.30 -42.33 1.39
C VAL I 1039 100.33 -43.75 1.93
N VAL I 1040 99.29 -44.54 1.68
CA VAL I 1040 99.17 -45.89 2.28
C VAL I 1040 100.27 -46.77 1.67
N ASP I 1041 101.20 -47.25 2.51
CA ASP I 1041 102.30 -48.20 2.17
C ASP I 1041 103.53 -47.49 1.61
N GLN I 1042 103.54 -46.15 1.58
CA GLN I 1042 104.61 -45.33 0.92
C GLN I 1042 104.79 -45.80 -0.54
N ASP I 1043 103.68 -46.01 -1.26
CA ASP I 1043 103.64 -46.69 -2.58
C ASP I 1043 103.46 -45.65 -3.68
N VAL I 1044 104.46 -45.44 -4.54
CA VAL I 1044 104.33 -44.54 -5.74
C VAL I 1044 103.16 -44.96 -6.59
N GLN I 1045 102.97 -46.26 -6.79
CA GLN I 1045 102.06 -46.75 -7.84
C GLN I 1045 100.62 -46.32 -7.55
N ARG I 1046 100.36 -45.71 -6.39
CA ARG I 1046 99.02 -45.20 -5.99
C ARG I 1046 98.78 -43.80 -6.53
N THR I 1047 99.82 -43.13 -7.04
CA THR I 1047 99.97 -41.66 -7.00
C THR I 1047 99.92 -41.05 -8.41
N CYS I 1048 99.44 -39.81 -8.52
CA CYS I 1048 99.46 -38.99 -9.77
C CYS I 1048 100.81 -38.27 -9.88
N ILE I 1049 101.61 -38.62 -10.88
CA ILE I 1049 102.83 -37.86 -11.27
C ILE I 1049 102.61 -37.23 -12.65
N LEU I 1050 102.77 -35.92 -12.73
CA LEU I 1050 102.55 -35.16 -13.98
C LEU I 1050 103.82 -35.24 -14.82
N HIS I 1051 103.66 -35.49 -16.12
CA HIS I 1051 104.82 -35.69 -17.05
C HIS I 1051 104.35 -35.76 -18.50
N GLY I 1052 105.19 -35.26 -19.41
CA GLY I 1052 104.90 -35.14 -20.84
C GLY I 1052 105.43 -36.35 -21.61
N PRO I 1053 104.65 -36.86 -22.59
CA PRO I 1053 105.06 -38.00 -23.39
C PRO I 1053 106.43 -37.80 -24.03
N VAL I 1054 106.54 -36.72 -24.80
CA VAL I 1054 107.69 -36.42 -25.68
C VAL I 1054 108.88 -36.10 -24.78
N ALA I 1055 108.71 -35.19 -23.82
CA ALA I 1055 109.78 -34.74 -22.88
C ALA I 1055 110.32 -35.90 -22.02
N ALA I 1056 109.53 -36.97 -21.83
CA ALA I 1056 109.91 -38.15 -21.03
C ALA I 1056 111.10 -38.89 -21.61
N GLN I 1057 111.36 -38.71 -22.91
CA GLN I 1057 112.40 -39.47 -23.65
C GLN I 1057 113.75 -38.76 -23.53
N PHE I 1058 113.89 -37.80 -22.58
CA PHE I 1058 115.18 -37.17 -22.23
C PHE I 1058 115.46 -37.26 -20.73
N THR I 1059 114.44 -37.54 -19.90
CA THR I 1059 114.52 -37.69 -18.42
C THR I 1059 115.02 -39.10 -18.05
N LYS I 1060 116.34 -39.27 -17.97
CA LYS I 1060 116.98 -40.60 -17.82
C LYS I 1060 117.80 -40.67 -16.52
N VAL I 1061 118.47 -39.58 -16.14
CA VAL I 1061 119.51 -39.56 -15.07
C VAL I 1061 118.91 -38.93 -13.80
N ILE I 1062 118.72 -39.73 -12.76
CA ILE I 1062 118.15 -39.29 -11.46
C ILE I 1062 119.19 -38.48 -10.69
N ASP I 1063 118.76 -37.35 -10.09
CA ASP I 1063 119.53 -36.50 -9.13
C ASP I 1063 120.75 -35.88 -9.83
N GLU I 1064 120.50 -35.28 -10.99
CA GLU I 1064 121.44 -34.39 -11.74
C GLU I 1064 121.27 -32.98 -11.15
N PRO I 1065 122.33 -32.26 -10.72
CA PRO I 1065 122.15 -30.88 -10.24
C PRO I 1065 121.53 -29.98 -11.31
N ILE I 1066 120.46 -29.24 -10.98
CA ILE I 1066 119.69 -28.34 -11.91
C ILE I 1066 120.62 -27.45 -12.75
N LYS I 1067 121.75 -27.03 -12.19
CA LYS I 1067 122.75 -26.21 -12.92
C LYS I 1067 123.32 -27.06 -14.05
N SER I 1068 123.78 -28.28 -13.76
CA SER I 1068 124.30 -29.27 -14.74
C SER I 1068 123.35 -29.42 -15.95
N ILE I 1069 122.05 -29.58 -15.68
CA ILE I 1069 120.97 -29.74 -16.70
C ILE I 1069 120.90 -28.48 -17.56
N MET I 1070 120.55 -27.35 -16.93
CA MET I 1070 120.24 -26.07 -17.60
C MET I 1070 121.49 -25.54 -18.34
N ASP I 1071 122.68 -25.69 -17.76
CA ASP I 1071 123.96 -25.32 -18.43
C ASP I 1071 124.14 -26.22 -19.63
N GLY I 1072 124.03 -27.54 -19.43
CA GLY I 1072 124.08 -28.53 -20.52
C GLY I 1072 123.42 -27.98 -21.77
N ILE I 1073 122.16 -27.60 -21.65
CA ILE I 1073 121.28 -27.14 -22.75
C ILE I 1073 121.83 -25.83 -23.32
N HIS I 1074 122.28 -24.92 -22.45
CA HIS I 1074 122.83 -23.59 -22.84
C HIS I 1074 124.19 -23.78 -23.51
N ASP I 1075 125.11 -24.52 -22.89
CA ASP I 1075 126.48 -24.74 -23.42
C ASP I 1075 126.40 -25.52 -24.72
N GLY I 1076 125.36 -26.35 -24.87
CA GLY I 1076 125.05 -27.08 -26.10
C GLY I 1076 124.75 -26.13 -27.23
N HIS I 1077 123.88 -25.14 -27.00
CA HIS I 1077 123.48 -24.09 -27.98
C HIS I 1077 124.70 -23.27 -28.45
N ILE I 1078 125.62 -22.95 -27.56
CA ILE I 1078 126.82 -22.13 -27.85
C ILE I 1078 127.71 -22.98 -28.76
N LYS I 1079 128.19 -24.12 -28.25
CA LYS I 1079 128.99 -25.14 -28.98
C LYS I 1079 128.55 -25.20 -30.45
N LYS I 1080 127.23 -25.23 -30.69
CA LYS I 1080 126.63 -25.33 -32.04
C LYS I 1080 126.65 -23.96 -32.73
N LEU I 1081 126.04 -22.95 -32.11
CA LEU I 1081 125.89 -21.59 -32.70
C LEU I 1081 127.27 -21.10 -33.11
N LEU I 1082 128.28 -21.38 -32.28
CA LEU I 1082 129.72 -21.06 -32.51
C LEU I 1082 130.17 -21.69 -33.83
N HIS I 1083 129.92 -23.00 -34.00
CA HIS I 1083 130.25 -23.79 -35.22
C HIS I 1083 129.67 -23.15 -36.49
N GLN I 1084 128.35 -22.93 -36.55
CA GLN I 1084 127.64 -22.39 -37.73
C GLN I 1084 128.11 -20.96 -38.06
N TYR I 1085 128.04 -20.02 -37.11
CA TYR I 1085 127.99 -18.55 -37.38
C TYR I 1085 129.23 -17.78 -36.92
N TYR I 1086 130.22 -18.42 -36.29
CA TYR I 1086 131.43 -17.75 -35.73
C TYR I 1086 132.69 -18.58 -36.04
N GLY I 1087 132.62 -19.45 -37.07
CA GLY I 1087 133.68 -20.39 -37.49
C GLY I 1087 134.54 -20.90 -36.33
N ASP I 1088 133.90 -21.46 -35.30
CA ASP I 1088 134.54 -22.15 -34.13
C ASP I 1088 135.66 -21.26 -33.56
N ASP I 1089 135.36 -19.99 -33.29
CA ASP I 1089 136.35 -18.95 -32.84
C ASP I 1089 135.69 -18.02 -31.82
N GLU I 1090 136.00 -18.16 -30.51
CA GLU I 1090 135.44 -17.32 -29.41
C GLU I 1090 135.90 -15.86 -29.53
N SER I 1091 137.02 -15.61 -30.20
CA SER I 1091 137.62 -14.27 -30.41
C SER I 1091 136.71 -13.38 -31.29
N LYS I 1092 135.78 -13.95 -32.05
CA LYS I 1092 134.85 -13.21 -32.94
C LYS I 1092 133.54 -12.85 -32.22
N ILE I 1093 133.41 -13.19 -30.94
CA ILE I 1093 132.19 -12.90 -30.11
C ILE I 1093 132.28 -11.48 -29.59
N PRO I 1094 131.35 -10.57 -29.96
CA PRO I 1094 131.33 -9.20 -29.43
C PRO I 1094 131.33 -9.21 -27.89
N ALA I 1095 132.26 -8.48 -27.27
CA ALA I 1095 132.36 -8.30 -25.80
C ALA I 1095 131.63 -7.01 -25.42
N VAL I 1096 130.88 -7.07 -24.30
CA VAL I 1096 130.07 -5.96 -23.73
C VAL I 1096 130.38 -5.97 -22.23
N GLU I 1097 130.22 -4.84 -21.52
CA GLU I 1097 130.53 -4.82 -20.06
C GLU I 1097 129.54 -5.77 -19.37
N TYR I 1098 128.25 -5.56 -19.62
CA TYR I 1098 127.17 -6.28 -18.92
C TYR I 1098 126.03 -6.54 -19.92
N PHE I 1099 125.50 -7.76 -19.90
CA PHE I 1099 124.44 -8.21 -20.81
C PHE I 1099 123.11 -8.10 -20.05
N GLY I 1100 122.17 -7.32 -20.55
CA GLY I 1100 120.81 -7.26 -19.98
C GLY I 1100 120.18 -5.87 -19.93
N GLY I 1101 118.89 -5.87 -19.60
CA GLY I 1101 118.03 -4.67 -19.48
C GLY I 1101 117.95 -3.93 -20.78
N GLU I 1102 117.47 -4.60 -21.83
CA GLU I 1102 117.18 -3.98 -23.15
C GLU I 1102 115.75 -4.31 -23.50
N SER I 1103 114.85 -3.34 -23.41
CA SER I 1103 113.44 -3.47 -23.83
C SER I 1103 113.46 -3.96 -25.27
N PRO I 1104 112.58 -4.91 -25.63
CA PRO I 1104 112.65 -5.49 -26.96
C PRO I 1104 111.91 -4.62 -27.98
N VAL I 1105 111.92 -3.29 -27.80
CA VAL I 1105 111.09 -2.33 -28.59
C VAL I 1105 111.94 -1.39 -29.48
N ASP I 1106 113.24 -1.19 -29.22
CA ASP I 1106 114.02 -0.05 -29.78
C ASP I 1106 115.24 -0.54 -30.62
N SER I 1111 130.33 9.99 -29.91
CA SER I 1111 131.60 9.84 -29.14
C SER I 1111 132.28 11.20 -28.98
N GLU I 1112 132.13 11.82 -27.79
CA GLU I 1112 132.74 13.13 -27.40
C GLU I 1112 133.25 13.05 -25.94
N ASP I 1113 134.42 13.64 -25.67
CA ASP I 1113 135.29 13.35 -24.49
C ASP I 1113 135.09 14.39 -23.36
N SER I 1114 134.49 15.56 -23.64
CA SER I 1114 134.40 16.70 -22.68
C SER I 1114 133.19 17.59 -22.99
N ALA I 1115 131.98 17.06 -22.79
CA ALA I 1115 130.69 17.68 -23.22
C ALA I 1115 130.10 18.56 -22.09
N VAL I 1116 129.00 19.24 -22.40
CA VAL I 1116 128.23 20.17 -21.52
C VAL I 1116 126.77 20.21 -21.98
N PHE I 1117 125.84 19.84 -21.12
CA PHE I 1117 124.38 19.82 -21.38
C PHE I 1117 123.74 20.92 -20.52
N LYS I 1118 122.53 21.32 -20.89
CA LYS I 1118 121.84 22.49 -20.29
C LYS I 1118 120.35 22.20 -20.35
N ALA I 1119 119.78 21.90 -19.20
CA ALA I 1119 118.35 21.55 -19.08
C ALA I 1119 117.53 22.83 -19.20
N THR I 1120 116.39 22.74 -19.88
CA THR I 1120 115.39 23.82 -20.03
C THR I 1120 114.10 23.35 -19.32
N SER I 1121 112.95 23.95 -19.63
CA SER I 1121 111.63 23.44 -19.21
C SER I 1121 111.06 22.52 -20.29
N SER I 1122 111.70 22.49 -21.48
CA SER I 1122 111.27 21.67 -22.65
C SER I 1122 111.97 20.30 -22.66
N THR I 1123 113.27 20.22 -22.34
CA THR I 1123 114.15 19.01 -22.51
C THR I 1123 113.40 17.74 -22.10
N ASP I 1124 113.16 16.85 -23.06
CA ASP I 1124 112.51 15.52 -22.88
C ASP I 1124 113.42 14.67 -21.97
N GLU I 1125 112.83 13.93 -21.01
CA GLU I 1125 113.56 13.10 -20.02
C GLU I 1125 114.36 11.99 -20.72
N GLU I 1126 113.74 11.26 -21.65
CA GLU I 1126 114.34 10.08 -22.34
C GLU I 1126 115.56 10.54 -23.17
N SER I 1127 115.45 11.66 -23.90
CA SER I 1127 116.55 12.26 -24.69
C SER I 1127 117.72 12.61 -23.76
N TRP I 1128 117.40 13.31 -22.67
CA TRP I 1128 118.34 13.87 -21.66
C TRP I 1128 119.23 12.77 -21.08
N PHE I 1129 118.66 11.60 -20.80
CA PHE I 1129 119.36 10.47 -20.13
C PHE I 1129 120.12 9.62 -21.16
N LYS I 1130 119.68 9.55 -22.43
CA LYS I 1130 120.49 8.96 -23.54
C LYS I 1130 121.85 9.67 -23.54
N ALA I 1131 121.81 11.00 -23.48
CA ALA I 1131 122.96 11.90 -23.66
C ALA I 1131 124.00 11.66 -22.57
N LEU I 1132 123.55 11.57 -21.33
CA LEU I 1132 124.44 11.52 -20.13
C LEU I 1132 125.12 10.16 -20.09
N ALA I 1133 124.29 9.10 -20.22
CA ALA I 1133 124.70 7.69 -20.41
C ALA I 1133 125.83 7.60 -21.46
N GLY I 1134 125.59 8.16 -22.64
CA GLY I 1134 126.48 8.01 -23.80
C GLY I 1134 126.26 6.69 -24.53
N SER I 1135 127.14 6.39 -25.48
CA SER I 1135 127.00 5.28 -26.46
C SER I 1135 127.48 3.96 -25.84
N GLU I 1136 128.73 3.93 -25.37
CA GLU I 1136 129.39 2.72 -24.78
C GLU I 1136 128.52 2.20 -23.64
N ILE I 1137 128.47 0.88 -23.49
CA ILE I 1137 127.84 0.20 -22.33
C ILE I 1137 128.92 0.05 -21.25
N ASN I 1138 128.80 0.87 -20.19
CA ASN I 1138 129.66 0.88 -18.97
C ASN I 1138 128.84 1.32 -17.76
N TRP I 1139 129.52 1.56 -16.64
CA TRP I 1139 128.91 2.05 -15.37
C TRP I 1139 128.08 3.30 -15.63
N ARG I 1140 128.56 4.23 -16.44
CA ARG I 1140 127.80 5.47 -16.71
C ARG I 1140 126.49 5.12 -17.41
N HIS I 1141 126.52 4.16 -18.35
CA HIS I 1141 125.34 3.76 -19.17
C HIS I 1141 124.26 3.20 -18.25
N ALA I 1142 124.67 2.33 -17.30
CA ALA I 1142 123.80 1.70 -16.28
C ALA I 1142 123.18 2.80 -15.43
N SER I 1143 124.05 3.56 -14.76
CA SER I 1143 123.73 4.67 -13.84
C SER I 1143 122.55 5.48 -14.36
N PHE I 1144 122.50 5.83 -15.65
CA PHE I 1144 121.46 6.77 -16.16
C PHE I 1144 120.27 6.07 -16.81
N LEU I 1145 120.34 4.77 -17.13
CA LEU I 1145 119.25 4.08 -17.87
C LEU I 1145 118.69 2.88 -17.10
N CYS I 1146 119.47 2.23 -16.23
CA CYS I 1146 118.94 1.33 -15.18
C CYS I 1146 117.75 2.06 -14.54
N SER I 1147 116.55 1.54 -14.68
CA SER I 1147 115.33 2.11 -14.08
C SER I 1147 115.33 1.82 -12.57
N PHE I 1148 115.90 0.67 -12.17
CA PHE I 1148 115.93 0.19 -10.77
C PHE I 1148 117.38 -0.05 -10.31
N ILE I 1149 117.58 -0.09 -9.01
CA ILE I 1149 118.82 -0.58 -8.33
C ILE I 1149 118.39 -1.41 -7.12
N THR I 1150 119.31 -2.13 -6.51
CA THR I 1150 119.06 -3.07 -5.40
C THR I 1150 119.65 -2.49 -4.11
N GLN I 1151 118.82 -2.17 -3.11
CA GLN I 1151 119.23 -2.06 -1.68
C GLN I 1151 119.06 -3.44 -1.03
N ASP I 1152 120.17 -4.08 -0.64
CA ASP I 1152 120.18 -5.47 -0.10
C ASP I 1152 119.52 -6.39 -1.12
N LYS I 1153 118.33 -6.95 -0.84
CA LYS I 1153 117.61 -7.84 -1.79
C LYS I 1153 116.53 -7.04 -2.53
N MET I 1154 116.08 -5.90 -1.99
CA MET I 1154 114.91 -5.16 -2.53
C MET I 1154 115.33 -4.32 -3.73
N PHE I 1155 114.36 -3.97 -4.59
CA PHE I 1155 114.48 -3.17 -5.83
C PHE I 1155 113.82 -1.80 -5.63
N VAL I 1156 114.63 -0.77 -5.37
CA VAL I 1156 114.23 0.65 -5.22
C VAL I 1156 114.43 1.35 -6.56
N SER I 1157 113.64 2.38 -6.86
CA SER I 1157 113.78 3.21 -8.08
C SER I 1157 115.16 3.86 -8.08
N ASN I 1158 115.71 4.10 -9.28
CA ASN I 1158 117.11 4.56 -9.49
C ASN I 1158 117.22 5.99 -8.98
N PRO I 1159 117.97 6.22 -7.89
CA PRO I 1159 118.08 7.55 -7.30
C PRO I 1159 118.88 8.53 -8.18
N ILE I 1160 119.84 7.99 -8.94
CA ILE I 1160 120.72 8.79 -9.82
C ILE I 1160 119.88 9.44 -10.95
N ARG I 1161 118.81 8.82 -11.43
CA ARG I 1161 117.90 9.45 -12.42
C ARG I 1161 116.96 10.44 -11.72
N LYS I 1162 116.60 10.21 -10.46
CA LYS I 1162 115.80 11.18 -9.66
C LYS I 1162 116.60 12.48 -9.58
N VAL I 1163 117.86 12.37 -9.16
CA VAL I 1163 118.75 13.54 -8.95
C VAL I 1163 118.89 14.31 -10.25
N PHE I 1164 119.20 13.66 -11.37
CA PHE I 1164 119.53 14.34 -12.65
C PHE I 1164 118.28 14.57 -13.53
N LYS I 1165 117.08 14.23 -13.08
CA LYS I 1165 115.84 14.62 -13.78
C LYS I 1165 115.89 16.11 -14.12
N PRO I 1166 115.73 16.50 -15.40
CA PRO I 1166 116.08 17.85 -15.84
C PRO I 1166 115.02 18.91 -15.52
N SER I 1167 115.46 20.11 -15.17
CA SER I 1167 114.62 21.29 -14.82
C SER I 1167 115.42 22.57 -15.10
N GLN I 1168 114.75 23.71 -15.23
CA GLN I 1168 115.40 24.98 -15.66
C GLN I 1168 116.56 25.30 -14.69
N GLY I 1169 117.77 25.46 -15.24
CA GLY I 1169 118.93 26.02 -14.51
C GLY I 1169 120.05 25.01 -14.33
N MET I 1170 119.72 23.71 -14.30
CA MET I 1170 120.71 22.65 -13.98
C MET I 1170 121.54 22.30 -15.23
N VAL I 1171 122.86 22.15 -15.03
CA VAL I 1171 123.92 22.22 -16.07
C VAL I 1171 124.91 21.07 -15.80
N VAL I 1172 124.88 20.05 -16.65
CA VAL I 1172 125.73 18.84 -16.49
C VAL I 1172 127.01 19.05 -17.28
N GLU I 1173 128.15 18.59 -16.75
CA GLU I 1173 129.47 18.72 -17.40
C GLU I 1173 130.18 17.37 -17.25
N ILE I 1174 130.47 16.72 -18.37
CA ILE I 1174 131.16 15.40 -18.45
C ILE I 1174 132.64 15.64 -18.81
N SER I 1175 133.55 14.83 -18.30
CA SER I 1175 135.01 15.01 -18.45
C SER I 1175 135.73 13.66 -18.44
N ASN I 1176 136.51 13.39 -19.50
CA ASN I 1176 137.08 12.06 -19.86
C ASN I 1176 135.94 11.12 -20.25
N GLY I 1177 135.00 11.60 -21.08
CA GLY I 1177 133.78 10.89 -21.49
C GLY I 1177 134.04 9.56 -22.19
N ASN I 1178 135.18 9.42 -22.89
CA ASN I 1178 135.55 8.27 -23.76
C ASN I 1178 136.65 7.42 -23.12
N THR I 1179 136.69 7.32 -21.80
CA THR I 1179 137.50 6.34 -21.03
C THR I 1179 136.84 6.15 -19.65
N SER I 1180 135.88 5.21 -19.56
CA SER I 1180 134.97 4.98 -18.41
C SER I 1180 135.70 5.14 -17.06
N SER I 1181 136.87 4.52 -16.91
CA SER I 1181 137.62 4.35 -15.63
C SER I 1181 137.86 5.69 -14.91
N LYS I 1182 137.90 6.83 -15.63
CA LYS I 1182 138.17 8.19 -15.09
C LYS I 1182 137.06 9.18 -15.39
N THR I 1183 136.03 8.79 -16.13
CA THR I 1183 134.90 9.69 -16.46
C THR I 1183 134.38 10.31 -15.16
N VAL I 1184 134.08 11.61 -15.19
CA VAL I 1184 133.43 12.34 -14.09
C VAL I 1184 132.29 13.17 -14.67
N VAL I 1185 131.08 13.04 -14.12
CA VAL I 1185 129.88 13.82 -14.53
C VAL I 1185 129.47 14.67 -13.33
N THR I 1186 129.37 15.98 -13.55
CA THR I 1186 129.40 17.04 -12.50
C THR I 1186 128.23 17.99 -12.72
N LEU I 1187 127.15 17.80 -11.97
CA LEU I 1187 125.91 18.62 -12.07
C LEU I 1187 126.13 19.91 -11.29
N SER I 1188 125.66 21.03 -11.84
CA SER I 1188 125.79 22.38 -11.25
C SER I 1188 124.45 23.09 -11.42
N GLU I 1189 124.01 23.85 -10.41
CA GLU I 1189 122.70 24.55 -10.38
C GLU I 1189 122.92 25.97 -9.86
N PRO I 1190 121.90 26.85 -9.96
CA PRO I 1190 121.86 28.10 -9.19
C PRO I 1190 121.82 27.87 -7.68
N VAL I 1191 122.73 28.52 -6.94
CA VAL I 1191 122.83 28.48 -5.45
C VAL I 1191 123.15 29.90 -4.96
N GLN I 1192 122.14 30.62 -4.46
CA GLN I 1192 122.26 31.99 -3.89
C GLN I 1192 122.76 32.93 -5.00
N GLY I 1193 122.14 32.83 -6.18
CA GLY I 1193 122.46 33.64 -7.37
C GLY I 1193 123.42 32.94 -8.33
N GLU I 1194 124.68 32.73 -7.93
CA GLU I 1194 125.76 32.12 -8.76
C GLU I 1194 125.44 30.65 -9.09
N LEU I 1195 126.33 29.96 -9.82
CA LEU I 1195 126.15 28.55 -10.28
C LEU I 1195 127.29 27.66 -9.78
N LYS I 1196 127.00 26.78 -8.82
CA LYS I 1196 128.00 25.96 -8.08
C LYS I 1196 127.79 24.47 -8.34
N PRO I 1197 128.83 23.62 -8.19
CA PRO I 1197 128.67 22.16 -8.27
C PRO I 1197 127.83 21.59 -7.12
N THR I 1198 126.80 20.79 -7.45
CA THR I 1198 125.85 20.20 -6.46
C THR I 1198 125.88 18.68 -6.43
N VAL I 1199 126.35 18.01 -7.48
CA VAL I 1199 126.59 16.52 -7.54
C VAL I 1199 127.88 16.23 -8.32
N ILE I 1200 128.60 15.16 -7.95
CA ILE I 1200 129.84 14.69 -8.63
C ILE I 1200 129.77 13.16 -8.70
N LEU I 1201 129.19 12.65 -9.79
CA LEU I 1201 128.95 11.20 -10.02
C LEU I 1201 130.16 10.62 -10.75
N LYS I 1202 130.88 9.69 -10.12
CA LYS I 1202 132.13 9.11 -10.69
C LYS I 1202 132.44 7.72 -10.09
N LEU I 1203 133.48 7.07 -10.61
CA LEU I 1203 134.12 5.83 -10.05
C LEU I 1203 135.09 6.22 -8.92
N LEU I 1204 135.09 5.47 -7.82
CA LEU I 1204 136.26 5.41 -6.89
C LEU I 1204 137.18 4.29 -7.39
N LYS I 1205 137.82 3.56 -6.48
CA LYS I 1205 138.27 2.16 -6.66
C LYS I 1205 137.29 1.42 -7.60
N GLU I 1206 137.80 0.40 -8.30
CA GLU I 1206 137.36 -0.13 -9.64
C GLU I 1206 135.85 -0.37 -9.74
N ASN I 1207 135.20 -0.94 -8.72
CA ASN I 1207 133.80 -1.42 -8.86
C ASN I 1207 132.84 -0.67 -7.94
N ILE I 1208 133.12 0.59 -7.60
CA ILE I 1208 132.30 1.44 -6.69
C ILE I 1208 131.97 2.77 -7.37
N ILE I 1209 130.70 3.04 -7.60
CA ILE I 1209 130.18 4.34 -8.13
C ILE I 1209 129.88 5.24 -6.94
N GLN I 1210 130.67 6.30 -6.74
CA GLN I 1210 130.41 7.33 -5.72
C GLN I 1210 129.58 8.42 -6.35
N MET I 1211 128.51 8.85 -5.68
CA MET I 1211 127.68 10.01 -6.07
C MET I 1211 127.81 11.12 -5.02
N GLU I 1212 128.98 11.75 -4.94
CA GLU I 1212 129.32 12.81 -3.95
C GLU I 1212 128.32 13.94 -4.12
N MET I 1213 127.55 14.23 -3.08
CA MET I 1213 126.28 14.98 -3.17
C MET I 1213 126.29 16.17 -2.21
N ILE I 1214 126.37 17.39 -2.74
CA ILE I 1214 127.03 18.54 -2.06
C ILE I 1214 125.97 19.49 -1.53
N GLU I 1215 126.15 19.95 -0.29
CA GLU I 1215 125.40 21.08 0.30
C GLU I 1215 126.32 22.30 0.34
N ASN I 1216 125.87 23.41 -0.23
CA ASN I 1216 126.63 24.69 -0.29
C ASN I 1216 126.19 25.62 0.86
N ARG I 1217 124.94 25.46 1.33
CA ARG I 1217 124.31 26.29 2.39
C ARG I 1217 124.60 25.68 3.77
N THR I 1218 125.81 25.88 4.29
CA THR I 1218 126.32 25.27 5.53
C THR I 1218 126.65 26.36 6.57
N MET I 1219 127.13 25.97 7.75
CA MET I 1219 127.35 26.86 8.94
C MET I 1219 128.47 27.87 8.65
N ASP I 1220 129.58 27.44 8.06
CA ASP I 1220 130.81 28.24 7.88
C ASP I 1220 131.23 28.29 6.39
N GLY I 1221 130.30 28.11 5.45
CA GLY I 1221 130.54 28.30 4.01
C GLY I 1221 131.22 27.11 3.33
N LYS I 1222 132.30 26.57 3.93
CA LYS I 1222 133.02 25.34 3.48
C LYS I 1222 131.98 24.29 3.11
N PRO I 1223 131.73 23.98 1.82
CA PRO I 1223 130.61 23.09 1.46
C PRO I 1223 130.81 21.67 2.03
N VAL I 1224 129.69 20.97 2.22
CA VAL I 1224 129.59 19.65 2.91
C VAL I 1224 129.16 18.60 1.90
N SER I 1225 129.82 17.43 1.94
CA SER I 1225 129.73 16.35 0.92
C SER I 1225 129.22 15.06 1.58
N LEU I 1226 128.10 14.54 1.08
CA LEU I 1226 127.53 13.22 1.45
C LEU I 1226 128.02 12.19 0.43
N PRO I 1227 129.01 11.32 0.73
CA PRO I 1227 129.40 10.27 -0.21
C PRO I 1227 128.40 9.10 -0.24
N LEU I 1228 127.47 9.08 -1.20
CA LEU I 1228 126.53 7.94 -1.43
C LEU I 1228 127.22 6.91 -2.34
N LEU I 1229 127.48 5.70 -1.84
CA LEU I 1229 128.24 4.65 -2.58
C LEU I 1229 127.27 3.62 -3.18
N TYR I 1230 127.72 2.98 -4.26
CA TYR I 1230 126.93 2.02 -5.07
C TYR I 1230 127.86 0.99 -5.72
N ASN I 1231 127.67 -0.30 -5.42
CA ASN I 1231 128.38 -1.43 -6.09
C ASN I 1231 127.87 -1.57 -7.52
N PHE I 1232 128.79 -1.57 -8.49
CA PHE I 1232 128.51 -1.85 -9.92
C PHE I 1232 129.02 -3.25 -10.25
N ASN I 1233 128.08 -4.19 -10.42
CA ASN I 1233 128.38 -5.61 -10.68
C ASN I 1233 127.95 -5.91 -12.12
N PRO I 1234 128.89 -6.08 -13.07
CA PRO I 1234 128.50 -6.35 -14.46
C PRO I 1234 128.05 -7.81 -14.71
N ASP I 1235 128.31 -8.73 -13.78
CA ASP I 1235 127.93 -10.17 -13.89
C ASP I 1235 126.41 -10.34 -13.81
N ASN I 1236 125.76 -9.61 -12.90
CA ASN I 1236 124.28 -9.45 -12.85
C ASN I 1236 123.94 -8.24 -13.68
N GLY I 1237 123.31 -8.42 -14.84
CA GLY I 1237 123.17 -7.38 -15.86
C GLY I 1237 121.77 -6.83 -15.97
N PHE I 1238 120.79 -7.45 -15.34
CA PHE I 1238 119.42 -6.88 -15.24
C PHE I 1238 119.42 -5.70 -14.26
N ALA I 1239 120.16 -5.90 -13.15
CA ALA I 1239 120.32 -4.96 -12.02
C ALA I 1239 121.80 -4.95 -11.65
N PRO I 1240 122.63 -4.23 -12.44
CA PRO I 1240 124.06 -4.13 -12.13
C PRO I 1240 124.43 -3.17 -10.99
N ILE I 1241 123.56 -2.20 -10.67
CA ILE I 1241 123.84 -1.22 -9.57
C ILE I 1241 123.06 -1.64 -8.30
N SER I 1242 123.76 -1.69 -7.17
CA SER I 1242 123.24 -2.03 -5.82
C SER I 1242 123.83 -1.06 -4.77
N GLU I 1243 123.01 -0.39 -3.97
CA GLU I 1243 123.50 0.55 -2.92
C GLU I 1243 124.30 -0.22 -1.88
N VAL I 1244 125.47 0.28 -1.50
CA VAL I 1244 126.23 -0.17 -0.29
C VAL I 1244 125.45 0.30 0.93
N MET I 1245 125.01 -0.63 1.79
CA MET I 1245 124.15 -0.33 2.96
C MET I 1245 124.98 -0.34 4.26
N GLU I 1246 126.20 -0.87 4.24
CA GLU I 1246 127.08 -1.01 5.43
C GLU I 1246 127.65 0.37 5.78
N ASP I 1247 127.21 0.95 6.91
CA ASP I 1247 127.59 2.32 7.37
C ASP I 1247 127.03 3.37 6.42
N ARG I 1248 125.86 3.12 5.82
CA ARG I 1248 125.12 4.16 5.06
C ARG I 1248 124.49 5.17 6.03
N ASN I 1249 123.82 4.69 7.08
CA ASN I 1249 123.15 5.55 8.08
C ASN I 1249 124.18 6.39 8.82
N GLN I 1250 125.45 5.97 8.92
CA GLN I 1250 126.52 6.75 9.62
C GLN I 1250 127.33 7.64 8.65
N ARG I 1251 127.02 7.66 7.37
CA ARG I 1251 127.53 8.70 6.43
C ARG I 1251 126.52 9.85 6.51
N ILE I 1252 125.25 9.52 6.31
CA ILE I 1252 124.12 10.47 6.33
C ILE I 1252 124.14 11.24 7.66
N LYS I 1253 124.47 10.60 8.78
CA LYS I 1253 124.53 11.29 10.09
C LYS I 1253 125.70 12.27 10.09
N GLU I 1254 126.91 11.81 9.73
CA GLU I 1254 128.11 12.66 9.69
C GLU I 1254 127.81 13.98 8.98
N MET I 1255 127.10 13.91 7.87
CA MET I 1255 126.77 15.09 7.02
C MET I 1255 125.87 16.06 7.80
N TYR I 1256 124.77 15.54 8.33
CA TYR I 1256 123.79 16.31 9.13
C TYR I 1256 124.46 16.85 10.40
N TRP I 1257 125.41 16.13 10.98
CA TRP I 1257 126.19 16.62 12.13
C TRP I 1257 126.97 17.89 11.76
N LYS I 1258 127.68 17.91 10.63
CA LYS I 1258 128.41 19.11 10.15
C LYS I 1258 127.42 20.28 10.05
N LEU I 1259 126.21 20.02 9.58
CA LEU I 1259 125.20 21.06 9.26
C LEU I 1259 124.49 21.59 10.51
N TRP I 1260 124.35 20.78 11.56
CA TRP I 1260 123.47 21.07 12.73
C TRP I 1260 124.31 21.30 13.99
N ILE I 1261 125.11 20.31 14.38
CA ILE I 1261 125.87 20.31 15.68
C ILE I 1261 127.21 21.02 15.44
N ASP I 1262 127.77 21.63 16.49
CA ASP I 1262 129.02 22.43 16.45
C ASP I 1262 130.09 21.79 17.35
N GLU I 1263 130.15 20.45 17.40
CA GLU I 1263 131.02 19.67 18.33
C GLU I 1263 131.88 18.68 17.53
N PRO I 1264 132.87 18.00 18.16
CA PRO I 1264 133.56 16.88 17.52
C PRO I 1264 132.62 15.67 17.35
N PHE I 1265 132.48 15.18 16.11
CA PHE I 1265 131.56 14.08 15.69
C PHE I 1265 131.85 12.82 16.51
N ASN I 1266 130.79 12.22 17.06
CA ASN I 1266 130.84 11.02 17.92
C ASN I 1266 129.40 10.54 18.20
N LEU I 1267 129.05 9.34 17.74
CA LEU I 1267 127.69 8.74 17.86
C LEU I 1267 127.70 7.63 18.91
N ASP I 1268 128.75 7.56 19.75
CA ASP I 1268 128.83 6.64 20.91
C ASP I 1268 128.55 7.45 22.19
N PHE I 1269 127.27 7.71 22.47
CA PHE I 1269 126.78 8.31 23.74
C PHE I 1269 125.37 7.81 23.99
N ASP I 1270 125.07 7.40 25.23
CA ASP I 1270 123.83 6.69 25.63
C ASP I 1270 122.63 7.61 25.38
N PRO I 1271 121.53 7.14 24.75
CA PRO I 1271 120.29 7.91 24.68
C PRO I 1271 119.70 8.27 26.06
N ARG I 1272 119.68 7.34 27.02
CA ARG I 1272 119.14 7.56 28.39
C ARG I 1272 119.79 8.77 29.08
N ASP I 1273 121.07 9.07 28.79
CA ASP I 1273 121.81 10.19 29.44
C ASP I 1273 121.23 11.53 28.97
N VAL I 1274 121.43 12.57 29.78
CA VAL I 1274 121.01 13.98 29.52
C VAL I 1274 121.98 14.59 28.50
N ILE I 1275 121.43 15.41 27.61
CA ILE I 1275 122.19 16.21 26.59
C ILE I 1275 122.10 17.66 27.05
N LYS I 1276 123.22 18.39 27.11
CA LYS I 1276 123.24 19.81 27.54
C LYS I 1276 123.90 20.68 26.46
N GLY I 1277 123.12 21.63 25.89
CA GLY I 1277 123.59 22.61 24.90
C GLY I 1277 124.33 23.77 25.54
N LYS I 1278 125.02 24.56 24.73
CA LYS I 1278 125.74 25.80 25.14
C LYS I 1278 124.74 26.80 25.75
N ASP I 1279 125.20 27.60 26.72
CA ASP I 1279 124.48 28.81 27.20
C ASP I 1279 124.32 29.75 26.01
N PHE I 1280 123.11 30.27 25.82
CA PHE I 1280 122.69 31.08 24.66
C PHE I 1280 122.22 32.44 25.17
N GLU I 1281 123.02 33.48 24.96
CA GLU I 1281 122.61 34.88 25.27
C GLU I 1281 121.65 35.34 24.18
N ILE I 1282 120.42 35.69 24.55
CA ILE I 1282 119.44 36.33 23.62
C ILE I 1282 119.92 37.76 23.37
N THR I 1283 119.81 38.24 22.12
CA THR I 1283 120.20 39.60 21.67
C THR I 1283 119.09 40.16 20.78
N ALA I 1284 118.92 41.48 20.76
CA ALA I 1284 117.86 42.17 19.99
C ALA I 1284 118.04 41.80 18.51
N LYS I 1285 119.30 41.74 18.07
CA LYS I 1285 119.73 41.31 16.72
C LYS I 1285 119.00 40.01 16.35
N GLU I 1286 119.24 38.93 17.11
CA GLU I 1286 118.70 37.58 16.85
C GLU I 1286 117.17 37.62 16.77
N VAL I 1287 116.53 38.18 17.79
CA VAL I 1287 115.04 38.24 17.95
C VAL I 1287 114.43 39.03 16.78
N TYR I 1288 115.02 40.18 16.45
CA TYR I 1288 114.62 41.04 15.31
C TYR I 1288 114.56 40.21 14.02
N ASP I 1289 115.65 39.49 13.72
CA ASP I 1289 115.80 38.65 12.49
C ASP I 1289 114.72 37.58 12.48
N PHE I 1290 114.65 36.81 13.57
CA PHE I 1290 113.72 35.68 13.75
C PHE I 1290 112.29 36.12 13.44
N THR I 1291 111.86 37.28 13.95
CA THR I 1291 110.46 37.75 13.80
C THR I 1291 110.15 38.07 12.33
N HIS I 1292 111.11 38.61 11.58
CA HIS I 1292 110.94 38.92 10.13
C HIS I 1292 110.85 37.64 9.32
N ALA I 1293 111.65 36.63 9.66
CA ALA I 1293 111.64 35.31 8.98
C ALA I 1293 110.25 34.69 9.06
N VAL I 1294 109.66 34.62 10.26
CA VAL I 1294 108.38 33.89 10.49
C VAL I 1294 107.15 34.78 10.19
N GLY I 1295 107.28 36.10 10.26
CA GLY I 1295 106.19 37.06 9.96
C GLY I 1295 105.38 37.43 11.19
N ASN I 1296 106.06 37.58 12.35
CA ASN I 1296 105.47 37.89 13.67
C ASN I 1296 105.66 39.39 13.94
N ASN I 1297 104.60 40.18 13.77
CA ASN I 1297 104.67 41.67 13.83
C ASN I 1297 104.52 42.17 15.27
N CYS I 1298 103.86 41.41 16.14
CA CYS I 1298 103.52 41.73 17.55
C CYS I 1298 104.51 42.73 18.20
N GLU I 1299 103.96 43.80 18.79
CA GLU I 1299 104.67 44.97 19.36
C GLU I 1299 105.70 44.53 20.42
N ASP I 1300 105.44 43.45 21.15
CA ASP I 1300 106.25 43.03 22.34
C ASP I 1300 107.71 42.74 21.93
N PHE I 1301 107.95 42.49 20.63
CA PHE I 1301 109.25 42.02 20.10
C PHE I 1301 110.05 43.16 19.48
N VAL I 1302 109.38 44.27 19.18
CA VAL I 1302 110.01 45.53 18.70
C VAL I 1302 110.69 46.22 19.90
N SER I 1303 111.87 46.82 19.65
CA SER I 1303 112.63 47.63 20.63
C SER I 1303 112.02 49.04 20.69
N ARG I 1304 111.24 49.32 21.74
CA ARG I 1304 110.77 50.67 22.13
C ARG I 1304 111.52 51.11 23.38
N PRO I 1305 111.46 52.40 23.81
CA PRO I 1305 112.08 52.83 25.06
C PRO I 1305 111.28 52.46 26.31
N ASP I 1306 111.95 52.40 27.47
CA ASP I 1306 111.43 51.94 28.80
C ASP I 1306 111.32 50.41 28.79
N ARG I 1307 110.16 49.87 28.36
CA ARG I 1307 109.84 48.40 28.38
C ARG I 1307 110.97 47.63 27.67
N THR I 1308 111.32 46.44 28.19
CA THR I 1308 112.37 45.55 27.63
C THR I 1308 111.78 44.70 26.48
N MET I 1309 112.62 44.40 25.48
CA MET I 1309 112.24 43.57 24.31
C MET I 1309 112.05 42.12 24.77
N LEU I 1310 110.89 41.53 24.43
CA LEU I 1310 110.58 40.09 24.67
C LEU I 1310 111.02 39.28 23.46
N ALA I 1311 111.31 37.99 23.64
CA ALA I 1311 111.46 37.00 22.55
C ALA I 1311 110.16 36.21 22.47
N PRO I 1312 109.73 35.82 21.25
CA PRO I 1312 108.56 34.94 21.10
C PRO I 1312 108.92 33.55 21.66
N MET I 1313 107.92 32.72 22.01
CA MET I 1313 108.19 31.39 22.62
C MET I 1313 108.74 30.46 21.54
N ASP I 1314 108.29 30.61 20.29
CA ASP I 1314 108.88 30.02 19.05
C ASP I 1314 110.41 30.04 19.11
N PHE I 1315 110.98 31.14 19.59
CA PHE I 1315 112.43 31.38 19.72
C PHE I 1315 113.11 30.27 20.54
N ALA I 1316 112.36 29.54 21.37
CA ALA I 1316 112.87 28.42 22.19
C ALA I 1316 113.55 27.37 21.31
N ILE I 1317 112.99 27.10 20.12
CA ILE I 1317 113.55 26.07 19.20
C ILE I 1317 114.93 26.52 18.71
N VAL I 1318 115.17 27.83 18.58
CA VAL I 1318 116.48 28.40 18.15
C VAL I 1318 117.51 28.16 19.26
N VAL I 1319 117.07 28.17 20.50
CA VAL I 1319 117.95 27.97 21.69
C VAL I 1319 118.14 26.47 21.85
N GLY I 1320 117.05 25.74 21.71
CA GLY I 1320 116.94 24.29 22.00
C GLY I 1320 117.61 23.43 20.96
N TRP I 1321 117.40 23.72 19.67
CA TRP I 1321 117.70 22.84 18.50
C TRP I 1321 118.99 22.02 18.67
N ARG I 1322 120.15 22.65 18.83
CA ARG I 1322 121.45 21.93 18.92
C ARG I 1322 121.35 20.82 19.96
N ALA I 1323 120.61 21.02 21.05
CA ALA I 1323 120.42 20.00 22.11
C ALA I 1323 119.35 19.00 21.68
N ILE I 1324 118.17 19.51 21.32
CA ILE I 1324 117.00 18.65 21.01
C ILE I 1324 117.40 17.65 19.92
N ILE I 1325 117.88 18.13 18.78
CA ILE I 1325 118.13 17.28 17.58
C ILE I 1325 119.24 16.26 17.89
N LYS I 1326 120.21 16.59 18.74
CA LYS I 1326 121.32 15.68 19.06
C LYS I 1326 120.76 14.36 19.61
N ALA I 1327 119.53 14.32 20.11
CA ALA I 1327 118.95 13.13 20.77
C ALA I 1327 118.65 12.01 19.77
N ILE I 1328 118.52 12.31 18.48
CA ILE I 1328 118.21 11.29 17.44
C ILE I 1328 119.49 10.79 16.74
N PHE I 1329 120.67 11.18 17.21
CA PHE I 1329 121.96 10.85 16.56
C PHE I 1329 122.59 9.56 17.05
N PRO I 1330 122.42 9.09 18.30
CA PRO I 1330 123.16 7.93 18.79
C PRO I 1330 123.12 6.65 17.92
N ASN I 1331 124.16 5.81 18.01
CA ASN I 1331 124.27 4.52 17.28
C ASN I 1331 123.04 3.65 17.60
N THR I 1332 122.60 3.65 18.85
CA THR I 1332 121.52 2.78 19.39
C THR I 1332 120.14 3.23 18.88
N VAL I 1333 119.98 4.48 18.43
CA VAL I 1333 118.72 4.97 17.79
C VAL I 1333 119.01 5.22 16.30
N ASP I 1334 119.17 4.12 15.54
CA ASP I 1334 119.74 4.11 14.17
C ASP I 1334 118.63 4.39 13.15
N GLY I 1335 118.82 5.36 12.25
CA GLY I 1335 117.80 5.72 11.24
C GLY I 1335 118.35 6.47 10.04
N ASP I 1336 117.62 6.39 8.93
CA ASP I 1336 117.90 7.12 7.67
C ASP I 1336 117.43 8.56 7.87
N LEU I 1337 118.36 9.45 8.19
CA LEU I 1337 118.03 10.86 8.49
C LEU I 1337 117.35 11.54 7.29
N LEU I 1338 117.48 10.99 6.08
CA LEU I 1338 116.90 11.60 4.85
C LEU I 1338 115.41 11.28 4.79
N LYS I 1339 114.97 10.23 5.47
CA LYS I 1339 113.55 9.85 5.59
C LYS I 1339 112.99 10.21 6.99
N LEU I 1340 113.58 11.17 7.70
CA LEU I 1340 113.10 11.61 9.04
C LEU I 1340 111.91 12.53 8.86
N VAL I 1341 110.84 12.28 9.60
CA VAL I 1341 109.64 13.16 9.68
C VAL I 1341 109.60 13.78 11.08
N HIS I 1342 109.57 15.12 11.16
CA HIS I 1342 109.09 15.89 12.34
C HIS I 1342 107.58 15.70 12.38
N LEU I 1343 107.06 14.99 13.38
CA LEU I 1343 105.60 14.70 13.47
C LEU I 1343 104.87 15.85 14.14
N SER I 1344 105.42 16.35 15.24
CA SER I 1344 104.71 17.25 16.18
C SER I 1344 105.74 17.98 17.00
N ASN I 1345 105.54 19.29 17.22
CA ASN I 1345 106.34 20.13 18.13
C ASN I 1345 105.41 20.85 19.10
N GLY I 1346 105.85 21.05 20.33
CA GLY I 1346 105.05 21.74 21.37
C GLY I 1346 105.89 22.59 22.29
N TYR I 1347 105.31 23.68 22.80
CA TYR I 1347 105.88 24.52 23.88
C TYR I 1347 104.90 24.59 25.04
N LYS I 1348 105.43 24.69 26.26
CA LYS I 1348 104.67 24.66 27.52
C LYS I 1348 105.51 25.48 28.49
N MET I 1349 105.02 26.68 28.83
CA MET I 1349 105.63 27.60 29.82
C MET I 1349 105.42 26.98 31.20
N ILE I 1350 106.45 26.92 32.05
CA ILE I 1350 106.29 26.32 33.41
C ILE I 1350 105.60 27.40 34.24
N PRO I 1351 104.53 27.06 35.01
CA PRO I 1351 103.63 28.08 35.56
C PRO I 1351 104.33 29.10 36.46
N GLY I 1352 103.94 30.38 36.31
CA GLY I 1352 104.56 31.52 37.00
C GLY I 1352 105.64 32.20 36.16
N ALA I 1353 106.50 31.42 35.49
CA ALA I 1353 107.69 31.90 34.74
C ALA I 1353 107.31 32.94 33.69
N LYS I 1354 107.98 34.09 33.75
CA LYS I 1354 107.84 35.20 32.77
C LYS I 1354 108.50 34.76 31.46
N PRO I 1355 108.03 35.25 30.30
CA PRO I 1355 108.58 34.85 29.02
C PRO I 1355 109.99 35.41 28.76
N LEU I 1356 110.69 34.87 27.78
CA LEU I 1356 112.13 35.15 27.49
C LEU I 1356 112.30 36.62 27.09
N GLN I 1357 113.13 37.36 27.83
CA GLN I 1357 113.54 38.76 27.54
C GLN I 1357 114.75 38.75 26.60
N VAL I 1358 115.48 39.87 26.49
CA VAL I 1358 116.51 40.12 25.44
C VAL I 1358 117.92 40.18 26.04
N GLY I 1359 118.07 40.26 27.36
CA GLY I 1359 119.40 40.21 28.01
C GLY I 1359 119.71 38.83 28.53
N ASP I 1360 118.71 37.94 28.55
CA ASP I 1360 118.71 36.67 29.33
C ASP I 1360 119.79 35.72 28.79
N VAL I 1361 120.43 34.97 29.70
CA VAL I 1361 121.34 33.84 29.38
C VAL I 1361 120.60 32.54 29.70
N VAL I 1362 120.38 31.69 28.68
CA VAL I 1362 119.38 30.58 28.73
C VAL I 1362 120.11 29.25 28.52
N SER I 1363 120.29 28.48 29.60
CA SER I 1363 120.77 27.07 29.57
C SER I 1363 119.70 26.19 28.92
N THR I 1364 120.12 25.21 28.14
CA THR I 1364 119.27 24.13 27.56
C THR I 1364 119.81 22.78 28.06
N THR I 1365 118.90 21.81 28.08
CA THR I 1365 119.11 20.42 28.54
C THR I 1365 117.94 19.64 27.94
N ALA I 1366 118.23 18.62 27.13
CA ALA I 1366 117.19 17.82 26.45
C ALA I 1366 117.36 16.36 26.82
N VAL I 1367 116.24 15.67 26.85
CA VAL I 1367 116.11 14.30 27.42
C VAL I 1367 115.18 13.56 26.46
N ILE I 1368 115.63 12.41 26.03
CA ILE I 1368 114.83 11.49 25.21
C ILE I 1368 113.84 10.81 26.16
N GLU I 1369 112.57 10.86 25.82
CA GLU I 1369 111.41 10.56 26.70
C GLU I 1369 110.93 9.15 26.35
N SER I 1370 110.56 8.94 25.09
CA SER I 1370 110.24 7.64 24.46
C SER I 1370 111.15 7.41 23.25
N VAL I 1371 111.69 6.20 23.11
CA VAL I 1371 112.07 5.57 21.82
C VAL I 1371 111.26 4.28 21.72
N VAL I 1372 110.37 4.16 20.75
CA VAL I 1372 109.41 3.03 20.70
C VAL I 1372 109.32 2.61 19.23
N ASN I 1373 109.60 1.33 18.93
CA ASN I 1373 109.44 0.75 17.57
C ASN I 1373 107.96 0.50 17.35
N GLN I 1374 107.42 1.02 16.26
CA GLN I 1374 106.05 0.74 15.79
C GLN I 1374 106.17 -0.09 14.52
N PRO I 1375 105.09 -0.73 14.03
CA PRO I 1375 105.15 -1.42 12.75
C PRO I 1375 105.85 -0.57 11.69
N THR I 1376 105.27 0.61 11.44
CA THR I 1376 105.57 1.50 10.29
C THR I 1376 106.95 2.17 10.46
N GLY I 1377 107.48 2.27 11.70
CA GLY I 1377 108.79 2.91 11.98
C GLY I 1377 109.09 3.10 13.46
N LYS I 1378 110.10 3.92 13.78
CA LYS I 1378 110.60 4.22 15.14
C LYS I 1378 110.27 5.68 15.51
N ILE I 1379 109.58 5.90 16.65
CA ILE I 1379 109.13 7.25 17.08
C ILE I 1379 109.97 7.68 18.28
N VAL I 1380 110.82 8.70 18.08
CA VAL I 1380 111.62 9.36 19.14
C VAL I 1380 110.89 10.61 19.63
N ASP I 1381 110.76 10.75 20.95
CA ASP I 1381 110.03 11.83 21.67
C ASP I 1381 111.03 12.54 22.59
N VAL I 1382 111.32 13.81 22.33
CA VAL I 1382 112.38 14.55 23.08
C VAL I 1382 111.72 15.66 23.87
N VAL I 1383 112.29 15.96 25.04
CA VAL I 1383 111.79 17.02 25.98
C VAL I 1383 112.96 17.94 26.32
N GLY I 1384 113.00 19.09 25.66
CA GLY I 1384 113.97 20.15 25.93
C GLY I 1384 113.48 21.03 27.05
N THR I 1385 114.37 21.44 27.95
CA THR I 1385 114.07 22.29 29.12
C THR I 1385 114.97 23.52 29.06
N LEU I 1386 114.38 24.66 28.72
CA LEU I 1386 115.05 25.98 28.80
C LEU I 1386 115.06 26.44 30.26
N SER I 1387 116.20 26.96 30.73
CA SER I 1387 116.39 27.51 32.09
C SER I 1387 117.05 28.89 32.05
N ARG I 1388 116.61 29.80 32.91
CA ARG I 1388 117.09 31.20 33.10
C ARG I 1388 117.40 31.40 34.59
N ASN I 1389 118.64 31.77 34.95
CA ASN I 1389 119.06 31.97 36.37
C ASN I 1389 118.66 30.75 37.22
N GLY I 1390 119.03 29.54 36.78
CA GLY I 1390 118.90 28.31 37.59
C GLY I 1390 117.53 27.65 37.54
N LYS I 1391 116.47 28.37 37.13
CA LYS I 1391 115.06 27.88 37.16
C LYS I 1391 114.59 27.45 35.77
N PRO I 1392 113.77 26.38 35.64
CA PRO I 1392 113.05 26.12 34.40
C PRO I 1392 112.18 27.32 33.97
N VAL I 1393 112.16 27.62 32.67
CA VAL I 1393 111.29 28.62 32.03
C VAL I 1393 110.23 27.89 31.22
N MET I 1394 110.64 27.08 30.23
CA MET I 1394 109.66 26.28 29.45
C MET I 1394 110.25 24.96 28.98
N GLU I 1395 109.36 24.03 28.65
CA GLU I 1395 109.60 22.71 28.05
C GLU I 1395 109.24 22.76 26.56
N VAL I 1396 110.19 22.41 25.71
CA VAL I 1396 110.00 22.12 24.26
C VAL I 1396 109.86 20.60 24.11
N THR I 1397 108.81 20.14 23.42
CA THR I 1397 108.53 18.71 23.13
C THR I 1397 108.45 18.51 21.61
N SER I 1398 109.34 17.68 21.07
CA SER I 1398 109.43 17.33 19.63
C SER I 1398 109.26 15.82 19.49
N SER I 1399 108.41 15.35 18.58
CA SER I 1399 108.32 13.92 18.21
C SER I 1399 108.82 13.74 16.76
N PHE I 1400 109.89 12.98 16.62
CA PHE I 1400 110.49 12.58 15.32
C PHE I 1400 110.13 11.14 14.98
N PHE I 1401 110.02 10.85 13.70
CA PHE I 1401 109.67 9.50 13.15
C PHE I 1401 110.71 9.08 12.11
N TYR I 1402 111.44 8.00 12.36
CA TYR I 1402 112.26 7.29 11.34
C TYR I 1402 111.43 6.22 10.65
N ARG I 1403 111.01 6.40 9.38
CA ARG I 1403 110.28 5.36 8.60
C ARG I 1403 111.20 4.17 8.39
N GLY I 1404 110.74 2.96 8.72
CA GLY I 1404 111.47 1.73 8.44
C GLY I 1404 110.92 0.55 9.19
N ASN I 1405 111.71 -0.53 9.24
CA ASN I 1405 111.39 -1.77 9.98
C ASN I 1405 112.51 -1.99 10.98
N TYR I 1406 112.24 -1.69 12.26
CA TYR I 1406 113.20 -1.81 13.38
C TYR I 1406 112.71 -2.96 14.26
N THR I 1407 113.64 -3.80 14.71
CA THR I 1407 113.42 -4.94 15.65
C THR I 1407 114.52 -4.82 16.71
N ASP I 1408 114.67 -3.61 17.23
CA ASP I 1408 115.86 -3.09 17.96
C ASP I 1408 115.41 -2.94 19.42
N PHE I 1409 114.62 -3.89 19.93
CA PHE I 1409 113.81 -3.73 21.16
C PHE I 1409 114.73 -3.58 22.41
N GLU I 1410 115.97 -4.05 22.32
CA GLU I 1410 117.04 -3.83 23.34
C GLU I 1410 117.25 -2.33 23.63
N ASN I 1411 117.10 -1.47 22.62
CA ASN I 1411 117.48 -0.03 22.62
C ASN I 1411 116.20 0.81 22.50
N THR I 1412 115.14 0.37 23.15
CA THR I 1412 113.79 0.93 23.04
C THR I 1412 113.26 1.03 24.47
N PHE I 1413 112.70 2.18 24.83
CA PHE I 1413 112.30 2.52 26.21
C PHE I 1413 111.40 3.75 26.23
N GLN I 1414 110.90 4.07 27.41
CA GLN I 1414 109.87 5.09 27.66
C GLN I 1414 110.08 5.50 29.11
N LYS I 1415 110.31 6.79 29.36
CA LYS I 1415 110.85 7.30 30.65
C LYS I 1415 110.13 8.62 30.92
N THR I 1416 108.80 8.55 31.00
CA THR I 1416 107.88 9.71 31.20
C THR I 1416 107.90 10.16 32.67
N VAL I 1417 107.48 11.41 32.88
CA VAL I 1417 107.11 12.03 34.19
C VAL I 1417 105.61 12.27 34.12
N GLU I 1418 104.82 11.49 34.88
CA GLU I 1418 103.35 11.44 34.75
C GLU I 1418 102.78 12.72 35.34
N PRO I 1419 101.52 13.11 35.01
CA PRO I 1419 100.93 14.31 35.57
C PRO I 1419 100.56 14.06 37.03
N VAL I 1420 100.73 15.05 37.91
CA VAL I 1420 100.39 14.92 39.35
C VAL I 1420 98.90 14.60 39.47
N TYR I 1421 98.58 13.59 40.27
CA TYR I 1421 97.23 13.06 40.52
C TYR I 1421 96.93 13.20 42.01
N GLN I 1422 95.75 13.70 42.37
CA GLN I 1422 95.35 13.85 43.78
C GLN I 1422 94.12 12.97 44.05
N MET I 1423 94.06 12.43 45.28
CA MET I 1423 92.91 11.69 45.85
C MET I 1423 92.48 12.39 47.13
N HIS I 1424 91.20 12.72 47.23
CA HIS I 1424 90.52 13.05 48.51
C HIS I 1424 90.06 11.73 49.10
N ILE I 1425 90.69 11.25 50.17
CA ILE I 1425 90.22 10.03 50.90
C ILE I 1425 89.06 10.45 51.81
N LYS I 1426 87.81 10.20 51.39
CA LYS I 1426 86.56 10.60 52.11
C LYS I 1426 86.09 9.46 53.01
N THR I 1427 86.03 8.23 52.49
CA THR I 1427 85.38 7.06 53.13
C THR I 1427 86.45 6.18 53.79
N SER I 1428 86.07 4.98 54.25
CA SER I 1428 86.98 3.96 54.83
C SER I 1428 87.21 2.82 53.84
N LYS I 1429 86.40 2.68 52.79
CA LYS I 1429 86.63 1.70 51.70
C LYS I 1429 87.38 2.39 50.54
N ASP I 1430 87.88 3.61 50.74
CA ASP I 1430 88.94 4.25 49.91
C ASP I 1430 90.30 3.96 50.55
N ILE I 1431 90.41 4.14 51.88
CA ILE I 1431 91.68 3.87 52.64
C ILE I 1431 91.97 2.36 52.59
N ALA I 1432 90.96 1.50 52.59
CA ALA I 1432 91.14 0.03 52.64
C ALA I 1432 91.69 -0.47 51.30
N VAL I 1433 91.34 0.21 50.20
CA VAL I 1433 91.83 -0.07 48.82
C VAL I 1433 93.32 0.26 48.75
N LEU I 1434 93.69 1.50 49.09
CA LEU I 1434 95.10 1.97 49.06
C LEU I 1434 95.99 1.05 49.89
N ARG I 1435 95.52 0.55 51.02
CA ARG I 1435 96.29 -0.38 51.90
C ARG I 1435 96.45 -1.77 51.25
N SER I 1436 95.62 -2.10 50.26
CA SER I 1436 95.68 -3.40 49.54
C SER I 1436 96.89 -3.40 48.62
N LYS I 1437 97.25 -2.24 48.09
CA LYS I 1437 98.25 -2.03 47.01
C LYS I 1437 99.67 -2.12 47.59
N GLU I 1438 100.43 -3.11 47.12
CA GLU I 1438 101.85 -3.33 47.50
C GLU I 1438 102.63 -2.04 47.30
N TRP I 1439 102.29 -1.31 46.24
CA TRP I 1439 103.07 -0.16 45.74
C TRP I 1439 102.87 1.12 46.55
N PHE I 1440 101.98 1.13 47.55
CA PHE I 1440 101.69 2.31 48.42
C PHE I 1440 102.42 2.11 49.76
N GLN I 1441 103.75 2.34 49.78
CA GLN I 1441 104.58 2.34 51.01
C GLN I 1441 104.32 3.64 51.78
N LEU I 1442 103.97 3.57 53.06
CA LEU I 1442 103.96 4.74 53.98
C LEU I 1442 105.16 4.64 54.95
N ASP I 1443 105.71 5.78 55.34
CA ASP I 1443 106.85 5.90 56.29
C ASP I 1443 106.37 5.47 57.68
N ASP I 1444 105.19 5.95 58.08
CA ASP I 1444 104.47 5.65 59.34
C ASP I 1444 103.21 4.87 58.98
N GLU I 1445 103.21 3.53 59.15
CA GLU I 1445 102.13 2.61 58.68
C GLU I 1445 100.78 2.97 59.33
N ASP I 1446 100.79 3.43 60.59
CA ASP I 1446 99.60 3.82 61.41
C ASP I 1446 98.98 5.15 60.96
N PHE I 1447 99.65 5.93 60.11
CA PHE I 1447 99.24 7.29 59.65
C PHE I 1447 97.76 7.32 59.24
N ASP I 1448 97.02 8.33 59.72
CA ASP I 1448 95.55 8.48 59.50
C ASP I 1448 95.30 9.22 58.17
N LEU I 1449 94.65 8.55 57.20
CA LEU I 1449 94.42 9.09 55.83
C LEU I 1449 93.03 9.73 55.70
N LEU I 1450 92.16 9.62 56.71
CA LEU I 1450 90.73 9.97 56.55
C LEU I 1450 90.57 11.49 56.46
N ASN I 1451 89.85 11.96 55.44
CA ASN I 1451 89.60 13.40 55.11
C ASN I 1451 90.92 14.10 54.77
N LYS I 1452 91.95 13.37 54.33
CA LYS I 1452 93.22 13.94 53.83
C LYS I 1452 93.16 14.00 52.30
N THR I 1453 93.95 14.91 51.71
CA THR I 1453 94.13 15.06 50.25
C THR I 1453 95.55 14.62 49.91
N LEU I 1454 95.72 13.39 49.39
CA LEU I 1454 97.02 12.85 48.93
C LEU I 1454 97.26 13.28 47.47
N THR I 1455 98.47 13.74 47.14
CA THR I 1455 98.96 14.00 45.75
C THR I 1455 100.10 13.02 45.46
N PHE I 1456 100.06 12.35 44.29
CA PHE I 1456 101.05 11.32 43.86
C PHE I 1456 101.89 11.90 42.73
N GLU I 1457 103.14 12.28 43.03
CA GLU I 1457 104.11 12.81 42.04
C GLU I 1457 104.97 11.64 41.56
N THR I 1458 104.63 11.08 40.40
CA THR I 1458 105.01 9.72 39.93
C THR I 1458 105.74 9.81 38.58
N GLU I 1459 106.82 9.05 38.38
CA GLU I 1459 107.47 8.86 37.04
C GLU I 1459 107.65 7.36 36.77
N THR I 1460 107.51 6.96 35.49
CA THR I 1460 107.42 5.55 35.04
C THR I 1460 108.43 5.28 33.91
N GLU I 1461 109.60 4.74 34.28
CA GLU I 1461 110.53 3.96 33.40
C GLU I 1461 109.84 2.67 32.92
N VAL I 1462 109.95 2.38 31.63
CA VAL I 1462 109.40 1.16 30.96
C VAL I 1462 110.38 0.76 29.86
N THR I 1463 110.90 -0.46 29.92
CA THR I 1463 111.68 -1.14 28.85
C THR I 1463 110.75 -2.10 28.10
N PHE I 1464 111.05 -2.39 26.84
CA PHE I 1464 110.24 -3.28 25.97
C PHE I 1464 111.00 -4.58 25.67
N LYS I 1465 110.27 -5.67 25.40
CA LYS I 1465 110.77 -6.94 24.82
C LYS I 1465 110.09 -7.23 23.46
N ASN I 1466 109.02 -6.50 23.12
CA ASN I 1466 108.13 -6.75 21.96
C ASN I 1466 107.37 -5.47 21.64
N ALA I 1467 106.59 -5.47 20.56
CA ALA I 1467 105.73 -4.34 20.12
C ALA I 1467 104.77 -3.90 21.25
N ASN I 1468 104.19 -4.87 21.98
CA ASN I 1468 103.05 -4.67 22.92
C ASN I 1468 103.44 -5.02 24.37
N ILE I 1469 104.17 -6.13 24.61
CA ILE I 1469 104.52 -6.62 25.96
C ILE I 1469 105.75 -5.84 26.47
N PHE I 1470 105.75 -5.39 27.73
CA PHE I 1470 106.86 -4.63 28.36
C PHE I 1470 107.80 -5.60 29.07
N SER I 1471 109.10 -5.42 28.90
CA SER I 1471 110.18 -6.24 29.48
C SER I 1471 110.21 -6.00 31.00
N SER I 1472 109.93 -4.77 31.40
CA SER I 1472 110.05 -4.28 32.79
C SER I 1472 109.26 -2.97 32.92
N VAL I 1473 108.41 -2.86 33.96
CA VAL I 1473 107.66 -1.62 34.31
C VAL I 1473 108.13 -1.16 35.68
N LYS I 1474 108.19 0.15 35.85
CA LYS I 1474 108.75 0.79 37.07
C LYS I 1474 108.03 2.13 37.24
N CYS I 1475 107.27 2.27 38.31
CA CYS I 1475 106.56 3.50 38.73
C CYS I 1475 107.09 3.85 40.11
N PHE I 1476 107.38 5.10 40.36
CA PHE I 1476 108.00 5.53 41.63
C PHE I 1476 107.94 7.05 41.74
N GLY I 1477 107.92 7.55 42.99
CA GLY I 1477 107.72 8.97 43.28
C GLY I 1477 107.21 9.19 44.68
N PRO I 1478 107.31 10.42 45.22
CA PRO I 1478 106.75 10.72 46.54
C PRO I 1478 105.22 10.77 46.56
N ILE I 1479 104.63 10.29 47.67
CA ILE I 1479 103.21 10.53 48.06
C ILE I 1479 103.22 11.66 49.08
N LYS I 1480 102.47 12.72 48.82
CA LYS I 1480 102.42 13.93 49.67
C LYS I 1480 101.01 14.11 50.22
N VAL I 1481 100.89 14.63 51.43
CA VAL I 1481 99.60 14.99 52.09
C VAL I 1481 99.56 16.51 52.24
N GLU I 1482 98.42 17.13 51.95
CA GLU I 1482 98.18 18.58 52.20
C GLU I 1482 97.89 18.73 53.69
N LEU I 1483 98.68 19.54 54.39
CA LEU I 1483 98.53 19.80 55.85
C LEU I 1483 97.44 20.85 56.10
N PRO I 1484 96.98 21.04 57.35
CA PRO I 1484 96.02 22.11 57.67
C PRO I 1484 96.41 23.48 57.08
N THR I 1485 97.72 23.77 57.00
CA THR I 1485 98.32 25.06 56.58
C THR I 1485 98.43 25.14 55.04
N LYS I 1486 98.22 24.01 54.34
CA LYS I 1486 98.36 23.87 52.86
C LYS I 1486 99.83 23.82 52.41
N GLU I 1487 100.78 23.54 53.29
CA GLU I 1487 102.13 23.07 52.90
C GLU I 1487 101.97 21.56 52.67
N THR I 1488 102.73 20.98 51.74
CA THR I 1488 102.78 19.51 51.48
C THR I 1488 103.92 18.89 52.30
N VAL I 1489 103.80 17.60 52.65
CA VAL I 1489 104.86 16.78 53.30
C VAL I 1489 104.87 15.38 52.66
N GLU I 1490 106.07 14.85 52.39
CA GLU I 1490 106.26 13.44 51.99
C GLU I 1490 105.88 12.55 53.18
N ILE I 1491 104.95 11.61 52.96
CA ILE I 1491 104.56 10.58 53.96
C ILE I 1491 104.55 9.19 53.32
N GLY I 1492 105.12 9.03 52.13
CA GLY I 1492 105.05 7.75 51.40
C GLY I 1492 105.84 7.77 50.11
N ILE I 1493 106.02 6.59 49.53
CA ILE I 1493 106.71 6.40 48.23
C ILE I 1493 105.89 5.36 47.45
N VAL I 1494 105.74 5.58 46.14
CA VAL I 1494 105.30 4.55 45.18
C VAL I 1494 106.55 3.74 44.81
N ASP I 1495 106.47 2.41 44.85
CA ASP I 1495 107.59 1.51 44.47
C ASP I 1495 107.00 0.28 43.81
N TYR I 1496 106.47 0.44 42.60
CA TYR I 1496 105.98 -0.67 41.76
C TYR I 1496 107.08 -1.07 40.78
N GLU I 1497 107.37 -2.37 40.72
CA GLU I 1497 108.35 -3.04 39.82
C GLU I 1497 107.67 -4.27 39.25
N ALA I 1498 107.91 -4.58 37.98
CA ALA I 1498 107.33 -5.74 37.28
C ALA I 1498 108.30 -6.29 36.23
N GLY I 1499 108.13 -7.55 35.85
CA GLY I 1499 108.72 -8.13 34.64
C GLY I 1499 107.75 -7.99 33.48
N ALA I 1500 107.51 -9.08 32.75
CA ALA I 1500 106.77 -9.08 31.46
C ALA I 1500 105.31 -8.72 31.70
N SER I 1501 104.96 -7.44 31.54
CA SER I 1501 103.63 -6.85 31.85
C SER I 1501 103.01 -6.25 30.59
N HIS I 1502 101.72 -5.99 30.58
CA HIS I 1502 101.01 -5.30 29.46
C HIS I 1502 100.59 -3.89 29.87
N GLY I 1503 101.00 -3.40 31.06
CA GLY I 1503 100.45 -2.15 31.63
C GLY I 1503 101.17 -1.66 32.88
N ASN I 1504 100.99 -0.37 33.17
CA ASN I 1504 101.34 0.28 34.46
C ASN I 1504 100.05 0.37 35.26
N PRO I 1505 99.85 -0.50 36.27
CA PRO I 1505 98.63 -0.47 37.06
C PRO I 1505 98.54 0.81 37.92
N VAL I 1506 99.66 1.32 38.45
CA VAL I 1506 99.67 2.51 39.35
C VAL I 1506 98.93 3.69 38.70
N VAL I 1507 99.29 4.03 37.47
CA VAL I 1507 98.70 5.18 36.74
C VAL I 1507 97.24 4.85 36.36
N ASP I 1508 96.95 3.60 35.99
CA ASP I 1508 95.57 3.15 35.66
C ASP I 1508 94.68 3.35 36.89
N PHE I 1509 95.21 3.09 38.10
CA PHE I 1509 94.50 3.27 39.39
C PHE I 1509 94.17 4.75 39.58
N LEU I 1510 95.21 5.57 39.61
CA LEU I 1510 95.14 7.02 39.94
C LEU I 1510 94.24 7.75 38.92
N LYS I 1511 94.17 7.30 37.67
CA LYS I 1511 93.31 7.92 36.63
C LYS I 1511 91.84 7.82 37.04
N ARG I 1512 91.40 6.61 37.38
CA ARG I 1512 90.00 6.30 37.79
C ARG I 1512 89.74 6.89 39.18
N ASN I 1513 90.47 6.46 40.20
CA ASN I 1513 90.15 6.72 41.63
C ASN I 1513 90.63 8.09 42.09
N GLY I 1514 91.47 8.78 41.29
CA GLY I 1514 91.94 10.14 41.56
C GLY I 1514 91.50 11.12 40.49
N SER I 1515 92.17 12.26 40.42
CA SER I 1515 91.93 13.34 39.42
C SER I 1515 93.24 14.10 39.21
N THR I 1516 93.34 14.86 38.11
CA THR I 1516 94.46 15.80 37.87
C THR I 1516 94.13 17.12 38.59
N LEU I 1517 95.12 18.00 38.76
CA LEU I 1517 94.97 19.29 39.47
C LEU I 1517 94.12 20.26 38.64
N GLU I 1518 94.23 20.18 37.30
CA GLU I 1518 93.46 21.01 36.34
C GLU I 1518 92.48 20.09 35.59
N GLN I 1519 91.33 20.63 35.17
CA GLN I 1519 90.29 19.89 34.41
C GLN I 1519 89.80 20.76 33.27
N LYS I 1520 89.98 20.33 32.03
CA LYS I 1520 89.45 21.12 30.89
C LYS I 1520 87.93 20.94 30.90
N VAL I 1521 87.19 21.99 30.58
CA VAL I 1521 85.72 21.92 30.43
C VAL I 1521 85.38 22.59 29.12
N ASN I 1522 84.70 21.86 28.23
CA ASN I 1522 84.36 22.36 26.88
C ASN I 1522 83.21 23.34 27.00
N LEU I 1523 83.31 24.46 26.30
CA LEU I 1523 82.16 25.34 25.99
C LEU I 1523 81.05 24.48 25.40
N GLU I 1524 79.80 24.91 25.55
CA GLU I 1524 78.61 24.25 24.93
C GLU I 1524 78.82 24.20 23.41
N ASN I 1525 79.11 25.36 22.81
CA ASN I 1525 79.34 25.53 21.35
C ASN I 1525 80.73 26.10 21.12
N PRO I 1526 81.58 25.46 20.28
CA PRO I 1526 82.82 26.08 19.83
C PRO I 1526 82.52 27.43 19.18
N ILE I 1527 83.32 28.44 19.50
CA ILE I 1527 83.20 29.82 18.94
C ILE I 1527 84.25 29.97 17.87
N PRO I 1528 83.87 30.21 16.59
CA PRO I 1528 84.82 30.67 15.57
C PRO I 1528 85.44 32.03 15.90
N ILE I 1529 86.77 32.08 16.08
CA ILE I 1529 87.57 33.32 16.36
C ILE I 1529 87.87 34.04 15.05
N ALA I 1530 88.37 33.31 14.05
CA ALA I 1530 88.77 33.85 12.73
C ALA I 1530 88.99 32.74 11.71
N VAL I 1531 89.11 33.10 10.43
CA VAL I 1531 89.62 32.23 9.33
C VAL I 1531 90.64 33.04 8.52
N LEU I 1532 91.93 32.78 8.72
CA LEU I 1532 93.03 33.68 8.30
C LEU I 1532 93.89 33.00 7.24
N ASP I 1533 94.54 33.82 6.41
CA ASP I 1533 95.39 33.37 5.27
C ASP I 1533 96.82 33.83 5.53
N SER I 1534 97.66 32.93 6.07
CA SER I 1534 99.14 33.02 6.00
C SER I 1534 99.57 32.51 4.62
N TYR I 1535 100.80 32.84 4.21
CA TYR I 1535 101.47 32.42 2.95
C TYR I 1535 102.90 31.99 3.25
N THR I 1536 103.28 30.79 2.81
CA THR I 1536 104.66 30.28 2.94
C THR I 1536 105.55 31.05 1.98
N PRO I 1537 106.80 31.38 2.36
CA PRO I 1537 107.64 32.26 1.54
C PRO I 1537 108.17 31.49 0.32
N SER I 1538 108.72 32.20 -0.66
CA SER I 1538 109.19 31.64 -1.96
C SER I 1538 110.37 30.68 -1.74
N THR I 1539 111.19 30.99 -0.74
CA THR I 1539 112.41 30.23 -0.39
C THR I 1539 112.41 29.94 1.12
N ASN I 1540 113.05 28.84 1.50
CA ASN I 1540 113.21 28.44 2.91
C ASN I 1540 114.65 28.74 3.35
N GLU I 1541 115.36 29.66 2.70
CA GLU I 1541 116.73 30.07 3.15
C GLU I 1541 116.68 30.98 4.37
N PRO I 1542 115.82 32.02 4.46
CA PRO I 1542 115.86 32.94 5.61
C PRO I 1542 115.43 32.29 6.94
N TYR I 1543 114.42 31.41 6.93
CA TYR I 1543 114.02 30.67 8.16
C TYR I 1543 115.17 29.79 8.63
N ALA I 1544 115.85 29.16 7.68
CA ALA I 1544 116.99 28.24 7.93
C ALA I 1544 118.17 29.03 8.52
N ARG I 1545 118.33 30.32 8.18
CA ARG I 1545 119.49 31.14 8.63
C ARG I 1545 119.39 31.40 10.14
N VAL I 1546 118.20 31.78 10.61
CA VAL I 1546 117.93 32.17 12.04
C VAL I 1546 117.80 30.91 12.91
N SER I 1547 117.11 29.86 12.41
CA SER I 1547 116.82 28.61 13.15
C SER I 1547 118.07 27.76 13.35
N GLY I 1548 118.90 27.61 12.30
CA GLY I 1548 119.99 26.63 12.26
C GLY I 1548 119.50 25.24 11.83
N ASP I 1549 118.27 25.14 11.32
CA ASP I 1549 117.70 23.96 10.59
C ASP I 1549 118.14 24.08 9.12
N LEU I 1550 119.42 23.79 8.88
CA LEU I 1550 120.04 23.79 7.53
C LEU I 1550 119.71 22.49 6.77
N ASN I 1551 118.78 21.66 7.25
CA ASN I 1551 118.32 20.40 6.59
C ASN I 1551 118.23 20.67 5.09
N PRO I 1552 119.11 20.02 4.28
CA PRO I 1552 119.12 20.16 2.82
C PRO I 1552 117.81 19.91 2.05
N ILE I 1553 116.89 19.13 2.62
CA ILE I 1553 115.60 18.83 1.94
C ILE I 1553 114.73 20.07 1.84
N HIS I 1554 115.12 21.19 2.47
CA HIS I 1554 114.30 22.44 2.49
C HIS I 1554 114.84 23.47 1.50
N VAL I 1555 116.10 23.35 1.10
CA VAL I 1555 116.79 24.40 0.29
C VAL I 1555 117.32 23.85 -1.04
N SER I 1556 117.73 22.59 -1.12
CA SER I 1556 118.44 21.95 -2.26
C SER I 1556 117.46 21.04 -3.04
N ARG I 1557 117.19 21.36 -4.30
CA ARG I 1557 116.29 20.58 -5.20
C ARG I 1557 116.76 19.13 -5.29
N HIS I 1558 118.08 18.86 -5.25
CA HIS I 1558 118.61 17.50 -5.49
C HIS I 1558 118.35 16.59 -4.29
N PHE I 1559 118.65 17.04 -3.07
CA PHE I 1559 118.36 16.28 -1.83
C PHE I 1559 116.86 16.04 -1.67
N ALA I 1560 116.03 17.01 -1.99
CA ALA I 1560 114.57 16.87 -1.93
C ALA I 1560 114.15 15.70 -2.84
N SER I 1561 114.70 15.68 -4.06
CA SER I 1561 114.43 14.67 -5.11
C SER I 1561 114.94 13.29 -4.65
N TYR I 1562 116.05 13.24 -3.92
CA TYR I 1562 116.64 12.00 -3.38
C TYR I 1562 115.84 11.45 -2.19
N ALA I 1563 114.98 12.25 -1.57
CA ALA I 1563 114.12 11.85 -0.43
C ALA I 1563 112.68 11.61 -0.91
N ASN I 1564 112.46 11.64 -2.23
CA ASN I 1564 111.14 11.36 -2.86
C ASN I 1564 110.11 12.42 -2.44
N LEU I 1565 110.53 13.63 -2.07
CA LEU I 1565 109.60 14.70 -1.62
C LEU I 1565 109.08 15.44 -2.85
N PRO I 1566 107.91 16.10 -2.76
CA PRO I 1566 107.36 16.81 -3.92
C PRO I 1566 108.04 18.13 -4.33
N GLY I 1567 109.18 18.48 -3.74
CA GLY I 1567 109.84 19.79 -3.94
C GLY I 1567 110.63 20.15 -2.71
N THR I 1568 111.40 21.25 -2.74
CA THR I 1568 112.05 21.78 -1.51
C THR I 1568 110.94 22.27 -0.59
N ILE I 1569 110.52 21.43 0.36
CA ILE I 1569 109.36 21.67 1.26
C ILE I 1569 109.69 22.75 2.27
N THR I 1570 108.69 23.56 2.63
CA THR I 1570 108.71 24.53 3.75
C THR I 1570 109.01 23.77 5.03
N HIS I 1571 109.93 24.26 5.87
CA HIS I 1571 110.18 23.74 7.24
C HIS I 1571 108.85 23.70 7.98
N GLY I 1572 108.55 22.63 8.69
CA GLY I 1572 107.33 22.54 9.54
C GLY I 1572 107.37 23.64 10.59
N MET I 1573 108.52 23.82 11.26
CA MET I 1573 108.70 24.86 12.30
C MET I 1573 108.35 26.25 11.76
N PHE I 1574 108.61 26.55 10.49
CA PHE I 1574 108.19 27.84 9.89
C PHE I 1574 106.66 27.92 9.92
N SER I 1575 105.97 26.90 9.42
CA SER I 1575 104.48 26.84 9.44
C SER I 1575 103.95 27.00 10.90
N SER I 1576 104.53 26.28 11.86
CA SER I 1576 104.19 26.35 13.30
C SER I 1576 104.29 27.79 13.80
N ALA I 1577 105.44 28.43 13.64
CA ALA I 1577 105.70 29.80 14.12
C ALA I 1577 104.70 30.78 13.51
N SER I 1578 104.58 30.72 12.18
CA SER I 1578 103.64 31.52 11.35
C SER I 1578 102.27 31.50 11.99
N VAL I 1579 101.68 30.32 12.14
CA VAL I 1579 100.28 30.15 12.64
C VAL I 1579 100.21 30.62 14.11
N ARG I 1580 101.20 30.30 14.94
CA ARG I 1580 101.25 30.71 16.37
C ARG I 1580 101.22 32.24 16.47
N ALA I 1581 101.81 32.94 15.50
CA ALA I 1581 101.75 34.41 15.38
C ALA I 1581 100.31 34.88 15.12
N LEU I 1582 99.48 34.12 14.42
CA LEU I 1582 98.05 34.47 14.21
C LEU I 1582 97.22 34.21 15.49
N ILE I 1583 97.43 33.08 16.17
CA ILE I 1583 96.80 32.73 17.47
C ILE I 1583 97.06 33.86 18.45
N GLU I 1584 98.31 34.31 18.52
CA GLU I 1584 98.81 35.39 19.41
C GLU I 1584 98.15 36.73 19.07
N ASN I 1585 97.71 36.92 17.83
CA ASN I 1585 97.11 38.21 17.38
C ASN I 1585 95.59 38.14 17.60
N TRP I 1586 94.93 37.02 17.32
CA TRP I 1586 93.43 36.91 17.36
C TRP I 1586 92.86 36.34 18.67
N ALA I 1587 93.66 35.70 19.51
CA ALA I 1587 93.18 35.06 20.76
C ALA I 1587 93.88 35.64 22.00
N ALA I 1588 95.05 36.26 21.86
CA ALA I 1588 95.76 36.88 22.99
C ALA I 1588 95.73 38.40 22.84
N ASP I 1589 94.85 38.93 22.01
CA ASP I 1589 94.75 40.41 21.80
C ASP I 1589 96.17 40.98 21.63
N SER I 1590 97.01 40.31 20.83
CA SER I 1590 98.44 40.65 20.55
C SER I 1590 99.22 40.95 21.83
N VAL I 1591 99.14 40.10 22.85
CA VAL I 1591 99.98 40.15 24.08
C VAL I 1591 100.78 38.85 24.16
N SER I 1592 102.09 38.90 23.92
CA SER I 1592 102.97 37.70 23.92
C SER I 1592 102.66 36.84 25.15
N SER I 1593 102.78 37.41 26.35
CA SER I 1593 102.88 36.70 27.65
C SER I 1593 101.69 35.75 27.90
N ARG I 1594 100.52 36.08 27.35
CA ARG I 1594 99.28 35.30 27.56
C ARG I 1594 99.37 33.90 26.96
N VAL I 1595 100.08 33.71 25.85
CA VAL I 1595 100.09 32.38 25.17
C VAL I 1595 101.13 31.55 25.90
N ARG I 1596 100.67 30.43 26.41
CA ARG I 1596 101.11 29.84 27.70
C ARG I 1596 101.51 28.38 27.49
N GLY I 1597 100.81 27.69 26.60
CA GLY I 1597 101.30 26.52 25.86
C GLY I 1597 100.78 26.52 24.43
N TYR I 1598 101.49 25.81 23.55
CA TYR I 1598 101.18 25.72 22.10
C TYR I 1598 101.73 24.40 21.58
N THR I 1599 100.91 23.62 20.89
CA THR I 1599 101.28 22.25 20.43
C THR I 1599 100.78 22.06 19.01
N CYS I 1600 101.67 21.66 18.10
CA CYS I 1600 101.46 21.57 16.63
C CYS I 1600 101.60 20.12 16.15
N GLN I 1601 100.64 19.60 15.40
CA GLN I 1601 100.79 18.35 14.61
C GLN I 1601 101.08 18.73 13.15
N PHE I 1602 102.19 18.24 12.59
CA PHE I 1602 102.52 18.35 11.14
C PHE I 1602 101.92 17.15 10.41
N VAL I 1603 100.93 17.39 9.55
CA VAL I 1603 100.03 16.34 9.00
C VAL I 1603 100.53 16.01 7.59
N ASP I 1604 100.51 17.01 6.72
CA ASP I 1604 100.99 16.96 5.31
C ASP I 1604 102.05 18.05 5.11
N MET I 1605 102.86 17.93 4.07
CA MET I 1605 103.99 18.84 3.78
C MET I 1605 103.51 19.99 2.90
N VAL I 1606 104.18 21.12 2.98
CA VAL I 1606 103.77 22.40 2.34
C VAL I 1606 104.91 22.89 1.47
N LEU I 1607 104.58 23.28 0.24
CA LEU I 1607 105.56 23.76 -0.77
C LEU I 1607 105.59 25.28 -0.72
N PRO I 1608 106.74 25.90 -1.06
CA PRO I 1608 106.81 27.36 -1.15
C PRO I 1608 105.73 28.00 -2.02
N ASN I 1609 105.37 29.25 -1.69
CA ASN I 1609 104.33 30.06 -2.38
C ASN I 1609 102.98 29.34 -2.28
N THR I 1610 102.59 28.82 -1.12
CA THR I 1610 101.22 28.26 -0.89
C THR I 1610 100.39 29.26 -0.07
N ALA I 1611 99.07 29.14 -0.22
CA ALA I 1611 98.03 29.96 0.43
C ALA I 1611 97.33 29.10 1.47
N LEU I 1612 97.88 29.13 2.69
CA LEU I 1612 97.37 28.38 3.87
C LEU I 1612 96.17 29.13 4.45
N LYS I 1613 95.10 28.41 4.76
CA LYS I 1613 93.82 28.94 5.30
C LYS I 1613 93.54 28.27 6.65
N THR I 1614 93.95 28.91 7.76
CA THR I 1614 93.88 28.37 9.14
C THR I 1614 92.58 28.86 9.78
N SER I 1615 91.80 27.94 10.37
CA SER I 1615 90.55 28.23 11.10
C SER I 1615 90.81 28.00 12.58
N ILE I 1616 90.63 29.04 13.40
CA ILE I 1616 90.90 29.08 14.87
C ILE I 1616 89.57 29.04 15.61
N GLN I 1617 89.47 28.24 16.66
CA GLN I 1617 88.23 28.10 17.47
C GLN I 1617 88.57 28.10 18.95
N HIS I 1618 87.84 28.90 19.74
CA HIS I 1618 87.80 28.82 21.22
C HIS I 1618 86.87 27.69 21.52
N VAL I 1619 87.35 26.69 22.25
CA VAL I 1619 86.71 25.34 22.25
C VAL I 1619 86.40 24.88 23.68
N GLY I 1620 86.90 25.58 24.69
CA GLY I 1620 86.95 25.08 26.08
C GLY I 1620 87.72 25.98 26.99
N MET I 1621 87.82 25.65 28.27
CA MET I 1621 88.56 26.45 29.28
C MET I 1621 89.27 25.48 30.19
N ILE I 1622 90.39 25.86 30.78
CA ILE I 1622 91.08 25.05 31.82
C ILE I 1622 91.65 25.99 32.89
N ASN I 1623 90.92 26.16 34.01
CA ASN I 1623 91.37 26.93 35.19
C ASN I 1623 91.69 28.38 34.80
N GLY I 1624 90.87 28.97 33.95
CA GLY I 1624 90.97 30.40 33.59
C GLY I 1624 91.72 30.64 32.31
N ARG I 1625 92.31 29.60 31.72
CA ARG I 1625 93.07 29.67 30.46
C ARG I 1625 92.15 29.22 29.34
N LYS I 1626 92.10 29.97 28.24
CA LYS I 1626 91.29 29.61 27.04
C LYS I 1626 92.01 28.45 26.36
N LEU I 1627 91.23 27.57 25.74
CA LEU I 1627 91.66 26.30 25.14
C LEU I 1627 91.35 26.44 23.65
N ILE I 1628 92.33 26.89 22.89
CA ILE I 1628 92.19 27.27 21.46
C ILE I 1628 92.58 26.04 20.66
N LYS I 1629 91.89 25.78 19.57
CA LYS I 1629 92.15 24.60 18.71
C LYS I 1629 92.01 25.06 17.26
N PHE I 1630 93.06 24.88 16.45
CA PHE I 1630 93.10 25.34 15.03
C PHE I 1630 93.37 24.15 14.12
N GLU I 1631 93.03 24.34 12.85
CA GLU I 1631 93.54 23.51 11.72
C GLU I 1631 93.84 24.43 10.56
N THR I 1632 94.85 24.08 9.77
CA THR I 1632 95.30 24.82 8.57
C THR I 1632 95.18 23.92 7.33
N ARG I 1633 94.56 24.46 6.28
CA ARG I 1633 94.33 23.77 4.98
C ARG I 1633 95.03 24.56 3.87
N ASN I 1634 95.53 23.84 2.84
CA ASN I 1634 96.07 24.44 1.59
C ASN I 1634 94.91 24.69 0.60
N GLU I 1635 95.22 25.23 -0.58
CA GLU I 1635 94.25 25.57 -1.66
C GLU I 1635 93.44 24.33 -2.09
N ASP I 1636 94.07 23.15 -2.11
CA ASP I 1636 93.43 21.85 -2.49
C ASP I 1636 92.43 21.39 -1.41
N ASP I 1637 92.36 22.07 -0.25
CA ASP I 1637 91.47 21.78 0.90
C ASP I 1637 91.93 20.47 1.57
N VAL I 1638 93.21 20.42 1.97
CA VAL I 1638 93.86 19.28 2.66
C VAL I 1638 94.45 19.79 3.97
N VAL I 1639 94.16 19.14 5.09
CA VAL I 1639 94.72 19.53 6.42
C VAL I 1639 96.24 19.29 6.38
N VAL I 1640 97.00 20.29 6.82
CA VAL I 1640 98.49 20.41 6.77
C VAL I 1640 99.04 20.53 8.20
N LEU I 1641 98.45 21.43 8.99
CA LEU I 1641 98.68 21.63 10.44
C LEU I 1641 97.40 21.39 11.21
N THR I 1642 97.53 20.95 12.46
CA THR I 1642 96.49 21.00 13.52
C THR I 1642 97.22 21.30 14.81
N GLY I 1643 96.48 21.76 15.82
CA GLY I 1643 97.09 22.11 17.11
C GLY I 1643 96.13 22.72 18.08
N GLU I 1644 96.66 22.96 19.27
CA GLU I 1644 95.98 23.51 20.46
C GLU I 1644 96.80 24.71 20.95
N ALA I 1645 96.18 25.63 21.65
CA ALA I 1645 96.89 26.66 22.44
C ALA I 1645 96.15 26.90 23.76
N GLU I 1646 96.88 27.00 24.88
CA GLU I 1646 96.38 27.56 26.18
C GLU I 1646 96.73 29.04 26.20
N ILE I 1647 95.73 29.89 26.42
CA ILE I 1647 95.90 31.37 26.40
C ILE I 1647 95.24 31.95 27.65
N GLU I 1648 96.03 32.58 28.52
CA GLU I 1648 95.55 33.34 29.70
C GLU I 1648 94.44 34.30 29.24
N GLN I 1649 93.41 34.47 30.06
CA GLN I 1649 92.49 35.63 29.96
C GLN I 1649 93.28 36.88 30.39
N PRO I 1650 92.79 38.08 30.02
CA PRO I 1650 93.42 39.33 30.45
C PRO I 1650 93.42 39.45 31.97
N VAL I 1651 94.43 40.11 32.56
CA VAL I 1651 94.59 40.32 34.03
C VAL I 1651 93.25 40.83 34.59
N THR I 1652 92.68 40.10 35.55
CA THR I 1652 91.25 40.20 35.93
C THR I 1652 91.16 40.61 37.42
N THR I 1653 90.16 41.44 37.72
CA THR I 1653 89.73 41.79 39.10
C THR I 1653 88.25 41.47 39.17
N PHE I 1654 87.80 40.76 40.22
CA PHE I 1654 86.35 40.58 40.49
C PHE I 1654 85.95 41.55 41.58
N VAL I 1655 84.83 42.25 41.41
CA VAL I 1655 84.33 43.22 42.41
C VAL I 1655 82.90 42.85 42.76
N PHE I 1656 82.65 42.51 44.03
CA PHE I 1656 81.32 42.05 44.52
C PHE I 1656 80.53 43.26 45.02
N THR I 1657 79.40 43.55 44.39
CA THR I 1657 78.39 44.58 44.77
C THR I 1657 77.94 44.38 46.22
N GLY I 1658 77.51 45.46 46.87
CA GLY I 1658 76.85 45.45 48.19
C GLY I 1658 75.34 45.59 48.08
N GLN I 1659 74.69 46.02 49.16
CA GLN I 1659 73.22 46.22 49.22
C GLN I 1659 72.73 47.23 48.18
N GLY I 1660 71.51 47.03 47.68
CA GLY I 1660 70.75 48.04 46.92
C GLY I 1660 69.63 47.41 46.11
N SER I 1661 70.02 46.79 44.99
CA SER I 1661 69.16 45.94 44.13
C SER I 1661 68.89 44.62 44.87
N GLN I 1662 67.65 44.44 45.34
CA GLN I 1662 67.20 43.20 46.00
C GLN I 1662 65.76 42.95 45.52
N GLU I 1663 65.63 42.25 44.40
CA GLU I 1663 64.35 42.02 43.68
C GLU I 1663 63.88 40.61 43.96
N GLN I 1664 62.56 40.38 43.86
CA GLN I 1664 61.97 39.03 44.03
C GLN I 1664 62.53 38.17 42.91
N GLY I 1665 62.83 36.90 43.22
CA GLY I 1665 63.36 35.91 42.26
C GLY I 1665 64.82 36.15 41.88
N MET I 1666 65.56 37.03 42.57
CA MET I 1666 66.96 37.35 42.19
C MET I 1666 67.77 36.04 42.24
N GLY I 1667 68.53 35.74 41.20
CA GLY I 1667 69.42 34.57 41.18
C GLY I 1667 68.69 33.26 40.90
N MET I 1668 67.38 33.28 40.65
CA MET I 1668 66.54 32.05 40.51
C MET I 1668 66.55 31.53 39.08
N ASP I 1669 66.83 32.38 38.09
CA ASP I 1669 67.11 31.96 36.69
C ASP I 1669 68.31 31.02 36.68
N LEU I 1670 69.39 31.45 37.33
CA LEU I 1670 70.68 30.71 37.42
C LEU I 1670 70.55 29.50 38.37
N TYR I 1671 69.48 29.39 39.15
CA TYR I 1671 69.23 28.24 40.08
C TYR I 1671 68.49 27.12 39.33
N LYS I 1672 67.71 27.43 38.29
CA LYS I 1672 67.04 26.43 37.41
C LYS I 1672 68.11 25.65 36.65
N THR I 1673 69.03 26.36 36.01
CA THR I 1673 70.00 25.81 35.02
C THR I 1673 71.18 25.18 35.76
N SER I 1674 71.83 25.93 36.64
CA SER I 1674 73.21 25.62 37.10
C SER I 1674 73.19 24.60 38.24
N LYS I 1675 73.96 23.53 38.10
CA LYS I 1675 74.21 22.53 39.15
C LYS I 1675 74.99 23.18 40.29
N ALA I 1676 75.87 24.13 39.98
CA ALA I 1676 76.81 24.77 40.94
C ALA I 1676 76.07 25.82 41.78
N ALA I 1677 75.13 26.55 41.18
CA ALA I 1677 74.23 27.46 41.93
C ALA I 1677 73.39 26.63 42.88
N GLN I 1678 72.64 25.66 42.35
CA GLN I 1678 71.80 24.72 43.14
C GLN I 1678 72.56 24.24 44.38
N ASP I 1679 73.83 23.86 44.29
CA ASP I 1679 74.54 23.40 45.50
C ASP I 1679 74.49 24.53 46.54
N VAL I 1680 74.84 25.74 46.11
CA VAL I 1680 74.98 26.94 46.99
C VAL I 1680 73.63 27.24 47.65
N TRP I 1681 72.57 27.36 46.87
CA TRP I 1681 71.24 27.66 47.46
C TRP I 1681 70.73 26.52 48.34
N ASN I 1682 70.84 25.27 47.89
CA ASN I 1682 70.26 24.10 48.61
C ASN I 1682 71.03 23.93 49.93
N ARG I 1683 72.34 24.14 49.92
CA ARG I 1683 73.15 24.03 51.14
C ARG I 1683 72.74 25.09 52.14
N ALA I 1684 72.58 26.32 51.68
CA ALA I 1684 72.27 27.51 52.51
C ALA I 1684 70.85 27.35 53.07
N ASP I 1685 69.89 27.08 52.19
CA ASP I 1685 68.46 26.88 52.54
C ASP I 1685 68.33 25.79 53.60
N ASN I 1686 69.11 24.71 53.54
CA ASN I 1686 69.00 23.60 54.53
C ASN I 1686 69.63 24.05 55.84
N HIS I 1687 70.60 24.94 55.81
CA HIS I 1687 71.27 25.40 57.04
C HIS I 1687 70.35 26.35 57.75
N PHE I 1688 69.75 27.28 57.02
CA PHE I 1688 68.78 28.26 57.57
C PHE I 1688 67.56 27.53 58.15
N LYS I 1689 67.11 26.45 57.51
CA LYS I 1689 65.92 25.67 57.96
C LYS I 1689 66.23 24.97 59.29
N ASP I 1690 67.44 24.47 59.47
CA ASP I 1690 67.83 23.67 60.65
C ASP I 1690 68.38 24.56 61.74
N THR I 1691 68.62 25.84 61.47
CA THR I 1691 69.26 26.74 62.46
C THR I 1691 68.29 27.84 62.88
N TYR I 1692 67.58 28.45 61.94
CA TYR I 1692 66.74 29.63 62.19
C TYR I 1692 65.30 29.34 61.79
N GLY I 1693 64.98 28.12 61.40
CA GLY I 1693 63.62 27.68 61.03
C GLY I 1693 62.97 28.52 59.94
N PHE I 1694 63.70 28.90 58.91
CA PHE I 1694 63.07 29.40 57.66
C PHE I 1694 63.95 29.00 56.48
N SER I 1695 63.32 28.84 55.33
CA SER I 1695 63.96 28.78 54.00
C SER I 1695 64.22 30.19 53.48
N ILE I 1696 65.48 30.51 53.21
CA ILE I 1696 65.89 31.72 52.44
C ILE I 1696 65.34 31.65 51.00
N LEU I 1697 65.15 30.46 50.41
CA LEU I 1697 64.64 30.34 49.02
C LEU I 1697 63.20 30.81 48.95
N ASP I 1698 62.34 30.34 49.85
CA ASP I 1698 60.95 30.84 50.04
C ASP I 1698 61.00 32.37 50.09
N ILE I 1699 61.81 32.94 50.97
CA ILE I 1699 61.90 34.43 51.09
C ILE I 1699 62.20 35.01 49.71
N VAL I 1700 63.23 34.51 49.01
CA VAL I 1700 63.69 35.13 47.74
C VAL I 1700 62.64 34.96 46.63
N ILE I 1701 61.92 33.84 46.61
CA ILE I 1701 61.03 33.44 45.49
C ILE I 1701 59.67 34.11 45.65
N ASN I 1702 59.13 34.15 46.89
CA ASN I 1702 57.73 34.52 47.21
C ASN I 1702 57.64 35.90 47.88
N ASN I 1703 58.69 36.38 48.54
CA ASN I 1703 58.77 37.70 49.22
C ASN I 1703 57.56 37.92 50.11
N PRO I 1704 57.34 37.07 51.15
CA PRO I 1704 56.19 37.21 52.04
C PRO I 1704 56.30 38.47 52.89
N VAL I 1705 55.18 38.92 53.45
CA VAL I 1705 55.09 40.21 54.22
C VAL I 1705 55.37 39.91 55.69
N ASN I 1706 55.04 38.69 56.13
CA ASN I 1706 55.18 38.21 57.52
C ASN I 1706 55.79 36.82 57.47
N LEU I 1707 56.48 36.40 58.53
CA LEU I 1707 57.12 35.06 58.57
C LEU I 1707 57.25 34.59 60.01
N THR I 1708 56.40 33.65 60.45
CA THR I 1708 56.45 33.17 61.85
C THR I 1708 57.35 31.97 61.85
N ILE I 1709 58.36 32.01 62.71
CA ILE I 1709 59.20 30.84 63.07
C ILE I 1709 58.40 30.20 64.18
N HIS I 1710 58.39 28.85 64.27
CA HIS I 1710 57.78 28.11 65.40
C HIS I 1710 58.84 27.29 66.13
N PHE I 1711 58.79 27.25 67.45
CA PHE I 1711 59.85 26.64 68.29
C PHE I 1711 59.33 25.36 68.94
N GLY I 1712 58.54 24.62 68.17
CA GLY I 1712 57.88 23.39 68.60
C GLY I 1712 58.73 22.22 68.28
N GLY I 1713 58.86 21.27 69.20
CA GLY I 1713 59.54 19.98 68.98
C GLY I 1713 61.01 20.07 69.31
N GLU I 1714 61.69 18.93 69.33
CA GLU I 1714 63.15 18.81 69.61
C GLU I 1714 63.94 19.81 68.75
N LYS I 1715 63.69 19.78 67.45
CA LYS I 1715 64.34 20.61 66.41
C LYS I 1715 63.96 22.09 66.59
N GLY I 1716 62.78 22.40 67.10
CA GLY I 1716 62.33 23.76 67.41
C GLY I 1716 63.01 24.36 68.64
N LYS I 1717 63.21 23.59 69.72
CA LYS I 1717 63.90 24.08 70.94
C LYS I 1717 65.33 24.44 70.57
N ARG I 1718 65.94 23.70 69.65
CA ARG I 1718 67.33 23.91 69.20
C ARG I 1718 67.38 25.23 68.45
N ILE I 1719 66.46 25.40 67.50
CA ILE I 1719 66.30 26.66 66.72
C ILE I 1719 66.03 27.82 67.66
N ARG I 1720 65.30 27.64 68.76
CA ARG I 1720 65.00 28.76 69.70
C ARG I 1720 66.27 29.17 70.46
N GLU I 1721 67.12 28.22 70.86
CA GLU I 1721 68.42 28.48 71.52
C GLU I 1721 69.34 29.31 70.60
N ASN I 1722 69.18 29.23 69.27
CA ASN I 1722 70.03 29.96 68.29
C ASN I 1722 69.65 31.45 68.27
N TYR I 1723 68.38 31.78 68.46
CA TYR I 1723 67.87 33.18 68.47
C TYR I 1723 68.17 33.84 69.80
N SER I 1724 68.13 33.08 70.90
CA SER I 1724 68.36 33.59 72.28
C SER I 1724 69.85 33.89 72.52
N ALA I 1725 70.75 33.26 71.76
CA ALA I 1725 72.22 33.40 71.90
C ALA I 1725 72.70 34.69 71.26
N MET I 1726 71.95 35.20 70.28
CA MET I 1726 72.34 36.38 69.47
C MET I 1726 72.20 37.62 70.35
N ILE I 1727 73.32 38.32 70.58
CA ILE I 1727 73.42 39.53 71.44
C ILE I 1727 73.93 40.71 70.61
N PHE I 1728 73.66 41.95 71.04
CA PHE I 1728 74.34 43.18 70.55
C PHE I 1728 74.87 43.97 71.75
N GLU I 1729 75.64 45.02 71.49
CA GLU I 1729 76.11 46.03 72.49
C GLU I 1729 75.85 47.42 71.91
N THR I 1730 75.14 48.25 72.65
CA THR I 1730 74.88 49.68 72.34
C THR I 1730 75.42 50.49 73.52
N ILE I 1731 75.57 51.80 73.33
CA ILE I 1731 75.82 52.79 74.42
C ILE I 1731 74.43 53.27 74.93
N VAL I 1732 74.07 52.89 76.16
CA VAL I 1732 72.80 53.27 76.88
C VAL I 1732 73.16 54.23 78.01
N ASP I 1733 73.18 55.54 77.70
CA ASP I 1733 73.67 56.65 78.55
C ASP I 1733 75.10 56.32 79.04
N GLY I 1734 75.21 55.69 80.22
CA GLY I 1734 76.48 55.49 80.93
C GLY I 1734 77.45 54.65 80.13
N LYS I 1735 77.15 53.35 80.00
CA LYS I 1735 78.12 52.28 79.62
C LYS I 1735 77.67 51.55 78.36
N LEU I 1736 78.55 50.66 77.86
CA LEU I 1736 78.25 49.48 77.01
C LEU I 1736 77.19 48.63 77.71
N LYS I 1737 76.33 47.97 76.93
CA LYS I 1737 75.11 47.28 77.41
C LYS I 1737 74.87 46.05 76.54
N THR I 1738 75.29 44.86 76.99
CA THR I 1738 75.00 43.57 76.31
C THR I 1738 73.50 43.27 76.46
N GLU I 1739 72.87 42.83 75.38
CA GLU I 1739 71.41 42.60 75.27
C GLU I 1739 71.18 41.40 74.36
N LYS I 1740 70.09 40.67 74.51
CA LYS I 1740 69.68 39.75 73.42
C LYS I 1740 68.91 40.61 72.41
N ILE I 1741 69.33 40.62 71.15
CA ILE I 1741 68.44 40.80 69.96
C ILE I 1741 67.30 39.77 70.10
N PHE I 1742 66.09 40.10 69.65
CA PHE I 1742 64.92 39.23 69.87
C PHE I 1742 64.74 39.08 71.38
N LYS I 1743 64.24 40.11 72.04
CA LYS I 1743 64.16 40.15 73.53
C LYS I 1743 62.91 39.36 73.94
N GLU I 1744 61.87 39.50 73.12
CA GLU I 1744 60.58 38.73 73.18
C GLU I 1744 60.88 37.24 73.33
N ILE I 1745 61.77 36.71 72.51
CA ILE I 1745 62.13 35.26 72.47
C ILE I 1745 62.83 34.89 73.78
N ASN I 1746 62.16 34.06 74.58
CA ASN I 1746 62.67 33.43 75.83
C ASN I 1746 62.22 31.96 75.83
N GLU I 1747 62.61 31.16 76.83
CA GLU I 1747 62.48 29.67 76.83
C GLU I 1747 61.01 29.23 76.88
N HIS I 1748 60.10 30.10 77.34
CA HIS I 1748 58.64 29.84 77.32
C HIS I 1748 58.01 30.24 75.98
N SER I 1749 58.80 30.73 75.02
CA SER I 1749 58.29 31.19 73.70
C SER I 1749 58.14 29.99 72.75
N THR I 1750 57.10 30.02 71.94
CA THR I 1750 56.67 28.93 71.03
C THR I 1750 56.66 29.41 69.59
N SER I 1751 56.67 30.73 69.37
CA SER I 1751 56.79 31.31 68.01
C SER I 1751 57.54 32.63 68.07
N TYR I 1752 57.93 33.13 66.91
CA TYR I 1752 58.38 34.52 66.74
C TYR I 1752 58.01 34.97 65.34
N THR I 1753 57.39 36.15 65.17
CA THR I 1753 57.00 36.67 63.84
C THR I 1753 57.91 37.83 63.41
N PHE I 1754 58.42 37.76 62.18
CA PHE I 1754 59.15 38.83 61.46
C PHE I 1754 58.11 39.57 60.62
N ARG I 1755 58.01 40.89 60.77
CA ARG I 1755 57.05 41.73 60.01
C ARG I 1755 57.82 42.70 59.12
N SER I 1756 57.21 43.07 58.01
CA SER I 1756 57.55 44.22 57.15
C SER I 1756 56.24 44.84 56.65
N GLU I 1757 56.29 45.77 55.70
CA GLU I 1757 55.08 46.33 55.02
C GLU I 1757 55.05 45.84 53.58
N LYS I 1758 56.13 46.09 52.84
CA LYS I 1758 56.27 45.79 51.41
C LYS I 1758 56.52 44.27 51.24
N GLY I 1759 57.57 43.75 51.88
CA GLY I 1759 58.00 42.34 51.84
C GLY I 1759 59.31 42.11 52.61
N LEU I 1760 59.51 40.91 53.13
CA LEU I 1760 60.66 40.56 54.01
C LEU I 1760 61.95 40.61 53.21
N LEU I 1761 61.88 40.52 51.89
CA LEU I 1761 63.11 40.54 51.06
C LEU I 1761 63.76 41.92 51.11
N SER I 1762 63.06 42.96 51.56
CA SER I 1762 63.61 44.34 51.75
C SER I 1762 63.69 44.67 53.24
N ALA I 1763 64.36 43.82 54.02
CA ALA I 1763 64.45 43.89 55.50
C ALA I 1763 65.86 43.55 56.01
N THR I 1764 66.89 43.90 55.24
CA THR I 1764 68.33 43.86 55.57
C THR I 1764 68.76 42.45 56.02
N GLN I 1765 68.13 41.81 57.01
CA GLN I 1765 68.64 40.51 57.57
C GLN I 1765 68.37 39.37 56.59
N PHE I 1766 67.38 39.52 55.75
CA PHE I 1766 67.03 38.57 54.67
C PHE I 1766 67.72 39.04 53.38
N THR I 1767 67.77 40.35 53.14
CA THR I 1767 68.45 40.96 51.98
C THR I 1767 69.96 40.68 52.02
N GLN I 1768 70.57 40.81 53.18
CA GLN I 1768 72.03 40.66 53.33
C GLN I 1768 72.42 39.26 52.84
N PRO I 1769 71.86 38.14 53.35
CA PRO I 1769 72.19 36.80 52.86
C PRO I 1769 71.67 36.43 51.47
N ALA I 1770 70.51 36.89 51.07
CA ALA I 1770 70.04 36.67 49.69
C ALA I 1770 71.11 37.21 48.75
N LEU I 1771 71.42 38.50 48.85
CA LEU I 1771 72.39 39.21 47.98
C LEU I 1771 73.71 38.44 47.97
N THR I 1772 74.22 38.07 49.14
CA THR I 1772 75.52 37.35 49.29
C THR I 1772 75.49 36.00 48.56
N LEU I 1773 74.40 35.23 48.64
CA LEU I 1773 74.23 33.92 47.97
C LEU I 1773 74.17 34.12 46.46
N MET I 1774 73.21 34.88 45.94
CA MET I 1774 73.15 35.30 44.50
C MET I 1774 74.57 35.38 43.91
N GLU I 1775 75.46 36.10 44.60
CA GLU I 1775 76.84 36.39 44.18
C GLU I 1775 77.66 35.12 44.28
N LYS I 1776 77.67 34.46 45.42
CA LYS I 1776 78.43 33.20 45.63
C LYS I 1776 78.00 32.15 44.60
N ALA I 1777 76.75 32.11 44.17
CA ALA I 1777 76.20 31.12 43.23
C ALA I 1777 76.55 31.49 41.79
N ALA I 1778 76.42 32.76 41.42
CA ALA I 1778 76.95 33.31 40.15
C ALA I 1778 78.41 32.90 40.02
N PHE I 1779 79.18 33.13 41.05
CA PHE I 1779 80.63 32.87 40.99
C PHE I 1779 80.90 31.38 40.87
N GLU I 1780 80.28 30.54 41.69
CA GLU I 1780 80.53 29.08 41.67
C GLU I 1780 80.12 28.51 40.30
N ASP I 1781 79.14 29.09 39.63
CA ASP I 1781 78.79 28.71 38.23
C ASP I 1781 79.98 28.98 37.30
N LEU I 1782 80.46 30.23 37.24
CA LEU I 1782 81.73 30.64 36.57
C LEU I 1782 82.85 29.62 36.86
N LYS I 1783 83.18 29.37 38.11
CA LYS I 1783 84.33 28.49 38.48
C LYS I 1783 84.14 27.07 37.92
N SER I 1784 82.90 26.59 37.81
CA SER I 1784 82.56 25.23 37.36
C SER I 1784 82.74 25.11 35.85
N LYS I 1785 82.61 26.22 35.14
CA LYS I 1785 82.83 26.40 33.68
C LYS I 1785 84.30 26.74 33.38
N GLY I 1786 85.17 26.75 34.38
CA GLY I 1786 86.62 26.94 34.22
C GLY I 1786 87.05 28.37 33.98
N LEU I 1787 86.17 29.36 34.19
CA LEU I 1787 86.34 30.77 33.75
C LEU I 1787 87.07 31.66 34.76
N ILE I 1788 87.60 31.13 35.86
CA ILE I 1788 88.25 31.93 36.93
C ILE I 1788 89.76 31.73 36.86
N PRO I 1789 90.52 32.78 36.51
CA PRO I 1789 91.98 32.81 36.71
C PRO I 1789 92.42 32.42 38.12
N ALA I 1790 93.63 31.88 38.23
CA ALA I 1790 94.28 31.49 39.51
C ALA I 1790 94.80 32.74 40.25
N ASP I 1791 95.14 33.82 39.52
CA ASP I 1791 95.85 35.02 40.06
C ASP I 1791 94.93 36.23 40.21
N ALA I 1792 93.61 36.08 40.02
CA ALA I 1792 92.64 37.20 40.02
C ALA I 1792 92.74 37.96 41.35
N THR I 1793 92.74 39.29 41.29
CA THR I 1793 92.54 40.17 42.46
C THR I 1793 91.04 40.39 42.66
N PHE I 1794 90.63 40.61 43.90
CA PHE I 1794 89.19 40.78 44.23
C PHE I 1794 88.99 41.79 45.35
N ALA I 1795 87.83 42.43 45.31
CA ALA I 1795 87.34 43.33 46.38
C ALA I 1795 85.81 43.32 46.36
N GLY I 1796 85.21 43.50 47.53
CA GLY I 1796 83.77 43.81 47.61
C GLY I 1796 83.52 45.16 48.22
N HIS I 1797 82.43 45.80 47.79
CA HIS I 1797 81.86 47.03 48.38
C HIS I 1797 80.95 46.65 49.55
N SER I 1798 81.40 46.91 50.77
CA SER I 1798 80.67 46.71 52.06
C SER I 1798 80.40 45.21 52.25
N LEU I 1799 79.14 44.79 52.09
CA LEU I 1799 78.67 43.39 52.26
C LEU I 1799 79.33 42.52 51.19
N GLY I 1800 79.50 43.08 49.99
CA GLY I 1800 80.33 42.52 48.91
C GLY I 1800 81.54 41.76 49.43
N GLU I 1801 82.27 42.28 50.42
CA GLU I 1801 83.55 41.68 50.90
C GLU I 1801 83.38 40.23 51.33
N TYR I 1802 82.19 39.86 51.81
CA TYR I 1802 81.91 38.51 52.38
C TYR I 1802 81.74 37.52 51.25
N ALA I 1803 80.90 37.85 50.27
CA ALA I 1803 80.70 37.07 49.04
C ALA I 1803 82.07 36.79 48.39
N ALA I 1804 82.86 37.84 48.25
CA ALA I 1804 84.20 37.84 47.63
C ALA I 1804 85.15 36.88 48.36
N LEU I 1805 85.15 36.85 49.70
CA LEU I 1805 86.12 36.01 50.48
C LEU I 1805 85.64 34.56 50.52
N ALA I 1806 84.34 34.32 50.60
CA ALA I 1806 83.76 32.96 50.48
C ALA I 1806 84.12 32.38 49.10
N SER I 1807 83.99 33.19 48.05
CA SER I 1807 84.21 32.83 46.63
C SER I 1807 85.69 32.55 46.32
N LEU I 1808 86.56 33.54 46.48
CA LEU I 1808 87.91 33.49 45.88
C LEU I 1808 88.96 32.96 46.86
N ALA I 1809 88.63 32.82 48.14
CA ALA I 1809 89.60 32.39 49.18
C ALA I 1809 89.07 31.27 50.11
N ASP I 1810 87.91 30.65 49.80
CA ASP I 1810 87.18 29.64 50.63
C ASP I 1810 87.49 29.82 52.13
N VAL I 1811 87.28 31.03 52.65
CA VAL I 1811 87.61 31.36 54.07
C VAL I 1811 86.51 30.74 54.96
N MET I 1812 85.26 30.96 54.57
CA MET I 1812 84.06 30.40 55.21
C MET I 1812 83.52 29.26 54.36
N SER I 1813 82.87 28.27 54.98
CA SER I 1813 81.86 27.41 54.32
C SER I 1813 80.66 28.27 53.92
N ILE I 1814 79.86 27.81 52.97
CA ILE I 1814 78.53 28.40 52.62
C ILE I 1814 77.72 28.55 53.91
N GLU I 1815 77.68 27.53 54.76
CA GLU I 1815 76.76 27.50 55.94
C GLU I 1815 77.19 28.66 56.86
N SER I 1816 78.49 28.77 57.15
CA SER I 1816 79.08 29.86 57.98
C SER I 1816 78.88 31.25 57.33
N LEU I 1817 79.02 31.38 56.02
CA LEU I 1817 78.89 32.67 55.33
C LEU I 1817 77.49 33.24 55.60
N VAL I 1818 76.45 32.45 55.42
CA VAL I 1818 75.06 32.97 55.53
C VAL I 1818 74.70 33.19 56.99
N GLU I 1819 75.27 32.45 57.94
CA GLU I 1819 75.14 32.75 59.38
C GLU I 1819 75.63 34.17 59.64
N VAL I 1820 76.90 34.45 59.33
CA VAL I 1820 77.59 35.74 59.63
C VAL I 1820 76.76 36.91 59.09
N VAL I 1821 76.45 36.86 57.81
CA VAL I 1821 75.74 37.94 57.09
C VAL I 1821 74.30 38.07 57.61
N PHE I 1822 73.74 37.03 58.24
CA PHE I 1822 72.39 37.14 58.86
C PHE I 1822 72.53 37.98 60.14
N TYR I 1823 73.52 37.61 60.95
CA TYR I 1823 73.89 38.28 62.21
C TYR I 1823 74.31 39.73 61.94
N ARG I 1824 75.01 39.98 60.83
CA ARG I 1824 75.36 41.35 60.37
C ARG I 1824 74.07 42.14 60.16
N GLY I 1825 73.24 41.71 59.24
CA GLY I 1825 71.92 42.33 58.98
C GLY I 1825 71.15 42.55 60.28
N MET I 1826 71.29 41.64 61.26
CA MET I 1826 70.58 41.73 62.55
C MET I 1826 71.21 42.81 63.42
N THR I 1827 72.53 42.81 63.59
CA THR I 1827 73.30 43.84 64.35
C THR I 1827 73.07 45.25 63.75
N MET I 1828 72.91 45.39 62.43
CA MET I 1828 72.66 46.69 61.75
C MET I 1828 71.16 46.98 61.64
N GLN I 1829 70.33 46.38 62.51
CA GLN I 1829 68.88 46.64 62.61
C GLN I 1829 68.61 47.27 63.97
N VAL I 1830 69.42 46.88 64.96
CA VAL I 1830 69.14 47.03 66.41
C VAL I 1830 70.12 48.03 67.04
N ALA I 1831 71.20 48.40 66.35
CA ALA I 1831 72.27 49.30 66.85
C ALA I 1831 71.71 50.71 67.13
N VAL I 1832 70.77 51.16 66.29
CA VAL I 1832 70.05 52.46 66.48
C VAL I 1832 68.81 52.21 67.34
N PRO I 1833 68.51 53.07 68.36
CA PRO I 1833 67.18 53.09 68.99
C PRO I 1833 66.13 53.66 68.00
N ARG I 1834 65.02 52.93 67.82
CA ARG I 1834 63.95 53.24 66.85
C ARG I 1834 62.57 53.13 67.50
N ASP I 1835 62.50 53.30 68.83
CA ASP I 1835 61.26 53.37 69.67
C ASP I 1835 59.95 53.32 68.85
N GLU I 1836 59.65 54.36 68.07
CA GLU I 1836 58.28 54.75 67.58
C GLU I 1836 57.55 53.52 67.02
N LEU I 1837 57.96 53.13 65.81
CA LEU I 1837 57.65 51.88 65.08
C LEU I 1837 58.94 51.59 64.27
N GLY I 1838 58.89 51.14 63.01
CA GLY I 1838 60.12 50.91 62.23
C GLY I 1838 60.77 52.22 61.74
N ARG I 1839 60.99 53.20 62.63
CA ARG I 1839 61.49 54.56 62.28
C ARG I 1839 62.51 55.04 63.32
N SER I 1840 63.66 55.48 62.83
CA SER I 1840 64.80 56.01 63.61
C SER I 1840 65.02 57.49 63.28
N ASN I 1841 66.00 58.09 63.95
CA ASN I 1841 66.39 59.52 63.82
C ASN I 1841 67.67 59.61 62.96
N TYR I 1842 68.27 58.47 62.55
CA TYR I 1842 69.47 58.41 61.67
C TYR I 1842 69.06 58.00 60.25
N GLY I 1843 69.92 58.30 59.28
CA GLY I 1843 69.72 58.03 57.84
C GLY I 1843 71.04 58.14 57.08
N MET I 1844 71.00 58.32 55.76
CA MET I 1844 72.22 58.68 54.99
C MET I 1844 71.85 59.17 53.59
N ILE I 1845 72.61 60.17 53.12
CA ILE I 1845 72.43 60.90 51.83
C ILE I 1845 73.66 60.65 50.96
N ALA I 1846 73.46 60.65 49.65
CA ALA I 1846 74.52 60.55 48.61
C ALA I 1846 74.80 61.95 48.07
N ILE I 1847 76.07 62.38 48.12
CA ILE I 1847 76.53 63.73 47.71
C ILE I 1847 77.31 63.63 46.39
N ASN I 1848 77.08 64.57 45.46
CA ASN I 1848 77.85 64.77 44.20
C ASN I 1848 78.58 66.11 44.29
N PRO I 1849 79.81 66.19 44.86
CA PRO I 1849 80.50 67.45 45.07
C PRO I 1849 80.89 68.23 43.80
N GLY I 1850 80.86 67.58 42.64
CA GLY I 1850 80.99 68.25 41.33
C GLY I 1850 79.83 69.17 41.04
N ARG I 1851 78.61 68.81 41.45
CA ARG I 1851 77.34 69.50 41.07
C ARG I 1851 77.15 70.80 41.87
N VAL I 1852 77.69 70.87 43.08
CA VAL I 1852 77.53 72.05 43.98
C VAL I 1852 78.39 73.21 43.46
N ALA I 1853 79.63 72.94 43.06
CA ALA I 1853 80.53 73.92 42.39
C ALA I 1853 81.77 73.20 41.84
N ALA I 1854 82.16 73.54 40.60
CA ALA I 1854 83.25 72.90 39.82
C ALA I 1854 84.57 72.84 40.60
N SER I 1855 84.82 73.73 41.58
CA SER I 1855 86.06 73.78 42.40
C SER I 1855 85.87 73.06 43.76
N PHE I 1856 84.63 72.67 44.09
CA PHE I 1856 84.26 71.98 45.35
C PHE I 1856 84.71 70.52 45.27
N SER I 1857 85.66 70.14 46.13
CA SER I 1857 86.47 68.89 46.03
C SER I 1857 86.17 67.96 47.21
N GLN I 1858 86.96 66.88 47.34
CA GLN I 1858 86.99 65.94 48.51
C GLN I 1858 87.79 66.54 49.67
N GLU I 1859 88.33 67.76 49.54
CA GLU I 1859 88.90 68.52 50.68
C GLU I 1859 87.82 69.44 51.27
N ALA I 1860 86.93 69.96 50.43
CA ALA I 1860 85.79 70.82 50.81
C ALA I 1860 84.83 70.02 51.70
N LEU I 1861 84.36 68.86 51.23
CA LEU I 1861 83.38 68.00 51.95
C LEU I 1861 83.98 67.53 53.28
N GLN I 1862 85.22 67.06 53.27
CA GLN I 1862 85.91 66.54 54.48
C GLN I 1862 86.00 67.62 55.57
N TYR I 1863 85.98 68.92 55.20
CA TYR I 1863 85.86 70.07 56.15
C TYR I 1863 84.39 70.33 56.51
N VAL I 1864 83.58 70.89 55.60
CA VAL I 1864 82.13 71.19 55.82
C VAL I 1864 81.56 70.22 56.87
N VAL I 1865 81.60 68.91 56.55
CA VAL I 1865 80.96 67.79 57.30
C VAL I 1865 81.67 67.60 58.66
N GLU I 1866 82.99 67.70 58.73
CA GLU I 1866 83.77 67.58 60.00
C GLU I 1866 83.42 68.75 60.94
N ARG I 1867 83.16 69.94 60.38
CA ARG I 1867 82.80 71.19 61.12
C ARG I 1867 81.35 71.08 61.60
N VAL I 1868 80.40 70.73 60.72
CA VAL I 1868 78.95 70.54 61.08
C VAL I 1868 78.85 69.58 62.27
N GLY I 1869 79.74 68.59 62.37
CA GLY I 1869 79.79 67.65 63.51
C GLY I 1869 80.33 68.31 64.76
N LYS I 1870 81.52 68.92 64.66
CA LYS I 1870 82.25 69.60 65.75
C LYS I 1870 81.40 70.78 66.28
N ARG I 1871 80.67 71.49 65.40
CA ARG I 1871 79.75 72.61 65.74
C ARG I 1871 78.52 72.08 66.50
N THR I 1872 77.60 71.41 65.81
CA THR I 1872 76.23 71.08 66.30
C THR I 1872 76.27 69.93 67.32
N GLY I 1873 77.44 69.28 67.51
CA GLY I 1873 77.62 68.10 68.39
C GLY I 1873 76.76 66.91 67.98
N TRP I 1874 76.21 66.92 66.76
CA TRP I 1874 75.39 65.85 66.14
C TRP I 1874 76.28 65.00 65.23
N LEU I 1875 76.22 63.67 65.35
CA LEU I 1875 77.08 62.74 64.57
C LEU I 1875 76.70 62.81 63.09
N VAL I 1876 77.64 63.24 62.25
CA VAL I 1876 77.60 63.10 60.77
C VAL I 1876 79.02 62.78 60.29
N GLU I 1877 79.16 61.86 59.31
CA GLU I 1877 80.45 61.40 58.73
C GLU I 1877 80.27 61.06 57.25
N ILE I 1878 81.37 61.05 56.50
CA ILE I 1878 81.46 60.46 55.13
C ILE I 1878 81.80 58.98 55.33
N VAL I 1879 80.96 58.09 54.81
CA VAL I 1879 81.03 56.62 55.07
C VAL I 1879 81.50 55.89 53.81
N ASN I 1880 80.96 56.23 52.64
CA ASN I 1880 81.41 55.68 51.33
C ASN I 1880 82.17 56.77 50.56
N TYR I 1881 83.44 56.52 50.25
CA TYR I 1881 84.24 57.23 49.22
C TYR I 1881 84.14 56.47 47.87
N ASN I 1882 83.13 56.72 47.06
CA ASN I 1882 82.83 55.90 45.85
C ASN I 1882 83.67 56.34 44.64
N VAL I 1883 83.27 57.42 43.96
CA VAL I 1883 83.86 57.95 42.71
C VAL I 1883 84.38 59.36 42.99
N GLU I 1884 85.65 59.65 42.70
CA GLU I 1884 86.36 60.87 43.19
C GLU I 1884 85.70 62.13 42.62
N ASN I 1885 85.35 63.07 43.49
CA ASN I 1885 84.69 64.36 43.18
C ASN I 1885 83.39 64.11 42.40
N GLN I 1886 82.64 63.05 42.74
CA GLN I 1886 81.43 62.67 41.97
C GLN I 1886 80.41 61.83 42.75
N GLN I 1887 80.85 60.92 43.65
CA GLN I 1887 79.93 60.08 44.47
C GLN I 1887 80.53 59.82 45.85
N TYR I 1888 79.97 60.45 46.87
CA TYR I 1888 80.21 60.14 48.30
C TYR I 1888 78.87 59.81 48.94
N VAL I 1889 78.94 59.23 50.13
CA VAL I 1889 77.74 58.95 50.95
C VAL I 1889 78.05 59.45 52.37
N ALA I 1890 77.18 60.30 52.90
CA ALA I 1890 77.25 60.82 54.27
C ALA I 1890 76.12 60.17 55.07
N ALA I 1891 76.44 59.75 56.28
CA ALA I 1891 75.52 59.07 57.23
C ALA I 1891 75.68 59.71 58.61
N GLY I 1892 74.56 59.94 59.29
CA GLY I 1892 74.55 60.27 60.73
C GLY I 1892 73.16 60.60 61.23
N ASP I 1893 73.05 61.69 62.00
CA ASP I 1893 71.77 62.19 62.59
C ASP I 1893 71.00 62.88 61.48
N LEU I 1894 69.72 62.51 61.27
CA LEU I 1894 68.87 63.03 60.16
C LEU I 1894 68.87 64.55 60.17
N ARG I 1895 68.95 65.18 61.36
CA ARG I 1895 69.04 66.66 61.53
C ARG I 1895 70.34 67.14 60.87
N ALA I 1896 71.49 66.55 61.25
CA ALA I 1896 72.86 66.89 60.76
C ALA I 1896 73.00 66.62 59.26
N LEU I 1897 72.13 65.78 58.68
CA LEU I 1897 72.02 65.53 57.22
C LEU I 1897 71.17 66.61 56.56
N ASP I 1898 70.28 67.23 57.33
CA ASP I 1898 69.36 68.31 56.84
C ASP I 1898 70.11 69.64 56.86
N THR I 1899 71.11 69.81 57.74
CA THR I 1899 72.04 70.99 57.72
C THR I 1899 72.90 70.90 56.45
N VAL I 1900 73.53 69.73 56.24
CA VAL I 1900 74.52 69.48 55.15
C VAL I 1900 73.84 69.65 53.78
N THR I 1901 72.57 69.26 53.61
CA THR I 1901 71.84 69.46 52.32
C THR I 1901 71.45 70.93 52.15
N ASN I 1902 71.39 71.72 53.25
CA ASN I 1902 71.08 73.18 53.23
C ASN I 1902 72.37 73.99 53.04
N VAL I 1903 73.44 73.66 53.78
CA VAL I 1903 74.80 74.29 53.64
C VAL I 1903 75.28 74.15 52.19
N LEU I 1904 75.02 73.00 51.54
CA LEU I 1904 75.40 72.72 50.14
C LEU I 1904 74.36 73.36 49.19
N ASN I 1905 73.08 73.43 49.59
CA ASN I 1905 72.04 74.21 48.87
C ASN I 1905 72.43 75.70 48.88
N PHE I 1906 73.05 76.17 49.97
CA PHE I 1906 73.56 77.56 50.14
C PHE I 1906 74.70 77.80 49.15
N ILE I 1907 75.82 77.09 49.31
CA ILE I 1907 77.10 77.31 48.55
C ILE I 1907 76.86 77.20 47.02
N LYS I 1908 75.89 76.41 46.58
CA LYS I 1908 75.45 76.33 45.15
C LYS I 1908 74.97 77.72 44.71
N LEU I 1909 73.93 78.24 45.38
CA LEU I 1909 73.25 79.53 45.07
C LEU I 1909 74.22 80.72 45.32
N GLN I 1910 74.90 80.73 46.48
CA GLN I 1910 75.82 81.83 46.94
C GLN I 1910 77.13 81.85 46.13
N LYS I 1911 77.55 80.71 45.57
CA LYS I 1911 78.74 80.57 44.68
C LYS I 1911 80.04 80.87 45.43
N ILE I 1912 80.01 80.86 46.78
CA ILE I 1912 81.20 81.17 47.64
C ILE I 1912 82.14 79.95 47.60
N ASP I 1913 83.32 80.12 47.01
CA ASP I 1913 84.26 79.02 46.68
C ASP I 1913 85.22 78.84 47.87
N ILE I 1914 85.06 77.75 48.65
CA ILE I 1914 85.79 77.53 49.94
C ILE I 1914 87.30 77.71 49.71
N ILE I 1915 87.90 76.99 48.76
CA ILE I 1915 89.39 76.98 48.52
C ILE I 1915 89.91 78.41 48.15
N GLU I 1916 89.16 79.17 47.33
CA GLU I 1916 89.49 80.57 46.93
C GLU I 1916 89.53 81.46 48.19
N LEU I 1917 88.48 81.38 49.03
CA LEU I 1917 88.32 82.19 50.29
C LEU I 1917 88.83 81.43 51.53
N GLN I 1918 89.69 80.41 51.35
CA GLN I 1918 90.16 79.48 52.43
C GLN I 1918 91.49 80.01 52.99
N LYS I 1919 92.60 79.30 52.72
CA LYS I 1919 93.98 79.61 53.17
C LYS I 1919 94.53 80.85 52.42
N SER I 1920 94.06 81.10 51.19
CA SER I 1920 94.50 82.23 50.33
C SER I 1920 94.14 83.57 50.99
N LEU I 1921 92.83 83.80 51.26
CA LEU I 1921 92.27 85.06 51.83
C LEU I 1921 92.42 85.07 53.36
N SER I 1922 91.50 84.39 54.08
CA SER I 1922 91.24 84.56 55.54
C SER I 1922 91.59 83.28 56.32
N LEU I 1923 92.61 83.36 57.20
CA LEU I 1923 93.18 82.21 57.98
C LEU I 1923 92.40 82.05 59.30
N GLU I 1924 91.67 80.93 59.47
CA GLU I 1924 90.90 80.57 60.70
C GLU I 1924 89.68 81.51 60.88
N GLU I 1925 89.32 82.28 59.84
CA GLU I 1925 88.04 83.04 59.69
C GLU I 1925 87.09 82.22 58.80
N VAL I 1926 87.61 81.30 57.97
CA VAL I 1926 86.84 80.19 57.32
C VAL I 1926 85.87 79.58 58.37
N GLU I 1927 86.36 79.24 59.57
CA GLU I 1927 85.54 78.73 60.72
C GLU I 1927 84.49 79.78 61.10
N GLY I 1928 84.88 81.07 61.15
CA GLY I 1928 83.97 82.23 61.32
C GLY I 1928 82.88 82.29 60.24
N HIS I 1929 83.29 82.30 58.96
CA HIS I 1929 82.40 82.30 57.76
C HIS I 1929 81.38 81.16 57.86
N LEU I 1930 81.87 79.95 58.13
CA LEU I 1930 81.16 78.65 57.98
C LEU I 1930 80.15 78.47 59.13
N PHE I 1931 80.61 78.62 60.39
CA PHE I 1931 79.79 78.54 61.63
C PHE I 1931 78.54 79.43 61.48
N GLU I 1932 78.67 80.61 60.84
CA GLU I 1932 77.57 81.53 60.48
C GLU I 1932 76.55 80.83 59.55
N ILE I 1933 77.03 80.14 58.51
CA ILE I 1933 76.22 79.44 57.47
C ILE I 1933 75.53 78.21 58.10
N ILE I 1934 76.24 77.48 58.96
CA ILE I 1934 75.75 76.29 59.73
C ILE I 1934 74.57 76.72 60.61
N ASP I 1935 74.75 77.77 61.44
CA ASP I 1935 73.86 78.11 62.59
C ASP I 1935 72.49 78.66 62.13
N GLU I 1936 72.36 79.12 60.88
CA GLU I 1936 71.07 79.61 60.30
C GLU I 1936 70.30 78.43 59.65
N ALA I 1937 70.98 77.33 59.32
CA ALA I 1937 70.41 76.04 58.83
C ALA I 1937 70.24 75.05 60.00
N SER I 1938 71.27 74.93 60.86
CA SER I 1938 71.35 74.02 62.03
C SER I 1938 70.13 74.21 62.96
N LYS I 1939 69.90 75.45 63.42
CA LYS I 1939 68.83 75.80 64.39
C LYS I 1939 67.48 76.01 63.66
N LYS I 1940 67.48 75.91 62.33
CA LYS I 1940 66.25 75.80 61.49
C LYS I 1940 65.84 74.32 61.31
N SER I 1941 66.79 73.38 61.44
CA SER I 1941 66.59 71.91 61.26
C SER I 1941 66.39 71.17 62.60
N ALA I 1942 66.51 71.87 63.74
CA ALA I 1942 66.27 71.32 65.11
C ALA I 1942 64.78 71.39 65.49
N VAL I 1943 63.93 72.06 64.68
CA VAL I 1943 62.48 72.34 64.96
C VAL I 1943 61.56 71.45 64.09
N LYS I 1944 62.09 70.41 63.44
CA LYS I 1944 61.27 69.52 62.55
C LYS I 1944 60.50 68.52 63.42
N PRO I 1945 59.50 67.80 62.86
CA PRO I 1945 58.87 66.67 63.56
C PRO I 1945 59.93 65.61 63.94
N ARG I 1946 59.80 64.95 65.11
CA ARG I 1946 60.87 64.14 65.76
C ARG I 1946 61.56 63.21 64.75
N PRO I 1947 60.83 62.36 63.97
CA PRO I 1947 61.45 61.57 62.90
C PRO I 1947 61.38 62.30 61.55
N LEU I 1948 62.39 63.13 61.23
CA LEU I 1948 62.25 64.19 60.18
C LEU I 1948 62.40 63.62 58.77
N LYS I 1949 61.29 63.64 58.01
CA LYS I 1949 61.29 63.46 56.53
C LYS I 1949 62.42 64.32 55.95
N LEU I 1950 63.38 63.66 55.30
CA LEU I 1950 64.61 64.29 54.72
C LEU I 1950 64.43 64.43 53.21
N GLU I 1951 64.69 65.63 52.68
CA GLU I 1951 64.40 66.02 51.28
C GLU I 1951 65.73 66.38 50.60
N ARG I 1952 65.67 66.54 49.27
CA ARG I 1952 66.84 66.52 48.34
C ARG I 1952 67.14 67.93 47.81
N GLY I 1953 68.42 68.23 47.58
CA GLY I 1953 68.90 69.60 47.30
C GLY I 1953 70.13 69.66 46.39
N PHE I 1954 69.89 69.73 45.07
CA PHE I 1954 70.87 70.08 44.00
C PHE I 1954 72.05 69.09 43.98
N ALA I 1955 72.85 69.04 45.06
CA ALA I 1955 74.01 68.12 45.24
C ALA I 1955 73.58 66.79 45.89
N CYS I 1956 72.72 66.80 46.92
CA CYS I 1956 72.52 65.70 47.91
C CYS I 1956 71.15 65.03 47.73
N ILE I 1957 71.15 63.71 47.54
CA ILE I 1957 69.94 62.83 47.42
C ILE I 1957 69.90 61.90 48.63
N PRO I 1958 68.71 61.72 49.27
CA PRO I 1958 68.59 60.74 50.37
C PRO I 1958 68.42 59.31 49.84
N LEU I 1959 69.20 58.38 50.40
CA LEU I 1959 69.12 56.93 50.11
C LEU I 1959 67.90 56.37 50.85
N VAL I 1960 66.83 56.06 50.10
CA VAL I 1960 65.55 55.50 50.66
C VAL I 1960 65.83 54.12 51.26
N GLY I 1961 65.19 53.81 52.40
CA GLY I 1961 65.27 52.50 53.07
C GLY I 1961 66.33 52.47 54.16
N ILE I 1962 67.48 53.13 53.96
CA ILE I 1962 68.64 53.05 54.90
C ILE I 1962 68.33 53.92 56.12
N SER I 1963 68.30 53.27 57.29
CA SER I 1963 67.78 53.77 58.58
C SER I 1963 68.88 53.71 59.65
N VAL I 1964 70.12 53.39 59.27
CA VAL I 1964 71.25 53.15 60.22
C VAL I 1964 72.52 53.76 59.64
N PRO I 1965 73.41 54.37 60.47
CA PRO I 1965 74.68 54.88 59.97
C PRO I 1965 75.78 53.80 60.05
N PHE I 1966 75.71 52.78 59.20
CA PHE I 1966 76.79 51.76 59.08
C PHE I 1966 77.95 52.44 58.34
N HIS I 1967 79.16 52.04 58.74
CA HIS I 1967 80.46 52.52 58.20
C HIS I 1967 80.89 53.81 58.90
N SER I 1968 80.14 54.24 59.93
CA SER I 1968 80.48 55.40 60.79
C SER I 1968 81.10 54.86 62.10
N THR I 1969 81.45 55.75 63.02
CA THR I 1969 82.01 55.43 64.34
C THR I 1969 80.85 55.11 65.30
N TYR I 1970 79.61 55.44 64.91
CA TYR I 1970 78.39 55.24 65.74
C TYR I 1970 78.31 53.80 66.25
N LEU I 1971 78.67 52.83 65.40
CA LEU I 1971 78.60 51.39 65.74
C LEU I 1971 80.01 50.79 65.73
N MET I 1972 80.98 51.55 66.23
CA MET I 1972 82.28 51.05 66.77
C MET I 1972 82.02 50.38 68.12
N ASN I 1973 80.86 50.64 68.74
CA ASN I 1973 80.42 50.06 70.04
C ASN I 1973 79.93 48.61 69.83
N GLY I 1974 79.11 48.39 68.80
CA GLY I 1974 78.55 47.06 68.45
C GLY I 1974 79.50 46.25 67.58
N VAL I 1975 80.72 45.98 68.06
CA VAL I 1975 81.81 45.29 67.33
C VAL I 1975 82.28 44.06 68.10
N LYS I 1976 82.48 44.18 69.42
CA LYS I 1976 82.90 43.04 70.28
C LYS I 1976 82.02 41.81 70.04
N PRO I 1977 80.67 41.90 70.08
CA PRO I 1977 79.82 40.73 69.84
C PRO I 1977 79.96 40.15 68.42
N PHE I 1978 79.95 41.01 67.40
CA PHE I 1978 80.14 40.64 65.97
C PHE I 1978 81.54 40.06 65.75
N LYS I 1979 82.57 40.58 66.43
CA LYS I 1979 83.94 39.99 66.36
C LYS I 1979 83.91 38.56 66.89
N SER I 1980 83.35 38.34 68.09
CA SER I 1980 83.31 37.02 68.77
C SER I 1980 82.52 36.02 67.92
N PHE I 1981 81.54 36.48 67.15
CA PHE I 1981 80.70 35.62 66.25
C PHE I 1981 81.50 35.18 65.02
N LEU I 1982 82.28 36.09 64.40
CA LEU I 1982 83.22 35.75 63.29
C LEU I 1982 84.24 34.70 63.75
N LYS I 1983 84.68 34.70 65.01
CA LYS I 1983 85.77 33.81 65.47
C LYS I 1983 85.26 32.36 65.61
N LYS I 1984 83.96 32.17 65.83
CA LYS I 1984 83.31 30.84 65.83
C LYS I 1984 83.26 30.30 64.40
N ASN I 1985 82.89 31.17 63.47
CA ASN I 1985 82.42 30.83 62.10
C ASN I 1985 83.56 30.89 61.08
N ILE I 1986 84.62 31.66 61.32
CA ILE I 1986 85.88 31.71 60.50
C ILE I 1986 86.96 30.98 61.31
N ILE I 1987 87.28 29.75 60.92
CA ILE I 1987 88.26 28.87 61.60
C ILE I 1987 89.66 29.23 61.07
N LYS I 1988 90.72 29.00 61.84
CA LYS I 1988 92.12 29.31 61.43
C LYS I 1988 92.52 28.40 60.26
N GLU I 1989 92.24 27.11 60.39
CA GLU I 1989 92.62 26.03 59.44
C GLU I 1989 92.09 26.30 58.03
N ASN I 1990 90.97 27.02 57.88
CA ASN I 1990 90.32 27.28 56.57
C ASN I 1990 90.90 28.53 55.87
N VAL I 1991 91.95 29.15 56.42
CA VAL I 1991 92.56 30.40 55.86
C VAL I 1991 93.87 30.02 55.20
N LYS I 1992 93.88 30.01 53.87
CA LYS I 1992 95.09 29.74 53.04
C LYS I 1992 95.64 31.10 52.64
N VAL I 1993 96.83 31.44 53.14
CA VAL I 1993 97.40 32.82 53.07
C VAL I 1993 97.71 33.16 51.61
N ALA I 1994 98.30 32.18 50.90
CA ALA I 1994 98.54 32.15 49.45
C ALA I 1994 97.35 32.69 48.66
N ARG I 1995 96.13 32.56 49.19
CA ARG I 1995 94.87 32.79 48.44
C ARG I 1995 94.35 34.22 48.66
N LEU I 1996 94.95 34.96 49.59
CA LEU I 1996 94.55 36.32 50.02
C LEU I 1996 95.67 37.30 49.70
N ALA I 1997 96.90 37.00 50.16
CA ALA I 1997 98.12 37.82 49.98
C ALA I 1997 98.15 38.47 48.59
N GLY I 1998 98.20 39.80 48.57
CA GLY I 1998 98.34 40.60 47.34
C GLY I 1998 97.18 40.47 46.35
N LYS I 1999 96.07 39.86 46.76
CA LYS I 1999 94.88 39.65 45.88
C LYS I 1999 93.64 40.31 46.47
N TYR I 2000 93.47 40.20 47.80
CA TYR I 2000 92.28 40.72 48.52
C TYR I 2000 92.57 42.17 48.89
N ILE I 2001 91.74 43.09 48.40
CA ILE I 2001 91.81 44.53 48.74
C ILE I 2001 90.66 44.86 49.69
N PRO I 2002 90.87 44.84 51.03
CA PRO I 2002 89.81 45.21 51.98
C PRO I 2002 89.25 46.62 51.80
N ASN I 2003 88.14 46.91 52.49
CA ASN I 2003 87.47 48.23 52.48
C ASN I 2003 88.07 49.11 53.57
N LEU I 2004 88.45 48.49 54.70
CA LEU I 2004 89.00 49.17 55.89
C LEU I 2004 90.25 49.91 55.43
N THR I 2005 91.26 49.14 55.01
CA THR I 2005 92.54 49.56 54.41
C THR I 2005 92.46 49.28 52.93
N ALA I 2006 92.45 50.26 52.04
CA ALA I 2006 92.48 49.99 50.58
C ALA I 2006 93.93 49.68 50.17
N LYS I 2007 94.43 48.55 50.66
CA LYS I 2007 95.82 48.08 50.46
C LYS I 2007 95.81 46.58 50.30
N PRO I 2008 96.35 46.01 49.20
CA PRO I 2008 96.33 44.56 49.01
C PRO I 2008 96.73 43.89 50.31
N PHE I 2009 95.90 42.93 50.76
CA PHE I 2009 96.09 42.17 52.03
C PHE I 2009 97.53 41.66 52.06
N GLN I 2010 98.23 41.82 53.19
CA GLN I 2010 99.58 41.25 53.41
C GLN I 2010 99.75 40.92 54.89
N VAL I 2011 100.54 39.89 55.21
CA VAL I 2011 100.82 39.48 56.61
C VAL I 2011 102.26 39.94 56.93
N THR I 2012 102.39 41.26 57.08
CA THR I 2012 103.63 41.98 57.48
C THR I 2012 103.28 43.02 58.55
N LYS I 2013 104.28 43.39 59.37
CA LYS I 2013 104.16 44.35 60.51
C LYS I 2013 103.49 45.67 60.08
N GLU I 2014 103.90 46.24 58.93
CA GLU I 2014 103.45 47.58 58.46
C GLU I 2014 101.95 47.58 58.20
N TYR I 2015 101.38 46.41 57.86
CA TYR I 2015 99.94 46.23 57.55
C TYR I 2015 99.17 46.21 58.89
N PHE I 2016 99.59 45.35 59.82
CA PHE I 2016 99.04 45.28 61.20
C PHE I 2016 99.06 46.67 61.84
N GLN I 2017 100.21 47.35 61.80
CA GLN I 2017 100.40 48.74 62.29
C GLN I 2017 99.31 49.63 61.68
N ASP I 2018 99.17 49.60 60.35
CA ASP I 2018 98.22 50.46 59.59
C ASP I 2018 96.78 50.19 60.02
N VAL I 2019 96.45 48.94 60.40
CA VAL I 2019 95.07 48.52 60.81
C VAL I 2019 94.78 49.12 62.18
N TYR I 2020 95.69 48.90 63.15
CA TYR I 2020 95.65 49.45 64.53
C TYR I 2020 95.31 50.95 64.52
N ASP I 2021 95.86 51.70 63.56
CA ASP I 2021 95.68 53.18 63.45
C ASP I 2021 94.24 53.52 63.04
N LEU I 2022 93.44 52.56 62.56
CA LEU I 2022 92.06 52.78 62.02
C LEU I 2022 91.00 52.14 62.92
N THR I 2023 91.42 51.41 63.95
CA THR I 2023 90.60 50.36 64.60
C THR I 2023 90.81 50.44 66.13
N GLY I 2024 92.06 50.43 66.58
CA GLY I 2024 92.39 50.48 68.03
C GLY I 2024 92.04 49.17 68.68
N SER I 2025 92.47 48.06 68.07
CA SER I 2025 92.21 46.66 68.50
C SER I 2025 93.37 46.18 69.37
N GLU I 2026 93.08 45.54 70.50
CA GLU I 2026 94.10 45.04 71.47
C GLU I 2026 94.71 43.73 70.98
N PRO I 2027 93.93 42.75 70.42
CA PRO I 2027 94.49 41.55 69.82
C PRO I 2027 95.45 41.80 68.64
N ILE I 2028 95.35 42.95 67.98
CA ILE I 2028 96.33 43.41 66.94
C ILE I 2028 97.55 44.03 67.62
N LYS I 2029 97.34 44.96 68.56
CA LYS I 2029 98.44 45.74 69.19
C LYS I 2029 99.37 44.81 69.95
N GLU I 2030 98.85 43.70 70.48
CA GLU I 2030 99.63 42.72 71.28
C GLU I 2030 100.51 41.87 70.34
N ILE I 2031 100.19 41.79 69.04
CA ILE I 2031 101.02 41.12 67.99
C ILE I 2031 102.20 42.02 67.60
N ILE I 2032 101.94 43.30 67.29
CA ILE I 2032 102.98 44.31 66.91
C ILE I 2032 104.05 44.36 68.01
N ASP I 2033 103.63 44.35 69.28
CA ASP I 2033 104.51 44.50 70.47
C ASP I 2033 105.54 43.37 70.49
N ASN I 2034 105.11 42.14 70.18
CA ASN I 2034 106.00 40.93 70.17
C ASN I 2034 105.98 40.33 68.76
N TRP I 2035 106.30 41.15 67.75
CA TRP I 2035 106.39 40.76 66.31
C TRP I 2035 107.56 39.78 66.08
N GLU I 2036 108.38 39.48 67.09
CA GLU I 2036 109.35 38.34 67.09
C GLU I 2036 108.63 37.05 67.52
N LYS I 2037 107.68 36.66 66.66
CA LYS I 2037 107.24 35.26 66.39
C LYS I 2037 107.67 34.93 64.94
N TYR I 2038 108.90 35.35 64.59
CA TYR I 2038 109.78 34.81 63.51
C TYR I 2038 110.58 33.60 64.02
N GLU I 2039 110.92 33.62 65.31
CA GLU I 2039 111.31 32.41 66.09
C GLU I 2039 110.00 31.70 66.53
N GLN I 2040 109.39 30.97 65.57
CA GLN I 2040 108.17 30.11 65.71
C GLN I 2040 107.22 30.68 66.78
N SER J 1 -102.69 -40.92 59.80
CA SER J 1 -101.97 -41.36 58.53
C SER J 1 -101.48 -40.14 57.73
N THR J 2 -100.17 -39.84 57.75
CA THR J 2 -99.52 -38.59 57.25
C THR J 2 -98.54 -38.90 56.11
N ARG J 3 -97.71 -37.91 55.69
CA ARG J 3 -96.70 -38.06 54.59
C ARG J 3 -95.82 -36.80 54.48
N PRO J 4 -94.46 -36.91 54.45
CA PRO J 4 -93.57 -35.74 54.28
C PRO J 4 -93.51 -35.06 52.89
N LEU J 5 -93.49 -33.71 52.90
CA LEU J 5 -93.20 -32.80 51.75
C LEU J 5 -92.18 -31.74 52.20
N THR J 6 -91.19 -31.41 51.34
CA THR J 6 -90.04 -30.50 51.65
C THR J 6 -90.04 -29.28 50.71
N LEU J 7 -90.73 -28.21 51.11
CA LEU J 7 -90.54 -26.83 50.58
C LEU J 7 -89.07 -26.45 50.81
N SER J 8 -88.31 -26.21 49.73
CA SER J 8 -86.88 -25.78 49.79
C SER J 8 -86.57 -24.75 48.70
N HIS J 9 -85.60 -23.88 49.00
CA HIS J 9 -84.95 -22.89 48.11
C HIS J 9 -83.46 -22.90 48.43
N GLY J 10 -82.62 -23.27 47.46
CA GLY J 10 -81.17 -23.49 47.65
C GLY J 10 -80.91 -24.32 48.91
N SER J 11 -80.15 -23.75 49.85
CA SER J 11 -79.51 -24.45 51.00
C SER J 11 -80.47 -24.74 52.16
N LEU J 12 -81.67 -24.15 52.18
CA LEU J 12 -82.59 -24.20 53.37
C LEU J 12 -83.94 -24.80 52.97
N GLU J 13 -84.60 -25.43 53.93
CA GLU J 13 -85.89 -26.16 53.74
C GLU J 13 -86.77 -26.08 54.99
N HIS J 14 -88.08 -26.21 54.79
CA HIS J 14 -89.06 -26.62 55.81
C HIS J 14 -89.70 -27.94 55.36
N VAL J 15 -89.66 -28.95 56.24
CA VAL J 15 -90.31 -30.28 56.07
C VAL J 15 -91.74 -30.17 56.62
N LEU J 16 -92.72 -30.59 55.83
CA LEU J 16 -94.15 -30.25 56.00
C LEU J 16 -94.98 -31.54 56.00
N LEU J 17 -95.76 -31.78 57.07
CA LEU J 17 -96.47 -33.08 57.30
C LEU J 17 -97.92 -32.98 56.82
N VAL J 18 -98.15 -33.36 55.56
CA VAL J 18 -99.47 -33.30 54.86
C VAL J 18 -100.19 -34.63 55.11
N PRO J 19 -101.44 -34.63 55.67
CA PRO J 19 -102.30 -35.83 55.61
C PRO J 19 -102.41 -36.32 54.16
N THR J 20 -102.13 -37.62 53.92
CA THR J 20 -102.06 -38.27 52.58
C THR J 20 -103.40 -38.11 51.84
N ALA J 21 -104.52 -38.01 52.59
CA ALA J 21 -105.89 -37.64 52.12
C ALA J 21 -105.84 -36.49 51.09
N SER J 22 -105.02 -35.44 51.35
CA SER J 22 -104.88 -34.22 50.51
C SER J 22 -103.41 -33.95 50.19
N PHE J 23 -102.73 -34.92 49.55
CA PHE J 23 -101.32 -34.80 49.12
C PHE J 23 -101.22 -34.42 47.62
N PHE J 24 -102.04 -35.01 46.74
CA PHE J 24 -101.96 -34.82 45.25
C PHE J 24 -102.31 -33.38 44.87
N ILE J 25 -103.05 -32.68 45.74
CA ILE J 25 -103.22 -31.19 45.73
C ILE J 25 -101.85 -30.55 46.02
N ALA J 26 -101.28 -30.79 47.22
CA ALA J 26 -100.16 -30.04 47.85
C ALA J 26 -98.87 -30.12 47.03
N SER J 27 -98.53 -31.31 46.51
CA SER J 27 -97.34 -31.61 45.66
C SER J 27 -97.44 -30.89 44.29
N GLN J 28 -98.67 -30.59 43.84
CA GLN J 28 -98.97 -29.83 42.59
C GLN J 28 -98.71 -28.33 42.84
N LEU J 29 -99.08 -27.81 44.02
CA LEU J 29 -98.71 -26.44 44.51
C LEU J 29 -97.19 -26.34 44.70
N GLN J 30 -96.58 -27.38 45.29
CA GLN J 30 -95.12 -27.38 45.62
C GLN J 30 -94.32 -27.09 44.34
N GLU J 31 -94.58 -27.82 43.25
CA GLU J 31 -93.80 -27.68 41.98
C GLU J 31 -94.12 -26.32 41.32
N GLN J 32 -95.40 -25.89 41.34
CA GLN J 32 -95.87 -24.58 40.78
C GLN J 32 -95.20 -23.41 41.51
N PHE J 33 -95.07 -23.53 42.85
CA PHE J 33 -94.37 -22.56 43.74
C PHE J 33 -92.86 -22.57 43.46
N ASN J 34 -92.26 -23.77 43.34
CA ASN J 34 -90.80 -23.99 43.30
C ASN J 34 -90.19 -23.49 41.98
N LYS J 35 -91.01 -22.98 41.04
CA LYS J 35 -90.56 -22.45 39.73
C LYS J 35 -90.68 -20.91 39.68
N ILE J 36 -91.63 -20.29 40.41
CA ILE J 36 -91.85 -18.81 40.38
C ILE J 36 -90.66 -18.13 41.10
N LEU J 37 -90.33 -18.59 42.32
CA LEU J 37 -89.28 -17.96 43.16
C LEU J 37 -87.92 -18.25 42.53
N PRO J 38 -86.97 -17.29 42.55
CA PRO J 38 -85.84 -17.29 41.62
C PRO J 38 -84.68 -18.27 41.95
N GLU J 39 -83.59 -18.14 41.19
CA GLU J 39 -82.37 -18.99 41.30
C GLU J 39 -81.62 -18.62 42.58
N PRO J 40 -81.47 -19.56 43.55
CA PRO J 40 -80.66 -19.32 44.74
C PRO J 40 -79.28 -18.70 44.41
N THR J 41 -78.96 -17.59 45.09
CA THR J 41 -77.67 -16.85 45.03
C THR J 41 -77.15 -16.70 46.46
N GLU J 42 -75.84 -16.76 46.64
CA GLU J 42 -75.17 -16.76 47.98
C GLU J 42 -75.67 -15.56 48.81
N GLY J 43 -75.86 -15.79 50.11
CA GLY J 43 -76.39 -14.79 51.07
C GLY J 43 -77.91 -14.70 51.05
N PHE J 44 -78.55 -15.09 49.93
CA PHE J 44 -80.00 -14.93 49.63
C PHE J 44 -80.36 -13.44 49.65
N ALA J 45 -79.50 -12.60 49.07
CA ALA J 45 -79.52 -11.13 49.24
C ALA J 45 -80.63 -10.49 48.38
N ALA J 46 -80.86 -10.96 47.15
CA ALA J 46 -81.92 -10.47 46.20
C ALA J 46 -83.27 -10.44 46.93
N ASP J 47 -84.10 -9.42 46.65
CA ASP J 47 -85.27 -9.01 47.48
C ASP J 47 -86.37 -10.09 47.49
N ASP J 48 -86.55 -10.84 46.39
CA ASP J 48 -87.61 -11.87 46.20
C ASP J 48 -87.27 -13.13 47.02
N GLU J 49 -86.05 -13.65 46.86
CA GLU J 49 -85.61 -14.93 47.49
C GLU J 49 -85.63 -14.80 49.01
N PRO J 50 -86.25 -15.75 49.76
CA PRO J 50 -86.24 -15.71 51.23
C PRO J 50 -84.93 -16.20 51.85
N THR J 51 -84.59 -15.69 53.04
CA THR J 51 -83.25 -15.78 53.68
C THR J 51 -83.23 -16.81 54.84
N THR J 52 -84.38 -17.08 55.48
CA THR J 52 -84.51 -18.08 56.57
C THR J 52 -85.60 -19.09 56.21
N PRO J 53 -85.63 -20.25 56.90
CA PRO J 53 -86.79 -21.16 56.87
C PRO J 53 -88.14 -20.45 57.09
N ALA J 54 -88.21 -19.53 58.06
CA ALA J 54 -89.44 -18.80 58.45
C ALA J 54 -89.99 -17.99 57.27
N GLU J 55 -89.13 -17.36 56.47
CA GLU J 55 -89.56 -16.51 55.32
C GLU J 55 -90.11 -17.41 54.20
N LEU J 56 -89.41 -18.51 53.91
CA LEU J 56 -89.76 -19.51 52.86
C LEU J 56 -91.19 -20.04 53.07
N VAL J 57 -91.54 -20.37 54.32
CA VAL J 57 -92.90 -20.87 54.68
C VAL J 57 -93.91 -19.74 54.42
N GLY J 58 -93.56 -18.50 54.81
CA GLY J 58 -94.37 -17.28 54.58
C GLY J 58 -94.63 -17.03 53.11
N LYS J 59 -93.59 -17.09 52.27
CA LYS J 59 -93.67 -16.93 50.80
C LYS J 59 -94.71 -17.92 50.25
N PHE J 60 -94.69 -19.16 50.74
CA PHE J 60 -95.67 -20.24 50.41
C PHE J 60 -97.08 -19.81 50.83
N LEU J 61 -97.30 -19.57 52.12
CA LEU J 61 -98.61 -19.13 52.70
C LEU J 61 -99.26 -18.07 51.81
N GLY J 62 -98.47 -17.10 51.32
CA GLY J 62 -98.91 -16.06 50.38
C GLY J 62 -99.39 -16.66 49.05
N TYR J 63 -98.55 -17.48 48.42
CA TYR J 63 -98.82 -18.12 47.10
C TYR J 63 -100.06 -19.01 47.15
N VAL J 64 -100.28 -19.71 48.28
CA VAL J 64 -101.51 -20.53 48.51
C VAL J 64 -102.69 -19.58 48.73
N SER J 65 -102.54 -18.58 49.61
CA SER J 65 -103.60 -17.59 49.98
C SER J 65 -104.11 -16.84 48.74
N SER J 66 -103.30 -16.79 47.66
CA SER J 66 -103.62 -16.13 46.36
C SER J 66 -104.44 -17.04 45.42
N LEU J 67 -104.83 -18.24 45.88
CA LEU J 67 -105.60 -19.24 45.06
C LEU J 67 -106.91 -19.65 45.77
N VAL J 68 -107.11 -19.25 47.04
CA VAL J 68 -108.34 -19.53 47.82
C VAL J 68 -109.43 -18.50 47.43
N GLU J 69 -110.70 -18.82 47.65
CA GLU J 69 -111.85 -17.87 47.66
C GLU J 69 -112.34 -17.69 49.11
N PRO J 70 -112.67 -16.45 49.53
CA PRO J 70 -113.08 -16.19 50.94
C PRO J 70 -114.46 -16.76 51.33
N SER J 71 -115.37 -16.98 50.37
CA SER J 71 -116.69 -17.65 50.54
C SER J 71 -116.60 -19.15 50.14
N LYS J 72 -116.36 -19.44 48.84
CA LYS J 72 -116.39 -20.79 48.22
C LYS J 72 -115.34 -21.71 48.86
N VAL J 73 -115.76 -22.78 49.56
CA VAL J 73 -114.86 -23.83 50.15
C VAL J 73 -114.22 -24.62 48.98
N GLY J 74 -113.01 -24.24 48.58
CA GLY J 74 -112.23 -24.93 47.51
C GLY J 74 -111.45 -26.12 48.06
N GLN J 75 -110.39 -26.52 47.34
CA GLN J 75 -109.53 -27.69 47.64
C GLN J 75 -108.39 -27.28 48.59
N PHE J 76 -108.00 -26.00 48.56
CA PHE J 76 -106.75 -25.47 49.16
C PHE J 76 -106.96 -25.04 50.63
N ASP J 77 -108.17 -25.15 51.16
CA ASP J 77 -108.53 -24.58 52.49
C ASP J 77 -107.78 -25.36 53.58
N GLN J 78 -107.87 -26.70 53.54
CA GLN J 78 -107.24 -27.63 54.53
C GLN J 78 -105.72 -27.70 54.33
N VAL J 79 -105.22 -27.45 53.09
CA VAL J 79 -103.76 -27.36 52.74
C VAL J 79 -103.14 -26.18 53.51
N LEU J 80 -103.74 -25.00 53.33
CA LEU J 80 -103.38 -23.70 53.96
C LEU J 80 -103.47 -23.82 55.48
N ASN J 81 -104.56 -24.41 56.01
CA ASN J 81 -104.81 -24.56 57.48
C ASN J 81 -103.73 -25.43 58.17
N LEU J 82 -102.97 -26.23 57.40
CA LEU J 82 -101.86 -27.10 57.91
C LEU J 82 -100.47 -26.64 57.43
N CYS J 83 -100.39 -25.48 56.75
CA CYS J 83 -99.16 -24.65 56.63
C CYS J 83 -99.12 -23.66 57.81
N LEU J 84 -100.24 -22.96 58.07
CA LEU J 84 -100.42 -22.03 59.22
C LEU J 84 -100.02 -22.73 60.52
N THR J 85 -100.70 -23.83 60.87
CA THR J 85 -100.57 -24.50 62.19
C THR J 85 -99.12 -25.00 62.38
N GLU J 86 -98.40 -25.28 61.30
CA GLU J 86 -96.93 -25.57 61.32
C GLU J 86 -96.14 -24.28 61.66
N PHE J 87 -96.32 -23.24 60.82
CA PHE J 87 -95.66 -21.90 60.93
C PHE J 87 -95.86 -21.30 62.33
N GLU J 88 -97.08 -21.41 62.89
CA GLU J 88 -97.43 -20.86 64.23
C GLU J 88 -96.74 -21.63 65.37
N ASN J 89 -96.42 -22.93 65.18
CA ASN J 89 -95.90 -23.81 66.25
C ASN J 89 -94.37 -23.92 66.16
N CYS J 90 -93.80 -23.82 64.97
CA CYS J 90 -92.32 -23.75 64.76
C CYS J 90 -91.80 -22.37 65.21
N TYR J 91 -92.25 -21.30 64.52
CA TYR J 91 -91.52 -20.02 64.39
C TYR J 91 -92.18 -18.86 65.16
N LEU J 92 -93.41 -19.00 65.67
CA LEU J 92 -94.06 -17.92 66.47
C LEU J 92 -94.03 -18.22 67.97
N GLU J 93 -93.83 -19.49 68.38
CA GLU J 93 -93.80 -19.93 69.81
C GLU J 93 -94.77 -19.06 70.64
N GLY J 94 -96.01 -18.93 70.17
CA GLY J 94 -97.09 -18.18 70.85
C GLY J 94 -96.70 -16.74 71.17
N ASN J 95 -95.97 -16.09 70.26
CA ASN J 95 -95.69 -14.63 70.25
C ASN J 95 -96.57 -14.00 69.16
N ASP J 96 -96.37 -12.72 68.79
CA ASP J 96 -97.01 -12.13 67.59
C ASP J 96 -96.03 -12.18 66.42
N ILE J 97 -96.57 -12.11 65.19
CA ILE J 97 -95.79 -12.13 63.91
C ILE J 97 -94.77 -10.99 63.94
N HIS J 98 -95.13 -9.84 64.49
CA HIS J 98 -94.27 -8.63 64.55
C HIS J 98 -93.02 -8.93 65.40
N ALA J 99 -93.20 -9.58 66.56
CA ALA J 99 -92.11 -10.00 67.46
C ALA J 99 -91.14 -10.93 66.71
N LEU J 100 -91.63 -11.74 65.76
CA LEU J 100 -90.78 -12.60 64.91
C LEU J 100 -90.03 -11.75 63.88
N ALA J 101 -90.74 -10.87 63.17
CA ALA J 101 -90.20 -9.99 62.10
C ALA J 101 -89.00 -9.20 62.63
N ALA J 102 -89.11 -8.68 63.87
CA ALA J 102 -88.02 -8.05 64.65
C ALA J 102 -86.82 -9.00 64.75
N LYS J 103 -87.00 -10.20 65.33
CA LYS J 103 -85.89 -11.15 65.60
C LYS J 103 -85.07 -11.34 64.32
N LEU J 104 -85.72 -11.70 63.22
CA LEU J 104 -85.06 -11.99 61.92
C LEU J 104 -84.20 -10.80 61.50
N LEU J 105 -84.67 -9.58 61.78
CA LEU J 105 -84.08 -8.31 61.30
C LEU J 105 -82.75 -7.99 62.02
N GLN J 106 -82.61 -8.36 63.30
CA GLN J 106 -81.38 -8.07 64.11
C GLN J 106 -80.47 -9.31 64.23
N GLU J 107 -80.99 -10.54 64.06
CA GLU J 107 -80.18 -11.79 63.96
C GLU J 107 -79.68 -11.95 62.51
N ASN J 108 -80.59 -12.32 61.60
CA ASN J 108 -80.28 -12.78 60.23
C ASN J 108 -80.08 -11.56 59.32
N ASP J 109 -79.61 -11.77 58.09
CA ASP J 109 -79.35 -10.70 57.09
C ASP J 109 -80.59 -10.56 56.17
N THR J 110 -81.77 -10.39 56.79
CA THR J 110 -83.02 -9.95 56.13
C THR J 110 -82.94 -8.42 55.98
N THR J 111 -83.90 -7.84 55.25
CA THR J 111 -84.08 -6.37 55.10
C THR J 111 -85.48 -6.03 55.63
N LEU J 112 -85.96 -4.80 55.38
CA LEU J 112 -87.31 -4.34 55.78
C LEU J 112 -88.34 -4.85 54.76
N VAL J 113 -88.10 -4.63 53.47
CA VAL J 113 -88.99 -5.10 52.35
C VAL J 113 -89.23 -6.59 52.51
N LYS J 114 -88.18 -7.32 52.89
CA LYS J 114 -88.17 -8.80 53.09
C LYS J 114 -89.12 -9.20 54.24
N THR J 115 -89.16 -8.40 55.30
CA THR J 115 -89.91 -8.72 56.56
C THR J 115 -91.31 -8.10 56.51
N LYS J 116 -91.54 -7.08 55.68
CA LYS J 116 -92.88 -6.47 55.46
C LYS J 116 -93.79 -7.50 54.79
N GLU J 117 -93.26 -8.25 53.80
CA GLU J 117 -94.04 -9.23 53.00
C GLU J 117 -94.41 -10.43 53.88
N LEU J 118 -93.52 -10.86 54.76
CA LEU J 118 -93.77 -11.96 55.73
C LEU J 118 -94.99 -11.64 56.60
N ILE J 119 -95.15 -10.38 56.99
CA ILE J 119 -96.28 -9.90 57.82
C ILE J 119 -97.54 -9.85 56.96
N LYS J 120 -97.41 -9.45 55.68
CA LYS J 120 -98.51 -9.44 54.69
C LYS J 120 -99.02 -10.86 54.54
N ASN J 121 -98.11 -11.77 54.16
CA ASN J 121 -98.42 -13.19 53.85
C ASN J 121 -99.18 -13.77 55.05
N TYR J 122 -98.57 -13.81 56.24
CA TYR J 122 -99.14 -14.45 57.44
C TYR J 122 -100.55 -13.90 57.73
N ILE J 123 -100.74 -12.59 57.67
CA ILE J 123 -102.01 -11.92 58.11
C ILE J 123 -103.07 -12.10 57.02
N THR J 124 -102.66 -12.11 55.74
CA THR J 124 -103.54 -12.50 54.60
C THR J 124 -104.04 -13.94 54.86
N ALA J 125 -103.12 -14.88 55.00
CA ALA J 125 -103.38 -16.33 55.23
C ALA J 125 -104.39 -16.51 56.38
N ARG J 126 -104.12 -15.91 57.54
CA ARG J 126 -104.98 -16.01 58.75
C ARG J 126 -106.44 -15.68 58.43
N ILE J 127 -106.70 -14.80 57.46
CA ILE J 127 -108.07 -14.32 57.11
C ILE J 127 -108.63 -15.10 55.92
N MET J 128 -107.80 -15.48 54.93
CA MET J 128 -108.24 -16.28 53.75
C MET J 128 -108.65 -17.70 54.20
N ALA J 129 -108.09 -18.20 55.30
CA ALA J 129 -108.41 -19.52 55.90
C ALA J 129 -109.22 -19.32 57.20
N LYS J 130 -110.27 -18.48 57.15
CA LYS J 130 -111.27 -18.22 58.22
C LYS J 130 -110.69 -18.56 59.60
N ARG J 131 -109.66 -17.82 60.05
CA ARG J 131 -109.11 -17.85 61.44
C ARG J 131 -108.94 -16.42 61.94
N PRO J 132 -110.06 -15.68 62.15
CA PRO J 132 -109.98 -14.28 62.54
C PRO J 132 -109.40 -14.09 63.94
N PHE J 133 -108.56 -13.06 64.11
CA PHE J 133 -107.96 -12.66 65.41
C PHE J 133 -109.09 -12.35 66.39
N ASP J 134 -109.35 -13.25 67.35
CA ASP J 134 -110.40 -13.08 68.38
C ASP J 134 -109.85 -13.22 69.81
N LYS J 135 -108.72 -13.93 70.01
CA LYS J 135 -108.07 -14.10 71.34
C LYS J 135 -107.53 -12.74 71.85
N LYS J 136 -107.90 -12.35 73.07
CA LYS J 136 -107.27 -11.22 73.81
C LYS J 136 -105.80 -11.57 74.07
N SER J 137 -104.92 -11.19 73.14
CA SER J 137 -103.45 -11.50 73.15
C SER J 137 -102.82 -11.14 74.51
N ASN J 138 -101.80 -11.90 74.93
CA ASN J 138 -101.00 -11.65 76.16
C ASN J 138 -99.87 -10.67 75.82
N SER J 139 -100.21 -9.45 75.41
CA SER J 139 -99.24 -8.34 75.19
C SER J 139 -98.72 -7.89 76.55
N ALA J 140 -97.39 -7.95 76.73
CA ALA J 140 -96.72 -7.62 78.02
C ALA J 140 -97.18 -6.23 78.48
N LEU J 141 -97.20 -5.28 77.54
CA LEU J 141 -97.56 -3.86 77.76
C LEU J 141 -98.97 -3.75 78.35
N PHE J 142 -99.93 -4.54 77.89
CA PHE J 142 -101.36 -4.43 78.29
C PHE J 142 -101.65 -5.29 79.52
N ARG J 143 -100.93 -6.40 79.73
CA ARG J 143 -100.91 -7.09 81.05
C ARG J 143 -100.44 -6.07 82.11
N ALA J 144 -99.45 -5.24 81.75
CA ALA J 144 -98.83 -4.23 82.65
C ALA J 144 -99.77 -3.04 82.92
N VAL J 145 -100.72 -2.73 82.04
CA VAL J 145 -101.67 -1.59 82.23
C VAL J 145 -102.85 -2.05 83.10
N GLY J 146 -103.28 -3.31 82.95
CA GLY J 146 -104.29 -3.94 83.81
C GLY J 146 -103.83 -3.99 85.26
N GLU J 147 -102.62 -4.52 85.47
CA GLU J 147 -101.94 -4.59 86.81
C GLU J 147 -101.82 -3.18 87.42
N GLY J 148 -101.68 -2.14 86.59
CA GLY J 148 -101.57 -0.74 87.02
C GLY J 148 -100.13 -0.28 87.18
N ASN J 149 -99.18 -0.94 86.48
CA ASN J 149 -97.76 -0.47 86.36
C ASN J 149 -97.72 0.68 85.35
N ALA J 150 -98.02 0.38 84.08
CA ALA J 150 -97.90 1.29 82.92
C ALA J 150 -99.18 2.11 82.74
N GLN J 151 -99.05 3.43 82.56
CA GLN J 151 -100.08 4.35 82.02
C GLN J 151 -99.73 4.56 80.55
N LEU J 152 -100.73 4.50 79.65
CA LEU J 152 -100.54 4.74 78.19
C LEU J 152 -101.28 6.01 77.80
N VAL J 153 -100.72 6.73 76.85
CA VAL J 153 -101.41 7.85 76.15
C VAL J 153 -101.20 7.65 74.66
N ALA J 154 -102.27 7.86 73.88
CA ALA J 154 -102.24 7.86 72.40
C ALA J 154 -102.00 9.28 71.93
N ILE J 155 -101.20 9.46 70.89
CA ILE J 155 -101.03 10.77 70.20
C ILE J 155 -101.12 10.53 68.69
N PHE J 156 -101.70 11.51 68.00
CA PHE J 156 -101.85 11.49 66.53
C PHE J 156 -101.10 12.70 65.97
N GLY J 157 -100.39 12.49 64.87
CA GLY J 157 -99.63 13.54 64.16
C GLY J 157 -100.52 14.41 63.28
N GLY J 158 -99.90 15.09 62.31
CA GLY J 158 -100.54 16.04 61.37
C GLY J 158 -99.76 16.19 60.09
N GLN J 159 -100.01 17.28 59.36
CA GLN J 159 -99.25 17.60 58.14
C GLN J 159 -97.82 18.02 58.55
N GLY J 160 -96.82 17.81 57.69
CA GLY J 160 -95.46 18.35 57.84
C GLY J 160 -94.41 17.28 58.12
N ASN J 161 -94.86 16.08 58.50
CA ASN J 161 -93.99 15.02 59.04
C ASN J 161 -93.32 14.28 57.87
N THR J 162 -93.80 14.46 56.62
CA THR J 162 -93.24 13.76 55.42
C THR J 162 -93.62 14.50 54.13
N ASP J 163 -92.75 14.37 53.11
CA ASP J 163 -92.97 14.86 51.72
C ASP J 163 -94.17 14.11 51.13
N ASP J 164 -94.13 12.77 51.11
CA ASP J 164 -95.26 11.91 50.63
C ASP J 164 -95.76 11.03 51.78
N TYR J 165 -96.82 11.50 52.45
CA TYR J 165 -97.65 10.72 53.41
C TYR J 165 -98.29 9.54 52.70
N PHE J 166 -98.70 9.71 51.44
CA PHE J 166 -99.52 8.74 50.66
C PHE J 166 -98.77 7.41 50.47
N GLU J 167 -97.43 7.39 50.49
CA GLU J 167 -96.64 6.12 50.50
C GLU J 167 -96.89 5.35 51.80
N GLU J 168 -97.26 6.04 52.89
CA GLU J 168 -97.61 5.38 54.18
C GLU J 168 -98.96 4.67 54.04
N LEU J 169 -99.89 5.21 53.25
CA LEU J 169 -101.27 4.66 53.08
C LEU J 169 -101.18 3.46 52.14
N ARG J 170 -100.35 3.59 51.10
CA ARG J 170 -100.05 2.54 50.11
C ARG J 170 -99.38 1.34 50.80
N ASP J 171 -98.34 1.59 51.61
CA ASP J 171 -97.56 0.51 52.27
C ASP J 171 -98.43 -0.16 53.34
N LEU J 172 -99.29 0.62 53.99
CA LEU J 172 -100.22 0.13 55.04
C LEU J 172 -101.28 -0.77 54.38
N TYR J 173 -101.84 -0.34 53.24
CA TYR J 173 -102.88 -1.08 52.48
C TYR J 173 -102.29 -2.33 51.80
N GLN J 174 -101.06 -2.24 51.28
CA GLN J 174 -100.36 -3.38 50.65
C GLN J 174 -100.22 -4.52 51.67
N THR J 175 -99.94 -4.21 52.93
CA THR J 175 -99.53 -5.18 53.99
C THR J 175 -100.73 -5.65 54.81
N TYR J 176 -101.64 -4.75 55.22
CA TYR J 176 -102.84 -5.06 56.05
C TYR J 176 -104.11 -4.82 55.23
N HIS J 177 -104.02 -5.01 53.91
CA HIS J 177 -105.14 -5.17 52.93
C HIS J 177 -106.39 -5.77 53.59
N VAL J 178 -106.21 -6.91 54.26
CA VAL J 178 -107.28 -7.84 54.73
C VAL J 178 -107.87 -7.37 56.07
N LEU J 179 -107.33 -6.30 56.67
CA LEU J 179 -107.82 -5.73 57.95
C LEU J 179 -108.40 -4.32 57.74
N VAL J 180 -107.90 -3.59 56.74
CA VAL J 180 -108.18 -2.14 56.57
C VAL J 180 -109.05 -1.92 55.32
N GLY J 181 -108.92 -2.77 54.30
CA GLY J 181 -109.81 -2.86 53.12
C GLY J 181 -111.23 -2.34 53.37
N ASP J 182 -111.86 -2.71 54.50
CA ASP J 182 -113.25 -2.28 54.82
C ASP J 182 -113.31 -0.81 55.24
N LEU J 183 -112.35 -0.33 56.07
CA LEU J 183 -112.26 1.09 56.52
C LEU J 183 -111.91 2.00 55.35
N ILE J 184 -110.91 1.63 54.55
CA ILE J 184 -110.55 2.39 53.31
C ILE J 184 -111.84 2.55 52.50
N LYS J 185 -112.45 1.43 52.11
CA LYS J 185 -113.67 1.38 51.28
C LYS J 185 -114.70 2.36 51.85
N PHE J 186 -114.90 2.36 53.18
CA PHE J 186 -115.93 3.18 53.85
C PHE J 186 -115.64 4.68 53.67
N SER J 187 -114.38 5.07 53.86
CA SER J 187 -113.88 6.46 53.69
C SER J 187 -114.09 6.93 52.24
N ALA J 188 -113.66 6.12 51.26
CA ALA J 188 -113.80 6.39 49.81
C ALA J 188 -115.26 6.68 49.45
N GLU J 189 -116.21 5.92 50.01
CA GLU J 189 -117.67 6.11 49.81
C GLU J 189 -118.11 7.40 50.49
N THR J 190 -117.66 7.61 51.73
CA THR J 190 -118.10 8.70 52.64
C THR J 190 -117.57 10.06 52.19
N LEU J 191 -116.44 10.08 51.48
CA LEU J 191 -115.82 11.32 50.92
C LEU J 191 -116.48 11.62 49.56
N SER J 192 -116.51 10.61 48.66
CA SER J 192 -117.18 10.64 47.33
C SER J 192 -118.60 11.18 47.48
N GLU J 193 -119.37 10.68 48.45
CA GLU J 193 -120.76 11.15 48.71
C GLU J 193 -120.70 12.62 49.16
N LEU J 194 -119.70 12.98 49.97
CA LEU J 194 -119.55 14.31 50.65
C LEU J 194 -119.14 15.37 49.63
N ILE J 195 -118.58 14.96 48.49
CA ILE J 195 -118.28 15.86 47.33
C ILE J 195 -119.59 16.26 46.65
N ARG J 196 -120.49 15.30 46.43
CA ARG J 196 -121.80 15.53 45.77
C ARG J 196 -122.69 16.44 46.64
N THR J 197 -122.75 16.19 47.95
CA THR J 197 -123.62 16.91 48.92
C THR J 197 -123.14 18.36 49.10
N THR J 198 -121.82 18.60 49.07
CA THR J 198 -121.21 19.95 49.18
C THR J 198 -121.48 20.71 47.88
N LEU J 199 -121.88 21.99 47.98
CA LEU J 199 -122.38 22.82 46.84
C LEU J 199 -121.41 22.76 45.66
N ASP J 200 -120.14 23.19 45.84
CA ASP J 200 -119.15 23.29 44.72
C ASP J 200 -117.85 22.58 45.09
N ALA J 201 -117.92 21.39 45.70
CA ALA J 201 -116.72 20.57 45.99
C ALA J 201 -116.06 20.17 44.68
N GLU J 202 -116.84 19.65 43.72
CA GLU J 202 -116.32 18.98 42.49
C GLU J 202 -115.33 19.89 41.75
N LYS J 203 -115.40 21.22 41.95
CA LYS J 203 -114.48 22.22 41.32
C LYS J 203 -113.13 22.28 42.04
N VAL J 204 -113.10 21.94 43.34
CA VAL J 204 -111.85 21.77 44.15
C VAL J 204 -111.27 20.38 43.87
N PHE J 205 -112.07 19.32 44.00
CA PHE J 205 -111.64 17.91 43.88
C PHE J 205 -111.75 17.46 42.43
N THR J 206 -110.95 18.09 41.57
CA THR J 206 -110.98 17.88 40.10
C THR J 206 -110.88 16.37 39.81
N GLN J 207 -109.87 15.71 40.38
CA GLN J 207 -109.54 14.28 40.12
C GLN J 207 -110.20 13.37 41.17
N GLY J 208 -111.24 13.85 41.88
CA GLY J 208 -112.10 13.07 42.80
C GLY J 208 -111.40 12.64 44.08
N LEU J 209 -111.91 11.60 44.76
CA LEU J 209 -111.39 11.05 46.04
C LEU J 209 -111.51 9.51 46.10
N ASN J 210 -111.56 8.82 44.96
CA ASN J 210 -111.74 7.33 44.92
C ASN J 210 -110.38 6.71 45.26
N ILE J 211 -110.10 6.59 46.55
CA ILE J 211 -108.78 6.14 47.08
C ILE J 211 -108.63 4.63 46.95
N LEU J 212 -109.74 3.89 46.81
CA LEU J 212 -109.73 2.47 46.37
C LEU J 212 -108.95 2.34 45.06
N GLU J 213 -109.35 3.12 44.06
CA GLU J 213 -108.80 3.03 42.68
C GLU J 213 -107.29 3.29 42.73
N TRP J 214 -106.87 4.28 43.54
CA TRP J 214 -105.48 4.79 43.58
C TRP J 214 -104.54 3.76 44.20
N LEU J 215 -105.06 2.92 45.10
CA LEU J 215 -104.29 1.91 45.85
C LEU J 215 -104.32 0.60 45.06
N GLU J 216 -105.49 0.25 44.51
CA GLU J 216 -105.70 -0.96 43.67
C GLU J 216 -104.86 -0.82 42.40
N ASN J 217 -105.00 0.30 41.67
CA ASN J 217 -104.29 0.59 40.39
C ASN J 217 -103.38 1.81 40.55
N PRO J 218 -102.09 1.61 40.92
CA PRO J 218 -101.18 2.73 41.21
C PRO J 218 -101.03 3.81 40.12
N SER J 219 -101.36 3.49 38.86
CA SER J 219 -101.06 4.33 37.67
C SER J 219 -102.19 5.33 37.39
N ASN J 220 -103.44 4.98 37.73
CA ASN J 220 -104.62 5.90 37.67
C ASN J 220 -104.60 6.86 38.87
N THR J 221 -103.69 6.68 39.84
CA THR J 221 -103.43 7.61 40.97
C THR J 221 -103.12 9.00 40.42
N PRO J 222 -103.62 10.09 41.04
CA PRO J 222 -103.19 11.44 40.67
C PRO J 222 -101.71 11.68 41.00
N ASP J 223 -101.21 12.87 40.71
CA ASP J 223 -99.79 13.28 40.88
C ASP J 223 -99.55 13.76 42.32
N LYS J 224 -98.29 13.67 42.78
CA LYS J 224 -97.88 13.96 44.19
C LYS J 224 -98.10 15.44 44.54
N ASP J 225 -98.58 16.26 43.61
CA ASP J 225 -98.72 17.75 43.77
C ASP J 225 -100.18 18.08 44.09
N TYR J 226 -101.12 17.31 43.54
CA TYR J 226 -102.57 17.29 43.91
C TYR J 226 -102.75 16.71 45.32
N LEU J 227 -102.11 15.55 45.59
CA LEU J 227 -102.27 14.74 46.83
C LEU J 227 -101.80 15.53 48.06
N LEU J 228 -100.81 16.39 47.90
CA LEU J 228 -100.26 17.17 49.04
C LEU J 228 -101.20 18.33 49.41
N SER J 229 -102.00 18.84 48.46
CA SER J 229 -103.03 19.90 48.68
C SER J 229 -103.87 19.54 49.91
N ILE J 230 -104.20 20.53 50.75
CA ILE J 230 -104.87 20.27 52.05
C ILE J 230 -106.28 19.73 51.90
N PRO J 231 -107.04 19.99 50.80
CA PRO J 231 -108.40 19.44 50.67
C PRO J 231 -108.39 17.91 50.65
N ILE J 232 -107.34 17.34 50.10
CA ILE J 232 -107.24 15.88 49.84
C ILE J 232 -106.24 15.23 50.79
N SER J 233 -105.42 16.00 51.51
CA SER J 233 -104.35 15.50 52.42
C SER J 233 -104.84 15.48 53.86
N CYS J 234 -105.60 16.50 54.29
CA CYS J 234 -106.26 16.50 55.62
C CYS J 234 -107.05 15.22 55.81
N PRO J 235 -108.10 14.90 55.03
CA PRO J 235 -108.93 13.73 55.32
C PRO J 235 -108.15 12.42 55.21
N LEU J 236 -107.23 12.32 54.26
CA LEU J 236 -106.44 11.08 54.02
C LEU J 236 -105.43 10.84 55.13
N ILE J 237 -105.00 11.87 55.86
CA ILE J 237 -104.06 11.73 57.02
C ILE J 237 -104.87 11.25 58.23
N GLY J 238 -106.13 11.67 58.33
CA GLY J 238 -107.15 11.05 59.20
C GLY J 238 -107.24 9.55 58.99
N VAL J 239 -107.37 9.13 57.73
CA VAL J 239 -107.54 7.70 57.34
C VAL J 239 -106.33 6.90 57.84
N ILE J 240 -105.11 7.36 57.61
CA ILE J 240 -103.84 6.63 57.91
C ILE J 240 -103.70 6.43 59.43
N GLN J 241 -104.16 7.39 60.24
CA GLN J 241 -104.20 7.29 61.72
C GLN J 241 -105.22 6.21 62.12
N LEU J 242 -106.51 6.44 61.84
CA LEU J 242 -107.61 5.48 62.12
C LEU J 242 -107.20 4.07 61.67
N ALA J 243 -106.56 3.96 60.51
CA ALA J 243 -106.05 2.70 59.93
C ALA J 243 -105.04 2.05 60.88
N HIS J 244 -104.09 2.81 61.43
CA HIS J 244 -103.05 2.27 62.36
C HIS J 244 -103.74 1.82 63.66
N TYR J 245 -104.74 2.57 64.13
CA TYR J 245 -105.53 2.26 65.35
C TYR J 245 -106.35 0.99 65.12
N VAL J 246 -106.75 0.72 63.87
CA VAL J 246 -107.41 -0.55 63.46
C VAL J 246 -106.37 -1.69 63.55
N VAL J 247 -105.40 -1.76 62.63
CA VAL J 247 -104.40 -2.88 62.60
C VAL J 247 -103.81 -3.08 64.00
N THR J 248 -103.79 -2.06 64.86
CA THR J 248 -103.41 -2.22 66.28
C THR J 248 -104.49 -3.06 66.98
N ALA J 249 -105.73 -2.57 67.03
CA ALA J 249 -106.85 -3.20 67.76
C ALA J 249 -107.07 -4.65 67.30
N LYS J 250 -107.07 -4.90 65.99
CA LYS J 250 -107.37 -6.24 65.41
C LYS J 250 -106.29 -7.24 65.84
N LEU J 251 -105.01 -6.93 65.64
CA LEU J 251 -103.90 -7.87 65.97
C LEU J 251 -103.81 -8.15 67.49
N LEU J 252 -104.37 -7.28 68.34
CA LEU J 252 -104.51 -7.54 69.80
C LEU J 252 -105.82 -8.27 70.13
N GLY J 253 -106.66 -8.56 69.14
CA GLY J 253 -107.99 -9.17 69.31
C GLY J 253 -108.90 -8.32 70.18
N PHE J 254 -108.79 -7.00 70.07
CA PHE J 254 -109.64 -6.02 70.80
C PHE J 254 -110.70 -5.43 69.87
N THR J 255 -111.82 -5.02 70.45
CA THR J 255 -112.79 -4.06 69.87
C THR J 255 -112.27 -2.67 70.24
N PRO J 256 -112.45 -1.63 69.39
CA PRO J 256 -111.90 -0.29 69.66
C PRO J 256 -112.19 0.30 71.05
N GLY J 257 -113.35 0.00 71.65
CA GLY J 257 -113.71 0.43 73.02
C GLY J 257 -112.74 -0.09 74.07
N GLU J 258 -112.28 -1.34 73.92
CA GLU J 258 -111.37 -2.03 74.88
C GLU J 258 -109.96 -1.42 74.82
N LEU J 259 -109.49 -1.06 73.62
CA LEU J 259 -108.17 -0.39 73.40
C LEU J 259 -108.20 1.00 74.06
N ARG J 260 -109.29 1.76 73.92
CA ARG J 260 -109.39 3.11 74.54
C ARG J 260 -109.61 3.01 76.05
N SER J 261 -110.04 1.85 76.58
CA SER J 261 -110.19 1.65 78.05
C SER J 261 -108.81 1.65 78.72
N TYR J 262 -107.80 1.08 78.05
CA TYR J 262 -106.39 0.97 78.53
C TYR J 262 -105.65 2.30 78.40
N LEU J 263 -105.94 3.08 77.37
CA LEU J 263 -105.49 4.49 77.23
C LEU J 263 -105.94 5.28 78.48
N LYS J 264 -105.03 6.03 79.07
CA LYS J 264 -105.27 6.89 80.26
C LYS J 264 -105.79 8.25 79.78
N GLY J 265 -105.31 8.67 78.60
CA GLY J 265 -105.85 9.79 77.81
C GLY J 265 -105.43 9.66 76.35
N ALA J 266 -105.80 10.63 75.52
CA ALA J 266 -105.24 10.76 74.16
C ALA J 266 -105.15 12.24 73.79
N THR J 267 -104.34 12.55 72.79
CA THR J 267 -104.22 13.91 72.20
C THR J 267 -103.61 13.85 70.79
N GLY J 268 -103.45 15.03 70.21
CA GLY J 268 -103.05 15.17 68.81
C GLY J 268 -102.41 16.51 68.59
N HIS J 269 -101.44 16.52 67.67
CA HIS J 269 -100.69 17.71 67.22
C HIS J 269 -101.39 18.28 66.00
N SER J 270 -101.78 19.56 66.06
CA SER J 270 -102.49 20.24 64.95
C SER J 270 -103.76 19.42 64.67
N GLN J 271 -103.89 18.82 63.48
CA GLN J 271 -105.16 18.21 62.96
C GLN J 271 -105.39 16.79 63.52
N GLY J 272 -104.44 16.25 64.28
CA GLY J 272 -104.56 14.94 64.95
C GLY J 272 -105.53 14.98 66.13
N LEU J 273 -105.83 16.16 66.67
CA LEU J 273 -106.85 16.38 67.72
C LEU J 273 -108.24 15.89 67.27
N VAL J 274 -108.48 15.75 65.97
CA VAL J 274 -109.75 15.25 65.37
C VAL J 274 -109.80 13.72 65.43
N THR J 275 -108.72 13.03 65.07
CA THR J 275 -108.67 11.55 65.13
C THR J 275 -108.34 11.09 66.54
N ALA J 276 -108.11 12.02 67.47
CA ALA J 276 -107.96 11.72 68.92
C ALA J 276 -109.35 11.67 69.54
N VAL J 277 -110.15 12.73 69.33
CA VAL J 277 -111.48 12.88 69.96
C VAL J 277 -112.43 11.78 69.45
N ALA J 278 -112.24 11.31 68.20
CA ALA J 278 -113.04 10.24 67.57
C ALA J 278 -112.77 8.89 68.26
N ILE J 279 -111.52 8.58 68.51
CA ILE J 279 -111.03 7.39 69.29
C ILE J 279 -111.56 7.40 70.73
N ALA J 280 -111.82 8.56 71.33
CA ALA J 280 -112.36 8.65 72.71
C ALA J 280 -113.86 8.33 72.74
N GLU J 281 -114.53 8.25 71.59
CA GLU J 281 -115.97 7.93 71.47
C GLU J 281 -116.21 6.43 71.28
N THR J 282 -115.29 5.76 70.57
CA THR J 282 -115.51 4.43 69.96
C THR J 282 -115.79 3.39 71.06
N ASP J 283 -116.39 2.25 70.69
CA ASP J 283 -117.08 1.33 71.63
C ASP J 283 -117.05 -0.11 71.07
N SER J 284 -117.69 -0.36 69.92
CA SER J 284 -117.78 -1.68 69.23
C SER J 284 -117.59 -1.49 67.72
N TRP J 285 -117.16 -2.53 66.99
CA TRP J 285 -116.84 -2.49 65.53
C TRP J 285 -117.97 -1.86 64.70
N GLU J 286 -119.22 -2.01 65.14
CA GLU J 286 -120.43 -1.53 64.42
C GLU J 286 -120.51 0.00 64.58
N SER J 287 -120.49 0.47 65.84
CA SER J 287 -120.52 1.91 66.22
C SER J 287 -119.11 2.54 66.14
N PHE J 288 -118.20 1.96 65.34
CA PHE J 288 -116.83 2.49 65.07
C PHE J 288 -116.89 3.35 63.82
N PHE J 289 -117.54 2.85 62.77
CA PHE J 289 -117.68 3.53 61.47
C PHE J 289 -118.50 4.82 61.65
N VAL J 290 -119.29 4.98 62.72
CA VAL J 290 -120.04 6.25 62.99
C VAL J 290 -119.06 7.30 63.56
N SER J 291 -118.05 6.88 64.32
CA SER J 291 -116.97 7.76 64.84
C SER J 291 -116.10 8.20 63.65
N VAL J 292 -115.52 7.24 62.93
CA VAL J 292 -114.72 7.44 61.68
C VAL J 292 -115.41 8.44 60.75
N ARG J 293 -116.70 8.25 60.45
CA ARG J 293 -117.50 9.11 59.54
C ARG J 293 -117.43 10.55 60.06
N LYS J 294 -117.55 10.71 61.38
CA LYS J 294 -117.57 12.01 62.09
C LYS J 294 -116.19 12.67 61.95
N ALA J 295 -115.12 11.90 62.16
CA ALA J 295 -113.71 12.37 62.07
C ALA J 295 -113.44 12.91 60.67
N ILE J 296 -113.60 12.07 59.66
CA ILE J 296 -113.36 12.35 58.22
C ILE J 296 -114.15 13.58 57.77
N THR J 297 -115.44 13.71 58.14
CA THR J 297 -116.28 14.85 57.67
C THR J 297 -115.72 16.14 58.29
N VAL J 298 -115.36 16.18 59.58
CA VAL J 298 -114.75 17.39 60.23
C VAL J 298 -113.43 17.72 59.52
N LEU J 299 -112.66 16.71 59.16
CA LEU J 299 -111.30 16.82 58.56
C LEU J 299 -111.41 17.22 57.09
N PHE J 300 -112.58 17.03 56.48
CA PHE J 300 -112.87 17.31 55.05
C PHE J 300 -113.28 18.77 54.95
N PHE J 301 -114.05 19.31 55.90
CA PHE J 301 -114.50 20.72 55.85
C PHE J 301 -113.34 21.66 56.19
N ILE J 302 -112.51 21.29 57.18
CA ILE J 302 -111.21 21.97 57.47
C ILE J 302 -110.40 22.09 56.16
N GLY J 303 -110.22 20.97 55.45
CA GLY J 303 -109.39 20.90 54.23
C GLY J 303 -109.98 21.73 53.10
N VAL J 304 -111.31 21.71 52.95
CA VAL J 304 -112.02 22.45 51.87
C VAL J 304 -112.00 23.93 52.24
N ARG J 305 -112.56 24.31 53.38
CA ARG J 305 -112.87 25.73 53.68
C ARG J 305 -111.58 26.54 53.86
N CYS J 306 -110.48 25.91 54.26
CA CYS J 306 -109.17 26.61 54.48
C CYS J 306 -108.47 26.92 53.16
N TYR J 307 -108.51 25.99 52.22
CA TYR J 307 -108.06 26.19 50.82
C TYR J 307 -108.69 27.48 50.30
N GLU J 308 -110.02 27.57 50.35
CA GLU J 308 -110.80 28.72 49.82
C GLU J 308 -110.42 30.02 50.52
N ALA J 309 -110.09 29.96 51.82
CA ALA J 309 -109.69 31.14 52.63
C ALA J 309 -108.36 31.72 52.13
N TYR J 310 -107.29 30.92 52.14
CA TYR J 310 -105.92 31.33 51.74
C TYR J 310 -105.29 30.24 50.88
N PRO J 311 -105.33 30.34 49.52
CA PRO J 311 -104.77 29.33 48.63
C PRO J 311 -103.30 29.59 48.27
N ASN J 312 -102.51 28.51 48.11
CA ASN J 312 -101.05 28.63 47.88
C ASN J 312 -100.81 28.99 46.41
N THR J 313 -100.18 30.14 46.19
CA THR J 313 -99.89 30.71 44.85
C THR J 313 -98.44 30.40 44.47
N SER J 314 -98.10 30.65 43.20
CA SER J 314 -96.76 30.40 42.63
C SER J 314 -95.81 31.50 43.10
N LEU J 315 -94.67 31.12 43.68
CA LEU J 315 -93.54 32.03 44.00
C LEU J 315 -92.76 32.31 42.73
N PRO J 316 -92.30 33.57 42.52
CA PRO J 316 -91.26 33.85 41.53
C PRO J 316 -90.12 32.82 41.58
N PRO J 317 -89.61 32.33 40.45
CA PRO J 317 -88.57 31.29 40.46
C PRO J 317 -87.22 31.73 41.03
N SER J 318 -86.96 33.03 41.10
CA SER J 318 -85.78 33.66 41.75
C SER J 318 -85.75 33.24 43.24
N ILE J 319 -86.86 33.45 43.93
CA ILE J 319 -87.07 33.03 45.35
C ILE J 319 -86.86 31.52 45.49
N LEU J 320 -87.38 30.72 44.58
CA LEU J 320 -87.41 29.25 44.71
C LEU J 320 -85.98 28.72 44.61
N GLU J 321 -85.22 29.19 43.61
CA GLU J 321 -83.85 28.69 43.34
C GLU J 321 -82.90 29.21 44.43
N ASP J 322 -83.22 30.35 45.06
CA ASP J 322 -82.44 30.89 46.20
C ASP J 322 -82.63 30.02 47.45
N SER J 323 -83.87 29.64 47.76
CA SER J 323 -84.20 28.74 48.90
C SER J 323 -83.52 27.38 48.74
N LEU J 324 -83.44 26.83 47.52
CA LEU J 324 -82.93 25.46 47.33
C LEU J 324 -81.40 25.44 47.50
N GLU J 325 -80.69 26.47 47.05
CA GLU J 325 -79.20 26.52 47.12
C GLU J 325 -78.76 26.78 48.56
N ASN J 326 -79.49 27.62 49.32
CA ASN J 326 -79.20 27.95 50.75
C ASN J 326 -79.85 26.92 51.70
N ASN J 327 -80.38 25.81 51.18
CA ASN J 327 -80.78 24.59 51.94
C ASN J 327 -81.94 24.85 52.91
N GLU J 328 -82.71 25.91 52.68
CA GLU J 328 -84.13 26.01 53.09
C GLU J 328 -84.88 25.16 52.07
N GLY J 329 -86.14 24.84 52.28
CA GLY J 329 -86.82 23.90 51.37
C GLY J 329 -87.29 24.58 50.11
N VAL J 330 -88.34 24.01 49.52
CA VAL J 330 -89.28 24.75 48.64
C VAL J 330 -90.09 25.67 49.55
N PRO J 331 -90.18 26.98 49.28
CA PRO J 331 -91.05 27.87 50.05
C PRO J 331 -92.47 27.31 50.21
N SER J 332 -93.07 27.58 51.35
CA SER J 332 -94.39 27.07 51.78
C SER J 332 -94.85 27.99 52.88
N PRO J 333 -96.10 27.88 53.38
CA PRO J 333 -96.58 28.79 54.43
C PRO J 333 -96.13 28.46 55.85
N MET J 334 -95.14 27.59 56.00
CA MET J 334 -94.78 26.94 57.29
C MET J 334 -93.26 26.76 57.35
N LEU J 335 -92.58 27.45 58.27
CA LEU J 335 -91.10 27.49 58.37
C LEU J 335 -90.70 26.90 59.71
N SER J 336 -89.97 25.79 59.70
CA SER J 336 -89.48 25.09 60.91
C SER J 336 -88.09 25.65 61.24
N ILE J 337 -87.95 26.33 62.39
CA ILE J 337 -86.66 26.86 62.93
C ILE J 337 -86.23 25.98 64.10
N SER J 338 -85.23 25.12 63.88
CA SER J 338 -84.62 24.23 64.91
C SER J 338 -83.48 24.96 65.63
N ASN J 339 -83.36 24.77 66.94
CA ASN J 339 -82.16 25.03 67.78
C ASN J 339 -82.09 26.50 68.23
N LEU J 340 -83.22 27.20 68.34
CA LEU J 340 -83.29 28.60 68.85
C LEU J 340 -84.44 28.69 69.87
N THR J 341 -84.20 29.32 71.02
CA THR J 341 -85.20 29.59 72.08
C THR J 341 -86.40 30.34 71.49
N GLN J 342 -87.62 30.02 71.93
CA GLN J 342 -88.86 30.74 71.55
C GLN J 342 -88.64 32.26 71.59
N GLU J 343 -87.90 32.76 72.59
CA GLU J 343 -87.55 34.19 72.78
C GLU J 343 -86.73 34.71 71.58
N GLN J 344 -85.63 34.01 71.23
CA GLN J 344 -84.70 34.36 70.11
C GLN J 344 -85.47 34.43 68.78
N VAL J 345 -86.35 33.46 68.50
CA VAL J 345 -87.16 33.42 67.26
C VAL J 345 -88.11 34.61 67.26
N GLN J 346 -88.82 34.89 68.36
CA GLN J 346 -89.80 36.00 68.47
C GLN J 346 -89.13 37.36 68.20
N ASP J 347 -87.82 37.53 68.42
CA ASP J 347 -87.11 38.78 68.02
C ASP J 347 -87.11 38.88 66.50
N TYR J 348 -86.50 37.90 65.83
CA TYR J 348 -86.36 37.80 64.36
C TYR J 348 -87.71 37.93 63.65
N VAL J 349 -88.85 37.67 64.30
CA VAL J 349 -90.19 37.84 63.66
C VAL J 349 -90.69 39.27 63.88
N ASN J 350 -90.32 39.91 64.99
CA ASN J 350 -90.68 41.33 65.28
C ASN J 350 -89.94 42.24 64.29
N LYS J 351 -88.63 42.04 64.15
CA LYS J 351 -87.79 42.63 63.07
C LYS J 351 -88.55 42.54 61.75
N THR J 352 -88.84 41.31 61.34
CA THR J 352 -89.48 40.93 60.05
C THR J 352 -90.86 41.59 59.92
N ASN J 353 -91.67 41.60 60.99
CA ASN J 353 -93.07 42.08 60.98
C ASN J 353 -93.11 43.61 61.01
N SER J 354 -92.01 44.29 61.36
CA SER J 354 -91.90 45.78 61.39
C SER J 354 -92.17 46.36 59.99
N HIS J 355 -91.61 45.74 58.95
CA HIS J 355 -91.68 46.17 57.53
C HIS J 355 -92.96 45.69 56.85
N LEU J 356 -93.68 44.72 57.40
CA LEU J 356 -94.82 44.06 56.71
C LEU J 356 -96.14 44.64 57.19
N PRO J 357 -97.16 44.83 56.31
CA PRO J 357 -98.50 45.23 56.73
C PRO J 357 -99.26 44.06 57.38
N ALA J 358 -100.33 44.34 58.13
CA ALA J 358 -101.10 43.39 58.98
C ALA J 358 -101.21 41.99 58.34
N GLY J 359 -101.92 41.89 57.22
CA GLY J 359 -102.35 40.61 56.63
C GLY J 359 -101.23 39.87 55.92
N LYS J 360 -99.98 40.32 56.03
CA LYS J 360 -98.79 39.58 55.54
C LYS J 360 -97.85 39.22 56.71
N GLN J 361 -98.23 39.54 57.94
CA GLN J 361 -97.35 39.39 59.13
C GLN J 361 -97.29 37.91 59.52
N VAL J 362 -96.09 37.44 59.85
CA VAL J 362 -95.81 36.04 60.28
C VAL J 362 -96.03 35.96 61.80
N GLU J 363 -96.23 34.75 62.32
CA GLU J 363 -96.36 34.48 63.79
C GLU J 363 -95.89 33.07 64.11
N ILE J 364 -95.25 32.89 65.29
CA ILE J 364 -94.94 31.55 65.90
C ILE J 364 -96.29 30.82 66.01
N SER J 365 -96.38 29.64 65.41
CA SER J 365 -97.63 28.87 65.20
C SER J 365 -97.61 27.60 66.01
N LEU J 366 -96.53 26.83 65.93
CA LEU J 366 -96.29 25.67 66.81
C LEU J 366 -95.05 25.96 67.65
N VAL J 367 -95.14 25.67 68.95
CA VAL J 367 -94.00 25.62 69.92
C VAL J 367 -93.79 24.16 70.35
N ASN J 368 -93.19 23.39 69.44
CA ASN J 368 -92.98 21.93 69.56
C ASN J 368 -92.05 21.59 70.73
N GLY J 369 -90.87 22.21 70.80
CA GLY J 369 -89.88 22.06 71.89
C GLY J 369 -89.58 23.40 72.53
N ALA J 370 -88.60 23.43 73.42
CA ALA J 370 -87.93 24.67 73.91
C ALA J 370 -87.17 25.30 72.75
N LYS J 371 -86.50 24.47 71.95
CA LYS J 371 -85.65 24.87 70.81
C LYS J 371 -86.15 24.26 69.48
N ASN J 372 -87.45 24.02 69.33
CA ASN J 372 -88.12 23.55 68.09
C ASN J 372 -89.35 24.40 67.83
N LEU J 373 -89.36 25.20 66.77
CA LEU J 373 -90.48 26.13 66.47
C LEU J 373 -90.86 26.04 65.01
N VAL J 374 -92.10 26.40 64.72
CA VAL J 374 -92.68 26.47 63.36
C VAL J 374 -93.34 27.82 63.25
N VAL J 375 -92.95 28.61 62.26
CA VAL J 375 -93.53 29.97 62.00
C VAL J 375 -94.41 29.86 60.75
N SER J 376 -95.64 30.33 60.86
CA SER J 376 -96.65 30.30 59.76
C SER J 376 -96.77 31.70 59.21
N GLY J 377 -97.28 31.78 57.98
CA GLY J 377 -97.54 33.06 57.32
C GLY J 377 -97.32 32.93 55.83
N PRO J 378 -97.44 34.03 55.07
CA PRO J 378 -97.31 33.98 53.63
C PRO J 378 -95.89 33.62 53.21
N PRO J 379 -95.70 32.71 52.24
CA PRO J 379 -94.35 32.27 51.86
C PRO J 379 -93.38 33.37 51.40
N GLN J 380 -93.85 34.47 50.78
CA GLN J 380 -93.01 35.67 50.56
C GLN J 380 -92.45 36.13 51.91
N SER J 381 -93.34 36.44 52.86
CA SER J 381 -93.04 36.99 54.20
C SER J 381 -92.04 36.10 54.94
N LEU J 382 -92.19 34.78 54.84
CA LEU J 382 -91.26 33.81 55.49
C LEU J 382 -89.92 33.81 54.77
N TYR J 383 -89.87 34.04 53.46
CA TYR J 383 -88.59 34.17 52.71
C TYR J 383 -87.84 35.40 53.25
N GLY J 384 -88.56 36.50 53.49
CA GLY J 384 -88.09 37.66 54.27
C GLY J 384 -87.36 37.24 55.53
N LEU J 385 -88.00 36.43 56.38
CA LEU J 385 -87.46 35.97 57.67
C LEU J 385 -86.18 35.14 57.45
N ASN J 386 -86.16 34.24 56.48
CA ASN J 386 -84.96 33.42 56.16
C ASN J 386 -83.76 34.28 55.77
N LEU J 387 -83.97 35.50 55.24
CA LEU J 387 -82.86 36.42 54.88
C LEU J 387 -82.23 36.93 56.19
N THR J 388 -83.05 37.51 57.07
CA THR J 388 -82.67 37.89 58.46
C THR J 388 -81.88 36.78 59.15
N LEU J 389 -82.27 35.51 58.99
CA LEU J 389 -81.62 34.35 59.68
C LEU J 389 -80.33 33.93 58.95
N ARG J 390 -80.17 34.21 57.66
CA ARG J 390 -78.93 33.82 56.92
C ARG J 390 -77.78 34.66 57.49
N LYS J 391 -78.02 35.95 57.73
CA LYS J 391 -77.10 36.88 58.44
C LYS J 391 -76.52 36.15 59.65
N ALA J 392 -77.39 35.71 60.54
CA ALA J 392 -77.08 35.40 61.96
C ALA J 392 -76.49 34.00 62.13
N LYS J 393 -76.52 33.13 61.12
CA LYS J 393 -76.06 31.73 61.30
C LYS J 393 -74.61 31.61 60.85
N ALA J 394 -73.93 30.61 61.42
CA ALA J 394 -72.49 30.30 61.23
C ALA J 394 -72.31 29.37 60.04
N PRO J 395 -71.32 29.63 59.16
CA PRO J 395 -70.91 28.64 58.13
C PRO J 395 -70.54 27.28 58.74
N SER J 396 -71.10 26.18 58.23
CA SER J 396 -71.08 24.82 58.87
C SER J 396 -69.63 24.31 59.03
N GLY J 397 -68.78 24.50 57.99
CA GLY J 397 -67.33 24.23 58.04
C GLY J 397 -66.54 25.47 58.45
N LEU J 398 -66.66 25.87 59.72
CA LEU J 398 -65.95 27.04 60.30
C LEU J 398 -64.99 26.56 61.39
N ASP J 399 -65.52 25.86 62.41
CA ASP J 399 -64.81 25.45 63.65
C ASP J 399 -64.73 26.66 64.61
N GLN J 400 -65.62 26.69 65.60
CA GLN J 400 -65.78 27.82 66.55
C GLN J 400 -65.24 27.41 67.93
N SER J 401 -64.36 26.41 67.98
CA SER J 401 -63.89 25.74 69.22
C SER J 401 -62.95 26.64 70.02
N ARG J 402 -62.45 27.70 69.41
CA ARG J 402 -61.32 28.54 69.89
C ARG J 402 -61.79 29.99 70.09
N ILE J 403 -63.06 30.26 69.81
CA ILE J 403 -63.75 31.56 70.05
C ILE J 403 -64.42 31.47 71.42
N PRO J 404 -64.39 32.52 72.26
CA PRO J 404 -65.21 32.54 73.47
C PRO J 404 -66.68 32.25 73.15
N PHE J 405 -67.34 31.43 73.97
CA PHE J 405 -68.73 30.92 73.75
C PHE J 405 -69.70 32.08 73.41
N SER J 406 -69.71 33.14 74.20
CA SER J 406 -70.73 34.23 74.12
C SER J 406 -70.42 35.17 72.95
N GLU J 407 -69.45 34.83 72.09
CA GLU J 407 -69.12 35.55 70.83
C GLU J 407 -69.34 34.65 69.61
N ARG J 408 -69.78 33.41 69.80
CA ARG J 408 -69.99 32.44 68.68
C ARG J 408 -71.27 32.82 67.94
N LYS J 409 -71.23 32.74 66.62
CA LYS J 409 -72.44 32.70 65.76
C LYS J 409 -73.23 31.45 66.18
N LEU J 410 -74.55 31.60 66.32
CA LEU J 410 -75.47 30.48 66.68
C LEU J 410 -75.55 29.49 65.52
N LYS J 411 -75.54 28.20 65.82
CA LYS J 411 -75.54 27.10 64.83
C LYS J 411 -76.94 26.46 64.82
N PHE J 412 -77.77 26.77 63.81
CA PHE J 412 -79.20 26.33 63.75
C PHE J 412 -79.68 26.03 62.33
N SER J 413 -80.79 25.29 62.27
CA SER J 413 -81.49 24.86 61.03
C SER J 413 -82.78 25.68 60.88
N ASN J 414 -83.04 26.16 59.67
CA ASN J 414 -84.36 26.68 59.25
C ASN J 414 -84.67 26.02 57.92
N ARG J 415 -85.92 25.61 57.75
CA ARG J 415 -86.35 24.67 56.69
C ARG J 415 -87.86 24.84 56.56
N PHE J 416 -88.33 25.12 55.34
CA PHE J 416 -89.78 25.11 54.99
C PHE J 416 -90.30 23.67 55.10
N LEU J 417 -91.47 23.53 55.71
CA LEU J 417 -92.19 22.25 55.85
C LEU J 417 -92.90 21.93 54.55
N PRO J 418 -93.07 20.63 54.24
CA PRO J 418 -93.89 20.17 53.11
C PRO J 418 -95.39 20.12 53.44
N VAL J 419 -95.99 21.29 53.63
CA VAL J 419 -97.46 21.47 53.73
C VAL J 419 -97.85 22.48 52.66
N ALA J 420 -99.13 22.79 52.55
CA ALA J 420 -99.67 23.67 51.50
C ALA J 420 -100.57 24.77 52.06
N SER J 421 -100.84 24.78 53.38
CA SER J 421 -101.65 25.83 54.05
C SER J 421 -100.94 26.30 55.30
N PRO J 422 -101.21 27.54 55.77
CA PRO J 422 -100.71 27.99 57.06
C PRO J 422 -101.73 27.70 58.16
N PHE J 423 -101.63 26.53 58.78
CA PHE J 423 -102.40 26.17 59.99
C PHE J 423 -101.94 27.01 61.19
N HIS J 424 -102.86 27.28 62.10
CA HIS J 424 -102.62 27.96 63.38
C HIS J 424 -102.22 29.41 63.13
N SER J 425 -102.74 30.03 62.07
CA SER J 425 -102.43 31.43 61.70
C SER J 425 -103.73 32.22 61.54
N HIS J 426 -103.66 33.53 61.73
CA HIS J 426 -104.76 34.50 61.54
C HIS J 426 -105.25 34.46 60.09
N LEU J 427 -104.40 34.05 59.15
CA LEU J 427 -104.72 33.92 57.69
C LEU J 427 -106.00 33.12 57.46
N LEU J 428 -106.26 32.11 58.30
CA LEU J 428 -107.33 31.09 58.11
C LEU J 428 -108.60 31.43 58.91
N VAL J 429 -108.66 32.57 59.62
CA VAL J 429 -109.82 33.00 60.47
C VAL J 429 -111.11 33.08 59.64
N PRO J 430 -111.11 33.57 58.36
CA PRO J 430 -112.31 33.52 57.53
C PRO J 430 -113.03 32.15 57.50
N ALA J 431 -112.27 31.06 57.38
CA ALA J 431 -112.76 29.67 57.30
C ALA J 431 -113.50 29.29 58.59
N SER J 432 -112.95 29.63 59.77
CA SER J 432 -113.51 29.28 61.11
C SER J 432 -115.03 29.18 61.04
N ASP J 433 -115.66 30.31 60.69
CA ASP J 433 -117.13 30.54 60.73
C ASP J 433 -117.84 29.57 59.78
N LEU J 434 -117.26 29.36 58.58
CA LEU J 434 -117.86 28.52 57.49
C LEU J 434 -117.77 27.03 57.80
N ILE J 435 -116.84 26.58 58.65
CA ILE J 435 -116.69 25.14 59.03
C ILE J 435 -117.73 24.85 60.13
N ASN J 436 -117.86 25.75 61.11
CA ASN J 436 -118.89 25.68 62.19
C ASN J 436 -120.30 25.51 61.60
N LYS J 437 -120.57 26.10 60.43
CA LYS J 437 -121.90 26.07 59.75
C LYS J 437 -122.11 24.74 59.02
N ASP J 438 -121.05 24.14 58.49
CA ASP J 438 -121.09 22.95 57.58
C ASP J 438 -120.79 21.67 58.38
N LEU J 439 -120.85 21.76 59.71
CA LEU J 439 -120.89 20.60 60.65
C LEU J 439 -122.31 20.48 61.21
N VAL J 440 -122.96 21.61 61.47
CA VAL J 440 -124.40 21.69 61.91
C VAL J 440 -125.27 21.13 60.76
N LYS J 441 -124.89 21.37 59.50
CA LYS J 441 -125.61 20.88 58.30
C LYS J 441 -125.42 19.37 58.11
N ASN J 442 -124.22 18.84 58.38
CA ASN J 442 -123.91 17.39 58.30
C ASN J 442 -124.19 16.69 59.65
N ASN J 443 -124.84 17.38 60.60
CA ASN J 443 -125.30 16.82 61.91
C ASN J 443 -124.12 16.07 62.54
N VAL J 444 -123.09 16.83 62.93
CA VAL J 444 -121.81 16.34 63.52
C VAL J 444 -121.46 17.22 64.72
N SER J 445 -121.62 16.65 65.92
CA SER J 445 -121.26 17.24 67.22
C SER J 445 -120.60 16.15 68.07
N PHE J 446 -119.53 16.50 68.77
CA PHE J 446 -118.90 15.69 69.84
C PHE J 446 -119.46 16.19 71.19
N ASN J 447 -119.97 15.29 72.03
CA ASN J 447 -120.62 15.63 73.32
C ASN J 447 -119.82 15.00 74.48
N ALA J 448 -119.67 15.77 75.58
CA ALA J 448 -118.85 15.46 76.77
C ALA J 448 -119.08 14.02 77.26
N LYS J 449 -120.35 13.61 77.41
CA LYS J 449 -120.75 12.30 78.00
C LYS J 449 -120.36 11.12 77.09
N ASP J 450 -120.16 11.32 75.78
CA ASP J 450 -119.80 10.24 74.81
C ASP J 450 -118.30 9.94 74.86
N ILE J 451 -117.45 10.92 75.17
CA ILE J 451 -115.96 10.78 75.09
C ILE J 451 -115.44 10.37 76.47
N GLN J 452 -114.85 9.17 76.56
CA GLN J 452 -114.75 8.35 77.80
C GLN J 452 -113.30 8.21 78.28
N ILE J 453 -112.37 8.95 77.68
CA ILE J 453 -111.03 9.27 78.25
C ILE J 453 -110.83 10.78 78.14
N PRO J 454 -109.92 11.39 78.93
CA PRO J 454 -109.52 12.77 78.69
C PRO J 454 -108.85 12.95 77.33
N VAL J 455 -109.23 14.01 76.61
CA VAL J 455 -108.62 14.45 75.32
C VAL J 455 -107.99 15.82 75.59
N TYR J 456 -106.69 15.96 75.35
CA TYR J 456 -105.90 17.14 75.78
C TYR J 456 -105.86 18.18 74.66
N ASP J 457 -106.66 19.23 74.83
CA ASP J 457 -106.62 20.54 74.10
C ASP J 457 -105.17 20.96 73.90
N THR J 458 -104.83 21.44 72.72
CA THR J 458 -103.43 21.50 72.23
C THR J 458 -102.89 22.92 72.45
N PHE J 459 -103.68 23.82 73.08
CA PHE J 459 -103.30 25.22 73.40
C PHE J 459 -103.13 25.38 74.91
N ASP J 460 -104.19 25.11 75.67
CA ASP J 460 -104.23 25.19 77.16
C ASP J 460 -103.46 24.01 77.74
N GLY J 461 -103.75 22.80 77.24
CA GLY J 461 -103.31 21.51 77.82
C GLY J 461 -104.43 20.84 78.61
N SER J 462 -105.52 21.57 78.87
CA SER J 462 -106.70 21.12 79.68
C SER J 462 -107.42 19.98 78.96
N ASP J 463 -108.46 19.45 79.61
CA ASP J 463 -109.35 18.40 79.05
C ASP J 463 -110.48 19.07 78.26
N LEU J 464 -110.80 18.55 77.07
CA LEU J 464 -111.93 19.02 76.22
C LEU J 464 -113.28 18.68 76.89
N ARG J 465 -113.38 17.49 77.51
CA ARG J 465 -114.59 16.99 78.21
C ARG J 465 -115.17 18.03 79.17
N VAL J 466 -114.32 18.90 79.72
CA VAL J 466 -114.71 20.09 80.54
C VAL J 466 -114.75 21.34 79.63
N LEU J 467 -115.92 21.67 79.07
CA LEU J 467 -116.16 22.92 78.28
C LEU J 467 -117.64 23.33 78.40
N SER J 468 -117.88 24.65 78.41
CA SER J 468 -119.23 25.25 78.27
C SER J 468 -119.71 25.13 76.81
N GLY J 469 -118.91 25.65 75.86
CA GLY J 469 -119.25 25.71 74.43
C GLY J 469 -119.06 24.37 73.71
N SER J 470 -119.32 24.38 72.39
CA SER J 470 -119.21 23.22 71.48
C SER J 470 -117.78 22.71 71.47
N ILE J 471 -117.61 21.39 71.57
CA ILE J 471 -116.29 20.71 71.52
C ILE J 471 -115.78 20.78 70.09
N SER J 472 -116.67 20.63 69.10
CA SER J 472 -116.33 20.65 67.65
C SER J 472 -115.78 22.03 67.26
N GLU J 473 -116.42 23.11 67.73
CA GLU J 473 -116.02 24.52 67.46
C GLU J 473 -114.61 24.78 68.01
N ARG J 474 -114.30 24.24 69.19
CA ARG J 474 -112.98 24.43 69.87
C ARG J 474 -111.88 23.70 69.09
N ILE J 475 -112.13 22.46 68.66
CA ILE J 475 -111.19 21.59 67.89
C ILE J 475 -110.89 22.23 66.53
N VAL J 476 -111.81 23.05 66.00
CA VAL J 476 -111.58 23.87 64.78
C VAL J 476 -110.68 25.06 65.13
N ASP J 477 -111.03 25.85 66.14
CA ASP J 477 -110.18 26.98 66.63
C ASP J 477 -108.74 26.48 66.76
N CYS J 478 -108.53 25.33 67.39
CA CYS J 478 -107.19 24.79 67.76
C CYS J 478 -106.34 24.46 66.54
N ILE J 479 -106.95 24.16 65.40
CA ILE J 479 -106.26 23.80 64.13
C ILE J 479 -106.12 25.04 63.23
N ILE J 480 -107.15 25.88 63.18
CA ILE J 480 -107.27 27.09 62.32
C ILE J 480 -106.53 28.25 62.98
N ARG J 481 -106.98 28.68 64.16
CA ARG J 481 -106.68 30.01 64.74
C ARG J 481 -105.50 29.88 65.70
N LEU J 482 -105.68 29.14 66.80
CA LEU J 482 -104.79 29.13 68.00
C LEU J 482 -103.48 28.42 67.69
N PRO J 483 -102.38 28.82 68.36
CA PRO J 483 -101.11 28.09 68.23
C PRO J 483 -101.12 26.75 68.99
N VAL J 484 -100.02 26.00 68.90
CA VAL J 484 -99.85 24.66 69.54
C VAL J 484 -98.69 24.72 70.52
N LYS J 485 -99.00 24.95 71.79
CA LYS J 485 -98.01 24.81 72.88
C LYS J 485 -97.99 23.31 73.24
N TRP J 486 -97.10 22.56 72.59
CA TRP J 486 -96.97 21.08 72.72
C TRP J 486 -96.42 20.68 74.09
N GLU J 487 -95.60 21.51 74.73
CA GLU J 487 -95.06 21.22 76.09
C GLU J 487 -96.21 21.25 77.10
N THR J 488 -97.02 22.32 77.15
CA THR J 488 -98.16 22.42 78.09
C THR J 488 -99.23 21.37 77.78
N THR J 489 -99.34 20.91 76.54
CA THR J 489 -100.27 19.83 76.08
C THR J 489 -99.83 18.51 76.71
N THR J 490 -98.54 18.16 76.53
CA THR J 490 -97.98 16.81 76.78
C THR J 490 -97.35 16.86 78.17
N GLN J 491 -98.09 17.44 79.12
CA GLN J 491 -97.72 17.75 80.54
C GLN J 491 -98.39 16.74 81.48
N PHE J 492 -99.23 15.86 80.93
CA PHE J 492 -99.74 14.62 81.56
C PHE J 492 -98.53 13.75 81.94
N LYS J 493 -98.67 12.89 82.96
CA LYS J 493 -97.64 11.89 83.34
C LYS J 493 -98.14 10.50 82.96
N ALA J 494 -97.20 9.65 82.56
CA ALA J 494 -97.46 8.45 81.73
C ALA J 494 -96.15 7.72 81.49
N THR J 495 -96.13 6.41 81.63
CA THR J 495 -94.91 5.59 81.44
C THR J 495 -94.68 5.37 79.96
N HIS J 496 -95.76 5.30 79.17
CA HIS J 496 -95.71 4.98 77.72
C HIS J 496 -96.57 5.96 76.93
N ILE J 497 -96.23 6.11 75.65
CA ILE J 497 -96.91 6.99 74.66
C ILE J 497 -96.93 6.25 73.32
N LEU J 498 -98.12 6.08 72.73
CA LEU J 498 -98.32 5.43 71.42
C LEU J 498 -98.49 6.52 70.34
N ASP J 499 -97.60 6.57 69.37
CA ASP J 499 -97.68 7.50 68.21
C ASP J 499 -98.26 6.72 67.02
N PHE J 500 -99.55 6.92 66.74
CA PHE J 500 -100.24 6.35 65.56
C PHE J 500 -99.96 7.19 64.32
N GLY J 501 -99.45 8.40 64.50
CA GLY J 501 -99.35 9.44 63.46
C GLY J 501 -98.64 8.94 62.21
N PRO J 502 -98.66 9.74 61.14
CA PRO J 502 -97.84 9.45 59.96
C PRO J 502 -96.39 9.86 60.21
N GLY J 503 -95.44 9.24 59.50
CA GLY J 503 -94.00 9.58 59.48
C GLY J 503 -93.15 8.50 60.12
N GLY J 504 -93.64 7.88 61.19
CA GLY J 504 -92.90 6.86 61.96
C GLY J 504 -91.77 7.50 62.74
N ALA J 505 -90.52 7.14 62.39
CA ALA J 505 -89.27 7.69 62.98
C ALA J 505 -89.28 9.22 62.84
N SER J 506 -89.66 9.72 61.67
CA SER J 506 -89.71 11.17 61.33
C SER J 506 -90.88 11.85 62.02
N GLY J 507 -91.83 11.09 62.57
CA GLY J 507 -93.11 11.61 63.07
C GLY J 507 -92.99 12.32 64.40
N LEU J 508 -94.13 12.53 65.02
CA LEU J 508 -94.33 13.31 66.26
C LEU J 508 -93.89 12.52 67.48
N GLY J 509 -93.83 11.19 67.36
CA GLY J 509 -93.37 10.29 68.43
C GLY J 509 -91.98 10.66 68.86
N VAL J 510 -91.04 10.58 67.93
CA VAL J 510 -89.59 10.86 68.17
C VAL J 510 -89.40 12.32 68.62
N LEU J 511 -90.15 13.26 68.06
CA LEU J 511 -90.10 14.69 68.51
C LEU J 511 -90.48 14.75 69.99
N THR J 512 -91.54 14.06 70.40
CA THR J 512 -92.02 14.06 71.81
C THR J 512 -90.96 13.38 72.68
N HIS J 513 -90.38 12.26 72.22
CA HIS J 513 -89.29 11.56 72.93
C HIS J 513 -88.20 12.54 73.38
N ARG J 514 -87.66 13.32 72.45
CA ARG J 514 -86.54 14.27 72.67
C ARG J 514 -86.99 15.38 73.63
N ASN J 515 -88.26 15.78 73.61
CA ASN J 515 -88.77 16.81 74.54
C ASN J 515 -88.69 16.26 75.97
N LYS J 516 -88.84 14.95 76.16
CA LYS J 516 -88.94 14.40 77.53
C LYS J 516 -88.16 13.10 77.67
N ASP J 517 -86.94 13.10 77.12
CA ASP J 517 -85.84 12.20 77.55
C ASP J 517 -85.50 12.54 78.98
N GLY J 518 -85.54 11.55 79.88
CA GLY J 518 -85.15 11.66 81.30
C GLY J 518 -86.27 12.07 82.23
N THR J 519 -87.53 11.85 81.87
CA THR J 519 -88.72 12.03 82.76
C THR J 519 -89.35 10.67 83.14
N GLY J 520 -88.98 9.61 82.44
CA GLY J 520 -89.42 8.22 82.74
C GLY J 520 -90.55 7.79 81.83
N VAL J 521 -90.46 8.16 80.55
CA VAL J 521 -91.55 8.00 79.54
C VAL J 521 -90.94 7.32 78.31
N ARG J 522 -91.58 6.26 77.85
CA ARG J 522 -91.16 5.50 76.66
C ARG J 522 -92.14 5.86 75.54
N VAL J 523 -91.63 6.29 74.39
CA VAL J 523 -92.49 6.49 73.21
C VAL J 523 -92.43 5.20 72.42
N ILE J 524 -93.58 4.77 71.90
CA ILE J 524 -93.66 3.65 70.91
C ILE J 524 -94.29 4.21 69.63
N VAL J 525 -93.55 4.09 68.55
CA VAL J 525 -94.00 4.50 67.19
C VAL J 525 -94.88 3.37 66.70
N ALA J 526 -96.19 3.48 66.90
CA ALA J 526 -97.19 2.41 66.66
C ALA J 526 -97.38 2.12 65.16
N GLY J 527 -96.81 2.95 64.28
CA GLY J 527 -97.09 2.92 62.85
C GLY J 527 -96.07 2.15 62.03
N THR J 528 -94.84 2.00 62.51
CA THR J 528 -93.71 1.41 61.74
C THR J 528 -93.08 0.26 62.52
N LEU J 529 -92.64 -0.77 61.80
CA LEU J 529 -91.75 -1.82 62.33
C LEU J 529 -90.34 -1.55 61.81
N ASP J 530 -89.41 -1.25 62.73
CA ASP J 530 -87.95 -1.17 62.48
C ASP J 530 -87.22 -1.54 63.78
N ILE J 531 -85.91 -1.29 63.85
CA ILE J 531 -85.09 -1.55 65.07
C ILE J 531 -84.28 -0.30 65.42
N ASN J 532 -84.49 0.21 66.62
CA ASN J 532 -83.71 1.33 67.20
C ASN J 532 -82.40 0.77 67.74
N PRO J 533 -81.22 1.13 67.18
CA PRO J 533 -79.95 0.72 67.77
C PRO J 533 -79.79 1.21 69.23
N ASP J 534 -79.96 2.52 69.46
CA ASP J 534 -79.91 3.17 70.81
C ASP J 534 -80.91 2.51 71.78
N ASP J 535 -82.06 2.04 71.29
CA ASP J 535 -83.21 1.53 72.08
C ASP J 535 -83.72 2.62 73.05
N ASP J 536 -83.75 3.88 72.60
CA ASP J 536 -84.33 5.05 73.33
C ASP J 536 -85.86 4.97 73.35
N TYR J 537 -86.44 4.67 72.19
CA TYR J 537 -87.91 4.61 71.94
C TYR J 537 -88.20 3.32 71.16
N GLY J 538 -89.46 2.86 71.22
CA GLY J 538 -89.91 1.57 70.65
C GLY J 538 -90.49 1.69 69.24
N PHE J 539 -90.64 0.55 68.58
CA PHE J 539 -91.44 0.39 67.33
C PHE J 539 -92.65 -0.53 67.62
N LYS J 540 -93.49 -0.81 66.62
CA LYS J 540 -94.74 -1.63 66.71
C LYS J 540 -94.59 -2.85 67.63
N GLN J 541 -93.53 -3.65 67.45
CA GLN J 541 -93.25 -4.89 68.24
C GLN J 541 -93.70 -4.70 69.69
N GLU J 542 -93.16 -3.70 70.39
CA GLU J 542 -93.34 -3.45 71.84
C GLU J 542 -94.82 -3.53 72.21
N ILE J 543 -95.72 -3.21 71.29
CA ILE J 543 -97.19 -3.31 71.52
C ILE J 543 -97.52 -4.80 71.69
N PHE J 544 -97.12 -5.61 70.70
CA PHE J 544 -97.61 -6.99 70.49
C PHE J 544 -96.81 -7.99 71.34
N ASP J 545 -95.51 -7.77 71.51
CA ASP J 545 -94.56 -8.71 72.17
C ASP J 545 -95.14 -9.15 73.54
N VAL J 546 -94.95 -10.44 73.86
CA VAL J 546 -95.61 -11.21 74.97
C VAL J 546 -94.60 -11.40 76.12
N THR J 547 -93.30 -11.48 75.79
CA THR J 547 -92.15 -11.61 76.74
C THR J 547 -91.99 -10.29 77.51
N SER J 548 -90.94 -10.15 78.33
CA SER J 548 -90.63 -8.90 79.08
C SER J 548 -90.05 -7.81 78.16
N ASN J 549 -89.80 -8.12 76.88
CA ASN J 549 -89.31 -7.17 75.83
C ASN J 549 -90.44 -6.29 75.27
N GLY J 550 -91.63 -6.29 75.87
CA GLY J 550 -92.73 -5.36 75.55
C GLY J 550 -92.85 -4.26 76.59
N LEU J 551 -92.69 -4.62 77.87
CA LEU J 551 -92.63 -3.67 78.99
C LEU J 551 -91.16 -3.33 79.25
N LYS J 552 -90.68 -2.26 78.61
CA LYS J 552 -89.40 -1.57 78.93
C LYS J 552 -89.74 -0.18 79.45
N LYS J 553 -89.02 0.29 80.48
CA LYS J 553 -89.17 1.67 81.00
C LYS J 553 -87.90 2.45 80.66
N ASN J 554 -88.05 3.77 80.49
CA ASN J 554 -86.96 4.75 80.25
C ASN J 554 -86.59 5.40 81.57
N PRO J 555 -85.32 5.85 81.73
CA PRO J 555 -84.82 6.35 83.02
C PRO J 555 -85.53 7.63 83.45
N ASN J 556 -85.69 7.81 84.77
CA ASN J 556 -86.25 9.05 85.37
C ASN J 556 -85.16 9.70 86.22
N TRP J 557 -84.21 10.37 85.57
CA TRP J 557 -82.97 10.92 86.18
C TRP J 557 -83.23 11.51 87.57
N LEU J 558 -84.35 12.19 87.81
CA LEU J 558 -84.69 12.82 89.13
C LEU J 558 -84.84 11.74 90.19
N GLU J 559 -85.24 10.51 89.82
CA GLU J 559 -85.46 9.38 90.77
C GLU J 559 -84.24 8.45 90.81
N GLU J 560 -83.58 8.20 89.67
CA GLU J 560 -82.36 7.36 89.60
C GLU J 560 -81.27 7.96 90.50
N TYR J 561 -81.09 9.27 90.40
CA TYR J 561 -79.92 10.03 90.90
C TYR J 561 -80.36 11.07 91.93
N HIS J 562 -81.56 10.94 92.47
CA HIS J 562 -82.03 11.72 93.63
C HIS J 562 -80.97 11.72 94.72
N PRO J 563 -80.45 12.86 95.20
CA PRO J 563 -79.59 12.86 96.39
C PRO J 563 -80.34 12.51 97.67
N LYS J 564 -79.78 11.63 98.49
CA LYS J 564 -80.36 11.15 99.77
C LYS J 564 -79.47 11.58 100.93
N LEU J 565 -79.90 11.32 102.15
CA LEU J 565 -79.04 11.34 103.35
C LEU J 565 -78.97 9.91 103.90
N ILE J 566 -78.05 9.69 104.85
CA ILE J 566 -77.71 8.37 105.43
C ILE J 566 -76.71 8.59 106.57
N LYS J 567 -76.76 7.73 107.59
CA LYS J 567 -75.99 7.86 108.87
C LYS J 567 -75.04 6.67 109.09
N ASN J 568 -73.94 6.93 109.80
CA ASN J 568 -73.05 5.94 110.45
C ASN J 568 -73.72 5.35 111.70
N LYS J 569 -73.16 4.25 112.20
CA LYS J 569 -73.25 3.77 113.61
C LYS J 569 -72.88 4.90 114.59
N SER J 570 -71.86 5.70 114.26
CA SER J 570 -71.44 6.93 115.00
C SER J 570 -72.54 7.98 115.00
N GLY J 571 -73.36 8.01 113.95
CA GLY J 571 -74.41 9.03 113.74
C GLY J 571 -73.79 10.30 113.18
N LYS J 572 -73.33 10.22 111.94
CA LYS J 572 -72.67 11.31 111.18
C LYS J 572 -73.26 11.28 109.76
N ILE J 573 -73.94 12.34 109.36
CA ILE J 573 -74.80 12.35 108.15
C ILE J 573 -73.93 12.62 106.92
N PHE J 574 -74.30 12.02 105.81
CA PHE J 574 -73.63 12.11 104.50
C PHE J 574 -74.67 12.39 103.42
N VAL J 575 -74.38 13.32 102.54
CA VAL J 575 -75.06 13.38 101.23
C VAL J 575 -74.68 12.10 100.48
N GLU J 576 -75.63 11.20 100.27
CA GLU J 576 -75.42 9.93 99.54
C GLU J 576 -75.60 10.19 98.04
N THR J 577 -74.58 9.92 97.23
CA THR J 577 -74.64 9.97 95.75
C THR J 577 -73.81 8.84 95.16
N LYS J 578 -73.96 8.62 93.86
CA LYS J 578 -73.17 7.64 93.11
C LYS J 578 -71.72 7.72 93.59
N PHE J 579 -71.18 8.93 93.72
CA PHE J 579 -69.74 9.18 93.96
C PHE J 579 -69.41 8.99 95.43
N SER J 580 -70.19 9.54 96.37
CA SER J 580 -69.90 9.44 97.83
C SER J 580 -70.05 7.99 98.31
N LYS J 581 -70.96 7.23 97.70
CA LYS J 581 -71.18 5.80 98.00
C LYS J 581 -69.93 4.99 97.70
N LEU J 582 -69.12 5.40 96.71
CA LEU J 582 -67.89 4.67 96.32
C LEU J 582 -66.79 4.99 97.32
N ILE J 583 -66.66 6.24 97.74
CA ILE J 583 -65.46 6.71 98.52
C ILE J 583 -65.76 6.79 100.02
N GLY J 584 -67.01 6.73 100.46
CA GLY J 584 -67.30 6.76 101.90
C GLY J 584 -67.08 8.10 102.55
N ARG J 585 -66.87 9.13 101.75
CA ARG J 585 -66.62 10.52 102.20
C ARG J 585 -67.60 11.40 101.44
N PRO J 586 -67.89 12.63 101.93
CA PRO J 586 -68.76 13.58 101.25
C PRO J 586 -68.41 13.83 99.78
N PRO J 587 -69.40 14.16 98.93
CA PRO J 587 -69.16 14.21 97.49
C PRO J 587 -68.52 15.53 97.05
N LEU J 588 -67.48 15.98 97.76
CA LEU J 588 -66.74 17.25 97.56
C LEU J 588 -65.26 16.93 97.38
N LEU J 589 -64.65 17.28 96.25
CA LEU J 589 -63.18 17.12 96.08
C LEU J 589 -62.52 18.45 95.76
N VAL J 590 -61.52 18.82 96.55
CA VAL J 590 -60.47 19.84 96.21
C VAL J 590 -59.63 19.21 95.11
N PRO J 591 -59.60 19.75 93.89
CA PRO J 591 -58.89 19.10 92.79
C PRO J 591 -57.39 19.45 92.74
N GLY J 592 -56.67 18.86 91.77
CA GLY J 592 -55.23 19.08 91.57
C GLY J 592 -54.97 20.48 91.07
N MET J 593 -54.39 21.34 91.91
CA MET J 593 -53.97 22.72 91.52
C MET J 593 -52.45 22.81 91.70
N THR J 594 -51.72 23.32 90.72
CA THR J 594 -50.24 23.21 90.63
C THR J 594 -49.53 23.86 91.81
N PRO J 595 -49.73 25.15 92.10
CA PRO J 595 -49.13 25.70 93.31
C PRO J 595 -49.84 25.09 94.54
N CYS J 596 -51.17 24.96 94.56
CA CYS J 596 -51.97 24.96 95.82
C CYS J 596 -51.98 23.61 96.51
N THR J 597 -52.11 22.51 95.74
CA THR J 597 -52.16 21.11 96.24
C THR J 597 -50.86 20.40 95.89
N VAL J 598 -49.79 21.16 95.68
CA VAL J 598 -48.42 20.59 95.51
C VAL J 598 -47.90 20.30 96.92
N SER J 599 -48.29 21.10 97.90
CA SER J 599 -47.82 20.97 99.29
C SER J 599 -48.38 19.69 99.84
N PRO J 600 -47.56 18.74 100.34
CA PRO J 600 -48.09 17.64 101.15
C PRO J 600 -48.66 18.07 102.52
N ASP J 601 -48.43 19.29 102.98
CA ASP J 601 -48.99 19.79 104.27
C ASP J 601 -50.44 20.20 104.06
N PHE J 602 -50.82 20.60 102.84
CA PHE J 602 -52.22 20.92 102.47
C PHE J 602 -52.97 19.63 102.18
N VAL J 603 -52.40 18.76 101.35
CA VAL J 603 -53.02 17.45 101.01
C VAL J 603 -53.37 16.71 102.29
N ALA J 604 -52.49 16.73 103.28
CA ALA J 604 -52.69 16.02 104.56
C ALA J 604 -53.83 16.64 105.34
N ALA J 605 -53.87 17.97 105.48
CA ALA J 605 -54.88 18.72 106.28
C ALA J 605 -56.29 18.49 105.70
N THR J 606 -56.43 18.54 104.38
CA THR J 606 -57.71 18.31 103.65
C THR J 606 -58.15 16.85 103.77
N THR J 607 -57.23 15.90 103.69
CA THR J 607 -57.50 14.45 103.87
C THR J 607 -57.91 14.18 105.31
N ASN J 608 -57.18 14.76 106.27
CA ASN J 608 -57.46 14.61 107.72
C ASN J 608 -58.89 15.06 107.95
N ALA J 609 -59.24 16.24 107.45
CA ALA J 609 -60.54 16.92 107.65
C ALA J 609 -61.66 15.93 107.33
N GLY J 610 -61.60 15.32 106.15
CA GLY J 610 -62.50 14.24 105.68
C GLY J 610 -63.00 14.49 104.27
N TYR J 611 -62.15 14.93 103.35
CA TYR J 611 -62.50 15.37 101.98
C TYR J 611 -61.37 14.95 101.05
N THR J 612 -61.73 14.64 99.80
CA THR J 612 -60.87 13.98 98.78
C THR J 612 -60.04 15.09 98.13
N ILE J 613 -58.79 14.81 97.78
CA ILE J 613 -57.85 15.85 97.28
C ILE J 613 -56.79 15.16 96.42
N GLU J 614 -56.38 15.83 95.34
CA GLU J 614 -55.35 15.35 94.40
C GLU J 614 -54.02 16.02 94.78
N LEU J 615 -52.94 15.25 94.92
CA LEU J 615 -51.56 15.80 94.92
C LEU J 615 -51.24 16.15 93.47
N ALA J 616 -50.55 17.26 93.24
CA ALA J 616 -50.38 17.85 91.89
C ALA J 616 -49.01 17.47 91.32
N GLY J 617 -49.00 16.61 90.30
CA GLY J 617 -47.79 16.28 89.53
C GLY J 617 -47.07 17.52 89.04
N GLY J 618 -47.83 18.53 88.59
CA GLY J 618 -47.34 19.74 87.93
C GLY J 618 -46.30 20.51 88.72
N GLY J 619 -46.18 20.30 90.03
CA GLY J 619 -45.11 20.96 90.80
C GLY J 619 -43.95 20.04 91.17
N TYR J 620 -43.82 18.90 90.49
CA TYR J 620 -42.79 17.87 90.74
C TYR J 620 -42.14 17.54 89.40
N PHE J 621 -40.84 17.22 89.41
CA PHE J 621 -39.99 17.16 88.18
C PHE J 621 -39.28 15.80 87.99
N SER J 622 -39.64 14.79 88.79
CA SER J 622 -38.92 13.50 88.90
C SER J 622 -39.63 12.56 89.89
N ALA J 623 -39.56 11.25 89.69
CA ALA J 623 -40.10 10.24 90.63
C ALA J 623 -39.57 10.50 92.04
N ALA J 624 -38.26 10.71 92.15
CA ALA J 624 -37.57 10.91 93.43
C ALA J 624 -38.27 12.02 94.19
N GLY J 625 -38.49 13.15 93.51
CA GLY J 625 -39.05 14.39 94.08
C GLY J 625 -40.48 14.18 94.56
N MET J 626 -41.29 13.53 93.71
CA MET J 626 -42.70 13.21 94.02
C MET J 626 -42.75 12.16 95.12
N THR J 627 -42.06 11.02 94.99
CA THR J 627 -41.98 9.98 96.06
C THR J 627 -41.72 10.61 97.45
N ALA J 628 -40.81 11.58 97.56
CA ALA J 628 -40.52 12.30 98.82
C ALA J 628 -41.77 13.01 99.32
N ALA J 629 -42.57 13.54 98.38
CA ALA J 629 -43.81 14.30 98.63
C ALA J 629 -44.90 13.37 99.13
N ILE J 630 -45.21 12.33 98.34
CA ILE J 630 -46.17 11.24 98.65
C ILE J 630 -45.83 10.63 100.02
N ASP J 631 -44.54 10.44 100.34
CA ASP J 631 -44.10 9.86 101.64
C ASP J 631 -44.41 10.84 102.76
N SER J 632 -44.19 12.14 102.54
CA SER J 632 -44.51 13.22 103.50
C SER J 632 -46.02 13.28 103.78
N VAL J 633 -46.87 12.97 102.78
CA VAL J 633 -48.35 12.88 102.91
C VAL J 633 -48.67 11.67 103.81
N VAL J 634 -48.31 10.46 103.37
CA VAL J 634 -48.54 9.17 104.10
C VAL J 634 -48.12 9.31 105.58
N SER J 635 -47.05 10.03 105.89
CA SER J 635 -46.55 10.24 107.28
C SER J 635 -47.54 11.06 108.13
N GLN J 636 -48.40 11.88 107.52
CA GLN J 636 -49.21 12.92 108.21
C GLN J 636 -50.68 12.51 108.31
N ILE J 637 -51.22 11.83 107.30
CA ILE J 637 -52.64 11.36 107.25
C ILE J 637 -52.82 10.22 108.27
N GLU J 638 -54.07 9.89 108.59
CA GLU J 638 -54.45 8.80 109.53
C GLU J 638 -54.44 7.44 108.82
N LYS J 639 -54.05 6.39 109.54
CA LYS J 639 -54.24 4.98 109.15
C LYS J 639 -55.61 4.83 108.47
N GLY J 640 -55.63 4.40 107.21
CA GLY J 640 -56.87 4.13 106.47
C GLY J 640 -57.19 5.21 105.44
N SER J 641 -56.72 6.45 105.66
CA SER J 641 -56.91 7.58 104.73
C SER J 641 -56.35 7.23 103.36
N THR J 642 -56.82 7.95 102.34
CA THR J 642 -56.28 7.92 100.96
C THR J 642 -56.09 9.35 100.45
N PHE J 643 -55.68 9.48 99.20
CA PHE J 643 -55.64 10.74 98.42
C PHE J 643 -55.40 10.36 96.98
N GLY J 644 -55.32 11.31 96.05
CA GLY J 644 -55.07 10.98 94.64
C GLY J 644 -53.96 11.80 94.06
N ILE J 645 -53.86 11.80 92.73
CA ILE J 645 -52.73 12.37 91.96
C ILE J 645 -53.28 12.92 90.64
N ASN J 646 -52.95 14.18 90.34
CA ASN J 646 -53.25 14.87 89.07
C ASN J 646 -51.97 14.79 88.24
N LEU J 647 -52.09 14.45 86.96
CA LEU J 647 -50.96 14.39 86.01
C LEU J 647 -51.42 15.12 84.74
N ILE J 648 -50.67 16.12 84.33
CA ILE J 648 -51.04 16.98 83.20
C ILE J 648 -50.75 16.20 81.93
N TYR J 649 -51.76 15.99 81.06
CA TYR J 649 -51.70 15.06 79.89
C TYR J 649 -50.83 15.65 78.79
N VAL J 650 -50.78 16.96 78.75
CA VAL J 650 -50.05 17.77 77.73
C VAL J 650 -48.58 17.94 78.15
N ASN J 651 -48.08 17.16 79.13
CA ASN J 651 -46.69 17.18 79.65
C ASN J 651 -46.17 15.75 79.56
N PRO J 652 -45.60 15.37 78.41
CA PRO J 652 -45.26 13.98 78.14
C PRO J 652 -44.20 13.41 79.08
N PHE J 653 -43.40 14.30 79.66
CA PHE J 653 -42.30 13.92 80.57
C PHE J 653 -42.88 13.44 81.90
N MET J 654 -43.78 14.22 82.51
CA MET J 654 -44.43 13.83 83.80
C MET J 654 -45.18 12.50 83.66
N LEU J 655 -45.85 12.27 82.53
CA LEU J 655 -46.49 10.97 82.20
C LEU J 655 -45.44 9.86 82.13
N GLN J 656 -44.24 10.13 81.63
CA GLN J 656 -43.23 9.09 81.39
C GLN J 656 -42.66 8.59 82.71
N TRP J 657 -42.47 9.46 83.71
CA TRP J 657 -41.91 9.04 85.02
C TRP J 657 -43.02 8.74 86.02
N GLY J 658 -44.21 9.31 85.84
CA GLY J 658 -45.26 9.41 86.88
C GLY J 658 -46.22 8.25 86.81
N ILE J 659 -46.60 7.80 85.62
CA ILE J 659 -47.43 6.57 85.46
C ILE J 659 -46.66 5.39 86.05
N PRO J 660 -45.42 5.06 85.63
CA PRO J 660 -44.63 4.03 86.28
C PRO J 660 -44.48 4.16 87.80
N LEU J 661 -44.40 5.38 88.32
CA LEU J 661 -44.26 5.68 89.76
C LEU J 661 -45.52 5.27 90.51
N ILE J 662 -46.69 5.39 89.90
CA ILE J 662 -47.98 5.04 90.56
C ILE J 662 -48.03 3.52 90.60
N LYS J 663 -47.96 2.90 89.43
CA LYS J 663 -47.90 1.43 89.25
C LYS J 663 -46.97 0.82 90.29
N GLU J 664 -45.82 1.44 90.56
CA GLU J 664 -44.82 0.94 91.54
C GLU J 664 -45.36 1.08 92.96
N LEU J 665 -45.77 2.28 93.34
CA LEU J 665 -46.23 2.64 94.70
C LEU J 665 -47.56 1.92 95.00
N ARG J 666 -48.36 1.68 93.99
CA ARG J 666 -49.68 1.03 94.10
C ARG J 666 -49.49 -0.48 94.28
N SER J 667 -48.44 -1.06 93.67
CA SER J 667 -48.00 -2.47 93.87
C SER J 667 -47.33 -2.67 95.24
N LYS J 668 -46.88 -1.62 95.93
CA LYS J 668 -46.38 -1.72 97.34
C LYS J 668 -47.48 -1.39 98.33
N GLY J 669 -48.68 -1.14 97.81
CA GLY J 669 -49.87 -0.78 98.59
C GLY J 669 -49.80 0.59 99.23
N TYR J 670 -49.34 1.63 98.52
CA TYR J 670 -49.45 3.04 98.98
C TYR J 670 -50.92 3.44 98.84
N PRO J 671 -51.46 4.27 99.76
CA PRO J 671 -52.88 4.64 99.74
C PRO J 671 -53.25 5.69 98.69
N ILE J 672 -53.08 5.35 97.41
CA ILE J 672 -53.41 6.23 96.26
C ILE J 672 -54.72 5.69 95.70
N GLN J 673 -55.82 6.35 96.06
CA GLN J 673 -57.20 5.88 95.77
C GLN J 673 -57.47 6.06 94.28
N PHE J 674 -56.93 7.08 93.64
CA PHE J 674 -57.32 7.43 92.25
C PHE J 674 -56.28 8.37 91.59
N LEU J 675 -56.43 8.52 90.29
CA LEU J 675 -55.54 9.31 89.42
C LEU J 675 -56.43 10.11 88.50
N THR J 676 -56.38 11.42 88.61
CA THR J 676 -57.03 12.36 87.69
C THR J 676 -56.04 12.75 86.62
N ILE J 677 -56.36 12.53 85.35
CA ILE J 677 -55.55 13.07 84.23
C ILE J 677 -56.18 14.39 83.79
N GLY J 678 -55.49 15.49 84.10
CA GLY J 678 -55.84 16.86 83.72
C GLY J 678 -55.33 17.25 82.34
N ALA J 679 -55.81 18.37 81.82
CA ALA J 679 -55.30 19.08 80.62
C ALA J 679 -55.52 18.29 79.34
N GLY J 680 -56.43 17.31 79.34
CA GLY J 680 -56.63 16.41 78.19
C GLY J 680 -57.39 15.17 78.61
N VAL J 681 -57.84 14.39 77.62
CA VAL J 681 -58.36 13.01 77.83
C VAL J 681 -57.50 12.06 77.02
N PRO J 682 -56.92 11.02 77.64
CA PRO J 682 -56.11 10.06 76.91
C PRO J 682 -56.90 9.31 75.83
N SER J 683 -56.19 8.60 74.93
CA SER J 683 -56.80 7.73 73.89
C SER J 683 -57.32 6.45 74.55
N LEU J 684 -58.15 5.68 73.86
CA LEU J 684 -58.69 4.41 74.42
C LEU J 684 -57.53 3.51 74.83
N GLU J 685 -56.54 3.32 73.96
CA GLU J 685 -55.46 2.32 74.17
C GLU J 685 -54.62 2.74 75.39
N VAL J 686 -54.38 4.05 75.57
CA VAL J 686 -53.65 4.56 76.77
C VAL J 686 -54.52 4.28 77.99
N ALA J 687 -55.67 4.95 78.11
CA ALA J 687 -56.62 4.90 79.25
C ALA J 687 -56.85 3.44 79.70
N SER J 688 -56.98 2.53 78.73
CA SER J 688 -57.06 1.06 78.93
C SER J 688 -55.87 0.57 79.77
N GLU J 689 -54.66 1.06 79.52
CA GLU J 689 -53.43 0.70 80.28
C GLU J 689 -53.48 1.31 81.69
N TYR J 690 -53.98 2.54 81.86
CA TYR J 690 -54.17 3.17 83.20
C TYR J 690 -55.20 2.38 84.00
N ILE J 691 -56.27 1.94 83.32
CA ILE J 691 -57.46 1.30 83.97
C ILE J 691 -57.10 -0.09 84.49
N GLU J 692 -56.30 -0.84 83.73
CA GLU J 692 -55.96 -2.27 84.03
C GLU J 692 -54.73 -2.35 84.93
N THR J 693 -53.69 -1.55 84.66
CA THR J 693 -52.28 -1.79 85.06
C THR J 693 -51.93 -1.15 86.42
N LEU J 694 -52.47 0.02 86.71
CA LEU J 694 -52.33 0.74 88.01
C LEU J 694 -53.52 0.29 88.86
N GLY J 695 -53.29 -0.25 90.04
CA GLY J 695 -54.38 -0.84 90.83
C GLY J 695 -55.20 0.26 91.47
N LEU J 696 -55.96 0.99 90.67
CA LEU J 696 -56.68 2.20 91.13
C LEU J 696 -58.16 1.86 91.36
N LYS J 697 -58.79 2.59 92.28
CA LYS J 697 -60.24 2.49 92.54
C LYS J 697 -61.03 3.17 91.43
N TYR J 698 -60.62 4.37 91.01
CA TYR J 698 -61.27 5.11 89.91
C TYR J 698 -60.31 6.05 89.17
N LEU J 699 -60.62 6.37 87.91
CA LEU J 699 -59.87 7.31 87.07
C LEU J 699 -60.67 8.60 86.90
N GLY J 700 -60.09 9.73 87.25
CA GLY J 700 -60.63 11.08 86.96
C GLY J 700 -60.28 11.53 85.54
N LEU J 701 -61.23 12.09 84.82
CA LEU J 701 -60.97 12.67 83.49
C LEU J 701 -61.64 14.04 83.40
N LYS J 702 -60.92 15.07 82.94
CA LYS J 702 -61.41 16.46 82.80
C LYS J 702 -61.51 16.82 81.33
N PRO J 703 -62.64 16.51 80.65
CA PRO J 703 -62.82 16.94 79.27
C PRO J 703 -63.20 18.42 79.18
N GLY J 704 -62.69 19.10 78.16
CA GLY J 704 -62.92 20.54 77.96
C GLY J 704 -64.21 20.78 77.23
N SER J 705 -64.42 20.01 76.16
CA SER J 705 -65.42 20.24 75.09
C SER J 705 -66.40 19.07 75.04
N ILE J 706 -67.35 19.09 74.09
CA ILE J 706 -68.27 17.95 73.78
C ILE J 706 -67.46 16.76 73.24
N ASP J 707 -66.53 16.99 72.31
CA ASP J 707 -65.76 15.91 71.63
C ASP J 707 -64.98 15.10 72.67
N ALA J 708 -64.53 15.76 73.73
CA ALA J 708 -63.80 15.13 74.85
C ALA J 708 -64.75 14.34 75.75
N ILE J 709 -65.94 14.87 76.05
CA ILE J 709 -66.98 14.12 76.81
C ILE J 709 -67.29 12.83 76.07
N SER J 710 -67.45 12.90 74.75
CA SER J 710 -67.61 11.72 73.85
C SER J 710 -66.46 10.73 74.03
N GLN J 711 -65.23 11.22 74.14
CA GLN J 711 -64.02 10.37 74.33
C GLN J 711 -64.06 9.69 75.70
N VAL J 712 -64.58 10.35 76.74
CA VAL J 712 -64.73 9.75 78.11
C VAL J 712 -65.75 8.61 78.07
N ILE J 713 -66.98 8.89 77.64
CA ILE J 713 -68.04 7.88 77.35
C ILE J 713 -67.46 6.63 76.68
N ASN J 714 -66.66 6.79 75.62
CA ASN J 714 -66.05 5.65 74.89
C ASN J 714 -65.08 4.86 75.79
N ILE J 715 -64.41 5.50 76.75
CA ILE J 715 -63.48 4.83 77.70
C ILE J 715 -64.29 4.06 78.75
N ALA J 716 -65.39 4.62 79.23
CA ALA J 716 -66.32 3.98 80.20
C ALA J 716 -67.15 2.86 79.54
N LYS J 717 -67.25 2.85 78.22
CA LYS J 717 -67.94 1.78 77.46
C LYS J 717 -67.01 0.57 77.40
N ALA J 718 -65.73 0.84 77.14
CA ALA J 718 -64.63 -0.13 77.01
C ALA J 718 -64.36 -0.85 78.32
N HIS J 719 -64.66 -0.22 79.47
CA HIS J 719 -64.40 -0.78 80.83
C HIS J 719 -65.62 -0.55 81.69
N PRO J 720 -66.70 -1.30 81.45
CA PRO J 720 -68.01 -0.96 81.99
C PRO J 720 -68.12 -1.14 83.50
N ASN J 721 -67.20 -1.85 84.13
CA ASN J 721 -67.22 -2.09 85.59
C ASN J 721 -66.37 -1.05 86.30
N PHE J 722 -65.34 -0.51 85.63
CA PHE J 722 -64.38 0.44 86.23
C PHE J 722 -65.03 1.81 86.44
N PRO J 723 -65.04 2.35 87.67
CA PRO J 723 -65.57 3.68 87.90
C PRO J 723 -64.73 4.81 87.27
N ILE J 724 -65.38 5.85 86.79
CA ILE J 724 -64.76 6.92 85.97
C ILE J 724 -65.36 8.27 86.35
N ALA J 725 -64.65 9.08 87.14
CA ALA J 725 -65.15 10.39 87.63
C ALA J 725 -64.96 11.42 86.51
N LEU J 726 -66.04 11.90 85.92
CA LEU J 726 -66.00 12.79 84.76
C LEU J 726 -66.10 14.18 85.37
N GLN J 727 -64.98 14.89 85.48
CA GLN J 727 -64.90 16.18 86.20
C GLN J 727 -65.15 17.25 85.12
N TRP J 728 -66.39 17.66 85.01
CA TRP J 728 -66.83 18.67 84.04
C TRP J 728 -66.60 20.04 84.67
N THR J 729 -66.02 20.92 83.86
CA THR J 729 -65.51 22.24 84.24
C THR J 729 -65.83 23.16 83.08
N GLY J 730 -66.35 24.35 83.34
CA GLY J 730 -66.54 25.34 82.28
C GLY J 730 -65.39 26.33 82.22
N GLY J 731 -65.30 27.06 81.10
CA GLY J 731 -64.28 28.10 80.89
C GLY J 731 -64.21 29.08 82.05
N ARG J 732 -65.26 29.21 82.85
CA ARG J 732 -65.34 30.22 83.93
C ARG J 732 -64.45 29.81 85.12
N GLY J 733 -63.75 28.69 85.00
CA GLY J 733 -62.92 28.16 86.10
C GLY J 733 -61.58 28.85 86.15
N GLY J 734 -61.02 28.98 87.35
CA GLY J 734 -59.65 29.47 87.58
C GLY J 734 -58.61 28.53 87.00
N GLY J 735 -57.46 29.08 86.64
CA GLY J 735 -56.33 28.32 86.07
C GLY J 735 -56.44 28.25 84.58
N HIS J 736 -55.85 27.24 83.97
CA HIS J 736 -55.99 26.97 82.51
C HIS J 736 -57.45 26.65 82.26
N HIS J 737 -58.09 27.32 81.31
CA HIS J 737 -59.53 27.14 81.04
C HIS J 737 -59.86 27.03 79.56
N SER J 738 -61.03 26.45 79.27
CA SER J 738 -61.62 26.30 77.93
C SER J 738 -62.36 27.56 77.56
N PHE J 739 -62.93 27.59 76.36
CA PHE J 739 -63.81 28.67 75.88
C PHE J 739 -65.28 28.27 76.02
N GLU J 740 -65.58 27.28 76.85
CA GLU J 740 -66.90 26.60 76.90
C GLU J 740 -67.76 27.18 78.03
N ASP J 741 -69.07 27.23 77.77
CA ASP J 741 -70.14 27.50 78.79
C ASP J 741 -70.19 26.31 79.76
N ALA J 742 -70.58 26.54 81.02
CA ALA J 742 -70.68 25.50 82.06
C ALA J 742 -71.91 24.62 81.78
N HIS J 743 -72.99 25.18 81.23
CA HIS J 743 -74.32 24.54 81.18
C HIS J 743 -74.55 23.86 79.82
N THR J 744 -74.51 24.62 78.74
CA THR J 744 -74.84 24.15 77.37
C THR J 744 -74.27 22.75 77.09
N PRO J 745 -72.97 22.46 77.28
CA PRO J 745 -72.44 21.15 76.92
C PRO J 745 -72.99 20.02 77.82
N MET J 746 -73.37 20.32 79.06
CA MET J 746 -73.96 19.30 79.97
C MET J 746 -75.36 18.96 79.50
N LEU J 747 -76.16 19.95 79.15
CA LEU J 747 -77.54 19.76 78.63
C LEU J 747 -77.48 18.88 77.38
N GLN J 748 -76.47 19.05 76.53
CA GLN J 748 -76.37 18.27 75.26
C GLN J 748 -75.93 16.83 75.50
N MET J 749 -75.14 16.55 76.55
CA MET J 749 -74.41 15.27 76.74
C MET J 749 -74.89 14.49 77.98
N TYR J 750 -75.62 15.11 78.91
CA TYR J 750 -76.01 14.46 80.18
C TYR J 750 -76.69 13.12 79.89
N SER J 751 -77.73 13.14 79.06
CA SER J 751 -78.49 11.95 78.61
C SER J 751 -77.52 10.83 78.21
N LYS J 752 -76.57 11.13 77.34
CA LYS J 752 -75.58 10.15 76.83
C LYS J 752 -74.69 9.66 77.96
N ILE J 753 -74.31 10.54 78.88
CA ILE J 753 -73.39 10.21 80.01
C ILE J 753 -74.08 9.22 80.93
N ARG J 754 -75.33 9.49 81.32
CA ARG J 754 -76.09 8.67 82.30
C ARG J 754 -76.45 7.28 81.73
N ARG J 755 -76.31 7.03 80.42
CA ARG J 755 -76.44 5.68 79.81
C ARG J 755 -75.35 4.74 80.35
N HIS J 756 -74.30 5.27 80.95
CA HIS J 756 -73.15 4.48 81.46
C HIS J 756 -73.08 4.60 82.98
N PRO J 757 -73.46 3.57 83.75
CA PRO J 757 -73.60 3.71 85.20
C PRO J 757 -72.25 3.84 85.91
N ASN J 758 -71.16 3.42 85.26
CA ASN J 758 -69.80 3.52 85.86
C ASN J 758 -69.29 4.97 85.83
N ILE J 759 -69.86 5.85 85.00
CA ILE J 759 -69.50 7.29 85.00
C ILE J 759 -70.19 8.00 86.18
N MET J 760 -69.39 8.49 87.10
CA MET J 760 -69.82 9.33 88.24
C MET J 760 -69.51 10.77 87.84
N LEU J 761 -70.51 11.62 87.80
CA LEU J 761 -70.49 12.91 87.06
C LEU J 761 -70.34 14.08 88.06
N ILE J 762 -69.18 14.74 88.03
CA ILE J 762 -68.79 15.77 89.03
C ILE J 762 -68.72 17.13 88.36
N PHE J 763 -69.45 18.11 88.90
CA PHE J 763 -69.55 19.49 88.38
C PHE J 763 -68.60 20.38 89.20
N GLY J 764 -67.73 21.10 88.51
CA GLY J 764 -66.97 22.19 89.13
C GLY J 764 -66.91 23.41 88.23
N SER J 765 -66.29 24.47 88.76
CA SER J 765 -66.08 25.79 88.14
C SER J 765 -67.13 26.73 88.69
N GLY J 766 -66.73 27.63 89.57
CA GLY J 766 -67.55 28.76 90.03
C GLY J 766 -68.46 28.34 91.14
N PHE J 767 -67.93 27.66 92.16
CA PHE J 767 -68.67 27.23 93.36
C PHE J 767 -67.93 27.67 94.61
N GLY J 768 -68.69 27.95 95.67
CA GLY J 768 -68.12 28.49 96.91
C GLY J 768 -68.92 28.13 98.15
N SER J 769 -70.22 27.92 98.03
CA SER J 769 -71.13 27.61 99.15
C SER J 769 -72.09 26.50 98.74
N ALA J 770 -72.90 26.04 99.70
CA ALA J 770 -74.01 25.08 99.48
C ALA J 770 -75.04 25.71 98.52
N ASP J 771 -75.25 27.02 98.65
CA ASP J 771 -76.44 27.73 98.12
C ASP J 771 -76.39 27.75 96.59
N ASP J 772 -75.21 28.00 96.01
CA ASP J 772 -75.02 28.06 94.53
C ASP J 772 -74.82 26.64 93.98
N THR J 773 -74.43 25.69 94.83
CA THR J 773 -74.09 24.32 94.40
C THR J 773 -75.26 23.37 94.68
N TYR J 774 -76.28 23.79 95.45
CA TYR J 774 -77.49 22.98 95.76
C TYR J 774 -78.36 22.74 94.54
N PRO J 775 -78.65 23.73 93.68
CA PRO J 775 -79.39 23.47 92.46
C PRO J 775 -78.82 22.36 91.57
N TYR J 776 -77.53 22.04 91.68
CA TYR J 776 -76.86 21.01 90.84
C TYR J 776 -76.97 19.64 91.54
N LEU J 777 -77.07 19.65 92.86
CA LEU J 777 -77.25 18.40 93.63
C LEU J 777 -78.64 17.86 93.33
N THR J 778 -79.63 18.75 93.32
CA THR J 778 -81.09 18.45 93.29
C THR J 778 -81.58 18.23 91.87
N GLY J 779 -80.84 18.69 90.87
CA GLY J 779 -81.22 18.55 89.44
C GLY J 779 -81.94 19.79 88.90
N GLU J 780 -82.36 20.72 89.77
CA GLU J 780 -83.28 21.82 89.43
C GLU J 780 -82.57 22.92 88.60
N TRP J 781 -81.23 22.96 88.56
CA TRP J 781 -80.48 23.90 87.68
C TRP J 781 -80.98 23.83 86.25
N SER J 782 -81.28 22.63 85.73
CA SER J 782 -81.58 22.40 84.29
C SER J 782 -83.04 22.73 83.98
N THR J 783 -83.86 22.95 85.02
CA THR J 783 -85.26 23.41 84.90
C THR J 783 -85.27 24.81 84.26
N LYS J 784 -84.36 25.71 84.69
CA LYS J 784 -84.20 27.12 84.21
C LYS J 784 -84.09 27.18 82.68
N PHE J 785 -83.59 26.13 82.02
CA PHE J 785 -83.36 26.08 80.57
C PHE J 785 -84.43 25.22 79.88
N ASP J 786 -85.56 24.94 80.55
CA ASP J 786 -86.71 24.16 80.00
C ASP J 786 -86.30 22.70 79.69
N TYR J 787 -85.33 22.14 80.42
CA TYR J 787 -85.01 20.70 80.38
C TYR J 787 -85.61 20.04 81.63
N PRO J 788 -85.69 18.70 81.69
CA PRO J 788 -86.11 18.02 82.90
C PRO J 788 -84.98 18.04 83.91
N PRO J 789 -85.24 17.78 85.21
CA PRO J 789 -84.18 17.73 86.21
C PRO J 789 -83.05 16.75 85.87
N MET J 790 -81.84 17.07 86.30
CA MET J 790 -80.58 16.57 85.71
C MET J 790 -79.48 16.59 86.76
N PRO J 791 -79.58 15.79 87.85
CA PRO J 791 -78.71 16.00 89.00
C PRO J 791 -77.31 15.36 88.90
N PHE J 792 -76.36 15.96 89.61
CA PHE J 792 -74.90 15.73 89.58
C PHE J 792 -74.48 14.99 90.85
N ASP J 793 -73.46 14.14 90.74
CA ASP J 793 -73.04 13.20 91.82
C ASP J 793 -72.02 13.82 92.77
N GLY J 794 -71.51 15.03 92.52
CA GLY J 794 -70.66 15.77 93.47
C GLY J 794 -69.93 16.91 92.79
N PHE J 795 -69.15 17.67 93.55
CA PHE J 795 -68.60 19.00 93.17
C PHE J 795 -67.12 19.09 93.40
N LEU J 796 -66.45 19.98 92.67
CA LEU J 796 -65.05 20.36 92.97
C LEU J 796 -64.90 21.86 93.09
N PHE J 797 -64.09 22.26 94.07
CA PHE J 797 -63.83 23.64 94.52
C PHE J 797 -62.34 23.89 94.47
N GLY J 798 -61.84 24.51 93.40
CA GLY J 798 -60.43 24.95 93.32
C GLY J 798 -60.25 26.31 93.93
N SER J 799 -60.49 27.34 93.13
CA SER J 799 -60.45 28.80 93.45
C SER J 799 -60.91 29.06 94.87
N ARG J 800 -62.01 28.44 95.30
CA ARG J 800 -62.63 28.67 96.63
C ARG J 800 -61.60 28.55 97.76
N VAL J 801 -60.63 27.65 97.61
CA VAL J 801 -59.96 26.96 98.76
C VAL J 801 -58.53 27.50 98.85
N MET J 802 -58.22 28.53 98.06
CA MET J 802 -56.86 29.09 97.86
C MET J 802 -56.46 30.02 99.00
N ILE J 803 -57.39 30.34 99.91
CA ILE J 803 -57.13 31.27 101.04
C ILE J 803 -57.29 30.52 102.35
N ALA J 804 -57.52 29.23 102.32
CA ALA J 804 -57.65 28.39 103.52
C ALA J 804 -56.42 28.59 104.41
N LYS J 805 -56.59 28.52 105.72
CA LYS J 805 -55.54 28.64 106.79
C LYS J 805 -54.24 27.95 106.38
N GLU J 806 -54.30 26.74 105.79
CA GLU J 806 -53.14 25.83 105.66
C GLU J 806 -52.86 25.49 104.19
N VAL J 807 -52.96 26.48 103.31
CA VAL J 807 -52.23 26.46 102.01
C VAL J 807 -51.01 27.36 102.16
N LYS J 808 -50.15 27.34 101.15
CA LYS J 808 -48.80 27.95 101.20
C LYS J 808 -48.78 29.29 100.45
N THR J 809 -49.83 29.60 99.67
CA THR J 809 -50.12 30.96 99.12
C THR J 809 -49.69 32.02 100.14
N SER J 810 -48.76 32.90 99.77
CA SER J 810 -48.13 33.89 100.68
C SER J 810 -49.19 34.84 101.21
N PRO J 811 -49.11 35.29 102.47
CA PRO J 811 -50.16 36.14 103.05
C PRO J 811 -50.63 37.30 102.15
N ASP J 812 -49.68 38.02 101.53
CA ASP J 812 -49.97 39.20 100.66
C ASP J 812 -50.82 38.79 99.46
N ALA J 813 -50.64 37.56 98.97
CA ALA J 813 -51.35 37.00 97.81
C ALA J 813 -52.79 36.68 98.19
N LYS J 814 -53.00 36.11 99.39
CA LYS J 814 -54.33 35.85 99.97
C LYS J 814 -55.10 37.16 100.08
N LYS J 815 -54.49 38.23 100.63
CA LYS J 815 -55.09 39.60 100.69
C LYS J 815 -55.53 40.04 99.29
N CYS J 816 -54.65 39.84 98.32
CA CYS J 816 -54.88 40.12 96.89
C CYS J 816 -56.07 39.30 96.36
N ILE J 817 -56.22 38.03 96.76
CA ILE J 817 -57.36 37.13 96.37
C ILE J 817 -58.65 37.61 97.00
N ALA J 818 -58.63 37.90 98.31
CA ALA J 818 -59.81 38.37 99.08
C ALA J 818 -60.34 39.69 98.51
N ALA J 819 -59.48 40.49 97.87
CA ALA J 819 -59.80 41.82 97.29
C ALA J 819 -60.57 41.68 95.97
N CYS J 820 -60.25 40.69 95.15
CA CYS J 820 -60.96 40.37 93.88
C CYS J 820 -62.44 40.17 94.20
N THR J 821 -63.29 41.07 93.70
CA THR J 821 -64.74 41.08 93.98
C THR J 821 -65.35 39.89 93.25
N GLY J 822 -64.86 39.65 92.05
CA GLY J 822 -65.45 38.69 91.11
C GLY J 822 -66.67 39.24 90.42
N VAL J 823 -67.43 38.35 89.81
CA VAL J 823 -68.51 38.68 88.85
C VAL J 823 -69.37 37.43 88.69
N PRO J 824 -70.71 37.50 88.51
CA PRO J 824 -71.50 36.29 88.29
C PRO J 824 -71.24 35.63 86.92
N ASP J 825 -71.83 34.45 86.68
CA ASP J 825 -71.59 33.63 85.45
C ASP J 825 -72.02 34.39 84.18
N ASP J 826 -72.99 35.30 84.25
CA ASP J 826 -73.48 36.06 83.07
C ASP J 826 -72.33 36.82 82.39
N LYS J 827 -71.34 37.30 83.17
CA LYS J 827 -70.36 38.35 82.75
C LYS J 827 -68.93 37.80 82.64
N TRP J 828 -68.65 36.58 83.08
CA TRP J 828 -67.26 36.09 83.28
C TRP J 828 -66.46 36.19 81.97
N GLU J 829 -67.07 36.15 80.80
CA GLU J 829 -66.31 36.13 79.51
C GLU J 829 -65.72 37.50 79.23
N GLN J 830 -66.07 38.51 80.02
CA GLN J 830 -65.43 39.85 79.88
C GLN J 830 -63.92 39.70 80.07
N THR J 831 -63.47 38.70 80.83
CA THR J 831 -62.05 38.47 81.22
C THR J 831 -61.13 38.40 80.00
N TYR J 832 -61.62 37.98 78.84
CA TYR J 832 -60.80 37.90 77.61
C TYR J 832 -60.40 39.28 77.11
N LYS J 833 -61.08 40.36 77.55
CA LYS J 833 -60.84 41.77 77.12
C LYS J 833 -60.07 42.55 78.19
N LYS J 834 -60.59 42.58 79.42
CA LYS J 834 -60.15 43.54 80.46
C LYS J 834 -60.44 43.02 81.86
N PRO J 835 -59.73 43.51 82.89
CA PRO J 835 -59.93 43.07 84.28
C PRO J 835 -61.40 43.12 84.73
N THR J 836 -61.93 41.94 85.06
CA THR J 836 -63.36 41.67 85.33
C THR J 836 -63.45 41.02 86.70
N GLY J 837 -63.82 41.78 87.73
CA GLY J 837 -63.83 41.28 89.11
C GLY J 837 -62.43 41.17 89.69
N GLY J 838 -61.46 41.87 89.09
CA GLY J 838 -60.04 41.84 89.49
C GLY J 838 -59.28 40.68 88.83
N ILE J 839 -59.72 40.20 87.65
CA ILE J 839 -59.25 38.94 87.02
C ILE J 839 -59.23 39.06 85.49
N VAL J 840 -58.18 38.57 84.83
CA VAL J 840 -58.09 38.58 83.35
C VAL J 840 -57.69 37.19 82.87
N THR J 841 -57.89 36.93 81.58
CA THR J 841 -57.27 35.80 80.89
C THR J 841 -56.05 36.30 80.13
N VAL J 842 -54.97 35.52 80.21
CA VAL J 842 -53.72 35.69 79.45
C VAL J 842 -53.38 34.34 78.84
N ARG J 843 -52.73 34.32 77.68
CA ARG J 843 -52.36 33.07 76.98
C ARG J 843 -51.08 32.51 77.63
N SER J 844 -50.94 31.19 77.71
CA SER J 844 -49.69 30.49 78.12
C SER J 844 -48.69 30.57 76.96
N GLU J 845 -47.53 29.94 77.08
CA GLU J 845 -46.56 29.85 75.94
C GLU J 845 -47.19 29.07 74.78
N MET J 846 -48.20 28.22 75.06
CA MET J 846 -48.88 27.34 74.08
C MET J 846 -50.07 28.05 73.40
N GLY J 847 -50.64 29.06 74.05
CA GLY J 847 -51.85 29.77 73.57
C GLY J 847 -53.11 29.33 74.32
N GLU J 848 -52.97 28.48 75.34
CA GLU J 848 -54.07 28.08 76.23
C GLU J 848 -54.42 29.30 77.08
N PRO J 849 -55.70 29.65 77.27
CA PRO J 849 -56.07 30.65 78.26
C PRO J 849 -55.66 30.26 79.68
N ILE J 850 -55.36 31.25 80.53
CA ILE J 850 -55.23 31.07 82.00
C ILE J 850 -55.96 32.23 82.65
N HIS J 851 -56.73 31.96 83.68
CA HIS J 851 -57.45 32.95 84.50
C HIS J 851 -56.54 33.31 85.66
N LYS J 852 -56.04 34.53 85.67
CA LYS J 852 -55.09 35.08 86.68
C LYS J 852 -55.69 36.36 87.24
N ILE J 853 -55.47 36.63 88.52
CA ILE J 853 -55.70 37.96 89.15
C ILE J 853 -54.89 38.97 88.37
N ALA J 854 -55.47 40.14 88.10
CA ALA J 854 -54.88 41.20 87.24
C ALA J 854 -54.03 42.13 88.11
N THR J 855 -52.93 41.57 88.60
CA THR J 855 -51.74 42.23 89.16
C THR J 855 -51.03 43.03 88.07
N ARG J 856 -50.09 43.93 88.44
CA ARG J 856 -49.28 44.71 87.46
C ARG J 856 -48.59 43.74 86.52
N GLY J 857 -47.97 42.71 87.11
CA GLY J 857 -47.28 41.62 86.41
C GLY J 857 -48.11 41.07 85.26
N VAL J 858 -49.34 40.69 85.59
CA VAL J 858 -50.21 39.98 84.63
C VAL J 858 -50.71 40.99 83.60
N MET J 859 -51.00 42.22 84.00
CA MET J 859 -51.37 43.27 83.03
C MET J 859 -50.23 43.47 82.01
N LEU J 860 -48.97 43.40 82.47
CA LEU J 860 -47.81 43.49 81.55
C LEU J 860 -47.79 42.28 80.60
N TRP J 861 -47.95 41.08 81.15
CA TRP J 861 -48.11 39.83 80.36
C TRP J 861 -49.20 40.01 79.30
N LYS J 862 -50.38 40.50 79.69
CA LYS J 862 -51.54 40.76 78.81
C LYS J 862 -51.18 41.76 77.71
N GLU J 863 -50.45 42.82 78.04
CA GLU J 863 -49.98 43.86 77.07
C GLU J 863 -49.10 43.20 76.01
N PHE J 864 -48.17 42.35 76.43
CA PHE J 864 -47.17 41.71 75.53
C PHE J 864 -47.84 40.63 74.66
N ASP J 865 -48.98 40.06 75.08
CA ASP J 865 -49.77 39.10 74.25
C ASP J 865 -50.45 39.86 73.09
N GLU J 866 -50.91 41.08 73.35
CA GLU J 866 -51.66 41.93 72.38
C GLU J 866 -50.72 42.65 71.42
N THR J 867 -49.41 42.69 71.70
CA THR J 867 -48.43 43.59 71.03
C THR J 867 -47.26 42.81 70.40
N ILE J 868 -46.62 41.91 71.13
CA ILE J 868 -45.31 41.29 70.78
C ILE J 868 -45.51 39.81 70.38
N PHE J 869 -46.20 39.03 71.21
CA PHE J 869 -46.29 37.56 71.05
C PHE J 869 -47.33 37.14 70.00
N ASN J 870 -48.24 38.03 69.60
CA ASN J 870 -49.21 37.78 68.51
C ASN J 870 -48.60 38.11 67.14
N LEU J 871 -47.42 38.72 67.07
CA LEU J 871 -46.72 39.05 65.79
C LEU J 871 -46.28 37.76 65.11
N PRO J 872 -46.13 37.74 63.77
CA PRO J 872 -45.42 36.65 63.08
C PRO J 872 -43.91 36.73 63.36
N LYS J 873 -43.20 35.61 63.20
CA LYS J 873 -41.77 35.46 63.60
C LYS J 873 -40.89 36.54 62.94
N ASN J 874 -41.13 36.88 61.68
CA ASN J 874 -40.29 37.84 60.90
C ASN J 874 -40.43 39.28 61.43
N LYS J 875 -41.52 39.63 62.12
CA LYS J 875 -41.73 40.97 62.76
C LYS J 875 -41.25 40.99 64.23
N LEU J 876 -40.94 39.83 64.83
CA LEU J 876 -40.76 39.65 66.30
C LEU J 876 -39.47 40.33 66.75
N VAL J 877 -38.34 39.97 66.13
CA VAL J 877 -36.98 40.49 66.50
C VAL J 877 -36.87 41.99 66.18
N PRO J 878 -37.26 42.47 64.97
CA PRO J 878 -37.33 43.91 64.69
C PRO J 878 -38.08 44.75 65.72
N THR J 879 -39.19 44.23 66.24
CA THR J 879 -40.10 44.92 67.20
C THR J 879 -39.44 44.98 68.58
N LEU J 880 -38.65 43.97 68.92
CA LEU J 880 -37.97 43.88 70.23
C LEU J 880 -36.82 44.90 70.30
N GLU J 881 -36.09 45.09 69.20
CA GLU J 881 -35.04 46.14 69.09
C GLU J 881 -35.67 47.52 69.30
N ALA J 882 -36.78 47.79 68.61
CA ALA J 882 -37.50 49.08 68.64
C ALA J 882 -38.02 49.36 70.06
N LYS J 883 -38.70 48.39 70.68
CA LYS J 883 -39.40 48.58 71.98
C LYS J 883 -38.47 48.23 73.15
N ARG J 884 -37.21 47.89 72.88
CA ARG J 884 -36.21 47.41 73.87
C ARG J 884 -36.26 48.20 75.18
N ASP J 885 -36.13 49.52 75.16
CA ASP J 885 -35.97 50.31 76.40
C ASP J 885 -37.31 50.33 77.15
N TYR J 886 -38.41 50.31 76.40
CA TYR J 886 -39.78 50.17 76.96
C TYR J 886 -39.87 48.82 77.68
N ILE J 887 -39.65 47.72 76.95
CA ILE J 887 -39.72 46.33 77.48
C ILE J 887 -38.90 46.20 78.77
N ILE J 888 -37.71 46.78 78.86
CA ILE J 888 -36.80 46.64 80.03
C ILE J 888 -37.35 47.47 81.20
N SER J 889 -37.80 48.70 80.96
CA SER J 889 -38.42 49.54 82.02
C SER J 889 -39.51 48.73 82.71
N ARG J 890 -40.32 48.02 81.92
CA ARG J 890 -41.58 47.33 82.33
C ARG J 890 -41.27 46.00 83.03
N LEU J 891 -40.35 45.20 82.51
CA LEU J 891 -39.83 44.01 83.22
C LEU J 891 -39.33 44.40 84.61
N ASN J 892 -38.58 45.50 84.75
CA ASN J 892 -37.92 45.85 86.03
C ASN J 892 -38.94 46.41 87.03
N ALA J 893 -39.95 47.12 86.52
CA ALA J 893 -40.98 47.86 87.28
C ALA J 893 -42.02 46.88 87.86
N ASP J 894 -42.47 45.94 87.02
CA ASP J 894 -43.75 45.20 87.14
C ASP J 894 -43.53 43.71 87.35
N PHE J 895 -42.77 43.03 86.49
CA PHE J 895 -42.85 41.56 86.28
C PHE J 895 -42.02 40.79 87.30
N GLN J 896 -42.38 39.51 87.51
CA GLN J 896 -41.74 38.61 88.52
C GLN J 896 -40.32 38.21 88.08
N LYS J 897 -40.08 38.11 86.79
CA LYS J 897 -38.73 37.95 86.19
C LYS J 897 -38.19 39.31 85.73
N PRO J 898 -37.27 39.96 86.48
CA PRO J 898 -36.69 41.23 86.03
C PRO J 898 -35.64 41.05 84.92
N TRP J 899 -35.24 42.15 84.30
CA TRP J 899 -34.19 42.20 83.26
C TRP J 899 -32.87 41.96 83.96
N PHE J 900 -32.11 40.97 83.49
CA PHE J 900 -30.98 40.44 84.26
C PHE J 900 -29.91 41.51 84.44
N ALA J 901 -29.55 42.12 83.31
CA ALA J 901 -28.45 43.07 83.16
C ALA J 901 -28.91 44.49 83.51
N THR J 902 -29.28 44.73 84.77
CA THR J 902 -29.32 46.06 85.40
C THR J 902 -28.36 46.07 86.58
N VAL J 903 -27.47 47.06 86.63
CA VAL J 903 -26.59 47.29 87.81
C VAL J 903 -26.93 48.69 88.33
N ASN J 904 -27.26 48.80 89.63
CA ASN J 904 -27.70 50.02 90.36
C ASN J 904 -28.82 50.72 89.56
N GLY J 905 -29.84 49.97 89.15
CA GLY J 905 -31.07 50.48 88.54
C GLY J 905 -30.87 50.96 87.11
N GLN J 906 -29.70 50.72 86.53
CA GLN J 906 -29.30 51.26 85.20
C GLN J 906 -29.28 50.11 84.19
N ALA J 907 -30.20 50.12 83.23
CA ALA J 907 -30.46 49.04 82.25
C ALA J 907 -29.32 48.89 81.26
N ARG J 908 -28.48 47.87 81.45
CA ARG J 908 -27.37 47.56 80.53
C ARG J 908 -27.82 46.54 79.49
N ASP J 909 -26.84 45.90 78.84
CA ASP J 909 -26.96 44.58 78.19
C ASP J 909 -25.90 43.69 78.82
N LEU J 910 -26.02 42.38 78.63
CA LEU J 910 -25.17 41.34 79.25
C LEU J 910 -23.75 41.45 78.74
N ALA J 911 -23.56 41.97 77.52
CA ALA J 911 -22.25 42.24 76.88
C ALA J 911 -21.61 43.54 77.39
N THR J 912 -22.31 44.36 78.16
CA THR J 912 -21.82 45.64 78.73
C THR J 912 -21.80 45.54 80.25
N MET J 913 -21.65 44.33 80.77
CA MET J 913 -21.59 44.03 82.22
C MET J 913 -20.25 43.37 82.48
N THR J 914 -19.58 43.67 83.59
CA THR J 914 -18.29 43.03 83.95
C THR J 914 -18.59 41.69 84.60
N TYR J 915 -17.65 40.75 84.53
CA TYR J 915 -17.77 39.43 85.19
C TYR J 915 -18.15 39.63 86.67
N GLU J 916 -17.64 40.64 87.36
CA GLU J 916 -18.04 40.89 88.77
C GLU J 916 -19.53 41.29 88.81
N GLU J 917 -19.92 42.31 88.07
CA GLU J 917 -21.31 42.82 88.02
C GLU J 917 -22.31 41.68 87.77
N VAL J 918 -21.87 40.57 87.17
CA VAL J 918 -22.73 39.40 86.83
C VAL J 918 -22.87 38.54 88.07
N ALA J 919 -21.76 38.11 88.62
CA ALA J 919 -21.66 37.34 89.87
C ALA J 919 -22.48 38.00 90.98
N LYS J 920 -22.35 39.32 91.15
CA LYS J 920 -23.01 40.08 92.23
C LYS J 920 -24.53 40.11 92.02
N ARG J 921 -24.96 40.05 90.78
CA ARG J 921 -26.37 40.17 90.36
C ARG J 921 -27.03 38.79 90.40
N LEU J 922 -26.29 37.73 90.09
CA LEU J 922 -26.76 36.33 90.24
C LEU J 922 -27.11 36.12 91.70
N VAL J 923 -26.21 36.51 92.62
CA VAL J 923 -26.44 36.43 94.09
C VAL J 923 -27.66 37.27 94.48
N GLU J 924 -27.87 38.45 93.89
CA GLU J 924 -28.98 39.38 94.27
C GLU J 924 -30.33 38.71 94.01
N LEU J 925 -30.45 38.01 92.90
CA LEU J 925 -31.73 37.46 92.38
C LEU J 925 -31.97 36.01 92.80
N MET J 926 -30.93 35.26 93.18
CA MET J 926 -31.04 33.80 93.42
C MET J 926 -30.79 33.42 94.87
N PHE J 927 -30.17 34.29 95.68
CA PHE J 927 -29.79 34.03 97.10
C PHE J 927 -30.62 34.92 98.01
N ILE J 928 -31.24 34.34 99.04
CA ILE J 928 -32.26 35.03 99.88
C ILE J 928 -31.55 35.45 101.15
N ARG J 929 -31.56 36.74 101.48
CA ARG J 929 -30.84 37.28 102.66
C ARG J 929 -31.64 36.98 103.93
N SER J 930 -32.98 37.04 103.86
CA SER J 930 -33.89 36.78 105.01
C SER J 930 -33.62 35.37 105.59
N THR J 931 -33.65 34.33 104.75
CA THR J 931 -33.43 32.91 105.15
C THR J 931 -31.94 32.52 105.09
N ASN J 932 -31.10 33.37 104.46
CA ASN J 932 -29.62 33.17 104.34
C ASN J 932 -29.32 31.83 103.65
N SER J 933 -29.85 31.63 102.43
CA SER J 933 -29.77 30.36 101.65
C SER J 933 -30.09 30.60 100.17
N TRP J 934 -29.59 29.71 99.32
CA TRP J 934 -29.96 29.69 97.88
C TRP J 934 -31.37 29.14 97.72
N PHE J 935 -32.23 29.85 97.04
CA PHE J 935 -33.65 29.45 96.88
C PHE J 935 -33.75 28.02 96.32
N ASP J 936 -32.93 27.67 95.34
CA ASP J 936 -32.83 26.31 94.74
C ASP J 936 -31.35 25.94 94.58
N VAL J 937 -30.98 24.72 94.93
CA VAL J 937 -29.56 24.28 94.83
C VAL J 937 -29.09 24.42 93.39
N THR J 938 -29.92 24.10 92.39
CA THR J 938 -29.52 24.18 90.96
C THR J 938 -29.08 25.59 90.58
N TRP J 939 -29.65 26.61 91.23
CA TRP J 939 -29.28 28.03 91.07
C TRP J 939 -27.88 28.27 91.62
N ARG J 940 -27.55 27.66 92.76
CA ARG J 940 -26.19 27.73 93.36
C ARG J 940 -25.17 27.09 92.40
N THR J 941 -25.50 25.95 91.80
CA THR J 941 -24.63 25.29 90.78
C THR J 941 -24.44 26.20 89.56
N PHE J 942 -25.49 26.92 89.14
CA PHE J 942 -25.45 27.90 88.03
C PHE J 942 -24.43 29.00 88.38
N THR J 943 -24.49 29.64 89.55
CA THR J 943 -23.52 30.71 89.91
C THR J 943 -22.12 30.14 90.10
N GLY J 944 -22.01 28.93 90.60
CA GLY J 944 -20.70 28.31 90.90
C GLY J 944 -19.99 28.00 89.62
N ASP J 945 -20.72 27.48 88.64
CA ASP J 945 -20.23 27.21 87.25
C ASP J 945 -19.71 28.50 86.61
N PHE J 946 -20.43 29.60 86.80
CA PHE J 946 -20.05 30.92 86.27
C PHE J 946 -18.74 31.38 86.93
N LEU J 947 -18.59 31.33 88.26
CA LEU J 947 -17.30 31.68 88.94
C LEU J 947 -16.16 30.79 88.41
N ARG J 948 -16.41 29.51 88.12
CA ARG J 948 -15.37 28.61 87.57
C ARG J 948 -14.99 29.06 86.16
N ARG J 949 -15.93 29.59 85.38
CA ARG J 949 -15.60 30.22 84.08
C ARG J 949 -14.68 31.42 84.28
N VAL J 950 -14.92 32.24 85.29
CA VAL J 950 -14.10 33.45 85.51
C VAL J 950 -12.67 32.97 85.73
N GLU J 951 -12.45 31.95 86.54
CA GLU J 951 -11.09 31.42 86.80
C GLU J 951 -10.51 30.90 85.48
N GLU J 952 -11.23 30.08 84.72
CA GLU J 952 -10.78 29.53 83.41
C GLU J 952 -10.35 30.68 82.47
N ARG J 953 -11.17 31.71 82.32
CA ARG J 953 -10.95 32.86 81.40
C ARG J 953 -9.73 33.68 81.84
N PHE J 954 -9.58 34.00 83.13
CA PHE J 954 -8.56 34.98 83.57
C PHE J 954 -7.30 34.35 84.14
N THR J 955 -7.22 33.04 84.33
CA THR J 955 -5.95 32.41 84.75
C THR J 955 -5.06 32.25 83.51
N LYS J 956 -3.76 32.38 83.70
CA LYS J 956 -2.72 32.21 82.66
C LYS J 956 -2.32 30.73 82.60
N SER J 957 -2.24 30.11 83.78
CA SER J 957 -1.67 28.76 84.00
C SER J 957 -2.76 27.81 84.51
N LYS J 958 -2.40 26.54 84.67
CA LYS J 958 -3.31 25.45 85.09
C LYS J 958 -3.24 25.34 86.62
N THR J 959 -3.96 26.23 87.31
CA THR J 959 -4.09 26.27 88.79
C THR J 959 -5.21 25.31 89.22
N LEU J 960 -5.54 25.33 90.51
CA LEU J 960 -6.67 24.57 91.10
C LEU J 960 -7.65 25.57 91.70
N SER J 961 -8.94 25.25 91.62
CA SER J 961 -10.07 26.19 91.80
C SER J 961 -10.13 26.71 93.23
N LEU J 962 -10.44 28.00 93.35
CA LEU J 962 -10.73 28.69 94.63
C LEU J 962 -12.07 28.21 95.18
N ILE J 963 -13.03 27.93 94.30
CA ILE J 963 -14.33 27.26 94.61
C ILE J 963 -14.15 25.74 94.39
N GLN J 964 -13.73 24.99 95.42
CA GLN J 964 -13.55 23.52 95.34
C GLN J 964 -14.91 22.82 95.40
N SER J 965 -15.71 23.13 96.40
CA SER J 965 -17.09 22.64 96.59
C SER J 965 -18.02 23.85 96.50
N TYR J 966 -19.16 23.70 95.82
CA TYR J 966 -20.19 24.78 95.75
C TYR J 966 -20.90 24.92 97.10
N SER J 967 -20.58 24.09 98.10
CA SER J 967 -20.90 24.32 99.54
C SER J 967 -20.36 25.69 100.00
N LEU J 968 -19.23 26.12 99.45
CA LEU J 968 -18.51 27.32 99.92
C LEU J 968 -19.31 28.57 99.53
N LEU J 969 -20.25 28.44 98.58
CA LEU J 969 -21.10 29.55 98.11
C LEU J 969 -22.15 29.92 99.16
N ASP J 970 -22.29 29.19 100.27
CA ASP J 970 -23.33 29.42 101.32
C ASP J 970 -23.02 30.62 102.23
N LYS J 971 -21.93 31.38 102.00
CA LYS J 971 -21.69 32.77 102.53
C LYS J 971 -21.24 33.67 101.38
N PRO J 972 -22.09 33.84 100.35
CA PRO J 972 -21.65 34.03 98.97
C PRO J 972 -20.76 35.26 98.69
N ASP J 973 -20.92 36.33 99.46
CA ASP J 973 -20.15 37.59 99.24
C ASP J 973 -18.66 37.26 99.43
N GLU J 974 -18.34 36.42 100.41
CA GLU J 974 -16.96 35.99 100.75
C GLU J 974 -16.33 35.26 99.57
N ALA J 975 -17.08 34.34 98.95
CA ALA J 975 -16.65 33.48 97.81
C ALA J 975 -16.49 34.31 96.53
N ILE J 976 -17.29 35.36 96.36
CA ILE J 976 -17.11 36.32 95.22
C ILE J 976 -15.85 37.16 95.50
N GLU J 977 -15.71 37.77 96.69
CA GLU J 977 -14.46 38.49 97.06
C GLU J 977 -13.25 37.63 96.72
N LYS J 978 -13.29 36.38 97.17
CA LYS J 978 -12.16 35.42 97.01
C LYS J 978 -11.82 35.34 95.53
N VAL J 979 -12.78 35.12 94.64
CA VAL J 979 -12.53 34.82 93.20
C VAL J 979 -12.01 36.07 92.50
N PHE J 980 -12.62 37.22 92.75
CA PHE J 980 -12.26 38.51 92.12
C PHE J 980 -11.09 39.21 92.83
N ASN J 981 -10.55 38.67 93.93
CA ASN J 981 -9.23 39.13 94.47
C ASN J 981 -8.12 38.47 93.67
N ALA J 982 -8.28 37.18 93.36
CA ALA J 982 -7.29 36.37 92.62
C ALA J 982 -7.29 36.68 91.12
N TYR J 983 -8.34 37.36 90.61
CA TYR J 983 -8.49 37.68 89.17
C TYR J 983 -9.10 39.07 89.01
N PRO J 984 -8.37 40.15 89.39
CA PRO J 984 -8.93 41.50 89.42
C PRO J 984 -9.27 42.10 88.04
N ALA J 985 -8.63 41.61 86.98
CA ALA J 985 -8.96 41.92 85.57
C ALA J 985 -10.47 41.84 85.40
N ALA J 986 -11.05 40.75 85.90
CA ALA J 986 -12.47 40.36 85.78
C ALA J 986 -13.39 41.45 86.31
N ARG J 987 -12.93 42.34 87.20
CA ARG J 987 -13.75 43.48 87.68
C ARG J 987 -13.84 44.57 86.61
N GLU J 988 -12.92 44.58 85.65
CA GLU J 988 -12.67 45.71 84.73
C GLU J 988 -12.67 45.19 83.29
N GLN J 989 -13.59 44.30 82.98
CA GLN J 989 -13.68 43.72 81.63
C GLN J 989 -15.12 43.27 81.39
N PHE J 990 -15.74 43.73 80.32
CA PHE J 990 -17.05 43.18 79.91
C PHE J 990 -16.90 41.71 79.54
N LEU J 991 -17.89 40.92 79.91
CA LEU J 991 -18.09 39.53 79.45
C LEU J 991 -17.57 39.36 78.02
N ASN J 992 -16.63 38.46 77.83
CA ASN J 992 -16.18 37.92 76.51
C ASN J 992 -17.43 37.42 75.78
N ALA J 993 -17.51 37.53 74.46
CA ALA J 993 -18.69 37.13 73.65
C ALA J 993 -18.95 35.62 73.71
N GLN J 994 -17.92 34.81 73.97
CA GLN J 994 -18.03 33.36 74.18
C GLN J 994 -18.61 33.05 75.56
N ASP J 995 -18.56 33.99 76.49
CA ASP J 995 -19.02 33.82 77.89
C ASP J 995 -20.44 34.31 77.98
N ILE J 996 -20.86 35.19 77.09
CA ILE J 996 -22.30 35.54 76.96
C ILE J 996 -23.04 34.30 76.47
N ASP J 997 -22.52 33.66 75.44
CA ASP J 997 -23.13 32.45 74.85
C ASP J 997 -23.23 31.35 75.89
N HIS J 998 -22.14 31.04 76.58
CA HIS J 998 -22.12 30.04 77.69
C HIS J 998 -23.15 30.38 78.75
N PHE J 999 -23.31 31.66 79.09
CA PHE J 999 -24.24 32.09 80.16
C PHE J 999 -25.67 31.82 79.72
N LEU J 1000 -26.01 32.18 78.49
CA LEU J 1000 -27.35 31.93 77.91
C LEU J 1000 -27.56 30.44 77.63
N SER J 1001 -26.50 29.65 77.45
CA SER J 1001 -26.62 28.19 77.26
C SER J 1001 -27.00 27.53 78.58
N MET J 1002 -26.51 28.05 79.71
CA MET J 1002 -26.85 27.59 81.07
C MET J 1002 -28.30 28.00 81.42
N CYS J 1003 -28.80 29.10 80.87
CA CYS J 1003 -30.15 29.63 81.16
C CYS J 1003 -31.22 28.72 80.51
N GLN J 1004 -30.83 27.92 79.53
CA GLN J 1004 -31.66 26.99 78.74
C GLN J 1004 -31.51 25.55 79.26
N ASN J 1005 -30.55 25.28 80.13
CA ASN J 1005 -30.29 23.93 80.70
C ASN J 1005 -31.57 23.37 81.29
N PRO J 1006 -32.10 22.23 80.79
CA PRO J 1006 -33.39 21.74 81.25
C PRO J 1006 -33.41 21.00 82.60
N MET J 1007 -32.24 20.59 83.12
CA MET J 1007 -32.08 19.82 84.39
C MET J 1007 -31.75 20.77 85.55
N GLN J 1008 -32.54 21.82 85.70
CA GLN J 1008 -32.23 23.03 86.52
C GLN J 1008 -33.52 23.83 86.63
N LYS J 1009 -33.82 24.38 87.80
CA LYS J 1009 -34.99 25.28 87.94
C LYS J 1009 -34.76 26.50 87.06
N PRO J 1010 -35.72 26.97 86.25
CA PRO J 1010 -35.49 28.14 85.42
C PRO J 1010 -35.05 29.37 86.20
N VAL J 1011 -34.17 30.13 85.57
CA VAL J 1011 -33.53 31.32 86.19
C VAL J 1011 -34.58 32.40 86.33
N PRO J 1012 -34.65 33.08 87.49
CA PRO J 1012 -35.69 34.04 87.77
C PRO J 1012 -35.33 35.43 87.23
N PHE J 1013 -35.16 35.53 85.92
CA PHE J 1013 -34.79 36.77 85.18
C PHE J 1013 -34.78 36.55 83.67
N VAL J 1014 -35.05 37.61 82.93
CA VAL J 1014 -34.97 37.61 81.46
C VAL J 1014 -33.58 38.05 81.07
N PRO J 1015 -32.70 37.16 80.56
CA PRO J 1015 -31.31 37.50 80.25
C PRO J 1015 -30.97 37.99 78.83
N VAL J 1016 -31.96 38.15 77.94
CA VAL J 1016 -31.74 38.60 76.54
C VAL J 1016 -33.10 38.79 75.87
N LEU J 1017 -33.23 39.77 74.97
CA LEU J 1017 -34.37 39.87 74.00
C LEU J 1017 -33.94 39.31 72.65
N ASP J 1018 -34.42 38.11 72.30
CA ASP J 1018 -34.20 37.46 70.99
C ASP J 1018 -35.50 36.75 70.60
N ARG J 1019 -35.44 35.76 69.72
CA ARG J 1019 -36.64 35.01 69.26
C ARG J 1019 -37.22 34.22 70.44
N ARG J 1020 -36.40 33.85 71.43
CA ARG J 1020 -36.80 33.05 72.63
C ARG J 1020 -37.40 33.91 73.75
N PHE J 1021 -37.80 35.16 73.51
CA PHE J 1021 -38.23 36.07 74.58
C PHE J 1021 -39.48 35.51 75.25
N GLU J 1022 -40.44 35.03 74.46
CA GLU J 1022 -41.77 34.56 74.94
C GLU J 1022 -41.59 33.42 75.95
N ILE J 1023 -40.66 32.49 75.71
CA ILE J 1023 -40.37 31.36 76.62
C ILE J 1023 -39.77 31.93 77.92
N PHE J 1024 -38.67 32.66 77.83
CA PHE J 1024 -37.98 33.26 79.00
C PHE J 1024 -38.95 34.01 79.90
N PHE J 1025 -39.88 34.74 79.29
CA PHE J 1025 -40.89 35.58 79.97
C PHE J 1025 -41.91 34.71 80.73
N LYS J 1026 -42.33 33.59 80.15
CA LYS J 1026 -43.51 32.79 80.57
C LYS J 1026 -43.12 31.51 81.34
N LYS J 1027 -42.07 30.81 80.92
CA LYS J 1027 -41.37 29.72 81.66
C LYS J 1027 -41.53 29.92 83.17
N ASP J 1028 -42.10 28.94 83.86
CA ASP J 1028 -42.07 28.77 85.34
C ASP J 1028 -42.65 29.99 86.02
N SER J 1029 -43.95 30.18 85.89
CA SER J 1029 -44.66 31.42 86.27
C SER J 1029 -45.51 31.29 87.53
N LEU J 1030 -45.53 30.15 88.25
CA LEU J 1030 -46.61 29.82 89.23
C LEU J 1030 -46.12 29.59 90.66
N TRP J 1031 -44.84 29.39 90.91
CA TRP J 1031 -44.30 29.20 92.28
C TRP J 1031 -44.19 30.53 93.03
N GLN J 1032 -43.98 31.63 92.31
CA GLN J 1032 -43.53 32.93 92.89
C GLN J 1032 -44.55 33.40 93.95
N SER J 1033 -45.85 33.24 93.69
CA SER J 1033 -46.97 33.68 94.58
C SER J 1033 -46.90 32.98 95.94
N GLU J 1034 -46.26 31.80 96.04
CA GLU J 1034 -46.12 31.03 97.30
C GLU J 1034 -44.83 31.40 98.03
N HIS J 1035 -43.91 32.12 97.39
CA HIS J 1035 -42.52 32.34 97.88
C HIS J 1035 -42.06 33.75 97.56
N LEU J 1036 -42.68 34.76 98.16
CA LEU J 1036 -42.40 36.18 97.86
C LEU J 1036 -40.98 36.56 98.30
N GLU J 1037 -40.40 35.85 99.29
CA GLU J 1037 -38.99 36.05 99.72
C GLU J 1037 -38.06 36.11 98.49
N ALA J 1038 -38.31 35.29 97.46
CA ALA J 1038 -37.46 35.08 96.26
C ALA J 1038 -37.97 35.86 95.06
N VAL J 1039 -38.70 36.93 95.29
CA VAL J 1039 -39.23 37.86 94.25
C VAL J 1039 -38.68 39.24 94.59
N VAL J 1040 -38.44 40.09 93.60
CA VAL J 1040 -37.79 41.40 93.82
C VAL J 1040 -38.77 42.27 94.64
N ASP J 1041 -38.39 42.65 95.86
CA ASP J 1041 -39.11 43.58 96.76
C ASP J 1041 -40.17 42.85 97.60
N GLN J 1042 -40.26 41.52 97.51
CA GLN J 1042 -41.35 40.70 98.14
C GLN J 1042 -42.73 41.26 97.73
N ASP J 1043 -42.89 41.57 96.44
CA ASP J 1043 -44.05 42.34 95.90
C ASP J 1043 -45.01 41.39 95.20
N VAL J 1044 -46.23 41.19 95.73
CA VAL J 1044 -47.29 40.37 95.06
C VAL J 1044 -47.56 40.90 93.67
N GLN J 1045 -47.59 42.21 93.50
CA GLN J 1045 -48.15 42.82 92.27
C GLN J 1045 -47.29 42.43 91.05
N ARG J 1046 -46.15 41.75 91.26
CA ARG J 1046 -45.25 41.27 90.19
C ARG J 1046 -45.70 39.92 89.65
N THR J 1047 -46.62 39.24 90.34
CA THR J 1047 -46.70 37.77 90.40
C THR J 1047 -47.99 37.26 89.71
N CYS J 1048 -47.95 36.05 89.15
CA CYS J 1048 -49.11 35.31 88.59
C CYS J 1048 -49.81 34.54 89.73
N ILE J 1049 -51.04 34.93 90.05
CA ILE J 1049 -51.95 34.15 90.94
C ILE J 1049 -53.13 33.62 90.13
N LEU J 1050 -53.32 32.31 90.15
CA LEU J 1050 -54.39 31.64 89.38
C LEU J 1050 -55.69 31.73 90.18
N HIS J 1051 -56.80 32.07 89.51
CA HIS J 1051 -58.11 32.28 90.18
C HIS J 1051 -59.23 32.47 89.16
N GLY J 1052 -60.42 32.00 89.51
CA GLY J 1052 -61.61 31.99 88.64
C GLY J 1052 -62.47 33.22 88.85
N PRO J 1053 -63.01 33.81 87.78
CA PRO J 1053 -63.85 35.00 87.89
C PRO J 1053 -65.03 34.77 88.85
N VAL J 1054 -65.80 33.74 88.55
CA VAL J 1054 -67.11 33.44 89.21
C VAL J 1054 -66.82 33.01 90.64
N ALA J 1055 -65.90 32.07 90.82
CA ALA J 1055 -65.52 31.50 92.15
C ALA J 1055 -64.93 32.58 93.08
N ALA J 1056 -64.39 33.67 92.53
CA ALA J 1056 -63.76 34.78 93.27
C ALA J 1056 -64.77 35.50 94.16
N GLN J 1057 -66.06 35.40 93.83
CA GLN J 1057 -67.14 36.16 94.52
C GLN J 1057 -67.63 35.38 95.75
N PHE J 1058 -66.88 34.37 96.20
CA PHE J 1058 -67.14 33.65 97.48
C PHE J 1058 -65.89 33.64 98.36
N THR J 1059 -64.70 33.90 97.82
CA THR J 1059 -63.37 33.95 98.51
C THR J 1059 -63.19 35.30 99.21
N LYS J 1060 -63.67 35.42 100.45
CA LYS J 1060 -63.75 36.70 101.19
C LYS J 1060 -62.92 36.65 102.48
N VAL J 1061 -62.92 35.51 103.17
CA VAL J 1061 -62.38 35.38 104.56
C VAL J 1061 -61.01 34.69 104.50
N ILE J 1062 -59.95 35.42 104.83
CA ILE J 1062 -58.54 34.92 104.81
C ILE J 1062 -58.32 34.02 106.04
N ASP J 1063 -57.64 32.88 105.83
CA ASP J 1063 -57.14 31.94 106.86
C ASP J 1063 -58.31 31.32 107.63
N GLU J 1064 -59.28 30.79 106.89
CA GLU J 1064 -60.39 29.92 107.36
C GLU J 1064 -59.85 28.49 107.36
N PRO J 1065 -59.93 27.69 108.45
CA PRO J 1065 -59.47 26.30 108.41
C PRO J 1065 -60.21 25.49 107.34
N ILE J 1066 -59.50 24.77 106.46
CA ILE J 1066 -60.05 23.97 105.31
C ILE J 1066 -61.24 23.11 105.75
N LYS J 1067 -61.23 22.60 106.97
CA LYS J 1067 -62.34 21.78 107.52
C LYS J 1067 -63.59 22.68 107.62
N SER J 1068 -63.45 23.86 108.24
CA SER J 1068 -64.52 24.89 108.36
C SER J 1068 -65.20 25.16 107.01
N ILE J 1069 -64.41 25.36 105.95
CA ILE J 1069 -64.87 25.63 104.56
C ILE J 1069 -65.67 24.43 104.05
N MET J 1070 -65.00 23.27 103.93
CA MET J 1070 -65.53 22.05 103.28
C MET J 1070 -66.75 21.52 104.06
N ASP J 1071 -66.71 21.59 105.40
CA ASP J 1071 -67.88 21.21 106.25
C ASP J 1071 -69.01 22.18 105.96
N GLY J 1072 -68.73 23.48 106.04
CA GLY J 1072 -69.70 24.55 105.70
C GLY J 1072 -70.57 24.12 104.54
N ILE J 1073 -69.93 23.77 103.42
CA ILE J 1073 -70.59 23.42 102.14
C ILE J 1073 -71.39 22.14 102.31
N HIS J 1074 -70.83 21.15 103.02
CA HIS J 1074 -71.47 19.82 103.27
C HIS J 1074 -72.66 20.00 104.23
N ASP J 1075 -72.45 20.66 105.37
CA ASP J 1075 -73.50 20.85 106.41
C ASP J 1075 -74.61 21.72 105.83
N GLY J 1076 -74.26 22.59 104.88
CA GLY J 1076 -75.23 23.42 104.13
C GLY J 1076 -76.16 22.55 103.32
N HIS J 1077 -75.62 21.59 102.57
CA HIS J 1077 -76.38 20.64 101.73
C HIS J 1077 -77.36 19.80 102.58
N ILE J 1078 -76.95 19.38 103.76
CA ILE J 1078 -77.77 18.53 104.68
C ILE J 1078 -78.93 19.39 105.15
N LYS J 1079 -78.62 20.48 105.87
CA LYS J 1079 -79.58 21.50 106.36
C LYS J 1079 -80.72 21.67 105.35
N LYS J 1080 -80.39 21.78 104.06
CA LYS J 1080 -81.34 22.00 102.95
C LYS J 1080 -82.02 20.68 102.58
N LEU J 1081 -81.25 19.66 102.22
CA LEU J 1081 -81.77 18.34 101.74
C LEU J 1081 -82.75 17.82 102.79
N LEU J 1082 -82.41 18.00 104.07
CA LEU J 1082 -83.26 17.63 105.24
C LEU J 1082 -84.62 18.33 105.14
N HIS J 1083 -84.61 19.66 104.94
CA HIS J 1083 -85.82 20.52 104.77
C HIS J 1083 -86.74 19.98 103.67
N GLN J 1084 -86.25 19.84 102.43
CA GLN J 1084 -87.05 19.39 101.26
C GLN J 1084 -87.60 17.97 101.45
N TYR J 1085 -86.74 16.98 101.71
CA TYR J 1085 -87.03 15.55 101.45
C TYR J 1085 -87.16 14.67 102.71
N TYR J 1086 -86.99 15.23 103.91
CA TYR J 1086 -87.04 14.47 105.19
C TYR J 1086 -87.82 15.27 106.25
N GLY J 1087 -88.69 16.20 105.81
CA GLY J 1087 -89.48 17.11 106.66
C GLY J 1087 -88.79 17.51 107.96
N ASP J 1088 -87.56 18.03 107.86
CA ASP J 1088 -86.75 18.60 108.97
C ASP J 1088 -86.75 17.64 110.17
N ASP J 1089 -86.43 16.35 109.94
CA ASP J 1089 -86.50 15.25 110.94
C ASP J 1089 -85.33 14.26 110.71
N GLU J 1090 -84.28 14.31 111.56
CA GLU J 1090 -83.09 13.41 111.46
C GLU J 1090 -83.45 11.95 111.72
N SER J 1091 -84.56 11.69 112.43
CA SER J 1091 -85.07 10.34 112.76
C SER J 1091 -85.50 9.56 111.52
N LYS J 1092 -85.75 10.23 110.39
CA LYS J 1092 -86.17 9.59 109.11
C LYS J 1092 -84.97 9.24 108.22
N ILE J 1093 -83.74 9.50 108.68
CA ILE J 1093 -82.48 9.22 107.91
C ILE J 1093 -82.11 7.76 108.12
N PRO J 1094 -82.08 6.92 107.05
CA PRO J 1094 -81.64 5.53 107.17
C PRO J 1094 -80.26 5.43 107.82
N ALA J 1095 -80.12 4.62 108.87
CA ALA J 1095 -78.83 4.34 109.57
C ALA J 1095 -78.22 3.07 108.99
N VAL J 1096 -76.90 3.09 108.79
CA VAL J 1096 -76.08 1.99 108.22
C VAL J 1096 -74.86 1.88 109.13
N GLU J 1097 -74.20 0.72 109.22
CA GLU J 1097 -73.01 0.58 110.10
C GLU J 1097 -71.93 1.53 109.57
N TYR J 1098 -71.60 1.40 108.29
CA TYR J 1098 -70.48 2.12 107.65
C TYR J 1098 -70.89 2.48 106.23
N PHE J 1099 -70.59 3.72 105.84
CA PHE J 1099 -70.95 4.28 104.53
C PHE J 1099 -69.71 4.19 103.65
N GLY J 1100 -69.80 3.48 102.52
CA GLY J 1100 -68.70 3.43 101.53
C GLY J 1100 -68.46 2.07 100.89
N GLY J 1101 -67.60 2.10 99.85
CA GLY J 1101 -67.20 0.94 99.04
C GLY J 1101 -68.39 0.30 98.38
N GLU J 1102 -69.11 1.05 97.56
CA GLU J 1102 -70.20 0.54 96.70
C GLU J 1102 -69.90 0.97 95.27
N SER J 1103 -69.48 0.02 94.44
CA SER J 1103 -69.27 0.22 92.99
C SER J 1103 -70.55 0.82 92.44
N PRO J 1104 -70.47 1.83 91.56
CA PRO J 1104 -71.68 2.49 91.10
C PRO J 1104 -72.32 1.72 89.94
N VAL J 1105 -72.23 0.39 89.94
CA VAL J 1105 -72.63 -0.47 88.79
C VAL J 1105 -73.84 -1.38 89.12
N ASP J 1106 -74.18 -1.64 90.39
CA ASP J 1106 -75.08 -2.78 90.79
C ASP J 1106 -76.33 -2.29 91.55
N SER J 1111 -82.57 -13.52 104.79
CA SER J 1111 -82.36 -13.47 106.26
C SER J 1111 -82.53 -14.88 106.86
N GLU J 1112 -81.41 -15.57 107.15
CA GLU J 1112 -81.36 -16.93 107.79
C GLU J 1112 -80.25 -16.96 108.85
N ASP J 1113 -80.51 -17.63 109.99
CA ASP J 1113 -79.78 -17.45 111.29
C ASP J 1113 -78.73 -18.55 111.51
N SER J 1114 -78.78 -19.67 110.78
CA SER J 1114 -77.91 -20.86 111.03
C SER J 1114 -77.71 -21.69 109.76
N ALA J 1115 -77.00 -21.12 108.78
CA ALA J 1115 -76.86 -21.65 107.39
C ALA J 1115 -75.62 -22.57 107.27
N VAL J 1116 -75.47 -23.18 106.10
CA VAL J 1116 -74.39 -24.14 105.73
C VAL J 1116 -74.19 -24.07 104.21
N PHE J 1117 -73.00 -23.71 103.76
CA PHE J 1117 -72.62 -23.61 102.32
C PHE J 1117 -71.62 -24.74 102.03
N LYS J 1118 -71.48 -25.08 100.75
CA LYS J 1118 -70.69 -26.25 100.30
C LYS J 1118 -70.11 -25.89 98.95
N ALA J 1119 -68.81 -25.63 98.93
CA ALA J 1119 -68.09 -25.23 97.70
C ALA J 1119 -67.91 -26.47 96.83
N THR J 1120 -68.05 -26.28 95.51
CA THR J 1120 -67.81 -27.31 94.47
C THR J 1120 -66.61 -26.83 93.63
N SER J 1121 -66.44 -27.36 92.42
CA SER J 1121 -65.48 -26.83 91.43
C SER J 1121 -66.20 -25.81 90.52
N SER J 1122 -67.53 -25.72 90.60
CA SER J 1122 -68.38 -24.81 89.80
C SER J 1122 -68.62 -23.46 90.52
N THR J 1123 -68.86 -23.47 91.85
CA THR J 1123 -69.33 -22.29 92.65
C THR J 1123 -68.60 -21.02 92.23
N ASP J 1124 -69.33 -20.06 91.67
CA ASP J 1124 -68.84 -18.72 91.25
C ASP J 1124 -68.36 -17.97 92.50
N GLU J 1125 -67.21 -17.28 92.41
CA GLU J 1125 -66.57 -16.55 93.55
C GLU J 1125 -67.50 -15.42 94.05
N GLU J 1126 -68.05 -14.61 93.15
CA GLU J 1126 -68.88 -13.42 93.50
C GLU J 1126 -70.15 -13.86 94.22
N SER J 1127 -70.82 -14.92 93.74
CA SER J 1127 -72.03 -15.53 94.37
C SER J 1127 -71.69 -15.99 95.79
N TRP J 1128 -70.59 -16.74 95.90
CA TRP J 1128 -70.10 -17.41 97.13
C TRP J 1128 -69.90 -16.38 98.27
N PHE J 1129 -69.36 -15.21 97.95
CA PHE J 1129 -69.00 -14.16 98.93
C PHE J 1129 -70.21 -13.27 99.26
N LYS J 1130 -71.17 -13.10 98.32
CA LYS J 1130 -72.49 -12.49 98.64
C LYS J 1130 -73.10 -13.24 99.82
N ALA J 1131 -73.08 -14.57 99.72
CA ALA J 1131 -73.76 -15.51 100.61
C ALA J 1131 -73.21 -15.39 102.04
N LEU J 1132 -71.88 -15.36 102.16
CA LEU J 1132 -71.17 -15.43 103.46
C LEU J 1132 -71.36 -14.10 104.18
N ALA J 1133 -71.09 -13.01 103.47
CA ALA J 1133 -71.39 -11.61 103.84
C ALA J 1133 -72.79 -11.49 104.43
N GLY J 1134 -73.79 -11.96 103.68
CA GLY J 1134 -75.21 -11.78 104.01
C GLY J 1134 -75.71 -10.40 103.60
N SER J 1135 -76.94 -10.08 103.99
CA SER J 1135 -77.72 -8.91 103.54
C SER J 1135 -77.31 -7.65 104.33
N GLU J 1136 -77.42 -7.70 105.66
CA GLU J 1136 -77.11 -6.57 106.57
C GLU J 1136 -75.69 -6.09 106.30
N ILE J 1137 -75.47 -4.78 106.40
CA ILE J 1137 -74.12 -4.15 106.38
C ILE J 1137 -73.60 -4.13 107.82
N ASN J 1138 -72.63 -5.01 108.10
CA ASN J 1138 -71.89 -5.13 109.39
C ASN J 1138 -70.47 -5.61 109.13
N TRP J 1139 -69.74 -5.96 110.19
CA TRP J 1139 -68.35 -6.50 110.15
C TRP J 1139 -68.29 -7.69 109.21
N ARG J 1140 -69.26 -8.59 109.24
CA ARG J 1140 -69.25 -9.78 108.35
C ARG J 1140 -69.31 -9.32 106.89
N HIS J 1141 -70.13 -8.30 106.59
CA HIS J 1141 -70.36 -7.80 105.20
C HIS J 1141 -69.04 -7.25 104.66
N ALA J 1142 -68.33 -6.47 105.48
CA ALA J 1142 -67.00 -5.87 105.17
C ALA J 1142 -66.02 -6.99 104.89
N SER J 1143 -65.80 -7.84 105.90
CA SER J 1143 -64.88 -8.99 105.92
C SER J 1143 -64.89 -9.72 104.59
N PHE J 1144 -66.06 -9.97 103.98
CA PHE J 1144 -66.12 -10.83 102.76
C PHE J 1144 -66.18 -10.03 101.45
N LEU J 1145 -66.44 -8.73 101.47
CA LEU J 1145 -66.63 -7.93 100.22
C LEU J 1145 -65.64 -6.77 100.12
N CYS J 1146 -65.17 -6.22 101.24
CA CYS J 1146 -63.95 -5.36 101.24
C CYS J 1146 -62.90 -6.08 100.38
N SER J 1147 -62.49 -5.50 99.27
CA SER J 1147 -61.46 -6.07 98.38
C SER J 1147 -60.08 -5.87 99.04
N PHE J 1148 -59.91 -4.78 99.79
CA PHE J 1148 -58.63 -4.39 100.44
C PHE J 1148 -58.83 -4.23 101.96
N ILE J 1149 -57.73 -4.30 102.70
CA ILE J 1149 -57.62 -3.92 104.13
C ILE J 1149 -56.31 -3.15 104.30
N THR J 1150 -56.13 -2.52 105.45
CA THR J 1150 -54.97 -1.64 105.75
C THR J 1150 -54.06 -2.33 106.79
N GLN J 1151 -52.82 -2.69 106.43
CA GLN J 1151 -51.71 -2.90 107.41
C GLN J 1151 -51.00 -1.56 107.62
N ASP J 1152 -51.09 -1.00 108.83
CA ASP J 1152 -50.54 0.34 109.16
C ASP J 1152 -51.14 1.37 108.18
N LYS J 1153 -50.35 1.96 107.28
CA LYS J 1153 -50.86 2.93 106.28
C LYS J 1153 -51.11 2.23 104.94
N MET J 1154 -50.49 1.07 104.69
CA MET J 1154 -50.51 0.42 103.36
C MET J 1154 -51.81 -0.35 103.16
N PHE J 1155 -52.20 -0.59 101.90
CA PHE J 1155 -53.41 -1.32 101.44
C PHE J 1155 -53.00 -2.67 100.84
N VAL J 1156 -53.16 -3.74 101.61
CA VAL J 1156 -52.91 -5.16 101.21
C VAL J 1156 -54.24 -5.76 100.78
N SER J 1157 -54.22 -6.74 99.87
CA SER J 1157 -55.42 -7.49 99.42
C SER J 1157 -56.04 -8.21 100.63
N ASN J 1158 -57.36 -8.39 100.61
CA ASN J 1158 -58.16 -8.89 101.76
C ASN J 1158 -57.81 -10.35 101.98
N PRO J 1159 -57.14 -10.69 103.11
CA PRO J 1159 -56.71 -12.06 103.35
C PRO J 1159 -57.88 -13.01 103.65
N ILE J 1160 -58.95 -12.48 104.23
CA ILE J 1160 -60.17 -13.24 104.60
C ILE J 1160 -60.86 -13.77 103.33
N ARG J 1161 -60.81 -13.07 102.19
CA ARG J 1161 -61.35 -13.60 100.91
C ARG J 1161 -60.37 -14.58 100.28
N LYS J 1162 -59.05 -14.43 100.51
CA LYS J 1162 -58.03 -15.42 100.06
C LYS J 1162 -58.37 -16.76 100.72
N VAL J 1163 -58.50 -16.73 102.04
CA VAL J 1163 -58.75 -17.95 102.86
C VAL J 1163 -60.02 -18.64 102.39
N PHE J 1164 -61.13 -17.93 102.25
CA PHE J 1164 -62.46 -18.54 101.96
C PHE J 1164 -62.73 -18.65 100.45
N LYS J 1165 -61.80 -18.29 99.57
CA LYS J 1165 -61.94 -18.58 98.12
C LYS J 1165 -62.33 -20.03 97.93
N PRO J 1166 -63.44 -20.33 97.23
CA PRO J 1166 -64.04 -21.67 97.27
C PRO J 1166 -63.34 -22.70 96.36
N SER J 1167 -63.27 -23.94 96.83
CA SER J 1167 -62.66 -25.10 96.12
C SER J 1167 -63.31 -26.39 96.63
N GLN J 1168 -63.18 -27.50 95.90
CA GLN J 1168 -63.90 -28.76 96.23
C GLN J 1168 -63.53 -29.20 97.66
N GLY J 1169 -64.53 -29.37 98.52
CA GLY J 1169 -64.39 -30.02 99.83
C GLY J 1169 -64.65 -29.08 100.99
N MET J 1170 -64.43 -27.78 100.80
CA MET J 1170 -64.50 -26.77 101.90
C MET J 1170 -65.97 -26.37 102.16
N VAL J 1171 -66.33 -26.31 103.44
CA VAL J 1171 -67.72 -26.34 103.97
C VAL J 1171 -67.85 -25.26 105.05
N VAL J 1172 -68.56 -24.19 104.75
CA VAL J 1172 -68.72 -23.03 105.66
C VAL J 1172 -69.99 -23.24 106.48
N GLU J 1173 -69.96 -22.87 107.76
CA GLU J 1173 -71.11 -23.00 108.68
C GLU J 1173 -71.22 -21.71 109.48
N ILE J 1174 -72.33 -21.00 109.30
CA ILE J 1174 -72.65 -19.70 109.99
C ILE J 1174 -73.62 -19.99 111.15
N SER J 1175 -73.50 -19.25 112.24
CA SER J 1175 -74.27 -19.49 113.49
C SER J 1175 -74.52 -18.17 114.22
N ASN J 1176 -75.79 -17.87 114.50
CA ASN J 1176 -76.31 -16.54 114.95
C ASN J 1176 -76.13 -15.53 113.80
N GLY J 1177 -76.52 -15.91 112.58
CA GLY J 1177 -76.33 -15.12 111.35
C GLY J 1177 -77.03 -13.76 111.39
N ASN J 1178 -78.14 -13.63 112.14
CA ASN J 1178 -79.05 -12.44 112.18
C ASN J 1178 -78.89 -11.68 113.50
N THR J 1179 -77.70 -11.69 114.11
CA THR J 1179 -77.31 -10.78 115.23
C THR J 1179 -75.78 -10.66 115.22
N SER J 1180 -75.25 -9.69 114.46
CA SER J 1180 -73.81 -9.49 114.14
C SER J 1180 -72.92 -9.77 115.36
N SER J 1181 -73.25 -9.21 116.52
CA SER J 1181 -72.40 -9.17 117.75
C SER J 1181 -71.90 -10.56 118.17
N LYS J 1182 -72.61 -11.64 117.83
CA LYS J 1182 -72.30 -13.05 118.22
C LYS J 1182 -72.13 -13.97 117.01
N THR J 1183 -72.35 -13.49 115.80
CA THR J 1183 -72.20 -14.31 114.58
C THR J 1183 -70.84 -14.99 114.61
N VAL J 1184 -70.79 -16.27 114.24
CA VAL J 1184 -69.54 -17.04 114.07
C VAL J 1184 -69.62 -17.78 112.74
N VAL J 1185 -68.60 -17.64 111.90
CA VAL J 1185 -68.50 -18.34 110.58
C VAL J 1185 -67.27 -19.24 110.65
N THR J 1186 -67.47 -20.53 110.39
CA THR J 1186 -66.59 -21.66 110.78
C THR J 1186 -66.33 -22.54 109.56
N LEU J 1187 -65.18 -22.36 108.92
CA LEU J 1187 -64.79 -23.11 107.70
C LEU J 1187 -64.23 -24.46 108.13
N SER J 1188 -64.58 -25.51 107.41
CA SER J 1188 -64.16 -26.91 107.66
C SER J 1188 -63.78 -27.55 106.33
N GLU J 1189 -62.70 -28.34 106.31
CA GLU J 1189 -62.16 -28.98 105.09
C GLU J 1189 -61.86 -30.45 105.39
N PRO J 1190 -61.55 -31.27 104.36
CA PRO J 1190 -60.91 -32.58 104.57
C PRO J 1190 -59.51 -32.46 105.18
N VAL J 1191 -59.27 -33.21 106.27
CA VAL J 1191 -57.97 -33.29 106.99
C VAL J 1191 -57.73 -34.76 107.38
N GLN J 1192 -56.89 -35.45 106.61
CA GLN J 1192 -56.49 -36.86 106.84
C GLN J 1192 -57.75 -37.73 106.74
N GLY J 1193 -58.57 -37.50 105.70
CA GLY J 1193 -59.82 -38.24 105.43
C GLY J 1193 -61.05 -37.51 105.96
N GLU J 1194 -61.20 -37.41 107.29
CA GLU J 1194 -62.38 -36.79 107.98
C GLU J 1194 -62.47 -35.28 107.67
N LEU J 1195 -63.47 -34.58 108.22
CA LEU J 1195 -63.74 -33.14 107.96
C LEU J 1195 -63.72 -32.33 109.27
N LYS J 1196 -62.68 -31.51 109.46
CA LYS J 1196 -62.39 -30.80 110.74
C LYS J 1196 -62.44 -29.28 110.54
N PRO J 1197 -62.72 -28.49 111.61
CA PRO J 1197 -62.66 -27.03 111.55
C PRO J 1197 -61.24 -26.49 111.30
N THR J 1198 -61.08 -25.62 110.29
CA THR J 1198 -59.76 -25.06 109.88
C THR J 1198 -59.68 -23.55 110.04
N VAL J 1199 -60.81 -22.83 110.07
CA VAL J 1199 -60.89 -21.36 110.37
C VAL J 1199 -62.12 -21.07 111.23
N ILE J 1200 -62.05 -20.06 112.10
CA ILE J 1200 -63.17 -19.60 112.96
C ILE J 1200 -63.14 -18.06 112.97
N LEU J 1201 -63.85 -17.45 112.03
CA LEU J 1201 -63.90 -15.99 111.81
C LEU J 1201 -65.06 -15.42 112.64
N LYS J 1202 -64.76 -14.57 113.62
CA LYS J 1202 -65.77 -14.00 114.55
C LYS J 1202 -65.31 -12.68 115.17
N LEU J 1203 -66.18 -12.02 115.94
CA LEU J 1203 -65.90 -10.86 116.83
C LEU J 1203 -65.31 -11.36 118.16
N LEU J 1204 -64.30 -10.68 118.68
CA LEU J 1204 -63.95 -10.74 120.13
C LEU J 1204 -64.75 -9.64 120.82
N LYS J 1205 -64.17 -8.98 121.83
CA LYS J 1205 -64.48 -7.59 122.25
C LYS J 1205 -64.89 -6.77 121.02
N GLU J 1206 -65.70 -5.72 121.24
CA GLU J 1206 -66.69 -5.09 120.32
C GLU J 1206 -66.13 -4.77 118.92
N ASN J 1207 -64.90 -4.25 118.82
CA ASN J 1207 -64.40 -3.68 117.53
C ASN J 1207 -63.19 -4.45 117.00
N ILE J 1208 -63.06 -5.75 117.32
CA ILE J 1208 -61.92 -6.62 116.91
C ILE J 1208 -62.44 -7.90 116.23
N ILE J 1209 -62.12 -8.09 114.96
CA ILE J 1209 -62.44 -9.32 114.19
C ILE J 1209 -61.26 -10.29 114.35
N GLN J 1210 -61.46 -11.39 115.07
CA GLN J 1210 -60.46 -12.48 115.20
C GLN J 1210 -60.73 -13.49 114.10
N MET J 1211 -59.68 -13.90 113.39
CA MET J 1211 -59.74 -15.00 112.40
C MET J 1211 -58.89 -16.18 112.89
N GLU J 1212 -59.34 -16.87 113.94
CA GLU J 1212 -58.64 -18.00 114.60
C GLU J 1212 -58.42 -19.08 113.54
N MET J 1213 -57.16 -19.40 113.26
CA MET J 1213 -56.74 -20.09 112.02
C MET J 1213 -55.93 -21.34 112.36
N ILE J 1214 -56.49 -22.53 112.11
CA ILE J 1214 -56.21 -23.74 112.92
C ILE J 1214 -55.32 -24.68 112.11
N GLU J 1215 -54.30 -25.23 112.78
CA GLU J 1215 -53.49 -26.37 112.26
C GLU J 1215 -53.90 -27.63 113.03
N ASN J 1216 -54.28 -28.67 112.29
CA ASN J 1216 -54.71 -29.99 112.86
C ASN J 1216 -53.52 -30.96 112.89
N ARG J 1217 -52.56 -30.78 111.97
CA ARG J 1217 -51.37 -31.65 111.79
C ARG J 1217 -50.22 -31.14 112.67
N THR J 1218 -50.27 -31.43 113.96
CA THR J 1218 -49.34 -30.92 115.00
C THR J 1218 -48.60 -32.11 115.65
N MET J 1219 -47.72 -31.81 116.62
CA MET J 1219 -46.78 -32.77 117.27
C MET J 1219 -47.55 -33.82 118.09
N ASP J 1220 -48.56 -33.40 118.86
CA ASP J 1220 -49.30 -34.27 119.82
C ASP J 1220 -50.81 -34.24 119.55
N GLY J 1221 -51.25 -33.95 118.33
CA GLY J 1221 -52.68 -34.04 117.90
C GLY J 1221 -53.51 -32.85 118.33
N LYS J 1222 -53.43 -32.41 119.60
CA LYS J 1222 -54.08 -31.20 120.16
C LYS J 1222 -53.91 -30.06 119.15
N PRO J 1223 -54.96 -29.64 118.40
CA PRO J 1223 -54.77 -28.67 117.32
C PRO J 1223 -54.26 -27.31 117.84
N VAL J 1224 -53.58 -26.57 116.95
CA VAL J 1224 -52.84 -25.31 117.26
C VAL J 1224 -53.53 -24.16 116.50
N SER J 1225 -53.72 -23.03 117.20
CA SER J 1225 -54.55 -21.88 116.76
C SER J 1225 -53.69 -20.62 116.66
N LEU J 1226 -53.63 -20.02 115.48
CA LEU J 1226 -53.00 -18.70 115.20
C LEU J 1226 -54.09 -17.62 115.29
N PRO J 1227 -54.20 -16.83 116.37
CA PRO J 1227 -55.17 -15.72 116.40
C PRO J 1227 -54.73 -14.51 115.56
N LEU J 1228 -55.21 -14.40 114.31
CA LEU J 1228 -54.98 -13.20 113.45
C LEU J 1228 -56.04 -12.14 113.76
N LEU J 1229 -55.66 -10.98 114.30
CA LEU J 1229 -56.60 -9.91 114.73
C LEU J 1229 -56.70 -8.81 113.67
N TYR J 1230 -57.83 -8.12 113.67
CA TYR J 1230 -58.19 -7.07 112.69
C TYR J 1230 -59.14 -6.04 113.33
N ASN J 1231 -58.73 -4.76 113.36
CA ASN J 1231 -59.59 -3.62 113.80
C ASN J 1231 -60.67 -3.37 112.75
N PHE J 1232 -61.94 -3.35 113.17
CA PHE J 1232 -63.10 -2.96 112.33
C PHE J 1232 -63.55 -1.57 112.76
N ASN J 1233 -63.26 -0.58 111.91
CA ASN J 1233 -63.57 0.85 112.16
C ASN J 1233 -64.68 1.26 111.20
N PRO J 1234 -65.93 1.44 111.65
CA PRO J 1234 -67.01 1.83 110.74
C PRO J 1234 -66.99 3.32 110.33
N ASP J 1235 -66.21 4.17 111.02
CA ASP J 1235 -66.09 5.63 110.72
C ASP J 1235 -65.36 5.84 109.39
N ASN J 1236 -64.29 5.08 109.14
CA ASN J 1236 -63.63 5.00 107.82
C ASN J 1236 -64.30 3.85 107.07
N GLY J 1237 -65.07 4.15 106.03
CA GLY J 1237 -65.98 3.19 105.40
C GLY J 1237 -65.51 2.70 104.05
N PHE J 1238 -64.49 3.32 103.46
CA PHE J 1238 -63.86 2.81 102.22
C PHE J 1238 -63.00 1.57 102.56
N ALA J 1239 -62.31 1.66 103.70
CA ALA J 1239 -61.40 0.65 104.27
C ALA J 1239 -61.69 0.54 105.75
N PRO J 1240 -62.78 -0.16 106.13
CA PRO J 1240 -63.11 -0.34 107.54
C PRO J 1240 -62.28 -1.39 108.28
N ILE J 1241 -61.67 -2.35 107.59
CA ILE J 1241 -60.82 -3.41 108.22
C ILE J 1241 -59.34 -3.05 108.07
N SER J 1242 -58.61 -3.09 109.19
CA SER J 1242 -57.15 -2.83 109.30
C SER J 1242 -56.49 -3.88 110.20
N GLU J 1243 -55.45 -4.57 109.74
CA GLU J 1243 -54.75 -5.59 110.57
C GLU J 1243 -54.09 -4.93 111.78
N VAL J 1244 -54.27 -5.51 112.97
CA VAL J 1244 -53.48 -5.16 114.19
C VAL J 1244 -52.05 -5.69 113.97
N MET J 1245 -51.06 -4.80 113.99
CA MET J 1245 -49.64 -5.13 113.68
C MET J 1245 -48.82 -5.25 114.97
N GLU J 1246 -49.34 -4.76 116.10
CA GLU J 1246 -48.63 -4.75 117.41
C GLU J 1246 -48.61 -6.17 117.98
N ASP J 1247 -47.43 -6.80 118.02
CA ASP J 1247 -47.23 -8.21 118.47
C ASP J 1247 -47.90 -9.16 117.47
N ARG J 1248 -47.92 -8.84 116.19
CA ARG J 1248 -48.34 -9.79 115.13
C ARG J 1248 -47.25 -10.84 114.91
N ASN J 1249 -46.00 -10.40 114.77
CA ASN J 1249 -44.84 -11.30 114.53
C ASN J 1249 -44.63 -12.23 115.72
N GLN J 1250 -45.07 -11.87 116.94
CA GLN J 1250 -44.93 -12.74 118.14
C GLN J 1250 -46.17 -13.60 118.41
N ARG J 1251 -47.22 -13.52 117.58
CA ARG J 1251 -48.31 -14.52 117.58
C ARG J 1251 -47.87 -15.62 116.62
N ILE J 1252 -47.50 -15.22 115.42
CA ILE J 1252 -47.04 -16.11 114.33
C ILE J 1252 -45.89 -16.98 114.86
N LYS J 1253 -44.98 -16.43 115.67
CA LYS J 1253 -43.85 -17.21 116.23
C LYS J 1253 -44.39 -18.23 117.23
N GLU J 1254 -45.20 -17.80 118.19
CA GLU J 1254 -45.79 -18.70 119.22
C GLU J 1254 -46.36 -19.96 118.55
N MET J 1255 -47.06 -19.79 117.44
CA MET J 1255 -47.73 -20.89 116.71
C MET J 1255 -46.69 -21.87 116.18
N TYR J 1256 -45.72 -21.34 115.43
CA TYR J 1256 -44.60 -22.11 114.82
C TYR J 1256 -43.78 -22.78 115.92
N TRP J 1257 -43.63 -22.13 117.07
CA TRP J 1257 -42.92 -22.74 118.23
C TRP J 1257 -43.65 -24.01 118.70
N LYS J 1258 -44.97 -23.98 118.87
CA LYS J 1258 -45.77 -25.19 119.25
C LYS J 1258 -45.50 -26.29 118.24
N LEU J 1259 -45.39 -25.95 116.95
CA LEU J 1259 -45.30 -26.93 115.84
C LEU J 1259 -43.88 -27.52 115.68
N TRP J 1260 -42.83 -26.77 116.05
CA TRP J 1260 -41.43 -27.09 115.73
C TRP J 1260 -40.65 -27.44 117.00
N ILE J 1261 -40.59 -26.52 117.96
CA ILE J 1261 -39.75 -26.64 119.19
C ILE J 1261 -40.56 -27.39 120.26
N ASP J 1262 -39.88 -28.08 121.16
CA ASP J 1262 -40.48 -28.94 122.23
C ASP J 1262 -40.10 -28.40 123.61
N GLU J 1263 -40.02 -27.08 123.78
CA GLU J 1263 -39.52 -26.40 125.01
C GLU J 1263 -40.55 -25.40 125.51
N PRO J 1264 -40.38 -24.81 126.72
CA PRO J 1264 -41.21 -23.67 127.14
C PRO J 1264 -40.92 -22.42 126.30
N PHE J 1265 -41.96 -21.84 125.69
CA PHE J 1265 -41.90 -20.68 124.76
C PHE J 1265 -41.23 -19.49 125.45
N ASN J 1266 -40.25 -18.88 124.77
CA ASN J 1266 -39.45 -17.73 125.25
C ASN J 1266 -38.57 -17.22 124.09
N LEU J 1267 -38.79 -15.97 123.66
CA LEU J 1267 -38.08 -15.32 122.53
C LEU J 1267 -37.08 -14.28 123.05
N ASP J 1268 -36.77 -14.31 124.35
CA ASP J 1268 -35.70 -13.48 124.98
C ASP J 1268 -34.47 -14.36 125.22
N PHE J 1269 -33.68 -14.58 124.16
CA PHE J 1269 -32.36 -15.25 124.21
C PHE J 1269 -31.51 -14.71 123.06
N ASP J 1270 -30.25 -14.37 123.35
CA ASP J 1270 -29.33 -13.63 122.44
C ASP J 1270 -29.07 -14.48 121.19
N PRO J 1271 -29.16 -13.92 119.95
CA PRO J 1271 -28.72 -14.63 118.75
C PRO J 1271 -27.25 -15.06 118.78
N ARG J 1272 -26.33 -14.19 119.23
CA ARG J 1272 -24.86 -14.48 119.30
C ARG J 1272 -24.58 -15.76 120.11
N ASP J 1273 -25.39 -16.09 121.12
CA ASP J 1273 -25.16 -17.29 121.98
C ASP J 1273 -25.39 -18.57 121.16
N VAL J 1274 -24.78 -19.66 121.63
CA VAL J 1274 -24.90 -21.03 121.04
C VAL J 1274 -26.26 -21.62 121.44
N ILE J 1275 -26.88 -22.35 120.52
CA ILE J 1275 -28.14 -23.12 120.71
C ILE J 1275 -27.75 -24.59 120.72
N LYS J 1276 -28.21 -25.37 121.71
CA LYS J 1276 -27.89 -26.83 121.81
C LYS J 1276 -29.19 -27.64 121.88
N GLY J 1277 -29.40 -28.52 120.90
CA GLY J 1277 -30.54 -29.46 120.83
C GLY J 1277 -30.33 -30.68 121.70
N LYS J 1278 -31.40 -31.45 121.95
CA LYS J 1278 -31.37 -32.75 122.67
C LYS J 1278 -30.44 -33.73 121.96
N ASP J 1279 -29.79 -34.63 122.72
CA ASP J 1279 -29.11 -35.83 122.18
C ASP J 1279 -30.16 -36.68 121.47
N PHE J 1280 -29.83 -37.13 120.26
CA PHE J 1280 -30.75 -37.84 119.33
C PHE J 1280 -30.14 -39.22 119.03
N GLU J 1281 -30.71 -40.28 119.61
CA GLU J 1281 -30.33 -41.67 119.28
C GLU J 1281 -30.92 -42.02 117.92
N ILE J 1282 -30.08 -42.34 116.94
CA ILE J 1282 -30.54 -42.88 115.63
C ILE J 1282 -31.05 -44.30 115.86
N THR J 1283 -32.15 -44.69 115.21
CA THR J 1283 -32.78 -46.04 115.27
C THR J 1283 -33.14 -46.48 113.86
N ALA J 1284 -33.14 -47.79 113.60
CA ALA J 1284 -33.43 -48.38 112.27
C ALA J 1284 -34.83 -47.92 111.84
N LYS J 1285 -35.74 -47.88 112.79
CA LYS J 1285 -37.13 -47.38 112.65
C LYS J 1285 -37.09 -46.03 111.92
N GLU J 1286 -36.47 -45.02 112.53
CA GLU J 1286 -36.42 -43.61 112.02
C GLU J 1286 -35.84 -43.59 110.61
N VAL J 1287 -34.66 -44.20 110.41
CA VAL J 1287 -33.90 -44.21 109.13
C VAL J 1287 -34.72 -44.88 108.03
N TYR J 1288 -35.34 -46.03 108.35
CA TYR J 1288 -36.23 -46.80 107.44
C TYR J 1288 -37.33 -45.87 106.91
N ASP J 1289 -38.04 -45.18 107.82
CA ASP J 1289 -39.17 -44.26 107.50
C ASP J 1289 -38.67 -43.15 106.58
N PHE J 1290 -37.63 -42.45 107.05
CA PHE J 1290 -37.02 -41.30 106.35
C PHE J 1290 -36.71 -41.66 104.90
N THR J 1291 -36.12 -42.83 104.64
CA THR J 1291 -35.68 -43.24 103.28
C THR J 1291 -36.89 -43.43 102.36
N HIS J 1292 -38.01 -43.96 102.88
CA HIS J 1292 -39.26 -44.16 102.10
C HIS J 1292 -39.90 -42.82 101.75
N ALA J 1293 -39.88 -41.88 102.69
CA ALA J 1293 -40.43 -40.51 102.50
C ALA J 1293 -39.74 -39.84 101.31
N VAL J 1294 -38.40 -39.83 101.29
CA VAL J 1294 -37.61 -39.07 100.27
C VAL J 1294 -37.40 -39.87 98.98
N GLY J 1295 -37.46 -41.20 99.03
CA GLY J 1295 -37.31 -42.08 97.85
C GLY J 1295 -35.87 -42.50 97.61
N ASN J 1296 -35.12 -42.76 98.70
CA ASN J 1296 -33.69 -43.14 98.71
C ASN J 1296 -33.59 -44.66 98.88
N ASN J 1297 -33.33 -45.38 97.80
CA ASN J 1297 -33.38 -46.87 97.78
C ASN J 1297 -32.03 -47.47 98.20
N CYS J 1298 -30.93 -46.73 98.02
CA CYS J 1298 -29.52 -47.13 98.29
C CYS J 1298 -29.40 -48.21 99.39
N GLU J 1299 -28.67 -49.29 99.08
CA GLU J 1299 -28.51 -50.54 99.88
C GLU J 1299 -27.97 -50.21 101.27
N ASP J 1300 -27.15 -49.18 101.43
CA ASP J 1300 -26.41 -48.88 102.70
C ASP J 1300 -27.38 -48.63 103.85
N PHE J 1301 -28.64 -48.30 103.56
CA PHE J 1301 -29.66 -47.84 104.53
C PHE J 1301 -30.61 -48.97 104.90
N VAL J 1302 -30.65 -50.02 104.10
CA VAL J 1302 -31.43 -51.27 104.38
C VAL J 1302 -30.68 -52.08 105.44
N SER J 1303 -31.43 -52.70 106.36
CA SER J 1303 -30.91 -53.63 107.40
C SER J 1303 -30.68 -55.00 106.78
N ARG J 1304 -29.42 -55.32 106.48
CA ARG J 1304 -28.93 -56.68 106.09
C ARG J 1304 -28.12 -57.25 107.27
N PRO J 1305 -27.78 -58.57 107.29
CA PRO J 1305 -26.95 -59.13 108.36
C PRO J 1305 -25.45 -58.81 108.19
N ASP J 1306 -24.70 -58.89 109.29
CA ASP J 1306 -23.26 -58.49 109.43
C ASP J 1306 -23.15 -56.96 109.44
N ARG J 1307 -23.01 -56.32 108.26
CA ARG J 1307 -22.77 -54.85 108.09
C ARG J 1307 -23.84 -54.08 108.88
N THR J 1308 -23.45 -52.95 109.49
CA THR J 1308 -24.36 -52.05 110.26
C THR J 1308 -25.11 -51.10 109.31
N MET J 1309 -26.35 -50.75 109.67
CA MET J 1309 -27.21 -49.82 108.90
C MET J 1309 -26.64 -48.40 109.02
N LEU J 1310 -26.43 -47.74 107.88
CA LEU J 1310 -26.00 -46.32 107.81
C LEU J 1310 -27.26 -45.43 107.74
N ALA J 1311 -27.15 -44.17 108.17
CA ALA J 1311 -28.15 -43.11 107.91
C ALA J 1311 -27.64 -42.27 106.76
N PRO J 1312 -28.54 -41.77 105.88
CA PRO J 1312 -28.14 -40.83 104.83
C PRO J 1312 -27.71 -39.50 105.48
N MET J 1313 -26.94 -38.66 104.79
CA MET J 1313 -26.45 -37.38 105.37
C MET J 1313 -27.62 -36.40 105.48
N ASP J 1314 -28.57 -36.44 104.53
CA ASP J 1314 -29.91 -35.81 104.59
C ASP J 1314 -30.51 -35.89 106.00
N PHE J 1315 -30.36 -37.04 106.63
CA PHE J 1315 -30.87 -37.36 107.99
C PHE J 1315 -30.35 -36.34 109.02
N ALA J 1316 -29.28 -35.63 108.73
CA ALA J 1316 -28.69 -34.58 109.62
C ALA J 1316 -29.73 -33.52 109.93
N ILE J 1317 -30.56 -33.14 108.96
CA ILE J 1317 -31.58 -32.07 109.14
C ILE J 1317 -32.64 -32.55 110.15
N VAL J 1318 -32.92 -33.86 110.22
CA VAL J 1318 -33.88 -34.46 111.18
C VAL J 1318 -33.30 -34.34 112.60
N VAL J 1319 -31.99 -34.41 112.72
CA VAL J 1319 -31.27 -34.33 114.03
C VAL J 1319 -31.15 -32.86 114.38
N GLY J 1320 -30.78 -32.06 113.37
CA GLY J 1320 -30.41 -30.64 113.49
C GLY J 1320 -31.59 -29.74 113.73
N TRP J 1321 -32.69 -29.93 112.97
CA TRP J 1321 -33.83 -28.98 112.80
C TRP J 1321 -34.18 -28.24 114.10
N ARG J 1322 -34.56 -28.93 115.18
CA ARG J 1322 -35.00 -28.28 116.44
C ARG J 1322 -33.97 -27.22 116.86
N ALA J 1323 -32.68 -27.47 116.64
CA ALA J 1323 -31.59 -26.52 116.98
C ALA J 1323 -31.48 -25.45 115.90
N ILE J 1324 -31.34 -25.88 114.65
CA ILE J 1324 -31.09 -24.95 113.51
C ILE J 1324 -32.19 -23.90 113.48
N ILE J 1325 -33.45 -24.32 113.40
CA ILE J 1325 -34.61 -23.40 113.19
C ILE J 1325 -34.76 -22.45 114.38
N LYS J 1326 -34.41 -22.88 115.60
CA LYS J 1326 -34.56 -22.04 116.80
C LYS J 1326 -33.77 -20.74 116.62
N ALA J 1327 -32.78 -20.68 115.72
CA ALA J 1327 -31.90 -19.50 115.55
C ALA J 1327 -32.64 -18.31 114.93
N ILE J 1328 -33.76 -18.53 114.25
CA ILE J 1328 -34.53 -17.43 113.60
C ILE J 1328 -35.68 -16.94 114.50
N PHE J 1329 -35.77 -17.41 115.74
CA PHE J 1329 -36.90 -17.09 116.65
C PHE J 1329 -36.67 -15.86 117.51
N PRO J 1330 -35.44 -15.46 117.92
CA PRO J 1330 -35.26 -14.38 118.88
C PRO J 1330 -35.97 -13.04 118.55
N ASN J 1331 -36.29 -12.25 119.59
CA ASN J 1331 -36.94 -10.92 119.47
C ASN J 1331 -36.11 -10.02 118.55
N THR J 1332 -34.79 -10.09 118.67
CA THR J 1332 -33.81 -9.20 117.98
C THR J 1332 -33.71 -9.56 116.49
N VAL J 1333 -34.11 -10.77 116.07
CA VAL J 1333 -34.16 -11.17 114.62
C VAL J 1333 -35.65 -11.34 114.25
N ASP J 1334 -36.36 -10.21 114.15
CA ASP J 1334 -37.85 -10.12 114.08
C ASP J 1334 -38.31 -10.29 112.64
N GLY J 1335 -39.24 -11.19 112.37
CA GLY J 1335 -39.74 -11.45 111.00
C GLY J 1335 -41.09 -12.15 110.94
N ASP J 1336 -41.78 -11.95 109.81
CA ASP J 1336 -43.07 -12.61 109.50
C ASP J 1336 -42.74 -14.04 109.06
N LEU J 1337 -42.90 -14.99 109.97
CA LEU J 1337 -42.53 -16.39 109.71
C LEU J 1337 -43.36 -16.97 108.55
N LEU J 1338 -44.48 -16.34 108.19
CA LEU J 1338 -45.38 -16.85 107.11
C LEU J 1338 -44.79 -16.47 105.75
N LYS J 1339 -43.94 -15.45 105.72
CA LYS J 1339 -43.22 -15.01 104.50
C LYS J 1339 -41.73 -15.43 104.56
N LEU J 1340 -41.38 -16.46 105.33
CA LEU J 1340 -39.99 -16.96 105.43
C LEU J 1340 -39.67 -17.82 104.21
N VAL J 1341 -38.53 -17.57 103.58
CA VAL J 1341 -37.99 -18.40 102.47
C VAL J 1341 -36.74 -19.11 102.98
N HIS J 1342 -36.71 -20.44 102.90
CA HIS J 1342 -35.47 -21.28 102.92
C HIS J 1342 -34.78 -21.03 101.59
N LEU J 1343 -33.63 -20.35 101.58
CA LEU J 1343 -32.92 -20.01 100.31
C LEU J 1343 -32.05 -21.19 99.85
N SER J 1344 -31.32 -21.76 100.78
CA SER J 1344 -30.21 -22.69 100.47
C SER J 1344 -29.91 -23.52 101.70
N ASN J 1345 -29.70 -24.82 101.51
CA ASN J 1345 -29.24 -25.76 102.58
C ASN J 1345 -28.01 -26.50 102.08
N GLY J 1346 -27.08 -26.81 102.98
CA GLY J 1346 -25.83 -27.53 102.65
C GLY J 1346 -25.39 -28.48 103.73
N TYR J 1347 -24.73 -29.58 103.36
CA TYR J 1347 -24.03 -30.52 104.27
C TYR J 1347 -22.58 -30.62 103.85
N LYS J 1348 -21.71 -30.83 104.85
CA LYS J 1348 -20.24 -30.85 104.69
C LYS J 1348 -19.73 -31.76 105.80
N MET J 1349 -19.28 -32.96 105.42
CA MET J 1349 -18.69 -33.97 106.32
C MET J 1349 -17.32 -33.45 106.76
N ILE J 1350 -16.99 -33.49 108.05
CA ILE J 1350 -15.66 -33.00 108.51
C ILE J 1350 -14.66 -34.10 108.17
N PRO J 1351 -13.50 -33.78 107.55
CA PRO J 1351 -12.67 -34.79 106.90
C PRO J 1351 -12.21 -35.91 107.85
N GLY J 1352 -12.23 -37.15 107.36
CA GLY J 1352 -11.93 -38.37 108.13
C GLY J 1352 -13.18 -39.02 108.69
N ALA J 1353 -14.12 -38.24 109.24
CA ALA J 1353 -15.33 -38.71 109.96
C ALA J 1353 -16.15 -39.67 109.10
N LYS J 1354 -16.44 -40.85 109.65
CA LYS J 1354 -17.33 -41.86 109.03
C LYS J 1354 -18.76 -41.35 109.11
N PRO J 1355 -19.64 -41.73 108.16
CA PRO J 1355 -21.03 -41.27 108.16
C PRO J 1355 -21.86 -41.89 109.29
N LEU J 1356 -23.04 -41.32 109.56
CA LEU J 1356 -23.91 -41.64 110.72
C LEU J 1356 -24.40 -43.09 110.61
N GLN J 1357 -24.12 -43.92 111.62
CA GLN J 1357 -24.60 -45.32 111.77
C GLN J 1357 -25.97 -45.29 112.47
N VAL J 1358 -26.43 -46.43 113.00
CA VAL J 1358 -27.83 -46.65 113.48
C VAL J 1358 -27.88 -46.81 115.00
N GLY J 1359 -26.76 -47.00 115.69
CA GLY J 1359 -26.74 -47.04 117.16
C GLY J 1359 -26.33 -45.71 117.76
N ASP J 1360 -25.85 -44.78 116.92
CA ASP J 1360 -25.09 -43.57 117.33
C ASP J 1360 -25.99 -42.63 118.14
N VAL J 1361 -25.40 -41.98 119.15
CA VAL J 1361 -26.02 -40.86 119.93
C VAL J 1361 -25.37 -39.55 119.48
N VAL J 1362 -26.15 -38.63 118.90
CA VAL J 1362 -25.63 -37.48 118.11
C VAL J 1362 -26.08 -36.17 118.75
N SER J 1363 -25.15 -35.49 119.44
CA SER J 1363 -25.30 -34.10 119.95
C SER J 1363 -25.40 -33.13 118.77
N THR J 1364 -26.24 -32.12 118.90
CA THR J 1364 -26.35 -30.96 117.96
C THR J 1364 -26.07 -29.67 118.73
N THR J 1365 -25.62 -28.67 117.99
CA THR J 1365 -25.25 -27.32 118.47
C THR J 1365 -25.25 -26.45 117.22
N ALA J 1366 -26.06 -25.39 117.20
CA ALA J 1366 -26.21 -24.49 116.03
C ALA J 1366 -25.87 -23.06 116.44
N VAL J 1367 -25.34 -22.33 115.49
CA VAL J 1367 -24.73 -20.99 115.70
C VAL J 1367 -25.17 -20.15 114.51
N ILE J 1368 -25.70 -19.00 114.81
CA ILE J 1368 -26.07 -17.98 113.80
C ILE J 1368 -24.75 -17.33 113.35
N GLU J 1369 -24.52 -17.30 112.05
CA GLU J 1369 -23.22 -17.01 111.40
C GLU J 1369 -23.28 -15.56 110.91
N SER J 1370 -24.25 -15.26 110.06
CA SER J 1370 -24.64 -13.90 109.59
C SER J 1370 -26.10 -13.63 109.91
N VAL J 1371 -26.41 -12.43 110.42
CA VAL J 1371 -27.71 -11.73 110.26
C VAL J 1371 -27.40 -10.41 109.57
N VAL J 1372 -27.90 -10.20 108.37
CA VAL J 1372 -27.50 -9.03 107.54
C VAL J 1372 -28.77 -8.50 106.86
N ASN J 1373 -29.12 -7.22 107.09
CA ASN J 1373 -30.26 -6.55 106.41
C ASN J 1373 -29.81 -6.22 104.99
N GLN J 1374 -30.61 -6.65 104.01
CA GLN J 1374 -30.43 -6.27 102.59
C GLN J 1374 -31.61 -5.37 102.23
N PRO J 1375 -31.58 -4.65 101.09
CA PRO J 1375 -32.74 -3.88 100.65
C PRO J 1375 -34.03 -4.70 100.79
N THR J 1376 -34.07 -5.82 100.08
CA THR J 1376 -35.27 -6.65 99.80
C THR J 1376 -35.71 -7.40 101.07
N GLY J 1377 -34.82 -7.60 102.06
CA GLY J 1377 -35.15 -8.31 103.33
C GLY J 1377 -33.93 -8.61 104.21
N LYS J 1378 -34.09 -9.49 105.20
CA LYS J 1378 -33.08 -9.89 106.21
C LYS J 1378 -32.66 -11.36 105.97
N ILE J 1379 -31.37 -11.63 105.81
CA ILE J 1379 -30.84 -12.99 105.50
C ILE J 1379 -30.12 -13.52 106.73
N VAL J 1380 -30.70 -14.56 107.35
CA VAL J 1380 -30.10 -15.32 108.49
C VAL J 1380 -29.40 -16.58 107.94
N ASP J 1381 -28.16 -16.80 108.38
CA ASP J 1381 -27.25 -17.88 107.95
C ASP J 1381 -26.85 -18.70 109.19
N VAL J 1382 -27.27 -19.96 109.26
CA VAL J 1382 -27.08 -20.78 110.48
C VAL J 1382 -26.13 -21.92 110.15
N VAL J 1383 -25.32 -22.33 111.14
CA VAL J 1383 -24.32 -23.42 111.00
C VAL J 1383 -24.52 -24.42 112.14
N GLY J 1384 -25.20 -25.52 111.82
CA GLY J 1384 -25.40 -26.64 112.75
C GLY J 1384 -24.22 -27.57 112.71
N THR J 1385 -23.81 -28.09 113.87
CA THR J 1385 -22.65 -29.00 114.03
C THR J 1385 -23.16 -30.25 114.74
N LEU J 1386 -23.27 -31.35 113.99
CA LEU J 1386 -23.54 -32.71 114.53
C LEU J 1386 -22.24 -33.27 115.12
N SER J 1387 -22.32 -33.87 116.31
CA SER J 1387 -21.19 -34.52 117.03
C SER J 1387 -21.58 -35.92 117.50
N ARG J 1388 -20.65 -36.88 117.40
CA ARG J 1388 -20.75 -38.31 117.83
C ARG J 1388 -19.54 -38.63 118.70
N ASN J 1389 -19.74 -39.08 119.95
CA ASN J 1389 -18.65 -39.41 120.91
C ASN J 1389 -17.66 -38.23 120.99
N GLY J 1390 -18.15 -37.01 121.23
CA GLY J 1390 -17.33 -35.83 121.54
C GLY J 1390 -16.76 -35.11 120.32
N LYS J 1391 -16.71 -35.75 119.14
CA LYS J 1391 -16.06 -35.19 117.92
C LYS J 1391 -17.10 -34.65 116.94
N PRO J 1392 -16.83 -33.53 116.22
CA PRO J 1392 -17.63 -33.16 115.05
C PRO J 1392 -17.70 -34.28 114.01
N VAL J 1393 -18.89 -34.48 113.43
CA VAL J 1393 -19.14 -35.40 112.29
C VAL J 1393 -19.39 -34.56 111.04
N MET J 1394 -20.41 -33.70 111.06
CA MET J 1394 -20.67 -32.82 109.90
C MET J 1394 -21.29 -31.48 110.34
N GLU J 1395 -21.17 -30.50 109.44
CA GLU J 1395 -21.77 -29.15 109.51
C GLU J 1395 -22.95 -29.09 108.55
N VAL J 1396 -24.12 -28.71 109.09
CA VAL J 1396 -25.33 -28.32 108.32
C VAL J 1396 -25.33 -26.79 108.23
N THR J 1397 -25.49 -26.24 107.03
CA THR J 1397 -25.58 -24.78 106.75
C THR J 1397 -26.91 -24.47 106.06
N SER J 1398 -27.75 -23.65 106.69
CA SER J 1398 -29.07 -23.20 106.18
C SER J 1398 -29.06 -21.68 106.07
N SER J 1399 -29.50 -21.13 104.94
CA SER J 1399 -29.74 -19.67 104.80
C SER J 1399 -31.25 -19.42 104.67
N PHE J 1400 -31.81 -18.68 105.62
CA PHE J 1400 -33.23 -18.24 105.66
C PHE J 1400 -33.31 -16.77 105.28
N PHE J 1401 -34.42 -16.38 104.66
CA PHE J 1401 -34.71 -14.99 104.19
C PHE J 1401 -36.07 -14.55 104.74
N TYR J 1402 -36.11 -13.51 105.57
CA TYR J 1402 -37.35 -12.78 105.93
C TYR J 1402 -37.58 -11.63 104.94
N ARG J 1403 -38.56 -11.72 104.03
CA ARG J 1403 -38.93 -10.60 103.10
C ARG J 1403 -39.46 -9.44 103.92
N GLY J 1404 -38.92 -8.25 103.72
CA GLY J 1404 -39.45 -7.03 104.35
C GLY J 1404 -38.49 -5.87 104.24
N ASN J 1405 -38.74 -4.85 105.05
CA ASN J 1405 -37.89 -3.63 105.16
C ASN J 1405 -37.42 -3.54 106.61
N TYR J 1406 -36.17 -3.91 106.87
CA TYR J 1406 -35.54 -3.90 108.21
C TYR J 1406 -34.48 -2.79 108.20
N THR J 1407 -34.44 -2.02 109.28
CA THR J 1407 -33.45 -0.94 109.55
C THR J 1407 -32.96 -1.16 110.99
N ASP J 1408 -32.62 -2.41 111.27
CA ASP J 1408 -32.47 -3.02 112.62
C ASP J 1408 -30.96 -3.25 112.82
N PHE J 1409 -30.13 -2.29 112.38
CA PHE J 1409 -28.68 -2.49 112.16
C PHE J 1409 -27.95 -2.76 113.49
N GLU J 1410 -28.52 -2.35 114.62
CA GLU J 1410 -28.08 -2.66 116.00
C GLU J 1410 -27.96 -4.19 116.21
N ASN J 1411 -28.84 -4.97 115.60
CA ASN J 1411 -29.06 -6.43 115.85
C ASN J 1411 -28.66 -7.21 114.59
N THR J 1412 -27.60 -6.76 113.94
CA THR J 1412 -27.14 -7.27 112.62
C THR J 1412 -25.64 -7.44 112.75
N PHE J 1413 -25.13 -8.59 112.32
CA PHE J 1413 -23.72 -9.00 112.52
C PHE J 1413 -23.37 -10.18 111.62
N GLN J 1414 -22.10 -10.55 111.65
CA GLN J 1414 -21.48 -11.54 110.77
C GLN J 1414 -20.27 -12.05 111.53
N LYS J 1415 -20.20 -13.37 111.76
CA LYS J 1415 -19.27 -13.97 112.76
C LYS J 1415 -18.78 -15.27 112.15
N THR J 1416 -18.16 -15.15 110.97
CA THR J 1416 -17.65 -16.29 110.14
C THR J 1416 -16.34 -16.83 110.73
N VAL J 1417 -16.02 -18.08 110.36
CA VAL J 1417 -14.71 -18.76 110.52
C VAL J 1417 -14.15 -18.93 109.12
N GLU J 1418 -13.11 -18.17 108.78
CA GLU J 1418 -12.60 -18.05 107.38
C GLU J 1418 -11.87 -19.35 107.03
N PRO J 1419 -11.68 -19.65 105.73
CA PRO J 1419 -10.97 -20.87 105.34
C PRO J 1419 -9.48 -20.71 105.63
N VAL J 1420 -8.80 -21.77 106.07
CA VAL J 1420 -7.35 -21.72 106.41
C VAL J 1420 -6.59 -21.36 105.12
N TYR J 1421 -5.70 -20.38 105.24
CA TYR J 1421 -4.87 -19.80 104.14
C TYR J 1421 -3.41 -20.05 104.50
N GLN J 1422 -2.61 -20.52 103.55
CA GLN J 1422 -1.16 -20.74 103.77
C GLN J 1422 -0.36 -19.84 102.82
N MET J 1423 0.79 -19.38 103.32
CA MET J 1423 1.83 -18.64 102.56
C MET J 1423 3.15 -19.40 102.67
N HIS J 1424 3.75 -19.69 101.52
CA HIS J 1424 5.18 -20.09 101.42
C HIS J 1424 5.98 -18.79 101.33
N ILE J 1425 6.70 -18.41 102.39
CA ILE J 1425 7.61 -17.22 102.34
C ILE J 1425 8.91 -17.66 101.66
N LYS J 1426 9.06 -17.35 100.35
CA LYS J 1426 10.22 -17.75 99.50
C LYS J 1426 11.29 -16.64 99.53
N THR J 1427 10.89 -15.39 99.32
CA THR J 1427 11.79 -14.22 99.07
C THR J 1427 11.98 -13.43 100.38
N SER J 1428 12.61 -12.26 100.30
CA SER J 1428 12.81 -11.31 101.43
C SER J 1428 11.86 -10.11 101.30
N LYS J 1429 11.25 -9.88 100.13
CA LYS J 1429 10.21 -8.84 99.96
C LYS J 1429 8.81 -9.47 100.11
N ASP J 1430 8.73 -10.73 100.57
CA ASP J 1430 7.51 -11.36 101.15
C ASP J 1430 7.53 -11.15 102.67
N ILE J 1431 8.67 -11.43 103.31
CA ILE J 1431 8.85 -11.26 104.79
C ILE J 1431 8.76 -9.76 105.13
N ALA J 1432 9.22 -8.87 104.26
CA ALA J 1432 9.26 -7.41 104.56
C ALA J 1432 7.84 -6.84 104.52
N VAL J 1433 6.95 -7.43 103.70
CA VAL J 1433 5.51 -7.07 103.60
C VAL J 1433 4.80 -7.46 104.90
N LEU J 1434 4.90 -8.73 105.30
CA LEU J 1434 4.27 -9.26 106.54
C LEU J 1434 4.68 -8.43 107.75
N ARG J 1435 5.94 -8.00 107.82
CA ARG J 1435 6.45 -7.17 108.95
C ARG J 1435 5.86 -5.74 108.91
N SER J 1436 5.32 -5.31 107.77
CA SER J 1436 4.71 -3.97 107.61
C SER J 1436 3.37 -3.95 108.34
N LYS J 1437 2.69 -5.09 108.36
CA LYS J 1437 1.27 -5.24 108.80
C LYS J 1437 1.20 -5.27 110.33
N GLU J 1438 0.50 -4.28 110.89
CA GLU J 1438 0.26 -4.14 112.35
C GLU J 1438 -0.32 -5.45 112.88
N TRP J 1439 -1.17 -6.09 112.08
CA TRP J 1439 -2.00 -7.23 112.50
C TRP J 1439 -1.23 -8.55 112.58
N PHE J 1440 0.05 -8.60 112.20
CA PHE J 1440 0.90 -9.82 112.22
C PHE J 1440 1.81 -9.75 113.45
N GLN J 1441 1.25 -10.03 114.63
CA GLN J 1441 2.01 -10.15 115.92
C GLN J 1441 2.75 -11.49 115.92
N LEU J 1442 4.07 -11.50 116.14
CA LEU J 1442 4.84 -12.74 116.44
C LEU J 1442 5.22 -12.76 117.94
N ASP J 1443 5.26 -13.94 118.53
CA ASP J 1443 5.62 -14.18 119.95
C ASP J 1443 7.11 -13.84 120.15
N ASP J 1444 7.95 -14.31 119.21
CA ASP J 1444 9.42 -14.07 119.11
C ASP J 1444 9.65 -13.22 117.86
N GLU J 1445 9.86 -11.90 118.02
CA GLU J 1445 9.91 -10.91 116.90
C GLU J 1445 11.05 -11.24 115.92
N ASP J 1446 12.17 -11.78 116.44
CA ASP J 1446 13.40 -12.16 115.68
C ASP J 1446 13.22 -13.44 114.83
N PHE J 1447 12.14 -14.20 115.04
CA PHE J 1447 11.84 -15.51 114.38
C PHE J 1447 12.09 -15.42 112.86
N ASP J 1448 12.79 -16.43 112.32
CA ASP J 1448 13.21 -16.49 110.88
C ASP J 1448 12.09 -17.13 110.05
N LEU J 1449 11.51 -16.37 109.10
CA LEU J 1449 10.35 -16.80 108.28
C LEU J 1449 10.79 -17.37 106.93
N LEU J 1450 12.07 -17.29 106.57
CA LEU J 1450 12.52 -17.57 105.18
C LEU J 1450 12.43 -19.08 104.91
N ASN J 1451 11.79 -19.46 103.79
CA ASN J 1451 11.53 -20.85 103.34
C ASN J 1451 10.64 -21.59 104.35
N LYS J 1452 9.83 -20.86 105.13
CA LYS J 1452 8.82 -21.44 106.04
C LYS J 1452 7.47 -21.40 105.34
N THR J 1453 6.56 -22.30 105.74
CA THR J 1453 5.15 -22.36 105.29
C THR J 1453 4.27 -21.95 106.47
N LEU J 1454 3.78 -20.70 106.48
CA LEU J 1454 2.83 -20.17 107.50
C LEU J 1454 1.38 -20.52 107.08
N THR J 1455 0.56 -21.01 108.01
CA THR J 1455 -0.91 -21.19 107.85
C THR J 1455 -1.62 -20.23 108.82
N PHE J 1456 -2.62 -19.49 108.35
CA PHE J 1456 -3.38 -18.47 109.13
C PHE J 1456 -4.78 -19.01 109.38
N GLU J 1457 -5.05 -19.45 110.61
CA GLU J 1457 -6.39 -19.95 111.04
C GLU J 1457 -7.15 -18.79 111.70
N THR J 1458 -8.01 -18.13 110.94
CA THR J 1458 -8.53 -16.75 111.18
C THR J 1458 -10.06 -16.80 111.27
N GLU J 1459 -10.66 -16.06 112.22
CA GLU J 1459 -12.13 -15.81 112.25
C GLU J 1459 -12.40 -14.30 112.39
N THR J 1460 -13.48 -13.81 111.76
CA THR J 1460 -13.79 -12.38 111.59
C THR J 1460 -15.23 -12.07 112.04
N GLU J 1461 -15.36 -11.60 113.29
CA GLU J 1461 -16.51 -10.80 113.82
C GLU J 1461 -16.60 -9.46 113.08
N VAL J 1462 -17.80 -9.09 112.66
CA VAL J 1462 -18.13 -7.83 111.96
C VAL J 1462 -19.52 -7.39 112.42
N THR J 1463 -19.64 -6.18 112.98
CA THR J 1463 -20.91 -5.48 113.29
C THR J 1463 -21.15 -4.44 112.18
N PHE J 1464 -22.41 -4.08 111.94
CA PHE J 1464 -22.82 -3.11 110.89
C PHE J 1464 -23.37 -1.83 111.54
N LYS J 1465 -23.25 -0.70 110.81
CA LYS J 1465 -23.95 0.59 111.11
C LYS J 1465 -24.88 0.98 109.93
N ASN J 1466 -24.76 0.32 108.78
CA ASN J 1466 -25.42 0.67 107.50
C ASN J 1466 -25.44 -0.56 106.60
N ALA J 1467 -26.10 -0.46 105.45
CA ALA J 1467 -26.18 -1.54 104.43
C ALA J 1467 -24.78 -2.01 104.00
N ASN J 1468 -23.83 -1.08 103.84
CA ASN J 1468 -22.51 -1.29 103.18
C ASN J 1468 -21.34 -1.03 104.17
N ILE J 1469 -21.40 0.02 104.98
CA ILE J 1469 -20.29 0.42 105.90
C ILE J 1469 -20.38 -0.43 107.18
N PHE J 1470 -19.26 -0.96 107.68
CA PHE J 1470 -19.18 -1.79 108.91
C PHE J 1470 -18.89 -0.89 110.11
N SER J 1471 -19.60 -1.12 111.21
CA SER J 1471 -19.50 -0.38 112.49
C SER J 1471 -18.15 -0.71 113.14
N SER J 1472 -17.71 -1.95 112.96
CA SER J 1472 -16.53 -2.54 113.64
C SER J 1472 -16.12 -3.82 112.90
N VAL J 1473 -14.84 -3.96 112.56
CA VAL J 1473 -14.25 -5.19 111.95
C VAL J 1473 -13.22 -5.75 112.92
N LYS J 1474 -13.14 -7.07 112.96
CA LYS J 1474 -12.30 -7.81 113.94
C LYS J 1474 -11.90 -9.13 113.27
N CYS J 1475 -10.61 -9.31 113.02
CA CYS J 1475 -9.99 -10.54 112.48
C CYS J 1475 -8.98 -10.99 113.51
N PHE J 1476 -8.93 -12.29 113.81
CA PHE J 1476 -8.05 -12.82 114.87
C PHE J 1476 -8.01 -14.34 114.76
N GLY J 1477 -6.90 -14.92 115.24
CA GLY J 1477 -6.62 -16.35 115.08
C GLY J 1477 -5.13 -16.64 115.19
N PRO J 1478 -4.75 -17.91 115.43
CA PRO J 1478 -3.34 -18.29 115.45
C PRO J 1478 -2.67 -18.29 114.07
N ILE J 1479 -1.40 -17.85 114.03
CA ILE J 1479 -0.46 -18.06 112.90
C ILE J 1479 0.41 -19.26 113.26
N LYS J 1480 0.44 -20.28 112.40
CA LYS J 1480 1.18 -21.54 112.62
C LYS J 1480 2.26 -21.69 111.56
N VAL J 1481 3.38 -22.30 111.93
CA VAL J 1481 4.51 -22.65 111.02
C VAL J 1481 4.59 -24.17 110.94
N GLU J 1482 4.79 -24.72 109.73
CA GLU J 1482 5.03 -26.17 109.51
C GLU J 1482 6.49 -26.42 109.87
N LEU J 1483 6.75 -27.33 110.83
CA LEU J 1483 8.12 -27.70 111.29
C LEU J 1483 8.74 -28.72 110.33
N PRO J 1484 10.06 -28.99 110.43
CA PRO J 1484 10.69 -30.04 109.61
C PRO J 1484 9.92 -31.37 109.61
N THR J 1485 9.27 -31.70 110.75
CA THR J 1485 8.55 -32.98 111.01
C THR J 1485 7.12 -32.94 110.46
N LYS J 1486 6.63 -31.75 110.05
CA LYS J 1486 5.25 -31.51 109.56
C LYS J 1486 4.22 -31.48 110.71
N GLU J 1487 4.64 -31.31 111.95
CA GLU J 1487 3.73 -30.86 113.05
C GLU J 1487 3.68 -29.33 112.92
N THR J 1488 2.55 -28.71 113.25
CA THR J 1488 2.38 -27.23 113.29
C THR J 1488 2.66 -26.71 114.72
N VAL J 1489 3.09 -25.46 114.84
CA VAL J 1489 3.28 -24.75 116.14
C VAL J 1489 2.78 -23.31 116.00
N GLU J 1490 2.06 -22.80 117.01
CA GLU J 1490 1.68 -21.37 117.11
C GLU J 1490 2.94 -20.54 117.32
N ILE J 1491 3.18 -19.57 116.45
CA ILE J 1491 4.30 -18.59 116.59
C ILE J 1491 3.79 -17.15 116.40
N GLY J 1492 2.48 -16.93 116.42
CA GLY J 1492 1.92 -15.60 116.15
C GLY J 1492 0.41 -15.56 116.32
N ILE J 1493 -0.14 -14.35 116.31
CA ILE J 1493 -1.59 -14.08 116.40
C ILE J 1493 -1.91 -12.97 115.40
N VAL J 1494 -3.04 -13.10 114.72
CA VAL J 1494 -3.68 -11.98 113.97
C VAL J 1494 -4.49 -11.20 115.00
N ASP J 1495 -4.36 -9.87 115.04
CA ASP J 1495 -5.15 -9.00 115.95
C ASP J 1495 -5.43 -7.69 115.22
N TYR J 1496 -6.31 -7.75 114.22
CA TYR J 1496 -6.83 -6.56 113.49
C TYR J 1496 -8.16 -6.14 114.11
N GLU J 1497 -8.28 -4.85 114.44
CA GLU J 1497 -9.49 -4.16 114.97
C GLU J 1497 -9.66 -2.87 114.18
N ALA J 1498 -10.91 -2.48 113.90
CA ALA J 1498 -11.24 -1.26 113.15
C ALA J 1498 -12.59 -0.69 113.63
N GLY J 1499 -12.80 0.60 113.38
CA GLY J 1499 -14.13 1.24 113.43
C GLY J 1499 -14.77 1.21 112.06
N ALA J 1500 -15.29 2.35 111.61
CA ALA J 1500 -16.16 2.46 110.41
C ALA J 1500 -15.33 2.15 109.15
N SER J 1501 -15.38 0.89 108.69
CA SER J 1501 -14.56 0.33 107.59
C SER J 1501 -15.47 -0.16 106.47
N HIS J 1502 -14.94 -0.37 105.27
CA HIS J 1502 -15.68 -0.95 104.12
C HIS J 1502 -15.18 -2.37 103.81
N GLY J 1503 -14.30 -2.95 104.66
CA GLY J 1503 -13.60 -4.21 104.33
C GLY J 1503 -12.80 -4.80 105.47
N ASN J 1504 -12.50 -6.10 105.35
CA ASN J 1504 -11.52 -6.85 106.17
C ASN J 1504 -10.25 -6.93 105.34
N PRO J 1505 -9.22 -6.12 105.63
CA PRO J 1505 -7.99 -6.16 104.87
C PRO J 1505 -7.23 -7.49 105.05
N VAL J 1506 -7.24 -8.08 106.25
CA VAL J 1506 -6.48 -9.33 106.57
C VAL J 1506 -6.81 -10.43 105.55
N VAL J 1507 -8.09 -10.69 105.34
CA VAL J 1507 -8.55 -11.77 104.42
C VAL J 1507 -8.27 -11.35 102.96
N ASP J 1508 -8.44 -10.07 102.63
CA ASP J 1508 -8.13 -9.55 101.27
C ASP J 1508 -6.64 -9.77 100.96
N PHE J 1509 -5.76 -9.63 101.96
CA PHE J 1509 -4.30 -9.86 101.85
C PHE J 1509 -4.06 -11.34 101.53
N LEU J 1510 -4.50 -12.21 102.44
CA LEU J 1510 -4.23 -13.67 102.41
C LEU J 1510 -4.82 -14.30 101.13
N LYS J 1511 -5.90 -13.75 100.56
CA LYS J 1511 -6.51 -14.26 99.31
C LYS J 1511 -5.51 -14.14 98.16
N ARG J 1512 -4.96 -12.93 97.99
CA ARG J 1512 -3.99 -12.60 96.91
C ARG J 1512 -2.65 -13.27 97.21
N ASN J 1513 -2.01 -12.93 98.33
CA ASN J 1513 -0.59 -13.28 98.63
C ASN J 1513 -0.45 -14.71 99.16
N GLY J 1514 -1.55 -15.36 99.54
CA GLY J 1514 -1.56 -16.77 99.99
C GLY J 1514 -2.39 -17.64 99.08
N SER J 1515 -2.79 -18.81 99.58
CA SER J 1515 -3.63 -19.80 98.88
C SER J 1515 -4.42 -20.60 99.92
N THR J 1516 -5.48 -21.28 99.50
CA THR J 1516 -6.21 -22.27 100.35
C THR J 1516 -5.48 -23.61 100.25
N LEU J 1517 -5.78 -24.53 101.16
CA LEU J 1517 -5.12 -25.86 101.24
C LEU J 1517 -5.55 -26.74 100.06
N GLU J 1518 -6.79 -26.58 99.60
CA GLU J 1518 -7.39 -27.30 98.44
C GLU J 1518 -7.61 -26.30 97.31
N GLN J 1519 -7.54 -26.76 96.05
CA GLN J 1519 -7.75 -25.92 94.84
C GLN J 1519 -8.61 -26.69 93.86
N LYS J 1520 -9.81 -26.19 93.53
CA LYS J 1520 -10.64 -26.89 92.52
C LYS J 1520 -9.97 -26.65 91.16
N VAL J 1521 -9.99 -27.65 90.28
CA VAL J 1521 -9.49 -27.50 88.90
C VAL J 1521 -10.57 -28.08 87.99
N ASN J 1522 -11.05 -27.27 87.05
CA ASN J 1522 -12.16 -27.65 86.15
C ASN J 1522 -11.61 -28.60 85.09
N LEU J 1523 -12.34 -29.67 84.82
CA LEU J 1523 -12.18 -30.48 83.59
C LEU J 1523 -12.20 -29.53 82.40
N GLU J 1524 -11.57 -29.92 81.28
CA GLU J 1524 -11.61 -29.17 80.00
C GLU J 1524 -13.07 -29.03 79.56
N ASN J 1525 -13.78 -30.14 79.51
CA ASN J 1525 -15.21 -30.23 79.09
C ASN J 1525 -16.03 -30.84 80.23
N PRO J 1526 -17.12 -30.18 80.68
CA PRO J 1526 -18.08 -30.83 81.58
C PRO J 1526 -18.59 -32.12 80.95
N ILE J 1527 -18.68 -33.18 81.73
CA ILE J 1527 -19.19 -34.51 81.31
C ILE J 1527 -20.62 -34.64 81.80
N PRO J 1528 -21.62 -34.77 80.90
CA PRO J 1528 -22.97 -35.20 81.30
C PRO J 1528 -22.99 -36.61 81.93
N ILE J 1529 -23.39 -36.73 83.20
CA ILE J 1529 -23.52 -38.01 83.96
C ILE J 1529 -24.86 -38.65 83.63
N ALA J 1530 -25.95 -37.88 83.71
CA ALA J 1530 -27.33 -38.36 83.48
C ALA J 1530 -28.29 -37.18 83.34
N VAL J 1531 -29.52 -37.46 82.88
CA VAL J 1531 -30.70 -36.54 82.95
C VAL J 1531 -31.90 -37.33 83.48
N LEU J 1532 -32.25 -37.15 84.74
CA LEU J 1532 -33.13 -38.06 85.50
C LEU J 1532 -34.43 -37.36 85.87
N ASP J 1533 -35.49 -38.14 86.06
CA ASP J 1533 -36.86 -37.66 86.38
C ASP J 1533 -37.25 -38.19 87.76
N SER J 1534 -37.08 -37.37 88.80
CA SER J 1534 -37.76 -37.52 90.10
C SER J 1534 -39.18 -36.94 89.95
N TYR J 1535 -40.08 -37.31 90.88
CA TYR J 1535 -41.48 -36.82 90.98
C TYR J 1535 -41.80 -36.48 92.43
N THR J 1536 -42.30 -35.27 92.66
CA THR J 1536 -42.74 -34.81 94.00
C THR J 1536 -44.02 -35.57 94.35
N PRO J 1537 -44.21 -35.96 95.62
CA PRO J 1537 -45.34 -36.83 95.99
C PRO J 1537 -46.64 -36.01 96.01
N SER J 1538 -47.79 -36.67 96.05
CA SER J 1538 -49.14 -36.04 95.96
C SER J 1538 -49.40 -35.16 97.18
N THR J 1539 -48.86 -35.55 98.33
CA THR J 1539 -49.02 -34.87 99.63
C THR J 1539 -47.65 -34.68 100.27
N ASN J 1540 -47.52 -33.65 101.08
CA ASN J 1540 -46.30 -33.35 101.84
C ASN J 1540 -46.52 -33.74 103.31
N GLU J 1541 -47.45 -34.64 103.62
CA GLU J 1541 -47.63 -35.13 105.02
C GLU J 1541 -46.54 -36.12 105.43
N PRO J 1542 -46.14 -37.13 104.62
CA PRO J 1542 -45.17 -38.12 105.08
C PRO J 1542 -43.76 -37.54 105.28
N TYR J 1543 -43.29 -36.62 104.42
CA TYR J 1543 -41.98 -35.95 104.62
C TYR J 1543 -42.00 -35.16 105.93
N ALA J 1544 -43.12 -34.50 106.20
CA ALA J 1544 -43.33 -33.65 107.39
C ALA J 1544 -43.34 -34.51 108.65
N ARG J 1545 -43.76 -35.78 108.57
CA ARG J 1545 -43.89 -36.68 109.75
C ARG J 1545 -42.50 -37.04 110.27
N VAL J 1546 -41.57 -37.40 109.37
CA VAL J 1546 -40.18 -37.87 109.70
C VAL J 1546 -39.29 -36.67 110.02
N SER J 1547 -39.41 -35.57 109.27
CA SER J 1547 -38.56 -34.35 109.39
C SER J 1547 -38.87 -33.57 110.66
N GLY J 1548 -40.15 -33.39 110.99
CA GLY J 1548 -40.61 -32.44 112.03
C GLY J 1548 -40.73 -31.02 111.50
N ASP J 1549 -40.66 -30.83 110.17
CA ASP J 1549 -41.05 -29.58 109.43
C ASP J 1549 -42.56 -29.62 109.20
N LEU J 1550 -43.31 -29.38 110.28
CA LEU J 1550 -44.79 -29.30 110.28
C LEU J 1550 -45.29 -27.94 109.75
N ASN J 1551 -44.42 -27.10 109.16
CA ASN J 1551 -44.78 -25.79 108.55
C ASN J 1551 -46.10 -25.96 107.82
N PRO J 1552 -47.18 -25.30 108.32
CA PRO J 1552 -48.51 -25.35 107.70
C PRO J 1552 -48.64 -24.98 106.22
N ILE J 1553 -47.71 -24.21 105.68
CA ILE J 1553 -47.76 -23.80 104.25
C ILE J 1553 -47.54 -25.00 103.33
N HIS J 1554 -47.18 -26.17 103.87
CA HIS J 1554 -46.86 -27.38 103.06
C HIS J 1554 -48.04 -28.37 103.07
N VAL J 1555 -48.94 -28.28 104.05
CA VAL J 1555 -50.01 -29.30 104.25
C VAL J 1555 -51.41 -28.68 104.20
N SER J 1556 -51.60 -27.44 104.62
CA SER J 1556 -52.91 -26.76 104.83
C SER J 1556 -53.15 -25.76 103.69
N ARG J 1557 -54.20 -25.98 102.89
CA ARG J 1557 -54.60 -25.11 101.74
C ARG J 1557 -54.81 -23.67 102.22
N HIS J 1558 -55.32 -23.47 103.44
CA HIS J 1558 -55.71 -22.11 103.93
C HIS J 1558 -54.48 -21.27 104.25
N PHE J 1559 -53.52 -21.81 105.01
CA PHE J 1559 -52.24 -21.13 105.32
C PHE J 1559 -51.45 -20.83 104.06
N ALA J 1560 -51.43 -21.75 103.10
CA ALA J 1560 -50.75 -21.54 101.81
C ALA J 1560 -51.35 -20.30 101.13
N SER J 1561 -52.68 -20.23 101.11
CA SER J 1561 -53.48 -19.14 100.49
C SER J 1561 -53.23 -17.81 101.24
N TYR J 1562 -53.03 -17.87 102.56
CA TYR J 1562 -52.73 -16.69 103.41
C TYR J 1562 -51.30 -16.18 103.21
N ALA J 1563 -50.41 -16.98 102.63
CA ALA J 1563 -48.99 -16.62 102.36
C ALA J 1563 -48.82 -16.30 100.87
N ASN J 1564 -49.90 -16.21 100.12
CA ASN J 1564 -49.91 -15.85 98.69
C ASN J 1564 -49.14 -16.89 97.86
N LEU J 1565 -49.03 -18.14 98.31
CA LEU J 1565 -48.28 -19.19 97.58
C LEU J 1565 -49.20 -19.83 96.55
N PRO J 1566 -48.68 -20.45 95.48
CA PRO J 1566 -49.52 -21.05 94.46
C PRO J 1566 -50.23 -22.37 94.81
N GLY J 1567 -50.19 -22.81 96.07
CA GLY J 1567 -50.71 -24.12 96.49
C GLY J 1567 -49.93 -24.61 97.71
N THR J 1568 -50.33 -25.73 98.31
CA THR J 1568 -49.52 -26.36 99.39
C THR J 1568 -48.24 -26.87 98.73
N ILE J 1569 -47.17 -26.07 98.82
CA ILE J 1569 -45.87 -26.31 98.12
C ILE J 1569 -45.14 -27.48 98.77
N THR J 1570 -44.43 -28.27 97.96
CA THR J 1570 -43.46 -29.31 98.39
C THR J 1570 -42.39 -28.64 99.25
N HIS J 1571 -42.06 -29.23 100.40
CA HIS J 1571 -40.88 -28.81 101.23
C HIS J 1571 -39.65 -28.77 100.34
N GLY J 1572 -38.84 -27.72 100.45
CA GLY J 1572 -37.55 -27.65 99.72
C GLY J 1572 -36.66 -28.81 100.11
N MET J 1573 -36.55 -29.08 101.42
CA MET J 1573 -35.73 -30.20 101.96
C MET J 1573 -36.13 -31.53 101.32
N PHE J 1574 -37.41 -31.76 101.00
CA PHE J 1574 -37.83 -32.98 100.27
C PHE J 1574 -37.15 -33.00 98.90
N SER J 1575 -37.27 -31.92 98.13
CA SER J 1575 -36.62 -31.79 96.80
C SER J 1575 -35.09 -32.04 96.92
N SER J 1576 -34.43 -31.41 97.89
CA SER J 1576 -32.98 -31.55 98.18
C SER J 1576 -32.63 -33.04 98.39
N ALA J 1577 -33.29 -33.71 99.32
CA ALA J 1577 -33.02 -35.12 99.67
C ALA J 1577 -33.20 -36.00 98.43
N SER J 1578 -34.35 -35.85 97.77
CA SER J 1578 -34.73 -36.55 96.52
C SER J 1578 -33.58 -36.52 95.55
N VAL J 1579 -33.15 -35.33 95.15
CA VAL J 1579 -32.09 -35.14 94.12
C VAL J 1579 -30.76 -35.70 94.63
N ARG J 1580 -30.40 -35.48 95.90
CA ARG J 1580 -29.14 -35.98 96.52
C ARG J 1580 -29.11 -37.51 96.43
N ALA J 1581 -30.26 -38.16 96.51
CA ALA J 1581 -30.41 -39.62 96.30
C ALA J 1581 -30.06 -40.02 94.86
N LEU J 1582 -30.31 -39.17 93.87
CA LEU J 1582 -29.92 -39.45 92.46
C LEU J 1582 -28.41 -39.24 92.26
N ILE J 1583 -27.83 -38.17 92.81
CA ILE J 1583 -26.36 -37.87 92.80
C ILE J 1583 -25.63 -39.09 93.37
N GLU J 1584 -26.12 -39.59 94.51
CA GLU J 1584 -25.57 -40.75 95.26
C GLU J 1584 -25.66 -42.03 94.44
N ASN J 1585 -26.60 -42.12 93.50
CA ASN J 1585 -26.81 -43.35 92.70
C ASN J 1585 -25.97 -43.23 91.41
N TRP J 1586 -25.90 -42.07 90.76
CA TRP J 1586 -25.23 -41.90 89.43
C TRP J 1586 -23.78 -41.40 89.50
N ALA J 1587 -23.32 -40.84 90.61
CA ALA J 1587 -21.96 -40.28 90.74
C ALA J 1587 -21.16 -40.96 91.86
N ALA J 1588 -21.80 -41.61 92.82
CA ALA J 1588 -21.10 -42.33 93.91
C ALA J 1588 -21.29 -43.84 93.71
N ASP J 1589 -21.69 -44.29 92.52
CA ASP J 1589 -21.91 -45.73 92.24
C ASP J 1589 -22.68 -46.35 93.42
N SER J 1590 -23.72 -45.66 93.90
CA SER J 1590 -24.59 -46.05 95.04
C SER J 1590 -23.78 -46.47 96.27
N VAL J 1591 -22.79 -45.69 96.67
CA VAL J 1591 -22.03 -45.86 97.95
C VAL J 1591 -22.23 -44.60 98.80
N SER J 1592 -23.00 -44.70 99.88
CA SER J 1592 -23.33 -43.54 100.76
C SER J 1592 -22.06 -42.75 101.05
N SER J 1593 -21.04 -43.40 101.62
CA SER J 1593 -19.88 -42.78 102.31
C SER J 1593 -19.11 -41.81 101.40
N ARG J 1594 -19.12 -42.04 100.09
CA ARG J 1594 -18.38 -41.23 99.11
C ARG J 1594 -18.90 -39.79 99.03
N VAL J 1595 -20.19 -39.57 99.23
CA VAL J 1595 -20.75 -38.19 99.04
C VAL J 1595 -20.50 -37.45 100.35
N ARG J 1596 -19.81 -36.34 100.21
CA ARG J 1596 -18.79 -35.87 101.19
C ARG J 1596 -19.09 -34.42 101.56
N GLY J 1597 -19.56 -33.63 100.59
CA GLY J 1597 -20.39 -32.44 100.81
C GLY J 1597 -21.47 -32.32 99.74
N TYR J 1598 -22.53 -31.59 100.05
CA TYR J 1598 -23.72 -31.38 99.18
C TYR J 1598 -24.36 -30.05 99.55
N THR J 1599 -24.61 -29.19 98.57
CA THR J 1599 -25.12 -27.82 98.81
C THR J 1599 -26.18 -27.51 97.77
N CYS J 1600 -27.37 -27.09 98.22
CA CYS J 1600 -28.61 -26.89 97.42
C CYS J 1600 -29.04 -25.42 97.44
N GLN J 1601 -29.30 -24.81 96.30
CA GLN J 1601 -30.02 -23.53 96.19
C GLN J 1601 -31.47 -23.81 95.81
N PHE J 1602 -32.45 -23.34 96.62
CA PHE J 1602 -33.90 -23.36 96.30
C PHE J 1602 -34.25 -22.09 95.52
N VAL J 1603 -34.63 -22.23 94.26
CA VAL J 1603 -34.71 -21.11 93.28
C VAL J 1603 -36.18 -20.71 93.17
N ASP J 1604 -37.00 -21.65 92.72
CA ASP J 1604 -38.47 -21.53 92.58
C ASP J 1604 -39.14 -22.65 93.39
N MET J 1605 -40.42 -22.50 93.69
CA MET J 1605 -41.20 -23.44 94.53
C MET J 1605 -41.85 -24.49 93.64
N VAL J 1606 -42.10 -25.67 94.21
CA VAL J 1606 -42.56 -26.88 93.47
C VAL J 1606 -43.87 -27.36 94.11
N LEU J 1607 -44.86 -27.66 93.28
CA LEU J 1607 -46.20 -28.11 93.70
C LEU J 1607 -46.23 -29.63 93.65
N PRO J 1608 -47.03 -30.28 94.51
CA PRO J 1608 -47.22 -31.73 94.44
C PRO J 1608 -47.58 -32.27 93.04
N ASN J 1609 -47.19 -33.51 92.79
CA ASN J 1609 -47.41 -34.23 91.50
C ASN J 1609 -46.72 -33.46 90.36
N THR J 1610 -45.47 -33.01 90.52
CA THR J 1610 -44.67 -32.40 89.42
C THR J 1610 -43.62 -33.42 88.94
N ALA J 1611 -43.20 -33.24 87.69
CA ALA J 1611 -42.21 -34.06 86.96
C ALA J 1611 -40.93 -33.24 86.83
N LEU J 1612 -40.07 -33.37 87.84
CA LEU J 1612 -38.75 -32.68 87.93
C LEU J 1612 -37.75 -33.41 87.03
N LYS J 1613 -36.98 -32.66 86.24
CA LYS J 1613 -35.98 -33.17 85.27
C LYS J 1613 -34.60 -32.58 85.63
N THR J 1614 -33.81 -33.31 86.43
CA THR J 1614 -32.50 -32.86 86.98
C THR J 1614 -31.39 -33.33 86.04
N SER J 1615 -30.50 -32.42 85.64
CA SER J 1615 -29.31 -32.72 84.79
C SER J 1615 -28.07 -32.59 85.67
N ILE J 1616 -27.30 -33.67 85.77
CA ILE J 1616 -26.10 -33.82 86.63
C ILE J 1616 -24.85 -33.77 85.73
N GLN J 1617 -23.82 -33.04 86.14
CA GLN J 1617 -22.57 -32.91 85.36
C GLN J 1617 -21.37 -33.02 86.28
N HIS J 1618 -20.39 -33.84 85.91
CA HIS J 1618 -19.02 -33.86 86.49
C HIS J 1618 -18.30 -32.70 85.85
N VAL J 1619 -17.80 -31.78 86.65
CA VAL J 1619 -17.48 -30.41 86.17
C VAL J 1619 -16.03 -30.03 86.49
N GLY J 1620 -15.35 -30.81 87.34
CA GLY J 1620 -14.09 -30.41 87.99
C GLY J 1620 -13.63 -31.41 89.02
N MET J 1621 -12.49 -31.16 89.65
CA MET J 1621 -11.93 -32.06 90.69
C MET J 1621 -11.35 -31.19 91.79
N ILE J 1622 -11.30 -31.66 93.02
CA ILE J 1622 -10.62 -30.94 94.14
C ILE J 1622 -9.93 -31.96 95.04
N ASN J 1623 -8.63 -32.17 94.84
CA ASN J 1623 -7.78 -33.04 95.69
C ASN J 1623 -8.33 -34.48 95.72
N GLY J 1624 -8.77 -34.98 94.57
CA GLY J 1624 -9.19 -36.39 94.43
C GLY J 1624 -10.69 -36.58 94.56
N ARG J 1625 -11.42 -35.52 94.91
CA ARG J 1625 -12.89 -35.54 95.06
C ARG J 1625 -13.51 -34.97 93.80
N LYS J 1626 -14.50 -35.65 93.23
CA LYS J 1626 -15.23 -35.17 92.03
C LYS J 1626 -16.11 -34.00 92.47
N LEU J 1627 -16.30 -33.06 91.57
CA LEU J 1627 -16.98 -31.76 91.79
C LEU J 1627 -18.20 -31.79 90.87
N ILE J 1628 -19.32 -32.24 91.42
CA ILE J 1628 -20.58 -32.51 90.67
C ILE J 1628 -21.41 -31.25 90.77
N LYS J 1629 -22.10 -30.88 89.70
CA LYS J 1629 -22.94 -29.67 89.66
C LYS J 1629 -24.22 -30.03 88.90
N PHE J 1630 -25.39 -29.83 89.53
CA PHE J 1630 -26.71 -30.18 88.94
C PHE J 1630 -27.60 -28.97 88.88
N GLU J 1631 -28.62 -29.04 88.03
CA GLU J 1631 -29.80 -28.17 88.06
C GLU J 1631 -31.03 -29.03 87.80
N THR J 1632 -32.16 -28.67 88.41
CA THR J 1632 -33.47 -29.34 88.25
C THR J 1632 -34.50 -28.36 87.70
N ARG J 1633 -35.21 -28.80 86.65
CA ARG J 1633 -36.28 -28.03 85.95
C ARG J 1633 -37.60 -28.76 86.07
N ASN J 1634 -38.71 -28.01 86.13
CA ASN J 1634 -40.10 -28.54 86.06
C ASN J 1634 -40.51 -28.68 84.59
N GLU J 1635 -41.74 -29.15 84.33
CA GLU J 1635 -42.32 -29.39 82.97
C GLU J 1635 -42.32 -28.08 82.15
N ASP J 1636 -42.56 -26.93 82.78
CA ASP J 1636 -42.58 -25.58 82.14
C ASP J 1636 -41.16 -25.15 81.71
N ASP J 1637 -40.12 -25.90 82.09
CA ASP J 1637 -38.69 -25.65 81.78
C ASP J 1637 -38.22 -24.41 82.57
N VAL J 1638 -38.39 -24.44 83.89
CA VAL J 1638 -37.99 -23.37 84.85
C VAL J 1638 -37.07 -23.99 85.90
N VAL J 1639 -35.91 -23.40 86.14
CA VAL J 1639 -34.95 -23.90 87.18
C VAL J 1639 -35.61 -23.72 88.55
N VAL J 1640 -35.58 -24.78 89.36
CA VAL J 1640 -36.25 -24.96 90.68
C VAL J 1640 -35.20 -25.19 91.77
N LEU J 1641 -34.27 -26.12 91.50
CA LEU J 1641 -33.06 -26.42 92.31
C LEU J 1641 -31.80 -26.18 91.49
N THR J 1642 -30.72 -25.83 92.15
CA THR J 1642 -29.32 -25.91 91.65
C THR J 1642 -28.45 -26.32 92.83
N GLY J 1643 -27.26 -26.81 92.56
CA GLY J 1643 -26.37 -27.27 93.62
C GLY J 1643 -25.10 -27.92 93.13
N GLU J 1644 -24.26 -28.26 94.09
CA GLU J 1644 -22.91 -28.84 93.93
C GLU J 1644 -22.86 -30.10 94.80
N ALA J 1645 -22.00 -31.05 94.47
CA ALA J 1645 -21.64 -32.16 95.38
C ALA J 1645 -20.14 -32.47 95.24
N GLU J 1646 -19.43 -32.67 96.36
CA GLU J 1646 -18.08 -33.28 96.42
C GLU J 1646 -18.26 -34.78 96.65
N ILE J 1647 -17.69 -35.60 95.78
CA ILE J 1647 -17.84 -37.09 95.82
C ILE J 1647 -16.46 -37.72 95.71
N GLU J 1648 -16.03 -38.43 96.75
CA GLU J 1648 -14.78 -39.25 96.75
C GLU J 1648 -14.77 -40.13 95.49
N GLN J 1649 -13.61 -40.31 94.89
CA GLN J 1649 -13.35 -41.42 93.95
C GLN J 1649 -13.35 -42.73 94.74
N PRO J 1650 -13.54 -43.88 94.06
CA PRO J 1650 -13.46 -45.18 94.73
C PRO J 1650 -12.09 -45.41 95.36
N VAL J 1651 -12.01 -46.15 96.47
CA VAL J 1651 -10.74 -46.45 97.23
C VAL J 1651 -9.70 -46.94 96.22
N THR J 1652 -8.55 -46.24 96.15
CA THR J 1652 -7.61 -46.31 95.01
C THR J 1652 -6.25 -46.81 95.50
N THR J 1653 -5.58 -47.61 94.67
CA THR J 1653 -4.18 -48.04 94.84
C THR J 1653 -3.47 -47.65 93.54
N PHE J 1654 -2.30 -46.99 93.62
CA PHE J 1654 -1.43 -46.77 92.44
C PHE J 1654 -0.31 -47.80 92.48
N VAL J 1655 -0.03 -48.43 91.35
CA VAL J 1655 1.05 -49.46 91.25
C VAL J 1655 1.99 -49.04 90.12
N PHE J 1656 3.25 -48.78 90.46
CA PHE J 1656 4.27 -48.30 89.49
C PHE J 1656 5.02 -49.51 88.91
N THR J 1657 4.91 -49.70 87.59
CA THR J 1657 5.63 -50.72 86.77
C THR J 1657 7.14 -50.59 86.99
N GLY J 1658 7.87 -51.70 86.79
CA GLY J 1658 9.34 -51.74 86.75
C GLY J 1658 9.86 -51.81 85.32
N GLN J 1659 11.10 -52.30 85.16
CA GLN J 1659 11.78 -52.43 83.84
C GLN J 1659 10.98 -53.35 82.89
N GLY J 1660 11.06 -53.07 81.60
CA GLY J 1660 10.65 -54.00 80.53
C GLY J 1660 10.39 -53.28 79.21
N SER J 1661 9.25 -52.60 79.13
CA SER J 1661 8.87 -51.66 78.05
C SER J 1661 9.70 -50.38 78.22
N GLN J 1662 10.66 -50.17 77.32
CA GLN J 1662 11.51 -48.95 77.26
C GLN J 1662 11.70 -48.62 75.77
N GLU J 1663 10.77 -47.84 75.23
CA GLU J 1663 10.66 -47.52 73.78
C GLU J 1663 11.17 -46.10 73.55
N GLN J 1664 11.65 -45.81 72.36
CA GLN J 1664 12.11 -44.45 71.97
C GLN J 1664 10.90 -43.54 72.07
N GLY J 1665 11.10 -42.32 72.55
CA GLY J 1665 10.06 -41.29 72.71
C GLY J 1665 9.09 -41.57 73.85
N MET J 1666 9.36 -42.51 74.75
CA MET J 1666 8.42 -42.85 75.84
C MET J 1666 8.19 -41.59 76.68
N GLY J 1667 6.93 -41.26 76.96
CA GLY J 1667 6.58 -40.13 77.83
C GLY J 1667 6.71 -38.77 77.14
N MET J 1668 7.02 -38.72 75.85
CA MET J 1668 7.31 -37.46 75.11
C MET J 1668 6.02 -36.84 74.56
N ASP J 1669 4.97 -37.65 74.34
CA ASP J 1669 3.60 -37.15 74.02
C ASP J 1669 3.12 -36.26 75.18
N LEU J 1670 3.24 -36.78 76.40
CA LEU J 1670 2.82 -36.09 77.64
C LEU J 1670 3.77 -34.94 78.00
N TYR J 1671 4.94 -34.84 77.37
CA TYR J 1671 5.92 -33.75 77.60
C TYR J 1671 5.62 -32.55 76.69
N LYS J 1672 4.99 -32.76 75.52
CA LYS J 1672 4.52 -31.68 74.61
C LYS J 1672 3.41 -30.89 75.32
N THR J 1673 2.40 -31.60 75.84
CA THR J 1673 1.13 -31.01 76.34
C THR J 1673 1.32 -30.49 77.76
N SER J 1674 1.82 -31.32 78.67
CA SER J 1674 1.67 -31.10 80.13
C SER J 1674 2.76 -30.16 80.66
N LYS J 1675 2.35 -29.12 81.36
CA LYS J 1675 3.23 -28.19 82.10
C LYS J 1675 3.92 -28.95 83.24
N ALA J 1676 3.22 -29.91 83.84
CA ALA J 1676 3.67 -30.64 85.05
C ALA J 1676 4.69 -31.72 84.67
N ALA J 1677 4.51 -32.38 83.53
CA ALA J 1677 5.53 -33.28 82.96
C ALA J 1677 6.79 -32.48 82.65
N GLN J 1678 6.67 -31.45 81.81
CA GLN J 1678 7.77 -30.54 81.44
C GLN J 1678 8.60 -30.17 82.67
N ASP J 1679 7.99 -29.83 83.81
CA ASP J 1679 8.81 -29.49 85.00
C ASP J 1679 9.72 -30.67 85.32
N VAL J 1680 9.15 -31.87 85.38
CA VAL J 1680 9.83 -33.13 85.80
C VAL J 1680 10.98 -33.41 84.82
N TRP J 1681 10.72 -33.43 83.53
CA TRP J 1681 11.79 -33.74 82.56
C TRP J 1681 12.85 -32.62 82.54
N ASN J 1682 12.46 -31.35 82.52
CA ASN J 1682 13.40 -30.21 82.38
C ASN J 1682 14.28 -30.15 83.63
N ARG J 1683 13.71 -30.42 84.80
CA ARG J 1683 14.48 -30.42 86.06
C ARG J 1683 15.52 -31.53 86.04
N ALA J 1684 15.11 -32.72 85.63
CA ALA J 1684 15.95 -33.95 85.60
C ALA J 1684 17.06 -33.77 84.57
N ASP J 1685 16.69 -33.40 83.34
CA ASP J 1685 17.60 -33.17 82.21
C ASP J 1685 18.68 -32.15 82.60
N ASN J 1686 18.33 -31.10 83.35
CA ASN J 1686 19.32 -30.06 83.75
C ASN J 1686 20.23 -30.61 84.83
N HIS J 1687 19.75 -31.54 85.64
CA HIS J 1687 20.56 -32.11 86.74
C HIS J 1687 21.56 -33.07 86.13
N PHE J 1688 21.11 -33.92 85.22
CA PHE J 1688 21.97 -34.90 84.52
C PHE J 1688 23.04 -34.16 83.70
N LYS J 1689 22.70 -33.02 83.09
CA LYS J 1689 23.65 -32.21 82.26
C LYS J 1689 24.74 -31.61 83.13
N ASP J 1690 24.41 -31.18 84.34
CA ASP J 1690 25.36 -30.48 85.24
C ASP J 1690 26.07 -31.47 86.14
N THR J 1691 25.68 -32.73 86.15
CA THR J 1691 26.27 -33.72 87.09
C THR J 1691 27.01 -34.81 86.31
N TYR J 1692 26.42 -35.32 85.23
CA TYR J 1692 26.96 -36.48 84.52
C TYR J 1692 27.21 -36.11 83.05
N GLY J 1693 27.04 -34.85 82.68
CA GLY J 1693 27.31 -34.34 81.33
C GLY J 1693 26.55 -35.06 80.23
N PHE J 1694 25.29 -35.40 80.43
CA PHE J 1694 24.41 -35.79 79.30
C PHE J 1694 22.99 -35.36 79.63
N SER J 1695 22.21 -35.10 78.59
CA SER J 1695 20.74 -34.97 78.62
C SER J 1695 20.11 -36.35 78.54
N ILE J 1696 19.31 -36.71 79.55
CA ILE J 1696 18.40 -37.88 79.51
C ILE J 1696 17.32 -37.70 78.42
N LEU J 1697 16.92 -36.46 78.08
CA LEU J 1697 15.88 -36.23 77.05
C LEU J 1697 16.40 -36.63 75.67
N ASP J 1698 17.60 -36.18 75.31
CA ASP J 1698 18.33 -36.64 74.10
C ASP J 1698 18.29 -38.17 74.07
N ILE J 1699 18.73 -38.83 75.13
CA ILE J 1699 18.74 -40.33 75.16
C ILE J 1699 17.33 -40.82 74.82
N VAL J 1700 16.29 -40.32 75.49
CA VAL J 1700 14.92 -40.88 75.33
C VAL J 1700 14.36 -40.59 73.93
N ILE J 1701 14.70 -39.45 73.36
CA ILE J 1701 14.06 -38.94 72.10
C ILE J 1701 14.76 -39.56 70.89
N ASN J 1702 16.10 -39.65 70.92
CA ASN J 1702 16.97 -39.99 69.75
C ASN J 1702 17.55 -41.40 69.85
N ASN J 1703 17.69 -41.96 71.05
CA ASN J 1703 18.21 -43.33 71.33
C ASN J 1703 19.53 -43.56 70.59
N PRO J 1704 20.59 -42.77 70.88
CA PRO J 1704 21.88 -42.92 70.20
C PRO J 1704 22.54 -44.24 70.56
N VAL J 1705 23.51 -44.68 69.76
CA VAL J 1705 24.19 -46.00 69.91
C VAL J 1705 25.41 -45.82 70.80
N ASN J 1706 26.00 -44.62 70.76
CA ASN J 1706 27.23 -44.24 71.51
C ASN J 1706 26.99 -42.88 72.14
N LEU J 1707 27.67 -42.55 73.23
CA LEU J 1707 27.51 -41.24 73.91
C LEU J 1707 28.77 -40.87 74.66
N THR J 1708 29.56 -39.94 74.14
CA THR J 1708 30.83 -39.56 74.80
C THR J 1708 30.50 -38.39 75.70
N ILE J 1709 30.85 -38.54 76.97
CA ILE J 1709 30.89 -37.44 77.95
C ILE J 1709 32.25 -36.83 77.73
N HIS J 1710 32.40 -35.50 77.86
CA HIS J 1710 33.71 -34.81 77.84
C HIS J 1710 33.95 -34.09 79.15
N PHE J 1711 35.19 -34.13 79.66
CA PHE J 1711 35.52 -33.63 81.01
C PHE J 1711 36.38 -32.37 80.91
N GLY J 1712 36.06 -31.55 79.91
CA GLY J 1712 36.78 -30.32 79.57
C GLY J 1712 36.18 -29.16 80.30
N GLY J 1713 37.01 -28.30 80.87
CA GLY J 1713 36.57 -27.02 81.46
C GLY J 1713 36.24 -27.20 82.93
N GLU J 1714 36.01 -26.08 83.64
CA GLU J 1714 35.66 -26.05 85.09
C GLU J 1714 34.50 -27.02 85.37
N LYS J 1715 33.43 -26.89 84.59
CA LYS J 1715 32.18 -27.68 84.69
C LYS J 1715 32.44 -29.15 84.32
N GLY J 1716 33.39 -29.43 83.44
CA GLY J 1716 33.81 -30.80 83.09
C GLY J 1716 34.61 -31.50 84.19
N LYS J 1717 35.53 -30.82 84.86
CA LYS J 1717 36.32 -31.42 85.97
C LYS J 1717 35.36 -31.82 87.09
N ARG J 1718 34.31 -31.04 87.30
CA ARG J 1718 33.30 -31.28 88.36
C ARG J 1718 32.55 -32.55 87.98
N ILE J 1719 32.07 -32.62 86.75
CA ILE J 1719 31.38 -33.82 86.20
C ILE J 1719 32.29 -35.02 86.27
N ARG J 1720 33.60 -34.89 86.09
CA ARG J 1720 34.53 -36.05 86.14
C ARG J 1720 34.67 -36.57 87.57
N GLU J 1721 34.70 -35.69 88.56
CA GLU J 1721 34.75 -36.05 90.00
C GLU J 1721 33.49 -36.84 90.40
N ASN J 1722 32.36 -36.67 89.70
CA ASN J 1722 31.08 -37.37 90.01
C ASN J 1722 31.15 -38.83 89.57
N TYR J 1723 31.85 -39.13 88.47
CA TYR J 1723 32.01 -40.50 87.92
C TYR J 1723 33.06 -41.26 88.71
N SER J 1724 34.10 -40.58 89.18
CA SER J 1724 35.24 -41.19 89.94
C SER J 1724 34.81 -41.58 91.36
N ALA J 1725 33.77 -40.94 91.90
CA ALA J 1725 33.27 -41.14 93.28
C ALA J 1725 32.44 -42.41 93.37
N MET J 1726 31.84 -42.82 92.24
CA MET J 1726 30.89 -43.96 92.18
C MET J 1726 31.68 -45.24 92.34
N ILE J 1727 31.39 -46.01 93.41
CA ILE J 1727 32.07 -47.28 93.77
C ILE J 1727 31.04 -48.43 93.80
N PHE J 1728 31.49 -49.68 93.66
CA PHE J 1728 30.70 -50.90 93.97
C PHE J 1728 31.53 -51.79 94.90
N GLU J 1729 30.91 -52.85 95.42
CA GLU J 1729 31.56 -53.96 96.18
C GLU J 1729 31.07 -55.29 95.61
N THR J 1730 32.01 -56.15 95.22
CA THR J 1730 31.77 -57.54 94.76
C THR J 1730 32.56 -58.46 95.69
N ILE J 1731 32.25 -59.75 95.67
CA ILE J 1731 33.08 -60.84 96.28
C ILE J 1731 34.09 -61.30 95.22
N VAL J 1732 35.38 -61.00 95.45
CA VAL J 1732 36.55 -61.39 94.58
C VAL J 1732 37.36 -62.46 95.33
N ASP J 1733 37.00 -63.73 95.12
CA ASP J 1733 37.51 -64.93 95.87
C ASP J 1733 37.34 -64.68 97.38
N GLY J 1734 38.39 -64.15 98.02
CA GLY J 1734 38.50 -64.05 99.49
C GLY J 1734 37.40 -63.17 100.08
N LYS J 1735 37.49 -61.86 99.83
CA LYS J 1735 36.78 -60.81 100.61
C LYS J 1735 35.88 -59.95 99.71
N LEU J 1736 35.11 -59.07 100.35
CA LEU J 1736 34.52 -57.81 99.78
C LEU J 1736 35.67 -56.98 99.19
N LYS J 1737 35.38 -56.23 98.13
CA LYS J 1737 36.38 -55.53 97.28
C LYS J 1737 35.74 -54.22 96.77
N THR J 1738 36.04 -53.09 97.42
CA THR J 1738 35.61 -51.73 96.96
C THR J 1738 36.38 -51.39 95.69
N GLU J 1739 35.69 -50.85 94.69
CA GLU J 1739 36.22 -50.54 93.33
C GLU J 1739 35.56 -49.27 92.83
N LYS J 1740 36.19 -48.50 91.96
CA LYS J 1740 35.42 -47.49 91.20
C LYS J 1740 34.79 -48.24 90.01
N ILE J 1741 33.46 -48.17 89.86
CA ILE J 1741 32.76 -48.23 88.54
C ILE J 1741 33.42 -47.16 87.65
N PHE J 1742 33.50 -47.41 86.34
CA PHE J 1742 34.24 -46.50 85.43
C PHE J 1742 35.69 -46.45 85.92
N LYS J 1743 36.45 -47.51 85.67
CA LYS J 1743 37.83 -47.65 86.21
C LYS J 1743 38.76 -46.85 85.31
N GLU J 1744 38.46 -46.88 84.00
CA GLU J 1744 39.09 -46.08 82.93
C GLU J 1744 39.17 -44.60 83.35
N ILE J 1745 38.07 -44.05 83.85
CA ILE J 1745 37.95 -42.62 84.25
C ILE J 1745 38.86 -42.37 85.45
N ASN J 1746 39.90 -41.57 85.24
CA ASN J 1746 40.84 -41.05 86.26
C ASN J 1746 41.11 -39.56 85.95
N GLU J 1747 41.87 -38.85 86.79
CA GLU J 1747 41.99 -37.36 86.77
C GLU J 1747 42.69 -36.86 85.49
N HIS J 1748 43.45 -37.72 84.80
CA HIS J 1748 44.06 -37.39 83.49
C HIS J 1748 43.10 -37.67 82.33
N SER J 1749 41.87 -38.13 82.61
CA SER J 1749 40.87 -38.47 81.56
C SER J 1749 40.13 -37.20 81.12
N THR J 1750 39.83 -37.13 79.83
CA THR J 1750 39.25 -35.96 79.13
C THR J 1750 37.92 -36.34 78.48
N SER J 1751 37.65 -37.64 78.31
CA SER J 1751 36.35 -38.13 77.82
C SER J 1751 36.03 -39.48 78.43
N TYR J 1752 34.80 -39.92 78.26
CA TYR J 1752 34.38 -41.32 78.50
C TYR J 1752 33.26 -41.65 77.55
N THR J 1753 33.32 -42.79 76.84
CA THR J 1753 32.25 -43.21 75.91
C THR J 1753 31.43 -44.38 76.47
N PHE J 1754 30.10 -44.24 76.41
CA PHE J 1754 29.09 -45.28 76.70
C PHE J 1754 28.75 -45.93 75.37
N ARG J 1755 28.86 -47.25 75.26
CA ARG J 1755 28.53 -47.99 74.01
C ARG J 1755 27.37 -48.94 74.27
N SER J 1756 26.60 -49.21 73.22
CA SER J 1756 25.62 -50.31 73.09
C SER J 1756 25.69 -50.84 71.66
N GLU J 1757 24.76 -51.71 71.25
CA GLU J 1757 24.64 -52.17 69.84
C GLU J 1757 23.37 -51.57 69.23
N LYS J 1758 22.24 -51.83 69.90
CA LYS J 1758 20.88 -51.43 69.44
C LYS J 1758 20.70 -49.92 69.70
N GLY J 1759 20.86 -49.49 70.95
CA GLY J 1759 20.72 -48.09 71.42
C GLY J 1759 20.86 -47.98 72.94
N LEU J 1760 21.31 -46.82 73.43
CA LEU J 1760 21.64 -46.58 74.86
C LEU J 1760 20.36 -46.63 75.68
N LEU J 1761 19.20 -46.46 75.08
CA LEU J 1761 17.92 -46.47 75.84
C LEU J 1761 17.64 -47.88 76.37
N SER J 1762 18.29 -48.92 75.84
CA SER J 1762 18.17 -50.32 76.32
C SER J 1762 19.47 -50.75 77.00
N ALA J 1763 19.94 -49.99 77.99
CA ALA J 1763 21.24 -50.17 78.69
C ALA J 1763 21.12 -49.92 80.20
N THR J 1764 19.99 -50.26 80.78
CA THR J 1764 19.68 -50.30 82.23
C THR J 1764 19.97 -48.93 82.89
N GLN J 1765 21.15 -48.34 82.79
CA GLN J 1765 21.50 -47.10 83.57
C GLN J 1765 20.78 -45.89 83.00
N PHE J 1766 20.43 -45.94 81.73
CA PHE J 1766 19.64 -44.91 81.03
C PHE J 1766 18.16 -45.32 81.08
N THR J 1767 17.87 -46.61 80.94
CA THR J 1767 16.49 -47.18 81.04
C THR J 1767 15.92 -46.96 82.43
N GLN J 1768 16.70 -47.19 83.46
CA GLN J 1768 16.24 -47.11 84.86
C GLN J 1768 15.68 -45.70 85.11
N PRO J 1769 16.43 -44.59 84.87
CA PRO J 1769 15.91 -43.24 85.06
C PRO J 1769 14.88 -42.75 84.05
N ALA J 1770 14.99 -43.13 82.79
CA ALA J 1770 13.95 -42.80 81.80
C ALA J 1770 12.62 -43.33 82.34
N LEU J 1771 12.53 -44.63 82.57
CA LEU J 1771 11.29 -45.33 83.05
C LEU J 1771 10.77 -44.61 84.29
N THR J 1772 11.63 -44.35 85.27
CA THR J 1772 11.24 -43.69 86.55
C THR J 1772 10.66 -42.29 86.31
N LEU J 1773 11.23 -41.49 85.41
CA LEU J 1773 10.74 -40.13 85.06
C LEU J 1773 9.39 -40.22 84.36
N MET J 1774 9.29 -40.90 83.22
CA MET J 1774 8.00 -41.23 82.54
C MET J 1774 6.86 -41.32 83.57
N GLU J 1775 7.08 -42.12 84.62
CA GLU J 1775 6.11 -42.45 85.68
C GLU J 1775 5.90 -41.22 86.54
N LYS J 1776 6.96 -40.65 87.08
CA LYS J 1776 6.88 -39.42 87.94
C LYS J 1776 6.17 -38.29 87.18
N ALA J 1777 6.31 -38.18 85.87
CA ALA J 1777 5.74 -37.10 85.06
C ALA J 1777 4.27 -37.39 84.73
N ALA J 1778 3.94 -38.63 84.39
CA ALA J 1778 2.54 -39.12 84.30
C ALA J 1778 1.82 -38.75 85.59
N PHE J 1779 2.43 -39.08 86.71
CA PHE J 1779 1.77 -38.88 88.01
C PHE J 1779 1.61 -37.40 88.31
N GLU J 1780 2.64 -36.60 88.14
CA GLU J 1780 2.58 -35.14 88.46
C GLU J 1780 1.54 -34.48 87.55
N ASP J 1781 1.32 -34.97 86.33
CA ASP J 1781 0.22 -34.48 85.46
C ASP J 1781 -1.13 -34.75 86.14
N LEU J 1782 -1.45 -36.00 86.46
CA LEU J 1782 -2.60 -36.42 87.30
C LEU J 1782 -2.78 -35.47 88.51
N LYS J 1783 -1.77 -35.31 89.35
CA LYS J 1783 -1.87 -34.51 90.60
C LYS J 1783 -2.26 -33.05 90.28
N SER J 1784 -1.81 -32.52 89.15
CA SER J 1784 -2.02 -31.12 88.73
C SER J 1784 -3.46 -30.90 88.28
N LYS J 1785 -4.09 -31.96 87.79
CA LYS J 1785 -5.52 -32.06 87.36
C LYS J 1785 -6.42 -32.43 88.55
N GLY J 1786 -5.88 -32.54 89.76
CA GLY J 1786 -6.65 -32.78 90.98
C GLY J 1786 -7.11 -34.21 91.18
N LEU J 1787 -6.58 -35.17 90.40
CA LEU J 1787 -7.11 -36.56 90.29
C LEU J 1787 -6.55 -37.55 91.30
N ILE J 1788 -5.75 -37.11 92.28
CA ILE J 1788 -5.09 -38.01 93.27
C ILE J 1788 -5.78 -37.87 94.61
N PRO J 1789 -6.48 -38.94 95.08
CA PRO J 1789 -6.90 -39.03 96.47
C PRO J 1789 -5.80 -38.75 97.51
N ALA J 1790 -6.20 -38.28 98.67
CA ALA J 1790 -5.31 -38.01 99.83
C ALA J 1790 -4.91 -39.31 100.52
N ASP J 1791 -5.76 -40.36 100.46
CA ASP J 1791 -5.62 -41.62 101.25
C ASP J 1791 -5.12 -42.79 100.39
N ALA J 1792 -4.74 -42.58 99.13
CA ALA J 1792 -4.37 -43.65 98.18
C ALA J 1792 -3.24 -44.49 98.76
N THR J 1793 -3.35 -45.82 98.65
CA THR J 1793 -2.25 -46.76 98.89
C THR J 1793 -1.45 -46.93 97.61
N PHE J 1794 -0.16 -47.21 97.74
CA PHE J 1794 0.74 -47.35 96.56
C PHE J 1794 1.79 -48.43 96.79
N ALA J 1795 2.23 -49.00 95.69
CA ALA J 1795 3.36 -49.95 95.62
C ALA J 1795 4.00 -49.88 94.24
N GLY J 1796 5.30 -50.11 94.17
CA GLY J 1796 5.97 -50.36 92.88
C GLY J 1796 6.57 -51.75 92.82
N HIS J 1797 6.60 -52.30 91.62
CA HIS J 1797 7.33 -53.55 91.27
C HIS J 1797 8.79 -53.21 90.94
N SER J 1798 9.70 -53.56 91.85
CA SER J 1798 11.18 -53.42 91.73
C SER J 1798 11.54 -51.93 91.67
N LEU J 1799 11.94 -51.45 90.49
CA LEU J 1799 12.34 -50.04 90.24
C LEU J 1799 11.14 -49.13 90.44
N GLY J 1800 9.96 -49.61 90.07
CA GLY J 1800 8.66 -49.03 90.40
C GLY J 1800 8.64 -48.35 91.77
N GLU J 1801 9.22 -48.96 92.80
CA GLU J 1801 9.13 -48.46 94.20
C GLU J 1801 9.66 -47.04 94.33
N TYR J 1802 10.61 -46.64 93.48
CA TYR J 1802 11.31 -45.33 93.56
C TYR J 1802 10.38 -44.24 92.99
N ALA J 1803 9.84 -44.48 91.80
CA ALA J 1803 8.84 -43.61 91.17
C ALA J 1803 7.70 -43.35 92.14
N ALA J 1804 7.20 -44.42 92.74
CA ALA J 1804 6.07 -44.44 93.68
C ALA J 1804 6.38 -43.57 94.92
N LEU J 1805 7.58 -43.63 95.49
CA LEU J 1805 7.91 -42.89 96.74
C LEU J 1805 8.21 -41.42 96.41
N ALA J 1806 8.84 -41.13 95.29
CA ALA J 1806 9.03 -39.75 94.81
C ALA J 1806 7.66 -39.09 94.60
N SER J 1807 6.73 -39.82 93.99
CA SER J 1807 5.37 -39.37 93.62
C SER J 1807 4.47 -39.15 94.84
N LEU J 1808 4.20 -40.18 95.63
CA LEU J 1808 3.09 -40.15 96.61
C LEU J 1808 3.55 -39.74 97.99
N ALA J 1809 4.86 -39.67 98.25
CA ALA J 1809 5.41 -39.35 99.59
C ALA J 1809 6.51 -38.27 99.58
N ASP J 1810 6.75 -37.58 98.44
CA ASP J 1810 7.85 -36.60 98.19
C ASP J 1810 9.07 -36.89 99.07
N VAL J 1811 9.59 -38.11 99.02
CA VAL J 1811 10.72 -38.55 99.89
C VAL J 1811 12.01 -37.95 99.32
N MET J 1812 12.18 -38.09 98.01
CA MET J 1812 13.31 -37.52 97.23
C MET J 1812 12.81 -36.30 96.46
N SER J 1813 13.69 -35.33 96.20
CA SER J 1813 13.55 -34.38 95.06
C SER J 1813 13.66 -35.15 93.74
N ILE J 1814 13.15 -34.61 92.66
CA ILE J 1814 13.38 -35.11 91.27
C ILE J 1814 14.87 -35.32 91.06
N GLU J 1815 15.72 -34.35 91.44
CA GLU J 1815 17.17 -34.37 91.12
C GLU J 1815 17.77 -35.60 91.81
N SER J 1816 17.49 -35.78 93.11
CA SER J 1816 17.93 -36.95 93.91
C SER J 1816 17.37 -38.29 93.36
N LEU J 1817 16.11 -38.33 92.94
CA LEU J 1817 15.49 -39.58 92.43
C LEU J 1817 16.30 -40.10 91.25
N VAL J 1818 16.62 -39.26 90.29
CA VAL J 1818 17.27 -39.71 89.04
C VAL J 1818 18.74 -40.03 89.31
N GLU J 1819 19.39 -39.37 90.27
CA GLU J 1819 20.75 -39.77 90.73
C GLU J 1819 20.70 -41.23 91.19
N VAL J 1820 19.88 -41.52 92.20
CA VAL J 1820 19.81 -42.87 92.86
C VAL J 1820 19.61 -43.96 91.80
N VAL J 1821 18.59 -43.81 90.99
CA VAL J 1821 18.18 -44.80 89.97
C VAL J 1821 19.26 -44.90 88.89
N PHE J 1822 20.11 -43.89 88.69
CA PHE J 1822 21.23 -43.99 87.73
C PHE J 1822 22.31 -44.91 88.35
N TYR J 1823 22.63 -44.64 89.60
CA TYR J 1823 23.59 -45.42 90.42
C TYR J 1823 23.10 -46.86 90.59
N ARG J 1824 21.78 -47.06 90.73
CA ARG J 1824 21.16 -48.41 90.78
C ARG J 1824 21.48 -49.13 89.47
N GLY J 1825 21.01 -48.61 88.35
CA GLY J 1825 21.32 -49.15 87.01
C GLY J 1825 22.80 -49.42 86.83
N MET J 1826 23.67 -48.60 87.43
CA MET J 1826 25.14 -48.75 87.32
C MET J 1826 25.61 -49.92 88.18
N THR J 1827 25.20 -49.97 89.45
CA THR J 1827 25.53 -51.09 90.39
C THR J 1827 25.00 -52.43 89.86
N MET J 1828 23.87 -52.48 89.14
CA MET J 1828 23.30 -53.72 88.55
C MET J 1828 23.83 -53.95 87.13
N GLN J 1829 24.98 -53.37 86.78
CA GLN J 1829 25.66 -53.58 85.47
C GLN J 1829 26.99 -54.31 85.76
N VAL J 1830 27.55 -54.02 86.93
CA VAL J 1830 28.97 -54.27 87.29
C VAL J 1830 29.07 -55.35 88.37
N ALA J 1831 27.96 -55.71 89.02
CA ALA J 1831 27.92 -56.69 90.14
C ALA J 1831 28.33 -58.09 89.65
N VAL J 1832 27.95 -58.45 88.43
CA VAL J 1832 28.36 -59.72 87.76
C VAL J 1832 29.68 -59.48 87.02
N PRO J 1833 30.70 -60.39 87.11
CA PRO J 1833 31.81 -60.40 86.17
C PRO J 1833 31.35 -60.85 84.78
N ARG J 1834 31.68 -60.06 83.74
CA ARG J 1834 31.22 -60.28 82.34
C ARG J 1834 32.40 -60.16 81.36
N ASP J 1835 33.62 -60.44 81.83
CA ASP J 1835 34.89 -60.55 81.05
C ASP J 1835 34.68 -60.38 79.51
N GLU J 1836 34.02 -61.35 78.86
CA GLU J 1836 34.12 -61.65 77.39
C GLU J 1836 33.99 -60.35 76.57
N LEU J 1837 32.76 -59.87 76.48
CA LEU J 1837 32.31 -58.55 75.99
C LEU J 1837 31.05 -58.24 76.84
N GLY J 1838 29.94 -57.71 76.31
CA GLY J 1838 28.72 -57.48 77.11
C GLY J 1838 27.96 -58.78 77.39
N ARG J 1839 28.63 -59.84 77.89
CA ARG J 1839 28.05 -61.20 78.12
C ARG J 1839 28.55 -61.77 79.45
N SER J 1840 27.60 -62.22 80.26
CA SER J 1840 27.81 -62.86 81.58
C SER J 1840 27.34 -64.32 81.52
N ASN J 1841 27.51 -65.01 82.64
CA ASN J 1841 27.16 -66.44 82.86
C ASN J 1841 25.85 -66.54 83.66
N TYR J 1842 25.28 -65.40 84.10
CA TYR J 1842 23.97 -65.32 84.82
C TYR J 1842 22.89 -64.79 83.88
N GLY J 1843 21.63 -65.04 84.24
CA GLY J 1843 20.42 -64.68 83.47
C GLY J 1843 19.18 -64.79 84.34
N MET J 1844 18.00 -64.88 83.74
CA MET J 1844 16.77 -65.25 84.50
C MET J 1844 15.63 -65.63 83.55
N ILE J 1845 14.85 -66.62 83.98
CA ILE J 1845 13.72 -67.25 83.22
C ILE J 1845 12.42 -66.99 84.00
N ALA J 1846 11.30 -66.89 83.27
CA ALA J 1846 9.93 -66.78 83.79
C ALA J 1846 9.27 -68.15 83.74
N ILE J 1847 8.77 -68.63 84.88
CA ILE J 1847 8.13 -69.98 85.04
C ILE J 1847 6.61 -69.81 85.20
N ASN J 1848 5.83 -70.67 84.53
CA ASN J 1848 4.36 -70.81 84.69
C ASN J 1848 4.06 -72.19 85.29
N PRO J 1849 4.06 -72.36 86.63
CA PRO J 1849 3.88 -73.67 87.27
C PRO J 1849 2.53 -74.37 87.03
N GLY J 1850 1.53 -73.63 86.55
CA GLY J 1850 0.25 -74.19 86.07
C GLY J 1850 0.43 -75.05 84.82
N ARG J 1851 1.35 -74.66 83.92
CA ARG J 1851 1.52 -75.28 82.57
C ARG J 1851 2.24 -76.62 82.65
N VAL J 1852 3.10 -76.80 83.64
CA VAL J 1852 3.92 -78.05 83.78
C VAL J 1852 3.03 -79.19 84.27
N ALA J 1853 2.14 -78.95 85.24
CA ALA J 1853 1.11 -79.92 85.69
C ALA J 1853 0.12 -79.21 86.63
N ALA J 1854 -1.17 -79.47 86.45
CA ALA J 1854 -2.31 -78.81 87.14
C ALA J 1854 -2.17 -78.86 88.68
N SER J 1855 -1.44 -79.84 89.24
CA SER J 1855 -1.22 -80.01 90.70
C SER J 1855 0.12 -79.39 91.16
N PHE J 1856 0.97 -78.97 90.21
CA PHE J 1856 2.31 -78.36 90.45
C PHE J 1856 2.12 -76.91 90.93
N SER J 1857 2.52 -76.63 92.17
CA SER J 1857 2.14 -75.43 92.94
C SER J 1857 3.39 -74.56 93.24
N GLN J 1858 3.24 -73.54 94.08
CA GLN J 1858 4.32 -72.69 94.66
C GLN J 1858 4.99 -73.40 95.85
N GLU J 1859 4.59 -74.63 96.18
CA GLU J 1859 5.33 -75.50 97.13
C GLU J 1859 6.29 -76.40 96.34
N ALA J 1860 5.87 -76.83 95.14
CA ALA J 1860 6.66 -77.66 94.20
C ALA J 1860 7.90 -76.89 93.76
N LEU J 1861 7.73 -75.68 93.22
CA LEU J 1861 8.85 -74.84 92.70
C LEU J 1861 9.82 -74.49 93.83
N GLN J 1862 9.30 -74.06 94.99
CA GLN J 1862 10.13 -73.66 96.15
C GLN J 1862 11.02 -74.83 96.62
N TYR J 1863 10.64 -76.09 96.35
CA TYR J 1863 11.49 -77.30 96.56
C TYR J 1863 12.44 -77.51 95.36
N VAL J 1864 11.93 -77.97 94.21
CA VAL J 1864 12.74 -78.22 92.96
C VAL J 1864 13.96 -77.29 92.96
N VAL J 1865 13.71 -75.98 92.94
CA VAL J 1865 14.72 -74.88 92.77
C VAL J 1865 15.66 -74.82 93.99
N GLU J 1866 15.14 -74.98 95.21
CA GLU J 1866 15.98 -74.98 96.45
C GLU J 1866 16.92 -76.20 96.45
N ARG J 1867 16.47 -77.33 95.89
CA ARG J 1867 17.24 -78.62 95.81
C ARG J 1867 18.29 -78.48 94.70
N VAL J 1868 17.91 -78.03 93.49
CA VAL J 1868 18.85 -77.81 92.35
C VAL J 1868 20.02 -76.92 92.82
N GLY J 1869 19.77 -75.98 93.73
CA GLY J 1869 20.83 -75.13 94.30
C GLY J 1869 21.71 -75.89 95.29
N LYS J 1870 21.08 -76.54 96.27
CA LYS J 1870 21.73 -77.33 97.35
C LYS J 1870 22.52 -78.51 96.73
N ARG J 1871 21.99 -79.12 95.65
CA ARG J 1871 22.63 -80.23 94.89
C ARG J 1871 23.86 -79.71 94.12
N THR J 1872 23.66 -78.95 93.03
CA THR J 1872 24.69 -78.59 92.02
C THR J 1872 25.65 -77.52 92.58
N GLY J 1873 25.37 -76.94 93.75
CA GLY J 1873 26.15 -75.84 94.36
C GLY J 1873 26.20 -74.59 93.50
N TRP J 1874 25.32 -74.48 92.50
CA TRP J 1874 25.16 -73.33 91.56
C TRP J 1874 24.01 -72.44 92.05
N LEU J 1875 24.22 -71.13 92.12
CA LEU J 1875 23.20 -70.17 92.64
C LEU J 1875 22.01 -70.12 91.67
N VAL J 1876 20.83 -70.53 92.14
CA VAL J 1876 19.50 -70.28 91.49
C VAL J 1876 18.49 -69.98 92.60
N GLU J 1877 17.61 -69.00 92.38
CA GLU J 1877 16.57 -68.55 93.34
C GLU J 1877 15.32 -68.09 92.58
N ILE J 1878 14.17 -68.07 93.27
CA ILE J 1878 12.92 -67.39 92.82
C ILE J 1878 13.04 -65.94 93.30
N VAL J 1879 12.96 -64.98 92.38
CA VAL J 1879 13.24 -63.54 92.65
C VAL J 1879 11.93 -62.74 92.60
N ASN J 1880 11.07 -62.98 91.60
CA ASN J 1880 9.73 -62.37 91.48
C ASN J 1880 8.67 -63.43 91.78
N TYR J 1881 7.86 -63.21 92.81
CA TYR J 1881 6.55 -63.89 93.06
C TYR J 1881 5.42 -63.02 92.46
N ASN J 1882 5.10 -63.18 91.17
CA ASN J 1882 4.17 -62.27 90.46
C ASN J 1882 2.70 -62.66 90.69
N VAL J 1883 2.21 -63.68 89.98
CA VAL J 1883 0.80 -64.15 89.96
C VAL J 1883 0.78 -65.60 90.45
N GLU J 1884 -0.03 -65.92 91.47
CA GLU J 1884 0.07 -67.21 92.24
C GLU J 1884 -0.23 -68.38 91.31
N ASN J 1885 0.65 -69.38 91.29
CA ASN J 1885 0.57 -70.62 90.48
C ASN J 1885 0.43 -70.25 88.99
N GLN J 1886 1.10 -69.19 88.53
CA GLN J 1886 0.93 -68.72 87.13
C GLN J 1886 2.11 -67.87 86.59
N GLN J 1887 2.78 -67.06 87.42
CA GLN J 1887 3.94 -66.24 86.98
C GLN J 1887 4.95 -66.10 88.14
N TYR J 1888 6.09 -66.77 88.01
CA TYR J 1888 7.29 -66.57 88.85
C TYR J 1888 8.45 -66.24 87.92
N VAL J 1889 9.53 -65.74 88.52
CA VAL J 1889 10.79 -65.45 87.80
C VAL J 1889 11.92 -66.05 88.64
N ALA J 1890 12.71 -66.91 88.01
CA ALA J 1890 13.91 -67.53 88.62
C ALA J 1890 15.14 -66.91 87.97
N ALA J 1891 16.11 -66.56 88.80
CA ALA J 1891 17.39 -65.93 88.41
C ALA J 1891 18.54 -66.64 89.08
N GLY J 1892 19.62 -66.89 88.34
CA GLY J 1892 20.90 -67.32 88.91
C GLY J 1892 21.93 -67.64 87.83
N ASP J 1893 22.62 -68.77 87.98
CA ASP J 1893 23.67 -69.26 87.04
C ASP J 1893 22.95 -69.84 85.82
N LEU J 1894 23.32 -69.40 84.61
CA LEU J 1894 22.66 -69.80 83.34
C LEU J 1894 22.58 -71.33 83.25
N ARG J 1895 23.58 -72.04 83.77
CA ARG J 1895 23.62 -73.53 83.82
C ARG J 1895 22.46 -74.02 84.70
N ALA J 1896 22.36 -73.51 85.93
CA ALA J 1896 21.32 -73.86 86.95
C ALA J 1896 19.90 -73.49 86.46
N LEU J 1897 19.79 -72.58 85.48
CA LEU J 1897 18.52 -72.22 84.80
C LEU J 1897 18.24 -73.21 83.68
N ASP J 1898 19.28 -73.85 83.15
CA ASP J 1898 19.17 -74.86 82.05
C ASP J 1898 18.81 -76.23 82.65
N THR J 1899 19.17 -76.50 83.91
CA THR J 1899 18.71 -77.70 84.66
C THR J 1899 17.20 -77.56 84.92
N VAL J 1900 16.79 -76.41 85.47
CA VAL J 1900 15.39 -76.13 85.92
C VAL J 1900 14.45 -76.18 84.72
N THR J 1901 14.85 -75.72 83.53
CA THR J 1901 13.98 -75.81 82.31
C THR J 1901 13.93 -77.26 81.78
N ASN J 1902 14.91 -78.11 82.13
CA ASN J 1902 14.96 -79.54 81.75
C ASN J 1902 14.20 -80.39 82.78
N VAL J 1903 14.44 -80.17 84.09
CA VAL J 1903 13.70 -80.84 85.22
C VAL J 1903 12.19 -80.62 85.05
N LEU J 1904 11.77 -79.43 84.61
CA LEU J 1904 10.34 -79.05 84.39
C LEU J 1904 9.90 -79.59 83.00
N ASN J 1905 10.82 -79.63 82.01
CA ASN J 1905 10.56 -80.31 80.71
C ASN J 1905 10.33 -81.80 80.96
N PHE J 1906 11.03 -82.38 81.96
CA PHE J 1906 10.90 -83.80 82.38
C PHE J 1906 9.50 -84.01 82.98
N ILE J 1907 9.22 -83.37 84.12
CA ILE J 1907 7.97 -83.59 84.94
C ILE J 1907 6.70 -83.37 84.09
N LYS J 1908 6.74 -82.50 83.07
CA LYS J 1908 5.64 -82.30 82.08
C LYS J 1908 5.38 -83.63 81.37
N LEU J 1909 6.40 -84.15 80.67
CA LEU J 1909 6.36 -85.39 79.83
C LEU J 1909 6.12 -86.63 80.73
N GLN J 1910 6.88 -86.77 81.83
CA GLN J 1910 6.84 -87.92 82.78
C GLN J 1910 5.55 -87.95 83.61
N LYS J 1911 4.92 -86.78 83.84
CA LYS J 1911 3.60 -86.64 84.54
C LYS J 1911 3.71 -87.05 86.02
N ILE J 1912 4.93 -87.14 86.56
CA ILE J 1912 5.18 -87.57 87.97
C ILE J 1912 4.81 -86.39 88.90
N ASP J 1913 3.75 -86.57 89.69
CA ASP J 1913 3.10 -85.50 90.50
C ASP J 1913 3.78 -85.45 91.88
N ILE J 1914 4.60 -84.42 92.15
CA ILE J 1914 5.47 -84.33 93.37
C ILE J 1914 4.61 -84.57 94.62
N ILE J 1915 3.53 -83.81 94.81
CA ILE J 1915 2.68 -83.86 96.06
C ILE J 1915 2.06 -85.26 96.26
N GLU J 1916 1.60 -85.92 95.19
CA GLU J 1916 1.02 -87.31 95.20
C GLU J 1916 2.11 -88.29 95.71
N LEU J 1917 3.33 -88.22 95.13
CA LEU J 1917 4.49 -89.12 95.45
C LEU J 1917 5.42 -88.48 96.50
N GLN J 1918 4.94 -87.49 97.28
CA GLN J 1918 5.78 -86.67 98.20
C GLN J 1918 5.68 -87.29 99.61
N LYS J 1919 5.01 -86.62 100.55
CA LYS J 1919 4.81 -87.03 101.97
C LYS J 1919 3.83 -88.23 102.06
N SER J 1920 2.92 -88.37 101.09
CA SER J 1920 1.90 -89.46 101.04
C SER J 1920 2.60 -90.83 100.89
N LEU J 1921 3.38 -91.01 99.81
CA LEU J 1921 4.08 -92.28 99.45
C LEU J 1921 5.41 -92.40 100.22
N SER J 1922 6.48 -91.74 99.74
CA SER J 1922 7.90 -92.00 100.11
C SER J 1922 8.52 -90.80 100.86
N LEU J 1923 8.86 -90.99 102.15
CA LEU J 1923 9.38 -89.93 103.08
C LEU J 1923 10.91 -89.81 102.95
N GLU J 1924 11.41 -88.66 102.44
CA GLU J 1924 12.87 -88.35 102.30
C GLU J 1924 13.52 -89.23 101.21
N GLU J 1925 12.70 -89.91 100.39
CA GLU J 1925 13.08 -90.60 99.11
C GLU J 1925 12.73 -89.67 97.94
N VAL J 1926 11.79 -88.72 98.11
CA VAL J 1926 11.60 -87.53 97.22
C VAL J 1926 12.98 -86.95 96.84
N GLU J 1927 13.88 -86.73 97.82
CA GLU J 1927 15.29 -86.26 97.60
C GLU J 1927 16.03 -87.29 96.73
N GLY J 1928 15.85 -88.60 97.02
CA GLY J 1928 16.34 -89.72 96.18
C GLY J 1928 15.83 -89.65 94.74
N HIS J 1929 14.50 -89.59 94.56
CA HIS J 1929 13.79 -89.46 93.25
C HIS J 1929 14.38 -88.29 92.46
N LEU J 1930 14.45 -87.12 93.10
CA LEU J 1930 14.69 -85.78 92.48
C LEU J 1930 16.17 -85.64 92.09
N PHE J 1931 17.10 -85.90 93.01
CA PHE J 1931 18.57 -85.86 92.79
C PHE J 1931 18.93 -86.69 91.54
N GLU J 1932 18.25 -87.82 91.32
CA GLU J 1932 18.35 -88.67 90.09
C GLU J 1932 17.98 -87.86 88.82
N ILE J 1933 16.86 -87.12 88.88
CA ILE J 1933 16.30 -86.31 87.75
C ILE J 1933 17.22 -85.10 87.48
N ILE J 1934 17.73 -84.47 88.54
CA ILE J 1934 18.68 -83.32 88.51
C ILE J 1934 19.96 -83.75 87.78
N ASP J 1935 20.59 -84.86 88.21
CA ASP J 1935 21.99 -85.25 87.87
C ASP J 1935 22.12 -85.70 86.40
N GLU J 1936 21.03 -86.07 85.73
CA GLU J 1936 21.03 -86.46 84.29
C GLU J 1936 20.82 -85.21 83.39
N ALA J 1937 20.29 -84.11 83.95
CA ALA J 1937 20.14 -82.78 83.30
C ALA J 1937 21.31 -81.86 83.71
N SER J 1938 21.66 -81.85 85.01
CA SER J 1938 22.73 -81.02 85.64
C SER J 1938 24.07 -81.22 84.91
N LYS J 1939 24.53 -82.47 84.80
CA LYS J 1939 25.85 -82.86 84.22
C LYS J 1939 25.74 -82.96 82.68
N LYS J 1940 24.54 -82.76 82.12
CA LYS J 1940 24.31 -82.54 80.67
C LYS J 1940 24.39 -81.04 80.32
N SER J 1941 24.15 -80.15 81.29
CA SER J 1941 24.14 -78.65 81.13
C SER J 1941 25.47 -78.02 81.59
N ALA J 1942 26.42 -78.79 82.12
CA ALA J 1942 27.79 -78.34 82.51
C ALA J 1942 28.76 -78.38 81.30
N VAL J 1943 28.35 -78.94 80.16
CA VAL J 1943 29.21 -79.19 78.95
C VAL J 1943 28.85 -78.20 77.81
N LYS J 1944 28.07 -77.13 78.09
CA LYS J 1944 27.67 -76.15 77.04
C LYS J 1944 28.83 -75.19 76.75
N PRO J 1945 28.77 -74.39 75.66
CA PRO J 1945 29.73 -73.29 75.46
C PRO J 1945 29.68 -72.30 76.63
N ARG J 1946 30.82 -71.73 77.04
CA ARG J 1946 31.01 -71.02 78.36
C ARG J 1946 29.84 -70.05 78.61
N PRO J 1947 29.49 -69.11 77.70
CA PRO J 1947 28.30 -68.26 77.87
C PRO J 1947 27.06 -68.88 77.19
N LEU J 1948 26.31 -69.72 77.91
CA LEU J 1948 25.38 -70.70 77.27
C LEU J 1948 24.07 -70.04 76.85
N LYS J 1949 23.83 -69.95 75.54
CA LYS J 1949 22.51 -69.68 74.92
C LYS J 1949 21.47 -70.54 75.64
N LEU J 1950 20.51 -69.87 76.30
CA LEU J 1950 19.44 -70.52 77.12
C LEU J 1950 18.14 -70.55 76.31
N GLU J 1951 17.50 -71.71 76.25
CA GLU J 1951 16.33 -71.99 75.37
C GLU J 1951 15.13 -72.36 76.26
N ARG J 1952 13.95 -72.42 75.64
CA ARG J 1952 12.61 -72.38 76.31
C ARG J 1952 11.95 -73.76 76.27
N GLY J 1953 11.19 -74.10 77.32
CA GLY J 1953 10.68 -75.46 77.53
C GLY J 1953 9.34 -75.53 78.27
N PHE J 1954 8.23 -75.49 77.51
CA PHE J 1954 6.83 -75.81 77.93
C PHE J 1954 6.39 -74.87 79.07
N ALA J 1955 7.03 -74.93 80.24
CA ALA J 1955 6.76 -74.07 81.43
C ALA J 1955 7.58 -72.77 81.41
N CYS J 1956 8.87 -72.83 81.04
CA CYS J 1956 9.90 -71.79 81.35
C CYS J 1956 10.35 -71.05 80.07
N ILE J 1957 10.24 -69.72 80.08
CA ILE J 1957 10.67 -68.78 78.99
C ILE J 1957 11.83 -67.94 79.52
N PRO J 1958 12.92 -67.74 78.74
CA PRO J 1958 14.00 -66.85 79.14
C PRO J 1958 13.68 -65.37 78.87
N LEU J 1959 13.90 -64.52 79.87
CA LEU J 1959 13.73 -63.04 79.77
C LEU J 1959 14.94 -62.49 79.01
N VAL J 1960 14.73 -62.09 77.75
CA VAL J 1960 15.79 -61.52 76.86
C VAL J 1960 16.29 -60.19 77.46
N GLY J 1961 17.59 -59.94 77.38
CA GLY J 1961 18.23 -58.68 77.82
C GLY J 1961 18.77 -58.74 79.23
N ILE J 1962 18.08 -59.44 80.16
CA ILE J 1962 18.44 -59.48 81.59
C ILE J 1962 19.65 -60.40 81.78
N SER J 1963 20.74 -59.83 82.27
CA SER J 1963 22.11 -60.40 82.32
C SER J 1963 22.61 -60.46 83.75
N VAL J 1964 21.77 -60.16 84.75
CA VAL J 1964 22.16 -60.03 86.19
C VAL J 1964 21.08 -60.65 87.05
N PRO J 1965 21.43 -61.35 88.15
CA PRO J 1965 20.42 -61.88 89.08
C PRO J 1965 20.10 -60.86 90.17
N PHE J 1966 19.40 -59.78 89.82
CA PHE J 1966 18.88 -58.79 90.81
C PHE J 1966 17.69 -59.45 91.52
N HIS J 1967 17.56 -59.15 92.81
CA HIS J 1967 16.50 -59.64 93.73
C HIS J 1967 16.89 -61.00 94.32
N SER J 1968 18.12 -61.47 94.05
CA SER J 1968 18.71 -62.69 94.64
C SER J 1968 19.64 -62.28 95.77
N THR J 1969 20.29 -63.25 96.42
CA THR J 1969 21.26 -63.03 97.51
C THR J 1969 22.63 -62.74 96.88
N TYR J 1970 22.80 -63.01 95.57
CA TYR J 1970 24.07 -62.81 94.83
C TYR J 1970 24.63 -61.41 95.07
N LEU J 1971 23.76 -60.39 95.10
CA LEU J 1971 24.17 -58.98 95.27
C LEU J 1971 23.60 -58.44 96.58
N MET J 1972 23.61 -59.27 97.62
CA MET J 1972 23.56 -58.85 99.06
C MET J 1972 24.92 -58.25 99.43
N ASN J 1973 25.96 -58.51 98.63
CA ASN J 1973 27.35 -58.00 98.80
C ASN J 1973 27.43 -56.53 98.37
N GLY J 1974 26.85 -56.20 97.20
CA GLY J 1974 26.83 -54.83 96.64
C GLY J 1974 25.69 -54.00 97.19
N VAL J 1975 25.64 -53.81 98.51
CA VAL J 1975 24.52 -53.12 99.23
C VAL J 1975 25.08 -51.96 100.07
N LYS J 1976 26.18 -52.18 100.79
CA LYS J 1976 26.84 -51.13 101.62
C LYS J 1976 27.05 -49.85 100.80
N PRO J 1977 27.66 -49.88 99.60
CA PRO J 1977 27.86 -48.65 98.82
C PRO J 1977 26.54 -47.98 98.39
N PHE J 1978 25.59 -48.77 97.88
CA PHE J 1978 24.23 -48.31 97.49
C PHE J 1978 23.47 -47.78 98.70
N LYS J 1979 23.62 -48.39 99.89
CA LYS J 1979 23.01 -47.87 101.14
C LYS J 1979 23.56 -46.47 101.42
N SER J 1980 24.89 -46.31 101.44
CA SER J 1980 25.58 -45.03 101.78
C SER J 1980 25.20 -43.94 100.78
N PHE J 1981 24.88 -44.30 99.53
CA PHE J 1981 24.47 -43.34 98.46
C PHE J 1981 23.03 -42.86 98.70
N LEU J 1982 22.10 -43.75 99.08
CA LEU J 1982 20.72 -43.38 99.48
C LEU J 1982 20.74 -42.42 100.67
N LYS J 1983 21.70 -42.53 101.60
CA LYS J 1983 21.69 -41.72 102.84
C LYS J 1983 22.09 -40.26 102.55
N LYS J 1984 22.86 -40.04 101.49
CA LYS J 1984 23.19 -38.67 100.98
C LYS J 1984 21.93 -38.03 100.38
N ASN J 1985 21.21 -38.81 99.58
CA ASN J 1985 20.18 -38.37 98.60
C ASN J 1985 18.78 -38.40 99.21
N ILE J 1986 18.51 -39.24 100.22
CA ILE J 1986 17.25 -39.28 101.01
C ILE J 1986 17.54 -38.66 102.37
N ILE J 1987 17.11 -37.42 102.57
CA ILE J 1987 17.35 -36.62 103.81
C ILE J 1987 16.26 -37.01 104.82
N LYS J 1988 16.51 -36.87 106.13
CA LYS J 1988 15.54 -37.21 107.19
C LYS J 1988 14.35 -36.26 107.14
N GLU J 1989 14.64 -34.96 107.03
CA GLU J 1989 13.67 -33.83 107.04
C GLU J 1989 12.60 -33.99 105.95
N ASN J 1990 12.90 -34.66 104.83
CA ASN J 1990 11.98 -34.80 103.68
C ASN J 1990 11.06 -36.02 103.83
N VAL J 1991 11.08 -36.73 104.97
CA VAL J 1991 10.27 -37.95 105.22
C VAL J 1991 9.13 -37.58 106.16
N LYS J 1992 7.91 -37.48 105.62
CA LYS J 1992 6.68 -37.22 106.39
C LYS J 1992 6.03 -38.57 106.62
N VAL J 1993 5.96 -39.01 107.88
CA VAL J 1993 5.60 -40.41 108.27
C VAL J 1993 4.12 -40.65 107.91
N ALA J 1994 3.29 -39.64 108.21
CA ALA J 1994 1.86 -39.51 107.81
C ALA J 1994 1.64 -39.95 106.37
N ARG J 1995 2.64 -39.80 105.50
CA ARG J 1995 2.48 -39.93 104.03
C ARG J 1995 2.85 -41.35 103.54
N LEU J 1996 3.40 -42.17 104.44
CA LEU J 1996 3.91 -43.54 104.17
C LEU J 1996 3.08 -44.55 104.97
N ALA J 1997 2.99 -44.33 106.29
CA ALA J 1997 2.27 -45.19 107.28
C ALA J 1997 0.97 -45.73 106.67
N GLY J 1998 0.87 -47.06 106.60
CA GLY J 1998 -0.34 -47.79 106.15
C GLY J 1998 -0.72 -47.53 104.70
N LYS J 1999 0.16 -46.91 103.90
CA LYS J 1999 -0.13 -46.57 102.49
C LYS J 1999 0.91 -47.23 101.56
N TYR J 2000 2.17 -47.21 101.97
CA TYR J 2000 3.31 -47.71 101.16
C TYR J 2000 3.46 -49.19 101.48
N ILE J 2001 3.33 -50.04 100.46
CA ILE J 2001 3.54 -51.52 100.56
C ILE J 2001 4.87 -51.85 99.90
N PRO J 2002 6.00 -51.94 100.64
CA PRO J 2002 7.29 -52.31 100.07
C PRO J 2002 7.31 -53.70 99.38
N ASN J 2003 8.39 -53.98 98.66
CA ASN J 2003 8.61 -55.27 97.96
C ASN J 2003 9.29 -56.25 98.90
N LEU J 2004 10.17 -55.74 99.76
CA LEU J 2004 10.97 -56.53 100.73
C LEU J 2004 9.98 -57.29 101.61
N THR J 2005 9.21 -56.53 102.37
CA THR J 2005 8.09 -56.98 103.24
C THR J 2005 6.80 -56.57 102.55
N ALA J 2006 5.96 -57.49 102.09
CA ALA J 2006 4.65 -57.10 101.52
C ALA J 2006 3.68 -56.85 102.69
N LYS J 2007 3.95 -55.78 103.44
CA LYS J 2007 3.20 -55.36 104.64
C LYS J 2007 3.14 -53.84 104.67
N PRO J 2008 1.93 -53.22 104.74
CA PRO J 2008 1.84 -51.77 104.74
C PRO J 2008 2.89 -51.20 105.70
N PHE J 2009 3.68 -50.25 105.22
CA PHE J 2009 4.78 -49.59 105.98
C PHE J 2009 4.22 -49.15 107.32
N GLN J 2010 4.93 -49.43 108.42
CA GLN J 2010 4.58 -48.94 109.77
C GLN J 2010 5.88 -48.72 110.57
N VAL J 2011 5.87 -47.75 111.47
CA VAL J 2011 7.03 -47.46 112.38
C VAL J 2011 6.64 -48.02 113.77
N THR J 2012 6.65 -49.35 113.85
CA THR J 2012 6.43 -50.17 115.07
C THR J 2012 7.51 -51.26 115.15
N LYS J 2013 7.82 -51.74 116.36
CA LYS J 2013 8.86 -52.76 116.67
C LYS J 2013 8.69 -54.01 115.79
N GLU J 2014 7.46 -54.52 115.64
CA GLU J 2014 7.17 -55.81 114.94
C GLU J 2014 7.56 -55.71 113.46
N TYR J 2015 7.55 -54.50 112.90
CA TYR J 2015 7.91 -54.22 111.48
C TYR J 2015 9.43 -54.26 111.35
N PHE J 2016 10.14 -53.50 112.19
CA PHE J 2016 11.62 -53.50 112.28
C PHE J 2016 12.13 -54.94 112.47
N GLN J 2017 11.57 -55.66 113.44
CA GLN J 2017 11.87 -57.09 113.72
C GLN J 2017 11.74 -57.89 112.41
N ASP J 2018 10.61 -57.76 111.73
CA ASP J 2018 10.28 -58.52 110.49
C ASP J 2018 11.30 -58.21 109.38
N VAL J 2019 11.84 -56.98 109.33
CA VAL J 2019 12.80 -56.53 108.29
C VAL J 2019 14.15 -57.21 108.57
N TYR J 2020 14.64 -57.10 109.80
CA TYR J 2020 15.88 -57.74 110.31
C TYR J 2020 15.95 -59.22 109.90
N ASP J 2021 14.82 -59.92 109.94
CA ASP J 2021 14.74 -61.37 109.63
C ASP J 2021 14.97 -61.63 108.13
N LEU J 2022 14.91 -60.60 107.27
CA LEU J 2022 14.99 -60.73 105.79
C LEU J 2022 16.29 -60.11 105.25
N THR J 2023 17.07 -59.47 106.11
CA THR J 2023 18.06 -58.43 105.71
C THR J 2023 19.34 -58.61 106.54
N GLY J 2024 19.23 -58.68 107.86
CA GLY J 2024 20.37 -58.84 108.77
C GLY J 2024 21.17 -57.56 108.82
N SER J 2025 20.48 -56.43 109.03
CA SER J 2025 21.03 -55.06 109.07
C SER J 2025 21.34 -54.69 110.52
N GLU J 2026 22.51 -54.11 110.78
CA GLU J 2026 22.97 -53.72 112.14
C GLU J 2026 22.33 -52.40 112.58
N PRO J 2027 22.20 -51.36 111.70
CA PRO J 2027 21.46 -50.14 112.05
C PRO J 2027 19.98 -50.36 112.40
N ILE J 2028 19.38 -51.47 111.95
CA ILE J 2028 18.01 -51.90 112.37
C ILE J 2028 18.08 -52.62 113.72
N LYS J 2029 18.98 -53.60 113.85
CA LYS J 2029 19.06 -54.47 115.06
C LYS J 2029 19.38 -53.63 116.29
N GLU J 2030 20.13 -52.53 116.11
CA GLU J 2030 20.56 -51.64 117.22
C GLU J 2030 19.37 -50.78 117.68
N ILE J 2031 18.33 -50.60 116.85
CA ILE J 2031 17.05 -49.90 117.21
C ILE J 2031 16.16 -50.83 118.04
N ILE J 2032 15.94 -52.07 117.59
CA ILE J 2032 15.12 -53.11 118.30
C ILE J 2032 15.66 -53.28 119.73
N ASP J 2033 16.98 -53.32 119.88
CA ASP J 2033 17.68 -53.59 121.17
C ASP J 2033 17.31 -52.50 122.19
N ASN J 2034 17.26 -51.24 121.76
CA ASN J 2034 16.92 -50.08 122.64
C ASN J 2034 15.66 -49.38 122.08
N TRP J 2035 14.58 -50.16 121.88
CA TRP J 2035 13.26 -49.68 121.40
C TRP J 2035 12.58 -48.75 122.42
N GLU J 2036 13.18 -48.56 123.62
CA GLU J 2036 12.80 -47.48 124.58
C GLU J 2036 13.54 -46.18 124.20
N LYS J 2037 13.18 -45.68 123.01
CA LYS J 2037 13.14 -44.24 122.62
C LYS J 2037 11.66 -43.86 122.43
N TYR J 2038 10.81 -44.32 123.36
CA TYR J 2038 9.47 -43.77 123.73
C TYR J 2038 9.62 -42.64 124.75
N GLU J 2039 10.64 -42.75 125.61
CA GLU J 2039 11.20 -41.61 126.38
C GLU J 2039 12.19 -40.86 125.45
N GLN J 2040 11.62 -40.05 124.53
CA GLN J 2040 12.31 -39.18 123.52
C GLN J 2040 13.67 -39.77 123.13
N SER K 1 -99.59 -47.64 60.12
CA SER K 1 -98.13 -47.45 60.48
C SER K 1 -97.24 -47.77 59.25
N THR K 2 -96.67 -46.74 58.59
CA THR K 2 -95.93 -46.81 57.29
C THR K 2 -94.46 -46.37 57.47
N ARG K 3 -93.71 -46.17 56.36
CA ARG K 3 -92.27 -45.75 56.36
C ARG K 3 -91.77 -45.46 54.93
N PRO K 4 -91.13 -44.30 54.66
CA PRO K 4 -90.57 -43.98 53.32
C PRO K 4 -89.32 -44.76 52.85
N LEU K 5 -89.33 -45.17 51.57
CA LEU K 5 -88.17 -45.70 50.78
C LEU K 5 -88.11 -44.98 49.42
N THR K 6 -86.90 -44.63 48.95
CA THR K 6 -86.66 -43.82 47.71
C THR K 6 -85.83 -44.61 46.69
N LEU K 7 -86.51 -45.36 45.81
CA LEU K 7 -85.96 -45.86 44.51
C LEU K 7 -85.50 -44.65 43.70
N SER K 8 -84.20 -44.54 43.41
CA SER K 8 -83.61 -43.45 42.59
C SER K 8 -82.51 -43.99 41.67
N HIS K 9 -82.34 -43.32 40.52
CA HIS K 9 -81.25 -43.48 39.52
C HIS K 9 -80.86 -42.07 39.07
N GLY K 10 -79.61 -41.67 39.31
CA GLY K 10 -79.13 -40.29 39.08
C GLY K 10 -80.12 -39.27 39.60
N SER K 11 -80.62 -38.40 38.72
CA SER K 11 -81.35 -37.13 39.04
C SER K 11 -82.82 -37.36 39.42
N LEU K 12 -83.38 -38.55 39.22
CA LEU K 12 -84.85 -38.80 39.35
C LEU K 12 -85.11 -39.91 40.37
N GLU K 13 -86.27 -39.85 41.03
CA GLU K 13 -86.66 -40.79 42.11
C GLU K 13 -88.18 -41.02 42.11
N HIS K 14 -88.60 -42.17 42.64
CA HIS K 14 -89.95 -42.42 43.17
C HIS K 14 -89.82 -42.73 44.67
N VAL K 15 -90.59 -41.99 45.50
CA VAL K 15 -90.72 -42.19 46.97
C VAL K 15 -91.85 -43.19 47.19
N LEU K 16 -91.59 -44.23 47.99
CA LEU K 16 -92.40 -45.48 48.04
C LEU K 16 -92.78 -45.76 49.51
N LEU K 17 -94.08 -45.87 49.80
CA LEU K 17 -94.61 -45.96 51.20
C LEU K 17 -94.84 -47.43 51.59
N VAL K 18 -93.82 -48.05 52.19
CA VAL K 18 -93.80 -49.48 52.61
C VAL K 18 -94.35 -49.56 54.04
N PRO K 19 -95.41 -50.37 54.32
CA PRO K 19 -95.75 -50.74 55.69
C PRO K 19 -94.50 -51.30 56.40
N THR K 20 -94.16 -50.75 57.59
CA THR K 20 -92.92 -51.07 58.37
C THR K 20 -92.88 -52.57 58.70
N ALA K 21 -94.05 -53.21 58.83
CA ALA K 21 -94.27 -54.69 58.94
C ALA K 21 -93.33 -55.46 57.98
N SER K 22 -93.19 -55.00 56.73
CA SER K 22 -92.39 -55.64 55.65
C SER K 22 -91.43 -54.63 55.01
N PHE K 23 -90.55 -54.02 55.82
CA PHE K 23 -89.52 -53.06 55.35
C PHE K 23 -88.15 -53.74 55.17
N PHE K 24 -87.73 -54.63 56.09
CA PHE K 24 -86.38 -55.27 56.09
C PHE K 24 -86.20 -56.19 54.87
N ILE K 25 -87.33 -56.66 54.30
CA ILE K 25 -87.41 -57.28 52.95
C ILE K 25 -87.05 -56.20 51.90
N ALA K 26 -87.85 -55.14 51.80
CA ALA K 26 -87.92 -54.16 50.68
C ALA K 26 -86.58 -53.39 50.50
N SER K 27 -85.96 -52.96 51.61
CA SER K 27 -84.65 -52.23 51.66
C SER K 27 -83.50 -53.13 51.20
N GLN K 28 -83.66 -54.46 51.33
CA GLN K 28 -82.69 -55.50 50.87
C GLN K 28 -82.80 -55.65 49.33
N LEU K 29 -84.03 -55.61 48.78
CA LEU K 29 -84.31 -55.53 47.32
C LEU K 29 -83.79 -54.19 46.76
N GLN K 30 -84.02 -53.08 47.48
CA GLN K 30 -83.64 -51.72 47.02
C GLN K 30 -82.15 -51.69 46.70
N GLU K 31 -81.29 -52.15 47.61
CA GLU K 31 -79.80 -52.09 47.44
C GLU K 31 -79.37 -53.08 46.33
N GLN K 32 -79.97 -54.28 46.28
CA GLN K 32 -79.70 -55.34 45.25
C GLN K 32 -80.06 -54.83 43.84
N PHE K 33 -81.19 -54.10 43.74
CA PHE K 33 -81.67 -53.43 42.50
C PHE K 33 -80.74 -52.27 42.12
N ASN K 34 -80.34 -51.45 43.10
CA ASN K 34 -79.63 -50.15 42.89
C ASN K 34 -78.19 -50.37 42.44
N LYS K 35 -77.74 -51.63 42.31
CA LYS K 35 -76.36 -51.99 41.86
C LYS K 35 -76.39 -52.60 40.44
N ILE K 36 -77.47 -53.29 40.03
CA ILE K 36 -77.56 -53.93 38.68
C ILE K 36 -77.66 -52.84 37.60
N LEU K 37 -78.59 -51.89 37.77
CA LEU K 37 -78.87 -50.83 36.77
C LEU K 37 -77.68 -49.86 36.74
N PRO K 38 -77.28 -49.36 35.56
CA PRO K 38 -75.92 -48.81 35.36
C PRO K 38 -75.68 -47.39 35.90
N GLU K 39 -74.51 -46.83 35.58
CA GLU K 39 -74.05 -45.48 36.01
C GLU K 39 -74.86 -44.42 35.27
N PRO K 40 -75.64 -43.57 35.98
CA PRO K 40 -76.34 -42.45 35.35
C PRO K 40 -75.43 -41.64 34.42
N THR K 41 -75.89 -41.43 33.18
CA THR K 41 -75.27 -40.61 32.12
C THR K 41 -76.31 -39.60 31.63
N GLU K 42 -75.86 -38.38 31.28
CA GLU K 42 -76.75 -37.24 30.91
C GLU K 42 -77.73 -37.69 29.80
N GLY K 43 -78.98 -37.21 29.87
CA GLY K 43 -80.08 -37.57 28.96
C GLY K 43 -80.76 -38.89 29.33
N PHE K 44 -80.04 -39.78 30.03
CA PHE K 44 -80.43 -41.18 30.33
C PHE K 44 -80.63 -41.95 29.02
N ALA K 45 -79.72 -41.75 28.06
CA ALA K 45 -79.90 -42.17 26.65
C ALA K 45 -79.64 -43.67 26.48
N ALA K 46 -78.64 -44.26 27.17
CA ALA K 46 -78.29 -45.70 27.14
C ALA K 46 -79.55 -46.55 27.40
N ASP K 47 -79.70 -47.68 26.71
CA ASP K 47 -80.96 -48.45 26.55
C ASP K 47 -81.46 -49.02 27.89
N ASP K 48 -80.55 -49.42 28.80
CA ASP K 48 -80.86 -50.07 30.10
C ASP K 48 -81.42 -49.02 31.09
N GLU K 49 -80.72 -47.89 31.26
CA GLU K 49 -81.07 -46.84 32.26
C GLU K 49 -82.44 -46.24 31.93
N PRO K 50 -83.37 -46.14 32.91
CA PRO K 50 -84.69 -45.51 32.67
C PRO K 50 -84.63 -43.98 32.67
N THR K 51 -85.55 -43.34 31.92
CA THR K 51 -85.52 -41.90 31.53
C THR K 51 -86.52 -41.07 32.35
N THR K 52 -87.61 -41.67 32.84
CA THR K 52 -88.63 -40.99 33.68
C THR K 52 -88.80 -41.74 35.00
N PRO K 53 -89.41 -41.11 36.02
CA PRO K 53 -89.90 -41.80 37.21
C PRO K 53 -90.73 -43.07 36.90
N ALA K 54 -91.62 -43.00 35.91
CA ALA K 54 -92.55 -44.10 35.53
C ALA K 54 -91.75 -45.33 35.08
N GLU K 55 -90.64 -45.16 34.34
CA GLU K 55 -89.83 -46.29 33.82
C GLU K 55 -89.08 -46.95 34.97
N LEU K 56 -88.48 -46.13 35.85
CA LEU K 56 -87.70 -46.57 37.04
C LEU K 56 -88.53 -47.51 37.93
N VAL K 57 -89.80 -47.16 38.18
CA VAL K 57 -90.74 -47.99 39.00
C VAL K 57 -90.98 -49.32 38.25
N GLY K 58 -91.17 -49.25 36.93
CA GLY K 58 -91.36 -50.42 36.04
C GLY K 58 -90.17 -51.36 36.07
N LYS K 59 -88.95 -50.82 35.94
CA LYS K 59 -87.67 -51.59 36.02
C LYS K 59 -87.65 -52.39 37.33
N PHE K 60 -88.07 -51.76 38.44
CA PHE K 60 -88.20 -52.37 39.78
C PHE K 60 -89.22 -53.53 39.73
N LEU K 61 -90.48 -53.22 39.39
CA LEU K 61 -91.60 -54.21 39.28
C LEU K 61 -91.11 -55.49 38.58
N GLY K 62 -90.32 -55.35 37.51
CA GLY K 62 -89.69 -56.47 36.78
C GLY K 62 -88.73 -57.24 37.65
N TYR K 63 -87.77 -56.55 38.28
CA TYR K 63 -86.71 -57.15 39.14
C TYR K 63 -87.32 -57.89 40.34
N VAL K 64 -88.41 -57.36 40.91
CA VAL K 64 -89.16 -58.03 42.01
C VAL K 64 -89.91 -59.23 41.41
N SER K 65 -90.64 -59.04 40.31
CA SER K 65 -91.45 -60.09 39.61
C SER K 65 -90.59 -61.29 39.22
N SER K 66 -89.27 -61.10 39.09
CA SER K 66 -88.26 -62.14 38.72
C SER K 66 -87.81 -62.96 39.95
N LEU K 67 -88.37 -62.72 41.14
CA LEU K 67 -87.98 -63.39 42.42
C LEU K 67 -89.21 -64.06 43.09
N VAL K 68 -90.42 -63.81 42.59
CA VAL K 68 -91.69 -64.42 43.11
C VAL K 68 -91.85 -65.81 42.48
N GLU K 69 -92.63 -66.69 43.11
CA GLU K 69 -93.18 -67.95 42.52
C GLU K 69 -94.69 -67.79 42.28
N PRO K 70 -95.24 -68.26 41.13
CA PRO K 70 -96.67 -68.07 40.82
C PRO K 70 -97.64 -68.89 41.68
N SER K 71 -97.20 -70.01 42.28
CA SER K 71 -97.97 -70.83 43.27
C SER K 71 -97.56 -70.46 44.72
N LYS K 72 -96.30 -70.74 45.10
CA LYS K 72 -95.76 -70.61 46.49
C LYS K 72 -95.83 -69.15 46.98
N VAL K 73 -96.64 -68.87 48.02
CA VAL K 73 -96.73 -67.53 48.68
C VAL K 73 -95.39 -67.26 49.41
N GLY K 74 -94.47 -66.53 48.77
CA GLY K 74 -93.17 -66.12 49.35
C GLY K 74 -93.28 -64.86 50.19
N GLN K 75 -92.16 -64.15 50.35
CA GLN K 75 -92.01 -62.93 51.19
C GLN K 75 -92.35 -61.68 50.35
N PHE K 76 -92.15 -61.76 49.02
CA PHE K 76 -92.12 -60.60 48.09
C PHE K 76 -93.52 -60.27 47.54
N ASP K 77 -94.55 -61.03 47.93
CA ASP K 77 -95.91 -60.93 47.31
C ASP K 77 -96.53 -59.57 47.68
N GLN K 78 -96.52 -59.25 48.97
CA GLN K 78 -97.10 -57.99 49.55
C GLN K 78 -96.22 -56.78 49.20
N VAL K 79 -94.91 -56.97 48.99
CA VAL K 79 -93.93 -55.93 48.54
C VAL K 79 -94.33 -55.44 47.15
N LEU K 80 -94.46 -56.41 46.22
CA LEU K 80 -94.85 -56.23 44.79
C LEU K 80 -96.25 -55.61 44.73
N ASN K 81 -97.22 -56.11 45.53
CA ASN K 81 -98.63 -55.64 45.53
C ASN K 81 -98.74 -54.16 45.94
N LEU K 82 -97.71 -53.58 46.59
CA LEU K 82 -97.66 -52.15 47.04
C LEU K 82 -96.59 -51.35 46.26
N CYS K 83 -95.96 -51.94 45.24
CA CYS K 83 -95.31 -51.23 44.11
C CYS K 83 -96.34 -50.99 43.00
N LEU K 84 -97.09 -52.04 42.63
CA LEU K 84 -98.20 -51.99 41.65
C LEU K 84 -99.17 -50.87 42.01
N THR K 85 -99.78 -50.94 43.20
CA THR K 85 -100.89 -50.03 43.62
C THR K 85 -100.39 -48.57 43.64
N GLU K 86 -99.08 -48.35 43.86
CA GLU K 86 -98.44 -47.01 43.70
C GLU K 86 -98.39 -46.62 42.22
N PHE K 87 -97.74 -47.45 41.39
CA PHE K 87 -97.55 -47.29 39.92
C PHE K 87 -98.90 -47.05 39.22
N GLU K 88 -99.95 -47.78 39.60
CA GLU K 88 -101.30 -47.68 39.00
C GLU K 88 -102.00 -46.35 39.37
N ASN K 89 -101.66 -45.75 40.53
CA ASN K 89 -102.38 -44.56 41.07
C ASN K 89 -101.60 -43.27 40.74
N CYS K 90 -100.28 -43.34 40.64
CA CYS K 90 -99.43 -42.21 40.18
C CYS K 90 -99.60 -42.03 38.66
N TYR K 91 -99.20 -43.04 37.88
CA TYR K 91 -98.77 -42.90 36.46
C TYR K 91 -99.76 -43.49 35.45
N LEU K 92 -100.77 -44.26 35.87
CA LEU K 92 -101.79 -44.81 34.93
C LEU K 92 -103.11 -44.04 35.01
N GLU K 93 -103.36 -43.28 36.07
CA GLU K 93 -104.62 -42.50 36.30
C GLU K 93 -105.81 -43.23 35.66
N GLY K 94 -105.96 -44.53 35.95
CA GLY K 94 -107.05 -45.40 35.47
C GLY K 94 -107.18 -45.39 33.95
N ASN K 95 -106.04 -45.37 33.25
CA ASN K 95 -105.92 -45.61 31.78
C ASN K 95 -105.35 -47.04 31.60
N ASP K 96 -104.95 -47.42 30.38
CA ASP K 96 -104.17 -48.68 30.16
C ASP K 96 -102.67 -48.34 30.09
N ILE K 97 -101.83 -49.35 30.35
CA ILE K 97 -100.34 -49.24 30.32
C ILE K 97 -99.91 -48.72 28.93
N HIS K 98 -100.59 -49.16 27.87
CA HIS K 98 -100.26 -48.80 26.47
C HIS K 98 -100.45 -47.28 26.28
N ALA K 99 -101.55 -46.73 26.79
CA ALA K 99 -101.86 -45.29 26.75
C ALA K 99 -100.73 -44.49 27.45
N LEU K 100 -100.11 -45.06 28.48
CA LEU K 100 -98.95 -44.43 29.18
C LEU K 100 -97.71 -44.52 28.28
N ALA K 101 -97.39 -45.71 27.76
CA ALA K 101 -96.20 -45.99 26.92
C ALA K 101 -96.15 -44.99 25.74
N ALA K 102 -97.30 -44.72 25.12
CA ALA K 102 -97.51 -43.67 24.10
C ALA K 102 -97.05 -42.31 24.64
N LYS K 103 -97.64 -41.83 25.74
CA LYS K 103 -97.36 -40.47 26.29
C LYS K 103 -95.86 -40.27 26.41
N LEU K 104 -95.17 -41.17 27.09
CA LEU K 104 -93.71 -41.08 27.35
C LEU K 104 -92.95 -40.93 26.02
N LEU K 105 -93.43 -41.59 24.96
CA LEU K 105 -92.73 -41.71 23.65
C LEU K 105 -92.79 -40.39 22.87
N GLN K 106 -93.86 -39.59 23.00
CA GLN K 106 -94.03 -38.30 22.26
C GLN K 106 -93.72 -37.09 23.16
N GLU K 107 -93.78 -37.20 24.50
CA GLU K 107 -93.31 -36.17 25.46
C GLU K 107 -91.79 -36.31 25.67
N ASN K 108 -91.39 -37.36 26.40
CA ASN K 108 -90.02 -37.54 26.93
C ASN K 108 -89.14 -38.14 25.83
N ASP K 109 -87.82 -38.21 26.07
CA ASP K 109 -86.82 -38.78 25.12
C ASP K 109 -86.56 -40.26 25.48
N THR K 110 -87.65 -41.04 25.58
CA THR K 110 -87.62 -42.52 25.61
C THR K 110 -87.47 -43.01 24.16
N THR K 111 -87.26 -44.32 23.99
CA THR K 111 -87.24 -45.01 22.67
C THR K 111 -88.34 -46.07 22.68
N LEU K 112 -88.34 -46.97 21.69
CA LEU K 112 -89.32 -48.09 21.59
C LEU K 112 -88.88 -49.23 22.51
N VAL K 113 -87.61 -49.67 22.40
CA VAL K 113 -87.01 -50.75 23.26
C VAL K 113 -87.25 -50.40 24.72
N LYS K 114 -87.11 -49.12 25.06
CA LYS K 114 -87.28 -48.56 26.43
C LYS K 114 -88.72 -48.73 26.93
N THR K 115 -89.70 -48.56 26.04
CA THR K 115 -91.14 -48.53 26.38
C THR K 115 -91.75 -49.94 26.21
N LYS K 116 -91.12 -50.82 25.42
CA LYS K 116 -91.55 -52.24 25.26
C LYS K 116 -91.35 -52.97 26.59
N GLU K 117 -90.23 -52.72 27.28
CA GLU K 117 -89.86 -53.41 28.54
C GLU K 117 -90.80 -52.96 29.66
N LEU K 118 -91.18 -51.68 29.70
CA LEU K 118 -92.14 -51.12 30.69
C LEU K 118 -93.47 -51.88 30.60
N ILE K 119 -93.90 -52.25 29.40
CA ILE K 119 -95.16 -53.00 29.16
C ILE K 119 -94.96 -54.45 29.60
N LYS K 120 -93.77 -55.02 29.36
CA LYS K 120 -93.39 -56.40 29.79
C LYS K 120 -93.47 -56.42 31.31
N ASN K 121 -92.72 -55.53 31.96
CA ASN K 121 -92.58 -55.47 33.44
C ASN K 121 -93.98 -55.41 34.05
N TYR K 122 -94.76 -54.37 33.74
CA TYR K 122 -96.09 -54.13 34.35
C TYR K 122 -97.00 -55.35 34.19
N ILE K 123 -97.03 -55.96 33.01
CA ILE K 123 -98.01 -57.05 32.68
C ILE K 123 -97.52 -58.36 33.30
N THR K 124 -96.20 -58.57 33.38
CA THR K 124 -95.58 -59.68 34.16
C THR K 124 -96.03 -59.54 35.62
N ALA K 125 -95.73 -58.39 36.24
CA ALA K 125 -96.04 -58.06 37.64
C ALA K 125 -97.52 -58.35 37.95
N ARG K 126 -98.44 -57.81 37.15
CA ARG K 126 -99.91 -57.97 37.32
C ARG K 126 -100.30 -59.45 37.47
N ILE K 127 -99.56 -60.36 36.84
CA ILE K 127 -99.87 -61.83 36.82
C ILE K 127 -99.07 -62.56 37.91
N MET K 128 -97.81 -62.17 38.15
CA MET K 128 -96.96 -62.81 39.22
C MET K 128 -97.53 -62.50 40.61
N ALA K 129 -98.25 -61.38 40.77
CA ALA K 129 -98.92 -60.97 42.02
C ALA K 129 -100.44 -61.15 41.89
N LYS K 130 -100.88 -62.33 41.41
CA LYS K 130 -102.30 -62.78 41.28
C LYS K 130 -103.26 -61.58 41.26
N ARG K 131 -103.19 -60.76 40.20
CA ARG K 131 -104.18 -59.68 39.88
C ARG K 131 -104.55 -59.79 38.40
N PRO K 132 -105.26 -60.88 37.99
CA PRO K 132 -105.58 -61.10 36.59
C PRO K 132 -106.56 -60.04 36.07
N PHE K 133 -106.35 -59.59 34.82
CA PHE K 133 -107.24 -58.65 34.09
C PHE K 133 -108.63 -59.29 33.99
N ASP K 134 -109.60 -58.80 34.78
CA ASP K 134 -111.00 -59.31 34.78
C ASP K 134 -112.02 -58.18 34.56
N LYS K 135 -111.69 -56.92 34.88
CA LYS K 135 -112.58 -55.74 34.66
C LYS K 135 -112.78 -55.50 33.16
N LYS K 136 -114.04 -55.42 32.71
CA LYS K 136 -114.43 -54.92 31.35
C LYS K 136 -113.97 -53.47 31.24
N SER K 137 -112.75 -53.24 30.75
CA SER K 137 -112.08 -51.91 30.65
C SER K 137 -112.99 -50.89 29.94
N ASN K 138 -112.89 -49.62 30.32
CA ASN K 138 -113.62 -48.49 29.68
C ASN K 138 -112.81 -47.98 28.48
N SER K 139 -112.61 -48.84 27.47
CA SER K 139 -111.98 -48.48 26.17
C SER K 139 -112.96 -47.59 25.40
N ALA K 140 -112.54 -46.37 25.06
CA ALA K 140 -113.38 -45.37 24.37
C ALA K 140 -114.00 -46.00 23.13
N LEU K 141 -113.18 -46.72 22.36
CA LEU K 141 -113.55 -47.40 21.10
C LEU K 141 -114.73 -48.36 21.32
N PHE K 142 -114.74 -49.12 22.42
CA PHE K 142 -115.76 -50.18 22.66
C PHE K 142 -116.98 -49.61 23.40
N ARG K 143 -116.82 -48.56 24.20
CA ARG K 143 -117.98 -47.75 24.66
C ARG K 143 -118.72 -47.22 23.42
N ALA K 144 -117.96 -46.81 22.40
CA ALA K 144 -118.48 -46.23 21.14
C ALA K 144 -119.17 -47.28 20.25
N VAL K 145 -118.82 -48.57 20.36
CA VAL K 145 -119.44 -49.64 19.53
C VAL K 145 -120.74 -50.11 20.19
N GLY K 146 -120.79 -50.13 21.52
CA GLY K 146 -122.02 -50.41 22.29
C GLY K 146 -123.09 -49.37 22.01
N GLU K 147 -122.72 -48.09 22.11
CA GLU K 147 -123.60 -46.92 21.80
C GLU K 147 -124.12 -47.00 20.36
N GLY K 148 -123.32 -47.58 19.44
CA GLY K 148 -123.66 -47.75 18.02
C GLY K 148 -123.13 -46.62 17.15
N ASN K 149 -122.08 -45.92 17.58
CA ASN K 149 -121.34 -44.93 16.76
C ASN K 149 -120.43 -45.71 15.80
N ALA K 150 -119.44 -46.41 16.34
CA ALA K 150 -118.35 -47.12 15.62
C ALA K 150 -118.79 -48.53 15.23
N GLN K 151 -118.58 -48.91 13.97
CA GLN K 151 -118.57 -50.32 13.48
C GLN K 151 -117.09 -50.72 13.38
N LEU K 152 -116.75 -51.93 13.83
CA LEU K 152 -115.37 -52.49 13.76
C LEU K 152 -115.37 -53.69 12.82
N VAL K 153 -114.27 -53.86 12.10
CA VAL K 153 -113.96 -55.10 11.34
C VAL K 153 -112.54 -55.50 11.67
N ALA K 154 -112.33 -56.80 11.87
CA ALA K 154 -111.00 -57.42 12.09
C ALA K 154 -110.48 -57.87 10.73
N ILE K 155 -109.20 -57.69 10.47
CA ILE K 155 -108.52 -58.27 9.27
C ILE K 155 -107.21 -58.93 9.73
N PHE K 156 -106.87 -60.02 9.07
CA PHE K 156 -105.62 -60.77 9.33
C PHE K 156 -104.80 -60.77 8.04
N GLY K 157 -103.49 -60.59 8.18
CA GLY K 157 -102.52 -60.59 7.07
C GLY K 157 -102.14 -62.00 6.62
N GLY K 158 -101.00 -62.10 5.93
CA GLY K 158 -100.47 -63.35 5.36
C GLY K 158 -98.97 -63.29 5.16
N GLN K 159 -98.45 -64.17 4.30
CA GLN K 159 -97.01 -64.15 3.94
C GLN K 159 -96.75 -62.91 3.07
N GLY K 160 -95.53 -62.38 3.10
CA GLY K 160 -95.04 -61.33 2.17
C GLY K 160 -94.80 -59.99 2.85
N ASN K 161 -95.34 -59.81 4.06
CA ASN K 161 -95.41 -58.51 4.75
C ASN K 161 -94.06 -58.21 5.42
N THR K 162 -93.17 -59.20 5.55
CA THR K 162 -91.84 -59.04 6.21
C THR K 162 -90.86 -60.15 5.80
N ASP K 163 -89.57 -59.80 5.80
CA ASP K 163 -88.42 -60.74 5.59
C ASP K 163 -88.44 -61.78 6.72
N ASP K 164 -88.37 -61.33 7.99
CA ASP K 164 -88.47 -62.22 9.19
C ASP K 164 -89.71 -61.87 10.02
N TYR K 165 -90.80 -62.62 9.78
CA TYR K 165 -92.02 -62.65 10.62
C TYR K 165 -91.67 -63.12 12.03
N PHE K 166 -90.73 -64.07 12.15
CA PHE K 166 -90.41 -64.78 13.42
C PHE K 166 -89.87 -63.81 14.49
N GLU K 167 -89.28 -62.67 14.12
CA GLU K 167 -88.92 -61.60 15.09
C GLU K 167 -90.19 -61.00 15.72
N GLU K 168 -91.34 -61.07 15.03
CA GLU K 168 -92.63 -60.58 15.57
C GLU K 168 -93.12 -61.55 16.65
N LEU K 169 -92.85 -62.85 16.51
CA LEU K 169 -93.31 -63.91 17.45
C LEU K 169 -92.42 -63.86 18.69
N ARG K 170 -91.13 -63.66 18.47
CA ARG K 170 -90.09 -63.50 19.53
C ARG K 170 -90.40 -62.24 20.36
N ASP K 171 -90.64 -61.10 19.73
CA ASP K 171 -90.88 -59.81 20.44
C ASP K 171 -92.23 -59.87 21.18
N LEU K 172 -93.20 -60.57 20.59
CA LEU K 172 -94.55 -60.74 21.19
C LEU K 172 -94.44 -61.62 22.43
N TYR K 173 -93.69 -62.72 22.34
CA TYR K 173 -93.47 -63.71 23.45
C TYR K 173 -92.58 -63.10 24.54
N GLN K 174 -91.57 -62.32 24.18
CA GLN K 174 -90.67 -61.64 25.16
C GLN K 174 -91.51 -60.72 26.05
N THR K 175 -92.52 -60.03 25.50
CA THR K 175 -93.25 -58.91 26.16
C THR K 175 -94.54 -59.43 26.83
N TYR K 176 -95.32 -60.29 26.18
CA TYR K 176 -96.60 -60.84 26.70
C TYR K 176 -96.46 -62.36 26.96
N HIS K 177 -95.23 -62.79 27.30
CA HIS K 177 -94.88 -64.11 27.90
C HIS K 177 -96.03 -64.69 28.74
N VAL K 178 -96.52 -63.88 29.67
CA VAL K 178 -97.43 -64.29 30.80
C VAL K 178 -98.89 -64.34 30.34
N LEU K 179 -99.19 -63.97 29.09
CA LEU K 179 -100.55 -64.02 28.51
C LEU K 179 -100.65 -65.06 27.38
N VAL K 180 -99.54 -65.30 26.69
CA VAL K 180 -99.52 -66.07 25.41
C VAL K 180 -98.81 -67.42 25.61
N GLY K 181 -97.83 -67.48 26.54
CA GLY K 181 -97.18 -68.72 27.03
C GLY K 181 -98.05 -69.97 26.91
N ASP K 182 -99.35 -69.90 27.28
CA ASP K 182 -100.26 -71.07 27.24
C ASP K 182 -100.68 -71.39 25.79
N LEU K 183 -100.99 -70.38 24.95
CA LEU K 183 -101.36 -70.56 23.51
C LEU K 183 -100.17 -71.07 22.71
N ILE K 184 -98.99 -70.46 22.89
CA ILE K 184 -97.73 -70.92 22.25
C ILE K 184 -97.59 -72.40 22.56
N LYS K 185 -97.53 -72.73 23.86
CA LYS K 185 -97.33 -74.11 24.35
C LYS K 185 -98.32 -75.05 23.66
N PHE K 186 -99.58 -74.64 23.52
CA PHE K 186 -100.67 -75.49 22.96
C PHE K 186 -100.38 -75.79 21.48
N SER K 187 -99.99 -74.77 20.71
CA SER K 187 -99.63 -74.86 19.28
C SER K 187 -98.43 -75.81 19.09
N ALA K 188 -97.36 -75.63 19.87
CA ALA K 188 -96.13 -76.46 19.85
C ALA K 188 -96.47 -77.94 20.03
N GLU K 189 -97.39 -78.25 20.96
CA GLU K 189 -97.88 -79.63 21.23
C GLU K 189 -98.69 -80.12 20.03
N THR K 190 -99.61 -79.27 19.54
CA THR K 190 -100.63 -79.60 18.50
C THR K 190 -99.99 -79.77 17.12
N LEU K 191 -98.85 -79.13 16.87
CA LEU K 191 -98.08 -79.25 15.60
C LEU K 191 -97.17 -80.49 15.69
N SER K 192 -96.38 -80.58 16.77
CA SER K 192 -95.49 -81.73 17.13
C SER K 192 -96.28 -83.04 17.00
N GLU K 193 -97.49 -83.10 17.57
CA GLU K 193 -98.36 -84.32 17.48
C GLU K 193 -98.74 -84.55 16.01
N LEU K 194 -99.02 -83.46 15.27
CA LEU K 194 -99.57 -83.46 13.88
C LEU K 194 -98.48 -83.90 12.88
N ILE K 195 -97.21 -83.79 13.27
CA ILE K 195 -96.05 -84.32 12.49
C ILE K 195 -96.03 -85.86 12.59
N ARG K 196 -96.24 -86.40 13.79
CA ARG K 196 -96.25 -87.87 14.03
C ARG K 196 -97.44 -88.53 13.30
N THR K 197 -98.63 -87.93 13.38
CA THR K 197 -99.89 -88.47 12.80
C THR K 197 -99.84 -88.45 11.27
N THR K 198 -99.22 -87.43 10.67
CA THR K 198 -99.06 -87.29 9.19
C THR K 198 -98.03 -88.33 8.73
N LEU K 199 -98.31 -89.01 7.61
CA LEU K 199 -97.53 -90.19 7.12
C LEU K 199 -96.03 -89.86 7.06
N ASP K 200 -95.61 -88.86 6.28
CA ASP K 200 -94.18 -88.54 6.05
C ASP K 200 -93.90 -87.05 6.30
N ALA K 201 -94.47 -86.47 7.36
CA ALA K 201 -94.17 -85.07 7.75
C ALA K 201 -92.70 -84.96 8.14
N GLU K 202 -92.20 -85.88 8.99
CA GLU K 202 -90.87 -85.76 9.64
C GLU K 202 -89.75 -85.53 8.59
N LYS K 203 -89.98 -85.92 7.33
CA LYS K 203 -89.01 -85.75 6.21
C LYS K 203 -89.04 -84.32 5.66
N VAL K 204 -90.17 -83.61 5.79
CA VAL K 204 -90.33 -82.16 5.50
C VAL K 204 -89.79 -81.35 6.68
N PHE K 205 -90.27 -81.63 7.89
CA PHE K 205 -89.96 -80.87 9.13
C PHE K 205 -88.70 -81.45 9.78
N THR K 206 -87.58 -81.35 9.08
CA THR K 206 -86.29 -81.95 9.49
C THR K 206 -85.97 -81.51 10.92
N GLN K 207 -86.00 -80.20 11.19
CA GLN K 207 -85.61 -79.60 12.49
C GLN K 207 -86.84 -79.39 13.39
N GLY K 208 -87.96 -80.11 13.14
CA GLY K 208 -89.16 -80.19 13.99
C GLY K 208 -89.97 -78.90 14.03
N LEU K 209 -90.79 -78.71 15.06
CA LEU K 209 -91.70 -77.54 15.26
C LEU K 209 -91.79 -77.12 16.74
N ASN K 210 -90.79 -77.44 17.57
CA ASN K 210 -90.81 -77.13 19.03
C ASN K 210 -90.50 -75.64 19.18
N ILE K 211 -91.53 -74.80 19.05
CA ILE K 211 -91.40 -73.32 19.01
C ILE K 211 -91.19 -72.76 20.42
N LEU K 212 -91.56 -73.52 21.46
CA LEU K 212 -91.17 -73.25 22.87
C LEU K 212 -89.65 -73.13 22.95
N GLU K 213 -88.93 -74.15 22.45
CA GLU K 213 -87.45 -74.24 22.56
C GLU K 213 -86.81 -73.03 21.88
N TRP K 214 -87.36 -72.64 20.71
CA TRP K 214 -86.76 -71.61 19.82
C TRP K 214 -86.88 -70.23 20.45
N LEU K 215 -87.91 -70.01 21.26
CA LEU K 215 -88.23 -68.71 21.90
C LEU K 215 -87.52 -68.66 23.26
N GLU K 216 -87.57 -69.77 24.00
CA GLU K 216 -86.90 -69.93 25.32
C GLU K 216 -85.37 -69.81 25.12
N ASN K 217 -84.81 -70.60 24.20
CA ASN K 217 -83.35 -70.65 23.90
C ASN K 217 -83.10 -70.20 22.46
N PRO K 218 -82.84 -68.89 22.23
CA PRO K 218 -82.68 -68.36 20.87
C PRO K 218 -81.65 -69.04 19.94
N SER K 219 -80.68 -69.76 20.51
CA SER K 219 -79.48 -70.29 19.81
C SER K 219 -79.76 -71.68 19.21
N ASN K 220 -80.63 -72.48 19.85
CA ASN K 220 -81.12 -73.80 19.32
C ASN K 220 -82.19 -73.57 18.25
N THR K 221 -82.64 -72.31 18.02
CA THR K 221 -83.54 -71.90 16.92
C THR K 221 -82.93 -72.32 15.58
N PRO K 222 -83.71 -72.83 14.61
CA PRO K 222 -83.18 -73.07 13.26
C PRO K 222 -82.83 -71.74 12.56
N ASP K 223 -82.34 -71.84 11.32
CA ASP K 223 -81.86 -70.69 10.50
C ASP K 223 -83.03 -70.02 9.78
N LYS K 224 -82.87 -68.73 9.44
CA LYS K 224 -83.95 -67.86 8.85
C LYS K 224 -84.38 -68.38 7.46
N ASP K 225 -83.76 -69.45 6.95
CA ASP K 225 -83.99 -69.97 5.57
C ASP K 225 -84.94 -71.17 5.64
N TYR K 226 -84.87 -71.96 6.72
CA TYR K 226 -85.85 -73.01 7.10
C TYR K 226 -87.18 -72.36 7.51
N LEU K 227 -87.12 -71.34 8.39
CA LEU K 227 -88.30 -70.68 9.03
C LEU K 227 -89.18 -70.01 7.98
N LEU K 228 -88.60 -69.51 6.90
CA LEU K 228 -89.38 -68.81 5.85
C LEU K 228 -90.14 -69.80 4.97
N SER K 229 -89.66 -71.05 4.86
CA SER K 229 -90.34 -72.16 4.12
C SER K 229 -91.81 -72.22 4.53
N ILE K 230 -92.72 -72.45 3.58
CA ILE K 230 -94.18 -72.37 3.84
C ILE K 230 -94.67 -73.46 4.78
N PRO K 231 -94.04 -74.65 4.89
CA PRO K 231 -94.53 -75.68 5.82
C PRO K 231 -94.51 -75.21 7.27
N ILE K 232 -93.53 -74.37 7.59
CA ILE K 232 -93.25 -73.94 8.97
C ILE K 232 -93.62 -72.47 9.19
N SER K 233 -93.90 -71.71 8.11
CA SER K 233 -94.21 -70.26 8.16
C SER K 233 -95.74 -70.04 8.12
N CYS K 234 -96.46 -70.82 7.32
CA CYS K 234 -97.95 -70.82 7.32
C CYS K 234 -98.47 -70.97 8.75
N PRO K 235 -98.25 -72.10 9.46
CA PRO K 235 -98.88 -72.31 10.76
C PRO K 235 -98.41 -71.27 11.80
N LEU K 236 -97.15 -70.87 11.75
CA LEU K 236 -96.56 -69.92 12.73
C LEU K 236 -97.09 -68.51 12.52
N ILE K 237 -97.55 -68.16 11.31
CA ILE K 237 -98.15 -66.82 11.03
C ILE K 237 -99.59 -66.83 11.55
N GLY K 238 -100.26 -67.98 11.49
CA GLY K 238 -101.50 -68.28 12.25
C GLY K 238 -101.34 -67.97 13.74
N VAL K 239 -100.27 -68.48 14.35
CA VAL K 239 -99.97 -68.34 15.80
C VAL K 239 -99.87 -66.84 16.15
N ILE K 240 -99.11 -66.06 15.38
CA ILE K 240 -98.81 -64.62 15.67
C ILE K 240 -100.10 -63.79 15.62
N GLN K 241 -101.03 -64.14 14.73
CA GLN K 241 -102.37 -63.49 14.63
C GLN K 241 -103.18 -63.84 15.89
N LEU K 242 -103.52 -65.13 16.07
CA LEU K 242 -104.26 -65.62 17.27
C LEU K 242 -103.66 -65.02 18.55
N ALA K 243 -102.34 -64.94 18.63
CA ALA K 243 -101.58 -64.36 19.76
C ALA K 243 -101.96 -62.90 19.97
N HIS K 244 -102.02 -62.10 18.89
CA HIS K 244 -102.38 -60.65 18.97
C HIS K 244 -103.85 -60.52 19.41
N TYR K 245 -104.73 -61.41 18.93
CA TYR K 245 -106.17 -61.44 19.27
C TYR K 245 -106.33 -61.83 20.75
N VAL K 246 -105.39 -62.62 21.29
CA VAL K 246 -105.33 -62.94 22.75
C VAL K 246 -104.92 -61.68 23.51
N VAL K 247 -103.66 -61.23 23.43
CA VAL K 247 -103.17 -60.05 24.21
C VAL K 247 -104.15 -58.88 24.04
N THR K 248 -104.92 -58.81 22.95
CA THR K 248 -106.01 -57.81 22.79
C THR K 248 -107.11 -58.16 23.80
N ALA K 249 -107.72 -59.35 23.68
CA ALA K 249 -108.88 -59.77 24.50
C ALA K 249 -108.56 -59.68 25.99
N LYS K 250 -107.40 -60.18 26.41
CA LYS K 250 -107.01 -60.25 27.85
C LYS K 250 -106.89 -58.83 28.43
N LEU K 251 -106.13 -57.94 27.81
CA LEU K 251 -105.92 -56.56 28.33
C LEU K 251 -107.22 -55.74 28.35
N LEU K 252 -108.24 -56.13 27.58
CA LEU K 252 -109.60 -55.52 27.65
C LEU K 252 -110.49 -56.25 28.67
N GLY K 253 -109.98 -57.29 29.33
CA GLY K 253 -110.75 -58.14 30.26
C GLY K 253 -111.95 -58.81 29.60
N PHE K 254 -111.80 -59.19 28.32
CA PHE K 254 -112.84 -59.90 27.54
C PHE K 254 -112.49 -61.38 27.43
N THR K 255 -113.53 -62.21 27.28
CA THR K 255 -113.46 -63.58 26.72
C THR K 255 -113.56 -63.43 25.20
N PRO K 256 -112.90 -64.28 24.38
CA PRO K 256 -112.90 -64.14 22.93
C PRO K 256 -114.28 -63.97 22.26
N GLY K 257 -115.33 -64.59 22.79
CA GLY K 257 -116.72 -64.44 22.30
C GLY K 257 -117.21 -62.99 22.37
N GLU K 258 -116.86 -62.28 23.44
CA GLU K 258 -117.29 -60.87 23.70
C GLU K 258 -116.60 -59.90 22.74
N LEU K 259 -115.33 -60.14 22.42
CA LEU K 259 -114.53 -59.34 21.44
C LEU K 259 -115.14 -59.52 20.04
N ARG K 260 -115.53 -60.74 19.65
CA ARG K 260 -116.13 -60.99 18.31
C ARG K 260 -117.58 -60.48 18.28
N SER K 261 -118.23 -60.25 19.41
CA SER K 261 -119.61 -59.68 19.44
C SER K 261 -119.58 -58.22 18.96
N TYR K 262 -118.51 -57.49 19.29
CA TYR K 262 -118.30 -56.04 18.94
C TYR K 262 -117.86 -55.90 17.48
N LEU K 263 -117.08 -56.84 16.97
CA LEU K 263 -116.77 -56.98 15.52
C LEU K 263 -118.09 -57.07 14.73
N LYS K 264 -118.21 -56.29 13.67
CA LYS K 264 -119.38 -56.25 12.76
C LYS K 264 -119.20 -57.32 11.69
N GLY K 265 -117.93 -57.57 11.32
CA GLY K 265 -117.48 -58.74 10.54
C GLY K 265 -115.99 -58.98 10.74
N ALA K 266 -115.42 -59.96 10.04
CA ALA K 266 -113.95 -60.11 9.94
C ALA K 266 -113.59 -60.66 8.57
N THR K 267 -112.33 -60.51 8.18
CA THR K 267 -111.77 -61.09 6.93
C THR K 267 -110.24 -61.16 7.00
N GLY K 268 -109.66 -61.67 5.92
CA GLY K 268 -108.22 -61.97 5.86
C GLY K 268 -107.74 -61.95 4.44
N HIS K 269 -106.50 -61.54 4.28
CA HIS K 269 -105.76 -61.48 3.01
C HIS K 269 -105.00 -62.77 2.82
N SER K 270 -105.24 -63.48 1.71
CA SER K 270 -104.58 -64.77 1.43
C SER K 270 -104.90 -65.70 2.60
N GLN K 271 -103.90 -66.15 3.36
CA GLN K 271 -104.02 -67.25 4.38
C GLN K 271 -104.60 -66.76 5.71
N GLY K 272 -104.84 -65.45 5.86
CA GLY K 272 -105.48 -64.85 7.05
C GLY K 272 -106.96 -65.16 7.13
N LEU K 273 -107.59 -65.56 6.01
CA LEU K 273 -109.01 -66.02 5.96
C LEU K 273 -109.24 -67.25 6.88
N VAL K 274 -108.18 -67.96 7.25
CA VAL K 274 -108.22 -69.14 8.17
C VAL K 274 -108.28 -68.67 9.63
N THR K 275 -107.46 -67.70 10.04
CA THR K 275 -107.48 -67.16 11.42
C THR K 275 -108.58 -66.12 11.56
N ALA K 276 -109.32 -65.81 10.48
CA ALA K 276 -110.53 -64.98 10.52
C ALA K 276 -111.71 -65.85 10.88
N VAL K 277 -111.90 -66.95 10.14
CA VAL K 277 -113.07 -67.85 10.29
C VAL K 277 -113.03 -68.52 11.67
N ALA K 278 -111.84 -68.76 12.23
CA ALA K 278 -111.63 -69.36 13.57
C ALA K 278 -112.12 -68.42 14.68
N ILE K 279 -111.77 -67.14 14.58
CA ILE K 279 -112.23 -66.02 15.46
C ILE K 279 -113.76 -65.84 15.40
N ALA K 280 -114.42 -66.16 14.29
CA ALA K 280 -115.89 -66.05 14.16
C ALA K 280 -116.60 -67.19 14.89
N GLU K 281 -115.87 -68.24 15.33
CA GLU K 281 -116.43 -69.40 16.05
C GLU K 281 -116.35 -69.20 17.57
N THR K 282 -115.29 -68.53 18.03
CA THR K 282 -114.84 -68.56 19.45
C THR K 282 -115.94 -67.97 20.36
N ASP K 283 -115.87 -68.29 21.66
CA ASP K 283 -117.02 -68.17 22.61
C ASP K 283 -116.49 -67.92 24.04
N SER K 284 -115.76 -68.87 24.61
CA SER K 284 -115.18 -68.82 25.98
C SER K 284 -113.74 -69.38 25.95
N TRP K 285 -112.88 -68.99 26.92
CA TRP K 285 -111.44 -69.38 26.99
C TRP K 285 -111.22 -70.89 26.84
N GLU K 286 -112.18 -71.71 27.27
CA GLU K 286 -112.09 -73.19 27.26
C GLU K 286 -112.28 -73.68 25.82
N SER K 287 -113.40 -73.27 25.18
CA SER K 287 -113.76 -73.59 23.78
C SER K 287 -113.06 -72.64 22.79
N PHE K 288 -111.93 -72.03 23.19
CA PHE K 288 -111.07 -71.17 22.33
C PHE K 288 -109.98 -72.03 21.70
N PHE K 289 -109.35 -72.87 22.51
CA PHE K 289 -108.26 -73.77 22.08
C PHE K 289 -108.80 -74.81 21.07
N VAL K 290 -110.11 -75.04 21.00
CA VAL K 290 -110.70 -75.97 19.98
C VAL K 290 -110.78 -75.24 18.62
N SER K 291 -110.99 -73.91 18.63
CA SER K 291 -110.97 -73.06 17.41
C SER K 291 -109.52 -72.99 16.90
N VAL K 292 -108.60 -72.51 17.75
CA VAL K 292 -107.13 -72.43 17.50
C VAL K 292 -106.61 -73.74 16.87
N ARG K 293 -106.94 -74.89 17.47
CA ARG K 293 -106.50 -76.24 17.00
C ARG K 293 -106.95 -76.41 15.55
N LYS K 294 -108.19 -75.99 15.25
CA LYS K 294 -108.83 -76.11 13.92
C LYS K 294 -108.09 -75.21 12.92
N ALA K 295 -107.77 -73.98 13.31
CA ALA K 295 -107.04 -72.98 12.49
C ALA K 295 -105.69 -73.53 12.08
N ILE K 296 -104.86 -73.83 13.07
CA ILE K 296 -103.47 -74.36 12.93
C ILE K 296 -103.44 -75.61 12.05
N THR K 297 -104.34 -76.57 12.25
CA THR K 297 -104.33 -77.84 11.47
C THR K 297 -104.63 -77.51 9.99
N VAL K 298 -105.63 -76.66 9.68
CA VAL K 298 -105.94 -76.24 8.27
C VAL K 298 -104.70 -75.54 7.68
N LEU K 299 -104.02 -74.73 8.47
CA LEU K 299 -102.88 -73.88 8.06
C LEU K 299 -101.61 -74.74 7.91
N PHE K 300 -101.60 -75.93 8.52
CA PHE K 300 -100.47 -76.88 8.52
C PHE K 300 -100.57 -77.74 7.26
N PHE K 301 -101.77 -78.13 6.85
CA PHE K 301 -101.95 -78.98 5.64
C PHE K 301 -101.72 -78.16 4.37
N ILE K 302 -102.22 -76.92 4.34
CA ILE K 302 -101.89 -75.91 3.29
C ILE K 302 -100.37 -75.83 3.13
N GLY K 303 -99.64 -75.64 4.23
CA GLY K 303 -98.18 -75.45 4.24
C GLY K 303 -97.45 -76.70 3.78
N VAL K 304 -97.91 -77.87 4.19
CA VAL K 304 -97.29 -79.18 3.83
C VAL K 304 -97.61 -79.48 2.37
N ARG K 305 -98.90 -79.57 2.02
CA ARG K 305 -99.32 -80.15 0.72
C ARG K 305 -98.90 -79.24 -0.44
N CYS K 306 -98.74 -77.93 -0.22
CA CYS K 306 -98.36 -76.96 -1.29
C CYS K 306 -96.86 -77.04 -1.59
N TYR K 307 -96.03 -77.19 -0.56
CA TYR K 307 -94.58 -77.48 -0.70
C TYR K 307 -94.41 -78.64 -1.67
N GLU K 308 -95.07 -79.77 -1.38
CA GLU K 308 -94.95 -81.03 -2.17
C GLU K 308 -95.42 -80.81 -3.61
N ALA K 309 -96.42 -79.95 -3.84
CA ALA K 309 -96.98 -79.64 -5.18
C ALA K 309 -95.93 -78.93 -6.03
N TYR K 310 -95.44 -77.76 -5.59
CA TYR K 310 -94.46 -76.91 -6.30
C TYR K 310 -93.40 -76.41 -5.33
N PRO K 311 -92.21 -77.07 -5.24
CA PRO K 311 -91.15 -76.67 -4.32
C PRO K 311 -90.16 -75.67 -4.93
N ASN K 312 -89.65 -74.74 -4.11
CA ASN K 312 -88.78 -73.63 -4.61
C ASN K 312 -87.37 -74.18 -4.82
N THR K 313 -86.89 -74.11 -6.06
CA THR K 313 -85.57 -74.62 -6.50
C THR K 313 -84.58 -73.46 -6.57
N SER K 314 -83.29 -73.79 -6.73
CA SER K 314 -82.17 -72.83 -6.80
C SER K 314 -82.17 -72.18 -8.19
N LEU K 315 -82.17 -70.84 -8.22
CA LEU K 315 -81.95 -70.04 -9.46
C LEU K 315 -80.46 -70.03 -9.78
N PRO K 316 -80.08 -70.12 -11.08
CA PRO K 316 -78.73 -69.77 -11.51
C PRO K 316 -78.25 -68.46 -10.88
N PRO K 317 -77.00 -68.36 -10.39
CA PRO K 317 -76.54 -67.15 -9.72
C PRO K 317 -76.43 -65.90 -10.61
N SER K 318 -76.40 -66.07 -11.93
CA SER K 318 -76.45 -64.99 -12.94
C SER K 318 -77.75 -64.19 -12.76
N ILE K 319 -78.88 -64.89 -12.73
CA ILE K 319 -80.24 -64.32 -12.47
C ILE K 319 -80.26 -63.61 -11.12
N LEU K 320 -79.67 -64.19 -10.09
CA LEU K 320 -79.78 -63.67 -8.70
C LEU K 320 -79.03 -62.34 -8.60
N GLU K 321 -77.81 -62.29 -9.12
CA GLU K 321 -76.92 -61.08 -9.01
C GLU K 321 -77.48 -59.98 -9.92
N ASP K 322 -78.20 -60.33 -10.99
CA ASP K 322 -78.87 -59.37 -11.90
C ASP K 322 -80.06 -58.71 -11.19
N SER K 323 -80.89 -59.51 -10.50
CA SER K 323 -82.05 -58.99 -9.72
C SER K 323 -81.58 -58.06 -8.59
N LEU K 324 -80.46 -58.35 -7.93
CA LEU K 324 -80.03 -57.56 -6.75
C LEU K 324 -79.49 -56.19 -7.19
N GLU K 325 -78.79 -56.12 -8.32
CA GLU K 325 -78.18 -54.85 -8.81
C GLU K 325 -79.27 -53.93 -9.38
N ASN K 326 -80.28 -54.49 -10.06
CA ASN K 326 -81.43 -53.73 -10.64
C ASN K 326 -82.56 -53.54 -9.61
N ASN K 327 -82.33 -53.86 -8.33
CA ASN K 327 -83.17 -53.48 -7.16
C ASN K 327 -84.55 -54.13 -7.20
N GLU K 328 -84.71 -55.21 -7.96
CA GLU K 328 -85.72 -56.27 -7.69
C GLU K 328 -85.14 -57.06 -6.53
N GLY K 329 -85.90 -57.94 -5.91
CA GLY K 329 -85.39 -58.60 -4.70
C GLY K 329 -84.49 -59.77 -5.03
N VAL K 330 -84.43 -60.72 -4.12
CA VAL K 330 -84.09 -62.14 -4.43
C VAL K 330 -85.27 -62.72 -5.18
N PRO K 331 -85.08 -63.33 -6.37
CA PRO K 331 -86.17 -64.01 -7.05
C PRO K 331 -86.95 -64.96 -6.14
N SER K 332 -88.25 -65.06 -6.38
CA SER K 332 -89.22 -65.82 -5.57
C SER K 332 -90.43 -66.03 -6.47
N PRO K 333 -91.43 -66.83 -6.08
CA PRO K 333 -92.58 -67.07 -6.95
C PRO K 333 -93.65 -65.98 -6.94
N MET K 334 -93.33 -64.80 -6.42
CA MET K 334 -94.30 -63.73 -6.08
C MET K 334 -93.67 -62.36 -6.36
N LEU K 335 -94.18 -61.61 -7.33
CA LEU K 335 -93.61 -60.33 -7.81
C LEU K 335 -94.62 -59.22 -7.54
N SER K 336 -94.26 -58.25 -6.70
CA SER K 336 -95.11 -57.10 -6.35
C SER K 336 -94.79 -55.96 -7.32
N ILE K 337 -95.75 -55.55 -8.15
CA ILE K 337 -95.65 -54.41 -9.10
C ILE K 337 -96.49 -53.25 -8.56
N SER K 338 -95.84 -52.23 -8.00
CA SER K 338 -96.46 -50.99 -7.46
C SER K 338 -96.60 -49.95 -8.58
N ASN K 339 -97.71 -49.22 -8.62
CA ASN K 339 -97.92 -47.92 -9.32
C ASN K 339 -98.30 -48.13 -10.81
N LEU K 340 -98.92 -49.25 -11.15
CA LEU K 340 -99.42 -49.55 -12.52
C LEU K 340 -100.84 -50.11 -12.43
N THR K 341 -101.76 -49.61 -13.25
CA THR K 341 -103.18 -50.07 -13.36
C THR K 341 -103.20 -51.57 -13.65
N GLN K 342 -104.13 -52.31 -13.05
CA GLN K 342 -104.35 -53.76 -13.33
C GLN K 342 -104.32 -54.03 -14.84
N GLU K 343 -104.88 -53.14 -15.65
CA GLU K 343 -104.90 -53.22 -17.15
C GLU K 343 -103.46 -53.21 -17.70
N GLN K 344 -102.65 -52.20 -17.31
CA GLN K 344 -101.24 -52.01 -17.76
C GLN K 344 -100.40 -53.27 -17.43
N VAL K 345 -100.54 -53.82 -16.22
CA VAL K 345 -99.80 -55.03 -15.78
C VAL K 345 -100.24 -56.22 -16.63
N GLN K 346 -101.55 -56.42 -16.84
CA GLN K 346 -102.09 -57.55 -17.64
C GLN K 346 -101.57 -57.53 -19.09
N ASP K 347 -101.16 -56.38 -19.65
CA ASP K 347 -100.50 -56.35 -20.98
C ASP K 347 -99.14 -57.05 -20.86
N TYR K 348 -98.27 -56.50 -20.03
CA TYR K 348 -96.89 -56.98 -19.77
C TYR K 348 -96.87 -58.48 -19.40
N VAL K 349 -97.97 -59.08 -18.93
CA VAL K 349 -98.00 -60.54 -18.61
C VAL K 349 -98.43 -61.31 -19.85
N ASN K 350 -99.26 -60.73 -20.72
CA ASN K 350 -99.70 -61.37 -21.99
C ASN K 350 -98.49 -61.45 -22.94
N LYS K 351 -97.77 -60.34 -23.10
CA LYS K 351 -96.44 -60.28 -23.76
C LYS K 351 -95.60 -61.47 -23.27
N THR K 352 -95.36 -61.51 -21.97
CA THR K 352 -94.49 -62.48 -21.25
C THR K 352 -95.01 -63.91 -21.46
N ASN K 353 -96.33 -64.13 -21.39
CA ASN K 353 -96.95 -65.48 -21.44
C ASN K 353 -97.03 -65.98 -22.89
N SER K 354 -96.83 -65.11 -23.90
CA SER K 354 -96.83 -65.48 -25.34
C SER K 354 -95.71 -66.50 -25.63
N HIS K 355 -94.51 -66.28 -25.06
CA HIS K 355 -93.29 -67.09 -25.25
C HIS K 355 -93.26 -68.31 -24.33
N LEU K 356 -94.07 -68.37 -23.28
CA LEU K 356 -93.97 -69.43 -22.23
C LEU K 356 -95.01 -70.51 -22.48
N PRO K 357 -94.67 -71.81 -22.25
CA PRO K 357 -95.66 -72.89 -22.30
C PRO K 357 -96.58 -72.88 -21.06
N ALA K 358 -97.73 -73.55 -21.13
CA ALA K 358 -98.84 -73.52 -20.13
C ALA K 358 -98.32 -73.45 -18.68
N GLY K 359 -97.64 -74.50 -18.22
CA GLY K 359 -97.30 -74.73 -16.81
C GLY K 359 -96.15 -73.85 -16.33
N LYS K 360 -95.68 -72.89 -17.13
CA LYS K 360 -94.70 -71.86 -16.69
C LYS K 360 -95.30 -70.45 -16.77
N GLN K 361 -96.58 -70.34 -17.14
CA GLN K 361 -97.23 -69.04 -17.42
C GLN K 361 -97.54 -68.34 -16.08
N VAL K 362 -97.28 -67.04 -16.02
CA VAL K 362 -97.53 -66.17 -14.84
C VAL K 362 -98.98 -65.68 -14.91
N GLU K 363 -99.53 -65.24 -13.76
CA GLU K 363 -100.89 -64.63 -13.68
C GLU K 363 -100.94 -63.64 -12.51
N ILE K 364 -101.70 -62.54 -12.68
CA ILE K 364 -102.09 -61.59 -11.59
C ILE K 364 -102.81 -62.44 -10.52
N SER K 365 -102.29 -62.40 -9.29
CA SER K 365 -102.66 -63.31 -8.18
C SER K 365 -103.37 -62.54 -7.09
N LEU K 366 -102.80 -61.42 -6.65
CA LEU K 366 -103.47 -60.46 -5.75
C LEU K 366 -103.66 -59.15 -6.48
N VAL K 367 -104.86 -58.56 -6.37
CA VAL K 367 -105.21 -57.17 -6.78
C VAL K 367 -105.47 -56.35 -5.51
N ASN K 368 -104.40 -55.99 -4.83
CA ASN K 368 -104.39 -55.30 -3.52
C ASN K 368 -105.01 -53.90 -3.63
N GLY K 369 -104.54 -53.07 -4.57
CA GLY K 369 -105.05 -51.72 -4.85
C GLY K 369 -105.50 -51.61 -6.30
N ALA K 370 -105.86 -50.41 -6.74
CA ALA K 370 -106.00 -50.03 -8.16
C ALA K 370 -104.62 -50.08 -8.82
N LYS K 371 -103.60 -49.60 -8.11
CA LYS K 371 -102.19 -49.50 -8.59
C LYS K 371 -101.23 -50.30 -7.68
N ASN K 372 -101.69 -51.39 -7.06
CA ASN K 372 -100.87 -52.35 -6.25
C ASN K 372 -101.22 -53.76 -6.67
N LEU K 373 -100.28 -54.49 -7.27
CA LEU K 373 -100.54 -55.85 -7.80
C LEU K 373 -99.40 -56.79 -7.40
N VAL K 374 -99.71 -58.06 -7.35
CA VAL K 374 -98.77 -59.17 -7.06
C VAL K 374 -98.98 -60.21 -8.13
N VAL K 375 -97.92 -60.56 -8.88
CA VAL K 375 -97.96 -61.58 -9.95
C VAL K 375 -97.26 -62.83 -9.43
N SER K 376 -97.91 -63.98 -9.54
CA SER K 376 -97.40 -65.29 -9.07
C SER K 376 -96.97 -66.08 -10.29
N GLY K 377 -96.11 -67.06 -10.06
CA GLY K 377 -95.65 -67.99 -11.10
C GLY K 377 -94.22 -68.40 -10.83
N PRO K 378 -93.61 -69.17 -11.75
CA PRO K 378 -92.26 -69.68 -11.53
C PRO K 378 -91.25 -68.55 -11.55
N PRO K 379 -90.29 -68.51 -10.61
CA PRO K 379 -89.33 -67.41 -10.53
C PRO K 379 -88.49 -67.13 -11.79
N GLN K 380 -88.17 -68.14 -12.61
CA GLN K 380 -87.59 -67.92 -13.96
C GLN K 380 -88.55 -67.01 -14.74
N SER K 381 -89.80 -67.45 -14.91
CA SER K 381 -90.87 -66.78 -15.69
C SER K 381 -91.07 -65.34 -15.23
N LEU K 382 -91.03 -65.08 -13.93
CA LEU K 382 -91.17 -63.71 -13.37
C LEU K 382 -89.93 -62.89 -13.66
N TYR K 383 -88.73 -63.49 -13.70
CA TYR K 383 -87.49 -62.78 -14.10
C TYR K 383 -87.64 -62.30 -15.56
N GLY K 384 -88.20 -63.16 -16.42
CA GLY K 384 -88.70 -62.79 -17.76
C GLY K 384 -89.48 -61.48 -17.74
N LEU K 385 -90.51 -61.41 -16.91
CA LEU K 385 -91.42 -60.24 -16.80
C LEU K 385 -90.64 -59.00 -16.37
N ASN K 386 -89.75 -59.11 -15.38
CA ASN K 386 -88.91 -57.98 -14.90
C ASN K 386 -88.02 -57.42 -16.01
N LEU K 387 -87.66 -58.21 -17.04
CA LEU K 387 -86.86 -57.71 -18.18
C LEU K 387 -87.74 -56.78 -19.01
N THR K 388 -88.90 -57.27 -19.45
CA THR K 388 -89.98 -56.48 -20.11
C THR K 388 -90.22 -55.15 -19.38
N LEU K 389 -90.23 -55.15 -18.04
CA LEU K 389 -90.55 -53.94 -17.22
C LEU K 389 -89.31 -53.03 -17.10
N ARG K 390 -88.09 -53.54 -17.23
CA ARG K 390 -86.87 -52.69 -17.13
C ARG K 390 -86.86 -51.73 -18.34
N LYS K 391 -87.20 -52.25 -19.52
CA LYS K 391 -87.42 -51.46 -20.75
C LYS K 391 -88.23 -50.22 -20.39
N ALA K 392 -89.42 -50.43 -19.86
CA ALA K 392 -90.54 -49.45 -19.83
C ALA K 392 -90.40 -48.43 -18.69
N LYS K 393 -89.51 -48.63 -17.73
CA LYS K 393 -89.43 -47.71 -16.56
C LYS K 393 -88.38 -46.64 -16.79
N ALA K 394 -88.56 -45.51 -16.12
CA ALA K 394 -87.74 -44.28 -16.24
C ALA K 394 -86.57 -44.33 -15.25
N PRO K 395 -85.34 -43.96 -15.68
CA PRO K 395 -84.22 -43.74 -14.74
C PRO K 395 -84.58 -42.72 -13.64
N SER K 396 -84.35 -43.06 -12.36
CA SER K 396 -84.89 -42.34 -11.17
C SER K 396 -84.37 -40.89 -11.13
N GLY K 397 -83.08 -40.68 -11.42
CA GLY K 397 -82.46 -39.35 -11.59
C GLY K 397 -82.48 -38.91 -13.04
N LEU K 398 -83.67 -38.59 -13.56
CA LEU K 398 -83.89 -38.11 -14.95
C LEU K 398 -84.44 -36.68 -14.90
N ASP K 399 -85.57 -36.47 -14.21
CA ASP K 399 -86.36 -35.21 -14.19
C ASP K 399 -87.20 -35.11 -15.47
N GLN K 400 -88.49 -35.43 -15.37
CA GLN K 400 -89.43 -35.53 -16.52
C GLN K 400 -90.41 -34.35 -16.46
N SER K 401 -90.05 -33.27 -15.77
CA SER K 401 -90.93 -32.12 -15.43
C SER K 401 -91.23 -31.27 -16.67
N ARG K 402 -90.46 -31.44 -17.74
CA ARG K 402 -90.38 -30.55 -18.92
C ARG K 402 -90.80 -31.32 -20.18
N ILE K 403 -91.13 -32.61 -20.03
CA ILE K 403 -91.66 -33.50 -21.10
C ILE K 403 -93.18 -33.43 -21.02
N PRO K 404 -93.93 -33.39 -22.14
CA PRO K 404 -95.39 -33.55 -22.08
C PRO K 404 -95.75 -34.84 -21.34
N PHE K 405 -96.78 -34.79 -20.49
CA PHE K 405 -97.21 -35.89 -19.58
C PHE K 405 -97.36 -37.22 -20.34
N SER K 406 -98.09 -37.23 -21.45
CA SER K 406 -98.48 -38.46 -22.19
C SER K 406 -97.31 -39.02 -23.01
N GLU K 407 -96.10 -38.45 -22.85
CA GLU K 407 -94.83 -38.94 -23.46
C GLU K 407 -93.83 -39.38 -22.39
N ARG K 408 -94.19 -39.28 -21.10
CA ARG K 408 -93.27 -39.62 -19.99
C ARG K 408 -93.21 -41.15 -19.86
N LYS K 409 -92.01 -41.66 -19.62
CA LYS K 409 -91.78 -43.04 -19.12
C LYS K 409 -92.49 -43.14 -17.76
N LEU K 410 -93.22 -44.23 -17.54
CA LEU K 410 -93.96 -44.49 -16.28
C LEU K 410 -92.95 -44.75 -15.15
N LYS K 411 -93.20 -44.19 -13.97
CA LYS K 411 -92.30 -44.27 -12.80
C LYS K 411 -92.92 -45.25 -11.78
N PHE K 412 -92.41 -46.49 -11.69
CA PHE K 412 -92.99 -47.58 -10.87
C PHE K 412 -91.95 -48.50 -10.25
N SER K 413 -92.38 -49.24 -9.22
CA SER K 413 -91.59 -50.23 -8.44
C SER K 413 -92.05 -51.64 -8.82
N ASN K 414 -91.09 -52.54 -9.04
CA ASN K 414 -91.32 -53.99 -9.10
C ASN K 414 -90.27 -54.63 -8.20
N ARG K 415 -90.68 -55.63 -7.43
CA ARG K 415 -89.92 -56.14 -6.27
C ARG K 415 -90.49 -57.53 -5.98
N PHE K 416 -89.63 -58.55 -5.94
CA PHE K 416 -89.98 -59.92 -5.46
C PHE K 416 -90.29 -59.85 -3.98
N LEU K 417 -91.37 -60.53 -3.59
CA LEU K 417 -91.81 -60.68 -2.18
C LEU K 417 -90.96 -61.74 -1.51
N PRO K 418 -90.76 -61.60 -0.17
CA PRO K 418 -90.12 -62.63 0.64
C PRO K 418 -91.08 -63.75 1.07
N VAL K 419 -91.54 -64.54 0.12
CA VAL K 419 -92.30 -65.79 0.36
C VAL K 419 -91.54 -66.90 -0.35
N ALA K 420 -92.03 -68.13 -0.26
CA ALA K 420 -91.35 -69.32 -0.80
C ALA K 420 -92.27 -70.18 -1.66
N SER K 421 -93.56 -69.85 -1.77
CA SER K 421 -94.53 -70.57 -2.63
C SER K 421 -95.34 -69.58 -3.46
N PRO K 422 -95.88 -70.00 -4.62
CA PRO K 422 -96.81 -69.16 -5.36
C PRO K 422 -98.25 -69.44 -4.95
N PHE K 423 -98.75 -68.72 -3.94
CA PHE K 423 -100.18 -68.74 -3.56
C PHE K 423 -101.04 -68.10 -4.65
N HIS K 424 -102.27 -68.57 -4.76
CA HIS K 424 -103.31 -68.03 -5.66
C HIS K 424 -102.92 -68.25 -7.11
N SER K 425 -102.22 -69.35 -7.40
CA SER K 425 -101.76 -69.69 -8.76
C SER K 425 -102.21 -71.10 -9.13
N HIS K 426 -102.37 -71.37 -10.42
CA HIS K 426 -102.70 -72.70 -10.99
C HIS K 426 -101.62 -73.72 -10.62
N LEU K 427 -100.39 -73.27 -10.35
CA LEU K 427 -99.24 -74.14 -9.93
C LEU K 427 -99.62 -75.06 -8.77
N LEU K 428 -100.47 -74.60 -7.86
CA LEU K 428 -100.79 -75.27 -6.56
C LEU K 428 -102.08 -76.09 -6.63
N VAL K 429 -102.75 -76.19 -7.80
CA VAL K 429 -104.03 -76.94 -7.98
C VAL K 429 -103.89 -78.41 -7.58
N PRO K 430 -102.76 -79.13 -7.87
CA PRO K 430 -102.56 -80.48 -7.36
C PRO K 430 -102.86 -80.66 -5.86
N ALA K 431 -102.38 -79.73 -5.03
CA ALA K 431 -102.52 -79.74 -3.55
C ALA K 431 -104.01 -79.68 -3.16
N SER K 432 -104.80 -78.80 -3.79
CA SER K 432 -106.25 -78.57 -3.49
C SER K 432 -106.88 -79.85 -2.95
N ASP K 433 -106.88 -80.89 -3.80
CA ASP K 433 -107.58 -82.19 -3.60
C ASP K 433 -107.04 -82.89 -2.35
N LEU K 434 -105.72 -82.86 -2.14
CA LEU K 434 -105.02 -83.58 -1.03
C LEU K 434 -105.24 -82.89 0.32
N ILE K 435 -105.55 -81.59 0.35
CA ILE K 435 -105.83 -80.85 1.63
C ILE K 435 -107.27 -81.15 2.04
N ASN K 436 -108.21 -81.11 1.10
CA ASN K 436 -109.64 -81.48 1.31
C ASN K 436 -109.76 -82.87 1.95
N LYS K 437 -108.84 -83.80 1.64
CA LYS K 437 -108.86 -85.20 2.13
C LYS K 437 -108.29 -85.29 3.56
N ASP K 438 -107.32 -84.44 3.89
CA ASP K 438 -106.53 -84.49 5.15
C ASP K 438 -107.09 -83.48 6.17
N LEU K 439 -108.29 -82.98 5.92
CA LEU K 439 -109.13 -82.25 6.91
C LEU K 439 -110.29 -83.15 7.34
N VAL K 440 -110.84 -83.94 6.43
CA VAL K 440 -111.87 -84.98 6.71
C VAL K 440 -111.26 -86.05 7.64
N LYS K 441 -109.97 -86.35 7.48
CA LYS K 441 -109.22 -87.33 8.31
C LYS K 441 -108.95 -86.77 9.72
N ASN K 442 -108.63 -85.48 9.83
CA ASN K 442 -108.41 -84.79 11.15
C ASN K 442 -109.73 -84.23 11.70
N ASN K 443 -110.88 -84.57 11.10
CA ASN K 443 -112.24 -84.21 11.58
C ASN K 443 -112.26 -82.70 11.87
N VAL K 444 -112.15 -81.92 10.80
CA VAL K 444 -112.08 -80.41 10.82
C VAL K 444 -113.01 -79.87 9.72
N SER K 445 -114.14 -79.33 10.14
CA SER K 445 -115.15 -78.64 9.31
C SER K 445 -115.59 -77.39 10.04
N PHE K 446 -115.74 -76.28 9.31
CA PHE K 446 -116.40 -75.03 9.75
C PHE K 446 -117.85 -75.09 9.25
N ASN K 447 -118.82 -74.86 10.13
CA ASN K 447 -120.28 -74.96 9.82
C ASN K 447 -120.93 -73.58 10.02
N ALA K 448 -121.84 -73.22 9.10
CA ALA K 448 -122.53 -71.90 8.99
C ALA K 448 -123.05 -71.43 10.37
N LYS K 449 -123.77 -72.29 11.10
CA LYS K 449 -124.47 -71.96 12.37
C LYS K 449 -123.47 -71.66 13.51
N ASP K 450 -122.21 -72.13 13.42
CA ASP K 450 -121.18 -71.92 14.48
C ASP K 450 -120.52 -70.55 14.35
N ILE K 451 -120.42 -69.99 13.12
CA ILE K 451 -119.67 -68.73 12.85
C ILE K 451 -120.67 -67.57 12.90
N GLN K 452 -120.46 -66.65 13.85
CA GLN K 452 -121.51 -65.77 14.44
C GLN K 452 -121.27 -64.29 14.09
N ILE K 453 -120.33 -64.01 13.20
CA ILE K 453 -120.23 -62.73 12.43
C ILE K 453 -120.04 -63.09 10.96
N PRO K 454 -120.34 -62.17 10.02
CA PRO K 454 -119.97 -62.38 8.63
C PRO K 454 -118.44 -62.47 8.46
N VAL K 455 -117.98 -63.44 7.66
CA VAL K 455 -116.57 -63.62 7.24
C VAL K 455 -116.52 -63.41 5.73
N TYR K 456 -115.71 -62.46 5.25
CA TYR K 456 -115.75 -61.97 3.85
C TYR K 456 -114.75 -62.75 3.01
N ASP K 457 -115.26 -63.70 2.22
CA ASP K 457 -114.62 -64.40 1.07
C ASP K 457 -113.77 -63.39 0.28
N THR K 458 -112.57 -63.77 -0.10
CA THR K 458 -111.51 -62.82 -0.50
C THR K 458 -111.47 -62.73 -2.04
N PHE K 459 -112.39 -63.41 -2.74
CA PHE K 459 -112.52 -63.38 -4.22
C PHE K 459 -113.79 -62.63 -4.64
N ASP K 460 -114.95 -63.11 -4.18
CA ASP K 460 -116.28 -62.52 -4.45
C ASP K 460 -116.44 -61.24 -3.63
N GLY K 461 -116.12 -61.33 -2.34
CA GLY K 461 -116.42 -60.30 -1.32
C GLY K 461 -117.62 -60.68 -0.47
N SER K 462 -118.37 -61.72 -0.89
CA SER K 462 -119.61 -62.21 -0.23
C SER K 462 -119.29 -62.77 1.15
N ASP K 463 -120.33 -63.19 1.87
CA ASP K 463 -120.24 -63.85 3.19
C ASP K 463 -120.07 -65.36 2.99
N LEU K 464 -119.14 -65.99 3.73
CA LEU K 464 -118.92 -67.47 3.72
C LEU K 464 -120.13 -68.20 4.34
N ARG K 465 -120.71 -67.64 5.41
CA ARG K 465 -121.89 -68.19 6.14
C ARG K 465 -123.01 -68.60 5.18
N VAL K 466 -123.13 -67.90 4.04
CA VAL K 466 -124.04 -68.25 2.90
C VAL K 466 -123.26 -69.08 1.85
N LEU K 467 -123.31 -70.41 1.95
CA LEU K 467 -122.72 -71.34 0.95
C LEU K 467 -123.50 -72.67 0.95
N SER K 468 -123.63 -73.28 -0.22
CA SER K 468 -124.13 -74.68 -0.41
C SER K 468 -123.04 -75.67 0.05
N GLY K 469 -121.83 -75.57 -0.53
CA GLY K 469 -120.71 -76.50 -0.30
C GLY K 469 -119.98 -76.24 1.02
N SER K 470 -118.93 -77.03 1.26
CA SER K 470 -118.06 -76.98 2.47
C SER K 470 -117.38 -75.61 2.55
N ILE K 471 -117.38 -75.01 3.73
CA ILE K 471 -116.73 -73.70 4.01
C ILE K 471 -115.23 -73.92 3.99
N SER K 472 -114.75 -75.06 4.51
CA SER K 472 -113.31 -75.41 4.60
C SER K 472 -112.72 -75.55 3.20
N GLU K 473 -113.44 -76.23 2.29
CA GLU K 473 -113.03 -76.45 0.88
C GLU K 473 -112.88 -75.10 0.16
N ARG K 474 -113.78 -74.15 0.41
CA ARG K 474 -113.79 -72.81 -0.23
C ARG K 474 -112.58 -71.98 0.25
N ILE K 475 -112.30 -72.00 1.55
CA ILE K 475 -111.17 -71.26 2.21
C ILE K 475 -109.83 -71.81 1.70
N VAL K 476 -109.80 -73.07 1.27
CA VAL K 476 -108.61 -73.68 0.60
C VAL K 476 -108.52 -73.14 -0.84
N ASP K 477 -109.59 -73.23 -1.63
CA ASP K 477 -109.64 -72.67 -3.01
C ASP K 477 -109.09 -71.23 -2.97
N CYS K 478 -109.55 -70.43 -2.01
CA CYS K 478 -109.26 -68.97 -1.93
C CYS K 478 -107.79 -68.67 -1.69
N ILE K 479 -107.05 -69.59 -1.08
CA ILE K 479 -105.59 -69.45 -0.77
C ILE K 479 -104.74 -70.11 -1.86
N ILE K 480 -105.18 -71.27 -2.36
CA ILE K 480 -104.48 -72.13 -3.36
C ILE K 480 -104.74 -71.58 -4.76
N ARG K 481 -106.00 -71.59 -5.20
CA ARG K 481 -106.39 -71.50 -6.62
C ARG K 481 -106.70 -70.05 -6.96
N LEU K 482 -107.75 -69.49 -6.37
CA LEU K 482 -108.42 -68.22 -6.77
C LEU K 482 -107.54 -67.02 -6.43
N PRO K 483 -107.63 -65.92 -7.21
CA PRO K 483 -106.95 -64.67 -6.87
C PRO K 483 -107.60 -63.95 -5.69
N VAL K 484 -107.02 -62.82 -5.28
CA VAL K 484 -107.51 -61.97 -4.15
C VAL K 484 -107.86 -60.58 -4.68
N LYS K 485 -109.13 -60.37 -4.98
CA LYS K 485 -109.64 -59.03 -5.27
C LYS K 485 -109.95 -58.38 -3.91
N TRP K 486 -108.96 -57.67 -3.35
CA TRP K 486 -109.01 -57.03 -2.02
C TRP K 486 -109.97 -55.86 -1.98
N GLU K 487 -110.17 -55.14 -3.10
CA GLU K 487 -111.13 -54.01 -3.15
C GLU K 487 -112.56 -54.54 -2.99
N THR K 488 -112.98 -55.53 -3.78
CA THR K 488 -114.34 -56.12 -3.69
C THR K 488 -114.54 -56.83 -2.34
N THR K 489 -113.47 -57.33 -1.71
CA THR K 489 -113.48 -57.95 -0.35
C THR K 489 -113.83 -56.89 0.69
N THR K 490 -113.09 -55.79 0.68
CA THR K 490 -113.05 -54.78 1.76
C THR K 490 -114.00 -53.65 1.34
N GLN K 491 -115.19 -54.04 0.87
CA GLN K 491 -116.27 -53.22 0.27
C GLN K 491 -117.41 -53.05 1.31
N PHE K 492 -117.30 -53.72 2.45
CA PHE K 492 -118.09 -53.48 3.69
C PHE K 492 -117.87 -52.02 4.10
N LYS K 493 -118.83 -51.42 4.82
CA LYS K 493 -118.67 -50.05 5.42
C LYS K 493 -118.57 -50.21 6.94
N ALA K 494 -117.78 -49.34 7.55
CA ALA K 494 -117.17 -49.54 8.87
C ALA K 494 -116.34 -48.30 9.22
N THR K 495 -116.44 -47.82 10.44
CA THR K 495 -115.72 -46.61 10.89
C THR K 495 -114.29 -46.98 11.24
N HIS K 496 -114.07 -48.21 11.73
CA HIS K 496 -112.76 -48.70 12.22
C HIS K 496 -112.45 -50.08 11.63
N ILE K 497 -111.15 -50.39 11.56
CA ILE K 497 -110.59 -51.66 11.06
C ILE K 497 -109.40 -52.03 11.96
N LEU K 498 -109.41 -53.23 12.54
CA LEU K 498 -108.32 -53.76 13.40
C LEU K 498 -107.46 -54.72 12.57
N ASP K 499 -106.18 -54.40 12.39
CA ASP K 499 -105.20 -55.27 11.70
C ASP K 499 -104.39 -56.02 12.75
N PHE K 500 -104.72 -57.30 12.96
CA PHE K 500 -103.98 -58.20 13.88
C PHE K 500 -102.75 -58.78 13.17
N GLY K 501 -102.70 -58.65 11.84
CA GLY K 501 -101.74 -59.34 10.96
C GLY K 501 -100.30 -59.12 11.41
N PRO K 502 -99.35 -59.86 10.80
CA PRO K 502 -97.93 -59.59 11.00
C PRO K 502 -97.50 -58.37 10.15
N GLY K 503 -96.44 -57.70 10.57
CA GLY K 503 -95.77 -56.59 9.84
C GLY K 503 -95.94 -55.26 10.54
N GLY K 504 -97.11 -55.01 11.13
CA GLY K 504 -97.45 -53.72 11.77
C GLY K 504 -97.64 -52.63 10.73
N ALA K 505 -96.76 -51.62 10.76
CA ALA K 505 -96.71 -50.50 9.80
C ALA K 505 -96.59 -51.05 8.37
N SER K 506 -95.73 -52.04 8.17
CA SER K 506 -95.46 -52.68 6.86
C SER K 506 -96.62 -53.58 6.45
N GLY K 507 -97.54 -53.90 7.37
CA GLY K 507 -98.57 -54.93 7.18
C GLY K 507 -99.70 -54.48 6.29
N LEU K 508 -100.78 -55.26 6.33
CA LEU K 508 -101.99 -55.13 5.48
C LEU K 508 -102.86 -53.98 5.94
N GLY K 509 -102.71 -53.55 7.20
CA GLY K 509 -103.46 -52.43 7.78
C GLY K 509 -103.20 -51.18 6.96
N VAL K 510 -101.95 -50.75 6.90
CA VAL K 510 -101.51 -49.52 6.18
C VAL K 510 -101.84 -49.63 4.69
N LEU K 511 -101.69 -50.81 4.07
CA LEU K 511 -102.09 -51.02 2.66
C LEU K 511 -103.58 -50.72 2.49
N THR K 512 -104.42 -51.23 3.41
CA THR K 512 -105.90 -51.02 3.35
C THR K 512 -106.18 -49.53 3.58
N HIS K 513 -105.50 -48.89 4.53
CA HIS K 513 -105.63 -47.43 4.80
C HIS K 513 -105.55 -46.63 3.49
N ARG K 514 -104.48 -46.83 2.72
CA ARG K 514 -104.18 -46.09 1.47
C ARG K 514 -105.25 -46.40 0.41
N ASN K 515 -105.81 -47.61 0.40
CA ASN K 515 -106.88 -47.96 -0.56
C ASN K 515 -108.10 -47.11 -0.26
N LYS K 516 -108.33 -46.74 1.01
CA LYS K 516 -109.60 -46.06 1.37
C LYS K 516 -109.35 -44.93 2.37
N ASP K 517 -108.31 -44.14 2.10
CA ASP K 517 -108.19 -42.74 2.58
C ASP K 517 -109.32 -41.93 1.96
N GLY K 518 -110.13 -41.27 2.79
CA GLY K 518 -111.21 -40.36 2.38
C GLY K 518 -112.56 -41.03 2.17
N THR K 519 -112.81 -42.19 2.79
CA THR K 519 -114.14 -42.87 2.85
C THR K 519 -114.75 -42.80 4.25
N GLY K 520 -113.95 -42.45 5.27
CA GLY K 520 -114.41 -42.24 6.65
C GLY K 520 -114.11 -43.47 7.50
N VAL K 521 -112.93 -44.06 7.32
CA VAL K 521 -112.52 -45.36 7.90
C VAL K 521 -111.14 -45.17 8.54
N ARG K 522 -111.01 -45.57 9.79
CA ARG K 522 -109.75 -45.48 10.55
C ARG K 522 -109.20 -46.91 10.65
N VAL K 523 -107.96 -47.10 10.25
CA VAL K 523 -107.30 -48.41 10.47
C VAL K 523 -106.54 -48.29 11.78
N ILE K 524 -106.59 -49.34 12.59
CA ILE K 524 -105.75 -49.49 13.80
C ILE K 524 -104.89 -50.74 13.63
N VAL K 525 -103.59 -50.54 13.68
CA VAL K 525 -102.59 -51.64 13.61
C VAL K 525 -102.53 -52.23 15.01
N ALA K 526 -103.32 -53.29 15.25
CA ALA K 526 -103.55 -53.90 16.58
C ALA K 526 -102.29 -54.60 17.11
N GLY K 527 -101.26 -54.77 16.28
CA GLY K 527 -100.10 -55.63 16.58
C GLY K 527 -98.91 -54.87 17.13
N THR K 528 -98.78 -53.57 16.86
CA THR K 528 -97.58 -52.77 17.21
C THR K 528 -97.97 -51.53 18.01
N LEU K 529 -97.12 -51.14 18.94
CA LEU K 529 -97.18 -49.82 19.61
C LEU K 529 -96.08 -48.94 19.02
N ASP K 530 -96.47 -47.86 18.34
CA ASP K 530 -95.59 -46.76 17.88
C ASP K 530 -96.41 -45.46 17.84
N ILE K 531 -95.90 -44.41 17.21
CA ILE K 531 -96.61 -43.11 17.04
C ILE K 531 -96.56 -42.67 15.58
N ASN K 532 -97.74 -42.48 14.99
CA ASN K 532 -97.91 -41.94 13.62
C ASN K 532 -97.79 -40.42 13.71
N PRO K 533 -96.76 -39.78 13.11
CA PRO K 533 -96.71 -38.32 13.05
C PRO K 533 -97.94 -37.72 12.33
N ASP K 534 -98.23 -38.18 11.11
CA ASP K 534 -99.42 -37.76 10.30
C ASP K 534 -100.74 -37.97 11.08
N ASP K 535 -100.80 -39.02 11.92
CA ASP K 535 -102.03 -39.48 12.63
C ASP K 535 -103.13 -39.84 11.62
N ASP K 536 -102.76 -40.46 10.49
CA ASP K 536 -103.67 -41.00 9.45
C ASP K 536 -104.39 -42.26 9.97
N TYR K 537 -103.62 -43.16 10.58
CA TYR K 537 -104.05 -44.49 11.10
C TYR K 537 -103.49 -44.66 12.51
N GLY K 538 -104.10 -45.55 13.31
CA GLY K 538 -103.78 -45.76 14.73
C GLY K 538 -102.80 -46.89 14.97
N PHE K 539 -102.26 -46.95 16.18
CA PHE K 539 -101.52 -48.11 16.74
C PHE K 539 -102.31 -48.71 17.92
N LYS K 540 -101.80 -49.75 18.57
CA LYS K 540 -102.44 -50.51 19.70
C LYS K 540 -103.19 -49.60 20.68
N GLN K 541 -102.53 -48.52 21.16
CA GLN K 541 -103.10 -47.55 22.14
C GLN K 541 -104.60 -47.36 21.90
N GLU K 542 -104.98 -46.92 20.69
CA GLU K 542 -106.36 -46.53 20.31
C GLU K 542 -107.37 -47.59 20.76
N ILE K 543 -106.95 -48.86 20.84
CA ILE K 543 -107.83 -49.96 21.33
C ILE K 543 -108.10 -49.69 22.81
N PHE K 544 -107.05 -49.52 23.59
CA PHE K 544 -107.08 -49.57 25.08
C PHE K 544 -107.46 -48.21 25.68
N ASP K 545 -107.03 -47.11 25.07
CA ASP K 545 -107.17 -45.73 25.59
C ASP K 545 -108.64 -45.48 25.98
N VAL K 546 -108.84 -44.78 27.10
CA VAL K 546 -110.11 -44.59 27.87
C VAL K 546 -110.68 -43.19 27.60
N THR K 547 -109.80 -42.21 27.35
CA THR K 547 -110.12 -40.79 27.00
C THR K 547 -110.75 -40.73 25.60
N SER K 548 -110.99 -39.54 25.04
CA SER K 548 -111.53 -39.36 23.67
C SER K 548 -110.45 -39.62 22.60
N ASN K 549 -109.19 -39.87 23.00
CA ASN K 549 -108.05 -40.23 22.11
C ASN K 549 -108.07 -41.70 21.69
N GLY K 550 -109.15 -42.44 21.95
CA GLY K 550 -109.37 -43.81 21.43
C GLY K 550 -110.37 -43.81 20.29
N LEU K 551 -111.43 -43.01 20.41
CA LEU K 551 -112.42 -42.77 19.33
C LEU K 551 -111.98 -41.53 18.55
N LYS K 552 -111.21 -41.75 17.49
CA LYS K 552 -110.92 -40.76 16.42
C LYS K 552 -111.56 -41.27 15.13
N LYS K 553 -112.13 -40.37 14.35
CA LYS K 553 -112.68 -40.69 13.01
C LYS K 553 -111.79 -40.04 11.95
N ASN K 554 -111.72 -40.66 10.77
CA ASN K 554 -111.03 -40.15 9.56
C ASN K 554 -112.05 -39.47 8.66
N PRO K 555 -111.63 -38.47 7.86
CA PRO K 555 -112.56 -37.65 7.07
C PRO K 555 -113.28 -38.47 6.00
N ASN K 556 -114.54 -38.11 5.70
CA ASN K 556 -115.34 -38.71 4.60
C ASN K 556 -115.59 -37.62 3.56
N TRP K 557 -114.59 -37.31 2.74
CA TRP K 557 -114.57 -36.18 1.80
C TRP K 557 -115.94 -35.97 1.12
N LEU K 558 -116.67 -37.04 0.76
CA LEU K 558 -118.00 -36.95 0.08
C LEU K 558 -119.00 -36.27 1.00
N GLU K 559 -118.85 -36.38 2.33
CA GLU K 559 -119.77 -35.80 3.34
C GLU K 559 -119.25 -34.47 3.87
N GLU K 560 -117.94 -34.33 4.07
CA GLU K 560 -117.32 -33.05 4.53
C GLU K 560 -117.63 -31.94 3.52
N TYR K 561 -117.47 -32.24 2.24
CA TYR K 561 -117.38 -31.28 1.13
C TYR K 561 -118.52 -31.53 0.12
N HIS K 562 -119.54 -32.26 0.51
CA HIS K 562 -120.80 -32.41 -0.26
C HIS K 562 -121.28 -31.04 -0.70
N PRO K 563 -121.48 -30.75 -2.00
CA PRO K 563 -122.15 -29.52 -2.41
C PRO K 563 -123.64 -29.49 -2.04
N LYS K 564 -124.10 -28.37 -1.47
CA LYS K 564 -125.50 -28.16 -1.03
C LYS K 564 -126.13 -27.04 -1.85
N LEU K 565 -127.42 -26.80 -1.64
CA LEU K 565 -128.09 -25.55 -2.07
C LEU K 565 -128.54 -24.79 -0.82
N ILE K 566 -128.96 -23.54 -1.00
CA ILE K 566 -129.32 -22.58 0.07
C ILE K 566 -129.88 -21.31 -0.58
N LYS K 567 -130.80 -20.63 0.11
CA LYS K 567 -131.58 -19.48 -0.41
C LYS K 567 -131.34 -18.20 0.42
N ASN K 568 -131.47 -17.05 -0.24
CA ASN K 568 -131.65 -15.69 0.34
C ASN K 568 -133.06 -15.54 0.92
N LYS K 569 -133.24 -14.49 1.73
CA LYS K 569 -134.52 -13.81 2.01
C LYS K 569 -135.24 -13.43 0.70
N SER K 570 -134.49 -12.97 -0.31
CA SER K 570 -134.96 -12.68 -1.69
C SER K 570 -135.47 -13.94 -2.38
N GLY K 571 -134.91 -15.10 -2.02
CA GLY K 571 -135.21 -16.40 -2.66
C GLY K 571 -134.45 -16.53 -3.96
N LYS K 572 -133.12 -16.65 -3.85
CA LYS K 572 -132.16 -16.78 -4.96
C LYS K 572 -131.16 -17.86 -4.56
N ILE K 573 -131.13 -18.96 -5.31
CA ILE K 573 -130.43 -20.22 -4.90
C ILE K 573 -128.95 -20.10 -5.25
N PHE K 574 -128.13 -20.70 -4.41
CA PHE K 574 -126.65 -20.73 -4.51
C PHE K 574 -126.17 -22.17 -4.33
N VAL K 575 -125.26 -22.61 -5.17
CA VAL K 575 -124.40 -23.77 -4.85
C VAL K 575 -123.56 -23.36 -3.64
N GLU K 576 -123.79 -23.97 -2.49
CA GLU K 576 -123.03 -23.71 -1.24
C GLU K 576 -121.78 -24.60 -1.24
N THR K 577 -120.60 -24.00 -1.16
CA THR K 577 -119.31 -24.71 -0.98
C THR K 577 -118.39 -23.90 -0.07
N LYS K 578 -117.31 -24.51 0.36
CA LYS K 578 -116.27 -23.86 1.16
C LYS K 578 -116.03 -22.46 0.60
N PHE K 579 -115.91 -22.34 -0.71
CA PHE K 579 -115.47 -21.10 -1.40
C PHE K 579 -116.64 -20.12 -1.51
N SER K 580 -117.83 -20.55 -1.95
CA SER K 580 -119.00 -19.64 -2.13
C SER K 580 -119.48 -19.10 -0.78
N LYS K 581 -119.35 -19.88 0.28
CA LYS K 581 -119.71 -19.48 1.67
C LYS K 581 -118.85 -18.30 2.11
N LEU K 582 -117.62 -18.17 1.63
CA LEU K 582 -116.70 -17.09 2.02
C LEU K 582 -117.09 -15.82 1.27
N ILE K 583 -117.42 -15.91 -0.02
CA ILE K 583 -117.58 -14.73 -0.91
C ILE K 583 -119.04 -14.35 -1.11
N GLY K 584 -120.00 -15.20 -0.75
CA GLY K 584 -121.42 -14.83 -0.88
C GLY K 584 -121.91 -14.79 -2.31
N ARG K 585 -121.11 -15.28 -3.24
CA ARG K 585 -121.40 -15.32 -4.68
C ARG K 585 -121.19 -16.75 -5.15
N PRO K 586 -121.77 -17.18 -6.29
CA PRO K 586 -121.57 -18.51 -6.85
C PRO K 586 -120.10 -18.94 -6.97
N PRO K 587 -119.79 -20.24 -6.89
CA PRO K 587 -118.40 -20.67 -6.82
C PRO K 587 -117.73 -20.75 -8.21
N LEU K 588 -117.91 -19.70 -9.02
CA LEU K 588 -117.40 -19.57 -10.41
C LEU K 588 -116.56 -18.30 -10.50
N LEU K 589 -115.28 -18.39 -10.85
CA LEU K 589 -114.46 -17.17 -11.10
C LEU K 589 -113.88 -17.18 -12.51
N VAL K 590 -114.14 -16.09 -13.25
CA VAL K 590 -113.37 -15.69 -14.47
C VAL K 590 -112.01 -15.26 -13.97
N PRO K 591 -110.91 -15.93 -14.32
CA PRO K 591 -109.60 -15.60 -13.77
C PRO K 591 -108.87 -14.47 -14.51
N GLY K 592 -107.69 -14.08 -14.03
CA GLY K 592 -106.86 -13.03 -14.64
C GLY K 592 -106.30 -13.48 -15.98
N MET K 593 -106.80 -12.90 -17.06
CA MET K 593 -106.29 -13.15 -18.43
C MET K 593 -105.75 -11.83 -18.98
N THR K 594 -104.54 -11.80 -19.55
CA THR K 594 -103.79 -10.54 -19.85
C THR K 594 -104.53 -9.64 -20.84
N PRO K 595 -104.88 -10.09 -22.05
CA PRO K 595 -105.70 -9.24 -22.90
C PRO K 595 -107.12 -9.10 -22.28
N CYS K 596 -107.73 -10.18 -21.79
CA CYS K 596 -109.22 -10.31 -21.72
C CYS K 596 -109.82 -9.59 -20.52
N THR K 597 -109.19 -9.69 -19.36
CA THR K 597 -109.64 -9.08 -18.08
C THR K 597 -108.74 -7.90 -17.72
N VAL K 598 -108.06 -7.33 -18.71
CA VAL K 598 -107.29 -6.06 -18.56
C VAL K 598 -108.30 -4.91 -18.62
N SER K 599 -109.36 -5.09 -19.40
CA SER K 599 -110.39 -4.04 -19.61
C SER K 599 -111.12 -3.87 -18.30
N PRO K 600 -111.17 -2.66 -17.72
CA PRO K 600 -112.13 -2.41 -16.63
C PRO K 600 -113.62 -2.44 -17.05
N ASP K 601 -113.93 -2.42 -18.34
CA ASP K 601 -115.33 -2.49 -18.83
C ASP K 601 -115.82 -3.95 -18.77
N PHE K 602 -114.90 -4.91 -18.87
CA PHE K 602 -115.21 -6.36 -18.73
C PHE K 602 -115.28 -6.71 -17.25
N VAL K 603 -114.28 -6.31 -16.47
CA VAL K 603 -114.24 -6.56 -15.00
C VAL K 603 -115.54 -6.07 -14.39
N ALA K 604 -116.01 -4.90 -14.79
CA ALA K 604 -117.24 -4.29 -14.23
C ALA K 604 -118.47 -5.12 -14.59
N ALA K 605 -118.62 -5.51 -15.86
CA ALA K 605 -119.79 -6.26 -16.39
C ALA K 605 -119.92 -7.61 -15.68
N THR K 606 -118.81 -8.33 -15.53
CA THR K 606 -118.72 -9.65 -14.84
C THR K 606 -119.02 -9.51 -13.34
N THR K 607 -118.53 -8.46 -12.69
CA THR K 607 -118.79 -8.16 -11.26
C THR K 607 -120.26 -7.79 -11.08
N ASN K 608 -120.79 -6.94 -11.97
CA ASN K 608 -122.21 -6.50 -11.96
C ASN K 608 -123.07 -7.76 -12.00
N ALA K 609 -122.79 -8.63 -12.96
CA ALA K 609 -123.57 -9.86 -13.24
C ALA K 609 -123.78 -10.64 -11.94
N GLY K 610 -122.69 -10.90 -11.23
CA GLY K 610 -122.68 -11.51 -9.88
C GLY K 610 -121.66 -12.63 -9.77
N TYR K 611 -120.46 -12.44 -10.32
CA TYR K 611 -119.40 -13.47 -10.45
C TYR K 611 -118.04 -12.80 -10.24
N THR K 612 -117.09 -13.54 -9.67
CA THR K 612 -115.79 -13.06 -9.16
C THR K 612 -114.85 -12.99 -10.36
N ILE K 613 -113.96 -12.00 -10.41
CA ILE K 613 -113.10 -11.74 -11.59
C ILE K 613 -111.84 -11.01 -11.13
N GLU K 614 -110.70 -11.34 -11.73
CA GLU K 614 -109.39 -10.72 -11.44
C GLU K 614 -109.14 -9.65 -12.51
N LEU K 615 -108.76 -8.44 -12.12
CA LEU K 615 -108.14 -7.45 -13.03
C LEU K 615 -106.71 -7.93 -13.26
N ALA K 616 -106.20 -7.79 -14.47
CA ALA K 616 -104.93 -8.43 -14.90
C ALA K 616 -103.79 -7.39 -14.85
N GLY K 617 -102.87 -7.54 -13.91
CA GLY K 617 -101.63 -6.75 -13.84
C GLY K 617 -100.88 -6.75 -15.16
N GLY K 618 -100.84 -7.90 -15.82
CA GLY K 618 -100.04 -8.17 -17.04
C GLY K 618 -100.27 -7.19 -18.16
N GLY K 619 -101.38 -6.45 -18.18
CA GLY K 619 -101.60 -5.43 -19.22
C GLY K 619 -101.39 -4.00 -18.73
N TYR K 620 -100.71 -3.82 -17.59
CA TYR K 620 -100.47 -2.52 -16.94
C TYR K 620 -98.97 -2.44 -16.63
N PHE K 621 -98.37 -1.24 -16.71
CA PHE K 621 -96.90 -1.04 -16.73
C PHE K 621 -96.40 -0.09 -15.61
N SER K 622 -97.27 0.28 -14.67
CA SER K 622 -97.02 1.34 -13.66
C SER K 622 -98.22 1.47 -12.70
N ALA K 623 -97.99 1.87 -11.45
CA ALA K 623 -99.07 2.12 -10.47
C ALA K 623 -100.08 3.10 -11.06
N ALA K 624 -99.58 4.19 -11.64
CA ALA K 624 -100.42 5.27 -12.21
C ALA K 624 -101.43 4.65 -13.16
N GLY K 625 -100.94 3.82 -14.09
CA GLY K 625 -101.71 3.19 -15.18
C GLY K 625 -102.77 2.26 -14.62
N MET K 626 -102.38 1.42 -13.66
CA MET K 626 -103.29 0.46 -12.99
C MET K 626 -104.29 1.23 -12.13
N THR K 627 -103.85 2.12 -11.24
CA THR K 627 -104.76 2.97 -10.42
C THR K 627 -105.88 3.59 -11.29
N ALA K 628 -105.58 4.10 -12.47
CA ALA K 628 -106.57 4.67 -13.41
C ALA K 628 -107.59 3.61 -13.80
N ALA K 629 -107.13 2.35 -13.95
CA ALA K 629 -107.91 1.16 -14.35
C ALA K 629 -108.85 0.76 -13.21
N ILE K 630 -108.27 0.50 -12.04
CA ILE K 630 -108.99 0.16 -10.77
C ILE K 630 -110.04 1.24 -10.48
N ASP K 631 -109.74 2.52 -10.70
CA ASP K 631 -110.69 3.64 -10.46
C ASP K 631 -111.84 3.56 -11.46
N SER K 632 -111.55 3.23 -12.72
CA SER K 632 -112.56 3.04 -13.78
C SER K 632 -113.49 1.86 -13.44
N VAL K 633 -112.98 0.81 -12.78
CA VAL K 633 -113.78 -0.35 -12.29
C VAL K 633 -114.71 0.15 -11.17
N VAL K 634 -114.15 0.65 -10.07
CA VAL K 634 -114.90 1.18 -8.89
C VAL K 634 -116.03 2.13 -9.33
N SER K 635 -115.81 2.94 -10.37
CA SER K 635 -116.83 3.90 -10.90
C SER K 635 -118.04 3.17 -11.51
N GLN K 636 -117.89 1.92 -11.95
CA GLN K 636 -118.89 1.21 -12.81
C GLN K 636 -119.64 0.14 -12.01
N ILE K 637 -118.98 -0.54 -11.06
CA ILE K 637 -119.58 -1.60 -10.20
C ILE K 637 -120.55 -0.95 -9.22
N GLU K 638 -121.41 -1.77 -8.58
CA GLU K 638 -122.41 -1.32 -7.58
C GLU K 638 -121.76 -1.20 -6.19
N LYS K 639 -122.23 -0.23 -5.41
CA LYS K 639 -121.95 -0.10 -3.95
C LYS K 639 -121.96 -1.50 -3.34
N GLY K 640 -120.84 -1.93 -2.75
CA GLY K 640 -120.74 -3.21 -2.02
C GLY K 640 -119.98 -4.25 -2.82
N SER K 641 -119.97 -4.15 -4.16
CA SER K 641 -119.25 -5.10 -5.05
C SER K 641 -117.76 -5.11 -4.69
N THR K 642 -117.07 -6.18 -5.10
CA THR K 642 -115.60 -6.31 -5.02
C THR K 642 -115.08 -6.83 -6.37
N PHE K 643 -113.77 -7.07 -6.44
CA PHE K 643 -113.07 -7.77 -7.54
C PHE K 643 -111.66 -8.07 -7.04
N GLY K 644 -110.82 -8.70 -7.85
CA GLY K 644 -109.44 -9.00 -7.41
C GLY K 644 -108.43 -8.57 -8.43
N ILE K 645 -107.20 -9.06 -8.27
CA ILE K 645 -106.00 -8.62 -9.03
C ILE K 645 -105.09 -9.84 -9.22
N ASN K 646 -104.68 -10.10 -10.47
CA ASN K 646 -103.69 -11.11 -10.87
C ASN K 646 -102.37 -10.37 -11.04
N LEU K 647 -101.28 -10.91 -10.52
CA LEU K 647 -99.91 -10.36 -10.65
C LEU K 647 -99.00 -11.52 -11.04
N ILE K 648 -98.31 -11.38 -12.15
CA ILE K 648 -97.48 -12.47 -12.71
C ILE K 648 -96.20 -12.52 -11.88
N TYR K 649 -95.89 -13.68 -11.26
CA TYR K 649 -94.82 -13.84 -10.25
C TYR K 649 -93.44 -13.76 -10.91
N VAL K 650 -93.39 -14.16 -12.17
CA VAL K 650 -92.17 -14.25 -13.00
C VAL K 650 -91.87 -12.88 -13.64
N ASN K 651 -92.51 -11.80 -13.18
CA ASN K 651 -92.34 -10.39 -13.67
C ASN K 651 -92.01 -9.53 -12.45
N PRO K 652 -90.72 -9.43 -12.09
CA PRO K 652 -90.32 -8.83 -10.83
C PRO K 652 -90.67 -7.34 -10.72
N PHE K 653 -90.83 -6.69 -11.88
CA PHE K 653 -91.13 -5.26 -11.96
C PHE K 653 -92.59 -5.02 -11.52
N MET K 654 -93.54 -5.75 -12.08
CA MET K 654 -94.98 -5.62 -11.70
C MET K 654 -95.18 -5.89 -10.20
N LEU K 655 -94.47 -6.87 -9.64
CA LEU K 655 -94.46 -7.15 -8.18
C LEU K 655 -93.92 -5.94 -7.41
N GLN K 656 -92.93 -5.24 -7.95
CA GLN K 656 -92.23 -4.15 -7.21
C GLN K 656 -93.16 -2.93 -7.09
N TRP K 657 -93.97 -2.61 -8.10
CA TRP K 657 -94.88 -1.45 -8.05
C TRP K 657 -96.27 -1.85 -7.58
N GLY K 658 -96.66 -3.12 -7.75
CA GLY K 658 -98.05 -3.58 -7.69
C GLY K 658 -98.42 -4.06 -6.30
N ILE K 659 -97.53 -4.75 -5.62
CA ILE K 659 -97.75 -5.12 -4.19
C ILE K 659 -97.92 -3.85 -3.36
N PRO K 660 -96.97 -2.88 -3.36
CA PRO K 660 -97.19 -1.59 -2.69
C PRO K 660 -98.48 -0.86 -3.07
N LEU K 661 -98.90 -0.96 -4.32
CA LEU K 661 -100.15 -0.31 -4.84
C LEU K 661 -101.38 -0.91 -4.18
N ILE K 662 -101.36 -2.21 -3.88
CA ILE K 662 -102.54 -2.90 -3.27
C ILE K 662 -102.58 -2.44 -1.82
N LYS K 663 -101.48 -2.68 -1.09
CA LYS K 663 -101.30 -2.24 0.31
C LYS K 663 -101.78 -0.81 0.48
N GLU K 664 -101.51 0.07 -0.48
CA GLU K 664 -101.93 1.50 -0.42
C GLU K 664 -103.45 1.62 -0.60
N LEU K 665 -103.98 1.05 -1.68
CA LEU K 665 -105.42 1.14 -2.07
C LEU K 665 -106.28 0.38 -1.06
N ARG K 666 -105.72 -0.65 -0.45
CA ARG K 666 -106.43 -1.52 0.53
C ARG K 666 -106.48 -0.79 1.89
N SER K 667 -105.47 0.00 2.22
CA SER K 667 -105.43 0.92 3.39
C SER K 667 -106.34 2.13 3.21
N LYS K 668 -106.76 2.49 1.98
CA LYS K 668 -107.78 3.55 1.74
C LYS K 668 -109.17 2.95 1.61
N GLY K 669 -109.26 1.63 1.80
CA GLY K 669 -110.50 0.84 1.69
C GLY K 669 -111.04 0.74 0.28
N TYR K 670 -110.21 0.50 -0.74
CA TYR K 670 -110.68 0.15 -2.10
C TYR K 670 -111.22 -1.28 -2.05
N PRO K 671 -112.30 -1.60 -2.80
CA PRO K 671 -112.93 -2.92 -2.73
C PRO K 671 -112.17 -4.04 -3.47
N ILE K 672 -110.96 -4.33 -3.03
CA ILE K 672 -110.10 -5.38 -3.60
C ILE K 672 -110.18 -6.56 -2.64
N GLN K 673 -111.00 -7.54 -3.00
CA GLN K 673 -111.36 -8.69 -2.12
C GLN K 673 -110.15 -9.62 -2.01
N PHE K 674 -109.35 -9.77 -3.05
CA PHE K 674 -108.30 -10.80 -3.08
C PHE K 674 -107.25 -10.52 -4.17
N LEU K 675 -106.15 -11.25 -4.09
CA LEU K 675 -104.98 -11.13 -4.98
C LEU K 675 -104.58 -12.53 -5.35
N THR K 676 -104.67 -12.86 -6.63
CA THR K 676 -104.14 -14.11 -7.21
C THR K 676 -102.74 -13.85 -7.72
N ILE K 677 -101.76 -14.60 -7.25
CA ILE K 677 -100.40 -14.57 -7.83
C ILE K 677 -100.31 -15.72 -8.84
N GLY K 678 -100.29 -15.35 -10.12
CA GLY K 678 -100.12 -16.25 -11.28
C GLY K 678 -98.66 -16.55 -11.61
N ALA K 679 -98.43 -17.53 -12.47
CA ALA K 679 -97.13 -17.84 -13.13
C ALA K 679 -96.08 -18.32 -12.14
N GLY K 680 -96.48 -18.78 -10.96
CA GLY K 680 -95.55 -19.16 -9.88
C GLY K 680 -96.24 -19.23 -8.54
N VAL K 681 -95.56 -19.78 -7.54
CA VAL K 681 -95.97 -19.70 -6.11
C VAL K 681 -94.85 -19.02 -5.35
N PRO K 682 -95.13 -17.94 -4.61
CA PRO K 682 -94.10 -17.26 -3.82
C PRO K 682 -93.48 -18.15 -2.75
N SER K 683 -92.37 -17.72 -2.17
CA SER K 683 -91.70 -18.40 -1.03
C SER K 683 -92.51 -18.16 0.25
N LEU K 684 -92.27 -18.90 1.32
CA LEU K 684 -93.00 -18.71 2.60
C LEU K 684 -92.83 -17.27 3.07
N GLU K 685 -91.60 -16.76 3.07
CA GLU K 685 -91.29 -15.43 3.68
C GLU K 685 -91.99 -14.34 2.88
N VAL K 686 -92.07 -14.47 1.55
CA VAL K 686 -92.80 -13.49 0.69
C VAL K 686 -94.29 -13.61 1.04
N ALA K 687 -94.92 -14.75 0.72
CA ALA K 687 -96.36 -15.03 0.89
C ALA K 687 -96.85 -14.57 2.27
N SER K 688 -96.05 -14.82 3.31
CA SER K 688 -96.24 -14.32 4.69
C SER K 688 -96.45 -12.80 4.71
N GLU K 689 -95.68 -12.05 3.92
CA GLU K 689 -95.79 -10.56 3.81
C GLU K 689 -97.08 -10.19 3.05
N TYR K 690 -97.47 -10.93 2.02
CA TYR K 690 -98.76 -10.71 1.29
C TYR K 690 -99.93 -10.99 2.22
N ILE K 691 -99.81 -12.04 3.03
CA ILE K 691 -100.92 -12.55 3.89
C ILE K 691 -101.20 -11.58 5.04
N GLU K 692 -100.15 -10.99 5.63
CA GLU K 692 -100.26 -10.13 6.84
C GLU K 692 -100.49 -8.67 6.44
N THR K 693 -99.79 -8.18 5.42
CA THR K 693 -99.51 -6.73 5.19
C THR K 693 -100.57 -6.05 4.31
N LEU K 694 -101.09 -6.74 3.30
CA LEU K 694 -102.19 -6.30 2.41
C LEU K 694 -103.47 -6.80 3.06
N GLY K 695 -104.43 -5.91 3.34
CA GLY K 695 -105.61 -6.31 4.11
C GLY K 695 -106.57 -7.07 3.22
N LEU K 696 -106.21 -8.30 2.85
CA LEU K 696 -106.96 -9.08 1.85
C LEU K 696 -107.83 -10.13 2.57
N LYS K 697 -108.93 -10.50 1.92
CA LYS K 697 -109.84 -11.56 2.41
C LYS K 697 -109.20 -12.94 2.14
N TYR K 698 -108.67 -13.16 0.94
CA TYR K 698 -107.97 -14.42 0.58
C TYR K 698 -106.89 -14.22 -0.48
N LEU K 699 -105.92 -15.13 -0.52
CA LEU K 699 -104.83 -15.16 -1.52
C LEU K 699 -105.06 -16.31 -2.48
N GLY K 700 -105.11 -16.03 -3.78
CA GLY K 700 -105.12 -17.04 -4.87
C GLY K 700 -103.69 -17.51 -5.19
N LEU K 701 -103.49 -18.80 -5.36
CA LEU K 701 -102.20 -19.33 -5.81
C LEU K 701 -102.43 -20.38 -6.90
N LYS K 702 -101.70 -20.29 -8.02
CA LYS K 702 -101.82 -21.22 -9.18
C LYS K 702 -100.56 -22.06 -9.29
N PRO K 703 -100.45 -23.19 -8.58
CA PRO K 703 -99.32 -24.08 -8.75
C PRO K 703 -99.42 -24.91 -10.03
N GLY K 704 -98.28 -25.14 -10.68
CA GLY K 704 -98.22 -25.87 -11.96
C GLY K 704 -98.17 -27.37 -11.71
N SER K 705 -97.30 -27.76 -10.78
CA SER K 705 -96.80 -29.13 -10.56
C SER K 705 -97.18 -29.61 -9.16
N ILE K 706 -96.77 -30.83 -8.78
CA ILE K 706 -96.91 -31.39 -7.40
C ILE K 706 -96.04 -30.55 -6.43
N ASP K 707 -94.79 -30.24 -6.79
CA ASP K 707 -93.83 -29.55 -5.89
C ASP K 707 -94.39 -28.18 -5.49
N ALA K 708 -95.15 -27.55 -6.39
CA ALA K 708 -95.80 -26.25 -6.16
C ALA K 708 -97.02 -26.40 -5.26
N ILE K 709 -97.84 -27.45 -5.46
CA ILE K 709 -98.98 -27.77 -4.55
C ILE K 709 -98.45 -27.94 -3.14
N SER K 710 -97.35 -28.66 -2.98
CA SER K 710 -96.61 -28.82 -1.68
C SER K 710 -96.23 -27.44 -1.10
N GLN K 711 -95.78 -26.52 -1.94
CA GLN K 711 -95.39 -25.15 -1.50
C GLN K 711 -96.62 -24.38 -1.03
N VAL K 712 -97.79 -24.58 -1.65
CA VAL K 712 -99.07 -23.91 -1.23
C VAL K 712 -99.48 -24.43 0.15
N ILE K 713 -99.67 -25.73 0.30
CA ILE K 713 -99.89 -26.44 1.60
C ILE K 713 -99.02 -25.84 2.71
N ASN K 714 -97.71 -25.68 2.48
CA ASN K 714 -96.77 -25.12 3.47
C ASN K 714 -97.12 -23.66 3.82
N ILE K 715 -97.69 -22.89 2.89
CA ILE K 715 -98.11 -21.47 3.13
C ILE K 715 -99.40 -21.45 3.96
N ALA K 716 -100.33 -22.35 3.68
CA ALA K 716 -101.61 -22.51 4.42
C ALA K 716 -101.38 -23.14 5.80
N LYS K 717 -100.25 -23.80 6.03
CA LYS K 717 -99.88 -24.37 7.34
C LYS K 717 -99.39 -23.22 8.23
N ALA K 718 -98.58 -22.35 7.64
CA ALA K 718 -97.95 -21.16 8.26
C ALA K 718 -99.00 -20.14 8.69
N HIS K 719 -100.15 -20.09 8.02
CA HIS K 719 -101.24 -19.10 8.29
C HIS K 719 -102.57 -19.84 8.30
N PRO K 720 -102.83 -20.62 9.37
CA PRO K 720 -103.92 -21.59 9.34
C PRO K 720 -105.32 -20.98 9.34
N ASN K 721 -105.44 -19.70 9.66
CA ASN K 721 -106.75 -19.00 9.69
C ASN K 721 -107.02 -18.31 8.36
N PHE K 722 -105.96 -17.91 7.66
CA PHE K 722 -106.06 -17.14 6.39
C PHE K 722 -106.57 -18.04 5.26
N PRO K 723 -107.66 -17.68 4.58
CA PRO K 723 -108.12 -18.45 3.43
C PRO K 723 -107.20 -18.38 2.22
N ILE K 724 -107.08 -19.47 1.47
CA ILE K 724 -106.07 -19.64 0.39
C ILE K 724 -106.70 -20.40 -0.76
N ALA K 725 -107.08 -19.73 -1.84
CA ALA K 725 -107.75 -20.35 -3.01
C ALA K 725 -106.68 -21.00 -3.88
N LEU K 726 -106.66 -22.33 -3.94
CA LEU K 726 -105.61 -23.08 -4.65
C LEU K 726 -106.21 -23.34 -6.02
N GLN K 727 -105.81 -22.56 -7.03
CA GLN K 727 -106.42 -22.61 -8.37
C GLN K 727 -105.59 -23.62 -9.16
N TRP K 728 -106.06 -24.84 -9.18
CA TRP K 728 -105.40 -25.96 -9.89
C TRP K 728 -105.87 -25.93 -11.34
N THR K 729 -104.90 -26.08 -12.22
CA THR K 729 -105.01 -25.89 -13.67
C THR K 729 -104.13 -26.96 -14.30
N GLY K 730 -104.62 -27.65 -15.32
CA GLY K 730 -103.76 -28.59 -16.06
C GLY K 730 -103.19 -27.95 -17.32
N GLY K 731 -102.17 -28.59 -17.89
CA GLY K 731 -101.54 -28.16 -19.14
C GLY K 731 -102.54 -27.90 -20.25
N ARG K 732 -103.73 -28.49 -20.17
CA ARG K 732 -104.75 -28.40 -21.25
C ARG K 732 -105.39 -27.01 -21.27
N GLY K 733 -104.96 -26.12 -20.40
CA GLY K 733 -105.55 -24.77 -20.29
C GLY K 733 -104.99 -23.84 -21.32
N GLY K 734 -105.82 -22.89 -21.76
CA GLY K 734 -105.41 -21.79 -22.66
C GLY K 734 -104.41 -20.86 -21.99
N GLY K 735 -103.56 -20.21 -22.79
CA GLY K 735 -102.55 -19.27 -22.33
C GLY K 735 -101.26 -19.99 -22.03
N HIS K 736 -100.44 -19.44 -21.15
CA HIS K 736 -99.20 -20.10 -20.66
C HIS K 736 -99.64 -21.34 -19.90
N HIS K 737 -99.09 -22.51 -20.22
CA HIS K 737 -99.50 -23.78 -19.60
C HIS K 737 -98.33 -24.66 -19.20
N SER K 738 -98.60 -25.58 -18.28
CA SER K 738 -97.66 -26.62 -17.79
C SER K 738 -97.69 -27.81 -18.73
N PHE K 739 -96.87 -28.81 -18.43
CA PHE K 739 -96.86 -30.11 -19.13
C PHE K 739 -97.64 -31.16 -18.35
N GLU K 740 -98.52 -30.74 -17.44
CA GLU K 740 -99.15 -31.61 -16.42
C GLU K 740 -100.55 -32.04 -16.87
N ASP K 741 -100.92 -33.27 -16.52
CA ASP K 741 -102.30 -33.81 -16.58
C ASP K 741 -103.18 -33.06 -15.58
N ALA K 742 -104.47 -32.92 -15.87
CA ALA K 742 -105.44 -32.22 -14.98
C ALA K 742 -105.75 -33.11 -13.77
N HIS K 743 -105.74 -34.44 -13.92
CA HIS K 743 -106.30 -35.37 -12.91
C HIS K 743 -105.19 -35.94 -12.02
N THR K 744 -104.21 -36.61 -12.60
CA THR K 744 -103.14 -37.34 -11.88
C THR K 744 -102.63 -36.54 -10.67
N PRO K 745 -102.21 -35.27 -10.80
CA PRO K 745 -101.63 -34.56 -9.65
C PRO K 745 -102.67 -34.27 -8.55
N MET K 746 -103.95 -34.15 -8.90
CA MET K 746 -105.01 -33.93 -7.88
C MET K 746 -105.23 -35.21 -7.09
N LEU K 747 -105.29 -36.36 -7.76
CA LEU K 747 -105.46 -37.68 -7.11
C LEU K 747 -104.31 -37.90 -6.12
N GLN K 748 -103.10 -37.46 -6.45
CA GLN K 748 -101.90 -37.68 -5.58
C GLN K 748 -101.90 -36.75 -4.36
N MET K 749 -102.48 -35.53 -4.47
CA MET K 749 -102.31 -34.43 -3.48
C MET K 749 -103.62 -34.05 -2.78
N TYR K 750 -104.78 -34.45 -3.30
CA TYR K 750 -106.09 -34.04 -2.74
C TYR K 750 -106.13 -34.30 -1.24
N SER K 751 -105.86 -35.54 -0.84
CA SER K 751 -105.80 -36.00 0.57
C SER K 751 -104.99 -35.01 1.41
N LYS K 752 -103.78 -34.67 0.97
CA LYS K 752 -102.88 -33.76 1.70
C LYS K 752 -103.47 -32.35 1.75
N ILE K 753 -104.13 -31.91 0.67
CA ILE K 753 -104.71 -30.54 0.57
C ILE K 753 -105.84 -30.41 1.58
N ARG K 754 -106.76 -31.39 1.62
CA ARG K 754 -107.97 -31.35 2.49
C ARG K 754 -107.61 -31.44 4.00
N ARG K 755 -106.37 -31.82 4.35
CA ARG K 755 -105.88 -31.76 5.76
C ARG K 755 -105.87 -30.31 6.27
N HIS K 756 -105.92 -29.33 5.38
CA HIS K 756 -105.85 -27.88 5.73
C HIS K 756 -107.17 -27.21 5.40
N PRO K 757 -108.02 -26.87 6.38
CA PRO K 757 -109.38 -26.40 6.08
C PRO K 757 -109.39 -24.99 5.47
N ASN K 758 -108.32 -24.22 5.65
CA ASN K 758 -108.22 -22.85 5.09
C ASN K 758 -107.98 -22.90 3.58
N ILE K 759 -107.51 -24.02 3.01
CA ILE K 759 -107.37 -24.17 1.54
C ILE K 759 -108.73 -24.47 0.91
N MET K 760 -109.19 -23.55 0.08
CA MET K 760 -110.42 -23.69 -0.74
C MET K 760 -109.93 -24.06 -2.14
N LEU K 761 -110.35 -25.20 -2.67
CA LEU K 761 -109.70 -25.91 -3.79
C LEU K 761 -110.53 -25.72 -5.07
N ILE K 762 -109.98 -24.97 -6.03
CA ILE K 762 -110.70 -24.53 -7.25
C ILE K 762 -110.09 -25.20 -8.47
N PHE K 763 -110.91 -25.88 -9.25
CA PHE K 763 -110.51 -26.63 -10.47
C PHE K 763 -110.82 -25.77 -11.69
N GLY K 764 -109.81 -25.55 -12.54
CA GLY K 764 -110.03 -24.99 -13.88
C GLY K 764 -109.23 -25.72 -14.93
N SER K 765 -109.42 -25.30 -16.18
CA SER K 765 -108.78 -25.81 -17.42
C SER K 765 -109.76 -26.76 -18.08
N GLY K 766 -110.37 -26.33 -19.16
CA GLY K 766 -111.16 -27.17 -20.06
C GLY K 766 -112.56 -27.32 -19.56
N PHE K 767 -113.21 -26.22 -19.20
CA PHE K 767 -114.63 -26.19 -18.75
C PHE K 767 -115.40 -25.17 -19.53
N GLY K 768 -116.69 -25.43 -19.74
CA GLY K 768 -117.55 -24.57 -20.58
C GLY K 768 -119.02 -24.60 -20.19
N SER K 769 -119.49 -25.69 -19.59
CA SER K 769 -120.90 -25.88 -19.20
C SER K 769 -120.96 -26.51 -17.81
N ALA K 770 -122.18 -26.63 -17.27
CA ALA K 770 -122.46 -27.37 -16.01
C ALA K 770 -122.10 -28.83 -16.18
N ASP K 771 -122.31 -29.37 -17.38
CA ASP K 771 -122.39 -30.83 -17.65
C ASP K 771 -121.01 -31.46 -17.47
N ASP K 772 -119.96 -30.80 -17.96
CA ASP K 772 -118.56 -31.30 -17.87
C ASP K 772 -117.96 -30.92 -16.52
N THR K 773 -118.54 -29.92 -15.84
CA THR K 773 -117.98 -29.38 -14.58
C THR K 773 -118.75 -29.95 -13.39
N TYR K 774 -119.89 -30.61 -13.59
CA TYR K 774 -120.73 -31.23 -12.52
C TYR K 774 -120.03 -32.42 -11.87
N PRO K 775 -119.41 -33.35 -12.62
CA PRO K 775 -118.66 -34.42 -11.98
C PRO K 775 -117.59 -33.98 -10.97
N TYR K 776 -117.10 -32.74 -11.05
CA TYR K 776 -116.04 -32.22 -10.15
C TYR K 776 -116.70 -31.58 -8.92
N LEU K 777 -117.91 -31.08 -9.07
CA LEU K 777 -118.68 -30.50 -7.95
C LEU K 777 -119.04 -31.63 -6.99
N THR K 778 -119.49 -32.75 -7.55
CA THR K 778 -120.12 -33.89 -6.85
C THR K 778 -119.08 -34.86 -6.31
N GLY K 779 -117.84 -34.82 -6.82
CA GLY K 779 -116.75 -35.71 -6.39
C GLY K 779 -116.62 -36.94 -7.27
N GLU K 780 -117.58 -37.21 -8.15
CA GLU K 780 -117.70 -38.51 -8.89
C GLU K 780 -116.65 -38.60 -10.02
N TRP K 781 -116.01 -37.49 -10.43
CA TRP K 781 -114.91 -37.55 -11.42
C TRP K 781 -113.84 -38.58 -11.02
N SER K 782 -113.51 -38.66 -9.73
CA SER K 782 -112.36 -39.46 -9.22
C SER K 782 -112.76 -40.94 -9.07
N THR K 783 -114.05 -41.25 -9.19
CA THR K 783 -114.58 -42.64 -9.22
C THR K 783 -114.03 -43.35 -10.46
N LYS K 784 -114.01 -42.69 -11.63
CA LYS K 784 -113.52 -43.21 -12.94
C LYS K 784 -112.11 -43.80 -12.83
N PHE K 785 -111.29 -43.32 -11.89
CA PHE K 785 -109.88 -43.74 -11.71
C PHE K 785 -109.75 -44.67 -10.49
N ASP K 786 -110.86 -45.25 -10.00
CA ASP K 786 -110.88 -46.21 -8.85
C ASP K 786 -110.42 -45.54 -7.55
N TYR K 787 -110.61 -44.24 -7.39
CA TYR K 787 -110.43 -43.52 -6.10
C TYR K 787 -111.80 -43.28 -5.48
N PRO K 788 -111.88 -42.90 -4.19
CA PRO K 788 -113.14 -42.51 -3.59
C PRO K 788 -113.52 -41.11 -4.07
N PRO K 789 -114.80 -40.70 -3.92
CA PRO K 789 -115.21 -39.35 -4.32
C PRO K 789 -114.38 -38.24 -3.66
N MET K 790 -114.22 -37.12 -4.37
CA MET K 790 -113.11 -36.15 -4.17
C MET K 790 -113.55 -34.78 -4.64
N PRO K 791 -114.55 -34.14 -4.02
CA PRO K 791 -115.19 -32.97 -4.62
C PRO K 791 -114.46 -31.64 -4.40
N PHE K 792 -114.67 -30.72 -5.34
CA PHE K 792 -113.98 -29.42 -5.54
C PHE K 792 -114.91 -28.29 -5.12
N ASP K 793 -114.34 -27.21 -4.59
CA ASP K 793 -115.10 -26.09 -3.97
C ASP K 793 -115.49 -25.01 -4.98
N GLY K 794 -115.05 -25.08 -6.24
CA GLY K 794 -115.50 -24.18 -7.32
C GLY K 794 -114.59 -24.23 -8.52
N PHE K 795 -114.92 -23.47 -9.57
CA PHE K 795 -114.34 -23.60 -10.93
C PHE K 795 -113.88 -22.27 -11.48
N LEU K 796 -112.93 -22.31 -12.42
CA LEU K 796 -112.56 -21.12 -13.21
C LEU K 796 -112.62 -21.43 -14.70
N PHE K 797 -113.13 -20.43 -15.44
CA PHE K 797 -113.42 -20.47 -16.88
C PHE K 797 -112.71 -19.30 -17.55
N GLY K 798 -111.54 -19.54 -18.13
CA GLY K 798 -110.82 -18.53 -18.93
C GLY K 798 -111.31 -18.54 -20.37
N SER K 799 -110.71 -19.43 -21.17
CA SER K 799 -110.99 -19.71 -22.60
C SER K 799 -112.48 -19.56 -22.91
N ARG K 800 -113.35 -20.11 -22.07
CA ARG K 800 -114.82 -20.12 -22.28
C ARG K 800 -115.35 -18.73 -22.63
N VAL K 801 -114.77 -17.70 -22.02
CA VAL K 801 -115.48 -16.41 -21.72
C VAL K 801 -114.92 -15.34 -22.66
N MET K 802 -114.08 -15.74 -23.62
CA MET K 802 -113.29 -14.87 -24.51
C MET K 802 -114.14 -14.33 -25.67
N ILE K 803 -115.37 -14.82 -25.82
CA ILE K 803 -116.27 -14.40 -26.93
C ILE K 803 -117.50 -13.73 -26.36
N ALA K 804 -117.56 -13.53 -25.06
CA ALA K 804 -118.69 -12.85 -24.40
C ALA K 804 -118.91 -11.49 -25.06
N LYS K 805 -120.17 -11.04 -25.12
CA LYS K 805 -120.64 -9.74 -25.69
C LYS K 805 -119.67 -8.59 -25.34
N GLU K 806 -119.17 -8.52 -24.10
CA GLU K 806 -118.52 -7.30 -23.55
C GLU K 806 -117.08 -7.60 -23.11
N VAL K 807 -116.35 -8.38 -23.90
CA VAL K 807 -114.85 -8.33 -23.92
C VAL K 807 -114.45 -7.51 -25.14
N LYS K 808 -113.15 -7.22 -25.24
CA LYS K 808 -112.59 -6.26 -26.20
C LYS K 808 -111.93 -6.99 -27.37
N THR K 809 -111.71 -8.30 -27.27
CA THR K 809 -111.37 -9.22 -28.39
C THR K 809 -112.11 -8.76 -29.66
N SER K 810 -111.37 -8.40 -30.72
CA SER K 810 -111.90 -7.79 -31.95
C SER K 810 -112.86 -8.76 -32.63
N PRO K 811 -113.97 -8.29 -33.25
CA PRO K 811 -114.96 -9.20 -33.83
C PRO K 811 -114.37 -10.35 -34.67
N ASP K 812 -113.41 -10.06 -35.54
CA ASP K 812 -112.77 -11.04 -36.47
C ASP K 812 -112.09 -12.15 -35.66
N ALA K 813 -111.55 -11.82 -34.49
CA ALA K 813 -110.82 -12.75 -33.59
C ALA K 813 -111.82 -13.70 -32.92
N LYS K 814 -112.97 -13.16 -32.49
CA LYS K 814 -114.09 -13.95 -31.94
C LYS K 814 -114.55 -14.97 -32.98
N LYS K 815 -114.78 -14.57 -34.24
CA LYS K 815 -115.12 -15.48 -35.37
C LYS K 815 -114.07 -16.59 -35.48
N CYS K 816 -112.82 -16.22 -35.41
CA CYS K 816 -111.64 -17.12 -35.42
C CYS K 816 -111.70 -18.09 -34.22
N ILE K 817 -112.12 -17.63 -33.03
CA ILE K 817 -112.26 -18.47 -31.79
C ILE K 817 -113.44 -19.45 -31.97
N ALA K 818 -114.59 -18.95 -32.42
CA ALA K 818 -115.81 -19.75 -32.63
C ALA K 818 -115.56 -20.88 -33.65
N ALA K 819 -114.61 -20.68 -34.57
CA ALA K 819 -114.26 -21.63 -35.67
C ALA K 819 -113.43 -22.80 -35.14
N CYS K 820 -112.53 -22.57 -34.17
CA CYS K 820 -111.72 -23.62 -33.48
C CYS K 820 -112.68 -24.67 -32.92
N THR K 821 -112.63 -25.88 -33.46
CA THR K 821 -113.54 -26.99 -33.10
C THR K 821 -113.15 -27.45 -31.69
N GLY K 822 -111.85 -27.47 -31.45
CA GLY K 822 -111.27 -28.06 -30.23
C GLY K 822 -111.22 -29.56 -30.31
N VAL K 823 -111.02 -30.19 -29.16
CA VAL K 823 -110.65 -31.62 -29.05
C VAL K 823 -110.89 -32.02 -27.59
N PRO K 824 -111.34 -33.25 -27.24
CA PRO K 824 -111.48 -33.64 -25.84
C PRO K 824 -110.14 -33.81 -25.10
N ASP K 825 -110.19 -34.03 -23.79
CA ASP K 825 -108.98 -34.11 -22.91
C ASP K 825 -108.04 -35.25 -23.34
N ASP K 826 -108.56 -36.33 -23.93
CA ASP K 826 -107.73 -37.50 -24.35
C ASP K 826 -106.62 -37.06 -25.32
N LYS K 827 -106.86 -36.04 -26.15
CA LYS K 827 -106.05 -35.73 -27.37
C LYS K 827 -105.30 -34.40 -27.25
N TRP K 828 -105.56 -33.58 -26.23
CA TRP K 828 -105.08 -32.17 -26.18
C TRP K 828 -103.57 -32.10 -26.34
N GLU K 829 -102.79 -33.11 -25.96
CA GLU K 829 -101.31 -33.01 -25.98
C GLU K 829 -100.80 -33.07 -27.42
N GLN K 830 -101.67 -33.34 -28.39
CA GLN K 830 -101.27 -33.29 -29.82
C GLN K 830 -100.75 -31.88 -30.13
N THR K 831 -101.22 -30.86 -29.42
CA THR K 831 -100.91 -29.42 -29.66
C THR K 831 -99.40 -29.14 -29.68
N TYR K 832 -98.60 -29.92 -29.00
CA TYR K 832 -97.13 -29.75 -28.98
C TYR K 832 -96.51 -30.06 -30.35
N LYS K 833 -97.23 -30.78 -31.23
CA LYS K 833 -96.76 -31.22 -32.57
C LYS K 833 -97.36 -30.35 -33.68
N LYS K 834 -98.69 -30.27 -33.73
CA LYS K 834 -99.43 -29.77 -34.91
C LYS K 834 -100.80 -29.23 -34.52
N PRO K 835 -101.40 -28.34 -35.34
CA PRO K 835 -102.72 -27.77 -35.05
C PRO K 835 -103.79 -28.82 -34.73
N THR K 836 -104.32 -28.76 -33.50
CA THR K 836 -105.21 -29.77 -32.88
C THR K 836 -106.47 -29.05 -32.42
N GLY K 837 -107.56 -29.15 -33.17
CA GLY K 837 -108.79 -28.40 -32.89
C GLY K 837 -108.66 -26.94 -33.27
N GLY K 838 -107.70 -26.59 -34.13
CA GLY K 838 -107.40 -25.21 -34.54
C GLY K 838 -106.46 -24.49 -33.57
N ILE K 839 -105.61 -25.22 -32.83
CA ILE K 839 -104.82 -24.70 -31.69
C ILE K 839 -103.45 -25.38 -31.61
N VAL K 840 -102.39 -24.62 -31.35
CA VAL K 840 -101.02 -25.20 -31.18
C VAL K 840 -100.41 -24.63 -29.92
N THR K 841 -99.33 -25.27 -29.45
CA THR K 841 -98.43 -24.68 -28.44
C THR K 841 -97.20 -24.13 -29.17
N VAL K 842 -96.78 -22.95 -28.75
CA VAL K 842 -95.52 -22.28 -29.17
C VAL K 842 -94.83 -21.82 -27.90
N ARG K 843 -93.50 -21.77 -27.91
CA ARG K 843 -92.68 -21.37 -26.75
C ARG K 843 -92.69 -19.83 -26.66
N SER K 844 -92.69 -19.25 -25.46
CA SER K 844 -92.46 -17.80 -25.21
C SER K 844 -90.99 -17.49 -25.43
N GLU K 845 -90.56 -16.26 -25.17
CA GLU K 845 -89.11 -15.91 -25.22
C GLU K 845 -88.35 -16.68 -24.13
N MET K 846 -89.04 -17.14 -23.08
CA MET K 846 -88.47 -17.87 -21.91
C MET K 846 -88.41 -19.38 -22.15
N GLY K 847 -89.26 -19.91 -23.04
CA GLY K 847 -89.39 -21.36 -23.29
C GLY K 847 -90.62 -21.95 -22.63
N GLU K 848 -91.45 -21.13 -22.00
CA GLU K 848 -92.75 -21.56 -21.41
C GLU K 848 -93.68 -21.87 -22.58
N PRO K 849 -94.43 -22.97 -22.57
CA PRO K 849 -95.49 -23.17 -23.55
C PRO K 849 -96.56 -22.09 -23.49
N ILE K 850 -97.19 -21.77 -24.63
CA ILE K 850 -98.45 -20.98 -24.71
C ILE K 850 -99.36 -21.69 -25.68
N HIS K 851 -100.63 -21.81 -25.33
CA HIS K 851 -101.70 -22.38 -26.18
C HIS K 851 -102.32 -21.21 -26.95
N LYS K 852 -102.12 -21.17 -28.25
CA LYS K 852 -102.60 -20.12 -29.18
C LYS K 852 -103.38 -20.79 -30.30
N ILE K 853 -104.42 -20.12 -30.79
CA ILE K 853 -105.09 -20.47 -32.06
C ILE K 853 -104.04 -20.45 -33.15
N ALA K 854 -104.08 -21.42 -34.06
CA ALA K 854 -103.06 -21.64 -35.12
C ALA K 854 -103.46 -20.84 -36.37
N THR K 855 -103.39 -19.51 -36.21
CA THR K 855 -103.36 -18.47 -37.26
C THR K 855 -102.07 -18.61 -38.08
N ARG K 856 -101.98 -17.95 -39.24
CA ARG K 856 -100.75 -17.94 -40.09
C ARG K 856 -99.59 -17.44 -39.24
N GLY K 857 -99.83 -16.34 -38.51
CA GLY K 857 -98.87 -15.71 -37.59
C GLY K 857 -98.23 -16.74 -36.68
N VAL K 858 -99.06 -17.52 -36.00
CA VAL K 858 -98.60 -18.44 -34.95
C VAL K 858 -97.92 -19.63 -35.62
N MET K 859 -98.42 -20.09 -36.76
CA MET K 859 -97.73 -21.15 -37.51
C MET K 859 -96.32 -20.69 -37.88
N LEU K 860 -96.15 -19.42 -38.25
CA LEU K 860 -94.80 -18.86 -38.54
C LEU K 860 -93.94 -18.87 -37.28
N TRP K 861 -94.48 -18.39 -36.17
CA TRP K 861 -93.85 -18.47 -34.82
C TRP K 861 -93.39 -19.90 -34.54
N LYS K 862 -94.28 -20.88 -34.73
CA LYS K 862 -94.02 -22.33 -34.51
C LYS K 862 -92.88 -22.82 -35.42
N GLU K 863 -92.86 -22.40 -36.68
CA GLU K 863 -91.80 -22.74 -37.67
C GLU K 863 -90.44 -22.25 -37.15
N PHE K 864 -90.39 -21.01 -36.68
CA PHE K 864 -89.14 -20.36 -36.22
C PHE K 864 -88.66 -20.96 -34.89
N ASP K 865 -89.53 -21.55 -34.08
CA ASP K 865 -89.13 -22.28 -32.83
C ASP K 865 -88.42 -23.59 -33.19
N GLU K 866 -88.87 -24.26 -34.27
CA GLU K 866 -88.36 -25.58 -34.72
C GLU K 866 -87.07 -25.41 -35.54
N THR K 867 -86.74 -24.20 -36.00
CA THR K 867 -85.71 -23.96 -37.05
C THR K 867 -84.60 -23.00 -36.56
N ILE K 868 -84.96 -21.85 -35.99
CA ILE K 868 -84.04 -20.70 -35.72
C ILE K 868 -83.78 -20.57 -34.22
N PHE K 869 -84.81 -20.56 -33.39
CA PHE K 869 -84.70 -20.23 -31.94
C PHE K 869 -84.21 -21.44 -31.11
N ASN K 870 -84.29 -22.66 -31.64
CA ASN K 870 -83.74 -23.87 -30.97
C ASN K 870 -82.25 -24.05 -31.27
N LEU K 871 -81.67 -23.28 -32.20
CA LEU K 871 -80.21 -23.34 -32.53
C LEU K 871 -79.38 -22.85 -31.34
N PRO K 872 -78.11 -23.30 -31.19
CA PRO K 872 -77.18 -22.66 -30.28
C PRO K 872 -76.74 -21.29 -30.81
N LYS K 873 -76.26 -20.41 -29.94
CA LYS K 873 -75.95 -18.98 -30.26
C LYS K 873 -74.99 -18.86 -31.45
N ASN K 874 -73.98 -19.74 -31.54
CA ASN K 874 -72.91 -19.66 -32.58
C ASN K 874 -73.47 -20.00 -33.98
N LYS K 875 -74.59 -20.74 -34.09
CA LYS K 875 -75.27 -21.07 -35.39
C LYS K 875 -76.36 -20.03 -35.74
N LEU K 876 -76.73 -19.14 -34.82
CA LEU K 876 -77.96 -18.30 -34.88
C LEU K 876 -77.78 -17.22 -35.95
N VAL K 877 -76.71 -16.42 -35.87
CA VAL K 877 -76.43 -15.29 -36.80
C VAL K 877 -76.12 -15.81 -38.20
N PRO K 878 -75.22 -16.82 -38.38
CA PRO K 878 -75.02 -17.44 -39.69
C PRO K 878 -76.30 -17.89 -40.41
N THR K 879 -77.25 -18.44 -39.67
CA THR K 879 -78.53 -19.01 -40.18
C THR K 879 -79.46 -17.87 -40.63
N LEU K 880 -79.39 -16.74 -39.93
CA LEU K 880 -80.25 -15.57 -40.23
C LEU K 880 -79.80 -14.90 -41.53
N GLU K 881 -78.49 -14.82 -41.77
CA GLU K 881 -77.93 -14.31 -43.05
C GLU K 881 -78.42 -15.18 -44.22
N ALA K 882 -78.30 -16.51 -44.06
CA ALA K 882 -78.68 -17.51 -45.07
C ALA K 882 -80.18 -17.43 -45.38
N LYS K 883 -81.03 -17.42 -44.35
CA LYS K 883 -82.51 -17.51 -44.50
C LYS K 883 -83.14 -16.11 -44.59
N ARG K 884 -82.31 -15.06 -44.60
CA ARG K 884 -82.74 -13.64 -44.57
C ARG K 884 -83.94 -13.35 -45.48
N ASP K 885 -83.86 -13.67 -46.76
CA ASP K 885 -84.91 -13.25 -47.72
C ASP K 885 -86.17 -14.07 -47.45
N TYR K 886 -86.01 -15.32 -47.02
CA TYR K 886 -87.13 -16.19 -46.57
C TYR K 886 -87.81 -15.51 -45.37
N ILE K 887 -87.05 -15.31 -44.29
CA ILE K 887 -87.53 -14.69 -43.01
C ILE K 887 -88.31 -13.40 -43.30
N ILE K 888 -87.84 -12.54 -44.20
CA ILE K 888 -88.49 -11.23 -44.50
C ILE K 888 -89.79 -11.45 -45.27
N SER K 889 -89.79 -12.32 -46.28
CA SER K 889 -91.02 -12.66 -47.05
C SER K 889 -92.13 -13.02 -46.05
N ARG K 890 -91.78 -13.83 -45.05
CA ARG K 890 -92.70 -14.48 -44.08
C ARG K 890 -93.18 -13.51 -43.01
N LEU K 891 -92.29 -12.70 -42.43
CA LEU K 891 -92.68 -11.57 -41.55
C LEU K 891 -93.69 -10.68 -42.26
N ASN K 892 -93.49 -10.33 -43.53
CA ASN K 892 -94.33 -9.33 -44.24
C ASN K 892 -95.69 -9.94 -44.61
N ALA K 893 -95.69 -11.24 -44.92
CA ALA K 893 -96.86 -12.01 -45.43
C ALA K 893 -97.83 -12.33 -44.29
N ASP K 894 -97.27 -12.77 -43.15
CA ASP K 894 -97.95 -13.57 -42.10
C ASP K 894 -98.04 -12.81 -40.78
N PHE K 895 -96.91 -12.33 -40.24
CA PHE K 895 -96.75 -12.03 -38.79
C PHE K 895 -97.27 -10.64 -38.43
N GLN K 896 -97.61 -10.44 -37.15
CA GLN K 896 -98.22 -9.17 -36.61
C GLN K 896 -97.18 -8.04 -36.59
N LYS K 897 -95.92 -8.36 -36.37
CA LYS K 897 -94.77 -7.44 -36.53
C LYS K 897 -94.13 -7.61 -37.90
N PRO K 898 -94.38 -6.72 -38.90
CA PRO K 898 -93.73 -6.83 -40.20
C PRO K 898 -92.27 -6.37 -40.18
N TRP K 899 -91.54 -6.65 -41.27
CA TRP K 899 -90.14 -6.22 -41.47
C TRP K 899 -90.17 -4.73 -41.71
N PHE K 900 -89.40 -3.98 -40.93
CA PHE K 900 -89.57 -2.52 -40.85
C PHE K 900 -89.25 -1.89 -42.20
N ALA K 901 -88.09 -2.26 -42.72
CA ALA K 901 -87.46 -1.70 -43.93
C ALA K 901 -88.00 -2.39 -45.18
N THR K 902 -89.29 -2.22 -45.47
CA THR K 902 -89.88 -2.41 -46.82
C THR K 902 -90.50 -1.09 -47.25
N VAL K 903 -90.15 -0.63 -48.44
CA VAL K 903 -90.78 0.55 -49.09
C VAL K 903 -91.42 0.06 -50.39
N ASN K 904 -92.74 0.32 -50.57
CA ASN K 904 -93.59 -0.12 -51.71
C ASN K 904 -93.40 -1.63 -51.94
N GLY K 905 -93.50 -2.43 -50.88
CA GLY K 905 -93.52 -3.90 -50.94
C GLY K 905 -92.16 -4.51 -51.26
N GLN K 906 -91.11 -3.69 -51.27
CA GLN K 906 -89.75 -4.11 -51.73
C GLN K 906 -88.83 -4.17 -50.51
N ALA K 907 -88.41 -5.37 -50.12
CA ALA K 907 -87.64 -5.67 -48.89
C ALA K 907 -86.23 -5.10 -48.94
N ARG K 908 -86.00 -4.00 -48.24
CA ARG K 908 -84.68 -3.35 -48.14
C ARG K 908 -83.94 -3.86 -46.90
N ASP K 909 -82.92 -3.12 -46.48
CA ASP K 909 -82.38 -3.08 -45.11
C ASP K 909 -82.45 -1.63 -44.66
N LEU K 910 -82.32 -1.40 -43.36
CA LEU K 910 -82.48 -0.08 -42.70
C LEU K 910 -81.37 0.86 -43.14
N ALA K 911 -80.21 0.33 -43.53
CA ALA K 911 -79.05 1.08 -44.07
C ALA K 911 -79.22 1.43 -45.55
N THR K 912 -80.24 0.89 -46.24
CA THR K 912 -80.53 1.15 -47.66
C THR K 912 -81.88 1.85 -47.78
N MET K 913 -82.27 2.60 -46.75
CA MET K 913 -83.53 3.37 -46.68
C MET K 913 -83.14 4.82 -46.48
N THR K 914 -83.83 5.77 -47.10
CA THR K 914 -83.55 7.22 -46.92
C THR K 914 -84.26 7.68 -45.65
N TYR K 915 -83.76 8.74 -45.03
CA TYR K 915 -84.40 9.34 -43.82
C TYR K 915 -85.90 9.60 -44.10
N GLU K 916 -86.28 10.00 -45.31
CA GLU K 916 -87.72 10.20 -45.62
C GLU K 916 -88.43 8.85 -45.57
N GLU K 917 -87.96 7.86 -46.32
CA GLU K 917 -88.55 6.50 -46.40
C GLU K 917 -88.78 5.92 -45.00
N VAL K 918 -88.03 6.37 -43.99
CA VAL K 918 -88.10 5.87 -42.59
C VAL K 918 -89.26 6.57 -41.90
N ALA K 919 -89.24 7.89 -41.88
CA ALA K 919 -90.31 8.76 -41.36
C ALA K 919 -91.68 8.33 -41.91
N LYS K 920 -91.78 8.10 -43.21
CA LYS K 920 -93.04 7.77 -43.89
C LYS K 920 -93.56 6.38 -43.44
N ARG K 921 -92.63 5.50 -43.10
CA ARG K 921 -92.91 4.09 -42.75
C ARG K 921 -93.23 3.99 -41.27
N LEU K 922 -92.60 4.82 -40.42
CA LEU K 922 -92.93 4.92 -38.98
C LEU K 922 -94.39 5.34 -38.87
N VAL K 923 -94.81 6.37 -39.63
CA VAL K 923 -96.22 6.84 -39.69
C VAL K 923 -97.13 5.70 -40.18
N GLU K 924 -96.72 4.90 -41.16
CA GLU K 924 -97.56 3.84 -41.79
C GLU K 924 -97.94 2.79 -40.72
N LEU K 925 -96.99 2.43 -39.86
CA LEU K 925 -97.12 1.31 -38.91
C LEU K 925 -97.59 1.74 -37.52
N MET K 926 -97.45 3.02 -37.16
CA MET K 926 -97.69 3.51 -35.78
C MET K 926 -98.87 4.47 -35.70
N PHE K 927 -99.31 5.07 -36.81
CA PHE K 927 -100.40 6.07 -36.86
C PHE K 927 -101.59 5.49 -37.59
N ILE K 928 -102.78 5.59 -37.01
CA ILE K 928 -104.01 4.89 -37.49
C ILE K 928 -104.83 5.89 -38.26
N ARG K 929 -105.12 5.62 -39.54
CA ARG K 929 -105.84 6.56 -40.42
C ARG K 929 -107.34 6.53 -40.08
N SER K 930 -107.89 5.36 -39.75
CA SER K 930 -109.33 5.18 -39.41
C SER K 930 -109.70 6.09 -38.23
N THR K 931 -108.96 6.05 -37.13
CA THR K 931 -109.21 6.85 -35.89
C THR K 931 -108.48 8.20 -35.95
N ASN K 932 -107.55 8.38 -36.89
CA ASN K 932 -106.75 9.62 -37.12
C ASN K 932 -106.00 10.00 -35.82
N SER K 933 -105.16 9.09 -35.32
CA SER K 933 -104.41 9.23 -34.03
C SER K 933 -103.25 8.25 -33.96
N TRP K 934 -102.26 8.59 -33.14
CA TRP K 934 -101.14 7.66 -32.82
C TRP K 934 -101.64 6.58 -31.85
N PHE K 935 -101.42 5.33 -32.20
CA PHE K 935 -101.91 4.19 -31.39
C PHE K 935 -101.46 4.31 -29.93
N ASP K 936 -100.20 4.70 -29.70
CA ASP K 936 -99.61 4.96 -28.36
C ASP K 936 -98.79 6.24 -28.40
N VAL K 937 -98.92 7.10 -27.39
CA VAL K 937 -98.20 8.40 -27.37
C VAL K 937 -96.69 8.12 -27.46
N THR K 938 -96.17 7.09 -26.77
CA THR K 938 -94.71 6.78 -26.76
C THR K 938 -94.20 6.53 -28.18
N TRP K 939 -95.04 6.01 -29.07
CA TRP K 939 -94.74 5.82 -30.50
C TRP K 939 -94.60 7.15 -31.20
N ARG K 940 -95.46 8.12 -30.88
CA ARG K 940 -95.38 9.51 -31.42
C ARG K 940 -94.05 10.14 -30.97
N THR K 941 -93.65 9.97 -29.72
CA THR K 941 -92.35 10.47 -29.20
C THR K 941 -91.19 9.82 -29.95
N PHE K 942 -91.29 8.52 -30.28
CA PHE K 942 -90.29 7.77 -31.07
C PHE K 942 -90.15 8.43 -32.45
N THR K 943 -91.22 8.68 -33.20
CA THR K 943 -91.11 9.31 -34.55
C THR K 943 -90.65 10.75 -34.44
N GLY K 944 -91.03 11.45 -33.38
CA GLY K 944 -90.70 12.88 -33.22
C GLY K 944 -89.23 13.02 -32.95
N ASP K 945 -88.68 12.14 -32.12
CA ASP K 945 -87.24 12.05 -31.81
C ASP K 945 -86.44 11.80 -33.10
N PHE K 946 -86.94 10.93 -33.96
CA PHE K 946 -86.32 10.60 -35.25
C PHE K 946 -86.30 11.84 -36.14
N LEU K 947 -87.41 12.55 -36.33
CA LEU K 947 -87.44 13.83 -37.12
C LEU K 947 -86.45 14.84 -36.53
N ARG K 948 -86.29 14.91 -35.22
CA ARG K 948 -85.32 15.83 -34.58
C ARG K 948 -83.89 15.41 -34.92
N ARG K 949 -83.63 14.11 -35.06
CA ARG K 949 -82.33 13.62 -35.57
C ARG K 949 -82.10 14.10 -37.01
N VAL K 950 -83.12 14.08 -37.85
CA VAL K 950 -82.96 14.49 -39.26
C VAL K 950 -82.49 15.93 -39.25
N GLU K 951 -83.11 16.79 -38.44
CA GLU K 951 -82.71 18.22 -38.37
C GLU K 951 -81.27 18.30 -37.87
N GLU K 952 -80.92 17.62 -36.79
CA GLU K 952 -79.54 17.62 -36.22
C GLU K 952 -78.51 17.20 -37.29
N ARG K 953 -78.76 16.12 -38.01
CA ARG K 953 -77.86 15.54 -39.05
C ARG K 953 -77.70 16.50 -40.23
N PHE K 954 -78.78 17.07 -40.76
CA PHE K 954 -78.72 17.82 -42.04
C PHE K 954 -78.66 19.34 -41.88
N THR K 955 -78.77 19.90 -40.69
CA THR K 955 -78.56 21.35 -40.52
C THR K 955 -77.05 21.61 -40.45
N LYS K 956 -76.64 22.75 -40.98
CA LYS K 956 -75.23 23.23 -40.98
C LYS K 956 -74.98 24.01 -39.69
N SER K 957 -75.98 24.79 -39.28
CA SER K 957 -75.91 25.80 -38.20
C SER K 957 -76.85 25.40 -37.06
N LYS K 958 -76.82 26.17 -35.97
CA LYS K 958 -77.59 25.94 -34.73
C LYS K 958 -78.91 26.70 -34.86
N THR K 959 -79.87 26.12 -35.59
CA THR K 959 -81.25 26.64 -35.79
C THR K 959 -82.12 26.18 -34.61
N LEU K 960 -83.43 26.46 -34.71
CA LEU K 960 -84.46 26.00 -33.75
C LEU K 960 -85.46 25.11 -34.49
N SER K 961 -85.96 24.10 -33.80
CA SER K 961 -86.64 22.92 -34.38
C SER K 961 -87.96 23.32 -35.07
N LEU K 962 -88.22 22.70 -36.21
CA LEU K 962 -89.48 22.78 -36.97
C LEU K 962 -90.59 22.06 -36.20
N ILE K 963 -90.23 20.95 -35.54
CA ILE K 963 -91.09 20.20 -34.58
C ILE K 963 -90.80 20.74 -33.16
N GLN K 964 -91.52 21.78 -32.72
CA GLN K 964 -91.36 22.36 -31.35
C GLN K 964 -92.02 21.48 -30.30
N SER K 965 -93.29 21.14 -30.50
CA SER K 965 -94.08 20.20 -29.66
C SER K 965 -94.42 19.00 -30.53
N TYR K 966 -94.34 17.78 -29.98
CA TYR K 966 -94.75 16.54 -30.67
C TYR K 966 -96.28 16.48 -30.79
N SER K 967 -97.02 17.45 -30.25
CA SER K 967 -98.45 17.73 -30.57
C SER K 967 -98.62 17.95 -32.08
N LEU K 968 -97.63 18.52 -32.74
CA LEU K 968 -97.73 18.94 -34.16
C LEU K 968 -97.75 17.70 -35.06
N LEU K 969 -97.33 16.56 -34.51
CA LEU K 969 -97.31 15.27 -35.26
C LEU K 969 -98.73 14.72 -35.46
N ASP K 970 -99.78 15.33 -34.88
CA ASP K 970 -101.17 14.83 -34.94
C ASP K 970 -101.87 15.10 -36.30
N LYS K 971 -101.17 15.68 -37.30
CA LYS K 971 -101.55 15.66 -38.75
C LYS K 971 -100.33 15.26 -39.57
N PRO K 972 -99.80 14.04 -39.36
CA PRO K 972 -98.37 13.76 -39.48
C PRO K 972 -97.73 13.99 -40.85
N ASP K 973 -98.50 13.84 -41.94
CA ASP K 973 -97.96 14.01 -43.30
C ASP K 973 -97.45 15.44 -43.45
N GLU K 974 -98.18 16.41 -42.89
CA GLU K 974 -97.84 17.86 -42.92
C GLU K 974 -96.50 18.11 -42.24
N ALA K 975 -96.27 17.50 -41.07
CA ALA K 975 -95.07 17.65 -40.23
C ALA K 975 -93.85 16.96 -40.88
N ILE K 976 -94.07 15.88 -41.64
CA ILE K 976 -92.98 15.23 -42.45
C ILE K 976 -92.68 16.14 -43.63
N GLU K 977 -93.68 16.59 -44.41
CA GLU K 977 -93.45 17.57 -45.52
C GLU K 977 -92.60 18.73 -44.99
N LYS K 978 -92.99 19.28 -43.85
CA LYS K 978 -92.34 20.47 -43.26
C LYS K 978 -90.86 20.15 -43.08
N VAL K 979 -90.50 19.02 -42.47
CA VAL K 979 -89.10 18.70 -42.05
C VAL K 979 -88.25 18.43 -43.29
N PHE K 980 -88.77 17.65 -44.25
CA PHE K 980 -88.06 17.28 -45.49
C PHE K 980 -88.16 18.35 -46.58
N ASN K 981 -88.89 19.46 -46.38
CA ASN K 981 -88.78 20.66 -47.28
C ASN K 981 -87.55 21.46 -46.85
N ALA K 982 -87.34 21.59 -45.55
CA ALA K 982 -86.23 22.37 -44.96
C ALA K 982 -84.90 21.62 -45.06
N TYR K 983 -84.91 20.31 -45.32
CA TYR K 983 -83.71 19.44 -45.39
C TYR K 983 -83.85 18.42 -46.51
N PRO K 984 -83.87 18.86 -47.79
CA PRO K 984 -84.17 17.96 -48.91
C PRO K 984 -83.10 16.89 -49.19
N ALA K 985 -81.87 17.13 -48.76
CA ALA K 985 -80.76 16.14 -48.77
C ALA K 985 -81.30 14.81 -48.25
N ALA K 986 -82.00 14.89 -47.11
CA ALA K 986 -82.53 13.77 -46.31
C ALA K 986 -83.42 12.88 -47.15
N ARG K 987 -84.01 13.37 -48.24
CA ARG K 987 -84.83 12.53 -49.16
C ARG K 987 -83.92 11.62 -50.01
N GLU K 988 -82.65 11.99 -50.16
CA GLU K 988 -81.73 11.44 -51.19
C GLU K 988 -80.45 10.99 -50.50
N GLN K 989 -80.57 10.36 -49.35
CA GLN K 989 -79.40 9.89 -48.57
C GLN K 989 -79.84 8.71 -47.71
N PHE K 990 -79.17 7.58 -47.82
CA PHE K 990 -79.40 6.47 -46.87
C PHE K 990 -78.99 6.91 -45.46
N LEU K 991 -79.77 6.49 -44.48
CA LEU K 991 -79.43 6.56 -43.05
C LEU K 991 -77.91 6.42 -42.85
N ASN K 992 -77.30 7.43 -42.22
CA ASN K 992 -75.93 7.40 -41.67
C ASN K 992 -75.83 6.19 -40.73
N ALA K 993 -74.70 5.52 -40.64
CA ALA K 993 -74.51 4.30 -39.81
C ALA K 993 -74.67 4.59 -38.31
N GLN K 994 -74.42 5.82 -37.87
CA GLN K 994 -74.65 6.29 -36.49
C GLN K 994 -76.14 6.49 -36.22
N ASP K 995 -76.95 6.64 -37.26
CA ASP K 995 -78.40 6.91 -37.16
C ASP K 995 -79.14 5.59 -37.22
N ILE K 996 -78.54 4.58 -37.80
CA ILE K 996 -79.07 3.19 -37.71
C ILE K 996 -78.97 2.76 -36.26
N ASP K 997 -77.81 2.94 -35.65
CA ASP K 997 -77.54 2.56 -34.26
C ASP K 997 -78.50 3.29 -33.33
N HIS K 998 -78.63 4.60 -33.43
CA HIS K 998 -79.58 5.42 -32.65
C HIS K 998 -81.01 4.89 -32.83
N PHE K 999 -81.40 4.51 -34.03
CA PHE K 999 -82.78 4.04 -34.32
C PHE K 999 -83.03 2.73 -33.59
N LEU K 1000 -82.09 1.79 -33.66
CA LEU K 1000 -82.18 0.49 -32.97
C LEU K 1000 -82.00 0.67 -31.46
N SER K 1001 -81.36 1.75 -30.99
CA SER K 1001 -81.23 2.02 -29.54
C SER K 1001 -82.58 2.48 -28.99
N MET K 1002 -83.36 3.21 -29.77
CA MET K 1002 -84.73 3.67 -29.43
C MET K 1002 -85.70 2.47 -29.44
N CYS K 1003 -85.43 1.46 -30.26
CA CYS K 1003 -86.33 0.27 -30.42
C CYS K 1003 -86.21 -0.63 -29.16
N GLN K 1004 -85.15 -0.46 -28.38
CA GLN K 1004 -84.83 -1.21 -27.16
C GLN K 1004 -85.21 -0.40 -25.90
N ASN K 1005 -85.54 0.88 -26.04
CA ASN K 1005 -85.92 1.78 -24.92
C ASN K 1005 -87.02 1.12 -24.10
N PRO K 1006 -86.80 0.83 -22.80
CA PRO K 1006 -87.79 0.10 -22.00
C PRO K 1006 -89.01 0.91 -21.50
N MET K 1007 -88.93 2.25 -21.52
CA MET K 1007 -89.98 3.18 -21.01
C MET K 1007 -90.87 3.66 -22.16
N GLN K 1008 -91.37 2.71 -22.96
CA GLN K 1008 -91.98 2.94 -24.29
C GLN K 1008 -92.67 1.65 -24.69
N LYS K 1009 -93.86 1.72 -25.30
CA LYS K 1009 -94.51 0.51 -25.82
C LYS K 1009 -93.63 -0.07 -26.93
N PRO K 1010 -93.36 -1.38 -26.98
CA PRO K 1010 -92.53 -1.92 -28.04
C PRO K 1010 -93.04 -1.59 -29.46
N VAL K 1011 -92.09 -1.37 -30.34
CA VAL K 1011 -92.35 -0.94 -31.74
C VAL K 1011 -92.97 -2.11 -32.47
N PRO K 1012 -94.03 -1.89 -33.25
CA PRO K 1012 -94.76 -2.95 -33.90
C PRO K 1012 -94.14 -3.32 -35.26
N PHE K 1013 -92.88 -3.77 -35.22
CA PHE K 1013 -92.08 -4.17 -36.40
C PHE K 1013 -90.72 -4.75 -35.99
N VAL K 1014 -90.20 -5.65 -36.81
CA VAL K 1014 -88.84 -6.21 -36.63
C VAL K 1014 -87.87 -5.34 -37.41
N PRO K 1015 -87.01 -4.53 -36.74
CA PRO K 1015 -86.11 -3.60 -37.42
C PRO K 1015 -84.70 -4.09 -37.80
N VAL K 1016 -84.36 -5.36 -37.54
CA VAL K 1016 -83.01 -5.92 -37.85
C VAL K 1016 -83.03 -7.41 -37.55
N LEU K 1017 -82.30 -8.23 -38.31
CA LEU K 1017 -81.95 -9.63 -37.95
C LEU K 1017 -80.54 -9.69 -37.36
N ASP K 1018 -80.44 -9.85 -36.05
CA ASP K 1018 -79.16 -10.04 -35.31
C ASP K 1018 -79.41 -11.08 -34.21
N ARG K 1019 -78.57 -11.09 -33.17
CA ARG K 1019 -78.68 -12.06 -32.05
C ARG K 1019 -80.00 -11.79 -31.29
N ARG K 1020 -80.51 -10.55 -31.32
CA ARG K 1020 -81.74 -10.12 -30.60
C ARG K 1020 -83.03 -10.42 -31.39
N PHE K 1021 -83.01 -11.25 -32.42
CA PHE K 1021 -84.18 -11.45 -33.32
C PHE K 1021 -85.33 -12.03 -32.52
N GLU K 1022 -85.06 -13.02 -31.67
CA GLU K 1022 -86.09 -13.79 -30.91
C GLU K 1022 -86.89 -12.84 -30.03
N ILE K 1023 -86.24 -11.86 -29.39
CA ILE K 1023 -86.92 -10.87 -28.51
C ILE K 1023 -87.81 -9.99 -29.40
N PHE K 1024 -87.24 -9.32 -30.40
CA PHE K 1024 -87.97 -8.42 -31.33
C PHE K 1024 -89.22 -9.10 -31.88
N PHE K 1025 -89.10 -10.37 -32.23
CA PHE K 1025 -90.18 -11.20 -32.81
C PHE K 1025 -91.31 -11.44 -31.81
N LYS K 1026 -90.97 -11.70 -30.53
CA LYS K 1026 -91.88 -12.26 -29.50
C LYS K 1026 -92.36 -11.19 -28.51
N LYS K 1027 -91.51 -10.27 -28.09
CA LYS K 1027 -91.85 -9.00 -27.36
C LYS K 1027 -93.26 -8.54 -27.70
N ASP K 1028 -94.13 -8.42 -26.70
CA ASP K 1028 -95.44 -7.70 -26.75
C ASP K 1028 -96.32 -8.29 -27.84
N SER K 1029 -96.80 -9.50 -27.62
CA SER K 1029 -97.46 -10.34 -28.66
C SER K 1029 -98.97 -10.46 -28.45
N LEU K 1030 -99.61 -9.79 -27.47
CA LEU K 1030 -100.97 -10.18 -26.98
C LEU K 1030 -102.02 -9.07 -27.09
N TRP K 1031 -101.66 -7.82 -27.32
CA TRP K 1031 -102.63 -6.71 -27.47
C TRP K 1031 -103.27 -6.73 -28.86
N GLN K 1032 -102.54 -7.21 -29.87
CA GLN K 1032 -102.87 -6.99 -31.31
C GLN K 1032 -104.27 -7.53 -31.60
N SER K 1033 -104.63 -8.70 -31.05
CA SER K 1033 -105.94 -9.39 -31.27
C SER K 1033 -107.11 -8.52 -30.81
N GLU K 1034 -106.90 -7.58 -29.88
CA GLU K 1034 -107.95 -6.67 -29.37
C GLU K 1034 -108.03 -5.38 -30.19
N HIS K 1035 -107.04 -5.10 -31.05
CA HIS K 1035 -106.85 -3.78 -31.72
C HIS K 1035 -106.36 -3.98 -33.16
N LEU K 1036 -107.19 -4.57 -34.01
CA LEU K 1036 -106.80 -4.91 -35.40
C LEU K 1036 -106.56 -3.64 -36.22
N GLU K 1037 -107.17 -2.51 -35.86
CA GLU K 1037 -106.91 -1.19 -36.50
C GLU K 1037 -105.40 -0.95 -36.66
N ALA K 1038 -104.59 -1.36 -35.68
CA ALA K 1038 -103.13 -1.09 -35.55
C ALA K 1038 -102.30 -2.29 -35.98
N VAL K 1039 -102.85 -3.15 -36.82
CA VAL K 1039 -102.16 -4.33 -37.40
C VAL K 1039 -102.23 -4.17 -38.91
N VAL K 1040 -101.25 -4.66 -39.65
CA VAL K 1040 -101.16 -4.43 -41.12
C VAL K 1040 -102.34 -5.18 -41.77
N ASP K 1041 -103.26 -4.45 -42.42
CA ASP K 1041 -104.41 -4.97 -43.21
C ASP K 1041 -105.63 -5.26 -42.33
N GLN K 1042 -105.58 -4.96 -41.03
CA GLN K 1042 -106.63 -5.34 -40.02
C GLN K 1042 -106.89 -6.86 -40.10
N ASP K 1043 -105.82 -7.66 -40.17
CA ASP K 1043 -105.87 -9.11 -40.49
C ASP K 1043 -105.67 -9.93 -39.21
N VAL K 1044 -106.70 -10.65 -38.75
CA VAL K 1044 -106.57 -11.58 -37.58
C VAL K 1044 -105.46 -12.58 -37.82
N GLN K 1045 -105.33 -13.11 -39.02
CA GLN K 1045 -104.49 -14.30 -39.27
C GLN K 1045 -103.02 -13.98 -38.99
N ARG K 1046 -102.69 -12.71 -38.70
CA ARG K 1046 -101.32 -12.26 -38.36
C ARG K 1046 -101.03 -12.44 -36.87
N THR K 1047 -102.04 -12.71 -36.06
CA THR K 1047 -102.13 -12.28 -34.64
C THR K 1047 -102.09 -13.50 -33.70
N CYS K 1048 -101.57 -13.32 -32.48
CA CYS K 1048 -101.59 -14.32 -31.38
C CYS K 1048 -102.91 -14.17 -30.60
N ILE K 1049 -103.76 -15.19 -30.65
CA ILE K 1049 -104.95 -15.32 -29.77
C ILE K 1049 -104.75 -16.50 -28.83
N LEU K 1050 -104.86 -16.24 -27.53
CA LEU K 1050 -104.65 -17.27 -26.48
C LEU K 1050 -105.94 -18.04 -26.30
N HIS K 1051 -105.86 -19.37 -26.21
CA HIS K 1051 -107.05 -20.25 -26.13
C HIS K 1051 -106.65 -21.70 -25.85
N GLY K 1052 -107.49 -22.41 -25.10
CA GLY K 1052 -107.26 -23.77 -24.63
C GLY K 1052 -107.86 -24.80 -25.60
N PRO K 1053 -107.15 -25.91 -25.85
CA PRO K 1053 -107.65 -26.95 -26.73
C PRO K 1053 -109.03 -27.45 -26.32
N VAL K 1054 -109.12 -27.91 -25.09
CA VAL K 1054 -110.29 -28.63 -24.53
C VAL K 1054 -111.42 -27.63 -24.39
N ALA K 1055 -111.16 -26.48 -23.77
CA ALA K 1055 -112.17 -25.41 -23.53
C ALA K 1055 -112.73 -24.84 -24.85
N ALA K 1056 -112.01 -24.97 -25.96
CA ALA K 1056 -112.40 -24.47 -27.30
C ALA K 1056 -113.66 -25.17 -27.82
N GLN K 1057 -113.95 -26.37 -27.31
CA GLN K 1057 -115.06 -27.21 -27.81
C GLN K 1057 -116.36 -26.85 -27.10
N PHE K 1058 -116.41 -25.70 -26.42
CA PHE K 1058 -117.67 -25.13 -25.84
C PHE K 1058 -117.89 -23.69 -26.30
N THR K 1059 -116.86 -23.02 -26.82
CA THR K 1059 -116.88 -21.61 -27.34
C THR K 1059 -117.44 -21.58 -28.77
N LYS K 1060 -118.76 -21.48 -28.91
CA LYS K 1060 -119.46 -21.64 -30.20
C LYS K 1060 -120.23 -20.37 -30.58
N VAL K 1061 -120.83 -19.69 -29.59
CA VAL K 1061 -121.82 -18.59 -29.81
C VAL K 1061 -121.14 -17.25 -29.54
N ILE K 1062 -120.96 -16.44 -30.58
CA ILE K 1062 -120.31 -15.10 -30.51
C ILE K 1062 -121.29 -14.10 -29.89
N ASP K 1063 -120.78 -13.26 -28.97
CA ASP K 1063 -121.46 -12.09 -28.36
C ASP K 1063 -122.67 -12.55 -27.54
N GLU K 1064 -122.45 -13.53 -26.67
CA GLU K 1064 -123.36 -13.98 -25.58
C GLU K 1064 -123.11 -13.07 -24.39
N PRO K 1065 -124.11 -12.41 -23.76
CA PRO K 1065 -123.84 -11.60 -22.55
C PRO K 1065 -123.22 -12.44 -21.43
N ILE K 1066 -122.10 -11.98 -20.84
CA ILE K 1066 -121.33 -12.69 -19.76
C ILE K 1066 -122.25 -13.23 -18.65
N LYS K 1067 -123.34 -12.53 -18.34
CA LYS K 1067 -124.31 -12.98 -17.32
C LYS K 1067 -124.98 -14.26 -17.83
N SER K 1068 -125.48 -14.27 -19.07
CA SER K 1068 -126.09 -15.44 -19.77
C SER K 1068 -125.18 -16.68 -19.64
N ILE K 1069 -123.89 -16.54 -19.91
CA ILE K 1069 -122.86 -17.62 -19.84
C ILE K 1069 -122.76 -18.12 -18.41
N MET K 1070 -122.33 -17.24 -17.49
CA MET K 1070 -121.98 -17.59 -16.09
C MET K 1070 -123.23 -18.10 -15.35
N ASP K 1071 -124.41 -17.53 -15.59
CA ASP K 1071 -125.68 -18.01 -15.02
C ASP K 1071 -125.96 -19.40 -15.58
N GLY K 1072 -125.91 -19.55 -16.91
CA GLY K 1072 -126.05 -20.85 -17.59
C GLY K 1072 -125.41 -21.95 -16.77
N ILE K 1073 -124.12 -21.79 -16.48
CA ILE K 1073 -123.27 -22.79 -15.78
C ILE K 1073 -123.78 -22.98 -14.35
N HIS K 1074 -124.14 -21.89 -13.68
CA HIS K 1074 -124.64 -21.91 -12.27
C HIS K 1074 -126.04 -22.54 -12.24
N ASP K 1075 -126.97 -22.08 -13.08
CA ASP K 1075 -128.37 -22.57 -13.09
C ASP K 1075 -128.37 -24.04 -13.52
N GLY K 1076 -127.38 -24.44 -14.33
CA GLY K 1076 -127.14 -25.83 -14.73
C GLY K 1076 -126.85 -26.69 -13.54
N HIS K 1077 -125.92 -26.26 -12.67
CA HIS K 1077 -125.52 -26.96 -11.43
C HIS K 1077 -126.71 -27.16 -10.48
N ILE K 1078 -127.57 -26.16 -10.36
CA ILE K 1078 -128.75 -26.18 -9.44
C ILE K 1078 -129.71 -27.23 -9.99
N LYS K 1079 -130.22 -27.00 -11.21
CA LYS K 1079 -131.10 -27.92 -11.97
C LYS K 1079 -130.71 -29.39 -11.68
N LYS K 1080 -129.42 -29.69 -11.70
CA LYS K 1080 -128.86 -31.05 -11.47
C LYS K 1080 -128.83 -31.37 -9.98
N LEU K 1081 -128.16 -30.56 -9.19
CA LEU K 1081 -127.96 -30.78 -7.72
C LEU K 1081 -129.33 -30.98 -7.09
N LEU K 1082 -130.33 -30.21 -7.54
CA LEU K 1082 -131.75 -30.29 -7.11
C LEU K 1082 -132.29 -31.70 -7.37
N HIS K 1083 -132.10 -32.20 -8.59
CA HIS K 1083 -132.52 -33.56 -9.05
C HIS K 1083 -131.95 -34.66 -8.13
N GLN K 1084 -130.62 -34.73 -7.95
CA GLN K 1084 -129.94 -35.76 -7.14
C GLN K 1084 -130.35 -35.70 -5.66
N TYR K 1085 -130.20 -34.54 -5.00
CA TYR K 1085 -130.08 -34.45 -3.52
C TYR K 1085 -131.26 -33.73 -2.84
N TYR K 1086 -132.25 -33.24 -3.59
CA TYR K 1086 -133.41 -32.48 -3.03
C TYR K 1086 -134.72 -32.93 -3.71
N GLY K 1087 -134.73 -34.15 -4.29
CA GLY K 1087 -135.86 -34.74 -5.04
C GLY K 1087 -136.69 -33.72 -5.80
N ASP K 1088 -136.04 -32.90 -6.63
CA ASP K 1088 -136.66 -31.91 -7.57
C ASP K 1088 -137.72 -31.07 -6.82
N ASP K 1089 -137.36 -30.50 -5.67
CA ASP K 1089 -138.28 -29.76 -4.74
C ASP K 1089 -137.54 -28.56 -4.12
N GLU K 1090 -137.80 -27.33 -4.58
CA GLU K 1090 -137.16 -26.08 -4.07
C GLU K 1090 -137.55 -25.80 -2.62
N SER K 1091 -138.69 -26.33 -2.17
CA SER K 1091 -139.22 -26.17 -0.78
C SER K 1091 -138.31 -26.83 0.26
N LYS K 1092 -137.44 -27.75 -0.13
CA LYS K 1092 -136.50 -28.47 0.78
C LYS K 1092 -135.15 -27.74 0.90
N ILE K 1093 -134.99 -26.59 0.24
CA ILE K 1093 -133.73 -25.79 0.25
C ILE K 1093 -133.73 -24.91 1.50
N PRO K 1094 -132.76 -25.10 2.44
CA PRO K 1094 -132.66 -24.23 3.62
C PRO K 1094 -132.60 -22.75 3.23
N ALA K 1095 -133.46 -21.92 3.82
CA ALA K 1095 -133.50 -20.45 3.63
C ALA K 1095 -132.69 -19.78 4.74
N VAL K 1096 -131.91 -18.76 4.38
CA VAL K 1096 -131.02 -17.97 5.27
C VAL K 1096 -131.27 -16.51 4.89
N GLU K 1097 -131.03 -15.55 5.79
CA GLU K 1097 -131.27 -14.12 5.46
C GLU K 1097 -130.32 -13.74 4.33
N TYR K 1098 -129.02 -13.98 4.54
CA TYR K 1098 -127.95 -13.54 3.63
C TYR K 1098 -126.87 -14.63 3.59
N PHE K 1099 -126.41 -14.93 2.38
CA PHE K 1099 -125.40 -15.98 2.14
C PHE K 1099 -124.05 -15.29 2.00
N GLY K 1100 -123.08 -15.62 2.85
CA GLY K 1100 -121.70 -15.12 2.72
C GLY K 1100 -120.99 -14.76 4.02
N GLY K 1101 -119.70 -14.49 3.89
CA GLY K 1101 -118.77 -14.13 4.98
C GLY K 1101 -118.72 -15.21 6.02
N GLU K 1102 -118.31 -16.41 5.62
CA GLU K 1102 -118.05 -17.54 6.55
C GLU K 1102 -116.64 -18.04 6.26
N SER K 1103 -115.70 -17.75 7.14
CA SER K 1103 -114.31 -18.26 7.08
C SER K 1103 -114.40 -19.77 6.96
N PRO K 1104 -113.59 -20.41 6.10
CA PRO K 1104 -113.74 -21.83 5.88
C PRO K 1104 -112.99 -22.63 6.94
N VAL K 1105 -112.94 -22.13 8.19
CA VAL K 1105 -112.08 -22.70 9.28
C VAL K 1105 -112.92 -23.28 10.44
N ASP K 1106 -114.19 -22.92 10.62
CA ASP K 1106 -114.95 -23.14 11.90
C ASP K 1106 -116.21 -24.01 11.68
N SER K 1111 -130.72 -19.96 22.20
CA SER K 1111 -131.96 -19.18 21.91
C SER K 1111 -132.55 -18.63 23.22
N GLU K 1112 -132.30 -17.34 23.52
CA GLU K 1112 -132.82 -16.60 24.71
C GLU K 1112 -133.28 -15.19 24.29
N ASP K 1113 -134.40 -14.72 24.84
CA ASP K 1113 -135.23 -13.61 24.30
C ASP K 1113 -134.95 -12.27 25.01
N SER K 1114 -134.30 -12.27 26.19
CA SER K 1114 -134.13 -11.05 27.04
C SER K 1114 -132.89 -11.18 27.94
N ALA K 1115 -131.70 -11.18 27.33
CA ALA K 1115 -130.40 -11.49 27.99
C ALA K 1115 -129.73 -10.22 28.53
N VAL K 1116 -128.60 -10.39 29.22
CA VAL K 1116 -127.77 -9.34 29.87
C VAL K 1116 -126.33 -9.85 29.97
N PHE K 1117 -125.39 -9.15 29.35
CA PHE K 1117 -123.94 -9.48 29.35
C PHE K 1117 -123.22 -8.41 30.16
N LYS K 1118 -122.01 -8.72 30.62
CA LYS K 1118 -121.23 -7.88 31.55
C LYS K 1118 -119.77 -8.09 31.24
N ALA K 1119 -119.16 -7.09 30.62
CA ALA K 1119 -117.75 -7.13 30.19
C ALA K 1119 -116.87 -6.96 31.44
N THR K 1120 -115.77 -7.71 31.48
CA THR K 1120 -114.72 -7.63 32.52
C THR K 1120 -113.43 -7.13 31.84
N SER K 1121 -112.27 -7.34 32.46
CA SER K 1121 -110.95 -7.12 31.81
C SER K 1121 -110.48 -8.43 31.17
N SER K 1122 -111.16 -9.56 31.46
CA SER K 1122 -110.81 -10.92 30.96
C SER K 1122 -111.58 -11.23 29.65
N THR K 1123 -112.88 -10.87 29.54
CA THR K 1123 -113.81 -11.30 28.46
C THR K 1123 -113.12 -11.26 27.09
N ASP K 1124 -112.97 -12.43 26.47
CA ASP K 1124 -112.37 -12.60 25.12
C ASP K 1124 -113.29 -11.91 24.09
N GLU K 1125 -112.69 -11.20 23.12
CA GLU K 1125 -113.43 -10.40 22.09
C GLU K 1125 -114.31 -11.32 21.22
N GLU K 1126 -113.76 -12.44 20.74
CA GLU K 1126 -114.45 -13.36 19.80
C GLU K 1126 -115.68 -14.00 20.49
N SER K 1127 -115.54 -14.42 21.75
CA SER K 1127 -116.64 -14.98 22.59
C SER K 1127 -117.75 -13.93 22.73
N TRP K 1128 -117.34 -12.72 23.12
CA TRP K 1128 -118.22 -11.56 23.45
C TRP K 1128 -119.15 -11.22 22.26
N PHE K 1129 -118.63 -11.27 21.04
CA PHE K 1129 -119.35 -10.89 19.81
C PHE K 1129 -120.20 -12.05 19.28
N LYS K 1130 -119.81 -13.31 19.51
CA LYS K 1130 -120.69 -14.49 19.26
C LYS K 1130 -122.01 -14.25 19.99
N ALA K 1131 -121.90 -13.86 21.26
CA ALA K 1131 -123.00 -13.76 22.22
C ALA K 1131 -124.02 -12.71 21.77
N LEU K 1132 -123.52 -11.55 21.34
CA LEU K 1132 -124.37 -10.37 21.02
C LEU K 1132 -125.11 -10.63 19.73
N ALA K 1133 -124.35 -11.06 18.71
CA ALA K 1133 -124.84 -11.59 17.40
C ALA K 1133 -126.00 -12.56 17.63
N GLY K 1134 -125.77 -13.58 18.46
CA GLY K 1134 -126.73 -14.70 18.64
C GLY K 1134 -126.59 -15.73 17.54
N SER K 1135 -127.52 -16.70 17.53
CA SER K 1135 -127.48 -17.92 16.71
C SER K 1135 -128.00 -17.63 15.30
N GLU K 1136 -129.24 -17.12 15.20
CA GLU K 1136 -129.93 -16.82 13.91
C GLU K 1136 -129.04 -15.90 13.07
N ILE K 1137 -129.06 -16.09 11.77
CA ILE K 1137 -128.42 -15.17 10.78
C ILE K 1137 -129.46 -14.10 10.41
N ASN K 1138 -129.26 -12.89 10.93
CA ASN K 1138 -130.08 -11.67 10.66
C ASN K 1138 -129.19 -10.42 10.75
N TRP K 1139 -129.81 -9.24 10.71
CA TRP K 1139 -129.12 -7.92 10.84
C TRP K 1139 -128.24 -7.89 12.08
N ARG K 1140 -128.71 -8.42 13.20
CA ARG K 1140 -127.91 -8.41 14.44
C ARG K 1140 -126.64 -9.25 14.22
N HIS K 1141 -126.75 -10.38 13.55
CA HIS K 1141 -125.63 -11.34 13.32
C HIS K 1141 -124.54 -10.63 12.50
N ALA K 1142 -124.96 -9.93 11.44
CA ALA K 1142 -124.09 -9.14 10.53
C ALA K 1142 -123.38 -8.07 11.35
N SER K 1143 -124.17 -7.19 11.96
CA SER K 1143 -123.77 -6.03 12.79
C SER K 1143 -122.58 -6.39 13.66
N PHE K 1144 -122.55 -7.55 14.32
CA PHE K 1144 -121.50 -7.87 15.31
C PHE K 1144 -120.37 -8.73 14.75
N LEU K 1145 -120.51 -9.35 13.58
CA LEU K 1145 -119.48 -10.31 13.06
C LEU K 1145 -118.96 -9.89 11.68
N CYS K 1146 -119.75 -9.18 10.87
CA CYS K 1146 -119.21 -8.41 9.70
C CYS K 1146 -117.96 -7.67 10.21
N SER K 1147 -116.79 -8.00 9.69
CA SER K 1147 -115.52 -7.32 10.05
C SER K 1147 -115.48 -5.95 9.38
N PHE K 1148 -116.08 -5.82 8.20
CA PHE K 1148 -116.09 -4.58 7.37
C PHE K 1148 -117.53 -4.14 7.08
N ILE K 1149 -117.69 -2.87 6.73
CA ILE K 1149 -118.92 -2.29 6.12
C ILE K 1149 -118.48 -1.35 5.00
N THR K 1150 -119.43 -0.89 4.18
CA THR K 1150 -119.18 -0.07 2.98
C THR K 1150 -119.69 1.36 3.24
N GLN K 1151 -118.81 2.37 3.27
CA GLN K 1151 -119.17 3.79 3.01
C GLN K 1151 -119.05 4.06 1.51
N ASP K 1152 -120.17 4.33 0.84
CA ASP K 1152 -120.22 4.52 -0.64
C ASP K 1152 -119.64 3.25 -1.30
N LYS K 1153 -118.49 3.33 -1.96
CA LYS K 1153 -117.83 2.15 -2.61
C LYS K 1153 -116.74 1.59 -1.69
N MET K 1154 -116.23 2.37 -0.73
CA MET K 1154 -115.04 1.98 0.08
C MET K 1154 -115.45 1.05 1.21
N PHE K 1155 -114.51 0.26 1.71
CA PHE K 1155 -114.64 -0.73 2.82
C PHE K 1155 -113.91 -0.22 4.07
N VAL K 1156 -114.65 0.32 5.02
CA VAL K 1156 -114.16 0.81 6.35
C VAL K 1156 -114.38 -0.30 7.37
N SER K 1157 -113.56 -0.37 8.40
CA SER K 1157 -113.70 -1.33 9.53
C SER K 1157 -115.04 -1.10 10.21
N ASN K 1158 -115.62 -2.17 10.77
CA ASN K 1158 -117.00 -2.18 11.31
C ASN K 1158 -117.02 -1.33 12.57
N PRO K 1159 -117.73 -0.18 12.55
CA PRO K 1159 -117.74 0.72 13.69
C PRO K 1159 -118.52 0.17 14.89
N ILE K 1160 -119.53 -0.66 14.61
CA ILE K 1160 -120.41 -1.27 15.63
C ILE K 1160 -119.59 -2.23 16.51
N ARG K 1161 -118.57 -2.91 15.99
CA ARG K 1161 -117.65 -3.75 16.81
C ARG K 1161 -116.64 -2.88 17.55
N LYS K 1162 -116.25 -1.73 16.99
CA LYS K 1162 -115.37 -0.74 17.70
C LYS K 1162 -116.10 -0.31 18.98
N VAL K 1163 -117.34 0.13 18.80
CA VAL K 1163 -118.16 0.67 19.92
C VAL K 1163 -118.33 -0.39 21.00
N PHE K 1164 -118.70 -1.61 20.67
CA PHE K 1164 -119.05 -2.67 21.67
C PHE K 1164 -117.83 -3.51 22.05
N LYS K 1165 -116.62 -3.22 21.57
CA LYS K 1165 -115.39 -3.87 22.07
C LYS K 1165 -115.37 -3.82 23.60
N PRO K 1166 -115.25 -4.97 24.30
CA PRO K 1166 -115.55 -5.04 25.72
C PRO K 1166 -114.42 -4.51 26.62
N SER K 1167 -114.79 -3.85 27.71
CA SER K 1167 -113.88 -3.27 28.73
C SER K 1167 -114.62 -3.18 30.08
N GLN K 1168 -113.89 -3.04 31.19
CA GLN K 1168 -114.50 -3.11 32.54
C GLN K 1168 -115.60 -2.04 32.66
N GLY K 1169 -116.83 -2.46 33.00
CA GLY K 1169 -117.92 -1.57 33.39
C GLY K 1169 -119.09 -1.58 32.42
N MET K 1170 -118.83 -1.89 31.14
CA MET K 1170 -119.85 -1.81 30.07
C MET K 1170 -120.75 -3.06 30.08
N VAL K 1171 -122.07 -2.84 29.94
CA VAL K 1171 -123.17 -3.77 30.30
C VAL K 1171 -124.20 -3.75 29.17
N VAL K 1172 -124.26 -4.83 28.39
CA VAL K 1172 -125.16 -4.92 27.22
C VAL K 1172 -126.46 -5.58 27.67
N GLU K 1173 -127.59 -5.12 27.15
CA GLU K 1173 -128.93 -5.66 27.47
C GLU K 1173 -129.70 -5.81 26.16
N ILE K 1174 -130.07 -7.06 25.83
CA ILE K 1174 -130.83 -7.43 24.60
C ILE K 1174 -132.29 -7.65 24.98
N SER K 1175 -133.23 -7.31 24.10
CA SER K 1175 -134.68 -7.36 24.38
C SER K 1175 -135.47 -7.66 23.10
N ASN K 1176 -136.29 -8.71 23.13
CA ASN K 1176 -136.94 -9.36 21.96
C ASN K 1176 -135.86 -10.03 21.10
N GLY K 1177 -134.93 -10.76 21.73
CA GLY K 1177 -133.77 -11.39 21.10
C GLY K 1177 -134.12 -12.39 20.00
N ASN K 1178 -135.29 -13.05 20.10
CA ASN K 1178 -135.75 -14.16 19.22
C ASN K 1178 -136.86 -13.70 18.28
N THR K 1179 -136.86 -12.43 17.85
CA THR K 1179 -137.70 -11.90 16.74
C THR K 1179 -137.00 -10.65 16.19
N SER K 1180 -136.10 -10.84 15.22
CA SER K 1180 -135.15 -9.83 14.67
C SER K 1180 -135.82 -8.46 14.51
N SER K 1181 -137.02 -8.40 13.92
CA SER K 1181 -137.72 -7.17 13.46
C SER K 1181 -137.86 -6.12 14.59
N LYS K 1182 -137.87 -6.54 15.87
CA LYS K 1182 -138.07 -5.66 17.06
C LYS K 1182 -136.91 -5.76 18.06
N THR K 1183 -135.93 -6.63 17.82
CA THR K 1183 -134.76 -6.76 18.72
C THR K 1183 -134.17 -5.38 18.98
N VAL K 1184 -133.81 -5.10 20.23
CA VAL K 1184 -133.08 -3.87 20.63
C VAL K 1184 -131.93 -4.28 21.54
N VAL K 1185 -130.70 -3.84 21.23
CA VAL K 1185 -129.48 -4.10 22.04
C VAL K 1185 -128.98 -2.75 22.53
N THR K 1186 -128.83 -2.63 23.85
CA THR K 1186 -128.76 -1.35 24.61
C THR K 1186 -127.55 -1.38 25.54
N LEU K 1187 -126.45 -0.74 25.12
CA LEU K 1187 -125.18 -0.71 25.88
C LEU K 1187 -125.30 0.39 26.95
N SER K 1188 -124.81 0.11 28.16
CA SER K 1188 -124.83 1.03 29.32
C SER K 1188 -123.47 0.97 30.00
N GLU K 1189 -122.96 2.11 30.44
CA GLU K 1189 -121.62 2.25 31.06
C GLU K 1189 -121.73 3.12 32.32
N PRO K 1190 -120.67 3.20 33.15
CA PRO K 1190 -120.55 4.24 34.17
C PRO K 1190 -120.46 5.65 33.56
N VAL K 1191 -121.30 6.56 34.04
CA VAL K 1191 -121.36 8.01 33.64
C VAL K 1191 -121.59 8.85 34.90
N GLN K 1192 -120.51 9.45 35.43
CA GLN K 1192 -120.55 10.35 36.61
C GLN K 1192 -121.02 9.53 37.82
N GLY K 1193 -120.47 8.33 37.99
CA GLY K 1193 -120.78 7.39 39.08
C GLY K 1193 -121.81 6.34 38.68
N GLU K 1194 -123.07 6.76 38.45
CA GLU K 1194 -124.23 5.85 38.11
C GLU K 1194 -123.99 5.15 36.75
N LEU K 1195 -124.94 4.33 36.30
CA LEU K 1195 -124.85 3.52 35.05
C LEU K 1195 -126.02 3.83 34.10
N LYS K 1196 -125.73 4.53 33.00
CA LYS K 1196 -126.75 5.09 32.06
C LYS K 1196 -126.61 4.46 30.67
N PRO K 1197 -127.70 4.44 29.86
CA PRO K 1197 -127.62 4.00 28.46
C PRO K 1197 -126.75 4.92 27.59
N THR K 1198 -125.78 4.35 26.85
CA THR K 1198 -124.83 5.10 26.00
C THR K 1198 -124.94 4.75 24.52
N VAL K 1199 -125.48 3.59 24.15
CA VAL K 1199 -125.80 3.19 22.75
C VAL K 1199 -127.13 2.42 22.71
N ILE K 1200 -127.89 2.54 21.61
CA ILE K 1200 -129.17 1.82 21.38
C ILE K 1200 -129.18 1.37 19.92
N LEU K 1201 -128.67 0.16 19.68
CA LEU K 1201 -128.51 -0.44 18.32
C LEU K 1201 -129.78 -1.24 17.99
N LYS K 1202 -130.53 -0.83 16.97
CA LYS K 1202 -131.82 -1.46 16.60
C LYS K 1202 -132.17 -1.22 15.13
N LEU K 1203 -133.26 -1.83 14.66
CA LEU K 1203 -133.94 -1.57 13.34
C LEU K 1203 -134.85 -0.35 13.47
N LEU K 1204 -134.86 0.54 12.46
CA LEU K 1204 -135.98 1.47 12.21
C LEU K 1204 -136.97 0.74 11.30
N LYS K 1205 -137.62 1.47 10.38
CA LYS K 1205 -138.14 0.96 9.09
C LYS K 1205 -137.24 -0.18 8.58
N GLU K 1206 -137.82 -1.10 7.79
CA GLU K 1206 -137.45 -2.54 7.61
C GLU K 1206 -135.96 -2.77 7.35
N ASN K 1207 -135.30 -1.95 6.51
CA ASN K 1207 -133.94 -2.28 6.01
C ASN K 1207 -132.90 -1.24 6.47
N ILE K 1208 -133.12 -0.58 7.62
CA ILE K 1208 -132.23 0.48 8.17
C ILE K 1208 -131.86 0.14 9.62
N ILE K 1209 -130.58 -0.08 9.89
CA ILE K 1209 -130.02 -0.29 11.26
C ILE K 1209 -129.62 1.08 11.81
N GLN K 1210 -130.35 1.58 12.82
CA GLN K 1210 -130.01 2.82 13.55
C GLN K 1210 -129.14 2.44 14.74
N MET K 1211 -128.02 3.15 14.93
CA MET K 1211 -127.15 3.02 16.12
C MET K 1211 -127.18 4.31 16.93
N GLU K 1212 -128.33 4.61 17.56
CA GLU K 1212 -128.57 5.85 18.35
C GLU K 1212 -127.53 5.92 19.44
N MET K 1213 -126.70 6.97 19.42
CA MET K 1213 -125.40 6.99 20.14
C MET K 1213 -125.32 8.22 21.04
N ILE K 1214 -125.34 8.02 22.36
CA ILE K 1214 -125.92 9.01 23.32
C ILE K 1214 -124.79 9.70 24.07
N GLU K 1215 -124.91 11.02 24.21
CA GLU K 1215 -124.08 11.84 25.11
C GLU K 1215 -124.93 12.23 26.32
N ASN K 1216 -124.45 11.93 27.52
CA ASN K 1216 -125.14 12.24 28.81
C ASN K 1216 -124.62 13.56 29.39
N ARG K 1217 -123.36 13.91 29.08
CA ARG K 1217 -122.66 15.12 29.59
C ARG K 1217 -122.92 16.31 28.65
N THR K 1218 -124.10 16.92 28.76
CA THR K 1218 -124.59 18.00 27.88
C THR K 1218 -124.82 19.28 28.68
N MET K 1219 -125.28 20.36 28.02
CA MET K 1219 -125.42 21.74 28.57
C MET K 1219 -126.49 21.77 29.67
N ASP K 1220 -127.64 21.12 29.45
CA ASP K 1220 -128.85 21.22 30.33
C ASP K 1220 -129.31 19.81 30.78
N GLY K 1221 -128.42 18.81 30.80
CA GLY K 1221 -128.69 17.47 31.35
C GLY K 1221 -129.46 16.56 30.40
N LYS K 1222 -130.54 17.05 29.79
CA LYS K 1222 -131.34 16.35 28.73
C LYS K 1222 -130.37 15.68 27.76
N PRO K 1223 -130.19 14.34 27.78
CA PRO K 1223 -129.14 13.72 26.96
C PRO K 1223 -129.39 13.92 25.45
N VAL K 1224 -128.29 13.88 24.68
CA VAL K 1224 -128.23 14.22 23.23
C VAL K 1224 -127.89 12.95 22.45
N SER K 1225 -128.62 12.72 21.34
CA SER K 1225 -128.61 11.46 20.55
C SER K 1225 -128.14 11.75 19.13
N LEU K 1226 -127.07 11.09 18.70
CA LEU K 1226 -126.55 11.08 17.31
C LEU K 1226 -127.13 9.86 16.59
N PRO K 1227 -128.15 9.98 15.72
CA PRO K 1227 -128.63 8.83 14.95
C PRO K 1227 -127.70 8.44 13.79
N LEU K 1228 -126.80 7.47 13.98
CA LEU K 1228 -125.94 6.91 12.90
C LEU K 1228 -126.71 5.81 12.16
N LEU K 1229 -127.02 6.00 10.88
CA LEU K 1229 -127.85 5.06 10.07
C LEU K 1229 -126.97 4.16 9.20
N TYR K 1230 -127.48 2.99 8.87
CA TYR K 1230 -126.77 1.93 8.12
C TYR K 1230 -127.78 1.09 7.32
N ASN K 1231 -127.63 1.03 5.99
CA ASN K 1231 -128.43 0.15 5.09
C ASN K 1231 -127.98 -1.31 5.31
N PHE K 1232 -128.93 -2.20 5.59
CA PHE K 1232 -128.72 -3.66 5.67
C PHE K 1232 -129.31 -4.31 4.43
N ASN K 1233 -128.43 -4.75 3.52
CA ASN K 1233 -128.82 -5.35 2.22
C ASN K 1233 -128.46 -6.83 2.28
N PRO K 1234 -129.43 -7.75 2.41
CA PRO K 1234 -129.12 -9.18 2.47
C PRO K 1234 -128.75 -9.81 1.12
N ASP K 1235 -129.02 -9.13 -0.01
CA ASP K 1235 -128.71 -9.62 -1.38
C ASP K 1235 -127.20 -9.66 -1.61
N ASN K 1236 -126.48 -8.63 -1.17
CA ASN K 1236 -125.00 -8.61 -1.10
C ASN K 1236 -124.63 -9.13 0.28
N GLY K 1237 -124.06 -10.33 0.37
CA GLY K 1237 -123.91 -11.06 1.63
C GLY K 1237 -122.48 -11.09 2.14
N PHE K 1238 -121.50 -10.69 1.35
CA PHE K 1238 -120.10 -10.52 1.82
C PHE K 1238 -120.02 -9.26 2.70
N ALA K 1239 -120.71 -8.22 2.26
CA ALA K 1239 -120.79 -6.88 2.88
C ALA K 1239 -122.25 -6.44 2.86
N PRO K 1240 -123.08 -6.98 3.77
CA PRO K 1240 -124.48 -6.59 3.86
C PRO K 1240 -124.75 -5.23 4.51
N ILE K 1241 -123.83 -4.70 5.34
CA ILE K 1241 -124.02 -3.39 6.01
C ILE K 1241 -123.22 -2.31 5.27
N SER K 1242 -123.87 -1.19 4.93
CA SER K 1242 -123.32 0.00 4.27
C SER K 1242 -123.81 1.27 4.95
N GLU K 1243 -122.93 2.19 5.37
CA GLU K 1243 -123.34 3.45 6.02
C GLU K 1243 -124.13 4.31 5.03
N VAL K 1244 -125.26 4.87 5.48
CA VAL K 1244 -126.00 5.96 4.76
C VAL K 1244 -125.14 7.22 4.88
N MET K 1245 -124.72 7.80 3.74
CA MET K 1245 -123.80 8.95 3.70
C MET K 1245 -124.58 10.25 3.39
N GLU K 1246 -125.83 10.15 2.92
CA GLU K 1246 -126.67 11.31 2.53
C GLU K 1246 -127.15 12.03 3.80
N ASP K 1247 -126.65 13.24 4.04
CA ASP K 1247 -126.94 14.04 5.26
C ASP K 1247 -126.35 13.36 6.51
N ARG K 1248 -125.22 12.67 6.37
CA ARG K 1248 -124.45 12.16 7.54
C ARG K 1248 -123.75 13.32 8.24
N ASN K 1249 -123.06 14.18 7.48
CA ASN K 1249 -122.31 15.33 8.04
C ASN K 1249 -123.27 16.32 8.71
N GLN K 1250 -124.54 16.37 8.32
CA GLN K 1250 -125.55 17.28 8.94
C GLN K 1250 -126.35 16.62 10.08
N ARG K 1251 -126.09 15.36 10.41
CA ARG K 1251 -126.58 14.75 11.68
C ARG K 1251 -125.51 15.05 12.72
N ILE K 1252 -124.28 14.72 12.39
CA ILE K 1252 -123.09 14.93 13.28
C ILE K 1252 -123.03 16.40 13.68
N LYS K 1253 -123.34 17.34 12.80
CA LYS K 1253 -123.32 18.78 13.12
C LYS K 1253 -124.44 19.09 14.12
N GLU K 1254 -125.68 18.69 13.81
CA GLU K 1254 -126.85 18.92 14.70
C GLU K 1254 -126.50 18.55 16.13
N MET K 1255 -125.84 17.43 16.33
CA MET K 1255 -125.48 16.90 17.67
C MET K 1255 -124.52 17.85 18.37
N TYR K 1256 -123.42 18.18 17.71
CA TYR K 1256 -122.37 19.10 18.19
C TYR K 1256 -122.96 20.48 18.43
N TRP K 1257 -123.93 20.90 17.61
CA TRP K 1257 -124.63 22.19 17.83
C TRP K 1257 -125.36 22.19 19.17
N LYS K 1258 -126.12 21.14 19.50
CA LYS K 1258 -126.81 21.01 20.83
C LYS K 1258 -125.77 21.16 21.94
N LEU K 1259 -124.58 20.59 21.75
CA LEU K 1259 -123.53 20.49 22.80
C LEU K 1259 -122.75 21.79 22.98
N TRP K 1260 -122.61 22.61 21.92
CA TRP K 1260 -121.68 23.76 21.87
C TRP K 1260 -122.46 25.07 21.80
N ILE K 1261 -123.29 25.24 20.77
CA ILE K 1261 -124.00 26.52 20.48
C ILE K 1261 -125.31 26.54 21.27
N ASP K 1262 -125.81 27.73 21.62
CA ASP K 1262 -127.01 27.96 22.44
C ASP K 1262 -128.08 28.72 21.63
N GLU K 1263 -128.20 28.43 20.33
CA GLU K 1263 -129.08 29.18 19.38
C GLU K 1263 -130.00 28.20 18.65
N PRO K 1264 -131.01 28.67 17.88
CA PRO K 1264 -131.77 27.81 16.97
C PRO K 1264 -130.91 27.29 15.82
N PHE K 1265 -130.84 25.96 15.66
CA PHE K 1265 -129.99 25.24 14.67
C PHE K 1265 -130.30 25.72 13.25
N ASN K 1266 -129.26 26.06 12.50
CA ASN K 1266 -129.33 26.58 11.11
C ASN K 1266 -127.91 26.67 10.53
N LEU K 1267 -127.64 25.89 9.47
CA LEU K 1267 -126.31 25.79 8.80
C LEU K 1267 -126.34 26.53 7.46
N ASP K 1268 -127.35 27.38 7.23
CA ASP K 1268 -127.44 28.28 6.04
C ASP K 1268 -127.07 29.70 6.49
N PHE K 1269 -125.77 29.97 6.61
CA PHE K 1269 -125.20 31.33 6.86
C PHE K 1269 -123.80 31.37 6.26
N ASP K 1270 -123.48 32.45 5.54
CA ASP K 1270 -122.27 32.60 4.70
C ASP K 1270 -121.03 32.53 5.60
N PRO K 1271 -119.98 31.75 5.26
CA PRO K 1271 -118.71 31.82 5.99
C PRO K 1271 -118.05 33.22 5.95
N ARG K 1272 -118.03 33.91 4.81
CA ARG K 1272 -117.44 35.26 4.65
C ARG K 1272 -118.01 36.25 5.67
N ASP K 1273 -119.28 36.12 6.08
CA ASP K 1273 -119.93 37.06 7.03
C ASP K 1273 -119.30 36.93 8.42
N VAL K 1274 -119.43 37.99 9.23
CA VAL K 1274 -118.94 38.07 10.63
C VAL K 1274 -119.92 37.28 11.53
N ILE K 1275 -119.36 36.59 12.52
CA ILE K 1275 -120.11 35.86 13.59
C ILE K 1275 -119.93 36.66 14.87
N LYS K 1276 -121.02 36.96 15.60
CA LYS K 1276 -120.94 37.73 16.87
C LYS K 1276 -121.60 36.93 18.01
N GLY K 1277 -120.80 36.59 19.03
CA GLY K 1277 -121.25 35.90 20.25
C GLY K 1277 -121.91 36.85 21.24
N LYS K 1278 -122.60 36.29 22.25
CA LYS K 1278 -123.23 37.04 23.37
C LYS K 1278 -122.16 37.83 24.13
N ASP K 1279 -122.55 38.99 24.69
CA ASP K 1279 -121.75 39.72 25.71
C ASP K 1279 -121.59 38.80 26.92
N PHE K 1280 -120.35 38.69 27.41
CA PHE K 1280 -119.94 37.76 28.48
C PHE K 1280 -119.39 38.56 29.65
N GLU K 1281 -120.15 38.67 30.73
CA GLU K 1281 -119.67 39.30 32.00
C GLU K 1281 -118.72 38.32 32.67
N ILE K 1282 -117.46 38.71 32.87
CA ILE K 1282 -116.49 37.92 33.69
C ILE K 1282 -116.92 38.05 35.16
N THR K 1283 -116.82 36.97 35.93
CA THR K 1283 -117.15 36.90 37.38
C THR K 1283 -116.06 36.12 38.09
N ALA K 1284 -115.82 36.44 39.38
CA ALA K 1284 -114.77 35.80 40.20
C ALA K 1284 -115.02 34.28 40.23
N LYS K 1285 -116.29 33.91 40.32
CA LYS K 1285 -116.79 32.53 40.27
C LYS K 1285 -116.14 31.81 39.09
N GLU K 1286 -116.40 32.27 37.86
CA GLU K 1286 -115.94 31.65 36.59
C GLU K 1286 -114.42 31.51 36.59
N VAL K 1287 -113.70 32.61 36.85
CA VAL K 1287 -112.21 32.70 36.82
C VAL K 1287 -111.60 31.75 37.85
N TYR K 1288 -112.16 31.74 39.07
CA TYR K 1288 -111.75 30.83 40.18
C TYR K 1288 -111.79 29.39 39.69
N ASP K 1289 -112.92 28.95 39.11
CA ASP K 1289 -113.17 27.56 38.63
C ASP K 1289 -112.14 27.24 37.55
N PHE K 1290 -112.07 28.09 36.53
CA PHE K 1290 -111.18 27.94 35.34
C PHE K 1290 -109.74 27.68 35.80
N THR K 1291 -109.24 28.44 36.77
CA THR K 1291 -107.83 28.35 37.22
C THR K 1291 -107.55 26.99 37.89
N HIS K 1292 -108.52 26.45 38.64
CA HIS K 1292 -108.38 25.12 39.30
C HIS K 1292 -108.38 24.00 38.26
N ALA K 1293 -109.23 24.12 37.23
CA ALA K 1293 -109.32 23.14 36.12
C ALA K 1293 -107.95 22.99 35.46
N VAL K 1294 -107.32 24.10 35.06
CA VAL K 1294 -106.06 24.08 34.24
C VAL K 1294 -104.81 23.95 35.12
N GLY K 1295 -104.87 24.36 36.41
CA GLY K 1295 -103.75 24.25 37.36
C GLY K 1295 -102.88 25.50 37.37
N ASN K 1296 -103.50 26.68 37.24
CA ASN K 1296 -102.85 28.02 37.19
C ASN K 1296 -102.95 28.66 38.57
N ASN K 1297 -101.85 28.65 39.35
CA ASN K 1297 -101.85 29.07 40.76
C ASN K 1297 -101.61 30.58 40.88
N CYS K 1298 -100.96 31.19 39.89
CA CYS K 1298 -100.55 32.63 39.84
C CYS K 1298 -101.47 33.54 40.67
N GLU K 1299 -100.85 34.37 41.53
CA GLU K 1299 -101.48 35.25 42.55
C GLU K 1299 -102.48 36.21 41.90
N ASP K 1300 -102.26 36.64 40.65
CA ASP K 1300 -103.05 37.72 39.99
C ASP K 1300 -104.52 37.31 39.86
N PHE K 1301 -104.83 36.01 39.96
CA PHE K 1301 -106.18 35.44 39.68
C PHE K 1301 -106.92 35.17 40.98
N VAL K 1302 -106.21 35.12 42.10
CA VAL K 1302 -106.80 34.99 43.47
C VAL K 1302 -107.40 36.35 43.85
N SER K 1303 -108.56 36.32 44.54
CA SER K 1303 -109.24 37.51 45.12
C SER K 1303 -108.56 37.88 46.45
N ARG K 1304 -107.72 38.92 46.41
CA ARG K 1304 -107.15 39.60 47.61
C ARG K 1304 -107.83 40.97 47.74
N PRO K 1305 -107.69 41.70 48.88
CA PRO K 1305 -108.26 43.05 49.01
C PRO K 1305 -107.41 44.13 48.30
N ASP K 1306 -108.06 45.27 48.00
CA ASP K 1306 -107.52 46.41 47.20
C ASP K 1306 -107.49 46.02 45.71
N ARG K 1307 -106.38 45.42 45.24
CA ARG K 1307 -106.12 45.06 43.81
C ARG K 1307 -107.31 44.25 43.28
N THR K 1308 -107.70 44.47 42.01
CA THR K 1308 -108.82 43.76 41.32
C THR K 1308 -108.33 42.41 40.79
N MET K 1309 -109.21 41.41 40.77
CA MET K 1309 -108.92 40.04 40.24
C MET K 1309 -108.78 40.12 38.71
N LEU K 1310 -107.67 39.59 38.18
CA LEU K 1310 -107.42 39.45 36.72
C LEU K 1310 -107.96 38.09 36.26
N ALA K 1311 -108.29 37.97 34.99
CA ALA K 1311 -108.53 36.67 34.31
C ALA K 1311 -107.28 36.33 33.51
N PRO K 1312 -106.92 35.03 33.42
CA PRO K 1312 -105.81 34.61 32.56
C PRO K 1312 -106.20 34.83 31.09
N MET K 1313 -105.23 34.90 30.17
CA MET K 1313 -105.55 35.17 28.73
C MET K 1313 -106.19 33.91 28.13
N ASP K 1314 -105.77 32.72 28.57
CA ASP K 1314 -106.44 31.40 28.34
C ASP K 1314 -107.97 31.54 28.41
N PHE K 1315 -108.45 32.32 29.37
CA PHE K 1315 -109.89 32.57 29.62
C PHE K 1315 -110.58 33.12 28.37
N ALA K 1316 -109.84 33.69 27.43
CA ALA K 1316 -110.38 34.22 26.16
C ALA K 1316 -111.14 33.14 25.40
N ILE K 1317 -110.65 31.91 25.40
CA ILE K 1317 -111.29 30.78 24.67
C ILE K 1317 -112.66 30.48 25.28
N VAL K 1318 -112.84 30.70 26.59
CA VAL K 1318 -114.14 30.49 27.30
C VAL K 1318 -115.13 31.55 26.83
N VAL K 1319 -114.65 32.74 26.50
CA VAL K 1319 -115.48 33.88 26.04
C VAL K 1319 -115.75 33.67 24.56
N GLY K 1320 -114.69 33.29 23.84
CA GLY K 1320 -114.65 33.20 22.38
C GLY K 1320 -115.41 32.01 21.82
N TRP K 1321 -115.23 30.83 22.43
CA TRP K 1321 -115.61 29.49 21.88
C TRP K 1321 -116.92 29.52 21.09
N ARG K 1322 -118.06 29.88 21.71
CA ARG K 1322 -119.39 29.85 21.04
C ARG K 1322 -119.30 30.57 19.69
N ALA K 1323 -118.51 31.65 19.58
CA ALA K 1323 -118.33 32.40 18.33
C ALA K 1323 -117.33 31.69 17.43
N ILE K 1324 -116.14 31.41 17.96
CA ILE K 1324 -115.03 30.83 17.18
C ILE K 1324 -115.51 29.54 16.50
N ILE K 1325 -116.02 28.58 17.27
CA ILE K 1325 -116.36 27.22 16.75
C ILE K 1325 -117.50 27.31 15.74
N LYS K 1326 -118.41 28.27 15.88
CA LYS K 1326 -119.57 28.40 14.96
C LYS K 1326 -119.05 28.58 13.53
N ALA K 1327 -117.80 29.00 13.31
CA ALA K 1327 -117.26 29.30 11.96
C ALA K 1327 -117.05 28.03 11.13
N ILE K 1328 -116.95 26.86 11.75
CA ILE K 1328 -116.73 25.58 11.01
C ILE K 1328 -118.06 24.84 10.76
N PHE K 1329 -119.21 25.45 11.06
CA PHE K 1329 -120.54 24.79 10.96
C PHE K 1329 -121.20 24.97 9.60
N PRO K 1330 -121.01 26.06 8.83
CA PRO K 1330 -121.80 26.27 7.61
C PRO K 1330 -121.84 25.11 6.60
N ASN K 1331 -122.92 25.04 5.80
CA ASN K 1331 -123.12 24.01 4.73
C ASN K 1331 -121.93 24.03 3.76
N THR K 1332 -121.44 25.23 3.44
CA THR K 1332 -120.39 25.48 2.42
C THR K 1332 -119.01 25.03 2.93
N VAL K 1333 -118.80 24.89 4.24
CA VAL K 1333 -117.54 24.34 4.83
C VAL K 1333 -117.88 22.98 5.47
N ASP K 1334 -118.13 21.98 4.61
CA ASP K 1334 -118.75 20.66 4.97
C ASP K 1334 -117.66 19.70 5.46
N GLY K 1335 -117.84 19.09 6.62
CA GLY K 1335 -116.84 18.15 7.19
C GLY K 1335 -117.40 17.20 8.26
N ASP K 1336 -116.71 16.09 8.42
CA ASP K 1336 -117.00 15.06 9.46
C ASP K 1336 -116.45 15.60 10.77
N LEU K 1337 -117.33 16.18 11.60
CA LEU K 1337 -116.92 16.81 12.87
C LEU K 1337 -116.26 15.79 13.80
N LEU K 1338 -116.45 14.48 13.58
CA LEU K 1338 -115.90 13.42 14.47
C LEU K 1338 -114.42 13.21 14.12
N LYS K 1339 -114.01 13.58 12.91
CA LYS K 1339 -112.60 13.53 12.47
C LYS K 1339 -111.98 14.94 12.42
N LEU K 1340 -112.49 15.90 13.20
CA LEU K 1340 -111.95 17.29 13.27
C LEU K 1340 -110.71 17.28 14.15
N VAL K 1341 -109.63 17.89 13.68
CA VAL K 1341 -108.38 18.13 14.46
C VAL K 1341 -108.26 19.63 14.70
N HIS K 1342 -108.16 20.05 15.97
CA HIS K 1342 -107.62 21.37 16.40
C HIS K 1342 -106.12 21.29 16.16
N LEU K 1343 -105.59 22.04 15.19
CA LEU K 1343 -104.14 21.98 14.83
C LEU K 1343 -103.33 22.89 15.75
N SER K 1344 -103.81 24.10 15.97
CA SER K 1344 -103.03 25.20 16.57
C SER K 1344 -103.98 26.24 17.11
N ASN K 1345 -103.71 26.75 18.31
CA ASN K 1345 -104.44 27.89 18.92
C ASN K 1345 -103.43 28.96 19.33
N GLY K 1346 -103.81 30.23 19.23
CA GLY K 1346 -102.94 31.36 19.61
C GLY K 1346 -103.70 32.51 20.23
N TYR K 1347 -103.05 33.25 21.13
CA TYR K 1347 -103.54 34.53 21.70
C TYR K 1347 -102.50 35.63 21.43
N LYS K 1348 -102.99 36.84 21.24
CA LYS K 1348 -102.18 38.03 20.85
C LYS K 1348 -102.94 39.22 21.42
N MET K 1349 -102.38 39.82 22.48
CA MET K 1349 -102.91 41.04 23.14
C MET K 1349 -102.67 42.20 22.18
N ILE K 1350 -103.67 43.06 21.95
CA ILE K 1350 -103.48 44.22 21.03
C ILE K 1350 -102.72 45.26 21.83
N PRO K 1351 -101.64 45.87 21.27
CA PRO K 1351 -100.67 46.61 22.08
C PRO K 1351 -101.29 47.77 22.87
N GLY K 1352 -100.86 47.94 24.12
CA GLY K 1352 -101.39 48.92 25.08
C GLY K 1352 -102.46 48.33 25.98
N ALA K 1353 -103.37 47.52 25.43
CA ALA K 1353 -104.57 46.98 26.13
C ALA K 1353 -104.17 46.22 27.39
N LYS K 1354 -104.78 46.59 28.52
CA LYS K 1354 -104.62 45.90 29.83
C LYS K 1354 -105.35 44.57 29.76
N PRO K 1355 -104.89 43.55 30.51
CA PRO K 1355 -105.53 42.22 30.47
C PRO K 1355 -106.91 42.19 31.14
N LEU K 1356 -107.68 41.14 30.88
CA LEU K 1356 -109.10 41.00 31.29
C LEU K 1356 -109.21 41.00 32.82
N GLN K 1357 -109.99 41.94 33.38
CA GLN K 1357 -110.33 42.04 34.83
C GLN K 1357 -111.57 41.18 35.10
N VAL K 1358 -112.25 41.39 36.24
CA VAL K 1358 -113.30 40.48 36.77
C VAL K 1358 -114.68 41.16 36.74
N GLY K 1359 -114.79 42.45 36.50
CA GLY K 1359 -116.09 43.13 36.33
C GLY K 1359 -116.45 43.30 34.87
N ASP K 1360 -115.50 43.06 33.96
CA ASP K 1360 -115.53 43.48 32.54
C ASP K 1360 -116.67 42.79 31.80
N VAL K 1361 -117.31 43.50 30.87
CA VAL K 1361 -118.29 42.95 29.89
C VAL K 1361 -117.61 42.89 28.52
N VAL K 1362 -117.46 41.69 27.96
CA VAL K 1362 -116.53 41.41 26.82
C VAL K 1362 -117.31 40.90 25.62
N SER K 1363 -117.51 41.76 24.61
CA SER K 1363 -118.05 41.40 23.28
C SER K 1363 -117.05 40.50 22.55
N THR K 1364 -117.56 39.52 21.81
CA THR K 1364 -116.79 38.66 20.89
C THR K 1364 -117.35 38.82 19.48
N THR K 1365 -116.50 38.56 18.49
CA THR K 1365 -116.76 38.65 17.05
C THR K 1365 -115.66 37.82 16.40
N ALA K 1366 -116.02 36.80 15.63
CA ALA K 1366 -115.06 35.89 14.99
C ALA K 1366 -115.28 35.90 13.48
N VAL K 1367 -114.19 35.69 12.76
CA VAL K 1367 -114.11 35.88 11.29
C VAL K 1367 -113.27 34.72 10.79
N ILE K 1368 -113.78 34.04 9.81
CA ILE K 1368 -113.06 32.96 9.09
C ILE K 1368 -112.07 33.67 8.16
N GLU K 1369 -110.80 33.29 8.25
CA GLU K 1369 -109.63 34.02 7.69
C GLU K 1369 -109.24 33.29 6.39
N SER K 1370 -108.93 32.00 6.51
CA SER K 1370 -108.70 31.05 5.39
C SER K 1370 -109.66 29.86 5.51
N VAL K 1371 -110.26 29.45 4.40
CA VAL K 1371 -110.73 28.05 4.13
C VAL K 1371 -109.98 27.61 2.88
N VAL K 1372 -109.13 26.60 2.99
CA VAL K 1372 -108.23 26.21 1.87
C VAL K 1372 -108.21 24.67 1.83
N ASN K 1373 -108.58 24.08 0.68
CA ASN K 1373 -108.50 22.60 0.46
C ASN K 1373 -107.03 22.26 0.23
N GLN K 1374 -106.52 21.30 0.97
CA GLN K 1374 -105.18 20.71 0.78
C GLN K 1374 -105.38 19.29 0.31
N PRO K 1375 -104.36 18.59 -0.23
CA PRO K 1375 -104.51 17.18 -0.58
C PRO K 1375 -105.20 16.40 0.55
N THR K 1376 -104.58 16.43 1.73
CA THR K 1376 -104.89 15.55 2.89
C THR K 1376 -106.21 15.97 3.55
N GLY K 1377 -106.69 17.21 3.36
CA GLY K 1377 -107.96 17.72 3.95
C GLY K 1377 -108.19 19.21 3.76
N LYS K 1378 -109.14 19.78 4.52
CA LYS K 1378 -109.58 21.20 4.48
C LYS K 1378 -109.16 21.91 5.77
N ILE K 1379 -108.42 23.02 5.68
CA ILE K 1379 -107.89 23.76 6.86
C ILE K 1379 -108.66 25.07 6.99
N VAL K 1380 -109.46 25.18 8.06
CA VAL K 1380 -110.19 26.41 8.46
C VAL K 1380 -109.38 27.16 9.53
N ASP K 1381 -109.20 28.47 9.31
CA ASP K 1381 -108.39 29.40 10.15
C ASP K 1381 -109.31 30.53 10.63
N VAL K 1382 -109.56 30.61 11.94
CA VAL K 1382 -110.55 31.55 12.50
C VAL K 1382 -109.80 32.58 13.35
N VAL K 1383 -110.30 33.82 13.36
CA VAL K 1383 -109.72 34.95 14.12
C VAL K 1383 -110.82 35.60 14.97
N GLY K 1384 -110.84 35.24 16.25
CA GLY K 1384 -111.75 35.82 17.25
C GLY K 1384 -111.17 37.10 17.79
N THR K 1385 -112.00 38.11 18.01
CA THR K 1385 -111.61 39.44 18.52
C THR K 1385 -112.47 39.73 19.74
N LEU K 1386 -111.84 39.66 20.92
CA LEU K 1386 -112.42 40.10 22.20
C LEU K 1386 -112.36 41.63 22.28
N SER K 1387 -113.45 42.27 22.70
CA SER K 1387 -113.57 43.74 22.89
C SER K 1387 -114.16 44.07 24.27
N ARG K 1388 -113.64 45.12 24.91
CA ARG K 1388 -114.05 45.68 26.23
C ARG K 1388 -114.28 47.18 26.06
N ASN K 1389 -115.48 47.69 26.36
CA ASN K 1389 -115.85 49.14 26.23
C ASN K 1389 -115.48 49.62 24.81
N GLY K 1390 -115.92 48.91 23.77
CA GLY K 1390 -115.83 49.37 22.36
C GLY K 1390 -114.49 49.09 21.70
N LYS K 1391 -113.41 48.82 22.45
CA LYS K 1391 -112.02 48.66 21.91
C LYS K 1391 -111.63 47.19 21.84
N PRO K 1392 -110.88 46.75 20.80
CA PRO K 1392 -110.20 45.46 20.84
C PRO K 1392 -109.29 45.30 22.07
N VAL K 1393 -109.31 44.11 22.68
CA VAL K 1393 -108.42 43.71 23.79
C VAL K 1393 -107.42 42.69 23.25
N MET K 1394 -107.90 41.56 22.73
CA MET K 1394 -107.01 40.54 22.12
C MET K 1394 -107.69 39.80 20.98
N GLU K 1395 -106.84 39.19 20.14
CA GLU K 1395 -107.19 38.29 19.02
C GLU K 1395 -106.87 36.85 19.43
N VAL K 1396 -107.88 35.98 19.34
CA VAL K 1396 -107.75 34.50 19.43
C VAL K 1396 -107.69 33.97 17.99
N THR K 1397 -106.69 33.14 17.68
CA THR K 1397 -106.49 32.48 16.36
C THR K 1397 -106.49 30.95 16.55
N SER K 1398 -107.44 30.27 15.92
CA SER K 1398 -107.59 28.78 15.95
C SER K 1398 -107.51 28.27 14.52
N SER K 1399 -106.71 27.23 14.27
CA SER K 1399 -106.71 26.50 12.98
C SER K 1399 -107.27 25.09 13.19
N PHE K 1400 -108.38 24.80 12.53
CA PHE K 1400 -109.06 23.48 12.51
C PHE K 1400 -108.79 22.78 11.19
N PHE K 1401 -108.73 21.45 11.22
CA PHE K 1401 -108.46 20.56 10.05
C PHE K 1401 -109.57 19.51 9.94
N TYR K 1402 -110.35 19.51 8.87
CA TYR K 1402 -111.23 18.38 8.47
C TYR K 1402 -110.46 17.40 7.58
N ARG K 1403 -110.10 16.19 8.07
CA ARG K 1403 -109.45 15.15 7.23
C ARG K 1403 -110.44 14.69 6.16
N GLY K 1404 -110.02 14.67 4.91
CA GLY K 1404 -110.83 14.12 3.81
C GLY K 1404 -110.31 14.52 2.45
N ASN K 1405 -111.15 14.34 1.44
CA ASN K 1405 -110.87 14.72 0.04
C ASN K 1405 -111.95 15.70 -0.39
N TYR K 1406 -111.62 16.98 -0.42
CA TYR K 1406 -112.53 18.10 -0.80
C TYR K 1406 -112.05 18.63 -2.16
N THR K 1407 -113.01 18.89 -3.05
CA THR K 1407 -112.82 19.49 -4.39
C THR K 1407 -113.86 20.61 -4.52
N ASP K 1408 -113.95 21.42 -3.47
CA ASP K 1408 -115.07 22.33 -3.11
C ASP K 1408 -114.55 23.75 -3.35
N PHE K 1409 -113.80 23.96 -4.44
CA PHE K 1409 -112.95 25.16 -4.62
C PHE K 1409 -113.80 26.43 -4.75
N GLU K 1410 -115.06 26.31 -5.14
CA GLU K 1410 -116.09 27.38 -5.15
C GLU K 1410 -116.20 28.07 -3.77
N ASN K 1411 -116.05 27.29 -2.69
CA ASN K 1411 -116.36 27.68 -1.28
C ASN K 1411 -115.06 27.71 -0.48
N THR K 1412 -113.99 28.18 -1.12
CA THR K 1412 -112.61 28.15 -0.59
C THR K 1412 -112.03 29.53 -0.88
N PHE K 1413 -111.41 30.14 0.12
CA PHE K 1413 -110.93 31.54 0.08
C PHE K 1413 -109.97 31.83 1.23
N GLN K 1414 -109.42 33.02 1.22
CA GLN K 1414 -108.33 33.47 2.09
C GLN K 1414 -108.47 34.99 2.13
N LYS K 1415 -108.62 35.57 3.33
CA LYS K 1415 -109.08 36.97 3.50
C LYS K 1415 -108.29 37.54 4.68
N THR K 1416 -106.96 37.52 4.54
CA THR K 1416 -105.99 37.96 5.58
C THR K 1416 -105.92 39.49 5.65
N VAL K 1417 -105.43 39.99 6.78
CA VAL K 1417 -104.98 41.38 7.03
C VAL K 1417 -103.46 41.31 7.22
N GLU K 1418 -102.70 41.81 6.25
CA GLU K 1418 -101.23 41.59 6.17
C GLU K 1418 -100.58 42.46 7.24
N PRO K 1419 -99.33 42.18 7.65
CA PRO K 1419 -98.65 42.99 8.65
C PRO K 1419 -98.24 44.32 8.03
N VAL K 1420 -98.32 45.43 8.77
CA VAL K 1420 -97.95 46.78 8.26
C VAL K 1420 -96.47 46.74 7.88
N TYR K 1421 -96.17 47.23 6.67
CA TYR K 1421 -94.83 47.27 6.05
C TYR K 1421 -94.48 48.74 5.79
N GLN K 1422 -93.26 49.16 6.14
CA GLN K 1422 -92.80 50.54 5.91
C GLN K 1422 -91.60 50.52 4.94
N MET K 1423 -91.52 51.56 4.11
CA MET K 1423 -90.39 51.87 3.21
C MET K 1423 -89.87 53.27 3.54
N HIS K 1424 -88.57 53.38 3.79
CA HIS K 1424 -87.83 54.67 3.76
C HIS K 1424 -87.41 54.88 2.31
N ILE K 1425 -88.03 55.83 1.60
CA ILE K 1425 -87.58 56.20 0.23
C ILE K 1425 -86.37 57.14 0.37
N LYS K 1426 -85.15 56.60 0.19
CA LYS K 1426 -83.86 57.32 0.34
C LYS K 1426 -83.41 57.89 -1.02
N THR K 1427 -83.43 57.07 -2.06
CA THR K 1427 -82.81 57.35 -3.40
C THR K 1427 -83.90 57.83 -4.37
N SER K 1428 -83.56 57.95 -5.66
CA SER K 1428 -84.49 58.30 -6.77
C SER K 1428 -84.83 57.06 -7.61
N LYS K 1429 -84.05 55.97 -7.50
CA LYS K 1429 -84.38 54.68 -8.16
C LYS K 1429 -85.14 53.77 -7.17
N ASP K 1430 -85.58 54.30 -6.02
CA ASP K 1430 -86.63 53.72 -5.15
C ASP K 1430 -87.97 54.32 -5.55
N ILE K 1431 -88.03 55.66 -5.71
CA ILE K 1431 -89.28 56.38 -6.12
C ILE K 1431 -89.64 55.98 -7.55
N ALA K 1432 -88.67 55.71 -8.42
CA ALA K 1432 -88.94 55.41 -9.84
C ALA K 1432 -89.55 54.01 -9.97
N VAL K 1433 -89.20 53.10 -9.05
CA VAL K 1433 -89.77 51.72 -8.95
C VAL K 1433 -91.25 51.80 -8.55
N LEU K 1434 -91.54 52.47 -7.43
CA LEU K 1434 -92.93 52.63 -6.91
C LEU K 1434 -93.84 53.24 -7.98
N ARG K 1435 -93.34 54.19 -8.78
CA ARG K 1435 -94.12 54.85 -9.86
C ARG K 1435 -94.36 53.87 -11.02
N SER K 1436 -93.59 52.79 -11.13
CA SER K 1436 -93.75 51.77 -12.20
C SER K 1436 -95.00 50.95 -11.94
N LYS K 1437 -95.32 50.75 -10.65
CA LYS K 1437 -96.35 49.81 -10.15
C LYS K 1437 -97.74 50.41 -10.32
N GLU K 1438 -98.57 49.75 -11.13
CA GLU K 1438 -99.98 50.12 -11.40
C GLU K 1438 -100.71 50.29 -10.07
N TRP K 1439 -100.38 49.44 -9.10
CA TRP K 1439 -101.12 49.29 -7.82
C TRP K 1439 -100.82 50.39 -6.81
N PHE K 1440 -99.89 51.31 -7.09
CA PHE K 1440 -99.52 52.44 -6.18
C PHE K 1440 -100.20 53.72 -6.68
N GLN K 1441 -101.50 53.85 -6.41
CA GLN K 1441 -102.30 55.08 -6.69
C GLN K 1441 -101.95 56.14 -5.64
N LEU K 1442 -101.55 57.34 -6.05
CA LEU K 1442 -101.45 58.53 -5.15
C LEU K 1442 -102.61 59.50 -5.45
N ASP K 1443 -103.10 60.18 -4.42
CA ASP K 1443 -104.20 61.19 -4.50
C ASP K 1443 -103.67 62.41 -5.29
N ASP K 1444 -102.45 62.85 -4.97
CA ASP K 1444 -101.70 63.97 -5.61
C ASP K 1444 -100.49 63.35 -6.32
N GLU K 1445 -100.55 63.18 -7.65
CA GLU K 1445 -99.55 62.43 -8.46
C GLU K 1445 -98.15 63.09 -8.34
N ASP K 1446 -98.10 64.42 -8.20
CA ASP K 1446 -96.86 65.25 -8.09
C ASP K 1446 -96.18 65.12 -6.71
N PHE K 1447 -96.84 64.54 -5.71
CA PHE K 1447 -96.39 64.41 -4.29
C PHE K 1447 -94.93 63.95 -4.23
N ASP K 1448 -94.11 64.62 -3.40
CA ASP K 1448 -92.66 64.38 -3.25
C ASP K 1448 -92.42 63.28 -2.22
N LEU K 1449 -91.84 62.14 -2.64
CA LEU K 1449 -91.63 60.93 -1.77
C LEU K 1449 -90.22 60.91 -1.18
N LEU K 1450 -89.31 61.80 -1.57
CA LEU K 1450 -87.88 61.67 -1.25
C LEU K 1450 -87.66 61.96 0.24
N ASN K 1451 -86.95 61.05 0.93
CA ASN K 1451 -86.65 61.09 2.39
C ASN K 1451 -87.94 61.01 3.21
N LYS K 1452 -89.01 60.45 2.65
CA LYS K 1452 -90.28 60.16 3.37
C LYS K 1452 -90.28 58.70 3.82
N THR K 1453 -91.04 58.40 4.87
CA THR K 1453 -91.27 57.03 5.40
C THR K 1453 -92.73 56.68 5.11
N LEU K 1454 -92.97 55.87 4.06
CA LEU K 1454 -94.31 55.34 3.71
C LEU K 1454 -94.60 54.05 4.50
N THR K 1455 -95.80 53.91 5.09
CA THR K 1455 -96.32 52.66 5.70
C THR K 1455 -97.52 52.18 4.87
N PHE K 1456 -97.56 50.89 4.53
CA PHE K 1456 -98.60 50.26 3.67
C PHE K 1456 -99.46 49.36 4.54
N GLU K 1457 -100.68 49.81 4.88
CA GLU K 1457 -101.66 49.03 5.68
C GLU K 1457 -102.59 48.31 4.71
N THR K 1458 -102.32 47.03 4.44
CA THR K 1458 -102.79 46.26 3.26
C THR K 1458 -103.56 45.01 3.73
N GLU K 1459 -104.69 44.68 3.08
CA GLU K 1459 -105.39 43.37 3.25
C GLU K 1459 -105.65 42.73 1.89
N THR K 1460 -105.58 41.39 1.82
CA THR K 1460 -105.59 40.59 0.57
C THR K 1460 -106.65 39.48 0.64
N GLU K 1461 -107.83 39.76 0.06
CA GLU K 1461 -108.83 38.77 -0.43
C GLU K 1461 -108.22 37.94 -1.58
N VAL K 1462 -108.38 36.62 -1.53
CA VAL K 1462 -107.93 35.65 -2.55
C VAL K 1462 -108.97 34.53 -2.63
N THR K 1463 -109.54 34.30 -3.81
CA THR K 1463 -110.40 33.13 -4.15
C THR K 1463 -109.54 32.12 -4.93
N PHE K 1464 -109.90 30.84 -4.88
CA PHE K 1464 -109.17 29.74 -5.54
C PHE K 1464 -110.00 29.15 -6.69
N LYS K 1465 -109.32 28.57 -7.69
CA LYS K 1465 -109.91 27.71 -8.76
C LYS K 1465 -109.30 26.30 -8.71
N ASN K 1466 -108.21 26.10 -7.97
CA ASN K 1466 -107.37 24.88 -7.95
C ASN K 1466 -106.56 24.85 -6.65
N ALA K 1467 -105.83 23.77 -6.41
CA ALA K 1467 -104.95 23.60 -5.23
C ALA K 1467 -103.91 24.73 -5.14
N ASN K 1468 -103.35 25.18 -6.27
CA ASN K 1468 -102.17 26.08 -6.37
C ASN K 1468 -102.53 27.41 -7.06
N ILE K 1469 -103.29 27.38 -8.17
CA ILE K 1469 -103.62 28.60 -8.97
C ILE K 1469 -104.79 29.34 -8.31
N PHE K 1470 -104.72 30.67 -8.19
CA PHE K 1470 -105.77 31.52 -7.58
C PHE K 1470 -106.72 32.01 -8.67
N SER K 1471 -108.02 31.96 -8.39
CA SER K 1471 -109.12 32.38 -9.29
C SER K 1471 -109.08 33.89 -9.45
N SER K 1472 -108.72 34.58 -8.38
CA SER K 1472 -108.77 36.06 -8.25
C SER K 1472 -107.91 36.49 -7.05
N VAL K 1473 -107.02 37.47 -7.25
CA VAL K 1473 -106.20 38.09 -6.15
C VAL K 1473 -106.59 39.55 -6.05
N LYS K 1474 -106.58 40.06 -4.83
CA LYS K 1474 -107.06 41.42 -4.50
C LYS K 1474 -106.28 41.89 -3.27
N CYS K 1475 -105.47 42.93 -3.44
CA CYS K 1475 -104.68 43.60 -2.38
C CYS K 1475 -105.14 45.04 -2.38
N PHE K 1476 -105.36 45.62 -1.22
CA PHE K 1476 -105.91 47.00 -1.10
C PHE K 1476 -105.77 47.48 0.34
N GLY K 1477 -105.69 48.80 0.50
CA GLY K 1477 -105.40 49.43 1.80
C GLY K 1477 -104.83 50.83 1.63
N PRO K 1478 -104.85 51.66 2.69
CA PRO K 1478 -104.23 52.99 2.63
C PRO K 1478 -102.69 52.95 2.61
N ILE K 1479 -102.09 53.85 1.85
CA ILE K 1479 -100.64 54.23 1.92
C ILE K 1479 -100.57 55.50 2.75
N LYS K 1480 -99.77 55.47 3.82
CA LYS K 1480 -99.63 56.60 4.77
C LYS K 1480 -98.18 57.10 4.75
N VAL K 1481 -98.00 58.41 4.95
CA VAL K 1481 -96.66 59.07 5.07
C VAL K 1481 -96.55 59.59 6.51
N GLU K 1482 -95.39 59.41 7.14
CA GLU K 1482 -95.06 59.99 8.46
C GLU K 1482 -94.71 61.46 8.22
N LEU K 1483 -95.43 62.38 8.87
CA LEU K 1483 -95.21 63.85 8.74
C LEU K 1483 -94.06 64.29 9.66
N PRO K 1484 -93.55 65.54 9.51
CA PRO K 1484 -92.53 66.05 10.43
C PRO K 1484 -92.87 65.84 11.93
N THR K 1485 -94.16 65.89 12.27
CA THR K 1485 -94.71 65.83 13.65
C THR K 1485 -94.87 64.37 14.10
N LYS K 1486 -94.74 63.40 13.19
CA LYS K 1486 -94.95 61.94 13.43
C LYS K 1486 -96.43 61.56 13.56
N GLU K 1487 -97.36 62.40 13.08
CA GLU K 1487 -98.75 61.97 12.79
C GLU K 1487 -98.68 61.37 11.37
N THR K 1488 -99.49 60.36 11.07
CA THR K 1488 -99.63 59.75 9.72
C THR K 1488 -100.77 60.44 8.95
N VAL K 1489 -100.69 60.45 7.62
CA VAL K 1489 -101.77 60.94 6.70
C VAL K 1489 -101.89 59.99 5.51
N GLU K 1490 -103.12 59.66 5.10
CA GLU K 1490 -103.39 58.91 3.84
C GLU K 1490 -103.01 59.81 2.67
N ILE K 1491 -102.14 59.32 1.80
CA ILE K 1491 -101.76 60.01 0.52
C ILE K 1491 -101.84 59.04 -0.66
N GLY K 1492 -102.47 57.88 -0.49
CA GLY K 1492 -102.49 56.85 -1.55
C GLY K 1492 -103.32 55.65 -1.17
N ILE K 1493 -103.58 54.80 -2.14
CA ILE K 1493 -104.33 53.52 -1.99
C ILE K 1493 -103.60 52.46 -2.81
N VAL K 1494 -103.49 51.25 -2.28
CA VAL K 1494 -103.13 50.04 -3.04
C VAL K 1494 -104.43 49.54 -3.69
N ASP K 1495 -104.41 49.24 -4.99
CA ASP K 1495 -105.60 48.70 -5.72
C ASP K 1495 -105.09 47.72 -6.77
N TYR K 1496 -104.60 46.57 -6.32
CA TYR K 1496 -104.19 45.44 -7.20
C TYR K 1496 -105.35 44.45 -7.30
N GLU K 1497 -105.70 44.08 -8.53
CA GLU K 1497 -106.74 43.09 -8.92
C GLU K 1497 -106.13 42.18 -9.98
N ALA K 1498 -106.44 40.89 -9.95
CA ALA K 1498 -105.94 39.89 -10.91
C ALA K 1498 -106.99 38.79 -11.13
N GLY K 1499 -106.88 38.10 -12.26
CA GLY K 1499 -107.56 36.80 -12.50
C GLY K 1499 -106.62 35.67 -12.10
N ALA K 1500 -106.46 34.67 -12.98
CA ALA K 1500 -105.78 33.39 -12.67
C ALA K 1500 -104.28 33.65 -12.44
N SER K 1501 -103.89 33.80 -11.18
CA SER K 1501 -102.52 34.19 -10.73
C SER K 1501 -101.93 33.09 -9.85
N HIS K 1502 -100.62 33.08 -9.63
CA HIS K 1502 -99.93 32.14 -8.72
C HIS K 1502 -99.41 32.89 -7.47
N GLY K 1503 -99.75 34.18 -7.30
CA GLY K 1503 -99.12 35.01 -6.26
C GLY K 1503 -99.77 36.38 -6.08
N ASN K 1504 -99.52 36.99 -4.92
CA ASN K 1504 -99.80 38.40 -4.60
C ASN K 1504 -98.47 39.14 -4.77
N PRO K 1505 -98.27 39.89 -5.87
CA PRO K 1505 -97.03 40.60 -6.09
C PRO K 1505 -96.85 41.75 -5.07
N VAL K 1506 -97.91 42.44 -4.67
CA VAL K 1506 -97.83 43.61 -3.75
C VAL K 1506 -97.07 43.25 -2.47
N VAL K 1507 -97.45 42.16 -1.83
CA VAL K 1507 -96.83 41.72 -0.55
C VAL K 1507 -95.42 41.19 -0.82
N ASP K 1508 -95.20 40.51 -1.94
CA ASP K 1508 -93.85 40.01 -2.35
C ASP K 1508 -92.91 41.20 -2.52
N PHE K 1509 -93.40 42.33 -3.04
CA PHE K 1509 -92.63 43.59 -3.23
C PHE K 1509 -92.22 44.13 -1.86
N LEU K 1510 -93.23 44.43 -1.04
CA LEU K 1510 -93.06 45.10 0.28
C LEU K 1510 -92.18 44.26 1.22
N LYS K 1511 -92.17 42.93 1.09
CA LYS K 1511 -91.33 42.04 1.93
C LYS K 1511 -89.84 42.33 1.67
N ARG K 1512 -89.45 42.34 0.39
CA ARG K 1512 -88.06 42.59 -0.07
C ARG K 1512 -87.72 44.07 0.15
N ASN K 1513 -88.43 44.98 -0.51
CA ASN K 1513 -88.04 46.42 -0.64
C ASN K 1513 -88.44 47.23 0.61
N GLY K 1514 -89.26 46.66 1.50
CA GLY K 1514 -89.66 47.30 2.77
C GLY K 1514 -89.22 46.48 3.97
N SER K 1515 -89.83 46.74 5.12
CA SER K 1515 -89.57 46.04 6.40
C SER K 1515 -90.85 46.08 7.24
N THR K 1516 -90.96 45.21 8.25
CA THR K 1516 -92.03 45.29 9.27
C THR K 1516 -91.61 46.28 10.36
N LEU K 1517 -92.54 46.72 11.19
CA LEU K 1517 -92.30 47.73 12.25
C LEU K 1517 -91.43 47.13 13.37
N GLU K 1518 -91.60 45.83 13.64
CA GLU K 1518 -90.82 45.06 14.65
C GLU K 1518 -89.94 44.06 13.92
N GLN K 1519 -88.77 43.73 14.50
CA GLN K 1519 -87.80 42.76 13.93
C GLN K 1519 -87.31 41.84 15.05
N LYS K 1520 -87.57 40.55 14.96
CA LYS K 1520 -87.03 39.62 15.99
C LYS K 1520 -85.53 39.51 15.76
N VAL K 1521 -84.75 39.43 16.83
CA VAL K 1521 -83.28 39.21 16.75
C VAL K 1521 -82.97 38.08 17.72
N ASN K 1522 -82.36 37.02 17.22
CA ASN K 1522 -82.04 35.82 18.02
C ASN K 1522 -80.84 36.12 18.89
N LEU K 1523 -80.92 35.73 20.16
CA LEU K 1523 -79.74 35.60 21.05
C LEU K 1523 -78.69 34.75 20.32
N GLU K 1524 -77.42 34.94 20.65
CA GLU K 1524 -76.29 34.12 20.13
C GLU K 1524 -76.56 32.65 20.47
N ASN K 1525 -76.82 32.37 21.74
CA ASN K 1525 -77.10 31.02 22.29
C ASN K 1525 -78.46 31.01 22.95
N PRO K 1526 -79.37 30.08 22.58
CA PRO K 1526 -80.61 29.86 23.34
C PRO K 1526 -80.27 29.57 24.80
N ILE K 1527 -80.99 30.16 25.73
CA ILE K 1527 -80.82 29.97 27.19
C ILE K 1527 -81.91 29.02 27.65
N PRO K 1528 -81.57 27.83 28.20
CA PRO K 1528 -82.53 27.00 28.93
C PRO K 1528 -83.08 27.70 30.19
N ILE K 1529 -84.40 27.95 30.25
CA ILE K 1529 -85.12 28.57 31.40
C ILE K 1529 -85.43 27.51 32.44
N ALA K 1530 -86.01 26.39 32.01
CA ALA K 1530 -86.42 25.27 32.89
C ALA K 1530 -86.74 24.01 32.07
N VAL K 1531 -86.88 22.87 32.75
CA VAL K 1531 -87.48 21.61 32.21
C VAL K 1531 -88.48 21.08 33.24
N LEU K 1532 -89.78 21.27 32.98
CA LEU K 1532 -90.85 21.15 34.01
C LEU K 1532 -91.77 19.99 33.66
N ASP K 1533 -92.41 19.41 34.67
CA ASP K 1533 -93.33 18.25 34.58
C ASP K 1533 -94.73 18.69 34.99
N SER K 1534 -95.59 19.03 34.04
CA SER K 1534 -97.06 19.05 34.20
C SER K 1534 -97.57 17.61 34.06
N TYR K 1535 -98.80 17.36 34.54
CA TYR K 1535 -99.54 16.07 34.48
C TYR K 1535 -100.97 16.32 34.04
N THR K 1536 -101.42 15.62 33.01
CA THR K 1536 -102.83 15.68 32.53
C THR K 1536 -103.71 15.00 33.56
N PRO K 1537 -104.93 15.51 33.83
CA PRO K 1537 -105.75 14.98 34.91
C PRO K 1537 -106.37 13.65 34.50
N SER K 1538 -106.93 12.90 35.46
CA SER K 1538 -107.46 11.51 35.26
C SER K 1538 -108.68 11.56 34.34
N THR K 1539 -109.45 12.64 34.40
CA THR K 1539 -110.70 12.84 33.63
C THR K 1539 -110.64 14.23 32.97
N ASN K 1540 -111.31 14.35 31.84
CA ASN K 1540 -111.45 15.62 31.11
C ASN K 1540 -112.86 16.19 31.33
N GLU K 1541 -113.54 15.83 32.42
CA GLU K 1541 -114.87 16.43 32.73
C GLU K 1541 -114.74 17.85 33.31
N PRO K 1542 -113.82 18.15 34.27
CA PRO K 1542 -113.77 19.49 34.86
C PRO K 1542 -113.32 20.59 33.87
N TYR K 1543 -112.36 20.31 32.98
CA TYR K 1543 -111.95 21.30 31.95
C TYR K 1543 -113.13 21.59 31.03
N ALA K 1544 -113.87 20.54 30.68
CA ALA K 1544 -115.05 20.61 29.78
C ALA K 1544 -116.16 21.44 30.43
N ARG K 1545 -116.27 21.44 31.76
CA ARG K 1545 -117.38 22.14 32.49
C ARG K 1545 -117.20 23.65 32.35
N VAL K 1546 -115.98 24.15 32.56
CA VAL K 1546 -115.63 25.61 32.55
C VAL K 1546 -115.53 26.13 31.11
N SER K 1547 -114.92 25.35 30.21
CA SER K 1547 -114.65 25.74 28.80
C SER K 1547 -115.94 25.77 27.96
N GLY K 1548 -116.81 24.78 28.13
CA GLY K 1548 -117.96 24.54 27.22
C GLY K 1548 -117.55 23.75 25.98
N ASP K 1549 -116.33 23.17 25.96
CA ASP K 1549 -115.87 22.13 24.98
C ASP K 1549 -116.35 20.77 25.49
N LEU K 1550 -117.65 20.53 25.32
CA LEU K 1550 -118.33 19.25 25.68
C LEU K 1550 -118.09 18.17 24.61
N ASN K 1551 -117.18 18.38 23.65
CA ASN K 1551 -116.81 17.40 22.59
C ASN K 1551 -116.76 16.02 23.22
N PRO K 1552 -117.70 15.12 22.84
CA PRO K 1552 -117.76 13.74 23.35
C PRO K 1552 -116.50 12.88 23.24
N ILE K 1553 -115.60 13.17 22.31
CA ILE K 1553 -114.35 12.38 22.14
C ILE K 1553 -113.42 12.56 23.34
N HIS K 1554 -113.73 13.46 24.28
CA HIS K 1554 -112.85 13.76 25.44
C HIS K 1554 -113.38 13.09 26.71
N VAL K 1555 -114.67 12.73 26.74
CA VAL K 1555 -115.33 12.25 28.00
C VAL K 1555 -115.92 10.84 27.82
N SER K 1556 -116.40 10.48 26.64
CA SER K 1556 -117.18 9.24 26.34
C SER K 1556 -116.29 8.22 25.62
N ARG K 1557 -116.05 7.05 26.23
CA ARG K 1557 -115.22 5.95 25.68
C ARG K 1557 -115.76 5.52 24.32
N HIS K 1558 -117.08 5.56 24.10
CA HIS K 1558 -117.71 5.01 22.86
C HIS K 1558 -117.44 5.93 21.67
N PHE K 1559 -117.68 7.23 21.80
CA PHE K 1559 -117.37 8.23 20.74
C PHE K 1559 -115.88 8.25 20.41
N ALA K 1560 -115.02 8.14 21.41
CA ALA K 1560 -113.56 8.10 21.19
C ALA K 1560 -113.24 6.90 20.28
N SER K 1561 -113.84 5.74 20.59
CA SER K 1561 -113.66 4.46 19.87
C SER K 1561 -114.22 4.57 18.44
N TYR K 1562 -115.30 5.33 18.25
CA TYR K 1562 -115.94 5.58 16.94
C TYR K 1562 -115.12 6.54 16.06
N ALA K 1563 -114.19 7.29 16.65
CA ALA K 1563 -113.31 8.25 15.94
C ALA K 1563 -111.91 7.67 15.78
N ASN K 1564 -111.73 6.39 16.12
CA ASN K 1564 -110.46 5.64 15.98
C ASN K 1564 -109.35 6.26 16.85
N LEU K 1565 -109.70 6.95 17.94
CA LEU K 1565 -108.69 7.61 18.83
C LEU K 1565 -108.19 6.58 19.84
N PRO K 1566 -106.99 6.76 20.41
CA PRO K 1566 -106.46 5.80 21.36
C PRO K 1566 -107.08 5.77 22.77
N GLY K 1567 -108.18 6.48 23.00
CA GLY K 1567 -108.77 6.65 24.34
C GLY K 1567 -109.51 7.97 24.41
N THR K 1568 -110.22 8.27 25.51
CA THR K 1568 -110.79 9.62 25.74
C THR K 1568 -109.62 10.57 25.94
N ILE K 1569 -109.21 11.25 24.86
CA ILE K 1569 -108.00 12.12 24.82
C ILE K 1569 -108.24 13.40 25.62
N THR K 1570 -107.19 13.90 26.27
CA THR K 1570 -107.12 15.23 26.93
C THR K 1570 -107.42 16.29 25.87
N HIS K 1571 -108.28 17.26 26.18
CA HIS K 1571 -108.49 18.48 25.34
C HIS K 1571 -107.14 19.11 25.06
N GLY K 1572 -106.87 19.51 23.82
CA GLY K 1572 -105.63 20.25 23.48
C GLY K 1572 -105.57 21.55 24.28
N MET K 1573 -106.69 22.30 24.32
CA MET K 1573 -106.78 23.57 25.07
C MET K 1573 -106.38 23.38 26.54
N PHE K 1574 -106.68 22.24 27.16
CA PHE K 1574 -106.21 21.97 28.54
C PHE K 1574 -104.68 21.94 28.56
N SER K 1575 -104.06 21.16 27.67
CA SER K 1575 -102.57 21.11 27.54
C SER K 1575 -101.99 22.52 27.31
N SER K 1576 -102.56 23.30 26.40
CA SER K 1576 -102.16 24.69 26.08
C SER K 1576 -102.17 25.54 27.36
N ALA K 1577 -103.30 25.61 28.06
CA ALA K 1577 -103.46 26.43 29.27
C ALA K 1577 -102.45 26.02 30.33
N SER K 1578 -102.37 24.73 30.61
CA SER K 1578 -101.43 24.08 31.55
C SER K 1578 -100.03 24.63 31.32
N VAL K 1579 -99.50 24.45 30.12
CA VAL K 1579 -98.10 24.82 29.77
C VAL K 1579 -97.94 26.34 29.85
N ARG K 1580 -98.92 27.12 29.37
CA ARG K 1580 -98.89 28.60 29.40
C ARG K 1580 -98.79 29.08 30.86
N ALA K 1581 -99.37 28.36 31.80
CA ALA K 1581 -99.24 28.61 33.24
C ALA K 1581 -97.79 28.41 33.71
N LEU K 1582 -97.03 27.49 33.12
CA LEU K 1582 -95.59 27.31 33.46
C LEU K 1582 -94.73 28.44 32.86
N ILE K 1583 -94.98 28.81 31.60
CA ILE K 1583 -94.30 29.95 30.90
C ILE K 1583 -94.47 31.20 31.77
N GLU K 1584 -95.70 31.45 32.22
CA GLU K 1584 -96.11 32.60 33.07
C GLU K 1584 -95.40 32.57 34.42
N ASN K 1585 -95.00 31.41 34.90
CA ASN K 1585 -94.35 31.26 36.23
C ASN K 1585 -92.83 31.39 36.06
N TRP K 1586 -92.23 30.80 35.02
CA TRP K 1586 -90.74 30.73 34.85
C TRP K 1586 -90.15 31.83 33.94
N ALA K 1587 -90.95 32.52 33.13
CA ALA K 1587 -90.45 33.54 32.19
C ALA K 1587 -91.07 34.92 32.45
N ALA K 1588 -92.21 35.01 33.12
CA ALA K 1588 -92.86 36.29 33.47
C ALA K 1588 -92.76 36.53 34.97
N ASP K 1589 -91.88 35.81 35.67
CA ASP K 1589 -91.72 35.97 37.14
C ASP K 1589 -93.11 36.03 37.79
N SER K 1590 -94.01 35.13 37.38
CA SER K 1590 -95.42 35.02 37.84
C SER K 1590 -96.14 36.37 37.84
N VAL K 1591 -96.06 37.14 36.75
CA VAL K 1591 -96.85 38.38 36.52
C VAL K 1591 -97.71 38.17 35.27
N SER K 1592 -99.03 38.02 35.42
CA SER K 1592 -99.97 37.76 34.31
C SER K 1592 -99.66 38.71 33.15
N SER K 1593 -99.70 40.02 33.41
CA SER K 1593 -99.79 41.11 32.39
C SER K 1593 -98.64 41.05 31.36
N ARG K 1594 -97.48 40.54 31.77
CA ARG K 1594 -96.27 40.49 30.91
C ARG K 1594 -96.46 39.56 29.72
N VAL K 1595 -97.22 38.48 29.85
CA VAL K 1595 -97.31 37.49 28.74
C VAL K 1595 -98.37 38.03 27.80
N ARG K 1596 -97.96 38.21 26.55
CA ARG K 1596 -98.36 39.34 25.68
C ARG K 1596 -98.85 38.77 24.33
N GLY K 1597 -98.21 37.71 23.86
CA GLY K 1597 -98.79 36.72 22.94
C GLY K 1597 -98.33 35.32 23.29
N TYR K 1598 -99.10 34.32 22.86
CA TYR K 1598 -98.86 32.88 23.13
C TYR K 1598 -99.49 32.07 22.01
N THR K 1599 -98.74 31.17 21.38
CA THR K 1599 -99.19 30.40 20.19
C THR K 1599 -98.74 28.96 20.35
N CYS K 1600 -99.69 28.03 20.23
CA CYS K 1600 -99.55 26.57 20.51
C CYS K 1600 -99.78 25.75 19.23
N GLN K 1601 -98.88 24.84 18.89
CA GLN K 1601 -99.12 23.77 17.88
C GLN K 1601 -99.44 22.47 18.63
N PHE K 1602 -100.60 21.85 18.36
CA PHE K 1602 -100.98 20.50 18.83
C PHE K 1602 -100.46 19.47 17.83
N VAL K 1603 -99.49 18.65 18.25
CA VAL K 1603 -98.67 17.80 17.34
C VAL K 1603 -99.24 16.39 17.40
N ASP K 1604 -99.20 15.78 18.58
CA ASP K 1604 -99.74 14.45 18.90
C ASP K 1604 -100.75 14.59 20.05
N MET K 1605 -101.61 13.58 20.23
CA MET K 1605 -102.70 13.59 21.24
C MET K 1605 -102.20 12.99 22.55
N VAL K 1606 -102.81 13.40 23.65
CA VAL K 1606 -102.36 13.08 25.03
C VAL K 1606 -103.51 12.41 25.77
N LEU K 1607 -103.20 11.32 26.45
CA LEU K 1607 -104.19 10.51 27.20
C LEU K 1607 -104.15 10.94 28.67
N PRO K 1608 -105.27 10.84 29.39
CA PRO K 1608 -105.27 11.11 30.83
C PRO K 1608 -104.19 10.37 31.63
N ASN K 1609 -103.77 10.98 32.74
CA ASN K 1609 -102.71 10.47 33.64
C ASN K 1609 -101.40 10.32 32.89
N THR K 1610 -100.99 11.30 32.07
CA THR K 1610 -99.64 11.31 31.42
C THR K 1610 -98.73 12.30 32.13
N ALA K 1611 -97.43 12.06 32.01
CA ALA K 1611 -96.31 12.84 32.61
C ALA K 1611 -95.62 13.60 31.48
N LEU K 1612 -96.12 14.81 31.22
CA LEU K 1612 -95.62 15.74 30.18
C LEU K 1612 -94.36 16.43 30.71
N LYS K 1613 -93.31 16.50 29.89
CA LYS K 1613 -91.99 17.09 30.22
C LYS K 1613 -91.69 18.22 29.22
N THR K 1614 -92.03 19.46 29.56
CA THR K 1614 -91.93 20.66 28.69
C THR K 1614 -90.59 21.35 28.95
N SER K 1615 -89.84 21.63 27.89
CA SER K 1615 -88.54 22.37 27.94
C SER K 1615 -88.77 23.75 27.35
N ILE K 1616 -88.49 24.79 28.13
CA ILE K 1616 -88.71 26.23 27.82
C ILE K 1616 -87.36 26.88 27.53
N GLN K 1617 -87.25 27.68 26.49
CA GLN K 1617 -85.99 28.37 26.11
C GLN K 1617 -86.28 29.81 25.74
N HIS K 1618 -85.48 30.74 26.28
CA HIS K 1618 -85.39 32.15 25.83
C HIS K 1618 -84.50 32.11 24.62
N VAL K 1619 -84.99 32.58 23.49
CA VAL K 1619 -84.43 32.21 22.17
C VAL K 1619 -84.08 33.46 21.35
N GLY K 1620 -84.51 34.64 21.77
CA GLY K 1620 -84.53 35.86 20.94
C GLY K 1620 -85.23 37.01 21.62
N MET K 1621 -85.28 38.17 20.97
CA MET K 1621 -85.94 39.37 21.52
C MET K 1621 -86.66 40.05 20.37
N ILE K 1622 -87.74 40.77 20.64
CA ILE K 1622 -88.42 41.61 19.62
C ILE K 1622 -88.91 42.91 20.28
N ASN K 1623 -88.14 43.99 20.12
CA ASN K 1623 -88.50 45.36 20.58
C ASN K 1623 -88.77 45.35 22.10
N GLY K 1624 -87.93 44.64 22.86
CA GLY K 1624 -87.99 44.66 24.33
C GLY K 1624 -88.78 43.53 24.93
N ARG K 1625 -89.43 42.72 24.08
CA ARG K 1625 -90.25 41.55 24.50
C ARG K 1625 -89.39 40.31 24.31
N LYS K 1626 -89.33 39.45 25.33
CA LYS K 1626 -88.60 38.15 25.24
C LYS K 1626 -89.40 37.24 24.32
N LEU K 1627 -88.69 36.38 23.60
CA LEU K 1627 -89.21 35.50 22.55
C LEU K 1627 -88.95 34.08 23.04
N ILE K 1628 -89.94 33.51 23.71
CA ILE K 1628 -89.83 32.21 24.44
C ILE K 1628 -90.31 31.15 23.47
N LYS K 1629 -89.67 29.99 23.46
CA LYS K 1629 -90.03 28.87 22.56
C LYS K 1629 -89.93 27.58 23.37
N PHE K 1630 -91.01 26.81 23.43
CA PHE K 1630 -91.09 25.56 24.24
C PHE K 1630 -91.45 24.38 23.34
N GLU K 1631 -91.14 23.19 23.82
CA GLU K 1631 -91.73 21.92 23.33
C GLU K 1631 -92.05 21.05 24.53
N THR K 1632 -93.10 20.24 24.43
CA THR K 1632 -93.55 19.29 25.47
C THR K 1632 -93.52 17.86 24.91
N ARG K 1633 -92.91 16.94 25.66
CA ARG K 1633 -92.77 15.50 25.33
C ARG K 1633 -93.48 14.66 26.39
N ASN K 1634 -94.03 13.52 25.98
CA ASN K 1634 -94.60 12.48 26.89
C ASN K 1634 -93.47 11.54 27.33
N GLU K 1635 -93.80 10.54 28.17
CA GLU K 1635 -92.85 9.53 28.74
C GLU K 1635 -92.12 8.77 27.62
N ASP K 1636 -92.81 8.48 26.51
CA ASP K 1636 -92.25 7.76 25.32
C ASP K 1636 -91.23 8.63 24.56
N ASP K 1637 -91.09 9.92 24.93
CA ASP K 1637 -90.17 10.91 24.32
C ASP K 1637 -90.67 11.26 22.91
N VAL K 1638 -91.92 11.69 22.80
CA VAL K 1638 -92.61 12.11 21.54
C VAL K 1638 -93.13 13.53 21.73
N VAL K 1639 -92.83 14.44 20.81
CA VAL K 1639 -93.32 15.85 20.87
C VAL K 1639 -94.84 15.83 20.71
N VAL K 1640 -95.53 16.54 21.59
CA VAL K 1640 -97.01 16.59 21.78
C VAL K 1640 -97.51 18.03 21.55
N LEU K 1641 -96.84 18.99 22.20
CA LEU K 1641 -97.01 20.45 22.03
C LEU K 1641 -95.71 21.08 21.56
N THR K 1642 -95.82 22.18 20.82
CA THR K 1642 -94.74 23.16 20.56
C THR K 1642 -95.40 24.53 20.55
N GLY K 1643 -94.60 25.58 20.71
CA GLY K 1643 -95.15 26.94 20.75
C GLY K 1643 -94.11 27.99 21.05
N GLU K 1644 -94.60 29.24 21.01
CA GLU K 1644 -93.84 30.49 21.20
C GLU K 1644 -94.58 31.30 22.26
N ALA K 1645 -93.88 32.19 22.96
CA ALA K 1645 -94.51 33.24 23.78
C ALA K 1645 -93.71 34.54 23.66
N GLU K 1646 -94.39 35.68 23.49
CA GLU K 1646 -93.82 37.05 23.68
C GLU K 1646 -94.09 37.47 25.12
N ILE K 1647 -93.05 37.85 25.85
CA ILE K 1647 -93.14 38.20 27.29
C ILE K 1647 -92.40 39.52 27.51
N GLU K 1648 -93.14 40.57 27.92
CA GLU K 1648 -92.56 41.88 28.33
C GLU K 1648 -91.43 41.61 29.34
N GLN K 1649 -90.36 42.39 29.26
CA GLN K 1649 -89.39 42.55 30.37
C GLN K 1649 -90.09 43.31 31.50
N PRO K 1650 -89.55 43.23 32.74
CA PRO K 1650 -90.10 43.99 33.86
C PRO K 1650 -90.04 45.50 33.59
N VAL K 1651 -90.99 46.28 34.13
CA VAL K 1651 -91.09 47.77 33.95
C VAL K 1651 -89.70 48.37 34.24
N THR K 1652 -89.14 49.08 33.27
CA THR K 1652 -87.69 49.42 33.21
C THR K 1652 -87.51 50.94 33.23
N THR K 1653 -86.46 51.39 33.91
CA THR K 1653 -85.97 52.79 33.89
C THR K 1653 -84.49 52.71 33.50
N PHE K 1654 -84.06 53.52 32.53
CA PHE K 1654 -82.60 53.67 32.22
C PHE K 1654 -82.11 54.95 32.87
N VAL K 1655 -80.97 54.90 33.54
CA VAL K 1655 -80.38 56.09 34.22
C VAL K 1655 -78.96 56.27 33.71
N PHE K 1656 -78.69 57.39 33.06
CA PHE K 1656 -77.36 57.68 32.44
C PHE K 1656 -76.49 58.44 33.45
N THR K 1657 -75.37 57.83 33.84
CA THR K 1657 -74.30 58.42 34.71
C THR K 1657 -73.81 59.75 34.12
N GLY K 1658 -73.29 60.62 35.00
CA GLY K 1658 -72.59 61.87 34.62
C GLY K 1658 -71.07 61.71 34.72
N GLN K 1659 -70.37 62.84 34.85
CA GLN K 1659 -68.88 62.88 34.96
C GLN K 1659 -68.39 62.09 36.19
N GLY K 1660 -67.20 61.50 36.07
CA GLY K 1660 -66.42 60.99 37.21
C GLY K 1660 -65.38 59.99 36.77
N SER K 1661 -65.83 58.77 36.47
CA SER K 1661 -65.05 57.67 35.84
C SER K 1661 -64.81 58.04 34.36
N GLN K 1662 -63.58 58.40 34.02
CA GLN K 1662 -63.15 58.69 32.63
C GLN K 1662 -61.75 58.10 32.46
N GLU K 1663 -61.70 56.84 32.06
CA GLU K 1663 -60.46 56.02 31.98
C GLU K 1663 -60.05 55.91 30.52
N GLN K 1664 -58.76 55.69 30.26
CA GLN K 1664 -58.22 55.50 28.90
C GLN K 1664 -58.87 54.21 28.37
N GLY K 1665 -59.21 54.21 27.09
CA GLY K 1665 -59.84 53.07 26.39
C GLY K 1665 -61.29 52.83 26.78
N MET K 1666 -61.96 53.75 27.48
CA MET K 1666 -63.36 53.54 27.93
C MET K 1666 -64.23 53.30 26.69
N GLY K 1667 -65.05 52.26 26.69
CA GLY K 1667 -65.99 51.98 25.60
C GLY K 1667 -65.34 51.35 24.38
N MET K 1668 -64.04 51.05 24.41
CA MET K 1668 -63.27 50.56 23.23
C MET K 1668 -63.36 49.05 23.09
N ASP K 1669 -63.63 48.32 24.17
CA ASP K 1669 -63.98 46.87 24.14
C ASP K 1669 -65.23 46.68 23.28
N LEU K 1670 -66.26 47.47 23.56
CA LEU K 1670 -67.57 47.45 22.88
C LEU K 1670 -67.48 48.04 21.47
N TYR K 1671 -66.38 48.72 21.12
CA TYR K 1671 -66.16 49.31 19.77
C TYR K 1671 -65.49 48.28 18.83
N LYS K 1672 -64.75 47.31 19.38
CA LYS K 1672 -64.16 46.17 18.61
C LYS K 1672 -65.29 45.29 18.09
N THR K 1673 -66.21 44.89 18.98
CA THR K 1673 -67.23 43.84 18.73
C THR K 1673 -68.42 44.46 17.98
N SER K 1674 -69.00 45.53 18.50
CA SER K 1674 -70.37 45.96 18.14
C SER K 1674 -70.35 46.81 16.86
N LYS K 1675 -71.18 46.44 15.90
CA LYS K 1675 -71.45 47.22 14.67
C LYS K 1675 -72.14 48.53 15.04
N ALA K 1676 -72.98 48.51 16.08
CA ALA K 1676 -73.86 49.64 16.47
C ALA K 1676 -73.04 50.68 17.25
N ALA K 1677 -72.09 50.25 18.08
CA ALA K 1677 -71.12 51.14 18.72
C ALA K 1677 -70.28 51.82 17.64
N GLN K 1678 -69.60 51.03 16.81
CA GLN K 1678 -68.78 51.51 15.68
C GLN K 1678 -69.51 52.62 14.92
N ASP K 1679 -70.80 52.50 14.63
CA ASP K 1679 -71.49 53.59 13.90
C ASP K 1679 -71.35 54.87 14.72
N VAL K 1680 -71.65 54.80 16.03
CA VAL K 1680 -71.70 55.95 16.97
C VAL K 1680 -70.31 56.59 17.03
N TRP K 1681 -69.27 55.82 17.30
CA TRP K 1681 -67.91 56.39 17.40
C TRP K 1681 -67.43 56.93 16.04
N ASN K 1682 -67.61 56.18 14.96
CA ASN K 1682 -67.07 56.55 13.62
C ASN K 1682 -67.79 57.82 13.15
N ARG K 1683 -69.08 57.93 13.41
CA ARG K 1683 -69.86 59.13 13.02
C ARG K 1683 -69.36 60.34 13.78
N ALA K 1684 -69.16 60.20 15.08
CA ALA K 1684 -68.75 61.28 16.00
C ALA K 1684 -67.32 61.72 15.65
N ASP K 1685 -66.40 60.75 15.58
CA ASP K 1685 -64.98 60.97 15.24
C ASP K 1685 -64.86 61.71 13.91
N ASN K 1686 -65.69 61.42 12.91
CA ASN K 1686 -65.60 62.09 11.59
C ASN K 1686 -66.16 63.50 11.71
N HIS K 1687 -67.08 63.74 12.62
CA HIS K 1687 -67.68 65.08 12.77
C HIS K 1687 -66.69 65.98 13.47
N PHE K 1688 -66.07 65.47 14.54
CA PHE K 1688 -65.04 66.20 15.31
C PHE K 1688 -63.84 66.51 14.42
N LYS K 1689 -63.45 65.60 13.51
CA LYS K 1689 -62.30 65.78 12.58
C LYS K 1689 -62.59 66.89 11.59
N ASP K 1690 -63.81 67.00 11.11
CA ASP K 1690 -64.20 67.97 10.05
C ASP K 1690 -64.67 69.28 10.66
N THR K 1691 -64.84 69.35 11.97
CA THR K 1691 -65.40 70.57 12.62
C THR K 1691 -64.36 71.19 13.54
N TYR K 1692 -63.66 70.40 14.34
CA TYR K 1692 -62.76 70.91 15.37
C TYR K 1692 -61.35 70.37 15.15
N GLY K 1693 -61.10 69.68 14.05
CA GLY K 1693 -59.78 69.15 13.68
C GLY K 1693 -59.13 68.26 14.73
N PHE K 1694 -59.88 67.40 15.38
CA PHE K 1694 -59.28 66.29 16.16
C PHE K 1694 -60.21 65.09 16.11
N SER K 1695 -59.65 63.90 16.23
CA SER K 1695 -60.34 62.63 16.53
C SER K 1695 -60.54 62.50 18.03
N ILE K 1696 -61.80 62.37 18.47
CA ILE K 1696 -62.17 61.96 19.85
C ILE K 1696 -61.69 60.53 20.14
N LEU K 1697 -61.57 59.65 19.12
CA LEU K 1697 -61.13 58.25 19.33
C LEU K 1697 -59.67 58.22 19.75
N ASP K 1698 -58.79 58.94 19.03
CA ASP K 1698 -57.38 59.18 19.42
C ASP K 1698 -57.35 59.61 20.88
N ILE K 1699 -58.10 60.65 21.24
CA ILE K 1699 -58.11 61.15 22.65
C ILE K 1699 -58.43 59.97 23.57
N VAL K 1700 -59.51 59.22 23.31
CA VAL K 1700 -59.98 58.17 24.25
C VAL K 1700 -58.99 57.01 24.33
N ILE K 1701 -58.33 56.67 23.22
CA ILE K 1701 -57.51 55.44 23.09
C ILE K 1701 -56.11 55.70 23.65
N ASN K 1702 -55.52 56.87 23.35
CA ASN K 1702 -54.09 57.21 23.57
C ASN K 1702 -53.90 58.19 24.73
N ASN K 1703 -54.91 59.01 25.06
CA ASN K 1703 -54.91 60.00 26.17
C ASN K 1703 -53.64 60.86 26.11
N PRO K 1704 -53.42 61.64 25.02
CA PRO K 1704 -52.25 62.48 24.88
C PRO K 1704 -52.24 63.62 25.89
N VAL K 1705 -51.09 64.22 26.13
CA VAL K 1705 -50.90 65.28 27.18
C VAL K 1705 -51.14 66.64 26.53
N ASN K 1706 -50.85 66.75 25.23
CA ASN K 1706 -50.97 67.98 24.42
C ASN K 1706 -51.66 67.61 23.11
N LEU K 1707 -52.32 68.57 22.45
CA LEU K 1707 -53.02 68.31 21.18
C LEU K 1707 -53.12 69.58 20.36
N THR K 1708 -52.29 69.72 19.32
CA THR K 1708 -52.32 70.95 18.50
C THR K 1708 -53.28 70.70 17.36
N ILE K 1709 -54.26 71.58 17.23
CA ILE K 1709 -55.13 71.69 16.04
C ILE K 1709 -54.33 72.56 15.10
N HIS K 1710 -54.38 72.30 13.79
CA HIS K 1710 -53.78 73.18 12.76
C HIS K 1710 -54.84 73.72 11.82
N PHE K 1711 -54.73 75.00 11.44
CA PHE K 1711 -55.80 75.70 10.68
C PHE K 1711 -55.32 75.98 9.26
N GLY K 1712 -54.59 75.02 8.71
CA GLY K 1712 -53.97 75.10 7.38
C GLY K 1712 -54.90 74.54 6.36
N GLY K 1713 -55.04 75.19 5.22
CA GLY K 1713 -55.79 74.69 4.06
C GLY K 1713 -57.23 75.10 4.12
N GLU K 1714 -57.98 74.87 3.04
CA GLU K 1714 -59.43 75.18 2.90
C GLU K 1714 -60.20 74.64 4.11
N LYS K 1715 -59.99 73.36 4.41
CA LYS K 1715 -60.65 72.59 5.50
C LYS K 1715 -60.18 73.12 6.87
N GLY K 1716 -58.97 73.63 6.99
CA GLY K 1716 -58.45 74.25 8.21
C GLY K 1716 -59.05 75.63 8.50
N LYS K 1717 -59.25 76.49 7.49
CA LYS K 1717 -59.87 77.82 7.69
C LYS K 1717 -61.29 77.62 8.18
N ARG K 1718 -61.97 76.59 7.72
CA ARG K 1718 -63.36 76.27 8.10
C ARG K 1718 -63.37 75.87 9.57
N ILE K 1719 -62.48 74.96 9.93
CA ILE K 1719 -62.28 74.51 11.34
C ILE K 1719 -61.92 75.70 12.21
N ARG K 1720 -61.17 76.68 11.73
CA ARG K 1720 -60.78 77.86 12.57
C ARG K 1720 -61.99 78.76 12.81
N GLU K 1721 -62.87 78.95 11.84
CA GLU K 1721 -64.13 79.72 11.97
C GLU K 1721 -65.04 79.08 13.03
N ASN K 1722 -64.94 77.78 13.29
CA ASN K 1722 -65.79 77.05 14.28
C ASN K 1722 -65.34 77.39 15.71
N TYR K 1723 -64.05 77.59 15.94
CA TYR K 1723 -63.47 77.92 17.26
C TYR K 1723 -63.69 79.40 17.57
N SER K 1724 -63.64 80.26 16.56
CA SER K 1724 -63.79 81.73 16.71
C SER K 1724 -65.24 82.12 17.01
N ALA K 1725 -66.21 81.27 16.63
CA ALA K 1725 -67.66 81.51 16.78
C ALA K 1725 -68.10 81.24 18.21
N MET K 1726 -67.36 80.38 18.92
CA MET K 1726 -67.73 79.92 20.28
C MET K 1726 -67.49 81.07 21.25
N ILE K 1727 -68.57 81.52 21.91
CA ILE K 1727 -68.56 82.67 22.87
C ILE K 1727 -69.04 82.18 24.25
N PHE K 1728 -68.70 82.90 25.33
CA PHE K 1728 -69.33 82.76 26.67
C PHE K 1728 -69.78 84.14 27.15
N GLU K 1729 -70.51 84.19 28.26
CA GLU K 1729 -70.88 85.42 29.01
C GLU K 1729 -70.57 85.20 30.49
N THR K 1730 -69.79 86.09 31.08
CA THR K 1730 -69.47 86.13 32.54
C THR K 1730 -69.94 87.50 33.04
N ILE K 1731 -70.03 87.66 34.36
CA ILE K 1731 -70.17 88.97 35.05
C ILE K 1731 -68.76 89.50 35.34
N VAL K 1732 -68.37 90.58 34.65
CA VAL K 1732 -67.06 91.30 34.78
C VAL K 1732 -67.32 92.67 35.45
N ASP K 1733 -67.29 92.69 36.79
CA ASP K 1733 -67.69 93.82 37.67
C ASP K 1733 -69.11 94.27 37.28
N GLY K 1734 -69.21 95.26 36.38
CA GLY K 1734 -70.46 95.98 36.05
C GLY K 1734 -71.51 95.03 35.47
N LYS K 1735 -71.28 94.56 34.24
CA LYS K 1735 -72.32 93.98 33.34
C LYS K 1735 -71.95 92.54 32.93
N LEU K 1736 -72.89 91.90 32.23
CA LEU K 1736 -72.67 90.75 31.30
C LEU K 1736 -71.63 91.18 30.24
N LYS K 1737 -70.84 90.22 29.77
CA LYS K 1737 -69.63 90.46 28.94
C LYS K 1737 -69.48 89.29 27.96
N THR K 1738 -69.95 89.46 26.71
CA THR K 1738 -69.74 88.46 25.62
C THR K 1738 -68.26 88.45 25.24
N GLU K 1739 -67.70 87.26 25.07
CA GLU K 1739 -66.25 87.02 24.81
C GLU K 1739 -66.14 85.84 23.87
N LYS K 1740 -65.07 85.75 23.08
CA LYS K 1740 -64.75 84.45 22.45
C LYS K 1740 -63.98 83.65 23.50
N ILE K 1741 -64.45 82.44 23.83
CA ILE K 1741 -63.59 81.29 24.28
C ILE K 1741 -62.50 81.13 23.21
N PHE K 1742 -61.30 80.70 23.59
CA PHE K 1742 -60.16 80.64 22.64
C PHE K 1742 -59.94 82.06 22.11
N LYS K 1743 -59.36 82.92 22.93
CA LYS K 1743 -59.21 84.37 22.58
C LYS K 1743 -58.00 84.50 21.68
N GLU K 1744 -56.98 83.69 21.97
CA GLU K 1744 -55.73 83.49 21.17
C GLU K 1744 -56.09 83.28 19.70
N ILE K 1745 -57.04 82.39 19.42
CA ILE K 1745 -57.48 82.02 18.05
C ILE K 1745 -58.14 83.23 17.39
N ASN K 1746 -57.49 83.76 16.36
CA ASN K 1746 -57.98 84.83 15.45
C ASN K 1746 -57.60 84.45 14.01
N GLU K 1747 -58.00 85.23 13.01
CA GLU K 1747 -57.94 84.85 11.57
C GLU K 1747 -56.48 84.72 11.07
N HIS K 1748 -55.51 85.34 11.75
CA HIS K 1748 -54.07 85.18 11.45
C HIS K 1748 -53.48 83.95 12.15
N SER K 1749 -54.28 83.19 12.89
CA SER K 1749 -53.79 82.00 13.65
C SER K 1749 -53.75 80.78 12.73
N THR K 1750 -52.75 79.94 12.91
CA THR K 1750 -52.40 78.77 12.07
C THR K 1750 -52.42 77.50 12.91
N SER K 1751 -52.38 77.61 14.23
CA SER K 1751 -52.52 76.46 15.15
C SER K 1751 -53.21 76.89 16.44
N TYR K 1752 -53.60 75.90 17.23
CA TYR K 1752 -53.99 76.12 18.64
C TYR K 1752 -53.65 74.86 19.41
N THR K 1753 -52.98 74.97 20.56
CA THR K 1753 -52.62 73.79 21.41
C THR K 1753 -53.49 73.72 22.67
N PHE K 1754 -54.05 72.53 22.92
CA PHE K 1754 -54.75 72.13 24.17
C PHE K 1754 -53.70 71.46 25.05
N ARG K 1755 -53.54 71.93 26.30
CA ARG K 1755 -52.56 71.35 27.25
C ARG K 1755 -53.32 70.79 28.46
N SER K 1756 -52.73 69.77 29.07
CA SER K 1756 -53.05 69.24 30.41
C SER K 1756 -51.72 68.85 31.09
N GLU K 1757 -51.76 68.16 32.23
CA GLU K 1757 -50.56 67.59 32.90
C GLU K 1757 -50.60 66.07 32.78
N LYS K 1758 -51.70 65.48 33.26
CA LYS K 1758 -51.92 64.02 33.33
C LYS K 1758 -52.25 63.49 31.92
N GLY K 1759 -53.30 64.03 31.30
CA GLY K 1759 -53.79 63.67 29.96
C GLY K 1759 -55.09 64.41 29.60
N LEU K 1760 -55.32 64.63 28.30
CA LEU K 1760 -56.45 65.46 27.79
C LEU K 1760 -57.78 64.75 28.09
N LEU K 1761 -57.77 63.45 28.34
CA LEU K 1761 -59.01 62.71 28.62
C LEU K 1761 -59.60 63.14 29.97
N SER K 1762 -58.83 63.80 30.83
CA SER K 1762 -59.28 64.36 32.13
C SER K 1762 -59.31 65.88 32.08
N ALA K 1763 -59.99 66.47 31.09
CA ALA K 1763 -60.02 67.92 30.79
C ALA K 1763 -61.42 68.39 30.38
N THR K 1764 -62.46 67.79 30.95
CA THR K 1764 -63.89 68.17 30.87
C THR K 1764 -64.36 68.26 29.42
N GLN K 1765 -63.73 69.03 28.53
CA GLN K 1765 -64.28 69.27 27.15
C GLN K 1765 -64.12 68.03 26.28
N PHE K 1766 -63.14 67.21 26.60
CA PHE K 1766 -62.88 65.91 25.94
C PHE K 1766 -63.60 64.81 26.75
N THR K 1767 -63.59 64.91 28.08
CA THR K 1767 -64.29 63.98 29.00
C THR K 1767 -65.80 64.02 28.76
N GLN K 1768 -66.36 65.20 28.63
CA GLN K 1768 -67.82 65.39 28.49
C GLN K 1768 -68.30 64.58 27.28
N PRO K 1769 -67.78 64.76 26.05
CA PRO K 1769 -68.19 63.97 24.90
C PRO K 1769 -67.75 62.50 24.87
N ALA K 1770 -66.58 62.17 25.36
CA ALA K 1770 -66.17 60.77 25.49
C ALA K 1770 -67.25 60.04 26.30
N LEU K 1771 -67.49 60.48 27.53
CA LEU K 1771 -68.46 59.86 28.46
C LEU K 1771 -69.82 59.74 27.78
N THR K 1772 -70.30 60.80 27.14
CA THR K 1772 -71.62 60.82 26.47
C THR K 1772 -71.70 59.78 25.34
N LEU K 1773 -70.64 59.61 24.54
CA LEU K 1773 -70.55 58.62 23.43
C LEU K 1773 -70.55 57.21 24.00
N MET K 1774 -69.57 56.85 24.83
CA MET K 1774 -69.55 55.57 25.60
C MET K 1774 -70.98 55.08 25.89
N GLU K 1775 -71.80 55.97 26.44
CA GLU K 1775 -73.18 55.71 26.88
C GLU K 1775 -74.06 55.52 25.67
N LYS K 1776 -74.07 56.46 24.74
CA LYS K 1776 -74.87 56.38 23.48
C LYS K 1776 -74.54 55.09 22.72
N ALA K 1777 -73.31 54.62 22.75
CA ALA K 1777 -72.85 53.44 21.99
C ALA K 1777 -73.22 52.15 22.74
N ALA K 1778 -73.06 52.11 24.06
CA ALA K 1778 -73.61 51.05 24.93
C ALA K 1778 -75.09 50.88 24.62
N PHE K 1779 -75.80 51.98 24.61
CA PHE K 1779 -77.26 51.92 24.43
C PHE K 1779 -77.62 51.45 23.04
N GLU K 1780 -77.01 52.00 22.00
CA GLU K 1780 -77.33 51.62 20.59
C GLU K 1780 -77.00 50.14 20.38
N ASP K 1781 -76.02 49.58 21.08
CA ASP K 1781 -75.74 48.12 21.05
C ASP K 1781 -76.96 47.36 21.59
N LEU K 1782 -77.38 47.63 22.83
CA LEU K 1782 -78.65 47.16 23.45
C LEU K 1782 -79.79 47.23 22.43
N LYS K 1783 -80.10 48.39 21.88
CA LYS K 1783 -81.27 48.59 20.98
C LYS K 1783 -81.17 47.67 19.75
N SER K 1784 -79.97 47.37 19.27
CA SER K 1784 -79.71 46.59 18.05
C SER K 1784 -79.96 45.11 18.33
N LYS K 1785 -79.80 44.69 19.58
CA LYS K 1785 -80.06 43.33 20.13
C LYS K 1785 -81.52 43.20 20.58
N GLY K 1786 -82.35 44.22 20.38
CA GLY K 1786 -83.79 44.18 20.65
C GLY K 1786 -84.16 44.34 22.12
N LEU K 1787 -83.22 44.74 22.99
CA LEU K 1787 -83.34 44.68 24.47
C LEU K 1787 -83.99 45.92 25.10
N ILE K 1788 -84.50 46.88 24.32
CA ILE K 1788 -85.07 48.14 24.85
C ILE K 1788 -86.58 48.09 24.73
N PRO K 1789 -87.31 48.06 25.88
CA PRO K 1789 -88.74 48.33 25.91
C PRO K 1789 -89.16 49.61 25.19
N ALA K 1790 -90.40 49.64 24.69
CA ALA K 1790 -91.01 50.81 24.02
C ALA K 1790 -91.44 51.86 25.06
N ASP K 1791 -91.75 51.45 26.29
CA ASP K 1791 -92.39 52.31 27.33
C ASP K 1791 -91.39 52.72 28.44
N ALA K 1792 -90.09 52.44 28.29
CA ALA K 1792 -89.08 52.68 29.33
C ALA K 1792 -89.08 54.16 29.72
N THR K 1793 -89.02 54.43 31.03
CA THR K 1793 -88.73 55.77 31.57
C THR K 1793 -87.21 55.95 31.68
N PHE K 1794 -86.74 57.18 31.55
CA PHE K 1794 -85.29 57.47 31.59
C PHE K 1794 -84.99 58.80 32.27
N ALA K 1795 -83.81 58.87 32.86
CA ALA K 1795 -83.23 60.10 33.43
C ALA K 1795 -81.71 60.01 33.37
N GLY K 1796 -81.05 61.15 33.22
CA GLY K 1796 -79.60 61.23 33.45
C GLY K 1796 -79.25 62.16 34.59
N HIS K 1797 -78.16 61.85 35.28
CA HIS K 1797 -77.50 62.70 36.29
C HIS K 1797 -76.57 63.68 35.59
N SER K 1798 -76.95 64.96 35.54
CA SER K 1798 -76.19 66.11 35.00
C SER K 1798 -75.98 65.90 33.49
N LEU K 1799 -74.76 65.59 33.08
CA LEU K 1799 -74.35 65.36 31.67
C LEU K 1799 -75.09 64.15 31.12
N GLY K 1800 -75.29 63.14 31.97
CA GLY K 1800 -76.18 62.00 31.74
C GLY K 1800 -77.41 62.37 30.92
N GLU K 1801 -78.05 63.49 31.19
CA GLU K 1801 -79.35 63.87 30.55
C GLU K 1801 -79.24 63.92 29.03
N TYR K 1802 -78.06 64.23 28.50
CA TYR K 1802 -77.83 64.42 27.04
C TYR K 1802 -77.74 63.06 26.36
N ALA K 1803 -76.93 62.17 26.90
CA ALA K 1803 -76.82 60.77 26.45
C ALA K 1803 -78.22 60.13 26.40
N ALA K 1804 -78.97 60.31 27.48
CA ALA K 1804 -80.32 59.78 27.69
C ALA K 1804 -81.29 60.29 26.61
N LEU K 1805 -81.25 61.58 26.24
CA LEU K 1805 -82.22 62.16 25.28
C LEU K 1805 -81.82 61.81 23.84
N ALA K 1806 -80.52 61.76 23.54
CA ALA K 1806 -80.02 61.28 22.23
C ALA K 1806 -80.46 59.81 22.04
N SER K 1807 -80.33 59.00 23.08
CA SER K 1807 -80.62 57.54 23.10
C SER K 1807 -82.12 57.25 22.98
N LEU K 1808 -82.94 57.70 23.92
CA LEU K 1808 -84.32 57.17 24.08
C LEU K 1808 -85.35 58.03 23.36
N ALA K 1809 -84.98 59.22 22.88
CA ALA K 1809 -85.92 60.16 22.24
C ALA K 1809 -85.42 60.74 20.90
N ASP K 1810 -84.31 60.24 20.34
CA ASP K 1810 -83.60 60.75 19.13
C ASP K 1810 -83.84 62.25 18.94
N VAL K 1811 -83.55 63.06 19.95
CA VAL K 1811 -83.80 64.53 19.92
C VAL K 1811 -82.71 65.18 19.07
N MET K 1812 -81.47 64.79 19.32
CA MET K 1812 -80.27 65.22 18.58
C MET K 1812 -79.82 64.08 17.66
N SER K 1813 -79.19 64.40 16.52
CA SER K 1813 -78.25 63.49 15.82
C SER K 1813 -77.03 63.26 16.70
N ILE K 1814 -76.29 62.19 16.47
CA ILE K 1814 -74.95 61.94 17.08
C ILE K 1814 -74.08 63.18 16.87
N GLU K 1815 -74.06 63.74 15.66
CA GLU K 1815 -73.10 64.83 15.30
C GLU K 1815 -73.43 66.02 16.19
N SER K 1816 -74.71 66.41 16.28
CA SER K 1816 -75.22 67.50 17.15
C SER K 1816 -74.97 67.22 18.65
N LEU K 1817 -75.17 65.99 19.11
CA LEU K 1817 -74.98 65.64 20.54
C LEU K 1817 -73.55 65.99 20.96
N VAL K 1818 -72.56 65.56 20.20
CA VAL K 1818 -71.15 65.71 20.62
C VAL K 1818 -70.71 67.18 20.46
N GLU K 1819 -71.30 67.93 19.52
CA GLU K 1819 -71.09 69.40 19.44
C GLU K 1819 -71.50 70.03 20.77
N VAL K 1820 -72.76 69.87 21.16
CA VAL K 1820 -73.37 70.52 22.36
C VAL K 1820 -72.51 70.24 23.59
N VAL K 1821 -72.25 68.98 23.85
CA VAL K 1821 -71.52 68.52 25.05
C VAL K 1821 -70.05 68.98 24.99
N PHE K 1822 -69.52 69.30 23.82
CA PHE K 1822 -68.14 69.86 23.72
C PHE K 1822 -68.20 71.31 24.19
N TYR K 1823 -69.17 72.05 23.67
CA TYR K 1823 -69.46 73.45 24.02
C TYR K 1823 -69.81 73.58 25.50
N ARG K 1824 -70.52 72.60 26.06
CA ARG K 1824 -70.85 72.52 27.51
C ARG K 1824 -69.53 72.46 28.28
N GLY K 1825 -68.75 71.41 28.07
CA GLY K 1825 -67.41 71.26 28.67
C GLY K 1825 -66.58 72.53 28.52
N MET K 1826 -66.73 73.25 27.41
CA MET K 1826 -65.96 74.49 27.15
C MET K 1826 -66.50 75.63 28.00
N THR K 1827 -67.81 75.86 27.99
CA THR K 1827 -68.49 76.89 28.83
C THR K 1827 -68.23 76.65 30.33
N MET K 1828 -68.11 75.40 30.80
CA MET K 1828 -67.82 75.06 32.22
C MET K 1828 -66.31 74.96 32.47
N GLN K 1829 -65.50 75.60 31.64
CA GLN K 1829 -64.02 75.68 31.82
C GLN K 1829 -63.66 77.15 32.07
N VAL K 1830 -64.45 78.04 31.48
CA VAL K 1830 -64.11 79.47 31.24
C VAL K 1830 -65.01 80.38 32.10
N ALA K 1831 -66.10 79.85 32.68
CA ALA K 1831 -67.10 80.61 33.46
C ALA K 1831 -66.46 81.19 34.73
N VAL K 1832 -65.53 80.46 35.35
CA VAL K 1832 -64.75 80.93 36.52
C VAL K 1832 -63.48 81.64 36.02
N PRO K 1833 -63.09 82.82 36.58
CA PRO K 1833 -61.74 83.35 36.38
C PRO K 1833 -60.71 82.50 37.13
N ARG K 1834 -59.64 82.08 36.43
CA ARG K 1834 -58.59 81.16 36.96
C ARG K 1834 -57.19 81.68 36.63
N ASP K 1835 -57.05 83.01 36.46
CA ASP K 1835 -55.78 83.78 36.27
C ASP K 1835 -54.51 82.89 36.38
N GLU K 1836 -54.20 82.37 37.58
CA GLU K 1836 -52.83 81.93 38.01
C GLU K 1836 -52.18 81.04 36.93
N LEU K 1837 -52.67 79.80 36.87
CA LEU K 1837 -52.46 78.77 35.83
C LEU K 1837 -53.79 77.98 35.82
N GLY K 1838 -53.81 76.65 35.71
CA GLY K 1838 -55.10 75.89 35.74
C GLY K 1838 -55.69 75.79 37.14
N ARG K 1839 -55.81 76.91 37.88
CA ARG K 1839 -56.26 76.95 39.31
C ARG K 1839 -57.21 78.12 39.53
N SER K 1840 -58.37 77.82 40.11
CA SER K 1840 -59.44 78.76 40.48
C SER K 1840 -59.59 78.82 42.01
N ASN K 1841 -60.51 79.68 42.46
CA ASN K 1841 -60.84 79.92 43.88
C ASN K 1841 -62.14 79.19 44.24
N TYR K 1842 -62.81 78.55 43.27
CA TYR K 1842 -64.05 77.73 43.48
C TYR K 1842 -63.72 76.24 43.42
N GLY K 1843 -64.61 75.42 43.98
CA GLY K 1843 -64.48 73.95 44.08
C GLY K 1843 -65.82 73.32 44.43
N MET K 1844 -65.82 72.08 44.94
CA MET K 1844 -67.04 71.49 45.54
C MET K 1844 -66.71 70.24 46.35
N ILE K 1845 -67.43 70.07 47.46
CA ILE K 1845 -67.27 69.01 48.49
C ILE K 1845 -68.55 68.17 48.51
N ALA K 1846 -68.40 66.88 48.83
CA ALA K 1846 -69.50 65.91 49.04
C ALA K 1846 -69.73 65.75 50.55
N ILE K 1847 -70.97 65.97 50.99
CA ILE K 1847 -71.39 65.94 52.42
C ILE K 1847 -72.22 64.67 52.69
N ASN K 1848 -71.98 64.00 53.82
CA ASN K 1848 -72.78 62.87 54.36
C ASN K 1848 -73.44 63.32 55.67
N PRO K 1849 -74.64 63.96 55.64
CA PRO K 1849 -75.26 64.51 56.84
C PRO K 1849 -75.66 63.50 57.93
N GLY K 1850 -75.70 62.20 57.59
CA GLY K 1850 -75.85 61.11 58.56
C GLY K 1850 -74.66 60.99 59.50
N ARG K 1851 -73.44 61.24 58.99
CA ARG K 1851 -72.15 60.99 59.70
C ARG K 1851 -71.87 62.07 60.75
N VAL K 1852 -72.36 63.29 60.54
CA VAL K 1852 -72.11 64.44 61.45
C VAL K 1852 -72.93 64.27 62.74
N ALA K 1853 -74.20 63.87 62.63
CA ALA K 1853 -75.07 63.51 63.77
C ALA K 1853 -76.37 62.86 63.26
N ALA K 1854 -76.79 61.78 63.92
CA ALA K 1854 -77.93 60.90 63.54
C ALA K 1854 -79.23 61.70 63.33
N SER K 1855 -79.39 62.88 63.95
CA SER K 1855 -80.59 63.75 63.84
C SER K 1855 -80.39 64.88 62.80
N PHE K 1856 -79.16 65.05 62.30
CA PHE K 1856 -78.78 66.09 61.30
C PHE K 1856 -79.30 65.66 59.92
N SER K 1857 -80.23 66.45 59.37
CA SER K 1857 -81.11 66.08 58.23
C SER K 1857 -80.80 66.98 57.02
N GLN K 1858 -81.65 66.88 55.97
CA GLN K 1858 -81.67 67.77 54.77
C GLN K 1858 -82.41 69.09 55.09
N GLU K 1859 -82.87 69.29 56.32
CA GLU K 1859 -83.38 70.61 56.79
C GLU K 1859 -82.23 71.35 57.48
N ALA K 1860 -81.35 70.63 58.17
CA ALA K 1860 -80.15 71.15 58.86
C ALA K 1860 -79.20 71.77 57.83
N LEU K 1861 -78.80 70.99 56.80
CA LEU K 1861 -77.84 71.43 55.76
C LEU K 1861 -78.41 72.63 54.99
N GLN K 1862 -79.68 72.56 54.57
CA GLN K 1862 -80.34 73.63 53.79
C GLN K 1862 -80.33 74.96 54.57
N TYR K 1863 -80.26 74.93 55.91
CA TYR K 1863 -80.06 76.13 56.79
C TYR K 1863 -78.56 76.48 56.88
N VAL K 1864 -77.75 75.70 57.63
CA VAL K 1864 -76.28 75.91 57.81
C VAL K 1864 -75.72 76.65 56.57
N VAL K 1865 -75.83 76.01 55.40
CA VAL K 1865 -75.23 76.43 54.10
C VAL K 1865 -75.88 77.73 53.60
N GLU K 1866 -77.20 77.88 53.73
CA GLU K 1866 -77.92 79.12 53.32
C GLU K 1866 -77.48 80.30 54.20
N ARG K 1867 -77.19 80.04 55.49
CA ARG K 1867 -76.75 81.06 56.49
C ARG K 1867 -75.29 81.43 56.20
N VAL K 1868 -74.39 80.44 56.07
CA VAL K 1868 -72.94 80.66 55.73
C VAL K 1868 -72.84 81.57 54.50
N GLY K 1869 -73.78 81.46 53.55
CA GLY K 1869 -73.82 82.33 52.36
C GLY K 1869 -74.28 83.74 52.69
N LYS K 1870 -75.44 83.85 53.34
CA LYS K 1870 -76.10 85.11 53.76
C LYS K 1870 -75.17 85.88 54.74
N ARG K 1871 -74.45 85.16 55.61
CA ARG K 1871 -73.47 85.73 56.58
C ARG K 1871 -72.23 86.27 55.84
N THR K 1872 -71.36 85.38 55.33
CA THR K 1872 -69.99 85.70 54.83
C THR K 1872 -70.06 86.42 53.47
N GLY K 1873 -71.24 86.49 52.83
CA GLY K 1873 -71.44 87.06 51.49
C GLY K 1873 -70.66 86.33 50.39
N TRP K 1874 -70.17 85.12 50.70
CA TRP K 1874 -69.42 84.21 49.78
C TRP K 1874 -70.39 83.17 49.22
N LEU K 1875 -70.38 82.95 47.89
CA LEU K 1875 -71.31 82.01 47.21
C LEU K 1875 -70.98 80.58 47.65
N VAL K 1876 -71.94 79.93 48.31
CA VAL K 1876 -71.98 78.45 48.55
C VAL K 1876 -73.42 77.97 48.42
N GLU K 1877 -73.64 76.82 47.77
CA GLU K 1877 -74.98 76.20 47.53
C GLU K 1877 -74.87 74.67 47.57
N ILE K 1878 -76.01 74.00 47.79
CA ILE K 1878 -76.18 72.54 47.57
C ILE K 1878 -76.57 72.38 46.10
N VAL K 1879 -75.81 71.61 45.33
CA VAL K 1879 -75.93 71.50 43.85
C VAL K 1879 -76.49 70.11 43.48
N ASN K 1880 -75.98 69.04 44.08
CA ASN K 1880 -76.49 67.66 43.90
C ASN K 1880 -77.23 67.23 45.19
N TYR K 1881 -78.53 66.94 45.06
CA TYR K 1881 -79.33 66.15 46.05
C TYR K 1881 -79.33 64.66 45.63
N ASN K 1882 -78.33 63.88 46.05
CA ASN K 1882 -78.11 62.49 45.54
C ASN K 1882 -78.98 61.48 46.31
N VAL K 1883 -78.56 61.08 47.52
CA VAL K 1883 -79.17 60.03 48.37
C VAL K 1883 -79.60 60.68 49.68
N GLU K 1884 -80.87 60.54 50.08
CA GLU K 1884 -81.50 61.36 51.17
C GLU K 1884 -80.79 61.08 52.50
N ASN K 1885 -80.37 62.15 53.18
CA ASN K 1885 -79.67 62.12 54.49
C ASN K 1885 -78.41 61.25 54.38
N GLN K 1886 -77.70 61.27 53.25
CA GLN K 1886 -76.54 60.37 53.03
C GLN K 1886 -75.54 60.87 51.98
N GLN K 1887 -75.97 61.53 50.90
CA GLN K 1887 -75.07 62.06 49.83
C GLN K 1887 -75.64 63.36 49.26
N TYR K 1888 -75.00 64.48 49.58
CA TYR K 1888 -75.21 65.80 48.94
C TYR K 1888 -73.86 66.27 48.41
N VAL K 1889 -73.91 67.28 47.55
CA VAL K 1889 -72.69 67.94 47.02
C VAL K 1889 -72.92 69.45 47.15
N ALA K 1890 -71.99 70.12 47.81
CA ALA K 1890 -71.98 71.59 47.97
C ALA K 1890 -70.85 72.14 47.11
N ALA K 1891 -71.15 73.22 46.39
CA ALA K 1891 -70.23 73.92 45.48
C ALA K 1891 -70.31 75.43 45.73
N GLY K 1892 -69.15 76.08 45.75
CA GLY K 1892 -69.07 77.55 45.70
C GLY K 1892 -67.65 78.04 45.85
N ASP K 1893 -67.44 79.06 46.70
CA ASP K 1893 -66.13 79.68 46.99
C ASP K 1893 -65.36 78.74 47.91
N LEU K 1894 -64.11 78.38 47.55
CA LEU K 1894 -63.28 77.39 48.30
C LEU K 1894 -63.21 77.78 49.78
N ARG K 1895 -63.22 79.09 50.08
CA ARG K 1895 -63.22 79.63 51.48
C ARG K 1895 -64.52 79.18 52.16
N ALA K 1896 -65.68 79.47 51.54
CA ALA K 1896 -67.05 79.14 52.03
C ALA K 1896 -67.26 77.62 52.16
N LEU K 1897 -66.46 76.81 51.47
CA LEU K 1897 -66.43 75.33 51.58
C LEU K 1897 -65.55 74.92 52.76
N ASP K 1898 -64.59 75.77 53.14
CA ASP K 1898 -63.66 75.52 54.27
C ASP K 1898 -64.34 75.92 55.58
N THR K 1899 -65.28 76.86 55.57
CA THR K 1899 -66.15 77.17 56.74
C THR K 1899 -67.07 75.98 57.00
N VAL K 1900 -67.76 75.51 55.96
CA VAL K 1900 -68.81 74.44 56.02
C VAL K 1900 -68.16 73.13 56.51
N THR K 1901 -66.92 72.80 56.13
CA THR K 1901 -66.23 71.56 56.62
C THR K 1901 -65.78 71.76 58.08
N ASN K 1902 -65.64 73.00 58.56
CA ASN K 1902 -65.26 73.34 59.96
C ASN K 1902 -66.52 73.42 60.84
N VAL K 1903 -67.57 74.11 60.38
CA VAL K 1903 -68.90 74.20 61.07
C VAL K 1903 -69.45 72.78 61.33
N LEU K 1904 -69.26 71.86 60.37
CA LEU K 1904 -69.71 70.45 60.46
C LEU K 1904 -68.67 69.64 61.28
N ASN K 1905 -67.38 69.99 61.19
CA ASN K 1905 -66.33 69.43 62.10
C ASN K 1905 -66.65 69.83 63.54
N PHE K 1906 -67.20 71.03 63.75
CA PHE K 1906 -67.63 71.57 65.07
C PHE K 1906 -68.80 70.72 65.59
N ILE K 1907 -69.95 70.75 64.92
CA ILE K 1907 -71.24 70.14 65.37
C ILE K 1907 -71.06 68.63 65.63
N LYS K 1908 -70.14 67.95 64.94
CA LYS K 1908 -69.77 66.52 65.21
C LYS K 1908 -69.25 66.42 66.65
N LEU K 1909 -68.15 67.15 66.94
CA LEU K 1909 -67.42 67.14 68.25
C LEU K 1909 -68.30 67.73 69.36
N GLN K 1910 -68.95 68.89 69.12
CA GLN K 1910 -69.81 69.64 70.09
C GLN K 1910 -71.13 68.92 70.37
N LYS K 1911 -71.63 68.12 69.43
CA LYS K 1911 -72.85 67.27 69.55
C LYS K 1911 -74.12 68.15 69.71
N ILE K 1912 -74.04 69.45 69.37
CA ILE K 1912 -75.18 70.40 69.50
C ILE K 1912 -76.17 70.11 68.36
N ASP K 1913 -77.37 69.64 68.72
CA ASP K 1913 -78.38 69.09 67.78
C ASP K 1913 -79.30 70.25 67.35
N ILE K 1914 -79.17 70.72 66.09
CA ILE K 1914 -79.86 71.96 65.59
C ILE K 1914 -81.36 71.84 65.88
N ILE K 1915 -82.05 70.77 65.44
CA ILE K 1915 -83.53 70.61 65.56
C ILE K 1915 -84.00 70.63 67.03
N GLU K 1916 -83.24 69.99 67.95
CA GLU K 1916 -83.51 69.97 69.42
C GLU K 1916 -83.46 71.42 69.96
N LEU K 1917 -82.39 72.16 69.64
CA LEU K 1917 -82.14 73.57 70.10
C LEU K 1917 -82.64 74.61 69.07
N GLN K 1918 -83.56 74.22 68.17
CA GLN K 1918 -84.02 75.06 67.02
C GLN K 1918 -85.31 75.79 67.43
N LYS K 1919 -86.46 75.41 66.86
CA LYS K 1919 -87.81 75.98 67.09
C LYS K 1919 -88.33 75.60 68.50
N SER K 1920 -87.89 74.45 69.04
CA SER K 1920 -88.31 73.92 70.37
C SER K 1920 -87.85 74.88 71.47
N LEU K 1921 -86.54 75.13 71.58
CA LEU K 1921 -85.88 75.97 72.64
C LEU K 1921 -85.96 77.45 72.26
N SER K 1922 -85.05 77.94 71.41
CA SER K 1922 -84.73 79.38 71.18
C SER K 1922 -85.11 79.83 69.77
N LEU K 1923 -86.11 80.74 69.66
CA LEU K 1923 -86.70 81.25 68.39
C LEU K 1923 -85.89 82.45 67.85
N GLU K 1924 -85.21 82.28 66.70
CA GLU K 1924 -84.41 83.34 66.00
C GLU K 1924 -83.14 83.71 66.81
N GLU K 1925 -82.78 82.87 67.81
CA GLU K 1925 -81.47 82.85 68.54
C GLU K 1925 -80.59 81.75 67.93
N VAL K 1926 -81.19 80.74 67.26
CA VAL K 1926 -80.49 79.80 66.32
C VAL K 1926 -79.52 80.61 65.43
N GLU K 1927 -79.99 81.72 64.82
CA GLU K 1927 -79.15 82.65 64.00
C GLU K 1927 -78.03 83.24 64.89
N GLY K 1928 -78.36 83.63 66.14
CA GLY K 1928 -77.38 84.04 67.17
C GLY K 1928 -76.34 82.96 67.46
N HIS K 1929 -76.79 81.75 67.81
CA HIS K 1929 -75.95 80.54 68.09
C HIS K 1929 -74.98 80.31 66.92
N LEU K 1930 -75.53 80.28 65.69
CA LEU K 1930 -74.87 79.77 64.44
C LEU K 1930 -73.85 80.80 63.94
N PHE K 1931 -74.25 82.07 63.79
CA PHE K 1931 -73.38 83.21 63.36
C PHE K 1931 -72.09 83.23 64.22
N GLU K 1932 -72.20 82.92 65.52
CA GLU K 1932 -71.06 82.75 66.46
C GLU K 1932 -70.10 81.62 65.98
N ILE K 1933 -70.67 80.47 65.59
CA ILE K 1933 -69.93 79.24 65.14
C ILE K 1933 -69.27 79.51 63.77
N ILE K 1934 -69.99 80.20 62.88
CA ILE K 1934 -69.54 80.62 61.51
C ILE K 1934 -68.30 81.53 61.66
N ASP K 1935 -68.39 82.59 62.47
CA ASP K 1935 -67.45 83.75 62.48
C ASP K 1935 -66.08 83.37 63.07
N GLU K 1936 -65.97 82.28 63.83
CA GLU K 1936 -64.68 81.77 64.40
C GLU K 1936 -63.99 80.81 63.41
N ALA K 1937 -64.74 80.25 62.44
CA ALA K 1937 -64.26 79.43 61.30
C ALA K 1937 -64.08 80.30 60.04
N SER K 1938 -65.08 81.14 59.74
CA SER K 1938 -65.16 82.07 58.57
C SER K 1938 -63.90 82.94 58.48
N LYS K 1939 -63.59 83.69 59.55
CA LYS K 1939 -62.46 84.66 59.60
C LYS K 1939 -61.14 83.94 59.95
N LYS K 1940 -61.19 82.62 60.18
CA LYS K 1940 -60.00 81.71 60.24
C LYS K 1940 -59.67 81.16 58.84
N SER K 1941 -60.66 81.09 57.93
CA SER K 1941 -60.54 80.54 56.55
C SER K 1941 -60.34 81.65 55.49
N ALA K 1942 -60.36 82.94 55.88
CA ALA K 1942 -60.10 84.11 55.00
C ALA K 1942 -58.59 84.42 54.93
N VAL K 1943 -57.74 83.75 55.74
CA VAL K 1943 -56.26 84.02 55.88
C VAL K 1943 -55.43 82.90 55.21
N LYS K 1944 -56.04 82.04 54.38
CA LYS K 1944 -55.30 80.93 53.71
C LYS K 1944 -54.54 81.48 52.50
N PRO K 1945 -53.59 80.70 51.91
CA PRO K 1945 -53.00 81.07 50.61
C PRO K 1945 -54.08 81.22 49.53
N ARG K 1946 -53.93 82.19 48.60
CA ARG K 1946 -55.02 82.68 47.69
C ARG K 1946 -55.80 81.50 47.09
N PRO K 1947 -55.15 80.50 46.41
CA PRO K 1947 -55.85 79.30 45.94
C PRO K 1947 -55.80 78.16 46.98
N LEU K 1948 -56.78 78.11 47.90
CA LEU K 1948 -56.62 77.36 49.18
C LEU K 1948 -56.85 75.86 48.98
N LYS K 1949 -55.79 75.07 49.15
CA LYS K 1949 -55.84 73.60 49.35
C LYS K 1949 -56.95 73.31 50.37
N LEU K 1950 -57.97 72.57 49.94
CA LEU K 1950 -59.18 72.23 50.74
C LEU K 1950 -59.05 70.80 51.25
N GLU K 1951 -59.28 70.60 52.55
CA GLU K 1951 -59.03 69.32 53.27
C GLU K 1951 -60.36 68.81 53.85
N ARG K 1952 -60.35 67.57 54.33
CA ARG K 1952 -61.55 66.73 54.59
C ARG K 1952 -61.80 66.59 56.09
N GLY K 1953 -63.07 66.51 56.49
CA GLY K 1953 -63.49 66.61 57.91
C GLY K 1953 -64.74 65.81 58.24
N PHE K 1954 -64.57 64.54 58.63
CA PHE K 1954 -65.58 63.63 59.28
C PHE K 1954 -66.80 63.44 58.38
N ALA K 1955 -67.56 64.51 58.08
CA ALA K 1955 -68.74 64.52 57.19
C ALA K 1955 -68.36 64.79 55.72
N CYS K 1956 -67.46 65.75 55.45
CA CYS K 1956 -67.27 66.40 54.13
C CYS K 1956 -65.95 66.01 53.48
N ILE K 1957 -66.01 65.49 52.23
CA ILE K 1957 -64.86 65.08 51.37
C ILE K 1957 -64.81 66.03 50.18
N PRO K 1958 -63.62 66.54 49.78
CA PRO K 1958 -63.50 67.35 48.57
C PRO K 1958 -63.42 66.47 47.30
N LEU K 1959 -64.23 66.82 46.29
CA LEU K 1959 -64.22 66.18 44.95
C LEU K 1959 -63.01 66.69 44.17
N VAL K 1960 -61.99 65.85 44.03
CA VAL K 1960 -60.72 66.17 43.30
C VAL K 1960 -61.04 66.42 41.82
N GLY K 1961 -60.38 67.41 41.22
CA GLY K 1961 -60.49 67.74 39.79
C GLY K 1961 -61.51 68.83 39.50
N ILE K 1962 -62.63 68.86 40.25
CA ILE K 1962 -63.76 69.81 39.97
C ILE K 1962 -63.36 71.20 40.48
N SER K 1963 -63.32 72.15 39.56
CA SER K 1963 -62.72 73.50 39.70
C SER K 1963 -63.78 74.57 39.41
N VAL K 1964 -65.05 74.20 39.25
CA VAL K 1964 -66.15 75.11 38.81
C VAL K 1964 -67.41 74.77 39.60
N PRO K 1965 -68.23 75.77 40.01
CA PRO K 1965 -69.50 75.47 40.68
C PRO K 1965 -70.64 75.35 39.65
N PHE K 1966 -70.65 74.25 38.89
CA PHE K 1966 -71.79 73.94 37.97
C PHE K 1966 -72.94 73.46 38.85
N HIS K 1967 -74.15 73.81 38.42
CA HIS K 1967 -75.46 73.48 39.06
C HIS K 1967 -75.78 74.49 40.16
N SER K 1968 -74.98 75.55 40.29
CA SER K 1968 -75.22 76.70 41.20
C SER K 1968 -75.82 77.85 40.37
N THR K 1969 -76.09 78.99 41.03
CA THR K 1969 -76.62 80.21 40.39
C THR K 1969 -75.43 81.00 39.80
N TYR K 1970 -74.20 80.65 40.17
CA TYR K 1970 -72.96 81.34 39.72
C TYR K 1970 -72.93 81.47 38.20
N LEU K 1971 -73.36 80.43 37.49
CA LEU K 1971 -73.36 80.39 36.00
C LEU K 1971 -74.79 80.30 35.48
N MET K 1972 -75.71 81.02 36.13
CA MET K 1972 -77.01 81.47 35.55
C MET K 1972 -76.74 82.60 34.54
N ASN K 1973 -75.53 83.20 34.60
CA ASN K 1973 -75.08 84.28 33.69
C ASN K 1973 -74.68 83.71 32.33
N GLY K 1974 -73.90 82.61 32.34
CA GLY K 1974 -73.43 81.91 31.13
C GLY K 1974 -74.44 80.91 30.60
N VAL K 1975 -75.65 81.38 30.26
CA VAL K 1975 -76.81 80.53 29.82
C VAL K 1975 -77.31 81.00 28.45
N LYS K 1976 -77.46 82.31 28.24
CA LYS K 1976 -77.90 82.89 26.94
C LYS K 1976 -77.09 82.31 25.78
N PRO K 1977 -75.73 82.31 25.80
CA PRO K 1977 -74.96 81.73 24.69
C PRO K 1977 -75.19 80.23 24.50
N PHE K 1978 -75.16 79.45 25.58
CA PHE K 1978 -75.44 78.00 25.60
C PHE K 1978 -76.86 77.71 25.14
N LYS K 1979 -77.85 78.54 25.51
CA LYS K 1979 -79.24 78.40 25.02
C LYS K 1979 -79.26 78.54 23.50
N SER K 1980 -78.67 79.62 22.97
CA SER K 1980 -78.67 79.95 21.51
C SER K 1980 -77.97 78.83 20.72
N PHE K 1981 -76.99 78.15 21.33
CA PHE K 1981 -76.24 77.02 20.70
C PHE K 1981 -77.11 75.77 20.61
N LEU K 1982 -77.85 75.42 21.66
CA LEU K 1982 -78.85 74.32 21.66
C LEU K 1982 -79.91 74.55 20.58
N LYS K 1983 -80.29 75.79 20.29
CA LYS K 1983 -81.41 76.07 19.34
C LYS K 1983 -80.97 75.81 17.89
N LYS K 1984 -79.68 75.92 17.60
CA LYS K 1984 -79.10 75.55 16.28
C LYS K 1984 -79.13 74.03 16.11
N ASN K 1985 -78.74 73.33 17.18
CA ASN K 1985 -78.34 71.90 17.18
C ASN K 1985 -79.52 70.98 17.54
N ILE K 1986 -80.53 71.46 18.26
CA ILE K 1986 -81.81 70.75 18.56
C ILE K 1986 -82.90 71.39 17.69
N ILE K 1987 -83.29 70.72 16.62
CA ILE K 1987 -84.29 71.20 15.63
C ILE K 1987 -85.68 70.85 16.17
N LYS K 1988 -86.72 71.58 15.78
CA LYS K 1988 -88.12 71.33 16.25
C LYS K 1988 -88.62 69.99 15.69
N GLU K 1989 -88.40 69.78 14.39
CA GLU K 1989 -88.86 68.61 13.60
C GLU K 1989 -88.37 67.28 14.21
N ASN K 1990 -87.23 67.28 14.90
CA ASN K 1990 -86.62 66.03 15.45
C ASN K 1990 -87.17 65.71 16.86
N VAL K 1991 -88.15 66.46 17.37
CA VAL K 1991 -88.73 66.26 18.73
C VAL K 1991 -90.08 65.58 18.58
N LYS K 1992 -90.15 64.29 18.91
CA LYS K 1992 -91.39 63.48 18.91
C LYS K 1992 -91.89 63.47 20.35
N VAL K 1993 -93.03 64.09 20.60
CA VAL K 1993 -93.54 64.41 21.97
C VAL K 1993 -93.90 63.10 22.68
N ALA K 1994 -94.56 62.20 21.94
CA ALA K 1994 -94.86 60.79 22.29
C ALA K 1994 -93.67 60.12 22.97
N ARG K 1995 -92.44 60.53 22.66
CA ARG K 1995 -91.20 59.80 23.03
C ARG K 1995 -90.60 60.36 24.33
N LEU K 1996 -91.12 61.48 24.83
CA LEU K 1996 -90.64 62.21 26.02
C LEU K 1996 -91.72 62.20 27.10
N ALA K 1997 -92.95 62.62 26.74
CA ALA K 1997 -94.14 62.72 27.61
C ALA K 1997 -94.19 61.54 28.60
N GLY K 1998 -94.16 61.85 29.90
CA GLY K 1998 -94.31 60.87 30.99
C GLY K 1998 -93.19 59.84 31.06
N LYS K 1999 -92.09 60.02 30.32
CA LYS K 1999 -90.96 59.06 30.29
C LYS K 1999 -89.67 59.74 30.74
N TYR K 2000 -89.45 60.98 30.29
CA TYR K 2000 -88.21 61.74 30.57
C TYR K 2000 -88.41 62.49 31.88
N ILE K 2001 -87.56 62.20 32.86
CA ILE K 2001 -87.53 62.89 34.18
C ILE K 2001 -86.34 63.84 34.21
N PRO K 2002 -86.50 65.14 33.86
CA PRO K 2002 -85.38 66.10 33.93
C PRO K 2002 -84.75 66.26 35.32
N ASN K 2003 -83.61 66.94 35.38
CA ASN K 2003 -82.87 67.23 36.63
C ASN K 2003 -83.40 68.54 37.23
N LEU K 2004 -83.76 69.49 36.36
CA LEU K 2004 -84.25 70.83 36.75
C LEU K 2004 -85.47 70.63 37.63
N THR K 2005 -86.51 70.07 37.03
CA THR K 2005 -87.80 69.66 37.65
C THR K 2005 -87.79 68.15 37.75
N ALA K 2006 -87.76 67.54 38.92
CA ALA K 2006 -87.85 66.06 39.01
C ALA K 2006 -89.33 65.66 38.88
N LYS K 2007 -89.87 65.87 37.68
CA LYS K 2007 -91.30 65.63 37.34
C LYS K 2007 -91.36 65.10 35.92
N PRO K 2008 -91.98 63.92 35.67
CA PRO K 2008 -92.03 63.37 34.32
C PRO K 2008 -92.42 64.48 33.36
N PHE K 2009 -91.63 64.64 32.28
CA PHE K 2009 -91.82 65.68 31.24
C PHE K 2009 -93.27 65.66 30.79
N GLN K 2010 -93.91 66.82 30.69
CA GLN K 2010 -95.28 66.95 30.14
C GLN K 2010 -95.40 68.31 29.45
N VAL K 2011 -96.23 68.40 28.40
CA VAL K 2011 -96.49 69.66 27.65
C VAL K 2011 -97.88 70.15 28.08
N THR K 2012 -97.95 70.63 29.32
CA THR K 2012 -99.14 71.25 29.98
C THR K 2012 -98.70 72.54 30.70
N LYS K 2013 -99.63 73.47 30.88
CA LYS K 2013 -99.43 74.81 31.52
C LYS K 2013 -98.71 74.68 32.87
N GLU K 2014 -99.14 73.75 33.73
CA GLU K 2014 -98.64 73.61 35.13
C GLU K 2014 -97.15 73.28 35.13
N TYR K 2015 -96.65 72.62 34.07
CA TYR K 2015 -95.24 72.22 33.91
C TYR K 2015 -94.42 73.46 33.53
N PHE K 2016 -94.85 74.17 32.48
CA PHE K 2016 -94.25 75.46 32.04
C PHE K 2016 -94.17 76.43 33.22
N GLN K 2017 -95.29 76.61 33.93
CA GLN K 2017 -95.38 77.45 35.16
C GLN K 2017 -94.28 77.02 36.13
N ASP K 2018 -94.19 75.73 36.43
CA ASP K 2018 -93.23 75.16 37.42
C ASP K 2018 -91.78 75.44 36.99
N VAL K 2019 -91.51 75.47 35.68
CA VAL K 2019 -90.14 75.69 35.11
C VAL K 2019 -89.77 77.17 35.33
N TYR K 2020 -90.65 78.08 34.92
CA TYR K 2020 -90.52 79.55 35.09
C TYR K 2020 -90.11 79.90 36.53
N ASP K 2021 -90.66 79.20 37.52
CA ASP K 2021 -90.41 79.45 38.96
C ASP K 2021 -88.97 79.08 39.35
N LEU K 2022 -88.24 78.32 38.51
CA LEU K 2022 -86.88 77.79 38.82
C LEU K 2022 -85.81 78.45 37.93
N THR K 2023 -86.22 79.28 36.98
CA THR K 2023 -85.43 79.60 35.77
C THR K 2023 -85.58 81.11 35.46
N GLY K 2024 -86.81 81.61 35.38
CA GLY K 2024 -87.09 83.02 35.07
C GLY K 2024 -86.78 83.32 33.62
N SER K 2025 -87.29 82.47 32.72
CA SER K 2025 -87.09 82.51 31.26
C SER K 2025 -88.24 83.29 30.62
N GLU K 2026 -87.93 84.21 29.69
CA GLU K 2026 -88.94 85.06 29.01
C GLU K 2026 -89.62 84.28 27.88
N PRO K 2027 -88.92 83.47 27.06
CA PRO K 2027 -89.56 82.61 26.06
C PRO K 2027 -90.55 81.58 26.64
N ILE K 2028 -90.43 81.22 27.93
CA ILE K 2028 -91.42 80.38 28.68
C ILE K 2028 -92.58 81.26 29.15
N LYS K 2029 -92.29 82.39 29.80
CA LYS K 2029 -93.32 83.25 30.43
C LYS K 2029 -94.27 83.80 29.37
N GLU K 2030 -93.78 84.00 28.15
CA GLU K 2030 -94.58 84.56 27.02
C GLU K 2030 -95.54 83.48 26.48
N ILE K 2031 -95.27 82.20 26.72
CA ILE K 2031 -96.17 81.05 26.37
C ILE K 2031 -97.32 80.95 27.39
N ILE K 2032 -97.01 80.97 28.69
CA ILE K 2032 -98.01 80.90 29.80
C ILE K 2032 -99.04 82.04 29.61
N ASP K 2033 -98.56 83.24 29.26
CA ASP K 2033 -99.39 84.47 29.14
C ASP K 2033 -100.48 84.26 28.08
N ASN K 2034 -100.13 83.63 26.95
CA ASN K 2034 -101.06 83.35 25.82
C ASN K 2034 -101.13 81.84 25.59
N TRP K 2035 -101.45 81.09 26.66
CA TRP K 2035 -101.62 79.60 26.66
C TRP K 2035 -102.84 79.18 25.82
N GLU K 2036 -103.64 80.13 25.30
CA GLU K 2036 -104.67 79.89 24.24
C GLU K 2036 -103.99 79.94 22.86
N LYS K 2037 -103.10 78.97 22.66
CA LYS K 2037 -102.76 78.33 21.36
C LYS K 2037 -103.27 76.87 21.43
N TYR K 2038 -104.48 76.69 21.97
CA TYR K 2038 -105.42 75.55 21.77
C TYR K 2038 -106.26 75.76 20.50
N GLU K 2039 -106.55 77.03 20.19
CA GLU K 2039 -106.96 77.49 18.83
C GLU K 2039 -105.68 77.66 17.99
N GLN K 2040 -105.13 76.52 17.51
CA GLN K 2040 -103.95 76.38 16.59
C GLN K 2040 -102.94 77.53 16.82
N SER L 1 -98.37 -42.79 65.53
CA SER L 1 -98.03 -41.45 64.89
C SER L 1 -96.55 -41.12 65.10
N THR L 2 -95.70 -41.24 64.04
CA THR L 2 -94.21 -41.17 64.08
C THR L 2 -93.70 -39.99 63.22
N ARG L 3 -92.38 -39.91 62.95
CA ARG L 3 -91.72 -38.83 62.14
C ARG L 3 -90.23 -39.14 61.92
N PRO L 4 -89.70 -39.08 60.66
CA PRO L 4 -88.27 -39.30 60.40
C PRO L 4 -87.27 -38.20 60.82
N LEU L 5 -86.12 -38.63 61.39
CA LEU L 5 -84.90 -37.83 61.68
C LEU L 5 -83.65 -38.60 61.17
N THR L 6 -82.69 -37.91 60.55
CA THR L 6 -81.48 -38.49 59.89
C THR L 6 -80.18 -37.99 60.55
N LEU L 7 -79.71 -38.70 61.58
CA LEU L 7 -78.30 -38.64 62.07
C LEU L 7 -77.38 -38.99 60.90
N SER L 8 -76.54 -38.05 60.47
CA SER L 8 -75.54 -38.27 59.37
C SER L 8 -74.21 -37.55 59.69
N HIS L 9 -73.13 -38.13 59.17
CA HIS L 9 -71.75 -37.60 59.14
C HIS L 9 -71.17 -37.92 57.76
N GLY L 10 -70.82 -36.89 56.98
CA GLY L 10 -70.40 -37.01 55.57
C GLY L 10 -71.34 -37.94 54.81
N SER L 11 -70.79 -39.03 54.25
CA SER L 11 -71.42 -39.90 53.22
C SER L 11 -72.43 -40.91 53.79
N LEU L 12 -72.48 -41.09 55.11
CA LEU L 12 -73.28 -42.19 55.75
C LEU L 12 -74.28 -41.61 56.75
N GLU L 13 -75.40 -42.32 56.93
CA GLU L 13 -76.53 -41.89 57.80
C GLU L 13 -77.22 -43.10 58.45
N HIS L 14 -77.87 -42.85 59.59
CA HIS L 14 -78.95 -43.68 60.15
C HIS L 14 -80.23 -42.83 60.19
N VAL L 15 -81.31 -43.35 59.60
CA VAL L 15 -82.68 -42.76 59.62
C VAL L 15 -83.39 -43.30 60.86
N LEU L 16 -83.98 -42.40 61.65
CA LEU L 16 -84.39 -42.66 63.06
C LEU L 16 -85.85 -42.25 63.23
N LEU L 17 -86.71 -43.18 63.68
CA LEU L 17 -88.20 -42.99 63.72
C LEU L 17 -88.63 -42.55 65.14
N VAL L 18 -88.68 -41.22 65.34
CA VAL L 18 -89.04 -40.56 66.63
C VAL L 18 -90.56 -40.39 66.67
N PRO L 19 -91.29 -40.89 67.70
CA PRO L 19 -92.66 -40.46 67.97
C PRO L 19 -92.73 -38.93 68.02
N THR L 20 -93.62 -38.30 67.23
CA THR L 20 -93.76 -36.81 67.07
C THR L 20 -94.03 -36.15 68.44
N ALA L 21 -94.68 -36.88 69.37
CA ALA L 21 -94.85 -36.53 70.81
C ALA L 21 -93.57 -35.93 71.42
N SER L 22 -92.39 -36.49 71.11
CA SER L 22 -91.06 -36.09 71.64
C SER L 22 -90.07 -35.88 70.49
N PHE L 23 -90.38 -34.98 69.54
CA PHE L 23 -89.50 -34.63 68.39
C PHE L 23 -88.72 -33.33 68.67
N PHE L 24 -89.33 -32.29 69.27
CA PHE L 24 -88.72 -30.95 69.49
C PHE L 24 -87.55 -31.04 70.48
N ILE L 25 -87.55 -32.09 71.32
CA ILE L 25 -86.36 -32.54 72.13
C ILE L 25 -85.28 -33.04 71.15
N ALA L 26 -85.58 -34.10 70.37
CA ALA L 26 -84.61 -34.95 69.61
C ALA L 26 -83.85 -34.15 68.54
N SER L 27 -84.55 -33.29 67.79
CA SER L 27 -84.02 -32.39 66.71
C SER L 27 -83.07 -31.34 67.31
N GLN L 28 -83.25 -30.98 68.59
CA GLN L 28 -82.38 -30.04 69.36
C GLN L 28 -81.06 -30.75 69.75
N LEU L 29 -81.15 -32.03 70.13
CA LEU L 29 -79.96 -32.93 70.34
C LEU L 29 -79.25 -33.16 69.00
N GLN L 30 -80.00 -33.40 67.92
CA GLN L 30 -79.43 -33.72 66.58
C GLN L 30 -78.46 -32.61 66.17
N GLU L 31 -78.88 -31.34 66.23
CA GLU L 31 -78.05 -30.18 65.77
C GLU L 31 -76.85 -29.99 66.74
N GLN L 32 -77.07 -30.14 68.06
CA GLN L 32 -76.03 -30.02 69.13
C GLN L 32 -74.95 -31.09 68.94
N PHE L 33 -75.37 -32.32 68.59
CA PHE L 33 -74.49 -33.48 68.27
C PHE L 33 -73.73 -33.22 66.96
N ASN L 34 -74.44 -32.73 65.92
CA ASN L 34 -73.94 -32.64 64.52
C ASN L 34 -72.87 -31.55 64.38
N LYS L 35 -72.55 -30.82 65.46
CA LYS L 35 -71.51 -29.74 65.46
C LYS L 35 -70.26 -30.18 66.25
N ILE L 36 -70.37 -31.06 67.26
CA ILE L 36 -69.21 -31.51 68.09
C ILE L 36 -68.32 -32.41 67.24
N LEU L 37 -68.89 -33.42 66.59
CA LEU L 37 -68.13 -34.44 65.80
C LEU L 37 -67.59 -33.76 64.55
N PRO L 38 -66.34 -34.09 64.12
CA PRO L 38 -65.56 -33.21 63.23
C PRO L 38 -65.95 -33.22 61.73
N GLU L 39 -65.13 -32.55 60.91
CA GLU L 39 -65.32 -32.41 59.45
C GLU L 39 -65.05 -33.75 58.78
N PRO L 40 -66.05 -34.37 58.10
CA PRO L 40 -65.81 -35.58 57.31
C PRO L 40 -64.57 -35.48 56.40
N THR L 41 -63.69 -36.48 56.52
CA THR L 41 -62.46 -36.66 55.70
C THR L 41 -62.51 -38.07 55.10
N GLU L 42 -62.01 -38.24 53.87
CA GLU L 42 -62.09 -39.51 53.10
C GLU L 42 -61.55 -40.66 53.95
N GLY L 43 -62.19 -41.84 53.85
CA GLY L 43 -61.86 -43.06 54.63
C GLY L 43 -62.48 -43.06 56.02
N PHE L 44 -62.78 -41.86 56.56
CA PHE L 44 -63.21 -41.61 57.96
C PHE L 44 -62.13 -42.10 58.94
N ALA L 45 -60.86 -41.82 58.60
CA ALA L 45 -59.68 -42.45 59.24
C ALA L 45 -59.39 -41.82 60.62
N ALA L 46 -59.54 -40.50 60.79
CA ALA L 46 -59.35 -39.76 62.07
C ALA L 46 -60.13 -40.43 63.19
N ASP L 47 -59.56 -40.49 64.40
CA ASP L 47 -59.99 -41.39 65.53
C ASP L 47 -61.41 -41.05 66.03
N ASP L 48 -61.80 -39.76 66.01
CA ASP L 48 -63.10 -39.25 66.54
C ASP L 48 -64.24 -39.63 65.58
N GLU L 49 -64.08 -39.32 64.29
CA GLU L 49 -65.15 -39.52 63.26
C GLU L 49 -65.48 -41.01 63.13
N PRO L 50 -66.77 -41.41 63.17
CA PRO L 50 -67.16 -42.82 62.99
C PRO L 50 -67.15 -43.26 61.51
N THR L 51 -66.90 -44.55 61.28
CA THR L 51 -66.57 -45.16 59.96
C THR L 51 -67.76 -45.92 59.34
N THR L 52 -68.69 -46.43 60.16
CA THR L 52 -69.91 -47.14 59.70
C THR L 52 -71.15 -46.47 60.28
N PRO L 53 -72.35 -46.74 59.72
CA PRO L 53 -73.62 -46.43 60.35
C PRO L 53 -73.70 -46.85 61.83
N ALA L 54 -73.23 -48.07 62.16
CA ALA L 54 -73.28 -48.66 63.53
C ALA L 54 -72.52 -47.79 64.53
N GLU L 55 -71.36 -47.23 64.13
CA GLU L 55 -70.52 -46.41 65.05
C GLU L 55 -71.20 -45.06 65.30
N LEU L 56 -71.72 -44.43 64.23
CA LEU L 56 -72.42 -43.12 64.27
C LEU L 56 -73.58 -43.15 65.27
N VAL L 57 -74.38 -44.22 65.27
CA VAL L 57 -75.52 -44.39 66.23
C VAL L 57 -74.95 -44.50 67.65
N GLY L 58 -73.86 -45.26 67.82
CA GLY L 58 -73.13 -45.43 69.09
C GLY L 58 -72.61 -44.10 69.64
N LYS L 59 -71.95 -43.30 68.79
CA LYS L 59 -71.44 -41.94 69.14
C LYS L 59 -72.59 -41.11 69.72
N PHE L 60 -73.77 -41.18 69.09
CA PHE L 60 -75.02 -40.52 69.53
C PHE L 60 -75.43 -41.03 70.92
N LEU L 61 -75.69 -42.34 71.05
CA LEU L 61 -76.09 -43.01 72.32
C LEU L 61 -75.23 -42.50 73.49
N GLY L 62 -73.92 -42.34 73.27
CA GLY L 62 -72.98 -41.77 74.24
C GLY L 62 -73.32 -40.33 74.59
N TYR L 63 -73.44 -39.46 73.57
CA TYR L 63 -73.73 -38.01 73.71
C TYR L 63 -75.06 -37.78 74.42
N VAL L 64 -76.06 -38.62 74.16
CA VAL L 64 -77.39 -38.56 74.86
C VAL L 64 -77.19 -39.06 76.29
N SER L 65 -76.53 -40.23 76.48
CA SER L 65 -76.28 -40.88 77.80
C SER L 65 -75.52 -39.93 78.75
N SER L 66 -74.80 -38.93 78.21
CA SER L 66 -74.03 -37.90 78.95
C SER L 66 -74.91 -36.72 79.42
N LEU L 67 -76.23 -36.76 79.18
CA LEU L 67 -77.19 -35.68 79.54
C LEU L 67 -78.33 -36.21 80.43
N VAL L 68 -78.44 -37.53 80.61
CA VAL L 68 -79.47 -38.18 81.47
C VAL L 68 -78.99 -38.13 82.93
N GLU L 69 -79.93 -38.22 83.89
CA GLU L 69 -79.66 -38.52 85.33
C GLU L 69 -80.13 -39.94 85.65
N PRO L 70 -79.37 -40.75 86.43
CA PRO L 70 -79.73 -42.14 86.71
C PRO L 70 -80.95 -42.34 87.64
N SER L 71 -81.29 -41.34 88.47
CA SER L 71 -82.51 -41.28 89.34
C SER L 71 -83.61 -40.43 88.67
N LYS L 72 -83.38 -39.11 88.50
CA LYS L 72 -84.36 -38.09 88.01
C LYS L 72 -84.83 -38.43 86.58
N VAL L 73 -86.13 -38.75 86.40
CA VAL L 73 -86.77 -38.96 85.06
C VAL L 73 -86.81 -37.61 84.33
N GLY L 74 -85.82 -37.35 83.46
CA GLY L 74 -85.73 -36.13 82.62
C GLY L 74 -86.53 -36.28 81.32
N GLN L 75 -86.16 -35.48 80.31
CA GLN L 75 -86.84 -35.40 78.98
C GLN L 75 -86.25 -36.45 78.03
N PHE L 76 -84.98 -36.83 78.25
CA PHE L 76 -84.13 -37.59 77.28
C PHE L 76 -84.28 -39.11 77.46
N ASP L 77 -85.09 -39.57 78.42
CA ASP L 77 -85.16 -41.00 78.81
C ASP L 77 -85.78 -41.80 77.65
N GLN L 78 -86.93 -41.33 77.15
CA GLN L 78 -87.71 -41.98 76.05
C GLN L 78 -87.01 -41.78 74.69
N VAL L 79 -86.22 -40.69 74.53
CA VAL L 79 -85.37 -40.40 73.32
C VAL L 79 -84.33 -41.51 73.17
N LEU L 80 -83.56 -41.71 74.25
CA LEU L 80 -82.47 -42.72 74.41
C LEU L 80 -83.05 -44.13 74.23
N ASN L 81 -84.20 -44.43 74.87
CA ASN L 81 -84.85 -45.78 74.83
C ASN L 81 -85.28 -46.16 73.40
N LEU L 82 -85.39 -45.19 72.47
CA LEU L 82 -85.78 -45.41 71.03
C LEU L 82 -84.61 -45.10 70.08
N CYS L 83 -83.41 -44.83 70.59
CA CYS L 83 -82.11 -45.00 69.89
C CYS L 83 -81.60 -46.43 70.12
N LEU L 84 -81.60 -46.88 71.38
CA LEU L 84 -81.22 -48.27 71.79
C LEU L 84 -82.00 -49.28 70.96
N THR L 85 -83.33 -49.26 71.02
CA THR L 85 -84.21 -50.30 70.45
C THR L 85 -84.02 -50.34 68.92
N GLU L 86 -83.62 -49.22 68.29
CA GLU L 86 -83.20 -49.17 66.86
C GLU L 86 -81.87 -49.90 66.67
N PHE L 87 -80.83 -49.44 67.40
CA PHE L 87 -79.43 -49.97 67.38
C PHE L 87 -79.41 -51.49 67.63
N GLU L 88 -80.22 -51.97 68.59
CA GLU L 88 -80.30 -53.41 68.96
C GLU L 88 -80.96 -54.26 67.86
N ASN L 89 -81.84 -53.67 67.04
CA ASN L 89 -82.66 -54.41 66.04
C ASN L 89 -82.04 -54.31 64.64
N CYS L 90 -81.34 -53.21 64.33
CA CYS L 90 -80.56 -53.05 63.08
C CYS L 90 -79.29 -53.92 63.17
N TYR L 91 -78.40 -53.59 64.12
CA TYR L 91 -76.94 -53.87 64.05
C TYR L 91 -76.48 -54.96 65.04
N LEU L 92 -77.29 -55.39 65.99
CA LEU L 92 -76.91 -56.49 66.94
C LEU L 92 -77.59 -57.82 66.57
N GLU L 93 -78.67 -57.81 65.78
CA GLU L 93 -79.44 -59.03 65.37
C GLU L 93 -79.39 -60.08 66.50
N GLY L 94 -79.71 -59.66 67.73
CA GLY L 94 -79.76 -60.52 68.92
C GLY L 94 -78.47 -61.29 69.17
N ASN L 95 -77.32 -60.63 68.92
CA ASN L 95 -75.95 -61.08 69.31
C ASN L 95 -75.53 -60.24 70.52
N ASP L 96 -74.26 -60.30 70.95
CA ASP L 96 -73.69 -59.34 71.94
C ASP L 96 -72.96 -58.22 71.21
N ILE L 97 -72.80 -57.08 71.88
CA ILE L 97 -72.09 -55.86 71.36
C ILE L 97 -70.67 -56.25 70.93
N HIS L 98 -70.02 -57.15 71.69
CA HIS L 98 -68.63 -57.59 71.44
C HIS L 98 -68.56 -58.31 70.08
N ALA L 99 -69.51 -59.21 69.81
CA ALA L 99 -69.63 -59.94 68.53
C ALA L 99 -69.76 -58.94 67.36
N LEU L 100 -70.39 -57.78 67.58
CA LEU L 100 -70.50 -56.71 66.55
C LEU L 100 -69.14 -56.02 66.40
N ALA L 101 -68.52 -55.60 67.51
CA ALA L 101 -67.22 -54.88 67.55
C ALA L 101 -66.16 -55.64 66.75
N ALA L 102 -66.13 -56.97 66.92
CA ALA L 102 -65.32 -57.93 66.11
C ALA L 102 -65.61 -57.74 64.61
N LYS L 103 -66.87 -57.92 64.18
CA LYS L 103 -67.26 -57.88 62.75
C LYS L 103 -66.68 -56.62 62.10
N LEU L 104 -66.96 -55.45 62.67
CA LEU L 104 -66.54 -54.14 62.12
C LEU L 104 -65.02 -54.12 61.93
N LEU L 105 -64.28 -54.77 62.84
CA LEU L 105 -62.80 -54.71 62.92
C LEU L 105 -62.14 -55.52 61.80
N GLN L 106 -62.74 -56.62 61.34
CA GLN L 106 -62.18 -57.49 60.26
C GLN L 106 -62.85 -57.23 58.89
N GLU L 107 -64.08 -56.67 58.85
CA GLU L 107 -64.74 -56.18 57.60
C GLU L 107 -64.24 -54.78 57.27
N ASN L 108 -64.69 -53.79 58.05
CA ASN L 108 -64.54 -52.34 57.75
C ASN L 108 -63.17 -51.86 58.22
N ASP L 109 -62.78 -50.63 57.87
CA ASP L 109 -61.47 -50.02 58.25
C ASP L 109 -61.67 -49.18 59.52
N THR L 110 -62.23 -49.81 60.56
CA THR L 110 -62.24 -49.31 61.96
C THR L 110 -60.87 -49.65 62.58
N THR L 111 -60.60 -49.12 63.78
CA THR L 111 -59.41 -49.45 64.60
C THR L 111 -59.90 -50.04 65.92
N LEU L 112 -59.01 -50.18 66.91
CA LEU L 112 -59.35 -50.69 68.27
C LEU L 112 -59.96 -49.56 69.09
N VAL L 113 -59.28 -48.40 69.15
CA VAL L 113 -59.76 -47.18 69.90
C VAL L 113 -61.19 -46.86 69.44
N LYS L 114 -61.44 -47.00 68.14
CA LYS L 114 -62.74 -46.74 67.47
C LYS L 114 -63.83 -47.69 67.99
N THR L 115 -63.49 -48.95 68.23
CA THR L 115 -64.44 -50.02 68.58
C THR L 115 -64.54 -50.16 70.10
N LYS L 116 -63.54 -49.70 70.86
CA LYS L 116 -63.57 -49.67 72.36
C LYS L 116 -64.66 -48.70 72.80
N GLU L 117 -64.77 -47.53 72.16
CA GLU L 117 -65.73 -46.46 72.53
C GLU L 117 -67.17 -46.91 72.23
N LEU L 118 -67.37 -47.62 71.12
CA LEU L 118 -68.69 -48.18 70.73
C LEU L 118 -69.22 -49.10 71.84
N ILE L 119 -68.33 -49.86 72.48
CA ILE L 119 -68.68 -50.79 73.59
C ILE L 119 -68.98 -49.97 74.85
N LYS L 120 -68.21 -48.89 75.07
CA LYS L 120 -68.42 -47.94 76.21
C LYS L 120 -69.81 -47.34 76.05
N ASN L 121 -70.05 -46.72 74.90
CA ASN L 121 -71.31 -45.98 74.60
C ASN L 121 -72.49 -46.92 74.86
N TYR L 122 -72.57 -48.03 74.14
CA TYR L 122 -73.72 -48.98 74.21
C TYR L 122 -73.98 -49.41 75.66
N ILE L 123 -72.94 -49.76 76.40
CA ILE L 123 -73.08 -50.38 77.76
C ILE L 123 -73.41 -49.27 78.78
N THR L 124 -72.88 -48.06 78.59
CA THR L 124 -73.28 -46.84 79.36
C THR L 124 -74.79 -46.64 79.14
N ALA L 125 -75.21 -46.49 77.89
CA ALA L 125 -76.61 -46.25 77.47
C ALA L 125 -77.54 -47.27 78.12
N ARG L 126 -77.25 -48.56 77.99
CA ARG L 126 -78.07 -49.68 78.54
C ARG L 126 -78.37 -49.45 80.03
N ILE L 127 -77.46 -48.82 80.77
CA ILE L 127 -77.58 -48.62 82.25
C ILE L 127 -78.17 -47.24 82.57
N MET L 128 -77.83 -46.20 81.80
CA MET L 128 -78.39 -44.82 82.00
C MET L 128 -79.89 -44.79 81.69
N ALA L 129 -80.37 -45.69 80.82
CA ALA L 129 -81.79 -45.85 80.45
C ALA L 129 -82.36 -47.13 81.07
N LYS L 130 -82.12 -47.33 82.38
CA LYS L 130 -82.65 -48.44 83.24
C LYS L 130 -83.08 -49.64 82.38
N ARG L 131 -82.11 -50.30 81.72
CA ARG L 131 -82.28 -51.61 81.04
C ARG L 131 -81.13 -52.54 81.45
N PRO L 132 -81.09 -52.96 82.73
CA PRO L 132 -79.97 -53.77 83.24
C PRO L 132 -79.94 -55.16 82.60
N PHE L 133 -78.75 -55.65 82.27
CA PHE L 133 -78.50 -57.03 81.74
C PHE L 133 -79.05 -58.04 82.76
N ASP L 134 -80.19 -58.67 82.46
CA ASP L 134 -80.82 -59.69 83.34
C ASP L 134 -81.09 -61.01 82.58
N LYS L 135 -81.24 -60.99 81.25
CA LYS L 135 -81.45 -62.20 80.42
C LYS L 135 -80.20 -63.10 80.46
N LYS L 136 -80.38 -64.39 80.78
CA LYS L 136 -79.35 -65.45 80.62
C LYS L 136 -79.05 -65.59 79.13
N SER L 137 -78.07 -64.83 78.63
CA SER L 137 -77.68 -64.75 77.19
C SER L 137 -77.47 -66.16 76.59
N ASN L 138 -77.77 -66.32 75.30
CA ASN L 138 -77.55 -67.58 74.53
C ASN L 138 -76.11 -67.57 73.99
N SER L 139 -75.12 -67.56 74.87
CA SER L 139 -73.68 -67.71 74.53
C SER L 139 -73.45 -69.15 74.08
N ALA L 140 -72.95 -69.33 72.85
CA ALA L 140 -72.72 -70.65 72.22
C ALA L 140 -71.90 -71.52 73.18
N LEU L 141 -70.84 -70.93 73.73
CA LEU L 141 -69.88 -71.57 74.65
C LEU L 141 -70.60 -72.16 75.87
N PHE L 142 -71.57 -71.45 76.44
CA PHE L 142 -72.24 -71.88 77.71
C PHE L 142 -73.46 -72.76 77.42
N ARG L 143 -74.11 -72.61 76.25
CA ARG L 143 -75.06 -73.66 75.76
C ARG L 143 -74.30 -74.98 75.64
N ALA L 144 -73.04 -74.92 75.18
CA ALA L 144 -72.15 -76.08 74.94
C ALA L 144 -71.67 -76.71 76.25
N VAL L 145 -71.59 -75.96 77.37
CA VAL L 145 -71.12 -76.51 78.68
C VAL L 145 -72.30 -77.18 79.41
N GLY L 146 -73.51 -76.63 79.25
CA GLY L 146 -74.76 -77.24 79.76
C GLY L 146 -74.99 -78.60 79.11
N GLU L 147 -74.93 -78.64 77.78
CA GLU L 147 -75.07 -79.89 76.96
C GLU L 147 -74.02 -80.93 77.38
N GLY L 148 -72.84 -80.47 77.83
CA GLY L 148 -71.72 -81.31 78.29
C GLY L 148 -70.71 -81.62 77.20
N ASN L 149 -70.63 -80.77 76.16
CA ASN L 149 -69.56 -80.80 75.13
C ASN L 149 -68.28 -80.20 75.73
N ALA L 150 -68.31 -78.91 76.05
CA ALA L 150 -67.16 -78.09 76.51
C ALA L 150 -67.00 -78.17 78.02
N GLN L 151 -65.78 -78.42 78.50
CA GLN L 151 -65.32 -78.17 79.90
C GLN L 151 -64.56 -76.86 79.88
N LEU L 152 -64.80 -75.98 80.86
CA LEU L 152 -64.11 -74.67 81.00
C LEU L 152 -63.26 -74.70 82.26
N VAL L 153 -62.12 -74.03 82.21
CA VAL L 153 -61.28 -73.72 83.39
C VAL L 153 -60.93 -72.23 83.33
N ALA L 154 -61.00 -71.56 84.48
CA ALA L 154 -60.58 -70.15 84.66
C ALA L 154 -59.14 -70.16 85.13
N ILE L 155 -58.32 -69.24 84.63
CA ILE L 155 -56.95 -69.00 85.14
C ILE L 155 -56.76 -67.51 85.33
N PHE L 156 -55.99 -67.15 86.35
CA PHE L 156 -55.66 -65.75 86.68
C PHE L 156 -54.14 -65.61 86.63
N GLY L 157 -53.67 -64.50 86.06
CA GLY L 157 -52.24 -64.17 85.93
C GLY L 157 -51.65 -63.60 87.21
N GLY L 158 -50.52 -62.90 87.08
CA GLY L 158 -49.74 -62.31 88.19
C GLY L 158 -48.88 -61.15 87.73
N GLN L 159 -47.88 -60.82 88.53
CA GLN L 159 -46.89 -59.76 88.15
C GLN L 159 -46.02 -60.30 87.02
N GLY L 160 -45.49 -59.43 86.15
CA GLY L 160 -44.46 -59.75 85.15
C GLY L 160 -44.97 -59.69 83.72
N ASN L 161 -46.29 -59.66 83.54
CA ASN L 161 -46.95 -59.84 82.23
C ASN L 161 -46.92 -58.50 81.47
N THR L 162 -46.62 -57.38 82.14
CA THR L 162 -46.62 -56.02 81.52
C THR L 162 -45.81 -55.03 82.35
N ASP L 163 -45.22 -54.04 81.65
CA ASP L 163 -44.53 -52.86 82.23
C ASP L 163 -45.54 -52.06 83.07
N ASP L 164 -46.65 -51.61 82.45
CA ASP L 164 -47.75 -50.88 83.14
C ASP L 164 -49.06 -51.68 83.05
N TYR L 165 -49.33 -52.45 84.10
CA TYR L 165 -50.63 -53.11 84.38
C TYR L 165 -51.72 -52.06 84.53
N PHE L 166 -51.40 -50.91 85.14
CA PHE L 166 -52.37 -49.87 85.54
C PHE L 166 -53.09 -49.26 84.32
N GLU L 167 -52.51 -49.29 83.12
CA GLU L 167 -53.23 -48.91 81.87
C GLU L 167 -54.36 -49.90 81.58
N GLU L 168 -54.27 -51.14 82.07
CA GLU L 168 -55.34 -52.15 81.91
C GLU L 168 -56.52 -51.78 82.82
N LEU L 169 -56.26 -51.20 84.00
CA LEU L 169 -57.30 -50.84 85.00
C LEU L 169 -58.00 -49.57 84.52
N ARG L 170 -57.21 -48.65 83.98
CA ARG L 170 -57.69 -47.36 83.38
C ARG L 170 -58.58 -47.66 82.18
N ASP L 171 -58.14 -48.51 81.25
CA ASP L 171 -58.89 -48.81 80.00
C ASP L 171 -60.16 -49.61 80.34
N LEU L 172 -60.07 -50.46 81.36
CA LEU L 172 -61.20 -51.29 81.84
C LEU L 172 -62.26 -50.37 82.47
N TYR L 173 -61.83 -49.42 83.31
CA TYR L 173 -62.70 -48.45 84.02
C TYR L 173 -63.29 -47.41 83.05
N GLN L 174 -62.51 -46.96 82.06
CA GLN L 174 -62.98 -46.01 81.02
C GLN L 174 -64.17 -46.62 80.27
N THR L 175 -64.14 -47.92 79.98
CA THR L 175 -65.07 -48.62 79.04
C THR L 175 -66.25 -49.24 79.81
N TYR L 176 -66.01 -49.90 80.95
CA TYR L 176 -67.06 -50.59 81.77
C TYR L 176 -67.20 -49.88 83.12
N HIS L 177 -66.94 -48.55 83.14
CA HIS L 177 -67.32 -47.58 84.19
C HIS L 177 -68.59 -48.00 84.95
N VAL L 178 -69.65 -48.26 84.19
CA VAL L 178 -71.05 -48.40 84.69
C VAL L 178 -71.31 -49.81 85.24
N LEU L 179 -70.34 -50.72 85.14
CA LEU L 179 -70.45 -52.11 85.66
C LEU L 179 -69.47 -52.35 86.81
N VAL L 180 -68.34 -51.65 86.82
CA VAL L 180 -67.19 -51.94 87.72
C VAL L 180 -67.05 -50.82 88.76
N GLY L 181 -67.42 -49.58 88.42
CA GLY L 181 -67.56 -48.43 89.33
C GLY L 181 -67.83 -48.81 90.78
N ASP L 182 -68.74 -49.76 91.04
CA ASP L 182 -69.13 -50.18 92.41
C ASP L 182 -68.02 -51.06 93.05
N LEU L 183 -67.43 -52.00 92.29
CA LEU L 183 -66.31 -52.88 92.76
C LEU L 183 -65.05 -52.06 93.01
N ILE L 184 -64.68 -51.20 92.07
CA ILE L 184 -63.52 -50.27 92.24
C ILE L 184 -63.72 -49.54 93.56
N LYS L 185 -64.84 -48.81 93.67
CA LYS L 185 -65.20 -47.98 94.85
C LYS L 185 -65.01 -48.82 96.12
N PHE L 186 -65.47 -50.08 96.12
CA PHE L 186 -65.45 -50.97 97.31
C PHE L 186 -64.00 -51.28 97.71
N SER L 187 -63.15 -51.59 96.73
CA SER L 187 -61.70 -51.89 96.91
C SER L 187 -60.98 -50.66 97.50
N ALA L 188 -61.20 -49.47 96.91
CA ALA L 188 -60.62 -48.17 97.34
C ALA L 188 -60.92 -47.91 98.82
N GLU L 189 -62.16 -48.19 99.26
CA GLU L 189 -62.61 -48.04 100.67
C GLU L 189 -61.91 -49.09 101.52
N THR L 190 -61.89 -50.34 101.06
CA THR L 190 -61.43 -51.56 101.79
C THR L 190 -59.92 -51.56 101.96
N LEU L 191 -59.18 -50.90 101.07
CA LEU L 191 -57.69 -50.77 101.13
C LEU L 191 -57.35 -49.57 102.03
N SER L 192 -57.95 -48.40 101.74
CA SER L 192 -57.86 -47.14 102.54
C SER L 192 -58.09 -47.45 104.02
N GLU L 193 -59.15 -48.20 104.35
CA GLU L 193 -59.45 -48.57 105.76
C GLU L 193 -58.32 -49.47 106.29
N LEU L 194 -57.79 -50.36 105.45
CA LEU L 194 -56.81 -51.43 105.79
C LEU L 194 -55.42 -50.81 106.03
N ILE L 195 -55.19 -49.59 105.50
CA ILE L 195 -53.96 -48.79 105.79
C ILE L 195 -54.03 -48.25 107.23
N ARG L 196 -55.19 -47.72 107.64
CA ARG L 196 -55.40 -47.16 108.99
C ARG L 196 -55.28 -48.26 110.06
N THR L 197 -55.90 -49.43 109.83
CA THR L 197 -55.96 -50.57 110.79
C THR L 197 -54.58 -51.21 110.96
N THR L 198 -53.77 -51.26 109.90
CA THR L 198 -52.39 -51.81 109.92
C THR L 198 -51.49 -50.82 110.67
N LEU L 199 -50.62 -51.33 111.56
CA LEU L 199 -49.82 -50.51 112.52
C LEU L 199 -49.08 -49.38 111.79
N ASP L 200 -48.20 -49.69 110.83
CA ASP L 200 -47.35 -48.67 110.15
C ASP L 200 -47.46 -48.80 108.62
N ALA L 201 -48.66 -49.00 108.08
CA ALA L 201 -48.88 -49.02 106.62
C ALA L 201 -48.55 -47.65 106.05
N GLU L 202 -49.07 -46.58 106.65
CA GLU L 202 -49.05 -45.21 106.07
C GLU L 202 -47.62 -44.79 105.68
N LYS L 203 -46.59 -45.40 106.29
CA LYS L 203 -45.15 -45.13 106.00
C LYS L 203 -44.69 -45.83 104.72
N VAL L 204 -45.33 -46.96 104.36
CA VAL L 204 -45.15 -47.68 103.06
C VAL L 204 -45.96 -46.98 101.98
N PHE L 205 -47.26 -46.77 102.22
CA PHE L 205 -48.23 -46.21 101.24
C PHE L 205 -48.24 -44.68 101.34
N THR L 206 -47.10 -44.06 101.02
CA THR L 206 -46.88 -42.61 101.16
C THR L 206 -48.02 -41.86 100.45
N GLN L 207 -48.28 -42.20 99.19
CA GLN L 207 -49.27 -41.50 98.32
C GLN L 207 -50.64 -42.21 98.36
N GLY L 208 -50.91 -43.03 99.39
CA GLY L 208 -52.20 -43.66 99.70
C GLY L 208 -52.61 -44.73 98.71
N LEU L 209 -53.92 -45.05 98.62
CA LEU L 209 -54.51 -46.09 97.73
C LEU L 209 -55.88 -45.66 97.17
N ASN L 210 -56.16 -44.35 97.06
CA ASN L 210 -57.47 -43.84 96.58
C ASN L 210 -57.49 -43.99 95.05
N ILE L 211 -57.83 -45.18 94.57
CA ILE L 211 -57.75 -45.56 93.14
C ILE L 211 -58.92 -44.95 92.36
N LEU L 212 -60.02 -44.58 93.04
CA LEU L 212 -61.09 -43.73 92.48
C LEU L 212 -60.48 -42.44 91.90
N GLU L 213 -59.71 -41.73 92.74
CA GLU L 213 -59.14 -40.40 92.39
C GLU L 213 -58.24 -40.54 91.15
N TRP L 214 -57.45 -41.63 91.10
CA TRP L 214 -56.39 -41.83 90.08
C TRP L 214 -57.02 -42.11 88.71
N LEU L 215 -58.21 -42.70 88.70
CA LEU L 215 -58.93 -43.10 87.46
C LEU L 215 -59.83 -41.94 87.02
N GLU L 216 -60.50 -41.31 87.99
CA GLU L 216 -61.38 -40.13 87.77
C GLU L 216 -60.52 -38.96 87.25
N ASN L 217 -59.43 -38.63 87.96
CA ASN L 217 -58.51 -37.51 87.62
C ASN L 217 -57.11 -38.06 87.32
N PRO L 218 -56.79 -38.36 86.03
CA PRO L 218 -55.52 -38.99 85.68
C PRO L 218 -54.22 -38.29 86.15
N SER L 219 -54.29 -37.00 86.47
CA SER L 219 -53.11 -36.13 86.73
C SER L 219 -52.69 -36.16 88.21
N ASN L 220 -53.65 -36.37 89.13
CA ASN L 220 -53.39 -36.59 90.58
C ASN L 220 -52.91 -38.03 90.84
N THR L 221 -52.92 -38.89 89.80
CA THR L 221 -52.35 -40.28 89.83
C THR L 221 -50.88 -40.19 90.23
N PRO L 222 -50.35 -41.11 91.08
CA PRO L 222 -48.92 -41.18 91.33
C PRO L 222 -48.14 -41.59 90.07
N ASP L 223 -46.82 -41.69 90.20
CA ASP L 223 -45.88 -42.02 89.08
C ASP L 223 -45.77 -43.54 88.88
N LYS L 224 -45.42 -43.96 87.66
CA LYS L 224 -45.38 -45.38 87.22
C LYS L 224 -44.33 -46.18 88.03
N ASP L 225 -43.58 -45.55 88.93
CA ASP L 225 -42.44 -46.17 89.68
C ASP L 225 -42.93 -46.56 91.08
N TYR L 226 -43.85 -45.78 91.67
CA TYR L 226 -44.62 -46.11 92.90
C TYR L 226 -45.60 -47.27 92.61
N LEU L 227 -46.35 -47.17 91.50
CA LEU L 227 -47.47 -48.10 91.13
C LEU L 227 -46.93 -49.52 90.89
N LEU L 228 -45.71 -49.65 90.40
CA LEU L 228 -45.13 -50.98 90.09
C LEU L 228 -44.68 -51.68 91.38
N SER L 229 -44.35 -50.93 92.45
CA SER L 229 -43.98 -51.47 93.79
C SER L 229 -45.02 -52.52 94.22
N ILE L 230 -44.57 -53.62 94.83
CA ILE L 230 -45.47 -54.77 95.12
C ILE L 230 -46.52 -54.44 96.18
N PRO L 231 -46.33 -53.47 97.11
CA PRO L 231 -47.38 -53.18 98.09
C PRO L 231 -48.66 -52.66 97.44
N ILE L 232 -48.51 -51.97 96.33
CA ILE L 232 -49.61 -51.26 95.64
C ILE L 232 -49.98 -51.96 94.34
N SER L 233 -49.16 -52.90 93.85
CA SER L 233 -49.36 -53.61 92.55
C SER L 233 -50.02 -54.97 92.79
N CYS L 234 -49.62 -55.69 93.84
CA CYS L 234 -50.30 -56.95 94.26
C CYS L 234 -51.81 -56.72 94.37
N PRO L 235 -52.33 -55.87 95.28
CA PRO L 235 -53.78 -55.76 95.47
C PRO L 235 -54.49 -55.25 94.21
N LEU L 236 -53.88 -54.33 93.48
CA LEU L 236 -54.49 -53.72 92.27
C LEU L 236 -54.56 -54.71 91.11
N ILE L 237 -53.70 -55.73 91.09
CA ILE L 237 -53.73 -56.78 90.04
C ILE L 237 -54.85 -57.77 90.38
N GLY L 238 -55.10 -57.99 91.67
CA GLY L 238 -56.34 -58.61 92.20
C GLY L 238 -57.58 -57.93 91.66
N VAL L 239 -57.64 -56.60 91.76
CA VAL L 239 -58.80 -55.77 91.34
C VAL L 239 -59.08 -56.01 89.84
N ILE L 240 -58.05 -55.95 88.99
CA ILE L 240 -58.18 -56.02 87.50
C ILE L 240 -58.73 -57.40 87.09
N GLN L 241 -58.36 -58.46 87.81
CA GLN L 241 -58.89 -59.84 87.60
C GLN L 241 -60.38 -59.86 87.99
N LEU L 242 -60.69 -59.66 89.27
CA LEU L 242 -62.09 -59.60 89.80
C LEU L 242 -62.96 -58.75 88.88
N ALA L 243 -62.43 -57.62 88.41
CA ALA L 243 -63.09 -56.67 87.48
C ALA L 243 -63.46 -57.38 86.18
N HIS L 244 -62.54 -58.14 85.59
CA HIS L 244 -62.79 -58.88 84.31
C HIS L 244 -63.84 -59.96 84.54
N TYR L 245 -63.80 -60.62 85.70
CA TYR L 245 -64.77 -61.67 86.10
C TYR L 245 -66.16 -61.05 86.31
N VAL L 246 -66.22 -59.77 86.72
CA VAL L 246 -67.46 -58.97 86.81
C VAL L 246 -67.97 -58.71 85.38
N VAL L 247 -67.33 -57.83 84.60
CA VAL L 247 -67.81 -57.46 83.23
C VAL L 247 -68.12 -58.73 82.43
N THR L 248 -67.49 -59.87 82.75
CA THR L 248 -67.85 -61.18 82.13
C THR L 248 -69.25 -61.56 82.64
N ALA L 249 -69.43 -61.74 83.95
CA ALA L 249 -70.68 -62.23 84.58
C ALA L 249 -71.86 -61.34 84.20
N LYS L 250 -71.70 -60.02 84.27
CA LYS L 250 -72.80 -59.04 84.03
C LYS L 250 -73.28 -59.13 82.57
N LEU L 251 -72.37 -59.05 81.59
CA LEU L 251 -72.76 -59.09 80.15
C LEU L 251 -73.38 -60.43 79.75
N LEU L 252 -73.15 -61.50 80.51
CA LEU L 252 -73.84 -62.81 80.31
C LEU L 252 -75.16 -62.89 81.12
N GLY L 253 -75.49 -61.85 81.88
CA GLY L 253 -76.68 -61.81 82.77
C GLY L 253 -76.63 -62.89 83.82
N PHE L 254 -75.43 -63.21 84.32
CA PHE L 254 -75.19 -64.21 85.40
C PHE L 254 -74.92 -63.48 86.72
N THR L 255 -75.25 -64.16 87.83
CA THR L 255 -74.72 -63.90 89.18
C THR L 255 -73.41 -64.70 89.29
N PRO L 256 -72.38 -64.23 90.01
CA PRO L 256 -71.08 -64.91 90.08
C PRO L 256 -71.11 -66.41 90.40
N GLY L 257 -72.05 -66.87 91.23
CA GLY L 257 -72.25 -68.30 91.54
C GLY L 257 -72.55 -69.14 90.31
N GLU L 258 -73.35 -68.61 89.37
CA GLU L 258 -73.78 -69.31 88.13
C GLU L 258 -72.62 -69.46 87.14
N LEU L 259 -71.75 -68.44 87.04
CA LEU L 259 -70.52 -68.45 86.20
C LEU L 259 -69.55 -69.51 86.74
N ARG L 260 -69.36 -69.62 88.06
CA ARG L 260 -68.45 -70.63 88.65
C ARG L 260 -69.08 -72.03 88.60
N SER L 261 -70.39 -72.16 88.39
CA SER L 261 -71.05 -73.49 88.26
C SER L 261 -70.61 -74.13 86.92
N TYR L 262 -70.43 -73.32 85.87
CA TYR L 262 -70.05 -73.77 84.50
C TYR L 262 -68.54 -74.07 84.44
N LEU L 263 -67.72 -73.33 85.17
CA LEU L 263 -66.28 -73.65 85.42
C LEU L 263 -66.19 -75.08 85.99
N LYS L 264 -65.29 -75.89 85.42
CA LYS L 264 -65.02 -77.28 85.84
C LYS L 264 -63.98 -77.25 86.96
N GLY L 265 -63.07 -76.28 86.89
CA GLY L 265 -62.15 -75.86 87.97
C GLY L 265 -61.64 -74.44 87.74
N ALA L 266 -60.75 -73.96 88.60
CA ALA L 266 -60.00 -72.72 88.35
C ALA L 266 -58.61 -72.83 88.97
N THR L 267 -57.69 -71.98 88.51
CA THR L 267 -56.32 -71.85 89.08
C THR L 267 -55.69 -70.52 88.70
N GLY L 268 -54.46 -70.34 89.15
CA GLY L 268 -53.75 -69.06 89.03
C GLY L 268 -52.26 -69.28 89.08
N HIS L 269 -51.55 -68.43 88.35
CA HIS L 269 -50.09 -68.37 88.26
C HIS L 269 -49.56 -67.40 89.30
N SER L 270 -48.68 -67.86 90.19
CA SER L 270 -48.11 -67.01 91.25
C SER L 270 -49.30 -66.48 92.08
N GLN L 271 -49.52 -65.16 92.11
CA GLN L 271 -50.47 -64.47 93.03
C GLN L 271 -51.92 -64.54 92.56
N GLY L 272 -52.18 -65.11 91.36
CA GLY L 272 -53.52 -65.31 90.81
C GLY L 272 -54.27 -66.43 91.52
N LEU L 273 -53.56 -67.32 92.24
CA LEU L 273 -54.15 -68.39 93.09
C LEU L 273 -55.06 -67.80 94.19
N VAL L 274 -54.91 -66.51 94.52
CA VAL L 274 -55.75 -65.77 95.51
C VAL L 274 -57.08 -65.34 94.88
N THR L 275 -57.07 -64.78 93.67
CA THR L 275 -58.32 -64.37 92.98
C THR L 275 -58.94 -65.57 92.29
N ALA L 276 -58.32 -66.75 92.36
CA ALA L 276 -58.92 -68.03 91.90
C ALA L 276 -59.78 -68.59 93.03
N VAL L 277 -59.19 -68.72 94.23
CA VAL L 277 -59.86 -69.36 95.39
C VAL L 277 -61.07 -68.51 95.83
N ALA L 278 -61.02 -67.19 95.62
CA ALA L 278 -62.11 -66.23 95.95
C ALA L 278 -63.33 -66.47 95.04
N ILE L 279 -63.09 -66.63 93.74
CA ILE L 279 -64.09 -66.98 92.69
C ILE L 279 -64.74 -68.35 92.97
N ALA L 280 -64.05 -69.28 93.62
CA ALA L 280 -64.60 -70.61 93.95
C ALA L 280 -65.57 -70.53 95.14
N GLU L 281 -65.62 -69.40 95.85
CA GLU L 281 -66.52 -69.18 97.02
C GLU L 281 -67.82 -68.52 96.59
N THR L 282 -67.76 -67.64 95.60
CA THR L 282 -68.82 -66.64 95.30
C THR L 282 -70.14 -67.35 94.93
N ASP L 283 -71.27 -66.63 95.03
CA ASP L 283 -72.63 -67.22 95.12
C ASP L 283 -73.66 -66.24 94.53
N SER L 284 -73.84 -65.07 95.15
CA SER L 284 -74.80 -64.00 94.74
C SER L 284 -74.12 -62.62 94.86
N TRP L 285 -74.59 -61.60 94.12
CA TRP L 285 -73.99 -60.24 94.05
C TRP L 285 -73.74 -59.64 95.44
N GLU L 286 -74.56 -60.00 96.44
CA GLU L 286 -74.51 -59.45 97.82
C GLU L 286 -73.30 -60.09 98.54
N SER L 287 -73.24 -61.42 98.56
CA SER L 287 -72.15 -62.24 99.17
C SER L 287 -70.95 -62.38 98.19
N PHE L 288 -70.81 -61.45 97.24
CA PHE L 288 -69.66 -61.37 96.29
C PHE L 288 -68.59 -60.46 96.88
N PHE L 289 -69.02 -59.31 97.38
CA PHE L 289 -68.12 -58.28 97.97
C PHE L 289 -67.46 -58.85 99.25
N VAL L 290 -68.00 -59.91 99.87
CA VAL L 290 -67.34 -60.56 101.05
C VAL L 290 -66.19 -61.44 100.57
N SER L 291 -66.29 -62.04 99.37
CA SER L 291 -65.20 -62.82 98.74
C SER L 291 -64.10 -61.85 98.31
N VAL L 292 -64.45 -60.86 97.48
CA VAL L 292 -63.55 -59.75 97.01
C VAL L 292 -62.75 -59.17 98.19
N ARG L 293 -63.41 -58.81 99.30
CA ARG L 293 -62.79 -58.22 100.50
C ARG L 293 -61.69 -59.17 101.00
N LYS L 294 -61.99 -60.47 101.00
CA LYS L 294 -61.10 -61.56 101.48
C LYS L 294 -59.88 -61.65 100.55
N ALA L 295 -60.10 -61.61 99.24
CA ALA L 295 -59.04 -61.69 98.20
C ALA L 295 -58.05 -60.54 98.39
N ILE L 296 -58.56 -59.31 98.30
CA ILE L 296 -57.79 -58.04 98.41
C ILE L 296 -56.98 -57.99 99.72
N THR L 297 -57.56 -58.36 100.85
CA THR L 297 -56.85 -58.28 102.16
C THR L 297 -55.68 -59.29 102.14
N VAL L 298 -55.87 -60.52 101.66
CA VAL L 298 -54.74 -61.52 101.55
C VAL L 298 -53.66 -60.97 100.63
N LEU L 299 -54.07 -60.31 99.55
CA LEU L 299 -53.18 -59.80 98.48
C LEU L 299 -52.47 -58.52 98.94
N PHE L 300 -52.99 -57.87 99.99
CA PHE L 300 -52.48 -56.60 100.56
C PHE L 300 -51.39 -56.97 101.57
N PHE L 301 -51.57 -58.04 102.36
CA PHE L 301 -50.57 -58.43 103.38
C PHE L 301 -49.35 -59.06 102.71
N ILE L 302 -49.55 -59.88 101.67
CA ILE L 302 -48.47 -60.39 100.77
C ILE L 302 -47.63 -59.20 100.29
N GLY L 303 -48.28 -58.17 99.74
CA GLY L 303 -47.63 -57.00 99.14
C GLY L 303 -46.87 -56.19 100.17
N VAL L 304 -47.45 -56.02 101.36
CA VAL L 304 -46.83 -55.24 102.47
C VAL L 304 -45.68 -56.05 103.05
N ARG L 305 -45.95 -57.25 103.56
CA ARG L 305 -44.98 -57.99 104.41
C ARG L 305 -43.75 -58.42 103.58
N CYS L 306 -43.88 -58.61 102.28
CA CYS L 306 -42.78 -59.06 101.39
C CYS L 306 -41.82 -57.91 101.08
N TYR L 307 -42.35 -56.71 100.83
CA TYR L 307 -41.57 -55.45 100.71
C TYR L 307 -40.62 -55.35 101.90
N GLU L 308 -41.17 -55.43 103.11
CA GLU L 308 -40.41 -55.28 104.38
C GLU L 308 -39.33 -56.36 104.52
N ALA L 309 -39.60 -57.57 104.02
CA ALA L 309 -38.67 -58.72 104.07
C ALA L 309 -37.43 -58.43 103.22
N TYR L 310 -37.60 -58.20 101.92
CA TYR L 310 -36.52 -57.96 100.93
C TYR L 310 -36.90 -56.80 100.01
N PRO L 311 -36.45 -55.56 100.28
CA PRO L 311 -36.78 -54.40 99.46
C PRO L 311 -35.79 -54.14 98.31
N ASN L 312 -36.28 -53.65 97.18
CA ASN L 312 -35.45 -53.50 95.94
C ASN L 312 -34.61 -52.22 96.10
N THR L 313 -33.30 -52.38 96.07
CA THR L 313 -32.30 -51.30 96.23
C THR L 313 -31.79 -50.86 94.85
N SER L 314 -31.06 -49.74 94.83
CA SER L 314 -30.50 -49.13 93.60
C SER L 314 -29.27 -49.94 93.17
N LEU L 315 -29.25 -50.37 91.90
CA LEU L 315 -28.06 -50.98 91.24
C LEU L 315 -27.11 -49.86 90.84
N PRO L 316 -25.78 -50.06 90.99
CA PRO L 316 -24.79 -49.22 90.33
C PRO L 316 -25.15 -48.97 88.87
N PRO L 317 -25.01 -47.73 88.34
CA PRO L 317 -25.41 -47.43 86.97
C PRO L 317 -24.59 -48.11 85.87
N SER L 318 -23.40 -48.61 86.21
CA SER L 318 -22.53 -49.43 85.33
C SER L 318 -23.29 -50.71 84.93
N ILE L 319 -23.82 -51.43 85.91
CA ILE L 319 -24.67 -52.64 85.73
C ILE L 319 -25.89 -52.30 84.87
N LEU L 320 -26.54 -51.16 85.11
CA LEU L 320 -27.84 -50.83 84.47
C LEU L 320 -27.59 -50.57 82.98
N GLU L 321 -26.58 -49.78 82.64
CA GLU L 321 -26.29 -49.37 81.24
C GLU L 321 -25.75 -50.58 80.47
N ASP L 322 -25.12 -51.54 81.16
CA ASP L 322 -24.62 -52.80 80.55
C ASP L 322 -25.80 -53.70 80.18
N SER L 323 -26.77 -53.87 81.08
CA SER L 323 -28.00 -54.67 80.82
C SER L 323 -28.82 -54.08 79.66
N LEU L 324 -28.89 -52.76 79.52
CA LEU L 324 -29.75 -52.13 78.48
C LEU L 324 -29.13 -52.31 77.09
N GLU L 325 -27.80 -52.22 76.97
CA GLU L 325 -27.11 -52.32 75.66
C GLU L 325 -27.11 -53.78 75.18
N ASN L 326 -26.95 -54.76 76.09
CA ASN L 326 -26.96 -56.21 75.77
C ASN L 326 -28.39 -56.78 75.78
N ASN L 327 -29.42 -55.93 75.85
CA ASN L 327 -30.85 -56.26 75.57
C ASN L 327 -31.43 -57.24 76.60
N GLU L 328 -30.82 -57.36 77.77
CA GLU L 328 -31.50 -57.76 79.03
C GLU L 328 -32.25 -56.51 79.46
N GLY L 329 -33.15 -56.60 80.42
CA GLY L 329 -33.99 -55.44 80.74
C GLY L 329 -33.27 -54.45 81.63
N VAL L 330 -34.05 -53.70 82.39
CA VAL L 330 -33.61 -53.10 83.68
C VAL L 330 -33.46 -54.24 84.67
N PRO L 331 -32.31 -54.40 85.36
CA PRO L 331 -32.19 -55.41 86.41
C PRO L 331 -33.34 -55.36 87.42
N SER L 332 -33.70 -56.53 87.91
CA SER L 332 -34.86 -56.76 88.80
C SER L 332 -34.60 -58.09 89.47
N PRO L 333 -35.40 -58.52 90.46
CA PRO L 333 -35.16 -59.79 91.14
C PRO L 333 -35.64 -61.04 90.41
N MET L 334 -35.97 -60.92 89.13
CA MET L 334 -36.73 -61.93 88.35
C MET L 334 -36.21 -61.95 86.90
N LEU L 335 -35.58 -63.05 86.47
CA LEU L 335 -34.91 -63.17 85.16
C LEU L 335 -35.62 -64.26 84.36
N SER L 336 -36.21 -63.90 83.22
CA SER L 336 -36.92 -64.84 82.33
C SER L 336 -35.92 -65.34 81.28
N ILE L 337 -35.62 -66.65 81.29
CA ILE L 337 -34.74 -67.34 80.29
C ILE L 337 -35.62 -68.18 79.38
N SER L 338 -35.83 -67.70 78.15
CA SER L 338 -36.61 -68.39 77.08
C SER L 338 -35.69 -69.32 76.27
N ASN L 339 -36.17 -70.52 75.90
CA ASN L 339 -35.64 -71.39 74.82
C ASN L 339 -34.50 -72.29 75.34
N LEU L 340 -34.45 -72.61 76.63
CA LEU L 340 -33.46 -73.53 77.24
C LEU L 340 -34.18 -74.51 78.16
N THR L 341 -33.87 -75.81 78.06
CA THR L 341 -34.40 -76.90 78.92
C THR L 341 -34.15 -76.56 80.39
N GLN L 342 -35.10 -76.85 81.28
CA GLN L 342 -34.93 -76.71 82.76
C GLN L 342 -33.57 -77.25 83.21
N GLU L 343 -33.11 -78.36 82.63
CA GLU L 343 -31.79 -79.00 82.91
C GLU L 343 -30.64 -78.03 82.57
N GLN L 344 -30.63 -77.50 81.34
CA GLN L 344 -29.59 -76.55 80.82
C GLN L 344 -29.49 -75.30 81.71
N VAL L 345 -30.62 -74.72 82.12
CA VAL L 345 -30.68 -73.53 82.99
C VAL L 345 -30.10 -73.89 84.36
N GLN L 346 -30.51 -75.02 84.94
CA GLN L 346 -30.05 -75.47 86.29
C GLN L 346 -28.52 -75.66 86.32
N ASP L 347 -27.84 -75.92 85.20
CA ASP L 347 -26.35 -75.95 85.16
C ASP L 347 -25.83 -74.54 85.41
N TYR L 348 -26.18 -73.61 84.52
CA TYR L 348 -25.78 -72.18 84.56
C TYR L 348 -26.08 -71.53 85.91
N VAL L 349 -27.01 -72.07 86.74
CA VAL L 349 -27.29 -71.49 88.08
C VAL L 349 -26.37 -72.15 89.11
N ASN L 350 -25.99 -73.41 88.92
CA ASN L 350 -25.04 -74.12 89.81
C ASN L 350 -23.65 -73.49 89.69
N LYS L 351 -23.18 -73.30 88.45
CA LYS L 351 -21.99 -72.48 88.10
C LYS L 351 -22.03 -71.20 88.92
N THR L 352 -23.08 -70.41 88.71
CA THR L 352 -23.31 -69.06 89.29
C THR L 352 -23.35 -69.13 90.82
N ASN L 353 -24.03 -70.14 91.39
CA ASN L 353 -24.24 -70.27 92.86
C ASN L 353 -22.98 -70.81 93.56
N SER L 354 -22.01 -71.35 92.82
CA SER L 354 -20.72 -71.86 93.36
C SER L 354 -19.95 -70.72 94.05
N HIS L 355 -19.92 -69.53 93.42
CA HIS L 355 -19.17 -68.33 93.86
C HIS L 355 -19.96 -67.51 94.89
N LEU L 356 -21.28 -67.72 95.03
CA LEU L 356 -22.15 -66.85 95.86
C LEU L 356 -22.39 -67.49 97.23
N PRO L 357 -22.44 -66.70 98.33
CA PRO L 357 -22.84 -67.22 99.64
C PRO L 357 -24.36 -67.45 99.72
N ALA L 358 -24.82 -68.25 100.69
CA ALA L 358 -26.22 -68.74 100.86
C ALA L 358 -27.26 -67.69 100.44
N GLY L 359 -27.35 -66.58 101.18
CA GLY L 359 -28.44 -65.60 101.09
C GLY L 359 -28.36 -64.70 99.87
N LYS L 360 -27.43 -64.97 98.93
CA LYS L 360 -27.38 -64.28 97.61
C LYS L 360 -27.60 -65.28 96.46
N GLN L 361 -27.85 -66.54 96.77
CA GLN L 361 -27.92 -67.63 95.77
C GLN L 361 -29.26 -67.53 95.01
N VAL L 362 -29.21 -67.69 93.69
CA VAL L 362 -30.39 -67.67 92.79
C VAL L 362 -30.98 -69.08 92.74
N GLU L 363 -32.26 -69.19 92.33
CA GLU L 363 -32.95 -70.49 92.13
C GLU L 363 -34.03 -70.34 91.04
N ILE L 364 -34.23 -71.40 90.24
CA ILE L 364 -35.40 -71.57 89.32
C ILE L 364 -36.66 -71.43 90.18
N SER L 365 -37.52 -70.47 89.82
CA SER L 365 -38.67 -70.02 90.65
C SER L 365 -39.97 -70.39 89.96
N LEU L 366 -40.10 -70.07 88.68
CA LEU L 366 -41.22 -70.56 87.84
C LEU L 366 -40.66 -71.45 86.74
N VAL L 367 -41.32 -72.59 86.52
CA VAL L 367 -41.12 -73.50 85.35
C VAL L 367 -42.38 -73.44 84.48
N ASN L 368 -42.50 -72.35 83.74
CA ASN L 368 -43.66 -72.00 82.89
C ASN L 368 -43.87 -73.00 81.77
N GLY L 369 -42.83 -73.28 80.98
CA GLY L 369 -42.82 -74.27 79.88
C GLY L 369 -41.73 -75.31 80.10
N ALA L 370 -41.52 -76.18 79.12
CA ALA L 370 -40.32 -77.04 78.99
C ALA L 370 -39.10 -76.14 78.74
N LYS L 371 -39.28 -75.13 77.89
CA LYS L 371 -38.22 -74.18 77.46
C LYS L 371 -38.58 -72.73 77.83
N ASN L 372 -39.34 -72.50 78.91
CA ASN L 372 -39.67 -71.15 79.47
C ASN L 372 -39.44 -71.18 80.97
N LEU L 373 -38.47 -70.42 81.47
CA LEU L 373 -38.10 -70.43 82.90
C LEU L 373 -37.92 -69.00 83.40
N VAL L 374 -38.10 -68.85 84.71
CA VAL L 374 -37.92 -67.57 85.43
C VAL L 374 -37.06 -67.88 86.63
N VAL L 375 -35.92 -67.20 86.76
CA VAL L 375 -34.96 -67.37 87.89
C VAL L 375 -35.10 -66.15 88.81
N SER L 376 -35.29 -66.39 90.09
CA SER L 376 -35.46 -65.34 91.12
C SER L 376 -34.17 -65.25 91.92
N GLY L 377 -33.98 -64.11 92.57
CA GLY L 377 -32.83 -63.89 93.45
C GLY L 377 -32.42 -62.44 93.40
N PRO L 378 -31.33 -62.06 94.08
CA PRO L 378 -30.89 -60.68 94.14
C PRO L 378 -30.43 -60.19 92.79
N PRO L 379 -30.82 -58.98 92.35
CA PRO L 379 -30.48 -58.49 91.02
C PRO L 379 -28.98 -58.42 90.68
N GLN L 380 -28.09 -58.19 91.65
CA GLN L 380 -26.62 -58.35 91.45
C GLN L 380 -26.38 -59.79 90.98
N SER L 381 -26.79 -60.77 91.78
CA SER L 381 -26.58 -62.23 91.56
C SER L 381 -27.09 -62.66 90.19
N LEU L 382 -28.25 -62.15 89.76
CA LEU L 382 -28.81 -62.45 88.42
C LEU L 382 -28.00 -61.79 87.33
N TYR L 383 -27.41 -60.61 87.57
CA TYR L 383 -26.51 -59.96 86.58
C TYR L 383 -25.29 -60.86 86.36
N GLY L 384 -24.76 -61.44 87.44
CA GLY L 384 -23.79 -62.55 87.43
C GLY L 384 -24.17 -63.62 86.41
N LEU L 385 -25.38 -64.16 86.53
CA LEU L 385 -25.89 -65.25 85.67
C LEU L 385 -25.96 -64.79 84.21
N ASN L 386 -26.44 -63.57 83.93
CA ASN L 386 -26.49 -63.02 82.54
C ASN L 386 -25.10 -62.93 81.90
N LEU L 387 -24.02 -62.82 82.68
CA LEU L 387 -22.64 -62.79 82.13
C LEU L 387 -22.30 -64.19 81.61
N THR L 388 -22.43 -65.20 82.47
CA THR L 388 -22.33 -66.65 82.12
C THR L 388 -23.12 -66.95 80.83
N LEU L 389 -24.33 -66.39 80.66
CA LEU L 389 -25.20 -66.68 79.49
C LEU L 389 -24.77 -65.88 78.25
N ARG L 390 -24.10 -64.75 78.40
CA ARG L 390 -23.64 -63.94 77.24
C ARG L 390 -22.57 -64.74 76.49
N LYS L 391 -21.67 -65.39 77.23
CA LYS L 391 -20.66 -66.36 76.71
C LYS L 391 -21.37 -67.27 75.71
N ALA L 392 -22.39 -67.98 76.19
CA ALA L 392 -22.92 -69.22 75.58
C ALA L 392 -23.88 -68.94 74.42
N LYS L 393 -24.34 -67.72 74.21
CA LYS L 393 -25.36 -67.44 73.17
C LYS L 393 -24.69 -66.99 71.88
N ALA L 394 -25.39 -67.22 70.77
CA ALA L 394 -24.93 -66.95 69.39
C ALA L 394 -25.32 -65.53 68.98
N PRO L 395 -24.40 -64.77 68.33
CA PRO L 395 -24.76 -63.50 67.67
C PRO L 395 -25.92 -63.67 66.67
N SER L 396 -26.98 -62.85 66.75
CA SER L 396 -28.28 -63.04 66.06
C SER L 396 -28.09 -63.04 64.53
N GLY L 397 -27.27 -62.13 63.99
CA GLY L 397 -26.84 -62.09 62.58
C GLY L 397 -25.55 -62.86 62.36
N LEU L 398 -25.61 -64.19 62.47
CA LEU L 398 -24.46 -65.12 62.26
C LEU L 398 -24.74 -66.01 61.06
N ASP L 399 -25.86 -66.76 61.09
CA ASP L 399 -26.23 -67.81 60.11
C ASP L 399 -25.44 -69.09 60.44
N GLN L 400 -26.11 -70.04 61.10
CA GLN L 400 -25.50 -71.29 61.61
C GLN L 400 -25.99 -72.48 60.77
N SER L 401 -26.45 -72.22 59.54
CA SER L 401 -27.16 -73.18 58.66
C SER L 401 -26.20 -74.25 58.12
N ARG L 402 -24.90 -74.00 58.21
CA ARG L 402 -23.82 -74.73 57.51
C ARG L 402 -22.87 -75.38 58.52
N ILE L 403 -23.14 -75.18 59.82
CA ILE L 403 -22.42 -75.81 60.96
C ILE L 403 -23.19 -77.08 61.33
N PRO L 404 -22.52 -78.21 61.65
CA PRO L 404 -23.23 -79.36 62.21
C PRO L 404 -24.04 -78.94 63.44
N PHE L 405 -25.28 -79.45 63.58
CA PHE L 405 -26.27 -79.07 64.62
C PHE L 405 -25.64 -79.09 66.02
N SER L 406 -24.98 -80.19 66.39
CA SER L 406 -24.49 -80.45 67.78
C SER L 406 -23.22 -79.64 68.09
N GLU L 407 -22.83 -78.72 67.19
CA GLU L 407 -21.71 -77.75 67.36
C GLU L 407 -22.22 -76.31 67.34
N ARG L 408 -23.53 -76.09 67.16
CA ARG L 408 -24.10 -74.72 67.07
C ARG L 408 -24.17 -74.13 68.48
N LYS L 409 -23.83 -72.85 68.59
CA LYS L 409 -24.18 -72.01 69.76
C LYS L 409 -25.71 -72.00 69.87
N LEU L 410 -26.23 -72.18 71.09
CA LEU L 410 -27.69 -72.16 71.38
C LEU L 410 -28.23 -70.73 71.19
N LYS L 411 -29.40 -70.61 70.57
CA LYS L 411 -30.04 -69.32 70.23
C LYS L 411 -31.21 -69.10 71.20
N PHE L 412 -31.05 -68.23 72.21
CA PHE L 412 -32.04 -68.02 73.30
C PHE L 412 -32.11 -66.57 73.79
N SER L 413 -33.21 -66.26 74.48
CA SER L 413 -33.53 -64.95 75.09
C SER L 413 -33.39 -65.05 76.61
N ASN L 414 -32.75 -64.06 77.21
CA ASN L 414 -32.78 -63.81 78.67
C ASN L 414 -33.11 -62.34 78.84
N ARG L 415 -33.96 -62.03 79.81
CA ARG L 415 -34.65 -60.72 79.93
C ARG L 415 -35.15 -60.64 81.37
N PHE L 416 -34.78 -59.58 82.08
CA PHE L 416 -35.36 -59.23 83.41
C PHE L 416 -36.83 -58.87 83.23
N LEU L 417 -37.66 -59.40 84.13
CA LEU L 417 -39.10 -59.11 84.19
C LEU L 417 -39.31 -57.76 84.86
N PRO L 418 -40.41 -57.06 84.49
CA PRO L 418 -40.84 -55.84 85.17
C PRO L 418 -41.65 -56.11 86.45
N VAL L 419 -41.00 -56.66 87.46
CA VAL L 419 -41.54 -56.80 88.84
C VAL L 419 -40.55 -56.11 89.77
N ALA L 420 -40.85 -56.09 91.06
CA ALA L 420 -40.05 -55.36 92.06
C ALA L 420 -39.70 -56.24 93.27
N SER L 421 -40.19 -57.48 93.34
CA SER L 421 -39.86 -58.44 94.42
C SER L 421 -39.49 -59.80 93.82
N PRO L 422 -38.71 -60.62 94.53
CA PRO L 422 -38.48 -62.00 94.11
C PRO L 422 -39.50 -62.95 94.74
N PHE L 423 -40.63 -63.15 94.06
CA PHE L 423 -41.62 -64.19 94.44
C PHE L 423 -41.05 -65.59 94.22
N HIS L 424 -41.51 -66.53 95.04
CA HIS L 424 -41.19 -67.97 94.94
C HIS L 424 -39.72 -68.20 95.24
N SER L 425 -39.14 -67.38 96.12
CA SER L 425 -37.70 -67.47 96.50
C SER L 425 -37.58 -67.56 98.02
N HIS L 426 -36.48 -68.16 98.50
CA HIS L 426 -36.12 -68.27 99.93
C HIS L 426 -35.96 -66.88 100.55
N LEU L 427 -35.65 -65.87 99.73
CA LEU L 427 -35.48 -64.44 100.17
C LEU L 427 -36.68 -63.97 100.99
N LEU L 428 -37.90 -64.43 100.68
CA LEU L 428 -39.18 -63.92 101.20
C LEU L 428 -39.70 -64.78 102.37
N VAL L 429 -38.97 -65.82 102.82
CA VAL L 429 -39.39 -66.75 103.92
C VAL L 429 -39.68 -65.97 105.22
N PRO L 430 -38.90 -64.93 105.62
CA PRO L 430 -39.26 -64.11 106.78
C PRO L 430 -40.73 -63.65 106.82
N ALA L 431 -41.26 -63.19 105.69
CA ALA L 431 -42.64 -62.67 105.52
C ALA L 431 -43.67 -63.76 105.85
N SER L 432 -43.48 -64.99 105.33
CA SER L 432 -44.39 -66.15 105.48
C SER L 432 -45.16 -66.05 106.81
N ASP L 433 -44.40 -66.07 107.92
CA ASP L 433 -44.88 -66.16 109.31
C ASP L 433 -45.75 -64.95 109.65
N LEU L 434 -45.34 -63.75 109.22
CA LEU L 434 -46.00 -62.44 109.54
C LEU L 434 -47.31 -62.27 108.76
N ILE L 435 -47.49 -62.93 107.62
CA ILE L 435 -48.76 -62.85 106.81
C ILE L 435 -49.78 -63.79 107.45
N ASN L 436 -49.37 -65.00 107.82
CA ASN L 436 -50.20 -66.00 108.55
C ASN L 436 -50.82 -65.37 109.82
N LYS L 437 -50.12 -64.44 110.47
CA LYS L 437 -50.57 -63.79 111.74
C LYS L 437 -51.57 -62.66 111.46
N ASP L 438 -51.43 -61.98 110.32
CA ASP L 438 -52.20 -60.75 109.97
C ASP L 438 -53.37 -61.10 109.03
N LEU L 439 -53.70 -62.39 108.94
CA LEU L 439 -54.96 -62.91 108.35
C LEU L 439 -55.88 -63.40 109.47
N VAL L 440 -55.30 -64.01 110.51
CA VAL L 440 -56.01 -64.42 111.75
C VAL L 440 -56.55 -63.16 112.46
N LYS L 441 -55.82 -62.05 112.40
CA LYS L 441 -56.21 -60.74 112.99
C LYS L 441 -57.35 -60.09 112.19
N ASN L 442 -57.32 -60.18 110.85
CA ASN L 442 -58.39 -59.64 109.96
C ASN L 442 -59.49 -60.70 109.72
N ASN L 443 -59.48 -61.82 110.47
CA ASN L 443 -60.53 -62.87 110.45
C ASN L 443 -60.80 -63.24 108.99
N VAL L 444 -59.80 -63.87 108.36
CA VAL L 444 -59.79 -64.28 106.92
C VAL L 444 -59.24 -65.71 106.82
N SER L 445 -60.15 -66.65 106.57
CA SER L 445 -59.86 -68.08 106.33
C SER L 445 -60.73 -68.54 105.16
N PHE L 446 -60.15 -69.34 104.27
CA PHE L 446 -60.84 -70.11 103.22
C PHE L 446 -61.07 -71.53 103.75
N ASN L 447 -62.30 -72.03 103.69
CA ASN L 447 -62.69 -73.36 104.24
C ASN L 447 -63.17 -74.26 103.10
N ALA L 448 -62.76 -75.54 103.14
CA ALA L 448 -63.00 -76.59 102.11
C ALA L 448 -64.46 -76.58 101.62
N LYS L 449 -65.43 -76.59 102.55
CA LYS L 449 -66.89 -76.72 102.25
C LYS L 449 -67.44 -75.49 101.52
N ASP L 450 -66.80 -74.32 101.62
CA ASP L 450 -67.27 -73.06 100.97
C ASP L 450 -66.85 -73.00 99.49
N ILE L 451 -65.72 -73.62 99.12
CA ILE L 451 -65.15 -73.52 97.75
C ILE L 451 -65.64 -74.71 96.92
N GLN L 452 -66.41 -74.41 95.85
CA GLN L 452 -67.42 -75.33 95.24
C GLN L 452 -67.01 -75.75 93.82
N ILE L 453 -65.79 -75.42 93.40
CA ILE L 453 -65.06 -76.08 92.28
C ILE L 453 -63.67 -76.45 92.77
N PRO L 454 -62.97 -77.40 92.12
CA PRO L 454 -61.56 -77.62 92.40
C PRO L 454 -60.71 -76.38 92.07
N VAL L 455 -59.79 -76.03 92.97
CA VAL L 455 -58.76 -74.96 92.80
C VAL L 455 -57.40 -75.65 92.79
N TYR L 456 -56.61 -75.47 91.73
CA TYR L 456 -55.39 -76.26 91.47
C TYR L 456 -54.16 -75.53 92.04
N ASP L 457 -53.69 -76.02 93.19
CA ASP L 457 -52.37 -75.74 93.82
C ASP L 457 -51.29 -75.70 92.74
N THR L 458 -50.39 -74.73 92.80
CA THR L 458 -49.56 -74.30 91.66
C THR L 458 -48.18 -74.97 91.77
N PHE L 459 -47.96 -75.83 92.77
CA PHE L 459 -46.70 -76.59 92.99
C PHE L 459 -46.92 -78.07 92.70
N ASP L 460 -47.86 -78.70 93.42
CA ASP L 460 -48.22 -80.14 93.28
C ASP L 460 -49.04 -80.33 92.00
N GLY L 461 -50.04 -79.46 91.81
CA GLY L 461 -51.10 -79.60 90.78
C GLY L 461 -52.40 -80.13 91.37
N SER L 462 -52.36 -80.60 92.63
CA SER L 462 -53.49 -81.21 93.36
C SER L 462 -54.58 -80.17 93.62
N ASP L 463 -55.69 -80.60 94.22
CA ASP L 463 -56.83 -79.74 94.63
C ASP L 463 -56.56 -79.20 96.04
N LEU L 464 -56.80 -77.90 96.27
CA LEU L 464 -56.67 -77.25 97.60
C LEU L 464 -57.77 -77.76 98.55
N ARG L 465 -58.99 -77.96 98.04
CA ARG L 465 -60.18 -78.45 98.80
C ARG L 465 -59.83 -79.68 99.63
N VAL L 466 -58.88 -80.50 99.18
CA VAL L 466 -58.28 -81.66 99.91
C VAL L 466 -57.00 -81.21 100.63
N LEU L 467 -57.08 -80.78 101.89
CA LEU L 467 -55.91 -80.42 102.75
C LEU L 467 -56.28 -80.65 104.22
N SER L 468 -55.30 -81.08 105.02
CA SER L 468 -55.37 -81.12 106.50
C SER L 468 -55.25 -79.70 107.07
N GLY L 469 -54.18 -78.98 106.71
CA GLY L 469 -53.86 -77.63 107.23
C GLY L 469 -54.68 -76.52 106.59
N SER L 470 -54.41 -75.29 106.99
CA SER L 470 -55.08 -74.04 106.53
C SER L 470 -54.85 -73.87 105.02
N ILE L 471 -55.92 -73.55 104.31
CA ILE L 471 -55.89 -73.30 102.84
C ILE L 471 -55.17 -71.97 102.60
N SER L 472 -55.42 -70.97 103.47
CA SER L 472 -54.84 -69.61 103.39
C SER L 472 -53.32 -69.68 103.54
N GLU L 473 -52.83 -70.47 104.51
CA GLU L 473 -51.39 -70.66 104.80
C GLU L 473 -50.68 -71.26 103.59
N ARG L 474 -51.33 -72.21 102.91
CA ARG L 474 -50.76 -72.93 101.73
C ARG L 474 -50.64 -71.97 100.54
N ILE L 475 -51.69 -71.17 100.28
CA ILE L 475 -51.76 -70.16 99.17
C ILE L 475 -50.69 -69.08 99.37
N VAL L 476 -50.28 -68.84 100.62
CA VAL L 476 -49.14 -67.93 100.94
C VAL L 476 -47.83 -68.65 100.62
N ASP L 477 -47.61 -69.86 101.12
CA ASP L 477 -46.40 -70.67 100.80
C ASP L 477 -46.20 -70.65 99.28
N CYS L 478 -47.26 -70.89 98.51
CA CYS L 478 -47.21 -71.09 97.04
C CYS L 478 -46.75 -69.82 96.30
N ILE L 479 -46.95 -68.64 96.87
CA ILE L 479 -46.58 -67.32 96.27
C ILE L 479 -45.22 -66.86 96.81
N ILE L 480 -44.96 -67.08 98.11
CA ILE L 480 -43.75 -66.64 98.85
C ILE L 480 -42.62 -67.64 98.60
N ARG L 481 -42.80 -68.90 99.04
CA ARG L 481 -41.70 -69.87 99.26
C ARG L 481 -41.55 -70.75 98.01
N LEU L 482 -42.57 -71.56 97.71
CA LEU L 482 -42.52 -72.70 96.75
C LEU L 482 -42.43 -72.19 95.32
N PRO L 483 -41.79 -72.95 94.40
CA PRO L 483 -41.78 -72.62 92.98
C PRO L 483 -43.14 -72.90 92.31
N VAL L 484 -43.24 -72.60 91.02
CA VAL L 484 -44.48 -72.78 90.21
C VAL L 484 -44.19 -73.75 89.06
N LYS L 485 -44.50 -75.01 89.27
CA LYS L 485 -44.49 -76.01 88.18
C LYS L 485 -45.85 -75.87 87.46
N TRP L 486 -45.89 -75.04 86.43
CA TRP L 486 -47.12 -74.69 85.65
C TRP L 486 -47.60 -75.86 84.81
N GLU L 487 -46.70 -76.74 84.34
CA GLU L 487 -47.10 -77.94 83.55
C GLU L 487 -47.89 -78.90 84.45
N THR L 488 -47.37 -79.27 85.62
CA THR L 488 -48.06 -80.20 86.56
C THR L 488 -49.35 -79.56 87.10
N THR L 489 -49.42 -78.23 87.17
CA THR L 489 -50.62 -77.45 87.58
C THR L 489 -51.72 -77.63 86.53
N THR L 490 -51.38 -77.35 85.27
CA THR L 490 -52.34 -77.17 84.16
C THR L 490 -52.42 -78.53 83.42
N GLN L 491 -52.53 -79.60 84.20
CA GLN L 491 -52.50 -81.03 83.80
C GLN L 491 -53.93 -81.60 83.84
N PHE L 492 -54.89 -80.80 84.28
CA PHE L 492 -56.35 -81.00 84.11
C PHE L 492 -56.64 -81.11 82.60
N LYS L 493 -57.72 -81.80 82.22
CA LYS L 493 -58.21 -81.84 80.80
C LYS L 493 -59.50 -81.05 80.70
N ALA L 494 -59.68 -80.39 79.56
CA ALA L 494 -60.58 -79.24 79.40
C ALA L 494 -60.53 -78.79 77.94
N THR L 495 -61.68 -78.50 77.33
CA THR L 495 -61.75 -78.08 75.91
C THR L 495 -61.40 -76.60 75.81
N HIS L 496 -61.73 -75.82 76.85
CA HIS L 496 -61.57 -74.35 76.87
C HIS L 496 -60.89 -73.90 78.17
N ILE L 497 -60.25 -72.74 78.10
CA ILE L 497 -59.53 -72.07 79.23
C ILE L 497 -59.79 -70.57 79.11
N LEU L 498 -60.30 -69.94 80.17
CA LEU L 498 -60.57 -68.48 80.25
C LEU L 498 -59.42 -67.81 81.02
N ASP L 499 -58.69 -66.91 80.38
CA ASP L 499 -57.62 -66.11 81.01
C ASP L 499 -58.20 -64.73 81.35
N PHE L 500 -58.52 -64.52 82.63
CA PHE L 500 -58.98 -63.21 83.15
C PHE L 500 -57.79 -62.30 83.44
N GLY L 501 -56.59 -62.87 83.49
CA GLY L 501 -55.36 -62.22 83.98
C GLY L 501 -55.10 -60.89 83.31
N PRO L 502 -54.13 -60.11 83.82
CA PRO L 502 -53.66 -58.92 83.12
C PRO L 502 -52.72 -59.30 81.97
N GLY L 503 -52.63 -58.43 80.96
CA GLY L 503 -51.67 -58.54 79.83
C GLY L 503 -52.39 -58.80 78.51
N GLY L 504 -53.45 -59.62 78.53
CA GLY L 504 -54.18 -60.02 77.32
C GLY L 504 -53.36 -60.98 76.48
N ALA L 505 -52.99 -60.55 75.27
CA ALA L 505 -52.12 -61.28 74.32
C ALA L 505 -50.80 -61.63 75.00
N SER L 506 -50.21 -60.67 75.72
CA SER L 506 -48.91 -60.81 76.42
C SER L 506 -49.07 -61.68 77.67
N GLY L 507 -50.30 -61.94 78.12
CA GLY L 507 -50.58 -62.57 79.41
C GLY L 507 -50.30 -64.07 79.44
N LEU L 508 -50.82 -64.71 80.47
CA LEU L 508 -50.61 -66.13 80.82
C LEU L 508 -51.43 -67.03 79.92
N GLY L 509 -52.49 -66.49 79.30
CA GLY L 509 -53.34 -67.24 78.36
C GLY L 509 -52.52 -67.78 77.22
N VAL L 510 -51.90 -66.87 76.47
CA VAL L 510 -51.08 -67.21 75.27
C VAL L 510 -49.88 -68.09 75.67
N LEU L 511 -49.27 -67.86 76.82
CA LEU L 511 -48.18 -68.74 77.34
C LEU L 511 -48.71 -70.16 77.51
N THR L 512 -49.90 -70.32 78.10
CA THR L 512 -50.52 -71.65 78.32
C THR L 512 -50.86 -72.27 76.97
N HIS L 513 -51.41 -71.49 76.03
CA HIS L 513 -51.72 -71.95 74.66
C HIS L 513 -50.52 -72.70 74.05
N ARG L 514 -49.35 -72.05 74.04
CA ARG L 514 -48.10 -72.58 73.42
C ARG L 514 -47.65 -73.84 74.16
N ASN L 515 -47.87 -73.93 75.48
CA ASN L 515 -47.50 -75.15 76.25
C ASN L 515 -48.34 -76.32 75.75
N LYS L 516 -49.57 -76.08 75.29
CA LYS L 516 -50.47 -77.21 74.97
C LYS L 516 -51.26 -76.94 73.69
N ASP L 517 -50.55 -76.43 72.68
CA ASP L 517 -50.92 -76.57 71.25
C ASP L 517 -50.90 -78.04 70.90
N GLY L 518 -52.01 -78.58 70.39
CA GLY L 518 -52.15 -79.96 69.90
C GLY L 518 -52.57 -80.96 70.94
N THR L 519 -53.24 -80.54 72.03
CA THR L 519 -53.87 -81.42 73.05
C THR L 519 -55.41 -81.35 72.97
N GLY L 520 -55.95 -80.35 72.26
CA GLY L 520 -57.39 -80.19 72.02
C GLY L 520 -58.01 -79.18 72.96
N VAL L 521 -57.30 -78.09 73.21
CA VAL L 521 -57.63 -77.06 74.24
C VAL L 521 -57.58 -75.70 73.58
N ARG L 522 -58.63 -74.92 73.76
CA ARG L 522 -58.74 -73.55 73.20
C ARG L 522 -58.56 -72.59 74.38
N VAL L 523 -57.64 -71.65 74.27
CA VAL L 523 -57.53 -70.59 75.30
C VAL L 523 -58.36 -69.42 74.78
N ILE L 524 -59.09 -68.78 75.68
CA ILE L 524 -59.79 -67.49 75.40
C ILE L 524 -59.24 -66.45 76.37
N VAL L 525 -58.69 -65.39 75.81
CA VAL L 525 -58.17 -64.23 76.58
C VAL L 525 -59.38 -63.39 76.92
N ALA L 526 -59.95 -63.61 78.12
CA ALA L 526 -61.23 -63.03 78.58
C ALA L 526 -61.13 -61.53 78.81
N GLY L 527 -59.93 -60.96 78.79
CA GLY L 527 -59.65 -59.58 79.21
C GLY L 527 -59.61 -58.57 78.08
N THR L 528 -59.33 -58.99 76.85
CA THR L 528 -59.10 -58.08 75.70
C THR L 528 -60.02 -58.46 74.53
N LEU L 529 -60.46 -57.46 73.78
CA LEU L 529 -61.10 -57.64 72.46
C LEU L 529 -60.07 -57.25 71.40
N ASP L 530 -59.67 -58.22 70.58
CA ASP L 530 -58.87 -58.02 69.34
C ASP L 530 -59.22 -59.14 68.36
N ILE L 531 -58.43 -59.32 67.29
CA ILE L 531 -58.62 -60.40 66.28
C ILE L 531 -57.29 -61.13 66.05
N ASN L 532 -57.30 -62.44 66.31
CA ASN L 532 -56.17 -63.34 66.02
C ASN L 532 -56.21 -63.68 64.54
N PRO L 533 -55.21 -63.28 63.73
CA PRO L 533 -55.15 -63.73 62.33
C PRO L 533 -55.08 -65.26 62.21
N ASP L 534 -54.11 -65.90 62.89
CA ASP L 534 -53.93 -67.38 62.95
C ASP L 534 -55.22 -68.09 63.43
N ASP L 535 -55.98 -67.45 64.33
CA ASP L 535 -57.17 -68.04 65.02
C ASP L 535 -56.76 -69.29 65.81
N ASP L 536 -55.58 -69.27 66.44
CA ASP L 536 -55.05 -70.31 67.36
C ASP L 536 -55.83 -70.30 68.69
N TYR L 537 -56.02 -69.09 69.25
CA TYR L 537 -56.67 -68.82 70.55
C TYR L 537 -57.67 -67.68 70.36
N GLY L 538 -58.63 -67.58 71.27
CA GLY L 538 -59.77 -66.63 71.19
C GLY L 538 -59.53 -65.33 71.94
N PHE L 539 -60.37 -64.33 71.67
CA PHE L 539 -60.51 -63.09 72.48
C PHE L 539 -61.93 -63.07 73.11
N LYS L 540 -62.27 -62.01 73.88
CA LYS L 540 -63.55 -61.83 74.63
C LYS L 540 -64.78 -62.32 73.84
N GLN L 541 -64.91 -61.91 72.56
CA GLN L 541 -66.05 -62.27 71.67
C GLN L 541 -66.52 -63.70 71.96
N GLU L 542 -65.61 -64.68 71.81
CA GLU L 542 -65.91 -66.14 71.89
C GLU L 542 -66.76 -66.45 73.11
N ILE L 543 -66.64 -65.67 74.19
CA ILE L 543 -67.46 -65.84 75.41
C ILE L 543 -68.91 -65.53 75.03
N PHE L 544 -69.13 -64.35 74.46
CA PHE L 544 -70.45 -63.71 74.32
C PHE L 544 -71.18 -64.19 73.06
N ASP L 545 -70.45 -64.45 71.96
CA ASP L 545 -71.00 -64.78 70.62
C ASP L 545 -72.02 -65.93 70.76
N VAL L 546 -73.11 -65.83 69.99
CA VAL L 546 -74.37 -66.63 70.08
C VAL L 546 -74.41 -67.67 68.94
N THR L 547 -73.78 -67.35 67.80
CA THR L 547 -73.64 -68.22 66.59
C THR L 547 -72.67 -69.38 66.92
N SER L 548 -72.30 -70.20 65.93
CA SER L 548 -71.32 -71.31 66.11
C SER L 548 -69.88 -70.78 66.19
N ASN L 549 -69.66 -69.47 66.01
CA ASN L 549 -68.34 -68.79 66.13
C ASN L 549 -67.95 -68.52 67.59
N GLY L 550 -68.66 -69.08 68.58
CA GLY L 550 -68.29 -69.05 70.00
C GLY L 550 -67.73 -70.39 70.45
N LEU L 551 -68.32 -71.49 69.98
CA LEU L 551 -67.80 -72.86 70.18
C LEU L 551 -66.92 -73.23 68.99
N LYS L 552 -65.62 -72.95 69.11
CA LYS L 552 -64.54 -73.48 68.24
C LYS L 552 -63.68 -74.40 69.08
N LYS L 553 -63.24 -75.53 68.52
CA LYS L 553 -62.30 -76.47 69.18
C LYS L 553 -60.96 -76.40 68.45
N ASN L 554 -59.87 -76.66 69.17
CA ASN L 554 -58.48 -76.76 68.66
C ASN L 554 -58.14 -78.23 68.43
N PRO L 555 -57.25 -78.53 67.47
CA PRO L 555 -56.97 -79.91 67.07
C PRO L 555 -56.33 -80.73 68.21
N ASN L 556 -56.64 -82.03 68.26
CA ASN L 556 -56.02 -82.99 69.21
C ASN L 556 -55.21 -84.01 68.39
N TRP L 557 -54.03 -83.61 67.93
CA TRP L 557 -53.18 -84.37 66.99
C TRP L 557 -53.20 -85.89 67.28
N LEU L 558 -53.20 -86.32 68.54
CA LEU L 558 -53.20 -87.76 68.93
C LEU L 558 -54.50 -88.42 68.45
N GLU L 559 -55.60 -87.68 68.34
CA GLU L 559 -56.92 -88.21 67.90
C GLU L 559 -57.18 -87.96 66.41
N GLU L 560 -56.76 -86.81 65.88
CA GLU L 560 -56.88 -86.50 64.43
C GLU L 560 -56.14 -87.55 63.59
N TYR L 561 -54.93 -87.87 64.02
CA TYR L 561 -53.90 -88.60 63.24
C TYR L 561 -53.51 -89.91 63.94
N HIS L 562 -54.33 -90.37 64.87
CA HIS L 562 -54.21 -91.71 65.48
C HIS L 562 -54.06 -92.75 64.37
N PRO L 563 -53.00 -93.58 64.35
CA PRO L 563 -52.94 -94.70 63.42
C PRO L 563 -53.95 -95.81 63.77
N LYS L 564 -54.67 -96.31 62.77
CA LYS L 564 -55.72 -97.36 62.92
C LYS L 564 -55.28 -98.60 62.14
N LEU L 565 -56.05 -99.67 62.24
CA LEU L 565 -55.99 -100.83 61.32
C LEU L 565 -57.31 -100.90 60.55
N ILE L 566 -57.35 -101.73 59.52
CA ILE L 566 -58.49 -101.88 58.56
C ILE L 566 -58.18 -103.03 57.61
N LYS L 567 -59.22 -103.72 57.14
CA LYS L 567 -59.12 -104.98 56.34
C LYS L 567 -59.76 -104.81 54.95
N ASN L 568 -59.25 -105.58 53.98
CA ASN L 568 -59.86 -105.91 52.67
C ASN L 568 -61.02 -106.90 52.84
N LYS L 569 -61.84 -107.02 51.80
CA LYS L 569 -62.69 -108.20 51.48
C LYS L 569 -61.85 -109.50 51.50
N SER L 570 -60.61 -109.45 50.99
CA SER L 570 -59.59 -110.54 51.04
C SER L 570 -59.22 -110.86 52.48
N GLY L 571 -59.26 -109.87 53.37
CA GLY L 571 -58.81 -109.99 54.77
C GLY L 571 -57.30 -109.87 54.85
N LYS L 572 -56.80 -108.67 54.57
CA LYS L 572 -55.36 -108.30 54.58
C LYS L 572 -55.25 -106.95 55.26
N ILE L 573 -54.55 -106.89 56.39
CA ILE L 573 -54.59 -105.73 57.32
C ILE L 573 -53.61 -104.67 56.84
N PHE L 574 -53.97 -103.42 57.05
CA PHE L 574 -53.20 -102.21 56.68
C PHE L 574 -53.14 -101.27 57.88
N VAL L 575 -51.97 -100.73 58.14
CA VAL L 575 -51.86 -99.50 58.95
C VAL L 575 -52.54 -98.38 58.16
N GLU L 576 -53.67 -97.89 58.65
CA GLU L 576 -54.44 -96.79 58.00
C GLU L 576 -53.87 -95.46 58.50
N THR L 577 -53.40 -94.61 57.57
CA THR L 577 -52.96 -93.23 57.86
C THR L 577 -53.37 -92.31 56.70
N LYS L 578 -53.25 -91.02 56.91
CA LYS L 578 -53.50 -90.00 55.88
C LYS L 578 -52.90 -90.48 54.56
N PHE L 579 -51.68 -91.00 54.59
CA PHE L 579 -50.88 -91.32 53.39
C PHE L 579 -51.33 -92.67 52.81
N SER L 580 -51.47 -93.72 53.61
CA SER L 580 -51.85 -95.07 53.10
C SER L 580 -53.28 -95.06 52.55
N LYS L 581 -54.15 -94.24 53.12
CA LYS L 581 -55.55 -94.07 52.65
C LYS L 581 -55.58 -93.53 51.22
N LEU L 582 -54.59 -92.74 50.82
CA LEU L 582 -54.53 -92.15 49.47
C LEU L 582 -54.06 -93.20 48.48
N ILE L 583 -53.06 -94.01 48.84
CA ILE L 583 -52.34 -94.90 47.88
C ILE L 583 -52.84 -96.35 47.98
N GLY L 584 -53.58 -96.73 49.00
CA GLY L 584 -54.10 -98.10 49.08
C GLY L 584 -53.06 -99.14 49.38
N ARG L 585 -51.87 -98.71 49.74
CA ARG L 585 -50.72 -99.58 50.06
C ARG L 585 -50.19 -99.14 51.42
N PRO L 586 -49.42 -100.00 52.14
CA PRO L 586 -48.82 -99.64 53.43
C PRO L 586 -48.04 -98.33 53.43
N PRO L 587 -47.95 -97.62 54.56
CA PRO L 587 -47.39 -96.27 54.56
C PRO L 587 -45.86 -96.28 54.63
N LEU L 588 -45.22 -97.11 53.80
CA LEU L 588 -43.75 -97.32 53.71
C LEU L 588 -43.30 -97.07 52.29
N LEU L 589 -42.40 -96.11 52.04
CA LEU L 589 -41.82 -95.91 50.69
C LEU L 589 -40.31 -96.03 50.72
N VAL L 590 -39.77 -96.91 49.87
CA VAL L 590 -38.35 -96.93 49.42
C VAL L 590 -38.17 -95.69 48.56
N PRO L 591 -37.35 -94.71 48.93
CA PRO L 591 -37.26 -93.46 48.16
C PRO L 591 -36.27 -93.53 46.99
N GLY L 592 -36.18 -92.45 46.22
CA GLY L 592 -35.27 -92.35 45.06
C GLY L 592 -33.82 -92.31 45.50
N MET L 593 -33.08 -93.39 45.25
CA MET L 593 -31.62 -93.47 45.52
C MET L 593 -30.90 -93.67 44.19
N THR L 594 -29.84 -92.91 43.88
CA THR L 594 -29.25 -92.81 42.51
C THR L 594 -28.73 -94.14 42.01
N PRO L 595 -27.80 -94.82 42.70
CA PRO L 595 -27.42 -96.15 42.26
C PRO L 595 -28.60 -97.12 42.44
N CYS L 596 -29.32 -97.08 43.58
CA CYS L 596 -30.05 -98.27 44.12
C CYS L 596 -31.41 -98.49 43.46
N THR L 597 -32.15 -97.42 43.20
CA THR L 597 -33.51 -97.44 42.57
C THR L 597 -33.42 -96.89 41.15
N VAL L 598 -32.24 -96.94 40.55
CA VAL L 598 -32.03 -96.63 39.11
C VAL L 598 -32.46 -97.86 38.33
N SER L 599 -32.24 -99.05 38.89
CA SER L 599 -32.53 -100.34 38.22
C SER L 599 -34.03 -100.44 38.10
N PRO L 600 -34.59 -100.62 36.88
CA PRO L 600 -36.00 -101.03 36.77
C PRO L 600 -36.30 -102.46 37.29
N ASP L 601 -35.28 -103.29 37.54
CA ASP L 601 -35.48 -104.66 38.08
C ASP L 601 -35.74 -104.59 39.58
N PHE L 602 -35.23 -103.55 40.25
CA PHE L 602 -35.49 -103.28 41.68
C PHE L 602 -36.83 -102.59 41.85
N VAL L 603 -37.07 -101.53 41.07
CA VAL L 603 -38.36 -100.78 41.10
C VAL L 603 -39.51 -101.77 40.92
N ALA L 604 -39.37 -102.71 40.00
CA ALA L 604 -40.43 -103.70 39.70
C ALA L 604 -40.65 -104.63 40.90
N ALA L 605 -39.59 -105.18 41.47
CA ALA L 605 -39.64 -106.16 42.59
C ALA L 605 -40.32 -105.54 43.82
N THR L 606 -39.95 -104.30 44.15
CA THR L 606 -40.51 -103.53 45.29
C THR L 606 -41.98 -103.16 45.04
N THR L 607 -42.34 -102.80 43.82
CA THR L 607 -43.74 -102.51 43.42
C THR L 607 -44.57 -103.77 43.46
N ASN L 608 -44.03 -104.88 42.93
CA ASN L 608 -44.69 -106.20 42.91
C ASN L 608 -45.04 -106.55 44.35
N ALA L 609 -44.04 -106.45 45.24
CA ALA L 609 -44.13 -106.84 46.67
C ALA L 609 -45.37 -106.22 47.29
N GLY L 610 -45.51 -104.91 47.13
CA GLY L 610 -46.69 -104.12 47.52
C GLY L 610 -46.32 -102.85 48.27
N TYR L 611 -45.29 -102.13 47.82
CA TYR L 611 -44.68 -100.97 48.52
C TYR L 611 -44.25 -99.95 47.46
N THR L 612 -44.33 -98.67 47.81
CA THR L 612 -44.19 -97.50 46.91
C THR L 612 -42.70 -97.24 46.74
N ILE L 613 -42.27 -96.83 45.55
CA ILE L 613 -40.82 -96.69 45.22
C ILE L 613 -40.67 -95.67 44.10
N GLU L 614 -39.61 -94.87 44.17
CA GLU L 614 -39.28 -93.84 43.16
C GLU L 614 -38.22 -94.43 42.23
N LEU L 615 -38.42 -94.32 40.91
CA LEU L 615 -37.34 -94.50 39.92
C LEU L 615 -36.48 -93.26 39.98
N ALA L 616 -35.16 -93.39 39.87
CA ALA L 616 -34.20 -92.30 40.16
C ALA L 616 -33.74 -91.65 38.86
N GLY L 617 -34.16 -90.41 38.61
CA GLY L 617 -33.67 -89.59 37.48
C GLY L 617 -32.15 -89.53 37.45
N GLY L 618 -31.53 -89.41 38.63
CA GLY L 618 -30.09 -89.18 38.81
C GLY L 618 -29.20 -90.17 38.10
N GLY L 619 -29.70 -91.35 37.72
CA GLY L 619 -28.88 -92.31 36.95
C GLY L 619 -29.23 -92.38 35.48
N TYR L 620 -29.94 -91.37 34.95
CA TYR L 620 -30.43 -91.29 33.56
C TYR L 620 -30.01 -89.92 33.03
N PHE L 621 -29.69 -89.84 31.72
CA PHE L 621 -29.01 -88.66 31.10
C PHE L 621 -29.79 -88.07 29.92
N SER L 622 -31.02 -88.49 29.69
CA SER L 622 -31.81 -88.20 28.47
C SER L 622 -33.21 -88.83 28.57
N ALA L 623 -34.23 -88.23 27.96
CA ALA L 623 -35.60 -88.79 27.88
C ALA L 623 -35.55 -90.21 27.32
N ALA L 624 -34.81 -90.40 26.23
CA ALA L 624 -34.70 -91.68 25.52
C ALA L 624 -34.30 -92.75 26.53
N GLY L 625 -33.24 -92.46 27.31
CA GLY L 625 -32.62 -93.39 28.27
C GLY L 625 -33.57 -93.75 29.39
N MET L 626 -34.25 -92.74 29.95
CA MET L 626 -35.25 -92.92 31.02
C MET L 626 -36.48 -93.62 30.45
N THR L 627 -37.08 -93.15 29.37
CA THR L 627 -38.24 -93.84 28.70
C THR L 627 -37.97 -95.36 28.56
N ALA L 628 -36.79 -95.77 28.15
CA ALA L 628 -36.41 -97.20 28.03
C ALA L 628 -36.52 -97.89 29.39
N ALA L 629 -36.16 -97.16 30.45
CA ALA L 629 -36.15 -97.63 31.86
C ALA L 629 -37.59 -97.79 32.36
N ILE L 630 -38.37 -96.71 32.29
CA ILE L 630 -39.82 -96.66 32.63
C ILE L 630 -40.56 -97.77 31.88
N ASP L 631 -40.24 -98.02 30.61
CA ASP L 631 -40.90 -99.07 29.78
C ASP L 631 -40.53 -100.44 30.34
N SER L 632 -39.28 -100.64 30.73
CA SER L 632 -38.79 -101.90 31.34
C SER L 632 -39.50 -102.16 32.68
N VAL L 633 -39.85 -101.10 33.44
CA VAL L 633 -40.64 -101.19 34.71
C VAL L 633 -42.06 -101.66 34.35
N VAL L 634 -42.80 -100.86 33.56
CA VAL L 634 -44.20 -101.15 33.11
C VAL L 634 -44.32 -102.59 32.60
N SER L 635 -43.31 -103.13 31.90
CA SER L 635 -43.30 -104.52 31.37
C SER L 635 -43.30 -105.57 32.48
N GLN L 636 -42.83 -105.23 33.69
CA GLN L 636 -42.52 -106.22 34.77
C GLN L 636 -43.56 -106.17 35.89
N ILE L 637 -44.09 -104.99 36.21
CA ILE L 637 -45.12 -104.79 37.27
C ILE L 637 -46.44 -105.38 36.80
N GLU L 638 -47.39 -105.58 37.73
CA GLU L 638 -48.75 -106.12 37.47
C GLU L 638 -49.68 -105.02 36.98
N LYS L 639 -50.60 -105.37 36.08
CA LYS L 639 -51.77 -104.55 35.69
C LYS L 639 -52.31 -103.84 36.92
N GLY L 640 -52.32 -102.51 36.93
CA GLY L 640 -52.91 -101.70 38.02
C GLY L 640 -51.85 -101.08 38.91
N SER L 641 -50.66 -101.68 38.99
CA SER L 641 -49.52 -101.15 39.80
C SER L 641 -49.17 -99.74 39.33
N THR L 642 -48.48 -99.01 40.20
CA THR L 642 -47.87 -97.69 39.89
C THR L 642 -46.43 -97.67 40.41
N PHE L 643 -45.78 -96.53 40.27
CA PHE L 643 -44.47 -96.18 40.89
C PHE L 643 -44.26 -94.69 40.71
N GLY L 644 -43.16 -94.13 41.17
CA GLY L 644 -42.92 -92.68 41.00
C GLY L 644 -41.55 -92.40 40.44
N ILE L 645 -41.13 -91.15 40.53
CA ILE L 645 -39.92 -90.60 39.87
C ILE L 645 -39.32 -89.51 40.78
N ASN L 646 -38.03 -89.64 41.08
CA ASN L 646 -37.20 -88.65 41.81
C ASN L 646 -36.46 -87.85 40.76
N LEU L 647 -36.43 -86.53 40.88
CA LEU L 647 -35.69 -85.61 39.98
C LEU L 647 -34.92 -84.64 40.87
N ILE L 648 -33.62 -84.57 40.69
CA ILE L 648 -32.74 -83.77 41.56
C ILE L 648 -32.91 -82.32 41.12
N TYR L 649 -33.29 -81.42 42.05
CA TYR L 649 -33.71 -80.02 41.76
C TYR L 649 -32.51 -79.18 41.38
N VAL L 650 -31.36 -79.55 41.91
CA VAL L 650 -30.06 -78.85 41.75
C VAL L 650 -29.37 -79.31 40.46
N ASN L 651 -30.08 -80.00 39.55
CA ASN L 651 -29.58 -80.51 38.25
C ASN L 651 -30.52 -79.98 37.17
N PRO L 652 -30.26 -78.77 36.65
CA PRO L 652 -31.20 -78.08 35.79
C PRO L 652 -31.47 -78.80 34.48
N PHE L 653 -30.53 -79.64 34.06
CA PHE L 653 -30.61 -80.39 32.79
C PHE L 653 -31.65 -81.50 32.92
N MET L 654 -31.58 -82.31 33.98
CA MET L 654 -32.57 -83.40 34.21
C MET L 654 -34.00 -82.84 34.32
N LEU L 655 -34.17 -81.70 34.97
CA LEU L 655 -35.46 -80.96 35.02
C LEU L 655 -35.91 -80.55 33.62
N GLN L 656 -34.98 -80.18 32.75
CA GLN L 656 -35.34 -79.62 31.42
C GLN L 656 -35.87 -80.73 30.51
N TRP L 657 -35.35 -81.96 30.58
CA TRP L 657 -35.83 -83.08 29.74
C TRP L 657 -36.88 -83.92 30.45
N GLY L 658 -36.87 -83.91 31.79
CA GLY L 658 -37.56 -84.91 32.62
C GLY L 658 -38.96 -84.48 32.99
N ILE L 659 -39.16 -83.21 33.29
CA ILE L 659 -40.53 -82.66 33.52
C ILE L 659 -41.36 -82.85 32.24
N PRO L 660 -40.94 -82.35 31.05
CA PRO L 660 -41.65 -82.65 29.82
C PRO L 660 -41.91 -84.14 29.53
N LEU L 661 -40.98 -85.01 29.92
CA LEU L 661 -41.08 -86.48 29.73
C LEU L 661 -42.22 -87.05 30.57
N ILE L 662 -42.46 -86.49 31.75
CA ILE L 662 -43.54 -87.00 32.66
C ILE L 662 -44.86 -86.55 32.04
N LYS L 663 -45.01 -85.25 31.85
CA LYS L 663 -46.18 -84.61 31.19
C LYS L 663 -46.56 -85.41 29.95
N GLU L 664 -45.60 -85.87 29.17
CA GLU L 664 -45.85 -86.66 27.93
C GLU L 664 -46.38 -88.05 28.29
N LEU L 665 -45.66 -88.78 29.12
CA LEU L 665 -45.96 -90.19 29.50
C LEU L 665 -47.24 -90.23 30.33
N ARG L 666 -47.53 -89.18 31.07
CA ARG L 666 -48.71 -89.08 31.96
C ARG L 666 -49.95 -88.76 31.10
N SER L 667 -49.79 -88.02 30.00
CA SER L 667 -50.84 -87.76 28.97
C SER L 667 -51.09 -89.00 28.10
N LYS L 668 -50.20 -89.99 28.06
CA LYS L 668 -50.45 -91.30 27.38
C LYS L 668 -50.96 -92.33 28.36
N GLY L 669 -51.15 -91.92 29.62
CA GLY L 669 -51.62 -92.76 30.74
C GLY L 669 -50.60 -93.79 31.18
N TYR L 670 -49.31 -93.45 31.31
CA TYR L 670 -48.31 -94.33 31.96
C TYR L 670 -48.59 -94.31 33.47
N PRO L 671 -48.40 -95.44 34.18
CA PRO L 671 -48.73 -95.53 35.60
C PRO L 671 -47.72 -94.85 36.53
N ILE L 672 -47.55 -93.55 36.40
CA ILE L 672 -46.64 -92.73 37.24
C ILE L 672 -47.52 -92.01 38.25
N GLN L 673 -47.57 -92.55 39.47
CA GLN L 673 -48.51 -92.11 40.52
C GLN L 673 -48.05 -90.74 41.05
N PHE L 674 -46.75 -90.47 41.11
CA PHE L 674 -46.24 -89.26 41.78
C PHE L 674 -44.80 -88.94 41.35
N LEU L 675 -44.35 -87.76 41.73
CA LEU L 675 -43.04 -87.19 41.40
C LEU L 675 -42.51 -86.56 42.66
N THR L 676 -41.41 -87.09 43.17
CA THR L 676 -40.65 -86.51 44.29
C THR L 676 -39.55 -85.62 43.71
N ILE L 677 -39.53 -84.35 44.07
CA ILE L 677 -38.38 -83.46 43.74
C ILE L 677 -37.44 -83.46 44.92
N GLY L 678 -36.28 -84.10 44.75
CA GLY L 678 -35.17 -84.18 45.71
C GLY L 678 -34.21 -83.00 45.61
N ALA L 679 -33.33 -82.87 46.59
CA ALA L 679 -32.16 -81.96 46.61
C ALA L 679 -32.56 -80.49 46.64
N GLY L 680 -33.79 -80.17 47.02
CA GLY L 680 -34.32 -78.79 46.96
C GLY L 680 -35.84 -78.78 47.04
N VAL L 681 -36.41 -77.60 47.24
CA VAL L 681 -37.87 -77.35 47.09
C VAL L 681 -38.05 -76.29 46.02
N PRO L 682 -38.84 -76.55 44.96
CA PRO L 682 -39.08 -75.56 43.92
C PRO L 682 -39.76 -74.29 44.45
N SER L 683 -39.78 -73.22 43.63
CA SER L 683 -40.47 -71.95 43.93
C SER L 683 -41.99 -72.17 43.76
N LEU L 684 -42.82 -71.26 44.25
CA LEU L 684 -44.30 -71.39 44.11
C LEU L 684 -44.65 -71.50 42.62
N GLU L 685 -44.11 -70.62 41.78
CA GLU L 685 -44.52 -70.52 40.36
C GLU L 685 -44.14 -71.81 39.63
N VAL L 686 -42.98 -72.41 39.96
CA VAL L 686 -42.55 -73.71 39.36
C VAL L 686 -43.54 -74.78 39.85
N ALA L 687 -43.53 -75.09 41.15
CA ALA L 687 -44.33 -76.14 41.82
C ALA L 687 -45.79 -76.09 41.33
N SER L 688 -46.35 -74.89 41.20
CA SER L 688 -47.69 -74.62 40.59
C SER L 688 -47.80 -75.27 39.22
N GLU L 689 -46.76 -75.20 38.38
CA GLU L 689 -46.73 -75.82 37.03
C GLU L 689 -46.64 -77.35 37.15
N TYR L 690 -45.88 -77.90 38.10
CA TYR L 690 -45.81 -79.36 38.36
C TYR L 690 -47.18 -79.86 38.84
N ILE L 691 -47.84 -79.07 39.68
CA ILE L 691 -49.10 -79.48 40.38
C ILE L 691 -50.26 -79.52 39.38
N GLU L 692 -50.32 -78.57 38.44
CA GLU L 692 -51.46 -78.41 37.49
C GLU L 692 -51.22 -79.24 36.23
N THR L 693 -50.00 -79.26 35.70
CA THR L 693 -49.67 -79.57 34.28
C THR L 693 -49.37 -81.07 34.05
N LEU L 694 -48.71 -81.71 35.00
CA LEU L 694 -48.41 -83.18 35.01
C LEU L 694 -49.57 -83.82 35.76
N GLY L 695 -50.26 -84.77 35.17
CA GLY L 695 -51.48 -85.33 35.78
C GLY L 695 -51.11 -86.27 36.89
N LEU L 696 -50.61 -85.73 38.01
CA LEU L 696 -50.05 -86.55 39.11
C LEU L 696 -51.07 -86.66 40.25
N LYS L 697 -51.00 -87.74 41.00
CA LYS L 697 -51.83 -87.95 42.21
C LYS L 697 -51.28 -87.10 43.36
N TYR L 698 -49.97 -87.09 43.58
CA TYR L 698 -49.32 -86.26 44.62
C TYR L 698 -47.88 -85.87 44.28
N LEU L 699 -47.40 -84.78 44.86
CA LEU L 699 -46.00 -84.28 44.71
C LEU L 699 -45.24 -84.53 46.00
N GLY L 700 -44.12 -85.22 45.93
CA GLY L 700 -43.15 -85.38 47.03
C GLY L 700 -42.21 -84.17 47.11
N LEU L 701 -41.95 -83.66 48.29
CA LEU L 701 -40.96 -82.59 48.50
C LEU L 701 -40.09 -82.92 49.69
N LYS L 702 -38.76 -82.82 49.55
CA LYS L 702 -37.77 -83.13 50.62
C LYS L 702 -37.08 -81.85 51.07
N PRO L 703 -37.66 -81.09 52.02
CA PRO L 703 -36.99 -79.92 52.56
C PRO L 703 -35.89 -80.30 53.55
N GLY L 704 -34.79 -79.56 53.53
CA GLY L 704 -33.61 -79.82 54.38
C GLY L 704 -33.79 -79.19 55.74
N SER L 705 -34.23 -77.93 55.74
CA SER L 705 -34.17 -76.98 56.87
C SER L 705 -35.59 -76.55 57.24
N ILE L 706 -35.74 -75.65 58.22
CA ILE L 706 -37.02 -74.98 58.59
C ILE L 706 -37.50 -74.10 57.43
N ASP L 707 -36.62 -73.30 56.83
CA ASP L 707 -36.99 -72.32 55.77
C ASP L 707 -37.61 -73.06 54.58
N ALA L 708 -37.16 -74.29 54.32
CA ALA L 708 -37.68 -75.15 53.25
C ALA L 708 -39.04 -75.74 53.63
N ILE L 709 -39.22 -76.18 54.88
CA ILE L 709 -40.54 -76.66 55.39
C ILE L 709 -41.56 -75.53 55.21
N SER L 710 -41.19 -74.30 55.55
CA SER L 710 -42.00 -73.08 55.31
C SER L 710 -42.36 -72.95 53.82
N GLN L 711 -41.43 -73.22 52.92
CA GLN L 711 -41.65 -73.14 51.46
C GLN L 711 -42.64 -74.22 51.01
N VAL L 712 -42.62 -75.41 51.62
CA VAL L 712 -43.58 -76.52 51.31
C VAL L 712 -45.00 -76.11 51.73
N ILE L 713 -45.19 -75.78 53.00
CA ILE L 713 -46.44 -75.18 53.56
C ILE L 713 -47.05 -74.15 52.58
N ASN L 714 -46.25 -73.20 52.09
CA ASN L 714 -46.70 -72.15 51.15
C ASN L 714 -47.20 -72.77 49.82
N ILE L 715 -46.63 -73.89 49.37
CA ILE L 715 -47.05 -74.59 48.12
C ILE L 715 -48.38 -75.32 48.36
N ALA L 716 -48.54 -75.95 49.53
CA ALA L 716 -49.77 -76.66 49.95
C ALA L 716 -50.91 -75.67 50.30
N LYS L 717 -50.58 -74.41 50.56
CA LYS L 717 -51.58 -73.34 50.81
C LYS L 717 -52.17 -72.91 49.46
N ALA L 718 -51.28 -72.76 48.48
CA ALA L 718 -51.56 -72.35 47.09
C ALA L 718 -52.43 -73.36 46.36
N HIS L 719 -52.36 -74.65 46.75
CA HIS L 719 -53.10 -75.76 46.09
C HIS L 719 -53.70 -76.64 47.16
N PRO L 720 -54.77 -76.15 47.83
CA PRO L 720 -55.22 -76.77 49.07
C PRO L 720 -55.86 -78.14 48.89
N ASN L 721 -56.21 -78.51 47.68
CA ASN L 721 -56.85 -79.83 47.39
C ASN L 721 -55.79 -80.84 46.98
N PHE L 722 -54.68 -80.38 46.40
CA PHE L 722 -53.61 -81.27 45.86
C PHE L 722 -52.82 -81.89 47.01
N PRO L 723 -52.71 -83.22 47.08
CA PRO L 723 -51.89 -83.87 48.11
C PRO L 723 -50.39 -83.64 47.93
N ILE L 724 -49.66 -83.51 49.04
CA ILE L 724 -48.24 -83.08 49.05
C ILE L 724 -47.48 -83.86 50.11
N ALA L 725 -46.71 -84.87 49.72
CA ALA L 725 -45.96 -85.75 50.66
C ALA L 725 -44.69 -85.00 51.09
N LEU L 726 -44.61 -84.59 52.35
CA LEU L 726 -43.50 -83.78 52.86
C LEU L 726 -42.56 -84.80 53.47
N GLN L 727 -41.47 -85.13 52.75
CA GLN L 727 -40.55 -86.22 53.15
C GLN L 727 -39.46 -85.55 53.98
N TRP L 728 -39.64 -85.55 55.29
CA TRP L 728 -38.71 -84.96 56.25
C TRP L 728 -37.63 -85.98 56.54
N THR L 729 -36.39 -85.50 56.52
CA THR L 729 -35.16 -86.29 56.58
C THR L 729 -34.18 -85.48 57.43
N GLY L 730 -33.50 -86.10 58.37
CA GLY L 730 -32.44 -85.41 59.11
C GLY L 730 -31.06 -85.67 58.51
N GLY L 731 -30.09 -84.85 58.90
CA GLY L 731 -28.69 -84.99 58.48
C GLY L 731 -28.16 -86.40 58.68
N ARG L 732 -28.77 -87.19 59.57
CA ARG L 732 -28.25 -88.55 59.92
C ARG L 732 -28.54 -89.54 58.80
N GLY L 733 -29.13 -89.08 57.69
CA GLY L 733 -29.52 -89.96 56.58
C GLY L 733 -28.35 -90.24 55.67
N GLY L 734 -28.34 -91.43 55.07
CA GLY L 734 -27.37 -91.81 54.04
C GLY L 734 -27.51 -90.98 52.78
N GLY L 735 -26.42 -90.81 52.03
CA GLY L 735 -26.39 -90.06 50.77
C GLY L 735 -26.06 -88.62 51.05
N HIS L 736 -26.48 -87.71 50.17
CA HIS L 736 -26.36 -86.25 50.37
C HIS L 736 -27.21 -85.89 51.58
N HIS L 737 -26.66 -85.19 52.56
CA HIS L 737 -27.40 -84.88 53.80
C HIS L 737 -27.21 -83.43 54.25
N SER L 738 -28.14 -82.97 55.08
CA SER L 738 -28.16 -81.63 55.72
C SER L 738 -27.32 -81.68 56.98
N PHE L 739 -27.21 -80.54 57.66
CA PHE L 739 -26.56 -80.43 58.98
C PHE L 739 -27.60 -80.42 60.10
N GLU L 740 -28.82 -80.89 59.82
CA GLU L 740 -30.00 -80.71 60.70
C GLU L 740 -30.22 -81.96 61.57
N ASP L 741 -30.70 -81.72 62.79
CA ASP L 741 -31.26 -82.74 63.72
C ASP L 741 -32.55 -83.29 63.12
N ALA L 742 -32.90 -84.55 63.40
CA ALA L 742 -34.13 -85.19 62.89
C ALA L 742 -35.34 -84.66 63.66
N HIS L 743 -35.19 -84.30 64.93
CA HIS L 743 -36.33 -84.03 65.84
C HIS L 743 -36.61 -82.53 65.94
N THR L 744 -35.65 -81.74 66.37
CA THR L 744 -35.80 -80.29 66.65
C THR L 744 -36.64 -79.58 65.58
N PRO L 745 -36.35 -79.69 64.27
CA PRO L 745 -37.13 -78.93 63.29
C PRO L 745 -38.57 -79.42 63.15
N MET L 746 -38.85 -80.70 63.46
CA MET L 746 -40.23 -81.22 63.42
C MET L 746 -41.03 -80.65 64.58
N LEU L 747 -40.45 -80.63 65.78
CA LEU L 747 -41.09 -80.07 66.99
C LEU L 747 -41.45 -78.60 66.74
N GLN L 748 -40.61 -77.86 66.02
CA GLN L 748 -40.85 -76.41 65.77
C GLN L 748 -41.94 -76.19 64.71
N MET L 749 -42.11 -77.09 63.74
CA MET L 749 -42.93 -76.89 62.52
C MET L 749 -44.15 -77.81 62.44
N TYR L 750 -44.22 -78.87 63.22
CA TYR L 750 -45.31 -79.87 63.13
C TYR L 750 -46.67 -79.18 63.20
N SER L 751 -46.88 -78.37 64.24
CA SER L 751 -48.12 -77.57 64.46
C SER L 751 -48.50 -76.84 63.17
N LYS L 752 -47.56 -76.12 62.57
CA LYS L 752 -47.80 -75.33 61.33
C LYS L 752 -48.13 -76.26 60.17
N ILE L 753 -47.47 -77.41 60.09
CA ILE L 753 -47.66 -78.38 58.97
C ILE L 753 -49.09 -78.93 59.04
N ARG L 754 -49.53 -79.39 60.21
CA ARG L 754 -50.85 -80.04 60.41
C ARG L 754 -52.03 -79.06 60.20
N ARG L 755 -51.79 -77.74 60.14
CA ARG L 755 -52.81 -76.73 59.75
C ARG L 755 -53.28 -76.96 58.31
N HIS L 756 -52.51 -77.71 57.51
CA HIS L 756 -52.80 -77.95 56.08
C HIS L 756 -53.11 -79.43 55.86
N PRO L 757 -54.38 -79.83 55.66
CA PRO L 757 -54.74 -81.25 55.64
C PRO L 757 -54.22 -81.97 54.40
N ASN L 758 -53.89 -81.24 53.33
CA ASN L 758 -53.37 -81.85 52.08
C ASN L 758 -51.91 -82.28 52.26
N ILE L 759 -51.18 -81.76 53.26
CA ILE L 759 -49.81 -82.23 53.56
C ILE L 759 -49.86 -83.56 54.33
N MET L 760 -49.34 -84.62 53.70
CA MET L 760 -49.16 -85.94 54.29
C MET L 760 -47.68 -86.03 54.69
N LEU L 761 -47.40 -86.24 55.97
CA LEU L 761 -46.09 -85.96 56.61
C LEU L 761 -45.33 -87.26 56.85
N ILE L 762 -44.24 -87.46 56.09
CA ILE L 762 -43.48 -88.74 56.06
C ILE L 762 -42.09 -88.54 56.68
N PHE L 763 -41.77 -89.35 57.68
CA PHE L 763 -40.50 -89.31 58.43
C PHE L 763 -39.55 -90.37 57.87
N GLY L 764 -38.35 -89.95 57.49
CA GLY L 764 -37.26 -90.89 57.21
C GLY L 764 -35.95 -90.43 57.81
N SER L 765 -34.93 -91.28 57.62
CA SER L 765 -33.53 -91.12 58.10
C SER L 765 -33.38 -91.92 59.37
N GLY L 766 -32.69 -93.05 59.28
CA GLY L 766 -32.25 -93.84 60.43
C GLY L 766 -33.33 -94.75 60.92
N PHE L 767 -33.96 -95.49 60.01
CA PHE L 767 -35.00 -96.50 60.33
C PHE L 767 -34.66 -97.82 59.69
N GLY L 768 -35.07 -98.91 60.34
CA GLY L 768 -34.72 -100.27 59.88
C GLY L 768 -35.73 -101.33 60.28
N SER L 769 -36.46 -101.12 61.37
CA SER L 769 -37.46 -102.09 61.89
C SER L 769 -38.71 -101.34 62.32
N ALA L 770 -39.75 -102.09 62.71
CA ALA L 770 -40.99 -101.56 63.32
C ALA L 770 -40.66 -100.85 64.63
N ASP L 771 -39.68 -101.38 65.37
CA ASP L 771 -39.46 -101.11 66.81
C ASP L 771 -39.00 -99.65 66.98
N ASP L 772 -38.09 -99.20 66.12
CA ASP L 772 -37.53 -97.82 66.18
C ASP L 772 -38.47 -96.85 65.47
N THR L 773 -39.34 -97.36 64.60
CA THR L 773 -40.22 -96.51 63.75
C THR L 773 -41.63 -96.46 64.34
N TYR L 774 -41.95 -97.31 65.33
CA TYR L 774 -43.28 -97.35 66.01
C TYR L 774 -43.53 -96.10 66.85
N PRO L 775 -42.57 -95.60 67.66
CA PRO L 775 -42.79 -94.35 68.37
C PRO L 775 -43.20 -93.16 67.51
N TYR L 776 -42.92 -93.18 66.20
CA TYR L 776 -43.24 -92.06 65.27
C TYR L 776 -44.64 -92.28 64.68
N LEU L 777 -45.07 -93.54 64.60
CA LEU L 777 -46.43 -93.87 64.12
C LEU L 777 -47.43 -93.40 65.16
N THR L 778 -47.12 -93.67 66.43
CA THR L 778 -48.02 -93.53 67.60
C THR L 778 -48.02 -92.11 68.12
N GLY L 779 -47.01 -91.30 67.80
CA GLY L 779 -46.88 -89.91 68.27
C GLY L 779 -46.02 -89.78 69.53
N GLU L 780 -45.68 -90.90 70.19
CA GLU L 780 -45.06 -90.91 71.54
C GLU L 780 -43.58 -90.48 71.49
N TRP L 781 -42.93 -90.47 70.31
CA TRP L 781 -41.54 -89.95 70.18
C TRP L 781 -41.41 -88.55 70.79
N SER L 782 -42.40 -87.69 70.61
CA SER L 782 -42.32 -86.25 70.97
C SER L 782 -42.63 -86.04 72.45
N THR L 783 -43.11 -87.08 73.14
CA THR L 783 -43.32 -87.10 74.62
C THR L 783 -41.96 -86.94 75.31
N LYS L 784 -40.92 -87.64 74.83
CA LYS L 784 -39.52 -87.63 75.36
C LYS L 784 -38.97 -86.21 75.50
N PHE L 785 -39.44 -85.27 74.68
CA PHE L 785 -38.95 -83.87 74.65
C PHE L 785 -39.98 -82.92 75.33
N ASP L 786 -40.92 -83.46 76.13
CA ASP L 786 -41.94 -82.69 76.88
C ASP L 786 -42.89 -81.94 75.94
N TYR L 787 -43.13 -82.45 74.72
CA TYR L 787 -44.20 -81.96 73.83
C TYR L 787 -45.38 -82.93 73.91
N PRO L 788 -46.57 -82.55 73.39
CA PRO L 788 -47.68 -83.50 73.30
C PRO L 788 -47.45 -84.47 72.16
N PRO L 789 -48.15 -85.61 72.11
CA PRO L 789 -48.00 -86.56 71.00
C PRO L 789 -48.22 -85.93 69.62
N MET L 790 -47.51 -86.45 68.62
CA MET L 790 -47.20 -85.74 67.35
C MET L 790 -46.99 -86.75 66.24
N PRO L 791 -48.01 -87.53 65.84
CA PRO L 791 -47.78 -88.70 64.99
C PRO L 791 -47.65 -88.41 63.50
N PHE L 792 -46.92 -89.29 62.81
CA PHE L 792 -46.44 -89.20 61.41
C PHE L 792 -47.24 -90.17 60.54
N ASP L 793 -47.47 -89.80 59.28
CA ASP L 793 -48.38 -90.54 58.35
C ASP L 793 -47.66 -91.64 57.59
N GLY L 794 -46.35 -91.78 57.69
CA GLY L 794 -45.60 -92.93 57.11
C GLY L 794 -44.11 -92.67 57.07
N PHE L 795 -43.34 -93.63 56.58
CA PHE L 795 -41.86 -93.70 56.73
C PHE L 795 -41.18 -93.97 55.42
N LEU L 796 -39.91 -93.56 55.30
CA LEU L 796 -39.04 -93.97 54.17
C LEU L 796 -37.73 -94.57 54.68
N PHE L 797 -37.32 -95.64 54.00
CA PHE L 797 -36.17 -96.49 54.31
C PHE L 797 -35.26 -96.55 53.09
N GLY L 798 -34.21 -95.73 53.05
CA GLY L 798 -33.18 -95.80 52.00
C GLY L 798 -32.13 -96.84 52.34
N SER L 799 -31.13 -96.39 53.12
CA SER L 799 -29.98 -97.15 53.65
C SER L 799 -30.38 -98.59 53.99
N ARG L 800 -31.52 -98.79 54.64
CA ARG L 800 -31.99 -100.11 55.11
C ARG L 800 -31.94 -101.16 53.99
N VAL L 801 -32.23 -100.74 52.76
CA VAL L 801 -32.83 -101.62 51.72
C VAL L 801 -31.76 -101.88 50.65
N MET L 802 -30.51 -101.47 50.93
CA MET L 802 -29.37 -101.47 49.98
C MET L 802 -28.73 -102.86 49.88
N ILE L 803 -29.15 -103.80 50.71
CA ILE L 803 -28.56 -105.17 50.72
C ILE L 803 -29.65 -106.18 50.37
N ALA L 804 -30.84 -105.73 50.02
CA ALA L 804 -31.95 -106.61 49.61
C ALA L 804 -31.47 -107.52 48.48
N LYS L 805 -31.99 -108.75 48.42
CA LYS L 805 -31.72 -109.81 47.39
C LYS L 805 -31.59 -109.20 45.98
N GLU L 806 -32.47 -108.27 45.60
CA GLU L 806 -32.68 -107.86 44.19
C GLU L 806 -32.42 -106.36 44.00
N VAL L 807 -31.37 -105.84 44.64
CA VAL L 807 -30.68 -104.61 44.15
C VAL L 807 -29.41 -105.05 43.43
N LYS L 808 -28.75 -104.09 42.79
CA LYS L 808 -27.64 -104.35 41.85
C LYS L 808 -26.28 -104.06 42.51
N THR L 809 -26.27 -103.41 43.69
CA THR L 809 -25.10 -103.32 44.61
C THR L 809 -24.31 -104.63 44.55
N SER L 810 -23.04 -104.57 44.14
CA SER L 810 -22.18 -105.75 43.88
C SER L 810 -22.01 -106.55 45.16
N PRO L 811 -21.95 -107.90 45.12
CA PRO L 811 -21.87 -108.69 46.34
C PRO L 811 -20.85 -108.20 47.39
N ASP L 812 -19.64 -107.85 46.95
CA ASP L 812 -18.52 -107.41 47.84
C ASP L 812 -18.91 -106.13 48.57
N ALA L 813 -19.72 -105.28 47.94
CA ALA L 813 -20.19 -103.98 48.49
C ALA L 813 -21.22 -104.23 49.59
N LYS L 814 -22.14 -105.18 49.36
CA LYS L 814 -23.13 -105.64 50.35
C LYS L 814 -22.40 -106.16 51.60
N LYS L 815 -21.38 -107.03 51.44
CA LYS L 815 -20.51 -107.51 52.56
C LYS L 815 -19.93 -106.32 53.34
N CYS L 816 -19.44 -105.34 52.60
CA CYS L 816 -18.88 -104.07 53.12
C CYS L 816 -19.97 -103.29 53.90
N ILE L 817 -21.22 -103.27 53.41
CA ILE L 817 -22.39 -102.60 54.09
C ILE L 817 -22.74 -103.35 55.38
N ALA L 818 -22.87 -104.67 55.30
CA ALA L 818 -23.23 -105.55 56.44
C ALA L 818 -22.20 -105.42 57.57
N ALA L 819 -20.95 -105.08 57.24
CA ALA L 819 -19.80 -104.95 58.19
C ALA L 819 -19.89 -103.65 58.99
N CYS L 820 -20.34 -102.55 58.38
CA CYS L 820 -20.57 -101.25 59.06
C CYS L 820 -21.50 -101.47 60.25
N THR L 821 -20.97 -101.27 61.46
CA THR L 821 -21.71 -101.53 62.72
C THR L 821 -22.78 -100.45 62.85
N GLY L 822 -22.40 -99.24 62.47
CA GLY L 822 -23.22 -98.03 62.69
C GLY L 822 -23.11 -97.55 64.12
N VAL L 823 -24.03 -96.69 64.50
CA VAL L 823 -23.96 -95.87 65.74
C VAL L 823 -25.36 -95.31 65.98
N PRO L 824 -25.86 -95.15 67.23
CA PRO L 824 -27.17 -94.55 67.44
C PRO L 824 -27.23 -93.04 67.12
N ASP L 825 -28.42 -92.42 67.17
CA ASP L 825 -28.65 -91.01 66.76
C ASP L 825 -27.83 -90.04 67.64
N ASP L 826 -27.53 -90.39 68.90
CA ASP L 826 -26.77 -89.51 69.82
C ASP L 826 -25.41 -89.12 69.22
N LYS L 827 -24.79 -90.01 68.45
CA LYS L 827 -23.34 -89.96 68.07
C LYS L 827 -23.11 -89.69 66.57
N TRP L 828 -24.15 -89.73 65.74
CA TRP L 828 -23.99 -89.75 64.27
C TRP L 828 -23.17 -88.56 63.77
N GLU L 829 -23.14 -87.43 64.46
CA GLU L 829 -22.44 -86.22 63.94
C GLU L 829 -20.93 -86.40 64.05
N GLN L 830 -20.46 -87.46 64.69
CA GLN L 830 -19.00 -87.76 64.72
C GLN L 830 -18.51 -87.91 63.27
N THR L 831 -19.37 -88.31 62.34
CA THR L 831 -19.02 -88.62 60.92
C THR L 831 -18.31 -87.45 60.24
N TYR L 832 -18.56 -86.22 60.65
CA TYR L 832 -17.91 -85.03 60.07
C TYR L 832 -16.41 -85.00 60.37
N LYS L 833 -15.94 -85.75 61.38
CA LYS L 833 -14.51 -85.80 61.83
C LYS L 833 -13.81 -87.07 61.33
N LYS L 834 -14.38 -88.24 61.64
CA LYS L 834 -13.66 -89.53 61.54
C LYS L 834 -14.65 -90.69 61.38
N PRO L 835 -14.20 -91.83 60.81
CA PRO L 835 -15.06 -93.00 60.62
C PRO L 835 -15.81 -93.43 61.88
N THR L 836 -17.15 -93.37 61.79
CA THR L 836 -18.10 -93.52 62.92
C THR L 836 -19.10 -94.62 62.54
N GLY L 837 -18.91 -95.83 63.04
CA GLY L 837 -19.72 -96.99 62.65
C GLY L 837 -19.34 -97.51 61.28
N GLY L 838 -18.14 -97.17 60.80
CA GLY L 838 -17.64 -97.55 59.47
C GLY L 838 -18.10 -96.57 58.38
N ILE L 839 -18.36 -95.30 58.73
CA ILE L 839 -19.03 -94.30 57.85
C ILE L 839 -18.48 -92.89 58.09
N VAL L 840 -18.23 -92.12 57.03
CA VAL L 840 -17.75 -90.72 57.16
C VAL L 840 -18.60 -89.82 56.27
N THR L 841 -18.54 -88.51 56.51
CA THR L 841 -19.02 -87.50 55.55
C THR L 841 -17.82 -86.96 54.78
N VAL L 842 -18.01 -86.79 53.48
CA VAL L 842 -17.09 -86.14 52.54
C VAL L 842 -17.90 -85.14 51.73
N ARG L 843 -17.29 -84.04 51.30
CA ARG L 843 -17.96 -82.98 50.53
C ARG L 843 -18.05 -83.44 49.06
N SER L 844 -19.13 -83.09 48.35
CA SER L 844 -19.26 -83.27 46.87
C SER L 844 -18.41 -82.22 46.18
N GLU L 845 -18.45 -82.13 44.85
CA GLU L 845 -17.76 -81.04 44.10
C GLU L 845 -18.38 -79.68 44.47
N MET L 846 -19.63 -79.67 44.97
CA MET L 846 -20.41 -78.45 45.33
C MET L 846 -20.15 -78.02 46.78
N GLY L 847 -19.73 -78.94 47.66
CA GLY L 847 -19.55 -78.70 49.09
C GLY L 847 -20.69 -79.26 49.93
N GLU L 848 -21.64 -79.96 49.30
CA GLU L 848 -22.74 -80.67 50.00
C GLU L 848 -22.11 -81.86 50.71
N PRO L 849 -22.45 -82.14 51.99
CA PRO L 849 -22.06 -83.39 52.61
C PRO L 849 -22.60 -84.61 51.89
N ILE L 850 -21.88 -85.73 51.93
CA ILE L 850 -22.40 -87.08 51.54
C ILE L 850 -21.93 -88.05 52.60
N HIS L 851 -22.82 -88.93 53.05
CA HIS L 851 -22.54 -90.03 54.00
C HIS L 851 -22.15 -91.25 53.18
N LYS L 852 -20.89 -91.65 53.26
CA LYS L 852 -20.30 -92.79 52.52
C LYS L 852 -19.65 -93.73 53.53
N ILE L 853 -19.70 -95.03 53.27
CA ILE L 853 -18.85 -96.04 53.97
C ILE L 853 -17.41 -95.62 53.79
N ALA L 854 -16.61 -95.75 54.84
CA ALA L 854 -15.21 -95.27 54.91
C ALA L 854 -14.27 -96.40 54.42
N THR L 855 -14.40 -96.70 53.13
CA THR L 855 -13.46 -97.45 52.27
C THR L 855 -12.14 -96.67 52.15
N ARG L 856 -11.08 -97.32 51.65
CA ARG L 856 -9.77 -96.66 51.40
C ARG L 856 -9.99 -95.45 50.49
N GLY L 857 -10.77 -95.69 49.41
CA GLY L 857 -11.16 -94.68 48.42
C GLY L 857 -11.67 -93.42 49.07
N VAL L 858 -12.64 -93.58 49.96
CA VAL L 858 -13.36 -92.44 50.57
C VAL L 858 -12.44 -91.78 51.58
N MET L 859 -11.65 -92.55 52.32
CA MET L 859 -10.66 -91.96 53.24
C MET L 859 -9.68 -91.08 52.44
N LEU L 860 -9.29 -91.49 51.23
CA LEU L 860 -8.43 -90.67 50.35
C LEU L 860 -9.17 -89.38 49.95
N TRP L 861 -10.41 -89.52 49.50
CA TRP L 861 -11.32 -88.38 49.21
C TRP L 861 -11.35 -87.42 50.40
N LYS L 862 -11.59 -87.94 51.60
CA LYS L 862 -11.64 -87.16 52.88
C LYS L 862 -10.31 -86.43 53.13
N GLU L 863 -9.17 -87.09 52.89
CA GLU L 863 -7.82 -86.52 53.06
C GLU L 863 -7.67 -85.31 52.13
N PHE L 864 -8.07 -85.44 50.88
CA PHE L 864 -7.91 -84.40 49.84
C PHE L 864 -8.88 -83.23 50.08
N ASP L 865 -10.00 -83.43 50.79
CA ASP L 865 -10.93 -82.33 51.20
C ASP L 865 -10.27 -81.46 52.29
N GLU L 866 -9.51 -82.09 53.19
CA GLU L 866 -8.86 -81.44 54.36
C GLU L 866 -7.55 -80.76 53.96
N THR L 867 -7.00 -81.06 52.77
CA THR L 867 -5.60 -80.72 52.38
C THR L 867 -5.55 -79.88 51.09
N ILE L 868 -6.23 -80.30 50.02
CA ILE L 868 -6.06 -79.77 48.64
C ILE L 868 -7.28 -78.94 48.23
N PHE L 869 -8.50 -79.46 48.40
CA PHE L 869 -9.73 -78.85 47.86
C PHE L 869 -10.25 -77.69 48.75
N ASN L 870 -9.79 -77.61 50.00
CA ASN L 870 -10.14 -76.47 50.90
C ASN L 870 -9.19 -75.28 50.69
N LEU L 871 -8.12 -75.43 49.91
CA LEU L 871 -7.17 -74.32 49.59
C LEU L 871 -7.86 -73.27 48.73
N PRO L 872 -7.41 -72.00 48.77
CA PRO L 872 -7.82 -71.01 47.75
C PRO L 872 -7.15 -71.32 46.41
N LYS L 873 -7.73 -70.82 45.30
CA LYS L 873 -7.32 -71.17 43.91
C LYS L 873 -5.82 -70.90 43.69
N ASN L 874 -5.27 -69.81 44.22
CA ASN L 874 -3.87 -69.38 43.99
C ASN L 874 -2.86 -70.33 44.67
N LYS L 875 -3.27 -71.09 45.71
CA LYS L 875 -2.41 -72.11 46.39
C LYS L 875 -2.59 -73.51 45.78
N LEU L 876 -3.60 -73.72 44.92
CA LEU L 876 -4.10 -75.06 44.49
C LEU L 876 -3.07 -75.71 43.56
N VAL L 877 -2.67 -75.03 42.48
CA VAL L 877 -1.73 -75.55 41.45
C VAL L 877 -0.32 -75.73 42.04
N PRO L 878 0.25 -74.72 42.77
CA PRO L 878 1.51 -74.92 43.47
C PRO L 878 1.59 -76.16 44.38
N THR L 879 0.49 -76.48 45.08
CA THR L 879 0.39 -77.59 46.05
C THR L 879 0.35 -78.92 45.30
N LEU L 880 -0.25 -78.93 44.11
CA LEU L 880 -0.38 -80.16 43.29
C LEU L 880 0.98 -80.56 42.71
N GLU L 881 1.78 -79.58 42.29
CA GLU L 881 3.17 -79.82 41.82
C GLU L 881 4.00 -80.45 42.95
N ALA L 882 3.92 -79.87 44.15
CA ALA L 882 4.67 -80.31 45.34
C ALA L 882 4.26 -81.73 45.73
N LYS L 883 2.96 -82.01 45.84
CA LYS L 883 2.42 -83.29 46.36
C LYS L 883 2.21 -84.30 45.23
N ARG L 884 2.59 -83.95 43.99
CA ARG L 884 2.35 -84.75 42.76
C ARG L 884 2.61 -86.25 42.97
N ASP L 885 3.79 -86.64 43.42
CA ASP L 885 4.17 -88.07 43.45
C ASP L 885 3.37 -88.76 44.55
N TYR L 886 3.06 -88.04 45.64
CA TYR L 886 2.17 -88.52 46.72
C TYR L 886 0.79 -88.77 46.11
N ILE L 887 0.16 -87.74 45.55
CA ILE L 887 -1.19 -87.79 44.92
C ILE L 887 -1.31 -88.98 43.97
N ILE L 888 -0.30 -89.25 43.14
CA ILE L 888 -0.34 -90.34 42.12
C ILE L 888 -0.23 -91.71 42.81
N SER L 889 0.67 -91.87 43.77
CA SER L 889 0.80 -93.13 44.54
C SER L 889 -0.59 -93.52 45.07
N ARG L 890 -1.32 -92.53 45.60
CA ARG L 890 -2.59 -92.68 46.36
C ARG L 890 -3.78 -92.94 45.42
N LEU L 891 -3.89 -92.19 44.33
CA LEU L 891 -4.86 -92.49 43.25
C LEU L 891 -4.70 -93.94 42.78
N ASN L 892 -3.47 -94.43 42.58
CA ASN L 892 -3.24 -95.76 41.95
C ASN L 892 -3.52 -96.87 42.97
N ALA L 893 -3.23 -96.61 44.25
CA ALA L 893 -3.30 -97.57 45.39
C ALA L 893 -4.75 -97.79 45.81
N ASP L 894 -5.51 -96.69 45.91
CA ASP L 894 -6.75 -96.55 46.72
C ASP L 894 -7.97 -96.28 45.85
N PHE L 895 -7.95 -95.26 45.01
CA PHE L 895 -9.16 -94.59 44.46
C PHE L 895 -9.74 -95.32 43.25
N GLN L 896 -11.03 -95.10 42.98
CA GLN L 896 -11.80 -95.79 41.89
C GLN L 896 -11.37 -95.25 40.52
N LYS L 897 -10.97 -94.00 40.43
CA LYS L 897 -10.32 -93.39 39.25
C LYS L 897 -8.80 -93.39 39.41
N PRO L 898 -8.05 -94.31 38.77
CA PRO L 898 -6.59 -94.30 38.86
C PRO L 898 -5.95 -93.21 38.01
N TRP L 899 -4.65 -92.97 38.21
CA TRP L 899 -3.83 -92.01 37.42
C TRP L 899 -3.64 -92.61 36.05
N PHE L 900 -4.00 -91.87 35.02
CA PHE L 900 -4.16 -92.44 33.67
C PHE L 900 -2.81 -92.95 33.15
N ALA L 901 -1.82 -92.08 33.25
CA ALA L 901 -0.46 -92.25 32.70
C ALA L 901 0.41 -93.03 33.69
N THR L 902 0.08 -94.29 33.95
CA THR L 902 1.02 -95.32 34.47
C THR L 902 1.11 -96.45 33.45
N VAL L 903 2.33 -96.81 33.08
CA VAL L 903 2.60 -98.01 32.24
C VAL L 903 3.48 -98.96 33.06
N ASN L 904 3.04 -100.21 33.23
CA ASN L 904 3.67 -101.29 34.05
C ASN L 904 3.98 -100.76 35.45
N GLY L 905 2.99 -100.13 36.09
CA GLY L 905 3.05 -99.69 37.50
C GLY L 905 3.96 -98.50 37.72
N GLN L 906 4.45 -97.87 36.65
CA GLN L 906 5.47 -96.79 36.72
C GLN L 906 4.79 -95.46 36.33
N ALA L 907 4.66 -94.55 37.31
CA ALA L 907 3.91 -93.28 37.20
C ALA L 907 4.59 -92.29 36.26
N ARG L 908 4.07 -92.16 35.04
CA ARG L 908 4.57 -91.20 34.04
C ARG L 908 3.79 -89.88 34.14
N ASP L 909 3.88 -89.07 33.09
CA ASP L 909 2.90 -88.03 32.71
C ASP L 909 2.46 -88.36 31.29
N LEU L 910 1.35 -87.77 30.86
CA LEU L 910 0.67 -88.03 29.58
C LEU L 910 1.56 -87.58 28.41
N ALA L 911 2.43 -86.60 28.65
CA ALA L 911 3.44 -86.09 27.67
C ALA L 911 4.68 -86.99 27.60
N THR L 912 4.84 -87.98 28.48
CA THR L 912 5.98 -88.93 28.51
C THR L 912 5.46 -90.34 28.25
N MET L 913 4.36 -90.46 27.51
CA MET L 913 3.71 -91.74 27.14
C MET L 913 3.69 -91.78 25.62
N THR L 914 3.93 -92.94 25.00
CA THR L 914 3.87 -93.08 23.53
C THR L 914 2.43 -93.27 23.13
N TYR L 915 2.07 -92.93 21.88
CA TYR L 915 0.72 -93.13 21.34
C TYR L 915 0.28 -94.59 21.56
N GLU L 916 1.16 -95.56 21.45
CA GLU L 916 0.79 -96.97 21.72
C GLU L 916 0.45 -97.12 23.20
N GLU L 917 1.34 -96.74 24.10
CA GLU L 917 1.16 -96.84 25.57
C GLU L 917 -0.19 -96.24 26.00
N VAL L 918 -0.75 -95.32 25.22
CA VAL L 918 -2.02 -94.61 25.53
C VAL L 918 -3.17 -95.52 25.10
N ALA L 919 -3.19 -95.90 23.84
CA ALA L 919 -4.16 -96.86 23.26
C ALA L 919 -4.29 -98.12 24.13
N LYS L 920 -3.17 -98.69 24.55
CA LYS L 920 -3.13 -99.95 25.33
C LYS L 920 -3.74 -99.75 26.72
N ARG L 921 -3.62 -98.55 27.26
CA ARG L 921 -4.04 -98.18 28.62
C ARG L 921 -5.51 -97.77 28.61
N LEU L 922 -5.99 -97.15 27.53
CA LEU L 922 -7.43 -96.83 27.33
C LEU L 922 -8.19 -98.15 27.33
N VAL L 923 -7.71 -99.15 26.59
CA VAL L 923 -8.30 -100.52 26.56
C VAL L 923 -8.26 -101.14 27.96
N GLU L 924 -7.20 -100.95 28.73
CA GLU L 924 -7.01 -101.60 30.07
C GLU L 924 -8.12 -101.13 31.02
N LEU L 925 -8.45 -99.85 30.98
CA LEU L 925 -9.34 -99.17 31.95
C LEU L 925 -10.80 -99.12 31.47
N MET L 926 -11.07 -99.24 30.18
CA MET L 926 -12.42 -99.00 29.60
C MET L 926 -13.04 -100.26 29.02
N PHE L 927 -12.26 -101.32 28.74
CA PHE L 927 -12.72 -102.58 28.10
C PHE L 927 -12.60 -103.72 29.09
N ILE L 928 -13.66 -104.50 29.25
CA ILE L 928 -13.79 -105.51 30.34
C ILE L 928 -13.49 -106.86 29.73
N ARG L 929 -12.48 -107.57 30.24
CA ARG L 929 -12.05 -108.87 29.68
C ARG L 929 -13.03 -109.98 30.09
N SER L 930 -13.56 -109.92 31.32
CA SER L 930 -14.53 -110.92 31.85
C SER L 930 -15.75 -111.02 30.93
N THR L 931 -16.40 -109.90 30.62
CA THR L 931 -17.62 -109.82 29.76
C THR L 931 -17.25 -109.66 28.27
N ASN L 932 -15.98 -109.34 27.96
CA ASN L 932 -15.43 -109.18 26.59
C ASN L 932 -16.24 -108.09 25.83
N SER L 933 -16.29 -106.87 26.39
CA SER L 933 -17.10 -105.73 25.87
C SER L 933 -16.63 -104.40 26.46
N TRP L 934 -16.91 -103.31 25.75
CA TRP L 934 -16.68 -101.95 26.26
C TRP L 934 -17.75 -101.60 27.29
N PHE L 935 -17.33 -101.17 28.47
CA PHE L 935 -18.26 -100.88 29.58
C PHE L 935 -19.35 -99.90 29.13
N ASP L 936 -19.00 -98.87 28.37
CA ASP L 936 -19.93 -97.86 27.78
C ASP L 936 -19.53 -97.61 26.33
N VAL L 937 -20.49 -97.55 25.42
CA VAL L 937 -20.20 -97.34 23.97
C VAL L 937 -19.43 -96.01 23.82
N THR L 938 -19.80 -94.96 24.55
CA THR L 938 -19.14 -93.63 24.43
C THR L 938 -17.63 -93.72 24.70
N TRP L 939 -17.23 -94.65 25.56
CA TRP L 939 -15.81 -94.96 25.85
C TRP L 939 -15.14 -95.57 24.64
N ARG L 940 -15.83 -96.46 23.93
CA ARG L 940 -15.33 -97.07 22.67
C ARG L 940 -15.13 -95.96 21.62
N THR L 941 -16.06 -95.02 21.50
CA THR L 941 -15.94 -93.86 20.57
C THR L 941 -14.74 -92.99 20.96
N PHE L 942 -14.48 -92.82 22.26
CA PHE L 942 -13.31 -92.08 22.81
C PHE L 942 -12.02 -92.76 22.31
N THR L 943 -11.85 -94.08 22.50
CA THR L 943 -10.61 -94.76 22.04
C THR L 943 -10.50 -94.78 20.53
N GLY L 944 -11.63 -94.87 19.84
CA GLY L 944 -11.63 -94.97 18.36
C GLY L 944 -11.21 -93.66 17.77
N ASP L 945 -11.70 -92.55 18.32
CA ASP L 945 -11.31 -91.17 17.96
C ASP L 945 -9.80 -90.97 18.14
N PHE L 946 -9.26 -91.50 19.23
CA PHE L 946 -7.81 -91.43 19.54
C PHE L 946 -7.02 -92.20 18.47
N LEU L 947 -7.38 -93.45 18.15
CA LEU L 947 -6.69 -94.22 17.05
C LEU L 947 -6.77 -93.44 15.72
N ARG L 948 -7.88 -92.77 15.44
CA ARG L 948 -8.01 -91.96 14.20
C ARG L 948 -7.06 -90.78 14.24
N ARG L 949 -6.81 -90.19 15.41
CA ARG L 949 -5.75 -89.17 15.57
C ARG L 949 -4.38 -89.75 15.24
N VAL L 950 -4.09 -90.97 15.68
CA VAL L 950 -2.76 -91.57 15.43
C VAL L 950 -2.58 -91.63 13.92
N GLU L 951 -3.58 -92.08 13.18
CA GLU L 951 -3.48 -92.17 11.70
C GLU L 951 -3.27 -90.75 11.14
N GLU L 952 -4.07 -89.77 11.54
CA GLU L 952 -3.96 -88.36 11.07
C GLU L 952 -2.53 -87.83 11.31
N ARG L 953 -1.99 -88.01 12.51
CA ARG L 953 -0.65 -87.50 12.93
C ARG L 953 0.47 -88.19 12.14
N PHE L 954 0.44 -89.51 11.97
CA PHE L 954 1.60 -90.25 11.43
C PHE L 954 1.47 -90.62 9.95
N THR L 955 0.36 -90.38 9.29
CA THR L 955 0.28 -90.58 7.82
C THR L 955 0.89 -89.36 7.14
N LYS L 956 1.55 -89.61 6.00
CA LYS L 956 2.17 -88.57 5.15
C LYS L 956 1.13 -88.05 4.16
N SER L 957 0.29 -88.96 3.66
CA SER L 957 -0.64 -88.76 2.53
C SER L 957 -2.09 -88.93 3.02
N LYS L 958 -3.05 -88.67 2.14
CA LYS L 958 -4.50 -88.72 2.41
C LYS L 958 -4.99 -90.14 2.10
N THR L 959 -4.76 -91.07 3.02
CA THR L 959 -5.22 -92.49 2.96
C THR L 959 -6.66 -92.57 3.48
N LEU L 960 -7.16 -93.80 3.60
CA LEU L 960 -8.48 -94.12 4.20
C LEU L 960 -8.25 -94.99 5.43
N SER L 961 -9.10 -94.79 6.44
CA SER L 961 -8.87 -95.26 7.84
C SER L 961 -8.86 -96.78 7.93
N LEU L 962 -7.95 -97.29 8.75
CA LEU L 962 -7.86 -98.72 9.14
C LEU L 962 -9.05 -99.09 10.03
N ILE L 963 -9.45 -98.16 10.89
CA ILE L 963 -10.69 -98.22 11.72
C ILE L 963 -11.82 -97.53 10.93
N GLN L 964 -12.56 -98.28 10.10
CA GLN L 964 -13.70 -97.73 9.31
C GLN L 964 -14.94 -97.54 10.21
N SER L 965 -15.32 -98.60 10.92
CA SER L 965 -16.42 -98.60 11.91
C SER L 965 -15.80 -98.89 13.28
N TYR L 966 -16.24 -98.19 14.33
CA TYR L 966 -15.78 -98.46 15.72
C TYR L 966 -16.38 -99.78 16.23
N SER L 967 -17.21 -100.47 15.44
CA SER L 967 -17.58 -101.90 15.64
C SER L 967 -16.31 -102.77 15.68
N LEU L 968 -15.28 -102.40 14.94
CA LEU L 968 -14.06 -103.23 14.76
C LEU L 968 -13.26 -103.25 16.06
N LEU L 969 -13.53 -102.30 16.96
CA LEU L 969 -12.85 -102.19 18.27
C LEU L 969 -13.31 -103.31 19.22
N ASP L 970 -14.31 -104.13 18.87
CA ASP L 970 -14.88 -105.18 19.76
C ASP L 970 -13.99 -106.43 19.89
N LYS L 971 -12.79 -106.47 19.27
CA LYS L 971 -11.66 -107.41 19.59
C LYS L 971 -10.37 -106.60 19.73
N PRO L 972 -10.31 -105.68 20.71
CA PRO L 972 -9.56 -104.44 20.57
C PRO L 972 -8.04 -104.56 20.36
N ASP L 973 -7.43 -105.63 20.87
CA ASP L 973 -5.96 -105.84 20.75
C ASP L 973 -5.61 -105.92 19.26
N GLU L 974 -6.46 -106.59 18.47
CA GLU L 974 -6.29 -106.79 17.01
C GLU L 974 -6.29 -105.44 16.29
N ALA L 975 -7.23 -104.55 16.64
CA ALA L 975 -7.43 -103.21 16.05
C ALA L 975 -6.29 -102.25 16.44
N ILE L 976 -5.70 -102.42 17.63
CA ILE L 976 -4.48 -101.65 18.04
C ILE L 976 -3.29 -102.20 17.24
N GLU L 977 -3.06 -103.51 17.22
CA GLU L 977 -1.98 -104.11 16.37
C GLU L 977 -2.07 -103.52 14.95
N LYS L 978 -3.27 -103.55 14.39
CA LYS L 978 -3.52 -103.11 13.00
C LYS L 978 -3.01 -101.68 12.85
N VAL L 979 -3.38 -100.76 13.73
CA VAL L 979 -3.10 -99.30 13.58
C VAL L 979 -1.61 -99.03 13.76
N PHE L 980 -0.99 -99.64 14.76
CA PHE L 980 0.45 -99.45 15.09
C PHE L 980 1.36 -100.36 14.25
N ASN L 981 0.84 -101.24 13.38
CA ASN L 981 1.67 -101.91 12.34
C ASN L 981 1.85 -100.95 11.17
N ALA L 982 0.77 -100.25 10.79
CA ALA L 982 0.74 -99.29 9.66
C ALA L 982 1.45 -97.97 10.01
N TYR L 983 1.68 -97.69 11.29
CA TYR L 983 2.30 -96.43 11.78
C TYR L 983 3.25 -96.71 12.93
N PRO L 984 4.38 -97.42 12.70
CA PRO L 984 5.25 -97.87 13.78
C PRO L 984 6.00 -96.76 14.53
N ALA L 985 6.19 -95.60 13.88
CA ALA L 985 6.69 -94.35 14.51
C ALA L 985 6.00 -94.16 15.85
N ALA L 986 4.66 -94.29 15.82
CA ALA L 986 3.73 -94.02 16.93
C ALA L 986 4.08 -94.87 18.15
N ARG L 987 4.78 -95.99 17.99
CA ARG L 987 5.23 -96.81 19.16
C ARG L 987 6.41 -96.13 19.86
N GLU L 988 7.12 -95.24 19.17
CA GLU L 988 8.46 -94.73 19.57
C GLU L 988 8.44 -93.21 19.54
N GLN L 989 7.36 -92.62 20.02
CA GLN L 989 7.21 -91.14 20.03
C GLN L 989 6.25 -90.77 21.14
N PHE L 990 6.66 -89.89 22.04
CA PHE L 990 5.72 -89.31 23.04
C PHE L 990 4.65 -88.50 22.31
N LEU L 991 3.43 -88.60 22.80
CA LEU L 991 2.31 -87.71 22.44
C LEU L 991 2.81 -86.31 22.10
N ASN L 992 2.52 -85.83 20.90
CA ASN L 992 2.65 -84.43 20.45
C ASN L 992 1.87 -83.57 21.44
N ALA L 993 2.31 -82.35 21.74
CA ALA L 993 1.66 -81.45 22.73
C ALA L 993 0.25 -81.01 22.30
N GLN L 994 -0.03 -81.01 20.99
CA GLN L 994 -1.36 -80.75 20.43
C GLN L 994 -2.29 -81.96 20.64
N ASP L 995 -1.73 -83.14 20.87
CA ASP L 995 -2.48 -84.41 21.01
C ASP L 995 -2.74 -84.64 22.48
N ILE L 996 -1.95 -84.06 23.36
CA ILE L 996 -2.26 -84.02 24.81
C ILE L 996 -3.50 -83.17 25.00
N ASP L 997 -3.51 -82.00 24.40
CA ASP L 997 -4.63 -81.04 24.50
C ASP L 997 -5.91 -81.68 23.97
N HIS L 998 -5.88 -82.25 22.76
CA HIS L 998 -7.02 -82.98 22.16
C HIS L 998 -7.51 -84.08 23.10
N PHE L 999 -6.61 -84.81 23.73
CA PHE L 999 -6.97 -85.95 24.61
C PHE L 999 -7.72 -85.44 25.83
N LEU L 1000 -7.21 -84.37 26.46
CA LEU L 1000 -7.86 -83.75 27.61
C LEU L 1000 -9.13 -83.01 27.19
N SER L 1001 -9.27 -82.59 25.93
CA SER L 1001 -10.50 -81.94 25.43
C SER L 1001 -11.61 -82.98 25.32
N MET L 1002 -11.27 -84.23 24.95
CA MET L 1002 -12.21 -85.37 24.87
C MET L 1002 -12.62 -85.81 26.28
N CYS L 1003 -11.76 -85.63 27.28
CA CYS L 1003 -12.01 -86.06 28.67
C CYS L 1003 -13.07 -85.15 29.32
N GLN L 1004 -13.29 -83.97 28.75
CA GLN L 1004 -14.23 -82.92 29.21
C GLN L 1004 -15.53 -82.96 28.38
N ASN L 1005 -15.57 -83.71 27.28
CA ASN L 1005 -16.75 -83.82 26.38
C ASN L 1005 -17.97 -84.19 27.21
N PRO L 1006 -19.02 -83.34 27.25
CA PRO L 1006 -20.17 -83.62 28.12
C PRO L 1006 -21.18 -84.66 27.64
N MET L 1007 -21.14 -85.04 26.35
CA MET L 1007 -22.09 -86.00 25.70
C MET L 1007 -21.47 -87.41 25.67
N GLN L 1008 -20.98 -87.87 26.81
CA GLN L 1008 -20.06 -89.03 26.95
C GLN L 1008 -20.01 -89.38 28.42
N LYS L 1009 -20.01 -90.66 28.77
CA LYS L 1009 -19.83 -91.06 30.19
C LYS L 1009 -18.43 -90.62 30.63
N PRO L 1010 -18.24 -89.99 31.81
CA PRO L 1010 -16.92 -89.58 32.21
C PRO L 1010 -15.90 -90.72 32.25
N VAL L 1011 -14.67 -90.37 31.88
CA VAL L 1011 -13.56 -91.34 31.73
C VAL L 1011 -13.17 -91.81 33.12
N PRO L 1012 -12.95 -93.12 33.32
CA PRO L 1012 -12.70 -93.68 34.63
C PRO L 1012 -11.21 -93.61 34.98
N PHE L 1013 -10.67 -92.39 35.04
CA PHE L 1013 -9.24 -92.10 35.35
C PHE L 1013 -8.99 -90.60 35.46
N VAL L 1014 -8.01 -90.23 36.27
CA VAL L 1014 -7.55 -88.82 36.38
C VAL L 1014 -6.42 -88.62 35.39
N PRO L 1015 -6.63 -87.86 34.29
CA PRO L 1015 -5.63 -87.69 33.24
C PRO L 1015 -4.65 -86.51 33.34
N VAL L 1016 -4.72 -85.71 34.41
CA VAL L 1016 -3.83 -84.52 34.61
C VAL L 1016 -4.10 -83.93 35.99
N LEU L 1017 -3.07 -83.39 36.65
CA LEU L 1017 -3.23 -82.49 37.84
C LEU L 1017 -3.12 -81.03 37.41
N ASP L 1018 -4.24 -80.33 37.35
CA ASP L 1018 -4.32 -78.87 37.05
C ASP L 1018 -5.39 -78.27 37.97
N ARG L 1019 -5.95 -77.12 37.60
CA ARG L 1019 -6.99 -76.42 38.39
C ARG L 1019 -8.26 -77.29 38.41
N ARG L 1020 -8.48 -78.13 37.39
CA ARG L 1020 -9.68 -78.99 37.23
C ARG L 1020 -9.56 -80.33 37.99
N PHE L 1021 -8.62 -80.49 38.92
CA PHE L 1021 -8.35 -81.80 39.56
C PHE L 1021 -9.58 -82.24 40.34
N GLU L 1022 -10.20 -81.32 41.09
CA GLU L 1022 -11.33 -81.63 42.01
C GLU L 1022 -12.49 -82.22 41.22
N ILE L 1023 -12.79 -81.70 40.01
CA ILE L 1023 -13.89 -82.22 39.15
C ILE L 1023 -13.50 -83.63 38.69
N PHE L 1024 -12.35 -83.79 38.04
CA PHE L 1024 -11.87 -85.10 37.51
C PHE L 1024 -11.94 -86.17 38.59
N PHE L 1025 -11.56 -85.82 39.81
CA PHE L 1025 -11.52 -86.72 40.99
C PHE L 1025 -12.92 -87.16 41.41
N LYS L 1026 -13.90 -86.25 41.38
CA LYS L 1026 -15.23 -86.39 42.03
C LYS L 1026 -16.35 -86.71 41.02
N LYS L 1027 -16.34 -86.10 39.84
CA LYS L 1027 -17.16 -86.45 38.65
C LYS L 1027 -17.50 -87.96 38.66
N ASP L 1028 -18.79 -88.29 38.66
CA ASP L 1028 -19.35 -89.64 38.36
C ASP L 1028 -18.76 -90.67 39.31
N SER L 1029 -19.15 -90.60 40.58
CA SER L 1029 -18.54 -91.34 41.69
C SER L 1029 -19.40 -92.48 42.23
N LEU L 1030 -20.57 -92.80 41.65
CA LEU L 1030 -21.62 -93.62 42.34
C LEU L 1030 -22.01 -94.91 41.61
N TRP L 1031 -21.66 -95.09 40.34
CA TRP L 1031 -21.97 -96.33 39.59
C TRP L 1031 -21.02 -97.46 39.97
N GLN L 1032 -19.79 -97.14 40.36
CA GLN L 1032 -18.67 -98.11 40.44
C GLN L 1032 -19.03 -99.25 41.40
N SER L 1033 -19.67 -98.94 42.53
CA SER L 1033 -20.07 -99.91 43.59
C SER L 1033 -21.02 -100.99 43.04
N GLU L 1034 -21.75 -100.70 41.96
CA GLU L 1034 -22.70 -101.66 41.33
C GLU L 1034 -22.02 -102.48 40.23
N HIS L 1035 -20.81 -102.11 39.82
CA HIS L 1035 -20.14 -102.66 38.59
C HIS L 1035 -18.64 -102.81 38.85
N LEU L 1036 -18.24 -103.70 39.75
CA LEU L 1036 -16.83 -103.86 40.15
C LEU L 1036 -16.00 -104.41 38.99
N GLU L 1037 -16.61 -105.14 38.04
CA GLU L 1037 -15.93 -105.61 36.81
C GLU L 1037 -15.11 -104.49 36.16
N ALA L 1038 -15.62 -103.24 36.19
CA ALA L 1038 -15.07 -102.05 35.49
C ALA L 1038 -14.29 -101.15 36.45
N VAL L 1039 -13.78 -101.71 37.54
CA VAL L 1039 -12.94 -101.00 38.55
C VAL L 1039 -11.63 -101.77 38.61
N VAL L 1040 -10.52 -101.10 38.90
CA VAL L 1040 -9.18 -101.74 38.85
C VAL L 1040 -9.13 -102.77 39.99
N ASP L 1041 -8.97 -104.06 39.66
CA ASP L 1041 -8.78 -105.21 40.57
C ASP L 1041 -10.11 -105.76 41.09
N GLN L 1042 -11.26 -105.25 40.61
CA GLN L 1042 -12.63 -105.58 41.14
C GLN L 1042 -12.66 -105.36 42.66
N ASP L 1043 -12.11 -104.22 43.12
CA ASP L 1043 -11.82 -103.93 44.56
C ASP L 1043 -12.86 -102.96 45.10
N VAL L 1044 -13.73 -103.40 46.03
CA VAL L 1044 -14.71 -102.50 46.71
C VAL L 1044 -13.98 -101.34 47.37
N GLN L 1045 -12.84 -101.59 47.99
CA GLN L 1045 -12.22 -100.61 48.91
C GLN L 1045 -11.82 -99.34 48.15
N ARG L 1046 -11.94 -99.34 46.81
CA ARG L 1046 -11.63 -98.18 45.94
C ARG L 1046 -12.81 -97.23 45.84
N THR L 1047 -14.00 -97.66 46.27
CA THR L 1047 -15.30 -97.25 45.71
C THR L 1047 -16.11 -96.43 46.72
N CYS L 1048 -16.96 -95.51 46.23
CA CYS L 1048 -17.94 -94.74 47.04
C CYS L 1048 -19.24 -95.56 47.17
N ILE L 1049 -19.56 -95.98 48.38
CA ILE L 1049 -20.88 -96.56 48.72
C ILE L 1049 -21.63 -95.61 49.67
N LEU L 1050 -22.84 -95.22 49.27
CA LEU L 1050 -23.66 -94.27 50.04
C LEU L 1050 -24.41 -95.04 51.13
N HIS L 1051 -24.42 -94.50 52.35
CA HIS L 1051 -25.03 -95.18 53.52
C HIS L 1051 -25.09 -94.27 54.74
N GLY L 1052 -26.13 -94.44 55.55
CA GLY L 1052 -26.43 -93.60 56.72
C GLY L 1052 -25.84 -94.19 57.99
N PRO L 1053 -25.27 -93.35 58.87
CA PRO L 1053 -24.69 -93.82 60.12
C PRO L 1053 -25.69 -94.65 60.94
N VAL L 1054 -26.82 -94.04 61.23
CA VAL L 1054 -27.85 -94.56 62.17
C VAL L 1054 -28.50 -95.77 61.54
N ALA L 1055 -28.94 -95.65 60.28
CA ALA L 1055 -29.62 -96.74 59.52
C ALA L 1055 -28.72 -97.97 59.33
N ALA L 1056 -27.39 -97.79 59.39
CA ALA L 1056 -26.38 -98.86 59.22
C ALA L 1056 -26.49 -99.93 60.31
N GLN L 1057 -27.06 -99.58 61.46
CA GLN L 1057 -27.11 -100.45 62.65
C GLN L 1057 -28.34 -101.37 62.58
N PHE L 1058 -28.98 -101.48 61.42
CA PHE L 1058 -30.07 -102.46 61.16
C PHE L 1058 -29.78 -103.31 59.92
N THR L 1059 -28.85 -102.88 59.05
CA THR L 1059 -28.41 -103.57 57.80
C THR L 1059 -27.39 -104.67 58.12
N LYS L 1060 -27.86 -105.88 58.44
CA LYS L 1060 -27.02 -106.99 58.95
C LYS L 1060 -27.06 -108.19 58.02
N VAL L 1061 -28.22 -108.50 57.43
CA VAL L 1061 -28.48 -109.77 56.70
C VAL L 1061 -28.43 -109.51 55.19
N ILE L 1062 -27.43 -110.06 54.51
CA ILE L 1062 -27.22 -109.90 53.05
C ILE L 1062 -28.23 -110.78 52.29
N ASP L 1063 -28.82 -110.22 51.22
CA ASP L 1063 -29.68 -110.91 50.22
C ASP L 1063 -30.96 -111.44 50.90
N GLU L 1064 -31.63 -110.55 51.65
CA GLU L 1064 -33.00 -110.71 52.18
C GLU L 1064 -33.97 -110.27 51.09
N PRO L 1065 -34.99 -111.04 50.67
CA PRO L 1065 -35.95 -110.56 49.67
C PRO L 1065 -36.66 -109.27 50.12
N ILE L 1066 -36.68 -108.22 49.30
CA ILE L 1066 -37.28 -106.87 49.60
C ILE L 1066 -38.68 -107.00 50.22
N LYS L 1067 -39.45 -108.00 49.83
CA LYS L 1067 -40.80 -108.24 50.39
C LYS L 1067 -40.64 -108.62 51.88
N SER L 1068 -39.76 -109.58 52.18
CA SER L 1068 -39.41 -110.02 53.56
C SER L 1068 -39.10 -108.81 54.47
N ILE L 1069 -38.27 -107.88 53.99
CA ILE L 1069 -37.85 -106.65 54.71
C ILE L 1069 -39.07 -105.77 54.97
N MET L 1070 -39.71 -105.29 53.90
CA MET L 1070 -40.79 -104.28 53.93
C MET L 1070 -42.02 -104.86 54.68
N ASP L 1071 -42.33 -106.14 54.50
CA ASP L 1071 -43.43 -106.81 55.25
C ASP L 1071 -43.03 -106.84 56.72
N GLY L 1072 -41.83 -107.33 57.03
CA GLY L 1072 -41.27 -107.33 58.39
C GLY L 1072 -41.71 -106.09 59.15
N ILE L 1073 -41.39 -104.93 58.58
CA ILE L 1073 -41.61 -103.59 59.19
C ILE L 1073 -43.11 -103.34 59.32
N HIS L 1074 -43.90 -103.70 58.30
CA HIS L 1074 -45.36 -103.52 58.27
C HIS L 1074 -46.03 -104.47 59.27
N ASP L 1075 -45.71 -105.77 59.20
CA ASP L 1075 -46.32 -106.79 60.08
C ASP L 1075 -45.92 -106.51 61.53
N GLY L 1076 -44.76 -105.90 61.73
CA GLY L 1076 -44.28 -105.44 63.04
C GLY L 1076 -45.20 -104.39 63.61
N HIS L 1077 -45.56 -103.38 62.82
CA HIS L 1077 -46.47 -102.27 63.20
C HIS L 1077 -47.86 -102.79 63.59
N ILE L 1078 -48.38 -103.79 62.88
CA ILE L 1078 -49.72 -104.38 63.11
C ILE L 1078 -49.66 -105.10 64.46
N LYS L 1079 -48.80 -106.12 64.55
CA LYS L 1079 -48.53 -106.90 65.78
C LYS L 1079 -48.60 -106.00 67.02
N LYS L 1080 -47.99 -104.81 66.94
CA LYS L 1080 -47.93 -103.82 68.04
C LYS L 1080 -49.25 -103.04 68.12
N LEU L 1081 -49.65 -102.38 67.05
CA LEU L 1081 -50.86 -101.51 67.00
C LEU L 1081 -52.05 -102.33 67.50
N LEU L 1082 -52.11 -103.61 67.11
CA LEU L 1082 -53.14 -104.58 67.53
C LEU L 1082 -53.13 -104.71 69.06
N HIS L 1083 -51.96 -104.93 69.65
CA HIS L 1083 -51.74 -105.03 71.12
C HIS L 1083 -52.29 -103.81 71.87
N GLN L 1084 -51.84 -102.60 71.55
CA GLN L 1084 -52.24 -101.34 72.22
C GLN L 1084 -53.73 -101.07 72.07
N TYR L 1085 -54.26 -101.01 70.84
CA TYR L 1085 -55.53 -100.30 70.51
C TYR L 1085 -56.68 -101.22 70.07
N TYR L 1086 -56.48 -102.54 70.00
CA TYR L 1086 -57.51 -103.51 69.54
C TYR L 1086 -57.50 -104.77 70.43
N GLY L 1087 -56.98 -104.64 71.66
CA GLY L 1087 -56.81 -105.73 72.65
C GLY L 1087 -56.53 -107.09 72.02
N ASP L 1088 -55.51 -107.17 71.16
CA ASP L 1088 -54.98 -108.41 70.53
C ASP L 1088 -56.14 -109.24 69.94
N ASP L 1089 -57.01 -108.60 69.14
CA ASP L 1089 -58.26 -109.21 68.58
C ASP L 1089 -58.49 -108.69 67.15
N GLU L 1090 -58.23 -109.52 66.12
CA GLU L 1090 -58.40 -109.15 64.68
C GLU L 1090 -59.88 -108.92 64.34
N SER L 1091 -60.80 -109.51 65.12
CA SER L 1091 -62.27 -109.39 64.93
C SER L 1091 -62.76 -107.96 65.15
N LYS L 1092 -61.99 -107.10 65.83
CA LYS L 1092 -62.36 -105.68 66.12
C LYS L 1092 -61.85 -104.73 65.02
N ILE L 1093 -61.20 -105.26 63.97
CA ILE L 1093 -60.65 -104.45 62.84
C ILE L 1093 -61.77 -104.18 61.84
N PRO L 1094 -62.16 -102.91 61.60
CA PRO L 1094 -63.16 -102.59 60.59
C PRO L 1094 -62.80 -103.19 59.23
N ALA L 1095 -63.73 -103.92 58.61
CA ALA L 1095 -63.58 -104.51 57.25
C ALA L 1095 -64.22 -103.56 56.23
N VAL L 1096 -63.54 -103.39 55.10
CA VAL L 1096 -63.93 -102.50 53.97
C VAL L 1096 -63.73 -103.34 52.70
N GLU L 1097 -64.43 -103.06 51.60
CA GLU L 1097 -64.26 -103.87 50.36
C GLU L 1097 -62.82 -103.68 49.88
N TYR L 1098 -62.42 -102.42 49.72
CA TYR L 1098 -61.12 -102.06 49.11
C TYR L 1098 -60.59 -100.82 49.83
N PHE L 1099 -59.30 -100.85 50.16
CA PHE L 1099 -58.61 -99.78 50.90
C PHE L 1099 -57.87 -98.93 49.87
N GLY L 1100 -58.19 -97.63 49.79
CA GLY L 1100 -57.44 -96.69 48.94
C GLY L 1100 -58.29 -95.65 48.22
N GLY L 1101 -57.59 -94.68 47.61
CA GLY L 1101 -58.14 -93.56 46.85
C GLY L 1101 -59.03 -92.71 47.72
N GLU L 1102 -58.48 -92.16 48.80
CA GLU L 1102 -59.17 -91.18 49.68
C GLU L 1102 -58.27 -89.96 49.79
N SER L 1103 -58.64 -88.87 49.11
CA SER L 1103 -57.95 -87.57 49.20
C SER L 1103 -57.87 -87.22 50.68
N PRO L 1104 -56.73 -86.70 51.17
CA PRO L 1104 -56.59 -86.47 52.59
C PRO L 1104 -57.20 -85.12 52.99
N VAL L 1105 -58.29 -84.69 52.32
CA VAL L 1105 -58.86 -83.32 52.47
C VAL L 1105 -60.27 -83.34 53.10
N ASP L 1106 -61.02 -84.45 53.09
CA ASP L 1106 -62.50 -84.45 53.34
C ASP L 1106 -62.89 -85.33 54.55
N SER L 1111 -79.01 -94.24 53.43
CA SER L 1111 -79.29 -95.67 53.08
C SER L 1111 -80.73 -95.79 52.55
N GLU L 1112 -80.90 -95.87 51.21
CA GLU L 1112 -82.20 -96.05 50.50
C GLU L 1112 -82.02 -97.06 49.36
N ASP L 1113 -83.03 -97.93 49.15
CA ASP L 1113 -82.92 -99.23 48.42
C ASP L 1113 -83.44 -99.10 46.96
N SER L 1114 -84.19 -98.05 46.61
CA SER L 1114 -84.88 -97.92 45.30
C SER L 1114 -85.12 -96.44 44.94
N ALA L 1115 -84.03 -95.70 44.69
CA ALA L 1115 -84.03 -94.22 44.52
C ALA L 1115 -84.21 -93.82 43.05
N VAL L 1116 -84.31 -92.51 42.80
CA VAL L 1116 -84.52 -91.87 41.48
C VAL L 1116 -83.94 -90.44 41.55
N PHE L 1117 -82.96 -90.14 40.70
CA PHE L 1117 -82.30 -88.81 40.60
C PHE L 1117 -82.71 -88.19 39.26
N LYS L 1118 -82.56 -86.87 39.15
CA LYS L 1118 -83.06 -86.08 38.00
C LYS L 1118 -82.10 -84.91 37.83
N ALA L 1119 -81.28 -84.99 36.78
CA ALA L 1119 -80.27 -83.97 36.47
C ALA L 1119 -80.98 -82.75 35.89
N THR L 1120 -80.52 -81.56 36.27
CA THR L 1120 -80.96 -80.25 35.75
C THR L 1120 -79.78 -79.62 35.00
N SER L 1121 -79.80 -78.31 34.77
CA SER L 1121 -78.62 -77.54 34.28
C SER L 1121 -77.82 -77.01 35.49
N SER L 1122 -78.38 -77.09 36.69
CA SER L 1122 -77.77 -76.59 37.96
C SER L 1122 -76.96 -77.71 38.66
N THR L 1123 -77.45 -78.96 38.70
CA THR L 1123 -76.90 -80.08 39.53
C THR L 1123 -75.38 -80.11 39.48
N ASP L 1124 -74.74 -79.88 40.63
CA ASP L 1124 -73.27 -79.91 40.82
C ASP L 1124 -72.77 -81.35 40.56
N GLU L 1125 -71.64 -81.49 39.85
CA GLU L 1125 -71.07 -82.81 39.45
C GLU L 1125 -70.69 -83.63 40.69
N GLU L 1126 -69.99 -83.02 41.66
CA GLU L 1126 -69.46 -83.71 42.87
C GLU L 1126 -70.62 -84.24 43.72
N SER L 1127 -71.69 -83.46 43.91
CA SER L 1127 -72.92 -83.85 44.64
C SER L 1127 -73.56 -85.05 43.95
N TRP L 1128 -73.73 -84.93 42.63
CA TRP L 1128 -74.42 -85.90 41.73
C TRP L 1128 -73.79 -87.30 41.85
N PHE L 1129 -72.46 -87.37 41.92
CA PHE L 1129 -71.69 -88.64 41.92
C PHE L 1129 -71.59 -89.21 43.34
N LYS L 1130 -71.62 -88.38 44.40
CA LYS L 1130 -71.78 -88.85 45.81
C LYS L 1130 -73.03 -89.73 45.86
N ALA L 1131 -74.12 -89.22 45.28
CA ALA L 1131 -75.48 -89.77 45.36
C ALA L 1131 -75.53 -91.16 44.72
N LEU L 1132 -74.94 -91.29 43.53
CA LEU L 1132 -75.05 -92.52 42.69
C LEU L 1132 -74.22 -93.63 43.35
N ALA L 1133 -72.97 -93.28 43.67
CA ALA L 1133 -72.02 -94.08 44.50
C ALA L 1133 -72.74 -94.66 45.71
N GLY L 1134 -73.37 -93.79 46.51
CA GLY L 1134 -73.96 -94.15 47.81
C GLY L 1134 -72.91 -94.19 48.91
N SER L 1135 -73.31 -94.67 50.09
CA SER L 1135 -72.53 -94.60 51.36
C SER L 1135 -71.51 -95.74 51.42
N GLU L 1136 -71.98 -96.99 51.32
CA GLU L 1136 -71.15 -98.22 51.41
C GLU L 1136 -70.02 -98.13 50.38
N ILE L 1137 -68.85 -98.64 50.75
CA ILE L 1137 -67.70 -98.84 49.83
C ILE L 1137 -67.85 -100.21 49.17
N ASN L 1138 -68.24 -100.21 47.88
CA ASN L 1138 -68.39 -101.40 47.00
C ASN L 1138 -68.06 -101.01 45.55
N TRP L 1139 -68.33 -101.91 44.61
CA TRP L 1139 -68.15 -101.71 43.15
C TRP L 1139 -68.86 -100.45 42.70
N ARG L 1140 -70.06 -100.18 43.19
CA ARG L 1140 -70.80 -98.96 42.78
C ARG L 1140 -70.02 -97.73 43.23
N HIS L 1141 -69.45 -97.75 44.43
CA HIS L 1141 -68.74 -96.59 45.04
C HIS L 1141 -67.52 -96.26 44.18
N ALA L 1142 -66.77 -97.30 43.78
CA ALA L 1142 -65.58 -97.21 42.91
C ALA L 1142 -65.99 -96.59 41.57
N SER L 1143 -66.91 -97.28 40.89
CA SER L 1143 -67.46 -96.95 39.56
C SER L 1143 -67.70 -95.46 39.44
N PHE L 1144 -68.27 -94.78 40.44
CA PHE L 1144 -68.67 -93.36 40.30
C PHE L 1144 -67.65 -92.37 40.87
N LEU L 1145 -66.67 -92.79 41.66
CA LEU L 1145 -65.73 -91.85 42.34
C LEU L 1145 -64.26 -92.14 41.98
N CYS L 1146 -63.90 -93.38 41.65
CA CYS L 1146 -62.64 -93.67 40.93
C CYS L 1146 -62.52 -92.65 39.80
N SER L 1147 -61.52 -91.78 39.84
CA SER L 1147 -61.26 -90.76 38.80
C SER L 1147 -60.68 -91.46 37.57
N PHE L 1148 -59.89 -92.53 37.78
CA PHE L 1148 -59.16 -93.28 36.72
C PHE L 1148 -59.56 -94.76 36.76
N ILE L 1149 -59.33 -95.45 35.65
CA ILE L 1149 -59.36 -96.94 35.52
C ILE L 1149 -58.18 -97.35 34.67
N THR L 1150 -57.89 -98.64 34.61
CA THR L 1150 -56.71 -99.21 33.92
C THR L 1150 -57.18 -99.99 32.67
N GLN L 1151 -56.81 -99.56 31.47
CA GLN L 1151 -56.76 -100.42 30.24
C GLN L 1151 -55.38 -101.05 30.16
N ASP L 1152 -55.30 -102.37 30.32
CA ASP L 1152 -54.00 -103.12 30.36
C ASP L 1152 -53.13 -102.52 31.49
N LYS L 1153 -52.03 -101.86 31.17
CA LYS L 1153 -51.14 -101.21 32.18
C LYS L 1153 -51.46 -99.72 32.28
N MET L 1154 -52.07 -99.12 31.26
CA MET L 1154 -52.26 -97.64 31.17
C MET L 1154 -53.45 -97.21 32.02
N PHE L 1155 -53.45 -95.93 32.44
CA PHE L 1155 -54.50 -95.25 33.26
C PHE L 1155 -55.28 -94.25 32.40
N VAL L 1156 -56.48 -94.64 31.97
CA VAL L 1156 -57.44 -93.80 31.19
C VAL L 1156 -58.43 -93.20 32.17
N SER L 1157 -58.98 -92.03 31.85
CA SER L 1157 -60.04 -91.36 32.65
C SER L 1157 -61.26 -92.26 32.73
N ASN L 1158 -62.01 -92.18 33.84
CA ASN L 1158 -63.12 -93.10 34.16
C ASN L 1158 -64.26 -92.85 33.19
N PRO L 1159 -64.57 -93.81 32.31
CA PRO L 1159 -65.60 -93.61 31.29
C PRO L 1159 -67.02 -93.58 31.88
N ILE L 1160 -67.21 -94.29 32.99
CA ILE L 1160 -68.53 -94.40 33.70
C ILE L 1160 -68.93 -93.01 34.25
N ARG L 1161 -67.99 -92.16 34.67
CA ARG L 1161 -68.31 -90.77 35.09
C ARG L 1161 -68.52 -89.87 33.87
N LYS L 1162 -67.85 -90.15 32.74
CA LYS L 1162 -68.10 -89.42 31.46
C LYS L 1162 -69.57 -89.62 31.09
N VAL L 1163 -69.99 -90.88 31.06
CA VAL L 1163 -71.35 -91.27 30.63
C VAL L 1163 -72.38 -90.60 31.53
N PHE L 1164 -72.24 -90.67 32.84
CA PHE L 1164 -73.27 -90.19 33.80
C PHE L 1164 -73.07 -88.72 34.20
N LYS L 1165 -72.09 -88.01 33.65
CA LYS L 1165 -71.97 -86.55 33.84
C LYS L 1165 -73.34 -85.89 33.57
N PRO L 1166 -73.89 -85.12 34.53
CA PRO L 1166 -75.30 -84.73 34.47
C PRO L 1166 -75.59 -83.56 33.54
N SER L 1167 -76.73 -83.60 32.87
CA SER L 1167 -77.24 -82.58 31.91
C SER L 1167 -78.76 -82.64 31.84
N GLN L 1168 -79.42 -81.60 31.35
CA GLN L 1168 -80.91 -81.51 31.41
C GLN L 1168 -81.52 -82.72 30.69
N GLY L 1169 -82.37 -83.48 31.39
CA GLY L 1169 -83.24 -84.51 30.81
C GLY L 1169 -82.90 -85.90 31.29
N MET L 1170 -81.64 -86.14 31.69
CA MET L 1170 -81.14 -87.50 32.06
C MET L 1170 -81.56 -87.85 33.50
N VAL L 1171 -82.03 -89.09 33.68
CA VAL L 1171 -82.85 -89.57 34.83
C VAL L 1171 -82.30 -90.94 35.26
N VAL L 1172 -81.63 -90.97 36.41
CA VAL L 1172 -80.98 -92.21 36.93
C VAL L 1172 -81.97 -92.90 37.85
N GLU L 1173 -82.01 -94.23 37.81
CA GLU L 1173 -82.92 -95.05 38.66
C GLU L 1173 -82.11 -96.22 39.21
N ILE L 1174 -81.96 -96.28 40.53
CA ILE L 1174 -81.21 -97.33 41.27
C ILE L 1174 -82.22 -98.33 41.85
N SER L 1175 -81.86 -99.61 41.93
CA SER L 1175 -82.76 -100.70 42.32
C SER L 1175 -81.98 -101.82 43.02
N ASN L 1176 -82.37 -102.17 44.25
CA ASN L 1176 -81.63 -103.01 45.22
C ASN L 1176 -80.36 -102.26 45.65
N GLY L 1177 -80.51 -100.98 45.99
CA GLY L 1177 -79.41 -100.05 46.35
C GLY L 1177 -78.59 -100.51 47.55
N ASN L 1178 -79.20 -101.25 48.49
CA ASN L 1178 -78.62 -101.66 49.81
C ASN L 1178 -78.28 -103.15 49.82
N THR L 1179 -77.92 -103.74 48.68
CA THR L 1179 -77.30 -105.09 48.57
C THR L 1179 -76.49 -105.13 47.27
N SER L 1180 -75.21 -104.73 47.32
CA SER L 1180 -74.30 -104.49 46.16
C SER L 1180 -74.49 -105.57 45.08
N SER L 1181 -74.50 -106.85 45.46
CA SER L 1181 -74.42 -108.04 44.54
C SER L 1181 -75.49 -108.00 43.44
N LYS L 1182 -76.63 -107.32 43.67
CA LYS L 1182 -77.79 -107.25 42.72
C LYS L 1182 -78.15 -105.82 42.34
N THR L 1183 -77.49 -104.82 42.91
CA THR L 1183 -77.76 -103.40 42.59
C THR L 1183 -77.73 -103.23 41.07
N VAL L 1184 -78.68 -102.47 40.52
CA VAL L 1184 -78.72 -102.07 39.09
C VAL L 1184 -79.00 -100.57 39.03
N VAL L 1185 -78.17 -99.83 38.31
CA VAL L 1185 -78.34 -98.36 38.09
C VAL L 1185 -78.55 -98.15 36.59
N THR L 1186 -79.67 -97.49 36.25
CA THR L 1186 -80.33 -97.51 34.93
C THR L 1186 -80.60 -96.08 34.48
N LEU L 1187 -79.74 -95.54 33.61
CA LEU L 1187 -79.85 -94.15 33.11
C LEU L 1187 -80.86 -94.14 31.97
N SER L 1188 -81.71 -93.11 31.92
CA SER L 1188 -82.76 -92.92 30.90
C SER L 1188 -82.75 -91.46 30.47
N GLU L 1189 -82.92 -91.19 29.17
CA GLU L 1189 -82.88 -89.84 28.57
C GLU L 1189 -84.05 -89.68 27.61
N PRO L 1190 -84.31 -88.44 27.11
CA PRO L 1190 -85.17 -88.23 25.95
C PRO L 1190 -84.61 -88.86 24.67
N VAL L 1191 -85.44 -89.66 23.99
CA VAL L 1191 -85.11 -90.34 22.69
C VAL L 1191 -86.35 -90.26 21.79
N GLN L 1192 -86.34 -89.30 20.84
CA GLN L 1192 -87.41 -89.11 19.83
C GLN L 1192 -88.70 -88.73 20.58
N GLY L 1193 -88.58 -87.80 21.54
CA GLY L 1193 -89.70 -87.29 22.37
C GLY L 1193 -89.79 -88.00 23.71
N GLU L 1194 -90.16 -89.29 23.72
CA GLU L 1194 -90.37 -90.12 24.95
C GLU L 1194 -89.05 -90.30 25.73
N LEU L 1195 -89.07 -91.03 26.85
CA LEU L 1195 -87.91 -91.23 27.76
C LEU L 1195 -87.60 -92.73 27.92
N LYS L 1196 -86.49 -93.20 27.33
CA LYS L 1196 -86.12 -94.63 27.22
C LYS L 1196 -84.81 -94.92 27.96
N PRO L 1197 -84.58 -96.19 28.41
CA PRO L 1197 -83.30 -96.58 29.00
C PRO L 1197 -82.13 -96.53 28.00
N THR L 1198 -81.03 -95.85 28.36
CA THR L 1198 -79.85 -95.65 27.49
C THR L 1198 -78.58 -96.28 28.05
N VAL L 1199 -78.49 -96.53 29.37
CA VAL L 1199 -77.36 -97.27 30.04
C VAL L 1199 -77.92 -98.17 31.15
N ILE L 1200 -77.29 -99.31 31.40
CA ILE L 1200 -77.66 -100.27 32.48
C ILE L 1200 -76.36 -100.76 33.11
N LEU L 1201 -75.90 -100.06 34.14
CA LEU L 1201 -74.62 -100.31 34.86
C LEU L 1201 -74.89 -101.27 36.02
N LYS L 1202 -74.32 -102.47 35.99
CA LYS L 1202 -74.57 -103.53 37.00
C LYS L 1202 -73.43 -104.54 37.08
N LEU L 1203 -73.50 -105.47 38.03
CA LEU L 1203 -72.64 -106.68 38.16
C LEU L 1203 -73.17 -107.79 37.24
N LEU L 1204 -72.29 -108.51 36.54
CA LEU L 1204 -72.59 -109.86 36.00
C LEU L 1204 -72.23 -110.87 37.10
N LYS L 1205 -71.72 -112.04 36.72
CA LYS L 1205 -70.80 -112.89 37.53
C LYS L 1205 -69.92 -111.98 38.42
N GLU L 1206 -69.47 -112.54 39.56
CA GLU L 1206 -69.13 -111.84 40.85
C GLU L 1206 -68.21 -110.62 40.68
N ASN L 1207 -67.17 -110.69 39.84
CA ASN L 1207 -66.10 -109.66 39.82
C ASN L 1207 -66.05 -108.91 38.48
N ILE L 1208 -67.18 -108.80 37.76
CA ILE L 1208 -67.28 -108.14 36.43
C ILE L 1208 -68.40 -107.09 36.44
N ILE L 1209 -68.04 -105.82 36.25
CA ILE L 1209 -69.01 -104.69 36.10
C ILE L 1209 -69.33 -104.56 34.62
N GLN L 1210 -70.57 -104.89 34.21
CA GLN L 1210 -71.08 -104.69 32.84
C GLN L 1210 -71.72 -103.31 32.79
N MET L 1211 -71.40 -102.52 31.78
CA MET L 1211 -72.06 -101.23 31.48
C MET L 1211 -72.81 -101.32 30.15
N GLU L 1212 -73.90 -102.10 30.11
CA GLU L 1212 -74.73 -102.37 28.90
C GLU L 1212 -75.23 -101.03 28.39
N MET L 1213 -74.85 -100.67 27.16
CA MET L 1213 -74.90 -99.28 26.66
C MET L 1213 -75.68 -99.21 25.35
N ILE L 1214 -76.85 -98.60 25.38
CA ILE L 1214 -77.98 -98.99 24.48
C ILE L 1214 -78.15 -97.93 23.39
N GLU L 1215 -78.33 -98.40 22.15
CA GLU L 1215 -78.78 -97.56 21.02
C GLU L 1215 -80.25 -97.88 20.73
N ASN L 1216 -81.09 -96.85 20.71
CA ASN L 1216 -82.55 -96.98 20.44
C ASN L 1216 -82.85 -96.71 18.95
N ARG L 1217 -82.00 -95.90 18.30
CA ARG L 1217 -82.13 -95.46 16.89
C ARG L 1217 -81.44 -96.46 15.97
N THR L 1218 -82.08 -97.60 15.71
CA THR L 1218 -81.52 -98.75 14.95
C THR L 1218 -82.36 -99.00 13.69
N MET L 1219 -81.99 -100.01 12.89
CA MET L 1219 -82.56 -100.33 11.54
C MET L 1219 -84.03 -100.76 11.67
N ASP L 1220 -84.35 -101.63 12.64
CA ASP L 1220 -85.68 -102.28 12.78
C ASP L 1220 -86.28 -102.03 14.18
N GLY L 1221 -85.88 -100.96 14.87
CA GLY L 1221 -86.49 -100.51 16.15
C GLY L 1221 -85.98 -101.28 17.37
N LYS L 1222 -85.93 -102.63 17.30
CA LYS L 1222 -85.36 -103.53 18.34
C LYS L 1222 -84.04 -102.93 18.83
N PRO L 1223 -83.96 -102.34 20.04
CA PRO L 1223 -82.75 -101.61 20.44
C PRO L 1223 -81.52 -102.54 20.52
N VAL L 1224 -80.34 -101.95 20.36
CA VAL L 1224 -79.02 -102.63 20.22
C VAL L 1224 -78.16 -102.29 21.43
N SER L 1225 -77.49 -103.29 22.00
CA SER L 1225 -76.76 -103.23 23.30
C SER L 1225 -75.29 -103.55 23.08
N LEU L 1226 -74.41 -102.62 23.46
CA LEU L 1226 -72.93 -102.78 23.51
C LEU L 1226 -72.55 -103.19 24.93
N PRO L 1227 -72.23 -104.47 25.23
CA PRO L 1227 -71.75 -104.84 26.56
C PRO L 1227 -70.28 -104.42 26.81
N LEU L 1228 -70.04 -103.27 27.46
CA LEU L 1228 -68.68 -102.85 27.88
C LEU L 1228 -68.36 -103.47 29.25
N LEU L 1229 -67.37 -104.34 29.33
CA LEU L 1229 -67.01 -105.09 30.57
C LEU L 1229 -65.83 -104.43 31.28
N TYR L 1230 -65.75 -104.64 32.60
CA TYR L 1230 -64.75 -104.03 33.49
C TYR L 1230 -64.49 -104.95 34.70
N ASN L 1231 -63.24 -105.39 34.89
CA ASN L 1231 -62.80 -106.17 36.08
C ASN L 1231 -62.77 -105.24 37.30
N PHE L 1232 -63.45 -105.64 38.38
CA PHE L 1232 -63.41 -104.96 39.70
C PHE L 1232 -62.55 -105.80 40.64
N ASN L 1233 -61.36 -105.31 40.93
CA ASN L 1233 -60.36 -106.00 41.79
C ASN L 1233 -60.23 -105.21 43.08
N PRO L 1234 -60.78 -105.69 44.22
CA PRO L 1234 -60.68 -104.94 45.47
C PRO L 1234 -59.30 -105.01 46.15
N ASP L 1235 -58.43 -105.94 45.73
CA ASP L 1235 -57.06 -106.13 46.30
C ASP L 1235 -56.16 -104.95 45.94
N ASN L 1236 -56.24 -104.47 44.69
CA ASN L 1236 -55.63 -103.20 44.24
C ASN L 1236 -56.69 -102.12 44.44
N GLY L 1237 -56.49 -101.22 45.39
CA GLY L 1237 -57.53 -100.31 45.87
C GLY L 1237 -57.34 -98.88 45.44
N PHE L 1238 -56.18 -98.52 44.87
CA PHE L 1238 -55.97 -97.19 44.25
C PHE L 1238 -56.73 -97.13 42.91
N ALA L 1239 -56.67 -98.24 42.18
CA ALA L 1239 -57.27 -98.47 40.85
C ALA L 1239 -57.92 -99.85 40.86
N PRO L 1240 -59.11 -99.98 41.48
CA PRO L 1240 -59.82 -101.25 41.51
C PRO L 1240 -60.55 -101.63 40.21
N ILE L 1241 -60.87 -100.65 39.33
CA ILE L 1241 -61.57 -100.93 38.05
C ILE L 1241 -60.55 -100.93 36.89
N SER L 1242 -60.57 -101.97 36.07
CA SER L 1242 -59.72 -102.18 34.87
C SER L 1242 -60.58 -102.71 33.71
N GLU L 1243 -60.56 -102.07 32.53
CA GLU L 1243 -61.33 -102.53 31.36
C GLU L 1243 -60.83 -103.90 30.90
N VAL L 1244 -61.73 -104.84 30.64
CA VAL L 1244 -61.44 -106.12 29.93
C VAL L 1244 -61.18 -105.75 28.46
N MET L 1245 -59.98 -106.06 27.95
CA MET L 1245 -59.53 -105.68 26.59
C MET L 1245 -59.62 -106.88 25.63
N GLU L 1246 -59.78 -108.10 26.15
CA GLU L 1246 -59.81 -109.35 25.34
C GLU L 1246 -61.17 -109.44 24.63
N ASP L 1247 -61.18 -109.29 23.30
CA ASP L 1247 -62.40 -109.26 22.45
C ASP L 1247 -63.24 -108.02 22.77
N ARG L 1248 -62.60 -106.90 23.12
CA ARG L 1248 -63.28 -105.59 23.22
C ARG L 1248 -63.61 -105.06 21.82
N ASN L 1249 -62.63 -105.08 20.91
CA ASN L 1249 -62.79 -104.58 19.53
C ASN L 1249 -63.83 -105.42 18.77
N GLN L 1250 -64.07 -106.68 19.15
CA GLN L 1250 -65.08 -107.54 18.49
C GLN L 1250 -66.46 -107.52 19.19
N ARG L 1251 -66.62 -106.75 20.25
CA ARG L 1251 -67.97 -106.42 20.81
C ARG L 1251 -68.42 -105.16 20.07
N ILE L 1252 -67.56 -104.15 20.07
CA ILE L 1252 -67.80 -102.84 19.42
C ILE L 1252 -68.16 -103.08 17.95
N LYS L 1253 -67.52 -104.03 17.27
CA LYS L 1253 -67.82 -104.32 15.85
C LYS L 1253 -69.21 -104.94 15.75
N GLU L 1254 -69.50 -105.99 16.52
CA GLU L 1254 -70.82 -106.67 16.52
C GLU L 1254 -71.94 -105.63 16.58
N MET L 1255 -71.80 -104.62 17.42
CA MET L 1255 -72.82 -103.58 17.64
C MET L 1255 -73.02 -102.76 16.37
N TYR L 1256 -71.92 -102.23 15.83
CA TYR L 1256 -71.90 -101.43 14.60
C TYR L 1256 -72.40 -102.26 13.42
N TRP L 1257 -72.12 -103.56 13.40
CA TRP L 1257 -72.64 -104.48 12.36
C TRP L 1257 -74.16 -104.50 12.39
N LYS L 1258 -74.80 -104.66 13.56
CA LYS L 1258 -76.28 -104.63 13.70
C LYS L 1258 -76.81 -103.32 13.11
N LEU L 1259 -76.10 -102.21 13.34
CA LEU L 1259 -76.56 -100.85 12.98
C LEU L 1259 -76.36 -100.53 11.50
N TRP L 1260 -75.37 -101.12 10.84
CA TRP L 1260 -74.91 -100.72 9.48
C TRP L 1260 -75.21 -101.82 8.47
N ILE L 1261 -74.68 -103.03 8.68
CA ILE L 1261 -74.76 -104.16 7.71
C ILE L 1261 -76.06 -104.93 7.96
N ASP L 1262 -76.60 -105.56 6.92
CA ASP L 1262 -77.90 -106.29 6.95
C ASP L 1262 -77.68 -107.79 6.64
N GLU L 1263 -76.57 -108.37 7.12
CA GLU L 1263 -76.12 -109.75 6.79
C GLU L 1263 -75.89 -110.53 8.07
N PRO L 1264 -75.66 -111.88 8.02
CA PRO L 1264 -75.20 -112.63 9.19
C PRO L 1264 -73.77 -112.24 9.59
N PHE L 1265 -73.58 -111.83 10.84
CA PHE L 1265 -72.31 -111.33 11.43
C PHE L 1265 -71.19 -112.36 11.25
N ASN L 1266 -70.05 -111.91 10.74
CA ASN L 1266 -68.85 -112.74 10.45
C ASN L 1266 -67.68 -111.82 10.04
N LEU L 1267 -66.61 -111.81 10.84
CA LEU L 1267 -65.41 -110.94 10.65
C LEU L 1267 -64.23 -111.79 10.13
N ASP L 1268 -64.49 -113.01 9.66
CA ASP L 1268 -63.49 -113.88 8.99
C ASP L 1268 -63.74 -113.83 7.47
N PHE L 1269 -63.25 -112.77 6.82
CA PHE L 1269 -63.24 -112.61 5.35
C PHE L 1269 -62.06 -111.70 4.98
N ASP L 1270 -61.29 -112.10 3.96
CA ASP L 1270 -59.99 -111.47 3.58
C ASP L 1270 -60.23 -110.02 3.16
N PRO L 1271 -59.44 -109.04 3.65
CA PRO L 1271 -59.51 -107.68 3.12
C PRO L 1271 -59.21 -107.58 1.62
N ARG L 1272 -58.18 -108.28 1.11
CA ARG L 1272 -57.79 -108.28 -0.33
C ARG L 1272 -58.96 -108.63 -1.25
N ASP L 1273 -59.91 -109.48 -0.80
CA ASP L 1273 -61.06 -109.91 -1.64
C ASP L 1273 -62.01 -108.73 -1.88
N VAL L 1274 -62.80 -108.83 -2.95
CA VAL L 1274 -63.84 -107.84 -3.36
C VAL L 1274 -65.06 -108.02 -2.46
N ILE L 1275 -65.70 -106.90 -2.10
CA ILE L 1275 -66.97 -106.84 -1.33
C ILE L 1275 -68.05 -106.39 -2.31
N LYS L 1276 -69.18 -107.08 -2.38
CA LYS L 1276 -70.30 -106.71 -3.30
C LYS L 1276 -71.60 -106.52 -2.52
N GLY L 1277 -72.16 -105.29 -2.57
CA GLY L 1277 -73.44 -104.92 -1.95
C GLY L 1277 -74.63 -105.36 -2.80
N LYS L 1278 -75.83 -105.34 -2.21
CA LYS L 1278 -77.12 -105.61 -2.89
C LYS L 1278 -77.32 -104.64 -4.06
N ASP L 1279 -77.99 -105.08 -5.12
CA ASP L 1279 -78.55 -104.19 -6.19
C ASP L 1279 -79.54 -103.24 -5.52
N PHE L 1280 -79.42 -101.95 -5.83
CA PHE L 1280 -80.17 -100.84 -5.20
C PHE L 1280 -80.97 -100.12 -6.29
N GLU L 1281 -82.28 -100.33 -6.33
CA GLU L 1281 -83.18 -99.57 -7.23
C GLU L 1281 -83.36 -98.16 -6.66
N ILE L 1282 -82.97 -97.14 -7.40
CA ILE L 1282 -83.24 -95.72 -7.05
C ILE L 1282 -84.74 -95.48 -7.26
N THR L 1283 -85.38 -94.72 -6.36
CA THR L 1283 -86.82 -94.36 -6.39
C THR L 1283 -86.96 -92.87 -6.07
N ALA L 1284 -87.99 -92.21 -6.60
CA ALA L 1284 -88.24 -90.76 -6.42
C ALA L 1284 -88.36 -90.47 -4.92
N LYS L 1285 -89.02 -91.40 -4.21
CA LYS L 1285 -89.19 -91.40 -2.74
C LYS L 1285 -87.83 -91.14 -2.08
N GLU L 1286 -86.86 -92.05 -2.29
CA GLU L 1286 -85.52 -92.01 -1.65
C GLU L 1286 -84.82 -90.68 -1.96
N VAL L 1287 -84.73 -90.32 -3.25
CA VAL L 1287 -84.02 -89.09 -3.75
C VAL L 1287 -84.66 -87.84 -3.17
N TYR L 1288 -85.99 -87.77 -3.16
CA TYR L 1288 -86.79 -86.66 -2.57
C TYR L 1288 -86.36 -86.44 -1.11
N ASP L 1289 -86.35 -87.51 -0.31
CA ASP L 1289 -86.01 -87.50 1.14
C ASP L 1289 -84.58 -86.99 1.31
N PHE L 1290 -83.66 -87.65 0.62
CA PHE L 1290 -82.20 -87.36 0.67
C PHE L 1290 -81.95 -85.88 0.44
N THR L 1291 -82.59 -85.27 -0.56
CA THR L 1291 -82.34 -83.85 -0.94
C THR L 1291 -82.79 -82.90 0.18
N HIS L 1292 -83.90 -83.22 0.87
CA HIS L 1292 -84.42 -82.40 2.00
C HIS L 1292 -83.48 -82.49 3.20
N ALA L 1293 -82.95 -83.69 3.47
CA ALA L 1293 -81.99 -83.93 4.58
C ALA L 1293 -80.77 -83.03 4.42
N VAL L 1294 -80.15 -83.02 3.24
CA VAL L 1294 -78.85 -82.30 3.01
C VAL L 1294 -79.07 -80.82 2.65
N GLY L 1295 -80.23 -80.46 2.11
CA GLY L 1295 -80.57 -79.05 1.75
C GLY L 1295 -80.20 -78.71 0.32
N ASN L 1296 -80.38 -79.66 -0.61
CA ASN L 1296 -80.05 -79.56 -2.05
C ASN L 1296 -81.34 -79.26 -2.82
N ASN L 1297 -81.52 -77.99 -3.22
CA ASN L 1297 -82.80 -77.51 -3.82
C ASN L 1297 -82.81 -77.73 -5.34
N CYS L 1298 -81.64 -77.82 -5.97
CA CYS L 1298 -81.42 -77.95 -7.44
C CYS L 1298 -82.59 -78.65 -8.16
N GLU L 1299 -83.08 -78.01 -9.23
CA GLU L 1299 -84.28 -78.38 -10.04
C GLU L 1299 -84.17 -79.80 -10.56
N ASP L 1300 -82.96 -80.29 -10.88
CA ASP L 1300 -82.73 -81.59 -11.57
C ASP L 1300 -83.30 -82.76 -10.75
N PHE L 1301 -83.51 -82.57 -9.44
CA PHE L 1301 -83.87 -83.64 -8.48
C PHE L 1301 -85.36 -83.63 -8.18
N VAL L 1302 -86.04 -82.52 -8.50
CA VAL L 1302 -87.52 -82.39 -8.40
C VAL L 1302 -88.15 -83.15 -9.57
N SER L 1303 -89.28 -83.82 -9.32
CA SER L 1303 -90.11 -84.52 -10.33
C SER L 1303 -90.99 -83.50 -11.06
N ARG L 1304 -90.59 -83.13 -12.28
CA ARG L 1304 -91.40 -82.35 -13.26
C ARG L 1304 -91.84 -83.29 -14.38
N PRO L 1305 -92.80 -82.90 -15.27
CA PRO L 1305 -93.19 -83.74 -16.40
C PRO L 1305 -92.18 -83.68 -17.57
N ASP L 1306 -92.21 -84.71 -18.43
CA ASP L 1306 -91.25 -84.96 -19.56
C ASP L 1306 -89.92 -85.46 -18.98
N ARG L 1307 -88.99 -84.54 -18.66
CA ARG L 1307 -87.59 -84.84 -18.20
C ARG L 1307 -87.66 -85.82 -17.00
N THR L 1308 -86.71 -86.77 -16.92
CA THR L 1308 -86.61 -87.79 -15.84
C THR L 1308 -85.88 -87.18 -14.63
N MET L 1309 -86.26 -87.61 -13.42
CA MET L 1309 -85.65 -87.16 -12.14
C MET L 1309 -84.23 -87.74 -12.04
N LEU L 1310 -83.25 -86.87 -11.78
CA LEU L 1310 -81.84 -87.25 -11.52
C LEU L 1310 -81.65 -87.47 -10.02
N ALA L 1311 -80.67 -88.27 -9.62
CA ALA L 1311 -80.16 -88.36 -8.23
C ALA L 1311 -78.88 -87.53 -8.16
N PRO L 1312 -78.62 -86.85 -7.02
CA PRO L 1312 -77.35 -86.15 -6.82
C PRO L 1312 -76.22 -87.20 -6.71
N MET L 1313 -74.95 -86.81 -6.94
CA MET L 1313 -73.82 -87.77 -6.91
C MET L 1313 -73.56 -88.17 -5.45
N ASP L 1314 -73.75 -87.26 -4.51
CA ASP L 1314 -73.84 -87.51 -3.04
C ASP L 1314 -74.60 -88.81 -2.73
N PHE L 1315 -75.68 -89.04 -3.45
CA PHE L 1315 -76.56 -90.23 -3.31
C PHE L 1315 -75.77 -91.53 -3.46
N ALA L 1316 -74.59 -91.50 -4.10
CA ALA L 1316 -73.71 -92.67 -4.27
C ALA L 1316 -73.37 -93.30 -2.93
N ILE L 1317 -73.14 -92.49 -1.90
CA ILE L 1317 -72.76 -92.99 -0.54
C ILE L 1317 -73.94 -93.79 0.05
N VAL L 1318 -75.18 -93.43 -0.29
CA VAL L 1318 -76.40 -94.15 0.19
C VAL L 1318 -76.45 -95.54 -0.46
N VAL L 1319 -75.94 -95.65 -1.69
CA VAL L 1319 -75.93 -96.91 -2.47
C VAL L 1319 -74.73 -97.72 -2.00
N GLY L 1320 -73.60 -97.02 -1.84
CA GLY L 1320 -72.27 -97.58 -1.56
C GLY L 1320 -72.12 -98.08 -0.15
N TRP L 1321 -72.56 -97.30 0.84
CA TRP L 1321 -72.23 -97.43 2.30
C TRP L 1321 -72.12 -98.89 2.76
N ARG L 1322 -73.20 -99.68 2.66
CA ARG L 1322 -73.20 -101.08 3.16
C ARG L 1322 -71.97 -101.83 2.63
N ALA L 1323 -71.53 -101.56 1.40
CA ALA L 1323 -70.34 -102.19 0.80
C ALA L 1323 -69.07 -101.50 1.31
N ILE L 1324 -69.00 -100.19 1.17
CA ILE L 1324 -67.78 -99.41 1.50
C ILE L 1324 -67.39 -99.70 2.94
N ILE L 1325 -68.30 -99.49 3.90
CA ILE L 1325 -67.97 -99.55 5.35
C ILE L 1325 -67.59 -100.99 5.74
N LYS L 1326 -68.14 -102.00 5.07
CA LYS L 1326 -67.84 -103.41 5.41
C LYS L 1326 -66.34 -103.67 5.29
N ALA L 1327 -65.58 -102.83 4.56
CA ALA L 1327 -64.14 -103.06 4.29
C ALA L 1327 -63.29 -102.85 5.55
N ILE L 1328 -63.78 -102.12 6.55
CA ILE L 1328 -63.01 -101.84 7.80
C ILE L 1328 -63.38 -102.84 8.91
N PHE L 1329 -64.18 -103.87 8.63
CA PHE L 1329 -64.69 -104.83 9.64
C PHE L 1329 -63.78 -106.04 9.85
N PRO L 1330 -63.02 -106.56 8.87
CA PRO L 1330 -62.30 -107.81 9.05
C PRO L 1330 -61.40 -107.92 10.30
N ASN L 1331 -61.18 -109.16 10.80
CA ASN L 1331 -60.31 -109.46 11.96
C ASN L 1331 -58.91 -108.88 11.74
N THR L 1332 -58.41 -109.00 10.51
CA THR L 1332 -57.02 -108.63 10.11
C THR L 1332 -56.85 -107.09 10.07
N VAL L 1333 -57.92 -106.30 9.97
CA VAL L 1333 -57.87 -104.81 10.04
C VAL L 1333 -58.57 -104.39 11.35
N ASP L 1334 -57.91 -104.65 12.48
CA ASP L 1334 -58.50 -104.60 13.85
C ASP L 1334 -58.43 -103.17 14.39
N GLY L 1335 -59.54 -102.62 14.87
CA GLY L 1335 -59.58 -101.24 15.39
C GLY L 1335 -60.77 -100.95 16.30
N ASP L 1336 -60.60 -99.93 17.15
CA ASP L 1336 -61.64 -99.41 18.06
C ASP L 1336 -62.58 -98.55 17.22
N LEU L 1337 -63.70 -99.11 16.81
CA LEU L 1337 -64.66 -98.41 15.92
C LEU L 1337 -65.18 -97.13 16.56
N LEU L 1338 -65.06 -96.97 17.88
CA LEU L 1338 -65.59 -95.78 18.61
C LEU L 1338 -64.61 -94.62 18.44
N LYS L 1339 -63.35 -94.92 18.13
CA LYS L 1339 -62.31 -93.90 17.84
C LYS L 1339 -62.00 -93.84 16.32
N LEU L 1340 -62.94 -94.24 15.46
CA LEU L 1340 -62.76 -94.19 13.98
C LEU L 1340 -62.99 -92.77 13.50
N VAL L 1341 -62.08 -92.25 12.68
CA VAL L 1341 -62.21 -90.95 11.99
C VAL L 1341 -62.39 -91.22 10.49
N HIS L 1342 -63.49 -90.72 9.90
CA HIS L 1342 -63.63 -90.48 8.44
C HIS L 1342 -62.73 -89.31 8.12
N LEU L 1343 -61.63 -89.52 7.38
CA LEU L 1343 -60.66 -88.43 7.07
C LEU L 1343 -61.12 -87.63 5.85
N SER L 1344 -61.54 -88.34 4.81
CA SER L 1344 -61.74 -87.76 3.47
C SER L 1344 -62.65 -88.67 2.68
N ASN L 1345 -63.61 -88.07 1.95
CA ASN L 1345 -64.50 -88.79 0.99
C ASN L 1345 -64.41 -88.10 -0.36
N GLY L 1346 -64.51 -88.86 -1.45
CA GLY L 1346 -64.46 -88.33 -2.82
C GLY L 1346 -65.37 -89.06 -3.77
N TYR L 1347 -65.89 -88.36 -4.78
CA TYR L 1347 -66.62 -88.94 -5.93
C TYR L 1347 -65.93 -88.53 -7.22
N LYS L 1348 -65.98 -89.41 -8.22
CA LYS L 1348 -65.30 -89.27 -9.52
C LYS L 1348 -66.16 -90.03 -10.51
N MET L 1349 -66.85 -89.30 -11.39
CA MET L 1349 -67.69 -89.83 -12.48
C MET L 1349 -66.75 -90.42 -13.52
N ILE L 1350 -67.01 -91.65 -14.02
CA ILE L 1350 -66.12 -92.25 -15.05
C ILE L 1350 -66.50 -91.59 -16.36
N PRO L 1351 -65.51 -91.12 -17.17
CA PRO L 1351 -65.80 -90.19 -18.26
C PRO L 1351 -66.80 -90.73 -19.30
N GLY L 1352 -67.72 -89.87 -19.74
CA GLY L 1352 -68.82 -90.22 -20.66
C GLY L 1352 -70.11 -90.54 -19.91
N ALA L 1353 -70.03 -91.29 -18.81
CA ALA L 1353 -71.19 -91.82 -18.03
C ALA L 1353 -72.12 -90.70 -17.60
N LYS L 1354 -73.42 -90.83 -17.93
CA LYS L 1354 -74.49 -89.92 -17.51
C LYS L 1354 -74.74 -90.14 -16.02
N PRO L 1355 -75.19 -89.10 -15.28
CA PRO L 1355 -75.43 -89.24 -13.83
C PRO L 1355 -76.66 -90.10 -13.51
N LEU L 1356 -76.77 -90.53 -12.25
CA LEU L 1356 -77.78 -91.52 -11.78
C LEU L 1356 -79.19 -90.94 -11.95
N GLN L 1357 -80.05 -91.65 -12.69
CA GLN L 1357 -81.49 -91.34 -12.89
C GLN L 1357 -82.30 -91.99 -11.75
N VAL L 1358 -83.62 -92.14 -11.91
CA VAL L 1358 -84.57 -92.51 -10.82
C VAL L 1358 -85.17 -93.91 -11.05
N GLY L 1359 -85.02 -94.51 -12.23
CA GLY L 1359 -85.47 -95.88 -12.47
C GLY L 1359 -84.34 -96.89 -12.33
N ASP L 1360 -83.09 -96.39 -12.25
CA ASP L 1360 -81.84 -97.17 -12.45
C ASP L 1360 -81.69 -98.23 -11.36
N VAL L 1361 -81.16 -99.40 -11.73
CA VAL L 1361 -80.74 -100.49 -10.79
C VAL L 1361 -79.21 -100.48 -10.75
N VAL L 1362 -78.62 -100.22 -9.58
CA VAL L 1362 -77.19 -99.83 -9.42
C VAL L 1362 -76.47 -100.86 -8.56
N SER L 1363 -75.67 -101.73 -9.17
CA SER L 1363 -74.72 -102.66 -8.50
C SER L 1363 -73.61 -101.85 -7.83
N THR L 1364 -73.17 -102.28 -6.65
CA THR L 1364 -71.98 -101.76 -5.93
C THR L 1364 -70.99 -102.91 -5.73
N THR L 1365 -69.73 -102.53 -5.59
CA THR L 1365 -68.56 -103.40 -5.40
C THR L 1365 -67.46 -102.49 -4.85
N ALA L 1366 -66.93 -102.82 -3.67
CA ALA L 1366 -65.91 -101.98 -2.99
C ALA L 1366 -64.68 -102.83 -2.73
N VAL L 1367 -63.54 -102.17 -2.76
CA VAL L 1367 -62.20 -102.79 -2.76
C VAL L 1367 -61.35 -101.92 -1.84
N ILE L 1368 -60.69 -102.57 -0.91
CA ILE L 1368 -59.71 -101.93 -0.01
C ILE L 1368 -58.44 -101.73 -0.83
N GLU L 1369 -57.94 -100.50 -0.85
CA GLU L 1369 -56.92 -99.98 -1.79
C GLU L 1369 -55.58 -99.99 -1.05
N SER L 1370 -55.52 -99.26 0.07
CA SER L 1370 -54.41 -99.25 1.06
C SER L 1370 -54.94 -99.63 2.45
N VAL L 1371 -54.22 -100.49 3.15
CA VAL L 1371 -54.17 -100.55 4.64
C VAL L 1371 -52.72 -100.32 5.03
N VAL L 1372 -52.42 -99.24 5.73
CA VAL L 1372 -51.01 -98.85 5.99
C VAL L 1372 -50.95 -98.36 7.45
N ASN L 1373 -50.09 -98.97 8.28
CA ASN L 1373 -49.85 -98.53 9.68
C ASN L 1373 -48.96 -97.29 9.61
N GLN L 1374 -49.39 -96.22 10.27
CA GLN L 1374 -48.60 -94.99 10.47
C GLN L 1374 -48.26 -94.92 11.96
N PRO L 1375 -47.31 -94.07 12.39
CA PRO L 1375 -47.06 -93.89 13.82
C PRO L 1375 -48.37 -93.74 14.60
N THR L 1376 -49.13 -92.71 14.23
CA THR L 1376 -50.30 -92.19 14.99
C THR L 1376 -51.50 -93.14 14.89
N GLY L 1377 -51.55 -94.03 13.88
CA GLY L 1377 -52.66 -95.01 13.69
C GLY L 1377 -52.61 -95.76 12.36
N LYS L 1378 -53.72 -96.42 11.99
CA LYS L 1378 -53.90 -97.25 10.78
C LYS L 1378 -54.87 -96.56 9.81
N ILE L 1379 -54.46 -96.33 8.55
CA ILE L 1379 -55.28 -95.62 7.54
C ILE L 1379 -55.77 -96.62 6.51
N VAL L 1380 -57.07 -96.87 6.49
CA VAL L 1380 -57.78 -97.70 5.47
C VAL L 1380 -58.36 -96.80 4.38
N ASP L 1381 -58.11 -97.15 3.12
CA ASP L 1381 -58.49 -96.40 1.89
C ASP L 1381 -59.36 -97.33 1.03
N VAL L 1382 -60.63 -97.00 0.85
CA VAL L 1382 -61.59 -97.89 0.15
C VAL L 1382 -62.02 -97.21 -1.15
N VAL L 1383 -62.28 -98.03 -2.18
CA VAL L 1383 -62.70 -97.58 -3.53
C VAL L 1383 -63.97 -98.33 -3.93
N GLY L 1384 -65.11 -97.68 -3.77
CA GLY L 1384 -66.42 -98.19 -4.19
C GLY L 1384 -66.65 -97.87 -5.64
N THR L 1385 -67.24 -98.81 -6.39
CA THR L 1385 -67.52 -98.68 -7.84
C THR L 1385 -69.01 -98.96 -8.03
N LEU L 1386 -69.77 -97.89 -8.31
CA LEU L 1386 -71.19 -97.97 -8.73
C LEU L 1386 -71.24 -98.37 -10.21
N SER L 1387 -72.13 -99.31 -10.56
CA SER L 1387 -72.36 -99.78 -11.95
C SER L 1387 -73.86 -99.79 -12.28
N ARG L 1388 -74.21 -99.40 -13.51
CA ARG L 1388 -75.58 -99.35 -14.10
C ARG L 1388 -75.55 -100.09 -15.43
N ASN L 1389 -76.38 -101.14 -15.61
CA ASN L 1389 -76.44 -101.95 -16.86
C ASN L 1389 -75.02 -102.41 -17.24
N GLY L 1390 -74.29 -103.02 -16.30
CA GLY L 1390 -73.00 -103.69 -16.57
C GLY L 1390 -71.79 -102.77 -16.59
N LYS L 1391 -71.96 -101.45 -16.76
CA LYS L 1391 -70.85 -100.47 -16.93
C LYS L 1391 -70.59 -99.71 -15.64
N PRO L 1392 -69.31 -99.39 -15.30
CA PRO L 1392 -69.03 -98.39 -14.27
C PRO L 1392 -69.71 -97.04 -14.54
N VAL L 1393 -70.25 -96.42 -13.49
CA VAL L 1393 -70.81 -95.04 -13.52
C VAL L 1393 -69.86 -94.12 -12.75
N MET L 1394 -69.62 -94.40 -11.47
CA MET L 1394 -68.66 -93.58 -10.69
C MET L 1394 -67.94 -94.41 -9.64
N GLU L 1395 -66.79 -93.88 -9.19
CA GLU L 1395 -65.94 -94.36 -8.08
C GLU L 1395 -66.15 -93.46 -6.86
N VAL L 1396 -66.52 -94.08 -5.74
CA VAL L 1396 -66.53 -93.47 -4.38
C VAL L 1396 -65.22 -93.86 -3.70
N THR L 1397 -64.48 -92.90 -3.15
CA THR L 1397 -63.20 -93.09 -2.41
C THR L 1397 -63.35 -92.52 -1.00
N SER L 1398 -63.21 -93.37 0.02
CA SER L 1398 -63.29 -93.02 1.46
C SER L 1398 -61.97 -93.40 2.12
N SER L 1399 -61.38 -92.51 2.91
CA SER L 1399 -60.22 -92.83 3.77
C SER L 1399 -60.65 -92.77 5.25
N PHE L 1400 -60.57 -93.90 5.93
CA PHE L 1400 -60.84 -94.07 7.38
C PHE L 1400 -59.53 -94.19 8.15
N PHE L 1401 -59.52 -93.70 9.38
CA PHE L 1401 -58.35 -93.70 10.30
C PHE L 1401 -58.75 -94.34 11.64
N TYR L 1402 -58.13 -95.46 12.01
CA TYR L 1402 -58.18 -96.03 13.39
C TYR L 1402 -57.02 -95.46 14.22
N ARG L 1403 -57.29 -94.56 15.19
CA ARG L 1403 -56.23 -94.03 16.11
C ARG L 1403 -55.74 -95.17 16.97
N GLY L 1404 -54.41 -95.35 17.03
CA GLY L 1404 -53.80 -96.35 17.94
C GLY L 1404 -52.36 -96.61 17.60
N ASN L 1405 -51.84 -97.71 18.15
CA ASN L 1405 -50.47 -98.20 17.89
C ASN L 1405 -50.58 -99.62 17.33
N TYR L 1406 -50.42 -99.76 16.02
CA TYR L 1406 -50.51 -101.04 15.29
C TYR L 1406 -49.10 -101.40 14.83
N THR L 1407 -48.74 -102.68 14.97
CA THR L 1407 -47.45 -103.29 14.52
C THR L 1407 -47.83 -104.58 13.79
N ASP L 1408 -48.81 -104.45 12.90
CA ASP L 1408 -49.65 -105.53 12.31
C ASP L 1408 -49.22 -105.66 10.85
N PHE L 1409 -47.91 -105.56 10.58
CA PHE L 1409 -47.36 -105.29 9.22
C PHE L 1409 -47.64 -106.48 8.27
N GLU L 1410 -47.88 -107.66 8.82
CA GLU L 1410 -48.35 -108.88 8.09
C GLU L 1410 -49.63 -108.60 7.29
N ASN L 1411 -50.52 -107.75 7.83
CA ASN L 1411 -51.91 -107.52 7.36
C ASN L 1411 -52.03 -106.09 6.84
N THR L 1412 -50.99 -105.61 6.19
CA THR L 1412 -50.83 -104.21 5.74
C THR L 1412 -50.33 -104.29 4.30
N PHE L 1413 -50.94 -103.53 3.41
CA PHE L 1413 -50.71 -103.59 1.95
C PHE L 1413 -51.29 -102.37 1.26
N GLN L 1414 -51.04 -102.29 -0.04
CA GLN L 1414 -51.34 -101.13 -0.90
C GLN L 1414 -51.44 -101.71 -2.31
N LYS L 1415 -52.58 -101.51 -2.97
CA LYS L 1415 -52.96 -102.27 -4.19
C LYS L 1415 -53.66 -101.27 -5.11
N THR L 1416 -52.94 -100.20 -5.46
CA THR L 1416 -53.42 -99.07 -6.29
C THR L 1416 -53.47 -99.48 -7.78
N VAL L 1417 -54.26 -98.72 -8.54
CA VAL L 1417 -54.29 -98.67 -10.04
C VAL L 1417 -53.77 -97.30 -10.42
N GLU L 1418 -52.57 -97.22 -10.98
CA GLU L 1418 -51.83 -95.95 -11.19
C GLU L 1418 -52.49 -95.21 -12.35
N PRO L 1419 -52.29 -93.89 -12.48
CA PRO L 1419 -52.87 -93.14 -13.59
C PRO L 1419 -52.14 -93.48 -14.89
N VAL L 1420 -52.86 -93.58 -16.01
CA VAL L 1420 -52.25 -93.92 -17.32
C VAL L 1420 -51.23 -92.82 -17.66
N TYR L 1421 -50.03 -93.25 -18.06
CA TYR L 1421 -48.86 -92.40 -18.38
C TYR L 1421 -48.49 -92.68 -19.85
N GLN L 1422 -48.25 -91.63 -20.63
CA GLN L 1422 -47.85 -91.78 -22.05
C GLN L 1422 -46.46 -91.18 -22.25
N MET L 1423 -45.68 -91.81 -23.14
CA MET L 1423 -44.37 -91.34 -23.64
C MET L 1423 -44.44 -91.21 -25.16
N HIS L 1424 -44.08 -90.03 -25.67
CA HIS L 1424 -43.73 -89.82 -27.10
C HIS L 1424 -42.25 -90.17 -27.23
N ILE L 1425 -41.91 -91.29 -27.86
CA ILE L 1425 -40.48 -91.63 -28.14
C ILE L 1425 -40.06 -90.85 -29.39
N LYS L 1426 -39.35 -89.72 -29.21
CA LYS L 1426 -38.90 -88.80 -30.30
C LYS L 1426 -37.50 -89.19 -30.79
N THR L 1427 -36.57 -89.40 -29.85
CA THR L 1427 -35.11 -89.54 -30.13
C THR L 1427 -34.73 -91.03 -30.13
N SER L 1428 -33.44 -91.34 -30.16
CA SER L 1428 -32.88 -92.72 -30.08
C SER L 1428 -32.26 -92.97 -28.70
N LYS L 1429 -32.01 -91.93 -27.91
CA LYS L 1429 -31.55 -92.08 -26.50
C LYS L 1429 -32.75 -92.00 -25.55
N ASP L 1430 -33.98 -92.04 -26.08
CA ASP L 1430 -35.24 -92.37 -25.34
C ASP L 1430 -35.50 -93.86 -25.48
N ILE L 1431 -35.40 -94.42 -26.70
CA ILE L 1431 -35.61 -95.86 -26.99
C ILE L 1431 -34.48 -96.66 -26.31
N ALA L 1432 -33.27 -96.14 -26.22
CA ALA L 1432 -32.12 -96.88 -25.66
C ALA L 1432 -32.27 -97.01 -24.14
N VAL L 1433 -32.92 -96.04 -23.50
CA VAL L 1433 -33.24 -96.04 -22.04
C VAL L 1433 -34.28 -97.14 -21.75
N LEU L 1434 -35.42 -97.12 -22.44
CA LEU L 1434 -36.51 -98.11 -22.27
C LEU L 1434 -35.97 -99.53 -22.45
N ARG L 1435 -35.05 -99.76 -23.39
CA ARG L 1435 -34.45 -101.09 -23.64
C ARG L 1435 -33.51 -101.49 -22.49
N SER L 1436 -33.05 -100.54 -21.67
CA SER L 1436 -32.16 -100.82 -20.52
C SER L 1436 -32.96 -101.51 -19.41
N LYS L 1437 -34.24 -101.14 -19.30
CA LYS L 1437 -35.14 -101.50 -18.18
C LYS L 1437 -35.64 -102.94 -18.33
N GLU L 1438 -35.28 -103.78 -17.36
CA GLU L 1438 -35.69 -105.21 -17.27
C GLU L 1438 -37.20 -105.30 -17.40
N TRP L 1439 -37.91 -104.33 -16.82
CA TRP L 1439 -39.37 -104.35 -16.62
C TRP L 1439 -40.15 -104.02 -17.90
N PHE L 1440 -39.50 -103.64 -19.00
CA PHE L 1440 -40.14 -103.29 -20.29
C PHE L 1440 -40.03 -104.49 -21.25
N GLN L 1441 -40.86 -105.52 -21.03
CA GLN L 1441 -40.98 -106.69 -21.94
C GLN L 1441 -41.78 -106.28 -23.18
N LEU L 1442 -41.24 -106.50 -24.39
CA LEU L 1442 -42.01 -106.40 -25.66
C LEU L 1442 -42.28 -107.81 -26.21
N ASP L 1443 -43.43 -108.00 -26.84
CA ASP L 1443 -43.87 -109.28 -27.48
C ASP L 1443 -42.94 -109.58 -28.67
N ASP L 1444 -42.69 -108.55 -29.50
CA ASP L 1444 -41.79 -108.55 -30.68
C ASP L 1444 -40.60 -107.63 -30.35
N GLU L 1445 -39.45 -108.20 -29.99
CA GLU L 1445 -38.25 -107.46 -29.46
C GLU L 1445 -37.74 -106.44 -30.50
N ASP L 1446 -37.85 -106.77 -31.79
CA ASP L 1446 -37.40 -105.94 -32.95
C ASP L 1446 -38.32 -104.73 -33.22
N PHE L 1447 -39.51 -104.67 -32.61
CA PHE L 1447 -40.55 -103.63 -32.80
C PHE L 1447 -39.94 -102.22 -32.80
N ASP L 1448 -40.31 -101.39 -33.78
CA ASP L 1448 -39.77 -100.02 -33.98
C ASP L 1448 -40.57 -99.01 -33.14
N LEU L 1449 -39.93 -98.35 -32.17
CA LEU L 1449 -40.58 -97.42 -31.21
C LEU L 1449 -40.47 -95.96 -31.66
N LEU L 1450 -39.72 -95.65 -32.72
CA LEU L 1450 -39.36 -94.25 -33.05
C LEU L 1450 -40.59 -93.51 -33.59
N ASN L 1451 -40.87 -92.34 -33.03
CA ASN L 1451 -42.03 -91.45 -33.34
C ASN L 1451 -43.36 -92.16 -33.01
N LYS L 1452 -43.33 -93.14 -32.09
CA LYS L 1452 -44.55 -93.80 -31.56
C LYS L 1452 -44.94 -93.15 -30.24
N THR L 1453 -46.21 -93.23 -29.88
CA THR L 1453 -46.78 -92.77 -28.58
C THR L 1453 -47.17 -94.01 -27.78
N LEU L 1454 -46.34 -94.41 -26.81
CA LEU L 1454 -46.63 -95.54 -25.87
C LEU L 1454 -47.45 -95.02 -24.68
N THR L 1455 -48.51 -95.73 -24.29
CA THR L 1455 -49.28 -95.52 -23.02
C THR L 1455 -49.07 -96.74 -22.12
N PHE L 1456 -48.78 -96.51 -20.84
CA PHE L 1456 -48.49 -97.56 -19.83
C PHE L 1456 -49.65 -97.62 -18.85
N GLU L 1457 -50.50 -98.65 -18.96
CA GLU L 1457 -51.65 -98.88 -18.05
C GLU L 1457 -51.21 -99.86 -16.97
N THR L 1458 -50.84 -99.34 -15.79
CA THR L 1458 -49.99 -100.00 -14.77
C THR L 1458 -50.74 -100.06 -13.43
N GLU L 1459 -50.67 -101.18 -12.71
CA GLU L 1459 -51.14 -101.28 -11.29
C GLU L 1459 -50.02 -101.89 -10.42
N THR L 1460 -49.92 -101.45 -9.16
CA THR L 1460 -48.80 -101.74 -8.24
C THR L 1460 -49.32 -102.25 -6.89
N GLU L 1461 -49.35 -103.58 -6.72
CA GLU L 1461 -49.36 -104.33 -5.44
C GLU L 1461 -48.05 -104.05 -4.67
N VAL L 1462 -48.16 -103.75 -3.38
CA VAL L 1462 -47.04 -103.49 -2.45
C VAL L 1462 -47.43 -104.05 -1.09
N THR L 1463 -46.63 -104.97 -0.54
CA THR L 1463 -46.70 -105.47 0.86
C THR L 1463 -45.61 -104.76 1.67
N PHE L 1464 -45.80 -104.63 2.99
CA PHE L 1464 -44.87 -103.94 3.92
C PHE L 1464 -44.22 -104.95 4.87
N LYS L 1465 -43.01 -104.64 5.35
CA LYS L 1465 -42.31 -105.32 6.49
C LYS L 1465 -42.06 -104.33 7.64
N ASN L 1466 -42.24 -103.03 7.41
CA ASN L 1466 -41.86 -101.91 8.33
C ASN L 1466 -42.67 -100.67 7.94
N ALA L 1467 -42.54 -99.61 8.72
CA ALA L 1467 -43.19 -98.30 8.48
C ALA L 1467 -42.84 -97.75 7.08
N ASN L 1468 -41.57 -97.90 6.65
CA ASN L 1468 -40.97 -97.22 5.47
C ASN L 1468 -40.50 -98.26 4.41
N ILE L 1469 -39.87 -99.36 4.80
CA ILE L 1469 -39.30 -100.38 3.86
C ILE L 1469 -40.43 -101.31 3.40
N PHE L 1470 -40.50 -101.63 2.11
CA PHE L 1470 -41.53 -102.53 1.52
C PHE L 1470 -40.99 -103.95 1.48
N SER L 1471 -41.83 -104.92 1.86
CA SER L 1471 -41.53 -106.37 1.91
C SER L 1471 -41.38 -106.89 0.48
N SER L 1472 -42.18 -106.34 -0.43
CA SER L 1472 -42.33 -106.79 -1.82
C SER L 1472 -43.02 -105.69 -2.64
N VAL L 1473 -42.46 -105.34 -3.80
CA VAL L 1473 -43.05 -104.37 -4.77
C VAL L 1473 -43.35 -105.12 -6.06
N LYS L 1474 -44.43 -104.75 -6.71
CA LYS L 1474 -44.96 -105.43 -7.91
C LYS L 1474 -45.70 -104.38 -8.74
N CYS L 1475 -45.18 -104.10 -9.95
CA CYS L 1475 -45.78 -103.20 -10.95
C CYS L 1475 -46.01 -104.04 -12.19
N PHE L 1476 -47.15 -103.91 -12.83
CA PHE L 1476 -47.51 -104.76 -13.99
C PHE L 1476 -48.75 -104.17 -14.68
N GLY L 1477 -48.86 -104.44 -15.97
CA GLY L 1477 -49.89 -103.85 -16.83
C GLY L 1477 -49.50 -103.87 -18.30
N PRO L 1478 -50.46 -103.70 -19.23
CA PRO L 1478 -50.14 -103.62 -20.65
C PRO L 1478 -49.42 -102.32 -21.05
N ILE L 1479 -48.48 -102.43 -22.00
CA ILE L 1479 -47.89 -101.29 -22.76
C ILE L 1479 -48.62 -101.27 -24.11
N LYS L 1480 -49.20 -100.14 -24.45
CA LYS L 1480 -50.00 -99.95 -25.69
C LYS L 1480 -49.33 -98.91 -26.58
N VAL L 1481 -49.44 -99.08 -27.90
CA VAL L 1481 -48.95 -98.11 -28.92
C VAL L 1481 -50.18 -97.56 -29.64
N GLU L 1482 -50.21 -96.24 -29.90
CA GLU L 1482 -51.26 -95.58 -30.72
C GLU L 1482 -50.90 -95.85 -32.18
N LEU L 1483 -51.81 -96.47 -32.94
CA LEU L 1483 -51.62 -96.81 -34.37
C LEU L 1483 -51.91 -95.59 -35.25
N PRO L 1484 -51.57 -95.61 -36.55
CA PRO L 1484 -51.92 -94.52 -37.46
C PRO L 1484 -53.40 -94.09 -37.36
N THR L 1485 -54.29 -95.04 -37.09
CA THR L 1485 -55.78 -94.89 -37.06
C THR L 1485 -56.24 -94.37 -35.70
N LYS L 1486 -55.36 -94.35 -34.69
CA LYS L 1486 -55.65 -93.95 -33.27
C LYS L 1486 -56.43 -95.03 -32.50
N GLU L 1487 -56.45 -96.27 -32.97
CA GLU L 1487 -56.81 -97.44 -32.12
C GLU L 1487 -55.51 -97.80 -31.37
N THR L 1488 -55.60 -98.30 -30.14
CA THR L 1488 -54.44 -98.80 -29.34
C THR L 1488 -54.28 -100.31 -29.56
N VAL L 1489 -53.07 -100.85 -29.42
CA VAL L 1489 -52.75 -102.30 -29.45
C VAL L 1489 -51.72 -102.61 -28.35
N GLU L 1490 -51.93 -103.72 -27.63
CA GLU L 1490 -50.92 -104.26 -26.68
C GLU L 1490 -49.71 -104.73 -27.48
N ILE L 1491 -48.52 -104.22 -27.15
CA ILE L 1491 -47.23 -104.68 -27.73
C ILE L 1491 -46.20 -104.95 -26.63
N GLY L 1492 -46.62 -105.03 -25.38
CA GLY L 1492 -45.67 -105.18 -24.26
C GLY L 1492 -46.38 -105.34 -22.93
N ILE L 1493 -45.61 -105.71 -21.91
CA ILE L 1493 -46.07 -105.88 -20.51
C ILE L 1493 -44.99 -105.28 -19.60
N VAL L 1494 -45.42 -104.57 -18.56
CA VAL L 1494 -44.55 -104.21 -17.40
C VAL L 1494 -44.56 -105.44 -16.48
N ASP L 1495 -43.40 -105.90 -16.02
CA ASP L 1495 -43.27 -107.03 -15.07
C ASP L 1495 -42.10 -106.74 -14.15
N TYR L 1496 -42.26 -105.77 -13.26
CA TYR L 1496 -41.28 -105.46 -12.18
C TYR L 1496 -41.71 -106.16 -10.90
N GLU L 1497 -40.78 -106.88 -10.28
CA GLU L 1497 -40.89 -107.60 -8.98
C GLU L 1497 -39.66 -107.26 -8.15
N ALA L 1498 -39.81 -107.11 -6.85
CA ALA L 1498 -38.72 -106.78 -5.91
C ALA L 1498 -38.99 -107.41 -4.54
N GLY L 1499 -37.92 -107.59 -3.75
CA GLY L 1499 -38.00 -107.83 -2.30
C GLY L 1499 -37.92 -106.52 -1.56
N ALA L 1500 -37.06 -106.44 -0.53
CA ALA L 1500 -37.02 -105.33 0.44
C ALA L 1500 -36.54 -104.05 -0.26
N SER L 1501 -37.49 -103.21 -0.69
CA SER L 1501 -37.27 -102.00 -1.51
C SER L 1501 -37.79 -100.76 -0.76
N HIS L 1502 -37.37 -99.57 -1.15
CA HIS L 1502 -37.87 -98.28 -0.60
C HIS L 1502 -38.76 -97.55 -1.61
N GLY L 1503 -39.08 -98.17 -2.75
CA GLY L 1503 -39.73 -97.45 -3.87
C GLY L 1503 -40.21 -98.37 -5.00
N ASN L 1504 -41.13 -97.84 -5.81
CA ASN L 1504 -41.55 -98.39 -7.12
C ASN L 1504 -40.80 -97.58 -8.18
N PRO L 1505 -39.73 -98.13 -8.78
CA PRO L 1505 -38.98 -97.40 -9.79
C PRO L 1505 -39.80 -97.16 -11.07
N VAL L 1506 -40.66 -98.12 -11.48
CA VAL L 1506 -41.46 -98.02 -12.75
C VAL L 1506 -42.24 -96.71 -12.78
N VAL L 1507 -42.98 -96.40 -11.73
CA VAL L 1507 -43.84 -95.18 -11.66
C VAL L 1507 -42.94 -93.94 -11.53
N ASP L 1508 -41.83 -94.03 -10.79
CA ASP L 1508 -40.86 -92.91 -10.64
C ASP L 1508 -40.30 -92.56 -12.03
N PHE L 1509 -40.06 -93.56 -12.89
CA PHE L 1509 -39.56 -93.39 -14.28
C PHE L 1509 -40.60 -92.63 -15.10
N LEU L 1510 -41.79 -93.21 -15.19
CA LEU L 1510 -42.89 -92.72 -16.06
C LEU L 1510 -43.32 -91.30 -15.63
N LYS L 1511 -43.19 -90.92 -14.36
CA LYS L 1511 -43.55 -89.56 -13.87
C LYS L 1511 -42.65 -88.53 -14.55
N ARG L 1512 -41.33 -88.75 -14.48
CA ARG L 1512 -40.30 -87.85 -15.06
C ARG L 1512 -40.35 -87.93 -16.59
N ASN L 1513 -40.09 -89.11 -17.17
CA ASN L 1513 -39.82 -89.29 -18.62
C ASN L 1513 -41.11 -89.35 -19.44
N GLY L 1514 -42.28 -89.48 -18.80
CA GLY L 1514 -43.60 -89.46 -19.46
C GLY L 1514 -44.46 -88.32 -18.96
N SER L 1515 -45.76 -88.42 -19.19
CA SER L 1515 -46.78 -87.42 -18.77
C SER L 1515 -48.10 -88.15 -18.56
N THR L 1516 -49.05 -87.53 -17.84
CA THR L 1516 -50.45 -88.02 -17.74
C THR L 1516 -51.23 -87.51 -18.96
N LEU L 1517 -52.40 -88.07 -19.22
CA LEU L 1517 -53.25 -87.73 -20.39
C LEU L 1517 -53.84 -86.33 -20.21
N GLU L 1518 -54.15 -85.93 -18.98
CA GLU L 1518 -54.69 -84.60 -18.61
C GLU L 1518 -53.63 -83.85 -17.81
N GLN L 1519 -53.61 -82.51 -17.91
CA GLN L 1519 -52.65 -81.62 -17.20
C GLN L 1519 -53.42 -80.44 -16.62
N LYS L 1520 -53.45 -80.28 -15.30
CA LYS L 1520 -54.11 -79.09 -14.73
C LYS L 1520 -53.21 -77.89 -15.02
N VAL L 1521 -53.82 -76.74 -15.30
CA VAL L 1521 -53.07 -75.47 -15.51
C VAL L 1521 -53.78 -74.42 -14.66
N ASN L 1522 -53.05 -73.79 -13.76
CA ASN L 1522 -53.61 -72.79 -12.82
C ASN L 1522 -53.86 -71.50 -13.57
N LEU L 1523 -55.00 -70.89 -13.35
CA LEU L 1523 -55.27 -69.48 -13.68
C LEU L 1523 -54.13 -68.64 -13.09
N GLU L 1524 -53.86 -67.47 -13.68
CA GLU L 1524 -52.88 -66.49 -13.15
C GLU L 1524 -53.28 -66.11 -11.73
N ASN L 1525 -54.53 -65.69 -11.57
CA ASN L 1525 -55.13 -65.25 -10.27
C ASN L 1525 -56.34 -66.11 -9.96
N PRO L 1526 -56.41 -66.75 -8.76
CA PRO L 1526 -57.65 -67.39 -8.31
C PRO L 1526 -58.79 -66.38 -8.33
N ILE L 1527 -59.96 -66.78 -8.81
CA ILE L 1527 -61.19 -65.95 -8.88
C ILE L 1527 -62.08 -66.36 -7.72
N PRO L 1528 -62.40 -65.45 -6.77
CA PRO L 1528 -63.47 -65.68 -5.81
C PRO L 1528 -64.85 -65.83 -6.49
N ILE L 1529 -65.50 -66.99 -6.35
CA ILE L 1529 -66.86 -67.31 -6.89
C ILE L 1529 -67.92 -66.77 -5.93
N ALA L 1530 -67.79 -67.08 -4.63
CA ALA L 1530 -68.75 -66.70 -3.58
C ALA L 1530 -68.15 -66.93 -2.19
N VAL L 1531 -68.81 -66.40 -1.16
CA VAL L 1531 -68.59 -66.73 0.29
C VAL L 1531 -69.95 -66.97 0.94
N LEU L 1532 -70.32 -68.22 1.16
CA LEU L 1532 -71.71 -68.65 1.45
C LEU L 1532 -71.81 -69.21 2.85
N ASP L 1533 -73.00 -69.13 3.44
CA ASP L 1533 -73.32 -69.58 4.82
C ASP L 1533 -74.33 -70.72 4.75
N SER L 1534 -73.87 -71.96 4.81
CA SER L 1534 -74.68 -73.15 5.19
C SER L 1534 -74.78 -73.17 6.71
N TYR L 1535 -75.75 -73.93 7.24
CA TYR L 1535 -76.02 -74.16 8.70
C TYR L 1535 -76.28 -75.64 8.92
N THR L 1536 -75.57 -76.24 9.86
CA THR L 1536 -75.77 -77.65 10.27
C THR L 1536 -77.08 -77.74 11.04
N PRO L 1537 -77.88 -78.80 10.86
CA PRO L 1537 -79.22 -78.86 11.46
C PRO L 1537 -79.12 -79.14 12.96
N SER L 1538 -80.22 -78.95 13.69
CA SER L 1538 -80.27 -79.05 15.18
C SER L 1538 -79.99 -80.49 15.63
N THR L 1539 -80.42 -81.45 14.81
CA THR L 1539 -80.30 -82.91 15.08
C THR L 1539 -79.68 -83.59 13.85
N ASN L 1540 -78.99 -84.69 14.08
CA ASN L 1540 -78.41 -85.52 13.01
C ASN L 1540 -79.25 -86.78 12.84
N GLU L 1541 -80.53 -86.79 13.22
CA GLU L 1541 -81.42 -87.95 12.99
C GLU L 1541 -81.89 -88.04 11.54
N PRO L 1542 -82.32 -86.95 10.86
CA PRO L 1542 -82.85 -87.08 9.49
C PRO L 1542 -81.77 -87.47 8.46
N TYR L 1543 -80.53 -86.95 8.56
CA TYR L 1543 -79.43 -87.37 7.65
C TYR L 1543 -79.16 -88.86 7.84
N ALA L 1544 -79.17 -89.31 9.09
CA ALA L 1544 -78.91 -90.71 9.48
C ALA L 1544 -80.00 -91.63 8.93
N ARG L 1545 -81.24 -91.15 8.78
CA ARG L 1545 -82.40 -91.98 8.34
C ARG L 1545 -82.22 -92.37 6.87
N VAL L 1546 -81.85 -91.41 6.02
CA VAL L 1546 -81.70 -91.58 4.54
C VAL L 1546 -80.38 -92.29 4.21
N SER L 1547 -79.29 -91.92 4.89
CA SER L 1547 -77.91 -92.44 4.64
C SER L 1547 -77.76 -93.89 5.10
N GLY L 1548 -78.29 -94.23 6.27
CA GLY L 1548 -77.99 -95.51 6.95
C GLY L 1548 -76.69 -95.46 7.75
N ASP L 1549 -76.12 -94.27 7.95
CA ASP L 1549 -75.03 -93.97 8.93
C ASP L 1549 -75.68 -93.72 10.30
N LEU L 1550 -76.12 -94.81 10.91
CA LEU L 1550 -76.73 -94.82 12.27
C LEU L 1550 -75.65 -94.75 13.37
N ASN L 1551 -74.39 -94.46 13.04
CA ASN L 1551 -73.27 -94.29 14.01
C ASN L 1551 -73.80 -93.54 15.23
N PRO L 1552 -73.88 -94.21 16.40
CA PRO L 1552 -74.35 -93.60 17.65
C PRO L 1552 -73.67 -92.31 18.12
N ILE L 1553 -72.43 -92.05 17.70
CA ILE L 1553 -71.70 -90.83 18.13
C ILE L 1553 -72.35 -89.57 17.53
N HIS L 1554 -73.34 -89.72 16.63
CA HIS L 1554 -73.98 -88.57 15.94
C HIS L 1554 -75.35 -88.26 16.55
N VAL L 1555 -75.96 -89.20 17.26
CA VAL L 1555 -77.36 -89.06 17.73
C VAL L 1555 -77.48 -89.19 19.26
N SER L 1556 -76.62 -89.99 19.91
CA SER L 1556 -76.71 -90.38 21.34
C SER L 1556 -75.65 -89.62 22.15
N ARG L 1557 -76.08 -88.78 23.10
CA ARG L 1557 -75.19 -87.97 23.98
C ARG L 1557 -74.23 -88.88 24.73
N HIS L 1558 -74.63 -90.10 25.10
CA HIS L 1558 -73.81 -90.99 25.97
C HIS L 1558 -72.63 -91.57 25.19
N PHE L 1559 -72.86 -92.12 24.01
CA PHE L 1559 -71.79 -92.65 23.12
C PHE L 1559 -70.82 -91.54 22.72
N ALA L 1560 -71.31 -90.35 22.44
CA ALA L 1560 -70.46 -89.19 22.09
C ALA L 1560 -69.49 -88.94 23.25
N SER L 1561 -70.03 -88.94 24.48
CA SER L 1561 -69.29 -88.69 25.75
C SER L 1561 -68.27 -89.82 25.99
N TYR L 1562 -68.60 -91.05 25.61
CA TYR L 1562 -67.73 -92.23 25.75
C TYR L 1562 -66.58 -92.22 24.71
N ALA L 1563 -66.69 -91.43 23.66
CA ALA L 1563 -65.66 -91.31 22.58
C ALA L 1563 -64.88 -90.00 22.76
N ASN L 1564 -65.10 -89.30 23.87
CA ASN L 1564 -64.39 -88.05 24.23
C ASN L 1564 -64.67 -86.94 23.21
N LEU L 1565 -65.81 -86.98 22.51
CA LEU L 1565 -66.15 -85.96 21.48
C LEU L 1565 -66.81 -84.77 22.17
N PRO L 1566 -66.77 -83.57 21.57
CA PRO L 1566 -67.38 -82.40 22.21
C PRO L 1566 -68.91 -82.31 22.23
N GLY L 1567 -69.63 -83.36 21.83
CA GLY L 1567 -71.10 -83.34 21.66
C GLY L 1567 -71.50 -84.35 20.60
N THR L 1568 -72.80 -84.56 20.38
CA THR L 1568 -73.28 -85.39 19.24
C THR L 1568 -72.93 -84.61 17.96
N ILE L 1569 -71.79 -84.96 17.35
CA ILE L 1569 -71.21 -84.23 16.18
C ILE L 1569 -72.05 -84.49 14.94
N THR L 1570 -72.16 -83.47 14.07
CA THR L 1570 -72.71 -83.55 12.70
C THR L 1570 -71.92 -84.59 11.92
N HIS L 1571 -72.59 -85.51 11.21
CA HIS L 1571 -71.96 -86.43 10.24
C HIS L 1571 -71.10 -85.61 9.28
N GLY L 1572 -69.87 -86.05 8.99
CA GLY L 1572 -69.03 -85.39 7.98
C GLY L 1572 -69.72 -85.41 6.63
N MET L 1573 -70.27 -86.56 6.22
CA MET L 1573 -70.99 -86.72 4.94
C MET L 1573 -72.12 -85.69 4.81
N PHE L 1574 -72.79 -85.30 5.89
CA PHE L 1574 -73.81 -84.23 5.84
C PHE L 1574 -73.12 -82.93 5.41
N SER L 1575 -72.05 -82.54 6.09
CA SER L 1575 -71.26 -81.32 5.73
C SER L 1575 -70.81 -81.38 4.26
N SER L 1576 -70.26 -82.50 3.81
CA SER L 1576 -69.80 -82.74 2.42
C SER L 1576 -70.96 -82.47 1.44
N ALA L 1577 -72.10 -83.14 1.61
CA ALA L 1577 -73.26 -83.01 0.71
C ALA L 1577 -73.74 -81.57 0.65
N SER L 1578 -73.94 -80.98 1.84
CA SER L 1578 -74.34 -79.57 2.04
C SER L 1578 -73.51 -78.66 1.15
N VAL L 1579 -72.20 -78.67 1.34
CA VAL L 1579 -71.26 -77.76 0.62
C VAL L 1579 -71.27 -78.09 -0.88
N ARG L 1580 -71.29 -79.36 -1.27
CA ARG L 1580 -71.32 -79.80 -2.69
C ARG L 1580 -72.57 -79.23 -3.38
N ALA L 1581 -73.68 -79.08 -2.64
CA ALA L 1581 -74.91 -78.43 -3.12
C ALA L 1581 -74.67 -76.94 -3.40
N LEU L 1582 -73.78 -76.27 -2.67
CA LEU L 1582 -73.44 -74.84 -2.96
C LEU L 1582 -72.52 -74.73 -4.19
N ILE L 1583 -71.51 -75.60 -4.31
CA ILE L 1583 -70.59 -75.70 -5.49
C ILE L 1583 -71.46 -75.86 -6.74
N GLU L 1584 -72.42 -76.78 -6.69
CA GLU L 1584 -73.37 -77.13 -7.77
C GLU L 1584 -74.26 -75.94 -8.13
N ASN L 1585 -74.49 -75.01 -7.20
CA ASN L 1585 -75.38 -73.85 -7.44
C ASN L 1585 -74.54 -72.68 -7.97
N TRP L 1586 -73.33 -72.45 -7.45
CA TRP L 1586 -72.51 -71.24 -7.78
C TRP L 1586 -71.44 -71.49 -8.87
N ALA L 1587 -71.09 -72.72 -9.19
CA ALA L 1587 -70.03 -73.03 -10.17
C ALA L 1587 -70.56 -73.89 -11.33
N ALA L 1588 -71.68 -74.58 -11.18
CA ALA L 1588 -72.29 -75.38 -12.26
C ALA L 1588 -73.59 -74.72 -12.72
N ASP L 1589 -73.80 -73.45 -12.38
CA ASP L 1589 -75.04 -72.72 -12.78
C ASP L 1589 -76.25 -73.63 -12.52
N SER L 1590 -76.29 -74.29 -11.36
CA SER L 1590 -77.33 -75.25 -10.91
C SER L 1590 -77.67 -76.29 -11.98
N VAL L 1591 -76.67 -76.92 -12.59
CA VAL L 1591 -76.85 -78.09 -13.50
C VAL L 1591 -76.12 -79.29 -12.88
N SER L 1592 -76.86 -80.28 -12.38
CA SER L 1592 -76.28 -81.48 -11.72
C SER L 1592 -75.12 -82.02 -12.55
N SER L 1593 -75.38 -82.36 -13.82
CA SER L 1593 -74.52 -83.22 -14.68
C SER L 1593 -73.09 -82.68 -14.82
N ARG L 1594 -72.92 -81.36 -14.73
CA ARG L 1594 -71.61 -80.69 -14.92
C ARG L 1594 -70.62 -81.08 -13.81
N VAL L 1595 -71.06 -81.32 -12.59
CA VAL L 1595 -70.11 -81.57 -11.47
C VAL L 1595 -69.75 -83.04 -11.55
N ARG L 1596 -68.46 -83.28 -11.67
CA ARG L 1596 -67.88 -84.37 -12.51
C ARG L 1596 -66.90 -85.18 -11.65
N GLY L 1597 -66.18 -84.51 -10.76
CA GLY L 1597 -65.61 -85.08 -9.54
C GLY L 1597 -65.69 -84.10 -8.38
N TYR L 1598 -65.64 -84.62 -7.16
CA TYR L 1598 -65.75 -83.84 -5.89
C TYR L 1598 -65.03 -84.60 -4.80
N THR L 1599 -64.13 -83.95 -4.08
CA THR L 1599 -63.27 -84.60 -3.06
C THR L 1599 -63.20 -83.70 -1.83
N CYS L 1600 -63.50 -84.26 -0.66
CA CYS L 1600 -63.67 -83.55 0.64
C CYS L 1600 -62.64 -84.03 1.66
N GLN L 1601 -61.91 -83.14 2.31
CA GLN L 1601 -61.12 -83.44 3.53
C GLN L 1601 -61.91 -82.97 4.74
N PHE L 1602 -62.19 -83.88 5.70
CA PHE L 1602 -62.77 -83.56 7.04
C PHE L 1602 -61.63 -83.22 8.00
N VAL L 1603 -61.57 -81.97 8.44
CA VAL L 1603 -60.38 -81.40 9.13
C VAL L 1603 -60.66 -81.41 10.63
N ASP L 1604 -61.71 -80.67 11.02
CA ASP L 1604 -62.22 -80.56 12.42
C ASP L 1604 -63.69 -80.96 12.41
N MET L 1605 -64.24 -81.28 13.58
CA MET L 1605 -65.63 -81.77 13.74
C MET L 1605 -66.57 -80.59 13.99
N VAL L 1606 -67.83 -80.76 13.64
CA VAL L 1606 -68.85 -79.68 13.62
C VAL L 1606 -70.03 -80.11 14.48
N LEU L 1607 -70.49 -79.21 15.35
CA LEU L 1607 -71.60 -79.46 16.30
C LEU L 1607 -72.88 -78.92 15.67
N PRO L 1608 -74.05 -79.52 16.00
CA PRO L 1608 -75.33 -79.00 15.54
C PRO L 1608 -75.53 -77.50 15.82
N ASN L 1609 -76.34 -76.86 14.96
CA ASN L 1609 -76.67 -75.42 15.03
C ASN L 1609 -75.39 -74.59 14.90
N THR L 1610 -74.48 -74.90 13.96
CA THR L 1610 -73.29 -74.05 13.64
C THR L 1610 -73.54 -73.29 12.35
N ALA L 1611 -72.83 -72.16 12.21
CA ALA L 1611 -72.87 -71.23 11.08
C ALA L 1611 -71.55 -71.37 10.31
N LEU L 1612 -71.56 -72.28 9.34
CA LEU L 1612 -70.41 -72.61 8.45
C LEU L 1612 -70.32 -71.54 7.37
N LYS L 1613 -69.12 -71.03 7.12
CA LYS L 1613 -68.82 -69.96 6.13
C LYS L 1613 -67.79 -70.50 5.11
N THR L 1614 -68.28 -71.03 3.99
CA THR L 1614 -67.46 -71.71 2.93
C THR L 1614 -67.09 -70.68 1.87
N SER L 1615 -65.80 -70.60 1.52
CA SER L 1615 -65.27 -69.71 0.45
C SER L 1615 -64.85 -70.60 -0.71
N ILE L 1616 -65.44 -70.35 -1.89
CA ILE L 1616 -65.27 -71.14 -3.15
C ILE L 1616 -64.41 -70.33 -4.10
N GLN L 1617 -63.44 -70.95 -4.76
CA GLN L 1617 -62.54 -70.27 -5.71
C GLN L 1617 -62.36 -71.12 -6.96
N HIS L 1618 -62.49 -70.51 -8.14
CA HIS L 1618 -62.05 -71.08 -9.44
C HIS L 1618 -60.57 -70.84 -9.49
N VAL L 1619 -59.80 -71.90 -9.65
CA VAL L 1619 -58.36 -71.87 -9.28
C VAL L 1619 -57.47 -72.33 -10.45
N GLY L 1620 -58.07 -72.89 -11.51
CA GLY L 1620 -57.35 -73.65 -12.54
C GLY L 1620 -58.27 -74.30 -13.52
N MET L 1621 -57.74 -74.99 -14.52
CA MET L 1621 -58.54 -75.70 -15.55
C MET L 1621 -57.85 -77.02 -15.83
N ILE L 1622 -58.58 -78.04 -16.24
CA ILE L 1622 -57.99 -79.33 -16.70
C ILE L 1622 -58.81 -79.86 -17.88
N ASN L 1623 -58.33 -79.63 -19.11
CA ASN L 1623 -58.92 -80.16 -20.36
C ASN L 1623 -60.39 -79.73 -20.48
N GLY L 1624 -60.69 -78.47 -20.15
CA GLY L 1624 -62.03 -77.88 -20.36
C GLY L 1624 -62.90 -77.94 -19.13
N ARG L 1625 -62.44 -78.60 -18.06
CA ARG L 1625 -63.17 -78.73 -16.77
C ARG L 1625 -62.60 -77.69 -15.82
N LYS L 1626 -63.46 -76.94 -15.16
CA LYS L 1626 -63.05 -75.95 -14.13
C LYS L 1626 -62.58 -76.73 -12.90
N LEU L 1627 -61.62 -76.17 -12.20
CA LEU L 1627 -60.89 -76.79 -11.07
C LEU L 1627 -61.21 -75.90 -9.87
N ILE L 1628 -62.25 -76.26 -9.14
CA ILE L 1628 -62.84 -75.45 -8.03
C ILE L 1628 -62.18 -75.93 -6.77
N LYS L 1629 -61.87 -75.03 -5.84
CA LYS L 1629 -61.21 -75.36 -4.56
C LYS L 1629 -61.87 -74.52 -3.47
N PHE L 1630 -62.42 -75.16 -2.43
CA PHE L 1630 -63.15 -74.48 -1.34
C PHE L 1630 -62.51 -74.80 -0.01
N GLU L 1631 -62.79 -73.96 0.98
CA GLU L 1631 -62.60 -74.27 2.41
C GLU L 1631 -63.80 -73.73 3.18
N THR L 1632 -64.18 -74.40 4.25
CA THR L 1632 -65.30 -74.03 5.15
C THR L 1632 -64.79 -73.80 6.57
N ARG L 1633 -65.16 -72.67 7.16
CA ARG L 1633 -64.80 -72.24 8.52
C ARG L 1633 -66.05 -72.10 9.38
N ASN L 1634 -65.93 -72.38 10.68
CA ASN L 1634 -66.99 -72.14 11.70
C ASN L 1634 -66.87 -70.69 12.21
N GLU L 1635 -67.76 -70.27 13.13
CA GLU L 1635 -67.82 -68.91 13.74
C GLU L 1635 -66.49 -68.54 14.41
N ASP L 1636 -65.81 -69.51 15.03
CA ASP L 1636 -64.49 -69.32 15.71
C ASP L 1636 -63.36 -69.07 14.69
N ASP L 1637 -63.63 -69.20 13.39
CA ASP L 1637 -62.68 -69.01 12.26
C ASP L 1637 -61.65 -70.15 12.27
N VAL L 1638 -62.13 -71.40 12.24
CA VAL L 1638 -61.33 -72.65 12.22
C VAL L 1638 -61.74 -73.46 10.99
N VAL L 1639 -60.78 -73.89 10.17
CA VAL L 1639 -61.07 -74.73 8.97
C VAL L 1639 -61.63 -76.08 9.45
N VAL L 1640 -62.73 -76.50 8.85
CA VAL L 1640 -63.56 -77.69 9.20
C VAL L 1640 -63.60 -78.66 8.01
N LEU L 1641 -63.88 -78.13 6.81
CA LEU L 1641 -63.82 -78.81 5.50
C LEU L 1641 -62.81 -78.12 4.59
N THR L 1642 -62.22 -78.89 3.69
CA THR L 1642 -61.52 -78.39 2.48
C THR L 1642 -61.80 -79.39 1.37
N GLY L 1643 -61.59 -78.98 0.13
CA GLY L 1643 -61.89 -79.85 -1.00
C GLY L 1643 -61.71 -79.19 -2.35
N GLU L 1644 -61.90 -80.00 -3.38
CA GLU L 1644 -61.74 -79.67 -4.81
C GLU L 1644 -63.03 -80.10 -5.51
N ALA L 1645 -63.35 -79.50 -6.65
CA ALA L 1645 -64.38 -80.00 -7.57
C ALA L 1645 -63.91 -79.80 -9.02
N GLU L 1646 -64.09 -80.80 -9.89
CA GLU L 1646 -64.01 -80.67 -11.38
C GLU L 1646 -65.43 -80.41 -11.88
N ILE L 1647 -65.60 -79.34 -12.65
CA ILE L 1647 -66.93 -78.90 -13.15
C ILE L 1647 -66.81 -78.60 -14.64
N GLU L 1648 -67.51 -79.38 -15.48
CA GLU L 1648 -67.64 -79.13 -16.94
C GLU L 1648 -68.01 -77.65 -17.16
N GLN L 1649 -67.47 -77.04 -18.20
CA GLN L 1649 -68.02 -75.79 -18.77
C GLN L 1649 -69.35 -76.13 -19.45
N PRO L 1650 -70.21 -75.12 -19.69
CA PRO L 1650 -71.47 -75.33 -20.41
C PRO L 1650 -71.21 -75.88 -21.82
N VAL L 1651 -72.13 -76.69 -22.36
CA VAL L 1651 -72.02 -77.32 -23.72
C VAL L 1651 -71.67 -76.23 -24.73
N THR L 1652 -70.55 -76.40 -25.44
CA THR L 1652 -69.85 -75.29 -26.16
C THR L 1652 -69.81 -75.63 -27.65
N THR L 1653 -69.94 -74.59 -28.48
CA THR L 1653 -69.71 -74.62 -29.94
C THR L 1653 -68.69 -73.53 -30.24
N PHE L 1654 -67.63 -73.83 -31.00
CA PHE L 1654 -66.71 -72.78 -31.52
C PHE L 1654 -67.08 -72.50 -32.96
N VAL L 1655 -67.16 -71.23 -33.34
CA VAL L 1655 -67.51 -70.81 -34.72
C VAL L 1655 -66.40 -69.89 -35.23
N PHE L 1656 -65.71 -70.30 -36.29
CA PHE L 1656 -64.56 -69.54 -36.85
C PHE L 1656 -65.08 -68.61 -37.96
N THR L 1657 -64.91 -67.30 -37.76
CA THR L 1657 -65.20 -66.22 -38.74
C THR L 1657 -64.48 -66.47 -40.07
N GLY L 1658 -65.01 -65.94 -41.16
CA GLY L 1658 -64.38 -65.90 -42.49
C GLY L 1658 -63.79 -64.53 -42.79
N GLN L 1659 -63.59 -64.23 -44.08
CA GLN L 1659 -63.01 -62.95 -44.56
C GLN L 1659 -63.87 -61.75 -44.12
N GLY L 1660 -63.22 -60.60 -43.88
CA GLY L 1660 -63.89 -59.29 -43.78
C GLY L 1660 -63.01 -58.28 -43.07
N SER L 1661 -62.94 -58.40 -41.74
CA SER L 1661 -62.00 -57.68 -40.85
C SER L 1661 -60.59 -58.25 -41.06
N GLN L 1662 -59.73 -57.46 -41.71
CA GLN L 1662 -58.30 -57.80 -41.93
C GLN L 1662 -57.50 -56.50 -41.75
N GLU L 1663 -57.11 -56.23 -40.51
CA GLU L 1663 -56.47 -54.96 -40.08
C GLU L 1663 -54.97 -55.20 -39.89
N GLN L 1664 -54.18 -54.16 -40.03
CA GLN L 1664 -52.70 -54.24 -39.80
C GLN L 1664 -52.52 -54.60 -38.33
N GLY L 1665 -51.53 -55.45 -38.05
CA GLY L 1665 -51.18 -55.92 -36.70
C GLY L 1665 -52.18 -56.89 -36.10
N MET L 1666 -53.12 -57.45 -36.88
CA MET L 1666 -54.15 -58.37 -36.34
C MET L 1666 -53.44 -59.56 -35.70
N GLY L 1667 -53.81 -59.92 -34.48
CA GLY L 1667 -53.25 -61.10 -33.80
C GLY L 1667 -51.86 -60.88 -33.21
N MET L 1668 -51.29 -59.68 -33.31
CA MET L 1668 -49.89 -59.37 -32.90
C MET L 1668 -49.80 -59.04 -31.43
N ASP L 1669 -50.88 -58.56 -30.80
CA ASP L 1669 -50.99 -58.42 -29.32
C ASP L 1669 -50.79 -59.78 -28.67
N LEU L 1670 -51.52 -60.78 -29.16
CA LEU L 1670 -51.50 -62.18 -28.66
C LEU L 1670 -50.21 -62.89 -29.07
N TYR L 1671 -49.41 -62.34 -29.98
CA TYR L 1671 -48.11 -62.92 -30.41
C TYR L 1671 -46.97 -62.43 -29.50
N LYS L 1672 -47.10 -61.25 -28.88
CA LYS L 1672 -46.13 -60.73 -27.86
C LYS L 1672 -46.18 -61.63 -26.63
N THR L 1673 -47.38 -61.90 -26.11
CA THR L 1673 -47.61 -62.54 -24.79
C THR L 1673 -47.49 -64.06 -24.92
N SER L 1674 -48.23 -64.67 -25.85
CA SER L 1674 -48.53 -66.12 -25.81
C SER L 1674 -47.40 -66.92 -26.46
N LYS L 1675 -46.91 -67.92 -25.72
CA LYS L 1675 -45.94 -68.92 -26.22
C LYS L 1675 -46.60 -69.76 -27.31
N ALA L 1676 -47.90 -70.03 -27.19
CA ALA L 1676 -48.67 -70.94 -28.06
C ALA L 1676 -49.00 -70.25 -29.40
N ALA L 1677 -49.30 -68.95 -29.37
CA ALA L 1677 -49.44 -68.14 -30.58
C ALA L 1677 -48.10 -68.12 -31.32
N GLN L 1678 -47.05 -67.64 -30.65
CA GLN L 1678 -45.67 -67.61 -31.19
C GLN L 1678 -45.34 -68.89 -31.93
N ASP L 1679 -45.66 -70.07 -31.40
CA ASP L 1679 -45.34 -71.32 -32.15
C ASP L 1679 -46.02 -71.24 -33.51
N VAL L 1680 -47.32 -70.91 -33.53
CA VAL L 1680 -48.19 -70.92 -34.74
C VAL L 1680 -47.63 -69.92 -35.76
N TRP L 1681 -47.38 -68.68 -35.36
CA TRP L 1681 -46.86 -67.68 -36.31
C TRP L 1681 -45.44 -68.03 -36.77
N ASN L 1682 -44.55 -68.41 -35.86
CA ASN L 1682 -43.12 -68.65 -36.19
C ASN L 1682 -43.03 -69.87 -37.12
N ARG L 1683 -43.85 -70.88 -36.89
CA ARG L 1683 -43.87 -72.08 -37.75
C ARG L 1683 -44.33 -71.72 -39.15
N ALA L 1684 -45.39 -70.94 -39.24
CA ALA L 1684 -46.04 -70.54 -40.52
C ALA L 1684 -45.09 -69.62 -41.29
N ASP L 1685 -44.60 -68.58 -40.62
CA ASP L 1685 -43.65 -67.59 -41.20
C ASP L 1685 -42.41 -68.29 -41.76
N ASN L 1686 -41.90 -69.34 -41.10
CA ASN L 1686 -40.69 -70.05 -41.58
C ASN L 1686 -41.07 -70.92 -42.78
N HIS L 1687 -42.30 -71.38 -42.86
CA HIS L 1687 -42.72 -72.25 -43.99
C HIS L 1687 -42.91 -71.39 -45.22
N PHE L 1688 -43.58 -70.24 -45.06
CA PHE L 1688 -43.79 -69.27 -46.15
C PHE L 1688 -42.45 -68.75 -46.67
N LYS L 1689 -41.47 -68.53 -45.79
CA LYS L 1689 -40.12 -68.00 -46.17
C LYS L 1689 -39.37 -69.04 -47.00
N ASP L 1690 -39.50 -70.31 -46.69
CA ASP L 1690 -38.75 -71.40 -47.36
C ASP L 1690 -39.52 -71.95 -48.54
N THR L 1691 -40.76 -71.56 -48.74
CA THR L 1691 -41.60 -72.13 -49.82
C THR L 1691 -41.96 -71.05 -50.85
N TYR L 1692 -42.34 -69.87 -50.40
CA TYR L 1692 -42.87 -68.82 -51.28
C TYR L 1692 -42.02 -67.55 -51.14
N GLY L 1693 -40.93 -67.60 -50.41
CA GLY L 1693 -39.99 -66.49 -50.23
C GLY L 1693 -40.63 -65.20 -49.73
N PHE L 1694 -41.54 -65.27 -48.78
CA PHE L 1694 -41.94 -64.07 -48.01
C PHE L 1694 -42.31 -64.50 -46.58
N SER L 1695 -42.14 -63.59 -45.64
CA SER L 1695 -42.72 -63.65 -44.28
C SER L 1695 -44.14 -63.12 -44.31
N ILE L 1696 -45.10 -63.96 -43.89
CA ILE L 1696 -46.49 -63.53 -43.57
C ILE L 1696 -46.51 -62.56 -42.39
N LEU L 1697 -45.56 -62.62 -41.45
CA LEU L 1697 -45.52 -61.70 -40.28
C LEU L 1697 -45.23 -60.28 -40.73
N ASP L 1698 -44.20 -60.08 -41.56
CA ASP L 1698 -43.91 -58.80 -42.25
C ASP L 1698 -45.21 -58.28 -42.86
N ILE L 1699 -45.89 -59.09 -43.69
CA ILE L 1699 -47.15 -58.65 -44.35
C ILE L 1699 -48.11 -58.15 -43.26
N VAL L 1700 -48.34 -58.92 -42.21
CA VAL L 1700 -49.39 -58.59 -41.21
C VAL L 1700 -48.99 -57.35 -40.40
N ILE L 1701 -47.71 -57.16 -40.12
CA ILE L 1701 -47.21 -56.13 -39.17
C ILE L 1701 -47.07 -54.80 -39.90
N ASN L 1702 -46.55 -54.81 -41.13
CA ASN L 1702 -46.10 -53.61 -41.90
C ASN L 1702 -47.06 -53.26 -43.05
N ASN L 1703 -47.82 -54.22 -43.57
CA ASN L 1703 -48.81 -54.05 -44.67
C ASN L 1703 -48.20 -53.28 -45.84
N PRO L 1704 -47.14 -53.82 -46.49
CA PRO L 1704 -46.48 -53.15 -47.60
C PRO L 1704 -47.40 -53.08 -48.82
N VAL L 1705 -47.10 -52.19 -49.76
CA VAL L 1705 -47.95 -51.92 -50.96
C VAL L 1705 -47.50 -52.83 -52.09
N ASN L 1706 -46.21 -53.18 -52.10
CA ASN L 1706 -45.54 -54.03 -53.12
C ASN L 1706 -44.69 -55.06 -52.39
N LEU L 1707 -44.42 -56.20 -53.02
CA LEU L 1707 -43.60 -57.26 -52.40
C LEU L 1707 -42.92 -58.10 -53.46
N THR L 1708 -41.62 -57.91 -53.69
CA THR L 1708 -40.92 -58.68 -54.75
C THR L 1708 -40.34 -59.89 -54.08
N ILE L 1709 -40.67 -61.05 -54.61
CA ILE L 1709 -40.02 -62.34 -54.31
C ILE L 1709 -38.82 -62.35 -55.23
N HIS L 1710 -37.67 -62.88 -54.80
CA HIS L 1710 -36.48 -63.09 -55.66
C HIS L 1710 -36.13 -64.56 -55.74
N PHE L 1711 -35.77 -65.05 -56.93
CA PHE L 1711 -35.57 -66.49 -57.20
C PHE L 1711 -34.09 -66.80 -57.40
N GLY L 1712 -33.26 -66.11 -56.63
CA GLY L 1712 -31.79 -66.19 -56.69
C GLY L 1712 -31.31 -67.24 -55.75
N GLY L 1713 -30.35 -68.06 -56.19
CA GLY L 1713 -29.66 -69.04 -55.34
C GLY L 1713 -30.37 -70.36 -55.31
N GLU L 1714 -29.74 -71.38 -54.73
CA GLU L 1714 -30.28 -72.76 -54.60
C GLU L 1714 -31.71 -72.71 -54.03
N LYS L 1715 -31.87 -72.01 -52.91
CA LYS L 1715 -33.13 -71.85 -52.14
C LYS L 1715 -34.15 -71.03 -52.96
N GLY L 1716 -33.70 -70.11 -53.81
CA GLY L 1716 -34.56 -69.35 -54.72
C GLY L 1716 -35.10 -70.16 -55.89
N LYS L 1717 -34.30 -71.03 -56.51
CA LYS L 1717 -34.78 -71.90 -57.62
C LYS L 1717 -35.86 -72.83 -57.09
N ARG L 1718 -35.74 -73.26 -55.85
CA ARG L 1718 -36.71 -74.18 -55.20
C ARG L 1718 -38.01 -73.42 -55.02
N ILE L 1719 -37.94 -72.21 -54.46
CA ILE L 1719 -39.10 -71.31 -54.29
C ILE L 1719 -39.72 -71.00 -55.63
N ARG L 1720 -38.96 -70.89 -56.72
CA ARG L 1720 -39.54 -70.57 -58.06
C ARG L 1720 -40.32 -71.76 -58.59
N GLU L 1721 -39.85 -72.99 -58.38
CA GLU L 1721 -40.55 -74.24 -58.77
C GLU L 1721 -41.90 -74.35 -58.05
N ASN L 1722 -42.07 -73.73 -56.88
CA ASN L 1722 -43.33 -73.80 -56.08
C ASN L 1722 -44.41 -72.91 -56.72
N TYR L 1723 -44.02 -71.78 -57.32
CA TYR L 1723 -44.94 -70.83 -57.98
C TYR L 1723 -45.33 -71.34 -59.36
N SER L 1724 -44.41 -72.01 -60.06
CA SER L 1724 -44.63 -72.54 -61.43
C SER L 1724 -45.56 -73.77 -61.41
N ALA L 1725 -45.65 -74.48 -60.29
CA ALA L 1725 -46.44 -75.72 -60.11
C ALA L 1725 -47.91 -75.38 -59.93
N MET L 1726 -48.21 -74.18 -59.42
CA MET L 1726 -49.58 -73.75 -59.06
C MET L 1726 -50.34 -73.50 -60.35
N ILE L 1727 -51.42 -74.26 -60.57
CA ILE L 1727 -52.30 -74.21 -61.78
C ILE L 1727 -53.73 -73.86 -61.38
N PHE L 1728 -54.54 -73.33 -62.30
CA PHE L 1728 -56.03 -73.24 -62.17
C PHE L 1728 -56.67 -73.84 -63.42
N GLU L 1729 -57.99 -73.99 -63.41
CA GLU L 1729 -58.84 -74.37 -64.58
C GLU L 1729 -60.01 -73.40 -64.66
N THR L 1730 -60.19 -72.77 -65.81
CA THR L 1730 -61.34 -71.87 -66.13
C THR L 1730 -62.01 -72.47 -67.38
N ILE L 1731 -63.22 -72.02 -67.67
CA ILE L 1731 -63.92 -72.26 -68.97
C ILE L 1731 -63.53 -71.11 -69.92
N VAL L 1732 -62.75 -71.42 -70.97
CA VAL L 1732 -62.28 -70.48 -72.04
C VAL L 1732 -63.01 -70.85 -73.35
N ASP L 1733 -64.18 -70.24 -73.57
CA ASP L 1733 -65.16 -70.56 -74.64
C ASP L 1733 -65.46 -72.07 -74.62
N GLY L 1734 -64.72 -72.85 -75.40
CA GLY L 1734 -64.99 -74.28 -75.68
C GLY L 1734 -64.96 -75.11 -74.41
N LYS L 1735 -63.75 -75.31 -73.87
CA LYS L 1735 -63.41 -76.39 -72.90
C LYS L 1735 -62.87 -75.80 -71.58
N LEU L 1736 -62.68 -76.70 -70.60
CA LEU L 1736 -61.73 -76.56 -69.45
C LEU L 1736 -60.33 -76.28 -70.00
N LYS L 1737 -59.53 -75.52 -69.25
CA LYS L 1737 -58.25 -74.93 -69.70
C LYS L 1737 -57.30 -74.87 -68.50
N THR L 1738 -56.40 -75.86 -68.35
CA THR L 1738 -55.33 -75.85 -67.32
C THR L 1738 -54.33 -74.76 -67.68
N GLU L 1739 -53.89 -73.98 -66.69
CA GLU L 1739 -53.00 -72.80 -66.84
C GLU L 1739 -52.09 -72.74 -65.62
N LYS L 1740 -50.91 -72.15 -65.73
CA LYS L 1740 -50.20 -71.75 -64.51
C LYS L 1740 -50.78 -70.37 -64.12
N ILE L 1741 -51.28 -70.24 -62.88
CA ILE L 1741 -51.28 -68.97 -62.11
C ILE L 1741 -49.82 -68.46 -62.11
N PHE L 1742 -49.62 -67.14 -62.11
CA PHE L 1742 -48.26 -66.57 -62.24
C PHE L 1742 -47.69 -67.06 -63.58
N LYS L 1743 -48.16 -66.50 -64.67
CA LYS L 1743 -47.81 -66.97 -66.04
C LYS L 1743 -46.44 -66.38 -66.40
N GLU L 1744 -46.23 -65.14 -65.96
CA GLU L 1744 -44.95 -64.38 -66.02
C GLU L 1744 -43.81 -65.25 -65.51
N ILE L 1745 -43.98 -65.89 -64.36
CA ILE L 1745 -42.96 -66.73 -63.70
C ILE L 1745 -42.68 -67.96 -64.56
N ASN L 1746 -41.48 -68.04 -65.12
CA ASN L 1746 -40.90 -69.18 -65.86
C ASN L 1746 -39.44 -69.36 -65.42
N GLU L 1747 -38.73 -70.38 -65.90
CA GLU L 1747 -37.41 -70.83 -65.37
C GLU L 1747 -36.32 -69.78 -65.59
N HIS L 1748 -36.49 -68.87 -66.54
CA HIS L 1748 -35.56 -67.72 -66.77
C HIS L 1748 -35.92 -66.54 -65.88
N SER L 1749 -36.92 -66.64 -65.02
CA SER L 1749 -37.38 -65.53 -64.13
C SER L 1749 -36.52 -65.50 -62.86
N THR L 1750 -36.22 -64.30 -62.39
CA THR L 1750 -35.30 -64.01 -61.27
C THR L 1750 -36.04 -63.26 -60.17
N SER L 1751 -37.21 -62.69 -60.46
CA SER L 1751 -38.07 -62.04 -59.45
C SER L 1751 -39.54 -62.19 -59.84
N TYR L 1752 -40.42 -61.87 -58.91
CA TYR L 1752 -41.86 -61.68 -59.18
C TYR L 1752 -42.38 -60.64 -58.19
N THR L 1753 -43.09 -59.61 -58.64
CA THR L 1753 -43.67 -58.57 -57.75
C THR L 1753 -45.19 -58.73 -57.59
N PHE L 1754 -45.67 -58.71 -56.35
CA PHE L 1754 -47.09 -58.64 -55.93
C PHE L 1754 -47.39 -57.16 -55.72
N ARG L 1755 -48.42 -56.64 -56.39
CA ARG L 1755 -48.83 -55.22 -56.25
C ARG L 1755 -50.24 -55.15 -55.65
N SER L 1756 -50.51 -54.06 -54.95
CA SER L 1756 -51.84 -53.59 -54.54
C SER L 1756 -51.84 -52.04 -54.64
N GLU L 1757 -52.87 -51.38 -54.13
CA GLU L 1757 -52.91 -49.88 -54.03
C GLU L 1757 -52.81 -49.49 -52.56
N LYS L 1758 -53.74 -50.03 -51.76
CA LYS L 1758 -53.89 -49.71 -50.32
C LYS L 1758 -52.77 -50.43 -49.53
N GLY L 1759 -52.71 -51.76 -49.65
CA GLY L 1759 -51.73 -52.64 -48.97
C GLY L 1759 -52.00 -54.12 -49.26
N LEU L 1760 -50.96 -54.95 -49.23
CA LEU L 1760 -51.02 -56.39 -49.61
C LEU L 1760 -51.88 -57.15 -48.61
N LEU L 1761 -52.08 -56.61 -47.41
CA LEU L 1761 -52.89 -57.32 -46.38
C LEU L 1761 -54.36 -57.37 -46.81
N SER L 1762 -54.78 -56.55 -47.77
CA SER L 1762 -56.16 -56.55 -48.34
C SER L 1762 -56.13 -57.07 -49.78
N ALA L 1763 -55.57 -58.27 -50.00
CA ALA L 1763 -55.33 -58.88 -51.33
C ALA L 1763 -55.60 -60.38 -51.31
N THR L 1764 -56.57 -60.82 -50.52
CA THR L 1764 -57.15 -62.19 -50.46
C THR L 1764 -56.07 -63.25 -50.22
N GLN L 1765 -55.01 -63.35 -51.00
CA GLN L 1765 -54.03 -64.49 -50.89
C GLN L 1765 -53.17 -64.32 -49.64
N PHE L 1766 -53.00 -63.10 -49.18
CA PHE L 1766 -52.29 -62.76 -47.93
C PHE L 1766 -53.33 -62.67 -46.80
N THR L 1767 -54.51 -62.11 -47.08
CA THR L 1767 -55.63 -62.01 -46.11
C THR L 1767 -56.11 -63.40 -45.69
N GLN L 1768 -56.25 -64.31 -46.63
CA GLN L 1768 -56.79 -65.66 -46.37
C GLN L 1768 -55.93 -66.33 -45.30
N PRO L 1769 -54.59 -66.47 -45.45
CA PRO L 1769 -53.74 -67.08 -44.43
C PRO L 1769 -53.51 -66.25 -43.16
N ALA L 1770 -53.41 -64.95 -43.26
CA ALA L 1770 -53.32 -64.09 -42.05
C ALA L 1770 -54.53 -64.43 -41.17
N LEU L 1771 -55.73 -64.23 -41.68
CA LEU L 1771 -57.00 -64.45 -40.95
C LEU L 1771 -57.00 -65.85 -40.34
N THR L 1772 -56.68 -66.87 -41.12
CA THR L 1772 -56.67 -68.29 -40.67
C THR L 1772 -55.69 -68.51 -39.51
N LEU L 1773 -54.50 -67.91 -39.54
CA LEU L 1773 -53.45 -68.01 -38.48
C LEU L 1773 -53.95 -67.30 -37.21
N MET L 1774 -54.25 -66.00 -37.27
CA MET L 1774 -54.90 -65.24 -36.16
C MET L 1774 -55.80 -66.17 -35.34
N GLU L 1775 -56.67 -66.91 -36.01
CA GLU L 1775 -57.69 -67.80 -35.43
C GLU L 1775 -57.01 -69.02 -34.83
N LYS L 1776 -56.20 -69.72 -35.61
CA LYS L 1776 -55.44 -70.91 -35.12
C LYS L 1776 -54.60 -70.55 -33.89
N ALA L 1777 -54.05 -69.35 -33.80
CA ALA L 1777 -53.17 -68.91 -32.71
C ALA L 1777 -53.99 -68.50 -31.47
N ALA L 1778 -55.09 -67.77 -31.66
CA ALA L 1778 -56.11 -67.53 -30.62
C ALA L 1778 -56.50 -68.85 -30.00
N PHE L 1779 -56.82 -69.81 -30.83
CA PHE L 1779 -57.33 -71.10 -30.34
C PHE L 1779 -56.23 -71.86 -29.59
N GLU L 1780 -55.03 -71.97 -30.15
CA GLU L 1780 -53.93 -72.73 -29.50
C GLU L 1780 -53.57 -72.07 -28.17
N ASP L 1781 -53.74 -70.75 -28.02
CA ASP L 1781 -53.58 -70.07 -26.71
C ASP L 1781 -54.61 -70.62 -25.71
N LEU L 1782 -55.91 -70.52 -26.02
CA LEU L 1782 -57.02 -71.18 -25.28
C LEU L 1782 -56.64 -72.61 -24.89
N LYS L 1783 -56.30 -73.48 -25.83
CA LYS L 1783 -56.03 -74.92 -25.55
C LYS L 1783 -54.88 -75.07 -24.54
N SER L 1784 -53.91 -74.18 -24.55
CA SER L 1784 -52.70 -74.23 -23.71
C SER L 1784 -53.04 -73.86 -22.27
N LYS L 1785 -54.08 -73.04 -22.09
CA LYS L 1785 -54.67 -72.59 -20.80
C LYS L 1785 -55.74 -73.60 -20.32
N GLY L 1786 -55.94 -74.70 -21.01
CA GLY L 1786 -56.84 -75.79 -20.60
C GLY L 1786 -58.31 -75.51 -20.84
N LEU L 1787 -58.66 -74.48 -21.62
CA LEU L 1787 -60.04 -73.92 -21.73
C LEU L 1787 -60.91 -74.59 -22.80
N ILE L 1788 -60.46 -75.65 -23.44
CA ILE L 1788 -61.20 -76.31 -24.56
C ILE L 1788 -61.79 -77.62 -24.07
N PRO L 1789 -63.13 -77.73 -23.97
CA PRO L 1789 -63.81 -79.01 -23.83
C PRO L 1789 -63.37 -80.08 -24.83
N ALA L 1790 -63.48 -81.35 -24.44
CA ALA L 1790 -63.18 -82.53 -25.28
C ALA L 1790 -64.30 -82.77 -26.30
N ASP L 1791 -65.55 -82.37 -25.98
CA ASP L 1791 -66.77 -82.72 -26.76
C ASP L 1791 -67.31 -81.53 -27.58
N ALA L 1792 -66.59 -80.42 -27.66
CA ALA L 1792 -67.05 -79.18 -28.33
C ALA L 1792 -67.42 -79.48 -29.78
N THR L 1793 -68.55 -78.96 -30.23
CA THR L 1793 -68.93 -78.90 -31.66
C THR L 1793 -68.33 -77.63 -32.28
N PHE L 1794 -68.02 -77.67 -33.57
CA PHE L 1794 -67.39 -76.53 -34.26
C PHE L 1794 -67.88 -76.41 -35.70
N ALA L 1795 -67.87 -75.18 -36.18
CA ALA L 1795 -68.13 -74.83 -37.59
C ALA L 1795 -67.38 -73.55 -37.94
N GLY L 1796 -66.97 -73.41 -39.19
CA GLY L 1796 -66.51 -72.12 -39.71
C GLY L 1796 -67.39 -71.62 -40.85
N HIS L 1797 -67.49 -70.30 -40.96
CA HIS L 1797 -68.11 -69.59 -42.10
C HIS L 1797 -67.07 -69.41 -43.20
N SER L 1798 -67.22 -70.16 -44.30
CA SER L 1798 -66.39 -70.12 -45.53
C SER L 1798 -64.95 -70.52 -45.19
N LEU L 1799 -64.02 -69.57 -45.18
CA LEU L 1799 -62.59 -69.78 -44.90
C LEU L 1799 -62.42 -70.25 -43.46
N GLY L 1800 -63.26 -69.73 -42.57
CA GLY L 1800 -63.45 -70.22 -41.19
C GLY L 1800 -63.27 -71.73 -41.08
N GLU L 1801 -63.82 -72.52 -41.99
CA GLU L 1801 -63.85 -74.00 -41.89
C GLU L 1801 -62.45 -74.58 -41.77
N TYR L 1802 -61.43 -73.92 -42.33
CA TYR L 1802 -60.03 -74.42 -42.39
C TYR L 1802 -59.37 -74.21 -41.02
N ALA L 1803 -59.48 -73.00 -40.48
CA ALA L 1803 -59.01 -72.66 -39.11
C ALA L 1803 -59.59 -73.66 -38.12
N ALA L 1804 -60.90 -73.88 -38.21
CA ALA L 1804 -61.70 -74.77 -37.35
C ALA L 1804 -61.18 -76.20 -37.41
N LEU L 1805 -60.85 -76.74 -38.59
CA LEU L 1805 -60.42 -78.17 -38.73
C LEU L 1805 -58.96 -78.33 -38.31
N ALA L 1806 -58.11 -77.36 -38.61
CA ALA L 1806 -56.71 -77.35 -38.12
C ALA L 1806 -56.72 -77.34 -36.58
N SER L 1807 -57.58 -76.52 -35.98
CA SER L 1807 -57.71 -76.30 -34.52
C SER L 1807 -58.29 -77.53 -33.79
N LEU L 1808 -59.50 -77.95 -34.10
CA LEU L 1808 -60.26 -78.88 -33.23
C LEU L 1808 -60.09 -80.33 -33.66
N ALA L 1809 -59.51 -80.60 -34.83
CA ALA L 1809 -59.38 -81.97 -35.37
C ALA L 1809 -57.97 -82.32 -35.88
N ASP L 1810 -56.96 -81.46 -35.64
CA ASP L 1810 -55.56 -81.54 -36.16
C ASP L 1810 -55.51 -82.31 -37.50
N VAL L 1811 -56.30 -81.88 -38.48
CA VAL L 1811 -56.40 -82.57 -39.81
C VAL L 1811 -55.15 -82.23 -40.61
N MET L 1812 -54.81 -80.94 -40.64
CA MET L 1812 -53.60 -80.40 -41.29
C MET L 1812 -52.57 -80.04 -40.21
N SER L 1813 -51.28 -80.12 -40.54
CA SER L 1813 -50.21 -79.34 -39.85
C SER L 1813 -50.44 -77.85 -40.10
N ILE L 1814 -49.89 -76.99 -39.26
CA ILE L 1814 -49.82 -75.52 -39.50
C ILE L 1814 -49.25 -75.26 -40.89
N GLU L 1815 -48.17 -75.94 -41.27
CA GLU L 1815 -47.43 -75.65 -42.53
C GLU L 1815 -48.39 -75.91 -43.70
N SER L 1816 -49.05 -77.09 -43.70
CA SER L 1816 -50.07 -77.48 -44.72
C SER L 1816 -51.29 -76.53 -44.71
N LEU L 1817 -51.76 -76.10 -43.56
CA LEU L 1817 -52.96 -75.22 -43.47
C LEU L 1817 -52.69 -73.94 -44.26
N VAL L 1818 -51.56 -73.30 -44.04
CA VAL L 1818 -51.30 -71.97 -44.66
C VAL L 1818 -50.97 -72.14 -46.14
N GLU L 1819 -50.40 -73.28 -46.57
CA GLU L 1819 -50.25 -73.60 -48.01
C GLU L 1819 -51.62 -73.57 -48.66
N VAL L 1820 -52.55 -74.42 -48.20
CA VAL L 1820 -53.90 -74.62 -48.81
C VAL L 1820 -54.61 -73.27 -48.96
N VAL L 1821 -54.71 -72.53 -47.88
CA VAL L 1821 -55.44 -71.26 -47.81
C VAL L 1821 -54.72 -70.20 -48.66
N PHE L 1822 -53.44 -70.35 -48.95
CA PHE L 1822 -52.73 -69.41 -49.88
C PHE L 1822 -53.20 -69.72 -51.30
N TYR L 1823 -53.17 -71.00 -51.65
CA TYR L 1823 -53.63 -71.54 -52.95
C TYR L 1823 -55.12 -71.23 -53.16
N ARG L 1824 -55.93 -71.29 -52.10
CA ARG L 1824 -57.36 -70.90 -52.14
C ARG L 1824 -57.45 -69.43 -52.55
N GLY L 1825 -56.90 -68.53 -51.76
CA GLY L 1825 -56.82 -67.09 -52.08
C GLY L 1825 -56.33 -66.86 -53.50
N MET L 1826 -55.42 -67.69 -53.99
CA MET L 1826 -54.83 -67.55 -55.35
C MET L 1826 -55.86 -68.01 -56.40
N THR L 1827 -56.46 -69.19 -56.23
CA THR L 1827 -57.52 -69.72 -57.13
C THR L 1827 -58.74 -68.78 -57.18
N MET L 1828 -59.08 -68.08 -56.10
CA MET L 1828 -60.21 -67.10 -56.04
C MET L 1828 -59.74 -65.69 -56.43
N GLN L 1829 -58.64 -65.57 -57.16
CA GLN L 1829 -58.12 -64.27 -57.67
C GLN L 1829 -58.20 -64.32 -59.20
N VAL L 1830 -58.04 -65.54 -59.74
CA VAL L 1830 -57.68 -65.80 -61.16
C VAL L 1830 -58.86 -66.48 -61.89
N ALA L 1831 -59.86 -66.98 -61.15
CA ALA L 1831 -61.03 -67.73 -61.70
C ALA L 1831 -61.88 -66.82 -62.61
N VAL L 1832 -61.99 -65.53 -62.27
CA VAL L 1832 -62.68 -64.51 -63.10
C VAL L 1832 -61.66 -63.90 -64.07
N PRO L 1833 -61.99 -63.69 -65.37
CA PRO L 1833 -61.22 -62.80 -66.24
C PRO L 1833 -61.41 -61.34 -65.83
N ARG L 1834 -60.30 -60.61 -65.65
CA ARG L 1834 -60.27 -59.21 -65.15
C ARG L 1834 -59.35 -58.33 -66.02
N ASP L 1835 -59.15 -58.73 -67.28
CA ASP L 1835 -58.42 -57.98 -68.35
C ASP L 1835 -57.91 -56.60 -67.90
N GLU L 1836 -58.84 -55.64 -67.68
CA GLU L 1836 -58.59 -54.16 -67.72
C GLU L 1836 -57.33 -53.79 -66.92
N LEU L 1837 -57.50 -53.81 -65.60
CA LEU L 1837 -56.47 -53.75 -64.53
C LEU L 1837 -57.05 -54.62 -63.40
N GLY L 1838 -56.95 -54.26 -62.11
CA GLY L 1838 -57.54 -55.08 -61.03
C GLY L 1838 -59.06 -54.95 -60.94
N ARG L 1839 -59.79 -55.10 -62.06
CA ARG L 1839 -61.27 -54.89 -62.15
C ARG L 1839 -61.90 -55.97 -63.03
N SER L 1840 -62.94 -56.58 -62.47
CA SER L 1840 -63.78 -57.64 -63.12
C SER L 1840 -65.20 -57.13 -63.34
N ASN L 1841 -66.03 -57.98 -63.94
CA ASN L 1841 -67.45 -57.71 -64.28
C ASN L 1841 -68.34 -58.42 -63.25
N TYR L 1842 -67.79 -59.20 -62.32
CA TYR L 1842 -68.53 -59.90 -61.22
C TYR L 1842 -68.31 -59.16 -59.89
N GLY L 1843 -69.21 -59.40 -58.94
CA GLY L 1843 -69.23 -58.78 -57.60
C GLY L 1843 -70.14 -59.57 -56.66
N MET L 1844 -70.57 -58.96 -55.55
CA MET L 1844 -71.66 -59.54 -54.73
C MET L 1844 -72.22 -58.51 -53.74
N ILE L 1845 -73.53 -58.59 -53.53
CA ILE L 1845 -74.37 -57.66 -52.71
C ILE L 1845 -74.96 -58.47 -51.55
N ALA L 1846 -75.17 -57.79 -50.41
CA ALA L 1846 -75.84 -58.32 -49.20
C ALA L 1846 -77.28 -57.81 -49.20
N ILE L 1847 -78.25 -58.72 -49.10
CA ILE L 1847 -79.72 -58.45 -49.15
C ILE L 1847 -80.31 -58.63 -47.74
N ASN L 1848 -81.20 -57.72 -47.34
CA ASN L 1848 -82.04 -57.81 -46.11
C ASN L 1848 -83.51 -57.94 -46.54
N PRO L 1849 -84.04 -59.17 -46.79
CA PRO L 1849 -85.40 -59.34 -47.30
C PRO L 1849 -86.54 -58.87 -46.38
N GLY L 1850 -86.25 -58.65 -45.09
CA GLY L 1850 -87.17 -58.00 -44.15
C GLY L 1850 -87.46 -56.55 -44.52
N ARG L 1851 -86.45 -55.83 -45.03
CA ARG L 1851 -86.50 -54.36 -45.27
C ARG L 1851 -87.31 -54.00 -46.51
N VAL L 1852 -87.35 -54.90 -47.50
CA VAL L 1852 -88.05 -54.65 -48.79
C VAL L 1852 -89.57 -54.73 -48.57
N ALA L 1853 -90.05 -55.72 -47.82
CA ALA L 1853 -91.46 -55.84 -47.39
C ALA L 1853 -91.61 -56.94 -46.33
N ALA L 1854 -92.37 -56.66 -45.27
CA ALA L 1854 -92.55 -57.52 -44.06
C ALA L 1854 -92.97 -58.96 -44.43
N SER L 1855 -93.60 -59.18 -45.58
CA SER L 1855 -94.06 -60.53 -46.06
C SER L 1855 -93.05 -61.17 -47.03
N PHE L 1856 -92.03 -60.42 -47.47
CA PHE L 1856 -90.97 -60.86 -48.42
C PHE L 1856 -89.98 -61.75 -47.67
N SER L 1857 -89.93 -63.04 -48.07
CA SER L 1857 -89.30 -64.15 -47.32
C SER L 1857 -88.10 -64.71 -48.08
N GLN L 1858 -87.55 -65.84 -47.61
CA GLN L 1858 -86.50 -66.66 -48.27
C GLN L 1858 -87.12 -67.56 -49.36
N GLU L 1859 -88.44 -67.49 -49.59
CA GLU L 1859 -89.09 -68.13 -50.76
C GLU L 1859 -89.20 -67.10 -51.90
N ALA L 1860 -89.40 -65.82 -51.54
CA ALA L 1860 -89.48 -64.68 -52.48
C ALA L 1860 -88.13 -64.53 -53.20
N LEU L 1861 -87.04 -64.39 -52.44
CA LEU L 1861 -85.66 -64.18 -52.99
C LEU L 1861 -85.25 -65.37 -53.87
N GLN L 1862 -85.47 -66.60 -53.38
CA GLN L 1862 -85.10 -67.85 -54.11
C GLN L 1862 -85.80 -67.91 -55.48
N TYR L 1863 -86.97 -67.25 -55.65
CA TYR L 1863 -87.66 -67.06 -56.96
C TYR L 1863 -87.06 -65.87 -57.73
N VAL L 1864 -87.34 -64.63 -57.31
CA VAL L 1864 -86.82 -63.38 -57.96
C VAL L 1864 -85.48 -63.68 -58.65
N VAL L 1865 -84.49 -64.09 -57.86
CA VAL L 1865 -83.05 -64.27 -58.25
C VAL L 1865 -82.93 -65.46 -59.23
N GLU L 1866 -83.65 -66.56 -59.01
CA GLU L 1866 -83.62 -67.74 -59.93
C GLU L 1866 -84.22 -67.36 -61.29
N ARG L 1867 -85.22 -66.48 -61.31
CA ARG L 1867 -85.91 -65.97 -62.54
C ARG L 1867 -85.00 -64.98 -63.26
N VAL L 1868 -84.46 -63.98 -62.57
CA VAL L 1868 -83.50 -62.98 -63.14
C VAL L 1868 -82.36 -63.72 -63.87
N GLY L 1869 -81.95 -64.89 -63.37
CA GLY L 1869 -80.91 -65.71 -64.01
C GLY L 1869 -81.44 -66.40 -65.26
N LYS L 1870 -82.55 -67.13 -65.12
CA LYS L 1870 -83.24 -67.90 -66.19
C LYS L 1870 -83.69 -66.95 -67.32
N ARG L 1871 -84.12 -65.73 -66.97
CA ARG L 1871 -84.54 -64.65 -67.92
C ARG L 1871 -83.31 -64.12 -68.68
N THR L 1872 -82.46 -63.32 -68.02
CA THR L 1872 -81.39 -62.49 -68.65
C THR L 1872 -80.21 -63.37 -69.11
N GLY L 1873 -80.19 -64.66 -68.75
CA GLY L 1873 -79.09 -65.60 -69.05
C GLY L 1873 -77.76 -65.19 -68.43
N TRP L 1874 -77.78 -64.26 -67.47
CA TRP L 1874 -76.63 -63.74 -66.69
C TRP L 1874 -76.57 -64.46 -65.35
N LEU L 1875 -75.39 -64.96 -64.96
CA LEU L 1875 -75.19 -65.74 -63.71
C LEU L 1875 -75.42 -64.83 -62.50
N VAL L 1876 -76.45 -65.13 -61.69
CA VAL L 1876 -76.65 -64.59 -60.32
C VAL L 1876 -77.19 -65.72 -59.44
N GLU L 1877 -76.72 -65.81 -58.19
CA GLU L 1877 -77.10 -66.85 -57.19
C GLU L 1877 -77.06 -66.28 -55.77
N ILE L 1878 -77.77 -66.92 -54.83
CA ILE L 1878 -77.64 -66.70 -53.37
C ILE L 1878 -76.50 -67.62 -52.91
N VAL L 1879 -75.47 -67.05 -52.29
CA VAL L 1879 -74.20 -67.78 -51.94
C VAL L 1879 -74.11 -67.97 -50.43
N ASN L 1880 -74.42 -66.94 -49.63
CA ASN L 1880 -74.48 -67.02 -48.14
C ASN L 1880 -75.95 -66.94 -47.70
N TYR L 1881 -76.43 -67.99 -47.04
CA TYR L 1881 -77.67 -67.99 -46.19
C TYR L 1881 -77.29 -67.69 -44.73
N ASN L 1882 -77.19 -66.42 -44.33
CA ASN L 1882 -76.63 -66.03 -43.01
C ASN L 1882 -77.70 -66.10 -41.90
N VAL L 1883 -78.57 -65.08 -41.81
CA VAL L 1883 -79.60 -64.90 -40.75
C VAL L 1883 -80.98 -64.89 -41.42
N GLU L 1884 -81.91 -65.74 -40.98
CA GLU L 1884 -83.17 -66.06 -41.74
C GLU L 1884 -84.02 -64.80 -41.86
N ASN L 1885 -84.44 -64.48 -43.08
CA ASN L 1885 -85.29 -63.31 -43.44
C ASN L 1885 -84.62 -62.03 -42.95
N GLN L 1886 -83.28 -61.93 -43.03
CA GLN L 1886 -82.56 -60.75 -42.47
C GLN L 1886 -81.16 -60.52 -43.09
N GLN L 1887 -80.41 -61.58 -43.44
CA GLN L 1887 -79.06 -61.44 -44.06
C GLN L 1887 -78.80 -62.59 -45.04
N TYR L 1888 -78.82 -62.26 -46.34
CA TYR L 1888 -78.35 -63.14 -47.44
C TYR L 1888 -77.27 -62.38 -48.20
N VAL L 1889 -76.54 -63.12 -49.02
CA VAL L 1889 -75.51 -62.54 -49.93
C VAL L 1889 -75.76 -63.15 -51.30
N ALA L 1890 -75.93 -62.29 -52.31
CA ALA L 1890 -76.08 -62.69 -53.73
C ALA L 1890 -74.80 -62.29 -54.46
N ALA L 1891 -74.31 -63.19 -55.30
CA ALA L 1891 -73.08 -63.03 -56.10
C ALA L 1891 -73.36 -63.45 -57.54
N GLY L 1892 -72.85 -62.68 -58.50
CA GLY L 1892 -72.79 -63.10 -59.91
C GLY L 1892 -72.28 -61.99 -60.81
N ASP L 1893 -72.96 -61.76 -61.95
CA ASP L 1893 -72.62 -60.74 -62.96
C ASP L 1893 -73.08 -59.38 -62.41
N LEU L 1894 -72.19 -58.38 -62.38
CA LEU L 1894 -72.45 -57.04 -61.79
C LEU L 1894 -73.74 -56.46 -62.39
N ARG L 1895 -74.03 -56.75 -63.66
CA ARG L 1895 -75.27 -56.32 -64.36
C ARG L 1895 -76.47 -56.98 -63.66
N ALA L 1896 -76.44 -58.32 -63.51
CA ALA L 1896 -77.51 -59.15 -62.88
C ALA L 1896 -77.70 -58.78 -61.40
N LEU L 1897 -76.72 -58.15 -60.76
CA LEU L 1897 -76.80 -57.60 -59.38
C LEU L 1897 -77.43 -56.22 -59.41
N ASP L 1898 -77.35 -55.53 -60.55
CA ASP L 1898 -77.92 -54.17 -60.74
C ASP L 1898 -79.40 -54.28 -61.09
N THR L 1899 -79.83 -55.39 -61.71
CA THR L 1899 -81.27 -55.71 -61.93
C THR L 1899 -81.91 -55.99 -60.57
N VAL L 1900 -81.29 -56.88 -59.78
CA VAL L 1900 -81.83 -57.40 -58.47
C VAL L 1900 -81.96 -56.23 -57.48
N THR L 1901 -81.04 -55.25 -57.46
CA THR L 1901 -81.16 -54.06 -56.56
C THR L 1901 -82.24 -53.11 -57.07
N ASN L 1902 -82.61 -53.17 -58.37
CA ASN L 1902 -83.69 -52.35 -58.98
C ASN L 1902 -85.05 -53.05 -58.83
N VAL L 1903 -85.13 -54.36 -59.12
CA VAL L 1903 -86.35 -55.20 -58.91
C VAL L 1903 -86.81 -55.10 -57.45
N LEU L 1904 -85.87 -55.06 -56.50
CA LEU L 1904 -86.15 -54.96 -55.04
C LEU L 1904 -86.39 -53.48 -54.69
N ASN L 1905 -85.73 -52.53 -55.37
CA ASN L 1905 -86.05 -51.08 -55.27
C ASN L 1905 -87.48 -50.84 -55.75
N PHE L 1906 -87.93 -51.60 -56.77
CA PHE L 1906 -89.30 -51.54 -57.35
C PHE L 1906 -90.29 -52.04 -56.27
N ILE L 1907 -90.22 -53.32 -55.88
CA ILE L 1907 -91.20 -54.02 -54.99
C ILE L 1907 -91.35 -53.26 -53.64
N LYS L 1908 -90.30 -52.58 -53.17
CA LYS L 1908 -90.37 -51.70 -51.96
C LYS L 1908 -91.40 -50.59 -52.22
N LEU L 1909 -91.17 -49.78 -53.25
CA LEU L 1909 -91.99 -48.58 -53.64
C LEU L 1909 -93.40 -49.04 -54.10
N GLN L 1910 -93.47 -50.05 -54.98
CA GLN L 1910 -94.74 -50.57 -55.59
C GLN L 1910 -95.59 -51.34 -54.57
N LYS L 1911 -94.98 -51.92 -53.55
CA LYS L 1911 -95.65 -52.63 -52.41
C LYS L 1911 -96.37 -53.89 -52.90
N ILE L 1912 -96.03 -54.40 -54.10
CA ILE L 1912 -96.68 -55.60 -54.72
C ILE L 1912 -96.12 -56.84 -54.00
N ASP L 1913 -96.98 -57.55 -53.25
CA ASP L 1913 -96.59 -58.63 -52.32
C ASP L 1913 -96.63 -59.96 -53.09
N ILE L 1914 -95.46 -60.55 -53.41
CA ILE L 1914 -95.33 -61.74 -54.31
C ILE L 1914 -96.28 -62.85 -53.82
N ILE L 1915 -96.19 -63.27 -52.55
CA ILE L 1915 -96.98 -64.42 -51.98
C ILE L 1915 -98.50 -64.17 -52.08
N GLU L 1916 -98.96 -62.94 -51.81
CA GLU L 1916 -100.40 -62.51 -51.92
C GLU L 1916 -100.87 -62.69 -53.38
N LEU L 1917 -100.09 -62.17 -54.36
CA LEU L 1917 -100.41 -62.20 -55.81
C LEU L 1917 -99.73 -63.41 -56.52
N GLN L 1918 -99.34 -64.45 -55.76
CA GLN L 1918 -98.53 -65.60 -56.27
C GLN L 1918 -99.50 -66.74 -56.65
N LYS L 1919 -99.50 -67.84 -55.87
CA LYS L 1919 -100.35 -69.05 -56.07
C LYS L 1919 -101.82 -68.76 -55.75
N SER L 1920 -102.10 -67.79 -54.86
CA SER L 1920 -103.47 -67.39 -54.42
C SER L 1920 -104.25 -66.83 -55.62
N LEU L 1921 -103.75 -65.76 -56.25
CA LEU L 1921 -104.40 -65.01 -57.37
C LEU L 1921 -104.11 -65.72 -58.71
N SER L 1922 -102.93 -65.49 -59.31
CA SER L 1922 -102.60 -65.76 -60.73
C SER L 1922 -101.51 -66.86 -60.86
N LEU L 1923 -101.87 -68.01 -61.42
CA LEU L 1923 -101.01 -69.24 -61.55
C LEU L 1923 -100.18 -69.16 -62.85
N GLU L 1924 -98.85 -69.03 -62.74
CA GLU L 1924 -97.87 -69.01 -63.88
C GLU L 1924 -98.03 -67.69 -64.70
N GLU L 1925 -98.75 -66.70 -64.14
CA GLU L 1925 -98.79 -65.27 -64.59
C GLU L 1925 -97.84 -64.44 -63.72
N VAL L 1926 -97.51 -64.92 -62.50
CA VAL L 1926 -96.35 -64.44 -61.67
C VAL L 1926 -95.11 -64.27 -62.60
N GLU L 1927 -94.80 -65.27 -63.44
CA GLU L 1927 -93.69 -65.22 -64.44
C GLU L 1927 -93.98 -64.08 -65.44
N GLY L 1928 -95.24 -63.94 -65.89
CA GLY L 1928 -95.72 -62.79 -66.70
C GLY L 1928 -95.49 -61.44 -66.01
N HIS L 1929 -96.00 -61.28 -64.78
CA HIS L 1929 -95.85 -60.07 -63.92
C HIS L 1929 -94.37 -59.68 -63.81
N LEU L 1930 -93.53 -60.67 -63.46
CA LEU L 1930 -92.12 -60.52 -62.99
C LEU L 1930 -91.21 -60.20 -64.19
N PHE L 1931 -91.27 -61.00 -65.26
CA PHE L 1931 -90.50 -60.81 -66.52
C PHE L 1931 -90.67 -59.36 -67.03
N GLU L 1932 -91.87 -58.79 -66.89
CA GLU L 1932 -92.19 -57.35 -67.17
C GLU L 1932 -91.31 -56.41 -66.31
N ILE L 1933 -91.22 -56.69 -65.00
CA ILE L 1933 -90.47 -55.88 -63.98
C ILE L 1933 -88.96 -56.00 -64.24
N ILE L 1934 -88.50 -57.22 -64.56
CA ILE L 1934 -87.08 -57.57 -64.90
C ILE L 1934 -86.64 -56.75 -66.14
N ASP L 1935 -87.42 -56.81 -67.24
CA ASP L 1935 -87.00 -56.37 -68.60
C ASP L 1935 -86.90 -54.84 -68.71
N GLU L 1936 -87.52 -54.08 -67.80
CA GLU L 1936 -87.42 -52.58 -67.78
C GLU L 1936 -86.22 -52.13 -66.92
N ALA L 1937 -85.70 -53.01 -66.05
CA ALA L 1937 -84.46 -52.84 -65.25
C ALA L 1937 -83.27 -53.52 -65.95
N SER L 1938 -83.46 -54.76 -66.43
CA SER L 1938 -82.47 -55.63 -67.12
C SER L 1938 -81.82 -54.89 -68.29
N LYS L 1939 -82.64 -54.39 -69.23
CA LYS L 1939 -82.18 -53.72 -70.49
C LYS L 1939 -81.87 -52.24 -70.23
N LYS L 1940 -82.10 -51.76 -68.99
CA LYS L 1940 -81.59 -50.45 -68.49
C LYS L 1940 -80.19 -50.60 -67.86
N SER L 1941 -79.84 -51.82 -67.39
CA SER L 1941 -78.54 -52.14 -66.70
C SER L 1941 -77.52 -52.78 -67.67
N ALA L 1942 -77.89 -53.04 -68.94
CA ALA L 1942 -77.00 -53.57 -70.00
C ALA L 1942 -76.25 -52.43 -70.72
N VAL L 1943 -76.59 -51.15 -70.45
CA VAL L 1943 -76.05 -49.93 -71.14
C VAL L 1943 -75.06 -49.17 -70.23
N LYS L 1944 -74.60 -49.76 -69.13
CA LYS L 1944 -73.66 -49.07 -68.19
C LYS L 1944 -72.23 -49.13 -68.77
N PRO L 1945 -71.27 -48.35 -68.22
CA PRO L 1945 -69.84 -48.52 -68.56
C PRO L 1945 -69.38 -49.97 -68.24
N ARG L 1946 -68.50 -50.55 -69.07
CA ARG L 1946 -68.20 -52.02 -69.10
C ARG L 1946 -67.98 -52.56 -67.68
N PRO L 1947 -67.10 -51.99 -66.83
CA PRO L 1947 -66.98 -52.41 -65.43
C PRO L 1947 -67.87 -51.55 -64.50
N LEU L 1948 -69.13 -51.96 -64.30
CA LEU L 1948 -70.20 -51.04 -63.81
C LEU L 1948 -70.12 -50.84 -62.29
N LYS L 1949 -69.77 -49.61 -61.87
CA LYS L 1949 -69.98 -49.10 -60.49
C LYS L 1949 -71.38 -49.51 -60.03
N LEU L 1950 -71.45 -50.32 -58.98
CA LEU L 1950 -72.72 -50.88 -58.42
C LEU L 1950 -73.09 -50.09 -57.17
N GLU L 1951 -74.35 -49.65 -57.09
CA GLU L 1951 -74.87 -48.72 -56.05
C GLU L 1951 -75.99 -49.44 -55.28
N ARG L 1952 -76.40 -48.83 -54.17
CA ARG L 1952 -77.17 -49.46 -53.05
C ARG L 1952 -78.62 -48.98 -53.05
N GLY L 1953 -79.56 -49.85 -52.65
CA GLY L 1953 -81.01 -49.62 -52.82
C GLY L 1953 -81.87 -50.28 -51.75
N PHE L 1954 -82.13 -49.55 -50.65
CA PHE L 1954 -83.16 -49.84 -49.59
C PHE L 1954 -82.91 -51.20 -48.93
N ALA L 1955 -82.99 -52.31 -49.69
CA ALA L 1955 -82.74 -53.70 -49.23
C ALA L 1955 -81.26 -54.10 -49.40
N CYS L 1956 -80.62 -53.76 -50.52
CA CYS L 1956 -79.36 -54.38 -51.03
C CYS L 1956 -78.18 -53.42 -50.93
N ILE L 1957 -77.10 -53.85 -50.25
CA ILE L 1957 -75.80 -53.13 -50.09
C ILE L 1957 -74.73 -53.91 -50.83
N PRO L 1958 -73.84 -53.25 -51.60
CA PRO L 1958 -72.70 -53.92 -52.23
C PRO L 1958 -71.54 -54.13 -51.26
N LEU L 1959 -71.01 -55.36 -51.22
CA LEU L 1959 -69.80 -55.73 -50.43
C LEU L 1959 -68.57 -55.20 -51.16
N VAL L 1960 -67.96 -54.14 -50.63
CA VAL L 1960 -66.75 -53.48 -51.19
C VAL L 1960 -65.58 -54.47 -51.14
N GLY L 1961 -64.75 -54.50 -52.19
CA GLY L 1961 -63.52 -55.31 -52.27
C GLY L 1961 -63.75 -56.65 -52.97
N ILE L 1962 -64.91 -57.28 -52.78
CA ILE L 1962 -65.20 -58.65 -53.32
C ILE L 1962 -65.48 -58.53 -54.81
N SER L 1963 -64.65 -59.20 -55.60
CA SER L 1963 -64.51 -59.07 -57.08
C SER L 1963 -64.76 -60.43 -57.76
N VAL L 1964 -65.19 -61.44 -57.00
CA VAL L 1964 -65.31 -62.86 -57.49
C VAL L 1964 -66.58 -63.47 -56.91
N PRO L 1965 -67.33 -64.30 -57.67
CA PRO L 1965 -68.50 -64.99 -57.13
C PRO L 1965 -68.10 -66.35 -56.54
N PHE L 1966 -67.42 -66.35 -55.39
CA PHE L 1966 -67.11 -67.60 -54.64
C PHE L 1966 -68.41 -68.04 -53.97
N HIS L 1967 -68.59 -69.35 -53.89
CA HIS L 1967 -69.75 -70.07 -53.29
C HIS L 1967 -70.88 -70.20 -54.32
N SER L 1968 -70.64 -69.79 -55.57
CA SER L 1968 -71.56 -69.98 -56.71
C SER L 1968 -71.12 -71.20 -57.53
N THR L 1969 -71.83 -71.49 -58.61
CA THR L 1969 -71.51 -72.62 -59.53
C THR L 1969 -70.46 -72.13 -60.53
N TYR L 1970 -70.23 -70.80 -60.61
CA TYR L 1970 -69.27 -70.18 -61.56
C TYR L 1970 -67.90 -70.85 -61.48
N LEU L 1971 -67.46 -71.20 -60.27
CA LEU L 1971 -66.14 -71.82 -60.04
C LEU L 1971 -66.32 -73.22 -59.47
N MET L 1972 -67.32 -73.95 -59.98
CA MET L 1972 -67.41 -75.44 -59.96
C MET L 1972 -66.39 -76.00 -60.97
N ASN L 1973 -65.91 -75.17 -61.89
CA ASN L 1973 -64.89 -75.52 -62.93
C ASN L 1973 -63.49 -75.59 -62.30
N GLY L 1974 -63.14 -74.57 -61.49
CA GLY L 1974 -61.83 -74.48 -60.80
C GLY L 1974 -61.82 -75.25 -59.49
N VAL L 1975 -62.07 -76.57 -59.54
CA VAL L 1975 -62.20 -77.46 -58.34
C VAL L 1975 -61.22 -78.63 -58.45
N LYS L 1976 -61.11 -79.27 -59.62
CA LYS L 1976 -60.16 -80.38 -59.87
C LYS L 1976 -58.75 -80.02 -59.38
N PRO L 1977 -58.15 -78.86 -59.77
CA PRO L 1977 -56.80 -78.51 -59.31
C PRO L 1977 -56.73 -78.31 -57.78
N PHE L 1978 -57.68 -77.56 -57.21
CA PHE L 1978 -57.79 -77.32 -55.75
C PHE L 1978 -58.04 -78.63 -55.00
N LYS L 1979 -58.82 -79.57 -55.55
CA LYS L 1979 -59.02 -80.92 -54.96
C LYS L 1979 -57.67 -81.64 -54.89
N SER L 1980 -56.93 -81.72 -56.00
CA SER L 1980 -55.64 -82.45 -56.12
C SER L 1980 -54.61 -81.84 -55.15
N PHE L 1981 -54.69 -80.54 -54.86
CA PHE L 1981 -53.78 -79.82 -53.93
C PHE L 1981 -54.09 -80.18 -52.48
N LEU L 1982 -55.37 -80.25 -52.09
CA LEU L 1982 -55.80 -80.75 -50.75
C LEU L 1982 -55.32 -82.18 -50.51
N LYS L 1983 -55.24 -83.03 -51.54
CA LYS L 1983 -54.92 -84.47 -51.35
C LYS L 1983 -53.42 -84.65 -51.04
N LYS L 1984 -52.57 -83.72 -51.48
CA LYS L 1984 -51.13 -83.68 -51.11
C LYS L 1984 -50.99 -83.29 -49.64
N ASN L 1985 -51.75 -82.29 -49.22
CA ASN L 1985 -51.56 -81.49 -47.99
C ASN L 1985 -52.39 -82.04 -46.82
N ILE L 1986 -53.51 -82.73 -47.10
CA ILE L 1986 -54.34 -83.45 -46.09
C ILE L 1986 -54.08 -84.95 -46.28
N ILE L 1987 -53.29 -85.53 -45.37
CA ILE L 1987 -52.87 -86.97 -45.42
C ILE L 1987 -53.98 -87.79 -44.75
N LYS L 1988 -54.11 -89.07 -45.10
CA LYS L 1988 -55.16 -89.97 -44.53
C LYS L 1988 -54.87 -90.20 -43.04
N GLU L 1989 -53.61 -90.52 -42.72
CA GLU L 1989 -53.11 -90.88 -41.37
C GLU L 1989 -53.41 -89.78 -40.34
N ASN L 1990 -53.50 -88.51 -40.75
CA ASN L 1990 -53.71 -87.37 -39.82
C ASN L 1990 -55.21 -87.12 -39.56
N VAL L 1991 -56.11 -87.97 -40.04
CA VAL L 1991 -57.60 -87.80 -39.88
C VAL L 1991 -58.08 -88.79 -38.82
N LYS L 1992 -58.38 -88.30 -37.63
CA LYS L 1992 -58.93 -89.09 -36.51
C LYS L 1992 -60.44 -88.89 -36.54
N VAL L 1993 -61.20 -89.94 -36.83
CA VAL L 1993 -62.65 -89.88 -37.17
C VAL L 1993 -63.43 -89.44 -35.92
N ALA L 1994 -63.05 -90.03 -34.79
CA ALA L 1994 -63.48 -89.69 -33.40
C ALA L 1994 -63.55 -88.18 -33.20
N ARG L 1995 -62.71 -87.41 -33.91
CA ARG L 1995 -62.48 -85.97 -33.62
C ARG L 1995 -63.37 -85.06 -34.50
N LEU L 1996 -64.06 -85.66 -35.47
CA LEU L 1996 -64.92 -84.97 -36.47
C LEU L 1996 -66.36 -85.40 -36.29
N ALA L 1997 -66.59 -86.73 -36.29
CA ALA L 1997 -67.93 -87.39 -36.17
C ALA L 1997 -68.81 -86.63 -35.16
N GLY L 1998 -69.96 -86.14 -35.64
CA GLY L 1998 -70.99 -85.48 -34.82
C GLY L 1998 -70.54 -84.18 -34.17
N LYS L 1999 -69.38 -83.63 -34.56
CA LYS L 1999 -68.83 -82.38 -33.97
C LYS L 1999 -68.65 -81.31 -35.05
N TYR L 2000 -68.17 -81.72 -36.22
CA TYR L 2000 -67.86 -80.80 -37.34
C TYR L 2000 -69.12 -80.63 -38.17
N ILE L 2001 -69.61 -79.40 -38.27
CA ILE L 2001 -70.78 -79.02 -39.11
C ILE L 2001 -70.27 -78.30 -40.36
N PRO L 2002 -70.04 -78.99 -41.50
CA PRO L 2002 -69.61 -78.33 -42.73
C PRO L 2002 -70.57 -77.25 -43.26
N ASN L 2003 -70.11 -76.48 -44.24
CA ASN L 2003 -70.90 -75.40 -44.90
C ASN L 2003 -71.68 -75.99 -46.07
N LEU L 2004 -71.08 -76.98 -46.75
CA LEU L 2004 -71.65 -77.64 -47.94
C LEU L 2004 -73.00 -78.24 -47.52
N THR L 2005 -72.93 -79.20 -46.60
CA THR L 2005 -74.05 -79.89 -45.93
C THR L 2005 -74.11 -79.36 -44.51
N ALA L 2006 -75.15 -78.63 -44.10
CA ALA L 2006 -75.26 -78.20 -42.68
C ALA L 2006 -75.80 -79.38 -41.86
N LYS L 2007 -74.99 -80.42 -41.75
CA LYS L 2007 -75.33 -81.69 -41.07
C LYS L 2007 -74.09 -82.20 -40.35
N PRO L 2008 -74.14 -82.45 -39.02
CA PRO L 2008 -72.96 -82.90 -38.30
C PRO L 2008 -72.28 -84.00 -39.12
N PHE L 2009 -70.97 -83.85 -39.34
CA PHE L 2009 -70.12 -84.79 -40.13
C PHE L 2009 -70.39 -86.21 -39.64
N GLN L 2010 -70.60 -87.16 -40.54
CA GLN L 2010 -70.74 -88.59 -40.20
C GLN L 2010 -70.20 -89.43 -41.35
N VAL L 2011 -69.64 -90.61 -41.07
CA VAL L 2011 -69.11 -91.55 -42.09
C VAL L 2011 -70.13 -92.69 -42.22
N THR L 2012 -71.27 -92.36 -42.83
CA THR L 2012 -72.40 -93.27 -43.16
C THR L 2012 -72.85 -93.00 -44.60
N LYS L 2013 -73.45 -93.99 -45.25
CA LYS L 2013 -73.94 -93.96 -46.66
C LYS L 2013 -74.82 -92.74 -46.94
N GLU L 2014 -75.77 -92.43 -46.04
CA GLU L 2014 -76.79 -91.35 -46.24
C GLU L 2014 -76.10 -89.98 -46.35
N TYR L 2015 -74.93 -89.83 -45.73
CA TYR L 2015 -74.13 -88.58 -45.73
C TYR L 2015 -73.43 -88.44 -47.08
N PHE L 2016 -72.70 -89.49 -47.50
CA PHE L 2016 -72.05 -89.58 -48.83
C PHE L 2016 -73.08 -89.31 -49.94
N GLN L 2017 -74.23 -90.01 -49.89
CA GLN L 2017 -75.36 -89.81 -50.82
C GLN L 2017 -75.73 -88.32 -50.87
N ASP L 2018 -75.95 -87.70 -49.70
CA ASP L 2018 -76.38 -86.29 -49.57
C ASP L 2018 -75.33 -85.34 -50.19
N VAL L 2019 -74.04 -85.69 -50.13
CA VAL L 2019 -72.92 -84.85 -50.65
C VAL L 2019 -72.96 -84.90 -52.18
N TYR L 2020 -73.00 -86.12 -52.74
CA TYR L 2020 -73.12 -86.40 -54.19
C TYR L 2020 -74.22 -85.55 -54.84
N ASP L 2021 -75.34 -85.35 -54.15
CA ASP L 2021 -76.51 -84.60 -54.65
C ASP L 2021 -76.20 -83.09 -54.76
N LEU L 2022 -75.11 -82.61 -54.14
CA LEU L 2022 -74.75 -81.16 -54.07
C LEU L 2022 -73.48 -80.86 -54.88
N THR L 2023 -72.84 -81.88 -55.42
CA THR L 2023 -71.40 -81.85 -55.79
C THR L 2023 -71.22 -82.57 -57.13
N GLY L 2024 -71.71 -83.81 -57.25
CA GLY L 2024 -71.58 -84.62 -58.46
C GLY L 2024 -70.15 -85.09 -58.64
N SER L 2025 -69.57 -85.64 -57.58
CA SER L 2025 -68.17 -86.11 -57.48
C SER L 2025 -68.14 -87.61 -57.80
N GLU L 2026 -67.19 -88.04 -58.64
CA GLU L 2026 -67.05 -89.46 -59.07
C GLU L 2026 -66.35 -90.28 -57.98
N PRO L 2027 -65.28 -89.79 -57.30
CA PRO L 2027 -64.68 -90.50 -56.16
C PRO L 2027 -65.64 -90.75 -54.99
N ILE L 2028 -66.71 -89.97 -54.85
CA ILE L 2028 -67.82 -90.21 -53.87
C ILE L 2028 -68.78 -91.27 -54.44
N LYS L 2029 -69.24 -91.09 -55.68
CA LYS L 2029 -70.29 -91.96 -56.28
C LYS L 2029 -69.78 -93.40 -56.39
N GLU L 2030 -68.46 -93.58 -56.57
CA GLU L 2030 -67.84 -94.92 -56.71
C GLU L 2030 -67.77 -95.62 -55.35
N ILE L 2031 -67.86 -94.88 -54.22
CA ILE L 2031 -67.94 -95.43 -52.83
C ILE L 2031 -69.37 -95.93 -52.56
N ILE L 2032 -70.39 -95.10 -52.83
CA ILE L 2032 -71.84 -95.45 -52.63
C ILE L 2032 -72.15 -96.75 -53.39
N ASP L 2033 -71.63 -96.89 -54.61
CA ASP L 2033 -71.91 -98.03 -55.52
C ASP L 2033 -71.46 -99.34 -54.87
N ASN L 2034 -70.28 -99.33 -54.22
CA ASN L 2034 -69.71 -100.53 -53.54
C ASN L 2034 -69.52 -100.21 -52.05
N TRP L 2035 -70.60 -99.78 -51.39
CA TRP L 2035 -70.65 -99.45 -49.94
C TRP L 2035 -70.46 -100.70 -49.07
N GLU L 2036 -70.37 -101.91 -49.68
CA GLU L 2036 -69.89 -103.15 -49.01
C GLU L 2036 -68.35 -103.20 -49.06
N LYS L 2037 -67.76 -102.22 -48.37
CA LYS L 2037 -66.45 -102.29 -47.68
C LYS L 2037 -66.72 -102.22 -46.16
N TYR L 2038 -67.75 -102.96 -45.72
CA TYR L 2038 -67.98 -103.46 -44.33
C TYR L 2038 -67.23 -104.79 -44.13
N GLU L 2039 -67.11 -105.58 -45.21
CA GLU L 2039 -66.10 -106.66 -45.35
C GLU L 2039 -64.77 -106.01 -45.78
N GLN L 2040 -64.07 -105.39 -44.82
CA GLN L 2040 -62.73 -104.72 -44.92
C GLN L 2040 -62.52 -104.15 -46.32
N SER M 1 34.92 16.93 -78.91
CA SER M 1 33.86 15.97 -79.35
C SER M 1 32.91 16.67 -80.33
N ALA M 2 32.57 16.00 -81.44
CA ALA M 2 31.68 16.50 -82.53
C ALA M 2 30.21 16.49 -82.09
N GLY M 3 29.86 15.71 -81.05
CA GLY M 3 28.62 15.88 -80.28
C GLY M 3 28.81 16.95 -79.23
N GLY M 4 28.06 18.05 -79.31
CA GLY M 4 28.25 19.21 -78.41
C GLY M 4 29.27 20.16 -78.98
N ILE M 5 28.87 20.94 -80.00
CA ILE M 5 29.75 21.85 -80.79
C ILE M 5 29.11 23.24 -80.87
N ARG M 6 28.34 23.63 -79.86
CA ARG M 6 27.78 25.01 -79.68
C ARG M 6 27.07 25.46 -80.96
N ARG M 7 26.42 24.54 -81.66
CA ARG M 7 25.79 24.76 -82.98
C ARG M 7 24.80 23.61 -83.24
N PRO M 8 23.59 23.88 -83.79
CA PRO M 8 22.56 22.83 -83.90
C PRO M 8 22.93 21.71 -84.89
N ILE M 9 22.80 20.46 -84.44
CA ILE M 9 23.16 19.20 -85.18
C ILE M 9 21.90 18.34 -85.33
N GLN M 10 21.78 17.60 -86.44
CA GLN M 10 20.56 16.81 -86.76
C GLN M 10 20.50 15.62 -85.80
N ILE M 11 19.35 15.45 -85.15
CA ILE M 11 19.14 14.63 -83.93
C ILE M 11 19.17 13.15 -84.31
N GLU M 12 18.73 12.79 -85.51
CA GLU M 12 18.73 11.35 -85.92
C GLU M 12 20.18 10.85 -85.96
N GLU M 13 21.09 11.65 -86.53
CA GLU M 13 22.54 11.31 -86.67
C GLU M 13 23.21 11.36 -85.31
N PHE M 14 22.80 12.26 -84.41
CA PHE M 14 23.28 12.29 -83.02
C PHE M 14 22.93 10.97 -82.32
N LYS M 15 21.63 10.64 -82.22
CA LYS M 15 21.14 9.37 -81.60
C LYS M 15 21.94 8.16 -82.09
N THR M 16 22.16 8.03 -83.40
CA THR M 16 22.88 6.87 -84.02
C THR M 16 24.34 6.83 -83.57
N ALA M 17 25.02 7.98 -83.58
CA ALA M 17 26.43 8.15 -83.18
C ALA M 17 26.61 7.71 -81.72
N ILE M 18 25.80 8.31 -80.84
CA ILE M 18 25.79 8.16 -79.36
C ILE M 18 25.74 6.67 -78.97
N SER M 19 25.07 5.82 -79.77
CA SER M 19 25.01 4.33 -79.64
C SER M 19 26.42 3.73 -79.53
N GLY M 20 27.34 4.16 -80.40
CA GLY M 20 28.62 3.49 -80.69
C GLY M 20 29.76 3.97 -79.80
N MET M 21 29.50 4.89 -78.88
CA MET M 21 30.53 5.53 -78.01
C MET M 21 30.78 4.70 -76.72
N SER M 22 31.86 5.04 -76.02
CA SER M 22 32.18 4.57 -74.64
C SER M 22 31.36 5.42 -73.65
N ASP M 23 31.19 4.93 -72.42
CA ASP M 23 30.35 5.58 -71.37
C ASP M 23 31.04 6.85 -70.87
N MET M 24 32.37 6.90 -70.93
CA MET M 24 33.18 8.09 -70.50
C MET M 24 33.16 9.15 -71.61
N GLU M 25 33.05 8.73 -72.88
CA GLU M 25 32.89 9.66 -74.05
C GLU M 25 31.49 10.31 -74.03
N LEU M 26 30.43 9.55 -73.68
CA LEU M 26 29.04 10.04 -73.45
C LEU M 26 29.03 11.06 -72.30
N ALA M 27 29.70 10.72 -71.19
CA ALA M 27 29.81 11.55 -69.96
C ALA M 27 30.48 12.89 -70.31
N GLN M 28 31.42 12.88 -71.26
CA GLN M 28 32.15 14.08 -71.75
C GLN M 28 31.22 14.96 -72.58
N ILE M 29 30.52 14.38 -73.58
CA ILE M 29 29.55 15.10 -74.45
C ILE M 29 28.51 15.79 -73.55
N LYS M 30 28.02 15.09 -72.52
CA LYS M 30 26.92 15.54 -71.63
C LYS M 30 27.37 16.78 -70.86
N THR M 31 28.60 16.76 -70.33
CA THR M 31 29.28 17.89 -69.64
C THR M 31 29.37 19.09 -70.57
N GLU M 32 29.75 18.84 -71.83
CA GLU M 32 30.01 19.87 -72.86
C GLU M 32 28.70 20.55 -73.26
N ILE M 33 27.61 19.78 -73.44
CA ILE M 33 26.28 20.31 -73.89
C ILE M 33 25.68 21.10 -72.75
N GLU M 34 25.75 20.59 -71.52
CA GLU M 34 25.30 21.31 -70.29
C GLU M 34 25.96 22.69 -70.22
N ASN M 35 27.29 22.77 -70.44
CA ASN M 35 28.07 24.04 -70.47
C ASN M 35 27.57 24.96 -71.59
N SER M 36 27.34 24.44 -72.79
CA SER M 36 26.75 25.19 -73.95
C SER M 36 25.42 25.81 -73.51
N ILE M 37 24.57 25.05 -72.79
CA ILE M 37 23.21 25.47 -72.35
C ILE M 37 23.35 26.66 -71.39
N ASN M 38 24.26 26.56 -70.41
CA ASN M 38 24.54 27.59 -69.38
C ASN M 38 24.98 28.90 -70.04
N HIS M 39 25.92 28.83 -70.99
CA HIS M 39 26.37 29.95 -71.85
C HIS M 39 25.19 30.58 -72.59
N LEU M 40 24.22 29.79 -73.06
CA LEU M 40 23.06 30.32 -73.83
C LEU M 40 22.01 30.95 -72.89
N GLN M 41 21.88 30.42 -71.67
CA GLN M 41 20.95 30.94 -70.63
C GLN M 41 21.52 32.23 -70.03
N ARG M 42 22.85 32.32 -69.83
CA ARG M 42 23.51 33.56 -69.34
C ARG M 42 23.52 34.61 -70.47
N SER M 43 23.57 34.20 -71.73
CA SER M 43 23.37 35.07 -72.91
C SER M 43 21.91 35.56 -72.98
N ASN M 44 20.92 34.68 -72.77
CA ASN M 44 19.46 35.01 -72.84
C ASN M 44 19.07 35.88 -71.64
N ALA M 45 19.77 35.76 -70.51
CA ALA M 45 19.63 36.61 -69.30
C ALA M 45 19.98 38.06 -69.64
N ARG M 46 21.21 38.30 -70.14
CA ARG M 46 21.72 39.61 -70.64
C ARG M 46 20.73 40.24 -71.63
N LEU M 47 20.22 39.46 -72.57
CA LEU M 47 19.21 39.87 -73.58
C LEU M 47 17.88 40.24 -72.89
N GLY M 48 17.54 39.56 -71.79
CA GLY M 48 16.35 39.82 -70.97
C GLY M 48 16.38 41.21 -70.34
N LYS M 49 17.55 41.66 -69.89
CA LYS M 49 17.78 43.01 -69.33
C LYS M 49 17.53 44.08 -70.41
N TYR M 50 18.24 44.01 -71.55
CA TYR M 50 18.19 45.03 -72.63
C TYR M 50 16.79 45.09 -73.28
N ILE M 51 15.98 44.04 -73.12
CA ILE M 51 14.52 44.04 -73.47
C ILE M 51 13.77 44.82 -72.38
N ALA M 52 13.87 44.39 -71.11
CA ALA M 52 13.14 44.94 -69.93
C ALA M 52 13.43 46.44 -69.75
N LYS M 53 14.69 46.86 -69.94
CA LYS M 53 15.16 48.27 -69.97
C LYS M 53 14.45 49.07 -71.08
N LEU M 54 14.37 48.49 -72.29
CA LEU M 54 13.86 49.17 -73.53
C LEU M 54 12.32 49.07 -73.61
N GLU M 55 11.75 48.02 -73.00
CA GLU M 55 10.28 47.81 -72.87
C GLU M 55 9.72 48.70 -71.75
N GLY M 56 10.60 49.27 -70.90
CA GLY M 56 10.29 50.34 -69.93
C GLY M 56 9.65 51.59 -70.55
N ALA M 57 9.97 51.92 -71.82
CA ALA M 57 9.48 53.15 -72.52
C ALA M 57 8.02 52.95 -72.98
N GLY M 75 12.45 50.35 -83.56
CA GLY M 75 13.71 49.70 -83.99
C GLY M 75 14.63 49.38 -82.81
N ASP M 76 15.65 48.54 -83.08
CA ASP M 76 16.67 48.02 -82.11
C ASP M 76 15.98 47.46 -80.84
N LEU M 77 14.78 46.86 -81.01
CA LEU M 77 14.02 46.07 -80.00
C LEU M 77 13.49 44.79 -80.66
N ALA M 78 12.93 44.89 -81.87
CA ALA M 78 12.66 43.74 -82.78
C ALA M 78 13.95 42.94 -83.04
N LEU M 79 15.13 43.59 -82.97
CA LEU M 79 16.46 42.95 -83.18
C LEU M 79 16.90 42.21 -81.90
N TYR M 80 16.70 42.81 -80.71
CA TYR M 80 16.95 42.15 -79.39
C TYR M 80 16.00 40.95 -79.19
N LYS M 81 14.82 40.98 -79.82
CA LYS M 81 13.73 39.97 -79.67
C LYS M 81 14.02 38.73 -80.51
N ASP M 82 14.46 38.89 -81.77
CA ASP M 82 14.78 37.75 -82.68
C ASP M 82 16.20 37.22 -82.41
N SER M 83 17.02 37.92 -81.59
CA SER M 83 18.30 37.40 -81.04
C SER M 83 18.02 36.38 -79.93
N VAL M 84 16.91 36.53 -79.19
CA VAL M 84 16.46 35.59 -78.11
C VAL M 84 15.51 34.52 -78.70
N ARG M 85 14.76 34.83 -79.76
CA ARG M 85 13.98 33.81 -80.52
C ARG M 85 14.96 32.79 -81.11
N GLU M 86 16.06 33.29 -81.69
CA GLU M 86 17.11 32.47 -82.36
C GLU M 86 17.84 31.59 -81.35
N ASN M 87 18.13 32.09 -80.14
CA ASN M 87 18.86 31.33 -79.10
C ASN M 87 17.99 30.16 -78.61
N GLU M 88 16.66 30.32 -78.60
CA GLU M 88 15.67 29.26 -78.20
C GLU M 88 15.60 28.16 -79.27
N ILE M 89 15.86 28.46 -80.55
CA ILE M 89 15.94 27.42 -81.63
C ILE M 89 17.13 26.51 -81.32
N VAL M 90 18.29 27.12 -81.09
CA VAL M 90 19.56 26.40 -80.78
C VAL M 90 19.36 25.64 -79.47
N LEU M 91 18.75 26.28 -78.46
CA LEU M 91 18.63 25.76 -77.06
C LEU M 91 17.73 24.53 -77.07
N ASN M 92 16.73 24.52 -77.95
CA ASN M 92 15.77 23.40 -78.15
C ASN M 92 16.56 22.18 -78.69
N ASN M 93 17.49 22.41 -79.62
CA ASN M 93 18.40 21.36 -80.16
C ASN M 93 19.30 20.80 -79.03
N TYR M 94 19.88 21.63 -78.15
CA TYR M 94 20.77 21.15 -77.06
C TYR M 94 20.01 20.27 -76.06
N ASN M 95 18.80 20.63 -75.64
CA ASN M 95 18.08 19.83 -74.61
C ASN M 95 17.34 18.67 -75.30
N GLU M 96 17.19 18.69 -76.63
CA GLU M 96 16.79 17.52 -77.45
C GLU M 96 17.96 16.52 -77.53
N ARG M 97 19.20 17.02 -77.47
CA ARG M 97 20.46 16.25 -77.47
C ARG M 97 20.72 15.62 -76.09
N VAL M 98 20.39 16.32 -75.00
CA VAL M 98 20.55 15.83 -73.60
C VAL M 98 19.53 14.73 -73.34
N ASP M 99 18.37 14.81 -74.00
CA ASP M 99 17.29 13.81 -73.87
C ASP M 99 17.72 12.50 -74.55
N ALA M 100 18.29 12.58 -75.76
CA ALA M 100 18.86 11.42 -76.48
C ALA M 100 19.96 10.74 -75.63
N LEU M 101 20.76 11.53 -74.91
CA LEU M 101 21.84 11.06 -73.99
C LEU M 101 21.21 10.35 -72.79
N GLU M 102 20.13 10.92 -72.26
CA GLU M 102 19.36 10.32 -71.15
C GLU M 102 18.88 8.93 -71.59
N GLN M 103 18.16 8.86 -72.72
CA GLN M 103 17.66 7.59 -73.30
C GLN M 103 18.80 6.57 -73.51
N GLU M 104 19.97 7.01 -73.99
CA GLU M 104 21.10 6.06 -74.28
C GLU M 104 21.64 5.49 -72.96
N THR M 105 21.83 6.32 -71.94
CA THR M 105 22.20 5.92 -70.54
C THR M 105 21.37 4.71 -70.11
N VAL M 106 20.04 4.86 -70.17
CA VAL M 106 19.05 3.87 -69.64
C VAL M 106 19.06 2.60 -70.50
N TYR M 107 19.40 2.68 -71.78
CA TYR M 107 19.50 1.49 -72.66
C TYR M 107 20.66 0.59 -72.23
N ARG M 108 21.74 1.15 -71.67
CA ARG M 108 23.02 0.41 -71.46
C ARG M 108 22.89 -0.47 -70.22
N LYS M 109 21.98 -0.11 -69.31
CA LYS M 109 21.62 -0.83 -68.05
C LYS M 109 20.96 -2.20 -68.33
N THR M 110 20.13 -2.28 -69.37
CA THR M 110 19.20 -3.41 -69.67
C THR M 110 19.83 -4.40 -70.68
N GLY M 111 20.68 -3.93 -71.61
CA GLY M 111 21.32 -4.73 -72.68
C GLY M 111 21.20 -4.08 -74.05
N VAL M 131 -3.50 -40.59 -53.64
CA VAL M 131 -2.86 -41.92 -53.88
C VAL M 131 -3.19 -42.38 -55.31
N ASP M 132 -4.46 -42.27 -55.73
CA ASP M 132 -5.06 -42.85 -56.97
C ASP M 132 -5.18 -44.39 -56.82
N MET M 133 -6.26 -44.80 -56.17
CA MET M 133 -6.78 -46.18 -56.11
C MET M 133 -7.65 -46.53 -57.33
N ASP M 134 -8.21 -45.55 -58.04
CA ASP M 134 -8.91 -45.75 -59.34
C ASP M 134 -7.83 -45.97 -60.39
N ASN M 135 -7.99 -46.93 -61.30
CA ASN M 135 -6.81 -47.41 -62.06
C ASN M 135 -6.60 -46.49 -63.28
N SER M 136 -6.48 -45.17 -63.07
CA SER M 136 -6.44 -44.15 -64.15
C SER M 136 -5.02 -44.07 -64.74
N ASN M 137 -3.98 -44.09 -63.89
CA ASN M 137 -2.56 -43.97 -64.33
C ASN M 137 -2.07 -45.35 -64.79
N VAL M 138 -1.73 -46.22 -63.85
CA VAL M 138 -1.43 -47.65 -64.12
C VAL M 138 -2.72 -48.42 -63.87
N ASP M 139 -3.02 -49.42 -64.72
CA ASP M 139 -4.22 -50.27 -64.58
C ASP M 139 -3.79 -51.62 -63.99
N VAL M 140 -3.80 -51.76 -62.67
CA VAL M 140 -3.15 -52.87 -61.91
C VAL M 140 -4.07 -54.11 -61.86
N VAL M 141 -5.33 -53.94 -62.23
CA VAL M 141 -6.31 -55.05 -62.50
C VAL M 141 -5.78 -55.93 -63.64
N THR M 142 -5.07 -55.33 -64.59
CA THR M 142 -4.50 -55.97 -65.80
C THR M 142 -3.11 -56.49 -65.53
N PRO M 143 -2.78 -57.77 -65.84
CA PRO M 143 -1.46 -58.34 -65.52
C PRO M 143 -0.28 -57.54 -66.09
N ASN M 144 -0.42 -56.96 -67.29
CA ASN M 144 0.67 -56.36 -68.09
C ASN M 144 0.92 -54.89 -67.76
N SER M 145 -0.01 -54.20 -67.08
CA SER M 145 0.17 -52.77 -66.76
C SER M 145 1.32 -52.61 -65.76
N ILE M 146 1.45 -53.52 -64.77
CA ILE M 146 2.50 -53.45 -63.70
C ILE M 146 3.84 -53.21 -64.40
N PHE M 147 4.41 -54.26 -65.00
CA PHE M 147 5.69 -54.26 -65.77
C PHE M 147 5.99 -55.72 -66.10
N ILE M 148 5.29 -56.20 -67.11
CA ILE M 148 5.54 -57.49 -67.81
C ILE M 148 6.55 -57.22 -68.93
N SER N 1 52.84 69.10 -13.01
CA SER N 1 51.67 69.84 -12.43
C SER N 1 52.11 70.55 -11.14
N ALA N 2 51.72 71.82 -10.97
CA ALA N 2 52.04 72.70 -9.81
C ALA N 2 51.23 72.29 -8.56
N GLY N 3 50.12 71.56 -8.75
CA GLY N 3 49.48 70.78 -7.67
C GLY N 3 50.18 69.44 -7.53
N GLY N 4 50.78 69.16 -6.37
CA GLY N 4 51.59 67.95 -6.16
C GLY N 4 53.03 68.19 -6.57
N ILE N 5 53.79 68.91 -5.74
CA ILE N 5 55.18 69.36 -6.02
C ILE N 5 56.09 69.01 -4.84
N ARG N 6 55.78 67.94 -4.11
CA ARG N 6 56.62 67.35 -3.04
C ARG N 6 57.06 68.43 -2.04
N ARG N 7 56.17 69.39 -1.76
CA ARG N 7 56.44 70.57 -0.93
C ARG N 7 55.10 71.20 -0.52
N PRO N 8 54.93 71.64 0.74
CA PRO N 8 53.61 72.08 1.22
C PRO N 8 53.12 73.38 0.53
N ILE N 9 51.88 73.35 0.04
CA ILE N 9 51.20 74.45 -0.72
C ILE N 9 49.92 74.87 0.03
N GLN N 10 49.57 76.16 -0.03
CA GLN N 10 48.44 76.72 0.76
C GLN N 10 47.12 76.18 0.16
N ILE N 11 46.28 75.63 1.02
CA ILE N 11 45.14 74.73 0.68
C ILE N 11 44.02 75.55 0.07
N GLU N 12 43.85 76.81 0.47
CA GLU N 12 42.75 77.66 -0.08
C GLU N 12 43.00 77.84 -1.60
N GLU N 13 44.25 78.12 -1.98
CA GLU N 13 44.66 78.36 -3.39
C GLU N 13 44.62 77.04 -4.17
N PHE N 14 44.94 75.91 -3.53
CA PHE N 14 44.79 74.57 -4.15
C PHE N 14 43.32 74.33 -4.50
N LYS N 15 42.43 74.35 -3.49
CA LYS N 15 40.95 74.17 -3.68
C LYS N 15 40.44 75.00 -4.87
N THR N 16 40.80 76.30 -4.94
CA THR N 16 40.32 77.24 -5.98
C THR N 16 40.82 76.81 -7.37
N ALA N 17 42.11 76.46 -7.47
CA ALA N 17 42.79 76.01 -8.72
C ALA N 17 42.08 74.77 -9.26
N ILE N 18 41.96 73.75 -8.40
CA ILE N 18 41.41 72.39 -8.66
C ILE N 18 40.01 72.49 -9.32
N SER N 19 39.22 73.51 -8.98
CA SER N 19 37.91 73.86 -9.60
C SER N 19 38.00 73.94 -11.12
N GLY N 20 39.04 74.62 -11.64
CA GLY N 20 39.13 75.08 -13.03
C GLY N 20 39.80 74.08 -13.95
N MET N 21 40.20 72.92 -13.44
CA MET N 21 40.96 71.89 -14.20
C MET N 21 40.01 70.92 -14.95
N SER N 22 40.59 70.14 -15.87
CA SER N 22 39.94 68.97 -16.53
C SER N 22 40.00 67.77 -15.58
N ASP N 23 39.16 66.76 -15.80
CA ASP N 23 39.03 65.57 -14.91
C ASP N 23 40.28 64.69 -15.04
N MET N 24 40.94 64.71 -16.19
CA MET N 24 42.19 63.92 -16.45
C MET N 24 43.40 64.64 -15.83
N GLU N 25 43.35 65.98 -15.73
CA GLU N 25 44.39 66.80 -15.03
C GLU N 25 44.30 66.58 -13.51
N LEU N 26 43.08 66.50 -12.94
CA LEU N 26 42.79 66.14 -11.52
C LEU N 26 43.32 64.74 -11.22
N ALA N 27 43.03 63.78 -12.12
CA ALA N 27 43.43 62.36 -12.02
C ALA N 27 44.96 62.25 -11.99
N GLN N 28 45.65 63.15 -12.71
CA GLN N 28 47.14 63.23 -12.77
C GLN N 28 47.69 63.75 -11.44
N ILE N 29 47.17 64.88 -10.94
CA ILE N 29 47.58 65.49 -9.64
C ILE N 29 47.44 64.42 -8.54
N LYS N 30 46.33 63.67 -8.55
CA LYS N 30 45.95 62.69 -7.50
C LYS N 30 46.99 61.57 -7.46
N THR N 31 47.37 61.06 -8.63
CA THR N 31 48.45 60.05 -8.84
C THR N 31 49.77 60.56 -8.27
N GLU N 32 50.09 61.82 -8.55
CA GLU N 32 51.37 62.48 -8.18
C GLU N 32 51.46 62.65 -6.66
N ILE N 33 50.36 63.07 -6.01
CA ILE N 33 50.33 63.35 -4.54
C ILE N 33 50.41 62.01 -3.80
N GLU N 34 49.65 61.00 -4.26
CA GLU N 34 49.70 59.62 -3.72
C GLU N 34 51.15 59.11 -3.71
N ASN N 35 51.89 59.29 -4.83
CA ASN N 35 53.33 58.90 -4.97
C ASN N 35 54.19 59.68 -3.95
N SER N 36 53.99 61.00 -3.82
CA SER N 36 54.67 61.86 -2.82
C SER N 36 54.47 61.26 -1.42
N ILE N 37 53.24 60.82 -1.09
CA ILE N 37 52.84 60.28 0.24
C ILE N 37 53.63 58.99 0.51
N ASN N 38 53.69 58.10 -0.47
CA ASN N 38 54.39 56.78 -0.41
C ASN N 38 55.88 56.99 -0.14
N HIS N 39 56.52 57.90 -0.88
CA HIS N 39 57.92 58.37 -0.67
C HIS N 39 58.12 58.88 0.77
N LEU N 40 57.15 59.58 1.34
CA LEU N 40 57.27 60.16 2.71
C LEU N 40 57.06 59.08 3.78
N GLN N 41 56.20 58.09 3.50
CA GLN N 41 55.92 56.96 4.41
C GLN N 41 57.09 55.97 4.40
N ARG N 42 57.72 55.74 3.24
CA ARG N 42 58.93 54.87 3.13
C ARG N 42 60.14 55.60 3.73
N SER N 43 60.18 56.93 3.67
CA SER N 43 61.15 57.77 4.41
C SER N 43 60.91 57.70 5.92
N ASN N 44 59.65 57.80 6.39
CA ASN N 44 59.28 57.78 7.84
C ASN N 44 59.49 56.37 8.41
N ALA N 45 59.39 55.33 7.57
CA ALA N 45 59.68 53.92 7.91
C ALA N 45 61.17 53.77 8.28
N ARG N 46 62.08 54.16 7.37
CA ARG N 46 63.57 54.20 7.57
C ARG N 46 63.92 54.95 8.85
N LEU N 47 63.29 56.11 9.09
CA LEU N 47 63.47 56.94 10.31
C LEU N 47 62.97 56.20 11.56
N GLY N 48 61.92 55.37 11.41
CA GLY N 48 61.36 54.52 12.47
C GLY N 48 62.36 53.49 12.98
N LYS N 49 63.14 52.89 12.07
CA LYS N 49 64.24 51.93 12.39
C LYS N 49 65.33 52.63 13.22
N TYR N 50 65.92 53.72 12.72
CA TYR N 50 67.07 54.43 13.36
C TYR N 50 66.65 55.03 14.71
N ILE N 51 65.35 55.22 14.95
CA ILE N 51 64.79 55.58 16.30
C ILE N 51 64.79 54.31 17.16
N ALA N 52 64.10 53.24 16.70
CA ALA N 52 63.89 51.95 17.44
C ALA N 52 65.24 51.30 17.81
N LYS N 53 66.22 51.34 16.90
CA LYS N 53 67.64 50.92 17.11
C LYS N 53 68.29 51.72 18.24
N LEU N 54 68.13 53.05 18.23
CA LEU N 54 68.82 54.01 19.15
C LEU N 54 68.05 54.14 20.47
N GLU N 55 66.73 53.90 20.45
CA GLU N 55 65.85 53.86 21.64
C GLU N 55 66.03 52.51 22.38
N GLY N 56 66.66 51.52 21.73
CA GLY N 56 67.14 50.27 22.33
C GLY N 56 68.07 50.46 23.53
N ALA N 57 68.87 51.55 23.57
CA ALA N 57 69.86 51.85 24.64
C ALA N 57 69.14 52.38 25.90
N GLY N 75 72.06 63.11 22.28
CA GLY N 75 72.22 63.72 20.95
C GLY N 75 72.01 62.71 19.81
N ASP N 76 71.85 63.23 18.59
CA ASP N 76 71.60 62.48 17.31
C ASP N 76 70.46 61.46 17.50
N LEU N 77 69.45 61.82 18.31
CA LEU N 77 68.14 61.12 18.50
C LEU N 77 67.01 62.15 18.49
N ALA N 78 67.18 63.29 19.20
CA ALA N 78 66.34 64.51 19.06
C ALA N 78 66.35 65.00 17.60
N LEU N 79 67.42 64.71 16.83
CA LEU N 79 67.54 65.09 15.39
C LEU N 79 66.77 64.12 14.50
N TYR N 80 66.83 62.80 14.77
CA TYR N 80 66.01 61.76 14.09
C TYR N 80 64.51 61.94 14.39
N LYS N 81 64.18 62.56 15.53
CA LYS N 81 62.79 62.74 16.04
C LYS N 81 62.11 63.93 15.34
N ASP N 82 62.81 65.06 15.18
CA ASP N 82 62.26 66.29 14.54
C ASP N 82 62.39 66.19 13.00
N SER N 83 63.11 65.19 12.48
CA SER N 83 63.11 64.81 11.04
C SER N 83 61.81 64.07 10.68
N VAL N 84 61.22 63.34 11.63
CA VAL N 84 59.91 62.62 11.47
C VAL N 84 58.75 63.53 11.91
N ARG N 85 58.95 64.44 12.87
CA ARG N 85 57.96 65.50 13.21
C ARG N 85 57.72 66.37 11.98
N GLU N 86 58.81 66.74 11.30
CA GLU N 86 58.80 67.62 10.10
C GLU N 86 58.10 66.94 8.92
N ASN N 87 58.31 65.64 8.73
CA ASN N 87 57.71 64.89 7.59
C ASN N 87 56.19 64.79 7.78
N GLU N 88 55.71 64.75 9.04
CA GLU N 88 54.26 64.71 9.39
C GLU N 88 53.60 66.08 9.12
N ILE N 89 54.33 67.20 9.19
CA ILE N 89 53.80 68.55 8.82
C ILE N 89 53.49 68.53 7.32
N VAL N 90 54.48 68.11 6.52
CA VAL N 90 54.36 68.03 5.05
C VAL N 90 53.26 67.02 4.70
N LEU N 91 53.25 65.87 5.38
CA LEU N 91 52.34 64.71 5.08
C LEU N 91 50.90 65.12 5.34
N ASN N 92 50.67 65.97 6.34
CA ASN N 92 49.36 66.52 6.72
C ASN N 92 48.84 67.40 5.57
N ASN N 93 49.72 68.20 4.96
CA ASN N 93 49.41 69.04 3.76
C ASN N 93 49.03 68.14 2.58
N TYR N 94 49.74 67.03 2.30
CA TYR N 94 49.44 66.15 1.15
C TYR N 94 48.06 65.50 1.30
N ASN N 95 47.69 64.98 2.49
CA ASN N 95 46.39 64.27 2.64
C ASN N 95 45.27 65.29 2.89
N GLU N 96 45.61 66.54 3.21
CA GLU N 96 44.67 67.71 3.16
C GLU N 96 44.38 68.08 1.70
N ARG N 97 45.35 67.85 0.81
CA ARG N 97 45.27 68.09 -0.66
C ARG N 97 44.47 66.97 -1.35
N VAL N 98 44.60 65.73 -0.89
CA VAL N 98 43.86 64.56 -1.45
C VAL N 98 42.39 64.67 -1.05
N ASP N 99 42.11 65.28 0.11
CA ASP N 99 40.73 65.47 0.62
C ASP N 99 40.03 66.54 -0.24
N ALA N 100 40.69 67.65 -0.55
CA ALA N 100 40.18 68.69 -1.47
C ALA N 100 39.87 68.09 -2.84
N LEU N 101 40.69 67.15 -3.32
CA LEU N 101 40.53 66.41 -4.61
C LEU N 101 39.30 65.52 -4.52
N GLU N 102 39.14 64.85 -3.38
CA GLU N 102 37.96 63.99 -3.11
C GLU N 102 36.71 64.85 -3.22
N GLN N 103 36.63 65.94 -2.46
CA GLN N 103 35.50 66.91 -2.49
C GLN N 103 35.22 67.41 -3.91
N GLU N 104 36.25 67.72 -4.72
CA GLU N 104 36.05 68.27 -6.08
C GLU N 104 35.45 67.20 -6.99
N THR N 105 35.94 65.95 -6.94
CA THR N 105 35.37 64.76 -7.62
C THR N 105 33.85 64.73 -7.47
N VAL N 106 33.39 64.77 -6.21
CA VAL N 106 31.96 64.58 -5.82
C VAL N 106 31.13 65.80 -6.27
N TYR N 107 31.72 66.99 -6.36
CA TYR N 107 31.00 68.18 -6.85
C TYR N 107 30.65 68.06 -8.34
N ARG N 108 31.45 67.33 -9.14
CA ARG N 108 31.34 67.35 -10.62
C ARG N 108 30.18 66.44 -11.06
N LYS N 109 29.83 65.47 -10.20
CA LYS N 109 28.70 64.51 -10.36
C LYS N 109 27.33 65.20 -10.34
N THR N 110 27.17 66.22 -9.49
CA THR N 110 25.88 66.87 -9.11
C THR N 110 25.61 68.13 -9.97
N GLY N 111 26.66 68.86 -10.40
CA GLY N 111 26.56 70.12 -11.18
C GLY N 111 27.45 71.21 -10.61
N VAL N 131 -20.42 63.78 -7.14
CA VAL N 131 -21.17 64.42 -8.27
C VAL N 131 -21.31 65.93 -8.00
N ASP N 132 -21.67 66.30 -6.76
CA ASP N 132 -22.08 67.67 -6.31
C ASP N 132 -23.46 68.01 -6.89
N MET N 133 -24.50 67.54 -6.20
CA MET N 133 -25.92 67.93 -6.36
C MET N 133 -26.26 69.21 -5.57
N ASP N 134 -25.47 69.57 -4.55
CA ASP N 134 -25.60 70.87 -3.82
C ASP N 134 -24.99 71.93 -4.73
N ASN N 135 -25.60 73.10 -4.89
CA ASN N 135 -25.25 73.96 -6.04
C ASN N 135 -24.03 74.82 -5.66
N SER N 136 -22.93 74.20 -5.22
CA SER N 136 -21.74 74.91 -4.67
C SER N 136 -20.85 75.42 -5.81
N ASN N 137 -20.64 74.62 -6.87
CA ASN N 137 -19.76 74.97 -8.03
C ASN N 137 -20.57 75.86 -8.99
N VAL N 138 -21.42 75.23 -9.81
CA VAL N 138 -22.41 75.95 -10.66
C VAL N 138 -23.73 75.97 -9.87
N ASP N 139 -24.45 77.10 -9.92
CA ASP N 139 -25.76 77.25 -9.23
C ASP N 139 -26.86 77.11 -10.28
N VAL N 140 -27.37 75.90 -10.51
CA VAL N 140 -28.24 75.53 -11.68
C VAL N 140 -29.71 75.88 -11.39
N VAL N 141 -30.04 76.20 -10.14
CA VAL N 141 -31.34 76.81 -9.71
C VAL N 141 -31.52 78.16 -10.41
N THR N 142 -30.42 78.87 -10.67
CA THR N 142 -30.34 80.22 -11.27
C THR N 142 -30.23 80.11 -12.78
N PRO N 143 -31.07 80.81 -13.58
CA PRO N 143 -31.06 80.67 -15.05
C PRO N 143 -29.68 80.94 -15.69
N ASN N 144 -28.91 81.89 -15.14
CA ASN N 144 -27.68 82.46 -15.74
C ASN N 144 -26.42 81.68 -15.37
N SER N 145 -26.45 80.82 -14.35
CA SER N 145 -25.25 80.06 -13.93
C SER N 145 -24.88 79.06 -15.01
N ILE N 146 -25.87 78.41 -15.66
CA ILE N 146 -25.65 77.36 -16.72
C ILE N 146 -24.64 77.93 -17.71
N PHE N 147 -25.10 78.83 -18.59
CA PHE N 147 -24.30 79.55 -19.62
C PHE N 147 -25.30 80.32 -20.47
N ILE N 148 -25.74 81.45 -19.92
CA ILE N 148 -26.52 82.50 -20.62
C ILE N 148 -25.51 83.48 -21.24
N SER O 1 86.03 -10.12 -15.35
CA SER O 1 85.96 -10.88 -14.07
C SER O 1 86.38 -12.33 -14.33
N ALA O 2 87.24 -12.90 -13.46
CA ALA O 2 87.78 -14.27 -13.52
C ALA O 2 86.72 -15.32 -13.14
N GLY O 3 85.65 -14.91 -12.45
CA GLY O 3 84.40 -15.67 -12.35
C GLY O 3 83.54 -15.39 -13.57
N GLY O 4 83.25 -16.41 -14.39
CA GLY O 4 82.53 -16.23 -15.66
C GLY O 4 83.49 -15.92 -16.78
N ILE O 5 84.20 -16.94 -17.26
CA ILE O 5 85.29 -16.84 -18.27
C ILE O 5 85.07 -17.87 -19.40
N ARG O 6 83.80 -18.20 -19.68
CA ARG O 6 83.38 -19.04 -20.84
C ARG O 6 84.19 -20.33 -20.90
N ARG O 7 84.52 -20.90 -19.73
CA ARG O 7 85.42 -22.07 -19.57
C ARG O 7 85.21 -22.65 -18.17
N PRO O 8 85.14 -23.98 -18.00
CA PRO O 8 84.79 -24.56 -16.70
C PRO O 8 85.85 -24.32 -15.61
N ILE O 9 85.40 -23.83 -14.44
CA ILE O 9 86.24 -23.45 -13.26
C ILE O 9 85.81 -24.30 -12.06
N GLN O 10 86.75 -24.65 -11.17
CA GLN O 10 86.48 -25.56 -10.02
C GLN O 10 85.61 -24.80 -9.01
N ILE O 11 84.52 -25.44 -8.61
CA ILE O 11 83.34 -24.82 -7.94
C ILE O 11 83.71 -24.50 -6.49
N GLU O 12 84.58 -25.27 -5.85
CA GLU O 12 84.95 -24.99 -4.45
C GLU O 12 85.66 -23.62 -4.38
N GLU O 13 86.56 -23.35 -5.33
CA GLU O 13 87.36 -22.10 -5.40
C GLU O 13 86.45 -20.95 -5.84
N PHE O 14 85.46 -21.19 -6.68
CA PHE O 14 84.44 -20.19 -7.05
C PHE O 14 83.66 -19.76 -5.79
N LYS O 15 82.99 -20.71 -5.12
CA LYS O 15 82.23 -20.46 -3.86
C LYS O 15 83.04 -19.60 -2.88
N THR O 16 84.31 -19.94 -2.64
CA THR O 16 85.21 -19.25 -1.66
C THR O 16 85.46 -17.80 -2.11
N ALA O 17 85.77 -17.60 -3.39
CA ALA O 17 86.05 -16.29 -4.02
C ALA O 17 84.85 -15.37 -3.85
N ILE O 18 83.70 -15.86 -4.30
CA ILE O 18 82.36 -15.18 -4.35
C ILE O 18 82.02 -14.57 -2.98
N SER O 19 82.42 -15.22 -1.87
CA SER O 19 82.30 -14.73 -0.47
C SER O 19 82.85 -13.30 -0.31
N GLY O 20 84.04 -13.05 -0.87
CA GLY O 20 84.88 -11.88 -0.56
C GLY O 20 84.60 -10.68 -1.47
N MET O 21 83.65 -10.80 -2.38
CA MET O 21 83.34 -9.76 -3.40
C MET O 21 82.32 -8.74 -2.87
N SER O 22 82.17 -7.62 -3.59
CA SER O 22 81.08 -6.62 -3.43
C SER O 22 79.82 -7.13 -4.13
N ASP O 23 78.65 -6.60 -3.78
CA ASP O 23 77.34 -7.06 -4.30
C ASP O 23 77.18 -6.67 -5.78
N MET O 24 77.84 -5.58 -6.21
CA MET O 24 77.81 -5.11 -7.61
C MET O 24 78.78 -5.93 -8.47
N GLU O 25 79.87 -6.44 -7.86
CA GLU O 25 80.83 -7.37 -8.53
C GLU O 25 80.17 -8.75 -8.76
N LEU O 26 79.39 -9.25 -7.78
CA LEU O 26 78.55 -10.48 -7.88
C LEU O 26 77.52 -10.32 -8.99
N ALA O 27 76.83 -9.17 -9.02
CA ALA O 27 75.78 -8.81 -10.01
C ALA O 27 76.38 -8.82 -11.42
N GLN O 28 77.65 -8.43 -11.55
CA GLN O 28 78.41 -8.41 -12.83
C GLN O 28 78.72 -9.83 -13.29
N ILE O 29 79.30 -10.66 -12.40
CA ILE O 29 79.62 -12.10 -12.69
C ILE O 29 78.35 -12.80 -13.17
N LYS O 30 77.22 -12.54 -12.50
CA LYS O 30 75.91 -13.22 -12.73
C LYS O 30 75.42 -12.92 -14.14
N THR O 31 75.50 -11.65 -14.54
CA THR O 31 75.19 -11.13 -15.91
C THR O 31 76.05 -11.84 -16.95
N GLU O 32 77.35 -11.99 -16.65
CA GLU O 32 78.37 -12.55 -17.56
C GLU O 32 78.12 -14.04 -17.77
N ILE O 33 77.80 -14.79 -16.71
CA ILE O 33 77.60 -16.27 -16.75
C ILE O 33 76.29 -16.55 -17.49
N GLU O 34 75.23 -15.79 -17.19
CA GLU O 34 73.93 -15.86 -17.90
C GLU O 34 74.14 -15.72 -19.42
N ASN O 35 74.94 -14.72 -19.85
CA ASN O 35 75.32 -14.48 -21.28
C ASN O 35 76.08 -15.70 -21.86
N SER O 36 77.05 -16.24 -21.13
CA SER O 36 77.80 -17.47 -21.50
C SER O 36 76.80 -18.61 -21.77
N ILE O 37 75.79 -18.76 -20.90
CA ILE O 37 74.77 -19.85 -20.97
C ILE O 37 73.97 -19.71 -22.26
N ASN O 38 73.51 -18.48 -22.57
CA ASN O 38 72.70 -18.14 -23.77
C ASN O 38 73.49 -18.47 -25.05
N HIS O 39 74.75 -18.06 -25.12
CA HIS O 39 75.72 -18.43 -26.20
C HIS O 39 75.82 -19.95 -26.35
N LEU O 40 75.82 -20.71 -25.25
CA LEU O 40 75.97 -22.19 -25.30
C LEU O 40 74.65 -22.87 -25.72
N GLN O 41 73.51 -22.28 -25.35
CA GLN O 41 72.16 -22.79 -25.71
C GLN O 41 71.88 -22.47 -27.19
N ARG O 42 72.30 -21.30 -27.69
CA ARG O 42 72.14 -20.94 -29.12
C ARG O 42 73.13 -21.75 -29.96
N SER O 43 74.29 -22.12 -29.41
CA SER O 43 75.25 -23.08 -30.02
C SER O 43 74.64 -24.50 -30.04
N ASN O 44 74.01 -24.96 -28.94
CA ASN O 44 73.42 -26.33 -28.82
C ASN O 44 72.16 -26.43 -29.69
N ALA O 45 71.47 -25.30 -29.93
CA ALA O 45 70.32 -25.17 -30.87
C ALA O 45 70.77 -25.50 -32.30
N ARG O 46 71.77 -24.76 -32.82
CA ARG O 46 72.42 -24.98 -34.15
C ARG O 46 72.85 -26.44 -34.31
N LEU O 47 73.47 -27.02 -33.28
CA LEU O 47 73.91 -28.45 -33.23
C LEU O 47 72.70 -29.38 -33.28
N GLY O 48 71.57 -28.97 -32.69
CA GLY O 48 70.29 -29.72 -32.70
C GLY O 48 69.72 -29.88 -34.10
N LYS O 49 69.85 -28.83 -34.94
CA LYS O 49 69.44 -28.85 -36.37
C LYS O 49 70.28 -29.88 -37.15
N TYR O 50 71.63 -29.74 -37.14
CA TYR O 50 72.55 -30.59 -37.94
C TYR O 50 72.49 -32.06 -37.49
N ILE O 51 72.00 -32.33 -36.28
CA ILE O 51 71.66 -33.71 -35.79
C ILE O 51 70.34 -34.13 -36.46
N ALA O 52 69.25 -33.37 -36.26
CA ALA O 52 67.87 -33.65 -36.72
C ALA O 52 67.82 -33.82 -38.25
N LYS O 53 68.56 -32.98 -38.99
CA LYS O 53 68.79 -33.06 -40.47
C LYS O 53 69.44 -34.41 -40.85
N LEU O 54 70.49 -34.80 -40.12
CA LEU O 54 71.36 -35.98 -40.44
C LEU O 54 70.74 -37.27 -39.87
N GLU O 55 69.95 -37.15 -38.79
CA GLU O 55 69.18 -38.27 -38.17
C GLU O 55 67.91 -38.55 -39.01
N GLY O 56 67.54 -37.62 -39.92
CA GLY O 56 66.52 -37.82 -40.98
C GLY O 56 66.79 -39.03 -41.88
N ALA O 57 68.05 -39.42 -42.11
CA ALA O 57 68.45 -40.54 -43.01
C ALA O 57 68.22 -41.89 -42.30
N GLY O 75 79.65 -41.86 -39.81
CA GLY O 75 80.61 -40.78 -39.47
C GLY O 75 79.99 -39.38 -39.61
N ASP O 76 80.69 -38.37 -39.07
CA ASP O 76 80.30 -36.92 -39.00
C ASP O 76 78.86 -36.78 -38.45
N LEU O 77 78.47 -37.67 -37.51
CA LEU O 77 77.23 -37.62 -36.68
C LEU O 77 77.60 -37.93 -35.22
N ALA O 78 78.43 -38.95 -34.98
CA ALA O 78 79.12 -39.19 -33.69
C ALA O 78 79.95 -37.97 -33.28
N LEU O 79 80.42 -37.16 -34.25
CA LEU O 79 81.20 -35.90 -34.02
C LEU O 79 80.27 -34.75 -33.63
N TYR O 80 79.12 -34.60 -34.30
CA TYR O 80 78.06 -33.61 -33.94
C TYR O 80 77.45 -33.93 -32.55
N LYS O 81 77.50 -35.21 -32.13
CA LYS O 81 76.87 -35.73 -30.89
C LYS O 81 77.76 -35.44 -29.68
N ASP O 82 79.08 -35.65 -29.79
CA ASP O 82 80.05 -35.41 -28.68
C ASP O 82 80.45 -33.92 -28.64
N SER O 83 80.10 -33.12 -29.64
CA SER O 83 80.18 -31.63 -29.62
C SER O 83 79.07 -31.05 -28.73
N VAL O 84 77.91 -31.73 -28.65
CA VAL O 84 76.76 -31.33 -27.77
C VAL O 84 76.86 -32.02 -26.41
N ARG O 85 77.46 -33.21 -26.33
CA ARG O 85 77.80 -33.87 -25.02
C ARG O 85 78.78 -32.97 -24.26
N GLU O 86 79.78 -32.45 -24.98
CA GLU O 86 80.86 -31.59 -24.43
C GLU O 86 80.31 -30.24 -23.95
N ASN O 87 79.36 -29.66 -24.68
CA ASN O 87 78.77 -28.33 -24.31
C ASN O 87 77.94 -28.48 -23.02
N GLU O 88 77.33 -29.66 -22.79
CA GLU O 88 76.53 -29.97 -21.56
C GLU O 88 77.46 -30.14 -20.34
N ILE O 89 78.72 -30.56 -20.52
CA ILE O 89 79.73 -30.63 -19.41
C ILE O 89 80.00 -29.20 -18.94
N VAL O 90 80.31 -28.32 -19.89
CA VAL O 90 80.62 -26.88 -19.63
C VAL O 90 79.35 -26.25 -19.03
N LEU O 91 78.18 -26.52 -19.61
CA LEU O 91 76.89 -25.85 -19.27
C LEU O 91 76.49 -26.22 -17.84
N ASN O 92 76.83 -27.44 -17.41
CA ASN O 92 76.58 -27.97 -16.04
C ASN O 92 77.42 -27.14 -15.06
N ASN O 93 78.67 -26.83 -15.40
CA ASN O 93 79.58 -25.96 -14.61
C ASN O 93 78.98 -24.54 -14.49
N TYR O 94 78.45 -23.94 -15.57
CA TYR O 94 77.90 -22.56 -15.51
C TYR O 94 76.67 -22.49 -14.61
N ASN O 95 75.74 -23.45 -14.66
CA ASN O 95 74.51 -23.35 -13.82
C ASN O 95 74.78 -23.90 -12.42
N GLU O 96 75.90 -24.60 -12.22
CA GLU O 96 76.47 -24.92 -10.88
C GLU O 96 77.08 -23.64 -10.26
N ARG O 97 77.58 -22.74 -11.10
CA ARG O 97 78.17 -21.42 -10.74
C ARG O 97 77.07 -20.41 -10.41
N VAL O 98 75.94 -20.45 -11.12
CA VAL O 98 74.77 -19.54 -10.90
C VAL O 98 74.09 -19.94 -9.59
N ASP O 99 74.15 -21.23 -9.23
CA ASP O 99 73.54 -21.76 -7.99
C ASP O 99 74.37 -21.28 -6.79
N ALA O 100 75.69 -21.34 -6.86
CA ALA O 100 76.61 -20.80 -5.83
C ALA O 100 76.35 -19.30 -5.62
N LEU O 101 76.06 -18.56 -6.70
CA LEU O 101 75.74 -17.10 -6.70
C LEU O 101 74.40 -16.88 -6.00
N GLU O 102 73.44 -17.75 -6.29
CA GLU O 102 72.10 -17.72 -5.66
C GLU O 102 72.30 -17.88 -4.14
N GLN O 103 72.97 -18.94 -3.72
CA GLN O 103 73.28 -19.22 -2.29
C GLN O 103 73.99 -18.02 -1.63
N GLU O 104 74.94 -17.37 -2.30
CA GLU O 104 75.73 -16.26 -1.70
C GLU O 104 74.80 -15.04 -1.49
N THR O 105 73.96 -14.71 -2.47
CA THR O 105 72.90 -13.67 -2.38
C THR O 105 72.14 -13.80 -1.05
N VAL O 106 71.60 -15.00 -0.79
CA VAL O 106 70.69 -15.29 0.35
C VAL O 106 71.48 -15.25 1.67
N TYR O 107 72.77 -15.54 1.66
CA TYR O 107 73.62 -15.47 2.88
C TYR O 107 73.77 -14.02 3.35
N ARG O 108 73.75 -13.04 2.43
CA ARG O 108 74.14 -11.63 2.75
C ARG O 108 72.98 -10.92 3.45
N LYS O 109 71.76 -11.41 3.25
CA LYS O 109 70.49 -10.96 3.87
C LYS O 109 70.45 -11.20 5.39
N THR O 110 71.00 -12.33 5.85
CA THR O 110 70.86 -12.88 7.23
C THR O 110 72.06 -12.47 8.13
N GLY O 111 73.27 -12.31 7.55
CA GLY O 111 74.52 -11.96 8.28
C GLY O 111 75.68 -12.86 7.88
N VAL O 131 46.60 -13.25 46.78
CA VAL O 131 47.14 -12.38 47.87
C VAL O 131 48.28 -13.13 48.60
N ASP O 132 48.08 -14.41 48.91
CA ASP O 132 48.92 -15.27 49.80
C ASP O 132 48.75 -14.82 51.26
N MET O 133 47.68 -15.32 51.88
CA MET O 133 47.40 -15.29 53.34
C MET O 133 48.09 -16.45 54.08
N ASP O 134 48.47 -17.54 53.40
CA ASP O 134 49.30 -18.63 53.97
C ASP O 134 50.73 -18.11 54.02
N ASN O 135 51.48 -18.33 55.08
CA ASN O 135 52.69 -17.52 55.31
C ASN O 135 53.87 -18.16 54.55
N SER O 136 53.73 -18.38 53.23
CA SER O 136 54.71 -19.14 52.40
C SER O 136 55.87 -18.21 52.00
N ASN O 137 55.59 -16.96 51.61
CA ASN O 137 56.63 -15.99 51.15
C ASN O 137 57.28 -15.35 52.39
N VAL O 138 56.60 -14.37 52.98
CA VAL O 138 56.99 -13.79 54.30
C VAL O 138 56.19 -14.53 55.37
N ASP O 139 56.82 -14.84 56.51
CA ASP O 139 56.15 -15.53 57.64
C ASP O 139 55.84 -14.49 58.72
N VAL O 140 54.64 -13.87 58.67
CA VAL O 140 54.27 -12.65 59.46
C VAL O 140 53.82 -13.03 60.87
N VAL O 141 53.57 -14.30 61.13
CA VAL O 141 53.38 -14.91 62.49
C VAL O 141 54.64 -14.68 63.34
N THR O 142 55.80 -14.67 62.69
CA THR O 142 57.14 -14.52 63.30
C THR O 142 57.54 -13.06 63.38
N PRO O 143 57.98 -12.53 64.54
CA PRO O 143 58.29 -11.11 64.67
C PRO O 143 59.33 -10.58 63.66
N ASN O 144 60.32 -11.40 63.30
CA ASN O 144 61.53 -11.01 62.54
C ASN O 144 61.33 -11.12 61.02
N SER O 145 60.31 -11.82 60.54
CA SER O 145 60.09 -11.97 59.08
C SER O 145 59.70 -10.62 58.47
N ILE O 146 58.89 -9.80 59.18
CA ILE O 146 58.40 -8.47 58.69
C ILE O 146 59.62 -7.70 58.18
N PHE O 147 60.42 -7.16 59.10
CA PHE O 147 61.69 -6.42 58.85
C PHE O 147 62.14 -5.85 60.19
N ILE O 148 62.73 -6.74 60.99
CA ILE O 148 63.48 -6.41 62.23
C ILE O 148 64.94 -6.16 61.83
N SER P 1 -49.78 7.46 72.11
CA SER P 1 -48.56 8.14 72.63
C SER P 1 -48.92 9.58 73.01
N ALA P 2 -48.45 10.05 74.18
CA ALA P 2 -48.68 11.40 74.75
C ALA P 2 -47.85 12.47 74.01
N GLY P 3 -46.79 12.06 73.31
CA GLY P 3 -46.15 12.87 72.27
C GLY P 3 -46.90 12.71 70.96
N GLY P 4 -47.48 13.79 70.42
CA GLY P 4 -48.33 13.73 69.22
C GLY P 4 -49.77 13.46 69.61
N ILE P 5 -50.46 14.48 70.13
CA ILE P 5 -51.84 14.38 70.69
C ILE P 5 -52.73 15.49 70.07
N ARG P 6 -52.43 15.89 68.84
CA ARG P 6 -53.26 16.83 68.03
C ARG P 6 -53.61 18.09 68.83
N ARG P 7 -52.67 18.55 69.65
CA ARG P 7 -52.85 19.67 70.60
C ARG P 7 -51.47 20.16 71.05
N PRO P 8 -51.23 21.49 71.15
CA PRO P 8 -49.88 22.00 71.41
C PRO P 8 -49.34 21.63 72.81
N ILE P 9 -48.12 21.09 72.86
CA ILE P 9 -47.42 20.61 74.09
C ILE P 9 -46.10 21.38 74.26
N GLN P 10 -45.69 21.63 75.50
CA GLN P 10 -44.49 22.48 75.81
C GLN P 10 -43.24 21.70 75.39
N ILE P 11 -42.39 22.35 74.62
CA ILE P 11 -41.32 21.74 73.79
C ILE P 11 -40.16 21.31 74.70
N GLU P 12 -39.93 21.99 75.81
CA GLU P 12 -38.83 21.62 76.72
C GLU P 12 -39.11 20.22 77.29
N GLU P 13 -40.36 19.98 77.70
CA GLU P 13 -40.82 18.69 78.31
C GLU P 13 -40.88 17.61 77.23
N PHE P 14 -41.21 17.95 75.99
CA PHE P 14 -41.16 17.02 74.85
C PHE P 14 -39.71 16.55 74.64
N LYS P 15 -38.77 17.47 74.38
CA LYS P 15 -37.33 17.17 74.19
C LYS P 15 -36.82 16.22 75.28
N THR P 16 -37.11 16.49 76.56
CA THR P 16 -36.64 15.69 77.73
C THR P 16 -37.21 14.27 77.67
N ALA P 17 -38.52 14.14 77.41
CA ALA P 17 -39.26 12.87 77.32
C ALA P 17 -38.63 11.99 76.23
N ILE P 18 -38.53 12.56 75.03
CA ILE P 18 -38.05 11.94 73.75
C ILE P 18 -36.69 11.26 73.97
N SER P 19 -35.82 11.81 74.85
CA SER P 19 -34.52 11.24 75.28
C SER P 19 -34.67 9.78 75.76
N GLY P 20 -35.69 9.51 76.58
CA GLY P 20 -35.81 8.28 77.39
C GLY P 20 -36.57 7.18 76.69
N MET P 21 -37.00 7.39 75.44
CA MET P 21 -37.84 6.44 74.66
C MET P 21 -36.97 5.42 73.89
N SER P 22 -37.62 4.36 73.39
CA SER P 22 -37.05 3.40 72.40
C SER P 22 -37.13 4.02 71.01
N ASP P 23 -36.35 3.51 70.05
CA ASP P 23 -36.24 4.06 68.67
C ASP P 23 -37.53 3.77 67.90
N MET P 24 -38.24 2.69 68.23
CA MET P 24 -39.53 2.31 67.59
C MET P 24 -40.67 3.14 68.17
N GLU P 25 -40.57 3.57 69.44
CA GLU P 25 -41.54 4.50 70.09
C GLU P 25 -41.40 5.92 69.50
N LEU P 26 -40.17 6.39 69.22
CA LEU P 26 -39.85 7.66 68.51
C LEU P 26 -40.42 7.61 67.09
N ALA P 27 -40.21 6.49 66.38
CA ALA P 27 -40.69 6.25 65.00
C ALA P 27 -42.21 6.33 64.94
N GLN P 28 -42.88 5.89 66.02
CA GLN P 28 -44.36 5.93 66.17
C GLN P 28 -44.84 7.37 66.35
N ILE P 29 -44.25 8.11 67.30
CA ILE P 29 -44.59 9.55 67.57
C ILE P 29 -44.45 10.33 66.26
N LYS P 30 -43.38 10.08 65.50
CA LYS P 30 -43.01 10.82 64.27
C LYS P 30 -44.09 10.64 63.21
N THR P 31 -44.55 9.39 63.03
CA THR P 31 -45.67 8.98 62.15
C THR P 31 -46.95 9.72 62.54
N GLU P 32 -47.21 9.80 63.85
CA GLU P 32 -48.45 10.37 64.44
C GLU P 32 -48.47 11.89 64.23
N ILE P 33 -47.33 12.58 64.42
CA ILE P 33 -47.24 14.06 64.31
C ILE P 33 -47.34 14.44 62.84
N GLU P 34 -46.66 13.70 61.95
CA GLU P 34 -46.76 13.88 60.48
C GLU P 34 -48.22 13.83 60.04
N ASN P 35 -48.99 12.83 60.52
CA ASN P 35 -50.45 12.67 60.24
C ASN P 35 -51.24 13.88 60.76
N SER P 36 -50.97 14.34 61.99
CA SER P 36 -51.58 15.56 62.59
C SER P 36 -51.35 16.76 61.65
N ILE P 37 -50.13 16.89 61.10
CA ILE P 37 -49.71 18.03 60.22
C ILE P 37 -50.54 18.00 58.95
N ASN P 38 -50.68 16.82 58.33
CA ASN P 38 -51.45 16.58 57.07
C ASN P 38 -52.92 16.96 57.26
N HIS P 39 -53.54 16.51 58.35
CA HIS P 39 -54.91 16.89 58.80
C HIS P 39 -55.03 18.42 58.93
N LEU P 40 -53.99 19.12 59.43
CA LEU P 40 -54.05 20.59 59.65
C LEU P 40 -53.85 21.34 58.33
N GLN P 41 -53.05 20.78 57.41
CA GLN P 41 -52.80 21.37 56.07
C GLN P 41 -54.02 21.16 55.16
N ARG P 42 -54.69 20.00 55.26
CA ARG P 42 -55.95 19.73 54.50
C ARG P 42 -57.09 20.55 55.09
N SER P 43 -57.07 20.84 56.40
CA SER P 43 -57.98 21.80 57.06
C SER P 43 -57.69 23.24 56.60
N ASN P 44 -56.41 23.65 56.52
CA ASN P 44 -55.99 25.03 56.12
C ASN P 44 -56.25 25.24 54.63
N ALA P 45 -56.22 24.17 53.83
CA ALA P 45 -56.58 24.14 52.38
C ALA P 45 -58.05 24.54 52.21
N ARG P 46 -58.98 23.80 52.85
CA ARG P 46 -60.45 24.06 52.90
C ARG P 46 -60.72 25.51 53.31
N LEU P 47 -60.02 26.01 54.34
CA LEU P 47 -60.12 27.41 54.85
C LEU P 47 -59.61 28.39 53.79
N GLY P 48 -58.61 28.00 52.99
CA GLY P 48 -58.05 28.79 51.87
C GLY P 48 -59.08 29.05 50.78
N LYS P 49 -59.93 28.06 50.48
CA LYS P 49 -61.05 28.18 49.51
C LYS P 49 -62.07 29.22 50.01
N TYR P 50 -62.64 29.03 51.22
CA TYR P 50 -63.72 29.88 51.78
C TYR P 50 -63.22 31.32 52.01
N ILE P 51 -61.91 31.55 52.08
CA ILE P 51 -61.28 32.91 52.06
C ILE P 51 -61.31 33.42 50.61
N ALA P 52 -60.69 32.68 49.67
CA ALA P 52 -60.52 33.06 48.23
C ALA P 52 -61.87 33.32 47.55
N LYS P 53 -62.89 32.49 47.86
CA LYS P 53 -64.32 32.65 47.45
C LYS P 53 -64.90 33.98 47.96
N LEU P 54 -64.65 34.30 49.25
CA LEU P 54 -65.27 35.46 49.97
C LEU P 54 -64.45 36.74 49.73
N GLU P 55 -63.14 36.58 49.46
CA GLU P 55 -62.21 37.69 49.08
C GLU P 55 -62.43 38.07 47.61
N GLY P 56 -63.13 37.22 46.84
CA GLY P 56 -63.65 37.51 45.48
C GLY P 56 -64.52 38.77 45.40
N ALA P 57 -65.27 39.12 46.48
CA ALA P 57 -66.19 40.28 46.53
C ALA P 57 -65.40 41.60 46.70
N GLY P 75 -67.98 40.94 58.16
CA GLY P 75 -68.12 39.79 59.08
C GLY P 75 -68.01 38.44 58.38
N ASP P 76 -67.86 37.36 59.17
CA ASP P 76 -67.70 35.93 58.75
C ASP P 76 -66.60 35.82 57.66
N LEU P 77 -65.55 36.65 57.76
CA LEU P 77 -64.28 36.60 56.98
C LEU P 77 -63.09 36.80 57.94
N ALA P 78 -63.19 37.78 58.86
CA ALA P 78 -62.30 37.92 60.04
C ALA P 78 -62.33 36.64 60.89
N LEU P 79 -63.43 35.86 60.85
CA LEU P 79 -63.60 34.57 61.59
C LEU P 79 -62.90 33.44 60.84
N TYR P 80 -63.02 33.36 59.50
CA TYR P 80 -62.28 32.40 58.64
C TYR P 80 -60.76 32.67 58.69
N LYS P 81 -60.36 33.90 58.98
CA LYS P 81 -58.94 34.38 58.97
C LYS P 81 -58.23 33.98 60.27
N ASP P 82 -58.88 34.15 61.43
CA ASP P 82 -58.30 33.80 62.76
C ASP P 82 -58.49 32.29 63.05
N SER P 83 -59.28 31.56 62.25
CA SER P 83 -59.35 30.08 62.25
C SER P 83 -58.09 29.49 61.59
N VAL P 84 -57.51 30.20 60.60
CA VAL P 84 -56.25 29.80 59.90
C VAL P 84 -55.02 30.40 60.62
N ARG P 85 -55.15 31.57 61.26
CA ARG P 85 -54.09 32.12 62.17
C ARG P 85 -53.86 31.14 63.32
N GLU P 86 -54.95 30.62 63.88
CA GLU P 86 -54.94 29.69 65.04
C GLU P 86 -54.32 28.34 64.66
N ASN P 87 -54.60 27.83 63.46
CA ASN P 87 -54.08 26.52 62.99
C ASN P 87 -52.56 26.61 62.80
N GLU P 88 -52.03 27.79 62.41
CA GLU P 88 -50.58 28.06 62.24
C GLU P 88 -49.86 28.11 63.60
N ILE P 89 -50.54 28.49 64.68
CA ILE P 89 -49.95 28.45 66.06
C ILE P 89 -49.70 26.99 66.42
N VAL P 90 -50.72 26.15 66.25
CA VAL P 90 -50.68 24.69 66.55
C VAL P 90 -49.63 24.06 65.62
N LEU P 91 -49.65 24.42 64.33
CA LEU P 91 -48.82 23.80 63.26
C LEU P 91 -47.34 24.08 63.52
N ASN P 92 -47.04 25.26 64.08
CA ASN P 92 -45.69 25.70 64.47
C ASN P 92 -45.17 24.79 65.60
N ASN P 93 -46.03 24.44 66.56
CA ASN P 93 -45.74 23.49 67.66
C ASN P 93 -45.43 22.09 67.08
N TYR P 94 -46.22 21.59 66.11
CA TYR P 94 -45.99 20.23 65.54
C TYR P 94 -44.65 20.15 64.81
N ASN P 95 -44.26 21.15 64.00
CA ASN P 95 -42.99 21.04 63.22
C ASN P 95 -41.81 21.49 64.10
N GLU P 96 -42.07 22.14 65.25
CA GLU P 96 -41.08 22.34 66.35
C GLU P 96 -40.83 21.01 67.07
N ARG P 97 -41.84 20.14 67.11
CA ARG P 97 -41.81 18.77 67.71
C ARG P 97 -41.09 17.78 66.78
N VAL P 98 -41.26 17.91 65.46
CA VAL P 98 -40.61 17.04 64.44
C VAL P 98 -39.12 17.39 64.40
N ASP P 99 -38.77 18.65 64.68
CA ASP P 99 -37.36 19.13 64.69
C ASP P 99 -36.64 18.53 65.91
N ALA P 100 -37.26 18.55 67.09
CA ALA P 100 -36.73 17.90 68.31
C ALA P 100 -36.50 16.39 68.07
N LEU P 101 -37.39 15.74 67.30
CA LEU P 101 -37.31 14.30 66.92
C LEU P 101 -36.12 14.10 65.98
N GLU P 102 -35.94 15.02 65.04
CA GLU P 102 -34.81 15.01 64.09
C GLU P 102 -33.51 15.06 64.91
N GLN P 103 -33.36 16.06 65.76
CA GLN P 103 -32.19 16.22 66.66
C GLN P 103 -31.94 14.95 67.50
N GLU P 104 -32.98 14.32 68.04
CA GLU P 104 -32.81 13.13 68.92
C GLU P 104 -32.29 11.95 68.09
N THR P 105 -32.84 11.71 66.90
CA THR P 105 -32.36 10.71 65.89
C THR P 105 -30.83 10.79 65.78
N VAL P 106 -30.32 11.98 65.47
CA VAL P 106 -28.88 12.24 65.13
C VAL P 106 -28.02 12.08 66.41
N TYR P 107 -28.56 12.30 67.59
CA TYR P 107 -27.79 12.12 68.85
C TYR P 107 -27.51 10.63 69.09
N ARG P 108 -28.38 9.72 68.63
CA ARG P 108 -28.32 8.28 69.02
C ARG P 108 -27.23 7.56 68.21
N LYS P 109 -26.89 8.12 67.05
CA LYS P 109 -25.80 7.68 66.11
C LYS P 109 -24.40 7.81 66.73
N THR P 110 -24.17 8.88 67.50
CA THR P 110 -22.84 9.35 67.99
C THR P 110 -22.54 8.81 69.41
N GLY P 111 -23.57 8.64 70.26
CA GLY P 111 -23.46 8.20 71.67
C GLY P 111 -24.26 9.08 72.62
N VAL P 131 23.29 8.15 62.68
CA VAL P 131 24.02 7.20 63.57
C VAL P 131 24.23 7.84 64.95
N ASP P 132 24.65 9.11 64.97
CA ASP P 132 25.16 9.87 66.16
C ASP P 132 26.52 9.34 66.59
N MET P 133 27.55 9.84 65.92
CA MET P 133 28.98 9.72 66.28
C MET P 133 29.42 10.79 67.29
N ASP P 134 28.70 11.90 67.42
CA ASP P 134 28.90 12.92 68.49
C ASP P 134 28.33 12.34 69.77
N ASN P 135 28.99 12.45 70.91
CA ASN P 135 28.64 11.58 72.05
C ASN P 135 27.48 12.22 72.83
N SER P 136 26.37 12.54 72.17
CA SER P 136 25.23 13.30 72.77
C SER P 136 24.33 12.36 73.58
N ASN P 137 24.04 11.15 73.07
CA ASN P 137 23.15 10.17 73.75
C ASN P 137 23.96 9.42 74.81
N VAL P 138 24.74 8.43 74.39
CA VAL P 138 25.74 7.74 75.25
C VAL P 138 27.07 8.44 75.02
N ASP P 139 27.86 8.64 76.09
CA ASP P 139 29.20 9.28 76.01
C ASP P 139 30.26 8.17 76.11
N VAL P 140 30.69 7.62 74.97
CA VAL P 140 31.50 6.36 74.88
C VAL P 140 32.99 6.64 75.09
N VAL P 141 33.39 7.91 75.06
CA VAL P 141 34.72 8.42 75.50
C VAL P 141 34.94 8.07 76.98
N THR P 142 33.87 8.07 77.76
CA THR P 142 33.84 7.81 79.22
C THR P 142 33.68 6.33 79.50
N PRO P 143 34.52 5.70 80.35
CA PRO P 143 34.42 4.25 80.59
C PRO P 143 33.04 3.77 81.07
N ASN P 144 32.34 4.57 81.88
CA ASN P 144 31.12 4.20 82.63
C ASN P 144 29.83 4.43 81.82
N SER P 145 29.87 5.19 80.74
CA SER P 145 28.65 5.47 79.94
C SER P 145 28.19 4.18 79.27
N ILE P 146 29.12 3.34 78.76
CA ILE P 146 28.80 2.07 78.04
C ILE P 146 27.79 1.30 78.88
N PHE P 147 28.26 0.66 79.95
CA PHE P 147 27.45 -0.11 80.94
C PHE P 147 28.46 -0.80 81.86
N ILE P 148 28.97 0.00 82.79
CA ILE P 148 29.77 -0.44 83.96
C ILE P 148 28.79 -0.74 85.10
N SER Q 1 -86.93 -13.14 -2.57
CA SER Q 1 -86.85 -12.11 -3.65
C SER Q 1 -87.37 -12.70 -4.96
N ALA Q 2 -88.20 -11.95 -5.69
CA ALA Q 2 -88.82 -12.33 -6.99
C ALA Q 2 -87.79 -12.28 -8.14
N GLY Q 3 -86.68 -11.56 -7.96
CA GLY Q 3 -85.46 -11.73 -8.77
C GLY Q 3 -84.65 -12.88 -8.22
N GLY Q 4 -84.44 -13.93 -9.01
CA GLY Q 4 -83.75 -15.15 -8.54
C GLY Q 4 -84.74 -16.12 -7.93
N ILE Q 5 -85.53 -16.80 -8.77
CA ILE Q 5 -86.65 -17.70 -8.36
C ILE Q 5 -86.51 -19.05 -9.07
N ARG Q 6 -85.29 -19.47 -9.38
CA ARG Q 6 -84.95 -20.82 -9.91
C ARG Q 6 -85.84 -21.16 -11.12
N ARG Q 7 -86.14 -20.16 -11.94
CA ARG Q 7 -87.09 -20.26 -13.08
C ARG Q 7 -86.86 -19.06 -14.00
N PRO Q 8 -86.85 -19.23 -15.34
CA PRO Q 8 -86.47 -18.14 -16.25
C PRO Q 8 -87.48 -16.97 -16.24
N ILE Q 9 -86.97 -15.74 -16.09
CA ILE Q 9 -87.75 -14.46 -15.99
C ILE Q 9 -87.30 -13.53 -17.13
N GLN Q 10 -88.22 -12.72 -17.65
CA GLN Q 10 -87.95 -11.85 -18.84
C GLN Q 10 -87.02 -10.73 -18.40
N ILE Q 11 -85.93 -10.55 -19.16
CA ILE Q 11 -84.71 -9.81 -18.76
C ILE Q 11 -85.00 -8.31 -18.80
N GLU Q 12 -85.89 -7.84 -19.69
CA GLU Q 12 -86.19 -6.40 -19.76
C GLU Q 12 -86.82 -5.95 -18.43
N GLU Q 13 -87.74 -6.75 -17.90
CA GLU Q 13 -88.49 -6.46 -16.64
C GLU Q 13 -87.54 -6.64 -15.45
N PHE Q 14 -86.59 -7.57 -15.50
CA PHE Q 14 -85.54 -7.72 -14.47
C PHE Q 14 -84.71 -6.44 -14.41
N LYS Q 15 -84.06 -6.06 -15.52
CA LYS Q 15 -83.23 -4.82 -15.64
C LYS Q 15 -83.96 -3.62 -15.02
N THR Q 16 -85.24 -3.40 -15.37
CA THR Q 16 -86.06 -2.24 -14.91
C THR Q 16 -86.26 -2.30 -13.38
N ALA Q 17 -86.61 -3.47 -12.85
CA ALA Q 17 -86.85 -3.73 -11.42
C ALA Q 17 -85.59 -3.40 -10.62
N ILE Q 18 -84.48 -4.02 -11.03
CA ILE Q 18 -83.12 -3.97 -10.40
C ILE Q 18 -82.68 -2.49 -10.18
N SER Q 19 -83.08 -1.57 -11.07
CA SER Q 19 -82.88 -0.10 -10.96
C SER Q 19 -83.36 0.44 -9.60
N GLY Q 20 -84.54 0.02 -9.16
CA GLY Q 20 -85.32 0.66 -8.07
C GLY Q 20 -85.02 0.07 -6.70
N MET Q 21 -84.10 -0.90 -6.62
CA MET Q 21 -83.77 -1.63 -5.37
C MET Q 21 -82.68 -0.91 -4.56
N SER Q 22 -82.51 -1.34 -3.30
CA SER Q 22 -81.37 -0.99 -2.41
C SER Q 22 -80.16 -1.85 -2.79
N ASP Q 23 -78.95 -1.44 -2.40
CA ASP Q 23 -77.69 -2.12 -2.77
C ASP Q 23 -77.57 -3.46 -2.02
N MET Q 24 -78.19 -3.57 -0.84
CA MET Q 24 -78.18 -4.81 -0.01
C MET Q 24 -79.24 -5.80 -0.56
N GLU Q 25 -80.32 -5.29 -1.17
CA GLU Q 25 -81.35 -6.12 -1.86
C GLU Q 25 -80.78 -6.72 -3.16
N LEU Q 26 -79.98 -5.94 -3.92
CA LEU Q 26 -79.21 -6.39 -5.12
C LEU Q 26 -78.21 -7.47 -4.72
N ALA Q 27 -77.47 -7.24 -3.62
CA ALA Q 27 -76.44 -8.16 -3.08
C ALA Q 27 -77.09 -9.50 -2.70
N GLN Q 28 -78.35 -9.47 -2.24
CA GLN Q 28 -79.15 -10.66 -1.86
C GLN Q 28 -79.55 -11.44 -3.12
N ILE Q 29 -80.14 -10.76 -4.11
CA ILE Q 29 -80.54 -11.38 -5.42
C ILE Q 29 -79.32 -12.09 -6.03
N LYS Q 30 -78.15 -11.44 -5.99
CA LYS Q 30 -76.90 -11.89 -6.64
C LYS Q 30 -76.44 -13.21 -6.01
N THR Q 31 -76.48 -13.28 -4.67
CA THR Q 31 -76.19 -14.47 -3.84
C THR Q 31 -77.13 -15.62 -4.23
N GLU Q 32 -78.42 -15.30 -4.40
CA GLU Q 32 -79.51 -16.27 -4.66
C GLU Q 32 -79.34 -16.86 -6.07
N ILE Q 33 -79.01 -16.03 -7.07
CA ILE Q 33 -78.89 -16.47 -8.50
C ILE Q 33 -77.62 -17.32 -8.63
N GLU Q 34 -76.52 -16.88 -8.01
CA GLU Q 34 -75.25 -17.66 -7.95
C GLU Q 34 -75.52 -19.08 -7.42
N ASN Q 35 -76.28 -19.21 -6.32
CA ASN Q 35 -76.70 -20.51 -5.71
C ASN Q 35 -77.53 -21.33 -6.70
N SER Q 36 -78.51 -20.71 -7.39
CA SER Q 36 -79.33 -21.35 -8.45
C SER Q 36 -78.40 -21.94 -9.52
N ILE Q 37 -77.36 -21.19 -9.92
CA ILE Q 37 -76.39 -21.57 -11.00
C ILE Q 37 -75.64 -22.83 -10.57
N ASN Q 38 -75.13 -22.84 -9.33
CA ASN Q 38 -74.35 -23.95 -8.71
C ASN Q 38 -75.20 -25.24 -8.68
N HIS Q 39 -76.45 -25.14 -8.22
CA HIS Q 39 -77.47 -26.23 -8.26
C HIS Q 39 -77.66 -26.75 -9.70
N LEU Q 40 -77.64 -25.88 -10.71
CA LEU Q 40 -77.86 -26.30 -12.12
C LEU Q 40 -76.61 -26.94 -12.72
N GLN Q 41 -75.42 -26.48 -12.29
CA GLN Q 41 -74.11 -27.02 -12.74
C GLN Q 41 -73.87 -28.39 -12.07
N ARG Q 42 -74.25 -28.55 -10.80
CA ARG Q 42 -74.13 -29.86 -10.08
C ARG Q 42 -75.19 -30.84 -10.61
N SER Q 43 -76.34 -30.33 -11.07
CA SER Q 43 -77.36 -31.12 -11.81
C SER Q 43 -76.82 -31.53 -13.20
N ASN Q 44 -76.19 -30.62 -13.94
CA ASN Q 44 -75.65 -30.85 -15.32
C ASN Q 44 -74.44 -31.79 -15.25
N ALA Q 45 -73.70 -31.78 -14.13
CA ALA Q 45 -72.57 -32.70 -13.81
C ALA Q 45 -73.09 -34.15 -13.74
N ARG Q 46 -74.07 -34.41 -12.86
CA ARG Q 46 -74.78 -35.72 -12.70
C ARG Q 46 -75.29 -36.22 -14.06
N LEU Q 47 -75.90 -35.35 -14.86
CA LEU Q 47 -76.41 -35.64 -16.23
C LEU Q 47 -75.24 -35.98 -17.17
N GLY Q 48 -74.07 -35.35 -16.97
CA GLY Q 48 -72.83 -35.62 -17.73
C GLY Q 48 -72.32 -37.05 -17.55
N LYS Q 49 -72.43 -37.58 -16.32
CA LYS Q 49 -72.08 -38.99 -16.00
C LYS Q 49 -73.00 -39.96 -16.75
N TYR Q 50 -74.32 -39.85 -16.58
CA TYR Q 50 -75.33 -40.80 -17.15
C TYR Q 50 -75.31 -40.73 -18.69
N ILE Q 51 -74.78 -39.66 -19.29
CA ILE Q 51 -74.50 -39.56 -20.76
C ILE Q 51 -73.22 -40.37 -21.04
N ALA Q 52 -72.10 -40.03 -20.38
CA ALA Q 52 -70.75 -40.61 -20.59
C ALA Q 52 -70.76 -42.14 -20.37
N LYS Q 53 -71.48 -42.61 -19.34
CA LYS Q 53 -71.77 -44.04 -19.03
C LYS Q 53 -72.50 -44.72 -20.20
N LEU Q 54 -73.54 -44.07 -20.74
CA LEU Q 54 -74.47 -44.63 -21.76
C LEU Q 54 -73.89 -44.45 -23.18
N GLU Q 55 -73.06 -43.42 -23.37
CA GLU Q 55 -72.30 -43.14 -24.63
C GLU Q 55 -71.09 -44.08 -24.73
N GLY Q 56 -70.72 -44.75 -23.62
CA GLY Q 56 -69.75 -45.86 -23.57
C GLY Q 56 -70.10 -47.03 -24.50
N ALA Q 57 -71.38 -47.30 -24.77
CA ALA Q 57 -71.87 -48.45 -25.60
C ALA Q 57 -71.67 -48.14 -27.10
N GLY Q 75 -82.95 -45.11 -27.31
CA GLY Q 75 -83.86 -44.48 -26.32
C GLY Q 75 -83.19 -44.27 -24.96
N ASP Q 76 -83.83 -43.47 -24.10
CA ASP Q 76 -83.39 -43.05 -22.73
C ASP Q 76 -81.92 -42.56 -22.77
N LEU Q 77 -81.54 -41.89 -23.87
CA LEU Q 77 -80.27 -41.13 -24.08
C LEU Q 77 -80.59 -39.77 -24.74
N ALA Q 78 -81.47 -39.76 -25.76
CA ALA Q 78 -82.12 -38.54 -26.30
C ALA Q 78 -82.88 -37.80 -25.19
N LEU Q 79 -83.34 -38.51 -24.15
CA LEU Q 79 -84.06 -37.92 -22.97
C LEU Q 79 -83.06 -37.31 -21.98
N TYR Q 80 -81.93 -37.96 -21.71
CA TYR Q 80 -80.81 -37.41 -20.88
C TYR Q 80 -80.16 -36.18 -21.57
N LYS Q 81 -80.26 -36.10 -22.90
CA LYS Q 81 -79.61 -35.06 -23.75
C LYS Q 81 -80.44 -33.77 -23.74
N ASP Q 82 -81.77 -33.87 -23.87
CA ASP Q 82 -82.69 -32.70 -23.88
C ASP Q 82 -83.02 -32.26 -22.44
N SER Q 83 -82.66 -33.05 -21.43
CA SER Q 83 -82.68 -32.64 -19.99
C SER Q 83 -81.51 -31.69 -19.70
N VAL Q 84 -80.38 -31.83 -20.40
CA VAL Q 84 -79.17 -30.95 -20.28
C VAL Q 84 -79.27 -29.80 -21.31
N ARG Q 85 -79.91 -29.98 -22.46
CA ARG Q 85 -80.24 -28.88 -23.41
C ARG Q 85 -81.15 -27.87 -22.68
N GLU Q 86 -82.15 -28.38 -21.98
CA GLU Q 86 -83.16 -27.58 -21.24
C GLU Q 86 -82.53 -26.81 -20.08
N ASN Q 87 -81.58 -27.41 -19.36
CA ASN Q 87 -80.92 -26.75 -18.21
C ASN Q 87 -80.06 -25.58 -18.70
N GLU Q 88 -79.49 -25.67 -19.92
CA GLU Q 88 -78.67 -24.60 -20.55
C GLU Q 88 -79.55 -23.42 -20.99
N ILE Q 89 -80.84 -23.65 -21.31
CA ILE Q 89 -81.81 -22.54 -21.62
C ILE Q 89 -82.00 -21.71 -20.35
N VAL Q 90 -82.30 -22.39 -19.25
CA VAL Q 90 -82.53 -21.76 -17.92
C VAL Q 90 -81.22 -21.08 -17.49
N LEU Q 91 -80.08 -21.77 -17.66
CA LEU Q 91 -78.74 -21.34 -17.15
C LEU Q 91 -78.31 -20.07 -17.87
N ASN Q 92 -78.69 -19.95 -19.15
CA ASN Q 92 -78.42 -18.77 -20.01
C ASN Q 92 -79.19 -17.57 -19.44
N ASN Q 93 -80.43 -17.77 -19.00
CA ASN Q 93 -81.26 -16.73 -18.33
C ASN Q 93 -80.60 -16.29 -17.01
N TYR Q 94 -80.08 -17.20 -16.17
CA TYR Q 94 -79.45 -16.83 -14.87
C TYR Q 94 -78.19 -16.00 -15.08
N ASN Q 95 -77.31 -16.33 -16.02
CA ASN Q 95 -76.04 -15.57 -16.18
C ASN Q 95 -76.30 -14.33 -17.07
N GLU Q 96 -77.45 -14.26 -17.75
CA GLU Q 96 -77.98 -13.01 -18.38
C GLU Q 96 -78.49 -12.07 -17.29
N ARG Q 97 -78.98 -12.63 -16.19
CA ARG Q 97 -79.49 -11.91 -14.97
C ARG Q 97 -78.33 -11.39 -14.12
N VAL Q 98 -77.23 -12.15 -14.02
CA VAL Q 98 -76.01 -11.75 -13.24
C VAL Q 98 -75.30 -10.63 -13.99
N ASP Q 99 -75.41 -10.61 -15.32
CA ASP Q 99 -74.79 -9.56 -16.18
C ASP Q 99 -75.54 -8.25 -15.98
N ALA Q 100 -76.87 -8.27 -15.98
CA ALA Q 100 -77.72 -7.09 -15.68
C ALA Q 100 -77.38 -6.53 -14.30
N LEU Q 101 -77.10 -7.40 -13.31
CA LEU Q 101 -76.70 -7.03 -11.92
C LEU Q 101 -75.32 -6.38 -11.94
N GLU Q 102 -74.42 -6.93 -12.74
CA GLU Q 102 -73.06 -6.37 -12.92
C GLU Q 102 -73.20 -4.94 -13.45
N GLN Q 103 -73.91 -4.76 -14.57
CA GLN Q 103 -74.18 -3.44 -15.19
C GLN Q 103 -74.80 -2.46 -14.17
N GLU Q 104 -75.75 -2.91 -13.33
CA GLU Q 104 -76.45 -1.99 -12.38
C GLU Q 104 -75.46 -1.54 -11.29
N THR Q 105 -74.64 -2.44 -10.75
CA THR Q 105 -73.53 -2.15 -9.81
C THR Q 105 -72.72 -0.94 -10.31
N VAL Q 106 -72.23 -1.03 -11.55
CA VAL Q 106 -71.29 -0.03 -12.16
C VAL Q 106 -72.02 1.29 -12.42
N TYR Q 107 -73.33 1.28 -12.65
CA TYR Q 107 -74.11 2.52 -12.87
C TYR Q 107 -74.18 3.34 -11.57
N ARG Q 108 -74.15 2.70 -10.40
CA ARG Q 108 -74.46 3.39 -9.10
C ARG Q 108 -73.24 4.19 -8.63
N LYS Q 109 -72.04 3.80 -9.11
CA LYS Q 109 -70.72 4.45 -8.87
C LYS Q 109 -70.64 5.86 -9.49
N THR Q 110 -71.23 6.04 -10.67
CA THR Q 110 -71.06 7.22 -11.57
C THR Q 110 -72.19 8.25 -11.35
N GLY Q 111 -73.42 7.81 -11.01
CA GLY Q 111 -74.61 8.66 -10.82
C GLY Q 111 -75.83 8.11 -11.54
N VAL Q 131 -45.39 44.16 -22.91
CA VAL Q 131 -45.83 45.47 -22.34
C VAL Q 131 -46.97 46.05 -23.19
N ASP Q 132 -46.82 46.03 -24.53
CA ASP Q 132 -47.66 46.71 -25.55
C ASP Q 132 -47.42 48.22 -25.50
N MET Q 133 -46.35 48.65 -26.17
CA MET Q 133 -46.03 50.05 -26.53
C MET Q 133 -46.74 50.51 -27.80
N ASP Q 134 -47.19 49.61 -28.67
CA ASP Q 134 -48.07 49.91 -29.84
C ASP Q 134 -49.46 50.17 -29.29
N ASN Q 135 -50.17 51.18 -29.75
CA ASN Q 135 -51.34 51.66 -28.97
C ASN Q 135 -52.57 50.82 -29.35
N SER Q 136 -52.49 49.48 -29.24
CA SER Q 136 -53.54 48.54 -29.73
C SER Q 136 -54.67 48.44 -28.69
N ASN Q 137 -54.34 48.36 -27.40
CA ASN Q 137 -55.34 48.20 -26.30
C ASN Q 137 -55.91 49.60 -25.97
N VAL Q 138 -55.17 50.39 -25.21
CA VAL Q 138 -55.48 51.82 -24.96
C VAL Q 138 -54.67 52.63 -25.97
N ASP Q 139 -55.27 53.68 -26.53
CA ASP Q 139 -54.60 54.57 -27.51
C ASP Q 139 -54.19 55.86 -26.79
N VAL Q 140 -52.98 55.92 -26.23
CA VAL Q 140 -52.52 56.96 -25.26
C VAL Q 140 -52.03 58.21 -25.99
N VAL Q 141 -51.84 58.13 -27.31
CA VAL Q 141 -51.63 59.28 -28.24
C VAL Q 141 -52.84 60.22 -28.18
N THR Q 142 -54.02 59.66 -27.97
CA THR Q 142 -55.33 60.34 -27.93
C THR Q 142 -55.65 60.81 -26.51
N PRO Q 143 -56.02 62.09 -26.28
CA PRO Q 143 -56.26 62.59 -24.93
C PRO Q 143 -57.30 61.78 -24.13
N ASN Q 144 -58.35 61.29 -24.79
CA ASN Q 144 -59.56 60.69 -24.17
C ASN Q 144 -59.43 59.20 -23.90
N SER Q 145 -58.47 58.51 -24.49
CA SER Q 145 -58.30 57.04 -24.29
C SER Q 145 -57.87 56.79 -22.84
N ILE Q 146 -56.99 57.63 -22.27
CA ILE Q 146 -56.46 57.47 -20.87
C ILE Q 146 -57.65 57.22 -19.95
N PHE Q 147 -58.40 58.29 -19.63
CA PHE Q 147 -59.63 58.28 -18.79
C PHE Q 147 -60.01 59.75 -18.57
N ILE Q 148 -60.62 60.32 -19.59
CA ILE Q 148 -61.30 61.64 -19.57
C ILE Q 148 -62.75 61.39 -19.15
N SER R 1 -37.03 -70.28 37.76
CA SER R 1 -36.04 -71.01 36.89
C SER R 1 -35.10 -71.82 37.78
N ALA R 2 -34.83 -73.08 37.41
CA ALA R 2 -33.96 -74.05 38.13
C ALA R 2 -32.47 -73.70 37.95
N GLY R 3 -32.13 -72.91 36.93
CA GLY R 3 -30.85 -72.18 36.85
C GLY R 3 -30.95 -70.88 37.63
N GLY R 4 -30.15 -70.72 38.67
CA GLY R 4 -30.25 -69.55 39.57
C GLY R 4 -31.24 -69.80 40.69
N ILE R 5 -30.84 -70.62 41.67
CA ILE R 5 -31.70 -71.10 42.79
C ILE R 5 -31.00 -70.87 44.13
N ARG R 6 -30.16 -69.82 44.21
CA ARG R 6 -29.53 -69.34 45.47
C ARG R 6 -28.86 -70.49 46.22
N ARG R 7 -28.27 -71.43 45.47
CA ARG R 7 -27.68 -72.68 46.00
C ARG R 7 -26.76 -73.27 44.92
N PRO R 8 -25.56 -73.79 45.27
CA PRO R 8 -24.60 -74.21 44.25
C PRO R 8 -25.06 -75.44 43.43
N ILE R 9 -24.98 -75.32 42.09
CA ILE R 9 -25.42 -76.34 41.09
C ILE R 9 -24.22 -76.76 40.24
N GLN R 10 -24.17 -78.02 39.80
CA GLN R 10 -23.00 -78.59 39.07
C GLN R 10 -22.97 -77.96 37.67
N ILE R 11 -21.81 -77.44 37.30
CA ILE R 11 -21.60 -76.48 36.19
C ILE R 11 -21.71 -77.22 34.86
N GLU R 12 -21.34 -78.49 34.79
CA GLU R 12 -21.42 -79.24 33.51
C GLU R 12 -22.90 -79.33 33.09
N GLU R 13 -23.79 -79.63 34.05
CA GLU R 13 -25.25 -79.80 33.81
C GLU R 13 -25.88 -78.43 33.54
N PHE R 14 -25.39 -77.36 34.16
CA PHE R 14 -25.82 -75.98 33.86
C PHE R 14 -25.51 -75.65 32.39
N LYS R 15 -24.23 -75.70 32.00
CA LYS R 15 -23.77 -75.44 30.60
C LYS R 15 -24.66 -76.18 29.59
N THR R 16 -24.93 -77.48 29.80
CA THR R 16 -25.73 -78.34 28.88
C THR R 16 -27.17 -77.83 28.77
N ALA R 17 -27.79 -77.53 29.91
CA ALA R 17 -29.17 -77.02 30.04
C ALA R 17 -29.32 -75.72 29.24
N ILE R 18 -28.45 -74.76 29.56
CA ILE R 18 -28.39 -73.36 29.04
C ILE R 18 -28.40 -73.36 27.50
N SER R 19 -27.81 -74.38 26.85
CA SER R 19 -27.81 -74.63 25.39
C SER R 19 -29.25 -74.62 24.82
N GLY R 20 -30.18 -75.30 25.50
CA GLY R 20 -31.50 -75.69 24.97
C GLY R 20 -32.57 -74.66 25.26
N MET R 21 -32.24 -73.54 25.90
CA MET R 21 -33.20 -72.49 26.34
C MET R 21 -33.44 -71.44 25.22
N SER R 22 -34.48 -70.63 25.40
CA SER R 22 -34.76 -69.39 24.62
C SER R 22 -33.87 -68.26 25.15
N ASP R 23 -33.67 -67.21 24.36
CA ASP R 23 -32.76 -66.07 24.68
C ASP R 23 -33.36 -65.23 25.82
N MET R 24 -34.69 -65.21 25.94
CA MET R 24 -35.42 -64.45 27.00
C MET R 24 -35.40 -65.26 28.31
N GLU R 25 -35.35 -66.60 28.23
CA GLU R 25 -35.19 -67.50 29.41
C GLU R 25 -33.76 -67.39 29.98
N LEU R 26 -32.74 -67.29 29.11
CA LEU R 26 -31.32 -67.02 29.49
C LEU R 26 -31.20 -65.66 30.17
N ALA R 27 -31.84 -64.63 29.59
CA ALA R 27 -31.87 -63.24 30.09
C ALA R 27 -32.48 -63.19 31.49
N GLN R 28 -33.46 -64.06 31.76
CA GLN R 28 -34.16 -64.21 33.07
C GLN R 28 -33.21 -64.83 34.10
N ILE R 29 -32.59 -65.97 33.77
CA ILE R 29 -31.61 -66.68 34.65
C ILE R 29 -30.50 -65.69 35.05
N LYS R 30 -30.01 -64.90 34.09
CA LYS R 30 -28.85 -63.98 34.24
C LYS R 30 -29.20 -62.90 35.28
N THR R 31 -30.41 -62.33 35.16
CA THR R 31 -31.01 -61.35 36.10
C THR R 31 -31.08 -61.94 37.52
N GLU R 32 -31.52 -63.20 37.60
CA GLU R 32 -31.77 -63.93 38.88
C GLU R 32 -30.43 -64.20 39.59
N ILE R 33 -29.40 -64.62 38.84
CA ILE R 33 -28.07 -65.00 39.42
C ILE R 33 -27.37 -63.71 39.86
N GLU R 34 -27.42 -62.65 39.06
CA GLU R 34 -26.89 -61.31 39.42
C GLU R 34 -27.47 -60.86 40.76
N ASN R 35 -28.80 -60.99 40.95
CA ASN R 35 -29.53 -60.66 42.22
C ASN R 35 -29.02 -61.53 43.38
N SER R 36 -28.86 -62.84 43.17
CA SER R 36 -28.28 -63.80 44.16
C SER R 36 -26.90 -63.28 44.60
N ILE R 37 -26.07 -62.82 43.65
CA ILE R 37 -24.66 -62.36 43.89
C ILE R 37 -24.71 -61.13 44.80
N ASN R 38 -25.59 -60.16 44.49
CA ASN R 38 -25.77 -58.88 45.23
C ASN R 38 -26.17 -59.17 46.68
N HIS R 39 -27.16 -60.06 46.89
CA HIS R 39 -27.57 -60.59 48.22
C HIS R 39 -26.39 -61.21 48.97
N LEU R 40 -25.47 -61.91 48.28
CA LEU R 40 -24.32 -62.58 48.94
C LEU R 40 -23.21 -61.57 49.27
N GLN R 41 -23.05 -60.54 48.44
CA GLN R 41 -22.06 -59.45 48.64
C GLN R 41 -22.54 -58.52 49.76
N ARG R 42 -23.84 -58.23 49.86
CA ARG R 42 -24.42 -57.41 50.96
C ARG R 42 -24.42 -58.23 52.26
N SER R 43 -24.55 -59.55 52.18
CA SER R 43 -24.34 -60.48 53.32
C SER R 43 -22.86 -60.50 53.75
N ASN R 44 -21.91 -60.57 52.80
CA ASN R 44 -20.44 -60.64 53.08
C ASN R 44 -19.95 -59.27 53.60
N ALA R 45 -20.63 -58.18 53.22
CA ALA R 45 -20.39 -56.81 53.73
C ALA R 45 -20.68 -56.75 55.24
N ARG R 46 -21.91 -57.11 55.65
CA ARG R 46 -22.37 -57.23 57.07
C ARG R 46 -21.39 -58.09 57.88
N LEU R 47 -20.95 -59.22 57.34
CA LEU R 47 -19.96 -60.16 57.95
C LEU R 47 -18.60 -59.45 58.08
N GLY R 48 -18.25 -58.59 57.12
CA GLY R 48 -17.00 -57.78 57.13
C GLY R 48 -16.93 -56.83 58.31
N LYS R 49 -18.07 -56.22 58.68
CA LYS R 49 -18.19 -55.32 59.87
C LYS R 49 -17.94 -56.13 61.15
N TYR R 50 -18.69 -57.20 61.40
CA TYR R 50 -18.63 -57.99 62.66
C TYR R 50 -17.26 -58.68 62.82
N ILE R 51 -16.50 -58.83 61.73
CA ILE R 51 -15.06 -59.26 61.77
C ILE R 51 -14.22 -58.04 62.21
N ALA R 52 -14.30 -56.92 61.47
CA ALA R 52 -13.48 -55.68 61.67
C ALA R 52 -13.68 -55.11 63.10
N LYS R 53 -14.93 -55.12 63.60
CA LYS R 53 -15.32 -54.78 65.00
C LYS R 53 -14.61 -55.69 66.01
N LEU R 54 -14.61 -57.01 65.76
CA LEU R 54 -14.12 -58.06 66.71
C LEU R 54 -12.60 -58.25 66.56
N GLU R 55 -12.06 -57.95 65.37
CA GLU R 55 -10.59 -57.96 65.08
C GLU R 55 -9.94 -56.68 65.63
N GLY R 56 -10.76 -55.68 66.00
CA GLY R 56 -10.36 -54.48 66.78
C GLY R 56 -9.67 -54.81 68.11
N ALA R 57 -10.02 -55.93 68.77
CA ALA R 57 -9.48 -56.33 70.11
C ALA R 57 -8.06 -56.91 69.97
N GLY R 75 -13.06 -67.54 70.34
CA GLY R 75 -14.36 -68.06 69.85
C GLY R 75 -15.27 -66.95 69.29
N ASP R 76 -16.33 -67.36 68.59
CA ASP R 76 -17.34 -66.50 67.88
C ASP R 76 -16.63 -65.45 67.00
N LEU R 77 -15.47 -65.82 66.42
CA LEU R 77 -14.71 -65.07 65.37
C LEU R 77 -14.27 -66.05 64.27
N ALA R 78 -13.76 -67.24 64.65
CA ALA R 78 -13.57 -68.41 63.76
C ALA R 78 -14.92 -68.80 63.11
N LEU R 79 -16.06 -68.52 63.76
CA LEU R 79 -17.43 -68.80 63.25
C LEU R 79 -17.86 -67.73 62.24
N TYR R 80 -17.59 -66.44 62.50
CA TYR R 80 -17.81 -65.32 61.54
C TYR R 80 -16.92 -65.46 60.30
N LYS R 81 -15.77 -66.14 60.44
CA LYS R 81 -14.72 -66.29 59.38
C LYS R 81 -15.12 -67.41 58.40
N ASP R 82 -15.61 -68.55 58.89
CA ASP R 82 -16.01 -69.71 58.04
C ASP R 82 -17.45 -69.50 57.51
N SER R 83 -18.19 -68.50 58.01
CA SER R 83 -19.48 -68.03 57.42
C SER R 83 -19.20 -67.22 56.15
N VAL R 84 -18.06 -66.53 56.07
CA VAL R 84 -17.62 -65.73 54.87
C VAL R 84 -16.76 -66.62 53.95
N ARG R 85 -16.03 -67.61 54.47
CA ARG R 85 -15.34 -68.64 53.64
C ARG R 85 -16.39 -69.42 52.85
N GLU R 86 -17.48 -69.79 53.52
CA GLU R 86 -18.59 -70.59 52.95
C GLU R 86 -19.35 -69.80 51.86
N ASN R 87 -19.56 -68.50 52.06
CA ASN R 87 -20.28 -67.64 51.09
C ASN R 87 -19.45 -67.50 49.81
N GLU R 88 -18.12 -67.52 49.90
CA GLU R 88 -17.17 -67.45 48.74
C GLU R 88 -17.20 -68.76 47.94
N ILE R 89 -17.51 -69.91 48.56
CA ILE R 89 -17.67 -71.20 47.83
C ILE R 89 -18.89 -71.07 46.93
N VAL R 90 -20.01 -70.64 47.50
CA VAL R 90 -21.30 -70.46 46.77
C VAL R 90 -21.08 -69.38 45.70
N LEU R 91 -20.42 -68.28 46.05
CA LEU R 91 -20.26 -67.07 45.19
C LEU R 91 -19.43 -67.42 43.96
N ASN R 92 -18.46 -68.33 44.13
CA ASN R 92 -17.58 -68.85 43.06
C ASN R 92 -18.44 -69.63 42.05
N ASN R 93 -19.40 -70.43 42.53
CA ASN R 93 -20.39 -71.18 41.70
C ASN R 93 -21.26 -70.18 40.92
N TYR R 94 -21.76 -69.09 41.52
CA TYR R 94 -22.64 -68.11 40.81
C TYR R 94 -21.89 -67.41 39.68
N ASN R 95 -20.64 -66.97 39.87
CA ASN R 95 -19.92 -66.21 38.80
C ASN R 95 -19.27 -67.20 37.83
N GLU R 96 -19.17 -68.48 38.19
CA GLU R 96 -18.87 -69.60 37.24
C GLU R 96 -20.08 -69.87 36.35
N ARG R 97 -21.29 -69.62 36.87
CA ARG R 97 -22.60 -69.75 36.17
C ARG R 97 -22.84 -68.57 35.22
N VAL R 98 -22.42 -67.36 35.62
CA VAL R 98 -22.57 -66.12 34.78
C VAL R 98 -21.58 -66.20 33.62
N ASP R 99 -20.45 -66.88 33.81
CA ASP R 99 -19.41 -67.05 32.76
C ASP R 99 -19.93 -68.02 31.69
N ALA R 100 -20.54 -69.14 32.10
CA ALA R 100 -21.20 -70.10 31.18
C ALA R 100 -22.30 -69.39 30.36
N LEU R 101 -23.04 -68.45 30.97
CA LEU R 101 -24.10 -67.63 30.32
C LEU R 101 -23.47 -66.69 29.31
N GLU R 102 -22.33 -66.09 29.68
CA GLU R 102 -21.56 -65.20 28.79
C GLU R 102 -21.16 -66.01 27.54
N GLN R 103 -20.48 -67.15 27.73
CA GLN R 103 -20.08 -68.06 26.63
C GLN R 103 -21.27 -68.45 25.75
N GLU R 104 -22.44 -68.75 26.33
CA GLU R 104 -23.62 -69.21 25.54
C GLU R 104 -24.15 -68.06 24.67
N THR R 105 -24.25 -66.84 25.22
CA THR R 105 -24.58 -65.58 24.49
C THR R 105 -23.80 -65.51 23.18
N VAL R 106 -22.46 -65.61 23.29
CA VAL R 106 -21.51 -65.39 22.16
C VAL R 106 -21.61 -66.55 21.15
N TYR R 107 -21.99 -67.74 21.57
CA TYR R 107 -22.18 -68.88 20.65
C TYR R 107 -23.37 -68.65 19.72
N ARG R 108 -24.41 -67.91 20.15
CA ARG R 108 -25.70 -67.82 19.42
C ARG R 108 -25.57 -66.85 18.25
N LYS R 109 -24.60 -65.92 18.34
CA LYS R 109 -24.23 -64.92 17.30
C LYS R 109 -23.66 -65.56 16.03
N THR R 110 -22.87 -66.63 16.18
CA THR R 110 -22.01 -67.26 15.14
C THR R 110 -22.73 -68.44 14.46
N GLY R 111 -23.59 -69.18 15.18
CA GLY R 111 -24.31 -70.38 14.70
C GLY R 111 -24.21 -71.55 15.67
N VAL R 131 -0.61 -62.23 -25.73
CA VAL R 131 -1.33 -62.77 -26.92
C VAL R 131 -1.08 -64.29 -27.03
N ASP R 132 0.17 -64.73 -26.86
CA ASP R 132 0.69 -66.11 -27.13
C ASP R 132 0.74 -66.36 -28.65
N MET R 133 1.83 -65.88 -29.26
CA MET R 133 2.27 -66.20 -30.63
C MET R 133 3.09 -67.51 -30.69
N ASP R 134 3.66 -67.97 -29.58
CA ASP R 134 4.31 -69.32 -29.46
C ASP R 134 3.19 -70.34 -29.38
N ASN R 135 3.25 -71.46 -30.07
CA ASN R 135 2.03 -72.26 -30.29
C ASN R 135 1.82 -73.20 -29.10
N SER R 136 1.77 -72.65 -27.87
CA SER R 136 1.73 -73.45 -26.61
C SER R 136 0.30 -73.92 -26.32
N ASN R 137 -0.72 -73.06 -26.52
CA ASN R 137 -2.14 -73.38 -26.25
C ASN R 137 -2.71 -74.15 -27.44
N VAL R 138 -3.06 -73.45 -28.50
CA VAL R 138 -3.44 -74.06 -29.80
C VAL R 138 -2.17 -74.07 -30.66
N ASP R 139 -1.95 -75.16 -31.42
CA ASP R 139 -0.79 -75.30 -32.32
C ASP R 139 -1.25 -75.06 -33.75
N VAL R 140 -1.21 -73.80 -34.23
CA VAL R 140 -1.87 -73.33 -35.49
C VAL R 140 -1.00 -73.63 -36.72
N VAL R 141 0.26 -74.00 -36.51
CA VAL R 141 1.17 -74.61 -37.54
C VAL R 141 0.56 -75.90 -38.09
N THR R 142 -0.17 -76.63 -37.24
CA THR R 142 -0.80 -77.93 -37.53
C THR R 142 -2.21 -77.74 -38.06
N PRO R 143 -2.59 -78.35 -39.20
CA PRO R 143 -3.92 -78.12 -39.79
C PRO R 143 -5.10 -78.40 -38.84
N ASN R 144 -4.98 -79.42 -37.98
CA ASN R 144 -6.08 -79.99 -37.15
C ASN R 144 -6.23 -79.28 -35.81
N SER R 145 -5.26 -78.50 -35.34
CA SER R 145 -5.36 -77.82 -34.04
C SER R 145 -6.45 -76.75 -34.11
N ILE R 146 -6.58 -76.03 -35.23
CA ILE R 146 -7.58 -74.92 -35.42
C ILE R 146 -8.95 -75.46 -34.97
N PHE R 147 -9.57 -76.28 -35.81
CA PHE R 147 -10.88 -76.96 -35.57
C PHE R 147 -11.26 -77.64 -36.87
N ILE R 148 -10.62 -78.78 -37.11
CA ILE R 148 -10.96 -79.76 -38.17
C ILE R 148 -11.99 -80.74 -37.58
#